data_6J5K
#
_entry.id   6J5K
#
_cell.length_a   1.00
_cell.length_b   1.00
_cell.length_c   1.00
_cell.angle_alpha   90.00
_cell.angle_beta   90.00
_cell.angle_gamma   90.00
#
_symmetry.space_group_name_H-M   'P 1'
#
loop_
_entity.id
_entity.type
_entity.pdbx_description
1 polymer 'ATP synthase F1 subunit alpha'
2 polymer 'ATP synthase subunit beta'
3 polymer 'ATPase inhibitor, mitochondrial'
4 polymer 'ATP synthase subunit gamma'
5 polymer 'ATP synthase subunit delta, mitochondrial'
6 polymer 'ATP synthase F1 subunit epsilon'
7 polymer 'ATP synthase subunit O, mitochondrial'
8 polymer 'ATP synthase peripheral stalk-membrane subunit b'
9 polymer 'ATP synthase-coupling factor 6, mitochondrial'
10 polymer 'ATP synthase subunit d, mitochondrial'
11 polymer 'ATP synthase subunit e'
12 polymer 'ATP synthase subunit f, mitochondrial'
13 polymer 'ATP synthase subunit g'
14 polymer 'ATP synthase membrane subunit DAPIT'
15 polymer 'subunit k analog'
16 polymer 'ATP synthase protein 8'
17 polymer 'ATP synthase subunit a'
18 polymer 'Mitochondrial H+ transporting ATP synthase subunit c isoform 1'
19 polymer 'ATP synthase membrane subunit 6.8PL'
20 non-polymer "ADENOSINE-5'-TRIPHOSPHATE"
21 non-polymer 'MAGNESIUM ION'
22 non-polymer "ADENOSINE-5'-DIPHOSPHATE"
#
loop_
_entity_poly.entity_id
_entity_poly.type
_entity_poly.pdbx_seq_one_letter_code
_entity_poly.pdbx_strand_id
1 'polypeptide(L)'
;KTGTAEVSSILEERILGADTSVDLEETGRVLSIGDGIARVHGLRNVQAEEMVEFSSGLKGMSLNLEPDNVGVVVFGNDKL
IKEGDIVKRTGAIVDVPVGEELLGRVVDALGNAIDGKGPIGSKTRRRVGLKAPGIIPRISVREPMQTGIKAVDSLVPIGR
GQRELIIGDRQTGKTSIAIDTIINQKRFNDGTDEKKKLYCIYVAIGQKRSTVAQLVKRLTDADAMKYTIVVSATASDAAP
LQYLAPYSGCSMGEYFRDNGKHALIIYDDLSKQAVAYRQMSLLLRRPPGREAYPGDVFYLHSRLLERAAKMNDAFGGGSL
TALPVIETQAGDVSAYIPTNVISITDGQIFLETELFYKGIRPAINVGLSVSRVGSAAQTRAMKQVAGTMKLELAQYREVA
AFAQFGSDLDAATQQLLSRGVRLTELLKQGQYAPMAIEEQVAVIYAGVRGYLDKLEPSKITKFENAFLSHVISQHQALLG
KIRADGKISEETDAKLKEIVTNFLAGFEA
;
A,B,C,AA,AB,AC,BA,BB,BC,CA,CB,CC
2 'polypeptide(L)'
;ATGRIVAVIGAVVDVQFDEGLPPILNALEVQGRETRLVLEVAQHLGESTVRTIAMDGTEGLVRGQKVLDSGAPIKIPVGP
ETLGRIMNVIGEPIDERGPIKTKQFAAIHAEAPEFMEMSVEQEILVTGIKVVDLLAPYAKGGKIGLFGGAGVGKTVLIME
LINNVAKAHGGYSVFAGVGERTREGNDLYHEMIESGVINLKDATSKVALVYGQMNEPPGARARVALTGLTVAEYFRDQEG
QDVLLFIDNIFRFTQAGSEVSALLGRIPSAVGYQPTLATDMGTMQERITTTKKGSITSVQAIYVPADDLTDPAPATTFAH
LDATTVLSRAIAELGIYPAVDPLDSTSRIMDPNIVGSEHYDVARGVQKILQDYKSLQDIIAILGMDELSEEDKLTVSRAR
KIQRFLSQPFQVAEVFTGHLGKLVPLKETIKGFQQILAGEYDHLPEQAFYMVGPIEEAVAKADKLAEEH
;
D,E,F,AD,AE,AF,BD,BE,BF,CD,CE,CF
3 'polypeptide(L)'
;SSDTPEGVRSGAGAVRDAGGAFGKKEQADEERYFRARAREQLAALKKHHENEISHHVKEIERLQKEIERHKQSIKKLKND
DDD
;
J,AJ,BJ,CJ
4 'polypeptide(L)'
;ATLKDITRRLKSIKNIQKITKSMKMVAAAKYARAERDLKPARVYGIGSLALYEKADIKVPEDKKKHLIIGVSSDRGLCGA
IHSSVAKQIKSEVANLTAAGKEVKIVGVGDKIRGILHRTHSDQFLVTFKEVGRKPPTFGDASVIALELLNSGYEFDEGSI
IFNRFRSVISYKTEEKPIFSLDTVASAESMSIYDDIDADVLRNYQEYSLANIIYYSLKESTTSEQSARMTAMDNASKNAS
EMIDKLTLTFNRTRQAVITKELIEIISGAAAL
;
G,AG,BG,CG
5 'polypeptide(L)'
;GQMSFTFASPTQVFFNGANVRQVDVPTQTGAFGILASHVPTLQVLRPGLVVVHAEDGTTSKYFVSSGSVTVNADSSVQLL
AEEAVTLDMLDPGVAKANLEKAQSELLGAADEASRAEIQIRIEANEALVKAL
;
H,AH,BH,CH
6 'polypeptide(L)' VAYWRQAGLSYIRYSQICAKAVRDALKAEFKANAEKTSGSNVKIVKVK I,AI,BI,CI
7 'polypeptide(L)'
;FAKLVRPPVQIYGIEGRYATALYSAASKQNKLEQVEKELLRVAQILKEPKVAASIMNPYVKRSVKVKSLSDMTAKEKFSP
LTSNLINLLAENGRLSSTPGVISAFSTMMSVHRGEVPCSVTTASPLDEATLTELKTVLKSFLSKGQILKLEVKVDPSIMG
GMIVRIGEKYVDMSAKTKIQKLSRAMR
;
S,AS,BS,CS
8 'polypeptide(L)'
;PPLPEHGGKVRLGLIPEEFFQFLYPKTGVTGPYVLGTGLILYLLSKEIYVITAETFSAISTIGVLVYIVKKYGASIGAFA
DKLNEQKIAQLEEVKQASIKQIQDAIDLEKSQQALVQKRHYLFDVQRNNIAMALEVTYRERLHRVYKEIKNRLDYHISVQ
NMMRQKEQEHMIRWVEKHVVQSISAQQEKETIAKCIADLKLLAKKAQAQ
;
b,Ab,Bb,Cb
9 'polypeptide(L)' VQKLFVDKIREYRTKRQTSGGPVDAGPEYQQDLDRELFKLKQMYGKADMNTFPNFTFEDPKFEAVEKPQS c,Ac,Bc,Cc
10 'polypeptide(L)'
;RKLALKAIDWVAFGEIIPRNQKAIANSLKSWNETLSTRLAALPEKPPAIDWAYYKATVAKAGLVDDFEKKFNALKVPVPE
DKYTALVDAEEQEDVKRCAEFLSLSKARIEAYEKELEKMKNIIPFDQMTIEDLNEVFPETKLDKKKY
;
d,Ad,Bd,Cd
11 'polypeptide(L)'
;(UNK)(UNK)(UNK)(UNK)(UNK)(UNK)(UNK)(UNK)(UNK)(UNK)(UNK)(UNK)(UNK)(UNK)(UNK)(UNK)
(UNK)(UNK)(UNK)(UNK)(UNK)(UNK)(UNK)(UNK)(UNK)(UNK)(UNK)(UNK)(UNK)(UNK)(UNK)(UNK)
(UNK)(UNK)(UNK)(UNK)(UNK)(UNK)(UNK)(UNK)(UNK)(UNK)(UNK)(UNK)(UNK)(UNK)(UNK)(UNK)
(UNK)(UNK)(UNK)(UNK)(UNK)(UNK)(UNK)(UNK)(UNK)(UNK)(UNK)(UNK)(UNK)(UNK)(UNK)
;
e,Ae,Be,Ce
12 'polypeptide(L)'
;ASVVPLKDRRLLEVKLGELPSWILMRDFTPSGIAGAFQRGYYRYYNKYVNVKKGSVAGLSMVLAAYVVFNYCRSYKELKH
ERLRKYH
;
f,Af,Bf,Cf
13 'polypeptide(L)'
;(UNK)(UNK)(UNK)(UNK)(UNK)(UNK)(UNK)(UNK)(UNK)(UNK)(UNK)(UNK)(UNK)(UNK)(UNK)(UNK)
(UNK)(UNK)(UNK)(UNK)(UNK)(UNK)(UNK)(UNK)(UNK)(UNK)(UNK)(UNK)(UNK)(UNK)(UNK)(UNK)
(UNK)(UNK)(UNK)(UNK)(UNK)(UNK)(UNK)(UNK)(UNK)(UNK)(UNK)(UNK)(UNK)(UNK)(UNK)(UNK)
(UNK)(UNK)(UNK)(UNK)(UNK)(UNK)(UNK)(UNK)(UNK)(UNK)(UNK)(UNK)(UNK)(UNK)(UNK)(UNK)
(UNK)(UNK)(UNK)(UNK)(UNK)(UNK)(UNK)(UNK)(UNK)(UNK)(UNK)(UNK)(UNK)(UNK)(UNK)(UNK)
(UNK)(UNK)(UNK)(UNK)
;
g,Ag,Bg,Cg
14 'polypeptide(L)' QFQFTGIKKYFNSYTLTGRMNCVLATYGGIALLVLYFKLRSK i,Ai,Bi,Ci
15 'polypeptide(L)'
;(UNK)(UNK)(UNK)(UNK)(UNK)(UNK)(UNK)(UNK)(UNK)(UNK)(UNK)(UNK)(UNK)(UNK)(UNK)(UNK)
(UNK)(UNK)(UNK)(UNK)(UNK)(UNK)(UNK)(UNK)(UNK)(UNK)(UNK)(UNK)(UNK)
;
k,Ak,Bk,Ck
16 'polypeptide(L)' MPQLDTSTWFITITSMIMTLFILFQLKISNYSYPASPESIELKTQKHSTPWEMKWTKIYLPLLLPPR 8,A8,B8,C8
17 'polypeptide(L)'
;MNENLFASFIAPTMMGLPIVTLIIMFPSLLFPTPKRLINNRTISIQQWLIQLTSKQMMAIHNQKGQTWSLMLMSLIMFIG
STNILGLLPHSFTPTTQLSMNLGMAIPLWSATVFTGFRYKTKTSLAHFLPQGTPALLIPMLVIIETISLFIQPVALAVRL
TANITAGHLLIHLIGGATLALLNINTMTAFITFTILILLTILEFAVALIQAYVFTLLVSLYLHDNT
;
a,Aa,Ba,Ca
18 'polypeptide(L)' IDTAAKFIGAGAATVGVAGSGAGIGTVFGSMIIGYARNPSLKQQLFSYAILGFALSEAMGLFCLMVAFLILF K,L,M,N,O,P,Q,R,AK,AL,AM,AN,AO,AP,AQ,AR,BK,BL,BM,BN,BO,BP,BQ,BR,CK,CL,CM,CN,CO,CP,CQ,CR
19 'polypeptide(L)'
;(UNK)(UNK)(UNK)(UNK)(UNK)(UNK)(UNK)(UNK)(UNK)(UNK)(UNK)(UNK)(UNK)(UNK)(UNK)(UNK)
(UNK)(UNK)(UNK)(UNK)(UNK)(UNK)(UNK)(UNK)(UNK)(UNK)(UNK)(UNK)(UNK)(UNK)(UNK)(UNK)
(UNK)(UNK)(UNK)(UNK)(UNK)(UNK)(UNK)(UNK)(UNK)(UNK)
;
u,Au,Bu,Cu
#
# COMPACT_ATOMS: atom_id res chain seq x y z
N GLU A 6 -63.03 -122.75 -89.61
CA GLU A 6 -64.20 -123.06 -90.41
C GLU A 6 -64.10 -122.37 -91.76
N VAL A 7 -62.86 -122.18 -92.22
CA VAL A 7 -62.61 -121.48 -93.47
C VAL A 7 -62.96 -122.36 -94.67
N SER A 8 -62.80 -123.68 -94.53
CA SER A 8 -63.14 -124.59 -95.62
C SER A 8 -64.65 -124.72 -95.78
N SER A 9 -65.40 -124.52 -94.70
CA SER A 9 -66.83 -124.77 -94.73
C SER A 9 -67.58 -123.66 -95.48
N ILE A 10 -67.13 -122.41 -95.32
CA ILE A 10 -67.81 -121.30 -95.97
C ILE A 10 -67.49 -121.28 -97.47
N LEU A 11 -66.33 -121.80 -97.85
CA LEU A 11 -65.99 -121.89 -99.28
C LEU A 11 -66.79 -122.99 -99.95
N GLU A 12 -67.03 -124.10 -99.24
CA GLU A 12 -67.88 -125.15 -99.77
C GLU A 12 -69.33 -124.72 -99.78
N GLU A 13 -69.69 -123.78 -98.89
CA GLU A 13 -71.06 -123.30 -98.80
C GLU A 13 -71.43 -122.47 -100.02
N ARG A 14 -70.49 -121.64 -100.51
CA ARG A 14 -70.79 -120.72 -101.59
C ARG A 14 -71.00 -121.44 -102.92
N ILE A 15 -70.24 -122.51 -103.16
CA ILE A 15 -70.24 -123.12 -104.48
C ILE A 15 -71.45 -124.04 -104.66
N LEU A 16 -72.04 -124.50 -103.55
CA LEU A 16 -73.33 -125.19 -103.68
C LEU A 16 -74.47 -124.18 -103.72
N GLY A 17 -74.25 -123.00 -103.16
CA GLY A 17 -75.25 -121.95 -103.23
C GLY A 17 -75.18 -121.15 -104.51
N ALA A 18 -74.17 -121.42 -105.34
CA ALA A 18 -74.05 -120.73 -106.62
C ALA A 18 -75.05 -121.29 -107.62
N ASP A 19 -75.44 -120.45 -108.57
CA ASP A 19 -76.40 -120.80 -109.60
C ASP A 19 -75.63 -121.09 -110.89
N THR A 20 -75.68 -122.34 -111.33
CA THR A 20 -75.08 -122.76 -112.61
C THR A 20 -76.23 -123.24 -113.48
N SER A 21 -76.87 -122.30 -114.17
CA SER A 21 -77.99 -122.57 -115.05
C SER A 21 -77.68 -122.01 -116.43
N VAL A 22 -78.28 -122.60 -117.46
CA VAL A 22 -78.04 -122.21 -118.84
C VAL A 22 -79.21 -121.35 -119.34
N ASP A 23 -78.93 -120.52 -120.33
CA ASP A 23 -79.89 -119.54 -120.81
C ASP A 23 -79.68 -119.40 -122.31
N LEU A 24 -80.33 -118.44 -122.94
CA LEU A 24 -80.10 -118.05 -124.32
C LEU A 24 -79.35 -116.72 -124.33
N GLU A 25 -79.09 -116.20 -125.52
CA GLU A 25 -78.36 -114.94 -125.67
C GLU A 25 -78.69 -114.35 -127.04
N GLU A 26 -78.16 -113.16 -127.29
CA GLU A 26 -78.37 -112.44 -128.54
C GLU A 26 -77.04 -111.84 -129.02
N THR A 27 -76.01 -112.68 -129.11
CA THR A 27 -74.63 -112.25 -129.24
C THR A 27 -74.34 -111.60 -130.59
N GLY A 28 -73.09 -111.16 -130.73
CA GLY A 28 -72.60 -110.49 -131.92
C GLY A 28 -71.10 -110.29 -131.86
N ARG A 29 -70.41 -110.57 -132.96
CA ARG A 29 -68.96 -110.55 -132.98
C ARG A 29 -68.42 -109.12 -132.98
N VAL A 30 -67.13 -109.00 -132.65
CA VAL A 30 -66.44 -107.73 -132.56
C VAL A 30 -65.78 -107.43 -133.89
N LEU A 31 -65.84 -106.17 -134.32
CA LEU A 31 -65.26 -105.75 -135.59
C LEU A 31 -63.89 -105.11 -135.41
N SER A 32 -63.79 -104.09 -134.56
CA SER A 32 -62.55 -103.32 -134.45
C SER A 32 -62.49 -102.68 -133.08
N ILE A 33 -61.60 -103.19 -132.22
CA ILE A 33 -61.41 -102.62 -130.89
C ILE A 33 -60.20 -101.69 -130.91
N GLY A 34 -60.39 -100.47 -130.41
CA GLY A 34 -59.30 -99.53 -130.31
C GLY A 34 -59.62 -98.32 -129.46
N ASP A 35 -58.73 -98.03 -128.51
CA ASP A 35 -58.78 -96.89 -127.59
C ASP A 35 -60.01 -96.91 -126.67
N GLY A 36 -60.63 -98.06 -126.48
CA GLY A 36 -61.75 -98.18 -125.57
C GLY A 36 -63.12 -98.07 -126.22
N ILE A 37 -63.22 -98.17 -127.54
CA ILE A 37 -64.48 -98.14 -128.26
C ILE A 37 -64.54 -99.38 -129.14
N ALA A 38 -65.38 -100.33 -128.76
CA ALA A 38 -65.60 -101.55 -129.52
C ALA A 38 -66.69 -101.31 -130.54
N ARG A 39 -66.54 -101.87 -131.73
CA ARG A 39 -67.61 -101.90 -132.71
C ARG A 39 -68.08 -103.34 -132.88
N VAL A 40 -69.36 -103.58 -132.61
CA VAL A 40 -69.90 -104.93 -132.57
C VAL A 40 -70.89 -105.07 -133.73
N HIS A 41 -70.74 -106.14 -134.50
CA HIS A 41 -71.68 -106.47 -135.56
C HIS A 41 -72.65 -107.54 -135.06
N GLY A 42 -73.94 -107.26 -135.20
CA GLY A 42 -74.94 -108.10 -134.58
C GLY A 42 -75.69 -107.32 -133.53
N LEU A 43 -76.21 -108.00 -132.51
CA LEU A 43 -76.98 -107.43 -131.40
C LEU A 43 -78.17 -106.60 -131.93
N ARG A 44 -79.09 -107.30 -132.58
CA ARG A 44 -80.13 -106.63 -133.32
C ARG A 44 -81.26 -106.10 -132.46
N ASN A 45 -81.27 -106.40 -131.17
CA ASN A 45 -82.35 -105.97 -130.28
C ASN A 45 -81.79 -105.38 -128.99
N VAL A 46 -80.79 -104.52 -129.10
CA VAL A 46 -80.28 -103.78 -127.94
C VAL A 46 -80.96 -102.43 -127.88
N GLN A 47 -81.37 -102.05 -126.68
CA GLN A 47 -81.86 -100.70 -126.46
C GLN A 47 -80.69 -99.74 -126.37
N ALA A 48 -80.98 -98.45 -126.41
CA ALA A 48 -79.94 -97.47 -126.18
C ALA A 48 -79.54 -97.49 -124.72
N GLU A 49 -78.24 -97.27 -124.48
CA GLU A 49 -77.63 -97.19 -123.15
C GLU A 49 -77.86 -98.46 -122.33
N GLU A 50 -77.77 -99.61 -122.99
CA GLU A 50 -78.03 -100.91 -122.38
C GLU A 50 -76.71 -101.62 -122.09
N MET A 51 -76.62 -102.25 -120.93
CA MET A 51 -75.39 -102.90 -120.52
C MET A 51 -75.24 -104.28 -121.14
N VAL A 52 -74.13 -104.48 -121.84
CA VAL A 52 -73.73 -105.79 -122.37
C VAL A 52 -72.46 -106.22 -121.63
N GLU A 53 -72.01 -107.43 -121.91
CA GLU A 53 -70.80 -107.96 -121.28
C GLU A 53 -70.07 -108.89 -122.25
N PHE A 54 -68.75 -108.72 -122.32
CA PHE A 54 -67.93 -109.43 -123.27
C PHE A 54 -67.61 -110.85 -122.82
N SER A 55 -66.68 -111.48 -123.51
CA SER A 55 -66.35 -112.87 -123.23
C SER A 55 -65.33 -112.99 -122.12
N SER A 56 -64.49 -111.97 -121.94
CA SER A 56 -63.47 -112.03 -120.90
C SER A 56 -64.07 -111.79 -119.52
N GLY A 57 -64.99 -110.84 -119.40
CA GLY A 57 -65.60 -110.55 -118.13
C GLY A 57 -65.92 -109.09 -117.94
N LEU A 58 -65.39 -108.24 -118.82
CA LEU A 58 -65.69 -106.82 -118.76
C LEU A 58 -67.13 -106.56 -119.20
N LYS A 59 -67.65 -105.40 -118.82
CA LYS A 59 -68.99 -105.00 -119.14
C LYS A 59 -68.93 -103.78 -120.04
N GLY A 60 -70.01 -103.52 -120.77
CA GLY A 60 -70.03 -102.45 -121.74
C GLY A 60 -71.40 -101.84 -121.91
N MET A 61 -71.41 -100.54 -122.16
CA MET A 61 -72.63 -99.76 -122.28
C MET A 61 -72.73 -99.20 -123.69
N SER A 62 -73.77 -99.59 -124.42
CA SER A 62 -73.87 -99.31 -125.85
C SER A 62 -74.47 -97.93 -126.07
N LEU A 63 -73.65 -96.99 -126.54
CA LEU A 63 -74.10 -95.60 -126.64
C LEU A 63 -74.57 -95.26 -128.05
N ASN A 64 -73.91 -95.79 -129.07
CA ASN A 64 -74.27 -95.50 -130.46
C ASN A 64 -74.98 -96.70 -131.08
N LEU A 65 -76.25 -96.51 -131.44
CA LEU A 65 -77.00 -97.50 -132.20
C LEU A 65 -76.98 -97.07 -133.65
N GLU A 66 -76.03 -97.59 -134.40
CA GLU A 66 -75.83 -97.28 -135.81
C GLU A 66 -76.47 -98.36 -136.67
N PRO A 67 -76.67 -98.11 -137.98
CA PRO A 67 -77.28 -99.15 -138.83
C PRO A 67 -76.55 -100.47 -138.91
N ASP A 68 -75.27 -100.47 -139.29
CA ASP A 68 -74.56 -101.72 -139.50
C ASP A 68 -73.73 -102.20 -138.32
N ASN A 69 -73.65 -101.42 -137.23
CA ASN A 69 -72.86 -101.81 -136.07
C ASN A 69 -73.42 -101.11 -134.84
N VAL A 70 -72.77 -101.30 -133.70
CA VAL A 70 -73.17 -100.66 -132.46
C VAL A 70 -71.92 -100.28 -131.65
N GLY A 71 -71.83 -99.01 -131.24
CA GLY A 71 -70.67 -98.55 -130.52
C GLY A 71 -70.80 -98.68 -129.01
N VAL A 72 -69.99 -99.54 -128.41
CA VAL A 72 -70.11 -99.88 -127.00
C VAL A 72 -68.80 -99.53 -126.28
N VAL A 73 -68.88 -98.63 -125.30
CA VAL A 73 -67.73 -98.29 -124.46
C VAL A 73 -67.43 -99.47 -123.53
N VAL A 74 -66.21 -99.51 -123.00
CA VAL A 74 -65.74 -100.66 -122.22
C VAL A 74 -65.46 -100.20 -120.79
N PHE A 75 -65.94 -100.98 -119.82
CA PHE A 75 -65.70 -100.73 -118.40
C PHE A 75 -64.43 -101.46 -117.94
N GLY A 76 -63.31 -101.01 -118.45
CA GLY A 76 -62.06 -101.64 -118.09
C GLY A 76 -60.94 -101.17 -119.00
N ASN A 77 -60.13 -102.13 -119.44
CA ASN A 77 -59.04 -101.90 -120.38
C ASN A 77 -59.19 -102.84 -121.56
N ASP A 78 -58.84 -102.36 -122.75
CA ASP A 78 -59.13 -103.05 -123.99
C ASP A 78 -58.06 -104.04 -124.41
N LYS A 79 -57.10 -104.34 -123.55
CA LYS A 79 -56.09 -105.34 -123.91
C LYS A 79 -56.62 -106.76 -123.81
N LEU A 80 -57.78 -106.96 -123.18
CA LEU A 80 -58.41 -108.26 -123.07
C LEU A 80 -59.47 -108.50 -124.13
N ILE A 81 -59.68 -107.54 -125.02
CA ILE A 81 -60.68 -107.60 -126.07
C ILE A 81 -59.96 -107.78 -127.39
N LYS A 82 -60.05 -108.97 -127.98
CA LYS A 82 -59.50 -109.22 -129.30
C LYS A 82 -60.61 -109.20 -130.34
N GLU A 83 -60.23 -108.95 -131.58
CA GLU A 83 -61.20 -108.90 -132.66
C GLU A 83 -61.68 -110.31 -132.99
N GLY A 84 -62.98 -110.53 -132.82
CA GLY A 84 -63.55 -111.84 -133.06
C GLY A 84 -64.07 -112.50 -131.79
N ASP A 85 -64.43 -111.68 -130.81
CA ASP A 85 -64.95 -112.19 -129.54
C ASP A 85 -66.47 -112.30 -129.62
N ILE A 86 -67.11 -112.60 -128.49
CA ILE A 86 -68.55 -112.81 -128.41
C ILE A 86 -69.11 -111.87 -127.37
N VAL A 87 -70.01 -110.98 -127.79
CA VAL A 87 -70.59 -109.96 -126.93
C VAL A 87 -72.02 -110.35 -126.60
N LYS A 88 -72.21 -110.94 -125.41
CA LYS A 88 -73.52 -111.41 -124.98
C LYS A 88 -74.37 -110.23 -124.53
N ARG A 89 -75.67 -110.47 -124.37
CA ARG A 89 -76.60 -109.44 -123.94
C ARG A 89 -77.08 -109.75 -122.53
N THR A 90 -77.20 -108.72 -121.69
CA THR A 90 -77.78 -108.89 -120.37
C THR A 90 -79.29 -108.66 -120.40
N GLY A 91 -79.71 -107.55 -121.00
CA GLY A 91 -81.11 -107.25 -121.17
C GLY A 91 -81.68 -106.21 -120.24
N ALA A 92 -80.84 -105.34 -119.68
CA ALA A 92 -81.30 -104.37 -118.69
C ALA A 92 -80.40 -103.15 -118.70
N ILE A 93 -80.99 -101.99 -118.47
CA ILE A 93 -80.24 -100.75 -118.29
C ILE A 93 -79.51 -100.81 -116.95
N VAL A 94 -78.51 -99.93 -116.79
CA VAL A 94 -77.61 -99.98 -115.63
C VAL A 94 -78.35 -99.65 -114.34
N ASP A 95 -78.07 -100.43 -113.30
CA ASP A 95 -78.77 -100.32 -112.04
C ASP A 95 -77.78 -100.51 -110.90
N VAL A 96 -78.00 -99.78 -109.81
CA VAL A 96 -77.10 -99.79 -108.66
C VAL A 96 -77.85 -100.34 -107.45
N PRO A 97 -77.18 -101.00 -106.51
CA PRO A 97 -77.82 -101.33 -105.24
C PRO A 97 -77.97 -100.08 -104.40
N VAL A 98 -79.04 -100.05 -103.61
CA VAL A 98 -79.38 -98.87 -102.81
C VAL A 98 -80.11 -99.34 -101.57
N GLY A 99 -80.04 -98.55 -100.49
CA GLY A 99 -80.73 -98.90 -99.28
C GLY A 99 -80.07 -98.30 -98.06
N GLU A 100 -80.31 -98.95 -96.92
CA GLU A 100 -79.71 -98.48 -95.67
C GLU A 100 -78.38 -99.18 -95.40
N GLU A 101 -78.15 -100.32 -96.05
CA GLU A 101 -76.99 -101.15 -95.75
C GLU A 101 -75.70 -100.54 -96.26
N LEU A 102 -75.78 -99.60 -97.19
CA LEU A 102 -74.59 -98.95 -97.73
C LEU A 102 -73.97 -97.94 -96.78
N LEU A 103 -74.62 -97.63 -95.66
CA LEU A 103 -74.14 -96.56 -94.79
C LEU A 103 -72.88 -96.97 -94.05
N GLY A 104 -71.77 -96.31 -94.40
CA GLY A 104 -70.51 -96.62 -93.77
C GLY A 104 -69.62 -97.54 -94.59
N ARG A 105 -69.73 -97.46 -95.92
CA ARG A 105 -68.96 -98.31 -96.81
C ARG A 105 -68.30 -97.45 -97.88
N VAL A 106 -67.35 -98.07 -98.59
CA VAL A 106 -66.69 -97.45 -99.72
C VAL A 106 -67.04 -98.26 -100.97
N VAL A 107 -67.61 -97.58 -101.96
CA VAL A 107 -68.11 -98.24 -103.16
C VAL A 107 -67.51 -97.56 -104.38
N ASP A 108 -67.42 -98.31 -105.47
CA ASP A 108 -67.03 -97.74 -106.76
C ASP A 108 -68.28 -97.24 -107.48
N ALA A 109 -68.15 -96.98 -108.79
CA ALA A 109 -69.26 -96.38 -109.53
C ALA A 109 -70.38 -97.38 -109.82
N LEU A 110 -70.13 -98.67 -109.60
CA LEU A 110 -71.13 -99.68 -109.92
C LEU A 110 -71.63 -100.45 -108.69
N GLY A 111 -71.36 -99.96 -107.48
CA GLY A 111 -71.91 -100.56 -106.28
C GLY A 111 -71.13 -101.72 -105.69
N ASN A 112 -69.98 -102.08 -106.26
CA ASN A 112 -69.16 -103.11 -105.65
C ASN A 112 -68.45 -102.54 -104.43
N ALA A 113 -67.97 -103.44 -103.56
CA ALA A 113 -67.29 -103.06 -102.33
C ALA A 113 -65.79 -103.07 -102.56
N ILE A 114 -65.13 -101.96 -102.23
CA ILE A 114 -63.68 -101.90 -102.45
C ILE A 114 -62.93 -101.83 -101.14
N ASP A 115 -63.64 -101.67 -100.02
CA ASP A 115 -62.95 -101.51 -98.73
C ASP A 115 -62.58 -102.86 -98.12
N GLY A 116 -63.13 -103.95 -98.67
CA GLY A 116 -62.76 -105.26 -98.20
C GLY A 116 -63.37 -105.68 -96.88
N LYS A 117 -64.46 -105.05 -96.44
CA LYS A 117 -65.16 -105.53 -95.26
C LYS A 117 -66.06 -106.70 -95.58
N GLY A 118 -66.77 -106.61 -96.71
CA GLY A 118 -67.70 -107.65 -97.11
C GLY A 118 -68.63 -107.13 -98.19
N PRO A 119 -69.44 -108.02 -98.76
CA PRO A 119 -70.35 -107.58 -99.82
C PRO A 119 -71.55 -106.85 -99.25
N ILE A 120 -72.16 -106.02 -100.09
CA ILE A 120 -73.34 -105.28 -99.66
C ILE A 120 -74.53 -106.23 -99.56
N GLY A 121 -75.27 -106.11 -98.46
CA GLY A 121 -76.50 -106.85 -98.29
C GLY A 121 -77.75 -106.09 -98.67
N SER A 122 -77.69 -105.25 -99.70
CA SER A 122 -78.85 -104.43 -100.07
C SER A 122 -79.85 -105.24 -100.88
N LYS A 123 -81.12 -105.14 -100.51
CA LYS A 123 -82.13 -105.99 -101.14
C LYS A 123 -82.81 -105.26 -102.30
N THR A 124 -82.67 -103.94 -102.38
CA THR A 124 -83.30 -103.18 -103.43
C THR A 124 -82.30 -102.84 -104.54
N ARG A 125 -82.83 -102.28 -105.62
CA ARG A 125 -82.07 -101.96 -106.82
C ARG A 125 -82.74 -100.79 -107.50
N ARG A 126 -81.96 -99.93 -108.16
CA ARG A 126 -82.52 -98.70 -108.70
C ARG A 126 -81.76 -98.26 -109.96
N ARG A 127 -82.50 -97.74 -110.94
CA ARG A 127 -81.89 -97.23 -112.15
C ARG A 127 -81.19 -95.90 -111.88
N VAL A 128 -80.28 -95.54 -112.79
CA VAL A 128 -79.56 -94.27 -112.67
C VAL A 128 -80.10 -93.22 -113.61
N GLY A 129 -80.95 -93.58 -114.56
CA GLY A 129 -81.46 -92.66 -115.55
C GLY A 129 -82.85 -92.13 -115.30
N LEU A 130 -83.27 -92.01 -114.03
CA LEU A 130 -84.63 -91.57 -113.74
C LEU A 130 -84.75 -90.06 -113.93
N LYS A 131 -85.98 -89.57 -113.80
CA LYS A 131 -86.24 -88.16 -114.01
C LYS A 131 -86.38 -87.41 -112.69
N ALA A 132 -86.40 -86.09 -112.80
CA ALA A 132 -86.67 -85.25 -111.66
C ALA A 132 -88.17 -85.25 -111.36
N PRO A 133 -88.57 -84.89 -110.14
CA PRO A 133 -89.98 -84.58 -109.91
C PRO A 133 -90.36 -83.29 -110.59
N GLY A 134 -91.64 -83.16 -110.89
CA GLY A 134 -92.11 -82.03 -111.66
C GLY A 134 -92.24 -80.76 -110.83
N ILE A 135 -93.26 -79.98 -111.16
CA ILE A 135 -93.51 -78.72 -110.46
C ILE A 135 -94.45 -78.95 -109.29
N ILE A 136 -95.37 -79.90 -109.42
CA ILE A 136 -96.36 -80.12 -108.37
C ILE A 136 -95.79 -80.79 -107.13
N PRO A 137 -94.98 -81.87 -107.19
CA PRO A 137 -94.51 -82.46 -105.91
C PRO A 137 -93.45 -81.66 -105.17
N ARG A 138 -93.12 -80.44 -105.59
CA ARG A 138 -92.14 -79.67 -104.86
C ARG A 138 -92.81 -78.61 -103.97
N ILE A 139 -92.05 -78.12 -103.01
CA ILE A 139 -92.47 -77.05 -102.11
C ILE A 139 -91.25 -76.19 -101.85
N SER A 140 -91.47 -74.96 -101.37
CA SER A 140 -90.37 -74.03 -101.19
C SER A 140 -89.50 -74.44 -100.01
N VAL A 141 -88.22 -74.06 -100.08
CA VAL A 141 -87.23 -74.48 -99.09
C VAL A 141 -87.33 -73.56 -97.88
N ARG A 142 -87.45 -74.16 -96.69
CA ARG A 142 -87.54 -73.39 -95.46
C ARG A 142 -86.62 -73.83 -94.34
N GLU A 143 -86.31 -75.13 -94.24
CA GLU A 143 -85.49 -75.59 -93.15
C GLU A 143 -84.03 -75.24 -93.39
N PRO A 144 -83.26 -74.99 -92.33
CA PRO A 144 -81.84 -74.69 -92.52
C PRO A 144 -80.99 -75.94 -92.64
N MET A 145 -79.98 -75.90 -93.50
CA MET A 145 -78.93 -76.89 -93.54
C MET A 145 -77.69 -76.27 -92.90
N GLN A 146 -77.27 -76.81 -91.76
CA GLN A 146 -76.21 -76.21 -90.96
C GLN A 146 -74.87 -76.72 -91.46
N THR A 147 -74.01 -75.78 -91.89
CA THR A 147 -72.66 -76.15 -92.33
C THR A 147 -71.69 -76.15 -91.17
N GLY A 148 -71.70 -75.10 -90.35
CA GLY A 148 -70.75 -74.98 -89.26
C GLY A 148 -69.64 -73.99 -89.50
N ILE A 149 -69.71 -73.23 -90.59
CA ILE A 149 -68.73 -72.21 -90.91
C ILE A 149 -69.38 -70.86 -90.64
N LYS A 150 -68.66 -69.99 -89.92
CA LYS A 150 -69.26 -68.76 -89.42
C LYS A 150 -69.54 -67.78 -90.54
N ALA A 151 -68.89 -67.94 -91.70
CA ALA A 151 -69.10 -67.00 -92.80
C ALA A 151 -70.17 -67.50 -93.75
N VAL A 152 -70.40 -68.81 -93.78
CA VAL A 152 -71.45 -69.36 -94.63
C VAL A 152 -72.82 -69.11 -94.01
N ASP A 153 -72.99 -69.45 -92.74
CA ASP A 153 -74.31 -69.37 -92.13
C ASP A 153 -74.70 -67.93 -91.81
N SER A 154 -73.75 -67.00 -91.89
CA SER A 154 -74.08 -65.61 -91.61
C SER A 154 -74.50 -64.87 -92.87
N LEU A 155 -73.80 -65.09 -93.99
CA LEU A 155 -73.95 -64.23 -95.15
C LEU A 155 -74.43 -64.96 -96.40
N VAL A 156 -74.08 -66.23 -96.57
CA VAL A 156 -74.53 -66.99 -97.74
C VAL A 156 -75.16 -68.31 -97.31
N PRO A 157 -76.40 -68.30 -96.81
CA PRO A 157 -76.97 -69.50 -96.20
C PRO A 157 -77.39 -70.53 -97.24
N ILE A 158 -77.62 -71.75 -96.74
CA ILE A 158 -78.01 -72.89 -97.57
C ILE A 158 -79.23 -73.54 -96.93
N GLY A 159 -80.31 -73.65 -97.70
CA GLY A 159 -81.50 -74.34 -97.24
C GLY A 159 -81.46 -75.81 -97.58
N ARG A 160 -82.52 -76.55 -97.25
CA ARG A 160 -82.51 -78.00 -97.41
C ARG A 160 -83.23 -78.36 -98.70
N GLY A 161 -82.51 -78.23 -99.82
CA GLY A 161 -83.06 -78.45 -101.13
C GLY A 161 -82.49 -77.50 -102.16
N GLN A 162 -81.63 -76.60 -101.71
CA GLN A 162 -80.96 -75.62 -102.56
C GLN A 162 -79.72 -76.26 -103.15
N ARG A 163 -79.35 -75.84 -104.36
CA ARG A 163 -78.06 -76.20 -104.93
C ARG A 163 -77.10 -75.02 -104.82
N GLU A 164 -75.96 -75.26 -104.21
CA GLU A 164 -74.98 -74.21 -103.97
C GLU A 164 -73.62 -74.65 -104.49
N LEU A 165 -73.01 -73.81 -105.32
CA LEU A 165 -71.79 -74.14 -106.04
C LEU A 165 -70.57 -73.64 -105.27
N ILE A 166 -69.58 -74.51 -105.08
CA ILE A 166 -68.32 -74.11 -104.45
C ILE A 166 -67.29 -73.95 -105.56
N ILE A 167 -67.03 -72.71 -105.96
CA ILE A 167 -66.21 -72.43 -107.12
C ILE A 167 -64.94 -71.71 -106.66
N GLY A 168 -63.81 -72.03 -107.27
CA GLY A 168 -62.56 -71.40 -106.94
C GLY A 168 -61.42 -72.10 -107.65
N ASP A 169 -60.22 -71.60 -107.41
CA ASP A 169 -59.04 -72.11 -108.08
C ASP A 169 -58.53 -73.39 -107.42
N ARG A 170 -57.34 -73.81 -107.80
CA ARG A 170 -56.71 -74.94 -107.13
C ARG A 170 -56.15 -74.51 -105.78
N GLN A 171 -56.20 -75.43 -104.81
CA GLN A 171 -55.55 -75.31 -103.49
C GLN A 171 -56.05 -74.10 -102.71
N THR A 172 -57.36 -73.99 -102.53
CA THR A 172 -57.94 -72.91 -101.73
C THR A 172 -59.01 -73.40 -100.76
N GLY A 173 -59.00 -74.68 -100.41
CA GLY A 173 -59.94 -75.15 -99.41
C GLY A 173 -61.35 -75.36 -99.92
N LYS A 174 -61.48 -75.93 -101.12
CA LYS A 174 -62.79 -76.31 -101.61
C LYS A 174 -63.21 -77.66 -101.07
N THR A 175 -62.26 -78.59 -100.94
CA THR A 175 -62.57 -79.88 -100.34
C THR A 175 -62.76 -79.76 -98.83
N SER A 176 -62.07 -78.82 -98.19
CA SER A 176 -62.16 -78.69 -96.74
C SER A 176 -63.46 -78.05 -96.27
N ILE A 177 -64.08 -77.18 -97.08
CA ILE A 177 -65.40 -76.66 -96.75
C ILE A 177 -66.45 -77.75 -96.82
N ALA A 178 -66.31 -78.67 -97.76
CA ALA A 178 -67.27 -79.76 -97.89
C ALA A 178 -66.89 -80.99 -97.08
N ILE A 179 -65.88 -80.90 -96.22
CA ILE A 179 -65.52 -82.03 -95.37
C ILE A 179 -65.80 -81.76 -93.89
N ASP A 180 -65.99 -80.51 -93.48
CA ASP A 180 -66.48 -80.28 -92.13
C ASP A 180 -68.00 -80.12 -92.08
N THR A 181 -68.63 -79.88 -93.23
CA THR A 181 -70.08 -79.98 -93.32
C THR A 181 -70.54 -81.42 -93.12
N ILE A 182 -69.70 -82.41 -93.41
CA ILE A 182 -70.03 -83.78 -93.08
C ILE A 182 -69.82 -84.02 -91.58
N ILE A 183 -68.80 -83.40 -91.00
CA ILE A 183 -68.48 -83.59 -89.59
C ILE A 183 -69.50 -82.90 -88.69
N ASN A 184 -70.03 -81.76 -89.12
CA ASN A 184 -70.90 -80.94 -88.28
C ASN A 184 -72.25 -81.61 -88.01
N GLN A 185 -72.72 -82.48 -88.89
CA GLN A 185 -74.01 -83.12 -88.67
C GLN A 185 -73.95 -84.29 -87.72
N LYS A 186 -72.89 -84.43 -86.92
CA LYS A 186 -72.84 -85.50 -85.94
C LYS A 186 -73.73 -85.20 -84.74
N ARG A 187 -73.92 -83.91 -84.42
CA ARG A 187 -74.66 -83.53 -83.22
C ARG A 187 -76.14 -83.82 -83.35
N PHE A 188 -76.67 -83.87 -84.57
CA PHE A 188 -78.06 -84.27 -84.78
C PHE A 188 -78.20 -85.76 -85.03
N ASN A 189 -77.16 -86.40 -85.58
CA ASN A 189 -77.25 -87.78 -86.02
C ASN A 189 -77.10 -88.79 -84.89
N ASP A 190 -76.85 -88.34 -83.67
CA ASP A 190 -76.83 -89.23 -82.51
C ASP A 190 -77.97 -88.95 -81.54
N GLY A 191 -78.86 -88.01 -81.87
CA GLY A 191 -79.91 -87.60 -80.96
C GLY A 191 -81.23 -88.29 -81.25
N THR A 192 -82.33 -87.60 -80.91
CA THR A 192 -83.66 -88.17 -80.95
C THR A 192 -84.56 -87.54 -82.01
N ASP A 193 -84.38 -86.27 -82.33
CA ASP A 193 -85.24 -85.55 -83.27
C ASP A 193 -85.04 -86.10 -84.68
N GLU A 194 -86.02 -86.86 -85.16
CA GLU A 194 -85.89 -87.59 -86.42
C GLU A 194 -85.91 -86.68 -87.63
N LYS A 195 -86.57 -85.52 -87.55
CA LYS A 195 -86.67 -84.63 -88.69
C LYS A 195 -85.56 -83.59 -88.74
N LYS A 196 -84.48 -83.80 -87.99
CA LYS A 196 -83.32 -82.92 -88.07
C LYS A 196 -82.03 -83.67 -88.41
N LYS A 197 -82.11 -84.98 -88.64
CA LYS A 197 -80.92 -85.72 -89.04
C LYS A 197 -80.58 -85.42 -90.49
N LEU A 198 -79.32 -85.67 -90.84
CA LEU A 198 -78.85 -85.46 -92.20
C LEU A 198 -77.93 -86.61 -92.57
N TYR A 199 -77.95 -86.98 -93.85
CA TYR A 199 -77.12 -88.05 -94.37
C TYR A 199 -76.26 -87.50 -95.49
N CYS A 200 -74.98 -87.82 -95.49
CA CYS A 200 -74.02 -87.23 -96.40
C CYS A 200 -73.48 -88.30 -97.34
N ILE A 201 -73.32 -87.94 -98.61
CA ILE A 201 -72.68 -88.78 -99.62
C ILE A 201 -71.57 -87.95 -100.25
N TYR A 202 -70.44 -88.59 -100.56
CA TYR A 202 -69.29 -87.90 -101.13
C TYR A 202 -68.80 -88.67 -102.35
N VAL A 203 -68.77 -87.99 -103.49
CA VAL A 203 -68.39 -88.59 -104.77
C VAL A 203 -67.05 -88.01 -105.19
N ALA A 204 -66.05 -88.86 -105.33
CA ALA A 204 -64.72 -88.47 -105.81
C ALA A 204 -64.58 -88.91 -107.25
N ILE A 205 -64.35 -87.95 -108.15
CA ILE A 205 -64.30 -88.19 -109.59
C ILE A 205 -62.90 -87.89 -110.08
N GLY A 206 -62.07 -88.92 -110.20
CA GLY A 206 -60.75 -88.73 -110.78
C GLY A 206 -59.74 -88.13 -109.83
N GLN A 207 -59.56 -88.71 -108.66
CA GLN A 207 -58.49 -88.36 -107.74
C GLN A 207 -57.64 -89.61 -107.49
N LYS A 208 -56.45 -89.41 -106.94
CA LYS A 208 -55.58 -90.56 -106.72
C LYS A 208 -56.04 -91.33 -105.50
N ARG A 209 -55.69 -92.62 -105.48
CA ARG A 209 -56.21 -93.53 -104.48
C ARG A 209 -55.70 -93.21 -103.09
N SER A 210 -54.52 -92.59 -103.00
CA SER A 210 -53.95 -92.30 -101.69
C SER A 210 -54.65 -91.12 -101.03
N THR A 211 -55.26 -90.23 -101.83
CA THR A 211 -55.96 -89.09 -101.25
C THR A 211 -57.30 -89.53 -100.63
N VAL A 212 -58.02 -90.42 -101.31
CA VAL A 212 -59.26 -90.96 -100.77
C VAL A 212 -58.99 -91.81 -99.54
N ALA A 213 -57.82 -92.47 -99.50
CA ALA A 213 -57.46 -93.27 -98.32
C ALA A 213 -57.07 -92.38 -97.15
N GLN A 214 -56.80 -91.11 -97.40
CA GLN A 214 -56.50 -90.19 -96.31
C GLN A 214 -57.76 -89.51 -95.81
N LEU A 215 -58.80 -89.46 -96.64
CA LEU A 215 -60.00 -88.73 -96.29
C LEU A 215 -61.00 -89.62 -95.57
N VAL A 216 -60.97 -90.92 -95.84
CA VAL A 216 -61.77 -91.86 -95.07
C VAL A 216 -61.25 -91.92 -93.64
N LYS A 217 -59.94 -91.83 -93.46
CA LYS A 217 -59.37 -91.88 -92.12
C LYS A 217 -59.65 -90.59 -91.35
N ARG A 218 -59.80 -89.46 -92.07
CA ARG A 218 -60.21 -88.24 -91.40
C ARG A 218 -61.67 -88.32 -90.93
N LEU A 219 -62.51 -89.02 -91.70
CA LEU A 219 -63.90 -89.15 -91.32
C LEU A 219 -64.12 -90.35 -90.41
N THR A 220 -63.11 -91.21 -90.28
CA THR A 220 -63.18 -92.29 -89.29
C THR A 220 -62.78 -91.77 -87.92
N ASP A 221 -61.85 -90.80 -87.89
CA ASP A 221 -61.37 -90.23 -86.64
C ASP A 221 -62.46 -89.44 -85.92
N ALA A 222 -63.24 -88.65 -86.67
CA ALA A 222 -64.30 -87.85 -86.10
C ALA A 222 -65.60 -88.63 -85.93
N ASP A 223 -65.55 -89.96 -86.05
CA ASP A 223 -66.69 -90.88 -85.87
C ASP A 223 -67.84 -90.51 -86.80
N ALA A 224 -67.48 -90.12 -88.03
CA ALA A 224 -68.44 -89.65 -89.03
C ALA A 224 -68.39 -90.52 -90.28
N MET A 225 -68.14 -91.82 -90.11
CA MET A 225 -68.29 -92.78 -91.19
C MET A 225 -69.29 -93.86 -90.84
N LYS A 226 -70.25 -93.56 -89.97
CA LYS A 226 -71.36 -94.45 -89.72
C LYS A 226 -72.66 -93.93 -90.31
N TYR A 227 -72.63 -92.75 -90.95
CA TYR A 227 -73.76 -92.24 -91.69
C TYR A 227 -73.36 -91.65 -93.03
N THR A 228 -72.18 -92.00 -93.54
CA THR A 228 -71.67 -91.44 -94.78
C THR A 228 -71.30 -92.56 -95.75
N ILE A 229 -71.58 -92.34 -97.02
CA ILE A 229 -71.18 -93.23 -98.10
C ILE A 229 -70.20 -92.48 -98.98
N VAL A 230 -69.18 -93.17 -99.49
CA VAL A 230 -68.20 -92.58 -100.39
C VAL A 230 -68.13 -93.39 -101.68
N VAL A 231 -68.35 -92.73 -102.80
CA VAL A 231 -68.34 -93.35 -104.12
C VAL A 231 -67.07 -92.89 -104.83
N SER A 232 -66.17 -93.83 -105.10
CA SER A 232 -64.85 -93.49 -105.60
C SER A 232 -64.67 -94.04 -107.00
N ALA A 233 -64.60 -93.14 -107.98
CA ALA A 233 -64.14 -93.45 -109.32
C ALA A 233 -62.85 -92.67 -109.53
N THR A 234 -61.72 -93.36 -109.41
CA THR A 234 -60.42 -92.71 -109.31
C THR A 234 -59.85 -92.40 -110.68
N ALA A 235 -58.58 -92.00 -110.70
CA ALA A 235 -57.96 -91.56 -111.94
C ALA A 235 -57.57 -92.75 -112.81
N SER A 236 -57.17 -93.86 -112.19
CA SER A 236 -56.73 -95.03 -112.97
C SER A 236 -57.90 -95.75 -113.62
N ASP A 237 -59.10 -95.65 -113.07
CA ASP A 237 -60.26 -96.35 -113.61
C ASP A 237 -60.68 -95.73 -114.94
N ALA A 238 -61.41 -96.52 -115.72
CA ALA A 238 -61.69 -96.22 -117.12
C ALA A 238 -62.52 -94.95 -117.29
N ALA A 239 -62.45 -94.38 -118.47
CA ALA A 239 -63.16 -93.17 -118.88
C ALA A 239 -64.68 -93.18 -118.71
N PRO A 240 -65.44 -94.27 -118.89
CA PRO A 240 -66.87 -94.18 -118.61
C PRO A 240 -67.24 -94.36 -117.15
N LEU A 241 -66.34 -94.90 -116.32
CA LEU A 241 -66.65 -95.04 -114.90
C LEU A 241 -66.56 -93.70 -114.18
N GLN A 242 -65.92 -92.71 -114.79
CA GLN A 242 -65.96 -91.36 -114.26
C GLN A 242 -67.13 -90.58 -114.84
N TYR A 243 -67.97 -91.25 -115.63
CA TYR A 243 -69.18 -90.61 -116.15
C TYR A 243 -70.41 -91.10 -115.41
N LEU A 244 -70.41 -92.38 -115.00
CA LEU A 244 -71.56 -92.92 -114.28
C LEU A 244 -71.57 -92.47 -112.83
N ALA A 245 -70.40 -92.17 -112.28
CA ALA A 245 -70.27 -91.99 -110.83
C ALA A 245 -70.99 -90.76 -110.28
N PRO A 246 -71.19 -89.64 -111.00
CA PRO A 246 -72.17 -88.67 -110.51
C PRO A 246 -73.61 -89.19 -110.53
N TYR A 247 -73.98 -90.01 -111.51
CA TYR A 247 -75.35 -90.50 -111.58
C TYR A 247 -75.53 -91.75 -110.72
N SER A 248 -74.45 -92.25 -110.13
CA SER A 248 -74.57 -93.39 -109.23
C SER A 248 -74.63 -92.93 -107.78
N GLY A 249 -74.64 -91.63 -107.56
CA GLY A 249 -74.73 -91.11 -106.20
C GLY A 249 -76.06 -90.46 -105.93
N CYS A 250 -76.64 -89.80 -106.93
CA CYS A 250 -78.00 -89.27 -106.81
C CYS A 250 -79.01 -90.39 -106.66
N SER A 251 -78.72 -91.56 -107.23
CA SER A 251 -79.63 -92.70 -107.07
C SER A 251 -79.53 -93.29 -105.67
N MET A 252 -78.47 -92.98 -104.93
CA MET A 252 -78.41 -93.36 -103.53
C MET A 252 -78.86 -92.21 -102.64
N GLY A 253 -78.95 -91.01 -103.19
CA GLY A 253 -79.46 -89.90 -102.43
C GLY A 253 -80.93 -89.63 -102.73
N GLU A 254 -81.53 -90.45 -103.59
CA GLU A 254 -82.96 -90.31 -103.85
C GLU A 254 -83.75 -91.39 -103.13
N TYR A 255 -83.07 -92.38 -102.57
CA TYR A 255 -83.75 -93.34 -101.72
C TYR A 255 -84.07 -92.72 -100.37
N PHE A 256 -83.27 -91.74 -99.95
CA PHE A 256 -83.57 -91.06 -98.70
C PHE A 256 -84.57 -89.94 -98.92
N ARG A 257 -84.66 -89.42 -100.15
CA ARG A 257 -85.67 -88.41 -100.44
C ARG A 257 -87.04 -89.04 -100.65
N ASP A 258 -87.06 -90.27 -101.18
CA ASP A 258 -88.33 -90.93 -101.47
C ASP A 258 -89.01 -91.44 -100.21
N ASN A 259 -88.23 -91.67 -99.15
CA ASN A 259 -88.74 -92.24 -97.92
C ASN A 259 -88.76 -91.27 -96.76
N GLY A 260 -89.06 -90.00 -97.00
CA GLY A 260 -89.30 -89.05 -95.94
C GLY A 260 -88.10 -88.60 -95.16
N LYS A 261 -86.90 -88.98 -95.55
CA LYS A 261 -85.68 -88.61 -94.85
C LYS A 261 -85.01 -87.45 -95.56
N HIS A 262 -83.85 -87.04 -95.05
CA HIS A 262 -83.11 -85.91 -95.57
C HIS A 262 -81.73 -86.40 -96.01
N ALA A 263 -81.09 -85.66 -96.91
CA ALA A 263 -79.82 -86.10 -97.47
C ALA A 263 -78.97 -84.91 -97.89
N LEU A 264 -77.72 -85.21 -98.26
CA LEU A 264 -76.74 -84.25 -98.73
C LEU A 264 -75.80 -85.00 -99.67
N ILE A 265 -75.37 -84.34 -100.75
CA ILE A 265 -74.45 -84.95 -101.70
C ILE A 265 -73.42 -83.91 -102.14
N ILE A 266 -72.20 -84.36 -102.39
CA ILE A 266 -71.08 -83.49 -102.76
C ILE A 266 -70.36 -84.13 -103.95
N TYR A 267 -70.31 -83.41 -105.07
CA TYR A 267 -69.63 -83.84 -106.27
C TYR A 267 -68.24 -83.21 -106.29
N ASP A 268 -67.21 -84.04 -106.17
CA ASP A 268 -65.84 -83.54 -106.07
C ASP A 268 -64.99 -84.26 -107.11
N ASP A 269 -64.89 -83.70 -108.32
CA ASP A 269 -65.57 -82.46 -108.74
C ASP A 269 -66.15 -82.60 -110.15
N LEU A 270 -67.07 -81.69 -110.48
CA LEU A 270 -67.85 -81.81 -111.71
C LEU A 270 -67.06 -81.38 -112.94
N SER A 271 -65.95 -80.68 -112.75
CA SER A 271 -65.13 -80.28 -113.88
C SER A 271 -64.24 -81.40 -114.40
N LYS A 272 -64.23 -82.56 -113.75
CA LYS A 272 -63.55 -83.74 -114.23
C LYS A 272 -64.50 -84.79 -114.78
N GLN A 273 -65.80 -84.46 -114.84
CA GLN A 273 -66.77 -85.30 -115.52
C GLN A 273 -67.01 -84.85 -116.95
N ALA A 274 -66.97 -83.55 -117.20
CA ALA A 274 -67.03 -83.02 -118.55
C ALA A 274 -65.81 -83.37 -119.38
N VAL A 275 -64.69 -83.67 -118.74
CA VAL A 275 -63.48 -84.09 -119.45
C VAL A 275 -63.48 -85.58 -119.72
N ALA A 276 -63.96 -86.39 -118.79
CA ALA A 276 -64.09 -87.83 -119.01
C ALA A 276 -65.20 -88.19 -119.97
N TYR A 277 -66.12 -87.27 -120.25
CA TYR A 277 -67.17 -87.44 -121.23
C TYR A 277 -66.79 -86.92 -122.60
N ARG A 278 -65.91 -85.91 -122.67
CA ARG A 278 -65.42 -85.42 -123.95
C ARG A 278 -64.56 -86.47 -124.65
N GLN A 279 -63.77 -87.23 -123.90
CA GLN A 279 -62.95 -88.28 -124.48
C GLN A 279 -63.80 -89.39 -125.08
N MET A 280 -64.92 -89.73 -124.43
CA MET A 280 -65.82 -90.73 -124.97
C MET A 280 -66.54 -90.25 -126.23
N SER A 281 -66.80 -88.94 -126.34
CA SER A 281 -67.46 -88.41 -127.52
C SER A 281 -66.55 -88.43 -128.74
N LEU A 282 -65.36 -87.85 -128.63
CA LEU A 282 -64.46 -87.72 -129.77
C LEU A 282 -63.87 -89.04 -130.24
N LEU A 283 -63.97 -90.10 -129.45
CA LEU A 283 -63.58 -91.42 -129.91
C LEU A 283 -64.74 -92.17 -130.56
N LEU A 284 -65.97 -91.68 -130.37
CA LEU A 284 -67.15 -92.23 -131.04
C LEU A 284 -67.52 -91.42 -132.28
N ARG A 285 -66.69 -90.45 -132.66
CA ARG A 285 -66.85 -89.57 -133.83
C ARG A 285 -68.18 -88.81 -133.77
N ARG A 286 -68.27 -87.95 -132.76
CA ARG A 286 -69.41 -87.05 -132.67
C ARG A 286 -68.96 -85.64 -133.01
N PRO A 287 -69.86 -84.80 -133.55
CA PRO A 287 -69.46 -83.45 -133.96
C PRO A 287 -69.06 -82.58 -132.78
N PRO A 288 -67.86 -82.02 -132.80
CA PRO A 288 -67.38 -81.21 -131.68
C PRO A 288 -68.02 -79.83 -131.66
N GLY A 289 -67.61 -79.04 -130.66
CA GLY A 289 -68.10 -77.69 -130.50
C GLY A 289 -67.04 -76.84 -129.83
N ARG A 290 -67.46 -75.92 -128.97
CA ARG A 290 -66.52 -75.01 -128.33
C ARG A 290 -65.64 -75.75 -127.35
N GLU A 291 -64.32 -75.59 -127.50
CA GLU A 291 -63.28 -76.30 -126.73
C GLU A 291 -63.41 -77.81 -126.83
N ALA A 292 -63.81 -78.29 -128.01
CA ALA A 292 -63.98 -79.69 -128.38
C ALA A 292 -64.96 -80.44 -127.50
N TYR A 293 -65.86 -79.74 -126.81
CA TYR A 293 -66.94 -80.39 -126.09
C TYR A 293 -68.10 -80.66 -127.03
N PRO A 294 -68.86 -81.74 -126.81
CA PRO A 294 -70.01 -82.01 -127.69
C PRO A 294 -71.14 -81.01 -127.52
N GLY A 295 -72.21 -81.18 -128.30
CA GLY A 295 -73.30 -80.23 -128.23
C GLY A 295 -74.21 -80.37 -127.03
N ASP A 296 -74.09 -81.47 -126.29
CA ASP A 296 -74.97 -81.75 -125.17
C ASP A 296 -74.23 -81.87 -123.85
N VAL A 297 -73.33 -80.93 -123.53
CA VAL A 297 -72.72 -80.95 -122.22
C VAL A 297 -73.57 -80.12 -121.24
N PHE A 298 -74.45 -79.26 -121.75
CA PHE A 298 -75.42 -78.61 -120.90
C PHE A 298 -76.49 -79.61 -120.46
N TYR A 299 -76.84 -80.54 -121.33
CA TYR A 299 -77.84 -81.55 -121.00
C TYR A 299 -77.25 -82.63 -120.10
N LEU A 300 -75.93 -82.64 -119.94
CA LEU A 300 -75.28 -83.61 -119.06
C LEU A 300 -75.34 -83.16 -117.60
N HIS A 301 -75.22 -81.85 -117.37
CA HIS A 301 -75.15 -81.35 -116.00
C HIS A 301 -76.50 -80.89 -115.50
N SER A 302 -77.41 -80.53 -116.42
CA SER A 302 -78.72 -80.05 -115.99
C SER A 302 -79.56 -81.18 -115.42
N ARG A 303 -79.56 -82.35 -116.05
CA ARG A 303 -80.42 -83.43 -115.56
C ARG A 303 -79.77 -84.18 -114.39
N LEU A 304 -78.64 -83.69 -113.89
CA LEU A 304 -78.07 -84.24 -112.67
C LEU A 304 -78.37 -83.33 -111.48
N LEU A 305 -78.41 -82.03 -111.71
CA LEU A 305 -78.63 -81.10 -110.61
C LEU A 305 -80.12 -80.85 -110.40
N GLU A 306 -80.95 -81.13 -111.41
CA GLU A 306 -82.39 -80.92 -111.23
C GLU A 306 -83.03 -82.04 -110.42
N ARG A 307 -82.26 -83.08 -110.09
CA ARG A 307 -82.79 -84.15 -109.26
C ARG A 307 -82.76 -83.78 -107.78
N ALA A 308 -82.15 -82.64 -107.45
CA ALA A 308 -82.22 -82.13 -106.08
C ALA A 308 -83.49 -81.32 -105.88
N ALA A 309 -84.35 -81.77 -104.96
CA ALA A 309 -85.66 -81.16 -104.82
C ALA A 309 -86.10 -81.21 -103.36
N LYS A 310 -86.98 -80.28 -102.99
CA LYS A 310 -87.63 -80.25 -101.69
C LYS A 310 -89.05 -80.76 -101.88
N MET A 311 -89.30 -82.00 -101.48
CA MET A 311 -90.63 -82.57 -101.65
C MET A 311 -91.59 -82.01 -100.62
N ASN A 312 -92.88 -82.21 -100.87
CA ASN A 312 -93.94 -81.70 -100.02
C ASN A 312 -94.47 -82.80 -99.12
N ASP A 313 -95.49 -82.47 -98.33
CA ASP A 313 -95.96 -83.38 -97.28
C ASP A 313 -96.81 -84.52 -97.83
N ALA A 314 -97.44 -84.34 -98.99
CA ALA A 314 -98.24 -85.39 -99.59
C ALA A 314 -97.42 -86.52 -100.16
N PHE A 315 -96.13 -86.29 -100.43
CA PHE A 315 -95.24 -87.31 -100.95
C PHE A 315 -94.25 -87.84 -99.91
N GLY A 316 -94.16 -87.19 -98.75
CA GLY A 316 -93.28 -87.67 -97.71
C GLY A 316 -92.55 -86.57 -96.96
N GLY A 317 -92.29 -85.45 -97.62
CA GLY A 317 -91.55 -84.37 -96.99
C GLY A 317 -90.05 -84.50 -97.07
N GLY A 318 -89.53 -85.33 -97.96
CA GLY A 318 -88.10 -85.53 -98.08
C GLY A 318 -87.39 -84.34 -98.72
N SER A 319 -86.09 -84.52 -98.93
CA SER A 319 -85.26 -83.45 -99.48
C SER A 319 -83.99 -84.07 -100.05
N LEU A 320 -83.27 -83.25 -100.82
CA LEU A 320 -81.96 -83.60 -101.34
C LEU A 320 -81.22 -82.31 -101.62
N THR A 321 -80.02 -82.17 -101.05
CA THR A 321 -79.22 -80.97 -101.16
C THR A 321 -77.95 -81.31 -101.92
N ALA A 322 -77.56 -80.46 -102.86
CA ALA A 322 -76.47 -80.76 -103.77
C ALA A 322 -75.43 -79.65 -103.75
N LEU A 323 -74.18 -80.02 -103.49
CA LEU A 323 -73.07 -79.11 -103.49
C LEU A 323 -72.03 -79.55 -104.52
N PRO A 324 -72.01 -78.96 -105.71
CA PRO A 324 -70.96 -79.32 -106.68
C PRO A 324 -69.72 -78.46 -106.55
N VAL A 325 -68.55 -79.04 -106.79
CA VAL A 325 -67.29 -78.32 -106.75
C VAL A 325 -66.82 -78.11 -108.19
N ILE A 326 -66.36 -76.91 -108.50
CA ILE A 326 -65.91 -76.55 -109.84
C ILE A 326 -64.58 -75.81 -109.71
N GLU A 327 -63.57 -76.28 -110.44
CA GLU A 327 -62.24 -75.68 -110.44
C GLU A 327 -62.08 -74.76 -111.64
N THR A 328 -61.88 -73.48 -111.38
CA THR A 328 -61.58 -72.58 -112.48
C THR A 328 -60.09 -72.58 -112.76
N GLN A 329 -59.72 -71.92 -113.86
CA GLN A 329 -58.32 -71.74 -114.24
C GLN A 329 -58.02 -70.26 -114.32
N ALA A 330 -57.12 -69.79 -113.45
CA ALA A 330 -56.72 -68.39 -113.31
C ALA A 330 -57.91 -67.48 -112.97
N GLY A 331 -58.91 -68.01 -112.29
CA GLY A 331 -60.05 -67.22 -111.85
C GLY A 331 -60.95 -66.73 -112.96
N ASP A 332 -61.00 -67.45 -114.08
CA ASP A 332 -61.85 -67.10 -115.21
C ASP A 332 -63.09 -67.99 -115.13
N VAL A 333 -64.19 -67.43 -114.64
CA VAL A 333 -65.45 -68.14 -114.59
C VAL A 333 -66.23 -68.06 -115.89
N SER A 334 -65.71 -67.33 -116.89
CA SER A 334 -66.39 -67.15 -118.16
C SER A 334 -65.96 -68.19 -119.19
N ALA A 335 -65.52 -69.36 -118.74
CA ALA A 335 -65.18 -70.46 -119.63
C ALA A 335 -66.45 -71.20 -120.02
N TYR A 336 -66.30 -72.38 -120.60
CA TYR A 336 -67.48 -73.10 -121.06
C TYR A 336 -68.21 -73.78 -119.91
N ILE A 337 -67.53 -74.66 -119.18
CA ILE A 337 -68.13 -75.41 -118.07
C ILE A 337 -68.35 -74.52 -116.84
N PRO A 338 -67.47 -73.56 -116.46
CA PRO A 338 -67.87 -72.62 -115.39
C PRO A 338 -69.04 -71.68 -115.69
N THR A 339 -69.56 -71.63 -116.92
CA THR A 339 -70.78 -70.89 -117.18
C THR A 339 -72.00 -71.76 -117.35
N ASN A 340 -71.82 -73.05 -117.63
CA ASN A 340 -72.96 -73.95 -117.63
C ASN A 340 -73.50 -74.15 -116.22
N VAL A 341 -72.61 -74.47 -115.28
CA VAL A 341 -73.05 -74.87 -113.94
C VAL A 341 -73.40 -73.65 -113.11
N ILE A 342 -72.94 -72.45 -113.49
CA ILE A 342 -73.35 -71.25 -112.79
C ILE A 342 -74.80 -70.91 -113.10
N SER A 343 -75.22 -71.07 -114.36
CA SER A 343 -76.57 -70.71 -114.75
C SER A 343 -77.61 -71.75 -114.35
N ILE A 344 -77.18 -72.95 -113.98
CA ILE A 344 -78.10 -73.97 -113.48
C ILE A 344 -78.41 -73.78 -112.00
N THR A 345 -77.38 -73.65 -111.16
CA THR A 345 -77.57 -73.65 -109.73
C THR A 345 -78.05 -72.29 -109.24
N ASP A 346 -78.05 -72.12 -107.91
CA ASP A 346 -78.68 -70.98 -107.25
C ASP A 346 -77.68 -69.91 -106.83
N GLY A 347 -76.63 -70.28 -106.11
CA GLY A 347 -75.63 -69.32 -105.69
C GLY A 347 -74.26 -69.97 -105.60
N GLN A 348 -73.23 -69.12 -105.58
CA GLN A 348 -71.86 -69.61 -105.59
C GLN A 348 -71.13 -69.15 -104.32
N ILE A 349 -70.14 -69.93 -103.91
CA ILE A 349 -69.21 -69.53 -102.86
C ILE A 349 -67.83 -69.41 -103.50
N PHE A 350 -67.31 -68.19 -103.58
CA PHE A 350 -66.12 -67.92 -104.38
C PHE A 350 -64.90 -67.76 -103.48
N LEU A 351 -64.08 -68.81 -103.41
CA LEU A 351 -62.87 -68.83 -102.60
C LEU A 351 -61.69 -68.33 -103.44
N GLU A 352 -61.09 -67.23 -103.02
CA GLU A 352 -59.96 -66.63 -103.73
C GLU A 352 -58.65 -67.15 -103.17
N THR A 353 -57.55 -66.86 -103.87
CA THR A 353 -56.24 -67.29 -103.41
C THR A 353 -55.49 -66.13 -102.75
N GLU A 354 -55.87 -64.89 -103.08
CA GLU A 354 -55.25 -63.72 -102.49
C GLU A 354 -55.60 -63.60 -101.01
N LEU A 355 -56.85 -63.87 -100.64
CA LEU A 355 -57.26 -63.74 -99.25
C LEU A 355 -56.75 -64.91 -98.42
N PHE A 356 -56.35 -66.01 -99.06
CA PHE A 356 -55.86 -67.16 -98.32
C PHE A 356 -54.50 -66.88 -97.69
N TYR A 357 -53.69 -66.06 -98.34
CA TYR A 357 -52.36 -65.74 -97.84
C TYR A 357 -52.30 -64.44 -97.07
N LYS A 358 -53.35 -63.62 -97.13
CA LYS A 358 -53.47 -62.42 -96.32
C LYS A 358 -54.01 -62.71 -94.92
N GLY A 359 -54.27 -63.97 -94.61
CA GLY A 359 -54.70 -64.35 -93.29
C GLY A 359 -56.15 -64.76 -93.16
N ILE A 360 -56.99 -64.49 -94.16
CA ILE A 360 -58.41 -64.80 -94.11
C ILE A 360 -58.58 -66.27 -94.47
N ARG A 361 -58.83 -67.10 -93.46
CA ARG A 361 -59.03 -68.53 -93.67
C ARG A 361 -60.22 -68.98 -92.83
N PRO A 362 -61.29 -69.52 -93.45
CA PRO A 362 -61.62 -69.80 -94.86
C PRO A 362 -61.79 -68.56 -95.72
N ALA A 363 -61.25 -68.60 -96.93
CA ALA A 363 -61.06 -67.41 -97.75
C ALA A 363 -62.28 -67.16 -98.62
N ILE A 364 -63.44 -66.99 -97.99
CA ILE A 364 -64.68 -66.76 -98.71
C ILE A 364 -64.79 -65.29 -99.04
N ASN A 365 -64.93 -64.97 -100.32
CA ASN A 365 -65.20 -63.61 -100.75
C ASN A 365 -66.70 -63.39 -100.67
N VAL A 366 -67.13 -62.48 -99.80
CA VAL A 366 -68.56 -62.23 -99.64
C VAL A 366 -69.01 -61.09 -100.54
N GLY A 367 -68.09 -60.56 -101.35
CA GLY A 367 -68.48 -59.56 -102.33
C GLY A 367 -69.12 -60.18 -103.56
N LEU A 368 -68.72 -61.40 -103.89
CA LEU A 368 -69.19 -62.07 -105.10
C LEU A 368 -70.03 -63.30 -104.82
N SER A 369 -70.18 -63.69 -103.55
CA SER A 369 -70.96 -64.86 -103.17
C SER A 369 -72.40 -64.45 -102.93
N VAL A 370 -73.34 -65.19 -103.51
CA VAL A 370 -74.76 -64.90 -103.34
C VAL A 370 -75.50 -66.20 -103.06
N SER A 371 -76.76 -66.05 -102.66
CA SER A 371 -77.68 -67.17 -102.48
C SER A 371 -79.08 -66.64 -102.71
N ARG A 372 -79.83 -67.29 -103.61
CA ARG A 372 -81.10 -66.70 -104.04
C ARG A 372 -82.29 -67.36 -103.38
N VAL A 373 -82.06 -68.21 -102.37
CA VAL A 373 -83.15 -68.48 -101.43
C VAL A 373 -83.19 -67.38 -100.38
N GLY A 374 -82.12 -66.62 -100.26
CA GLY A 374 -82.08 -65.46 -99.41
C GLY A 374 -82.05 -65.79 -97.93
N SER A 375 -82.72 -64.93 -97.17
CA SER A 375 -82.82 -65.07 -95.72
C SER A 375 -83.92 -66.00 -95.28
N ALA A 376 -84.61 -66.68 -96.21
CA ALA A 376 -85.70 -67.57 -95.85
C ALA A 376 -85.23 -68.95 -95.41
N ALA A 377 -83.93 -69.16 -95.25
CA ALA A 377 -83.39 -70.42 -94.77
C ALA A 377 -82.60 -70.24 -93.48
N GLN A 378 -82.61 -69.05 -92.91
CA GLN A 378 -81.96 -68.78 -91.63
C GLN A 378 -82.99 -68.93 -90.51
N THR A 379 -82.50 -69.33 -89.33
CA THR A 379 -83.35 -69.32 -88.15
C THR A 379 -83.61 -67.89 -87.71
N ARG A 380 -84.58 -67.73 -86.80
CA ARG A 380 -84.96 -66.40 -86.34
C ARG A 380 -83.88 -65.74 -85.49
N ALA A 381 -83.05 -66.52 -84.80
CA ALA A 381 -81.97 -65.95 -84.02
C ALA A 381 -80.86 -65.42 -84.92
N MET A 382 -80.44 -66.23 -85.90
CA MET A 382 -79.34 -65.84 -86.78
C MET A 382 -79.75 -64.72 -87.72
N LYS A 383 -81.04 -64.65 -88.07
CA LYS A 383 -81.50 -63.66 -89.04
C LYS A 383 -81.46 -62.26 -88.46
N GLN A 384 -81.62 -62.13 -87.14
CA GLN A 384 -81.78 -60.82 -86.53
C GLN A 384 -80.45 -60.08 -86.43
N VAL A 385 -79.38 -60.80 -86.12
CA VAL A 385 -78.08 -60.15 -85.94
C VAL A 385 -77.34 -60.04 -87.26
N ALA A 386 -77.50 -61.01 -88.15
CA ALA A 386 -76.69 -61.03 -89.36
C ALA A 386 -77.26 -60.11 -90.43
N GLY A 387 -78.48 -59.62 -90.24
CA GLY A 387 -79.04 -58.68 -91.18
C GLY A 387 -78.36 -57.32 -91.10
N THR A 388 -77.83 -56.99 -89.93
CA THR A 388 -77.09 -55.74 -89.78
C THR A 388 -75.62 -55.95 -90.10
N MET A 389 -75.11 -57.15 -89.81
CA MET A 389 -73.72 -57.50 -90.11
C MET A 389 -73.46 -57.49 -91.61
N LYS A 390 -74.41 -58.01 -92.40
CA LYS A 390 -74.32 -57.97 -93.85
C LYS A 390 -74.32 -56.54 -94.37
N LEU A 391 -75.10 -55.66 -93.73
CA LEU A 391 -75.08 -54.25 -94.10
C LEU A 391 -73.81 -53.55 -93.59
N GLU A 392 -73.30 -54.00 -92.45
CA GLU A 392 -72.10 -53.37 -91.88
C GLU A 392 -70.85 -53.73 -92.67
N LEU A 393 -70.73 -55.00 -93.09
CA LEU A 393 -69.58 -55.43 -93.87
C LEU A 393 -69.60 -54.84 -95.26
N ALA A 394 -70.79 -54.64 -95.84
CA ALA A 394 -70.90 -54.09 -97.19
C ALA A 394 -70.54 -52.62 -97.23
N GLN A 395 -70.69 -51.92 -96.10
CA GLN A 395 -70.23 -50.54 -96.04
C GLN A 395 -68.73 -50.46 -95.84
N TYR A 396 -68.13 -51.52 -95.31
CA TYR A 396 -66.68 -51.56 -95.12
C TYR A 396 -65.97 -51.78 -96.44
N ARG A 397 -66.53 -52.64 -97.31
CA ARG A 397 -65.86 -52.99 -98.55
C ARG A 397 -65.87 -51.83 -99.54
N GLU A 398 -66.75 -50.86 -99.32
CA GLU A 398 -66.70 -49.62 -100.10
C GLU A 398 -65.46 -48.81 -99.74
N VAL A 399 -65.09 -48.79 -98.46
CA VAL A 399 -64.02 -47.93 -97.98
C VAL A 399 -62.79 -48.74 -97.58
N ALA A 400 -62.57 -49.89 -98.21
CA ALA A 400 -61.37 -50.66 -97.90
C ALA A 400 -60.13 -50.05 -98.55
N ALA A 401 -60.30 -49.26 -99.60
CA ALA A 401 -59.18 -48.67 -100.33
C ALA A 401 -58.63 -47.41 -99.66
N PHE A 402 -59.21 -46.97 -98.55
CA PHE A 402 -58.70 -45.82 -97.82
C PHE A 402 -57.89 -46.23 -96.59
N ALA A 403 -57.73 -47.53 -96.33
CA ALA A 403 -57.09 -47.98 -95.11
C ALA A 403 -55.57 -47.84 -95.17
N GLN A 404 -54.98 -47.91 -96.36
CA GLN A 404 -53.52 -47.94 -96.46
C GLN A 404 -52.91 -46.58 -96.13
N PHE A 405 -53.55 -45.49 -96.57
CA PHE A 405 -53.20 -44.15 -96.11
C PHE A 405 -54.48 -43.43 -95.69
N GLY A 406 -54.92 -43.69 -94.47
CA GLY A 406 -56.00 -42.91 -93.91
C GLY A 406 -55.80 -42.53 -92.45
N SER A 407 -55.63 -41.24 -92.21
CA SER A 407 -55.80 -40.67 -90.87
C SER A 407 -56.53 -39.35 -90.89
N ASP A 408 -56.65 -38.72 -92.05
CA ASP A 408 -57.35 -37.44 -92.23
C ASP A 408 -58.74 -37.67 -92.83
N LEU A 409 -59.57 -38.40 -92.10
CA LEU A 409 -60.92 -38.70 -92.55
C LEU A 409 -61.91 -38.41 -91.43
N ASP A 410 -63.19 -38.54 -91.76
CA ASP A 410 -64.23 -38.24 -90.80
C ASP A 410 -64.36 -39.38 -89.78
N ALA A 411 -64.88 -39.02 -88.60
CA ALA A 411 -64.96 -39.97 -87.49
C ALA A 411 -65.96 -41.09 -87.76
N ALA A 412 -66.92 -40.85 -88.66
CA ALA A 412 -67.78 -41.93 -89.11
C ALA A 412 -67.01 -42.90 -89.99
N THR A 413 -66.13 -42.38 -90.85
CA THR A 413 -65.34 -43.25 -91.72
C THR A 413 -64.28 -44.01 -90.93
N GLN A 414 -63.72 -43.38 -89.89
CA GLN A 414 -62.81 -44.10 -89.00
C GLN A 414 -63.56 -45.16 -88.20
N GLN A 415 -64.84 -44.92 -87.92
CA GLN A 415 -65.65 -45.93 -87.24
C GLN A 415 -65.98 -47.09 -88.17
N LEU A 416 -66.27 -46.77 -89.44
CA LEU A 416 -66.61 -47.81 -90.41
C LEU A 416 -65.45 -48.73 -90.70
N LEU A 417 -64.23 -48.19 -90.64
CA LEU A 417 -63.04 -49.04 -90.72
C LEU A 417 -62.85 -49.84 -89.44
N SER A 418 -63.22 -49.26 -88.30
CA SER A 418 -62.95 -49.90 -87.02
C SER A 418 -63.85 -51.11 -86.79
N ARG A 419 -65.07 -51.07 -87.32
CA ARG A 419 -65.97 -52.21 -87.14
C ARG A 419 -65.72 -53.28 -88.21
N GLY A 420 -65.23 -52.86 -89.38
CA GLY A 420 -65.04 -53.81 -90.45
C GLY A 420 -63.87 -54.75 -90.23
N VAL A 421 -62.81 -54.25 -89.57
CA VAL A 421 -61.67 -55.11 -89.25
C VAL A 421 -62.04 -56.11 -88.16
N ARG A 422 -62.82 -55.65 -87.18
CA ARG A 422 -63.12 -56.52 -86.04
C ARG A 422 -64.21 -57.52 -86.35
N LEU A 423 -65.07 -57.21 -87.33
CA LEU A 423 -66.04 -58.20 -87.78
C LEU A 423 -65.37 -59.26 -88.63
N THR A 424 -64.25 -58.92 -89.27
CA THR A 424 -63.53 -59.87 -90.09
C THR A 424 -62.86 -60.94 -89.24
N GLU A 425 -62.34 -60.55 -88.08
CA GLU A 425 -61.63 -61.48 -87.20
C GLU A 425 -62.60 -62.49 -86.58
N LEU A 426 -63.88 -62.15 -86.51
CA LEU A 426 -64.87 -63.11 -86.04
C LEU A 426 -65.15 -64.17 -87.10
N LEU A 427 -64.84 -63.88 -88.37
CA LEU A 427 -65.22 -64.76 -89.45
C LEU A 427 -64.15 -65.83 -89.71
N LYS A 428 -62.92 -65.59 -89.24
CA LYS A 428 -61.85 -66.57 -89.41
C LYS A 428 -62.08 -67.77 -88.52
N GLN A 429 -61.63 -68.93 -88.97
CA GLN A 429 -61.98 -70.18 -88.30
C GLN A 429 -60.97 -71.25 -88.67
N GLY A 430 -60.51 -72.00 -87.67
CA GLY A 430 -59.60 -73.08 -87.93
C GLY A 430 -60.26 -74.26 -88.59
N GLN A 431 -59.43 -75.19 -89.07
CA GLN A 431 -59.93 -76.34 -89.79
C GLN A 431 -60.41 -77.41 -88.82
N TYR A 432 -61.46 -78.13 -89.24
CA TYR A 432 -62.09 -79.24 -88.49
C TYR A 432 -62.64 -78.80 -87.14
N ALA A 433 -63.11 -77.55 -87.04
CA ALA A 433 -63.78 -77.06 -85.84
C ALA A 433 -65.11 -76.44 -86.24
N PRO A 434 -66.15 -77.25 -86.44
CA PRO A 434 -67.47 -76.68 -86.74
C PRO A 434 -68.26 -76.32 -85.49
N MET A 435 -68.93 -75.18 -85.51
CA MET A 435 -69.58 -74.67 -84.31
C MET A 435 -71.07 -74.98 -84.32
N ALA A 436 -71.77 -74.48 -83.30
CA ALA A 436 -73.21 -74.59 -83.22
C ALA A 436 -73.84 -73.23 -83.52
N ILE A 437 -75.12 -73.25 -83.91
CA ILE A 437 -75.78 -72.02 -84.29
C ILE A 437 -76.04 -71.13 -83.07
N GLU A 438 -76.23 -71.75 -81.90
CA GLU A 438 -76.44 -70.97 -80.68
C GLU A 438 -75.15 -70.33 -80.21
N GLU A 439 -74.01 -70.98 -80.47
CA GLU A 439 -72.72 -70.35 -80.16
C GLU A 439 -72.33 -69.35 -81.22
N GLN A 440 -72.81 -69.56 -82.46
CA GLN A 440 -72.50 -68.63 -83.54
C GLN A 440 -73.20 -67.31 -83.36
N VAL A 441 -74.45 -67.34 -82.88
CA VAL A 441 -75.23 -66.10 -82.77
C VAL A 441 -74.71 -65.26 -81.60
N ALA A 442 -74.11 -65.91 -80.59
CA ALA A 442 -73.59 -65.17 -79.44
C ALA A 442 -72.34 -64.38 -79.79
N VAL A 443 -71.47 -64.95 -80.62
CA VAL A 443 -70.23 -64.29 -81.01
C VAL A 443 -70.52 -63.12 -81.95
N ILE A 444 -71.50 -63.28 -82.83
CA ILE A 444 -71.91 -62.18 -83.71
C ILE A 444 -72.58 -61.09 -82.90
N TYR A 445 -73.35 -61.46 -81.88
CA TYR A 445 -74.02 -60.48 -81.02
C TYR A 445 -73.02 -59.67 -80.21
N ALA A 446 -71.86 -60.27 -79.90
CA ALA A 446 -70.83 -59.54 -79.18
C ALA A 446 -70.18 -58.49 -80.08
N GLY A 447 -70.22 -58.70 -81.39
CA GLY A 447 -69.49 -57.82 -82.28
C GLY A 447 -70.36 -56.73 -82.90
N VAL A 448 -71.60 -57.08 -83.28
CA VAL A 448 -72.41 -56.14 -84.04
C VAL A 448 -73.02 -55.07 -83.14
N ARG A 449 -73.05 -55.30 -81.83
CA ARG A 449 -73.64 -54.33 -80.93
C ARG A 449 -72.69 -53.16 -80.68
N GLY A 450 -71.40 -53.44 -80.53
CA GLY A 450 -70.45 -52.38 -80.30
C GLY A 450 -69.55 -52.66 -79.11
N TYR A 451 -69.54 -53.92 -78.66
CA TYR A 451 -68.79 -54.31 -77.47
C TYR A 451 -67.33 -54.64 -77.77
N LEU A 452 -66.83 -54.28 -78.95
CA LEU A 452 -65.46 -54.62 -79.29
C LEU A 452 -64.64 -53.47 -79.86
N ASP A 453 -65.17 -52.27 -79.98
CA ASP A 453 -64.46 -51.18 -80.64
C ASP A 453 -63.33 -50.59 -79.81
N LYS A 454 -63.15 -51.04 -78.58
CA LYS A 454 -62.02 -50.63 -77.76
C LYS A 454 -60.98 -51.71 -77.59
N LEU A 455 -61.32 -52.97 -77.83
CA LEU A 455 -60.34 -54.04 -77.81
C LEU A 455 -59.45 -53.95 -79.05
N GLU A 456 -58.18 -54.27 -78.86
CA GLU A 456 -57.16 -54.19 -79.90
C GLU A 456 -57.42 -55.23 -80.98
N PRO A 457 -57.25 -54.88 -82.26
CA PRO A 457 -57.62 -55.80 -83.35
C PRO A 457 -56.86 -57.11 -83.40
N SER A 458 -55.71 -57.21 -82.75
CA SER A 458 -55.00 -58.48 -82.71
C SER A 458 -55.55 -59.43 -81.64
N LYS A 459 -56.35 -58.92 -80.70
CA LYS A 459 -56.79 -59.75 -79.58
C LYS A 459 -58.17 -60.34 -79.81
N ILE A 460 -58.77 -60.12 -80.99
CA ILE A 460 -60.15 -60.52 -81.21
C ILE A 460 -60.26 -62.04 -81.34
N THR A 461 -59.17 -62.69 -81.70
CA THR A 461 -59.17 -64.16 -81.75
C THR A 461 -59.01 -64.75 -80.36
N LYS A 462 -58.11 -64.18 -79.55
CA LYS A 462 -57.89 -64.69 -78.20
C LYS A 462 -59.08 -64.41 -77.30
N PHE A 463 -59.77 -63.28 -77.52
CA PHE A 463 -60.98 -62.97 -76.76
C PHE A 463 -62.10 -63.95 -77.07
N GLU A 464 -62.16 -64.43 -78.32
CA GLU A 464 -63.27 -65.25 -78.75
C GLU A 464 -63.15 -66.68 -78.23
N ASN A 465 -61.93 -67.22 -78.23
CA ASN A 465 -61.73 -68.57 -77.72
C ASN A 465 -61.86 -68.60 -76.20
N ALA A 466 -61.56 -67.49 -75.54
CA ALA A 466 -61.79 -67.40 -74.10
C ALA A 466 -63.27 -67.30 -73.79
N PHE A 467 -64.01 -66.53 -74.60
CA PHE A 467 -65.42 -66.26 -74.29
C PHE A 467 -66.30 -67.46 -74.58
N LEU A 468 -65.92 -68.27 -75.56
CA LEU A 468 -66.75 -69.42 -75.93
C LEU A 468 -66.65 -70.53 -74.91
N SER A 469 -65.45 -70.75 -74.34
CA SER A 469 -65.30 -71.80 -73.34
C SER A 469 -65.93 -71.39 -72.02
N HIS A 470 -66.17 -70.10 -71.82
CA HIS A 470 -66.89 -69.62 -70.65
C HIS A 470 -68.36 -69.98 -70.72
N VAL A 471 -69.01 -69.66 -71.85
CA VAL A 471 -70.47 -69.72 -71.91
C VAL A 471 -70.95 -71.15 -72.13
N ILE A 472 -70.04 -72.07 -72.45
CA ILE A 472 -70.43 -73.47 -72.54
C ILE A 472 -70.63 -74.06 -71.15
N SER A 473 -69.74 -73.72 -70.21
CA SER A 473 -69.80 -74.34 -68.90
C SER A 473 -70.62 -73.51 -67.92
N GLN A 474 -70.54 -72.18 -68.01
CA GLN A 474 -71.17 -71.32 -67.02
C GLN A 474 -72.47 -70.70 -67.48
N HIS A 475 -72.82 -70.80 -68.76
CA HIS A 475 -74.12 -70.31 -69.20
C HIS A 475 -74.78 -71.32 -70.13
N GLN A 476 -74.81 -72.58 -69.71
CA GLN A 476 -75.40 -73.64 -70.52
C GLN A 476 -76.91 -73.49 -70.63
N ALA A 477 -77.53 -72.87 -69.62
CA ALA A 477 -78.98 -72.73 -69.63
C ALA A 477 -79.46 -71.55 -70.46
N LEU A 478 -78.54 -70.78 -71.05
CA LEU A 478 -78.96 -69.78 -72.02
C LEU A 478 -78.87 -70.31 -73.44
N LEU A 479 -77.90 -71.19 -73.71
CA LEU A 479 -77.77 -71.84 -75.01
C LEU A 479 -78.63 -73.09 -75.13
N GLY A 480 -79.67 -73.19 -74.32
CA GLY A 480 -80.72 -74.17 -74.51
C GLY A 480 -82.03 -73.44 -74.74
N LYS A 481 -82.03 -72.14 -74.46
CA LYS A 481 -83.17 -71.28 -74.72
C LYS A 481 -82.97 -70.41 -75.95
N ILE A 482 -81.92 -70.65 -76.73
CA ILE A 482 -81.85 -70.20 -78.10
C ILE A 482 -81.87 -71.38 -79.07
N ARG A 483 -81.45 -72.56 -78.64
CA ARG A 483 -81.53 -73.75 -79.49
C ARG A 483 -82.96 -74.24 -79.62
N ALA A 484 -83.70 -74.28 -78.50
CA ALA A 484 -85.06 -74.80 -78.50
C ALA A 484 -86.08 -73.73 -78.88
N ASP A 485 -85.85 -72.48 -78.47
CA ASP A 485 -86.74 -71.39 -78.84
C ASP A 485 -86.66 -71.10 -80.33
N GLY A 486 -85.45 -71.10 -80.89
CA GLY A 486 -85.23 -70.70 -82.25
C GLY A 486 -85.04 -69.22 -82.45
N LYS A 487 -85.74 -68.38 -81.70
CA LYS A 487 -85.63 -66.94 -81.78
C LYS A 487 -84.93 -66.43 -80.53
N ILE A 488 -84.63 -65.14 -80.53
CA ILE A 488 -84.01 -64.49 -79.39
C ILE A 488 -84.97 -63.41 -78.90
N SER A 489 -85.48 -63.60 -77.69
CA SER A 489 -86.57 -62.80 -77.18
C SER A 489 -86.04 -61.55 -76.48
N GLU A 490 -86.94 -60.91 -75.72
CA GLU A 490 -86.54 -59.73 -74.95
C GLU A 490 -85.94 -60.14 -73.61
N GLU A 491 -86.36 -61.29 -73.07
CA GLU A 491 -85.77 -61.81 -71.85
C GLU A 491 -84.33 -62.26 -72.08
N THR A 492 -84.07 -62.91 -73.22
CA THR A 492 -82.72 -63.36 -73.53
C THR A 492 -81.85 -62.23 -74.04
N ASP A 493 -82.47 -61.12 -74.47
CA ASP A 493 -81.69 -59.98 -74.94
C ASP A 493 -81.02 -59.26 -73.78
N ALA A 494 -81.70 -59.17 -72.64
CA ALA A 494 -81.08 -58.59 -71.45
C ALA A 494 -80.13 -59.57 -70.80
N LYS A 495 -80.46 -60.85 -70.82
CA LYS A 495 -79.64 -61.86 -70.16
C LYS A 495 -78.31 -62.05 -70.86
N LEU A 496 -78.29 -61.92 -72.20
CA LEU A 496 -77.02 -61.92 -72.92
C LEU A 496 -76.27 -60.61 -72.77
N LYS A 497 -76.97 -59.54 -72.35
CA LYS A 497 -76.36 -58.23 -72.37
C LYS A 497 -75.37 -58.05 -71.22
N GLU A 498 -75.70 -58.56 -70.03
CA GLU A 498 -74.75 -58.42 -68.92
C GLU A 498 -73.67 -59.49 -68.98
N ILE A 499 -73.84 -60.50 -69.82
CA ILE A 499 -72.85 -61.57 -69.91
C ILE A 499 -71.59 -61.07 -70.60
N VAL A 500 -71.75 -60.38 -71.74
CA VAL A 500 -70.60 -59.88 -72.47
C VAL A 500 -70.07 -58.59 -71.84
N THR A 501 -70.80 -58.04 -70.86
CA THR A 501 -70.27 -56.91 -70.12
C THR A 501 -69.51 -57.37 -68.89
N ASN A 502 -69.90 -58.52 -68.34
CA ASN A 502 -69.17 -59.11 -67.22
C ASN A 502 -67.83 -59.67 -67.67
N PHE A 503 -67.80 -60.30 -68.85
CA PHE A 503 -66.56 -60.91 -69.32
C PHE A 503 -65.58 -59.86 -69.82
N LEU A 504 -66.09 -58.79 -70.46
CA LEU A 504 -65.22 -57.77 -71.02
C LEU A 504 -64.59 -56.92 -69.92
N ALA A 505 -65.23 -56.83 -68.76
CA ALA A 505 -64.73 -55.99 -67.68
C ALA A 505 -63.43 -56.55 -67.10
N GLY A 506 -63.46 -57.74 -66.53
CA GLY A 506 -62.22 -58.43 -66.24
C GLY A 506 -61.91 -59.45 -67.30
N PHE A 507 -61.10 -59.07 -68.29
CA PHE A 507 -60.74 -60.00 -69.36
C PHE A 507 -59.23 -60.14 -69.44
N GLU A 508 -58.53 -59.02 -69.49
CA GLU A 508 -57.09 -59.00 -69.77
C GLU A 508 -56.35 -59.42 -68.51
N ALA A 509 -55.93 -60.69 -68.48
CA ALA A 509 -55.18 -61.21 -67.34
C ALA A 509 -54.22 -62.31 -67.78
N LYS B 1 -65.48 -92.57 -150.66
CA LYS B 1 -65.89 -92.84 -152.04
C LYS B 1 -67.10 -93.78 -152.06
N THR B 2 -68.28 -93.21 -151.94
CA THR B 2 -69.52 -93.98 -151.98
C THR B 2 -70.52 -93.48 -153.00
N GLY B 3 -70.34 -92.29 -153.55
CA GLY B 3 -71.20 -91.78 -154.60
C GLY B 3 -72.52 -91.23 -154.11
N THR B 4 -72.92 -90.08 -154.63
CA THR B 4 -74.22 -89.52 -154.26
C THR B 4 -75.35 -90.27 -154.95
N ALA B 5 -75.15 -90.67 -156.19
CA ALA B 5 -76.16 -91.36 -156.99
C ALA B 5 -75.82 -92.83 -157.15
N GLU B 6 -75.30 -93.44 -156.07
CA GLU B 6 -75.16 -94.88 -155.98
C GLU B 6 -76.30 -95.50 -155.18
N VAL B 7 -77.38 -94.77 -154.97
CA VAL B 7 -78.48 -95.27 -154.16
C VAL B 7 -79.31 -96.28 -154.97
N SER B 8 -80.10 -97.07 -154.26
CA SER B 8 -80.84 -98.17 -154.87
C SER B 8 -82.02 -97.69 -155.71
N SER B 9 -82.51 -96.48 -155.50
CA SER B 9 -83.61 -95.96 -156.31
C SER B 9 -83.15 -95.48 -157.68
N ILE B 10 -81.85 -95.32 -157.90
CA ILE B 10 -81.34 -94.95 -159.21
C ILE B 10 -80.65 -96.12 -159.90
N LEU B 11 -80.07 -97.06 -159.14
CA LEU B 11 -79.56 -98.28 -159.73
C LEU B 11 -80.69 -99.15 -160.29
N GLU B 12 -81.87 -99.09 -159.68
CA GLU B 12 -83.01 -99.88 -160.15
C GLU B 12 -83.53 -99.40 -161.49
N GLU B 13 -83.42 -98.11 -161.79
CA GLU B 13 -83.80 -97.62 -163.12
C GLU B 13 -82.85 -98.14 -164.20
N ARG B 14 -81.60 -98.42 -163.83
CA ARG B 14 -80.62 -98.89 -164.80
C ARG B 14 -80.60 -100.41 -164.89
N ILE B 15 -80.84 -101.11 -163.79
CA ILE B 15 -80.67 -102.56 -163.76
C ILE B 15 -81.92 -103.28 -164.27
N LEU B 16 -83.04 -102.58 -164.41
CA LEU B 16 -84.27 -103.15 -164.92
C LEU B 16 -84.58 -102.64 -166.32
N GLY B 17 -83.55 -102.54 -167.15
CA GLY B 17 -83.69 -101.99 -168.49
C GLY B 17 -83.62 -100.48 -168.48
N ALA B 18 -82.90 -99.90 -169.46
CA ALA B 18 -82.79 -98.45 -169.58
C ALA B 18 -84.16 -97.89 -169.95
N ASP B 19 -84.81 -97.26 -168.98
CA ASP B 19 -86.24 -96.98 -169.08
C ASP B 19 -86.49 -95.79 -170.01
N THR B 20 -87.60 -95.87 -170.75
CA THR B 20 -87.89 -94.89 -171.79
C THR B 20 -88.79 -93.76 -171.30
N SER B 21 -89.70 -94.04 -170.37
CA SER B 21 -90.63 -93.01 -169.92
C SER B 21 -90.10 -92.23 -168.72
N VAL B 22 -88.84 -91.83 -168.83
CA VAL B 22 -88.21 -90.82 -167.98
C VAL B 22 -87.39 -89.95 -168.91
N ASP B 23 -87.49 -88.62 -168.73
CA ASP B 23 -86.88 -87.72 -169.69
C ASP B 23 -85.36 -87.70 -169.54
N LEU B 24 -84.87 -87.30 -168.36
CA LEU B 24 -83.46 -87.22 -167.99
C LEU B 24 -82.65 -86.27 -168.87
N GLU B 25 -83.29 -85.34 -169.55
CA GLU B 25 -82.60 -84.31 -170.32
C GLU B 25 -83.10 -82.91 -170.05
N GLU B 26 -84.39 -82.72 -169.76
CA GLU B 26 -84.94 -81.44 -169.38
C GLU B 26 -85.61 -81.46 -168.02
N THR B 27 -85.88 -82.63 -167.44
CA THR B 27 -86.48 -82.74 -166.11
C THR B 27 -85.77 -83.81 -165.31
N GLY B 28 -85.60 -83.56 -164.03
CA GLY B 28 -85.00 -84.52 -163.12
C GLY B 28 -85.72 -84.62 -161.80
N ARG B 29 -85.22 -85.46 -160.90
CA ARG B 29 -85.83 -85.68 -159.60
C ARG B 29 -85.07 -84.90 -158.53
N VAL B 30 -85.41 -85.12 -157.26
CA VAL B 30 -84.69 -84.53 -156.14
C VAL B 30 -84.30 -85.66 -155.19
N LEU B 31 -82.99 -85.82 -154.97
CA LEU B 31 -82.51 -86.92 -154.14
C LEU B 31 -82.48 -86.58 -152.66
N SER B 32 -82.13 -85.35 -152.31
CA SER B 32 -82.04 -84.95 -150.92
C SER B 32 -82.19 -83.44 -150.81
N ILE B 33 -82.58 -82.98 -149.63
CA ILE B 33 -82.92 -81.59 -149.39
C ILE B 33 -82.85 -81.36 -147.88
N GLY B 34 -82.54 -80.13 -147.48
CA GLY B 34 -82.67 -79.75 -146.09
C GLY B 34 -81.66 -78.75 -145.58
N ASP B 35 -80.47 -78.71 -146.17
CA ASP B 35 -79.45 -77.75 -145.79
C ASP B 35 -79.42 -76.55 -146.71
N GLY B 36 -80.56 -76.14 -147.25
CA GLY B 36 -80.49 -75.18 -148.32
C GLY B 36 -80.55 -75.86 -149.67
N ILE B 37 -79.37 -76.20 -150.21
CA ILE B 37 -79.24 -76.81 -151.53
C ILE B 37 -79.97 -78.15 -151.60
N ALA B 38 -80.35 -78.52 -152.82
CA ALA B 38 -80.96 -79.79 -153.13
C ALA B 38 -80.08 -80.56 -154.08
N ARG B 39 -80.13 -81.88 -154.00
CA ARG B 39 -79.34 -82.75 -154.87
C ARG B 39 -80.26 -83.31 -155.95
N VAL B 40 -80.18 -82.74 -157.14
CA VAL B 40 -81.09 -83.06 -158.23
C VAL B 40 -80.39 -84.03 -159.18
N HIS B 41 -81.00 -85.18 -159.42
CA HIS B 41 -80.45 -86.18 -160.33
C HIS B 41 -81.08 -86.02 -161.71
N GLY B 42 -80.23 -86.05 -162.74
CA GLY B 42 -80.71 -85.84 -164.09
C GLY B 42 -80.36 -84.45 -164.57
N LEU B 43 -81.25 -83.86 -165.39
CA LEU B 43 -81.13 -82.49 -165.92
C LEU B 43 -79.82 -82.29 -166.69
N ARG B 44 -79.60 -83.19 -167.65
CA ARG B 44 -78.32 -83.27 -168.34
C ARG B 44 -78.09 -82.16 -169.35
N ASN B 45 -79.00 -81.21 -169.50
CA ASN B 45 -78.78 -80.07 -170.39
C ASN B 45 -78.86 -78.74 -169.65
N VAL B 46 -78.69 -78.74 -168.33
CA VAL B 46 -78.79 -77.52 -167.56
C VAL B 46 -77.52 -76.70 -167.78
N GLN B 47 -77.65 -75.38 -167.77
CA GLN B 47 -76.48 -74.52 -167.80
C GLN B 47 -76.03 -74.20 -166.38
N ALA B 48 -74.95 -73.45 -166.27
CA ALA B 48 -74.55 -72.92 -164.98
C ALA B 48 -75.23 -71.58 -164.75
N GLU B 49 -75.69 -71.36 -163.51
CA GLU B 49 -76.47 -70.19 -163.10
C GLU B 49 -77.73 -70.04 -163.95
N GLU B 50 -78.49 -71.11 -164.09
CA GLU B 50 -79.74 -71.10 -164.84
C GLU B 50 -80.88 -71.39 -163.89
N MET B 51 -81.93 -70.56 -163.93
CA MET B 51 -83.06 -70.72 -163.04
C MET B 51 -83.89 -71.93 -163.43
N VAL B 52 -84.24 -72.74 -162.43
CA VAL B 52 -85.13 -73.87 -162.63
C VAL B 52 -86.41 -73.62 -161.84
N GLU B 53 -87.38 -74.52 -162.00
CA GLU B 53 -88.66 -74.42 -161.33
C GLU B 53 -89.02 -75.74 -160.67
N PHE B 54 -89.41 -75.70 -159.41
CA PHE B 54 -89.83 -76.89 -158.70
C PHE B 54 -91.32 -77.14 -158.93
N SER B 55 -91.79 -78.29 -158.45
CA SER B 55 -93.19 -78.65 -158.63
C SER B 55 -94.08 -77.92 -157.62
N SER B 56 -93.48 -77.31 -156.60
CA SER B 56 -94.25 -76.54 -155.63
C SER B 56 -94.42 -75.09 -156.06
N GLY B 57 -93.72 -74.66 -157.10
CA GLY B 57 -93.76 -73.27 -157.52
C GLY B 57 -92.60 -72.41 -157.08
N LEU B 58 -91.52 -73.02 -156.59
CA LEU B 58 -90.36 -72.28 -156.13
C LEU B 58 -89.32 -72.21 -157.24
N LYS B 59 -88.70 -71.04 -157.39
CA LYS B 59 -87.57 -70.92 -158.30
C LYS B 59 -86.30 -71.36 -157.60
N GLY B 60 -85.35 -71.87 -158.38
CA GLY B 60 -84.06 -72.27 -157.84
C GLY B 60 -82.98 -72.06 -158.88
N MET B 61 -81.78 -71.75 -158.40
CA MET B 61 -80.65 -71.43 -159.26
C MET B 61 -79.70 -72.62 -159.32
N SER B 62 -79.26 -72.95 -160.53
CA SER B 62 -78.35 -74.06 -160.75
C SER B 62 -76.91 -73.59 -160.49
N LEU B 63 -76.41 -73.93 -159.31
CA LEU B 63 -75.15 -73.35 -158.86
C LEU B 63 -73.97 -74.24 -159.22
N ASN B 64 -74.10 -75.54 -159.01
CA ASN B 64 -72.96 -76.45 -158.93
C ASN B 64 -73.25 -77.71 -159.73
N LEU B 65 -72.57 -77.86 -160.86
CA LEU B 65 -72.77 -78.99 -161.76
C LEU B 65 -71.70 -80.04 -161.49
N GLU B 66 -72.13 -81.30 -161.43
CA GLU B 66 -71.27 -82.42 -161.12
C GLU B 66 -71.55 -83.54 -162.11
N PRO B 67 -70.68 -84.55 -162.20
CA PRO B 67 -70.98 -85.67 -163.10
C PRO B 67 -72.16 -86.53 -162.66
N ASP B 68 -72.52 -86.49 -161.38
CA ASP B 68 -73.70 -87.23 -160.94
C ASP B 68 -74.93 -86.35 -160.87
N ASN B 69 -74.86 -85.25 -160.13
CA ASN B 69 -76.05 -84.52 -159.75
C ASN B 69 -75.86 -83.04 -160.01
N VAL B 70 -76.90 -82.27 -159.69
CA VAL B 70 -76.89 -80.82 -159.74
C VAL B 70 -77.28 -80.31 -158.37
N GLY B 71 -76.58 -79.29 -157.88
CA GLY B 71 -76.90 -78.64 -156.61
C GLY B 71 -77.63 -77.33 -156.85
N VAL B 72 -78.90 -77.28 -156.46
CA VAL B 72 -79.78 -76.16 -156.74
C VAL B 72 -79.96 -75.34 -155.47
N VAL B 73 -79.58 -74.07 -155.53
CA VAL B 73 -79.83 -73.15 -154.42
C VAL B 73 -81.29 -72.72 -154.46
N VAL B 74 -82.01 -72.96 -153.36
CA VAL B 74 -83.46 -72.80 -153.32
C VAL B 74 -83.80 -71.41 -152.81
N PHE B 75 -84.53 -70.64 -153.61
CA PHE B 75 -85.06 -69.36 -153.18
C PHE B 75 -86.35 -69.59 -152.40
N GLY B 76 -86.43 -68.98 -151.22
CA GLY B 76 -87.56 -69.21 -150.35
C GLY B 76 -87.34 -70.38 -149.41
N ASN B 77 -88.43 -70.79 -148.78
CA ASN B 77 -88.34 -71.84 -147.78
C ASN B 77 -88.16 -73.20 -148.44
N ASP B 78 -87.56 -74.14 -147.70
CA ASP B 78 -87.35 -75.48 -148.19
C ASP B 78 -88.18 -76.53 -147.46
N LYS B 79 -89.31 -76.12 -146.87
CA LYS B 79 -90.23 -77.09 -146.29
C LYS B 79 -91.14 -77.67 -147.38
N LEU B 80 -91.41 -76.87 -148.42
CA LEU B 80 -92.37 -77.25 -149.45
C LEU B 80 -91.81 -78.32 -150.37
N ILE B 81 -90.49 -78.55 -150.34
CA ILE B 81 -89.85 -79.51 -151.23
C ILE B 81 -89.73 -80.85 -150.52
N LYS B 82 -89.90 -81.93 -151.27
CA LYS B 82 -89.83 -83.27 -150.74
C LYS B 82 -88.92 -84.11 -151.64
N GLU B 83 -88.30 -85.13 -151.04
CA GLU B 83 -87.49 -86.05 -151.82
C GLU B 83 -88.37 -86.88 -152.74
N GLY B 84 -88.04 -86.87 -154.03
CA GLY B 84 -88.87 -87.53 -155.02
C GLY B 84 -89.67 -86.61 -155.90
N ASP B 85 -89.40 -85.31 -155.89
CA ASP B 85 -90.15 -84.36 -156.70
C ASP B 85 -89.70 -84.42 -158.15
N ILE B 86 -90.15 -83.45 -158.95
CA ILE B 86 -89.76 -83.32 -160.34
C ILE B 86 -89.53 -81.84 -160.60
N VAL B 87 -88.36 -81.51 -161.14
CA VAL B 87 -87.93 -80.12 -161.32
C VAL B 87 -87.76 -79.87 -162.81
N LYS B 88 -88.31 -78.75 -163.28
CA LYS B 88 -88.33 -78.41 -164.70
C LYS B 88 -87.27 -77.36 -165.01
N ARG B 89 -86.78 -77.38 -166.24
CA ARG B 89 -85.74 -76.48 -166.69
C ARG B 89 -86.36 -75.34 -167.47
N THR B 90 -86.10 -74.10 -167.04
CA THR B 90 -86.67 -72.94 -167.70
C THR B 90 -85.97 -72.68 -169.03
N GLY B 91 -84.65 -72.55 -169.01
CA GLY B 91 -83.91 -72.36 -170.23
C GLY B 91 -83.26 -70.99 -170.34
N ALA B 92 -83.15 -70.28 -169.22
CA ALA B 92 -82.57 -68.95 -169.24
C ALA B 92 -81.78 -68.71 -167.96
N ILE B 93 -80.76 -67.85 -168.08
CA ILE B 93 -80.01 -67.39 -166.92
C ILE B 93 -80.94 -66.57 -166.02
N VAL B 94 -80.63 -66.54 -164.72
CA VAL B 94 -81.42 -65.85 -163.70
C VAL B 94 -81.53 -64.37 -164.04
N ASP B 95 -82.76 -63.92 -164.28
CA ASP B 95 -83.02 -62.56 -164.77
C ASP B 95 -84.28 -62.01 -164.12
N VAL B 96 -84.41 -60.69 -164.09
CA VAL B 96 -85.55 -60.06 -163.42
C VAL B 96 -86.29 -59.15 -164.40
N PRO B 97 -87.60 -58.98 -164.23
CA PRO B 97 -88.31 -57.97 -165.03
C PRO B 97 -87.84 -56.57 -164.72
N VAL B 98 -87.74 -55.75 -165.76
CA VAL B 98 -87.14 -54.44 -165.66
C VAL B 98 -87.78 -53.54 -166.69
N GLY B 99 -87.96 -52.27 -166.35
CA GLY B 99 -88.47 -51.30 -167.29
C GLY B 99 -88.96 -50.06 -166.58
N GLU B 100 -89.50 -49.14 -167.38
CA GLU B 100 -90.06 -47.90 -166.86
C GLU B 100 -91.34 -48.14 -166.07
N GLU B 101 -92.00 -49.27 -166.31
CA GLU B 101 -93.31 -49.56 -165.75
C GLU B 101 -93.25 -50.16 -164.35
N LEU B 102 -92.18 -49.92 -163.60
CA LEU B 102 -92.06 -50.40 -162.23
C LEU B 102 -92.08 -49.27 -161.21
N LEU B 103 -92.06 -48.01 -161.65
CA LEU B 103 -91.98 -46.88 -160.75
C LEU B 103 -93.30 -46.72 -160.00
N GLY B 104 -93.30 -47.13 -158.75
CA GLY B 104 -94.47 -47.05 -157.91
C GLY B 104 -94.89 -48.34 -157.25
N ARG B 105 -94.11 -49.40 -157.39
CA ARG B 105 -94.50 -50.71 -156.86
C ARG B 105 -93.54 -51.11 -155.76
N VAL B 106 -93.92 -52.16 -155.04
CA VAL B 106 -93.09 -52.78 -154.02
C VAL B 106 -93.00 -54.25 -154.39
N VAL B 107 -91.84 -54.67 -154.86
CA VAL B 107 -91.63 -56.03 -155.30
C VAL B 107 -90.76 -56.74 -154.28
N ASP B 108 -90.69 -58.06 -154.40
CA ASP B 108 -89.70 -58.82 -153.65
C ASP B 108 -88.48 -59.04 -154.55
N ALA B 109 -87.54 -59.87 -154.10
CA ALA B 109 -86.23 -59.93 -154.74
C ALA B 109 -86.27 -60.65 -156.08
N LEU B 110 -87.31 -61.44 -156.34
CA LEU B 110 -87.42 -62.17 -157.60
C LEU B 110 -88.23 -61.41 -158.65
N GLY B 111 -88.84 -60.30 -158.30
CA GLY B 111 -89.60 -59.50 -159.24
C GLY B 111 -91.09 -59.80 -159.29
N ASN B 112 -91.70 -60.07 -158.15
CA ASN B 112 -93.14 -60.27 -158.04
C ASN B 112 -93.69 -59.24 -157.08
N ALA B 113 -94.89 -58.75 -157.34
CA ALA B 113 -95.45 -57.69 -156.51
C ALA B 113 -95.97 -58.25 -155.20
N ILE B 114 -95.74 -57.51 -154.11
CA ILE B 114 -96.26 -57.88 -152.80
C ILE B 114 -97.01 -56.69 -152.20
N ASP B 115 -97.42 -55.75 -153.04
CA ASP B 115 -98.25 -54.65 -152.59
C ASP B 115 -99.73 -54.85 -152.91
N GLY B 116 -100.08 -55.92 -153.62
CA GLY B 116 -101.46 -56.21 -153.93
C GLY B 116 -102.07 -55.26 -154.93
N LYS B 117 -101.36 -55.01 -156.04
CA LYS B 117 -101.90 -54.15 -157.09
C LYS B 117 -101.88 -54.81 -158.46
N GLY B 118 -101.86 -56.14 -158.53
CA GLY B 118 -101.90 -56.83 -159.79
C GLY B 118 -100.52 -56.98 -160.40
N PRO B 119 -100.46 -57.52 -161.61
CA PRO B 119 -99.17 -57.70 -162.28
C PRO B 119 -98.52 -56.37 -162.67
N ILE B 120 -97.27 -56.47 -163.13
CA ILE B 120 -96.43 -55.29 -163.25
C ILE B 120 -96.47 -54.74 -164.68
N GLY B 121 -96.56 -55.61 -165.67
CA GLY B 121 -96.53 -55.15 -167.05
C GLY B 121 -95.14 -54.77 -167.52
N SER B 122 -94.26 -55.76 -167.62
CA SER B 122 -92.90 -55.57 -168.07
C SER B 122 -92.68 -56.28 -169.40
N LYS B 123 -91.69 -55.80 -170.15
CA LYS B 123 -91.42 -56.33 -171.49
C LYS B 123 -89.98 -56.76 -171.71
N THR B 124 -89.04 -56.34 -170.87
CA THR B 124 -87.63 -56.63 -171.05
C THR B 124 -87.08 -57.26 -169.79
N ARG B 125 -86.10 -58.15 -169.96
CA ARG B 125 -85.47 -58.84 -168.84
C ARG B 125 -83.95 -58.78 -168.99
N ARG B 126 -83.28 -58.31 -167.95
CA ARG B 126 -81.83 -58.28 -167.89
C ARG B 126 -81.35 -59.29 -166.85
N ARG B 127 -80.15 -59.82 -167.07
CA ARG B 127 -79.56 -60.76 -166.14
C ARG B 127 -79.09 -60.05 -164.87
N VAL B 128 -78.87 -60.81 -163.82
CA VAL B 128 -78.30 -60.29 -162.58
C VAL B 128 -76.80 -60.48 -162.51
N GLY B 129 -76.25 -61.36 -163.33
CA GLY B 129 -74.83 -61.67 -163.27
C GLY B 129 -74.04 -61.08 -164.42
N LEU B 130 -74.33 -59.84 -164.78
CA LEU B 130 -73.57 -59.17 -165.82
C LEU B 130 -72.35 -58.47 -165.23
N LYS B 131 -71.42 -58.12 -166.09
CA LYS B 131 -70.16 -57.52 -165.67
C LYS B 131 -70.22 -56.01 -165.77
N ALA B 132 -69.33 -55.35 -165.03
CA ALA B 132 -69.23 -53.91 -165.04
C ALA B 132 -68.66 -53.42 -166.36
N PRO B 133 -68.90 -52.16 -166.73
CA PRO B 133 -68.22 -51.60 -167.91
C PRO B 133 -66.72 -51.47 -167.68
N GLY B 134 -65.98 -51.53 -168.78
CA GLY B 134 -64.54 -51.53 -168.73
C GLY B 134 -63.93 -50.16 -168.50
N ILE B 135 -62.73 -49.95 -169.06
CA ILE B 135 -61.99 -48.73 -168.83
C ILE B 135 -62.34 -47.65 -169.85
N ILE B 136 -62.68 -48.02 -171.07
CA ILE B 136 -63.05 -47.08 -172.13
C ILE B 136 -64.38 -46.35 -171.90
N PRO B 137 -65.53 -47.01 -171.65
CA PRO B 137 -66.79 -46.24 -171.65
C PRO B 137 -66.98 -45.29 -170.48
N ARG B 138 -66.22 -45.42 -169.40
CA ARG B 138 -66.43 -44.54 -168.26
C ARG B 138 -65.82 -43.18 -168.52
N ILE B 139 -66.19 -42.21 -167.67
CA ILE B 139 -65.62 -40.88 -167.68
C ILE B 139 -65.82 -40.29 -166.28
N SER B 140 -65.04 -39.25 -165.97
CA SER B 140 -65.06 -38.67 -164.64
C SER B 140 -66.39 -37.95 -164.38
N VAL B 141 -66.75 -37.82 -163.11
CA VAL B 141 -68.04 -37.26 -162.75
C VAL B 141 -68.01 -35.76 -162.90
N ARG B 142 -69.14 -35.19 -163.34
CA ARG B 142 -69.24 -33.76 -163.55
C ARG B 142 -70.56 -33.13 -163.10
N GLU B 143 -71.66 -33.89 -162.98
CA GLU B 143 -72.92 -33.32 -162.54
C GLU B 143 -73.12 -33.57 -161.05
N PRO B 144 -73.60 -32.58 -160.30
CA PRO B 144 -73.79 -32.77 -158.86
C PRO B 144 -75.14 -33.40 -158.55
N MET B 145 -75.15 -34.23 -157.52
CA MET B 145 -76.37 -34.86 -157.02
C MET B 145 -76.67 -34.25 -155.65
N GLN B 146 -77.73 -33.45 -155.59
CA GLN B 146 -78.04 -32.75 -154.34
C GLN B 146 -78.64 -33.71 -153.32
N THR B 147 -78.43 -33.40 -152.05
CA THR B 147 -78.90 -34.19 -150.92
C THR B 147 -80.00 -33.49 -150.14
N GLY B 148 -79.91 -32.17 -150.00
CA GLY B 148 -80.83 -31.42 -149.17
C GLY B 148 -80.43 -31.33 -147.73
N ILE B 149 -79.30 -31.91 -147.36
CA ILE B 149 -78.80 -31.85 -145.99
C ILE B 149 -77.65 -30.86 -145.96
N LYS B 150 -77.69 -29.93 -145.00
CA LYS B 150 -76.72 -28.84 -144.95
C LYS B 150 -75.32 -29.30 -144.58
N ALA B 151 -75.20 -30.47 -143.95
CA ALA B 151 -73.88 -30.96 -143.58
C ALA B 151 -73.23 -31.77 -144.70
N VAL B 152 -74.02 -32.39 -145.55
CA VAL B 152 -73.49 -33.24 -146.61
C VAL B 152 -73.18 -32.45 -147.86
N ASP B 153 -74.09 -31.57 -148.28
CA ASP B 153 -73.98 -30.89 -149.56
C ASP B 153 -72.90 -29.80 -149.55
N SER B 154 -72.37 -29.44 -148.40
CA SER B 154 -71.35 -28.40 -148.32
C SER B 154 -70.01 -28.88 -147.78
N LEU B 155 -69.93 -30.09 -147.23
CA LEU B 155 -68.69 -30.59 -146.65
C LEU B 155 -68.20 -31.87 -147.28
N VAL B 156 -69.09 -32.79 -147.62
CA VAL B 156 -68.72 -33.98 -148.39
C VAL B 156 -69.62 -34.07 -149.63
N PRO B 157 -69.34 -33.31 -150.69
CA PRO B 157 -70.27 -33.25 -151.83
C PRO B 157 -70.26 -34.54 -152.65
N ILE B 158 -71.44 -34.88 -153.17
CA ILE B 158 -71.63 -36.09 -153.96
C ILE B 158 -71.83 -35.68 -155.41
N GLY B 159 -71.56 -36.61 -156.34
CA GLY B 159 -71.76 -36.38 -157.74
C GLY B 159 -72.35 -37.61 -158.40
N ARG B 160 -72.94 -37.40 -159.58
CA ARG B 160 -73.70 -38.43 -160.27
C ARG B 160 -72.73 -39.48 -160.83
N GLY B 161 -72.52 -40.54 -160.07
CA GLY B 161 -71.66 -41.61 -160.52
C GLY B 161 -70.60 -42.00 -159.51
N GLN B 162 -70.72 -41.52 -158.28
CA GLN B 162 -69.71 -41.70 -157.26
C GLN B 162 -70.29 -42.54 -156.12
N ARG B 163 -69.60 -43.63 -155.79
CA ARG B 163 -69.97 -44.42 -154.62
C ARG B 163 -69.66 -43.64 -153.35
N GLU B 164 -70.51 -43.78 -152.35
CA GLU B 164 -70.32 -43.06 -151.10
C GLU B 164 -70.83 -43.94 -149.97
N LEU B 165 -70.00 -44.16 -148.96
CA LEU B 165 -70.41 -45.00 -147.85
C LEU B 165 -71.20 -44.19 -146.82
N ILE B 166 -72.04 -44.90 -146.07
CA ILE B 166 -72.68 -44.37 -144.87
C ILE B 166 -72.46 -45.40 -143.77
N ILE B 167 -71.63 -45.05 -142.79
CA ILE B 167 -71.12 -46.01 -141.84
C ILE B 167 -71.26 -45.46 -140.42
N GLY B 168 -71.78 -46.29 -139.53
CA GLY B 168 -72.05 -45.89 -138.17
C GLY B 168 -72.64 -47.04 -137.39
N ASP B 169 -72.96 -46.76 -136.13
CA ASP B 169 -73.52 -47.78 -135.26
C ASP B 169 -75.04 -47.80 -135.39
N ARG B 170 -75.71 -48.53 -134.50
CA ARG B 170 -77.16 -48.62 -134.55
C ARG B 170 -77.79 -47.37 -133.94
N GLN B 171 -78.89 -46.93 -134.56
CA GLN B 171 -79.69 -45.78 -134.13
C GLN B 171 -78.88 -44.49 -134.06
N THR B 172 -78.19 -44.20 -135.17
CA THR B 172 -77.45 -42.95 -135.30
C THR B 172 -77.94 -42.06 -136.41
N GLY B 173 -78.94 -42.48 -137.18
CA GLY B 173 -79.48 -41.66 -138.24
C GLY B 173 -78.99 -42.07 -139.60
N LYS B 174 -78.85 -43.37 -139.82
CA LYS B 174 -78.34 -43.86 -141.09
C LYS B 174 -79.40 -43.80 -142.18
N THR B 175 -80.57 -44.40 -141.91
CA THR B 175 -81.65 -44.42 -142.89
C THR B 175 -82.25 -43.04 -143.15
N SER B 176 -82.22 -42.16 -142.15
CA SER B 176 -82.78 -40.81 -142.31
C SER B 176 -81.92 -39.89 -143.17
N ILE B 177 -80.71 -40.30 -143.54
CA ILE B 177 -80.01 -39.63 -144.64
C ILE B 177 -80.54 -40.14 -145.98
N ALA B 178 -80.80 -41.45 -146.07
CA ALA B 178 -81.23 -42.06 -147.32
C ALA B 178 -82.67 -41.71 -147.67
N ILE B 179 -83.50 -41.38 -146.69
CA ILE B 179 -84.88 -41.01 -146.98
C ILE B 179 -84.95 -39.60 -147.53
N ASP B 180 -84.16 -38.67 -146.95
CA ASP B 180 -84.18 -37.29 -147.38
C ASP B 180 -83.53 -37.08 -148.74
N THR B 181 -82.78 -38.06 -149.25
CA THR B 181 -82.30 -38.00 -150.61
C THR B 181 -83.42 -38.25 -151.61
N ILE B 182 -84.36 -39.12 -151.26
CA ILE B 182 -85.42 -39.48 -152.19
C ILE B 182 -86.49 -38.39 -152.23
N ILE B 183 -86.77 -37.76 -151.09
CA ILE B 183 -87.75 -36.69 -151.05
C ILE B 183 -87.22 -35.41 -151.68
N ASN B 184 -85.89 -35.22 -151.70
CA ASN B 184 -85.34 -33.99 -152.25
C ASN B 184 -85.41 -33.96 -153.78
N GLN B 185 -85.62 -35.11 -154.43
CA GLN B 185 -85.73 -35.13 -155.88
C GLN B 185 -87.11 -34.74 -156.38
N LYS B 186 -88.00 -34.29 -155.50
CA LYS B 186 -89.32 -33.81 -155.91
C LYS B 186 -89.24 -32.56 -156.76
N ARG B 187 -88.24 -31.71 -156.53
CA ARG B 187 -88.15 -30.45 -157.26
C ARG B 187 -87.70 -30.64 -158.69
N PHE B 188 -87.01 -31.74 -158.99
CA PHE B 188 -86.45 -31.97 -160.31
C PHE B 188 -87.31 -32.89 -161.18
N ASN B 189 -87.96 -33.88 -160.58
CA ASN B 189 -88.76 -34.82 -161.37
C ASN B 189 -90.06 -34.21 -161.86
N ASP B 190 -90.51 -33.11 -161.27
CA ASP B 190 -91.76 -32.46 -161.65
C ASP B 190 -91.51 -31.20 -162.47
N GLY B 191 -90.39 -31.14 -163.18
CA GLY B 191 -90.05 -29.97 -163.97
C GLY B 191 -90.02 -30.26 -165.46
N THR B 192 -89.49 -29.32 -166.24
CA THR B 192 -89.43 -29.45 -167.68
C THR B 192 -88.04 -29.83 -168.18
N ASP B 193 -86.98 -29.48 -167.46
CA ASP B 193 -85.61 -29.84 -167.83
C ASP B 193 -85.46 -31.33 -167.58
N GLU B 194 -85.43 -32.10 -168.67
CA GLU B 194 -85.31 -33.55 -168.57
C GLU B 194 -83.91 -34.00 -168.19
N LYS B 195 -82.90 -33.15 -168.41
CA LYS B 195 -81.51 -33.54 -168.16
C LYS B 195 -81.17 -33.59 -166.68
N LYS B 196 -82.05 -33.15 -165.79
CA LYS B 196 -81.78 -33.16 -164.36
C LYS B 196 -82.70 -34.11 -163.61
N LYS B 197 -83.48 -34.92 -164.32
CA LYS B 197 -84.34 -35.89 -163.66
C LYS B 197 -83.50 -37.02 -163.09
N LEU B 198 -84.04 -37.66 -162.05
CA LEU B 198 -83.28 -38.66 -161.31
C LEU B 198 -84.27 -39.60 -160.64
N TYR B 199 -84.12 -40.90 -160.87
CA TYR B 199 -85.01 -41.86 -160.22
C TYR B 199 -84.34 -42.42 -158.97
N CYS B 200 -85.01 -43.37 -158.33
CA CYS B 200 -84.56 -43.92 -157.06
C CYS B 200 -84.94 -45.39 -156.94
N ILE B 201 -84.11 -46.13 -156.22
CA ILE B 201 -84.34 -47.54 -155.90
C ILE B 201 -83.94 -47.73 -154.45
N TYR B 202 -84.75 -48.46 -153.68
CA TYR B 202 -84.44 -48.79 -152.30
C TYR B 202 -84.42 -50.30 -152.11
N VAL B 203 -83.37 -50.80 -151.50
CA VAL B 203 -83.20 -52.24 -151.25
C VAL B 203 -83.13 -52.43 -149.74
N ALA B 204 -84.06 -53.19 -149.20
CA ALA B 204 -84.16 -53.43 -147.75
C ALA B 204 -83.78 -54.87 -147.47
N ILE B 205 -82.63 -55.07 -146.84
CA ILE B 205 -82.08 -56.40 -146.59
C ILE B 205 -82.08 -56.61 -145.09
N GLY B 206 -82.72 -57.70 -144.64
CA GLY B 206 -82.70 -58.08 -143.25
C GLY B 206 -83.42 -57.17 -142.29
N GLN B 207 -84.16 -56.17 -142.77
CA GLN B 207 -84.90 -55.30 -141.89
C GLN B 207 -86.18 -55.99 -141.40
N LYS B 208 -86.90 -55.30 -140.52
CA LYS B 208 -88.22 -55.77 -140.12
C LYS B 208 -89.24 -55.41 -141.19
N ARG B 209 -90.27 -56.25 -141.32
CA ARG B 209 -91.29 -55.99 -142.33
C ARG B 209 -92.17 -54.80 -141.98
N SER B 210 -92.28 -54.49 -140.69
CA SER B 210 -93.11 -53.38 -140.27
C SER B 210 -92.37 -52.05 -140.30
N THR B 211 -91.10 -52.04 -140.70
CA THR B 211 -90.39 -50.78 -140.86
C THR B 211 -90.37 -50.32 -142.31
N VAL B 212 -90.43 -51.26 -143.24
CA VAL B 212 -90.61 -50.92 -144.64
C VAL B 212 -92.01 -50.36 -144.88
N ALA B 213 -93.01 -50.89 -144.18
CA ALA B 213 -94.40 -50.47 -144.39
C ALA B 213 -94.63 -49.06 -143.88
N GLN B 214 -94.01 -48.69 -142.76
CA GLN B 214 -94.06 -47.32 -142.28
C GLN B 214 -93.13 -46.38 -143.03
N LEU B 215 -92.37 -46.90 -144.00
CA LEU B 215 -91.52 -46.07 -144.84
C LEU B 215 -92.17 -45.72 -146.17
N VAL B 216 -92.95 -46.65 -146.76
CA VAL B 216 -93.65 -46.35 -147.99
C VAL B 216 -94.84 -45.41 -147.77
N LYS B 217 -95.30 -45.26 -146.52
CA LYS B 217 -96.28 -44.21 -146.24
C LYS B 217 -95.63 -42.84 -146.27
N ARG B 218 -94.43 -42.73 -145.68
CA ARG B 218 -93.75 -41.45 -145.60
C ARG B 218 -93.33 -40.94 -146.97
N LEU B 219 -93.07 -41.85 -147.91
CA LEU B 219 -92.81 -41.44 -149.28
C LEU B 219 -94.11 -41.09 -150.01
N THR B 220 -95.21 -41.78 -149.70
CA THR B 220 -96.49 -41.44 -150.31
C THR B 220 -97.05 -40.16 -149.73
N ASP B 221 -96.69 -39.83 -148.49
CA ASP B 221 -97.19 -38.62 -147.86
C ASP B 221 -96.55 -37.37 -148.47
N ALA B 222 -95.34 -37.51 -149.02
CA ALA B 222 -94.62 -36.38 -149.58
C ALA B 222 -94.57 -36.40 -151.10
N ASP B 223 -95.42 -37.21 -151.75
CA ASP B 223 -95.50 -37.39 -153.20
C ASP B 223 -94.12 -37.81 -153.76
N ALA B 224 -93.65 -38.96 -153.27
CA ALA B 224 -92.35 -39.47 -153.67
C ALA B 224 -92.40 -40.94 -154.06
N MET B 225 -93.59 -41.52 -154.20
CA MET B 225 -93.70 -42.89 -154.63
C MET B 225 -94.04 -43.01 -156.10
N LYS B 226 -94.02 -41.92 -156.85
CA LYS B 226 -94.27 -41.98 -158.29
C LYS B 226 -92.99 -42.02 -159.11
N TYR B 227 -91.82 -42.04 -158.46
CA TYR B 227 -90.56 -42.22 -159.16
C TYR B 227 -89.61 -43.10 -158.37
N THR B 228 -90.14 -44.04 -157.60
CA THR B 228 -89.31 -44.83 -156.71
C THR B 228 -89.74 -46.29 -156.75
N ILE B 229 -88.76 -47.18 -156.88
CA ILE B 229 -88.98 -48.62 -156.76
C ILE B 229 -88.45 -49.05 -155.40
N VAL B 230 -89.00 -50.13 -154.86
CA VAL B 230 -88.56 -50.71 -153.60
C VAL B 230 -88.46 -52.21 -153.78
N VAL B 231 -87.26 -52.75 -153.59
CA VAL B 231 -87.05 -54.20 -153.51
C VAL B 231 -86.93 -54.52 -152.03
N SER B 232 -87.49 -55.66 -151.61
CA SER B 232 -87.61 -55.95 -150.19
C SER B 232 -87.39 -57.43 -149.94
N ALA B 233 -86.36 -57.75 -149.15
CA ALA B 233 -86.13 -59.07 -148.60
C ALA B 233 -85.88 -58.87 -147.12
N THR B 234 -86.94 -59.01 -146.31
CA THR B 234 -86.89 -58.67 -144.90
C THR B 234 -86.30 -59.85 -144.11
N ALA B 235 -86.32 -59.73 -142.78
CA ALA B 235 -85.59 -60.66 -141.93
C ALA B 235 -86.24 -62.03 -141.82
N SER B 236 -87.50 -62.16 -142.22
CA SER B 236 -88.16 -63.46 -142.20
C SER B 236 -87.99 -64.22 -143.50
N ASP B 237 -87.47 -63.59 -144.54
CA ASP B 237 -87.21 -64.26 -145.80
C ASP B 237 -86.00 -65.17 -145.68
N ALA B 238 -85.91 -66.12 -146.60
CA ALA B 238 -84.83 -67.09 -146.59
C ALA B 238 -83.50 -66.42 -146.93
N ALA B 239 -82.43 -67.13 -146.67
CA ALA B 239 -81.08 -66.60 -146.88
C ALA B 239 -80.68 -66.42 -148.34
N PRO B 240 -81.07 -67.26 -149.32
CA PRO B 240 -80.78 -66.88 -150.70
C PRO B 240 -81.54 -65.67 -151.21
N LEU B 241 -82.65 -65.29 -150.58
CA LEU B 241 -83.38 -64.13 -151.05
C LEU B 241 -82.77 -62.82 -150.56
N GLN B 242 -81.92 -62.87 -149.54
CA GLN B 242 -81.21 -61.67 -149.11
C GLN B 242 -79.88 -61.53 -149.83
N TYR B 243 -79.30 -62.64 -150.29
CA TYR B 243 -78.06 -62.60 -151.03
C TYR B 243 -78.25 -62.04 -152.43
N LEU B 244 -79.34 -62.40 -153.09
CA LEU B 244 -79.61 -61.97 -154.46
C LEU B 244 -80.48 -60.72 -154.51
N ALA B 245 -80.75 -60.10 -153.37
CA ALA B 245 -81.54 -58.86 -153.37
C ALA B 245 -80.83 -57.65 -153.97
N PRO B 246 -79.54 -57.35 -153.69
CA PRO B 246 -78.94 -56.18 -154.35
C PRO B 246 -78.58 -56.39 -155.81
N TYR B 247 -78.47 -57.64 -156.27
CA TYR B 247 -78.18 -57.87 -157.68
C TYR B 247 -79.39 -57.58 -158.55
N SER B 248 -80.56 -58.06 -158.12
CA SER B 248 -81.80 -57.71 -158.81
C SER B 248 -82.15 -56.24 -158.64
N GLY B 249 -81.70 -55.63 -157.55
CA GLY B 249 -81.94 -54.22 -157.36
C GLY B 249 -81.05 -53.35 -158.22
N CYS B 250 -79.82 -53.80 -158.48
CA CYS B 250 -78.91 -53.03 -159.33
C CYS B 250 -79.19 -53.23 -160.80
N SER B 251 -79.73 -54.40 -161.19
CA SER B 251 -80.08 -54.64 -162.58
C SER B 251 -81.29 -53.85 -163.03
N MET B 252 -82.11 -53.36 -162.11
CA MET B 252 -83.18 -52.43 -162.44
C MET B 252 -82.68 -51.00 -162.57
N GLY B 253 -81.48 -50.71 -162.10
CA GLY B 253 -80.89 -49.39 -162.25
C GLY B 253 -79.96 -49.31 -163.45
N GLU B 254 -79.48 -50.47 -163.89
CA GLU B 254 -78.65 -50.53 -165.09
C GLU B 254 -79.45 -50.27 -166.36
N TYR B 255 -80.78 -50.39 -166.30
CA TYR B 255 -81.63 -50.03 -167.43
C TYR B 255 -81.60 -48.54 -167.71
N PHE B 256 -81.73 -47.71 -166.68
CA PHE B 256 -81.72 -46.26 -166.87
C PHE B 256 -80.35 -45.73 -167.26
N ARG B 257 -79.28 -46.36 -166.78
CA ARG B 257 -77.93 -45.89 -167.06
C ARG B 257 -77.56 -46.06 -168.53
N ASP B 258 -77.95 -47.18 -169.14
CA ASP B 258 -77.65 -47.43 -170.54
C ASP B 258 -78.57 -46.70 -171.50
N ASN B 259 -79.67 -46.11 -171.01
CA ASN B 259 -80.61 -45.42 -171.86
C ASN B 259 -80.71 -43.94 -171.50
N GLY B 260 -79.60 -43.33 -171.12
CA GLY B 260 -79.52 -41.89 -170.99
C GLY B 260 -80.16 -41.29 -169.76
N LYS B 261 -80.64 -42.10 -168.83
CA LYS B 261 -81.26 -41.60 -167.61
C LYS B 261 -80.31 -41.78 -166.43
N HIS B 262 -80.59 -41.06 -165.35
CA HIS B 262 -79.80 -41.14 -164.14
C HIS B 262 -80.59 -41.84 -163.05
N ALA B 263 -79.93 -42.73 -162.31
CA ALA B 263 -80.57 -43.52 -161.28
C ALA B 263 -79.87 -43.30 -159.95
N LEU B 264 -80.43 -43.90 -158.90
CA LEU B 264 -79.87 -43.81 -157.56
C LEU B 264 -80.38 -45.02 -156.79
N ILE B 265 -79.49 -45.70 -156.08
CA ILE B 265 -79.86 -46.92 -155.37
C ILE B 265 -79.24 -46.88 -153.98
N ILE B 266 -80.02 -47.26 -152.98
CA ILE B 266 -79.58 -47.31 -151.59
C ILE B 266 -79.70 -48.74 -151.11
N TYR B 267 -78.56 -49.40 -150.92
CA TYR B 267 -78.56 -50.71 -150.29
C TYR B 267 -78.59 -50.53 -148.79
N ASP B 268 -79.51 -51.23 -148.13
CA ASP B 268 -79.70 -51.03 -146.69
C ASP B 268 -80.10 -52.37 -146.08
N ASP B 269 -79.12 -53.12 -145.58
CA ASP B 269 -77.71 -52.75 -145.57
C ASP B 269 -76.81 -53.90 -146.02
N LEU B 270 -75.58 -53.57 -146.40
CA LEU B 270 -74.67 -54.60 -146.88
C LEU B 270 -74.03 -55.42 -145.76
N SER B 271 -74.26 -55.06 -144.50
CA SER B 271 -73.79 -55.88 -143.40
C SER B 271 -74.60 -57.17 -143.30
N LYS B 272 -75.92 -57.07 -143.42
CA LYS B 272 -76.80 -58.23 -143.29
C LYS B 272 -76.84 -59.09 -144.54
N GLN B 273 -76.24 -58.64 -145.64
CA GLN B 273 -76.03 -59.51 -146.79
C GLN B 273 -74.86 -60.46 -146.53
N ALA B 274 -73.78 -59.96 -145.94
CA ALA B 274 -72.59 -60.76 -145.74
C ALA B 274 -72.76 -61.79 -144.64
N VAL B 275 -73.71 -61.59 -143.71
CA VAL B 275 -74.06 -62.64 -142.76
C VAL B 275 -75.05 -63.63 -143.35
N ALA B 276 -75.60 -63.32 -144.52
CA ALA B 276 -76.42 -64.28 -145.26
C ALA B 276 -75.60 -65.09 -146.25
N TYR B 277 -74.51 -64.52 -146.77
CA TYR B 277 -73.60 -65.29 -147.60
C TYR B 277 -72.72 -66.20 -146.75
N ARG B 278 -72.44 -65.81 -145.51
CA ARG B 278 -71.72 -66.67 -144.58
C ARG B 278 -72.50 -67.93 -144.29
N GLN B 279 -73.83 -67.82 -144.18
CA GLN B 279 -74.65 -68.97 -143.83
C GLN B 279 -74.69 -69.99 -144.96
N MET B 280 -74.80 -69.53 -146.20
CA MET B 280 -74.83 -70.46 -147.33
C MET B 280 -73.47 -71.09 -147.58
N SER B 281 -72.39 -70.41 -147.18
CA SER B 281 -71.06 -70.96 -147.40
C SER B 281 -70.74 -72.08 -146.42
N LEU B 282 -70.94 -71.84 -145.12
CA LEU B 282 -70.68 -72.85 -144.11
C LEU B 282 -71.67 -74.00 -144.16
N LEU B 283 -72.83 -73.82 -144.76
CA LEU B 283 -73.73 -74.95 -144.98
C LEU B 283 -73.35 -75.76 -146.20
N LEU B 284 -72.36 -75.32 -146.96
CA LEU B 284 -71.76 -76.10 -148.04
C LEU B 284 -70.41 -76.67 -147.66
N ARG B 285 -70.02 -76.54 -146.39
CA ARG B 285 -68.74 -76.98 -145.82
C ARG B 285 -67.55 -76.38 -146.55
N ARG B 286 -67.49 -75.06 -146.52
CA ARG B 286 -66.36 -74.34 -147.07
C ARG B 286 -65.44 -73.86 -145.95
N PRO B 287 -64.14 -73.73 -146.21
CA PRO B 287 -63.20 -73.31 -145.15
C PRO B 287 -63.41 -71.86 -144.75
N PRO B 288 -63.70 -71.60 -143.48
CA PRO B 288 -63.86 -70.23 -143.01
C PRO B 288 -62.53 -69.51 -142.87
N GLY B 289 -62.61 -68.19 -142.77
CA GLY B 289 -61.42 -67.37 -142.62
C GLY B 289 -61.44 -66.49 -141.40
N ARG B 290 -61.22 -65.20 -141.58
CA ARG B 290 -61.35 -64.25 -140.48
C ARG B 290 -62.81 -64.10 -140.11
N GLU B 291 -63.10 -64.20 -138.81
CA GLU B 291 -64.46 -64.09 -138.24
C GLU B 291 -65.43 -65.10 -138.84
N ALA B 292 -64.91 -66.28 -139.19
CA ALA B 292 -65.65 -67.39 -139.78
C ALA B 292 -66.33 -67.03 -141.10
N TYR B 293 -65.80 -66.04 -141.81
CA TYR B 293 -66.30 -65.65 -143.12
C TYR B 293 -65.69 -66.54 -144.19
N PRO B 294 -66.33 -66.65 -145.37
CA PRO B 294 -65.68 -67.37 -146.46
C PRO B 294 -64.57 -66.55 -147.11
N GLY B 295 -63.81 -67.16 -148.02
CA GLY B 295 -62.65 -66.49 -148.57
C GLY B 295 -62.97 -65.45 -149.63
N ASP B 296 -64.18 -65.50 -150.19
CA ASP B 296 -64.53 -64.64 -151.30
C ASP B 296 -65.61 -63.64 -150.96
N VAL B 297 -65.49 -63.02 -149.79
CA VAL B 297 -66.39 -61.93 -149.42
C VAL B 297 -66.06 -60.68 -150.22
N PHE B 298 -64.78 -60.51 -150.59
CA PHE B 298 -64.41 -59.34 -151.38
C PHE B 298 -64.95 -59.43 -152.81
N TYR B 299 -65.09 -60.63 -153.36
CA TYR B 299 -65.75 -60.78 -154.64
C TYR B 299 -67.24 -60.46 -154.55
N LEU B 300 -67.84 -60.59 -153.37
CA LEU B 300 -69.27 -60.36 -153.22
C LEU B 300 -69.63 -58.89 -153.36
N HIS B 301 -68.85 -58.00 -152.75
CA HIS B 301 -69.18 -56.59 -152.75
C HIS B 301 -68.46 -55.79 -153.81
N SER B 302 -67.41 -56.32 -154.42
CA SER B 302 -66.74 -55.58 -155.49
C SER B 302 -67.43 -55.76 -156.82
N ARG B 303 -67.89 -56.98 -157.11
CA ARG B 303 -68.61 -57.24 -158.36
C ARG B 303 -70.00 -56.62 -158.39
N LEU B 304 -70.49 -56.13 -157.25
CA LEU B 304 -71.76 -55.41 -157.17
C LEU B 304 -71.59 -53.90 -157.25
N LEU B 305 -70.61 -53.34 -156.55
CA LEU B 305 -70.40 -51.90 -156.53
C LEU B 305 -69.48 -51.40 -157.63
N GLU B 306 -69.09 -52.26 -158.57
CA GLU B 306 -68.35 -51.80 -159.73
C GLU B 306 -69.27 -51.35 -160.86
N ARG B 307 -70.55 -51.72 -160.81
CA ARG B 307 -71.50 -51.34 -161.84
C ARG B 307 -71.90 -49.87 -161.77
N ALA B 308 -71.84 -49.27 -160.60
CA ALA B 308 -72.27 -47.89 -160.43
C ALA B 308 -71.25 -46.95 -161.06
N ALA B 309 -71.48 -46.59 -162.32
CA ALA B 309 -70.50 -45.83 -163.09
C ALA B 309 -71.23 -44.80 -163.94
N LYS B 310 -70.46 -43.94 -164.58
CA LYS B 310 -71.00 -42.93 -165.49
C LYS B 310 -70.44 -43.16 -166.89
N MET B 311 -71.33 -43.41 -167.84
CA MET B 311 -70.90 -43.63 -169.21
C MET B 311 -70.51 -42.31 -169.87
N ASN B 312 -69.82 -42.41 -170.99
CA ASN B 312 -69.38 -41.24 -171.74
C ASN B 312 -70.52 -40.76 -172.64
N ASP B 313 -70.29 -39.68 -173.39
CA ASP B 313 -71.33 -39.12 -174.24
C ASP B 313 -71.60 -39.95 -175.47
N ALA B 314 -70.70 -40.84 -175.86
CA ALA B 314 -70.95 -41.73 -176.99
C ALA B 314 -71.78 -42.95 -176.60
N PHE B 315 -72.05 -43.15 -175.31
CA PHE B 315 -72.83 -44.29 -174.84
C PHE B 315 -74.18 -43.87 -174.27
N GLY B 316 -74.57 -42.62 -174.42
CA GLY B 316 -75.84 -42.15 -173.91
C GLY B 316 -75.72 -41.04 -172.90
N GLY B 317 -74.76 -41.14 -171.98
CA GLY B 317 -74.51 -40.11 -171.01
C GLY B 317 -75.20 -40.30 -169.68
N GLY B 318 -75.76 -41.46 -169.39
CA GLY B 318 -76.40 -41.71 -168.12
C GLY B 318 -75.40 -41.99 -167.02
N SER B 319 -75.92 -42.41 -165.88
CA SER B 319 -75.09 -42.65 -164.71
C SER B 319 -75.81 -43.63 -163.79
N LEU B 320 -75.15 -43.94 -162.67
CA LEU B 320 -75.73 -44.78 -161.62
C LEU B 320 -74.94 -44.53 -160.35
N THR B 321 -75.60 -43.99 -159.33
CA THR B 321 -74.98 -43.66 -158.07
C THR B 321 -75.41 -44.70 -157.02
N ALA B 322 -74.47 -45.13 -156.18
CA ALA B 322 -74.78 -46.08 -155.12
C ALA B 322 -74.46 -45.45 -153.77
N LEU B 323 -75.16 -45.91 -152.73
CA LEU B 323 -74.98 -45.43 -151.36
C LEU B 323 -75.19 -46.57 -150.39
N PRO B 324 -74.21 -47.45 -150.23
CA PRO B 324 -74.38 -48.59 -149.34
C PRO B 324 -74.31 -48.18 -147.87
N VAL B 325 -74.78 -49.07 -147.00
CA VAL B 325 -74.85 -48.82 -145.56
C VAL B 325 -74.15 -49.97 -144.85
N ILE B 326 -73.21 -49.64 -143.97
CA ILE B 326 -72.50 -50.61 -143.15
C ILE B 326 -72.74 -50.26 -141.68
N GLU B 327 -73.01 -51.27 -140.86
CA GLU B 327 -73.19 -51.09 -139.43
C GLU B 327 -72.00 -51.66 -138.67
N THR B 328 -71.38 -50.83 -137.85
CA THR B 328 -70.23 -51.23 -137.05
C THR B 328 -70.63 -51.47 -135.60
N GLN B 329 -69.86 -52.33 -134.93
CA GLN B 329 -70.09 -52.70 -133.54
C GLN B 329 -69.15 -51.87 -132.66
N ALA B 330 -69.71 -50.82 -132.04
CA ALA B 330 -69.03 -49.94 -131.09
C ALA B 330 -67.83 -49.24 -131.72
N GLY B 331 -68.08 -48.54 -132.82
CA GLY B 331 -67.08 -47.69 -133.44
C GLY B 331 -65.92 -48.42 -134.09
N ASP B 332 -66.09 -49.69 -134.41
CA ASP B 332 -65.00 -50.52 -134.92
C ASP B 332 -64.90 -50.34 -136.43
N VAL B 333 -64.00 -49.45 -136.86
CA VAL B 333 -63.81 -49.15 -138.27
C VAL B 333 -62.54 -49.88 -138.69
N SER B 334 -62.13 -50.86 -137.89
CA SER B 334 -60.95 -51.65 -138.21
C SER B 334 -61.28 -53.14 -138.22
N ALA B 335 -62.50 -53.50 -138.57
CA ALA B 335 -62.91 -54.88 -138.62
C ALA B 335 -62.77 -55.41 -140.04
N TYR B 336 -63.26 -56.62 -140.28
CA TYR B 336 -63.04 -57.28 -141.57
C TYR B 336 -63.95 -56.70 -142.64
N ILE B 337 -65.25 -56.59 -142.36
CA ILE B 337 -66.20 -56.10 -143.35
C ILE B 337 -66.15 -54.57 -143.53
N PRO B 338 -66.05 -53.71 -142.49
CA PRO B 338 -65.96 -52.28 -142.79
C PRO B 338 -64.63 -51.82 -143.35
N THR B 339 -63.65 -52.69 -143.58
CA THR B 339 -62.47 -52.33 -144.32
C THR B 339 -62.48 -52.88 -145.75
N ASN B 340 -63.25 -53.94 -146.00
CA ASN B 340 -63.43 -54.43 -147.36
C ASN B 340 -64.28 -53.51 -148.20
N VAL B 341 -65.02 -52.60 -147.59
CA VAL B 341 -65.89 -51.69 -148.32
C VAL B 341 -65.36 -50.26 -148.30
N ILE B 342 -64.54 -49.89 -147.32
CA ILE B 342 -63.77 -48.64 -147.40
C ILE B 342 -62.77 -48.71 -148.55
N SER B 343 -62.19 -49.89 -148.80
CA SER B 343 -61.25 -50.06 -149.90
C SER B 343 -61.94 -50.29 -151.25
N ILE B 344 -63.22 -49.94 -151.38
CA ILE B 344 -63.93 -49.97 -152.65
C ILE B 344 -64.54 -48.60 -152.97
N THR B 345 -65.32 -48.05 -152.06
CA THR B 345 -66.08 -46.84 -152.32
C THR B 345 -65.18 -45.60 -152.31
N ASP B 346 -65.68 -44.55 -152.94
CA ASP B 346 -64.90 -43.33 -153.18
C ASP B 346 -65.17 -42.29 -152.10
N GLY B 347 -65.03 -42.67 -150.84
CA GLY B 347 -65.24 -41.76 -149.73
C GLY B 347 -66.03 -42.39 -148.62
N GLN B 348 -66.32 -41.57 -147.61
CA GLN B 348 -67.01 -42.04 -146.41
C GLN B 348 -67.88 -40.92 -145.85
N ILE B 349 -68.85 -41.33 -145.03
CA ILE B 349 -69.62 -40.43 -144.17
C ILE B 349 -69.75 -41.14 -142.83
N PHE B 350 -69.28 -40.50 -141.76
CA PHE B 350 -69.25 -41.12 -140.44
C PHE B 350 -70.32 -40.55 -139.54
N LEU B 351 -71.01 -41.44 -138.83
CA LEU B 351 -72.09 -41.05 -137.92
C LEU B 351 -71.71 -41.51 -136.52
N GLU B 352 -71.42 -40.54 -135.64
CA GLU B 352 -70.96 -40.85 -134.29
C GLU B 352 -72.13 -41.12 -133.36
N THR B 353 -72.00 -42.15 -132.54
CA THR B 353 -73.02 -42.47 -131.55
C THR B 353 -72.87 -41.66 -130.27
N GLU B 354 -71.81 -40.87 -130.15
CA GLU B 354 -71.59 -40.04 -128.97
C GLU B 354 -71.67 -38.55 -129.31
N LEU B 355 -72.03 -38.21 -130.55
CA LEU B 355 -72.58 -36.91 -130.89
C LEU B 355 -74.09 -36.96 -131.09
N PHE B 356 -74.64 -38.16 -131.32
CA PHE B 356 -76.09 -38.34 -131.41
C PHE B 356 -76.71 -38.28 -130.02
N TYR B 357 -75.93 -38.54 -128.98
CA TYR B 357 -76.43 -38.47 -127.62
C TYR B 357 -76.32 -37.07 -127.05
N LYS B 358 -75.37 -36.27 -127.52
CA LYS B 358 -75.19 -34.90 -127.04
C LYS B 358 -76.16 -33.90 -127.68
N GLY B 359 -77.01 -34.33 -128.60
CA GLY B 359 -78.00 -33.47 -129.18
C GLY B 359 -77.66 -32.88 -130.53
N ILE B 360 -76.49 -33.19 -131.08
CA ILE B 360 -76.13 -32.76 -132.44
C ILE B 360 -76.69 -33.78 -133.42
N ARG B 361 -77.57 -33.35 -134.30
CA ARG B 361 -78.24 -34.22 -135.24
C ARG B 361 -78.40 -33.51 -136.59
N PRO B 362 -77.94 -34.11 -137.69
CA PRO B 362 -77.29 -35.42 -137.85
C PRO B 362 -75.84 -35.44 -137.39
N ALA B 363 -75.47 -36.50 -136.68
CA ALA B 363 -74.21 -36.57 -135.96
C ALA B 363 -73.09 -36.93 -136.92
N ILE B 364 -72.75 -36.01 -137.82
CA ILE B 364 -71.75 -36.26 -138.85
C ILE B 364 -70.38 -35.87 -138.31
N ASN B 365 -69.47 -36.84 -138.26
CA ASN B 365 -68.09 -36.62 -137.90
C ASN B 365 -67.42 -35.89 -139.06
N VAL B 366 -67.14 -34.59 -138.88
CA VAL B 366 -66.62 -33.81 -139.99
C VAL B 366 -65.13 -34.07 -140.19
N GLY B 367 -64.48 -34.66 -139.19
CA GLY B 367 -63.05 -34.91 -139.29
C GLY B 367 -62.73 -36.11 -140.15
N LEU B 368 -63.56 -37.15 -140.09
CA LEU B 368 -63.29 -38.40 -140.77
C LEU B 368 -64.13 -38.59 -142.03
N SER B 369 -64.91 -37.60 -142.44
CA SER B 369 -65.76 -37.70 -143.62
C SER B 369 -65.06 -37.04 -144.80
N VAL B 370 -64.83 -37.82 -145.85
CA VAL B 370 -64.09 -37.38 -147.01
C VAL B 370 -64.83 -37.86 -148.26
N SER B 371 -64.67 -37.14 -149.37
CA SER B 371 -65.23 -37.51 -150.67
C SER B 371 -64.24 -37.04 -151.72
N ARG B 372 -63.56 -38.00 -152.35
CA ARG B 372 -62.41 -37.67 -153.19
C ARG B 372 -62.85 -37.12 -154.55
N VAL B 373 -63.53 -37.93 -155.34
CA VAL B 373 -63.78 -37.58 -156.73
C VAL B 373 -64.93 -36.60 -156.86
N GLY B 374 -65.78 -36.53 -155.83
CA GLY B 374 -66.98 -35.72 -155.95
C GLY B 374 -66.79 -34.28 -155.52
N SER B 375 -65.55 -33.88 -155.22
CA SER B 375 -65.32 -32.50 -154.83
C SER B 375 -65.28 -31.55 -156.02
N ALA B 376 -64.87 -32.03 -157.20
CA ALA B 376 -64.76 -31.16 -158.36
C ALA B 376 -66.11 -30.93 -159.03
N ALA B 377 -67.12 -31.74 -158.69
CA ALA B 377 -68.45 -31.62 -159.27
C ALA B 377 -69.38 -31.11 -158.18
N GLN B 378 -69.42 -29.79 -158.02
CA GLN B 378 -70.42 -29.13 -157.19
C GLN B 378 -70.64 -27.75 -157.76
N THR B 379 -71.64 -27.05 -157.23
CA THR B 379 -72.00 -25.74 -157.73
C THR B 379 -70.96 -24.71 -157.29
N ARG B 380 -70.61 -23.81 -158.20
CA ARG B 380 -69.66 -22.73 -157.89
C ARG B 380 -70.24 -21.74 -156.89
N ALA B 381 -71.56 -21.65 -156.77
CA ALA B 381 -72.16 -20.88 -155.70
C ALA B 381 -71.87 -21.51 -154.34
N MET B 382 -71.94 -22.84 -154.27
CA MET B 382 -71.65 -23.52 -153.01
C MET B 382 -70.15 -23.54 -152.73
N LYS B 383 -69.32 -23.67 -153.78
CA LYS B 383 -67.87 -23.73 -153.59
C LYS B 383 -67.31 -22.39 -153.16
N GLN B 384 -67.98 -21.29 -153.50
CA GLN B 384 -67.53 -19.97 -153.12
C GLN B 384 -67.74 -19.66 -151.65
N VAL B 385 -68.64 -20.37 -150.97
CA VAL B 385 -68.98 -20.11 -149.58
C VAL B 385 -68.52 -21.26 -148.67
N ALA B 386 -68.78 -22.50 -149.07
CA ALA B 386 -68.39 -23.65 -148.26
C ALA B 386 -66.89 -23.90 -148.28
N GLY B 387 -66.14 -23.32 -149.23
CA GLY B 387 -64.70 -23.35 -149.15
C GLY B 387 -64.13 -22.55 -148.00
N THR B 388 -64.89 -21.60 -147.47
CA THR B 388 -64.46 -20.82 -146.32
C THR B 388 -64.78 -21.55 -145.02
N MET B 389 -65.97 -22.16 -144.93
CA MET B 389 -66.38 -22.90 -143.73
C MET B 389 -65.53 -24.15 -143.51
N LYS B 390 -64.89 -24.67 -144.56
CA LYS B 390 -63.91 -25.75 -144.40
C LYS B 390 -62.71 -25.31 -143.59
N LEU B 391 -62.38 -24.01 -143.62
CA LEU B 391 -61.21 -23.53 -142.89
C LEU B 391 -61.53 -23.36 -141.39
N GLU B 392 -62.66 -22.73 -141.07
CA GLU B 392 -62.97 -22.47 -139.67
C GLU B 392 -63.36 -23.71 -138.89
N LEU B 393 -63.94 -24.70 -139.55
CA LEU B 393 -64.21 -25.98 -138.88
C LEU B 393 -62.94 -26.77 -138.63
N ALA B 394 -61.85 -26.45 -139.32
CA ALA B 394 -60.54 -27.00 -138.99
C ALA B 394 -59.90 -26.29 -137.81
N GLN B 395 -59.98 -24.96 -137.76
CA GLN B 395 -59.34 -24.20 -136.69
C GLN B 395 -60.07 -24.33 -135.36
N TYR B 396 -61.34 -24.73 -135.40
CA TYR B 396 -62.05 -25.05 -134.17
C TYR B 396 -61.57 -26.37 -133.55
N ARG B 397 -60.92 -27.24 -134.33
CA ARG B 397 -60.64 -28.59 -133.88
C ARG B 397 -59.27 -28.74 -133.23
N GLU B 398 -58.35 -27.78 -133.44
CA GLU B 398 -57.09 -27.82 -132.70
C GLU B 398 -57.27 -27.34 -131.27
N VAL B 399 -58.06 -26.30 -131.06
CA VAL B 399 -58.30 -25.74 -129.74
C VAL B 399 -59.45 -26.53 -129.10
N ALA B 400 -59.10 -27.66 -128.51
CA ALA B 400 -60.09 -28.53 -127.88
C ALA B 400 -59.63 -28.99 -126.50
N LEU B 409 -59.30 -17.59 -121.72
CA LEU B 409 -58.85 -16.21 -121.57
C LEU B 409 -57.66 -15.94 -122.47
N ASP B 410 -57.18 -16.97 -123.15
CA ASP B 410 -56.00 -16.85 -123.98
C ASP B 410 -56.30 -16.09 -125.27
N ALA B 411 -55.24 -15.53 -125.85
CA ALA B 411 -55.37 -14.86 -127.13
C ALA B 411 -55.32 -15.87 -128.27
N ALA B 412 -56.05 -15.55 -129.34
CA ALA B 412 -56.21 -16.35 -130.55
C ALA B 412 -56.78 -17.74 -130.30
N THR B 413 -57.49 -17.91 -129.19
CA THR B 413 -58.22 -19.13 -128.89
C THR B 413 -59.69 -18.86 -128.61
N GLN B 414 -60.00 -17.79 -127.88
CA GLN B 414 -61.38 -17.44 -127.59
C GLN B 414 -62.06 -16.68 -128.73
N GLN B 415 -61.35 -16.44 -129.84
CA GLN B 415 -62.01 -15.98 -131.04
C GLN B 415 -62.53 -17.13 -131.88
N LEU B 416 -61.72 -18.17 -132.07
CA LEU B 416 -62.13 -19.32 -132.87
C LEU B 416 -63.07 -20.24 -132.10
N LEU B 417 -62.97 -20.26 -130.77
CA LEU B 417 -63.94 -20.98 -129.96
C LEU B 417 -65.29 -20.28 -129.89
N SER B 418 -65.37 -19.01 -130.31
CA SER B 418 -66.65 -18.34 -130.44
C SER B 418 -67.32 -18.64 -131.77
N ARG B 419 -66.60 -18.44 -132.88
CA ARG B 419 -67.17 -18.70 -134.21
C ARG B 419 -67.38 -20.20 -134.44
N GLY B 420 -66.50 -21.04 -133.92
CA GLY B 420 -66.56 -22.47 -134.22
C GLY B 420 -67.73 -23.19 -133.58
N VAL B 421 -68.40 -22.55 -132.62
CA VAL B 421 -69.62 -23.14 -132.08
C VAL B 421 -70.84 -22.63 -132.83
N ARG B 422 -70.77 -21.42 -133.39
CA ARG B 422 -71.89 -20.89 -134.15
C ARG B 422 -72.02 -21.55 -135.51
N LEU B 423 -70.94 -22.19 -135.99
CA LEU B 423 -71.02 -22.95 -137.24
C LEU B 423 -71.42 -24.39 -136.99
N THR B 424 -71.17 -24.91 -135.80
CA THR B 424 -71.65 -26.26 -135.48
C THR B 424 -73.16 -26.26 -135.30
N GLU B 425 -73.71 -25.22 -134.67
CA GLU B 425 -75.14 -25.14 -134.49
C GLU B 425 -75.86 -24.71 -135.76
N LEU B 426 -75.13 -24.12 -136.72
CA LEU B 426 -75.71 -23.78 -138.00
C LEU B 426 -75.95 -25.01 -138.87
N LEU B 427 -75.26 -26.11 -138.59
CA LEU B 427 -75.37 -27.32 -139.40
C LEU B 427 -76.29 -28.36 -138.80
N LYS B 428 -77.21 -27.97 -137.92
CA LYS B 428 -78.25 -28.88 -137.49
C LYS B 428 -79.46 -28.75 -138.40
N GLN B 429 -80.22 -29.83 -138.50
CA GLN B 429 -81.29 -29.89 -139.48
C GLN B 429 -82.37 -30.84 -139.00
N GLY B 430 -83.61 -30.40 -139.07
CA GLY B 430 -84.73 -31.23 -138.69
C GLY B 430 -84.97 -32.35 -139.66
N GLN B 431 -85.74 -33.34 -139.20
CA GLN B 431 -86.03 -34.51 -140.01
C GLN B 431 -87.03 -34.16 -141.11
N TYR B 432 -86.84 -34.78 -142.28
CA TYR B 432 -87.76 -34.73 -143.42
C TYR B 432 -87.94 -33.32 -143.97
N ALA B 433 -86.93 -32.47 -143.84
CA ALA B 433 -86.97 -31.09 -144.35
C ALA B 433 -85.83 -30.90 -145.34
N PRO B 434 -85.96 -31.41 -146.56
CA PRO B 434 -84.88 -31.25 -147.54
C PRO B 434 -84.89 -29.85 -148.13
N MET B 435 -83.79 -29.13 -147.94
CA MET B 435 -83.67 -27.77 -148.42
C MET B 435 -83.17 -27.75 -149.86
N ALA B 436 -83.51 -26.68 -150.57
CA ALA B 436 -83.00 -26.50 -151.92
C ALA B 436 -81.55 -26.02 -151.87
N ILE B 437 -80.91 -25.96 -153.04
CA ILE B 437 -79.49 -25.62 -153.09
C ILE B 437 -79.28 -24.13 -152.82
N GLU B 438 -80.12 -23.26 -153.39
CA GLU B 438 -79.90 -21.82 -153.28
C GLU B 438 -80.41 -21.24 -151.98
N GLU B 439 -81.17 -22.02 -151.20
CA GLU B 439 -81.55 -21.57 -149.88
C GLU B 439 -80.49 -21.92 -148.84
N GLN B 440 -79.72 -22.98 -149.09
CA GLN B 440 -78.56 -23.27 -148.26
C GLN B 440 -77.51 -22.17 -148.35
N VAL B 441 -77.24 -21.68 -149.56
CA VAL B 441 -76.11 -20.78 -149.80
C VAL B 441 -76.33 -19.39 -149.20
N ALA B 442 -77.52 -19.08 -148.70
CA ALA B 442 -77.72 -17.86 -147.94
C ALA B 442 -77.54 -18.06 -146.45
N VAL B 443 -77.83 -19.25 -145.93
CA VAL B 443 -77.68 -19.51 -144.49
C VAL B 443 -76.22 -19.80 -144.14
N ILE B 444 -75.49 -20.49 -145.03
CA ILE B 444 -74.05 -20.66 -144.83
C ILE B 444 -73.33 -19.34 -145.08
N TYR B 445 -73.92 -18.44 -145.87
CA TYR B 445 -73.33 -17.12 -146.08
C TYR B 445 -73.31 -16.29 -144.80
N ALA B 446 -74.39 -16.30 -144.03
CA ALA B 446 -74.46 -15.50 -142.82
C ALA B 446 -73.58 -16.02 -141.71
N GLY B 447 -73.18 -17.28 -141.75
CA GLY B 447 -72.37 -17.85 -140.70
C GLY B 447 -70.89 -17.77 -140.95
N VAL B 448 -70.48 -17.51 -142.19
CA VAL B 448 -69.06 -17.44 -142.52
C VAL B 448 -68.61 -16.04 -142.91
N ARG B 449 -69.54 -15.12 -143.22
CA ARG B 449 -69.17 -13.75 -143.53
C ARG B 449 -69.12 -12.86 -142.29
N GLY B 450 -69.43 -13.39 -141.11
CA GLY B 450 -69.32 -12.62 -139.90
C GLY B 450 -70.49 -11.69 -139.63
N TYR B 451 -71.68 -12.24 -139.47
CA TYR B 451 -72.86 -11.45 -139.13
C TYR B 451 -73.52 -11.92 -137.84
N LEU B 452 -73.56 -13.22 -137.58
CA LEU B 452 -74.12 -13.77 -136.35
C LEU B 452 -73.06 -14.04 -135.28
N ASP B 453 -71.95 -13.31 -135.30
CA ASP B 453 -70.91 -13.50 -134.31
C ASP B 453 -71.27 -12.91 -132.95
N LYS B 454 -72.28 -12.05 -132.89
CA LYS B 454 -72.65 -11.38 -131.65
C LYS B 454 -73.71 -12.11 -130.86
N LEU B 455 -74.49 -12.99 -131.50
CA LEU B 455 -75.65 -13.58 -130.87
C LEU B 455 -75.25 -14.64 -129.85
N GLU B 456 -76.24 -15.06 -129.06
CA GLU B 456 -76.02 -16.14 -128.12
C GLU B 456 -76.09 -17.48 -128.85
N PRO B 457 -75.44 -18.53 -128.35
CA PRO B 457 -75.48 -19.81 -129.06
C PRO B 457 -76.82 -20.52 -129.00
N SER B 458 -77.60 -20.29 -127.95
CA SER B 458 -78.89 -20.97 -127.84
C SER B 458 -79.95 -20.37 -128.73
N LYS B 459 -79.80 -19.13 -129.18
CA LYS B 459 -80.79 -18.44 -129.98
C LYS B 459 -80.41 -18.36 -131.45
N ILE B 460 -79.77 -19.40 -131.97
CA ILE B 460 -79.37 -19.40 -133.37
C ILE B 460 -80.16 -20.43 -134.19
N THR B 461 -80.74 -21.44 -133.54
CA THR B 461 -81.72 -22.29 -134.23
C THR B 461 -83.01 -21.51 -134.46
N LYS B 462 -83.30 -20.53 -133.60
CA LYS B 462 -84.41 -19.62 -133.81
C LYS B 462 -84.13 -18.66 -134.95
N PHE B 463 -82.86 -18.37 -135.23
CA PHE B 463 -82.52 -17.35 -136.23
C PHE B 463 -82.64 -17.88 -137.65
N GLU B 464 -82.24 -19.13 -137.88
CA GLU B 464 -82.32 -19.70 -139.23
C GLU B 464 -83.77 -19.93 -139.66
N ASN B 465 -84.66 -20.22 -138.73
CA ASN B 465 -86.05 -20.47 -139.08
C ASN B 465 -86.82 -19.18 -139.32
N ALA B 466 -86.24 -18.04 -138.93
CA ALA B 466 -86.89 -16.76 -139.15
C ALA B 466 -86.36 -16.06 -140.40
N PHE B 467 -85.07 -16.20 -140.69
CA PHE B 467 -84.51 -15.53 -141.86
C PHE B 467 -84.92 -16.20 -143.16
N LEU B 468 -84.96 -17.53 -143.19
CA LEU B 468 -85.35 -18.25 -144.39
C LEU B 468 -86.82 -18.07 -144.72
N SER B 469 -87.67 -17.97 -143.70
CA SER B 469 -89.11 -17.90 -143.92
C SER B 469 -89.56 -16.58 -144.53
N HIS B 470 -88.71 -15.55 -144.49
CA HIS B 470 -89.03 -14.25 -145.03
C HIS B 470 -88.36 -13.95 -146.37
N VAL B 471 -87.10 -14.37 -146.54
CA VAL B 471 -86.40 -14.13 -147.81
C VAL B 471 -86.94 -15.05 -148.90
N ILE B 472 -87.63 -16.13 -148.52
CA ILE B 472 -88.36 -16.95 -149.48
C ILE B 472 -89.63 -16.28 -149.98
N SER B 473 -90.06 -15.19 -149.34
CA SER B 473 -91.29 -14.50 -149.68
C SER B 473 -91.06 -13.13 -150.29
N GLN B 474 -90.32 -12.25 -149.59
CA GLN B 474 -90.17 -10.88 -150.07
C GLN B 474 -89.01 -10.75 -151.05
N HIS B 475 -88.08 -11.70 -151.04
CA HIS B 475 -86.99 -11.69 -152.01
C HIS B 475 -86.95 -13.00 -152.79
N GLN B 476 -88.12 -13.48 -153.23
CA GLN B 476 -88.17 -14.72 -153.97
C GLN B 476 -87.65 -14.54 -155.39
N ALA B 477 -88.03 -13.44 -156.04
CA ALA B 477 -87.58 -13.16 -157.40
C ALA B 477 -86.12 -12.72 -157.46
N LEU B 478 -85.53 -12.39 -156.32
CA LEU B 478 -84.13 -11.99 -156.25
C LEU B 478 -83.23 -13.13 -155.80
N LEU B 479 -83.81 -14.23 -155.34
CA LEU B 479 -83.07 -15.45 -155.01
C LEU B 479 -82.88 -16.35 -156.22
N GLY B 480 -83.76 -16.25 -157.21
CA GLY B 480 -83.71 -17.12 -158.38
C GLY B 480 -82.49 -16.92 -159.25
N LYS B 481 -81.85 -15.75 -159.18
CA LYS B 481 -80.65 -15.51 -159.96
C LYS B 481 -79.43 -16.26 -159.40
N ILE B 482 -79.49 -16.72 -158.16
CA ILE B 482 -78.44 -17.61 -157.66
C ILE B 482 -78.56 -18.97 -158.32
N ARG B 483 -79.77 -19.52 -158.39
CA ARG B 483 -79.97 -20.85 -158.95
C ARG B 483 -79.90 -20.83 -160.47
N ALA B 484 -80.29 -19.73 -161.11
CA ALA B 484 -80.27 -19.67 -162.57
C ALA B 484 -78.86 -19.48 -163.09
N ASP B 485 -78.15 -18.45 -162.59
CA ASP B 485 -76.80 -18.18 -163.07
C ASP B 485 -75.77 -19.12 -162.46
N GLY B 486 -76.10 -19.78 -161.35
CA GLY B 486 -75.24 -20.79 -160.78
C GLY B 486 -74.03 -20.27 -160.03
N LYS B 487 -74.01 -18.99 -159.66
CA LYS B 487 -72.85 -18.40 -159.02
C LYS B 487 -73.26 -17.16 -158.24
N ILE B 488 -72.34 -16.68 -157.40
CA ILE B 488 -72.53 -15.42 -156.67
C ILE B 488 -71.61 -14.39 -157.33
N SER B 489 -72.19 -13.44 -158.04
CA SER B 489 -71.41 -12.42 -158.73
C SER B 489 -71.21 -11.20 -157.82
N GLU B 490 -70.70 -10.13 -158.41
CA GLU B 490 -70.45 -8.91 -157.65
C GLU B 490 -71.73 -8.14 -157.37
N GLU B 491 -72.78 -8.39 -158.13
CA GLU B 491 -74.04 -7.69 -157.88
C GLU B 491 -74.93 -8.46 -156.91
N THR B 492 -74.76 -9.78 -156.82
CA THR B 492 -75.60 -10.55 -155.91
C THR B 492 -75.09 -10.44 -154.47
N ASP B 493 -73.77 -10.47 -154.26
CA ASP B 493 -73.25 -10.41 -152.91
C ASP B 493 -73.31 -9.01 -152.33
N ALA B 494 -73.29 -7.98 -153.19
CA ALA B 494 -73.55 -6.63 -152.71
C ALA B 494 -75.03 -6.45 -152.37
N LYS B 495 -75.89 -7.21 -153.05
CA LYS B 495 -77.31 -7.22 -152.72
C LYS B 495 -77.57 -8.06 -151.48
N LEU B 496 -76.82 -9.15 -151.30
CA LEU B 496 -77.01 -10.04 -150.16
C LEU B 496 -76.54 -9.43 -148.86
N LYS B 497 -75.68 -8.41 -148.92
CA LYS B 497 -75.22 -7.73 -147.72
C LYS B 497 -76.35 -6.96 -147.04
N GLU B 498 -77.29 -6.46 -147.83
CA GLU B 498 -78.34 -5.62 -147.27
C GLU B 498 -79.50 -6.45 -146.73
N ILE B 499 -79.68 -7.68 -147.22
CA ILE B 499 -80.80 -8.50 -146.78
C ILE B 499 -80.60 -8.97 -145.35
N VAL B 500 -79.36 -9.31 -145.00
CA VAL B 500 -79.10 -9.84 -143.67
C VAL B 500 -79.02 -8.73 -142.62
N THR B 501 -78.28 -7.66 -142.91
CA THR B 501 -78.08 -6.60 -141.92
C THR B 501 -79.33 -5.76 -141.68
N ASN B 502 -80.33 -5.84 -142.56
CA ASN B 502 -81.63 -5.25 -142.27
C ASN B 502 -82.51 -6.21 -141.49
N PHE B 503 -82.23 -7.51 -141.57
CA PHE B 503 -83.02 -8.47 -140.82
C PHE B 503 -82.56 -8.59 -139.37
N LEU B 504 -81.26 -8.37 -139.12
CA LEU B 504 -80.77 -8.43 -137.74
C LEU B 504 -81.24 -7.24 -136.93
N ALA B 505 -81.50 -6.11 -137.58
CA ALA B 505 -82.08 -4.97 -136.89
C ALA B 505 -83.55 -5.20 -136.53
N GLY B 506 -84.23 -6.10 -137.25
CA GLY B 506 -85.63 -6.39 -136.98
C GLY B 506 -85.85 -7.67 -136.20
N PHE B 507 -84.84 -8.53 -136.17
CA PHE B 507 -84.90 -9.78 -135.40
C PHE B 507 -84.72 -9.43 -133.94
N GLU B 508 -85.77 -9.63 -133.14
CA GLU B 508 -85.74 -9.28 -131.73
C GLU B 508 -84.93 -10.33 -130.97
N ALA B 509 -83.86 -9.88 -130.32
CA ALA B 509 -82.99 -10.76 -129.55
C ALA B 509 -83.64 -11.14 -128.23
N VAL C 22 -44.70 -105.63 -168.80
CA VAL C 22 -44.31 -104.55 -167.90
C VAL C 22 -44.15 -105.08 -166.47
N ASP C 23 -43.02 -104.74 -165.85
CA ASP C 23 -42.75 -105.12 -164.47
C ASP C 23 -43.40 -104.13 -163.52
N LEU C 24 -43.82 -104.61 -162.35
CA LEU C 24 -44.43 -103.79 -161.33
C LEU C 24 -43.72 -103.94 -159.99
N GLU C 25 -42.44 -104.30 -160.03
CA GLU C 25 -41.69 -104.46 -158.80
C GLU C 25 -40.41 -103.62 -158.83
N GLU C 26 -39.85 -103.42 -160.01
CA GLU C 26 -38.68 -102.58 -160.17
C GLU C 26 -39.00 -101.26 -160.87
N THR C 27 -40.24 -101.08 -161.30
CA THR C 27 -40.66 -99.87 -162.00
C THR C 27 -42.16 -99.71 -161.88
N GLY C 28 -42.64 -98.50 -162.12
CA GLY C 28 -44.05 -98.20 -161.98
C GLY C 28 -44.43 -96.97 -162.77
N ARG C 29 -45.73 -96.67 -162.75
CA ARG C 29 -46.31 -95.63 -163.59
C ARG C 29 -47.00 -94.56 -162.75
N VAL C 30 -46.97 -93.33 -163.24
CA VAL C 30 -47.53 -92.18 -162.53
C VAL C 30 -49.05 -92.19 -162.67
N LEU C 31 -49.76 -92.05 -161.55
CA LEU C 31 -51.22 -92.04 -161.55
C LEU C 31 -51.80 -90.64 -161.64
N SER C 32 -51.39 -89.73 -160.75
CA SER C 32 -52.01 -88.41 -160.71
C SER C 32 -51.01 -87.41 -160.15
N ILE C 33 -50.35 -86.69 -161.03
CA ILE C 33 -49.48 -85.59 -160.62
C ILE C 33 -50.33 -84.37 -160.32
N GLY C 34 -50.00 -83.66 -159.25
CA GLY C 34 -50.59 -82.37 -159.00
C GLY C 34 -49.91 -81.63 -157.88
N ASP C 35 -49.54 -80.37 -158.14
CA ASP C 35 -49.01 -79.41 -157.16
C ASP C 35 -47.70 -79.87 -156.50
N GLY C 36 -47.00 -80.82 -157.10
CA GLY C 36 -45.74 -81.31 -156.58
C GLY C 36 -45.77 -82.76 -156.13
N ILE C 37 -46.91 -83.26 -155.68
CA ILE C 37 -47.04 -84.63 -155.20
C ILE C 37 -47.43 -85.50 -156.37
N ALA C 38 -47.06 -86.78 -156.32
CA ALA C 38 -47.33 -87.67 -157.44
C ALA C 38 -47.57 -89.08 -156.92
N ARG C 39 -48.84 -89.46 -156.82
CA ARG C 39 -49.19 -90.85 -156.54
C ARG C 39 -48.76 -91.72 -157.69
N VAL C 40 -48.06 -92.82 -157.38
CA VAL C 40 -47.41 -93.66 -158.38
C VAL C 40 -47.89 -95.09 -158.20
N HIS C 41 -48.42 -95.67 -159.26
CA HIS C 41 -48.89 -97.05 -159.23
C HIS C 41 -47.75 -98.01 -159.51
N GLY C 42 -47.71 -99.12 -158.77
CA GLY C 42 -46.66 -100.10 -158.93
C GLY C 42 -45.67 -100.03 -157.80
N LEU C 43 -44.40 -100.38 -158.09
CA LEU C 43 -43.26 -100.26 -157.19
C LEU C 43 -43.46 -101.06 -155.90
N ARG C 44 -43.55 -102.38 -156.05
CA ARG C 44 -43.74 -103.27 -154.91
C ARG C 44 -42.47 -103.49 -154.09
N ASN C 45 -41.31 -103.02 -154.56
CA ASN C 45 -40.04 -103.27 -153.90
C ASN C 45 -39.30 -101.97 -153.61
N VAL C 46 -40.02 -100.97 -153.12
CA VAL C 46 -39.45 -99.67 -152.80
C VAL C 46 -39.37 -99.54 -151.28
N GLN C 47 -38.17 -99.27 -150.77
CA GLN C 47 -37.97 -99.02 -149.36
C GLN C 47 -38.48 -97.63 -148.99
N ALA C 48 -38.83 -97.46 -147.73
CA ALA C 48 -39.30 -96.17 -147.26
C ALA C 48 -38.16 -95.15 -147.28
N GLU C 49 -38.51 -93.91 -147.66
CA GLU C 49 -37.59 -92.79 -147.83
C GLU C 49 -36.49 -93.06 -148.85
N GLU C 50 -36.79 -93.84 -149.89
CA GLU C 50 -35.84 -94.10 -150.96
C GLU C 50 -36.02 -93.08 -152.07
N MET C 51 -34.91 -92.68 -152.69
CA MET C 51 -34.95 -91.73 -153.79
C MET C 51 -35.17 -92.48 -155.11
N VAL C 52 -36.14 -92.04 -155.89
CA VAL C 52 -36.44 -92.63 -157.20
C VAL C 52 -36.24 -91.59 -158.27
N GLU C 53 -36.20 -92.04 -159.52
CA GLU C 53 -35.88 -91.22 -160.67
C GLU C 53 -36.98 -91.33 -161.72
N PHE C 54 -37.48 -90.18 -162.16
CA PHE C 54 -38.57 -90.13 -163.12
C PHE C 54 -38.04 -90.41 -164.53
N SER C 55 -38.92 -90.37 -165.52
CA SER C 55 -38.51 -90.60 -166.90
C SER C 55 -38.03 -89.33 -167.58
N SER C 56 -38.52 -88.17 -167.16
CA SER C 56 -38.13 -86.91 -167.77
C SER C 56 -36.76 -86.43 -167.30
N GLY C 57 -36.28 -86.88 -166.15
CA GLY C 57 -35.01 -86.45 -165.62
C GLY C 57 -35.05 -85.93 -164.20
N LEU C 58 -36.23 -85.75 -163.62
CA LEU C 58 -36.32 -85.32 -162.24
C LEU C 58 -36.05 -86.49 -161.30
N LYS C 59 -36.03 -86.19 -160.01
CA LYS C 59 -35.80 -87.19 -158.97
C LYS C 59 -36.85 -87.06 -157.88
N GLY C 60 -37.25 -88.20 -157.33
CA GLY C 60 -38.29 -88.22 -156.31
C GLY C 60 -37.84 -88.82 -155.00
N MET C 61 -38.75 -88.97 -154.05
CA MET C 61 -38.45 -89.58 -152.75
C MET C 61 -39.75 -90.11 -152.16
N SER C 62 -39.86 -91.42 -152.04
CA SER C 62 -41.10 -92.06 -151.63
C SER C 62 -41.28 -91.92 -150.12
N LEU C 63 -42.26 -91.11 -149.70
CA LEU C 63 -42.54 -90.93 -148.28
C LEU C 63 -43.66 -91.85 -147.79
N ASN C 64 -44.85 -91.73 -148.36
CA ASN C 64 -45.99 -92.55 -147.97
C ASN C 64 -45.94 -93.87 -148.71
N LEU C 65 -46.20 -94.96 -147.98
CA LEU C 65 -46.37 -96.28 -148.56
C LEU C 65 -47.76 -96.77 -148.22
N GLU C 66 -48.60 -96.91 -149.22
CA GLU C 66 -49.98 -97.33 -149.08
C GLU C 66 -50.19 -98.63 -149.84
N PRO C 67 -51.23 -99.41 -149.53
CA PRO C 67 -51.38 -100.74 -150.18
C PRO C 67 -51.71 -100.70 -151.66
N ASP C 68 -51.95 -99.54 -152.26
CA ASP C 68 -52.17 -99.45 -153.69
C ASP C 68 -51.26 -98.46 -154.40
N ASN C 69 -50.93 -97.34 -153.78
CA ASN C 69 -50.13 -96.31 -154.43
C ASN C 69 -48.95 -95.96 -153.52
N VAL C 70 -48.08 -95.09 -154.02
CA VAL C 70 -46.85 -94.69 -153.34
C VAL C 70 -46.75 -93.17 -153.41
N GLY C 71 -46.73 -92.51 -152.27
CA GLY C 71 -46.62 -91.06 -152.26
C GLY C 71 -45.20 -90.58 -152.54
N VAL C 72 -45.03 -89.87 -153.65
CA VAL C 72 -43.70 -89.46 -154.12
C VAL C 72 -43.69 -87.95 -154.28
N VAL C 73 -42.85 -87.27 -153.51
CA VAL C 73 -42.62 -85.84 -153.70
C VAL C 73 -41.57 -85.66 -154.79
N VAL C 74 -41.52 -84.49 -155.41
CA VAL C 74 -40.70 -84.26 -156.58
C VAL C 74 -39.65 -83.20 -156.26
N PHE C 75 -38.37 -83.57 -156.34
CA PHE C 75 -37.28 -82.64 -156.10
C PHE C 75 -37.11 -81.75 -157.32
N GLY C 76 -37.90 -80.68 -157.35
CA GLY C 76 -37.85 -79.75 -158.46
C GLY C 76 -39.21 -79.42 -159.01
N ASN C 77 -39.27 -78.99 -160.26
CA ASN C 77 -40.52 -78.58 -160.89
C ASN C 77 -41.21 -79.79 -161.50
N ASP C 78 -42.54 -79.71 -161.60
CA ASP C 78 -43.34 -80.84 -162.04
C ASP C 78 -44.20 -80.55 -163.27
N LYS C 79 -43.97 -79.44 -163.96
CA LYS C 79 -44.71 -79.19 -165.19
C LYS C 79 -44.23 -80.04 -166.35
N LEU C 80 -43.15 -80.80 -166.19
CA LEU C 80 -42.72 -81.77 -167.18
C LEU C 80 -43.15 -83.19 -166.84
N ILE C 81 -43.72 -83.41 -165.67
CA ILE C 81 -44.32 -84.69 -165.32
C ILE C 81 -45.76 -84.70 -165.80
N LYS C 82 -46.23 -85.85 -166.26
CA LYS C 82 -47.63 -86.00 -166.64
C LYS C 82 -48.02 -87.45 -166.41
N GLU C 83 -49.31 -87.72 -166.54
CA GLU C 83 -49.84 -89.04 -166.20
C GLU C 83 -49.46 -90.06 -167.26
N GLY C 84 -48.89 -91.17 -166.81
CA GLY C 84 -48.45 -92.22 -167.70
C GLY C 84 -46.96 -92.38 -167.83
N ASP C 85 -46.17 -91.54 -167.16
CA ASP C 85 -44.72 -91.64 -167.22
C ASP C 85 -44.23 -92.87 -166.46
N ILE C 86 -42.94 -93.17 -166.63
CA ILE C 86 -42.32 -94.35 -166.04
C ILE C 86 -41.39 -93.90 -164.92
N VAL C 87 -41.50 -94.55 -163.76
CA VAL C 87 -40.67 -94.24 -162.61
C VAL C 87 -39.76 -95.43 -162.34
N LYS C 88 -38.47 -95.15 -162.17
CA LYS C 88 -37.47 -96.18 -161.95
C LYS C 88 -36.83 -96.02 -160.58
N ARG C 89 -36.50 -97.15 -159.96
CA ARG C 89 -35.82 -97.15 -158.68
C ARG C 89 -34.35 -96.80 -158.86
N THR C 90 -33.70 -96.52 -157.73
CA THR C 90 -32.25 -96.39 -157.68
C THR C 90 -31.61 -97.25 -156.61
N GLY C 91 -32.36 -97.67 -155.59
CA GLY C 91 -31.86 -98.55 -154.55
C GLY C 91 -31.15 -97.85 -153.41
N ALA C 92 -30.91 -96.54 -153.52
CA ALA C 92 -30.18 -95.79 -152.52
C ALA C 92 -31.13 -94.89 -151.77
N ILE C 93 -31.19 -95.06 -150.44
CA ILE C 93 -31.80 -94.06 -149.57
C ILE C 93 -31.00 -92.77 -149.72
N VAL C 94 -31.70 -91.62 -149.63
CA VAL C 94 -31.19 -90.34 -150.13
C VAL C 94 -29.91 -89.94 -149.41
N ASP C 95 -28.84 -89.79 -150.18
CA ASP C 95 -27.51 -89.56 -149.65
C ASP C 95 -26.85 -88.45 -150.45
N VAL C 96 -25.92 -87.76 -149.81
CA VAL C 96 -25.31 -86.56 -150.37
C VAL C 96 -23.81 -86.80 -150.49
N PRO C 97 -23.19 -86.47 -151.62
CA PRO C 97 -21.73 -86.64 -151.76
C PRO C 97 -20.97 -85.71 -150.82
N VAL C 98 -20.10 -86.30 -150.01
CA VAL C 98 -19.44 -85.60 -148.92
C VAL C 98 -17.93 -85.74 -149.09
N GLY C 99 -17.20 -84.73 -148.61
CA GLY C 99 -15.76 -84.72 -148.71
C GLY C 99 -15.22 -83.37 -148.27
N GLU C 100 -13.98 -83.11 -148.69
CA GLU C 100 -13.34 -81.82 -148.45
C GLU C 100 -13.21 -80.99 -149.72
N GLU C 101 -13.62 -81.54 -150.87
CA GLU C 101 -13.55 -80.84 -152.14
C GLU C 101 -14.63 -79.78 -152.29
N LEU C 102 -15.61 -79.75 -151.39
CA LEU C 102 -16.69 -78.79 -151.46
C LEU C 102 -16.32 -77.42 -150.91
N LEU C 103 -15.08 -77.23 -150.46
CA LEU C 103 -14.66 -75.94 -149.93
C LEU C 103 -14.51 -74.93 -151.06
N GLY C 104 -15.25 -73.84 -150.97
CA GLY C 104 -15.29 -72.84 -152.02
C GLY C 104 -16.42 -72.99 -153.00
N ARG C 105 -17.12 -74.12 -152.99
CA ARG C 105 -18.17 -74.41 -153.96
C ARG C 105 -19.54 -74.09 -153.37
N VAL C 106 -20.39 -73.47 -154.18
CA VAL C 106 -21.80 -73.26 -153.83
C VAL C 106 -22.58 -74.45 -154.35
N VAL C 107 -23.41 -75.03 -153.49
CA VAL C 107 -24.03 -76.33 -153.71
C VAL C 107 -25.53 -76.17 -153.45
N ASP C 108 -26.37 -76.86 -154.23
CA ASP C 108 -27.80 -76.89 -153.94
C ASP C 108 -28.08 -77.94 -152.85
N ALA C 109 -29.36 -78.29 -152.67
CA ALA C 109 -29.72 -79.17 -151.56
C ALA C 109 -29.34 -80.62 -151.83
N LEU C 110 -29.06 -80.97 -153.08
CA LEU C 110 -28.87 -82.37 -153.43
C LEU C 110 -27.42 -82.74 -153.74
N GLY C 111 -26.49 -81.80 -153.70
CA GLY C 111 -25.11 -82.11 -153.97
C GLY C 111 -24.55 -81.50 -155.24
N ASN C 112 -25.39 -80.98 -156.13
CA ASN C 112 -24.91 -80.45 -157.39
C ASN C 112 -24.42 -79.02 -157.22
N ALA C 113 -23.58 -78.57 -158.15
CA ALA C 113 -22.95 -77.26 -158.07
C ALA C 113 -23.71 -76.25 -158.91
N ILE C 114 -23.94 -75.06 -158.36
CA ILE C 114 -24.67 -74.02 -159.05
C ILE C 114 -23.83 -72.77 -159.27
N ASP C 115 -22.51 -72.86 -159.16
CA ASP C 115 -21.65 -71.71 -159.41
C ASP C 115 -21.01 -71.74 -160.80
N GLY C 116 -21.21 -72.81 -161.55
CA GLY C 116 -20.62 -72.91 -162.88
C GLY C 116 -19.11 -73.06 -162.87
N LYS C 117 -18.59 -73.99 -162.08
CA LYS C 117 -17.17 -74.20 -161.95
C LYS C 117 -16.75 -75.63 -162.26
N GLY C 118 -17.66 -76.44 -162.78
CA GLY C 118 -17.38 -77.83 -163.04
C GLY C 118 -17.99 -78.72 -161.98
N PRO C 119 -17.83 -80.04 -162.13
CA PRO C 119 -18.45 -80.96 -161.18
C PRO C 119 -17.70 -81.03 -159.86
N ILE C 120 -18.32 -81.69 -158.89
CA ILE C 120 -17.67 -81.95 -157.61
C ILE C 120 -16.92 -83.27 -157.68
N GLY C 121 -15.63 -83.23 -157.36
CA GLY C 121 -14.78 -84.40 -157.41
C GLY C 121 -14.72 -85.20 -156.13
N SER C 122 -15.80 -85.26 -155.36
CA SER C 122 -15.80 -86.02 -154.12
C SER C 122 -15.86 -87.52 -154.43
N LYS C 123 -15.34 -88.33 -153.50
CA LYS C 123 -15.25 -89.76 -153.70
C LYS C 123 -16.20 -90.54 -152.80
N THR C 124 -16.67 -89.94 -151.70
CA THR C 124 -17.48 -90.65 -150.71
C THR C 124 -18.90 -90.10 -150.70
N ARG C 125 -19.83 -90.97 -150.29
CA ARG C 125 -21.24 -90.63 -150.14
C ARG C 125 -21.72 -91.09 -148.77
N ARG C 126 -22.78 -90.44 -148.28
CA ARG C 126 -23.21 -90.63 -146.89
C ARG C 126 -24.66 -90.19 -146.77
N ARG C 127 -25.47 -90.98 -146.06
CA ARG C 127 -26.90 -90.72 -145.92
C ARG C 127 -27.16 -89.46 -145.09
N VAL C 128 -28.42 -89.03 -145.10
CA VAL C 128 -28.83 -87.82 -144.39
C VAL C 128 -29.74 -88.12 -143.21
N GLY C 129 -30.16 -89.36 -143.04
CA GLY C 129 -31.05 -89.71 -141.95
C GLY C 129 -30.36 -90.52 -140.87
N LEU C 130 -29.15 -90.13 -140.51
CA LEU C 130 -28.36 -90.90 -139.58
C LEU C 130 -28.63 -90.48 -138.14
N LYS C 131 -28.34 -91.40 -137.21
CA LYS C 131 -28.61 -91.22 -135.80
C LYS C 131 -27.46 -90.48 -135.13
N ALA C 132 -27.79 -89.77 -134.04
CA ALA C 132 -26.83 -88.96 -133.34
C ALA C 132 -25.92 -89.81 -132.45
N PRO C 133 -24.73 -89.32 -132.12
CA PRO C 133 -23.89 -90.03 -131.14
C PRO C 133 -24.52 -90.06 -129.76
N GLY C 134 -24.39 -91.22 -129.11
CA GLY C 134 -25.06 -91.48 -127.85
C GLY C 134 -24.40 -90.85 -126.65
N ILE C 135 -24.44 -91.58 -125.52
CA ILE C 135 -23.90 -91.07 -124.28
C ILE C 135 -22.40 -91.26 -124.18
N ILE C 136 -21.91 -92.45 -124.51
CA ILE C 136 -20.50 -92.82 -124.38
C ILE C 136 -19.57 -92.01 -125.28
N PRO C 137 -19.75 -91.89 -126.61
CA PRO C 137 -18.70 -91.22 -127.40
C PRO C 137 -18.66 -89.70 -127.31
N ARG C 138 -19.32 -89.07 -126.35
CA ARG C 138 -19.17 -87.63 -126.20
C ARG C 138 -18.19 -87.31 -125.06
N ILE C 139 -17.91 -86.02 -124.89
CA ILE C 139 -17.07 -85.50 -123.83
C ILE C 139 -17.47 -84.04 -123.61
N SER C 140 -17.09 -83.49 -122.47
CA SER C 140 -17.51 -82.15 -122.10
C SER C 140 -16.80 -81.11 -122.97
N VAL C 141 -17.39 -79.92 -123.04
CA VAL C 141 -16.89 -78.82 -123.85
C VAL C 141 -15.64 -78.27 -123.17
N ARG C 142 -14.53 -78.20 -123.91
CA ARG C 142 -13.24 -77.78 -123.35
C ARG C 142 -12.60 -76.62 -124.09
N GLU C 143 -12.80 -76.51 -125.40
CA GLU C 143 -12.15 -75.46 -126.17
C GLU C 143 -12.97 -74.18 -126.16
N PRO C 144 -12.37 -73.05 -126.53
CA PRO C 144 -13.17 -71.85 -126.82
C PRO C 144 -13.58 -71.78 -128.27
N MET C 145 -14.33 -70.74 -128.64
CA MET C 145 -14.70 -70.50 -130.03
C MET C 145 -14.97 -69.00 -130.16
N GLN C 146 -14.00 -68.26 -130.68
CA GLN C 146 -14.08 -66.81 -130.71
C GLN C 146 -14.93 -66.33 -131.86
N THR C 147 -15.86 -65.42 -131.57
CA THR C 147 -16.80 -64.93 -132.55
C THR C 147 -16.63 -63.47 -132.92
N GLY C 148 -15.55 -62.82 -132.47
CA GLY C 148 -15.23 -61.48 -132.92
C GLY C 148 -16.02 -60.36 -132.30
N ILE C 149 -17.28 -60.60 -131.91
CA ILE C 149 -18.11 -59.55 -131.33
C ILE C 149 -17.68 -59.32 -129.89
N LYS C 150 -17.61 -58.06 -129.48
CA LYS C 150 -17.17 -57.72 -128.13
C LYS C 150 -18.15 -58.20 -127.08
N ALA C 151 -19.45 -58.01 -127.30
CA ALA C 151 -20.46 -58.36 -126.30
C ALA C 151 -20.68 -59.85 -126.18
N VAL C 152 -20.34 -60.63 -127.19
CA VAL C 152 -20.58 -62.07 -127.13
C VAL C 152 -19.39 -62.79 -126.51
N ASP C 153 -18.17 -62.31 -126.75
CA ASP C 153 -17.02 -63.03 -126.23
C ASP C 153 -16.77 -62.74 -124.76
N SER C 154 -17.23 -61.60 -124.24
CA SER C 154 -17.06 -61.26 -122.85
C SER C 154 -18.16 -61.81 -121.96
N LEU C 155 -19.42 -61.69 -122.39
CA LEU C 155 -20.55 -61.97 -121.52
C LEU C 155 -21.25 -63.29 -121.84
N VAL C 156 -21.40 -63.64 -123.11
CA VAL C 156 -22.18 -64.82 -123.50
C VAL C 156 -21.26 -65.78 -124.24
N PRO C 157 -20.33 -66.45 -123.56
CA PRO C 157 -19.29 -67.18 -124.30
C PRO C 157 -19.81 -68.46 -124.93
N ILE C 158 -19.28 -68.76 -126.10
CA ILE C 158 -19.73 -69.89 -126.92
C ILE C 158 -18.58 -70.89 -127.00
N GLY C 159 -18.84 -72.12 -126.56
CA GLY C 159 -17.83 -73.16 -126.57
C GLY C 159 -17.70 -73.80 -127.94
N ARG C 160 -17.11 -74.98 -127.97
CA ARG C 160 -16.89 -75.68 -129.24
C ARG C 160 -17.48 -77.08 -129.10
N GLY C 161 -18.66 -77.28 -129.67
CA GLY C 161 -19.50 -78.43 -129.40
C GLY C 161 -20.85 -78.05 -128.85
N GLN C 162 -21.07 -76.77 -128.59
CA GLN C 162 -22.30 -76.24 -128.02
C GLN C 162 -23.33 -76.05 -129.14
N ARG C 163 -24.43 -75.37 -128.82
CA ARG C 163 -25.40 -74.88 -129.79
C ARG C 163 -26.10 -73.66 -129.22
N GLU C 164 -25.89 -72.52 -129.86
CA GLU C 164 -26.45 -71.26 -129.38
C GLU C 164 -27.50 -70.76 -130.35
N LEU C 165 -28.62 -70.31 -129.81
CA LEU C 165 -29.67 -69.76 -130.64
C LEU C 165 -29.49 -68.26 -130.81
N ILE C 166 -29.71 -67.78 -132.04
CA ILE C 166 -29.87 -66.37 -132.32
C ILE C 166 -31.35 -66.19 -132.59
N ILE C 167 -31.99 -65.24 -131.93
CA ILE C 167 -33.44 -65.11 -132.00
C ILE C 167 -33.81 -63.65 -131.79
N GLY C 168 -34.64 -63.13 -132.69
CA GLY C 168 -35.11 -61.77 -132.60
C GLY C 168 -36.09 -61.49 -133.72
N ASP C 169 -36.36 -60.21 -133.93
CA ASP C 169 -37.32 -59.80 -134.94
C ASP C 169 -36.66 -59.75 -136.31
N ARG C 170 -37.36 -59.17 -137.28
CA ARG C 170 -36.82 -58.96 -138.61
C ARG C 170 -36.11 -57.62 -138.66
N GLN C 171 -35.01 -57.59 -139.44
CA GLN C 171 -34.11 -56.43 -139.58
C GLN C 171 -33.58 -55.96 -138.22
N THR C 172 -33.06 -56.89 -137.44
CA THR C 172 -32.39 -56.56 -136.18
C THR C 172 -30.93 -56.97 -136.17
N GLY C 173 -30.49 -57.80 -137.12
CA GLY C 173 -29.10 -58.17 -137.21
C GLY C 173 -28.80 -59.61 -136.88
N LYS C 174 -29.70 -60.52 -137.25
CA LYS C 174 -29.50 -61.92 -136.91
C LYS C 174 -28.46 -62.59 -137.81
N THR C 175 -28.24 -62.04 -139.00
CA THR C 175 -27.30 -62.67 -139.92
C THR C 175 -25.94 -61.99 -139.87
N SER C 176 -25.91 -60.70 -139.52
CA SER C 176 -24.64 -60.01 -139.36
C SER C 176 -23.87 -60.46 -138.13
N ILE C 177 -24.50 -61.20 -137.21
CA ILE C 177 -23.77 -61.85 -136.13
C ILE C 177 -23.15 -63.15 -136.64
N ALA C 178 -23.87 -63.89 -137.47
CA ALA C 178 -23.37 -65.16 -137.99
C ALA C 178 -22.50 -65.01 -139.23
N ILE C 179 -22.25 -63.78 -139.68
CA ILE C 179 -21.36 -63.57 -140.80
C ILE C 179 -19.99 -63.08 -140.37
N ASP C 180 -19.87 -62.45 -139.19
CA ASP C 180 -18.57 -62.10 -138.65
C ASP C 180 -17.83 -63.30 -138.10
N THR C 181 -18.55 -64.32 -137.66
CA THR C 181 -17.94 -65.55 -137.18
C THR C 181 -17.24 -66.30 -138.30
N ILE C 182 -17.72 -66.15 -139.54
CA ILE C 182 -17.04 -66.77 -140.68
C ILE C 182 -15.76 -66.04 -141.01
N ILE C 183 -15.78 -64.71 -140.91
CA ILE C 183 -14.60 -63.91 -141.23
C ILE C 183 -13.55 -64.05 -140.14
N ASN C 184 -13.98 -64.27 -138.90
CA ASN C 184 -13.10 -64.27 -137.74
C ASN C 184 -12.13 -65.45 -137.72
N GLN C 185 -12.44 -66.54 -138.38
CA GLN C 185 -11.53 -67.68 -138.41
C GLN C 185 -10.46 -67.56 -139.48
N LYS C 186 -10.27 -66.38 -140.07
CA LYS C 186 -9.21 -66.21 -141.06
C LYS C 186 -7.84 -66.27 -140.40
N ARG C 187 -7.73 -65.78 -139.16
CA ARG C 187 -6.45 -65.73 -138.47
C ARG C 187 -6.01 -67.11 -137.98
N PHE C 188 -6.94 -68.04 -137.82
CA PHE C 188 -6.60 -69.39 -137.40
C PHE C 188 -6.36 -70.34 -138.56
N ASN C 189 -7.13 -70.19 -139.64
CA ASN C 189 -6.98 -71.09 -140.79
C ASN C 189 -5.76 -70.77 -141.64
N ASP C 190 -5.35 -69.51 -141.72
CA ASP C 190 -4.19 -69.17 -142.54
C ASP C 190 -2.88 -69.56 -141.89
N GLY C 191 -2.86 -69.72 -140.56
CA GLY C 191 -1.64 -70.08 -139.84
C GLY C 191 -1.34 -71.56 -139.88
N THR C 192 -0.69 -72.04 -138.83
CA THR C 192 -0.18 -73.40 -138.80
C THR C 192 -0.63 -74.22 -137.59
N ASP C 193 -1.41 -73.65 -136.68
CA ASP C 193 -1.95 -74.42 -135.57
C ASP C 193 -3.04 -75.36 -136.08
N GLU C 194 -2.76 -76.66 -136.01
CA GLU C 194 -3.61 -77.66 -136.65
C GLU C 194 -4.94 -77.82 -135.92
N LYS C 195 -4.92 -77.83 -134.60
CA LYS C 195 -6.13 -78.06 -133.80
C LYS C 195 -6.86 -76.76 -133.48
N LYS C 196 -6.71 -75.73 -134.31
CA LYS C 196 -7.49 -74.51 -134.16
C LYS C 196 -8.16 -74.11 -135.47
N LYS C 197 -8.26 -75.01 -136.43
CA LYS C 197 -8.89 -74.71 -137.71
C LYS C 197 -10.37 -75.01 -137.66
N LEU C 198 -11.18 -74.02 -138.05
CA LEU C 198 -12.65 -74.13 -138.04
C LEU C 198 -13.15 -73.97 -139.46
N TYR C 199 -13.73 -75.03 -140.02
CA TYR C 199 -14.28 -75.00 -141.36
C TYR C 199 -15.76 -74.67 -141.32
N CYS C 200 -16.11 -73.46 -141.72
CA CYS C 200 -17.48 -72.97 -141.66
C CYS C 200 -18.35 -73.61 -142.73
N ILE C 201 -19.65 -73.72 -142.42
CA ILE C 201 -20.69 -74.19 -143.33
C ILE C 201 -21.85 -73.22 -143.21
N TYR C 202 -22.52 -72.92 -144.33
CA TYR C 202 -23.62 -71.96 -144.35
C TYR C 202 -24.79 -72.55 -145.13
N VAL C 203 -25.92 -72.71 -144.46
CA VAL C 203 -27.16 -73.13 -145.11
C VAL C 203 -28.09 -71.93 -145.22
N ALA C 204 -28.67 -71.71 -146.40
CA ALA C 204 -29.51 -70.56 -146.65
C ALA C 204 -30.88 -71.05 -147.13
N ILE C 205 -31.87 -70.98 -146.26
CA ILE C 205 -33.21 -71.46 -146.53
C ILE C 205 -34.14 -70.27 -146.63
N GLY C 206 -35.05 -70.29 -147.61
CA GLY C 206 -36.10 -69.31 -147.69
C GLY C 206 -35.69 -67.90 -148.03
N GLN C 207 -34.45 -67.69 -148.48
CA GLN C 207 -34.00 -66.39 -148.92
C GLN C 207 -34.10 -66.31 -150.43
N LYS C 208 -33.98 -65.09 -150.96
CA LYS C 208 -33.95 -64.95 -152.40
C LYS C 208 -32.53 -65.05 -152.91
N ARG C 209 -32.40 -65.25 -154.23
CA ARG C 209 -31.09 -65.42 -154.86
C ARG C 209 -30.29 -64.15 -154.93
N SER C 210 -30.90 -62.99 -154.68
CA SER C 210 -30.18 -61.73 -154.63
C SER C 210 -29.76 -61.36 -153.22
N THR C 211 -29.65 -62.35 -152.33
CA THR C 211 -29.13 -62.13 -150.98
C THR C 211 -28.08 -63.19 -150.71
N VAL C 212 -28.25 -64.37 -151.30
CA VAL C 212 -27.20 -65.38 -151.25
C VAL C 212 -26.02 -64.94 -152.11
N ALA C 213 -26.28 -64.34 -153.26
CA ALA C 213 -25.22 -63.87 -154.14
C ALA C 213 -24.50 -62.66 -153.57
N GLN C 214 -25.23 -61.77 -152.89
CA GLN C 214 -24.58 -60.60 -152.29
C GLN C 214 -23.79 -60.99 -151.04
N LEU C 215 -24.14 -62.12 -150.41
CA LEU C 215 -23.38 -62.59 -149.26
C LEU C 215 -22.02 -63.10 -149.67
N VAL C 216 -21.95 -63.91 -150.74
CA VAL C 216 -20.67 -64.48 -151.17
C VAL C 216 -19.78 -63.46 -151.87
N LYS C 217 -20.25 -62.23 -152.06
CA LYS C 217 -19.35 -61.14 -152.40
C LYS C 217 -18.63 -60.61 -151.16
N ARG C 218 -19.27 -60.71 -149.98
CA ARG C 218 -18.58 -60.34 -148.74
C ARG C 218 -17.59 -61.40 -148.31
N LEU C 219 -17.89 -62.67 -148.57
CA LEU C 219 -17.01 -63.77 -148.23
C LEU C 219 -15.88 -63.96 -149.23
N THR C 220 -15.83 -63.17 -150.29
CA THR C 220 -14.71 -63.19 -151.21
C THR C 220 -13.95 -61.87 -151.21
N ASP C 221 -14.57 -60.77 -150.77
CA ASP C 221 -13.87 -59.51 -150.58
C ASP C 221 -12.87 -59.61 -149.42
N ALA C 222 -13.25 -60.25 -148.33
CA ALA C 222 -12.37 -60.44 -147.19
C ALA C 222 -11.66 -61.79 -147.21
N ASP C 223 -11.67 -62.48 -148.35
CA ASP C 223 -10.90 -63.70 -148.62
C ASP C 223 -11.28 -64.82 -147.65
N ALA C 224 -12.59 -65.03 -147.51
CA ALA C 224 -13.12 -66.02 -146.58
C ALA C 224 -13.82 -67.17 -147.27
N MET C 225 -13.88 -67.19 -148.61
CA MET C 225 -14.58 -68.25 -149.31
C MET C 225 -13.75 -69.51 -149.48
N LYS C 226 -12.48 -69.49 -149.10
CA LYS C 226 -11.59 -70.61 -149.41
C LYS C 226 -11.67 -71.73 -148.39
N TYR C 227 -12.46 -71.59 -147.33
CA TYR C 227 -12.59 -72.66 -146.35
C TYR C 227 -14.03 -72.93 -145.96
N THR C 228 -15.00 -72.39 -146.69
CA THR C 228 -16.41 -72.49 -146.33
C THR C 228 -17.22 -73.08 -147.46
N ILE C 229 -18.35 -73.69 -147.11
CA ILE C 229 -19.32 -74.21 -148.05
C ILE C 229 -20.60 -73.41 -147.89
N VAL C 230 -21.29 -73.17 -148.99
CA VAL C 230 -22.60 -72.52 -148.96
C VAL C 230 -23.61 -73.45 -149.62
N VAL C 231 -24.57 -73.93 -148.84
CA VAL C 231 -25.65 -74.78 -149.33
C VAL C 231 -26.89 -73.92 -149.40
N SER C 232 -27.43 -73.74 -150.60
CA SER C 232 -28.50 -72.78 -150.82
C SER C 232 -29.70 -73.46 -151.45
N ALA C 233 -30.86 -73.30 -150.82
CA ALA C 233 -32.15 -73.72 -151.35
C ALA C 233 -33.08 -72.51 -151.28
N THR C 234 -33.09 -71.71 -152.33
CA THR C 234 -33.85 -70.48 -152.36
C THR C 234 -35.34 -70.75 -152.55
N ALA C 235 -36.13 -69.69 -152.61
CA ALA C 235 -37.59 -69.82 -152.51
C ALA C 235 -38.21 -70.40 -153.78
N SER C 236 -37.55 -70.23 -154.93
CA SER C 236 -38.08 -70.81 -156.16
C SER C 236 -37.90 -72.33 -156.21
N ASP C 237 -37.06 -72.89 -155.34
CA ASP C 237 -36.97 -74.33 -155.24
C ASP C 237 -38.24 -74.89 -154.62
N ALA C 238 -38.52 -76.16 -154.92
CA ALA C 238 -39.68 -76.84 -154.36
C ALA C 238 -39.51 -77.00 -152.86
N ALA C 239 -40.65 -77.07 -152.18
CA ALA C 239 -40.65 -77.36 -150.73
C ALA C 239 -39.99 -78.68 -150.32
N PRO C 240 -39.88 -79.72 -151.16
CA PRO C 240 -38.94 -80.80 -150.84
C PRO C 240 -37.46 -80.44 -150.91
N LEU C 241 -37.09 -79.24 -151.35
CA LEU C 241 -35.69 -78.85 -151.30
C LEU C 241 -35.38 -77.90 -150.15
N GLN C 242 -36.36 -77.09 -149.73
CA GLN C 242 -36.15 -76.25 -148.56
C GLN C 242 -36.24 -77.06 -147.28
N TYR C 243 -36.80 -78.27 -147.35
CA TYR C 243 -36.94 -79.09 -146.15
C TYR C 243 -35.70 -79.95 -145.93
N LEU C 244 -34.97 -80.28 -146.98
CA LEU C 244 -33.86 -81.22 -146.91
C LEU C 244 -32.51 -80.52 -146.81
N ALA C 245 -32.46 -79.21 -146.97
CA ALA C 245 -31.18 -78.50 -146.97
C ALA C 245 -30.47 -78.46 -145.61
N PRO C 246 -31.17 -78.36 -144.44
CA PRO C 246 -30.42 -78.54 -143.19
C PRO C 246 -29.99 -79.97 -142.94
N TYR C 247 -30.73 -80.94 -143.46
CA TYR C 247 -30.31 -82.32 -143.31
C TYR C 247 -29.23 -82.71 -144.30
N SER C 248 -28.93 -81.84 -145.26
CA SER C 248 -27.86 -82.04 -146.20
C SER C 248 -26.57 -81.36 -145.78
N GLY C 249 -26.65 -80.17 -145.19
CA GLY C 249 -25.47 -79.45 -144.75
C GLY C 249 -24.91 -80.00 -143.46
N CYS C 250 -25.77 -80.57 -142.62
CA CYS C 250 -25.30 -81.18 -141.38
C CYS C 250 -24.54 -82.47 -141.67
N SER C 251 -24.89 -83.17 -142.74
CA SER C 251 -24.16 -84.37 -143.12
C SER C 251 -22.88 -84.05 -143.87
N MET C 252 -22.63 -82.78 -144.19
CA MET C 252 -21.34 -82.37 -144.72
C MET C 252 -20.35 -82.07 -143.60
N GLY C 253 -20.86 -81.61 -142.45
CA GLY C 253 -20.02 -81.39 -141.28
C GLY C 253 -19.83 -82.61 -140.40
N GLU C 254 -20.45 -83.73 -140.76
CA GLU C 254 -20.21 -84.96 -140.01
C GLU C 254 -19.04 -85.77 -140.55
N TYR C 255 -18.56 -85.43 -141.74
CA TYR C 255 -17.29 -85.97 -142.22
C TYR C 255 -16.12 -85.30 -141.53
N PHE C 256 -16.32 -84.09 -141.04
CA PHE C 256 -15.28 -83.39 -140.30
C PHE C 256 -15.22 -83.85 -138.85
N ARG C 257 -16.38 -84.16 -138.27
CA ARG C 257 -16.45 -84.57 -136.87
C ARG C 257 -15.89 -85.97 -136.67
N ASP C 258 -16.09 -86.86 -137.63
CA ASP C 258 -15.58 -88.22 -137.54
C ASP C 258 -14.10 -88.33 -137.90
N ASN C 259 -13.49 -87.26 -138.38
CA ASN C 259 -12.12 -87.31 -138.89
C ASN C 259 -11.27 -86.20 -138.29
N GLY C 260 -11.40 -85.97 -136.99
CA GLY C 260 -10.45 -85.15 -136.27
C GLY C 260 -10.62 -83.64 -136.35
N LYS C 261 -11.02 -83.13 -137.51
CA LYS C 261 -11.08 -81.69 -137.71
C LYS C 261 -12.32 -81.10 -137.05
N HIS C 262 -12.45 -79.78 -137.11
CA HIS C 262 -13.53 -79.05 -136.46
C HIS C 262 -14.37 -78.34 -137.52
N ALA C 263 -15.63 -78.04 -137.19
CA ALA C 263 -16.56 -77.45 -138.14
C ALA C 263 -17.51 -76.51 -137.41
N LEU C 264 -18.36 -75.84 -138.20
CA LEU C 264 -19.32 -74.87 -137.70
C LEU C 264 -20.39 -74.68 -138.77
N ILE C 265 -21.66 -74.73 -138.37
CA ILE C 265 -22.77 -74.71 -139.31
C ILE C 265 -23.82 -73.72 -138.83
N ILE C 266 -24.40 -72.96 -139.75
CA ILE C 266 -25.36 -71.91 -139.44
C ILE C 266 -26.62 -72.16 -140.27
N TYR C 267 -27.76 -72.27 -139.59
CA TYR C 267 -29.05 -72.48 -140.23
C TYR C 267 -29.81 -71.16 -140.20
N ASP C 268 -29.90 -70.48 -141.33
CA ASP C 268 -30.55 -69.17 -141.40
C ASP C 268 -31.65 -69.22 -142.46
N ASP C 269 -32.88 -69.56 -142.07
CA ASP C 269 -33.26 -69.80 -140.67
C ASP C 269 -34.12 -71.05 -140.55
N LEU C 270 -34.46 -71.42 -139.31
CA LEU C 270 -35.18 -72.64 -139.04
C LEU C 270 -36.68 -72.44 -138.94
N SER C 271 -37.18 -71.23 -139.17
CA SER C 271 -38.63 -71.04 -139.23
C SER C 271 -39.16 -71.40 -140.61
N LYS C 272 -38.48 -70.95 -141.67
CA LYS C 272 -38.88 -71.29 -143.03
C LYS C 272 -38.64 -72.74 -143.38
N GLN C 273 -37.87 -73.47 -142.57
CA GLN C 273 -37.72 -74.90 -142.73
C GLN C 273 -38.94 -75.64 -142.18
N ALA C 274 -39.83 -74.94 -141.46
CA ALA C 274 -41.06 -75.52 -140.96
C ALA C 274 -42.29 -75.02 -141.72
N VAL C 275 -42.24 -73.82 -142.30
CA VAL C 275 -43.31 -73.38 -143.19
C VAL C 275 -43.30 -74.20 -144.47
N ALA C 276 -42.13 -74.66 -144.89
CA ALA C 276 -42.02 -75.49 -146.08
C ALA C 276 -42.21 -76.97 -145.79
N TYR C 277 -42.15 -77.37 -144.52
CA TYR C 277 -42.48 -78.76 -144.18
C TYR C 277 -43.96 -78.93 -143.89
N ARG C 278 -44.63 -77.85 -143.46
CA ARG C 278 -46.09 -77.85 -143.33
C ARG C 278 -46.76 -78.07 -144.68
N GLN C 279 -46.36 -77.31 -145.69
CA GLN C 279 -47.01 -77.37 -147.00
C GLN C 279 -46.72 -78.69 -147.72
N MET C 280 -45.50 -79.20 -147.58
CA MET C 280 -45.15 -80.51 -148.14
C MET C 280 -45.93 -81.64 -147.48
N SER C 281 -46.39 -81.45 -146.24
CA SER C 281 -47.11 -82.50 -145.52
C SER C 281 -48.61 -82.30 -145.50
N LEU C 282 -49.11 -81.11 -145.82
CA LEU C 282 -50.56 -80.95 -146.00
C LEU C 282 -51.01 -81.62 -147.29
N LEU C 283 -50.26 -81.44 -148.38
CA LEU C 283 -50.63 -81.98 -149.67
C LEU C 283 -50.49 -83.50 -149.77
N LEU C 284 -49.90 -84.15 -148.78
CA LEU C 284 -49.91 -85.61 -148.71
C LEU C 284 -51.14 -86.14 -147.99
N ARG C 285 -52.12 -85.28 -147.72
CA ARG C 285 -53.36 -85.58 -147.01
C ARG C 285 -53.09 -86.15 -145.60
N ARG C 286 -52.46 -85.31 -144.79
CA ARG C 286 -52.21 -85.58 -143.39
C ARG C 286 -52.87 -84.51 -142.53
N PRO C 287 -53.47 -84.87 -141.39
CA PRO C 287 -54.35 -83.94 -140.68
C PRO C 287 -53.55 -82.85 -139.98
N PRO C 288 -53.96 -81.59 -140.15
CA PRO C 288 -53.20 -80.47 -139.56
C PRO C 288 -53.45 -80.32 -138.08
N GLY C 289 -52.38 -80.00 -137.35
CA GLY C 289 -52.46 -79.80 -135.92
C GLY C 289 -52.60 -78.36 -135.50
N ARG C 290 -51.80 -77.92 -134.54
CA ARG C 290 -51.90 -76.56 -134.03
C ARG C 290 -51.26 -75.57 -135.00
N GLU C 291 -52.02 -74.53 -135.35
CA GLU C 291 -51.68 -73.54 -136.39
C GLU C 291 -51.37 -74.20 -137.73
N ALA C 292 -52.05 -75.32 -138.00
CA ALA C 292 -51.91 -76.19 -139.17
C ALA C 292 -50.53 -76.81 -139.34
N TYR C 293 -49.64 -76.67 -138.35
CA TYR C 293 -48.37 -77.35 -138.39
C TYR C 293 -48.59 -78.84 -138.16
N PRO C 294 -47.73 -79.70 -138.71
CA PRO C 294 -47.88 -81.15 -138.48
C PRO C 294 -47.65 -81.55 -137.04
N GLY C 295 -47.95 -82.81 -136.71
CA GLY C 295 -47.92 -83.24 -135.34
C GLY C 295 -46.53 -83.36 -134.75
N ASP C 296 -45.52 -83.47 -135.61
CA ASP C 296 -44.15 -83.77 -135.18
C ASP C 296 -43.18 -82.72 -135.72
N VAL C 297 -43.48 -81.44 -135.45
CA VAL C 297 -42.50 -80.40 -135.68
C VAL C 297 -41.58 -80.21 -134.48
N PHE C 298 -41.67 -81.07 -133.47
CA PHE C 298 -40.60 -81.15 -132.49
C PHE C 298 -39.54 -82.12 -132.95
N TYR C 299 -39.95 -83.29 -133.44
CA TYR C 299 -39.04 -84.28 -133.98
C TYR C 299 -38.35 -83.82 -135.26
N LEU C 300 -38.85 -82.76 -135.89
CA LEU C 300 -38.14 -82.16 -137.02
C LEU C 300 -36.81 -81.54 -136.57
N HIS C 301 -36.87 -80.62 -135.62
CA HIS C 301 -35.68 -79.89 -135.18
C HIS C 301 -34.85 -80.66 -134.16
N SER C 302 -35.46 -81.50 -133.33
CA SER C 302 -34.74 -82.16 -132.24
C SER C 302 -33.89 -83.34 -132.69
N ARG C 303 -33.90 -83.66 -133.98
CA ARG C 303 -32.93 -84.59 -134.51
C ARG C 303 -31.92 -83.90 -135.40
N LEU C 304 -32.13 -82.62 -135.70
CA LEU C 304 -31.17 -81.80 -136.41
C LEU C 304 -30.09 -81.28 -135.47
N LEU C 305 -30.50 -80.64 -134.39
CA LEU C 305 -29.60 -80.03 -133.41
C LEU C 305 -29.00 -81.02 -132.43
N GLU C 306 -29.41 -82.28 -132.46
CA GLU C 306 -28.88 -83.29 -131.56
C GLU C 306 -27.65 -83.98 -132.12
N ARG C 307 -27.26 -83.68 -133.36
CA ARG C 307 -26.07 -84.24 -133.96
C ARG C 307 -24.87 -83.32 -133.85
N ALA C 308 -25.04 -82.12 -133.30
CA ALA C 308 -23.94 -81.17 -133.12
C ALA C 308 -23.25 -81.49 -131.81
N ALA C 309 -22.40 -82.51 -131.85
CA ALA C 309 -21.78 -83.07 -130.65
C ALA C 309 -20.34 -82.57 -130.52
N LYS C 310 -19.63 -83.17 -129.56
CA LYS C 310 -18.20 -82.94 -129.34
C LYS C 310 -17.64 -84.25 -128.84
N MET C 311 -16.69 -84.81 -129.57
CA MET C 311 -16.28 -86.18 -129.31
C MET C 311 -15.00 -86.23 -128.49
N ASN C 312 -14.64 -87.44 -128.07
CA ASN C 312 -13.49 -87.68 -127.21
C ASN C 312 -12.37 -88.32 -128.00
N ASP C 313 -11.22 -88.50 -127.34
CA ASP C 313 -9.98 -88.85 -128.04
C ASP C 313 -9.93 -90.30 -128.47
N ALA C 314 -10.83 -91.15 -127.97
CA ALA C 314 -10.92 -92.52 -128.46
C ALA C 314 -11.76 -92.65 -129.72
N PHE C 315 -12.42 -91.57 -130.14
CA PHE C 315 -13.25 -91.57 -131.35
C PHE C 315 -12.81 -90.52 -132.37
N GLY C 316 -11.81 -89.71 -132.05
CA GLY C 316 -11.25 -88.75 -132.97
C GLY C 316 -11.01 -87.37 -132.40
N GLY C 317 -11.86 -86.90 -131.50
CA GLY C 317 -11.66 -85.60 -130.90
C GLY C 317 -12.25 -84.44 -131.67
N GLY C 318 -12.86 -84.68 -132.83
CA GLY C 318 -13.45 -83.60 -133.59
C GLY C 318 -14.82 -83.20 -133.07
N SER C 319 -15.25 -82.01 -133.46
CA SER C 319 -16.49 -81.44 -132.94
C SER C 319 -17.36 -80.96 -134.10
N LEU C 320 -18.48 -80.32 -133.74
CA LEU C 320 -19.41 -79.73 -134.68
C LEU C 320 -20.29 -78.77 -133.89
N THR C 321 -20.37 -77.52 -134.33
CA THR C 321 -21.05 -76.47 -133.57
C THR C 321 -22.13 -75.85 -134.45
N ALA C 322 -23.33 -75.70 -133.90
CA ALA C 322 -24.45 -75.11 -134.63
C ALA C 322 -24.75 -73.70 -134.16
N LEU C 323 -25.44 -72.96 -135.01
CA LEU C 323 -25.96 -71.63 -134.65
C LEU C 323 -27.27 -71.39 -135.40
N PRO C 324 -28.36 -72.01 -134.96
CA PRO C 324 -29.63 -71.81 -135.64
C PRO C 324 -30.22 -70.43 -135.40
N VAL C 325 -30.96 -69.95 -136.40
CA VAL C 325 -31.62 -68.65 -136.34
C VAL C 325 -33.13 -68.88 -136.35
N ILE C 326 -33.84 -68.10 -135.54
CA ILE C 326 -35.29 -68.18 -135.41
C ILE C 326 -35.85 -66.77 -135.52
N GLU C 327 -36.90 -66.61 -136.30
CA GLU C 327 -37.56 -65.32 -136.50
C GLU C 327 -38.86 -65.29 -135.69
N THR C 328 -39.06 -64.22 -134.92
CA THR C 328 -40.27 -64.06 -134.13
C THR C 328 -41.12 -62.92 -134.66
N GLN C 329 -42.43 -63.04 -134.45
CA GLN C 329 -43.41 -62.08 -134.96
C GLN C 329 -43.74 -61.08 -133.87
N ALA C 330 -43.08 -59.92 -133.94
CA ALA C 330 -43.29 -58.77 -133.05
C ALA C 330 -43.08 -59.13 -131.57
N GLY C 331 -41.87 -59.60 -131.27
CA GLY C 331 -41.46 -59.81 -129.89
C GLY C 331 -42.09 -60.99 -129.18
N ASP C 332 -42.96 -61.76 -129.83
CA ASP C 332 -43.61 -62.90 -129.20
C ASP C 332 -42.62 -64.06 -129.14
N VAL C 333 -42.14 -64.38 -127.95
CA VAL C 333 -41.19 -65.47 -127.76
C VAL C 333 -41.98 -66.57 -127.05
N SER C 334 -43.29 -66.58 -127.29
CA SER C 334 -44.16 -67.57 -126.67
C SER C 334 -45.00 -68.30 -127.71
N ALA C 335 -44.60 -68.23 -128.98
CA ALA C 335 -45.36 -68.85 -130.06
C ALA C 335 -45.04 -70.34 -130.10
N TYR C 336 -45.50 -71.01 -131.15
CA TYR C 336 -45.37 -72.47 -131.19
C TYR C 336 -43.96 -72.90 -131.55
N ILE C 337 -43.43 -72.42 -132.67
CA ILE C 337 -42.10 -72.78 -133.13
C ILE C 337 -40.99 -72.06 -132.36
N PRO C 338 -41.08 -70.72 -132.01
CA PRO C 338 -40.04 -70.13 -131.15
C PRO C 338 -39.91 -70.67 -129.73
N THR C 339 -40.74 -71.61 -129.31
CA THR C 339 -40.56 -72.24 -128.00
C THR C 339 -40.20 -73.71 -128.07
N ASN C 340 -40.38 -74.36 -129.22
CA ASN C 340 -39.91 -75.73 -129.37
C ASN C 340 -38.39 -75.81 -129.41
N VAL C 341 -37.72 -74.77 -129.89
CA VAL C 341 -36.28 -74.83 -130.13
C VAL C 341 -35.56 -74.35 -128.88
N ILE C 342 -36.19 -73.42 -128.14
CA ILE C 342 -35.59 -72.84 -126.95
C ILE C 342 -35.36 -73.91 -125.88
N SER C 343 -36.23 -74.92 -125.82
CA SER C 343 -36.04 -76.04 -124.92
C SER C 343 -35.13 -77.12 -125.51
N ILE C 344 -34.42 -76.84 -126.59
CA ILE C 344 -33.45 -77.76 -127.17
C ILE C 344 -32.03 -77.21 -127.09
N THR C 345 -31.86 -75.92 -127.38
CA THR C 345 -30.53 -75.32 -127.46
C THR C 345 -29.92 -75.16 -126.07
N ASP C 346 -28.70 -74.61 -126.03
CA ASP C 346 -27.94 -74.44 -124.79
C ASP C 346 -27.85 -73.00 -124.32
N GLY C 347 -28.08 -72.03 -125.21
CA GLY C 347 -28.05 -70.64 -124.82
C GLY C 347 -29.03 -69.86 -125.66
N GLN C 348 -28.99 -68.54 -125.52
CA GLN C 348 -29.87 -67.63 -126.24
C GLN C 348 -29.17 -66.30 -126.41
N ILE C 349 -29.47 -65.63 -127.53
CA ILE C 349 -28.99 -64.27 -127.78
C ILE C 349 -30.22 -63.48 -128.22
N PHE C 350 -30.88 -62.82 -127.28
CA PHE C 350 -32.13 -62.13 -127.57
C PHE C 350 -31.81 -60.75 -128.13
N LEU C 351 -31.93 -60.59 -129.44
CA LEU C 351 -31.85 -59.27 -130.05
C LEU C 351 -33.20 -58.57 -129.91
N GLU C 352 -33.16 -57.35 -129.40
CA GLU C 352 -34.37 -56.57 -129.19
C GLU C 352 -34.38 -55.35 -130.10
N THR C 353 -35.53 -55.10 -130.73
CA THR C 353 -35.67 -53.94 -131.58
C THR C 353 -35.82 -52.65 -130.79
N GLU C 354 -36.13 -52.74 -129.50
CA GLU C 354 -36.21 -51.54 -128.66
C GLU C 354 -34.82 -51.00 -128.38
N LEU C 355 -33.81 -51.87 -128.33
CA LEU C 355 -32.43 -51.43 -128.14
C LEU C 355 -31.78 -50.94 -129.43
N PHE C 356 -32.32 -51.32 -130.59
CA PHE C 356 -31.68 -51.01 -131.85
C PHE C 356 -31.74 -49.52 -132.15
N TYR C 357 -32.95 -48.95 -132.15
CA TYR C 357 -33.11 -47.54 -132.49
C TYR C 357 -32.63 -46.60 -131.39
N LYS C 358 -32.43 -47.09 -130.18
CA LYS C 358 -31.79 -46.31 -129.14
C LYS C 358 -30.30 -46.13 -129.39
N GLY C 359 -29.61 -47.13 -129.93
CA GLY C 359 -28.28 -46.90 -130.44
C GLY C 359 -27.24 -47.95 -130.13
N ILE C 360 -27.58 -49.01 -129.41
CA ILE C 360 -26.60 -50.06 -129.14
C ILE C 360 -26.71 -51.10 -130.25
N ARG C 361 -25.60 -51.30 -130.97
CA ARG C 361 -25.54 -52.20 -132.10
C ARG C 361 -24.24 -52.99 -132.03
N PRO C 362 -24.28 -54.34 -131.97
CA PRO C 362 -25.40 -55.28 -131.99
C PRO C 362 -26.29 -55.25 -130.76
N ALA C 363 -27.58 -54.99 -130.99
CA ALA C 363 -28.55 -54.85 -129.92
C ALA C 363 -28.79 -56.20 -129.27
N ILE C 364 -28.13 -56.43 -128.15
CA ILE C 364 -28.24 -57.68 -127.42
C ILE C 364 -28.75 -57.38 -126.02
N ASN C 365 -29.88 -57.96 -125.66
CA ASN C 365 -30.45 -57.83 -124.32
C ASN C 365 -29.57 -58.66 -123.39
N VAL C 366 -28.64 -57.99 -122.71
CA VAL C 366 -27.63 -58.69 -121.91
C VAL C 366 -28.25 -59.23 -120.63
N GLY C 367 -29.39 -58.68 -120.23
CA GLY C 367 -30.08 -59.21 -119.06
C GLY C 367 -30.75 -60.55 -119.32
N LEU C 368 -31.13 -60.79 -120.58
CA LEU C 368 -31.85 -62.01 -120.93
C LEU C 368 -31.03 -63.00 -121.75
N SER C 369 -29.89 -62.58 -122.29
CA SER C 369 -29.09 -63.44 -123.16
C SER C 369 -28.23 -64.35 -122.29
N VAL C 370 -28.77 -65.50 -121.92
CA VAL C 370 -28.08 -66.42 -121.02
C VAL C 370 -27.37 -67.46 -121.87
N SER C 371 -26.40 -68.14 -121.29
CA SER C 371 -25.73 -69.28 -121.90
C SER C 371 -25.09 -70.13 -120.82
N ARG C 372 -25.20 -71.45 -120.95
CA ARG C 372 -24.30 -72.33 -120.24
C ARG C 372 -22.89 -72.08 -120.75
N VAL C 373 -21.96 -71.87 -119.81
CA VAL C 373 -20.65 -71.36 -120.17
C VAL C 373 -19.82 -72.46 -120.83
N GLY C 374 -20.09 -73.72 -120.49
CA GLY C 374 -19.36 -74.82 -121.06
C GLY C 374 -18.21 -75.30 -120.21
N SER C 375 -18.51 -75.62 -118.95
CA SER C 375 -17.55 -76.01 -117.92
C SER C 375 -16.49 -74.92 -117.71
N ALA C 376 -16.93 -73.66 -117.86
CA ALA C 376 -16.11 -72.45 -117.72
C ALA C 376 -14.90 -72.47 -118.65
N ALA C 377 -15.11 -72.92 -119.89
CA ALA C 377 -14.04 -72.89 -120.89
C ALA C 377 -14.10 -71.64 -121.75
N GLN C 378 -14.21 -70.48 -121.10
CA GLN C 378 -14.13 -69.20 -121.80
C GLN C 378 -12.73 -68.98 -122.34
N THR C 379 -11.79 -68.68 -121.43
CA THR C 379 -10.35 -68.56 -121.61
C THR C 379 -9.77 -68.21 -120.24
N ARG C 380 -8.47 -68.00 -120.14
CA ARG C 380 -7.88 -67.60 -118.87
C ARG C 380 -7.74 -66.09 -118.72
N ALA C 381 -7.75 -65.33 -119.81
CA ALA C 381 -7.44 -63.90 -119.74
C ALA C 381 -8.68 -63.02 -119.67
N MET C 382 -9.74 -63.35 -120.44
CA MET C 382 -10.97 -62.58 -120.36
C MET C 382 -11.72 -62.85 -119.06
N LYS C 383 -11.53 -64.02 -118.46
CA LYS C 383 -12.17 -64.36 -117.20
C LYS C 383 -11.70 -63.48 -116.06
N GLN C 384 -10.48 -62.94 -116.16
CA GLN C 384 -9.93 -62.04 -115.15
C GLN C 384 -10.33 -60.58 -115.37
N VAL C 385 -10.96 -60.26 -116.49
CA VAL C 385 -11.29 -58.87 -116.80
C VAL C 385 -12.78 -58.67 -117.11
N ALA C 386 -13.49 -59.71 -117.53
CA ALA C 386 -14.93 -59.58 -117.79
C ALA C 386 -15.80 -59.97 -116.61
N GLY C 387 -15.23 -60.69 -115.63
CA GLY C 387 -16.02 -61.05 -114.45
C GLY C 387 -16.35 -59.85 -113.59
N THR C 388 -15.49 -58.84 -113.59
CA THR C 388 -15.78 -57.60 -112.90
C THR C 388 -16.34 -56.53 -113.81
N MET C 389 -16.66 -56.88 -115.06
CA MET C 389 -17.41 -56.04 -115.98
C MET C 389 -18.90 -56.39 -115.96
N LYS C 390 -19.22 -57.69 -115.89
CA LYS C 390 -20.59 -58.15 -115.80
C LYS C 390 -21.26 -57.67 -114.51
N LEU C 391 -20.52 -57.68 -113.40
CA LEU C 391 -21.09 -57.29 -112.11
C LEU C 391 -21.22 -55.79 -111.96
N GLU C 392 -20.57 -55.01 -112.83
CA GLU C 392 -20.75 -53.57 -112.78
C GLU C 392 -21.85 -53.11 -113.73
N LEU C 393 -22.26 -53.97 -114.67
CA LEU C 393 -23.43 -53.67 -115.48
C LEU C 393 -24.72 -54.08 -114.78
N ALA C 394 -24.68 -55.19 -114.03
CA ALA C 394 -25.87 -55.68 -113.33
C ALA C 394 -26.35 -54.70 -112.27
N GLN C 395 -25.44 -53.95 -111.65
CA GLN C 395 -25.83 -52.91 -110.72
C GLN C 395 -26.20 -51.62 -111.41
N TYR C 396 -26.04 -51.55 -112.74
CA TYR C 396 -26.42 -50.34 -113.47
C TYR C 396 -27.86 -50.40 -113.95
N ARG C 397 -28.31 -51.58 -114.37
CA ARG C 397 -29.68 -51.74 -114.88
C ARG C 397 -30.73 -51.59 -113.79
N GLU C 398 -30.39 -51.87 -112.54
CA GLU C 398 -31.36 -51.83 -111.46
C GLU C 398 -31.67 -50.41 -111.00
N VAL C 399 -30.77 -49.47 -111.21
CA VAL C 399 -30.89 -48.14 -110.62
C VAL C 399 -31.12 -47.07 -111.68
N ALA C 400 -31.10 -47.42 -112.96
CA ALA C 400 -31.14 -46.43 -114.03
C ALA C 400 -32.38 -46.62 -114.88
N ALA C 401 -33.53 -46.81 -114.23
CA ALA C 401 -34.79 -46.98 -114.92
C ALA C 401 -35.76 -45.83 -114.65
N PHE C 402 -35.27 -44.69 -114.16
CA PHE C 402 -36.18 -43.67 -113.66
C PHE C 402 -36.72 -42.79 -114.77
N ALA C 403 -35.83 -42.11 -115.50
CA ALA C 403 -36.03 -40.95 -116.38
C ALA C 403 -36.58 -39.71 -115.66
N GLN C 404 -36.78 -39.78 -114.34
CA GLN C 404 -37.29 -38.68 -113.51
C GLN C 404 -36.59 -38.80 -112.15
N PHE C 405 -35.49 -38.09 -111.97
CA PHE C 405 -34.76 -38.11 -110.72
C PHE C 405 -35.11 -36.87 -109.90
N GLY C 406 -35.27 -37.06 -108.60
CA GLY C 406 -35.62 -35.97 -107.70
C GLY C 406 -34.57 -35.76 -106.62
N SER C 407 -33.82 -36.81 -106.31
CA SER C 407 -32.76 -36.75 -105.31
C SER C 407 -31.42 -36.76 -106.04
N ASP C 408 -30.50 -35.93 -105.58
CA ASP C 408 -29.15 -35.87 -106.14
C ASP C 408 -28.22 -36.64 -105.20
N LEU C 409 -27.93 -37.87 -105.58
CA LEU C 409 -27.09 -38.79 -104.80
C LEU C 409 -25.66 -38.81 -105.32
N ASP C 410 -25.16 -37.62 -105.71
CA ASP C 410 -23.95 -37.36 -106.49
C ASP C 410 -22.71 -38.14 -106.08
N ALA C 411 -22.54 -38.39 -104.78
CA ALA C 411 -21.43 -39.23 -104.35
C ALA C 411 -21.85 -40.66 -104.10
N ALA C 412 -23.14 -40.89 -103.84
CA ALA C 412 -23.60 -42.22 -103.44
C ALA C 412 -23.66 -43.18 -104.63
N THR C 413 -24.51 -42.89 -105.61
CA THR C 413 -24.73 -43.79 -106.73
C THR C 413 -24.27 -43.25 -108.06
N GLN C 414 -23.89 -41.97 -108.15
CA GLN C 414 -23.47 -41.43 -109.44
C GLN C 414 -22.07 -41.90 -109.82
N GLN C 415 -21.34 -42.53 -108.89
CA GLN C 415 -20.17 -43.29 -109.30
C GLN C 415 -20.58 -44.59 -109.98
N LEU C 416 -21.65 -45.22 -109.50
CA LEU C 416 -22.12 -46.47 -110.10
C LEU C 416 -22.93 -46.22 -111.36
N LEU C 417 -23.77 -45.18 -111.36
CA LEU C 417 -24.69 -44.92 -112.45
C LEU C 417 -24.01 -44.20 -113.62
N SER C 418 -22.84 -43.61 -113.41
CA SER C 418 -22.10 -43.03 -114.52
C SER C 418 -20.84 -43.82 -114.87
N ARG C 419 -20.65 -45.00 -114.29
CA ARG C 419 -19.64 -45.92 -114.81
C ARG C 419 -20.23 -46.84 -115.86
N GLY C 420 -21.44 -47.35 -115.61
CA GLY C 420 -22.12 -48.25 -116.51
C GLY C 420 -22.52 -47.63 -117.84
N VAL C 421 -22.59 -46.30 -117.90
CA VAL C 421 -22.75 -45.62 -119.19
C VAL C 421 -21.51 -45.80 -120.04
N ARG C 422 -20.32 -45.69 -119.42
CA ARG C 422 -19.08 -45.88 -120.15
C ARG C 422 -18.86 -47.33 -120.54
N LEU C 423 -19.22 -48.27 -119.68
CA LEU C 423 -19.08 -49.69 -120.00
C LEU C 423 -20.01 -50.15 -121.11
N THR C 424 -21.18 -49.53 -121.25
CA THR C 424 -22.11 -49.87 -122.31
C THR C 424 -21.60 -49.42 -123.68
N GLU C 425 -21.13 -48.18 -123.78
CA GLU C 425 -20.62 -47.65 -125.04
C GLU C 425 -19.27 -48.26 -125.40
N LEU C 426 -18.63 -48.97 -124.48
CA LEU C 426 -17.46 -49.78 -124.80
C LEU C 426 -17.83 -51.05 -125.54
N LEU C 427 -19.10 -51.44 -125.53
CA LEU C 427 -19.54 -52.70 -126.12
C LEU C 427 -20.12 -52.54 -127.52
N LYS C 428 -20.23 -51.31 -128.02
CA LYS C 428 -20.69 -51.10 -129.39
C LYS C 428 -19.61 -51.51 -130.38
N GLN C 429 -20.04 -51.93 -131.57
CA GLN C 429 -19.13 -52.41 -132.59
C GLN C 429 -19.72 -52.07 -133.95
N GLY C 430 -18.86 -52.04 -134.96
CA GLY C 430 -19.30 -51.80 -136.32
C GLY C 430 -19.77 -53.06 -137.01
N GLN C 431 -19.45 -53.21 -138.30
CA GLN C 431 -19.90 -54.37 -139.06
C GLN C 431 -18.73 -54.95 -139.84
N TYR C 432 -18.69 -56.29 -139.90
CA TYR C 432 -17.66 -57.07 -140.59
C TYR C 432 -16.25 -56.76 -140.08
N ALA C 433 -16.15 -56.46 -138.79
CA ALA C 433 -14.87 -56.14 -138.15
C ALA C 433 -14.70 -57.00 -136.90
N PRO C 434 -14.28 -58.25 -137.06
CA PRO C 434 -14.07 -59.10 -135.88
C PRO C 434 -12.69 -58.87 -135.27
N MET C 435 -12.67 -58.40 -134.04
CA MET C 435 -11.41 -58.15 -133.35
C MET C 435 -10.79 -59.45 -132.86
N ALA C 436 -9.49 -59.41 -132.59
CA ALA C 436 -8.82 -60.57 -132.02
C ALA C 436 -9.08 -60.64 -130.52
N ILE C 437 -8.75 -61.79 -129.93
CA ILE C 437 -9.11 -62.03 -128.53
C ILE C 437 -8.22 -61.22 -127.59
N GLU C 438 -6.93 -61.11 -127.91
CA GLU C 438 -6.01 -60.35 -127.07
C GLU C 438 -6.17 -58.84 -127.24
N GLU C 439 -6.68 -58.40 -128.39
CA GLU C 439 -7.02 -56.99 -128.56
C GLU C 439 -8.27 -56.64 -127.77
N GLN C 440 -9.18 -57.60 -127.60
CA GLN C 440 -10.40 -57.38 -126.83
C GLN C 440 -10.14 -57.13 -125.36
N VAL C 441 -9.11 -57.77 -124.80
CA VAL C 441 -8.76 -57.56 -123.39
C VAL C 441 -8.21 -56.16 -123.18
N ALA C 442 -7.44 -55.64 -124.14
CA ALA C 442 -6.84 -54.32 -124.03
C ALA C 442 -7.85 -53.18 -124.19
N VAL C 443 -9.11 -53.48 -124.52
CA VAL C 443 -10.16 -52.48 -124.56
C VAL C 443 -11.02 -52.52 -123.30
N ILE C 444 -11.32 -53.73 -122.82
CA ILE C 444 -12.16 -53.86 -121.63
C ILE C 444 -11.39 -53.46 -120.38
N TYR C 445 -10.11 -53.85 -120.30
CA TYR C 445 -9.25 -53.48 -119.17
C TYR C 445 -9.02 -51.98 -119.07
N ALA C 446 -9.13 -51.27 -120.20
CA ALA C 446 -9.02 -49.82 -120.19
C ALA C 446 -10.20 -49.13 -119.52
N GLY C 447 -11.30 -49.83 -119.28
CA GLY C 447 -12.47 -49.18 -118.71
C GLY C 447 -13.01 -49.80 -117.44
N VAL C 448 -12.65 -51.06 -117.16
CA VAL C 448 -13.17 -51.72 -115.97
C VAL C 448 -12.40 -51.30 -114.71
N ARG C 449 -11.11 -51.00 -114.84
CA ARG C 449 -10.33 -50.47 -113.73
C ARG C 449 -10.47 -48.96 -113.60
N GLY C 450 -11.18 -48.33 -114.52
CA GLY C 450 -11.54 -46.93 -114.39
C GLY C 450 -10.55 -45.95 -114.96
N TYR C 451 -10.15 -46.12 -116.21
CA TYR C 451 -9.30 -45.15 -116.88
C TYR C 451 -10.06 -44.27 -117.85
N LEU C 452 -11.38 -44.42 -117.95
CA LEU C 452 -12.17 -43.61 -118.89
C LEU C 452 -13.14 -42.68 -118.17
N ASP C 453 -13.11 -42.62 -116.83
CA ASP C 453 -14.13 -41.91 -116.08
C ASP C 453 -14.05 -40.39 -116.19
N LYS C 454 -13.08 -39.85 -116.93
CA LYS C 454 -12.99 -38.41 -117.11
C LYS C 454 -13.55 -37.93 -118.44
N LEU C 455 -13.70 -38.83 -119.41
CA LEU C 455 -14.02 -38.43 -120.77
C LEU C 455 -15.50 -38.09 -120.92
N GLU C 456 -15.79 -37.28 -121.94
CA GLU C 456 -17.16 -36.99 -122.31
C GLU C 456 -17.80 -38.22 -122.93
N PRO C 457 -19.11 -38.42 -122.74
CA PRO C 457 -19.74 -39.63 -123.28
C PRO C 457 -19.89 -39.63 -124.79
N SER C 458 -19.86 -38.47 -125.43
CA SER C 458 -19.94 -38.40 -126.88
C SER C 458 -18.62 -38.77 -127.57
N LYS C 459 -17.53 -38.88 -126.83
CA LYS C 459 -16.22 -39.07 -127.41
C LYS C 459 -15.59 -40.43 -127.10
N ILE C 460 -16.33 -41.36 -126.48
CA ILE C 460 -15.74 -42.63 -126.13
C ILE C 460 -15.54 -43.51 -127.36
N THR C 461 -16.41 -43.38 -128.36
CA THR C 461 -16.21 -44.12 -129.60
C THR C 461 -15.09 -43.51 -130.44
N LYS C 462 -14.83 -42.21 -130.27
CA LYS C 462 -13.70 -41.59 -130.93
C LYS C 462 -12.40 -41.93 -130.22
N PHE C 463 -12.46 -42.19 -128.91
CA PHE C 463 -11.28 -42.59 -128.16
C PHE C 463 -10.77 -43.96 -128.58
N GLU C 464 -11.67 -44.86 -128.95
CA GLU C 464 -11.27 -46.24 -129.15
C GLU C 464 -10.63 -46.46 -130.53
N ASN C 465 -11.14 -45.81 -131.56
CA ASN C 465 -10.56 -45.98 -132.89
C ASN C 465 -9.28 -45.16 -133.07
N ALA C 466 -8.91 -44.35 -132.07
CA ALA C 466 -7.56 -43.82 -132.01
C ALA C 466 -6.66 -44.69 -131.14
N PHE C 467 -7.22 -45.30 -130.09
CA PHE C 467 -6.45 -46.17 -129.22
C PHE C 467 -6.21 -47.54 -129.86
N LEU C 468 -7.06 -47.92 -130.83
CA LEU C 468 -6.85 -49.19 -131.52
C LEU C 468 -5.63 -49.13 -132.42
N SER C 469 -5.30 -47.95 -132.93
CA SER C 469 -4.11 -47.79 -133.78
C SER C 469 -2.82 -47.79 -132.96
N HIS C 470 -2.84 -47.20 -131.77
CA HIS C 470 -1.64 -47.04 -130.98
C HIS C 470 -1.12 -48.34 -130.37
N VAL C 471 -1.96 -49.37 -130.30
CA VAL C 471 -1.54 -50.64 -129.72
C VAL C 471 -1.08 -51.62 -130.79
N ILE C 472 -1.72 -51.60 -131.96
CA ILE C 472 -1.44 -52.59 -133.01
C ILE C 472 -0.16 -52.30 -133.76
N SER C 473 0.40 -51.09 -133.62
CA SER C 473 1.60 -50.70 -134.36
C SER C 473 2.87 -50.72 -133.52
N GLN C 474 2.83 -50.13 -132.33
CA GLN C 474 4.04 -49.91 -131.55
C GLN C 474 4.23 -50.91 -130.42
N HIS C 475 3.23 -51.73 -130.11
CA HIS C 475 3.28 -52.60 -128.94
C HIS C 475 2.86 -54.02 -129.30
N GLN C 476 3.46 -54.54 -130.37
CA GLN C 476 3.08 -55.84 -130.89
C GLN C 476 3.54 -56.98 -129.99
N ALA C 477 4.73 -56.86 -129.40
CA ALA C 477 5.24 -57.92 -128.54
C ALA C 477 4.53 -57.99 -127.19
N LEU C 478 3.82 -56.93 -126.80
CA LEU C 478 2.95 -57.00 -125.64
C LEU C 478 1.76 -57.91 -125.92
N LEU C 479 1.11 -57.70 -127.06
CA LEU C 479 -0.02 -58.54 -127.46
C LEU C 479 0.40 -59.96 -127.83
N GLY C 480 1.68 -60.16 -128.16
CA GLY C 480 2.19 -61.50 -128.35
C GLY C 480 2.33 -62.29 -127.07
N LYS C 481 2.41 -61.61 -125.93
CA LYS C 481 2.47 -62.28 -124.64
C LYS C 481 1.09 -62.64 -124.12
N ILE C 482 0.10 -61.77 -124.35
CA ILE C 482 -1.26 -62.07 -123.91
C ILE C 482 -1.86 -63.22 -124.71
N ARG C 483 -1.49 -63.34 -125.99
CA ARG C 483 -2.02 -64.41 -126.81
C ARG C 483 -1.37 -65.75 -126.50
N ALA C 484 -0.03 -65.79 -126.46
CA ALA C 484 0.70 -67.05 -126.37
C ALA C 484 0.58 -67.68 -124.99
N ASP C 485 0.60 -66.86 -123.92
CA ASP C 485 0.43 -67.39 -122.58
C ASP C 485 -1.02 -67.83 -122.38
N GLY C 486 -1.96 -67.02 -122.84
CA GLY C 486 -3.36 -67.27 -122.59
C GLY C 486 -3.92 -66.58 -121.37
N LYS C 487 -3.06 -66.05 -120.51
CA LYS C 487 -3.49 -65.33 -119.32
C LYS C 487 -2.63 -64.10 -119.13
N ILE C 488 -3.17 -63.14 -118.38
CA ILE C 488 -2.47 -61.91 -118.04
C ILE C 488 -1.85 -62.14 -116.66
N SER C 489 -0.61 -61.69 -116.49
CA SER C 489 0.10 -61.90 -115.24
C SER C 489 0.45 -60.57 -114.59
N GLU C 490 1.15 -60.63 -113.45
CA GLU C 490 1.44 -59.43 -112.67
C GLU C 490 2.53 -58.59 -113.32
N GLU C 491 3.45 -59.21 -114.06
CA GLU C 491 4.42 -58.44 -114.83
C GLU C 491 3.73 -57.72 -115.98
N THR C 492 2.71 -58.34 -116.56
CA THR C 492 2.02 -57.73 -117.69
C THR C 492 0.96 -56.73 -117.23
N ASP C 493 0.47 -56.87 -115.99
CA ASP C 493 -0.59 -56.00 -115.48
C ASP C 493 -0.10 -54.57 -115.29
N ALA C 494 1.05 -54.40 -114.64
CA ALA C 494 1.60 -53.06 -114.49
C ALA C 494 2.22 -52.56 -115.77
N LYS C 495 2.63 -53.46 -116.65
CA LYS C 495 3.13 -53.06 -117.96
C LYS C 495 2.01 -52.53 -118.84
N LEU C 496 0.80 -53.06 -118.66
CA LEU C 496 -0.37 -52.56 -119.37
C LEU C 496 -0.94 -51.30 -118.74
N LYS C 497 -0.57 -51.02 -117.49
CA LYS C 497 -1.12 -49.87 -116.78
C LYS C 497 -0.51 -48.57 -117.28
N GLU C 498 0.72 -48.60 -117.75
CA GLU C 498 1.41 -47.37 -118.11
C GLU C 498 0.96 -46.82 -119.46
N ILE C 499 0.73 -47.70 -120.44
CA ILE C 499 0.50 -47.27 -121.82
C ILE C 499 -0.84 -46.57 -121.96
N VAL C 500 -1.85 -46.96 -121.18
CA VAL C 500 -3.13 -46.27 -121.23
C VAL C 500 -3.02 -44.89 -120.57
N THR C 501 -2.10 -44.74 -119.61
CA THR C 501 -1.93 -43.43 -118.98
C THR C 501 -1.10 -42.49 -119.83
N ASN C 502 -0.13 -43.01 -120.58
CA ASN C 502 0.59 -42.16 -121.54
C ASN C 502 -0.31 -41.79 -122.70
N PHE C 503 -1.25 -42.65 -123.06
CA PHE C 503 -2.15 -42.32 -124.17
C PHE C 503 -3.14 -41.25 -123.77
N LEU C 504 -3.78 -41.39 -122.61
CA LEU C 504 -4.77 -40.42 -122.15
C LEU C 504 -4.15 -39.06 -121.85
N ALA C 505 -2.89 -39.03 -121.43
CA ALA C 505 -2.20 -37.76 -121.27
C ALA C 505 -1.85 -37.11 -122.60
N GLY C 506 -1.87 -37.86 -123.69
CA GLY C 506 -1.55 -37.32 -124.99
C GLY C 506 -2.73 -37.20 -125.94
N PHE C 507 -3.78 -37.98 -125.69
CA PHE C 507 -4.93 -37.99 -126.61
C PHE C 507 -5.76 -36.71 -126.50
N GLU C 508 -5.95 -36.22 -125.29
CA GLU C 508 -6.87 -35.10 -125.08
C GLU C 508 -6.27 -33.80 -125.59
N ALA C 509 -7.14 -32.95 -126.15
CA ALA C 509 -6.73 -31.65 -126.67
C ALA C 509 -7.68 -30.57 -126.20
N ALA D 1 -46.19 -116.71 -135.23
CA ALA D 1 -47.13 -116.43 -136.31
C ALA D 1 -46.68 -115.22 -137.14
N THR D 2 -46.29 -115.48 -138.37
CA THR D 2 -45.72 -114.45 -139.23
C THR D 2 -46.81 -113.54 -139.78
N GLY D 3 -46.41 -112.31 -140.12
CA GLY D 3 -47.31 -111.36 -140.74
C GLY D 3 -46.52 -110.39 -141.59
N ARG D 4 -47.23 -109.74 -142.51
CA ARG D 4 -46.60 -108.87 -143.50
C ARG D 4 -46.90 -107.41 -143.21
N ILE D 5 -46.09 -106.53 -143.78
CA ILE D 5 -46.27 -105.08 -143.65
C ILE D 5 -46.98 -104.57 -144.89
N VAL D 6 -48.09 -103.88 -144.71
CA VAL D 6 -48.88 -103.40 -145.83
C VAL D 6 -48.86 -101.89 -145.99
N ALA D 7 -48.47 -101.12 -144.99
CA ALA D 7 -48.44 -99.67 -145.12
C ALA D 7 -47.43 -99.09 -144.13
N VAL D 8 -46.76 -98.01 -144.54
CA VAL D 8 -45.85 -97.26 -143.68
C VAL D 8 -46.13 -95.79 -143.92
N ILE D 9 -46.65 -95.10 -142.91
CA ILE D 9 -46.80 -93.64 -142.95
C ILE D 9 -46.19 -93.09 -141.67
N GLY D 10 -45.07 -92.41 -141.79
CA GLY D 10 -44.40 -91.81 -140.64
C GLY D 10 -43.85 -92.84 -139.68
N ALA D 11 -44.31 -92.80 -138.43
CA ALA D 11 -43.89 -93.76 -137.42
C ALA D 11 -44.96 -94.80 -137.13
N VAL D 12 -45.99 -94.88 -137.96
CA VAL D 12 -47.13 -95.76 -137.74
C VAL D 12 -47.16 -96.79 -138.86
N VAL D 13 -46.91 -98.04 -138.52
CA VAL D 13 -46.77 -99.12 -139.49
C VAL D 13 -47.96 -100.06 -139.36
N ASP D 14 -48.59 -100.38 -140.49
CA ASP D 14 -49.74 -101.28 -140.52
C ASP D 14 -49.28 -102.67 -140.89
N VAL D 15 -49.78 -103.68 -140.17
CA VAL D 15 -49.33 -105.05 -140.34
C VAL D 15 -50.56 -105.95 -140.45
N GLN D 16 -50.65 -106.70 -141.54
CA GLN D 16 -51.78 -107.59 -141.79
C GLN D 16 -51.36 -109.03 -141.47
N PHE D 17 -52.10 -109.67 -140.58
CA PHE D 17 -51.88 -111.07 -140.25
C PHE D 17 -52.80 -111.96 -141.08
N ASP D 18 -52.69 -113.26 -140.89
CA ASP D 18 -53.52 -114.17 -141.68
C ASP D 18 -54.25 -115.20 -140.83
N GLU D 19 -53.62 -115.74 -139.80
CA GLU D 19 -54.22 -116.82 -139.02
C GLU D 19 -54.20 -116.59 -137.52
N GLY D 20 -53.23 -115.86 -137.00
CA GLY D 20 -53.17 -115.62 -135.58
C GLY D 20 -52.99 -114.17 -135.25
N LEU D 21 -53.96 -113.58 -134.59
CA LEU D 21 -53.90 -112.16 -134.30
C LEU D 21 -53.33 -111.94 -132.90
N PRO D 22 -52.23 -111.20 -132.76
CA PRO D 22 -51.72 -110.90 -131.43
C PRO D 22 -52.56 -109.82 -130.78
N PRO D 23 -52.70 -109.85 -129.46
CA PRO D 23 -53.51 -108.84 -128.77
C PRO D 23 -52.88 -107.47 -128.75
N ILE D 24 -53.58 -106.50 -128.18
CA ILE D 24 -53.03 -105.15 -128.07
C ILE D 24 -51.94 -105.14 -126.99
N LEU D 25 -50.97 -104.23 -127.16
CA LEU D 25 -49.78 -104.08 -126.30
C LEU D 25 -48.94 -105.36 -126.28
N ASN D 26 -48.38 -105.67 -127.44
CA ASN D 26 -47.42 -106.76 -127.58
C ASN D 26 -46.15 -106.25 -128.25
N ALA D 27 -45.27 -107.19 -128.57
CA ALA D 27 -44.00 -106.89 -129.21
C ALA D 27 -43.87 -107.72 -130.47
N LEU D 28 -43.55 -107.07 -131.58
CA LEU D 28 -43.36 -107.71 -132.86
C LEU D 28 -41.96 -107.43 -133.37
N GLU D 29 -41.25 -108.48 -133.79
CA GLU D 29 -39.87 -108.39 -134.21
C GLU D 29 -39.80 -108.37 -135.73
N VAL D 30 -39.26 -107.29 -136.29
CA VAL D 30 -39.13 -107.16 -137.73
C VAL D 30 -37.90 -107.95 -138.17
N GLN D 31 -38.12 -109.03 -138.91
CA GLN D 31 -37.03 -109.80 -139.48
C GLN D 31 -36.51 -109.09 -140.72
N GLY D 32 -35.19 -109.07 -140.89
CA GLY D 32 -34.61 -108.48 -142.08
C GLY D 32 -33.69 -107.32 -141.83
N ARG D 33 -33.68 -106.79 -140.61
CA ARG D 33 -32.81 -105.68 -140.25
C ARG D 33 -31.56 -106.21 -139.57
N GLU D 34 -30.49 -105.41 -139.64
CA GLU D 34 -29.28 -105.70 -138.87
C GLU D 34 -29.41 -105.28 -137.42
N THR D 35 -30.23 -104.28 -137.13
CA THR D 35 -30.51 -103.83 -135.78
C THR D 35 -31.79 -104.54 -135.34
N ARG D 36 -32.24 -104.33 -134.10
CA ARG D 36 -33.48 -104.89 -133.61
C ARG D 36 -34.55 -103.80 -133.61
N LEU D 37 -35.64 -104.05 -134.32
CA LEU D 37 -36.75 -103.11 -134.42
C LEU D 37 -38.01 -103.78 -133.91
N VAL D 38 -38.60 -103.22 -132.86
CA VAL D 38 -39.74 -103.80 -132.16
C VAL D 38 -40.95 -102.92 -132.41
N LEU D 39 -42.07 -103.53 -132.77
CA LEU D 39 -43.33 -102.83 -133.00
C LEU D 39 -44.31 -103.15 -131.90
N GLU D 40 -45.00 -102.12 -131.42
CA GLU D 40 -45.98 -102.26 -130.34
C GLU D 40 -47.38 -102.06 -130.88
N VAL D 41 -48.25 -103.05 -130.67
CA VAL D 41 -49.60 -103.02 -131.23
C VAL D 41 -50.45 -102.01 -130.48
N ALA D 42 -51.25 -101.23 -131.21
CA ALA D 42 -52.03 -100.15 -130.63
C ALA D 42 -53.51 -100.22 -130.92
N GLN D 43 -53.93 -100.73 -132.10
CA GLN D 43 -55.33 -100.75 -132.47
C GLN D 43 -55.60 -102.01 -133.29
N HIS D 44 -56.88 -102.36 -133.36
CA HIS D 44 -57.38 -103.36 -134.30
C HIS D 44 -58.21 -102.64 -135.35
N LEU D 45 -58.21 -103.16 -136.57
CA LEU D 45 -58.90 -102.50 -137.67
C LEU D 45 -59.83 -103.42 -138.45
N GLY D 46 -59.96 -104.67 -138.04
CA GLY D 46 -60.77 -105.62 -138.77
C GLY D 46 -59.99 -106.32 -139.87
N GLU D 47 -60.61 -107.39 -140.40
CA GLU D 47 -60.11 -108.36 -141.39
C GLU D 47 -58.65 -108.74 -141.19
N SER D 48 -58.28 -108.98 -139.92
CA SER D 48 -56.91 -109.33 -139.49
C SER D 48 -55.89 -108.29 -139.94
N THR D 49 -56.06 -107.07 -139.42
CA THR D 49 -55.16 -105.96 -139.73
C THR D 49 -54.99 -105.15 -138.45
N VAL D 50 -53.76 -105.12 -137.92
CA VAL D 50 -53.45 -104.33 -136.74
C VAL D 50 -52.72 -103.07 -137.20
N ARG D 51 -52.58 -102.13 -136.28
CA ARG D 51 -51.86 -100.90 -136.53
C ARG D 51 -50.92 -100.66 -135.37
N THR D 52 -49.63 -100.55 -135.65
CA THR D 52 -48.58 -100.56 -134.63
C THR D 52 -47.88 -99.21 -134.56
N ILE D 53 -47.03 -99.08 -133.54
CA ILE D 53 -46.11 -97.95 -133.38
C ILE D 53 -44.71 -98.50 -133.26
N ALA D 54 -43.74 -97.83 -133.88
CA ALA D 54 -42.39 -98.32 -133.99
C ALA D 54 -41.49 -97.72 -132.90
N MET D 55 -40.62 -98.57 -132.35
CA MET D 55 -39.70 -98.17 -131.29
C MET D 55 -38.42 -97.53 -131.83
N ASP D 56 -37.96 -97.95 -133.00
CA ASP D 56 -36.82 -97.36 -133.67
C ASP D 56 -37.31 -96.69 -134.95
N GLY D 57 -36.36 -96.23 -135.78
CA GLY D 57 -36.73 -95.60 -137.03
C GLY D 57 -37.34 -96.56 -138.03
N THR D 58 -37.92 -96.00 -139.09
CA THR D 58 -38.64 -96.77 -140.09
C THR D 58 -38.05 -96.65 -141.48
N GLU D 59 -36.86 -96.07 -141.62
CA GLU D 59 -36.18 -96.03 -142.91
C GLU D 59 -35.77 -97.43 -143.35
N GLY D 60 -35.87 -97.67 -144.64
CA GLY D 60 -35.46 -98.96 -145.18
C GLY D 60 -36.45 -100.08 -144.99
N LEU D 61 -37.71 -99.75 -144.69
CA LEU D 61 -38.77 -100.73 -144.58
C LEU D 61 -39.46 -100.89 -145.93
N VAL D 62 -39.76 -102.13 -146.30
CA VAL D 62 -40.39 -102.44 -147.57
C VAL D 62 -41.64 -103.26 -147.30
N ARG D 63 -42.63 -103.14 -148.18
CA ARG D 63 -43.92 -103.80 -148.01
C ARG D 63 -43.77 -105.29 -148.29
N GLY D 64 -43.70 -106.09 -147.24
CA GLY D 64 -43.61 -107.53 -147.41
C GLY D 64 -42.60 -108.19 -146.50
N GLN D 65 -42.01 -107.44 -145.58
CA GLN D 65 -41.07 -108.02 -144.64
C GLN D 65 -41.80 -108.85 -143.60
N LYS D 66 -41.38 -110.10 -143.42
CA LYS D 66 -42.08 -111.01 -142.53
C LYS D 66 -41.79 -110.65 -141.07
N VAL D 67 -42.84 -110.53 -140.28
CA VAL D 67 -42.78 -110.00 -138.93
C VAL D 67 -43.22 -111.09 -137.95
N LEU D 68 -42.36 -111.39 -136.98
CA LEU D 68 -42.67 -112.38 -135.96
C LEU D 68 -43.47 -111.76 -134.82
N ASP D 69 -43.93 -112.60 -133.91
CA ASP D 69 -44.64 -112.13 -132.72
C ASP D 69 -44.00 -112.75 -131.49
N SER D 70 -44.11 -112.05 -130.37
CA SER D 70 -43.49 -112.49 -129.13
C SER D 70 -44.41 -113.24 -128.20
N GLY D 71 -45.69 -112.90 -128.16
CA GLY D 71 -46.60 -113.49 -127.20
C GLY D 71 -46.64 -112.80 -125.86
N ALA D 72 -45.94 -111.68 -125.71
CA ALA D 72 -45.81 -110.99 -124.43
C ALA D 72 -45.35 -109.57 -124.71
N PRO D 73 -45.64 -108.60 -123.83
CA PRO D 73 -45.13 -107.24 -124.02
C PRO D 73 -43.62 -107.11 -123.83
N ILE D 74 -43.12 -105.87 -123.86
CA ILE D 74 -41.68 -105.65 -123.83
C ILE D 74 -41.13 -106.01 -122.46
N LYS D 75 -40.50 -107.17 -122.37
CA LYS D 75 -39.94 -107.68 -121.13
C LYS D 75 -38.46 -107.31 -121.06
N ILE D 76 -38.15 -106.32 -120.23
CA ILE D 76 -36.78 -105.85 -120.02
C ILE D 76 -36.13 -106.76 -118.99
N PRO D 77 -34.79 -106.83 -118.90
CA PRO D 77 -34.18 -107.57 -117.80
C PRO D 77 -34.19 -106.73 -116.53
N VAL D 78 -34.33 -107.38 -115.39
CA VAL D 78 -34.43 -106.69 -114.11
C VAL D 78 -33.80 -107.56 -113.04
N GLY D 79 -33.32 -106.93 -111.97
CA GLY D 79 -32.69 -107.64 -110.88
C GLY D 79 -31.68 -106.77 -110.15
N PRO D 80 -30.80 -107.39 -109.38
CA PRO D 80 -29.73 -106.61 -108.73
C PRO D 80 -28.57 -106.32 -109.66
N GLU D 81 -28.46 -107.05 -110.77
CA GLU D 81 -27.30 -106.93 -111.65
C GLU D 81 -27.37 -105.68 -112.53
N THR D 82 -28.52 -105.02 -112.59
CA THR D 82 -28.67 -103.88 -113.49
C THR D 82 -28.23 -102.58 -112.84
N LEU D 83 -27.57 -102.65 -111.69
CA LEU D 83 -27.15 -101.43 -111.01
C LEU D 83 -25.82 -100.94 -111.56
N GLY D 84 -25.78 -99.65 -111.91
CA GLY D 84 -24.60 -99.08 -112.52
C GLY D 84 -24.50 -99.26 -114.01
N ARG D 85 -25.62 -99.48 -114.70
CA ARG D 85 -25.64 -99.73 -116.14
C ARG D 85 -26.65 -98.79 -116.78
N ILE D 86 -26.34 -98.33 -117.99
CA ILE D 86 -27.34 -97.64 -118.79
C ILE D 86 -27.97 -98.62 -119.75
N MET D 87 -29.29 -98.55 -119.90
CA MET D 87 -30.00 -99.51 -120.72
C MET D 87 -31.01 -98.79 -121.60
N ASN D 88 -31.47 -99.49 -122.62
CA ASN D 88 -32.34 -98.95 -123.64
C ASN D 88 -33.81 -99.14 -123.25
N VAL D 89 -34.70 -98.81 -124.19
CA VAL D 89 -36.13 -98.94 -123.93
C VAL D 89 -36.52 -100.41 -123.89
N ILE D 90 -35.85 -101.24 -124.67
CA ILE D 90 -36.23 -102.64 -124.81
C ILE D 90 -35.28 -103.51 -124.01
N GLY D 91 -34.33 -102.88 -123.31
CA GLY D 91 -33.48 -103.59 -122.38
C GLY D 91 -32.06 -103.85 -122.85
N GLU D 92 -31.67 -103.37 -124.02
CA GLU D 92 -30.30 -103.54 -124.45
C GLU D 92 -29.37 -102.57 -123.70
N PRO D 93 -28.18 -103.01 -123.34
CA PRO D 93 -27.25 -102.10 -122.67
C PRO D 93 -26.50 -101.20 -123.64
N ILE D 94 -26.49 -99.90 -123.38
CA ILE D 94 -25.78 -98.95 -124.22
C ILE D 94 -24.60 -98.32 -123.48
N ASP D 95 -24.09 -98.97 -122.44
CA ASP D 95 -22.86 -98.50 -121.78
C ASP D 95 -21.64 -99.14 -122.39
N GLU D 96 -21.84 -100.07 -123.33
CA GLU D 96 -20.79 -100.80 -124.05
C GLU D 96 -19.86 -101.59 -123.14
N ARG D 97 -20.38 -102.15 -122.05
CA ARG D 97 -19.58 -102.94 -121.12
C ARG D 97 -20.00 -104.40 -121.07
N GLY D 98 -20.89 -104.82 -121.96
CA GLY D 98 -21.28 -106.21 -122.05
C GLY D 98 -22.75 -106.44 -121.79
N PRO D 99 -23.18 -107.69 -121.83
CA PRO D 99 -24.61 -107.98 -121.62
C PRO D 99 -24.99 -107.91 -120.16
N ILE D 100 -26.19 -107.38 -119.89
CA ILE D 100 -26.75 -107.44 -118.55
C ILE D 100 -27.22 -108.86 -118.26
N LYS D 101 -26.54 -109.52 -117.33
CA LYS D 101 -26.78 -110.92 -117.04
C LYS D 101 -27.55 -111.06 -115.73
N THR D 102 -28.86 -111.25 -115.84
CA THR D 102 -29.72 -111.41 -114.68
C THR D 102 -30.76 -112.49 -114.98
N LYS D 103 -31.61 -112.75 -113.99
CA LYS D 103 -32.50 -113.91 -114.04
C LYS D 103 -33.97 -113.55 -114.17
N GLN D 104 -34.35 -112.31 -113.94
CA GLN D 104 -35.75 -111.91 -113.91
C GLN D 104 -36.05 -110.98 -115.06
N PHE D 105 -37.08 -111.32 -115.84
CA PHE D 105 -37.60 -110.48 -116.91
C PHE D 105 -39.01 -110.05 -116.54
N ALA D 106 -39.32 -108.78 -116.77
CA ALA D 106 -40.58 -108.20 -116.31
C ALA D 106 -41.14 -107.27 -117.38
N ALA D 107 -42.42 -107.45 -117.70
CA ALA D 107 -43.10 -106.59 -118.65
C ALA D 107 -43.28 -105.18 -118.07
N ILE D 108 -43.41 -104.20 -118.96
CA ILE D 108 -43.53 -102.83 -118.51
C ILE D 108 -44.99 -102.42 -118.39
N HIS D 109 -45.91 -103.26 -118.86
CA HIS D 109 -47.33 -102.94 -118.78
C HIS D 109 -47.98 -103.80 -117.70
N ALA D 110 -48.36 -103.17 -116.59
CA ALA D 110 -48.98 -103.89 -115.49
C ALA D 110 -49.96 -102.96 -114.78
N GLU D 111 -50.75 -103.55 -113.89
CA GLU D 111 -51.88 -102.87 -113.27
C GLU D 111 -51.42 -101.93 -112.16
N ALA D 112 -52.39 -101.31 -111.51
CA ALA D 112 -52.21 -100.45 -110.37
C ALA D 112 -52.68 -101.15 -109.10
N PRO D 113 -52.07 -100.88 -107.94
CA PRO D 113 -52.51 -101.54 -106.71
C PRO D 113 -53.83 -101.00 -106.22
N GLU D 114 -54.54 -101.83 -105.46
CA GLU D 114 -55.94 -101.57 -105.14
C GLU D 114 -56.05 -100.56 -103.99
N PHE D 115 -57.27 -100.38 -103.48
CA PHE D 115 -57.51 -99.38 -102.45
C PHE D 115 -57.06 -99.87 -101.08
N MET D 116 -57.15 -101.17 -100.82
CA MET D 116 -56.68 -101.75 -99.58
C MET D 116 -55.25 -102.23 -99.67
N GLU D 117 -54.44 -101.64 -100.55
CA GLU D 117 -53.00 -101.84 -100.59
C GLU D 117 -52.27 -100.51 -100.49
N MET D 118 -52.96 -99.47 -100.02
CA MET D 118 -52.38 -98.14 -99.87
C MET D 118 -51.87 -97.97 -98.46
N SER D 119 -50.87 -97.10 -98.30
CA SER D 119 -50.38 -96.71 -96.99
C SER D 119 -50.87 -95.29 -96.69
N VAL D 120 -50.85 -94.95 -95.41
CA VAL D 120 -51.59 -93.78 -94.97
C VAL D 120 -50.70 -92.88 -94.10
N GLU D 121 -49.55 -93.39 -93.68
CA GLU D 121 -48.71 -92.65 -92.75
C GLU D 121 -47.89 -91.58 -93.46
N GLN D 122 -47.66 -90.48 -92.75
CA GLN D 122 -46.92 -89.35 -93.28
C GLN D 122 -45.75 -89.03 -92.37
N GLU D 123 -44.68 -88.49 -92.96
CA GLU D 123 -43.45 -88.17 -92.24
C GLU D 123 -42.97 -86.81 -92.75
N ILE D 124 -41.72 -86.49 -92.47
CA ILE D 124 -41.04 -85.38 -93.11
C ILE D 124 -39.60 -85.79 -93.43
N LEU D 125 -39.21 -85.61 -94.68
CA LEU D 125 -37.86 -85.89 -95.15
C LEU D 125 -37.12 -84.58 -95.30
N VAL D 126 -36.06 -84.41 -94.51
CA VAL D 126 -35.31 -83.16 -94.46
C VAL D 126 -34.28 -83.15 -95.59
N THR D 127 -34.14 -82.01 -96.25
CA THR D 127 -33.24 -81.87 -97.39
C THR D 127 -32.07 -80.95 -97.09
N GLY D 128 -32.34 -79.74 -96.63
CA GLY D 128 -31.29 -78.81 -96.32
C GLY D 128 -31.41 -77.51 -97.10
N ILE D 129 -32.49 -77.36 -97.85
CA ILE D 129 -32.75 -76.16 -98.62
C ILE D 129 -33.71 -75.30 -97.82
N LYS D 130 -33.44 -74.01 -97.78
CA LYS D 130 -34.16 -73.14 -96.85
C LYS D 130 -35.57 -72.83 -97.32
N VAL D 131 -35.79 -72.67 -98.63
CA VAL D 131 -37.12 -72.38 -99.13
C VAL D 131 -38.01 -73.60 -99.06
N VAL D 132 -37.45 -74.78 -99.31
CA VAL D 132 -38.23 -76.00 -99.36
C VAL D 132 -38.66 -76.46 -97.97
N ASP D 133 -37.74 -76.52 -97.01
CA ASP D 133 -38.09 -77.03 -95.69
C ASP D 133 -38.97 -76.09 -94.88
N LEU D 134 -38.96 -74.80 -95.18
CA LEU D 134 -39.76 -73.88 -94.39
C LEU D 134 -41.22 -73.85 -94.83
N LEU D 135 -41.48 -73.53 -96.10
CA LEU D 135 -42.83 -73.22 -96.56
C LEU D 135 -43.55 -74.37 -97.23
N ALA D 136 -42.84 -75.42 -97.63
CA ALA D 136 -43.48 -76.53 -98.33
C ALA D 136 -42.70 -77.81 -98.11
N PRO D 137 -42.81 -78.45 -96.94
CA PRO D 137 -41.93 -79.55 -96.59
C PRO D 137 -42.23 -80.81 -97.40
N TYR D 138 -41.18 -81.54 -97.75
CA TYR D 138 -41.34 -82.77 -98.51
C TYR D 138 -41.62 -83.92 -97.55
N ALA D 139 -41.93 -85.08 -98.09
CA ALA D 139 -42.34 -86.20 -97.26
C ALA D 139 -41.77 -87.52 -97.77
N LYS D 140 -41.53 -88.43 -96.83
CA LYS D 140 -41.08 -89.76 -97.18
C LYS D 140 -42.21 -90.54 -97.82
N GLY D 141 -41.94 -91.16 -98.96
CA GLY D 141 -42.96 -91.88 -99.69
C GLY D 141 -44.01 -91.01 -100.32
N GLY D 142 -43.69 -89.77 -100.68
CA GLY D 142 -44.66 -88.86 -101.23
C GLY D 142 -44.17 -88.28 -102.55
N LYS D 143 -45.12 -88.05 -103.45
CA LYS D 143 -44.83 -87.58 -104.79
C LYS D 143 -44.62 -86.08 -104.82
N ILE D 144 -43.50 -85.65 -105.38
CA ILE D 144 -43.04 -84.27 -105.33
C ILE D 144 -42.92 -83.74 -106.76
N GLY D 145 -43.35 -82.51 -106.99
CA GLY D 145 -43.30 -81.93 -108.31
C GLY D 145 -42.51 -80.65 -108.40
N LEU D 146 -41.76 -80.49 -109.48
CA LEU D 146 -40.92 -79.32 -109.73
C LEU D 146 -41.39 -78.63 -110.99
N PHE D 147 -42.11 -77.53 -110.84
CA PHE D 147 -42.73 -76.86 -111.97
C PHE D 147 -41.80 -75.78 -112.50
N GLY D 148 -42.31 -74.92 -113.36
CA GLY D 148 -41.51 -73.83 -113.91
C GLY D 148 -41.27 -73.94 -115.39
N GLY D 149 -40.82 -72.84 -116.00
CA GLY D 149 -40.68 -72.77 -117.44
C GLY D 149 -39.42 -73.41 -117.99
N ALA D 150 -38.83 -72.78 -119.00
CA ALA D 150 -37.59 -73.27 -119.61
C ALA D 150 -36.44 -72.36 -119.22
N GLY D 151 -35.41 -72.95 -118.62
CA GLY D 151 -34.26 -72.20 -118.20
C GLY D 151 -34.44 -71.44 -116.90
N VAL D 152 -34.96 -72.10 -115.86
CA VAL D 152 -35.05 -71.52 -114.52
C VAL D 152 -34.39 -72.37 -113.47
N GLY D 153 -34.04 -73.62 -113.78
CA GLY D 153 -33.34 -74.44 -112.81
C GLY D 153 -33.99 -75.74 -112.39
N LYS D 154 -34.76 -76.38 -113.27
CA LYS D 154 -35.37 -77.65 -112.91
C LYS D 154 -34.38 -78.80 -112.92
N THR D 155 -33.36 -78.75 -113.78
CA THR D 155 -32.41 -79.85 -113.84
C THR D 155 -31.35 -79.72 -112.76
N VAL D 156 -31.06 -78.49 -112.34
CA VAL D 156 -30.07 -78.28 -111.28
C VAL D 156 -30.66 -78.61 -109.91
N LEU D 157 -31.90 -78.21 -109.67
CA LEU D 157 -32.56 -78.52 -108.41
C LEU D 157 -32.83 -80.02 -108.29
N ILE D 158 -33.01 -80.72 -109.40
CA ILE D 158 -33.10 -82.17 -109.33
C ILE D 158 -31.73 -82.83 -109.34
N MET D 159 -30.67 -82.08 -109.64
CA MET D 159 -29.31 -82.54 -109.43
C MET D 159 -28.85 -82.32 -108.00
N GLU D 160 -29.53 -81.42 -107.28
CA GLU D 160 -29.17 -81.15 -105.89
C GLU D 160 -29.67 -82.24 -104.97
N LEU D 161 -30.84 -82.81 -105.27
CA LEU D 161 -31.40 -83.82 -104.39
C LEU D 161 -30.78 -85.19 -104.62
N ILE D 162 -30.01 -85.37 -105.69
CA ILE D 162 -29.19 -86.56 -105.76
C ILE D 162 -27.91 -86.34 -104.95
N ASN D 163 -27.48 -85.10 -104.82
CA ASN D 163 -26.28 -84.78 -104.07
C ASN D 163 -26.50 -84.95 -102.57
N ASN D 164 -27.58 -84.37 -102.03
CA ASN D 164 -27.84 -84.47 -100.60
C ASN D 164 -28.44 -85.82 -100.21
N VAL D 165 -29.53 -86.21 -100.87
CA VAL D 165 -30.39 -87.26 -100.33
C VAL D 165 -29.86 -88.65 -100.68
N ALA D 166 -29.29 -88.82 -101.87
CA ALA D 166 -29.05 -90.17 -102.38
C ALA D 166 -27.83 -90.86 -101.77
N LYS D 167 -26.87 -90.12 -101.22
CA LYS D 167 -25.72 -90.77 -100.60
C LYS D 167 -25.96 -91.09 -99.14
N ALA D 168 -26.80 -90.33 -98.44
CA ALA D 168 -27.17 -90.61 -97.07
C ALA D 168 -28.30 -91.62 -96.97
N HIS D 169 -28.84 -92.06 -98.11
CA HIS D 169 -29.96 -92.99 -98.12
C HIS D 169 -29.44 -94.42 -98.08
N GLY D 170 -30.20 -95.29 -97.41
CA GLY D 170 -29.82 -96.68 -97.28
C GLY D 170 -30.00 -97.50 -98.54
N GLY D 171 -31.21 -97.54 -99.07
CA GLY D 171 -31.53 -98.35 -100.22
C GLY D 171 -31.03 -97.80 -101.53
N TYR D 172 -31.63 -98.26 -102.62
CA TYR D 172 -31.12 -98.00 -103.96
C TYR D 172 -31.77 -96.74 -104.53
N SER D 173 -31.56 -96.49 -105.82
CA SER D 173 -32.04 -95.28 -106.47
C SER D 173 -32.06 -95.52 -107.97
N VAL D 174 -33.04 -94.92 -108.65
CA VAL D 174 -33.26 -95.09 -110.09
C VAL D 174 -33.46 -93.72 -110.70
N PHE D 175 -32.79 -93.46 -111.82
CA PHE D 175 -32.92 -92.21 -112.57
C PHE D 175 -33.40 -92.54 -113.97
N ALA D 176 -34.61 -92.11 -114.31
CA ALA D 176 -35.14 -92.23 -115.66
C ALA D 176 -35.13 -90.86 -116.31
N GLY D 177 -34.43 -90.75 -117.44
CA GLY D 177 -34.39 -89.50 -118.18
C GLY D 177 -35.16 -89.60 -119.47
N VAL D 178 -36.22 -88.80 -119.60
CA VAL D 178 -37.20 -88.95 -120.67
C VAL D 178 -37.18 -87.66 -121.48
N GLY D 179 -36.65 -87.73 -122.69
CA GLY D 179 -36.78 -86.63 -123.64
C GLY D 179 -36.00 -85.37 -123.32
N GLU D 180 -34.74 -85.49 -122.92
CA GLU D 180 -33.90 -84.33 -122.66
C GLU D 180 -32.59 -84.51 -123.41
N ARG D 181 -31.72 -83.51 -123.29
CA ARG D 181 -30.51 -83.42 -124.11
C ARG D 181 -29.54 -84.54 -123.80
N THR D 182 -29.00 -85.15 -124.86
CA THR D 182 -28.10 -86.29 -124.74
C THR D 182 -26.76 -85.92 -124.14
N ARG D 183 -26.41 -84.63 -124.16
CA ARG D 183 -25.24 -84.13 -123.43
C ARG D 183 -25.40 -84.36 -121.93
N GLU D 184 -26.56 -84.03 -121.38
CA GLU D 184 -26.80 -84.08 -119.94
C GLU D 184 -27.00 -85.49 -119.39
N GLY D 185 -26.86 -86.51 -120.22
CA GLY D 185 -26.83 -87.87 -119.72
C GLY D 185 -25.40 -88.35 -119.65
N ASN D 186 -24.49 -87.48 -120.07
CA ASN D 186 -23.06 -87.72 -119.94
C ASN D 186 -22.44 -86.93 -118.81
N ASP D 187 -23.04 -85.78 -118.45
CA ASP D 187 -22.62 -85.08 -117.25
C ASP D 187 -23.24 -85.69 -116.00
N LEU D 188 -24.02 -86.76 -116.14
CA LEU D 188 -24.44 -87.54 -114.99
C LEU D 188 -23.62 -88.80 -114.85
N TYR D 189 -23.21 -89.40 -115.98
CA TYR D 189 -22.33 -90.55 -115.93
C TYR D 189 -20.91 -90.17 -115.54
N HIS D 190 -20.55 -88.89 -115.61
CA HIS D 190 -19.23 -88.43 -115.21
C HIS D 190 -19.24 -87.59 -113.95
N GLU D 191 -20.40 -87.36 -113.35
CA GLU D 191 -20.50 -86.84 -112.01
C GLU D 191 -21.00 -87.88 -111.03
N MET D 192 -21.00 -89.15 -111.42
CA MET D 192 -21.34 -90.24 -110.52
C MET D 192 -20.31 -91.35 -110.55
N ILE D 193 -19.22 -91.18 -111.30
CA ILE D 193 -18.06 -92.04 -111.13
C ILE D 193 -17.06 -91.40 -110.17
N GLU D 194 -16.86 -90.09 -110.29
CA GLU D 194 -15.93 -89.38 -109.43
C GLU D 194 -16.47 -89.14 -108.02
N SER D 195 -17.75 -89.42 -107.79
CA SER D 195 -18.30 -89.42 -106.44
C SER D 195 -18.54 -90.84 -105.92
N GLY D 196 -18.19 -91.85 -106.70
CA GLY D 196 -18.23 -93.23 -106.23
C GLY D 196 -19.60 -93.85 -106.11
N VAL D 197 -20.63 -93.23 -106.67
CA VAL D 197 -21.97 -93.81 -106.64
C VAL D 197 -22.10 -94.91 -107.67
N ILE D 198 -21.60 -94.68 -108.87
CA ILE D 198 -21.41 -95.71 -109.87
C ILE D 198 -19.98 -96.20 -109.76
N ASN D 199 -19.80 -97.52 -109.63
CA ASN D 199 -18.48 -98.11 -109.50
C ASN D 199 -18.26 -99.09 -110.64
N LEU D 200 -17.17 -98.92 -111.37
CA LEU D 200 -16.89 -99.68 -112.58
C LEU D 200 -16.00 -100.89 -112.35
N LYS D 201 -15.72 -101.25 -111.10
CA LYS D 201 -14.73 -102.28 -110.82
C LYS D 201 -15.25 -103.43 -109.97
N ASP D 202 -16.34 -103.25 -109.24
CA ASP D 202 -16.89 -104.30 -108.41
C ASP D 202 -18.41 -104.15 -108.35
N ALA D 203 -19.02 -104.75 -107.34
CA ALA D 203 -20.46 -104.89 -107.25
C ALA D 203 -21.05 -104.11 -106.07
N THR D 204 -20.61 -102.86 -105.91
CA THR D 204 -21.09 -102.01 -104.83
C THR D 204 -21.70 -100.70 -105.32
N SER D 205 -22.36 -100.72 -106.47
CA SER D 205 -23.03 -99.52 -106.96
C SER D 205 -24.46 -99.45 -106.42
N LYS D 206 -25.03 -98.24 -106.47
CA LYS D 206 -26.31 -97.97 -105.83
C LYS D 206 -27.31 -97.26 -106.75
N VAL D 207 -26.98 -97.08 -108.03
CA VAL D 207 -27.83 -96.31 -108.94
C VAL D 207 -27.95 -97.06 -110.27
N ALA D 208 -29.18 -97.25 -110.73
CA ALA D 208 -29.45 -97.66 -112.11
C ALA D 208 -29.87 -96.46 -112.93
N LEU D 209 -29.77 -96.59 -114.25
CA LEU D 209 -30.05 -95.49 -115.15
C LEU D 209 -30.80 -96.00 -116.37
N VAL D 210 -31.85 -95.29 -116.77
CA VAL D 210 -32.64 -95.63 -117.96
C VAL D 210 -32.81 -94.35 -118.76
N TYR D 211 -32.42 -94.38 -120.04
CA TYR D 211 -32.29 -93.17 -120.84
C TYR D 211 -32.98 -93.34 -122.19
N GLY D 212 -33.99 -92.51 -122.45
CA GLY D 212 -34.47 -92.30 -123.80
C GLY D 212 -34.59 -90.81 -124.07
N GLN D 213 -33.76 -90.29 -124.95
CA GLN D 213 -33.53 -88.86 -125.06
C GLN D 213 -34.27 -88.29 -126.25
N MET D 214 -33.99 -87.02 -126.58
CA MET D 214 -34.79 -86.30 -127.57
C MET D 214 -34.30 -86.50 -129.00
N ASN D 215 -33.52 -87.54 -129.29
CA ASN D 215 -33.18 -87.90 -130.66
C ASN D 215 -33.93 -89.14 -131.13
N GLU D 216 -34.73 -89.71 -130.29
CA GLU D 216 -35.45 -90.94 -130.54
C GLU D 216 -36.73 -90.67 -131.32
N PRO D 217 -37.28 -91.65 -132.02
CA PRO D 217 -38.59 -91.49 -132.65
C PRO D 217 -39.66 -91.35 -131.59
N PRO D 218 -40.78 -90.67 -131.89
CA PRO D 218 -41.76 -90.34 -130.84
C PRO D 218 -42.58 -91.51 -130.31
N GLY D 219 -42.32 -92.73 -130.80
CA GLY D 219 -42.90 -93.90 -130.19
C GLY D 219 -42.02 -94.43 -129.09
N ALA D 220 -40.80 -93.88 -128.97
CA ALA D 220 -39.84 -94.31 -127.99
C ALA D 220 -39.62 -93.32 -126.87
N ARG D 221 -40.17 -92.12 -126.95
CA ARG D 221 -40.18 -91.21 -125.83
C ARG D 221 -41.43 -91.35 -124.97
N ALA D 222 -42.28 -92.32 -125.28
CA ALA D 222 -43.52 -92.52 -124.53
C ALA D 222 -43.59 -93.91 -123.92
N ARG D 223 -42.53 -94.71 -124.02
CA ARG D 223 -42.45 -95.98 -123.31
C ARG D 223 -41.19 -96.08 -122.44
N VAL D 224 -40.41 -95.01 -122.36
CA VAL D 224 -39.26 -95.00 -121.47
C VAL D 224 -39.63 -94.75 -120.01
N ALA D 225 -40.63 -93.90 -119.76
CA ALA D 225 -41.03 -93.65 -118.38
C ALA D 225 -41.75 -94.85 -117.79
N LEU D 226 -42.37 -95.68 -118.63
CA LEU D 226 -42.89 -96.95 -118.18
C LEU D 226 -41.80 -97.98 -117.94
N THR D 227 -40.60 -97.77 -118.48
CA THR D 227 -39.48 -98.65 -118.25
C THR D 227 -38.66 -98.24 -117.05
N GLY D 228 -38.70 -96.95 -116.70
CA GLY D 228 -38.09 -96.50 -115.47
C GLY D 228 -38.77 -97.06 -114.23
N LEU D 229 -40.09 -96.91 -114.14
CA LEU D 229 -40.83 -97.37 -112.97
C LEU D 229 -41.21 -98.85 -113.05
N THR D 230 -40.56 -99.62 -113.91
CA THR D 230 -40.63 -101.07 -113.86
C THR D 230 -39.45 -101.66 -113.10
N VAL D 231 -38.25 -101.08 -113.28
CA VAL D 231 -37.11 -101.44 -112.46
C VAL D 231 -37.34 -101.00 -111.02
N ALA D 232 -37.89 -99.80 -110.84
CA ALA D 232 -38.19 -99.28 -109.50
C ALA D 232 -39.40 -99.94 -108.86
N GLU D 233 -40.16 -100.76 -109.59
CA GLU D 233 -41.18 -101.58 -108.99
C GLU D 233 -40.64 -102.92 -108.51
N TYR D 234 -39.51 -103.37 -109.05
CA TYR D 234 -38.91 -104.61 -108.58
C TYR D 234 -38.36 -104.48 -107.18
N PHE D 235 -37.71 -103.35 -106.89
CA PHE D 235 -37.11 -103.15 -105.57
C PHE D 235 -38.17 -102.96 -104.50
N ARG D 236 -39.29 -102.32 -104.82
CA ARG D 236 -40.33 -102.09 -103.83
C ARG D 236 -41.12 -103.37 -103.56
N ASP D 237 -41.33 -104.21 -104.57
CA ASP D 237 -42.21 -105.36 -104.45
C ASP D 237 -41.47 -106.66 -104.16
N GLN D 238 -40.56 -107.07 -105.03
CA GLN D 238 -39.87 -108.34 -104.82
C GLN D 238 -38.83 -108.25 -103.72
N GLU D 239 -38.28 -107.06 -103.47
CA GLU D 239 -37.53 -106.77 -102.27
C GLU D 239 -38.32 -105.80 -101.43
N GLY D 240 -37.71 -105.31 -100.34
CA GLY D 240 -38.47 -104.48 -99.43
C GLY D 240 -37.85 -103.12 -99.14
N GLN D 241 -36.84 -102.73 -99.91
CA GLN D 241 -36.05 -101.56 -99.56
C GLN D 241 -36.81 -100.26 -99.84
N ASP D 242 -36.25 -99.18 -99.32
CA ASP D 242 -36.78 -97.84 -99.60
C ASP D 242 -36.11 -97.32 -100.86
N VAL D 243 -36.93 -97.01 -101.86
CA VAL D 243 -36.44 -96.65 -103.20
C VAL D 243 -36.70 -95.17 -103.40
N LEU D 244 -35.81 -94.52 -104.14
CA LEU D 244 -36.08 -93.20 -104.69
C LEU D 244 -36.29 -93.33 -106.19
N LEU D 245 -36.70 -92.23 -106.81
CA LEU D 245 -36.99 -92.21 -108.24
C LEU D 245 -36.97 -90.77 -108.71
N PHE D 246 -36.11 -90.47 -109.66
CA PHE D 246 -35.98 -89.12 -110.20
C PHE D 246 -36.34 -89.17 -111.68
N ILE D 247 -37.22 -88.29 -112.12
CA ILE D 247 -37.75 -88.30 -113.49
C ILE D 247 -37.64 -86.90 -114.05
N ASP D 248 -36.91 -86.76 -115.16
CA ASP D 248 -36.74 -85.46 -115.80
C ASP D 248 -36.42 -85.72 -117.27
N ASN D 249 -37.31 -85.33 -118.18
CA ASN D 249 -38.54 -84.57 -117.91
C ASN D 249 -39.77 -85.47 -118.08
N ILE D 250 -40.92 -85.03 -117.57
CA ILE D 250 -42.16 -85.80 -117.67
C ILE D 250 -43.20 -85.11 -118.55
N PHE D 251 -42.97 -83.86 -118.95
CA PHE D 251 -43.80 -83.26 -119.98
C PHE D 251 -43.60 -83.93 -121.32
N ARG D 252 -42.43 -84.53 -121.54
CA ARG D 252 -42.15 -85.22 -122.79
C ARG D 252 -42.73 -86.63 -122.86
N PHE D 253 -43.56 -87.02 -121.90
CA PHE D 253 -44.38 -88.21 -122.02
C PHE D 253 -45.72 -87.88 -122.64
N THR D 254 -46.28 -86.74 -122.29
CA THR D 254 -47.53 -86.25 -122.87
C THR D 254 -47.32 -85.79 -124.31
N GLN D 255 -46.27 -85.02 -124.56
CA GLN D 255 -46.03 -84.45 -125.88
C GLN D 255 -45.72 -85.53 -126.92
N ALA D 256 -44.97 -86.56 -126.52
CA ALA D 256 -44.62 -87.62 -127.45
C ALA D 256 -45.80 -88.53 -127.78
N GLY D 257 -46.91 -88.42 -127.07
CA GLY D 257 -48.13 -89.11 -127.46
C GLY D 257 -49.08 -88.26 -128.24
N SER D 258 -48.84 -86.95 -128.27
CA SER D 258 -49.61 -86.01 -129.08
C SER D 258 -49.08 -85.89 -130.50
N GLU D 259 -48.09 -86.70 -130.86
CA GLU D 259 -47.51 -86.68 -132.21
C GLU D 259 -47.89 -87.89 -133.03
N VAL D 260 -48.04 -89.05 -132.39
CA VAL D 260 -48.48 -90.27 -133.05
C VAL D 260 -50.00 -90.35 -133.12
N SER D 261 -50.70 -89.37 -132.53
CA SER D 261 -52.14 -89.46 -132.32
C SER D 261 -52.93 -89.30 -133.61
N ALA D 262 -52.66 -88.24 -134.39
CA ALA D 262 -53.48 -87.93 -135.55
C ALA D 262 -53.34 -88.94 -136.68
N LEU D 263 -52.25 -89.70 -136.70
CA LEU D 263 -52.12 -90.79 -137.66
C LEU D 263 -52.81 -92.07 -137.20
N LEU D 264 -53.13 -92.17 -135.91
CA LEU D 264 -53.91 -93.30 -135.43
C LEU D 264 -55.41 -93.08 -135.61
N GLY D 265 -55.82 -91.88 -136.02
CA GLY D 265 -57.21 -91.62 -136.35
C GLY D 265 -58.04 -91.03 -135.23
N ARG D 266 -57.58 -89.94 -134.63
CA ARG D 266 -58.27 -89.33 -133.50
C ARG D 266 -58.45 -87.84 -133.75
N ILE D 267 -59.65 -87.35 -133.45
CA ILE D 267 -59.93 -85.91 -133.51
C ILE D 267 -59.19 -85.21 -132.38
N PRO D 268 -58.56 -84.06 -132.60
CA PRO D 268 -57.90 -83.38 -131.50
C PRO D 268 -58.88 -82.69 -130.57
N SER D 269 -58.47 -82.58 -129.31
CA SER D 269 -59.18 -81.90 -128.25
C SER D 269 -58.79 -80.43 -128.24
N ALA D 270 -58.88 -79.79 -127.06
CA ALA D 270 -58.32 -78.46 -126.81
C ALA D 270 -56.81 -78.44 -127.05
N VAL D 271 -56.14 -77.30 -126.85
CA VAL D 271 -55.16 -76.68 -127.74
C VAL D 271 -54.29 -77.52 -128.68
N GLY D 272 -54.37 -78.85 -128.62
CA GLY D 272 -53.72 -79.68 -129.62
C GLY D 272 -53.37 -81.06 -129.10
N TYR D 273 -53.73 -81.35 -127.86
CA TYR D 273 -53.40 -82.64 -127.28
C TYR D 273 -54.38 -83.72 -127.74
N GLN D 274 -54.07 -84.95 -127.39
CA GLN D 274 -54.87 -86.10 -127.77
C GLN D 274 -56.17 -86.12 -126.96
N PRO D 275 -57.20 -86.84 -127.43
CA PRO D 275 -58.41 -87.00 -126.62
C PRO D 275 -58.22 -87.85 -125.38
N THR D 276 -57.24 -88.76 -125.37
CA THR D 276 -57.00 -89.65 -124.23
C THR D 276 -55.90 -89.10 -123.34
N LEU D 277 -55.86 -87.79 -123.13
CA LEU D 277 -54.75 -87.16 -122.42
C LEU D 277 -54.75 -87.53 -120.95
N ALA D 278 -55.86 -87.36 -120.25
CA ALA D 278 -55.90 -87.51 -118.81
C ALA D 278 -56.20 -88.93 -118.36
N THR D 279 -56.14 -89.90 -119.27
CA THR D 279 -56.32 -91.30 -118.91
C THR D 279 -55.02 -92.08 -118.89
N ASP D 280 -54.17 -91.92 -119.89
CA ASP D 280 -52.86 -92.58 -119.88
C ASP D 280 -51.86 -91.86 -118.99
N MET D 281 -52.07 -90.58 -118.70
CA MET D 281 -51.32 -89.94 -117.63
C MET D 281 -51.68 -90.55 -116.28
N GLY D 282 -52.98 -90.68 -116.00
CA GLY D 282 -53.42 -91.30 -114.77
C GLY D 282 -53.25 -92.80 -114.71
N THR D 283 -52.78 -93.43 -115.77
CA THR D 283 -52.47 -94.85 -115.75
C THR D 283 -51.02 -95.11 -115.40
N MET D 284 -50.15 -94.13 -115.66
CA MET D 284 -48.75 -94.23 -115.23
C MET D 284 -48.59 -93.73 -113.80
N GLN D 285 -49.24 -92.62 -113.47
CA GLN D 285 -49.10 -91.98 -112.16
C GLN D 285 -49.82 -92.70 -111.04
N GLU D 286 -50.40 -93.87 -111.26
CA GLU D 286 -50.98 -94.66 -110.18
C GLU D 286 -50.14 -95.89 -109.85
N ARG D 287 -48.98 -96.02 -110.49
CA ARG D 287 -48.00 -97.01 -110.09
C ARG D 287 -46.89 -96.42 -109.23
N ILE D 288 -46.73 -95.10 -109.25
CA ILE D 288 -45.73 -94.44 -108.40
C ILE D 288 -46.43 -94.12 -107.09
N THR D 289 -46.50 -95.11 -106.22
CA THR D 289 -47.18 -94.95 -104.93
C THR D 289 -46.43 -95.72 -103.85
N THR D 290 -46.80 -95.42 -102.60
CA THR D 290 -46.31 -96.12 -101.43
C THR D 290 -47.35 -97.15 -101.03
N THR D 291 -47.01 -98.42 -101.15
CA THR D 291 -47.92 -99.49 -100.80
C THR D 291 -47.54 -100.07 -99.45
N LYS D 292 -48.14 -101.20 -99.10
CA LYS D 292 -47.83 -101.93 -97.88
C LYS D 292 -46.68 -102.92 -98.05
N LYS D 293 -45.96 -102.84 -99.17
CA LYS D 293 -44.78 -103.65 -99.40
C LYS D 293 -43.51 -102.84 -99.55
N GLY D 294 -43.59 -101.52 -99.63
CA GLY D 294 -42.42 -100.70 -99.74
C GLY D 294 -42.80 -99.25 -99.71
N SER D 295 -41.90 -98.41 -100.22
CA SER D 295 -42.13 -96.97 -100.27
C SER D 295 -41.26 -96.38 -101.35
N ILE D 296 -41.84 -95.52 -102.18
CA ILE D 296 -41.14 -94.89 -103.29
C ILE D 296 -41.24 -93.38 -103.11
N THR D 297 -40.15 -92.75 -102.68
CA THR D 297 -40.04 -91.31 -102.84
C THR D 297 -39.85 -91.01 -104.31
N SER D 298 -40.44 -89.92 -104.79
CA SER D 298 -40.33 -89.62 -106.21
C SER D 298 -40.29 -88.11 -106.40
N VAL D 299 -39.25 -87.63 -107.06
CA VAL D 299 -39.12 -86.24 -107.45
C VAL D 299 -39.23 -86.19 -108.97
N GLN D 300 -40.03 -85.24 -109.48
CA GLN D 300 -40.30 -85.13 -110.90
C GLN D 300 -40.19 -83.67 -111.34
N ALA D 301 -39.53 -83.44 -112.45
CA ALA D 301 -39.49 -82.13 -113.07
C ALA D 301 -40.56 -82.07 -114.15
N ILE D 302 -41.32 -80.97 -114.17
CA ILE D 302 -42.46 -80.82 -115.06
C ILE D 302 -42.32 -79.51 -115.82
N TYR D 303 -42.00 -79.61 -117.11
CA TYR D 303 -41.92 -78.42 -117.95
C TYR D 303 -43.30 -77.81 -118.16
N VAL D 304 -43.37 -76.50 -117.97
CA VAL D 304 -44.59 -75.73 -118.20
C VAL D 304 -44.40 -74.93 -119.48
N PRO D 305 -45.24 -75.12 -120.51
CA PRO D 305 -44.94 -74.54 -121.82
C PRO D 305 -45.22 -73.05 -121.93
N ALA D 306 -44.13 -72.28 -122.07
CA ALA D 306 -44.14 -70.83 -122.27
C ALA D 306 -44.82 -70.10 -121.13
N ASP D 307 -44.57 -70.57 -119.90
CA ASP D 307 -44.99 -69.94 -118.64
C ASP D 307 -46.51 -69.76 -118.59
N ASP D 308 -47.22 -70.88 -118.60
CA ASP D 308 -48.68 -70.88 -118.53
C ASP D 308 -49.09 -72.17 -117.85
N LEU D 309 -49.43 -72.07 -116.56
CA LEU D 309 -49.84 -73.23 -115.76
C LEU D 309 -51.30 -73.61 -115.98
N THR D 310 -51.96 -73.02 -116.98
CA THR D 310 -53.30 -73.39 -117.40
C THR D 310 -53.30 -74.22 -118.67
N ASP D 311 -52.12 -74.54 -119.19
CA ASP D 311 -52.00 -75.49 -120.28
C ASP D 311 -52.49 -76.86 -119.82
N PRO D 312 -53.16 -77.63 -120.68
CA PRO D 312 -53.78 -78.88 -120.21
C PRO D 312 -52.80 -79.99 -119.84
N ALA D 313 -51.53 -79.89 -120.19
CA ALA D 313 -50.60 -80.92 -119.72
C ALA D 313 -50.06 -80.66 -118.31
N PRO D 314 -49.61 -79.45 -117.91
CA PRO D 314 -49.23 -79.28 -116.51
C PRO D 314 -50.38 -79.14 -115.54
N ALA D 315 -51.55 -78.67 -115.98
CA ALA D 315 -52.65 -78.43 -115.05
C ALA D 315 -53.51 -79.64 -114.79
N THR D 316 -53.07 -80.85 -115.17
CA THR D 316 -53.74 -82.07 -114.77
C THR D 316 -52.82 -82.98 -113.96
N THR D 317 -51.53 -82.65 -113.86
CA THR D 317 -50.61 -83.35 -112.98
C THR D 317 -50.74 -82.90 -111.53
N PHE D 318 -51.43 -81.78 -111.29
CA PHE D 318 -51.61 -81.25 -109.94
C PHE D 318 -52.40 -82.20 -109.04
N ALA D 319 -53.27 -83.01 -109.62
CA ALA D 319 -54.06 -83.96 -108.85
C ALA D 319 -53.25 -85.16 -108.41
N HIS D 320 -52.03 -85.33 -108.90
CA HIS D 320 -51.21 -86.49 -108.57
C HIS D 320 -50.00 -86.16 -107.71
N LEU D 321 -49.89 -84.94 -107.19
CA LEU D 321 -48.71 -84.47 -106.49
C LEU D 321 -49.08 -84.02 -105.09
N ASP D 322 -48.23 -84.34 -104.12
CA ASP D 322 -48.45 -83.90 -102.75
C ASP D 322 -47.79 -82.55 -102.48
N ALA D 323 -46.54 -82.41 -102.90
CA ALA D 323 -45.79 -81.18 -102.70
C ALA D 323 -45.39 -80.60 -104.04
N THR D 324 -45.86 -79.40 -104.34
CA THR D 324 -45.52 -78.71 -105.58
C THR D 324 -44.57 -77.56 -105.29
N THR D 325 -43.50 -77.48 -106.08
CA THR D 325 -42.48 -76.44 -105.93
C THR D 325 -42.46 -75.62 -107.21
N VAL D 326 -43.29 -74.59 -107.28
CA VAL D 326 -43.44 -73.81 -108.50
C VAL D 326 -42.28 -72.83 -108.59
N LEU D 327 -41.41 -73.03 -109.58
CA LEU D 327 -40.35 -72.10 -109.91
C LEU D 327 -40.91 -70.97 -110.77
N SER D 328 -40.16 -69.88 -110.87
CA SER D 328 -40.69 -68.71 -111.54
C SER D 328 -39.57 -67.89 -112.16
N ARG D 329 -39.83 -67.31 -113.33
CA ARG D 329 -38.85 -66.46 -113.99
C ARG D 329 -38.87 -65.04 -113.45
N ALA D 330 -39.91 -64.64 -112.74
CA ALA D 330 -39.96 -63.30 -112.19
C ALA D 330 -39.13 -63.17 -110.92
N ILE D 331 -38.78 -64.28 -110.29
CA ILE D 331 -37.87 -64.28 -109.15
C ILE D 331 -36.42 -64.46 -109.61
N ALA D 332 -36.20 -65.38 -110.55
CA ALA D 332 -34.87 -65.66 -111.10
C ALA D 332 -34.24 -64.47 -111.80
N GLU D 333 -35.02 -63.51 -112.28
CA GLU D 333 -34.44 -62.33 -112.90
C GLU D 333 -34.14 -61.23 -111.89
N LEU D 334 -34.29 -61.50 -110.60
CA LEU D 334 -33.79 -60.63 -109.55
C LEU D 334 -32.44 -61.07 -109.04
N GLY D 335 -32.05 -62.31 -109.30
CA GLY D 335 -30.86 -62.88 -108.71
C GLY D 335 -31.13 -63.76 -107.51
N ILE D 336 -32.38 -63.98 -107.17
CA ILE D 336 -32.72 -64.83 -106.03
C ILE D 336 -32.74 -66.29 -106.49
N TYR D 337 -31.77 -67.06 -106.01
CA TYR D 337 -31.59 -68.43 -106.48
C TYR D 337 -31.50 -69.38 -105.30
N PRO D 338 -32.28 -70.47 -105.29
CA PRO D 338 -33.27 -71.00 -106.24
C PRO D 338 -34.53 -70.17 -106.31
N ALA D 339 -34.99 -69.89 -107.52
CA ALA D 339 -36.20 -69.10 -107.71
C ALA D 339 -37.38 -70.00 -107.43
N VAL D 340 -37.81 -70.06 -106.18
CA VAL D 340 -39.00 -70.77 -105.79
C VAL D 340 -40.03 -69.74 -105.37
N ASP D 341 -41.24 -69.86 -105.89
CA ASP D 341 -42.32 -68.95 -105.53
C ASP D 341 -42.86 -69.34 -104.18
N PRO D 342 -42.80 -68.48 -103.15
CA PRO D 342 -43.34 -68.85 -101.84
C PRO D 342 -44.85 -68.81 -101.79
N LEU D 343 -45.47 -67.94 -102.59
CA LEU D 343 -46.93 -67.79 -102.55
C LEU D 343 -47.61 -68.69 -103.58
N ASP D 344 -46.93 -69.75 -104.02
CA ASP D 344 -47.51 -70.66 -104.98
C ASP D 344 -47.10 -72.11 -104.74
N SER D 345 -46.35 -72.36 -103.67
CA SER D 345 -45.91 -73.71 -103.32
C SER D 345 -46.70 -74.20 -102.11
N THR D 346 -47.19 -75.44 -102.19
CA THR D 346 -48.00 -76.02 -101.12
C THR D 346 -47.40 -77.33 -100.68
N SER D 347 -48.00 -77.90 -99.64
CA SER D 347 -47.73 -79.27 -99.23
C SER D 347 -48.93 -79.80 -98.45
N ARG D 348 -49.00 -81.12 -98.31
CA ARG D 348 -50.12 -81.72 -97.61
C ARG D 348 -49.83 -81.88 -96.13
N ILE D 349 -48.56 -81.68 -95.73
CA ILE D 349 -48.19 -81.83 -94.33
C ILE D 349 -47.87 -80.49 -93.67
N MET D 350 -48.17 -79.37 -94.32
CA MET D 350 -48.14 -78.10 -93.61
C MET D 350 -49.34 -78.08 -92.68
N ASP D 351 -49.13 -78.55 -91.46
CA ASP D 351 -50.18 -78.98 -90.55
C ASP D 351 -49.63 -78.89 -89.14
N PRO D 352 -50.23 -78.07 -88.26
CA PRO D 352 -49.62 -77.86 -86.93
C PRO D 352 -49.71 -79.06 -86.00
N ASN D 353 -50.40 -80.12 -86.42
CA ASN D 353 -50.37 -81.38 -85.72
C ASN D 353 -49.28 -82.32 -86.22
N ILE D 354 -48.61 -81.96 -87.31
CA ILE D 354 -47.54 -82.80 -87.88
C ILE D 354 -46.18 -82.12 -87.79
N VAL D 355 -46.10 -80.84 -88.12
CA VAL D 355 -44.85 -80.10 -88.05
C VAL D 355 -44.74 -79.29 -86.77
N GLY D 356 -45.68 -79.45 -85.85
CA GLY D 356 -45.67 -78.71 -84.61
C GLY D 356 -46.16 -77.28 -84.78
N SER D 357 -46.65 -76.72 -83.67
CA SER D 357 -47.26 -75.39 -83.73
C SER D 357 -46.23 -74.27 -83.86
N GLU D 358 -44.96 -74.54 -83.64
CA GLU D 358 -43.94 -73.50 -83.78
C GLU D 358 -43.50 -73.31 -85.22
N HIS D 359 -43.40 -74.39 -85.99
CA HIS D 359 -43.08 -74.28 -87.41
C HIS D 359 -44.25 -73.70 -88.19
N TYR D 360 -45.48 -73.98 -87.75
CA TYR D 360 -46.66 -73.59 -88.51
C TYR D 360 -46.91 -72.08 -88.47
N ASP D 361 -46.77 -71.45 -87.30
CA ASP D 361 -46.98 -70.02 -87.22
C ASP D 361 -45.80 -69.20 -87.70
N VAL D 362 -44.71 -69.85 -88.11
CA VAL D 362 -43.61 -69.17 -88.78
C VAL D 362 -43.80 -69.17 -90.28
N ALA D 363 -44.27 -70.30 -90.83
CA ALA D 363 -44.54 -70.40 -92.27
C ALA D 363 -45.59 -69.41 -92.72
N ARG D 364 -46.74 -69.38 -92.04
CA ARG D 364 -47.79 -68.41 -92.38
C ARG D 364 -47.42 -66.99 -92.01
N GLY D 365 -46.41 -66.79 -91.17
CA GLY D 365 -45.97 -65.44 -90.84
C GLY D 365 -45.09 -64.85 -91.93
N VAL D 366 -44.45 -65.74 -92.68
CA VAL D 366 -43.63 -65.33 -93.83
C VAL D 366 -44.49 -65.01 -95.04
N GLN D 367 -45.49 -65.85 -95.33
CA GLN D 367 -46.35 -65.61 -96.49
C GLN D 367 -47.25 -64.40 -96.29
N LYS D 368 -47.60 -64.09 -95.04
CA LYS D 368 -48.47 -62.93 -94.79
C LYS D 368 -47.73 -61.62 -94.99
N ILE D 369 -46.43 -61.58 -94.68
CA ILE D 369 -45.67 -60.35 -94.86
C ILE D 369 -45.16 -60.22 -96.30
N LEU D 370 -45.05 -61.32 -97.04
CA LEU D 370 -44.73 -61.23 -98.45
C LEU D 370 -45.93 -60.81 -99.30
N GLN D 371 -47.12 -61.33 -99.01
CA GLN D 371 -48.33 -60.95 -99.73
C GLN D 371 -48.73 -59.52 -99.41
N ASP D 372 -48.53 -59.06 -98.18
CA ASP D 372 -48.78 -57.67 -97.85
C ASP D 372 -47.72 -56.75 -98.43
N TYR D 373 -46.55 -57.29 -98.77
CA TYR D 373 -45.56 -56.51 -99.50
C TYR D 373 -45.97 -56.32 -100.96
N LYS D 374 -46.73 -57.27 -101.52
CA LYS D 374 -47.18 -57.16 -102.90
C LYS D 374 -48.15 -56.01 -103.09
N SER D 375 -49.09 -55.83 -102.16
CA SER D 375 -50.07 -54.77 -102.28
C SER D 375 -49.47 -53.40 -102.01
N LEU D 376 -48.29 -53.32 -101.41
CA LEU D 376 -47.65 -52.04 -101.16
C LEU D 376 -46.90 -51.50 -102.35
N GLN D 377 -46.47 -52.37 -103.28
CA GLN D 377 -45.78 -51.94 -104.49
C GLN D 377 -46.68 -51.14 -105.42
N ASP D 378 -48.00 -51.30 -105.32
CA ASP D 378 -48.92 -50.53 -106.14
C ASP D 378 -48.99 -49.08 -105.71
N ILE D 379 -48.64 -48.77 -104.45
CA ILE D 379 -48.65 -47.40 -103.97
C ILE D 379 -47.36 -46.67 -104.31
N ILE D 380 -46.20 -47.35 -104.20
CA ILE D 380 -44.89 -46.75 -104.43
C ILE D 380 -44.72 -46.32 -105.89
N ALA D 381 -45.47 -46.94 -106.81
CA ALA D 381 -45.38 -46.59 -108.22
C ALA D 381 -45.94 -45.19 -108.52
N ILE D 382 -46.87 -44.70 -107.72
CA ILE D 382 -47.45 -43.36 -107.91
C ILE D 382 -46.92 -42.39 -106.86
N LEU D 383 -46.90 -42.81 -105.60
CA LEU D 383 -46.45 -41.92 -104.52
C LEU D 383 -44.93 -41.81 -104.49
N GLY D 384 -44.25 -42.93 -104.30
CA GLY D 384 -42.83 -42.96 -104.05
C GLY D 384 -42.53 -43.69 -102.76
N MET D 385 -41.23 -43.89 -102.52
CA MET D 385 -40.85 -44.62 -101.31
C MET D 385 -40.85 -43.75 -100.07
N ASP D 386 -40.37 -42.50 -100.19
CA ASP D 386 -40.21 -41.65 -99.02
C ASP D 386 -41.51 -41.09 -98.48
N GLU D 387 -42.54 -40.92 -99.32
CA GLU D 387 -43.80 -40.35 -98.86
C GLU D 387 -44.65 -41.33 -98.06
N LEU D 388 -44.20 -42.57 -97.89
CA LEU D 388 -44.91 -43.52 -97.06
C LEU D 388 -44.73 -43.18 -95.58
N SER D 389 -45.52 -43.84 -94.75
CA SER D 389 -45.39 -43.64 -93.31
C SER D 389 -44.21 -44.45 -92.78
N GLU D 390 -43.89 -44.21 -91.51
CA GLU D 390 -42.76 -44.90 -90.92
C GLU D 390 -43.13 -46.31 -90.49
N GLU D 391 -44.42 -46.61 -90.39
CA GLU D 391 -44.86 -47.93 -89.98
C GLU D 391 -44.81 -48.95 -91.11
N ASP D 392 -45.04 -48.54 -92.35
CA ASP D 392 -44.92 -49.44 -93.48
C ASP D 392 -43.66 -49.22 -94.29
N LYS D 393 -42.77 -48.34 -93.84
CA LYS D 393 -41.38 -48.38 -94.30
C LYS D 393 -40.61 -49.49 -93.59
N LEU D 394 -41.21 -50.08 -92.56
CA LEU D 394 -40.57 -51.16 -91.82
C LEU D 394 -41.03 -52.53 -92.31
N THR D 395 -42.29 -52.66 -92.74
CA THR D 395 -42.74 -53.96 -93.23
C THR D 395 -42.22 -54.23 -94.63
N VAL D 396 -41.79 -53.20 -95.35
CA VAL D 396 -41.07 -53.43 -96.60
C VAL D 396 -39.66 -53.93 -96.31
N SER D 397 -38.97 -53.25 -95.39
CA SER D 397 -37.58 -53.59 -95.07
C SER D 397 -37.46 -54.91 -94.34
N ARG D 398 -38.52 -55.36 -93.68
CA ARG D 398 -38.55 -56.73 -93.16
C ARG D 398 -38.86 -57.74 -94.24
N ALA D 399 -39.62 -57.35 -95.27
CA ALA D 399 -39.95 -58.28 -96.34
C ALA D 399 -38.77 -58.48 -97.28
N ARG D 400 -38.03 -57.41 -97.57
CA ARG D 400 -36.88 -57.50 -98.47
C ARG D 400 -35.75 -58.33 -97.87
N LYS D 401 -35.62 -58.34 -96.55
CA LYS D 401 -34.67 -59.25 -95.91
C LYS D 401 -35.15 -60.68 -95.88
N ILE D 402 -36.45 -60.93 -95.99
CA ILE D 402 -36.96 -62.29 -96.06
C ILE D 402 -36.86 -62.86 -97.48
N GLN D 403 -37.02 -62.01 -98.50
CA GLN D 403 -36.76 -62.42 -99.88
C GLN D 403 -35.32 -62.86 -100.07
N ARG D 404 -34.38 -62.06 -99.57
CA ARG D 404 -32.97 -62.32 -99.81
C ARG D 404 -32.43 -63.44 -98.94
N PHE D 405 -33.02 -63.68 -97.75
CA PHE D 405 -32.53 -64.74 -96.90
C PHE D 405 -32.92 -66.12 -97.41
N LEU D 406 -33.92 -66.22 -98.29
CA LEU D 406 -34.33 -67.53 -98.79
C LEU D 406 -33.33 -68.07 -99.81
N SER D 407 -32.58 -67.19 -100.46
CA SER D 407 -31.63 -67.63 -101.47
C SER D 407 -30.38 -68.21 -100.82
N GLN D 408 -30.03 -69.43 -101.23
CA GLN D 408 -28.97 -70.21 -100.63
C GLN D 408 -28.01 -70.66 -101.72
N PRO D 409 -26.69 -70.58 -101.47
CA PRO D 409 -25.73 -71.07 -102.46
C PRO D 409 -25.66 -72.59 -102.54
N PHE D 410 -26.00 -73.13 -103.70
CA PHE D 410 -26.06 -74.57 -103.88
C PHE D 410 -24.66 -75.17 -104.03
N GLN D 411 -24.58 -76.49 -103.92
CA GLN D 411 -23.29 -77.16 -104.01
C GLN D 411 -22.91 -77.46 -105.46
N VAL D 412 -23.86 -77.95 -106.26
CA VAL D 412 -23.53 -78.37 -107.62
C VAL D 412 -23.50 -77.17 -108.56
N ALA D 413 -23.84 -75.99 -108.06
CA ALA D 413 -23.70 -74.76 -108.81
C ALA D 413 -22.44 -73.99 -108.42
N GLU D 414 -21.35 -74.69 -108.12
CA GLU D 414 -20.10 -74.01 -107.78
C GLU D 414 -19.45 -73.43 -109.03
N VAL D 415 -19.58 -74.11 -110.16
CA VAL D 415 -18.91 -73.65 -111.38
C VAL D 415 -19.62 -72.45 -111.98
N PHE D 416 -20.87 -72.23 -111.62
CA PHE D 416 -21.54 -70.98 -111.95
C PHE D 416 -21.08 -69.86 -111.03
N THR D 417 -20.96 -70.16 -109.73
CA THR D 417 -20.81 -69.10 -108.73
C THR D 417 -19.38 -68.96 -108.26
N GLY D 418 -18.75 -70.07 -107.88
CA GLY D 418 -17.51 -70.00 -107.13
C GLY D 418 -17.69 -70.00 -105.64
N HIS D 419 -18.90 -69.76 -105.16
CA HIS D 419 -19.22 -69.76 -103.73
C HIS D 419 -19.29 -71.20 -103.25
N LEU D 420 -19.43 -71.37 -101.93
CA LEU D 420 -19.32 -72.70 -101.36
C LEU D 420 -20.72 -73.25 -101.07
N GLY D 421 -20.81 -74.56 -100.86
CA GLY D 421 -22.11 -75.18 -100.69
C GLY D 421 -22.51 -75.25 -99.23
N LYS D 422 -23.69 -74.70 -98.93
CA LYS D 422 -24.22 -74.63 -97.58
C LYS D 422 -25.39 -75.58 -97.43
N LEU D 423 -25.64 -76.01 -96.20
CA LEU D 423 -26.70 -76.97 -95.89
C LEU D 423 -27.24 -76.68 -94.50
N VAL D 424 -28.28 -75.87 -94.43
CA VAL D 424 -28.83 -75.37 -93.17
C VAL D 424 -29.77 -76.44 -92.62
N PRO D 425 -29.65 -76.82 -91.34
CA PRO D 425 -30.57 -77.83 -90.79
C PRO D 425 -31.95 -77.24 -90.51
N LEU D 426 -32.87 -78.11 -90.08
CA LEU D 426 -34.26 -77.72 -89.96
C LEU D 426 -34.49 -76.82 -88.74
N LYS D 427 -33.80 -77.10 -87.63
CA LYS D 427 -34.02 -76.34 -86.40
C LYS D 427 -33.45 -74.93 -86.52
N GLU D 428 -32.54 -74.72 -87.47
CA GLU D 428 -31.92 -73.41 -87.62
C GLU D 428 -32.70 -72.55 -88.59
N THR D 429 -33.45 -73.17 -89.52
CA THR D 429 -34.24 -72.42 -90.49
C THR D 429 -35.37 -71.65 -89.83
N ILE D 430 -36.00 -72.25 -88.81
CA ILE D 430 -37.08 -71.57 -88.09
C ILE D 430 -36.52 -70.44 -87.24
N LYS D 431 -35.42 -70.70 -86.53
CA LYS D 431 -34.84 -69.71 -85.64
C LYS D 431 -34.17 -68.57 -86.39
N GLY D 432 -33.89 -68.73 -87.67
CA GLY D 432 -33.37 -67.64 -88.45
C GLY D 432 -34.47 -66.67 -88.81
N PHE D 433 -35.67 -67.19 -89.03
CA PHE D 433 -36.78 -66.38 -89.53
C PHE D 433 -37.64 -65.78 -88.44
N GLN D 434 -37.56 -66.31 -87.21
CA GLN D 434 -38.21 -65.67 -86.07
C GLN D 434 -37.58 -64.33 -85.77
N GLN D 435 -36.27 -64.22 -85.95
CA GLN D 435 -35.54 -63.05 -85.50
C GLN D 435 -35.56 -61.91 -86.52
N ILE D 436 -35.77 -62.20 -87.80
CA ILE D 436 -35.98 -61.11 -88.74
C ILE D 436 -37.39 -60.54 -88.60
N LEU D 437 -38.35 -61.39 -88.25
CA LEU D 437 -39.73 -60.94 -88.10
C LEU D 437 -39.92 -60.14 -86.82
N ALA D 438 -39.31 -60.61 -85.72
CA ALA D 438 -39.46 -59.94 -84.44
C ALA D 438 -38.68 -58.62 -84.37
N GLY D 439 -37.70 -58.43 -85.24
CA GLY D 439 -37.00 -57.18 -85.33
C GLY D 439 -35.61 -57.16 -84.72
N GLU D 440 -34.97 -58.31 -84.56
CA GLU D 440 -33.67 -58.38 -83.92
C GLU D 440 -32.51 -58.10 -84.87
N TYR D 441 -32.80 -57.76 -86.13
CA TYR D 441 -31.75 -57.47 -87.10
C TYR D 441 -32.12 -56.26 -87.93
N ASP D 442 -32.70 -55.24 -87.31
CA ASP D 442 -33.05 -54.02 -88.02
C ASP D 442 -31.87 -53.09 -88.22
N HIS D 443 -30.68 -53.44 -87.74
CA HIS D 443 -29.51 -52.58 -87.83
C HIS D 443 -28.53 -53.00 -88.92
N LEU D 444 -28.95 -53.86 -89.82
CA LEU D 444 -28.12 -54.35 -90.90
C LEU D 444 -28.70 -53.96 -92.25
N PRO D 445 -27.88 -53.75 -93.28
CA PRO D 445 -28.41 -53.52 -94.62
C PRO D 445 -28.88 -54.84 -95.24
N GLU D 446 -29.49 -54.74 -96.42
CA GLU D 446 -30.11 -55.90 -97.05
C GLU D 446 -29.09 -56.90 -97.57
N GLN D 447 -27.90 -56.42 -97.93
CA GLN D 447 -26.90 -57.26 -98.60
C GLN D 447 -26.25 -58.28 -97.66
N ALA D 448 -26.48 -58.19 -96.36
CA ALA D 448 -25.83 -59.08 -95.42
C ALA D 448 -26.46 -60.46 -95.37
N PHE D 449 -27.58 -60.69 -96.06
CA PHE D 449 -28.26 -61.96 -96.05
C PHE D 449 -28.21 -62.67 -97.40
N TYR D 450 -27.72 -62.01 -98.44
CA TYR D 450 -27.69 -62.57 -99.79
C TYR D 450 -26.69 -63.71 -99.87
N MET D 451 -27.19 -64.91 -100.21
CA MET D 451 -26.39 -66.10 -100.49
C MET D 451 -25.57 -66.53 -99.28
N VAL D 452 -26.25 -66.64 -98.14
CA VAL D 452 -25.59 -67.10 -96.92
C VAL D 452 -26.20 -68.42 -96.49
N GLY D 453 -25.59 -69.06 -95.51
CA GLY D 453 -26.12 -70.28 -94.94
C GLY D 453 -27.02 -69.96 -93.76
N PRO D 454 -26.64 -70.41 -92.56
CA PRO D 454 -27.38 -70.04 -91.35
C PRO D 454 -27.29 -68.57 -90.99
N ILE D 455 -28.00 -68.15 -89.93
CA ILE D 455 -28.08 -66.74 -89.58
C ILE D 455 -26.79 -66.24 -88.94
N GLU D 456 -25.90 -67.16 -88.52
CA GLU D 456 -24.61 -66.77 -87.96
C GLU D 456 -23.74 -66.05 -88.98
N GLU D 457 -23.75 -66.50 -90.24
CA GLU D 457 -22.96 -65.85 -91.28
C GLU D 457 -23.59 -64.57 -91.79
N ALA D 458 -24.78 -64.20 -91.33
CA ALA D 458 -25.40 -62.98 -91.79
C ALA D 458 -24.83 -61.74 -91.11
N VAL D 459 -24.22 -61.91 -89.93
CA VAL D 459 -23.60 -60.78 -89.25
C VAL D 459 -22.10 -60.76 -89.47
N ALA D 460 -21.48 -61.92 -89.70
CA ALA D 460 -20.07 -61.95 -90.09
C ALA D 460 -19.87 -61.31 -91.46
N LYS D 461 -20.82 -61.52 -92.37
CA LYS D 461 -20.79 -60.83 -93.66
C LYS D 461 -21.17 -59.36 -93.53
N ALA D 462 -21.76 -58.96 -92.41
CA ALA D 462 -22.18 -57.57 -92.26
C ALA D 462 -21.00 -56.68 -91.91
N ASP D 463 -20.08 -57.16 -91.07
CA ASP D 463 -18.96 -56.34 -90.65
C ASP D 463 -17.89 -56.24 -91.75
N LYS D 464 -17.71 -57.32 -92.52
CA LYS D 464 -16.69 -57.34 -93.56
C LYS D 464 -16.98 -56.35 -94.68
N LEU D 465 -18.26 -56.01 -94.89
CA LEU D 465 -18.61 -54.97 -95.83
C LEU D 465 -18.36 -53.58 -95.28
N ALA D 466 -18.30 -53.42 -93.96
CA ALA D 466 -18.24 -52.09 -93.35
C ALA D 466 -16.86 -51.46 -93.49
N GLU D 467 -15.80 -52.26 -93.41
CA GLU D 467 -14.45 -51.73 -93.27
C GLU D 467 -13.89 -51.14 -94.54
N GLU D 468 -14.47 -51.46 -95.70
CA GLU D 468 -13.94 -51.00 -96.98
C GLU D 468 -14.46 -49.62 -97.37
N HIS D 469 -15.06 -48.89 -96.45
CA HIS D 469 -15.47 -47.52 -96.74
C HIS D 469 -14.29 -46.56 -96.66
N THR E 2 -96.43 -95.72 -141.96
CA THR E 2 -95.54 -95.96 -140.82
C THR E 2 -94.08 -95.89 -141.25
N GLY E 3 -93.19 -95.86 -140.27
CA GLY E 3 -91.77 -95.92 -140.52
C GLY E 3 -91.08 -96.81 -139.49
N ARG E 4 -89.76 -96.94 -139.66
CA ARG E 4 -88.94 -97.70 -138.75
C ARG E 4 -87.70 -96.90 -138.39
N ILE E 5 -87.23 -97.10 -137.17
CA ILE E 5 -86.03 -96.43 -136.65
C ILE E 5 -84.81 -97.24 -137.07
N VAL E 6 -83.87 -96.59 -137.74
CA VAL E 6 -82.63 -97.23 -138.17
C VAL E 6 -81.45 -96.87 -137.28
N ALA E 7 -81.33 -95.60 -136.88
CA ALA E 7 -80.17 -95.14 -136.14
C ALA E 7 -80.59 -94.30 -134.93
N VAL E 8 -79.98 -94.59 -133.79
CA VAL E 8 -80.19 -93.84 -132.55
C VAL E 8 -78.81 -93.40 -132.05
N ILE E 9 -78.52 -92.11 -132.14
CA ILE E 9 -77.24 -91.56 -131.71
C ILE E 9 -77.56 -90.35 -130.85
N GLY E 10 -77.55 -90.53 -129.53
CA GLY E 10 -77.75 -89.43 -128.61
C GLY E 10 -79.19 -88.98 -128.54
N ALA E 11 -79.44 -87.73 -128.93
CA ALA E 11 -80.78 -87.18 -129.05
C ALA E 11 -81.13 -86.93 -130.49
N VAL E 12 -80.64 -87.79 -131.39
CA VAL E 12 -80.89 -87.69 -132.82
C VAL E 12 -81.28 -89.07 -133.32
N VAL E 13 -82.50 -89.20 -133.83
CA VAL E 13 -83.04 -90.46 -134.31
C VAL E 13 -83.26 -90.35 -135.82
N ASP E 14 -82.92 -91.41 -136.55
CA ASP E 14 -83.13 -91.50 -137.99
C ASP E 14 -84.23 -92.52 -138.27
N VAL E 15 -85.17 -92.15 -139.12
CA VAL E 15 -86.37 -92.95 -139.36
C VAL E 15 -86.44 -93.28 -140.85
N GLN E 16 -86.66 -94.56 -141.16
CA GLN E 16 -86.75 -95.05 -142.53
C GLN E 16 -88.21 -95.31 -142.87
N PHE E 17 -88.70 -94.65 -143.92
CA PHE E 17 -90.07 -94.81 -144.37
C PHE E 17 -90.12 -95.68 -145.63
N ASP E 18 -91.34 -95.96 -146.10
CA ASP E 18 -91.51 -96.74 -147.31
C ASP E 18 -92.22 -95.97 -148.42
N GLU E 19 -93.43 -95.46 -148.16
CA GLU E 19 -94.18 -94.73 -149.17
C GLU E 19 -94.41 -93.28 -148.76
N GLY E 20 -95.03 -93.05 -147.61
CA GLY E 20 -95.40 -91.71 -147.21
C GLY E 20 -94.28 -90.94 -146.54
N LEU E 21 -93.34 -90.44 -147.32
CA LEU E 21 -92.26 -89.63 -146.77
C LEU E 21 -92.79 -88.28 -146.32
N PRO E 22 -92.69 -87.95 -145.03
CA PRO E 22 -93.26 -86.70 -144.55
C PRO E 22 -92.33 -85.54 -144.82
N PRO E 23 -92.87 -84.35 -145.08
CA PRO E 23 -92.00 -83.18 -145.29
C PRO E 23 -91.29 -82.72 -144.04
N ILE E 24 -90.49 -81.67 -144.18
CA ILE E 24 -89.77 -81.12 -143.05
C ILE E 24 -90.76 -80.41 -142.12
N LEU E 25 -90.39 -80.32 -140.84
CA LEU E 25 -91.16 -79.69 -139.75
C LEU E 25 -92.46 -80.44 -139.47
N ASN E 26 -92.51 -81.72 -139.77
CA ASN E 26 -93.63 -82.53 -139.32
C ASN E 26 -93.35 -83.05 -137.91
N ALA E 27 -94.17 -84.00 -137.47
CA ALA E 27 -94.07 -84.55 -136.12
C ALA E 27 -94.47 -86.01 -136.16
N LEU E 28 -93.57 -86.88 -135.74
CA LEU E 28 -93.85 -88.30 -135.67
C LEU E 28 -94.15 -88.69 -134.22
N GLU E 29 -94.43 -89.97 -133.99
CA GLU E 29 -94.73 -90.44 -132.65
C GLU E 29 -94.39 -91.91 -132.53
N VAL E 30 -93.53 -92.24 -131.57
CA VAL E 30 -92.98 -93.58 -131.43
C VAL E 30 -94.03 -94.47 -130.78
N GLN E 31 -94.21 -95.67 -131.32
CA GLN E 31 -95.21 -96.60 -130.82
C GLN E 31 -94.56 -97.66 -129.93
N GLY E 32 -95.16 -97.89 -128.76
CA GLY E 32 -94.68 -98.90 -127.85
C GLY E 32 -94.12 -98.37 -126.54
N ARG E 33 -94.12 -97.06 -126.34
CA ARG E 33 -93.55 -96.45 -125.14
C ARG E 33 -94.64 -95.89 -124.24
N GLU E 34 -94.24 -95.62 -123.00
CA GLU E 34 -95.18 -95.16 -121.97
C GLU E 34 -95.64 -93.74 -122.24
N THR E 35 -94.71 -92.80 -122.26
CA THR E 35 -95.05 -91.40 -122.44
C THR E 35 -94.86 -91.02 -123.90
N ARG E 36 -95.44 -89.89 -124.31
CA ARG E 36 -95.33 -89.44 -125.68
C ARG E 36 -93.91 -88.97 -126.00
N LEU E 37 -93.35 -89.50 -127.08
CA LEU E 37 -92.04 -89.11 -127.56
C LEU E 37 -92.19 -88.61 -128.99
N VAL E 38 -92.16 -87.30 -129.16
CA VAL E 38 -92.41 -86.65 -130.45
C VAL E 38 -91.09 -86.37 -131.12
N LEU E 39 -90.94 -86.82 -132.36
CA LEU E 39 -89.76 -86.57 -133.18
C LEU E 39 -90.12 -85.54 -134.23
N GLU E 40 -89.19 -84.63 -134.53
CA GLU E 40 -89.43 -83.56 -135.49
C GLU E 40 -88.48 -83.69 -136.67
N VAL E 41 -89.04 -83.86 -137.87
CA VAL E 41 -88.23 -84.09 -139.07
C VAL E 41 -87.52 -82.80 -139.47
N ALA E 42 -86.22 -82.91 -139.75
CA ALA E 42 -85.39 -81.74 -140.05
C ALA E 42 -84.59 -81.83 -141.34
N GLN E 43 -84.35 -83.03 -141.88
CA GLN E 43 -83.56 -83.20 -143.10
C GLN E 43 -84.02 -84.44 -143.83
N HIS E 44 -84.02 -84.37 -145.16
CA HIS E 44 -84.26 -85.53 -146.02
C HIS E 44 -82.90 -86.07 -146.44
N LEU E 45 -82.54 -87.24 -145.92
CA LEU E 45 -81.20 -87.79 -146.11
C LEU E 45 -81.08 -88.65 -147.35
N GLY E 46 -82.12 -88.74 -148.17
CA GLY E 46 -82.08 -89.61 -149.32
C GLY E 46 -82.38 -91.05 -148.94
N GLU E 47 -82.58 -91.87 -149.98
CA GLU E 47 -83.04 -93.26 -149.97
C GLU E 47 -84.13 -93.54 -148.93
N SER E 48 -85.11 -92.63 -148.86
CA SER E 48 -86.25 -92.65 -147.92
C SER E 48 -85.77 -92.76 -146.48
N THR E 49 -85.08 -91.72 -146.02
CA THR E 49 -84.59 -91.66 -144.65
C THR E 49 -84.60 -90.21 -144.21
N VAL E 50 -85.21 -89.94 -143.06
CA VAL E 50 -85.29 -88.58 -142.53
C VAL E 50 -84.48 -88.48 -141.25
N ARG E 51 -84.06 -87.27 -140.94
CA ARG E 51 -83.23 -86.98 -139.78
C ARG E 51 -84.06 -86.19 -138.78
N THR E 52 -84.35 -86.81 -137.64
CA THR E 52 -85.28 -86.28 -136.65
C THR E 52 -84.55 -85.94 -135.36
N ILE E 53 -85.02 -84.88 -134.69
CA ILE E 53 -84.54 -84.53 -133.36
C ILE E 53 -85.60 -84.89 -132.34
N ALA E 54 -85.20 -85.57 -131.26
CA ALA E 54 -86.16 -86.02 -130.27
C ALA E 54 -86.59 -84.88 -129.36
N MET E 55 -87.61 -85.14 -128.55
CA MET E 55 -88.14 -84.14 -127.62
C MET E 55 -88.23 -84.63 -126.18
N ASP E 56 -87.79 -85.86 -125.90
CA ASP E 56 -87.76 -86.38 -124.54
C ASP E 56 -86.58 -87.36 -124.49
N GLY E 57 -86.58 -88.24 -123.50
CA GLY E 57 -85.49 -89.21 -123.37
C GLY E 57 -85.52 -90.22 -124.51
N THR E 58 -84.32 -90.66 -124.90
CA THR E 58 -84.15 -91.46 -126.09
C THR E 58 -83.83 -92.91 -125.77
N GLU E 59 -83.42 -93.19 -124.53
CA GLU E 59 -83.03 -94.55 -124.13
C GLU E 59 -84.23 -95.48 -124.13
N GLY E 60 -83.94 -96.77 -124.26
CA GLY E 60 -84.98 -97.77 -124.43
C GLY E 60 -85.44 -97.95 -125.86
N LEU E 61 -84.89 -97.19 -126.81
CA LEU E 61 -85.31 -97.31 -128.20
C LEU E 61 -84.49 -98.38 -128.91
N VAL E 62 -85.19 -99.34 -129.50
CA VAL E 62 -84.58 -100.44 -130.23
C VAL E 62 -84.54 -100.06 -131.69
N ARG E 63 -83.47 -100.47 -132.38
CA ARG E 63 -83.42 -100.34 -133.83
C ARG E 63 -84.46 -101.25 -134.46
N GLY E 64 -85.31 -100.68 -135.30
CA GLY E 64 -86.38 -101.41 -135.91
C GLY E 64 -87.70 -101.39 -135.18
N GLN E 65 -88.05 -100.30 -134.52
CA GLN E 65 -89.36 -100.17 -133.93
C GLN E 65 -90.32 -99.60 -134.97
N LYS E 66 -91.53 -99.24 -134.55
CA LYS E 66 -92.53 -98.72 -135.45
C LYS E 66 -92.90 -97.29 -135.04
N VAL E 67 -93.04 -96.42 -136.04
CA VAL E 67 -93.22 -94.99 -135.84
C VAL E 67 -94.33 -94.52 -136.77
N LEU E 68 -95.36 -93.88 -136.21
CA LEU E 68 -96.47 -93.37 -137.00
C LEU E 68 -96.14 -91.99 -137.55
N ASP E 69 -97.14 -91.31 -138.09
CA ASP E 69 -96.97 -89.97 -138.63
C ASP E 69 -98.29 -89.22 -138.46
N SER E 70 -98.19 -87.97 -137.99
CA SER E 70 -99.38 -87.16 -137.81
C SER E 70 -99.82 -86.49 -139.11
N GLY E 71 -98.87 -86.28 -140.04
CA GLY E 71 -99.16 -85.60 -141.28
C GLY E 71 -99.19 -84.10 -141.17
N ALA E 72 -98.94 -83.55 -140.00
CA ALA E 72 -99.01 -82.12 -139.73
C ALA E 72 -97.95 -81.79 -138.69
N PRO E 73 -97.60 -80.52 -138.46
CA PRO E 73 -96.70 -80.19 -137.35
C PRO E 73 -97.29 -80.43 -135.97
N ILE E 74 -96.53 -80.06 -134.94
CA ILE E 74 -96.99 -80.22 -133.56
C ILE E 74 -98.18 -79.30 -133.32
N LYS E 75 -99.32 -79.89 -132.97
CA LYS E 75 -100.57 -79.16 -132.80
C LYS E 75 -100.96 -79.17 -131.33
N ILE E 76 -101.21 -77.98 -130.79
CA ILE E 76 -101.43 -77.82 -129.36
C ILE E 76 -102.89 -77.50 -129.07
N PRO E 77 -103.40 -77.80 -127.87
CA PRO E 77 -104.73 -77.31 -127.50
C PRO E 77 -104.72 -75.81 -127.29
N VAL E 78 -105.53 -75.11 -128.08
CA VAL E 78 -105.64 -73.66 -128.01
C VAL E 78 -107.11 -73.31 -127.78
N GLY E 79 -107.36 -72.12 -127.25
CA GLY E 79 -108.71 -71.67 -126.99
C GLY E 79 -108.76 -70.63 -125.88
N PRO E 80 -109.96 -70.25 -125.47
CA PRO E 80 -110.06 -69.35 -124.31
C PRO E 80 -110.07 -70.09 -122.99
N GLU E 81 -110.29 -71.40 -123.03
CA GLU E 81 -110.30 -72.19 -121.80
C GLU E 81 -108.91 -72.70 -121.45
N THR E 82 -107.88 -72.16 -122.10
CA THR E 82 -106.51 -72.51 -121.73
C THR E 82 -105.97 -71.55 -120.69
N LEU E 83 -106.74 -70.51 -120.35
CA LEU E 83 -106.31 -69.54 -119.36
C LEU E 83 -106.28 -70.18 -117.97
N GLY E 84 -105.12 -70.08 -117.32
CA GLY E 84 -104.97 -70.60 -115.98
C GLY E 84 -104.41 -72.01 -115.88
N ARG E 85 -103.89 -72.57 -116.97
CA ARG E 85 -103.34 -73.91 -116.96
C ARG E 85 -101.84 -73.86 -117.28
N ILE E 86 -101.18 -75.00 -117.12
CA ILE E 86 -99.74 -75.13 -117.36
C ILE E 86 -99.52 -76.26 -118.36
N MET E 87 -98.82 -75.96 -119.45
CA MET E 87 -98.55 -76.95 -120.49
C MET E 87 -97.08 -76.92 -120.89
N ASN E 88 -96.62 -78.05 -121.45
CA ASN E 88 -95.28 -78.13 -121.99
C ASN E 88 -95.31 -77.81 -123.49
N VAL E 89 -94.25 -78.17 -124.20
CA VAL E 89 -94.09 -77.73 -125.60
C VAL E 89 -95.04 -78.50 -126.53
N ILE E 90 -95.52 -79.68 -126.11
CA ILE E 90 -96.40 -80.46 -126.98
C ILE E 90 -97.86 -80.39 -126.55
N GLY E 91 -98.23 -79.46 -125.68
CA GLY E 91 -99.61 -79.24 -125.35
C GLY E 91 -100.16 -80.05 -124.18
N GLU E 92 -99.40 -81.01 -123.66
CA GLU E 92 -99.85 -81.81 -122.54
C GLU E 92 -99.93 -80.98 -121.27
N PRO E 93 -100.92 -81.24 -120.41
CA PRO E 93 -100.96 -80.53 -119.13
C PRO E 93 -100.06 -81.17 -118.09
N ILE E 94 -99.33 -80.34 -117.32
CA ILE E 94 -98.38 -80.85 -116.35
C ILE E 94 -98.66 -80.34 -114.94
N ASP E 95 -99.92 -80.17 -114.57
CA ASP E 95 -100.26 -79.79 -113.20
C ASP E 95 -101.31 -80.69 -112.56
N GLU E 96 -101.62 -81.83 -113.20
CA GLU E 96 -102.47 -82.89 -112.66
C GLU E 96 -103.88 -82.41 -112.33
N ARG E 97 -104.38 -81.44 -113.10
CA ARG E 97 -105.73 -80.93 -112.92
C ARG E 97 -106.68 -81.37 -114.02
N GLY E 98 -106.45 -82.54 -114.60
CA GLY E 98 -107.34 -83.06 -115.61
C GLY E 98 -106.97 -82.56 -117.01
N PRO E 99 -107.46 -83.25 -118.03
CA PRO E 99 -107.10 -82.87 -119.41
C PRO E 99 -107.78 -81.59 -119.83
N ILE E 100 -107.04 -80.76 -120.56
CA ILE E 100 -107.61 -79.53 -121.11
C ILE E 100 -108.52 -79.89 -122.28
N LYS E 101 -109.73 -79.36 -122.25
CA LYS E 101 -110.75 -79.65 -123.25
C LYS E 101 -111.09 -78.37 -123.97
N THR E 102 -110.97 -78.38 -125.30
CA THR E 102 -111.26 -77.21 -126.11
C THR E 102 -111.73 -77.67 -127.49
N LYS E 103 -112.03 -76.69 -128.35
CA LYS E 103 -112.68 -77.01 -129.62
C LYS E 103 -111.67 -77.25 -130.73
N GLN E 104 -110.69 -76.36 -130.87
CA GLN E 104 -109.81 -76.37 -132.03
C GLN E 104 -108.35 -76.43 -131.59
N PHE E 105 -107.49 -76.79 -132.53
CA PHE E 105 -106.05 -76.84 -132.34
C PHE E 105 -105.38 -75.95 -133.38
N ALA E 106 -104.12 -75.64 -133.14
CA ALA E 106 -103.33 -74.85 -134.07
C ALA E 106 -101.90 -75.38 -134.13
N ALA E 107 -101.24 -75.13 -135.25
CA ALA E 107 -99.88 -75.59 -135.49
C ALA E 107 -98.90 -74.49 -135.10
N ILE E 108 -97.71 -74.89 -134.65
CA ILE E 108 -96.78 -73.92 -134.08
C ILE E 108 -95.89 -73.33 -135.15
N HIS E 109 -95.59 -74.10 -136.19
CA HIS E 109 -94.76 -73.63 -137.30
C HIS E 109 -95.68 -72.95 -138.31
N ALA E 110 -95.82 -71.64 -138.18
CA ALA E 110 -96.69 -70.86 -139.03
C ALA E 110 -95.94 -69.64 -139.54
N GLU E 111 -96.32 -69.21 -140.76
CA GLU E 111 -95.63 -68.16 -141.46
C GLU E 111 -95.94 -66.80 -140.86
N ALA E 112 -95.18 -65.80 -141.28
CA ALA E 112 -95.38 -64.43 -140.81
C ALA E 112 -96.62 -63.84 -141.48
N PRO E 113 -97.16 -62.74 -140.93
CA PRO E 113 -98.16 -61.97 -141.68
C PRO E 113 -97.54 -61.34 -142.92
N GLU E 114 -98.39 -61.09 -143.91
CA GLU E 114 -97.93 -60.58 -145.19
C GLU E 114 -97.63 -59.09 -145.09
N PHE E 115 -97.25 -58.49 -146.21
CA PHE E 115 -96.85 -57.09 -146.19
C PHE E 115 -98.05 -56.15 -146.14
N MET E 116 -99.18 -56.55 -146.72
CA MET E 116 -100.35 -55.70 -146.79
C MET E 116 -101.21 -55.76 -145.53
N GLU E 117 -100.75 -56.43 -144.48
CA GLU E 117 -101.50 -56.54 -143.24
C GLU E 117 -100.88 -55.80 -142.07
N MET E 118 -99.68 -55.24 -142.24
CA MET E 118 -99.00 -54.57 -141.15
C MET E 118 -99.67 -53.24 -140.82
N SER E 119 -99.37 -52.72 -139.63
CA SER E 119 -99.83 -51.40 -139.26
C SER E 119 -98.92 -50.35 -139.88
N VAL E 120 -99.49 -49.21 -140.22
CA VAL E 120 -98.78 -48.18 -140.96
C VAL E 120 -98.47 -46.98 -140.05
N GLU E 121 -98.61 -47.17 -138.73
CA GLU E 121 -98.45 -46.06 -137.81
C GLU E 121 -98.01 -46.60 -136.45
N GLN E 122 -97.20 -45.81 -135.75
CA GLN E 122 -96.84 -46.15 -134.39
C GLN E 122 -97.95 -45.75 -133.42
N GLU E 123 -98.04 -46.48 -132.32
CA GLU E 123 -99.10 -46.24 -131.34
C GLU E 123 -98.62 -46.71 -129.98
N ILE E 124 -98.80 -45.84 -128.98
CA ILE E 124 -98.28 -46.07 -127.64
C ILE E 124 -99.24 -46.97 -126.86
N LEU E 125 -98.68 -47.98 -126.19
CA LEU E 125 -99.44 -48.81 -125.26
C LEU E 125 -99.32 -48.22 -123.87
N VAL E 126 -100.46 -47.97 -123.22
CA VAL E 126 -100.47 -47.43 -121.86
C VAL E 126 -100.70 -48.57 -120.88
N THR E 127 -99.87 -48.63 -119.84
CA THR E 127 -99.94 -49.68 -118.84
C THR E 127 -100.23 -49.15 -117.44
N GLY E 128 -100.25 -47.84 -117.24
CA GLY E 128 -100.66 -47.25 -115.99
C GLY E 128 -99.52 -46.77 -115.11
N ILE E 129 -98.34 -47.39 -115.22
CA ILE E 129 -97.22 -47.04 -114.36
C ILE E 129 -96.66 -45.68 -114.78
N LYS E 130 -96.29 -44.87 -113.79
CA LYS E 130 -95.89 -43.49 -114.07
C LYS E 130 -94.51 -43.41 -114.68
N VAL E 131 -93.60 -44.31 -114.28
CA VAL E 131 -92.23 -44.23 -114.79
C VAL E 131 -92.13 -44.85 -116.19
N VAL E 132 -92.93 -45.88 -116.47
CA VAL E 132 -92.90 -46.53 -117.77
C VAL E 132 -93.55 -45.66 -118.83
N ASP E 133 -94.82 -45.29 -118.62
CA ASP E 133 -95.60 -44.61 -119.65
C ASP E 133 -95.24 -43.14 -119.84
N LEU E 134 -94.18 -42.63 -119.21
CA LEU E 134 -93.77 -41.25 -119.40
C LEU E 134 -92.38 -41.12 -120.02
N LEU E 135 -91.41 -41.88 -119.52
CA LEU E 135 -90.03 -41.70 -119.94
C LEU E 135 -89.55 -42.76 -120.94
N ALA E 136 -90.00 -44.00 -120.81
CA ALA E 136 -89.69 -45.06 -121.76
C ALA E 136 -90.97 -45.74 -122.20
N PRO E 137 -91.79 -45.08 -123.02
CA PRO E 137 -93.12 -45.61 -123.33
C PRO E 137 -93.06 -46.82 -124.24
N TYR E 138 -94.16 -47.57 -124.26
CA TYR E 138 -94.21 -48.88 -124.89
C TYR E 138 -95.02 -48.77 -126.18
N ALA E 139 -94.40 -49.13 -127.30
CA ALA E 139 -95.13 -49.17 -128.56
C ALA E 139 -95.99 -50.42 -128.63
N LYS E 140 -97.10 -50.31 -129.35
CA LYS E 140 -98.03 -51.43 -129.50
C LYS E 140 -97.49 -52.38 -130.58
N GLY E 141 -97.12 -53.58 -130.18
CA GLY E 141 -96.55 -54.54 -131.09
C GLY E 141 -95.05 -54.69 -131.00
N GLY E 142 -94.36 -53.73 -130.38
CA GLY E 142 -92.93 -53.77 -130.32
C GLY E 142 -92.40 -54.78 -129.33
N LYS E 143 -91.08 -54.92 -129.34
CA LYS E 143 -90.37 -55.84 -128.46
C LYS E 143 -89.67 -55.03 -127.38
N ILE E 144 -89.77 -55.49 -126.12
CA ILE E 144 -89.24 -54.77 -124.97
C ILE E 144 -88.22 -55.65 -124.27
N GLY E 145 -87.10 -55.03 -123.86
CA GLY E 145 -86.04 -55.72 -123.18
C GLY E 145 -85.97 -55.31 -121.72
N LEU E 146 -85.99 -56.30 -120.84
CA LEU E 146 -86.08 -56.09 -119.40
C LEU E 146 -84.73 -56.44 -118.77
N PHE E 147 -83.93 -55.42 -118.50
CA PHE E 147 -82.64 -55.62 -117.87
C PHE E 147 -82.80 -55.70 -116.35
N GLY E 148 -82.03 -56.60 -115.74
CA GLY E 148 -82.14 -56.82 -114.33
C GLY E 148 -82.51 -58.26 -114.00
N GLY E 149 -82.09 -58.70 -112.81
CA GLY E 149 -82.30 -60.09 -112.43
C GLY E 149 -82.99 -60.28 -111.09
N ALA E 150 -82.41 -61.13 -110.25
CA ALA E 150 -83.01 -61.49 -108.97
C ALA E 150 -82.65 -60.48 -107.89
N GLY E 151 -83.55 -60.35 -106.92
CA GLY E 151 -83.35 -59.45 -105.80
C GLY E 151 -83.64 -58.00 -106.08
N VAL E 152 -84.18 -57.67 -107.25
CA VAL E 152 -84.46 -56.28 -107.62
C VAL E 152 -85.96 -56.00 -107.63
N GLY E 153 -86.79 -57.03 -107.65
CA GLY E 153 -88.23 -56.84 -107.72
C GLY E 153 -88.75 -56.92 -109.14
N LYS E 154 -88.38 -57.98 -109.85
CA LYS E 154 -88.75 -58.17 -111.24
C LYS E 154 -90.06 -58.94 -111.39
N THR E 155 -90.27 -59.97 -110.58
CA THR E 155 -91.45 -60.80 -110.70
C THR E 155 -92.73 -60.13 -110.21
N VAL E 156 -92.62 -58.97 -109.56
CA VAL E 156 -93.81 -58.17 -109.27
C VAL E 156 -94.22 -57.36 -110.49
N LEU E 157 -93.24 -56.78 -111.20
CA LEU E 157 -93.49 -56.03 -112.42
C LEU E 157 -94.07 -56.90 -113.54
N ILE E 158 -93.77 -58.20 -113.53
CA ILE E 158 -94.44 -59.12 -114.44
C ILE E 158 -95.91 -59.28 -114.04
N MET E 159 -96.16 -59.55 -112.76
CA MET E 159 -97.50 -59.82 -112.25
C MET E 159 -98.40 -58.60 -112.26
N GLU E 160 -97.85 -57.41 -112.44
CA GLU E 160 -98.68 -56.21 -112.42
C GLU E 160 -99.03 -55.72 -113.82
N LEU E 161 -98.17 -55.98 -114.81
CA LEU E 161 -98.52 -55.63 -116.18
C LEU E 161 -99.55 -56.59 -116.74
N ILE E 162 -99.66 -57.79 -116.16
CA ILE E 162 -100.77 -58.67 -116.49
C ILE E 162 -102.09 -58.08 -116.02
N ASN E 163 -102.10 -57.51 -114.82
CA ASN E 163 -103.34 -57.03 -114.21
C ASN E 163 -103.86 -55.76 -114.86
N ASN E 164 -102.99 -54.85 -115.26
CA ASN E 164 -103.45 -53.55 -115.76
C ASN E 164 -103.94 -53.60 -117.19
N VAL E 165 -103.37 -54.46 -118.04
CA VAL E 165 -103.84 -54.55 -119.42
C VAL E 165 -105.21 -55.21 -119.46
N ALA E 166 -105.48 -56.16 -118.56
CA ALA E 166 -106.80 -56.76 -118.45
C ALA E 166 -107.83 -55.84 -117.82
N LYS E 167 -107.42 -54.67 -117.31
CA LYS E 167 -108.33 -53.66 -116.79
C LYS E 167 -108.56 -52.53 -117.78
N ALA E 168 -107.50 -51.90 -118.28
CA ALA E 168 -107.64 -50.76 -119.17
C ALA E 168 -107.82 -51.13 -120.64
N HIS E 169 -107.43 -52.35 -121.03
CA HIS E 169 -107.49 -52.74 -122.43
C HIS E 169 -108.24 -54.03 -122.70
N GLY E 170 -108.29 -54.97 -121.77
CA GLY E 170 -109.02 -56.20 -121.99
C GLY E 170 -108.30 -57.19 -122.88
N GLY E 171 -107.08 -57.55 -122.55
CA GLY E 171 -106.32 -58.55 -123.30
C GLY E 171 -105.50 -59.42 -122.36
N TYR E 172 -105.56 -60.72 -122.57
CA TYR E 172 -104.93 -61.68 -121.68
C TYR E 172 -103.45 -61.83 -122.05
N SER E 173 -102.74 -62.76 -121.42
CA SER E 173 -101.31 -62.89 -121.61
C SER E 173 -100.91 -64.36 -121.59
N VAL E 174 -99.73 -64.64 -122.14
CA VAL E 174 -99.12 -65.97 -122.11
C VAL E 174 -97.74 -65.82 -121.49
N PHE E 175 -97.36 -66.77 -120.63
CA PHE E 175 -96.02 -66.82 -120.06
C PHE E 175 -95.31 -68.05 -120.61
N ALA E 176 -94.13 -67.85 -121.20
CA ALA E 176 -93.34 -68.90 -121.81
C ALA E 176 -92.00 -69.00 -121.10
N GLY E 177 -91.80 -70.08 -120.35
CA GLY E 177 -90.55 -70.29 -119.64
C GLY E 177 -89.57 -71.12 -120.45
N VAL E 178 -88.60 -70.46 -121.08
CA VAL E 178 -87.67 -71.11 -121.99
C VAL E 178 -86.49 -71.59 -121.18
N GLY E 179 -86.45 -72.90 -120.91
CA GLY E 179 -85.36 -73.53 -120.18
C GLY E 179 -85.18 -73.04 -118.76
N GLU E 180 -86.28 -72.86 -118.04
CA GLU E 180 -86.26 -72.23 -116.73
C GLU E 180 -86.17 -73.29 -115.64
N ARG E 181 -85.67 -72.87 -114.48
CA ARG E 181 -85.47 -73.77 -113.35
C ARG E 181 -86.81 -74.29 -112.82
N THR E 182 -86.79 -75.52 -112.31
CA THR E 182 -88.00 -76.08 -111.73
C THR E 182 -88.33 -75.46 -110.39
N ARG E 183 -87.30 -75.12 -109.60
CA ARG E 183 -87.51 -74.49 -108.30
C ARG E 183 -88.04 -73.07 -108.44
N GLU E 184 -87.61 -72.34 -109.46
CA GLU E 184 -88.09 -70.99 -109.70
C GLU E 184 -89.30 -70.93 -110.60
N GLY E 185 -89.65 -72.02 -111.26
CA GLY E 185 -90.88 -72.12 -112.00
C GLY E 185 -92.01 -72.69 -111.20
N ASN E 186 -91.75 -73.01 -109.94
CA ASN E 186 -92.78 -73.39 -108.98
C ASN E 186 -93.21 -72.23 -108.10
N ASP E 187 -92.28 -71.34 -107.75
CA ASP E 187 -92.62 -70.19 -106.93
C ASP E 187 -93.45 -69.18 -107.69
N LEU E 188 -93.27 -69.07 -109.00
CA LEU E 188 -94.06 -68.15 -109.79
C LEU E 188 -95.47 -68.67 -109.99
N TYR E 189 -95.67 -69.97 -109.89
CA TYR E 189 -97.02 -70.53 -109.87
C TYR E 189 -97.77 -70.08 -108.62
N HIS E 190 -97.12 -70.18 -107.46
CA HIS E 190 -97.77 -69.86 -106.20
C HIS E 190 -97.73 -68.38 -105.85
N GLU E 191 -96.89 -67.59 -106.51
CA GLU E 191 -96.95 -66.15 -106.32
C GLU E 191 -98.07 -65.51 -107.12
N MET E 192 -98.46 -66.11 -108.24
CA MET E 192 -99.59 -65.64 -109.01
C MET E 192 -100.92 -66.04 -108.39
N ILE E 193 -100.97 -67.19 -107.72
CA ILE E 193 -102.17 -67.62 -107.01
C ILE E 193 -102.51 -66.66 -105.90
N GLU E 194 -101.51 -66.26 -105.12
CA GLU E 194 -101.69 -65.36 -103.99
C GLU E 194 -101.78 -63.89 -104.41
N SER E 195 -101.95 -63.59 -105.70
CA SER E 195 -102.18 -62.22 -106.12
C SER E 195 -103.37 -62.08 -107.05
N GLY E 196 -104.06 -63.16 -107.38
CA GLY E 196 -105.34 -63.10 -108.02
C GLY E 196 -105.34 -63.27 -109.53
N VAL E 197 -104.18 -63.13 -110.18
CA VAL E 197 -104.14 -63.16 -111.64
C VAL E 197 -104.36 -64.54 -112.21
N ILE E 198 -104.19 -65.59 -111.40
CA ILE E 198 -104.61 -66.93 -111.76
C ILE E 198 -105.53 -67.41 -110.64
N ASN E 199 -106.47 -68.28 -110.99
CA ASN E 199 -107.55 -68.60 -110.06
C ASN E 199 -108.01 -70.04 -110.27
N LEU E 200 -108.03 -70.81 -109.19
CA LEU E 200 -108.31 -72.24 -109.24
C LEU E 200 -109.79 -72.58 -109.07
N LYS E 201 -110.65 -71.57 -108.94
CA LYS E 201 -112.05 -71.80 -108.61
C LYS E 201 -113.04 -71.51 -109.73
N ASP E 202 -112.68 -70.62 -110.65
CA ASP E 202 -113.62 -70.17 -111.68
C ASP E 202 -112.82 -69.86 -112.94
N ALA E 203 -113.43 -69.11 -113.86
CA ALA E 203 -112.84 -68.82 -115.16
C ALA E 203 -112.45 -67.35 -115.30
N THR E 204 -111.94 -66.75 -114.23
CA THR E 204 -111.47 -65.37 -114.26
C THR E 204 -109.94 -65.28 -114.25
N SER E 205 -109.26 -66.31 -114.76
CA SER E 205 -107.82 -66.27 -114.88
C SER E 205 -107.41 -65.28 -115.97
N LYS E 206 -106.16 -64.82 -115.91
CA LYS E 206 -105.68 -63.85 -116.88
C LYS E 206 -104.40 -64.27 -117.60
N VAL E 207 -103.88 -65.47 -117.38
CA VAL E 207 -102.67 -65.95 -118.04
C VAL E 207 -102.80 -67.42 -118.40
N ALA E 208 -101.90 -67.87 -119.27
CA ALA E 208 -101.72 -69.29 -119.58
C ALA E 208 -100.22 -69.55 -119.48
N LEU E 209 -99.85 -70.61 -118.78
CA LEU E 209 -98.44 -70.88 -118.54
C LEU E 209 -97.93 -71.96 -119.49
N VAL E 210 -96.83 -71.68 -120.17
CA VAL E 210 -96.10 -72.67 -120.94
C VAL E 210 -94.71 -72.79 -120.34
N TYR E 211 -94.39 -73.96 -119.80
CA TYR E 211 -93.14 -74.20 -119.08
C TYR E 211 -92.37 -75.34 -119.73
N GLY E 212 -91.34 -75.00 -120.50
CA GLY E 212 -90.37 -75.98 -120.93
C GLY E 212 -89.14 -75.87 -120.06
N GLN E 213 -88.99 -76.79 -119.13
CA GLN E 213 -88.05 -76.65 -118.02
C GLN E 213 -86.64 -77.02 -118.47
N MET E 214 -85.68 -76.92 -117.56
CA MET E 214 -84.27 -76.90 -117.92
C MET E 214 -83.67 -78.28 -118.15
N ASN E 215 -84.24 -79.34 -117.59
CA ASN E 215 -83.65 -80.67 -117.68
C ASN E 215 -84.15 -81.45 -118.88
N GLU E 216 -84.68 -80.78 -119.89
CA GLU E 216 -85.25 -81.39 -121.08
C GLU E 216 -84.25 -81.37 -122.22
N PRO E 217 -84.38 -82.27 -123.20
CA PRO E 217 -83.42 -82.34 -124.33
C PRO E 217 -83.34 -81.05 -125.11
N PRO E 218 -82.20 -80.77 -125.76
CA PRO E 218 -81.97 -79.43 -126.34
C PRO E 218 -82.85 -79.11 -127.53
N GLY E 219 -83.56 -80.08 -128.10
CA GLY E 219 -84.59 -79.77 -129.07
C GLY E 219 -85.87 -79.26 -128.47
N ALA E 220 -86.16 -79.66 -127.24
CA ALA E 220 -87.40 -79.28 -126.57
C ALA E 220 -87.33 -77.94 -125.86
N ARG E 221 -86.14 -77.37 -125.71
CA ARG E 221 -86.02 -76.05 -125.12
C ARG E 221 -86.01 -74.94 -126.16
N ALA E 222 -86.03 -75.28 -127.44
CA ALA E 222 -85.97 -74.26 -128.49
C ALA E 222 -87.33 -73.97 -129.11
N ARG E 223 -88.27 -74.91 -129.02
CA ARG E 223 -89.59 -74.76 -129.59
C ARG E 223 -90.60 -74.20 -128.59
N VAL E 224 -90.20 -73.97 -127.35
CA VAL E 224 -91.13 -73.48 -126.32
C VAL E 224 -91.57 -72.07 -126.64
N ALA E 225 -90.67 -71.24 -127.16
CA ALA E 225 -91.03 -69.89 -127.54
C ALA E 225 -91.90 -69.84 -128.80
N LEU E 226 -92.07 -70.95 -129.50
CA LEU E 226 -93.04 -71.03 -130.58
C LEU E 226 -94.39 -71.54 -130.12
N THR E 227 -94.40 -72.50 -129.20
CA THR E 227 -95.65 -72.97 -128.60
C THR E 227 -96.33 -71.87 -127.81
N GLY E 228 -95.56 -71.09 -127.08
CA GLY E 228 -96.06 -69.93 -126.38
C GLY E 228 -96.29 -68.71 -127.22
N LEU E 229 -96.21 -68.82 -128.55
CA LEU E 229 -96.60 -67.75 -129.45
C LEU E 229 -97.81 -68.12 -130.28
N THR E 230 -98.09 -69.41 -130.43
CA THR E 230 -99.33 -69.87 -131.04
C THR E 230 -100.54 -69.46 -130.22
N VAL E 231 -100.48 -69.68 -128.91
CA VAL E 231 -101.56 -69.30 -128.00
C VAL E 231 -101.78 -67.80 -128.03
N ALA E 232 -100.71 -67.01 -128.11
CA ALA E 232 -100.84 -65.57 -128.20
C ALA E 232 -101.37 -65.11 -129.55
N GLU E 233 -101.31 -65.94 -130.58
CA GLU E 233 -101.88 -65.59 -131.88
C GLU E 233 -103.36 -65.92 -131.98
N TYR E 234 -103.88 -66.77 -131.09
CA TYR E 234 -105.31 -67.05 -131.07
C TYR E 234 -106.12 -65.85 -130.59
N PHE E 235 -105.63 -65.13 -129.58
CA PHE E 235 -106.36 -64.01 -129.02
C PHE E 235 -106.20 -62.74 -129.85
N ARG E 236 -105.57 -62.81 -131.00
CA ARG E 236 -105.51 -61.71 -131.96
C ARG E 236 -106.20 -62.05 -133.27
N ASP E 237 -106.00 -63.25 -133.80
CA ASP E 237 -106.60 -63.64 -135.07
C ASP E 237 -108.06 -64.03 -134.96
N GLN E 238 -108.53 -64.44 -133.78
CA GLN E 238 -109.89 -64.91 -133.63
C GLN E 238 -110.77 -63.99 -132.80
N GLU E 239 -110.20 -63.21 -131.87
CA GLU E 239 -110.97 -62.34 -131.03
C GLU E 239 -110.59 -60.87 -131.13
N GLY E 240 -109.35 -60.56 -131.49
CA GLY E 240 -108.96 -59.18 -131.69
C GLY E 240 -108.64 -58.42 -130.42
N GLN E 241 -107.97 -59.07 -129.47
CA GLN E 241 -107.59 -58.42 -128.23
C GLN E 241 -106.25 -57.69 -128.43
N ASP E 242 -105.69 -57.16 -127.34
CA ASP E 242 -104.38 -56.53 -127.33
C ASP E 242 -103.52 -57.31 -126.34
N VAL E 243 -102.88 -58.37 -126.84
CA VAL E 243 -102.27 -59.41 -126.01
C VAL E 243 -100.89 -58.94 -125.57
N LEU E 244 -100.43 -59.47 -124.43
CA LEU E 244 -99.04 -59.38 -124.03
C LEU E 244 -98.37 -60.74 -124.15
N LEU E 245 -97.04 -60.74 -124.01
CA LEU E 245 -96.28 -61.97 -124.17
C LEU E 245 -94.98 -61.83 -123.39
N PHE E 246 -94.72 -62.80 -122.51
CA PHE E 246 -93.54 -62.77 -121.66
C PHE E 246 -92.66 -63.97 -121.98
N ILE E 247 -91.41 -63.70 -122.33
CA ILE E 247 -90.39 -64.72 -122.53
C ILE E 247 -89.30 -64.50 -121.49
N ASP E 248 -88.95 -65.56 -120.76
CA ASP E 248 -87.90 -65.47 -119.75
C ASP E 248 -87.03 -66.73 -119.87
N ASN E 249 -85.83 -66.59 -120.44
CA ASN E 249 -85.36 -65.37 -121.10
C ASN E 249 -85.04 -65.64 -122.56
N ILE E 250 -84.47 -64.65 -123.25
CA ILE E 250 -84.22 -64.81 -124.68
C ILE E 250 -82.86 -65.38 -124.98
N PHE E 251 -81.94 -65.39 -124.00
CA PHE E 251 -80.63 -65.98 -124.23
C PHE E 251 -80.68 -67.50 -124.20
N ARG E 252 -81.60 -68.08 -123.43
CA ARG E 252 -81.77 -69.53 -123.43
C ARG E 252 -82.58 -70.03 -124.62
N PHE E 253 -83.07 -69.13 -125.46
CA PHE E 253 -83.63 -69.51 -126.75
C PHE E 253 -82.54 -69.53 -127.83
N THR E 254 -81.61 -68.57 -127.75
CA THR E 254 -80.47 -68.55 -128.66
C THR E 254 -79.53 -69.71 -128.39
N GLN E 255 -79.14 -69.89 -127.12
CA GLN E 255 -78.19 -70.92 -126.73
C GLN E 255 -78.73 -72.33 -126.95
N ALA E 256 -80.04 -72.51 -126.84
CA ALA E 256 -80.63 -73.82 -127.14
C ALA E 256 -80.76 -74.05 -128.63
N GLY E 257 -80.61 -73.01 -129.45
CA GLY E 257 -80.55 -73.18 -130.88
C GLY E 257 -79.21 -73.69 -131.38
N SER E 258 -78.11 -73.24 -130.77
CA SER E 258 -76.76 -73.64 -131.16
C SER E 258 -76.33 -74.96 -130.58
N GLU E 259 -77.24 -75.75 -130.02
CA GLU E 259 -76.97 -77.12 -129.65
C GLU E 259 -77.76 -78.12 -130.46
N VAL E 260 -78.79 -77.66 -131.18
CA VAL E 260 -79.43 -78.51 -132.19
C VAL E 260 -78.64 -78.46 -133.48
N SER E 261 -78.15 -77.28 -133.84
CA SER E 261 -77.36 -77.08 -135.04
C SER E 261 -75.93 -77.61 -134.92
N ALA E 262 -75.54 -78.13 -133.77
CA ALA E 262 -74.27 -78.82 -133.62
C ALA E 262 -74.42 -80.30 -133.35
N LEU E 263 -75.61 -80.73 -132.95
CA LEU E 263 -75.90 -82.16 -132.89
C LEU E 263 -76.24 -82.70 -134.27
N LEU E 264 -76.61 -81.81 -135.19
CA LEU E 264 -76.96 -82.18 -136.56
C LEU E 264 -75.77 -82.15 -137.51
N GLY E 265 -74.57 -81.90 -137.00
CA GLY E 265 -73.38 -81.91 -137.83
C GLY E 265 -73.26 -80.72 -138.75
N ARG E 266 -73.09 -79.52 -138.20
CA ARG E 266 -72.88 -78.33 -138.99
C ARG E 266 -71.69 -77.57 -138.46
N ILE E 267 -70.99 -76.91 -139.38
CA ILE E 267 -69.81 -76.12 -139.02
C ILE E 267 -70.26 -74.88 -138.25
N PRO E 268 -69.73 -74.61 -137.06
CA PRO E 268 -70.14 -73.41 -136.34
C PRO E 268 -69.60 -72.14 -136.98
N SER E 269 -70.34 -71.06 -136.73
CA SER E 269 -70.05 -69.70 -137.17
C SER E 269 -68.99 -69.10 -136.26
N ALA E 270 -69.04 -67.77 -136.09
CA ALA E 270 -68.27 -67.08 -135.04
C ALA E 270 -68.68 -67.57 -133.65
N VAL E 271 -68.16 -66.99 -132.57
CA VAL E 271 -67.58 -67.65 -131.39
C VAL E 271 -68.05 -69.03 -130.95
N GLY E 272 -69.08 -69.61 -131.56
CA GLY E 272 -69.56 -70.92 -131.17
C GLY E 272 -71.02 -71.13 -131.51
N TYR E 273 -71.65 -70.09 -132.05
CA TYR E 273 -73.07 -70.09 -132.33
C TYR E 273 -73.37 -70.91 -133.58
N GLN E 274 -74.59 -70.82 -134.08
CA GLN E 274 -74.97 -71.56 -135.27
C GLN E 274 -74.74 -70.71 -136.51
N PRO E 275 -74.72 -71.30 -137.71
CA PRO E 275 -74.71 -70.46 -138.92
C PRO E 275 -75.96 -69.63 -139.08
N THR E 276 -77.10 -70.10 -138.59
CA THR E 276 -78.42 -69.52 -138.84
C THR E 276 -78.90 -68.66 -137.69
N LEU E 277 -78.00 -67.88 -137.10
CA LEU E 277 -78.34 -67.07 -135.93
C LEU E 277 -79.25 -65.90 -136.27
N ALA E 278 -79.29 -65.49 -137.54
CA ALA E 278 -80.04 -64.30 -137.90
C ALA E 278 -81.40 -64.59 -138.50
N THR E 279 -81.69 -65.85 -138.81
CA THR E 279 -83.01 -66.24 -139.31
C THR E 279 -83.86 -66.90 -138.24
N ASP E 280 -83.25 -67.58 -137.27
CA ASP E 280 -84.02 -68.11 -136.16
C ASP E 280 -84.53 -67.00 -135.25
N MET E 281 -83.79 -65.90 -135.16
CA MET E 281 -84.31 -64.68 -134.56
C MET E 281 -85.21 -63.93 -135.53
N GLY E 282 -85.20 -64.29 -136.80
CA GLY E 282 -86.08 -63.66 -137.77
C GLY E 282 -87.39 -64.39 -137.91
N THR E 283 -87.36 -65.72 -137.97
CA THR E 283 -88.57 -66.51 -138.13
C THR E 283 -89.26 -66.82 -136.81
N MET E 284 -88.98 -66.05 -135.77
CA MET E 284 -89.75 -66.03 -134.54
C MET E 284 -90.33 -64.66 -134.24
N GLN E 285 -89.52 -63.62 -134.28
CA GLN E 285 -89.91 -62.31 -133.79
C GLN E 285 -90.58 -61.45 -134.83
N GLU E 286 -90.86 -61.98 -136.02
CA GLU E 286 -91.64 -61.27 -137.00
C GLU E 286 -93.10 -61.66 -136.96
N ARG E 287 -93.44 -62.73 -136.24
CA ARG E 287 -94.82 -63.07 -135.91
C ARG E 287 -95.38 -62.22 -134.78
N ILE E 288 -94.53 -61.49 -134.08
CA ILE E 288 -94.94 -60.60 -133.00
C ILE E 288 -95.09 -59.23 -133.64
N THR E 289 -96.30 -58.92 -134.08
CA THR E 289 -96.55 -57.67 -134.80
C THR E 289 -97.99 -57.24 -134.63
N THR E 290 -98.28 -56.04 -135.11
CA THR E 290 -99.61 -55.45 -135.06
C THR E 290 -100.26 -55.62 -136.42
N THR E 291 -101.17 -56.58 -136.54
CA THR E 291 -101.93 -56.75 -137.77
C THR E 291 -103.14 -55.82 -137.74
N LYS E 292 -104.06 -56.02 -138.69
CA LYS E 292 -105.26 -55.19 -138.75
C LYS E 292 -106.31 -55.58 -137.73
N LYS E 293 -106.29 -56.84 -137.26
CA LYS E 293 -107.24 -57.26 -136.24
C LYS E 293 -106.84 -56.77 -134.85
N GLY E 294 -105.66 -57.20 -134.38
CA GLY E 294 -105.19 -56.80 -133.07
C GLY E 294 -103.69 -56.57 -133.01
N SER E 295 -103.04 -57.06 -131.95
CA SER E 295 -101.60 -56.88 -131.77
C SER E 295 -101.09 -57.91 -130.78
N ILE E 296 -99.76 -58.04 -130.73
CA ILE E 296 -99.06 -58.83 -129.72
C ILE E 296 -97.85 -58.01 -129.29
N THR E 297 -97.74 -57.72 -128.00
CA THR E 297 -96.60 -56.99 -127.46
C THR E 297 -95.79 -57.95 -126.59
N SER E 298 -94.47 -57.81 -126.63
CA SER E 298 -93.59 -58.78 -125.99
C SER E 298 -92.61 -58.09 -125.05
N VAL E 299 -92.53 -58.60 -123.82
CA VAL E 299 -91.54 -58.16 -122.85
C VAL E 299 -90.60 -59.33 -122.62
N GLN E 300 -89.32 -59.13 -122.91
CA GLN E 300 -88.33 -60.19 -122.90
C GLN E 300 -87.19 -59.84 -121.96
N ALA E 301 -86.73 -60.85 -121.21
CA ALA E 301 -85.59 -60.68 -120.32
C ALA E 301 -84.33 -60.98 -121.10
N ILE E 302 -83.27 -60.21 -120.84
CA ILE E 302 -82.04 -60.27 -121.63
C ILE E 302 -80.87 -60.44 -120.68
N TYR E 303 -80.13 -61.54 -120.86
CA TYR E 303 -78.91 -61.80 -120.11
C TYR E 303 -77.71 -61.71 -121.04
N VAL E 304 -76.75 -60.87 -120.68
CA VAL E 304 -75.59 -60.57 -121.49
C VAL E 304 -74.43 -61.43 -120.99
N PRO E 305 -73.86 -62.32 -121.82
CA PRO E 305 -72.78 -63.18 -121.35
C PRO E 305 -71.44 -62.45 -121.32
N ALA E 306 -70.73 -62.62 -120.20
CA ALA E 306 -69.38 -62.11 -119.93
C ALA E 306 -69.27 -60.58 -120.04
N ASP E 307 -70.40 -59.88 -119.83
CA ASP E 307 -70.50 -58.42 -119.88
C ASP E 307 -70.01 -57.85 -121.21
N ASP E 308 -70.26 -58.58 -122.28
CA ASP E 308 -69.86 -58.19 -123.63
C ASP E 308 -71.12 -57.79 -124.39
N LEU E 309 -71.26 -56.50 -124.67
CA LEU E 309 -72.45 -56.02 -125.35
C LEU E 309 -72.40 -56.29 -126.84
N THR E 310 -71.24 -56.68 -127.37
CA THR E 310 -71.08 -56.96 -128.80
C THR E 310 -70.87 -58.43 -129.10
N ASP E 311 -71.15 -59.31 -128.14
CA ASP E 311 -71.21 -60.73 -128.39
C ASP E 311 -72.39 -60.98 -129.35
N PRO E 312 -72.26 -61.93 -130.29
CA PRO E 312 -73.35 -62.13 -131.27
C PRO E 312 -74.69 -62.62 -130.70
N ALA E 313 -74.76 -63.13 -129.47
CA ALA E 313 -76.09 -63.45 -128.98
C ALA E 313 -76.83 -62.20 -128.49
N PRO E 314 -76.22 -61.27 -127.68
CA PRO E 314 -76.95 -60.02 -127.42
C PRO E 314 -76.76 -58.94 -128.47
N ALA E 315 -76.28 -59.28 -129.66
CA ALA E 315 -76.24 -58.31 -130.76
C ALA E 315 -77.26 -58.60 -131.84
N THR E 316 -77.60 -59.87 -132.05
CA THR E 316 -78.71 -60.20 -132.93
C THR E 316 -80.03 -59.73 -132.35
N THR E 317 -80.21 -59.91 -131.04
CA THR E 317 -81.46 -59.57 -130.36
C THR E 317 -81.69 -58.06 -130.34
N PHE E 318 -80.63 -57.27 -130.23
CA PHE E 318 -80.75 -55.83 -130.05
C PHE E 318 -81.30 -55.10 -131.27
N ALA E 319 -81.26 -55.73 -132.44
CA ALA E 319 -81.81 -55.12 -133.64
C ALA E 319 -83.32 -55.25 -133.74
N HIS E 320 -83.95 -55.97 -132.82
CA HIS E 320 -85.39 -56.18 -132.83
C HIS E 320 -86.12 -55.35 -131.78
N LEU E 321 -85.44 -54.89 -130.74
CA LEU E 321 -86.10 -54.23 -129.62
C LEU E 321 -86.45 -52.79 -129.99
N ASP E 322 -87.52 -52.30 -129.35
CA ASP E 322 -87.96 -50.92 -129.52
C ASP E 322 -87.85 -50.08 -128.26
N ALA E 323 -87.73 -50.70 -127.08
CA ALA E 323 -87.58 -49.97 -125.83
C ALA E 323 -86.95 -50.89 -124.80
N THR E 324 -86.07 -50.33 -123.97
CA THR E 324 -85.42 -51.07 -122.90
C THR E 324 -85.68 -50.39 -121.56
N THR E 325 -86.04 -51.20 -120.57
CA THR E 325 -86.19 -50.73 -119.18
C THR E 325 -85.23 -51.54 -118.32
N VAL E 326 -84.52 -50.86 -117.42
CA VAL E 326 -83.49 -51.48 -116.59
C VAL E 326 -83.84 -51.32 -115.13
N LEU E 327 -83.78 -52.43 -114.38
CA LEU E 327 -84.07 -52.44 -112.96
C LEU E 327 -82.76 -52.32 -112.18
N SER E 328 -82.50 -51.14 -111.64
CA SER E 328 -81.28 -50.89 -110.88
C SER E 328 -81.47 -51.28 -109.42
N ARG E 329 -80.49 -51.99 -108.87
CA ARG E 329 -80.55 -52.37 -107.46
C ARG E 329 -80.21 -51.17 -106.55
N ALA E 330 -79.55 -50.15 -107.09
CA ALA E 330 -79.22 -48.98 -106.29
C ALA E 330 -80.41 -48.07 -106.05
N ILE E 331 -81.56 -48.35 -106.65
CA ILE E 331 -82.78 -47.58 -106.39
C ILE E 331 -83.66 -48.41 -105.46
N ALA E 332 -83.38 -49.71 -105.38
CA ALA E 332 -84.11 -50.56 -104.46
C ALA E 332 -83.64 -50.39 -103.02
N GLU E 333 -82.39 -50.00 -102.81
CA GLU E 333 -81.89 -49.65 -101.49
C GLU E 333 -82.18 -48.21 -101.12
N LEU E 334 -82.81 -47.45 -102.02
CA LEU E 334 -83.25 -46.10 -101.74
C LEU E 334 -84.71 -46.06 -101.31
N GLY E 335 -85.44 -47.16 -101.45
CA GLY E 335 -86.81 -47.23 -101.01
C GLY E 335 -87.85 -47.13 -102.09
N ILE E 336 -87.47 -46.78 -103.32
CA ILE E 336 -88.42 -46.56 -104.40
C ILE E 336 -88.87 -47.90 -104.97
N TYR E 337 -90.18 -48.04 -105.17
CA TYR E 337 -90.74 -49.18 -105.87
C TYR E 337 -91.78 -48.68 -106.87
N PRO E 338 -91.67 -49.06 -108.16
CA PRO E 338 -90.75 -49.99 -108.83
C PRO E 338 -89.35 -49.42 -109.04
N ALA E 339 -88.35 -50.29 -109.11
CA ALA E 339 -86.95 -49.87 -109.09
C ALA E 339 -86.44 -49.69 -110.52
N VAL E 340 -87.17 -48.90 -111.28
CA VAL E 340 -86.84 -48.62 -112.68
C VAL E 340 -85.98 -47.38 -112.73
N ASP E 341 -84.80 -47.49 -113.34
CA ASP E 341 -83.90 -46.36 -113.49
C ASP E 341 -84.46 -45.41 -114.52
N PRO E 342 -84.57 -44.11 -114.21
CA PRO E 342 -85.15 -43.18 -115.20
C PRO E 342 -84.13 -42.67 -116.21
N LEU E 343 -82.83 -42.75 -115.90
CA LEU E 343 -81.84 -42.17 -116.80
C LEU E 343 -81.30 -43.19 -117.79
N ASP E 344 -81.22 -44.45 -117.40
CA ASP E 344 -80.64 -45.47 -118.26
C ASP E 344 -81.67 -46.31 -119.01
N SER E 345 -82.88 -45.81 -119.17
CA SER E 345 -83.90 -46.44 -120.01
C SER E 345 -84.09 -45.60 -121.26
N THR E 346 -84.16 -46.26 -122.41
CA THR E 346 -84.33 -45.59 -123.69
C THR E 346 -85.56 -46.12 -124.40
N SER E 347 -86.13 -45.28 -125.27
CA SER E 347 -87.25 -45.66 -126.12
C SER E 347 -87.00 -45.17 -127.53
N ARG E 348 -87.41 -45.98 -128.51
CA ARG E 348 -87.22 -45.59 -129.91
C ARG E 348 -88.38 -44.71 -130.40
N ILE E 349 -89.55 -44.84 -129.78
CA ILE E 349 -90.72 -44.11 -130.25
C ILE E 349 -90.83 -42.77 -129.54
N MET E 350 -89.89 -42.47 -128.65
CA MET E 350 -89.83 -41.16 -128.03
C MET E 350 -89.43 -40.14 -129.07
N ASP E 351 -90.40 -39.40 -129.60
CA ASP E 351 -90.23 -38.64 -130.81
C ASP E 351 -91.40 -37.65 -130.91
N PRO E 352 -91.12 -36.40 -131.31
CA PRO E 352 -92.22 -35.42 -131.43
C PRO E 352 -93.20 -35.71 -132.54
N ASN E 353 -92.84 -36.57 -133.49
CA ASN E 353 -93.75 -36.96 -134.57
C ASN E 353 -94.38 -38.32 -134.32
N ILE E 354 -94.35 -38.82 -133.08
CA ILE E 354 -95.00 -40.09 -132.74
C ILE E 354 -95.94 -39.88 -131.56
N VAL E 355 -95.43 -39.31 -130.46
CA VAL E 355 -96.22 -39.13 -129.25
C VAL E 355 -96.66 -37.68 -129.05
N GLY E 356 -96.28 -36.78 -129.96
CA GLY E 356 -96.72 -35.42 -129.88
C GLY E 356 -95.84 -34.54 -129.02
N SER E 357 -96.07 -33.22 -129.11
CA SER E 357 -95.22 -32.25 -128.45
C SER E 357 -95.56 -32.05 -126.98
N GLU E 358 -96.73 -32.49 -126.52
CA GLU E 358 -97.09 -32.33 -125.12
C GLU E 358 -96.35 -33.35 -124.26
N HIS E 359 -96.30 -34.61 -124.71
CA HIS E 359 -95.54 -35.64 -124.03
C HIS E 359 -94.04 -35.36 -124.09
N TYR E 360 -93.59 -34.70 -125.16
CA TYR E 360 -92.16 -34.61 -125.44
C TYR E 360 -91.45 -33.65 -124.49
N ASP E 361 -91.89 -32.38 -124.47
CA ASP E 361 -91.17 -31.38 -123.70
C ASP E 361 -91.38 -31.50 -122.20
N VAL E 362 -92.34 -32.30 -121.77
CA VAL E 362 -92.44 -32.66 -120.36
C VAL E 362 -91.39 -33.71 -120.01
N ALA E 363 -91.37 -34.82 -120.76
CA ALA E 363 -90.45 -35.91 -120.46
C ALA E 363 -89.02 -35.61 -120.85
N ARG E 364 -88.78 -34.56 -121.65
CA ARG E 364 -87.41 -34.15 -121.92
C ARG E 364 -86.81 -33.45 -120.71
N GLY E 365 -87.56 -32.55 -120.08
CA GLY E 365 -87.05 -31.79 -118.95
C GLY E 365 -86.84 -32.60 -117.69
N VAL E 366 -87.54 -33.73 -117.55
CA VAL E 366 -87.38 -34.58 -116.38
C VAL E 366 -86.01 -35.24 -116.37
N GLN E 367 -85.55 -35.73 -117.53
CA GLN E 367 -84.25 -36.38 -117.58
C GLN E 367 -83.10 -35.37 -117.56
N LYS E 368 -83.38 -34.10 -117.88
CA LYS E 368 -82.33 -33.09 -117.78
C LYS E 368 -82.13 -32.64 -116.34
N ILE E 369 -83.24 -32.46 -115.60
CA ILE E 369 -83.14 -32.08 -114.19
C ILE E 369 -82.60 -33.22 -113.33
N LEU E 370 -82.85 -34.47 -113.73
CA LEU E 370 -82.30 -35.60 -113.00
C LEU E 370 -80.82 -35.84 -113.28
N GLN E 371 -80.26 -35.15 -114.28
CA GLN E 371 -78.81 -35.17 -114.49
C GLN E 371 -78.09 -34.12 -113.65
N ASP E 372 -78.72 -32.95 -113.45
CA ASP E 372 -78.10 -31.88 -112.69
C ASP E 372 -77.98 -32.24 -111.23
N TYR E 373 -78.96 -32.99 -110.69
CA TYR E 373 -78.83 -33.51 -109.35
C TYR E 373 -77.78 -34.61 -109.27
N LYS E 374 -77.56 -35.32 -110.39
CA LYS E 374 -76.51 -36.33 -110.41
C LYS E 374 -75.12 -35.72 -110.48
N SER E 375 -75.00 -34.50 -111.00
CA SER E 375 -73.70 -33.83 -111.06
C SER E 375 -73.43 -32.98 -109.83
N LEU E 376 -74.47 -32.49 -109.19
CA LEU E 376 -74.29 -31.66 -108.00
C LEU E 376 -74.21 -32.47 -106.72
N GLN E 377 -74.50 -33.77 -106.77
CA GLN E 377 -74.43 -34.63 -105.60
C GLN E 377 -73.01 -35.01 -105.23
N ASP E 378 -72.04 -34.72 -106.11
CA ASP E 378 -70.64 -35.04 -105.85
C ASP E 378 -69.90 -33.91 -105.16
N ILE E 379 -70.21 -32.66 -105.51
CA ILE E 379 -69.64 -31.51 -104.83
C ILE E 379 -70.13 -31.46 -103.39
N ILE E 380 -71.39 -31.81 -103.17
CA ILE E 380 -71.96 -31.82 -101.82
C ILE E 380 -71.34 -32.94 -100.98
N ALA E 381 -71.03 -34.07 -101.59
CA ALA E 381 -70.46 -35.19 -100.84
C ALA E 381 -68.99 -34.96 -100.50
N ILE E 382 -68.22 -34.32 -101.38
CA ILE E 382 -66.79 -34.10 -101.17
C ILE E 382 -66.55 -32.77 -100.47
N LEU E 383 -67.01 -31.66 -101.05
CA LEU E 383 -66.71 -30.34 -100.49
C LEU E 383 -67.69 -29.99 -99.37
N GLY E 384 -68.97 -29.85 -99.69
CA GLY E 384 -69.94 -29.41 -98.72
C GLY E 384 -71.17 -28.84 -99.40
N MET E 385 -72.07 -28.30 -98.58
CA MET E 385 -73.42 -28.00 -99.03
C MET E 385 -73.66 -26.55 -99.44
N ASP E 386 -73.28 -25.58 -98.62
CA ASP E 386 -73.81 -24.22 -98.73
C ASP E 386 -73.08 -23.36 -99.76
N GLU E 387 -72.00 -23.85 -100.36
CA GLU E 387 -71.22 -23.06 -101.29
C GLU E 387 -71.93 -22.82 -102.62
N LEU E 388 -72.82 -23.70 -103.02
CA LEU E 388 -73.53 -23.58 -104.29
C LEU E 388 -74.61 -22.50 -104.20
N SER E 389 -75.06 -22.05 -105.36
CA SER E 389 -75.90 -20.86 -105.49
C SER E 389 -77.31 -21.13 -104.97
N GLU E 390 -78.10 -20.06 -104.91
CA GLU E 390 -79.51 -20.18 -104.51
C GLU E 390 -80.38 -20.69 -105.64
N GLU E 391 -79.94 -20.52 -106.89
CA GLU E 391 -80.68 -21.08 -108.02
C GLU E 391 -80.49 -22.59 -108.11
N ASP E 392 -79.45 -23.13 -107.45
CA ASP E 392 -79.20 -24.56 -107.48
C ASP E 392 -79.83 -25.29 -106.31
N LYS E 393 -80.19 -24.58 -105.24
CA LYS E 393 -80.85 -25.24 -104.11
C LYS E 393 -82.25 -25.71 -104.44
N LEU E 394 -82.92 -25.07 -105.40
CA LEU E 394 -84.24 -25.52 -105.81
C LEU E 394 -84.14 -26.77 -106.68
N THR E 395 -83.09 -26.86 -107.50
CA THR E 395 -82.91 -28.05 -108.33
C THR E 395 -82.53 -29.26 -107.50
N VAL E 396 -81.89 -29.04 -106.35
CA VAL E 396 -81.66 -30.14 -105.42
C VAL E 396 -82.96 -30.54 -104.74
N SER E 397 -83.82 -29.55 -104.44
CA SER E 397 -85.07 -29.85 -103.76
C SER E 397 -86.10 -30.44 -104.72
N ARG E 398 -86.15 -29.96 -105.96
CA ARG E 398 -87.15 -30.44 -106.91
C ARG E 398 -86.86 -31.85 -107.38
N ALA E 399 -85.58 -32.19 -107.55
CA ALA E 399 -85.22 -33.51 -108.04
C ALA E 399 -85.41 -34.60 -107.00
N ARG E 400 -85.53 -34.24 -105.73
CA ARG E 400 -85.95 -35.19 -104.72
C ARG E 400 -87.47 -35.29 -104.60
N LYS E 401 -88.20 -34.33 -105.16
CA LYS E 401 -89.63 -34.46 -105.35
C LYS E 401 -89.99 -35.31 -106.56
N ILE E 402 -89.22 -35.17 -107.65
CA ILE E 402 -89.51 -35.91 -108.88
C ILE E 402 -89.20 -37.39 -108.70
N GLN E 403 -88.04 -37.71 -108.14
CA GLN E 403 -87.66 -39.12 -108.03
C GLN E 403 -88.41 -39.87 -106.93
N ARG E 404 -89.28 -39.19 -106.18
CA ARG E 404 -90.22 -39.87 -105.30
C ARG E 404 -91.63 -39.85 -105.83
N PHE E 405 -91.93 -38.94 -106.77
CA PHE E 405 -93.20 -38.96 -107.47
C PHE E 405 -93.26 -40.06 -108.53
N LEU E 406 -92.13 -40.69 -108.83
CA LEU E 406 -92.13 -41.82 -109.74
C LEU E 406 -92.55 -43.11 -109.06
N SER E 407 -92.59 -43.11 -107.72
CA SER E 407 -93.07 -44.28 -107.01
C SER E 407 -94.58 -44.39 -107.13
N GLN E 408 -95.10 -45.60 -106.97
CA GLN E 408 -96.50 -45.89 -107.20
C GLN E 408 -96.84 -47.22 -106.54
N PRO E 409 -97.90 -47.24 -105.72
CA PRO E 409 -98.29 -48.51 -105.08
C PRO E 409 -99.07 -49.42 -106.02
N PHE E 410 -98.73 -50.71 -106.05
CA PHE E 410 -99.31 -51.60 -107.03
C PHE E 410 -100.50 -52.36 -106.47
N GLN E 411 -101.37 -52.80 -107.38
CA GLN E 411 -102.58 -53.53 -106.96
C GLN E 411 -102.26 -54.96 -106.57
N VAL E 412 -101.07 -55.43 -106.92
CA VAL E 412 -100.70 -56.82 -106.64
C VAL E 412 -100.18 -56.96 -105.21
N ALA E 413 -99.89 -55.83 -104.56
CA ALA E 413 -99.32 -55.82 -103.23
C ALA E 413 -100.24 -55.21 -102.19
N GLU E 414 -101.55 -55.36 -102.35
CA GLU E 414 -102.50 -54.73 -101.43
C GLU E 414 -102.50 -55.41 -100.07
N VAL E 415 -102.21 -56.71 -100.04
CA VAL E 415 -102.27 -57.45 -98.79
C VAL E 415 -101.05 -57.14 -97.90
N PHE E 416 -99.89 -56.93 -98.52
CA PHE E 416 -98.67 -56.85 -97.72
C PHE E 416 -98.40 -55.44 -97.22
N THR E 417 -98.26 -54.46 -98.12
CA THR E 417 -97.83 -53.14 -97.69
C THR E 417 -99.02 -52.27 -97.28
N GLY E 418 -100.24 -52.79 -97.45
CA GLY E 418 -101.42 -52.16 -96.90
C GLY E 418 -101.97 -50.97 -97.67
N HIS E 419 -101.21 -50.40 -98.60
CA HIS E 419 -101.70 -49.25 -99.35
C HIS E 419 -102.70 -49.70 -100.41
N LEU E 420 -103.28 -48.71 -101.09
CA LEU E 420 -104.25 -48.95 -102.15
C LEU E 420 -103.55 -48.90 -103.50
N GLY E 421 -103.83 -49.87 -104.35
CA GLY E 421 -103.19 -49.89 -105.66
C GLY E 421 -103.83 -48.88 -106.60
N LYS E 422 -102.98 -48.04 -107.18
CA LYS E 422 -103.43 -46.95 -108.05
C LYS E 422 -103.04 -47.25 -109.49
N LEU E 423 -103.98 -47.06 -110.41
CA LEU E 423 -103.74 -47.16 -111.83
C LEU E 423 -103.96 -45.78 -112.46
N VAL E 424 -102.88 -45.15 -112.87
CA VAL E 424 -102.88 -43.78 -113.34
C VAL E 424 -103.04 -43.78 -114.85
N PRO E 425 -104.00 -43.06 -115.42
CA PRO E 425 -104.05 -42.91 -116.87
C PRO E 425 -102.96 -41.98 -117.38
N LEU E 426 -102.94 -41.79 -118.70
CA LEU E 426 -101.82 -41.10 -119.33
C LEU E 426 -101.91 -39.59 -119.11
N LYS E 427 -103.13 -39.03 -119.10
CA LYS E 427 -103.26 -37.58 -119.08
C LYS E 427 -103.03 -37.00 -117.69
N GLU E 428 -103.00 -37.85 -116.67
CA GLU E 428 -102.67 -37.37 -115.33
C GLU E 428 -101.16 -37.29 -115.13
N THR E 429 -100.41 -38.22 -115.74
CA THR E 429 -98.97 -38.27 -115.51
C THR E 429 -98.26 -37.13 -116.23
N ILE E 430 -98.79 -36.72 -117.38
CA ILE E 430 -98.21 -35.59 -118.10
C ILE E 430 -98.59 -34.28 -117.43
N LYS E 431 -99.80 -34.20 -116.88
CA LYS E 431 -100.25 -32.99 -116.19
C LYS E 431 -99.50 -32.81 -114.88
N GLY E 432 -99.18 -33.90 -114.19
CA GLY E 432 -98.46 -33.85 -112.93
C GLY E 432 -97.06 -33.28 -113.04
N PHE E 433 -96.23 -33.87 -113.91
CA PHE E 433 -94.84 -33.43 -114.04
C PHE E 433 -94.71 -32.11 -114.77
N GLN E 434 -95.77 -31.62 -115.42
CA GLN E 434 -95.73 -30.30 -116.02
C GLN E 434 -95.79 -29.20 -114.97
N GLN E 435 -96.23 -29.51 -113.75
CA GLN E 435 -96.34 -28.54 -112.68
C GLN E 435 -95.20 -28.62 -111.68
N ILE E 436 -94.61 -29.80 -111.49
CA ILE E 436 -93.46 -29.94 -110.58
C ILE E 436 -92.25 -29.20 -111.13
N LEU E 437 -92.10 -29.14 -112.45
CA LEU E 437 -90.96 -28.47 -113.05
C LEU E 437 -91.02 -26.96 -112.88
N ALA E 438 -92.23 -26.39 -112.91
CA ALA E 438 -92.38 -24.94 -112.87
C ALA E 438 -92.33 -24.36 -111.47
N GLY E 439 -92.08 -25.18 -110.44
CA GLY E 439 -92.11 -24.68 -109.09
C GLY E 439 -93.49 -24.41 -108.55
N GLU E 440 -94.52 -25.09 -109.07
CA GLU E 440 -95.89 -24.80 -108.69
C GLU E 440 -96.30 -25.47 -107.39
N TYR E 441 -95.72 -26.64 -107.08
CA TYR E 441 -96.02 -27.37 -105.86
C TYR E 441 -94.74 -27.62 -105.07
N ASP E 442 -93.89 -26.60 -104.97
CA ASP E 442 -92.58 -26.78 -104.35
C ASP E 442 -92.58 -26.55 -102.85
N HIS E 443 -93.53 -25.79 -102.31
CA HIS E 443 -93.51 -25.46 -100.89
C HIS E 443 -93.99 -26.61 -100.01
N LEU E 444 -94.64 -27.61 -100.60
CA LEU E 444 -95.04 -28.79 -99.85
C LEU E 444 -93.81 -29.66 -99.56
N PRO E 445 -93.83 -30.42 -98.45
CA PRO E 445 -92.65 -31.24 -98.12
C PRO E 445 -92.50 -32.48 -98.98
N GLU E 446 -91.48 -33.28 -98.68
CA GLU E 446 -91.08 -34.38 -99.58
C GLU E 446 -92.03 -35.56 -99.46
N GLN E 447 -92.45 -35.90 -98.24
CA GLN E 447 -93.21 -37.13 -98.02
C GLN E 447 -94.66 -37.04 -98.45
N ALA E 448 -95.11 -35.88 -98.94
CA ALA E 448 -96.43 -35.82 -99.58
C ALA E 448 -96.43 -36.50 -100.93
N PHE E 449 -95.26 -36.62 -101.56
CA PHE E 449 -95.13 -37.20 -102.89
C PHE E 449 -94.78 -38.68 -102.88
N TYR E 450 -94.35 -39.22 -101.75
CA TYR E 450 -93.97 -40.62 -101.68
C TYR E 450 -95.21 -41.51 -101.70
N MET E 451 -95.28 -42.39 -102.70
CA MET E 451 -96.26 -43.48 -102.79
C MET E 451 -97.70 -42.95 -102.84
N VAL E 452 -97.97 -42.15 -103.86
CA VAL E 452 -99.32 -41.66 -104.11
C VAL E 452 -99.74 -42.08 -105.51
N GLY E 453 -100.97 -41.74 -105.89
CA GLY E 453 -101.45 -41.95 -107.23
C GLY E 453 -101.19 -40.72 -108.08
N PRO E 454 -102.26 -40.04 -108.49
CA PRO E 454 -102.09 -38.79 -109.26
C PRO E 454 -101.60 -37.62 -108.42
N ILE E 455 -101.55 -36.44 -109.03
CA ILE E 455 -101.14 -35.22 -108.33
C ILE E 455 -102.24 -34.72 -107.39
N GLU E 456 -103.48 -35.20 -107.56
CA GLU E 456 -104.57 -34.77 -106.71
C GLU E 456 -104.42 -35.33 -105.29
N GLU E 457 -103.95 -36.57 -105.16
CA GLU E 457 -103.76 -37.19 -103.87
C GLU E 457 -102.48 -36.74 -103.18
N ALA E 458 -101.67 -35.92 -103.82
CA ALA E 458 -100.46 -35.42 -103.19
C ALA E 458 -100.78 -34.34 -102.16
N VAL E 459 -101.64 -33.38 -102.52
CA VAL E 459 -101.96 -32.29 -101.60
C VAL E 459 -102.93 -32.74 -100.51
N ALA E 460 -103.62 -33.87 -100.72
CA ALA E 460 -104.45 -34.46 -99.68
C ALA E 460 -103.63 -35.21 -98.65
N LYS E 461 -102.33 -35.37 -98.87
CA LYS E 461 -101.44 -36.00 -97.90
C LYS E 461 -100.56 -35.01 -97.16
N ALA E 462 -100.51 -33.75 -97.61
CA ALA E 462 -99.79 -32.73 -96.86
C ALA E 462 -100.58 -32.26 -95.64
N ASP E 463 -101.91 -32.46 -95.67
CA ASP E 463 -102.75 -32.03 -94.56
C ASP E 463 -102.60 -32.95 -93.36
N LYS E 464 -102.32 -34.23 -93.58
CA LYS E 464 -102.23 -35.19 -92.50
C LYS E 464 -100.91 -35.11 -91.73
N LEU E 465 -99.90 -34.45 -92.31
CA LEU E 465 -98.65 -34.26 -91.59
C LEU E 465 -98.81 -33.19 -90.52
N ALA E 466 -98.44 -33.55 -89.28
CA ALA E 466 -98.63 -32.75 -88.07
C ALA E 466 -100.09 -32.33 -87.86
N ALA F 1 -56.46 -82.52 -180.28
CA ALA F 1 -57.15 -83.18 -179.19
C ALA F 1 -58.37 -82.39 -178.75
N THR F 2 -59.50 -83.07 -178.59
CA THR F 2 -60.74 -82.46 -178.16
C THR F 2 -61.25 -83.14 -176.90
N GLY F 3 -61.88 -82.37 -176.03
CA GLY F 3 -62.36 -82.89 -174.76
C GLY F 3 -63.79 -82.48 -174.48
N ARG F 4 -64.34 -83.07 -173.42
CA ARG F 4 -65.71 -82.81 -173.00
C ARG F 4 -65.71 -82.29 -171.57
N ILE F 5 -66.38 -81.16 -171.37
CA ILE F 5 -66.54 -80.60 -170.03
C ILE F 5 -67.41 -81.54 -169.19
N VAL F 6 -66.90 -81.90 -168.01
CA VAL F 6 -67.54 -82.92 -167.19
C VAL F 6 -68.16 -82.28 -165.95
N ALA F 7 -67.47 -81.31 -165.35
CA ALA F 7 -67.98 -80.72 -164.12
C ALA F 7 -67.61 -79.24 -164.07
N VAL F 8 -68.57 -78.41 -163.70
CA VAL F 8 -68.36 -76.97 -163.57
C VAL F 8 -68.75 -76.59 -162.13
N ILE F 9 -67.75 -76.26 -161.32
CA ILE F 9 -67.98 -75.86 -159.93
C ILE F 9 -67.39 -74.47 -159.76
N GLY F 10 -68.23 -73.45 -159.88
CA GLY F 10 -67.78 -72.09 -159.70
C GLY F 10 -66.89 -71.60 -160.83
N ALA F 11 -65.66 -71.22 -160.50
CA ALA F 11 -64.68 -70.78 -161.49
C ALA F 11 -63.59 -71.84 -161.70
N VAL F 12 -63.96 -73.11 -161.57
CA VAL F 12 -63.06 -74.23 -161.79
C VAL F 12 -63.79 -75.23 -162.66
N VAL F 13 -63.33 -75.43 -163.89
CA VAL F 13 -63.98 -76.30 -164.86
C VAL F 13 -63.16 -77.58 -164.98
N ASP F 14 -63.85 -78.71 -164.99
CA ASP F 14 -63.23 -80.01 -165.19
C ASP F 14 -63.42 -80.46 -166.63
N VAL F 15 -62.43 -81.15 -167.17
CA VAL F 15 -62.39 -81.55 -168.58
C VAL F 15 -61.83 -82.96 -168.66
N GLN F 16 -62.52 -83.83 -169.40
CA GLN F 16 -62.01 -85.18 -169.69
C GLN F 16 -61.62 -85.27 -171.15
N PHE F 17 -60.38 -85.70 -171.40
CA PHE F 17 -59.89 -85.95 -172.75
C PHE F 17 -60.03 -87.43 -173.09
N ASP F 18 -59.88 -87.73 -174.38
CA ASP F 18 -59.96 -89.11 -174.87
C ASP F 18 -58.64 -89.57 -175.46
N GLU F 19 -57.88 -88.67 -176.07
CA GLU F 19 -56.51 -88.95 -176.45
C GLU F 19 -55.71 -87.65 -176.39
N GLY F 20 -54.42 -87.78 -176.10
CA GLY F 20 -53.56 -86.61 -176.04
C GLY F 20 -53.77 -85.73 -174.82
N LEU F 21 -53.41 -86.26 -173.65
CA LEU F 21 -53.48 -85.51 -172.40
C LEU F 21 -52.55 -84.31 -172.45
N PRO F 22 -53.06 -83.08 -172.37
CA PRO F 22 -52.20 -81.92 -172.43
C PRO F 22 -51.44 -81.72 -171.14
N PRO F 23 -50.17 -81.35 -171.20
CA PRO F 23 -49.40 -81.11 -169.97
C PRO F 23 -49.88 -79.87 -169.23
N ILE F 24 -49.37 -79.73 -168.01
CA ILE F 24 -49.76 -78.65 -167.11
C ILE F 24 -49.29 -77.32 -167.67
N LEU F 25 -50.04 -76.26 -167.33
CA LEU F 25 -49.90 -74.86 -167.75
C LEU F 25 -50.23 -74.63 -169.22
N ASN F 26 -50.81 -75.61 -169.90
CA ASN F 26 -51.30 -75.40 -171.25
C ASN F 26 -52.63 -74.66 -171.23
N ALA F 27 -52.90 -73.92 -172.30
CA ALA F 27 -54.16 -73.23 -172.49
C ALA F 27 -55.09 -74.05 -173.38
N LEU F 28 -56.37 -74.02 -173.07
CA LEU F 28 -57.39 -74.69 -173.86
C LEU F 28 -58.39 -73.66 -174.38
N GLU F 29 -59.13 -74.02 -175.43
CA GLU F 29 -60.10 -73.12 -176.03
C GLU F 29 -61.45 -73.82 -176.06
N VAL F 30 -62.48 -73.16 -175.51
CA VAL F 30 -63.81 -73.73 -175.44
C VAL F 30 -64.56 -73.39 -176.73
N GLN F 31 -65.21 -74.39 -177.32
CA GLN F 31 -65.90 -74.23 -178.60
C GLN F 31 -67.36 -73.94 -178.36
N GLY F 32 -67.88 -72.88 -178.99
CA GLY F 32 -69.29 -72.60 -178.95
C GLY F 32 -69.70 -71.47 -178.06
N ARG F 33 -68.90 -70.40 -178.02
CA ARG F 33 -69.20 -69.23 -177.21
C ARG F 33 -69.02 -67.98 -178.05
N GLU F 34 -69.73 -66.91 -177.66
CA GLU F 34 -69.65 -65.65 -178.39
C GLU F 34 -68.30 -64.98 -178.14
N THR F 35 -67.89 -64.89 -176.88
CA THR F 35 -66.57 -64.39 -176.55
C THR F 35 -65.59 -65.57 -176.47
N ARG F 36 -64.39 -65.30 -175.97
CA ARG F 36 -63.30 -66.27 -175.97
C ARG F 36 -63.03 -66.72 -174.54
N LEU F 37 -63.48 -67.92 -174.20
CA LEU F 37 -63.19 -68.53 -172.92
C LEU F 37 -61.96 -69.42 -173.06
N VAL F 38 -60.94 -69.14 -172.27
CA VAL F 38 -59.67 -69.87 -172.31
C VAL F 38 -59.39 -70.43 -170.92
N LEU F 39 -59.05 -71.71 -170.87
CA LEU F 39 -58.77 -72.38 -169.61
C LEU F 39 -57.27 -72.43 -169.35
N GLU F 40 -56.89 -73.18 -168.32
CA GLU F 40 -55.49 -73.27 -167.90
C GLU F 40 -55.36 -74.55 -167.10
N VAL F 41 -54.66 -75.56 -167.64
CA VAL F 41 -54.58 -76.86 -167.00
C VAL F 41 -53.77 -76.75 -165.71
N ALA F 42 -54.33 -77.24 -164.61
CA ALA F 42 -53.70 -77.12 -163.30
C ALA F 42 -53.36 -78.43 -162.62
N GLN F 43 -54.11 -79.50 -162.85
CA GLN F 43 -53.79 -80.79 -162.25
C GLN F 43 -54.04 -81.90 -163.25
N HIS F 44 -53.57 -83.09 -162.89
CA HIS F 44 -53.94 -84.34 -163.53
C HIS F 44 -54.55 -85.24 -162.46
N LEU F 45 -55.78 -85.68 -162.68
CA LEU F 45 -56.50 -86.46 -161.68
C LEU F 45 -56.52 -87.94 -161.97
N GLY F 46 -55.92 -88.40 -163.05
CA GLY F 46 -56.05 -89.78 -163.45
C GLY F 46 -57.35 -90.04 -164.19
N GLU F 47 -57.45 -91.26 -164.73
CA GLU F 47 -58.56 -91.70 -165.60
C GLU F 47 -58.73 -90.77 -166.80
N SER F 48 -57.59 -90.30 -167.33
CA SER F 48 -57.49 -89.34 -168.44
C SER F 48 -58.36 -88.11 -168.23
N THR F 49 -58.05 -87.37 -167.17
CA THR F 49 -58.87 -86.24 -166.74
C THR F 49 -57.98 -85.15 -166.20
N VAL F 50 -58.18 -83.93 -166.65
CA VAL F 50 -57.45 -82.77 -166.13
C VAL F 50 -58.41 -81.95 -165.29
N ARG F 51 -57.87 -80.93 -164.64
CA ARG F 51 -58.67 -79.98 -163.87
C ARG F 51 -58.14 -78.59 -164.14
N THR F 52 -58.96 -77.73 -164.73
CA THR F 52 -58.54 -76.44 -165.24
C THR F 52 -58.98 -75.32 -164.32
N ILE F 53 -58.63 -74.10 -164.70
CA ILE F 53 -59.03 -72.87 -164.01
C ILE F 53 -59.39 -71.85 -165.08
N ALA F 54 -60.61 -71.35 -165.05
CA ALA F 54 -61.11 -70.52 -166.15
C ALA F 54 -60.71 -69.07 -165.98
N MET F 55 -60.51 -68.40 -167.12
CA MET F 55 -60.05 -67.01 -167.14
C MET F 55 -61.17 -66.01 -167.41
N ASP F 56 -62.42 -66.45 -167.39
CA ASP F 56 -63.58 -65.56 -167.51
C ASP F 56 -64.75 -66.23 -166.82
N GLY F 57 -65.94 -65.64 -166.98
CA GLY F 57 -67.12 -66.20 -166.33
C GLY F 57 -67.56 -67.48 -166.99
N THR F 58 -67.90 -68.47 -166.16
CA THR F 58 -68.35 -69.77 -166.63
C THR F 58 -69.86 -69.91 -166.58
N GLU F 59 -70.59 -68.84 -166.88
CA GLU F 59 -72.04 -68.91 -166.95
C GLU F 59 -72.50 -69.38 -168.32
N GLY F 60 -73.17 -70.52 -168.35
CA GLY F 60 -73.69 -71.05 -169.60
C GLY F 60 -72.90 -72.19 -170.18
N LEU F 61 -72.33 -73.06 -169.35
CA LEU F 61 -71.56 -74.21 -169.83
C LEU F 61 -72.36 -75.49 -169.63
N VAL F 62 -72.55 -76.22 -170.72
CA VAL F 62 -73.30 -77.46 -170.69
C VAL F 62 -72.32 -78.62 -170.54
N ARG F 63 -72.71 -79.61 -169.73
CA ARG F 63 -71.87 -80.78 -169.46
C ARG F 63 -71.84 -81.64 -170.72
N GLY F 64 -70.80 -81.45 -171.52
CA GLY F 64 -70.68 -82.18 -172.77
C GLY F 64 -70.20 -81.28 -173.89
N GLN F 65 -69.92 -80.02 -173.54
CA GLN F 65 -69.40 -79.05 -174.49
C GLN F 65 -68.02 -79.46 -174.96
N LYS F 66 -67.65 -79.01 -176.15
CA LYS F 66 -66.36 -79.38 -176.72
C LYS F 66 -65.32 -78.30 -176.46
N VAL F 67 -64.11 -78.73 -176.14
CA VAL F 67 -62.99 -77.85 -175.83
C VAL F 67 -61.81 -78.29 -176.67
N LEU F 68 -61.03 -77.33 -177.17
CA LEU F 68 -59.96 -77.59 -178.11
C LEU F 68 -58.63 -77.20 -177.51
N ASP F 69 -57.66 -78.11 -177.56
CA ASP F 69 -56.35 -77.84 -177.00
C ASP F 69 -55.55 -76.93 -177.92
N SER F 70 -54.89 -75.93 -177.33
CA SER F 70 -54.08 -75.00 -178.10
C SER F 70 -52.67 -75.52 -178.34
N GLY F 71 -52.16 -76.40 -177.48
CA GLY F 71 -50.86 -76.99 -177.68
C GLY F 71 -49.70 -76.25 -177.06
N ALA F 72 -49.94 -75.11 -176.42
CA ALA F 72 -48.88 -74.27 -175.88
C ALA F 72 -49.46 -73.42 -174.77
N PRO F 73 -48.63 -72.89 -173.86
CA PRO F 73 -49.13 -71.95 -172.84
C PRO F 73 -49.61 -70.62 -173.41
N ILE F 74 -50.13 -69.75 -172.53
CA ILE F 74 -50.71 -68.49 -172.95
C ILE F 74 -49.61 -67.56 -173.44
N LYS F 75 -49.69 -67.15 -174.70
CA LYS F 75 -48.70 -66.28 -175.31
C LYS F 75 -49.33 -64.94 -175.63
N ILE F 76 -48.68 -63.87 -175.22
CA ILE F 76 -49.22 -62.52 -175.38
C ILE F 76 -48.36 -61.76 -176.38
N PRO F 77 -48.90 -60.75 -177.07
CA PRO F 77 -48.04 -59.93 -177.95
C PRO F 77 -47.09 -59.08 -177.12
N VAL F 78 -45.81 -59.15 -177.46
CA VAL F 78 -44.76 -58.44 -176.72
C VAL F 78 -43.85 -57.75 -177.72
N GLY F 79 -43.23 -56.66 -177.30
CA GLY F 79 -42.37 -55.88 -178.17
C GLY F 79 -42.49 -54.40 -177.87
N PRO F 80 -41.93 -53.56 -178.74
CA PRO F 80 -42.11 -52.12 -178.55
C PRO F 80 -43.43 -51.61 -179.12
N GLU F 81 -44.19 -52.48 -179.79
CA GLU F 81 -45.49 -52.07 -180.31
C GLU F 81 -46.56 -52.09 -179.23
N THR F 82 -46.29 -52.74 -178.10
CA THR F 82 -47.26 -52.77 -177.01
C THR F 82 -47.17 -51.52 -176.14
N LEU F 83 -46.25 -50.62 -176.43
CA LEU F 83 -46.18 -49.37 -175.69
C LEU F 83 -47.35 -48.47 -176.06
N GLY F 84 -47.87 -47.75 -175.07
CA GLY F 84 -48.99 -46.88 -175.30
C GLY F 84 -50.33 -47.56 -175.51
N ARG F 85 -50.43 -48.85 -175.17
CA ARG F 85 -51.66 -49.61 -175.35
C ARG F 85 -52.09 -50.19 -174.00
N ILE F 86 -53.28 -50.77 -173.98
CA ILE F 86 -53.82 -51.46 -172.81
C ILE F 86 -54.04 -52.91 -173.19
N MET F 87 -53.67 -53.82 -172.30
CA MET F 87 -53.82 -55.25 -172.53
C MET F 87 -54.50 -55.89 -171.32
N ASN F 88 -55.33 -56.90 -171.59
CA ASN F 88 -55.96 -57.67 -170.54
C ASN F 88 -55.10 -58.88 -170.21
N VAL F 89 -55.68 -59.87 -169.52
CA VAL F 89 -54.94 -61.02 -169.00
C VAL F 89 -54.35 -61.86 -170.12
N ILE F 90 -55.10 -62.04 -171.21
CA ILE F 90 -54.66 -62.91 -172.29
C ILE F 90 -54.20 -62.09 -173.49
N GLY F 91 -53.91 -60.82 -173.25
CA GLY F 91 -53.23 -60.01 -174.25
C GLY F 91 -54.08 -59.57 -175.42
N GLU F 92 -55.33 -59.22 -175.16
CA GLU F 92 -56.17 -58.66 -176.19
C GLU F 92 -56.33 -57.17 -175.96
N PRO F 93 -56.41 -56.35 -177.01
CA PRO F 93 -56.59 -54.91 -176.80
C PRO F 93 -57.97 -54.59 -176.26
N ILE F 94 -58.00 -53.89 -175.13
CA ILE F 94 -59.23 -53.43 -174.52
C ILE F 94 -59.33 -51.91 -174.55
N ASP F 95 -58.76 -51.27 -175.56
CA ASP F 95 -58.79 -49.82 -175.69
C ASP F 95 -59.44 -49.35 -176.98
N GLU F 96 -60.09 -50.26 -177.73
CA GLU F 96 -60.86 -50.01 -178.97
C GLU F 96 -60.07 -49.22 -180.02
N ARG F 97 -58.77 -49.49 -180.12
CA ARG F 97 -57.92 -48.87 -181.13
C ARG F 97 -57.33 -49.86 -182.12
N GLY F 98 -57.86 -51.07 -182.18
CA GLY F 98 -57.38 -52.04 -183.14
C GLY F 98 -56.44 -53.05 -182.54
N PRO F 99 -56.02 -54.04 -183.33
CA PRO F 99 -55.21 -55.13 -182.79
C PRO F 99 -53.75 -54.70 -182.60
N ILE F 100 -53.08 -55.39 -181.66
CA ILE F 100 -51.67 -55.13 -181.43
C ILE F 100 -50.84 -55.99 -182.38
N LYS F 101 -50.06 -55.33 -183.23
CA LYS F 101 -49.30 -55.99 -184.28
C LYS F 101 -47.84 -56.11 -183.88
N THR F 102 -47.42 -57.31 -183.52
CA THR F 102 -46.03 -57.59 -183.17
C THR F 102 -45.53 -58.74 -184.02
N LYS F 103 -44.28 -59.15 -183.78
CA LYS F 103 -43.68 -60.18 -184.63
C LYS F 103 -43.42 -61.47 -183.85
N GLN F 104 -43.21 -61.37 -182.54
CA GLN F 104 -42.87 -62.53 -181.74
C GLN F 104 -43.80 -62.61 -180.54
N PHE F 105 -43.97 -63.82 -180.02
CA PHE F 105 -44.88 -64.09 -178.92
C PHE F 105 -44.14 -64.82 -177.81
N ALA F 106 -44.47 -64.47 -176.57
CA ALA F 106 -43.76 -64.98 -175.40
C ALA F 106 -44.75 -65.61 -174.43
N ALA F 107 -44.38 -66.77 -173.88
CA ALA F 107 -45.26 -67.47 -172.96
C ALA F 107 -45.31 -66.76 -171.62
N ILE F 108 -46.33 -67.08 -170.83
CA ILE F 108 -46.53 -66.41 -169.54
C ILE F 108 -45.66 -67.05 -168.46
N HIS F 109 -45.64 -68.38 -168.40
CA HIS F 109 -44.93 -69.10 -167.35
C HIS F 109 -43.50 -69.35 -167.80
N ALA F 110 -42.59 -68.47 -167.40
CA ALA F 110 -41.17 -68.61 -167.66
C ALA F 110 -40.42 -68.79 -166.35
N GLU F 111 -39.24 -69.37 -166.42
CA GLU F 111 -38.46 -69.71 -165.23
C GLU F 111 -37.62 -68.53 -164.77
N ALA F 112 -37.07 -68.67 -163.57
CA ALA F 112 -36.34 -67.60 -162.92
C ALA F 112 -34.91 -67.52 -163.45
N PRO F 113 -34.26 -66.35 -163.34
CA PRO F 113 -32.83 -66.27 -163.66
C PRO F 113 -31.99 -67.09 -162.70
N GLU F 114 -30.87 -67.57 -163.21
CA GLU F 114 -30.01 -68.49 -162.46
C GLU F 114 -29.14 -67.73 -161.47
N PHE F 115 -28.25 -68.48 -160.81
CA PHE F 115 -27.40 -67.91 -159.79
C PHE F 115 -26.31 -67.02 -160.38
N MET F 116 -25.77 -67.39 -161.55
CA MET F 116 -24.65 -66.70 -162.16
C MET F 116 -25.07 -65.51 -163.01
N GLU F 117 -26.32 -65.05 -162.88
CA GLU F 117 -26.78 -63.89 -163.62
C GLU F 117 -27.11 -62.71 -162.71
N MET F 118 -26.97 -62.88 -161.40
CA MET F 118 -27.39 -61.85 -160.46
C MET F 118 -26.30 -60.79 -160.33
N SER F 119 -26.67 -59.53 -160.56
CA SER F 119 -25.77 -58.42 -160.37
C SER F 119 -25.86 -57.91 -158.94
N VAL F 120 -24.75 -57.40 -158.42
CA VAL F 120 -24.63 -56.98 -157.03
C VAL F 120 -24.38 -55.48 -156.91
N GLU F 121 -24.82 -54.70 -157.89
CA GLU F 121 -24.64 -53.26 -157.82
C GLU F 121 -25.69 -52.64 -156.90
N GLN F 122 -25.26 -51.63 -156.13
CA GLN F 122 -26.13 -50.89 -155.25
C GLN F 122 -25.91 -49.40 -155.45
N GLU F 123 -27.01 -48.66 -155.63
CA GLU F 123 -26.95 -47.23 -155.82
C GLU F 123 -28.02 -46.61 -154.93
N ILE F 124 -28.33 -45.34 -155.16
CA ILE F 124 -29.40 -44.67 -154.41
C ILE F 124 -30.30 -43.95 -155.41
N LEU F 125 -31.61 -44.14 -155.26
CA LEU F 125 -32.62 -43.50 -156.10
C LEU F 125 -33.28 -42.40 -155.29
N VAL F 126 -32.81 -41.18 -155.45
CA VAL F 126 -33.36 -40.03 -154.74
C VAL F 126 -34.73 -39.69 -155.31
N THR F 127 -35.72 -39.57 -154.42
CA THR F 127 -37.11 -39.34 -154.81
C THR F 127 -37.53 -37.89 -154.65
N GLY F 128 -37.45 -37.36 -153.43
CA GLY F 128 -37.89 -36.01 -153.18
C GLY F 128 -38.81 -35.91 -151.98
N ILE F 129 -39.00 -37.03 -151.29
CA ILE F 129 -39.84 -37.08 -150.10
C ILE F 129 -38.93 -37.18 -148.88
N LYS F 130 -39.19 -36.35 -147.87
CA LYS F 130 -38.30 -36.19 -146.74
C LYS F 130 -38.21 -37.44 -145.85
N VAL F 131 -39.28 -38.22 -145.78
CA VAL F 131 -39.28 -39.35 -144.85
C VAL F 131 -38.55 -40.53 -145.45
N VAL F 132 -38.65 -40.70 -146.77
CA VAL F 132 -38.09 -41.88 -147.42
C VAL F 132 -36.71 -41.60 -147.99
N ASP F 133 -36.28 -40.33 -148.02
CA ASP F 133 -34.89 -40.03 -148.32
C ASP F 133 -34.01 -40.31 -147.11
N LEU F 134 -34.45 -39.89 -145.93
CA LEU F 134 -33.62 -39.93 -144.74
C LEU F 134 -33.56 -41.33 -144.13
N LEU F 135 -34.69 -41.86 -143.69
CA LEU F 135 -34.71 -43.02 -142.82
C LEU F 135 -34.72 -44.35 -143.56
N ALA F 136 -35.11 -44.37 -144.84
CA ALA F 136 -35.15 -45.62 -145.60
C ALA F 136 -34.95 -45.34 -147.08
N PRO F 137 -33.72 -45.11 -147.52
CA PRO F 137 -33.50 -44.66 -148.90
C PRO F 137 -33.68 -45.78 -149.92
N TYR F 138 -34.00 -45.36 -151.15
CA TYR F 138 -34.39 -46.26 -152.22
C TYR F 138 -33.19 -46.56 -153.12
N ALA F 139 -33.03 -47.83 -153.48
CA ALA F 139 -31.95 -48.26 -154.34
C ALA F 139 -32.45 -48.48 -155.77
N LYS F 140 -31.64 -48.05 -156.73
CA LYS F 140 -31.93 -48.36 -158.12
C LYS F 140 -31.72 -49.84 -158.38
N GLY F 141 -32.69 -50.46 -159.06
CA GLY F 141 -32.55 -51.85 -159.42
C GLY F 141 -32.94 -52.84 -158.35
N GLY F 142 -33.65 -52.39 -157.31
CA GLY F 142 -34.09 -53.29 -156.26
C GLY F 142 -35.56 -53.10 -155.98
N LYS F 143 -36.13 -54.09 -155.29
CA LYS F 143 -37.55 -54.09 -154.99
C LYS F 143 -37.87 -53.12 -153.86
N ILE F 144 -39.10 -52.61 -153.86
CA ILE F 144 -39.55 -51.61 -152.90
C ILE F 144 -40.97 -51.97 -152.49
N GLY F 145 -41.22 -52.07 -151.18
CA GLY F 145 -42.55 -52.33 -150.68
C GLY F 145 -43.26 -51.08 -150.19
N LEU F 146 -44.59 -51.18 -150.10
CA LEU F 146 -45.44 -50.10 -149.56
C LEU F 146 -46.58 -50.77 -148.81
N PHE F 147 -46.40 -50.93 -147.50
CA PHE F 147 -47.41 -51.58 -146.67
C PHE F 147 -48.37 -50.53 -146.12
N GLY F 148 -49.55 -50.98 -145.73
CA GLY F 148 -50.55 -50.08 -145.17
C GLY F 148 -51.92 -50.71 -145.16
N GLY F 149 -52.83 -50.10 -144.41
CA GLY F 149 -54.20 -50.58 -144.27
C GLY F 149 -55.08 -50.18 -145.43
N ALA F 150 -56.32 -49.85 -145.11
CA ALA F 150 -57.31 -49.45 -146.11
C ALA F 150 -57.71 -48.00 -145.84
N GLY F 151 -57.07 -47.08 -146.56
CA GLY F 151 -57.36 -45.68 -146.41
C GLY F 151 -56.24 -44.82 -145.87
N VAL F 152 -54.99 -45.24 -146.02
CA VAL F 152 -53.87 -44.51 -145.47
C VAL F 152 -53.09 -43.73 -146.52
N GLY F 153 -53.13 -44.14 -147.79
CA GLY F 153 -52.37 -43.44 -148.81
C GLY F 153 -51.43 -44.28 -149.64
N LYS F 154 -51.73 -45.57 -149.83
CA LYS F 154 -50.88 -46.42 -150.65
C LYS F 154 -51.00 -46.13 -152.15
N THR F 155 -51.90 -45.24 -152.57
CA THR F 155 -52.05 -44.89 -153.97
C THR F 155 -51.82 -43.40 -154.23
N VAL F 156 -52.07 -42.53 -153.25
CA VAL F 156 -51.62 -41.15 -153.35
C VAL F 156 -50.09 -41.08 -153.33
N LEU F 157 -49.44 -42.03 -152.65
CA LEU F 157 -47.99 -42.12 -152.65
C LEU F 157 -47.44 -42.75 -153.92
N ILE F 158 -48.09 -43.80 -154.44
CA ILE F 158 -47.58 -44.46 -155.64
C ILE F 158 -47.83 -43.64 -156.90
N MET F 159 -48.77 -42.69 -156.87
CA MET F 159 -48.94 -41.76 -157.97
C MET F 159 -48.07 -40.52 -157.82
N GLU F 160 -47.42 -40.36 -156.67
CA GLU F 160 -46.40 -39.32 -156.51
C GLU F 160 -45.05 -39.82 -157.02
N LEU F 161 -44.73 -41.08 -156.74
CA LEU F 161 -43.51 -41.71 -157.25
C LEU F 161 -43.51 -41.82 -158.76
N ILE F 162 -44.67 -41.94 -159.39
CA ILE F 162 -44.75 -41.87 -160.84
C ILE F 162 -44.49 -40.43 -161.31
N ASN F 163 -44.99 -39.45 -160.56
CA ASN F 163 -44.85 -38.06 -160.95
C ASN F 163 -43.42 -37.57 -160.83
N ASN F 164 -42.64 -38.10 -159.89
CA ASN F 164 -41.28 -37.65 -159.68
C ASN F 164 -40.25 -38.49 -160.44
N VAL F 165 -40.22 -39.79 -160.18
CA VAL F 165 -39.20 -40.67 -160.73
C VAL F 165 -39.45 -40.99 -162.20
N ALA F 166 -40.64 -41.46 -162.53
CA ALA F 166 -40.88 -42.05 -163.85
C ALA F 166 -41.00 -41.03 -164.96
N LYS F 167 -41.32 -39.77 -164.64
CA LYS F 167 -41.49 -38.77 -165.68
C LYS F 167 -40.15 -38.31 -166.22
N ALA F 168 -39.15 -38.18 -165.36
CA ALA F 168 -37.81 -37.78 -165.78
C ALA F 168 -36.92 -38.95 -166.17
N HIS F 169 -37.45 -40.17 -166.14
CA HIS F 169 -36.69 -41.36 -166.50
C HIS F 169 -36.38 -41.37 -167.99
N GLY F 170 -35.34 -42.10 -168.37
CA GLY F 170 -34.97 -42.20 -169.76
C GLY F 170 -35.41 -43.50 -170.40
N GLY F 171 -35.69 -44.51 -169.57
CA GLY F 171 -36.06 -45.83 -170.05
C GLY F 171 -37.54 -45.99 -170.29
N TYR F 172 -38.02 -47.20 -170.05
CA TYR F 172 -39.42 -47.57 -170.27
C TYR F 172 -40.13 -47.77 -168.94
N SER F 173 -41.45 -47.84 -169.00
CA SER F 173 -42.28 -48.03 -167.81
C SER F 173 -43.38 -49.04 -168.10
N VAL F 174 -43.77 -49.78 -167.06
CA VAL F 174 -44.87 -50.74 -167.15
C VAL F 174 -45.72 -50.59 -165.90
N PHE F 175 -47.01 -50.29 -166.07
CA PHE F 175 -47.97 -50.30 -164.98
C PHE F 175 -48.81 -51.56 -165.10
N ALA F 176 -49.06 -52.22 -163.96
CA ALA F 176 -49.89 -53.43 -163.90
C ALA F 176 -50.88 -53.26 -162.77
N GLY F 177 -52.16 -53.10 -163.11
CA GLY F 177 -53.18 -52.94 -162.10
C GLY F 177 -53.82 -54.27 -161.76
N VAL F 178 -53.57 -54.78 -160.56
CA VAL F 178 -54.13 -56.05 -160.09
C VAL F 178 -55.11 -55.72 -158.98
N GLY F 179 -56.40 -55.77 -159.28
CA GLY F 179 -57.42 -55.63 -158.27
C GLY F 179 -57.57 -54.25 -157.64
N GLU F 180 -57.79 -53.22 -158.45
CA GLU F 180 -58.08 -51.90 -157.92
C GLU F 180 -59.34 -51.34 -158.57
N ARG F 181 -59.65 -50.09 -158.28
CA ARG F 181 -60.86 -49.47 -158.80
C ARG F 181 -60.73 -49.22 -160.29
N THR F 182 -61.78 -49.56 -161.04
CA THR F 182 -61.75 -49.39 -162.48
C THR F 182 -61.88 -47.92 -162.87
N ARG F 183 -62.47 -47.11 -161.99
CA ARG F 183 -62.50 -45.68 -162.25
C ARG F 183 -61.13 -45.04 -162.02
N GLU F 184 -60.26 -45.70 -161.26
CA GLU F 184 -58.90 -45.21 -161.10
C GLU F 184 -58.05 -45.55 -162.31
N GLY F 185 -58.30 -46.69 -162.94
CA GLY F 185 -57.57 -47.05 -164.13
C GLY F 185 -57.97 -46.24 -165.35
N ASN F 186 -59.17 -45.68 -165.32
CA ASN F 186 -59.55 -44.74 -166.37
C ASN F 186 -58.85 -43.40 -166.20
N ASP F 187 -58.60 -43.01 -164.94
CA ASP F 187 -57.96 -41.71 -164.70
C ASP F 187 -56.49 -41.73 -165.05
N LEU F 188 -55.83 -42.87 -164.86
CA LEU F 188 -54.41 -42.97 -165.21
C LEU F 188 -54.22 -42.94 -166.72
N TYR F 189 -55.12 -43.56 -167.48
CA TYR F 189 -55.05 -43.50 -168.93
C TYR F 189 -55.37 -42.10 -169.45
N HIS F 190 -56.18 -41.34 -168.70
CA HIS F 190 -56.56 -40.01 -169.13
C HIS F 190 -55.74 -38.90 -168.47
N GLU F 191 -54.70 -39.26 -167.71
CA GLU F 191 -53.72 -38.25 -167.30
C GLU F 191 -52.42 -38.38 -168.07
N MET F 192 -52.12 -39.58 -168.57
CA MET F 192 -50.92 -39.76 -169.37
C MET F 192 -51.11 -39.26 -170.80
N ILE F 193 -52.36 -39.07 -171.22
CA ILE F 193 -52.63 -38.50 -172.54
C ILE F 193 -52.39 -37.00 -172.52
N GLU F 194 -52.87 -36.33 -171.48
CA GLU F 194 -52.68 -34.88 -171.39
C GLU F 194 -51.24 -34.50 -171.08
N SER F 195 -50.54 -35.32 -170.28
CA SER F 195 -49.15 -35.02 -169.97
C SER F 195 -48.17 -35.54 -171.02
N GLY F 196 -48.67 -36.17 -172.08
CA GLY F 196 -47.84 -36.53 -173.20
C GLY F 196 -47.05 -37.81 -173.07
N VAL F 197 -47.32 -38.63 -172.06
CA VAL F 197 -46.56 -39.87 -171.90
C VAL F 197 -47.04 -40.92 -172.89
N ILE F 198 -48.35 -41.07 -173.02
CA ILE F 198 -48.92 -41.89 -174.08
C ILE F 198 -49.36 -40.98 -175.21
N ASN F 199 -48.99 -41.32 -176.44
CA ASN F 199 -49.34 -40.53 -177.61
C ASN F 199 -50.06 -41.41 -178.61
N LEU F 200 -51.16 -40.90 -179.16
CA LEU F 200 -52.03 -41.67 -180.02
C LEU F 200 -51.93 -41.27 -181.50
N LYS F 201 -50.94 -40.47 -181.87
CA LYS F 201 -50.72 -40.05 -183.25
C LYS F 201 -49.45 -40.60 -183.85
N ASP F 202 -48.39 -40.72 -183.04
CA ASP F 202 -47.08 -41.16 -183.47
C ASP F 202 -46.59 -42.29 -182.56
N ALA F 203 -45.30 -42.61 -182.68
CA ALA F 203 -44.72 -43.78 -182.02
C ALA F 203 -43.65 -43.39 -181.00
N THR F 204 -43.95 -42.42 -180.14
CA THR F 204 -43.05 -42.01 -179.08
C THR F 204 -43.67 -42.17 -177.70
N SER F 205 -44.42 -43.24 -177.47
CA SER F 205 -45.00 -43.50 -176.17
C SER F 205 -44.03 -44.31 -175.31
N LYS F 206 -44.17 -44.17 -173.99
CA LYS F 206 -43.17 -44.67 -173.07
C LYS F 206 -43.66 -45.69 -172.06
N VAL F 207 -44.96 -45.95 -171.97
CA VAL F 207 -45.50 -46.80 -170.91
C VAL F 207 -46.59 -47.69 -171.49
N ALA F 208 -46.56 -48.98 -171.12
CA ALA F 208 -47.62 -49.92 -171.41
C ALA F 208 -48.47 -50.09 -170.16
N LEU F 209 -49.72 -50.49 -170.34
CA LEU F 209 -50.64 -50.73 -169.24
C LEU F 209 -51.26 -52.13 -169.35
N VAL F 210 -51.29 -52.83 -168.23
CA VAL F 210 -51.95 -54.13 -168.12
C VAL F 210 -52.98 -54.02 -167.00
N TYR F 211 -54.17 -54.58 -167.20
CA TYR F 211 -55.27 -54.36 -166.27
C TYR F 211 -56.11 -55.62 -166.10
N GLY F 212 -56.14 -56.15 -164.88
CA GLY F 212 -57.20 -57.04 -164.46
C GLY F 212 -57.72 -56.55 -163.11
N GLN F 213 -58.96 -56.07 -163.08
CA GLN F 213 -59.46 -55.29 -161.97
C GLN F 213 -60.28 -56.14 -161.01
N MET F 214 -61.00 -55.47 -160.11
CA MET F 214 -61.71 -56.14 -159.02
C MET F 214 -63.02 -56.77 -159.46
N ASN F 215 -63.54 -56.45 -160.64
CA ASN F 215 -64.77 -57.07 -161.12
C ASN F 215 -64.50 -58.31 -161.94
N GLU F 216 -63.28 -58.76 -162.02
CA GLU F 216 -62.86 -59.94 -162.76
C GLU F 216 -63.00 -61.19 -161.91
N PRO F 217 -63.16 -62.36 -162.52
CA PRO F 217 -63.22 -63.62 -161.76
C PRO F 217 -61.91 -63.92 -161.06
N PRO F 218 -61.90 -64.82 -160.07
CA PRO F 218 -60.64 -65.11 -159.36
C PRO F 218 -59.57 -65.77 -160.21
N GLY F 219 -59.94 -66.47 -161.28
CA GLY F 219 -58.93 -67.04 -162.16
C GLY F 219 -58.21 -66.02 -163.01
N ALA F 220 -58.72 -64.80 -163.11
CA ALA F 220 -58.10 -63.77 -163.94
C ALA F 220 -57.38 -62.71 -163.13
N ARG F 221 -57.49 -62.74 -161.80
CA ARG F 221 -56.66 -61.88 -160.98
C ARG F 221 -55.42 -62.60 -160.49
N ALA F 222 -55.43 -63.93 -160.54
CA ALA F 222 -54.30 -64.73 -160.12
C ALA F 222 -53.26 -64.91 -161.21
N ARG F 223 -53.48 -64.36 -162.40
CA ARG F 223 -52.56 -64.53 -163.52
C ARG F 223 -52.28 -63.24 -164.27
N VAL F 224 -52.77 -62.09 -163.80
CA VAL F 224 -52.51 -60.83 -164.50
C VAL F 224 -51.23 -60.17 -164.00
N ALA F 225 -50.71 -60.58 -162.84
CA ALA F 225 -49.42 -60.08 -162.41
C ALA F 225 -48.28 -60.79 -163.11
N LEU F 226 -48.55 -61.97 -163.70
CA LEU F 226 -47.56 -62.60 -164.56
C LEU F 226 -47.55 -62.00 -165.95
N THR F 227 -48.60 -61.28 -166.33
CA THR F 227 -48.67 -60.72 -167.66
C THR F 227 -47.97 -59.37 -167.74
N GLY F 228 -48.18 -58.51 -166.75
CA GLY F 228 -47.43 -57.28 -166.64
C GLY F 228 -45.97 -57.46 -166.29
N LEU F 229 -45.59 -58.65 -165.84
CA LEU F 229 -44.21 -59.07 -165.66
C LEU F 229 -43.56 -59.54 -166.95
N THR F 230 -44.28 -60.29 -167.78
CA THR F 230 -43.71 -60.84 -169.01
C THR F 230 -43.51 -59.74 -170.06
N VAL F 231 -44.32 -58.69 -170.02
CA VAL F 231 -44.10 -57.52 -170.87
C VAL F 231 -42.78 -56.84 -170.51
N ALA F 232 -42.46 -56.73 -169.22
CA ALA F 232 -41.24 -56.07 -168.78
C ALA F 232 -40.03 -56.98 -168.74
N GLU F 233 -40.13 -58.20 -169.28
CA GLU F 233 -38.93 -59.02 -169.47
C GLU F 233 -38.34 -58.85 -170.86
N TYR F 234 -39.16 -58.48 -171.84
CA TYR F 234 -38.62 -58.19 -173.17
C TYR F 234 -37.80 -56.90 -173.15
N PHE F 235 -38.28 -55.89 -172.42
CA PHE F 235 -37.60 -54.60 -172.38
C PHE F 235 -36.29 -54.65 -171.59
N ARG F 236 -36.06 -55.71 -170.82
CA ARG F 236 -34.80 -55.92 -170.11
C ARG F 236 -33.88 -56.86 -170.88
N ASP F 237 -34.36 -58.04 -171.24
CA ASP F 237 -33.49 -59.05 -171.83
C ASP F 237 -33.17 -58.74 -173.29
N GLN F 238 -34.19 -58.67 -174.14
CA GLN F 238 -33.97 -58.60 -175.58
C GLN F 238 -33.80 -57.18 -176.08
N GLU F 239 -33.67 -56.20 -175.19
CA GLU F 239 -33.38 -54.84 -175.63
C GLU F 239 -32.25 -54.22 -174.81
N GLY F 240 -32.11 -54.66 -173.55
CA GLY F 240 -31.09 -54.09 -172.69
C GLY F 240 -31.36 -52.66 -172.29
N GLN F 241 -32.41 -52.43 -171.50
CA GLN F 241 -32.79 -51.11 -171.06
C GLN F 241 -33.13 -51.14 -169.58
N ASP F 242 -33.24 -49.95 -168.99
CA ASP F 242 -33.60 -49.79 -167.58
C ASP F 242 -35.09 -49.47 -167.51
N VAL F 243 -35.85 -50.38 -166.92
CA VAL F 243 -37.30 -50.29 -166.91
C VAL F 243 -37.78 -49.90 -165.50
N LEU F 244 -39.05 -49.56 -165.41
CA LEU F 244 -39.75 -49.43 -164.14
C LEU F 244 -40.96 -50.36 -164.17
N LEU F 245 -41.36 -50.84 -163.00
CA LEU F 245 -42.44 -51.84 -162.92
C LEU F 245 -43.29 -51.54 -161.70
N PHE F 246 -44.36 -50.78 -161.90
CA PHE F 246 -45.30 -50.45 -160.84
C PHE F 246 -46.42 -51.47 -160.81
N ILE F 247 -46.55 -52.19 -159.70
CA ILE F 247 -47.63 -53.15 -159.50
C ILE F 247 -48.48 -52.67 -158.34
N ASP F 248 -49.80 -52.69 -158.52
CA ASP F 248 -50.74 -52.23 -157.50
C ASP F 248 -52.10 -52.82 -157.84
N ASN F 249 -52.61 -53.71 -156.99
CA ASN F 249 -52.10 -54.10 -155.69
C ASN F 249 -51.69 -55.56 -155.73
N ILE F 250 -50.62 -55.93 -155.03
CA ILE F 250 -50.07 -57.27 -155.15
C ILE F 250 -50.70 -58.25 -154.14
N PHE F 251 -51.47 -57.75 -153.17
CA PHE F 251 -52.17 -58.65 -152.26
C PHE F 251 -53.29 -59.40 -152.98
N ARG F 252 -53.89 -58.80 -154.01
CA ARG F 252 -54.96 -59.44 -154.75
C ARG F 252 -54.49 -60.66 -155.54
N PHE F 253 -53.20 -60.77 -155.81
CA PHE F 253 -52.66 -62.00 -156.37
C PHE F 253 -52.70 -63.13 -155.34
N THR F 254 -52.49 -62.80 -154.07
CA THR F 254 -52.49 -63.78 -152.99
C THR F 254 -53.90 -64.14 -152.55
N GLN F 255 -54.79 -63.14 -152.49
CA GLN F 255 -56.16 -63.37 -152.08
C GLN F 255 -56.91 -64.25 -153.07
N ALA F 256 -56.72 -64.00 -154.37
CA ALA F 256 -57.42 -64.72 -155.42
C ALA F 256 -56.86 -66.10 -155.68
N GLY F 257 -55.84 -66.53 -154.94
CA GLY F 257 -55.39 -67.89 -155.02
C GLY F 257 -56.07 -68.73 -153.96
N SER F 258 -56.52 -68.08 -152.89
CA SER F 258 -57.23 -68.77 -151.82
C SER F 258 -58.70 -68.99 -152.16
N GLU F 259 -59.27 -68.15 -153.02
CA GLU F 259 -60.65 -68.34 -153.46
C GLU F 259 -60.77 -69.60 -154.30
N VAL F 260 -59.76 -69.91 -155.10
CA VAL F 260 -59.80 -71.07 -155.98
C VAL F 260 -59.15 -72.30 -155.37
N SER F 261 -58.46 -72.17 -154.24
CA SER F 261 -57.78 -73.32 -153.66
C SER F 261 -58.74 -74.22 -152.89
N ALA F 262 -59.90 -73.69 -152.50
CA ALA F 262 -60.89 -74.54 -151.85
C ALA F 262 -61.59 -75.44 -152.87
N LEU F 263 -61.77 -74.95 -154.09
CA LEU F 263 -62.49 -75.70 -155.11
C LEU F 263 -61.62 -76.80 -155.72
N LEU F 264 -60.29 -76.66 -155.61
CA LEU F 264 -59.36 -77.66 -156.12
C LEU F 264 -59.19 -78.84 -155.19
N GLY F 265 -59.84 -78.84 -154.02
CA GLY F 265 -59.76 -79.96 -153.11
C GLY F 265 -58.49 -80.04 -152.30
N ARG F 266 -58.24 -79.06 -151.44
CA ARG F 266 -57.04 -79.03 -150.62
C ARG F 266 -57.41 -78.88 -149.14
N ILE F 267 -56.49 -79.29 -148.28
CA ILE F 267 -56.63 -79.00 -146.85
C ILE F 267 -56.10 -77.59 -146.59
N PRO F 268 -56.85 -76.72 -145.93
CA PRO F 268 -56.37 -75.35 -145.75
C PRO F 268 -55.49 -75.20 -144.53
N SER F 269 -54.49 -74.34 -144.68
CA SER F 269 -53.48 -74.03 -143.67
C SER F 269 -54.02 -73.06 -142.63
N ALA F 270 -53.14 -72.27 -142.03
CA ALA F 270 -53.51 -71.19 -141.11
C ALA F 270 -54.38 -70.13 -141.78
N VAL F 271 -54.65 -68.99 -141.14
CA VAL F 271 -55.95 -68.30 -141.00
C VAL F 271 -57.02 -68.45 -142.10
N GLY F 272 -56.71 -69.08 -143.23
CA GLY F 272 -57.71 -69.44 -144.22
C GLY F 272 -57.12 -69.51 -145.61
N TYR F 273 -55.82 -69.30 -145.71
CA TYR F 273 -55.15 -69.26 -146.99
C TYR F 273 -54.89 -70.65 -147.52
N GLN F 274 -54.31 -70.70 -148.72
CA GLN F 274 -53.95 -71.93 -149.36
C GLN F 274 -52.75 -72.56 -148.65
N PRO F 275 -52.56 -73.88 -148.78
CA PRO F 275 -51.33 -74.46 -148.21
C PRO F 275 -50.08 -74.03 -148.95
N THR F 276 -50.12 -73.97 -150.28
CA THR F 276 -48.99 -73.51 -151.07
C THR F 276 -49.05 -71.98 -151.18
N LEU F 277 -48.76 -71.32 -150.07
CA LEU F 277 -48.84 -69.87 -150.02
C LEU F 277 -47.50 -69.23 -150.31
N ALA F 278 -46.42 -69.75 -149.73
CA ALA F 278 -45.09 -69.18 -149.88
C ALA F 278 -44.26 -69.91 -150.93
N THR F 279 -44.81 -70.95 -151.55
CA THR F 279 -44.12 -71.62 -152.64
C THR F 279 -44.36 -70.89 -153.96
N ASP F 280 -45.56 -70.39 -154.16
CA ASP F 280 -45.92 -69.76 -155.43
C ASP F 280 -45.79 -68.24 -155.40
N MET F 281 -45.54 -67.64 -154.25
CA MET F 281 -45.11 -66.26 -154.25
C MET F 281 -43.62 -66.12 -154.55
N GLY F 282 -42.80 -67.04 -154.04
CA GLY F 282 -41.39 -67.02 -154.38
C GLY F 282 -41.13 -67.40 -155.82
N THR F 283 -42.02 -68.18 -156.42
CA THR F 283 -41.90 -68.49 -157.84
C THR F 283 -42.26 -67.28 -158.69
N MET F 284 -43.18 -66.44 -158.23
CA MET F 284 -43.48 -65.21 -158.96
C MET F 284 -42.45 -64.13 -158.67
N GLN F 285 -42.06 -63.96 -157.41
CA GLN F 285 -41.29 -62.78 -157.05
C GLN F 285 -39.82 -62.89 -157.42
N GLU F 286 -39.32 -64.10 -157.69
CA GLU F 286 -37.95 -64.25 -158.16
C GLU F 286 -37.84 -64.20 -159.68
N ARG F 287 -38.81 -63.61 -160.36
CA ARG F 287 -38.67 -63.21 -161.73
C ARG F 287 -38.59 -61.70 -161.90
N ILE F 288 -38.63 -60.96 -160.81
CA ILE F 288 -38.47 -59.49 -160.86
C ILE F 288 -37.11 -59.21 -160.24
N THR F 289 -36.07 -59.28 -161.06
CA THR F 289 -34.71 -59.10 -160.57
C THR F 289 -33.93 -58.23 -161.54
N THR F 290 -32.86 -57.63 -161.02
CA THR F 290 -31.87 -56.95 -161.82
C THR F 290 -30.78 -57.95 -162.18
N THR F 291 -30.73 -58.36 -163.43
CA THR F 291 -29.79 -59.36 -163.87
C THR F 291 -28.61 -58.68 -164.55
N LYS F 292 -27.78 -59.48 -165.21
CA LYS F 292 -26.57 -59.00 -165.89
C LYS F 292 -26.86 -58.41 -167.27
N LYS F 293 -28.11 -58.07 -167.59
CA LYS F 293 -28.45 -57.49 -168.88
C LYS F 293 -29.19 -56.17 -168.71
N GLY F 294 -30.02 -56.06 -167.68
CA GLY F 294 -30.79 -54.85 -167.47
C GLY F 294 -31.25 -54.73 -166.04
N SER F 295 -31.96 -53.63 -165.77
CA SER F 295 -32.38 -53.29 -164.41
C SER F 295 -33.88 -53.12 -164.35
N ILE F 296 -34.53 -53.97 -163.56
CA ILE F 296 -35.95 -53.83 -163.25
C ILE F 296 -36.07 -53.21 -161.87
N THR F 297 -36.75 -52.08 -161.78
CA THR F 297 -36.92 -51.35 -160.53
C THR F 297 -38.39 -51.42 -160.14
N SER F 298 -38.75 -52.43 -159.34
CA SER F 298 -40.14 -52.68 -159.03
C SER F 298 -40.57 -51.90 -157.79
N VAL F 299 -41.68 -51.17 -157.92
CA VAL F 299 -42.27 -50.41 -156.82
C VAL F 299 -43.65 -50.98 -156.58
N GLN F 300 -43.76 -51.89 -155.62
CA GLN F 300 -45.01 -52.59 -155.34
C GLN F 300 -45.81 -51.82 -154.29
N ALA F 301 -47.04 -52.26 -154.06
CA ALA F 301 -47.95 -51.63 -153.12
C ALA F 301 -48.77 -52.76 -152.49
N ILE F 302 -48.52 -53.01 -151.21
CA ILE F 302 -49.07 -54.19 -150.55
C ILE F 302 -50.12 -53.77 -149.54
N TYR F 303 -51.18 -54.57 -149.44
CA TYR F 303 -52.31 -54.31 -148.57
C TYR F 303 -52.23 -55.15 -147.32
N VAL F 304 -52.50 -54.53 -146.17
CA VAL F 304 -52.49 -55.19 -144.87
C VAL F 304 -53.94 -55.35 -144.42
N PRO F 305 -54.45 -56.57 -144.29
CA PRO F 305 -55.87 -56.75 -143.97
C PRO F 305 -56.13 -56.67 -142.47
N ALA F 306 -57.13 -55.85 -142.12
CA ALA F 306 -57.55 -55.56 -140.74
C ALA F 306 -56.41 -55.03 -139.88
N ASP F 307 -55.47 -54.32 -140.52
CA ASP F 307 -54.34 -53.63 -139.87
C ASP F 307 -53.47 -54.57 -139.05
N ASP F 308 -53.33 -55.81 -139.51
CA ASP F 308 -52.61 -56.86 -138.80
C ASP F 308 -51.37 -57.23 -139.60
N LEU F 309 -50.19 -56.81 -139.12
CA LEU F 309 -48.93 -57.14 -139.79
C LEU F 309 -48.42 -58.53 -139.47
N THR F 310 -49.17 -59.34 -138.72
CA THR F 310 -48.80 -60.72 -138.46
C THR F 310 -49.61 -61.71 -139.29
N ASP F 311 -50.46 -61.21 -140.16
CA ASP F 311 -51.22 -62.05 -141.08
C ASP F 311 -50.24 -62.68 -142.08
N PRO F 312 -50.39 -63.97 -142.40
CA PRO F 312 -49.42 -64.63 -143.30
C PRO F 312 -49.28 -64.02 -144.69
N ALA F 313 -50.23 -63.25 -145.18
CA ALA F 313 -50.02 -62.70 -146.51
C ALA F 313 -49.13 -61.45 -146.54
N PRO F 314 -49.25 -60.46 -145.64
CA PRO F 314 -48.20 -59.43 -145.60
C PRO F 314 -47.03 -59.71 -144.70
N ALA F 315 -46.81 -60.96 -144.27
CA ALA F 315 -45.66 -61.30 -143.46
C ALA F 315 -44.81 -62.39 -144.11
N THR F 316 -45.14 -62.77 -145.34
CA THR F 316 -44.26 -63.61 -146.14
C THR F 316 -43.67 -62.84 -147.32
N THR F 317 -44.14 -61.63 -147.57
CA THR F 317 -43.54 -60.76 -148.55
C THR F 317 -42.47 -59.84 -147.97
N PHE F 318 -42.11 -60.02 -146.70
CA PHE F 318 -41.05 -59.22 -146.11
C PHE F 318 -39.68 -59.75 -146.43
N ALA F 319 -39.59 -61.00 -146.86
CA ALA F 319 -38.33 -61.63 -147.22
C ALA F 319 -37.94 -61.39 -148.67
N HIS F 320 -38.72 -60.58 -149.40
CA HIS F 320 -38.50 -60.38 -150.83
C HIS F 320 -38.20 -58.93 -151.17
N LEU F 321 -37.93 -58.08 -150.18
CA LEU F 321 -37.82 -56.65 -150.44
C LEU F 321 -36.46 -56.13 -150.02
N ASP F 322 -36.09 -54.98 -150.59
CA ASP F 322 -34.91 -54.24 -150.18
C ASP F 322 -35.29 -53.07 -149.27
N ALA F 323 -36.14 -52.18 -149.76
CA ALA F 323 -36.69 -51.14 -148.90
C ALA F 323 -38.05 -51.57 -148.37
N THR F 324 -38.60 -50.76 -147.48
CA THR F 324 -39.88 -51.06 -146.82
C THR F 324 -40.41 -49.75 -146.26
N THR F 325 -41.66 -49.42 -146.56
CA THR F 325 -42.32 -48.22 -146.06
C THR F 325 -43.65 -48.62 -145.45
N VAL F 326 -43.67 -48.81 -144.15
CA VAL F 326 -44.88 -49.25 -143.43
C VAL F 326 -45.69 -48.01 -143.10
N LEU F 327 -46.84 -47.86 -143.73
CA LEU F 327 -47.79 -46.81 -143.40
C LEU F 327 -48.65 -47.24 -142.23
N SER F 328 -49.16 -46.26 -141.48
CA SER F 328 -50.01 -46.56 -140.34
C SER F 328 -51.14 -45.55 -140.28
N ARG F 329 -52.24 -45.95 -139.64
CA ARG F 329 -53.41 -45.07 -139.54
C ARG F 329 -53.33 -44.15 -138.34
N ALA F 330 -52.69 -44.59 -137.26
CA ALA F 330 -52.62 -43.79 -136.03
C ALA F 330 -51.80 -42.52 -136.21
N ILE F 331 -50.87 -42.52 -137.17
CA ILE F 331 -50.20 -41.28 -137.54
C ILE F 331 -51.10 -40.46 -138.46
N ALA F 332 -51.90 -41.12 -139.29
CA ALA F 332 -52.76 -40.41 -140.23
C ALA F 332 -53.96 -39.75 -139.56
N GLU F 333 -54.31 -40.16 -138.35
CA GLU F 333 -55.37 -39.47 -137.62
C GLU F 333 -54.93 -38.09 -137.16
N LEU F 334 -53.64 -37.93 -136.82
CA LEU F 334 -53.15 -36.66 -136.33
C LEU F 334 -52.97 -35.63 -137.44
N GLY F 335 -53.02 -36.06 -138.70
CA GLY F 335 -52.84 -35.16 -139.81
C GLY F 335 -51.44 -35.09 -140.35
N ILE F 336 -50.65 -36.15 -140.21
CA ILE F 336 -49.27 -36.18 -140.69
C ILE F 336 -49.23 -37.00 -141.97
N TYR F 337 -49.17 -36.34 -143.11
CA TYR F 337 -49.19 -36.99 -144.40
C TYR F 337 -47.88 -36.77 -145.14
N PRO F 338 -47.21 -37.81 -145.63
CA PRO F 338 -47.52 -39.25 -145.59
C PRO F 338 -47.31 -39.89 -144.22
N ALA F 339 -48.24 -40.74 -143.83
CA ALA F 339 -48.23 -41.34 -142.49
C ALA F 339 -47.30 -42.53 -142.49
N VAL F 340 -46.00 -42.25 -142.59
CA VAL F 340 -44.97 -43.27 -142.61
C VAL F 340 -44.50 -43.49 -141.19
N ASP F 341 -44.49 -44.75 -140.75
CA ASP F 341 -43.92 -45.10 -139.47
C ASP F 341 -42.41 -44.92 -139.52
N PRO F 342 -41.82 -44.05 -138.70
CA PRO F 342 -40.36 -43.88 -138.77
C PRO F 342 -39.59 -45.03 -138.18
N LEU F 343 -40.14 -45.70 -137.17
CA LEU F 343 -39.38 -46.73 -136.46
C LEU F 343 -39.62 -48.11 -137.04
N ASP F 344 -40.43 -48.20 -138.09
CA ASP F 344 -40.70 -49.49 -138.71
C ASP F 344 -40.22 -49.55 -140.15
N SER F 345 -39.89 -48.41 -140.75
CA SER F 345 -39.34 -48.35 -142.09
C SER F 345 -37.89 -48.80 -142.05
N THR F 346 -37.55 -49.80 -142.86
CA THR F 346 -36.19 -50.31 -142.94
C THR F 346 -35.63 -50.06 -144.32
N SER F 347 -34.34 -50.32 -144.50
CA SER F 347 -33.67 -50.24 -145.79
C SER F 347 -32.44 -51.12 -145.79
N ARG F 348 -31.99 -51.51 -146.97
CA ARG F 348 -30.82 -52.39 -147.07
C ARG F 348 -29.56 -51.57 -147.32
N ILE F 349 -29.67 -50.46 -148.04
CA ILE F 349 -28.48 -49.70 -148.38
C ILE F 349 -28.09 -48.74 -147.26
N MET F 350 -28.86 -48.74 -146.16
CA MET F 350 -28.46 -47.96 -145.00
C MET F 350 -27.25 -48.61 -144.35
N ASP F 351 -26.09 -48.03 -144.62
CA ASP F 351 -24.79 -48.56 -144.31
C ASP F 351 -23.92 -47.32 -144.38
N PRO F 352 -22.94 -47.16 -143.48
CA PRO F 352 -22.12 -45.95 -143.52
C PRO F 352 -21.18 -45.85 -144.71
N ASN F 353 -20.96 -46.95 -145.45
CA ASN F 353 -20.10 -46.88 -146.61
C ASN F 353 -20.78 -46.24 -147.82
N ILE F 354 -22.02 -46.64 -148.10
CA ILE F 354 -22.68 -46.33 -149.38
C ILE F 354 -23.32 -44.96 -149.35
N VAL F 355 -24.04 -44.64 -148.28
CA VAL F 355 -24.72 -43.35 -148.21
C VAL F 355 -23.87 -42.29 -147.51
N GLY F 356 -22.77 -42.67 -146.90
CA GLY F 356 -21.84 -41.75 -146.30
C GLY F 356 -21.80 -41.88 -144.79
N SER F 357 -20.93 -41.08 -144.18
CA SER F 357 -20.79 -41.04 -142.74
C SER F 357 -21.49 -39.83 -142.11
N GLU F 358 -21.98 -38.91 -142.93
CA GLU F 358 -22.75 -37.78 -142.45
C GLU F 358 -24.25 -38.00 -142.60
N HIS F 359 -24.67 -38.67 -143.68
CA HIS F 359 -26.06 -39.08 -143.82
C HIS F 359 -26.42 -40.12 -142.76
N TYR F 360 -25.49 -41.03 -142.46
CA TYR F 360 -25.79 -42.13 -141.56
C TYR F 360 -25.86 -41.67 -140.11
N ASP F 361 -25.23 -40.56 -139.77
CA ASP F 361 -25.19 -40.12 -138.38
C ASP F 361 -26.38 -39.24 -138.01
N VAL F 362 -26.90 -38.46 -138.95
CA VAL F 362 -28.10 -37.67 -138.68
C VAL F 362 -29.34 -38.56 -138.72
N ALA F 363 -29.32 -39.59 -139.55
CA ALA F 363 -30.47 -40.49 -139.67
C ALA F 363 -30.62 -41.40 -138.46
N ARG F 364 -29.53 -41.62 -137.72
CA ARG F 364 -29.62 -42.42 -136.50
C ARG F 364 -29.91 -41.58 -135.28
N GLY F 365 -29.66 -40.28 -135.33
CA GLY F 365 -30.08 -39.41 -134.25
C GLY F 365 -31.57 -39.16 -134.25
N VAL F 366 -32.20 -39.26 -135.42
CA VAL F 366 -33.65 -39.06 -135.50
C VAL F 366 -34.38 -40.26 -134.92
N GLN F 367 -33.91 -41.46 -135.20
CA GLN F 367 -34.50 -42.67 -134.63
C GLN F 367 -34.18 -42.84 -133.15
N LYS F 368 -33.28 -42.05 -132.59
CA LYS F 368 -32.99 -42.12 -131.16
C LYS F 368 -33.89 -41.19 -130.34
N ILE F 369 -34.18 -40.00 -130.85
CA ILE F 369 -35.04 -39.09 -130.10
C ILE F 369 -36.51 -39.44 -130.27
N LEU F 370 -36.85 -40.27 -131.26
CA LEU F 370 -38.23 -40.67 -131.45
C LEU F 370 -38.56 -41.97 -130.74
N GLN F 371 -37.53 -42.69 -130.30
CA GLN F 371 -37.76 -43.90 -129.52
C GLN F 371 -37.87 -43.59 -128.04
N ASP F 372 -37.09 -42.62 -127.54
CA ASP F 372 -37.19 -42.21 -126.15
C ASP F 372 -38.49 -41.48 -125.85
N TYR F 373 -39.05 -40.76 -126.83
CA TYR F 373 -40.38 -40.19 -126.69
C TYR F 373 -41.44 -41.28 -126.64
N LYS F 374 -41.21 -42.41 -127.32
CA LYS F 374 -42.18 -43.49 -127.32
C LYS F 374 -42.19 -44.26 -126.02
N SER F 375 -41.14 -44.16 -125.21
CA SER F 375 -41.12 -44.84 -123.92
C SER F 375 -41.65 -43.98 -122.78
N LEU F 376 -42.00 -42.72 -123.05
CA LEU F 376 -42.58 -41.85 -122.05
C LEU F 376 -44.06 -41.60 -122.24
N GLN F 377 -44.69 -42.22 -123.25
CA GLN F 377 -46.10 -41.98 -123.49
C GLN F 377 -47.00 -42.70 -122.49
N ASP F 378 -46.46 -43.66 -121.75
CA ASP F 378 -47.25 -44.34 -120.74
C ASP F 378 -47.32 -43.54 -119.44
N ILE F 379 -46.49 -42.51 -119.30
CA ILE F 379 -46.42 -41.71 -118.09
C ILE F 379 -47.04 -40.34 -118.30
N ILE F 380 -46.80 -39.72 -119.47
CA ILE F 380 -47.40 -38.44 -119.82
C ILE F 380 -48.93 -38.56 -119.91
N ALA F 381 -49.44 -39.73 -120.31
CA ALA F 381 -50.87 -39.93 -120.38
C ALA F 381 -51.52 -40.06 -119.01
N ILE F 382 -50.78 -40.47 -117.98
CA ILE F 382 -51.37 -40.60 -116.65
C ILE F 382 -51.02 -39.39 -115.80
N LEU F 383 -49.74 -39.18 -115.53
CA LEU F 383 -49.29 -38.14 -114.60
C LEU F 383 -49.07 -36.79 -115.27
N GLY F 384 -49.38 -36.66 -116.55
CA GLY F 384 -49.25 -35.37 -117.19
C GLY F 384 -47.81 -34.99 -117.50
N MET F 385 -47.65 -33.74 -117.94
CA MET F 385 -46.36 -33.20 -118.36
C MET F 385 -45.50 -32.71 -117.21
N ASP F 386 -46.11 -32.29 -116.10
CA ASP F 386 -45.39 -31.66 -115.00
C ASP F 386 -44.71 -32.65 -114.06
N GLU F 387 -44.59 -33.92 -114.44
CA GLU F 387 -43.93 -34.91 -113.62
C GLU F 387 -42.63 -35.42 -114.22
N LEU F 388 -42.20 -34.85 -115.35
CA LEU F 388 -40.97 -35.28 -115.98
C LEU F 388 -39.78 -34.52 -115.37
N SER F 389 -38.60 -34.78 -115.92
CA SER F 389 -37.41 -34.05 -115.53
C SER F 389 -37.36 -32.70 -116.23
N GLU F 390 -36.21 -32.04 -116.15
CA GLU F 390 -36.01 -30.84 -116.94
C GLU F 390 -35.30 -31.15 -118.25
N GLU F 391 -34.44 -32.17 -118.26
CA GLU F 391 -33.83 -32.59 -119.51
C GLU F 391 -34.76 -33.46 -120.34
N ASP F 392 -35.83 -33.99 -119.74
CA ASP F 392 -36.82 -34.78 -120.46
C ASP F 392 -38.05 -33.97 -120.83
N LYS F 393 -38.05 -32.67 -120.54
CA LYS F 393 -38.94 -31.74 -121.21
C LYS F 393 -38.29 -31.14 -122.44
N LEU F 394 -37.17 -31.72 -122.87
CA LEU F 394 -36.51 -31.34 -124.10
C LEU F 394 -36.49 -32.44 -125.15
N THR F 395 -36.51 -33.72 -124.73
CA THR F 395 -36.74 -34.79 -125.68
C THR F 395 -38.16 -34.75 -126.20
N VAL F 396 -39.14 -34.44 -125.34
CA VAL F 396 -40.51 -34.28 -125.78
C VAL F 396 -40.67 -33.05 -126.65
N SER F 397 -40.06 -31.93 -126.24
CA SER F 397 -40.24 -30.68 -126.97
C SER F 397 -39.48 -30.64 -128.29
N ARG F 398 -38.59 -31.61 -128.54
CA ARG F 398 -37.92 -31.71 -129.83
C ARG F 398 -38.46 -32.81 -130.71
N ALA F 399 -38.97 -33.90 -130.13
CA ALA F 399 -39.54 -34.95 -130.96
C ALA F 399 -40.91 -34.54 -131.50
N ARG F 400 -41.56 -33.58 -130.89
CA ARG F 400 -42.83 -33.08 -131.40
C ARG F 400 -42.66 -32.04 -132.49
N LYS F 401 -41.43 -31.77 -132.94
CA LYS F 401 -41.22 -30.99 -134.15
C LYS F 401 -40.60 -31.82 -135.27
N ILE F 402 -39.87 -32.89 -134.94
CA ILE F 402 -39.37 -33.80 -135.95
C ILE F 402 -40.52 -34.63 -136.53
N GLN F 403 -41.49 -35.00 -135.68
CA GLN F 403 -42.71 -35.65 -136.15
C GLN F 403 -43.48 -34.78 -137.13
N ARG F 404 -43.60 -33.48 -136.85
CA ARG F 404 -44.29 -32.59 -137.77
C ARG F 404 -43.42 -32.19 -138.95
N PHE F 405 -42.11 -32.41 -138.87
CA PHE F 405 -41.26 -32.10 -140.00
C PHE F 405 -41.15 -33.29 -140.95
N LEU F 406 -41.70 -34.43 -140.57
CA LEU F 406 -41.84 -35.54 -141.51
C LEU F 406 -43.17 -35.47 -142.25
N SER F 407 -43.85 -34.34 -142.20
CA SER F 407 -45.00 -34.11 -143.06
C SER F 407 -44.58 -33.27 -144.26
N GLN F 408 -45.21 -33.52 -145.40
CA GLN F 408 -44.86 -32.84 -146.64
C GLN F 408 -46.10 -32.74 -147.51
N PRO F 409 -46.32 -31.59 -148.14
CA PRO F 409 -47.44 -31.49 -149.09
C PRO F 409 -47.12 -32.11 -150.44
N PHE F 410 -47.88 -33.12 -150.83
CA PHE F 410 -47.58 -33.85 -152.06
C PHE F 410 -48.03 -33.07 -153.29
N GLN F 411 -47.65 -33.58 -154.46
CA GLN F 411 -47.96 -32.89 -155.70
C GLN F 411 -49.29 -33.36 -156.27
N VAL F 412 -49.65 -34.62 -156.04
CA VAL F 412 -50.91 -35.14 -156.59
C VAL F 412 -52.08 -34.78 -155.67
N ALA F 413 -51.79 -34.36 -154.45
CA ALA F 413 -52.82 -33.95 -153.51
C ALA F 413 -53.06 -32.45 -153.53
N GLU F 414 -52.87 -31.79 -154.68
CA GLU F 414 -53.22 -30.38 -154.81
C GLU F 414 -54.73 -30.20 -154.79
N VAL F 415 -55.48 -31.21 -155.24
CA VAL F 415 -56.93 -31.08 -155.35
C VAL F 415 -57.61 -31.48 -154.04
N PHE F 416 -56.82 -31.87 -153.03
CA PHE F 416 -57.38 -32.14 -151.72
C PHE F 416 -57.46 -30.87 -150.89
N THR F 417 -56.32 -30.23 -150.65
CA THR F 417 -56.25 -29.09 -149.74
C THR F 417 -55.99 -27.77 -150.45
N GLY F 418 -55.52 -27.79 -151.69
CA GLY F 418 -55.24 -26.54 -152.37
C GLY F 418 -53.90 -25.92 -152.03
N HIS F 419 -52.97 -26.73 -151.50
CA HIS F 419 -51.62 -26.29 -151.19
C HIS F 419 -50.70 -26.71 -152.33
N LEU F 420 -49.58 -26.01 -152.46
CA LEU F 420 -48.66 -26.29 -153.55
C LEU F 420 -47.82 -27.53 -153.24
N GLY F 421 -47.54 -28.32 -154.27
CA GLY F 421 -46.68 -29.47 -154.09
C GLY F 421 -45.22 -29.05 -154.04
N LYS F 422 -44.51 -29.53 -153.02
CA LYS F 422 -43.13 -29.14 -152.75
C LYS F 422 -42.23 -30.34 -152.93
N LEU F 423 -41.03 -30.09 -153.47
CA LEU F 423 -40.01 -31.11 -153.64
C LEU F 423 -38.71 -30.59 -153.03
N VAL F 424 -37.99 -31.46 -152.34
CA VAL F 424 -36.75 -31.09 -151.65
C VAL F 424 -35.61 -31.89 -152.26
N PRO F 425 -34.38 -31.39 -152.21
CA PRO F 425 -33.23 -32.22 -152.61
C PRO F 425 -32.71 -33.03 -151.44
N LEU F 426 -31.86 -34.01 -151.74
CA LEU F 426 -31.34 -34.90 -150.70
C LEU F 426 -30.34 -34.19 -149.81
N LYS F 427 -29.64 -33.19 -150.35
CA LYS F 427 -28.63 -32.49 -149.55
C LYS F 427 -29.27 -31.50 -148.58
N GLU F 428 -30.57 -31.23 -148.73
CA GLU F 428 -31.21 -30.23 -147.90
C GLU F 428 -32.11 -30.88 -146.85
N THR F 429 -32.34 -32.19 -146.97
CA THR F 429 -33.01 -32.90 -145.90
C THR F 429 -32.01 -33.50 -144.92
N ILE F 430 -30.72 -33.23 -145.14
CA ILE F 430 -29.73 -33.50 -144.11
C ILE F 430 -29.52 -32.27 -143.25
N LYS F 431 -29.62 -31.09 -143.87
CA LYS F 431 -29.43 -29.85 -143.14
C LYS F 431 -30.62 -29.51 -142.27
N GLY F 432 -31.81 -29.98 -142.63
CA GLY F 432 -32.99 -29.72 -141.83
C GLY F 432 -33.05 -30.49 -140.53
N PHE F 433 -32.42 -31.65 -140.47
CA PHE F 433 -32.44 -32.47 -139.28
C PHE F 433 -31.17 -32.33 -138.45
N GLN F 434 -30.28 -31.41 -138.82
CA GLN F 434 -29.18 -31.02 -137.96
C GLN F 434 -29.51 -29.78 -137.15
N GLN F 435 -30.19 -28.81 -137.76
CA GLN F 435 -30.62 -27.59 -137.08
C GLN F 435 -31.85 -27.79 -136.22
N ILE F 436 -32.30 -29.02 -136.01
CA ILE F 436 -33.31 -29.34 -135.02
C ILE F 436 -32.73 -30.20 -133.90
N LEU F 437 -31.90 -31.19 -134.27
CA LEU F 437 -31.26 -32.04 -133.27
C LEU F 437 -30.20 -31.31 -132.47
N ALA F 438 -29.66 -30.19 -133.00
CA ALA F 438 -28.66 -29.44 -132.24
C ALA F 438 -29.33 -28.49 -131.25
N GLY F 439 -30.43 -27.85 -131.67
CA GLY F 439 -31.12 -26.92 -130.80
C GLY F 439 -31.11 -25.50 -131.34
N GLU F 440 -30.99 -25.36 -132.66
CA GLU F 440 -30.99 -24.04 -133.26
C GLU F 440 -32.37 -23.42 -133.29
N TYR F 441 -33.43 -24.23 -133.25
CA TYR F 441 -34.78 -23.72 -133.45
C TYR F 441 -35.65 -23.98 -132.24
N ASP F 442 -35.14 -23.67 -131.04
CA ASP F 442 -35.86 -23.87 -129.80
C ASP F 442 -36.65 -22.62 -129.38
N HIS F 443 -37.00 -21.77 -130.34
CA HIS F 443 -37.78 -20.57 -130.07
C HIS F 443 -38.95 -20.46 -131.03
N LEU F 444 -39.38 -21.59 -131.59
CA LEU F 444 -40.49 -21.67 -132.52
C LEU F 444 -41.52 -22.67 -132.02
N PRO F 445 -42.80 -22.46 -132.30
CA PRO F 445 -43.81 -23.45 -131.94
C PRO F 445 -43.78 -24.64 -132.89
N GLU F 446 -44.51 -25.70 -132.49
CA GLU F 446 -44.52 -26.92 -133.29
C GLU F 446 -45.33 -26.75 -134.56
N GLN F 447 -46.40 -25.96 -134.53
CA GLN F 447 -47.28 -25.82 -135.68
C GLN F 447 -46.66 -24.99 -136.80
N ALA F 448 -45.55 -24.30 -136.55
CA ALA F 448 -44.83 -23.64 -137.62
C ALA F 448 -44.05 -24.62 -138.47
N PHE F 449 -43.79 -25.83 -137.96
CA PHE F 449 -43.08 -26.88 -138.69
C PHE F 449 -44.03 -27.75 -139.52
N TYR F 450 -45.29 -27.37 -139.64
CA TYR F 450 -46.34 -28.24 -140.15
C TYR F 450 -46.55 -28.00 -141.64
N MET F 451 -46.37 -29.06 -142.44
CA MET F 451 -46.66 -29.09 -143.88
C MET F 451 -45.90 -28.03 -144.66
N VAL F 452 -44.57 -28.14 -144.66
CA VAL F 452 -43.70 -27.27 -145.43
C VAL F 452 -42.69 -28.11 -146.19
N GLY F 453 -41.84 -27.43 -146.95
CA GLY F 453 -40.83 -28.08 -147.74
C GLY F 453 -39.52 -28.16 -146.99
N PRO F 454 -38.54 -27.35 -147.40
CA PRO F 454 -37.27 -27.32 -146.68
C PRO F 454 -37.33 -26.49 -145.40
N ILE F 455 -36.18 -26.32 -144.73
CA ILE F 455 -36.15 -25.70 -143.42
C ILE F 455 -36.34 -24.19 -143.47
N GLU F 456 -36.18 -23.57 -144.63
CA GLU F 456 -36.28 -22.11 -144.72
C GLU F 456 -37.72 -21.62 -144.64
N GLU F 457 -38.69 -22.45 -145.01
CA GLU F 457 -40.09 -22.03 -144.91
C GLU F 457 -40.65 -22.18 -143.50
N ALA F 458 -39.94 -22.88 -142.62
CA ALA F 458 -40.39 -23.01 -141.24
C ALA F 458 -40.24 -21.69 -140.50
N VAL F 459 -39.15 -20.96 -140.75
CA VAL F 459 -38.99 -19.65 -140.14
C VAL F 459 -39.77 -18.58 -140.90
N ALA F 460 -40.18 -18.86 -142.13
CA ALA F 460 -41.06 -17.95 -142.85
C ALA F 460 -42.53 -18.21 -142.56
N LYS F 461 -42.84 -19.13 -141.65
CA LYS F 461 -44.19 -19.38 -141.18
C LYS F 461 -44.40 -18.94 -139.73
N ALA F 462 -43.34 -18.98 -138.92
CA ALA F 462 -43.46 -18.59 -137.52
C ALA F 462 -43.58 -17.08 -137.33
N ASP F 463 -43.24 -16.29 -138.35
CA ASP F 463 -43.45 -14.85 -138.27
C ASP F 463 -44.91 -14.46 -138.48
N LYS F 464 -45.72 -15.36 -139.05
CA LYS F 464 -47.14 -15.07 -139.24
C LYS F 464 -47.89 -15.10 -137.92
N LEU F 465 -47.74 -16.18 -137.16
CA LEU F 465 -48.32 -16.27 -135.81
C LEU F 465 -47.40 -15.56 -134.81
N ALA F 466 -47.40 -14.24 -134.90
CA ALA F 466 -46.56 -13.40 -134.05
C ALA F 466 -47.39 -12.74 -132.96
N SER G 1 -67.69 -54.34 -116.78
CA SER G 1 -67.08 -55.67 -116.70
C SER G 1 -67.01 -56.15 -115.26
N SER G 2 -66.38 -55.36 -114.40
CA SER G 2 -66.06 -55.81 -113.04
C SER G 2 -67.28 -55.89 -112.13
N ASP G 3 -68.42 -55.31 -112.51
CA ASP G 3 -69.60 -55.31 -111.62
C ASP G 3 -70.47 -56.54 -111.86
N THR G 4 -69.81 -57.69 -111.85
CA THR G 4 -70.37 -59.02 -111.97
C THR G 4 -69.24 -60.02 -111.71
N PRO G 5 -69.55 -61.26 -111.30
CA PRO G 5 -68.49 -62.26 -111.16
C PRO G 5 -67.83 -62.64 -112.48
N GLU G 6 -68.50 -62.45 -113.62
CA GLU G 6 -67.99 -62.92 -114.90
C GLU G 6 -66.80 -62.10 -115.39
N GLY G 7 -66.90 -60.77 -115.28
CA GLY G 7 -65.94 -59.90 -115.91
C GLY G 7 -64.58 -59.89 -115.23
N VAL G 8 -63.62 -59.28 -115.91
CA VAL G 8 -62.24 -59.27 -115.45
C VAL G 8 -62.09 -58.29 -114.28
N ARG G 9 -61.41 -58.73 -113.23
CA ARG G 9 -61.13 -57.89 -112.08
C ARG G 9 -59.64 -58.00 -111.75
N SER G 10 -59.09 -56.91 -111.25
CA SER G 10 -57.66 -56.81 -111.00
C SER G 10 -57.34 -57.15 -109.55
N GLY G 11 -56.22 -57.84 -109.36
CA GLY G 11 -55.76 -58.25 -108.05
C GLY G 11 -54.65 -57.36 -107.53
N ALA G 12 -54.02 -57.84 -106.46
CA ALA G 12 -52.93 -57.12 -105.82
C ALA G 12 -51.60 -57.58 -106.39
N GLY G 13 -50.80 -56.61 -106.83
CA GLY G 13 -49.51 -56.91 -107.41
C GLY G 13 -49.59 -57.02 -108.91
N ALA G 14 -50.27 -56.08 -109.55
CA ALA G 14 -50.50 -56.12 -110.99
C ALA G 14 -49.75 -55.02 -111.73
N VAL G 15 -49.13 -54.09 -111.02
CA VAL G 15 -48.28 -53.10 -111.68
C VAL G 15 -46.90 -53.66 -111.99
N ARG G 16 -46.36 -54.51 -111.13
CA ARG G 16 -45.06 -55.12 -111.37
C ARG G 16 -45.10 -56.28 -112.35
N ASP G 17 -46.20 -57.03 -112.39
CA ASP G 17 -46.31 -58.14 -113.33
C ASP G 17 -46.52 -57.67 -114.76
N ALA G 18 -47.04 -56.46 -114.96
CA ALA G 18 -47.17 -55.92 -116.30
C ALA G 18 -45.81 -55.63 -116.91
N GLY G 19 -44.92 -55.01 -116.14
CA GLY G 19 -43.58 -54.71 -116.62
C GLY G 19 -43.54 -53.62 -117.67
N GLY G 20 -44.10 -52.45 -117.38
CA GLY G 20 -44.14 -51.36 -118.31
C GLY G 20 -43.30 -50.18 -117.87
N ALA G 21 -43.92 -49.01 -117.88
CA ALA G 21 -43.23 -47.81 -117.41
C ALA G 21 -43.34 -47.67 -115.91
N PHE G 22 -44.54 -47.88 -115.35
CA PHE G 22 -44.71 -47.79 -113.90
C PHE G 22 -44.12 -49.00 -113.20
N GLY G 23 -43.97 -50.12 -113.92
CA GLY G 23 -43.36 -51.29 -113.31
C GLY G 23 -41.85 -51.18 -113.24
N LYS G 24 -41.26 -50.33 -114.09
CA LYS G 24 -39.82 -50.10 -114.02
C LYS G 24 -39.50 -48.90 -113.14
N LYS G 25 -40.45 -47.97 -113.03
CA LYS G 25 -40.25 -46.80 -112.17
C LYS G 25 -40.36 -47.18 -110.70
N GLU G 26 -40.95 -48.34 -110.41
CA GLU G 26 -41.08 -48.78 -109.02
C GLU G 26 -39.86 -49.56 -108.56
N GLN G 27 -39.20 -50.26 -109.48
CA GLN G 27 -38.05 -51.06 -109.07
C GLN G 27 -36.82 -50.21 -108.86
N ALA G 28 -36.70 -49.12 -109.61
CA ALA G 28 -35.52 -48.26 -109.49
C ALA G 28 -35.74 -47.20 -108.40
N ASP G 29 -36.90 -47.20 -107.76
CA ASP G 29 -37.11 -46.29 -106.64
C ASP G 29 -36.98 -47.02 -105.31
N GLU G 30 -37.22 -48.34 -105.30
CA GLU G 30 -36.95 -49.14 -104.12
C GLU G 30 -35.46 -49.41 -103.97
N GLU G 31 -34.69 -49.23 -105.05
CA GLU G 31 -33.26 -49.52 -104.98
C GLU G 31 -32.46 -48.25 -104.70
N ARG G 32 -32.87 -47.12 -105.28
CA ARG G 32 -32.15 -45.88 -105.05
C ARG G 32 -32.46 -45.29 -103.69
N TYR G 33 -33.48 -45.81 -103.00
CA TYR G 33 -33.74 -45.39 -101.63
C TYR G 33 -33.06 -46.31 -100.64
N PHE G 34 -33.07 -47.62 -100.89
CA PHE G 34 -32.43 -48.54 -99.96
C PHE G 34 -30.96 -48.74 -100.29
N ARG G 35 -30.41 -47.90 -101.15
CA ARG G 35 -28.96 -47.83 -101.31
C ARG G 35 -28.36 -46.88 -100.28
N ALA G 36 -29.07 -45.81 -99.97
CA ALA G 36 -28.60 -44.87 -98.95
C ALA G 36 -28.73 -45.46 -97.55
N ARG G 37 -29.63 -46.42 -97.37
CA ARG G 37 -29.77 -47.06 -96.06
C ARG G 37 -28.75 -48.17 -95.87
N ALA G 38 -28.04 -48.53 -96.94
CA ALA G 38 -26.86 -49.38 -96.77
C ALA G 38 -25.63 -48.54 -96.54
N ARG G 39 -25.78 -47.20 -96.59
CA ARG G 39 -24.69 -46.31 -96.24
C ARG G 39 -24.74 -45.93 -94.76
N GLU G 40 -25.91 -45.50 -94.30
CA GLU G 40 -26.02 -45.01 -92.94
C GLU G 40 -25.98 -46.15 -91.92
N GLN G 41 -26.38 -47.36 -92.34
CA GLN G 41 -26.32 -48.49 -91.41
C GLN G 41 -24.96 -49.15 -91.43
N LEU G 42 -24.14 -48.83 -92.43
CA LEU G 42 -22.80 -49.40 -92.48
C LEU G 42 -21.77 -48.43 -91.92
N ALA G 43 -22.02 -47.13 -92.03
CA ALA G 43 -21.12 -46.14 -91.45
C ALA G 43 -21.22 -46.13 -89.94
N ALA G 44 -22.43 -46.36 -89.41
CA ALA G 44 -22.61 -46.39 -87.96
C ALA G 44 -22.27 -47.76 -87.40
N LEU G 45 -22.02 -48.74 -88.26
CA LEU G 45 -21.63 -50.06 -87.79
C LEU G 45 -20.12 -50.12 -87.55
N LYS G 46 -19.39 -49.13 -88.08
CA LYS G 46 -17.96 -49.00 -87.81
C LYS G 46 -17.70 -48.34 -86.46
N LYS G 47 -18.75 -47.87 -85.78
CA LYS G 47 -18.56 -47.19 -84.50
C LYS G 47 -18.59 -48.15 -83.33
N HIS G 48 -18.16 -49.40 -83.53
CA HIS G 48 -17.95 -50.31 -82.41
C HIS G 48 -16.58 -50.05 -81.79
N HIS G 49 -16.57 -49.81 -80.47
CA HIS G 49 -15.37 -49.31 -79.81
C HIS G 49 -14.31 -50.39 -79.66
N GLU G 50 -14.74 -51.64 -79.51
CA GLU G 50 -13.84 -52.78 -79.35
C GLU G 50 -13.02 -53.02 -80.62
N ASN G 51 -13.61 -52.72 -81.78
CA ASN G 51 -12.86 -52.82 -83.03
C ASN G 51 -11.79 -51.73 -83.11
N GLU G 52 -12.08 -50.55 -82.55
CA GLU G 52 -11.13 -49.45 -82.61
C GLU G 52 -9.93 -49.70 -81.72
N ILE G 53 -10.13 -50.41 -80.60
CA ILE G 53 -9.02 -50.79 -79.74
C ILE G 53 -8.15 -51.82 -80.45
N SER G 54 -8.81 -52.82 -80.99
CA SER G 54 -8.08 -53.85 -81.69
C SER G 54 -7.22 -53.14 -82.75
N HIS G 55 -7.79 -52.10 -83.36
CA HIS G 55 -7.10 -51.31 -84.37
C HIS G 55 -6.14 -50.30 -83.77
N HIS G 56 -6.28 -50.06 -82.47
CA HIS G 56 -5.33 -49.21 -81.73
C HIS G 56 -4.02 -50.01 -81.61
N VAL G 57 -4.15 -51.33 -81.46
CA VAL G 57 -3.04 -52.25 -81.39
C VAL G 57 -2.49 -52.71 -82.75
N LYS G 58 -3.31 -53.19 -83.70
CA LYS G 58 -2.63 -53.69 -84.88
C LYS G 58 -1.60 -52.68 -85.35
N GLU G 59 -2.00 -51.42 -85.35
CA GLU G 59 -1.17 -50.32 -85.77
C GLU G 59 0.07 -50.25 -84.86
N ILE G 60 -0.15 -50.34 -83.56
CA ILE G 60 0.92 -50.30 -82.60
C ILE G 60 1.96 -51.38 -82.90
N GLU G 61 1.49 -52.60 -83.16
CA GLU G 61 2.38 -53.72 -83.45
C GLU G 61 3.20 -53.42 -84.70
N ARG G 62 2.53 -52.88 -85.69
CA ARG G 62 3.19 -52.56 -86.95
C ARG G 62 4.30 -51.55 -86.68
N LEU G 63 3.99 -50.51 -85.92
CA LEU G 63 4.96 -49.48 -85.60
C LEU G 63 6.11 -50.04 -84.76
N GLN G 64 5.82 -50.98 -83.86
CA GLN G 64 6.89 -51.53 -83.05
C GLN G 64 7.84 -52.36 -83.89
N LYS G 65 7.35 -52.92 -84.98
CA LYS G 65 8.24 -53.70 -85.82
C LYS G 65 9.16 -52.76 -86.58
N GLU G 66 8.66 -51.60 -86.96
CA GLU G 66 9.47 -50.62 -87.67
C GLU G 66 10.60 -50.18 -86.73
N ILE G 67 10.23 -49.94 -85.48
CA ILE G 67 11.20 -49.51 -84.50
C ILE G 67 12.26 -50.60 -84.36
N GLU G 68 11.82 -51.85 -84.34
CA GLU G 68 12.75 -52.98 -84.22
C GLU G 68 13.74 -52.92 -85.39
N ARG G 69 13.24 -52.65 -86.60
CA ARG G 69 14.11 -52.56 -87.75
C ARG G 69 15.18 -51.49 -87.51
N HIS G 70 14.73 -50.30 -87.12
CA HIS G 70 15.65 -49.21 -86.86
C HIS G 70 16.67 -49.56 -85.80
N LYS G 71 16.21 -50.17 -84.71
CA LYS G 71 17.13 -50.56 -83.66
C LYS G 71 18.21 -51.52 -84.17
N GLN G 72 17.84 -52.39 -85.11
CA GLN G 72 18.81 -53.34 -85.67
C GLN G 72 19.78 -52.58 -86.57
N SER G 73 19.25 -51.62 -87.32
CA SER G 73 20.08 -50.82 -88.17
C SER G 73 21.17 -50.12 -87.34
N ILE G 74 20.78 -49.53 -86.22
CA ILE G 74 21.70 -48.86 -85.34
C ILE G 74 22.78 -49.83 -84.88
N LYS G 75 22.35 -50.97 -84.34
CA LYS G 75 23.24 -52.04 -83.86
C LYS G 75 24.32 -52.35 -84.90
N LYS G 76 23.89 -52.49 -86.15
CA LYS G 76 24.82 -52.74 -87.23
C LYS G 76 25.81 -51.56 -87.33
N LEU G 77 25.30 -50.38 -87.63
CA LEU G 77 26.11 -49.19 -87.76
C LEU G 77 27.10 -49.01 -86.61
N LYS G 78 26.66 -49.31 -85.39
CA LYS G 78 27.59 -49.18 -84.27
C LYS G 78 28.71 -50.20 -84.31
N ALA H 1 -50.37 -57.39 -127.28
CA ALA H 1 -50.79 -57.94 -128.56
C ALA H 1 -51.61 -59.22 -128.36
N THR H 2 -50.96 -60.25 -127.82
CA THR H 2 -51.66 -61.48 -127.54
C THR H 2 -52.68 -61.27 -126.42
N LEU H 3 -53.42 -62.34 -126.11
CA LEU H 3 -54.45 -62.24 -125.07
C LEU H 3 -53.82 -62.13 -123.68
N LYS H 4 -52.65 -62.72 -123.49
CA LYS H 4 -51.97 -62.61 -122.20
C LYS H 4 -51.37 -61.23 -122.02
N ASP H 5 -51.12 -60.52 -123.12
CA ASP H 5 -50.51 -59.19 -123.02
C ASP H 5 -51.58 -58.13 -122.77
N ILE H 6 -52.78 -58.33 -123.33
CA ILE H 6 -53.86 -57.37 -123.16
C ILE H 6 -54.38 -57.39 -121.73
N THR H 7 -54.53 -58.59 -121.15
CA THR H 7 -55.12 -58.72 -119.81
C THR H 7 -54.22 -58.12 -118.74
N ARG H 8 -52.90 -58.30 -118.88
CA ARG H 8 -51.97 -57.83 -117.86
C ARG H 8 -51.85 -56.32 -117.87
N ARG H 9 -51.91 -55.70 -119.04
CA ARG H 9 -51.87 -54.24 -119.10
C ARG H 9 -53.20 -53.65 -118.65
N LEU H 10 -54.30 -54.40 -118.82
CA LEU H 10 -55.60 -53.88 -118.42
C LEU H 10 -55.76 -53.86 -116.92
N LYS H 11 -55.25 -54.89 -116.22
CA LYS H 11 -55.35 -54.94 -114.78
C LYS H 11 -54.49 -53.88 -114.10
N SER H 12 -53.40 -53.47 -114.76
CA SER H 12 -52.47 -52.54 -114.12
C SER H 12 -53.00 -51.12 -114.11
N ILE H 13 -53.93 -50.80 -115.01
CA ILE H 13 -54.52 -49.46 -115.00
C ILE H 13 -55.84 -49.48 -114.23
N LYS H 14 -56.19 -50.63 -113.67
CA LYS H 14 -57.25 -50.64 -112.67
C LYS H 14 -56.72 -50.22 -111.31
N ASN H 15 -55.51 -50.69 -110.96
CA ASN H 15 -54.93 -50.34 -109.67
C ASN H 15 -54.48 -48.89 -109.63
N ILE H 16 -53.98 -48.37 -110.75
CA ILE H 16 -53.57 -46.96 -110.81
C ILE H 16 -54.81 -46.07 -110.76
N GLN H 17 -55.93 -46.55 -111.30
CA GLN H 17 -57.15 -45.76 -111.25
C GLN H 17 -57.78 -45.76 -109.87
N LYS H 18 -57.72 -46.89 -109.17
CA LYS H 18 -58.35 -46.98 -107.85
C LYS H 18 -57.55 -46.22 -106.80
N ILE H 19 -56.24 -46.10 -107.00
CA ILE H 19 -55.38 -45.45 -106.02
C ILE H 19 -55.48 -43.94 -106.13
N THR H 20 -55.63 -43.43 -107.35
CA THR H 20 -55.76 -41.99 -107.53
C THR H 20 -57.17 -41.51 -107.17
N LYS H 21 -58.13 -42.42 -107.06
CA LYS H 21 -59.41 -42.06 -106.47
C LYS H 21 -59.31 -41.97 -104.96
N SER H 22 -58.55 -42.90 -104.36
CA SER H 22 -58.32 -42.87 -102.93
C SER H 22 -57.47 -41.69 -102.52
N MET H 23 -56.55 -41.26 -103.38
CA MET H 23 -55.69 -40.13 -103.05
C MET H 23 -56.32 -38.81 -103.49
N LYS H 24 -57.58 -38.85 -103.94
CA LYS H 24 -58.30 -37.60 -104.14
C LYS H 24 -59.12 -37.26 -102.92
N MET H 25 -59.72 -38.26 -102.28
CA MET H 25 -60.54 -38.00 -101.10
C MET H 25 -59.68 -37.73 -99.87
N VAL H 26 -58.45 -38.25 -99.87
CA VAL H 26 -57.54 -37.98 -98.76
C VAL H 26 -57.06 -36.54 -98.79
N ALA H 27 -56.65 -36.06 -99.97
CA ALA H 27 -56.07 -34.72 -100.06
C ALA H 27 -57.15 -33.67 -100.27
N ALA H 28 -58.42 -34.06 -100.21
CA ALA H 28 -59.49 -33.07 -100.20
C ALA H 28 -59.99 -32.81 -98.78
N ALA H 29 -59.84 -33.81 -97.91
CA ALA H 29 -60.15 -33.60 -96.50
C ALA H 29 -59.02 -32.88 -95.79
N LYS H 30 -57.82 -32.92 -96.37
CA LYS H 30 -56.73 -32.06 -95.91
C LYS H 30 -56.90 -30.64 -96.42
N TYR H 31 -57.76 -30.45 -97.41
CA TYR H 31 -57.97 -29.10 -97.93
C TYR H 31 -58.99 -28.34 -97.13
N ALA H 32 -60.04 -29.03 -96.67
CA ALA H 32 -61.09 -28.36 -95.90
C ALA H 32 -60.59 -27.95 -94.53
N ARG H 33 -59.64 -28.71 -93.98
CA ARG H 33 -59.02 -28.31 -92.72
C ARG H 33 -58.16 -27.07 -92.90
N ALA H 34 -57.44 -26.98 -94.02
CA ALA H 34 -56.53 -25.86 -94.23
C ALA H 34 -57.28 -24.61 -94.68
N GLU H 35 -58.57 -24.74 -94.98
CA GLU H 35 -59.36 -23.55 -95.30
C GLU H 35 -59.95 -22.94 -94.04
N ARG H 36 -60.27 -23.77 -93.04
CA ARG H 36 -60.80 -23.24 -91.79
C ARG H 36 -59.69 -22.59 -90.96
N ASP H 37 -58.49 -23.16 -91.00
CA ASP H 37 -57.42 -22.67 -90.13
C ASP H 37 -56.72 -21.46 -90.73
N LEU H 38 -57.14 -21.02 -91.91
CA LEU H 38 -56.49 -19.89 -92.56
C LEU H 38 -57.09 -18.57 -92.08
N LYS H 39 -58.39 -18.55 -91.83
CA LYS H 39 -59.07 -17.29 -91.50
C LYS H 39 -58.68 -16.69 -90.14
N PRO H 40 -58.41 -17.46 -89.08
CA PRO H 40 -57.72 -16.83 -87.94
C PRO H 40 -56.29 -16.44 -88.25
N ALA H 41 -55.60 -17.18 -89.11
CA ALA H 41 -54.23 -16.85 -89.45
C ALA H 41 -54.15 -15.84 -90.59
N ARG H 42 -55.29 -15.33 -91.05
CA ARG H 42 -55.27 -14.31 -92.09
C ARG H 42 -55.14 -12.92 -91.49
N VAL H 43 -56.01 -12.59 -90.53
CA VAL H 43 -56.02 -11.26 -89.93
C VAL H 43 -54.79 -11.05 -89.06
N TYR H 44 -54.37 -12.11 -88.36
CA TYR H 44 -53.10 -12.09 -87.63
C TYR H 44 -51.93 -11.96 -88.60
N GLY H 45 -52.08 -12.48 -89.81
CA GLY H 45 -51.08 -12.25 -90.84
C GLY H 45 -51.19 -10.89 -91.47
N ILE H 46 -52.42 -10.38 -91.61
CA ILE H 46 -52.63 -9.06 -92.19
C ILE H 46 -52.19 -7.97 -91.21
N GLY H 47 -52.47 -8.18 -89.92
CA GLY H 47 -52.19 -7.15 -88.92
C GLY H 47 -50.71 -6.96 -88.67
N SER H 48 -49.92 -8.04 -88.79
CA SER H 48 -48.48 -7.91 -88.61
C SER H 48 -47.84 -7.25 -89.82
N LEU H 49 -48.49 -7.33 -90.97
CA LEU H 49 -47.97 -6.65 -92.15
C LEU H 49 -48.40 -5.19 -92.16
N ALA H 50 -49.41 -4.84 -91.36
CA ALA H 50 -50.17 -3.61 -91.58
C ALA H 50 -49.41 -2.37 -91.14
N LEU H 51 -48.29 -2.53 -90.44
CA LEU H 51 -47.51 -1.38 -90.02
C LEU H 51 -46.77 -0.76 -91.20
N TYR H 52 -46.32 -1.59 -92.13
CA TYR H 52 -45.43 -1.11 -93.18
C TYR H 52 -46.17 -0.38 -94.29
N GLU H 53 -47.47 -0.64 -94.45
CA GLU H 53 -48.23 0.10 -95.47
C GLU H 53 -48.54 1.51 -95.01
N LYS H 54 -48.64 1.74 -93.70
CA LYS H 54 -48.90 3.08 -93.18
C LYS H 54 -47.57 3.77 -92.86
N ALA H 55 -46.65 3.68 -93.83
CA ALA H 55 -45.31 4.25 -93.79
C ALA H 55 -44.68 4.11 -95.18
N ASP H 56 -44.06 5.17 -95.70
CA ASP H 56 -43.38 5.08 -96.99
C ASP H 56 -41.98 4.51 -96.77
N ILE H 57 -41.87 3.19 -96.86
CA ILE H 57 -40.61 2.49 -96.62
C ILE H 57 -40.21 1.79 -97.92
N LYS H 58 -38.93 1.95 -98.29
CA LYS H 58 -38.34 1.27 -99.44
C LYS H 58 -36.84 1.25 -99.23
N VAL H 59 -36.18 0.19 -99.70
CA VAL H 59 -34.73 0.07 -99.64
C VAL H 59 -34.11 0.98 -100.70
N PRO H 60 -33.57 2.16 -100.30
CA PRO H 60 -33.46 3.31 -101.22
C PRO H 60 -32.61 3.17 -102.48
N GLU H 61 -31.30 2.97 -102.34
CA GLU H 61 -30.41 3.02 -103.50
C GLU H 61 -29.63 1.74 -103.73
N ASP H 62 -28.89 1.24 -102.74
CA ASP H 62 -28.03 0.07 -102.93
C ASP H 62 -27.63 -0.46 -101.57
N LYS H 63 -27.74 -1.78 -101.38
CA LYS H 63 -27.29 -2.43 -100.17
C LYS H 63 -26.49 -3.67 -100.55
N LYS H 64 -25.61 -4.10 -99.64
CA LYS H 64 -24.50 -4.95 -100.04
C LYS H 64 -24.88 -6.44 -100.06
N LYS H 65 -25.82 -6.85 -99.23
CA LYS H 65 -26.20 -8.26 -99.11
C LYS H 65 -27.68 -8.42 -99.40
N HIS H 66 -28.16 -9.66 -99.38
CA HIS H 66 -29.53 -9.98 -99.74
C HIS H 66 -29.93 -11.35 -99.20
N LEU H 67 -31.23 -11.56 -99.02
CA LEU H 67 -31.79 -12.88 -98.79
C LEU H 67 -33.03 -13.10 -99.65
N ILE H 68 -33.10 -14.28 -100.27
CA ILE H 68 -34.32 -14.78 -100.87
C ILE H 68 -34.72 -16.02 -100.07
N ILE H 69 -35.98 -16.05 -99.63
CA ILE H 69 -36.52 -17.19 -98.90
C ILE H 69 -37.51 -17.91 -99.81
N GLY H 70 -37.15 -19.10 -100.26
CA GLY H 70 -38.00 -19.90 -101.13
C GLY H 70 -38.86 -20.82 -100.30
N VAL H 71 -40.18 -20.69 -100.48
CA VAL H 71 -41.16 -21.40 -99.67
C VAL H 71 -41.88 -22.42 -100.55
N SER H 72 -41.72 -23.70 -100.22
CA SER H 72 -42.43 -24.79 -100.89
C SER H 72 -42.57 -25.95 -99.91
N SER H 73 -42.92 -27.11 -100.44
CA SER H 73 -43.22 -28.30 -99.64
C SER H 73 -42.10 -29.32 -99.78
N ASP H 74 -42.31 -30.48 -99.16
CA ASP H 74 -41.45 -31.65 -99.32
C ASP H 74 -42.16 -32.77 -100.06
N ARG H 75 -43.15 -32.43 -100.88
CA ARG H 75 -44.01 -33.40 -101.54
C ARG H 75 -44.14 -33.04 -103.01
N GLY H 76 -44.46 -34.03 -103.83
CA GLY H 76 -44.72 -33.83 -105.24
C GLY H 76 -46.19 -33.90 -105.56
N LEU H 77 -46.49 -34.35 -106.78
CA LEU H 77 -47.83 -34.64 -107.29
C LEU H 77 -48.75 -33.43 -107.27
N CYS H 78 -48.19 -32.22 -107.29
CA CYS H 78 -48.96 -31.00 -107.12
C CYS H 78 -48.91 -30.08 -108.33
N GLY H 79 -48.50 -30.59 -109.48
CA GLY H 79 -48.57 -29.79 -110.69
C GLY H 79 -47.44 -28.79 -110.78
N ALA H 80 -47.77 -27.54 -111.06
CA ALA H 80 -46.80 -26.49 -111.31
C ALA H 80 -46.60 -25.56 -110.12
N ILE H 81 -46.68 -26.06 -108.89
CA ILE H 81 -46.48 -25.21 -107.72
C ILE H 81 -44.99 -24.93 -107.54
N HIS H 82 -44.17 -25.98 -107.54
CA HIS H 82 -42.75 -25.82 -107.27
C HIS H 82 -42.03 -25.20 -108.46
N SER H 83 -42.57 -25.39 -109.67
CA SER H 83 -41.91 -24.87 -110.86
C SER H 83 -42.10 -23.37 -110.99
N SER H 84 -43.17 -22.84 -110.42
CA SER H 84 -43.44 -21.41 -110.53
C SER H 84 -42.53 -20.61 -109.62
N VAL H 85 -42.34 -21.07 -108.39
CA VAL H 85 -41.52 -20.34 -107.43
C VAL H 85 -40.04 -20.52 -107.74
N ALA H 86 -39.68 -21.62 -108.41
CA ALA H 86 -38.31 -21.78 -108.88
C ALA H 86 -38.06 -20.89 -110.10
N LYS H 87 -39.13 -20.51 -110.79
CA LYS H 87 -39.00 -19.61 -111.92
C LYS H 87 -38.87 -18.16 -111.45
N GLN H 88 -39.51 -17.83 -110.32
CA GLN H 88 -39.47 -16.45 -109.83
C GLN H 88 -38.17 -16.16 -109.10
N ILE H 89 -37.56 -17.18 -108.50
CA ILE H 89 -36.32 -16.96 -107.77
C ILE H 89 -35.15 -16.75 -108.73
N LYS H 90 -35.22 -17.37 -109.91
CA LYS H 90 -34.13 -17.20 -110.87
C LYS H 90 -34.25 -15.88 -111.61
N SER H 91 -35.45 -15.32 -111.66
CA SER H 91 -35.64 -14.03 -112.32
C SER H 91 -35.09 -12.90 -111.49
N GLU H 92 -35.20 -13.00 -110.17
CA GLU H 92 -34.80 -11.89 -109.30
C GLU H 92 -33.30 -11.86 -109.08
N VAL H 93 -32.67 -13.05 -108.97
CA VAL H 93 -31.23 -13.12 -108.73
C VAL H 93 -30.46 -12.64 -109.97
N ALA H 94 -30.96 -12.95 -111.16
CA ALA H 94 -30.31 -12.51 -112.38
C ALA H 94 -30.51 -11.01 -112.62
N ASN H 95 -31.50 -10.42 -111.95
CA ASN H 95 -31.72 -8.98 -112.10
C ASN H 95 -30.94 -8.17 -111.07
N LEU H 96 -30.77 -8.72 -109.86
CA LEU H 96 -30.08 -7.95 -108.82
C LEU H 96 -28.57 -8.01 -108.99
N THR H 97 -28.07 -9.00 -109.75
CA THR H 97 -26.64 -9.12 -109.97
C THR H 97 -26.13 -8.05 -110.93
N ALA H 98 -27.04 -7.37 -111.62
CA ALA H 98 -26.66 -6.22 -112.44
C ALA H 98 -26.26 -5.03 -111.57
N ALA H 99 -26.76 -4.99 -110.33
CA ALA H 99 -26.38 -3.94 -109.39
C ALA H 99 -25.22 -4.33 -108.48
N GLY H 100 -24.62 -5.50 -108.68
CA GLY H 100 -23.45 -5.88 -107.93
C GLY H 100 -23.70 -6.34 -106.51
N LYS H 101 -24.93 -6.70 -106.16
CA LYS H 101 -25.22 -7.15 -104.82
C LYS H 101 -24.94 -8.65 -104.68
N GLU H 102 -24.40 -9.02 -103.53
CA GLU H 102 -24.16 -10.42 -103.17
C GLU H 102 -25.45 -10.98 -102.61
N VAL H 103 -25.86 -12.14 -103.13
CA VAL H 103 -27.14 -12.74 -102.78
C VAL H 103 -26.91 -14.12 -102.17
N LYS H 104 -27.57 -14.38 -101.05
CA LYS H 104 -27.59 -15.67 -100.38
C LYS H 104 -29.05 -16.09 -100.28
N ILE H 105 -29.36 -17.33 -100.64
CA ILE H 105 -30.75 -17.78 -100.66
C ILE H 105 -30.90 -18.93 -99.66
N VAL H 106 -32.14 -19.16 -99.22
CA VAL H 106 -32.46 -20.19 -98.24
C VAL H 106 -33.79 -20.83 -98.64
N GLY H 107 -33.83 -22.17 -98.65
CA GLY H 107 -35.02 -22.89 -99.01
C GLY H 107 -35.58 -23.65 -97.83
N VAL H 108 -36.88 -23.51 -97.61
CA VAL H 108 -37.53 -24.15 -96.48
C VAL H 108 -38.23 -25.43 -96.94
N GLY H 109 -37.87 -25.92 -98.12
CA GLY H 109 -38.38 -27.19 -98.59
C GLY H 109 -37.32 -28.04 -99.24
N ASP H 110 -37.58 -29.33 -99.40
CA ASP H 110 -36.67 -30.25 -100.07
C ASP H 110 -36.63 -29.91 -101.55
N LYS H 111 -37.80 -29.72 -102.16
CA LYS H 111 -37.86 -29.69 -103.63
C LYS H 111 -37.44 -28.34 -104.18
N ILE H 112 -37.21 -27.36 -103.30
CA ILE H 112 -36.50 -26.15 -103.71
C ILE H 112 -35.01 -26.43 -103.81
N ARG H 113 -34.47 -27.15 -102.83
CA ARG H 113 -33.04 -27.46 -102.81
C ARG H 113 -32.68 -28.47 -103.89
N GLY H 114 -33.60 -29.38 -104.19
CA GLY H 114 -33.30 -30.42 -105.18
C GLY H 114 -33.26 -29.88 -106.60
N ILE H 115 -34.09 -28.88 -106.88
CA ILE H 115 -34.06 -28.25 -108.19
C ILE H 115 -32.82 -27.39 -108.35
N LEU H 116 -32.54 -26.54 -107.36
CA LEU H 116 -31.43 -25.60 -107.42
C LEU H 116 -30.10 -26.20 -106.98
N HIS H 117 -29.98 -27.52 -106.95
CA HIS H 117 -28.74 -28.16 -106.52
C HIS H 117 -27.63 -28.05 -107.56
N ARG H 118 -27.97 -27.73 -108.80
CA ARG H 118 -27.01 -27.69 -109.89
C ARG H 118 -26.45 -26.29 -110.13
N THR H 119 -27.33 -25.32 -110.37
CA THR H 119 -26.92 -23.98 -110.76
C THR H 119 -26.45 -23.13 -109.58
N HIS H 120 -27.07 -23.31 -108.41
CA HIS H 120 -26.81 -22.45 -107.26
C HIS H 120 -26.51 -23.25 -105.99
N SER H 121 -25.60 -24.21 -106.07
CA SER H 121 -25.24 -25.02 -104.91
C SER H 121 -24.34 -24.28 -103.92
N ASP H 122 -23.75 -23.15 -104.32
CA ASP H 122 -22.85 -22.41 -103.44
C ASP H 122 -23.46 -21.12 -102.90
N GLN H 123 -24.72 -20.83 -103.20
CA GLN H 123 -25.40 -19.65 -102.68
C GLN H 123 -26.47 -20.00 -101.65
N PHE H 124 -26.45 -21.23 -101.13
CA PHE H 124 -27.37 -21.65 -100.09
C PHE H 124 -26.84 -21.21 -98.73
N LEU H 125 -27.76 -20.83 -97.84
CA LEU H 125 -27.35 -20.60 -96.45
C LEU H 125 -27.62 -21.83 -95.60
N VAL H 126 -28.90 -22.16 -95.40
CA VAL H 126 -29.34 -23.34 -94.65
C VAL H 126 -30.48 -23.89 -95.49
N THR H 127 -30.87 -25.14 -95.27
CA THR H 127 -32.06 -25.71 -95.91
C THR H 127 -32.86 -26.42 -94.84
N PHE H 128 -34.19 -26.28 -94.90
CA PHE H 128 -35.07 -26.84 -93.88
C PHE H 128 -35.94 -27.92 -94.50
N LYS H 129 -35.75 -29.17 -94.09
CA LYS H 129 -36.54 -30.26 -94.62
C LYS H 129 -37.58 -30.72 -93.59
N GLU H 130 -38.32 -31.77 -93.95
CA GLU H 130 -39.48 -32.30 -93.23
C GLU H 130 -40.54 -31.22 -93.00
N VAL H 131 -41.01 -30.66 -94.10
CA VAL H 131 -41.99 -29.57 -94.09
C VAL H 131 -43.15 -29.97 -94.99
N GLY H 132 -44.36 -29.98 -94.44
CA GLY H 132 -45.56 -30.24 -95.21
C GLY H 132 -46.25 -31.55 -94.90
N ARG H 133 -45.61 -32.44 -94.13
CA ARG H 133 -46.26 -33.68 -93.74
C ARG H 133 -47.37 -33.42 -92.73
N LYS H 134 -47.01 -32.88 -91.59
CA LYS H 134 -47.94 -32.36 -90.60
C LYS H 134 -48.25 -30.90 -90.91
N PRO H 135 -49.39 -30.38 -90.45
CA PRO H 135 -49.73 -28.98 -90.72
C PRO H 135 -48.76 -28.02 -90.04
N PRO H 136 -48.48 -26.88 -90.66
CA PRO H 136 -47.50 -25.96 -90.07
C PRO H 136 -48.10 -25.19 -88.90
N THR H 137 -47.25 -24.85 -87.94
CA THR H 137 -47.64 -24.13 -86.73
C THR H 137 -46.70 -22.95 -86.50
N PHE H 138 -46.94 -22.23 -85.40
CA PHE H 138 -46.17 -21.01 -85.14
C PHE H 138 -44.82 -21.32 -84.55
N GLY H 139 -44.67 -22.47 -83.90
CA GLY H 139 -43.37 -22.85 -83.37
C GLY H 139 -42.35 -23.12 -84.45
N ASP H 140 -42.81 -23.63 -85.60
CA ASP H 140 -41.89 -23.86 -86.70
C ASP H 140 -41.53 -22.56 -87.42
N ALA H 141 -42.39 -21.54 -87.29
CA ALA H 141 -42.03 -20.22 -87.79
C ALA H 141 -41.05 -19.53 -86.86
N SER H 142 -40.89 -20.04 -85.64
CA SER H 142 -39.92 -19.48 -84.71
C SER H 142 -38.59 -20.22 -84.78
N VAL H 143 -38.63 -21.51 -85.14
CA VAL H 143 -37.40 -22.29 -85.30
C VAL H 143 -36.62 -21.80 -86.51
N ILE H 144 -37.32 -21.49 -87.60
CA ILE H 144 -36.67 -21.01 -88.82
C ILE H 144 -36.13 -19.60 -88.63
N ALA H 145 -36.92 -18.72 -88.01
CA ALA H 145 -36.53 -17.32 -87.89
C ALA H 145 -35.42 -17.13 -86.87
N LEU H 146 -35.29 -18.04 -85.92
CA LEU H 146 -34.19 -17.97 -84.96
C LEU H 146 -32.87 -18.31 -85.63
N GLU H 147 -32.87 -19.30 -86.51
CA GLU H 147 -31.63 -19.77 -87.12
C GLU H 147 -31.22 -18.89 -88.30
N LEU H 148 -32.13 -18.01 -88.74
CA LEU H 148 -31.77 -17.04 -89.76
C LEU H 148 -30.94 -15.90 -89.15
N LEU H 149 -31.05 -15.71 -87.83
CA LEU H 149 -30.26 -14.69 -87.18
C LEU H 149 -28.89 -15.22 -86.76
N ASN H 150 -28.89 -16.30 -85.97
CA ASN H 150 -27.66 -16.81 -85.36
C ASN H 150 -27.00 -17.80 -86.32
N SER H 151 -26.53 -17.25 -87.44
CA SER H 151 -25.82 -18.05 -88.44
C SER H 151 -24.45 -17.45 -88.68
N GLY H 152 -24.35 -16.12 -88.59
CA GLY H 152 -23.15 -15.39 -88.92
C GLY H 152 -23.29 -14.52 -90.14
N TYR H 153 -24.45 -14.50 -90.77
CA TYR H 153 -24.68 -13.74 -91.99
C TYR H 153 -25.54 -12.53 -91.65
N GLU H 154 -24.93 -11.35 -91.62
CA GLU H 154 -25.61 -10.12 -91.26
C GLU H 154 -25.99 -9.37 -92.53
N PHE H 155 -27.27 -9.39 -92.85
CA PHE H 155 -27.80 -8.91 -94.12
C PHE H 155 -28.59 -7.63 -93.89
N ASP H 156 -29.05 -7.03 -94.97
CA ASP H 156 -29.63 -5.71 -94.83
C ASP H 156 -30.91 -5.49 -95.62
N GLU H 157 -31.19 -6.29 -96.64
CA GLU H 157 -32.52 -6.29 -97.24
C GLU H 157 -32.90 -7.74 -97.51
N GLY H 158 -34.00 -7.93 -98.23
CA GLY H 158 -34.46 -9.26 -98.54
C GLY H 158 -35.89 -9.26 -99.02
N SER H 159 -36.37 -10.45 -99.37
CA SER H 159 -37.70 -10.64 -99.92
C SER H 159 -38.10 -12.10 -99.80
N ILE H 160 -39.39 -12.37 -99.78
CA ILE H 160 -39.93 -13.72 -99.65
C ILE H 160 -40.88 -13.98 -100.82
N ILE H 161 -40.82 -15.20 -101.36
CA ILE H 161 -41.64 -15.62 -102.51
C ILE H 161 -42.47 -16.82 -102.10
N PHE H 162 -43.77 -16.77 -102.40
CA PHE H 162 -44.69 -17.84 -102.01
C PHE H 162 -45.94 -17.79 -102.88
N ASN H 163 -46.84 -18.73 -102.65
CA ASN H 163 -48.02 -18.95 -103.49
C ASN H 163 -49.29 -18.60 -102.73
N ARG H 164 -49.70 -17.34 -102.79
CA ARG H 164 -50.97 -16.90 -102.20
C ARG H 164 -52.08 -17.24 -103.17
N PHE H 165 -53.06 -18.01 -102.70
CA PHE H 165 -54.09 -18.56 -103.59
C PHE H 165 -55.30 -17.63 -103.62
N ARG H 166 -55.97 -17.59 -104.76
CA ARG H 166 -57.18 -16.80 -104.89
C ARG H 166 -58.43 -17.66 -104.69
N SER H 167 -58.42 -18.87 -105.24
CA SER H 167 -59.59 -19.75 -105.16
C SER H 167 -59.14 -21.20 -105.15
N VAL H 168 -60.13 -22.09 -105.28
CA VAL H 168 -59.85 -23.52 -105.40
C VAL H 168 -59.08 -23.81 -106.69
N ILE H 169 -59.42 -23.09 -107.76
CA ILE H 169 -58.84 -23.38 -109.06
C ILE H 169 -57.52 -22.64 -109.25
N SER H 170 -57.52 -21.32 -109.04
CA SER H 170 -56.40 -20.48 -109.40
C SER H 170 -55.68 -19.95 -108.18
N TYR H 171 -54.37 -20.16 -108.15
CA TYR H 171 -53.47 -19.58 -107.16
C TYR H 171 -52.64 -18.50 -107.84
N LYS H 172 -51.66 -17.95 -107.13
CA LYS H 172 -50.71 -17.02 -107.71
C LYS H 172 -49.43 -17.00 -106.89
N THR H 173 -48.29 -17.09 -107.57
CA THR H 173 -47.00 -16.88 -106.92
C THR H 173 -46.77 -15.39 -106.74
N GLU H 174 -46.41 -14.99 -105.51
CA GLU H 174 -46.38 -13.58 -105.16
C GLU H 174 -45.04 -13.20 -104.56
N GLU H 175 -44.89 -11.91 -104.26
CA GLU H 175 -43.64 -11.32 -103.81
C GLU H 175 -43.91 -10.32 -102.70
N LYS H 176 -43.17 -10.44 -101.59
CA LYS H 176 -43.29 -9.54 -100.45
C LYS H 176 -41.92 -9.25 -99.86
N PRO H 177 -41.61 -7.99 -99.53
CA PRO H 177 -40.27 -7.66 -99.04
C PRO H 177 -40.16 -7.74 -97.53
N ILE H 178 -38.91 -7.87 -97.07
CA ILE H 178 -38.59 -7.98 -95.65
C ILE H 178 -37.58 -6.90 -95.28
N PHE H 179 -38.05 -5.85 -94.62
CA PHE H 179 -37.17 -4.81 -94.08
C PHE H 179 -36.59 -5.33 -92.77
N SER H 180 -35.46 -6.05 -92.85
CA SER H 180 -34.90 -6.65 -91.66
C SER H 180 -33.94 -5.70 -90.95
N LEU H 181 -33.30 -4.80 -91.70
CA LEU H 181 -32.30 -3.94 -91.10
C LEU H 181 -32.97 -2.82 -90.33
N ASP H 182 -32.40 -2.48 -89.18
CA ASP H 182 -32.95 -1.45 -88.30
C ASP H 182 -32.84 -0.05 -88.90
N THR H 183 -31.79 0.22 -89.69
CA THR H 183 -31.53 1.59 -90.11
C THR H 183 -32.27 1.92 -91.40
N VAL H 184 -32.60 0.91 -92.20
CA VAL H 184 -33.51 1.17 -93.33
C VAL H 184 -34.93 1.33 -92.79
N ALA H 185 -35.21 0.75 -91.63
CA ALA H 185 -36.43 1.05 -90.90
C ALA H 185 -36.28 2.29 -90.02
N SER H 186 -35.21 3.06 -90.21
CA SER H 186 -35.02 4.35 -89.54
C SER H 186 -35.01 5.42 -90.63
N ALA H 187 -36.20 5.94 -90.93
CA ALA H 187 -36.37 6.90 -92.01
C ALA H 187 -37.24 8.06 -91.54
N GLU H 188 -37.75 8.86 -92.49
CA GLU H 188 -38.60 10.00 -92.15
C GLU H 188 -39.92 9.58 -91.52
N SER H 189 -40.43 8.40 -91.85
CA SER H 189 -41.76 8.01 -91.38
C SER H 189 -41.75 7.43 -89.98
N MET H 190 -40.59 7.31 -89.35
CA MET H 190 -40.50 6.84 -87.97
C MET H 190 -40.16 7.96 -86.99
N SER H 191 -39.75 9.14 -87.49
CA SER H 191 -39.48 10.25 -86.59
C SER H 191 -40.75 10.87 -86.04
N ILE H 192 -41.87 10.68 -86.75
CA ILE H 192 -43.18 11.04 -86.20
C ILE H 192 -43.53 10.17 -85.01
N TYR H 193 -43.09 8.91 -85.00
CA TYR H 193 -43.43 7.96 -83.95
C TYR H 193 -42.72 8.30 -82.63
N ASP H 194 -43.06 7.53 -81.61
CA ASP H 194 -42.72 7.80 -80.22
C ASP H 194 -41.33 7.28 -79.84
N ASP H 195 -41.15 7.06 -78.54
CA ASP H 195 -39.89 6.83 -77.84
C ASP H 195 -39.12 5.55 -78.18
N ILE H 196 -39.51 4.85 -79.24
CA ILE H 196 -38.78 3.68 -79.74
C ILE H 196 -37.31 4.00 -80.02
N ASP H 197 -36.41 3.26 -79.41
CA ASP H 197 -34.98 3.40 -79.61
C ASP H 197 -34.50 2.34 -80.60
N ALA H 198 -33.17 2.22 -80.74
CA ALA H 198 -32.61 1.19 -81.59
C ALA H 198 -32.53 -0.16 -80.89
N ASP H 199 -32.92 -0.23 -79.61
CA ASP H 199 -33.01 -1.53 -78.94
C ASP H 199 -34.44 -2.06 -79.01
N VAL H 200 -35.42 -1.18 -78.90
CA VAL H 200 -36.82 -1.61 -79.01
C VAL H 200 -37.14 -1.98 -80.45
N LEU H 201 -36.61 -1.21 -81.40
CA LEU H 201 -36.84 -1.52 -82.81
C LEU H 201 -36.04 -2.74 -83.23
N ARG H 202 -34.98 -3.07 -82.49
CA ARG H 202 -34.25 -4.32 -82.76
C ARG H 202 -35.09 -5.52 -82.37
N ASN H 203 -35.78 -5.45 -81.23
CA ASN H 203 -36.61 -6.56 -80.78
C ASN H 203 -37.88 -6.66 -81.63
N TYR H 204 -38.41 -5.53 -82.08
CA TYR H 204 -39.68 -5.54 -82.81
C TYR H 204 -39.49 -6.02 -84.24
N GLN H 205 -38.43 -5.58 -84.92
CA GLN H 205 -38.22 -5.93 -86.32
C GLN H 205 -37.84 -7.40 -86.47
N GLU H 206 -37.32 -8.01 -85.40
CA GLU H 206 -37.10 -9.44 -85.43
C GLU H 206 -38.42 -10.20 -85.37
N TYR H 207 -39.37 -9.72 -84.58
CA TYR H 207 -40.61 -10.46 -84.37
C TYR H 207 -41.48 -10.46 -85.63
N SER H 208 -41.34 -9.43 -86.46
CA SER H 208 -42.10 -9.39 -87.71
C SER H 208 -41.48 -10.30 -88.76
N LEU H 209 -40.25 -10.79 -88.53
CA LEU H 209 -39.70 -11.82 -89.40
C LEU H 209 -40.35 -13.16 -89.14
N ALA H 210 -40.76 -13.41 -87.89
CA ALA H 210 -41.45 -14.66 -87.58
C ALA H 210 -42.92 -14.58 -87.95
N ASN H 211 -43.42 -13.39 -88.24
CA ASN H 211 -44.83 -13.24 -88.59
C ASN H 211 -45.03 -13.20 -90.09
N ILE H 212 -43.96 -13.00 -90.85
CA ILE H 212 -44.06 -13.09 -92.32
C ILE H 212 -43.83 -14.53 -92.77
N ILE H 213 -43.10 -15.31 -91.96
CA ILE H 213 -42.89 -16.72 -92.29
C ILE H 213 -44.14 -17.52 -91.99
N TYR H 214 -44.81 -17.23 -90.87
CA TYR H 214 -46.05 -17.92 -90.52
C TYR H 214 -47.18 -17.53 -91.47
N TYR H 215 -47.16 -16.30 -91.97
CA TYR H 215 -48.09 -15.91 -93.03
C TYR H 215 -47.80 -16.67 -94.31
N SER H 216 -46.51 -16.83 -94.64
CA SER H 216 -46.12 -17.53 -95.85
C SER H 216 -46.39 -19.02 -95.76
N LEU H 217 -46.30 -19.58 -94.55
CA LEU H 217 -46.44 -21.02 -94.41
C LEU H 217 -47.89 -21.47 -94.46
N LYS H 218 -48.82 -20.55 -94.22
CA LYS H 218 -50.23 -20.94 -94.18
C LYS H 218 -50.88 -20.83 -95.55
N GLU H 219 -50.46 -19.85 -96.35
CA GLU H 219 -51.00 -19.73 -97.70
C GLU H 219 -50.44 -20.80 -98.62
N SER H 220 -49.19 -21.19 -98.39
CA SER H 220 -48.53 -22.12 -99.31
C SER H 220 -48.98 -23.55 -99.07
N THR H 221 -49.46 -23.86 -97.86
CA THR H 221 -49.94 -25.21 -97.62
C THR H 221 -51.40 -25.35 -98.03
N THR H 222 -52.04 -24.23 -98.39
CA THR H 222 -53.38 -24.30 -98.98
C THR H 222 -53.28 -24.32 -100.50
N SER H 223 -52.33 -23.57 -101.06
CA SER H 223 -52.06 -23.59 -102.49
C SER H 223 -51.60 -24.98 -102.94
N GLU H 224 -50.80 -25.65 -102.11
CA GLU H 224 -50.30 -26.96 -102.47
C GLU H 224 -51.38 -28.02 -102.31
N GLN H 225 -52.23 -27.91 -101.29
CA GLN H 225 -53.15 -28.99 -101.00
C GLN H 225 -54.38 -28.93 -101.90
N SER H 226 -54.56 -27.81 -102.60
CA SER H 226 -55.65 -27.74 -103.58
C SER H 226 -55.20 -28.25 -104.93
N ALA H 227 -53.90 -28.08 -105.25
CA ALA H 227 -53.39 -28.57 -106.52
C ALA H 227 -53.13 -30.07 -106.47
N ARG H 228 -53.01 -30.63 -105.27
CA ARG H 228 -52.97 -32.08 -105.14
C ARG H 228 -54.36 -32.68 -105.36
N MET H 229 -55.41 -31.87 -105.14
CA MET H 229 -56.76 -32.33 -105.36
C MET H 229 -57.10 -32.38 -106.84
N THR H 230 -56.62 -31.39 -107.61
CA THR H 230 -56.91 -31.35 -109.04
C THR H 230 -56.03 -32.32 -109.81
N ALA H 231 -54.74 -32.40 -109.48
CA ALA H 231 -53.82 -33.21 -110.26
C ALA H 231 -54.00 -34.70 -109.98
N MET H 232 -54.71 -35.04 -108.91
CA MET H 232 -55.07 -36.44 -108.69
C MET H 232 -56.45 -36.73 -109.25
N ASP H 233 -57.13 -35.70 -109.75
CA ASP H 233 -58.44 -35.89 -110.36
C ASP H 233 -58.31 -36.13 -111.86
N ASN H 234 -57.38 -35.45 -112.52
CA ASN H 234 -57.16 -35.68 -113.93
C ASN H 234 -56.34 -36.94 -114.17
N ALA H 235 -55.73 -37.49 -113.12
CA ALA H 235 -55.02 -38.75 -113.26
C ALA H 235 -55.95 -39.93 -113.04
N SER H 236 -57.23 -39.66 -112.77
CA SER H 236 -58.20 -40.74 -112.68
C SER H 236 -59.21 -40.63 -113.81
N LYS H 237 -59.29 -39.47 -114.45
CA LYS H 237 -60.06 -39.35 -115.68
C LYS H 237 -59.29 -39.93 -116.86
N ASN H 238 -58.00 -39.67 -116.92
CA ASN H 238 -57.18 -40.19 -118.01
C ASN H 238 -56.91 -41.67 -117.86
N ALA H 239 -57.04 -42.20 -116.64
CA ALA H 239 -56.85 -43.62 -116.43
C ALA H 239 -58.16 -44.37 -116.55
N SER H 240 -59.29 -43.64 -116.60
CA SER H 240 -60.56 -44.29 -116.87
C SER H 240 -60.97 -44.11 -118.33
N GLU H 241 -60.43 -43.07 -118.98
CA GLU H 241 -60.57 -42.96 -120.42
C GLU H 241 -59.76 -44.03 -121.13
N MET H 242 -58.60 -44.37 -120.55
CA MET H 242 -57.75 -45.41 -121.13
C MET H 242 -58.28 -46.80 -120.82
N ILE H 243 -59.17 -46.93 -119.83
CA ILE H 243 -59.56 -48.24 -119.36
C ILE H 243 -60.75 -48.77 -120.15
N ASP H 244 -61.42 -47.90 -120.91
CA ASP H 244 -62.50 -48.38 -121.75
C ASP H 244 -61.98 -48.79 -123.13
N LYS H 245 -60.92 -48.12 -123.60
CA LYS H 245 -60.36 -48.45 -124.91
C LYS H 245 -59.64 -49.78 -124.90
N LEU H 246 -59.15 -50.20 -123.74
CA LEU H 246 -58.53 -51.52 -123.64
C LEU H 246 -59.56 -52.59 -123.32
N THR H 247 -60.79 -52.18 -122.98
CA THR H 247 -61.82 -53.16 -122.72
C THR H 247 -62.46 -53.62 -124.02
N LEU H 248 -62.52 -52.74 -125.02
CA LEU H 248 -63.00 -53.15 -126.33
C LEU H 248 -61.99 -54.05 -127.03
N THR H 249 -60.71 -53.74 -126.92
CA THR H 249 -59.68 -54.56 -127.53
C THR H 249 -59.55 -55.90 -126.82
N PHE H 250 -59.85 -55.94 -125.53
CA PHE H 250 -59.89 -57.22 -124.82
C PHE H 250 -61.07 -58.06 -125.28
N ASN H 251 -62.16 -57.41 -125.70
CA ASN H 251 -63.35 -58.15 -126.06
C ASN H 251 -63.33 -58.60 -127.52
N ARG H 252 -62.66 -57.83 -128.39
CA ARG H 252 -62.42 -58.31 -129.75
C ARG H 252 -61.47 -59.50 -129.73
N THR H 253 -60.48 -59.47 -128.85
CA THR H 253 -59.46 -60.52 -128.84
C THR H 253 -59.95 -61.75 -128.10
N ARG H 254 -60.90 -61.58 -127.18
CA ARG H 254 -61.45 -62.75 -126.49
C ARG H 254 -62.34 -63.55 -127.43
N GLN H 255 -63.09 -62.88 -128.31
CA GLN H 255 -63.93 -63.59 -129.26
C GLN H 255 -63.08 -64.22 -130.36
N ALA H 256 -61.95 -63.59 -130.70
CA ALA H 256 -61.18 -64.04 -131.85
C ALA H 256 -60.38 -65.30 -131.53
N VAL H 257 -60.22 -65.62 -130.25
CA VAL H 257 -59.47 -66.81 -129.88
C VAL H 257 -60.40 -68.02 -129.78
N ILE H 258 -61.65 -67.80 -129.37
CA ILE H 258 -62.63 -68.86 -129.42
C ILE H 258 -62.97 -69.20 -130.87
N THR H 259 -62.97 -68.20 -131.75
CA THR H 259 -63.21 -68.44 -133.16
C THR H 259 -62.05 -69.18 -133.82
N LYS H 260 -60.82 -68.83 -133.45
CA LYS H 260 -59.64 -69.37 -134.13
C LYS H 260 -59.41 -70.83 -133.77
N GLU H 261 -59.54 -71.18 -132.50
CA GLU H 261 -59.27 -72.55 -132.08
C GLU H 261 -60.48 -73.45 -132.30
N LEU H 262 -61.58 -72.88 -132.81
CA LEU H 262 -62.69 -73.72 -133.24
C LEU H 262 -62.48 -74.20 -134.66
N ILE H 263 -61.80 -73.41 -135.48
CA ILE H 263 -61.52 -73.78 -136.86
C ILE H 263 -60.48 -74.90 -136.93
N GLU H 264 -59.54 -74.90 -135.98
CA GLU H 264 -58.49 -75.91 -135.98
C GLU H 264 -59.02 -77.29 -135.62
N ILE H 265 -60.10 -77.36 -134.83
CA ILE H 265 -60.68 -78.64 -134.49
C ILE H 265 -61.52 -79.17 -135.65
N ILE H 266 -62.24 -78.27 -136.33
CA ILE H 266 -63.08 -78.66 -137.46
C ILE H 266 -62.21 -79.10 -138.64
N SER H 267 -61.12 -78.37 -138.90
CA SER H 267 -60.23 -78.73 -139.98
C SER H 267 -59.44 -79.99 -139.66
N GLY H 268 -59.22 -80.26 -138.38
CA GLY H 268 -58.54 -81.48 -138.00
C GLY H 268 -59.42 -82.71 -138.15
N ALA H 269 -60.73 -82.53 -137.99
CA ALA H 269 -61.65 -83.67 -138.09
C ALA H 269 -62.08 -83.90 -139.54
N ALA H 270 -62.14 -82.84 -140.35
CA ALA H 270 -62.58 -82.98 -141.73
C ALA H 270 -61.52 -83.67 -142.57
N ALA H 271 -60.25 -83.41 -142.29
CA ALA H 271 -59.16 -84.01 -143.06
C ALA H 271 -58.89 -85.44 -142.61
N LEU H 272 -59.60 -85.92 -141.59
CA LEU H 272 -59.37 -87.24 -141.04
C LEU H 272 -60.41 -88.21 -141.57
N GLY I 1 -62.94 7.07 -78.51
CA GLY I 1 -63.88 7.22 -79.60
C GLY I 1 -63.22 7.14 -80.96
N GLN I 2 -63.91 6.47 -81.89
CA GLN I 2 -63.44 6.19 -83.25
C GLN I 2 -62.08 5.49 -83.23
N MET I 3 -62.07 4.34 -82.58
CA MET I 3 -60.86 3.53 -82.38
C MET I 3 -61.09 2.18 -83.07
N SER I 4 -60.04 1.37 -83.16
CA SER I 4 -60.15 0.00 -83.66
C SER I 4 -59.17 -0.86 -82.88
N PHE I 5 -59.69 -1.88 -82.22
CA PHE I 5 -58.89 -2.78 -81.40
C PHE I 5 -58.94 -4.19 -81.97
N THR I 6 -57.77 -4.74 -82.29
CA THR I 6 -57.65 -6.07 -82.87
C THR I 6 -56.76 -6.91 -81.98
N PHE I 7 -57.25 -8.10 -81.61
CA PHE I 7 -56.57 -8.97 -80.65
C PHE I 7 -56.64 -10.41 -81.19
N ALA I 8 -55.52 -10.91 -81.67
CA ALA I 8 -55.47 -12.18 -82.38
C ALA I 8 -54.33 -13.05 -81.87
N SER I 9 -54.66 -14.29 -81.52
CA SER I 9 -53.67 -15.33 -81.35
C SER I 9 -53.33 -15.90 -82.73
N PRO I 10 -52.25 -16.69 -82.87
CA PRO I 10 -52.05 -17.42 -84.12
C PRO I 10 -53.20 -18.33 -84.52
N THR I 11 -53.87 -18.95 -83.55
CA THR I 11 -54.87 -19.96 -83.90
C THR I 11 -56.29 -19.43 -83.72
N GLN I 12 -56.48 -18.35 -82.96
CA GLN I 12 -57.82 -17.86 -82.70
C GLN I 12 -57.82 -16.34 -82.67
N VAL I 13 -59.03 -15.78 -82.72
CA VAL I 13 -59.24 -14.33 -82.84
C VAL I 13 -60.22 -13.91 -81.75
N PHE I 14 -59.85 -12.88 -80.97
CA PHE I 14 -60.73 -12.37 -79.93
C PHE I 14 -61.51 -11.15 -80.42
N PHE I 15 -60.81 -10.13 -80.90
CA PHE I 15 -61.44 -8.89 -81.30
C PHE I 15 -61.03 -8.54 -82.73
N ASN I 16 -62.01 -8.14 -83.53
CA ASN I 16 -61.80 -7.71 -84.92
C ASN I 16 -62.63 -6.47 -85.17
N GLY I 17 -61.97 -5.31 -85.18
CA GLY I 17 -62.66 -4.07 -85.51
C GLY I 17 -63.63 -3.58 -84.47
N ALA I 18 -63.55 -4.11 -83.26
CA ALA I 18 -64.43 -3.73 -82.16
C ALA I 18 -63.57 -3.15 -81.05
N ASN I 19 -63.71 -1.84 -80.83
CA ASN I 19 -62.90 -1.12 -79.87
C ASN I 19 -63.75 -0.76 -78.66
N VAL I 20 -63.17 -0.85 -77.47
CA VAL I 20 -63.82 -0.35 -76.27
C VAL I 20 -62.84 0.51 -75.46
N ARG I 21 -62.60 1.74 -75.92
CA ARG I 21 -62.29 2.95 -75.15
C ARG I 21 -61.06 2.94 -74.24
N GLN I 22 -60.46 1.79 -73.94
CA GLN I 22 -59.35 1.70 -72.99
C GLN I 22 -58.73 0.31 -73.08
N VAL I 23 -57.43 0.26 -73.31
CA VAL I 23 -56.68 -1.00 -73.37
C VAL I 23 -55.46 -0.86 -72.47
N ASP I 24 -55.22 -1.86 -71.61
CA ASP I 24 -54.09 -1.87 -70.71
C ASP I 24 -53.13 -3.00 -71.10
N VAL I 25 -51.91 -2.64 -71.49
CA VAL I 25 -50.96 -3.59 -72.05
C VAL I 25 -49.68 -3.54 -71.23
N PRO I 26 -49.12 -4.69 -70.83
CA PRO I 26 -47.81 -4.68 -70.16
C PRO I 26 -46.63 -4.64 -71.13
N THR I 27 -46.00 -3.48 -71.25
CA THR I 27 -44.93 -3.22 -72.20
C THR I 27 -43.63 -3.78 -71.64
N GLN I 28 -42.67 -4.07 -72.52
CA GLN I 28 -41.34 -4.52 -72.10
C GLN I 28 -40.63 -3.46 -71.27
N THR I 29 -40.84 -2.18 -71.59
CA THR I 29 -40.08 -1.09 -70.98
C THR I 29 -41.02 -0.21 -70.12
N GLY I 30 -42.01 -0.85 -69.52
CA GLY I 30 -42.91 -0.18 -68.62
C GLY I 30 -44.34 -0.64 -68.82
N ALA I 31 -45.26 0.30 -68.72
CA ALA I 31 -46.67 0.05 -68.98
C ALA I 31 -47.28 1.33 -69.52
N PHE I 32 -48.46 1.22 -70.11
CA PHE I 32 -49.14 2.36 -70.72
C PHE I 32 -50.65 2.14 -70.67
N GLY I 33 -51.40 3.18 -71.03
CA GLY I 33 -52.82 3.08 -71.26
C GLY I 33 -53.17 3.75 -72.58
N ILE I 34 -54.10 3.14 -73.31
CA ILE I 34 -54.52 3.63 -74.61
C ILE I 34 -55.75 4.51 -74.40
N LEU I 35 -55.58 5.81 -74.64
CA LEU I 35 -56.63 6.80 -74.42
C LEU I 35 -57.49 7.01 -75.66
N ALA I 36 -57.41 6.09 -76.63
CA ALA I 36 -58.10 6.05 -77.92
C ALA I 36 -57.65 7.15 -78.89
N SER I 37 -56.75 8.03 -78.46
CA SER I 37 -56.01 8.93 -79.33
C SER I 37 -54.56 9.06 -78.87
N HIS I 38 -54.01 7.99 -78.32
CA HIS I 38 -52.66 7.95 -77.76
C HIS I 38 -51.62 8.24 -78.83
N VAL I 39 -50.51 8.85 -78.41
CA VAL I 39 -49.44 9.17 -79.36
C VAL I 39 -48.74 7.88 -79.81
N PRO I 40 -48.67 7.60 -81.11
CA PRO I 40 -48.44 6.21 -81.56
C PRO I 40 -47.01 5.74 -81.34
N THR I 41 -46.89 4.45 -80.97
CA THR I 41 -45.60 3.84 -80.68
C THR I 41 -45.59 2.41 -81.22
N LEU I 42 -44.42 1.79 -81.12
CA LEU I 42 -44.18 0.44 -81.64
C LEU I 42 -43.56 -0.39 -80.52
N GLN I 43 -44.39 -0.94 -79.65
CA GLN I 43 -43.77 -1.57 -78.49
C GLN I 43 -43.95 -3.08 -78.50
N VAL I 44 -43.20 -3.74 -77.64
CA VAL I 44 -43.14 -5.19 -77.58
C VAL I 44 -43.43 -5.57 -76.13
N LEU I 45 -43.76 -6.84 -75.90
CA LEU I 45 -44.39 -7.20 -74.63
C LEU I 45 -43.46 -8.01 -73.72
N ARG I 46 -43.76 -7.92 -72.41
CA ARG I 46 -43.33 -8.67 -71.23
C ARG I 46 -44.46 -9.56 -70.75
N PRO I 47 -44.17 -10.64 -70.01
CA PRO I 47 -45.26 -11.46 -69.46
C PRO I 47 -46.09 -10.70 -68.45
N GLY I 48 -47.38 -10.60 -68.72
CA GLY I 48 -48.31 -9.87 -67.88
C GLY I 48 -49.69 -9.86 -68.49
N LEU I 49 -50.67 -9.50 -67.66
CA LEU I 49 -52.07 -9.62 -68.04
C LEU I 49 -52.54 -8.38 -68.78
N VAL I 50 -53.41 -8.59 -69.75
CA VAL I 50 -54.07 -7.51 -70.49
C VAL I 50 -55.52 -7.45 -70.02
N VAL I 51 -55.90 -6.32 -69.45
CA VAL I 51 -57.26 -6.14 -68.95
C VAL I 51 -57.95 -5.13 -69.87
N VAL I 52 -58.63 -5.64 -70.88
CA VAL I 52 -59.39 -4.80 -71.79
C VAL I 52 -60.72 -4.46 -71.14
N HIS I 53 -61.01 -3.18 -71.01
CA HIS I 53 -62.26 -2.72 -70.39
C HIS I 53 -63.31 -2.62 -71.48
N ALA I 54 -64.24 -3.57 -71.50
CA ALA I 54 -65.34 -3.51 -72.44
C ALA I 54 -66.30 -2.38 -72.05
N GLU I 55 -67.15 -1.99 -73.00
CA GLU I 55 -68.07 -0.89 -72.73
C GLU I 55 -69.15 -1.40 -71.81
N ASP I 56 -70.07 -2.22 -72.34
CA ASP I 56 -70.55 -3.51 -71.83
C ASP I 56 -70.43 -3.77 -70.33
N GLY I 57 -70.64 -2.76 -69.49
CA GLY I 57 -70.52 -2.95 -68.06
C GLY I 57 -69.14 -3.22 -67.49
N THR I 58 -68.50 -4.30 -67.94
CA THR I 58 -67.37 -4.93 -67.24
C THR I 58 -66.11 -4.94 -68.12
N THR I 59 -65.08 -5.62 -67.61
CA THR I 59 -63.76 -5.70 -68.21
C THR I 59 -63.56 -7.07 -68.85
N SER I 60 -62.34 -7.32 -69.32
CA SER I 60 -61.95 -8.60 -69.90
C SER I 60 -60.50 -8.88 -69.57
N LYS I 61 -60.28 -9.87 -68.70
CA LYS I 61 -58.97 -10.13 -68.12
C LYS I 61 -58.26 -11.23 -68.88
N TYR I 62 -57.53 -10.86 -69.93
CA TYR I 62 -56.68 -11.76 -70.68
C TYR I 62 -55.27 -11.73 -70.10
N PHE I 63 -54.44 -12.68 -70.52
CA PHE I 63 -53.07 -12.77 -70.05
C PHE I 63 -52.17 -13.20 -71.22
N VAL I 64 -51.46 -12.25 -71.80
CA VAL I 64 -50.57 -12.52 -72.93
C VAL I 64 -49.24 -13.04 -72.40
N SER I 65 -48.39 -13.54 -73.29
CA SER I 65 -47.05 -13.99 -72.93
C SER I 65 -45.96 -13.16 -73.59
N SER I 66 -45.97 -13.06 -74.92
CA SER I 66 -45.03 -12.21 -75.65
C SER I 66 -45.64 -11.90 -77.00
N GLY I 67 -45.79 -10.62 -77.32
CA GLY I 67 -46.44 -10.20 -78.55
C GLY I 67 -45.91 -8.89 -79.04
N SER I 68 -46.81 -8.04 -79.57
CA SER I 68 -46.40 -6.75 -80.11
C SER I 68 -47.60 -5.82 -80.16
N VAL I 69 -47.47 -4.62 -79.62
CA VAL I 69 -48.51 -3.60 -79.65
C VAL I 69 -48.11 -2.52 -80.64
N THR I 70 -48.92 -2.33 -81.68
CA THR I 70 -48.70 -1.28 -82.66
C THR I 70 -49.91 -0.37 -82.68
N VAL I 71 -49.86 0.72 -81.93
CA VAL I 71 -50.81 1.82 -82.09
C VAL I 71 -50.25 2.74 -83.16
N ASN I 72 -51.11 3.18 -84.08
CA ASN I 72 -50.66 3.82 -85.31
C ASN I 72 -51.23 5.23 -85.43
N ALA I 73 -51.03 5.83 -86.61
CA ALA I 73 -51.28 7.26 -86.81
C ALA I 73 -52.76 7.59 -86.71
N ASP I 74 -53.59 6.95 -87.53
CA ASP I 74 -55.02 6.96 -87.27
C ASP I 74 -55.32 6.20 -85.98
N SER I 75 -56.46 6.53 -85.37
CA SER I 75 -56.79 5.94 -84.07
C SER I 75 -57.19 4.48 -84.27
N SER I 76 -56.20 3.60 -84.28
CA SER I 76 -56.41 2.17 -84.49
C SER I 76 -55.18 1.43 -84.00
N VAL I 77 -55.41 0.39 -83.20
CA VAL I 77 -54.32 -0.40 -82.64
C VAL I 77 -54.39 -1.80 -83.24
N GLN I 78 -53.29 -2.54 -83.13
CA GLN I 78 -53.20 -3.92 -83.58
C GLN I 78 -52.35 -4.67 -82.54
N LEU I 79 -53.02 -5.30 -81.58
CA LEU I 79 -52.33 -6.06 -80.54
C LEU I 79 -52.35 -7.54 -80.92
N LEU I 80 -51.19 -8.05 -81.30
CA LEU I 80 -51.05 -9.45 -81.68
C LEU I 80 -50.17 -10.13 -80.64
N ALA I 81 -50.59 -11.32 -80.22
CA ALA I 81 -49.91 -12.00 -79.13
C ALA I 81 -49.80 -13.48 -79.48
N GLU I 82 -48.80 -14.13 -78.88
CA GLU I 82 -48.57 -15.54 -79.18
C GLU I 82 -49.44 -16.46 -78.32
N GLU I 83 -49.31 -16.36 -77.00
CA GLU I 83 -50.07 -17.21 -76.08
C GLU I 83 -50.98 -16.31 -75.28
N ALA I 84 -52.17 -16.05 -75.80
CA ALA I 84 -53.16 -15.17 -75.17
C ALA I 84 -54.29 -16.03 -74.64
N VAL I 85 -54.17 -16.45 -73.39
CA VAL I 85 -55.17 -17.26 -72.74
C VAL I 85 -55.87 -16.43 -71.67
N THR I 86 -57.01 -16.92 -71.20
CA THR I 86 -57.72 -16.29 -70.11
C THR I 86 -57.18 -16.79 -68.77
N LEU I 87 -57.91 -16.51 -67.70
CA LEU I 87 -57.44 -16.84 -66.37
C LEU I 87 -57.83 -18.26 -65.94
N ASP I 88 -59.02 -18.72 -66.32
CA ASP I 88 -59.55 -19.96 -65.78
C ASP I 88 -58.91 -21.21 -66.39
N MET I 89 -58.19 -21.07 -67.51
CA MET I 89 -57.46 -22.22 -68.03
C MET I 89 -56.16 -22.49 -67.27
N LEU I 90 -55.70 -21.53 -66.47
CA LEU I 90 -54.49 -21.68 -65.68
C LEU I 90 -54.82 -22.22 -64.30
N ASP I 91 -53.88 -22.96 -63.73
CA ASP I 91 -53.98 -23.41 -62.36
C ASP I 91 -52.97 -22.66 -61.50
N PRO I 92 -53.41 -22.10 -60.37
CA PRO I 92 -52.46 -21.43 -59.47
C PRO I 92 -51.54 -22.41 -58.76
N GLY I 93 -52.02 -23.63 -58.53
CA GLY I 93 -51.28 -24.57 -57.70
C GLY I 93 -49.99 -25.06 -58.32
N VAL I 94 -49.96 -25.17 -59.65
CA VAL I 94 -48.73 -25.59 -60.31
C VAL I 94 -47.80 -24.39 -60.49
N ALA I 95 -48.38 -23.19 -60.46
CA ALA I 95 -47.59 -21.98 -60.65
C ALA I 95 -46.80 -21.60 -59.40
N LYS I 96 -47.26 -22.06 -58.23
CA LYS I 96 -46.50 -21.83 -57.01
C LYS I 96 -45.24 -22.68 -56.97
N ALA I 97 -45.34 -23.93 -57.45
CA ALA I 97 -44.22 -24.86 -57.33
C ALA I 97 -43.13 -24.55 -58.34
N ASN I 98 -43.48 -23.92 -59.46
CA ASN I 98 -42.52 -23.75 -60.55
C ASN I 98 -41.56 -22.60 -60.25
N LEU I 99 -41.86 -21.78 -59.26
CA LEU I 99 -41.02 -20.62 -58.97
C LEU I 99 -39.69 -21.02 -58.34
N GLU I 100 -39.73 -21.67 -57.17
CA GLU I 100 -38.53 -21.85 -56.38
C GLU I 100 -37.61 -22.92 -56.95
N LYS I 101 -38.15 -23.81 -57.80
CA LYS I 101 -37.29 -24.79 -58.46
C LYS I 101 -36.37 -24.12 -59.48
N ALA I 102 -36.87 -23.07 -60.14
CA ALA I 102 -36.02 -22.32 -61.06
C ALA I 102 -35.09 -21.39 -60.31
N GLN I 103 -35.41 -21.09 -59.04
CA GLN I 103 -34.46 -20.36 -58.21
C GLN I 103 -33.36 -21.29 -57.70
N SER I 104 -33.66 -22.59 -57.60
CA SER I 104 -32.67 -23.55 -57.12
C SER I 104 -31.60 -23.82 -58.17
N GLU I 105 -31.97 -23.74 -59.45
CA GLU I 105 -31.00 -23.96 -60.51
C GLU I 105 -30.21 -22.69 -60.80
N LEU I 106 -30.64 -21.56 -60.23
CA LEU I 106 -30.00 -20.27 -60.51
C LEU I 106 -28.60 -20.21 -59.91
N LEU I 107 -28.42 -20.76 -58.71
CA LEU I 107 -27.09 -20.84 -58.12
C LEU I 107 -26.27 -21.94 -58.78
N GLY I 108 -26.94 -22.96 -59.32
CA GLY I 108 -26.26 -24.09 -59.92
C GLY I 108 -25.93 -23.93 -61.39
N ALA I 109 -25.88 -22.69 -61.87
CA ALA I 109 -25.60 -22.41 -63.26
C ALA I 109 -24.16 -21.94 -63.37
N ALA I 110 -23.32 -22.73 -64.06
CA ALA I 110 -21.90 -22.40 -64.16
C ALA I 110 -21.63 -21.33 -65.21
N ASP I 111 -22.33 -21.36 -66.34
CA ASP I 111 -22.07 -20.44 -67.43
C ASP I 111 -22.71 -19.07 -67.14
N GLU I 112 -22.44 -18.12 -68.03
CA GLU I 112 -22.91 -16.75 -67.88
C GLU I 112 -24.18 -16.49 -68.69
N ALA I 113 -24.38 -17.22 -69.79
CA ALA I 113 -25.59 -17.04 -70.59
C ALA I 113 -26.62 -18.09 -70.24
N SER I 114 -26.17 -19.27 -69.79
CA SER I 114 -27.11 -20.26 -69.28
C SER I 114 -27.76 -19.78 -67.99
N ARG I 115 -27.02 -19.04 -67.16
CA ARG I 115 -27.62 -18.40 -66.01
C ARG I 115 -28.56 -17.27 -66.43
N ALA I 116 -28.26 -16.63 -67.56
CA ALA I 116 -29.12 -15.57 -68.07
C ALA I 116 -30.43 -16.14 -68.59
N GLU I 117 -30.40 -17.40 -69.05
CA GLU I 117 -31.63 -18.08 -69.44
C GLU I 117 -32.51 -18.36 -68.23
N ILE I 118 -31.90 -18.63 -67.08
CA ILE I 118 -32.64 -18.91 -65.85
C ILE I 118 -33.32 -17.64 -65.35
N GLN I 119 -32.70 -16.49 -65.60
CA GLN I 119 -33.29 -15.22 -65.15
C GLN I 119 -34.53 -14.87 -65.97
N ILE I 120 -34.62 -15.36 -67.21
CA ILE I 120 -35.82 -15.18 -68.00
C ILE I 120 -36.96 -16.01 -67.42
N ARG I 121 -36.65 -17.22 -66.95
CA ARG I 121 -37.69 -18.16 -66.54
C ARG I 121 -38.33 -17.75 -65.22
N ILE I 122 -37.56 -17.16 -64.31
CA ILE I 122 -38.10 -16.79 -63.00
C ILE I 122 -38.98 -15.55 -63.12
N GLU I 123 -38.74 -14.73 -64.14
CA GLU I 123 -39.52 -13.50 -64.29
C GLU I 123 -40.94 -13.82 -64.77
N ALA I 124 -41.07 -14.82 -65.65
CA ALA I 124 -42.38 -15.14 -66.19
C ALA I 124 -43.27 -15.81 -65.15
N ASN I 125 -42.69 -16.63 -64.29
CA ASN I 125 -43.47 -17.27 -63.23
C ASN I 125 -43.79 -16.29 -62.11
N GLU I 126 -42.99 -15.22 -61.99
CA GLU I 126 -43.27 -14.20 -60.99
C GLU I 126 -44.50 -13.39 -61.36
N ALA I 127 -44.67 -13.09 -62.65
CA ALA I 127 -45.88 -12.40 -63.08
C ALA I 127 -47.06 -13.37 -63.17
N LEU I 128 -46.78 -14.67 -63.13
CA LEU I 128 -47.84 -15.67 -63.14
C LEU I 128 -48.62 -15.67 -61.83
N VAL I 129 -47.90 -15.65 -60.71
CA VAL I 129 -48.55 -15.76 -59.40
C VAL I 129 -49.25 -14.46 -59.03
N LYS I 130 -48.60 -13.33 -59.25
CA LYS I 130 -49.15 -12.05 -58.81
C LYS I 130 -50.36 -11.63 -59.64
N ALA I 131 -50.50 -12.18 -60.85
CA ALA I 131 -51.72 -11.94 -61.62
C ALA I 131 -52.87 -12.77 -61.07
N LEU I 132 -52.55 -13.85 -60.36
CA LEU I 132 -53.56 -14.73 -59.77
C LEU I 132 -53.91 -14.29 -58.36
N VAL J 1 -32.56 -2.63 -73.06
CA VAL J 1 -31.50 -3.53 -72.63
C VAL J 1 -31.92 -4.20 -71.33
N ALA J 2 -31.61 -5.49 -71.20
CA ALA J 2 -31.91 -6.26 -69.99
C ALA J 2 -30.82 -7.32 -69.84
N TYR J 3 -31.10 -8.32 -69.01
CA TYR J 3 -30.13 -9.41 -68.82
C TYR J 3 -30.11 -10.36 -70.02
N TRP J 4 -31.21 -10.48 -70.75
CA TRP J 4 -31.17 -11.28 -71.98
C TRP J 4 -30.47 -10.51 -73.10
N ARG J 5 -30.50 -9.19 -73.04
CA ARG J 5 -29.56 -8.40 -73.82
C ARG J 5 -28.20 -8.44 -73.14
N GLN J 6 -27.15 -8.02 -73.87
CA GLN J 6 -25.74 -7.86 -73.49
C GLN J 6 -25.08 -9.18 -73.04
N ALA J 7 -25.79 -10.30 -73.13
CA ALA J 7 -25.24 -11.63 -72.90
C ALA J 7 -25.24 -12.49 -74.15
N GLY J 8 -25.84 -12.02 -75.25
CA GLY J 8 -25.84 -12.77 -76.49
C GLY J 8 -27.06 -13.63 -76.71
N LEU J 9 -28.26 -13.06 -76.61
CA LEU J 9 -29.49 -13.77 -76.87
C LEU J 9 -30.32 -13.00 -77.91
N SER J 10 -31.40 -13.64 -78.36
CA SER J 10 -32.32 -13.05 -79.31
C SER J 10 -33.72 -13.01 -78.71
N TYR J 11 -34.59 -12.18 -79.28
CA TYR J 11 -35.92 -12.00 -78.70
C TYR J 11 -36.80 -13.22 -78.91
N ILE J 12 -36.54 -14.00 -79.95
CA ILE J 12 -37.21 -15.29 -80.11
C ILE J 12 -36.77 -16.23 -78.99
N ARG J 13 -35.48 -16.21 -78.64
CA ARG J 13 -35.00 -17.02 -77.54
C ARG J 13 -35.55 -16.55 -76.21
N TYR J 14 -35.88 -15.26 -76.10
CA TYR J 14 -36.68 -14.79 -74.98
C TYR J 14 -38.10 -15.32 -75.07
N SER J 15 -38.71 -15.23 -76.25
CA SER J 15 -40.15 -15.49 -76.39
C SER J 15 -40.44 -16.99 -76.36
N GLN J 16 -39.42 -17.82 -76.57
CA GLN J 16 -39.63 -19.27 -76.48
C GLN J 16 -39.81 -19.71 -75.03
N ILE J 17 -39.06 -19.09 -74.10
CA ILE J 17 -39.04 -19.57 -72.73
C ILE J 17 -40.26 -19.07 -71.97
N CYS J 18 -40.64 -17.81 -72.15
CA CYS J 18 -41.75 -17.26 -71.38
C CYS J 18 -43.09 -17.76 -71.88
N ALA J 19 -43.15 -18.26 -73.12
CA ALA J 19 -44.37 -18.87 -73.62
C ALA J 19 -44.42 -20.34 -73.27
N LYS J 20 -43.26 -20.95 -73.00
CA LYS J 20 -43.23 -22.35 -72.60
C LYS J 20 -43.70 -22.52 -71.17
N ALA J 21 -43.52 -21.49 -70.35
CA ALA J 21 -43.94 -21.57 -68.95
C ALA J 21 -45.46 -21.48 -68.83
N VAL J 22 -46.11 -20.79 -69.76
CA VAL J 22 -47.57 -20.71 -69.75
C VAL J 22 -48.17 -22.05 -70.13
N ARG J 23 -47.46 -22.83 -70.95
CA ARG J 23 -47.98 -24.14 -71.35
C ARG J 23 -47.71 -25.20 -70.28
N ASP J 24 -46.95 -24.85 -69.24
CA ASP J 24 -46.75 -25.78 -68.13
C ASP J 24 -47.69 -25.47 -66.98
N ALA J 25 -48.24 -24.26 -66.93
CA ALA J 25 -49.15 -23.89 -65.85
C ALA J 25 -50.60 -24.20 -66.21
N LEU J 26 -50.83 -24.76 -67.39
CA LEU J 26 -52.18 -25.11 -67.80
C LEU J 26 -52.65 -26.38 -67.10
N LYS J 27 -53.95 -26.63 -67.15
CA LYS J 27 -54.51 -27.80 -66.49
C LYS J 27 -54.38 -29.04 -67.38
N ALA J 28 -55.05 -30.11 -66.96
CA ALA J 28 -55.03 -31.35 -67.74
C ALA J 28 -55.96 -31.27 -68.94
N GLU J 29 -56.99 -30.42 -68.86
CA GLU J 29 -57.93 -30.30 -69.97
C GLU J 29 -57.31 -29.55 -71.15
N PHE J 30 -56.70 -28.41 -70.88
CA PHE J 30 -56.10 -27.58 -71.92
C PHE J 30 -54.63 -27.89 -72.14
N LYS J 31 -54.20 -29.14 -71.91
CA LYS J 31 -52.83 -29.51 -72.19
C LYS J 31 -52.67 -29.98 -73.63
N ALA J 32 -53.77 -30.39 -74.26
CA ALA J 32 -53.71 -30.85 -75.65
C ALA J 32 -53.53 -29.69 -76.60
N ASN J 33 -54.03 -28.51 -76.24
CA ASN J 33 -53.84 -27.33 -77.08
C ASN J 33 -52.44 -26.76 -76.93
N ALA J 34 -51.74 -27.16 -75.86
CA ALA J 34 -50.31 -26.90 -75.76
C ALA J 34 -49.53 -27.93 -76.54
N GLU J 35 -50.08 -29.14 -76.67
CA GLU J 35 -49.50 -30.15 -77.55
C GLU J 35 -49.80 -29.85 -79.01
N LYS J 36 -50.84 -29.06 -79.27
CA LYS J 36 -51.25 -28.80 -80.65
C LYS J 36 -50.24 -27.92 -81.38
N THR J 37 -49.83 -26.82 -80.77
CA THR J 37 -48.95 -25.87 -81.45
C THR J 37 -47.55 -26.45 -81.60
N SER J 38 -46.84 -26.61 -80.47
CA SER J 38 -45.68 -27.50 -80.24
C SER J 38 -44.71 -27.60 -81.42
N GLY J 39 -44.41 -26.46 -82.04
CA GLY J 39 -43.83 -26.47 -83.36
C GLY J 39 -42.37 -26.87 -83.48
N SER J 40 -42.04 -28.08 -83.02
CA SER J 40 -40.71 -28.66 -83.23
C SER J 40 -40.89 -29.83 -84.19
N ASN J 41 -40.91 -29.52 -85.48
CA ASN J 41 -40.93 -30.53 -86.54
C ASN J 41 -40.00 -30.23 -87.70
N VAL J 42 -39.57 -28.98 -87.88
CA VAL J 42 -38.69 -28.62 -88.98
C VAL J 42 -37.28 -29.11 -88.68
N LYS J 43 -36.71 -29.87 -89.61
CA LYS J 43 -35.34 -30.33 -89.48
C LYS J 43 -34.37 -29.25 -89.97
N ILE J 44 -33.09 -29.45 -89.65
CA ILE J 44 -32.03 -28.52 -90.00
C ILE J 44 -31.06 -29.23 -90.94
N VAL J 45 -30.86 -28.66 -92.12
CA VAL J 45 -29.86 -29.16 -93.07
C VAL J 45 -29.00 -27.98 -93.50
N LYS J 46 -27.76 -27.98 -93.03
CA LYS J 46 -26.72 -27.13 -93.60
C LYS J 46 -25.71 -28.05 -94.28
N VAL J 47 -25.20 -27.61 -95.43
CA VAL J 47 -24.39 -28.50 -96.26
C VAL J 47 -23.00 -28.72 -95.64
N LYS J 48 -22.56 -27.82 -94.76
CA LYS J 48 -21.35 -28.05 -93.99
C LYS J 48 -21.62 -27.85 -92.50
N PHE K 1 -90.08 -91.32 -157.37
CA PHE K 1 -89.48 -92.64 -157.51
C PHE K 1 -90.50 -93.75 -157.26
N ALA K 2 -90.14 -94.97 -157.63
CA ALA K 2 -90.97 -96.13 -157.32
C ALA K 2 -90.43 -96.85 -156.09
N LYS K 3 -91.25 -97.72 -155.52
CA LYS K 3 -90.85 -98.47 -154.34
C LYS K 3 -90.08 -99.72 -154.75
N LEU K 4 -89.31 -100.25 -153.80
CA LEU K 4 -88.48 -101.42 -154.05
C LEU K 4 -88.65 -102.42 -152.92
N VAL K 5 -88.63 -103.70 -153.27
CA VAL K 5 -88.84 -104.79 -152.33
C VAL K 5 -87.63 -104.92 -151.42
N ARG K 6 -87.85 -105.25 -150.16
CA ARG K 6 -86.79 -105.30 -149.17
C ARG K 6 -86.26 -106.72 -149.04
N PRO K 7 -84.94 -106.90 -149.00
CA PRO K 7 -84.40 -108.25 -148.82
C PRO K 7 -84.51 -108.67 -147.37
N PRO K 8 -84.54 -109.97 -147.09
CA PRO K 8 -84.73 -110.42 -145.71
C PRO K 8 -83.47 -110.37 -144.84
N VAL K 9 -82.33 -109.96 -145.40
CA VAL K 9 -81.11 -109.86 -144.61
C VAL K 9 -80.72 -108.41 -144.36
N GLN K 10 -80.75 -107.59 -145.43
CA GLN K 10 -80.45 -106.16 -145.42
C GLN K 10 -79.03 -105.89 -144.89
N ILE K 11 -78.05 -106.32 -145.70
CA ILE K 11 -76.66 -106.01 -145.42
C ILE K 11 -76.35 -104.60 -145.93
N TYR K 12 -75.18 -104.11 -145.54
CA TYR K 12 -74.76 -102.74 -145.82
C TYR K 12 -73.38 -102.74 -146.45
N GLY K 13 -73.07 -101.63 -147.13
CA GLY K 13 -71.79 -101.40 -147.77
C GLY K 13 -71.97 -101.05 -149.23
N ILE K 14 -70.84 -100.86 -149.92
CA ILE K 14 -70.88 -100.61 -151.37
C ILE K 14 -71.21 -101.87 -152.16
N GLU K 15 -71.09 -103.04 -151.55
CA GLU K 15 -71.46 -104.29 -152.20
C GLU K 15 -72.88 -104.70 -151.86
N GLY K 16 -73.41 -104.23 -150.74
CA GLY K 16 -74.80 -104.47 -150.42
C GLY K 16 -75.76 -103.59 -151.18
N ARG K 17 -75.30 -102.43 -151.67
CA ARG K 17 -76.14 -101.57 -152.49
C ARG K 17 -76.37 -102.16 -153.88
N TYR K 18 -75.50 -103.05 -154.34
CA TYR K 18 -75.66 -103.71 -155.63
C TYR K 18 -76.29 -105.09 -155.52
N ALA K 19 -76.27 -105.70 -154.35
CA ALA K 19 -77.01 -106.94 -154.16
C ALA K 19 -78.45 -106.69 -153.72
N THR K 20 -78.78 -105.46 -153.35
CA THR K 20 -80.16 -105.08 -153.05
C THR K 20 -80.88 -104.57 -154.29
N ALA K 21 -80.19 -103.79 -155.12
CA ALA K 21 -80.79 -103.26 -156.34
C ALA K 21 -81.05 -104.34 -157.38
N LEU K 22 -80.35 -105.47 -157.31
CA LEU K 22 -80.67 -106.60 -158.16
C LEU K 22 -81.80 -107.43 -157.56
N TYR K 23 -81.87 -107.50 -156.24
CA TYR K 23 -82.95 -108.24 -155.58
C TYR K 23 -84.28 -107.50 -155.69
N SER K 24 -84.24 -106.18 -155.94
CA SER K 24 -85.45 -105.40 -156.13
C SER K 24 -85.92 -105.41 -157.57
N ALA K 25 -85.16 -106.01 -158.47
CA ALA K 25 -85.53 -106.14 -159.86
C ALA K 25 -85.73 -107.57 -160.31
N ALA K 26 -85.20 -108.53 -159.56
CA ALA K 26 -85.38 -109.94 -159.89
C ALA K 26 -86.45 -110.61 -159.04
N SER K 27 -86.83 -110.02 -157.91
CA SER K 27 -88.05 -110.44 -157.24
C SER K 27 -89.27 -109.97 -158.02
N LYS K 28 -89.20 -108.79 -158.62
CA LYS K 28 -90.10 -108.46 -159.71
C LYS K 28 -89.77 -109.33 -160.91
N GLN K 29 -90.81 -109.66 -161.69
CA GLN K 29 -90.78 -110.50 -162.89
C GLN K 29 -90.40 -111.96 -162.61
N ASN K 30 -90.23 -112.34 -161.33
CA ASN K 30 -90.13 -113.72 -160.86
C ASN K 30 -88.92 -114.45 -161.48
N LYS K 31 -87.77 -113.77 -161.45
CA LYS K 31 -86.55 -114.29 -162.06
C LYS K 31 -85.43 -114.48 -161.05
N LEU K 32 -85.77 -114.75 -159.79
CA LEU K 32 -84.76 -114.83 -158.73
C LEU K 32 -83.89 -116.08 -158.81
N GLU K 33 -84.33 -117.10 -159.53
CA GLU K 33 -83.56 -118.33 -159.68
C GLU K 33 -82.76 -118.37 -160.97
N GLN K 34 -83.16 -117.61 -161.98
CA GLN K 34 -82.43 -117.53 -163.24
C GLN K 34 -81.15 -116.73 -163.11
N VAL K 35 -81.19 -115.64 -162.33
CA VAL K 35 -80.00 -114.83 -162.10
C VAL K 35 -78.98 -115.58 -161.24
N GLU K 36 -79.44 -116.41 -160.31
CA GLU K 36 -78.54 -117.09 -159.39
C GLU K 36 -77.71 -118.15 -160.11
N LYS K 37 -78.32 -118.85 -161.07
CA LYS K 37 -77.57 -119.80 -161.88
C LYS K 37 -76.62 -119.12 -162.85
N GLU K 38 -76.96 -117.92 -163.30
CA GLU K 38 -76.06 -117.14 -164.14
C GLU K 38 -74.91 -116.55 -163.34
N LEU K 39 -75.18 -116.12 -162.11
CA LEU K 39 -74.15 -115.44 -161.32
C LEU K 39 -73.11 -116.42 -160.78
N LEU K 40 -73.46 -117.69 -160.65
CA LEU K 40 -72.47 -118.69 -160.22
C LEU K 40 -71.60 -119.17 -161.37
N ARG K 41 -71.84 -118.69 -162.59
CA ARG K 41 -70.96 -118.98 -163.71
C ARG K 41 -70.23 -117.74 -164.23
N VAL K 42 -70.67 -116.54 -163.86
CA VAL K 42 -69.90 -115.35 -164.19
C VAL K 42 -68.75 -115.18 -163.22
N ALA K 43 -68.83 -115.84 -162.06
CA ALA K 43 -67.69 -115.89 -161.16
C ALA K 43 -66.56 -116.75 -161.74
N GLN K 44 -66.91 -117.77 -162.52
CA GLN K 44 -65.88 -118.62 -163.13
C GLN K 44 -65.20 -117.92 -164.30
N ILE K 45 -65.97 -117.22 -165.14
CA ILE K 45 -65.43 -116.66 -166.37
C ILE K 45 -64.80 -115.29 -166.20
N LEU K 46 -64.59 -114.84 -164.96
CA LEU K 46 -63.82 -113.62 -164.73
C LEU K 46 -62.39 -113.91 -164.31
N LYS K 47 -62.17 -115.02 -163.60
CA LYS K 47 -60.87 -115.31 -163.02
C LYS K 47 -59.99 -116.15 -163.96
N GLU K 48 -59.87 -115.67 -165.19
CA GLU K 48 -58.96 -116.23 -166.16
C GLU K 48 -57.88 -115.19 -166.42
N PRO K 49 -56.62 -115.59 -166.60
CA PRO K 49 -55.52 -114.60 -166.73
C PRO K 49 -55.61 -113.72 -167.97
N LYS K 50 -56.42 -114.08 -168.97
CA LYS K 50 -56.72 -113.16 -170.04
C LYS K 50 -57.72 -112.09 -169.59
N VAL K 51 -58.67 -112.48 -168.73
CA VAL K 51 -59.77 -111.59 -168.36
C VAL K 51 -59.58 -110.99 -166.97
N ALA K 52 -58.89 -111.67 -166.04
CA ALA K 52 -58.57 -111.05 -164.77
C ALA K 52 -57.56 -109.92 -164.95
N ALA K 53 -56.69 -110.03 -165.95
CA ALA K 53 -55.91 -108.90 -166.38
C ALA K 53 -56.78 -107.92 -167.17
N SER K 54 -56.34 -106.66 -167.20
CA SER K 54 -56.97 -105.56 -167.94
C SER K 54 -58.40 -105.26 -167.50
N ILE K 55 -58.78 -105.67 -166.29
CA ILE K 55 -59.95 -105.14 -165.60
C ILE K 55 -59.56 -104.40 -164.33
N MET K 56 -58.50 -104.85 -163.66
CA MET K 56 -57.88 -104.11 -162.57
C MET K 56 -56.73 -103.24 -163.03
N ASN K 57 -56.26 -103.42 -164.26
CA ASN K 57 -55.22 -102.58 -164.83
C ASN K 57 -55.79 -101.21 -165.12
N PRO K 58 -55.33 -100.15 -164.44
CA PRO K 58 -56.00 -98.85 -164.57
C PRO K 58 -55.71 -98.11 -165.85
N TYR K 59 -54.67 -98.48 -166.57
CA TYR K 59 -54.25 -97.74 -167.77
C TYR K 59 -54.80 -98.36 -169.04
N VAL K 60 -56.10 -98.57 -169.15
CA VAL K 60 -56.63 -98.95 -170.46
C VAL K 60 -57.52 -97.85 -171.00
N LYS K 61 -58.73 -97.76 -170.47
CA LYS K 61 -59.74 -96.70 -170.58
C LYS K 61 -60.98 -97.18 -169.84
N ARG K 62 -62.03 -96.36 -169.76
CA ARG K 62 -63.31 -96.87 -169.31
C ARG K 62 -64.09 -97.54 -170.43
N SER K 63 -64.08 -96.95 -171.62
CA SER K 63 -65.02 -97.35 -172.66
C SER K 63 -64.58 -98.65 -173.36
N VAL K 64 -63.29 -98.86 -173.57
CA VAL K 64 -62.85 -100.09 -174.23
C VAL K 64 -62.82 -101.27 -173.27
N LYS K 65 -62.89 -101.03 -171.96
CA LYS K 65 -63.13 -102.11 -171.01
C LYS K 65 -64.59 -102.49 -170.94
N VAL K 66 -65.48 -101.62 -171.43
CA VAL K 66 -66.89 -101.95 -171.57
C VAL K 66 -67.13 -102.79 -172.82
N LYS K 67 -66.55 -102.37 -173.94
CA LYS K 67 -66.76 -103.07 -175.22
C LYS K 67 -66.11 -104.45 -175.22
N SER K 68 -65.02 -104.63 -174.46
CA SER K 68 -64.46 -105.96 -174.29
C SER K 68 -65.26 -106.82 -173.33
N LEU K 69 -66.27 -106.24 -172.68
CA LEU K 69 -67.16 -106.95 -171.79
C LEU K 69 -68.61 -106.92 -172.25
N SER K 70 -68.96 -106.01 -173.16
CA SER K 70 -70.32 -105.94 -173.66
C SER K 70 -70.60 -107.02 -174.71
N ASP K 71 -69.55 -107.53 -175.37
CA ASP K 71 -69.74 -108.64 -176.28
C ASP K 71 -69.47 -109.98 -175.59
N MET K 72 -68.69 -109.97 -174.51
CA MET K 72 -68.38 -111.19 -173.79
C MET K 72 -69.61 -111.70 -173.04
N THR K 73 -70.42 -110.80 -172.51
CA THR K 73 -71.67 -111.20 -171.87
C THR K 73 -72.81 -111.36 -172.85
N ALA K 74 -72.62 -110.98 -174.12
CA ALA K 74 -73.69 -111.07 -175.11
C ALA K 74 -73.64 -112.35 -175.91
N LYS K 75 -72.44 -112.86 -176.18
CA LYS K 75 -72.32 -113.99 -177.11
C LYS K 75 -72.59 -115.35 -176.47
N GLU K 76 -72.31 -115.52 -175.18
CA GLU K 76 -72.26 -116.88 -174.64
C GLU K 76 -73.65 -117.38 -174.24
N LYS K 77 -74.26 -116.75 -173.23
CA LYS K 77 -75.56 -117.20 -172.75
C LYS K 77 -76.57 -116.08 -172.47
N PHE K 78 -76.12 -114.88 -172.13
CA PHE K 78 -76.94 -113.92 -171.42
C PHE K 78 -77.48 -112.84 -172.35
N SER K 79 -78.80 -112.66 -172.34
CA SER K 79 -79.36 -111.33 -172.58
C SER K 79 -80.49 -110.94 -171.62
N PRO K 80 -80.37 -111.15 -170.26
CA PRO K 80 -81.44 -110.68 -169.38
C PRO K 80 -81.19 -109.25 -168.95
N LEU K 81 -81.91 -108.82 -167.91
CA LEU K 81 -81.54 -107.61 -167.18
C LEU K 81 -80.13 -107.65 -166.59
N THR K 82 -79.56 -108.84 -166.36
CA THR K 82 -78.26 -108.94 -165.71
C THR K 82 -77.12 -108.47 -166.61
N SER K 83 -77.36 -108.38 -167.93
CA SER K 83 -76.35 -107.83 -168.81
C SER K 83 -76.20 -106.32 -168.62
N ASN K 84 -77.24 -105.65 -168.13
CA ASN K 84 -77.11 -104.25 -167.76
C ASN K 84 -76.32 -104.09 -166.47
N LEU K 85 -76.32 -105.12 -165.61
CA LEU K 85 -75.61 -105.04 -164.34
C LEU K 85 -74.10 -105.04 -164.54
N ILE K 86 -73.60 -105.93 -165.41
CA ILE K 86 -72.19 -105.92 -165.76
C ILE K 86 -71.86 -104.67 -166.55
N ASN K 87 -72.81 -104.16 -167.33
CA ASN K 87 -72.63 -102.89 -168.03
C ASN K 87 -72.59 -101.71 -167.06
N LEU K 88 -73.26 -101.82 -165.91
CA LEU K 88 -73.27 -100.72 -164.96
C LEU K 88 -72.09 -100.78 -164.01
N LEU K 89 -71.61 -102.00 -163.71
CA LEU K 89 -70.42 -102.14 -162.86
C LEU K 89 -69.17 -101.61 -163.54
N ALA K 90 -69.07 -101.75 -164.86
CA ALA K 90 -67.92 -101.28 -165.60
C ALA K 90 -67.95 -99.78 -165.85
N GLU K 91 -69.11 -99.15 -165.77
CA GLU K 91 -69.18 -97.70 -165.93
C GLU K 91 -68.75 -96.99 -164.65
N ASN K 92 -69.12 -97.52 -163.50
CA ASN K 92 -68.86 -96.90 -162.22
C ASN K 92 -67.47 -97.24 -161.67
N GLY K 93 -66.68 -97.99 -162.42
CA GLY K 93 -65.37 -98.38 -161.93
C GLY K 93 -65.39 -99.45 -160.86
N ARG K 94 -66.54 -100.03 -160.57
CA ARG K 94 -66.71 -101.00 -159.50
C ARG K 94 -66.56 -102.43 -159.99
N LEU K 95 -65.82 -102.63 -161.08
CA LEU K 95 -65.62 -103.98 -161.61
C LEU K 95 -64.71 -104.83 -160.74
N SER K 96 -63.93 -104.21 -159.85
CA SER K 96 -63.10 -104.96 -158.93
C SER K 96 -63.92 -105.66 -157.86
N SER K 97 -65.05 -105.06 -157.46
CA SER K 97 -65.86 -105.55 -156.36
C SER K 97 -66.94 -106.54 -156.82
N THR K 98 -66.80 -107.08 -158.02
CA THR K 98 -67.74 -108.08 -158.53
C THR K 98 -67.80 -109.41 -157.77
N PRO K 99 -66.71 -109.95 -157.17
CA PRO K 99 -66.92 -111.08 -156.25
C PRO K 99 -67.64 -110.69 -154.98
N GLY K 100 -67.56 -109.42 -154.57
CA GLY K 100 -68.30 -108.98 -153.39
C GLY K 100 -69.79 -108.93 -153.60
N VAL K 101 -70.24 -108.55 -154.81
CA VAL K 101 -71.66 -108.51 -155.11
C VAL K 101 -72.23 -109.91 -155.27
N ILE K 102 -71.44 -110.82 -155.87
CA ILE K 102 -71.91 -112.18 -156.12
C ILE K 102 -72.03 -112.95 -154.81
N SER K 103 -71.00 -112.87 -153.96
CA SER K 103 -71.00 -113.58 -152.68
C SER K 103 -72.05 -113.04 -151.72
N ALA K 104 -72.40 -111.77 -151.84
CA ALA K 104 -73.49 -111.23 -151.04
C ALA K 104 -74.84 -111.74 -151.51
N PHE K 105 -74.97 -111.97 -152.82
CA PHE K 105 -76.27 -112.33 -153.39
C PHE K 105 -76.65 -113.77 -153.04
N SER K 106 -75.66 -114.64 -152.86
CA SER K 106 -75.94 -116.03 -152.52
C SER K 106 -76.53 -116.19 -151.13
N THR K 107 -76.03 -115.45 -150.15
CA THR K 107 -76.59 -115.47 -148.81
C THR K 107 -77.91 -114.72 -148.72
N MET K 108 -78.10 -113.69 -149.55
CA MET K 108 -79.39 -113.01 -149.63
C MET K 108 -80.45 -113.89 -150.28
N MET K 109 -80.02 -114.78 -151.19
CA MET K 109 -80.91 -115.77 -151.79
C MET K 109 -80.95 -117.06 -150.97
N SER K 110 -79.99 -117.28 -150.08
CA SER K 110 -80.00 -118.45 -149.20
C SER K 110 -81.16 -118.37 -148.24
N VAL K 111 -81.35 -117.21 -147.59
CA VAL K 111 -82.34 -116.98 -146.54
C VAL K 111 -83.78 -117.14 -147.05
N HIS K 112 -83.95 -117.15 -148.38
CA HIS K 112 -85.24 -117.50 -148.95
C HIS K 112 -85.57 -118.97 -148.73
N ARG K 113 -84.55 -119.80 -148.47
CA ARG K 113 -84.77 -121.17 -148.01
C ARG K 113 -83.81 -121.60 -146.90
N GLY K 114 -82.88 -120.74 -146.48
CA GLY K 114 -81.82 -121.13 -145.57
C GLY K 114 -82.10 -120.77 -144.11
N GLU K 115 -81.16 -121.18 -143.26
CA GLU K 115 -81.42 -121.31 -141.83
C GLU K 115 -80.34 -120.72 -140.92
N VAL K 116 -79.31 -120.08 -141.48
CA VAL K 116 -78.16 -119.50 -140.76
C VAL K 116 -77.50 -120.55 -139.87
N PRO K 117 -76.62 -121.39 -140.45
CA PRO K 117 -76.23 -122.68 -139.84
C PRO K 117 -75.53 -122.55 -138.49
N CYS K 118 -75.38 -123.71 -137.86
CA CYS K 118 -74.94 -123.82 -136.48
C CYS K 118 -73.41 -123.93 -136.39
N SER K 119 -72.92 -124.07 -135.15
CA SER K 119 -71.48 -124.24 -134.91
C SER K 119 -71.33 -125.03 -133.61
N VAL K 120 -70.96 -126.28 -133.71
CA VAL K 120 -70.65 -127.12 -132.56
C VAL K 120 -69.14 -127.34 -132.54
N THR K 121 -68.45 -126.72 -131.58
CA THR K 121 -66.99 -126.71 -131.53
C THR K 121 -66.55 -127.28 -130.19
N THR K 122 -66.42 -128.61 -130.12
CA THR K 122 -66.03 -129.26 -128.86
C THR K 122 -64.76 -130.08 -128.97
N ALA K 123 -64.67 -131.03 -129.90
CA ALA K 123 -63.63 -132.06 -129.89
C ALA K 123 -63.59 -132.81 -131.21
N SER K 124 -62.91 -133.96 -131.21
CA SER K 124 -62.89 -134.95 -132.29
C SER K 124 -64.30 -135.37 -132.69
N PRO K 125 -64.54 -135.75 -133.95
CA PRO K 125 -65.89 -136.17 -134.36
C PRO K 125 -66.30 -137.49 -133.72
N LEU K 126 -67.54 -137.51 -133.24
CA LEU K 126 -68.09 -138.63 -132.49
C LEU K 126 -68.91 -139.53 -133.41
N ASP K 127 -69.63 -140.46 -132.79
CA ASP K 127 -70.36 -141.48 -133.53
C ASP K 127 -71.62 -140.90 -134.17
N GLU K 128 -72.32 -141.75 -134.92
CA GLU K 128 -73.42 -141.29 -135.76
C GLU K 128 -74.67 -140.99 -134.94
N ALA K 129 -74.86 -141.70 -133.82
CA ALA K 129 -76.10 -141.56 -133.04
C ALA K 129 -76.16 -140.21 -132.32
N THR K 130 -74.99 -139.67 -131.94
CA THR K 130 -74.97 -138.34 -131.35
C THR K 130 -75.22 -137.25 -132.38
N LEU K 131 -74.85 -137.48 -133.64
CA LEU K 131 -75.05 -136.47 -134.66
C LEU K 131 -76.50 -136.41 -135.12
N THR K 132 -77.13 -137.57 -135.31
CA THR K 132 -78.52 -137.57 -135.76
C THR K 132 -79.48 -137.12 -134.67
N GLU K 133 -79.09 -137.20 -133.40
CA GLU K 133 -79.99 -136.74 -132.34
C GLU K 133 -80.01 -135.22 -132.26
N LEU K 134 -78.86 -134.56 -132.45
CA LEU K 134 -78.85 -133.11 -132.47
C LEU K 134 -79.46 -132.57 -133.76
N LYS K 135 -79.35 -133.29 -134.87
CA LYS K 135 -79.98 -132.86 -136.10
C LYS K 135 -81.49 -133.04 -136.08
N THR K 136 -82.04 -133.83 -135.15
CA THR K 136 -83.47 -134.02 -135.04
C THR K 136 -84.10 -133.34 -133.84
N VAL K 137 -83.31 -132.65 -133.01
CA VAL K 137 -83.90 -131.74 -132.03
C VAL K 137 -83.80 -130.29 -132.52
N LEU K 138 -82.76 -129.97 -133.30
CA LEU K 138 -82.63 -128.63 -133.86
C LEU K 138 -83.65 -128.39 -134.98
N LYS K 139 -84.13 -129.47 -135.60
CA LYS K 139 -85.24 -129.35 -136.54
C LYS K 139 -86.52 -128.94 -135.84
N SER K 140 -86.69 -129.32 -134.57
CA SER K 140 -87.84 -128.91 -133.78
C SER K 140 -87.75 -127.45 -133.31
N PHE K 141 -86.57 -126.83 -133.42
CA PHE K 141 -86.37 -125.47 -132.94
C PHE K 141 -86.61 -124.42 -134.00
N LEU K 142 -86.42 -124.75 -135.28
CA LEU K 142 -86.53 -123.75 -136.34
C LEU K 142 -87.99 -123.34 -136.55
N SER K 143 -88.88 -124.34 -136.67
CA SER K 143 -90.33 -124.16 -136.85
C SER K 143 -90.67 -123.34 -138.09
N LYS K 144 -89.89 -123.53 -139.15
CA LYS K 144 -90.04 -122.74 -140.37
C LYS K 144 -90.08 -123.58 -141.64
N GLY K 145 -90.01 -124.90 -141.56
CA GLY K 145 -90.14 -125.76 -142.72
C GLY K 145 -88.94 -125.71 -143.65
N GLN K 146 -87.74 -125.58 -143.07
CA GLN K 146 -86.53 -125.39 -143.86
C GLN K 146 -85.46 -126.34 -143.35
N ILE K 147 -84.79 -127.03 -144.28
CA ILE K 147 -83.88 -128.13 -143.93
C ILE K 147 -82.54 -127.53 -143.53
N LEU K 148 -82.25 -127.58 -142.22
CA LEU K 148 -81.12 -126.85 -141.66
C LEU K 148 -79.78 -127.46 -142.09
N LYS K 149 -78.82 -126.60 -142.38
CA LYS K 149 -77.44 -126.98 -142.60
C LYS K 149 -76.63 -126.71 -141.33
N LEU K 150 -75.45 -127.31 -141.26
CA LEU K 150 -74.68 -127.28 -140.03
C LEU K 150 -73.20 -127.48 -140.35
N GLU K 151 -72.34 -126.90 -139.51
CA GLU K 151 -70.90 -127.10 -139.60
C GLU K 151 -70.38 -127.55 -138.25
N VAL K 152 -69.33 -128.37 -138.27
CA VAL K 152 -68.66 -128.85 -137.07
C VAL K 152 -67.21 -128.42 -137.13
N LYS K 153 -66.71 -127.82 -136.06
CA LYS K 153 -65.32 -127.41 -135.95
C LYS K 153 -64.69 -128.11 -134.76
N VAL K 154 -63.36 -128.26 -134.80
CA VAL K 154 -62.61 -128.90 -133.73
C VAL K 154 -61.81 -127.84 -132.99
N ASP K 155 -62.06 -127.72 -131.69
CA ASP K 155 -61.31 -126.80 -130.84
C ASP K 155 -61.07 -127.44 -129.49
N PRO K 156 -59.84 -127.86 -129.18
CA PRO K 156 -59.58 -128.59 -127.94
C PRO K 156 -59.39 -127.71 -126.71
N SER K 157 -59.46 -126.39 -126.85
CA SER K 157 -59.25 -125.51 -125.70
C SER K 157 -60.42 -125.58 -124.72
N ILE K 158 -61.61 -125.90 -125.21
CA ILE K 158 -62.73 -126.19 -124.32
C ILE K 158 -62.52 -127.57 -123.72
N MET K 159 -62.65 -127.67 -122.39
CA MET K 159 -62.22 -128.85 -121.65
C MET K 159 -63.06 -130.09 -121.93
N GLY K 160 -64.35 -130.04 -121.63
CA GLY K 160 -65.19 -131.21 -121.85
C GLY K 160 -66.57 -130.88 -122.38
N GLY K 161 -66.86 -129.60 -122.56
CA GLY K 161 -68.18 -129.17 -122.97
C GLY K 161 -68.24 -128.76 -124.43
N MET K 162 -69.38 -128.18 -124.80
CA MET K 162 -69.65 -127.76 -126.18
C MET K 162 -70.45 -126.48 -126.18
N ILE K 163 -70.19 -125.62 -127.18
CA ILE K 163 -71.01 -124.44 -127.40
C ILE K 163 -71.79 -124.63 -128.69
N VAL K 164 -73.04 -124.17 -128.69
CA VAL K 164 -73.96 -124.37 -129.80
C VAL K 164 -74.60 -123.02 -130.10
N ARG K 165 -74.61 -122.64 -131.37
CA ARG K 165 -75.27 -121.41 -131.82
C ARG K 165 -76.34 -121.80 -132.82
N ILE K 166 -77.52 -121.18 -132.70
CA ILE K 166 -78.60 -121.38 -133.66
C ILE K 166 -78.91 -120.01 -134.24
N GLY K 167 -78.21 -119.63 -135.31
CA GLY K 167 -78.47 -118.32 -135.86
C GLY K 167 -77.74 -117.28 -135.03
N GLU K 168 -78.49 -116.64 -134.13
CA GLU K 168 -77.96 -115.64 -133.20
C GLU K 168 -78.46 -115.95 -131.79
N LYS K 169 -78.29 -117.18 -131.33
CA LYS K 169 -78.81 -117.60 -130.03
C LYS K 169 -77.73 -117.92 -129.02
N TYR K 170 -76.83 -118.85 -129.36
CA TYR K 170 -75.57 -119.11 -128.63
C TYR K 170 -75.83 -119.55 -127.18
N VAL K 171 -76.36 -120.76 -127.03
CA VAL K 171 -76.30 -121.43 -125.73
C VAL K 171 -74.85 -121.80 -125.42
N ASP K 172 -74.59 -122.12 -124.15
CA ASP K 172 -73.22 -122.28 -123.70
C ASP K 172 -73.13 -123.32 -122.59
N MET K 173 -72.35 -124.37 -122.83
CA MET K 173 -72.06 -125.37 -121.81
C MET K 173 -70.61 -125.80 -121.98
N SER K 174 -69.69 -125.09 -121.34
CA SER K 174 -68.27 -125.22 -121.70
C SER K 174 -67.44 -125.00 -120.44
N ALA K 175 -66.15 -124.68 -120.65
CA ALA K 175 -65.19 -124.40 -119.58
C ALA K 175 -65.48 -123.11 -118.82
N LYS K 176 -66.47 -122.31 -119.22
CA LYS K 176 -66.89 -121.15 -118.45
C LYS K 176 -67.63 -121.51 -117.17
N THR K 177 -67.96 -122.79 -116.97
CA THR K 177 -68.44 -123.24 -115.68
C THR K 177 -67.29 -123.44 -114.70
N LYS K 178 -66.05 -123.40 -115.17
CA LYS K 178 -64.91 -123.30 -114.27
C LYS K 178 -64.62 -121.86 -113.90
N ILE K 179 -64.94 -120.91 -114.78
CA ILE K 179 -64.74 -119.50 -114.47
C ILE K 179 -65.85 -119.00 -113.55
N GLN K 180 -66.97 -119.74 -113.44
CA GLN K 180 -68.01 -119.43 -112.47
C GLN K 180 -67.65 -119.87 -111.05
N LYS K 181 -66.42 -120.30 -110.80
CA LYS K 181 -65.94 -120.60 -109.45
C LYS K 181 -65.33 -119.39 -108.77
N LEU K 182 -65.58 -118.18 -109.27
CA LEU K 182 -65.19 -116.98 -108.55
C LEU K 182 -66.12 -116.70 -107.38
N SER K 183 -67.24 -117.42 -107.28
CA SER K 183 -68.10 -117.32 -106.10
C SER K 183 -67.46 -117.91 -104.86
N ARG K 184 -66.43 -118.74 -105.02
CA ARG K 184 -65.60 -119.15 -103.90
C ARG K 184 -64.63 -118.04 -103.46
N ALA K 185 -64.40 -117.04 -104.30
CA ALA K 185 -63.50 -115.94 -104.01
C ALA K 185 -64.22 -114.60 -103.85
N MET K 186 -64.98 -114.19 -104.86
CA MET K 186 -65.67 -112.90 -104.79
C MET K 186 -66.87 -112.97 -103.86
N ARG K 187 -67.46 -114.17 -103.72
CA ARG K 187 -68.56 -114.49 -102.80
C ARG K 187 -69.79 -113.61 -102.98
N PRO L 1 -65.90 31.34 -62.62
CA PRO L 1 -66.98 30.37 -62.79
C PRO L 1 -68.37 31.01 -62.67
N PRO L 2 -69.04 31.21 -63.80
CA PRO L 2 -70.39 31.81 -63.74
C PRO L 2 -71.44 30.84 -63.22
N LEU L 3 -71.40 29.58 -63.66
CA LEU L 3 -72.38 28.60 -63.22
C LEU L 3 -72.21 28.20 -61.75
N PRO L 4 -71.01 28.24 -61.17
CA PRO L 4 -70.87 27.72 -59.79
C PRO L 4 -71.32 28.69 -58.71
N GLU L 5 -71.25 30.00 -58.96
CA GLU L 5 -71.66 30.98 -57.96
C GLU L 5 -73.18 30.98 -57.81
N HIS L 6 -73.90 30.73 -58.90
CA HIS L 6 -75.35 30.57 -58.81
C HIS L 6 -75.71 29.23 -58.18
N GLY L 7 -74.81 28.25 -58.28
CA GLY L 7 -75.08 26.93 -57.73
C GLY L 7 -75.12 26.91 -56.21
N GLY L 8 -74.33 27.79 -55.58
CA GLY L 8 -74.54 28.05 -54.17
C GLY L 8 -75.67 29.03 -53.91
N LYS L 9 -75.92 29.93 -54.88
CA LYS L 9 -77.01 30.89 -54.73
C LYS L 9 -78.36 30.22 -54.94
N VAL L 10 -78.41 29.17 -55.76
CA VAL L 10 -79.61 28.35 -55.85
C VAL L 10 -79.74 27.51 -54.58
N ARG L 11 -78.61 27.18 -53.95
CA ARG L 11 -78.67 26.57 -52.62
C ARG L 11 -79.04 27.62 -51.57
N LEU L 12 -78.73 28.89 -51.84
CA LEU L 12 -79.16 29.96 -50.94
C LEU L 12 -80.67 30.18 -51.03
N GLY L 13 -81.24 29.97 -52.22
CA GLY L 13 -82.69 29.92 -52.32
C GLY L 13 -83.26 28.61 -51.81
N LEU L 14 -82.44 27.56 -51.78
CA LEU L 14 -82.90 26.27 -51.26
C LEU L 14 -82.86 26.24 -49.75
N ILE L 15 -81.76 26.73 -49.15
CA ILE L 15 -81.64 26.72 -47.69
C ILE L 15 -82.61 27.72 -47.04
N PRO L 16 -83.00 28.82 -47.70
CA PRO L 16 -83.97 29.72 -47.07
C PRO L 16 -85.38 29.14 -47.00
N GLU L 17 -85.71 28.22 -47.91
CA GLU L 17 -87.01 27.55 -47.85
C GLU L 17 -86.99 26.34 -46.92
N GLU L 18 -85.85 25.64 -46.87
CA GLU L 18 -85.72 24.51 -45.96
C GLU L 18 -85.64 24.98 -44.51
N PHE L 19 -85.07 26.18 -44.30
CA PHE L 19 -85.15 26.78 -42.97
C PHE L 19 -86.56 27.27 -42.68
N PHE L 20 -87.32 27.61 -43.72
CA PHE L 20 -88.69 28.03 -43.54
C PHE L 20 -89.59 26.85 -43.21
N GLN L 21 -89.35 25.69 -43.84
CA GLN L 21 -90.10 24.50 -43.50
C GLN L 21 -89.69 23.96 -42.13
N PHE L 22 -88.42 24.15 -41.76
CA PHE L 22 -88.00 23.83 -40.40
C PHE L 22 -88.60 24.80 -39.39
N LEU L 23 -88.84 26.05 -39.83
CA LEU L 23 -89.55 27.00 -38.97
C LEU L 23 -91.01 26.63 -38.83
N TYR L 24 -91.57 25.91 -39.81
CA TYR L 24 -92.89 25.34 -39.64
C TYR L 24 -92.91 24.22 -38.62
N PRO L 25 -91.82 23.49 -38.38
CA PRO L 25 -91.84 22.48 -37.30
C PRO L 25 -91.88 23.11 -35.91
N LYS L 26 -91.26 24.27 -35.74
CA LYS L 26 -91.35 24.99 -34.47
C LYS L 26 -92.72 25.63 -34.32
N THR L 27 -93.39 25.95 -35.42
CA THR L 27 -94.75 26.44 -35.35
C THR L 27 -95.71 25.36 -34.90
N GLY L 28 -95.34 24.09 -35.10
CA GLY L 28 -96.07 22.99 -34.50
C GLY L 28 -95.75 22.82 -33.03
N VAL L 29 -94.66 23.44 -32.58
CA VAL L 29 -94.34 23.43 -31.16
C VAL L 29 -94.68 24.76 -30.52
N THR L 30 -95.66 25.47 -31.07
CA THR L 30 -96.08 26.75 -30.50
C THR L 30 -96.76 26.56 -29.16
N GLY L 31 -97.49 25.45 -28.99
CA GLY L 31 -98.11 25.12 -27.72
C GLY L 31 -97.43 24.04 -26.91
N PRO L 32 -97.01 22.93 -27.52
CA PRO L 32 -96.75 21.71 -26.75
C PRO L 32 -95.32 21.49 -26.27
N TYR L 33 -94.44 22.50 -26.37
CA TYR L 33 -93.02 22.32 -26.06
C TYR L 33 -92.69 22.82 -24.65
N VAL L 34 -92.23 21.91 -23.79
CA VAL L 34 -91.92 22.26 -22.40
C VAL L 34 -90.53 21.76 -22.03
N LEU L 35 -89.69 21.46 -23.04
CA LEU L 35 -88.36 20.90 -22.79
C LEU L 35 -87.25 21.94 -22.82
N GLY L 36 -87.12 22.67 -23.93
CA GLY L 36 -85.98 23.54 -24.11
C GLY L 36 -85.99 24.74 -23.19
N THR L 37 -87.17 25.28 -22.89
CA THR L 37 -87.25 26.52 -22.12
C THR L 37 -87.01 26.27 -20.63
N GLY L 38 -86.87 25.01 -20.23
CA GLY L 38 -86.35 24.73 -18.90
C GLY L 38 -84.85 24.86 -18.83
N LEU L 39 -84.16 24.54 -19.93
CA LEU L 39 -82.70 24.48 -19.89
C LEU L 39 -82.05 25.57 -20.73
N ILE L 40 -82.85 26.44 -21.36
CA ILE L 40 -82.27 27.51 -22.16
C ILE L 40 -81.77 28.64 -21.28
N LEU L 41 -82.03 28.56 -19.98
CA LEU L 41 -81.61 29.62 -19.07
C LEU L 41 -80.20 29.39 -18.57
N TYR L 42 -79.84 28.14 -18.28
CA TYR L 42 -78.49 27.85 -17.78
C TYR L 42 -77.45 28.11 -18.85
N LEU L 43 -77.83 27.95 -20.12
CA LEU L 43 -76.96 28.37 -21.22
C LEU L 43 -77.13 29.86 -21.51
N LEU L 44 -78.04 30.53 -20.81
CA LEU L 44 -78.12 31.98 -20.91
C LEU L 44 -77.53 32.65 -19.67
N SER L 45 -77.47 31.93 -18.56
CA SER L 45 -76.87 32.49 -17.35
C SER L 45 -75.37 32.26 -17.32
N LYS L 46 -74.92 31.05 -17.66
CA LYS L 46 -73.49 30.77 -17.70
C LYS L 46 -72.81 31.51 -18.83
N GLU L 47 -73.56 31.78 -19.92
CA GLU L 47 -73.03 32.63 -20.98
C GLU L 47 -72.99 34.08 -20.54
N ILE L 48 -73.69 34.40 -19.46
CA ILE L 48 -73.52 35.70 -18.84
C ILE L 48 -72.43 35.64 -17.77
N TYR L 49 -71.80 34.48 -17.57
CA TYR L 49 -70.70 34.43 -16.60
C TYR L 49 -69.33 34.51 -17.25
N VAL L 50 -68.90 33.44 -17.94
CA VAL L 50 -67.48 33.34 -18.24
C VAL L 50 -67.09 32.79 -19.62
N ILE L 51 -68.05 32.31 -20.41
CA ILE L 51 -67.72 31.28 -21.37
C ILE L 51 -67.19 31.85 -22.68
N THR L 52 -66.94 33.16 -22.73
CA THR L 52 -66.41 33.75 -23.96
C THR L 52 -64.89 33.85 -23.90
N ALA L 53 -64.24 33.36 -24.97
CA ALA L 53 -62.78 33.36 -25.09
C ALA L 53 -62.41 33.22 -26.56
N GLU L 54 -61.15 32.83 -26.81
CA GLU L 54 -60.71 32.42 -28.14
C GLU L 54 -61.05 30.95 -28.40
N THR L 55 -62.35 30.69 -28.48
CA THR L 55 -62.87 29.36 -28.73
C THR L 55 -64.03 29.42 -29.69
N PHE L 56 -63.87 30.16 -30.80
CA PHE L 56 -64.74 29.94 -31.95
C PHE L 56 -64.25 28.73 -32.74
N SER L 57 -63.07 28.21 -32.41
CA SER L 57 -62.62 26.93 -32.94
C SER L 57 -63.15 25.78 -32.10
N ALA L 58 -64.01 26.09 -31.13
CA ALA L 58 -64.74 25.05 -30.44
C ALA L 58 -65.88 24.54 -31.30
N ILE L 59 -66.51 25.44 -32.06
CA ILE L 59 -67.66 25.06 -32.88
C ILE L 59 -67.19 24.32 -34.13
N SER L 60 -66.07 24.73 -34.70
CA SER L 60 -65.62 24.17 -35.97
C SER L 60 -65.02 22.78 -35.79
N THR L 61 -64.60 22.44 -34.57
CA THR L 61 -64.22 21.06 -34.28
C THR L 61 -65.43 20.26 -33.84
N ILE L 62 -66.57 20.94 -33.64
CA ILE L 62 -67.83 20.25 -33.40
C ILE L 62 -68.70 20.31 -34.65
N GLY L 63 -68.39 21.22 -35.57
CA GLY L 63 -69.09 21.24 -36.85
C GLY L 63 -68.64 20.17 -37.80
N VAL L 64 -67.34 19.87 -37.81
CA VAL L 64 -66.81 18.81 -38.67
C VAL L 64 -67.26 17.45 -38.14
N LEU L 65 -67.45 17.33 -36.83
CA LEU L 65 -67.95 16.07 -36.29
C LEU L 65 -69.45 15.88 -36.53
N VAL L 66 -70.12 16.86 -37.12
CA VAL L 66 -71.50 16.64 -37.54
C VAL L 66 -71.55 16.03 -38.94
N TYR L 67 -70.63 16.44 -39.83
CA TYR L 67 -70.56 15.88 -41.18
C TYR L 67 -70.21 14.41 -41.20
N ILE L 68 -69.60 13.89 -40.14
CA ILE L 68 -69.22 12.49 -40.12
C ILE L 68 -70.38 11.64 -39.62
N VAL L 69 -71.38 12.29 -39.04
CA VAL L 69 -72.61 11.57 -38.68
C VAL L 69 -73.41 11.22 -39.94
N LYS L 70 -73.25 12.01 -41.01
CA LYS L 70 -73.78 11.66 -42.33
C LYS L 70 -73.24 10.32 -42.82
N LYS L 71 -71.92 10.16 -42.84
CA LYS L 71 -71.33 8.91 -43.31
C LYS L 71 -71.44 7.82 -42.27
N TYR L 72 -71.85 8.17 -41.04
CA TYR L 72 -72.00 7.15 -40.01
C TYR L 72 -73.23 6.29 -40.28
N GLY L 73 -74.21 6.83 -41.00
CA GLY L 73 -75.34 6.02 -41.43
C GLY L 73 -74.97 5.08 -42.56
N ALA L 74 -73.77 5.24 -43.12
CA ALA L 74 -73.23 4.21 -44.00
C ALA L 74 -72.19 3.37 -43.27
N SER L 75 -71.77 3.83 -42.09
CA SER L 75 -70.82 3.05 -41.30
C SER L 75 -71.53 1.89 -40.61
N ILE L 76 -72.86 1.93 -40.57
CA ILE L 76 -73.61 0.84 -39.98
C ILE L 76 -73.54 -0.39 -40.87
N GLY L 77 -73.44 -0.18 -42.18
CA GLY L 77 -73.31 -1.30 -43.09
C GLY L 77 -71.93 -1.92 -43.02
N ALA L 78 -70.90 -1.06 -42.98
CA ALA L 78 -69.55 -1.57 -42.90
C ALA L 78 -69.40 -2.29 -41.57
N PHE L 79 -69.89 -1.66 -40.51
CA PHE L 79 -69.85 -2.29 -39.19
C PHE L 79 -70.78 -3.50 -39.24
N ALA L 80 -71.95 -3.27 -39.82
CA ALA L 80 -72.96 -4.32 -39.99
C ALA L 80 -72.43 -5.36 -40.96
N ASP L 81 -71.77 -4.88 -42.00
CA ASP L 81 -71.20 -5.76 -43.02
C ASP L 81 -70.14 -6.66 -42.42
N LYS L 82 -69.33 -6.12 -41.53
CA LYS L 82 -68.28 -6.92 -40.91
C LYS L 82 -68.90 -8.06 -40.10
N LEU L 83 -69.96 -7.77 -39.37
CA LEU L 83 -70.63 -8.79 -38.59
C LEU L 83 -71.23 -9.88 -39.47
N ASN L 84 -71.88 -9.47 -40.56
CA ASN L 84 -72.47 -10.46 -41.46
C ASN L 84 -71.41 -11.32 -42.15
N GLU L 85 -70.33 -10.68 -42.58
CA GLU L 85 -69.24 -11.39 -43.24
C GLU L 85 -68.64 -12.36 -42.23
N GLN L 86 -68.54 -11.91 -40.99
CA GLN L 86 -68.02 -12.77 -39.93
C GLN L 86 -68.95 -13.96 -39.73
N LYS L 87 -70.25 -13.68 -39.75
CA LYS L 87 -71.28 -14.70 -39.56
C LYS L 87 -71.29 -15.79 -40.64
N ILE L 88 -71.08 -15.41 -41.88
CA ILE L 88 -71.09 -16.40 -42.96
C ILE L 88 -70.02 -17.48 -42.82
N ALA L 89 -68.83 -17.10 -42.34
CA ALA L 89 -67.75 -18.07 -42.21
C ALA L 89 -68.06 -19.23 -41.25
N GLN L 90 -68.63 -18.93 -40.09
CA GLN L 90 -68.96 -20.02 -39.16
C GLN L 90 -70.03 -20.92 -39.76
N LEU L 91 -70.99 -20.33 -40.44
CA LEU L 91 -72.07 -21.10 -41.06
C LEU L 91 -71.50 -22.05 -42.11
N GLU L 92 -70.56 -21.56 -42.90
CA GLU L 92 -69.91 -22.42 -43.89
C GLU L 92 -69.15 -23.53 -43.18
N GLU L 93 -68.45 -23.17 -42.11
CA GLU L 93 -67.65 -24.12 -41.35
C GLU L 93 -68.45 -25.24 -40.69
N VAL L 94 -69.57 -24.91 -40.06
CA VAL L 94 -70.37 -25.95 -39.42
C VAL L 94 -70.93 -26.94 -40.45
N LYS L 95 -71.41 -26.40 -41.57
CA LYS L 95 -71.94 -27.25 -42.62
C LYS L 95 -70.85 -28.12 -43.20
N GLN L 96 -69.67 -27.52 -43.40
CA GLN L 96 -68.53 -28.25 -43.93
C GLN L 96 -68.11 -29.33 -42.95
N ALA L 97 -68.10 -28.98 -41.67
CA ALA L 97 -67.72 -29.93 -40.64
C ALA L 97 -68.72 -31.09 -40.54
N SER L 98 -70.00 -30.75 -40.63
CA SER L 98 -71.06 -31.75 -40.53
C SER L 98 -71.08 -32.81 -41.63
N ILE L 99 -70.89 -32.39 -42.88
CA ILE L 99 -70.90 -33.34 -43.99
C ILE L 99 -69.75 -34.34 -43.93
N LYS L 100 -68.56 -33.87 -43.57
CA LYS L 100 -67.40 -34.75 -43.49
C LYS L 100 -67.55 -35.83 -42.43
N GLN L 101 -68.04 -35.46 -41.26
CA GLN L 101 -68.20 -36.41 -40.17
C GLN L 101 -69.23 -37.51 -40.43
N ILE L 102 -70.37 -37.13 -40.99
CA ILE L 102 -71.44 -38.07 -41.28
C ILE L 102 -71.10 -39.10 -42.37
N GLN L 103 -70.41 -38.65 -43.41
CA GLN L 103 -70.08 -39.51 -44.53
C GLN L 103 -68.91 -40.43 -44.23
N ASP L 104 -68.03 -40.06 -43.30
CA ASP L 104 -66.96 -40.94 -42.86
C ASP L 104 -67.49 -42.11 -42.06
N ALA L 105 -68.66 -41.96 -41.43
CA ALA L 105 -69.25 -43.06 -40.69
C ALA L 105 -69.89 -44.09 -41.63
N ILE L 106 -70.58 -43.63 -42.67
CA ILE L 106 -71.34 -44.54 -43.52
C ILE L 106 -70.43 -45.35 -44.42
N ASP L 107 -69.43 -44.72 -45.06
CA ASP L 107 -68.60 -45.44 -46.02
C ASP L 107 -67.63 -46.40 -45.33
N LEU L 108 -67.34 -46.16 -44.06
CA LEU L 108 -66.47 -47.06 -43.31
C LEU L 108 -67.25 -48.08 -42.48
N GLU L 109 -68.57 -47.91 -42.37
CA GLU L 109 -69.39 -48.98 -41.81
C GLU L 109 -69.58 -50.10 -42.82
N LYS L 110 -69.86 -49.74 -44.08
CA LYS L 110 -69.97 -50.74 -45.13
C LYS L 110 -68.63 -51.36 -45.49
N SER L 111 -67.52 -50.68 -45.18
CA SER L 111 -66.19 -51.24 -45.38
C SER L 111 -65.90 -52.38 -44.41
N GLN L 112 -66.61 -52.43 -43.27
CA GLN L 112 -66.57 -53.61 -42.42
C GLN L 112 -67.27 -54.79 -43.09
N GLN L 113 -68.52 -54.58 -43.51
CA GLN L 113 -69.35 -55.66 -44.03
C GLN L 113 -68.92 -56.12 -45.42
N ALA L 114 -68.14 -55.31 -46.14
CA ALA L 114 -67.75 -55.71 -47.50
C ALA L 114 -66.74 -56.85 -47.47
N LEU L 115 -65.88 -56.89 -46.46
CA LEU L 115 -64.83 -57.90 -46.39
C LEU L 115 -65.30 -59.19 -45.73
N VAL L 116 -66.54 -59.26 -45.24
CA VAL L 116 -67.00 -60.46 -44.57
C VAL L 116 -67.97 -61.23 -45.47
N GLN L 117 -68.47 -60.58 -46.53
CA GLN L 117 -69.11 -61.34 -47.59
C GLN L 117 -68.13 -61.71 -48.70
N LYS L 118 -67.03 -60.95 -48.83
CA LYS L 118 -66.00 -61.30 -49.80
C LYS L 118 -65.27 -62.56 -49.37
N ARG L 119 -64.91 -62.65 -48.09
CA ARG L 119 -64.00 -63.70 -47.63
C ARG L 119 -64.66 -65.06 -47.58
N HIS L 120 -65.94 -65.14 -47.20
CA HIS L 120 -66.59 -66.44 -47.10
C HIS L 120 -67.00 -67.00 -48.45
N TYR L 121 -67.14 -66.15 -49.48
CA TYR L 121 -67.34 -66.67 -50.83
C TYR L 121 -66.07 -67.30 -51.37
N LEU L 122 -64.94 -66.59 -51.30
CA LEU L 122 -63.72 -67.09 -51.91
C LEU L 122 -63.03 -68.18 -51.09
N PHE L 123 -63.39 -68.33 -49.81
CA PHE L 123 -62.84 -69.43 -49.03
C PHE L 123 -63.65 -70.71 -49.16
N ASP L 124 -64.75 -70.68 -49.90
CA ASP L 124 -65.43 -71.89 -50.32
C ASP L 124 -65.22 -72.19 -51.80
N VAL L 125 -64.77 -71.19 -52.56
CA VAL L 125 -64.30 -71.44 -53.92
C VAL L 125 -63.03 -72.28 -53.88
N GLN L 126 -62.14 -71.98 -52.92
CA GLN L 126 -60.97 -72.82 -52.69
C GLN L 126 -61.32 -74.21 -52.17
N ARG L 127 -62.51 -74.38 -51.60
CA ARG L 127 -62.97 -75.73 -51.26
C ARG L 127 -63.35 -76.50 -52.51
N ASN L 128 -64.08 -75.85 -53.43
CA ASN L 128 -64.63 -76.54 -54.59
C ASN L 128 -63.73 -76.49 -55.82
N ASN L 129 -62.73 -75.61 -55.87
CA ASN L 129 -61.76 -75.69 -56.96
C ASN L 129 -60.82 -76.87 -56.79
N ILE L 130 -60.57 -77.30 -55.55
CA ILE L 130 -59.82 -78.52 -55.31
C ILE L 130 -60.73 -79.74 -55.30
N ALA L 131 -62.04 -79.55 -55.07
CA ALA L 131 -62.97 -80.68 -55.09
C ALA L 131 -63.15 -81.23 -56.49
N MET L 132 -63.12 -80.37 -57.52
CA MET L 132 -63.19 -80.86 -58.89
C MET L 132 -61.90 -81.54 -59.31
N ALA L 133 -60.80 -81.27 -58.61
CA ALA L 133 -59.51 -81.84 -59.00
C ALA L 133 -59.41 -83.32 -58.64
N LEU L 134 -60.26 -83.80 -57.74
CA LEU L 134 -60.24 -85.21 -57.38
C LEU L 134 -61.28 -86.03 -58.11
N GLU L 135 -62.36 -85.41 -58.57
CA GLU L 135 -63.35 -86.14 -59.36
C GLU L 135 -62.83 -86.44 -60.76
N VAL L 136 -62.20 -85.46 -61.41
CA VAL L 136 -61.68 -85.64 -62.75
C VAL L 136 -60.41 -86.49 -62.79
N THR L 137 -59.80 -86.76 -61.64
CA THR L 137 -58.72 -87.73 -61.56
C THR L 137 -59.18 -89.06 -60.99
N TYR L 138 -60.44 -89.15 -60.57
CA TYR L 138 -61.02 -90.46 -60.26
C TYR L 138 -61.83 -90.98 -61.44
N ARG L 139 -62.53 -90.09 -62.14
CA ARG L 139 -63.28 -90.48 -63.33
C ARG L 139 -62.34 -90.96 -64.43
N GLU L 140 -61.18 -90.33 -64.55
CA GLU L 140 -60.16 -90.78 -65.49
C GLU L 140 -59.37 -91.99 -64.98
N ARG L 141 -59.53 -92.35 -63.70
CA ARG L 141 -58.96 -93.59 -63.20
C ARG L 141 -59.85 -94.79 -63.52
N LEU L 142 -61.17 -94.63 -63.45
CA LEU L 142 -62.08 -95.69 -63.85
C LEU L 142 -62.09 -95.86 -65.36
N HIS L 143 -61.90 -94.77 -66.10
CA HIS L 143 -61.96 -94.83 -67.56
C HIS L 143 -60.70 -95.45 -68.16
N ARG L 144 -59.52 -95.15 -67.59
CA ARG L 144 -58.27 -95.63 -68.16
C ARG L 144 -58.10 -97.13 -67.95
N VAL L 145 -58.65 -97.67 -66.86
CA VAL L 145 -58.50 -99.09 -66.59
C VAL L 145 -59.43 -99.90 -67.50
N TYR L 146 -60.40 -99.24 -68.14
CA TYR L 146 -61.14 -99.89 -69.22
C TYR L 146 -60.42 -99.77 -70.55
N LYS L 147 -59.58 -98.74 -70.70
CA LYS L 147 -58.92 -98.50 -71.99
C LYS L 147 -57.79 -99.50 -72.23
N GLU L 148 -57.02 -99.81 -71.20
CA GLU L 148 -55.90 -100.74 -71.37
C GLU L 148 -56.34 -102.20 -71.30
N ILE L 149 -57.60 -102.47 -70.98
CA ILE L 149 -58.14 -103.83 -71.16
C ILE L 149 -58.98 -103.92 -72.44
N LYS L 150 -59.26 -102.79 -73.08
CA LYS L 150 -59.87 -102.79 -74.41
C LYS L 150 -58.82 -103.04 -75.48
N ASN L 151 -57.56 -102.69 -75.20
CA ASN L 151 -56.47 -102.95 -76.14
C ASN L 151 -56.23 -104.44 -76.32
N ARG L 152 -56.38 -105.23 -75.25
CA ARG L 152 -56.24 -106.67 -75.35
C ARG L 152 -57.49 -107.31 -75.94
N LEU L 153 -58.66 -106.71 -75.75
CA LEU L 153 -59.88 -107.11 -76.44
C LEU L 153 -59.86 -106.75 -77.92
N ASP L 154 -58.95 -105.89 -78.35
CA ASP L 154 -58.83 -105.51 -79.75
C ASP L 154 -57.64 -106.16 -80.44
N TYR L 155 -56.63 -106.61 -79.69
CA TYR L 155 -55.40 -107.11 -80.29
C TYR L 155 -55.57 -108.53 -80.80
N HIS L 156 -56.12 -109.42 -79.97
CA HIS L 156 -56.09 -110.84 -80.30
C HIS L 156 -57.07 -111.19 -81.41
N ILE L 157 -58.10 -110.37 -81.62
CA ILE L 157 -58.95 -110.52 -82.80
C ILE L 157 -58.20 -110.09 -84.05
N SER L 158 -57.34 -109.06 -83.93
CA SER L 158 -56.56 -108.58 -85.07
C SER L 158 -55.45 -109.54 -85.49
N VAL L 159 -55.21 -110.60 -84.72
CA VAL L 159 -54.34 -111.68 -85.18
C VAL L 159 -55.16 -112.92 -85.55
N GLN L 160 -56.28 -113.16 -84.86
CA GLN L 160 -57.08 -114.33 -85.15
C GLN L 160 -57.93 -114.16 -86.41
N ASN L 161 -58.29 -112.93 -86.75
CA ASN L 161 -59.13 -112.71 -87.92
C ASN L 161 -58.33 -112.27 -89.14
N MET L 162 -57.16 -111.68 -88.92
CA MET L 162 -56.31 -111.32 -90.07
C MET L 162 -55.70 -112.56 -90.71
N MET L 163 -55.19 -113.49 -89.89
CA MET L 163 -54.50 -114.66 -90.42
C MET L 163 -55.48 -115.67 -91.03
N ARG L 164 -56.76 -115.59 -90.70
CA ARG L 164 -57.76 -116.43 -91.34
C ARG L 164 -57.92 -116.09 -92.82
N GLN L 165 -57.79 -114.80 -93.17
CA GLN L 165 -57.88 -114.39 -94.57
C GLN L 165 -56.64 -114.79 -95.36
N LYS L 166 -55.53 -115.09 -94.68
CA LYS L 166 -54.33 -115.50 -95.38
C LYS L 166 -54.45 -116.90 -95.95
N GLU L 167 -55.15 -117.80 -95.24
CA GLU L 167 -55.35 -119.15 -95.74
C GLU L 167 -56.70 -119.29 -96.46
N GLN L 168 -57.54 -118.27 -96.40
CA GLN L 168 -58.74 -118.26 -97.23
C GLN L 168 -58.37 -118.06 -98.70
N GLU L 169 -57.40 -117.19 -98.97
CA GLU L 169 -56.94 -117.00 -100.34
C GLU L 169 -55.99 -118.10 -100.79
N HIS L 170 -55.21 -118.66 -99.85
CA HIS L 170 -54.31 -119.75 -100.21
C HIS L 170 -55.06 -121.06 -100.40
N MET L 171 -56.31 -121.14 -99.94
CA MET L 171 -57.13 -122.30 -100.21
C MET L 171 -57.50 -122.38 -101.68
N ILE L 172 -58.04 -121.29 -102.23
CA ILE L 172 -58.44 -121.28 -103.63
C ILE L 172 -57.24 -121.17 -104.57
N ARG L 173 -56.07 -120.78 -104.06
CA ARG L 173 -54.88 -120.74 -104.90
C ARG L 173 -54.41 -122.14 -105.29
N TRP L 174 -54.74 -123.14 -104.50
CA TRP L 174 -54.38 -124.52 -104.83
C TRP L 174 -55.37 -125.19 -105.78
N VAL L 175 -56.67 -124.89 -105.65
CA VAL L 175 -57.68 -125.72 -106.30
C VAL L 175 -57.77 -125.42 -107.79
N GLU L 176 -57.84 -124.13 -108.15
CA GLU L 176 -58.08 -123.76 -109.55
C GLU L 176 -56.91 -124.07 -110.46
N LYS L 177 -55.71 -124.28 -109.91
CA LYS L 177 -54.62 -124.82 -110.72
C LYS L 177 -54.60 -126.34 -110.68
N HIS L 178 -55.34 -126.95 -109.75
CA HIS L 178 -55.39 -128.40 -109.63
C HIS L 178 -56.60 -129.04 -110.30
N VAL L 179 -57.60 -128.24 -110.69
CA VAL L 179 -58.74 -128.81 -111.40
C VAL L 179 -58.36 -129.16 -112.83
N VAL L 180 -57.62 -128.27 -113.51
CA VAL L 180 -57.31 -128.43 -114.92
C VAL L 180 -56.34 -129.58 -115.20
N GLN L 181 -55.56 -129.99 -114.21
CA GLN L 181 -54.71 -131.17 -114.38
C GLN L 181 -55.45 -132.46 -114.09
N SER L 182 -56.67 -132.38 -113.55
CA SER L 182 -57.43 -133.57 -113.22
C SER L 182 -58.51 -133.88 -114.25
N ILE L 183 -59.04 -132.87 -114.93
CA ILE L 183 -60.08 -133.09 -115.92
C ILE L 183 -59.54 -133.27 -117.34
N SER L 184 -58.22 -133.13 -117.53
CA SER L 184 -57.63 -133.22 -118.85
C SER L 184 -57.59 -134.64 -119.40
N ALA L 185 -57.64 -135.65 -118.54
CA ALA L 185 -57.60 -137.05 -118.97
C ALA L 185 -58.96 -137.72 -118.93
N GLN L 186 -60.03 -136.99 -118.61
CA GLN L 186 -61.36 -137.57 -118.48
C GLN L 186 -62.10 -137.50 -119.80
N GLN L 187 -61.50 -138.13 -120.81
CA GLN L 187 -62.16 -138.28 -122.11
C GLN L 187 -63.24 -139.33 -122.07
N GLU L 188 -63.18 -140.26 -121.12
CA GLU L 188 -64.27 -141.19 -120.87
C GLU L 188 -65.47 -140.51 -120.24
N LYS L 189 -65.28 -139.35 -119.62
CA LYS L 189 -66.38 -138.51 -119.16
C LYS L 189 -66.93 -137.62 -120.27
N GLU L 190 -66.20 -137.47 -121.38
CA GLU L 190 -66.69 -136.66 -122.48
C GLU L 190 -67.83 -137.34 -123.21
N THR L 191 -67.87 -138.68 -123.23
CA THR L 191 -68.89 -139.38 -123.98
C THR L 191 -70.25 -139.32 -123.28
N ILE L 192 -70.26 -138.99 -121.98
CA ILE L 192 -71.52 -138.74 -121.31
C ILE L 192 -71.80 -137.24 -121.26
N ALA L 193 -70.76 -136.40 -121.36
CA ALA L 193 -70.95 -134.95 -121.34
C ALA L 193 -71.71 -134.46 -122.55
N LYS L 194 -71.51 -135.09 -123.71
CA LYS L 194 -72.36 -134.81 -124.87
C LYS L 194 -73.76 -135.38 -124.69
N CYS L 195 -73.88 -136.53 -124.04
CA CYS L 195 -75.18 -137.19 -123.90
C CYS L 195 -76.04 -136.56 -122.81
N ILE L 196 -75.44 -135.77 -121.91
CA ILE L 196 -76.24 -135.05 -120.93
C ILE L 196 -76.57 -133.65 -121.40
N ALA L 197 -75.84 -133.12 -122.38
CA ALA L 197 -76.05 -131.74 -122.81
C ALA L 197 -77.33 -131.62 -123.63
N ASP L 198 -77.52 -132.53 -124.59
CA ASP L 198 -78.65 -132.46 -125.50
C ASP L 198 -79.99 -132.72 -124.82
N LEU L 199 -80.01 -133.51 -123.74
CA LEU L 199 -81.28 -133.70 -123.02
C LEU L 199 -81.68 -132.42 -122.28
N LYS L 200 -80.72 -131.60 -121.87
CA LYS L 200 -81.07 -130.27 -121.41
C LYS L 200 -81.51 -129.39 -122.58
N LEU L 201 -80.90 -129.58 -123.76
CA LEU L 201 -81.39 -128.89 -124.95
C LEU L 201 -82.74 -129.42 -125.40
N LEU L 202 -83.00 -130.72 -125.25
CA LEU L 202 -84.35 -131.24 -125.46
C LEU L 202 -85.32 -130.65 -124.45
N ALA L 203 -84.85 -130.38 -123.23
CA ALA L 203 -85.66 -129.63 -122.28
C ALA L 203 -85.74 -128.16 -122.65
N LYS L 204 -84.74 -127.64 -123.38
CA LYS L 204 -84.71 -126.22 -123.68
C LYS L 204 -85.49 -125.86 -124.94
N LYS L 205 -85.43 -126.69 -125.99
CA LYS L 205 -86.14 -126.36 -127.21
C LYS L 205 -87.65 -126.55 -127.08
N ALA L 206 -88.10 -127.25 -126.05
CA ALA L 206 -89.52 -127.35 -125.76
C ALA L 206 -90.07 -126.10 -125.08
N GLN L 207 -89.21 -125.21 -124.61
CA GLN L 207 -89.66 -124.00 -123.92
C GLN L 207 -90.19 -122.96 -124.91
N ALA L 208 -89.44 -122.70 -125.99
CA ALA L 208 -89.90 -121.78 -127.01
C ALA L 208 -91.00 -122.37 -127.88
N GLN L 209 -91.11 -123.69 -127.92
CA GLN L 209 -92.12 -124.36 -128.72
C GLN L 209 -93.28 -124.84 -127.85
N VAL M 1 -73.83 -130.33 -114.97
CA VAL M 1 -72.79 -129.54 -114.34
C VAL M 1 -72.64 -129.93 -112.87
N GLN M 2 -73.51 -130.82 -112.40
CA GLN M 2 -73.37 -131.34 -111.05
C GLN M 2 -72.20 -132.32 -110.95
N LYS M 3 -71.91 -133.04 -112.03
CA LYS M 3 -70.76 -133.93 -112.04
C LYS M 3 -69.46 -133.14 -112.06
N LEU M 4 -69.50 -131.93 -112.63
CA LEU M 4 -68.37 -131.02 -112.51
C LEU M 4 -68.33 -130.40 -111.11
N PHE M 5 -69.50 -130.28 -110.48
CA PHE M 5 -69.59 -129.63 -109.18
C PHE M 5 -68.96 -130.49 -108.08
N VAL M 6 -69.25 -131.79 -108.06
CA VAL M 6 -68.73 -132.67 -107.01
C VAL M 6 -67.23 -132.90 -107.21
N ASP M 7 -66.74 -132.70 -108.43
CA ASP M 7 -65.29 -132.75 -108.67
C ASP M 7 -64.59 -131.60 -107.96
N LYS M 8 -65.26 -130.46 -107.81
CA LYS M 8 -64.71 -129.38 -107.01
C LYS M 8 -64.74 -129.73 -105.53
N ILE M 9 -65.81 -130.39 -105.07
CA ILE M 9 -65.97 -130.72 -103.66
C ILE M 9 -64.95 -131.76 -103.22
N ARG M 10 -64.51 -132.60 -104.16
CA ARG M 10 -63.44 -133.56 -103.87
C ARG M 10 -62.13 -132.85 -103.58
N GLU M 11 -61.80 -131.82 -104.36
CA GLU M 11 -60.49 -131.19 -104.23
C GLU M 11 -60.46 -130.20 -103.06
N TYR M 12 -61.62 -129.83 -102.52
CA TYR M 12 -61.63 -129.04 -101.29
C TYR M 12 -61.32 -129.90 -100.09
N ARG M 13 -61.69 -131.19 -100.15
CA ARG M 13 -61.48 -132.06 -99.00
C ARG M 13 -60.06 -132.61 -98.96
N THR M 14 -59.41 -132.69 -100.13
CA THR M 14 -57.99 -133.02 -100.13
C THR M 14 -57.15 -131.82 -99.74
N LYS M 15 -57.72 -130.61 -99.85
CA LYS M 15 -57.07 -129.42 -99.31
C LYS M 15 -57.32 -129.32 -97.81
N ARG M 16 -58.36 -129.98 -97.31
CA ARG M 16 -58.60 -130.04 -95.87
C ARG M 16 -57.59 -130.95 -95.18
N GLN M 17 -57.20 -132.04 -95.84
CA GLN M 17 -56.20 -132.93 -95.26
C GLN M 17 -54.82 -132.28 -95.31
N THR M 18 -54.43 -131.66 -94.21
CA THR M 18 -53.16 -130.97 -94.11
C THR M 18 -52.39 -131.47 -92.89
N SER M 19 -51.06 -131.50 -93.02
CA SER M 19 -50.17 -131.92 -91.95
C SER M 19 -48.96 -131.00 -91.79
N GLY M 20 -48.64 -130.20 -92.82
CA GLY M 20 -47.55 -129.25 -92.75
C GLY M 20 -48.01 -127.83 -92.99
N GLY M 21 -49.32 -127.64 -93.16
CA GLY M 21 -49.88 -126.33 -93.38
C GLY M 21 -49.75 -125.87 -94.82
N PRO M 22 -49.10 -124.72 -95.02
CA PRO M 22 -48.97 -124.18 -96.39
C PRO M 22 -47.97 -124.97 -97.21
N VAL M 23 -48.48 -125.77 -98.15
CA VAL M 23 -47.65 -126.57 -99.03
C VAL M 23 -47.13 -125.74 -100.21
N ASP M 24 -47.96 -124.87 -100.78
CA ASP M 24 -47.56 -124.09 -101.95
C ASP M 24 -46.99 -122.73 -101.57
N ALA M 25 -47.16 -122.29 -100.33
CA ALA M 25 -46.65 -120.99 -99.92
C ALA M 25 -45.14 -121.00 -99.76
N GLY M 26 -44.63 -121.93 -98.95
CA GLY M 26 -43.21 -122.01 -98.69
C GLY M 26 -42.74 -120.85 -97.85
N PRO M 27 -41.51 -120.38 -98.10
CA PRO M 27 -40.99 -119.26 -97.31
C PRO M 27 -41.53 -117.91 -97.75
N GLU M 28 -42.23 -117.86 -98.89
CA GLU M 28 -42.70 -116.58 -99.42
C GLU M 28 -43.86 -116.04 -98.59
N TYR M 29 -44.82 -116.89 -98.23
CA TYR M 29 -45.94 -116.44 -97.42
C TYR M 29 -45.59 -116.44 -95.93
N GLN M 30 -44.52 -117.16 -95.57
CA GLN M 30 -44.10 -117.19 -94.17
C GLN M 30 -43.31 -115.95 -93.79
N GLN M 31 -42.48 -115.46 -94.71
CA GLN M 31 -41.69 -114.25 -94.44
C GLN M 31 -42.53 -113.00 -94.64
N ASP M 32 -43.64 -113.12 -95.36
CA ASP M 32 -44.47 -111.94 -95.62
C ASP M 32 -45.32 -111.57 -94.41
N LEU M 33 -46.19 -112.49 -93.97
CA LEU M 33 -47.17 -112.16 -92.94
C LEU M 33 -46.53 -112.05 -91.57
N ASP M 34 -45.34 -112.64 -91.39
CA ASP M 34 -44.61 -112.43 -90.15
C ASP M 34 -44.00 -111.03 -90.13
N ARG M 35 -43.56 -110.53 -91.29
CA ARG M 35 -43.04 -109.18 -91.35
C ARG M 35 -44.15 -108.16 -91.49
N GLU M 36 -45.31 -108.58 -92.00
CA GLU M 36 -46.41 -107.65 -92.17
C GLU M 36 -47.08 -107.33 -90.84
N LEU M 37 -47.25 -108.35 -89.99
CA LEU M 37 -47.87 -108.10 -88.68
C LEU M 37 -46.94 -107.34 -87.76
N PHE M 38 -45.63 -107.62 -87.83
CA PHE M 38 -44.67 -106.92 -86.99
C PHE M 38 -44.49 -105.48 -87.44
N LYS M 39 -44.73 -105.20 -88.73
CA LYS M 39 -44.79 -103.82 -89.18
C LYS M 39 -46.10 -103.16 -88.76
N LEU M 40 -47.14 -103.96 -88.53
CA LEU M 40 -48.41 -103.41 -88.08
C LEU M 40 -48.48 -103.36 -86.56
N LYS M 41 -47.81 -104.30 -85.87
CA LYS M 41 -47.78 -104.27 -84.41
C LYS M 41 -46.87 -103.15 -83.92
N GLN M 42 -45.90 -102.73 -84.74
CA GLN M 42 -45.10 -101.56 -84.41
C GLN M 42 -45.93 -100.29 -84.50
N MET M 43 -46.97 -100.31 -85.33
CA MET M 43 -47.92 -99.20 -85.36
C MET M 43 -49.06 -99.41 -84.37
N TYR M 44 -49.23 -100.64 -83.89
CA TYR M 44 -50.34 -100.95 -82.98
C TYR M 44 -49.98 -100.60 -81.53
N GLY M 45 -48.94 -101.23 -81.00
CA GLY M 45 -48.54 -101.01 -79.61
C GLY M 45 -47.86 -102.20 -78.97
N LYS M 46 -46.95 -101.93 -78.03
CA LYS M 46 -46.15 -102.96 -77.36
C LYS M 46 -46.91 -103.44 -76.12
N ALA M 47 -47.79 -104.42 -76.32
CA ALA M 47 -48.59 -104.97 -75.22
C ALA M 47 -48.41 -106.48 -75.19
N ASP M 48 -48.31 -107.03 -73.98
CA ASP M 48 -48.09 -108.46 -73.82
C ASP M 48 -49.40 -109.23 -74.00
N MET M 49 -49.28 -110.56 -73.96
CA MET M 49 -50.43 -111.43 -74.19
C MET M 49 -51.29 -111.61 -72.94
N ASN M 50 -50.71 -111.50 -71.75
CA ASN M 50 -51.48 -111.71 -70.53
C ASN M 50 -51.16 -110.74 -69.40
N THR M 51 -50.31 -109.73 -69.63
CA THR M 51 -49.94 -108.78 -68.59
C THR M 51 -51.03 -107.72 -68.49
N PHE M 52 -51.80 -107.79 -67.41
CA PHE M 52 -52.82 -106.78 -67.16
C PHE M 52 -52.18 -105.50 -66.62
N PRO M 53 -52.59 -104.34 -67.09
CA PRO M 53 -51.96 -103.09 -66.66
C PRO M 53 -52.55 -102.56 -65.35
N ASN M 54 -51.66 -101.98 -64.54
CA ASN M 54 -52.05 -101.37 -63.29
C ASN M 54 -51.01 -100.32 -62.93
N PHE M 55 -51.49 -99.14 -62.54
CA PHE M 55 -50.61 -98.01 -62.23
C PHE M 55 -51.36 -97.03 -61.34
N THR M 56 -50.67 -95.94 -61.02
CA THR M 56 -51.23 -94.87 -60.21
C THR M 56 -50.77 -93.52 -60.77
N PHE M 57 -51.47 -92.47 -60.35
CA PHE M 57 -51.20 -91.12 -60.81
C PHE M 57 -51.10 -90.18 -59.61
N GLU M 58 -50.31 -89.12 -59.78
CA GLU M 58 -50.12 -88.13 -58.73
C GLU M 58 -50.87 -86.85 -59.08
N ASP M 59 -51.74 -86.43 -58.16
CA ASP M 59 -52.52 -85.22 -58.32
C ASP M 59 -51.68 -84.00 -57.93
N PRO M 60 -52.13 -82.80 -58.28
CA PRO M 60 -51.32 -81.60 -58.00
C PRO M 60 -51.38 -81.22 -56.54
N LYS M 61 -50.24 -80.80 -56.00
CA LYS M 61 -50.18 -80.36 -54.61
C LYS M 61 -50.88 -79.01 -54.47
N PHE M 62 -52.03 -79.02 -53.80
CA PHE M 62 -52.83 -77.81 -53.63
C PHE M 62 -52.16 -76.91 -52.60
N GLU M 63 -51.31 -75.99 -53.07
CA GLU M 63 -50.59 -75.10 -52.18
C GLU M 63 -51.43 -73.88 -51.84
N ALA M 64 -50.89 -73.05 -50.95
CA ALA M 64 -51.56 -71.84 -50.51
C ALA M 64 -50.57 -70.69 -50.49
N VAL M 65 -51.10 -69.47 -50.34
CA VAL M 65 -50.29 -68.26 -50.26
C VAL M 65 -50.81 -67.39 -49.13
N GLU M 66 -50.13 -66.28 -48.89
CA GLU M 66 -50.50 -65.35 -47.84
C GLU M 66 -50.91 -64.00 -48.43
N LYS M 67 -51.86 -63.35 -47.78
CA LYS M 67 -52.34 -62.04 -48.18
C LYS M 67 -52.86 -61.29 -46.95
N PRO M 68 -52.14 -60.29 -46.46
CA PRO M 68 -52.56 -59.61 -45.24
C PRO M 68 -53.64 -58.56 -45.48
N GLN M 69 -54.85 -58.90 -45.03
CA GLN M 69 -56.00 -58.02 -45.09
C GLN M 69 -56.78 -58.15 -43.80
N SER M 70 -57.02 -57.00 -43.16
CA SER M 70 -57.65 -56.86 -41.85
C SER M 70 -56.95 -57.69 -40.77
N ARG N 1 -71.44 -92.12 -58.88
CA ARG N 1 -70.33 -91.26 -58.48
C ARG N 1 -70.78 -90.23 -57.44
N LYS N 2 -69.96 -89.19 -57.25
CA LYS N 2 -70.27 -88.14 -56.29
C LYS N 2 -69.90 -86.80 -56.91
N LEU N 3 -70.73 -85.79 -56.67
CA LEU N 3 -70.49 -84.46 -57.21
C LEU N 3 -71.24 -83.45 -56.36
N ALA N 4 -70.51 -82.53 -55.73
CA ALA N 4 -71.10 -81.50 -54.91
C ALA N 4 -71.07 -80.15 -55.64
N LEU N 5 -72.01 -79.29 -55.30
CA LEU N 5 -72.14 -77.99 -55.93
C LEU N 5 -71.22 -76.98 -55.25
N LYS N 6 -71.35 -75.72 -55.67
CA LYS N 6 -70.51 -74.64 -55.14
C LYS N 6 -71.36 -73.39 -55.03
N ALA N 7 -70.71 -72.26 -54.82
CA ALA N 7 -71.37 -70.96 -54.72
C ALA N 7 -71.13 -70.17 -55.99
N ILE N 8 -71.60 -68.92 -55.99
CA ILE N 8 -71.52 -68.06 -57.16
C ILE N 8 -70.12 -67.47 -57.26
N ASP N 9 -69.48 -67.67 -58.41
CA ASP N 9 -68.19 -67.04 -58.72
C ASP N 9 -68.40 -65.79 -59.59
N TRP N 10 -69.05 -64.79 -59.00
CA TRP N 10 -69.55 -63.65 -59.75
C TRP N 10 -68.82 -62.35 -59.43
N VAL N 11 -68.79 -61.93 -58.16
CA VAL N 11 -68.30 -60.61 -57.81
C VAL N 11 -67.16 -60.69 -56.81
N ALA N 12 -67.38 -61.42 -55.71
CA ALA N 12 -66.41 -61.46 -54.62
C ALA N 12 -65.21 -62.35 -54.96
N PHE N 13 -65.46 -63.53 -55.52
CA PHE N 13 -64.44 -64.57 -55.69
C PHE N 13 -63.37 -64.22 -56.71
N GLY N 14 -63.50 -63.11 -57.44
CA GLY N 14 -62.46 -62.68 -58.35
C GLY N 14 -61.90 -61.34 -57.95
N GLU N 15 -62.31 -60.87 -56.77
CA GLU N 15 -61.89 -59.59 -56.22
C GLU N 15 -61.31 -59.78 -54.82
N ILE N 16 -60.39 -60.75 -54.70
CA ILE N 16 -59.78 -61.08 -53.42
C ILE N 16 -58.90 -59.97 -52.86
N ILE N 17 -58.41 -59.08 -53.72
CA ILE N 17 -57.68 -57.86 -53.38
C ILE N 17 -56.40 -58.17 -52.60
N PRO N 18 -55.39 -58.77 -53.22
CA PRO N 18 -54.07 -58.81 -52.59
C PRO N 18 -53.30 -57.52 -52.83
N ARG N 19 -52.01 -57.50 -52.50
CA ARG N 19 -51.18 -56.29 -52.70
C ARG N 19 -50.96 -56.12 -54.19
N ASN N 20 -51.95 -55.50 -54.85
CA ASN N 20 -52.09 -55.40 -56.31
C ASN N 20 -52.05 -56.78 -56.98
N GLN N 21 -52.53 -57.80 -56.27
CA GLN N 21 -52.51 -59.17 -56.78
C GLN N 21 -53.87 -59.55 -57.33
N LYS N 22 -54.26 -58.86 -58.40
CA LYS N 22 -55.44 -59.27 -59.14
C LYS N 22 -55.12 -60.41 -60.09
N ALA N 23 -53.83 -60.68 -60.33
CA ALA N 23 -53.44 -61.79 -61.19
C ALA N 23 -53.63 -63.13 -60.50
N ILE N 24 -53.44 -63.17 -59.18
CA ILE N 24 -53.61 -64.41 -58.44
C ILE N 24 -55.08 -64.76 -58.30
N ALA N 25 -55.93 -63.73 -58.21
CA ALA N 25 -57.37 -63.97 -58.15
C ALA N 25 -57.91 -64.33 -59.53
N ASN N 26 -57.28 -63.81 -60.59
CA ASN N 26 -57.68 -64.18 -61.94
C ASN N 26 -57.30 -65.62 -62.25
N SER N 27 -56.19 -66.10 -61.67
CA SER N 27 -55.81 -67.49 -61.85
C SER N 27 -56.71 -68.42 -61.05
N LEU N 28 -57.36 -67.90 -59.99
CA LEU N 28 -58.23 -68.72 -59.18
C LEU N 28 -59.52 -69.07 -59.92
N LYS N 29 -60.02 -68.13 -60.73
CA LYS N 29 -61.22 -68.43 -61.53
C LYS N 29 -60.86 -69.25 -62.76
N SER N 30 -59.59 -69.23 -63.16
CA SER N 30 -59.18 -69.92 -64.38
C SER N 30 -59.07 -71.42 -64.16
N TRP N 31 -58.94 -71.84 -62.89
CA TRP N 31 -58.87 -73.27 -62.62
C TRP N 31 -60.27 -73.88 -62.53
N ASN N 32 -61.26 -73.07 -62.18
CA ASN N 32 -62.63 -73.58 -62.09
C ASN N 32 -63.24 -73.78 -63.47
N GLU N 33 -62.86 -72.95 -64.44
CA GLU N 33 -63.38 -73.10 -65.80
C GLU N 33 -62.70 -74.26 -66.52
N THR N 34 -61.46 -74.57 -66.13
CA THR N 34 -60.73 -75.65 -66.80
C THR N 34 -61.19 -77.01 -66.30
N LEU N 35 -61.42 -77.13 -65.00
CA LEU N 35 -61.76 -78.44 -64.43
C LEU N 35 -63.22 -78.80 -64.69
N SER N 36 -64.07 -77.79 -64.87
CA SER N 36 -65.48 -78.05 -65.15
C SER N 36 -65.68 -78.55 -66.58
N THR N 37 -64.78 -78.16 -67.49
CA THR N 37 -64.84 -78.69 -68.85
C THR N 37 -64.21 -80.08 -68.92
N ARG N 38 -63.17 -80.33 -68.11
CA ARG N 38 -62.60 -81.66 -68.03
C ARG N 38 -63.55 -82.63 -67.35
N LEU N 39 -64.41 -82.13 -66.45
CA LEU N 39 -65.47 -82.95 -65.91
C LEU N 39 -66.61 -83.09 -66.91
N ALA N 40 -66.70 -82.18 -67.88
CA ALA N 40 -67.72 -82.31 -68.92
C ALA N 40 -67.21 -83.13 -70.08
N ALA N 41 -65.91 -83.44 -70.10
CA ALA N 41 -65.37 -84.27 -71.17
C ALA N 41 -65.68 -85.74 -70.94
N LEU N 42 -65.57 -86.20 -69.69
CA LEU N 42 -65.81 -87.59 -69.35
C LEU N 42 -67.03 -87.70 -68.45
N PRO N 43 -67.83 -88.75 -68.58
CA PRO N 43 -69.01 -88.90 -67.73
C PRO N 43 -68.66 -89.50 -66.38
N GLU N 44 -69.69 -89.66 -65.55
CA GLU N 44 -69.50 -90.27 -64.23
C GLU N 44 -69.32 -91.78 -64.34
N LYS N 45 -69.98 -92.40 -65.31
CA LYS N 45 -69.86 -93.85 -65.49
C LYS N 45 -69.06 -94.15 -66.76
N PRO N 46 -68.12 -95.09 -66.69
CA PRO N 46 -67.37 -95.48 -67.88
C PRO N 46 -68.14 -96.53 -68.67
N PRO N 47 -67.55 -97.08 -69.73
CA PRO N 47 -68.22 -98.11 -70.51
C PRO N 47 -68.22 -99.46 -69.79
N ALA N 48 -69.12 -100.33 -70.24
CA ALA N 48 -69.27 -101.64 -69.62
C ALA N 48 -68.37 -102.67 -70.30
N ILE N 49 -67.97 -103.68 -69.54
CA ILE N 49 -67.06 -104.70 -70.05
C ILE N 49 -67.84 -105.98 -70.38
N ASP N 50 -68.05 -106.23 -71.68
CA ASP N 50 -68.69 -107.45 -72.15
C ASP N 50 -67.72 -108.61 -71.97
N TRP N 51 -68.16 -109.61 -71.21
CA TRP N 51 -67.29 -110.72 -70.85
C TRP N 51 -67.53 -111.93 -71.76
N ALA N 52 -68.79 -112.11 -72.21
CA ALA N 52 -69.14 -113.34 -72.92
C ALA N 52 -68.58 -113.35 -74.33
N TYR N 53 -68.52 -112.19 -74.98
CA TYR N 53 -67.99 -112.13 -76.35
C TYR N 53 -66.47 -112.19 -76.35
N TYR N 54 -65.85 -111.95 -75.18
CA TYR N 54 -64.40 -112.03 -75.09
C TYR N 54 -63.91 -113.47 -75.21
N LYS N 55 -64.73 -114.43 -74.80
CA LYS N 55 -64.29 -115.82 -74.78
C LYS N 55 -64.32 -116.44 -76.17
N ALA N 56 -65.25 -115.99 -77.02
CA ALA N 56 -65.41 -116.61 -78.34
C ALA N 56 -64.54 -115.92 -79.39
N THR N 57 -64.41 -114.60 -79.31
CA THR N 57 -63.66 -113.86 -80.32
C THR N 57 -62.16 -113.99 -80.10
N VAL N 58 -61.75 -114.25 -78.87
CA VAL N 58 -60.35 -114.36 -78.48
C VAL N 58 -60.09 -115.80 -78.07
N ALA N 59 -60.68 -116.73 -78.83
CA ALA N 59 -60.86 -118.12 -78.38
C ALA N 59 -59.56 -118.89 -78.19
N LYS N 60 -58.41 -118.31 -78.55
CA LYS N 60 -57.16 -118.85 -78.04
C LYS N 60 -57.12 -118.58 -76.55
N ALA N 61 -57.43 -119.60 -75.76
CA ALA N 61 -57.78 -119.41 -74.37
C ALA N 61 -56.54 -119.45 -73.49
N GLY N 62 -56.74 -119.19 -72.20
CA GLY N 62 -55.65 -119.17 -71.25
C GLY N 62 -55.03 -117.79 -71.10
N LEU N 63 -54.28 -117.35 -72.10
CA LEU N 63 -53.57 -116.07 -72.00
C LEU N 63 -54.53 -114.90 -72.13
N VAL N 64 -55.66 -115.11 -72.79
CA VAL N 64 -56.64 -114.02 -72.95
C VAL N 64 -57.45 -113.85 -71.68
N ASP N 65 -57.84 -114.96 -71.05
CA ASP N 65 -58.76 -114.88 -69.92
C ASP N 65 -58.02 -114.60 -68.61
N ASP N 66 -56.73 -114.92 -68.54
CA ASP N 66 -55.97 -114.70 -67.32
C ASP N 66 -55.72 -113.22 -67.06
N PHE N 67 -55.50 -112.46 -68.13
CA PHE N 67 -55.46 -111.00 -68.01
C PHE N 67 -56.86 -110.45 -67.71
N GLU N 68 -57.89 -111.11 -68.26
CA GLU N 68 -59.25 -110.65 -68.02
C GLU N 68 -59.76 -111.09 -66.65
N LYS N 69 -59.05 -112.02 -65.99
CA LYS N 69 -59.40 -112.40 -64.63
C LYS N 69 -58.66 -111.53 -63.61
N LYS N 70 -57.47 -111.06 -63.97
CA LYS N 70 -56.70 -110.25 -63.04
C LYS N 70 -57.08 -108.78 -63.11
N PHE N 71 -57.44 -108.30 -64.29
CA PHE N 71 -57.79 -106.89 -64.44
C PHE N 71 -59.25 -106.62 -64.08
N ASN N 72 -60.04 -107.68 -63.86
CA ASN N 72 -61.44 -107.50 -63.51
C ASN N 72 -61.60 -107.21 -62.02
N ALA N 73 -60.83 -107.89 -61.18
CA ALA N 73 -60.92 -107.76 -59.73
C ALA N 73 -59.84 -106.83 -59.18
N LEU N 74 -59.44 -105.85 -59.96
CA LEU N 74 -58.47 -104.85 -59.55
C LEU N 74 -59.18 -103.69 -58.87
N LYS N 75 -58.39 -102.79 -58.30
CA LYS N 75 -58.91 -101.60 -57.63
C LYS N 75 -58.08 -100.39 -58.01
N VAL N 76 -58.73 -99.24 -58.08
CA VAL N 76 -58.08 -98.00 -58.49
C VAL N 76 -58.04 -97.05 -57.30
N PRO N 77 -56.94 -96.96 -56.56
CA PRO N 77 -56.85 -96.01 -55.45
C PRO N 77 -56.57 -94.61 -55.97
N VAL N 78 -57.45 -93.67 -55.64
CA VAL N 78 -57.32 -92.28 -56.07
C VAL N 78 -56.22 -91.60 -55.26
N PRO N 79 -55.82 -90.38 -55.62
CA PRO N 79 -54.72 -89.73 -54.90
C PRO N 79 -55.14 -89.26 -53.52
N GLU N 80 -54.13 -88.88 -52.72
CA GLU N 80 -54.33 -88.53 -51.34
C GLU N 80 -54.96 -87.14 -51.20
N ASP N 81 -55.50 -86.88 -50.02
CA ASP N 81 -56.10 -85.59 -49.69
C ASP N 81 -55.31 -84.88 -48.60
N LYS N 82 -53.97 -84.95 -48.68
CA LYS N 82 -53.13 -84.32 -47.66
C LYS N 82 -53.08 -82.81 -47.86
N TYR N 83 -53.06 -82.36 -49.12
CA TYR N 83 -53.04 -80.92 -49.38
C TYR N 83 -54.45 -80.32 -49.35
N THR N 84 -55.46 -81.17 -49.16
CA THR N 84 -56.84 -80.69 -49.13
C THR N 84 -57.17 -80.00 -47.82
N ALA N 85 -56.46 -80.36 -46.75
CA ALA N 85 -56.81 -79.84 -45.42
C ALA N 85 -56.01 -78.58 -45.09
N LEU N 86 -54.75 -78.50 -45.53
CA LEU N 86 -53.89 -77.38 -45.15
C LEU N 86 -54.29 -76.11 -45.90
N VAL N 87 -54.77 -76.24 -47.14
CA VAL N 87 -55.30 -75.09 -47.86
C VAL N 87 -56.60 -74.62 -47.21
N ASP N 88 -57.39 -75.56 -46.69
CA ASP N 88 -58.61 -75.19 -45.96
C ASP N 88 -58.28 -74.72 -44.55
N ALA N 89 -57.06 -74.98 -44.08
CA ALA N 89 -56.68 -74.56 -42.73
C ALA N 89 -56.39 -73.08 -42.67
N GLU N 90 -55.78 -72.52 -43.73
CA GLU N 90 -55.43 -71.11 -43.73
C GLU N 90 -56.66 -70.23 -43.93
N GLU N 91 -57.77 -70.82 -44.40
CA GLU N 91 -59.02 -70.08 -44.48
C GLU N 91 -59.62 -69.86 -43.11
N GLN N 92 -59.32 -70.74 -42.16
CA GLN N 92 -59.87 -70.59 -40.82
C GLN N 92 -59.14 -69.52 -40.03
N GLU N 93 -57.84 -69.33 -40.30
CA GLU N 93 -57.08 -68.30 -39.59
C GLU N 93 -57.35 -66.91 -40.16
N ASP N 94 -57.53 -66.83 -41.48
CA ASP N 94 -57.74 -65.53 -42.12
C ASP N 94 -59.16 -65.01 -41.86
N VAL N 95 -60.13 -65.92 -41.69
CA VAL N 95 -61.50 -65.50 -41.40
C VAL N 95 -61.61 -64.96 -39.98
N LYS N 96 -60.74 -65.42 -39.08
CA LYS N 96 -60.66 -64.84 -37.76
C LYS N 96 -59.94 -63.50 -37.79
N ARG N 97 -59.11 -63.27 -38.80
CA ARG N 97 -58.40 -62.00 -38.92
C ARG N 97 -59.21 -60.98 -39.70
N CYS N 98 -60.15 -61.45 -40.52
CA CYS N 98 -60.93 -60.54 -41.37
C CYS N 98 -61.98 -59.79 -40.56
N ALA N 99 -62.31 -60.28 -39.37
CA ALA N 99 -63.31 -59.62 -38.54
C ALA N 99 -62.68 -58.56 -37.64
N GLU N 100 -61.38 -58.32 -37.81
CA GLU N 100 -60.69 -57.31 -37.01
C GLU N 100 -61.14 -55.90 -37.41
N PHE N 101 -61.52 -55.72 -38.67
CA PHE N 101 -62.17 -54.48 -39.07
C PHE N 101 -63.56 -54.37 -38.43
N LEU N 102 -64.25 -55.50 -38.30
CA LEU N 102 -65.55 -55.50 -37.62
C LEU N 102 -65.38 -55.42 -36.11
N SER N 103 -64.17 -55.65 -35.61
CA SER N 103 -63.92 -55.54 -34.18
C SER N 103 -63.41 -54.14 -33.81
N LEU N 104 -62.40 -53.65 -34.52
CA LEU N 104 -61.72 -52.44 -34.10
C LEU N 104 -62.44 -51.18 -34.59
N SER N 105 -62.95 -51.20 -35.83
CA SER N 105 -63.53 -50.00 -36.39
C SER N 105 -64.98 -49.81 -35.95
N LYS N 106 -65.53 -50.76 -35.20
CA LYS N 106 -66.87 -50.62 -34.66
C LYS N 106 -66.91 -49.55 -33.58
N ALA N 107 -65.88 -49.50 -32.74
CA ALA N 107 -65.76 -48.41 -31.78
C ALA N 107 -65.40 -47.10 -32.48
N ARG N 108 -64.69 -47.20 -33.61
CA ARG N 108 -64.36 -46.01 -34.39
C ARG N 108 -65.60 -45.45 -35.08
N ILE N 109 -66.60 -46.30 -35.32
CA ILE N 109 -67.87 -45.81 -35.87
C ILE N 109 -68.66 -45.08 -34.81
N GLU N 110 -68.73 -45.65 -33.60
CA GLU N 110 -69.53 -45.04 -32.54
C GLU N 110 -68.86 -43.80 -31.97
N ALA N 111 -67.52 -43.76 -31.97
CA ALA N 111 -66.82 -42.54 -31.56
C ALA N 111 -67.01 -41.43 -32.58
N TYR N 112 -67.10 -41.79 -33.87
CA TYR N 112 -67.45 -40.80 -34.89
C TYR N 112 -68.93 -40.45 -34.81
N GLU N 113 -69.77 -41.41 -34.40
CA GLU N 113 -71.19 -41.12 -34.22
C GLU N 113 -71.41 -40.25 -32.99
N LYS N 114 -70.62 -40.44 -31.94
CA LYS N 114 -70.72 -39.58 -30.77
C LYS N 114 -70.11 -38.22 -31.04
N GLU N 115 -69.20 -38.14 -32.01
CA GLU N 115 -68.62 -36.86 -32.39
C GLU N 115 -69.63 -35.99 -33.12
N LEU N 116 -70.60 -36.62 -33.80
CA LEU N 116 -71.65 -35.87 -34.46
C LEU N 116 -72.67 -35.35 -33.45
N GLU N 117 -72.72 -35.97 -32.27
CA GLU N 117 -73.62 -35.48 -31.22
C GLU N 117 -73.07 -34.21 -30.57
N LYS N 118 -71.77 -34.21 -30.25
CA LYS N 118 -71.18 -33.04 -29.60
C LYS N 118 -70.98 -31.89 -30.59
N MET N 119 -70.89 -32.21 -31.89
CA MET N 119 -70.72 -31.15 -32.89
C MET N 119 -72.00 -30.34 -33.06
N LYS N 120 -73.15 -30.95 -32.76
CA LYS N 120 -74.40 -30.19 -32.73
C LYS N 120 -74.43 -29.25 -31.53
N ASN N 121 -73.86 -29.70 -30.41
CA ASN N 121 -73.82 -28.90 -29.19
C ASN N 121 -73.01 -27.60 -29.24
N ILE N 122 -71.87 -27.65 -29.90
CA ILE N 122 -70.96 -26.51 -29.99
C ILE N 122 -71.44 -25.25 -30.72
N ILE N 123 -72.11 -25.41 -31.86
CA ILE N 123 -72.56 -24.24 -32.63
C ILE N 123 -73.56 -23.30 -31.96
N PRO N 124 -74.58 -23.86 -31.30
CA PRO N 124 -75.41 -23.15 -30.32
C PRO N 124 -75.98 -21.84 -30.87
N PHE N 125 -75.90 -20.78 -30.06
CA PHE N 125 -76.37 -19.46 -30.45
C PHE N 125 -75.32 -18.76 -31.30
N ASP N 126 -75.72 -17.80 -32.12
CA ASP N 126 -74.75 -17.09 -32.93
C ASP N 126 -73.69 -16.41 -32.07
N GLN N 127 -74.12 -15.78 -30.97
CA GLN N 127 -73.26 -14.98 -30.11
C GLN N 127 -72.79 -15.76 -28.90
N MET N 128 -72.43 -17.04 -29.06
CA MET N 128 -72.42 -17.96 -27.93
C MET N 128 -71.22 -17.76 -27.01
N THR N 129 -70.01 -18.03 -27.48
CA THR N 129 -68.90 -18.18 -26.53
C THR N 129 -67.58 -17.97 -27.24
N ILE N 130 -66.57 -17.57 -26.47
CA ILE N 130 -65.25 -17.35 -27.05
C ILE N 130 -64.31 -18.50 -26.71
N GLU N 131 -64.81 -19.47 -25.94
CA GLU N 131 -63.99 -20.63 -25.61
C GLU N 131 -64.59 -21.91 -26.17
N ASP N 132 -65.92 -21.94 -26.32
CA ASP N 132 -66.56 -23.11 -26.92
C ASP N 132 -66.31 -23.14 -28.42
N LEU N 133 -66.08 -21.98 -29.02
CA LEU N 133 -65.62 -21.95 -30.41
C LEU N 133 -64.13 -22.16 -30.49
N ASN N 134 -63.46 -22.29 -29.34
CA ASN N 134 -62.03 -22.54 -29.33
C ASN N 134 -61.71 -24.03 -29.21
N GLU N 135 -62.59 -24.88 -29.74
CA GLU N 135 -62.25 -26.30 -29.85
C GLU N 135 -61.97 -26.68 -31.30
N VAL N 136 -62.89 -26.34 -32.21
CA VAL N 136 -62.71 -26.70 -33.61
C VAL N 136 -61.63 -25.84 -34.26
N PHE N 137 -61.87 -24.55 -34.34
CA PHE N 137 -60.84 -23.60 -34.79
C PHE N 137 -59.75 -23.52 -33.75
N PRO N 138 -58.50 -23.55 -34.17
CA PRO N 138 -57.44 -23.87 -33.23
C PRO N 138 -56.77 -22.67 -32.58
N GLU N 139 -56.03 -22.95 -31.51
CA GLU N 139 -55.06 -22.02 -30.95
C GLU N 139 -53.78 -22.82 -30.69
N THR N 140 -52.68 -22.12 -30.46
CA THR N 140 -51.40 -22.80 -30.37
C THR N 140 -50.51 -22.07 -29.37
N LYS N 141 -49.22 -22.36 -29.39
CA LYS N 141 -48.24 -21.69 -28.55
C LYS N 141 -47.74 -20.43 -29.23
N LEU N 142 -46.71 -19.80 -28.67
CA LEU N 142 -46.18 -18.53 -29.16
C LEU N 142 -45.57 -18.73 -30.54
N ASP N 143 -45.89 -17.80 -31.44
CA ASP N 143 -45.33 -17.72 -32.79
C ASP N 143 -45.63 -18.97 -33.62
N LYS N 144 -46.93 -19.24 -33.78
CA LYS N 144 -47.33 -20.27 -34.71
C LYS N 144 -47.90 -19.67 -36.00
N LYS N 145 -48.90 -18.81 -35.88
CA LYS N 145 -49.57 -18.21 -37.04
C LYS N 145 -48.61 -17.21 -37.67
N LYS N 146 -48.02 -17.58 -38.81
CA LYS N 146 -47.07 -16.71 -39.48
C LYS N 146 -47.75 -15.49 -40.05
N TYR N 147 -48.74 -15.68 -40.90
CA TYR N 147 -49.47 -14.56 -41.48
C TYR N 147 -50.46 -14.00 -40.47
N UNK O 1 -94.38 19.31 -0.74
CA UNK O 1 -94.66 20.66 -1.25
C UNK O 1 -95.02 20.61 -2.73
N UNK O 2 -94.78 21.72 -3.43
CA UNK O 2 -94.89 21.85 -4.89
C UNK O 2 -96.26 21.59 -5.50
N UNK O 3 -96.89 22.65 -5.99
CA UNK O 3 -98.17 22.54 -6.68
C UNK O 3 -98.05 22.95 -8.14
N UNK O 4 -99.02 22.53 -8.95
CA UNK O 4 -99.02 22.84 -10.37
C UNK O 4 -99.76 24.13 -10.66
N UNK O 5 -100.20 24.81 -9.60
CA UNK O 5 -100.84 26.11 -9.74
C UNK O 5 -99.92 27.17 -9.14
N UNK O 6 -99.19 26.80 -8.10
CA UNK O 6 -98.21 27.67 -7.46
C UNK O 6 -97.02 27.87 -8.37
N UNK O 7 -96.73 26.84 -9.16
CA UNK O 7 -95.67 26.88 -10.15
C UNK O 7 -95.98 27.89 -11.24
N UNK O 8 -97.27 28.06 -11.53
CA UNK O 8 -97.71 29.07 -12.49
C UNK O 8 -97.55 30.45 -11.90
N UNK O 9 -97.64 30.52 -10.57
CA UNK O 9 -97.42 31.77 -9.86
C UNK O 9 -95.94 31.96 -9.58
N UNK O 10 -95.17 30.89 -9.71
CA UNK O 10 -93.75 30.94 -9.43
C UNK O 10 -92.99 31.63 -10.54
N UNK O 11 -93.23 31.17 -11.77
CA UNK O 11 -92.46 31.62 -12.92
C UNK O 11 -92.77 33.05 -13.30
N UNK O 12 -94.05 33.40 -13.32
CA UNK O 12 -94.47 34.70 -13.83
C UNK O 12 -94.11 35.84 -12.88
N UNK O 13 -94.06 35.53 -11.58
CA UNK O 13 -93.76 36.55 -10.58
C UNK O 13 -92.27 36.82 -10.54
N UNK O 14 -91.48 35.79 -10.82
CA UNK O 14 -90.03 35.92 -10.78
C UNK O 14 -89.53 36.81 -11.91
N UNK O 15 -90.19 36.71 -13.07
CA UNK O 15 -89.87 37.58 -14.20
C UNK O 15 -90.35 38.98 -13.90
N UNK O 16 -91.44 39.08 -13.15
CA UNK O 16 -91.92 40.36 -12.65
C UNK O 16 -90.96 40.87 -11.58
N UNK O 17 -90.33 39.95 -10.87
CA UNK O 17 -89.29 40.31 -9.92
C UNK O 17 -87.96 40.48 -10.65
N UNK O 18 -87.88 39.98 -11.88
CA UNK O 18 -86.70 40.20 -12.69
C UNK O 18 -86.78 41.58 -13.29
N UNK O 19 -88.00 42.05 -13.49
CA UNK O 19 -88.22 43.43 -13.90
C UNK O 19 -87.81 44.35 -12.76
N UNK O 20 -88.00 43.87 -11.54
CA UNK O 20 -87.48 44.54 -10.37
C UNK O 20 -85.97 44.39 -10.31
N UNK O 21 -85.46 43.26 -10.78
CA UNK O 21 -84.02 43.03 -10.82
C UNK O 21 -83.40 43.84 -11.95
N UNK O 22 -84.22 44.18 -12.94
CA UNK O 22 -83.83 45.10 -13.99
C UNK O 22 -83.72 46.50 -13.41
N UNK O 23 -84.62 46.82 -12.48
CA UNK O 23 -84.58 48.07 -11.75
C UNK O 23 -83.43 48.05 -10.74
N UNK O 24 -83.03 46.84 -10.37
CA UNK O 24 -81.82 46.62 -9.55
C UNK O 24 -80.58 46.57 -10.45
N UNK O 25 -80.80 46.75 -11.74
CA UNK O 25 -79.69 46.82 -12.69
C UNK O 25 -79.69 48.16 -13.40
N UNK O 26 -80.86 48.72 -13.72
CA UNK O 26 -80.95 49.96 -14.48
C UNK O 26 -80.50 51.14 -13.63
N UNK O 27 -80.85 51.10 -12.35
CA UNK O 27 -80.37 52.10 -11.41
C UNK O 27 -78.91 51.82 -11.16
N UNK O 28 -78.55 50.54 -11.19
CA UNK O 28 -77.16 50.12 -11.06
C UNK O 28 -76.38 50.46 -12.32
N UNK O 29 -77.09 50.50 -13.46
CA UNK O 29 -76.49 51.01 -14.69
C UNK O 29 -76.30 52.51 -14.53
N UNK O 30 -77.29 53.15 -13.91
CA UNK O 30 -77.22 54.57 -13.61
C UNK O 30 -76.20 54.84 -12.51
N UNK O 31 -76.04 53.88 -11.59
CA UNK O 31 -75.01 53.99 -10.57
C UNK O 31 -73.64 53.71 -11.16
N UNK O 32 -73.62 53.06 -12.32
CA UNK O 32 -72.39 52.86 -13.06
C UNK O 32 -72.11 54.06 -13.96
N UNK O 33 -73.17 54.58 -14.59
CA UNK O 33 -73.05 55.72 -15.49
C UNK O 33 -72.68 57.01 -14.75
N UNK O 34 -73.03 57.06 -13.47
CA UNK O 34 -72.66 58.20 -12.64
C UNK O 34 -71.30 57.99 -12.01
N UNK O 35 -70.72 56.82 -12.23
CA UNK O 35 -69.43 56.49 -11.64
C UNK O 35 -68.35 56.29 -12.68
N UNK O 36 -68.58 55.37 -13.61
CA UNK O 36 -67.57 54.95 -14.58
C UNK O 36 -67.25 56.04 -15.59
N UNK O 37 -68.22 56.93 -15.84
CA UNK O 37 -68.02 58.05 -16.74
C UNK O 37 -67.04 59.05 -16.13
N UNK O 38 -67.01 59.10 -14.80
CA UNK O 38 -66.07 59.94 -14.08
C UNK O 38 -65.03 59.09 -13.37
N UNK O 39 -64.74 57.92 -13.95
CA UNK O 39 -63.70 57.06 -13.42
C UNK O 39 -62.68 56.73 -14.51
N UNK O 40 -63.17 56.23 -15.64
CA UNK O 40 -62.31 55.89 -16.76
C UNK O 40 -61.79 57.16 -17.41
N UNK O 41 -62.59 58.21 -17.36
CA UNK O 41 -62.15 59.51 -17.84
C UNK O 41 -61.25 60.13 -16.79
N UNK O 42 -61.48 59.77 -15.54
CA UNK O 42 -60.68 60.28 -14.43
C UNK O 42 -59.31 59.63 -14.45
N UNK O 43 -59.25 58.42 -14.99
CA UNK O 43 -57.97 57.76 -15.18
C UNK O 43 -57.34 58.26 -16.46
N UNK O 44 -58.17 58.79 -17.35
CA UNK O 44 -57.70 59.30 -18.63
C UNK O 44 -57.02 60.65 -18.45
N UNK O 45 -57.38 61.35 -17.39
CA UNK O 45 -56.78 62.63 -17.06
C UNK O 45 -55.33 62.43 -16.65
N UNK O 46 -55.08 61.33 -15.96
CA UNK O 46 -53.72 60.98 -15.57
C UNK O 46 -53.00 60.33 -16.74
N UNK O 47 -53.77 59.72 -17.64
CA UNK O 47 -53.19 58.95 -18.74
C UNK O 47 -52.55 59.82 -19.80
N UNK O 48 -53.30 60.82 -20.27
CA UNK O 48 -52.83 61.73 -21.31
C UNK O 48 -51.69 62.62 -20.82
N UNK O 49 -51.72 62.94 -19.53
CA UNK O 49 -50.66 63.71 -18.89
C UNK O 49 -49.40 62.88 -18.80
N UNK O 50 -49.52 61.61 -18.42
CA UNK O 50 -48.37 60.72 -18.31
C UNK O 50 -47.85 60.34 -19.70
N UNK O 51 -48.74 60.32 -20.69
CA UNK O 51 -48.34 60.02 -22.07
C UNK O 51 -47.54 61.18 -22.66
N UNK O 52 -47.81 62.38 -22.17
CA UNK O 52 -47.05 63.55 -22.60
C UNK O 52 -45.84 63.75 -21.69
N UNK O 53 -45.91 63.22 -20.47
CA UNK O 53 -44.79 63.29 -19.55
C UNK O 53 -43.70 62.31 -19.98
N UNK O 54 -44.13 61.21 -20.58
CA UNK O 54 -43.19 60.26 -21.18
C UNK O 54 -42.73 60.79 -22.52
N UNK O 55 -43.52 61.69 -23.10
CA UNK O 55 -43.15 62.37 -24.34
C UNK O 55 -42.31 63.59 -24.02
N UNK O 56 -42.41 64.09 -22.79
CA UNK O 56 -41.59 65.19 -22.31
C UNK O 56 -40.14 64.75 -22.23
N UNK O 57 -39.95 63.53 -21.73
CA UNK O 57 -38.63 62.92 -21.70
C UNK O 57 -38.24 62.49 -23.11
N UNK O 58 -39.23 62.22 -23.96
CA UNK O 58 -38.98 61.82 -25.34
C UNK O 58 -38.82 63.05 -26.24
N UNK O 59 -39.06 64.22 -25.66
CA UNK O 59 -38.67 65.47 -26.29
C UNK O 59 -37.29 65.84 -25.75
N UNK O 60 -36.91 65.19 -24.66
CA UNK O 60 -35.62 65.39 -24.03
C UNK O 60 -34.63 64.31 -24.46
N UNK O 61 -35.16 63.17 -24.91
CA UNK O 61 -34.30 62.10 -25.41
C UNK O 61 -33.85 62.41 -26.82
N UNK O 62 -34.62 63.27 -27.50
CA UNK O 62 -34.28 63.70 -28.85
C UNK O 62 -33.06 64.62 -28.82
N UNK O 63 -33.29 65.90 -28.56
CA UNK O 63 -32.19 66.87 -28.49
C UNK O 63 -31.47 66.76 -27.15
N ALA P 1 -63.64 2.55 -2.24
CA ALA P 1 -64.21 3.46 -3.24
C ALA P 1 -63.87 2.97 -4.64
N SER P 2 -63.10 1.89 -4.72
CA SER P 2 -62.75 1.34 -6.02
C SER P 2 -63.91 0.57 -6.64
N VAL P 3 -64.69 -0.11 -5.82
CA VAL P 3 -65.88 -0.81 -6.32
C VAL P 3 -67.00 0.20 -6.57
N VAL P 4 -66.85 1.42 -6.07
CA VAL P 4 -67.81 2.47 -6.38
C VAL P 4 -67.55 3.04 -7.77
N PRO P 5 -66.33 3.42 -8.13
CA PRO P 5 -66.13 3.97 -9.47
C PRO P 5 -66.12 2.89 -10.55
N LEU P 6 -65.82 1.65 -10.20
CA LEU P 6 -65.85 0.58 -11.19
C LEU P 6 -67.28 0.22 -11.55
N LYS P 7 -68.22 0.42 -10.62
CA LYS P 7 -69.62 0.13 -10.91
C LYS P 7 -70.31 1.34 -11.52
N ASP P 8 -69.57 2.40 -11.82
CA ASP P 8 -70.12 3.50 -12.60
C ASP P 8 -69.97 3.24 -14.08
N ARG P 9 -68.78 2.79 -14.51
CA ARG P 9 -68.55 2.54 -15.92
C ARG P 9 -69.30 1.31 -16.39
N ARG P 10 -69.42 0.30 -15.54
CA ARG P 10 -70.14 -0.91 -15.92
C ARG P 10 -71.65 -0.68 -15.92
N LEU P 11 -72.10 0.48 -15.42
CA LEU P 11 -73.49 0.87 -15.62
C LEU P 11 -73.63 1.80 -16.82
N LEU P 12 -72.61 2.61 -17.11
CA LEU P 12 -72.69 3.53 -18.25
C LEU P 12 -72.10 2.91 -19.50
N GLU P 13 -71.75 1.62 -19.43
CA GLU P 13 -71.47 0.88 -20.65
C GLU P 13 -72.66 0.02 -21.04
N VAL P 14 -73.12 -0.85 -20.15
CA VAL P 14 -74.07 -1.90 -20.53
C VAL P 14 -75.45 -1.34 -20.79
N LYS P 15 -75.67 -0.06 -20.50
CA LYS P 15 -76.95 0.56 -20.84
C LYS P 15 -76.88 1.26 -22.18
N LEU P 16 -75.96 2.20 -22.34
CA LEU P 16 -75.96 3.09 -23.50
C LEU P 16 -74.74 2.87 -24.39
N GLY P 17 -74.40 1.61 -24.64
CA GLY P 17 -73.34 1.29 -25.58
C GLY P 17 -72.18 0.50 -25.01
N GLU P 18 -72.10 -0.80 -25.30
CA GLU P 18 -72.99 -1.44 -26.28
C GLU P 18 -73.53 -2.81 -25.91
N LEU P 19 -73.31 -3.25 -24.67
CA LEU P 19 -73.84 -4.51 -24.13
C LEU P 19 -73.44 -5.76 -24.90
N PRO P 20 -72.21 -6.27 -24.69
CA PRO P 20 -71.70 -7.37 -25.51
C PRO P 20 -72.33 -8.75 -25.29
N SER P 21 -71.75 -9.73 -25.98
CA SER P 21 -72.14 -11.14 -26.05
C SER P 21 -71.49 -11.94 -24.95
N TRP P 22 -71.17 -13.23 -25.24
CA TRP P 22 -70.69 -14.27 -24.31
C TRP P 22 -71.77 -14.74 -23.35
N ILE P 23 -72.62 -15.63 -23.87
CA ILE P 23 -73.82 -16.20 -23.25
C ILE P 23 -73.60 -16.60 -21.80
N LEU P 24 -74.70 -16.46 -21.03
CA LEU P 24 -74.85 -15.85 -19.70
C LEU P 24 -75.01 -14.35 -19.88
N MET P 25 -74.95 -13.89 -21.14
CA MET P 25 -75.24 -12.52 -21.49
C MET P 25 -75.86 -12.45 -22.88
N ARG P 26 -76.35 -13.59 -23.38
CA ARG P 26 -76.78 -13.68 -24.77
C ARG P 26 -78.04 -12.84 -25.02
N ASP P 27 -79.04 -12.99 -24.17
CA ASP P 27 -80.19 -12.10 -24.27
C ASP P 27 -79.86 -10.72 -23.72
N PHE P 28 -78.80 -10.62 -22.91
CA PHE P 28 -78.30 -9.32 -22.52
C PHE P 28 -77.57 -8.64 -23.68
N THR P 29 -76.99 -9.44 -24.56
CA THR P 29 -76.43 -8.89 -25.78
C THR P 29 -77.50 -8.32 -26.69
N PRO P 30 -78.62 -9.00 -26.90
CA PRO P 30 -79.66 -8.41 -27.75
C PRO P 30 -80.41 -7.28 -27.07
N SER P 31 -80.21 -7.11 -25.76
CA SER P 31 -80.78 -5.96 -25.07
C SER P 31 -80.15 -4.67 -25.58
N GLY P 32 -78.89 -4.76 -26.02
CA GLY P 32 -78.29 -3.62 -26.69
C GLY P 32 -78.59 -3.58 -28.18
N ILE P 33 -79.24 -4.64 -28.70
CA ILE P 33 -79.54 -4.65 -30.13
C ILE P 33 -80.68 -3.69 -30.44
N ALA P 34 -81.71 -3.67 -29.60
CA ALA P 34 -82.61 -2.53 -29.63
C ALA P 34 -81.89 -1.28 -29.14
N GLY P 35 -81.10 -1.43 -28.08
CA GLY P 35 -80.31 -0.34 -27.54
C GLY P 35 -81.10 0.63 -26.70
N ALA P 36 -80.42 1.32 -25.79
CA ALA P 36 -80.97 2.49 -25.12
C ALA P 36 -80.61 3.77 -25.86
N PHE P 37 -80.25 3.64 -27.13
CA PHE P 37 -79.95 4.81 -27.95
C PHE P 37 -81.19 5.65 -28.20
N GLN P 38 -82.36 5.00 -28.22
CA GLN P 38 -83.62 5.74 -28.26
C GLN P 38 -83.81 6.56 -26.99
N ARG P 39 -83.28 6.06 -25.87
CA ARG P 39 -83.28 6.87 -24.65
C ARG P 39 -82.22 7.95 -24.73
N GLY P 40 -81.09 7.67 -25.39
CA GLY P 40 -80.03 8.66 -25.42
C GLY P 40 -80.27 9.74 -26.47
N TYR P 41 -81.32 9.59 -27.26
CA TYR P 41 -81.43 10.36 -28.49
C TYR P 41 -81.83 11.80 -28.24
N TYR P 42 -82.70 12.02 -27.24
CA TYR P 42 -83.52 13.23 -27.26
C TYR P 42 -82.76 14.46 -26.80
N ARG P 43 -81.47 14.32 -26.50
CA ARG P 43 -80.76 15.44 -25.91
C ARG P 43 -80.33 16.46 -26.96
N TYR P 44 -79.98 16.02 -28.17
CA TYR P 44 -79.34 17.00 -29.03
C TYR P 44 -80.36 17.90 -29.72
N TYR P 45 -80.93 17.46 -30.85
CA TYR P 45 -82.31 17.80 -31.18
C TYR P 45 -83.04 16.58 -31.72
N ASN P 46 -82.61 16.14 -32.92
CA ASN P 46 -82.94 14.84 -33.49
C ASN P 46 -81.77 14.31 -34.33
N LYS P 47 -80.89 15.22 -34.74
CA LYS P 47 -80.08 15.11 -35.96
C LYS P 47 -79.05 13.97 -36.00
N TYR P 48 -78.44 13.63 -34.87
CA TYR P 48 -77.49 12.53 -34.86
C TYR P 48 -78.22 11.20 -34.88
N VAL P 49 -78.76 10.84 -36.04
CA VAL P 49 -79.70 9.73 -36.16
C VAL P 49 -78.94 8.44 -36.51
N ASN P 50 -77.66 8.57 -36.82
CA ASN P 50 -76.88 7.47 -37.35
C ASN P 50 -76.37 6.50 -36.29
N VAL P 51 -76.93 6.57 -35.08
CA VAL P 51 -76.37 5.85 -33.95
C VAL P 51 -76.71 4.36 -33.94
N LYS P 52 -77.29 3.84 -35.04
CA LYS P 52 -77.88 2.51 -35.05
C LYS P 52 -76.85 1.41 -34.85
N LYS P 53 -75.80 1.41 -35.69
CA LYS P 53 -74.70 0.48 -35.47
C LYS P 53 -73.35 1.17 -35.36
N GLY P 54 -73.23 2.42 -35.81
CA GLY P 54 -72.16 3.26 -35.30
C GLY P 54 -72.75 4.26 -34.35
N SER P 55 -72.68 3.99 -33.03
CA SER P 55 -73.51 4.70 -32.04
C SER P 55 -72.90 6.00 -31.56
N VAL P 56 -73.50 7.13 -31.94
CA VAL P 56 -72.93 8.43 -31.61
C VAL P 56 -73.17 8.76 -30.15
N ALA P 57 -74.42 8.57 -29.68
CA ALA P 57 -74.78 9.00 -28.34
C ALA P 57 -74.14 8.12 -27.28
N GLY P 58 -73.68 6.93 -27.66
CA GLY P 58 -72.85 6.14 -26.77
C GLY P 58 -71.49 6.77 -26.56
N LEU P 59 -70.90 7.31 -27.62
CA LEU P 59 -69.54 7.83 -27.50
C LEU P 59 -69.55 9.32 -27.18
N SER P 60 -70.48 10.08 -27.77
CA SER P 60 -70.37 11.54 -27.72
C SER P 60 -70.77 12.11 -26.37
N MET P 61 -71.07 11.26 -25.40
CA MET P 61 -71.33 11.75 -24.05
C MET P 61 -70.05 11.81 -23.23
N VAL P 62 -69.16 10.83 -23.40
CA VAL P 62 -67.86 10.86 -22.72
C VAL P 62 -67.05 12.04 -23.20
N LEU P 63 -67.03 12.27 -24.52
CA LEU P 63 -66.26 13.39 -25.05
C LEU P 63 -66.92 14.72 -24.75
N ALA P 64 -68.21 14.73 -24.44
CA ALA P 64 -68.82 15.96 -23.94
C ALA P 64 -68.56 16.12 -22.45
N ALA P 65 -68.24 15.02 -21.77
CA ALA P 65 -67.86 15.12 -20.36
C ALA P 65 -66.41 15.55 -20.20
N TYR P 66 -65.55 15.14 -21.13
CA TYR P 66 -64.14 15.45 -21.03
C TYR P 66 -63.85 16.90 -21.43
N VAL P 67 -64.79 17.53 -22.13
CA VAL P 67 -64.61 18.95 -22.44
C VAL P 67 -64.95 19.81 -21.24
N VAL P 68 -66.09 19.58 -20.61
CA VAL P 68 -66.53 20.44 -19.51
C VAL P 68 -65.71 20.15 -18.25
N PHE P 69 -65.05 18.99 -18.21
CA PHE P 69 -64.09 18.73 -17.14
C PHE P 69 -62.81 19.52 -17.35
N ASN P 70 -62.45 19.77 -18.60
CA ASN P 70 -61.25 20.56 -18.85
C ASN P 70 -61.58 22.04 -18.99
N TYR P 71 -62.86 22.40 -18.90
CA TYR P 71 -63.17 23.82 -18.86
C TYR P 71 -62.92 24.39 -17.47
N CYS P 72 -62.85 23.51 -16.46
CA CYS P 72 -62.68 24.00 -15.09
C CYS P 72 -61.24 24.46 -14.83
N ARG P 73 -60.25 23.74 -15.36
CA ARG P 73 -58.86 24.11 -15.12
C ARG P 73 -58.50 25.40 -15.84
N SER P 74 -59.10 25.60 -17.02
CA SER P 74 -58.75 26.78 -17.81
C SER P 74 -59.42 28.04 -17.26
N TYR P 75 -60.36 27.87 -16.33
CA TYR P 75 -61.22 29.00 -15.94
C TYR P 75 -60.44 30.03 -15.13
N LYS P 76 -59.45 29.59 -14.38
CA LYS P 76 -58.66 30.49 -13.54
C LYS P 76 -57.81 31.42 -14.39
N GLU P 77 -57.38 30.96 -15.56
CA GLU P 77 -56.40 31.71 -16.33
C GLU P 77 -57.07 32.75 -17.22
N LEU P 78 -58.19 32.41 -17.86
CA LEU P 78 -58.81 33.28 -18.85
C LEU P 78 -60.03 34.01 -18.31
N LYS P 79 -59.91 34.56 -17.09
CA LYS P 79 -60.94 35.25 -16.34
C LYS P 79 -61.81 36.25 -17.13
N HIS P 80 -61.25 37.39 -17.57
CA HIS P 80 -61.78 38.33 -18.56
C HIS P 80 -63.10 39.02 -18.17
N GLU P 81 -63.70 38.63 -17.05
CA GLU P 81 -65.05 39.08 -16.73
C GLU P 81 -65.00 40.40 -15.99
N ARG P 82 -65.88 41.32 -16.39
CA ARG P 82 -65.96 42.63 -15.76
C ARG P 82 -66.79 42.56 -14.49
N LEU P 83 -67.20 43.73 -13.99
CA LEU P 83 -68.04 43.82 -12.81
C LEU P 83 -69.53 43.76 -13.20
N ARG P 84 -69.85 42.78 -14.03
CA ARG P 84 -71.16 42.64 -14.64
C ARG P 84 -71.30 41.26 -15.22
N LYS P 85 -72.32 41.11 -16.06
CA LYS P 85 -72.54 39.91 -16.84
C LYS P 85 -72.44 40.24 -18.32
N TYR P 86 -72.38 39.20 -19.15
CA TYR P 86 -72.30 39.41 -20.59
C TYR P 86 -73.70 39.63 -21.16
N HIS P 87 -73.75 39.74 -22.49
CA HIS P 87 -75.01 39.89 -23.22
C HIS P 87 -75.89 38.66 -23.05
N UNK Q 1 -105.78 41.17 -24.37
CA UNK Q 1 -107.18 41.59 -24.35
C UNK Q 1 -107.63 41.91 -22.93
N UNK Q 2 -108.81 42.52 -22.81
CA UNK Q 2 -109.41 42.78 -21.50
C UNK Q 2 -109.90 41.46 -20.92
N UNK Q 3 -110.34 40.58 -21.80
CA UNK Q 3 -110.73 39.22 -21.42
C UNK Q 3 -109.48 38.39 -21.15
N UNK Q 4 -108.35 38.84 -21.69
CA UNK Q 4 -107.05 38.24 -21.39
C UNK Q 4 -106.35 39.01 -20.28
N UNK Q 5 -107.10 39.92 -19.64
CA UNK Q 5 -106.59 40.69 -18.50
C UNK Q 5 -107.30 40.29 -17.22
N UNK Q 6 -108.62 40.16 -17.30
CA UNK Q 6 -109.42 39.77 -16.13
C UNK Q 6 -109.23 38.30 -15.81
N UNK Q 7 -108.98 37.50 -16.84
CA UNK Q 7 -108.74 36.07 -16.68
C UNK Q 7 -107.39 35.81 -16.02
N UNK Q 8 -106.46 36.75 -16.20
CA UNK Q 8 -105.17 36.70 -15.53
C UNK Q 8 -105.37 36.92 -14.03
N UNK Q 9 -106.22 37.88 -13.70
CA UNK Q 9 -106.54 38.18 -12.31
C UNK Q 9 -107.45 37.10 -11.72
N UNK Q 10 -108.24 36.48 -12.58
CA UNK Q 10 -109.10 35.38 -12.16
C UNK Q 10 -108.24 34.16 -11.88
N UNK Q 11 -107.20 33.98 -12.68
CA UNK Q 11 -106.23 32.91 -12.46
C UNK Q 11 -105.42 33.23 -11.21
N UNK Q 12 -105.12 34.51 -11.02
CA UNK Q 12 -104.37 34.99 -9.86
C UNK Q 12 -105.16 34.77 -8.58
N UNK Q 13 -106.47 34.90 -8.67
CA UNK Q 13 -107.34 34.58 -7.55
C UNK Q 13 -107.39 33.07 -7.38
N UNK Q 14 -107.39 32.36 -8.51
CA UNK Q 14 -107.45 30.90 -8.51
C UNK Q 14 -106.15 30.31 -8.01
N UNK Q 15 -105.04 30.98 -8.33
CA UNK Q 15 -103.74 30.51 -7.89
C UNK Q 15 -103.59 30.75 -6.40
N UNK Q 16 -103.78 31.99 -5.97
CA UNK Q 16 -103.53 32.39 -4.59
C UNK Q 16 -104.45 31.70 -3.59
N UNK Q 17 -105.61 31.26 -4.05
CA UNK Q 17 -106.48 30.43 -3.23
C UNK Q 17 -105.84 29.08 -2.97
N UNK Q 18 -105.12 28.57 -3.97
CA UNK Q 18 -104.47 27.28 -3.85
C UNK Q 18 -103.01 27.44 -3.44
N UNK Q 19 -102.41 28.58 -3.75
CA UNK Q 19 -101.01 28.83 -3.42
C UNK Q 19 -100.83 29.02 -1.94
N UNK Q 20 -101.68 29.88 -1.37
CA UNK Q 20 -101.64 30.14 0.06
C UNK Q 20 -102.14 28.93 0.84
N UNK Q 21 -102.93 28.09 0.17
CA UNK Q 21 -103.32 26.81 0.72
C UNK Q 21 -102.10 25.89 0.79
N UNK Q 22 -101.19 26.05 -0.16
CA UNK Q 22 -100.04 25.15 -0.29
C UNK Q 22 -98.80 25.70 0.40
N UNK Q 23 -98.56 27.00 0.28
CA UNK Q 23 -97.37 27.63 0.83
C UNK Q 23 -97.39 27.61 2.35
N UNK Q 24 -98.59 27.77 2.91
CA UNK Q 24 -98.75 27.70 4.36
C UNK Q 24 -98.64 26.27 4.82
N UNK Q 25 -99.13 25.34 4.01
CA UNK Q 25 -99.08 23.92 4.34
C UNK Q 25 -97.65 23.40 4.30
N UNK Q 26 -96.88 23.92 3.35
CA UNK Q 26 -95.47 23.59 3.26
C UNK Q 26 -94.70 24.21 4.41
N UNK Q 27 -95.13 25.40 4.82
CA UNK Q 27 -94.57 26.07 5.98
C UNK Q 27 -94.90 25.27 7.24
N UNK Q 28 -96.11 24.73 7.28
CA UNK Q 28 -96.56 23.88 8.37
C UNK Q 28 -95.88 22.53 8.32
N UNK Q 29 -95.51 22.09 7.11
CA UNK Q 29 -94.80 20.83 6.90
C UNK Q 29 -93.40 20.92 7.50
N UNK Q 30 -92.86 22.13 7.47
CA UNK Q 30 -91.60 22.40 8.14
C UNK Q 30 -91.84 22.61 9.62
N UNK Q 31 -92.96 23.27 9.96
CA UNK Q 31 -93.24 23.70 11.33
C UNK Q 31 -93.50 22.55 12.28
N UNK Q 32 -94.36 21.63 11.88
CA UNK Q 32 -94.72 20.50 12.73
C UNK Q 32 -93.55 19.51 12.85
N UNK Q 33 -92.70 19.49 11.84
CA UNK Q 33 -91.54 18.61 11.84
C UNK Q 33 -90.44 19.18 12.74
N UNK Q 34 -90.11 20.44 12.53
CA UNK Q 34 -88.98 21.06 13.21
C UNK Q 34 -89.38 21.87 14.44
N UNK Q 35 -90.42 21.43 15.15
CA UNK Q 35 -90.84 22.09 16.38
C UNK Q 35 -90.10 21.48 17.58
N UNK Q 36 -89.56 20.28 17.37
CA UNK Q 36 -88.88 19.55 18.43
C UNK Q 36 -87.47 20.05 18.67
N UNK Q 37 -86.68 20.11 17.60
CA UNK Q 37 -85.27 20.54 17.59
C UNK Q 37 -84.38 19.73 18.56
N UNK Q 38 -83.78 18.63 18.10
CA UNK Q 38 -83.86 18.17 16.71
C UNK Q 38 -84.07 16.66 16.64
N UNK Q 39 -84.85 16.20 15.65
CA UNK Q 39 -85.11 14.78 15.46
C UNK Q 39 -85.45 14.51 14.00
N UNK Q 40 -85.98 15.54 13.34
CA UNK Q 40 -86.32 15.57 11.90
C UNK Q 40 -87.33 14.52 11.45
N UNK Q 41 -87.61 14.57 10.15
CA UNK Q 41 -88.52 13.61 9.51
C UNK Q 41 -87.96 13.25 8.14
N UNK Q 42 -86.71 12.81 8.13
CA UNK Q 42 -85.98 12.52 6.89
C UNK Q 42 -86.46 11.23 6.24
N UNK Q 43 -85.96 10.98 5.03
CA UNK Q 43 -86.27 9.74 4.32
C UNK Q 43 -85.28 8.65 4.75
N UNK Q 44 -85.38 8.26 6.02
CA UNK Q 44 -84.51 7.28 6.69
C UNK Q 44 -83.02 7.63 6.58
N UNK Q 45 -82.62 8.73 7.22
CA UNK Q 45 -81.24 9.21 7.14
C UNK Q 45 -80.29 8.34 7.97
N UNK Q 46 -79.42 7.63 7.28
CA UNK Q 46 -78.45 6.75 7.93
C UNK Q 46 -77.23 6.61 7.03
N UNK Q 47 -77.41 7.02 5.78
CA UNK Q 47 -76.38 7.03 4.74
C UNK Q 47 -75.69 5.70 4.52
N UNK Q 48 -76.35 4.81 3.76
CA UNK Q 48 -75.81 3.52 3.31
C UNK Q 48 -75.26 2.61 4.43
N UNK Q 49 -76.10 2.22 5.38
CA UNK Q 49 -75.66 1.42 6.51
C UNK Q 49 -76.00 -0.06 6.38
N UNK Q 50 -77.18 -0.45 6.84
CA UNK Q 50 -77.58 -1.86 6.82
C UNK Q 50 -78.78 -2.10 5.91
N UNK Q 51 -79.61 -1.08 5.73
CA UNK Q 51 -80.73 -1.17 4.81
C UNK Q 51 -80.23 -0.93 3.40
N UNK Q 52 -80.69 -1.75 2.46
CA UNK Q 52 -80.29 -1.62 1.06
C UNK Q 52 -81.25 -0.71 0.31
N UNK Q 53 -82.20 -0.12 1.04
CA UNK Q 53 -83.17 0.79 0.46
C UNK Q 53 -82.68 2.23 0.55
N UNK Q 54 -81.36 2.42 0.66
CA UNK Q 54 -80.76 3.73 0.67
C UNK Q 54 -80.17 4.03 -0.71
N UNK Q 55 -80.66 3.30 -1.71
CA UNK Q 55 -80.37 3.60 -3.09
C UNK Q 55 -81.66 4.07 -3.70
N UNK Q 56 -82.74 3.40 -3.31
CA UNK Q 56 -84.09 3.78 -3.70
C UNK Q 56 -84.45 5.11 -3.05
N UNK Q 57 -84.05 5.27 -1.80
CA UNK Q 57 -84.21 6.54 -1.09
C UNK Q 57 -83.22 7.56 -1.64
N UNK Q 58 -82.15 7.08 -2.28
CA UNK Q 58 -81.20 7.94 -2.97
C UNK Q 58 -81.73 8.27 -4.36
N UNK Q 59 -82.85 7.66 -4.71
CA UNK Q 59 -83.59 8.06 -5.89
C UNK Q 59 -84.92 8.67 -5.46
N UNK Q 60 -85.21 8.63 -4.16
CA UNK Q 60 -86.44 9.23 -3.64
C UNK Q 60 -86.17 10.58 -3.01
N UNK Q 61 -84.91 10.83 -2.69
CA UNK Q 61 -84.51 12.11 -2.15
C UNK Q 61 -84.54 13.16 -3.24
N UNK Q 62 -83.79 12.89 -4.30
CA UNK Q 62 -83.65 13.84 -5.42
C UNK Q 62 -84.89 13.90 -6.29
N UNK Q 63 -85.80 12.94 -6.14
CA UNK Q 63 -87.08 13.01 -6.83
C UNK Q 63 -88.06 13.77 -5.94
N UNK Q 64 -87.76 13.82 -4.65
CA UNK Q 64 -88.48 14.73 -3.79
C UNK Q 64 -87.85 16.10 -3.98
N UNK Q 65 -86.57 16.10 -4.37
CA UNK Q 65 -85.88 17.33 -4.70
C UNK Q 65 -85.92 17.58 -6.20
N UNK Q 66 -86.86 16.93 -6.88
CA UNK Q 66 -87.09 17.17 -8.29
C UNK Q 66 -87.86 18.46 -8.45
N UNK Q 67 -88.51 18.86 -7.37
CA UNK Q 67 -89.13 20.16 -7.28
C UNK Q 67 -88.06 21.23 -7.29
N UNK Q 68 -86.94 20.93 -6.63
CA UNK Q 68 -85.86 21.90 -6.45
C UNK Q 68 -85.19 22.25 -7.75
N UNK Q 69 -85.07 21.27 -8.64
CA UNK Q 69 -84.52 21.50 -9.96
C UNK Q 69 -85.51 22.37 -10.72
N UNK Q 70 -86.79 22.06 -10.54
CA UNK Q 70 -87.86 22.86 -11.13
C UNK Q 70 -88.00 24.18 -10.41
N UNK Q 71 -87.56 24.24 -9.15
CA UNK Q 71 -87.52 25.51 -8.43
C UNK Q 71 -86.42 26.37 -9.01
N UNK Q 72 -85.34 25.70 -9.42
CA UNK Q 72 -84.23 26.40 -10.05
C UNK Q 72 -84.59 26.75 -11.49
N UNK Q 73 -85.61 26.09 -12.02
CA UNK Q 73 -86.11 26.37 -13.37
C UNK Q 73 -86.92 27.65 -13.43
N UNK Q 74 -87.22 28.20 -12.27
CA UNK Q 74 -87.85 29.51 -12.20
C UNK Q 74 -86.77 30.54 -11.98
N UNK Q 75 -85.88 30.25 -11.03
CA UNK Q 75 -84.88 31.20 -10.56
C UNK Q 75 -83.85 31.54 -11.62
N UNK Q 76 -83.64 30.62 -12.55
CA UNK Q 76 -82.69 30.81 -13.62
C UNK Q 76 -83.23 31.81 -14.64
N UNK Q 77 -84.55 31.94 -14.68
CA UNK Q 77 -85.19 32.88 -15.59
C UNK Q 77 -85.10 34.29 -15.04
N UNK Q 78 -84.92 34.38 -13.72
CA UNK Q 78 -84.85 35.68 -13.04
C UNK Q 78 -83.63 36.47 -13.48
N UNK Q 79 -82.44 35.90 -13.28
CA UNK Q 79 -81.19 36.56 -13.65
C UNK Q 79 -81.03 36.64 -15.16
N UNK Q 80 -81.80 35.82 -15.88
CA UNK Q 80 -81.84 35.83 -17.33
C UNK Q 80 -82.35 37.16 -17.88
N UNK Q 81 -83.61 37.45 -17.62
CA UNK Q 81 -84.24 38.63 -18.20
C UNK Q 81 -83.84 39.91 -17.46
N UNK Q 82 -83.18 39.75 -16.32
CA UNK Q 82 -82.82 40.86 -15.45
C UNK Q 82 -81.90 41.89 -16.09
N UNK Q 83 -80.81 41.44 -16.70
CA UNK Q 83 -79.86 42.35 -17.32
C UNK Q 83 -80.46 42.95 -18.59
N UNK Q 84 -81.32 42.16 -19.24
CA UNK Q 84 -82.05 42.53 -20.45
C UNK Q 84 -81.12 42.97 -21.59
N GLN R 1 -52.03 -9.23 -8.00
CA GLN R 1 -51.36 -8.63 -9.14
C GLN R 1 -51.49 -9.49 -10.39
N PHE R 2 -52.13 -8.92 -11.42
CA PHE R 2 -52.28 -9.68 -12.66
C PHE R 2 -52.08 -8.78 -13.88
N GLN R 3 -51.40 -7.67 -13.69
CA GLN R 3 -50.90 -6.86 -14.80
C GLN R 3 -49.48 -7.31 -15.14
N PHE R 4 -49.10 -8.49 -14.67
CA PHE R 4 -47.80 -9.08 -14.93
C PHE R 4 -47.87 -10.34 -15.77
N THR R 5 -48.59 -11.36 -15.31
CA THR R 5 -48.47 -12.69 -15.92
C THR R 5 -49.23 -12.78 -17.23
N GLY R 6 -50.04 -11.77 -17.55
CA GLY R 6 -50.58 -11.69 -18.90
C GLY R 6 -49.51 -11.30 -19.91
N ILE R 7 -48.56 -10.47 -19.49
CA ILE R 7 -47.51 -10.00 -20.37
C ILE R 7 -46.12 -10.32 -19.85
N LYS R 8 -45.97 -11.40 -19.07
CA LYS R 8 -44.65 -11.72 -18.54
C LYS R 8 -43.85 -12.54 -19.52
N LYS R 9 -44.53 -13.27 -20.41
CA LYS R 9 -43.83 -13.97 -21.47
C LYS R 9 -43.27 -12.99 -22.48
N TYR R 10 -43.87 -11.80 -22.58
CA TYR R 10 -43.42 -10.79 -23.52
C TYR R 10 -42.18 -10.07 -23.00
N PHE R 11 -42.08 -9.91 -21.68
CA PHE R 11 -41.09 -8.98 -21.13
C PHE R 11 -39.67 -9.49 -21.31
N ASN R 12 -39.35 -10.67 -20.76
CA ASN R 12 -37.98 -11.17 -20.83
C ASN R 12 -37.61 -11.62 -22.25
N SER R 13 -38.57 -11.63 -23.18
CA SER R 13 -38.24 -11.71 -24.60
C SER R 13 -37.54 -10.45 -25.09
N TYR R 14 -38.20 -9.29 -25.00
CA TYR R 14 -37.68 -8.09 -25.65
C TYR R 14 -37.15 -7.04 -24.69
N THR R 15 -37.31 -7.20 -23.36
CA THR R 15 -36.74 -6.20 -22.46
C THR R 15 -35.24 -6.39 -22.30
N LEU R 16 -34.70 -7.45 -22.90
CA LEU R 16 -33.25 -7.62 -22.97
C LEU R 16 -32.61 -6.47 -23.73
N THR R 17 -33.32 -5.92 -24.71
CA THR R 17 -32.80 -4.76 -25.41
C THR R 17 -33.71 -3.56 -25.19
N GLY R 18 -34.98 -3.81 -24.90
CA GLY R 18 -35.96 -2.73 -24.82
C GLY R 18 -35.91 -1.99 -23.51
N ARG R 19 -35.48 -2.67 -22.44
CA ARG R 19 -35.41 -2.07 -21.12
C ARG R 19 -34.01 -1.53 -20.85
N MET R 20 -33.58 -0.63 -21.73
CA MET R 20 -32.33 0.09 -21.61
C MET R 20 -32.60 1.56 -21.38
N ASN R 21 -33.50 1.87 -20.45
CA ASN R 21 -33.83 3.26 -20.14
C ASN R 21 -32.71 3.93 -19.34
N CYS R 22 -31.65 3.19 -19.01
CA CYS R 22 -30.51 3.77 -18.31
C CYS R 22 -29.85 4.87 -19.14
N VAL R 23 -29.77 4.67 -20.46
CA VAL R 23 -29.25 5.72 -21.34
C VAL R 23 -30.21 6.90 -21.34
N LEU R 24 -31.51 6.61 -21.29
CA LEU R 24 -32.49 7.67 -21.06
C LEU R 24 -32.34 8.26 -19.66
N ALA R 25 -32.00 7.43 -18.68
CA ALA R 25 -31.81 7.92 -17.33
C ALA R 25 -30.55 8.76 -17.21
N THR R 26 -29.49 8.35 -17.92
CA THR R 26 -28.26 9.14 -17.87
C THR R 26 -28.41 10.42 -18.70
N TYR R 27 -29.04 10.33 -19.88
CA TYR R 27 -29.27 11.54 -20.65
C TYR R 27 -30.37 12.39 -20.03
N GLY R 28 -31.20 11.78 -19.17
CA GLY R 28 -32.13 12.58 -18.40
C GLY R 28 -31.49 13.22 -17.19
N GLY R 29 -30.70 12.44 -16.44
CA GLY R 29 -30.13 12.93 -15.19
C GLY R 29 -29.10 14.02 -15.40
N ILE R 30 -28.35 13.94 -16.49
CA ILE R 30 -27.44 15.02 -16.86
C ILE R 30 -28.24 16.24 -17.30
N ALA R 31 -29.40 16.03 -17.92
CA ALA R 31 -30.23 17.14 -18.35
C ALA R 31 -30.88 17.83 -17.16
N LEU R 32 -30.89 17.17 -16.00
CA LEU R 32 -31.31 17.83 -14.77
C LEU R 32 -30.27 18.82 -14.30
N LEU R 33 -29.00 18.56 -14.63
CA LEU R 33 -27.91 19.25 -13.96
C LEU R 33 -27.71 20.65 -14.52
N VAL R 34 -27.95 20.85 -15.81
CA VAL R 34 -27.64 22.15 -16.40
C VAL R 34 -28.71 23.17 -16.03
N LEU R 35 -29.90 22.71 -15.67
CA LEU R 35 -30.98 23.65 -15.42
C LEU R 35 -31.00 24.10 -13.96
N TYR R 36 -30.54 23.24 -13.06
CA TYR R 36 -30.33 23.69 -11.69
C TYR R 36 -29.11 24.59 -11.60
N PHE R 37 -28.19 24.47 -12.56
CA PHE R 37 -26.96 25.24 -12.50
C PHE R 37 -27.15 26.65 -13.04
N LYS R 38 -28.01 26.81 -14.05
CA LYS R 38 -28.24 28.13 -14.60
C LYS R 38 -29.10 28.99 -13.68
N LEU R 39 -29.96 28.35 -12.89
CA LEU R 39 -30.74 29.11 -11.93
C LEU R 39 -29.94 29.39 -10.67
N ARG R 40 -28.86 28.62 -10.46
CA ARG R 40 -27.94 28.93 -9.37
C ARG R 40 -27.13 30.17 -9.69
N SER R 41 -26.71 30.32 -10.95
CA SER R 41 -26.00 31.53 -11.35
C SER R 41 -26.96 32.61 -11.82
N LYS R 42 -28.26 32.29 -11.87
CA LYS R 42 -29.36 33.20 -12.25
C LYS R 42 -29.17 33.86 -13.62
N UNK S 1 -2.82 0.60 -53.39
CA UNK S 1 -3.08 -0.53 -52.51
C UNK S 1 -4.57 -0.82 -52.38
N UNK S 2 -5.25 -0.99 -53.50
CA UNK S 2 -6.63 -1.45 -53.49
C UNK S 2 -6.60 -2.93 -53.15
N UNK S 3 -7.52 -3.36 -52.28
CA UNK S 3 -7.63 -4.73 -51.76
C UNK S 3 -6.34 -5.26 -51.11
N UNK S 4 -5.55 -4.35 -50.53
CA UNK S 4 -4.40 -4.73 -49.71
C UNK S 4 -4.91 -4.97 -48.29
N UNK S 5 -5.46 -3.91 -47.70
CA UNK S 5 -6.40 -4.04 -46.59
C UNK S 5 -7.75 -4.22 -47.26
N UNK S 6 -8.08 -5.48 -47.53
CA UNK S 6 -9.12 -5.83 -48.49
C UNK S 6 -10.54 -5.58 -48.00
N UNK S 7 -11.51 -6.15 -48.72
CA UNK S 7 -12.91 -6.01 -48.40
C UNK S 7 -13.24 -6.80 -47.14
N UNK S 8 -13.88 -7.96 -47.31
CA UNK S 8 -14.18 -8.95 -46.25
C UNK S 8 -14.88 -8.42 -44.98
N UNK S 9 -15.54 -7.27 -45.10
CA UNK S 9 -16.22 -6.55 -44.02
C UNK S 9 -15.31 -6.16 -42.85
N UNK S 10 -15.91 -5.49 -41.86
CA UNK S 10 -15.28 -5.12 -40.57
C UNK S 10 -13.94 -4.39 -40.63
N UNK S 11 -12.93 -5.11 -41.11
CA UNK S 11 -11.54 -4.66 -41.13
C UNK S 11 -11.28 -3.38 -41.94
N UNK S 12 -12.20 -3.01 -42.81
CA UNK S 12 -12.07 -1.77 -43.56
C UNK S 12 -12.34 -0.57 -42.66
N UNK S 13 -13.42 -0.63 -41.90
CA UNK S 13 -13.90 0.51 -41.13
C UNK S 13 -13.47 0.50 -39.67
N UNK S 14 -13.09 -0.67 -39.15
CA UNK S 14 -12.69 -0.82 -37.75
C UNK S 14 -11.42 -0.05 -37.50
N UNK S 15 -10.55 -0.05 -38.50
CA UNK S 15 -9.34 0.74 -38.45
C UNK S 15 -9.67 2.21 -38.58
N UNK S 16 -10.72 2.52 -39.32
CA UNK S 16 -11.05 3.91 -39.66
C UNK S 16 -11.56 4.70 -38.46
N UNK S 17 -12.08 3.99 -37.47
CA UNK S 17 -12.50 4.61 -36.23
C UNK S 17 -11.43 4.43 -35.16
N UNK S 18 -10.49 3.52 -35.41
CA UNK S 18 -9.41 3.28 -34.47
C UNK S 18 -8.21 4.17 -34.78
N UNK S 19 -7.99 4.47 -36.06
CA UNK S 19 -6.93 5.39 -36.45
C UNK S 19 -7.37 6.82 -36.18
N UNK S 20 -8.68 7.01 -36.08
CA UNK S 20 -9.24 8.28 -35.63
C UNK S 20 -9.26 8.29 -34.10
N UNK S 21 -9.00 7.14 -33.50
CA UNK S 21 -8.84 7.03 -32.05
C UNK S 21 -7.37 7.06 -31.67
N UNK S 22 -6.66 8.01 -32.27
CA UNK S 22 -5.26 8.23 -31.98
C UNK S 22 -4.95 9.67 -32.38
N UNK S 23 -5.68 10.15 -33.38
CA UNK S 23 -5.59 11.53 -33.83
C UNK S 23 -6.40 12.42 -32.89
N UNK S 24 -7.25 11.80 -32.08
CA UNK S 24 -7.92 12.49 -31.00
C UNK S 24 -7.03 12.45 -29.75
N UNK S 25 -6.19 11.42 -29.69
CA UNK S 25 -5.30 11.22 -28.56
C UNK S 25 -4.14 12.20 -28.58
N UNK S 26 -3.80 12.68 -29.77
CA UNK S 26 -2.75 13.68 -29.92
C UNK S 26 -3.38 15.05 -30.03
N UNK S 27 -4.70 15.10 -29.88
CA UNK S 27 -5.43 16.36 -29.95
C UNK S 27 -5.68 16.89 -28.54
N UNK S 28 -5.61 15.99 -27.56
CA UNK S 28 -5.78 16.37 -26.17
C UNK S 28 -4.44 16.85 -25.59
N UNK S 29 -3.36 16.58 -26.33
CA UNK S 29 -1.98 16.93 -25.99
C UNK S 29 -1.54 16.39 -24.63
N ASP T 5 -44.21 26.67 -21.25
CA ASP T 5 -44.12 26.77 -22.70
C ASP T 5 -42.83 26.07 -23.10
N THR T 6 -41.76 26.85 -23.20
CA THR T 6 -40.41 26.31 -23.38
C THR T 6 -40.03 25.69 -22.05
N SER T 7 -40.50 24.45 -21.84
CA SER T 7 -41.15 24.11 -20.59
C SER T 7 -40.32 24.18 -19.31
N THR T 8 -39.60 23.10 -18.94
CA THR T 8 -38.27 22.91 -18.34
C THR T 8 -38.19 21.53 -17.69
N TRP T 9 -36.98 21.09 -17.34
CA TRP T 9 -36.70 20.34 -16.12
C TRP T 9 -37.16 18.88 -16.04
N PHE T 10 -38.13 18.48 -16.87
CA PHE T 10 -38.36 17.10 -17.35
C PHE T 10 -38.58 15.94 -16.37
N ILE T 11 -38.64 16.15 -15.05
CA ILE T 11 -38.74 15.02 -14.10
C ILE T 11 -40.11 14.39 -14.16
N THR T 12 -41.05 15.10 -14.75
CA THR T 12 -42.44 14.76 -15.00
C THR T 12 -42.51 13.72 -16.13
N ILE T 13 -43.51 13.86 -16.99
CA ILE T 13 -44.29 12.88 -17.72
C ILE T 13 -43.67 11.51 -18.00
N THR T 14 -42.35 11.43 -18.21
CA THR T 14 -41.75 10.24 -18.82
C THR T 14 -41.82 9.01 -17.93
N SER T 15 -42.01 9.20 -16.62
CA SER T 15 -42.23 8.06 -15.75
C SER T 15 -43.69 7.63 -15.76
N MET T 16 -44.54 8.48 -16.32
CA MET T 16 -45.96 8.16 -16.40
C MET T 16 -46.33 7.70 -17.81
N ILE T 17 -45.32 7.41 -18.64
CA ILE T 17 -45.60 6.88 -19.97
C ILE T 17 -45.42 5.38 -20.00
N MET T 18 -44.58 4.82 -19.12
CA MET T 18 -44.30 3.40 -19.23
C MET T 18 -45.29 2.61 -18.39
N THR T 19 -45.96 3.29 -17.47
CA THR T 19 -47.13 2.68 -16.85
C THR T 19 -48.24 2.52 -17.86
N LEU T 20 -48.28 3.39 -18.88
CA LEU T 20 -49.32 3.29 -19.89
C LEU T 20 -49.08 2.10 -20.81
N PHE T 21 -47.82 1.71 -20.98
CA PHE T 21 -47.54 0.57 -21.85
C PHE T 21 -47.57 -0.73 -21.03
N ILE T 22 -48.22 -0.70 -19.88
CA ILE T 22 -48.76 -1.91 -19.28
C ILE T 22 -50.24 -2.01 -19.59
N LEU T 23 -50.89 -0.87 -19.84
CA LEU T 23 -52.30 -0.91 -20.21
C LEU T 23 -52.49 -1.38 -21.64
N PHE T 24 -51.79 -0.75 -22.58
CA PHE T 24 -52.07 -1.00 -24.00
C PHE T 24 -51.61 -2.37 -24.42
N GLN T 25 -50.69 -2.97 -23.68
CA GLN T 25 -50.32 -4.35 -23.96
C GLN T 25 -51.25 -5.32 -23.24
N LEU T 26 -52.23 -4.79 -22.51
CA LEU T 26 -53.21 -5.67 -21.90
C LEU T 26 -54.48 -5.73 -22.74
N LYS T 27 -54.90 -4.59 -23.28
CA LYS T 27 -56.14 -4.58 -24.07
C LYS T 27 -55.94 -5.24 -25.41
N ILE T 28 -54.90 -4.83 -26.13
CA ILE T 28 -54.72 -5.15 -27.55
C ILE T 28 -54.23 -6.57 -27.67
N SER T 29 -53.76 -7.14 -26.55
CA SER T 29 -53.30 -8.52 -26.55
C SER T 29 -54.46 -9.49 -26.69
N ASN T 30 -55.65 -9.10 -26.27
CA ASN T 30 -56.82 -9.95 -26.40
C ASN T 30 -57.60 -9.54 -27.64
N TYR T 31 -57.04 -9.80 -28.82
CA TYR T 31 -57.74 -9.56 -30.06
C TYR T 31 -57.86 -10.90 -30.79
N SER T 32 -58.62 -10.88 -31.87
CA SER T 32 -58.85 -12.08 -32.66
C SER T 32 -58.49 -11.86 -34.11
N TYR T 33 -57.84 -12.84 -34.70
CA TYR T 33 -57.45 -12.76 -36.08
C TYR T 33 -58.36 -13.68 -36.89
N PRO T 34 -58.91 -13.14 -37.97
CA PRO T 34 -59.80 -13.89 -38.85
C PRO T 34 -59.08 -15.07 -39.50
N ALA T 35 -57.83 -14.87 -39.85
CA ALA T 35 -57.02 -15.89 -40.48
C ALA T 35 -56.81 -17.15 -39.63
N SER T 36 -56.62 -17.00 -38.33
CA SER T 36 -56.39 -18.21 -37.53
C SER T 36 -57.57 -19.16 -37.63
N PRO T 37 -58.76 -18.64 -37.94
CA PRO T 37 -59.95 -19.49 -38.00
C PRO T 37 -59.98 -20.34 -39.26
N GLU T 38 -59.23 -19.95 -40.29
CA GLU T 38 -59.17 -20.75 -41.51
C GLU T 38 -58.14 -21.86 -41.41
N SER T 39 -57.32 -21.85 -40.36
CA SER T 39 -56.27 -22.84 -40.23
C SER T 39 -56.75 -24.09 -39.51
N ILE T 40 -57.75 -23.95 -38.63
CA ILE T 40 -58.22 -25.10 -37.86
C ILE T 40 -59.12 -26.00 -38.70
N GLU T 41 -59.59 -25.52 -39.84
CA GLU T 41 -60.39 -26.35 -40.74
C GLU T 41 -59.52 -27.27 -41.57
N LEU T 42 -58.22 -26.94 -41.70
CA LEU T 42 -57.33 -27.74 -42.52
C LEU T 42 -56.89 -29.02 -41.82
N LYS T 43 -56.58 -28.92 -40.53
CA LYS T 43 -56.03 -30.09 -39.82
C LYS T 43 -57.13 -31.08 -39.46
N THR T 44 -58.39 -30.63 -39.43
CA THR T 44 -59.49 -31.55 -39.19
C THR T 44 -59.77 -32.41 -40.41
N GLN T 45 -59.41 -31.91 -41.60
CA GLN T 45 -59.64 -32.67 -42.82
C GLN T 45 -58.62 -33.78 -43.00
N LYS T 46 -57.36 -33.50 -42.65
CA LYS T 46 -56.30 -34.48 -42.87
C LYS T 46 -56.31 -35.56 -41.80
N HIS T 47 -56.90 -35.27 -40.63
CA HIS T 47 -56.90 -36.24 -39.54
C HIS T 47 -57.89 -37.36 -39.80
N SER T 48 -59.11 -37.02 -40.23
CA SER T 48 -60.10 -38.05 -40.52
C SER T 48 -59.81 -38.77 -41.83
N THR T 49 -59.08 -38.11 -42.73
CA THR T 49 -58.63 -38.76 -43.95
C THR T 49 -57.57 -39.82 -43.65
N PRO T 50 -56.69 -39.53 -42.70
CA PRO T 50 -55.74 -40.54 -42.26
C PRO T 50 -56.41 -41.57 -41.37
N TRP T 51 -57.49 -41.17 -40.66
CA TRP T 51 -58.28 -42.12 -39.90
C TRP T 51 -59.06 -43.05 -40.83
N GLU T 52 -59.53 -42.52 -41.96
CA GLU T 52 -60.11 -43.38 -42.99
C GLU T 52 -59.03 -44.23 -43.64
N MET T 53 -57.81 -43.69 -43.76
CA MET T 53 -56.68 -44.50 -44.21
C MET T 53 -56.31 -45.53 -43.17
N LYS T 54 -56.52 -45.22 -41.89
CA LYS T 54 -56.36 -46.22 -40.84
C LYS T 54 -57.50 -47.24 -40.91
N TRP T 55 -58.66 -46.82 -41.43
CA TRP T 55 -59.74 -47.76 -41.65
C TRP T 55 -59.58 -48.51 -42.96
N THR T 56 -58.94 -47.88 -43.95
CA THR T 56 -58.62 -48.58 -45.19
C THR T 56 -57.52 -49.60 -44.97
N LYS T 57 -56.55 -49.28 -44.10
CA LYS T 57 -55.56 -50.28 -43.70
C LYS T 57 -56.18 -51.33 -42.79
N ILE T 58 -57.27 -50.97 -42.11
CA ILE T 58 -58.05 -51.98 -41.39
C ILE T 58 -58.82 -52.87 -42.35
N TYR T 59 -59.02 -52.41 -43.58
CA TYR T 59 -59.52 -53.31 -44.63
C TYR T 59 -58.36 -53.99 -45.34
N LEU T 60 -57.41 -53.20 -45.85
CA LEU T 60 -56.23 -53.75 -46.53
C LEU T 60 -55.08 -53.93 -45.55
N ASN U 2 -57.27 50.54 -49.02
CA ASN U 2 -57.43 50.57 -47.58
C ASN U 2 -58.85 50.15 -47.19
N GLU U 3 -59.24 48.95 -47.61
CA GLU U 3 -60.61 48.47 -47.39
C GLU U 3 -60.69 47.58 -46.16
N ASN U 4 -59.94 46.47 -46.20
CA ASN U 4 -60.05 45.41 -45.20
C ASN U 4 -58.79 45.40 -44.37
N LEU U 5 -58.86 46.00 -43.18
CA LEU U 5 -57.75 46.05 -42.25
C LEU U 5 -57.86 44.87 -41.30
N PHE U 6 -56.92 43.94 -41.40
CA PHE U 6 -56.79 42.88 -40.42
C PHE U 6 -56.42 43.46 -39.07
N ALA U 7 -56.74 42.73 -38.01
CA ALA U 7 -56.31 43.09 -36.67
C ALA U 7 -55.48 41.95 -36.09
N SER U 8 -54.89 42.18 -34.94
CA SER U 8 -54.23 41.13 -34.18
C SER U 8 -54.46 41.37 -32.70
N PHE U 9 -54.33 40.33 -31.91
CA PHE U 9 -54.36 40.44 -30.46
C PHE U 9 -53.06 39.87 -29.91
N ILE U 10 -52.47 40.57 -28.95
CA ILE U 10 -51.21 40.16 -28.33
C ILE U 10 -51.56 39.48 -27.02
N ALA U 11 -51.32 38.17 -26.95
CA ALA U 11 -51.64 37.40 -25.77
C ALA U 11 -50.69 36.22 -25.68
N PRO U 12 -50.26 35.84 -24.48
CA PRO U 12 -49.33 34.72 -24.36
C PRO U 12 -50.01 33.39 -24.66
N THR U 13 -49.31 32.56 -25.43
CA THR U 13 -49.80 31.27 -25.85
C THR U 13 -49.20 30.20 -24.95
N MET U 14 -50.04 29.59 -24.11
CA MET U 14 -49.59 28.90 -22.92
C MET U 14 -49.73 27.39 -23.05
N MET U 15 -48.59 26.72 -23.14
CA MET U 15 -48.51 25.27 -22.98
C MET U 15 -48.21 24.99 -21.51
N GLY U 16 -49.20 25.17 -20.65
CA GLY U 16 -49.02 24.91 -19.23
C GLY U 16 -48.85 23.44 -18.90
N LEU U 17 -48.66 23.13 -17.63
CA LEU U 17 -48.48 21.71 -17.34
C LEU U 17 -49.39 21.32 -16.18
N PRO U 18 -50.68 21.06 -16.42
CA PRO U 18 -51.54 20.52 -15.36
C PRO U 18 -51.26 19.04 -15.13
N ILE U 19 -52.12 18.43 -14.30
CA ILE U 19 -51.90 17.08 -13.77
C ILE U 19 -51.98 16.05 -14.88
N VAL U 20 -50.82 15.50 -15.25
CA VAL U 20 -50.68 14.75 -16.49
C VAL U 20 -51.05 13.28 -16.36
N THR U 21 -50.82 12.67 -15.20
CA THR U 21 -50.94 11.21 -15.13
C THR U 21 -52.38 10.74 -15.13
N LEU U 22 -53.34 11.66 -15.05
CA LEU U 22 -54.71 11.35 -15.40
C LEU U 22 -54.91 11.42 -16.90
N ILE U 23 -54.28 12.41 -17.55
CA ILE U 23 -54.56 12.67 -18.94
C ILE U 23 -53.92 11.62 -19.83
N ILE U 24 -52.85 11.00 -19.35
CA ILE U 24 -52.22 9.92 -20.10
C ILE U 24 -53.09 8.67 -20.08
N MET U 25 -53.67 8.35 -18.92
CA MET U 25 -54.42 7.11 -18.78
C MET U 25 -55.75 7.16 -19.51
N PHE U 26 -56.22 8.37 -19.83
CA PHE U 26 -57.60 8.50 -20.32
C PHE U 26 -57.83 7.95 -21.72
N PRO U 27 -56.93 8.11 -22.71
CA PRO U 27 -57.17 7.38 -23.97
C PRO U 27 -56.81 5.90 -23.93
N SER U 28 -56.76 5.28 -22.75
CA SER U 28 -56.80 3.83 -22.72
C SER U 28 -58.23 3.34 -22.57
N LEU U 29 -59.04 4.08 -21.81
CA LEU U 29 -60.39 3.61 -21.53
C LEU U 29 -61.36 3.98 -22.64
N LEU U 30 -60.88 4.60 -23.72
CA LEU U 30 -61.73 4.76 -24.89
C LEU U 30 -61.81 3.46 -25.69
N PHE U 31 -60.86 2.57 -25.50
CA PHE U 31 -60.86 1.31 -26.23
C PHE U 31 -61.17 0.18 -25.27
N PRO U 32 -62.27 -0.51 -25.44
CA PRO U 32 -62.56 -1.68 -24.61
C PRO U 32 -62.10 -2.96 -25.29
N THR U 33 -62.17 -4.05 -24.55
CA THR U 33 -61.81 -5.37 -25.08
C THR U 33 -62.82 -6.43 -24.69
N PRO U 34 -63.43 -7.11 -25.65
CA PRO U 34 -64.52 -8.03 -25.30
C PRO U 34 -64.05 -9.46 -25.19
N LYS U 35 -64.61 -10.16 -24.21
CA LYS U 35 -64.42 -11.60 -24.03
C LYS U 35 -65.56 -12.39 -24.64
N ARG U 36 -65.89 -12.15 -25.90
CA ARG U 36 -67.02 -12.78 -26.56
C ARG U 36 -66.66 -13.07 -28.00
N LEU U 37 -67.44 -13.93 -28.65
CA LEU U 37 -67.12 -14.25 -30.03
C LEU U 37 -67.61 -13.17 -30.97
N ILE U 38 -68.91 -12.96 -31.03
CA ILE U 38 -69.43 -11.81 -31.77
C ILE U 38 -69.39 -10.62 -30.83
N ASN U 39 -68.98 -9.48 -31.34
CA ASN U 39 -68.90 -8.29 -30.52
C ASN U 39 -69.99 -7.30 -30.88
N ASN U 40 -69.87 -6.08 -30.38
CA ASN U 40 -71.01 -5.20 -30.19
C ASN U 40 -70.91 -3.94 -31.02
N ARG U 41 -70.45 -4.08 -32.27
CA ARG U 41 -70.53 -3.10 -33.37
C ARG U 41 -69.98 -1.70 -33.03
N THR U 42 -69.20 -1.56 -31.95
CA THR U 42 -68.35 -0.39 -31.76
C THR U 42 -66.93 -0.79 -31.40
N ILE U 43 -66.73 -1.97 -30.85
CA ILE U 43 -65.39 -2.55 -30.83
C ILE U 43 -65.09 -3.17 -32.19
N SER U 44 -66.13 -3.60 -32.91
CA SER U 44 -65.92 -4.38 -34.12
C SER U 44 -65.36 -3.53 -35.25
N ILE U 45 -65.45 -2.21 -35.17
CA ILE U 45 -64.76 -1.40 -36.16
C ILE U 45 -63.45 -0.87 -35.59
N GLN U 46 -63.19 -1.12 -34.31
CA GLN U 46 -61.82 -0.95 -33.82
C GLN U 46 -61.01 -2.21 -34.10
N GLN U 47 -61.64 -3.38 -34.01
CA GLN U 47 -60.95 -4.65 -34.22
C GLN U 47 -60.59 -4.84 -35.68
N TRP U 48 -61.37 -4.25 -36.58
CA TRP U 48 -61.04 -4.35 -38.00
C TRP U 48 -59.92 -3.41 -38.37
N LEU U 49 -59.83 -2.28 -37.67
CA LEU U 49 -58.89 -1.23 -38.03
C LEU U 49 -57.47 -1.65 -37.69
N ILE U 50 -57.32 -2.57 -36.75
CA ILE U 50 -56.00 -3.11 -36.41
C ILE U 50 -55.59 -4.15 -37.43
N GLN U 51 -56.54 -4.97 -37.89
CA GLN U 51 -56.19 -6.08 -38.78
C GLN U 51 -55.86 -5.60 -40.19
N LEU U 52 -56.10 -4.32 -40.50
CA LEU U 52 -55.44 -3.70 -41.64
C LEU U 52 -53.97 -3.45 -41.37
N THR U 53 -53.67 -2.56 -40.42
CA THR U 53 -52.30 -2.06 -40.31
C THR U 53 -51.45 -2.97 -39.45
N SER U 54 -51.95 -4.15 -39.10
CA SER U 54 -51.04 -5.21 -38.68
C SER U 54 -50.56 -6.01 -39.87
N LYS U 55 -51.18 -5.80 -41.04
CA LYS U 55 -50.74 -6.51 -42.23
C LYS U 55 -49.85 -5.64 -43.10
N GLN U 56 -49.27 -4.58 -42.55
CA GLN U 56 -48.31 -3.79 -43.31
C GLN U 56 -47.00 -3.61 -42.55
N MET U 57 -47.05 -3.71 -41.22
CA MET U 57 -45.81 -3.81 -40.46
C MET U 57 -45.46 -5.27 -40.20
N MET U 58 -46.14 -6.18 -40.87
CA MET U 58 -45.76 -7.59 -40.82
C MET U 58 -45.07 -8.01 -42.10
N ALA U 59 -45.48 -7.42 -43.22
CA ALA U 59 -45.12 -7.98 -44.52
C ALA U 59 -43.66 -7.74 -44.86
N ILE U 60 -43.10 -6.61 -44.43
CA ILE U 60 -41.73 -6.27 -44.80
C ILE U 60 -40.75 -7.18 -44.10
N HIS U 61 -40.97 -7.44 -42.81
CA HIS U 61 -39.92 -8.04 -41.99
C HIS U 61 -39.70 -9.50 -42.32
N ASN U 62 -40.73 -10.34 -42.10
CA ASN U 62 -40.78 -11.75 -42.52
C ASN U 62 -39.58 -12.55 -41.99
N GLN U 63 -39.43 -12.53 -40.69
CA GLN U 63 -38.26 -13.12 -40.04
C GLN U 63 -38.70 -13.80 -38.77
N LYS U 64 -37.72 -14.06 -37.91
CA LYS U 64 -38.04 -14.26 -36.51
C LYS U 64 -37.82 -12.96 -35.73
N GLY U 65 -37.94 -11.83 -36.42
CA GLY U 65 -38.07 -10.53 -35.81
C GLY U 65 -39.52 -10.07 -35.88
N GLN U 66 -40.40 -11.04 -36.12
CA GLN U 66 -41.84 -10.74 -36.15
C GLN U 66 -42.40 -10.69 -34.74
N THR U 67 -41.63 -11.17 -33.76
CA THR U 67 -42.06 -11.13 -32.37
C THR U 67 -42.17 -9.70 -31.88
N TRP U 68 -41.32 -8.83 -32.43
CA TRP U 68 -41.28 -7.43 -32.02
C TRP U 68 -42.52 -6.67 -32.50
N SER U 69 -43.22 -7.18 -33.50
CA SER U 69 -44.20 -6.37 -34.23
C SER U 69 -45.53 -6.31 -33.50
N LEU U 70 -45.74 -7.17 -32.51
CA LEU U 70 -46.98 -7.10 -31.77
C LEU U 70 -46.97 -5.93 -30.78
N MET U 71 -45.79 -5.37 -30.52
CA MET U 71 -45.70 -4.16 -29.71
C MET U 71 -45.91 -2.91 -30.55
N LEU U 72 -45.45 -2.94 -31.80
CA LEU U 72 -45.42 -1.73 -32.63
C LEU U 72 -46.81 -1.28 -33.02
N MET U 73 -47.81 -2.13 -32.86
CA MET U 73 -49.18 -1.70 -33.08
C MET U 73 -49.81 -1.14 -31.81
N SER U 74 -49.12 -1.27 -30.68
CA SER U 74 -49.58 -0.55 -29.50
C SER U 74 -49.02 0.85 -29.51
N LEU U 75 -47.87 1.02 -30.14
CA LEU U 75 -47.24 2.32 -30.23
C LEU U 75 -48.00 3.22 -31.19
N ILE U 76 -48.78 2.66 -32.10
CA ILE U 76 -49.46 3.47 -33.09
C ILE U 76 -50.82 3.91 -32.56
N MET U 77 -51.38 3.16 -31.60
CA MET U 77 -52.69 3.52 -31.08
C MET U 77 -52.60 4.58 -30.00
N PHE U 78 -51.46 4.65 -29.32
CA PHE U 78 -51.33 5.64 -28.25
C PHE U 78 -51.15 7.03 -28.82
N ILE U 79 -50.16 7.23 -29.70
CA ILE U 79 -50.00 8.57 -30.27
C ILE U 79 -50.90 8.76 -31.47
N GLY U 80 -51.62 7.71 -31.87
CA GLY U 80 -52.74 7.92 -32.76
C GLY U 80 -53.94 8.49 -32.03
N SER U 81 -54.09 8.15 -30.76
CA SER U 81 -55.21 8.68 -30.01
C SER U 81 -54.86 10.01 -29.35
N THR U 82 -53.68 10.09 -28.72
CA THR U 82 -53.33 11.28 -27.96
C THR U 82 -52.92 12.44 -28.85
N ASN U 83 -52.95 12.26 -30.16
CA ASN U 83 -52.86 13.39 -31.05
C ASN U 83 -54.22 13.76 -31.59
N ILE U 84 -55.20 12.85 -31.47
CA ILE U 84 -56.52 13.11 -32.05
C ILE U 84 -57.49 13.61 -30.99
N LEU U 85 -57.19 13.37 -29.71
CA LEU U 85 -58.05 13.88 -28.64
C LEU U 85 -57.94 15.39 -28.54
N GLY U 86 -56.75 15.92 -28.76
CA GLY U 86 -56.49 17.32 -28.48
C GLY U 86 -57.09 18.34 -29.42
N LEU U 87 -57.79 17.88 -30.45
CA LEU U 87 -58.41 18.81 -31.38
C LEU U 87 -59.67 19.43 -30.78
N LEU U 88 -60.16 18.84 -29.70
CA LEU U 88 -61.33 19.31 -28.97
C LEU U 88 -61.11 20.72 -28.42
N PRO U 89 -62.20 21.45 -27.99
CA PRO U 89 -62.07 22.82 -27.49
C PRO U 89 -60.98 23.15 -26.47
N HIS U 90 -60.96 22.50 -25.32
CA HIS U 90 -59.98 22.85 -24.30
C HIS U 90 -59.24 21.63 -23.77
N SER U 91 -58.81 20.74 -24.66
CA SER U 91 -58.11 19.56 -24.19
C SER U 91 -56.60 19.75 -24.24
N PHE U 92 -55.89 18.81 -23.62
CA PHE U 92 -54.45 18.88 -23.45
C PHE U 92 -53.82 17.56 -23.89
N THR U 93 -52.85 17.64 -24.83
CA THR U 93 -52.09 16.55 -25.44
C THR U 93 -50.78 16.33 -24.70
N PRO U 94 -50.49 15.11 -24.25
CA PRO U 94 -49.18 14.86 -23.67
C PRO U 94 -48.03 14.83 -24.67
N THR U 95 -48.27 14.56 -25.95
CA THR U 95 -47.19 14.64 -26.95
C THR U 95 -46.92 16.05 -27.42
N THR U 96 -47.45 17.05 -26.74
CA THR U 96 -47.01 18.42 -26.99
C THR U 96 -45.66 18.68 -26.34
N GLN U 97 -45.49 18.22 -25.11
CA GLN U 97 -44.28 18.50 -24.37
C GLN U 97 -43.14 17.63 -24.90
N LEU U 98 -41.93 18.16 -24.89
CA LEU U 98 -40.80 17.47 -25.52
C LEU U 98 -40.21 16.42 -24.61
N SER U 99 -40.77 16.26 -23.40
CA SER U 99 -40.16 15.41 -22.40
C SER U 99 -40.35 13.94 -22.72
N MET U 100 -41.59 13.53 -22.95
CA MET U 100 -41.84 12.09 -23.08
C MET U 100 -41.39 11.57 -24.43
N ASN U 101 -41.29 12.45 -25.43
CA ASN U 101 -40.86 12.00 -26.75
C ASN U 101 -39.38 11.66 -26.76
N LEU U 102 -38.61 12.28 -25.87
CA LEU U 102 -37.22 11.85 -25.67
C LEU U 102 -37.16 10.61 -24.79
N GLY U 103 -38.30 10.17 -24.27
CA GLY U 103 -38.37 8.86 -23.65
C GLY U 103 -39.13 7.86 -24.49
N MET U 104 -39.61 8.29 -25.67
CA MET U 104 -40.17 7.34 -26.61
C MET U 104 -39.17 6.97 -27.70
N ALA U 105 -38.25 7.88 -28.00
CA ALA U 105 -37.25 7.58 -29.01
C ALA U 105 -36.17 6.69 -28.44
N ILE U 106 -35.51 7.13 -27.37
CA ILE U 106 -34.24 6.52 -26.96
C ILE U 106 -34.39 5.11 -26.36
N PRO U 107 -35.43 4.79 -25.59
CA PRO U 107 -35.60 3.36 -25.23
C PRO U 107 -36.10 2.48 -26.34
N LEU U 108 -36.44 3.05 -27.48
CA LEU U 108 -36.84 2.22 -28.62
C LEU U 108 -35.73 2.15 -29.65
N TRP U 109 -35.07 3.29 -29.88
CA TRP U 109 -34.00 3.34 -30.87
C TRP U 109 -32.80 2.52 -30.44
N SER U 110 -32.44 2.60 -29.16
CA SER U 110 -31.31 1.83 -28.67
C SER U 110 -31.71 0.39 -28.36
N ALA U 111 -32.99 0.08 -28.49
CA ALA U 111 -33.39 -1.32 -28.45
C ALA U 111 -33.16 -1.99 -29.79
N THR U 112 -32.79 -1.20 -30.82
CA THR U 112 -32.58 -1.77 -32.13
C THR U 112 -31.10 -2.07 -32.38
N VAL U 113 -30.21 -1.18 -31.97
CA VAL U 113 -28.78 -1.39 -32.23
C VAL U 113 -28.23 -2.44 -31.30
N PHE U 114 -28.95 -2.74 -30.21
CA PHE U 114 -28.51 -3.81 -29.32
C PHE U 114 -29.23 -5.11 -29.65
N THR U 115 -29.99 -5.13 -30.75
CA THR U 115 -30.65 -6.37 -31.13
C THR U 115 -29.73 -7.23 -31.98
N GLY U 116 -29.02 -6.62 -32.92
CA GLY U 116 -28.07 -7.38 -33.73
C GLY U 116 -26.75 -7.58 -33.03
N PHE U 117 -26.43 -6.70 -32.07
CA PHE U 117 -25.17 -6.84 -31.35
C PHE U 117 -25.20 -7.95 -30.33
N ARG U 118 -26.37 -8.54 -30.06
CA ARG U 118 -26.47 -9.74 -29.23
C ARG U 118 -26.58 -11.00 -30.06
N TYR U 119 -26.63 -10.89 -31.38
CA TYR U 119 -26.71 -12.09 -32.20
C TYR U 119 -25.68 -12.11 -33.32
N LYS U 120 -25.47 -10.97 -33.98
CA LYS U 120 -24.59 -10.92 -35.14
C LYS U 120 -23.16 -10.59 -34.71
N THR U 121 -23.01 -9.49 -33.97
CA THR U 121 -21.82 -9.00 -33.24
C THR U 121 -20.73 -8.48 -34.16
N LYS U 122 -20.83 -8.74 -35.46
CA LYS U 122 -19.86 -8.13 -36.35
C LYS U 122 -20.51 -7.40 -37.50
N THR U 123 -21.50 -8.00 -38.13
CA THR U 123 -21.98 -7.44 -39.40
C THR U 123 -23.16 -6.51 -39.22
N SER U 124 -23.57 -6.24 -37.99
CA SER U 124 -24.62 -5.25 -37.77
C SER U 124 -24.11 -3.85 -38.09
N LEU U 125 -22.95 -3.47 -37.56
CA LEU U 125 -22.32 -2.21 -37.89
C LEU U 125 -21.16 -2.39 -38.86
N ALA U 126 -21.02 -3.57 -39.44
CA ALA U 126 -20.34 -3.67 -40.72
C ALA U 126 -21.29 -3.42 -41.88
N HIS U 127 -22.54 -3.04 -41.58
CA HIS U 127 -23.39 -2.37 -42.55
C HIS U 127 -22.88 -0.97 -42.88
N PHE U 128 -21.93 -0.45 -42.11
CA PHE U 128 -21.18 0.72 -42.52
C PHE U 128 -20.36 0.48 -43.79
N LEU U 129 -20.15 -0.77 -44.20
CA LEU U 129 -19.44 -1.00 -45.45
C LEU U 129 -20.45 -1.20 -46.57
N PRO U 130 -20.63 -0.21 -47.46
CA PRO U 130 -21.74 -0.29 -48.42
C PRO U 130 -21.46 -1.17 -49.64
N GLN U 131 -20.22 -1.19 -50.13
CA GLN U 131 -19.99 -1.73 -51.47
C GLN U 131 -18.53 -2.15 -51.62
N GLY U 132 -18.15 -2.39 -52.88
CA GLY U 132 -16.85 -2.91 -53.27
C GLY U 132 -15.80 -1.81 -53.29
N THR U 133 -15.29 -1.52 -52.10
CA THR U 133 -14.60 -0.32 -51.61
C THR U 133 -13.63 0.35 -52.58
N PRO U 134 -13.93 1.56 -53.05
CA PRO U 134 -12.92 2.36 -53.74
C PRO U 134 -11.96 2.98 -52.75
N ALA U 135 -10.84 3.43 -53.27
CA ALA U 135 -9.82 4.01 -52.39
C ALA U 135 -10.00 5.46 -51.92
N LEU U 136 -10.48 6.47 -52.72
CA LEU U 136 -10.25 7.84 -52.25
C LEU U 136 -11.26 8.32 -51.21
N LEU U 137 -12.26 7.50 -50.90
CA LEU U 137 -13.35 7.93 -50.01
C LEU U 137 -13.71 6.86 -48.99
N ILE U 138 -12.73 6.33 -48.26
CA ILE U 138 -13.04 5.64 -47.00
C ILE U 138 -13.18 6.60 -45.83
N PRO U 139 -12.27 7.55 -45.56
CA PRO U 139 -12.52 8.44 -44.42
C PRO U 139 -13.64 9.45 -44.63
N MET U 140 -13.99 9.75 -45.89
CA MET U 140 -15.10 10.66 -46.10
C MET U 140 -16.44 9.94 -45.93
N LEU U 141 -16.41 8.62 -45.85
CA LEU U 141 -17.66 7.88 -45.74
C LEU U 141 -18.00 7.56 -44.30
N VAL U 142 -17.06 7.01 -43.54
CA VAL U 142 -17.37 6.46 -42.24
C VAL U 142 -17.29 7.55 -41.16
N ILE U 143 -17.11 8.80 -41.57
CA ILE U 143 -17.43 9.91 -40.68
C ILE U 143 -18.79 10.51 -41.04
N ILE U 144 -19.35 10.09 -42.18
CA ILE U 144 -20.66 10.58 -42.59
C ILE U 144 -21.75 9.63 -42.17
N GLU U 145 -21.56 8.33 -42.43
CA GLU U 145 -22.61 7.36 -42.16
C GLU U 145 -22.68 7.01 -40.68
N THR U 146 -21.79 7.58 -39.86
CA THR U 146 -21.96 7.42 -38.43
C THR U 146 -22.51 8.69 -37.80
N ILE U 147 -22.36 9.84 -38.47
CA ILE U 147 -22.97 11.06 -37.96
C ILE U 147 -24.44 11.10 -38.37
N SER U 148 -24.82 10.28 -39.34
CA SER U 148 -26.24 10.15 -39.65
C SER U 148 -26.81 8.90 -39.00
N LEU U 149 -26.11 8.34 -38.02
CA LEU U 149 -26.71 7.30 -37.19
C LEU U 149 -27.16 7.90 -35.86
N PHE U 150 -26.32 8.72 -35.25
CA PHE U 150 -26.65 9.24 -33.94
C PHE U 150 -27.64 10.39 -34.03
N ILE U 151 -27.85 10.91 -35.25
CA ILE U 151 -28.91 11.88 -35.46
C ILE U 151 -30.27 11.23 -35.29
N GLN U 152 -30.38 9.93 -35.59
CA GLN U 152 -31.67 9.23 -35.66
C GLN U 152 -32.54 9.30 -34.40
N PRO U 153 -32.03 9.20 -33.14
CA PRO U 153 -32.95 9.40 -32.00
C PRO U 153 -33.45 10.83 -31.89
N VAL U 154 -32.59 11.79 -32.19
CA VAL U 154 -33.03 13.17 -32.22
C VAL U 154 -33.88 13.43 -33.45
N ALA U 155 -33.59 12.72 -34.54
CA ALA U 155 -34.39 12.88 -35.75
C ALA U 155 -35.76 12.26 -35.58
N LEU U 156 -35.92 11.34 -34.62
CA LEU U 156 -37.19 10.63 -34.50
C LEU U 156 -38.12 11.35 -33.54
N ALA U 157 -37.57 11.95 -32.48
CA ALA U 157 -38.44 12.58 -31.50
C ALA U 157 -38.77 14.02 -31.88
N VAL U 158 -37.80 14.77 -32.38
CA VAL U 158 -38.01 16.20 -32.58
C VAL U 158 -38.94 16.44 -33.78
N ARG U 159 -39.04 15.48 -34.70
CA ARG U 159 -39.98 15.67 -35.80
C ARG U 159 -41.43 15.51 -35.34
N LEU U 160 -41.64 14.90 -34.17
CA LEU U 160 -43.00 14.70 -33.70
C LEU U 160 -43.48 15.88 -32.85
N THR U 161 -42.62 16.39 -31.98
CA THR U 161 -43.06 17.45 -31.09
C THR U 161 -43.18 18.78 -31.82
N ALA U 162 -42.42 18.95 -32.90
CA ALA U 162 -42.28 20.28 -33.46
C ALA U 162 -43.45 20.64 -34.36
N ASN U 163 -44.09 19.65 -34.98
CA ASN U 163 -45.18 19.96 -35.90
C ASN U 163 -46.55 19.75 -35.26
N ILE U 164 -46.60 18.95 -34.19
CA ILE U 164 -47.85 18.78 -33.44
C ILE U 164 -48.22 20.10 -32.77
N THR U 165 -47.26 20.73 -32.11
CA THR U 165 -47.52 22.02 -31.48
C THR U 165 -47.69 23.11 -32.52
N ALA U 166 -47.08 22.93 -33.69
CA ALA U 166 -47.25 23.91 -34.75
C ALA U 166 -48.66 23.90 -35.31
N GLY U 167 -49.36 22.78 -35.15
CA GLY U 167 -50.77 22.79 -35.50
C GLY U 167 -51.60 23.58 -34.51
N HIS U 168 -51.17 23.63 -33.25
CA HIS U 168 -52.03 24.21 -32.23
C HIS U 168 -51.96 25.73 -32.25
N LEU U 169 -50.87 26.29 -32.74
CA LEU U 169 -50.73 27.75 -32.74
C LEU U 169 -51.55 28.39 -33.85
N LEU U 170 -51.64 27.74 -35.01
CA LEU U 170 -52.46 28.28 -36.08
C LEU U 170 -53.93 28.06 -35.79
N ILE U 171 -54.25 27.11 -34.92
CA ILE U 171 -55.60 26.98 -34.40
C ILE U 171 -55.95 28.20 -33.55
N HIS U 172 -55.01 28.64 -32.71
CA HIS U 172 -55.28 29.79 -31.85
C HIS U 172 -55.25 31.08 -32.64
N LEU U 173 -54.21 31.31 -33.44
CA LEU U 173 -53.95 32.63 -33.99
C LEU U 173 -54.91 32.99 -35.11
N ILE U 174 -55.22 32.04 -35.98
CA ILE U 174 -56.28 32.26 -36.94
C ILE U 174 -57.63 32.32 -36.22
N GLY U 175 -57.77 31.56 -35.13
CA GLY U 175 -58.99 31.61 -34.37
C GLY U 175 -59.13 32.87 -33.54
N GLY U 176 -58.02 33.34 -32.99
CA GLY U 176 -58.08 34.52 -32.15
C GLY U 176 -58.27 35.80 -32.96
N ALA U 177 -57.94 35.76 -34.24
CA ALA U 177 -58.15 36.92 -35.09
C ALA U 177 -59.62 37.07 -35.48
N THR U 178 -60.41 36.01 -35.31
CA THR U 178 -61.85 36.14 -35.46
C THR U 178 -62.45 36.96 -34.33
N LEU U 179 -62.04 36.67 -33.10
CA LEU U 179 -62.58 37.33 -31.92
C LEU U 179 -62.27 38.82 -31.92
N ALA U 180 -61.10 39.17 -32.42
CA ALA U 180 -60.67 40.56 -32.42
C ALA U 180 -60.95 41.20 -33.77
N LEU U 181 -62.04 40.78 -34.42
CA LEU U 181 -62.35 41.32 -35.74
C LEU U 181 -63.66 42.09 -35.68
N LEU U 182 -63.76 42.99 -34.70
CA LEU U 182 -64.88 43.93 -34.59
C LEU U 182 -64.82 45.06 -35.61
N ASN U 183 -63.88 45.04 -36.55
CA ASN U 183 -63.96 45.78 -37.79
C ASN U 183 -64.83 45.00 -38.76
N ILE U 184 -64.76 45.35 -40.05
CA ILE U 184 -65.69 44.95 -41.12
C ILE U 184 -65.99 43.45 -41.16
N ASN U 185 -67.28 43.11 -41.14
CA ASN U 185 -67.76 41.78 -40.78
C ASN U 185 -67.77 40.79 -41.94
N THR U 186 -67.41 41.23 -43.15
CA THR U 186 -67.37 40.32 -44.30
C THR U 186 -66.19 39.37 -44.20
N MET U 187 -65.06 39.87 -43.73
CA MET U 187 -63.84 39.08 -43.68
C MET U 187 -63.81 38.10 -42.51
N THR U 188 -64.77 38.21 -41.58
CA THR U 188 -64.83 37.30 -40.45
C THR U 188 -65.14 35.88 -40.89
N ALA U 189 -66.00 35.73 -41.91
CA ALA U 189 -66.39 34.41 -42.36
C ALA U 189 -65.24 33.72 -43.07
N PHE U 190 -64.43 34.48 -43.81
CA PHE U 190 -63.36 33.88 -44.59
C PHE U 190 -62.25 33.36 -43.69
N ILE U 191 -62.02 34.01 -42.55
CA ILE U 191 -61.09 33.49 -41.56
C ILE U 191 -61.70 32.29 -40.86
N THR U 192 -63.02 32.29 -40.68
CA THR U 192 -63.68 31.11 -40.13
C THR U 192 -63.64 29.95 -41.11
N PHE U 193 -63.79 30.24 -42.40
CA PHE U 193 -63.75 29.17 -43.39
C PHE U 193 -62.33 28.66 -43.57
N THR U 194 -61.33 29.49 -43.29
CA THR U 194 -59.96 29.02 -43.25
C THR U 194 -59.73 28.06 -42.10
N ILE U 195 -60.42 28.29 -40.98
CA ILE U 195 -60.26 27.43 -39.81
C ILE U 195 -60.80 26.04 -40.10
N LEU U 196 -62.01 25.96 -40.66
CA LEU U 196 -62.63 24.67 -40.81
C LEU U 196 -62.03 23.88 -41.98
N ILE U 197 -61.18 24.52 -42.78
CA ILE U 197 -60.30 23.76 -43.66
C ILE U 197 -59.07 23.30 -42.88
N LEU U 198 -58.55 24.15 -42.01
CA LEU U 198 -57.30 23.85 -41.31
C LEU U 198 -57.50 22.73 -40.29
N LEU U 199 -58.72 22.58 -39.79
CA LEU U 199 -59.00 21.49 -38.86
C LEU U 199 -59.10 20.17 -39.60
N THR U 200 -59.41 20.21 -40.89
CA THR U 200 -59.33 18.99 -41.69
C THR U 200 -57.89 18.61 -41.94
N ILE U 201 -57.01 19.60 -42.14
CA ILE U 201 -55.59 19.30 -42.33
C ILE U 201 -54.99 18.81 -41.02
N LEU U 202 -55.57 19.22 -39.89
CA LEU U 202 -55.04 18.76 -38.60
C LEU U 202 -55.62 17.41 -38.20
N GLU U 203 -56.27 16.71 -39.13
CA GLU U 203 -56.35 15.28 -38.98
C GLU U 203 -55.28 14.59 -39.80
N PHE U 204 -54.18 15.29 -40.08
CA PHE U 204 -52.92 14.63 -40.41
C PHE U 204 -52.14 14.30 -39.15
N ALA U 205 -52.75 14.44 -37.97
CA ALA U 205 -52.15 13.93 -36.75
C ALA U 205 -52.30 12.41 -36.66
N VAL U 206 -53.13 11.84 -37.51
CA VAL U 206 -53.07 10.40 -37.71
C VAL U 206 -51.98 10.06 -38.72
N ALA U 207 -51.79 10.93 -39.71
CA ALA U 207 -50.81 10.67 -40.77
C ALA U 207 -49.39 10.74 -40.27
N LEU U 208 -49.18 11.37 -39.11
CA LEU U 208 -47.85 11.53 -38.58
C LEU U 208 -47.55 10.43 -37.57
N ILE U 209 -48.32 9.35 -37.59
CA ILE U 209 -48.00 8.22 -36.73
C ILE U 209 -47.58 7.05 -37.59
N GLN U 210 -48.03 7.02 -38.83
CA GLN U 210 -47.37 6.20 -39.84
C GLN U 210 -45.90 6.59 -39.96
N ALA U 211 -45.58 7.88 -39.98
CA ALA U 211 -44.19 8.30 -40.08
C ALA U 211 -43.50 8.30 -38.70
N TYR U 212 -43.97 7.48 -37.77
CA TYR U 212 -43.22 7.22 -36.56
C TYR U 212 -43.06 5.73 -36.33
N VAL U 213 -44.09 4.94 -36.62
CA VAL U 213 -43.88 3.51 -36.49
C VAL U 213 -43.09 2.98 -37.67
N PHE U 214 -43.25 3.59 -38.86
CA PHE U 214 -42.63 3.02 -40.04
C PHE U 214 -41.14 3.27 -40.10
N THR U 215 -40.69 4.49 -39.78
CA THR U 215 -39.26 4.73 -39.72
C THR U 215 -38.67 4.19 -38.44
N LEU U 216 -39.49 3.56 -37.60
CA LEU U 216 -38.97 2.65 -36.60
C LEU U 216 -38.82 1.24 -37.15
N LEU U 217 -39.66 0.86 -38.12
CA LEU U 217 -39.45 -0.45 -38.73
C LEU U 217 -38.23 -0.46 -39.63
N VAL U 218 -38.09 0.57 -40.47
CA VAL U 218 -36.93 0.68 -41.33
C VAL U 218 -35.67 0.80 -40.48
N SER U 219 -35.77 1.48 -39.34
CA SER U 219 -34.65 1.46 -38.41
C SER U 219 -34.62 0.19 -37.58
N LEU U 220 -35.54 -0.75 -37.83
CA LEU U 220 -35.38 -2.09 -37.27
C LEU U 220 -35.04 -3.10 -38.36
N TYR U 221 -35.68 -2.97 -39.53
CA TYR U 221 -35.45 -3.91 -40.62
C TYR U 221 -34.03 -3.81 -41.14
N LEU U 222 -33.47 -2.60 -41.17
CA LEU U 222 -32.12 -2.40 -41.69
C LEU U 222 -31.09 -2.99 -40.76
N HIS U 223 -31.24 -2.78 -39.46
CA HIS U 223 -30.31 -3.38 -38.52
C HIS U 223 -30.55 -4.86 -38.38
N ASP U 224 -31.78 -5.30 -38.54
CA ASP U 224 -32.08 -6.71 -38.39
C ASP U 224 -33.13 -7.16 -39.37
N ILE V 1 -16.22 47.07 -34.69
CA ILE V 1 -17.06 47.56 -35.77
C ILE V 1 -16.54 47.05 -37.11
N ASP V 2 -15.21 47.02 -37.27
CA ASP V 2 -14.63 46.42 -38.47
C ASP V 2 -14.84 44.92 -38.46
N THR V 3 -14.82 44.31 -37.27
CA THR V 3 -15.08 42.89 -37.16
C THR V 3 -16.57 42.58 -37.30
N ALA V 4 -17.42 43.59 -37.17
CA ALA V 4 -18.85 43.38 -37.31
C ALA V 4 -19.21 43.09 -38.76
N ALA V 5 -18.64 43.83 -39.71
CA ALA V 5 -18.98 43.62 -41.10
C ALA V 5 -18.20 42.43 -41.68
N LYS V 6 -17.07 42.08 -41.08
CA LYS V 6 -16.28 40.97 -41.59
C LYS V 6 -16.96 39.64 -41.28
N PHE V 7 -17.56 39.52 -40.10
CA PHE V 7 -18.00 38.22 -39.66
C PHE V 7 -19.38 37.90 -40.21
N ILE V 8 -20.08 38.89 -40.74
CA ILE V 8 -21.35 38.60 -41.40
C ILE V 8 -21.13 38.17 -42.85
N GLY V 9 -20.24 38.86 -43.56
CA GLY V 9 -20.12 38.64 -44.98
C GLY V 9 -19.42 37.33 -45.31
N ALA V 10 -18.59 36.85 -44.38
CA ALA V 10 -17.99 35.53 -44.53
C ALA V 10 -19.04 34.44 -44.41
N GLY V 11 -20.05 34.65 -43.57
CA GLY V 11 -21.18 33.74 -43.55
C GLY V 11 -22.16 34.03 -44.67
N ALA V 12 -22.21 35.30 -45.10
CA ALA V 12 -23.13 35.66 -46.17
C ALA V 12 -22.61 35.19 -47.52
N ALA V 13 -21.31 34.91 -47.62
CA ALA V 13 -20.79 34.44 -48.90
C ALA V 13 -20.96 32.93 -49.04
N THR V 14 -20.89 32.19 -47.93
CA THR V 14 -20.83 30.74 -48.02
C THR V 14 -22.21 30.11 -48.15
N VAL V 15 -23.23 30.93 -48.39
CA VAL V 15 -24.52 30.42 -48.84
C VAL V 15 -24.42 30.23 -50.35
N GLY V 16 -23.35 30.75 -50.96
CA GLY V 16 -23.14 30.54 -52.39
C GLY V 16 -22.74 29.12 -52.73
N VAL V 17 -22.34 28.34 -51.73
CA VAL V 17 -21.92 26.97 -52.00
C VAL V 17 -23.12 26.04 -51.89
N ALA V 18 -24.25 26.57 -51.43
CA ALA V 18 -25.49 25.80 -51.37
C ALA V 18 -26.00 25.52 -52.77
N GLY V 19 -25.89 26.49 -53.67
CA GLY V 19 -26.34 26.27 -55.04
C GLY V 19 -25.48 25.27 -55.79
N SER V 20 -24.21 25.16 -55.42
CA SER V 20 -23.40 24.09 -55.96
C SER V 20 -23.82 22.74 -55.39
N GLY V 21 -24.37 22.74 -54.18
CA GLY V 21 -24.85 21.50 -53.61
C GLY V 21 -26.11 21.00 -54.29
N ALA V 22 -26.84 21.90 -54.95
CA ALA V 22 -28.01 21.47 -55.68
C ALA V 22 -27.63 20.90 -57.04
N GLY V 23 -26.77 21.61 -57.78
CA GLY V 23 -26.45 21.19 -59.13
C GLY V 23 -25.57 19.95 -59.17
N ILE V 24 -24.95 19.61 -58.05
CA ILE V 24 -24.13 18.41 -58.00
C ILE V 24 -25.01 17.18 -57.77
N GLY V 25 -26.26 17.40 -57.37
CA GLY V 25 -27.12 16.26 -57.10
C GLY V 25 -27.68 15.65 -58.36
N THR V 26 -27.94 16.48 -59.37
CA THR V 26 -28.52 15.98 -60.60
C THR V 26 -27.50 15.19 -61.41
N VAL V 27 -26.22 15.58 -61.31
CA VAL V 27 -25.17 14.97 -62.13
C VAL V 27 -24.90 13.55 -61.71
N PHE V 28 -25.08 13.24 -60.43
CA PHE V 28 -25.05 11.83 -60.05
C PHE V 28 -26.45 11.28 -60.00
N GLY V 29 -27.44 12.08 -60.38
CA GLY V 29 -28.80 11.60 -60.41
C GLY V 29 -29.26 11.25 -61.80
N SER V 30 -28.91 12.07 -62.79
CA SER V 30 -29.30 11.75 -64.16
C SER V 30 -28.46 10.64 -64.75
N MET V 31 -27.22 10.50 -64.27
CA MET V 31 -26.39 9.39 -64.69
C MET V 31 -26.95 8.07 -64.17
N ILE V 32 -27.74 8.11 -63.11
CA ILE V 32 -28.43 6.90 -62.67
C ILE V 32 -29.48 6.48 -63.69
N ILE V 33 -30.31 7.42 -64.14
CA ILE V 33 -31.30 7.05 -65.17
C ILE V 33 -30.69 7.12 -66.55
N GLY V 34 -29.46 7.60 -66.67
CA GLY V 34 -28.78 7.54 -67.95
C GLY V 34 -28.14 6.19 -68.19
N TYR V 35 -27.55 5.61 -67.15
CA TYR V 35 -26.89 4.33 -67.31
C TYR V 35 -27.90 3.20 -67.22
N ALA V 36 -29.07 3.46 -66.63
CA ALA V 36 -30.04 2.39 -66.38
C ALA V 36 -30.61 1.83 -67.68
N ARG V 37 -30.77 2.67 -68.69
CA ARG V 37 -31.18 2.17 -70.00
C ARG V 37 -30.05 1.44 -70.69
N ASN V 38 -28.86 2.03 -70.68
CA ASN V 38 -27.81 1.72 -71.64
C ASN V 38 -26.53 1.33 -70.91
N PRO V 39 -26.29 0.05 -70.67
CA PRO V 39 -25.04 -0.33 -69.98
C PRO V 39 -23.80 -0.31 -70.88
N SER V 40 -23.37 0.89 -71.22
CA SER V 40 -22.10 1.13 -71.90
C SER V 40 -21.23 2.00 -71.01
N LEU V 41 -21.06 1.58 -69.76
CA LEU V 41 -20.64 2.47 -68.68
C LEU V 41 -19.17 2.87 -68.78
N LYS V 42 -18.28 1.91 -69.09
CA LYS V 42 -16.85 2.20 -69.09
C LYS V 42 -16.45 3.18 -70.19
N GLN V 43 -17.31 3.37 -71.18
CA GLN V 43 -17.20 4.43 -72.16
C GLN V 43 -17.69 5.75 -71.58
N GLN V 44 -18.03 6.69 -72.46
CA GLN V 44 -18.05 8.10 -72.11
C GLN V 44 -19.21 8.51 -71.21
N LEU V 45 -19.92 7.56 -70.59
CA LEU V 45 -20.83 7.94 -69.52
C LEU V 45 -20.08 8.53 -68.35
N PHE V 46 -19.18 7.75 -67.75
CA PHE V 46 -18.48 8.16 -66.54
C PHE V 46 -17.52 9.30 -66.83
N SER V 47 -16.99 9.36 -68.04
CA SER V 47 -16.14 10.48 -68.42
C SER V 47 -16.95 11.75 -68.58
N TYR V 48 -18.23 11.62 -68.90
CA TYR V 48 -19.09 12.79 -68.87
C TYR V 48 -19.67 13.01 -67.47
N ALA V 49 -19.51 12.02 -66.59
CA ALA V 49 -19.94 12.19 -65.21
C ALA V 49 -18.91 12.98 -64.41
N ILE V 50 -17.63 12.69 -64.59
CA ILE V 50 -16.59 13.33 -63.80
C ILE V 50 -16.38 14.76 -64.25
N LEU V 51 -16.53 15.02 -65.55
CA LEU V 51 -16.46 16.40 -66.04
C LEU V 51 -17.62 17.21 -65.51
N GLY V 52 -18.81 16.60 -65.39
CA GLY V 52 -19.95 17.33 -64.87
C GLY V 52 -19.82 17.61 -63.39
N PHE V 53 -19.17 16.70 -62.66
CA PHE V 53 -18.96 16.90 -61.23
C PHE V 53 -17.97 18.03 -60.97
N ALA V 54 -16.84 18.02 -61.67
CA ALA V 54 -15.77 18.95 -61.35
C ALA V 54 -15.98 20.30 -62.02
N LEU V 55 -17.13 20.50 -62.66
CA LEU V 55 -17.42 21.81 -63.23
C LEU V 55 -18.44 22.56 -62.38
N SER V 56 -19.35 21.84 -61.73
CA SER V 56 -20.25 22.48 -60.78
C SER V 56 -19.51 22.85 -59.50
N GLU V 57 -18.45 22.11 -59.18
CA GLU V 57 -17.58 22.44 -58.06
C GLU V 57 -16.92 23.80 -58.26
N ALA V 58 -16.55 24.09 -59.52
CA ALA V 58 -15.79 25.30 -59.80
C ALA V 58 -16.69 26.53 -59.85
N MET V 59 -18.00 26.34 -59.74
CA MET V 59 -18.87 27.48 -59.44
C MET V 59 -19.18 27.55 -57.95
N GLY V 60 -18.88 26.48 -57.22
CA GLY V 60 -18.98 26.54 -55.76
C GLY V 60 -17.67 26.91 -55.11
N LEU V 61 -16.55 26.41 -55.64
CA LEU V 61 -15.25 26.70 -55.05
C LEU V 61 -14.81 28.12 -55.35
N PHE V 62 -15.31 28.71 -56.45
CA PHE V 62 -14.83 30.02 -56.85
C PHE V 62 -15.37 31.11 -55.94
N CYS V 63 -16.55 30.89 -55.36
CA CYS V 63 -17.03 31.81 -54.33
C CYS V 63 -16.26 31.63 -53.03
N LEU V 64 -15.81 30.40 -52.75
CA LEU V 64 -15.13 30.10 -51.49
C LEU V 64 -13.77 30.76 -51.42
N MET V 65 -13.05 30.84 -52.55
CA MET V 65 -11.83 31.64 -52.59
C MET V 65 -12.14 33.11 -52.39
N VAL V 66 -13.26 33.57 -52.95
CA VAL V 66 -13.71 34.94 -52.71
C VAL V 66 -14.22 35.07 -51.27
N ALA V 67 -14.72 33.97 -50.70
CA ALA V 67 -15.19 34.00 -49.32
C ALA V 67 -14.03 34.18 -48.34
N PHE V 68 -12.89 33.56 -48.61
CA PHE V 68 -11.73 33.76 -47.74
C PHE V 68 -11.05 35.08 -48.05
N LEU V 69 -11.30 35.64 -49.23
CA LEU V 69 -10.74 36.94 -49.60
C LEU V 69 -11.35 38.05 -48.74
N ILE V 70 -12.60 37.89 -48.31
CA ILE V 70 -13.25 38.89 -47.48
C ILE V 70 -12.58 38.96 -46.11
N LEU V 71 -12.21 37.80 -45.56
CA LEU V 71 -11.60 37.78 -44.24
C LEU V 71 -10.18 38.35 -44.27
N PHE V 72 -9.48 38.20 -45.39
CA PHE V 72 -8.12 38.71 -45.52
C PHE V 72 -7.99 39.57 -46.78
N ILE W 1 -19.83 43.49 -28.47
CA ILE W 1 -20.28 43.66 -29.84
C ILE W 1 -19.45 42.75 -30.77
N ASP W 2 -18.29 42.32 -30.28
CA ASP W 2 -17.48 41.39 -31.06
C ASP W 2 -18.11 40.00 -31.08
N THR W 3 -18.71 39.59 -29.97
CA THR W 3 -19.42 38.31 -29.96
C THR W 3 -20.76 38.45 -30.68
N ALA W 4 -21.25 39.68 -30.84
CA ALA W 4 -22.51 39.91 -31.54
C ALA W 4 -22.41 39.56 -33.02
N ALA W 5 -21.23 39.74 -33.61
CA ALA W 5 -21.02 39.31 -34.99
C ALA W 5 -20.64 37.84 -35.06
N LYS W 6 -20.18 37.28 -33.94
CA LYS W 6 -19.87 35.86 -33.89
C LYS W 6 -21.14 35.01 -33.96
N PHE W 7 -22.28 35.59 -33.59
CA PHE W 7 -23.51 34.82 -33.54
C PHE W 7 -24.30 34.94 -34.84
N ILE W 8 -24.32 36.14 -35.43
CA ILE W 8 -25.12 36.34 -36.65
C ILE W 8 -24.35 35.85 -37.88
N GLY W 9 -23.06 35.59 -37.72
CA GLY W 9 -22.28 35.08 -38.83
C GLY W 9 -22.53 33.62 -39.08
N ALA W 10 -22.66 32.83 -38.01
CA ALA W 10 -23.03 31.43 -38.15
C ALA W 10 -24.53 31.28 -38.37
N GLY W 11 -25.26 32.40 -38.31
CA GLY W 11 -26.70 32.34 -38.58
C GLY W 11 -26.99 32.13 -40.05
N ALA W 12 -26.21 32.72 -40.94
CA ALA W 12 -26.44 32.50 -42.36
C ALA W 12 -25.47 31.47 -42.93
N ALA W 13 -24.43 31.12 -42.17
CA ALA W 13 -23.43 30.19 -42.68
C ALA W 13 -23.93 28.75 -42.67
N THR W 14 -24.99 28.48 -41.92
CA THR W 14 -25.55 27.13 -41.91
C THR W 14 -26.74 27.03 -42.86
N VAL W 15 -26.94 28.05 -43.70
CA VAL W 15 -27.93 27.97 -44.77
C VAL W 15 -27.29 27.20 -45.93
N GLY W 16 -25.96 27.10 -45.93
CA GLY W 16 -25.28 26.35 -46.97
C GLY W 16 -25.46 24.85 -46.84
N VAL W 17 -26.02 24.38 -45.72
CA VAL W 17 -26.31 22.95 -45.61
C VAL W 17 -27.69 22.65 -46.20
N ALA W 18 -28.49 23.70 -46.46
CA ALA W 18 -29.79 23.50 -47.11
C ALA W 18 -29.59 23.16 -48.58
N GLY W 19 -28.46 23.57 -49.14
CA GLY W 19 -28.14 23.18 -50.50
C GLY W 19 -27.87 21.70 -50.64
N SER W 20 -27.39 21.07 -49.56
CA SER W 20 -27.29 19.61 -49.54
C SER W 20 -28.60 18.99 -49.11
N GLY W 21 -29.61 19.82 -48.85
CA GLY W 21 -30.93 19.28 -48.60
C GLY W 21 -31.70 18.99 -49.87
N ALA W 22 -31.88 20.00 -50.71
CA ALA W 22 -32.66 19.81 -51.92
C ALA W 22 -31.85 19.12 -53.00
N GLY W 23 -30.52 19.13 -52.87
CA GLY W 23 -29.69 18.44 -53.85
C GLY W 23 -29.62 16.96 -53.61
N ILE W 24 -30.02 16.51 -52.41
CA ILE W 24 -30.04 15.08 -52.12
C ILE W 24 -31.43 14.53 -52.35
N GLY W 25 -32.42 15.41 -52.51
CA GLY W 25 -33.77 14.96 -52.75
C GLY W 25 -33.98 14.43 -54.15
N THR W 26 -33.07 14.81 -55.05
CA THR W 26 -33.14 14.30 -56.42
C THR W 26 -32.43 12.96 -56.54
N VAL W 27 -31.22 12.87 -56.01
CA VAL W 27 -30.36 11.73 -56.31
C VAL W 27 -30.81 10.50 -55.53
N PHE W 28 -31.71 10.68 -54.56
CA PHE W 28 -32.35 9.52 -53.97
C PHE W 28 -33.69 9.26 -54.63
N GLY W 29 -34.24 10.26 -55.33
CA GLY W 29 -35.45 10.03 -56.09
C GLY W 29 -35.18 9.50 -57.47
N SER W 30 -33.95 9.69 -57.97
CA SER W 30 -33.59 9.17 -59.28
C SER W 30 -33.20 7.71 -59.22
N MET W 31 -32.99 7.18 -58.02
CA MET W 31 -32.82 5.74 -57.88
C MET W 31 -34.16 5.06 -57.69
N ILE W 32 -35.24 5.82 -57.73
CA ILE W 32 -36.56 5.21 -57.82
C ILE W 32 -36.95 5.00 -59.27
N ILE W 33 -36.91 6.07 -60.06
CA ILE W 33 -37.42 6.06 -61.42
C ILE W 33 -36.50 5.23 -62.32
N GLY W 34 -35.23 5.09 -61.93
CA GLY W 34 -34.30 4.34 -62.75
C GLY W 34 -33.95 2.98 -62.16
N TYR W 35 -34.78 2.47 -61.26
CA TYR W 35 -34.57 1.13 -60.76
C TYR W 35 -35.51 0.15 -61.41
N ALA W 36 -36.77 0.57 -61.61
CA ALA W 36 -37.79 -0.33 -62.12
C ALA W 36 -37.54 -0.72 -63.57
N ARG W 37 -36.95 0.20 -64.33
CA ARG W 37 -36.69 -0.04 -65.75
C ARG W 37 -35.58 -1.07 -65.93
N ASN W 38 -34.76 -1.28 -64.91
CA ASN W 38 -33.61 -2.17 -65.02
C ASN W 38 -33.23 -2.69 -63.63
N PRO W 39 -33.70 -3.84 -63.22
CA PRO W 39 -33.29 -4.41 -61.92
C PRO W 39 -31.90 -5.02 -61.93
N SER W 40 -30.89 -4.17 -61.72
CA SER W 40 -29.49 -4.57 -61.51
C SER W 40 -28.84 -3.76 -60.39
N LEU W 41 -29.45 -3.74 -59.19
CA LEU W 41 -29.05 -2.78 -58.17
C LEU W 41 -27.75 -3.16 -57.49
N LYS W 42 -27.48 -4.47 -57.36
CA LYS W 42 -26.27 -4.92 -56.64
C LYS W 42 -25.01 -4.68 -57.45
N GLN W 43 -25.15 -4.37 -58.74
CA GLN W 43 -24.11 -3.85 -59.60
C GLN W 43 -24.01 -2.35 -59.33
N GLN W 44 -23.39 -1.58 -60.24
CA GLN W 44 -22.94 -0.24 -59.92
C GLN W 44 -24.09 0.77 -59.84
N LEU W 45 -25.35 0.32 -59.82
CA LEU W 45 -26.47 1.25 -59.72
C LEU W 45 -26.59 1.81 -58.31
N PHE W 46 -26.52 0.95 -57.31
CA PHE W 46 -26.58 1.44 -55.92
C PHE W 46 -25.27 2.10 -55.55
N SER W 47 -24.18 1.67 -56.15
CA SER W 47 -22.86 2.20 -55.82
C SER W 47 -22.67 3.59 -56.38
N TYR W 48 -23.42 3.94 -57.43
CA TYR W 48 -23.30 5.30 -57.96
C TYR W 48 -24.30 6.23 -57.31
N ALA W 49 -25.08 5.72 -56.35
CA ALA W 49 -25.86 6.61 -55.50
C ALA W 49 -25.12 6.92 -54.21
N ILE W 50 -24.34 5.96 -53.70
CA ILE W 50 -23.57 6.17 -52.48
C ILE W 50 -22.44 7.14 -52.73
N LEU W 51 -21.79 7.04 -53.88
CA LEU W 51 -20.92 8.12 -54.34
C LEU W 51 -21.73 9.39 -54.54
N GLY W 52 -22.96 9.26 -55.02
CA GLY W 52 -23.78 10.44 -55.23
C GLY W 52 -24.36 10.99 -53.93
N PHE W 53 -24.43 10.16 -52.90
CA PHE W 53 -24.88 10.65 -51.60
C PHE W 53 -23.72 11.28 -50.84
N ALA W 54 -22.58 10.59 -50.76
CA ALA W 54 -21.50 11.02 -49.88
C ALA W 54 -20.81 12.26 -50.40
N LEU W 55 -20.54 12.32 -51.70
CA LEU W 55 -19.83 13.47 -52.23
C LEU W 55 -20.79 14.66 -52.41
N SER W 56 -22.10 14.40 -52.33
CA SER W 56 -23.03 15.50 -52.16
C SER W 56 -23.17 15.87 -50.70
N GLU W 57 -22.83 14.93 -49.81
CA GLU W 57 -22.87 15.22 -48.38
C GLU W 57 -21.65 16.01 -47.95
N ALA W 58 -20.55 15.85 -48.66
CA ALA W 58 -19.29 16.48 -48.26
C ALA W 58 -19.34 17.98 -48.41
N MET W 59 -20.24 18.49 -49.25
CA MET W 59 -20.43 19.93 -49.31
C MET W 59 -21.53 20.36 -48.35
N GLY W 60 -22.14 19.40 -47.67
CA GLY W 60 -23.06 19.75 -46.60
C GLY W 60 -22.36 20.00 -45.29
N LEU W 61 -21.53 19.06 -44.86
CA LEU W 61 -20.87 19.20 -43.55
C LEU W 61 -19.70 20.16 -43.63
N PHE W 62 -19.25 20.51 -44.83
CA PHE W 62 -18.20 21.53 -44.93
C PHE W 62 -18.76 22.91 -44.61
N CYS W 63 -19.99 23.17 -45.00
CA CYS W 63 -20.61 24.45 -44.67
C CYS W 63 -21.22 24.44 -43.28
N LEU W 64 -21.13 23.29 -42.60
CA LEU W 64 -21.39 23.25 -41.17
C LEU W 64 -20.13 23.63 -40.39
N MET W 65 -18.97 23.19 -40.87
CA MET W 65 -17.72 23.38 -40.14
C MET W 65 -17.24 24.82 -40.24
N VAL W 66 -17.81 25.59 -41.16
CA VAL W 66 -17.55 27.03 -41.17
C VAL W 66 -18.20 27.69 -39.96
N ALA W 67 -19.41 27.23 -39.60
CA ALA W 67 -20.13 27.87 -38.50
C ALA W 67 -19.48 27.57 -37.14
N PHE W 68 -18.81 26.43 -37.01
CA PHE W 68 -17.98 26.22 -35.82
C PHE W 68 -16.76 27.11 -35.85
N LEU W 69 -16.04 27.15 -36.97
CA LEU W 69 -14.74 27.81 -37.00
C LEU W 69 -14.87 29.32 -37.15
N ILE W 70 -16.06 29.82 -37.48
CA ILE W 70 -16.25 31.26 -37.40
C ILE W 70 -16.47 31.69 -35.96
N LEU W 71 -17.05 30.81 -35.15
CA LEU W 71 -17.46 31.20 -33.81
C LEU W 71 -16.32 31.08 -32.81
N PHE W 72 -15.62 29.95 -32.81
CA PHE W 72 -14.47 29.77 -31.94
C PHE W 72 -13.21 30.42 -32.52
N ILE X 1 -27.38 43.63 -25.92
CA ILE X 1 -26.88 43.51 -27.29
C ILE X 1 -26.54 42.04 -27.54
N ASP X 2 -26.29 41.31 -26.46
CA ASP X 2 -26.14 39.86 -26.56
C ASP X 2 -27.48 39.23 -26.90
N THR X 3 -28.56 39.76 -26.35
CA THR X 3 -29.88 39.17 -26.59
C THR X 3 -30.36 39.48 -28.00
N ALA X 4 -30.12 40.69 -28.49
CA ALA X 4 -30.71 41.14 -29.75
C ALA X 4 -30.09 40.45 -30.95
N ALA X 5 -28.77 40.25 -30.93
CA ALA X 5 -28.10 39.57 -32.03
C ALA X 5 -28.43 38.09 -32.05
N LYS X 6 -28.80 37.53 -30.89
CA LYS X 6 -29.33 36.17 -30.86
C LYS X 6 -30.68 36.10 -31.57
N PHE X 7 -31.47 37.18 -31.48
CA PHE X 7 -32.82 37.17 -32.04
C PHE X 7 -32.79 37.13 -33.55
N ILE X 8 -31.84 37.82 -34.17
CA ILE X 8 -31.65 37.73 -35.60
C ILE X 8 -30.70 36.58 -35.94
N GLY X 9 -29.96 36.10 -34.94
CA GLY X 9 -29.03 35.01 -35.17
C GLY X 9 -29.73 33.70 -35.47
N ALA X 10 -30.87 33.45 -34.82
CA ALA X 10 -31.64 32.24 -35.12
C ALA X 10 -32.61 32.47 -36.26
N GLY X 11 -32.84 33.73 -36.64
CA GLY X 11 -33.75 34.01 -37.73
C GLY X 11 -33.18 33.65 -39.08
N ALA X 12 -31.88 33.86 -39.27
CA ALA X 12 -31.24 33.47 -40.52
C ALA X 12 -31.08 31.96 -40.61
N ALA X 13 -30.91 31.29 -39.47
CA ALA X 13 -30.64 29.85 -39.49
C ALA X 13 -31.93 29.05 -39.47
N THR X 14 -33.07 29.72 -39.58
CA THR X 14 -34.34 29.00 -39.65
C THR X 14 -34.47 28.32 -41.01
N VAL X 15 -33.90 28.92 -42.05
CA VAL X 15 -34.19 28.58 -43.44
C VAL X 15 -33.32 27.43 -43.90
N GLY X 16 -32.61 26.79 -42.98
CA GLY X 16 -31.88 25.59 -43.34
C GLY X 16 -32.78 24.40 -43.62
N VAL X 17 -34.04 24.47 -43.18
CA VAL X 17 -34.96 23.38 -43.46
C VAL X 17 -35.52 23.53 -44.87
N ALA X 18 -35.39 24.72 -45.47
CA ALA X 18 -35.97 25.05 -46.78
C ALA X 18 -35.36 24.23 -47.92
N GLY X 19 -34.17 23.67 -47.68
CA GLY X 19 -33.65 22.68 -48.59
C GLY X 19 -34.33 21.33 -48.41
N SER X 20 -34.52 20.90 -47.17
CA SER X 20 -35.22 19.65 -46.94
C SER X 20 -36.71 19.83 -47.08
N GLY X 21 -37.19 21.07 -47.05
CA GLY X 21 -38.62 21.31 -47.16
C GLY X 21 -39.15 21.10 -48.56
N ALA X 22 -38.26 21.04 -49.55
CA ALA X 22 -38.67 20.71 -50.90
C ALA X 22 -37.89 19.55 -51.47
N GLY X 23 -36.80 19.16 -50.80
CA GLY X 23 -36.11 17.95 -51.19
C GLY X 23 -36.89 16.71 -50.82
N ILE X 24 -37.86 16.85 -49.93
CA ILE X 24 -38.74 15.73 -49.65
C ILE X 24 -39.92 15.73 -50.60
N GLY X 25 -40.10 16.81 -51.35
CA GLY X 25 -41.14 16.82 -52.37
C GLY X 25 -40.73 16.09 -53.63
N THR X 26 -39.43 16.08 -53.93
CA THR X 26 -38.96 15.43 -55.15
C THR X 26 -39.01 13.91 -55.02
N VAL X 27 -38.47 13.38 -53.92
CA VAL X 27 -38.34 11.94 -53.79
C VAL X 27 -39.70 11.30 -53.53
N PHE X 28 -40.64 12.05 -52.97
CA PHE X 28 -42.00 11.53 -52.91
C PHE X 28 -42.80 11.97 -54.12
N GLY X 29 -42.17 12.72 -55.04
CA GLY X 29 -42.74 12.88 -56.35
C GLY X 29 -42.06 12.02 -57.39
N SER X 30 -41.20 11.11 -56.94
CA SER X 30 -40.54 10.22 -57.89
C SER X 30 -40.86 8.77 -57.57
N MET X 31 -41.75 8.55 -56.62
CA MET X 31 -42.28 7.20 -56.44
C MET X 31 -43.75 7.16 -56.86
N ILE X 32 -44.35 8.33 -57.09
CA ILE X 32 -45.60 8.35 -57.84
C ILE X 32 -45.37 7.89 -59.27
N ILE X 33 -44.18 8.11 -59.83
CA ILE X 33 -43.94 7.79 -61.22
C ILE X 33 -43.17 6.49 -61.38
N GLY X 34 -42.55 6.01 -60.31
CA GLY X 34 -41.86 4.74 -60.39
C GLY X 34 -42.74 3.58 -59.98
N TYR X 35 -43.87 3.89 -59.34
CA TYR X 35 -44.89 2.87 -59.12
C TYR X 35 -45.88 2.82 -60.28
N ALA X 36 -46.02 3.95 -60.98
CA ALA X 36 -46.92 4.00 -62.14
C ALA X 36 -46.42 3.12 -63.29
N ARG X 37 -45.11 3.15 -63.54
CA ARG X 37 -44.55 2.38 -64.64
C ARG X 37 -44.53 0.89 -64.34
N ASN X 38 -44.01 0.52 -63.18
CA ASN X 38 -43.86 -0.87 -62.85
C ASN X 38 -44.44 -1.08 -61.46
N PRO X 39 -45.61 -1.62 -61.34
CA PRO X 39 -46.14 -1.95 -60.01
C PRO X 39 -45.40 -3.10 -59.33
N SER X 40 -44.29 -2.75 -58.70
CA SER X 40 -43.56 -3.61 -57.76
C SER X 40 -43.10 -2.80 -56.54
N LEU X 41 -44.02 -2.07 -55.89
CA LEU X 41 -43.60 -1.14 -54.83
C LEU X 41 -43.23 -1.88 -53.56
N LYS X 42 -43.81 -3.06 -53.33
CA LYS X 42 -43.73 -3.75 -52.05
C LYS X 42 -42.32 -4.26 -51.76
N GLN X 43 -41.50 -4.41 -52.80
CA GLN X 43 -40.07 -4.66 -52.70
C GLN X 43 -39.38 -3.31 -52.46
N GLN X 44 -38.12 -3.21 -52.89
CA GLN X 44 -37.26 -2.03 -52.71
C GLN X 44 -37.91 -0.69 -53.07
N LEU X 45 -38.97 -0.69 -53.87
CA LEU X 45 -39.40 0.55 -54.50
C LEU X 45 -40.21 1.45 -53.56
N PHE X 46 -40.47 1.02 -52.33
CA PHE X 46 -41.00 1.95 -51.32
C PHE X 46 -39.96 2.21 -50.25
N SER X 47 -39.16 1.20 -49.92
CA SER X 47 -38.16 1.35 -48.89
C SER X 47 -36.96 2.15 -49.38
N TYR X 48 -36.96 2.53 -50.66
CA TYR X 48 -35.92 3.42 -51.16
C TYR X 48 -36.40 4.85 -51.15
N ALA X 49 -37.63 5.10 -50.72
CA ALA X 49 -38.09 6.47 -50.57
C ALA X 49 -38.07 6.91 -49.11
N ILE X 50 -38.37 6.00 -48.19
CA ILE X 50 -38.26 6.27 -46.76
C ILE X 50 -36.80 6.35 -46.35
N LEU X 51 -35.97 5.45 -46.88
CA LEU X 51 -34.52 5.59 -46.76
C LEU X 51 -34.04 6.84 -47.49
N GLY X 52 -34.76 7.27 -48.52
CA GLY X 52 -34.52 8.57 -49.08
C GLY X 52 -35.00 9.68 -48.17
N PHE X 53 -36.03 9.41 -47.37
CA PHE X 53 -36.59 10.44 -46.50
C PHE X 53 -35.82 10.55 -45.19
N ALA X 54 -35.33 9.42 -44.68
CA ALA X 54 -34.53 9.47 -43.46
C ALA X 54 -33.23 10.22 -43.68
N LEU X 55 -32.57 9.98 -44.80
CA LEU X 55 -31.29 10.62 -45.04
C LEU X 55 -31.46 11.98 -45.70
N SER X 56 -32.69 12.49 -45.75
CA SER X 56 -32.88 13.86 -46.20
C SER X 56 -33.64 14.69 -45.18
N GLU X 57 -34.37 14.04 -44.27
CA GLU X 57 -34.91 14.77 -43.14
C GLU X 57 -34.00 14.63 -41.93
N ALA X 58 -32.84 14.01 -42.12
CA ALA X 58 -31.76 14.17 -41.15
C ALA X 58 -31.18 15.59 -41.21
N MET X 59 -31.41 16.30 -42.32
CA MET X 59 -30.75 17.59 -42.52
C MET X 59 -31.73 18.75 -42.39
N GLY X 60 -33.00 18.45 -42.17
CA GLY X 60 -33.95 19.53 -41.92
C GLY X 60 -33.89 20.02 -40.49
N LEU X 61 -33.98 19.11 -39.54
CA LEU X 61 -33.92 19.47 -38.13
C LEU X 61 -32.47 19.57 -37.66
N PHE X 62 -31.51 19.31 -38.54
CA PHE X 62 -30.11 19.38 -38.21
C PHE X 62 -29.70 20.83 -38.02
N CYS X 63 -30.32 21.71 -38.81
CA CYS X 63 -29.95 23.11 -38.76
C CYS X 63 -30.73 23.88 -37.70
N LEU X 64 -31.98 23.46 -37.44
CA LEU X 64 -32.76 24.11 -36.39
C LEU X 64 -32.24 23.75 -35.00
N MET X 65 -31.48 22.66 -34.90
CA MET X 65 -30.77 22.37 -33.66
C MET X 65 -29.68 23.41 -33.40
N VAL X 66 -29.08 23.94 -34.48
CA VAL X 66 -28.08 24.99 -34.32
C VAL X 66 -28.74 26.31 -33.98
N ALA X 67 -29.92 26.57 -34.58
CA ALA X 67 -30.65 27.81 -34.29
C ALA X 67 -31.21 27.81 -32.87
N PHE X 68 -31.34 26.63 -32.26
CA PHE X 68 -31.62 26.57 -30.83
C PHE X 68 -30.37 26.79 -30.01
N LEU X 69 -29.25 26.19 -30.42
CA LEU X 69 -28.02 26.27 -29.61
C LEU X 69 -27.36 27.63 -29.75
N ILE X 70 -27.84 28.48 -30.68
CA ILE X 70 -27.40 29.86 -30.70
C ILE X 70 -28.35 30.73 -29.88
N LEU X 71 -29.54 30.21 -29.56
CA LEU X 71 -30.49 31.00 -28.82
C LEU X 71 -30.30 30.86 -27.31
N PHE X 72 -30.19 29.63 -26.83
CA PHE X 72 -30.02 29.41 -25.40
C PHE X 72 -28.73 28.64 -25.09
N ILE Y 1 -34.58 48.37 -29.03
CA ILE Y 1 -33.35 47.91 -29.67
C ILE Y 1 -33.52 46.52 -30.24
N ASP Y 2 -33.99 45.58 -29.41
CA ASP Y 2 -34.26 44.23 -29.92
C ASP Y 2 -35.66 44.15 -30.49
N THR Y 3 -36.41 45.26 -30.44
CA THR Y 3 -37.76 45.31 -31.02
C THR Y 3 -37.72 45.11 -32.53
N ALA Y 4 -36.70 45.67 -33.19
CA ALA Y 4 -36.45 45.30 -34.58
C ALA Y 4 -35.91 43.88 -34.67
N ALA Y 5 -35.09 43.47 -33.70
CA ALA Y 5 -34.52 42.13 -33.73
C ALA Y 5 -35.58 41.08 -33.42
N LYS Y 6 -36.66 41.48 -32.75
CA LYS Y 6 -37.87 40.66 -32.73
C LYS Y 6 -38.43 40.48 -34.13
N PHE Y 7 -38.27 41.50 -34.99
CA PHE Y 7 -38.96 41.47 -36.27
C PHE Y 7 -38.20 40.68 -37.31
N ILE Y 8 -36.92 41.00 -37.52
CA ILE Y 8 -36.20 40.42 -38.65
C ILE Y 8 -35.87 38.96 -38.39
N GLY Y 9 -35.63 38.61 -37.12
CA GLY Y 9 -35.48 37.20 -36.78
C GLY Y 9 -36.75 36.42 -37.01
N ALA Y 10 -37.90 37.10 -36.90
CA ALA Y 10 -39.13 36.54 -37.41
C ALA Y 10 -39.26 36.78 -38.91
N GLY Y 11 -38.74 37.91 -39.39
CA GLY Y 11 -38.88 38.24 -40.80
C GLY Y 11 -37.99 37.41 -41.69
N ALA Y 12 -36.92 36.83 -41.13
CA ALA Y 12 -36.09 35.92 -41.91
C ALA Y 12 -36.53 34.49 -41.73
N ALA Y 13 -37.26 34.21 -40.65
CA ALA Y 13 -37.64 32.83 -40.37
C ALA Y 13 -38.72 32.35 -41.32
N THR Y 14 -39.43 33.27 -41.95
CA THR Y 14 -40.60 32.89 -42.73
C THR Y 14 -40.22 32.41 -44.12
N VAL Y 15 -39.02 32.72 -44.59
CA VAL Y 15 -38.67 32.39 -45.97
C VAL Y 15 -38.09 30.98 -46.04
N GLY Y 16 -38.00 30.32 -44.90
CA GLY Y 16 -37.65 28.90 -44.94
C GLY Y 16 -38.82 28.02 -45.33
N VAL Y 17 -40.01 28.61 -45.49
CA VAL Y 17 -41.14 27.83 -45.98
C VAL Y 17 -41.09 27.76 -47.49
N ALA Y 18 -40.26 28.60 -48.12
CA ALA Y 18 -40.28 28.80 -49.56
C ALA Y 18 -39.77 27.59 -50.31
N GLY Y 19 -39.08 26.69 -49.61
CA GLY Y 19 -38.89 25.36 -50.16
C GLY Y 19 -40.22 24.66 -50.40
N SER Y 20 -41.00 24.47 -49.34
CA SER Y 20 -42.19 23.61 -49.42
C SER Y 20 -43.32 24.26 -50.19
N GLY Y 21 -43.20 25.55 -50.52
CA GLY Y 21 -44.08 26.13 -51.50
C GLY Y 21 -43.83 25.59 -52.89
N ALA Y 22 -42.61 25.11 -53.14
CA ALA Y 22 -42.29 24.49 -54.41
C ALA Y 22 -42.26 22.98 -54.29
N GLY Y 23 -42.02 22.47 -53.10
CA GLY Y 23 -41.87 21.03 -52.91
C GLY Y 23 -43.17 20.26 -53.11
N ILE Y 24 -44.31 20.92 -52.86
CA ILE Y 24 -45.58 20.29 -53.21
C ILE Y 24 -45.92 20.58 -54.66
N GLY Y 25 -45.23 21.55 -55.26
CA GLY Y 25 -45.42 21.79 -56.68
C GLY Y 25 -44.83 20.66 -57.52
N THR Y 26 -43.79 20.02 -57.01
CA THR Y 26 -43.26 18.83 -57.66
C THR Y 26 -44.28 17.72 -57.62
N VAL Y 27 -44.81 17.42 -56.43
CA VAL Y 27 -45.51 16.16 -56.21
C VAL Y 27 -46.90 16.18 -56.83
N PHE Y 28 -47.40 17.36 -57.21
CA PHE Y 28 -48.65 17.40 -57.96
C PHE Y 28 -48.42 17.50 -59.45
N GLY Y 29 -47.34 18.15 -59.87
CA GLY Y 29 -46.95 18.06 -61.27
C GLY Y 29 -46.42 16.69 -61.62
N SER Y 30 -45.84 15.99 -60.65
CA SER Y 30 -45.28 14.67 -60.94
C SER Y 30 -46.31 13.59 -60.80
N MET Y 31 -47.55 13.95 -60.49
CA MET Y 31 -48.56 12.91 -60.37
C MET Y 31 -49.34 12.76 -61.67
N ILE Y 32 -49.58 13.87 -62.36
CA ILE Y 32 -50.34 13.84 -63.61
C ILE Y 32 -49.56 13.11 -64.70
N ILE Y 33 -48.22 13.19 -64.68
CA ILE Y 33 -47.45 12.38 -65.61
C ILE Y 33 -47.21 10.98 -65.07
N GLY Y 34 -47.61 10.73 -63.83
CA GLY Y 34 -47.71 9.36 -63.37
C GLY Y 34 -49.10 8.81 -63.61
N TYR Y 35 -50.03 9.69 -64.01
CA TYR Y 35 -51.42 9.27 -64.17
C TYR Y 35 -51.78 9.10 -65.63
N ALA Y 36 -51.27 9.98 -66.49
CA ALA Y 36 -51.59 9.92 -67.91
C ALA Y 36 -50.96 8.68 -68.56
N ARG Y 37 -49.90 8.16 -67.96
CA ARG Y 37 -49.36 6.89 -68.42
C ARG Y 37 -50.29 5.75 -68.03
N ASN Y 38 -50.81 5.77 -66.81
CA ASN Y 38 -51.48 4.61 -66.26
C ASN Y 38 -52.73 5.04 -65.52
N PRO Y 39 -53.91 5.06 -66.16
CA PRO Y 39 -55.15 5.53 -65.49
C PRO Y 39 -55.74 4.53 -64.49
N SER Y 40 -55.09 4.42 -63.34
CA SER Y 40 -55.56 3.64 -62.21
C SER Y 40 -55.54 4.48 -60.94
N LEU Y 41 -56.18 5.66 -60.99
CA LEU Y 41 -56.00 6.69 -59.96
C LEU Y 41 -56.55 6.27 -58.60
N LYS Y 42 -57.55 5.37 -58.59
CA LYS Y 42 -58.19 5.01 -57.33
C LYS Y 42 -57.32 4.05 -56.53
N GLN Y 43 -56.27 3.55 -57.15
CA GLN Y 43 -55.26 2.75 -56.48
C GLN Y 43 -54.28 3.65 -55.73
N GLN Y 44 -53.14 3.06 -55.37
CA GLN Y 44 -52.25 3.70 -54.40
C GLN Y 44 -51.46 4.86 -54.99
N LEU Y 45 -51.71 5.23 -56.25
CA LEU Y 45 -51.00 6.37 -56.83
C LEU Y 45 -51.50 7.68 -56.24
N PHE Y 46 -52.81 7.81 -56.03
CA PHE Y 46 -53.31 9.02 -55.39
C PHE Y 46 -53.02 9.03 -53.90
N SER Y 47 -52.90 7.86 -53.30
CA SER Y 47 -52.58 7.79 -51.88
C SER Y 47 -51.13 8.18 -51.61
N TYR Y 48 -50.28 8.18 -52.64
CA TYR Y 48 -48.93 8.67 -52.47
C TYR Y 48 -48.83 10.13 -52.84
N ALA Y 49 -49.95 10.74 -53.23
CA ALA Y 49 -49.94 12.18 -53.45
C ALA Y 49 -50.16 12.92 -52.13
N ILE Y 50 -50.97 12.35 -51.24
CA ILE Y 50 -51.35 13.03 -50.02
C ILE Y 50 -50.31 12.81 -48.94
N LEU Y 51 -49.80 11.58 -48.82
CA LEU Y 51 -48.71 11.32 -47.88
C LEU Y 51 -47.45 12.08 -48.27
N GLY Y 52 -47.22 12.24 -49.56
CA GLY Y 52 -46.16 13.13 -49.99
C GLY Y 52 -46.50 14.59 -49.74
N PHE Y 53 -47.79 14.93 -49.79
CA PHE Y 53 -48.20 16.29 -49.44
C PHE Y 53 -48.08 16.54 -47.95
N ALA Y 54 -48.53 15.57 -47.14
CA ALA Y 54 -48.57 15.76 -45.69
C ALA Y 54 -47.17 15.74 -45.10
N LEU Y 55 -46.28 14.91 -45.64
CA LEU Y 55 -44.91 14.87 -45.13
C LEU Y 55 -44.12 16.10 -45.60
N SER Y 56 -44.61 16.77 -46.64
CA SER Y 56 -43.97 18.01 -47.05
C SER Y 56 -44.52 19.21 -46.29
N GLU Y 57 -45.81 19.17 -45.95
CA GLU Y 57 -46.37 20.25 -45.14
C GLU Y 57 -46.01 20.07 -43.67
N ALA Y 58 -45.64 18.85 -43.28
CA ALA Y 58 -45.08 18.66 -41.94
C ALA Y 58 -43.74 19.36 -41.80
N MET Y 59 -42.93 19.36 -42.86
CA MET Y 59 -41.73 20.18 -42.89
C MET Y 59 -42.04 21.58 -43.42
N GLY Y 60 -43.31 21.86 -43.68
CA GLY Y 60 -43.66 23.18 -44.15
C GLY Y 60 -44.02 24.14 -43.02
N LEU Y 61 -44.98 23.74 -42.18
CA LEU Y 61 -45.58 24.68 -41.25
C LEU Y 61 -44.70 24.92 -40.04
N PHE Y 62 -43.87 23.95 -39.66
CA PHE Y 62 -43.12 24.08 -38.43
C PHE Y 62 -41.87 24.93 -38.63
N CYS Y 63 -41.66 25.41 -39.85
CA CYS Y 63 -40.74 26.53 -40.04
C CYS Y 63 -41.38 27.84 -39.60
N LEU Y 64 -42.72 27.91 -39.64
CA LEU Y 64 -43.40 29.08 -39.10
C LEU Y 64 -43.58 28.96 -37.59
N MET Y 65 -43.27 27.79 -37.03
CA MET Y 65 -43.27 27.63 -35.57
C MET Y 65 -42.19 28.48 -34.93
N VAL Y 66 -41.02 28.56 -35.57
CA VAL Y 66 -39.92 29.34 -35.01
C VAL Y 66 -40.15 30.82 -35.28
N ALA Y 67 -41.09 31.14 -36.17
CA ALA Y 67 -41.40 32.53 -36.44
C ALA Y 67 -42.14 33.18 -35.28
N PHE Y 68 -43.15 32.50 -34.73
CA PHE Y 68 -43.96 33.10 -33.68
C PHE Y 68 -43.22 33.13 -32.35
N LEU Y 69 -42.35 32.14 -32.09
CA LEU Y 69 -41.63 32.08 -30.83
C LEU Y 69 -40.64 33.24 -30.70
N ILE Y 70 -40.08 33.67 -31.83
CA ILE Y 70 -39.24 34.86 -31.80
C ILE Y 70 -40.09 36.10 -31.58
N LEU Y 71 -41.31 36.11 -32.12
CA LEU Y 71 -42.24 37.19 -31.80
C LEU Y 71 -42.73 37.08 -30.36
N PHE Y 72 -43.45 36.01 -30.04
CA PHE Y 72 -44.08 35.88 -28.74
C PHE Y 72 -43.22 35.03 -27.79
N ILE Z 1 -37.50 54.55 -35.82
CA ILE Z 1 -37.17 53.21 -35.37
C ILE Z 1 -38.42 52.32 -35.47
N ASP Z 2 -39.60 52.94 -35.38
CA ASP Z 2 -40.84 52.17 -35.49
C ASP Z 2 -41.11 51.77 -36.93
N THR Z 3 -41.12 52.76 -37.84
CA THR Z 3 -41.35 52.47 -39.25
C THR Z 3 -40.11 51.86 -39.88
N ALA Z 4 -38.96 52.01 -39.22
CA ALA Z 4 -37.75 51.31 -39.66
C ALA Z 4 -37.86 49.81 -39.42
N ALA Z 5 -38.41 49.41 -38.27
CA ALA Z 5 -38.43 48.01 -37.92
C ALA Z 5 -39.52 47.25 -38.68
N LYS Z 6 -40.63 47.94 -38.98
CA LYS Z 6 -41.80 47.28 -39.55
C LYS Z 6 -41.56 46.83 -40.98
N PHE Z 7 -40.93 47.69 -41.79
CA PHE Z 7 -40.95 47.47 -43.22
C PHE Z 7 -39.96 46.41 -43.66
N ILE Z 8 -38.84 46.26 -42.93
CA ILE Z 8 -37.85 45.27 -43.35
C ILE Z 8 -38.15 43.91 -42.73
N GLY Z 9 -39.20 43.84 -41.92
CA GLY Z 9 -39.79 42.55 -41.61
C GLY Z 9 -40.88 42.19 -42.60
N ALA Z 10 -41.38 43.19 -43.34
CA ALA Z 10 -42.47 42.95 -44.29
C ALA Z 10 -41.95 42.56 -45.66
N GLY Z 11 -40.89 43.22 -46.12
CA GLY Z 11 -40.32 42.87 -47.40
C GLY Z 11 -39.61 41.54 -47.37
N ALA Z 12 -39.00 41.20 -46.24
CA ALA Z 12 -38.26 39.94 -46.14
C ALA Z 12 -39.20 38.76 -45.90
N ALA Z 13 -40.49 39.02 -45.78
CA ALA Z 13 -41.46 37.93 -45.68
C ALA Z 13 -42.09 37.62 -47.04
N THR Z 14 -42.07 38.60 -47.95
CA THR Z 14 -42.75 38.45 -49.23
C THR Z 14 -41.86 37.71 -50.22
N VAL Z 15 -40.65 37.34 -49.79
CA VAL Z 15 -39.76 36.52 -50.59
C VAL Z 15 -40.32 35.11 -50.64
N GLY Z 16 -40.97 34.69 -49.55
CA GLY Z 16 -41.46 33.32 -49.46
C GLY Z 16 -42.70 33.07 -50.31
N VAL Z 17 -43.37 34.13 -50.77
CA VAL Z 17 -44.60 33.95 -51.54
C VAL Z 17 -44.31 33.83 -53.02
N ALA Z 18 -43.09 34.14 -53.43
CA ALA Z 18 -42.65 33.77 -54.76
C ALA Z 18 -41.80 32.51 -54.66
N GLY Z 19 -41.70 31.96 -53.46
CA GLY Z 19 -41.09 30.66 -53.29
C GLY Z 19 -42.01 29.52 -53.68
N SER Z 20 -43.28 29.84 -53.93
CA SER Z 20 -44.21 28.83 -54.44
C SER Z 20 -44.54 29.06 -55.91
N GLY Z 21 -43.94 30.08 -56.53
CA GLY Z 21 -44.05 30.21 -57.97
C GLY Z 21 -43.26 29.14 -58.70
N ALA Z 22 -42.17 28.68 -58.09
CA ALA Z 22 -41.34 27.65 -58.71
C ALA Z 22 -42.00 26.29 -58.66
N GLY Z 23 -43.05 26.14 -57.85
CA GLY Z 23 -43.80 24.91 -57.85
C GLY Z 23 -44.83 24.83 -58.96
N ILE Z 24 -45.53 25.96 -59.21
CA ILE Z 24 -46.54 25.94 -60.26
C ILE Z 24 -45.90 26.06 -61.63
N GLY Z 25 -44.61 26.36 -61.69
CA GLY Z 25 -43.87 26.07 -62.89
C GLY Z 25 -43.89 24.59 -63.20
N THR Z 26 -43.74 23.77 -62.16
CA THR Z 26 -43.79 22.33 -62.38
C THR Z 26 -45.23 21.85 -62.54
N VAL Z 27 -46.17 22.46 -61.80
CA VAL Z 27 -47.55 21.99 -61.85
C VAL Z 27 -48.17 22.30 -63.21
N PHE Z 28 -48.07 23.54 -63.66
CA PHE Z 28 -48.65 23.91 -64.94
C PHE Z 28 -47.78 23.42 -66.07
N GLY Z 29 -46.49 23.18 -65.80
CA GLY Z 29 -45.59 22.76 -66.85
C GLY Z 29 -45.61 21.27 -67.11
N SER Z 30 -45.77 20.46 -66.05
CA SER Z 30 -45.78 19.02 -66.26
C SER Z 30 -47.13 18.52 -66.69
N MET Z 31 -48.06 19.42 -66.97
CA MET Z 31 -49.28 19.01 -67.66
C MET Z 31 -48.99 18.75 -69.12
N ILE Z 32 -47.95 19.40 -69.65
CA ILE Z 32 -47.60 19.31 -71.06
C ILE Z 32 -47.16 17.90 -71.42
N ILE Z 33 -46.28 17.32 -70.61
CA ILE Z 33 -45.71 16.02 -70.91
C ILE Z 33 -46.72 14.91 -70.63
N GLY Z 34 -47.75 15.22 -69.85
CA GLY Z 34 -48.80 14.24 -69.65
C GLY Z 34 -49.83 14.27 -70.76
N TYR Z 35 -50.11 15.47 -71.27
CA TYR Z 35 -51.18 15.64 -72.26
C TYR Z 35 -50.79 15.06 -73.60
N ALA Z 36 -49.48 15.02 -73.89
CA ALA Z 36 -49.01 14.53 -75.19
C ALA Z 36 -48.99 13.02 -75.27
N ARG Z 37 -48.84 12.34 -74.14
CA ARG Z 37 -48.92 10.88 -74.18
C ARG Z 37 -50.35 10.44 -74.37
N ASN Z 38 -51.29 11.11 -73.71
CA ASN Z 38 -52.68 10.68 -73.71
C ASN Z 38 -53.59 11.90 -73.80
N PRO Z 39 -54.41 12.02 -74.82
CA PRO Z 39 -55.41 13.12 -74.84
C PRO Z 39 -56.77 12.73 -74.27
N SER Z 40 -56.81 12.43 -72.98
CA SER Z 40 -58.06 12.36 -72.24
C SER Z 40 -58.24 13.63 -71.42
N LEU Z 41 -58.64 14.71 -72.10
CA LEU Z 41 -58.33 16.06 -71.65
C LEU Z 41 -59.25 16.54 -70.54
N LYS Z 42 -60.57 16.49 -70.76
CA LYS Z 42 -61.51 16.98 -69.77
C LYS Z 42 -61.80 15.95 -68.67
N GLN Z 43 -60.93 14.95 -68.52
CA GLN Z 43 -60.95 13.97 -67.45
C GLN Z 43 -60.34 14.64 -66.22
N GLN Z 44 -59.93 13.86 -65.23
CA GLN Z 44 -59.29 14.40 -64.04
C GLN Z 44 -57.91 15.00 -64.33
N LEU Z 45 -57.41 14.86 -65.56
CA LEU Z 45 -56.10 15.35 -65.96
C LEU Z 45 -55.96 16.86 -65.77
N PHE Z 46 -56.85 17.65 -66.37
CA PHE Z 46 -56.79 19.10 -66.15
C PHE Z 46 -57.29 19.44 -64.74
N SER Z 47 -58.13 18.59 -64.17
CA SER Z 47 -58.67 18.89 -62.85
C SER Z 47 -57.68 18.54 -61.75
N TYR Z 48 -56.77 17.58 -62.01
CA TYR Z 48 -55.68 17.36 -61.04
C TYR Z 48 -54.71 18.53 -61.03
N ALA Z 49 -54.66 19.28 -62.12
CA ALA Z 49 -53.84 20.49 -62.15
C ALA Z 49 -54.41 21.54 -61.23
N ILE Z 50 -55.74 21.67 -61.16
CA ILE Z 50 -56.38 22.62 -60.25
C ILE Z 50 -56.15 22.22 -58.80
N LEU Z 51 -56.11 20.91 -58.53
CA LEU Z 51 -55.68 20.45 -57.21
C LEU Z 51 -54.20 20.73 -56.97
N GLY Z 52 -53.41 20.88 -58.04
CA GLY Z 52 -52.05 21.34 -57.87
C GLY Z 52 -51.95 22.85 -57.85
N PHE Z 53 -52.70 23.52 -58.73
CA PHE Z 53 -52.53 24.97 -58.95
C PHE Z 53 -52.99 25.78 -57.75
N ALA Z 54 -54.07 25.36 -57.09
CA ALA Z 54 -54.62 26.15 -56.00
C ALA Z 54 -54.16 25.65 -54.64
N LEU Z 55 -53.50 24.49 -54.59
CA LEU Z 55 -52.88 24.06 -53.34
C LEU Z 55 -51.46 24.59 -53.22
N SER Z 56 -50.78 24.74 -54.36
CA SER Z 56 -49.44 25.33 -54.33
C SER Z 56 -49.52 26.85 -54.18
N GLU Z 57 -50.58 27.46 -54.71
CA GLU Z 57 -50.84 28.87 -54.42
C GLU Z 57 -51.29 29.03 -52.97
N ALA Z 58 -51.81 27.96 -52.35
CA ALA Z 58 -52.25 28.03 -50.96
C ALA Z 58 -51.07 28.08 -49.99
N MET Z 59 -49.87 27.76 -50.48
CA MET Z 59 -48.68 28.11 -49.70
C MET Z 59 -48.11 29.44 -50.17
N GLY Z 60 -48.55 29.91 -51.34
CA GLY Z 60 -48.16 31.23 -51.80
C GLY Z 60 -48.88 32.33 -51.07
N LEU Z 61 -50.21 32.21 -50.97
CA LEU Z 61 -50.99 33.20 -50.20
C LEU Z 61 -51.04 32.85 -48.72
N PHE Z 62 -50.24 31.86 -48.30
CA PHE Z 62 -50.04 31.60 -46.88
C PHE Z 62 -49.32 32.76 -46.21
N CYS Z 63 -48.10 33.05 -46.66
CA CYS Z 63 -47.22 33.96 -45.93
C CYS Z 63 -47.63 35.41 -46.14
N LEU Z 64 -48.46 35.68 -47.14
CA LEU Z 64 -48.78 37.07 -47.48
C LEU Z 64 -49.65 37.73 -46.41
N MET Z 65 -50.45 36.95 -45.69
CA MET Z 65 -51.14 37.49 -44.53
C MET Z 65 -50.15 37.72 -43.38
N VAL Z 66 -49.15 36.85 -43.26
CA VAL Z 66 -48.16 36.95 -42.19
C VAL Z 66 -47.27 38.17 -42.38
N ALA Z 67 -47.05 38.57 -43.64
CA ALA Z 67 -46.39 39.85 -43.89
C ALA Z 67 -47.27 41.00 -43.46
N PHE Z 68 -48.57 40.95 -43.77
CA PHE Z 68 -49.46 42.02 -43.34
C PHE Z 68 -49.86 41.84 -41.89
N LEU Z 69 -49.49 40.71 -41.27
CA LEU Z 69 -49.64 40.55 -39.83
C LEU Z 69 -48.59 41.37 -39.09
N ILE Z 70 -47.47 41.65 -39.76
CA ILE Z 70 -46.39 42.42 -39.16
C ILE Z 70 -46.24 43.77 -39.86
N LEU Z 71 -47.16 44.08 -40.77
CA LEU Z 71 -47.29 45.48 -41.18
C LEU Z 71 -47.87 46.30 -40.03
N PHE Z 72 -48.82 45.75 -39.29
CA PHE Z 72 -49.50 46.48 -38.23
C PHE Z 72 -49.00 46.08 -36.86
N ILE AA 1 -33.32 57.50 -40.41
CA ILE AA 1 -33.49 56.09 -40.08
C ILE AA 1 -34.62 55.53 -40.94
N ASP AA 2 -35.45 56.44 -41.49
CA ASP AA 2 -36.47 56.00 -42.43
C ASP AA 2 -35.84 55.63 -43.76
N THR AA 3 -34.77 56.33 -44.15
CA THR AA 3 -34.12 56.07 -45.41
C THR AA 3 -33.36 54.75 -45.38
N ALA AA 4 -32.89 54.35 -44.19
CA ALA AA 4 -32.10 53.13 -44.07
C ALA AA 4 -32.98 51.89 -44.12
N ALA AA 5 -34.31 52.09 -44.06
CA ALA AA 5 -35.20 50.94 -44.09
C ALA AA 5 -35.85 50.76 -45.44
N LYS AA 6 -36.09 51.86 -46.16
CA LYS AA 6 -36.80 51.78 -47.43
C LYS AA 6 -35.96 51.10 -48.50
N PHE AA 7 -34.63 51.19 -48.39
CA PHE AA 7 -33.78 50.73 -49.48
C PHE AA 7 -33.37 49.28 -49.28
N ILE AA 8 -33.27 48.84 -48.02
CA ILE AA 8 -33.04 47.43 -47.75
C ILE AA 8 -34.32 46.64 -47.95
N GLY AA 9 -35.48 47.29 -47.76
CA GLY AA 9 -36.74 46.59 -47.86
C GLY AA 9 -37.07 46.13 -49.27
N ALA AA 10 -36.97 47.04 -50.24
CA ALA AA 10 -37.32 46.70 -51.62
C ALA AA 10 -36.29 45.75 -52.23
N GLY AA 11 -35.03 45.91 -51.87
CA GLY AA 11 -34.01 44.99 -52.36
C GLY AA 11 -34.14 43.61 -51.77
N ALA AA 12 -34.66 43.52 -50.55
CA ALA AA 12 -35.05 42.22 -50.03
C ALA AA 12 -36.27 41.69 -50.76
N ALA AA 13 -37.16 42.59 -51.17
CA ALA AA 13 -38.42 42.14 -51.77
C ALA AA 13 -38.25 41.74 -53.23
N THR AA 14 -37.05 41.92 -53.79
CA THR AA 14 -36.81 41.61 -55.19
C THR AA 14 -36.34 40.16 -55.35
N VAL AA 15 -35.90 39.56 -54.26
CA VAL AA 15 -35.24 38.25 -54.21
C VAL AA 15 -36.15 37.15 -54.75
N GLY AA 16 -37.46 37.30 -54.53
CA GLY AA 16 -38.37 36.20 -54.80
C GLY AA 16 -38.56 35.92 -56.27
N VAL AA 17 -38.35 36.93 -57.13
CA VAL AA 17 -38.65 36.80 -58.55
C VAL AA 17 -37.68 35.83 -59.23
N ALA AA 18 -36.54 35.59 -58.59
CA ALA AA 18 -35.65 34.48 -58.92
C ALA AA 18 -36.35 33.14 -58.83
N GLY AA 19 -37.31 33.01 -57.93
CA GLY AA 19 -38.13 31.81 -57.91
C GLY AA 19 -39.01 31.69 -59.14
N SER AA 20 -39.40 32.82 -59.72
CA SER AA 20 -40.32 32.79 -60.85
C SER AA 20 -39.62 32.33 -62.13
N GLY AA 21 -38.43 32.85 -62.39
CA GLY AA 21 -37.70 32.45 -63.57
C GLY AA 21 -37.24 31.01 -63.51
N ALA AA 22 -37.05 30.48 -62.30
CA ALA AA 22 -36.53 29.14 -62.16
C ALA AA 22 -37.64 28.10 -62.33
N GLY AA 23 -38.89 28.55 -62.42
CA GLY AA 23 -39.95 27.67 -62.83
C GLY AA 23 -40.37 27.93 -64.26
N ILE AA 24 -40.15 29.16 -64.73
CA ILE AA 24 -40.66 29.55 -66.04
C ILE AA 24 -39.76 29.01 -67.14
N GLY AA 25 -38.57 28.55 -66.78
CA GLY AA 25 -37.76 27.80 -67.72
C GLY AA 25 -38.27 26.39 -67.89
N THR AA 26 -38.99 25.89 -66.88
CA THR AA 26 -39.51 24.54 -66.98
C THR AA 26 -40.73 24.48 -67.90
N VAL AA 27 -41.50 25.58 -67.95
CA VAL AA 27 -42.76 25.54 -68.69
C VAL AA 27 -42.51 25.71 -70.18
N PHE AA 28 -41.30 26.05 -70.59
CA PHE AA 28 -40.95 25.90 -71.98
C PHE AA 28 -40.02 24.73 -72.17
N GLY AA 29 -39.40 24.28 -71.08
CA GLY AA 29 -38.56 23.10 -71.14
C GLY AA 29 -39.37 21.82 -71.05
N SER AA 30 -40.67 21.97 -70.84
CA SER AA 30 -41.54 20.82 -71.00
C SER AA 30 -42.26 20.86 -72.35
N MET AA 31 -42.26 22.02 -73.00
CA MET AA 31 -42.93 22.11 -74.30
C MET AA 31 -41.96 21.74 -75.42
N ILE AA 32 -40.65 21.89 -75.18
CA ILE AA 32 -39.64 21.36 -76.10
C ILE AA 32 -39.75 19.84 -76.17
N ILE AA 33 -39.82 19.17 -75.01
CA ILE AA 33 -40.01 17.73 -74.99
C ILE AA 33 -41.46 17.37 -75.29
N GLY AA 34 -42.36 18.35 -75.23
CA GLY AA 34 -43.74 18.07 -75.55
C GLY AA 34 -43.97 17.91 -77.05
N TYR AA 35 -43.54 18.91 -77.82
CA TYR AA 35 -43.75 18.90 -79.26
C TYR AA 35 -42.84 17.88 -79.95
N ALA AA 36 -41.72 17.53 -79.31
CA ALA AA 36 -40.78 16.61 -79.93
C ALA AA 36 -41.21 15.16 -79.75
N ARG AA 37 -42.32 14.93 -79.03
CA ARG AA 37 -42.86 13.58 -78.97
C ARG AA 37 -44.04 13.42 -79.92
N ASN AA 38 -44.87 14.45 -80.02
CA ASN AA 38 -46.12 14.40 -80.75
C ASN AA 38 -46.35 15.79 -81.33
N PRO AA 39 -46.17 15.99 -82.62
CA PRO AA 39 -46.35 17.34 -83.22
C PRO AA 39 -47.79 17.83 -83.18
N SER AA 40 -48.20 18.30 -82.00
CA SER AA 40 -49.49 18.88 -81.72
C SER AA 40 -49.34 20.33 -81.29
N LEU AA 41 -48.56 21.07 -82.07
CA LEU AA 41 -48.18 22.44 -81.72
C LEU AA 41 -49.34 23.43 -81.84
N LYS AA 42 -49.98 23.48 -83.01
CA LYS AA 42 -50.98 24.52 -83.28
C LYS AA 42 -52.25 24.31 -82.48
N GLN AA 43 -52.48 23.10 -81.99
CA GLN AA 43 -53.54 22.81 -81.04
C GLN AA 43 -53.08 23.14 -79.63
N GLN AA 44 -53.79 22.61 -78.63
CA GLN AA 44 -53.87 23.20 -77.28
C GLN AA 44 -52.54 23.24 -76.53
N LEU AA 45 -51.48 22.62 -77.05
CA LEU AA 45 -50.24 22.51 -76.29
C LEU AA 45 -49.52 23.83 -76.16
N PHE AA 46 -49.37 24.56 -77.26
CA PHE AA 46 -48.62 25.81 -77.23
C PHE AA 46 -49.37 26.88 -76.46
N SER AA 47 -50.70 26.82 -76.47
CA SER AA 47 -51.49 27.82 -75.76
C SER AA 47 -51.36 27.66 -74.25
N TYR AA 48 -51.06 26.44 -73.80
CA TYR AA 48 -50.79 26.21 -72.38
C TYR AA 48 -49.51 26.89 -71.94
N ALA AA 49 -48.51 26.93 -72.81
CA ALA AA 49 -47.28 27.65 -72.49
C ALA AA 49 -47.52 29.15 -72.49
N ILE AA 50 -48.49 29.61 -73.28
CA ILE AA 50 -48.89 31.01 -73.22
C ILE AA 50 -49.60 31.29 -71.91
N LEU AA 51 -50.42 30.34 -71.44
CA LEU AA 51 -50.95 30.45 -70.09
C LEU AA 51 -49.86 30.22 -69.05
N GLY AA 52 -48.90 29.35 -69.36
CA GLY AA 52 -47.89 29.01 -68.37
C GLY AA 52 -46.91 30.12 -68.11
N PHE AA 53 -46.58 30.91 -69.13
CA PHE AA 53 -45.78 32.11 -68.91
C PHE AA 53 -46.61 33.18 -68.21
N ALA AA 54 -47.90 33.28 -68.54
CA ALA AA 54 -48.72 34.34 -67.99
C ALA AA 54 -49.05 34.09 -66.52
N LEU AA 55 -49.16 32.83 -66.12
CA LEU AA 55 -49.57 32.55 -64.75
C LEU AA 55 -48.42 32.76 -63.78
N SER AA 56 -47.29 32.10 -63.99
CA SER AA 56 -46.22 32.10 -62.99
C SER AA 56 -45.52 33.44 -62.91
N GLU AA 57 -45.64 34.25 -63.96
CA GLU AA 57 -45.09 35.59 -63.90
C GLU AA 57 -45.98 36.48 -63.03
N ALA AA 58 -47.28 36.14 -62.94
CA ALA AA 58 -48.16 36.88 -62.06
C ALA AA 58 -47.87 36.57 -60.59
N MET AA 59 -47.33 35.38 -60.31
CA MET AA 59 -46.76 35.14 -58.99
C MET AA 59 -45.46 35.91 -58.82
N GLY AA 60 -44.80 36.24 -59.92
CA GLY AA 60 -43.53 36.93 -59.83
C GLY AA 60 -43.65 38.43 -59.83
N LEU AA 61 -44.44 38.99 -60.75
CA LEU AA 61 -44.42 40.43 -60.97
C LEU AA 61 -45.15 41.19 -59.87
N PHE AA 62 -46.02 40.50 -59.12
CA PHE AA 62 -46.65 41.14 -57.96
C PHE AA 62 -45.62 41.40 -56.86
N CYS AA 63 -44.60 40.54 -56.75
CA CYS AA 63 -43.58 40.71 -55.73
C CYS AA 63 -42.72 41.93 -56.00
N LEU AA 64 -42.60 42.31 -57.28
CA LEU AA 64 -41.95 43.57 -57.62
C LEU AA 64 -42.79 44.76 -57.19
N MET AA 65 -44.12 44.63 -57.27
CA MET AA 65 -45.02 45.70 -56.83
C MET AA 65 -44.98 45.85 -55.31
N VAL AA 66 -44.65 44.78 -54.61
CA VAL AA 66 -44.40 44.86 -53.17
C VAL AA 66 -43.17 45.73 -52.88
N ALA AA 67 -42.17 45.66 -53.76
CA ALA AA 67 -40.96 46.44 -53.55
C ALA AA 67 -41.20 47.93 -53.75
N PHE AA 68 -42.19 48.28 -54.57
CA PHE AA 68 -42.41 49.69 -54.90
C PHE AA 68 -43.04 50.45 -53.73
N LEU AA 69 -43.97 49.82 -53.01
CA LEU AA 69 -44.64 50.50 -51.91
C LEU AA 69 -43.72 50.64 -50.71
N ILE AA 70 -42.72 49.77 -50.59
CA ILE AA 70 -41.66 50.00 -49.62
C ILE AA 70 -40.80 51.18 -50.05
N LEU AA 71 -40.51 51.26 -51.35
CA LEU AA 71 -39.77 52.41 -51.86
C LEU AA 71 -40.62 53.67 -51.87
N PHE AA 72 -41.91 53.54 -52.16
CA PHE AA 72 -42.83 54.66 -52.08
C PHE AA 72 -43.88 54.47 -51.01
N ILE BA 1 -24.00 57.19 -43.37
CA ILE BA 1 -25.16 56.40 -43.03
C ILE BA 1 -26.24 56.53 -44.12
N ASP BA 2 -26.34 57.73 -44.69
CA ASP BA 2 -27.26 57.94 -45.80
C ASP BA 2 -26.74 57.24 -47.06
N THR BA 3 -25.42 57.19 -47.23
CA THR BA 3 -24.84 56.46 -48.35
C THR BA 3 -24.85 54.96 -48.08
N ALA BA 4 -24.98 54.56 -46.82
CA ALA BA 4 -24.94 53.14 -46.49
C ALA BA 4 -26.19 52.41 -46.95
N ALA BA 5 -27.33 53.11 -46.98
CA ALA BA 5 -28.57 52.51 -47.43
C ALA BA 5 -28.56 52.22 -48.92
N LYS BA 6 -27.77 52.98 -49.67
CA LYS BA 6 -27.55 52.69 -51.09
C LYS BA 6 -26.87 51.34 -51.28
N PHE BA 7 -25.92 51.03 -50.40
CA PHE BA 7 -25.06 49.87 -50.63
C PHE BA 7 -25.74 48.58 -50.23
N ILE BA 8 -26.62 48.64 -49.22
CA ILE BA 8 -27.15 47.43 -48.63
C ILE BA 8 -28.25 46.84 -49.51
N GLY BA 9 -28.86 47.66 -50.35
CA GLY BA 9 -30.05 47.22 -51.07
C GLY BA 9 -29.74 46.46 -52.33
N ALA BA 10 -28.74 46.91 -53.08
CA ALA BA 10 -28.48 46.34 -54.40
C ALA BA 10 -27.84 44.96 -54.28
N GLY BA 11 -27.02 44.74 -53.25
CA GLY BA 11 -26.47 43.42 -53.03
C GLY BA 11 -27.53 42.43 -52.61
N ALA BA 12 -28.60 42.92 -52.01
CA ALA BA 12 -29.74 42.05 -51.72
C ALA BA 12 -30.57 41.80 -52.97
N ALA BA 13 -30.77 42.84 -53.79
CA ALA BA 13 -31.58 42.68 -55.00
C ALA BA 13 -30.76 42.04 -56.12
N THR BA 14 -29.47 41.83 -55.88
CA THR BA 14 -28.60 41.15 -56.84
C THR BA 14 -29.04 39.70 -57.03
N VAL BA 15 -29.55 39.08 -55.97
CA VAL BA 15 -29.70 37.64 -55.90
C VAL BA 15 -30.99 37.22 -56.61
N GLY BA 16 -31.78 38.19 -57.06
CA GLY BA 16 -32.98 37.85 -57.82
C GLY BA 16 -32.68 37.40 -59.24
N VAL BA 17 -31.40 37.36 -59.62
CA VAL BA 17 -31.02 36.84 -60.92
C VAL BA 17 -30.38 35.44 -60.78
N ALA BA 18 -30.22 34.98 -59.54
CA ALA BA 18 -29.65 33.67 -59.28
C ALA BA 18 -30.56 32.56 -59.76
N GLY BA 19 -31.86 32.69 -59.49
CA GLY BA 19 -32.80 31.69 -59.98
C GLY BA 19 -33.04 31.82 -61.46
N SER BA 20 -33.06 33.05 -61.97
CA SER BA 20 -33.16 33.25 -63.41
C SER BA 20 -31.88 32.82 -64.12
N GLY BA 21 -30.78 32.73 -63.38
CA GLY BA 21 -29.60 32.07 -63.90
C GLY BA 21 -29.81 30.59 -64.11
N ALA BA 22 -30.42 29.91 -63.14
CA ALA BA 22 -30.74 28.50 -63.32
C ALA BA 22 -32.00 28.32 -64.14
N GLY BA 23 -32.76 29.40 -64.34
CA GLY BA 23 -33.98 29.30 -65.12
C GLY BA 23 -33.72 29.23 -66.61
N ILE BA 24 -32.48 29.44 -67.03
CA ILE BA 24 -32.09 29.24 -68.42
C ILE BA 24 -31.24 28.00 -68.55
N GLY BA 25 -30.83 27.43 -67.43
CA GLY BA 25 -30.02 26.22 -67.49
C GLY BA 25 -30.83 24.98 -67.77
N THR BA 26 -32.15 25.05 -67.56
CA THR BA 26 -32.97 23.88 -67.76
C THR BA 26 -33.61 23.88 -69.13
N VAL BA 27 -33.76 25.06 -69.72
CA VAL BA 27 -34.32 25.15 -71.07
C VAL BA 27 -33.32 24.65 -72.09
N PHE BA 28 -32.04 24.58 -71.72
CA PHE BA 28 -31.06 23.89 -72.56
C PHE BA 28 -30.88 22.45 -72.12
N GLY BA 29 -31.33 22.12 -70.91
CA GLY BA 29 -31.32 20.73 -70.49
C GLY BA 29 -32.47 19.95 -71.08
N SER BA 30 -33.41 20.65 -71.70
CA SER BA 30 -34.47 19.96 -72.41
C SER BA 30 -34.07 19.64 -73.83
N MET BA 31 -33.41 20.58 -74.51
CA MET BA 31 -33.20 20.46 -75.94
C MET BA 31 -32.12 19.45 -76.26
N ILE BA 32 -31.31 19.11 -75.27
CA ILE BA 32 -30.48 17.91 -75.35
C ILE BA 32 -31.36 16.68 -75.42
N ILE BA 33 -32.24 16.51 -74.44
CA ILE BA 33 -33.04 15.29 -74.35
C ILE BA 33 -34.27 15.42 -75.23
N GLY BA 34 -34.52 16.60 -75.79
CA GLY BA 34 -35.61 16.73 -76.75
C GLY BA 34 -35.21 16.35 -78.16
N TYR BA 35 -34.06 16.86 -78.61
CA TYR BA 35 -33.59 16.59 -79.97
C TYR BA 35 -33.18 15.14 -80.14
N ALA BA 36 -32.72 14.50 -79.06
CA ALA BA 36 -32.15 13.16 -79.17
C ALA BA 36 -33.21 12.10 -79.41
N ARG BA 37 -34.49 12.48 -79.42
CA ARG BA 37 -35.52 11.61 -79.96
C ARG BA 37 -35.80 11.91 -81.42
N ASN BA 38 -36.08 13.18 -81.74
CA ASN BA 38 -36.70 13.56 -82.99
C ASN BA 38 -35.80 14.57 -83.71
N PRO BA 39 -34.93 14.13 -84.60
CA PRO BA 39 -34.08 15.08 -85.35
C PRO BA 39 -34.87 15.91 -86.36
N SER BA 40 -35.51 16.94 -85.83
CA SER BA 40 -36.19 17.99 -86.57
C SER BA 40 -35.65 19.33 -86.13
N LEU BA 41 -34.31 19.44 -86.16
CA LEU BA 41 -33.58 20.41 -85.37
C LEU BA 41 -33.77 21.84 -85.84
N LYS BA 42 -33.42 22.14 -87.10
CA LYS BA 42 -33.43 23.50 -87.64
C LYS BA 42 -34.82 24.12 -87.68
N GLN BA 43 -35.86 23.29 -87.60
CA GLN BA 43 -37.23 23.75 -87.47
C GLN BA 43 -37.52 24.13 -86.02
N GLN BA 44 -38.80 24.21 -85.64
CA GLN BA 44 -39.21 24.97 -84.47
C GLN BA 44 -38.82 24.33 -83.13
N LEU BA 45 -37.98 23.29 -83.13
CA LEU BA 45 -37.36 22.85 -81.90
C LEU BA 45 -36.39 23.88 -81.37
N PHE BA 46 -35.44 24.31 -82.20
CA PHE BA 46 -34.43 25.27 -81.74
C PHE BA 46 -35.01 26.67 -81.67
N SER BA 47 -35.97 26.99 -82.54
CA SER BA 47 -36.50 28.35 -82.59
C SER BA 47 -37.32 28.68 -81.36
N TYR BA 48 -37.84 27.66 -80.68
CA TYR BA 48 -38.55 27.90 -79.43
C TYR BA 48 -37.61 28.07 -78.26
N ALA BA 49 -36.47 27.36 -78.27
CA ALA BA 49 -35.53 27.47 -77.17
C ALA BA 49 -34.80 28.81 -77.19
N ILE BA 50 -34.80 29.49 -78.34
CA ILE BA 50 -34.31 30.85 -78.41
C ILE BA 50 -35.23 31.78 -77.64
N LEU BA 51 -36.53 31.62 -77.82
CA LEU BA 51 -37.51 32.51 -77.21
C LEU BA 51 -37.57 32.35 -75.71
N GLY BA 52 -37.39 31.11 -75.22
CA GLY BA 52 -37.43 30.88 -73.79
C GLY BA 52 -36.24 31.49 -73.06
N PHE BA 53 -35.13 31.63 -73.76
CA PHE BA 53 -33.94 32.22 -73.14
C PHE BA 53 -34.09 33.72 -72.98
N ALA BA 54 -34.38 34.41 -74.09
CA ALA BA 54 -34.37 35.88 -74.10
C ALA BA 54 -35.52 36.45 -73.28
N LEU BA 55 -36.58 35.68 -73.09
CA LEU BA 55 -37.66 36.11 -72.21
C LEU BA 55 -37.25 35.99 -70.75
N SER BA 56 -36.61 34.88 -70.39
CA SER BA 56 -36.31 34.62 -68.99
C SER BA 56 -35.13 35.46 -68.49
N GLU BA 57 -34.12 35.65 -69.34
CA GLU BA 57 -32.98 36.45 -68.91
C GLU BA 57 -33.33 37.93 -68.86
N ALA BA 58 -34.35 38.34 -69.62
CA ALA BA 58 -34.83 39.72 -69.52
C ALA BA 58 -35.48 39.98 -68.18
N MET BA 59 -36.18 38.99 -67.64
CA MET BA 59 -36.76 39.13 -66.31
C MET BA 59 -35.68 39.03 -65.24
N GLY BA 60 -34.56 38.41 -65.57
CA GLY BA 60 -33.39 38.55 -64.71
C GLY BA 60 -32.70 39.88 -64.88
N LEU BA 61 -32.71 40.41 -66.12
CA LEU BA 61 -32.02 41.66 -66.40
C LEU BA 61 -32.77 42.85 -65.82
N PHE BA 62 -34.10 42.77 -65.75
CA PHE BA 62 -34.86 43.82 -65.10
C PHE BA 62 -34.65 43.80 -63.60
N CYS BA 63 -34.30 42.63 -63.05
CA CYS BA 63 -33.93 42.57 -61.64
C CYS BA 63 -32.58 43.24 -61.40
N LEU BA 64 -31.73 43.30 -62.43
CA LEU BA 64 -30.50 44.06 -62.31
C LEU BA 64 -30.74 45.54 -62.58
N MET BA 65 -31.83 45.86 -63.27
CA MET BA 65 -32.12 47.27 -63.53
C MET BA 65 -32.55 47.99 -62.25
N VAL BA 66 -33.27 47.28 -61.37
CA VAL BA 66 -33.67 47.89 -60.11
C VAL BA 66 -32.47 47.97 -59.17
N ALA BA 67 -31.44 47.16 -59.43
CA ALA BA 67 -30.23 47.23 -58.62
C ALA BA 67 -29.49 48.53 -58.86
N PHE BA 68 -29.64 49.11 -60.06
CA PHE BA 68 -28.99 50.37 -60.36
C PHE BA 68 -29.73 51.55 -59.73
N LEU BA 69 -31.05 51.47 -59.67
CA LEU BA 69 -31.83 52.57 -59.11
C LEU BA 69 -31.66 52.64 -57.59
N ILE BA 70 -31.51 51.48 -56.95
CA ILE BA 70 -31.10 51.45 -55.55
C ILE BA 70 -29.67 51.96 -55.43
N LEU BA 71 -28.83 51.67 -56.42
CA LEU BA 71 -27.47 52.22 -56.41
C LEU BA 71 -27.48 53.69 -56.73
N PHE BA 72 -28.37 54.13 -57.64
CA PHE BA 72 -28.43 55.53 -58.02
C PHE BA 72 -29.84 56.07 -57.87
N ILE CA 1 -18.31 52.98 -39.89
CA ILE CA 1 -19.66 52.89 -40.42
C ILE CA 1 -19.59 52.93 -41.94
N ASP CA 2 -18.56 53.60 -42.44
CA ASP CA 2 -18.37 53.69 -43.89
C ASP CA 2 -17.81 52.39 -44.45
N THR CA 3 -17.15 51.59 -43.59
CA THR CA 3 -16.60 50.32 -44.06
C THR CA 3 -17.65 49.22 -44.03
N ALA CA 4 -18.70 49.37 -43.22
CA ALA CA 4 -19.62 48.27 -42.97
C ALA CA 4 -20.57 48.06 -44.15
N ALA CA 5 -20.86 49.13 -44.89
CA ALA CA 5 -21.73 49.00 -46.05
C ALA CA 5 -20.98 48.41 -47.24
N LYS CA 6 -19.65 48.35 -47.15
CA LYS CA 6 -18.87 47.72 -48.22
C LYS CA 6 -19.02 46.21 -48.18
N PHE CA 7 -19.21 45.63 -46.99
CA PHE CA 7 -19.07 44.18 -46.86
C PHE CA 7 -20.41 43.48 -46.95
N ILE CA 8 -21.49 44.17 -46.57
CA ILE CA 8 -22.82 43.63 -46.85
C ILE CA 8 -23.07 43.58 -48.34
N GLY CA 9 -22.66 44.63 -49.07
CA GLY CA 9 -22.72 44.59 -50.52
C GLY CA 9 -21.73 43.59 -51.11
N ALA CA 10 -20.70 43.23 -50.34
CA ALA CA 10 -19.79 42.17 -50.77
C ALA CA 10 -20.38 40.80 -50.48
N GLY CA 11 -20.98 40.64 -49.30
CA GLY CA 11 -21.48 39.33 -48.91
C GLY CA 11 -22.77 38.96 -49.61
N ALA CA 12 -23.68 39.92 -49.75
CA ALA CA 12 -25.01 39.60 -50.25
C ALA CA 12 -25.02 39.47 -51.77
N ALA CA 13 -24.08 40.12 -52.45
CA ALA CA 13 -24.08 40.05 -53.92
C ALA CA 13 -23.44 38.75 -54.39
N THR CA 14 -22.58 38.15 -53.57
CA THR CA 14 -21.84 36.98 -54.00
C THR CA 14 -22.74 35.75 -53.93
N VAL CA 15 -23.85 35.86 -53.20
CA VAL CA 15 -24.88 34.83 -53.01
C VAL CA 15 -25.43 34.33 -54.34
N GLY CA 16 -25.58 35.25 -55.29
CA GLY CA 16 -26.32 34.92 -56.50
C GLY CA 16 -25.54 34.06 -57.47
N VAL CA 17 -24.27 33.80 -57.18
CA VAL CA 17 -23.46 32.94 -58.02
C VAL CA 17 -23.78 31.47 -57.74
N ALA CA 18 -24.56 31.23 -56.69
CA ALA CA 18 -25.00 29.89 -56.36
C ALA CA 18 -26.00 29.36 -57.36
N GLY CA 19 -26.83 30.26 -57.88
CA GLY CA 19 -27.93 29.83 -58.74
C GLY CA 19 -27.46 29.28 -60.07
N SER CA 20 -26.48 29.94 -60.70
CA SER CA 20 -26.00 29.48 -62.00
C SER CA 20 -25.10 28.28 -61.85
N GLY CA 21 -24.56 28.05 -60.65
CA GLY CA 21 -23.87 26.81 -60.39
C GLY CA 21 -24.81 25.64 -60.30
N ALA CA 22 -26.08 25.91 -59.99
CA ALA CA 22 -27.07 24.85 -59.99
C ALA CA 22 -27.53 24.55 -61.41
N GLY CA 23 -27.38 25.50 -62.32
CA GLY CA 23 -27.90 25.33 -63.66
C GLY CA 23 -27.04 24.44 -64.52
N ILE CA 24 -25.72 24.50 -64.32
CA ILE CA 24 -24.81 23.73 -65.16
C ILE CA 24 -24.71 22.29 -64.67
N GLY CA 25 -25.37 21.98 -63.56
CA GLY CA 25 -25.56 20.59 -63.21
C GLY CA 25 -26.69 19.97 -63.98
N THR CA 26 -27.65 20.80 -64.40
CA THR CA 26 -28.75 20.30 -65.22
C THR CA 26 -28.28 19.96 -66.62
N VAL CA 27 -27.55 20.87 -67.26
CA VAL CA 27 -27.22 20.70 -68.68
C VAL CA 27 -26.18 19.62 -68.85
N PHE CA 28 -25.33 19.41 -67.85
CA PHE CA 28 -24.38 18.31 -67.94
C PHE CA 28 -25.00 17.04 -67.41
N GLY CA 29 -26.09 17.17 -66.68
CA GLY CA 29 -26.87 16.00 -66.34
C GLY CA 29 -27.68 15.53 -67.52
N SER CA 30 -28.10 16.47 -68.36
CA SER CA 30 -29.03 16.12 -69.44
C SER CA 30 -28.28 15.58 -70.65
N MET CA 31 -26.99 15.87 -70.76
CA MET CA 31 -26.20 15.34 -71.85
C MET CA 31 -25.88 13.87 -71.61
N ILE CA 32 -25.97 13.42 -70.37
CA ILE CA 32 -25.73 12.00 -70.09
C ILE CA 32 -26.93 11.19 -70.52
N ILE CA 33 -28.13 11.75 -70.39
CA ILE CA 33 -29.32 10.98 -70.69
C ILE CA 33 -29.70 11.13 -72.17
N GLY CA 34 -29.31 12.24 -72.78
CA GLY CA 34 -29.57 12.39 -74.21
C GLY CA 34 -28.68 11.49 -75.04
N TYR CA 35 -27.46 11.24 -74.58
CA TYR CA 35 -26.55 10.37 -75.32
C TYR CA 35 -27.00 8.92 -75.24
N ALA CA 36 -27.68 8.54 -74.16
CA ALA CA 36 -27.99 7.12 -73.98
C ALA CA 36 -29.14 6.66 -74.86
N ARG CA 37 -29.84 7.61 -75.51
CA ARG CA 37 -30.75 7.23 -76.58
C ARG CA 37 -30.00 6.98 -77.88
N ASN CA 38 -29.34 8.01 -78.38
CA ASN CA 38 -28.96 8.13 -79.78
C ASN CA 38 -27.49 8.49 -79.84
N PRO CA 39 -26.58 7.53 -79.92
CA PRO CA 39 -25.15 7.87 -80.00
C PRO CA 39 -24.76 8.54 -81.32
N SER CA 40 -25.14 9.80 -81.43
CA SER CA 40 -24.69 10.75 -82.42
C SER CA 40 -23.99 11.89 -81.70
N LEU CA 41 -23.10 11.51 -80.78
CA LEU CA 41 -22.74 12.38 -79.68
C LEU CA 41 -21.79 13.49 -80.10
N LYS CA 42 -20.82 13.19 -80.95
CA LYS CA 42 -19.80 14.17 -81.31
C LYS CA 42 -20.34 15.24 -82.25
N GLN CA 43 -21.56 15.04 -82.75
CA GLN CA 43 -22.33 16.06 -83.46
C GLN CA 43 -23.00 16.97 -82.45
N GLN CA 44 -24.04 17.70 -82.88
CA GLN CA 44 -24.59 18.81 -82.10
C GLN CA 44 -25.27 18.39 -80.80
N LEU CA 45 -25.23 17.10 -80.43
CA LEU CA 45 -25.65 16.69 -79.10
C LEU CA 45 -24.74 17.26 -78.03
N PHE CA 46 -23.44 16.99 -78.11
CA PHE CA 46 -22.50 17.50 -77.13
C PHE CA 46 -22.27 19.00 -77.34
N SER CA 47 -22.40 19.47 -78.58
CA SER CA 47 -22.11 20.87 -78.85
C SER CA 47 -23.17 21.79 -78.29
N TYR CA 48 -24.38 21.28 -78.09
CA TYR CA 48 -25.42 22.08 -77.46
C TYR CA 48 -25.20 22.21 -75.97
N ALA CA 49 -24.46 21.27 -75.37
CA ALA CA 49 -24.09 21.42 -73.96
C ALA CA 49 -23.12 22.58 -73.78
N ILE CA 50 -22.11 22.67 -74.64
CA ILE CA 50 -21.13 23.76 -74.53
C ILE CA 50 -21.73 25.06 -75.04
N LEU CA 51 -22.80 24.97 -75.84
CA LEU CA 51 -23.67 26.12 -76.03
C LEU CA 51 -24.30 26.54 -74.73
N GLY CA 52 -24.88 25.60 -73.99
CA GLY CA 52 -25.69 25.96 -72.84
C GLY CA 52 -24.86 26.31 -71.63
N PHE CA 53 -23.76 25.59 -71.44
CA PHE CA 53 -22.87 25.82 -70.32
C PHE CA 53 -22.25 27.22 -70.36
N ALA CA 54 -21.90 27.70 -71.55
CA ALA CA 54 -21.32 29.04 -71.62
C ALA CA 54 -22.38 30.10 -71.41
N LEU CA 55 -23.65 29.78 -71.65
CA LEU CA 55 -24.67 30.80 -71.59
C LEU CA 55 -25.21 30.95 -70.18
N SER CA 56 -25.17 29.88 -69.39
CA SER CA 56 -25.62 29.97 -68.01
C SER CA 56 -24.56 30.60 -67.12
N GLU CA 57 -23.29 30.26 -67.36
CA GLU CA 57 -22.19 30.82 -66.58
C GLU CA 57 -22.01 32.30 -66.90
N ALA CA 58 -22.43 32.73 -68.08
CA ALA CA 58 -22.39 34.15 -68.43
C ALA CA 58 -23.35 34.95 -67.58
N MET CA 59 -24.46 34.33 -67.17
CA MET CA 59 -25.36 35.00 -66.25
C MET CA 59 -24.78 35.05 -64.85
N GLY CA 60 -24.14 33.96 -64.43
CA GLY CA 60 -23.62 33.90 -63.07
C GLY CA 60 -22.42 34.81 -62.88
N LEU CA 61 -21.59 34.94 -63.92
CA LEU CA 61 -20.52 35.92 -63.87
C LEU CA 61 -21.07 37.34 -63.92
N PHE CA 62 -22.20 37.52 -64.61
CA PHE CA 62 -22.86 38.83 -64.64
C PHE CA 62 -23.40 39.20 -63.27
N CYS CA 63 -23.75 38.19 -62.48
CA CYS CA 63 -24.06 38.42 -61.07
C CYS CA 63 -22.82 38.78 -60.28
N LEU CA 64 -21.70 38.11 -60.57
CA LEU CA 64 -20.50 38.30 -59.77
C LEU CA 64 -19.80 39.60 -60.14
N MET CA 65 -20.14 40.19 -61.28
CA MET CA 65 -19.45 41.39 -61.74
C MET CA 65 -19.87 42.61 -60.94
N VAL CA 66 -21.06 42.60 -60.35
CA VAL CA 66 -21.46 43.74 -59.54
C VAL CA 66 -20.79 43.69 -58.17
N ALA CA 67 -20.26 42.53 -57.80
CA ALA CA 67 -19.55 42.42 -56.54
C ALA CA 67 -18.24 43.17 -56.57
N PHE CA 68 -17.66 43.32 -57.76
CA PHE CA 68 -16.42 44.07 -57.87
C PHE CA 68 -16.68 45.54 -58.15
N LEU CA 69 -17.88 45.88 -58.65
CA LEU CA 69 -18.22 47.28 -58.83
C LEU CA 69 -18.65 47.91 -57.51
N ILE CA 70 -19.53 47.24 -56.77
CA ILE CA 70 -20.13 47.88 -55.61
C ILE CA 70 -19.18 47.85 -54.43
N LEU CA 71 -18.20 46.94 -54.44
CA LEU CA 71 -17.19 46.97 -53.39
C LEU CA 71 -16.20 48.09 -53.66
N PHE CA 72 -15.99 48.41 -54.92
CA PHE CA 72 -15.00 49.40 -55.30
C PHE CA 72 -15.62 50.53 -56.13
N UNK DA 1 -34.18 13.58 -63.22
CA UNK DA 1 -33.69 14.84 -63.76
C UNK DA 1 -34.85 15.77 -64.11
N UNK DA 2 -36.05 15.21 -64.21
CA UNK DA 2 -37.22 16.02 -64.52
C UNK DA 2 -37.64 16.78 -63.27
N UNK DA 3 -37.41 16.16 -62.12
CA UNK DA 3 -37.85 16.72 -60.85
C UNK DA 3 -36.71 17.41 -60.12
N UNK DA 4 -35.58 17.53 -60.81
CA UNK DA 4 -34.38 18.09 -60.20
C UNK DA 4 -34.34 19.59 -60.32
N UNK DA 5 -34.97 20.11 -61.36
CA UNK DA 5 -34.85 21.53 -61.66
C UNK DA 5 -35.61 22.35 -60.65
N UNK DA 6 -36.73 21.81 -60.18
CA UNK DA 6 -37.47 22.43 -59.10
C UNK DA 6 -36.67 22.26 -57.83
N UNK DA 7 -35.98 21.12 -57.71
CA UNK DA 7 -35.11 20.85 -56.55
C UNK DA 7 -33.88 21.75 -56.64
N UNK DA 8 -33.49 22.07 -57.86
CA UNK DA 8 -32.42 23.04 -58.08
C UNK DA 8 -32.94 24.43 -57.72
N UNK DA 9 -34.22 24.63 -58.02
CA UNK DA 9 -34.92 25.87 -57.69
C UNK DA 9 -35.39 25.88 -56.26
N UNK DA 10 -35.21 24.75 -55.60
CA UNK DA 10 -35.47 24.64 -54.18
C UNK DA 10 -34.26 25.07 -53.38
N UNK DA 11 -33.08 24.85 -53.94
CA UNK DA 11 -31.87 25.44 -53.38
C UNK DA 11 -31.36 26.54 -54.32
N UNK DA 12 -32.30 27.19 -54.98
CA UNK DA 12 -32.09 28.51 -55.59
C UNK DA 12 -33.00 29.49 -54.85
N UNK DA 13 -34.06 28.94 -54.23
CA UNK DA 13 -34.95 29.67 -53.34
C UNK DA 13 -34.45 29.61 -51.91
N UNK DA 14 -33.56 28.64 -51.65
CA UNK DA 14 -32.89 28.52 -50.36
C UNK DA 14 -31.57 29.23 -50.40
N UNK DA 15 -30.93 29.20 -51.58
CA UNK DA 15 -29.67 29.91 -51.81
C UNK DA 15 -29.88 31.40 -51.65
N UNK DA 16 -30.89 31.91 -52.33
CA UNK DA 16 -31.23 33.33 -52.31
C UNK DA 16 -31.80 33.83 -50.99
N UNK DA 17 -32.23 32.90 -50.15
CA UNK DA 17 -32.99 33.20 -48.95
C UNK DA 17 -32.21 33.97 -47.89
N UNK DA 18 -31.00 33.52 -47.60
CA UNK DA 18 -30.23 34.06 -46.47
C UNK DA 18 -29.66 35.46 -46.70
N UNK DA 19 -29.75 35.94 -47.94
CA UNK DA 19 -29.21 37.24 -48.31
C UNK DA 19 -29.99 38.40 -47.69
N UNK DA 20 -31.31 38.28 -47.71
CA UNK DA 20 -32.17 39.29 -47.11
C UNK DA 20 -32.06 39.25 -45.59
N UNK DA 21 -31.71 38.08 -45.07
CA UNK DA 21 -31.36 37.93 -43.66
C UNK DA 21 -29.96 38.48 -43.42
N UNK DA 22 -29.07 38.27 -44.40
CA UNK DA 22 -27.73 38.84 -44.36
C UNK DA 22 -27.81 40.36 -44.49
N UNK DA 23 -28.83 40.80 -45.21
CA UNK DA 23 -29.20 42.20 -45.22
C UNK DA 23 -29.72 42.58 -43.83
N UNK DA 24 -30.60 41.75 -43.29
CA UNK DA 24 -31.21 42.01 -42.00
C UNK DA 24 -30.22 41.92 -40.83
N UNK DA 25 -29.32 40.94 -40.86
CA UNK DA 25 -28.42 40.75 -39.72
C UNK DA 25 -27.34 41.82 -39.70
N UNK DA 26 -27.17 42.51 -40.82
CA UNK DA 26 -26.29 43.67 -40.86
C UNK DA 26 -27.07 44.94 -40.60
N UNK DA 27 -28.40 44.88 -40.80
CA UNK DA 27 -29.25 46.06 -40.71
C UNK DA 27 -29.28 46.60 -39.29
N UNK DA 28 -29.54 45.70 -38.36
CA UNK DA 28 -29.50 46.02 -36.94
C UNK DA 28 -28.05 46.23 -36.51
N UNK DA 29 -27.11 45.57 -37.20
CA UNK DA 29 -25.70 45.81 -36.96
C UNK DA 29 -25.31 47.20 -37.45
N UNK DA 30 -25.87 47.62 -38.58
CA UNK DA 30 -25.65 48.99 -39.06
C UNK DA 30 -26.38 49.98 -38.15
N UNK DA 31 -27.50 49.55 -37.60
CA UNK DA 31 -28.26 50.40 -36.70
C UNK DA 31 -27.55 50.56 -35.37
N UNK DA 32 -27.00 49.47 -34.84
CA UNK DA 32 -26.33 49.50 -33.54
C UNK DA 32 -24.97 50.17 -33.64
N UNK DA 33 -24.43 50.20 -34.85
CA UNK DA 33 -23.24 50.99 -35.13
C UNK DA 33 -23.60 52.47 -35.03
N UNK DA 34 -24.80 52.81 -35.51
CA UNK DA 34 -25.31 54.17 -35.45
C UNK DA 34 -25.95 54.44 -34.09
N UNK DA 35 -26.21 53.38 -33.34
CA UNK DA 35 -26.74 53.52 -31.99
C UNK DA 35 -25.62 53.42 -30.97
N UNK DA 36 -24.40 53.68 -31.43
CA UNK DA 36 -23.23 53.64 -30.56
C UNK DA 36 -22.65 55.04 -30.35
N UNK DA 37 -22.88 55.93 -31.29
CA UNK DA 37 -22.33 57.29 -31.22
C UNK DA 37 -23.28 58.34 -31.81
N UNK DA 38 -23.88 58.03 -32.96
CA UNK DA 38 -24.77 58.97 -33.64
C UNK DA 38 -26.08 59.16 -32.88
N UNK DA 39 -26.47 58.14 -32.12
CA UNK DA 39 -27.72 58.20 -31.37
C UNK DA 39 -27.55 58.91 -30.03
N UNK DA 40 -26.93 58.21 -29.07
CA UNK DA 40 -26.72 58.66 -27.69
C UNK DA 40 -28.02 59.09 -27.01
N UNK DA 41 -28.81 58.11 -26.57
CA UNK DA 41 -30.08 58.39 -25.92
C UNK DA 41 -30.07 57.94 -24.46
N UNK DA 42 -30.78 58.67 -23.61
CA UNK DA 42 -30.88 58.34 -22.19
C UNK DA 42 -32.14 58.93 -21.58
N GLU EA 6 84.26 -24.93 139.11
CA GLU EA 6 85.40 -24.38 139.84
C GLU EA 6 85.02 -23.08 140.52
N VAL EA 7 83.74 -22.99 140.88
CA VAL EA 7 83.21 -21.77 141.48
C VAL EA 7 83.68 -21.65 142.94
N SER EA 8 83.86 -22.79 143.61
CA SER EA 8 84.33 -22.74 145.00
C SER EA 8 85.80 -22.38 145.09
N SER EA 9 86.56 -22.66 144.02
CA SER EA 9 88.02 -22.47 144.08
C SER EA 9 88.38 -21.00 143.97
N ILE EA 10 87.65 -20.24 143.13
CA ILE EA 10 87.96 -18.84 142.94
C ILE EA 10 87.52 -18.02 144.15
N LEU EA 11 86.51 -18.48 144.87
CA LEU EA 11 86.09 -17.80 146.09
C LEU EA 11 87.07 -18.04 147.22
N GLU EA 12 87.64 -19.25 147.28
CA GLU EA 12 88.68 -19.51 148.26
C GLU EA 12 89.98 -18.82 147.88
N GLU EA 13 90.16 -18.53 146.59
CA GLU EA 13 91.37 -17.87 146.12
C GLU EA 13 91.40 -16.41 146.57
N ARG EA 14 90.25 -15.74 146.56
CA ARG EA 14 90.21 -14.31 146.85
C ARG EA 14 90.49 -14.03 148.33
N ILE EA 15 90.01 -14.89 149.22
CA ILE EA 15 90.05 -14.58 150.64
C ILE EA 15 91.42 -14.87 151.22
N LEU EA 16 92.22 -15.72 150.56
CA LEU EA 16 93.62 -15.86 150.95
C LEU EA 16 94.46 -14.78 150.29
N GLY EA 17 93.99 -14.25 149.16
CA GLY EA 17 94.68 -13.15 148.52
C GLY EA 17 94.30 -11.80 149.08
N ALA EA 18 93.32 -11.77 149.98
CA ALA EA 18 92.92 -10.52 150.61
C ALA EA 18 93.95 -10.09 151.66
N ASP EA 19 94.03 -8.79 151.89
CA ASP EA 19 94.97 -8.22 152.85
C ASP EA 19 94.19 -7.87 154.11
N THR EA 20 94.50 -8.56 155.20
CA THR EA 20 93.93 -8.27 156.51
C THR EA 20 95.08 -7.82 157.41
N SER EA 21 95.40 -6.54 157.35
CA SER EA 21 96.47 -5.94 158.13
C SER EA 21 95.92 -4.78 158.93
N VAL EA 22 96.56 -4.46 160.04
CA VAL EA 22 96.11 -3.40 160.94
C VAL EA 22 96.97 -2.16 160.74
N ASP EA 23 96.41 -1.01 161.06
CA ASP EA 23 97.04 0.28 160.78
C ASP EA 23 96.68 1.21 161.93
N LEU EA 24 97.02 2.48 161.81
CA LEU EA 24 96.57 3.54 162.71
C LEU EA 24 95.51 4.37 162.00
N GLU EA 25 95.03 5.41 162.66
CA GLU EA 25 94.01 6.28 162.10
C GLU EA 25 94.04 7.62 162.82
N GLU EA 26 93.22 8.54 162.35
CA GLU EA 26 93.12 9.89 162.91
C GLU EA 26 91.66 10.29 163.06
N THR EA 27 90.87 9.44 163.72
CA THR EA 27 89.42 9.50 163.68
C THR EA 27 88.85 10.72 164.40
N GLY EA 28 87.53 10.83 164.36
CA GLY EA 28 86.79 11.91 164.96
C GLY EA 28 85.29 11.65 164.92
N ARG EA 29 84.60 11.91 166.03
CA ARG EA 29 83.19 11.58 166.17
C ARG EA 29 82.31 12.53 165.36
N VAL EA 30 81.08 12.11 165.14
CA VAL EA 30 80.09 12.84 164.36
C VAL EA 30 79.26 13.69 165.31
N LEU EA 31 78.98 14.93 164.91
CA LEU EA 31 78.19 15.85 165.73
C LEU EA 31 76.72 15.88 165.32
N SER EA 32 76.44 16.14 164.04
CA SER EA 32 75.06 16.35 163.61
C SER EA 32 74.95 16.01 162.13
N ILE EA 33 74.31 14.89 161.83
CA ILE EA 33 74.08 14.49 160.44
C ILE EA 33 72.69 14.91 160.00
N GLY EA 34 72.61 15.59 158.87
CA GLY EA 34 71.32 15.98 158.33
C GLY EA 34 71.40 16.48 156.90
N ASP EA 35 70.54 15.92 156.03
CA ASP EA 35 70.38 16.25 154.62
C ASP EA 35 71.65 16.01 153.79
N GLY EA 36 72.55 15.17 154.26
CA GLY EA 36 73.75 14.84 153.51
C GLY EA 36 74.98 15.65 153.84
N ILE EA 37 74.98 16.38 154.96
CA ILE EA 37 76.13 17.14 155.41
C ILE EA 37 76.44 16.73 156.84
N ALA EA 38 77.52 15.99 157.03
CA ALA EA 38 77.96 15.57 158.34
C ALA EA 38 78.88 16.64 158.92
N ARG EA 39 78.78 16.86 160.23
CA ARG EA 39 79.73 17.69 160.94
C ARG EA 39 80.53 16.80 161.89
N VAL EA 40 81.84 16.78 161.70
CA VAL EA 40 82.72 15.88 162.43
C VAL EA 40 83.60 16.70 163.35
N HIS EA 41 83.66 16.30 164.62
CA HIS EA 41 84.57 16.91 165.58
C HIS EA 41 85.81 16.04 165.74
N GLY EA 42 86.97 16.66 165.56
CA GLY EA 42 88.20 15.91 165.49
C GLY EA 42 88.81 16.09 164.11
N LEU EA 43 89.59 15.09 163.65
CA LEU EA 43 90.26 15.06 162.36
C LEU EA 43 91.15 16.31 162.19
N ARG EA 44 92.17 16.39 163.06
CA ARG EA 44 92.94 17.61 163.17
C ARG EA 44 93.96 17.79 162.06
N ASN EA 45 94.16 16.80 161.20
CA ASN EA 45 95.16 16.88 160.15
C ASN EA 45 94.59 16.42 158.82
N VAL EA 46 93.39 16.89 158.47
CA VAL EA 46 92.82 16.64 157.15
C VAL EA 46 93.15 17.82 156.25
N GLN EA 47 93.54 17.50 155.02
CA GLN EA 47 93.68 18.53 154.01
C GLN EA 47 92.32 18.91 153.46
N ALA EA 48 92.28 20.00 152.72
CA ALA EA 48 91.05 20.36 152.04
C ALA EA 48 90.78 19.37 150.91
N GLU EA 49 89.50 19.07 150.70
CA GLU EA 49 89.00 18.18 149.63
C GLU EA 49 89.60 16.78 149.71
N GLU EA 50 89.76 16.28 150.92
CA GLU EA 50 90.39 14.99 151.19
C GLU EA 50 89.32 13.94 151.48
N MET EA 51 89.50 12.74 150.93
CA MET EA 51 88.51 11.68 151.09
C MET EA 51 88.67 10.96 152.42
N VAL EA 52 87.59 10.94 153.21
CA VAL EA 52 87.48 10.15 154.43
C VAL EA 52 86.45 9.07 154.20
N GLU EA 53 86.28 8.19 155.19
CA GLU EA 53 85.31 7.11 155.10
C GLU EA 53 84.76 6.78 156.47
N PHE EA 54 83.44 6.61 156.54
CA PHE EA 54 82.74 6.43 157.81
C PHE EA 54 82.85 4.99 158.30
N SER EA 55 82.04 4.68 159.31
CA SER EA 55 82.10 3.37 159.94
C SER EA 55 81.24 2.36 159.20
N SER EA 56 80.19 2.82 158.53
CA SER EA 56 79.31 1.90 157.81
C SER EA 56 79.94 1.42 156.51
N GLY EA 57 80.60 2.31 155.78
CA GLY EA 57 81.23 1.93 154.54
C GLY EA 57 81.18 3.03 153.49
N LEU EA 58 80.38 4.06 153.75
CA LEU EA 58 80.32 5.19 152.82
C LEU EA 58 81.60 6.01 152.91
N LYS EA 59 81.83 6.80 151.87
CA LYS EA 59 83.01 7.65 151.77
C LYS EA 59 82.56 9.10 151.78
N GLY EA 60 83.47 9.99 152.12
CA GLY EA 60 83.13 11.39 152.27
C GLY EA 60 84.28 12.30 151.92
N MET EA 61 83.94 13.45 151.35
CA MET EA 61 84.91 14.43 150.89
C MET EA 61 84.74 15.72 151.67
N SER EA 62 85.78 16.12 152.40
CA SER EA 62 85.69 17.21 153.37
C SER EA 62 85.89 18.55 152.68
N LEU EA 63 84.82 19.32 152.57
CA LEU EA 63 84.90 20.56 151.80
C LEU EA 63 85.14 21.78 152.68
N ASN EA 64 84.55 21.82 153.88
CA ASN EA 64 84.71 22.94 154.78
C ASN EA 64 85.64 22.59 155.93
N LEU EA 65 86.78 23.25 156.00
CA LEU EA 65 87.71 23.14 157.12
C LEU EA 65 87.45 24.32 158.05
N GLU EA 66 86.59 24.13 159.03
CA GLU EA 66 86.21 25.16 159.98
C GLU EA 66 87.02 24.99 161.27
N PRO EA 67 87.04 26.02 162.16
CA PRO EA 67 87.83 25.89 163.40
C PRO EA 67 87.44 24.73 164.31
N ASP EA 68 86.18 24.62 164.71
CA ASP EA 68 85.80 23.61 165.70
C ASP EA 68 85.22 22.33 165.09
N ASN EA 69 85.04 22.27 163.78
CA ASN EA 69 84.47 21.08 163.13
C ASN EA 69 84.95 21.04 161.69
N VAL EA 70 84.46 20.04 160.94
CA VAL EA 70 84.78 19.90 159.53
C VAL EA 70 83.56 19.40 158.77
N GLY EA 71 83.20 20.10 157.70
CA GLY EA 71 82.02 19.74 156.93
C GLY EA 71 82.30 18.77 155.80
N VAL EA 72 81.79 17.56 155.89
CA VAL EA 72 82.11 16.49 154.95
C VAL EA 72 80.82 16.00 154.28
N VAL EA 73 80.75 16.14 152.95
CA VAL EA 73 79.64 15.61 152.19
C VAL EA 73 79.71 14.07 152.16
N VAL EA 74 78.60 13.42 151.87
CA VAL EA 74 78.50 11.97 151.95
C VAL EA 74 78.24 11.39 150.57
N PHE EA 75 78.99 10.34 150.20
CA PHE EA 75 78.81 9.63 148.93
C PHE EA 75 77.82 8.48 149.11
N GLY EA 76 76.57 8.84 149.36
CA GLY EA 76 75.55 7.83 149.53
C GLY EA 76 74.27 8.45 150.08
N ASN EA 77 73.70 7.76 151.07
CA ASN EA 77 72.53 8.22 151.78
C ASN EA 77 72.80 8.24 153.28
N ASP EA 78 72.24 9.23 153.96
CA ASP EA 78 72.60 9.50 155.34
C ASP EA 78 71.77 8.73 156.36
N LYS EA 79 70.99 7.73 155.93
CA LYS EA 79 70.25 6.94 156.90
C LYS EA 79 71.13 5.92 157.61
N LEU EA 80 72.35 5.69 157.13
CA LEU EA 80 73.30 4.79 157.75
C LEU EA 80 74.28 5.50 158.66
N ILE EA 81 74.16 6.81 158.78
CA ILE EA 81 75.07 7.65 159.58
C ILE EA 81 74.30 8.10 160.80
N LYS EA 82 74.65 7.57 161.97
CA LYS EA 82 74.07 8.01 163.22
C LYS EA 82 75.05 8.92 163.94
N GLU EA 83 74.50 9.76 164.83
CA GLU EA 83 75.33 10.68 165.60
C GLU EA 83 76.13 9.92 166.64
N GLY EA 84 77.45 9.97 166.52
CA GLY EA 84 78.32 9.26 167.44
C GLY EA 84 79.08 8.13 166.78
N ASP EA 85 79.31 8.27 165.47
CA ASP EA 85 80.04 7.27 164.71
C ASP EA 85 81.53 7.61 164.71
N ILE EA 86 82.31 6.88 163.93
CA ILE EA 86 83.76 7.04 163.87
C ILE EA 86 84.15 7.29 162.42
N VAL EA 87 84.76 8.44 162.17
CA VAL EA 87 85.13 8.87 160.82
C VAL EA 87 86.64 8.73 160.66
N LYS EA 88 87.07 7.63 160.06
CA LYS EA 88 88.49 7.34 159.87
C LYS EA 88 89.05 8.19 158.73
N ARG EA 89 90.37 8.24 158.64
CA ARG EA 89 91.05 9.01 157.60
C ARG EA 89 91.71 8.06 156.61
N THR EA 90 91.63 8.40 155.32
CA THR EA 90 92.35 7.62 154.31
C THR EA 90 93.74 8.20 154.08
N GLY EA 91 93.81 9.51 153.88
CA GLY EA 91 95.08 10.19 153.71
C GLY EA 91 95.43 10.58 152.29
N ALA EA 92 94.46 10.70 151.40
CA ALA EA 92 94.73 10.98 150.00
C ALA EA 92 93.55 11.69 149.37
N ILE EA 93 93.85 12.60 148.43
CA ILE EA 93 92.83 13.25 147.62
C ILE EA 93 92.25 12.22 146.64
N VAL EA 94 91.09 12.55 146.07
CA VAL EA 94 90.32 11.60 145.27
C VAL EA 94 91.06 11.28 143.97
N ASP EA 95 91.08 9.99 143.62
CA ASP EA 95 91.83 9.51 142.48
C ASP EA 95 91.03 8.44 141.76
N VAL EA 96 91.14 8.40 140.44
CA VAL EA 96 90.38 7.49 139.60
C VAL EA 96 91.34 6.54 138.90
N PRO EA 97 90.94 5.32 138.59
CA PRO EA 97 91.76 4.47 137.71
C PRO EA 97 91.66 4.97 136.28
N VAL EA 98 92.74 4.80 135.54
CA VAL EA 98 92.84 5.32 134.18
C VAL EA 98 93.78 4.40 133.40
N GLY EA 99 93.60 4.36 132.08
CA GLY EA 99 94.45 3.54 131.24
C GLY EA 99 93.76 3.11 129.97
N GLU EA 100 94.25 2.01 129.41
CA GLU EA 100 93.68 1.46 128.19
C GLU EA 100 92.59 0.44 128.50
N GLU EA 101 92.61 -0.11 129.71
CA GLU EA 101 91.72 -1.22 130.06
C GLU EA 101 90.27 -0.78 130.22
N LEU EA 102 90.03 0.52 130.40
CA LEU EA 102 88.67 1.03 130.55
C LEU EA 102 87.90 1.08 129.24
N LEU EA 103 88.54 0.81 128.11
CA LEU EA 103 87.89 1.01 126.82
C LEU EA 103 86.83 -0.06 126.59
N GLY EA 104 85.58 0.37 126.56
CA GLY EA 104 84.48 -0.56 126.35
C GLY EA 104 83.81 -1.01 127.63
N ARG EA 105 83.76 -0.14 128.63
CA ARG EA 105 83.18 -0.45 129.92
C ARG EA 105 82.22 0.67 130.32
N VAL EA 106 81.41 0.38 131.34
CA VAL EA 106 80.51 1.35 131.94
C VAL EA 106 80.94 1.56 133.38
N VAL EA 107 81.25 2.81 133.73
CA VAL EA 107 81.79 3.14 135.04
C VAL EA 107 80.93 4.23 135.67
N ASP EA 108 80.95 4.28 136.99
CA ASP EA 108 80.32 5.38 137.71
C ASP EA 108 81.33 6.50 137.90
N ALA EA 109 81.04 7.44 138.81
CA ALA EA 109 81.89 8.62 138.95
C ALA EA 109 83.20 8.31 139.69
N LEU EA 110 83.30 7.13 140.28
CA LEU EA 110 84.50 6.80 141.05
C LEU EA 110 85.27 5.62 140.48
N GLY EA 111 84.99 5.19 139.25
CA GLY EA 111 85.77 4.17 138.59
C GLY EA 111 85.37 2.75 138.87
N ASN EA 112 84.31 2.51 139.64
CA ASN EA 112 83.82 1.15 139.83
C ASN EA 112 83.10 0.67 138.57
N ALA EA 113 82.95 -0.64 138.45
CA ALA EA 113 82.29 -1.25 137.29
C ALA EA 113 80.83 -1.50 137.62
N ILE EA 114 79.94 -1.01 136.75
CA ILE EA 114 78.51 -1.20 137.02
C ILE EA 114 77.88 -2.12 135.98
N ASP EA 115 78.62 -2.48 134.93
CA ASP EA 115 78.03 -3.28 133.87
C ASP EA 115 78.07 -4.77 134.20
N GLY EA 116 78.82 -5.15 135.24
CA GLY EA 116 78.85 -6.52 135.67
C GLY EA 116 79.65 -7.47 134.81
N LYS EA 117 80.58 -6.97 134.00
CA LYS EA 117 81.47 -7.86 133.27
C LYS EA 117 82.62 -8.33 134.15
N GLY EA 118 83.19 -7.43 134.93
CA GLY EA 118 84.29 -7.74 135.79
C GLY EA 118 84.97 -6.48 136.27
N PRO EA 119 85.93 -6.60 137.18
CA PRO EA 119 86.60 -5.42 137.70
C PRO EA 119 87.62 -4.89 136.71
N ILE EA 120 87.94 -3.60 136.83
CA ILE EA 120 88.92 -2.99 135.95
C ILE EA 120 90.32 -3.47 136.33
N GLY EA 121 91.10 -3.86 135.32
CA GLY EA 121 92.49 -4.20 135.52
C GLY EA 121 93.46 -3.07 135.27
N SER EA 122 93.10 -1.84 135.59
CA SER EA 122 93.97 -0.70 135.31
C SER EA 122 95.07 -0.60 136.35
N LYS EA 123 96.31 -0.41 135.90
CA LYS EA 123 97.44 -0.42 136.81
C LYS EA 123 97.81 0.98 137.25
N THR EA 124 97.33 2.00 136.55
CA THR EA 124 97.65 3.38 136.88
C THR EA 124 96.52 4.04 137.65
N ARG EA 125 96.78 5.24 138.15
CA ARG EA 125 95.87 6.00 139.00
C ARG EA 125 96.16 7.48 138.78
N ARG EA 126 95.14 8.32 138.87
CA ARG EA 126 95.32 9.73 138.53
C ARG EA 126 94.38 10.60 139.35
N ARG EA 127 94.87 11.77 139.76
CA ARG EA 127 94.05 12.73 140.48
C ARG EA 127 93.06 13.40 139.54
N VAL EA 128 92.01 13.98 140.13
CA VAL EA 128 91.01 14.70 139.35
C VAL EA 128 91.18 16.21 139.42
N GLY EA 129 92.01 16.71 140.33
CA GLY EA 129 92.18 18.13 140.53
C GLY EA 129 93.42 18.74 139.90
N LEU EA 130 93.90 18.19 138.79
CA LEU EA 130 95.11 18.70 138.18
C LEU EA 130 94.83 20.00 137.42
N LYS EA 131 95.90 20.60 136.92
CA LYS EA 131 95.77 21.87 136.24
C LYS EA 131 95.85 21.71 134.73
N ALA EA 132 95.51 22.78 134.02
CA ALA EA 132 95.67 22.82 132.59
C ALA EA 132 97.13 23.02 132.23
N PRO EA 133 97.52 22.68 131.00
CA PRO EA 133 98.82 23.13 130.51
C PRO EA 133 98.81 24.63 130.27
N GLY EA 134 99.98 25.23 130.32
CA GLY EA 134 100.08 26.67 130.22
C GLY EA 134 99.96 27.18 128.80
N ILE EA 135 100.72 28.23 128.52
CA ILE EA 135 100.69 28.84 127.19
C ILE EA 135 101.75 28.22 126.30
N ILE EA 136 102.87 27.80 126.89
CA ILE EA 136 103.98 27.26 126.10
C ILE EA 136 103.69 25.86 125.54
N PRO EA 137 103.18 24.86 126.30
CA PRO EA 137 102.99 23.55 125.67
C PRO EA 137 101.82 23.45 124.68
N ARG EA 138 101.17 24.55 124.34
CA ARG EA 138 100.08 24.46 123.37
C ARG EA 138 100.54 24.91 121.98
N ILE EA 139 99.76 24.52 120.98
CA ILE EA 139 99.97 24.92 119.60
C ILE EA 139 98.60 25.11 118.97
N SER EA 140 98.55 25.82 117.85
CA SER EA 140 97.26 26.15 117.25
C SER EA 140 96.62 24.92 116.61
N VAL EA 141 95.29 24.92 116.55
CA VAL EA 141 94.53 23.77 116.09
C VAL EA 141 94.49 23.78 114.57
N ARG EA 142 94.86 22.65 113.95
CA ARG EA 142 94.86 22.55 112.51
C ARG EA 142 94.19 21.30 111.96
N GLU EA 143 94.22 20.18 112.67
CA GLU EA 143 93.64 18.96 112.14
C GLU EA 143 92.12 19.00 112.25
N PRO EA 144 91.41 18.37 111.31
CA PRO EA 144 89.94 18.35 111.40
C PRO EA 144 89.44 17.25 112.31
N MET EA 145 88.38 17.55 113.07
CA MET EA 145 87.61 16.53 113.77
C MET EA 145 86.32 16.31 113.01
N GLN EA 146 86.15 15.12 112.45
CA GLN EA 146 85.05 14.84 111.54
C GLN EA 146 83.83 14.41 112.36
N THR EA 147 82.73 15.16 112.21
CA THR EA 147 81.49 14.80 112.90
C THR EA 147 80.65 13.86 112.05
N GLY EA 148 80.46 14.18 110.78
CA GLY EA 148 79.62 13.40 109.91
C GLY EA 148 78.28 14.01 109.62
N ILE EA 149 78.05 15.25 110.04
CA ILE EA 149 76.83 15.97 109.78
C ILE EA 149 77.13 17.01 108.70
N LYS EA 150 76.28 17.06 107.67
CA LYS EA 150 76.59 17.86 106.50
C LYS EA 150 76.51 19.35 106.79
N ALA EA 151 75.82 19.74 107.86
CA ALA EA 151 75.69 21.17 108.17
C ALA EA 151 76.78 21.62 109.13
N VAL EA 152 77.33 20.69 109.91
CA VAL EA 152 78.41 21.05 110.84
C VAL EA 152 79.71 21.22 110.08
N ASP EA 153 80.07 20.24 109.24
CA ASP EA 153 81.38 20.28 108.58
C ASP EA 153 81.42 21.29 107.45
N SER EA 154 80.26 21.81 107.05
CA SER EA 154 80.25 22.80 105.97
C SER EA 154 80.36 24.22 106.51
N LEU EA 155 79.65 24.53 107.60
CA LEU EA 155 79.47 25.91 108.01
C LEU EA 155 80.01 26.21 109.39
N VAL EA 156 79.98 25.25 110.31
CA VAL EA 156 80.50 25.48 111.66
C VAL EA 156 81.49 24.38 112.05
N PRO EA 157 82.72 24.40 111.54
CA PRO EA 157 83.62 23.27 111.71
C PRO EA 157 84.20 23.20 113.11
N ILE EA 158 84.78 22.03 113.42
CA ILE EA 158 85.37 21.75 114.72
C ILE EA 158 86.77 21.19 114.49
N GLY EA 159 87.77 21.83 115.09
CA GLY EA 159 89.13 21.33 115.02
C GLY EA 159 89.44 20.40 116.16
N ARG EA 160 90.67 19.90 116.24
CA ARG EA 160 91.01 18.88 117.23
C ARG EA 160 91.69 19.55 118.42
N GLY EA 161 90.87 20.13 119.29
CA GLY EA 161 91.35 20.88 120.44
C GLY EA 161 90.47 22.07 120.75
N GLN EA 162 89.45 22.28 119.93
CA GLN EA 162 88.48 23.36 120.08
C GLN EA 162 87.40 22.90 121.05
N ARG EA 163 86.83 23.85 121.80
CA ARG EA 163 85.63 23.59 122.58
C ARG EA 163 84.42 24.17 121.88
N GLU EA 164 83.43 23.34 121.61
CA GLU EA 164 82.24 23.75 120.88
C GLU EA 164 81.00 23.38 121.69
N LEU EA 165 80.13 24.34 121.90
CA LEU EA 165 78.98 24.22 122.77
C LEU EA 165 77.74 23.84 121.96
N ILE EA 166 77.02 22.81 122.41
CA ILE EA 166 75.77 22.42 121.78
C ILE EA 166 74.64 22.95 122.66
N ILE EA 167 74.04 24.06 122.27
CA ILE EA 167 73.07 24.76 123.11
C ILE EA 167 71.72 24.71 122.42
N GLY EA 168 70.65 24.54 123.21
CA GLY EA 168 69.31 24.50 122.66
C GLY EA 168 68.33 24.11 123.75
N ASP EA 169 67.06 24.04 123.37
CA ASP EA 169 66.00 23.74 124.30
C ASP EA 169 65.90 22.24 124.56
N ARG EA 170 64.82 21.84 125.23
CA ARG EA 170 64.56 20.43 125.41
C ARG EA 170 64.02 19.82 124.13
N GLN EA 171 64.39 18.54 123.88
CA GLN EA 171 63.84 17.70 122.81
C GLN EA 171 64.08 18.29 121.42
N THR EA 172 65.33 18.60 121.10
CA THR EA 172 65.69 19.09 119.78
C THR EA 172 66.92 18.42 119.19
N GLY EA 173 67.27 17.23 119.66
CA GLY EA 173 68.38 16.52 119.07
C GLY EA 173 69.74 17.02 119.48
N LYS EA 174 69.91 17.32 120.77
CA LYS EA 174 71.23 17.66 121.28
C LYS EA 174 72.03 16.41 121.60
N THR EA 175 71.36 15.38 122.14
CA THR EA 175 72.03 14.12 122.39
C THR EA 175 72.32 13.37 121.10
N SER EA 176 71.47 13.53 120.07
CA SER EA 176 71.64 12.80 118.84
C SER EA 176 72.77 13.34 117.97
N ILE EA 177 73.08 14.63 118.06
CA ILE EA 177 74.25 15.18 117.37
C ILE EA 177 75.53 14.65 117.97
N ALA EA 178 75.55 14.46 119.28
CA ALA EA 178 76.74 13.96 119.95
C ALA EA 178 76.76 12.44 120.07
N ILE EA 179 75.84 11.74 119.41
CA ILE EA 179 75.84 10.28 119.42
C ILE EA 179 76.17 9.69 118.07
N ASP EA 180 76.07 10.44 116.97
CA ASP EA 180 76.61 9.95 115.71
C ASP EA 180 78.02 10.43 115.45
N THR EA 181 78.49 11.45 116.18
CA THR EA 181 79.89 11.79 116.18
C THR EA 181 80.72 10.69 116.83
N ILE EA 182 80.13 9.90 117.73
CA ILE EA 182 80.82 8.73 118.24
C ILE EA 182 80.82 7.60 117.20
N ILE EA 183 79.73 7.48 116.44
CA ILE EA 183 79.58 6.42 115.46
C ILE EA 183 80.47 6.67 114.24
N ASN EA 184 80.65 7.93 113.87
CA ASN EA 184 81.36 8.28 112.63
C ASN EA 184 82.85 7.96 112.70
N GLN EA 185 83.44 7.94 113.89
CA GLN EA 185 84.87 7.65 113.97
C GLN EA 185 85.20 6.16 113.91
N LYS EA 186 84.28 5.31 113.45
CA LYS EA 186 84.58 3.90 113.29
C LYS EA 186 85.46 3.65 112.08
N ARG EA 187 85.34 4.49 111.04
CA ARG EA 187 86.06 4.26 109.80
C ARG EA 187 87.56 4.49 109.95
N PHE EA 188 87.97 5.31 110.92
CA PHE EA 188 89.39 5.49 111.19
C PHE EA 188 89.88 4.53 112.26
N ASN EA 189 89.01 4.10 113.16
CA ASN EA 189 89.41 3.32 114.33
C ASN EA 189 89.61 1.85 114.04
N ASP EA 190 89.35 1.40 112.81
CA ASP EA 190 89.68 0.04 112.42
C ASP EA 190 90.77 -0.04 111.37
N GLY EA 191 91.36 1.10 111.00
CA GLY EA 191 92.36 1.15 109.95
C GLY EA 191 93.77 1.13 110.47
N THR EA 192 94.68 1.73 109.70
CA THR EA 192 96.11 1.66 109.95
C THR EA 192 96.74 2.99 110.35
N ASP EA 193 96.19 4.11 109.87
CA ASP EA 193 96.77 5.43 110.13
C ASP EA 193 96.60 5.79 111.60
N GLU EA 194 97.70 5.75 112.36
CA GLU EA 194 97.64 5.90 113.80
C GLU EA 194 97.33 7.33 114.24
N LYS EA 195 97.68 8.33 113.43
CA LYS EA 195 97.45 9.72 113.81
C LYS EA 195 96.11 10.25 113.33
N LYS EA 196 95.19 9.37 112.94
CA LYS EA 196 93.84 9.79 112.58
C LYS EA 196 92.76 9.10 113.41
N LYS EA 197 93.15 8.25 114.36
CA LYS EA 197 92.17 7.62 115.21
C LYS EA 197 91.63 8.62 116.24
N LEU EA 198 90.46 8.31 116.77
CA LEU EA 198 89.83 9.17 117.79
C LEU EA 198 89.20 8.27 118.84
N TYR EA 199 89.21 8.75 120.07
CA TYR EA 199 88.64 8.03 121.20
C TYR EA 199 87.57 8.89 121.84
N CYS EA 200 86.42 8.32 122.13
CA CYS EA 200 85.28 9.07 122.61
C CYS EA 200 84.93 8.67 124.03
N ILE EA 201 84.58 9.66 124.85
CA ILE EA 201 84.09 9.45 126.22
C ILE EA 201 82.76 10.17 126.32
N TYR EA 202 81.81 9.58 127.04
CA TYR EA 202 80.47 10.14 127.20
C TYR EA 202 80.10 10.16 128.67
N VAL EA 203 79.80 11.35 129.19
CA VAL EA 203 79.47 11.54 130.60
C VAL EA 203 78.00 11.90 130.70
N ALA EA 204 77.23 11.08 131.40
CA ALA EA 204 75.82 11.32 131.67
C ALA EA 204 75.67 11.81 133.10
N ILE EA 205 75.13 13.01 133.27
CA ILE EA 205 75.03 13.66 134.58
C ILE EA 205 73.56 13.84 134.91
N GLY EA 206 73.01 12.90 135.69
CA GLY EA 206 71.64 13.05 136.15
C GLY EA 206 70.59 12.70 135.12
N GLN EA 207 70.67 11.51 134.54
CA GLN EA 207 69.63 10.97 133.68
C GLN EA 207 69.14 9.66 134.30
N LYS EA 208 67.99 9.17 133.83
CA LYS EA 208 67.47 7.96 134.42
C LYS EA 208 68.20 6.76 133.86
N ARG EA 209 68.21 5.67 134.64
CA ARG EA 209 69.03 4.50 134.33
C ARG EA 209 68.56 3.80 133.06
N SER EA 210 67.28 3.91 132.73
CA SER EA 210 66.77 3.22 131.55
C SER EA 210 67.21 3.92 130.27
N THR EA 211 67.49 5.22 130.32
CA THR EA 211 67.94 5.93 129.13
C THR EA 211 69.37 5.57 128.78
N VAL EA 212 70.24 5.47 129.79
CA VAL EA 212 71.62 5.06 129.58
C VAL EA 212 71.67 3.60 129.11
N ALA EA 213 70.72 2.77 129.56
CA ALA EA 213 70.68 1.38 129.12
C ALA EA 213 70.18 1.27 127.70
N GLN EA 214 69.57 2.32 127.16
CA GLN EA 214 69.14 2.29 125.77
C GLN EA 214 70.23 2.85 124.85
N LEU EA 215 71.14 3.65 125.42
CA LEU EA 215 72.15 4.30 124.59
C LEU EA 215 73.40 3.45 124.46
N VAL EA 216 73.67 2.61 125.45
CA VAL EA 216 74.75 1.63 125.32
C VAL EA 216 74.40 0.60 124.25
N LYS EA 217 73.11 0.23 124.17
CA LYS EA 217 72.69 -0.74 123.16
C LYS EA 217 72.70 -0.13 121.76
N ARG EA 218 72.51 1.19 121.65
CA ARG EA 218 72.65 1.84 120.36
C ARG EA 218 74.10 1.87 119.92
N LEU EA 219 75.03 2.00 120.87
CA LEU EA 219 76.44 2.02 120.52
C LEU EA 219 77.02 0.62 120.49
N THR EA 220 76.29 -0.37 120.98
CA THR EA 220 76.72 -1.76 120.81
C THR EA 220 76.31 -2.28 119.45
N ASP EA 221 75.18 -1.79 118.93
CA ASP EA 221 74.68 -2.22 117.62
C ASP EA 221 75.58 -1.75 116.50
N ALA EA 222 76.06 -0.51 116.57
CA ALA EA 222 76.93 0.03 115.54
C ALA EA 222 78.40 -0.34 115.75
N ASP EA 223 78.68 -1.30 116.64
CA ASP EA 223 80.03 -1.81 116.94
C ASP EA 223 80.96 -0.69 117.39
N ALA EA 224 80.42 0.25 118.16
CA ALA EA 224 81.13 1.44 118.61
C ALA EA 224 81.20 1.50 120.12
N MET EA 225 81.30 0.35 120.77
CA MET EA 225 81.59 0.28 122.20
C MET EA 225 82.86 -0.50 122.47
N LYS EA 226 83.79 -0.54 121.52
CA LYS EA 226 85.11 -1.08 121.75
C LYS EA 226 86.17 -0.01 121.80
N TYR EA 227 85.79 1.26 121.62
CA TYR EA 227 86.70 2.38 121.81
C TYR EA 227 86.04 3.52 122.57
N THR EA 228 84.95 3.26 123.29
CA THR EA 228 84.20 4.29 123.99
C THR EA 228 84.05 3.91 125.46
N ILE EA 229 84.17 4.91 126.34
CA ILE EA 229 83.91 4.76 127.77
C ILE EA 229 82.69 5.61 128.10
N VAL EA 230 81.85 5.12 129.01
CA VAL EA 230 80.67 5.85 129.46
C VAL EA 230 80.71 5.97 130.99
N VAL EA 231 80.65 7.21 131.47
CA VAL EA 231 80.69 7.52 132.90
C VAL EA 231 79.29 7.96 133.31
N SER EA 232 78.65 7.17 134.14
CA SER EA 232 77.24 7.39 134.47
C SER EA 232 77.10 7.76 135.93
N ALA EA 233 76.70 9.00 136.18
CA ALA EA 233 76.22 9.44 137.48
C ALA EA 233 74.77 9.83 137.29
N THR EA 234 73.86 8.95 137.70
CA THR EA 234 72.46 9.06 137.35
C THR EA 234 71.71 9.97 138.32
N ALA EA 235 70.39 9.96 138.19
CA ALA EA 235 69.56 10.86 138.99
C ALA EA 235 69.43 10.38 140.44
N SER EA 236 69.37 9.06 140.63
CA SER EA 236 69.19 8.52 141.96
C SER EA 236 70.43 8.65 142.83
N ASP EA 237 71.62 8.70 142.22
CA ASP EA 237 72.86 8.78 142.96
C ASP EA 237 72.99 10.14 143.63
N ALA EA 238 73.83 10.20 144.67
CA ALA EA 238 73.90 11.31 145.59
C ALA EA 238 74.38 12.59 144.89
N ALA EA 239 74.05 13.72 145.51
CA ALA EA 239 74.40 15.05 145.06
C ALA EA 239 75.88 15.35 144.80
N PRO EA 240 76.87 14.80 145.53
CA PRO EA 240 78.26 15.06 145.12
C PRO EA 240 78.78 14.15 144.03
N LEU EA 241 78.12 13.03 143.76
CA LEU EA 241 78.58 12.16 142.68
C LEU EA 241 78.21 12.74 141.31
N GLN EA 242 77.28 13.70 141.28
CA GLN EA 242 77.03 14.43 140.05
C GLN EA 242 77.91 15.67 139.96
N TYR EA 243 78.82 15.83 140.91
CA TYR EA 243 79.78 16.93 140.86
C TYR EA 243 81.15 16.43 140.44
N LEU EA 244 81.52 15.23 140.87
CA LEU EA 244 82.82 14.66 140.52
C LEU EA 244 82.84 14.15 139.08
N ALA EA 245 81.67 13.76 138.57
CA ALA EA 245 81.63 13.01 137.30
C ALA EA 245 82.07 13.80 136.08
N PRO EA 246 81.91 15.13 135.98
CA PRO EA 246 82.65 15.84 134.93
C PRO EA 246 84.16 15.83 135.12
N TYR EA 247 84.64 15.86 136.36
CA TYR EA 247 86.09 15.87 136.59
C TYR EA 247 86.65 14.47 136.64
N SER EA 248 85.78 13.46 136.54
CA SER EA 248 86.27 12.09 136.49
C SER EA 248 86.34 11.58 135.06
N GLY EA 249 86.03 12.46 134.10
CA GLY EA 249 86.10 12.08 132.70
C GLY EA 249 87.24 12.75 131.98
N CYS EA 250 87.55 14.00 132.35
CA CYS EA 250 88.73 14.68 131.82
C CYS EA 250 90.01 13.98 132.28
N SER EA 251 89.97 13.34 133.45
CA SER EA 251 91.15 12.62 133.92
C SER EA 251 91.33 11.31 133.17
N MET EA 252 90.29 10.85 132.47
CA MET EA 252 90.45 9.71 131.57
C MET EA 252 90.68 10.17 130.15
N GLY EA 253 90.39 11.44 129.87
CA GLY EA 253 90.68 11.97 128.55
C GLY EA 253 92.00 12.72 128.50
N GLU EA 254 92.71 12.77 129.63
CA GLU EA 254 94.02 13.39 129.64
C GLU EA 254 95.12 12.34 129.63
N TYR EA 255 94.77 11.08 129.83
CA TYR EA 255 95.75 10.01 129.66
C TYR EA 255 96.00 9.76 128.18
N PHE EA 256 95.03 10.06 127.33
CA PHE EA 256 95.24 9.92 125.90
C PHE EA 256 95.90 11.17 125.33
N ARG EA 257 95.76 12.31 126.01
CA ARG EA 257 96.44 13.51 125.55
C ARG EA 257 97.91 13.50 125.98
N ASP EA 258 98.20 12.88 127.12
CA ASP EA 258 99.56 12.87 127.65
C ASP EA 258 100.45 11.90 126.87
N ASN EA 259 99.84 10.91 126.23
CA ASN EA 259 100.61 9.86 125.54
C ASN EA 259 100.46 9.93 124.02
N GLY EA 260 100.41 11.12 123.45
CA GLY EA 260 100.50 11.28 122.01
C GLY EA 260 99.28 10.86 121.22
N LYS EA 261 98.19 10.50 121.87
CA LYS EA 261 96.99 10.05 121.19
C LYS EA 261 95.98 11.19 121.12
N HIS EA 262 94.80 10.90 120.57
CA HIS EA 262 93.76 11.89 120.40
C HIS EA 262 92.52 11.43 121.15
N ALA EA 263 91.63 12.36 121.48
CA ALA EA 263 90.48 12.05 122.31
C ALA EA 263 89.32 12.98 122.01
N LEU EA 264 88.16 12.65 122.58
CA LEU EA 264 86.93 13.41 122.48
C LEU EA 264 86.13 13.16 123.75
N ILE EA 265 85.46 14.18 124.27
CA ILE EA 265 84.64 14.06 125.47
C ILE EA 265 83.36 14.86 125.29
N ILE EA 266 82.27 14.34 125.86
CA ILE EA 266 80.94 14.95 125.75
C ILE EA 266 80.31 14.98 127.13
N TYR EA 267 79.99 16.18 127.60
CA TYR EA 267 79.33 16.38 128.89
C TYR EA 267 77.84 16.53 128.66
N ASP EA 268 77.06 15.55 129.12
CA ASP EA 268 75.63 15.53 128.88
C ASP EA 268 74.90 15.39 130.21
N ASP EA 269 74.56 16.51 130.86
CA ASP EA 269 74.86 17.87 130.40
C ASP EA 269 75.34 18.75 131.55
N LEU EA 270 75.97 19.87 131.22
CA LEU EA 270 76.64 20.70 132.20
C LEU EA 270 75.68 21.57 132.99
N SER EA 271 74.44 21.69 132.52
CA SER EA 271 73.46 22.48 133.26
C SER EA 271 72.83 21.70 134.41
N LYS EA 272 73.18 20.42 134.58
CA LYS EA 272 72.77 19.63 135.73
C LYS EA 272 73.92 19.40 136.69
N GLN EA 273 75.07 20.00 136.45
CA GLN EA 273 76.17 20.02 137.40
C GLN EA 273 76.16 21.26 138.27
N ALA EA 274 75.77 22.39 137.70
CA ALA EA 274 75.59 23.62 138.47
C ALA EA 274 74.42 23.53 139.45
N VAL EA 275 73.47 22.63 139.21
CA VAL EA 275 72.35 22.42 140.12
C VAL EA 275 72.71 21.45 141.23
N ALA EA 276 73.47 20.39 140.92
CA ALA EA 276 73.93 19.46 141.93
C ALA EA 276 75.01 20.03 142.82
N TYR EA 277 75.63 21.14 142.42
CA TYR EA 277 76.61 21.85 143.22
C TYR EA 277 76.00 22.97 144.05
N ARG EA 278 74.89 23.56 143.58
CA ARG EA 278 74.17 24.56 144.35
C ARG EA 278 73.55 23.97 145.61
N GLN EA 279 73.05 22.73 145.52
CA GLN EA 279 72.48 22.07 146.68
C GLN EA 279 73.54 21.80 147.75
N MET EA 280 74.74 21.43 147.33
CA MET EA 280 75.82 21.21 148.28
C MET EA 280 76.28 22.51 148.93
N SER EA 281 76.20 23.63 148.23
CA SER EA 281 76.61 24.91 148.81
C SER EA 281 75.63 25.38 149.88
N LEU EA 282 74.34 25.46 149.55
CA LEU EA 282 73.34 26.01 150.46
C LEU EA 282 73.06 25.12 151.66
N LEU EA 283 73.50 23.87 151.65
CA LEU EA 283 73.43 23.04 152.84
C LEU EA 283 74.67 23.15 153.70
N LEU EA 284 75.75 23.71 153.17
CA LEU EA 284 76.96 24.00 153.92
C LEU EA 284 77.02 25.44 154.41
N ARG EA 285 75.93 26.20 154.20
CA ARG EA 285 75.77 27.59 154.61
C ARG EA 285 76.86 28.48 154.00
N ARG EA 286 76.82 28.57 152.68
CA ARG EA 286 77.70 29.49 151.97
C ARG EA 286 76.88 30.66 151.45
N PRO EA 287 77.48 31.84 151.30
CA PRO EA 287 76.72 33.02 150.86
C PRO EA 287 76.22 32.89 149.44
N PRO EA 288 74.92 33.02 149.23
CA PRO EA 288 74.34 32.85 147.89
C PRO EA 288 74.61 34.06 147.00
N GLY EA 289 74.10 33.97 145.78
CA GLY EA 289 74.24 35.03 144.81
C GLY EA 289 73.06 35.03 143.86
N ARG EA 290 73.31 35.32 142.58
CA ARG EA 290 72.22 35.41 141.62
C ARG EA 290 71.65 34.03 141.34
N GLU EA 291 70.32 33.91 141.48
CA GLU EA 291 69.57 32.65 141.37
C GLU EA 291 70.07 31.59 142.34
N ALA EA 292 70.47 32.02 143.53
CA ALA EA 292 70.96 31.21 144.65
C ALA EA 292 72.17 30.36 144.30
N TYR EA 293 72.92 30.71 143.25
CA TYR EA 293 74.18 30.06 142.96
C TYR EA 293 75.29 30.71 143.79
N PRO EA 294 76.31 29.96 144.18
CA PRO EA 294 77.41 30.56 144.95
C PRO EA 294 78.27 31.51 144.13
N GLY EA 295 79.27 32.11 144.74
CA GLY EA 295 80.09 33.07 144.05
C GLY EA 295 81.11 32.48 143.09
N ASP EA 296 81.33 31.18 143.16
CA ASP EA 296 82.35 30.53 142.35
C ASP EA 296 81.77 29.46 141.43
N VAL EA 297 80.71 29.76 140.70
CA VAL EA 297 80.22 28.82 139.69
C VAL EA 297 80.91 29.08 138.35
N PHE EA 298 81.50 30.27 138.19
CA PHE EA 298 82.35 30.51 137.03
C PHE EA 298 83.66 29.76 137.17
N TYR EA 299 84.17 29.65 138.40
CA TYR EA 299 85.41 28.94 138.63
C TYR EA 299 85.20 27.43 138.61
N LEU EA 300 83.94 26.99 138.60
CA LEU EA 300 83.65 25.56 138.52
C LEU EA 300 83.70 25.06 137.08
N HIS EA 301 83.28 25.90 136.13
CA HIS EA 301 83.20 25.45 134.75
C HIS EA 301 84.44 25.85 133.96
N SER EA 302 85.13 26.90 134.39
CA SER EA 302 86.31 27.35 133.67
C SER EA 302 87.45 26.35 133.80
N ARG EA 303 87.69 25.83 135.00
CA ARG EA 303 88.83 24.94 135.18
C ARG EA 303 88.51 23.51 134.74
N LEU EA 304 87.33 23.29 134.15
CA LEU EA 304 87.02 22.01 133.53
C LEU EA 304 87.18 22.07 132.02
N LEU EA 305 86.87 23.22 131.43
CA LEU EA 305 86.95 23.34 129.97
C LEU EA 305 88.34 23.77 129.53
N GLU EA 306 89.12 24.37 130.44
CA GLU EA 306 90.47 24.80 130.06
C GLU EA 306 91.43 23.62 130.02
N ARG EA 307 90.99 22.43 130.43
CA ARG EA 307 91.84 21.26 130.35
C ARG EA 307 91.85 20.66 128.94
N ALA EA 308 91.00 21.17 128.05
CA ALA EA 308 91.05 20.77 126.65
C ALA EA 308 92.08 21.61 125.91
N ALA EA 309 93.10 20.93 125.36
CA ALA EA 309 94.22 21.65 124.77
C ALA EA 309 94.78 20.86 123.60
N LYS EA 310 95.43 21.58 122.68
CA LYS EA 310 96.16 20.99 121.56
C LYS EA 310 97.65 21.07 121.90
N MET EA 311 98.23 19.96 122.29
CA MET EA 311 99.64 19.96 122.65
C MET EA 311 100.52 20.02 121.41
N ASN EA 312 101.79 20.34 121.62
CA ASN EA 312 102.75 20.50 120.54
C ASN EA 312 103.62 19.25 120.42
N ASP EA 313 104.59 19.30 119.51
CA ASP EA 313 105.36 18.11 119.17
C ASP EA 313 106.42 17.77 120.21
N ALA EA 314 106.87 18.76 120.98
CA ALA EA 314 107.87 18.51 122.01
C ALA EA 314 107.31 17.76 123.21
N PHE EA 315 105.99 17.78 123.40
CA PHE EA 315 105.34 17.08 124.50
C PHE EA 315 104.62 15.82 124.06
N GLY EA 316 104.47 15.59 122.75
CA GLY EA 316 103.82 14.39 122.27
C GLY EA 316 102.90 14.60 121.08
N GLY EA 317 102.31 15.79 120.97
CA GLY EA 317 101.39 16.05 119.90
C GLY EA 317 99.96 15.62 120.16
N GLY EA 318 99.59 15.38 121.41
CA GLY EA 318 98.26 14.93 121.75
C GLY EA 318 97.22 16.04 121.62
N SER EA 319 96.00 15.71 122.00
CA SER EA 319 94.88 16.62 121.88
C SER EA 319 93.76 16.18 122.82
N LEU EA 320 92.79 17.07 123.00
CA LEU EA 320 91.57 16.79 123.75
C LEU EA 320 90.51 17.75 123.26
N THR EA 321 89.37 17.21 122.84
CA THR EA 321 88.28 17.99 122.28
C THR EA 321 87.07 17.86 123.19
N ALA EA 322 86.41 18.97 123.48
CA ALA EA 322 85.36 19.00 124.48
C ALA EA 322 84.08 19.57 123.88
N LEU EA 323 82.99 18.82 124.02
CA LEU EA 323 81.68 19.24 123.56
C LEU EA 323 80.71 19.24 124.74
N PRO EA 324 80.44 20.39 125.35
CA PRO EA 324 79.44 20.43 126.43
C PRO EA 324 78.04 20.70 125.92
N VAL EA 325 77.03 20.09 126.55
CA VAL EA 325 75.64 20.30 126.20
C VAL EA 325 75.03 21.20 127.27
N ILE EA 326 74.23 22.18 126.85
CA ILE EA 326 73.60 23.13 127.75
C ILE EA 326 72.15 23.28 127.33
N GLU EA 327 71.22 23.10 128.27
CA GLU EA 327 69.79 23.22 128.02
C GLU EA 327 69.31 24.59 128.46
N THR EA 328 68.80 25.37 127.51
CA THR EA 328 68.20 26.64 127.89
C THR EA 328 66.73 26.42 128.23
N GLN EA 329 66.11 27.48 128.76
CA GLN EA 329 64.69 27.48 129.08
C GLN EA 329 64.03 28.60 128.29
N ALA EA 330 63.11 28.21 127.40
CA ALA EA 330 62.38 29.10 126.49
C ALA EA 330 63.32 29.90 125.57
N GLY EA 331 64.48 29.33 125.25
CA GLY EA 331 65.41 29.97 124.35
C GLY EA 331 66.06 31.24 124.87
N ASP EA 332 66.20 31.36 126.19
CA ASP EA 332 66.83 32.51 126.81
C ASP EA 332 68.25 32.10 127.17
N VAL EA 333 69.21 32.51 126.34
CA VAL EA 333 70.63 32.26 126.63
C VAL EA 333 71.23 33.29 127.55
N SER EA 334 70.47 34.30 127.97
CA SER EA 334 70.97 35.37 128.83
C SER EA 334 70.73 35.07 130.30
N ALA EA 335 70.64 33.81 130.67
CA ALA EA 335 70.52 33.39 132.05
C ALA EA 335 71.89 33.38 132.70
N TYR EA 336 72.00 32.78 133.89
CA TYR EA 336 73.28 32.80 134.57
C TYR EA 336 74.26 31.79 133.99
N ILE EA 337 73.88 30.52 133.98
CA ILE EA 337 74.75 29.44 133.48
C ILE EA 337 74.84 29.44 131.96
N PRO EA 338 73.77 29.74 131.16
CA PRO EA 338 74.02 29.93 129.72
C PRO EA 338 74.88 31.11 129.30
N THR EA 339 75.26 32.01 130.21
CA THR EA 339 76.23 33.04 129.87
C THR EA 339 77.61 32.79 130.42
N ASN EA 340 77.75 31.92 131.43
CA ASN EA 340 79.08 31.51 131.86
C ASN EA 340 79.76 30.66 130.81
N VAL EA 341 79.07 29.63 130.31
CA VAL EA 341 79.70 28.66 129.44
C VAL EA 341 79.81 29.19 128.02
N ILE EA 342 79.02 30.21 127.66
CA ILE EA 342 79.17 30.83 126.35
C ILE EA 342 80.46 31.64 126.28
N SER EA 343 80.79 32.36 127.35
CA SER EA 343 81.97 33.21 127.33
C SER EA 343 83.27 32.45 127.54
N ILE EA 344 83.19 31.19 127.99
CA ILE EA 344 84.38 30.35 128.12
C ILE EA 344 84.75 29.70 126.79
N THR EA 345 83.81 29.05 126.13
CA THR EA 345 84.11 28.25 124.95
C THR EA 345 84.26 29.12 123.71
N ASP EA 346 84.35 28.47 122.55
CA ASP EA 346 84.71 29.10 121.30
C ASP EA 346 83.51 29.42 120.41
N GLY EA 347 82.66 28.44 120.14
CA GLY EA 347 81.48 28.68 119.33
C GLY EA 347 80.33 27.78 119.75
N GLN EA 348 79.13 28.16 119.32
CA GLN EA 348 77.93 27.44 119.73
C GLN EA 348 77.23 26.86 118.51
N ILE EA 349 76.50 25.77 118.73
CA ILE EA 349 75.59 25.22 117.73
C ILE EA 349 74.18 25.33 118.29
N PHE EA 350 73.36 26.18 117.67
CA PHE EA 350 72.08 26.56 118.26
C PHE EA 350 70.94 25.84 117.55
N LEU EA 351 70.42 24.79 118.17
CA LEU EA 351 69.32 23.99 117.64
C LEU EA 351 68.00 24.57 118.12
N GLU EA 352 67.17 25.01 117.19
CA GLU EA 352 65.87 25.61 117.49
C GLU EA 352 64.79 24.54 117.47
N THR EA 353 63.60 24.90 117.94
CA THR EA 353 62.48 23.96 117.93
C THR EA 353 61.52 24.27 116.79
N GLU EA 354 61.55 25.51 116.30
CA GLU EA 354 60.70 25.90 115.17
C GLU EA 354 61.13 25.21 113.89
N LEU EA 355 62.43 25.10 113.65
CA LEU EA 355 62.91 24.47 112.43
C LEU EA 355 62.78 22.96 112.48
N PHE EA 356 62.63 22.40 113.69
CA PHE EA 356 62.52 20.95 113.81
C PHE EA 356 61.19 20.45 113.26
N TYR EA 357 60.14 21.26 113.36
CA TYR EA 357 58.82 20.87 112.89
C TYR EA 357 58.51 21.39 111.50
N LYS EA 358 59.30 22.32 110.99
CA LYS EA 358 59.18 22.79 109.62
C LYS EA 358 59.89 21.88 108.62
N GLY EA 359 60.49 20.80 109.09
CA GLY EA 359 61.12 19.84 108.22
C GLY EA 359 62.62 19.81 108.24
N ILE EA 360 63.27 20.82 108.80
CA ILE EA 360 64.73 20.91 108.83
C ILE EA 360 65.24 20.05 109.97
N ARG EA 361 65.78 18.88 109.63
CA ARG EA 361 66.31 17.96 110.63
C ARG EA 361 67.65 17.42 110.12
N PRO EA 362 68.76 17.64 110.85
CA PRO EA 362 69.02 18.35 112.12
C PRO EA 362 68.80 19.85 112.06
N ALA EA 363 68.18 20.40 113.10
CA ALA EA 363 67.63 21.75 113.06
C ALA EA 363 68.68 22.76 113.50
N ILE EA 364 69.80 22.81 112.81
CA ILE EA 364 70.88 23.73 113.14
C ILE EA 364 70.58 25.08 112.53
N ASN EA 365 70.52 26.11 113.35
CA ASN EA 365 70.40 27.48 112.87
C ASN EA 365 71.80 27.98 112.55
N VAL EA 366 72.06 28.28 111.28
CA VAL EA 366 73.39 28.73 110.88
C VAL EA 366 73.45 30.25 110.89
N GLY EA 367 72.36 30.90 111.30
CA GLY EA 367 72.40 32.35 111.46
C GLY EA 367 73.07 32.76 112.76
N LEU EA 368 72.97 31.92 113.79
CA LEU EA 368 73.49 32.25 115.11
C LEU EA 368 74.63 31.35 115.54
N SER EA 369 74.98 30.34 114.75
CA SER EA 369 76.06 29.42 115.06
C SER EA 369 77.37 29.95 114.50
N VAL EA 370 78.41 29.97 115.33
CA VAL EA 370 79.72 30.45 114.90
C VAL EA 370 80.79 29.48 115.37
N SER EA 371 81.99 29.68 114.87
CA SER EA 371 83.18 28.94 115.29
C SER EA 371 84.38 29.85 115.06
N ARG EA 372 85.19 30.07 116.09
CA ARG EA 372 86.23 31.09 115.99
C ARG EA 372 87.61 30.49 115.73
N VAL EA 373 87.68 29.20 115.46
CA VAL EA 373 88.87 28.71 114.77
C VAL EA 373 88.73 28.94 113.28
N GLY EA 374 87.51 29.18 112.82
CA GLY EA 374 87.25 29.55 111.46
C GLY EA 374 87.43 28.42 110.47
N SER EA 375 87.93 28.80 109.30
CA SER EA 375 88.18 27.86 108.21
C SER EA 375 89.53 27.16 108.31
N ALA EA 376 90.27 27.37 109.39
CA ALA EA 376 91.58 26.75 109.54
C ALA EA 376 91.51 25.32 110.05
N ALA EA 377 90.32 24.74 110.15
CA ALA EA 377 90.17 23.35 110.55
C ALA EA 377 89.47 22.52 109.49
N GLN EA 378 89.22 23.09 108.32
CA GLN EA 378 88.64 22.38 107.19
C GLN EA 378 89.76 21.86 106.29
N THR EA 379 89.49 20.75 105.63
CA THR EA 379 90.41 20.26 104.60
C THR EA 379 90.34 21.16 103.37
N ARG EA 380 91.30 20.99 102.48
CA ARG EA 380 91.37 21.84 101.28
C ARG EA 380 90.24 21.57 100.31
N ALA EA 381 89.70 20.35 100.29
CA ALA EA 381 88.57 20.05 99.40
C ALA EA 381 87.30 20.70 99.92
N MET EA 382 87.02 20.55 101.22
CA MET EA 382 85.79 21.10 101.78
C MET EA 382 85.82 22.62 101.84
N LYS EA 383 87.02 23.20 101.97
CA LYS EA 383 87.12 24.65 102.13
C LYS EA 383 86.77 25.38 100.83
N GLN EA 384 87.01 24.72 99.68
CA GLN EA 384 86.88 25.42 98.41
C GLN EA 384 85.42 25.59 98.01
N VAL EA 385 84.60 24.57 98.27
CA VAL EA 385 83.19 24.64 97.84
C VAL EA 385 82.33 25.32 98.90
N ALA EA 386 82.67 25.13 100.18
CA ALA EA 386 81.79 25.63 101.24
C ALA EA 386 82.01 27.11 101.50
N GLY EA 387 83.08 27.68 100.95
CA GLY EA 387 83.30 29.11 101.10
C GLY EA 387 82.31 29.92 100.29
N THR EA 388 81.81 29.35 99.20
CA THR EA 388 80.80 30.03 98.41
C THR EA 388 79.41 29.68 98.91
N MET EA 389 79.24 28.46 99.44
CA MET EA 389 77.97 28.02 100.01
C MET EA 389 77.58 28.86 101.22
N LYS EA 390 78.57 29.16 102.07
CA LYS EA 390 78.34 30.04 103.22
C LYS EA 390 77.94 31.44 102.79
N LEU EA 391 78.52 31.92 101.70
CA LEU EA 391 78.11 33.22 101.16
C LEU EA 391 76.76 33.13 100.45
N GLU EA 392 76.47 31.97 99.84
CA GLU EA 392 75.21 31.83 99.11
C GLU EA 392 74.03 31.70 100.07
N LEU EA 393 74.20 30.94 101.16
CA LEU EA 393 73.13 30.78 102.15
C LEU EA 393 72.88 32.07 102.90
N ALA EA 394 73.93 32.86 103.15
CA ALA EA 394 73.78 34.10 103.90
C ALA EA 394 73.06 35.16 103.09
N GLN EA 395 73.12 35.06 101.76
CA GLN EA 395 72.34 35.97 100.93
C GLN EA 395 70.88 35.54 100.86
N TYR EA 396 70.63 34.25 101.11
CA TYR EA 396 69.25 33.76 101.10
C TYR EA 396 68.51 34.17 102.35
N ARG EA 397 69.19 34.18 103.51
CA ARG EA 397 68.53 34.48 104.77
C ARG EA 397 68.16 35.95 104.88
N GLU EA 398 68.78 36.79 104.05
CA GLU EA 398 68.35 38.18 103.94
C GLU EA 398 66.99 38.28 103.28
N VAL EA 399 66.74 37.44 102.27
CA VAL EA 399 65.53 37.54 101.47
C VAL EA 399 64.57 36.38 101.74
N ALA EA 400 64.60 35.81 102.94
CA ALA EA 400 63.66 34.73 103.26
C ALA EA 400 62.26 35.26 103.52
N ALA EA 401 62.14 36.54 103.88
CA ALA EA 401 60.85 37.13 104.21
C ALA EA 401 60.05 37.56 102.98
N PHE EA 402 60.59 37.39 101.77
CA PHE EA 402 59.87 37.70 100.55
C PHE EA 402 59.30 36.46 99.87
N ALA EA 403 59.50 35.28 100.45
CA ALA EA 403 59.10 34.04 99.80
C ALA EA 403 57.60 33.80 99.88
N GLN EA 404 56.94 34.30 100.93
CA GLN EA 404 55.53 33.97 101.16
C GLN EA 404 54.64 34.66 100.14
N PHE EA 405 54.94 35.91 99.79
CA PHE EA 405 54.29 36.58 98.67
C PHE EA 405 55.39 37.22 97.80
N GLY EA 406 55.98 36.40 96.94
CA GLY EA 406 56.87 36.94 95.93
C GLY EA 406 56.71 36.31 94.55
N SER EA 407 56.24 37.11 93.60
CA SER EA 407 56.36 36.80 92.18
C SER EA 407 56.73 38.01 91.35
N ASP EA 408 56.59 39.22 91.89
CA ASP EA 408 56.93 40.47 91.23
C ASP EA 408 58.27 41.00 91.73
N LEU EA 409 59.32 40.22 91.50
CA LEU EA 409 60.65 40.60 91.93
C LEU EA 409 61.63 40.42 90.77
N ASP EA 410 62.87 40.83 91.00
CA ASP EA 410 63.88 40.76 89.97
C ASP EA 410 64.37 39.33 89.80
N ALA EA 411 64.89 39.03 88.61
CA ALA EA 411 65.30 37.67 88.28
C ALA EA 411 66.52 37.23 89.07
N ALA EA 412 67.31 38.18 89.57
CA ALA EA 412 68.38 37.85 90.50
C ALA EA 412 67.81 37.42 91.84
N THR EA 413 66.76 38.10 92.30
CA THR EA 413 66.14 37.76 93.57
C THR EA 413 65.38 36.44 93.47
N GLN EA 414 64.77 36.16 92.32
CA GLN EA 414 64.15 34.86 92.10
C GLN EA 414 65.21 33.76 92.03
N GLN EA 415 66.41 34.10 91.56
CA GLN EA 415 67.50 33.13 91.54
C GLN EA 415 68.03 32.89 92.94
N LEU EA 416 68.12 33.95 93.75
CA LEU EA 416 68.64 33.82 95.12
C LEU EA 416 67.72 32.98 95.99
N LEU EA 417 66.41 33.05 95.73
CA LEU EA 417 65.48 32.15 96.40
C LEU EA 417 65.60 30.73 95.86
N SER EA 418 65.92 30.60 94.57
CA SER EA 418 65.93 29.27 93.94
C SER EA 418 67.12 28.45 94.40
N ARG EA 419 68.25 29.10 94.69
CA ARG EA 419 69.41 28.36 95.15
C ARG EA 419 69.35 28.11 96.66
N GLY EA 420 68.67 28.98 97.39
CA GLY EA 420 68.64 28.84 98.84
C GLY EA 420 67.77 27.69 99.30
N VAL EA 421 66.68 27.42 98.58
CA VAL EA 421 65.82 26.29 98.92
C VAL EA 421 66.52 24.98 98.60
N ARG EA 422 67.25 24.93 97.49
CA ARG EA 422 67.85 23.68 97.05
C ARG EA 422 69.13 23.38 97.80
N LEU EA 423 69.79 24.40 98.34
CA LEU EA 423 70.94 24.15 99.20
C LEU EA 423 70.49 23.68 100.57
N THR EA 424 69.28 24.04 100.97
CA THR EA 424 68.75 23.61 102.26
C THR EA 424 68.45 22.12 102.26
N GLU EA 425 67.94 21.59 101.13
CA GLU EA 425 67.58 20.18 101.06
C GLU EA 425 68.82 19.29 101.07
N LEU EA 426 69.97 19.84 100.71
CA LEU EA 426 71.21 19.08 100.81
C LEU EA 426 71.66 18.97 102.26
N LEU EA 427 71.17 19.85 103.13
CA LEU EA 427 71.67 19.91 104.49
C LEU EA 427 70.89 18.99 105.42
N LYS EA 428 69.69 18.58 105.01
CA LYS EA 428 68.89 17.67 105.82
C LYS EA 428 69.51 16.27 105.79
N GLN EA 429 69.33 15.53 106.88
CA GLN EA 429 70.03 14.27 107.04
C GLN EA 429 69.29 13.41 108.06
N GLY EA 430 69.13 12.13 107.74
CA GLY EA 430 68.50 11.22 108.66
C GLY EA 430 69.39 10.88 109.84
N GLN EA 431 68.78 10.25 110.83
CA GLN EA 431 69.49 9.91 112.06
C GLN EA 431 70.30 8.64 111.88
N TYR EA 432 71.47 8.61 112.55
CA TYR EA 432 72.42 7.49 112.55
C TYR EA 432 72.95 7.16 111.16
N ALA EA 433 73.09 8.16 110.30
CA ALA EA 433 73.72 8.01 109.00
C ALA EA 433 74.81 9.06 108.84
N PRO EA 434 76.01 8.81 109.37
CA PRO EA 434 77.10 9.77 109.18
C PRO EA 434 77.87 9.50 107.89
N MET EA 435 78.23 10.55 107.17
CA MET EA 435 78.82 10.40 105.85
C MET EA 435 80.34 10.55 105.92
N ALA EA 436 80.98 10.50 104.75
CA ALA EA 436 82.40 10.74 104.62
C ALA EA 436 82.64 12.11 104.02
N ILE EA 437 83.84 12.65 104.22
CA ILE EA 437 84.14 13.99 103.75
C ILE EA 437 84.26 14.01 102.23
N GLU EA 438 84.70 12.90 101.63
CA GLU EA 438 84.81 12.83 100.18
C GLU EA 438 83.44 12.70 99.53
N GLU EA 439 82.48 12.08 100.21
CA GLU EA 439 81.12 12.04 99.70
C GLU EA 439 80.40 13.35 100.01
N GLN EA 440 80.80 14.03 101.07
CA GLN EA 440 80.17 15.31 101.43
C GLN EA 440 80.53 16.40 100.43
N VAL EA 441 81.77 16.41 99.96
CA VAL EA 441 82.23 17.47 99.07
C VAL EA 441 81.62 17.29 97.69
N ALA EA 442 81.28 16.07 97.31
CA ALA EA 442 80.70 15.82 95.99
C ALA EA 442 79.26 16.31 95.92
N VAL EA 443 78.50 16.14 97.00
CA VAL EA 443 77.10 16.56 97.01
C VAL EA 443 77.00 18.08 97.05
N ILE EA 444 77.92 18.73 97.77
CA ILE EA 444 77.96 20.19 97.80
C ILE EA 444 78.39 20.73 96.44
N TYR EA 445 79.32 20.03 95.78
CA TYR EA 445 79.79 20.44 94.45
C TYR EA 445 78.68 20.33 93.41
N ALA EA 446 77.75 19.39 93.61
CA ALA EA 446 76.63 19.27 92.69
C ALA EA 446 75.66 20.43 92.84
N GLY EA 447 75.64 21.06 94.02
CA GLY EA 447 74.64 22.09 94.27
C GLY EA 447 75.15 23.49 94.06
N VAL EA 448 76.40 23.76 94.46
CA VAL EA 448 76.88 25.14 94.44
C VAL EA 448 77.27 25.58 93.03
N ARG EA 449 77.47 24.63 92.12
CA ARG EA 449 77.86 25.00 90.77
C ARG EA 449 76.67 25.51 89.96
N GLY EA 450 75.52 24.87 90.11
CA GLY EA 450 74.35 25.30 89.39
C GLY EA 450 73.66 24.16 88.68
N TYR EA 451 74.00 22.94 89.06
CA TYR EA 451 73.49 21.73 88.40
C TYR EA 451 72.13 21.30 88.95
N LEU EA 452 71.46 22.13 89.74
CA LEU EA 452 70.19 21.73 90.32
C LEU EA 452 69.07 22.73 90.18
N ASP EA 453 69.27 23.87 89.51
CA ASP EA 453 68.25 24.91 89.46
C ASP EA 453 67.09 24.58 88.54
N LYS EA 454 67.12 23.47 87.83
CA LYS EA 454 66.00 23.01 87.02
C LYS EA 454 65.28 21.81 87.62
N LEU EA 455 65.92 21.08 88.53
CA LEU EA 455 65.25 20.00 89.23
C LEU EA 455 64.26 20.58 90.24
N GLU EA 456 63.13 19.89 90.39
CA GLU EA 456 62.04 20.32 91.26
C GLU EA 456 62.47 20.22 92.73
N PRO EA 457 62.10 21.20 93.56
CA PRO EA 457 62.60 21.25 94.94
C PRO EA 457 62.19 20.08 95.83
N SER EA 458 61.17 19.31 95.45
CA SER EA 458 60.81 18.14 96.23
C SER EA 458 61.67 16.93 95.89
N LYS EA 459 62.39 16.97 94.77
CA LYS EA 459 63.12 15.79 94.33
C LYS EA 459 64.58 15.81 94.75
N ILE EA 460 65.00 16.82 95.50
CA ILE EA 460 66.42 17.00 95.81
C ILE EA 460 66.90 15.94 96.80
N THR EA 461 65.98 15.38 97.57
CA THR EA 461 66.35 14.30 98.47
C THR EA 461 66.47 12.98 97.72
N LYS EA 462 65.53 12.70 96.82
CA LYS EA 462 65.55 11.46 96.04
C LYS EA 462 66.72 11.44 95.06
N PHE EA 463 67.07 12.61 94.52
CA PHE EA 463 68.21 12.70 93.62
C PHE EA 463 69.51 12.43 94.35
N GLU EA 464 69.59 12.81 95.63
CA GLU EA 464 70.84 12.73 96.37
C GLU EA 464 71.12 11.30 96.80
N ASN EA 465 70.09 10.57 97.23
CA ASN EA 465 70.29 9.17 97.63
C ASN EA 465 70.54 8.28 96.42
N ALA EA 466 70.03 8.67 95.26
CA ALA EA 466 70.35 7.96 94.03
C ALA EA 466 71.79 8.22 93.60
N PHE EA 467 72.22 9.47 93.73
CA PHE EA 467 73.54 9.86 93.21
C PHE EA 467 74.66 9.33 94.07
N LEU EA 468 74.43 9.20 95.38
CA LEU EA 468 75.48 8.74 96.28
C LEU EA 468 75.76 7.26 96.12
N SER EA 469 74.71 6.46 95.90
CA SER EA 469 74.91 5.03 95.73
C SER EA 469 75.54 4.72 94.37
N HIS EA 470 75.44 5.65 93.43
CA HIS EA 470 76.12 5.49 92.15
C HIS EA 470 77.62 5.64 92.30
N VAL EA 471 78.07 6.72 92.94
CA VAL EA 471 79.49 7.08 92.92
C VAL EA 471 80.29 6.24 93.89
N ILE EA 472 79.62 5.49 94.77
CA ILE EA 472 80.35 4.57 95.64
C ILE EA 472 80.81 3.35 94.86
N SER EA 473 79.95 2.84 93.98
CA SER EA 473 80.28 1.59 93.29
C SER EA 473 80.93 1.86 91.94
N GLN EA 474 80.51 2.90 91.25
CA GLN EA 474 80.98 3.14 89.88
C GLN EA 474 82.04 4.22 89.76
N HIS EA 475 82.30 4.99 90.82
CA HIS EA 475 83.38 5.95 90.77
C HIS EA 475 84.20 5.90 92.05
N GLN EA 476 84.58 4.69 92.47
CA GLN EA 476 85.35 4.52 93.70
C GLN EA 476 86.75 5.07 93.56
N ALA EA 477 87.28 5.12 92.34
CA ALA EA 477 88.64 5.59 92.15
C ALA EA 477 88.73 7.10 92.08
N LEU EA 478 87.60 7.81 92.17
CA LEU EA 478 87.67 9.25 92.31
C LEU EA 478 87.59 9.67 93.78
N LEU EA 479 86.86 8.90 94.60
CA LEU EA 479 86.79 9.14 96.03
C LEU EA 479 87.93 8.47 96.79
N GLY EA 480 89.03 8.18 96.12
CA GLY EA 480 90.28 7.82 96.75
C GLY EA 480 91.33 8.84 96.40
N LYS EA 481 91.02 9.67 95.41
CA LYS EA 481 91.88 10.77 95.00
C LYS EA 481 91.37 12.12 95.50
N ILE EA 482 90.34 12.12 96.35
CA ILE EA 482 90.05 13.26 97.19
C ILE EA 482 90.29 12.95 98.66
N ARG EA 483 90.21 11.68 99.06
CA ARG EA 483 90.52 11.29 100.44
C ARG EA 483 92.01 11.35 100.70
N ALA EA 484 92.82 10.85 99.77
CA ALA EA 484 94.26 10.80 99.96
C ALA EA 484 94.95 12.10 99.55
N ASP EA 485 94.45 12.75 98.49
CA ASP EA 485 95.00 14.03 98.07
C ASP EA 485 94.72 15.12 99.10
N GLY EA 486 93.50 15.14 99.65
CA GLY EA 486 93.08 16.19 100.53
C GLY EA 486 92.49 17.41 99.83
N LYS EA 487 93.02 17.76 98.68
CA LYS EA 487 92.54 18.89 97.89
C LYS EA 487 91.85 18.36 96.65
N ILE EA 488 91.24 19.27 95.91
CA ILE EA 488 90.56 18.94 94.66
C ILE EA 488 91.26 19.72 93.56
N SER EA 489 91.90 18.99 92.66
CA SER EA 489 92.79 19.59 91.67
C SER EA 489 92.03 20.00 90.42
N GLU EA 490 92.79 20.26 89.36
CA GLU EA 490 92.18 20.59 88.08
C GLU EA 490 91.81 19.33 87.30
N GLU EA 491 92.56 18.25 87.50
CA GLU EA 491 92.23 16.98 86.89
C GLU EA 491 90.94 16.41 87.45
N THR EA 492 90.75 16.51 88.77
CA THR EA 492 89.54 16.01 89.41
C THR EA 492 88.36 16.97 89.22
N ASP EA 493 88.65 18.21 88.84
CA ASP EA 493 87.57 19.18 88.62
C ASP EA 493 86.84 18.87 87.33
N ALA EA 494 87.56 18.43 86.30
CA ALA EA 494 86.92 18.03 85.06
C ALA EA 494 86.31 16.65 85.20
N LYS EA 495 86.95 15.76 85.95
CA LYS EA 495 86.49 14.38 86.08
C LYS EA 495 85.18 14.32 86.87
N LEU EA 496 85.01 15.20 87.86
CA LEU EA 496 83.73 15.31 88.56
C LEU EA 496 82.70 16.05 87.72
N LYS EA 497 83.13 16.78 86.70
CA LYS EA 497 82.20 17.65 85.98
C LYS EA 497 81.30 16.85 85.03
N GLU EA 498 81.84 15.84 84.35
CA GLU EA 498 81.00 15.05 83.47
C GLU EA 498 80.22 13.99 84.24
N ILE EA 499 80.58 13.75 85.50
CA ILE EA 499 79.88 12.75 86.29
C ILE EA 499 78.48 13.22 86.65
N VAL EA 500 78.37 14.45 87.15
CA VAL EA 500 77.06 14.97 87.53
C VAL EA 500 76.28 15.45 86.31
N THR EA 501 76.93 15.48 85.14
CA THR EA 501 76.20 15.78 83.92
C THR EA 501 75.69 14.50 83.27
N ASN EA 502 76.40 13.39 83.48
CA ASN EA 502 75.94 12.10 82.98
C ASN EA 502 74.75 11.60 83.79
N PHE EA 503 74.78 11.81 85.11
CA PHE EA 503 73.70 11.31 85.96
C PHE EA 503 72.45 12.16 85.82
N LEU EA 504 72.62 13.47 85.66
CA LEU EA 504 71.47 14.36 85.58
C LEU EA 504 70.74 14.21 84.25
N ALA EA 505 71.43 13.75 83.20
CA ALA EA 505 70.83 13.62 81.88
C ALA EA 505 69.76 12.53 81.87
N GLY EA 506 70.15 11.29 82.11
CA GLY EA 506 69.15 10.28 82.38
C GLY EA 506 69.02 10.03 83.87
N PHE EA 507 68.06 10.72 84.51
CA PHE EA 507 67.86 10.55 85.94
C PHE EA 507 66.43 10.10 86.23
N GLU EA 508 65.47 10.80 85.67
CA GLU EA 508 64.06 10.63 85.99
C GLU EA 508 63.55 9.36 85.30
N ALA EA 509 63.48 8.28 86.06
CA ALA EA 509 62.99 7.01 85.52
C ALA EA 509 62.30 6.18 86.60
N LYS FA 1 73.78 34.91 170.00
CA LYS FA 1 74.13 35.61 171.23
C LYS FA 1 75.52 35.22 171.70
N THR FA 2 76.54 35.89 171.16
CA THR FA 2 77.92 35.63 171.55
C THR FA 2 78.67 36.88 171.99
N GLY FA 3 78.14 38.07 171.73
CA GLY FA 3 78.76 39.29 172.20
C GLY FA 3 79.93 39.76 171.36
N THR FA 4 79.98 41.06 171.08
CA THR FA 4 81.12 41.58 170.34
C THR FA 4 82.35 41.71 171.22
N ALA FA 5 82.14 42.09 172.49
CA ALA FA 5 83.22 42.29 173.44
C ALA FA 5 83.26 41.16 174.47
N GLU FA 6 83.00 39.94 174.02
CA GLU FA 6 83.24 38.75 174.81
C GLU FA 6 84.57 38.09 174.44
N VAL FA 7 85.45 38.80 173.73
CA VAL FA 7 86.70 38.21 173.30
C VAL FA 7 87.67 38.13 174.47
N SER FA 8 88.70 37.30 174.30
CA SER FA 8 89.64 37.01 175.37
C SER FA 8 90.58 38.17 175.67
N SER FA 9 90.76 39.10 174.74
CA SER FA 9 91.62 40.25 174.98
C SER FA 9 90.96 41.31 175.85
N ILE FA 10 89.64 41.25 176.03
CA ILE FA 10 88.93 42.16 176.90
C ILE FA 10 88.51 41.51 178.21
N LEU FA 11 88.27 40.19 178.21
CA LEU FA 11 88.02 39.47 179.45
C LEU FA 11 89.28 39.43 180.31
N GLU FA 12 90.46 39.41 179.69
CA GLU FA 12 91.72 39.37 180.43
C GLU FA 12 91.99 40.66 181.19
N GLU FA 13 91.52 41.81 180.68
CA GLU FA 13 91.65 43.06 181.41
C GLU FA 13 90.78 43.07 182.66
N ARG FA 14 89.67 42.32 182.64
CA ARG FA 14 88.77 42.28 183.77
C ARG FA 14 89.12 41.17 184.75
N ILE FA 15 89.64 40.04 184.26
CA ILE FA 15 89.84 38.87 185.12
C ILE FA 15 91.18 38.94 185.85
N LEU FA 16 92.07 39.83 185.44
CA LEU FA 16 93.37 40.01 186.08
C LEU FA 16 93.40 41.31 186.89
N GLY FA 17 92.31 41.62 187.58
CA GLY FA 17 92.21 42.87 188.30
C GLY FA 17 91.74 44.00 187.41
N ALA FA 18 90.82 44.83 187.92
CA ALA FA 18 90.35 45.99 187.17
C ALA FA 18 91.49 46.98 187.02
N ASP FA 19 92.04 47.06 185.82
CA ASP FA 19 93.33 47.70 185.61
C ASP FA 19 93.20 49.21 185.63
N THR FA 20 94.23 49.88 186.16
CA THR FA 20 94.16 51.31 186.40
C THR FA 20 94.79 52.12 185.27
N SER FA 21 95.81 51.59 184.61
CA SER FA 21 96.49 52.36 183.56
C SER FA 21 95.88 52.11 182.18
N VAL FA 22 94.55 52.16 182.14
CA VAL FA 22 93.77 52.26 180.91
C VAL FA 22 92.67 53.27 181.20
N ASP FA 23 92.45 54.20 180.28
CA ASP FA 23 91.55 55.31 180.56
C ASP FA 23 90.09 54.86 180.56
N LEU FA 24 89.62 54.33 179.43
CA LEU FA 24 88.27 53.82 179.19
C LEU FA 24 87.18 54.86 179.41
N GLU FA 25 87.50 56.15 179.35
CA GLU FA 25 86.51 57.21 179.42
C GLU FA 25 86.65 58.25 178.32
N GLU FA 26 87.88 58.54 177.88
CA GLU FA 26 88.12 59.43 176.76
C GLU FA 26 88.88 58.79 175.63
N THR FA 27 89.49 57.63 175.83
CA THR FA 27 90.21 56.91 174.78
C THR FA 27 89.86 55.43 174.84
N GLY FA 28 89.75 54.81 173.67
CA GLY FA 28 89.49 53.39 173.57
C GLY FA 28 90.31 52.72 172.50
N ARG FA 29 90.12 51.42 172.32
CA ARG FA 29 90.88 50.63 171.35
C ARG FA 29 90.04 50.41 170.10
N VAL FA 30 90.53 49.58 169.18
CA VAL FA 30 89.78 49.18 168.00
C VAL FA 30 89.77 47.66 167.94
N LEU FA 31 88.58 47.06 167.97
CA LEU FA 31 88.46 45.61 168.00
C LEU FA 31 88.47 44.98 166.62
N SER FA 32 87.85 45.64 165.63
CA SER FA 32 87.79 45.09 164.28
C SER FA 32 87.55 46.23 163.29
N ILE FA 33 87.91 45.98 162.04
CA ILE FA 33 87.90 46.99 160.99
C ILE FA 33 87.91 46.25 159.66
N GLY FA 34 87.33 46.88 158.64
CA GLY FA 34 87.49 46.39 157.28
C GLY FA 34 86.29 46.59 156.37
N ASP FA 35 85.09 46.67 156.93
CA ASP FA 35 83.89 46.91 156.14
C ASP FA 35 83.48 48.37 156.16
N GLY FA 36 84.43 49.29 156.26
CA GLY FA 36 84.03 50.65 156.56
C GLY FA 36 84.14 50.94 158.04
N ILE FA 37 83.05 50.69 158.77
CA ILE FA 37 82.96 50.98 160.20
C ILE FA 37 84.00 50.18 160.98
N ALA FA 38 84.36 50.72 162.15
CA ALA FA 38 85.25 50.08 163.10
C ALA FA 38 84.50 49.83 164.39
N ARG FA 39 84.90 48.79 165.11
CA ARG FA 39 84.28 48.42 166.39
C ARG FA 39 85.22 48.88 167.50
N VAL FA 40 84.90 50.00 168.12
CA VAL FA 40 85.76 50.62 169.11
C VAL FA 40 85.25 50.27 170.51
N HIS FA 41 86.11 49.69 171.33
CA HIS FA 41 85.76 49.32 172.69
C HIS FA 41 86.21 50.41 173.65
N GLY FA 42 85.32 50.78 174.57
CA GLY FA 42 85.60 51.87 175.48
C GLY FA 42 84.87 53.13 175.08
N LEU FA 43 85.51 54.29 175.31
CA LEU FA 43 85.01 55.62 174.94
C LEU FA 43 83.64 55.89 175.55
N ARG FA 44 83.56 55.72 176.86
CA ARG FA 44 82.28 55.74 177.57
C ARG FA 44 81.69 57.13 177.75
N ASN FA 45 82.32 58.18 177.23
CA ASN FA 45 81.75 59.52 177.28
C ASN FA 45 81.56 60.12 175.90
N VAL FA 46 81.49 59.29 174.86
CA VAL FA 46 81.34 59.81 173.50
C VAL FA 46 79.90 60.23 173.31
N GLN FA 47 79.69 61.28 172.51
CA GLN FA 47 78.34 61.65 172.14
C GLN FA 47 77.95 60.95 170.84
N ALA FA 48 76.73 61.18 170.39
CA ALA FA 48 76.31 60.72 169.08
C ALA FA 48 76.64 61.78 168.05
N GLU FA 49 77.14 61.34 166.88
CA GLU FA 49 77.63 62.19 165.80
C GLU FA 49 78.73 63.13 166.28
N GLU FA 50 79.72 62.57 166.96
CA GLU FA 50 80.87 63.34 167.46
C GLU FA 50 82.12 62.85 166.76
N MET FA 51 82.91 63.78 166.21
CA MET FA 51 84.12 63.42 165.50
C MET FA 51 85.19 62.92 166.45
N VAL FA 52 85.82 61.81 166.10
CA VAL FA 52 86.95 61.28 166.86
C VAL FA 52 88.18 61.34 165.97
N GLU FA 53 89.33 60.99 166.55
CA GLU FA 53 90.60 60.99 165.84
C GLU FA 53 91.33 59.69 166.07
N PHE FA 54 91.81 59.08 164.99
CA PHE FA 54 92.58 57.85 165.10
C PHE FA 54 94.06 58.16 165.30
N SER FA 55 94.85 57.11 165.56
CA SER FA 55 96.27 57.30 165.79
C SER FA 55 97.03 57.50 164.47
N SER FA 56 96.38 57.21 163.35
CA SER FA 56 97.01 57.42 162.05
C SER FA 56 96.77 58.83 161.52
N GLY FA 57 95.89 59.59 162.16
CA GLY FA 57 95.55 60.92 161.67
C GLY FA 57 94.25 61.02 160.91
N LEU FA 58 93.40 59.99 160.97
CA LEU FA 58 92.13 59.98 160.26
C LEU FA 58 91.02 60.43 161.19
N LYS FA 59 90.12 61.26 160.68
CA LYS FA 59 88.92 61.61 161.43
C LYS FA 59 87.87 60.52 161.24
N GLY FA 60 87.02 60.36 162.24
CA GLY FA 60 85.92 59.41 162.16
C GLY FA 60 84.74 59.91 162.96
N MET FA 61 83.54 59.56 162.50
CA MET FA 61 82.30 60.03 163.09
C MET FA 61 81.69 58.91 163.93
N SER FA 62 81.24 59.26 165.13
CA SER FA 62 80.62 58.30 166.05
C SER FA 62 79.15 58.15 165.69
N LEU FA 63 78.85 57.07 164.97
CA LEU FA 63 77.52 56.91 164.38
C LEU FA 63 76.58 56.16 165.29
N ASN FA 64 77.05 55.06 165.89
CA ASN FA 64 76.20 54.04 166.45
C ASN FA 64 76.72 53.62 167.82
N LEU FA 65 76.01 54.00 168.87
CA LEU FA 65 76.41 53.71 170.25
C LEU FA 65 75.68 52.49 170.74
N GLU FA 66 76.41 51.60 171.40
CA GLU FA 66 75.89 50.32 171.88
C GLU FA 66 76.36 50.14 173.32
N PRO FA 67 75.77 49.20 174.06
CA PRO FA 67 76.27 48.95 175.43
C PRO FA 67 77.66 48.33 175.48
N ASP FA 68 78.11 47.70 174.40
CA ASP FA 68 79.47 47.15 174.39
C ASP FA 68 80.44 48.11 173.70
N ASN FA 69 80.15 48.49 172.47
CA ASN FA 69 81.15 49.13 171.62
C ASN FA 69 80.57 50.37 170.97
N VAL FA 70 81.40 51.02 170.17
CA VAL FA 70 81.01 52.17 169.35
C VAL FA 70 81.38 51.85 167.92
N GLY FA 71 80.49 52.16 166.98
CA GLY FA 71 80.74 51.99 165.56
C GLY FA 71 81.09 53.32 164.91
N VAL FA 72 82.34 53.44 164.47
CA VAL FA 72 82.87 54.69 163.95
C VAL FA 72 82.95 54.61 162.43
N VAL FA 73 82.25 55.53 161.75
CA VAL FA 73 82.36 55.63 160.30
C VAL FA 73 83.65 56.36 159.95
N VAL FA 74 84.50 55.71 159.15
CA VAL FA 74 85.86 56.17 158.91
C VAL FA 74 85.88 57.02 157.64
N PHE FA 75 86.31 58.27 157.77
CA PHE FA 75 86.54 59.13 156.62
C PHE FA 75 87.91 58.82 156.02
N GLY FA 76 87.94 58.62 154.72
CA GLY FA 76 89.16 58.21 154.05
C GLY FA 76 89.31 56.70 154.01
N ASN FA 77 90.52 56.29 153.65
CA ASN FA 77 90.80 54.87 153.48
C ASN FA 77 90.91 54.18 154.83
N ASP FA 78 90.63 52.87 154.84
CA ASP FA 78 90.72 52.08 156.05
C ASP FA 78 91.85 51.05 156.00
N LYS FA 79 92.88 51.31 155.20
CA LYS FA 79 94.07 50.45 155.23
C LYS FA 79 95.00 50.88 156.37
N LEU FA 80 94.97 52.17 156.71
CA LEU FA 80 95.90 52.74 157.68
C LEU FA 80 95.55 52.33 159.10
N ILE FA 81 94.35 51.80 159.31
CA ILE FA 81 93.90 51.43 160.65
C ILE FA 81 94.18 49.95 160.89
N LYS FA 82 94.55 49.62 162.12
CA LYS FA 82 94.87 48.25 162.49
C LYS FA 82 94.13 47.91 163.77
N GLU FA 83 93.85 46.62 163.96
CA GLU FA 83 93.23 46.17 165.20
C GLU FA 83 94.22 46.30 166.35
N GLY FA 84 93.79 46.99 167.40
CA GLY FA 84 94.66 47.28 168.51
C GLY FA 84 95.13 48.71 168.62
N ASP FA 85 94.54 49.63 167.86
CA ASP FA 85 94.95 51.02 167.88
C ASP FA 85 94.41 51.72 169.12
N ILE FA 86 94.53 53.05 169.14
CA ILE FA 86 94.01 53.87 170.22
C ILE FA 86 93.39 55.10 169.58
N VAL FA 87 92.13 55.38 169.91
CA VAL FA 87 91.35 56.44 169.27
C VAL FA 87 90.99 57.48 170.33
N LYS FA 88 91.19 58.75 170.00
CA LYS FA 88 91.00 59.85 170.93
C LYS FA 88 89.70 60.57 170.65
N ARG FA 89 89.12 61.15 171.69
CA ARG FA 89 87.85 61.85 171.62
C ARG FA 89 88.10 63.34 171.50
N THR FA 90 87.57 63.96 170.45
CA THR FA 90 87.77 65.39 170.25
C THR FA 90 86.92 66.19 171.22
N GLY FA 91 85.62 65.94 171.24
CA GLY FA 91 84.74 66.63 172.16
C GLY FA 91 83.75 67.57 171.50
N ALA FA 92 83.57 67.43 170.19
CA ALA FA 92 82.67 68.32 169.46
C ALA FA 92 81.95 67.54 168.36
N ILE FA 93 80.75 68.01 168.03
CA ILE FA 93 80.00 67.49 166.90
C ILE FA 93 80.78 67.81 165.62
N VAL FA 94 80.58 66.99 164.58
CA VAL FA 94 81.25 67.12 163.29
C VAL FA 94 80.95 68.48 162.67
N ASP FA 95 82.00 69.28 162.49
CA ASP FA 95 81.86 70.66 162.06
C ASP FA 95 82.99 71.03 161.11
N VAL FA 96 82.79 72.06 160.29
CA VAL FA 96 83.79 72.44 159.29
C VAL FA 96 84.18 73.89 159.48
N PRO FA 97 85.41 74.26 159.12
CA PRO FA 97 85.78 75.68 159.11
C PRO FA 97 84.99 76.45 158.06
N VAL FA 98 84.60 77.67 158.43
CA VAL FA 98 83.69 78.46 157.62
C VAL FA 98 83.99 79.93 157.87
N GLY FA 99 83.87 80.73 156.83
CA GLY FA 99 84.05 82.17 156.97
C GLY FA 99 84.26 82.82 155.61
N GLU FA 100 84.48 84.14 155.67
CA GLU FA 100 84.75 84.92 154.47
C GLU FA 100 86.11 84.58 153.86
N GLU FA 101 87.01 84.04 154.67
CA GLU FA 101 88.40 83.82 154.27
C GLU FA 101 88.61 82.51 153.52
N LEU FA 102 87.58 81.97 152.88
CA LEU FA 102 87.71 80.77 152.07
C LEU FA 102 87.52 81.04 150.58
N LEU FA 103 87.14 82.25 150.20
CA LEU FA 103 86.86 82.57 148.81
C LEU FA 103 88.14 82.58 148.01
N GLY FA 104 88.36 81.53 147.24
CA GLY FA 104 89.55 81.39 146.42
C GLY FA 104 90.33 80.12 146.62
N ARG FA 105 89.84 79.19 147.42
CA ARG FA 105 90.58 77.98 147.74
C ARG FA 105 89.86 76.77 147.17
N VAL FA 106 90.55 75.64 147.19
CA VAL FA 106 90.00 74.35 146.79
C VAL FA 106 90.26 73.42 147.97
N VAL FA 107 89.20 73.09 148.70
CA VAL FA 107 89.31 72.25 149.88
C VAL FA 107 88.73 70.88 149.55
N ASP FA 108 88.99 69.93 150.44
CA ASP FA 108 88.30 68.66 150.37
C ASP FA 108 87.10 68.71 151.32
N ALA FA 109 86.44 67.56 151.53
CA ALA FA 109 85.14 67.57 152.20
C ALA FA 109 85.25 67.82 153.69
N LEU FA 110 86.43 67.63 154.28
CA LEU FA 110 86.61 67.85 155.71
C LEU FA 110 87.11 69.25 156.04
N GLY FA 111 87.45 70.06 155.04
CA GLY FA 111 87.90 71.41 155.26
C GLY FA 111 89.40 71.60 155.36
N ASN FA 112 90.16 70.87 154.55
CA ASN FA 112 91.60 71.01 154.46
C ASN FA 112 91.96 71.37 153.02
N ALA FA 113 92.97 72.21 152.85
CA ALA FA 113 93.30 72.67 151.50
C ALA FA 113 94.06 71.60 150.74
N ILE FA 114 93.75 71.46 149.45
CA ILE FA 114 94.45 70.53 148.57
C ILE FA 114 94.92 71.28 147.33
N ASP FA 115 95.00 72.60 147.41
CA ASP FA 115 95.56 73.39 146.32
C ASP FA 115 97.00 73.80 146.57
N GLY FA 116 97.56 73.48 147.74
CA GLY FA 116 98.94 73.80 148.05
C GLY FA 116 99.20 75.28 148.24
N LYS FA 117 98.36 75.94 149.03
CA LYS FA 117 98.57 77.36 149.32
C LYS FA 117 98.60 77.65 150.81
N GLY FA 118 98.92 76.67 151.66
CA GLY FA 118 99.02 76.90 153.07
C GLY FA 118 97.68 76.80 153.77
N PRO FA 119 97.65 77.09 155.07
CA PRO FA 119 96.40 77.02 155.82
C PRO FA 119 95.41 78.10 155.40
N ILE FA 120 94.18 77.98 155.93
CA ILE FA 120 93.07 78.75 155.41
C ILE FA 120 92.85 80.02 156.22
N GLY FA 121 93.07 79.97 157.52
CA GLY FA 121 92.80 81.12 158.36
C GLY FA 121 91.33 81.34 158.63
N SER FA 122 90.73 80.42 159.37
CA SER FA 122 89.32 80.48 159.74
C SER FA 122 89.19 80.68 161.24
N LYS FA 123 88.05 81.24 161.65
CA LYS FA 123 87.80 81.55 163.04
C LYS FA 123 86.51 80.99 163.61
N THR FA 124 85.57 80.57 162.77
CA THR FA 124 84.27 80.11 163.20
C THR FA 124 84.01 78.72 162.61
N ARG FA 125 83.27 77.90 163.35
CA ARG FA 125 82.94 76.55 162.92
C ARG FA 125 81.45 76.30 163.13
N ARG FA 126 80.76 75.87 162.07
CA ARG FA 126 79.37 75.49 162.14
C ARG FA 126 79.24 73.99 161.94
N ARG FA 127 78.20 73.40 162.53
CA ARG FA 127 77.96 71.98 162.40
C ARG FA 127 77.45 71.67 161.00
N VAL FA 128 77.50 70.40 160.61
CA VAL FA 128 76.93 69.92 159.37
C VAL FA 128 75.54 69.35 159.55
N GLY FA 129 75.16 69.01 160.78
CA GLY FA 129 73.87 68.39 161.03
C GLY FA 129 72.86 69.31 161.67
N LEU FA 130 72.80 70.56 161.20
CA LEU FA 130 71.80 71.49 161.70
C LEU FA 130 70.50 71.36 160.92
N LYS FA 131 69.45 71.92 161.49
CA LYS FA 131 68.12 71.81 160.91
C LYS FA 131 67.79 73.04 160.08
N ALA FA 132 66.83 72.87 159.17
CA ALA FA 132 66.36 73.95 158.33
C ALA FA 132 65.57 74.97 159.16
N PRO FA 133 65.45 76.21 158.69
CA PRO FA 133 64.56 77.16 159.36
C PRO FA 133 63.10 76.75 159.23
N GLY FA 134 62.31 77.17 160.20
CA GLY FA 134 60.91 76.77 160.29
C GLY FA 134 60.01 77.53 159.34
N ILE FA 135 58.76 77.71 159.78
CA ILE FA 135 57.74 78.33 158.93
C ILE FA 135 57.73 79.84 159.07
N ILE FA 136 58.05 80.37 160.25
CA ILE FA 136 58.07 81.80 160.52
C ILE FA 136 59.18 82.56 159.78
N PRO FA 137 60.48 82.21 159.86
CA PRO FA 137 61.50 83.12 159.31
C PRO FA 137 61.54 83.20 157.79
N ARG FA 138 60.94 82.26 157.07
CA ARG FA 138 61.01 82.32 155.61
C ARG FA 138 60.05 83.36 155.06
N ILE FA 139 60.24 83.68 153.79
CA ILE FA 139 59.35 84.58 153.06
C ILE FA 139 59.51 84.25 151.57
N SER FA 140 58.53 84.66 150.77
CA SER FA 140 58.51 84.32 149.36
C SER FA 140 59.62 85.06 148.61
N VAL FA 141 60.04 84.49 147.49
CA VAL FA 141 61.18 85.04 146.76
C VAL FA 141 60.76 86.28 145.97
N ARG FA 142 61.66 87.25 145.92
CA ARG FA 142 61.38 88.50 145.22
C ARG FA 142 62.53 89.04 144.38
N GLU FA 143 63.79 88.67 144.64
CA GLU FA 143 64.90 89.17 143.84
C GLU FA 143 65.28 88.15 142.78
N PRO FA 144 65.56 88.58 141.55
CA PRO FA 144 65.92 87.63 140.50
C PRO FA 144 67.40 87.32 140.50
N MET FA 145 67.71 86.06 140.16
CA MET FA 145 69.09 85.60 140.03
C MET FA 145 69.34 85.33 138.55
N GLN FA 146 70.15 86.18 137.92
CA GLN FA 146 70.39 86.05 136.50
C GLN FA 146 71.29 84.86 136.19
N THR FA 147 71.12 84.30 135.00
CA THR FA 147 71.87 83.15 134.54
C THR FA 147 72.82 83.50 133.40
N GLY FA 148 72.42 84.40 132.51
CA GLY FA 148 73.18 84.73 131.33
C GLY FA 148 72.89 83.83 130.14
N ILE FA 149 71.98 82.88 130.28
CA ILE FA 149 71.60 82.00 129.20
C ILE FA 149 70.24 82.46 128.69
N LYS FA 150 70.13 82.59 127.36
CA LYS FA 150 68.92 83.15 126.77
C LYS FA 150 67.73 82.22 126.86
N ALA FA 151 67.95 80.93 127.05
CA ALA FA 151 66.83 80.00 127.17
C ALA FA 151 66.32 79.89 128.58
N VAL FA 152 67.18 80.11 129.58
CA VAL FA 152 66.78 79.95 130.98
C VAL FA 152 66.18 81.22 131.54
N ASP FA 153 66.80 82.37 131.27
CA ASP FA 153 66.41 83.63 131.90
C ASP FA 153 65.09 84.17 131.35
N SER FA 154 64.58 83.63 130.25
CA SER FA 154 63.35 84.12 129.66
C SER FA 154 62.23 83.11 129.62
N LEU FA 155 62.50 81.83 129.90
CA LEU FA 155 61.48 80.79 129.83
C LEU FA 155 61.28 80.06 131.15
N VAL FA 156 62.34 79.79 131.90
CA VAL FA 156 62.23 79.23 133.24
C VAL FA 156 63.01 80.13 134.21
N PRO FA 157 62.45 81.25 134.64
CA PRO FA 157 63.24 82.21 135.43
C PRO FA 157 63.48 81.71 136.86
N ILE FA 158 64.66 82.05 137.38
CA ILE FA 158 65.09 81.65 138.71
C ILE FA 158 65.05 82.87 139.61
N GLY FA 159 64.95 82.63 140.92
CA GLY FA 159 64.96 83.70 141.90
C GLY FA 159 65.80 83.30 143.11
N ARG FA 160 66.21 84.30 143.87
CA ARG FA 160 67.14 84.12 144.98
C ARG FA 160 66.43 83.40 146.13
N GLY FA 161 66.56 82.08 146.17
CA GLY FA 161 65.97 81.30 147.24
C GLY FA 161 65.13 80.15 146.74
N GLN FA 162 65.23 79.82 145.46
CA GLN FA 162 64.39 78.82 144.83
C GLN FA 162 65.25 77.65 144.38
N ARG FA 163 64.90 76.45 144.81
CA ARG FA 163 65.55 75.24 144.31
C ARG FA 163 65.16 75.01 142.85
N GLU FA 164 66.10 74.53 142.06
CA GLU FA 164 65.84 74.29 140.64
C GLU FA 164 66.65 73.07 140.22
N LEU FA 165 66.00 72.10 139.61
CA LEU FA 165 66.70 70.90 139.18
C LEU FA 165 67.35 71.11 137.82
N ILE FA 166 68.40 70.34 137.57
CA ILE FA 166 68.98 70.20 136.24
C ILE FA 166 69.12 68.70 135.97
N ILE FA 167 68.31 68.19 135.06
CA ILE FA 167 68.15 66.75 134.90
C ILE FA 167 68.27 66.38 133.43
N GLY FA 168 69.05 65.35 133.16
CA GLY FA 168 69.32 64.91 131.80
C GLY FA 168 70.25 63.72 131.81
N ASP FA 169 70.60 63.27 130.62
CA ASP FA 169 71.46 62.11 130.47
C ASP FA 169 72.92 62.56 130.46
N ARG FA 170 73.83 61.65 130.11
CA ARG FA 170 75.25 61.98 130.08
C ARG FA 170 75.59 62.73 128.80
N GLN FA 171 76.48 63.72 128.94
CA GLN FA 171 77.01 64.54 127.86
C GLN FA 171 75.90 65.28 127.11
N THR FA 172 75.07 66.00 127.88
CA THR FA 172 74.03 66.83 127.31
C THR FA 172 74.18 68.31 127.63
N GLY FA 173 75.19 68.68 128.42
CA GLY FA 173 75.41 70.07 128.72
C GLY FA 173 74.93 70.44 130.11
N LYS FA 174 75.10 69.53 131.06
CA LYS FA 174 74.62 69.79 132.41
C LYS FA 174 75.54 70.75 133.16
N THR FA 175 76.84 70.43 133.21
CA THR FA 175 77.81 71.27 133.92
C THR FA 175 78.00 72.62 133.24
N SER FA 176 77.84 72.71 131.93
CA SER FA 176 78.03 73.97 131.22
C SER FA 176 76.89 74.96 131.43
N ILE FA 177 75.79 74.57 132.07
CA ILE FA 177 74.86 75.55 132.61
C ILE FA 177 75.38 76.08 133.94
N ALA FA 178 75.96 75.20 134.76
CA ALA FA 178 76.42 75.58 136.09
C ALA FA 178 77.68 76.43 136.06
N ILE FA 179 78.49 76.31 135.00
CA ILE FA 179 79.70 77.11 134.90
C ILE FA 179 79.35 78.54 134.49
N ASP FA 180 78.42 78.70 133.55
CA ASP FA 180 78.05 80.03 133.08
C ASP FA 180 77.25 80.83 134.10
N THR FA 181 76.74 80.18 135.14
CA THR FA 181 76.13 80.91 136.25
C THR FA 181 77.19 81.59 137.10
N ILE FA 182 78.36 80.96 137.26
CA ILE FA 182 79.39 81.51 138.13
C ILE FA 182 80.14 82.63 137.42
N ILE FA 183 80.34 82.51 136.12
CA ILE FA 183 81.03 83.56 135.36
C ILE FA 183 80.13 84.77 135.15
N ASN FA 184 78.80 84.60 135.16
CA ASN FA 184 77.91 85.72 134.93
C ASN FA 184 77.84 86.67 136.13
N GLN FA 185 78.28 86.22 137.30
CA GLN FA 185 78.27 87.09 138.48
C GLN FA 185 79.45 88.04 138.54
N LYS FA 186 80.28 88.09 137.49
CA LYS FA 186 81.39 89.04 137.42
C LYS FA 186 80.92 90.48 137.36
N ARG FA 187 79.75 90.74 136.77
CA ARG FA 187 79.29 92.12 136.61
C ARG FA 187 78.78 92.69 137.92
N PHE FA 188 78.38 91.86 138.86
CA PHE FA 188 77.78 92.31 140.11
C PHE FA 188 78.76 92.34 141.27
N ASN FA 189 79.70 91.40 141.32
CA ASN FA 189 80.63 91.35 142.44
C ASN FA 189 81.70 92.43 142.36
N ASP FA 190 81.91 93.04 141.20
CA ASP FA 190 82.91 94.08 141.02
C ASP FA 190 82.29 95.47 140.95
N GLY FA 191 81.12 95.65 141.56
CA GLY FA 191 80.44 96.93 141.55
C GLY FA 191 80.35 97.57 142.91
N THR FA 192 79.53 98.62 143.03
CA THR FA 192 79.39 99.36 144.26
C THR FA 192 78.10 99.02 145.01
N ASP FA 193 77.05 98.59 144.32
CA ASP FA 193 75.80 98.18 144.93
C ASP FA 193 76.06 96.85 145.64
N GLU FA 194 76.11 96.90 146.98
CA GLU FA 194 76.39 95.70 147.76
C GLU FA 194 75.18 94.78 147.84
N LYS FA 195 73.97 95.30 147.60
CA LYS FA 195 72.76 94.50 147.74
C LYS FA 195 72.56 93.50 146.62
N LYS FA 196 73.38 93.54 145.57
CA LYS FA 196 73.24 92.62 144.45
C LYS FA 196 74.44 91.68 144.33
N LYS FA 197 75.33 91.68 145.32
CA LYS FA 197 76.45 90.77 145.29
C LYS FA 197 76.00 89.35 145.57
N LEU FA 198 76.76 88.38 145.07
CA LEU FA 198 76.34 86.98 145.14
C LEU FA 198 77.60 86.12 145.07
N TYR FA 199 77.76 85.22 146.04
CA TYR FA 199 78.91 84.33 146.01
C TYR FA 199 78.52 82.99 145.39
N CYS FA 200 79.46 82.06 145.38
CA CYS FA 200 79.28 80.77 144.72
C CYS FA 200 80.01 79.68 145.47
N ILE FA 201 79.47 78.46 145.40
CA ILE FA 201 80.08 77.25 145.95
C ILE FA 201 79.87 76.15 144.93
N TYR FA 202 80.90 75.34 144.69
CA TYR FA 202 80.80 74.20 143.79
C TYR FA 202 81.18 72.93 144.55
N VAL FA 203 80.34 71.91 144.45
CA VAL FA 203 80.57 70.62 145.10
C VAL FA 203 80.67 69.56 144.02
N ALA FA 204 81.82 68.89 143.95
CA ALA FA 204 82.09 67.88 142.92
C ALA FA 204 82.12 66.52 143.59
N ILE FA 205 81.11 65.70 143.30
CA ILE FA 205 80.94 64.40 143.92
C ILE FA 205 81.12 63.35 142.85
N GLY FA 206 82.05 62.42 143.08
CA GLY FA 206 82.25 61.29 142.19
C GLY FA 206 82.79 61.61 140.81
N GLN FA 207 83.21 62.83 140.55
CA GLN FA 207 83.78 63.19 139.27
C GLN FA 207 85.22 62.69 139.17
N LYS FA 208 85.82 62.88 138.00
CA LYS FA 208 87.24 62.61 137.84
C LYS FA 208 88.04 63.78 138.40
N ARG FA 209 89.23 63.47 138.92
CA ARG FA 209 90.07 64.53 139.49
C ARG FA 209 90.65 65.45 138.42
N SER FA 210 90.79 64.96 137.19
CA SER FA 210 91.34 65.77 136.13
C SER FA 210 90.29 66.62 135.44
N THR FA 211 89.03 66.55 135.85
CA THR FA 211 88.01 67.41 135.29
C THR FA 211 87.75 68.61 136.19
N VAL FA 212 87.97 68.47 137.50
CA VAL FA 212 87.94 69.61 138.40
C VAL FA 212 89.13 70.53 138.14
N ALA FA 213 90.28 69.95 137.80
CA ALA FA 213 91.49 70.75 137.60
C ALA FA 213 91.40 71.60 136.34
N GLN FA 214 90.81 71.06 135.28
CA GLN FA 214 90.55 71.83 134.08
C GLN FA 214 89.35 72.76 134.21
N LEU FA 215 88.67 72.76 135.36
CA LEU FA 215 87.56 73.66 135.62
C LEU FA 215 88.00 74.88 136.42
N VAL FA 216 88.92 74.72 137.36
CA VAL FA 216 89.41 75.86 138.12
C VAL FA 216 90.33 76.74 137.28
N LYS FA 217 90.85 76.24 136.15
CA LYS FA 217 91.56 77.12 135.23
C LYS FA 217 90.58 78.02 134.49
N ARG FA 218 89.45 77.46 134.06
CA ARG FA 218 88.47 78.21 133.29
C ARG FA 218 87.82 79.30 134.12
N LEU FA 219 87.73 79.10 135.43
CA LEU FA 219 87.26 80.16 136.32
C LEU FA 219 88.35 81.19 136.58
N THR FA 220 89.61 80.76 136.64
CA THR FA 220 90.71 81.70 136.84
C THR FA 220 90.98 82.48 135.56
N ASP FA 221 90.65 81.91 134.41
CA ASP FA 221 90.88 82.59 133.13
C ASP FA 221 89.88 83.73 132.94
N ALA FA 222 88.72 83.65 133.57
CA ALA FA 222 87.69 84.67 133.42
C ALA FA 222 87.52 85.54 134.65
N ASP FA 223 88.49 85.51 135.58
CA ASP FA 223 88.47 86.27 136.84
C ASP FA 223 87.22 85.92 137.64
N ALA FA 224 87.10 84.63 137.99
CA ALA FA 224 85.93 84.14 138.71
C ALA FA 224 86.33 83.26 139.89
N MET FA 225 87.59 83.20 140.24
CA MET FA 225 88.03 82.44 141.40
C MET FA 225 88.26 83.31 142.62
N LYS FA 226 87.89 84.58 142.57
CA LYS FA 226 88.03 85.45 143.74
C LYS FA 226 86.74 85.58 144.52
N TYR FA 227 85.67 84.88 144.11
CA TYR FA 227 84.44 84.84 144.90
C TYR FA 227 83.81 83.45 144.87
N THR FA 228 84.63 82.41 144.75
CA THR FA 228 84.11 81.07 144.57
C THR FA 228 84.89 80.08 145.44
N ILE FA 229 84.17 79.23 146.15
CA ILE FA 229 84.75 78.12 146.90
C ILE FA 229 84.46 76.85 146.11
N VAL FA 230 85.32 75.84 146.26
CA VAL FA 230 85.14 74.54 145.62
C VAL FA 230 85.41 73.47 146.67
N VAL FA 231 84.41 72.64 146.93
CA VAL FA 231 84.58 71.43 147.74
C VAL FA 231 84.67 70.28 146.76
N SER FA 232 85.54 69.31 147.06
CA SER FA 232 85.85 68.27 146.08
C SER FA 232 86.03 66.93 146.77
N ALA FA 233 85.19 65.97 146.42
CA ALA FA 233 85.35 64.57 146.78
C ALA FA 233 85.18 63.78 145.48
N THR FA 234 86.30 63.47 144.83
CA THR FA 234 86.28 62.87 143.51
C THR FA 234 86.09 61.36 143.62
N ALA FA 235 86.20 60.66 142.48
CA ALA FA 235 85.80 59.26 142.41
C ALA FA 235 86.78 58.32 143.08
N SER FA 236 87.99 58.78 143.36
CA SER FA 236 88.96 57.95 144.06
C SER FA 236 88.89 58.08 145.57
N ASP FA 237 88.13 59.05 146.07
CA ASP FA 237 87.94 59.21 147.50
C ASP FA 237 87.02 58.14 148.05
N ALA FA 238 87.10 57.94 149.36
CA ALA FA 238 86.29 56.91 150.02
C ALA FA 238 84.81 57.29 150.01
N ALA FA 239 83.99 56.32 150.32
CA ALA FA 239 82.54 56.50 150.27
C ALA FA 239 81.97 57.41 151.38
N PRO FA 240 82.50 57.44 152.61
CA PRO FA 240 82.00 58.47 153.53
C PRO FA 240 82.38 59.89 153.15
N LEU FA 241 83.41 60.09 152.33
CA LEU FA 241 83.78 61.45 151.95
C LEU FA 241 82.90 62.00 150.85
N GLN FA 242 82.18 61.15 150.12
CA GLN FA 242 81.23 61.63 149.14
C GLN FA 242 79.85 61.82 149.74
N TYR FA 243 79.53 61.10 150.81
CA TYR FA 243 78.26 61.26 151.50
C TYR FA 243 78.19 62.56 152.27
N LEU FA 244 79.28 62.96 152.93
CA LEU FA 244 79.31 64.16 153.74
C LEU FA 244 79.82 65.37 152.97
N ALA FA 245 80.02 65.24 151.66
CA ALA FA 245 80.46 66.38 150.86
C ALA FA 245 79.42 67.49 150.70
N PRO FA 246 78.13 67.22 150.39
CA PRO FA 246 77.20 68.36 150.29
C PRO FA 246 76.79 68.97 151.61
N TYR FA 247 76.95 68.26 152.72
CA TYR FA 247 76.61 68.84 154.02
C TYR FA 247 77.64 69.87 154.44
N SER FA 248 78.92 69.57 154.28
CA SER FA 248 79.96 70.55 154.53
C SER FA 248 79.94 71.66 153.48
N GLY FA 249 79.44 71.37 152.29
CA GLY FA 249 79.33 72.40 151.29
C GLY FA 249 78.17 73.35 151.54
N CYS FA 250 77.10 72.85 152.12
CA CYS FA 250 75.95 73.71 152.41
C CYS FA 250 76.15 74.50 153.70
N SER FA 251 76.91 73.97 154.64
CA SER FA 251 77.21 74.69 155.88
C SER FA 251 78.13 75.88 155.67
N MET FA 252 78.88 75.91 154.56
CA MET FA 252 79.64 77.09 154.19
C MET FA 252 78.79 78.14 153.49
N GLY FA 253 77.59 77.77 153.05
CA GLY FA 253 76.68 78.72 152.43
C GLY FA 253 75.67 79.24 153.43
N GLU FA 254 75.46 78.50 154.52
CA GLU FA 254 74.58 78.97 155.58
C GLU FA 254 75.17 80.12 156.38
N TYR FA 255 76.49 80.33 156.29
CA TYR FA 255 77.12 81.48 156.90
C TYR FA 255 76.69 82.79 156.25
N PHE FA 256 76.69 82.84 154.93
CA PHE FA 256 76.30 84.05 154.22
C PHE FA 256 74.81 84.35 154.33
N ARG FA 257 73.98 83.31 154.42
CA ARG FA 257 72.53 83.50 154.47
C ARG FA 257 72.10 84.14 155.79
N ASP FA 258 72.71 83.74 156.90
CA ASP FA 258 72.36 84.29 158.20
C ASP FA 258 72.98 85.66 158.45
N ASN FA 259 73.93 86.09 157.62
CA ASN FA 259 74.59 87.38 157.82
C ASN FA 259 74.34 88.33 156.64
N GLY FA 260 73.14 88.28 156.07
CA GLY FA 260 72.72 89.29 155.12
C GLY FA 260 73.29 89.18 153.73
N LYS FA 261 74.04 88.13 153.42
CA LYS FA 261 74.60 87.94 152.09
C LYS FA 261 73.84 86.87 151.33
N HIS FA 262 74.02 86.86 150.02
CA HIS FA 262 73.38 85.87 149.16
C HIS FA 262 74.41 84.90 148.63
N ALA FA 263 74.06 83.61 148.63
CA ALA FA 263 74.97 82.56 148.22
C ALA FA 263 74.35 81.77 147.07
N LEU FA 264 75.13 80.83 146.54
CA LEU FA 264 74.69 79.96 145.47
C LEU FA 264 75.55 78.70 145.52
N ILE FA 265 74.92 77.54 145.43
CA ILE FA 265 75.66 76.28 145.55
C ILE FA 265 75.16 75.34 144.46
N ILE FA 266 76.09 74.65 143.82
CA ILE FA 266 75.80 73.68 142.76
C ILE FA 266 76.32 72.33 143.22
N TYR FA 267 75.41 71.43 143.56
CA TYR FA 267 75.79 70.05 143.83
C TYR FA 267 75.90 69.31 142.51
N ASP FA 268 77.02 68.61 142.32
CA ASP FA 268 77.27 67.97 141.04
C ASP FA 268 78.06 66.67 141.30
N ASP FA 269 77.34 65.56 141.43
CA ASP FA 269 75.89 65.48 141.32
C ASP FA 269 75.28 64.63 142.43
N LEU FA 270 73.97 64.79 142.65
CA LEU FA 270 73.32 64.06 143.73
C LEU FA 270 73.01 62.62 143.37
N SER FA 271 73.25 62.20 142.12
CA SER FA 271 73.10 60.80 141.77
C SER FA 271 74.21 59.96 142.38
N LYS FA 272 75.45 60.44 142.30
CA LYS FA 272 76.60 59.71 142.81
C LYS FA 272 76.75 59.80 144.31
N GLN FA 273 75.96 60.65 144.98
CA GLN FA 273 75.88 60.59 146.44
C GLN FA 273 75.02 59.42 146.89
N ALA FA 274 73.91 59.18 146.21
CA ALA FA 274 72.97 58.14 146.63
C ALA FA 274 73.50 56.75 146.34
N VAL FA 275 74.43 56.60 145.40
CA VAL FA 275 75.12 55.32 145.22
C VAL FA 275 76.27 55.17 146.19
N ALA FA 276 76.63 56.23 146.91
CA ALA FA 276 77.60 56.14 148.01
C ALA FA 276 76.93 55.89 149.34
N TYR FA 277 75.69 56.37 149.51
CA TYR FA 277 74.94 56.04 150.71
C TYR FA 277 74.39 54.61 150.64
N ARG FA 278 74.13 54.12 149.44
CA ARG FA 278 73.73 52.72 149.26
C ARG FA 278 74.84 51.78 149.71
N GLN FA 279 76.09 52.13 149.44
CA GLN FA 279 77.21 51.26 149.78
C GLN FA 279 77.40 51.15 151.29
N MET FA 280 77.29 52.28 152.00
CA MET FA 280 77.46 52.24 153.45
C MET FA 280 76.29 51.55 154.14
N SER FA 281 75.11 51.56 153.51
CA SER FA 281 73.94 50.94 154.13
C SER FA 281 74.01 49.42 154.03
N LEU FA 282 74.26 48.89 152.83
CA LEU FA 282 74.34 47.45 152.63
C LEU FA 282 75.58 46.84 153.26
N LEU FA 283 76.61 47.63 153.55
CA LEU FA 283 77.74 47.14 154.31
C LEU FA 283 77.48 47.13 155.80
N LEU FA 284 76.34 47.67 156.24
CA LEU FA 284 75.87 47.56 157.62
C LEU FA 284 74.75 46.55 157.77
N ARG FA 285 74.45 45.80 156.70
CA ARG FA 285 73.39 44.80 156.62
C ARG FA 285 72.01 45.40 156.95
N ARG FA 286 71.62 46.37 156.14
CA ARG FA 286 70.31 46.96 156.26
C ARG FA 286 69.39 46.44 155.16
N PRO FA 287 68.08 46.36 155.39
CA PRO FA 287 67.17 45.81 154.38
C PRO FA 287 67.03 46.73 153.18
N PRO FA 288 67.36 46.26 151.99
CA PRO FA 288 67.20 47.07 150.79
C PRO FA 288 65.75 47.20 150.36
N GLY FA 289 65.50 48.17 149.49
CA GLY FA 289 64.16 48.42 149.00
C GLY FA 289 64.05 48.37 147.49
N ARG FA 290 63.50 49.41 146.89
CA ARG FA 290 63.47 49.51 145.43
C ARG FA 290 64.88 49.78 144.92
N GLU FA 291 65.30 49.01 143.91
CA GLU FA 291 66.62 49.11 143.28
C GLU FA 291 67.76 48.93 144.27
N ALA FA 292 67.53 48.10 145.30
CA ALA FA 292 68.48 47.78 146.37
C ALA FA 292 68.93 49.02 147.15
N TYR FA 293 68.11 50.06 147.19
CA TYR FA 293 68.38 51.26 147.95
C TYR FA 293 67.92 51.07 149.39
N PRO FA 294 68.48 51.83 150.34
CA PRO FA 294 67.93 51.76 151.71
C PRO FA 294 66.60 52.49 151.83
N GLY FA 295 65.95 52.37 152.99
CA GLY FA 295 64.62 52.91 153.13
C GLY FA 295 64.57 54.41 153.34
N ASP FA 296 65.70 55.01 153.71
CA ASP FA 296 65.72 56.42 154.07
C ASP FA 296 66.54 57.26 153.11
N VAL FA 297 66.37 57.01 151.81
CA VAL FA 297 66.99 57.86 150.81
C VAL FA 297 66.28 59.20 150.73
N PHE FA 298 64.98 59.24 151.04
CA PHE FA 298 64.25 60.50 151.02
C PHE FA 298 64.66 61.41 152.16
N TYR FA 299 65.07 60.85 153.29
CA TYR FA 299 65.63 61.67 154.36
C TYR FA 299 66.99 62.23 153.97
N LEU FA 300 67.71 61.59 153.05
CA LEU FA 300 69.04 62.04 152.67
C LEU FA 300 69.00 63.33 151.88
N HIS FA 301 68.08 63.46 150.94
CA HIS FA 301 68.04 64.62 150.07
C HIS FA 301 67.05 65.68 150.51
N SER FA 302 66.12 65.37 151.40
CA SER FA 302 65.19 66.39 151.88
C SER FA 302 65.80 67.22 153.00
N ARG FA 303 66.52 66.57 153.91
CA ARG FA 303 67.17 67.30 155.00
C ARG FA 303 68.35 68.14 154.53
N LEU FA 304 68.80 67.97 153.29
CA LEU FA 304 69.84 68.80 152.70
C LEU FA 304 69.29 69.95 151.88
N LEU FA 305 68.25 69.72 151.08
CA LEU FA 305 67.70 70.75 150.22
C LEU FA 305 66.59 71.56 150.90
N GLU FA 306 66.35 71.36 152.18
CA GLU FA 306 65.43 72.21 152.91
C GLU FA 306 66.10 73.45 153.47
N ARG FA 307 67.44 73.46 153.53
CA ARG FA 307 68.17 74.61 154.06
C ARG FA 307 68.19 75.78 153.11
N ALA FA 308 68.07 75.54 151.80
CA ALA FA 308 68.15 76.61 150.81
C ALA FA 308 66.88 77.44 150.86
N ALA FA 309 66.90 78.52 151.63
CA ALA FA 309 65.70 79.30 151.88
C ALA FA 309 66.07 80.78 151.90
N LYS FA 310 65.06 81.63 151.97
CA LYS FA 310 65.23 83.07 152.05
C LYS FA 310 64.64 83.58 153.35
N MET FA 311 65.48 84.18 154.20
CA MET FA 311 65.01 84.70 155.46
C MET FA 311 64.24 86.01 155.24
N ASN FA 312 63.49 86.43 156.26
CA ASN FA 312 62.72 87.65 156.21
C ASN FA 312 63.62 88.83 156.53
N ASP FA 313 63.05 90.05 156.53
CA ASP FA 313 63.84 91.25 156.77
C ASP FA 313 64.22 91.41 158.24
N ALA FA 314 63.54 90.72 159.16
CA ALA FA 314 63.91 90.78 160.56
C ALA FA 314 65.05 89.83 160.90
N PHE FA 315 65.48 88.99 159.97
CA PHE FA 315 66.55 88.02 160.19
C PHE FA 315 67.80 88.35 159.38
N GLY FA 316 67.83 89.50 158.72
CA GLY FA 316 68.98 89.88 157.93
C GLY FA 316 68.67 90.10 156.46
N GLY FA 317 67.86 89.23 155.89
CA GLY FA 317 67.44 89.39 154.51
C GLY FA 317 68.26 88.63 153.49
N GLY FA 318 69.12 87.72 153.91
CA GLY FA 318 69.91 86.93 152.99
C GLY FA 318 69.11 85.81 152.35
N SER FA 319 69.81 84.95 151.63
CA SER FA 319 69.18 83.85 150.91
C SER FA 319 70.20 82.75 150.69
N LEU FA 320 69.74 81.69 150.04
CA LEU FA 320 70.59 80.57 149.65
C LEU FA 320 69.88 79.81 148.54
N THR FA 321 70.47 79.79 147.35
CA THR FA 321 69.90 79.13 146.19
C THR FA 321 70.66 77.83 145.94
N ALA FA 322 69.93 76.76 145.60
CA ALA FA 322 70.56 75.49 145.27
C ALA FA 322 70.21 75.09 143.85
N LEU FA 323 71.09 74.30 143.24
CA LEU FA 323 70.90 73.81 141.87
C LEU FA 323 71.49 72.42 141.74
N PRO FA 324 70.78 71.40 142.23
CA PRO FA 324 71.31 70.04 142.16
C PRO FA 324 71.26 69.47 140.75
N VAL FA 325 72.01 68.39 140.54
CA VAL FA 325 72.14 67.75 139.24
C VAL FA 325 71.80 66.28 139.40
N ILE FA 326 70.90 65.77 138.57
CA ILE FA 326 70.54 64.35 138.55
C ILE FA 326 70.80 63.82 137.15
N GLU FA 327 71.39 62.63 137.07
CA GLU FA 327 71.64 61.96 135.80
C GLU FA 327 70.70 60.78 135.63
N THR FA 328 69.96 60.76 134.53
CA THR FA 328 69.02 59.69 134.22
C THR FA 328 69.59 58.75 133.17
N GLN FA 329 69.12 57.51 133.22
CA GLN FA 329 69.56 56.46 132.29
C GLN FA 329 68.52 56.34 131.17
N ALA FA 330 68.85 56.92 130.02
CA ALA FA 330 68.05 56.87 128.78
C ALA FA 330 66.66 57.46 128.98
N GLY FA 331 66.63 58.72 129.42
CA GLY FA 331 65.40 59.48 129.51
C GLY FA 331 64.42 59.01 130.55
N ASP FA 332 64.86 58.26 131.55
CA ASP FA 332 63.98 57.66 132.54
C ASP FA 332 63.72 58.67 133.65
N VAL FA 333 62.59 59.36 133.55
CA VAL FA 333 62.21 60.38 134.53
C VAL FA 333 61.12 59.75 135.39
N SER FA 334 61.05 58.42 135.37
CA SER FA 334 60.09 57.71 136.19
C SER FA 334 60.78 56.66 137.05
N ALA FA 335 62.03 56.92 137.45
CA ALA FA 335 62.76 55.98 138.26
C ALA FA 335 62.64 56.39 139.73
N TYR FA 336 63.40 55.71 140.60
CA TYR FA 336 63.25 55.92 142.04
C TYR FA 336 63.89 57.23 142.47
N ILE FA 337 65.13 57.48 142.08
CA ILE FA 337 65.84 58.69 142.50
C ILE FA 337 65.38 59.94 141.74
N PRO FA 338 65.16 59.96 140.41
CA PRO FA 338 64.68 61.22 139.80
C PRO FA 338 63.23 61.57 140.10
N THR FA 339 62.50 60.78 140.88
CA THR FA 339 61.21 61.19 141.38
C THR FA 339 61.24 61.61 142.83
N ASN FA 340 62.23 61.15 143.60
CA ASN FA 340 62.41 61.62 144.96
C ASN FA 340 62.91 63.04 145.02
N VAL FA 341 63.46 63.56 143.92
CA VAL FA 341 64.00 64.91 143.91
C VAL FA 341 63.13 65.87 143.09
N ILE FA 342 62.33 65.36 142.15
CA ILE FA 342 61.26 66.17 141.55
C ILE FA 342 60.22 66.54 142.59
N SER FA 343 59.93 65.65 143.54
CA SER FA 343 58.98 65.93 144.61
C SER FA 343 59.58 66.72 145.76
N ILE FA 344 60.72 67.39 145.55
CA ILE FA 344 61.31 68.30 146.52
C ILE FA 344 61.52 69.69 145.92
N THR FA 345 62.21 69.77 144.80
CA THR FA 345 62.61 71.03 144.22
C THR FA 345 61.43 71.75 143.57
N ASP FA 346 61.58 73.06 143.40
CA ASP FA 346 60.52 73.93 142.94
C ASP FA 346 60.60 74.17 141.44
N GLY FA 347 60.66 73.08 140.66
CA GLY FA 347 60.73 73.18 139.22
C GLY FA 347 61.75 72.25 138.62
N GLN FA 348 61.90 72.34 137.31
CA GLN FA 348 62.79 71.45 136.57
C GLN FA 348 63.39 72.19 135.38
N ILE FA 349 64.50 71.65 134.89
CA ILE FA 349 65.08 72.02 133.60
C ILE FA 349 65.51 70.72 132.92
N PHE FA 350 64.99 70.47 131.73
CA PHE FA 350 65.21 69.20 131.05
C PHE FA 350 66.19 69.38 129.89
N LEU FA 351 67.13 68.45 129.79
CA LEU FA 351 68.15 68.47 128.74
C LEU FA 351 68.02 67.21 127.92
N GLU FA 352 67.58 67.35 126.67
CA GLU FA 352 67.32 66.20 125.82
C GLU FA 352 68.60 65.75 125.12
N THR FA 353 68.81 64.44 125.08
CA THR FA 353 69.95 63.87 124.39
C THR FA 353 69.71 63.69 122.91
N GLU FA 354 68.50 63.95 122.43
CA GLU FA 354 68.18 63.84 121.01
C GLU FA 354 67.85 65.19 120.39
N LEU FA 355 68.01 66.27 121.16
CA LEU FA 355 68.18 67.61 120.61
C LEU FA 355 69.63 68.07 120.68
N PHE FA 356 70.45 67.43 121.51
CA PHE FA 356 71.87 67.72 121.57
C PHE FA 356 72.58 67.10 120.38
N TYR FA 357 71.98 66.09 119.77
CA TYR FA 357 72.56 65.46 118.59
C TYR FA 357 72.15 66.17 117.30
N LYS FA 358 70.99 66.82 117.29
CA LYS FA 358 70.51 67.54 116.12
C LYS FA 358 71.13 68.92 115.97
N GLY FA 359 71.99 69.35 116.88
CA GLY FA 359 72.66 70.61 116.74
C GLY FA 359 72.08 71.77 117.50
N ILE FA 360 70.99 71.58 118.24
CA ILE FA 360 70.42 72.60 119.09
C ILE FA 360 71.12 72.54 120.44
N ARG FA 361 71.80 73.63 120.82
CA ARG FA 361 72.58 73.68 122.04
C ARG FA 361 72.44 75.06 122.67
N PRO FA 362 72.04 75.15 123.96
CA PRO FA 362 71.75 74.07 124.92
C PRO FA 362 70.39 73.41 124.69
N ALA FA 363 70.37 72.08 124.77
CA ALA FA 363 69.23 71.28 124.34
C ALA FA 363 68.16 71.30 125.42
N ILE FA 364 67.51 72.44 125.62
CA ILE FA 364 66.53 72.61 126.68
C ILE FA 364 65.16 72.24 126.14
N ASN FA 365 64.54 71.23 126.75
CA ASN FA 365 63.17 70.85 126.44
C ASN FA 365 62.26 71.93 127.00
N VAL FA 366 61.67 72.73 126.12
CA VAL FA 366 60.87 73.87 126.58
C VAL FA 366 59.49 73.40 127.03
N GLY FA 367 59.10 72.19 126.62
CA GLY FA 367 57.78 71.70 126.98
C GLY FA 367 57.70 71.21 128.40
N LEU FA 368 58.76 70.59 128.89
CA LEU FA 368 58.76 69.96 130.21
C LEU FA 368 59.51 70.77 131.26
N SER FA 369 59.98 71.97 130.94
CA SER FA 369 60.72 72.80 131.86
C SER FA 369 59.78 73.82 132.48
N VAL FA 370 59.67 73.80 133.81
CA VAL FA 370 58.74 74.64 134.55
C VAL FA 370 59.47 75.20 135.76
N SER FA 371 59.04 76.36 136.23
CA SER FA 371 59.56 76.98 137.45
C SER FA 371 58.40 77.71 138.11
N ARG FA 372 57.94 77.19 139.24
CA ARG FA 372 56.68 77.64 139.81
C ARG FA 372 56.84 78.98 140.54
N VAL FA 373 57.64 79.00 141.59
CA VAL FA 373 57.66 80.15 142.49
C VAL FA 373 58.52 81.27 141.90
N GLY FA 374 59.41 80.94 140.97
CA GLY FA 374 60.35 81.93 140.47
C GLY FA 374 59.84 82.72 139.29
N SER FA 375 58.57 82.54 138.93
CA SER FA 375 58.02 83.31 137.82
C SER FA 375 57.63 84.73 138.22
N ALA FA 376 57.27 84.95 139.48
CA ALA FA 376 56.85 86.28 139.91
C ALA FA 376 58.03 87.19 140.19
N ALA FA 377 59.24 86.63 140.31
CA ALA FA 377 60.44 87.40 140.59
C ALA FA 377 61.30 87.39 139.34
N GLN FA 378 61.02 88.31 138.42
CA GLN FA 378 61.88 88.57 137.29
C GLN FA 378 61.68 90.03 136.89
N THR FA 379 62.53 90.50 135.99
CA THR FA 379 62.50 91.89 135.58
C THR FA 379 61.28 92.15 134.70
N ARG FA 380 60.62 93.30 134.93
CA ARG FA 380 59.47 93.69 134.13
C ARG FA 380 59.86 94.01 132.69
N ALA FA 381 61.12 94.34 132.43
CA ALA FA 381 61.60 94.45 131.06
C ALA FA 381 61.59 93.09 130.37
N MET FA 382 62.00 92.05 131.09
CA MET FA 382 61.99 90.72 130.52
C MET FA 382 60.58 90.14 130.44
N LYS FA 383 59.72 90.46 131.41
CA LYS FA 383 58.37 89.93 131.42
C LYS FA 383 57.51 90.56 130.33
N GLN FA 384 57.86 91.78 129.90
CA GLN FA 384 57.12 92.46 128.84
C GLN FA 384 57.37 91.86 127.47
N VAL FA 385 58.47 91.15 127.28
CA VAL FA 385 58.86 90.60 125.97
C VAL FA 385 58.78 89.08 125.96
N ALA FA 386 59.31 88.43 126.99
CA ALA FA 386 59.29 86.98 127.06
C ALA FA 386 57.91 86.41 127.36
N GLY FA 387 56.97 87.24 127.82
CA GLY FA 387 55.58 86.79 127.91
C GLY FA 387 54.93 86.59 126.56
N THR FA 388 55.48 87.19 125.50
CA THR FA 388 54.95 87.00 124.16
C THR FA 388 55.56 85.75 123.52
N MET FA 389 56.87 85.52 123.70
CA MET FA 389 57.55 84.35 123.16
C MET FA 389 57.07 83.05 123.79
N LYS FA 390 56.50 83.11 124.99
CA LYS FA 390 55.84 81.95 125.58
C LYS FA 390 54.64 81.49 124.76
N LEU FA 391 53.98 82.42 124.06
CA LEU FA 391 52.81 82.06 123.28
C LEU FA 391 53.19 81.39 121.97
N GLU FA 392 54.15 81.97 121.24
CA GLU FA 392 54.51 81.43 119.93
C GLU FA 392 55.26 80.12 120.01
N LEU FA 393 56.02 79.88 121.07
CA LEU FA 393 56.66 78.59 121.26
C LEU FA 393 55.65 77.51 121.65
N ALA FA 394 54.46 77.88 122.10
CA ALA FA 394 53.37 76.94 122.27
C ALA FA 394 52.68 76.62 120.96
N GLN FA 395 52.42 77.63 120.12
CA GLN FA 395 51.69 77.40 118.88
C GLN FA 395 52.56 76.72 117.82
N TYR FA 396 53.88 76.75 117.98
CA TYR FA 396 54.75 75.95 117.13
C TYR FA 396 54.66 74.46 117.45
N ARG FA 397 54.19 74.10 118.64
CA ARG FA 397 54.30 72.73 119.11
C ARG FA 397 53.08 71.88 118.78
N GLU FA 398 51.94 72.49 118.47
CA GLU FA 398 50.80 71.70 118.01
C GLU FA 398 50.96 71.28 116.57
N VAL FA 399 51.48 72.15 115.71
CA VAL FA 399 51.68 71.85 114.30
C VAL FA 399 53.04 71.17 114.16
N ALA FA 400 53.05 69.87 114.38
CA ALA FA 400 54.27 69.08 114.31
C ALA FA 400 54.06 67.80 113.52
N LEU FA 409 51.26 73.60 102.96
CA LEU FA 409 50.49 74.46 102.06
C LEU FA 409 49.20 74.90 102.73
N ASP FA 410 48.94 74.39 103.93
CA ASP FA 410 47.69 74.66 104.63
C ASP FA 410 47.68 76.09 105.18
N ALA FA 411 46.47 76.60 105.40
CA ALA FA 411 46.32 77.90 106.02
C ALA FA 411 46.43 77.78 107.53
N ALA FA 412 46.96 78.85 108.14
CA ALA FA 412 47.21 79.00 109.58
C ALA FA 412 48.14 77.92 110.13
N THR FA 413 48.97 77.32 109.30
CA THR FA 413 50.00 76.39 109.72
C THR FA 413 51.37 76.81 109.20
N GLN FA 414 51.45 77.28 107.97
CA GLN FA 414 52.73 77.72 107.41
C GLN FA 414 53.08 79.15 107.80
N GLN FA 415 52.25 79.81 108.61
CA GLN FA 415 52.67 81.05 109.26
C GLN FA 415 53.39 80.79 110.56
N LEU FA 416 52.86 79.90 111.40
CA LEU FA 416 53.48 79.60 112.68
C LEU FA 416 54.68 78.67 112.53
N LEU FA 417 54.70 77.85 111.48
CA LEU FA 417 55.89 77.06 111.19
C LEU FA 417 57.01 77.91 110.60
N SER FA 418 56.73 79.14 110.18
CA SER FA 418 57.78 80.05 109.77
C SER FA 418 58.39 80.78 110.96
N ARG FA 419 57.56 81.41 111.79
CA ARG FA 419 58.05 82.13 112.97
C ARG FA 419 58.62 81.19 114.02
N GLY FA 420 58.03 80.01 114.17
CA GLY FA 420 58.43 79.11 115.25
C GLY FA 420 59.79 78.47 115.07
N VAL FA 421 60.36 78.57 113.87
CA VAL FA 421 61.74 78.09 113.68
C VAL FA 421 62.71 79.25 113.87
N ARG FA 422 62.29 80.48 113.61
CA ARG FA 422 63.18 81.62 113.81
C ARG FA 422 63.35 81.95 115.29
N LEU FA 423 62.43 81.49 116.14
CA LEU FA 423 62.59 81.66 117.57
C LEU FA 423 63.36 80.52 118.20
N THR FA 424 63.36 79.34 117.58
CA THR FA 424 64.17 78.25 118.07
C THR FA 424 65.66 78.52 117.80
N GLU FA 425 65.97 79.09 116.64
CA GLU FA 425 67.35 79.40 116.31
C GLU FA 425 67.82 80.67 117.02
N LEU FA 426 66.90 81.49 117.51
CA LEU FA 426 67.25 82.67 118.29
C LEU FA 426 67.73 82.30 119.68
N LEU FA 427 67.37 81.12 120.18
CA LEU FA 427 67.70 80.70 121.52
C LEU FA 427 68.91 79.78 121.59
N LYS FA 428 69.77 79.79 120.57
CA LYS FA 428 71.04 79.09 120.67
C LYS FA 428 72.10 80.05 121.23
N GLN FA 429 73.10 79.48 121.88
CA GLN FA 429 74.06 80.29 122.61
C GLN FA 429 75.37 79.53 122.69
N GLY FA 430 76.46 80.24 122.39
CA GLY FA 430 77.78 79.66 122.47
C GLY FA 430 78.22 79.43 123.90
N GLN FA 431 79.23 78.59 124.05
CA GLN FA 431 79.75 78.26 125.37
C GLN FA 431 80.53 79.43 125.95
N TYR FA 432 80.40 79.60 127.27
CA TYR FA 432 81.19 80.56 128.08
C TYR FA 432 80.96 82.00 127.67
N ALA FA 433 79.77 82.32 127.16
CA ALA FA 433 79.42 83.68 126.75
C ALA FA 433 78.18 84.13 127.52
N PRO FA 434 78.34 84.49 128.79
CA PRO FA 434 77.18 84.92 129.58
C PRO FA 434 76.78 86.34 129.22
N MET FA 435 75.56 86.50 128.73
CA MET FA 435 75.05 87.79 128.32
C MET FA 435 74.44 88.53 129.51
N ALA FA 436 74.43 89.86 129.42
CA ALA FA 436 73.79 90.67 130.43
C ALA FA 436 72.28 90.64 130.23
N ILE FA 437 71.55 91.21 131.19
CA ILE FA 437 70.09 91.14 131.15
C ILE FA 437 69.53 92.07 130.07
N GLU FA 438 70.06 93.28 129.95
CA GLU FA 438 69.49 94.26 129.03
C GLU FA 438 69.96 94.06 127.59
N GLU FA 439 70.95 93.21 127.36
CA GLU FA 439 71.32 92.86 126.00
C GLU FA 439 70.47 91.72 125.46
N GLN FA 440 69.97 90.86 126.36
CA GLN FA 440 69.00 89.84 125.97
C GLN FA 440 67.70 90.46 125.48
N VAL FA 441 67.22 91.50 126.17
CA VAL FA 441 65.88 92.05 125.93
C VAL FA 441 65.77 92.79 124.61
N ALA FA 442 66.89 93.05 123.93
CA ALA FA 442 66.85 93.59 122.58
C ALA FA 442 66.85 92.51 121.51
N VAL FA 443 67.46 91.36 121.77
CA VAL FA 443 67.52 90.27 120.80
C VAL FA 443 66.21 89.48 120.81
N ILE FA 444 65.61 89.28 121.99
CA ILE FA 444 64.29 88.68 122.05
C ILE FA 444 63.23 89.64 121.54
N TYR FA 445 63.51 90.95 121.58
CA TYR FA 445 62.59 91.94 121.03
C TYR FA 445 62.45 91.81 119.52
N ALA FA 446 63.57 91.62 118.81
CA ALA FA 446 63.54 91.54 117.36
C ALA FA 446 62.91 90.26 116.85
N GLY FA 447 62.84 89.21 117.66
CA GLY FA 447 62.30 87.95 117.22
C GLY FA 447 60.83 87.78 117.51
N VAL FA 448 60.27 88.61 118.38
CA VAL FA 448 58.86 88.50 118.72
C VAL FA 448 58.03 89.69 118.24
N ARG FA 449 58.67 90.80 117.87
CA ARG FA 449 57.94 91.94 117.34
C ARG FA 449 57.76 91.89 115.82
N GLY FA 450 58.31 90.87 115.17
CA GLY FA 450 58.11 90.71 113.75
C GLY FA 450 59.01 91.56 112.88
N TYR FA 451 60.32 91.35 112.98
CA TYR FA 451 61.29 92.03 112.14
C TYR FA 451 62.15 91.10 111.32
N LEU FA 452 62.53 89.94 111.88
CA LEU FA 452 63.32 88.95 111.17
C LEU FA 452 62.47 87.84 110.56
N ASP FA 453 61.20 88.13 110.25
CA ASP FA 453 60.32 87.13 109.65
C ASP FA 453 60.65 86.87 108.18
N LYS FA 454 61.41 87.75 107.54
CA LYS FA 454 61.70 87.63 106.12
C LYS FA 454 62.98 86.86 105.82
N LEU FA 455 63.89 86.77 106.79
CA LEU FA 455 65.22 86.24 106.54
C LEU FA 455 65.18 84.72 106.38
N GLU FA 456 66.30 84.19 105.91
CA GLU FA 456 66.45 82.74 105.82
C GLU FA 456 66.81 82.17 107.19
N PRO FA 457 66.48 80.91 107.46
CA PRO FA 457 66.79 80.35 108.79
C PRO FA 457 68.26 80.12 109.04
N SER FA 458 69.05 79.86 108.00
CA SER FA 458 70.46 79.60 108.21
C SER FA 458 71.27 80.87 108.47
N LYS FA 459 70.75 82.04 108.11
CA LYS FA 459 71.48 83.30 108.26
C LYS FA 459 70.97 84.13 109.43
N ILE FA 460 70.56 83.47 110.52
CA ILE FA 460 70.07 84.20 111.67
C ILE FA 460 71.01 84.10 112.87
N THR FA 461 71.89 83.09 112.90
CA THR FA 461 72.99 83.10 113.86
C THR FA 461 74.01 84.17 113.48
N LYS FA 462 74.12 84.46 112.19
CA LYS FA 462 74.94 85.58 111.73
C LYS FA 462 74.32 86.92 112.10
N PHE FA 463 73.00 86.98 112.25
CA PHE FA 463 72.34 88.26 112.48
C PHE FA 463 72.47 88.72 113.92
N GLU FA 464 72.38 87.81 114.88
CA GLU FA 464 72.49 88.19 116.29
C GLU FA 464 73.89 88.64 116.65
N ASN FA 465 74.92 88.08 116.00
CA ASN FA 465 76.28 88.46 116.32
C ASN FA 465 76.68 89.79 115.67
N ALA FA 466 75.86 90.27 114.73
CA ALA FA 466 76.15 91.56 114.10
C ALA FA 466 75.35 92.70 114.73
N PHE FA 467 74.12 92.43 115.17
CA PHE FA 467 73.30 93.49 115.75
C PHE FA 467 73.77 93.86 117.15
N LEU FA 468 74.14 92.85 117.96
CA LEU FA 468 74.59 93.12 119.32
C LEU FA 468 75.94 93.82 119.35
N SER FA 469 76.82 93.52 118.39
CA SER FA 469 78.17 94.06 118.41
C SER FA 469 78.22 95.55 118.09
N HIS FA 470 77.14 96.09 117.52
CA HIS FA 470 77.07 97.51 117.16
C HIS FA 470 76.23 98.34 118.10
N VAL FA 471 75.11 97.81 118.59
CA VAL FA 471 74.27 98.57 119.53
C VAL FA 471 74.93 98.64 120.90
N ILE FA 472 75.90 97.77 121.17
CA ILE FA 472 76.74 97.89 122.37
C ILE FA 472 77.74 99.03 122.27
N SER FA 473 77.93 99.58 121.07
CA SER FA 473 78.92 100.62 120.83
C SER FA 473 78.30 101.98 120.53
N GLN FA 474 77.42 102.05 119.51
CA GLN FA 474 76.89 103.35 119.10
C GLN FA 474 75.65 103.73 119.90
N HIS FA 475 74.99 102.76 120.54
CA HIS FA 475 73.86 103.07 121.41
C HIS FA 475 74.09 102.52 122.81
N GLN FA 476 75.30 102.70 123.34
CA GLN FA 476 75.60 102.20 124.67
C GLN FA 476 74.94 103.05 125.75
N ALA FA 477 74.97 104.37 125.58
CA ALA FA 477 74.34 105.27 126.54
C ALA FA 477 72.83 105.27 126.46
N LEU FA 478 72.27 104.71 125.40
CA LEU FA 478 70.83 104.63 125.23
C LEU FA 478 70.28 103.25 125.62
N LEU FA 479 71.16 102.27 125.85
CA LEU FA 479 70.79 100.97 126.37
C LEU FA 479 70.73 100.95 127.89
N GLY FA 480 71.46 101.84 128.55
CA GLY FA 480 71.54 101.84 130.00
C GLY FA 480 70.24 102.20 130.69
N LYS FA 481 69.34 102.89 130.00
CA LYS FA 481 68.04 103.23 130.58
C LYS FA 481 67.12 102.03 130.69
N ILE FA 482 67.39 100.95 129.95
CA ILE FA 482 66.65 99.71 130.16
C ILE FA 482 67.05 99.08 131.49
N ARG FA 483 68.35 99.01 131.76
CA ARG FA 483 68.84 98.38 132.98
C ARG FA 483 68.63 99.27 134.20
N ALA FA 484 68.68 100.59 134.02
CA ALA FA 484 68.52 101.49 135.17
C ALA FA 484 67.05 101.60 135.59
N ASP FA 485 66.17 101.91 134.64
CA ASP FA 485 64.76 102.05 134.98
C ASP FA 485 64.06 100.71 135.13
N GLY FA 486 64.63 99.63 134.61
CA GLY FA 486 64.10 98.31 134.82
C GLY FA 486 62.88 97.95 134.01
N LYS FA 487 62.57 98.71 132.96
CA LYS FA 487 61.35 98.49 132.20
C LYS FA 487 61.49 99.08 130.80
N ILE FA 488 60.56 98.72 129.92
CA ILE FA 488 60.47 99.29 128.59
C ILE FA 488 59.28 100.24 128.57
N SER FA 489 59.53 101.55 128.53
CA SER FA 489 58.46 102.52 128.55
C SER FA 489 58.03 102.87 127.12
N GLU FA 490 57.22 103.91 127.00
CA GLU FA 490 56.73 104.33 125.69
C GLU FA 490 57.80 105.08 124.90
N GLU FA 491 58.83 105.60 125.58
CA GLU FA 491 59.88 106.31 124.86
C GLU FA 491 61.00 105.38 124.44
N THR FA 492 61.19 104.28 125.17
CA THR FA 492 62.26 103.35 124.83
C THR FA 492 61.87 102.45 123.66
N ASP FA 493 60.63 101.98 123.62
CA ASP FA 493 60.22 101.08 122.54
C ASP FA 493 59.98 101.84 121.24
N ALA FA 494 59.62 103.12 121.32
CA ALA FA 494 59.58 103.95 120.12
C ALA FA 494 60.98 104.25 119.61
N LYS FA 495 61.95 104.29 120.54
CA LYS FA 495 63.34 104.45 120.16
C LYS FA 495 63.92 103.13 119.63
N LEU FA 496 63.48 102.00 120.21
CA LEU FA 496 63.99 100.70 119.80
C LEU FA 496 63.49 100.28 118.43
N LYS FA 497 62.40 100.88 117.95
CA LYS FA 497 61.88 100.56 116.63
C LYS FA 497 62.83 101.03 115.53
N GLU FA 498 63.55 102.14 115.78
CA GLU FA 498 64.40 102.70 114.75
C GLU FA 498 65.77 102.05 114.70
N ILE FA 499 66.20 101.44 115.81
CA ILE FA 499 67.53 100.85 115.86
C ILE FA 499 67.58 99.59 115.00
N VAL FA 500 66.51 98.81 115.03
CA VAL FA 500 66.50 97.54 114.30
C VAL FA 500 66.23 97.76 112.82
N THR FA 501 65.22 98.56 112.46
CA THR FA 501 64.84 98.73 111.06
C THR FA 501 65.85 99.55 110.27
N ASN FA 502 66.77 100.26 110.94
CA ASN FA 502 67.89 100.87 110.25
C ASN FA 502 69.06 99.90 110.11
N PHE FA 503 69.10 98.88 110.96
CA PHE FA 503 70.17 97.90 110.87
C PHE FA 503 69.88 96.84 109.83
N LEU FA 504 68.60 96.53 109.59
CA LEU FA 504 68.26 95.54 108.57
C LEU FA 504 68.48 96.09 107.17
N ALA FA 505 68.39 97.41 107.00
CA ALA FA 505 68.72 98.02 105.72
C ALA FA 505 70.22 98.00 105.45
N GLY FA 506 71.04 97.92 106.50
CA GLY FA 506 72.48 97.89 106.33
C GLY FA 506 73.08 96.51 106.45
N PHE FA 507 72.34 95.56 107.03
CA PHE FA 507 72.78 94.18 107.13
C PHE FA 507 72.64 93.52 105.77
N GLU FA 508 73.77 93.17 105.16
CA GLU FA 508 73.78 92.59 103.82
C GLU FA 508 73.32 91.14 103.90
N ALA FA 509 72.23 90.83 103.21
CA ALA FA 509 71.68 89.48 103.19
C ALA FA 509 72.52 88.57 102.30
N VAL GA 22 55.54 30.37 194.03
CA VAL GA 22 54.96 30.56 192.71
C VAL GA 22 55.06 29.27 191.90
N ASP GA 23 53.94 28.88 191.28
CA ASP GA 23 53.90 27.71 190.43
C ASP GA 23 54.34 28.06 189.02
N LEU GA 24 54.97 27.11 188.35
CA LEU GA 24 55.44 27.29 186.98
C LEU GA 24 54.90 26.21 186.06
N GLU GA 25 53.75 25.63 186.40
CA GLU GA 25 53.18 24.59 185.57
C GLU GA 25 51.74 24.91 185.21
N GLU GA 26 51.05 25.63 186.09
CA GLU GA 26 49.69 26.07 185.81
C GLU GA 26 49.60 27.57 185.57
N THR GA 27 50.71 28.29 185.70
CA THR GA 27 50.75 29.74 185.52
C THR GA 27 52.17 30.15 185.20
N GLY GA 28 52.30 31.35 184.63
CA GLY GA 28 53.59 31.86 184.22
C GLY GA 28 53.59 33.37 184.09
N ARG GA 29 54.77 33.92 183.79
CA ARG GA 29 54.99 35.36 183.80
C ARG GA 29 55.46 35.84 182.44
N VAL GA 30 55.07 37.08 182.10
CA VAL GA 30 55.38 37.67 180.80
C VAL GA 30 56.83 38.13 180.80
N LEU GA 31 57.57 37.75 179.76
CA LEU GA 31 58.97 38.13 179.62
C LEU GA 31 59.17 39.41 178.82
N SER GA 32 58.63 39.48 177.61
CA SER GA 32 58.89 40.62 176.74
C SER GA 32 57.72 40.80 175.79
N ILE GA 33 56.82 41.71 176.12
CA ILE GA 33 55.74 42.08 175.22
C ILE GA 33 56.28 43.06 174.18
N GLY GA 34 55.87 42.88 172.93
CA GLY GA 34 56.14 43.87 171.92
C GLY GA 34 55.40 43.61 170.63
N ASP GA 35 54.68 44.62 170.13
CA ASP GA 35 54.02 44.64 168.82
C ASP GA 35 52.93 43.57 168.67
N GLY GA 36 52.44 43.01 169.78
CA GLY GA 36 51.40 42.02 169.76
C GLY GA 36 51.83 40.65 170.26
N ILE GA 37 53.09 40.29 170.09
CA ILE GA 37 53.61 39.00 170.50
C ILE GA 37 54.11 39.12 171.93
N ALA GA 38 54.08 38.01 172.67
CA ALA GA 38 54.47 38.06 174.07
C ALA GA 38 55.10 36.74 174.47
N ARG GA 39 56.43 36.71 174.51
CA ARG GA 39 57.15 35.57 175.06
C ARG GA 39 56.85 35.46 176.55
N VAL GA 40 56.49 34.27 177.01
CA VAL GA 40 55.98 34.05 178.36
C VAL GA 40 56.83 32.98 179.02
N HIS GA 41 57.39 33.29 180.18
CA HIS GA 41 58.20 32.35 180.93
C HIS GA 41 57.33 31.48 181.83
N GLY GA 42 57.63 30.19 181.88
CA GLY GA 42 56.85 29.27 182.68
C GLY GA 42 55.98 28.39 181.83
N LEU GA 43 54.82 27.97 182.37
CA LEU GA 43 53.77 27.24 181.66
C LEU GA 43 54.28 25.92 181.08
N ARG GA 44 54.67 25.02 181.98
CA ARG GA 44 55.18 23.71 181.58
C ARG GA 44 54.08 22.74 181.16
N ASN GA 45 52.82 23.08 181.35
CA ASN GA 45 51.71 22.18 181.08
C ASN GA 45 50.70 22.82 180.15
N VAL GA 46 51.18 23.47 179.09
CA VAL GA 46 50.32 24.13 178.12
C VAL GA 46 50.33 23.32 176.83
N GLN GA 47 49.16 22.92 176.38
CA GLN GA 47 49.02 22.22 175.11
C GLN GA 47 49.20 23.20 173.95
N ALA GA 48 49.59 22.67 172.80
CA ALA GA 48 49.75 23.50 171.62
C ALA GA 48 48.40 24.00 171.13
N GLU GA 49 48.39 25.26 170.67
CA GLU GA 49 47.20 25.99 170.22
C GLU GA 49 46.12 26.10 171.30
N GLU GA 50 46.52 26.20 172.57
CA GLU GA 50 45.59 26.39 173.67
C GLU GA 50 45.40 27.88 173.94
N MET GA 51 44.19 28.27 174.29
CA MET GA 51 43.88 29.65 174.62
C MET GA 51 44.17 29.91 176.09
N VAL GA 52 44.93 30.97 176.38
CA VAL GA 52 45.27 31.35 177.74
C VAL GA 52 44.71 32.75 178.01
N GLU GA 53 44.69 33.12 179.28
CA GLU GA 53 44.06 34.35 179.74
C GLU GA 53 45.07 35.17 180.54
N PHE GA 54 45.21 36.44 180.18
CA PHE GA 54 46.17 37.32 180.83
C PHE GA 54 45.61 37.80 182.16
N SER GA 55 46.38 38.64 182.87
CA SER GA 55 45.91 39.18 184.14
C SER GA 55 45.06 40.43 183.97
N SER GA 56 45.28 41.19 182.92
CA SER GA 56 44.54 42.42 182.69
C SER GA 56 43.13 42.16 182.16
N GLY GA 57 42.90 41.02 181.52
CA GLY GA 57 41.59 40.70 180.97
C GLY GA 57 41.62 40.28 179.52
N LEU GA 58 42.76 40.37 178.84
CA LEU GA 58 42.86 39.91 177.47
C LEU GA 58 42.97 38.38 177.43
N LYS GA 59 43.00 37.84 176.21
CA LYS GA 59 43.11 36.40 176.01
C LYS GA 59 44.18 36.13 174.97
N GLY GA 60 44.91 35.03 175.16
CA GLY GA 60 46.00 34.67 174.27
C GLY GA 60 45.82 33.33 173.60
N MET GA 61 46.83 32.88 172.86
CA MET GA 61 46.80 31.58 172.19
C MET GA 61 48.24 31.15 171.92
N SER GA 62 48.69 30.10 172.60
CA SER GA 62 50.09 29.68 172.53
C SER GA 62 50.34 28.94 171.23
N LEU GA 63 51.12 29.56 170.33
CA LEU GA 63 51.46 28.93 169.06
C LEU GA 63 52.81 28.22 169.13
N ASN GA 64 53.89 28.96 169.41
CA ASN GA 64 55.22 28.39 169.48
C ASN GA 64 55.45 27.80 170.86
N LEU GA 65 56.04 26.61 170.90
CA LEU GA 65 56.48 25.98 172.14
C LEU GA 65 57.99 25.75 172.02
N GLU GA 66 58.74 26.46 172.84
CA GLU GA 66 60.19 26.40 172.86
C GLU GA 66 60.66 25.91 174.23
N PRO GA 67 61.88 25.39 174.35
CA PRO GA 67 62.31 24.80 175.63
C PRO GA 67 62.49 25.79 176.78
N ASP GA 68 62.38 27.09 176.56
CA ASP GA 68 62.45 28.06 177.64
C ASP GA 68 61.25 29.01 177.69
N ASN GA 69 60.71 29.42 176.56
CA ASN GA 69 59.61 30.37 176.53
C ASN GA 69 58.47 29.81 175.70
N VAL GA 70 57.37 30.55 175.65
CA VAL GA 70 56.14 30.14 174.98
C VAL GA 70 55.65 31.33 174.15
N GLY GA 71 55.56 31.14 172.84
CA GLY GA 71 55.09 32.21 171.99
C GLY GA 71 53.59 32.40 172.06
N VAL GA 72 53.13 33.55 172.54
CA VAL GA 72 51.72 33.81 172.77
C VAL GA 72 51.30 35.06 172.02
N VAL GA 73 50.38 34.91 171.07
CA VAL GA 73 49.79 36.05 170.38
C VAL GA 73 48.64 36.56 171.26
N VAL GA 74 48.24 37.81 171.05
CA VAL GA 74 47.29 38.48 171.94
C VAL GA 74 46.04 38.84 171.14
N PHE GA 75 44.90 38.28 171.53
CA PHE GA 75 43.62 38.56 170.88
C PHE GA 75 43.13 39.93 171.34
N GLY GA 76 43.62 40.97 170.67
CA GLY GA 76 43.24 42.32 171.02
C GLY GA 76 44.42 43.24 171.15
N ASN GA 77 44.27 44.33 171.89
CA ASN GA 77 45.31 45.33 172.05
C ASN GA 77 46.23 44.95 173.19
N ASP GA 78 47.48 45.40 173.12
CA ASP GA 78 48.51 44.99 174.07
C ASP GA 78 49.17 46.16 174.80
N LYS GA 79 48.59 47.36 174.72
CA LYS GA 79 49.14 48.47 175.50
C LYS GA 79 48.80 48.38 176.98
N LEU GA 80 47.96 47.43 177.39
CA LEU GA 80 47.70 47.17 178.79
C LEU GA 80 48.50 46.00 179.32
N ILE GA 81 49.21 45.28 178.46
CA ILE GA 81 50.14 44.24 178.89
C ILE GA 81 51.50 44.89 179.15
N LYS GA 82 52.20 44.40 180.16
CA LYS GA 82 53.55 44.86 180.44
C LYS GA 82 54.32 43.71 181.09
N GLU GA 83 55.62 43.91 181.23
CA GLU GA 83 56.50 42.84 181.69
C GLU GA 83 56.29 42.59 183.18
N GLY GA 84 56.06 41.33 183.52
CA GLY GA 84 55.84 40.94 184.90
C GLY GA 84 54.43 40.51 185.23
N ASP GA 85 53.52 40.55 184.26
CA ASP GA 85 52.14 40.14 184.49
C ASP GA 85 52.04 38.63 184.65
N ILE GA 86 50.87 38.17 185.07
CA ILE GA 86 50.62 36.77 185.34
C ILE GA 86 49.69 36.21 184.27
N VAL GA 87 50.06 35.06 183.71
CA VAL GA 87 49.29 34.40 182.66
C VAL GA 87 48.73 33.10 183.23
N LYS GA 88 47.43 32.88 183.06
CA LYS GA 88 46.75 31.71 183.57
C LYS GA 88 46.21 30.87 182.42
N ARG GA 89 46.23 29.56 182.63
CA ARG GA 89 45.69 28.62 181.66
C ARG GA 89 44.16 28.62 181.71
N THR GA 90 43.56 28.01 180.71
CA THR GA 90 42.13 27.70 180.70
C THR GA 90 41.83 26.24 180.42
N GLY GA 91 42.74 25.52 179.78
CA GLY GA 91 42.57 24.11 179.52
C GLY GA 91 41.80 23.79 178.25
N ALA GA 92 41.24 24.80 177.59
CA ALA GA 92 40.42 24.59 176.39
C ALA GA 92 41.19 25.07 175.17
N ILE GA 93 41.39 24.18 174.21
CA ILE GA 93 41.80 24.58 172.87
C ILE GA 93 40.69 25.45 172.30
N VAL GA 94 41.08 26.45 171.49
CA VAL GA 94 40.22 27.59 171.16
C VAL GA 94 38.94 27.15 170.45
N ASP GA 95 37.81 27.44 171.08
CA ASP GA 95 36.51 26.98 170.63
C ASP GA 95 35.53 28.14 170.68
N VAL GA 96 34.52 28.05 169.83
CA VAL GA 96 33.58 29.15 169.63
C VAL GA 96 32.18 28.64 169.99
N PRO GA 97 31.40 29.41 170.75
CA PRO GA 97 30.03 28.99 171.08
C PRO GA 97 29.14 28.95 169.86
N VAL GA 98 28.52 27.80 169.62
CA VAL GA 98 27.79 27.53 168.39
C VAL GA 98 26.36 27.13 168.73
N GLY GA 99 25.45 27.45 167.83
CA GLY GA 99 24.05 27.14 168.02
C GLY GA 99 23.22 27.77 166.91
N GLU GA 100 21.93 27.92 167.20
CA GLU GA 100 21.00 28.60 166.30
C GLU GA 100 20.56 29.95 166.84
N GLU GA 101 20.99 30.31 168.05
CA GLU GA 101 20.65 31.58 168.65
C GLU GA 101 21.40 32.75 168.07
N LEU GA 102 22.42 32.49 167.23
CA LEU GA 102 23.22 33.55 166.63
C LEU GA 102 22.54 34.17 165.40
N LEU GA 103 21.34 33.74 165.05
CA LEU GA 103 20.65 34.30 163.89
C LEU GA 103 20.17 35.71 164.22
N GLY GA 104 20.60 36.68 163.44
CA GLY GA 104 20.29 38.07 163.68
C GLY GA 104 21.34 38.82 164.47
N ARG GA 105 22.30 38.13 165.06
CA ARG GA 105 23.31 38.75 165.92
C ARG GA 105 24.59 38.99 165.15
N VAL GA 106 25.19 40.17 165.35
CA VAL GA 106 26.52 40.48 164.83
C VAL GA 106 27.54 40.07 165.89
N VAL GA 107 28.55 39.32 165.47
CA VAL GA 107 29.46 38.63 166.36
C VAL GA 107 30.89 38.97 165.93
N ASP GA 108 31.80 39.12 166.89
CA ASP GA 108 33.22 39.28 166.56
C ASP GA 108 33.85 37.91 166.27
N ALA GA 109 35.18 37.85 166.24
CA ALA GA 109 35.85 36.62 165.83
C ALA GA 109 35.82 35.57 166.93
N LEU GA 110 35.54 35.97 168.17
CA LEU GA 110 35.68 35.07 169.30
C LEU GA 110 34.35 34.59 169.88
N GLY GA 111 33.22 35.06 169.37
CA GLY GA 111 31.94 34.63 169.90
C GLY GA 111 31.15 35.70 170.60
N ASN GA 112 31.75 36.84 170.93
CA ASN GA 112 31.04 37.88 171.67
C ASN GA 112 30.21 38.74 170.72
N ALA GA 113 29.22 39.42 171.28
CA ALA GA 113 28.28 40.22 170.50
C ALA GA 113 28.69 41.67 170.51
N ILE GA 114 28.65 42.32 169.34
CA ILE GA 114 29.04 43.72 169.22
C ILE GA 114 27.89 44.59 168.73
N ASP GA 115 26.65 44.12 168.81
CA ASP GA 115 25.51 44.93 168.40
C ASP GA 115 24.79 45.56 169.57
N GLY GA 116 25.18 45.24 170.81
CA GLY GA 116 24.53 45.79 171.98
C GLY GA 116 23.12 45.30 172.19
N LYS GA 117 22.92 43.98 172.15
CA LYS GA 117 21.61 43.39 172.29
C LYS GA 117 21.54 42.38 173.42
N GLY GA 118 22.58 42.29 174.24
CA GLY GA 118 22.64 41.30 175.28
C GLY GA 118 23.55 40.15 174.93
N PRO GA 119 23.71 39.20 175.83
CA PRO GA 119 24.63 38.08 175.57
C PRO GA 119 24.03 37.07 174.61
N ILE GA 120 24.88 36.14 174.17
CA ILE GA 120 24.42 35.02 173.35
C ILE GA 120 24.03 33.86 174.25
N GLY GA 121 22.81 33.37 174.09
CA GLY GA 121 22.29 32.29 174.88
C GLY GA 121 22.54 30.90 174.34
N SER GA 122 23.66 30.68 173.66
CA SER GA 122 23.95 29.36 173.13
C SER GA 122 24.37 28.41 174.24
N LYS GA 123 24.15 27.12 174.03
CA LYS GA 123 24.41 26.10 175.04
C LYS GA 123 25.60 25.22 174.70
N THR GA 124 25.99 25.14 173.43
CA THR GA 124 27.03 24.23 172.98
C THR GA 124 28.27 25.00 172.54
N ARG GA 125 29.42 24.33 172.63
CA ARG GA 125 30.70 24.85 172.20
C ARG GA 125 31.40 23.81 171.32
N ARG GA 126 32.29 24.29 170.45
CA ARG GA 126 32.87 23.44 169.42
C ARG GA 126 34.17 24.07 168.93
N ARG GA 127 35.21 23.25 168.77
CA ARG GA 127 36.53 23.73 168.38
C ARG GA 127 36.54 24.27 166.96
N VAL GA 128 37.65 24.93 166.60
CA VAL GA 128 37.79 25.54 165.28
C VAL GA 128 38.85 24.84 164.43
N GLY GA 129 39.58 23.89 164.99
CA GLY GA 129 40.62 23.21 164.25
C GLY GA 129 40.25 21.78 163.92
N LEU GA 130 39.01 21.55 163.51
CA LEU GA 130 38.53 20.20 163.28
C LEU GA 130 38.81 19.75 161.85
N LYS GA 131 38.84 18.43 161.68
CA LYS GA 131 39.17 17.79 160.41
C LYS GA 131 37.94 17.67 159.53
N ALA GA 132 38.17 17.65 158.22
CA ALA GA 132 37.09 17.62 157.26
C ALA GA 132 36.51 16.22 157.13
N PRO GA 133 35.27 16.08 156.66
CA PRO GA 133 34.72 14.76 156.38
C PRO GA 133 35.46 14.07 155.23
N GLY GA 134 35.68 12.76 155.41
CA GLY GA 134 36.50 11.99 154.51
C GLY GA 134 35.81 11.59 153.21
N ILE GA 135 36.13 10.39 152.75
CA ILE GA 135 35.59 9.91 151.48
C ILE GA 135 34.19 9.31 151.65
N ILE GA 136 33.99 8.47 152.67
CA ILE GA 136 32.75 7.75 152.90
C ILE GA 136 31.56 8.67 153.22
N PRO GA 137 31.59 9.60 154.19
CA PRO GA 137 30.34 10.32 154.53
C PRO GA 137 29.93 11.41 153.56
N ARG GA 138 30.48 11.49 152.36
CA ARG GA 138 29.98 12.46 151.40
C ARG GA 138 29.07 11.79 150.39
N ILE GA 139 28.49 12.61 149.51
CA ILE GA 139 27.63 12.15 148.41
C ILE GA 139 27.66 13.25 147.35
N SER GA 140 27.26 12.90 146.13
CA SER GA 140 27.34 13.82 145.01
C SER GA 140 26.32 14.95 145.16
N VAL GA 141 26.58 16.05 144.46
CA VAL GA 141 25.75 17.25 144.50
C VAL GA 141 24.46 16.94 143.73
N ARG GA 142 23.32 17.14 144.38
CA ARG GA 142 22.02 16.82 143.80
C ARG GA 142 21.04 17.98 143.76
N GLU GA 143 21.09 18.89 144.72
CA GLU GA 143 20.13 19.98 144.77
C GLU GA 143 20.60 21.16 143.94
N PRO GA 144 19.71 22.09 143.61
CA PRO GA 144 20.15 23.38 143.07
C PRO GA 144 20.40 24.41 144.16
N MET GA 145 20.84 25.60 143.78
CA MET GA 145 21.00 26.71 144.72
C MET GA 145 20.88 28.00 143.92
N GLN GA 146 19.71 28.63 143.98
CA GLN GA 146 19.41 29.77 143.13
C GLN GA 146 20.02 31.05 143.70
N THR GA 147 20.70 31.79 142.84
CA THR GA 147 21.40 33.00 143.27
C THR GA 147 20.83 34.29 142.71
N GLY GA 148 19.67 34.25 142.06
CA GLY GA 148 18.98 35.45 141.66
C GLY GA 148 19.51 36.15 140.43
N ILE GA 149 20.82 36.05 140.15
CA ILE GA 149 21.40 36.72 138.99
C ILE GA 149 21.05 35.94 137.74
N LYS GA 150 20.70 36.65 136.66
CA LYS GA 150 20.30 35.99 135.42
C LYS GA 150 21.46 35.25 134.78
N ALA GA 151 22.64 35.86 134.74
CA ALA GA 151 23.79 35.26 134.06
C ALA GA 151 24.39 34.10 134.82
N VAL GA 152 24.17 34.01 136.13
CA VAL GA 152 24.78 32.94 136.90
C VAL GA 152 23.88 31.72 136.93
N ASP GA 153 22.55 31.91 136.95
CA ASP GA 153 21.67 30.76 137.06
C ASP GA 153 21.47 30.05 135.72
N SER GA 154 21.68 30.75 134.60
CA SER GA 154 21.54 30.14 133.29
C SER GA 154 22.83 29.46 132.81
N LEU GA 155 23.96 30.14 132.98
CA LEU GA 155 25.20 29.69 132.35
C LEU GA 155 26.18 29.05 133.33
N VAL GA 156 26.30 29.56 134.54
CA VAL GA 156 27.33 29.09 135.47
C VAL GA 156 26.62 28.56 136.72
N PRO GA 157 25.95 27.41 136.66
CA PRO GA 157 25.07 27.03 137.77
C PRO GA 157 25.85 26.55 138.99
N ILE GA 158 25.31 26.87 140.16
CA ILE GA 158 25.96 26.60 141.43
C ILE GA 158 25.11 25.60 142.19
N GLY GA 159 25.70 24.47 142.54
CA GLY GA 159 24.99 23.43 143.26
C GLY GA 159 24.91 23.72 144.74
N ARG GA 160 24.64 22.68 145.52
CA ARG GA 160 24.50 22.83 146.96
C ARG GA 160 25.43 21.82 147.62
N GLY GA 161 26.57 22.31 148.11
CA GLY GA 161 27.69 21.48 148.49
C GLY GA 161 28.95 21.79 147.72
N GLN GA 162 28.87 22.67 146.73
CA GLN GA 162 29.95 23.05 145.85
C GLN GA 162 30.81 24.12 146.55
N ARG GA 163 31.71 24.75 145.80
CA ARG GA 163 32.44 25.94 146.21
C ARG GA 163 32.86 26.71 144.97
N GLU GA 164 32.31 27.91 144.82
CA GLU GA 164 32.57 28.73 143.64
C GLU GA 164 33.38 29.94 144.05
N LEU GA 165 34.39 30.26 143.25
CA LEU GA 165 35.20 31.44 143.50
C LEU GA 165 34.62 32.64 142.76
N ILE GA 166 34.61 33.78 143.45
CA ILE GA 166 34.38 35.08 142.81
C ILE GA 166 35.74 35.74 142.81
N ILE GA 167 36.17 36.25 141.66
CA ILE GA 167 37.52 36.76 141.51
C ILE GA 167 37.53 37.85 140.45
N GLY GA 168 38.13 38.99 140.80
CA GLY GA 168 38.23 40.09 139.88
C GLY GA 168 39.01 41.21 140.53
N ASP GA 169 38.93 42.39 139.92
CA ASP GA 169 39.67 43.54 140.41
C ASP GA 169 38.90 44.22 141.53
N ARG GA 170 39.35 45.42 141.90
CA ARG GA 170 38.66 46.23 142.88
C ARG GA 170 37.63 47.10 142.20
N GLN GA 171 36.49 47.30 142.90
CA GLN GA 171 35.32 48.04 142.40
C GLN GA 171 34.81 47.48 141.08
N THR GA 172 34.61 46.16 141.04
CA THR GA 172 33.99 45.50 139.90
C THR GA 172 32.69 44.82 140.25
N GLY GA 173 32.40 44.63 141.55
CA GLY GA 173 31.14 44.05 141.96
C GLY GA 173 31.24 42.67 142.57
N LYS GA 174 32.31 42.42 143.33
CA LYS GA 174 32.50 41.10 143.90
C LYS GA 174 31.60 40.86 145.11
N THR GA 175 31.15 41.93 145.76
CA THR GA 175 30.32 41.75 146.95
C THR GA 175 28.84 41.90 146.62
N SER GA 176 28.51 42.67 145.58
CA SER GA 176 27.12 42.78 145.14
C SER GA 176 26.60 41.51 144.49
N ILE GA 177 27.48 40.56 144.14
CA ILE GA 177 27.04 39.24 143.72
C ILE GA 177 26.71 38.39 144.95
N ALA GA 178 27.53 38.49 145.99
CA ALA GA 178 27.33 37.70 147.20
C ALA GA 178 26.36 38.33 148.17
N ILE GA 179 25.76 39.47 147.84
CA ILE GA 179 24.75 40.07 148.69
C ILE GA 179 23.34 39.84 148.17
N ASP GA 180 23.17 39.60 146.86
CA ASP GA 180 21.87 39.22 146.33
C ASP GA 180 21.51 37.79 146.66
N THR GA 181 22.50 36.93 146.85
CA THR GA 181 22.27 35.55 147.24
C THR GA 181 21.68 35.47 148.65
N ILE GA 182 22.00 36.43 149.52
CA ILE GA 182 21.41 36.46 150.86
C ILE GA 182 19.96 36.88 150.79
N ILE GA 183 19.65 37.85 149.93
CA ILE GA 183 18.28 38.36 149.81
C ILE GA 183 17.40 37.33 149.10
N ASN GA 184 17.98 36.54 148.20
CA ASN GA 184 17.23 35.64 147.35
C ASN GA 184 16.59 34.48 148.11
N GLN GA 185 17.12 34.10 149.27
CA GLN GA 185 16.52 33.02 150.03
C GLN GA 185 15.37 33.47 150.92
N LYS GA 186 14.84 34.68 150.71
CA LYS GA 186 13.69 35.12 151.49
C LYS GA 186 12.44 34.34 151.12
N ARG GA 187 12.31 33.96 149.84
CA ARG GA 187 11.12 33.25 149.37
C ARG GA 187 11.09 31.80 149.83
N PHE GA 188 12.24 31.24 150.17
CA PHE GA 188 12.29 29.86 150.66
C PHE GA 188 12.20 29.76 152.17
N ASN GA 189 12.81 30.71 152.89
CA ASN GA 189 12.80 30.66 154.35
C ASN GA 189 11.47 31.10 154.95
N ASP GA 190 10.75 32.01 154.29
CA ASP GA 190 9.47 32.46 154.85
C ASP GA 190 8.36 31.44 154.68
N GLY GA 191 8.50 30.53 153.71
CA GLY GA 191 7.48 29.52 153.45
C GLY GA 191 7.57 28.34 154.39
N THR GA 192 7.15 27.18 153.87
CA THR GA 192 7.01 25.99 154.70
C THR GA 192 7.75 24.77 154.18
N ASP GA 193 8.43 24.86 153.04
CA ASP GA 193 9.24 23.75 152.56
C ASP GA 193 10.49 23.60 153.43
N GLU GA 194 10.56 22.50 154.17
CA GLU GA 194 11.58 22.33 155.20
C GLU GA 194 12.97 22.12 154.60
N LYS GA 195 13.05 21.32 153.54
CA LYS GA 195 14.34 20.98 152.95
C LYS GA 195 14.75 21.96 151.86
N LYS GA 196 14.27 23.20 151.92
CA LYS GA 196 14.72 24.25 151.01
C LYS GA 196 15.16 25.50 151.76
N LYS GA 197 15.40 25.41 153.07
CA LYS GA 197 15.81 26.55 153.85
C LYS GA 197 17.33 26.68 153.87
N LEU GA 198 17.83 27.86 153.53
CA LEU GA 198 19.27 28.14 153.46
C LEU GA 198 19.59 29.25 154.46
N TYR GA 199 20.38 28.90 155.48
CA TYR GA 199 20.78 29.86 156.51
C TYR GA 199 22.12 30.47 156.15
N CYS GA 200 22.12 31.72 155.72
CA CYS GA 200 23.31 32.40 155.26
C CYS GA 200 24.23 32.77 156.43
N ILE GA 201 25.55 32.83 156.14
CA ILE GA 201 26.58 33.28 157.06
C ILE GA 201 27.48 34.24 156.28
N TYR GA 202 27.94 35.30 156.95
CA TYR GA 202 28.75 36.32 156.30
C TYR GA 202 29.96 36.63 157.17
N VAL GA 203 31.15 36.40 156.64
CA VAL GA 203 32.39 36.78 157.31
C VAL GA 203 32.97 38.00 156.60
N ALA GA 204 33.38 39.01 157.37
CA ALA GA 204 33.88 40.26 156.82
C ALA GA 204 35.28 40.51 157.38
N ILE GA 205 36.29 40.30 156.54
CA ILE GA 205 37.69 40.43 156.94
C ILE GA 205 38.27 41.64 156.23
N GLY GA 206 39.06 42.43 156.96
CA GLY GA 206 39.82 43.50 156.34
C GLY GA 206 39.04 44.67 155.83
N GLN GA 207 37.75 44.78 156.17
CA GLN GA 207 36.95 45.92 155.79
C GLN GA 207 36.90 46.91 156.95
N LYS GA 208 36.43 48.12 156.66
CA LYS GA 208 36.25 49.07 157.73
C LYS GA 208 34.85 48.94 158.33
N ARG GA 209 34.67 49.53 159.51
CA ARG GA 209 33.40 49.44 160.23
C ARG GA 209 32.29 50.25 159.60
N SER GA 210 32.61 51.14 158.66
CA SER GA 210 31.60 51.91 157.93
C SER GA 210 31.23 51.24 156.62
N THR GA 211 31.44 49.94 156.51
CA THR GA 211 31.00 49.17 155.34
C THR GA 211 30.28 47.93 155.83
N VAL GA 212 30.69 47.42 156.99
CA VAL GA 212 29.94 46.35 157.64
C VAL GA 212 28.62 46.90 158.17
N ALA GA 213 28.63 48.11 158.71
CA ALA GA 213 27.40 48.71 159.23
C ALA GA 213 26.45 49.12 158.12
N GLN GA 214 26.99 49.59 156.99
CA GLN GA 214 26.12 49.96 155.87
C GLN GA 214 25.56 48.72 155.17
N LEU GA 215 26.24 47.58 155.30
CA LEU GA 215 25.73 46.34 154.71
C LEU GA 215 24.51 45.84 155.47
N VAL GA 216 24.56 45.84 156.81
CA VAL GA 216 23.43 45.34 157.59
C VAL GA 216 22.26 46.31 157.63
N LYS GA 217 22.38 47.48 157.02
CA LYS GA 217 21.21 48.28 156.72
C LYS GA 217 20.49 47.77 155.48
N ARG GA 218 21.23 47.17 154.53
CA ARG GA 218 20.57 46.54 153.38
C ARG GA 218 19.93 45.22 153.75
N LEU GA 219 20.52 44.47 154.68
CA LEU GA 219 19.97 43.21 155.13
C LEU GA 219 18.85 43.37 156.14
N THR GA 220 18.51 44.59 156.53
CA THR GA 220 17.36 44.84 157.37
C THR GA 220 16.29 45.65 156.66
N ASP GA 221 16.65 46.39 155.61
CA ASP GA 221 15.67 47.06 154.76
C ASP GA 221 14.84 46.05 153.99
N ALA GA 222 15.46 45.01 153.45
CA ALA GA 222 14.75 43.97 152.73
C ALA GA 222 14.41 42.77 153.60
N ASP GA 223 14.49 42.91 154.93
CA ASP GA 223 14.04 41.95 155.93
C ASP GA 223 14.77 40.61 155.77
N ALA GA 224 16.10 40.70 155.67
CA ALA GA 224 16.93 39.53 155.47
C ALA GA 224 17.85 39.24 156.65
N MET GA 225 17.79 40.02 157.72
CA MET GA 225 18.68 39.81 158.86
C MET GA 225 18.18 38.74 159.81
N LYS GA 226 16.99 38.20 159.60
CA LYS GA 226 16.39 37.30 160.58
C LYS GA 226 16.83 35.85 160.43
N TYR GA 227 17.66 35.54 159.42
CA TYR GA 227 18.14 34.17 159.26
C TYR GA 227 19.63 34.10 158.98
N THR GA 228 20.36 35.19 159.17
CA THR GA 228 21.77 35.26 158.82
C THR GA 228 22.60 35.68 160.01
N ILE GA 229 23.88 35.29 159.98
CA ILE GA 229 24.87 35.69 160.97
C ILE GA 229 25.91 36.54 160.26
N VAL GA 230 26.43 37.55 160.94
CA VAL GA 230 27.53 38.37 160.41
C VAL GA 230 28.67 38.30 161.41
N VAL GA 231 29.78 37.71 160.99
CA VAL GA 231 31.00 37.61 161.79
C VAL GA 231 31.98 38.64 161.24
N SER GA 232 32.35 39.63 162.04
CA SER GA 232 33.11 40.77 161.56
C SER GA 232 34.38 40.92 162.37
N ALA GA 233 35.52 40.97 161.67
CA ALA GA 233 36.83 41.28 162.24
C ALA GA 233 37.42 42.39 161.39
N THR GA 234 37.13 43.64 161.75
CA THR GA 234 37.55 44.80 160.98
C THR GA 234 39.04 45.08 161.17
N ALA GA 235 39.53 46.13 160.52
CA ALA GA 235 40.98 46.33 160.40
C ALA GA 235 41.61 46.80 161.69
N SER GA 236 40.84 47.45 162.58
CA SER GA 236 41.39 47.85 163.87
C SER GA 236 41.60 46.69 164.81
N ASP GA 237 41.01 45.53 164.52
CA ASP GA 237 41.29 44.34 165.31
C ASP GA 237 42.71 43.86 165.03
N ALA GA 238 43.27 43.15 165.99
CA ALA GA 238 44.61 42.59 165.85
C ALA GA 238 44.62 41.53 164.76
N ALA GA 239 45.79 41.36 164.16
CA ALA GA 239 45.98 40.29 163.17
C ALA GA 239 45.73 38.87 163.68
N PRO GA 240 45.81 38.54 164.98
CA PRO GA 240 45.21 37.29 165.43
C PRO GA 240 43.68 37.23 165.41
N LEU GA 241 42.98 38.32 165.08
CA LEU GA 241 41.54 38.23 164.92
C LEU GA 241 41.10 38.20 163.47
N GLN GA 242 41.87 38.82 162.57
CA GLN GA 242 41.56 38.71 161.15
C GLN GA 242 41.96 37.35 160.60
N TYR GA 243 42.80 36.62 161.31
CA TYR GA 243 43.24 35.32 160.83
C TYR GA 243 42.29 34.20 161.27
N LEU GA 244 41.57 34.40 162.37
CA LEU GA 244 40.75 33.35 162.96
C LEU GA 244 39.28 33.48 162.59
N ALA GA 245 38.89 34.57 161.94
CA ALA GA 245 37.47 34.79 161.63
C ALA GA 245 36.89 33.85 160.57
N PRO GA 246 37.64 33.40 159.52
CA PRO GA 246 37.08 32.33 158.69
C PRO GA 246 37.05 30.98 159.37
N TYR GA 247 37.96 30.73 160.29
CA TYR GA 247 37.91 29.47 161.03
C TYR GA 247 36.90 29.49 162.15
N SER GA 248 36.30 30.65 162.43
CA SER GA 248 35.23 30.79 163.39
C SER GA 248 33.85 30.73 162.76
N GLY GA 249 33.68 31.31 161.57
CA GLY GA 249 32.40 31.30 160.90
C GLY GA 249 32.11 29.97 160.24
N CYS GA 250 33.16 29.26 159.82
CA CYS GA 250 32.97 27.94 159.24
C CYS GA 250 32.53 26.93 160.29
N SER GA 251 32.96 27.11 161.53
CA SER GA 251 32.52 26.24 162.61
C SER GA 251 31.15 26.60 163.14
N MET GA 252 30.56 27.70 162.67
CA MET GA 252 29.17 28.00 162.95
C MET GA 252 28.24 27.31 161.96
N GLY GA 253 28.70 27.11 160.73
CA GLY GA 253 27.94 26.38 159.73
C GLY GA 253 28.13 24.89 159.76
N GLU GA 254 28.99 24.37 160.65
CA GLU GA 254 29.14 22.94 160.80
C GLU GA 254 28.17 22.36 161.82
N TYR GA 255 27.51 23.20 162.60
CA TYR GA 255 26.39 22.73 163.41
C TYR GA 255 25.15 22.54 162.57
N PHE GA 256 25.07 23.23 161.44
CA PHE GA 256 23.96 23.06 160.52
C PHE GA 256 24.15 21.84 159.65
N ARG GA 257 25.40 21.56 159.26
CA ARG GA 257 25.68 20.44 158.37
C ARG GA 257 25.51 19.10 159.09
N ASP GA 258 25.86 19.04 160.36
CA ASP GA 258 25.71 17.81 161.14
C ASP GA 258 24.29 17.56 161.63
N ASN GA 259 23.38 18.51 161.43
CA ASN GA 259 22.03 18.43 161.99
C ASN GA 259 20.98 18.71 160.91
N GLY GA 260 21.17 18.15 159.72
CA GLY GA 260 20.10 18.11 158.75
C GLY GA 260 19.87 19.36 157.91
N LYS GA 261 20.03 20.53 158.50
CA LYS GA 261 19.70 21.77 157.81
C LYS GA 261 20.81 22.15 156.82
N HIS GA 262 20.59 23.23 156.08
CA HIS GA 262 21.50 23.67 155.04
C HIS GA 262 22.04 25.06 155.38
N ALA GA 263 23.21 25.40 154.83
CA ALA GA 263 23.87 26.66 155.18
C ALA GA 263 24.61 27.19 153.95
N LEU GA 264 25.19 28.38 154.11
CA LEU GA 264 25.92 29.07 153.06
C LEU GA 264 26.81 30.12 153.71
N ILE GA 265 28.07 30.17 153.31
CA ILE GA 265 29.06 31.03 153.96
C ILE GA 265 29.86 31.76 152.89
N ILE GA 266 30.14 33.05 153.14
CA ILE GA 266 30.84 33.90 152.19
C ILE GA 266 32.04 34.51 152.89
N TYR GA 267 33.23 34.32 152.32
CA TYR GA 267 34.46 34.87 152.85
C TYR GA 267 34.88 36.05 151.98
N ASP GA 268 34.69 37.27 152.47
CA ASP GA 268 34.97 38.47 151.70
C ASP GA 268 35.95 39.34 152.49
N ASP GA 269 37.25 39.16 152.27
CA ASP GA 269 37.81 38.25 151.26
C ASP GA 269 38.97 37.44 151.82
N LEU GA 270 39.48 36.51 151.03
CA LEU GA 270 40.52 35.60 151.47
C LEU GA 270 41.92 36.07 151.14
N SER GA 271 42.07 37.26 150.56
CA SER GA 271 43.41 37.81 150.38
C SER GA 271 43.90 38.50 151.65
N LYS GA 272 43.04 39.28 152.29
CA LYS GA 272 43.39 39.94 153.55
C LYS GA 272 43.51 38.96 154.71
N GLN GA 273 43.02 37.75 154.55
CA GLN GA 273 43.23 36.69 155.55
C GLN GA 273 44.63 36.11 155.43
N ALA GA 274 45.37 36.45 154.37
CA ALA GA 274 46.75 36.03 154.21
C ALA GA 274 47.74 37.17 154.42
N VAL GA 275 47.35 38.41 154.18
CA VAL GA 275 48.18 39.56 154.54
C VAL GA 275 48.28 39.67 156.05
N ALA GA 276 47.23 39.27 156.76
CA ALA GA 276 47.23 39.31 158.21
C ALA GA 276 47.81 38.06 158.83
N TYR GA 277 47.98 36.99 158.06
CA TYR GA 277 48.66 35.81 158.59
C TYR GA 277 50.16 35.89 158.33
N ARG GA 278 50.56 36.63 157.29
CA ARG GA 278 51.98 36.92 157.07
C ARG GA 278 52.57 37.72 158.22
N GLN GA 279 51.91 38.80 158.61
CA GLN GA 279 52.44 39.69 159.64
C GLN GA 279 52.43 39.03 161.01
N MET GA 280 51.40 38.25 161.32
CA MET GA 280 51.36 37.49 162.56
C MET GA 280 52.44 36.42 162.64
N SER GA 281 52.94 35.96 161.50
CA SER GA 281 53.96 34.91 161.48
C SER GA 281 55.36 35.43 161.22
N LEU GA 282 55.51 36.66 160.73
CA LEU GA 282 56.85 37.26 160.66
C LEU GA 282 57.35 37.62 162.04
N LEU GA 283 56.49 38.21 162.88
CA LEU GA 283 56.87 38.66 164.20
C LEU GA 283 57.11 37.53 165.19
N LEU GA 284 56.79 36.29 164.84
CA LEU GA 284 57.17 35.13 165.64
C LEU GA 284 58.56 34.61 165.27
N ARG GA 285 59.31 35.36 164.46
CA ARG GA 285 60.65 35.02 163.95
C ARG GA 285 60.64 33.69 163.20
N ARG GA 286 59.90 33.69 162.09
CA ARG GA 286 59.85 32.59 161.16
C ARG GA 286 60.28 33.07 159.78
N PRO GA 287 61.05 32.27 159.04
CA PRO GA 287 61.71 32.78 157.84
C PRO GA 287 60.74 33.01 156.69
N PRO GA 288 60.78 34.17 156.05
CA PRO GA 288 59.82 34.49 154.99
C PRO GA 288 60.15 33.78 153.68
N GLY GA 289 59.10 33.33 153.00
CA GLY GA 289 59.24 32.65 151.72
C GLY GA 289 59.06 33.55 150.53
N ARG GA 290 58.24 33.12 149.56
CA ARG GA 290 58.04 33.87 148.34
C ARG GA 290 57.10 35.05 148.59
N GLU GA 291 57.53 36.25 148.19
CA GLU GA 291 56.86 37.53 148.47
C GLU GA 291 56.62 37.74 149.97
N ALA GA 292 57.54 37.21 150.79
CA ALA GA 292 57.53 37.21 152.25
C ALA GA 292 56.34 36.48 152.87
N TYR GA 293 55.53 35.79 152.07
CA TYR GA 293 54.47 34.96 152.61
C TYR GA 293 55.08 33.73 153.28
N PRO GA 294 54.42 33.18 154.30
CA PRO GA 294 54.96 31.98 154.97
C PRO GA 294 54.96 30.76 154.08
N GLY GA 295 55.61 29.68 154.53
CA GLY GA 295 55.79 28.53 153.68
C GLY GA 295 54.53 27.74 153.40
N ASP GA 296 53.52 27.90 154.25
CA ASP GA 296 52.31 27.08 154.20
C ASP GA 296 51.06 27.95 154.07
N VAL GA 297 51.06 28.84 153.09
CA VAL GA 297 49.82 29.52 152.74
C VAL GA 297 48.99 28.73 151.74
N PHE GA 298 49.38 27.50 151.44
CA PHE GA 298 48.45 26.59 150.78
C PHE GA 298 47.64 25.84 151.81
N TYR GA 299 48.29 25.35 152.87
CA TYR GA 299 47.61 24.67 153.97
C TYR GA 299 46.73 25.62 154.78
N LEU GA 300 46.88 26.92 154.62
CA LEU GA 300 45.95 27.87 155.23
C LEU GA 300 44.56 27.74 154.61
N HIS GA 301 44.46 27.91 153.30
CA HIS GA 301 43.17 27.89 152.63
C HIS GA 301 42.65 26.49 152.33
N SER GA 302 43.51 25.51 152.10
CA SER GA 302 43.08 24.19 151.68
C SER GA 302 42.53 23.34 152.81
N ARG GA 303 42.51 23.84 154.04
CA ARG GA 303 41.76 23.19 155.09
C ARG GA 303 40.54 24.00 155.49
N LEU GA 304 40.39 25.21 154.95
CA LEU GA 304 39.20 26.02 155.12
C LEU GA 304 38.10 25.58 154.14
N LEU GA 305 38.44 25.53 152.86
CA LEU GA 305 37.49 25.20 151.80
C LEU GA 305 37.26 23.70 151.64
N GLU GA 306 37.97 22.86 152.39
CA GLU GA 306 37.78 21.42 152.30
C GLU GA 306 36.73 20.91 153.27
N ARG GA 307 36.17 21.78 154.11
CA ARG GA 307 35.11 21.40 155.03
C ARG GA 307 33.73 21.73 154.49
N ALA GA 308 33.64 22.39 153.34
CA ALA GA 308 32.36 22.72 152.73
C ALA GA 308 31.88 21.52 151.93
N ALA GA 309 31.32 20.55 152.63
CA ALA GA 309 30.96 19.25 152.06
C ALA GA 309 29.46 19.19 151.76
N LYS GA 310 29.01 17.99 151.42
CA LYS GA 310 27.60 17.68 151.22
C LYS GA 310 27.43 16.22 151.65
N MET GA 311 26.59 15.99 152.64
CA MET GA 311 26.57 14.69 153.28
C MET GA 311 25.41 13.83 152.76
N ASN GA 312 25.41 12.57 153.17
CA ASN GA 312 24.44 11.59 152.72
C ASN GA 312 23.45 11.28 153.84
N ASP GA 313 22.45 10.46 153.51
CA ASP GA 313 21.29 10.29 154.37
C ASP GA 313 21.57 9.42 155.59
N ALA GA 314 22.69 8.71 155.61
CA ALA GA 314 23.09 7.97 156.80
C ALA GA 314 23.81 8.83 157.82
N PHE GA 315 24.15 10.08 157.46
CA PHE GA 315 24.84 10.99 158.36
C PHE GA 315 24.07 12.29 158.59
N GLY GA 316 22.92 12.47 157.94
CA GLY GA 316 22.06 13.61 158.16
C GLY GA 316 21.53 14.27 156.92
N GLY GA 317 22.31 14.30 155.84
CA GLY GA 317 21.85 14.90 154.61
C GLY GA 317 22.04 16.39 154.49
N GLY GA 318 22.59 17.04 155.50
CA GLY GA 318 22.82 18.48 155.42
C GLY GA 318 24.09 18.82 154.66
N SER GA 319 24.17 20.07 154.23
CA SER GA 319 25.26 20.51 153.37
C SER GA 319 25.88 21.78 153.95
N LEU GA 320 26.82 22.35 153.19
CA LEU GA 320 27.49 23.60 153.51
C LEU GA 320 28.17 24.08 152.23
N THR GA 321 27.89 25.31 151.83
CA THR GA 321 28.34 25.84 150.56
C THR GA 321 29.14 27.11 150.78
N ALA GA 322 30.31 27.22 150.16
CA ALA GA 322 31.18 28.37 150.31
C ALA GA 322 31.14 29.25 149.06
N LEU GA 323 31.56 30.50 149.25
CA LEU GA 323 31.75 31.43 148.14
C LEU GA 323 32.88 32.39 148.48
N PRO GA 324 34.13 31.94 148.40
CA PRO GA 324 35.26 32.81 148.72
C PRO GA 324 35.49 33.88 147.67
N VAL GA 325 35.99 35.02 148.11
CA VAL GA 325 36.30 36.15 147.25
C VAL GA 325 37.81 36.36 147.26
N ILE GA 326 38.37 36.66 146.09
CA ILE GA 326 39.81 36.89 145.91
C ILE GA 326 39.97 38.18 145.11
N GLU GA 327 40.88 39.04 145.55
CA GLU GA 327 41.17 40.31 144.90
C GLU GA 327 42.48 40.18 144.12
N THR GA 328 42.47 40.59 142.86
CA THR GA 328 43.66 40.56 142.02
C THR GA 328 44.15 41.96 141.70
N GLN GA 329 45.45 42.07 141.49
CA GLN GA 329 46.11 43.35 141.25
C GLN GA 329 46.27 43.56 139.75
N ALA GA 330 45.33 44.31 139.18
CA ALA GA 330 45.32 44.72 137.77
C ALA GA 330 45.33 43.53 136.81
N GLY GA 331 44.31 42.69 136.95
CA GLY GA 331 44.09 41.59 136.01
C GLY GA 331 45.05 40.43 136.09
N ASP GA 332 46.03 40.46 136.99
CA ASP GA 332 47.00 39.37 137.10
C ASP GA 332 46.34 38.20 137.82
N VAL GA 333 46.06 37.13 137.09
CA VAL GA 333 45.45 35.94 137.67
C VAL GA 333 46.55 34.88 137.68
N SER GA 334 47.80 35.34 137.77
CA SER GA 334 48.93 34.44 137.78
C SER GA 334 49.83 34.72 138.97
N ALA GA 335 49.33 35.41 139.99
CA ALA GA 335 50.12 35.77 141.16
C ALA GA 335 50.20 34.57 142.10
N TYR GA 336 50.71 34.79 143.30
CA TYR GA 336 50.96 33.67 144.21
C TYR GA 336 49.68 33.19 144.87
N ILE GA 337 48.95 34.09 145.53
CA ILE GA 337 47.72 33.75 146.23
C ILE GA 337 46.53 33.56 145.26
N PRO GA 338 46.31 34.41 144.19
CA PRO GA 338 45.23 34.08 143.25
C PRO GA 338 45.36 32.81 142.43
N THR GA 339 46.44 32.03 142.59
CA THR GA 339 46.54 30.74 141.92
C THR GA 339 46.56 29.57 142.88
N ASN GA 340 46.80 29.80 144.17
CA ASN GA 340 46.68 28.72 145.13
C ASN GA 340 45.24 28.28 145.35
N VAL GA 341 44.28 29.20 145.17
CA VAL GA 341 42.90 28.93 145.52
C VAL GA 341 42.18 28.38 144.30
N ILE GA 342 42.61 28.81 143.11
CA ILE GA 342 41.99 28.39 141.85
C ILE GA 342 42.13 26.89 141.65
N SER GA 343 43.22 26.31 142.12
CA SER GA 343 43.41 24.86 142.09
C SER GA 343 42.76 24.15 143.28
N ILE GA 344 41.91 24.83 144.03
CA ILE GA 344 41.15 24.22 145.12
C ILE GA 344 39.66 24.24 144.85
N THR GA 345 39.14 25.34 144.34
CA THR GA 345 37.70 25.52 144.16
C THR GA 345 37.18 24.66 143.00
N ASP GA 346 35.88 24.75 142.74
CA ASP GA 346 35.21 23.96 141.72
C ASP GA 346 34.80 24.75 140.50
N GLY GA 347 34.69 26.08 140.61
CA GLY GA 347 34.34 26.92 139.49
C GLY GA 347 35.02 28.26 139.62
N GLN GA 348 34.67 29.16 138.72
CA GLN GA 348 35.22 30.51 138.68
C GLN GA 348 34.19 31.45 138.10
N ILE GA 349 34.20 32.70 138.58
CA ILE GA 349 33.38 33.77 138.02
C ILE GA 349 34.33 34.95 137.79
N PHE GA 350 34.89 35.06 136.60
CA PHE GA 350 35.88 36.08 136.30
C PHE GA 350 35.18 37.39 135.97
N LEU GA 351 35.15 38.31 136.92
CA LEU GA 351 34.68 39.66 136.64
C LEU GA 351 35.81 40.46 135.99
N GLU GA 352 35.51 41.09 134.86
CA GLU GA 352 36.50 41.86 134.13
C GLU GA 352 36.12 43.34 134.14
N THR GA 353 37.11 44.19 134.39
CA THR GA 353 36.87 45.63 134.38
C THR GA 353 36.76 46.18 132.97
N GLU GA 354 37.20 45.42 131.96
CA GLU GA 354 37.04 45.86 130.58
C GLU GA 354 35.58 45.77 130.15
N LEU GA 355 34.83 44.82 130.70
CA LEU GA 355 33.41 44.69 130.41
C LEU GA 355 32.55 45.65 131.22
N PHE GA 356 33.07 46.18 132.32
CA PHE GA 356 32.26 47.02 133.20
C PHE GA 356 31.92 48.35 132.56
N TYR GA 357 32.94 49.10 132.12
CA TYR GA 357 32.71 50.41 131.54
C TYR GA 357 32.11 50.36 130.16
N LYS GA 358 32.14 49.21 129.48
CA LYS GA 358 31.41 49.02 128.24
C LYS GA 358 29.91 48.94 128.46
N GLY GA 359 29.45 48.33 129.54
CA GLY GA 359 28.06 48.46 129.93
C GLY GA 359 27.35 47.21 130.39
N ILE GA 360 28.00 46.05 130.42
CA ILE GA 360 27.36 44.84 130.90
C ILE GA 360 27.62 44.73 132.40
N ARG GA 361 26.56 44.72 133.19
CA ARG GA 361 26.63 44.69 134.63
C ARG GA 361 25.58 43.71 135.15
N PRO GA 362 25.97 42.67 135.90
CA PRO GA 362 27.28 42.23 136.38
C PRO GA 362 28.25 41.76 135.30
N ALA GA 363 29.40 42.42 135.22
CA ALA GA 363 30.39 42.15 134.19
C ALA GA 363 31.01 40.79 134.45
N ILE GA 364 30.53 39.77 133.75
CA ILE GA 364 31.02 38.41 133.89
C ILE GA 364 31.55 37.95 132.54
N ASN GA 365 32.83 37.57 132.52
CA ASN GA 365 33.45 37.02 131.31
C ASN GA 365 32.89 35.62 131.12
N VAL GA 366 31.88 35.49 130.26
CA VAL GA 366 31.16 34.23 130.13
C VAL GA 366 32.00 33.21 129.36
N GLY GA 367 32.99 33.69 128.62
CA GLY GA 367 33.89 32.76 127.94
C GLY GA 367 34.85 32.07 128.88
N LEU GA 368 35.18 32.71 130.01
CA LEU GA 368 36.15 32.19 130.94
C LEU GA 368 35.54 31.70 132.25
N SER GA 369 34.30 32.04 132.54
CA SER GA 369 33.67 31.69 133.81
C SER GA 369 33.14 30.28 133.72
N VAL GA 370 33.98 29.31 134.05
CA VAL GA 370 33.63 27.90 133.95
C VAL GA 370 33.13 27.43 135.30
N SER GA 371 32.42 26.30 135.32
CA SER GA 371 32.02 25.63 136.54
C SER GA 371 31.71 24.18 136.23
N ARG GA 372 32.14 23.29 137.11
CA ARG GA 372 31.55 21.96 137.13
C ARG GA 372 30.08 22.08 137.51
N VAL GA 373 29.22 21.46 136.72
CA VAL GA 373 27.79 21.74 136.82
C VAL GA 373 27.22 21.07 138.07
N GLY GA 374 27.83 19.98 138.51
CA GLY GA 374 27.35 19.28 139.69
C GLY GA 374 26.43 18.12 139.38
N SER GA 375 26.93 17.20 138.53
CA SER GA 375 26.17 16.05 138.02
C SER GA 375 24.90 16.49 137.31
N ALA GA 376 24.99 17.65 136.64
CA ALA GA 376 23.90 18.29 135.89
C ALA GA 376 22.67 18.53 136.75
N ALA GA 377 22.87 18.96 137.98
CA ALA GA 377 21.76 19.30 138.86
C ALA GA 377 21.42 20.78 138.80
N GLN GA 378 21.28 21.31 137.59
CA GLN GA 378 20.83 22.69 137.41
C GLN GA 378 19.37 22.82 137.83
N THR GA 379 18.47 22.29 136.99
CA THR GA 379 17.03 22.11 137.18
C THR GA 379 16.51 21.42 135.93
N ARG GA 380 15.21 21.20 135.84
CA ARG GA 380 14.65 20.61 134.64
C ARG GA 380 14.14 21.62 133.63
N ALA GA 381 13.87 22.86 134.06
CA ALA GA 381 13.21 23.83 133.18
C ALA GA 381 14.19 24.78 132.50
N MET GA 382 15.22 25.24 133.21
CA MET GA 382 16.23 26.10 132.60
C MET GA 382 17.12 25.32 131.65
N LYS GA 383 17.29 24.01 131.88
CA LYS GA 383 18.10 23.18 131.02
C LYS GA 383 17.52 23.06 129.61
N GLN GA 384 16.20 23.22 129.48
CA GLN GA 384 15.53 23.18 128.19
C GLN GA 384 15.52 24.51 127.47
N VAL GA 385 15.96 25.59 128.12
CA VAL GA 385 15.89 26.93 127.52
C VAL GA 385 17.25 27.63 127.53
N ALA GA 386 18.17 27.27 128.42
CA ALA GA 386 19.50 27.89 128.43
C ALA GA 386 20.53 27.11 127.64
N GLY GA 387 20.26 25.84 127.32
CA GLY GA 387 21.19 25.07 126.53
C GLY GA 387 21.29 25.55 125.10
N THR GA 388 20.21 26.11 124.58
CA THR GA 388 20.24 26.72 123.26
C THR GA 388 20.42 28.23 123.31
N MET GA 389 20.71 28.77 124.49
CA MET GA 389 21.16 30.15 124.66
C MET GA 389 22.67 30.25 124.74
N LYS GA 390 23.31 29.29 125.41
CA LYS GA 390 24.75 29.24 125.49
C LYS GA 390 25.38 29.01 124.12
N LEU GA 391 24.77 28.16 123.30
CA LEU GA 391 25.33 27.83 122.00
C LEU GA 391 25.09 28.94 120.97
N GLU GA 392 24.19 29.87 121.26
CA GLU GA 392 24.01 31.00 120.37
C GLU GA 392 24.87 32.18 120.75
N LEU GA 393 25.40 32.19 121.98
CA LEU GA 393 26.39 33.19 122.35
C LEU GA 393 27.79 32.79 121.92
N ALA GA 394 28.09 31.49 121.98
CA ALA GA 394 29.42 31.00 121.61
C ALA GA 394 29.73 31.24 120.14
N GLN GA 395 28.72 31.22 119.28
CA GLN GA 395 28.92 31.57 117.88
C GLN GA 395 28.88 33.07 117.64
N TYR GA 396 28.60 33.87 118.68
CA TYR GA 396 28.59 35.31 118.52
C TYR GA 396 29.95 35.92 118.81
N ARG GA 397 30.66 35.39 119.82
CA ARG GA 397 31.97 35.91 120.20
C ARG GA 397 33.04 35.65 119.15
N GLU GA 398 32.89 34.61 118.35
CA GLU GA 398 33.90 34.24 117.36
C GLU GA 398 33.88 35.13 116.13
N VAL GA 399 32.75 35.75 115.81
CA VAL GA 399 32.58 36.45 114.55
C VAL GA 399 32.44 37.95 114.75
N ALA GA 400 32.40 38.44 115.98
CA ALA GA 400 32.10 39.84 116.25
C ALA GA 400 33.26 40.51 116.94
N ALA GA 401 34.47 40.26 116.44
CA ALA GA 401 35.67 40.87 116.98
C ALA GA 401 36.34 41.83 116.00
N PHE GA 402 35.63 42.29 114.99
CA PHE GA 402 36.28 43.00 113.89
C PHE GA 402 36.49 44.48 114.22
N ALA GA 403 35.40 45.20 114.48
CA ALA GA 403 35.22 46.66 114.48
C ALA GA 403 35.50 47.32 113.13
N GLN GA 404 35.82 46.54 112.08
CA GLN GA 404 36.10 47.02 110.72
C GLN GA 404 35.58 45.95 109.77
N PHE GA 405 34.35 46.11 109.30
CA PHE GA 405 33.75 45.17 108.36
C PHE GA 405 33.84 45.72 106.95
N GLY GA 406 34.16 44.84 106.00
CA GLY GA 406 34.30 45.24 104.62
C GLY GA 406 33.33 44.50 103.72
N SER GA 407 32.90 43.32 104.15
CA SER GA 407 31.94 42.50 103.40
C SER GA 407 30.60 42.58 104.09
N ASP GA 408 29.53 42.71 103.32
CA ASP GA 408 28.17 42.75 103.85
C ASP GA 408 27.55 41.37 103.63
N LEU GA 409 27.54 40.57 104.69
CA LEU GA 409 27.04 39.20 104.67
C LEU GA 409 25.63 39.13 105.23
N ASP GA 410 24.81 40.14 104.87
CA ASP GA 410 23.51 40.49 105.45
C ASP GA 410 22.54 39.34 105.69
N ALA GA 411 22.56 38.34 104.81
CA ALA GA 411 21.73 37.16 105.05
C ALA GA 411 22.53 36.02 105.67
N ALA GA 412 23.85 36.02 105.49
CA ALA GA 412 24.67 34.89 105.92
C ALA GA 412 24.86 34.86 107.43
N THR GA 413 25.53 35.88 107.97
CA THR GA 413 25.88 35.92 109.39
C THR GA 413 25.19 37.00 110.18
N GLN GA 414 24.48 37.93 109.52
CA GLN GA 414 23.83 38.99 110.26
C GLN GA 414 22.57 38.52 110.97
N GLN GA 415 22.10 37.30 110.66
CA GLN GA 415 21.14 36.65 111.54
C GLN GA 415 21.80 36.17 112.82
N LEU GA 416 23.04 35.68 112.71
CA LEU GA 416 23.75 35.19 113.89
C LEU GA 416 24.36 36.34 114.69
N LEU GA 417 24.90 37.34 114.00
CA LEU GA 417 25.63 38.42 114.64
C LEU GA 417 24.70 39.50 115.20
N SER GA 418 23.44 39.53 114.79
CA SER GA 418 22.48 40.43 115.40
C SER GA 418 21.44 39.72 116.26
N ARG GA 419 21.61 38.43 116.52
CA ARG GA 419 20.82 37.78 117.55
C ARG GA 419 21.53 37.84 118.89
N GLY GA 420 22.85 37.61 118.88
CA GLY GA 420 23.66 37.62 120.10
C GLY GA 420 23.77 38.99 120.75
N VAL GA 421 23.48 40.06 120.01
CA VAL GA 421 23.37 41.38 120.62
C VAL GA 421 22.14 41.44 121.51
N ARG GA 422 21.03 40.86 121.06
CA ARG GA 422 19.81 40.82 121.85
C ARG GA 422 19.94 39.89 123.06
N LEU GA 423 20.60 38.74 122.90
CA LEU GA 423 20.80 37.81 123.99
C LEU GA 423 21.72 38.34 125.08
N THR GA 424 22.67 39.21 124.72
CA THR GA 424 23.57 39.82 125.69
C THR GA 424 22.85 40.84 126.57
N GLU GA 425 22.06 41.72 125.96
CA GLU GA 425 21.34 42.75 126.70
C GLU GA 425 20.16 42.15 127.46
N LEU GA 426 19.80 40.90 127.19
CA LEU GA 426 18.85 40.18 128.03
C LEU GA 426 19.46 39.73 129.35
N LEU GA 427 20.79 39.74 129.46
CA LEU GA 427 21.48 39.25 130.64
C LEU GA 427 21.89 40.35 131.62
N LYS GA 428 21.64 41.61 131.29
CA LYS GA 428 21.91 42.69 132.22
C LYS GA 428 20.89 42.69 133.35
N GLN GA 429 21.31 43.18 134.51
CA GLN GA 429 20.47 43.20 135.69
C GLN GA 429 20.83 44.42 136.53
N GLY GA 430 19.91 44.81 137.40
CA GLY GA 430 20.15 45.92 138.31
C GLY GA 430 20.87 45.47 139.57
N GLN GA 431 20.49 46.04 140.71
CA GLN GA 431 21.15 45.71 141.97
C GLN GA 431 20.11 45.44 143.04
N TYR GA 432 20.40 44.43 143.88
CA TYR GA 432 19.55 43.99 144.99
C TYR GA 432 18.16 43.56 144.52
N ALA GA 433 18.10 43.00 143.32
CA ALA GA 433 16.84 42.55 142.72
C ALA GA 433 17.00 41.11 142.24
N PRO GA 434 16.89 40.13 143.14
CA PRO GA 434 17.01 38.73 142.72
C PRO GA 434 15.68 38.20 142.22
N MET GA 435 15.64 37.82 140.95
CA MET GA 435 14.41 37.28 140.36
C MET GA 435 14.20 35.84 140.78
N ALA GA 436 12.96 35.38 140.65
CA ALA GA 436 12.65 34.00 140.94
C ALA GA 436 13.05 33.12 139.76
N ILE GA 437 13.07 31.81 139.99
CA ILE GA 437 13.60 30.89 138.98
C ILE GA 437 12.61 30.73 137.83
N GLU GA 438 11.32 30.66 138.13
CA GLU GA 438 10.31 30.53 137.08
C GLU GA 438 10.07 31.83 136.32
N GLU GA 439 10.33 32.97 136.93
CA GLU GA 439 10.30 34.24 136.20
C GLU GA 439 11.49 34.35 135.25
N GLN GA 440 12.62 33.75 135.61
CA GLN GA 440 13.81 33.77 134.76
C GLN GA 440 13.61 33.02 133.45
N VAL GA 441 12.84 31.93 133.47
CA VAL GA 441 12.57 31.18 132.25
C VAL GA 441 11.69 31.99 131.29
N ALA GA 442 10.74 32.76 131.82
CA ALA GA 442 9.84 33.55 131.00
C ALA GA 442 10.51 34.77 130.37
N VAL GA 443 11.76 35.06 130.71
CA VAL GA 443 12.53 36.12 130.06
C VAL GA 443 13.46 35.55 129.00
N ILE GA 444 14.10 34.43 129.29
CA ILE GA 444 15.05 33.82 128.36
C ILE GA 444 14.31 33.20 127.19
N TYR GA 445 13.18 32.53 127.46
CA TYR GA 445 12.36 31.92 126.41
C TYR GA 445 11.77 32.96 125.46
N ALA GA 446 11.59 34.20 125.94
CA ALA GA 446 11.12 35.26 125.08
C ALA GA 446 12.14 35.71 124.03
N GLY GA 447 13.40 35.30 124.16
CA GLY GA 447 14.41 35.76 123.23
C GLY GA 447 15.20 34.67 122.53
N VAL GA 448 15.20 33.46 123.08
CA VAL GA 448 15.96 32.38 122.47
C VAL GA 448 15.22 31.76 121.28
N ARG GA 449 13.89 31.73 121.31
CA ARG GA 449 13.10 31.29 120.17
C ARG GA 449 12.86 32.40 119.17
N GLY GA 450 13.31 33.61 119.46
CA GLY GA 450 13.31 34.70 118.50
C GLY GA 450 12.06 35.53 118.46
N TYR GA 451 11.60 36.02 119.61
CA TYR GA 451 10.48 36.96 119.64
C TYR GA 451 10.92 38.41 119.84
N LEU GA 452 12.21 38.69 119.89
CA LEU GA 452 12.69 40.05 120.09
C LEU GA 452 13.45 40.59 118.88
N ASP GA 453 13.52 39.84 117.79
CA ASP GA 453 14.39 40.19 116.66
C ASP GA 453 13.92 41.39 115.86
N LYS GA 454 12.78 42.01 116.21
CA LYS GA 454 12.31 43.19 115.52
C LYS GA 454 12.61 44.49 116.26
N LEU GA 455 12.91 44.41 117.56
CA LEU GA 455 13.00 45.61 118.39
C LEU GA 455 14.32 46.33 118.17
N GLU GA 456 14.31 47.63 118.48
CA GLU GA 456 15.53 48.41 118.49
C GLU GA 456 16.41 48.01 119.67
N PRO GA 457 17.73 48.08 119.53
CA PRO GA 457 18.61 47.62 120.62
C PRO GA 457 18.62 48.56 121.81
N SER GA 458 18.24 49.82 121.64
CA SER GA 458 18.17 50.74 122.76
C SER GA 458 16.94 50.53 123.64
N LYS GA 459 15.98 49.73 123.21
CA LYS GA 459 14.72 49.60 123.90
C LYS GA 459 14.49 48.22 124.51
N ILE GA 460 15.48 47.33 124.50
CA ILE GA 460 15.27 45.98 125.01
C ILE GA 460 15.19 45.99 126.54
N THR GA 461 15.92 46.90 127.19
CA THR GA 461 15.80 47.03 128.64
C THR GA 461 14.50 47.70 129.04
N LYS GA 462 13.93 48.54 128.16
CA LYS GA 462 12.62 49.12 128.41
C LYS GA 462 11.52 48.10 128.16
N PHE GA 463 11.76 47.14 127.26
CA PHE GA 463 10.78 46.10 127.00
C PHE GA 463 10.61 45.17 128.19
N GLU GA 464 11.67 44.93 128.95
CA GLU GA 464 11.62 43.88 129.97
C GLU GA 464 10.94 44.36 131.24
N ASN GA 465 11.17 45.62 131.64
CA ASN GA 465 10.55 46.11 132.86
C ASN GA 465 9.10 46.52 132.63
N ALA GA 466 8.62 46.45 131.39
CA ALA GA 466 7.18 46.49 131.13
C ALA GA 466 6.62 45.07 131.02
N PHE GA 467 7.40 44.14 130.49
CA PHE GA 467 6.95 42.75 130.38
C PHE GA 467 7.02 42.03 131.72
N LEU GA 468 7.84 42.52 132.65
CA LEU GA 468 7.90 41.91 133.98
C LEU GA 468 6.64 42.17 134.77
N SER GA 469 5.97 43.30 134.50
CA SER GA 469 4.72 43.61 135.19
C SER GA 469 3.55 42.81 134.66
N HIS GA 470 3.53 42.56 133.35
CA HIS GA 470 2.39 41.91 132.71
C HIS GA 470 2.28 40.42 133.05
N VAL GA 471 3.34 39.80 133.52
CA VAL GA 471 3.31 38.38 133.84
C VAL GA 471 3.02 38.15 135.32
N ILE GA 472 3.55 39.03 136.18
CA ILE GA 472 3.43 38.82 137.63
C ILE GA 472 2.06 39.15 138.18
N SER GA 473 1.22 39.85 137.40
CA SER GA 473 -0.09 40.29 137.86
C SER GA 473 -1.23 39.45 137.31
N GLN GA 474 -1.25 39.21 136.00
CA GLN GA 474 -2.40 38.61 135.35
C GLN GA 474 -2.24 37.13 135.05
N HIS GA 475 -1.04 36.57 135.20
CA HIS GA 475 -0.76 35.20 134.78
C HIS GA 475 -0.04 34.44 135.88
N GLN GA 476 -0.57 34.52 137.10
CA GLN GA 476 0.09 33.92 138.25
C GLN GA 476 0.00 32.40 138.25
N ALA GA 477 -1.12 31.84 137.80
CA ALA GA 477 -1.28 30.40 137.78
C ALA GA 477 -0.45 29.73 136.67
N LEU GA 478 -0.01 30.49 135.68
CA LEU GA 478 0.95 29.97 134.71
C LEU GA 478 2.30 29.74 135.37
N LEU GA 479 2.78 30.73 136.12
CA LEU GA 479 4.04 30.61 136.83
C LEU GA 479 3.96 29.65 138.00
N GLY GA 480 2.75 29.36 138.49
CA GLY GA 480 2.60 28.31 139.49
C GLY GA 480 2.76 26.92 138.94
N LYS GA 481 2.61 26.74 137.63
CA LYS GA 481 2.83 25.45 136.99
C LYS GA 481 4.30 25.23 136.67
N ILE GA 482 5.01 26.28 136.26
CA ILE GA 482 6.44 26.14 135.96
C ILE GA 482 7.24 25.87 137.24
N ARG GA 483 6.81 26.44 138.36
CA ARG GA 483 7.52 26.25 139.62
C ARG GA 483 7.25 24.87 140.21
N ALA GA 484 5.97 24.48 140.31
CA ALA GA 484 5.61 23.27 141.05
C ALA GA 484 6.00 22.00 140.30
N ASP GA 485 5.86 22.01 138.97
CA ASP GA 485 6.27 20.84 138.19
C ASP GA 485 7.79 20.75 138.16
N GLY GA 486 8.47 21.88 137.98
CA GLY GA 486 9.90 21.90 137.81
C GLY GA 486 10.36 21.86 136.37
N LYS GA 487 9.47 21.53 135.44
CA LYS GA 487 9.81 21.48 134.03
C LYS GA 487 8.67 22.10 133.21
N ILE GA 488 9.01 22.53 132.01
CA ILE GA 488 8.06 23.09 131.06
C ILE GA 488 7.64 21.95 130.15
N SER GA 489 6.34 21.86 129.85
CA SER GA 489 5.83 20.78 129.03
C SER GA 489 5.20 21.33 127.75
N GLU GA 490 4.64 20.43 126.94
CA GLU GA 490 4.12 20.82 125.63
C GLU GA 490 2.80 21.57 125.74
N GLU GA 491 2.01 21.30 126.78
CA GLU GA 491 0.82 22.09 127.02
C GLU GA 491 1.19 23.50 127.45
N THR GA 492 2.29 23.63 128.21
CA THR GA 492 2.71 24.93 128.70
C THR GA 492 3.51 25.70 127.64
N ASP GA 493 4.12 24.98 126.70
CA ASP GA 493 4.97 25.61 125.68
C ASP GA 493 4.16 26.47 124.72
N ALA GA 494 3.05 25.93 124.19
CA ALA GA 494 2.21 26.72 123.32
C ALA GA 494 1.36 27.72 124.11
N LYS GA 495 1.12 27.43 125.39
CA LYS GA 495 0.43 28.38 126.25
C LYS GA 495 1.30 29.60 126.54
N LEU GA 496 2.61 29.40 126.61
CA LEU GA 496 3.56 30.49 126.78
C LEU GA 496 3.84 31.23 125.48
N LYS GA 497 3.51 30.61 124.35
CA LYS GA 497 3.81 31.20 123.05
C LYS GA 497 2.87 32.36 122.74
N GLU GA 498 1.63 32.28 123.24
CA GLU GA 498 0.64 33.28 122.84
C GLU GA 498 0.81 34.60 123.57
N ILE GA 499 1.17 34.56 124.85
CA ILE GA 499 1.16 35.76 125.69
C ILE GA 499 2.27 36.74 125.27
N VAL GA 500 3.40 36.22 124.79
CA VAL GA 500 4.46 37.12 124.31
C VAL GA 500 4.06 37.74 122.99
N THR GA 501 3.22 37.07 122.19
CA THR GA 501 2.77 37.64 120.93
C THR GA 501 1.66 38.66 121.13
N ASN GA 502 0.79 38.45 122.12
CA ASN GA 502 -0.19 39.49 122.45
C ASN GA 502 0.48 40.70 123.09
N PHE GA 503 1.58 40.49 123.81
CA PHE GA 503 2.26 41.63 124.42
C PHE GA 503 2.98 42.47 123.38
N LEU GA 504 3.73 41.82 122.48
CA LEU GA 504 4.48 42.54 121.45
C LEU GA 504 3.56 43.26 120.47
N ALA GA 505 2.37 42.71 120.21
CA ALA GA 505 1.39 43.40 119.39
C ALA GA 505 0.78 44.61 120.10
N GLY GA 506 0.90 44.69 121.43
CA GLY GA 506 0.34 45.79 122.17
C GLY GA 506 1.37 46.74 122.75
N PHE GA 507 2.60 46.27 122.94
CA PHE GA 507 3.63 47.09 123.58
C PHE GA 507 4.12 48.21 122.67
N GLU GA 508 4.28 47.92 121.38
CA GLU GA 508 4.90 48.88 120.47
C GLU GA 508 3.95 50.04 120.17
N ALA GA 509 4.52 51.23 120.04
CA ALA GA 509 3.75 52.43 119.73
C ALA GA 509 4.43 53.23 118.63
N ALA HA 1 62.62 2.42 173.55
CA ALA HA 1 63.38 3.51 174.16
C ALA HA 1 62.57 4.79 174.15
N THR HA 2 62.14 5.22 175.33
CA THR HA 2 61.27 6.38 175.45
C THR HA 2 62.04 7.69 175.26
N GLY HA 3 61.32 8.72 174.84
CA GLY HA 3 61.88 10.05 174.70
C GLY HA 3 60.80 11.09 174.88
N ARG HA 4 61.24 12.32 175.17
CA ARG HA 4 60.33 13.41 175.50
C ARG HA 4 60.28 14.43 174.38
N ILE HA 5 59.23 15.24 174.39
CA ILE HA 5 59.04 16.31 173.42
C ILE HA 5 59.49 17.61 174.05
N VAL HA 6 60.41 18.32 173.39
CA VAL HA 6 60.94 19.55 173.95
C VAL HA 6 60.54 20.80 173.18
N ALA HA 7 60.04 20.69 171.95
CA ALA HA 7 59.63 21.87 171.20
C ALA HA 7 58.61 21.48 170.15
N VAL HA 8 57.65 22.36 169.90
CA VAL HA 8 56.66 22.21 168.84
C VAL HA 8 56.52 23.55 168.13
N ILE HA 9 56.94 23.61 166.88
CA ILE HA 9 56.70 24.78 166.04
C ILE HA 9 56.10 24.31 164.73
N GLY HA 10 54.82 24.61 164.52
CA GLY HA 10 54.14 24.21 163.30
C GLY HA 10 53.94 22.72 163.19
N ALA HA 11 54.48 22.12 162.12
CA ALA HA 11 54.41 20.69 161.91
C ALA HA 11 55.73 19.99 162.21
N VAL HA 12 56.68 20.69 162.83
CA VAL HA 12 58.02 20.17 163.09
C VAL HA 12 58.20 20.06 164.59
N VAL HA 13 58.31 18.83 165.08
CA VAL HA 13 58.36 18.53 166.51
C VAL HA 13 59.77 18.05 166.85
N ASP HA 14 60.36 18.62 167.89
CA ASP HA 14 61.69 18.25 168.35
C ASP HA 14 61.57 17.29 169.52
N VAL HA 15 62.37 16.22 169.49
CA VAL HA 15 62.27 15.15 170.47
C VAL HA 15 63.67 14.84 170.99
N GLN HA 16 63.86 14.94 172.30
CA GLN HA 16 65.14 14.69 172.93
C GLN HA 16 65.13 13.30 173.56
N PHE HA 17 66.09 12.46 173.16
CA PHE HA 17 66.26 11.14 173.74
C PHE HA 17 67.30 11.19 174.86
N ASP HA 18 67.53 10.05 175.49
CA ASP HA 18 68.50 10.03 176.59
C ASP HA 18 69.54 8.93 176.45
N GLU HA 19 69.16 7.74 176.00
CA GLU HA 19 70.07 6.61 175.97
C GLU HA 19 70.13 5.89 174.63
N GLY HA 20 69.06 5.89 173.86
CA GLY HA 20 69.06 5.22 172.59
C GLY HA 20 68.54 6.09 171.47
N LEU HA 21 69.39 6.40 170.51
CA LEU HA 21 68.98 7.30 169.45
C LEU HA 21 68.50 6.50 168.25
N PRO HA 22 67.26 6.70 167.79
CA PRO HA 22 66.80 6.03 166.59
C PRO HA 22 67.39 6.67 165.36
N PRO HA 23 67.65 5.90 164.31
CA PRO HA 23 68.25 6.47 163.09
C PRO HA 23 67.28 7.35 162.32
N ILE HA 24 67.76 7.93 161.22
CA ILE HA 24 66.89 8.75 160.38
C ILE HA 24 65.94 7.85 159.60
N LEU HA 25 64.76 8.40 159.28
CA LEU HA 25 63.64 7.72 158.60
C LEU HA 25 63.17 6.51 159.41
N ASN HA 26 62.60 6.80 160.58
CA ASN HA 26 61.95 5.82 161.41
C ASN HA 26 60.53 6.28 161.76
N ALA HA 27 59.90 5.53 162.66
CA ALA HA 27 58.53 5.81 163.09
C ALA HA 27 58.52 5.89 164.61
N LEU HA 28 57.95 6.96 165.13
CA LEU HA 28 57.82 7.18 166.56
C LEU HA 28 56.35 7.34 166.92
N GLU HA 29 55.91 6.61 167.94
CA GLU HA 29 54.51 6.58 168.33
C GLU HA 29 54.32 7.47 169.55
N VAL HA 30 53.47 8.49 169.41
CA VAL HA 30 53.19 9.41 170.50
C VAL HA 30 52.17 8.75 171.43
N GLN HA 31 52.60 8.42 172.63
CA GLN HA 31 51.69 7.89 173.64
C GLN HA 31 50.91 9.04 174.26
N GLY HA 32 49.61 8.82 174.50
CA GLY HA 32 48.80 9.82 175.16
C GLY HA 32 47.64 10.33 174.34
N ARG HA 33 47.60 10.01 173.05
CA ARG HA 33 46.52 10.43 172.18
C ARG HA 33 45.50 9.30 172.06
N GLU HA 34 44.26 9.68 171.72
CA GLU HA 34 43.24 8.70 171.39
C GLU HA 34 43.38 8.20 169.96
N THR HA 35 43.95 9.00 169.07
CA THR HA 35 44.20 8.61 167.70
C THR HA 35 45.67 8.13 167.65
N ARG HA 36 46.14 7.68 166.49
CA ARG HA 36 47.53 7.27 166.33
C ARG HA 36 48.28 8.38 165.60
N LEU HA 37 49.33 8.89 166.23
CA LEU HA 37 50.15 9.94 165.65
C LEU HA 37 51.59 9.45 165.53
N VAL HA 38 52.09 9.41 164.30
CA VAL HA 38 53.40 8.84 163.99
C VAL HA 38 54.32 9.97 163.57
N LEU HA 39 55.52 10.00 164.12
CA LEU HA 39 56.54 10.99 163.80
C LEU HA 39 57.66 10.34 163.01
N GLU HA 40 58.12 11.02 161.95
CA GLU HA 40 59.17 10.52 161.09
C GLU HA 40 60.43 11.35 161.30
N VAL HA 41 61.54 10.69 161.63
CA VAL HA 41 62.78 11.39 161.95
C VAL HA 41 63.41 11.93 160.67
N ALA HA 42 63.92 13.17 160.74
CA ALA HA 42 64.45 13.84 159.56
C ALA HA 42 65.88 14.34 159.72
N GLN HA 43 66.29 14.76 160.91
CA GLN HA 43 67.62 15.31 161.12
C GLN HA 43 68.14 14.90 162.48
N HIS HA 44 69.45 15.00 162.64
CA HIS HA 44 70.10 14.92 163.94
C HIS HA 44 70.63 16.30 164.29
N LEU HA 45 70.66 16.63 165.58
CA LEU HA 45 71.06 17.95 166.01
C LEU HA 45 72.12 17.95 167.10
N GLY HA 46 72.60 16.78 167.51
CA GLY HA 46 73.57 16.70 168.59
C GLY HA 46 72.90 16.61 169.95
N GLU HA 47 73.73 16.27 170.95
CA GLU HA 47 73.39 15.98 172.35
C GLU HA 47 72.11 15.20 172.55
N SER HA 48 71.91 14.17 171.70
CA SER HA 48 70.74 13.30 171.67
C SER HA 48 69.45 14.10 171.51
N THR HA 49 69.33 14.77 170.36
CA THR HA 49 68.17 15.57 170.02
C THR HA 49 67.90 15.40 168.54
N VAL HA 50 66.77 14.78 168.21
CA VAL HA 50 66.36 14.62 166.82
C VAL HA 50 65.30 15.67 166.50
N ARG HA 51 65.00 15.82 165.22
CA ARG HA 51 63.97 16.72 164.75
C ARG HA 51 63.10 15.98 163.75
N THR HA 52 61.81 15.89 164.03
CA THR HA 52 60.90 15.02 163.31
C THR HA 52 59.87 15.84 162.52
N ILE HA 53 59.11 15.12 161.68
CA ILE HA 53 57.96 15.66 160.96
C ILE HA 53 56.75 14.81 161.33
N ALA HA 54 55.60 15.44 161.50
CA ALA HA 54 54.40 14.79 161.99
C ALA HA 54 53.48 14.38 160.85
N MET HA 55 52.90 13.18 160.97
CA MET HA 55 52.01 12.62 159.97
C MET HA 55 50.57 13.11 160.13
N ASP HA 56 50.14 13.36 161.36
CA ASP HA 56 48.82 13.92 161.64
C ASP HA 56 49.01 15.32 162.23
N GLY HA 57 47.93 15.91 162.71
CA GLY HA 57 48.01 17.23 163.30
C GLY HA 57 48.76 17.24 164.62
N THR HA 58 49.08 18.44 165.09
CA THR HA 58 49.89 18.63 166.29
C THR HA 58 49.17 19.40 167.39
N GLU HA 59 47.87 19.62 167.25
CA GLU HA 59 47.09 20.24 168.31
C GLU HA 59 47.02 19.33 169.53
N GLY HA 60 47.05 19.93 170.71
CA GLY HA 60 46.94 19.15 171.93
C GLY HA 60 48.20 18.44 172.36
N LEU HA 61 49.35 18.83 171.82
CA LEU HA 61 50.63 18.29 172.22
C LEU HA 61 51.22 19.14 173.33
N VAL HA 62 51.80 18.49 174.34
CA VAL HA 62 52.37 19.17 175.49
C VAL HA 62 53.82 18.70 175.65
N ARG HA 63 54.66 19.56 176.21
CA ARG HA 63 56.08 19.28 176.36
C ARG HA 63 56.30 18.27 177.46
N GLY HA 64 56.51 17.00 177.10
CA GLY HA 64 56.77 15.99 178.09
C GLY HA 64 56.07 14.68 177.85
N GLN HA 65 55.38 14.56 176.72
CA GLN HA 65 54.69 13.32 176.39
C GLN HA 65 55.70 12.26 175.98
N LYS HA 66 55.62 11.10 176.61
CA LYS HA 66 56.60 10.04 176.37
C LYS HA 66 56.36 9.39 175.03
N VAL HA 67 57.42 9.28 174.23
CA VAL HA 67 57.33 8.87 172.83
C VAL HA 67 58.11 7.57 172.65
N LEU HA 68 57.43 6.55 172.12
CA LEU HA 68 58.07 5.26 171.87
C LEU HA 68 58.78 5.28 170.52
N ASP HA 69 59.52 4.20 170.24
CA ASP HA 69 60.18 4.04 168.95
C ASP HA 69 59.84 2.67 168.39
N SER HA 70 59.86 2.57 167.07
CA SER HA 70 59.47 1.34 166.39
C SER HA 70 60.64 0.46 166.01
N GLY HA 71 61.79 1.03 165.66
CA GLY HA 71 62.90 0.24 165.16
C GLY HA 71 62.86 -0.03 163.68
N ALA HA 72 61.93 0.56 162.95
CA ALA HA 72 61.73 0.31 161.53
C ALA HA 72 60.90 1.44 160.95
N PRO HA 73 61.02 1.73 159.65
CA PRO HA 73 60.17 2.76 159.04
C PRO HA 73 58.70 2.37 158.94
N ILE HA 74 57.89 3.21 158.28
CA ILE HA 74 56.44 3.00 158.24
C ILE HA 74 56.13 1.77 157.40
N LYS HA 75 55.82 0.66 158.08
CA LYS HA 75 55.51 -0.60 157.43
C LYS HA 75 54.00 -0.73 157.27
N ILE HA 76 53.52 -0.55 156.05
CA ILE HA 76 52.10 -0.66 155.72
C ILE HA 76 51.79 -2.14 155.50
N PRO HA 77 50.54 -2.58 155.57
CA PRO HA 77 50.22 -3.96 155.19
C PRO HA 77 50.12 -4.06 153.67
N VAL HA 78 50.52 -5.20 153.13
CA VAL HA 78 50.55 -5.39 151.68
C VAL HA 78 50.26 -6.86 151.39
N GLY HA 79 49.72 -7.13 150.20
CA GLY HA 79 49.39 -8.48 149.80
C GLY HA 79 48.26 -8.49 148.79
N PRO HA 80 47.63 -9.65 148.61
CA PRO HA 80 46.46 -9.70 147.72
C PRO HA 80 45.19 -9.23 148.39
N GLU HA 81 45.17 -9.15 149.72
CA GLU HA 81 43.96 -8.84 150.45
C GLU HA 81 43.63 -7.35 150.42
N THR HA 82 44.57 -6.51 149.98
CA THR HA 82 44.34 -5.08 150.01
C THR HA 82 43.65 -4.58 148.76
N LEU HA 83 43.12 -5.47 147.94
CA LEU HA 83 42.47 -5.06 146.70
C LEU HA 83 41.02 -4.68 146.96
N GLY HA 84 40.63 -3.50 146.49
CA GLY HA 84 39.28 -3.02 146.74
C GLY HA 84 39.10 -2.29 148.05
N ARG HA 85 40.18 -1.77 148.64
CA ARG HA 85 40.15 -1.11 149.94
C ARG HA 85 40.82 0.25 149.82
N ILE HA 86 40.30 1.24 150.53
CA ILE HA 86 41.02 2.50 150.68
C ILE HA 86 41.81 2.47 151.98
N MET HA 87 43.04 2.95 151.95
CA MET HA 87 43.91 2.88 153.11
C MET HA 87 44.62 4.21 153.30
N ASN HA 88 45.15 4.39 154.51
CA ASN HA 88 45.78 5.63 154.93
C ASN HA 88 47.26 5.63 154.59
N VAL HA 89 47.95 6.66 155.08
CA VAL HA 89 49.38 6.78 154.83
C VAL HA 89 50.15 5.73 155.62
N ILE HA 90 49.64 5.38 156.81
CA ILE HA 90 50.35 4.49 157.71
C ILE HA 90 49.73 3.11 157.67
N GLY HA 91 48.71 2.93 156.83
CA GLY HA 91 48.15 1.62 156.56
C GLY HA 91 46.81 1.34 157.20
N GLU HA 92 46.21 2.30 157.89
CA GLU HA 92 44.90 2.09 158.46
C GLU HA 92 43.83 2.16 157.37
N PRO HA 93 42.82 1.29 157.43
CA PRO HA 93 41.74 1.35 156.44
C PRO HA 93 40.71 2.43 156.75
N ILE HA 94 40.40 3.28 155.76
CA ILE HA 94 39.39 4.31 155.94
C ILE HA 94 38.16 4.06 155.08
N ASP HA 95 37.92 2.81 154.67
CA ASP HA 95 36.69 2.48 153.97
C ASP HA 95 35.61 2.03 154.95
N GLU HA 96 35.95 1.92 156.23
CA GLU HA 96 35.08 1.53 157.34
C GLU HA 96 34.46 0.15 157.14
N ARG HA 97 35.19 -0.79 156.56
CA ARG HA 97 34.70 -2.15 156.35
C ARG HA 97 35.47 -3.19 157.14
N GLY HA 98 36.37 -2.76 158.02
CA GLY HA 98 37.08 -3.68 158.88
C GLY HA 98 38.58 -3.63 158.68
N PRO HA 99 39.32 -4.45 159.42
CA PRO HA 99 40.78 -4.44 159.30
C PRO HA 99 41.25 -5.16 158.06
N ILE HA 100 42.29 -4.60 157.43
CA ILE HA 100 42.96 -5.29 156.33
C ILE HA 100 43.80 -6.42 156.91
N LYS HA 101 43.40 -7.65 156.61
CA LYS HA 101 44.01 -8.84 157.18
C LYS HA 101 44.89 -9.52 156.15
N THR HA 102 46.20 -9.28 156.25
CA THR HA 102 47.17 -9.87 155.34
C THR HA 102 48.41 -10.25 156.12
N LYS HA 103 49.39 -10.82 155.41
CA LYS HA 103 50.53 -11.45 156.06
C LYS HA 103 51.85 -10.73 155.83
N GLN HA 104 51.92 -9.82 154.88
CA GLN HA 104 53.17 -9.18 154.50
C GLN HA 104 53.13 -7.70 154.84
N PHE HA 105 54.14 -7.24 155.58
CA PHE HA 105 54.33 -5.84 155.90
C PHE HA 105 55.61 -5.37 155.23
N ALA HA 106 55.58 -4.18 154.63
CA ALA HA 106 56.68 -3.69 153.83
C ALA HA 106 56.89 -2.20 154.07
N ALA HA 107 58.14 -1.82 154.34
CA ALA HA 107 58.49 -0.42 154.53
C ALA HA 107 58.36 0.35 153.23
N ILE HA 108 58.16 1.66 153.35
CA ILE HA 108 57.97 2.47 152.15
C ILE HA 108 59.28 3.08 151.69
N HIS HA 109 60.34 2.95 152.48
CA HIS HA 109 61.63 3.50 152.11
C HIS HA 109 62.57 2.38 151.70
N ALA HA 110 62.87 2.29 150.40
CA ALA HA 110 63.74 1.25 149.90
C ALA HA 110 64.51 1.79 148.71
N GLU HA 111 65.50 1.02 148.26
CA GLU HA 111 66.47 1.46 147.27
C GLU HA 111 65.88 1.41 145.86
N ALA HA 112 66.71 1.74 144.89
CA ALA HA 112 66.43 1.68 143.47
C ALA HA 112 67.16 0.50 142.84
N PRO HA 113 66.60 -0.12 141.80
CA PRO HA 113 67.29 -1.25 141.17
C PRO HA 113 68.48 -0.79 140.33
N GLU HA 114 69.44 -1.69 140.17
CA GLU HA 114 70.74 -1.32 139.63
C GLU HA 114 70.70 -1.21 138.11
N PHE HA 115 71.87 -1.06 137.48
CA PHE HA 115 71.92 -0.84 136.04
C PHE HA 115 71.74 -2.14 135.27
N MET HA 116 72.17 -3.27 135.83
CA MET HA 116 71.98 -4.56 135.21
C MET HA 116 70.71 -5.25 135.70
N GLU HA 117 69.71 -4.48 136.12
CA GLU HA 117 68.37 -4.97 136.39
C GLU HA 117 67.33 -4.19 135.59
N MET HA 118 67.77 -3.50 134.54
CA MET HA 118 66.89 -2.72 133.69
C MET HA 118 66.47 -3.56 132.49
N SER HA 119 65.30 -3.25 131.94
CA SER HA 119 64.85 -3.84 130.69
C SER HA 119 64.98 -2.81 129.57
N VAL HA 120 64.98 -3.31 128.34
CA VAL HA 120 65.44 -2.48 127.23
C VAL HA 120 64.43 -2.54 126.08
N GLU HA 121 63.48 -3.47 126.15
CA GLU HA 121 62.56 -3.66 125.04
C GLU HA 121 61.44 -2.63 125.04
N GLN HA 122 61.00 -2.27 123.85
CA GLN HA 122 59.96 -1.28 123.66
C GLN HA 122 58.82 -1.87 122.84
N GLU HA 123 57.62 -1.38 123.08
CA GLU HA 123 56.41 -1.87 122.42
C GLU HA 123 55.56 -0.65 122.07
N ILE HA 124 54.29 -0.90 121.76
CA ILE HA 124 53.29 0.16 121.67
C ILE HA 124 51.99 -0.33 122.29
N LEU HA 125 51.46 0.46 123.23
CA LEU HA 125 50.19 0.17 123.88
C LEU HA 125 49.13 1.08 123.29
N VAL HA 126 48.13 0.47 122.65
CA VAL HA 126 47.10 1.22 121.94
C VAL HA 126 46.01 1.61 122.92
N THR HA 127 45.53 2.85 122.78
CA THR HA 127 44.54 3.41 123.70
C THR HA 127 43.20 3.63 123.02
N GLY HA 128 43.19 4.36 121.91
CA GLY HA 128 41.96 4.62 121.19
C GLY HA 128 41.68 6.11 121.04
N ILE HA 129 42.62 6.94 121.46
CA ILE HA 129 42.50 8.38 121.35
C ILE HA 129 43.28 8.80 120.11
N LYS HA 130 42.70 9.70 119.33
CA LYS HA 130 43.25 10.00 118.01
C LYS HA 130 44.48 10.87 118.09
N VAL HA 131 44.54 11.83 119.03
CA VAL HA 131 45.71 12.68 119.14
C VAL HA 131 46.89 11.93 119.74
N VAL HA 132 46.63 11.04 120.68
CA VAL HA 132 47.69 10.33 121.38
C VAL HA 132 48.34 9.27 120.50
N ASP HA 133 47.54 8.42 119.84
CA ASP HA 133 48.12 7.34 119.06
C ASP HA 133 48.79 7.80 117.78
N LEU HA 134 48.44 8.96 117.26
CA LEU HA 134 49.04 9.40 116.01
C LEU HA 134 50.40 10.05 116.22
N LEU HA 135 50.47 11.11 117.03
CA LEU HA 135 51.65 11.96 117.09
C LEU HA 135 52.57 11.67 118.26
N ALA HA 136 52.13 10.92 119.25
CA ALA HA 136 52.96 10.65 120.42
C ALA HA 136 52.55 9.34 121.07
N PRO HA 137 52.93 8.19 120.49
CA PRO HA 137 52.38 6.90 120.95
C PRO HA 137 52.92 6.51 122.31
N TYR HA 138 52.07 5.89 123.11
CA TYR HA 138 52.46 5.43 124.44
C TYR HA 138 53.11 4.06 124.33
N ALA HA 139 53.66 3.57 125.42
CA ALA HA 139 54.41 2.33 125.38
C ALA HA 139 54.16 1.47 126.61
N LYS HA 140 54.24 0.16 126.42
CA LYS HA 140 54.11 -0.78 127.52
C LYS HA 140 55.35 -0.69 128.41
N GLY HA 141 55.13 -0.57 129.71
CA GLY HA 141 56.23 -0.43 130.63
C GLY HA 141 56.99 0.88 130.54
N GLY HA 142 56.32 1.96 130.11
CA GLY HA 142 56.98 3.23 129.95
C GLY HA 142 56.24 4.33 130.70
N LYS HA 143 57.03 5.28 131.19
CA LYS HA 143 56.51 6.35 132.02
C LYS HA 143 55.94 7.46 131.17
N ILE HA 144 54.69 7.84 131.46
CA ILE HA 144 53.90 8.75 130.65
C ILE HA 144 53.53 9.96 131.49
N GLY HA 145 53.62 11.15 130.91
CA GLY HA 145 53.30 12.36 131.63
C GLY HA 145 52.21 13.21 131.01
N LEU HA 146 51.36 13.78 131.85
CA LEU HA 146 50.23 14.60 131.42
C LEU HA 146 50.40 16.00 131.99
N PHE HA 147 50.83 16.94 131.16
CA PHE HA 147 51.16 18.28 131.62
C PHE HA 147 49.94 19.17 131.48
N GLY HA 148 50.15 20.48 131.61
CA GLY HA 148 49.05 21.42 131.48
C GLY HA 148 48.72 22.17 132.76
N GLY HA 149 47.96 23.25 132.63
CA GLY HA 149 47.68 24.12 133.76
C GLY HA 149 46.59 23.64 134.68
N ALA HA 150 45.77 24.56 135.18
CA ALA HA 150 44.65 24.23 136.05
C ALA HA 150 43.34 24.40 135.30
N GLY HA 151 42.55 23.34 135.26
CA GLY HA 151 41.28 23.38 134.56
C GLY HA 151 41.39 23.24 133.05
N VAL HA 152 42.13 22.25 132.58
CA VAL HA 152 42.19 21.92 131.16
C VAL HA 152 41.86 20.47 130.88
N GLY HA 153 41.82 19.61 131.89
CA GLY HA 153 41.43 18.24 131.65
C GLY HA 153 42.43 17.17 132.02
N LYS HA 154 43.26 17.39 133.05
CA LYS HA 154 44.20 16.35 133.45
C LYS HA 154 43.53 15.23 134.24
N THR HA 155 42.46 15.52 134.97
CA THR HA 155 41.82 14.48 135.76
C THR HA 155 40.85 13.67 134.90
N VAL HA 156 40.30 14.28 133.86
CA VAL HA 156 39.39 13.56 132.98
C VAL HA 156 40.15 12.66 132.03
N LEU HA 157 41.27 13.14 131.49
CA LEU HA 157 42.09 12.31 130.62
C LEU HA 157 42.74 11.17 131.36
N ILE HA 158 42.99 11.33 132.66
CA ILE HA 158 43.47 10.20 133.47
C ILE HA 158 42.30 9.36 133.97
N MET HA 159 41.06 9.84 133.85
CA MET HA 159 39.90 9.01 134.08
C MET HA 159 39.51 8.23 132.84
N GLU HA 160 39.99 8.66 131.67
CA GLU HA 160 39.70 7.96 130.43
C GLU HA 160 40.54 6.70 130.30
N LEU HA 161 41.79 6.74 130.77
CA LEU HA 161 42.65 5.58 130.62
C LEU HA 161 42.39 4.52 131.67
N ILE HA 162 41.59 4.82 132.69
CA ILE HA 162 41.10 3.73 133.52
C ILE HA 162 39.89 3.09 132.86
N ASN HA 163 39.17 3.87 132.05
CA ASN HA 163 38.00 3.35 131.36
C ASN HA 163 38.38 2.39 130.24
N ASN HA 164 39.31 2.80 129.37
CA ASN HA 164 39.71 1.94 128.26
C ASN HA 164 40.66 0.83 128.70
N VAL HA 165 41.77 1.20 129.37
CA VAL HA 165 42.90 0.30 129.48
C VAL HA 165 42.71 -0.70 130.63
N ALA HA 166 42.11 -0.27 131.74
CA ALA HA 166 42.17 -1.06 132.96
C ALA HA 166 41.23 -2.25 132.98
N LYS HA 167 40.17 -2.25 132.19
CA LYS HA 167 39.27 -3.41 132.17
C LYS HA 167 39.70 -4.46 131.17
N ALA HA 168 40.38 -4.08 130.09
CA ALA HA 168 40.93 -5.01 129.12
C ALA HA 168 42.29 -5.56 129.55
N HIS HA 169 42.82 -5.08 130.67
CA HIS HA 169 44.12 -5.51 131.14
C HIS HA 169 43.99 -6.77 132.00
N GLY HA 170 45.00 -7.62 131.91
CA GLY HA 170 45.02 -8.87 132.66
C GLY HA 170 45.28 -8.70 134.14
N GLY HA 171 46.42 -8.10 134.48
CA GLY HA 171 46.84 -7.97 135.86
C GLY HA 171 46.09 -6.90 136.63
N TYR HA 172 46.69 -6.46 137.73
CA TYR HA 172 46.02 -5.59 138.68
C TYR HA 172 46.28 -4.13 138.34
N SER HA 173 45.91 -3.22 139.24
CA SER HA 173 46.00 -1.79 139.01
C SER HA 173 45.96 -1.08 140.35
N VAL HA 174 46.70 0.03 140.46
CA VAL HA 174 46.84 0.80 141.69
C VAL HA 174 46.61 2.27 141.36
N PHE HA 175 45.81 2.95 142.16
CA PHE HA 175 45.56 4.39 142.01
C PHE HA 175 45.98 5.09 143.29
N ALA HA 176 47.00 5.92 143.20
CA ALA HA 176 47.43 6.77 144.31
C ALA HA 176 47.01 8.20 144.02
N GLY HA 177 46.23 8.78 144.92
CA GLY HA 177 45.80 10.15 144.77
C GLY HA 177 46.46 11.04 145.81
N VAL HA 178 47.27 11.99 145.35
CA VAL HA 178 48.16 12.76 146.21
C VAL HA 178 47.76 14.22 146.10
N GLY HA 179 47.15 14.77 147.16
CA GLY HA 179 46.91 16.18 147.26
C GLY HA 179 45.87 16.77 146.32
N GLU HA 180 44.73 16.11 146.18
CA GLU HA 180 43.65 16.64 145.36
C GLU HA 180 42.36 16.61 146.17
N ARG HA 181 41.27 17.09 145.56
CA ARG HA 181 40.03 17.33 146.27
C ARG HA 181 39.40 16.04 146.77
N THR HA 182 38.94 16.07 148.02
CA THR HA 182 38.38 14.90 148.68
C THR HA 182 37.03 14.50 148.09
N ARG HA 183 36.37 15.40 147.36
CA ARG HA 183 35.19 15.05 146.59
C ARG HA 183 35.53 14.02 145.52
N GLU HA 184 36.61 14.25 144.78
CA GLU HA 184 36.97 13.43 143.63
C GLU HA 184 37.56 12.07 144.01
N GLY HA 185 37.62 11.73 145.29
CA GLY HA 185 37.97 10.40 145.69
C GLY HA 185 36.73 9.62 146.04
N ASN HA 186 35.59 10.31 145.94
CA ASN HA 186 34.28 9.69 146.10
C ASN HA 186 33.58 9.47 144.78
N ASP HA 187 33.91 10.28 143.77
CA ASP HA 187 33.42 10.00 142.42
C ASP HA 187 34.28 8.94 141.72
N LEU HA 188 35.29 8.42 142.41
CA LEU HA 188 35.99 7.25 141.90
C LEU HA 188 35.53 5.99 142.61
N TYR HA 189 35.20 6.09 143.90
CA TYR HA 189 34.65 4.95 144.62
C TYR HA 189 33.21 4.65 144.20
N HIS HA 190 32.54 5.58 143.53
CA HIS HA 190 31.18 5.37 143.07
C HIS HA 190 31.08 5.26 141.56
N GLU HA 191 32.20 5.40 140.84
CA GLU HA 191 32.27 5.02 139.43
C GLU HA 191 33.10 3.77 139.22
N MET HA 192 33.38 3.03 140.29
CA MET HA 192 34.07 1.75 140.18
C MET HA 192 33.36 0.65 140.96
N ILE HA 193 32.20 0.94 141.55
CA ILE HA 193 31.31 -0.10 142.02
C ILE HA 193 30.28 -0.44 140.95
N GLU HA 194 29.74 0.59 140.29
CA GLU HA 194 28.73 0.39 139.26
C GLU HA 194 29.32 -0.11 137.95
N SER HA 195 30.64 -0.15 137.81
CA SER HA 195 31.29 -0.82 136.70
C SER HA 195 31.92 -2.14 137.09
N GLY HA 196 31.77 -2.56 138.35
CA GLY HA 196 32.20 -3.86 138.78
C GLY HA 196 33.68 -4.06 138.94
N VAL HA 197 34.48 -2.99 138.93
CA VAL HA 197 35.91 -3.13 139.13
C VAL HA 197 36.24 -3.33 140.60
N ILE HA 198 35.59 -2.56 141.46
CA ILE HA 198 35.58 -2.81 142.90
C ILE HA 198 34.33 -3.62 143.22
N ASN HA 199 34.51 -4.73 143.91
CA ASN HA 199 33.40 -5.60 144.26
C ASN HA 199 33.34 -5.74 145.78
N LEU HA 200 32.18 -5.45 146.35
CA LEU HA 200 32.01 -5.39 147.79
C LEU HA 200 31.47 -6.67 148.40
N LYS HA 201 31.40 -7.77 147.64
CA LYS HA 201 30.73 -8.97 148.11
C LYS HA 201 31.59 -10.21 148.06
N ASP HA 202 32.67 -10.23 147.28
CA ASP HA 202 33.54 -11.40 147.19
C ASP HA 202 34.96 -10.92 146.93
N ALA HA 203 35.79 -11.83 146.41
CA ALA HA 203 37.22 -11.62 146.30
C ALA HA 203 37.69 -11.57 144.85
N THR HA 204 36.97 -10.82 144.02
CA THR HA 204 37.30 -10.69 142.60
C THR HA 204 37.51 -9.25 142.18
N SER HA 205 38.07 -8.41 143.05
CA SER HA 205 38.36 -7.04 142.68
C SER HA 205 39.76 -6.94 142.08
N LYS HA 206 40.00 -5.84 141.36
CA LYS HA 206 41.23 -5.68 140.58
C LYS HA 206 41.92 -4.34 140.82
N VAL HA 207 41.46 -3.53 141.76
CA VAL HA 207 41.99 -2.18 141.96
C VAL HA 207 42.19 -1.95 143.46
N ALA HA 208 43.38 -1.49 143.84
CA ALA HA 208 43.64 -0.94 145.16
C ALA HA 208 43.66 0.58 145.07
N LEU HA 209 43.48 1.22 146.22
CA LEU HA 209 43.41 2.68 146.27
C LEU HA 209 44.15 3.19 147.48
N VAL HA 210 44.95 4.25 147.30
CA VAL HA 210 45.69 4.89 148.38
C VAL HA 210 45.46 6.39 148.25
N TYR HA 211 44.99 7.02 149.32
CA TYR HA 211 44.50 8.38 149.27
C TYR HA 211 45.08 9.23 150.39
N GLY HA 212 45.82 10.27 150.02
CA GLY HA 212 46.12 11.37 150.93
C GLY HA 212 45.83 12.69 150.26
N GLN HA 213 44.82 13.39 150.73
CA GLN HA 213 44.23 14.50 149.99
C GLN HA 213 44.70 15.84 150.55
N MET HA 214 44.08 16.92 150.08
CA MET HA 214 44.58 18.26 150.39
C MET HA 214 44.04 18.83 151.70
N ASN HA 215 43.52 18.00 152.60
CA ASN HA 215 43.18 18.45 153.93
C ASN HA 215 44.17 17.97 154.98
N GLU HA 216 45.15 17.25 154.58
CA GLU HA 216 46.14 16.63 155.46
C GLU HA 216 47.24 17.63 155.81
N PRO HA 217 47.96 17.43 156.91
CA PRO HA 217 49.13 18.25 157.19
C PRO HA 217 50.23 18.01 156.18
N PRO HA 218 51.09 18.99 155.92
CA PRO HA 218 52.06 18.87 154.81
C PRO HA 218 53.17 17.87 155.00
N GLY HA 219 53.19 17.16 156.13
CA GLY HA 219 54.11 16.06 156.29
C GLY HA 219 53.48 14.77 155.79
N ALA HA 220 52.19 14.83 155.48
CA ALA HA 220 51.44 13.66 155.03
C ALA HA 220 51.08 13.70 153.56
N ARG HA 221 51.30 14.81 152.88
CA ARG HA 221 51.17 14.85 151.42
C ARG HA 221 52.48 14.56 150.73
N ALA HA 222 53.53 14.20 151.47
CA ALA HA 222 54.83 13.92 150.89
C ALA HA 222 55.31 12.50 151.20
N ARG HA 223 54.47 11.68 151.85
CA ARG HA 223 54.77 10.27 152.05
C ARG HA 223 53.68 9.37 151.51
N VAL HA 224 52.64 9.94 150.88
CA VAL HA 224 51.61 9.13 150.25
C VAL HA 224 52.02 8.56 148.90
N ALA HA 225 52.79 9.31 148.11
CA ALA HA 225 53.24 8.78 146.83
C ALA HA 225 54.28 7.70 147.01
N LEU HA 226 55.02 7.72 148.12
CA LEU HA 226 55.89 6.60 148.46
C LEU HA 226 55.12 5.39 148.97
N THR HA 227 53.88 5.58 149.39
CA THR HA 227 53.03 4.49 149.83
C THR HA 227 52.24 3.88 148.67
N GLY HA 228 51.97 4.67 147.63
CA GLY HA 228 51.38 4.13 146.43
C GLY HA 228 52.27 3.14 145.72
N LEU HA 229 53.52 3.54 145.44
CA LEU HA 229 54.45 2.69 144.72
C LEU HA 229 55.18 1.70 145.61
N THR HA 230 54.69 1.46 146.81
CA THR HA 230 55.12 0.33 147.63
C THR HA 230 54.20 -0.87 147.48
N VAL HA 231 52.89 -0.63 147.37
CA VAL HA 231 51.95 -1.68 147.02
C VAL HA 231 52.18 -2.13 145.59
N ALA HA 232 52.41 -1.19 144.69
CA ALA HA 232 52.69 -1.49 143.28
C ALA HA 232 54.08 -2.08 143.07
N GLU HA 233 54.95 -2.08 144.07
CA GLU HA 233 56.20 -2.81 143.98
C GLU HA 233 56.07 -4.25 144.43
N TYR HA 234 55.04 -4.56 145.22
CA TYR HA 234 54.81 -5.94 145.64
C TYR HA 234 54.37 -6.81 144.48
N PHE HA 235 53.48 -6.28 143.63
CA PHE HA 235 52.97 -7.06 142.52
C PHE HA 235 54.04 -7.29 141.45
N ARG HA 236 54.91 -6.31 141.24
CA ARG HA 236 55.95 -6.46 140.22
C ARG HA 236 57.06 -7.40 140.69
N ASP HA 237 57.38 -7.39 141.98
CA ASP HA 237 58.54 -8.11 142.49
C ASP HA 237 58.18 -9.48 143.08
N GLN HA 238 57.33 -9.50 144.10
CA GLN HA 238 57.00 -10.77 144.75
C GLN HA 238 56.07 -11.62 143.90
N GLU HA 239 55.27 -11.00 143.05
CA GLU HA 239 54.56 -11.69 141.98
C GLU HA 239 55.16 -11.23 140.64
N GLY HA 240 54.55 -11.66 139.55
CA GLY HA 240 55.13 -11.36 138.26
C GLY HA 240 54.22 -10.66 137.27
N GLN HA 241 53.07 -10.16 137.75
CA GLN HA 241 52.05 -9.66 136.84
C GLN HA 241 52.43 -8.32 136.24
N ASP HA 242 51.65 -7.93 135.23
CA ASP HA 242 51.80 -6.62 134.62
C ASP HA 242 50.92 -5.63 135.37
N VAL HA 243 51.54 -4.60 135.93
CA VAL HA 243 50.87 -3.66 136.82
C VAL HA 243 50.73 -2.34 136.10
N LEU HA 244 49.64 -1.63 136.37
CA LEU HA 244 49.53 -0.23 136.01
C LEU HA 244 49.62 0.61 137.28
N LEU HA 245 49.70 1.93 137.08
CA LEU HA 245 49.84 2.85 138.19
C LEU HA 245 49.43 4.24 137.72
N PHE HA 246 48.43 4.82 138.38
CA PHE HA 246 47.93 6.13 138.02
C PHE HA 246 48.16 7.05 139.21
N ILE HA 247 48.74 8.22 138.96
CA ILE HA 247 49.13 9.14 140.02
C ILE HA 247 48.63 10.53 139.66
N ASP HA 248 47.79 11.11 140.52
CA ASP HA 248 47.25 12.44 140.28
C ASP HA 248 46.88 13.02 141.64
N ASN HA 249 47.56 14.08 142.06
CA ASN HA 249 48.57 14.82 141.30
C ASN HA 249 49.98 14.54 141.85
N ILE HA 250 51.02 14.87 141.09
CA ILE HA 250 52.39 14.66 141.53
C ILE HA 250 53.15 15.97 141.73
N PHE HA 251 52.58 17.10 141.33
CA PHE HA 251 53.15 18.39 141.73
C PHE HA 251 53.00 18.62 143.22
N ARG HA 252 52.02 17.99 143.86
CA ARG HA 252 51.80 18.13 145.29
C ARG HA 252 52.71 17.24 146.12
N PHE HA 253 53.69 16.59 145.51
CA PHE HA 253 54.78 15.96 146.24
C PHE HA 253 55.94 16.91 146.44
N THR HA 254 56.22 17.72 145.42
CA THR HA 254 57.24 18.75 145.51
C THR HA 254 56.80 19.91 146.39
N GLN HA 255 55.57 20.38 146.23
CA GLN HA 255 55.09 21.54 146.98
C GLN HA 255 54.97 21.24 148.47
N ALA HA 256 54.54 20.03 148.83
CA ALA HA 256 54.40 19.68 150.24
C ALA HA 256 55.74 19.47 150.94
N GLY HA 257 56.84 19.42 150.21
CA GLY HA 257 58.15 19.43 150.82
C GLY HA 257 58.79 20.78 150.87
N SER HA 258 58.23 21.74 150.14
CA SER HA 258 58.66 23.13 150.17
C SER HA 258 58.00 23.93 151.28
N GLU HA 259 57.22 23.28 152.13
CA GLU HA 259 56.54 23.94 153.24
C GLU HA 259 57.15 23.60 154.58
N VAL HA 260 57.63 22.37 154.74
CA VAL HA 260 58.31 21.94 155.96
C VAL HA 260 59.79 22.30 155.93
N SER HA 261 60.26 22.89 154.82
CA SER HA 261 61.70 23.05 154.59
C SER HA 261 62.31 24.15 155.45
N ALA HA 262 61.71 25.34 155.47
CA ALA HA 262 62.32 26.47 156.15
C ALA HA 262 62.35 26.33 157.66
N LEU HA 263 61.49 25.49 158.23
CA LEU HA 263 61.56 25.19 159.66
C LEU HA 263 62.59 24.11 159.98
N LEU HA 264 63.03 23.35 158.98
CA LEU HA 264 64.12 22.41 159.19
C LEU HA 264 65.49 23.07 159.09
N GLY HA 265 65.54 24.32 158.67
CA GLY HA 265 66.78 25.07 158.66
C GLY HA 265 67.53 25.07 157.35
N ARG HA 266 66.86 25.43 156.26
CA ARG HA 266 67.46 25.41 154.94
C ARG HA 266 67.24 26.74 154.23
N ILE HA 267 68.29 27.24 153.60
CA ILE HA 267 68.19 28.46 152.78
C ILE HA 267 67.40 28.13 151.52
N PRO HA 268 66.49 28.98 151.08
CA PRO HA 268 65.77 28.70 149.84
C PRO HA 268 66.62 28.92 148.60
N SER HA 269 66.31 28.14 147.57
CA SER HA 269 66.90 28.23 146.24
C SER HA 269 66.16 29.23 145.40
N ALA HA 270 66.18 29.05 144.08
CA ALA HA 270 65.33 29.78 143.14
C ALA HA 270 63.85 29.56 143.44
N VAL HA 271 62.93 30.14 142.66
CA VAL HA 271 61.75 30.90 143.09
C VAL HA 271 61.04 30.59 144.43
N GLY HA 272 61.46 29.55 145.16
CA GLY HA 272 60.97 29.33 146.50
C GLY HA 272 61.02 27.89 146.94
N TYR HA 273 61.54 27.02 146.07
CA TYR HA 273 61.60 25.60 146.40
C TYR HA 273 62.79 25.32 147.32
N GLN HA 274 62.83 24.08 147.80
CA GLN HA 274 63.86 23.64 148.71
C GLN HA 274 65.19 23.46 147.96
N PRO HA 275 66.32 23.45 148.69
CA PRO HA 275 67.60 23.16 148.02
C PRO HA 275 67.74 21.72 147.56
N THR HA 276 67.02 20.78 148.16
CA THR HA 276 67.12 19.36 147.80
C THR HA 276 65.99 18.97 146.85
N LEU HA 277 65.64 19.85 145.91
CA LEU HA 277 64.48 19.63 145.06
C LEU HA 277 64.68 18.47 144.09
N ALA HA 278 65.79 18.47 143.35
CA ALA HA 278 65.98 17.51 142.28
C ALA HA 278 66.67 16.24 142.74
N THR HA 279 66.78 16.02 144.03
CA THR HA 279 67.33 14.77 144.57
C THR HA 279 66.28 13.83 145.13
N ASP HA 280 65.33 14.33 145.90
CA ASP HA 280 64.24 13.48 146.39
C ASP HA 280 63.17 13.26 145.35
N MET HA 281 63.07 14.12 144.33
CA MET HA 281 62.29 13.79 143.16
C MET HA 281 62.90 12.62 142.41
N GLY HA 282 64.20 12.68 142.16
CA GLY HA 282 64.89 11.59 141.48
C GLY HA 282 65.11 10.37 142.34
N THR HA 283 64.73 10.40 143.61
CA THR HA 283 64.80 9.21 144.47
C THR HA 283 63.48 8.44 144.45
N MET HA 284 62.38 9.11 144.16
CA MET HA 284 61.10 8.44 143.99
C MET HA 284 60.93 7.93 142.56
N GLN HA 285 61.30 8.75 141.58
CA GLN HA 285 61.11 8.44 140.17
C GLN HA 285 62.10 7.40 139.63
N GLU HA 286 62.93 6.77 140.46
CA GLU HA 286 63.79 5.69 140.01
C GLU HA 286 63.31 4.34 140.54
N ARG HA 287 62.17 4.32 141.22
CA ARG HA 287 61.52 3.08 141.57
C ARG HA 287 60.37 2.74 140.64
N ILE HA 288 59.88 3.71 139.88
CA ILE HA 288 58.81 3.48 138.91
C ILE HA 288 59.52 3.12 137.60
N THR HA 289 59.91 1.86 137.48
CA THR HA 289 60.63 1.39 136.30
C THR HA 289 60.21 -0.03 135.94
N THR HA 290 60.58 -0.43 134.73
CA THR HA 290 60.40 -1.79 134.26
C THR HA 290 61.70 -2.55 134.46
N THR HA 291 61.68 -3.54 135.33
CA THR HA 291 62.85 -4.33 135.60
C THR HA 291 62.75 -5.68 134.90
N LYS HA 292 63.66 -6.59 135.23
CA LYS HA 292 63.63 -7.95 134.71
C LYS HA 292 62.76 -8.90 135.54
N LYS HA 293 61.95 -8.36 136.44
CA LYS HA 293 61.00 -9.15 137.21
C LYS HA 293 59.56 -8.76 136.96
N GLY HA 294 59.30 -7.69 136.24
CA GLY HA 294 57.95 -7.29 135.95
C GLY HA 294 57.95 -6.09 135.02
N SER HA 295 56.82 -5.38 135.01
CA SER HA 295 56.69 -4.20 134.18
C SER HA 295 55.60 -3.32 134.77
N ILE HA 296 55.88 -2.02 134.87
CA ILE HA 296 54.94 -1.07 135.46
C ILE HA 296 54.67 0.01 134.41
N THR HA 297 53.49 -0.04 133.79
CA THR HA 297 53.01 1.12 133.07
C THR HA 297 52.63 2.18 134.09
N SER HA 298 52.87 3.45 133.78
CA SER HA 298 52.57 4.50 134.75
C SER HA 298 52.14 5.75 134.01
N VAL HA 299 50.96 6.24 134.35
CA VAL HA 299 50.45 7.51 133.85
C VAL HA 299 50.42 8.47 135.02
N GLN HA 300 50.90 9.69 134.80
CA GLN HA 300 51.01 10.70 135.86
C GLN HA 300 50.50 12.03 135.35
N ALA HA 301 49.71 12.71 136.18
CA ALA HA 301 49.29 14.08 135.90
C ALA HA 301 50.21 15.03 136.63
N ILE HA 302 50.66 16.07 135.93
CA ILE HA 302 51.66 17.00 136.46
C ILE HA 302 51.13 18.42 136.31
N TYR HA 303 50.71 19.03 137.42
CA TYR HA 303 50.27 20.42 137.41
C TYR HA 303 51.43 21.35 137.09
N VAL HA 304 51.19 22.26 136.16
CA VAL HA 304 52.13 23.30 135.77
C VAL HA 304 51.64 24.62 136.36
N PRO HA 305 52.41 25.28 137.22
CA PRO HA 305 51.87 26.43 137.96
C PRO HA 305 51.74 27.70 137.14
N ALA HA 306 50.49 28.10 136.89
CA ALA HA 306 50.12 29.33 136.19
C ALA HA 306 50.68 29.40 134.77
N ASP HA 307 50.66 28.24 134.09
CA ASP HA 307 51.02 28.09 132.68
C ASP HA 307 52.43 28.58 132.39
N ASP HA 308 53.40 27.91 133.01
CA ASP HA 308 54.81 28.24 132.83
C ASP HA 308 55.60 26.95 133.01
N LEU HA 309 56.01 26.34 131.89
CA LEU HA 309 56.77 25.10 131.91
C LEU HA 309 58.25 25.31 132.18
N THR HA 310 58.65 26.52 132.58
CA THR HA 310 60.00 26.81 133.01
C THR HA 310 60.10 26.94 134.52
N ASP HA 311 59.01 26.71 135.24
CA ASP HA 311 59.04 26.59 136.69
C ASP HA 311 59.89 25.39 137.08
N PRO HA 312 60.67 25.49 138.16
CA PRO HA 312 61.62 24.41 138.48
C PRO HA 312 60.99 23.10 138.93
N ALA HA 313 59.71 23.05 139.26
CA ALA HA 313 59.12 21.75 139.56
C ALA HA 313 58.65 20.98 138.32
N PRO HA 314 57.94 21.56 137.32
CA PRO HA 314 57.65 20.75 136.13
C PRO HA 314 58.82 20.59 135.17
N ALA HA 315 59.78 21.50 135.15
CA ALA HA 315 60.85 21.42 134.17
C ALA HA 315 62.02 20.54 134.60
N THR HA 316 61.87 19.74 135.65
CA THR HA 316 62.85 18.72 136.00
C THR HA 316 62.26 17.32 135.98
N THR HA 317 60.95 17.20 135.81
CA THR HA 317 60.32 15.91 135.59
C THR HA 317 60.45 15.43 134.15
N PHE HA 318 60.85 16.31 133.24
CA PHE HA 318 61.01 15.96 131.83
C PHE HA 318 62.09 14.91 131.61
N ALA HA 319 63.08 14.85 132.47
CA ALA HA 319 64.14 13.87 132.36
C ALA HA 319 63.71 12.47 132.78
N HIS HA 320 62.53 12.33 133.39
CA HIS HA 320 62.06 11.04 133.87
C HIS HA 320 60.88 10.48 133.09
N LEU HA 321 60.52 11.08 131.96
CA LEU HA 321 59.33 10.73 131.22
C LEU HA 321 59.68 10.34 129.79
N ASP HA 322 59.02 9.30 129.27
CA ASP HA 322 59.25 8.89 127.90
C ASP HA 322 58.29 9.59 126.95
N ALA HA 323 57.01 9.63 127.31
CA ALA HA 323 55.99 10.26 126.47
C ALA HA 323 55.35 11.40 127.25
N THR HA 324 55.48 12.61 126.73
CA THR HA 324 54.87 13.78 127.35
C THR HA 324 53.69 14.25 126.51
N THR HA 325 52.56 14.51 127.19
CA THR HA 325 51.33 14.95 126.54
C THR HA 325 51.00 16.34 127.09
N VAL HA 326 51.52 17.38 126.47
CA VAL HA 326 51.36 18.73 126.97
C VAL HA 326 49.99 19.24 126.55
N LEU HA 327 49.12 19.46 127.54
CA LEU HA 327 47.83 20.09 127.35
C LEU HA 327 48.01 21.60 127.33
N SER HA 328 47.00 22.31 126.82
CA SER HA 328 47.16 23.74 126.63
C SER HA 328 45.82 24.45 126.73
N ARG HA 329 45.83 25.65 127.30
CA ARG HA 329 44.62 26.44 127.41
C ARG HA 329 44.32 27.22 126.14
N ALA HA 330 45.29 27.35 125.24
CA ALA HA 330 45.04 28.08 124.00
C ALA HA 330 44.31 27.22 122.98
N ILE HA 331 44.31 25.91 123.16
CA ILE HA 331 43.52 25.01 122.33
C ILE HA 331 42.15 24.77 122.92
N ALA HA 332 42.08 24.57 124.24
CA ALA HA 332 40.82 24.34 124.96
C ALA HA 332 39.85 25.50 124.88
N GLU HA 333 40.31 26.72 124.63
CA GLU HA 333 39.41 27.84 124.47
C GLU HA 333 38.93 28.01 123.04
N LEU HA 334 39.25 27.08 122.15
CA LEU HA 334 38.64 26.99 120.84
C LEU HA 334 37.49 26.01 120.80
N GLY HA 335 37.40 25.12 121.77
CA GLY HA 335 36.45 24.04 121.74
C GLY HA 335 37.03 22.72 121.28
N ILE HA 336 38.34 22.66 121.04
CA ILE HA 336 38.97 21.43 120.59
C ILE HA 336 39.32 20.59 121.81
N TYR HA 337 38.63 19.47 121.98
CA TYR HA 337 38.75 18.65 123.16
C TYR HA 337 39.01 17.20 122.80
N PRO HA 338 40.04 16.56 123.37
CA PRO HA 338 41.05 16.97 124.36
C PRO HA 338 42.05 17.97 123.82
N ALA HA 339 42.31 19.01 124.59
CA ALA HA 339 43.26 20.04 124.16
C ALA HA 339 44.66 19.49 124.37
N VAL HA 340 45.19 18.80 123.37
CA VAL HA 340 46.56 18.32 123.37
C VAL HA 340 47.31 19.14 122.34
N ASP HA 341 48.48 19.66 122.73
CA ASP HA 341 49.30 20.41 121.80
C ASP HA 341 50.04 19.45 120.90
N PRO HA 342 49.85 19.49 119.59
CA PRO HA 342 50.58 18.57 118.71
C PRO HA 342 52.03 18.95 118.50
N LEU HA 343 52.35 20.25 118.58
CA LEU HA 343 53.71 20.70 118.35
C LEU HA 343 54.50 20.80 119.65
N ASP HA 344 54.08 20.08 120.67
CA ASP HA 344 54.79 20.10 121.94
C ASP HA 344 54.78 18.74 122.62
N SER HA 345 54.21 17.72 121.99
CA SER HA 345 54.16 16.38 122.54
C SER HA 345 55.16 15.49 121.81
N THR HA 346 55.93 14.71 122.55
CA THR HA 346 56.95 13.84 121.98
C THR HA 346 56.74 12.41 122.44
N SER HA 347 57.55 11.52 121.89
CA SER HA 347 57.68 10.15 122.40
C SER HA 347 59.03 9.60 121.98
N ARG HA 348 59.44 8.52 122.66
CA ARG HA 348 60.74 7.93 122.35
C ARG HA 348 60.62 6.87 121.28
N ILE HA 349 59.39 6.46 120.94
CA ILE HA 349 59.18 5.42 119.94
C ILE HA 349 58.59 5.97 118.66
N MET HA 350 58.55 7.29 118.48
CA MET HA 350 58.25 7.84 117.17
C MET HA 350 59.48 7.60 116.32
N ASP HA 351 59.50 6.47 115.63
CA ASP HA 351 60.70 5.87 115.07
C ASP HA 351 60.27 4.97 113.92
N PRO HA 352 60.71 5.22 112.68
CA PRO HA 352 60.18 4.45 111.55
C PRO HA 352 60.66 3.00 111.50
N ASN HA 353 61.55 2.62 112.40
CA ASN HA 353 61.91 1.22 112.59
C ASN HA 353 61.06 0.54 113.64
N ILE HA 354 60.22 1.28 114.37
CA ILE HA 354 59.36 0.70 115.40
C ILE HA 354 57.88 0.83 115.04
N VAL HA 355 57.45 1.99 114.57
CA VAL HA 355 56.06 2.18 114.17
C VAL HA 355 55.86 2.02 112.67
N GLY HA 356 56.88 1.59 111.95
CA GLY HA 356 56.78 1.42 110.52
C GLY HA 356 56.90 2.74 109.77
N SER HA 357 57.31 2.64 108.51
CA SER HA 357 57.55 3.84 107.72
C SER HA 357 56.28 4.52 107.25
N GLU HA 358 55.12 3.86 107.34
CA GLU HA 358 53.88 4.48 106.93
C GLU HA 358 53.28 5.36 108.00
N HIS HA 359 53.39 4.96 109.27
CA HIS HA 359 52.93 5.81 110.37
C HIS HA 359 53.85 7.02 110.54
N TYR HA 360 55.15 6.85 110.26
CA TYR HA 360 56.12 7.90 110.54
C TYR HA 360 55.97 9.09 109.60
N ASP HA 361 55.78 8.85 108.30
CA ASP HA 361 55.63 9.94 107.35
C ASP HA 361 54.24 10.56 107.37
N VAL HA 362 53.32 10.04 108.18
CA VAL HA 362 52.04 10.66 108.40
C VAL HA 362 52.08 11.60 109.59
N ALA HA 363 52.78 11.18 110.66
CA ALA HA 363 52.94 12.02 111.85
C ALA HA 363 53.67 13.32 111.53
N ARG HA 364 54.82 13.23 110.87
CA ARG HA 364 55.56 14.43 110.48
C ARG HA 364 54.87 15.22 109.37
N GLY HA 365 53.91 14.62 108.66
CA GLY HA 365 53.18 15.33 107.64
C GLY HA 365 52.11 16.21 108.25
N VAL HA 366 51.64 15.81 109.43
CA VAL HA 366 50.64 16.59 110.18
C VAL HA 366 51.29 17.77 110.89
N GLN HA 367 52.44 17.56 111.53
CA GLN HA 367 53.11 18.64 112.23
C GLN HA 367 53.69 19.68 111.28
N LYS HA 368 54.06 19.27 110.08
CA LYS HA 368 54.62 20.22 109.12
C LYS HA 368 53.55 21.16 108.56
N ILE HA 369 52.32 20.68 108.41
CA ILE HA 369 51.26 21.53 107.88
C ILE HA 369 50.61 22.36 109.00
N LEU HA 370 50.73 21.92 110.25
CA LEU HA 370 50.27 22.75 111.36
C LEU HA 370 51.25 23.87 111.69
N GLN HA 371 52.55 23.60 111.67
CA GLN HA 371 53.56 24.63 111.90
C GLN HA 371 53.61 25.64 110.78
N ASP HA 372 53.41 25.20 109.54
CA ASP HA 372 53.32 26.14 108.43
C ASP HA 372 52.02 26.91 108.44
N TYR HA 373 51.00 26.41 109.13
CA TYR HA 373 49.78 27.18 109.34
C TYR HA 373 50.01 28.30 110.36
N LYS HA 374 50.93 28.10 111.31
CA LYS HA 374 51.22 29.11 112.32
C LYS HA 374 51.85 30.36 111.70
N SER HA 375 52.79 30.18 110.77
CA SER HA 375 53.45 31.32 110.16
C SER HA 375 52.55 32.05 109.17
N LEU HA 376 51.44 31.45 108.75
CA LEU HA 376 50.52 32.12 107.85
C LEU HA 376 49.56 33.05 108.55
N GLN HA 377 49.29 32.83 109.84
CA GLN HA 377 48.42 33.69 110.62
C GLN HA 377 49.00 35.09 110.81
N ASP HA 378 50.32 35.24 110.72
CA ASP HA 378 50.94 36.55 110.84
C ASP HA 378 50.69 37.42 109.63
N ILE HA 379 50.37 36.82 108.47
CA ILE HA 379 50.07 37.59 107.27
C ILE HA 379 48.61 38.02 107.22
N ILE HA 380 47.69 37.15 107.64
CA ILE HA 380 46.24 37.41 107.57
C ILE HA 380 45.85 38.56 108.51
N ALA HA 381 46.65 38.82 109.54
CA ALA HA 381 46.35 39.89 110.47
C ALA HA 381 46.51 41.28 109.84
N ILE HA 382 47.36 41.43 108.83
CA ILE HA 382 47.54 42.70 108.15
C ILE HA 382 46.89 42.69 106.77
N LEU HA 383 47.08 41.62 106.01
CA LEU HA 383 46.51 41.55 104.66
C LEU HA 383 45.02 41.23 104.70
N GLY HA 384 44.67 40.09 105.26
CA GLY HA 384 43.33 39.56 105.20
C GLY HA 384 43.33 38.16 104.63
N MET HA 385 42.16 37.53 104.66
CA MET HA 385 42.07 36.16 104.16
C MET HA 385 41.96 36.10 102.65
N ASP HA 386 41.18 37.00 102.05
CA ASP HA 386 40.90 36.91 100.62
C ASP HA 386 42.06 37.36 99.74
N GLU HA 387 42.93 38.25 100.23
CA GLU HA 387 44.04 38.73 99.42
C GLU HA 387 45.18 37.72 99.28
N LEU HA 388 45.08 36.57 99.92
CA LEU HA 388 46.07 35.53 99.76
C LEU HA 388 45.94 34.86 98.38
N SER HA 389 46.94 34.06 98.03
CA SER HA 389 46.88 33.34 96.78
C SER HA 389 46.00 32.10 96.93
N GLU HA 390 45.73 31.46 95.80
CA GLU HA 390 44.87 30.28 95.83
C GLU HA 390 45.62 29.04 96.29
N GLU HA 391 46.96 29.09 96.27
CA GLU HA 391 47.74 27.94 96.69
C GLU HA 391 47.85 27.81 98.20
N ASP HA 392 47.87 28.93 98.93
CA ASP HA 392 47.89 28.88 100.38
C ASP HA 392 46.54 29.20 101.01
N LYS HA 393 45.50 29.38 100.21
CA LYS HA 393 44.13 29.27 100.72
C LYS HA 393 43.74 27.81 100.87
N LEU HA 394 44.55 26.90 100.34
CA LEU HA 394 44.27 25.47 100.43
C LEU HA 394 45.02 24.83 101.60
N THR HA 395 46.23 25.31 101.92
CA THR HA 395 46.95 24.72 103.04
C THR HA 395 46.40 25.20 104.38
N VAL HA 396 45.66 26.31 104.37
CA VAL HA 396 44.92 26.69 105.57
C VAL HA 396 43.72 25.79 105.75
N SER HA 397 42.96 25.57 104.68
CA SER HA 397 41.73 24.78 104.74
C SER HA 397 42.01 23.30 104.94
N ARG HA 398 43.20 22.83 104.58
CA ARG HA 398 43.62 21.50 104.98
C ARG HA 398 44.09 21.44 106.42
N ALA HA 399 44.64 22.53 106.95
CA ALA HA 399 45.09 22.54 108.33
C ALA HA 399 43.93 22.65 109.30
N ARG HA 400 42.92 23.45 108.97
CA ARG HA 400 41.75 23.62 109.83
C ARG HA 400 40.94 22.34 109.94
N LYS HA 401 40.92 21.52 108.90
CA LYS HA 401 40.30 20.20 109.01
C LYS HA 401 41.12 19.21 109.79
N ILE HA 402 42.43 19.42 109.91
CA ILE HA 402 43.26 18.55 110.73
C ILE HA 402 43.18 18.93 112.22
N GLN HA 403 43.04 20.22 112.52
CA GLN HA 403 42.78 20.65 113.89
C GLN HA 403 41.48 20.07 114.42
N ARG HA 404 40.42 20.14 113.62
CA ARG HA 404 39.10 19.73 114.10
C ARG HA 404 38.95 18.22 114.10
N PHE HA 405 39.67 17.49 113.25
CA PHE HA 405 39.55 16.04 113.23
C PHE HA 405 40.22 15.39 114.43
N LEU HA 406 41.14 16.09 115.11
CA LEU HA 406 41.82 15.48 116.24
C LEU HA 406 40.91 15.42 117.47
N SER HA 407 39.91 16.29 117.53
CA SER HA 407 39.01 16.31 118.68
C SER HA 407 38.02 15.16 118.61
N GLN HA 408 37.95 14.39 119.68
CA GLN HA 408 37.18 13.16 119.76
C GLN HA 408 36.28 13.21 120.98
N PRO HA 409 35.00 12.80 120.85
CA PRO HA 409 34.11 12.76 122.01
C PRO HA 409 34.43 11.63 122.97
N PHE HA 410 34.79 11.99 124.20
CA PHE HA 410 35.20 11.01 125.19
C PHE HA 410 34.00 10.28 125.78
N GLN HA 411 34.27 9.19 126.49
CA GLN HA 411 33.19 8.41 127.07
C GLN HA 411 32.77 8.92 128.44
N VAL HA 412 33.75 9.26 129.29
CA VAL HA 412 33.41 9.67 130.65
C VAL HA 412 33.00 11.14 130.70
N ALA HA 413 33.08 11.84 129.57
CA ALA HA 413 32.56 13.18 129.46
C ALA HA 413 31.19 13.22 128.80
N GLU HA 414 30.34 12.22 129.06
CA GLU HA 414 29.00 12.23 128.50
C GLU HA 414 28.11 13.25 129.20
N VAL HA 415 28.32 13.44 130.51
CA VAL HA 415 27.45 14.33 131.28
C VAL HA 415 27.77 15.78 130.97
N PHE HA 416 28.97 16.05 130.44
CA PHE HA 416 29.25 17.39 129.92
C PHE HA 416 28.61 17.57 128.56
N THR HA 417 28.68 16.55 127.71
CA THR HA 417 28.36 16.74 126.30
C THR HA 417 26.98 16.19 125.96
N GLY HA 418 26.68 14.96 126.36
CA GLY HA 418 25.53 14.27 125.82
C GLY HA 418 25.83 13.42 124.60
N HIS HA 419 26.99 13.63 123.97
CA HIS HA 419 27.41 12.87 122.81
C HIS HA 419 27.88 11.49 123.27
N LEU HA 420 28.17 10.62 122.31
CA LEU HA 420 28.45 9.24 122.65
C LEU HA 420 29.96 9.01 122.61
N GLY HA 421 30.40 7.90 123.22
CA GLY HA 421 31.82 7.65 123.33
C GLY HA 421 32.36 6.83 122.17
N LYS HA 422 33.38 7.38 121.51
CA LYS HA 422 33.99 6.77 120.33
C LYS HA 422 35.37 6.25 120.68
N LEU HA 423 35.83 5.26 119.92
CA LEU HA 423 37.11 4.61 120.15
C LEU HA 423 37.67 4.15 118.82
N VAL HA 424 38.48 4.99 118.19
CA VAL HA 424 39.00 4.76 116.85
C VAL HA 424 40.21 3.85 116.95
N PRO HA 425 40.31 2.79 116.17
CA PRO HA 425 41.50 1.92 116.24
C PRO HA 425 42.70 2.55 115.54
N LEU HA 426 43.84 1.86 115.64
CA LEU HA 426 45.09 2.45 115.19
C LEU HA 426 45.19 2.47 113.67
N LYS HA 427 44.70 1.42 113.01
CA LYS HA 427 44.81 1.33 111.56
C LYS HA 427 43.90 2.34 110.86
N GLU HA 428 42.89 2.83 111.57
CA GLU HA 428 41.94 3.77 110.97
C GLU HA 428 42.39 5.20 111.18
N THR HA 429 43.19 5.46 112.21
CA THR HA 429 43.67 6.82 112.49
C THR HA 429 44.63 7.29 111.41
N ILE HA 430 45.48 6.39 110.89
CA ILE HA 430 46.40 6.76 109.83
C ILE HA 430 45.65 6.98 108.52
N LYS HA 431 44.72 6.08 108.19
CA LYS HA 431 43.98 6.16 106.94
C LYS HA 431 42.99 7.31 106.93
N GLY HA 432 42.65 7.87 108.08
CA GLY HA 432 41.80 9.05 108.10
C GLY HA 432 42.58 10.28 107.72
N PHE HA 433 43.86 10.31 108.11
CA PHE HA 433 44.67 11.51 107.93
C PHE HA 433 45.45 11.53 106.62
N GLN HA 434 45.61 10.39 105.96
CA GLN HA 434 46.17 10.37 104.62
C GLN HA 434 45.25 11.05 103.62
N GLN HA 435 43.94 10.92 103.83
CA GLN HA 435 42.98 11.36 102.84
C GLN HA 435 42.62 12.84 102.97
N ILE HA 436 42.79 13.43 104.15
CA ILE HA 436 42.63 14.88 104.25
C ILE HA 436 43.87 15.58 103.68
N LEU HA 437 45.04 14.96 103.82
CA LEU HA 437 46.26 15.58 103.32
C LEU HA 437 46.35 15.48 101.80
N ALA HA 438 45.97 14.32 101.25
CA ALA HA 438 46.05 14.12 99.81
C ALA HA 438 44.98 14.88 99.05
N GLY HA 439 43.91 15.29 99.71
CA GLY HA 439 42.91 16.12 99.11
C GLY HA 439 41.62 15.42 98.71
N GLU HA 440 41.31 14.28 99.33
CA GLU HA 440 40.13 13.52 98.96
C GLU HA 440 38.86 14.01 99.66
N TYR HA 441 38.95 15.09 100.44
CA TYR HA 441 37.78 15.62 101.14
C TYR HA 441 37.75 17.13 101.06
N ASP HA 442 38.11 17.68 99.91
CA ASP HA 442 38.08 19.13 99.72
C ASP HA 442 36.68 19.67 99.43
N HIS HA 443 35.67 18.81 99.36
CA HIS HA 443 34.32 19.22 99.02
C HIS HA 443 33.39 19.29 100.23
N LEU HA 444 33.93 19.27 101.43
CA LEU HA 444 33.16 19.33 102.66
C LEU HA 444 33.52 20.58 103.45
N PRO HA 445 32.58 21.13 104.22
CA PRO HA 445 32.92 22.24 105.12
C PRO HA 445 33.65 21.71 106.35
N GLU HA 446 34.11 22.64 107.18
CA GLU HA 446 34.96 22.28 108.33
C GLU HA 446 34.18 21.57 109.42
N GLN HA 447 32.88 21.85 109.53
CA GLN HA 447 32.08 21.35 110.64
C GLN HA 447 31.79 19.85 110.55
N ALA HA 448 32.09 19.21 109.43
CA ALA HA 448 31.77 17.80 109.27
C ALA HA 448 32.73 16.87 109.99
N PHE HA 449 33.82 17.39 110.57
CA PHE HA 449 34.80 16.59 111.27
C PHE HA 449 34.82 16.83 112.78
N TYR HA 450 34.08 17.82 113.26
CA TYR HA 450 34.08 18.19 114.68
C TYR HA 450 33.40 17.11 115.50
N MET HA 451 34.15 16.52 116.44
CA MET HA 451 33.67 15.56 117.44
C MET HA 451 33.08 14.31 116.79
N VAL HA 452 33.86 13.73 115.88
CA VAL HA 452 33.45 12.49 115.23
C VAL HA 452 34.42 11.38 115.62
N GLY HA 453 34.06 10.16 115.27
CA GLY HA 453 34.94 9.02 115.48
C GLY HA 453 35.82 8.79 114.26
N PRO HA 454 35.67 7.64 113.60
CA PRO HA 454 36.40 7.40 112.35
C PRO HA 454 35.96 8.29 111.20
N ILE HA 455 36.64 8.17 110.05
CA ILE HA 455 36.39 9.06 108.92
C ILE HA 455 35.06 8.74 108.23
N GLU HA 456 34.48 7.56 108.51
CA GLU HA 456 33.18 7.19 107.94
C GLU HA 456 32.07 8.12 108.40
N GLU HA 457 32.09 8.53 109.68
CA GLU HA 457 31.09 9.44 110.19
C GLU HA 457 31.32 10.88 109.79
N ALA HA 458 32.41 11.19 109.10
CA ALA HA 458 32.66 12.57 108.69
C ALA HA 458 31.85 12.96 107.46
N VAL HA 459 31.41 11.98 106.68
CA VAL HA 459 30.58 12.29 105.51
C VAL HA 459 29.11 12.05 105.81
N ALA HA 460 28.79 11.15 106.73
CA ALA HA 460 27.40 10.99 107.19
C ALA HA 460 26.93 12.24 107.91
N LYS HA 461 27.82 12.86 108.70
CA LYS HA 461 27.52 14.14 109.32
C LYS HA 461 27.52 15.28 108.32
N ALA HA 462 28.08 15.08 107.13
CA ALA HA 462 28.14 16.16 106.14
C ALA HA 462 26.81 16.34 105.44
N ASP HA 463 26.12 15.24 105.14
CA ASP HA 463 24.86 15.34 104.41
C ASP HA 463 23.72 15.79 105.31
N LYS HA 464 23.75 15.38 106.59
CA LYS HA 464 22.68 15.71 107.52
C LYS HA 464 22.62 17.21 107.82
N LEU HA 465 23.74 17.92 107.66
CA LEU HA 465 23.74 19.36 107.78
C LEU HA 465 23.19 20.04 106.53
N ALA HA 466 23.20 19.35 105.39
CA ALA HA 466 22.87 20.00 104.12
C ALA HA 466 21.37 20.22 103.97
N GLU HA 467 20.56 19.28 104.47
CA GLU HA 467 19.13 19.26 104.15
C GLU HA 467 18.33 20.33 104.89
N GLU HA 468 18.87 20.91 105.95
CA GLU HA 468 18.14 21.89 106.74
C GLU HA 468 18.25 23.31 106.20
N HIS HA 469 18.72 23.49 104.97
CA HIS HA 469 18.75 24.80 104.37
C HIS HA 469 17.37 25.19 103.83
N THR IA 2 105.14 35.21 162.25
CA THR IA 2 104.44 34.13 161.56
C THR IA 2 102.98 34.06 161.99
N GLY IA 3 102.20 33.28 161.25
CA GLY IA 3 100.82 33.02 161.61
C GLY IA 3 100.47 31.56 161.38
N ARG IA 4 99.22 31.22 161.70
CA ARG IA 4 98.69 29.89 161.48
C ARG IA 4 97.33 29.97 160.82
N ILE IA 5 97.03 28.98 160.00
CA ILE IA 5 95.75 28.89 159.30
C ILE IA 5 94.75 28.21 160.21
N VAL IA 6 93.61 28.86 160.45
CA VAL IA 6 92.54 28.30 161.28
C VAL IA 6 91.40 27.75 160.45
N ALA IA 7 90.99 28.46 159.39
CA ALA IA 7 89.82 28.08 158.61
C ALA IA 7 90.13 28.12 157.13
N VAL IA 8 89.70 27.06 156.42
CA VAL IA 8 89.81 26.95 154.97
C VAL IA 8 88.42 26.65 154.44
N ILE IA 9 87.80 27.61 153.77
CA ILE IA 9 86.46 27.47 153.21
C ILE IA 9 86.53 27.95 151.76
N GLY IA 10 86.68 27.03 150.82
CA GLY IA 10 86.68 27.38 149.42
C GLY IA 10 87.96 28.06 148.96
N ALA IA 11 87.85 29.30 148.53
CA ALA IA 11 89.00 30.14 148.17
C ALA IA 11 89.14 31.28 149.16
N VAL IA 12 88.81 31.02 150.43
CA VAL IA 12 88.90 32.01 151.49
C VAL IA 12 89.59 31.34 152.68
N VAL IA 13 90.76 31.85 153.05
CA VAL IA 13 91.56 31.30 154.15
C VAL IA 13 91.61 32.34 155.27
N ASP IA 14 91.49 31.87 156.51
CA ASP IA 14 91.59 32.71 157.70
C ASP IA 14 92.88 32.38 158.43
N VAL IA 15 93.64 33.40 158.81
CA VAL IA 15 94.96 33.24 159.39
C VAL IA 15 94.98 33.88 160.77
N GLN IA 16 95.50 33.14 161.75
CA GLN IA 16 95.60 33.60 163.13
C GLN IA 16 97.04 33.97 163.44
N PHE IA 17 97.26 35.23 163.85
CA PHE IA 17 98.59 35.72 164.19
C PHE IA 17 98.73 35.80 165.70
N ASP IA 18 99.94 36.18 166.14
CA ASP IA 18 100.20 36.34 167.57
C ASP IA 18 100.60 37.77 167.94
N GLU IA 19 101.65 38.31 167.32
CA GLU IA 19 102.10 39.66 167.63
C GLU IA 19 102.00 40.58 166.43
N GLY IA 20 102.62 40.24 165.31
CA GLY IA 20 102.69 41.12 164.18
C GLY IA 20 101.48 41.03 163.27
N LEU IA 21 100.37 41.64 163.69
CA LEU IA 21 99.17 41.65 162.86
C LEU IA 21 99.37 42.55 161.65
N PRO IA 22 99.31 42.02 160.44
CA PRO IA 22 99.57 42.83 159.26
C PRO IA 22 98.36 43.65 158.88
N PRO IA 23 98.56 44.85 158.34
CA PRO IA 23 97.41 45.65 157.89
C PRO IA 23 96.72 45.09 156.66
N ILE IA 24 95.66 45.77 156.22
CA ILE IA 24 94.92 45.34 155.04
C ILE IA 24 95.77 45.58 153.81
N LEU IA 25 95.50 44.79 152.75
CA LEU IA 25 96.19 44.83 151.45
C LEU IA 25 97.65 44.42 151.54
N ASN IA 26 98.00 43.63 152.55
CA ASN IA 26 99.32 43.03 152.57
C ASN IA 26 99.30 41.72 151.78
N ALA IA 27 100.37 40.94 151.91
CA ALA IA 27 100.52 39.70 151.16
C ALA IA 27 101.27 38.70 152.02
N LEU IA 28 100.66 37.56 152.28
CA LEU IA 28 101.31 36.51 153.04
C LEU IA 28 101.81 35.43 152.08
N GLU IA 29 102.44 34.39 152.63
CA GLU IA 29 102.96 33.31 151.79
C GLU IA 29 103.01 32.03 152.60
N VAL IA 30 102.34 30.99 152.10
CA VAL IA 30 102.17 29.74 152.83
C VAL IA 30 103.46 28.94 152.75
N GLN IA 31 103.90 28.39 153.88
CA GLN IA 31 105.13 27.63 153.94
C GLN IA 31 104.85 26.13 153.90
N GLY IA 32 105.59 25.41 153.07
CA GLY IA 32 105.46 23.98 152.96
C GLY IA 32 104.90 23.48 151.65
N ARG IA 33 104.59 24.35 150.71
CA ARG IA 33 103.98 23.97 149.45
C ARG IA 33 104.96 24.14 148.30
N GLU IA 34 104.62 23.52 147.17
CA GLU IA 34 105.50 23.49 146.01
C GLU IA 34 105.55 24.86 145.33
N THR IA 35 104.41 25.35 144.87
CA THR IA 35 104.37 26.62 144.16
C THR IA 35 103.97 27.72 145.13
N ARG IA 36 104.21 28.98 144.74
CA ARG IA 36 103.87 30.12 145.58
C ARG IA 36 102.36 30.29 145.68
N LEU IA 37 101.86 30.38 146.90
CA LEU IA 37 100.45 30.64 147.17
C LEU IA 37 100.35 31.90 148.01
N VAL IA 38 99.97 33.00 147.38
CA VAL IA 38 99.96 34.31 148.00
C VAL IA 38 98.54 34.60 148.48
N LEU IA 39 98.41 34.95 149.76
CA LEU IA 39 97.13 35.32 150.36
C LEU IA 39 97.13 36.83 150.55
N GLU IA 40 95.98 37.46 150.35
CA GLU IA 40 95.87 38.91 150.47
C GLU IA 40 94.88 39.26 151.57
N VAL IA 41 95.36 39.99 152.58
CA VAL IA 41 94.53 40.33 153.75
C VAL IA 41 93.49 41.37 153.37
N ALA IA 42 92.24 41.12 153.76
CA ALA IA 42 91.12 41.98 153.38
C ALA IA 42 90.26 42.46 154.55
N GLN IA 43 90.29 41.81 155.71
CA GLN IA 43 89.46 42.19 156.85
C GLN IA 43 90.17 41.79 158.14
N HIS IA 44 90.04 42.63 159.16
CA HIS IA 44 90.48 42.32 160.51
C HIS IA 44 89.27 41.81 161.28
N LEU IA 45 89.26 40.51 161.58
CA LEU IA 45 88.10 39.86 162.18
C LEU IA 45 88.09 39.91 163.70
N GLY IA 46 89.05 40.59 164.31
CA GLY IA 46 89.13 40.58 165.76
C GLY IA 46 89.82 39.34 166.27
N GLU IA 47 90.14 39.38 167.58
CA GLU IA 47 90.94 38.42 168.35
C GLU IA 47 92.16 37.88 167.60
N SER IA 48 92.87 38.78 166.91
CA SER IA 48 94.04 38.50 166.08
C SER IA 48 93.73 37.43 165.02
N THR IA 49 92.85 37.79 164.10
CA THR IA 49 92.47 36.90 163.01
C THR IA 49 92.16 37.76 161.80
N VAL IA 50 92.78 37.43 160.67
CA VAL IA 50 92.54 38.19 159.44
C VAL IA 50 91.85 37.29 158.42
N ARG IA 51 91.16 37.93 157.48
CA ARG IA 51 90.38 37.25 156.45
C ARG IA 51 91.07 37.47 155.11
N THR IA 52 91.60 36.40 154.54
CA THR IA 52 92.45 36.46 153.35
C THR IA 52 91.77 35.78 152.19
N ILE IA 53 92.01 36.30 150.98
CA ILE IA 53 91.57 35.67 149.75
C ILE IA 53 92.78 35.05 149.04
N ALA IA 54 92.65 33.80 148.62
CA ALA IA 54 93.77 33.10 148.02
C ALA IA 54 93.97 33.55 146.56
N MET IA 55 95.09 33.14 145.98
CA MET IA 55 95.43 33.47 144.61
C MET IA 55 95.77 32.28 143.74
N ASP IA 56 95.68 31.07 144.27
CA ASP IA 56 95.89 29.85 143.50
C ASP IA 56 95.02 28.78 144.13
N GLY IA 57 95.31 27.50 143.86
CA GLY IA 57 94.53 26.42 144.42
C GLY IA 57 94.71 26.33 145.93
N THR IA 58 93.64 25.92 146.61
CA THR IA 58 93.58 25.97 148.06
C THR IA 58 93.66 24.58 148.67
N GLU IA 59 93.44 23.53 147.89
CA GLU IA 59 93.45 22.17 148.41
C GLU IA 59 94.85 21.74 148.86
N GLY IA 60 94.89 20.76 149.74
CA GLY IA 60 96.12 20.37 150.38
C GLY IA 60 96.48 21.19 151.61
N LEU IA 61 95.68 22.20 151.95
CA LEU IA 61 95.99 23.02 153.11
C LEU IA 61 95.42 22.42 154.37
N VAL IA 62 96.29 22.21 155.36
CA VAL IA 62 95.91 21.64 156.64
C VAL IA 62 95.65 22.79 157.60
N ARG IA 63 94.67 22.62 158.49
CA ARG IA 63 94.46 23.57 159.57
C ARG IA 63 95.66 23.50 160.52
N GLY IA 64 96.25 24.64 160.79
CA GLY IA 64 97.42 24.72 161.63
C GLY IA 64 98.75 24.64 160.91
N GLN IA 65 98.85 25.17 159.70
CA GLN IA 65 100.15 25.26 159.04
C GLN IA 65 100.84 26.56 159.47
N LYS IA 66 101.94 26.88 158.80
CA LYS IA 66 102.71 28.07 159.13
C LYS IA 66 102.72 29.01 157.93
N VAL IA 67 102.55 30.31 158.20
CA VAL IA 67 102.39 31.32 157.18
C VAL IA 67 103.25 32.52 157.56
N LEU IA 68 104.13 32.95 156.65
CA LEU IA 68 105.01 34.08 156.88
C LEU IA 68 104.29 35.38 156.53
N ASP IA 69 105.03 36.48 156.48
CA ASP IA 69 104.49 37.78 156.14
C ASP IA 69 105.58 38.58 155.43
N SER IA 70 105.20 39.24 154.34
CA SER IA 70 106.17 40.06 153.61
C SER IA 70 106.30 41.44 154.22
N GLY IA 71 105.27 41.91 154.91
CA GLY IA 71 105.26 43.24 155.49
C GLY IA 71 104.91 44.34 154.51
N ALA IA 72 104.63 43.99 153.27
CA ALA IA 72 104.36 44.95 152.20
C ALA IA 72 103.34 44.31 151.26
N PRO IA 73 102.71 45.08 150.35
CA PRO IA 73 101.85 44.44 149.35
C PRO IA 73 102.59 43.58 148.33
N ILE IA 74 101.87 43.06 147.35
CA ILE IA 74 102.46 42.24 146.30
C ILE IA 74 103.39 43.10 145.46
N LYS IA 75 104.67 42.74 145.44
CA LYS IA 75 105.70 43.51 144.76
C LYS IA 75 106.20 42.73 143.55
N ILE IA 76 106.20 43.38 142.40
CA ILE IA 76 106.48 42.71 141.13
C ILE IA 76 107.84 43.16 140.59
N PRO IA 77 108.51 42.35 139.77
CA PRO IA 77 109.69 42.84 139.06
C PRO IA 77 109.32 43.87 138.01
N VAL IA 78 109.86 45.09 138.16
CA VAL IA 78 109.60 46.18 137.24
C VAL IA 78 110.94 46.68 136.72
N GLY IA 79 110.93 47.35 135.57
CA GLY IA 79 112.14 47.88 134.98
C GLY IA 79 112.02 48.03 133.47
N PRO IA 80 113.12 48.38 132.81
CA PRO IA 80 113.08 48.41 131.34
C PRO IA 80 113.39 47.07 130.72
N GLU IA 81 113.94 46.13 131.50
CA GLU IA 81 114.24 44.81 130.98
C GLU IA 81 113.06 43.86 131.13
N THR IA 82 111.87 44.39 131.42
CA THR IA 82 110.68 43.57 131.44
C THR IA 82 110.00 43.55 130.08
N LEU IA 83 110.51 44.34 129.14
CA LEU IA 83 109.94 44.38 127.80
C LEU IA 83 110.18 43.06 127.07
N GLY IA 84 109.10 42.46 126.59
CA GLY IA 84 109.20 41.22 125.84
C GLY IA 84 109.03 39.95 126.64
N ARG IA 85 108.58 40.04 127.88
CA ARG IA 85 108.38 38.87 128.72
C ARG IA 85 106.91 38.71 129.08
N ILE IA 86 106.57 37.58 129.68
CA ILE IA 86 105.20 37.25 130.07
C ILE IA 86 105.19 36.93 131.54
N MET IA 87 104.34 37.62 132.31
CA MET IA 87 104.24 37.40 133.75
C MET IA 87 102.79 37.29 134.18
N ASN IA 88 102.58 36.65 135.33
CA ASN IA 88 101.27 36.57 135.94
C ASN IA 88 101.09 37.70 136.94
N VAL IA 89 100.09 37.59 137.82
CA VAL IA 89 99.71 38.69 138.69
C VAL IA 89 100.74 38.91 139.80
N ILE IA 90 101.54 37.88 140.12
CA ILE IA 90 102.50 38.02 141.21
C ILE IA 90 103.94 38.18 140.71
N GLY IA 91 104.13 38.47 139.43
CA GLY IA 91 105.44 38.80 138.92
C GLY IA 91 106.27 37.63 138.41
N GLU IA 92 105.82 36.39 138.63
CA GLU IA 92 106.56 35.23 138.17
C GLU IA 92 106.53 35.14 136.65
N PRO IA 93 107.62 34.67 136.02
CA PRO IA 93 107.59 34.48 134.57
C PRO IA 93 106.97 33.15 134.20
N ILE IA 94 106.13 33.14 133.16
CA ILE IA 94 105.42 31.93 132.76
C ILE IA 94 105.68 31.55 131.30
N ASP IA 95 106.89 31.79 130.79
CA ASP IA 95 107.23 31.36 129.44
C ASP IA 95 108.53 30.56 129.38
N GLU IA 96 109.06 30.15 130.54
CA GLU IA 96 110.20 29.23 130.66
C GLU IA 96 111.46 29.76 129.99
N ARG IA 97 111.63 31.08 129.99
CA ARG IA 97 112.81 31.72 129.43
C ARG IA 97 113.74 32.27 130.49
N GLY IA 98 113.79 31.65 131.67
CA GLY IA 98 114.68 32.08 132.71
C GLY IA 98 114.08 33.19 133.56
N PRO IA 99 114.64 33.39 134.76
CA PRO IA 99 114.08 34.40 135.66
C PRO IA 99 114.37 35.81 135.18
N ILE IA 100 113.38 36.69 135.33
CA ILE IA 100 113.57 38.09 135.01
C ILE IA 100 114.44 38.75 136.08
N LYS IA 101 115.49 39.44 135.63
CA LYS IA 101 116.45 40.07 136.53
C LYS IA 101 116.39 41.58 136.32
N THR IA 102 116.17 42.31 137.40
CA THR IA 102 116.07 43.76 137.33
C THR IA 102 116.52 44.34 138.67
N LYS IA 103 116.50 45.68 138.76
CA LYS IA 103 117.09 46.35 139.90
C LYS IA 103 116.09 46.57 141.03
N GLN IA 104 114.91 47.08 140.70
CA GLN IA 104 113.96 47.54 141.71
C GLN IA 104 112.61 46.87 141.50
N PHE IA 105 111.80 46.92 142.55
CA PHE IA 105 110.44 46.42 142.55
C PHE IA 105 109.47 47.54 142.91
N ALA IA 106 108.20 47.31 142.65
CA ALA IA 106 107.16 48.27 142.99
C ALA IA 106 105.92 47.53 143.48
N ALA IA 107 105.12 48.22 144.28
CA ALA IA 107 103.91 47.66 144.86
C ALA IA 107 102.72 48.02 143.98
N ILE IA 108 101.71 47.14 143.95
CA ILE IA 108 100.62 47.32 143.00
C ILE IA 108 99.52 48.18 143.60
N HIS IA 109 99.33 48.12 144.91
CA HIS IA 109 98.32 48.93 145.59
C HIS IA 109 98.95 50.29 145.92
N ALA IA 110 98.76 51.24 145.03
CA ALA IA 110 99.33 52.57 145.17
C ALA IA 110 98.26 53.63 144.92
N GLU IA 111 98.41 54.75 145.62
CA GLU IA 111 97.41 55.80 145.61
C GLU IA 111 97.42 56.56 144.30
N ALA IA 112 96.40 57.40 144.11
CA ALA IA 112 96.29 58.20 142.91
C ALA IA 112 97.27 59.38 142.99
N PRO IA 113 97.56 60.02 141.85
CA PRO IA 113 98.27 61.31 141.93
C PRO IA 113 97.40 62.37 142.59
N GLU IA 114 98.08 63.36 143.17
CA GLU IA 114 97.39 64.40 143.93
C GLU IA 114 96.74 65.40 142.98
N PHE IA 115 96.12 66.42 143.56
CA PHE IA 115 95.38 67.38 142.75
C PHE IA 115 96.30 68.37 142.06
N MET IA 116 97.44 68.70 142.67
CA MET IA 116 98.35 69.69 142.11
C MET IA 116 99.30 69.11 141.07
N GLU IA 117 99.12 67.86 140.66
CA GLU IA 117 99.98 67.24 139.67
C GLU IA 117 99.29 66.96 138.34
N MET IA 118 97.98 67.18 138.25
CA MET IA 118 97.24 66.88 137.03
C MET IA 118 97.57 67.87 135.93
N SER IA 119 97.26 67.48 134.70
CA SER IA 119 97.40 68.39 133.58
C SER IA 119 96.20 69.32 133.53
N VAL IA 120 96.44 70.55 133.09
CA VAL IA 120 95.42 71.58 133.13
C VAL IA 120 94.90 71.89 131.72
N GLU IA 121 95.19 71.02 130.76
CA GLU IA 121 94.83 71.27 129.38
C GLU IA 121 94.67 69.95 128.65
N GLN IA 122 93.75 69.92 127.68
CA GLN IA 122 93.59 68.77 126.82
C GLN IA 122 94.65 68.79 125.72
N GLU IA 123 95.02 67.59 125.27
CA GLU IA 123 96.06 67.47 124.25
C GLU IA 123 95.83 66.19 123.46
N ILE IA 124 95.87 66.30 122.13
CA ILE IA 124 95.54 65.20 121.24
C ILE IA 124 96.76 64.30 121.07
N LEU IA 125 96.54 62.99 121.18
CA LEU IA 125 97.56 62.00 120.86
C LEU IA 125 97.41 61.60 119.40
N VAL IA 126 98.50 61.68 118.64
CA VAL IA 126 98.49 61.30 117.22
C VAL IA 126 99.08 59.90 117.09
N THR IA 127 98.38 59.04 116.37
CA THR IA 127 98.81 57.65 116.18
C THR IA 127 99.07 57.31 114.72
N GLY IA 128 98.77 58.20 113.79
CA GLY IA 128 99.12 58.02 112.40
C GLY IA 128 97.98 57.58 111.51
N ILE IA 129 96.99 56.85 112.06
CA ILE IA 129 95.89 56.34 111.26
C ILE IA 129 94.98 57.47 110.84
N LYS IA 130 94.49 57.42 109.60
CA LYS IA 130 93.74 58.54 109.04
C LYS IA 130 92.33 58.60 109.60
N VAL IA 131 91.72 57.46 109.88
CA VAL IA 131 90.34 57.48 110.37
C VAL IA 131 90.28 57.80 111.86
N VAL IA 132 91.29 57.38 112.63
CA VAL IA 132 91.31 57.64 114.06
C VAL IA 132 91.63 59.10 114.34
N ASP IA 133 92.78 59.59 113.84
CA ASP IA 133 93.27 60.92 114.19
C ASP IA 133 92.53 62.06 113.51
N LEU IA 134 91.44 61.82 112.80
CA LEU IA 134 90.67 62.88 112.17
C LEU IA 134 89.25 62.99 112.70
N LEU IA 135 88.54 61.87 112.83
CA LEU IA 135 87.12 61.90 113.19
C LEU IA 135 86.86 61.57 114.66
N ALA IA 136 87.62 60.65 115.24
CA ALA IA 136 87.50 60.32 116.66
C ALA IA 136 88.88 60.37 117.31
N PRO IA 137 89.43 61.58 117.50
CA PRO IA 137 90.82 61.69 117.95
C PRO IA 137 90.99 61.28 119.41
N TYR IA 138 92.24 61.01 119.76
CA TYR IA 138 92.57 60.40 121.04
C TYR IA 138 93.21 61.44 121.95
N ALA IA 139 92.61 61.68 123.11
CA ALA IA 139 93.22 62.57 124.08
C ALA IA 139 94.36 61.89 124.81
N LYS IA 140 95.34 62.67 125.23
CA LYS IA 140 96.49 62.13 125.94
C LYS IA 140 96.13 61.92 127.39
N GLY IA 141 96.11 60.67 127.83
CA GLY IA 141 95.73 60.33 129.18
C GLY IA 141 94.33 59.77 129.31
N GLY IA 142 93.49 59.97 128.31
CA GLY IA 142 92.10 59.54 128.40
C GLY IA 142 91.94 58.05 128.25
N LYS IA 143 90.70 57.60 128.46
CA LYS IA 143 90.32 56.20 128.35
C LYS IA 143 89.53 56.01 127.06
N ILE IA 144 89.86 54.94 126.32
CA ILE IA 144 89.27 54.67 125.01
C ILE IA 144 88.55 53.33 125.06
N GLY IA 145 87.37 53.28 124.47
CA GLY IA 145 86.57 52.07 124.42
C GLY IA 145 86.53 51.50 123.01
N LEU IA 146 86.87 50.22 122.89
CA LEU IA 146 87.03 49.57 121.60
C LEU IA 146 85.87 48.58 121.42
N PHE IA 147 84.85 49.01 120.67
CA PHE IA 147 83.72 48.14 120.39
C PHE IA 147 84.03 47.23 119.20
N GLY IA 148 83.57 45.99 119.31
CA GLY IA 148 83.85 44.99 118.30
C GLY IA 148 84.59 43.81 118.86
N GLY IA 149 84.41 42.65 118.22
CA GLY IA 149 85.00 41.43 118.70
C GLY IA 149 85.82 40.66 117.68
N ALA IA 150 85.55 39.37 117.55
CA ALA IA 150 86.33 38.49 116.70
C ALA IA 150 85.82 38.53 115.26
N GLY IA 151 86.74 38.28 114.33
CA GLY IA 151 86.41 38.25 112.91
C GLY IA 151 86.30 39.60 112.26
N VAL IA 152 86.63 40.69 112.96
CA VAL IA 152 86.52 42.03 112.40
C VAL IA 152 87.89 42.64 112.12
N GLY IA 153 88.95 42.08 112.68
CA GLY IA 153 90.28 42.63 112.49
C GLY IA 153 90.68 43.54 113.64
N LYS IA 154 90.53 43.05 114.86
CA LYS IA 154 90.83 43.83 116.06
C LYS IA 154 92.27 43.66 116.52
N THR IA 155 92.80 42.44 116.47
CA THR IA 155 94.14 42.17 116.95
C THR IA 155 95.23 42.73 116.06
N VAL IA 156 94.90 43.19 114.86
CA VAL IA 156 95.86 43.94 114.05
C VAL IA 156 95.95 45.38 114.52
N LEU IA 157 94.80 46.00 114.83
CA LEU IA 157 94.75 47.37 115.35
C LEU IA 157 95.43 47.51 116.70
N ILE IA 158 95.49 46.44 117.49
CA ILE IA 158 96.28 46.44 118.70
C ILE IA 158 97.77 46.44 118.37
N MET IA 159 98.18 45.54 117.47
CA MET IA 159 99.58 45.38 117.11
C MET IA 159 100.15 46.54 116.31
N GLU IA 160 99.30 47.43 115.79
CA GLU IA 160 99.79 48.54 115.01
C GLU IA 160 99.88 49.83 115.81
N LEU IA 161 99.04 50.00 116.82
CA LEU IA 161 99.18 51.16 117.69
C LEU IA 161 100.37 51.03 118.63
N ILE IA 162 100.82 49.80 118.86
CA ILE IA 162 102.09 49.59 119.54
C ILE IA 162 103.24 50.11 118.70
N ASN IA 163 103.21 49.83 117.40
CA ASN IA 163 104.34 50.15 116.53
C ASN IA 163 104.47 51.64 116.25
N ASN IA 164 103.36 52.35 116.11
CA ASN IA 164 103.43 53.75 115.70
C ASN IA 164 103.79 54.70 116.83
N VAL IA 165 103.39 54.40 118.07
CA VAL IA 165 103.75 55.26 119.19
C VAL IA 165 105.23 55.13 119.50
N ALA IA 166 105.80 53.94 119.32
CA ALA IA 166 107.24 53.74 119.47
C ALA IA 166 108.06 54.35 118.33
N LYS IA 167 107.41 54.84 117.28
CA LYS IA 167 108.07 55.53 116.18
C LYS IA 167 107.92 57.04 116.28
N ALA IA 168 106.70 57.54 116.40
CA ALA IA 168 106.47 58.99 116.43
C ALA IA 168 106.61 59.60 117.81
N HIS IA 169 106.51 58.81 118.88
CA HIS IA 169 106.55 59.36 120.23
C HIS IA 169 107.58 58.72 121.14
N GLY IA 170 107.94 57.45 120.94
CA GLY IA 170 108.93 56.84 121.80
C GLY IA 170 108.42 56.42 123.15
N GLY IA 171 107.37 55.63 123.21
CA GLY IA 171 106.82 55.13 124.46
C GLY IA 171 106.33 53.70 124.29
N TYR IA 172 106.71 52.84 125.22
CA TYR IA 172 106.41 51.42 125.13
C TYR IA 172 104.99 51.15 125.64
N SER IA 173 104.61 49.88 125.75
CA SER IA 173 103.24 49.52 126.10
C SER IA 173 103.23 48.29 126.99
N VAL IA 174 102.12 48.10 127.69
CA VAL IA 174 101.87 46.92 128.51
C VAL IA 174 100.55 46.31 128.04
N PHE IA 175 100.50 44.98 127.94
CA PHE IA 175 99.27 44.27 127.63
C PHE IA 175 98.86 43.47 128.86
N ALA IA 176 97.62 43.67 129.31
CA ALA IA 176 97.07 43.02 130.50
C ALA IA 176 95.86 42.19 130.10
N GLY IA 177 96.01 40.87 130.15
CA GLY IA 177 94.92 39.97 129.82
C GLY IA 177 94.12 39.57 131.04
N VAL IA 178 92.97 40.19 131.23
CA VAL IA 178 92.15 40.01 132.43
C VAL IA 178 91.20 38.85 132.16
N GLY IA 179 91.52 37.69 132.72
CA GLY IA 179 90.69 36.50 132.61
C GLY IA 179 90.52 35.98 131.20
N GLU IA 180 91.59 35.98 130.41
CA GLU IA 180 91.52 35.67 128.99
C GLU IA 180 91.80 34.19 128.75
N ARG IA 181 91.31 33.70 127.62
CA ARG IA 181 91.46 32.29 127.26
C ARG IA 181 92.91 31.94 127.03
N THR IA 182 93.24 30.68 127.35
CA THR IA 182 94.61 30.21 127.12
C THR IA 182 94.87 29.98 125.64
N ARG IA 183 93.86 29.52 124.89
CA ARG IA 183 94.02 29.28 123.46
C ARG IA 183 94.15 30.58 122.68
N GLU IA 184 93.48 31.64 123.12
CA GLU IA 184 93.56 32.93 122.45
C GLU IA 184 94.65 33.82 123.05
N GLY IA 185 95.20 33.46 124.20
CA GLY IA 185 96.35 34.14 124.74
C GLY IA 185 97.65 33.51 124.35
N ASN IA 186 97.59 32.46 123.54
CA ASN IA 186 98.76 31.87 122.91
C ASN IA 186 98.96 32.34 121.48
N ASP IA 187 97.87 32.58 120.76
CA ASP IA 187 97.96 33.06 119.39
C ASP IA 187 98.45 34.49 119.33
N LEU IA 188 98.13 35.31 120.33
CA LEU IA 188 98.60 36.68 120.36
C LEU IA 188 100.08 36.76 120.69
N TYR IA 189 100.61 35.74 121.37
CA TYR IA 189 102.04 35.66 121.57
C TYR IA 189 102.76 35.44 120.24
N HIS IA 190 102.25 34.52 119.42
CA HIS IA 190 102.91 34.18 118.17
C HIS IA 190 102.53 35.10 117.01
N GLU IA 191 101.46 35.88 117.15
CA GLU IA 191 101.16 36.89 116.13
C GLU IA 191 102.02 38.14 116.31
N MET IA 192 102.45 38.43 117.53
CA MET IA 192 103.36 39.54 117.77
C MET IA 192 104.79 39.21 117.40
N ILE IA 193 105.18 37.93 117.53
CA ILE IA 193 106.52 37.49 117.13
C ILE IA 193 106.70 37.66 115.62
N GLU IA 194 105.69 37.25 114.85
CA GLU IA 194 105.73 37.32 113.40
C GLU IA 194 105.41 38.71 112.86
N SER IA 195 105.38 39.75 113.70
CA SER IA 195 105.22 41.10 113.21
C SER IA 195 106.26 42.06 113.77
N GLY IA 196 107.17 41.60 114.62
CA GLY IA 196 108.33 42.36 114.98
C GLY IA 196 108.24 43.12 116.29
N VAL IA 197 107.03 43.32 116.83
CA VAL IA 197 106.88 44.15 118.03
C VAL IA 197 107.40 43.48 119.28
N ILE IA 198 107.57 42.16 119.27
CA ILE IA 198 108.28 41.45 120.31
C ILE IA 198 109.38 40.66 119.62
N ASN IA 199 110.48 40.44 120.34
CA ASN IA 199 111.68 39.90 119.69
C ASN IA 199 112.47 39.06 120.67
N LEU IA 200 112.78 37.83 120.26
CA LEU IA 200 113.41 36.84 121.12
C LEU IA 200 114.93 36.86 121.06
N LYS IA 201 115.52 37.77 120.28
CA LYS IA 201 116.96 37.74 120.04
C LYS IA 201 117.73 38.89 120.67
N ASP IA 202 117.09 40.03 120.92
CA ASP IA 202 117.79 41.21 121.40
C ASP IA 202 116.84 41.99 122.29
N ALA IA 203 117.15 43.27 122.53
CA ALA IA 203 116.40 44.11 123.45
C ALA IA 203 115.65 45.22 122.73
N THR IA 204 115.09 44.91 121.56
CA THR IA 204 114.28 45.87 120.81
C THR IA 204 112.79 45.54 120.87
N SER IA 205 112.34 44.88 121.94
CA SER IA 205 110.93 44.62 122.15
C SER IA 205 110.20 45.91 122.48
N LYS IA 206 108.89 45.91 122.26
CA LYS IA 206 108.10 47.11 122.50
C LYS IA 206 106.91 46.89 123.44
N VAL IA 207 106.73 45.71 124.02
CA VAL IA 207 105.63 45.43 124.93
C VAL IA 207 106.10 44.55 126.07
N ALA IA 208 105.27 44.49 127.12
CA ALA IA 208 105.43 43.54 128.22
C ALA IA 208 104.06 42.90 128.42
N LEU IA 209 104.03 41.57 128.52
CA LEU IA 209 102.76 40.87 128.61
C LEU IA 209 102.47 40.48 130.05
N VAL IA 210 101.28 40.82 130.53
CA VAL IA 210 100.76 40.33 131.80
C VAL IA 210 99.50 39.53 131.50
N TYR IA 211 99.54 38.23 131.79
CA TYR IA 211 98.45 37.31 131.46
C TYR IA 211 97.95 36.62 132.72
N GLY IA 212 96.81 37.08 133.23
CA GLY IA 212 96.08 36.34 134.23
C GLY IA 212 94.94 35.60 133.56
N GLN IA 213 95.11 34.30 133.38
CA GLN IA 213 94.26 33.52 132.49
C GLN IA 213 92.96 33.15 133.19
N MET IA 214 92.08 32.43 132.48
CA MET IA 214 90.69 32.30 132.88
C MET IA 214 90.45 31.23 133.92
N ASN IA 215 91.31 30.23 134.05
CA ASN IA 215 91.07 29.13 134.97
C ASN IA 215 91.66 29.36 136.35
N GLU IA 216 91.90 30.61 136.72
CA GLU IA 216 92.51 30.99 137.99
C GLU IA 216 91.43 31.42 138.97
N PRO IA 217 91.71 31.34 140.28
CA PRO IA 217 90.72 31.71 141.31
C PRO IA 217 90.24 33.15 141.17
N PRO IA 218 89.01 33.45 141.62
CA PRO IA 218 88.41 34.76 141.32
C PRO IA 218 89.07 35.94 142.02
N GLY IA 219 89.96 35.71 142.99
CA GLY IA 219 90.78 36.79 143.49
C GLY IA 219 91.94 37.14 142.60
N ALA IA 220 92.42 36.18 141.81
CA ALA IA 220 93.58 36.39 140.96
C ALA IA 220 93.23 36.97 139.60
N ARG IA 221 91.95 37.02 139.24
CA ARG IA 221 91.55 37.66 137.99
C ARG IA 221 91.16 39.12 138.17
N ALA IA 222 91.16 39.63 139.40
CA ALA IA 222 90.76 41.01 139.65
C ALA IA 222 91.94 41.94 139.85
N ARG IA 223 93.09 41.41 140.26
CA ARG IA 223 94.28 42.20 140.51
C ARG IA 223 95.20 42.29 139.30
N VAL IA 224 94.86 41.62 138.20
CA VAL IA 224 95.72 41.63 137.01
C VAL IA 224 95.76 43.01 136.39
N ALA IA 225 94.63 43.72 136.40
CA ALA IA 225 94.60 45.08 135.87
C ALA IA 225 95.32 46.08 136.77
N LEU IA 226 95.71 45.68 137.98
CA LEU IA 226 96.57 46.50 138.82
C LEU IA 226 98.05 46.19 138.62
N THR IA 227 98.38 44.91 138.46
CA THR IA 227 99.75 44.51 138.15
C THR IA 227 100.19 45.07 136.81
N GLY IA 228 99.31 45.03 135.82
CA GLY IA 228 99.56 45.63 134.54
C GLY IA 228 99.41 47.12 134.47
N LEU IA 229 99.25 47.80 135.61
CA LEU IA 229 99.27 49.25 135.66
C LEU IA 229 100.46 49.77 136.44
N THR IA 230 101.05 48.94 137.30
CA THR IA 230 102.30 49.26 137.96
C THR IA 230 103.43 49.41 136.95
N VAL IA 231 103.55 48.45 136.04
CA VAL IA 231 104.56 48.47 134.99
C VAL IA 231 104.40 49.70 134.11
N ALA IA 232 103.16 50.07 133.80
CA ALA IA 232 102.90 51.26 133.01
C ALA IA 232 103.18 52.55 133.77
N GLU IA 233 103.26 52.51 135.10
CA GLU IA 233 103.60 53.68 135.88
C GLU IA 233 105.11 53.86 136.03
N TYR IA 234 105.89 52.83 135.78
CA TYR IA 234 107.35 52.96 135.80
C TYR IA 234 107.85 53.81 134.65
N PHE IA 235 107.29 53.63 133.46
CA PHE IA 235 107.76 54.34 132.28
C PHE IA 235 107.21 55.77 132.20
N ARG IA 236 106.52 56.23 133.22
CA ARG IA 236 106.10 57.62 133.35
C ARG IA 236 106.74 58.32 134.53
N ASP IA 237 106.81 57.67 135.68
CA ASP IA 237 107.37 58.27 136.89
C ASP IA 237 108.90 58.28 136.90
N GLN IA 238 109.55 57.39 136.16
CA GLN IA 238 111.00 57.27 136.20
C GLN IA 238 111.68 57.72 134.92
N GLU IA 239 111.01 57.60 133.76
CA GLU IA 239 111.61 57.98 132.50
C GLU IA 239 110.86 59.07 131.74
N GLY IA 240 109.56 59.20 131.97
CA GLY IA 240 108.81 60.27 131.34
C GLY IA 240 108.41 60.02 129.90
N GLN IA 241 108.02 58.80 129.57
CA GLN IA 241 107.59 58.47 128.22
C GLN IA 241 106.10 58.79 128.07
N ASP IA 242 105.52 58.41 126.94
CA ASP IA 242 104.10 58.56 126.66
C ASP IA 242 103.55 57.15 126.41
N VAL IA 243 103.17 56.48 127.49
CA VAL IA 243 102.91 55.05 127.48
C VAL IA 243 101.50 54.78 126.97
N LEU IA 244 101.28 53.59 126.41
CA LEU IA 244 99.95 53.08 126.15
C LEU IA 244 99.64 51.94 127.12
N LEU IA 245 98.38 51.52 127.11
CA LEU IA 245 97.94 50.47 128.04
C LEU IA 245 96.72 49.78 127.44
N PHE IA 246 96.80 48.46 127.33
CA PHE IA 246 95.72 47.67 126.73
C PHE IA 246 95.15 46.73 127.78
N ILE IA 247 93.84 46.83 128.00
CA ILE IA 247 93.11 45.90 128.85
C ILE IA 247 92.09 45.18 127.98
N ASP IA 248 92.07 43.86 128.05
CA ASP IA 248 91.13 43.05 127.28
C ASP IA 248 90.60 41.94 128.19
N ASN IA 249 89.36 42.08 128.67
CA ASN IA 249 88.54 43.29 128.51
C ASN IA 249 88.18 43.86 129.87
N ILE IA 250 87.32 44.87 129.89
CA ILE IA 250 87.00 45.55 131.15
C ILE IA 250 85.80 44.93 131.84
N PHE IA 251 85.01 44.11 131.15
CA PHE IA 251 83.87 43.46 131.79
C PHE IA 251 84.31 42.30 132.66
N ARG IA 252 85.41 41.64 132.31
CA ARG IA 252 85.94 40.57 133.15
C ARG IA 252 86.75 41.10 134.33
N PHE IA 253 86.92 42.41 134.43
CA PHE IA 253 87.44 43.02 135.64
C PHE IA 253 86.31 43.37 136.60
N THR IA 254 85.19 43.82 136.06
CA THR IA 254 84.00 44.09 136.87
C THR IA 254 83.41 42.79 137.42
N GLN IA 255 83.18 41.81 136.54
CA GLN IA 255 82.56 40.54 136.92
C GLN IA 255 83.43 39.73 137.88
N ALA IA 256 84.74 39.86 137.80
CA ALA IA 256 85.62 39.20 138.75
C ALA IA 256 85.67 39.92 140.08
N GLY IA 257 85.19 41.17 140.13
CA GLY IA 257 85.06 41.87 141.39
C GLY IA 257 83.85 41.43 142.20
N SER IA 258 82.74 41.14 141.54
CA SER IA 258 81.50 40.73 142.20
C SER IA 258 81.47 39.25 142.56
N GLU IA 259 82.60 38.56 142.48
CA GLU IA 259 82.72 37.22 143.03
C GLU IA 259 83.67 37.14 144.21
N VAL IA 260 84.48 38.17 144.43
CA VAL IA 260 85.22 38.28 145.67
C VAL IA 260 84.34 38.89 146.75
N SER IA 261 83.54 39.88 146.39
CA SER IA 261 82.62 40.54 147.30
C SER IA 261 81.39 39.71 147.63
N ALA IA 262 81.24 38.51 147.05
CA ALA IA 262 80.21 37.58 147.45
C ALA IA 262 80.75 36.32 148.10
N LEU IA 263 82.06 36.06 147.93
CA LEU IA 263 82.69 35.01 148.71
C LEU IA 263 83.04 35.50 150.10
N LEU IA 264 83.09 36.82 150.28
CA LEU IA 264 83.40 37.43 151.57
C LEU IA 264 82.17 37.71 152.40
N GLY IA 265 80.98 37.30 151.95
CA GLY IA 265 79.78 37.48 152.73
C GLY IA 265 79.28 38.90 152.77
N ARG IA 266 78.87 39.46 151.64
CA ARG IA 266 78.29 40.78 151.59
C ARG IA 266 76.99 40.75 150.81
N ILE IA 267 76.07 41.61 151.21
CA ILE IA 267 74.76 41.70 150.55
C ILE IA 267 74.95 42.32 149.17
N PRO IA 268 74.47 41.69 148.11
CA PRO IA 268 74.62 42.28 146.78
C PRO IA 268 73.73 43.49 146.59
N SER IA 269 74.18 44.37 145.69
CA SER IA 269 73.53 45.59 145.26
C SER IA 269 72.43 45.24 144.27
N ALA IA 270 72.15 46.17 143.34
CA ALA IA 270 71.33 45.88 142.16
C ALA IA 270 71.96 44.79 141.30
N VAL IA 271 71.41 44.47 140.13
CA VAL IA 271 71.11 43.12 139.62
C VAL IA 271 71.97 41.91 140.04
N GLY IA 272 73.04 42.09 140.80
CA GLY IA 272 73.87 40.98 141.22
C GLY IA 272 75.30 41.40 141.49
N TYR IA 273 75.60 42.68 141.25
CA TYR IA 273 76.95 43.19 141.36
C TYR IA 273 77.34 43.40 142.82
N GLN IA 274 78.44 44.05 143.06
CA GLN IA 274 78.90 44.29 144.42
C GLN IA 274 78.36 45.63 144.93
N PRO IA 275 78.39 45.87 146.24
CA PRO IA 275 78.06 47.23 146.72
C PRO IA 275 79.04 48.28 146.25
N THR IA 276 80.30 47.91 146.03
CA THR IA 276 81.40 48.84 145.79
C THR IA 276 81.74 48.94 144.32
N LEU IA 277 80.73 48.97 143.45
CA LEU IA 277 80.95 48.97 142.01
C LEU IA 277 81.50 50.31 141.51
N ALA IA 278 81.33 51.38 142.28
CA ALA IA 278 81.71 52.69 141.80
C ALA IA 278 83.05 53.17 142.34
N THR IA 279 83.63 52.47 143.32
CA THR IA 279 84.95 52.79 143.83
C THR IA 279 86.03 51.87 143.28
N ASP IA 280 85.69 50.62 142.96
CA ASP IA 280 86.67 49.75 142.32
C ASP IA 280 86.96 50.19 140.90
N MET IA 281 85.97 50.80 140.25
CA MET IA 281 86.20 51.50 139.00
C MET IA 281 86.82 52.89 139.24
N GLY IA 282 86.78 53.37 140.48
CA GLY IA 282 87.39 54.63 140.80
C GLY IA 282 88.83 54.49 141.24
N THR IA 283 89.12 53.51 142.08
CA THR IA 283 90.48 53.30 142.57
C THR IA 283 91.33 52.45 141.64
N MET IA 284 90.96 52.36 140.37
CA MET IA 284 91.80 51.85 139.31
C MET IA 284 92.04 52.85 138.21
N GLN IA 285 90.98 53.48 137.70
CA GLN IA 285 91.07 54.28 136.49
C GLN IA 285 91.41 55.74 136.76
N GLU IA 286 91.71 56.09 138.00
CA GLU IA 286 92.20 57.42 138.30
C GLU IA 286 93.72 57.47 138.39
N ARG IA 287 94.38 56.31 138.40
CA ARG IA 287 95.82 56.21 138.23
C ARG IA 287 96.24 56.33 136.77
N ILE IA 288 95.29 56.26 135.85
CA ILE IA 288 95.55 56.41 134.42
C ILE IA 288 95.29 57.88 134.11
N THR IA 289 96.35 58.68 134.18
CA THR IA 289 96.20 60.12 134.00
C THR IA 289 97.50 60.71 133.48
N THR IA 290 97.44 61.99 133.13
CA THR IA 290 98.57 62.76 132.62
C THR IA 290 99.13 63.60 133.76
N THR IA 291 100.24 63.16 134.35
CA THR IA 291 100.90 63.95 135.37
C THR IA 291 101.84 64.95 134.71
N LYS IA 292 102.70 65.59 135.49
CA LYS IA 292 103.63 66.56 134.95
C LYS IA 292 104.84 65.93 134.28
N LYS IA 293 105.17 64.69 134.64
CA LYS IA 293 106.28 63.99 133.99
C LYS IA 293 105.88 63.45 132.63
N GLY IA 294 104.90 62.55 132.59
CA GLY IA 294 104.45 61.96 131.35
C GLY IA 294 102.96 61.71 131.29
N SER IA 295 102.55 60.55 130.80
CA SER IA 295 101.13 60.22 130.67
C SER IA 295 100.98 58.72 130.53
N ILE IA 296 99.74 58.25 130.67
CA ILE IA 296 99.35 56.87 130.38
C ILE IA 296 98.01 56.94 129.66
N THR IA 297 97.94 56.37 128.47
CA THR IA 297 96.71 56.32 127.70
C THR IA 297 96.24 54.87 127.64
N SER IA 298 94.93 54.66 127.71
CA SER IA 298 94.39 53.31 127.83
C SER IA 298 93.35 53.04 126.77
N VAL IA 299 93.51 51.91 126.08
CA VAL IA 299 92.52 51.40 125.13
C VAL IA 299 91.93 50.13 125.71
N GLN IA 300 90.62 50.14 125.93
CA GLN IA 300 89.94 49.07 126.64
C GLN IA 300 88.83 48.48 125.78
N ALA IA 301 88.71 47.17 125.81
CA ALA IA 301 87.64 46.48 125.10
C ALA IA 301 86.44 46.38 126.00
N ILE IA 302 85.25 46.54 125.43
CA ILE IA 302 84.01 46.66 126.20
C ILE IA 302 83.00 45.66 125.65
N TYR IA 303 82.55 44.76 126.50
CA TYR IA 303 81.51 43.79 126.16
C TYR IA 303 80.25 44.12 126.95
N VAL IA 304 79.15 44.30 126.24
CA VAL IA 304 77.88 44.71 126.82
C VAL IA 304 77.02 43.46 127.03
N PRO IA 305 76.63 43.13 128.26
CA PRO IA 305 75.84 41.92 128.48
C PRO IA 305 74.37 42.12 128.15
N ALA IA 306 73.83 41.15 127.41
CA ALA IA 306 72.42 41.04 127.00
C ALA IA 306 71.92 42.24 126.20
N ASP IA 307 72.84 42.94 125.52
CA ASP IA 307 72.56 44.11 124.68
C ASP IA 307 71.84 45.22 125.45
N ASP IA 308 72.17 45.35 126.73
CA ASP IA 308 71.58 46.34 127.61
C ASP IA 308 72.62 47.42 127.87
N LEU IA 309 72.40 48.61 127.32
CA LEU IA 309 73.37 49.68 127.48
C LEU IA 309 73.26 50.35 128.85
N THR IA 310 72.20 50.06 129.61
CA THR IA 310 72.00 50.65 130.92
C THR IA 310 72.14 49.66 132.06
N ASP IA 311 72.72 48.49 131.78
CA ASP IA 311 73.12 47.55 132.82
C ASP IA 311 74.23 48.23 133.64
N PRO IA 312 74.27 48.03 134.96
CA PRO IA 312 75.29 48.73 135.77
C PRO IA 312 76.74 48.35 135.50
N ALA IA 313 77.05 47.27 134.80
CA ALA IA 313 78.45 47.07 134.49
C ALA IA 313 78.89 47.91 133.29
N PRO IA 314 78.14 48.00 132.14
CA PRO IA 314 78.54 48.99 131.13
C PRO IA 314 78.00 50.39 131.35
N ALA IA 315 77.52 50.71 132.56
CA ALA IA 315 77.14 52.09 132.85
C ALA IA 315 78.10 52.76 133.80
N THR IA 316 78.75 52.00 134.70
CA THR IA 316 79.82 52.56 135.51
C THR IA 316 81.02 52.90 134.65
N THR IA 317 81.35 52.03 133.69
CA THR IA 317 82.52 52.21 132.84
C THR IA 317 82.37 53.41 131.92
N PHE IA 318 81.16 53.68 131.44
CA PHE IA 318 80.92 54.72 130.43
C PHE IA 318 81.16 56.12 130.94
N ALA IA 319 81.19 56.32 132.26
CA ALA IA 319 81.46 57.65 132.80
C ALA IA 319 82.94 58.00 132.84
N HIS IA 320 83.81 57.06 132.46
CA HIS IA 320 85.24 57.27 132.47
C HIS IA 320 85.83 57.47 131.08
N LEU IA 321 85.15 57.02 130.03
CA LEU IA 321 85.70 57.05 128.70
C LEU IA 321 85.65 58.44 128.11
N ASP IA 322 86.61 58.72 127.21
CA ASP IA 322 86.67 59.98 126.49
C ASP IA 322 86.46 59.85 124.99
N ALA IA 323 86.58 58.65 124.43
CA ALA IA 323 86.38 58.43 123.01
C ALA IA 323 86.09 56.96 122.78
N THR IA 324 85.17 56.67 121.87
CA THR IA 324 84.82 55.30 121.49
C THR IA 324 85.01 55.11 120.00
N THR IA 325 85.65 53.99 119.64
CA THR IA 325 85.79 53.57 118.24
C THR IA 325 85.15 52.19 118.11
N VAL IA 326 84.37 52.00 117.05
CA VAL IA 326 83.60 50.78 116.85
C VAL IA 326 84.03 50.12 115.54
N LEU IA 327 84.31 48.82 115.61
CA LEU IA 327 84.71 48.03 114.44
C LEU IA 327 83.49 47.34 113.87
N SER IA 328 82.99 47.85 112.75
CA SER IA 328 81.81 47.29 112.11
C SER IA 328 82.21 46.17 111.15
N ARG IA 329 81.50 45.06 111.21
CA ARG IA 329 81.77 43.95 110.29
C ARG IA 329 81.22 44.24 108.90
N ALA IA 330 80.28 45.17 108.77
CA ALA IA 330 79.73 45.51 107.48
C ALA IA 330 80.67 46.36 106.63
N ILE IA 331 81.80 46.80 107.18
CA ILE IA 331 82.79 47.54 106.42
C ILE IA 331 83.93 46.58 106.08
N ALA IA 332 84.00 45.46 106.81
CA ALA IA 332 85.00 44.46 106.52
C ALA IA 332 84.63 43.62 105.30
N GLU IA 333 83.34 43.49 105.01
CA GLU IA 333 82.88 42.83 103.79
C GLU IA 333 82.83 43.79 102.62
N LEU IA 334 83.16 45.06 102.84
CA LEU IA 334 83.27 46.05 101.78
C LEU IA 334 84.70 46.20 101.27
N GLY IA 335 85.66 45.62 101.99
CA GLY IA 335 87.04 45.65 101.55
C GLY IA 335 87.93 46.64 102.27
N ILE IA 336 87.38 47.53 103.08
CA ILE IA 336 88.14 48.58 103.74
C ILE IA 336 88.86 48.01 104.94
N TYR IA 337 90.15 48.35 105.09
CA TYR IA 337 90.92 48.03 106.27
C TYR IA 337 91.70 49.28 106.69
N PRO IA 338 91.58 49.72 107.96
CA PRO IA 338 90.88 49.16 109.12
C PRO IA 338 89.37 49.38 109.07
N ALA IA 339 88.62 48.49 109.72
CA ALA IA 339 87.17 48.44 109.58
C ALA IA 339 86.51 49.30 110.66
N VAL IA 340 86.94 50.55 110.74
CA VAL IA 340 86.44 51.50 111.73
C VAL IA 340 85.28 52.26 111.10
N ASP IA 341 84.13 52.24 111.77
CA ASP IA 341 82.96 52.96 111.29
C ASP IA 341 83.17 54.44 111.51
N PRO IA 342 82.98 55.29 110.48
CA PRO IA 342 83.21 56.73 110.67
C PRO IA 342 82.02 57.46 111.27
N LEU IA 343 80.81 56.88 111.19
CA LEU IA 343 79.63 57.60 111.64
C LEU IA 343 79.29 57.28 113.09
N ASP IA 344 79.56 56.06 113.52
CA ASP IA 344 79.19 55.63 114.87
C ASP IA 344 80.32 55.70 115.87
N SER IA 345 81.36 56.48 115.60
CA SER IA 345 82.41 56.75 116.56
C SER IA 345 82.29 58.19 117.05
N THR IA 346 82.43 58.38 118.37
CA THR IA 346 82.31 59.70 118.97
C THR IA 346 83.57 60.03 119.76
N SER IA 347 83.84 61.32 119.91
CA SER IA 347 84.94 61.81 120.72
C SER IA 347 84.45 62.97 121.59
N ARG IA 348 84.97 63.04 122.82
CA ARG IA 348 84.57 64.10 123.72
C ARG IA 348 85.42 65.36 123.50
N ILE IA 349 86.64 65.19 122.97
CA ILE IA 349 87.53 66.32 122.82
C ILE IA 349 87.36 66.97 121.44
N MET IA 350 86.45 66.43 120.64
CA MET IA 350 86.12 67.05 119.36
C MET IA 350 85.38 68.34 119.63
N ASP IA 351 86.09 69.46 119.53
CA ASP IA 351 85.63 70.73 120.07
C ASP IA 351 86.49 71.84 119.48
N PRO IA 352 85.88 72.95 119.07
CA PRO IA 352 86.68 74.06 118.50
C PRO IA 352 87.60 74.73 119.48
N ASN IA 353 87.39 74.55 120.78
CA ASN IA 353 88.28 75.12 121.79
C ASN IA 353 89.25 74.09 122.35
N ILE IA 354 89.45 72.98 121.65
CA ILE IA 354 90.43 71.97 122.07
C ILE IA 354 91.38 71.66 120.93
N VAL IA 355 90.84 71.32 119.76
CA VAL IA 355 91.66 70.95 118.61
C VAL IA 355 91.72 72.05 117.56
N GLY IA 356 91.06 73.17 117.77
CA GLY IA 356 91.15 74.29 116.87
C GLY IA 356 90.14 74.22 115.73
N SER IA 357 90.03 75.34 115.02
CA SER IA 357 89.01 75.48 113.97
C SER IA 357 89.42 74.85 112.65
N GLU IA 358 90.70 74.55 112.45
CA GLU IA 358 91.12 73.92 111.20
C GLU IA 358 90.74 72.45 111.17
N HIS IA 359 90.98 71.74 112.28
CA HIS IA 359 90.55 70.35 112.41
C HIS IA 359 89.04 70.23 112.42
N TYR IA 360 88.35 71.25 112.93
CA TYR IA 360 86.92 71.12 113.22
C TYR IA 360 86.08 71.12 111.95
N ASP IA 361 86.17 72.18 111.15
CA ASP IA 361 85.29 72.32 110.00
C ASP IA 361 85.65 71.39 108.85
N VAL IA 362 86.82 70.75 108.90
CA VAL IA 362 87.12 69.68 107.97
C VAL IA 362 86.42 68.40 108.40
N ALA IA 363 86.61 68.00 109.65
CA ALA IA 363 86.03 66.75 110.14
C ALA IA 363 84.53 66.84 110.40
N ARG IA 364 83.98 68.05 110.44
CA ARG IA 364 82.53 68.18 110.53
C ARG IA 364 81.87 67.85 109.20
N GLY IA 365 82.42 68.36 108.09
CA GLY IA 365 81.84 68.15 106.78
C GLY IA 365 81.95 66.72 106.28
N VAL IA 366 82.92 65.96 106.77
CA VAL IA 366 83.08 64.57 106.34
C VAL IA 366 81.92 63.71 106.84
N GLN IA 367 81.51 63.91 108.09
CA GLN IA 367 80.41 63.12 108.64
C GLN IA 367 79.06 63.58 108.13
N LYS IA 368 78.97 64.80 107.60
CA LYS IA 368 77.72 65.26 107.01
C LYS IA 368 77.54 64.70 105.60
N ILE IA 369 78.61 64.68 104.81
CA ILE IA 369 78.55 64.11 103.46
C ILE IA 369 78.39 62.59 103.51
N LEU IA 370 78.91 61.94 104.54
CA LEU IA 370 78.73 60.50 104.68
C LEU IA 370 77.35 60.11 105.16
N GLN IA 371 76.54 61.08 105.60
CA GLN IA 371 75.13 60.82 105.90
C GLN IA 371 74.25 60.95 104.68
N ASP IA 372 74.58 61.89 103.77
CA ASP IA 372 73.77 62.10 102.59
C ASP IA 372 73.86 60.93 101.62
N TYR IA 373 75.03 60.29 101.56
CA TYR IA 373 75.16 59.06 100.80
C TYR IA 373 74.43 57.91 101.49
N LYS IA 374 74.31 57.96 102.81
CA LYS IA 374 73.55 56.94 103.51
C LYS IA 374 72.06 57.10 103.32
N SER IA 375 71.58 58.30 103.03
CA SER IA 375 70.16 58.53 102.81
C SER IA 375 69.79 58.38 101.34
N LEU IA 376 70.72 58.64 100.43
CA LEU IA 376 70.44 58.52 99.00
C LEU IA 376 70.67 57.12 98.47
N GLN IA 377 71.28 56.24 99.25
CA GLN IA 377 71.53 54.87 98.83
C GLN IA 377 70.28 54.00 98.88
N ASP IA 378 69.20 54.49 99.49
CA ASP IA 378 67.96 53.74 99.59
C ASP IA 378 67.01 54.01 98.45
N ILE IA 379 66.97 55.26 97.96
CA ILE IA 379 66.19 55.59 96.78
C ILE IA 379 66.77 54.90 95.54
N ILE IA 380 68.10 54.81 95.47
CA ILE IA 380 68.76 54.16 94.35
C ILE IA 380 68.52 52.64 94.38
N ALA IA 381 68.46 52.06 95.58
CA ALA IA 381 68.25 50.61 95.68
C ALA IA 381 66.81 50.22 95.40
N ILE IA 382 65.83 51.03 95.80
CA ILE IA 382 64.41 50.72 95.62
C ILE IA 382 63.90 51.26 94.29
N LEU IA 383 64.01 52.57 94.06
CA LEU IA 383 63.45 53.17 92.86
C LEU IA 383 64.39 53.03 91.67
N GLY IA 384 65.56 53.64 91.74
CA GLY IA 384 66.46 53.65 90.60
C GLY IA 384 67.44 54.80 90.71
N MET IA 385 68.25 54.96 89.66
CA MET IA 385 69.44 55.80 89.73
C MET IA 385 69.26 57.22 89.19
N ASP IA 386 68.72 57.38 87.98
CA ASP IA 386 68.87 58.62 87.23
C ASP IA 386 67.86 59.69 87.59
N GLU IA 387 66.90 59.40 88.46
CA GLU IA 387 65.86 60.37 88.81
C GLU IA 387 66.36 61.50 89.67
N LEU IA 388 67.43 61.31 90.44
CA LEU IA 388 67.97 62.33 91.32
C LEU IA 388 68.75 63.37 90.52
N SER IA 389 68.96 64.52 91.15
CA SER IA 389 69.46 65.71 90.48
C SER IA 389 70.93 65.56 90.10
N GLU IA 390 71.43 66.54 89.34
CA GLU IA 390 72.83 66.58 88.97
C GLU IA 390 73.72 67.08 90.11
N GLU IA 391 73.15 67.84 91.05
CA GLU IA 391 73.91 68.26 92.22
C GLU IA 391 74.10 67.11 93.21
N ASP IA 392 73.30 66.05 93.08
CA ASP IA 392 73.41 64.91 93.98
C ASP IA 392 74.29 63.81 93.42
N LYS IA 393 74.57 63.81 92.12
CA LYS IA 393 75.45 62.81 91.53
C LYS IA 393 76.90 63.00 91.96
N LEU IA 394 77.30 64.22 92.29
CA LEU IA 394 78.66 64.45 92.78
C LEU IA 394 78.80 63.99 94.22
N THR IA 395 77.74 64.14 95.03
CA THR IA 395 77.79 63.67 96.42
C THR IA 395 77.81 62.16 96.48
N VAL IA 396 77.23 61.49 95.49
CA VAL IA 396 77.37 60.03 95.41
C VAL IA 396 78.78 59.67 94.99
N SER IA 397 79.39 60.46 94.11
CA SER IA 397 80.72 60.14 93.62
C SER IA 397 81.79 60.52 94.64
N ARG IA 398 81.60 61.63 95.36
CA ARG IA 398 82.61 62.08 96.31
C ARG IA 398 82.65 61.20 97.56
N ALA IA 399 81.48 60.72 98.00
CA ALA IA 399 81.44 59.91 99.21
C ALA IA 399 81.98 58.50 99.00
N ARG IA 400 82.12 58.06 97.76
CA ARG IA 400 82.85 56.84 97.48
C ARG IA 400 84.34 57.08 97.31
N LYS IA 401 84.76 58.33 97.14
CA LYS IA 401 86.16 58.70 97.24
C LYS IA 401 86.61 58.87 98.68
N ILE IA 402 85.75 59.42 99.54
CA ILE IA 402 86.10 59.66 100.93
C ILE IA 402 86.20 58.34 101.69
N GLN IA 403 85.21 57.46 101.54
CA GLN IA 403 85.21 56.22 102.32
C GLN IA 403 86.22 55.20 101.81
N ARG IA 404 86.95 55.50 100.74
CA ARG IA 404 88.09 54.69 100.34
C ARG IA 404 89.41 55.38 100.65
N PHE IA 405 89.38 56.70 100.83
CA PHE IA 405 90.56 57.44 101.30
C PHE IA 405 90.80 57.23 102.78
N LEU IA 406 89.85 56.63 103.50
CA LEU IA 406 90.05 56.31 104.91
C LEU IA 406 90.84 55.02 105.08
N SER IA 407 91.00 54.25 104.01
CA SER IA 407 91.82 53.05 104.08
C SER IA 407 93.29 53.42 104.12
N GLN IA 408 94.11 52.53 104.66
CA GLN IA 408 95.52 52.80 104.89
C GLN IA 408 96.24 51.48 105.12
N PRO IA 409 97.34 51.25 104.40
CA PRO IA 409 98.09 50.00 104.60
C PRO IA 409 98.99 50.06 105.83
N PHE IA 410 98.98 49.00 106.63
CA PHE IA 410 99.68 49.04 107.90
C PHE IA 410 101.08 48.43 107.80
N GLN IA 411 101.96 48.85 108.71
CA GLN IA 411 103.33 48.36 108.71
C GLN IA 411 103.42 46.95 109.27
N VAL IA 412 102.36 46.48 109.93
CA VAL IA 412 102.39 45.16 110.56
C VAL IA 412 102.04 44.09 109.54
N ALA IA 413 101.53 44.49 108.37
CA ALA IA 413 101.08 43.56 107.35
C ALA IA 413 101.91 43.65 106.07
N GLU IA 414 103.20 43.97 106.18
CA GLU IA 414 104.03 44.15 104.99
C GLU IA 414 104.32 42.82 104.30
N VAL IA 415 104.37 41.73 105.07
CA VAL IA 415 104.73 40.44 104.50
C VAL IA 415 103.56 39.85 103.71
N PHE IA 416 102.33 40.07 104.18
CA PHE IA 416 101.20 39.36 103.60
C PHE IA 416 100.62 40.07 102.38
N THR IA 417 100.16 41.31 102.54
CA THR IA 417 99.44 41.96 101.45
C THR IA 417 100.41 42.69 100.52
N GLY IA 418 101.69 42.70 100.85
CA GLY IA 418 102.73 43.16 99.92
C GLY IA 418 102.89 44.66 99.81
N HIS IA 419 101.93 45.45 100.27
CA HIS IA 419 102.04 46.90 100.15
C HIS IA 419 103.04 47.45 101.17
N LEU IA 420 103.28 48.75 101.09
CA LEU IA 420 104.19 49.44 102.00
C LEU IA 420 103.39 50.10 103.11
N GLY IA 421 103.84 49.93 104.35
CA GLY IA 421 103.11 50.53 105.46
C GLY IA 421 103.39 52.02 105.56
N LYS IA 422 102.31 52.79 105.61
CA LYS IA 422 102.39 54.25 105.63
C LYS IA 422 101.97 54.78 106.98
N LEU IA 423 102.75 55.70 107.53
CA LEU IA 423 102.43 56.41 108.76
C LEU IA 423 102.22 57.88 108.42
N VAL IA 424 100.98 58.34 108.46
CA VAL IA 424 100.60 59.67 108.03
C VAL IA 424 100.63 60.60 109.23
N PRO IA 425 101.32 61.73 109.17
CA PRO IA 425 101.21 62.71 110.25
C PRO IA 425 99.89 63.45 110.20
N LEU IA 426 99.71 64.38 111.15
CA LEU IA 426 98.40 64.99 111.33
C LEU IA 426 98.12 66.04 110.26
N LYS IA 427 99.15 66.77 109.82
CA LYS IA 427 98.91 67.91 108.94
C LYS IA 427 98.66 67.46 107.50
N GLU IA 428 98.93 66.20 107.19
CA GLU IA 428 98.61 65.69 105.86
C GLU IA 428 97.15 65.25 105.77
N THR IA 429 96.62 64.71 106.88
CA THR IA 429 95.25 64.18 106.85
C THR IA 429 94.22 65.30 106.82
N ILE IA 430 94.53 66.43 107.45
CA ILE IA 430 93.63 67.57 107.41
C ILE IA 430 93.71 68.27 106.06
N LYS IA 431 94.91 68.31 105.47
CA LYS IA 431 95.10 68.94 104.16
C LYS IA 431 94.43 68.11 103.05
N GLY IA 432 94.46 66.79 103.19
CA GLY IA 432 93.86 65.90 102.21
C GLY IA 432 92.35 66.05 102.08
N PHE IA 433 91.63 65.89 103.19
CA PHE IA 433 90.18 65.96 103.16
C PHE IA 433 89.65 67.37 102.96
N GLN IA 434 90.50 68.39 103.10
CA GLN IA 434 90.07 69.75 102.81
C GLN IA 434 89.94 69.99 101.32
N GLN IA 435 90.54 69.14 100.49
CA GLN IA 435 90.49 69.28 99.04
C GLN IA 435 89.50 68.34 98.38
N ILE IA 436 89.24 67.17 98.98
CA ILE IA 436 88.26 66.24 98.43
C ILE IA 436 86.85 66.82 98.54
N LEU IA 437 86.58 67.61 99.58
CA LEU IA 437 85.25 68.19 99.76
C LEU IA 437 84.95 69.26 98.72
N ALA IA 438 85.97 70.02 98.30
CA ALA IA 438 85.74 71.14 97.41
C ALA IA 438 85.67 70.74 95.93
N GLY IA 439 85.72 69.44 95.62
CA GLY IA 439 85.74 69.03 94.23
C GLY IA 439 87.05 69.27 93.52
N GLU IA 440 88.16 69.32 94.27
CA GLU IA 440 89.45 69.67 93.67
C GLU IA 440 90.13 68.49 93.00
N TYR IA 441 89.90 67.27 93.48
CA TYR IA 441 90.47 66.05 92.90
C TYR IA 441 89.36 65.08 92.53
N ASP IA 442 88.30 65.57 91.92
CA ASP IA 442 87.13 64.74 91.64
C ASP IA 442 87.20 64.03 90.29
N HIS IA 443 87.97 64.54 89.34
CA HIS IA 443 87.99 63.94 88.01
C HIS IA 443 88.81 62.67 87.95
N LEU IA 444 89.65 62.41 88.95
CA LEU IA 444 90.40 61.17 89.01
C LEU IA 444 89.46 60.02 89.39
N PRO IA 445 89.76 58.79 88.95
CA PRO IA 445 88.86 57.67 89.28
C PRO IA 445 88.96 57.19 90.72
N GLU IA 446 88.20 56.13 91.04
CA GLU IA 446 88.02 55.73 92.43
C GLU IA 446 89.25 54.99 92.97
N GLN IA 447 89.84 54.11 92.15
CA GLN IA 447 90.90 53.23 92.64
C GLN IA 447 92.25 53.93 92.80
N ALA IA 448 92.35 55.22 92.48
CA ALA IA 448 93.54 55.98 92.83
C ALA IA 448 93.60 56.25 94.33
N PHE IA 449 92.45 56.24 95.00
CA PHE IA 449 92.36 56.55 96.42
C PHE IA 449 92.40 55.32 97.31
N TYR IA 450 92.21 54.13 96.77
CA TYR IA 450 92.21 52.92 97.57
C TYR IA 450 93.63 52.57 98.00
N MET IA 451 93.84 52.51 99.32
CA MET IA 451 95.05 51.97 99.96
C MET IA 451 96.30 52.78 99.57
N VAL IA 452 96.26 54.06 99.89
CA VAL IA 452 97.42 54.93 99.69
C VAL IA 452 97.82 55.54 101.02
N GLY IA 453 98.88 56.33 101.01
CA GLY IA 453 99.28 57.09 102.18
C GLY IA 453 98.65 58.46 102.15
N PRO IA 454 99.47 59.50 101.97
CA PRO IA 454 98.92 60.87 101.87
C PRO IA 454 98.23 61.14 100.55
N ILE IA 455 97.83 62.40 100.35
CA ILE IA 455 97.19 62.81 99.11
C ILE IA 455 98.19 62.92 97.96
N GLU IA 456 99.50 62.97 98.28
CA GLU IA 456 100.52 63.07 97.24
C GLU IA 456 100.63 61.76 96.45
N GLU IA 457 100.50 60.62 97.12
CA GLU IA 457 100.59 59.32 96.46
C GLU IA 457 99.30 58.93 95.75
N ALA IA 458 98.26 59.74 95.85
CA ALA IA 458 97.02 59.45 95.15
C ALA IA 458 97.13 59.74 93.66
N VAL IA 459 97.69 60.91 93.31
CA VAL IA 459 97.80 61.28 91.90
C VAL IA 459 98.94 60.54 91.22
N ALA IA 460 99.87 59.97 92.00
CA ALA IA 460 100.91 59.12 91.43
C ALA IA 460 100.41 57.72 91.12
N LYS IA 461 99.18 57.39 91.50
CA LYS IA 461 98.56 56.12 91.17
C LYS IA 461 97.52 56.22 90.06
N ALA IA 462 97.12 57.44 89.69
CA ALA IA 462 96.22 57.59 88.54
C ALA IA 462 96.98 57.44 87.23
N ASP IA 463 98.29 57.63 87.25
CA ASP IA 463 99.10 57.51 86.04
C ASP IA 463 99.28 56.06 85.63
N LYS IA 464 99.33 55.14 86.59
CA LYS IA 464 99.57 53.74 86.29
C LYS IA 464 98.35 53.02 85.74
N LEU IA 465 97.16 53.60 85.90
CA LEU IA 465 95.97 53.01 85.32
C LEU IA 465 95.95 53.24 83.82
N ALA IA 466 95.78 52.14 83.07
CA ALA IA 466 95.86 52.07 81.60
C ALA IA 466 97.18 52.64 81.07
N ALA JA 1 60.02 57.84 188.57
CA ALA JA 1 60.94 56.85 188.02
C ALA JA 1 61.95 57.51 187.10
N THR JA 2 63.23 57.18 187.28
CA THR JA 2 64.31 57.72 186.47
C THR JA 2 65.08 56.57 185.82
N GLY JA 3 65.57 56.80 184.61
CA GLY JA 3 66.27 55.78 183.86
C GLY JA 3 67.57 56.30 183.26
N ARG JA 4 68.34 55.36 182.72
CA ARG JA 4 69.62 55.64 182.12
C ARG JA 4 69.61 55.21 180.66
N ILE JA 5 70.00 56.12 179.77
CA ILE JA 5 70.12 55.80 178.35
C ILE JA 5 71.26 54.81 178.16
N VAL JA 6 70.96 53.70 177.48
CA VAL JA 6 71.91 52.60 177.37
C VAL JA 6 72.44 52.50 175.94
N ALA JA 7 71.59 52.72 174.95
CA ALA JA 7 72.03 52.58 173.56
C ALA JA 7 71.31 53.58 172.69
N VAL JA 8 72.05 54.25 171.81
CA VAL JA 8 71.50 55.22 170.87
C VAL JA 8 71.89 54.76 169.46
N ILE JA 9 70.92 54.28 168.70
CA ILE JA 9 71.16 53.81 167.33
C ILE JA 9 70.25 54.63 166.42
N GLY JA 10 70.79 55.69 165.84
CA GLY JA 10 70.02 56.52 164.93
C GLY JA 10 68.95 57.33 165.62
N ALA JA 11 67.70 57.12 165.24
CA ALA JA 11 66.56 57.79 165.85
C ALA JA 11 65.76 56.83 166.74
N VAL JA 12 66.45 55.87 167.36
CA VAL JA 12 65.84 54.92 168.28
C VAL JA 12 66.73 54.84 169.51
N VAL JA 13 66.23 55.30 170.65
CA VAL JA 13 67.00 55.38 171.89
C VAL JA 13 66.53 54.27 172.81
N ASP JA 14 67.48 53.57 173.43
CA ASP JA 14 67.19 52.55 174.41
C ASP JA 14 67.37 53.11 175.81
N VAL JA 15 66.54 52.65 176.74
CA VAL JA 15 66.49 53.17 178.11
C VAL JA 15 66.30 51.99 179.06
N GLN JA 16 67.11 51.93 180.11
CA GLN JA 16 66.94 50.95 181.18
C GLN JA 16 66.46 51.63 182.43
N PHE JA 17 65.36 51.14 183.00
CA PHE JA 17 64.84 51.62 184.27
C PHE JA 17 65.32 50.73 185.40
N ASP JA 18 65.14 51.23 186.63
CA ASP JA 18 65.52 50.48 187.82
C ASP JA 18 64.32 50.13 188.69
N GLU JA 19 63.30 50.99 188.71
CA GLU JA 19 62.02 50.65 189.29
C GLU JA 19 60.93 51.42 188.54
N GLY JA 20 59.74 50.82 188.49
CA GLY JA 20 58.62 51.46 187.84
C GLY JA 20 58.70 51.46 186.32
N LEU JA 21 58.59 50.27 185.72
CA LEU JA 21 58.58 50.13 184.27
C LEU JA 21 57.37 50.84 183.68
N PRO JA 22 57.56 51.85 182.85
CA PRO JA 22 56.42 52.58 182.28
C PRO JA 22 55.76 51.75 181.20
N PRO JA 23 54.43 51.77 181.13
CA PRO JA 23 53.74 51.02 180.07
C PRO JA 23 53.95 51.66 178.70
N ILE JA 24 53.52 50.90 177.68
CA ILE JA 24 53.70 51.30 176.29
C ILE JA 24 52.86 52.54 175.99
N LEU JA 25 53.33 53.34 175.03
CA LEU JA 25 52.82 54.62 174.55
C LEU JA 25 52.96 55.75 175.56
N ASN JA 26 53.70 55.55 176.64
CA ASN JA 26 54.02 56.64 177.55
C ASN JA 26 55.11 57.53 176.98
N ALA JA 27 55.09 58.79 177.38
CA ALA JA 27 56.11 59.75 177.02
C ALA JA 27 57.13 59.89 178.14
N LEU JA 28 58.39 60.05 177.77
CA LEU JA 28 59.48 60.27 178.71
C LEU JA 28 60.13 61.61 178.43
N GLU JA 29 60.85 62.14 179.42
CA GLU JA 29 61.51 63.44 179.29
C GLU JA 29 62.98 63.27 179.61
N VAL JA 30 63.85 63.69 178.70
CA VAL JA 30 65.29 63.56 178.87
C VAL JA 30 65.80 64.78 179.63
N GLN JA 31 66.63 64.52 180.64
CA GLN JA 31 67.15 65.57 181.52
C GLN JA 31 68.51 66.03 181.03
N GLY JA 32 68.69 67.34 180.86
CA GLY JA 32 69.99 67.89 180.55
C GLY JA 32 70.16 68.34 179.12
N ARG JA 33 69.13 68.92 178.52
CA ARG JA 33 69.18 69.42 177.16
C ARG JA 33 68.62 70.83 177.11
N GLU JA 34 69.07 71.59 176.11
CA GLU JA 34 68.60 72.96 175.95
C GLU JA 34 67.16 73.00 175.47
N THR JA 35 66.85 72.22 174.45
CA THR JA 35 65.47 72.06 174.00
C THR JA 35 64.84 70.87 174.71
N ARG JA 36 63.66 70.48 174.25
CA ARG JA 36 62.86 69.46 174.91
C ARG JA 36 62.83 68.19 174.07
N LEU JA 37 63.60 67.19 174.46
CA LEU JA 37 63.58 65.88 173.82
C LEU JA 37 62.61 64.99 174.56
N VAL JA 38 61.62 64.47 173.85
CA VAL JA 38 60.58 63.62 174.42
C VAL JA 38 60.58 62.29 173.67
N LEU JA 39 60.57 61.19 174.40
CA LEU JA 39 60.58 59.86 173.81
C LEU JA 39 59.17 59.29 173.76
N GLU JA 40 59.08 58.02 173.42
CA GLU JA 40 57.79 57.34 173.25
C GLU JA 40 58.05 55.85 173.38
N VAL JA 41 57.60 55.23 174.46
CA VAL JA 41 57.89 53.83 174.73
C VAL JA 41 57.20 52.95 173.70
N ALA JA 42 57.96 52.06 173.06
CA ALA JA 42 57.44 51.23 171.99
C ALA JA 42 57.50 49.73 172.25
N GLN JA 43 58.48 49.23 173.01
CA GLN JA 43 58.54 47.81 173.32
C GLN JA 43 58.98 47.61 174.76
N HIS JA 44 58.86 46.37 175.21
CA HIS JA 44 59.49 45.89 176.43
C HIS JA 44 60.39 44.73 176.06
N LEU JA 45 61.67 44.83 176.39
CA LEU JA 45 62.64 43.83 175.98
C LEU JA 45 63.02 42.86 177.08
N GLY JA 46 62.46 43.01 178.27
CA GLY JA 46 62.90 42.22 179.40
C GLY JA 46 64.17 42.78 180.04
N GLU JA 47 64.53 42.20 181.18
CA GLU JA 47 65.62 42.65 182.05
C GLU JA 47 65.44 44.12 182.45
N SER JA 48 64.19 44.50 182.68
CA SER JA 48 63.75 45.86 183.02
C SER JA 48 64.30 46.90 182.05
N THR JA 49 63.90 46.77 180.78
CA THR JA 49 64.44 47.59 179.71
C THR JA 49 63.34 47.87 178.69
N VAL JA 50 63.19 49.13 178.32
CA VAL JA 50 62.24 49.52 177.29
C VAL JA 50 63.02 49.90 176.04
N ARG JA 51 62.30 50.15 174.95
CA ARG JA 51 62.90 50.64 173.72
C ARG JA 51 62.01 51.72 173.15
N THR JA 52 62.53 52.93 173.06
CA THR JA 52 61.76 54.11 172.74
C THR JA 52 61.98 54.54 171.29
N ILE JA 53 61.30 55.62 170.90
CA ILE JA 53 61.43 56.24 169.59
C ILE JA 53 61.42 57.75 169.82
N ALA JA 54 62.48 58.43 169.39
CA ALA JA 54 62.66 59.83 169.74
C ALA JA 54 61.92 60.75 168.79
N MET JA 55 61.46 61.89 169.31
CA MET JA 55 60.66 62.84 168.55
C MET JA 55 61.47 64.05 168.09
N ASP JA 56 62.78 64.02 168.22
CA ASP JA 56 63.65 65.06 167.69
C ASP JA 56 65.02 64.45 167.43
N GLY JA 57 66.00 65.28 167.11
CA GLY JA 57 67.33 64.78 166.82
C GLY JA 57 68.03 64.29 168.07
N THR JA 58 68.67 63.13 167.96
CA THR JA 58 69.40 62.53 169.07
C THR JA 58 70.90 62.79 168.99
N GLU JA 59 71.31 63.95 168.53
CA GLU JA 59 72.71 64.32 168.50
C GLU JA 59 73.15 64.88 169.84
N GLY JA 60 74.10 64.20 170.49
CA GLY JA 60 74.61 64.66 171.76
C GLY JA 60 74.09 63.93 172.96
N LEU JA 61 73.84 62.63 172.85
CA LEU JA 61 73.35 61.85 173.98
C LEU JA 61 74.46 60.95 174.51
N VAL JA 62 74.73 61.08 175.81
CA VAL JA 62 75.78 60.31 176.45
C VAL JA 62 75.14 59.08 177.10
N ARG JA 63 75.83 57.95 177.00
CA ARG JA 63 75.35 56.68 177.55
C ARG JA 63 75.42 56.75 179.07
N GLY JA 64 74.31 57.10 179.70
CA GLY JA 64 74.27 57.27 181.13
C GLY JA 64 73.49 58.49 181.54
N GLN JA 65 72.92 59.18 180.54
CA GLN JA 65 72.10 60.35 180.77
C GLN JA 65 70.83 59.97 181.51
N LYS JA 66 70.25 60.92 182.23
CA LYS JA 66 69.06 60.64 183.01
C LYS JA 66 67.81 61.06 182.25
N VAL JA 67 66.77 60.22 182.36
CA VAL JA 67 65.51 60.43 181.68
C VAL JA 67 64.40 60.29 182.71
N LEU JA 68 63.37 61.13 182.61
CA LEU JA 68 62.33 61.21 183.62
C LEU JA 68 60.99 60.82 183.01
N ASP JA 69 60.29 59.90 183.67
CA ASP JA 69 59.00 59.44 183.18
C ASP JA 69 57.92 60.49 183.44
N SER JA 70 57.09 60.74 182.43
CA SER JA 70 56.00 61.69 182.57
C SER JA 70 54.75 61.08 183.20
N GLY JA 71 54.56 59.78 183.06
CA GLY JA 71 53.44 59.10 183.69
C GLY JA 71 52.18 59.01 182.85
N ALA JA 72 52.18 59.55 181.64
CA ALA JA 72 50.99 59.61 180.81
C ALA JA 72 51.43 59.77 179.36
N PRO JA 73 50.57 59.41 178.39
CA PRO JA 73 50.91 59.67 176.97
C PRO JA 73 51.00 61.14 176.60
N ILE JA 74 51.33 61.41 175.35
CA ILE JA 74 51.54 62.78 174.88
C ILE JA 74 50.20 63.50 174.81
N LYS JA 75 50.07 64.57 175.58
CA LYS JA 75 48.84 65.35 175.64
C LYS JA 75 49.09 66.72 175.05
N ILE JA 76 48.21 67.14 174.13
CA ILE JA 76 48.39 68.40 173.42
C ILE JA 76 47.28 69.35 173.85
N PRO JA 77 47.48 70.67 173.76
CA PRO JA 77 46.37 71.61 174.05
C PRO JA 77 45.31 71.53 172.96
N VAL JA 78 44.07 71.35 173.38
CA VAL JA 78 42.94 71.19 172.46
C VAL JA 78 41.80 72.07 172.94
N GLY JA 79 40.96 72.51 172.01
CA GLY JA 79 39.87 73.39 172.32
C GLY JA 79 39.63 74.38 171.20
N PRO JA 80 38.80 75.40 171.44
CA PRO JA 80 38.62 76.44 170.42
C PRO JA 80 39.72 77.50 170.46
N GLU JA 81 40.62 77.42 171.44
CA GLU JA 81 41.72 78.37 171.51
C GLU JA 81 42.85 77.99 170.57
N THR JA 82 42.84 76.75 170.06
CA THR JA 82 43.88 76.33 169.13
C THR JA 82 43.56 76.74 167.71
N LEU JA 83 42.41 77.39 167.48
CA LEU JA 83 42.09 77.88 166.16
C LEU JA 83 42.96 79.08 165.82
N GLY JA 84 43.36 79.18 164.56
CA GLY JA 84 44.20 80.27 164.12
C GLY JA 84 45.64 80.21 164.58
N ARG JA 85 46.10 79.05 165.05
CA ARG JA 85 47.46 78.89 165.54
C ARG JA 85 48.13 77.76 164.78
N ILE JA 86 49.43 77.60 165.00
CA ILE JA 86 50.22 76.51 164.42
C ILE JA 86 50.78 75.69 165.57
N MET JA 87 50.72 74.37 165.43
CA MET JA 87 51.22 73.45 166.45
C MET JA 87 52.14 72.42 165.81
N ASN JA 88 53.17 72.00 166.54
CA ASN JA 88 54.06 70.96 166.10
C ASN JA 88 53.56 69.62 166.62
N VAL JA 89 54.44 68.60 166.61
CA VAL JA 89 54.06 67.23 166.93
C VAL JA 89 53.60 67.10 168.38
N ILE JA 90 54.28 67.79 169.30
CA ILE JA 90 53.99 67.66 170.71
C ILE JA 90 53.23 68.88 171.22
N GLY JA 91 52.65 69.64 170.30
CA GLY JA 91 51.71 70.67 170.69
C GLY JA 91 52.32 71.92 171.29
N GLU JA 92 53.45 72.35 170.78
CA GLU JA 92 54.04 73.61 171.20
C GLU JA 92 53.83 74.65 170.12
N PRO JA 93 53.61 75.91 170.47
CA PRO JA 93 53.43 76.93 169.44
C PRO JA 93 54.73 77.22 168.70
N ILE JA 94 54.68 77.08 167.37
CA ILE JA 94 55.79 77.38 166.50
C ILE JA 94 55.51 78.59 165.62
N ASP JA 95 54.70 79.54 166.10
CA ASP JA 95 54.36 80.74 165.35
C ASP JA 95 54.76 82.02 166.05
N GLU JA 96 55.55 81.92 167.13
CA GLU JA 96 56.12 83.05 167.90
C GLU JA 96 55.07 84.08 168.35
N ARG JA 97 53.88 83.60 168.71
CA ARG JA 97 52.82 84.47 169.22
C ARG JA 97 52.41 84.13 170.64
N GLY JA 98 53.22 83.37 171.38
CA GLY JA 98 52.93 83.09 172.76
C GLY JA 98 52.33 81.71 172.96
N PRO JA 99 52.11 81.32 174.20
CA PRO JA 99 51.65 79.96 174.47
C PRO JA 99 50.16 79.80 174.20
N ILE JA 100 49.76 78.57 173.92
CA ILE JA 100 48.35 78.26 173.70
C ILE JA 100 47.70 77.95 175.04
N LYS JA 101 46.70 78.76 175.39
CA LYS JA 101 46.05 78.70 176.69
C LYS JA 101 44.70 77.99 176.55
N THR JA 102 44.63 76.74 177.02
CA THR JA 102 43.39 75.98 177.02
C THR JA 102 43.14 75.46 178.43
N LYS JA 103 42.06 74.70 178.58
CA LYS JA 103 41.66 74.26 179.92
C LYS JA 103 41.81 72.75 180.09
N GLN JA 104 41.69 72.00 179.00
CA GLN JA 104 41.73 70.55 179.07
C GLN JA 104 42.74 70.01 178.07
N PHE JA 105 43.26 68.81 178.36
CA PHE JA 105 44.31 68.20 177.56
C PHE JA 105 43.87 66.79 177.16
N ALA JA 106 44.20 66.40 175.93
CA ALA JA 106 43.75 65.14 175.36
C ALA JA 106 44.94 64.34 174.87
N ALA JA 107 44.93 63.04 175.14
CA ALA JA 107 46.03 62.18 174.75
C ALA JA 107 46.01 61.94 173.25
N ILE JA 108 47.15 61.48 172.71
CA ILE JA 108 47.28 61.28 171.27
C ILE JA 108 46.70 59.94 170.85
N HIS JA 109 47.02 58.88 171.59
CA HIS JA 109 46.60 57.53 171.24
C HIS JA 109 45.25 57.23 171.87
N ALA JA 110 44.18 57.45 171.11
CA ALA JA 110 42.83 57.13 171.52
C ALA JA 110 42.27 56.04 170.63
N GLU JA 111 41.27 55.33 171.14
CA GLU JA 111 40.72 54.17 170.45
C GLU JA 111 39.64 54.58 169.46
N ALA JA 112 39.25 53.62 168.63
CA ALA JA 112 38.33 53.88 167.53
C ALA JA 112 36.88 53.89 168.03
N PRO JA 113 35.97 54.55 167.31
CA PRO JA 113 34.55 54.44 167.64
C PRO JA 113 34.02 53.04 167.42
N GLU JA 114 33.02 52.68 168.21
CA GLU JA 114 32.49 51.32 168.22
C GLU JA 114 31.55 51.09 167.06
N PHE JA 115 30.93 49.91 167.05
CA PHE JA 115 30.05 49.52 165.97
C PHE JA 115 28.73 50.27 166.01
N MET JA 116 28.21 50.53 167.21
CA MET JA 116 26.90 51.15 167.38
C MET JA 116 26.93 52.67 167.33
N GLU JA 117 28.02 53.26 166.84
CA GLU JA 117 28.11 54.71 166.71
C GLU JA 117 28.20 55.15 165.26
N MET JA 118 28.23 54.21 164.31
CA MET JA 118 28.44 54.55 162.92
C MET JA 118 27.14 55.01 162.28
N SER JA 119 27.16 56.19 161.69
CA SER JA 119 26.02 56.71 160.95
C SER JA 119 26.11 56.28 159.50
N VAL JA 120 24.95 56.08 158.88
CA VAL JA 120 24.85 55.55 157.53
C VAL JA 120 24.24 56.55 156.56
N GLU JA 121 24.38 57.84 156.85
CA GLU JA 121 23.85 58.86 155.96
C GLU JA 121 24.77 59.06 154.76
N GLN JA 122 24.16 59.27 153.60
CA GLN JA 122 24.90 59.54 152.36
C GLN JA 122 24.30 60.74 151.67
N GLU JA 123 25.14 61.69 151.27
CA GLU JA 123 24.70 62.89 150.59
C GLU JA 123 25.66 63.10 149.42
N ILE JA 124 25.62 64.29 148.82
CA ILE JA 124 26.53 64.64 147.73
C ILE JA 124 27.14 66.00 148.03
N LEU JA 125 28.47 66.10 147.92
CA LEU JA 125 29.19 67.34 148.12
C LEU JA 125 29.63 67.86 146.77
N VAL JA 126 28.85 68.79 146.22
CA VAL JA 126 29.15 69.39 144.92
C VAL JA 126 30.34 70.32 145.06
N THR JA 127 31.34 70.14 144.19
CA THR JA 127 32.58 70.90 144.26
C THR JA 127 32.63 72.02 143.23
N GLY JA 128 32.52 71.68 141.95
CA GLY JA 128 32.63 72.68 140.91
C GLY JA 128 33.59 72.28 139.81
N ILE JA 129 34.12 71.07 139.90
CA ILE JA 129 35.03 70.54 138.91
C ILE JA 129 34.30 69.51 138.06
N LYS JA 130 34.42 69.61 136.74
CA LYS JA 130 33.61 68.83 135.80
C LYS JA 130 33.92 67.34 135.85
N VAL JA 131 35.15 66.96 136.16
CA VAL JA 131 35.52 65.56 136.09
C VAL JA 131 35.07 64.82 137.33
N VAL JA 132 35.10 65.49 138.47
CA VAL JA 132 34.80 64.83 139.74
C VAL JA 132 33.35 65.03 140.14
N ASP JA 133 32.62 65.92 139.47
CA ASP JA 133 31.17 65.97 139.64
C ASP JA 133 30.50 64.82 138.91
N LEU JA 134 30.92 64.56 137.68
CA LEU JA 134 30.23 63.61 136.82
C LEU JA 134 30.57 62.17 137.16
N LEU JA 135 31.84 61.79 137.03
CA LEU JA 135 32.23 60.39 137.02
C LEU JA 135 32.51 59.81 138.40
N ALA JA 136 32.78 60.65 139.39
CA ALA JA 136 33.07 60.16 140.73
C ALA JA 136 32.68 61.19 141.78
N PRO JA 137 31.40 61.31 142.10
CA PRO JA 137 30.96 62.42 142.97
C PRO JA 137 31.33 62.21 144.43
N TYR JA 138 31.42 63.33 145.14
CA TYR JA 138 31.93 63.38 146.50
C TYR JA 138 30.78 63.38 147.50
N ALA JA 139 30.92 62.58 148.55
CA ALA JA 139 29.91 62.49 149.59
C ALA JA 139 30.33 63.29 150.81
N LYS JA 140 29.36 63.99 151.40
CA LYS JA 140 29.60 64.64 152.68
C LYS JA 140 29.75 63.61 153.79
N GLY JA 141 30.78 63.79 154.60
CA GLY JA 141 30.97 62.89 155.73
C GLY JA 141 31.69 61.60 155.42
N GLY JA 142 32.35 61.52 154.28
CA GLY JA 142 33.09 60.32 153.92
C GLY JA 142 34.48 60.66 153.45
N LYS JA 143 35.35 59.65 153.44
CA LYS JA 143 36.74 59.83 153.08
C LYS JA 143 36.89 59.99 151.58
N ILE JA 144 37.95 60.68 151.16
CA ILE JA 144 38.21 61.00 149.76
C ILE JA 144 39.71 60.84 149.52
N GLY JA 145 40.08 60.06 148.52
CA GLY JA 145 41.48 59.90 148.16
C GLY JA 145 41.88 60.75 146.97
N LEU JA 146 43.20 60.96 146.83
CA LEU JA 146 43.79 61.67 145.70
C LEU JA 146 45.12 61.00 145.39
N PHE JA 147 45.10 60.07 144.45
CA PHE JA 147 46.30 59.34 144.09
C PHE JA 147 47.01 60.05 142.94
N GLY JA 148 48.30 59.78 142.79
CA GLY JA 148 49.08 60.39 141.73
C GLY JA 148 50.57 60.26 141.99
N GLY JA 149 51.35 60.51 140.93
CA GLY JA 149 52.79 60.40 140.99
C GLY JA 149 53.43 61.61 141.61
N ALA JA 150 54.59 62.00 141.05
CA ALA JA 150 55.35 63.14 141.54
C ALA JA 150 55.39 64.19 140.44
N GLY JA 151 54.48 65.16 140.51
CA GLY JA 151 54.42 66.23 139.54
C GLY JA 151 53.17 66.27 138.70
N VAL JA 152 52.06 65.72 139.17
CA VAL JA 152 50.83 65.68 138.39
C VAL JA 152 49.80 66.70 138.84
N GLY JA 153 49.84 67.14 140.10
CA GLY JA 153 48.84 68.09 140.56
C GLY JA 153 48.07 67.70 141.80
N LYS JA 154 48.66 66.89 142.69
CA LYS JA 154 48.01 66.52 143.94
C LYS JA 154 47.91 67.66 144.94
N THR JA 155 48.52 68.81 144.68
CA THR JA 155 48.46 69.95 145.58
C THR JA 155 47.83 71.18 144.93
N VAL JA 156 47.93 71.33 143.61
CA VAL JA 156 47.14 72.33 142.93
C VAL JA 156 45.66 71.98 142.99
N LEU JA 157 45.32 70.69 143.06
CA LEU JA 157 43.95 70.26 143.24
C LEU JA 157 43.47 70.38 144.68
N ILE JA 158 44.32 70.06 145.66
CA ILE JA 158 43.90 70.13 147.05
C ILE JA 158 43.83 71.57 147.55
N MET JA 159 44.48 72.51 146.88
CA MET JA 159 44.33 73.92 147.21
C MET JA 159 43.18 74.56 146.44
N GLU JA 160 42.61 73.85 145.47
CA GLU JA 160 41.39 74.28 144.82
C GLU JA 160 40.17 73.86 145.62
N LEU JA 161 40.19 72.64 146.18
CA LEU JA 161 39.14 72.16 147.06
C LEU JA 161 39.04 72.98 148.34
N ILE JA 162 40.14 73.54 148.82
CA ILE JA 162 40.08 74.48 149.94
C ILE JA 162 39.42 75.79 149.48
N ASN JA 163 39.71 76.21 148.25
CA ASN JA 163 39.19 77.47 147.75
C ASN JA 163 37.69 77.41 147.49
N ASN JA 164 37.16 76.26 147.12
CA ASN JA 164 35.75 76.13 146.79
C ASN JA 164 34.92 75.68 147.99
N VAL JA 165 35.24 74.52 148.56
CA VAL JA 165 34.43 73.92 149.61
C VAL JA 165 34.62 74.61 150.95
N ALA JA 166 35.87 74.74 151.40
CA ALA JA 166 36.13 75.12 152.78
C ALA JA 166 35.90 76.60 153.05
N LYS JA 167 35.91 77.45 152.02
CA LYS JA 167 35.74 78.88 152.25
C LYS JA 167 34.27 79.21 152.54
N ALA JA 168 33.35 78.55 151.85
CA ALA JA 168 31.93 78.77 152.06
C ALA JA 168 31.34 77.87 153.14
N HIS JA 169 32.15 77.05 153.79
CA HIS JA 169 31.69 76.17 154.86
C HIS JA 169 31.28 76.97 156.08
N GLY JA 170 30.43 76.36 156.90
CA GLY JA 170 29.98 77.00 158.12
C GLY JA 170 30.68 76.50 159.36
N GLY JA 171 31.26 75.32 159.27
CA GLY JA 171 31.91 74.68 160.40
C GLY JA 171 33.37 75.08 160.56
N TYR JA 172 34.17 74.14 161.04
CA TYR JA 172 35.58 74.34 161.32
C TYR JA 172 36.43 73.58 160.31
N SER JA 173 37.72 73.89 160.30
CA SER JA 173 38.65 73.26 159.38
C SER JA 173 39.95 72.92 160.11
N VAL JA 174 40.61 71.85 159.68
CA VAL JA 174 41.91 71.44 160.23
C VAL JA 174 42.79 71.04 159.06
N PHE JA 175 43.94 71.70 158.91
CA PHE JA 175 44.97 71.27 157.97
C PHE JA 175 46.09 70.60 158.74
N ALA JA 176 46.59 69.50 158.19
CA ALA JA 176 47.69 68.74 158.79
C ALA JA 176 48.71 68.45 157.69
N GLY JA 177 49.87 69.10 157.76
CA GLY JA 177 50.90 68.88 156.77
C GLY JA 177 51.88 67.83 157.24
N VAL JA 178 51.87 66.67 156.60
CA VAL JA 178 52.77 65.56 156.93
C VAL JA 178 53.72 65.40 155.75
N GLY JA 179 54.96 65.87 155.90
CA GLY JA 179 55.99 65.63 154.92
C GLY JA 179 55.83 66.36 153.60
N GLU JA 180 55.72 67.68 153.63
CA GLU JA 180 55.72 68.45 152.38
C GLU JA 180 56.73 69.58 152.47
N ARG JA 181 56.74 70.45 151.47
CA ARG JA 181 57.70 71.54 151.42
C ARG JA 181 57.38 72.58 152.47
N THR JA 182 58.42 73.02 153.20
CA THR JA 182 58.22 74.00 154.26
C THR JA 182 57.95 75.39 153.68
N ARG JA 183 58.38 75.64 152.45
CA ARG JA 183 58.01 76.90 151.81
C ARG JA 183 56.56 76.90 151.35
N GLU JA 184 55.95 75.72 151.21
CA GLU JA 184 54.53 75.66 150.90
C GLU JA 184 53.69 75.90 152.15
N GLY JA 185 54.17 75.45 153.31
CA GLY JA 185 53.45 75.71 154.55
C GLY JA 185 53.54 77.14 155.00
N ASN JA 186 54.55 77.87 154.55
CA ASN JA 186 54.59 79.30 154.80
C ASN JA 186 53.59 80.05 153.93
N ASP JA 187 53.35 79.54 152.72
CA ASP JA 187 52.44 80.24 151.81
C ASP JA 187 50.99 80.05 152.22
N LEU JA 188 50.66 78.90 152.80
CA LEU JA 188 49.30 78.67 153.27
C LEU JA 188 48.97 79.53 154.47
N TYR JA 189 49.93 79.74 155.36
CA TYR JA 189 49.72 80.62 156.50
C TYR JA 189 49.63 82.08 156.06
N HIS JA 190 50.28 82.43 154.96
CA HIS JA 190 50.28 83.80 154.47
C HIS JA 190 49.26 84.05 153.36
N GLU JA 191 48.41 83.06 153.04
CA GLU JA 191 47.25 83.34 152.21
C GLU JA 191 45.97 83.37 153.01
N MET JA 192 45.94 82.67 154.15
CA MET JA 192 44.76 82.69 155.00
C MET JA 192 44.70 83.96 155.83
N ILE JA 193 45.81 84.68 155.95
CA ILE JA 193 45.81 85.96 156.65
C ILE JA 193 45.21 87.05 155.76
N GLU JA 194 45.58 87.06 154.48
CA GLU JA 194 45.04 88.08 153.58
C GLU JA 194 43.58 87.82 153.23
N SER JA 195 43.19 86.55 153.13
CA SER JA 195 41.80 86.23 152.82
C SER JA 195 40.90 86.20 154.06
N GLY JA 196 41.44 86.48 155.24
CA GLY JA 196 40.64 86.66 156.43
C GLY JA 196 40.21 85.40 157.14
N VAL JA 197 40.77 84.24 156.79
CA VAL JA 197 40.37 83.00 157.45
C VAL JA 197 41.01 82.90 158.83
N ILE JA 198 42.30 83.21 158.92
CA ILE JA 198 42.97 83.35 160.20
C ILE JA 198 43.07 84.83 160.54
N ASN JA 199 42.68 85.19 161.75
CA ASN JA 199 42.73 86.58 162.19
C ASN JA 199 43.56 86.69 163.46
N LEU JA 200 44.44 87.68 163.50
CA LEU JA 200 45.41 87.83 164.57
C LEU JA 200 45.08 88.97 165.53
N LYS JA 201 43.89 89.55 165.44
CA LYS JA 201 43.46 90.63 166.31
C LYS JA 201 42.32 90.25 167.22
N ASP JA 202 41.41 89.42 166.74
CA ASP JA 202 40.21 88.99 167.46
C ASP JA 202 40.09 87.47 167.43
N ALA JA 203 38.93 86.95 167.83
CA ALA JA 203 38.73 85.53 168.04
C ALA JA 203 37.68 84.96 167.09
N THR JA 204 37.80 85.27 165.80
CA THR JA 204 36.91 84.73 164.78
C THR JA 204 37.67 83.94 163.71
N SER JA 205 38.69 83.17 164.11
CA SER JA 205 39.43 82.34 163.17
C SER JA 205 38.77 80.97 163.04
N LYS JA 206 38.98 80.35 161.88
CA LYS JA 206 38.21 79.16 161.53
C LYS JA 206 39.04 77.91 161.28
N VAL JA 207 40.37 77.99 161.24
CA VAL JA 207 41.19 76.85 160.86
C VAL JA 207 42.42 76.78 161.76
N ALA JA 208 42.74 75.57 162.21
CA ALA JA 208 43.98 75.29 162.92
C ALA JA 208 44.95 74.64 161.95
N LEU JA 209 46.25 74.76 162.23
CA LEU JA 209 47.29 74.15 161.40
C LEU JA 209 48.22 73.31 162.26
N VAL JA 210 48.53 72.11 161.77
CA VAL JA 210 49.50 71.22 162.40
C VAL JA 210 50.55 70.90 161.35
N TYR JA 211 51.83 70.90 161.74
CA TYR JA 211 52.92 70.79 160.77
C TYR JA 211 54.06 69.94 161.31
N GLY JA 212 54.33 68.83 160.65
CA GLY JA 212 55.61 68.16 160.74
C GLY JA 212 56.11 67.87 159.34
N GLN JA 213 57.18 68.54 158.92
CA GLN JA 213 57.56 68.60 157.52
C GLN JA 213 58.65 67.59 157.19
N MET JA 214 59.24 67.75 156.00
CA MET JA 214 60.19 66.78 155.47
C MET JA 214 61.58 66.89 156.08
N ASN JA 215 61.90 67.96 156.80
CA ASN JA 215 63.19 68.09 157.44
C ASN JA 215 63.19 67.55 158.87
N GLU JA 216 62.12 66.95 159.29
CA GLU JA 216 61.94 66.37 160.61
C GLU JA 216 62.47 64.94 160.66
N PRO JA 217 62.87 64.46 161.83
CA PRO JA 217 63.31 63.06 161.96
C PRO JA 217 62.18 62.08 161.69
N PRO JA 218 62.49 60.80 161.42
CA PRO JA 218 61.41 59.84 161.14
C PRO JA 218 60.47 59.58 162.31
N GLY JA 219 60.92 59.75 163.54
CA GLY JA 219 60.02 59.59 164.67
C GLY JA 219 58.99 60.68 164.82
N ALA JA 220 59.16 61.81 164.13
CA ALA JA 220 58.23 62.92 164.24
C ALA JA 220 57.34 63.08 163.02
N ARG JA 221 57.56 62.30 161.96
CA ARG JA 221 56.61 62.26 160.87
C ARG JA 221 55.65 61.10 161.01
N ALA JA 222 55.99 60.12 161.83
CA ALA JA 222 55.14 58.97 162.07
C ALA JA 222 54.09 59.21 163.14
N ARG JA 223 54.06 60.40 163.74
CA ARG JA 223 53.13 60.69 164.82
C ARG JA 223 52.45 62.05 164.68
N VAL JA 224 52.68 62.78 163.58
CA VAL JA 224 52.05 64.08 163.42
C VAL JA 224 50.70 63.98 162.74
N ALA JA 225 50.39 62.85 162.10
CA ALA JA 225 49.06 62.65 161.56
C ALA JA 225 48.08 62.22 162.65
N LEU JA 226 48.59 61.75 163.78
CA LEU JA 226 47.73 61.51 164.94
C LEU JA 226 47.45 62.80 165.70
N THR JA 227 48.23 63.84 165.48
CA THR JA 227 48.06 65.09 166.22
C THR JA 227 47.02 65.96 165.54
N GLY JA 228 47.10 66.10 164.22
CA GLY JA 228 46.08 66.79 163.46
C GLY JA 228 44.74 66.08 163.42
N LEU JA 229 44.72 64.80 163.80
CA LEU JA 229 43.51 64.02 164.01
C LEU JA 229 42.89 64.25 165.38
N THR JA 230 43.70 64.36 166.43
CA THR JA 230 43.19 64.53 167.78
C THR JA 230 42.63 65.92 168.00
N VAL JA 231 43.15 66.92 167.28
CA VAL JA 231 42.57 68.25 167.29
C VAL JA 231 41.15 68.24 166.71
N ALA JA 232 40.93 67.47 165.63
CA ALA JA 232 39.62 67.41 165.00
C ALA JA 232 38.69 66.38 165.62
N GLU JA 233 39.05 65.79 166.75
CA GLU JA 233 38.08 64.98 167.48
C GLU JA 233 37.36 65.77 168.55
N TYR JA 234 37.97 66.85 169.06
CA TYR JA 234 37.25 67.72 169.98
C TYR JA 234 36.15 68.49 169.28
N PHE JA 235 36.41 68.95 168.06
CA PHE JA 235 35.43 69.74 167.32
C PHE JA 235 34.25 68.91 166.84
N ARG JA 236 34.36 67.58 166.86
CA ARG JA 236 33.26 66.68 166.52
C ARG JA 236 32.54 66.18 167.77
N ASP JA 237 33.29 65.61 168.72
CA ASP JA 237 32.65 64.96 169.86
C ASP JA 237 32.14 65.98 170.88
N GLN JA 238 33.03 66.79 171.43
CA GLN JA 238 32.68 67.65 172.56
C GLN JA 238 32.11 68.99 172.13
N GLU JA 239 31.82 69.18 170.85
CA GLU JA 239 31.15 70.40 170.43
C GLU JA 239 29.98 70.11 169.49
N GLY JA 240 30.05 69.00 168.76
CA GLY JA 240 29.01 68.65 167.82
C GLY JA 240 28.94 69.59 166.63
N GLN JA 241 29.96 69.55 165.77
CA GLN JA 241 30.02 70.41 164.60
C GLN JA 241 30.47 69.60 163.40
N ASP JA 242 30.34 70.19 162.22
CA ASP JA 242 30.76 69.57 160.97
C ASP JA 242 32.13 70.14 160.60
N VAL JA 243 33.14 69.30 160.60
CA VAL JA 243 34.52 69.73 160.40
C VAL JA 243 34.99 69.31 159.01
N LEU JA 244 36.15 69.84 158.63
CA LEU JA 244 36.90 69.36 157.48
C LEU JA 244 38.29 68.98 157.94
N LEU JA 245 38.90 68.02 157.26
CA LEU JA 245 40.20 67.48 157.69
C LEU JA 245 41.05 67.21 156.46
N PHE JA 246 41.87 68.18 156.08
CA PHE JA 246 42.78 68.04 154.95
C PHE JA 246 44.12 67.53 155.44
N ILE JA 247 44.52 66.35 154.97
CA ILE JA 247 45.82 65.78 155.29
C ILE JA 247 46.62 65.67 154.00
N ASP JA 248 47.88 66.10 154.05
CA ASP JA 248 48.75 66.09 152.87
C ASP JA 248 50.19 66.18 153.37
N ASN JA 249 50.98 65.14 153.19
CA ASN JA 249 50.69 63.93 152.41
C ASN JA 249 50.67 62.73 153.34
N ILE JA 250 49.78 61.76 153.09
CA ILE JA 250 49.60 60.65 154.03
C ILE JA 250 50.53 59.48 153.74
N PHE JA 251 51.23 59.49 152.61
CA PHE JA 251 52.22 58.44 152.35
C PHE JA 251 53.42 58.57 153.27
N ARG JA 252 53.76 59.79 153.69
CA ARG JA 252 54.89 60.00 154.57
C ARG JA 252 54.68 59.43 155.96
N PHE JA 253 53.44 59.18 156.36
CA PHE JA 253 53.19 58.42 157.58
C PHE JA 253 53.60 56.97 157.43
N THR JA 254 53.42 56.41 156.23
CA THR JA 254 53.75 55.03 155.93
C THR JA 254 55.24 54.85 155.68
N GLN JA 255 55.85 55.80 154.96
CA GLN JA 255 57.27 55.73 154.65
C GLN JA 255 58.13 55.84 155.90
N ALA JA 256 57.77 56.75 156.81
CA ALA JA 256 58.54 56.99 158.02
C ALA JA 256 58.33 55.95 159.10
N GLY JA 257 57.52 54.93 158.84
CA GLY JA 257 57.42 53.81 159.75
C GLY JA 257 58.37 52.71 159.34
N SER JA 258 58.74 52.70 158.05
CA SER JA 258 59.69 51.72 157.55
C SER JA 258 61.13 52.12 157.81
N GLU JA 259 61.40 53.42 157.97
CA GLU JA 259 62.74 53.87 158.32
C GLU JA 259 63.12 53.45 159.72
N VAL JA 260 62.14 53.42 160.64
CA VAL JA 260 62.40 53.06 162.03
C VAL JA 260 62.14 51.60 162.32
N SER JA 261 61.53 50.86 161.40
CA SER JA 261 61.23 49.45 161.67
C SER JA 261 62.43 48.56 161.50
N ALA JA 262 63.45 49.03 160.77
CA ALA JA 262 64.68 48.25 160.68
C ALA JA 262 65.49 48.34 161.96
N LEU JA 263 65.44 49.48 162.64
CA LEU JA 263 66.24 49.69 163.84
C LEU JA 263 65.62 48.99 165.05
N LEU JA 264 64.32 48.69 165.00
CA LEU JA 264 63.64 48.00 166.07
C LEU JA 264 63.86 46.49 166.04
N GLY JA 265 64.57 45.97 165.05
CA GLY JA 265 64.87 44.55 164.99
C GLY JA 265 63.73 43.69 164.48
N ARG JA 266 63.31 43.87 163.24
CA ARG JA 266 62.22 43.11 162.67
C ARG JA 266 62.66 42.44 161.37
N ILE JA 267 61.96 41.38 160.99
CA ILE JA 267 62.13 40.79 159.67
C ILE JA 267 61.29 41.58 158.67
N PRO JA 268 61.85 42.04 157.55
CA PRO JA 268 61.05 42.87 156.65
C PRO JA 268 60.27 42.04 155.65
N SER JA 269 59.07 42.54 155.35
CA SER JA 269 58.11 41.91 154.45
C SER JA 269 58.47 42.18 153.00
N ALA JA 270 57.47 42.21 152.12
CA ALA JA 270 57.63 42.58 150.70
C ALA JA 270 58.14 44.02 150.54
N VAL JA 271 58.17 44.58 149.33
CA VAL JA 271 59.26 45.35 148.70
C VAL JA 271 60.24 46.16 149.59
N GLY JA 272 60.00 46.26 150.89
CA GLY JA 272 60.97 46.82 151.80
C GLY JA 272 60.31 47.44 153.02
N TYR JA 273 58.99 47.34 153.08
CA TYR JA 273 58.22 47.96 154.14
C TYR JA 273 58.28 47.14 155.42
N GLN JA 274 57.63 47.67 156.45
CA GLN JA 274 57.54 47.01 157.73
C GLN JA 274 56.61 45.81 157.63
N PRO JA 275 56.74 44.82 158.53
CA PRO JA 275 55.76 43.73 158.52
C PRO JA 275 54.38 44.18 158.97
N THR JA 276 54.29 45.02 159.99
CA THR JA 276 53.01 45.56 160.45
C THR JA 276 52.68 46.80 159.64
N LEU JA 277 52.34 46.58 158.37
CA LEU JA 277 52.04 47.68 157.47
C LEU JA 277 50.56 48.00 157.43
N ALA JA 278 49.70 46.98 157.37
CA ALA JA 278 48.26 47.18 157.27
C ALA JA 278 47.56 47.03 158.61
N THR JA 279 48.30 46.74 159.68
CA THR JA 279 47.71 46.69 161.01
C THR JA 279 47.64 48.08 161.62
N ASP JA 280 48.66 48.90 161.38
CA ASP JA 280 48.74 50.23 161.99
C ASP JA 280 48.23 51.34 161.09
N MET JA 281 47.94 51.04 159.82
CA MET JA 281 47.17 51.99 159.04
C MET JA 281 45.68 51.90 159.32
N GLY JA 282 45.16 50.69 159.54
CA GLY JA 282 43.77 50.54 159.92
C GLY JA 282 43.49 51.04 161.32
N THR JA 283 44.50 51.02 162.18
CA THR JA 283 44.34 51.61 163.51
C THR JA 283 44.30 53.12 163.45
N MET JA 284 45.02 53.73 162.50
CA MET JA 284 44.93 55.17 162.33
C MET JA 284 43.69 55.57 161.56
N GLN JA 285 43.38 54.85 160.47
CA GLN JA 285 42.37 55.35 159.55
C GLN JA 285 40.95 55.11 160.05
N GLU JA 286 40.74 54.22 161.01
CA GLU JA 286 39.42 54.03 161.59
C GLU JA 286 39.18 54.94 162.79
N ARG JA 287 39.91 56.04 162.91
CA ARG JA 287 39.56 57.13 163.79
C ARG JA 287 39.08 58.36 163.04
N ILE JA 288 39.03 58.30 161.71
CA ILE JA 288 38.50 59.41 160.91
C ILE JA 288 37.17 58.90 160.35
N THR JA 289 36.11 59.08 161.14
CA THR JA 289 34.80 58.57 160.76
C THR JA 289 33.73 59.61 161.09
N THR JA 290 32.61 59.50 160.40
CA THR JA 290 31.41 60.25 160.74
C THR JA 290 30.58 59.41 161.70
N THR JA 291 30.53 59.82 162.95
CA THR JA 291 29.84 59.08 163.98
C THR JA 291 28.47 59.71 164.22
N LYS JA 292 27.82 59.28 165.30
CA LYS JA 292 26.48 59.74 165.66
C LYS JA 292 26.49 61.08 166.40
N LYS JA 293 27.58 61.84 166.34
CA LYS JA 293 27.65 63.14 167.00
C LYS JA 293 28.04 64.24 166.02
N GLY JA 294 28.90 63.92 165.05
CA GLY JA 294 29.35 64.92 164.11
C GLY JA 294 29.89 64.28 162.85
N SER JA 295 30.31 65.14 161.93
CA SER JA 295 30.74 64.70 160.60
C SER JA 295 32.16 65.17 160.33
N ILE JA 296 33.07 64.22 160.13
CA ILE JA 296 34.43 64.51 159.68
C ILE JA 296 34.50 64.19 158.20
N THR JA 297 34.88 65.18 157.41
CA THR JA 297 34.96 65.04 155.95
C THR JA 297 36.43 65.13 155.56
N SER JA 298 37.10 63.98 155.49
CA SER JA 298 38.53 63.96 155.26
C SER JA 298 38.85 63.93 153.77
N VAL JA 299 39.72 64.84 153.35
CA VAL JA 299 40.19 64.93 151.97
C VAL JA 299 41.69 64.70 151.99
N GLN JA 300 42.11 63.46 151.76
CA GLN JA 300 43.51 63.08 151.83
C GLN JA 300 44.17 63.25 150.47
N ALA JA 301 45.50 63.09 150.45
CA ALA JA 301 46.29 63.25 149.23
C ALA JA 301 47.42 62.22 149.33
N ILE JA 302 47.36 61.21 148.47
CA ILE JA 302 48.24 60.05 148.61
C ILE JA 302 49.23 60.04 147.46
N TYR JA 303 50.46 59.64 147.75
CA TYR JA 303 51.56 59.62 146.80
C TYR JA 303 51.80 58.20 146.30
N VAL JA 304 52.00 58.07 145.00
CA VAL JA 304 52.27 56.80 144.35
C VAL JA 304 53.74 56.77 143.96
N PRO JA 305 54.56 55.89 144.53
CA PRO JA 305 56.00 55.93 144.27
C PRO JA 305 56.35 55.17 143.00
N ALA JA 306 57.14 55.84 142.13
CA ALA JA 306 57.59 55.35 140.83
C ALA JA 306 56.43 54.96 139.92
N ASP JA 307 55.29 55.65 140.08
CA ASP JA 307 54.08 55.51 139.25
C ASP JA 307 53.56 54.07 139.23
N ASP JA 308 53.69 53.37 140.35
CA ASP JA 308 53.32 51.96 140.46
C ASP JA 308 52.16 51.84 141.42
N LEU JA 309 50.95 51.57 140.89
CA LEU JA 309 49.77 51.39 141.72
C LEU JA 309 49.66 50.01 142.34
N THR JA 310 50.65 49.14 142.15
CA THR JA 310 50.66 47.83 142.79
C THR JA 310 51.62 47.77 143.97
N ASP JA 311 52.24 48.89 144.30
CA ASP JA 311 53.11 48.98 145.47
C ASP JA 311 52.24 48.84 146.73
N PRO JA 312 52.69 48.08 147.74
CA PRO JA 312 51.84 47.87 148.92
C PRO JA 312 51.43 49.11 149.70
N ALA JA 313 52.11 50.24 149.55
CA ALA JA 313 51.65 51.39 150.31
C ALA JA 313 50.48 52.14 149.67
N PRO JA 314 50.42 52.39 148.36
CA PRO JA 314 49.16 52.90 147.80
C PRO JA 314 48.16 51.84 147.35
N ALA JA 315 48.31 50.58 147.76
CA ALA JA 315 47.36 49.55 147.41
C ALA JA 315 46.76 48.90 148.64
N THR JA 316 47.07 49.41 149.83
CA THR JA 316 46.37 49.02 151.05
C THR JA 316 45.50 50.15 151.58
N THR JA 317 45.63 51.34 151.03
CA THR JA 317 44.75 52.45 151.34
C THR JA 317 43.53 52.52 150.43
N PHE JA 318 43.34 51.55 149.55
CA PHE JA 318 42.17 51.54 148.69
C PHE JA 318 40.95 50.97 149.38
N ALA JA 319 41.15 50.25 150.47
CA ALA JA 319 40.06 49.67 151.24
C ALA JA 319 39.50 50.61 152.29
N HIS JA 320 39.99 51.85 152.34
CA HIS JA 320 39.61 52.80 153.38
C HIS JA 320 38.91 54.03 152.82
N LEU JA 321 38.52 54.03 151.55
CA LEU JA 321 38.03 55.25 150.92
C LEU JA 321 36.62 55.05 150.39
N ASP JA 322 35.93 56.17 150.20
CA ASP JA 322 34.64 56.20 149.53
C ASP JA 322 34.79 56.65 148.09
N ALA JA 323 35.34 57.84 147.87
CA ALA JA 323 35.68 58.27 146.53
C ALA JA 323 37.14 57.97 146.24
N THR JA 324 37.54 58.20 144.99
CA THR JA 324 38.90 57.92 144.54
C THR JA 324 39.13 58.71 143.27
N THR JA 325 40.23 59.46 143.22
CA THR JA 325 40.60 60.25 142.04
C THR JA 325 42.04 59.92 141.68
N VAL JA 326 42.22 59.01 140.74
CA VAL JA 326 43.55 58.57 140.33
C VAL JA 326 44.04 59.51 139.25
N LEU JA 327 45.07 60.29 139.58
CA LEU JA 327 45.73 61.15 138.61
C LEU JA 327 46.77 60.34 137.85
N SER JA 328 47.09 60.78 136.64
CA SER JA 328 48.08 60.09 135.82
C SER JA 328 48.91 61.12 135.07
N ARG JA 329 50.13 60.72 134.70
CA ARG JA 329 51.04 61.62 134.01
C ARG JA 329 50.84 61.60 132.51
N ALA JA 330 50.42 60.45 131.95
CA ALA JA 330 50.26 60.33 130.51
C ALA JA 330 49.13 61.19 129.96
N ILE JA 331 48.15 61.52 130.82
CA ILE JA 331 47.16 62.52 130.43
C ILE JA 331 47.74 63.92 130.62
N ALA JA 332 48.61 64.11 131.60
CA ALA JA 332 49.18 65.43 131.86
C ALA JA 332 50.21 65.85 130.83
N GLU JA 333 50.76 64.90 130.07
CA GLU JA 333 51.67 65.27 128.99
C GLU JA 333 50.93 65.94 127.84
N LEU JA 334 49.69 65.54 127.58
CA LEU JA 334 48.93 66.10 126.47
C LEU JA 334 48.40 67.49 126.78
N GLY JA 335 48.46 67.92 128.04
CA GLY JA 335 47.95 69.23 128.41
C GLY JA 335 46.53 69.23 128.92
N ILE JA 336 46.06 68.14 129.51
CA ILE JA 336 44.70 68.05 130.02
C ILE JA 336 44.76 68.17 131.54
N TYR JA 337 44.43 69.34 132.06
CA TYR JA 337 44.52 69.61 133.49
C TYR JA 337 43.13 69.89 134.06
N PRO JA 338 42.69 69.20 135.12
CA PRO JA 338 43.37 68.16 135.91
C PRO JA 338 43.45 66.81 135.22
N ALA JA 339 44.60 66.15 135.32
CA ALA JA 339 44.85 64.91 134.62
C ALA JA 339 44.26 63.75 135.39
N VAL JA 340 42.93 63.70 135.42
CA VAL JA 340 42.19 62.67 136.13
C VAL JA 340 41.92 61.54 135.15
N ASP JA 341 42.26 60.32 135.54
CA ASP JA 341 41.91 59.14 134.77
C ASP JA 341 40.41 58.94 134.85
N PRO JA 342 39.69 58.96 133.72
CA PRO JA 342 38.22 58.78 133.80
C PRO JA 342 37.83 57.33 134.07
N LEU JA 343 38.62 56.36 133.61
CA LEU JA 343 38.20 54.97 133.70
C LEU JA 343 38.74 54.31 134.97
N ASP JA 344 39.45 55.07 135.80
CA ASP JA 344 39.99 54.52 137.03
C ASP JA 344 39.41 55.21 138.26
N SER JA 345 38.76 56.35 138.10
CA SER JA 345 38.10 57.05 139.18
C SER JA 345 36.81 56.31 139.55
N THR JA 346 36.68 55.93 140.81
CA THR JA 346 35.49 55.25 141.31
C THR JA 346 34.76 56.13 142.31
N SER JA 347 33.57 55.70 142.71
CA SER JA 347 32.80 56.36 143.75
C SER JA 347 31.84 55.36 144.38
N ARG JA 348 31.41 55.65 145.61
CA ARG JA 348 30.49 54.74 146.29
C ARG JA 348 29.05 55.19 146.12
N ILE JA 349 28.81 56.50 146.03
CA ILE JA 349 27.44 56.99 145.96
C ILE JA 349 26.92 56.94 144.52
N MET JA 350 27.76 56.50 143.58
CA MET JA 350 27.28 56.31 142.22
C MET JA 350 26.33 55.13 142.18
N ASP JA 351 25.04 55.42 142.15
CA ASP JA 351 23.95 54.51 142.33
C ASP JA 351 22.79 55.28 141.73
N PRO JA 352 21.88 54.62 141.01
CA PRO JA 352 20.77 55.36 140.38
C PRO JA 352 19.74 55.90 141.36
N ASN JA 353 19.75 55.45 142.62
CA ASN JA 353 18.80 55.97 143.58
C ASN JA 353 19.20 57.34 144.12
N ILE JA 354 20.47 57.52 144.48
CA ILE JA 354 20.92 58.67 145.25
C ILE JA 354 21.19 59.87 144.37
N VAL JA 355 21.88 59.67 143.25
CA VAL JA 355 22.23 60.78 142.38
C VAL JA 355 21.20 60.97 141.27
N GLY JA 356 20.28 60.03 141.09
CA GLY JA 356 19.20 60.15 140.14
C GLY JA 356 19.33 59.14 139.02
N SER JA 357 18.34 59.18 138.14
CA SER JA 357 18.32 58.31 136.96
C SER JA 357 18.73 59.05 135.70
N GLU JA 358 18.91 60.36 135.76
CA GLU JA 358 19.40 61.14 134.64
C GLU JA 358 20.88 61.45 134.76
N HIS JA 359 21.37 61.67 135.98
CA HIS JA 359 22.80 61.80 136.21
C HIS JA 359 23.50 60.46 135.97
N TYR JA 360 22.86 59.36 136.34
CA TYR JA 360 23.51 58.05 136.24
C TYR JA 360 23.59 57.57 134.79
N ASP JA 361 22.72 58.06 133.92
CA ASP JA 361 22.70 57.56 132.55
C ASP JA 361 23.64 58.32 131.63
N VAL JA 362 23.88 59.60 131.88
CA VAL JA 362 24.85 60.35 131.10
C VAL JA 362 26.27 60.00 131.54
N ALA JA 363 26.44 59.71 132.83
CA ALA JA 363 27.76 59.39 133.35
C ALA JA 363 28.23 58.01 132.91
N ARG JA 364 27.31 57.12 132.54
CA ARG JA 364 27.70 55.81 132.03
C ARG JA 364 27.87 55.80 130.53
N GLY JA 365 27.30 56.77 129.82
CA GLY JA 365 27.57 56.91 128.40
C GLY JA 365 28.94 57.48 128.12
N VAL JA 366 29.48 58.24 129.06
CA VAL JA 366 30.82 58.82 128.89
C VAL JA 366 31.88 57.75 129.07
N GLN JA 367 31.70 56.86 130.05
CA GLN JA 367 32.63 55.75 130.25
C GLN JA 367 32.50 54.67 129.20
N LYS JA 368 31.47 54.70 128.36
CA LYS JA 368 31.33 53.75 127.27
C LYS JA 368 32.03 54.19 126.01
N ILE JA 369 31.96 55.48 125.67
CA ILE JA 369 32.62 55.95 124.46
C ILE JA 369 34.12 56.15 124.69
N LEU JA 370 34.57 56.19 125.93
CA LEU JA 370 35.99 56.36 126.21
C LEU JA 370 36.68 55.01 126.38
N GLN JA 371 35.92 53.94 126.54
CA GLN JA 371 36.52 52.61 126.62
C GLN JA 371 36.67 52.00 125.23
N ASP JA 372 35.72 52.26 124.33
CA ASP JA 372 35.82 51.78 122.96
C ASP JA 372 36.92 52.48 122.19
N TYR JA 373 37.18 53.76 122.49
CA TYR JA 373 38.34 54.44 121.94
C TYR JA 373 39.64 53.84 122.44
N LYS JA 374 39.64 53.34 123.67
CA LYS JA 374 40.86 52.74 124.23
C LYS JA 374 41.17 51.39 123.64
N SER JA 375 40.20 50.73 123.02
CA SER JA 375 40.45 49.44 122.39
C SER JA 375 40.86 49.56 120.93
N LEU JA 376 40.86 50.77 120.37
CA LEU JA 376 41.28 50.99 118.99
C LEU JA 376 42.63 51.67 118.88
N GLN JA 377 43.29 51.95 120.00
CA GLN JA 377 44.58 52.64 119.93
C GLN JA 377 45.71 51.73 119.49
N ASP JA 378 45.49 50.41 119.50
CA ASP JA 378 46.51 49.49 119.02
C ASP JA 378 46.49 49.36 117.51
N ILE JA 379 45.45 49.85 116.86
CA ILE JA 379 45.28 49.73 115.42
C ILE JA 379 45.51 51.06 114.72
N ILE JA 380 45.02 52.16 115.31
CA ILE JA 380 45.25 53.50 114.79
C ILE JA 380 46.74 53.85 114.81
N ALA JA 381 47.50 53.32 115.78
CA ALA JA 381 48.92 53.57 115.82
C ALA JA 381 49.69 52.83 114.74
N ILE JA 382 49.18 51.72 114.22
CA ILE JA 382 49.89 50.98 113.19
C ILE JA 382 49.32 51.32 111.81
N LEU JA 383 48.05 51.00 111.59
CA LEU JA 383 47.44 51.13 110.27
C LEU JA 383 46.82 52.50 110.02
N GLY JA 384 46.98 53.44 110.95
CA GLY JA 384 46.47 54.78 110.71
C GLY JA 384 44.96 54.88 110.85
N MET JA 385 44.45 56.06 110.47
CA MET JA 385 43.04 56.39 110.61
C MET JA 385 42.19 55.86 109.46
N ASP JA 386 42.76 55.69 108.28
CA ASP JA 386 41.99 55.33 107.08
C ASP JA 386 41.68 53.85 106.97
N GLU JA 387 41.85 53.07 108.04
CA GLU JA 387 41.53 51.65 108.02
C GLU JA 387 40.36 51.30 108.92
N LEU JA 388 39.70 52.29 109.51
CA LEU JA 388 38.57 52.02 110.38
C LEU JA 388 37.29 51.93 109.56
N SER JA 389 36.17 51.77 110.25
CA SER JA 389 34.87 51.79 109.60
C SER JA 389 34.42 53.23 109.36
N GLU JA 390 33.15 53.39 109.00
CA GLU JA 390 32.59 54.72 108.95
C GLU JA 390 31.87 55.08 110.25
N GLU JA 391 31.30 54.10 110.93
CA GLU JA 391 30.71 54.35 112.24
C GLU JA 391 31.76 54.42 113.34
N ASP JA 392 32.97 53.92 113.08
CA ASP JA 392 34.07 53.99 114.03
C ASP JA 392 35.01 55.15 113.75
N LYS JA 393 34.72 55.96 112.75
CA LYS JA 393 35.28 57.30 112.65
C LYS JA 393 34.39 58.33 113.34
N LEU JA 394 33.42 57.86 114.13
CA LEU JA 394 32.58 58.71 114.95
C LEU JA 394 32.75 58.47 116.43
N THR JA 395 33.13 57.26 116.85
CA THR JA 395 33.55 57.06 118.23
C THR JA 395 34.87 57.77 118.51
N VAL JA 396 35.79 57.74 117.55
CA VAL JA 396 37.05 58.47 117.69
C VAL JA 396 36.81 59.96 117.64
N SER JA 397 35.98 60.42 116.71
CA SER JA 397 35.77 61.85 116.54
C SER JA 397 34.92 62.47 117.65
N ARG JA 398 34.28 61.66 118.48
CA ARG JA 398 33.55 62.17 119.63
C ARG JA 398 34.27 61.98 120.95
N ALA JA 399 35.09 60.94 121.09
CA ALA JA 399 35.84 60.77 122.32
C ALA JA 399 37.00 61.74 122.41
N ARG JA 400 37.45 62.29 121.27
CA ARG JA 400 38.50 63.29 121.28
C ARG JA 400 37.98 64.70 121.56
N LYS JA 401 36.69 64.85 121.87
CA LYS JA 401 36.18 66.10 122.40
C LYS JA 401 35.70 65.98 123.83
N ILE JA 402 35.29 64.78 124.27
CA ILE JA 402 34.97 64.56 125.67
C ILE JA 402 36.23 64.56 126.51
N GLN JA 403 37.33 64.03 125.97
CA GLN JA 403 38.63 64.12 126.63
C GLN JA 403 39.07 65.55 126.83
N ARG JA 404 38.87 66.41 125.83
CA ARG JA 404 39.24 67.81 125.98
C ARG JA 404 38.19 68.59 126.77
N PHE JA 405 37.00 68.04 126.94
CA PHE JA 405 35.99 68.74 127.75
C PHE JA 405 36.11 68.36 129.21
N LEU JA 406 36.98 67.40 129.54
CA LEU JA 406 37.31 67.14 130.93
C LEU JA 406 38.50 67.97 131.38
N SER JA 407 38.87 68.99 130.61
CA SER JA 407 39.85 69.96 131.06
C SER JA 407 39.14 71.20 131.56
N GLN JA 408 39.72 71.84 132.57
CA GLN JA 408 39.09 73.01 133.18
C GLN JA 408 40.19 73.91 133.72
N PRO JA 409 40.06 75.23 133.53
CA PRO JA 409 41.03 76.14 134.13
C PRO JA 409 40.77 76.39 135.62
N PHE JA 410 41.72 76.04 136.46
CA PHE JA 410 41.51 76.13 137.90
C PHE JA 410 41.64 77.57 138.38
N GLN JA 411 41.29 77.78 139.66
CA GLN JA 411 41.32 79.12 140.23
C GLN JA 411 42.68 79.44 140.85
N VAL JA 412 43.37 78.43 141.38
CA VAL JA 412 44.66 78.67 142.01
C VAL JA 412 45.77 78.70 140.97
N ALA JA 413 45.49 78.22 139.76
CA ALA JA 413 46.46 78.24 138.68
C ALA JA 413 46.31 79.47 137.79
N GLU JA 414 45.87 80.60 138.34
CA GLU JA 414 45.83 81.84 137.58
C GLU JA 414 47.24 82.36 137.33
N VAL JA 415 48.18 82.04 138.23
CA VAL JA 415 49.54 82.57 138.10
C VAL JA 415 50.40 81.66 137.24
N PHE JA 416 49.82 80.58 136.73
CA PHE JA 416 50.55 79.73 135.79
C PHE JA 416 50.37 80.23 134.36
N THR JA 417 49.13 80.28 133.88
CA THR JA 417 48.85 80.60 132.49
C THR JA 417 48.21 81.97 132.30
N GLY JA 418 47.65 82.56 133.34
CA GLY JA 418 47.00 83.87 133.18
C GLY JA 418 45.58 83.78 132.66
N HIS JA 419 44.95 82.62 132.78
CA HIS JA 419 43.56 82.43 132.39
C HIS JA 419 42.68 82.55 133.62
N LEU JA 420 41.41 82.88 133.42
CA LEU JA 420 40.51 83.07 134.54
C LEU JA 420 40.04 81.73 135.08
N GLY JA 421 39.88 81.67 136.40
CA GLY JA 421 39.35 80.46 137.02
C GLY JA 421 37.85 80.38 136.86
N LYS JA 422 37.38 79.23 136.38
CA LYS JA 422 35.98 79.02 136.05
C LYS JA 422 35.39 77.98 136.97
N LEU JA 423 34.13 78.18 137.37
CA LEU JA 423 33.38 77.24 138.20
C LEU JA 423 32.05 76.95 137.51
N VAL JA 424 31.64 75.70 137.53
CA VAL JA 424 30.41 75.26 136.87
C VAL JA 424 29.46 74.71 137.93
N PRO JA 425 28.15 74.75 137.71
CA PRO JA 425 27.23 74.06 138.61
C PRO JA 425 27.03 72.62 138.19
N LEU JA 426 26.43 71.83 139.08
CA LEU JA 426 26.25 70.40 138.82
C LEU JA 426 25.18 70.16 137.77
N LYS JA 427 24.21 71.07 137.66
CA LYS JA 427 23.13 70.88 136.70
C LYS JA 427 23.57 71.23 135.29
N GLU JA 428 24.74 71.86 135.14
CA GLU JA 428 25.17 72.30 133.81
C GLU JA 428 26.29 71.40 133.29
N THR JA 429 26.85 70.53 134.14
CA THR JA 429 27.76 69.51 133.64
C THR JA 429 27.02 68.23 133.30
N ILE JA 430 25.70 68.24 133.42
CA ILE JA 430 24.90 67.16 132.84
C ILE JA 430 24.46 67.56 131.44
N LYS JA 431 24.20 68.84 131.24
CA LYS JA 431 23.76 69.32 129.93
C LYS JA 431 24.90 69.36 128.92
N GLY JA 432 26.14 69.52 129.40
CA GLY JA 432 27.27 69.54 128.50
C GLY JA 432 27.64 68.20 127.91
N PHE JA 433 27.34 67.12 128.61
CA PHE JA 433 27.65 65.78 128.13
C PHE JA 433 26.47 65.08 127.49
N GLN JA 434 25.35 65.78 127.32
CA GLN JA 434 24.25 65.29 126.49
C GLN JA 434 24.33 65.85 125.08
N GLN JA 435 24.69 67.13 124.95
CA GLN JA 435 24.84 67.75 123.64
C GLN JA 435 26.17 67.40 122.95
N ILE JA 436 26.93 66.46 123.48
CA ILE JA 436 28.07 65.89 122.78
C ILE JA 436 27.83 64.41 122.46
N LEU JA 437 27.24 63.67 123.40
CA LEU JA 437 26.92 62.27 123.16
C LEU JA 437 25.78 62.09 122.18
N ALA JA 438 24.94 63.10 121.99
CA ALA JA 438 23.85 63.00 121.02
C ALA JA 438 24.34 63.30 119.61
N GLY JA 439 25.19 64.31 119.46
CA GLY JA 439 25.70 64.69 118.16
C GLY JA 439 25.29 66.08 117.76
N GLU JA 440 25.03 66.94 118.75
CA GLU JA 440 24.64 68.31 118.43
C GLU JA 440 25.81 69.16 117.98
N TYR JA 441 27.04 68.78 118.33
CA TYR JA 441 28.19 69.64 118.08
C TYR JA 441 29.20 68.94 117.19
N ASP JA 442 28.73 68.33 116.10
CA ASP JA 442 29.58 67.63 115.15
C ASP JA 442 30.05 68.53 114.02
N HIS JA 443 30.09 69.84 114.25
CA HIS JA 443 30.56 70.80 113.25
C HIS JA 443 31.59 71.75 113.86
N LEU JA 444 32.24 71.33 114.93
CA LEU JA 444 33.25 72.10 115.63
C LEU JA 444 34.55 71.29 115.75
N PRO JA 445 35.69 71.95 115.73
CA PRO JA 445 36.96 71.24 115.95
C PRO JA 445 37.15 70.87 117.42
N GLU JA 446 38.15 70.02 117.65
CA GLU JA 446 38.41 69.56 119.02
C GLU JA 446 39.03 70.64 119.88
N GLN JA 447 39.86 71.51 119.28
CA GLN JA 447 40.58 72.51 120.06
C GLN JA 447 39.67 73.65 120.51
N ALA JA 448 38.45 73.74 119.99
CA ALA JA 448 37.50 74.70 120.53
C ALA JA 448 36.92 74.26 121.86
N PHE JA 449 37.01 72.97 122.18
CA PHE JA 449 36.55 72.43 123.45
C PHE JA 449 37.61 72.49 124.53
N TYR JA 450 38.72 73.18 124.31
CA TYR JA 450 39.91 73.06 125.14
C TYR JA 450 39.93 74.19 126.18
N MET JA 451 39.94 73.80 127.46
CA MET JA 451 40.11 74.70 128.61
C MET JA 451 39.03 75.78 128.67
N VAL JA 452 37.79 75.35 128.85
CA VAL JA 452 36.67 76.26 129.02
C VAL JA 452 35.84 75.81 130.22
N GLY JA 453 34.79 76.57 130.50
CA GLY JA 453 33.92 76.28 131.60
C GLY JA 453 32.73 75.44 131.15
N PRO JA 454 31.55 76.06 131.08
CA PRO JA 454 30.37 75.32 130.60
C PRO JA 454 30.32 75.23 129.08
N ILE JA 455 29.24 74.67 128.55
CA ILE JA 455 29.17 74.35 127.12
C ILE JA 455 28.95 75.59 126.25
N GLU JA 456 28.55 76.72 126.84
CA GLU JA 456 28.27 77.90 126.03
C GLU JA 456 29.53 78.61 125.55
N GLU JA 457 30.66 78.44 126.26
CA GLU JA 457 31.90 79.05 125.82
C GLU JA 457 32.59 78.25 124.73
N ALA JA 458 32.17 77.00 124.50
CA ALA JA 458 32.75 76.20 123.42
C ALA JA 458 32.34 76.73 122.06
N VAL JA 459 31.08 77.18 121.93
CA VAL JA 459 30.64 77.78 120.68
C VAL JA 459 31.05 79.24 120.59
N ALA JA 460 31.43 79.86 121.71
CA ALA JA 460 31.98 81.20 121.67
C ALA JA 460 33.49 81.21 121.45
N LYS JA 461 34.09 80.04 121.24
CA LYS JA 461 35.50 79.92 120.91
C LYS JA 461 35.71 79.45 119.47
N ALA JA 462 34.77 78.67 118.92
CA ALA JA 462 34.91 78.17 117.57
C ALA JA 462 34.65 79.24 116.52
N ASP JA 463 34.05 80.37 116.90
CA ASP JA 463 33.88 81.47 115.96
C ASP JA 463 35.17 82.26 115.78
N LYS JA 464 36.13 82.12 116.68
CA LYS JA 464 37.41 82.81 116.56
C LYS JA 464 38.25 82.20 115.45
N LEU JA 465 38.45 80.88 115.49
CA LEU JA 465 39.15 80.17 114.41
C LEU JA 465 38.16 79.88 113.27
N ALA JA 466 37.81 80.95 112.57
CA ALA JA 466 36.87 80.87 111.46
C ALA JA 466 37.59 80.95 110.12
N SER KA 1 69.09 44.68 120.03
CA SER KA 1 68.84 43.47 120.80
C SER KA 1 69.02 42.22 119.95
N SER KA 2 68.29 42.16 118.84
CA SER KA 2 68.21 40.94 118.03
C SER KA 2 69.48 40.65 117.25
N ASP KA 3 70.40 41.60 117.12
CA ASP KA 3 71.61 41.38 116.30
C ASP KA 3 72.74 40.79 117.14
N THR KA 4 72.40 39.74 117.87
CA THR KA 4 73.26 38.93 118.72
C THR KA 4 72.45 37.73 119.19
N PRO KA 5 73.10 36.62 119.56
CA PRO KA 5 72.34 35.51 120.14
C PRO KA 5 71.70 35.82 121.48
N GLU KA 6 72.20 36.82 122.22
CA GLU KA 6 71.72 37.08 123.57
C GLU KA 6 70.32 37.71 123.57
N GLY KA 7 70.09 38.69 122.70
CA GLY KA 7 68.88 39.47 122.77
C GLY KA 7 67.63 38.73 122.33
N VAL KA 8 66.49 39.36 122.60
CA VAL KA 8 65.20 38.75 122.33
C VAL KA 8 64.90 38.77 120.84
N ARG KA 9 64.46 37.63 120.31
CA ARG KA 9 64.07 37.51 118.92
C ARG KA 9 62.69 36.87 118.84
N SER KA 10 61.92 37.27 117.84
CA SER KA 10 60.54 36.83 117.71
C SER KA 10 60.45 35.63 116.78
N GLY KA 11 59.55 34.71 117.13
CA GLY KA 11 59.33 33.51 116.36
C GLY KA 11 58.07 33.59 115.51
N ALA KA 12 57.68 32.43 114.98
CA ALA KA 12 56.51 32.33 114.14
C ALA KA 12 55.29 31.98 114.98
N GLY KA 13 54.23 32.78 114.83
CA GLY KA 13 53.02 32.56 115.58
C GLY KA 13 52.99 33.39 116.85
N ALA KA 14 53.36 34.66 116.74
CA ALA KA 14 53.47 35.54 117.90
C ALA KA 14 52.41 36.62 117.91
N VAL KA 15 51.63 36.75 116.84
CA VAL KA 15 50.51 37.69 116.86
C VAL KA 15 49.29 37.10 117.55
N ARG KA 16 49.06 35.79 117.42
CA ARG KA 16 47.94 35.15 118.07
C ARG KA 16 48.19 34.85 119.54
N ASP KA 17 49.44 34.58 119.93
CA ASP KA 17 49.74 34.31 121.33
C ASP KA 17 49.71 35.56 122.18
N ALA KA 18 49.88 36.75 121.57
CA ALA KA 18 49.76 37.99 122.32
C ALA KA 18 48.32 38.23 122.75
N GLY KA 19 47.37 38.02 121.84
CA GLY KA 19 45.97 38.19 122.17
C GLY KA 19 45.55 39.64 122.37
N GLY KA 20 45.82 40.50 121.39
CA GLY KA 20 45.51 41.90 121.49
C GLY KA 20 44.43 42.33 120.52
N ALA KA 21 44.74 43.39 119.78
CA ALA KA 21 43.81 43.85 118.75
C ALA KA 21 44.01 43.10 117.45
N PHE KA 22 45.27 42.91 117.03
CA PHE KA 22 45.53 42.17 115.80
C PHE KA 22 45.33 40.67 116.01
N GLY KA 23 45.41 40.20 117.26
CA GLY KA 23 45.17 38.80 117.51
C GLY KA 23 43.69 38.45 117.52
N LYS KA 24 42.84 39.45 117.75
CA LYS KA 24 41.39 39.22 117.68
C LYS KA 24 40.86 39.54 116.29
N LYS KA 25 41.54 40.43 115.57
CA LYS KA 25 41.13 40.77 114.20
C LYS KA 25 41.45 39.62 113.25
N GLU KA 26 42.34 38.72 113.65
CA GLU KA 26 42.70 37.60 112.78
C GLU KA 26 41.76 36.42 112.97
N GLN KA 27 41.22 36.25 114.18
CA GLN KA 27 40.36 35.10 114.43
C GLN KA 27 38.97 35.33 113.86
N ALA KA 28 38.50 36.58 113.83
CA ALA KA 28 37.18 36.87 113.32
C ALA KA 28 37.20 37.08 111.81
N ASP KA 29 38.37 37.00 111.19
CA ASP KA 29 38.45 37.09 109.74
C ASP KA 29 38.62 35.71 109.11
N GLU KA 30 39.18 34.76 109.87
CA GLU KA 30 39.22 33.37 109.41
C GLU KA 30 37.87 32.70 109.58
N GLU KA 31 36.99 33.28 110.41
CA GLU KA 31 35.69 32.66 110.64
C GLU KA 31 34.62 33.26 109.74
N ARG KA 32 34.69 34.57 109.50
CA ARG KA 32 33.69 35.21 108.64
C ARG KA 32 33.96 34.93 107.18
N TYR KA 33 35.13 34.39 106.85
CA TYR KA 33 35.40 33.96 105.47
C TYR KA 33 35.06 32.50 105.28
N PHE KA 34 35.38 31.65 106.26
CA PHE KA 34 35.08 30.23 106.12
C PHE KA 34 33.68 29.90 106.62
N ARG KA 35 32.86 30.91 106.86
CA ARG KA 35 31.43 30.69 107.07
C ARG KA 35 30.70 30.65 105.73
N ALA KA 36 31.14 31.47 104.78
CA ALA KA 36 30.54 31.47 103.46
C ALA KA 36 30.93 30.22 102.67
N ARG KA 37 32.06 29.61 103.02
CA ARG KA 37 32.47 28.39 102.33
C ARG KA 37 31.78 27.17 102.92
N ALA KA 38 31.10 27.33 104.05
CA ALA KA 38 30.20 26.29 104.52
C ALA KA 38 28.81 26.49 103.94
N ARG KA 39 28.61 27.57 103.18
CA ARG KA 39 27.36 27.77 102.47
C ARG KA 39 27.44 27.20 101.06
N GLU KA 40 28.50 27.55 100.33
CA GLU KA 40 28.61 27.14 98.93
C GLU KA 40 28.94 25.66 98.79
N GLN KA 41 29.58 25.08 99.81
CA GLN KA 41 29.90 23.66 99.75
C GLN KA 41 28.75 22.82 100.26
N LEU KA 42 27.80 23.44 100.95
CA LEU KA 42 26.64 22.70 101.43
C LEU KA 42 25.46 22.85 100.50
N ALA KA 43 25.36 23.99 99.80
CA ALA KA 43 24.29 24.16 98.83
C ALA KA 43 24.53 23.30 97.60
N ALA KA 44 25.78 23.11 97.21
CA ALA KA 44 26.09 22.29 96.04
C ALA KA 44 26.15 20.81 96.44
N LEU KA 45 26.09 20.52 97.73
CA LEU KA 45 26.09 19.13 98.17
C LEU KA 45 24.67 18.56 98.14
N LYS KA 46 23.68 19.44 98.04
CA LYS KA 46 22.29 19.01 97.87
C LYS KA 46 21.98 18.65 96.42
N LYS KA 47 22.92 18.87 95.50
CA LYS KA 47 22.68 18.60 94.10
C LYS KA 47 23.05 17.17 93.72
N HIS KA 48 22.94 16.23 94.65
CA HIS KA 48 23.06 14.82 94.32
C HIS KA 48 21.73 14.30 93.79
N HIS KA 49 21.77 13.70 92.59
CA HIS KA 49 20.54 13.39 91.86
C HIS KA 49 19.81 12.21 92.47
N GLU KA 50 20.55 11.27 93.04
CA GLU KA 50 19.99 10.07 93.68
C GLU KA 50 19.16 10.43 94.91
N ASN KA 51 19.54 11.50 95.60
CA ASN KA 51 18.74 11.98 96.73
C ASN KA 51 17.43 12.59 96.25
N GLU KA 52 17.46 13.22 95.07
CA GLU KA 52 16.27 13.87 94.55
C GLU KA 52 15.24 12.84 94.07
N ILE KA 53 15.71 11.69 93.59
CA ILE KA 53 14.81 10.60 93.22
C ILE KA 53 14.16 10.02 94.47
N SER KA 54 14.95 9.80 95.51
CA SER KA 54 14.35 9.15 96.66
C SER KA 54 13.22 10.02 97.19
N HIS KA 55 13.48 11.32 97.27
CA HIS KA 55 12.50 12.29 97.74
C HIS KA 55 11.32 12.39 96.78
N HIS KA 56 11.62 12.29 95.49
CA HIS KA 56 10.62 12.35 94.45
C HIS KA 56 9.81 11.12 94.76
N VAL KA 57 10.36 10.27 95.63
CA VAL KA 57 9.66 9.03 95.92
C VAL KA 57 8.90 9.16 97.20
N LYS KA 58 9.56 9.70 98.22
CA LYS KA 58 8.92 9.85 99.53
C LYS KA 58 7.64 10.64 99.39
N GLU KA 59 7.71 11.70 98.61
CA GLU KA 59 6.58 12.58 98.37
C GLU KA 59 5.45 11.78 97.71
N ILE KA 60 5.80 11.01 96.69
CA ILE KA 60 4.84 10.19 96.00
C ILE KA 60 4.09 9.28 96.96
N GLU KA 61 4.82 8.62 97.86
CA GLU KA 61 4.23 7.71 98.81
C GLU KA 61 3.26 8.46 99.71
N ARG KA 62 3.67 9.65 100.14
CA ARG KA 62 2.85 10.46 101.01
C ARG KA 62 1.55 10.80 100.29
N LEU KA 63 1.65 11.22 99.04
CA LEU KA 63 0.49 11.57 98.25
C LEU KA 63 -0.40 10.36 98.01
N GLN KA 64 0.19 9.19 97.82
CA GLN KA 64 -0.63 8.01 97.59
C GLN KA 64 -1.41 7.64 98.83
N LYS KA 65 -0.90 7.97 100.00
CA LYS KA 65 -1.62 7.65 101.21
C LYS KA 65 -2.82 8.57 101.34
N GLU KA 66 -2.66 9.82 100.91
CA GLU KA 66 -3.75 10.78 100.97
C GLU KA 66 -4.86 10.28 100.05
N ILE KA 67 -4.47 9.82 98.88
CA ILE KA 67 -5.42 9.32 97.92
C ILE KA 67 -6.15 8.14 98.55
N GLU KA 68 -5.41 7.28 99.23
CA GLU KA 68 -6.01 6.12 99.88
C GLU KA 68 -7.09 6.59 100.87
N ARG KA 69 -6.78 7.64 101.62
CA ARG KA 69 -7.74 8.18 102.58
C ARG KA 69 -9.01 8.57 101.84
N HIS KA 70 -8.85 9.37 100.79
CA HIS KA 70 -10.00 9.82 100.02
C HIS KA 70 -10.80 8.66 99.45
N LYS KA 71 -10.11 7.68 98.91
CA LYS KA 71 -10.81 6.52 98.37
C LYS KA 71 -11.64 5.82 99.44
N GLN KA 72 -11.15 5.79 100.68
CA GLN KA 72 -11.89 5.15 101.76
C GLN KA 72 -13.09 6.01 102.11
N SER KA 73 -12.88 7.33 102.11
CA SER KA 73 -13.97 8.25 102.39
C SER KA 73 -15.13 8.02 101.41
N ILE KA 74 -14.79 7.89 100.13
CA ILE KA 74 -15.79 7.66 99.09
C ILE KA 74 -16.54 6.37 99.38
N LYS KA 75 -15.78 5.29 99.60
CA LYS KA 75 -16.34 3.96 99.91
C LYS KA 75 -17.39 4.07 101.02
N LYS KA 76 -17.05 4.80 102.07
CA LYS KA 76 -17.97 5.02 103.17
C LYS KA 76 -19.23 5.72 102.63
N LEU KA 77 -19.06 6.94 102.13
CA LEU KA 77 -20.17 7.73 101.60
C LEU KA 77 -21.05 6.92 100.65
N LYS KA 78 -20.46 6.09 99.82
CA LYS KA 78 -21.28 5.30 98.92
C LYS KA 78 -22.11 4.25 99.66
N ALA LA 1 52.15 44.07 131.64
CA ALA LA 1 52.74 44.56 132.89
C ALA LA 1 53.87 43.65 133.35
N THR LA 2 53.52 42.45 133.79
CA THR LA 2 54.54 41.52 134.25
C THR LA 2 55.56 41.28 133.13
N LEU LA 3 56.57 40.47 133.45
CA LEU LA 3 57.62 40.19 132.46
C LEU LA 3 57.11 39.30 131.35
N LYS LA 4 56.15 38.42 131.65
CA LYS LA 4 55.59 37.58 130.60
C LYS LA 4 54.67 38.38 129.69
N ASP LA 5 54.15 39.50 130.18
CA ASP LA 5 53.23 40.31 129.36
C ASP LA 5 54.02 41.24 128.44
N ILE LA 6 55.18 41.71 128.91
CA ILE LA 6 55.98 42.64 128.11
C ILE LA 6 56.63 41.91 126.93
N THR LA 7 57.12 40.68 127.17
CA THR LA 7 57.82 39.94 126.12
C THR LA 7 56.90 39.53 124.99
N ARG LA 8 55.66 39.14 125.32
CA ARG LA 8 54.74 38.67 124.29
C ARG LA 8 54.24 39.80 123.41
N ARG LA 9 54.03 40.97 123.99
CA ARG LA 9 53.63 42.12 123.18
C ARG LA 9 54.79 42.64 122.35
N LEU LA 10 56.03 42.45 122.84
CA LEU LA 10 57.18 42.94 122.10
C LEU LA 10 57.45 42.10 120.87
N LYS LA 11 57.29 40.78 120.96
CA LYS LA 11 57.52 39.91 119.83
C LYS LA 11 56.48 40.10 118.73
N SER LA 12 55.28 40.54 119.10
CA SER LA 12 54.20 40.62 118.13
C SER LA 12 54.36 41.84 117.23
N ILE LA 13 55.08 42.85 117.69
CA ILE LA 13 55.31 44.02 116.84
C ILE LA 13 56.64 43.90 116.12
N LYS LA 14 57.33 42.77 116.32
CA LYS LA 14 58.44 42.44 115.42
C LYS LA 14 57.92 41.82 114.14
N ASN LA 15 56.92 40.95 114.23
CA ASN LA 15 56.38 40.30 113.04
C ASN LA 15 55.58 41.28 112.20
N ILE LA 16 54.87 42.21 112.83
CA ILE LA 16 54.12 43.21 112.08
C ILE LA 16 55.09 44.19 111.41
N GLN LA 17 56.25 44.42 112.02
CA GLN LA 17 57.23 45.31 111.42
C GLN LA 17 57.95 44.65 110.25
N LYS LA 18 58.24 43.36 110.36
CA LYS LA 18 58.98 42.66 109.31
C LYS LA 18 58.11 42.42 108.09
N ILE LA 19 56.80 42.31 108.29
CA ILE LA 19 55.89 42.00 107.19
C ILE LA 19 55.59 43.25 106.38
N THR LA 20 55.50 44.40 107.04
CA THR LA 20 55.25 45.64 106.32
C THR LA 20 56.51 46.15 105.63
N LYS LA 21 57.68 45.63 106.00
CA LYS LA 21 58.87 45.89 105.20
C LYS LA 21 58.88 45.03 103.94
N SER LA 22 58.43 43.78 104.08
CA SER LA 22 58.33 42.89 102.93
C SER LA 22 57.24 43.34 101.97
N MET LA 23 56.18 43.95 102.49
CA MET LA 23 55.09 44.39 101.64
C MET LA 23 55.32 45.82 101.16
N LYS LA 24 56.50 46.38 101.43
CA LYS LA 24 56.86 47.64 100.79
C LYS LA 24 57.68 47.38 99.54
N MET LA 25 58.56 46.39 99.57
CA MET LA 25 59.39 46.10 98.40
C MET LA 25 58.60 45.36 97.34
N VAL LA 26 57.54 44.65 97.73
CA VAL LA 26 56.69 43.97 96.77
C VAL LA 26 55.86 44.97 95.98
N ALA LA 27 55.23 45.93 96.68
CA ALA LA 27 54.34 46.86 96.00
C ALA LA 27 55.09 48.07 95.45
N ALA LA 28 56.42 48.06 95.54
CA ALA LA 28 57.20 49.08 94.84
C ALA LA 28 57.72 48.56 93.52
N ALA LA 29 57.92 47.24 93.41
CA ALA LA 29 58.28 46.65 92.13
C ALA LA 29 57.06 46.50 91.24
N LYS LA 30 55.88 46.50 91.83
CA LYS LA 30 54.65 46.60 91.05
C LYS LA 30 54.41 48.04 90.60
N TYR LA 31 55.10 49.00 91.21
CA TYR LA 31 54.91 50.39 90.82
C TYR LA 31 55.78 50.75 89.62
N ALA LA 32 57.00 50.23 89.58
CA ALA LA 32 57.91 50.55 88.49
C ALA LA 32 57.44 49.92 87.18
N ARG LA 33 56.76 48.78 87.26
CA ARG LA 33 56.17 48.18 86.07
C ARG LA 33 55.02 49.01 85.56
N ALA LA 34 54.21 49.56 86.47
CA ALA LA 34 53.02 50.31 86.04
C ALA LA 34 53.38 51.72 85.62
N GLU LA 35 54.64 52.13 85.81
CA GLU LA 35 55.08 53.43 85.31
C GLU LA 35 55.58 53.31 83.87
N ARG LA 36 56.20 52.17 83.55
CA ARG LA 36 56.68 51.95 82.18
C ARG LA 36 55.52 51.69 81.23
N ASP LA 37 54.49 50.97 81.70
CA ASP LA 37 53.42 50.55 80.81
C ASP LA 37 52.39 51.66 80.63
N LEU LA 38 52.58 52.80 81.29
CA LEU LA 38 51.61 53.88 81.18
C LEU LA 38 51.90 54.76 79.97
N LYS LA 39 53.17 54.97 79.63
CA LYS LA 39 53.53 55.90 78.58
C LYS LA 39 53.12 55.45 77.17
N PRO LA 40 53.14 54.16 76.80
CA PRO LA 40 52.42 53.79 75.57
C PRO LA 40 50.91 53.93 75.70
N ALA LA 41 50.37 53.69 76.90
CA ALA LA 41 48.93 53.79 77.09
C ALA LA 41 48.50 55.22 77.40
N ARG LA 42 49.43 56.18 77.38
CA ARG LA 42 49.05 57.56 77.62
C ARG LA 42 48.64 58.25 76.31
N VAL LA 43 49.48 58.15 75.28
CA VAL LA 43 49.20 58.82 74.01
C VAL LA 43 48.04 58.14 73.29
N TYR LA 44 47.96 56.81 73.40
CA TYR LA 44 46.79 56.09 72.91
C TYR LA 44 45.55 56.45 73.71
N GLY LA 45 45.72 56.81 74.98
CA GLY LA 45 44.60 57.33 75.75
C GLY LA 45 44.32 58.79 75.44
N ILE LA 46 45.36 59.57 75.14
CA ILE LA 46 45.17 60.97 74.80
C ILE LA 46 44.56 61.11 73.41
N GLY LA 47 45.00 60.26 72.48
CA GLY LA 47 44.54 60.38 71.10
C GLY LA 47 43.08 60.01 70.91
N SER LA 48 42.59 59.06 71.70
CA SER LA 48 41.19 58.68 71.61
C SER LA 48 40.29 59.74 72.25
N LEU LA 49 40.85 60.52 73.17
CA LEU LA 49 40.08 61.62 73.75
C LEU LA 49 40.12 62.85 72.86
N ALA LA 50 41.07 62.89 71.92
CA ALA LA 50 41.48 64.15 71.31
C ALA LA 50 40.46 64.65 70.28
N LEU LA 51 39.49 63.82 69.91
CA LEU LA 51 38.48 64.26 68.95
C LEU LA 51 37.51 65.25 69.60
N TYR LA 52 37.21 65.06 70.88
CA TYR LA 52 36.14 65.82 71.51
C TYR LA 52 36.58 67.22 71.91
N GLU LA 53 37.88 67.45 72.08
CA GLU LA 53 38.33 68.80 72.40
C GLU LA 53 38.32 69.70 71.17
N LYS LA 54 38.47 69.12 69.97
CA LYS LA 54 38.41 69.91 68.74
C LYS LA 54 36.99 69.91 68.19
N ALA LA 55 36.05 70.17 69.10
CA ALA LA 55 34.60 70.26 68.84
C ALA LA 55 33.93 70.80 70.09
N ASP LA 56 33.01 71.77 69.93
CA ASP LA 56 32.27 72.29 71.08
C ASP LA 56 31.08 71.37 71.36
N ILE LA 57 31.30 70.38 72.22
CA ILE LA 57 30.29 69.38 72.55
C ILE LA 57 29.97 69.52 74.04
N LYS LA 58 28.67 69.53 74.36
CA LYS LA 58 28.18 69.54 75.73
C LYS LA 58 26.74 69.02 75.70
N VAL LA 59 26.33 68.33 76.76
CA VAL LA 59 24.98 67.83 76.90
C VAL LA 59 24.06 69.00 77.26
N PRO LA 60 23.27 69.52 76.29
CA PRO LA 60 22.80 70.92 76.37
C PRO LA 60 21.90 71.33 77.53
N GLU LA 61 20.70 70.76 77.65
CA GLU LA 61 19.74 71.27 78.62
C GLU LA 61 19.30 70.23 79.63
N ASP LA 62 18.80 69.07 79.19
CA ASP LA 62 18.25 68.07 80.11
C ASP LA 62 18.11 66.76 79.36
N LYS LA 63 18.56 65.67 79.99
CA LYS LA 63 18.40 64.34 79.44
C LYS LA 63 17.91 63.40 80.55
N LYS LA 64 17.25 62.31 80.14
CA LYS LA 64 16.37 61.62 81.07
C LYS LA 64 17.10 60.60 81.93
N LYS LA 65 18.19 60.02 81.41
CA LYS LA 65 18.91 58.97 82.13
C LYS LA 65 20.36 59.40 82.34
N HIS LA 66 21.14 58.55 83.02
CA HIS LA 66 22.52 58.88 83.37
C HIS LA 66 23.29 57.61 83.71
N LEU LA 67 24.61 57.67 83.58
CA LEU LA 67 25.51 56.66 84.13
C LEU LA 67 26.69 57.31 84.85
N ILE LA 68 26.99 56.81 86.03
CA ILE LA 68 28.25 57.08 86.70
C ILE LA 68 29.02 55.76 86.78
N ILE LA 69 30.27 55.79 86.32
CA ILE LA 69 31.15 54.63 86.37
C ILE LA 69 32.21 54.88 87.43
N GLY LA 70 32.13 54.14 88.53
CA GLY LA 70 33.07 54.25 89.63
C GLY LA 70 34.21 53.27 89.45
N VAL LA 71 35.43 53.82 89.40
CA VAL LA 71 36.63 53.04 89.09
C VAL LA 71 37.50 52.97 90.33
N SER LA 72 37.70 51.75 90.83
CA SER LA 72 38.59 51.49 91.96
C SER LA 72 39.11 50.05 91.84
N SER LA 73 39.69 49.57 92.93
CA SER LA 73 40.35 48.27 92.97
C SER LA 73 39.52 47.28 93.78
N ASP LA 74 40.08 46.08 93.95
CA ASP LA 74 39.53 45.06 94.84
C ASP LA 74 40.44 44.83 96.03
N ARG LA 75 41.24 45.82 96.41
CA ARG LA 75 42.25 45.69 97.44
C ARG LA 75 42.17 46.87 98.39
N GLY LA 76 42.65 46.68 99.61
CA GLY LA 76 42.73 47.72 100.59
C GLY LA 76 44.14 48.23 100.76
N LEU LA 77 44.44 48.69 101.99
CA LEU LA 77 45.76 49.11 102.46
C LEU LA 77 46.34 50.26 101.65
N CYS LA 78 45.50 51.05 101.00
CA CYS LA 78 45.93 52.08 100.07
C CYS LA 78 45.55 53.49 100.49
N GLY LA 79 45.19 53.68 101.76
CA GLY LA 79 44.96 55.02 102.25
C GLY LA 79 43.60 55.55 101.83
N ALA LA 80 43.59 56.76 101.28
CA ALA LA 80 42.35 57.45 100.95
C ALA LA 80 42.03 57.43 99.46
N ILE LA 81 42.34 56.32 98.77
CA ILE LA 81 42.02 56.24 97.35
C ILE LA 81 40.54 55.97 97.15
N HIS LA 82 40.02 54.95 97.84
CA HIS LA 82 38.63 54.56 97.66
C HIS LA 82 37.67 55.56 98.31
N SER LA 83 38.14 56.26 99.34
CA SER LA 83 37.26 57.19 100.04
C SER LA 83 37.05 58.47 99.24
N SER LA 84 38.01 58.80 98.38
CA SER LA 84 37.90 60.04 97.60
C SER LA 84 36.90 59.88 96.46
N VAL LA 85 36.93 58.74 95.77
CA VAL LA 85 36.04 58.53 94.63
C VAL LA 85 34.63 58.20 95.12
N ALA LA 86 34.51 57.66 96.34
CA ALA LA 86 33.19 57.48 96.93
C ALA LA 86 32.62 58.81 97.40
N LYS LA 87 33.50 59.78 97.64
CA LYS LA 87 33.03 61.12 98.02
C LYS LA 87 32.59 61.91 96.81
N GLN LA 88 33.22 61.66 95.65
CA GLN LA 88 32.88 62.41 94.45
C GLN LA 88 31.61 61.87 93.80
N ILE LA 89 31.33 60.58 93.97
CA ILE LA 89 30.14 60.00 93.35
C ILE LA 89 28.88 60.44 94.11
N LYS LA 90 29.00 60.68 95.41
CA LYS LA 90 27.84 61.10 96.18
C LYS LA 90 27.54 62.57 95.98
N SER LA 91 28.56 63.34 95.58
CA SER LA 91 28.36 64.77 95.34
C SER LA 91 27.61 65.01 94.04
N GLU LA 92 27.85 64.17 93.03
CA GLU LA 92 27.26 64.41 91.72
C GLU LA 92 25.83 63.91 91.66
N VAL LA 93 25.53 62.78 92.32
CA VAL LA 93 24.18 62.22 92.30
C VAL LA 93 23.21 63.12 93.06
N ALA LA 94 23.68 63.72 94.17
CA ALA LA 94 22.83 64.61 94.94
C ALA LA 94 22.63 65.95 94.22
N ASN LA 95 23.48 66.26 93.24
CA ASN LA 95 23.32 67.51 92.50
C ASN LA 95 22.45 67.32 91.27
N LEU LA 96 22.51 66.15 90.63
CA LEU LA 96 21.76 65.93 89.40
C LEU LA 96 20.30 65.60 89.71
N THR LA 97 20.01 65.17 90.94
CA THR LA 97 18.63 64.84 91.30
C THR LA 97 17.80 66.11 91.49
N ALA LA 98 18.44 67.27 91.56
CA ALA LA 98 17.71 68.53 91.57
C ALA LA 98 17.10 68.82 90.21
N ALA LA 99 17.67 68.25 89.15
CA ALA LA 99 17.13 68.40 87.80
C ALA LA 99 16.19 67.27 87.40
N GLY LA 100 15.88 66.35 88.30
CA GLY LA 100 14.91 65.31 88.03
C GLY LA 100 15.38 64.19 87.14
N LYS LA 101 16.69 64.01 86.97
CA LYS LA 101 17.21 62.94 86.14
C LYS LA 101 17.33 61.64 86.94
N GLU LA 102 16.99 60.54 86.28
CA GLU LA 102 17.16 59.21 86.84
C GLU LA 102 18.59 58.77 86.62
N VAL LA 103 19.23 58.29 87.67
CA VAL LA 103 20.66 57.95 87.64
C VAL LA 103 20.83 56.47 87.99
N LYS LA 104 21.63 55.78 87.18
CA LYS LA 104 22.02 54.41 87.41
C LYS LA 104 23.55 54.40 87.46
N ILE LA 105 24.14 53.74 88.46
CA ILE LA 105 25.59 53.75 88.61
C ILE LA 105 26.11 52.32 88.49
N VAL LA 106 27.40 52.20 88.16
CA VAL LA 106 28.06 50.91 87.97
C VAL LA 106 29.47 50.99 88.55
N GLY LA 107 29.84 50.00 89.34
CA GLY LA 107 31.14 49.95 89.96
C GLY LA 107 31.97 48.82 89.40
N VAL LA 108 33.21 49.12 89.05
CA VAL LA 108 34.10 48.13 88.46
C VAL LA 108 35.05 47.60 89.52
N GLY LA 109 34.73 47.84 90.78
CA GLY LA 109 35.50 47.28 91.87
C GLY LA 109 34.63 46.74 92.99
N ASP LA 110 35.21 45.91 93.86
CA ASP LA 110 34.51 45.37 95.02
C ASP LA 110 34.24 46.49 96.01
N LYS LA 111 35.28 47.29 96.30
CA LYS LA 111 35.21 48.20 97.44
C LYS LA 111 34.41 49.45 97.11
N ILE LA 112 34.02 49.63 95.86
CA ILE LA 112 33.00 50.61 95.53
C ILE LA 112 31.62 50.09 95.90
N ARG LA 113 31.36 48.82 95.58
CA ARG LA 113 30.07 48.20 95.87
C ARG LA 113 29.89 47.97 97.37
N GLY LA 114 30.98 47.69 98.08
CA GLY LA 114 30.87 47.40 99.50
C GLY LA 114 30.57 48.65 100.32
N ILE LA 115 31.10 49.79 99.89
CA ILE LA 115 30.80 51.05 100.57
C ILE LA 115 29.37 51.48 100.30
N LEU LA 116 28.96 51.47 99.03
CA LEU LA 116 27.65 51.94 98.60
C LEU LA 116 26.56 50.89 98.72
N HIS LA 117 26.78 49.83 99.50
CA HIS LA 117 25.78 48.77 99.63
C HIS LA 117 24.61 49.19 100.50
N ARG LA 118 24.75 50.26 101.27
CA ARG LA 118 23.72 50.69 102.21
C ARG LA 118 22.80 51.75 101.61
N THR LA 119 23.38 52.86 101.15
CA THR LA 119 22.61 54.02 100.71
C THR LA 119 22.05 53.85 99.31
N HIS LA 120 22.78 53.17 98.42
CA HIS LA 120 22.42 53.08 97.00
C HIS LA 120 22.44 51.65 96.49
N SER LA 121 21.79 50.73 97.21
CA SER LA 121 21.75 49.33 96.78
C SER LA 121 20.77 49.08 95.63
N ASP LA 122 19.89 50.03 95.32
CA ASP LA 122 18.92 49.86 94.26
C ASP LA 122 19.22 50.67 93.00
N GLN LA 123 20.34 51.40 92.97
CA GLN LA 123 20.74 52.17 91.80
C GLN LA 123 21.94 51.55 91.08
N PHE LA 124 22.28 50.31 91.41
CA PHE LA 124 23.36 49.60 90.74
C PHE LA 124 22.86 49.00 89.43
N LEU LA 125 23.72 48.99 88.41
CA LEU LA 125 23.38 48.25 87.21
C LEU LA 125 24.03 46.87 87.22
N VAL LA 126 25.36 46.82 87.15
CA VAL LA 126 26.14 45.59 87.21
C VAL LA 126 27.32 45.96 88.11
N THR LA 127 28.03 44.96 88.64
CA THR LA 127 29.25 45.22 89.39
C THR LA 127 30.31 44.23 88.88
N PHE LA 128 31.54 44.71 88.73
CA PHE LA 128 32.63 43.90 88.17
C PHE LA 128 33.68 43.68 89.23
N LYS LA 129 33.86 42.43 89.66
CA LYS LA 129 34.84 42.10 90.67
C LYS LA 129 36.05 41.42 90.03
N GLU LA 130 37.00 41.00 90.88
CA GLU LA 130 38.32 40.46 90.51
C GLU LA 130 39.08 41.42 89.59
N VAL LA 131 39.30 42.63 90.10
CA VAL LA 131 39.96 43.70 89.38
C VAL LA 131 41.11 44.22 90.23
N GLY LA 132 42.33 44.20 89.69
CA GLY LA 132 43.48 44.75 90.36
C GLY LA 132 44.51 43.74 90.82
N ARG LA 133 44.19 42.45 90.79
CA ARG LA 133 45.15 41.43 91.17
C ARG LA 133 46.24 41.31 90.11
N LYS LA 134 45.86 40.96 88.90
CA LYS LA 134 46.71 41.01 87.72
C LYS LA 134 46.61 42.38 87.07
N PRO LA 135 47.61 42.80 86.30
CA PRO LA 135 47.56 44.12 85.66
C PRO LA 135 46.45 44.20 84.63
N PRO LA 136 45.83 45.37 84.47
CA PRO LA 136 44.71 45.48 83.54
C PRO LA 136 45.18 45.54 82.09
N THR LA 137 44.37 45.01 81.20
CA THR LA 137 44.66 44.93 79.77
C THR LA 137 43.47 45.47 78.96
N PHE LA 138 43.61 45.44 77.64
CA PHE LA 138 42.59 46.02 76.78
C PHE LA 138 41.41 45.08 76.60
N GLY LA 139 41.62 43.78 76.78
CA GLY LA 139 40.51 42.85 76.68
C GLY LA 139 39.50 43.03 77.80
N ASP LA 140 39.96 43.43 78.97
CA ASP LA 140 39.05 43.67 80.09
C ASP LA 140 38.32 44.99 79.91
N ALA LA 141 38.89 45.91 79.13
CA ALA LA 141 38.17 47.14 78.78
C ALA LA 141 37.12 46.86 77.71
N SER LA 142 37.21 45.71 77.05
CA SER LA 142 36.21 45.35 76.06
C SER LA 142 35.12 44.49 76.67
N VAL LA 143 35.45 43.72 77.72
CA VAL LA 143 34.45 42.91 78.40
C VAL LA 143 33.47 43.81 79.15
N ILE LA 144 33.97 44.87 79.78
CA ILE LA 144 33.12 45.77 80.53
C ILE LA 144 32.26 46.61 79.59
N ALA LA 145 32.85 47.12 78.51
CA ALA LA 145 32.13 48.03 77.62
C ALA LA 145 31.10 47.29 76.77
N LEU LA 146 31.28 45.99 76.56
CA LEU LA 146 30.28 45.19 75.85
C LEU LA 146 29.04 45.00 76.69
N GLU LA 147 29.23 44.76 78.00
CA GLU LA 147 28.09 44.45 78.85
C GLU LA 147 27.38 45.71 79.32
N LEU LA 148 28.00 46.88 79.09
CA LEU LA 148 27.31 48.13 79.35
C LEU LA 148 26.28 48.43 78.27
N LEU LA 149 26.44 47.82 77.09
CA LEU LA 149 25.47 48.03 76.01
C LEU LA 149 24.33 47.01 76.11
N ASN LA 150 24.67 45.72 76.12
CA ASN LA 150 23.67 44.66 76.04
C ASN LA 150 23.19 44.31 77.45
N SER LA 151 22.51 45.27 78.07
CA SER LA 151 21.95 45.07 79.39
C SER LA 151 20.45 45.33 79.36
N GLY LA 152 20.03 46.26 78.51
CA GLY LA 152 18.66 46.72 78.43
C GLY LA 152 18.46 48.14 78.89
N TYR LA 153 19.53 48.82 79.29
CA TYR LA 153 19.45 50.18 79.79
C TYR LA 153 20.00 51.12 78.73
N GLU LA 154 19.11 51.85 78.06
CA GLU LA 154 19.49 52.76 76.99
C GLU LA 154 19.55 54.18 77.53
N PHE LA 155 20.77 54.68 77.69
CA PHE LA 155 21.05 55.92 78.38
C PHE LA 155 21.51 56.97 77.37
N ASP LA 156 21.71 58.19 77.85
CA ASP LA 156 21.94 59.27 76.89
C ASP LA 156 23.05 60.23 77.29
N GLU LA 157 23.43 60.28 78.56
CA GLU LA 157 24.66 60.97 78.94
C GLU LA 157 25.38 60.12 79.98
N GLY LA 158 26.43 60.68 80.57
CA GLY LA 158 27.18 59.96 81.56
C GLY LA 158 28.52 60.62 81.83
N SER LA 159 29.25 60.02 82.77
CA SER LA 159 30.54 60.54 83.20
C SER LA 159 31.30 59.45 83.95
N ILE LA 160 32.62 59.58 83.97
CA ILE LA 160 33.48 58.60 84.63
C ILE LA 160 34.36 59.33 85.64
N ILE LA 161 34.58 58.71 86.80
CA ILE LA 161 35.37 59.27 87.89
C ILE LA 161 36.52 58.32 88.20
N PHE LA 162 37.73 58.86 88.31
CA PHE LA 162 38.92 58.05 88.55
C PHE LA 162 40.03 58.93 89.11
N ASN LA 163 41.17 58.28 89.41
CA ASN LA 163 42.28 58.91 90.10
C ASN LA 163 43.48 59.05 89.18
N ARG LA 164 43.55 60.16 88.45
CA ARG LA 164 44.71 60.47 87.62
C ARG LA 164 45.79 61.06 88.50
N PHE LA 165 46.98 60.45 88.49
CA PHE LA 165 48.02 60.81 89.44
C PHE LA 165 48.96 61.85 88.82
N ARG LA 166 49.50 62.73 89.66
CA ARG LA 166 50.45 63.72 89.19
C ARG LA 166 51.89 63.26 89.43
N SER LA 167 52.14 62.65 90.57
CA SER LA 167 53.49 62.23 90.94
C SER LA 167 53.44 61.00 91.83
N VAL LA 168 54.60 60.65 92.38
CA VAL LA 168 54.68 59.56 93.35
C VAL LA 168 53.91 59.90 94.61
N ILE LA 169 53.96 61.17 95.01
CA ILE LA 169 53.36 61.58 96.28
C ILE LA 169 51.89 61.91 96.10
N SER LA 170 51.57 62.79 95.15
CA SER LA 170 50.24 63.37 95.05
C SER LA 170 49.52 62.87 93.82
N TYR LA 171 48.31 62.36 94.02
CA TYR LA 171 47.38 62.00 92.96
C TYR LA 171 46.26 63.02 92.94
N LYS LA 172 45.23 62.76 92.13
CA LYS LA 172 44.03 63.57 92.12
C LYS LA 172 42.86 62.78 91.56
N THR LA 173 41.72 62.82 92.26
CA THR LA 173 40.49 62.27 91.72
C THR LA 173 39.89 63.24 90.71
N GLU LA 174 39.56 62.73 89.53
CA GLU LA 174 39.20 63.60 88.42
C GLU LA 174 37.86 63.19 87.82
N GLU LA 175 37.42 63.97 86.83
CA GLU LA 175 36.11 63.84 86.23
C GLU LA 175 36.20 64.01 84.71
N LYS LA 176 35.60 63.08 83.97
CA LYS LA 176 35.60 63.12 82.51
C LYS LA 176 34.24 62.66 81.98
N PRO LA 177 33.66 63.34 81.00
CA PRO LA 177 32.33 62.96 80.52
C PRO LA 177 32.36 61.97 79.37
N ILE LA 178 31.24 61.29 79.17
CA ILE LA 178 31.08 60.27 78.14
C ILE LA 178 29.86 60.64 77.30
N PHE LA 179 30.11 61.16 76.09
CA PHE LA 179 29.04 61.42 75.13
C PHE LA 179 28.72 60.10 74.44
N SER LA 180 27.82 59.31 75.02
CA SER LA 180 27.53 58.00 74.45
C SER LA 180 26.41 58.06 73.42
N LEU LA 181 25.52 59.03 73.55
CA LEU LA 181 24.37 59.10 72.64
C LEU LA 181 24.81 59.67 71.30
N ASP LA 182 24.26 59.09 70.23
CA ASP LA 182 24.61 59.51 68.87
C ASP LA 182 24.11 60.90 68.53
N THR LA 183 22.95 61.30 69.08
CA THR LA 183 22.33 62.54 68.64
C THR LA 183 22.85 63.74 69.41
N VAL LA 184 23.35 63.53 70.63
CA VAL LA 184 24.05 64.62 71.30
C VAL LA 184 25.43 64.79 70.65
N ALA LA 185 25.95 63.72 70.04
CA ALA LA 185 27.12 63.83 69.17
C ALA LA 185 26.73 64.23 67.75
N SER LA 186 25.49 64.66 67.54
CA SER LA 186 25.03 65.20 66.26
C SER LA 186 24.66 66.67 66.49
N ALA LA 187 25.65 67.54 66.32
CA ALA LA 187 25.47 68.96 66.61
C ALA LA 187 26.06 69.78 65.47
N GLU LA 188 26.26 71.09 65.71
CA GLU LA 188 26.82 71.96 64.70
C GLU LA 188 28.25 71.62 64.33
N SER LA 189 29.02 71.04 65.25
CA SER LA 189 30.44 70.79 64.99
C SER LA 189 30.70 69.51 64.21
N MET LA 190 29.66 68.76 63.88
CA MET LA 190 29.81 67.57 63.05
C MET LA 190 29.29 67.77 61.63
N SER LA 191 28.55 68.85 61.37
CA SER LA 191 28.07 69.11 60.02
C SER LA 191 29.20 69.58 59.11
N ILE LA 192 30.27 70.13 59.68
CA ILE LA 192 31.48 70.42 58.92
C ILE LA 192 32.15 69.12 58.45
N TYR LA 193 32.04 68.05 59.23
CA TYR LA 193 32.70 66.79 58.91
C TYR LA 193 32.03 66.09 57.72
N ASP LA 194 32.65 64.98 57.33
CA ASP LA 194 32.37 64.28 56.08
C ASP LA 194 31.20 63.31 56.20
N ASP LA 195 31.18 62.32 55.31
CA ASP LA 195 30.09 61.41 54.99
C ASP LA 195 29.65 60.45 56.08
N ILE LA 196 30.11 60.63 57.32
CA ILE LA 196 29.66 59.83 58.46
C ILE LA 196 28.14 59.89 58.63
N ASP LA 197 27.51 58.71 58.66
CA ASP LA 197 26.08 58.59 58.85
C ASP LA 197 25.80 58.23 60.31
N ALA LA 198 24.54 57.90 60.61
CA ALA LA 198 24.19 57.46 61.95
C ALA LA 198 24.52 56.00 62.19
N ASP LA 199 25.02 55.28 61.18
CA ASP LA 199 25.49 53.92 61.39
C ASP LA 199 26.98 53.90 61.65
N VAL LA 200 27.73 54.77 60.96
CA VAL LA 200 29.17 54.87 61.17
C VAL LA 200 29.46 55.52 62.52
N LEU LA 201 28.67 56.54 62.88
CA LEU LA 201 28.85 57.19 64.17
C LEU LA 201 28.34 56.30 65.31
N ARG LA 202 27.47 55.34 64.99
CA ARG LA 202 27.06 54.36 65.99
C ARG LA 202 28.22 53.42 66.34
N ASN LA 203 28.96 52.98 65.32
CA ASN LA 203 30.08 52.08 65.55
C ASN LA 203 31.26 52.81 66.19
N TYR LA 204 31.45 54.08 65.83
CA TYR LA 204 32.60 54.83 66.31
C TYR LA 204 32.43 55.26 67.76
N GLN LA 205 31.22 55.74 68.13
CA GLN LA 205 31.00 56.23 69.48
C GLN LA 205 30.99 55.10 70.50
N GLU LA 206 30.73 53.88 70.05
CA GLU LA 206 30.89 52.73 70.93
C GLU LA 206 32.35 52.46 71.23
N TYR LA 207 33.22 52.59 70.22
CA TYR LA 207 34.62 52.22 70.40
C TYR LA 207 35.35 53.19 71.31
N SER LA 208 34.87 54.43 71.40
CA SER LA 208 35.49 55.39 72.31
C SER LA 208 35.04 55.16 73.75
N LEU LA 209 34.00 54.34 73.95
CA LEU LA 209 33.65 53.93 75.30
C LEU LA 209 34.65 52.90 75.83
N ALA LA 210 35.21 52.09 74.94
CA ALA LA 210 36.22 51.12 75.37
C ALA LA 210 37.59 51.77 75.50
N ASN LA 211 37.73 52.99 74.98
CA ASN LA 211 39.03 53.66 75.06
C ASN LA 211 39.09 54.63 76.23
N ILE LA 212 37.93 54.97 76.81
CA ILE LA 212 37.93 55.78 78.02
C ILE LA 212 38.03 54.89 79.25
N ILE LA 213 37.59 53.64 79.14
CA ILE LA 213 37.72 52.70 80.25
C ILE LA 213 39.17 52.22 80.38
N TYR LA 214 39.83 51.96 79.24
CA TYR LA 214 41.22 51.54 79.28
C TYR LA 214 42.14 52.68 79.70
N TYR LA 215 41.75 53.92 79.38
CA TYR LA 215 42.47 55.07 79.92
C TYR LA 215 42.27 55.17 81.42
N SER LA 216 41.05 54.92 81.89
CA SER LA 216 40.74 55.01 83.31
C SER LA 216 41.39 53.87 84.09
N LEU LA 217 41.55 52.72 83.46
CA LEU LA 217 42.05 51.55 84.19
C LEU LA 217 43.56 51.62 84.37
N LYS LA 218 44.25 52.41 83.56
CA LYS LA 218 45.71 52.45 83.63
C LYS LA 218 46.18 53.51 84.61
N GLU LA 219 45.47 54.63 84.71
CA GLU LA 219 45.85 55.66 85.67
C GLU LA 219 45.49 55.23 87.09
N SER LA 220 44.40 54.49 87.25
CA SER LA 220 43.93 54.15 88.60
C SER LA 220 44.75 53.03 89.21
N THR LA 221 45.39 52.20 88.39
CA THR LA 221 46.22 51.15 88.94
C THR LA 221 47.63 51.65 89.23
N THR LA 222 47.93 52.88 88.80
CA THR LA 222 49.19 53.52 89.21
C THR LA 222 48.97 54.37 90.44
N SER LA 223 47.81 55.05 90.52
CA SER LA 223 47.44 55.80 91.72
C SER LA 223 47.31 54.89 92.93
N GLU LA 224 46.78 53.68 92.73
CA GLU LA 224 46.61 52.76 93.84
C GLU LA 224 47.92 52.13 94.25
N GLN LA 225 48.80 51.83 93.29
CA GLN LA 225 49.99 51.06 93.61
C GLN LA 225 51.08 51.95 94.19
N SER LA 226 50.92 53.27 94.09
CA SER LA 226 51.86 54.18 94.73
C SER LA 226 51.43 54.48 96.17
N ALA LA 227 50.13 54.46 96.43
CA ALA LA 227 49.65 54.71 97.78
C ALA LA 227 49.78 53.46 98.64
N ARG LA 228 49.91 52.30 98.02
CA ARG LA 228 50.25 51.10 98.78
C ARG LA 228 51.72 51.13 99.18
N MET LA 229 52.54 51.88 98.45
CA MET LA 229 53.95 52.00 98.79
C MET LA 229 54.15 52.94 99.97
N THR LA 230 53.38 54.01 100.04
CA THR LA 230 53.52 54.97 101.14
C THR LA 230 52.85 54.46 102.41
N ALA LA 231 51.66 53.87 102.29
CA ALA LA 231 50.92 53.47 103.48
C ALA LA 231 51.49 52.22 104.11
N MET LA 232 52.35 51.50 103.40
CA MET LA 232 53.07 50.40 104.02
C MET LA 232 54.43 50.86 104.53
N ASP LA 233 54.78 52.12 104.26
CA ASP LA 233 56.04 52.67 104.76
C ASP LA 233 55.85 53.33 106.11
N ASN LA 234 54.72 54.01 106.30
CA ASN LA 234 54.45 54.62 107.61
C ASN LA 234 53.95 53.58 108.61
N ALA LA 235 53.59 52.38 108.14
CA ALA LA 235 53.22 51.32 109.06
C ALA LA 235 54.44 50.52 109.50
N SER LA 236 55.62 50.89 109.01
CA SER LA 236 56.84 50.26 109.50
C SER LA 236 57.69 51.27 110.26
N LYS LA 237 57.42 52.56 110.07
CA LYS LA 237 58.03 53.57 110.93
C LYS LA 237 57.33 53.63 112.28
N ASN LA 238 56.01 53.54 112.29
CA ASN LA 238 55.26 53.58 113.54
C ASN LA 238 55.40 52.28 114.31
N ALA LA 239 55.75 51.19 113.63
CA ALA LA 239 55.95 49.92 114.33
C ALA LA 239 57.40 49.75 114.75
N SER LA 240 58.30 50.63 114.28
CA SER LA 240 59.66 50.62 114.76
C SER LA 240 59.88 51.72 115.79
N GLU LA 241 59.05 52.76 115.75
CA GLU LA 241 59.04 53.75 116.83
C GLU LA 241 58.45 53.14 118.09
N MET LA 242 57.48 52.24 117.94
CA MET LA 242 56.88 51.57 119.08
C MET LA 242 57.77 50.47 119.61
N ILE LA 243 58.74 50.01 118.82
CA ILE LA 243 59.49 48.81 119.18
C ILE LA 243 60.70 49.18 120.03
N ASP LA 244 61.06 50.47 120.06
CA ASP LA 244 62.15 50.88 120.94
C ASP LA 244 61.63 51.25 122.32
N LYS LA 245 60.41 51.76 122.39
CA LYS LA 245 59.84 52.15 123.69
C LYS LA 245 59.48 50.93 124.53
N LEU LA 246 59.21 49.80 123.88
CA LEU LA 246 58.96 48.57 124.64
C LEU LA 246 60.25 47.84 124.93
N THR LA 247 61.36 48.26 124.31
CA THR LA 247 62.63 47.61 124.59
C THR LA 247 63.25 48.18 125.86
N LEU LA 248 63.00 49.46 126.13
CA LEU LA 248 63.45 50.06 127.39
C LEU LA 248 62.66 49.52 128.56
N THR LA 249 61.35 49.37 128.40
CA THR LA 249 60.51 48.84 129.46
C THR LA 249 60.79 47.36 129.70
N PHE LA 250 61.20 46.64 128.65
CA PHE LA 250 61.61 45.26 128.84
C PHE LA 250 62.93 45.19 129.61
N ASN LA 251 63.78 46.20 129.47
CA ASN LA 251 65.09 46.16 130.10
C ASN LA 251 65.06 46.68 131.52
N ARG LA 252 64.14 47.61 131.83
CA ARG LA 252 63.92 47.98 133.22
C ARG LA 252 63.30 46.82 133.99
N THR LA 253 62.42 46.06 133.35
CA THR LA 253 61.70 45.01 134.05
C THR LA 253 62.55 43.75 134.14
N ARG LA 254 63.50 43.57 133.23
CA ARG LA 254 64.39 42.42 133.32
C ARG LA 254 65.37 42.57 134.48
N GLN LA 255 65.84 43.80 134.71
CA GLN LA 255 66.75 44.04 135.83
C GLN LA 255 66.00 44.00 137.15
N ALA LA 256 64.72 44.38 137.15
CA ALA LA 256 64.00 44.52 138.40
C ALA LA 256 63.57 43.18 138.96
N VAL LA 257 63.61 42.12 138.14
CA VAL LA 257 63.22 40.80 138.61
C VAL LA 257 64.43 40.05 139.16
N ILE LA 258 65.61 40.31 138.59
CA ILE LA 258 66.84 39.77 139.19
C ILE LA 258 67.12 40.46 140.52
N THR LA 259 66.78 41.73 140.63
CA THR LA 259 66.96 42.45 141.88
C THR LA 259 65.97 41.98 142.95
N LYS LA 260 64.73 41.72 142.55
CA LYS LA 260 63.67 41.40 143.52
C LYS LA 260 63.85 40.02 144.11
N GLU LA 261 64.17 39.03 143.27
CA GLU LA 261 64.29 37.66 143.79
C GLU LA 261 65.66 37.42 144.38
N LEU LA 262 66.54 38.43 144.37
CA LEU LA 262 67.79 38.33 145.10
C LEU LA 262 67.59 38.74 146.56
N ILE LA 263 66.66 39.66 146.81
CA ILE LA 263 66.37 40.13 148.15
C ILE LA 263 65.66 39.04 148.95
N GLU LA 264 64.83 38.25 148.28
CA GLU LA 264 64.07 37.20 148.97
C GLU LA 264 64.97 36.07 149.45
N ILE LA 265 66.08 35.82 148.77
CA ILE LA 265 66.99 34.78 149.20
C ILE LA 265 67.84 35.28 150.37
N ILE LA 266 68.25 36.55 150.32
CA ILE LA 266 69.05 37.14 151.38
C ILE LA 266 68.24 37.29 152.65
N SER LA 267 66.98 37.71 152.54
CA SER LA 267 66.11 37.86 153.69
C SER LA 267 65.70 36.50 154.25
N GLY LA 268 65.67 35.47 153.40
CA GLY LA 268 65.36 34.14 153.88
C GLY LA 268 66.50 33.52 154.65
N ALA LA 269 67.74 33.89 154.31
CA ALA LA 269 68.90 33.33 154.98
C ALA LA 269 69.24 34.10 156.24
N ALA LA 270 68.97 35.40 156.25
CA ALA LA 270 69.31 36.22 157.40
C ALA LA 270 68.39 35.93 158.59
N ALA LA 271 67.12 35.64 158.31
CA ALA LA 271 66.16 35.36 159.38
C ALA LA 271 66.31 33.93 159.89
N LEU LA 272 67.19 33.14 159.29
CA LEU LA 272 67.36 31.74 159.65
C LEU LA 272 68.56 31.59 160.56
N GLY MA 1 52.18 67.84 53.42
CA GLY MA 1 52.96 68.84 54.13
C GLY MA 1 52.23 69.42 55.32
N GLN MA 2 52.98 69.62 56.41
CA GLN MA 2 52.49 70.10 57.70
C GLN MA 2 51.35 69.21 58.21
N MET MA 3 51.69 67.93 58.38
CA MET MA 3 50.75 66.90 58.80
C MET MA 3 51.26 66.33 60.12
N SER MA 4 50.44 65.50 60.77
CA SER MA 4 50.84 64.77 61.97
C SER MA 4 50.18 63.40 61.95
N PHE MA 5 51.01 62.35 61.97
CA PHE MA 5 50.53 60.97 61.91
C PHE MA 5 50.89 60.26 63.20
N THR MA 6 49.87 59.72 63.87
CA THR MA 6 50.04 59.03 65.14
C THR MA 6 49.48 57.62 64.99
N PHE MA 7 50.28 56.62 65.36
CA PHE MA 7 49.93 55.22 65.17
C PHE MA 7 50.32 54.46 66.44
N ALA MA 8 49.33 54.07 67.22
CA ALA MA 8 49.54 53.50 68.55
C ALA MA 8 48.71 52.24 68.75
N SER MA 9 49.36 51.17 69.17
CA SER MA 9 48.69 50.02 69.74
C SER MA 9 48.39 50.33 71.20
N PRO MA 10 47.54 49.51 71.88
CA PRO MA 10 47.43 49.64 73.33
C PRO MA 10 48.73 49.48 74.09
N THR MA 11 49.62 48.60 73.64
CA THR MA 11 50.81 48.30 74.42
C THR MA 11 52.06 48.95 73.84
N GLN MA 12 52.02 49.38 72.58
CA GLN MA 12 53.22 49.94 71.96
C GLN MA 12 52.84 51.09 71.03
N VAL MA 13 53.85 51.86 70.64
CA VAL MA 13 53.68 53.08 69.86
C VAL MA 13 54.61 53.02 68.65
N PHE MA 14 54.05 53.24 67.46
CA PHE MA 14 54.87 53.25 66.25
C PHE MA 14 55.27 54.66 65.85
N PHE MA 15 54.29 55.55 65.70
CA PHE MA 15 54.54 56.90 65.23
C PHE MA 15 53.95 57.90 66.20
N ASN MA 16 54.72 58.94 66.53
CA ASN MA 16 54.29 60.02 67.40
C ASN MA 16 54.75 61.34 66.79
N GLY MA 17 53.82 62.07 66.18
CA GLY MA 17 54.13 63.39 65.65
C GLY MA 17 55.05 63.40 64.44
N ALA MA 18 55.20 62.24 63.79
CA ALA MA 18 56.05 62.12 62.61
C ALA MA 18 55.17 61.69 61.45
N ASN MA 19 54.98 62.60 60.49
CA ASN MA 19 54.09 62.36 59.35
C ASN MA 19 54.93 62.14 58.11
N VAL MA 20 54.49 61.23 57.26
CA VAL MA 20 55.09 61.06 55.93
C VAL MA 20 54.00 61.00 54.87
N ARG MA 21 53.43 62.15 54.53
CA ARG MA 21 52.89 62.54 53.22
C ARG MA 21 51.77 61.68 52.60
N GLN MA 22 51.52 60.47 53.09
CA GLN MA 22 50.56 59.55 52.48
C GLN MA 22 50.31 58.39 53.42
N VAL MA 23 49.03 58.15 53.75
CA VAL MA 23 48.62 57.04 54.60
C VAL MA 23 47.50 56.30 53.90
N ASP MA 24 47.60 54.97 53.83
CA ASP MA 24 46.57 54.13 53.21
C ASP MA 24 45.92 53.27 54.27
N VAL MA 25 44.62 53.46 54.48
CA VAL MA 25 43.89 52.83 55.57
C VAL MA 25 42.71 52.05 54.98
N PRO MA 26 42.50 50.79 55.39
CA PRO MA 26 41.28 50.07 54.97
C PRO MA 26 40.06 50.38 55.82
N THR MA 27 39.16 51.17 55.27
CA THR MA 27 37.98 51.67 55.98
C THR MA 27 36.91 50.57 55.96
N GLN MA 28 35.98 50.64 56.94
CA GLN MA 28 34.86 49.70 56.97
C GLN MA 28 33.97 49.84 55.74
N THR MA 29 33.82 51.06 55.23
CA THR MA 29 32.87 51.34 54.16
C THR MA 29 33.62 51.73 52.87
N GLY MA 30 34.79 51.14 52.67
CA GLY MA 30 35.56 51.35 51.47
C GLY MA 30 37.03 51.49 51.80
N ALA MA 31 37.70 52.38 51.08
CA ALA MA 31 39.10 52.70 51.32
C ALA MA 31 39.31 54.16 50.94
N PHE MA 32 40.43 54.72 51.37
CA PHE MA 32 40.75 56.13 51.13
C PHE MA 32 42.25 56.31 51.10
N GLY MA 33 42.67 57.52 50.71
CA GLY MA 33 44.05 57.94 50.83
C GLY MA 33 44.11 59.32 51.47
N ILE MA 34 45.10 59.51 52.32
CA ILE MA 34 45.26 60.77 53.04
C ILE MA 34 46.24 61.62 52.25
N LEU MA 35 45.74 62.72 51.69
CA LEU MA 35 46.52 63.61 50.84
C LEU MA 35 47.19 64.72 51.64
N ALA MA 36 47.26 64.57 52.97
CA ALA MA 36 47.82 65.49 53.97
C ALA MA 36 47.03 66.78 54.13
N SER MA 37 45.98 66.97 53.34
CA SER MA 37 44.96 67.99 53.57
C SER MA 37 43.57 67.46 53.24
N HIS MA 38 43.36 66.17 53.48
CA HIS MA 38 42.12 65.47 53.18
C HIS MA 38 40.94 66.04 53.96
N VAL MA 39 39.76 65.99 53.35
CA VAL MA 39 38.57 66.51 54.01
C VAL MA 39 38.18 65.62 55.19
N PRO MA 40 38.07 66.15 56.41
CA PRO MA 40 38.17 65.31 57.60
C PRO MA 40 36.93 64.44 57.84
N THR MA 41 37.18 63.22 58.30
CA THR MA 41 36.11 62.25 58.54
C THR MA 41 36.42 61.48 59.82
N LEU MA 42 35.46 60.64 60.21
CA LEU MA 42 35.53 59.85 61.45
C LEU MA 42 35.23 58.41 61.10
N GLN MA 43 36.24 57.67 60.66
CA GLN MA 43 35.91 56.35 60.15
C GLN MA 43 36.45 55.25 61.04
N VAL MA 44 35.97 54.05 60.80
CA VAL MA 44 36.29 52.87 61.60
C VAL MA 44 36.79 51.80 60.66
N LEU MA 45 37.46 50.78 61.18
CA LEU MA 45 38.25 49.92 60.33
C LEU MA 45 37.65 48.53 60.15
N ARG MA 46 38.02 47.89 59.03
CA ARG MA 46 37.89 46.52 58.57
C ARG MA 46 39.26 45.83 58.62
N PRO MA 47 39.31 44.50 58.67
CA PRO MA 47 40.62 43.83 58.64
C PRO MA 47 41.32 44.02 57.30
N GLY MA 48 42.51 44.58 57.35
CA GLY MA 48 43.28 44.88 56.17
C GLY MA 48 44.55 45.59 56.53
N LEU MA 49 45.48 45.63 55.57
CA LEU MA 49 46.83 46.12 55.82
C LEU MA 49 46.91 47.62 55.64
N VAL MA 50 47.72 48.26 56.47
CA VAL MA 50 48.02 49.69 56.38
C VAL MA 50 49.43 49.83 55.84
N VAL MA 51 49.56 50.45 54.68
CA VAL MA 51 50.87 50.64 54.05
C VAL MA 51 51.20 52.13 54.13
N VAL MA 52 51.90 52.51 55.19
CA VAL MA 52 52.34 53.89 55.36
C VAL MA 52 53.59 54.09 54.53
N HIS MA 53 53.56 55.07 53.63
CA HIS MA 53 54.69 55.37 52.76
C HIS MA 53 55.58 56.36 53.49
N ALA MA 54 56.73 55.89 53.98
CA ALA MA 54 57.70 56.77 54.61
C ALA MA 54 58.36 57.64 53.55
N GLU MA 55 59.01 58.72 54.00
CA GLU MA 55 59.63 59.63 53.06
C GLU MA 55 60.89 58.96 52.52
N ASP MA 56 61.94 58.90 53.36
CA ASP MA 56 62.77 57.73 53.68
C ASP MA 56 62.85 56.61 52.63
N GLY MA 57 62.85 56.94 51.35
CA GLY MA 57 62.91 55.91 50.32
C GLY MA 57 61.69 55.01 50.14
N THR MA 58 61.32 54.29 51.20
CA THR MA 58 60.45 53.12 51.11
C THR MA 58 59.17 53.31 51.92
N THR MA 59 58.38 52.22 52.00
CA THR MA 59 57.08 52.18 52.65
C THR MA 59 57.18 51.46 53.99
N SER MA 60 56.03 51.24 54.62
CA SER MA 60 55.94 50.51 55.87
C SER MA 60 54.64 49.72 55.90
N LYS MA 61 54.76 48.40 55.81
CA LYS MA 61 53.60 47.53 55.60
C LYS MA 61 53.14 46.95 56.93
N TYR MA 62 52.25 47.67 57.61
CA TYR MA 62 51.59 47.21 58.82
C TYR MA 62 50.28 46.52 58.45
N PHE MA 63 49.68 45.85 59.42
CA PHE MA 63 48.42 45.14 59.22
C PHE MA 63 47.58 45.29 60.49
N VAL MA 64 46.59 46.18 60.46
CA VAL MA 64 45.70 46.41 61.59
C VAL MA 64 44.60 45.37 61.59
N SER MA 65 43.84 45.28 62.68
CA SER MA 65 42.69 44.39 62.75
C SER MA 65 41.37 45.13 62.88
N SER MA 66 41.24 46.00 63.88
CA SER MA 66 40.06 46.85 64.06
C SER MA 66 40.46 48.05 64.91
N GLY MA 67 40.25 49.24 64.39
CA GLY MA 67 40.67 50.46 65.08
C GLY MA 67 39.78 51.63 64.74
N SER MA 68 40.37 52.81 64.59
CA SER MA 68 39.61 54.02 64.29
C SER MA 68 40.54 55.06 63.68
N VAL MA 69 40.14 55.63 62.54
CA VAL MA 69 40.89 56.69 61.88
C VAL MA 69 40.13 58.00 62.07
N THR MA 70 40.79 58.96 62.71
CA THR MA 70 40.22 60.29 62.91
C THR MA 70 41.17 61.30 62.28
N VAL MA 71 40.90 61.69 61.03
CA VAL MA 71 41.52 62.86 60.43
C VAL MA 71 40.66 64.07 60.79
N ASN MA 72 41.30 65.15 61.20
CA ASN MA 72 40.59 66.26 61.84
C ASN MA 72 40.77 67.56 61.06
N ALA MA 73 40.33 68.66 61.67
CA ALA MA 73 40.19 69.94 60.96
C ALA MA 73 41.54 70.51 60.55
N ASP MA 74 42.44 70.71 61.52
CA ASP MA 74 43.83 70.92 61.19
C ASP MA 74 44.42 69.66 60.57
N SER MA 75 45.49 69.83 59.80
CA SER MA 75 46.07 68.71 59.08
C SER MA 75 46.81 67.80 60.06
N SER MA 76 46.08 66.89 60.68
CA SER MA 76 46.63 65.97 61.67
C SER MA 76 45.67 64.81 61.82
N VAL MA 77 46.21 63.60 61.77
CA VAL MA 77 45.42 62.38 61.89
C VAL MA 77 45.79 61.68 63.19
N GLN MA 78 44.92 60.77 63.62
CA GLN MA 78 45.15 59.95 64.82
C GLN MA 78 44.62 58.55 64.50
N LEU MA 79 45.49 57.67 64.05
CA LEU MA 79 45.11 56.30 63.73
C LEU MA 79 45.48 55.40 64.89
N LEU MA 80 44.47 54.94 65.61
CA LEU MA 80 44.64 54.05 66.75
C LEU MA 80 44.06 52.70 66.40
N ALA MA 81 44.80 51.65 66.71
CA ALA MA 81 44.42 50.31 66.31
C ALA MA 81 44.65 49.34 67.46
N GLU MA 82 43.90 48.25 67.47
CA GLU MA 82 44.01 47.28 68.56
C GLU MA 82 45.16 46.30 68.33
N GLU MA 83 45.11 45.56 67.24
CA GLU MA 83 46.14 44.56 66.93
C GLU MA 83 46.87 45.01 65.67
N ALA MA 84 47.91 45.81 65.84
CA ALA MA 84 48.67 46.37 64.74
C ALA MA 84 50.04 45.68 64.72
N VAL MA 85 50.13 44.59 63.97
CA VAL MA 85 51.36 43.84 63.85
C VAL MA 85 51.92 44.02 62.44
N THR MA 86 53.18 43.65 62.25
CA THR MA 86 53.79 43.67 60.94
C THR MA 86 53.51 42.35 60.21
N LEU MA 87 54.24 42.12 59.12
CA LEU MA 87 53.98 40.96 58.29
C LEU MA 87 54.75 39.72 58.76
N ASP MA 88 55.98 39.90 59.23
CA ASP MA 88 56.85 38.76 59.49
C ASP MA 88 56.50 38.01 60.77
N MET MA 89 55.69 38.58 61.65
CA MET MA 89 55.22 37.84 62.81
C MET MA 89 54.11 36.85 62.47
N LEU MA 90 53.49 36.99 61.31
CA LEU MA 90 52.42 36.11 60.87
C LEU MA 90 52.99 34.96 60.04
N ASP MA 91 52.33 33.82 60.11
CA ASP MA 91 52.66 32.68 59.26
C ASP MA 91 51.57 32.49 58.21
N PRO MA 92 51.94 32.37 56.94
CA PRO MA 92 50.93 32.11 55.90
C PRO MA 92 50.36 30.70 55.99
N GLY MA 93 51.15 29.75 56.50
CA GLY MA 93 50.74 28.36 56.44
C GLY MA 93 49.57 28.02 57.34
N VAL MA 94 49.46 28.71 58.47
CA VAL MA 94 48.33 28.47 59.36
C VAL MA 94 47.11 29.27 58.87
N ALA MA 95 47.37 30.32 58.09
CA ALA MA 95 46.28 31.15 57.59
C ALA MA 95 45.54 30.50 56.43
N LYS MA 96 46.19 29.57 55.73
CA LYS MA 96 45.50 28.83 54.67
C LYS MA 96 44.51 27.84 55.27
N ALA MA 97 44.89 27.19 56.36
CA ALA MA 97 44.05 26.13 56.92
C ALA MA 97 42.83 26.68 57.64
N ASN MA 98 42.92 27.91 58.13
CA ASN MA 98 41.86 28.45 58.99
C ASN MA 98 40.66 28.91 58.16
N LEU MA 99 40.83 29.02 56.84
CA LEU MA 99 39.74 29.53 56.00
C LEU MA 99 38.63 28.51 55.85
N GLU MA 100 38.93 27.33 55.29
CA GLU MA 100 37.88 26.42 54.86
C GLU MA 100 37.22 25.71 56.03
N LYS MA 101 37.89 25.66 57.19
CA LYS MA 101 37.26 25.09 58.38
C LYS MA 101 36.12 25.97 58.87
N ALA MA 102 36.27 27.29 58.74
CA ALA MA 102 35.19 28.20 59.11
C ALA MA 102 34.12 28.22 58.03
N GLN MA 103 34.45 27.79 56.81
CA GLN MA 103 33.43 27.61 55.79
C GLN MA 103 32.64 26.32 56.03
N SER MA 104 33.27 25.34 56.70
CA SER MA 104 32.60 24.07 56.95
C SER MA 104 31.55 24.22 58.05
N GLU MA 105 31.78 25.13 59.00
CA GLU MA 105 30.82 25.34 60.06
C GLU MA 105 29.70 26.28 59.60
N LEU MA 106 29.88 26.92 58.45
CA LEU MA 106 28.91 27.91 57.96
C LEU MA 106 27.60 27.24 57.56
N LEU MA 107 27.67 26.07 56.94
CA LEU MA 107 26.45 25.32 56.63
C LEU MA 107 25.88 24.66 57.88
N GLY MA 108 26.74 24.37 58.86
CA GLY MA 108 26.32 23.68 60.06
C GLY MA 108 25.84 24.60 61.18
N ALA MA 109 25.44 25.82 60.83
CA ALA MA 109 24.97 26.78 61.81
C ALA MA 109 23.46 26.85 61.75
N ALA MA 110 22.80 26.44 62.83
CA ALA MA 110 21.34 26.39 62.84
C ALA MA 110 20.71 27.76 63.07
N ASP MA 111 21.30 28.57 63.93
CA ASP MA 111 20.71 29.86 64.28
C ASP MA 111 21.02 30.90 63.20
N GLU MA 112 20.44 32.09 63.38
CA GLU MA 112 20.57 33.17 62.40
C GLU MA 112 21.65 34.16 62.78
N ALA MA 113 21.93 34.31 64.08
CA ALA MA 113 22.97 35.22 64.52
C ALA MA 113 24.28 34.48 64.77
N SER MA 114 24.18 33.20 65.14
CA SER MA 114 25.37 32.36 65.24
C SER MA 114 26.00 32.14 63.87
N ARG MA 115 25.16 32.03 62.83
CA ARG MA 115 25.68 31.99 61.46
C ARG MA 115 26.25 33.34 61.05
N ALA MA 116 25.70 34.43 61.61
CA ALA MA 116 26.23 35.76 61.31
C ALA MA 116 27.59 35.96 61.97
N GLU MA 117 27.85 35.26 63.08
CA GLU MA 117 29.17 35.27 63.69
C GLU MA 117 30.19 34.58 62.80
N ILE MA 118 29.77 33.54 62.10
CA ILE MA 118 30.66 32.79 61.22
C ILE MA 118 31.04 33.62 60.00
N GLN MA 119 30.12 34.50 59.57
CA GLN MA 119 30.40 35.36 58.43
C GLN MA 119 31.43 36.43 58.76
N ILE MA 120 31.53 36.81 60.04
CA ILE MA 120 32.59 37.72 60.46
C ILE MA 120 33.95 37.03 60.39
N ARG MA 121 34.00 35.74 60.75
CA ARG MA 121 35.27 35.05 60.90
C ARG MA 121 35.90 34.74 59.55
N ILE MA 122 35.07 34.46 58.53
CA ILE MA 122 35.62 34.11 57.22
C ILE MA 122 36.14 35.35 56.50
N GLU MA 123 35.61 36.51 56.85
CA GLU MA 123 36.04 37.75 56.19
C GLU MA 123 37.45 38.14 56.63
N ALA MA 124 37.76 37.94 57.92
CA ALA MA 124 39.06 38.34 58.44
C ALA MA 124 40.17 37.44 57.91
N ASN MA 125 39.89 36.15 57.76
CA ASN MA 125 40.90 35.24 57.22
C ASN MA 125 41.04 35.40 55.71
N GLU MA 126 40.02 35.95 55.05
CA GLU MA 126 40.12 36.21 53.62
C GLU MA 126 41.07 37.36 53.34
N ALA MA 127 41.05 38.39 54.18
CA ALA MA 127 42.00 39.49 54.02
C ALA MA 127 43.36 39.10 54.56
N LEU MA 128 43.44 38.01 55.32
CA LEU MA 128 44.71 37.52 55.84
C LEU MA 128 45.57 36.94 54.72
N VAL MA 129 44.97 36.10 53.87
CA VAL MA 129 45.73 35.41 52.83
C VAL MA 129 46.11 36.36 51.70
N LYS MA 130 45.18 37.21 51.27
CA LYS MA 130 45.42 38.07 50.11
C LYS MA 130 46.41 39.18 50.43
N ALA MA 131 46.58 39.51 51.71
CA ALA MA 131 47.63 40.45 52.07
C ALA MA 131 49.00 39.78 52.03
N LEU MA 132 49.03 38.46 52.13
CA LEU MA 132 50.27 37.69 52.08
C LEU MA 132 50.61 37.28 50.67
N VAL NA 1 25.84 49.49 57.38
CA VAL NA 1 25.08 48.27 57.65
C VAL NA 1 25.76 47.09 56.97
N ALA NA 2 25.81 45.95 57.66
CA ALA NA 2 26.39 44.73 57.12
C ALA NA 2 25.62 43.55 57.71
N TYR NA 3 26.21 42.36 57.62
CA TYR NA 3 25.58 41.18 58.20
C TYR NA 3 25.69 41.14 59.71
N TRP NA 4 26.71 41.77 60.28
CA TRP NA 4 26.78 41.87 61.73
C TRP NA 4 25.82 42.95 62.25
N ARG NA 5 25.52 43.94 61.42
CA ARG NA 5 24.34 44.76 61.66
C ARG NA 5 23.10 43.98 61.24
N GLN NA 6 21.93 44.47 61.67
CA GLN NA 6 20.56 44.00 61.40
C GLN NA 6 20.29 42.56 61.86
N ALA NA 7 21.26 41.94 62.55
CA ALA NA 7 21.08 40.65 63.18
C ALA NA 7 21.19 40.72 64.70
N GLY NA 8 21.55 41.88 65.25
CA GLY NA 8 21.64 42.05 66.68
C GLY NA 8 23.02 41.82 67.28
N LEU NA 9 24.02 42.50 66.76
CA LEU NA 9 25.38 42.44 67.28
C LEU NA 9 25.90 43.84 67.60
N SER NA 10 27.06 43.90 68.23
CA SER NA 10 27.72 45.15 68.57
C SER NA 10 29.11 45.17 67.95
N TYR NA 11 29.68 46.37 67.85
CA TYR NA 11 30.97 46.50 67.15
C TYR NA 11 32.11 45.92 67.96
N ILE NA 12 31.96 45.88 69.29
CA ILE NA 12 32.92 45.14 70.12
C ILE NA 12 32.84 43.66 69.82
N ARG NA 13 31.62 43.14 69.63
CA ARG NA 13 31.46 41.73 69.28
C ARG NA 13 31.98 41.46 67.88
N TYR NA 14 31.98 42.46 67.01
CA TYR NA 14 32.73 42.36 65.76
C TYR NA 14 34.22 42.37 66.03
N SER NA 15 34.69 43.30 66.87
CA SER NA 15 36.13 43.53 67.01
C SER NA 15 36.79 42.45 67.85
N GLN NA 16 36.01 41.68 68.59
CA GLN NA 16 36.58 40.57 69.35
C GLN NA 16 36.97 39.42 68.44
N ILE NA 17 36.18 39.15 67.40
CA ILE NA 17 36.41 37.97 66.58
C ILE NA 17 37.52 38.21 65.57
N CYS NA 18 37.55 39.39 64.94
CA CYS NA 18 38.54 39.63 63.90
C CYS NA 18 39.92 39.88 64.49
N ALA NA 19 39.98 40.25 65.77
CA ALA NA 19 41.28 40.39 66.42
C ALA NA 19 41.74 39.05 67.00
N LYS NA 20 40.80 38.15 67.26
CA LYS NA 20 41.16 36.83 67.77
C LYS NA 20 41.78 35.97 66.68
N ALA NA 21 41.41 36.23 65.42
CA ALA NA 21 41.96 35.45 64.31
C ALA NA 21 43.41 35.83 64.03
N VAL NA 22 43.78 37.07 64.32
CA VAL NA 22 45.17 37.50 64.13
C VAL NA 22 46.06 36.85 65.18
N ARG NA 23 45.50 36.56 66.36
CA ARG NA 23 46.28 35.92 67.42
C ARG NA 23 46.40 34.41 67.21
N ASP NA 24 45.66 33.88 66.23
CA ASP NA 24 45.80 32.46 65.91
C ASP NA 24 46.72 32.25 64.72
N ALA NA 25 46.96 33.29 63.92
CA ALA NA 25 47.83 33.15 62.76
C ALA NA 25 49.27 33.51 63.10
N LEU NA 26 49.54 33.83 64.36
CA LEU NA 26 50.89 34.14 64.78
C LEU NA 26 51.71 32.87 64.94
N LYS NA 27 53.03 33.05 65.01
CA LYS NA 27 53.93 31.91 65.13
C LYS NA 27 54.04 31.44 66.59
N ALA NA 28 55.00 30.55 66.83
CA ALA NA 28 55.22 30.06 68.18
C ALA NA 28 55.99 31.07 69.02
N GLU NA 29 56.79 31.92 68.37
CA GLU NA 29 57.56 32.92 69.10
C GLU NA 29 56.67 34.02 69.66
N PHE NA 30 55.81 34.59 68.82
CA PHE NA 30 54.95 35.69 69.21
C PHE NA 30 53.59 35.21 69.70
N LYS NA 31 53.51 34.01 70.28
CA LYS NA 31 52.26 33.54 70.85
C LYS NA 31 52.10 33.99 72.30
N ALA NA 32 53.22 34.32 72.96
CA ALA NA 32 53.15 34.78 74.34
C ALA NA 32 52.60 36.20 74.43
N ASN NA 33 52.82 37.01 73.40
CA ASN NA 33 52.26 38.36 73.39
C ASN NA 33 50.78 38.34 73.06
N ALA NA 34 50.30 37.23 72.49
CA ALA NA 34 48.87 37.02 72.38
C ALA NA 34 48.31 36.48 73.69
N GLU NA 35 49.14 35.78 74.46
CA GLU NA 35 48.76 35.37 75.81
C GLU NA 35 48.85 36.54 76.78
N LYS NA 36 49.62 37.58 76.43
CA LYS NA 36 49.84 38.69 77.34
C LYS NA 36 48.59 39.55 77.51
N THR NA 37 47.95 39.92 76.39
CA THR NA 37 46.81 40.82 76.46
C THR NA 37 45.60 40.11 77.04
N SER NA 38 45.04 39.14 76.28
CA SER NA 38 44.18 38.02 76.73
C SER NA 38 43.17 38.40 77.82
N GLY NA 39 42.54 39.56 77.66
CA GLY NA 39 41.86 40.20 78.78
C GLY NA 39 40.55 39.58 79.23
N SER NA 40 40.58 38.31 79.60
CA SER NA 40 39.43 37.65 80.24
C SER NA 40 39.82 37.36 81.69
N ASN NA 41 39.65 38.38 82.53
CA ASN NA 41 39.84 38.23 83.97
C ASN NA 41 38.77 38.91 84.81
N VAL NA 42 38.02 39.86 84.26
CA VAL NA 42 36.98 40.57 84.99
C VAL NA 42 35.77 39.66 85.16
N LYS NA 43 35.34 39.48 86.41
CA LYS NA 43 34.14 38.71 86.69
C LYS NA 43 32.90 39.57 86.54
N ILE NA 44 31.74 38.90 86.49
CA ILE NA 44 30.45 39.55 86.32
C ILE NA 44 29.62 39.32 87.57
N VAL NA 45 29.17 40.40 88.20
CA VAL NA 45 28.27 40.34 89.35
C VAL NA 45 27.10 41.27 89.06
N LYS NA 46 25.94 40.69 88.78
CA LYS NA 46 24.67 41.39 88.83
C LYS NA 46 23.88 40.84 90.00
N VAL NA 47 23.18 41.73 90.71
CA VAL NA 47 22.55 41.34 91.97
C VAL NA 47 21.32 40.45 91.72
N LYS NA 48 20.75 40.50 90.52
CA LYS NA 48 19.70 39.57 90.14
C LYS NA 48 20.03 38.90 88.81
N PHE OA 1 96.60 46.07 172.55
CA PHE OA 1 96.34 44.99 173.48
C PHE OA 1 97.62 44.26 173.85
N ALA OA 2 97.56 43.45 174.91
CA ALA OA 2 98.67 42.59 175.27
C ALA OA 2 98.44 41.18 174.75
N LYS OA 3 99.51 40.38 174.74
CA LYS OA 3 99.41 39.01 174.28
C LYS OA 3 98.94 38.10 175.41
N LEU OA 4 98.42 36.94 175.03
CA LEU OA 4 97.89 35.98 175.99
C LEU OA 4 98.42 34.59 175.65
N VAL OA 5 98.68 33.81 176.70
CA VAL OA 5 99.25 32.48 176.58
C VAL OA 5 98.19 31.53 176.03
N ARG OA 6 98.59 30.59 175.18
CA ARG OA 6 97.66 29.70 174.52
C ARG OA 6 97.53 28.39 175.30
N PRO OA 7 96.31 27.90 175.49
CA PRO OA 7 96.14 26.63 176.18
C PRO OA 7 96.48 25.47 175.26
N PRO OA 8 96.86 24.32 175.80
CA PRO OA 8 97.27 23.20 174.94
C PRO OA 8 96.13 22.41 174.33
N VAL OA 9 94.88 22.76 174.64
CA VAL OA 9 93.74 22.06 174.04
C VAL OA 9 93.02 22.93 173.02
N GLN OA 10 92.75 24.19 173.40
CA GLN OA 10 92.09 25.20 172.55
C GLN OA 10 90.71 24.75 172.10
N ILE OA 11 89.81 24.63 173.07
CA ILE OA 11 88.40 24.36 172.79
C ILE OA 11 87.70 25.66 172.39
N TYR OA 12 86.48 25.51 171.89
CA TYR OA 12 85.71 26.61 171.34
C TYR OA 12 84.32 26.64 171.96
N GLY OA 13 83.69 27.81 171.88
CA GLY OA 13 82.34 28.04 172.37
C GLY OA 13 82.30 29.21 173.32
N ILE OA 14 81.11 29.49 173.85
CA ILE OA 14 80.96 30.55 174.85
C ILE OA 14 81.53 30.13 176.20
N GLU OA 15 81.76 28.85 176.42
CA GLU OA 15 82.38 28.37 177.65
C GLU OA 15 83.89 28.22 177.51
N GLY OA 16 84.38 28.04 176.27
CA GLY OA 16 85.81 28.02 176.04
C GLY OA 16 86.45 29.40 176.06
N ARG OA 17 85.66 30.44 175.80
CA ARG OA 17 86.18 31.80 175.88
C ARG OA 17 86.44 32.24 177.32
N TYR OA 18 85.79 31.59 178.29
CA TYR OA 18 85.99 31.90 179.70
C TYR OA 18 86.96 30.95 180.38
N ALA OA 19 87.19 29.77 179.81
CA ALA OA 19 88.24 28.90 180.32
C ALA OA 19 89.60 29.21 179.71
N THR OA 20 89.64 30.01 178.65
CA THR OA 20 90.90 30.48 178.07
C THR OA 20 91.35 31.78 178.69
N ALA OA 21 90.42 32.69 178.97
CA ALA OA 21 90.76 33.97 179.57
C ALA OA 21 91.20 33.82 181.01
N LEU OA 22 90.81 32.74 181.69
CA LEU OA 22 91.33 32.46 183.01
C LEU OA 22 92.69 31.77 182.93
N TYR OA 23 92.88 30.94 181.90
CA TYR OA 23 94.17 30.27 181.72
C TYR OA 23 95.25 31.24 181.26
N SER OA 24 94.86 32.37 180.68
CA SER OA 24 95.82 33.39 180.27
C SER OA 24 96.15 34.36 181.39
N ALA OA 25 95.49 34.23 182.53
CA ALA OA 25 95.76 35.07 183.70
C ALA OA 25 96.29 34.27 184.88
N ALA OA 26 96.08 32.96 184.89
CA ALA OA 26 96.57 32.12 185.98
C ALA OA 26 97.84 31.38 185.60
N SER OA 27 98.16 31.26 184.31
CA SER OA 27 99.50 30.85 183.93
C SER OA 27 100.49 31.98 184.18
N LYS OA 28 100.07 33.22 183.95
CA LYS OA 28 100.77 34.36 184.55
C LYS OA 28 100.58 34.31 186.06
N GLN OA 29 101.59 34.78 186.80
CA GLN OA 29 101.67 34.83 188.25
C GLN OA 29 101.69 33.45 188.93
N ASN OA 30 101.74 32.38 188.14
CA ASN OA 30 102.02 31.00 188.58
C ASN OA 30 101.00 30.51 189.61
N LYS OA 31 99.72 30.73 189.30
CA LYS OA 31 98.63 30.37 190.19
C LYS OA 31 97.68 29.34 189.59
N LEU OA 32 98.18 28.48 188.70
CA LEU OA 32 97.32 27.54 187.99
C LEU OA 32 96.80 26.41 188.87
N GLU OA 33 97.42 26.16 190.02
CA GLU OA 33 96.96 25.12 190.92
C GLU OA 33 96.10 25.64 192.06
N GLN OA 34 96.20 26.94 192.38
CA GLN OA 34 95.38 27.55 193.41
C GLN OA 34 93.94 27.77 192.93
N VAL OA 35 93.77 28.14 191.66
CA VAL OA 35 92.44 28.32 191.10
C VAL OA 35 91.72 26.99 190.94
N GLU OA 36 92.46 25.92 190.64
CA GLU OA 36 91.84 24.62 190.39
C GLU OA 36 91.25 24.04 191.67
N LYS OA 37 91.93 24.22 192.79
CA LYS OA 37 91.39 23.77 194.08
C LYS OA 37 90.22 24.62 194.53
N GLU OA 38 90.20 25.90 194.15
CA GLU OA 38 89.06 26.76 194.44
C GLU OA 38 87.87 26.46 193.54
N LEU OA 39 88.12 26.12 192.28
CA LEU OA 39 87.03 25.91 191.34
C LEU OA 39 86.32 24.58 191.57
N LEU OA 40 87.00 23.61 192.19
CA LEU OA 40 86.34 22.36 192.51
C LEU OA 40 85.52 22.45 193.80
N ARG OA 41 85.51 23.59 194.47
CA ARG OA 41 84.65 23.82 195.62
C ARG OA 41 83.59 24.87 195.35
N VAL OA 42 83.74 25.69 194.31
CA VAL OA 42 82.67 26.61 193.94
C VAL OA 42 81.59 25.86 193.16
N ALA OA 43 81.94 24.69 192.61
CA ALA OA 43 80.93 23.82 192.02
C ALA OA 43 80.01 23.24 193.08
N GLN OA 44 80.55 23.00 194.29
CA GLN OA 44 79.72 22.46 195.37
C GLN OA 44 78.79 23.51 195.95
N ILE OA 45 79.27 24.74 196.14
CA ILE OA 45 78.51 25.76 196.85
C ILE OA 45 77.57 26.54 195.95
N LEU OA 46 77.35 26.10 194.71
CA LEU OA 46 76.33 26.71 193.86
C LEU OA 46 75.06 25.87 193.84
N LYS OA 47 75.18 24.54 193.93
CA LYS OA 47 74.05 23.64 193.75
C LYS OA 47 73.34 23.34 195.07
N GLU OA 48 73.01 24.40 195.78
CA GLU OA 48 72.18 24.32 196.98
C GLU OA 48 70.85 25.00 196.65
N PRO OA 49 69.73 24.47 197.15
CA PRO OA 49 68.42 25.03 196.76
C PRO OA 49 68.17 26.46 197.22
N LYS OA 50 68.95 26.97 198.17
CA LYS OA 50 68.91 28.40 198.46
C LYS OA 50 69.64 29.19 197.38
N VAL OA 51 70.73 28.63 196.84
CA VAL OA 51 71.60 29.37 195.93
C VAL OA 51 71.40 28.96 194.47
N ALA OA 52 70.97 27.72 194.19
CA ALA OA 52 70.60 27.35 192.82
C ALA OA 52 69.34 28.07 192.39
N ALA OA 53 68.45 28.37 193.33
CA ALA OA 53 67.37 29.29 193.06
C ALA OA 53 67.90 30.72 193.05
N SER OA 54 67.15 31.59 192.36
CA SER OA 54 67.40 33.04 192.25
C SER OA 54 68.75 33.36 191.60
N ILE OA 55 69.31 32.43 190.85
CA ILE OA 55 70.37 32.72 189.89
C ILE OA 55 69.91 32.44 188.45
N MET OA 56 69.06 31.43 188.28
CA MET OA 56 68.38 31.20 187.02
C MET OA 56 67.00 31.85 186.97
N ASN OA 57 66.49 32.30 188.10
CA ASN OA 57 65.23 33.02 188.15
C ASN OA 57 65.40 34.40 187.51
N PRO OA 58 64.75 34.68 186.39
CA PRO OA 58 65.07 35.92 185.66
C PRO OA 58 64.48 37.18 186.27
N TYR OA 59 63.51 37.05 187.17
CA TYR OA 59 62.81 38.22 187.73
C TYR OA 59 63.39 38.64 189.07
N VAL OA 60 64.71 38.87 189.17
CA VAL OA 60 65.19 39.48 190.40
C VAL OA 60 65.71 40.87 190.10
N LYS OA 61 66.92 40.95 189.52
CA LYS OA 61 67.61 42.08 188.90
C LYS OA 61 68.99 41.58 188.49
N ARG OA 62 69.79 42.44 187.85
CA ARG OA 62 71.19 42.09 187.67
C ARG OA 62 72.03 42.45 188.89
N SER OA 63 71.75 43.61 189.51
CA SER OA 63 72.68 44.14 190.51
C SER OA 63 72.54 43.46 191.86
N VAL OA 64 71.31 43.10 192.26
CA VAL OA 64 71.14 42.43 193.56
C VAL OA 64 71.51 40.95 193.50
N LYS OA 65 71.62 40.38 192.31
CA LYS OA 65 72.20 39.06 192.16
C LYS OA 65 73.71 39.10 192.19
N VAL OA 66 74.31 40.27 192.00
CA VAL OA 66 75.75 40.45 192.19
C VAL OA 66 76.08 40.61 193.66
N LYS OA 67 75.32 41.45 194.37
CA LYS OA 67 75.60 41.72 195.78
C LYS OA 67 75.31 40.51 196.66
N SER OA 68 74.37 39.65 196.25
CA SER OA 68 74.18 38.37 196.95
C SER OA 68 75.25 37.36 196.62
N LEU OA 69 76.14 37.67 195.67
CA LEU OA 69 77.26 36.83 195.30
C LEU OA 69 78.60 37.49 195.53
N SER OA 70 78.62 38.82 195.68
CA SER OA 70 79.89 39.51 195.93
C SER OA 70 80.33 39.38 197.38
N ASP OA 71 79.39 39.12 198.30
CA ASP OA 71 79.78 38.84 199.68
C ASP OA 71 79.93 37.34 199.94
N MET OA 72 79.26 36.52 199.14
CA MET OA 72 79.34 35.07 199.31
C MET OA 72 80.71 34.55 198.91
N THR OA 73 81.31 35.14 197.88
CA THR OA 73 82.66 34.77 197.49
C THR OA 73 83.73 35.53 198.28
N ALA OA 74 83.34 36.51 199.08
CA ALA OA 74 84.31 37.30 199.83
C ALA OA 74 84.52 36.78 201.25
N LYS OA 75 83.47 36.24 201.87
CA LYS OA 75 83.55 35.91 203.29
C LYS OA 75 84.21 34.56 203.55
N GLU OA 76 84.10 33.58 202.66
CA GLU OA 76 84.45 32.21 203.02
C GLU OA 76 85.95 31.94 202.88
N LYS OA 77 86.46 31.99 201.65
CA LYS OA 77 87.87 31.68 201.41
C LYS OA 77 88.57 32.63 200.45
N PHE OA 78 87.86 33.23 199.50
CA PHE OA 78 88.47 33.76 198.29
C PHE OA 78 88.64 35.27 198.35
N SER OA 79 89.87 35.74 198.13
CA SER OA 79 90.04 37.04 197.48
C SER OA 79 91.12 37.05 196.39
N PRO OA 80 91.17 36.07 195.43
CA PRO OA 80 92.17 36.17 194.36
C PRO OA 80 91.59 36.94 193.19
N LEU OA 81 92.27 36.85 192.04
CA LEU OA 81 91.68 37.25 190.76
C LEU OA 81 90.38 36.51 190.44
N THR OA 82 90.15 35.31 191.00
CA THR OA 82 88.96 34.53 190.66
C THR OA 82 87.67 35.14 191.20
N SER OA 83 87.77 36.03 192.18
CA SER OA 83 86.58 36.72 192.65
C SER OA 83 86.07 37.72 191.62
N ASN OA 84 86.95 38.21 190.75
CA ASN OA 84 86.49 39.03 189.63
C ASN OA 84 85.80 38.19 188.56
N LEU OA 85 86.14 36.90 188.48
CA LEU OA 85 85.54 36.02 187.48
C LEU OA 85 84.08 35.77 187.77
N ILE OA 86 83.75 35.46 189.03
CA ILE OA 86 82.35 35.33 189.43
C ILE OA 86 81.64 36.67 189.34
N ASN OA 87 82.36 37.77 189.59
CA ASN OA 87 81.81 39.10 189.42
C ASN OA 87 81.56 39.42 187.95
N LEU OA 88 82.32 38.82 187.04
CA LEU OA 88 82.15 39.11 185.62
C LEU OA 88 81.10 38.19 184.99
N LEU OA 89 80.96 36.97 185.51
CA LEU OA 89 79.93 36.06 185.01
C LEU OA 89 78.53 36.54 185.36
N ALA OA 90 78.37 37.20 186.51
CA ALA OA 90 77.07 37.69 186.91
C ALA OA 90 76.69 38.99 186.22
N GLU OA 91 77.67 39.73 185.69
CA GLU OA 91 77.35 40.95 184.95
C GLU OA 91 76.86 40.63 183.56
N ASN OA 92 77.46 39.64 182.91
CA ASN OA 92 77.15 39.29 181.53
C ASN OA 92 75.95 38.36 181.41
N GLY OA 93 75.30 38.02 182.52
CA GLY OA 93 74.19 37.10 182.48
C GLY OA 93 74.56 35.65 182.25
N ARG OA 94 75.86 35.33 182.27
CA ARG OA 94 76.35 33.99 181.96
C ARG OA 94 76.53 33.16 183.21
N LEU OA 95 75.77 33.46 184.27
CA LEU OA 95 75.89 32.70 185.51
C LEU OA 95 75.29 31.30 185.39
N SER OA 96 74.47 31.05 184.38
CA SER OA 96 73.93 29.72 184.16
C SER OA 96 74.98 28.76 183.63
N SER OA 97 75.96 29.27 182.86
CA SER OA 97 76.97 28.44 182.22
C SER OA 97 78.21 28.23 183.07
N THR OA 98 78.11 28.49 184.37
CA THR OA 98 79.23 28.27 185.29
C THR OA 98 79.68 26.81 185.47
N PRO OA 99 78.82 25.78 185.39
CA PRO OA 99 79.39 24.43 185.31
C PRO OA 99 80.09 24.15 183.99
N GLY OA 100 79.73 24.85 182.92
CA GLY OA 100 80.43 24.68 181.65
C GLY OA 100 81.84 25.23 181.66
N VAL OA 101 82.07 26.33 182.38
CA VAL OA 101 83.40 26.92 182.47
C VAL OA 101 84.29 26.08 183.38
N ILE OA 102 83.72 25.54 184.45
CA ILE OA 102 84.48 24.76 185.42
C ILE OA 102 84.90 23.42 184.82
N SER OA 103 83.96 22.73 184.18
CA SER OA 103 84.26 21.43 183.58
C SER OA 103 85.21 21.53 182.40
N ALA OA 104 85.22 22.68 181.71
CA ALA OA 104 86.20 22.89 180.65
C ALA OA 104 87.59 23.11 181.23
N PHE OA 105 87.67 23.74 182.40
CA PHE OA 105 88.96 24.13 182.96
C PHE OA 105 89.72 22.93 183.49
N SER OA 106 89.00 21.90 183.95
CA SER OA 106 89.65 20.71 184.48
C SER OA 106 90.38 19.92 183.40
N THR OA 107 89.79 19.78 182.22
CA THR OA 107 90.46 19.11 181.11
C THR OA 107 91.54 19.97 180.48
N MET OA 108 91.39 21.29 180.52
CA MET OA 108 92.46 22.18 180.08
C MET OA 108 93.64 22.17 181.03
N MET OA 109 93.39 21.92 182.32
CA MET OA 109 94.44 21.73 183.31
C MET OA 109 94.88 20.28 183.42
N SER OA 110 94.07 19.34 182.91
CA SER OA 110 94.45 17.93 182.89
C SER OA 110 95.65 17.72 181.98
N VAL OA 111 95.58 18.27 180.76
CA VAL OA 111 96.57 18.07 179.69
C VAL OA 111 97.95 18.61 180.07
N HIS OA 112 98.01 19.43 181.14
CA HIS OA 112 99.29 19.84 181.69
C HIS OA 112 100.00 18.66 182.35
N ARG OA 113 99.26 17.60 182.72
CA ARG OA 113 99.85 16.35 183.15
C ARG OA 113 99.13 15.12 182.59
N GLY OA 114 98.05 15.29 181.83
CA GLY OA 114 97.21 14.19 181.41
C GLY OA 114 97.50 13.68 180.01
N GLU OA 115 96.77 12.62 179.65
CA GLU OA 115 97.18 11.74 178.56
C GLU OA 115 96.08 11.37 177.58
N VAL OA 116 94.86 11.93 177.73
CA VAL OA 116 93.68 11.66 176.90
C VAL OA 116 93.38 10.17 176.87
N PRO OA 117 92.70 9.64 177.91
CA PRO OA 117 92.69 8.20 178.21
C PRO OA 117 92.11 7.32 177.11
N CYS OA 118 92.30 6.02 177.31
CA CYS OA 118 92.03 5.01 176.31
C CYS OA 118 90.60 4.48 176.43
N SER OA 119 90.26 3.52 175.57
CA SER OA 119 88.94 2.88 175.59
C SER OA 119 89.11 1.47 175.01
N VAL OA 120 89.06 0.47 175.89
CA VAL OA 120 89.06 -0.93 175.48
C VAL OA 120 87.68 -1.49 175.72
N THR OA 121 86.94 -1.75 174.64
CA THR OA 121 85.53 -2.15 174.72
C THR OA 121 85.37 -3.49 174.02
N THR OA 122 85.58 -4.59 174.75
CA THR OA 122 85.48 -5.92 174.18
C THR OA 122 84.44 -6.82 174.85
N ALA OA 123 84.52 -7.01 176.17
CA ALA OA 123 83.79 -8.07 176.85
C ALA OA 123 83.84 -7.88 178.36
N SER OA 124 83.47 -8.92 179.11
CA SER OA 124 83.61 -9.05 180.56
C SER OA 124 85.04 -8.77 181.00
N PRO OA 125 85.25 -8.27 182.23
CA PRO OA 125 86.62 -8.00 182.68
C PRO OA 125 87.41 -9.28 182.91
N LEU OA 126 88.65 -9.27 182.44
CA LEU OA 126 89.53 -10.42 182.45
C LEU OA 126 90.47 -10.36 183.65
N ASP OA 127 91.46 -11.26 183.64
CA ASP OA 127 92.36 -11.42 184.77
C ASP OA 127 93.36 -10.27 184.84
N GLU OA 128 94.19 -10.30 185.89
CA GLU OA 128 95.05 -9.18 186.18
C GLU OA 128 96.27 -9.12 185.25
N ALA OA 129 96.73 -10.28 184.76
CA ALA OA 129 97.94 -10.31 183.94
C ALA OA 129 97.71 -9.69 182.57
N THR OA 130 96.50 -9.79 182.04
CA THR OA 130 96.18 -9.13 180.77
C THR OA 130 96.05 -7.63 180.93
N LEU OA 131 95.65 -7.15 182.11
CA LEU OA 131 95.49 -5.72 182.32
C LEU OA 131 96.84 -5.04 182.53
N THR OA 132 97.74 -5.65 183.31
CA THR OA 132 99.03 -5.04 183.56
C THR OA 132 99.94 -5.09 182.33
N GLU OA 133 99.69 -6.00 181.40
CA GLU OA 133 100.52 -6.05 180.20
C GLU OA 133 100.17 -4.93 179.24
N LEU OA 134 98.87 -4.60 179.10
CA LEU OA 134 98.50 -3.48 178.26
C LEU OA 134 98.83 -2.15 178.91
N LYS OA 135 98.82 -2.08 180.24
CA LYS OA 135 99.22 -0.86 180.92
C LYS OA 135 100.72 -0.62 180.88
N THR OA 136 101.52 -1.64 180.56
CA THR OA 136 102.96 -1.48 180.46
C THR OA 136 103.50 -1.51 179.04
N VAL OA 137 102.64 -1.68 178.03
CA VAL OA 137 103.05 -1.42 176.66
C VAL OA 137 102.54 -0.04 176.21
N LEU OA 138 101.40 0.40 176.72
CA LEU OA 138 100.89 1.73 176.40
C LEU OA 138 101.71 2.82 177.06
N LYS OA 139 102.40 2.50 178.16
CA LYS OA 139 103.35 3.43 178.75
C LYS OA 139 104.55 3.65 177.83
N SER OA 140 104.91 2.65 177.03
CA SER OA 140 105.97 2.78 176.05
C SER OA 140 105.56 3.60 174.83
N PHE OA 141 104.26 3.84 174.64
CA PHE OA 141 103.77 4.55 173.47
C PHE OA 141 103.64 6.05 173.68
N LEU OA 142 103.43 6.50 174.92
CA LEU OA 142 103.20 7.92 175.16
C LEU OA 142 104.48 8.72 174.98
N SER OA 143 105.58 8.26 175.58
CA SER OA 143 106.92 8.87 175.49
C SER OA 143 106.92 10.32 175.97
N LYS OA 144 106.13 10.61 177.00
CA LYS OA 144 105.98 11.97 177.50
C LYS OA 144 106.11 12.09 179.02
N GLY OA 145 106.40 11.01 179.74
CA GLY OA 145 106.64 11.06 181.17
C GLY OA 145 105.39 11.35 181.98
N GLN OA 146 104.26 10.82 181.54
CA GLN OA 146 102.97 11.11 182.17
C GLN OA 146 102.22 9.80 182.41
N ILE OA 147 101.68 9.66 183.61
CA ILE OA 147 101.10 8.39 184.07
C ILE OA 147 99.70 8.26 183.51
N LEU OA 148 99.54 7.38 182.51
CA LEU OA 148 98.31 7.31 181.73
C LEU OA 148 97.15 6.76 182.55
N LYS OA 149 95.97 7.35 182.35
CA LYS OA 149 94.72 6.84 182.87
C LYS OA 149 93.99 6.09 181.76
N LEU OA 150 93.00 5.29 182.16
CA LEU OA 150 92.35 4.39 181.22
C LEU OA 150 90.96 4.06 181.72
N GLU OA 151 90.05 3.78 180.78
CA GLU OA 151 88.71 3.32 181.09
C GLU OA 151 88.43 2.04 180.32
N VAL OA 152 87.63 1.16 180.91
CA VAL OA 152 87.21 -0.08 180.28
C VAL OA 152 85.69 -0.09 180.21
N LYS OA 153 85.15 -0.40 179.03
CA LYS OA 153 83.71 -0.50 178.83
C LYS OA 153 83.38 -1.89 178.34
N VAL OA 154 82.15 -2.32 178.57
CA VAL OA 154 81.67 -3.65 178.16
C VAL OA 154 80.71 -3.47 177.00
N ASP OA 155 81.02 -4.08 175.86
CA ASP OA 155 80.13 -4.07 174.71
C ASP OA 155 80.18 -5.42 174.02
N PRO OA 156 79.12 -6.24 174.13
CA PRO OA 156 79.16 -7.59 173.59
C PRO OA 156 78.88 -7.70 172.10
N SER OA 157 78.59 -6.58 171.42
CA SER OA 157 78.26 -6.65 170.00
C SER OA 157 79.49 -6.98 169.15
N ILE OA 158 80.68 -6.63 169.64
CA ILE OA 158 81.90 -7.10 169.00
C ILE OA 158 82.10 -8.57 169.35
N MET OA 159 82.37 -9.38 168.33
CA MET OA 159 82.32 -10.85 168.47
C MET OA 159 83.41 -11.41 169.36
N GLY OA 160 84.66 -11.23 168.98
CA GLY OA 160 85.75 -11.78 169.78
C GLY OA 160 86.95 -10.86 169.89
N GLY OA 161 86.90 -9.70 169.25
CA GLY OA 161 88.03 -8.80 169.21
C GLY OA 161 87.85 -7.60 170.14
N MET OA 162 88.77 -6.65 170.00
CA MET OA 162 88.81 -5.45 170.83
C MET OA 162 89.25 -4.26 170.01
N ILE OA 163 88.71 -3.08 170.31
CA ILE OA 163 89.17 -1.84 169.73
C ILE OA 163 89.87 -1.03 170.80
N VAL OA 164 90.95 -0.36 170.43
CA VAL OA 164 91.79 0.38 171.36
C VAL OA 164 92.04 1.76 170.75
N ARG OA 165 91.84 2.80 171.54
CA ARG OA 165 92.13 4.16 171.12
C ARG OA 165 93.19 4.75 172.05
N ILE OA 166 94.17 5.45 171.50
CA ILE OA 166 95.18 6.13 172.29
C ILE OA 166 95.08 7.60 171.92
N GLY OA 167 94.23 8.35 172.61
CA GLY OA 167 94.08 9.74 172.25
C GLY OA 167 93.19 9.86 171.03
N GLU OA 168 93.82 10.01 169.87
CA GLU OA 168 93.14 10.09 168.58
C GLU OA 168 93.83 9.15 167.59
N LYS OA 169 94.01 7.89 167.97
CA LYS OA 169 94.73 6.94 167.13
C LYS OA 169 93.85 5.81 166.60
N TYR OA 170 93.19 5.08 167.50
CA TYR OA 170 92.12 4.12 167.17
C TYR OA 170 92.60 3.00 166.24
N VAL OA 171 93.43 2.11 166.80
CA VAL OA 171 93.64 0.82 166.15
C VAL OA 171 92.37 -0.01 166.25
N ASP OA 172 92.32 -1.07 165.45
CA ASP OA 172 91.07 -1.81 165.30
C ASP OA 172 91.34 -3.28 165.03
N MET OA 173 90.84 -4.14 165.91
CA MET OA 173 90.89 -5.59 165.71
C MET OA 173 89.60 -6.18 166.22
N SER OA 174 88.58 -6.26 165.37
CA SER OA 174 87.23 -6.50 165.85
C SER OA 174 86.46 -7.28 164.78
N ALA OA 175 85.13 -7.24 164.86
CA ALA OA 175 84.23 -7.91 163.93
C ALA OA 175 84.24 -7.30 162.52
N LYS OA 176 84.96 -6.20 162.30
CA LYS OA 176 85.13 -5.65 160.95
C LYS OA 176 86.04 -6.50 160.08
N THR OA 177 86.70 -7.51 160.65
CA THR OA 177 87.39 -8.51 159.84
C THR OA 177 86.42 -9.53 159.27
N LYS OA 178 85.16 -9.52 159.73
CA LYS OA 178 84.13 -10.28 159.05
C LYS OA 178 83.52 -9.47 157.92
N ILE OA 179 83.50 -8.15 158.04
CA ILE OA 179 82.99 -7.29 156.97
C ILE OA 179 84.01 -7.18 155.84
N GLN OA 180 85.27 -7.52 156.10
CA GLN OA 180 86.28 -7.60 155.05
C GLN OA 180 86.17 -8.86 154.20
N LYS OA 181 85.12 -9.66 154.36
CA LYS OA 181 84.84 -10.80 153.50
C LYS OA 181 84.00 -10.44 152.29
N LEU OA 182 83.90 -9.15 151.95
CA LEU OA 182 83.28 -8.76 150.69
C LEU OA 182 84.20 -8.99 149.50
N SER OA 183 85.47 -9.32 149.75
CA SER OA 183 86.38 -9.72 148.68
C SER OA 183 86.01 -11.07 148.09
N ARG OA 184 85.22 -11.87 148.80
CA ARG OA 184 84.61 -13.06 148.22
C ARG OA 184 83.45 -12.72 147.29
N ALA OA 185 82.90 -11.51 147.39
CA ALA OA 185 81.77 -11.07 146.58
C ALA OA 185 82.13 -9.97 145.61
N MET OA 186 82.67 -8.85 146.10
CA MET OA 186 83.02 -7.74 145.23
C MET OA 186 84.29 -8.04 144.42
N ARG OA 187 85.16 -8.88 144.97
CA ARG OA 187 86.38 -9.40 144.33
C ARG OA 187 87.33 -8.30 143.85
N PRO PA 1 50.22 77.76 26.08
CA PRO PA 1 51.50 77.40 26.69
C PRO PA 1 52.67 78.18 26.10
N PRO PA 2 53.18 79.17 26.83
CA PRO PA 2 54.33 79.93 26.32
C PRO PA 2 55.64 79.14 26.38
N LEU PA 3 55.87 78.43 27.48
CA LEU PA 3 57.11 77.66 27.62
C LEU PA 3 57.18 76.45 26.70
N PRO PA 4 56.06 75.83 26.30
CA PRO PA 4 56.17 74.58 25.53
C PRO PA 4 56.45 74.81 24.04
N GLU PA 5 56.02 75.94 23.48
CA GLU PA 5 56.26 76.20 22.07
C GLU PA 5 57.73 76.50 21.81
N HIS PA 6 58.41 77.13 22.77
CA HIS PA 6 59.85 77.32 22.66
C HIS PA 6 60.59 76.01 22.92
N GLY PA 7 59.96 75.10 23.66
CA GLY PA 7 60.61 73.83 23.98
C GLY PA 7 60.78 72.92 22.77
N GLY PA 8 59.85 73.02 21.81
CA GLY PA 8 60.11 72.44 20.51
C GLY PA 8 60.97 73.34 19.63
N LYS PA 9 60.89 74.66 19.85
CA LYS PA 9 61.71 75.58 19.08
C LYS PA 9 63.17 75.53 19.51
N VAL PA 10 63.40 75.23 20.80
CA VAL PA 10 64.77 74.95 21.25
C VAL PA 10 65.22 73.60 20.71
N ARG PA 11 64.27 72.69 20.50
CA ARG PA 11 64.58 71.45 19.79
C ARG PA 11 64.76 71.73 18.31
N LEU PA 12 64.13 72.77 17.78
CA LEU PA 12 64.35 73.16 16.40
C LEU PA 12 65.74 73.77 16.21
N GLY PA 13 66.24 74.45 17.24
CA GLY PA 13 67.64 74.85 17.22
C GLY PA 13 68.57 73.70 17.54
N LEU PA 14 68.04 72.66 18.21
CA LEU PA 14 68.86 71.49 18.52
C LEU PA 14 68.96 70.55 17.32
N ILE PA 15 67.83 70.29 16.66
CA ILE PA 15 67.84 69.39 15.49
C ILE PA 15 68.56 70.02 14.32
N PRO PA 16 68.61 71.35 14.16
CA PRO PA 16 69.37 71.92 13.03
C PRO PA 16 70.88 71.78 13.20
N GLU PA 17 71.36 71.71 14.44
CA GLU PA 17 72.79 71.49 14.68
C GLU PA 17 73.14 70.01 14.66
N GLU PA 18 72.23 69.15 15.12
CA GLU PA 18 72.47 67.71 15.07
C GLU PA 18 72.39 67.20 13.64
N PHE PA 19 71.57 67.84 12.80
CA PHE PA 19 71.59 67.53 11.38
C PHE PA 19 72.86 68.11 10.73
N PHE PA 20 73.41 69.16 11.31
CA PHE PA 20 74.65 69.73 10.79
C PHE PA 20 75.84 68.87 11.15
N GLN PA 21 75.84 68.29 12.36
CA GLN PA 21 76.91 67.36 12.73
C GLN PA 21 76.76 66.04 11.98
N PHE PA 22 75.53 65.64 11.68
CA PHE PA 22 75.31 64.47 10.82
C PHE PA 22 75.73 64.79 9.38
N LEU PA 23 75.62 66.05 8.98
CA LEU PA 23 76.13 66.46 7.67
C LEU PA 23 77.64 66.46 7.65
N TYR PA 24 78.26 66.63 8.81
CA TYR PA 24 79.71 66.43 8.90
C TYR PA 24 80.10 64.98 8.74
N PRO PA 25 79.25 64.00 9.07
CA PRO PA 25 79.62 62.60 8.80
C PRO PA 25 79.62 62.27 7.31
N LYS PA 26 78.73 62.89 6.55
CA LYS PA 26 78.75 62.72 5.09
C LYS PA 26 79.92 63.47 4.47
N THR PA 27 80.39 64.53 5.12
CA THR PA 27 81.59 65.21 4.65
C THR PA 27 82.82 64.36 4.85
N GLY PA 28 82.77 63.41 5.79
CA GLY PA 28 83.81 62.41 5.90
C GLY PA 28 83.66 61.32 4.85
N VAL PA 29 82.50 61.25 4.22
CA VAL PA 29 82.31 60.32 3.11
C VAL PA 29 82.35 61.05 1.78
N THR PA 30 83.08 62.17 1.72
CA THR PA 30 83.20 62.92 0.47
C THR PA 30 84.02 62.15 -0.56
N GLY PA 31 85.02 61.38 -0.10
CA GLY PA 31 85.80 60.54 -0.97
C GLY PA 31 85.50 59.06 -0.92
N PRO PA 32 85.32 58.47 0.26
CA PRO PA 32 85.45 57.01 0.38
C PRO PA 32 84.16 56.20 0.25
N TYR PA 33 83.05 56.81 -0.19
CA TYR PA 33 81.76 56.12 -0.21
C TYR PA 33 81.42 55.59 -1.61
N VAL PA 34 81.28 54.27 -1.72
CA VAL PA 34 81.02 53.63 -3.01
C VAL PA 34 79.84 52.68 -2.90
N LEU PA 35 79.02 52.84 -1.85
CA LEU PA 35 77.91 51.91 -1.60
C LEU PA 35 76.56 52.45 -2.09
N GLY PA 36 76.16 53.63 -1.62
CA GLY PA 36 74.82 54.12 -1.89
C GLY PA 36 74.60 54.49 -3.35
N THR PA 37 75.64 55.03 -4.00
CA THR PA 37 75.47 55.54 -5.36
C THR PA 37 75.41 54.41 -6.39
N GLY PA 38 75.64 53.17 -5.95
CA GLY PA 38 75.33 52.04 -6.81
C GLY PA 38 73.85 51.71 -6.81
N LEU PA 39 73.17 51.95 -5.68
CA LEU PA 39 71.79 51.51 -5.55
C LEU PA 39 70.81 52.68 -5.48
N ILE PA 40 71.31 53.91 -5.55
CA ILE PA 40 70.41 55.06 -5.49
C ILE PA 40 69.72 55.28 -6.83
N LEU PA 41 70.09 54.51 -7.84
CA LEU PA 41 69.50 54.67 -9.16
C LEU PA 41 68.23 53.85 -9.31
N TYR PA 42 68.23 52.62 -8.77
CA TYR PA 42 67.06 51.77 -8.88
C TYR PA 42 65.90 52.33 -8.09
N LEU PA 43 66.20 53.07 -7.02
CA LEU PA 43 65.16 53.81 -6.31
C LEU PA 43 64.92 55.16 -6.97
N LEU PA 44 65.69 55.49 -8.00
CA LEU PA 44 65.38 56.69 -8.78
C LEU PA 44 64.75 56.32 -10.13
N SER PA 45 64.96 55.09 -10.59
CA SER PA 45 64.35 54.65 -11.84
C SER PA 45 62.96 54.08 -11.60
N LYS PA 46 62.82 53.24 -10.57
CA LYS PA 46 61.50 52.68 -10.25
C LYS PA 46 60.57 53.76 -9.72
N GLU PA 47 61.12 54.79 -9.07
CA GLU PA 47 60.31 55.93 -8.68
C GLU PA 47 59.93 56.77 -9.88
N ILE PA 48 60.62 56.56 -11.00
CA ILE PA 48 60.19 57.14 -12.26
C ILE PA 48 59.23 56.18 -12.98
N TYR PA 49 58.94 55.02 -12.41
CA TYR PA 49 57.98 54.13 -13.07
C TYR PA 49 56.58 54.23 -12.47
N VAL PA 50 56.39 53.70 -11.25
CA VAL PA 50 55.01 53.45 -10.82
C VAL PA 50 54.66 53.74 -9.37
N ILE PA 51 55.64 54.08 -8.53
CA ILE PA 51 55.50 53.79 -7.11
C ILE PA 51 54.73 54.86 -6.36
N THR PA 52 54.15 55.84 -7.07
CA THR PA 52 53.39 56.88 -6.40
C THR PA 52 51.90 56.53 -6.37
N ALA PA 53 51.30 56.62 -5.17
CA ALA PA 53 49.89 56.32 -4.95
C ALA PA 53 49.44 56.99 -3.66
N GLU PA 54 48.32 56.52 -3.12
CA GLU PA 54 47.88 56.88 -1.77
C GLU PA 54 48.56 55.99 -0.72
N THR PA 55 49.87 56.17 -0.62
CA THR PA 55 50.68 55.44 0.34
C THR PA 55 51.71 56.35 0.96
N PHE PA 56 51.27 57.53 1.43
CA PHE PA 56 52.06 58.26 2.41
C PHE PA 56 51.83 57.68 3.80
N SER PA 57 50.85 56.79 3.95
CA SER PA 57 50.70 56.01 5.17
C SER PA 57 51.58 54.77 5.12
N ALA PA 58 52.40 54.65 4.09
CA ALA PA 58 53.44 53.62 4.09
C ALA PA 58 54.60 54.04 4.99
N ILE PA 59 54.91 55.34 5.01
CA ILE PA 59 56.04 55.81 5.80
C ILE PA 59 55.68 55.86 7.27
N SER PA 60 54.43 56.23 7.59
CA SER PA 60 54.04 56.43 8.97
C SER PA 60 53.84 55.12 9.70
N THR PA 61 53.62 54.03 8.96
CA THR PA 61 53.63 52.71 9.58
C THR PA 61 55.03 52.14 9.59
N ILE PA 62 55.97 52.83 8.93
CA ILE PA 62 57.39 52.49 9.04
C ILE PA 62 58.10 53.50 9.94
N GLY PA 63 57.48 54.66 10.17
CA GLY PA 63 58.06 55.61 11.11
C GLY PA 63 57.81 55.23 12.55
N VAL PA 64 56.63 54.69 12.84
CA VAL PA 64 56.32 54.23 14.19
C VAL PA 64 57.15 53.01 14.55
N LEU PA 65 57.46 52.18 13.55
CA LEU PA 65 58.32 51.03 13.81
C LEU PA 65 59.79 51.40 13.99
N VAL PA 66 60.13 52.68 13.83
CA VAL PA 66 61.48 53.11 14.18
C VAL PA 66 61.57 53.48 15.66
N TYR PA 67 60.49 54.08 16.21
CA TYR PA 67 60.46 54.45 17.63
C TYR PA 67 60.49 53.24 18.55
N ILE PA 68 60.13 52.06 18.05
CA ILE PA 68 60.11 50.88 18.90
C ILE PA 68 61.50 50.23 18.90
N VAL PA 69 62.35 50.64 17.97
CA VAL PA 69 63.73 50.19 18.00
C VAL PA 69 64.49 50.85 19.15
N LYS PA 70 64.05 52.05 19.56
CA LYS PA 70 64.54 52.70 20.78
C LYS PA 70 64.31 51.83 22.01
N LYS PA 71 63.09 51.39 22.24
CA LYS PA 71 62.79 50.56 23.40
C LYS PA 71 63.26 49.13 23.19
N TYR PA 72 63.67 48.77 21.98
CA TYR PA 72 64.17 47.43 21.73
C TYR PA 72 65.55 47.25 22.36
N GLY PA 73 66.29 48.33 22.53
CA GLY PA 73 67.54 48.26 23.25
C GLY PA 73 67.34 48.10 24.75
N ALA PA 74 66.09 48.26 25.21
CA ALA PA 74 65.74 47.85 26.56
C ALA PA 74 65.04 46.52 26.57
N SER PA 75 64.61 46.05 25.38
CA SER PA 75 63.96 44.75 25.30
C SER PA 75 64.99 43.64 25.37
N ILE PA 76 66.27 43.98 25.20
CA ILE PA 76 67.32 42.99 25.31
C ILE PA 76 67.49 42.56 26.75
N GLY PA 77 67.22 43.47 27.69
CA GLY PA 77 67.31 43.12 29.09
C GLY PA 77 66.14 42.26 29.51
N ALA PA 78 64.94 42.63 29.07
CA ALA PA 78 63.77 41.84 29.41
C ALA PA 78 63.92 40.46 28.80
N PHE PA 79 64.32 40.43 27.53
CA PHE PA 79 64.56 39.18 26.85
C PHE PA 79 65.75 38.52 27.52
N ALA PA 80 66.78 39.33 27.75
CA ALA PA 80 68.00 38.89 28.41
C ALA PA 80 67.67 38.53 29.85
N ASP PA 81 66.83 39.34 30.48
CA ASP PA 81 66.41 39.13 31.85
C ASP PA 81 65.68 37.81 32.00
N LYS PA 82 64.82 37.49 31.04
CA LYS PA 82 64.08 36.24 31.10
C LYS PA 82 65.03 35.06 31.07
N LEU PA 83 66.04 35.12 30.21
CA LEU PA 83 67.01 34.03 30.14
C LEU PA 83 67.79 33.88 31.44
N ASN PA 84 68.22 35.00 32.01
CA ASN PA 84 68.97 34.93 33.28
C ASN PA 84 68.10 34.40 34.43
N GLU PA 85 66.86 34.88 34.48
CA GLU PA 85 65.93 34.46 35.52
C GLU PA 85 65.69 32.97 35.35
N GLN PA 86 65.58 32.54 34.10
CA GLN PA 86 65.38 31.13 33.79
C GLN PA 86 66.61 30.34 34.25
N LYS PA 87 67.79 30.89 34.00
CA LYS PA 87 69.05 30.25 34.36
C LYS PA 87 69.25 30.07 35.86
N ILE PA 88 68.84 31.04 36.66
CA ILE PA 88 69.02 30.93 38.11
C ILE PA 88 68.27 29.74 38.73
N ALA PA 89 67.07 29.44 38.22
CA ALA PA 89 66.28 28.35 38.78
C ALA PA 89 66.95 26.98 38.67
N GLN PA 90 67.53 26.66 37.51
CA GLN PA 90 68.21 25.37 37.39
C GLN PA 90 69.41 25.29 38.31
N LEU PA 91 70.13 26.40 38.43
CA LEU PA 91 71.31 26.44 39.28
C LEU PA 91 70.92 26.20 40.73
N GLU PA 92 69.81 26.79 41.16
CA GLU PA 92 69.32 26.57 42.51
C GLU PA 92 68.92 25.11 42.68
N GLU PA 93 68.26 24.57 41.65
CA GLU PA 93 67.79 23.18 41.67
C GLU PA 93 68.90 22.14 41.74
N VAL PA 94 69.96 22.31 40.95
CA VAL PA 94 71.04 21.33 40.98
C VAL PA 94 71.74 21.33 42.34
N LYS PA 95 71.98 22.52 42.88
CA LYS PA 95 72.62 22.63 44.18
C LYS PA 95 71.73 22.02 45.25
N GLN PA 96 70.43 22.30 45.16
CA GLN PA 96 69.47 21.77 46.11
C GLN PA 96 69.42 20.26 46.00
N ALA PA 97 69.43 19.76 44.77
CA ALA PA 97 69.40 18.33 44.54
C ALA PA 97 70.66 17.65 45.06
N SER PA 98 71.80 18.29 44.82
CA SER PA 98 73.09 17.73 45.24
C SER PA 98 73.27 17.57 46.75
N ILE PA 99 72.88 18.59 47.51
CA ILE PA 99 73.04 18.52 48.97
C ILE PA 99 72.19 17.42 49.62
N LYS PA 100 70.96 17.27 49.14
CA LYS PA 100 70.07 16.25 49.70
C LYS PA 100 70.58 14.83 49.48
N GLN PA 101 71.05 14.55 48.28
CA GLN PA 101 71.54 13.21 47.95
C GLN PA 101 72.79 12.79 48.73
N ILE PA 102 73.75 13.71 48.85
CA ILE PA 102 74.99 13.43 49.56
C ILE PA 102 74.84 13.20 51.06
N GLN PA 103 73.97 13.98 51.69
CA GLN PA 103 73.77 13.91 53.12
C GLN PA 103 72.90 12.73 53.53
N ASP PA 104 72.04 12.24 52.62
CA ASP PA 104 71.27 11.04 52.89
C ASP PA 104 72.15 9.80 52.89
N ALA PA 105 73.28 9.83 52.20
CA ALA PA 105 74.20 8.70 52.22
C ALA PA 105 74.99 8.64 53.52
N ILE PA 106 75.45 9.79 54.02
CA ILE PA 106 76.35 9.78 55.18
C ILE PA 106 75.60 9.46 56.47
N ASP PA 107 74.42 10.07 56.67
CA ASP PA 107 73.72 9.87 57.94
C ASP PA 107 73.09 8.49 58.05
N LEU PA 108 72.86 7.84 56.91
CA LEU PA 108 72.31 6.49 56.93
C LEU PA 108 73.39 5.42 56.80
N GLU PA 109 74.63 5.81 56.49
CA GLU PA 109 75.74 4.87 56.60
C GLU PA 109 76.12 4.67 58.06
N LYS PA 110 76.20 5.75 58.83
CA LYS PA 110 76.46 5.64 60.26
C LYS PA 110 75.30 5.04 61.03
N SER PA 111 74.09 5.10 60.47
CA SER PA 111 72.94 4.44 61.06
C SER PA 111 73.03 2.92 61.00
N GLN PA 112 73.81 2.40 60.05
CA GLN PA 112 74.15 0.97 60.08
C GLN PA 112 75.06 0.64 61.24
N GLN PA 113 76.18 1.38 61.36
CA GLN PA 113 77.21 1.07 62.33
C GLN PA 113 76.79 1.43 63.75
N ALA PA 114 75.78 2.28 63.93
CA ALA PA 114 75.38 2.68 65.27
C ALA PA 114 74.71 1.52 66.02
N LEU PA 115 73.98 0.68 65.31
CA LEU PA 115 73.22 -0.40 65.93
C LEU PA 115 74.05 -1.66 66.13
N VAL PA 116 75.31 -1.69 65.68
CA VAL PA 116 76.12 -2.89 65.81
C VAL PA 116 77.17 -2.70 66.91
N GLN PA 117 77.39 -1.45 67.32
CA GLN PA 117 78.12 -1.24 68.58
C GLN PA 117 77.17 -1.12 69.76
N LYS PA 118 75.92 -0.73 69.52
CA LYS PA 118 74.92 -0.70 70.58
C LYS PA 118 74.57 -2.09 71.04
N ARG PA 119 74.36 -3.01 70.10
CA ARG PA 119 73.79 -4.31 70.43
C ARG PA 119 74.78 -5.22 71.15
N HIS PA 120 76.05 -5.18 70.78
CA HIS PA 120 77.03 -6.06 71.41
C HIS PA 120 77.44 -5.59 72.80
N TYR PA 121 77.28 -4.30 73.10
CA TYR PA 121 77.48 -3.85 74.47
C TYR PA 121 76.37 -4.34 75.39
N LEU PA 122 75.12 -4.12 75.00
CA LEU PA 122 74.01 -4.45 75.90
C LEU PA 122 73.70 -5.94 75.93
N PHE PA 123 74.20 -6.72 74.97
CA PHE PA 123 74.00 -8.17 75.04
C PHE PA 123 75.09 -8.86 75.83
N ASP PA 124 76.09 -8.12 76.31
CA ASP PA 124 77.01 -8.63 77.31
C ASP PA 124 76.76 -8.04 78.69
N VAL PA 125 76.02 -6.93 78.75
CA VAL PA 125 75.51 -6.45 80.03
C VAL PA 125 74.50 -7.43 80.61
N GLN PA 126 73.65 -7.99 79.74
CA GLN PA 126 72.75 -9.07 80.15
C GLN PA 126 73.49 -10.36 80.51
N ARG PA 127 74.73 -10.53 80.06
CA ARG PA 127 75.54 -11.64 80.54
C ARG PA 127 76.00 -11.39 81.98
N ASN PA 128 76.45 -10.17 82.26
CA ASN PA 128 77.06 -9.87 83.55
C ASN PA 128 76.08 -9.34 84.59
N ASN PA 129 74.90 -8.88 84.19
CA ASN PA 129 73.88 -8.54 85.19
C ASN PA 129 73.29 -9.78 85.83
N ILE PA 130 73.27 -10.91 85.12
CA ILE PA 130 72.86 -12.17 85.71
C ILE PA 130 74.06 -12.88 86.36
N ALA PA 131 75.29 -12.55 85.94
CA ALA PA 131 76.47 -13.15 86.54
C ALA PA 131 76.66 -12.71 87.98
N MET PA 132 76.34 -11.45 88.29
CA MET PA 132 76.41 -10.99 89.68
C MET PA 132 75.30 -11.60 90.53
N ALA PA 133 74.23 -12.08 89.91
CA ALA PA 133 73.10 -12.62 90.66
C ALA PA 133 73.41 -13.98 91.26
N LEU PA 134 74.42 -14.68 90.75
CA LEU PA 134 74.79 -15.98 91.29
C LEU PA 134 75.94 -15.90 92.28
N GLU PA 135 76.79 -14.87 92.19
CA GLU PA 135 77.86 -14.71 93.17
C GLU PA 135 77.31 -14.26 94.52
N VAL PA 136 76.40 -13.27 94.50
CA VAL PA 136 75.83 -12.75 95.75
C VAL PA 136 74.83 -13.69 96.37
N THR PA 137 74.41 -14.74 95.66
CA THR PA 137 73.62 -15.80 96.26
C THR PA 137 74.44 -17.04 96.56
N TYR PA 138 75.72 -17.05 96.17
CA TYR PA 138 76.63 -18.08 96.65
C TYR PA 138 77.45 -17.59 97.83
N ARG PA 139 77.83 -16.30 97.80
CA ARG PA 139 78.55 -15.71 98.93
C ARG PA 139 77.68 -15.66 100.17
N GLU PA 140 76.38 -15.41 99.99
CA GLU PA 140 75.45 -15.46 101.10
C GLU PA 140 75.04 -16.87 101.47
N ARG PA 141 75.39 -17.86 100.64
CA ARG PA 141 75.21 -19.26 101.03
C ARG PA 141 76.33 -19.76 101.92
N LEU PA 142 77.56 -19.34 101.66
CA LEU PA 142 78.68 -19.70 102.53
C LEU PA 142 78.61 -18.93 103.84
N HIS PA 143 78.08 -17.70 103.80
CA HIS PA 143 78.02 -16.87 105.01
C HIS PA 143 76.91 -17.31 105.96
N ARG PA 144 75.76 -17.71 105.42
CA ARG PA 144 74.62 -18.06 106.27
C ARG PA 144 74.85 -19.38 107.00
N VAL PA 145 75.62 -20.29 106.40
CA VAL PA 145 75.87 -21.58 107.04
C VAL PA 145 76.88 -21.42 108.17
N TYR PA 146 77.60 -20.29 108.21
CA TYR PA 146 78.39 -19.97 109.39
C TYR PA 146 77.54 -19.27 110.45
N LYS PA 147 76.45 -18.61 110.04
CA LYS PA 147 75.65 -17.83 110.98
C LYS PA 147 74.80 -18.73 111.86
N GLU PA 148 74.22 -19.79 111.29
CA GLU PA 148 73.38 -20.68 112.06
C GLU PA 148 74.16 -21.72 112.84
N ILE PA 149 75.47 -21.80 112.64
CA ILE PA 149 76.32 -22.58 113.54
C ILE PA 149 77.05 -21.70 114.54
N LYS PA 150 76.99 -20.37 114.36
CA LYS PA 150 77.45 -19.44 115.38
C LYS PA 150 76.41 -19.26 116.48
N ASN PA 151 75.14 -19.48 116.15
CA ASN PA 151 74.08 -19.41 117.15
C ASN PA 151 74.21 -20.50 118.19
N ARG PA 152 74.63 -21.69 117.78
CA ARG PA 152 74.87 -22.78 118.73
C ARG PA 152 76.18 -22.60 119.48
N LEU PA 153 77.16 -21.94 118.88
CA LEU PA 153 78.39 -21.55 119.55
C LEU PA 153 78.16 -20.40 120.53
N ASP PA 154 77.02 -19.71 120.44
CA ASP PA 154 76.68 -18.63 121.35
C ASP PA 154 75.65 -19.02 122.40
N TYR PA 155 74.86 -20.07 122.15
CA TYR PA 155 73.75 -20.40 123.03
C TYR PA 155 74.22 -21.14 124.27
N HIS PA 156 75.04 -22.18 124.09
CA HIS PA 156 75.35 -23.09 125.19
C HIS PA 156 76.29 -22.44 126.20
N ILE PA 157 77.05 -21.43 125.80
CA ILE PA 157 77.81 -20.63 126.76
C ILE PA 157 76.87 -19.75 127.57
N SER PA 158 75.80 -19.25 126.94
CA SER PA 158 74.83 -18.40 127.64
C SER PA 158 73.97 -19.17 128.63
N VAL PA 159 74.06 -20.50 128.67
CA VAL PA 159 73.47 -21.27 129.75
C VAL PA 159 74.54 -21.79 130.71
N GLN PA 160 75.74 -22.10 130.19
CA GLN PA 160 76.79 -22.64 131.06
C GLN PA 160 77.44 -21.54 131.90
N ASN PA 161 77.45 -20.29 131.41
CA ASN PA 161 78.12 -19.23 132.15
C ASN PA 161 77.13 -18.37 132.93
N MET PA 162 75.86 -18.35 132.51
CA MET PA 162 74.86 -17.62 133.28
C MET PA 162 74.53 -18.34 134.58
N MET PA 163 74.34 -19.66 134.51
CA MET PA 163 73.94 -20.42 135.69
C MET PA 163 75.07 -20.58 136.71
N ARG PA 164 76.32 -20.39 136.27
CA ARG PA 164 77.43 -20.41 137.21
C ARG PA 164 77.39 -19.22 138.17
N GLN PA 165 76.91 -18.06 137.71
CA GLN PA 165 76.77 -16.90 138.58
C GLN PA 165 75.61 -17.04 139.55
N LYS PA 166 74.67 -17.96 139.28
CA LYS PA 166 73.55 -18.17 140.19
C LYS PA 166 73.99 -18.88 141.46
N GLU PA 167 74.94 -19.80 141.36
CA GLU PA 167 75.44 -20.48 142.54
C GLU PA 167 76.70 -19.83 143.09
N GLN PA 168 77.27 -18.86 142.37
CA GLN PA 168 78.35 -18.06 142.92
C GLN PA 168 77.83 -17.14 144.01
N GLU PA 169 76.64 -16.56 143.80
CA GLU PA 169 76.04 -15.71 144.82
C GLU PA 169 75.36 -16.55 145.91
N HIS PA 170 74.84 -17.72 145.57
CA HIS PA 170 74.21 -18.57 146.58
C HIS PA 170 75.24 -19.27 147.44
N MET PA 171 76.51 -19.28 147.00
CA MET PA 171 77.58 -19.81 147.84
C MET PA 171 77.83 -18.90 149.03
N ILE PA 172 78.02 -17.60 148.78
CA ILE PA 172 78.28 -16.67 149.87
C ILE PA 172 77.03 -16.33 150.65
N ARG PA 173 75.85 -16.64 150.12
CA ARG PA 173 74.61 -16.41 150.86
C ARG PA 173 74.47 -17.36 152.05
N TRP PA 174 75.13 -18.52 151.98
CA TRP PA 174 75.09 -19.47 153.09
C TRP PA 174 76.13 -19.17 154.16
N VAL PA 175 77.32 -18.69 153.78
CA VAL PA 175 78.46 -18.68 154.70
C VAL PA 175 78.34 -17.54 155.71
N GLU PA 176 78.04 -16.32 155.23
CA GLU PA 176 78.07 -15.16 156.10
C GLU PA 176 76.92 -15.15 157.12
N LYS PA 177 75.87 -15.94 156.91
CA LYS PA 177 74.90 -16.16 157.96
C LYS PA 177 75.27 -17.34 158.84
N HIS PA 178 76.22 -18.18 158.39
CA HIS PA 178 76.64 -19.34 159.15
C HIS PA 178 77.91 -19.13 159.95
N VAL PA 179 78.63 -18.03 159.72
CA VAL PA 179 79.82 -17.76 160.53
C VAL PA 179 79.42 -17.28 161.92
N VAL PA 180 78.42 -16.39 161.99
CA VAL PA 180 78.05 -15.75 163.25
C VAL PA 180 77.39 -16.71 164.23
N GLN PA 181 76.81 -17.82 163.75
CA GLN PA 181 76.29 -18.82 164.65
C GLN PA 181 77.35 -19.80 165.12
N SER PA 182 78.54 -19.75 164.54
CA SER PA 182 79.62 -20.66 164.91
C SER PA 182 80.65 -20.02 165.83
N ILE PA 183 80.84 -18.70 165.73
CA ILE PA 183 81.82 -18.02 166.57
C ILE PA 183 81.21 -17.46 167.86
N SER PA 184 79.90 -17.57 168.04
CA SER PA 184 79.24 -17.01 169.21
C SER PA 184 79.51 -17.79 170.49
N ALA PA 185 79.90 -19.06 170.38
CA ALA PA 185 80.17 -19.88 171.56
C ALA PA 185 81.66 -20.07 171.82
N GLN PA 186 82.52 -19.43 171.03
CA GLN PA 186 83.97 -19.62 171.15
C GLN PA 186 84.55 -18.57 172.12
N GLN PA 187 84.04 -18.62 173.35
CA GLN PA 187 84.61 -17.79 174.42
C GLN PA 187 85.93 -18.36 174.93
N GLU PA 188 86.18 -19.65 174.72
CA GLU PA 188 87.49 -20.23 174.98
C GLU PA 188 88.53 -19.78 173.96
N LYS PA 189 88.11 -19.30 172.80
CA LYS PA 189 88.99 -18.65 171.84
C LYS PA 189 89.19 -17.18 172.15
N GLU PA 190 88.35 -16.60 173.02
CA GLU PA 190 88.53 -15.19 173.38
C GLU PA 190 89.74 -14.99 174.27
N THR PA 191 90.11 -16.00 175.07
CA THR PA 191 91.22 -15.83 176.01
C THR PA 191 92.57 -15.86 175.29
N ILE PA 192 92.61 -16.37 174.06
CA ILE PA 192 93.82 -16.25 173.26
C ILE PA 192 93.71 -15.07 172.30
N ALA PA 193 92.49 -14.62 171.98
CA ALA PA 193 92.30 -13.48 171.09
C ALA PA 193 92.80 -12.19 171.71
N LYS PA 194 92.67 -12.03 173.03
CA LYS PA 194 93.33 -10.93 173.72
C LYS PA 194 94.83 -11.11 173.79
N CYS PA 195 95.30 -12.35 173.93
CA CYS PA 195 96.72 -12.61 174.10
C CYS PA 195 97.48 -12.55 172.79
N ILE PA 196 96.79 -12.64 171.65
CA ILE PA 196 97.47 -12.46 170.37
C ILE PA 196 97.38 -11.02 169.88
N ALA PA 197 96.46 -10.22 170.43
CA ALA PA 197 96.28 -8.86 169.94
C ALA PA 197 97.40 -7.96 170.42
N ASP PA 198 97.75 -8.04 171.70
CA ASP PA 198 98.74 -7.16 172.30
C ASP PA 198 100.14 -7.43 171.79
N LEU PA 199 100.47 -8.66 171.39
CA LEU PA 199 101.78 -8.91 170.82
C LEU PA 199 101.92 -8.26 169.44
N LYS PA 200 100.82 -8.13 168.70
CA LYS PA 200 100.86 -7.29 167.52
C LYS PA 200 100.95 -5.81 167.90
N LEU PA 201 100.33 -5.41 169.01
CA LEU PA 201 100.51 -4.06 169.52
C LEU PA 201 101.91 -3.85 170.07
N LEU PA 202 102.50 -4.87 170.71
CA LEU PA 202 103.91 -4.81 171.06
C LEU PA 202 104.79 -4.70 169.82
N ALA PA 203 104.37 -5.33 168.72
CA ALA PA 203 105.05 -5.12 167.45
C ALA PA 203 104.72 -3.75 166.87
N LYS PA 204 103.56 -3.18 167.23
CA LYS PA 204 103.14 -1.92 166.64
C LYS PA 204 103.70 -0.70 167.36
N LYS PA 205 103.75 -0.74 168.69
CA LYS PA 205 104.25 0.42 169.42
C LYS PA 205 105.76 0.59 169.31
N ALA PA 206 106.47 -0.45 168.86
CA ALA PA 206 107.89 -0.34 168.57
C ALA PA 206 108.16 0.35 167.23
N GLN PA 207 107.14 0.54 166.39
CA GLN PA 207 107.33 1.18 165.09
C GLN PA 207 107.49 2.69 165.22
N ALA PA 208 106.61 3.33 165.99
CA ALA PA 208 106.73 4.76 166.23
C ALA PA 208 107.86 5.11 167.19
N GLN PA 209 108.30 4.14 168.00
CA GLN PA 209 109.39 4.36 168.95
C GLN PA 209 110.69 3.78 168.42
N VAL QA 1 94.44 -12.99 163.01
CA VAL QA 1 93.29 -13.01 162.11
C VAL QA 1 93.37 -14.22 161.18
N GLN QA 2 94.48 -14.96 161.27
CA GLN QA 2 94.59 -16.19 160.50
C GLN QA 2 93.72 -17.29 161.09
N LYS QA 3 93.54 -17.28 162.41
CA LYS QA 3 92.64 -18.25 163.04
C LYS QA 3 91.20 -17.95 162.70
N LEU QA 4 90.87 -16.69 162.45
CA LEU QA 4 89.57 -16.35 161.90
C LEU QA 4 89.49 -16.72 160.42
N PHE QA 5 90.64 -16.70 159.74
CA PHE QA 5 90.68 -16.95 158.31
C PHE QA 5 90.38 -18.41 157.97
N VAL QA 6 90.99 -19.35 158.72
CA VAL QA 6 90.79 -20.77 158.43
C VAL QA 6 89.39 -21.22 158.86
N ASP QA 7 88.77 -20.46 159.78
CA ASP QA 7 87.37 -20.72 160.12
C ASP QA 7 86.45 -20.44 158.92
N LYS QA 8 86.82 -19.49 158.07
CA LYS QA 8 86.08 -19.28 156.84
C LYS QA 8 86.33 -20.42 155.85
N ILE QA 9 87.58 -20.92 155.78
CA ILE QA 9 87.94 -21.97 154.82
C ILE QA 9 87.24 -23.27 155.19
N ARG QA 10 86.96 -23.48 156.48
CA ARG QA 10 86.20 -24.65 156.90
C ARG QA 10 84.78 -24.61 156.35
N GLU QA 11 84.13 -23.45 156.41
CA GLU QA 11 82.72 -23.37 156.03
C GLU QA 11 82.54 -23.31 154.52
N TYR QA 12 83.62 -23.06 153.77
CA TYR QA 12 83.53 -23.18 152.32
C TYR QA 12 83.55 -24.64 151.88
N ARG QA 13 84.22 -25.48 152.65
CA ARG QA 13 84.35 -26.89 152.27
C ARG QA 13 83.12 -27.68 152.69
N THR QA 14 82.41 -27.23 153.72
CA THR QA 14 81.12 -27.84 154.04
C THR QA 14 80.03 -27.36 153.09
N LYS QA 15 80.28 -26.24 152.42
CA LYS QA 15 79.40 -25.81 151.34
C LYS QA 15 79.74 -26.55 150.04
N ARG QA 16 80.96 -27.09 149.96
CA ARG QA 16 81.31 -27.93 148.81
C ARG QA 16 80.64 -29.28 148.88
N GLN QA 17 80.47 -29.82 150.08
CA GLN QA 17 79.79 -31.10 150.24
C GLN QA 17 78.30 -30.93 150.01
N THR QA 18 77.85 -31.20 148.79
CA THR QA 18 76.45 -31.06 148.42
C THR QA 18 75.95 -32.35 147.81
N SER QA 19 74.67 -32.63 148.03
CA SER QA 19 73.99 -33.81 147.49
C SER QA 19 72.63 -33.51 146.93
N GLY QA 20 72.03 -32.38 147.31
CA GLY QA 20 70.74 -31.98 146.78
C GLY QA 20 70.80 -30.63 146.09
N GLY QA 21 71.99 -30.05 146.00
CA GLY QA 21 72.18 -28.78 145.36
C GLY QA 21 71.83 -27.60 146.25
N PRO QA 22 70.89 -26.76 145.80
CA PRO QA 22 70.51 -25.57 146.58
C PRO QA 22 69.67 -25.95 147.79
N VAL QA 23 70.30 -25.88 148.97
CA VAL QA 23 69.62 -26.17 150.22
C VAL QA 23 68.80 -24.98 150.73
N ASP QA 24 69.34 -23.77 150.61
CA ASP QA 24 68.66 -22.58 151.10
C ASP QA 24 67.79 -21.90 150.05
N ALA QA 25 67.95 -22.26 148.77
CA ALA QA 25 67.17 -21.63 147.73
C ALA QA 25 65.73 -22.13 147.73
N GLY QA 26 65.53 -23.44 147.67
CA GLY QA 26 64.22 -24.02 147.63
C GLY QA 26 63.53 -23.75 146.31
N PRO QA 27 62.22 -23.55 146.34
CA PRO QA 27 61.50 -23.28 145.08
C PRO QA 27 61.64 -21.85 144.60
N GLU QA 28 62.20 -20.96 145.42
CA GLU QA 28 62.29 -19.56 145.05
C GLU QA 28 63.33 -19.34 143.96
N TYR QA 29 64.50 -19.97 144.10
CA TYR QA 29 65.55 -19.82 143.09
C TYR QA 29 65.32 -20.79 141.93
N GLN QA 30 64.51 -21.81 142.15
CA GLN QA 30 64.24 -22.77 141.08
C GLN QA 30 63.18 -22.25 140.12
N GLN QA 31 62.18 -21.54 140.64
CA GLN QA 31 61.15 -20.98 139.76
C GLN QA 31 61.61 -19.68 139.12
N ASP QA 32 62.66 -19.07 139.66
CA ASP QA 32 63.13 -17.80 139.11
C ASP QA 32 63.96 -18.02 137.85
N LEU QA 33 65.07 -18.76 137.97
CA LEU QA 33 66.02 -18.87 136.86
C LEU QA 33 65.49 -19.76 135.75
N ASP QA 34 64.52 -20.62 136.06
CA ASP QA 34 63.85 -21.37 135.01
C ASP QA 34 62.92 -20.48 134.21
N ARG QA 35 62.27 -19.53 134.88
CA ARG QA 35 61.41 -18.58 134.16
C ARG QA 35 62.22 -17.44 133.58
N GLU QA 36 63.40 -17.16 134.15
CA GLU QA 36 64.22 -16.07 133.63
C GLU QA 36 64.88 -16.44 132.33
N LEU QA 37 65.39 -17.68 132.23
CA LEU QA 37 66.02 -18.11 130.99
C LEU QA 37 65.01 -18.31 129.88
N PHE QA 38 63.81 -18.81 130.22
CA PHE QA 38 62.78 -19.01 129.21
C PHE QA 38 62.21 -17.69 128.73
N LYS QA 39 62.27 -16.66 129.58
CA LYS QA 39 61.92 -15.31 129.11
C LYS QA 39 63.05 -14.73 128.28
N LEU QA 40 64.28 -15.21 128.48
CA LEU QA 40 65.41 -14.74 127.68
C LEU QA 40 65.59 -15.58 126.43
N LYS QA 41 65.23 -16.88 126.49
CA LYS QA 41 65.32 -17.72 125.30
C LYS QA 41 64.21 -17.39 124.32
N GLN QA 42 63.10 -16.83 124.82
CA GLN QA 42 62.05 -16.33 123.93
C GLN QA 42 62.53 -15.10 123.18
N MET QA 43 63.47 -14.35 123.76
CA MET QA 43 64.10 -13.24 123.05
C MET QA 43 65.33 -13.71 122.29
N TYR QA 44 65.85 -14.89 122.61
CA TYR QA 44 67.07 -15.38 121.97
C TYR QA 44 66.76 -16.07 120.64
N GLY QA 45 65.96 -17.13 120.67
CA GLY QA 45 65.64 -17.87 119.46
C GLY QA 45 65.33 -19.34 119.71
N LYS QA 46 64.48 -19.92 118.87
CA LYS QA 46 64.03 -21.30 119.01
C LYS QA 46 64.98 -22.20 118.24
N ALA QA 47 66.07 -22.63 118.89
CA ALA QA 47 67.07 -23.48 118.28
C ALA QA 47 67.28 -24.70 119.16
N ASP QA 48 67.43 -25.87 118.53
CA ASP QA 48 67.59 -27.11 119.26
C ASP QA 48 69.03 -27.26 119.76
N MET QA 49 69.26 -28.34 120.52
CA MET QA 49 70.57 -28.58 121.10
C MET QA 49 71.55 -29.24 120.15
N ASN QA 50 71.07 -30.00 119.17
CA ASN QA 50 71.97 -30.70 118.26
C ASN QA 50 71.50 -30.70 116.81
N THR QA 51 70.41 -30.00 116.47
CA THR QA 51 69.90 -29.99 115.10
C THR QA 51 70.68 -28.96 114.30
N PHE QA 52 71.54 -29.45 113.41
CA PHE QA 52 72.28 -28.56 112.53
C PHE QA 52 71.39 -28.08 111.40
N PRO QA 53 71.45 -26.79 111.05
CA PRO QA 53 70.57 -26.25 110.01
C PRO QA 53 71.11 -26.49 108.61
N ASN QA 54 70.18 -26.75 107.69
CA ASN QA 54 70.51 -26.93 106.28
C ASN QA 54 69.27 -26.58 105.46
N PHE QA 55 69.46 -25.79 104.41
CA PHE QA 55 68.35 -25.34 103.58
C PHE QA 55 68.90 -24.92 102.22
N THR QA 56 67.99 -24.44 101.37
CA THR QA 56 68.33 -23.97 100.04
C THR QA 56 67.50 -22.73 99.73
N PHE QA 57 67.94 -21.99 98.72
CA PHE QA 57 67.29 -20.76 98.31
C PHE QA 57 67.05 -20.77 96.80
N GLU QA 58 66.01 -20.07 96.38
CA GLU QA 58 65.67 -19.97 94.97
C GLU QA 58 66.04 -18.60 94.42
N ASP QA 59 66.85 -18.59 93.37
CA ASP QA 59 67.27 -17.38 92.71
C ASP QA 59 66.19 -16.89 91.76
N PRO QA 60 66.29 -15.65 91.28
CA PRO QA 60 65.23 -15.10 90.43
C PRO QA 60 65.32 -15.65 89.01
N LYS QA 61 64.16 -15.94 88.43
CA LYS QA 61 64.11 -16.44 87.06
C LYS QA 61 64.45 -15.32 86.09
N PHE QA 62 65.63 -15.43 85.46
CA PHE QA 62 66.09 -14.40 84.54
C PHE QA 62 65.31 -14.49 83.24
N GLU QA 63 64.23 -13.72 83.14
CA GLU QA 63 63.37 -13.75 81.97
C GLU QA 63 63.90 -12.81 80.90
N ALA QA 64 63.25 -12.83 79.74
CA ALA QA 64 63.62 -12.00 78.61
C ALA QA 64 62.37 -11.38 78.00
N VAL QA 65 62.59 -10.40 77.11
CA VAL QA 65 61.50 -9.73 76.40
C VAL QA 65 61.90 -9.60 74.94
N GLU QA 66 60.97 -9.06 74.14
CA GLU QA 66 61.18 -8.88 72.72
C GLU QA 66 61.18 -7.39 72.37
N LYS QA 67 61.99 -7.05 71.37
CA LYS QA 67 62.09 -5.68 70.88
C LYS QA 67 62.50 -5.70 69.41
N PRO QA 68 61.60 -5.41 68.49
CA PRO QA 68 61.94 -5.50 67.06
C PRO QA 68 62.68 -4.29 66.55
N GLN QA 69 63.98 -4.50 66.30
CA GLN QA 69 64.86 -3.50 65.72
C GLN QA 69 65.75 -4.17 64.70
N SER QA 70 65.74 -3.60 63.47
CA SER QA 70 66.43 -4.12 62.29
C SER QA 70 66.05 -5.56 61.98
N ARG RA 1 87.21 -17.53 95.63
CA ARG RA 1 85.95 -17.38 94.89
C ARG RA 1 86.22 -17.09 93.41
N LYS RA 2 85.19 -16.62 92.71
CA LYS RA 2 85.31 -16.31 91.30
C LYS RA 2 84.55 -15.02 91.03
N LEU RA 3 85.11 -14.17 90.17
CA LEU RA 3 84.49 -12.89 89.84
C LEU RA 3 85.03 -12.43 88.50
N ALA RA 4 84.15 -12.27 87.52
CA ALA RA 4 84.53 -11.83 86.19
C ALA RA 4 84.09 -10.37 85.98
N LEU RA 5 84.82 -9.67 85.12
CA LEU RA 5 84.55 -8.28 84.85
C LEU RA 5 83.46 -8.14 83.78
N LYS RA 6 83.23 -6.90 83.36
CA LYS RA 6 82.20 -6.61 82.38
C LYS RA 6 82.71 -5.48 81.48
N ALA RA 7 81.81 -4.91 80.68
CA ALA RA 7 82.12 -3.81 79.78
C ALA RA 7 81.59 -2.51 80.35
N ILE RA 8 81.72 -1.44 79.57
CA ILE RA 8 81.33 -0.10 80.01
C ILE RA 8 79.83 0.06 79.87
N ASP RA 9 79.16 0.41 80.96
CA ASP RA 9 77.73 0.75 80.94
C ASP RA 9 77.54 2.27 80.89
N TRP RA 10 77.96 2.85 79.76
CA TRP RA 10 78.09 4.30 79.64
C TRP RA 10 77.09 4.92 78.68
N VAL RA 11 77.06 4.47 77.43
CA VAL RA 11 76.28 5.16 76.40
C VAL RA 11 75.29 4.22 75.74
N ALA RA 12 75.79 3.07 75.27
CA ALA RA 12 74.95 2.15 74.51
C ALA RA 12 74.00 1.36 75.40
N PHE RA 13 74.48 0.85 76.53
CA PHE RA 13 73.75 -0.10 77.37
C PHE RA 13 72.54 0.50 78.09
N GLY RA 14 72.32 1.81 77.99
CA GLY RA 14 71.13 2.41 78.56
C GLY RA 14 70.29 3.06 77.49
N GLU RA 15 70.66 2.82 76.24
CA GLU RA 15 69.98 3.38 75.07
C GLU RA 15 69.59 2.26 74.11
N ILE RA 16 68.96 1.21 74.66
CA ILE RA 16 68.56 0.04 73.88
C ILE RA 16 67.48 0.34 72.85
N ILE RA 17 66.71 1.40 73.06
CA ILE RA 17 65.72 1.95 72.14
C ILE RA 17 64.64 0.93 71.79
N PRO RA 18 63.77 0.58 72.73
CA PRO RA 18 62.55 -0.16 72.37
C PRO RA 18 61.47 0.78 71.85
N ARG RA 19 60.25 0.27 71.68
CA ARG RA 19 59.14 1.10 71.20
C ARG RA 19 58.74 2.06 72.33
N ASN RA 20 59.48 3.17 72.39
CA ASN RA 20 59.46 4.15 73.49
C ASN RA 20 59.72 3.48 74.86
N GLN RA 21 60.51 2.40 74.86
CA GLN RA 21 60.79 1.64 76.06
C GLN RA 21 62.15 2.02 76.62
N LYS RA 22 62.26 3.29 77.03
CA LYS RA 22 63.44 3.72 77.77
C LYS RA 22 63.34 3.31 79.25
N ALA RA 23 62.14 2.92 79.70
CA ALA RA 23 61.97 2.49 81.07
C ALA RA 23 62.56 1.11 81.29
N ILE RA 24 62.49 0.25 80.28
CA ILE RA 24 63.04 -1.11 80.42
C ILE RA 24 64.56 -1.07 80.38
N ALA RA 25 65.13 -0.13 79.61
CA ALA RA 25 66.58 0.01 79.60
C ALA RA 25 67.07 0.70 80.87
N ASN RA 26 66.24 1.57 81.46
CA ASN RA 26 66.61 2.18 82.73
C ASN RA 26 66.58 1.16 83.86
N SER RA 27 65.68 0.18 83.78
CA SER RA 27 65.65 -0.89 84.78
C SER RA 27 66.83 -1.84 84.60
N LEU RA 28 67.40 -1.90 83.40
CA LEU RA 28 68.52 -2.79 83.15
C LEU RA 28 69.78 -2.29 83.84
N LYS RA 29 69.97 -0.98 83.90
CA LYS RA 29 71.12 -0.42 84.61
C LYS RA 29 70.88 -0.41 86.11
N SER RA 30 69.62 -0.47 86.54
CA SER RA 30 69.31 -0.39 87.95
C SER RA 30 69.60 -1.70 88.67
N TRP RA 31 69.68 -2.80 87.93
CA TRP RA 31 70.01 -4.09 88.55
C TRP RA 31 71.51 -4.24 88.72
N ASN RA 32 72.30 -3.57 87.88
CA ASN RA 32 73.74 -3.67 87.98
C ASN RA 32 74.27 -2.86 89.17
N GLU RA 33 73.61 -1.74 89.47
CA GLU RA 33 74.04 -0.93 90.61
C GLU RA 33 73.61 -1.56 91.93
N THR RA 34 72.52 -2.33 91.91
CA THR RA 34 72.04 -2.94 93.15
C THR RA 34 72.87 -4.17 93.52
N LEU RA 35 73.24 -4.98 92.53
CA LEU RA 35 73.94 -6.22 92.82
C LEU RA 35 75.42 -5.97 93.11
N SER RA 36 75.96 -4.88 92.59
CA SER RA 36 77.37 -4.56 92.84
C SER RA 36 77.56 -4.05 94.27
N THR RA 37 76.52 -3.44 94.85
CA THR RA 37 76.59 -3.03 96.24
C THR RA 37 76.33 -4.20 97.17
N ARG RA 38 75.48 -5.14 96.75
CA ARG RA 38 75.26 -6.35 97.54
C ARG RA 38 76.48 -7.26 97.48
N LEU RA 39 77.25 -7.18 96.39
CA LEU RA 39 78.54 -7.85 96.35
C LEU RA 39 79.59 -7.10 97.14
N ALA RA 40 79.36 -5.80 97.38
CA ALA RA 40 80.28 -5.02 98.19
C ALA RA 40 79.90 -5.09 99.67
N ALA RA 41 78.73 -5.64 99.96
CA ALA RA 41 78.32 -5.78 101.35
C ALA RA 41 79.01 -6.97 102.01
N LEU RA 42 79.14 -8.08 101.29
CA LEU RA 42 79.74 -9.30 101.82
C LEU RA 42 81.03 -9.60 101.06
N PRO RA 43 82.05 -10.12 101.73
CA PRO RA 43 83.30 -10.44 101.03
C PRO RA 43 83.23 -11.79 100.34
N GLU RA 44 84.33 -12.15 99.67
CA GLU RA 44 84.42 -13.43 98.99
C GLU RA 44 84.61 -14.57 99.98
N LYS RA 45 85.34 -14.31 101.08
CA LYS RA 45 85.56 -15.33 102.09
C LYS RA 45 84.77 -15.02 103.35
N PRO RA 46 84.10 -16.02 103.93
CA PRO RA 46 83.38 -15.80 105.19
C PRO RA 46 84.32 -15.95 106.38
N PRO RA 47 83.79 -15.88 107.59
CA PRO RA 47 84.64 -16.05 108.78
C PRO RA 47 85.05 -17.50 108.99
N ALA RA 48 86.10 -17.68 109.79
CA ALA RA 48 86.63 -19.01 110.06
C ALA RA 48 85.97 -19.61 111.29
N ILE RA 49 85.90 -20.94 111.31
CA ILE RA 49 85.24 -21.66 112.40
C ILE RA 49 86.28 -22.23 113.36
N ASP RA 50 86.43 -21.61 114.52
CA ASP RA 50 87.33 -22.10 115.56
C ASP RA 50 86.70 -23.34 116.20
N TRP RA 51 87.45 -24.45 116.13
CA TRP RA 51 86.92 -25.73 116.59
C TRP RA 51 87.38 -26.05 118.01
N ALA RA 52 88.59 -25.62 118.37
CA ALA RA 52 89.19 -26.04 119.64
C ALA RA 52 88.53 -25.36 120.83
N TYR RA 53 88.12 -24.10 120.67
CA TYR RA 53 87.48 -23.39 121.76
C TYR RA 53 86.03 -23.82 121.93
N TYR RA 54 85.47 -24.48 120.92
CA TYR RA 54 84.10 -24.96 121.01
C TYR RA 54 83.98 -26.12 122.00
N LYS RA 55 85.05 -26.89 122.16
CA LYS RA 55 84.98 -28.07 123.01
C LYS RA 55 85.05 -27.72 124.49
N ALA RA 56 85.76 -26.63 124.83
CA ALA RA 56 85.95 -26.29 126.23
C ALA RA 56 84.86 -25.36 126.74
N THR RA 57 84.40 -24.43 125.90
CA THR RA 57 83.41 -23.45 126.35
C THR RA 57 82.02 -24.06 126.38
N VAL RA 58 81.79 -25.10 125.57
CA VAL RA 58 80.50 -25.76 125.44
C VAL RA 58 80.65 -27.18 125.99
N ALA RA 59 81.39 -27.29 127.10
CA ALA RA 59 81.96 -28.57 127.55
C ALA RA 59 80.92 -29.61 127.96
N LYS RA 60 79.64 -29.24 128.00
CA LYS RA 60 78.60 -30.26 128.02
C LYS RA 60 78.63 -30.95 126.67
N ALA RA 61 79.26 -32.13 126.61
CA ALA RA 61 79.66 -32.72 125.35
C ALA RA 61 78.55 -33.58 124.78
N GLY RA 62 78.79 -34.10 123.58
CA GLY RA 62 77.81 -34.91 122.89
C GLY RA 62 76.88 -34.11 122.01
N LEU RA 63 75.96 -33.37 122.62
CA LEU RA 63 74.96 -32.63 121.84
C LEU RA 63 75.57 -31.41 121.17
N VAL RA 64 76.67 -30.89 121.73
CA VAL RA 64 77.30 -29.72 121.13
C VAL RA 64 78.16 -30.14 119.94
N ASP RA 65 78.87 -31.25 120.06
CA ASP RA 65 79.83 -31.63 119.03
C ASP RA 65 79.15 -32.37 117.87
N ASP RA 66 78.00 -33.00 118.12
CA ASP RA 66 77.32 -33.74 117.06
C ASP RA 66 76.72 -32.82 116.02
N PHE RA 67 76.23 -31.65 116.44
CA PHE RA 67 75.84 -30.63 115.48
C PHE RA 67 77.06 -30.04 114.80
N GLU RA 68 78.18 -29.94 115.53
CA GLU RA 68 79.40 -29.39 114.96
C GLU RA 68 80.11 -30.42 114.08
N LYS RA 69 79.72 -31.69 114.16
CA LYS RA 69 80.28 -32.69 113.26
C LYS RA 69 79.44 -32.83 112.00
N LYS RA 70 78.13 -32.55 112.09
CA LYS RA 70 77.25 -32.69 110.94
C LYS RA 70 77.25 -31.42 110.09
N PHE RA 71 77.38 -30.25 110.73
CA PHE RA 71 77.34 -29.00 109.98
C PHE RA 71 78.70 -28.65 109.41
N ASN RA 72 79.75 -29.39 109.80
CA ASN RA 72 81.09 -29.10 109.29
C ASN RA 72 81.30 -29.71 107.91
N ALA RA 73 80.80 -30.93 107.71
CA ALA RA 73 80.98 -31.65 106.46
C ALA RA 73 79.75 -31.56 105.56
N LEU RA 74 79.05 -30.44 105.64
CA LEU RA 74 77.89 -30.16 104.80
C LEU RA 74 78.35 -29.50 103.51
N LYS RA 75 77.40 -29.34 102.58
CA LYS RA 75 77.66 -28.70 101.30
C LYS RA 75 76.51 -27.76 100.97
N VAL RA 76 76.85 -26.66 100.28
CA VAL RA 76 75.87 -25.65 99.93
C VAL RA 76 75.69 -25.62 98.42
N PRO RA 77 74.66 -26.28 97.87
CA PRO RA 77 74.43 -26.23 96.42
C PRO RA 77 73.76 -24.92 96.03
N VAL RA 78 74.41 -24.18 95.14
CA VAL RA 78 73.89 -22.89 94.68
C VAL RA 78 72.72 -23.13 93.71
N PRO RA 79 72.00 -22.09 93.32
CA PRO RA 79 70.83 -22.29 92.45
C PRO RA 79 71.24 -22.65 91.02
N GLU RA 80 70.24 -23.08 90.25
CA GLU RA 80 70.45 -23.58 88.91
C GLU RA 80 70.72 -22.43 87.93
N ASP RA 81 71.29 -22.79 86.78
CA ASP RA 81 71.56 -21.86 85.71
C ASP RA 81 70.70 -22.16 84.48
N LYS RA 82 69.44 -22.51 84.70
CA LYS RA 82 68.55 -22.83 83.58
C LYS RA 82 68.09 -21.58 82.85
N TYR RA 83 67.86 -20.49 83.59
CA TYR RA 83 67.45 -19.24 82.95
C TYR RA 83 68.65 -18.45 82.46
N THR RA 84 69.86 -18.95 82.72
CA THR RA 84 71.08 -18.25 82.30
C THR RA 84 71.33 -18.41 80.81
N ALA RA 85 70.83 -19.50 80.22
CA ALA RA 85 71.14 -19.80 78.82
C ALA RA 85 70.09 -19.23 77.87
N LEU RA 86 68.81 -19.23 78.30
CA LEU RA 86 67.74 -18.81 77.40
C LEU RA 86 67.72 -17.30 77.21
N VAL RA 87 68.13 -16.55 78.24
CA VAL RA 87 68.27 -15.11 78.09
C VAL RA 87 69.47 -14.79 77.19
N ASP RA 88 70.50 -15.62 77.25
CA ASP RA 88 71.65 -15.46 76.35
C ASP RA 88 71.35 -16.03 74.96
N ALA RA 89 70.26 -16.81 74.85
CA ALA RA 89 69.91 -17.39 73.55
C ALA RA 89 69.27 -16.35 72.64
N GLU RA 90 68.44 -15.46 73.22
CA GLU RA 90 67.75 -14.47 72.41
C GLU RA 90 68.69 -13.36 71.95
N GLU RA 91 69.86 -13.26 72.58
CA GLU RA 91 70.87 -12.32 72.11
C GLU RA 91 71.52 -12.81 70.82
N GLN RA 92 71.52 -14.13 70.60
CA GLN RA 92 72.14 -14.67 69.39
C GLN RA 92 71.23 -14.50 68.19
N GLU RA 93 69.91 -14.52 68.40
CA GLU RA 93 68.98 -14.35 67.29
C GLU RA 93 68.83 -12.88 66.91
N ASP RA 94 68.87 -11.99 67.90
CA ASP RA 94 68.70 -10.57 67.62
C ASP RA 94 69.95 -9.96 66.99
N VAL RA 95 71.12 -10.51 67.31
CA VAL RA 95 72.36 -10.01 66.72
C VAL RA 95 72.45 -10.40 65.25
N LYS RA 96 71.81 -11.52 64.88
CA LYS RA 96 71.70 -11.88 63.47
C LYS RA 96 70.66 -11.02 62.76
N ARG RA 97 69.72 -10.45 63.52
CA ARG RA 97 68.70 -9.60 62.92
C ARG RA 97 69.16 -8.14 62.88
N CYS RA 98 70.12 -7.78 63.73
CA CYS RA 98 70.56 -6.38 63.81
C CYS RA 98 71.46 -6.01 62.62
N ALA RA 99 72.00 -7.02 61.93
CA ALA RA 99 72.86 -6.74 60.79
C ALA RA 99 72.06 -6.63 59.50
N GLU RA 100 70.73 -6.68 59.60
CA GLU RA 100 69.88 -6.54 58.41
C GLU RA 100 69.93 -5.12 57.87
N PHE RA 101 70.13 -4.13 58.74
CA PHE RA 101 70.41 -2.79 58.27
C PHE RA 101 71.78 -2.73 57.58
N LEU RA 102 72.74 -3.50 58.08
CA LEU RA 102 74.05 -3.57 57.43
C LEU RA 102 73.99 -4.43 56.18
N SER RA 103 72.93 -5.22 56.02
CA SER RA 103 72.78 -6.04 54.82
C SER RA 103 71.97 -5.32 53.75
N LEU RA 104 70.81 -4.79 54.12
CA LEU RA 104 69.88 -4.27 53.12
C LEU RA 104 70.22 -2.85 52.71
N SER RA 105 70.61 -2.00 53.67
CA SER RA 105 70.81 -0.59 53.36
C SER RA 105 72.20 -0.34 52.77
N LYS RA 106 73.03 -1.39 52.68
CA LYS RA 106 74.34 -1.24 52.05
C LYS RA 106 74.19 -1.05 50.55
N ALA RA 107 73.26 -1.78 49.93
CA ALA RA 107 72.95 -1.54 48.53
C ALA RA 107 72.22 -0.22 48.36
N ARG RA 108 71.45 0.19 49.37
CA ARG RA 108 70.77 1.48 49.32
C ARG RA 108 71.77 2.63 49.44
N ILE RA 109 72.92 2.39 50.06
CA ILE RA 109 73.97 3.40 50.10
C ILE RA 109 74.64 3.54 48.74
N GLU RA 110 74.95 2.40 48.11
CA GLU RA 110 75.66 2.44 46.83
C GLU RA 110 74.75 2.89 45.69
N ALA RA 111 73.45 2.59 45.79
CA ALA RA 111 72.50 3.10 44.79
C ALA RA 111 72.32 4.60 44.94
N TYR RA 112 72.38 5.11 46.17
CA TYR RA 112 72.38 6.55 46.37
C TYR RA 112 73.73 7.14 45.98
N GLU RA 113 74.81 6.39 46.15
CA GLU RA 113 76.12 6.85 45.71
C GLU RA 113 76.23 6.86 44.20
N LYS RA 114 75.60 5.88 43.54
CA LYS RA 114 75.59 5.88 42.07
C LYS RA 114 74.62 6.92 41.54
N GLU RA 115 73.64 7.33 42.35
CA GLU RA 115 72.72 8.39 41.94
C GLU RA 115 73.42 9.74 41.93
N LEU RA 116 74.46 9.89 42.77
CA LEU RA 116 75.22 11.13 42.76
C LEU RA 116 76.16 11.19 41.56
N GLU RA 117 76.46 10.03 40.96
CA GLU RA 117 77.29 10.02 39.76
C GLU RA 117 76.49 10.45 38.54
N LYS RA 118 75.26 9.95 38.39
CA LYS RA 118 74.46 10.31 37.23
C LYS RA 118 73.89 11.72 37.36
N MET RA 119 73.78 12.23 38.60
CA MET RA 119 73.25 13.58 38.79
C MET RA 119 74.27 14.62 38.34
N LYS RA 120 75.56 14.27 38.36
CA LYS RA 120 76.57 15.15 37.78
C LYS RA 120 76.46 15.17 36.26
N ASN RA 121 76.12 14.03 35.68
CA ASN RA 121 75.99 13.90 34.23
C ASN RA 121 74.88 14.72 33.58
N ILE RA 122 73.73 14.77 34.23
CA ILE RA 122 72.55 15.48 33.70
C ILE RA 122 72.63 17.00 33.50
N ILE RA 123 73.23 17.72 34.44
CA ILE RA 123 73.29 19.18 34.35
C ILE RA 123 74.08 19.76 33.16
N PRO RA 124 75.25 19.19 32.88
CA PRO RA 124 75.97 19.38 31.60
C PRO RA 124 76.13 20.85 31.21
N PHE RA 125 75.85 21.15 29.95
CA PHE RA 125 75.94 22.52 29.43
C PHE RA 125 74.68 23.28 29.79
N ASP RA 126 74.75 24.61 29.85
CA ASP RA 126 73.56 25.39 30.16
C ASP RA 126 72.45 25.12 29.16
N GLN RA 127 72.79 25.08 27.88
CA GLN RA 127 71.83 24.95 26.79
C GLN RA 127 71.68 23.52 26.31
N MET RA 128 71.64 22.55 27.22
CA MET RA 128 71.97 21.16 26.87
C MET RA 128 70.84 20.48 26.11
N THR RA 129 69.70 20.24 26.75
CA THR RA 129 68.75 19.29 26.17
C THR RA 129 67.36 19.53 26.73
N ILE RA 130 66.36 19.12 25.96
CA ILE RA 130 64.98 19.30 26.41
C ILE RA 130 64.40 17.99 26.89
N GLU RA 131 65.18 16.91 26.80
CA GLU RA 131 64.72 15.62 27.30
C GLU RA 131 65.58 15.12 28.45
N ASP RA 132 66.86 15.52 28.48
CA ASP RA 132 67.71 15.14 29.60
C ASP RA 132 67.35 15.95 30.84
N LEU RA 133 66.78 17.13 30.66
CA LEU RA 133 66.22 17.87 31.79
C LEU RA 133 64.82 17.37 32.11
N ASN RA 134 64.31 16.42 31.32
CA ASN RA 134 63.00 15.86 31.59
C ASN RA 134 63.08 14.57 32.39
N GLU RA 135 64.10 14.45 33.25
CA GLU RA 135 64.12 13.35 34.20
C GLU RA 135 63.82 13.83 35.62
N VAL RA 136 64.54 14.88 36.07
CA VAL RA 136 64.35 15.39 37.41
C VAL RA 136 63.04 16.14 37.52
N PHE RA 137 62.92 17.25 36.80
CA PHE RA 137 61.66 17.97 36.68
C PHE RA 137 60.67 17.14 35.90
N PRO RA 138 59.45 17.05 36.36
CA PRO RA 138 58.59 15.98 35.88
C PRO RA 138 57.69 16.34 34.71
N GLU RA 139 57.13 15.32 34.08
CA GLU RA 139 56.02 15.44 33.17
C GLU RA 139 55.01 14.35 33.54
N THR RA 140 53.79 14.49 33.03
CA THR RA 140 52.73 13.58 33.47
C THR RA 140 51.78 13.32 32.32
N LYS RA 141 50.60 12.78 32.62
CA LYS RA 141 49.57 12.54 31.62
C LYS RA 141 48.71 13.79 31.47
N LEU RA 142 47.60 13.68 30.73
CA LEU RA 142 46.72 14.80 30.42
C LEU RA 142 46.08 15.30 31.70
N ASP RA 143 46.07 16.63 31.85
CA ASP RA 143 45.39 17.36 32.92
C ASP RA 143 45.93 16.97 34.30
N LYS RA 144 47.23 17.19 34.48
CA LYS RA 144 47.80 17.05 35.81
C LYS RA 144 48.09 18.40 36.43
N LYS RA 145 48.85 19.26 35.74
CA LYS RA 145 49.23 20.58 36.27
C LYS RA 145 48.01 21.47 36.25
N LYS RA 146 47.44 21.70 37.44
CA LYS RA 146 46.24 22.52 37.54
C LYS RA 146 46.54 23.98 37.22
N TYR RA 147 47.47 24.59 37.93
CA TYR RA 147 47.84 25.97 37.67
C TYR RA 147 48.73 26.05 36.44
N UNK SA 1 85.98 39.19 -18.85
CA UNK SA 1 85.86 40.58 -19.26
C UNK SA 1 86.10 41.51 -18.07
N UNK SA 2 85.53 42.71 -18.15
CA UNK SA 2 85.47 43.71 -17.06
C UNK SA 2 86.81 44.22 -16.53
N UNK SA 3 87.10 45.48 -16.82
CA UNK SA 3 88.31 46.12 -16.32
C UNK SA 3 87.96 47.27 -15.38
N UNK SA 4 88.94 47.68 -14.57
CA UNK SA 4 88.73 48.76 -13.61
C UNK SA 4 89.10 50.11 -14.20
N UNK SA 5 89.44 50.11 -15.49
CA UNK SA 5 89.71 51.34 -16.21
C UNK SA 5 88.61 51.58 -17.23
N UNK SA 6 88.09 50.49 -17.78
CA UNK SA 6 86.98 50.54 -18.73
C UNK SA 6 85.71 50.93 -18.02
N UNK SA 7 85.62 50.53 -16.75
CA UNK SA 7 84.50 50.87 -15.89
C UNK SA 7 84.46 52.37 -15.64
N UNK SA 8 85.63 53.00 -15.62
CA UNK SA 8 85.71 54.45 -15.48
C UNK SA 8 85.25 55.11 -16.76
N UNK SA 9 85.43 54.41 -17.87
CA UNK SA 9 84.97 54.89 -19.17
C UNK SA 9 83.52 54.49 -19.37
N UNK SA 10 83.05 53.55 -18.57
CA UNK SA 10 81.69 53.06 -18.71
C UNK SA 10 80.67 54.06 -18.15
N UNK SA 11 80.93 54.50 -16.93
CA UNK SA 11 79.97 55.32 -16.20
C UNK SA 11 79.88 56.72 -16.77
N UNK SA 12 81.02 57.33 -17.07
CA UNK SA 12 81.05 58.72 -17.47
C UNK SA 12 80.49 58.94 -18.87
N UNK SA 13 80.64 57.94 -19.72
CA UNK SA 13 80.17 58.05 -21.09
C UNK SA 13 78.67 57.85 -21.18
N UNK SA 14 78.14 57.04 -20.27
CA UNK SA 14 76.72 56.73 -20.25
C UNK SA 14 75.92 57.95 -19.82
N UNK SA 15 76.47 58.74 -18.90
CA UNK SA 15 75.85 59.98 -18.47
C UNK SA 15 75.98 61.01 -19.59
N UNK SA 16 77.07 60.90 -20.34
CA UNK SA 16 77.25 61.71 -21.53
C UNK SA 16 76.29 61.23 -22.61
N UNK SA 17 75.98 59.94 -22.59
CA UNK SA 17 74.96 59.39 -23.48
C UNK SA 17 73.58 59.62 -22.88
N UNK SA 18 73.53 59.94 -21.60
CA UNK SA 18 72.27 60.29 -20.96
C UNK SA 18 71.93 61.72 -21.31
N UNK SA 19 72.97 62.52 -21.54
CA UNK SA 19 72.81 63.87 -22.03
C UNK SA 19 72.27 63.80 -23.46
N UNK SA 20 72.67 62.75 -24.17
CA UNK SA 20 72.11 62.44 -25.47
C UNK SA 20 70.70 61.91 -25.29
N UNK SA 21 70.46 61.19 -24.21
CA UNK SA 21 69.13 60.68 -23.92
C UNK SA 21 68.22 61.81 -23.44
N UNK SA 22 68.84 62.85 -22.90
CA UNK SA 22 68.14 64.08 -22.59
C UNK SA 22 67.73 64.77 -23.87
N UNK SA 23 68.60 64.70 -24.87
CA UNK SA 23 68.29 65.22 -26.20
C UNK SA 23 67.29 64.32 -26.89
N UNK SA 24 67.23 63.06 -26.45
CA UNK SA 24 66.20 62.11 -26.86
C UNK SA 24 64.95 62.29 -26.01
N UNK SA 25 64.98 63.25 -25.10
CA UNK SA 25 63.84 63.58 -24.29
C UNK SA 25 63.42 65.04 -24.51
N UNK SA 26 64.39 65.93 -24.69
CA UNK SA 26 64.09 67.37 -24.83
C UNK SA 26 63.43 67.66 -26.16
N UNK SA 27 63.89 66.96 -27.20
CA UNK SA 27 63.25 67.04 -28.50
C UNK SA 27 61.94 66.30 -28.42
N UNK SA 28 61.91 65.26 -27.59
CA UNK SA 28 60.69 64.50 -27.33
C UNK SA 28 59.74 65.31 -26.46
N UNK SA 29 60.31 66.19 -25.63
CA UNK SA 29 59.52 67.17 -24.89
C UNK SA 29 58.95 68.16 -25.89
N UNK SA 30 59.80 68.53 -26.85
CA UNK SA 30 59.41 69.43 -27.93
C UNK SA 30 58.44 68.72 -28.88
N UNK SA 31 58.62 67.42 -29.04
CA UNK SA 31 57.68 66.62 -29.84
C UNK SA 31 56.38 66.42 -29.08
N UNK SA 32 56.43 66.60 -27.76
CA UNK SA 32 55.22 66.57 -26.95
C UNK SA 32 54.58 67.95 -26.92
N UNK SA 33 55.41 68.98 -26.80
CA UNK SA 33 54.93 70.37 -26.75
C UNK SA 33 54.32 70.82 -28.07
N UNK SA 34 54.74 70.19 -29.16
CA UNK SA 34 54.18 70.47 -30.47
C UNK SA 34 52.96 69.60 -30.73
N UNK SA 35 52.68 68.69 -29.81
CA UNK SA 35 51.58 67.76 -29.99
C UNK SA 35 50.49 67.95 -28.94
N UNK SA 36 50.88 67.84 -27.67
CA UNK SA 36 49.93 67.85 -26.56
C UNK SA 36 49.26 69.20 -26.37
N UNK SA 37 49.94 70.26 -26.77
CA UNK SA 37 49.38 71.61 -26.69
C UNK SA 37 48.25 71.76 -27.69
N UNK SA 38 48.32 71.01 -28.78
CA UNK SA 38 47.25 70.99 -29.78
C UNK SA 38 46.53 69.65 -29.75
N UNK SA 39 46.49 69.03 -28.58
CA UNK SA 39 45.77 67.78 -28.39
C UNK SA 39 44.77 67.92 -27.25
N UNK SA 40 45.28 68.34 -26.09
CA UNK SA 40 44.44 68.52 -24.91
C UNK SA 40 43.55 69.74 -25.10
N UNK SA 41 44.07 70.73 -25.84
CA UNK SA 41 43.26 71.89 -26.18
C UNK SA 41 42.33 71.52 -27.31
N UNK SA 42 42.76 70.55 -28.13
CA UNK SA 42 41.95 70.08 -29.24
C UNK SA 42 40.79 69.25 -28.73
N UNK SA 43 40.99 68.63 -27.57
CA UNK SA 43 39.91 67.91 -26.91
C UNK SA 43 39.06 68.90 -26.14
N UNK SA 44 39.66 70.04 -25.79
CA UNK SA 44 38.96 71.07 -25.04
C UNK SA 44 37.98 71.83 -25.92
N UNK SA 45 38.25 71.81 -27.22
CA UNK SA 45 37.37 72.46 -28.20
C UNK SA 45 36.06 71.69 -28.27
N UNK SA 46 36.15 70.37 -28.15
CA UNK SA 46 34.96 69.54 -28.15
C UNK SA 46 34.34 69.54 -26.77
N UNK SA 47 35.15 69.80 -25.75
CA UNK SA 47 34.70 69.71 -24.36
C UNK SA 47 33.77 70.85 -23.97
N UNK SA 48 34.21 72.08 -24.25
CA UNK SA 48 33.43 73.28 -23.91
C UNK SA 48 32.15 73.37 -24.73
N UNK SA 49 32.22 72.86 -25.96
CA UNK SA 49 31.05 72.80 -26.84
C UNK SA 49 30.04 71.80 -26.31
N UNK SA 50 30.53 70.63 -25.88
CA UNK SA 50 29.66 69.60 -25.34
C UNK SA 50 29.12 69.99 -23.96
N UNK SA 51 29.89 70.79 -23.23
CA UNK SA 51 29.47 71.27 -21.92
C UNK SA 51 28.37 72.31 -22.05
N UNK SA 52 28.35 73.00 -23.17
CA UNK SA 52 27.30 73.96 -23.47
C UNK SA 52 26.15 73.28 -24.20
N UNK SA 53 26.45 72.17 -24.88
CA UNK SA 53 25.43 71.39 -25.57
C UNK SA 53 24.60 70.62 -24.54
N UNK SA 54 25.24 70.23 -23.44
CA UNK SA 54 24.54 69.62 -22.34
C UNK SA 54 23.83 70.71 -21.52
N UNK SA 55 24.32 71.94 -21.66
CA UNK SA 55 23.69 73.10 -21.05
C UNK SA 55 22.58 73.63 -21.94
N UNK SA 56 22.67 73.30 -23.24
CA UNK SA 56 21.63 73.66 -24.20
C UNK SA 56 20.36 72.91 -23.88
N UNK SA 57 20.53 71.63 -23.56
CA UNK SA 57 19.41 70.81 -23.10
C UNK SA 57 19.02 71.23 -21.68
N UNK SA 58 19.98 71.76 -20.92
CA UNK SA 58 19.71 72.21 -19.56
C UNK SA 58 19.18 73.64 -19.55
N UNK SA 59 19.16 74.26 -20.72
CA UNK SA 59 18.41 75.49 -20.93
C UNK SA 59 17.03 75.10 -21.46
N UNK SA 60 16.94 73.86 -21.91
CA UNK SA 60 15.69 73.31 -22.43
C UNK SA 60 14.98 72.48 -21.37
N UNK SA 61 15.73 72.02 -20.37
CA UNK SA 61 15.13 71.27 -19.26
C UNK SA 61 14.50 72.25 -18.28
N UNK SA 62 14.96 73.48 -18.31
CA UNK SA 62 14.42 74.54 -17.46
C UNK SA 62 13.01 74.91 -17.92
N UNK SA 63 12.92 75.79 -18.91
CA UNK SA 63 11.64 76.21 -19.44
C UNK SA 63 11.07 75.15 -20.39
N ALA TA 1 60.49 19.45 -5.11
CA ALA TA 1 60.72 20.87 -4.91
C ALA TA 1 60.40 21.25 -3.46
N SER TA 2 59.93 20.26 -2.69
CA SER TA 2 59.60 20.53 -1.29
C SER TA 2 60.87 20.61 -0.45
N VAL TA 3 61.88 19.79 -0.75
CA VAL TA 3 63.15 19.87 -0.04
C VAL TA 3 63.96 21.06 -0.53
N VAL TA 4 63.55 21.65 -1.66
CA VAL TA 4 64.18 22.89 -2.10
C VAL TA 4 63.67 24.08 -1.30
N PRO TA 5 62.36 24.28 -1.14
CA PRO TA 5 61.92 25.44 -0.36
C PRO TA 5 62.09 25.26 1.13
N LEU TA 6 62.14 24.02 1.61
CA LEU TA 6 62.36 23.80 3.04
C LEU TA 6 63.80 24.09 3.42
N LYS TA 7 64.73 23.93 2.47
CA LYS TA 7 66.13 24.25 2.75
C LYS TA 7 66.44 25.70 2.47
N ASP TA 8 65.41 26.50 2.15
CA ASP TA 8 65.61 27.94 2.08
C ASP TA 8 65.40 28.59 3.43
N ARG TA 9 64.34 28.19 4.14
CA ARG TA 9 64.06 28.78 5.45
C ARG TA 9 65.04 28.30 6.49
N ARG TA 10 65.49 27.05 6.38
CA ARG TA 10 66.46 26.54 7.35
C ARG TA 10 67.86 27.09 7.07
N LEU TA 11 68.03 27.81 5.96
CA LEU TA 11 69.26 28.57 5.78
C LEU TA 11 69.07 30.03 6.17
N LEU TA 12 67.85 30.57 6.00
CA LEU TA 12 67.59 31.96 6.36
C LEU TA 12 67.07 32.07 7.79
N GLU TA 13 67.07 30.96 8.53
CA GLU TA 13 66.89 31.04 9.97
C GLU TA 13 68.22 30.93 10.70
N VAL TA 14 68.96 29.84 10.44
CA VAL TA 14 70.11 29.50 11.29
C VAL TA 14 71.28 30.44 11.05
N LYS TA 15 71.19 31.30 10.05
CA LYS TA 15 72.23 32.30 9.84
C LYS TA 15 71.88 33.62 10.51
N LEU TA 16 70.73 34.19 10.16
CA LEU TA 16 70.41 35.56 10.56
C LEU TA 16 69.23 35.61 11.51
N GLY TA 17 69.18 34.71 12.49
CA GLY TA 17 68.17 34.75 13.52
C GLY TA 17 67.29 33.51 13.63
N GLU TA 18 67.53 32.67 14.64
CA GLU TA 18 68.47 32.98 15.71
C GLU TA 18 69.36 31.85 16.19
N LEU TA 19 69.37 30.72 15.47
CA LEU TA 19 70.25 29.57 15.74
C LEU TA 19 70.10 28.98 17.14
N PRO TA 20 69.08 28.16 17.37
CA PRO TA 20 68.80 27.67 18.73
C PRO TA 20 69.77 26.63 19.31
N SER TA 21 69.40 26.14 20.50
CA SER TA 21 70.13 25.22 21.36
C SER TA 21 69.80 23.77 20.99
N TRP TA 22 69.79 22.88 22.01
CA TRP TA 22 69.67 21.43 21.93
C TRP TA 22 70.92 20.77 21.34
N ILE TA 23 71.92 20.61 22.21
CA ILE TA 23 73.28 20.11 21.97
C ILE TA 23 73.29 18.89 21.05
N LEU TA 24 74.36 18.81 20.25
CA LEU TA 24 74.47 18.54 18.81
C LEU TA 24 74.23 19.83 18.06
N MET TA 25 73.95 20.91 18.79
CA MET TA 25 73.85 22.25 18.24
C MET TA 25 74.31 23.27 19.27
N ARG TA 26 75.04 22.83 20.29
CA ARG TA 26 75.35 23.69 21.43
C ARG TA 26 76.33 24.80 21.04
N ASP TA 27 77.40 24.43 20.34
CA ASP TA 27 78.28 25.46 19.80
C ASP TA 27 77.66 26.11 18.58
N PHE TA 28 76.68 25.43 17.96
CA PHE TA 28 75.90 26.08 16.91
C PHE TA 28 74.93 27.09 17.50
N THR TA 29 74.50 26.85 18.74
CA THR TA 29 73.71 27.86 19.44
C THR TA 29 74.53 29.10 19.74
N PRO TA 30 75.76 29.00 20.22
CA PRO TA 30 76.54 30.22 20.45
C PRO TA 30 77.03 30.86 19.18
N SER TA 31 76.91 30.17 18.04
CA SER TA 31 77.21 30.78 16.77
C SER TA 31 76.23 31.91 16.46
N GLY TA 32 75.02 31.80 16.98
CA GLY TA 32 74.09 32.90 16.89
C GLY TA 32 74.25 33.89 18.04
N ILE TA 33 75.09 33.55 19.02
CA ILE TA 33 75.27 34.47 20.15
C ILE TA 33 76.09 35.67 19.73
N ALA TA 34 77.15 35.45 18.96
CA ALA TA 34 77.73 36.57 18.23
C ALA TA 34 76.76 37.06 17.17
N GLY TA 35 76.13 36.12 16.47
CA GLY TA 35 75.13 36.43 15.47
C GLY TA 35 75.72 36.88 14.15
N ALA TA 36 74.96 36.69 13.06
CA ALA TA 36 75.26 37.33 11.79
C ALA TA 36 74.53 38.65 11.66
N PHE TA 37 74.09 39.22 12.79
CA PHE TA 37 73.44 40.53 12.77
C PHE TA 37 74.41 41.63 12.37
N GLN TA 38 75.70 41.44 12.67
CA GLN TA 38 76.72 42.35 12.16
C GLN TA 38 76.80 42.27 10.64
N ARG TA 39 76.50 41.10 10.08
CA ARG TA 39 76.41 40.99 8.63
C ARG TA 39 75.10 41.60 8.14
N GLY TA 40 74.04 41.48 8.92
CA GLY TA 40 72.76 42.00 8.46
C GLY TA 40 72.63 43.49 8.65
N TYR TA 41 73.62 44.12 9.28
CA TYR TA 41 73.41 45.46 9.80
C TYR TA 41 73.46 46.52 8.70
N TYR TA 42 74.32 46.32 7.71
CA TYR TA 42 74.81 47.46 6.93
C TYR TA 42 73.80 47.94 5.90
N ARG TA 43 72.62 47.33 5.86
CA ARG TA 43 71.70 47.65 4.79
C ARG TA 43 70.94 48.95 5.05
N TYR TA 44 70.61 49.24 6.31
CA TYR TA 44 69.67 50.34 6.47
C TYR TA 44 70.36 51.69 6.41
N TYR TA 45 70.93 52.17 7.53
CA TYR TA 45 72.15 52.98 7.48
C TYR TA 45 73.12 52.55 8.57
N ASN TA 46 72.71 52.80 9.82
CA ASN TA 46 73.31 52.24 11.03
C ASN TA 46 72.25 52.02 12.11
N LYS TA 47 71.12 52.74 11.98
CA LYS TA 47 70.26 53.17 13.09
C LYS TA 47 69.56 52.07 13.88
N TYR TA 48 69.17 50.98 13.23
CA TYR TA 48 68.52 49.89 13.96
C TYR TA 48 69.57 49.07 14.70
N VAL TA 49 70.08 49.62 15.79
CA VAL TA 49 71.25 49.08 16.47
C VAL TA 49 70.83 48.11 17.57
N ASN TA 50 69.52 48.06 17.85
CA ASN TA 50 69.01 47.33 19.01
C ASN TA 50 68.85 45.84 18.75
N VAL TA 51 69.48 45.32 17.71
CA VAL TA 51 69.22 43.95 17.28
C VAL TA 51 69.93 42.90 18.12
N LYS TA 52 70.52 43.30 19.25
CA LYS TA 52 71.43 42.44 20.00
C LYS TA 52 70.73 41.22 20.58
N LYS TA 53 69.65 41.44 21.35
CA LYS TA 53 68.85 40.33 21.82
C LYS TA 53 67.38 40.45 21.42
N GLY TA 54 66.90 41.63 21.05
CA GLY TA 54 65.70 41.70 20.25
C GLY TA 54 66.10 42.06 18.84
N SER TA 55 66.22 41.06 17.94
CA SER TA 55 66.92 41.23 16.67
C SER TA 55 66.03 41.78 15.56
N VAL TA 56 66.30 43.02 15.16
CA VAL TA 56 65.45 43.68 14.17
C VAL TA 56 65.73 43.12 12.78
N ALA TA 57 67.00 43.01 12.41
CA ALA TA 57 67.36 42.65 11.04
C ALA TA 57 67.06 41.18 10.77
N GLY TA 58 66.89 40.38 11.82
CA GLY TA 58 66.37 39.05 11.64
C GLY TA 58 64.91 39.05 11.21
N LEU TA 59 64.11 39.94 11.80
CA LEU TA 59 62.69 39.93 11.50
C LEU TA 59 62.34 40.87 10.38
N SER TA 60 62.99 42.04 10.32
CA SER TA 60 62.53 43.11 9.43
C SER TA 60 62.89 42.85 7.97
N MET TA 61 63.47 41.69 7.66
CA MET TA 61 63.71 41.33 6.28
C MET TA 61 62.52 40.57 5.68
N VAL TA 62 61.90 39.70 6.49
CA VAL TA 62 60.71 38.99 6.03
C VAL TA 62 59.58 39.97 5.79
N LEU TA 63 59.39 40.92 6.70
CA LEU TA 63 58.33 41.91 6.54
C LEU TA 63 58.64 42.91 5.45
N ALA TA 64 59.92 43.05 5.09
CA ALA TA 64 60.23 43.85 3.91
C ALA TA 64 60.06 43.03 2.65
N ALA TA 65 60.08 41.70 2.77
CA ALA TA 65 59.82 40.86 1.61
C ALA TA 65 58.33 40.72 1.36
N TYR TA 66 57.52 40.74 2.41
CA TYR TA 66 56.08 40.56 2.27
C TYR TA 66 55.41 41.83 1.77
N VAL TA 67 56.10 42.97 1.87
CA VAL TA 67 55.55 44.20 1.30
C VAL TA 67 55.74 44.23 -0.21
N VAL TA 68 56.97 43.97 -0.67
CA VAL TA 68 57.26 44.08 -2.10
C VAL TA 68 56.65 42.91 -2.86
N PHE TA 69 56.31 41.83 -2.16
CA PHE TA 69 55.55 40.75 -2.79
C PHE TA 69 54.10 41.16 -2.97
N ASN TA 70 53.58 41.99 -2.09
CA ASN TA 70 52.21 42.44 -2.25
C ASN TA 70 52.14 43.75 -3.03
N TYR TA 71 53.27 44.29 -3.42
CA TYR TA 71 53.21 45.44 -4.33
C TYR TA 71 52.95 44.98 -5.76
N CYS TA 72 53.19 43.71 -6.05
CA CYS TA 72 53.02 43.21 -7.41
C CYS TA 72 51.55 43.06 -7.78
N ARG TA 73 50.73 42.57 -6.84
CA ARG TA 73 49.31 42.35 -7.13
C ARG TA 73 48.58 43.67 -7.29
N SER TA 74 48.99 44.68 -6.52
CA SER TA 74 48.31 45.95 -6.55
C SER TA 74 48.68 46.76 -7.79
N TYR TA 75 49.71 46.34 -8.52
CA TYR TA 75 50.28 47.17 -9.57
C TYR TA 75 49.33 47.30 -10.76
N LYS TA 76 48.55 46.25 -11.02
CA LYS TA 76 47.65 46.25 -12.16
C LYS TA 76 46.51 47.25 -11.96
N GLU TA 77 46.12 47.47 -10.71
CA GLU TA 77 44.92 48.27 -10.46
C GLU TA 77 45.22 49.76 -10.42
N LEU TA 78 46.32 50.15 -9.79
CA LEU TA 78 46.63 51.56 -9.57
C LEU TA 78 47.66 52.11 -10.54
N LYS TA 79 47.50 51.78 -11.82
CA LYS TA 79 48.40 52.13 -12.93
C LYS TA 79 48.91 53.58 -12.96
N HIS TA 80 48.04 54.57 -13.24
CA HIS TA 80 48.23 56.01 -13.04
C HIS TA 80 49.36 56.64 -13.87
N GLU TA 81 50.14 55.83 -14.59
CA GLU TA 81 51.35 56.34 -15.22
C GLU TA 81 51.03 56.90 -16.60
N ARG TA 82 51.61 58.06 -16.90
CA ARG TA 82 51.40 58.71 -18.18
C ARG TA 82 52.33 58.10 -19.23
N LEU TA 83 52.46 58.81 -20.35
CA LEU TA 83 53.36 58.40 -21.43
C LEU TA 83 54.77 58.97 -21.21
N ARG TA 84 55.25 58.78 -19.99
CA ARG TA 84 56.50 59.38 -19.53
C ARG TA 84 56.95 58.69 -18.26
N LYS TA 85 57.89 59.33 -17.58
CA LYS TA 85 58.34 58.93 -16.27
C LYS TA 85 58.04 60.04 -15.27
N TYR TA 86 58.16 59.72 -13.98
CA TYR TA 86 57.91 60.70 -12.95
C TYR TA 86 59.15 61.57 -12.72
N HIS TA 87 59.06 62.45 -11.74
CA HIS TA 87 60.18 63.32 -11.36
C HIS TA 87 61.36 62.50 -10.84
N UNK UA 1 89.42 72.79 -13.80
CA UNK UA 1 90.66 73.45 -14.18
C UNK UA 1 91.13 72.97 -15.55
N UNK UA 2 92.12 73.66 -16.11
CA UNK UA 2 92.74 73.25 -17.36
C UNK UA 2 93.60 72.02 -17.10
N UNK UA 3 94.17 71.97 -15.89
CA UNK UA 3 94.91 70.81 -15.43
C UNK UA 3 93.95 69.70 -15.06
N UNK UA 4 92.70 70.07 -14.78
CA UNK UA 4 91.63 69.10 -14.56
C UNK UA 4 90.86 68.86 -15.86
N UNK UA 5 91.40 69.36 -16.96
CA UNK UA 5 90.81 69.15 -18.29
C UNK UA 5 91.70 68.26 -19.14
N UNK UA 6 93.01 68.54 -19.12
CA UNK UA 6 93.96 67.77 -19.89
C UNK UA 6 94.20 66.40 -19.25
N UNK UA 7 94.05 66.33 -17.93
CA UNK UA 7 94.21 65.08 -17.21
C UNK UA 7 93.02 64.15 -17.47
N UNK UA 8 91.88 64.75 -17.80
CA UNK UA 8 90.71 63.98 -18.19
C UNK UA 8 90.98 63.32 -19.54
N UNK UA 9 91.58 64.07 -20.45
CA UNK UA 9 91.93 63.56 -21.77
C UNK UA 9 93.13 62.62 -21.68
N UNK UA 10 93.98 62.85 -20.68
CA UNK UA 10 95.11 61.97 -20.44
C UNK UA 10 94.61 60.65 -19.88
N UNK UA 11 93.59 60.72 -19.03
CA UNK UA 11 92.96 59.53 -18.51
C UNK UA 11 92.20 58.84 -19.63
N UNK UA 12 91.59 59.63 -20.51
CA UNK UA 12 90.85 59.12 -21.66
C UNK UA 12 91.77 58.39 -22.62
N UNK UA 13 93.00 58.89 -22.74
CA UNK UA 13 94.02 58.19 -23.53
C UNK UA 13 94.45 56.95 -22.77
N UNK UA 14 94.55 57.07 -21.44
CA UNK UA 14 94.98 55.97 -20.59
C UNK UA 14 93.91 54.89 -20.53
N UNK UA 15 92.65 55.31 -20.58
CA UNK UA 15 91.55 54.37 -20.54
C UNK UA 15 91.47 53.62 -21.85
N UNK UA 16 91.38 54.37 -22.95
CA UNK UA 16 91.15 53.80 -24.28
C UNK UA 16 92.29 52.90 -24.75
N UNK UA 17 93.48 53.14 -24.22
CA UNK UA 17 94.61 52.25 -24.46
C UNK UA 17 94.34 50.90 -23.81
N UNK UA 18 93.71 50.92 -22.65
CA UNK UA 18 93.42 49.68 -21.93
C UNK UA 18 92.00 49.19 -22.23
N UNK UA 19 91.10 50.10 -22.60
CA UNK UA 19 89.72 49.74 -22.89
C UNK UA 19 89.63 48.97 -24.18
N UNK UA 20 90.28 49.49 -25.22
CA UNK UA 20 90.30 48.84 -26.51
C UNK UA 20 91.16 47.58 -26.47
N UNK UA 21 92.07 47.54 -25.49
CA UNK UA 21 92.81 46.32 -25.21
C UNK UA 21 91.87 45.28 -24.62
N UNK UA 22 90.88 45.73 -23.87
CA UNK UA 22 89.99 44.83 -23.15
C UNK UA 22 88.71 44.52 -23.91
N UNK UA 23 88.14 45.54 -24.57
CA UNK UA 23 86.89 45.38 -25.28
C UNK UA 23 87.04 44.48 -26.50
N UNK UA 24 88.20 44.57 -27.14
CA UNK UA 24 88.49 43.71 -28.27
C UNK UA 24 88.79 42.29 -27.79
N UNK UA 25 89.43 42.20 -26.63
CA UNK UA 25 89.78 40.90 -26.04
C UNK UA 25 88.53 40.17 -25.59
N UNK UA 26 87.56 40.93 -25.07
CA UNK UA 26 86.28 40.37 -24.67
C UNK UA 26 85.48 39.97 -25.90
N UNK UA 27 85.64 40.75 -26.97
CA UNK UA 27 85.02 40.44 -28.25
C UNK UA 27 85.65 39.17 -28.82
N UNK UA 28 86.96 39.03 -28.63
CA UNK UA 28 87.70 37.85 -29.04
C UNK UA 28 87.37 36.67 -28.15
N UNK UA 29 87.04 36.96 -26.88
CA UNK UA 29 86.65 35.94 -25.91
C UNK UA 29 85.33 35.31 -26.32
N UNK UA 30 84.49 36.10 -26.96
CA UNK UA 30 83.27 35.59 -27.56
C UNK UA 30 83.58 34.93 -28.90
N UNK UA 31 84.52 35.52 -29.65
CA UNK UA 31 84.78 35.12 -31.02
C UNK UA 31 85.42 33.74 -31.13
N UNK UA 32 86.44 33.48 -30.32
CA UNK UA 32 87.15 32.22 -30.37
C UNK UA 32 86.29 31.09 -29.80
N UNK UA 33 85.39 31.46 -28.90
CA UNK UA 33 84.48 30.49 -28.28
C UNK UA 33 83.37 30.11 -29.24
N UNK UA 34 82.70 31.12 -29.80
CA UNK UA 34 81.52 30.90 -30.62
C UNK UA 34 81.81 30.89 -32.12
N UNK UA 35 82.97 30.41 -32.49
CA UNK UA 35 83.31 30.29 -33.91
C UNK UA 35 82.87 28.93 -34.45
N UNK UA 36 82.62 28.00 -33.53
CA UNK UA 36 82.26 26.63 -33.90
C UNK UA 36 80.77 26.52 -34.27
N UNK UA 37 79.91 27.00 -33.37
CA UNK UA 37 78.45 26.97 -33.49
C UNK UA 37 77.89 25.56 -33.72
N UNK UA 38 77.53 24.84 -32.64
CA UNK UA 38 77.62 25.32 -31.26
C UNK UA 38 78.20 24.25 -30.33
N UNK UA 39 78.98 24.69 -29.35
CA UNK UA 39 79.57 23.79 -28.36
C UNK UA 39 79.86 24.52 -27.06
N UNK UA 40 80.04 25.84 -27.18
CA UNK UA 40 80.23 26.79 -26.09
C UNK UA 40 81.44 26.53 -25.18
N UNK UA 41 81.59 27.40 -24.19
CA UNK UA 41 82.64 27.28 -23.20
C UNK UA 41 82.08 27.67 -21.83
N UNK UA 42 80.99 27.02 -21.45
CA UNK UA 42 80.26 27.35 -20.23
C UNK UA 42 81.00 26.87 -18.99
N UNK UA 43 80.48 27.26 -17.83
CA UNK UA 43 81.02 26.81 -16.55
C UNK UA 43 80.39 25.48 -16.18
N UNK UA 44 80.70 24.44 -16.96
CA UNK UA 44 80.14 23.08 -16.85
C UNK UA 44 78.62 23.04 -16.84
N UNK UA 45 78.01 23.39 -17.98
CA UNK UA 45 76.56 23.45 -18.07
C UNK UA 45 75.93 22.07 -18.14
N UNK UA 46 75.21 21.70 -17.09
CA UNK UA 46 74.56 20.41 -17.02
C UNK UA 46 73.33 20.52 -16.10
N UNK UA 47 73.29 21.61 -15.36
CA UNK UA 47 72.22 21.98 -14.45
C UNK UA 47 71.88 20.91 -13.42
N UNK UA 48 72.67 20.85 -12.35
CA UNK UA 48 72.44 19.99 -11.17
C UNK UA 48 72.22 18.50 -11.49
N UNK UA 49 73.22 17.86 -12.08
CA UNK UA 49 73.10 16.46 -12.49
C UNK UA 49 73.79 15.49 -11.53
N UNK UA 50 75.07 15.22 -11.76
CA UNK UA 50 75.80 14.25 -10.96
C UNK UA 50 76.95 14.91 -10.18
N UNK UA 51 77.48 16.00 -10.72
CA UNK UA 51 78.50 16.76 -10.02
C UNK UA 51 77.83 17.66 -8.99
N UNK UA 52 78.41 17.70 -7.79
CA UNK UA 52 77.87 18.53 -6.72
C UNK UA 52 78.50 19.91 -6.73
N UNK UA 53 79.33 20.17 -7.75
CA UNK UA 53 79.98 21.46 -7.90
C UNK UA 53 79.15 22.39 -8.78
N UNK UA 54 77.85 22.12 -8.87
CA UNK UA 54 76.92 22.98 -9.60
C UNK UA 54 76.17 23.88 -8.62
N UNK UA 55 76.74 24.03 -7.44
CA UNK UA 55 76.27 25.01 -6.48
C UNK UA 55 77.35 26.05 -6.37
N UNK UA 56 78.58 25.58 -6.40
CA UNK UA 56 79.76 26.45 -6.41
C UNK UA 56 79.83 27.16 -7.75
N UNK UA 57 79.49 26.44 -8.82
CA UNK UA 57 79.39 27.05 -10.14
C UNK UA 57 78.13 27.90 -10.23
N UNK UA 58 77.17 27.63 -9.34
CA UNK UA 58 75.97 28.46 -9.21
C UNK UA 58 76.29 29.66 -8.34
N UNK UA 59 77.49 29.69 -7.79
CA UNK UA 59 78.00 30.88 -7.15
C UNK UA 59 79.17 31.44 -7.97
N UNK UA 60 79.57 30.71 -9.00
CA UNK UA 60 80.65 31.17 -9.88
C UNK UA 60 80.09 31.77 -11.17
N UNK UA 61 78.84 31.44 -11.46
CA UNK UA 61 78.17 32.01 -12.63
C UNK UA 61 77.84 33.47 -12.37
N UNK UA 62 77.09 33.70 -11.29
CA UNK UA 62 76.63 35.04 -10.94
C UNK UA 62 77.74 35.92 -10.38
N UNK UA 63 78.88 35.33 -10.02
CA UNK UA 63 80.03 36.11 -9.61
C UNK UA 63 80.86 36.42 -10.86
N UNK UA 64 80.67 35.63 -11.90
CA UNK UA 64 81.19 35.99 -13.19
C UNK UA 64 80.23 36.98 -13.80
N UNK UA 65 78.97 36.89 -13.37
CA UNK UA 65 77.95 37.85 -13.78
C UNK UA 65 77.80 38.94 -12.73
N UNK UA 66 78.81 39.08 -11.88
CA UNK UA 66 78.86 40.16 -10.90
C UNK UA 66 79.25 41.44 -11.61
N UNK UA 67 79.87 41.27 -12.76
CA UNK UA 67 80.15 42.37 -13.66
C UNK UA 67 78.85 42.92 -14.19
N UNK UA 68 77.89 42.03 -14.45
CA UNK UA 68 76.64 42.38 -15.08
C UNK UA 68 75.78 43.26 -14.19
N UNK UA 69 75.84 42.99 -12.89
CA UNK UA 69 75.14 43.82 -11.91
C UNK UA 69 75.81 45.18 -11.90
N UNK UA 70 77.14 45.16 -11.97
CA UNK UA 70 77.92 46.39 -12.06
C UNK UA 70 77.77 47.01 -13.43
N UNK UA 71 77.43 46.20 -14.44
CA UNK UA 71 77.14 46.74 -15.76
C UNK UA 71 75.81 47.46 -15.71
N UNK UA 72 74.91 46.93 -14.90
CA UNK UA 72 73.61 47.54 -14.71
C UNK UA 72 73.75 48.76 -13.80
N UNK UA 73 74.85 48.82 -13.06
CA UNK UA 73 75.14 49.96 -12.19
C UNK UA 73 75.60 51.19 -12.97
N UNK UA 74 75.85 51.00 -14.26
CA UNK UA 74 76.12 52.11 -15.14
C UNK UA 74 74.83 52.50 -15.83
N UNK UA 75 74.14 51.49 -16.35
CA UNK UA 75 72.98 51.68 -17.20
C UNK UA 75 71.81 52.31 -16.47
N UNK UA 76 71.76 52.09 -15.16
CA UNK UA 76 70.70 52.64 -14.32
C UNK UA 76 70.88 54.14 -14.15
N UNK UA 77 72.12 54.60 -14.30
CA UNK UA 77 72.42 56.03 -14.19
C UNK UA 77 72.03 56.75 -15.46
N UNK UA 78 71.93 56.01 -16.55
CA UNK UA 78 71.60 56.56 -17.86
C UNK UA 78 70.18 57.12 -17.87
N UNK UA 79 69.20 56.27 -17.60
CA UNK UA 79 67.79 56.68 -17.57
C UNK UA 79 67.50 57.59 -16.40
N UNK UA 80 68.39 57.58 -15.41
CA UNK UA 80 68.30 58.46 -14.25
C UNK UA 80 68.39 59.93 -14.63
N UNK UA 81 69.57 60.32 -15.13
CA UNK UA 81 69.81 61.72 -15.41
C UNK UA 81 69.19 62.16 -16.72
N UNK UA 82 68.67 61.20 -17.49
CA UNK UA 82 68.12 61.46 -18.82
C UNK UA 82 66.91 62.39 -18.82
N UNK UA 83 65.92 62.13 -17.97
CA UNK UA 83 64.73 62.96 -17.94
C UNK UA 83 65.05 64.31 -17.34
N UNK UA 84 66.03 64.31 -16.43
CA UNK UA 84 66.53 65.49 -15.72
C UNK UA 84 65.42 66.25 -15.00
N GLN VA 1 51.31 10.96 7.56
CA GLN VA 1 50.53 12.08 8.09
C GLN VA 1 50.70 12.20 9.60
N PHE VA 2 51.52 13.17 10.01
CA PHE VA 2 51.76 13.36 11.44
C PHE VA 2 51.24 14.72 11.90
N GLN VA 3 50.31 15.29 11.15
CA GLN VA 3 49.53 16.44 11.60
C GLN VA 3 48.26 15.94 12.27
N PHE VA 4 48.22 14.65 12.61
CA PHE VA 4 47.09 14.04 13.28
C PHE VA 4 47.42 13.59 14.70
N THR VA 5 48.41 12.71 14.87
CA THR VA 5 48.58 12.03 16.16
C THR VA 5 49.23 12.92 17.20
N GLY VA 6 49.71 14.09 16.78
CA GLY VA 6 50.09 15.09 17.77
C GLY VA 6 48.89 15.70 18.44
N ILE VA 7 47.80 15.86 17.70
CA ILE VA 7 46.58 16.48 18.23
C ILE VA 7 45.37 15.56 18.10
N LYS VA 8 45.57 14.24 18.14
CA LYS VA 8 44.43 13.34 18.01
C LYS VA 8 43.78 13.10 19.36
N LYS VA 9 44.55 13.23 20.43
CA LYS VA 9 43.96 13.15 21.76
C LYS VA 9 43.08 14.36 22.05
N TYR VA 10 43.35 15.47 21.36
CA TYR VA 10 42.58 16.69 21.56
C TYR VA 10 41.25 16.63 20.83
N PHE VA 11 41.21 15.94 19.69
CA PHE VA 11 40.09 16.07 18.77
C PHE VA 11 38.83 15.43 19.35
N ASN VA 12 38.86 14.12 19.61
CA ASN VA 12 37.66 13.43 20.10
C ASN VA 12 37.29 13.83 21.52
N SER VA 13 38.15 14.62 22.19
CA SER VA 13 37.74 15.31 23.40
C SER VA 13 36.69 16.39 23.12
N TYR VA 14 37.04 17.39 22.30
CA TYR VA 14 36.19 18.55 22.15
C TYR VA 14 35.49 18.65 20.80
N THR VA 15 35.80 17.80 19.83
CA THR VA 15 35.06 17.88 18.55
C THR VA 15 33.68 17.27 18.67
N LEU VA 16 33.38 16.67 19.82
CA LEU VA 16 32.03 16.21 20.10
C LEU VA 16 31.05 17.37 20.09
N THR VA 17 31.51 18.55 20.49
CA THR VA 17 30.66 19.73 20.40
C THR VA 17 31.25 20.75 19.44
N GLY VA 18 32.57 20.70 19.25
CA GLY VA 18 33.23 21.73 18.47
C GLY VA 18 33.11 21.51 16.98
N ARG VA 19 32.96 20.26 16.57
CA ARG VA 19 32.85 19.91 15.15
C ARG VA 19 31.39 19.81 14.74
N MET VA 20 30.68 20.91 14.95
CA MET VA 20 29.30 21.07 14.54
C MET VA 20 29.20 22.13 13.45
N ASN VA 21 30.08 22.05 12.46
CA ASN VA 21 30.06 23.01 11.35
C ASN VA 21 28.89 22.77 10.40
N CYS VA 22 28.07 21.74 10.67
CA CYS VA 22 26.89 21.48 9.86
C CYS VA 22 25.90 22.63 9.94
N VAL VA 23 25.76 23.25 11.13
CA VAL VA 23 24.93 24.44 11.26
C VAL VA 23 25.55 25.58 10.48
N LEU VA 24 26.88 25.67 10.49
CA LEU VA 24 27.58 26.60 9.60
C LEU VA 24 27.40 26.18 8.14
N ALA VA 25 27.37 24.87 7.88
CA ALA VA 25 27.17 24.40 6.51
C ALA VA 25 25.75 24.65 6.04
N THR VA 26 24.78 24.49 6.92
CA THR VA 26 23.40 24.76 6.53
C THR VA 26 23.15 26.26 6.42
N TYR VA 27 23.67 27.04 7.36
CA TYR VA 27 23.52 28.50 7.25
C TYR VA 27 24.42 29.06 6.15
N GLY VA 28 25.44 28.29 5.75
CA GLY VA 28 26.21 28.68 4.59
C GLY VA 28 25.53 28.29 3.29
N GLY VA 29 25.03 27.05 3.22
CA GLY VA 29 24.47 26.54 1.97
C GLY VA 29 23.18 27.24 1.58
N ILE VA 30 22.38 27.64 2.58
CA ILE VA 30 21.20 28.45 2.30
C ILE VA 30 21.62 29.85 1.86
N ALA VA 31 22.74 30.35 2.40
CA ALA VA 31 23.22 31.67 2.00
C ALA VA 31 23.78 31.66 0.59
N LEU VA 32 24.05 30.46 0.05
CA LEU VA 32 24.39 30.34 -1.36
C LEU VA 32 23.17 30.56 -2.23
N LEU VA 33 21.99 30.24 -1.70
CA LEU VA 33 20.83 30.09 -2.56
C LEU VA 33 20.22 31.44 -2.93
N VAL VA 34 20.30 32.43 -2.03
CA VAL VA 34 19.62 33.69 -2.29
C VAL VA 34 20.42 34.53 -3.28
N LEU VA 35 21.72 34.26 -3.40
CA LEU VA 35 22.54 35.10 -4.26
C LEU VA 35 22.56 34.58 -5.69
N TYR VA 36 22.43 33.28 -5.87
CA TYR VA 36 22.22 32.75 -7.22
C TYR VA 36 20.83 33.08 -7.71
N PHE VA 37 19.90 33.34 -6.80
CA PHE VA 37 18.51 33.57 -7.19
C PHE VA 37 18.30 35.02 -7.61
N LYS VA 38 19.00 35.95 -6.97
CA LYS VA 38 18.82 37.36 -7.33
C LYS VA 38 19.51 37.68 -8.64
N LEU VA 39 20.58 36.95 -8.97
CA LEU VA 39 21.23 37.16 -10.26
C LEU VA 39 20.48 36.41 -11.36
N ARG VA 40 19.67 35.43 -10.99
CA ARG VA 40 18.79 34.79 -11.96
C ARG VA 40 17.66 35.72 -12.37
N SER VA 41 17.12 36.49 -11.42
CA SER VA 41 16.09 37.46 -11.75
C SER VA 41 16.71 38.81 -12.10
N LYS VA 42 18.03 38.92 -11.97
CA LYS VA 42 18.82 40.12 -12.30
C LYS VA 42 18.37 41.39 -11.59
N UNK WA 1 -1.96 32.78 42.22
CA UNK WA 1 -1.36 31.45 42.17
C UNK WA 1 0.17 31.53 42.10
N UNK WA 2 0.77 32.24 43.05
CA UNK WA 2 2.22 32.24 43.20
C UNK WA 2 2.60 30.89 43.80
N UNK WA 3 3.66 30.28 43.28
CA UNK WA 3 4.16 28.95 43.67
C UNK WA 3 3.10 27.83 43.56
N UNK WA 4 2.17 27.98 42.63
CA UNK WA 4 1.22 26.91 42.29
C UNK WA 4 1.89 26.02 41.25
N UNK WA 5 2.21 26.63 40.10
CA UNK WA 5 3.24 26.12 39.20
C UNK WA 5 4.53 26.71 39.74
N UNK WA 6 5.14 26.00 40.68
CA UNK WA 6 6.15 26.55 41.57
C UNK WA 6 7.49 26.83 40.90
N UNK WA 7 8.50 27.05 41.74
CA UNK WA 7 9.86 27.33 41.28
C UNK WA 7 10.49 26.05 40.71
N UNK WA 8 11.38 25.43 41.48
CA UNK WA 8 12.01 24.12 41.18
C UNK WA 8 12.65 23.96 39.80
N UNK WA 9 13.00 25.09 39.15
CA UNK WA 9 13.55 25.16 37.80
C UNK WA 9 12.68 24.54 36.70
N UNK WA 10 13.16 24.62 35.46
CA UNK WA 10 12.59 23.97 34.27
C UNK WA 10 11.10 24.22 34.00
N UNK WA 11 10.26 23.70 34.89
CA UNK WA 11 8.81 23.71 34.76
C UNK WA 11 8.16 25.10 34.69
N UNK WA 12 8.89 26.14 35.07
CA UNK WA 12 8.38 27.48 34.95
C UNK WA 12 8.41 27.94 33.51
N UNK WA 13 9.54 27.72 32.84
CA UNK WA 13 9.77 28.26 31.50
C UNK WA 13 9.49 27.29 30.36
N UNK WA 14 9.46 25.98 30.67
CA UNK WA 14 9.23 24.94 29.68
C UNK WA 14 7.83 25.06 29.13
N UNK WA 15 6.91 25.43 30.00
CA UNK WA 15 5.55 25.70 29.60
C UNK WA 15 5.47 26.99 28.81
N UNK WA 16 6.35 27.93 29.13
CA UNK WA 16 6.29 29.28 28.56
C UNK WA 16 6.69 29.31 27.09
N UNK WA 17 7.45 28.29 26.66
CA UNK WA 17 7.80 28.15 25.26
C UNK WA 17 6.91 27.10 24.60
N UNK WA 18 6.21 26.32 25.42
CA UNK WA 18 5.31 25.30 24.90
C UNK WA 18 3.90 25.87 24.73
N UNK WA 19 3.51 26.80 25.60
CA UNK WA 19 2.22 27.46 25.46
C UNK WA 19 2.30 28.51 24.36
N UNK WA 20 3.52 28.93 24.04
CA UNK WA 20 3.78 29.77 22.89
C UNK WA 20 3.92 28.89 21.66
N UNK WA 21 4.01 27.58 21.88
CA UNK WA 21 4.02 26.60 20.80
C UNK WA 21 2.62 26.03 20.60
N UNK WA 22 1.64 26.92 20.57
CA UNK WA 22 0.26 26.57 20.32
C UNK WA 22 -0.42 27.83 19.83
N UNK WA 23 0.07 28.97 20.30
CA UNK WA 23 -0.41 30.26 19.83
C UNK WA 23 0.22 30.60 18.49
N UNK WA 24 1.27 29.85 18.13
CA UNK WA 24 1.84 29.91 16.81
C UNK WA 24 1.09 28.93 15.91
N UNK WA 25 0.54 27.89 16.53
CA UNK WA 25 -0.16 26.84 15.81
C UNK WA 25 -1.53 27.31 15.35
N UNK WA 26 -2.08 28.30 16.06
CA UNK WA 26 -3.36 28.87 15.68
C UNK WA 26 -3.12 30.16 14.90
N UNK WA 27 -1.83 30.44 14.64
CA UNK WA 27 -1.46 31.62 13.88
C UNK WA 27 -1.24 31.27 12.42
N UNK WA 28 -0.98 29.99 12.17
CA UNK WA 28 -0.81 29.49 10.82
C UNK WA 28 -2.17 29.18 10.19
N UNK WA 29 -3.20 29.14 11.03
CA UNK WA 29 -4.59 28.86 10.67
C UNK WA 29 -4.77 27.52 9.94
N ASP XA 5 34.03 44.22 -2.49
CA ASP XA 5 33.79 45.12 -1.38
C ASP XA 5 32.69 44.51 -0.53
N THR XA 6 31.46 44.89 -0.82
CA THR XA 6 30.28 44.24 -0.25
C THR XA 6 30.17 42.87 -0.92
N SER XA 7 30.96 41.93 -0.38
CA SER XA 7 31.79 41.09 -1.25
C SER XA 7 31.07 40.18 -2.23
N THR XA 8 30.69 38.95 -1.83
CA THR XA 8 29.50 38.11 -2.09
C THR XA 8 29.83 36.65 -1.78
N TRP XA 9 28.81 35.80 -1.71
CA TRP XA 9 28.84 34.43 -2.22
C TRP XA 9 29.66 33.39 -1.46
N PHE XA 10 30.62 33.81 -0.64
CA PHE XA 10 31.15 33.10 0.54
C PHE XA 10 31.74 31.69 0.42
N ILE XA 11 31.85 31.08 -0.77
CA ILE XA 11 32.31 29.69 -0.87
C ILE XA 11 33.80 29.58 -0.56
N THR XA 12 34.48 30.71 -0.59
CA THR XA 12 35.88 30.95 -0.31
C THR XA 12 36.11 30.86 1.20
N ILE XA 13 36.96 31.72 1.73
CA ILE XA 13 37.90 31.60 2.83
C ILE XA 13 37.63 30.56 3.92
N THR XA 14 36.36 30.28 4.24
CA THR XA 14 36.04 29.58 5.50
C THR XA 14 36.48 28.13 5.50
N SER XA 15 36.74 27.56 4.32
CA SER XA 15 37.31 26.22 4.29
C SER XA 15 38.82 26.27 4.42
N MET XA 16 39.38 27.46 4.29
CA MET XA 16 40.82 27.63 4.42
C MET XA 16 41.17 28.20 5.78
N ILE XA 17 40.21 28.22 6.72
CA ILE XA 17 40.50 28.67 8.07
C ILE XA 17 40.71 27.49 9.00
N MET XA 18 40.11 26.33 8.69
CA MET XA 18 40.19 25.23 9.64
C MET XA 18 41.41 24.39 9.35
N THR XA 19 41.97 24.53 8.15
CA THR XA 19 43.31 24.00 7.92
C THR XA 19 44.33 24.76 8.74
N LEU XA 20 44.05 26.03 9.03
CA LEU XA 20 44.99 26.81 9.82
C LEU XA 20 44.99 26.39 11.27
N PHE XA 21 43.86 25.87 11.75
CA PHE XA 21 43.81 25.44 13.14
C PHE XA 21 44.24 23.98 13.26
N ILE XA 22 44.95 23.47 12.26
CA ILE XA 22 45.82 22.33 12.45
C ILE XA 22 47.26 22.81 12.63
N LEU XA 23 47.58 24.00 12.10
CA LEU XA 23 48.92 24.55 12.30
C LEU XA 23 49.10 25.09 13.71
N PHE XA 24 48.18 25.95 14.16
CA PHE XA 24 48.38 26.66 15.41
C PHE XA 24 48.26 25.75 16.61
N GLN XA 25 47.59 24.61 16.44
CA GLN XA 25 47.56 23.63 17.51
C GLN XA 25 48.76 22.70 17.43
N LEU XA 26 49.64 22.92 16.45
CA LEU XA 26 50.85 22.14 16.39
C LEU XA 26 52.02 22.91 17.00
N LYS XA 27 52.09 24.21 16.72
CA LYS XA 27 53.21 25.00 17.23
C LYS XA 27 53.07 25.23 18.72
N ILE XA 28 51.91 25.71 19.15
CA ILE XA 28 51.70 26.26 20.48
C ILE XA 28 51.58 25.11 21.47
N SER XA 29 51.37 23.90 20.95
CA SER XA 29 51.27 22.73 21.81
C SER XA 29 52.62 22.36 22.39
N ASN XA 30 53.71 22.72 21.72
CA ASN XA 30 55.04 22.45 22.23
C ASN XA 30 55.58 23.69 22.91
N TYR XA 31 55.00 24.03 24.06
CA TYR XA 31 55.51 25.14 24.85
C TYR XA 31 55.89 24.58 26.23
N SER XA 32 56.54 25.43 27.02
CA SER XA 32 57.00 25.03 28.33
C SER XA 32 56.47 25.97 29.39
N TYR XA 33 56.04 25.39 30.50
CA TYR XA 33 55.52 26.18 31.60
C TYR XA 33 56.56 26.18 32.72
N PRO XA 34 56.87 27.37 33.22
CA PRO XA 34 57.85 27.55 34.29
C PRO XA 34 57.40 26.84 35.57
N ALA XA 35 56.11 26.89 35.84
CA ALA XA 35 55.54 26.27 37.03
C ALA XA 35 55.73 24.76 37.10
N SER XA 36 55.62 24.04 35.98
CA SER XA 36 55.77 22.59 36.08
C SER XA 36 57.14 22.21 36.61
N PRO XA 37 58.13 23.10 36.46
CA PRO XA 37 59.48 22.80 36.91
C PRO XA 37 59.62 22.89 38.42
N GLU XA 38 58.70 23.61 39.09
CA GLU XA 38 58.76 23.71 40.53
C GLU XA 38 58.05 22.53 41.20
N SER XA 39 57.35 21.72 40.41
CA SER XA 39 56.59 20.61 40.99
C SER XA 39 57.44 19.35 41.12
N ILE XA 40 58.45 19.19 40.24
CA ILE XA 40 59.25 17.98 40.26
C ILE XA 40 60.28 18.01 41.39
N GLU XA 41 60.51 19.19 41.99
CA GLU XA 41 61.42 19.27 43.12
C GLU XA 41 60.74 18.84 44.41
N LEU XA 42 59.40 18.84 44.42
CA LEU XA 42 58.67 18.50 45.63
C LEU XA 42 58.63 16.98 45.86
N LYS XA 43 58.41 16.21 44.80
CA LYS XA 43 58.25 14.76 44.97
C LYS XA 43 59.59 14.07 45.17
N THR XA 44 60.69 14.72 44.78
CA THR XA 44 62.00 14.15 45.03
C THR XA 44 62.38 14.28 46.50
N GLN XA 45 61.81 15.28 47.19
CA GLN XA 45 62.12 15.48 48.60
C GLN XA 45 61.40 14.48 49.48
N LYS XA 46 60.15 14.17 49.14
CA LYS XA 46 59.36 13.28 49.98
C LYS XA 46 59.73 11.82 49.77
N HIS XA 47 60.33 11.50 48.61
CA HIS XA 47 60.67 10.11 48.31
C HIS XA 47 61.88 9.66 49.10
N SER XA 48 62.94 10.48 49.14
CA SER XA 48 64.13 10.12 49.89
C SER XA 48 63.91 10.27 51.39
N THR XA 49 62.96 11.12 51.79
CA THR XA 49 62.61 11.23 53.19
C THR XA 49 61.87 9.98 53.67
N PRO XA 50 61.03 9.41 52.81
CA PRO XA 50 60.41 8.13 53.12
C PRO XA 50 61.40 6.99 52.97
N TRP XA 51 62.38 7.16 52.08
CA TRP XA 51 63.46 6.17 51.96
C TRP XA 51 64.37 6.21 53.19
N GLU XA 52 64.58 7.41 53.74
CA GLU XA 52 65.28 7.50 55.03
C GLU XA 52 64.40 6.97 56.15
N MET XA 53 63.08 7.14 56.02
CA MET XA 53 62.15 6.50 56.96
C MET XA 53 62.15 4.99 56.77
N LYS XA 54 62.37 4.54 55.53
CA LYS XA 54 62.58 3.11 55.30
C LYS XA 54 63.92 2.65 55.85
N TRP XA 55 64.88 3.58 55.94
CA TRP XA 55 66.16 3.26 56.58
C TRP XA 55 66.07 3.43 58.09
N THR XA 56 65.21 4.33 58.56
CA THR XA 56 64.97 4.46 59.99
C THR XA 56 64.19 3.25 60.51
N LYS XA 57 63.25 2.74 59.71
CA LYS XA 57 62.58 1.50 60.05
C LYS XA 57 63.52 0.31 59.90
N ILE XA 58 64.55 0.45 59.05
CA ILE XA 58 65.61 -0.55 59.00
C ILE XA 58 66.50 -0.47 60.24
N TYR XA 59 66.47 0.67 60.94
CA TYR XA 59 67.08 0.72 62.25
C TYR XA 59 66.08 0.33 63.33
N LEU XA 60 64.93 0.99 63.35
CA LEU XA 60 63.87 0.67 64.32
C LEU XA 60 62.89 -0.34 63.75
N ASN YA 2 38.18 82.23 4.55
CA ASN YA 2 38.46 81.43 3.36
C ASN YA 2 39.96 81.25 3.18
N GLU YA 3 40.61 80.67 4.19
CA GLU YA 3 42.07 80.52 4.18
C GLU YA 3 42.49 79.13 3.72
N ASN YA 4 42.05 78.13 4.46
CA ASN YA 4 42.49 76.75 4.28
C ASN YA 4 41.35 75.92 3.73
N LEU YA 5 41.38 75.70 2.42
CA LEU YA 5 40.37 74.92 1.74
C LEU YA 5 40.86 73.47 1.67
N PHE YA 6 40.17 72.58 2.37
CA PHE YA 6 40.41 71.15 2.23
C PHE YA 6 40.02 70.71 0.82
N ALA YA 7 40.59 69.60 0.39
CA ALA YA 7 40.21 68.97 -0.87
C ALA YA 7 39.75 67.55 -0.57
N SER YA 8 39.22 66.89 -1.60
CA SER YA 8 38.92 65.47 -1.52
C SER YA 8 39.21 64.85 -2.88
N PHE YA 9 39.40 63.54 -2.89
CA PHE YA 9 39.53 62.77 -4.12
C PHE YA 9 38.47 61.69 -4.11
N ILE YA 10 37.80 61.51 -5.24
CA ILE YA 10 36.75 60.50 -5.39
C ILE YA 10 37.37 59.30 -6.07
N ALA YA 11 37.48 58.20 -5.33
CA ALA YA 11 38.09 56.99 -5.85
C ALA YA 11 37.48 55.80 -5.14
N PRO YA 12 37.25 54.68 -5.84
CA PRO YA 12 36.65 53.52 -5.19
C PRO YA 12 37.62 52.85 -4.22
N THR YA 13 37.10 52.50 -3.06
CA THR YA 13 37.86 51.88 -1.99
C THR YA 13 37.63 50.37 -2.04
N MET YA 14 38.67 49.63 -2.42
CA MET YA 14 38.51 48.27 -2.93
C MET YA 14 39.01 47.23 -1.94
N MET YA 15 38.07 46.49 -1.37
CA MET YA 15 38.38 45.26 -0.64
C MET YA 15 38.28 44.10 -1.62
N GLY YA 16 39.27 43.98 -2.50
CA GLY YA 16 39.27 42.90 -3.47
C GLY YA 16 39.52 41.53 -2.86
N LEU YA 17 39.52 40.49 -3.67
CA LEU YA 17 39.74 39.20 -3.06
C LEU YA 17 40.81 38.44 -3.82
N PRO YA 18 42.10 38.71 -3.59
CA PRO YA 18 43.14 37.88 -4.19
C PRO YA 18 43.28 36.54 -3.48
N ILE YA 19 44.33 35.80 -3.85
CA ILE YA 19 44.51 34.40 -3.48
C ILE YA 19 44.74 34.29 -1.97
N VAL YA 20 43.74 33.80 -1.25
CA VAL YA 20 43.70 33.92 0.19
C VAL YA 20 44.44 32.81 0.92
N THR YA 21 44.47 31.60 0.38
CA THR YA 21 44.95 30.47 1.17
C THR YA 21 46.47 30.48 1.32
N LEU YA 22 47.15 31.39 0.63
CA LEU YA 22 48.54 31.70 0.99
C LEU YA 22 48.58 32.69 2.13
N ILE YA 23 47.66 33.66 2.12
CA ILE YA 23 47.74 34.77 3.05
C ILE YA 23 47.33 34.32 4.44
N ILE YA 24 46.49 33.29 4.52
CA ILE YA 24 46.10 32.75 5.82
C ILE YA 24 47.25 32.00 6.46
N MET YA 25 47.98 31.22 5.68
CA MET YA 25 49.03 30.37 6.23
C MET YA 25 50.25 31.19 6.67
N PHE YA 26 50.37 32.42 6.18
CA PHE YA 26 51.61 33.16 6.36
C PHE YA 26 51.86 33.63 7.80
N PRO YA 27 50.87 34.11 8.58
CA PRO YA 27 51.18 34.35 10.00
C PRO YA 27 51.21 33.10 10.86
N SER YA 28 51.41 31.92 10.30
CA SER YA 28 51.83 30.80 11.12
C SER YA 28 53.34 30.70 11.18
N LEU YA 29 54.00 31.02 10.07
CA LEU YA 29 55.44 30.84 9.99
C LEU YA 29 56.20 32.03 10.59
N LEU YA 30 55.49 33.02 11.13
CA LEU YA 30 56.16 34.06 11.90
C LEU YA 30 56.50 33.55 13.30
N PHE YA 31 55.83 32.51 13.76
CA PHE YA 31 56.08 31.98 15.09
C PHE YA 31 56.76 30.63 14.97
N PRO YA 32 57.98 30.48 15.42
CA PRO YA 32 58.62 29.17 15.41
C PRO YA 32 58.44 28.48 16.76
N THR YA 33 58.85 27.21 16.80
CA THR YA 33 58.79 26.43 18.04
C THR YA 33 60.07 25.65 18.26
N PRO YA 34 60.75 25.84 19.38
CA PRO YA 34 62.06 25.21 19.55
C PRO YA 34 61.98 23.93 20.35
N LYS YA 35 62.78 22.96 19.93
CA LYS YA 35 62.98 21.71 20.65
C LYS YA 35 64.23 21.75 21.51
N ARG YA 36 64.37 22.76 22.35
CA ARG YA 36 65.56 22.96 23.16
C ARG YA 36 65.17 23.50 24.52
N LEU YA 37 66.08 23.42 25.48
CA LEU YA 37 65.75 23.90 26.81
C LEU YA 37 65.86 25.42 26.87
N ILE YA 38 67.05 25.95 26.71
CA ILE YA 38 67.20 27.38 26.56
C ILE YA 38 66.94 27.74 25.11
N ASN YA 39 66.21 28.81 24.88
CA ASN YA 39 65.89 29.21 23.52
C ASN YA 39 66.67 30.47 23.14
N ASN YA 40 66.29 31.07 22.02
CA ASN YA 40 67.18 31.92 21.25
C ASN YA 40 66.70 33.35 21.19
N ARG YA 41 66.17 33.86 22.30
CA ARG YA 41 65.90 35.29 22.60
C ARG YA 41 65.05 36.01 21.56
N THR YA 42 64.36 35.29 20.67
CA THR YA 42 63.27 35.85 19.89
C THR YA 42 62.03 34.97 19.96
N ILE YA 43 62.17 33.68 20.24
CA ILE YA 43 61.04 32.90 20.68
C ILE YA 43 60.79 33.14 22.15
N SER YA 44 61.84 33.50 22.90
CA SER YA 44 61.73 33.58 24.35
C SER YA 44 60.88 34.75 24.81
N ILE YA 45 60.65 35.74 23.95
CA ILE YA 45 59.68 36.77 24.31
C ILE YA 45 58.34 36.50 23.66
N GLN YA 46 58.25 35.48 22.82
CA GLN YA 46 56.94 34.98 22.43
C GLN YA 46 56.44 33.98 23.47
N GLN YA 47 57.37 33.19 24.03
CA GLN YA 47 57.00 32.17 25.00
C GLN YA 47 56.59 32.79 26.33
N TRP YA 48 57.11 33.98 26.64
CA TRP YA 48 56.70 34.66 27.85
C TRP YA 48 55.34 35.31 27.69
N LEU YA 49 55.04 35.74 26.47
CA LEU YA 49 53.82 36.52 26.23
C LEU YA 49 52.58 35.64 26.32
N ILE YA 50 52.76 34.33 26.12
CA ILE YA 50 51.66 33.39 26.28
C ILE YA 50 51.44 33.09 27.75
N GLN YA 51 52.53 32.97 28.52
CA GLN YA 51 52.39 32.57 29.91
C GLN YA 51 51.83 33.68 30.78
N LEU YA 52 51.71 34.91 30.25
CA LEU YA 52 50.83 35.88 30.88
C LEU YA 52 49.37 35.54 30.63
N THR YA 53 48.93 35.59 29.37
CA THR YA 53 47.50 35.55 29.10
C THR YA 53 46.98 34.13 29.02
N SER YA 54 47.79 33.15 29.40
CA SER YA 54 47.21 31.87 29.76
C SER YA 54 46.86 31.84 31.23
N LYS YA 55 47.30 32.84 31.99
CA LYS YA 55 46.94 32.89 33.40
C LYS YA 55 45.81 33.86 33.67
N GLN YA 56 45.02 34.19 32.64
CA GLN YA 56 43.83 35.00 32.87
C GLN YA 56 42.59 34.35 32.26
N MET YA 57 42.77 33.51 31.25
CA MET YA 57 41.68 32.66 30.80
C MET YA 57 41.72 31.31 31.50
N MET YA 58 42.57 31.17 32.52
CA MET YA 58 42.56 29.96 33.33
C MET YA 58 41.88 30.22 34.66
N ALA YA 59 42.04 31.44 35.18
CA ALA YA 59 41.72 31.71 36.58
C ALA YA 59 40.23 31.71 36.84
N ILE YA 60 39.44 32.18 35.88
CA ILE YA 60 38.00 32.31 36.08
C ILE YA 60 37.34 30.94 36.15
N HIS YA 61 37.73 30.04 35.26
CA HIS YA 61 36.94 28.84 35.03
C HIS YA 61 37.08 27.85 36.18
N ASN YA 62 38.29 27.34 36.41
CA ASN YA 62 38.66 26.52 37.58
C ASN YA 62 37.76 25.31 37.74
N GLN YA 63 37.71 24.49 36.69
CA GLN YA 63 36.80 23.37 36.63
C GLN YA 63 37.50 22.21 35.97
N LYS YA 64 36.70 21.26 35.52
CA LYS YA 64 37.17 20.36 34.47
C LYS YA 64 36.70 20.84 33.11
N GLY YA 65 36.46 22.13 32.99
CA GLY YA 65 36.32 22.80 31.71
C GLY YA 65 37.59 23.56 31.39
N GLN YA 66 38.67 23.19 32.07
CA GLN YA 66 39.97 23.79 31.79
C GLN YA 66 40.62 23.14 30.58
N THR YA 67 40.08 22.01 30.14
CA THR YA 67 40.61 21.32 28.97
C THR YA 67 40.38 22.15 27.71
N TRP YA 68 39.31 22.94 27.72
CA TRP YA 68 38.95 23.75 26.57
C TRP YA 68 39.90 24.93 26.39
N SER YA 69 40.63 25.30 27.45
CA SER YA 69 41.30 26.60 27.46
C SER YA 69 42.63 26.56 26.73
N LEU YA 70 43.13 25.37 26.42
CA LEU YA 70 44.38 25.30 25.68
C LEU YA 70 44.15 25.60 24.20
N MET YA 71 42.90 25.58 23.76
CA MET YA 71 42.57 26.01 22.40
C MET YA 71 42.38 27.51 22.32
N LEU YA 72 41.83 28.12 23.38
CA LEU YA 72 41.43 29.52 23.33
C LEU YA 72 42.62 30.45 23.25
N MET YA 73 43.82 29.96 23.55
CA MET YA 73 45.01 30.77 23.36
C MET YA 73 45.59 30.61 21.96
N SER YA 74 45.05 29.66 21.18
CA SER YA 74 45.41 29.63 19.76
C SER YA 74 44.52 30.57 18.99
N LEU YA 75 43.31 30.78 19.51
CA LEU YA 75 42.35 31.67 18.86
C LEU YA 75 42.77 33.11 19.02
N ILE YA 76 43.59 33.42 20.02
CA ILE YA 76 43.97 34.80 20.28
C ILE YA 76 45.21 35.17 19.48
N MET YA 77 46.02 34.17 19.11
CA MET YA 77 47.25 34.47 18.37
C MET YA 77 46.97 34.62 16.89
N PHE YA 78 45.92 33.98 16.39
CA PHE YA 78 45.64 34.06 14.96
C PHE YA 78 45.05 35.43 14.60
N ILE YA 79 43.98 35.85 15.28
CA ILE YA 79 43.43 37.16 14.96
C ILE YA 79 44.16 38.25 15.73
N GLY YA 80 45.07 37.87 16.61
CA GLY YA 80 46.02 38.84 17.11
C GLY YA 80 47.09 39.16 16.09
N SER YA 81 47.44 38.18 15.25
CA SER YA 81 48.45 38.42 14.23
C SER YA 81 47.82 38.95 12.95
N THR YA 82 46.72 38.35 12.51
CA THR YA 82 46.15 38.72 11.21
C THR YA 82 45.39 40.03 11.27
N ASN YA 83 45.35 40.67 12.43
CA ASN YA 83 44.90 42.05 12.48
C ASN YA 83 46.08 43.00 12.59
N ILE YA 84 47.25 42.48 12.94
CA ILE YA 84 48.41 43.35 13.14
C ILE YA 84 49.30 43.36 11.91
N LEU YA 85 49.19 42.34 11.06
CA LEU YA 85 49.98 42.32 9.83
C LEU YA 85 49.50 43.38 8.86
N GLY YA 86 48.21 43.62 8.82
CA GLY YA 86 47.62 44.46 7.80
C GLY YA 86 47.86 45.94 7.88
N LEU YA 87 48.56 46.38 8.94
CA LEU YA 87 48.84 47.80 9.07
C LEU YA 87 49.95 48.24 8.13
N LEU YA 88 50.67 47.28 7.56
CA LEU YA 88 51.74 47.50 6.59
C LEU YA 88 51.22 48.20 5.33
N PRO YA 89 52.12 48.77 4.47
CA PRO YA 89 51.68 49.50 3.27
C PRO YA 89 50.63 48.87 2.35
N HIS YA 90 50.88 47.68 1.82
CA HIS YA 90 49.92 47.10 0.87
C HIS YA 90 49.57 45.67 1.24
N SER YA 91 49.31 45.40 2.50
CA SER YA 91 48.98 44.04 2.88
C SER YA 91 47.47 43.84 2.95
N PHE YA 92 47.07 42.57 3.07
CA PHE YA 92 45.68 42.15 3.01
C PHE YA 92 45.38 41.25 4.19
N THR YA 93 44.33 41.62 4.99
CA THR YA 93 43.83 40.95 6.19
C THR YA 93 42.68 40.02 5.84
N PRO YA 94 42.76 38.74 6.22
CA PRO YA 94 41.60 37.87 6.01
C PRO YA 94 40.42 38.15 6.93
N THR YA 95 40.61 38.76 8.10
CA THR YA 95 39.47 39.14 8.94
C THR YA 95 38.80 40.43 8.51
N THR YA 96 39.12 40.93 7.33
CA THR YA 96 38.34 42.01 6.76
C THR YA 96 37.03 41.48 6.20
N GLN YA 97 37.08 40.36 5.49
CA GLN YA 97 35.89 39.82 4.84
C GLN YA 97 34.99 39.19 5.88
N LEU YA 98 33.68 39.28 5.65
CA LEU YA 98 32.72 38.84 6.67
C LEU YA 98 32.49 37.34 6.61
N SER YA 99 33.18 36.65 5.69
CA SER YA 99 32.88 35.25 5.43
C SER YA 99 33.42 34.36 6.54
N MET YA 100 34.70 34.50 6.86
CA MET YA 100 35.30 33.55 7.81
C MET YA 100 34.86 33.82 9.23
N ASN YA 101 34.46 35.07 9.52
CA ASN YA 101 34.06 35.39 10.88
C ASN YA 101 32.72 34.77 11.22
N LEU YA 102 31.89 34.51 10.20
CA LEU YA 102 30.68 33.72 10.41
C LEU YA 102 31.01 32.23 10.45
N GLY YA 103 32.27 31.88 10.20
CA GLY YA 103 32.72 30.52 10.46
C GLY YA 103 33.63 30.45 11.68
N MET YA 104 33.87 31.60 12.31
CA MET YA 104 34.59 31.58 13.59
C MET YA 104 33.63 31.68 14.75
N ALA YA 105 32.49 32.33 14.55
CA ALA YA 105 31.50 32.44 15.61
C ALA YA 105 30.73 31.14 15.78
N ILE YA 106 30.08 30.68 14.72
CA ILE YA 106 29.05 29.65 14.85
C ILE YA 106 29.60 28.26 15.20
N PRO YA 107 30.76 27.81 14.68
CA PRO YA 107 31.31 26.55 15.21
C PRO YA 107 31.91 26.66 16.59
N LEU YA 108 32.01 27.86 17.15
CA LEU YA 108 32.50 27.98 18.51
C LEU YA 108 31.37 28.27 19.46
N TRP YA 109 30.42 29.11 19.04
CA TRP YA 109 29.30 29.47 19.90
C TRP YA 109 28.39 28.28 20.13
N SER YA 110 28.12 27.49 19.10
CA SER YA 110 27.27 26.32 19.26
C SER YA 110 28.05 25.14 19.81
N ALA YA 111 29.35 25.31 20.01
CA ALA YA 111 30.10 24.31 20.75
C ALA YA 111 29.92 24.53 22.25
N THR YA 112 29.29 25.65 22.63
CA THR YA 112 29.11 25.94 24.05
C THR YA 112 27.75 25.47 24.56
N VAL YA 113 26.69 25.69 23.76
CA VAL YA 113 25.35 25.33 24.23
C VAL YA 113 25.17 23.82 24.15
N PHE YA 114 26.01 23.13 23.39
CA PHE YA 114 25.95 21.68 23.35
C PHE YA 114 26.94 21.07 24.33
N THR YA 115 27.59 21.89 25.14
CA THR YA 115 28.51 21.34 26.12
C THR YA 115 27.77 20.95 27.39
N GLY YA 116 26.85 21.79 27.85
CA GLY YA 116 26.06 21.45 29.03
C GLY YA 116 24.90 20.55 28.70
N PHE YA 117 24.44 20.56 27.45
CA PHE YA 117 23.33 19.71 27.05
C PHE YA 117 23.73 18.26 26.89
N ARG YA 118 25.02 17.96 26.93
CA ARG YA 118 25.50 16.58 26.96
C ARG YA 118 25.86 16.13 28.35
N TYR YA 119 25.76 17.01 29.35
CA TYR YA 119 26.07 16.59 30.71
C TYR YA 119 24.99 16.98 31.70
N LYS YA 120 24.45 18.18 31.58
CA LYS YA 120 23.48 18.67 32.55
C LYS YA 120 22.05 18.33 32.13
N THR YA 121 21.69 18.69 30.89
CA THR YA 121 20.49 18.32 30.12
C THR YA 121 19.22 18.99 30.66
N LYS YA 122 19.28 19.59 31.83
CA LYS YA 122 18.12 20.34 32.27
C LYS YA 122 18.45 21.75 32.71
N THR YA 123 19.52 21.92 33.49
CA THR YA 123 19.73 23.20 34.14
C THR YA 123 20.64 24.12 33.33
N SER YA 124 21.07 23.69 32.15
CA SER YA 124 21.84 24.59 31.30
C SER YA 124 20.98 25.73 30.78
N LEU YA 125 19.81 25.40 30.23
CA LEU YA 125 18.85 26.41 29.80
C LEU YA 125 17.70 26.55 30.77
N ALA YA 126 17.81 25.95 31.95
CA ALA YA 126 17.07 26.45 33.09
C ALA YA 126 17.82 27.58 33.79
N HIS YA 127 18.96 28.00 33.23
CA HIS YA 127 19.53 29.32 33.54
C HIS YA 127 18.66 30.44 33.02
N PHE YA 128 17.67 30.14 32.17
CA PHE YA 128 16.62 31.09 31.87
C PHE YA 128 15.78 31.45 33.10
N LEU YA 129 15.86 30.69 34.18
CA LEU YA 129 15.13 31.07 35.39
C LEU YA 129 16.06 31.85 36.32
N PRO YA 130 15.91 33.17 36.42
CA PRO YA 130 16.91 33.95 37.16
C PRO YA 130 16.76 33.93 38.67
N GLN YA 131 15.53 33.89 39.18
CA GLN YA 131 15.33 34.21 40.59
C GLN YA 131 14.01 33.62 41.10
N GLY YA 132 13.60 34.08 42.28
CA GLY YA 132 12.45 33.59 43.01
C GLY YA 132 11.16 34.16 42.46
N THR YA 133 10.69 33.55 41.37
CA THR YA 133 9.77 34.01 40.34
C THR YA 133 8.58 34.85 40.80
N PRO YA 134 8.52 36.12 40.43
CA PRO YA 134 7.29 36.89 40.61
C PRO YA 134 6.29 36.54 39.52
N ALA YA 135 5.05 36.90 39.76
CA ALA YA 135 4.00 36.57 38.81
C ALA YA 135 3.84 37.44 37.56
N LEU YA 136 3.98 38.81 37.56
CA LEU YA 136 3.45 39.53 36.39
C LEU YA 136 4.38 39.53 35.19
N LEU YA 137 5.59 38.99 35.34
CA LEU YA 137 6.60 39.06 34.29
C LEU YA 137 7.31 37.73 34.06
N ILE YA 138 6.56 36.64 33.88
CA ILE YA 138 7.15 35.44 33.25
C ILE YA 138 7.14 35.53 31.73
N PRO YA 139 6.04 35.87 31.03
CA PRO YA 139 6.15 35.93 29.56
C PRO YA 139 6.95 37.12 29.05
N MET YA 140 7.10 38.17 29.84
CA MET YA 140 7.93 39.28 29.38
C MET YA 140 9.40 38.97 29.55
N LEU YA 141 9.74 37.89 30.27
CA LEU YA 141 11.13 37.59 30.52
C LEU YA 141 11.67 36.58 29.52
N VAL YA 142 10.95 35.47 29.33
CA VAL YA 142 11.52 34.36 28.58
C VAL YA 142 11.26 34.53 27.08
N ILE YA 143 10.72 35.69 26.67
CA ILE YA 143 10.83 36.09 25.27
C ILE YA 143 11.95 37.11 25.11
N ILE YA 144 12.51 37.59 26.22
CA ILE YA 144 13.61 38.56 26.15
C ILE YA 144 14.94 37.85 26.28
N GLU YA 145 15.06 36.97 27.27
CA GLU YA 145 16.33 36.33 27.53
C GLU YA 145 16.62 35.21 26.54
N THR YA 146 15.69 34.92 25.64
CA THR YA 146 16.01 34.00 24.55
C THR YA 146 16.28 34.75 23.26
N ILE YA 147 15.78 35.98 23.14
CA ILE YA 147 16.11 36.75 21.95
C ILE YA 147 17.46 37.41 22.12
N SER YA 148 17.97 37.46 23.36
CA SER YA 148 19.33 37.90 23.57
C SER YA 148 20.27 36.71 23.74
N LEU YA 149 19.81 35.51 23.35
CA LEU YA 149 20.72 34.39 23.23
C LEU YA 149 21.13 34.17 21.78
N PHE YA 150 20.16 34.23 20.87
CA PHE YA 150 20.46 33.93 19.48
C PHE YA 150 21.10 35.12 18.80
N ILE YA 151 21.08 36.28 19.45
CA ILE YA 151 21.83 37.42 18.95
C ILE YA 151 23.33 37.17 19.09
N GLN YA 152 23.73 36.37 20.09
CA GLN YA 152 25.14 36.22 20.44
C GLN YA 152 26.07 35.73 19.33
N PRO YA 153 25.72 34.79 18.41
CA PRO YA 153 26.64 34.51 17.30
C PRO YA 153 26.78 35.65 16.34
N VAL YA 154 25.69 36.35 16.07
CA VAL YA 154 25.74 37.54 15.24
C VAL YA 154 26.39 38.68 16.01
N ALA YA 155 26.21 38.71 17.32
CA ALA YA 155 26.84 39.74 18.13
C ALA YA 155 28.33 39.52 18.24
N LEU YA 156 28.79 38.30 18.01
CA LEU YA 156 30.20 38.00 18.22
C LEU YA 156 31.00 38.22 16.94
N ALA YA 157 30.42 37.92 15.79
CA ALA YA 157 31.17 38.03 14.55
C ALA YA 157 31.09 39.43 13.98
N VAL YA 158 29.93 40.07 14.02
CA VAL YA 158 29.75 41.34 13.32
C VAL YA 158 30.48 42.46 14.05
N ARG YA 159 30.75 42.30 15.35
CA ARG YA 159 31.51 43.33 16.04
C ARG YA 159 32.99 43.31 15.65
N LEU YA 160 33.44 42.20 15.05
CA LEU YA 160 34.85 42.11 14.67
C LEU YA 160 35.08 42.63 13.26
N THR YA 161 34.20 42.29 12.33
CA THR YA 161 34.42 42.69 10.95
C THR YA 161 34.13 44.16 10.75
N ALA YA 162 33.28 44.74 11.57
CA ALA YA 162 32.76 46.06 11.24
C ALA YA 162 33.70 47.17 11.65
N ASN YA 163 34.53 46.94 12.68
CA ASN YA 163 35.43 48.00 13.14
C ASN YA 163 36.85 47.79 12.64
N ILE YA 164 37.20 46.56 12.25
CA ILE YA 164 38.50 46.32 11.64
C ILE YA 164 38.58 47.02 10.29
N THR YA 165 37.55 46.87 9.47
CA THR YA 165 37.53 47.55 8.18
C THR YA 165 37.32 49.04 8.36
N ALA YA 166 36.69 49.45 9.46
CA ALA YA 166 36.50 50.87 9.71
C ALA YA 166 37.81 51.54 10.05
N GLY YA 167 38.80 50.78 10.51
CA GLY YA 167 40.12 51.34 10.67
C GLY YA 167 40.80 51.58 9.34
N HIS YA 168 40.49 50.76 8.34
CA HIS YA 168 41.25 50.82 7.10
C HIS YA 168 40.80 51.97 6.23
N LEU YA 169 39.56 52.42 6.39
CA LEU YA 169 39.07 53.50 5.54
C LEU YA 169 39.60 54.85 5.97
N LEU YA 170 39.75 55.05 7.27
CA LEU YA 170 40.31 56.31 7.75
C LEU YA 170 41.81 56.35 7.52
N ILE YA 171 42.43 55.19 7.35
CA ILE YA 171 43.81 55.13 6.89
C ILE YA 171 43.91 55.64 5.47
N HIS YA 172 42.96 55.25 4.61
CA HIS YA 172 42.99 55.69 3.23
C HIS YA 172 42.58 57.14 3.09
N LEU YA 173 41.45 57.50 3.69
CA LEU YA 173 40.81 58.78 3.37
C LEU YA 173 41.55 59.97 3.97
N ILE YA 174 42.01 59.83 5.21
CA ILE YA 174 42.91 60.84 5.76
C ILE YA 174 44.24 60.80 5.03
N GLY YA 175 44.66 59.61 4.60
CA GLY YA 175 45.91 59.51 3.86
C GLY YA 175 45.79 60.03 2.43
N GLY YA 176 44.64 59.78 1.80
CA GLY YA 176 44.47 60.20 0.42
C GLY YA 176 44.26 61.70 0.30
N ALA YA 177 43.84 62.34 1.38
CA ALA YA 177 43.68 63.79 1.35
C ALA YA 177 45.02 64.51 1.47
N THR YA 178 46.08 63.80 1.88
CA THR YA 178 47.42 64.35 1.80
C THR YA 178 47.88 64.46 0.36
N LEU YA 179 47.65 63.40 -0.42
CA LEU YA 179 48.12 63.35 -1.80
C LEU YA 179 47.44 64.41 -2.65
N ALA YA 180 46.17 64.68 -2.37
CA ALA YA 180 45.41 65.63 -3.15
C ALA YA 180 45.40 66.98 -2.46
N LEU YA 181 46.50 67.33 -1.80
CA LEU YA 181 46.55 68.60 -1.08
C LEU YA 181 47.62 69.50 -1.70
N LEU YA 182 47.57 69.63 -3.01
CA LEU YA 182 48.42 70.56 -3.75
C LEU YA 182 48.01 72.02 -3.61
N ASN YA 183 47.02 72.32 -2.77
CA ASN YA 183 46.80 73.64 -2.22
C ASN YA 183 47.76 73.84 -1.04
N ILE YA 184 47.49 74.85 -0.20
CA ILE YA 184 48.39 75.42 0.81
C ILE YA 184 49.05 74.36 1.69
N ASN YA 185 50.39 74.42 1.77
CA ASN YA 185 51.22 73.31 2.23
C ASN YA 185 51.39 73.25 3.75
N THR YA 186 50.83 74.19 4.49
CA THR YA 186 50.93 74.17 5.94
C THR YA 186 50.03 73.09 6.53
N MET YA 187 48.85 72.91 5.95
CA MET YA 187 47.89 71.96 6.49
C MET YA 187 48.21 70.52 6.13
N THR YA 188 49.18 70.30 5.23
CA THR YA 188 49.57 68.94 4.86
C THR YA 188 50.19 68.20 6.04
N ALA YA 189 50.96 68.91 6.86
CA ALA YA 189 51.63 68.26 7.98
C ALA YA 189 50.65 67.85 9.05
N PHE YA 190 49.62 68.67 9.26
CA PHE YA 190 48.66 68.41 10.33
C PHE YA 190 47.81 67.19 10.01
N ILE YA 191 47.51 66.96 8.73
CA ILE YA 191 46.83 65.74 8.32
C ILE YA 191 47.79 64.55 8.42
N THR YA 192 49.07 64.78 8.16
CA THR YA 192 50.06 63.72 8.36
C THR YA 192 50.22 63.40 9.84
N PHE YA 193 50.19 64.43 10.69
CA PHE YA 193 50.33 64.19 12.12
C PHE YA 193 49.08 63.55 12.70
N THR YA 194 47.94 63.76 12.06
CA THR YA 194 46.73 63.03 12.43
C THR YA 194 46.86 61.55 12.09
N ILE YA 195 47.56 61.24 10.99
CA ILE YA 195 47.73 59.85 10.57
C ILE YA 195 48.57 59.10 11.59
N LEU YA 196 49.70 59.67 11.98
CA LEU YA 196 50.62 58.93 12.82
C LEU YA 196 50.15 58.87 14.26
N ILE YA 197 49.10 59.61 14.60
CA ILE YA 197 48.37 59.33 15.83
C ILE YA 197 47.37 58.21 15.58
N LEU YA 198 46.72 58.21 14.42
CA LEU YA 198 45.65 57.25 14.15
C LEU YA 198 46.21 55.84 13.97
N LEU YA 199 47.47 55.74 13.56
CA LEU YA 199 48.10 54.43 13.44
C LEU YA 199 48.46 53.87 14.81
N THR YA 200 48.63 54.75 15.79
CA THR YA 200 48.82 54.27 17.15
C THR YA 200 47.50 53.76 17.71
N ILE YA 201 46.38 54.42 17.36
CA ILE YA 201 45.07 53.94 17.80
C ILE YA 201 44.73 52.63 17.10
N LEU YA 202 45.27 52.43 15.90
CA LEU YA 202 44.99 51.18 15.19
C LEU YA 202 45.94 50.06 15.61
N GLU YA 203 46.65 50.23 16.70
CA GLU YA 203 47.12 49.07 17.44
C GLU YA 203 46.18 48.74 18.59
N PHE YA 204 44.92 49.18 18.49
CA PHE YA 204 43.85 48.55 19.25
C PHE YA 204 43.28 47.35 18.51
N ALA YA 205 43.93 46.92 17.43
CA ALA YA 205 43.60 45.65 16.80
C ALA YA 205 44.12 44.48 17.61
N VAL YA 206 45.00 44.75 18.57
CA VAL YA 206 45.30 43.74 19.58
C VAL YA 206 44.25 43.81 20.68
N ALA YA 207 43.75 45.02 20.98
CA ALA YA 207 42.79 45.20 22.07
C ALA YA 207 41.44 44.59 21.75
N LEU YA 208 41.19 44.34 20.46
CA LEU YA 208 39.90 43.80 20.06
C LEU YA 208 39.97 42.28 19.92
N ILE YA 209 41.00 41.68 20.49
CA ILE YA 209 41.04 40.22 20.51
C ILE YA 209 40.87 39.71 21.94
N GLN YA 210 41.20 40.55 22.90
CA GLN YA 210 40.69 40.35 24.24
C GLN YA 210 39.16 40.35 24.24
N ALA YA 211 38.53 41.27 23.52
CA ALA YA 211 37.06 41.28 23.47
C ALA YA 211 36.53 40.31 22.43
N TYR YA 212 37.27 39.24 22.13
CA TYR YA 212 36.71 38.13 21.38
C TYR YA 212 36.95 36.82 22.08
N VAL YA 213 38.11 36.65 22.70
CA VAL YA 213 38.30 35.43 23.46
C VAL YA 213 37.56 35.52 24.79
N PHE YA 214 37.46 36.72 25.36
CA PHE YA 214 36.91 36.84 26.71
C PHE YA 214 35.40 36.68 26.72
N THR YA 215 34.69 37.32 25.79
CA THR YA 215 33.26 37.10 25.72
C THR YA 215 32.94 35.77 25.07
N LEU YA 216 33.96 35.00 24.70
CA LEU YA 216 33.77 33.59 24.46
C LEU YA 216 33.94 32.79 25.76
N LEU YA 217 34.76 33.28 26.69
CA LEU YA 217 34.84 32.60 27.98
C LEU YA 217 33.59 32.81 28.79
N VAL YA 218 33.12 34.05 28.88
CA VAL YA 218 31.91 34.35 29.61
C VAL YA 218 30.73 33.63 28.97
N SER YA 219 30.75 33.51 27.64
CA SER YA 219 29.76 32.66 26.99
C SER YA 219 30.13 31.18 27.09
N LEU YA 220 31.23 30.84 27.77
CA LEU YA 220 31.46 29.45 28.12
C LEU YA 220 31.29 29.23 29.62
N TYR YA 221 31.78 30.17 30.42
CA TYR YA 221 31.70 30.05 31.87
C TYR YA 221 30.27 30.08 32.36
N LEU YA 222 29.42 30.88 31.71
CA LEU YA 222 28.02 31.00 32.13
C LEU YA 222 27.26 29.72 31.82
N HIS YA 223 27.46 29.16 30.64
CA HIS YA 223 26.79 27.91 30.30
C HIS YA 223 27.41 26.75 31.07
N ASP YA 224 28.70 26.82 31.34
CA ASP YA 224 29.36 25.73 32.02
C ASP YA 224 30.40 26.23 33.00
N ILE ZA 1 0.75 60.67 -1.40
CA ILE ZA 1 1.33 61.91 -0.90
C ILE ZA 1 0.84 62.18 0.53
N ASP ZA 2 -0.44 61.91 0.79
CA ASP ZA 2 -0.94 62.00 2.15
C ASP ZA 2 -0.37 60.91 3.02
N THR ZA 3 -0.12 59.74 2.42
CA THR ZA 3 0.50 58.64 3.15
C THR ZA 3 1.99 58.88 3.33
N ALA ZA 4 2.56 59.79 2.54
CA ALA ZA 4 3.99 60.08 2.67
C ALA ZA 4 4.29 60.80 3.97
N ALA ZA 5 3.47 61.77 4.33
CA ALA ZA 5 3.72 62.52 5.55
C ALA ZA 5 3.24 61.76 6.78
N LYS ZA 6 2.28 60.85 6.60
CA LYS ZA 6 1.77 60.09 7.73
C LYS ZA 6 2.78 59.08 8.21
N PHE ZA 7 3.48 58.44 7.29
CA PHE ZA 7 4.27 57.29 7.67
C PHE ZA 7 5.64 57.72 8.19
N ILE ZA 8 6.02 58.97 7.97
CA ILE ZA 8 7.27 59.46 8.56
C ILE ZA 8 7.04 59.94 9.99
N GLY ZA 9 5.94 60.67 10.22
CA GLY ZA 9 5.76 61.30 11.51
C GLY ZA 9 5.39 60.32 12.60
N ALA ZA 10 4.80 59.19 12.21
CA ALA ZA 10 4.54 58.12 13.16
C ALA ZA 10 5.84 57.48 13.63
N GLY ZA 11 6.82 57.40 12.74
CA GLY ZA 11 8.15 56.98 13.16
C GLY ZA 11 8.92 58.11 13.80
N ALA ZA 12 8.61 59.35 13.40
CA ALA ZA 12 9.31 60.49 13.97
C ALA ZA 12 8.82 60.80 15.37
N ALA ZA 13 7.64 60.32 15.73
CA ALA ZA 13 7.15 60.57 17.08
C ALA ZA 13 7.68 59.55 18.06
N THR ZA 14 7.89 58.31 17.62
CA THR ZA 14 8.19 57.24 18.56
C THR ZA 14 9.68 57.19 18.91
N VAL ZA 15 10.42 58.21 18.54
CA VAL ZA 15 11.75 58.42 19.09
C VAL ZA 15 11.58 59.14 20.43
N GLY ZA 16 10.38 59.63 20.69
CA GLY ZA 16 10.10 60.25 21.98
C GLY ZA 16 10.05 59.26 23.13
N VAL ZA 17 9.94 57.97 22.82
CA VAL ZA 17 9.86 56.98 23.88
C VAL ZA 17 11.26 56.51 24.24
N ALA ZA 18 12.26 56.92 23.47
CA ALA ZA 18 13.65 56.63 23.76
C ALA ZA 18 14.10 57.36 25.02
N GLY ZA 19 13.67 58.61 25.17
CA GLY ZA 19 14.04 59.37 26.35
C GLY ZA 19 13.40 58.83 27.62
N SER ZA 20 12.24 58.20 27.50
CA SER ZA 20 11.68 57.49 28.64
C SER ZA 20 12.48 56.23 28.94
N GLY ZA 21 13.11 55.66 27.93
CA GLY ZA 21 13.93 54.49 28.16
C GLY ZA 21 15.22 54.82 28.89
N ALA ZA 22 15.64 56.09 28.83
CA ALA ZA 22 16.81 56.51 29.58
C ALA ZA 22 16.48 56.77 31.03
N GLY ZA 23 15.41 57.52 31.27
CA GLY ZA 23 15.08 57.92 32.64
C GLY ZA 23 14.55 56.77 33.47
N ILE ZA 24 14.13 55.70 32.83
CA ILE ZA 24 13.66 54.54 33.57
C ILE ZA 24 14.82 53.68 34.04
N GLY ZA 25 16.00 53.93 33.49
CA GLY ZA 25 17.14 53.13 33.86
C GLY ZA 25 17.73 53.54 35.19
N THR ZA 26 17.69 54.83 35.49
CA THR ZA 26 18.27 55.34 36.72
C THR ZA 26 17.42 54.94 37.92
N VAL ZA 27 16.11 54.86 37.72
CA VAL ZA 27 15.18 54.61 38.83
C VAL ZA 27 15.31 53.20 39.35
N PHE ZA 28 15.67 52.26 38.50
CA PHE ZA 28 16.03 50.95 39.03
C PHE ZA 28 17.53 50.85 39.19
N GLY ZA 29 18.24 51.94 38.93
CA GLY ZA 29 19.68 51.94 39.13
C GLY ZA 29 20.09 52.61 40.42
N SER ZA 30 19.45 53.73 40.76
CA SER ZA 30 19.80 54.41 42.00
C SER ZA 30 19.22 53.68 43.21
N MET ZA 31 18.11 52.99 43.00
CA MET ZA 31 17.55 52.16 44.08
C MET ZA 31 18.46 50.99 44.40
N ILE ZA 32 19.31 50.60 43.45
CA ILE ZA 32 20.31 49.59 43.76
C ILE ZA 32 21.35 50.13 44.74
N ILE ZA 33 21.88 51.33 44.47
CA ILE ZA 33 22.83 51.90 45.42
C ILE ZA 33 22.11 52.62 46.55
N GLY ZA 34 20.79 52.74 46.47
CA GLY ZA 34 20.04 53.29 47.58
C GLY ZA 34 19.75 52.23 48.63
N TYR ZA 35 19.42 51.03 48.19
CA TYR ZA 35 19.10 49.97 49.13
C TYR ZA 35 20.37 49.31 49.64
N ALA ZA 36 21.47 49.46 48.92
CA ALA ZA 36 22.70 48.74 49.26
C ALA ZA 36 23.28 49.22 50.59
N ARG ZA 37 23.13 50.50 50.89
CA ARG ZA 37 23.55 50.99 52.19
C ARG ZA 37 22.58 50.56 53.28
N ASN ZA 38 21.28 50.71 53.03
CA ASN ZA 38 20.28 50.77 54.06
C ASN ZA 38 19.20 49.72 53.83
N PRO ZA 39 19.31 48.53 54.41
CA PRO ZA 39 18.27 47.52 54.18
C PRO ZA 39 17.00 47.75 55.00
N SER ZA 40 16.25 48.76 54.60
CA SER ZA 40 14.91 49.03 55.10
C SER ZA 40 13.91 48.94 53.95
N LEU ZA 41 13.97 47.83 53.22
CA LEU ZA 41 13.43 47.77 51.86
C LEU ZA 41 11.91 47.76 51.83
N LYS ZA 42 11.26 46.99 52.72
CA LYS ZA 42 9.81 46.85 52.67
C LYS ZA 42 9.08 48.14 53.00
N GLN ZA 43 9.77 49.10 53.61
CA GLN ZA 43 9.32 50.46 53.78
C GLN ZA 43 9.51 51.25 52.50
N GLN ZA 44 9.52 52.58 52.61
CA GLN ZA 44 9.20 53.45 51.50
C GLN ZA 44 10.31 53.53 50.44
N LEU ZA 45 11.29 52.61 50.44
CA LEU ZA 45 12.16 52.50 49.28
C LEU ZA 45 11.38 52.07 48.06
N PHE ZA 46 10.77 50.89 48.12
CA PHE ZA 46 10.08 50.31 46.97
C PHE ZA 46 8.85 51.11 46.60
N SER ZA 47 8.21 51.74 47.59
CA SER ZA 47 7.08 52.61 47.30
C SER ZA 47 7.52 53.87 46.60
N TYR ZA 48 8.77 54.29 46.83
CA TYR ZA 48 9.29 55.38 46.03
C TYR ZA 48 9.93 54.87 44.74
N ALA ZA 49 10.10 53.55 44.63
CA ALA ZA 49 10.58 52.99 43.38
C ALA ZA 49 9.46 52.85 42.35
N ILE ZA 50 8.28 52.41 42.79
CA ILE ZA 50 7.17 52.16 41.87
C ILE ZA 50 6.58 53.48 41.40
N LEU ZA 51 6.55 54.49 42.27
CA LEU ZA 51 6.09 55.80 41.86
C LEU ZA 51 7.05 56.41 40.85
N GLY ZA 52 8.35 56.18 41.02
CA GLY ZA 52 9.31 56.72 40.07
C GLY ZA 52 9.24 56.02 38.73
N PHE ZA 53 8.90 54.73 38.74
CA PHE ZA 53 8.78 53.98 37.49
C PHE ZA 53 7.55 54.44 36.71
N ALA ZA 54 6.41 54.56 37.37
CA ALA ZA 54 5.17 54.81 36.66
C ALA ZA 54 4.98 56.30 36.37
N LEU ZA 55 5.98 57.11 36.67
CA LEU ZA 55 5.89 58.53 36.32
C LEU ZA 55 6.73 58.86 35.11
N SER ZA 56 7.86 58.15 34.93
CA SER ZA 56 8.64 58.31 33.72
C SER ZA 56 7.94 57.66 32.53
N GLU ZA 57 7.14 56.63 32.81
CA GLU ZA 57 6.31 56.00 31.79
C GLU ZA 57 5.32 56.99 31.21
N ALA ZA 58 4.78 57.86 32.07
CA ALA ZA 58 3.72 58.76 31.64
C ALA ZA 58 4.27 59.96 30.88
N MET ZA 59 5.59 60.09 30.79
CA MET ZA 59 6.16 61.00 29.80
C MET ZA 59 6.58 60.25 28.55
N GLY ZA 60 6.61 58.91 28.62
CA GLY ZA 60 6.81 58.13 27.41
C GLY ZA 60 5.51 57.69 26.77
N LEU ZA 61 4.52 57.34 27.59
CA LEU ZA 61 3.25 56.88 27.05
C LEU ZA 61 2.44 58.04 26.48
N PHE ZA 62 2.68 59.26 26.98
CA PHE ZA 62 1.84 60.38 26.57
C PHE ZA 62 2.16 60.82 25.15
N CYS ZA 63 3.40 60.60 24.71
CA CYS ZA 63 3.72 60.83 23.31
C CYS ZA 63 3.14 59.72 22.44
N LEU ZA 64 3.04 58.50 22.98
CA LEU ZA 64 2.57 57.35 22.21
C LEU ZA 64 1.08 57.47 21.86
N MET ZA 65 0.29 58.01 22.79
CA MET ZA 65 -1.09 58.34 22.45
C MET ZA 65 -1.15 59.42 21.39
N VAL ZA 66 -0.24 60.40 21.47
CA VAL ZA 66 -0.14 61.42 20.43
C VAL ZA 66 0.45 60.80 19.17
N ALA ZA 67 1.26 59.74 19.31
CA ALA ZA 67 1.82 59.07 18.15
C ALA ZA 67 0.75 58.33 17.36
N PHE ZA 68 -0.23 57.71 18.04
CA PHE ZA 68 -1.31 57.07 17.31
C PHE ZA 68 -2.34 58.09 16.85
N LEU ZA 69 -2.33 59.29 17.44
CA LEU ZA 69 -3.23 60.34 17.01
C LEU ZA 69 -2.87 60.86 15.62
N ILE ZA 70 -1.58 60.80 15.27
CA ILE ZA 70 -1.13 61.23 13.94
C ILE ZA 70 -1.67 60.31 12.87
N LEU ZA 71 -1.70 59.00 13.14
CA LEU ZA 71 -2.17 58.04 12.15
C LEU ZA 71 -3.68 58.14 11.95
N PHE ZA 72 -4.40 58.50 13.00
CA PHE ZA 72 -5.86 58.64 12.91
C PHE ZA 72 -6.31 59.99 13.43
N ILE AB 1 5.65 55.18 -4.57
CA ILE AB 1 5.93 56.23 -3.61
C ILE AB 1 5.28 55.87 -2.27
N ASP AB 2 4.32 54.96 -2.30
CA ASP AB 2 3.71 54.50 -1.06
C ASP AB 2 4.65 53.61 -0.27
N THR AB 3 5.44 52.80 -0.97
CA THR AB 3 6.44 51.99 -0.28
C THR AB 3 7.64 52.85 0.10
N ALA AB 4 7.78 54.02 -0.54
CA ALA AB 4 8.89 54.93 -0.23
C ALA AB 4 8.74 55.51 1.17
N ALA AB 5 7.51 55.69 1.64
CA ALA AB 5 7.31 56.14 3.01
C ALA AB 5 7.31 54.96 3.98
N LYS AB 6 7.10 53.75 3.45
CA LYS AB 6 7.17 52.55 4.28
C LYS AB 6 8.60 52.27 4.73
N PHE AB 7 9.58 52.78 3.99
CA PHE AB 7 10.97 52.46 4.30
C PHE AB 7 11.59 53.53 5.21
N ILE AB 8 11.26 54.81 4.97
CA ILE AB 8 11.87 55.87 5.76
C ILE AB 8 11.16 56.04 7.10
N GLY AB 9 9.98 55.42 7.24
CA GLY AB 9 9.26 55.49 8.50
C GLY AB 9 9.86 54.57 9.55
N ALA AB 10 10.28 53.38 9.14
CA ALA AB 10 10.98 52.49 10.05
C ALA AB 10 12.44 52.88 10.18
N GLY AB 11 12.87 53.89 9.41
CA GLY AB 11 14.23 54.37 9.54
C GLY AB 11 14.46 55.14 10.82
N ALA AB 12 13.47 55.93 11.25
CA ALA AB 12 13.62 56.66 12.50
C ALA AB 12 12.90 55.96 13.65
N ALA AB 13 12.06 54.98 13.33
CA ALA AB 13 11.29 54.31 14.38
C ALA AB 13 12.14 53.34 15.18
N THR AB 14 13.30 52.95 14.64
CA THR AB 14 14.17 52.06 15.39
C THR AB 14 15.27 52.84 16.10
N VAL AB 15 15.13 54.17 16.17
CA VAL AB 15 16.00 54.99 16.99
C VAL AB 15 15.50 54.93 18.42
N GLY AB 16 14.24 54.52 18.59
CA GLY AB 16 13.69 54.38 19.93
C GLY AB 16 14.26 53.20 20.70
N VAL AB 17 15.01 52.32 20.03
CA VAL AB 17 15.66 51.25 20.76
C VAL AB 17 17.00 51.71 21.30
N ALA AB 18 17.49 52.86 20.82
CA ALA AB 18 18.73 53.42 21.35
C ALA AB 18 18.51 53.98 22.74
N GLY AB 19 17.26 54.34 23.05
CA GLY AB 19 16.93 54.78 24.40
C GLY AB 19 17.04 53.65 25.40
N SER AB 20 16.83 52.40 24.95
CA SER AB 20 17.12 51.26 25.81
C SER AB 20 18.57 50.86 25.72
N GLY AB 21 19.36 51.59 24.94
CA GLY AB 21 20.78 51.37 24.94
C GLY AB 21 21.48 52.10 26.07
N ALA AB 22 21.34 53.41 26.13
CA ALA AB 22 22.04 54.18 27.15
C ALA AB 22 21.34 54.08 28.49
N GLY AB 23 20.07 53.67 28.49
CA GLY AB 23 19.36 53.52 29.75
C GLY AB 23 19.69 52.22 30.44
N ILE AB 24 20.28 51.27 29.72
CA ILE AB 24 20.69 50.02 30.32
C ILE AB 24 22.15 50.07 30.70
N GLY AB 25 22.86 51.11 30.24
CA GLY AB 25 24.27 51.23 30.58
C GLY AB 25 24.47 51.72 32.01
N THR AB 26 23.43 52.30 32.58
CA THR AB 26 23.51 52.75 33.97
C THR AB 26 23.16 51.62 34.92
N VAL AB 27 22.06 50.92 34.66
CA VAL AB 27 21.50 50.01 35.64
C VAL AB 27 22.31 48.72 35.70
N PHE AB 28 23.21 48.52 34.74
CA PHE AB 28 24.18 47.45 34.90
C PHE AB 28 25.48 47.96 35.47
N GLY AB 29 25.69 49.28 35.39
CA GLY AB 29 26.85 49.86 36.04
C GLY AB 29 26.60 50.21 37.48
N SER AB 30 25.34 50.34 37.87
CA SER AB 30 25.00 50.63 39.26
C SER AB 30 25.01 49.38 40.11
N MET AB 31 25.05 48.20 39.47
CA MET AB 31 25.24 46.97 40.23
C MET AB 31 26.73 46.68 40.37
N ILE AB 32 27.58 47.56 39.85
CA ILE AB 32 29.00 47.48 40.17
C ILE AB 32 29.30 48.28 41.43
N ILE AB 33 28.93 49.57 41.43
CA ILE AB 33 29.30 50.49 42.49
C ILE AB 33 28.55 50.16 43.77
N GLY AB 34 27.40 49.48 43.65
CA GLY AB 34 26.61 49.16 44.83
C GLY AB 34 26.68 47.69 45.20
N TYR AB 35 27.68 46.97 44.70
CA TYR AB 35 27.85 45.59 45.12
C TYR AB 35 28.96 45.46 46.14
N ALA AB 36 30.04 46.23 45.95
CA ALA AB 36 31.23 46.10 46.80
C ALA AB 36 30.95 46.59 48.21
N ARG AB 37 30.09 47.60 48.33
CA ARG AB 37 29.78 48.19 49.63
C ARG AB 37 28.95 47.23 50.48
N ASN AB 38 28.30 46.25 49.85
CA ASN AB 38 27.42 45.34 50.57
C ASN AB 38 27.29 44.03 49.79
N PRO AB 39 28.08 43.03 50.11
CA PRO AB 39 27.94 41.72 49.43
C PRO AB 39 26.74 40.90 49.92
N SER AB 40 25.57 41.17 49.33
CA SER AB 40 24.35 40.40 49.52
C SER AB 40 23.61 40.18 48.20
N LEU AB 41 24.30 39.64 47.18
CA LEU AB 41 23.76 39.68 45.82
C LEU AB 41 22.65 38.65 45.62
N LYS AB 42 22.73 37.50 46.30
CA LYS AB 42 21.76 36.42 46.11
C LYS AB 42 20.41 36.76 46.72
N GLN AB 43 20.36 37.80 47.55
CA GLN AB 43 19.14 38.44 48.02
C GLN AB 43 18.68 39.41 46.93
N GLN AB 44 17.83 40.37 47.26
CA GLN AB 44 17.08 41.10 46.23
C GLN AB 44 17.94 42.13 45.49
N LEU AB 45 19.26 42.08 45.63
CA LEU AB 45 20.12 43.01 44.90
C LEU AB 45 20.21 42.65 43.43
N PHE AB 46 20.44 41.37 43.13
CA PHE AB 46 20.49 40.95 41.74
C PHE AB 46 19.10 40.89 41.14
N SER AB 47 18.10 40.64 41.99
CA SER AB 47 16.73 40.52 41.52
C SER AB 47 16.14 41.87 41.16
N TYR AB 48 16.69 42.95 41.72
CA TYR AB 48 16.18 44.27 41.36
C TYR AB 48 16.97 44.85 40.21
N ALA AB 49 17.93 44.10 39.68
CA ALA AB 49 18.53 44.47 38.40
C ALA AB 49 17.84 43.76 37.25
N ILE AB 50 17.38 42.52 37.47
CA ILE AB 50 16.69 41.77 36.44
C ILE AB 50 15.33 42.37 36.16
N LEU AB 51 14.62 42.80 37.20
CA LEU AB 51 13.49 43.68 37.00
C LEU AB 51 13.92 44.98 36.34
N GLY AB 52 15.09 45.48 36.70
CA GLY AB 52 15.57 46.72 36.09
C GLY AB 52 16.10 46.51 34.68
N PHE AB 53 16.47 45.28 34.34
CA PHE AB 53 16.88 45.00 32.97
C PHE AB 53 15.68 44.74 32.08
N ALA AB 54 14.76 43.88 32.52
CA ALA AB 54 13.68 43.42 31.66
C ALA AB 54 12.66 44.50 31.40
N LEU AB 55 12.27 45.24 32.43
CA LEU AB 55 11.25 46.26 32.23
C LEU AB 55 11.86 47.51 31.58
N SER AB 56 13.19 47.60 31.57
CA SER AB 56 13.83 48.58 30.70
C SER AB 56 13.99 48.03 29.30
N GLU AB 57 13.98 46.69 29.18
CA GLU AB 57 14.07 46.08 27.86
C GLU AB 57 12.73 46.12 27.14
N ALA AB 58 11.64 46.14 27.91
CA ALA AB 58 10.30 46.07 27.32
C ALA AB 58 9.96 47.33 26.54
N MET AB 59 10.62 48.44 26.84
CA MET AB 59 10.43 49.63 26.02
C MET AB 59 11.47 49.66 24.90
N GLY AB 60 12.37 48.67 24.87
CA GLY AB 60 13.25 48.55 23.73
C GLY AB 60 12.63 47.78 22.59
N LEU AB 61 12.09 46.60 22.87
CA LEU AB 61 11.53 45.78 21.80
C LEU AB 61 10.16 46.25 21.39
N PHE AB 62 9.54 47.12 22.18
CA PHE AB 62 8.26 47.68 21.75
C PHE AB 62 8.47 48.69 20.64
N CYS AB 63 9.57 49.44 20.68
CA CYS AB 63 9.85 50.38 19.60
C CYS AB 63 10.56 49.70 18.45
N LEU AB 64 10.83 48.40 18.59
CA LEU AB 64 11.21 47.58 17.45
C LEU AB 64 9.98 47.09 16.70
N MET AB 65 8.92 46.76 17.45
CA MET AB 65 7.73 46.16 16.85
C MET AB 65 6.89 47.19 16.13
N VAL AB 66 7.17 48.47 16.36
CA VAL AB 66 6.55 49.51 15.54
C VAL AB 66 7.12 49.47 14.12
N ALA AB 67 8.42 49.21 14.00
CA ALA AB 67 9.06 49.22 12.68
C ALA AB 67 8.62 48.04 11.82
N PHE AB 68 8.27 46.91 12.45
CA PHE AB 68 7.63 45.83 11.69
C PHE AB 68 6.22 46.23 11.29
N LEU AB 69 5.43 46.74 12.23
CA LEU AB 69 4.00 46.92 11.98
C LEU AB 69 3.73 48.21 11.18
N ILE AB 70 4.72 49.08 11.06
CA ILE AB 70 4.54 50.19 10.12
C ILE AB 70 4.77 49.72 8.69
N LEU AB 71 5.62 48.70 8.52
CA LEU AB 71 6.04 48.32 7.17
C LEU AB 71 5.06 47.35 6.55
N PHE AB 72 4.66 46.32 7.27
CA PHE AB 72 3.68 45.37 6.78
C PHE AB 72 2.26 45.89 6.96
N ILE BB 1 13.12 55.69 -7.35
CA ILE BB 1 12.55 56.28 -6.14
C ILE BB 1 12.57 55.22 -5.03
N ASP BB 2 12.61 53.95 -5.45
CA ASP BB 2 12.82 52.87 -4.50
C ASP BB 2 14.24 52.92 -3.97
N THR BB 3 15.20 53.29 -4.81
CA THR BB 3 16.59 53.31 -4.39
C THR BB 3 16.87 54.50 -3.48
N ALA BB 4 16.28 55.66 -3.78
CA ALA BB 4 16.63 56.90 -3.09
C ALA BB 4 16.09 56.92 -1.66
N ALA BB 5 14.89 56.41 -1.45
CA ALA BB 5 14.32 56.39 -0.10
C ALA BB 5 15.01 55.34 0.75
N LYS BB 6 15.60 54.32 0.12
CA LYS BB 6 16.45 53.40 0.87
C LYS BB 6 17.72 54.11 1.35
N PHE BB 7 18.22 55.08 0.58
CA PHE BB 7 19.48 55.74 0.91
C PHE BB 7 19.33 56.61 2.15
N ILE BB 8 18.18 57.25 2.32
CA ILE BB 8 17.90 57.99 3.55
C ILE BB 8 17.24 57.07 4.58
N GLY BB 9 16.74 55.91 4.12
CA GLY BB 9 16.11 54.97 5.04
C GLY BB 9 17.10 54.33 5.99
N ALA BB 10 18.31 54.05 5.51
CA ALA BB 10 19.32 53.50 6.40
C ALA BB 10 20.10 54.60 7.10
N GLY BB 11 19.97 55.84 6.64
CA GLY BB 11 20.69 56.93 7.27
C GLY BB 11 20.12 57.31 8.62
N ALA BB 12 18.79 57.25 8.76
CA ALA BB 12 18.17 57.53 10.04
C ALA BB 12 18.39 56.38 11.03
N ALA BB 13 18.49 55.16 10.51
CA ALA BB 13 18.60 54.00 11.41
C ALA BB 13 20.04 53.70 11.76
N THR BB 14 20.97 54.57 11.35
CA THR BB 14 22.36 54.39 11.73
C THR BB 14 22.55 54.70 13.21
N VAL BB 15 21.76 55.63 13.73
CA VAL BB 15 22.01 56.25 15.02
C VAL BB 15 21.41 55.43 16.15
N GLY BB 16 20.98 54.21 15.85
CA GLY BB 16 20.53 53.33 16.91
C GLY BB 16 21.68 52.82 17.76
N VAL BB 17 22.91 52.93 17.26
CA VAL BB 17 24.06 52.49 18.06
C VAL BB 17 24.44 53.58 19.05
N ALA BB 18 23.96 54.82 18.84
CA ALA BB 18 24.33 55.98 19.64
C ALA BB 18 23.86 55.88 21.08
N GLY BB 19 22.87 55.02 21.33
CA GLY BB 19 22.54 54.65 22.69
C GLY BB 19 23.55 53.69 23.29
N SER BB 20 23.95 52.68 22.52
CA SER BB 20 24.96 51.76 23.03
C SER BB 20 26.35 52.35 22.91
N GLY BB 21 26.50 53.42 22.11
CA GLY BB 21 27.80 54.02 21.93
C GLY BB 21 28.24 54.82 23.14
N ALA BB 22 27.31 55.14 24.04
CA ALA BB 22 27.68 55.80 25.28
C ALA BB 22 27.18 55.04 26.49
N GLY BB 23 26.28 54.08 26.27
CA GLY BB 23 25.89 53.21 27.36
C GLY BB 23 26.99 52.23 27.74
N ILE BB 24 27.97 52.06 26.85
CA ILE BB 24 29.12 51.26 27.21
C ILE BB 24 30.18 52.12 27.88
N GLY BB 25 30.01 53.43 27.83
CA GLY BB 25 30.93 54.31 28.55
C GLY BB 25 30.61 54.39 30.03
N THR BB 26 29.33 54.23 30.38
CA THR BB 26 28.94 54.33 31.79
C THR BB 26 29.38 53.11 32.58
N VAL BB 27 29.09 51.92 32.06
CA VAL BB 27 29.35 50.70 32.82
C VAL BB 27 30.84 50.41 32.87
N PHE BB 28 31.60 50.90 31.90
CA PHE BB 28 33.04 50.80 32.04
C PHE BB 28 33.60 52.05 32.68
N GLY BB 29 32.73 53.00 33.02
CA GLY BB 29 33.13 54.05 33.93
C GLY BB 29 32.60 53.84 35.33
N SER BB 30 32.04 52.65 35.59
CA SER BB 30 31.54 52.36 36.93
C SER BB 30 32.24 51.16 37.51
N MET BB 31 33.25 50.65 36.80
CA MET BB 31 34.12 49.65 37.40
C MET BB 31 35.50 50.24 37.64
N ILE BB 32 35.77 51.42 37.09
CA ILE BB 32 36.90 52.21 37.57
C ILE BB 32 36.68 52.64 39.01
N ILE BB 33 35.42 52.82 39.42
CA ILE BB 33 35.17 53.34 40.75
C ILE BB 33 34.74 52.24 41.72
N GLY BB 34 34.36 51.09 41.19
CA GLY BB 34 34.00 49.99 42.07
C GLY BB 34 35.18 49.08 42.34
N TYR BB 35 36.25 49.22 41.56
CA TYR BB 35 37.50 48.57 41.90
C TYR BB 35 38.37 49.49 42.77
N ALA BB 36 38.16 50.80 42.65
CA ALA BB 36 38.92 51.74 43.48
C ALA BB 36 38.56 51.62 44.95
N ARG BB 37 37.27 51.46 45.25
CA ARG BB 37 36.83 51.38 46.64
C ARG BB 37 37.21 50.05 47.27
N ASN BB 38 36.91 48.96 46.61
CA ASN BB 38 37.14 47.66 47.19
C ASN BB 38 37.86 46.82 46.15
N PRO BB 39 39.15 46.63 46.27
CA PRO BB 39 39.85 45.74 45.36
C PRO BB 39 39.50 44.26 45.55
N SER BB 40 38.38 43.87 44.94
CA SER BB 40 37.99 42.47 44.74
C SER BB 40 37.44 42.25 43.34
N LEU BB 41 38.19 42.66 42.30
CA LEU BB 41 37.64 42.65 40.94
C LEU BB 41 37.58 41.23 40.38
N LYS BB 42 38.46 40.34 40.85
CA LYS BB 42 38.66 39.03 40.24
C LYS BB 42 37.46 38.11 40.43
N GLN BB 43 36.62 38.40 41.41
CA GLN BB 43 35.31 37.80 41.60
C GLN BB 43 34.33 38.51 40.69
N GLN BB 44 33.04 38.52 41.07
CA GLN BB 44 31.94 39.09 40.30
C GLN BB 44 32.20 40.50 39.74
N LEU BB 45 33.15 41.25 40.30
CA LEU BB 45 33.20 42.68 40.03
C LEU BB 45 33.82 43.01 38.68
N PHE BB 46 34.29 42.02 37.93
CA PHE BB 46 34.64 42.27 36.52
C PHE BB 46 33.67 41.58 35.60
N SER BB 47 33.18 40.41 36.00
CA SER BB 47 32.27 39.65 35.16
C SER BB 47 30.87 40.25 35.19
N TYR BB 48 30.67 41.30 35.99
CA TYR BB 48 29.40 42.01 35.96
C TYR BB 48 29.50 43.22 35.06
N ALA BB 49 30.66 43.46 34.45
CA ALA BB 49 30.76 44.55 33.48
C ALA BB 49 30.75 44.02 32.06
N ILE BB 50 31.37 42.85 31.84
CA ILE BB 50 31.31 42.19 30.54
C ILE BB 50 29.91 41.64 30.29
N LEU BB 51 29.30 41.04 31.32
CA LEU BB 51 27.88 40.71 31.25
C LEU BB 51 27.03 41.98 31.14
N GLY BB 52 27.53 43.10 31.65
CA GLY BB 52 26.92 44.36 31.35
C GLY BB 52 27.18 44.81 29.93
N PHE BB 53 28.30 44.37 29.36
CA PHE BB 53 28.66 44.80 28.00
C PHE BB 53 28.01 43.91 26.95
N ALA BB 54 27.86 42.62 27.25
CA ALA BB 54 27.18 41.72 26.31
C ALA BB 54 25.72 42.11 26.15
N LEU BB 55 25.04 42.42 27.25
CA LEU BB 55 23.62 42.73 27.17
C LEU BB 55 23.40 44.20 26.90
N SER BB 56 24.44 44.94 26.53
CA SER BB 56 24.24 46.29 26.05
C SER BB 56 24.85 46.53 24.68
N GLU BB 57 25.80 45.68 24.28
CA GLU BB 57 26.23 45.70 22.89
C GLU BB 57 25.49 44.65 22.08
N ALA BB 58 24.51 43.99 22.70
CA ALA BB 58 23.51 43.27 21.93
C ALA BB 58 22.59 44.23 21.19
N MET BB 59 22.53 45.50 21.63
CA MET BB 59 21.56 46.43 21.08
C MET BB 59 22.22 47.49 20.21
N GLY BB 60 23.54 47.46 20.09
CA GLY BB 60 24.20 48.38 19.18
C GLY BB 60 24.13 47.90 17.75
N LEU BB 61 24.54 46.65 17.52
CA LEU BB 61 24.50 46.08 16.17
C LEU BB 61 23.13 45.51 15.86
N PHE BB 62 22.20 45.59 16.81
CA PHE BB 62 20.85 45.09 16.61
C PHE BB 62 20.11 45.99 15.64
N CYS BB 63 20.41 47.28 15.70
CA CYS BB 63 19.69 48.24 14.87
C CYS BB 63 20.35 48.39 13.50
N LEU BB 64 21.68 48.24 13.43
CA LEU BB 64 22.36 48.30 12.14
C LEU BB 64 22.06 47.08 11.29
N MET BB 65 21.62 45.99 11.92
CA MET BB 65 21.11 44.86 11.15
C MET BB 65 19.82 45.22 10.42
N VAL BB 66 19.01 46.10 11.02
CA VAL BB 66 17.79 46.57 10.36
C VAL BB 66 18.13 47.55 9.25
N ALA BB 67 19.14 48.40 9.47
CA ALA BB 67 19.56 49.36 8.44
C ALA BB 67 20.22 48.67 7.27
N PHE BB 68 20.70 47.43 7.45
CA PHE BB 68 21.11 46.62 6.32
C PHE BB 68 19.91 45.98 5.63
N LEU BB 69 18.96 45.48 6.42
CA LEU BB 69 17.83 44.75 5.83
C LEU BB 69 16.82 45.70 5.19
N ILE BB 70 17.00 47.02 5.39
CA ILE BB 70 16.22 47.98 4.62
C ILE BB 70 16.98 48.41 3.38
N LEU BB 71 18.28 48.11 3.33
CA LEU BB 71 19.07 48.53 2.18
C LEU BB 71 19.05 47.48 1.08
N PHE BB 72 19.29 46.23 1.43
CA PHE BB 72 19.31 45.17 0.43
C PHE BB 72 18.30 44.06 0.75
N ILE CB 1 18.57 62.98 -8.27
CA ILE CB 1 17.45 62.70 -7.38
C ILE CB 1 17.93 62.01 -6.11
N ASP CB 2 18.68 60.92 -6.26
CA ASP CB 2 19.25 60.26 -5.09
C ASP CB 2 20.58 60.89 -4.69
N THR CB 3 21.01 61.90 -5.44
CA THR CB 3 22.24 62.62 -5.13
C THR CB 3 22.13 63.36 -3.80
N ALA CB 4 20.96 63.91 -3.52
CA ALA CB 4 20.69 64.40 -2.16
C ALA CB 4 20.52 63.22 -1.20
N ALA CB 5 19.92 62.12 -1.67
CA ALA CB 5 19.71 60.97 -0.81
C ALA CB 5 21.02 60.25 -0.52
N LYS CB 6 22.02 60.44 -1.39
CA LYS CB 6 23.38 60.11 -1.03
C LYS CB 6 23.86 60.94 0.16
N PHE CB 7 23.37 62.18 0.26
CA PHE CB 7 23.95 63.10 1.24
C PHE CB 7 23.32 62.91 2.61
N ILE CB 8 21.98 62.96 2.70
CA ILE CB 8 21.34 63.00 4.02
C ILE CB 8 21.41 61.64 4.69
N GLY CB 9 21.37 60.57 3.91
CA GLY CB 9 21.62 59.25 4.47
C GLY CB 9 23.03 59.11 5.02
N ALA CB 10 23.96 59.85 4.43
CA ALA CB 10 25.25 60.03 5.06
C ALA CB 10 25.19 61.15 6.10
N GLY CB 11 24.36 62.16 5.87
CA GLY CB 11 24.30 63.28 6.79
C GLY CB 11 23.57 62.94 8.08
N ALA CB 12 22.74 61.91 8.05
CA ALA CB 12 22.10 61.46 9.29
C ALA CB 12 22.91 60.38 9.96
N ALA CB 13 23.77 59.70 9.20
CA ALA CB 13 24.51 58.58 9.75
C ALA CB 13 25.60 59.04 10.71
N THR CB 14 25.99 60.30 10.61
CA THR CB 14 27.14 60.77 11.36
C THR CB 14 26.78 61.12 12.79
N VAL CB 15 25.50 61.34 13.09
CA VAL CB 15 25.14 61.82 14.42
C VAL CB 15 24.93 60.64 15.36
N GLY CB 16 25.10 59.42 14.85
CA GLY CB 16 25.12 58.28 15.74
C GLY CB 16 26.44 58.13 16.48
N VAL CB 17 27.42 58.97 16.16
CA VAL CB 17 28.67 58.95 16.92
C VAL CB 17 28.51 59.78 18.18
N ALA CB 18 27.45 60.58 18.24
CA ALA CB 18 27.29 61.60 19.28
C ALA CB 18 27.04 60.98 20.65
N GLY CB 19 26.67 59.71 20.68
CA GLY CB 19 26.78 58.96 21.92
C GLY CB 19 28.21 58.91 22.41
N SER CB 20 29.11 58.34 21.60
CA SER CB 20 30.45 58.03 22.08
C SER CB 20 31.32 59.27 22.21
N GLY CB 21 30.84 60.42 21.73
CA GLY CB 21 31.47 61.67 22.09
C GLY CB 21 31.24 62.01 23.55
N ALA CB 22 30.16 61.49 24.13
CA ALA CB 22 29.92 61.68 25.55
C ALA CB 22 30.28 60.44 26.35
N GLY CB 23 30.28 59.28 25.72
CA GLY CB 23 30.52 58.03 26.44
C GLY CB 23 31.94 57.90 26.93
N ILE CB 24 32.89 58.53 26.25
CA ILE CB 24 34.24 58.59 26.79
C ILE CB 24 34.37 59.76 27.75
N GLY CB 25 33.41 60.68 27.73
CA GLY CB 25 33.41 61.74 28.71
C GLY CB 25 33.07 61.24 30.09
N THR CB 26 32.26 60.18 30.15
CA THR CB 26 32.01 59.51 31.42
C THR CB 26 33.27 58.90 31.96
N VAL CB 27 33.97 58.11 31.13
CA VAL CB 27 34.97 57.18 31.65
C VAL CB 27 36.26 57.92 32.01
N PHE CB 28 36.40 59.17 31.58
CA PHE CB 28 37.54 59.97 32.05
C PHE CB 28 37.16 60.86 33.21
N GLY CB 29 35.92 61.34 33.24
CA GLY CB 29 35.45 62.00 34.45
C GLY CB 29 35.26 61.02 35.60
N SER CB 30 34.96 59.76 35.28
CA SER CB 30 34.73 58.79 36.34
C SER CB 30 36.01 58.14 36.78
N MET CB 31 37.14 58.55 36.22
CA MET CB 31 38.38 57.94 36.64
C MET CB 31 39.07 58.78 37.71
N ILE CB 32 38.96 60.11 37.58
CA ILE CB 32 39.59 61.01 38.54
C ILE CB 32 38.94 60.90 39.92
N ILE CB 33 37.63 60.61 39.96
CA ILE CB 33 36.99 60.34 41.26
C ILE CB 33 37.18 58.89 41.67
N GLY CB 34 37.73 58.07 40.79
CA GLY CB 34 38.21 56.77 41.23
C GLY CB 34 39.68 56.85 41.63
N TYR CB 35 40.30 57.99 41.35
CA TYR CB 35 41.73 58.11 41.59
C TYR CB 35 42.01 58.94 42.84
N ALA CB 36 41.21 60.00 43.05
CA ALA CB 36 41.41 60.87 44.21
C ALA CB 36 41.08 60.15 45.50
N ARG CB 37 40.23 59.13 45.43
CA ARG CB 37 40.00 58.29 46.59
C ARG CB 37 41.22 57.43 46.88
N ASN CB 38 41.81 56.85 45.84
CA ASN CB 38 42.80 55.81 46.03
C ASN CB 38 43.97 56.01 45.07
N PRO CB 39 45.04 56.71 45.48
CA PRO CB 39 46.18 56.98 44.56
C PRO CB 39 47.08 55.78 44.30
N SER CB 40 46.57 54.85 43.50
CA SER CB 40 47.33 53.70 43.01
C SER CB 40 47.20 53.60 41.49
N LEU CB 41 47.51 54.69 40.77
CA LEU CB 41 47.17 54.82 39.36
C LEU CB 41 47.92 53.84 38.48
N LYS CB 42 49.11 53.39 38.91
CA LYS CB 42 49.93 52.53 38.06
C LYS CB 42 49.40 51.11 38.07
N GLN CB 43 48.47 50.82 38.95
CA GLN CB 43 47.75 49.55 38.97
C GLN CB 43 46.65 49.55 37.92
N GLN CB 44 45.72 48.60 38.06
CA GLN CB 44 44.78 48.28 37.00
C GLN CB 44 43.68 49.33 36.84
N LEU CB 45 43.71 50.42 37.62
CA LEU CB 45 42.70 51.45 37.47
C LEU CB 45 42.90 52.24 36.18
N PHE CB 46 44.15 52.53 35.82
CA PHE CB 46 44.37 53.23 34.55
C PHE CB 46 44.22 52.28 33.38
N SER CB 47 44.45 50.98 33.60
CA SER CB 47 44.28 50.01 32.53
C SER CB 47 42.81 49.79 32.20
N TYR CB 48 41.91 50.18 33.10
CA TYR CB 48 40.49 50.11 32.79
C TYR CB 48 39.99 51.43 32.23
N ALA CB 49 40.88 52.40 32.09
CA ALA CB 49 40.48 53.62 31.40
C ALA CB 49 40.62 53.47 29.90
N ILE CB 50 41.63 52.71 29.46
CA ILE CB 50 41.92 52.62 28.03
C ILE CB 50 41.07 51.54 27.39
N LEU CB 51 40.90 50.40 28.07
CA LEU CB 51 40.00 49.36 27.56
C LEU CB 51 38.56 49.85 27.53
N GLY CB 52 38.18 50.69 28.49
CA GLY CB 52 36.90 51.36 28.39
C GLY CB 52 36.88 52.40 27.30
N PHE CB 53 38.02 53.03 27.02
CA PHE CB 53 38.11 53.97 25.92
C PHE CB 53 38.05 53.24 24.58
N ALA CB 54 38.81 52.13 24.47
CA ALA CB 54 38.91 51.43 23.19
C ALA CB 54 37.63 50.72 22.85
N LEU CB 55 36.93 50.17 23.85
CA LEU CB 55 35.67 49.49 23.58
C LEU CB 55 34.56 50.50 23.29
N SER CB 56 34.77 51.76 23.69
CA SER CB 56 33.79 52.78 23.35
C SER CB 56 34.10 53.39 21.97
N GLU CB 57 35.38 53.50 21.62
CA GLU CB 57 35.71 53.99 20.28
C GLU CB 57 35.53 52.89 19.24
N ALA CB 58 35.51 51.63 19.68
CA ALA CB 58 35.14 50.54 18.77
C ALA CB 58 33.69 50.67 18.35
N MET CB 59 32.81 51.08 19.27
CA MET CB 59 31.45 51.43 18.90
C MET CB 59 31.35 52.88 18.49
N GLY CB 60 32.47 53.58 18.42
CA GLY CB 60 32.43 54.96 17.98
C GLY CB 60 32.63 55.11 16.49
N LEU CB 61 33.73 54.55 15.97
CA LEU CB 61 34.16 54.87 14.60
C LEU CB 61 33.34 54.12 13.57
N PHE CB 62 32.83 52.94 13.91
CA PHE CB 62 32.17 52.12 12.91
C PHE CB 62 30.74 52.57 12.67
N CYS CB 63 30.31 53.61 13.37
CA CYS CB 63 29.13 54.33 12.95
C CYS CB 63 29.45 55.25 11.78
N LEU CB 64 30.71 55.67 11.65
CA LEU CB 64 31.12 56.42 10.47
C LEU CB 64 31.45 55.48 9.31
N MET CB 65 31.49 54.17 9.58
CA MET CB 65 31.67 53.19 8.51
C MET CB 65 30.45 53.18 7.58
N VAL CB 66 29.25 53.32 8.15
CA VAL CB 66 28.05 53.31 7.33
C VAL CB 66 27.87 54.66 6.65
N ALA CB 67 28.61 55.67 7.10
CA ALA CB 67 28.54 56.98 6.46
C ALA CB 67 29.20 56.97 5.08
N PHE CB 68 30.39 56.39 4.96
CA PHE CB 68 31.10 56.43 3.69
C PHE CB 68 30.48 55.48 2.67
N LEU CB 69 29.93 54.35 3.12
CA LEU CB 69 29.35 53.37 2.20
C LEU CB 69 28.12 53.93 1.50
N ILE CB 70 27.38 54.79 2.20
CA ILE CB 70 26.27 55.47 1.56
C ILE CB 70 26.79 56.50 0.56
N LEU CB 71 27.91 57.14 0.89
CA LEU CB 71 28.57 58.00 -0.09
C LEU CB 71 29.19 57.19 -1.21
N PHE CB 72 30.18 56.38 -0.91
CA PHE CB 72 30.93 55.66 -1.92
C PHE CB 72 30.40 54.24 -2.11
N ILE DB 1 19.26 72.47 -6.73
CA ILE DB 1 19.32 71.09 -6.27
C ILE DB 1 20.74 70.79 -5.78
N ASP DB 2 21.72 71.51 -6.31
CA ASP DB 2 23.10 71.30 -5.86
C ASP DB 2 23.34 71.92 -4.49
N THR DB 3 23.01 73.21 -4.35
CA THR DB 3 23.20 73.89 -3.07
C THR DB 3 22.10 73.47 -2.10
N ALA DB 4 21.00 72.91 -2.62
CA ALA DB 4 19.99 72.33 -1.76
C ALA DB 4 20.50 71.07 -1.07
N ALA DB 5 21.22 70.22 -1.80
CA ALA DB 5 21.63 68.94 -1.25
C ALA DB 5 22.81 69.09 -0.29
N LYS DB 6 23.67 70.08 -0.55
CA LYS DB 6 24.91 70.19 0.20
C LYS DB 6 24.68 70.64 1.62
N PHE DB 7 23.79 71.62 1.81
CA PHE DB 7 23.74 72.31 3.09
C PHE DB 7 23.01 71.50 4.16
N ILE DB 8 22.04 70.67 3.77
CA ILE DB 8 21.30 69.92 4.78
C ILE DB 8 21.98 68.57 5.05
N GLY DB 9 23.09 68.32 4.35
CA GLY DB 9 24.01 67.30 4.82
C GLY DB 9 25.07 67.88 5.73
N ALA DB 10 25.22 69.21 5.69
CA ALA DB 10 26.26 69.86 6.50
C ALA DB 10 25.74 70.24 7.87
N GLY DB 11 24.52 70.76 7.94
CA GLY DB 11 23.95 71.11 9.23
C GLY DB 11 23.60 69.88 10.06
N ALA DB 12 23.20 68.80 9.39
CA ALA DB 12 22.81 67.59 10.13
C ALA DB 12 24.03 66.78 10.55
N ALA DB 13 25.23 67.24 10.19
CA ALA DB 13 26.44 66.60 10.68
C ALA DB 13 27.00 67.32 11.89
N THR DB 14 26.67 68.60 12.04
CA THR DB 14 27.25 69.42 13.09
C THR DB 14 26.49 69.21 14.41
N VAL DB 15 25.47 68.36 14.38
CA VAL DB 15 24.75 67.99 15.59
C VAL DB 15 25.64 67.07 16.41
N GLY DB 16 26.46 66.27 15.73
CA GLY DB 16 27.30 65.30 16.42
C GLY DB 16 28.48 65.92 17.16
N VAL DB 17 28.81 67.18 16.83
CA VAL DB 17 29.99 67.80 17.45
C VAL DB 17 29.61 68.52 18.73
N ALA DB 18 28.32 68.68 18.99
CA ALA DB 18 27.88 69.08 20.31
C ALA DB 18 27.38 67.85 21.06
N GLY DB 19 27.54 66.69 20.41
CA GLY DB 19 27.29 65.42 21.10
C GLY DB 19 28.43 65.03 22.01
N SER DB 20 29.56 65.74 21.92
CA SER DB 20 30.65 65.50 22.85
C SER DB 20 30.79 66.64 23.86
N GLY DB 21 29.90 67.63 23.80
CA GLY DB 21 29.85 68.60 24.87
C GLY DB 21 29.31 68.01 26.15
N ALA DB 22 28.42 67.03 26.03
CA ALA DB 22 27.82 66.41 27.21
C ALA DB 22 28.82 65.49 27.92
N GLY DB 23 29.93 65.17 27.26
CA GLY DB 23 30.97 64.41 27.93
C GLY DB 23 31.89 65.28 28.77
N ILE DB 24 32.25 66.46 28.27
CA ILE DB 24 33.15 67.33 29.02
C ILE DB 24 32.39 68.07 30.10
N GLY DB 25 31.06 68.00 30.08
CA GLY DB 25 30.31 68.31 31.28
C GLY DB 25 30.67 67.36 32.40
N THR DB 26 30.83 66.08 32.07
CA THR DB 26 31.23 65.12 33.09
C THR DB 26 32.71 65.22 33.38
N VAL DB 27 33.53 65.47 32.35
CA VAL DB 27 34.99 65.51 32.55
C VAL DB 27 35.39 66.70 33.40
N PHE DB 28 34.93 67.89 33.03
CA PHE DB 28 35.30 69.07 33.80
C PHE DB 28 34.49 69.15 35.08
N GLY DB 29 33.33 68.47 35.10
CA GLY DB 29 32.47 68.55 36.27
C GLY DB 29 32.85 67.56 37.35
N SER DB 30 33.30 66.37 36.97
CA SER DB 30 33.65 65.38 37.99
C SER DB 30 35.05 65.60 38.53
N MET DB 31 35.69 66.70 38.13
CA MET DB 31 36.91 67.10 38.82
C MET DB 31 36.57 67.69 40.17
N ILE DB 32 35.36 68.23 40.30
CA ILE DB 32 34.92 68.90 41.52
C ILE DB 32 34.83 67.93 42.67
N ILE DB 33 34.19 66.79 42.44
CA ILE DB 33 33.96 65.82 43.50
C ILE DB 33 35.23 65.07 43.84
N GLY DB 34 36.21 65.10 42.95
CA GLY DB 34 37.48 64.50 43.28
C GLY DB 34 38.39 65.44 44.06
N TYR DB 35 38.31 66.74 43.74
CA TYR DB 35 39.20 67.72 44.34
C TYR DB 35 38.87 67.97 45.80
N ALA DB 36 37.59 67.78 46.16
CA ALA DB 36 37.15 68.06 47.53
C ALA DB 36 37.51 66.94 48.49
N ARG DB 37 37.63 65.71 48.00
CA ARG DB 37 38.07 64.64 48.89
C ARG DB 37 39.55 64.78 49.17
N ASN DB 38 40.34 65.13 48.17
CA ASN DB 38 41.79 65.16 48.31
C ASN DB 38 42.34 66.38 47.57
N PRO DB 39 43.02 67.28 48.27
CA PRO DB 39 43.70 68.38 47.54
C PRO DB 39 45.16 68.10 47.21
N SER DB 40 45.39 67.12 46.34
CA SER DB 40 46.67 66.94 45.68
C SER DB 40 46.59 67.47 44.26
N LEU DB 41 46.64 68.80 44.14
CA LEU DB 41 46.03 69.49 42.99
C LEU DB 41 46.91 69.44 41.74
N LYS DB 42 48.16 69.87 41.84
CA LYS DB 42 49.03 69.90 40.66
C LYS DB 42 49.66 68.53 40.38
N GLN DB 43 49.10 67.46 40.91
CA GLN DB 43 49.46 66.07 40.64
C GLN DB 43 48.80 65.70 39.31
N GLN DB 44 48.69 64.41 39.01
CA GLN DB 44 48.03 63.96 37.80
C GLN DB 44 46.52 64.24 37.79
N LEU DB 45 45.98 64.75 38.90
CA LEU DB 45 44.55 65.02 39.05
C LEU DB 45 44.06 66.03 38.00
N PHE DB 46 44.65 67.22 37.95
CA PHE DB 46 44.25 68.17 36.92
C PHE DB 46 44.76 67.73 35.55
N SER DB 47 45.84 66.95 35.52
CA SER DB 47 46.39 66.54 34.24
C SER DB 47 45.62 65.37 33.65
N TYR DB 48 44.97 64.56 34.49
CA TYR DB 48 44.07 63.54 33.95
C TYR DB 48 42.84 64.18 33.33
N ALA DB 49 42.49 65.40 33.77
CA ALA DB 49 41.41 66.13 33.15
C ALA DB 49 41.75 66.54 31.73
N ILE DB 50 43.02 66.92 31.49
CA ILE DB 50 43.46 67.28 30.15
C ILE DB 50 43.46 66.05 29.24
N LEU DB 51 43.78 64.88 29.80
CA LEU DB 51 43.60 63.64 29.04
C LEU DB 51 42.13 63.33 28.81
N GLY DB 52 41.24 63.88 29.65
CA GLY DB 52 39.83 63.79 29.36
C GLY DB 52 39.34 64.91 28.46
N PHE DB 53 39.83 66.13 28.71
CA PHE DB 53 39.27 67.32 28.04
C PHE DB 53 39.60 67.35 26.55
N ALA DB 54 40.81 66.91 26.18
CA ALA DB 54 41.23 67.03 24.79
C ALA DB 54 41.03 65.71 24.04
N LEU DB 55 40.69 64.63 24.74
CA LEU DB 55 40.32 63.41 24.04
C LEU DB 55 38.83 63.39 23.77
N SER DB 56 38.02 63.99 24.64
CA SER DB 56 36.60 64.09 24.38
C SER DB 56 36.30 65.17 23.36
N GLU DB 57 37.11 66.23 23.33
CA GLU DB 57 37.04 67.19 22.24
C GLU DB 57 37.56 66.59 20.94
N ALA DB 58 38.37 65.53 21.03
CA ALA DB 58 38.90 64.87 19.84
C ALA DB 58 37.83 64.04 19.14
N MET DB 59 36.72 63.78 19.81
CA MET DB 59 35.55 63.29 19.09
C MET DB 59 34.62 64.44 18.73
N GLY DB 60 34.83 65.59 19.37
CA GLY DB 60 34.07 66.77 18.97
C GLY DB 60 34.57 67.38 17.68
N LEU DB 61 35.88 67.56 17.55
CA LEU DB 61 36.44 68.06 16.29
C LEU DB 61 36.70 66.93 15.31
N PHE DB 62 36.22 65.73 15.62
CA PHE DB 62 36.22 64.64 14.64
C PHE DB 62 35.28 64.95 13.49
N CYS DB 63 33.99 65.12 13.78
CA CYS DB 63 32.99 65.16 12.73
C CYS DB 63 32.98 66.49 12.00
N LEU DB 64 33.64 67.51 12.57
CA LEU DB 64 33.57 68.85 12.00
C LEU DB 64 34.33 68.96 10.68
N MET DB 65 35.36 68.13 10.50
CA MET DB 65 35.98 68.03 9.18
C MET DB 65 35.07 67.28 8.22
N VAL DB 66 34.33 66.29 8.72
CA VAL DB 66 33.44 65.47 7.88
C VAL DB 66 32.27 66.30 7.39
N ALA DB 67 31.84 67.29 8.18
CA ALA DB 67 30.86 68.25 7.69
C ALA DB 67 31.45 69.10 6.57
N PHE DB 68 32.69 69.58 6.76
CA PHE DB 68 33.31 70.36 5.70
C PHE DB 68 33.87 69.47 4.60
N LEU DB 69 33.85 68.15 4.82
CA LEU DB 69 34.17 67.21 3.73
C LEU DB 69 33.00 67.13 2.75
N ILE DB 70 31.79 67.46 3.22
CA ILE DB 70 30.60 67.42 2.37
C ILE DB 70 30.07 68.84 2.15
N LEU DB 71 30.79 69.84 2.61
CA LEU DB 71 30.52 71.18 2.10
C LEU DB 71 30.97 71.28 0.64
N PHE DB 72 32.09 70.66 0.31
CA PHE DB 72 32.65 70.77 -1.03
C PHE DB 72 32.40 69.52 -1.87
N ILE EB 1 14.08 76.38 -4.43
CA ILE EB 1 14.64 75.15 -3.89
C ILE EB 1 15.80 75.52 -2.97
N ASP EB 2 16.31 76.75 -3.12
CA ASP EB 2 17.33 77.24 -2.20
C ASP EB 2 16.70 77.58 -0.85
N THR EB 3 15.46 78.07 -0.88
CA THR EB 3 14.79 78.45 0.36
C THR EB 3 14.40 77.23 1.17
N ALA EB 4 14.15 76.11 0.50
CA ALA EB 4 13.70 74.90 1.19
C ALA EB 4 14.87 74.20 1.87
N ALA EB 5 16.09 74.64 1.61
CA ALA EB 5 17.25 74.01 2.22
C ALA EB 5 17.80 74.85 3.37
N LYS EB 6 17.69 76.17 3.27
CA LYS EB 6 18.29 77.04 4.28
C LYS EB 6 17.56 76.94 5.61
N PHE EB 7 16.27 76.61 5.58
CA PHE EB 7 15.46 76.67 6.80
C PHE EB 7 15.45 75.34 7.53
N ILE EB 8 15.58 74.25 6.79
CA ILE EB 8 15.74 72.95 7.44
C ILE EB 8 17.17 72.79 7.94
N GLY EB 9 18.12 73.47 7.32
CA GLY EB 9 19.51 73.30 7.70
C GLY EB 9 19.83 73.87 9.08
N ALA EB 10 19.42 75.12 9.32
CA ALA EB 10 19.72 75.76 10.60
C ALA EB 10 18.93 75.14 11.73
N GLY EB 11 17.70 74.71 11.46
CA GLY EB 11 16.91 74.06 12.49
C GLY EB 11 17.43 72.68 12.83
N ALA EB 12 18.06 72.03 11.86
CA ALA EB 12 18.80 70.82 12.17
C ALA EB 12 20.05 71.16 12.96
N ALA EB 13 20.66 72.32 12.69
CA ALA EB 13 21.93 72.65 13.33
C ALA EB 13 21.74 73.16 14.75
N THR EB 14 20.48 73.31 15.19
CA THR EB 14 20.22 73.85 16.52
C THR EB 14 20.12 72.72 17.55
N VAL EB 15 19.93 71.49 17.06
CA VAL EB 15 19.65 70.30 17.84
C VAL EB 15 20.75 70.01 18.85
N GLY EB 16 21.99 70.33 18.48
CA GLY EB 16 23.12 69.87 19.27
C GLY EB 16 23.25 70.59 20.61
N VAL EB 17 22.72 71.80 20.71
CA VAL EB 17 22.94 72.63 21.90
C VAL EB 17 22.19 72.03 23.10
N ALA EB 18 21.19 71.18 22.82
CA ALA EB 18 20.59 70.31 23.82
C ALA EB 18 21.61 69.40 24.49
N GLY EB 19 22.65 69.01 23.75
CA GLY EB 19 23.74 68.29 24.38
C GLY EB 19 24.51 69.16 25.37
N SER EB 20 24.57 70.47 25.12
CA SER EB 20 25.37 71.34 25.98
C SER EB 20 24.70 71.57 27.33
N GLY EB 21 23.39 71.81 27.33
CA GLY EB 21 22.69 72.02 28.58
C GLY EB 21 22.61 70.76 29.42
N ALA EB 22 22.67 69.60 28.78
CA ALA EB 22 22.53 68.35 29.51
C ALA EB 22 23.84 67.95 30.17
N GLY EB 23 24.92 68.66 29.86
CA GLY EB 23 26.13 68.49 30.63
C GLY EB 23 26.36 69.65 31.57
N ILE EB 24 25.79 70.82 31.24
CA ILE EB 24 26.06 72.03 32.02
C ILE EB 24 25.25 72.02 33.31
N GLY EB 25 24.24 71.15 33.38
CA GLY EB 25 23.58 70.94 34.65
C GLY EB 25 24.41 70.08 35.57
N THR EB 26 25.32 69.29 35.01
CA THR EB 26 26.16 68.45 35.84
C THR EB 26 27.27 69.25 36.50
N VAL EB 27 27.72 70.32 35.84
CA VAL EB 27 28.88 71.05 36.34
C VAL EB 27 28.48 71.99 37.47
N PHE EB 28 27.18 72.20 37.68
CA PHE EB 28 26.77 72.81 38.93
C PHE EB 28 26.16 71.79 39.84
N GLY EB 29 25.76 70.64 39.29
CA GLY EB 29 25.25 69.56 40.11
C GLY EB 29 26.36 68.73 40.71
N SER EB 30 27.59 69.06 40.36
CA SER EB 30 28.72 68.49 41.08
C SER EB 30 29.28 69.51 42.08
N MET EB 31 28.94 70.78 41.93
CA MET EB 31 29.43 71.78 42.85
C MET EB 31 28.51 71.92 44.05
N ILE EB 32 27.23 71.56 43.88
CA ILE EB 32 26.32 71.44 45.01
C ILE EB 32 26.80 70.35 45.97
N ILE EB 33 27.13 69.17 45.42
CA ILE EB 33 27.67 68.10 46.25
C ILE EB 33 29.14 68.37 46.57
N GLY EB 34 29.76 69.31 45.87
CA GLY EB 34 31.14 69.63 46.18
C GLY EB 34 31.28 70.46 47.45
N TYR EB 35 30.54 71.57 47.51
CA TYR EB 35 30.63 72.47 48.66
C TYR EB 35 29.95 71.87 49.88
N ALA EB 36 29.01 70.94 49.68
CA ALA EB 36 28.30 70.36 50.81
C ALA EB 36 29.09 69.25 51.48
N ARG EB 37 30.26 68.93 50.95
CA ARG EB 37 31.14 68.00 51.65
C ARG EB 37 32.23 68.74 52.40
N ASN EB 38 32.76 69.80 51.81
CA ASN EB 38 33.93 70.51 52.31
C ASN EB 38 33.74 71.97 51.94
N PRO EB 39 33.41 72.84 52.87
CA PRO EB 39 33.19 74.27 52.53
C PRO EB 39 34.45 75.00 52.09
N SER EB 40 34.82 74.76 50.83
CA SER EB 40 35.96 75.36 50.15
C SER EB 40 35.48 76.18 48.96
N LEU EB 41 34.47 77.02 49.22
CA LEU EB 41 33.78 77.76 48.16
C LEU EB 41 34.64 78.87 47.57
N LYS EB 42 35.15 79.77 48.42
CA LYS EB 42 35.81 80.98 47.94
C LYS EB 42 37.17 80.68 47.32
N GLN EB 43 37.74 79.52 47.62
CA GLN EB 43 38.91 79.00 46.94
C GLN EB 43 38.51 78.30 45.65
N GLN EB 44 39.42 77.47 45.10
CA GLN EB 44 39.45 77.15 43.67
C GLN EB 44 38.23 76.41 43.15
N LEU EB 45 37.31 75.97 44.03
CA LEU EB 45 36.22 75.12 43.59
C LEU EB 45 35.20 75.87 42.76
N PHE EB 46 34.78 77.04 43.22
CA PHE EB 46 33.74 77.79 42.53
C PHE EB 46 34.25 78.35 41.21
N SER EB 47 35.54 78.64 41.14
CA SER EB 47 36.12 79.19 39.91
C SER EB 47 36.17 78.14 38.81
N TYR EB 48 36.22 76.86 39.20
CA TYR EB 48 36.15 75.78 38.23
C TYR EB 48 34.77 75.71 37.57
N ALA EB 49 33.71 76.02 38.34
CA ALA EB 49 32.39 76.06 37.75
C ALA EB 49 32.23 77.26 36.84
N ILE EB 50 32.99 78.33 37.12
CA ILE EB 50 33.01 79.46 36.21
C ILE EB 50 33.75 79.09 34.93
N LEU EB 51 34.80 78.29 35.05
CA LEU EB 51 35.42 77.71 33.86
C LEU EB 51 34.51 76.65 33.26
N GLY EB 52 33.78 75.92 34.09
CA GLY EB 52 32.97 74.82 33.61
C GLY EB 52 31.76 75.26 32.81
N PHE EB 53 31.17 76.39 33.20
CA PHE EB 53 30.12 76.97 32.37
C PHE EB 53 30.69 77.59 31.11
N ALA EB 54 31.88 78.19 31.21
CA ALA EB 54 32.46 78.88 30.07
C ALA EB 54 32.95 77.91 29.01
N LEU EB 55 33.42 76.74 29.42
CA LEU EB 55 34.00 75.80 28.46
C LEU EB 55 32.93 75.10 27.64
N SER EB 56 31.98 74.43 28.31
CA SER EB 56 31.05 73.57 27.60
C SER EB 56 30.03 74.37 26.81
N GLU EB 57 29.85 75.65 27.16
CA GLU EB 57 28.99 76.50 26.36
C GLU EB 57 29.69 76.90 25.06
N ALA EB 58 31.03 76.90 25.07
CA ALA EB 58 31.77 77.18 23.85
C ALA EB 58 31.69 75.99 22.89
N MET EB 59 31.50 74.78 23.42
CA MET EB 59 31.13 73.66 22.54
C MET EB 59 29.70 73.84 22.05
N GLY EB 60 28.88 74.57 22.81
CA GLY EB 60 27.48 74.71 22.44
C GLY EB 60 27.23 75.90 21.53
N LEU EB 61 27.78 77.07 21.88
CA LEU EB 61 27.36 78.30 21.20
C LEU EB 61 27.97 78.41 19.81
N PHE EB 62 29.04 77.67 19.53
CA PHE EB 62 29.58 77.62 18.18
C PHE EB 62 28.61 76.92 17.23
N CYS EB 63 27.86 75.94 17.75
CA CYS EB 63 26.92 75.20 16.90
C CYS EB 63 25.77 76.08 16.47
N LEU EB 64 25.45 77.09 17.28
CA LEU EB 64 24.46 78.08 16.87
C LEU EB 64 25.01 78.96 15.74
N MET EB 65 26.32 79.24 15.78
CA MET EB 65 26.95 80.03 14.72
C MET EB 65 27.00 79.25 13.41
N VAL EB 66 27.01 77.92 13.50
CA VAL EB 66 26.87 77.07 12.33
C VAL EB 66 25.51 77.25 11.70
N ALA EB 67 24.48 77.47 12.52
CA ALA EB 67 23.13 77.63 11.99
C ALA EB 67 22.97 78.96 11.25
N PHE EB 68 23.77 79.96 11.60
CA PHE EB 68 23.60 81.28 11.02
C PHE EB 68 24.10 81.33 9.59
N LEU EB 69 25.22 80.66 9.30
CA LEU EB 69 25.79 80.70 7.96
C LEU EB 69 24.97 79.87 6.98
N ILE EB 70 24.24 78.88 7.49
CA ILE EB 70 23.24 78.21 6.68
C ILE EB 70 22.08 79.15 6.40
N LEU EB 71 21.67 79.91 7.42
CA LEU EB 71 20.61 80.90 7.21
C LEU EB 71 21.12 82.09 6.39
N PHE EB 72 22.37 82.47 6.59
CA PHE EB 72 22.97 83.54 5.80
C PHE EB 72 24.14 83.02 4.95
N ILE FB 1 4.93 75.53 -1.10
CA ILE FB 1 6.29 75.02 -0.99
C ILE FB 1 7.19 76.03 -0.29
N ASP FB 2 6.93 77.31 -0.55
CA ASP FB 2 7.67 78.37 0.15
C ASP FB 2 7.24 78.45 1.60
N THR FB 3 5.96 78.17 1.88
CA THR FB 3 5.49 78.12 3.26
C THR FB 3 5.91 76.82 3.95
N ALA FB 4 6.26 75.81 3.15
CA ALA FB 4 6.59 74.51 3.72
C ALA FB 4 7.94 74.55 4.43
N ALA FB 5 8.86 75.39 3.94
CA ALA FB 5 10.18 75.51 4.54
C ALA FB 5 10.11 76.16 5.92
N LYS FB 6 9.09 76.99 6.14
CA LYS FB 6 8.83 77.56 7.45
C LYS FB 6 8.50 76.47 8.47
N PHE FB 7 7.74 75.46 8.04
CA PHE FB 7 7.18 74.49 8.97
C PHE FB 7 8.21 73.43 9.35
N ILE FB 8 9.12 73.12 8.45
CA ILE FB 8 10.00 71.97 8.63
C ILE FB 8 11.13 72.32 9.59
N GLY FB 9 11.43 73.61 9.74
CA GLY FB 9 12.63 73.99 10.46
C GLY FB 9 12.42 74.08 11.96
N ALA FB 10 11.28 74.62 12.38
CA ALA FB 10 11.05 74.88 13.79
C ALA FB 10 10.81 73.60 14.56
N GLY FB 11 10.16 72.62 13.94
CA GLY FB 11 9.98 71.33 14.59
C GLY FB 11 11.29 70.58 14.75
N ALA FB 12 12.26 70.88 13.88
CA ALA FB 12 13.59 70.34 14.06
C ALA FB 12 14.34 71.10 15.15
N ALA FB 13 14.22 72.44 15.18
CA ALA FB 13 14.92 73.22 16.18
C ALA FB 13 14.21 73.20 17.52
N THR FB 14 13.04 72.57 17.57
CA THR FB 14 12.29 72.39 18.81
C THR FB 14 13.06 71.50 19.78
N VAL FB 15 13.81 70.54 19.25
CA VAL FB 15 14.32 69.43 20.03
C VAL FB 15 15.60 69.85 20.75
N GLY FB 16 16.08 71.06 20.46
CA GLY FB 16 17.25 71.56 21.17
C GLY FB 16 16.97 71.98 22.61
N VAL FB 17 15.72 71.84 23.05
CA VAL FB 17 15.36 72.12 24.43
C VAL FB 17 15.12 70.81 25.18
N ALA FB 18 15.19 69.67 24.48
CA ALA FB 18 14.99 68.37 25.10
C ALA FB 18 16.11 68.04 26.08
N GLY FB 19 17.34 68.30 25.66
CA GLY FB 19 18.46 68.07 26.56
C GLY FB 19 18.54 69.11 27.66
N SER FB 20 18.20 70.36 27.33
CA SER FB 20 18.12 71.39 28.36
C SER FB 20 16.94 71.15 29.29
N GLY FB 21 15.97 70.36 28.84
CA GLY FB 21 14.95 69.87 29.77
C GLY FB 21 15.51 68.91 30.79
N ALA FB 22 16.36 67.97 30.35
CA ALA FB 22 17.00 67.08 31.31
C ALA FB 22 18.20 67.75 31.96
N GLY FB 23 18.63 68.88 31.42
CA GLY FB 23 19.77 69.58 32.00
C GLY FB 23 19.42 70.36 33.26
N ILE FB 24 18.12 70.44 33.57
CA ILE FB 24 17.69 71.01 34.83
C ILE FB 24 17.17 69.92 35.75
N GLY FB 25 17.02 68.72 35.23
CA GLY FB 25 16.53 67.62 36.05
C GLY FB 25 17.62 67.04 36.94
N THR FB 26 18.87 67.31 36.62
CA THR FB 26 19.95 66.74 37.41
C THR FB 26 20.45 67.71 38.45
N VAL FB 27 20.25 69.01 38.22
CA VAL FB 27 20.65 70.01 39.20
C VAL FB 27 19.72 69.98 40.40
N PHE FB 28 18.54 69.38 40.25
CA PHE FB 28 17.70 69.11 41.41
C PHE FB 28 17.93 67.70 41.93
N GLY FB 29 18.55 66.84 41.13
CA GLY FB 29 18.92 65.52 41.60
C GLY FB 29 20.18 65.57 42.43
N SER FB 30 20.86 66.71 42.44
CA SER FB 30 22.00 66.87 43.32
C SER FB 30 21.57 67.37 44.70
N MET FB 31 20.64 68.32 44.73
CA MET FB 31 20.34 69.02 45.97
C MET FB 31 19.54 68.16 46.91
N ILE FB 32 18.92 67.11 46.39
CA ILE FB 32 18.43 66.03 47.24
C ILE FB 32 19.57 65.35 47.95
N ILE FB 33 20.54 64.86 47.19
CA ILE FB 33 21.64 64.09 47.77
C ILE FB 33 22.72 65.01 48.29
N GLY FB 34 22.60 66.31 48.03
CA GLY FB 34 23.55 67.26 48.62
C GLY FB 34 23.13 67.70 50.01
N TYR FB 35 21.85 68.06 50.17
CA TYR FB 35 21.36 68.54 51.46
C TYR FB 35 21.32 67.42 52.49
N ALA FB 36 21.13 66.18 52.04
CA ALA FB 36 20.92 65.09 52.96
C ALA FB 36 22.19 64.68 53.69
N ARG FB 37 23.32 65.30 53.37
CA ARG FB 37 24.49 65.21 54.23
C ARG FB 37 24.56 66.38 55.21
N ASN FB 38 24.48 67.60 54.68
CA ASN FB 38 24.86 68.80 55.41
C ASN FB 38 23.69 69.76 55.47
N PRO FB 39 22.88 69.74 56.51
CA PRO FB 39 21.76 70.69 56.62
C PRO FB 39 22.23 72.13 56.87
N SER FB 40 22.62 72.77 55.78
CA SER FB 40 22.95 74.18 55.70
C SER FB 40 22.12 74.81 54.60
N LEU FB 41 20.81 74.58 54.68
CA LEU FB 41 19.91 74.66 53.53
C LEU FB 41 19.71 76.08 53.04
N LYS FB 42 19.19 76.96 53.91
CA LYS FB 42 18.81 78.33 53.53
C LYS FB 42 19.98 79.17 53.09
N GLN FB 43 21.19 78.76 53.42
CA GLN FB 43 22.42 79.37 52.92
C GLN FB 43 22.71 78.89 51.51
N GLN FB 44 23.97 79.04 51.06
CA GLN FB 44 24.27 79.04 49.63
C GLN FB 44 24.16 77.67 48.97
N LEU FB 45 23.61 76.66 49.66
CA LEU FB 45 23.25 75.43 48.98
C LEU FB 45 22.08 75.65 48.03
N PHE FB 46 20.99 76.24 48.52
CA PHE FB 46 19.82 76.44 47.67
C PHE FB 46 20.02 77.62 46.74
N SER FB 47 20.80 78.61 47.16
CA SER FB 47 20.95 79.83 46.37
C SER FB 47 21.77 79.56 45.10
N TYR FB 48 22.58 78.51 45.12
CA TYR FB 48 23.31 78.14 43.91
C TYR FB 48 22.46 77.33 42.95
N ALA FB 49 21.54 76.51 43.48
CA ALA FB 49 20.70 75.71 42.61
C ALA FB 49 19.65 76.56 41.91
N ILE FB 50 19.40 77.76 42.42
CA ILE FB 50 18.56 78.72 41.71
C ILE FB 50 19.27 79.20 40.46
N LEU FB 51 20.57 79.52 40.60
CA LEU FB 51 21.33 80.09 39.50
C LEU FB 51 21.55 79.09 38.38
N GLY FB 52 21.74 77.81 38.74
CA GLY FB 52 21.96 76.80 37.72
C GLY FB 52 20.73 76.53 36.88
N PHE FB 53 19.55 76.77 37.45
CA PHE FB 53 18.32 76.55 36.71
C PHE FB 53 18.09 77.64 35.69
N ALA FB 54 18.10 78.90 36.13
CA ALA FB 54 17.72 80.03 35.28
C ALA FB 54 18.74 80.28 34.18
N LEU FB 55 19.99 79.85 34.40
CA LEU FB 55 20.98 79.93 33.35
C LEU FB 55 20.75 78.86 32.28
N SER FB 56 20.44 77.64 32.70
CA SER FB 56 20.34 76.53 31.75
C SER FB 56 19.04 76.58 30.97
N GLU FB 57 17.94 76.99 31.61
CA GLU FB 57 16.67 77.06 30.90
C GLU FB 57 16.64 78.23 29.94
N ALA FB 58 17.45 79.27 30.23
CA ALA FB 58 17.57 80.38 29.30
C ALA FB 58 18.24 79.95 28.01
N MET FB 59 19.22 79.04 28.11
CA MET FB 59 19.85 78.52 26.90
C MET FB 59 18.94 77.53 26.19
N GLY FB 60 17.97 76.97 26.92
CA GLY FB 60 16.90 76.27 26.25
C GLY FB 60 15.88 77.22 25.67
N LEU FB 61 15.65 78.35 26.34
CA LEU FB 61 14.63 79.30 25.88
C LEU FB 61 15.10 80.06 24.65
N PHE FB 62 16.41 80.30 24.53
CA PHE FB 62 16.94 80.91 23.33
C PHE FB 62 16.86 79.95 22.14
N CYS FB 63 16.87 78.65 22.42
CA CYS FB 63 16.65 77.67 21.37
C CYS FB 63 15.21 77.71 20.89
N LEU FB 64 14.28 78.14 21.76
CA LEU FB 64 12.91 78.33 21.32
C LEU FB 64 12.74 79.68 20.63
N MET FB 65 13.65 80.63 20.90
CA MET FB 65 13.55 81.93 20.24
C MET FB 65 13.90 81.82 18.77
N VAL FB 66 14.84 80.96 18.42
CA VAL FB 66 15.17 80.78 17.02
C VAL FB 66 14.09 79.96 16.31
N ALA FB 67 13.27 79.23 17.09
CA ALA FB 67 12.16 78.51 16.49
C ALA FB 67 11.09 79.47 15.99
N PHE FB 68 11.00 80.66 16.59
CA PHE FB 68 10.01 81.63 16.14
C PHE FB 68 10.49 82.35 14.89
N LEU FB 69 11.80 82.60 14.77
CA LEU FB 69 12.31 83.29 13.59
C LEU FB 69 12.27 82.40 12.36
N ILE FB 70 12.47 81.10 12.55
CA ILE FB 70 12.19 80.15 11.47
C ILE FB 70 10.69 80.11 11.19
N LEU FB 71 9.88 80.25 12.23
CA LEU FB 71 8.44 80.32 12.02
C LEU FB 71 8.04 81.65 11.39
N PHE FB 72 8.70 82.73 11.79
CA PHE FB 72 8.37 84.04 11.25
C PHE FB 72 9.61 84.73 10.69
N ILE GB 1 0.81 68.80 -0.91
CA ILE GB 1 2.09 69.40 -0.54
C ILE GB 1 1.88 70.31 0.66
N ASP GB 2 0.67 70.86 0.76
CA ASP GB 2 0.36 71.73 1.88
C ASP GB 2 0.09 70.92 3.14
N THR GB 3 -0.26 69.64 2.99
CA THR GB 3 -0.51 68.81 4.16
C THR GB 3 0.78 68.22 4.70
N ALA GB 4 1.82 68.12 3.86
CA ALA GB 4 3.00 67.36 4.25
C ALA GB 4 3.87 68.13 5.23
N ALA GB 5 3.82 69.47 5.16
CA ALA GB 5 4.59 70.27 6.09
C ALA GB 5 3.92 70.33 7.46
N LYS GB 6 2.66 69.90 7.54
CA LYS GB 6 1.98 69.84 8.83
C LYS GB 6 2.52 68.70 9.69
N PHE GB 7 2.94 67.61 9.06
CA PHE GB 7 3.18 66.40 9.83
C PHE GB 7 4.65 66.25 10.20
N ILE GB 8 5.55 66.82 9.39
CA ILE GB 8 6.95 66.91 9.82
C ILE GB 8 7.06 67.83 11.03
N GLY GB 9 6.35 68.94 11.02
CA GLY GB 9 6.29 69.78 12.21
C GLY GB 9 5.53 69.13 13.35
N ALA GB 10 4.69 68.14 13.04
CA ALA GB 10 4.06 67.35 14.08
C ALA GB 10 4.99 66.28 14.61
N GLY GB 11 5.72 65.61 13.72
CA GLY GB 11 6.55 64.50 14.14
C GLY GB 11 7.84 64.96 14.80
N ALA GB 12 8.46 66.01 14.26
CA ALA GB 12 9.79 66.40 14.76
C ALA GB 12 9.70 67.20 16.04
N ALA GB 13 8.57 67.87 16.29
CA ALA GB 13 8.47 68.66 17.50
C ALA GB 13 8.13 67.80 18.71
N THR GB 14 7.53 66.64 18.47
CA THR GB 14 7.07 65.81 19.58
C THR GB 14 8.26 65.05 20.17
N VAL GB 15 9.37 64.99 19.43
CA VAL GB 15 10.62 64.35 19.80
C VAL GB 15 11.18 64.89 21.11
N GLY GB 16 11.02 66.19 21.32
CA GLY GB 16 11.70 66.85 22.42
C GLY GB 16 11.09 66.57 23.77
N VAL GB 17 9.94 65.86 23.79
CA VAL GB 17 9.31 65.51 25.06
C VAL GB 17 10.01 64.30 25.66
N ALA GB 18 10.92 63.68 24.90
CA ALA GB 18 11.71 62.57 25.39
C ALA GB 18 12.73 63.02 26.42
N GLY GB 19 13.26 64.22 26.24
CA GLY GB 19 14.35 64.68 27.09
C GLY GB 19 13.92 64.92 28.52
N SER GB 20 12.77 65.56 28.72
CA SER GB 20 12.31 65.86 30.07
C SER GB 20 11.75 64.61 30.74
N GLY GB 21 11.40 63.60 29.95
CA GLY GB 21 11.05 62.32 30.54
C GLY GB 21 12.27 61.61 31.08
N ALA GB 22 13.45 61.95 30.56
CA ALA GB 22 14.68 61.40 31.11
C ALA GB 22 15.08 62.12 32.38
N GLY GB 23 14.62 63.35 32.55
CA GLY GB 23 15.05 64.15 33.69
C GLY GB 23 14.36 63.75 34.99
N ILE GB 24 13.10 63.34 34.90
CA ILE GB 24 12.35 63.02 36.11
C ILE GB 24 12.67 61.60 36.57
N GLY GB 25 13.47 60.87 35.81
CA GLY GB 25 14.03 59.65 36.34
C GLY GB 25 15.21 59.92 37.24
N THR GB 26 15.89 61.04 36.99
CA THR GB 26 17.02 61.43 37.85
C THR GB 26 16.53 61.88 39.22
N VAL GB 27 15.54 62.77 39.25
CA VAL GB 27 15.15 63.39 40.51
C VAL GB 27 14.39 62.40 41.38
N PHE GB 28 13.71 61.43 40.78
CA PHE GB 28 13.07 60.41 41.58
C PHE GB 28 14.04 59.28 41.85
N GLY GB 29 15.12 59.22 41.09
CA GLY GB 29 16.19 58.32 41.45
C GLY GB 29 17.00 58.87 42.61
N SER GB 30 17.10 60.19 42.69
CA SER GB 30 17.98 60.79 43.68
C SER GB 30 17.30 60.91 45.03
N MET GB 31 15.97 60.87 45.06
CA MET GB 31 15.24 60.90 46.32
C MET GB 31 15.34 59.56 47.02
N ILE GB 32 15.63 58.50 46.28
CA ILE GB 32 15.79 57.19 46.91
C ILE GB 32 17.12 57.12 47.64
N ILE GB 33 18.13 57.78 47.11
CA ILE GB 33 19.46 57.67 47.70
C ILE GB 33 19.66 58.76 48.76
N GLY GB 34 18.96 59.88 48.63
CA GLY GB 34 19.05 60.90 49.66
C GLY GB 34 18.35 60.48 50.94
N TYR GB 35 17.27 59.70 50.82
CA TYR GB 35 16.56 59.25 52.00
C TYR GB 35 17.37 58.21 52.76
N ALA GB 36 18.21 57.45 52.07
CA ALA GB 36 18.88 56.33 52.73
C ALA GB 36 20.02 56.80 53.61
N ARG GB 37 20.40 58.07 53.51
CA ARG GB 37 21.29 58.66 54.52
C ARG GB 37 20.51 59.03 55.78
N ASN GB 38 19.58 59.96 55.62
CA ASN GB 38 19.07 60.77 56.70
C ASN GB 38 17.54 60.72 56.66
N PRO GB 39 16.91 59.80 57.37
CA PRO GB 39 15.43 59.75 57.36
C PRO GB 39 14.78 60.93 58.07
N SER GB 40 14.82 62.06 57.36
CA SER GB 40 14.06 63.27 57.63
C SER GB 40 13.16 63.53 56.44
N LEU GB 41 12.48 62.47 56.00
CA LEU GB 41 11.99 62.39 54.64
C LEU GB 41 10.77 63.26 54.40
N LYS GB 42 9.83 63.27 55.35
CA LYS GB 42 8.58 63.98 55.13
C LYS GB 42 8.75 65.49 55.21
N GLN GB 43 9.92 65.95 55.63
CA GLN GB 43 10.35 67.33 55.53
C GLN GB 43 10.85 67.61 54.12
N GLN GB 44 11.62 68.69 53.95
CA GLN GB 44 11.94 69.21 52.62
C GLN GB 44 12.82 68.29 51.77
N LEU GB 45 13.14 67.09 52.24
CA LEU GB 45 13.76 66.09 51.38
C LEU GB 45 12.83 65.66 50.25
N PHE GB 46 11.64 65.17 50.60
CA PHE GB 46 10.69 64.75 49.58
C PHE GB 46 10.06 65.95 48.89
N SER GB 47 9.96 67.08 49.59
CA SER GB 47 9.30 68.24 49.01
C SER GB 47 10.15 68.88 47.92
N TYR GB 48 11.46 68.68 47.97
CA TYR GB 48 12.32 69.19 46.90
C TYR GB 48 12.19 68.35 45.64
N ALA GB 49 11.77 67.09 45.78
CA ALA GB 49 11.50 66.28 44.60
C ALA GB 49 10.28 66.81 43.84
N ILE GB 50 9.21 67.13 44.56
CA ILE GB 50 8.00 67.65 43.91
C ILE GB 50 8.21 69.10 43.50
N LEU GB 51 9.19 69.78 44.11
CA LEU GB 51 9.72 70.99 43.50
C LEU GB 51 10.34 70.70 42.15
N GLY GB 52 11.20 69.69 42.07
CA GLY GB 52 11.98 69.50 40.87
C GLY GB 52 11.20 68.83 39.76
N PHE GB 53 10.33 67.89 40.14
CA PHE GB 53 9.51 67.18 39.17
C PHE GB 53 8.56 68.11 38.43
N ALA GB 54 8.00 69.09 39.12
CA ALA GB 54 7.09 70.02 38.45
C ALA GB 54 7.85 70.97 37.55
N LEU GB 55 9.13 71.19 37.83
CA LEU GB 55 9.88 72.20 37.09
C LEU GB 55 10.48 71.62 35.83
N SER GB 56 10.77 70.32 35.83
CA SER GB 56 11.30 69.69 34.63
C SER GB 56 10.19 69.37 33.64
N GLU GB 57 9.04 68.92 34.13
CA GLU GB 57 7.90 68.63 33.28
C GLU GB 57 7.32 69.89 32.67
N ALA GB 58 7.52 71.03 33.33
CA ALA GB 58 7.09 72.31 32.77
C ALA GB 58 7.89 72.67 31.53
N MET GB 59 9.15 72.23 31.47
CA MET GB 59 9.93 72.44 30.26
C MET GB 59 9.47 71.48 29.16
N GLY GB 60 9.17 70.24 29.53
CA GLY GB 60 8.79 69.26 28.53
C GLY GB 60 7.42 69.54 27.93
N LEU GB 61 6.51 70.06 28.75
CA LEU GB 61 5.22 70.49 28.23
C LEU GB 61 5.40 71.75 27.38
N PHE GB 62 6.39 72.59 27.73
CA PHE GB 62 6.67 73.77 26.92
C PHE GB 62 7.21 73.38 25.56
N CYS GB 63 7.88 72.23 25.49
CA CYS GB 63 8.25 71.64 24.20
C CYS GB 63 7.02 71.14 23.46
N LEU GB 64 6.10 70.52 24.18
CA LEU GB 64 4.95 69.89 23.54
C LEU GB 64 3.92 70.92 23.12
N MET GB 65 4.01 72.13 23.67
CA MET GB 65 3.00 73.15 23.38
C MET GB 65 3.15 73.72 21.98
N VAL GB 66 4.35 73.66 21.41
CA VAL GB 66 4.53 74.17 20.05
C VAL GB 66 4.01 73.15 19.04
N ALA GB 67 3.82 71.89 19.48
CA ALA GB 67 3.27 70.88 18.59
C ALA GB 67 1.81 71.15 18.29
N PHE GB 68 1.12 71.82 19.19
CA PHE GB 68 -0.28 72.15 18.94
C PHE GB 68 -0.42 73.51 18.28
N LEU GB 69 0.61 74.35 18.37
CA LEU GB 69 0.55 75.61 17.66
C LEU GB 69 0.92 75.43 16.19
N ILE GB 70 2.00 74.71 15.93
CA ILE GB 70 2.53 74.66 14.57
C ILE GB 70 1.72 73.70 13.71
N LEU GB 71 1.00 72.77 14.35
CA LEU GB 71 0.11 71.91 13.57
C LEU GB 71 -1.15 72.68 13.21
N PHE GB 72 -1.55 73.62 14.06
CA PHE GB 72 -2.77 74.35 13.85
C PHE GB 72 -2.53 75.85 13.79
N UNK HB 1 24.11 56.47 39.75
CA UNK HB 1 23.28 57.64 39.49
C UNK HB 1 24.13 58.85 39.12
N UNK HB 2 25.42 58.79 39.43
CA UNK HB 2 26.32 59.88 39.10
C UNK HB 2 26.63 59.85 37.62
N UNK HB 3 26.67 58.63 37.07
CA UNK HB 3 27.06 58.42 35.68
C UNK HB 3 25.84 58.21 34.79
N UNK HB 4 24.67 58.43 35.37
CA UNK HB 4 23.43 58.19 34.65
C UNK HB 4 23.00 59.40 33.86
N UNK HB 5 23.38 60.58 34.33
CA UNK HB 5 22.88 61.82 33.75
C UNK HB 5 23.49 62.04 32.39
N UNK HB 6 24.75 61.62 32.23
CA UNK HB 6 25.39 61.65 30.95
C UNK HB 6 24.78 60.56 30.09
N UNK HB 7 24.41 59.45 30.72
CA UNK HB 7 23.74 58.35 30.03
C UNK HB 7 22.32 58.77 29.67
N UNK HB 8 21.74 59.64 30.49
CA UNK HB 8 20.45 60.24 30.19
C UNK HB 8 20.64 61.21 29.04
N UNK HB 9 21.80 61.87 29.04
CA UNK HB 9 22.17 62.81 27.99
C UNK HB 9 22.76 62.08 26.80
N UNK HB 10 22.92 60.77 26.95
CA UNK HB 10 23.33 59.92 25.86
C UNK HB 10 22.13 59.48 25.07
N UNK HB 11 20.99 59.34 25.74
CA UNK HB 11 19.71 59.14 25.05
C UNK HB 11 18.86 60.41 25.20
N UNK HB 12 19.56 61.56 25.27
CA UNK HB 12 18.97 62.86 24.99
C UNK HB 12 19.66 63.40 23.73
N UNK HB 13 20.86 62.88 23.48
CA UNK HB 13 21.62 63.14 22.25
C UNK HB 13 21.26 62.12 21.19
N UNK HB 14 20.68 61.01 21.62
CA UNK HB 14 20.18 59.98 20.73
C UNK HB 14 18.72 60.21 20.45
N UNK HB 15 18.01 60.73 21.46
CA UNK HB 15 16.61 61.08 21.34
C UNK HB 15 16.43 62.19 20.30
N UNK HB 16 17.23 63.23 20.46
CA UNK HB 16 17.19 64.40 19.59
C UNK HB 16 17.73 64.13 18.17
N UNK HB 17 18.44 63.03 18.02
CA UNK HB 17 19.21 62.75 16.81
C UNK HB 17 18.35 62.52 15.57
N UNK HB 18 17.31 61.70 15.71
CA UNK HB 18 16.55 61.24 14.56
C UNK HB 18 15.63 62.30 13.96
N UNK HB 19 15.48 63.43 14.65
CA UNK HB 19 14.58 64.51 14.23
C UNK HB 19 15.09 65.23 12.98
N UNK HB 20 16.41 65.48 12.95
CA UNK HB 20 17.03 66.12 11.80
C UNK HB 20 17.06 65.16 10.62
N UNK HB 21 17.07 63.86 10.92
CA UNK HB 21 16.88 62.83 9.91
C UNK HB 21 15.42 62.76 9.52
N UNK HB 22 14.53 62.94 10.51
CA UNK HB 22 13.09 63.02 10.24
C UNK HB 22 12.78 64.27 9.44
N UNK HB 23 13.59 65.30 9.67
CA UNK HB 23 13.59 66.48 8.81
C UNK HB 23 14.11 66.08 7.44
N UNK HB 24 15.21 65.34 7.42
CA UNK HB 24 15.84 64.94 6.17
C UNK HB 24 15.02 63.93 5.38
N UNK HB 25 14.39 62.96 6.05
CA UNK HB 25 13.67 61.92 5.34
C UNK HB 25 12.37 62.44 4.77
N UNK HB 26 11.93 63.59 5.27
CA UNK HB 26 10.78 64.28 4.70
C UNK HB 26 11.24 65.30 3.68
N UNK HB 27 12.50 65.71 3.76
CA UNK HB 27 13.03 66.77 2.91
C UNK HB 27 13.05 66.35 1.46
N UNK HB 28 13.61 65.17 1.22
CA UNK HB 28 13.61 64.58 -0.11
C UNK HB 28 12.19 64.12 -0.44
N UNK HB 29 11.40 63.78 0.57
CA UNK HB 29 10.00 63.46 0.35
C UNK HB 29 9.23 64.72 -0.03
N UNK HB 30 9.57 65.85 0.57
CA UNK HB 30 8.97 67.13 0.17
C UNK HB 30 9.49 67.53 -1.20
N UNK HB 31 10.73 67.15 -1.50
CA UNK HB 31 11.33 67.47 -2.78
C UNK HB 31 10.71 66.63 -3.89
N UNK HB 32 10.50 65.34 -3.62
CA UNK HB 32 9.96 64.42 -4.62
C UNK HB 32 8.47 64.65 -4.83
N UNK HB 33 7.84 65.25 -3.82
CA UNK HB 33 6.47 65.72 -3.96
C UNK HB 33 6.46 66.88 -4.95
N UNK HB 34 7.47 67.73 -4.86
CA UNK HB 34 7.64 68.87 -5.77
C UNK HB 34 8.30 68.43 -7.06
N UNK HB 35 8.88 67.24 -7.06
CA UNK HB 35 9.47 66.68 -8.28
C UNK HB 35 8.49 65.73 -8.94
N UNK HB 36 7.21 65.88 -8.62
CA UNK HB 36 6.17 65.04 -9.20
C UNK HB 36 5.28 65.84 -10.15
N UNK HB 37 5.19 67.14 -9.92
CA UNK HB 37 4.33 68.00 -10.74
C UNK HB 37 4.92 69.39 -10.97
N UNK HB 38 5.48 69.98 -9.92
CA UNK HB 38 6.04 71.33 -10.01
C UNK HB 38 7.32 71.36 -10.84
N UNK HB 39 8.03 70.23 -10.88
CA UNK HB 39 9.28 70.15 -11.63
C UNK HB 39 9.05 69.86 -13.10
N UNK HB 40 8.72 68.60 -13.40
CA UNK HB 40 8.52 68.07 -14.77
C UNK HB 40 9.72 68.33 -15.68
N UNK HB 41 10.76 67.52 -15.51
CA UNK HB 41 11.97 67.67 -16.30
C UNK HB 41 12.19 66.45 -17.20
N UNK HB 42 12.76 66.69 -18.38
CA UNK HB 42 13.06 65.63 -19.34
C UNK HB 42 14.19 66.05 -20.29
N LYS IB 1 -60.58 26.45 181.69
CA LYS IB 1 -59.40 27.07 182.27
C LYS IB 1 -58.89 26.24 183.44
N THR IB 2 -57.60 25.90 183.40
CA THR IB 2 -56.95 25.16 184.47
C THR IB 2 -55.68 25.84 184.96
N GLY IB 3 -54.94 26.52 184.09
CA GLY IB 3 -53.70 27.13 184.50
C GLY IB 3 -52.55 26.17 184.34
N THR IB 4 -51.38 26.67 183.90
CA THR IB 4 -50.29 25.77 183.53
C THR IB 4 -49.61 25.17 184.75
N ALA IB 5 -49.37 25.98 185.78
CA ALA IB 5 -48.66 25.52 186.97
C ALA IB 5 -49.60 25.02 188.05
N GLU IB 6 -50.74 24.47 187.67
CA GLU IB 6 -51.69 23.88 188.61
C GLU IB 6 -51.61 22.36 188.62
N VAL IB 7 -50.43 21.82 188.38
CA VAL IB 7 -50.28 20.38 188.29
C VAL IB 7 -50.33 19.76 189.68
N SER IB 8 -50.38 18.44 189.72
CA SER IB 8 -50.64 17.75 190.98
C SER IB 8 -49.42 17.68 191.88
N SER IB 9 -48.28 18.18 191.42
CA SER IB 9 -47.08 18.16 192.25
C SER IB 9 -46.76 19.54 192.81
N ILE IB 10 -47.27 20.59 192.18
CA ILE IB 10 -47.08 21.94 192.70
C ILE IB 10 -47.98 22.19 193.89
N LEU IB 11 -49.24 21.78 193.79
CA LEU IB 11 -50.19 21.96 194.87
C LEU IB 11 -49.86 21.05 196.05
N GLU IB 12 -49.18 19.95 195.78
CA GLU IB 12 -49.01 18.91 196.79
C GLU IB 12 -48.07 19.33 197.91
N GLU IB 13 -47.08 20.16 197.58
CA GLU IB 13 -46.16 20.62 198.62
C GLU IB 13 -46.77 21.74 199.46
N ARG IB 14 -47.65 22.55 198.85
CA ARG IB 14 -48.23 23.68 199.58
C ARG IB 14 -49.23 23.22 200.64
N ILE IB 15 -49.77 22.02 200.49
CA ILE IB 15 -50.58 21.45 201.57
C ILE IB 15 -49.71 20.99 202.73
N LEU IB 16 -48.50 20.50 202.45
CA LEU IB 16 -47.56 20.13 203.52
C LEU IB 16 -47.16 21.33 204.35
N GLY IB 17 -46.47 22.30 203.74
CA GLY IB 17 -46.02 23.45 204.49
C GLY IB 17 -45.57 24.62 203.64
N ALA IB 18 -44.74 25.49 204.22
CA ALA IB 18 -44.17 26.61 203.49
C ALA IB 18 -42.99 26.13 202.66
N ASP IB 19 -42.72 26.86 201.56
CA ASP IB 19 -41.67 26.48 200.62
C ASP IB 19 -40.39 27.20 201.03
N THR IB 20 -39.73 26.63 202.04
CA THR IB 20 -38.43 27.09 202.49
C THR IB 20 -37.28 26.31 201.84
N SER IB 21 -37.56 25.08 201.38
CA SER IB 21 -36.51 24.23 200.86
C SER IB 21 -35.99 24.74 199.51
N VAL IB 22 -36.90 25.20 198.65
CA VAL IB 22 -36.52 25.92 197.44
C VAL IB 22 -36.95 27.38 197.65
N ASP IB 23 -36.18 28.30 197.08
CA ASP IB 23 -36.40 29.70 197.40
C ASP IB 23 -37.32 30.40 196.40
N LEU IB 24 -37.24 30.02 195.12
CA LEU IB 24 -38.08 30.48 194.01
C LEU IB 24 -37.91 31.95 193.66
N GLU IB 25 -37.11 32.70 194.43
CA GLU IB 25 -36.81 34.06 194.06
C GLU IB 25 -35.72 34.09 193.01
N GLU IB 26 -34.88 33.05 192.98
CA GLU IB 26 -33.74 32.98 192.09
C GLU IB 26 -33.67 31.72 191.25
N THR IB 27 -34.13 30.57 191.75
CA THR IB 27 -34.10 29.32 190.99
C THR IB 27 -35.49 28.74 190.87
N GLY IB 28 -35.84 28.23 189.69
CA GLY IB 28 -37.14 27.64 189.47
C GLY IB 28 -37.10 26.34 188.68
N ARG IB 29 -37.86 25.35 189.12
CA ARG IB 29 -37.87 24.05 188.46
C ARG IB 29 -38.69 24.09 187.19
N VAL IB 30 -38.49 23.09 186.33
CA VAL IB 30 -39.08 23.04 184.99
C VAL IB 30 -40.34 22.20 185.05
N LEU IB 31 -41.43 22.71 184.47
CA LEU IB 31 -42.70 21.98 184.47
C LEU IB 31 -42.80 21.02 183.30
N SER IB 32 -42.45 21.49 182.09
CA SER IB 32 -42.74 20.76 180.86
C SER IB 32 -41.89 21.29 179.72
N ILE IB 33 -41.15 20.39 179.08
CA ILE IB 33 -40.29 20.73 177.94
C ILE IB 33 -40.86 20.09 176.68
N GLY IB 34 -40.85 20.83 175.58
CA GLY IB 34 -41.18 20.25 174.29
C GLY IB 34 -40.90 21.14 173.10
N ASP IB 35 -40.15 20.59 172.14
CA ASP IB 35 -39.79 21.25 170.88
C ASP IB 35 -39.11 22.59 171.08
N GLY IB 36 -38.16 22.64 172.01
CA GLY IB 36 -37.36 23.82 172.22
C GLY IB 36 -38.01 24.92 173.00
N ILE IB 37 -39.10 24.63 173.72
CA ILE IB 37 -39.80 25.60 174.54
C ILE IB 37 -39.98 24.97 175.91
N ALA IB 38 -39.55 25.68 176.95
CA ALA IB 38 -39.62 25.15 178.31
C ALA IB 38 -40.67 25.93 179.08
N ARG IB 39 -41.14 25.33 180.18
CA ARG IB 39 -42.02 25.98 181.14
C ARG IB 39 -41.45 25.78 182.53
N VAL IB 40 -41.24 26.89 183.25
CA VAL IB 40 -40.47 26.90 184.49
C VAL IB 40 -41.33 27.43 185.63
N HIS IB 41 -41.44 26.64 186.71
CA HIS IB 41 -42.16 27.05 187.90
C HIS IB 41 -41.22 27.74 188.87
N GLY IB 42 -41.43 29.02 189.06
CA GLY IB 42 -40.59 29.80 189.92
C GLY IB 42 -40.05 31.01 189.21
N LEU IB 43 -38.83 31.40 189.59
CA LEU IB 43 -38.06 32.49 189.01
C LEU IB 43 -38.81 33.81 189.08
N ARG IB 44 -39.16 34.26 190.27
CA ARG IB 44 -40.06 35.41 190.40
C ARG IB 44 -39.41 36.72 189.98
N ASN IB 45 -38.07 36.80 189.99
CA ASN IB 45 -37.37 38.06 189.77
C ASN IB 45 -36.75 38.17 188.39
N VAL IB 46 -37.17 37.35 187.44
CA VAL IB 46 -36.56 37.31 186.12
C VAL IB 46 -37.05 38.49 185.29
N GLN IB 47 -36.11 39.24 184.73
CA GLN IB 47 -36.53 40.34 183.86
C GLN IB 47 -36.94 39.79 182.50
N ALA IB 48 -37.73 40.57 181.78
CA ALA IB 48 -38.08 40.18 180.42
C ALA IB 48 -36.88 40.36 179.51
N GLU IB 49 -36.68 39.38 178.61
CA GLU IB 49 -35.51 39.26 177.73
C GLU IB 49 -34.21 39.11 178.52
N GLU IB 50 -34.20 38.15 179.43
CA GLU IB 50 -33.04 37.82 180.25
C GLU IB 50 -32.59 36.39 179.99
N MET IB 51 -31.29 36.20 179.82
CA MET IB 51 -30.74 34.86 179.68
C MET IB 51 -30.85 34.08 180.98
N VAL IB 52 -31.30 32.85 180.89
CA VAL IB 52 -31.23 31.89 181.99
C VAL IB 52 -30.26 30.82 181.56
N GLU IB 53 -30.00 29.87 182.45
CA GLU IB 53 -28.93 28.91 182.26
C GLU IB 53 -29.34 27.59 182.89
N PHE IB 54 -29.64 26.60 182.06
CA PHE IB 54 -30.29 25.39 182.52
C PHE IB 54 -29.31 24.50 183.28
N SER IB 55 -29.81 23.35 183.72
CA SER IB 55 -29.03 22.50 184.60
C SER IB 55 -28.01 21.67 183.82
N SER IB 56 -28.31 21.38 182.55
CA SER IB 56 -27.43 20.54 181.74
C SER IB 56 -26.36 21.34 181.00
N GLY IB 57 -26.21 22.62 181.29
CA GLY IB 57 -25.17 23.41 180.68
C GLY IB 57 -25.62 24.33 179.56
N LEU IB 58 -26.83 24.15 179.05
CA LEU IB 58 -27.31 24.99 177.96
C LEU IB 58 -27.68 26.38 178.45
N LYS IB 59 -28.17 27.20 177.55
CA LYS IB 59 -28.60 28.54 177.88
C LYS IB 59 -30.08 28.70 177.57
N GLY IB 60 -30.59 29.92 177.71
CA GLY IB 60 -31.98 30.21 177.44
C GLY IB 60 -32.17 31.68 177.13
N MET IB 61 -33.44 32.06 177.01
CA MET IB 61 -33.86 33.44 176.84
C MET IB 61 -35.32 33.56 177.22
N SER IB 62 -35.63 34.49 178.12
CA SER IB 62 -36.97 34.61 178.68
C SER IB 62 -37.84 35.50 177.79
N LEU IB 63 -38.97 34.97 177.35
CA LEU IB 63 -39.83 35.67 176.41
C LEU IB 63 -41.27 35.83 176.89
N ASN IB 64 -41.80 34.86 177.61
CA ASN IB 64 -43.17 34.90 178.14
C ASN IB 64 -43.11 34.95 179.66
N LEU IB 65 -43.47 36.10 180.24
CA LEU IB 65 -43.65 36.23 181.67
C LEU IB 65 -45.15 36.11 181.96
N GLU IB 66 -45.54 35.04 182.62
CA GLU IB 66 -46.92 34.65 182.82
C GLU IB 66 -47.20 34.53 184.32
N PRO IB 67 -48.46 34.68 184.76
CA PRO IB 67 -48.73 34.77 186.20
C PRO IB 67 -48.47 33.50 187.01
N ASP IB 68 -48.13 32.38 186.40
CA ASP IB 68 -47.77 31.21 187.18
C ASP IB 68 -46.50 30.51 186.72
N ASN IB 69 -46.02 30.80 185.51
CA ASN IB 69 -44.78 30.19 185.04
C ASN IB 69 -44.11 31.15 184.08
N VAL IB 70 -42.94 30.76 183.59
CA VAL IB 70 -42.22 31.52 182.58
C VAL IB 70 -41.82 30.57 181.45
N GLY IB 71 -42.02 31.03 180.22
CA GLY IB 71 -41.69 30.25 179.05
C GLY IB 71 -40.44 30.77 178.39
N VAL IB 72 -39.44 29.89 178.30
CA VAL IB 72 -38.07 30.26 177.91
C VAL IB 72 -37.66 29.38 176.74
N VAL IB 73 -37.17 30.01 175.65
CA VAL IB 73 -36.67 29.29 174.49
C VAL IB 73 -35.29 28.73 174.80
N VAL IB 74 -34.96 27.57 174.23
CA VAL IB 74 -33.74 26.86 174.55
C VAL IB 74 -32.79 26.96 173.37
N PHE IB 75 -31.52 27.28 173.64
CA PHE IB 75 -30.46 27.19 172.66
C PHE IB 75 -29.91 25.77 172.66
N GLY IB 76 -29.90 25.13 171.51
CA GLY IB 76 -29.30 23.83 171.40
C GLY IB 76 -30.36 22.73 171.34
N ASN IB 77 -29.88 21.51 171.54
CA ASN IB 77 -30.74 20.34 171.49
C ASN IB 77 -31.67 20.32 172.69
N ASP IB 78 -32.76 19.57 172.58
CA ASP IB 78 -33.70 19.47 173.67
C ASP IB 78 -33.65 18.12 174.36
N LYS IB 79 -32.71 17.25 174.01
CA LYS IB 79 -32.63 15.95 174.66
C LYS IB 79 -31.78 16.02 175.93
N LEU IB 80 -31.42 17.23 176.36
CA LEU IB 80 -30.65 17.39 177.59
C LEU IB 80 -31.52 17.96 178.71
N ILE IB 81 -32.57 18.70 178.36
CA ILE IB 81 -33.50 19.25 179.34
C ILE IB 81 -34.55 18.20 179.67
N LYS IB 82 -35.04 18.22 180.92
CA LYS IB 82 -36.07 17.29 181.34
C LYS IB 82 -37.03 17.98 182.30
N GLU IB 83 -37.85 17.18 182.97
CA GLU IB 83 -38.83 17.71 183.90
C GLU IB 83 -38.36 17.53 185.33
N GLY IB 84 -38.08 18.65 186.00
CA GLY IB 84 -37.46 18.63 187.31
C GLY IB 84 -36.05 19.16 187.34
N ASP IB 85 -35.65 19.97 186.37
CA ASP IB 85 -34.28 20.46 186.27
C ASP IB 85 -34.21 21.91 186.71
N ILE IB 86 -33.35 22.19 187.70
CA ILE IB 86 -33.24 23.52 188.26
C ILE IB 86 -32.68 24.49 187.23
N VAL IB 87 -33.27 25.67 187.16
CA VAL IB 87 -32.86 26.74 186.27
C VAL IB 87 -32.33 27.86 187.15
N LYS IB 88 -31.32 28.58 186.69
CA LYS IB 88 -30.79 29.70 187.45
C LYS IB 88 -30.78 30.94 186.59
N ARG IB 89 -30.28 32.02 187.17
CA ARG IB 89 -30.26 33.33 186.51
C ARG IB 89 -28.83 33.74 186.24
N THR IB 90 -28.65 34.57 185.23
CA THR IB 90 -27.38 35.27 185.08
C THR IB 90 -27.49 36.70 185.60
N GLY IB 91 -28.58 37.38 185.27
CA GLY IB 91 -28.82 38.70 185.77
C GLY IB 91 -28.71 39.81 184.76
N ALA IB 92 -28.74 39.50 183.47
CA ALA IB 92 -28.58 40.52 182.45
C ALA IB 92 -29.22 40.07 181.14
N ILE IB 93 -29.51 41.07 180.29
CA ILE IB 93 -29.80 40.81 178.90
C ILE IB 93 -28.53 40.30 178.22
N VAL IB 94 -28.70 39.49 177.18
CA VAL IB 94 -27.58 38.82 176.52
C VAL IB 94 -26.61 39.82 175.91
N ASP IB 95 -25.32 39.48 175.99
CA ASP IB 95 -24.25 40.34 175.55
C ASP IB 95 -23.26 39.53 174.73
N VAL IB 96 -22.50 40.20 173.86
CA VAL IB 96 -21.62 39.54 172.90
C VAL IB 96 -20.27 40.24 172.92
N PRO IB 97 -19.16 39.52 172.75
CA PRO IB 97 -17.85 40.16 172.58
C PRO IB 97 -17.81 41.07 171.37
N VAL IB 98 -17.06 42.16 171.49
CA VAL IB 98 -16.98 43.21 170.49
C VAL IB 98 -15.61 43.86 170.61
N GLY IB 99 -14.94 44.08 169.49
CA GLY IB 99 -13.72 44.86 169.51
C GLY IB 99 -13.18 45.05 168.11
N GLU IB 100 -11.85 44.98 168.02
CA GLU IB 100 -11.16 44.72 166.77
C GLU IB 100 -10.37 43.43 166.83
N GLU IB 101 -10.61 42.61 167.85
CA GLU IB 101 -10.02 41.28 167.90
C GLU IB 101 -10.91 40.28 167.19
N LEU IB 102 -11.93 40.78 166.49
CA LEU IB 102 -12.80 39.92 165.71
C LEU IB 102 -12.36 39.85 164.26
N LEU IB 103 -11.62 40.85 163.79
CA LEU IB 103 -11.27 40.98 162.39
C LEU IB 103 -10.40 39.82 161.93
N GLY IB 104 -10.85 39.15 160.88
CA GLY IB 104 -10.15 37.98 160.40
C GLY IB 104 -10.58 36.70 161.05
N ARG IB 105 -11.45 36.78 162.04
CA ARG IB 105 -11.95 35.60 162.73
C ARG IB 105 -13.35 35.28 162.26
N VAL IB 106 -13.78 34.06 162.56
CA VAL IB 106 -15.12 33.58 162.22
C VAL IB 106 -15.81 33.21 163.52
N VAL IB 107 -16.94 33.86 163.77
CA VAL IB 107 -17.65 33.75 165.04
C VAL IB 107 -19.06 33.27 164.78
N ASP IB 108 -19.68 32.64 165.77
CA ASP IB 108 -21.09 32.32 165.66
C ASP IB 108 -21.91 33.46 166.28
N ALA IB 109 -23.19 33.21 166.55
CA ALA IB 109 -24.09 34.31 166.91
C ALA IB 109 -24.00 34.64 168.39
N LEU IB 110 -23.23 33.90 169.16
CA LEU IB 110 -22.98 34.22 170.57
C LEU IB 110 -21.58 34.73 170.81
N GLY IB 111 -20.81 35.03 169.76
CA GLY IB 111 -19.48 35.54 169.88
C GLY IB 111 -18.39 34.51 170.11
N ASN IB 112 -18.71 33.22 170.11
CA ASN IB 112 -17.69 32.21 170.31
C ASN IB 112 -16.85 32.03 169.05
N ALA IB 113 -15.90 31.12 169.12
CA ALA IB 113 -14.93 30.91 168.06
C ALA IB 113 -15.18 29.55 167.41
N ILE IB 114 -15.18 29.51 166.07
CA ILE IB 114 -15.40 28.26 165.37
C ILE IB 114 -14.29 27.91 164.38
N ASP IB 115 -13.44 28.88 164.00
CA ASP IB 115 -12.45 28.60 162.97
C ASP IB 115 -11.23 27.87 163.53
N GLY IB 116 -11.17 27.70 164.84
CA GLY IB 116 -10.14 26.89 165.43
C GLY IB 116 -8.80 27.54 165.60
N LYS IB 117 -8.69 28.85 165.33
CA LYS IB 117 -7.45 29.55 165.64
C LYS IB 117 -7.24 29.64 167.14
N GLY IB 118 -8.14 30.32 167.84
CA GLY IB 118 -8.04 30.46 169.27
C GLY IB 118 -9.12 31.37 169.82
N PRO IB 119 -9.17 31.54 171.14
CA PRO IB 119 -10.22 32.37 171.74
C PRO IB 119 -10.03 33.84 171.41
N ILE IB 120 -11.16 34.57 171.39
CA ILE IB 120 -11.13 35.98 171.06
C ILE IB 120 -10.48 36.74 172.22
N GLY IB 121 -9.71 37.76 171.88
CA GLY IB 121 -9.00 38.53 172.88
C GLY IB 121 -9.56 39.90 173.18
N SER IB 122 -10.87 40.11 173.06
CA SER IB 122 -11.41 41.45 173.25
C SER IB 122 -11.66 41.72 174.72
N LYS IB 123 -11.62 43.01 175.08
CA LYS IB 123 -11.82 43.47 176.45
C LYS IB 123 -13.07 44.33 176.59
N THR IB 124 -14.06 44.17 175.72
CA THR IB 124 -15.27 44.97 175.74
C THR IB 124 -16.46 44.05 175.53
N ARG IB 125 -17.66 44.54 175.88
CA ARG IB 125 -18.91 43.85 175.63
C ARG IB 125 -19.94 44.85 175.15
N ARG IB 126 -21.11 44.32 174.78
CA ARG IB 126 -22.23 45.13 174.32
C ARG IB 126 -23.49 44.29 174.37
N ARG IB 127 -24.60 44.92 174.74
CA ARG IB 127 -25.91 44.28 174.75
C ARG IB 127 -26.46 44.27 173.33
N VAL IB 128 -27.12 43.18 172.95
CA VAL IB 128 -27.58 43.06 171.57
C VAL IB 128 -28.83 43.90 171.33
N GLY IB 129 -29.56 44.23 172.38
CA GLY IB 129 -30.88 44.80 172.23
C GLY IB 129 -31.00 46.29 172.39
N LEU IB 130 -29.98 47.07 172.04
CA LEU IB 130 -30.02 48.51 172.24
C LEU IB 130 -30.83 49.21 171.15
N LYS IB 131 -30.86 50.54 171.20
CA LYS IB 131 -31.74 51.33 170.37
C LYS IB 131 -30.98 52.05 169.27
N ALA IB 132 -31.73 52.63 168.35
CA ALA IB 132 -31.17 53.44 167.30
C ALA IB 132 -30.76 54.79 167.87
N PRO IB 133 -29.99 55.57 167.12
CA PRO IB 133 -29.92 57.01 167.41
C PRO IB 133 -31.23 57.69 167.09
N GLY IB 134 -31.35 58.92 167.56
CA GLY IB 134 -32.57 59.69 167.42
C GLY IB 134 -32.61 60.48 166.14
N ILE IB 135 -33.47 61.49 166.14
CA ILE IB 135 -33.57 62.38 164.98
C ILE IB 135 -32.32 63.25 164.89
N ILE IB 136 -31.80 63.67 166.03
CA ILE IB 136 -30.71 64.65 166.12
C ILE IB 136 -29.32 64.09 165.84
N PRO IB 137 -28.85 62.92 166.39
CA PRO IB 137 -27.43 62.57 166.20
C PRO IB 137 -27.02 62.08 164.82
N ARG IB 138 -27.83 62.28 163.79
CA ARG IB 138 -27.50 61.85 162.44
C ARG IB 138 -27.28 63.06 161.54
N ILE IB 139 -26.88 62.79 160.29
CA ILE IB 139 -26.82 63.79 159.25
C ILE IB 139 -27.04 63.08 157.92
N SER IB 140 -27.41 63.85 156.89
CA SER IB 140 -27.72 63.29 155.58
C SER IB 140 -26.48 62.69 154.94
N VAL IB 141 -26.67 61.58 154.23
CA VAL IB 141 -25.54 60.80 153.74
C VAL IB 141 -24.90 61.48 152.53
N ARG IB 142 -23.58 61.46 152.48
CA ARG IB 142 -22.82 62.13 151.44
C ARG IB 142 -21.64 61.30 150.96
N GLU IB 143 -21.39 60.12 151.57
CA GLU IB 143 -20.17 59.36 151.28
C GLU IB 143 -20.45 58.29 150.24
N PRO IB 144 -19.64 58.23 149.19
CA PRO IB 144 -19.72 57.10 148.26
C PRO IB 144 -19.31 55.81 148.93
N MET IB 145 -20.00 54.74 148.59
CA MET IB 145 -19.58 53.40 148.92
C MET IB 145 -19.57 52.61 147.62
N GLN IB 146 -18.39 52.13 147.24
CA GLN IB 146 -18.17 51.61 145.90
C GLN IB 146 -18.19 50.09 145.93
N THR IB 147 -18.85 49.50 144.93
CA THR IB 147 -18.99 48.07 144.78
C THR IB 147 -18.07 47.48 143.72
N GLY IB 148 -17.75 48.26 142.68
CA GLY IB 148 -16.95 47.76 141.60
C GLY IB 148 -17.75 47.21 140.44
N ILE IB 149 -19.06 47.27 140.50
CA ILE IB 149 -19.95 46.78 139.46
C ILE IB 149 -20.41 48.00 138.68
N LYS IB 150 -20.34 47.94 137.35
CA LYS IB 150 -20.67 49.11 136.53
C LYS IB 150 -22.15 49.43 136.57
N ALA IB 151 -22.98 48.46 136.96
CA ALA IB 151 -24.42 48.70 137.03
C ALA IB 151 -24.80 49.30 138.38
N VAL IB 152 -24.25 48.74 139.46
CA VAL IB 152 -24.64 49.15 140.81
C VAL IB 152 -24.05 50.52 141.13
N ASP IB 153 -22.90 50.86 140.57
CA ASP IB 153 -22.29 52.15 140.88
C ASP IB 153 -22.77 53.26 139.96
N SER IB 154 -23.47 52.93 138.88
CA SER IB 154 -23.80 53.97 137.92
C SER IB 154 -25.30 54.11 137.73
N LEU IB 155 -26.07 53.09 138.09
CA LEU IB 155 -27.50 53.15 137.89
C LEU IB 155 -28.28 53.16 139.20
N VAL IB 156 -27.92 52.33 140.17
CA VAL IB 156 -28.57 52.32 141.47
C VAL IB 156 -27.52 52.45 142.58
N PRO IB 157 -27.02 53.65 142.86
CA PRO IB 157 -25.88 53.77 143.76
C PRO IB 157 -26.26 53.70 145.24
N ILE IB 158 -25.30 53.25 146.05
CA ILE IB 158 -25.42 53.13 147.50
C ILE IB 158 -24.55 54.23 148.11
N GLY IB 159 -24.97 54.74 149.27
CA GLY IB 159 -24.11 55.58 150.07
C GLY IB 159 -23.75 54.94 151.39
N ARG IB 160 -23.03 55.68 152.23
CA ARG IB 160 -22.69 55.17 153.54
C ARG IB 160 -23.72 55.64 154.56
N GLY IB 161 -24.33 54.69 155.25
CA GLY IB 161 -25.48 54.99 156.08
C GLY IB 161 -26.80 54.88 155.36
N GLN IB 162 -27.03 53.79 154.65
CA GLN IB 162 -28.20 53.58 153.82
C GLN IB 162 -28.53 52.10 153.85
N ARG IB 163 -29.80 51.77 153.76
CA ARG IB 163 -30.20 50.39 153.55
C ARG IB 163 -30.47 50.16 152.08
N GLU IB 164 -30.07 49.01 151.55
CA GLU IB 164 -30.33 48.68 150.16
C GLU IB 164 -30.62 47.20 150.05
N LEU IB 165 -31.79 46.87 149.51
CA LEU IB 165 -32.34 45.53 149.57
C LEU IB 165 -31.95 44.75 148.33
N ILE IB 166 -31.29 43.62 148.51
CA ILE IB 166 -30.95 42.74 147.39
C ILE IB 166 -32.07 41.73 147.30
N ILE IB 167 -32.98 41.93 146.34
CA ILE IB 167 -34.18 41.13 146.24
C ILE IB 167 -34.21 40.46 144.88
N GLY IB 168 -34.68 39.23 144.84
CA GLY IB 168 -34.70 38.48 143.61
C GLY IB 168 -34.93 37.02 143.89
N ASP IB 169 -35.17 36.28 142.81
CA ASP IB 169 -35.61 34.89 142.87
C ASP IB 169 -34.44 34.00 143.22
N ARG IB 170 -34.63 32.68 143.22
CA ARG IB 170 -33.53 31.79 143.52
C ARG IB 170 -32.59 31.69 142.32
N GLN IB 171 -31.31 31.39 142.61
CA GLN IB 171 -30.28 31.06 141.62
C GLN IB 171 -30.02 32.21 140.64
N THR IB 172 -29.88 33.41 141.17
CA THR IB 172 -29.92 34.61 140.34
C THR IB 172 -28.66 35.46 140.43
N GLY IB 173 -27.84 35.30 141.47
CA GLY IB 173 -26.65 36.13 141.62
C GLY IB 173 -26.75 37.07 142.78
N LYS IB 174 -27.41 36.63 143.86
CA LYS IB 174 -27.65 37.47 145.02
C LYS IB 174 -26.44 37.54 145.93
N THR IB 175 -25.95 36.37 146.35
CA THR IB 175 -24.75 36.20 147.17
C THR IB 175 -23.49 36.72 146.48
N SER IB 176 -23.53 37.03 145.19
CA SER IB 176 -22.35 37.45 144.46
C SER IB 176 -22.32 38.94 144.16
N ILE IB 177 -23.43 39.67 144.31
CA ILE IB 177 -23.32 41.13 144.32
C ILE IB 177 -22.64 41.56 145.61
N ALA IB 178 -22.85 40.81 146.68
CA ALA IB 178 -22.35 41.14 148.01
C ALA IB 178 -21.11 40.37 148.37
N ILE IB 179 -20.28 40.00 147.41
CA ILE IB 179 -19.05 39.31 147.75
C ILE IB 179 -17.91 39.95 146.98
N ASP IB 180 -18.24 40.76 145.97
CA ASP IB 180 -17.28 41.70 145.43
C ASP IB 180 -17.60 43.13 145.83
N THR IB 181 -18.66 43.33 146.61
CA THR IB 181 -18.72 44.53 147.44
C THR IB 181 -17.65 44.48 148.50
N ILE IB 182 -17.34 43.30 148.98
CA ILE IB 182 -16.33 43.12 150.02
C ILE IB 182 -14.93 43.23 149.42
N ILE IB 183 -14.70 42.52 148.31
CA ILE IB 183 -13.38 42.39 147.71
C ILE IB 183 -12.90 43.71 147.12
N ASN IB 184 -13.84 44.57 146.72
CA ASN IB 184 -13.49 45.86 146.16
C ASN IB 184 -12.83 46.80 147.17
N GLN IB 185 -13.01 46.58 148.47
CA GLN IB 185 -12.53 47.54 149.45
C GLN IB 185 -11.05 47.42 149.74
N LYS IB 186 -10.37 46.39 149.22
CA LYS IB 186 -8.94 46.20 149.43
C LYS IB 186 -8.09 47.27 148.78
N ARG IB 187 -8.64 48.01 147.82
CA ARG IB 187 -7.97 49.17 147.24
C ARG IB 187 -7.65 50.22 148.29
N PHE IB 188 -8.60 50.48 149.18
CA PHE IB 188 -8.53 51.56 150.15
C PHE IB 188 -8.04 51.10 151.51
N ASN IB 189 -8.21 49.82 151.81
CA ASN IB 189 -8.01 49.29 153.14
C ASN IB 189 -6.58 48.84 153.39
N ASP IB 190 -5.68 49.07 152.45
CA ASP IB 190 -4.26 48.86 152.66
C ASP IB 190 -3.44 50.13 152.54
N GLY IB 191 -4.02 51.21 152.01
CA GLY IB 191 -3.34 52.48 151.89
C GLY IB 191 -3.18 53.22 153.20
N THR IB 192 -3.09 54.55 153.13
CA THR IB 192 -2.76 55.35 154.30
C THR IB 192 -3.90 56.22 154.80
N ASP IB 193 -4.87 56.53 153.95
CA ASP IB 193 -6.03 57.32 154.35
C ASP IB 193 -6.91 56.55 155.34
N GLU IB 194 -7.59 57.29 156.19
CA GLU IB 194 -8.38 56.71 157.28
C GLU IB 194 -9.88 56.90 157.12
N LYS IB 195 -10.32 57.97 156.46
CA LYS IB 195 -11.73 58.20 156.22
C LYS IB 195 -12.20 57.63 154.89
N LYS IB 196 -11.46 56.67 154.33
CA LYS IB 196 -11.90 55.92 153.18
C LYS IB 196 -11.84 54.42 153.43
N LYS IB 197 -11.42 53.99 154.60
CA LYS IB 197 -11.36 52.57 154.91
C LYS IB 197 -12.77 52.03 155.11
N LEU IB 198 -12.87 50.72 155.23
CA LEU IB 198 -14.15 50.08 155.51
C LEU IB 198 -13.86 48.72 156.11
N TYR IB 199 -14.76 48.26 156.97
CA TYR IB 199 -14.57 47.01 157.70
C TYR IB 199 -15.87 46.23 157.58
N CYS IB 200 -15.85 45.12 156.86
CA CYS IB 200 -17.07 44.46 156.44
C CYS IB 200 -17.43 43.32 157.38
N ILE IB 201 -18.74 43.05 157.49
CA ILE IB 201 -19.27 41.94 158.26
C ILE IB 201 -20.21 41.16 157.36
N TYR IB 202 -20.15 39.83 157.42
CA TYR IB 202 -21.04 38.97 156.66
C TYR IB 202 -21.79 38.08 157.65
N VAL IB 203 -23.11 38.11 157.58
CA VAL IB 203 -23.97 37.31 158.44
C VAL IB 203 -24.64 36.24 157.59
N ALA IB 204 -24.49 34.98 157.96
CA ALA IB 204 -25.09 33.87 157.23
C ALA IB 204 -26.14 33.21 158.12
N ILE IB 205 -27.40 33.30 157.70
CA ILE IB 205 -28.54 32.83 158.49
C ILE IB 205 -29.17 31.66 157.76
N GLY IB 206 -28.98 30.46 158.30
CA GLY IB 206 -29.68 29.30 157.83
C GLY IB 206 -29.10 28.61 156.61
N GLN IB 207 -27.98 29.09 156.07
CA GLN IB 207 -27.31 28.42 154.96
C GLN IB 207 -26.68 27.13 155.44
N LYS IB 208 -26.27 26.28 154.50
CA LYS IB 208 -25.56 25.09 154.96
C LYS IB 208 -24.10 25.44 155.17
N ARG IB 209 -23.43 24.64 156.01
CA ARG IB 209 -22.12 25.00 156.53
C ARG IB 209 -21.08 25.08 155.43
N SER IB 210 -21.13 24.17 154.47
CA SER IB 210 -20.14 24.12 153.41
C SER IB 210 -20.46 25.05 152.26
N THR IB 211 -21.30 26.06 152.46
CA THR IB 211 -21.31 27.24 151.60
C THR IB 211 -20.60 28.40 152.28
N VAL IB 212 -20.57 28.37 153.60
CA VAL IB 212 -19.70 29.29 154.34
C VAL IB 212 -18.24 28.89 154.16
N ALA IB 213 -17.97 27.57 154.14
CA ALA IB 213 -16.59 27.11 154.01
C ALA IB 213 -16.03 27.40 152.64
N GLN IB 214 -16.88 27.47 151.63
CA GLN IB 214 -16.52 27.93 150.30
C GLN IB 214 -16.50 29.44 150.19
N LEU IB 215 -16.75 30.15 151.30
CA LEU IB 215 -16.68 31.61 151.30
C LEU IB 215 -15.53 32.16 152.11
N VAL IB 216 -15.06 31.44 153.13
CA VAL IB 216 -13.82 31.85 153.78
C VAL IB 216 -12.63 31.52 152.89
N LYS IB 217 -12.77 30.60 151.93
CA LYS IB 217 -11.71 30.32 150.96
C LYS IB 217 -11.82 31.18 149.71
N ARG IB 218 -12.99 31.73 149.41
CA ARG IB 218 -13.02 32.69 148.32
C ARG IB 218 -12.38 34.00 148.75
N LEU IB 219 -12.49 34.34 150.03
CA LEU IB 219 -12.07 35.65 150.51
C LEU IB 219 -10.63 35.65 151.02
N THR IB 220 -10.13 34.51 151.48
CA THR IB 220 -8.72 34.41 151.82
C THR IB 220 -7.84 34.54 150.58
N ASP IB 221 -8.21 33.83 149.51
CA ASP IB 221 -7.40 33.84 148.30
C ASP IB 221 -7.45 35.18 147.57
N ALA IB 222 -8.53 35.92 147.72
CA ALA IB 222 -8.60 37.27 147.21
C ALA IB 222 -8.13 38.30 148.22
N ASP IB 223 -7.65 37.83 149.39
CA ASP IB 223 -6.99 38.63 150.43
C ASP IB 223 -7.91 39.71 150.99
N ALA IB 224 -9.05 39.26 151.55
CA ALA IB 224 -9.98 40.17 152.18
C ALA IB 224 -10.58 39.57 153.44
N MET IB 225 -9.84 38.71 154.14
CA MET IB 225 -10.21 38.23 155.46
C MET IB 225 -9.23 38.71 156.51
N LYS IB 226 -8.74 39.94 156.35
CA LYS IB 226 -8.07 40.65 157.42
C LYS IB 226 -8.86 41.87 157.86
N TYR IB 227 -10.03 42.10 157.26
CA TYR IB 227 -10.97 43.10 157.73
C TYR IB 227 -12.40 42.62 157.61
N THR IB 228 -12.66 41.31 157.66
CA THR IB 228 -14.00 40.79 157.51
C THR IB 228 -14.31 39.83 158.64
N ILE IB 229 -15.37 40.12 159.40
CA ILE IB 229 -15.93 39.22 160.38
C ILE IB 229 -17.00 38.37 159.71
N VAL IB 230 -17.07 37.10 160.07
CA VAL IB 230 -18.08 36.20 159.54
C VAL IB 230 -18.89 35.68 160.71
N VAL IB 231 -20.18 35.99 160.73
CA VAL IB 231 -21.10 35.54 161.77
C VAL IB 231 -21.99 34.47 161.15
N SER IB 232 -22.08 33.31 161.77
CA SER IB 232 -22.67 32.16 161.09
C SER IB 232 -23.56 31.35 162.03
N ALA IB 233 -24.86 31.67 162.02
CA ALA IB 233 -25.89 30.77 162.52
C ALA IB 233 -26.40 29.97 161.33
N THR IB 234 -25.93 28.73 161.20
CA THR IB 234 -26.25 27.91 160.04
C THR IB 234 -27.49 27.07 160.33
N ALA IB 235 -27.78 26.12 159.46
CA ALA IB 235 -29.10 25.51 159.44
C ALA IB 235 -29.28 24.44 160.51
N SER IB 236 -28.20 23.79 160.94
CA SER IB 236 -28.35 22.68 161.87
C SER IB 236 -28.56 23.10 163.32
N ASP IB 237 -28.66 24.40 163.58
CA ASP IB 237 -28.70 24.95 164.93
C ASP IB 237 -30.07 24.85 165.55
N ALA IB 238 -30.28 25.60 166.62
CA ALA IB 238 -31.62 25.85 167.11
C ALA IB 238 -32.13 27.15 166.51
N ALA IB 239 -33.44 27.30 166.55
CA ALA IB 239 -34.14 28.46 166.02
C ALA IB 239 -33.91 29.83 166.68
N PRO IB 240 -33.59 29.97 167.98
CA PRO IB 240 -33.31 31.32 168.47
C PRO IB 240 -31.93 31.83 168.16
N LEU IB 241 -30.97 30.93 167.90
CA LEU IB 241 -29.63 31.35 167.51
C LEU IB 241 -29.64 32.01 166.15
N GLN IB 242 -30.57 31.64 165.28
CA GLN IB 242 -30.77 32.30 164.01
C GLN IB 242 -31.65 33.53 164.16
N TYR IB 243 -32.29 33.71 165.32
CA TYR IB 243 -33.06 34.91 165.57
C TYR IB 243 -32.18 36.04 166.07
N LEU IB 244 -31.16 35.72 166.88
CA LEU IB 244 -30.27 36.75 167.42
C LEU IB 244 -29.23 37.21 166.43
N ALA IB 245 -28.84 36.34 165.50
CA ALA IB 245 -27.70 36.47 164.61
C ALA IB 245 -27.62 37.73 163.76
N PRO IB 246 -28.70 38.46 163.45
CA PRO IB 246 -28.48 39.81 162.92
C PRO IB 246 -28.42 40.90 163.96
N TYR IB 247 -28.88 40.64 165.19
CA TYR IB 247 -28.65 41.62 166.26
C TYR IB 247 -27.25 41.47 166.81
N SER IB 248 -26.78 40.23 166.92
CA SER IB 248 -25.41 39.92 167.28
C SER IB 248 -24.39 40.49 166.30
N GLY IB 249 -24.77 40.68 165.04
CA GLY IB 249 -23.85 41.25 164.09
C GLY IB 249 -24.03 42.73 163.89
N CYS IB 250 -25.15 43.30 164.37
CA CYS IB 250 -25.35 44.73 164.29
C CYS IB 250 -24.86 45.46 165.52
N SER IB 251 -24.47 44.74 166.57
CA SER IB 251 -23.76 45.31 167.69
C SER IB 251 -22.25 45.19 167.51
N MET IB 252 -21.80 44.18 166.78
CA MET IB 252 -20.40 44.11 166.37
C MET IB 252 -20.02 45.23 165.42
N GLY IB 253 -20.98 45.76 164.68
CA GLY IB 253 -20.69 46.80 163.75
C GLY IB 253 -21.17 48.17 164.20
N GLU IB 254 -21.44 48.31 165.49
CA GLU IB 254 -21.76 49.62 166.03
C GLU IB 254 -20.60 50.23 166.81
N TYR IB 255 -19.67 49.40 167.29
CA TYR IB 255 -18.42 49.90 167.85
C TYR IB 255 -17.60 50.62 166.80
N PHE IB 256 -17.65 50.16 165.55
CA PHE IB 256 -17.03 50.88 164.45
C PHE IB 256 -17.82 52.11 164.05
N ARG IB 257 -19.05 52.27 164.54
CA ARG IB 257 -19.84 53.46 164.28
C ARG IB 257 -19.67 54.53 165.34
N ASP IB 258 -19.47 54.13 166.59
CA ASP IB 258 -19.33 55.09 167.67
C ASP IB 258 -17.95 55.70 167.76
N ASN IB 259 -17.02 55.31 166.89
CA ASN IB 259 -15.61 55.69 167.05
C ASN IB 259 -15.02 56.30 165.79
N GLY IB 260 -15.85 56.88 164.92
CA GLY IB 260 -15.32 57.58 163.77
C GLY IB 260 -14.80 56.71 162.66
N LYS IB 261 -15.04 55.40 162.71
CA LYS IB 261 -14.72 54.47 161.66
C LYS IB 261 -15.98 54.18 160.83
N HIS IB 262 -15.88 53.26 159.89
CA HIS IB 262 -17.00 52.94 159.02
C HIS IB 262 -17.13 51.43 158.93
N ALA IB 263 -18.31 50.95 158.55
CA ALA IB 263 -18.53 49.53 158.43
C ALA IB 263 -19.61 49.27 157.39
N LEU IB 264 -19.91 47.99 157.19
CA LEU IB 264 -20.88 47.53 156.20
C LEU IB 264 -21.27 46.11 156.55
N ILE IB 265 -22.56 45.86 156.69
CA ILE IB 265 -23.07 44.57 157.14
C ILE IB 265 -24.02 44.01 156.08
N ILE IB 266 -24.00 42.69 155.91
CA ILE IB 266 -24.73 42.00 154.86
C ILE IB 266 -25.50 40.87 155.53
N TYR IB 267 -26.81 41.07 155.70
CA TYR IB 267 -27.67 40.01 156.21
C TYR IB 267 -28.06 39.09 155.07
N ASP IB 268 -27.80 37.80 155.23
CA ASP IB 268 -27.92 36.83 154.14
C ASP IB 268 -28.49 35.53 154.71
N ASP IB 269 -29.81 35.38 154.67
CA ASP IB 269 -30.76 36.38 154.17
C ASP IB 269 -31.82 36.66 155.21
N LEU IB 270 -32.51 37.79 155.10
CA LEU IB 270 -33.48 38.16 156.12
C LEU IB 270 -34.81 37.43 156.00
N SER IB 271 -34.97 36.56 155.02
CA SER IB 271 -36.16 35.73 154.90
C SER IB 271 -36.01 34.39 155.59
N LYS IB 272 -34.98 34.21 156.41
CA LYS IB 272 -34.86 33.03 157.24
C LYS IB 272 -34.77 33.37 158.72
N GLN IB 273 -34.54 34.63 159.06
CA GLN IB 273 -34.80 35.08 160.42
C GLN IB 273 -36.30 35.10 160.68
N ALA IB 274 -37.08 35.64 159.74
CA ALA IB 274 -38.52 35.79 159.89
C ALA IB 274 -39.24 34.46 159.95
N VAL IB 275 -38.68 33.39 159.39
CA VAL IB 275 -39.22 32.05 159.57
C VAL IB 275 -38.74 31.43 160.87
N ALA IB 276 -37.58 31.85 161.36
CA ALA IB 276 -37.08 31.36 162.65
C ALA IB 276 -37.81 31.99 163.81
N TYR IB 277 -38.28 33.22 163.66
CA TYR IB 277 -39.14 33.83 164.67
C TYR IB 277 -40.50 33.18 164.70
N ARG IB 278 -41.06 32.88 163.52
CA ARG IB 278 -42.41 32.33 163.41
C ARG IB 278 -42.51 30.94 164.01
N GLN IB 279 -41.46 30.15 163.93
CA GLN IB 279 -41.45 28.86 164.62
C GLN IB 279 -41.52 29.05 166.13
N MET IB 280 -40.86 30.09 166.64
CA MET IB 280 -40.80 30.34 168.08
C MET IB 280 -42.09 30.92 168.61
N SER IB 281 -42.79 31.73 167.83
CA SER IB 281 -44.05 32.32 168.31
C SER IB 281 -45.15 31.28 168.40
N LEU IB 282 -45.36 30.49 167.34
CA LEU IB 282 -46.49 29.57 167.30
C LEU IB 282 -46.31 28.33 168.13
N LEU IB 283 -45.19 28.18 168.84
CA LEU IB 283 -45.07 27.18 169.89
C LEU IB 283 -45.21 27.79 171.27
N LEU IB 284 -45.05 29.10 171.39
CA LEU IB 284 -45.41 29.89 172.56
C LEU IB 284 -46.87 30.30 172.53
N ARG IB 285 -47.61 29.85 171.51
CA ARG IB 285 -49.04 30.04 171.35
C ARG IB 285 -49.42 31.51 171.25
N ARG IB 286 -48.52 32.33 170.73
CA ARG IB 286 -48.90 33.69 170.40
C ARG IB 286 -49.81 33.67 169.17
N PRO IB 287 -50.83 34.50 169.13
CA PRO IB 287 -51.86 34.43 168.08
C PRO IB 287 -51.32 34.76 166.71
N PRO IB 288 -51.72 34.01 165.68
CA PRO IB 288 -51.17 34.18 164.34
C PRO IB 288 -51.76 35.39 163.63
N GLY IB 289 -51.36 35.55 162.39
CA GLY IB 289 -51.92 36.58 161.52
C GLY IB 289 -51.92 36.05 160.11
N ARG IB 290 -51.61 36.92 159.15
CA ARG IB 290 -51.56 36.51 157.76
C ARG IB 290 -50.31 35.66 157.51
N GLU IB 291 -50.50 34.51 156.86
CA GLU IB 291 -49.45 33.50 156.59
C GLU IB 291 -48.83 32.97 157.85
N ALA IB 292 -49.60 32.90 158.93
CA ALA IB 292 -49.21 32.41 160.26
C ALA IB 292 -48.01 33.12 160.84
N TYR IB 293 -47.73 34.33 160.42
CA TYR IB 293 -46.73 35.14 161.09
C TYR IB 293 -47.39 35.86 162.26
N PRO IB 294 -46.67 36.06 163.37
CA PRO IB 294 -47.22 36.83 164.47
C PRO IB 294 -47.40 38.30 164.10
N GLY IB 295 -48.00 39.04 165.00
CA GLY IB 295 -48.32 40.43 164.73
C GLY IB 295 -47.11 41.33 164.76
N ASP IB 296 -46.10 40.98 165.56
CA ASP IB 296 -44.95 41.84 165.78
C ASP IB 296 -43.79 41.53 164.85
N VAL IB 297 -44.06 41.10 163.62
CA VAL IB 297 -42.98 40.71 162.72
C VAL IB 297 -42.56 41.86 161.81
N PHE IB 298 -43.36 42.92 161.69
CA PHE IB 298 -42.82 44.18 161.22
C PHE IB 298 -41.94 44.80 162.28
N TYR IB 299 -42.18 44.50 163.55
CA TYR IB 299 -41.35 45.00 164.63
C TYR IB 299 -40.02 44.27 164.72
N LEU IB 300 -39.84 43.16 164.01
CA LEU IB 300 -38.55 42.50 163.97
C LEU IB 300 -37.59 43.25 163.05
N HIS IB 301 -38.03 43.57 161.85
CA HIS IB 301 -37.17 44.13 160.83
C HIS IB 301 -37.20 45.64 160.80
N SER IB 302 -37.88 46.27 161.75
CA SER IB 302 -37.86 47.73 161.83
C SER IB 302 -36.91 48.23 162.89
N ARG IB 303 -36.86 47.57 164.04
CA ARG IB 303 -35.90 47.97 165.04
C ARG IB 303 -34.49 47.49 164.73
N LEU IB 304 -34.31 46.53 163.82
CA LEU IB 304 -32.98 46.09 163.39
C LEU IB 304 -32.42 46.97 162.29
N LEU IB 305 -33.20 47.24 161.26
CA LEU IB 305 -32.70 47.96 160.10
C LEU IB 305 -32.78 49.46 160.25
N GLU IB 306 -32.92 49.97 161.47
CA GLU IB 306 -32.85 51.39 161.73
C GLU IB 306 -31.67 51.75 162.61
N ARG IB 307 -30.88 50.75 163.00
CA ARG IB 307 -29.63 50.97 163.69
C ARG IB 307 -28.51 51.34 162.72
N ALA IB 308 -28.72 51.20 161.43
CA ALA IB 308 -27.75 51.65 160.45
C ALA IB 308 -27.89 53.14 160.27
N ALA IB 309 -26.90 53.91 160.70
CA ALA IB 309 -27.01 55.35 160.71
C ALA IB 309 -25.73 55.99 160.21
N LYS IB 310 -25.81 57.28 159.91
CA LYS IB 310 -24.66 58.12 159.60
C LYS IB 310 -24.61 59.20 160.68
N MET IB 311 -23.74 59.03 161.66
CA MET IB 311 -23.66 59.96 162.77
C MET IB 311 -22.92 61.23 162.33
N ASN IB 312 -22.79 62.18 163.24
CA ASN IB 312 -22.30 63.50 162.87
C ASN IB 312 -20.98 63.83 163.59
N ASP IB 313 -20.56 65.08 163.44
CA ASP IB 313 -19.22 65.47 163.88
C ASP IB 313 -19.10 65.54 165.38
N ALA IB 314 -20.18 65.81 166.09
CA ALA IB 314 -20.16 65.89 167.55
C ALA IB 314 -20.29 64.52 168.22
N PHE IB 315 -20.48 63.45 167.46
CA PHE IB 315 -20.57 62.11 168.02
C PHE IB 315 -19.47 61.18 167.53
N GLY IB 316 -18.66 61.61 166.58
CA GLY IB 316 -17.53 60.81 166.14
C GLY IB 316 -17.36 60.79 164.63
N GLY IB 317 -18.47 60.81 163.89
CA GLY IB 317 -18.40 60.72 162.45
C GLY IB 317 -18.45 59.32 161.89
N GLY IB 318 -19.06 58.38 162.59
CA GLY IB 318 -19.10 57.00 162.16
C GLY IB 318 -20.06 56.76 161.02
N SER IB 319 -20.35 55.48 160.78
CA SER IB 319 -21.30 55.04 159.77
C SER IB 319 -21.60 53.57 159.98
N LEU IB 320 -22.69 53.14 159.35
CA LEU IB 320 -23.03 51.73 159.21
C LEU IB 320 -23.96 51.61 158.02
N THR IB 321 -23.60 50.77 157.07
CA THR IB 321 -24.42 50.50 155.89
C THR IB 321 -24.88 49.05 155.96
N ALA IB 322 -26.13 48.81 155.57
CA ALA IB 322 -26.69 47.47 155.64
C ALA IB 322 -27.24 47.10 154.28
N LEU IB 323 -26.86 45.91 153.80
CA LEU IB 323 -27.44 45.30 152.61
C LEU IB 323 -28.17 44.05 153.04
N PRO IB 324 -29.49 44.08 153.21
CA PRO IB 324 -30.22 42.86 153.50
C PRO IB 324 -30.63 42.12 152.24
N VAL IB 325 -30.63 40.80 152.33
CA VAL IB 325 -30.94 39.94 151.20
C VAL IB 325 -32.29 39.29 151.47
N ILE IB 326 -33.18 39.28 150.46
CA ILE IB 326 -34.53 38.71 150.55
C ILE IB 326 -34.79 37.91 149.27
N GLU IB 327 -35.26 36.67 149.42
CA GLU IB 327 -35.58 35.81 148.30
C GLU IB 327 -37.08 35.75 148.10
N THR IB 328 -37.56 36.16 146.92
CA THR IB 328 -38.97 36.04 146.59
C THR IB 328 -39.23 34.64 146.02
N GLN IB 329 -40.49 34.37 145.70
CA GLN IB 329 -40.89 33.09 145.12
C GLN IB 329 -41.67 33.38 143.86
N ALA IB 330 -41.01 33.24 142.72
CA ALA IB 330 -41.54 33.46 141.37
C ALA IB 330 -42.07 34.89 141.22
N GLY IB 331 -41.18 35.84 141.46
CA GLY IB 331 -41.46 37.24 141.17
C GLY IB 331 -42.55 37.87 141.99
N ASP IB 332 -42.94 37.25 143.09
CA ASP IB 332 -44.06 37.68 143.91
C ASP IB 332 -43.51 38.59 145.00
N VAL IB 333 -43.49 39.90 144.72
CA VAL IB 333 -42.97 40.89 145.65
C VAL IB 333 -44.13 41.47 146.44
N SER IB 334 -45.22 40.72 146.51
CA SER IB 334 -46.43 41.15 147.19
C SER IB 334 -46.86 40.16 148.25
N ALA IB 335 -45.95 39.31 148.70
CA ALA IB 335 -46.22 38.45 149.85
C ALA IB 335 -45.98 39.26 151.12
N TYR IB 336 -46.05 38.60 152.27
CA TYR IB 336 -46.10 39.33 153.52
C TYR IB 336 -44.74 39.89 153.92
N ILE IB 337 -43.74 39.02 154.10
CA ILE IB 337 -42.38 39.50 154.43
C ILE IB 337 -41.73 40.32 153.33
N PRO IB 338 -41.84 40.00 152.04
CA PRO IB 338 -41.28 40.91 151.03
C PRO IB 338 -41.96 42.26 150.90
N THR IB 339 -43.05 42.54 151.62
CA THR IB 339 -43.69 43.85 151.61
C THR IB 339 -43.50 44.65 152.88
N ASN IB 340 -43.16 44.00 153.99
CA ASN IB 340 -42.57 44.71 155.11
C ASN IB 340 -41.27 45.38 154.69
N VAL IB 341 -40.30 44.56 154.25
CA VAL IB 341 -38.92 45.00 154.07
C VAL IB 341 -38.72 45.87 152.84
N ILE IB 342 -39.68 45.93 151.94
CA ILE IB 342 -39.58 46.94 150.89
C ILE IB 342 -39.98 48.30 151.45
N SER IB 343 -40.90 48.32 152.42
CA SER IB 343 -41.35 49.58 152.99
C SER IB 343 -40.33 50.19 153.93
N ILE IB 344 -39.51 49.36 154.58
CA ILE IB 344 -38.55 49.85 155.54
C ILE IB 344 -37.36 50.48 154.85
N THR IB 345 -36.71 49.74 153.95
CA THR IB 345 -35.39 50.10 153.42
C THR IB 345 -35.47 51.25 152.43
N ASP IB 346 -34.31 51.62 151.87
CA ASP IB 346 -34.16 52.81 151.04
C ASP IB 346 -33.96 52.50 149.56
N GLY IB 347 -34.48 51.39 149.07
CA GLY IB 347 -34.31 51.01 147.68
C GLY IB 347 -34.09 49.52 147.55
N GLN IB 348 -34.28 49.03 146.33
CA GLN IB 348 -34.01 47.62 146.07
C GLN IB 348 -33.27 47.44 144.75
N ILE IB 349 -32.54 46.34 144.67
CA ILE IB 349 -31.82 45.91 143.47
C ILE IB 349 -32.41 44.57 143.05
N PHE IB 350 -33.00 44.52 141.86
CA PHE IB 350 -33.91 43.44 141.48
C PHE IB 350 -33.30 42.60 140.37
N LEU IB 351 -33.01 41.34 140.67
CA LEU IB 351 -32.33 40.43 139.75
C LEU IB 351 -33.30 39.37 139.26
N GLU IB 352 -33.34 39.17 137.94
CA GLU IB 352 -34.26 38.24 137.30
C GLU IB 352 -33.51 37.09 136.63
N THR IB 353 -34.17 35.94 136.50
CA THR IB 353 -33.54 34.78 135.88
C THR IB 353 -33.86 34.67 134.40
N GLU IB 354 -34.66 35.59 133.86
CA GLU IB 354 -34.80 35.67 132.42
C GLU IB 354 -33.60 36.36 131.81
N LEU IB 355 -33.10 37.42 132.45
CA LEU IB 355 -31.95 38.13 131.94
C LEU IB 355 -30.66 37.36 132.15
N PHE IB 356 -30.68 36.38 133.05
CA PHE IB 356 -29.49 35.61 133.35
C PHE IB 356 -29.14 34.65 132.22
N TYR IB 357 -30.14 34.24 131.44
CA TYR IB 357 -29.95 33.28 130.36
C TYR IB 357 -29.92 33.93 128.99
N LYS IB 358 -30.37 35.17 128.87
CA LYS IB 358 -30.25 35.93 127.64
C LYS IB 358 -28.88 36.56 127.47
N GLY IB 359 -27.93 36.26 128.36
CA GLY IB 359 -26.57 36.71 128.19
C GLY IB 359 -26.19 37.96 128.96
N ILE IB 360 -27.03 38.44 129.86
CA ILE IB 360 -26.75 39.62 130.66
C ILE IB 360 -26.43 39.15 132.07
N ARG IB 361 -25.16 39.19 132.45
CA ARG IB 361 -24.73 38.81 133.78
C ARG IB 361 -23.72 39.86 134.25
N PRO IB 362 -23.94 40.51 135.42
CA PRO IB 362 -24.90 40.32 136.52
C PRO IB 362 -26.34 40.67 136.14
N ALA IB 363 -27.29 39.85 136.58
CA ALA IB 363 -28.60 39.75 135.96
C ALA IB 363 -29.55 40.80 136.50
N ILE IB 364 -29.13 42.06 136.45
CA ILE IB 364 -29.82 43.16 137.11
C ILE IB 364 -30.91 43.66 136.18
N ASN IB 365 -32.13 43.76 136.68
CA ASN IB 365 -33.16 44.56 136.04
C ASN IB 365 -32.92 46.01 136.43
N VAL IB 366 -32.92 46.89 135.44
CA VAL IB 366 -32.70 48.30 135.72
C VAL IB 366 -34.04 49.00 135.92
N GLY IB 367 -35.08 48.50 135.27
CA GLY IB 367 -36.38 49.16 135.36
C GLY IB 367 -37.05 48.98 136.70
N LEU IB 368 -36.95 47.78 137.27
CA LEU IB 368 -37.56 47.50 138.55
C LEU IB 368 -36.60 47.64 139.73
N SER IB 369 -35.61 48.52 139.62
CA SER IB 369 -34.68 48.78 140.72
C SER IB 369 -34.60 50.27 140.95
N VAL IB 370 -34.39 50.65 142.21
CA VAL IB 370 -34.31 52.05 142.59
C VAL IB 370 -33.41 52.17 143.82
N SER IB 371 -32.80 53.33 143.97
CA SER IB 371 -32.20 53.78 145.21
C SER IB 371 -32.80 55.13 145.53
N ARG IB 372 -33.22 55.33 146.78
CA ARG IB 372 -33.99 56.53 147.08
C ARG IB 372 -33.09 57.75 147.24
N VAL IB 373 -31.86 57.54 147.71
CA VAL IB 373 -30.92 58.65 147.81
C VAL IB 373 -30.33 58.99 146.45
N GLY IB 374 -29.58 58.06 145.87
CA GLY IB 374 -29.22 58.18 144.47
C GLY IB 374 -28.05 59.11 144.21
N SER IB 375 -28.35 60.24 143.57
CA SER IB 375 -27.30 61.02 142.91
C SER IB 375 -26.46 61.81 143.90
N ALA IB 376 -26.87 61.88 145.16
CA ALA IB 376 -26.03 62.53 146.17
C ALA IB 376 -24.98 61.57 146.70
N ALA IB 377 -25.20 60.27 146.53
CA ALA IB 377 -24.27 59.26 147.04
C ALA IB 377 -23.31 58.79 145.97
N GLN IB 378 -22.94 59.67 145.05
CA GLN IB 378 -22.02 59.36 143.96
C GLN IB 378 -20.89 60.38 143.95
N THR IB 379 -19.77 59.97 143.37
CA THR IB 379 -18.67 60.88 143.11
C THR IB 379 -19.06 61.86 142.01
N ARG IB 380 -18.35 63.00 141.95
CA ARG IB 380 -18.71 64.04 141.00
C ARG IB 380 -18.41 63.69 139.54
N ALA IB 381 -17.69 62.60 139.27
CA ALA IB 381 -17.43 62.18 137.90
C ALA IB 381 -18.39 61.09 137.43
N MET IB 382 -18.75 60.15 138.31
CA MET IB 382 -19.75 59.15 137.97
C MET IB 382 -21.12 59.80 137.82
N LYS IB 383 -21.35 60.91 138.51
CA LYS IB 383 -22.57 61.70 138.32
C LYS IB 383 -22.60 62.34 136.94
N GLN IB 384 -21.43 62.60 136.37
CA GLN IB 384 -21.37 63.34 135.12
C GLN IB 384 -21.75 62.47 133.94
N VAL IB 385 -21.38 61.19 133.95
CA VAL IB 385 -21.57 60.37 132.76
C VAL IB 385 -22.86 59.55 132.87
N ALA IB 386 -23.32 59.26 134.09
CA ALA IB 386 -24.49 58.40 134.23
C ALA IB 386 -25.78 59.17 134.05
N GLY IB 387 -25.72 60.50 134.10
CA GLY IB 387 -26.90 61.31 133.84
C GLY IB 387 -27.26 61.32 132.37
N THR IB 388 -26.28 61.04 131.51
CA THR IB 388 -26.57 60.83 130.10
C THR IB 388 -26.82 59.34 129.82
N MET IB 389 -26.46 58.47 130.76
CA MET IB 389 -26.52 57.04 130.49
C MET IB 389 -27.82 56.44 130.98
N LYS IB 390 -28.28 56.84 132.17
CA LYS IB 390 -29.53 56.30 132.70
C LYS IB 390 -30.72 56.76 131.88
N LEU IB 391 -30.62 57.94 131.29
CA LEU IB 391 -31.68 58.45 130.44
C LEU IB 391 -31.74 57.69 129.12
N GLU IB 392 -30.60 57.37 128.54
CA GLU IB 392 -30.58 56.77 127.20
C GLU IB 392 -30.79 55.27 127.25
N LEU IB 393 -30.55 54.63 128.38
CA LEU IB 393 -30.95 53.24 128.52
C LEU IB 393 -32.40 53.14 128.96
N ALA IB 394 -33.04 54.29 129.20
CA ALA IB 394 -34.46 54.31 129.50
C ALA IB 394 -35.29 54.53 128.25
N GLN IB 395 -34.72 55.21 127.25
CA GLN IB 395 -35.41 55.37 125.98
C GLN IB 395 -35.37 54.10 125.16
N TYR IB 396 -34.41 53.23 125.44
CA TYR IB 396 -34.33 51.96 124.73
C TYR IB 396 -35.43 51.00 125.20
N ARG IB 397 -35.90 51.16 126.43
CA ARG IB 397 -36.88 50.24 126.97
C ARG IB 397 -38.27 50.44 126.38
N GLU IB 398 -38.56 51.66 125.92
CA GLU IB 398 -39.86 51.92 125.31
C GLU IB 398 -39.92 51.39 123.89
N VAL IB 399 -38.78 51.39 123.18
CA VAL IB 399 -38.77 50.90 121.82
C VAL IB 399 -38.22 49.48 121.75
N ALA IB 400 -38.21 48.77 122.89
CA ALA IB 400 -37.58 47.46 122.93
C ALA IB 400 -38.46 46.37 122.34
N ALA IB 401 -39.71 46.69 121.98
CA ALA IB 401 -40.56 45.70 121.33
C ALA IB 401 -40.30 45.67 119.82
N PHE IB 402 -39.99 46.82 119.23
CA PHE IB 402 -39.83 46.96 117.79
C PHE IB 402 -38.63 46.19 117.25
N ALA IB 403 -37.69 45.78 118.10
CA ALA IB 403 -36.40 45.30 117.62
C ALA IB 403 -36.47 43.89 117.04
N GLN IB 404 -37.52 43.14 117.34
CA GLN IB 404 -37.57 41.73 116.94
C GLN IB 404 -37.77 41.59 115.45
N PHE IB 405 -38.84 42.17 114.91
CA PHE IB 405 -39.05 42.22 113.48
C PHE IB 405 -39.09 43.70 113.09
N GLY IB 406 -37.91 44.24 112.83
CA GLY IB 406 -37.83 45.61 112.38
C GLY IB 406 -36.67 45.92 111.46
N SER IB 407 -37.00 46.38 110.26
CA SER IB 407 -36.10 47.19 109.44
C SER IB 407 -36.82 48.33 108.74
N ASP IB 408 -38.14 48.31 108.68
CA ASP IB 408 -38.94 49.35 108.04
C ASP IB 408 -39.42 50.40 109.04
N LEU IB 409 -38.50 50.95 109.82
CA LEU IB 409 -38.84 51.93 110.85
C LEU IB 409 -38.15 53.25 110.51
N ASP IB 410 -38.32 54.23 111.38
CA ASP IB 410 -37.70 55.54 111.20
C ASP IB 410 -36.25 55.49 111.66
N ALA IB 411 -35.42 56.36 111.08
CA ALA IB 411 -33.99 56.39 111.40
C ALA IB 411 -33.72 56.80 112.84
N ALA IB 412 -34.67 57.51 113.48
CA ALA IB 412 -34.52 57.80 114.90
C ALA IB 412 -34.79 56.58 115.75
N THR IB 413 -35.82 55.79 115.40
CA THR IB 413 -36.10 54.56 116.14
C THR IB 413 -35.04 53.51 115.87
N GLN IB 414 -34.43 53.54 114.69
CA GLN IB 414 -33.33 52.62 114.40
C GLN IB 414 -32.04 53.08 115.08
N GLN IB 415 -32.03 54.29 115.65
CA GLN IB 415 -30.88 54.76 116.40
C GLN IB 415 -30.94 54.28 117.84
N LEU IB 416 -32.13 54.31 118.45
CA LEU IB 416 -32.27 53.88 119.84
C LEU IB 416 -32.08 52.38 119.97
N LEU IB 417 -32.35 51.64 118.91
CA LEU IB 417 -32.03 50.22 118.89
C LEU IB 417 -30.53 50.01 118.72
N SER IB 418 -29.84 51.02 118.19
CA SER IB 418 -28.39 50.90 118.00
C SER IB 418 -27.64 51.26 119.28
N ARG IB 419 -27.82 52.50 119.77
CA ARG IB 419 -27.06 52.98 120.92
C ARG IB 419 -27.40 52.22 122.20
N GLY IB 420 -28.65 51.75 122.32
CA GLY IB 420 -29.05 51.10 123.55
C GLY IB 420 -28.51 49.69 123.69
N VAL IB 421 -28.00 49.12 122.59
CA VAL IB 421 -27.51 47.75 122.68
C VAL IB 421 -26.00 47.74 122.81
N ARG IB 422 -25.37 48.90 122.61
CA ARG IB 422 -23.95 49.01 122.97
C ARG IB 422 -23.79 49.23 124.46
N LEU IB 423 -24.65 50.05 125.07
CA LEU IB 423 -24.55 50.33 126.50
C LEU IB 423 -24.92 49.12 127.33
N THR IB 424 -25.76 48.24 126.79
CA THR IB 424 -26.06 46.99 127.48
C THR IB 424 -24.86 46.06 127.46
N GLU IB 425 -24.02 46.16 126.42
CA GLU IB 425 -22.88 45.27 126.32
C GLU IB 425 -21.72 45.74 127.19
N LEU IB 426 -21.67 47.04 127.50
CA LEU IB 426 -20.68 47.55 128.44
C LEU IB 426 -20.90 47.00 129.83
N LEU IB 427 -22.16 46.90 130.25
CA LEU IB 427 -22.47 46.59 131.65
C LEU IB 427 -22.30 45.12 131.98
N LYS IB 428 -21.90 44.29 131.03
CA LYS IB 428 -21.56 42.92 131.37
C LYS IB 428 -20.23 42.91 132.11
N GLN IB 429 -20.07 41.91 132.98
CA GLN IB 429 -18.95 41.91 133.91
C GLN IB 429 -18.76 40.52 134.50
N GLY IB 430 -17.52 40.05 134.48
CA GLY IB 430 -17.23 38.72 134.96
C GLY IB 430 -17.21 38.63 136.46
N GLN IB 431 -17.41 37.41 136.93
CA GLN IB 431 -17.47 37.13 138.36
C GLN IB 431 -16.11 37.35 139.01
N TYR IB 432 -16.14 37.89 140.24
CA TYR IB 432 -14.96 38.13 141.09
C TYR IB 432 -13.96 39.08 140.45
N ALA IB 433 -14.44 40.06 139.70
CA ALA IB 433 -13.58 41.12 139.16
C ALA IB 433 -14.17 42.49 139.48
N PRO IB 434 -13.98 43.00 140.70
CA PRO IB 434 -14.33 44.39 140.96
C PRO IB 434 -13.39 45.35 140.28
N MET IB 435 -13.91 46.53 139.94
CA MET IB 435 -13.13 47.54 139.25
C MET IB 435 -12.92 48.76 140.12
N ALA IB 436 -11.83 49.48 139.88
CA ALA IB 436 -11.65 50.78 140.50
C ALA IB 436 -12.63 51.76 139.88
N ILE IB 437 -12.90 52.83 140.63
CA ILE IB 437 -13.97 53.76 140.23
C ILE IB 437 -13.57 54.56 139.00
N GLU IB 438 -12.34 55.09 138.96
CA GLU IB 438 -11.96 55.96 137.85
C GLU IB 438 -11.67 55.16 136.58
N GLU IB 439 -11.54 53.83 136.71
CA GLU IB 439 -11.46 52.99 135.53
C GLU IB 439 -12.83 52.81 134.88
N GLN IB 440 -13.89 52.72 135.70
CA GLN IB 440 -15.24 52.63 135.16
C GLN IB 440 -15.64 53.93 134.49
N VAL IB 441 -15.06 55.05 134.92
CA VAL IB 441 -15.34 56.32 134.27
C VAL IB 441 -14.61 56.39 132.93
N ALA IB 442 -13.63 55.51 132.70
CA ALA IB 442 -13.02 55.44 131.37
C ALA IB 442 -13.91 54.67 130.40
N VAL IB 443 -14.37 53.48 130.81
CA VAL IB 443 -15.14 52.59 129.94
C VAL IB 443 -16.47 53.22 129.56
N ILE IB 444 -17.19 53.77 130.54
CA ILE IB 444 -18.49 54.35 130.31
C ILE IB 444 -18.37 55.64 129.50
N TYR IB 445 -17.20 56.29 129.54
CA TYR IB 445 -16.99 57.48 128.73
C TYR IB 445 -16.88 57.13 127.24
N ALA IB 446 -16.46 55.90 126.94
CA ALA IB 446 -16.32 55.50 125.54
C ALA IB 446 -17.69 55.25 124.91
N GLY IB 447 -18.59 54.58 125.62
CA GLY IB 447 -19.86 54.20 125.03
C GLY IB 447 -20.83 55.36 124.87
N VAL IB 448 -20.95 56.20 125.89
CA VAL IB 448 -22.04 57.17 125.92
C VAL IB 448 -21.67 58.41 125.12
N ARG IB 449 -20.43 58.51 124.66
CA ARG IB 449 -20.00 59.72 123.96
C ARG IB 449 -20.07 59.57 122.45
N GLY IB 450 -19.99 58.33 121.96
CA GLY IB 450 -20.18 58.03 120.56
C GLY IB 450 -19.05 57.23 119.94
N TYR IB 451 -18.16 56.67 120.75
CA TYR IB 451 -17.00 56.00 120.20
C TYR IB 451 -17.19 54.49 120.18
N LEU IB 452 -18.42 54.04 119.99
CA LEU IB 452 -18.66 52.61 119.85
C LEU IB 452 -19.74 52.28 118.83
N ASP IB 453 -20.27 53.26 118.10
CA ASP IB 453 -21.39 52.97 117.21
C ASP IB 453 -20.94 52.24 115.94
N LYS IB 454 -19.70 52.45 115.51
CA LYS IB 454 -19.20 51.86 114.27
C LYS IB 454 -18.62 50.47 114.47
N LEU IB 455 -19.05 49.73 115.49
CA LEU IB 455 -18.50 48.42 115.79
C LEU IB 455 -19.64 47.40 115.84
N GLU IB 456 -19.29 46.16 115.88
CA GLU IB 456 -20.11 44.97 115.90
C GLU IB 456 -20.37 44.55 117.35
N PRO IB 457 -21.58 44.09 117.68
CA PRO IB 457 -21.92 43.91 119.10
C PRO IB 457 -21.24 42.74 119.79
N SER IB 458 -20.62 41.81 119.06
CA SER IB 458 -19.77 40.84 119.75
C SER IB 458 -18.34 41.34 119.84
N LYS IB 459 -18.08 42.53 119.29
CA LYS IB 459 -16.76 43.14 119.39
C LYS IB 459 -16.75 44.25 120.44
N ILE IB 460 -17.86 44.44 121.15
CA ILE IB 460 -17.90 45.42 122.23
C ILE IB 460 -17.25 44.86 123.48
N THR IB 461 -17.57 43.60 123.80
CA THR IB 461 -17.03 42.98 125.00
C THR IB 461 -15.59 42.51 124.81
N LYS IB 462 -15.02 42.70 123.62
CA LYS IB 462 -13.59 42.54 123.43
C LYS IB 462 -12.88 43.88 123.50
N PHE IB 463 -13.52 44.93 122.97
CA PHE IB 463 -12.90 46.25 122.90
C PHE IB 463 -12.71 46.85 124.27
N GLU IB 464 -13.64 46.59 125.19
CA GLU IB 464 -13.55 47.11 126.54
C GLU IB 464 -12.34 46.53 127.27
N ASN IB 465 -12.09 45.23 127.09
CA ASN IB 465 -10.98 44.58 127.75
C ASN IB 465 -9.64 45.00 127.14
N ALA IB 466 -9.64 45.42 125.88
CA ALA IB 466 -8.40 45.88 125.25
C ALA IB 466 -8.20 47.36 125.47
N PHE IB 467 -9.26 48.09 125.81
CA PHE IB 467 -9.11 49.51 126.09
C PHE IB 467 -8.63 49.72 127.52
N LEU IB 468 -8.91 48.78 128.40
CA LEU IB 468 -8.54 48.93 129.80
C LEU IB 468 -7.07 48.60 130.03
N SER IB 469 -6.58 47.55 129.37
CA SER IB 469 -5.20 47.13 129.58
C SER IB 469 -4.22 48.09 128.92
N HIS IB 470 -4.70 48.87 127.95
CA HIS IB 470 -3.86 49.91 127.37
C HIS IB 470 -3.79 51.14 128.26
N VAL IB 471 -4.84 51.38 129.05
CA VAL IB 471 -4.90 52.64 129.78
C VAL IB 471 -4.40 52.45 131.21
N ILE IB 472 -4.38 51.22 131.72
CA ILE IB 472 -3.75 50.95 133.01
C ILE IB 472 -2.24 51.12 132.90
N SER IB 473 -1.64 50.49 131.91
CA SER IB 473 -0.17 50.46 131.84
C SER IB 473 0.39 51.74 131.26
N GLN IB 474 -0.09 52.14 130.09
CA GLN IB 474 0.50 53.28 129.40
C GLN IB 474 -0.13 54.61 129.76
N HIS IB 475 -1.08 54.63 130.70
CA HIS IB 475 -1.65 55.90 131.12
C HIS IB 475 -1.98 55.97 132.59
N GLN IB 476 -1.19 55.32 133.45
CA GLN IB 476 -1.43 55.22 134.89
C GLN IB 476 -1.41 56.58 135.58
N ALA IB 477 -0.75 57.55 134.96
CA ALA IB 477 -0.71 58.90 135.52
C ALA IB 477 -2.04 59.64 135.37
N LEU IB 478 -2.94 59.16 134.52
CA LEU IB 478 -4.22 59.82 134.33
C LEU IB 478 -5.37 59.08 135.02
N LEU IB 479 -5.12 57.87 135.51
CA LEU IB 479 -6.04 57.20 136.43
C LEU IB 479 -5.66 57.42 137.89
N GLY IB 480 -5.01 58.53 138.18
CA GLY IB 480 -4.78 58.97 139.53
C GLY IB 480 -5.04 60.45 139.61
N LYS IB 481 -5.32 61.05 138.44
CA LYS IB 481 -5.76 62.43 138.37
C LYS IB 481 -7.28 62.54 138.44
N ILE IB 482 -8.00 61.43 138.35
CA ILE IB 482 -9.41 61.37 138.67
C ILE IB 482 -9.62 60.83 140.08
N ARG IB 483 -8.78 59.91 140.51
CA ARG IB 483 -8.86 59.37 141.86
C ARG IB 483 -8.46 60.38 142.93
N ALA IB 484 -7.84 61.49 142.55
CA ALA IB 484 -7.51 62.56 143.49
C ALA IB 484 -8.41 63.77 143.34
N ASP IB 485 -8.52 64.31 142.11
CA ASP IB 485 -9.32 65.50 141.89
C ASP IB 485 -10.81 65.20 142.08
N GLY IB 486 -11.25 64.04 141.61
CA GLY IB 486 -12.64 63.68 141.73
C GLY IB 486 -13.46 64.05 140.51
N LYS IB 487 -13.42 65.30 140.09
CA LYS IB 487 -14.21 65.78 138.97
C LYS IB 487 -13.40 65.79 137.69
N ILE IB 488 -14.02 65.37 136.59
CA ILE IB 488 -13.40 65.44 135.27
C ILE IB 488 -13.40 66.89 134.83
N SER IB 489 -12.24 67.53 134.88
CA SER IB 489 -12.10 68.88 134.36
C SER IB 489 -12.05 68.83 132.84
N GLU IB 490 -12.12 70.01 132.22
CA GLU IB 490 -12.01 70.08 130.77
C GLU IB 490 -10.61 69.75 130.28
N GLU IB 491 -9.60 69.87 131.15
CA GLU IB 491 -8.24 69.51 130.79
C GLU IB 491 -8.04 68.01 130.76
N THR IB 492 -8.96 67.26 131.36
CA THR IB 492 -9.02 65.81 131.21
C THR IB 492 -10.10 65.37 130.24
N ASP IB 493 -11.15 66.18 130.07
CA ASP IB 493 -12.17 65.87 129.08
C ASP IB 493 -11.66 66.03 127.65
N ALA IB 494 -10.59 66.81 127.45
CA ALA IB 494 -9.97 66.92 126.14
C ALA IB 494 -8.83 65.94 125.94
N LYS IB 495 -8.36 65.30 127.01
CA LYS IB 495 -7.28 64.35 126.91
C LYS IB 495 -7.77 62.93 126.66
N LEU IB 496 -8.93 62.57 127.19
CA LEU IB 496 -9.50 61.25 126.88
C LEU IB 496 -10.08 61.20 125.47
N LYS IB 497 -10.33 62.35 124.85
CA LYS IB 497 -10.70 62.34 123.44
C LYS IB 497 -9.53 61.93 122.55
N GLU IB 498 -8.30 62.21 122.99
CA GLU IB 498 -7.12 61.84 122.25
C GLU IB 498 -6.58 60.47 122.63
N ILE IB 499 -7.28 59.73 123.47
CA ILE IB 499 -6.92 58.36 123.78
C ILE IB 499 -7.85 57.37 123.08
N VAL IB 500 -9.15 57.63 123.11
CA VAL IB 500 -10.11 56.66 122.59
C VAL IB 500 -10.09 56.66 121.08
N THR IB 501 -10.03 57.84 120.46
CA THR IB 501 -9.96 57.90 119.01
C THR IB 501 -8.60 57.47 118.47
N ASN IB 502 -7.53 57.68 119.24
CA ASN IB 502 -6.21 57.18 118.89
C ASN IB 502 -5.97 55.75 119.37
N PHE IB 503 -7.02 55.06 119.80
CA PHE IB 503 -7.00 53.62 120.01
C PHE IB 503 -8.01 52.91 119.14
N LEU IB 504 -9.10 53.59 118.77
CA LEU IB 504 -10.12 53.02 117.90
C LEU IB 504 -9.61 52.82 116.48
N ALA IB 505 -8.56 53.53 116.09
CA ALA IB 505 -7.93 53.29 114.80
C ALA IB 505 -7.18 51.96 114.81
N GLY IB 506 -6.19 51.85 115.68
CA GLY IB 506 -5.39 50.65 115.72
C GLY IB 506 -5.93 49.58 116.64
N PHE IB 507 -7.20 49.21 116.46
CA PHE IB 507 -7.78 48.11 117.21
C PHE IB 507 -8.19 46.96 116.31
N GLU IB 508 -8.96 47.23 115.26
CA GLU IB 508 -9.64 46.18 114.49
C GLU IB 508 -8.64 45.43 113.63
N ALA IB 509 -7.93 44.51 114.27
CA ALA IB 509 -6.96 43.66 113.58
C ALA IB 509 -6.82 42.34 114.32
N SER JB 21 -77.66 41.98 202.11
CA SER JB 21 -78.79 42.86 201.84
C SER JB 21 -78.87 43.21 200.35
N VAL JB 22 -78.37 42.31 199.51
CA VAL JB 22 -78.34 42.52 198.06
C VAL JB 22 -79.55 41.85 197.43
N ASP JB 23 -79.98 42.41 196.30
CA ASP JB 23 -81.18 41.91 195.62
C ASP JB 23 -80.90 40.60 194.90
N LEU JB 24 -80.01 40.64 193.91
CA LEU JB 24 -79.55 39.51 193.09
C LEU JB 24 -80.68 38.83 192.33
N GLU JB 25 -81.79 39.53 192.09
CA GLU JB 25 -82.88 39.01 191.27
C GLU JB 25 -83.32 40.08 190.29
N GLU JB 26 -83.07 41.33 190.62
CA GLU JB 26 -83.44 42.45 189.77
C GLU JB 26 -82.25 43.36 189.46
N THR JB 27 -81.11 43.15 190.10
CA THR JB 27 -79.92 43.95 189.86
C THR JB 27 -78.71 43.00 189.80
N GLY JB 28 -77.62 43.51 189.25
CA GLY JB 28 -76.41 42.71 189.15
C GLY JB 28 -75.17 43.57 189.07
N ARG JB 29 -74.01 42.91 188.94
CA ARG JB 29 -72.72 43.59 188.91
C ARG JB 29 -71.92 43.17 187.68
N VAL JB 30 -71.38 44.17 186.97
CA VAL JB 30 -70.61 43.93 185.76
C VAL JB 30 -69.29 43.27 186.09
N LEU JB 31 -68.95 42.19 185.37
CA LEU JB 31 -67.70 41.47 185.59
C LEU JB 31 -66.56 41.89 184.69
N SER JB 32 -66.80 42.09 183.40
CA SER JB 32 -65.75 42.30 182.43
C SER JB 32 -66.27 43.23 181.36
N ILE JB 33 -65.36 43.82 180.60
CA ILE JB 33 -65.74 44.85 179.65
C ILE JB 33 -64.60 45.01 178.66
N GLY JB 34 -64.88 45.59 177.49
CA GLY JB 34 -63.85 45.97 176.57
C GLY JB 34 -63.82 45.19 175.29
N ASP JB 35 -64.40 44.00 175.29
CA ASP JB 35 -64.39 43.12 174.13
C ASP JB 35 -65.76 43.07 173.44
N GLY JB 36 -66.48 44.19 173.39
CA GLY JB 36 -67.85 44.17 172.89
C GLY JB 36 -68.88 44.01 173.98
N ILE JB 37 -69.22 42.75 174.23
CA ILE JB 37 -70.10 42.33 175.32
C ILE JB 37 -69.59 42.80 176.68
N ALA JB 38 -70.50 42.81 177.64
CA ALA JB 38 -70.22 43.13 179.03
C ALA JB 38 -70.80 42.02 179.89
N ARG JB 39 -69.99 41.03 180.24
CA ARG JB 39 -70.47 39.93 181.07
C ARG JB 39 -70.87 40.42 182.46
N VAL JB 40 -72.10 40.10 182.87
CA VAL JB 40 -72.78 40.67 184.02
C VAL JB 40 -73.20 39.56 184.97
N HIS JB 41 -72.92 39.72 186.25
CA HIS JB 41 -73.22 38.70 187.26
C HIS JB 41 -74.37 39.18 188.13
N GLY JB 42 -75.33 38.29 188.40
CA GLY JB 42 -76.57 38.64 189.05
C GLY JB 42 -77.75 38.36 188.13
N LEU JB 43 -78.74 39.26 188.18
CA LEU JB 43 -79.78 39.43 187.16
C LEU JB 43 -80.56 38.14 186.89
N ARG JB 44 -81.11 37.56 187.96
CA ARG JB 44 -81.66 36.21 187.85
C ARG JB 44 -83.01 36.21 187.13
N ASN JB 45 -83.72 37.33 187.13
CA ASN JB 45 -85.04 37.41 186.52
C ASN JB 45 -85.10 38.36 185.34
N VAL JB 46 -84.11 38.35 184.46
CA VAL JB 46 -84.18 39.15 183.25
C VAL JB 46 -84.63 38.26 182.09
N GLN JB 47 -85.45 38.81 181.19
CA GLN JB 47 -85.92 38.07 180.04
C GLN JB 47 -84.90 38.12 178.91
N ALA JB 48 -85.03 37.22 177.95
CA ALA JB 48 -84.19 37.27 176.77
C ALA JB 48 -84.57 38.47 175.91
N GLU JB 49 -83.59 39.00 175.19
CA GLU JB 49 -83.73 40.16 174.30
C GLU JB 49 -84.25 41.42 174.99
N GLU JB 50 -84.11 41.49 176.32
CA GLU JB 50 -84.69 42.54 177.14
C GLU JB 50 -83.66 43.62 177.43
N MET JB 51 -84.06 44.88 177.27
CA MET JB 51 -83.18 45.99 177.60
C MET JB 51 -82.97 46.09 179.11
N VAL JB 52 -81.74 46.39 179.52
CA VAL JB 52 -81.37 46.63 180.92
C VAL JB 52 -80.72 48.01 181.01
N GLU JB 53 -80.63 48.52 182.23
CA GLU JB 53 -80.04 49.85 182.49
C GLU JB 53 -78.80 49.71 183.35
N PHE JB 54 -77.75 50.44 183.00
CA PHE JB 54 -76.46 50.34 183.67
C PHE JB 54 -76.32 51.41 184.75
N SER JB 55 -75.13 51.49 185.33
CA SER JB 55 -74.90 52.43 186.43
C SER JB 55 -74.79 53.86 185.93
N SER JB 56 -74.28 54.05 184.71
CA SER JB 56 -74.04 55.37 184.18
C SER JB 56 -75.08 55.82 183.17
N GLY JB 57 -76.20 55.11 183.06
CA GLY JB 57 -77.26 55.52 182.16
C GLY JB 57 -77.25 54.87 180.81
N LEU JB 58 -76.22 54.09 180.49
CA LEU JB 58 -76.22 53.36 179.24
C LEU JB 58 -77.21 52.20 179.31
N LYS JB 59 -77.83 51.89 178.19
CA LYS JB 59 -78.76 50.78 178.08
C LYS JB 59 -77.99 49.53 177.65
N GLY JB 60 -78.70 48.48 177.27
CA GLY JB 60 -78.03 47.29 176.80
C GLY JB 60 -78.93 46.07 176.74
N MET JB 61 -78.82 45.25 175.70
CA MET JB 61 -79.76 44.18 175.44
C MET JB 61 -79.26 42.85 175.97
N SER JB 62 -80.10 42.14 176.69
CA SER JB 62 -79.74 40.88 177.31
C SER JB 62 -79.66 39.81 176.23
N LEU JB 63 -78.50 39.74 175.58
CA LEU JB 63 -78.38 38.94 174.36
C LEU JB 63 -78.34 37.44 174.64
N ASN JB 64 -77.68 37.05 175.71
CA ASN JB 64 -77.15 35.69 175.77
C ASN JB 64 -77.17 35.26 177.24
N LEU JB 65 -78.20 34.52 177.61
CA LEU JB 65 -78.37 34.11 179.00
C LEU JB 65 -77.55 32.85 179.23
N GLU JB 66 -76.42 32.95 179.88
CA GLU JB 66 -75.64 31.77 180.22
C GLU JB 66 -76.04 31.25 181.59
N PRO JB 67 -75.70 30.00 181.94
CA PRO JB 67 -76.05 29.49 183.29
C PRO JB 67 -75.23 30.09 184.42
N ASP JB 68 -74.35 31.06 184.17
CA ASP JB 68 -73.55 31.67 185.22
C ASP JB 68 -73.65 33.19 185.16
N ASN JB 69 -73.83 33.74 183.96
CA ASN JB 69 -73.84 35.19 183.78
C ASN JB 69 -74.83 35.55 182.68
N VAL JB 70 -74.86 36.85 182.35
CA VAL JB 70 -75.64 37.42 181.26
C VAL JB 70 -74.67 38.18 180.37
N GLY JB 71 -74.88 38.10 179.06
CA GLY JB 71 -74.02 38.84 178.17
C GLY JB 71 -74.72 40.01 177.55
N VAL JB 72 -74.38 41.21 177.97
CA VAL JB 72 -75.13 42.41 177.62
C VAL JB 72 -74.40 43.14 176.52
N VAL JB 73 -74.93 43.05 175.30
CA VAL JB 73 -74.50 43.91 174.21
C VAL JB 73 -74.79 45.36 174.57
N VAL JB 74 -73.78 46.21 174.48
CA VAL JB 74 -73.86 47.57 175.00
C VAL JB 74 -74.12 48.53 173.87
N PHE JB 75 -75.21 49.29 173.97
CA PHE JB 75 -75.55 50.30 172.97
C PHE JB 75 -74.81 51.61 173.28
N GLY JB 76 -73.50 51.56 173.12
CA GLY JB 76 -72.68 52.72 173.37
C GLY JB 76 -71.24 52.31 173.61
N ASN JB 77 -70.40 53.32 173.87
CA ASN JB 77 -68.98 53.10 174.09
C ASN JB 77 -68.76 52.35 175.39
N ASP JB 78 -68.08 51.22 175.32
CA ASP JB 78 -67.84 50.40 176.51
C ASP JB 78 -66.58 50.83 177.26
N LYS JB 79 -66.09 52.04 177.03
CA LYS JB 79 -65.17 52.69 177.96
C LYS JB 79 -65.88 53.03 179.26
N LEU JB 80 -67.12 53.51 179.18
CA LEU JB 80 -67.84 54.09 180.30
C LEU JB 80 -68.36 53.06 181.29
N ILE JB 81 -68.07 51.79 181.09
CA ILE JB 81 -68.50 50.71 181.97
C ILE JB 81 -67.24 50.13 182.61
N LYS JB 82 -67.07 50.33 183.91
CA LYS JB 82 -65.96 49.72 184.61
C LYS JB 82 -66.37 48.32 185.07
N GLU JB 83 -65.59 47.71 185.93
CA GLU JB 83 -65.96 46.46 186.56
C GLU JB 83 -66.43 46.77 187.97
N GLY JB 84 -67.58 46.22 188.35
CA GLY JB 84 -68.17 46.52 189.63
C GLY JB 84 -69.35 47.45 189.60
N ASP JB 85 -69.70 48.00 188.42
CA ASP JB 85 -70.89 48.81 188.28
C ASP JB 85 -72.14 47.98 188.56
N ILE JB 86 -73.23 48.66 188.90
CA ILE JB 86 -74.48 48.00 189.23
C ILE JB 86 -75.47 48.27 188.11
N VAL JB 87 -76.06 47.19 187.57
CA VAL JB 87 -76.92 47.23 186.40
C VAL JB 87 -78.35 46.90 186.82
N LYS JB 88 -79.29 47.74 186.40
CA LYS JB 88 -80.69 47.62 186.81
C LYS JB 88 -81.51 47.03 185.68
N ARG JB 89 -82.46 46.17 186.03
CA ARG JB 89 -83.29 45.49 185.04
C ARG JB 89 -84.52 46.31 184.73
N THR JB 90 -84.82 46.50 183.44
CA THR JB 90 -85.95 47.34 183.05
C THR JB 90 -87.27 46.56 183.03
N GLY JB 91 -87.30 45.43 182.36
CA GLY JB 91 -88.54 44.70 182.21
C GLY JB 91 -89.20 44.84 180.85
N ALA JB 92 -88.56 45.52 179.92
CA ALA JB 92 -89.12 45.79 178.60
C ALA JB 92 -88.20 45.24 177.53
N ILE JB 93 -88.76 44.38 176.68
CA ILE JB 93 -88.09 43.96 175.45
C ILE JB 93 -87.89 45.21 174.59
N VAL JB 94 -86.82 45.19 173.76
CA VAL JB 94 -86.23 46.42 173.26
C VAL JB 94 -87.20 47.15 172.35
N ASP JB 95 -87.77 48.23 172.89
CA ASP JB 95 -88.90 48.89 172.26
C ASP JB 95 -88.54 50.34 171.95
N VAL JB 96 -89.30 50.92 171.03
CA VAL JB 96 -89.00 52.23 170.47
C VAL JB 96 -90.24 53.10 170.65
N PRO JB 97 -90.10 54.36 171.07
CA PRO JB 97 -91.24 55.28 171.05
C PRO JB 97 -91.74 55.50 169.63
N VAL JB 98 -93.03 55.36 169.44
CA VAL JB 98 -93.62 55.34 168.10
C VAL JB 98 -94.95 56.09 168.13
N GLY JB 99 -95.19 56.92 167.13
CA GLY JB 99 -96.43 57.66 167.10
C GLY JB 99 -96.48 58.65 165.96
N GLU JB 100 -97.45 59.55 166.05
CA GLU JB 100 -97.61 60.59 165.04
C GLU JB 100 -96.72 61.78 165.33
N GLU JB 101 -96.24 61.90 166.56
CA GLU JB 101 -95.46 63.06 166.95
C GLU JB 101 -93.98 62.88 166.66
N LEU JB 102 -93.59 61.79 166.00
CA LEU JB 102 -92.21 61.59 165.58
C LEU JB 102 -91.91 62.26 164.25
N LEU JB 103 -92.91 62.91 163.65
CA LEU JB 103 -92.69 63.59 162.39
C LEU JB 103 -91.94 64.88 162.61
N GLY JB 104 -90.80 65.02 161.95
CA GLY JB 104 -90.01 66.22 162.07
C GLY JB 104 -88.86 66.15 163.05
N ARG JB 105 -88.67 65.02 163.71
CA ARG JB 105 -87.70 64.89 164.77
C ARG JB 105 -86.63 63.87 164.41
N VAL JB 106 -85.38 64.32 164.38
CA VAL JB 106 -84.24 63.42 164.21
C VAL JB 106 -83.98 62.71 165.52
N VAL JB 107 -84.02 61.37 165.50
CA VAL JB 107 -83.72 60.59 166.67
C VAL JB 107 -82.49 59.74 166.38
N ASP JB 108 -82.01 59.04 167.40
CA ASP JB 108 -81.01 58.01 167.24
C ASP JB 108 -81.68 56.64 167.37
N ALA JB 109 -80.86 55.59 167.51
CA ALA JB 109 -81.35 54.24 167.31
C ALA JB 109 -82.07 53.69 168.54
N LEU JB 110 -82.35 54.52 169.53
CA LEU JB 110 -83.10 54.06 170.68
C LEU JB 110 -84.26 54.98 171.04
N GLY JB 111 -84.56 55.96 170.21
CA GLY JB 111 -85.66 56.86 170.46
C GLY JB 111 -85.32 58.10 171.27
N ASN JB 112 -84.09 58.59 171.19
CA ASN JB 112 -83.68 59.77 171.94
C ASN JB 112 -83.40 60.89 170.96
N ALA JB 113 -84.05 62.03 171.14
CA ALA JB 113 -83.95 63.11 170.16
C ALA JB 113 -82.63 63.83 170.28
N ILE JB 114 -81.97 64.02 169.15
CA ILE JB 114 -80.64 64.62 169.10
C ILE JB 114 -80.63 65.89 168.26
N ASP JB 115 -81.78 66.43 167.93
CA ASP JB 115 -81.85 67.71 167.24
C ASP JB 115 -82.02 68.89 168.19
N GLY JB 116 -82.05 68.64 169.50
CA GLY JB 116 -82.12 69.71 170.49
C GLY JB 116 -83.41 70.50 170.46
N LYS JB 117 -84.55 69.82 170.56
CA LYS JB 117 -85.85 70.48 170.60
C LYS JB 117 -86.79 69.83 171.60
N GLY JB 118 -86.30 69.53 172.80
CA GLY JB 118 -87.12 68.97 173.83
C GLY JB 118 -87.37 67.50 173.64
N PRO JB 119 -87.98 66.86 174.62
CA PRO JB 119 -88.33 65.44 174.47
C PRO JB 119 -89.50 65.27 173.52
N ILE JB 120 -89.64 64.04 173.02
CA ILE JB 120 -90.65 63.77 172.01
C ILE JB 120 -92.04 63.67 172.66
N GLY JB 121 -92.14 63.01 173.81
CA GLY JB 121 -93.40 62.96 174.54
C GLY JB 121 -94.48 62.15 173.86
N SER JB 122 -94.17 60.92 173.45
CA SER JB 122 -95.18 60.08 172.83
C SER JB 122 -95.70 59.05 173.81
N LYS JB 123 -96.62 58.21 173.34
CA LYS JB 123 -97.51 57.47 174.21
C LYS JB 123 -97.53 55.96 173.96
N THR JB 124 -96.96 55.49 172.85
CA THR JB 124 -97.10 54.09 172.48
C THR JB 124 -95.71 53.49 172.21
N ARG JB 125 -95.56 52.21 172.50
CA ARG JB 125 -94.28 51.52 172.43
C ARG JB 125 -94.41 50.22 171.64
N ARG JB 126 -93.73 50.15 170.49
CA ARG JB 126 -93.68 48.96 169.66
C ARG JB 126 -92.36 48.26 169.89
N ARG JB 127 -92.38 46.92 169.84
CA ARG JB 127 -91.14 46.17 169.86
C ARG JB 127 -90.42 46.29 168.53
N VAL JB 128 -89.13 45.91 168.52
CA VAL JB 128 -88.35 45.91 167.28
C VAL JB 128 -88.24 44.52 166.67
N GLY JB 129 -88.49 43.47 167.43
CA GLY JB 129 -88.48 42.11 166.92
C GLY JB 129 -89.85 41.59 166.52
N LEU JB 130 -90.75 42.46 166.04
CA LEU JB 130 -92.08 42.02 165.64
C LEU JB 130 -92.04 41.37 164.26
N LYS JB 131 -92.66 40.20 164.15
CA LYS JB 131 -92.64 39.41 162.93
C LYS JB 131 -93.49 40.07 161.85
N ALA JB 132 -93.20 39.68 160.61
CA ALA JB 132 -93.91 40.16 159.44
C ALA JB 132 -95.28 39.51 159.33
N PRO JB 133 -96.22 40.14 158.62
CA PRO JB 133 -97.52 39.50 158.39
C PRO JB 133 -97.41 38.23 157.54
N GLY JB 134 -98.46 37.43 157.59
CA GLY JB 134 -98.48 36.12 156.97
C GLY JB 134 -98.85 36.14 155.51
N ILE JB 135 -99.50 35.06 155.08
CA ILE JB 135 -99.96 34.94 153.70
C ILE JB 135 -101.34 35.55 153.51
N ILE JB 136 -102.22 35.34 154.49
CA ILE JB 136 -103.61 35.80 154.34
C ILE JB 136 -103.77 37.31 154.35
N PRO JB 137 -103.17 38.09 155.28
CA PRO JB 137 -103.50 39.52 155.28
C PRO JB 137 -102.81 40.36 154.20
N ARG JB 138 -102.26 39.77 153.16
CA ARG JB 138 -101.69 40.57 152.10
C ARG JB 138 -102.62 40.63 150.89
N ILE JB 139 -102.24 41.46 149.91
CA ILE JB 139 -102.96 41.58 148.65
C ILE JB 139 -101.97 42.09 147.60
N SER JB 140 -102.33 41.94 146.33
CA SER JB 140 -101.45 42.35 145.24
C SER JB 140 -101.42 43.86 145.14
N VAL JB 141 -100.28 44.41 144.72
CA VAL JB 141 -100.07 45.85 144.79
C VAL JB 141 -100.86 46.52 143.68
N ARG JB 142 -101.44 47.68 144.00
CA ARG JB 142 -102.40 48.30 143.10
C ARG JB 142 -102.32 49.82 142.99
N GLU JB 143 -101.43 50.48 143.72
CA GLU JB 143 -101.41 51.92 143.71
C GLU JB 143 -100.07 52.43 143.21
N PRO JB 144 -100.04 53.43 142.34
CA PRO JB 144 -98.77 53.89 141.80
C PRO JB 144 -98.03 54.81 142.75
N MET JB 145 -96.77 54.49 143.01
CA MET JB 145 -95.86 55.30 143.80
C MET JB 145 -95.03 56.16 142.87
N GLN JB 146 -95.31 57.45 142.85
CA GLN JB 146 -94.63 58.36 141.94
C GLN JB 146 -93.28 58.72 142.52
N THR JB 147 -92.24 58.09 142.00
CA THR JB 147 -90.88 58.45 142.35
C THR JB 147 -90.56 59.87 141.89
N GLY JB 148 -90.80 60.16 140.62
CA GLY JB 148 -90.67 61.52 140.13
C GLY JB 148 -89.65 61.71 139.04
N ILE JB 149 -88.76 60.76 138.83
CA ILE JB 149 -87.79 60.81 137.74
C ILE JB 149 -88.30 59.91 136.63
N LYS JB 150 -87.96 60.25 135.39
CA LYS JB 150 -88.62 59.66 134.24
C LYS JB 150 -88.16 58.22 134.02
N ALA JB 151 -86.96 57.89 134.46
CA ALA JB 151 -86.38 56.60 134.11
C ALA JB 151 -86.87 55.51 135.06
N VAL JB 152 -87.59 55.89 136.12
CA VAL JB 152 -88.14 54.88 137.02
C VAL JB 152 -89.65 54.83 136.89
N ASP JB 153 -90.27 55.93 136.51
CA ASP JB 153 -91.72 55.89 136.33
C ASP JB 153 -92.10 55.22 135.03
N SER JB 154 -91.30 55.43 133.98
CA SER JB 154 -91.64 54.86 132.68
C SER JB 154 -91.31 53.37 132.62
N LEU JB 155 -90.04 53.02 132.81
CA LEU JB 155 -89.53 51.72 132.40
C LEU JB 155 -89.32 50.75 133.56
N VAL JB 156 -89.28 51.22 134.79
CA VAL JB 156 -89.12 50.31 135.94
C VAL JB 156 -90.02 50.79 137.10
N PRO JB 157 -91.34 50.69 136.98
CA PRO JB 157 -92.22 51.33 137.96
C PRO JB 157 -92.34 50.55 139.27
N ILE JB 158 -92.71 51.27 140.32
CA ILE JB 158 -92.81 50.76 141.69
C ILE JB 158 -94.25 50.96 142.15
N GLY JB 159 -94.73 50.11 143.05
CA GLY JB 159 -96.05 50.29 143.64
C GLY JB 159 -96.03 50.10 145.14
N ARG JB 160 -97.09 50.48 145.84
CA ARG JB 160 -97.04 50.50 147.29
C ARG JB 160 -97.15 49.11 147.89
N GLY JB 161 -96.21 48.78 148.75
CA GLY JB 161 -96.11 47.46 149.35
C GLY JB 161 -95.08 46.58 148.72
N GLN JB 162 -94.08 47.15 148.06
CA GLN JB 162 -93.14 46.42 147.23
C GLN JB 162 -91.72 46.74 147.63
N ARG JB 163 -90.94 45.69 147.85
CA ARG JB 163 -89.51 45.84 148.09
C ARG JB 163 -88.81 46.10 146.77
N GLU JB 164 -87.86 47.01 146.77
CA GLU JB 164 -87.15 47.37 145.55
C GLU JB 164 -85.74 47.84 145.88
N LEU JB 165 -84.76 47.27 145.21
CA LEU JB 165 -83.36 47.46 145.54
C LEU JB 165 -82.76 48.53 144.65
N ILE JB 166 -81.84 49.32 145.21
CA ILE JB 166 -80.98 50.22 144.45
C ILE JB 166 -79.55 49.75 144.63
N ILE JB 167 -78.78 49.72 143.56
CA ILE JB 167 -77.45 49.13 143.59
C ILE JB 167 -76.55 49.86 142.59
N GLY JB 168 -75.31 50.08 142.99
CA GLY JB 168 -74.39 50.81 142.15
C GLY JB 168 -73.04 50.87 142.82
N ASP JB 169 -72.11 51.53 142.13
CA ASP JB 169 -70.83 51.82 142.74
C ASP JB 169 -70.91 53.19 143.42
N ARG JB 170 -69.87 53.52 144.18
CA ARG JB 170 -69.93 54.75 144.96
C ARG JB 170 -69.78 55.96 144.07
N GLN JB 171 -70.43 57.04 144.49
CA GLN JB 171 -70.60 58.29 143.73
C GLN JB 171 -71.18 58.02 142.35
N THR JB 172 -72.38 57.43 142.36
CA THR JB 172 -73.16 57.22 141.16
C THR JB 172 -74.56 57.80 141.22
N GLY JB 173 -75.05 58.13 142.39
CA GLY JB 173 -76.40 58.64 142.50
C GLY JB 173 -77.37 57.63 143.09
N LYS JB 174 -77.00 56.93 144.15
CA LYS JB 174 -77.95 56.06 144.82
C LYS JB 174 -78.67 56.75 145.97
N THR JB 175 -78.13 57.85 146.48
CA THR JB 175 -78.79 58.63 147.52
C THR JB 175 -79.41 59.90 146.97
N SER JB 176 -78.85 60.47 145.92
CA SER JB 176 -79.53 61.59 145.26
C SER JB 176 -80.78 61.16 144.43
N ILE JB 177 -81.22 59.92 144.51
CA ILE JB 177 -82.51 59.48 143.97
C ILE JB 177 -83.53 59.29 145.09
N ALA JB 178 -83.12 58.64 146.18
CA ALA JB 178 -83.98 58.41 147.34
C ALA JB 178 -84.38 59.69 148.06
N ILE JB 179 -83.77 60.82 147.74
CA ILE JB 179 -84.19 62.11 148.26
C ILE JB 179 -85.28 62.73 147.39
N ASP JB 180 -85.18 62.61 146.07
CA ASP JB 180 -86.26 63.07 145.20
C ASP JB 180 -87.46 62.15 145.19
N THR JB 181 -87.34 60.95 145.74
CA THR JB 181 -88.53 60.20 146.11
C THR JB 181 -89.33 60.97 147.16
N ILE JB 182 -88.65 61.51 148.17
CA ILE JB 182 -89.32 62.14 149.30
C ILE JB 182 -89.71 63.59 148.97
N ILE JB 183 -88.97 64.26 148.09
CA ILE JB 183 -89.33 65.63 147.74
C ILE JB 183 -90.61 65.66 146.89
N ASN JB 184 -90.87 64.59 146.15
CA ASN JB 184 -92.09 64.52 145.34
C ASN JB 184 -93.34 64.37 146.19
N GLN JB 185 -93.24 63.81 147.39
CA GLN JB 185 -94.40 63.50 148.21
C GLN JB 185 -95.01 64.72 148.88
N LYS JB 186 -94.46 65.91 148.64
CA LYS JB 186 -94.97 67.14 149.23
C LYS JB 186 -96.33 67.50 148.67
N ARG JB 187 -96.56 67.23 147.38
CA ARG JB 187 -97.78 67.60 146.70
C ARG JB 187 -98.96 66.69 147.03
N PHE JB 188 -98.71 65.50 147.57
CA PHE JB 188 -99.81 64.60 147.89
C PHE JB 188 -100.38 64.90 149.28
N ASN JB 189 -99.50 65.12 150.26
CA ASN JB 189 -99.92 65.40 151.63
C ASN JB 189 -100.51 66.79 151.82
N ASP JB 190 -100.35 67.68 150.84
CA ASP JB 190 -100.81 69.06 150.94
C ASP JB 190 -102.24 69.26 150.45
N GLY JB 191 -102.87 68.24 149.88
CA GLY JB 191 -104.24 68.34 149.45
C GLY JB 191 -105.22 67.90 150.51
N THR JB 192 -106.22 67.10 150.12
CA THR JB 192 -107.18 66.58 151.09
C THR JB 192 -107.50 65.10 150.92
N ASP JB 193 -107.09 64.45 149.83
CA ASP JB 193 -107.35 63.03 149.65
C ASP JB 193 -106.50 62.27 150.66
N GLU JB 194 -107.17 61.65 151.62
CA GLU JB 194 -106.50 61.04 152.76
C GLU JB 194 -105.75 59.76 152.40
N LYS JB 195 -105.99 59.18 151.22
CA LYS JB 195 -105.44 57.87 150.90
C LYS JB 195 -104.35 57.91 149.84
N LYS JB 196 -103.87 59.08 149.44
CA LYS JB 196 -102.62 59.14 148.69
C LYS JB 196 -101.55 59.90 149.46
N LYS JB 197 -101.76 60.12 150.74
CA LYS JB 197 -100.72 60.66 151.61
C LYS JB 197 -99.69 59.59 151.91
N LEU JB 198 -98.42 59.97 151.80
CA LEU JB 198 -97.30 59.13 152.18
C LEU JB 198 -96.51 59.84 153.26
N TYR JB 199 -96.07 59.09 154.24
CA TYR JB 199 -95.14 59.56 155.27
C TYR JB 199 -93.84 58.78 155.14
N CYS JB 200 -92.75 59.49 154.88
CA CYS JB 200 -91.47 58.87 154.59
C CYS JB 200 -90.63 58.68 155.86
N ILE JB 201 -89.64 57.81 155.77
CA ILE JB 201 -88.69 57.53 156.84
C ILE JB 201 -87.33 57.28 156.19
N TYR JB 202 -86.32 58.06 156.54
CA TYR JB 202 -85.00 57.94 155.92
C TYR JB 202 -84.00 57.50 156.97
N VAL JB 203 -83.66 56.22 156.99
CA VAL JB 203 -82.68 55.69 157.92
C VAL JB 203 -81.29 55.98 157.38
N ALA JB 204 -80.30 56.14 158.28
CA ALA JB 204 -78.94 56.51 157.88
C ALA JB 204 -77.93 55.71 158.69
N ILE JB 205 -77.46 54.60 158.12
CA ILE JB 205 -76.43 53.77 158.74
C ILE JB 205 -75.09 54.10 158.09
N GLY JB 206 -74.04 54.21 158.92
CA GLY JB 206 -72.69 54.20 158.43
C GLY JB 206 -72.14 55.53 157.97
N GLN JB 207 -72.98 56.50 157.67
CA GLN JB 207 -72.52 57.69 156.98
C GLN JB 207 -71.77 58.64 157.92
N LYS JB 208 -71.23 59.70 157.33
CA LYS JB 208 -70.61 60.75 158.11
C LYS JB 208 -71.68 61.53 158.86
N ARG JB 209 -71.29 62.11 160.00
CA ARG JB 209 -72.22 62.93 160.74
C ARG JB 209 -72.43 64.30 160.10
N SER JB 210 -71.60 64.66 159.11
CA SER JB 210 -71.77 65.92 158.43
C SER JB 210 -72.42 65.78 157.07
N THR JB 211 -72.57 64.56 156.54
CA THR JB 211 -73.41 64.38 155.38
C THR JB 211 -74.85 64.08 155.76
N VAL JB 212 -75.04 63.43 156.90
CA VAL JB 212 -76.38 63.31 157.48
C VAL JB 212 -76.93 64.70 157.82
N ALA JB 213 -76.13 65.52 158.48
CA ALA JB 213 -76.59 66.83 158.93
C ALA JB 213 -76.40 67.94 157.90
N GLN JB 214 -75.91 67.63 156.71
CA GLN JB 214 -76.09 68.51 155.55
C GLN JB 214 -77.31 68.13 154.75
N LEU JB 215 -77.78 66.88 154.90
CA LEU JB 215 -78.96 66.41 154.21
C LEU JB 215 -80.23 67.00 154.79
N VAL JB 216 -80.33 67.06 156.12
CA VAL JB 216 -81.51 67.57 156.76
C VAL JB 216 -81.67 69.06 156.53
N LYS JB 217 -80.61 69.78 156.15
CA LYS JB 217 -80.81 71.13 155.67
C LYS JB 217 -81.50 71.15 154.30
N ARG JB 218 -81.27 70.14 153.47
CA ARG JB 218 -81.98 70.08 152.20
C ARG JB 218 -83.42 69.62 152.40
N LEU JB 219 -83.69 68.84 153.44
CA LEU JB 219 -85.05 68.43 153.76
C LEU JB 219 -85.85 69.50 154.49
N THR JB 220 -85.23 70.64 154.82
CA THR JB 220 -85.91 71.72 155.51
C THR JB 220 -86.23 72.89 154.59
N ASP JB 221 -85.35 73.20 153.64
CA ASP JB 221 -85.63 74.26 152.69
C ASP JB 221 -86.72 73.90 151.70
N ALA JB 222 -87.03 72.61 151.53
CA ALA JB 222 -88.05 72.16 150.59
C ALA JB 222 -89.32 71.73 151.29
N ASP JB 223 -89.50 72.12 152.55
CA ASP JB 223 -90.71 71.91 153.36
C ASP JB 223 -91.02 70.43 153.56
N ALA JB 224 -90.01 69.57 153.46
CA ALA JB 224 -90.24 68.14 153.47
C ALA JB 224 -90.00 67.52 154.83
N MET JB 225 -90.13 68.30 155.90
CA MET JB 225 -89.80 67.80 157.23
C MET JB 225 -91.01 67.44 158.07
N LYS JB 226 -92.20 67.94 157.76
CA LYS JB 226 -93.36 67.68 158.59
C LYS JB 226 -93.89 66.26 158.49
N TYR JB 227 -93.29 65.39 157.67
CA TYR JB 227 -93.71 63.99 157.60
C TYR JB 227 -92.52 63.04 157.51
N THR JB 228 -91.32 63.46 157.93
CA THR JB 228 -90.10 62.74 157.65
C THR JB 228 -89.35 62.43 158.94
N ILE JB 229 -89.50 61.21 159.46
CA ILE JB 229 -88.57 60.74 160.46
C ILE JB 229 -87.20 60.57 159.84
N VAL JB 230 -86.15 60.94 160.56
CA VAL JB 230 -84.77 60.70 160.14
C VAL JB 230 -84.07 60.00 161.29
N VAL JB 231 -83.97 58.67 161.23
CA VAL JB 231 -83.16 57.96 162.20
C VAL JB 231 -81.69 58.16 161.81
N SER JB 232 -80.79 58.07 162.78
CA SER JB 232 -79.38 58.30 162.50
C SER JB 232 -78.51 57.44 163.41
N ALA JB 233 -77.57 56.74 162.81
CA ALA JB 233 -76.49 56.05 163.53
C ALA JB 233 -75.25 56.19 162.65
N THR JB 234 -74.45 57.20 162.92
CA THR JB 234 -73.40 57.62 162.01
C THR JB 234 -72.10 56.89 162.32
N ALA JB 235 -71.00 57.35 161.70
CA ALA JB 235 -69.79 56.55 161.58
C ALA JB 235 -69.05 56.41 162.89
N SER JB 236 -69.07 57.43 163.74
CA SER JB 236 -68.37 57.39 165.02
C SER JB 236 -69.13 56.64 166.09
N ASP JB 237 -70.33 56.16 165.81
CA ASP JB 237 -71.09 55.44 166.81
C ASP JB 237 -70.57 54.02 166.95
N ALA JB 238 -71.13 53.28 167.89
CA ALA JB 238 -70.62 51.96 168.21
C ALA JB 238 -71.05 50.97 167.15
N ALA JB 239 -70.75 49.70 167.37
CA ALA JB 239 -71.31 48.68 166.48
C ALA JB 239 -72.82 48.53 166.68
N PRO JB 240 -73.36 48.23 167.91
CA PRO JB 240 -74.77 47.82 167.97
C PRO JB 240 -75.78 48.94 167.79
N LEU JB 241 -75.34 50.14 167.44
CA LEU JB 241 -76.23 51.17 166.97
C LEU JB 241 -76.34 51.18 165.46
N GLN JB 242 -75.30 50.73 164.77
CA GLN JB 242 -75.39 50.56 163.33
C GLN JB 242 -76.05 49.24 162.94
N TYR JB 243 -76.23 48.33 163.89
CA TYR JB 243 -76.98 47.11 163.66
C TYR JB 243 -78.45 47.25 164.05
N LEU JB 244 -78.80 48.28 164.83
CA LEU JB 244 -80.15 48.41 165.37
C LEU JB 244 -80.99 49.44 164.64
N ALA JB 245 -80.38 50.45 164.06
CA ALA JB 245 -81.07 51.51 163.33
C ALA JB 245 -81.97 51.07 162.17
N PRO JB 246 -81.76 49.92 161.53
CA PRO JB 246 -82.85 49.38 160.69
C PRO JB 246 -84.11 49.00 161.46
N TYR JB 247 -83.99 48.27 162.56
CA TYR JB 247 -85.15 47.80 163.31
C TYR JB 247 -85.83 48.88 164.13
N SER JB 248 -85.32 50.10 164.12
CA SER JB 248 -85.97 51.22 164.78
C SER JB 248 -86.71 52.10 163.79
N GLY JB 249 -86.10 52.43 162.66
CA GLY JB 249 -86.82 53.12 161.60
C GLY JB 249 -87.89 52.28 160.92
N CYS JB 250 -87.90 50.97 161.16
CA CYS JB 250 -88.92 50.11 160.59
C CYS JB 250 -90.18 50.11 161.42
N SER JB 251 -90.05 49.89 162.73
CA SER JB 251 -91.22 49.83 163.60
C SER JB 251 -91.92 51.17 163.75
N MET JB 252 -91.25 52.27 163.40
CA MET JB 252 -91.95 53.53 163.26
C MET JB 252 -92.88 53.52 162.06
N GLY JB 253 -92.50 52.81 161.00
CA GLY JB 253 -93.28 52.76 159.78
C GLY JB 253 -94.32 51.67 159.75
N GLU JB 254 -94.17 50.66 160.61
CA GLU JB 254 -95.21 49.64 160.76
C GLU JB 254 -96.43 50.15 161.50
N TYR JB 255 -96.32 51.29 162.18
CA TYR JB 255 -97.46 51.86 162.87
C TYR JB 255 -98.41 52.53 161.91
N PHE JB 256 -97.87 53.25 160.93
CA PHE JB 256 -98.70 53.80 159.87
C PHE JB 256 -99.33 52.71 159.01
N ARG JB 257 -98.71 51.53 158.97
CA ARG JB 257 -99.29 50.41 158.23
C ARG JB 257 -100.57 49.92 158.89
N ASP JB 258 -100.53 49.63 160.17
CA ASP JB 258 -101.64 48.96 160.83
C ASP JB 258 -102.78 49.89 161.20
N ASN JB 259 -102.74 51.16 160.79
CA ASN JB 259 -103.85 52.06 161.05
C ASN JB 259 -104.40 52.64 159.75
N GLY JB 260 -104.22 51.93 158.65
CA GLY JB 260 -104.81 52.35 157.39
C GLY JB 260 -104.13 53.52 156.72
N LYS JB 261 -102.87 53.79 157.02
CA LYS JB 261 -102.13 54.86 156.37
C LYS JB 261 -101.01 54.28 155.51
N HIS JB 262 -100.39 55.13 154.71
CA HIS JB 262 -99.42 54.68 153.72
C HIS JB 262 -98.05 55.25 154.05
N ALA JB 263 -97.06 54.38 154.21
CA ALA JB 263 -95.73 54.71 154.69
C ALA JB 263 -94.68 54.46 153.60
N LEU JB 264 -93.43 54.78 153.94
CA LEU JB 264 -92.28 54.57 153.06
C LEU JB 264 -91.02 54.63 153.92
N ILE JB 265 -90.13 53.66 153.74
CA ILE JB 265 -88.88 53.62 154.49
C ILE JB 265 -87.73 53.45 153.49
N ILE JB 266 -86.60 54.08 153.77
CA ILE JB 266 -85.42 54.06 152.90
C ILE JB 266 -84.20 53.80 153.78
N TYR JB 267 -83.47 52.74 153.50
CA TYR JB 267 -82.24 52.44 154.22
C TYR JB 267 -81.05 52.93 153.41
N ASP JB 268 -80.02 53.41 154.12
CA ASP JB 268 -78.83 53.91 153.42
C ASP JB 268 -77.63 53.72 154.34
N ASP JB 269 -76.94 52.58 154.23
CA ASP JB 269 -77.21 51.47 153.33
C ASP JB 269 -77.03 50.14 154.04
N LEU JB 270 -77.47 49.06 153.44
CA LEU JB 270 -77.52 47.79 154.16
C LEU JB 270 -76.23 47.01 154.08
N SER JB 271 -75.22 47.50 153.34
CA SER JB 271 -73.93 46.85 153.34
C SER JB 271 -73.07 47.27 154.52
N LYS JB 272 -73.41 48.38 155.18
CA LYS JB 272 -72.71 48.85 156.35
C LYS JB 272 -73.33 48.39 157.64
N GLN JB 273 -74.59 47.95 157.61
CA GLN JB 273 -75.14 47.16 158.69
C GLN JB 273 -74.54 45.76 158.72
N ALA JB 274 -74.03 45.27 157.59
CA ALA JB 274 -73.45 43.94 157.55
C ALA JB 274 -71.96 43.92 157.87
N VAL JB 275 -71.25 45.04 157.72
CA VAL JB 275 -69.88 45.09 158.22
C VAL JB 275 -69.83 45.42 159.69
N ALA JB 276 -70.91 45.98 160.25
CA ALA JB 276 -71.05 46.25 161.66
C ALA JB 276 -71.75 45.14 162.42
N TYR JB 277 -72.24 44.14 161.70
CA TYR JB 277 -72.67 42.89 162.31
C TYR JB 277 -71.62 41.81 162.20
N ARG JB 278 -70.76 41.88 161.19
CA ARG JB 278 -69.59 41.00 161.12
C ARG JB 278 -68.64 41.26 162.26
N GLN JB 279 -68.41 42.53 162.59
CA GLN JB 279 -67.59 42.91 163.74
C GLN JB 279 -68.18 42.40 165.04
N MET JB 280 -69.50 42.52 165.20
CA MET JB 280 -70.18 42.06 166.41
C MET JB 280 -70.17 40.55 166.54
N SER JB 281 -69.87 39.82 165.48
CA SER JB 281 -69.89 38.38 165.51
C SER JB 281 -68.52 37.75 165.44
N LEU JB 282 -67.52 38.48 164.91
CA LEU JB 282 -66.15 38.04 165.02
C LEU JB 282 -65.64 38.18 166.44
N LEU JB 283 -66.01 39.28 167.12
CA LEU JB 283 -65.51 39.59 168.45
C LEU JB 283 -66.06 38.66 169.52
N LEU JB 284 -67.16 37.97 169.25
CA LEU JB 284 -67.66 36.93 170.14
C LEU JB 284 -67.28 35.54 169.65
N ARG JB 285 -66.42 35.48 168.62
CA ARG JB 285 -65.79 34.26 168.12
C ARG JB 285 -66.82 33.24 167.64
N ARG JB 286 -67.54 33.64 166.61
CA ARG JB 286 -68.46 32.85 165.82
C ARG JB 286 -67.84 32.57 164.46
N PRO JB 287 -68.02 31.38 163.91
CA PRO JB 287 -67.29 30.96 162.70
C PRO JB 287 -67.66 31.80 161.49
N PRO JB 288 -66.67 32.29 160.74
CA PRO JB 288 -66.96 33.12 159.57
C PRO JB 288 -67.22 32.31 158.31
N GLY JB 289 -67.43 32.99 157.18
CA GLY JB 289 -67.76 32.33 155.93
C GLY JB 289 -67.10 32.94 154.70
N ARG JB 290 -67.85 33.12 153.63
CA ARG JB 290 -67.34 33.85 152.47
C ARG JB 290 -67.11 35.30 152.85
N GLU JB 291 -65.91 35.81 152.57
CA GLU JB 291 -65.45 37.15 152.92
C GLU JB 291 -65.56 37.43 154.42
N ALA JB 292 -65.38 36.38 155.23
CA ALA JB 292 -65.41 36.39 156.69
C ALA JB 292 -66.73 36.91 157.24
N TYR JB 293 -67.81 36.74 156.48
CA TYR JB 293 -69.15 37.07 156.93
C TYR JB 293 -69.72 35.93 157.76
N PRO JB 294 -70.55 36.22 158.75
CA PRO JB 294 -71.10 35.14 159.58
C PRO JB 294 -72.10 34.31 158.80
N GLY JB 295 -72.51 33.19 159.40
CA GLY JB 295 -73.38 32.25 158.73
C GLY JB 295 -74.78 32.77 158.44
N ASP JB 296 -75.21 33.84 159.11
CA ASP JB 296 -76.57 34.33 159.02
C ASP JB 296 -76.60 35.80 158.63
N VAL JB 297 -75.88 36.17 157.57
CA VAL JB 297 -76.01 37.51 157.02
C VAL JB 297 -77.16 37.60 156.03
N PHE JB 298 -77.89 36.50 155.82
CA PHE JB 298 -79.10 36.51 155.03
C PHE JB 298 -80.32 36.81 155.89
N TYR JB 299 -80.46 36.09 157.00
CA TYR JB 299 -81.57 36.26 157.92
C TYR JB 299 -81.55 37.62 158.59
N LEU JB 300 -80.40 38.29 158.61
CA LEU JB 300 -80.32 39.68 159.02
C LEU JB 300 -81.18 40.55 158.12
N HIS JB 301 -81.10 40.35 156.80
CA HIS JB 301 -81.76 41.23 155.85
C HIS JB 301 -83.11 40.72 155.37
N SER JB 302 -83.39 39.42 155.52
CA SER JB 302 -84.67 38.89 155.10
C SER JB 302 -85.76 39.25 156.09
N ARG JB 303 -85.51 39.08 157.39
CA ARG JB 303 -86.51 39.41 158.38
C ARG JB 303 -86.70 40.92 158.52
N LEU JB 304 -85.78 41.72 158.02
CA LEU JB 304 -86.02 43.15 157.98
C LEU JB 304 -86.87 43.55 156.78
N LEU JB 305 -86.64 42.95 155.62
CA LEU JB 305 -87.34 43.33 154.40
C LEU JB 305 -88.61 42.53 154.15
N GLU JB 306 -88.94 41.58 155.01
CA GLU JB 306 -90.22 40.89 154.94
C GLU JB 306 -91.36 41.73 155.50
N ARG JB 307 -91.06 42.85 156.14
CA ARG JB 307 -92.03 43.64 156.86
C ARG JB 307 -92.65 44.72 156.01
N ALA JB 308 -92.25 44.85 154.76
CA ALA JB 308 -92.86 45.79 153.83
C ALA JB 308 -93.94 45.05 153.08
N ALA JB 309 -95.20 45.33 153.42
CA ALA JB 309 -96.33 44.59 152.92
C ALA JB 309 -97.43 45.56 152.55
N LYS JB 310 -98.41 45.06 151.81
CA LYS JB 310 -99.66 45.78 151.60
C LYS JB 310 -100.77 44.96 152.24
N MET JB 311 -101.53 45.58 153.13
CA MET JB 311 -102.59 44.88 153.83
C MET JB 311 -103.90 45.06 153.09
N ASN JB 312 -104.77 44.06 153.20
CA ASN JB 312 -106.03 44.06 152.47
C ASN JB 312 -107.03 44.95 153.19
N ASP JB 313 -108.29 44.92 152.75
CA ASP JB 313 -109.27 45.87 153.25
C ASP JB 313 -109.87 45.47 154.58
N ALA JB 314 -109.68 44.24 155.04
CA ALA JB 314 -110.07 43.93 156.40
C ALA JB 314 -109.11 44.58 157.40
N PHE JB 315 -107.82 44.53 157.11
CA PHE JB 315 -106.77 44.97 158.02
C PHE JB 315 -106.41 46.44 157.83
N GLY JB 316 -107.24 47.20 157.11
CA GLY JB 316 -107.01 48.63 157.02
C GLY JB 316 -106.75 49.12 155.62
N GLY JB 317 -105.97 48.37 154.85
CA GLY JB 317 -105.63 48.79 153.52
C GLY JB 317 -104.45 49.73 153.45
N GLY JB 318 -103.55 49.67 154.43
CA GLY JB 318 -102.37 50.51 154.45
C GLY JB 318 -101.15 49.76 153.92
N SER JB 319 -100.12 50.54 153.61
CA SER JB 319 -98.98 49.99 152.88
C SER JB 319 -97.69 50.55 153.45
N LEU JB 320 -96.61 49.78 153.28
CA LEU JB 320 -95.27 50.18 153.68
C LEU JB 320 -94.31 49.75 152.59
N THR JB 321 -93.58 50.71 152.03
CA THR JB 321 -92.66 50.46 150.92
C THR JB 321 -91.23 50.60 151.38
N ALA JB 322 -90.38 49.66 151.00
CA ALA JB 322 -88.99 49.64 151.41
C ALA JB 322 -88.06 49.74 150.21
N LEU JB 323 -87.10 50.65 150.28
CA LEU JB 323 -86.07 50.77 149.25
C LEU JB 323 -84.69 50.63 149.85
N PRO JB 324 -84.18 49.40 149.94
CA PRO JB 324 -82.80 49.21 150.43
C PRO JB 324 -81.77 49.70 149.43
N VAL JB 325 -80.53 49.83 149.91
CA VAL JB 325 -79.40 50.32 149.14
C VAL JB 325 -78.20 49.44 149.45
N ILE JB 326 -77.47 48.99 148.42
CA ILE JB 326 -76.24 48.22 148.55
C ILE JB 326 -75.16 48.95 147.76
N GLU JB 327 -73.92 48.86 148.21
CA GLU JB 327 -72.75 49.31 147.48
C GLU JB 327 -71.91 48.13 147.02
N THR JB 328 -71.47 48.19 145.76
CA THR JB 328 -70.67 47.13 145.14
C THR JB 328 -69.24 47.60 144.94
N GLN JB 329 -68.35 46.63 144.71
CA GLN JB 329 -66.91 46.88 144.60
C GLN JB 329 -66.51 46.74 143.13
N ALA JB 330 -66.40 47.88 142.45
CA ALA JB 330 -66.01 48.04 141.03
C ALA JB 330 -66.97 47.35 140.07
N GLY JB 331 -68.20 47.07 140.49
CA GLY JB 331 -69.21 46.53 139.61
C GLY JB 331 -69.52 45.06 139.73
N ASP JB 332 -69.13 44.41 140.81
CA ASP JB 332 -69.40 42.99 140.99
C ASP JB 332 -70.81 42.81 141.51
N VAL JB 333 -71.68 42.21 140.71
CA VAL JB 333 -73.06 41.98 141.11
C VAL JB 333 -73.14 40.47 141.33
N SER JB 334 -72.00 39.85 141.56
CA SER JB 334 -71.99 38.45 141.97
C SER JB 334 -71.24 38.26 143.27
N ALA JB 335 -71.12 39.31 144.07
CA ALA JB 335 -70.50 39.20 145.38
C ALA JB 335 -71.48 38.54 146.35
N TYR JB 336 -71.05 38.40 147.60
CA TYR JB 336 -71.82 37.63 148.57
C TYR JB 336 -73.06 38.39 149.02
N ILE JB 337 -72.92 39.67 149.32
CA ILE JB 337 -74.04 40.46 149.84
C ILE JB 337 -74.97 40.94 148.72
N PRO JB 338 -74.54 41.43 147.54
CA PRO JB 338 -75.54 41.80 146.52
C PRO JB 338 -76.31 40.63 145.91
N THR JB 339 -76.00 39.39 146.22
CA THR JB 339 -76.85 38.28 145.86
C THR JB 339 -77.57 37.70 147.06
N ASN JB 340 -77.58 38.41 148.17
CA ASN JB 340 -78.50 38.12 149.25
C ASN JB 340 -79.67 39.07 149.27
N VAL JB 341 -79.58 40.18 148.54
CA VAL JB 341 -80.65 41.16 148.49
C VAL JB 341 -81.36 41.15 147.15
N ILE JB 342 -80.65 40.89 146.05
CA ILE JB 342 -81.28 40.64 144.74
C ILE JB 342 -82.25 39.46 144.81
N SER JB 343 -81.93 38.44 145.59
CA SER JB 343 -82.83 37.32 145.76
C SER JB 343 -83.82 37.54 146.89
N ILE JB 344 -84.06 38.78 147.30
CA ILE JB 344 -85.12 39.16 148.24
C ILE JB 344 -86.06 40.18 147.63
N THR JB 345 -85.53 41.27 147.10
CA THR JB 345 -86.37 42.34 146.61
C THR JB 345 -87.07 41.94 145.31
N ASP JB 346 -88.10 42.72 144.96
CA ASP JB 346 -88.90 42.49 143.77
C ASP JB 346 -88.45 43.37 142.60
N GLY JB 347 -87.19 43.26 142.24
CA GLY JB 347 -86.62 44.11 141.20
C GLY JB 347 -85.31 44.74 141.65
N GLN JB 348 -84.70 45.45 140.69
CA GLN JB 348 -83.44 46.14 140.92
C GLN JB 348 -83.45 47.44 140.12
N ILE JB 349 -82.63 48.39 140.53
CA ILE JB 349 -82.37 49.57 139.71
C ILE JB 349 -80.86 49.73 139.57
N PHE JB 350 -80.29 49.20 138.51
CA PHE JB 350 -78.83 49.22 138.36
C PHE JB 350 -78.34 50.58 137.94
N LEU JB 351 -77.28 51.03 138.58
CA LEU JB 351 -76.60 52.26 138.20
C LEU JB 351 -75.18 51.92 137.81
N GLU JB 352 -74.72 52.47 136.69
CA GLU JB 352 -73.43 52.13 136.13
C GLU JB 352 -72.45 53.25 136.40
N THR JB 353 -71.20 52.88 136.72
CA THR JB 353 -70.17 53.88 136.91
C THR JB 353 -69.60 54.35 135.59
N GLU JB 354 -69.90 53.63 134.51
CA GLU JB 354 -69.44 54.09 133.19
C GLU JB 354 -70.39 55.14 132.63
N LEU JB 355 -71.68 54.99 132.87
CA LEU JB 355 -72.66 55.92 132.31
C LEU JB 355 -72.64 57.24 133.05
N PHE JB 356 -72.20 57.24 134.31
CA PHE JB 356 -72.20 58.46 135.09
C PHE JB 356 -71.06 59.38 134.70
N TYR JB 357 -69.92 58.81 134.29
CA TYR JB 357 -68.78 59.64 133.90
C TYR JB 357 -68.94 60.15 132.47
N LYS JB 358 -69.65 59.40 131.63
CA LYS JB 358 -69.87 59.83 130.25
C LYS JB 358 -70.83 61.01 130.18
N GLY JB 359 -71.80 61.09 131.10
CA GLY JB 359 -72.73 62.20 131.14
C GLY JB 359 -74.18 61.85 131.39
N ILE JB 360 -74.63 60.64 131.08
CA ILE JB 360 -76.04 60.26 131.26
C ILE JB 360 -76.29 60.10 132.75
N ARG JB 361 -76.96 61.09 133.35
CA ARG JB 361 -77.30 61.10 134.76
C ARG JB 361 -78.79 61.41 134.90
N PRO JB 362 -79.58 60.59 135.63
CA PRO JB 362 -79.32 59.42 136.47
C PRO JB 362 -78.94 58.18 135.69
N ALA JB 363 -77.74 57.67 135.95
CA ALA JB 363 -77.12 56.65 135.11
C ALA JB 363 -77.79 55.31 135.36
N ILE JB 364 -79.04 55.17 134.95
CA ILE JB 364 -79.82 53.97 135.20
C ILE JB 364 -79.68 53.06 134.00
N ASN JB 365 -79.23 51.84 134.24
CA ASN JB 365 -79.10 50.83 133.20
C ASN JB 365 -80.48 50.24 132.95
N VAL JB 366 -81.05 50.51 131.78
CA VAL JB 366 -82.44 50.12 131.53
C VAL JB 366 -82.53 48.67 131.11
N GLY JB 367 -81.40 48.06 130.75
CA GLY JB 367 -81.43 46.68 130.30
C GLY JB 367 -81.41 45.68 131.44
N LEU JB 368 -80.98 46.11 132.62
CA LEU JB 368 -80.86 45.21 133.75
C LEU JB 368 -81.72 45.61 134.95
N SER JB 369 -82.58 46.61 134.81
CA SER JB 369 -83.47 47.03 135.88
C SER JB 369 -84.89 46.55 135.57
N VAL JB 370 -85.47 45.77 136.48
CA VAL JB 370 -86.78 45.16 136.29
C VAL JB 370 -87.69 45.47 137.47
N SER JB 371 -88.95 45.10 137.35
CA SER JB 371 -89.91 45.08 138.44
C SER JB 371 -90.82 43.87 138.27
N ARG JB 372 -90.76 42.94 139.22
CA ARG JB 372 -91.52 41.70 139.06
C ARG JB 372 -93.01 41.92 139.25
N VAL JB 373 -93.38 42.82 140.15
CA VAL JB 373 -94.79 43.03 140.48
C VAL JB 373 -95.28 44.44 140.12
N GLY JB 374 -94.42 45.44 140.10
CA GLY JB 374 -94.85 46.78 139.81
C GLY JB 374 -95.22 47.10 138.37
N SER JB 375 -95.37 46.10 137.52
CA SER JB 375 -95.87 46.34 136.18
C SER JB 375 -97.39 46.48 136.18
N ALA JB 376 -98.06 45.64 136.97
CA ALA JB 376 -99.52 45.60 137.04
C ALA JB 376 -100.13 46.76 137.81
N ALA JB 377 -99.33 47.67 138.35
CA ALA JB 377 -99.83 48.80 139.12
C ALA JB 377 -99.10 50.06 138.65
N GLN JB 378 -99.61 50.68 137.60
CA GLN JB 378 -99.27 52.06 137.28
C GLN JB 378 -100.42 52.64 136.49
N THR JB 379 -100.32 53.93 136.23
CA THR JB 379 -101.44 54.69 135.67
C THR JB 379 -101.67 54.32 134.21
N ARG JB 380 -102.94 54.31 133.82
CA ARG JB 380 -103.32 53.96 132.45
C ARG JB 380 -102.85 55.02 131.45
N ALA JB 381 -102.63 56.25 131.90
CA ALA JB 381 -102.12 57.28 131.00
C ALA JB 381 -100.68 57.03 130.60
N MET JB 382 -99.93 56.25 131.37
CA MET JB 382 -98.52 56.01 131.11
C MET JB 382 -98.26 54.66 130.48
N LYS JB 383 -99.13 53.66 130.74
CA LYS JB 383 -98.94 52.32 130.19
C LYS JB 383 -99.07 52.29 128.67
N GLN JB 384 -99.82 53.24 128.09
CA GLN JB 384 -99.97 53.31 126.65
C GLN JB 384 -98.82 54.01 125.97
N VAL JB 385 -98.06 54.83 126.71
CA VAL JB 385 -96.94 55.58 126.14
C VAL JB 385 -95.60 54.98 126.55
N ALA JB 386 -95.54 54.35 127.71
CA ALA JB 386 -94.32 53.66 128.11
C ALA JB 386 -94.34 52.19 127.70
N GLY JB 387 -95.32 51.79 126.90
CA GLY JB 387 -95.24 50.49 126.26
C GLY JB 387 -94.51 50.56 124.94
N THR JB 388 -94.42 51.76 124.36
CA THR JB 388 -93.78 51.95 123.07
C THR JB 388 -92.31 52.29 123.23
N MET JB 389 -91.97 53.07 124.27
CA MET JB 389 -90.57 53.39 124.53
C MET JB 389 -89.81 52.19 125.05
N LYS JB 390 -90.51 51.23 125.66
CA LYS JB 390 -89.85 49.99 126.07
C LYS JB 390 -89.40 49.19 124.86
N LEU JB 391 -90.23 49.12 123.82
CA LEU JB 391 -89.88 48.32 122.64
C LEU JB 391 -88.96 49.08 121.69
N GLU JB 392 -89.12 50.41 121.60
CA GLU JB 392 -88.24 51.19 120.73
C GLU JB 392 -86.82 51.26 121.30
N LEU JB 393 -86.67 51.20 122.62
CA LEU JB 393 -85.34 51.08 123.22
C LEU JB 393 -84.78 49.69 123.02
N ALA JB 394 -85.65 48.69 122.92
CA ALA JB 394 -85.19 47.30 122.90
C ALA JB 394 -84.56 46.93 121.55
N GLN JB 395 -84.90 47.68 120.50
CA GLN JB 395 -84.22 47.48 119.22
C GLN JB 395 -82.92 48.29 119.18
N TYR JB 396 -82.80 49.29 120.04
CA TYR JB 396 -81.63 50.16 120.03
C TYR JB 396 -80.40 49.47 120.62
N ARG JB 397 -80.62 48.43 121.41
CA ARG JB 397 -79.50 47.77 122.07
C ARG JB 397 -78.91 46.68 121.20
N GLU JB 398 -79.66 46.21 120.20
CA GLU JB 398 -79.14 45.16 119.32
C GLU JB 398 -78.38 45.75 118.14
N VAL JB 399 -78.87 46.85 117.58
CA VAL JB 399 -78.24 47.41 116.39
C VAL JB 399 -77.09 48.33 116.75
N ALA JB 400 -76.81 48.49 118.04
CA ALA JB 400 -75.66 49.28 118.46
C ALA JB 400 -74.46 48.38 118.74
N LEU JB 409 -74.96 53.91 107.18
CA LEU JB 409 -74.94 53.82 105.73
C LEU JB 409 -76.01 52.86 105.24
N ASP JB 410 -76.82 52.34 106.16
CA ASP JB 410 -77.78 51.30 105.89
C ASP JB 410 -79.19 51.89 105.84
N ALA JB 411 -80.18 51.03 105.59
CA ALA JB 411 -81.54 51.52 105.38
C ALA JB 411 -82.37 51.51 106.66
N ALA JB 412 -82.54 50.34 107.26
CA ALA JB 412 -83.37 50.24 108.47
C ALA JB 412 -82.55 50.48 109.73
N THR JB 413 -81.27 50.10 109.70
CA THR JB 413 -80.45 50.20 110.89
C THR JB 413 -80.06 51.65 111.16
N GLN JB 414 -80.14 52.50 110.13
CA GLN JB 414 -79.92 53.93 110.35
C GLN JB 414 -81.17 54.58 110.95
N GLN JB 415 -82.31 53.90 110.86
CA GLN JB 415 -83.52 54.41 111.51
C GLN JB 415 -83.54 54.07 112.99
N LEU JB 416 -83.18 52.84 113.34
CA LEU JB 416 -83.30 52.42 114.74
C LEU JB 416 -82.13 52.93 115.57
N LEU JB 417 -81.07 53.39 114.93
CA LEU JB 417 -79.96 53.99 115.66
C LEU JB 417 -80.21 55.46 115.93
N SER JB 418 -81.14 56.06 115.20
CA SER JB 418 -81.29 57.52 115.25
C SER JB 418 -82.46 57.94 116.12
N ARG JB 419 -83.44 57.04 116.32
CA ARG JB 419 -84.55 57.36 117.19
C ARG JB 419 -84.19 57.09 118.65
N GLY JB 420 -83.45 56.02 118.91
CA GLY JB 420 -83.12 55.66 120.28
C GLY JB 420 -82.05 56.55 120.89
N VAL JB 421 -81.41 57.38 120.08
CA VAL JB 421 -80.44 58.33 120.61
C VAL JB 421 -81.13 59.60 121.06
N ARG JB 422 -82.42 59.74 120.72
CA ARG JB 422 -83.21 60.79 121.35
C ARG JB 422 -83.74 60.32 122.69
N LEU JB 423 -84.21 59.07 122.77
CA LEU JB 423 -84.90 58.62 123.96
C LEU JB 423 -83.92 58.27 125.08
N THR JB 424 -82.62 58.21 124.78
CA THR JB 424 -81.64 58.05 125.85
C THR JB 424 -81.23 59.41 126.40
N GLU JB 425 -81.22 60.44 125.54
CA GLU JB 425 -80.97 61.79 126.03
C GLU JB 425 -82.26 62.44 126.54
N LEU JB 426 -83.37 61.70 126.50
CA LEU JB 426 -84.62 62.25 127.00
C LEU JB 426 -84.77 61.97 128.48
N LEU JB 427 -84.34 60.80 128.94
CA LEU JB 427 -84.56 60.35 130.33
C LEU JB 427 -83.41 60.82 131.23
N LYS JB 428 -83.14 62.13 131.17
CA LYS JB 428 -82.15 62.77 132.01
C LYS JB 428 -82.80 63.91 132.75
N GLN JB 429 -82.56 63.97 134.06
CA GLN JB 429 -83.21 64.98 134.88
C GLN JB 429 -82.20 65.58 135.85
N GLY JB 430 -82.25 66.90 136.00
CA GLY JB 430 -81.39 67.60 136.94
C GLY JB 430 -81.72 67.29 138.38
N GLN JB 431 -80.88 67.81 139.27
CA GLN JB 431 -80.94 67.42 140.68
C GLN JB 431 -82.00 68.25 141.41
N TYR JB 432 -82.82 67.56 142.21
CA TYR JB 432 -83.76 68.15 143.18
C TYR JB 432 -84.85 68.99 142.51
N ALA JB 433 -85.54 68.40 141.52
CA ALA JB 433 -86.76 68.95 140.95
C ALA JB 433 -87.59 67.88 140.24
N PRO JB 434 -88.23 66.96 140.95
CA PRO JB 434 -89.03 65.94 140.27
C PRO JB 434 -90.38 66.49 139.85
N MET JB 435 -90.95 65.85 138.84
CA MET JB 435 -92.14 66.33 138.15
C MET JB 435 -93.35 65.44 138.40
N ALA JB 436 -94.50 65.94 138.00
CA ALA JB 436 -95.76 65.24 138.20
C ALA JB 436 -96.06 64.33 137.01
N ILE JB 437 -96.99 63.38 137.22
CA ILE JB 437 -97.14 62.24 136.32
C ILE JB 437 -97.75 62.65 134.99
N GLU JB 438 -98.41 63.81 134.94
CA GLU JB 438 -98.96 64.27 133.66
C GLU JB 438 -97.95 65.14 132.93
N GLU JB 439 -96.98 65.68 133.65
CA GLU JB 439 -95.89 66.39 132.99
C GLU JB 439 -94.87 65.42 132.44
N GLN JB 440 -94.84 64.20 132.99
CA GLN JB 440 -93.92 63.18 132.49
C GLN JB 440 -94.40 62.61 131.16
N VAL JB 441 -95.71 62.39 131.04
CA VAL JB 441 -96.22 61.71 129.85
C VAL JB 441 -96.43 62.72 128.73
N ALA JB 442 -96.33 64.01 129.03
CA ALA JB 442 -96.41 65.02 127.99
C ALA JB 442 -95.13 65.06 127.17
N VAL JB 443 -94.01 64.61 127.77
CA VAL JB 443 -92.73 64.74 127.09
C VAL JB 443 -92.28 63.40 126.52
N ILE JB 444 -92.92 62.31 126.94
CA ILE JB 444 -92.67 61.01 126.31
C ILE JB 444 -93.56 60.82 125.10
N TYR JB 445 -94.74 61.45 125.11
CA TYR JB 445 -95.61 61.47 123.94
C TYR JB 445 -94.99 62.24 122.79
N ALA JB 446 -94.07 63.14 123.09
CA ALA JB 446 -93.26 63.74 122.03
C ALA JB 446 -92.24 62.75 121.51
N GLY JB 447 -91.89 61.73 122.30
CA GLY JB 447 -90.82 60.84 121.92
C GLY JB 447 -91.26 59.70 121.04
N VAL JB 448 -92.22 58.90 121.51
CA VAL JB 448 -92.56 57.66 120.83
C VAL JB 448 -93.35 57.93 119.55
N ARG JB 449 -94.06 59.05 119.50
CA ARG JB 449 -94.70 59.44 118.25
C ARG JB 449 -93.70 60.00 117.27
N GLY JB 450 -92.51 60.37 117.75
CA GLY JB 450 -91.44 60.80 116.88
C GLY JB 450 -91.53 62.22 116.40
N TYR JB 451 -91.90 63.16 117.26
CA TYR JB 451 -92.09 64.54 116.82
C TYR JB 451 -90.77 65.27 116.63
N LEU JB 452 -89.74 64.90 117.39
CA LEU JB 452 -88.47 65.61 117.37
C LEU JB 452 -87.36 64.80 116.70
N ASP JB 453 -87.70 63.97 115.72
CA ASP JB 453 -86.68 63.21 114.98
C ASP JB 453 -85.87 64.08 114.05
N LYS JB 454 -86.32 65.30 113.75
CA LYS JB 454 -85.55 66.24 112.96
C LYS JB 454 -84.81 67.25 113.81
N LEU JB 455 -84.52 66.91 115.07
CA LEU JB 455 -83.78 67.78 115.98
C LEU JB 455 -82.48 67.11 116.37
N GLU JB 456 -81.38 67.85 116.30
CA GLU JB 456 -80.08 67.29 116.62
C GLU JB 456 -80.01 66.97 118.11
N PRO JB 457 -79.26 65.94 118.52
CA PRO JB 457 -79.21 65.59 119.94
C PRO JB 457 -78.39 66.55 120.80
N SER JB 458 -77.82 67.61 120.22
CA SER JB 458 -77.15 68.62 121.04
C SER JB 458 -78.14 69.54 121.75
N LYS JB 459 -79.36 69.67 121.23
CA LYS JB 459 -80.34 70.60 121.77
C LYS JB 459 -81.66 69.96 122.12
N ILE JB 460 -81.72 68.63 122.24
CA ILE JB 460 -82.96 67.94 122.56
C ILE JB 460 -83.47 68.31 123.94
N THR JB 461 -82.55 68.48 124.90
CA THR JB 461 -82.95 68.77 126.27
C THR JB 461 -83.40 70.23 126.41
N LYS JB 462 -82.83 71.11 125.60
CA LYS JB 462 -83.26 72.50 125.59
C LYS JB 462 -84.69 72.65 125.09
N PHE JB 463 -85.10 71.77 124.17
CA PHE JB 463 -86.50 71.74 123.73
C PHE JB 463 -87.41 71.25 124.85
N GLU JB 464 -86.91 70.35 125.71
CA GLU JB 464 -87.76 69.71 126.72
C GLU JB 464 -88.11 70.68 127.85
N ASN JB 465 -87.14 71.47 128.31
CA ASN JB 465 -87.43 72.44 129.36
C ASN JB 465 -88.12 73.67 128.81
N ALA JB 466 -88.04 73.88 127.49
CA ALA JB 466 -88.85 74.90 126.85
C ALA JB 466 -90.27 74.39 126.60
N PHE JB 467 -90.45 73.07 126.67
CA PHE JB 467 -91.78 72.50 126.50
C PHE JB 467 -92.56 72.54 127.80
N LEU JB 468 -91.93 72.14 128.91
CA LEU JB 468 -92.66 72.03 130.17
C LEU JB 468 -92.93 73.39 130.79
N SER JB 469 -92.19 74.42 130.37
CA SER JB 469 -92.54 75.78 130.76
C SER JB 469 -93.76 76.26 129.99
N HIS JB 470 -93.84 75.90 128.70
CA HIS JB 470 -94.88 76.44 127.84
C HIS JB 470 -96.20 75.71 128.04
N VAL JB 471 -96.14 74.47 128.50
CA VAL JB 471 -97.38 73.68 128.60
C VAL JB 471 -98.05 73.93 129.95
N ILE JB 472 -97.28 74.33 130.96
CA ILE JB 472 -97.88 74.58 132.28
C ILE JB 472 -98.52 75.96 132.31
N SER JB 473 -97.82 76.97 131.80
CA SER JB 473 -98.30 78.35 131.94
C SER JB 473 -99.50 78.64 131.06
N GLN JB 474 -99.55 78.05 129.86
CA GLN JB 474 -100.57 78.40 128.90
C GLN JB 474 -101.68 77.38 128.73
N HIS JB 475 -101.47 76.11 129.05
CA HIS JB 475 -102.46 75.08 128.77
C HIS JB 475 -102.63 74.13 129.95
N GLN JB 476 -102.82 74.69 131.16
CA GLN JB 476 -102.77 73.86 132.35
C GLN JB 476 -104.08 73.12 132.60
N ALA JB 477 -105.22 73.73 132.27
CA ALA JB 477 -106.50 73.15 132.63
C ALA JB 477 -106.80 71.91 131.81
N LEU JB 478 -106.36 71.88 130.56
CA LEU JB 478 -106.49 70.69 129.73
C LEU JB 478 -105.34 69.73 129.95
N LEU JB 479 -104.27 70.17 130.63
CA LEU JB 479 -103.26 69.28 131.14
C LEU JB 479 -103.68 68.61 132.44
N GLY JB 480 -104.71 69.12 133.09
CA GLY JB 480 -105.25 68.51 134.29
C GLY JB 480 -106.27 67.43 134.04
N LYS JB 481 -106.71 67.26 132.79
CA LYS JB 481 -107.61 66.16 132.47
C LYS JB 481 -106.93 64.81 132.60
N ILE JB 482 -105.62 64.76 132.30
CA ILE JB 482 -104.88 63.51 132.34
C ILE JB 482 -104.75 63.00 133.77
N ARG JB 483 -104.52 63.93 134.71
CA ARG JB 483 -104.51 63.56 136.13
C ARG JB 483 -105.91 63.21 136.60
N ALA JB 484 -106.92 63.90 136.06
CA ALA JB 484 -108.29 63.67 136.52
C ALA JB 484 -108.83 62.34 136.00
N ASP JB 485 -108.75 62.13 134.68
CA ASP JB 485 -109.32 60.91 134.11
C ASP JB 485 -108.43 59.69 134.40
N GLY JB 486 -107.12 59.85 134.35
CA GLY JB 486 -106.21 58.75 134.54
C GLY JB 486 -105.84 58.00 133.27
N LYS JB 487 -106.29 58.48 132.10
CA LYS JB 487 -105.93 57.87 130.83
C LYS JB 487 -106.02 58.93 129.74
N ILE JB 488 -105.39 58.62 128.61
CA ILE JB 488 -105.38 59.53 127.47
C ILE JB 488 -106.57 59.12 126.60
N SER JB 489 -107.72 59.76 126.83
CA SER JB 489 -108.90 59.45 126.06
C SER JB 489 -108.81 60.04 124.66
N GLU JB 490 -109.76 59.65 123.81
CA GLU JB 490 -109.62 59.87 122.37
C GLU JB 490 -109.83 61.33 122.01
N GLU JB 491 -110.62 62.05 122.82
CA GLU JB 491 -110.70 63.49 122.64
C GLU JB 491 -109.44 64.17 123.18
N THR JB 492 -108.89 63.65 124.27
CA THR JB 492 -107.68 64.21 124.84
C THR JB 492 -106.48 63.92 123.96
N ASP JB 493 -106.40 62.68 123.46
CA ASP JB 493 -105.32 62.27 122.56
C ASP JB 493 -105.33 63.08 121.27
N ALA JB 494 -106.51 63.51 120.84
CA ALA JB 494 -106.62 64.30 119.62
C ALA JB 494 -106.02 65.69 119.79
N LYS JB 495 -106.09 66.24 121.01
CA LYS JB 495 -105.53 67.58 121.23
C LYS JB 495 -104.12 67.49 121.80
N LEU JB 496 -103.77 66.36 122.42
CA LEU JB 496 -102.37 66.16 122.83
C LEU JB 496 -101.45 66.08 121.62
N LYS JB 497 -101.97 65.60 120.49
CA LYS JB 497 -101.25 65.68 119.23
C LYS JB 497 -101.15 67.12 118.74
N GLU JB 498 -102.10 67.97 119.13
CA GLU JB 498 -102.13 69.33 118.59
C GLU JB 498 -101.09 70.22 119.25
N ILE JB 499 -100.90 70.10 120.56
CA ILE JB 499 -100.05 71.05 121.27
C ILE JB 499 -98.57 70.76 121.04
N VAL JB 500 -98.26 69.60 120.47
CA VAL JB 500 -96.88 69.29 120.14
C VAL JB 500 -96.57 69.73 118.71
N THR JB 501 -97.55 69.61 117.80
CA THR JB 501 -97.25 69.88 116.39
C THR JB 501 -97.19 71.38 116.10
N ASN JB 502 -97.83 72.20 116.93
CA ASN JB 502 -97.74 73.64 116.68
C ASN JB 502 -96.60 74.26 117.47
N PHE JB 503 -96.17 73.60 118.55
CA PHE JB 503 -95.05 74.12 119.33
C PHE JB 503 -93.74 73.97 118.58
N LEU JB 504 -93.58 72.87 117.85
CA LEU JB 504 -92.38 72.68 117.06
C LEU JB 504 -92.34 73.62 115.87
N ALA JB 505 -93.50 74.08 115.42
CA ALA JB 505 -93.53 75.19 114.48
C ALA JB 505 -93.24 76.51 115.20
N GLY JB 506 -93.62 76.59 116.47
CA GLY JB 506 -93.37 77.81 117.23
C GLY JB 506 -91.98 77.85 117.84
N PHE JB 507 -91.37 76.69 118.06
CA PHE JB 507 -90.03 76.65 118.65
C PHE JB 507 -88.98 76.83 117.57
N GLU JB 508 -88.05 77.74 117.81
CA GLU JB 508 -86.95 78.02 116.90
C GLU JB 508 -85.65 77.61 117.57
N ALA JB 509 -84.77 77.00 116.77
CA ALA JB 509 -83.54 76.38 117.26
C ALA JB 509 -82.58 77.35 117.93
N SER KB 8 -97.19 -21.62 159.30
CA SER KB 8 -96.09 -21.75 158.34
C SER KB 8 -94.89 -22.33 159.05
N SER KB 9 -94.15 -23.21 158.38
CA SER KB 9 -93.09 -23.97 159.05
C SER KB 9 -91.80 -23.17 159.17
N ILE KB 10 -91.71 -22.05 158.45
CA ILE KB 10 -90.43 -21.36 158.35
C ILE KB 10 -90.20 -20.48 159.58
N LEU KB 11 -91.26 -19.88 160.11
CA LEU KB 11 -91.09 -19.00 161.27
C LEU KB 11 -90.81 -19.80 162.53
N GLU KB 12 -91.39 -21.00 162.64
CA GLU KB 12 -91.22 -21.81 163.83
C GLU KB 12 -89.85 -22.46 163.87
N GLU KB 13 -89.27 -22.75 162.70
CA GLU KB 13 -87.96 -23.37 162.69
C GLU KB 13 -86.85 -22.34 162.88
N ARG KB 14 -87.17 -21.06 162.65
CA ARG KB 14 -86.21 -19.99 162.92
C ARG KB 14 -86.12 -19.69 164.41
N ILE KB 15 -87.15 -20.08 165.18
CA ILE KB 15 -87.21 -19.67 166.59
C ILE KB 15 -86.70 -20.78 167.50
N LEU KB 16 -86.61 -22.01 166.97
CA LEU KB 16 -86.02 -23.08 167.78
C LEU KB 16 -84.52 -23.17 167.57
N GLY KB 17 -84.03 -22.54 166.49
CA GLY KB 17 -82.59 -22.52 166.26
C GLY KB 17 -81.91 -21.36 166.98
N ALA KB 18 -82.70 -20.45 167.53
CA ALA KB 18 -82.15 -19.30 168.23
C ALA KB 18 -81.52 -19.71 169.55
N ASP KB 19 -80.33 -19.16 169.82
CA ASP KB 19 -79.58 -19.47 171.03
C ASP KB 19 -79.71 -18.28 171.98
N THR KB 20 -80.24 -18.54 173.18
CA THR KB 20 -80.33 -17.53 174.23
C THR KB 20 -79.20 -17.75 175.25
N SER KB 21 -77.99 -17.40 174.84
CA SER KB 21 -76.83 -17.46 175.71
C SER KB 21 -76.70 -16.15 176.48
N VAL KB 22 -76.35 -16.26 177.76
CA VAL KB 22 -76.20 -15.11 178.64
C VAL KB 22 -74.84 -15.19 179.32
N ASP KB 23 -74.17 -14.04 179.43
CA ASP KB 23 -72.89 -13.95 180.10
C ASP KB 23 -72.69 -12.55 180.63
N LEU KB 24 -71.69 -12.39 181.48
CA LEU KB 24 -71.29 -11.06 181.94
C LEU KB 24 -70.66 -10.28 180.79
N GLU KB 25 -71.16 -9.08 180.56
CA GLU KB 25 -70.58 -8.20 179.56
C GLU KB 25 -69.51 -7.34 180.21
N GLU KB 26 -69.02 -6.37 179.46
CA GLU KB 26 -68.20 -5.30 179.99
C GLU KB 26 -68.74 -4.02 179.39
N THR KB 27 -69.02 -3.06 180.25
CA THR KB 27 -70.15 -2.18 180.03
C THR KB 27 -69.81 -0.75 180.39
N GLY KB 28 -70.17 0.17 179.50
CA GLY KB 28 -69.88 1.56 179.76
C GLY KB 28 -71.07 2.47 179.58
N ARG KB 29 -71.43 3.18 180.65
CA ARG KB 29 -72.54 4.12 180.64
C ARG KB 29 -72.26 5.27 179.68
N VAL KB 30 -73.31 5.77 179.05
CA VAL KB 30 -73.18 6.83 178.04
C VAL KB 30 -73.23 8.17 178.75
N LEU KB 31 -72.45 9.14 178.28
CA LEU KB 31 -72.46 10.45 178.92
C LEU KB 31 -73.04 11.51 178.00
N SER KB 32 -73.00 11.28 176.69
CA SER KB 32 -73.54 12.23 175.74
C SER KB 32 -73.89 11.47 174.48
N ILE KB 33 -74.83 12.02 173.71
CA ILE KB 33 -75.05 11.53 172.36
C ILE KB 33 -75.52 12.67 171.48
N GLY KB 34 -74.70 13.05 170.52
CA GLY KB 34 -75.08 14.08 169.59
C GLY KB 34 -74.35 13.90 168.27
N ASP KB 35 -75.11 13.87 167.18
CA ASP KB 35 -74.61 13.84 165.79
C ASP KB 35 -73.77 12.60 165.50
N GLY KB 36 -73.97 11.52 166.25
CA GLY KB 36 -73.29 10.28 165.98
C GLY KB 36 -72.19 9.89 166.95
N ILE KB 37 -71.74 10.79 167.81
CA ILE KB 37 -70.60 10.53 168.68
C ILE KB 37 -71.11 10.29 170.09
N ALA KB 38 -70.70 9.19 170.69
CA ALA KB 38 -71.18 8.81 172.02
C ALA KB 38 -70.01 8.68 172.99
N ARG KB 39 -69.70 9.75 173.71
CA ARG KB 39 -68.65 9.71 174.71
C ARG KB 39 -69.06 8.84 175.88
N VAL KB 40 -68.37 7.73 176.06
CA VAL KB 40 -68.79 6.69 176.99
C VAL KB 40 -67.91 6.71 178.23
N HIS KB 41 -68.51 6.92 179.40
CA HIS KB 41 -67.81 6.66 180.65
C HIS KB 41 -67.72 5.17 180.88
N GLY KB 42 -66.60 4.74 181.45
CA GLY KB 42 -66.41 3.32 181.67
C GLY KB 42 -65.58 2.74 180.55
N LEU KB 43 -65.82 1.46 180.22
CA LEU KB 43 -65.13 0.75 179.14
C LEU KB 43 -63.64 0.74 179.37
N ARG KB 44 -63.22 0.02 180.42
CA ARG KB 44 -61.83 0.06 180.84
C ARG KB 44 -60.92 -0.63 179.83
N ASN KB 45 -61.14 -1.92 179.60
CA ASN KB 45 -60.21 -2.71 178.81
C ASN KB 45 -60.48 -2.66 177.31
N VAL KB 46 -61.07 -1.59 176.80
CA VAL KB 46 -61.46 -1.55 175.39
C VAL KB 46 -60.22 -1.35 174.56
N GLN KB 47 -60.20 -1.93 173.37
CA GLN KB 47 -59.14 -1.71 172.40
C GLN KB 47 -59.47 -0.49 171.56
N ALA KB 48 -58.48 -0.03 170.80
CA ALA KB 48 -58.80 0.91 169.75
C ALA KB 48 -59.26 0.14 168.54
N GLU KB 49 -60.12 0.78 167.74
CA GLU KB 49 -60.84 0.19 166.59
C GLU KB 49 -61.67 -1.05 166.96
N GLU KB 50 -62.05 -1.22 168.22
CA GLU KB 50 -62.90 -2.33 168.62
C GLU KB 50 -64.33 -2.00 168.23
N MET KB 51 -65.12 -3.04 167.97
CA MET KB 51 -66.54 -2.91 167.69
C MET KB 51 -67.34 -3.04 168.99
N VAL KB 52 -68.07 -1.98 169.33
CA VAL KB 52 -68.92 -1.95 170.52
C VAL KB 52 -70.36 -1.95 170.08
N GLU KB 53 -71.24 -2.46 170.93
CA GLU KB 53 -72.62 -2.78 170.56
C GLU KB 53 -73.58 -2.15 171.56
N PHE KB 54 -74.40 -1.22 171.08
CA PHE KB 54 -75.36 -0.53 171.92
C PHE KB 54 -76.51 -1.46 172.32
N SER KB 55 -77.41 -0.94 173.16
CA SER KB 55 -78.41 -1.81 173.76
C SER KB 55 -79.52 -2.17 172.76
N SER KB 56 -79.89 -1.24 171.88
CA SER KB 56 -81.05 -1.42 171.01
C SER KB 56 -80.80 -2.33 169.82
N GLY KB 57 -79.56 -2.75 169.58
CA GLY KB 57 -79.21 -3.47 168.38
C GLY KB 57 -78.26 -2.74 167.46
N LEU KB 58 -77.95 -1.48 167.75
CA LEU KB 58 -76.98 -0.73 166.97
C LEU KB 58 -75.57 -1.27 167.20
N LYS KB 59 -74.64 -0.77 166.40
CA LYS KB 59 -73.25 -1.20 166.43
C LYS KB 59 -72.35 0.00 166.20
N GLY KB 60 -71.16 -0.03 166.79
CA GLY KB 60 -70.26 1.10 166.70
C GLY KB 60 -68.81 0.72 166.95
N MET KB 61 -67.91 1.67 166.68
CA MET KB 61 -66.47 1.43 166.68
C MET KB 61 -65.74 2.51 167.48
N SER KB 62 -65.06 2.10 168.55
CA SER KB 62 -64.47 3.05 169.49
C SER KB 62 -63.14 3.56 168.95
N LEU KB 63 -63.12 4.81 168.49
CA LEU KB 63 -61.91 5.29 167.83
C LEU KB 63 -60.93 5.89 168.82
N ASN KB 64 -61.32 6.98 169.48
CA ASN KB 64 -60.45 7.63 170.44
C ASN KB 64 -60.42 6.84 171.73
N LEU KB 65 -59.26 6.74 172.32
CA LEU KB 65 -59.13 6.42 173.72
C LEU KB 65 -58.65 7.66 174.42
N GLU KB 66 -59.09 7.84 175.66
CA GLU KB 66 -58.80 9.03 176.45
C GLU KB 66 -58.93 8.63 177.91
N PRO KB 67 -58.36 9.41 178.84
CA PRO KB 67 -58.40 8.96 180.23
C PRO KB 67 -59.78 9.06 180.86
N ASP KB 68 -60.55 10.08 180.52
CA ASP KB 68 -61.91 10.22 181.07
C ASP KB 68 -62.96 9.49 180.24
N ASN KB 69 -63.13 9.87 178.97
CA ASN KB 69 -64.15 9.34 178.10
C ASN KB 69 -63.54 8.44 177.03
N VAL KB 70 -64.40 7.85 176.21
CA VAL KB 70 -64.02 6.96 175.10
C VAL KB 70 -64.89 7.32 173.91
N GLY KB 71 -64.30 7.89 172.86
CA GLY KB 71 -65.09 8.31 171.72
C GLY KB 71 -65.53 7.13 170.87
N VAL KB 72 -66.81 7.12 170.47
CA VAL KB 72 -67.43 6.02 169.74
C VAL KB 72 -68.28 6.61 168.62
N VAL KB 73 -68.18 6.04 167.42
CA VAL KB 73 -69.01 6.43 166.28
C VAL KB 73 -69.94 5.27 165.94
N VAL KB 74 -71.10 5.59 165.39
CA VAL KB 74 -72.23 4.66 165.29
C VAL KB 74 -72.43 4.21 163.85
N PHE KB 75 -72.71 2.91 163.68
CA PHE KB 75 -73.04 2.35 162.37
C PHE KB 75 -74.56 2.26 162.29
N GLY KB 76 -75.18 3.40 162.01
CA GLY KB 76 -76.63 3.45 162.00
C GLY KB 76 -77.20 4.80 162.33
N ASN KB 77 -78.07 4.87 163.33
CA ASN KB 77 -78.82 6.07 163.62
C ASN KB 77 -78.80 6.34 165.12
N ASP KB 78 -78.68 7.62 165.49
CA ASP KB 78 -78.39 8.02 166.87
C ASP KB 78 -79.61 8.53 167.62
N LYS KB 79 -80.82 8.11 167.24
CA LYS KB 79 -82.01 8.60 167.89
C LYS KB 79 -82.63 7.60 168.84
N LEU KB 80 -82.22 6.34 168.75
CA LEU KB 80 -82.63 5.34 169.73
C LEU KB 80 -81.73 5.33 170.95
N ILE KB 81 -80.75 6.23 171.02
CA ILE KB 81 -79.71 6.21 172.04
C ILE KB 81 -79.90 7.40 172.96
N LYS KB 82 -80.12 7.14 174.24
CA LYS KB 82 -80.31 8.20 175.21
C LYS KB 82 -79.22 8.14 176.26
N GLU KB 83 -78.84 9.32 176.76
CA GLU KB 83 -77.85 9.49 177.82
C GLU KB 83 -78.21 8.69 179.06
N GLY KB 84 -77.33 7.78 179.43
CA GLY KB 84 -77.64 6.80 180.44
C GLY KB 84 -77.81 5.39 179.91
N ASP KB 85 -77.50 5.15 178.64
CA ASP KB 85 -77.67 3.84 178.03
C ASP KB 85 -76.54 2.90 178.43
N ILE KB 86 -76.45 1.78 177.73
CA ILE KB 86 -75.50 0.72 178.03
C ILE KB 86 -74.77 0.38 176.74
N VAL KB 87 -73.44 0.43 176.77
CA VAL KB 87 -72.60 0.05 175.64
C VAL KB 87 -71.86 -1.22 176.03
N LYS KB 88 -71.91 -2.23 175.18
CA LYS KB 88 -71.33 -3.52 175.49
C LYS KB 88 -70.02 -3.72 174.74
N ARG KB 89 -69.36 -4.83 175.07
CA ARG KB 89 -68.09 -5.20 174.45
C ARG KB 89 -68.27 -6.50 173.68
N THR KB 90 -67.92 -6.46 172.40
CA THR KB 90 -67.85 -7.68 171.61
C THR KB 90 -66.54 -8.41 171.86
N GLY KB 91 -65.42 -7.76 171.60
CA GLY KB 91 -64.12 -8.36 171.81
C GLY KB 91 -63.43 -8.67 170.50
N ALA KB 92 -63.60 -7.80 169.50
CA ALA KB 92 -63.07 -8.07 168.17
C ALA KB 92 -62.89 -6.77 167.41
N ILE KB 93 -61.71 -6.58 166.82
CA ILE KB 93 -61.50 -5.48 165.90
C ILE KB 93 -62.33 -5.77 164.65
N VAL KB 94 -62.82 -4.69 164.00
CA VAL KB 94 -63.99 -4.76 163.12
C VAL KB 94 -63.72 -5.60 161.87
N ASP KB 95 -64.57 -6.62 161.64
CA ASP KB 95 -64.36 -7.63 160.63
C ASP KB 95 -65.66 -7.94 159.88
N VAL KB 96 -65.51 -8.32 158.62
CA VAL KB 96 -66.63 -8.53 157.70
C VAL KB 96 -66.55 -9.97 157.17
N PRO KB 97 -67.64 -10.60 156.74
CA PRO KB 97 -67.53 -11.97 156.24
C PRO KB 97 -66.91 -11.95 154.86
N VAL KB 98 -66.42 -13.10 154.42
CA VAL KB 98 -65.67 -13.17 153.18
C VAL KB 98 -65.92 -14.53 152.55
N GLY KB 99 -65.67 -14.63 151.26
CA GLY KB 99 -65.83 -15.90 150.58
C GLY KB 99 -66.33 -15.70 149.18
N GLU KB 100 -66.49 -16.82 148.48
CA GLU KB 100 -67.15 -16.86 147.19
C GLU KB 100 -68.65 -16.98 147.32
N GLU KB 101 -69.15 -17.19 148.54
CA GLU KB 101 -70.58 -17.39 148.75
C GLU KB 101 -71.35 -16.09 148.65
N LEU KB 102 -70.66 -14.96 148.63
CA LEU KB 102 -71.26 -13.66 148.44
C LEU KB 102 -71.44 -13.31 146.97
N LEU KB 103 -71.22 -14.25 146.05
CA LEU KB 103 -71.17 -13.88 144.64
C LEU KB 103 -72.57 -13.81 144.06
N GLY KB 104 -72.88 -12.70 143.42
CA GLY KB 104 -74.22 -12.51 142.90
C GLY KB 104 -75.20 -11.88 143.86
N ARG KB 105 -74.73 -11.02 144.76
CA ARG KB 105 -75.57 -10.43 145.79
C ARG KB 105 -75.36 -8.93 145.79
N VAL KB 106 -76.22 -8.22 146.50
CA VAL KB 106 -76.01 -6.84 146.88
C VAL KB 106 -76.01 -6.78 148.39
N VAL KB 107 -74.93 -6.25 148.97
CA VAL KB 107 -74.71 -6.30 150.40
C VAL KB 107 -74.42 -4.88 150.91
N ASP KB 108 -74.65 -4.68 152.21
CA ASP KB 108 -74.30 -3.41 152.81
C ASP KB 108 -72.86 -3.45 153.33
N ALA KB 109 -72.44 -2.38 154.00
CA ALA KB 109 -71.03 -2.20 154.29
C ALA KB 109 -70.55 -3.07 155.44
N LEU KB 110 -71.43 -3.89 156.03
CA LEU KB 110 -70.97 -4.85 157.02
C LEU KB 110 -71.36 -6.29 156.67
N GLY KB 111 -71.77 -6.55 155.44
CA GLY KB 111 -71.99 -7.91 155.00
C GLY KB 111 -73.36 -8.50 155.30
N ASN KB 112 -74.40 -7.68 155.39
CA ASN KB 112 -75.77 -8.15 155.53
C ASN KB 112 -76.49 -7.87 154.21
N ALA KB 113 -77.27 -8.84 153.76
CA ALA KB 113 -77.84 -8.74 152.43
C ALA KB 113 -78.99 -7.75 152.39
N ILE KB 114 -78.96 -6.85 151.40
CA ILE KB 114 -80.10 -5.97 151.14
C ILE KB 114 -80.82 -6.33 149.85
N ASP KB 115 -80.69 -7.57 149.38
CA ASP KB 115 -81.44 -8.02 148.21
C ASP KB 115 -82.64 -8.87 148.61
N GLY KB 116 -82.57 -9.51 149.76
CA GLY KB 116 -83.68 -10.31 150.23
C GLY KB 116 -83.70 -11.73 149.75
N LYS KB 117 -82.60 -12.24 149.20
CA LYS KB 117 -82.56 -13.67 148.84
C LYS KB 117 -82.22 -14.52 150.05
N GLY KB 118 -81.88 -13.90 151.18
CA GLY KB 118 -81.79 -14.62 152.42
C GLY KB 118 -80.54 -14.32 153.22
N PRO KB 119 -80.21 -15.21 154.15
CA PRO KB 119 -78.89 -15.14 154.77
C PRO KB 119 -77.81 -15.72 153.88
N ILE KB 120 -76.72 -14.98 153.71
CA ILE KB 120 -75.55 -15.53 153.04
C ILE KB 120 -74.87 -16.54 153.95
N GLY KB 121 -74.62 -17.74 153.42
CA GLY KB 121 -73.89 -18.71 154.20
C GLY KB 121 -72.40 -18.54 154.01
N SER KB 122 -71.76 -17.86 154.95
CA SER KB 122 -70.34 -17.57 154.88
C SER KB 122 -69.65 -18.19 156.07
N LYS KB 123 -68.38 -18.55 155.90
CA LYS KB 123 -67.67 -19.37 156.89
C LYS KB 123 -66.44 -18.69 157.49
N THR KB 124 -65.81 -17.77 156.76
CA THR KB 124 -64.56 -17.17 157.21
C THR KB 124 -64.70 -15.66 157.23
N ARG KB 125 -64.05 -15.04 158.21
CA ARG KB 125 -64.16 -13.61 158.47
C ARG KB 125 -62.79 -12.96 158.39
N ARG KB 126 -62.72 -11.80 157.79
CA ARG KB 126 -61.47 -11.15 157.47
C ARG KB 126 -61.60 -9.67 157.80
N ARG KB 127 -60.56 -9.12 158.43
CA ARG KB 127 -60.58 -7.74 158.91
C ARG KB 127 -60.66 -6.75 157.76
N VAL KB 128 -61.06 -5.53 158.09
CA VAL KB 128 -61.03 -4.46 157.10
C VAL KB 128 -59.80 -3.59 157.25
N GLY KB 129 -58.92 -3.94 158.18
CA GLY KB 129 -57.74 -3.14 158.39
C GLY KB 129 -56.44 -3.88 158.20
N LEU KB 130 -56.42 -4.89 157.35
CA LEU KB 130 -55.20 -5.67 157.18
C LEU KB 130 -54.19 -4.96 156.30
N LYS KB 131 -53.02 -5.58 156.18
CA LYS KB 131 -51.80 -4.95 155.71
C LYS KB 131 -51.45 -5.41 154.30
N ALA KB 132 -50.91 -4.48 153.51
CA ALA KB 132 -50.48 -4.77 152.15
C ALA KB 132 -49.22 -5.62 152.17
N PRO KB 133 -49.04 -6.51 151.20
CA PRO KB 133 -47.83 -7.34 151.19
C PRO KB 133 -46.64 -6.60 150.59
N GLY KB 134 -45.45 -7.01 151.01
CA GLY KB 134 -44.27 -6.21 150.80
C GLY KB 134 -43.56 -6.42 149.48
N ILE KB 135 -42.27 -6.70 149.54
CA ILE KB 135 -41.40 -6.67 148.37
C ILE KB 135 -41.09 -8.06 147.84
N ILE KB 136 -40.89 -9.03 148.73
CA ILE KB 136 -40.66 -10.42 148.34
C ILE KB 136 -41.87 -11.08 147.67
N PRO KB 137 -43.13 -11.05 148.21
CA PRO KB 137 -44.17 -11.88 147.60
C PRO KB 137 -44.88 -11.27 146.39
N ARG KB 138 -44.33 -10.28 145.73
CA ARG KB 138 -44.89 -9.83 144.48
C ARG KB 138 -44.11 -10.40 143.29
N ILE KB 139 -44.54 -10.04 142.09
CA ILE KB 139 -43.88 -10.33 140.81
C ILE KB 139 -44.31 -9.23 139.85
N SER KB 140 -43.73 -9.15 138.67
CA SER KB 140 -44.14 -8.12 137.73
C SER KB 140 -45.41 -8.54 137.00
N VAL KB 141 -45.93 -7.63 136.17
CA VAL KB 141 -47.26 -7.79 135.57
C VAL KB 141 -47.11 -8.49 134.21
N ARG KB 142 -47.54 -9.75 134.15
CA ARG KB 142 -47.40 -10.60 132.97
C ARG KB 142 -48.62 -10.61 132.05
N GLU KB 143 -49.82 -10.45 132.59
CA GLU KB 143 -51.04 -10.81 131.90
C GLU KB 143 -51.77 -9.58 131.35
N PRO KB 144 -52.71 -9.76 130.42
CA PRO KB 144 -53.59 -8.63 130.05
C PRO KB 144 -54.94 -8.64 130.75
N MET KB 145 -55.57 -7.48 130.86
CA MET KB 145 -56.95 -7.33 131.28
C MET KB 145 -57.71 -6.60 130.18
N GLN KB 146 -58.61 -7.31 129.50
CA GLN KB 146 -59.29 -6.79 128.31
C GLN KB 146 -60.54 -6.04 128.73
N THR KB 147 -60.69 -4.81 128.26
CA THR KB 147 -61.90 -4.07 128.62
C THR KB 147 -62.94 -4.15 127.51
N GLY KB 148 -62.52 -4.37 126.28
CA GLY KB 148 -63.43 -4.34 125.17
C GLY KB 148 -63.64 -2.97 124.59
N ILE KB 149 -63.22 -1.93 125.27
CA ILE KB 149 -63.15 -0.61 124.65
C ILE KB 149 -61.99 -0.64 123.66
N LYS KB 150 -62.10 0.10 122.57
CA LYS KB 150 -61.07 0.03 121.56
C LYS KB 150 -60.05 1.14 121.72
N ALA KB 151 -60.40 2.21 122.44
CA ALA KB 151 -59.41 3.23 122.74
C ALA KB 151 -58.59 2.84 123.96
N VAL KB 152 -59.11 1.92 124.76
CA VAL KB 152 -58.37 1.47 125.93
C VAL KB 152 -57.43 0.34 125.56
N ASP KB 153 -57.93 -0.68 124.84
CA ASP KB 153 -57.14 -1.89 124.65
C ASP KB 153 -55.97 -1.67 123.69
N SER KB 154 -56.10 -0.71 122.78
CA SER KB 154 -55.05 -0.50 121.79
C SER KB 154 -54.03 0.52 122.28
N LEU KB 155 -54.50 1.66 122.79
CA LEU KB 155 -53.65 2.80 123.07
C LEU KB 155 -53.21 2.91 124.53
N VAL KB 156 -54.09 2.63 125.50
CA VAL KB 156 -53.75 2.75 126.91
C VAL KB 156 -54.00 1.41 127.58
N PRO KB 157 -53.21 0.36 127.32
CA PRO KB 157 -53.53 -0.95 127.87
C PRO KB 157 -53.33 -1.02 129.38
N ILE KB 158 -54.00 -1.98 130.00
CA ILE KB 158 -54.03 -2.14 131.44
C ILE KB 158 -53.71 -3.58 131.77
N GLY KB 159 -52.63 -3.80 132.51
CA GLY KB 159 -52.27 -5.14 132.89
C GLY KB 159 -53.11 -5.64 134.03
N ARG KB 160 -52.82 -6.86 134.47
CA ARG KB 160 -53.55 -7.41 135.61
C ARG KB 160 -52.72 -7.28 136.86
N GLY KB 161 -53.21 -6.48 137.80
CA GLY KB 161 -52.48 -6.15 139.00
C GLY KB 161 -51.99 -4.72 139.06
N GLN KB 162 -52.54 -3.85 138.23
CA GLN KB 162 -52.06 -2.49 138.09
C GLN KB 162 -53.17 -1.53 138.48
N ARG KB 163 -52.88 -0.58 139.34
CA ARG KB 163 -53.89 0.39 139.76
C ARG KB 163 -54.01 1.46 138.68
N GLU KB 164 -55.17 1.55 138.06
CA GLU KB 164 -55.42 2.51 137.01
C GLU KB 164 -56.53 3.47 137.42
N LEU KB 165 -56.29 4.76 137.29
CA LEU KB 165 -57.20 5.78 137.77
C LEU KB 165 -58.03 6.34 136.64
N ILE KB 166 -59.35 6.16 136.72
CA ILE KB 166 -60.29 6.82 135.83
C ILE KB 166 -60.67 8.15 136.48
N ILE KB 167 -60.28 9.26 135.87
CA ILE KB 167 -60.51 10.55 136.46
C ILE KB 167 -61.26 11.41 135.45
N GLY KB 168 -62.09 12.31 135.96
CA GLY KB 168 -62.80 13.24 135.11
C GLY KB 168 -63.90 13.92 135.90
N ASP KB 169 -64.80 14.55 135.16
CA ASP KB 169 -65.87 15.35 135.73
C ASP KB 169 -67.10 14.48 136.03
N ARG KB 170 -68.24 15.12 136.26
CA ARG KB 170 -69.52 14.44 136.38
C ARG KB 170 -70.17 14.35 135.01
N GLN KB 171 -70.81 13.19 134.76
CA GLN KB 171 -71.52 12.89 133.52
C GLN KB 171 -70.60 13.01 132.30
N THR KB 172 -69.52 12.21 132.32
CA THR KB 172 -68.63 12.06 131.17
C THR KB 172 -68.37 10.62 130.78
N GLY KB 173 -68.62 9.65 131.64
CA GLY KB 173 -68.44 8.30 131.20
C GLY KB 173 -67.68 7.43 132.18
N LYS KB 174 -67.48 7.92 133.40
CA LYS KB 174 -66.64 7.20 134.35
C LYS KB 174 -67.28 5.93 134.86
N THR KB 175 -68.60 5.90 134.97
CA THR KB 175 -69.26 4.68 135.43
C THR KB 175 -69.46 3.70 134.29
N SER KB 176 -69.77 4.23 133.09
CA SER KB 176 -70.02 3.38 131.94
C SER KB 176 -68.74 2.66 131.48
N ILE KB 177 -67.58 3.34 131.57
CA ILE KB 177 -66.29 2.73 131.25
C ILE KB 177 -66.04 1.53 132.14
N ALA KB 178 -66.39 1.64 133.41
CA ALA KB 178 -66.18 0.56 134.36
C ALA KB 178 -67.36 -0.38 134.45
N ILE KB 179 -68.35 -0.26 133.58
CA ILE KB 179 -69.40 -1.27 133.50
C ILE KB 179 -69.39 -2.01 132.16
N ASP KB 180 -68.82 -1.44 131.10
CA ASP KB 180 -68.50 -2.25 129.94
C ASP KB 180 -67.41 -3.25 130.28
N THR KB 181 -66.52 -2.90 131.20
CA THR KB 181 -65.52 -3.83 131.69
C THR KB 181 -66.14 -4.99 132.48
N ILE KB 182 -67.24 -4.75 133.21
CA ILE KB 182 -67.89 -5.83 133.95
C ILE KB 182 -68.58 -6.79 132.98
N ILE KB 183 -69.18 -6.23 131.93
CA ILE KB 183 -69.94 -7.03 130.97
C ILE KB 183 -69.01 -7.87 130.10
N ASN KB 184 -67.91 -7.26 129.64
CA ASN KB 184 -67.01 -7.84 128.65
C ASN KB 184 -66.32 -9.10 129.12
N GLN KB 185 -66.18 -9.31 130.42
CA GLN KB 185 -65.62 -10.58 130.87
C GLN KB 185 -66.63 -11.69 130.92
N LYS KB 186 -67.75 -11.59 130.21
CA LYS KB 186 -68.71 -12.68 130.20
C LYS KB 186 -68.18 -13.86 129.40
N ARG KB 187 -67.39 -13.57 128.38
CA ARG KB 187 -66.95 -14.62 127.46
C ARG KB 187 -65.88 -15.51 128.05
N PHE KB 188 -65.11 -15.01 129.02
CA PHE KB 188 -64.11 -15.86 129.65
C PHE KB 188 -64.69 -16.68 130.79
N ASN KB 189 -65.78 -16.21 131.40
CA ASN KB 189 -66.29 -16.83 132.61
C ASN KB 189 -67.15 -18.06 132.34
N ASP KB 190 -67.62 -18.24 131.11
CA ASP KB 190 -68.27 -19.47 130.69
C ASP KB 190 -67.34 -20.36 129.88
N GLY KB 191 -66.09 -19.96 129.72
CA GLY KB 191 -65.09 -20.77 129.04
C GLY KB 191 -64.58 -21.89 129.93
N THR KB 192 -63.42 -22.42 129.57
CA THR KB 192 -62.95 -23.66 130.17
C THR KB 192 -61.75 -23.51 131.09
N ASP KB 193 -60.83 -22.60 130.80
CA ASP KB 193 -59.65 -22.45 131.63
C ASP KB 193 -59.92 -21.55 132.82
N GLU KB 194 -59.33 -21.89 133.96
CA GLU KB 194 -59.56 -21.18 135.20
C GLU KB 194 -58.64 -20.00 135.41
N LYS KB 195 -57.80 -19.67 134.42
CA LYS KB 195 -56.81 -18.61 134.53
C LYS KB 195 -57.05 -17.49 133.54
N LYS KB 196 -58.18 -17.49 132.85
CA LYS KB 196 -58.56 -16.35 132.03
C LYS KB 196 -59.79 -15.64 132.57
N LYS KB 197 -60.38 -16.13 133.65
CA LYS KB 197 -61.55 -15.51 134.24
C LYS KB 197 -61.15 -14.22 134.95
N LEU KB 198 -62.17 -13.46 135.35
CA LEU KB 198 -61.95 -12.23 136.10
C LEU KB 198 -63.21 -11.94 136.90
N TYR KB 199 -63.18 -12.24 138.20
CA TYR KB 199 -64.31 -12.00 139.08
C TYR KB 199 -64.31 -10.55 139.53
N CYS KB 200 -65.48 -9.92 139.54
CA CYS KB 200 -65.54 -8.47 139.69
C CYS KB 200 -66.30 -8.07 140.96
N ILE KB 201 -66.14 -6.81 141.36
CA ILE KB 201 -66.64 -6.23 142.61
C ILE KB 201 -66.90 -4.75 142.36
N TYR KB 202 -68.06 -4.26 142.77
CA TYR KB 202 -68.41 -2.85 142.61
C TYR KB 202 -68.79 -2.27 143.96
N VAL KB 203 -68.17 -1.15 144.32
CA VAL KB 203 -68.38 -0.49 145.61
C VAL KB 203 -69.03 0.87 145.36
N ALA KB 204 -70.26 1.04 145.85
CA ALA KB 204 -71.07 2.22 145.60
C ALA KB 204 -71.08 3.08 146.85
N ILE KB 205 -70.39 4.22 146.80
CA ILE KB 205 -70.25 5.11 147.96
C ILE KB 205 -70.94 6.42 147.64
N GLY KB 206 -71.89 6.81 148.48
CA GLY KB 206 -72.52 8.10 148.31
C GLY KB 206 -73.47 8.20 147.14
N GLN KB 207 -74.06 7.08 146.73
CA GLN KB 207 -74.95 7.03 145.59
C GLN KB 207 -76.37 6.74 146.05
N LYS KB 208 -77.35 7.35 145.41
CA LYS KB 208 -78.73 7.10 145.79
C LYS KB 208 -79.18 5.73 145.31
N ARG KB 209 -80.17 5.15 145.99
CA ARG KB 209 -80.59 3.79 145.70
C ARG KB 209 -81.34 3.65 144.38
N SER KB 210 -81.71 4.76 143.75
CA SER KB 210 -82.30 4.72 142.42
C SER KB 210 -81.27 4.88 141.33
N THR KB 211 -80.05 4.49 141.59
CA THR KB 211 -78.97 4.27 140.65
C THR KB 211 -78.33 2.90 140.86
N VAL KB 212 -78.25 2.45 142.10
CA VAL KB 212 -77.67 1.14 142.37
C VAL KB 212 -78.68 0.02 142.16
N ALA KB 213 -79.98 0.29 142.35
CA ALA KB 213 -80.98 -0.71 141.98
C ALA KB 213 -81.27 -0.73 140.49
N GLN KB 214 -80.76 0.26 139.76
CA GLN KB 214 -80.89 0.32 138.32
C GLN KB 214 -79.68 -0.26 137.60
N LEU KB 215 -78.53 -0.24 138.25
CA LEU KB 215 -77.32 -0.86 137.70
C LEU KB 215 -77.33 -2.36 137.89
N VAL KB 216 -78.03 -2.88 138.90
CA VAL KB 216 -78.24 -4.32 138.99
C VAL KB 216 -79.18 -4.82 137.90
N LYS KB 217 -80.02 -3.94 137.33
CA LYS KB 217 -80.84 -4.34 136.20
C LYS KB 217 -80.01 -4.49 134.93
N ARG KB 218 -79.16 -3.49 134.65
CA ARG KB 218 -78.30 -3.54 133.47
C ARG KB 218 -77.30 -4.69 133.55
N LEU KB 219 -76.94 -5.11 134.75
CA LEU KB 219 -76.03 -6.23 134.98
C LEU KB 219 -76.75 -7.55 135.15
N THR KB 220 -78.05 -7.63 134.88
CA THR KB 220 -78.73 -8.91 134.99
C THR KB 220 -79.47 -9.33 133.74
N ASP KB 221 -79.68 -8.45 132.77
CA ASP KB 221 -80.19 -8.93 131.50
C ASP KB 221 -79.08 -9.63 130.73
N ALA KB 222 -77.89 -9.04 130.75
CA ALA KB 222 -76.67 -9.59 130.17
C ALA KB 222 -76.05 -10.67 131.04
N ASP KB 223 -76.71 -11.05 132.14
CA ASP KB 223 -76.32 -12.12 133.05
C ASP KB 223 -74.95 -11.87 133.65
N ALA KB 224 -74.61 -10.59 133.80
CA ALA KB 224 -73.34 -10.18 134.38
C ALA KB 224 -73.32 -10.38 135.88
N MET KB 225 -74.47 -10.41 136.53
CA MET KB 225 -74.48 -10.46 137.99
C MET KB 225 -74.16 -11.83 138.55
N LYS KB 226 -73.95 -12.84 137.73
CA LYS KB 226 -73.66 -14.15 138.32
C LYS KB 226 -72.21 -14.28 138.75
N TYR KB 227 -71.35 -13.30 138.45
CA TYR KB 227 -69.96 -13.36 138.86
C TYR KB 227 -69.47 -12.10 139.58
N THR KB 228 -70.37 -11.21 140.04
CA THR KB 228 -69.93 -10.03 140.79
C THR KB 228 -70.56 -9.98 142.18
N ILE KB 229 -70.08 -9.02 142.98
CA ILE KB 229 -70.61 -8.64 144.29
C ILE KB 229 -70.80 -7.13 144.25
N VAL KB 230 -71.82 -6.63 144.94
CA VAL KB 230 -72.05 -5.18 145.03
C VAL KB 230 -72.11 -4.81 146.51
N VAL KB 231 -71.04 -4.20 147.00
CA VAL KB 231 -71.01 -3.63 148.35
C VAL KB 231 -71.51 -2.20 148.25
N SER KB 232 -72.53 -1.87 149.04
CA SER KB 232 -73.32 -0.67 148.84
C SER KB 232 -73.43 0.11 150.13
N ALA KB 233 -72.97 1.35 150.10
CA ALA KB 233 -73.18 2.30 151.19
C ALA KB 233 -73.73 3.55 150.53
N THR KB 234 -75.03 3.73 150.63
CA THR KB 234 -75.75 4.79 149.93
C THR KB 234 -75.58 6.12 150.66
N ALA KB 235 -76.09 7.18 150.05
CA ALA KB 235 -75.97 8.52 150.65
C ALA KB 235 -76.81 8.69 151.90
N SER KB 236 -77.78 7.82 152.14
CA SER KB 236 -78.58 7.85 153.35
C SER KB 236 -77.87 7.23 154.55
N ASP KB 237 -76.74 6.58 154.35
CA ASP KB 237 -76.13 5.83 155.43
C ASP KB 237 -75.40 6.77 156.39
N ALA KB 238 -75.05 6.21 157.55
CA ALA KB 238 -74.24 6.93 158.52
C ALA KB 238 -72.88 7.20 157.92
N ALA KB 239 -72.30 8.37 158.23
CA ALA KB 239 -70.96 8.72 157.77
C ALA KB 239 -69.84 7.78 158.20
N PRO KB 240 -69.93 7.00 159.29
CA PRO KB 240 -68.97 5.89 159.45
C PRO KB 240 -69.28 4.65 158.62
N LEU KB 241 -70.33 4.63 157.82
CA LEU KB 241 -70.56 3.52 156.93
C LEU KB 241 -70.09 3.80 155.51
N GLN KB 242 -69.98 5.06 155.12
CA GLN KB 242 -69.33 5.37 153.85
C GLN KB 242 -67.81 5.37 153.99
N TYR KB 243 -67.27 5.50 155.19
CA TYR KB 243 -65.83 5.40 155.42
C TYR KB 243 -65.36 3.96 155.41
N LEU KB 244 -66.17 3.04 155.93
CA LEU KB 244 -65.78 1.65 156.08
C LEU KB 244 -65.98 0.84 154.80
N ALA KB 245 -66.64 1.40 153.78
CA ALA KB 245 -67.05 0.59 152.64
C ALA KB 245 -65.88 0.15 151.75
N PRO KB 246 -64.94 1.01 151.31
CA PRO KB 246 -63.86 0.48 150.48
C PRO KB 246 -62.90 -0.40 151.23
N TYR KB 247 -62.80 -0.28 152.55
CA TYR KB 247 -61.94 -1.19 153.28
C TYR KB 247 -62.59 -2.53 153.49
N SER KB 248 -63.90 -2.61 153.33
CA SER KB 248 -64.61 -3.89 153.36
C SER KB 248 -64.70 -4.54 152.00
N GLY KB 249 -64.92 -3.73 150.96
CA GLY KB 249 -64.94 -4.27 149.61
C GLY KB 249 -63.59 -4.79 149.15
N CYS KB 250 -62.52 -4.11 149.54
CA CYS KB 250 -61.17 -4.56 149.21
C CYS KB 250 -60.80 -5.82 149.96
N SER KB 251 -61.49 -6.13 151.05
CA SER KB 251 -61.15 -7.31 151.81
C SER KB 251 -61.91 -8.56 151.35
N MET KB 252 -62.93 -8.40 150.51
CA MET KB 252 -63.50 -9.52 149.78
C MET KB 252 -62.74 -9.79 148.50
N GLY KB 253 -62.08 -8.76 147.95
CA GLY KB 253 -61.16 -8.98 146.86
C GLY KB 253 -59.98 -9.84 147.23
N GLU KB 254 -59.52 -9.72 148.46
CA GLU KB 254 -58.40 -10.54 148.88
C GLU KB 254 -58.81 -11.87 149.45
N TYR KB 255 -59.99 -12.37 149.12
CA TYR KB 255 -60.18 -13.81 149.20
C TYR KB 255 -59.68 -14.47 147.94
N PHE KB 256 -59.95 -13.81 146.80
CA PHE KB 256 -59.51 -14.30 145.51
C PHE KB 256 -57.99 -14.27 145.39
N ARG KB 257 -57.40 -13.09 145.60
CA ARG KB 257 -55.98 -12.87 145.36
C ARG KB 257 -55.10 -13.70 146.28
N ASP KB 258 -55.51 -13.91 147.52
CA ASP KB 258 -54.75 -14.75 148.43
C ASP KB 258 -55.12 -16.23 148.33
N ASN KB 259 -55.86 -16.63 147.28
CA ASN KB 259 -56.10 -18.05 147.05
C ASN KB 259 -55.89 -18.50 145.61
N GLY KB 260 -55.62 -17.60 144.68
CA GLY KB 260 -55.18 -18.01 143.36
C GLY KB 260 -55.78 -17.24 142.22
N LYS KB 261 -57.00 -16.75 142.39
CA LYS KB 261 -57.75 -16.24 141.26
C LYS KB 261 -57.45 -14.77 141.07
N HIS KB 262 -58.22 -14.12 140.21
CA HIS KB 262 -57.96 -12.77 139.78
C HIS KB 262 -59.22 -11.96 140.00
N ALA KB 263 -59.08 -10.82 140.63
CA ALA KB 263 -60.20 -10.00 141.04
C ALA KB 263 -60.07 -8.63 140.40
N LEU KB 264 -61.10 -7.82 140.58
CA LEU KB 264 -61.13 -6.50 140.02
C LEU KB 264 -62.07 -5.71 140.91
N ILE KB 265 -61.78 -4.44 141.14
CA ILE KB 265 -62.53 -3.71 142.14
C ILE KB 265 -62.64 -2.26 141.69
N ILE KB 266 -63.84 -1.71 141.77
CA ILE KB 266 -64.11 -0.35 141.34
C ILE KB 266 -64.63 0.39 142.55
N TYR KB 267 -64.04 1.55 142.82
CA TYR KB 267 -64.45 2.43 143.89
C TYR KB 267 -65.16 3.61 143.24
N ASP KB 268 -66.47 3.68 143.40
CA ASP KB 268 -67.29 4.70 142.72
C ASP KB 268 -68.07 5.52 143.73
N ASP KB 269 -67.50 6.62 144.22
CA ASP KB 269 -66.12 7.01 143.98
C ASP KB 269 -65.38 7.30 145.27
N LEU KB 270 -64.15 7.76 145.13
CA LEU KB 270 -63.26 7.96 146.25
C LEU KB 270 -63.15 9.41 146.68
N SER KB 271 -63.89 10.30 146.04
CA SER KB 271 -64.12 11.63 146.57
C SER KB 271 -65.30 11.69 147.53
N LYS KB 272 -65.92 10.55 147.83
CA LYS KB 272 -67.01 10.47 148.77
C LYS KB 272 -66.68 9.57 149.95
N GLN KB 273 -65.48 9.04 149.98
CA GLN KB 273 -64.90 8.37 151.12
C GLN KB 273 -63.99 9.30 151.89
N ALA KB 274 -63.81 10.52 151.38
CA ALA KB 274 -63.04 11.56 152.02
C ALA KB 274 -63.91 12.52 152.82
N VAL KB 275 -65.07 12.93 152.28
CA VAL KB 275 -65.97 13.79 153.05
C VAL KB 275 -66.76 13.02 154.09
N ALA KB 276 -66.68 11.70 154.09
CA ALA KB 276 -67.17 10.91 155.22
C ALA KB 276 -66.12 10.73 156.28
N TYR KB 277 -64.87 11.04 155.99
CA TYR KB 277 -63.79 11.08 156.98
C TYR KB 277 -63.61 12.48 157.55
N ARG KB 278 -63.91 13.51 156.77
CA ARG KB 278 -63.83 14.88 157.26
C ARG KB 278 -64.90 15.17 158.29
N GLN KB 279 -66.10 14.64 158.10
CA GLN KB 279 -67.19 14.89 159.03
C GLN KB 279 -67.07 14.02 160.26
N MET KB 280 -66.80 12.73 160.08
CA MET KB 280 -66.71 11.78 161.18
C MET KB 280 -65.59 12.14 162.15
N SER KB 281 -64.55 12.81 161.68
CA SER KB 281 -63.39 13.14 162.49
C SER KB 281 -63.27 14.64 162.73
N LEU KB 282 -64.34 15.39 162.57
CA LEU KB 282 -64.44 16.74 163.12
C LEU KB 282 -65.30 16.76 164.36
N LEU KB 283 -66.25 15.86 164.45
CA LEU KB 283 -67.11 15.72 165.60
C LEU KB 283 -66.47 14.89 166.71
N LEU KB 284 -65.28 14.36 166.47
CA LEU KB 284 -64.44 13.76 167.50
C LEU KB 284 -63.42 14.75 168.03
N ARG KB 285 -63.58 16.02 167.65
CA ARG KB 285 -62.71 17.14 168.05
C ARG KB 285 -61.26 16.88 167.67
N ARG KB 286 -61.04 16.67 166.39
CA ARG KB 286 -59.72 16.59 165.83
C ARG KB 286 -59.46 17.80 164.96
N PRO KB 287 -58.30 18.43 165.06
CA PRO KB 287 -58.12 19.74 164.45
C PRO KB 287 -57.98 19.65 162.95
N PRO KB 288 -58.62 20.55 162.22
CA PRO KB 288 -58.65 20.45 160.76
C PRO KB 288 -57.33 20.83 160.10
N GLY KB 289 -57.09 20.24 158.94
CA GLY KB 289 -55.94 20.60 158.12
C GLY KB 289 -56.34 21.50 156.98
N ARG KB 290 -55.99 21.14 155.75
CA ARG KB 290 -56.36 21.94 154.58
C ARG KB 290 -57.75 21.56 154.12
N GLU KB 291 -58.57 22.58 153.81
CA GLU KB 291 -59.99 22.44 153.44
C GLU KB 291 -60.77 21.65 154.48
N ALA KB 292 -60.37 21.77 155.74
CA ALA KB 292 -60.83 20.99 156.89
C ALA KB 292 -60.71 19.49 156.72
N TYR KB 293 -59.85 19.03 155.85
CA TYR KB 293 -59.56 17.61 155.80
C TYR KB 293 -58.59 17.26 156.91
N PRO KB 294 -58.59 16.03 157.38
CA PRO KB 294 -57.66 15.66 158.46
C PRO KB 294 -56.20 15.59 158.00
N GLY KB 295 -55.31 15.20 158.90
CA GLY KB 295 -53.91 15.13 158.55
C GLY KB 295 -53.60 14.00 157.60
N ASP KB 296 -54.33 12.89 157.75
CA ASP KB 296 -53.93 11.67 157.06
C ASP KB 296 -54.95 11.23 156.02
N VAL KB 297 -55.42 12.16 155.18
CA VAL KB 297 -56.15 11.73 153.98
C VAL KB 297 -55.22 11.05 152.99
N PHE KB 298 -53.93 11.41 152.95
CA PHE KB 298 -53.01 10.65 152.12
C PHE KB 298 -52.81 9.26 152.69
N TYR KB 299 -52.76 9.13 154.00
CA TYR KB 299 -52.64 7.82 154.59
C TYR KB 299 -53.95 7.04 154.49
N LEU KB 300 -55.06 7.74 154.26
CA LEU KB 300 -56.35 7.06 154.12
C LEU KB 300 -56.42 6.31 152.80
N HIS KB 301 -56.01 6.94 151.71
CA HIS KB 301 -56.07 6.33 150.40
C HIS KB 301 -54.89 5.41 150.13
N SER KB 302 -53.72 5.70 150.71
CA SER KB 302 -52.53 4.90 150.42
C SER KB 302 -52.57 3.55 151.06
N ARG KB 303 -53.15 3.40 152.25
CA ARG KB 303 -53.16 2.08 152.85
C ARG KB 303 -54.21 1.16 152.24
N LEU KB 304 -54.99 1.67 151.30
CA LEU KB 304 -56.04 1.01 150.54
C LEU KB 304 -55.49 0.50 149.22
N LEU KB 305 -54.89 1.40 148.44
CA LEU KB 305 -54.42 1.16 147.10
C LEU KB 305 -53.07 0.46 147.02
N GLU KB 306 -52.58 -0.14 148.09
CA GLU KB 306 -51.35 -0.92 148.02
C GLU KB 306 -51.61 -2.39 148.24
N ARG KB 307 -52.85 -2.78 148.54
CA ARG KB 307 -53.20 -4.20 148.59
C ARG KB 307 -53.41 -4.77 147.20
N ALA KB 308 -53.56 -3.91 146.20
CA ALA KB 308 -53.76 -4.34 144.83
C ALA KB 308 -52.44 -4.86 144.29
N ALA KB 309 -52.15 -6.11 144.61
CA ALA KB 309 -50.87 -6.73 144.38
C ALA KB 309 -50.88 -7.55 143.10
N LYS KB 310 -49.80 -8.29 142.87
CA LYS KB 310 -49.68 -9.32 141.85
C LYS KB 310 -48.69 -10.32 142.44
N MET KB 311 -49.21 -11.38 143.04
CA MET KB 311 -48.33 -12.25 143.81
C MET KB 311 -47.48 -13.12 142.87
N ASN KB 312 -46.37 -13.60 143.41
CA ASN KB 312 -45.47 -14.49 142.72
C ASN KB 312 -46.12 -15.86 142.58
N ASP KB 313 -45.47 -16.75 141.85
CA ASP KB 313 -46.12 -18.00 141.55
C ASP KB 313 -45.89 -19.08 142.60
N ALA KB 314 -45.11 -18.80 143.64
CA ALA KB 314 -44.95 -19.73 144.76
C ALA KB 314 -45.89 -19.42 145.91
N PHE KB 315 -46.82 -18.49 145.70
CA PHE KB 315 -47.91 -18.20 146.61
C PHE KB 315 -49.28 -18.49 146.02
N GLY KB 316 -49.39 -18.52 144.70
CA GLY KB 316 -50.65 -18.70 144.02
C GLY KB 316 -50.73 -17.90 142.74
N GLY KB 317 -50.00 -16.81 142.66
CA GLY KB 317 -49.95 -16.08 141.41
C GLY KB 317 -51.15 -15.21 141.11
N GLY KB 318 -52.04 -15.06 142.06
CA GLY KB 318 -53.24 -14.29 141.82
C GLY KB 318 -52.99 -12.82 141.80
N SER KB 319 -53.95 -12.11 141.24
CA SER KB 319 -53.82 -10.69 141.00
C SER KB 319 -55.04 -9.99 141.57
N LEU KB 320 -54.94 -8.67 141.70
CA LEU KB 320 -56.07 -7.87 142.17
C LEU KB 320 -55.91 -6.49 141.54
N THR KB 321 -56.63 -6.27 140.44
CA THR KB 321 -56.61 -4.99 139.79
C THR KB 321 -57.42 -4.01 140.61
N ALA KB 322 -57.27 -2.72 140.35
CA ALA KB 322 -58.15 -1.76 141.01
C ALA KB 322 -58.40 -0.62 140.05
N LEU KB 323 -59.62 -0.11 140.06
CA LEU KB 323 -60.02 0.98 139.18
C LEU KB 323 -60.73 2.05 140.00
N PRO KB 324 -59.98 2.92 140.69
CA PRO KB 324 -60.62 3.99 141.46
C PRO KB 324 -61.15 5.10 140.56
N VAL KB 325 -62.37 5.51 140.81
CA VAL KB 325 -62.98 6.64 140.11
C VAL KB 325 -62.80 7.88 140.98
N ILE KB 326 -62.58 9.04 140.36
CA ILE KB 326 -62.41 10.29 141.07
C ILE KB 326 -63.16 11.36 140.31
N GLU KB 327 -64.09 12.04 140.98
CA GLU KB 327 -64.79 13.18 140.39
C GLU KB 327 -64.04 14.44 140.76
N THR KB 328 -63.78 15.30 139.78
CA THR KB 328 -63.10 16.56 140.03
C THR KB 328 -64.01 17.72 139.68
N GLN KB 329 -63.74 18.88 140.27
CA GLN KB 329 -64.56 20.06 140.07
C GLN KB 329 -63.98 20.90 138.94
N ALA KB 330 -64.80 21.19 137.94
CA ALA KB 330 -64.49 22.05 136.79
C ALA KB 330 -63.28 21.56 135.99
N GLY KB 331 -63.01 20.26 136.03
CA GLY KB 331 -61.89 19.70 135.29
C GLY KB 331 -60.53 20.11 135.75
N ASP KB 332 -60.39 20.54 137.01
CA ASP KB 332 -59.10 20.95 137.56
C ASP KB 332 -58.50 19.77 138.30
N VAL KB 333 -57.28 19.39 137.90
CA VAL KB 333 -56.66 18.18 138.38
C VAL KB 333 -55.64 18.48 139.48
N SER KB 334 -55.39 19.76 139.76
CA SER KB 334 -54.43 20.19 140.77
C SER KB 334 -55.08 20.43 142.13
N ALA KB 335 -56.17 19.74 142.45
CA ALA KB 335 -56.85 19.94 143.72
C ALA KB 335 -56.12 19.15 144.80
N TYR KB 336 -56.72 19.04 145.98
CA TYR KB 336 -56.01 18.41 147.08
C TYR KB 336 -56.12 16.88 147.00
N ILE KB 337 -57.33 16.36 146.90
CA ILE KB 337 -57.60 14.91 146.85
C ILE KB 337 -57.27 14.29 145.49
N PRO KB 338 -57.46 14.95 144.33
CA PRO KB 338 -56.88 14.40 143.09
C PRO KB 338 -55.37 14.14 143.11
N THR KB 339 -54.53 15.13 143.43
CA THR KB 339 -53.09 14.96 143.32
C THR KB 339 -52.55 13.96 144.32
N ASN KB 340 -53.23 13.76 145.45
CA ASN KB 340 -52.82 12.74 146.40
C ASN KB 340 -53.06 11.34 145.91
N VAL KB 341 -53.88 11.15 144.88
CA VAL KB 341 -54.20 9.82 144.38
C VAL KB 341 -53.76 9.61 142.94
N ILE KB 342 -53.40 10.68 142.22
CA ILE KB 342 -52.62 10.52 140.99
C ILE KB 342 -51.29 9.85 141.26
N SER KB 343 -50.64 10.20 142.37
CA SER KB 343 -49.31 9.70 142.66
C SER KB 343 -49.32 8.46 143.52
N ILE KB 344 -50.40 7.68 143.47
CA ILE KB 344 -50.38 6.31 143.98
C ILE KB 344 -50.59 5.28 142.88
N THR KB 345 -51.18 5.67 141.76
CA THR KB 345 -51.60 4.75 140.72
C THR KB 345 -50.57 4.74 139.60
N ASP KB 346 -50.46 3.60 138.90
CA ASP KB 346 -49.47 3.45 137.85
C ASP KB 346 -49.80 4.29 136.63
N GLY KB 347 -51.06 4.33 136.24
CA GLY KB 347 -51.45 5.10 135.09
C GLY KB 347 -52.85 5.63 135.24
N GLN KB 348 -53.24 6.49 134.30
CA GLN KB 348 -54.50 7.19 134.38
C GLN KB 348 -55.25 7.11 133.06
N ILE KB 349 -56.53 7.48 133.09
CA ILE KB 349 -57.37 7.63 131.90
C ILE KB 349 -58.10 8.96 132.05
N PHE KB 350 -57.68 9.97 131.32
CA PHE KB 350 -58.22 11.29 131.51
C PHE KB 350 -59.46 11.49 130.64
N LEU KB 351 -60.64 11.44 131.26
CA LEU KB 351 -61.91 11.68 130.59
C LEU KB 351 -62.24 13.17 130.62
N GLU KB 352 -62.65 13.72 129.51
CA GLU KB 352 -62.88 15.15 129.38
C GLU KB 352 -64.32 15.43 129.03
N THR KB 353 -64.63 16.70 128.75
CA THR KB 353 -65.99 17.06 128.39
C THR KB 353 -66.06 17.52 126.95
N GLU KB 354 -65.03 18.22 126.46
CA GLU KB 354 -65.07 18.68 125.09
C GLU KB 354 -64.83 17.55 124.11
N LEU KB 355 -64.30 16.42 124.58
CA LEU KB 355 -64.25 15.24 123.75
C LEU KB 355 -65.62 14.58 123.66
N PHE KB 356 -66.36 14.58 124.77
CA PHE KB 356 -67.68 13.97 124.83
C PHE KB 356 -68.67 14.69 123.94
N TYR KB 357 -68.47 15.99 123.75
CA TYR KB 357 -69.52 16.79 123.11
C TYR KB 357 -69.20 17.00 121.64
N LYS KB 358 -67.92 17.08 121.29
CA LYS KB 358 -67.52 17.08 119.89
C LYS KB 358 -67.84 15.77 119.22
N GLY KB 359 -67.85 14.67 119.96
CA GLY KB 359 -68.28 13.40 119.42
C GLY KB 359 -67.45 12.22 119.83
N ILE KB 360 -66.26 12.40 120.39
CA ILE KB 360 -65.44 11.27 120.78
C ILE KB 360 -66.04 10.66 122.03
N ARG KB 361 -66.78 9.57 121.88
CA ARG KB 361 -67.32 8.90 123.04
C ARG KB 361 -67.02 7.42 122.95
N PRO KB 362 -66.25 6.83 123.89
CA PRO KB 362 -65.74 7.26 125.20
C PRO KB 362 -64.70 8.36 125.16
N ALA KB 363 -64.94 9.40 125.94
CA ALA KB 363 -64.20 10.65 125.81
C ALA KB 363 -62.86 10.55 126.49
N ILE KB 364 -61.94 9.78 125.92
CA ILE KB 364 -60.63 9.55 126.50
C ILE KB 364 -59.62 10.45 125.82
N ASN KB 365 -58.91 11.25 126.60
CA ASN KB 365 -57.79 12.04 126.11
C ASN KB 365 -56.61 11.09 125.88
N VAL KB 366 -56.44 10.61 124.65
CA VAL KB 366 -55.41 9.60 124.37
C VAL KB 366 -54.03 10.24 124.32
N GLY KB 367 -53.97 11.57 124.28
CA GLY KB 367 -52.70 12.25 124.41
C GLY KB 367 -52.14 12.19 125.83
N LEU KB 368 -52.99 12.46 126.81
CA LEU KB 368 -52.59 12.56 128.21
C LEU KB 368 -52.74 11.27 128.98
N SER KB 369 -53.48 10.29 128.47
CA SER KB 369 -53.77 9.06 129.23
C SER KB 369 -52.53 8.18 129.26
N VAL KB 370 -51.57 8.59 130.06
CA VAL KB 370 -50.31 7.89 130.16
C VAL KB 370 -50.52 6.61 130.94
N SER KB 371 -49.63 5.65 130.78
CA SER KB 371 -49.70 4.39 131.49
C SER KB 371 -48.33 3.74 131.51
N ARG KB 372 -47.81 3.48 132.71
CA ARG KB 372 -46.73 2.52 132.85
C ARG KB 372 -47.25 1.18 132.38
N VAL KB 373 -46.75 0.73 131.23
CA VAL KB 373 -47.49 -0.18 130.36
C VAL KB 373 -47.69 -1.58 130.97
N GLY KB 374 -47.07 -1.88 132.09
CA GLY KB 374 -47.36 -3.12 132.78
C GLY KB 374 -46.60 -4.27 132.17
N SER KB 375 -45.30 -4.06 131.94
CA SER KB 375 -44.40 -4.94 131.17
C SER KB 375 -44.91 -5.21 129.75
N ALA KB 376 -45.71 -4.27 129.22
CA ALA KB 376 -46.22 -4.26 127.85
C ALA KB 376 -46.93 -5.56 127.50
N ALA KB 377 -47.86 -5.96 128.36
CA ALA KB 377 -48.64 -7.17 128.11
C ALA KB 377 -49.92 -6.81 127.36
N GLN KB 378 -49.74 -6.12 126.22
CA GLN KB 378 -50.88 -5.74 125.40
C GLN KB 378 -51.53 -6.99 124.82
N THR KB 379 -50.92 -7.55 123.77
CA THR KB 379 -50.93 -8.93 123.27
C THR KB 379 -50.13 -8.87 121.99
N ARG KB 380 -49.85 -10.05 121.41
CA ARG KB 380 -48.88 -10.12 120.31
C ARG KB 380 -49.44 -9.53 119.02
N ALA KB 381 -50.70 -9.82 118.69
CA ALA KB 381 -51.26 -9.32 117.43
C ALA KB 381 -51.63 -7.85 117.49
N MET KB 382 -52.14 -7.39 118.64
CA MET KB 382 -52.47 -5.99 118.80
C MET KB 382 -51.22 -5.11 118.81
N LYS KB 383 -50.07 -5.67 119.19
CA LYS KB 383 -48.81 -4.94 119.10
C LYS KB 383 -48.45 -4.57 117.67
N GLN KB 384 -48.86 -5.41 116.71
CA GLN KB 384 -48.56 -5.14 115.32
C GLN KB 384 -49.39 -3.98 114.79
N VAL KB 385 -50.69 -3.99 115.07
CA VAL KB 385 -51.58 -3.05 114.42
C VAL KB 385 -51.76 -1.79 115.26
N ALA KB 386 -51.57 -1.89 116.58
CA ALA KB 386 -51.72 -0.70 117.42
C ALA KB 386 -50.37 -0.12 117.80
N GLY KB 387 -49.29 -0.83 117.48
CA GLY KB 387 -47.98 -0.20 117.52
C GLY KB 387 -47.87 0.87 116.46
N THR KB 388 -48.25 0.55 115.22
CA THR KB 388 -48.23 1.55 114.17
C THR KB 388 -49.35 2.57 114.33
N MET KB 389 -50.46 2.17 114.97
CA MET KB 389 -51.57 3.09 115.18
C MET KB 389 -51.20 4.19 116.16
N LYS KB 390 -50.47 3.82 117.22
CA LYS KB 390 -50.03 4.75 118.24
C LYS KB 390 -49.18 5.86 117.66
N LEU KB 391 -48.31 5.51 116.71
CA LEU KB 391 -47.44 6.50 116.09
C LEU KB 391 -48.19 7.28 115.02
N GLU KB 392 -49.13 6.66 114.31
CA GLU KB 392 -49.86 7.37 113.26
C GLU KB 392 -50.85 8.36 113.86
N LEU KB 393 -51.33 8.07 115.07
CA LEU KB 393 -52.20 9.02 115.75
C LEU KB 393 -51.38 10.13 116.41
N ALA KB 394 -50.20 9.79 116.94
CA ALA KB 394 -49.31 10.79 117.52
C ALA KB 394 -48.80 11.74 116.45
N GLN KB 395 -48.53 11.24 115.25
CA GLN KB 395 -48.16 12.10 114.12
C GLN KB 395 -49.31 13.02 113.75
N TYR KB 396 -50.55 12.55 113.94
CA TYR KB 396 -51.72 13.36 113.60
C TYR KB 396 -51.86 14.55 114.53
N ARG KB 397 -51.68 14.34 115.84
CA ARG KB 397 -52.10 15.33 116.82
C ARG KB 397 -51.15 16.53 116.84
N GLU KB 398 -49.95 16.38 116.29
CA GLU KB 398 -49.01 17.49 116.29
C GLU KB 398 -49.39 18.52 115.24
N VAL KB 399 -50.20 18.14 114.27
CA VAL KB 399 -50.24 18.89 113.01
C VAL KB 399 -51.66 19.21 112.60
N ALA KB 400 -52.64 18.84 113.42
CA ALA KB 400 -54.03 18.81 112.99
C ALA KB 400 -54.89 19.68 113.88
N ALA KB 401 -54.48 20.92 114.10
CA ALA KB 401 -55.21 21.81 114.99
C ALA KB 401 -55.28 23.22 114.43
N PHE KB 402 -55.57 23.37 113.14
CA PHE KB 402 -55.63 24.73 112.58
C PHE KB 402 -57.03 25.31 112.60
N ALA KB 403 -57.99 24.62 111.96
CA ALA KB 403 -59.37 25.02 111.64
C ALA KB 403 -59.45 26.22 110.68
N GLN KB 404 -58.31 26.72 110.19
CA GLN KB 404 -58.25 27.85 109.25
C GLN KB 404 -57.14 27.54 108.26
N PHE KB 405 -57.50 27.20 107.01
CA PHE KB 405 -56.52 26.81 106.02
C PHE KB 405 -56.33 27.92 104.99
N GLY KB 406 -55.07 28.10 104.56
CA GLY KB 406 -54.77 29.05 103.51
C GLY KB 406 -53.98 28.45 102.36
N SER KB 407 -53.23 27.38 102.63
CA SER KB 407 -52.38 26.76 101.63
C SER KB 407 -52.70 25.28 101.50
N ASP KB 408 -52.18 24.66 100.44
CA ASP KB 408 -52.67 23.36 99.94
C ASP KB 408 -51.49 22.45 99.67
N LEU KB 409 -51.35 21.37 100.45
CA LEU KB 409 -50.21 20.47 100.36
C LEU KB 409 -50.64 19.02 100.40
N ASP KB 410 -51.56 18.64 99.49
CA ASP KB 410 -52.19 17.30 99.53
C ASP KB 410 -51.19 16.16 99.40
N ALA KB 411 -50.10 16.36 98.68
CA ALA KB 411 -49.06 15.35 98.68
C ALA KB 411 -48.26 15.33 99.97
N ALA KB 412 -48.31 16.42 100.76
CA ALA KB 412 -47.37 16.60 101.84
C ALA KB 412 -48.10 16.37 103.16
N THR KB 413 -49.16 17.12 103.47
CA THR KB 413 -49.75 17.00 104.80
C THR KB 413 -51.09 16.29 104.76
N GLN KB 414 -51.88 16.51 103.69
CA GLN KB 414 -53.29 16.12 103.73
C GLN KB 414 -53.47 14.62 103.60
N GLN KB 415 -52.40 13.90 103.31
CA GLN KB 415 -52.43 12.44 103.32
C GLN KB 415 -52.37 11.90 104.74
N LEU KB 416 -51.58 12.53 105.60
CA LEU KB 416 -51.42 12.03 106.96
C LEU KB 416 -52.64 12.33 107.81
N LEU KB 417 -53.23 13.52 107.66
CA LEU KB 417 -54.38 13.85 108.48
C LEU KB 417 -55.63 13.12 107.99
N SER KB 418 -55.58 12.53 106.79
CA SER KB 418 -56.67 11.68 106.34
C SER KB 418 -56.56 10.29 106.93
N ARG KB 419 -55.41 9.95 107.51
CA ARG KB 419 -55.27 8.65 108.16
C ARG KB 419 -55.75 8.73 109.61
N GLY KB 420 -55.82 9.94 110.16
CA GLY KB 420 -56.24 10.07 111.55
C GLY KB 420 -57.74 10.05 111.72
N VAL KB 421 -58.46 10.78 110.86
CA VAL KB 421 -59.92 10.87 110.97
C VAL KB 421 -60.56 9.52 110.64
N ARG KB 422 -59.86 8.70 109.86
CA ARG KB 422 -60.31 7.33 109.63
C ARG KB 422 -60.01 6.45 110.85
N LEU KB 423 -59.02 6.85 111.65
CA LEU KB 423 -58.68 6.08 112.85
C LEU KB 423 -59.29 6.70 114.10
N THR KB 424 -59.65 7.99 114.04
CA THR KB 424 -60.40 8.61 115.12
C THR KB 424 -61.84 8.10 115.15
N GLU KB 425 -62.53 8.17 114.00
CA GLU KB 425 -63.90 7.71 113.89
C GLU KB 425 -64.01 6.20 113.97
N LEU KB 426 -62.89 5.49 113.85
CA LEU KB 426 -62.91 4.07 114.15
C LEU KB 426 -62.94 3.83 115.65
N LEU KB 427 -62.39 4.76 116.43
CA LEU KB 427 -62.18 4.50 117.86
C LEU KB 427 -63.45 4.69 118.68
N LYS KB 428 -64.47 5.32 118.08
CA LYS KB 428 -65.74 5.55 118.78
C LYS KB 428 -66.47 4.24 119.01
N GLN KB 429 -67.30 4.21 120.04
CA GLN KB 429 -68.00 2.97 120.38
C GLN KB 429 -69.39 3.32 120.87
N GLY KB 430 -70.16 2.28 121.16
CA GLY KB 430 -71.53 2.44 121.59
C GLY KB 430 -71.65 2.44 123.10
N GLN KB 431 -72.41 1.49 123.64
CA GLN KB 431 -72.66 1.40 125.07
C GLN KB 431 -73.22 0.04 125.38
N TYR KB 432 -72.64 -0.65 126.37
CA TYR KB 432 -73.03 -1.97 126.82
C TYR KB 432 -73.02 -3.00 125.70
N ALA KB 433 -72.09 -2.84 124.77
CA ALA KB 433 -71.81 -3.83 123.72
C ALA KB 433 -70.32 -3.84 123.46
N PRO KB 434 -69.55 -4.55 124.29
CA PRO KB 434 -68.10 -4.56 124.13
C PRO KB 434 -67.59 -5.69 123.25
N MET KB 435 -66.56 -5.38 122.47
CA MET KB 435 -66.07 -6.26 121.41
C MET KB 435 -65.19 -7.36 121.99
N ALA KB 436 -64.47 -8.06 121.13
CA ALA KB 436 -63.48 -9.03 121.51
C ALA KB 436 -62.14 -8.56 120.96
N ILE KB 437 -61.10 -9.36 121.12
CA ILE KB 437 -59.78 -8.85 120.76
C ILE KB 437 -59.45 -9.20 119.31
N GLU KB 438 -59.97 -10.32 118.80
CA GLU KB 438 -59.72 -10.69 117.42
C GLU KB 438 -60.72 -10.01 116.50
N GLU KB 439 -61.91 -9.67 117.01
CA GLU KB 439 -62.78 -8.76 116.29
C GLU KB 439 -62.23 -7.34 116.32
N GLN KB 440 -61.29 -7.07 117.20
CA GLN KB 440 -60.62 -5.77 117.22
C GLN KB 440 -59.44 -5.74 116.26
N VAL KB 441 -58.70 -6.85 116.14
CA VAL KB 441 -57.55 -6.91 115.24
C VAL KB 441 -58.00 -6.79 113.78
N ALA KB 442 -59.17 -7.35 113.45
CA ALA KB 442 -59.69 -7.27 112.09
C ALA KB 442 -60.06 -5.85 111.69
N VAL KB 443 -60.79 -5.15 112.55
CA VAL KB 443 -61.29 -3.82 112.20
C VAL KB 443 -60.16 -2.79 112.25
N ILE KB 444 -59.10 -3.09 113.01
CA ILE KB 444 -57.99 -2.15 113.11
C ILE KB 444 -57.02 -2.38 111.95
N TYR KB 445 -56.93 -3.63 111.47
CA TYR KB 445 -56.18 -3.98 110.25
C TYR KB 445 -56.64 -3.14 109.06
N ALA KB 446 -57.95 -2.97 108.91
CA ALA KB 446 -58.49 -2.33 107.72
C ALA KB 446 -58.33 -0.82 107.76
N GLY KB 447 -57.91 -0.27 108.90
CA GLY KB 447 -57.81 1.17 109.01
C GLY KB 447 -56.41 1.68 108.71
N VAL KB 448 -55.40 0.95 109.19
CA VAL KB 448 -54.02 1.41 109.09
C VAL KB 448 -53.38 1.00 107.77
N ARG KB 449 -53.90 -0.03 107.11
CA ARG KB 449 -53.37 -0.53 105.86
C ARG KB 449 -53.93 0.19 104.66
N GLY KB 450 -54.38 1.42 104.82
CA GLY KB 450 -54.84 2.23 103.70
C GLY KB 450 -56.14 1.83 103.07
N TYR KB 451 -56.85 0.83 103.61
CA TYR KB 451 -58.04 0.29 102.98
C TYR KB 451 -59.30 1.07 103.29
N LEU KB 452 -59.17 2.34 103.71
CA LEU KB 452 -60.34 3.14 104.02
C LEU KB 452 -60.22 4.59 103.56
N ASP KB 453 -59.15 4.95 102.85
CA ASP KB 453 -58.97 6.33 102.43
C ASP KB 453 -59.84 6.73 101.26
N LYS KB 454 -60.57 5.80 100.66
CA LYS KB 454 -61.47 6.09 99.56
C LYS KB 454 -62.94 6.09 100.00
N LEU KB 455 -63.19 5.95 101.30
CA LEU KB 455 -64.52 6.11 101.86
C LEU KB 455 -64.79 7.60 102.10
N GLU KB 456 -65.83 7.87 102.82
CA GLU KB 456 -66.10 9.15 103.43
C GLU KB 456 -66.15 8.95 104.93
N PRO KB 457 -65.69 9.94 105.73
CA PRO KB 457 -65.63 9.73 107.18
C PRO KB 457 -66.99 9.67 107.84
N SER KB 458 -68.03 10.16 107.18
CA SER KB 458 -69.39 10.04 107.68
C SER KB 458 -70.02 8.68 107.39
N LYS KB 459 -69.23 7.70 106.94
CA LYS KB 459 -69.73 6.37 106.62
C LYS KB 459 -68.91 5.26 107.27
N ILE KB 460 -67.94 5.58 108.12
CA ILE KB 460 -67.07 4.56 108.68
C ILE KB 460 -67.74 3.86 109.84
N THR KB 461 -68.54 4.59 110.61
CA THR KB 461 -69.36 3.97 111.65
C THR KB 461 -70.41 3.06 111.06
N LYS KB 462 -70.85 3.35 109.83
CA LYS KB 462 -71.74 2.45 109.11
C LYS KB 462 -70.96 1.31 108.47
N PHE KB 463 -69.71 1.58 108.08
CA PHE KB 463 -68.85 0.56 107.49
C PHE KB 463 -68.48 -0.52 108.50
N GLU KB 464 -68.45 -0.17 109.79
CA GLU KB 464 -67.90 -1.06 110.81
C GLU KB 464 -68.84 -2.23 111.10
N ASN KB 465 -70.14 -1.95 111.25
CA ASN KB 465 -71.06 -2.98 111.68
C ASN KB 465 -71.40 -3.92 110.54
N ALA KB 466 -71.38 -3.40 109.31
CA ALA KB 466 -71.56 -4.27 108.15
C ALA KB 466 -70.33 -5.14 107.93
N PHE KB 467 -69.15 -4.61 108.22
CA PHE KB 467 -67.93 -5.41 108.19
C PHE KB 467 -67.96 -6.46 109.29
N LEU KB 468 -68.35 -6.06 110.50
CA LEU KB 468 -68.20 -6.96 111.64
C LEU KB 468 -69.20 -8.10 111.57
N SER KB 469 -70.39 -7.84 111.02
CA SER KB 469 -71.38 -8.90 110.86
C SER KB 469 -70.97 -9.87 109.77
N HIS KB 470 -70.19 -9.41 108.80
CA HIS KB 470 -69.77 -10.28 107.71
C HIS KB 470 -68.69 -11.26 108.17
N VAL KB 471 -67.84 -10.84 109.10
CA VAL KB 471 -66.71 -11.68 109.48
C VAL KB 471 -67.12 -12.71 110.52
N ILE KB 472 -68.03 -12.35 111.44
CA ILE KB 472 -68.50 -13.33 112.41
C ILE KB 472 -69.37 -14.38 111.73
N SER KB 473 -70.11 -13.98 110.70
CA SER KB 473 -70.97 -14.93 110.01
C SER KB 473 -70.20 -15.81 109.04
N GLN KB 474 -69.49 -15.20 108.07
CA GLN KB 474 -68.84 -15.95 107.01
C GLN KB 474 -67.40 -16.36 107.29
N HIS KB 475 -66.75 -15.80 108.30
CA HIS KB 475 -65.31 -16.01 108.47
C HIS KB 475 -64.97 -16.42 109.89
N GLN KB 476 -65.68 -17.40 110.44
CA GLN KB 476 -65.50 -17.74 111.85
C GLN KB 476 -64.21 -18.51 112.07
N ALA KB 477 -63.75 -19.25 111.07
CA ALA KB 477 -62.52 -20.03 111.24
C ALA KB 477 -61.30 -19.18 110.99
N LEU KB 478 -61.49 -17.98 110.46
CA LEU KB 478 -60.39 -17.02 110.32
C LEU KB 478 -60.00 -16.44 111.67
N LEU KB 479 -60.99 -15.92 112.40
CA LEU KB 479 -60.74 -15.24 113.67
C LEU KB 479 -60.31 -16.21 114.76
N GLY KB 480 -60.55 -17.49 114.57
CA GLY KB 480 -60.14 -18.47 115.56
C GLY KB 480 -58.67 -18.82 115.46
N LYS KB 481 -58.01 -18.38 114.39
CA LYS KB 481 -56.57 -18.60 114.27
C LYS KB 481 -55.79 -17.39 114.77
N ILE KB 482 -56.47 -16.26 114.98
CA ILE KB 482 -55.83 -15.13 115.62
C ILE KB 482 -55.88 -15.27 117.14
N ARG KB 483 -57.01 -15.76 117.66
CA ARG KB 483 -57.17 -15.93 119.10
C ARG KB 483 -56.35 -17.11 119.62
N ALA KB 484 -56.20 -18.15 118.80
CA ALA KB 484 -55.46 -19.32 119.27
C ALA KB 484 -53.95 -19.13 119.11
N ASP KB 485 -53.50 -18.74 117.91
CA ASP KB 485 -52.08 -18.60 117.66
C ASP KB 485 -51.50 -17.31 118.22
N GLY KB 486 -52.31 -16.44 118.75
CA GLY KB 486 -51.81 -15.18 119.29
C GLY KB 486 -51.50 -14.15 118.23
N LYS KB 487 -50.56 -14.43 117.36
CA LYS KB 487 -50.05 -13.48 116.38
C LYS KB 487 -50.87 -13.51 115.10
N ILE KB 488 -50.70 -12.47 114.31
CA ILE KB 488 -51.23 -12.42 112.95
C ILE KB 488 -50.08 -12.86 112.04
N SER KB 489 -50.15 -14.11 111.58
CA SER KB 489 -49.06 -14.71 110.83
C SER KB 489 -49.05 -14.17 109.40
N GLU KB 490 -48.01 -14.53 108.65
CA GLU KB 490 -47.85 -14.01 107.29
C GLU KB 490 -48.85 -14.64 106.32
N GLU KB 491 -49.21 -15.91 106.53
CA GLU KB 491 -50.30 -16.50 105.76
C GLU KB 491 -51.64 -16.00 106.27
N THR KB 492 -51.72 -15.62 107.56
CA THR KB 492 -52.92 -14.98 108.06
C THR KB 492 -53.00 -13.55 107.59
N ASP KB 493 -51.85 -12.92 107.34
CA ASP KB 493 -51.83 -11.62 106.66
C ASP KB 493 -52.33 -11.76 105.23
N ALA KB 494 -52.12 -12.93 104.62
CA ALA KB 494 -52.52 -13.15 103.24
C ALA KB 494 -54.04 -13.24 103.12
N LYS KB 495 -54.69 -14.02 103.98
CA LYS KB 495 -56.13 -14.25 103.87
C LYS KB 495 -56.94 -12.98 104.13
N LEU KB 496 -56.46 -12.12 105.03
CA LEU KB 496 -57.18 -10.90 105.35
C LEU KB 496 -57.06 -9.87 104.23
N LYS KB 497 -56.07 -10.03 103.35
CA LYS KB 497 -55.83 -9.04 102.32
C LYS KB 497 -56.93 -9.04 101.27
N GLU KB 498 -57.57 -10.19 101.07
CA GLU KB 498 -58.67 -10.26 100.11
C GLU KB 498 -59.98 -9.82 100.72
N ILE KB 499 -60.22 -10.22 101.98
CA ILE KB 499 -61.53 -10.08 102.64
C ILE KB 499 -61.93 -8.62 102.77
N VAL KB 500 -60.98 -7.76 103.10
CA VAL KB 500 -61.26 -6.32 103.18
C VAL KB 500 -61.51 -5.76 101.78
N THR KB 501 -60.76 -6.24 100.79
CA THR KB 501 -60.89 -5.72 99.44
C THR KB 501 -62.08 -6.32 98.71
N ASN KB 502 -62.41 -7.58 99.00
CA ASN KB 502 -63.64 -8.16 98.46
C ASN KB 502 -64.87 -7.48 99.03
N PHE KB 503 -64.83 -7.11 100.31
CA PHE KB 503 -65.94 -6.40 100.90
C PHE KB 503 -65.98 -4.95 100.45
N LEU KB 504 -64.82 -4.34 100.24
CA LEU KB 504 -64.79 -2.96 99.76
C LEU KB 504 -65.23 -2.88 98.31
N ALA KB 505 -65.09 -3.98 97.56
CA ALA KB 505 -65.58 -4.01 96.19
C ALA KB 505 -67.10 -3.98 96.15
N GLY KB 506 -67.75 -4.57 97.15
CA GLY KB 506 -69.20 -4.56 97.20
C GLY KB 506 -69.79 -4.02 98.48
N PHE KB 507 -69.19 -2.98 99.07
CA PHE KB 507 -69.78 -2.41 100.28
C PHE KB 507 -70.92 -1.46 99.94
N GLU KB 508 -70.61 -0.37 99.25
CA GLU KB 508 -71.63 0.59 98.84
C GLU KB 508 -71.99 0.30 97.40
N ALA KB 509 -73.23 -0.11 97.16
CA ALA KB 509 -73.70 -0.43 95.83
C ALA KB 509 -75.19 -0.15 95.70
N ALA LB 1 -37.60 1.79 183.52
CA ALA LB 1 -38.71 2.41 184.24
C ALA LB 1 -40.00 2.25 183.46
N THR LB 2 -40.88 1.37 183.94
CA THR LB 2 -42.04 0.96 183.16
C THR LB 2 -43.16 1.98 183.30
N GLY LB 3 -43.60 2.53 182.17
CA GLY LB 3 -44.75 3.41 182.13
C GLY LB 3 -46.05 2.65 181.87
N ARG LB 4 -47.10 3.43 181.55
CA ARG LB 4 -48.41 2.90 181.23
C ARG LB 4 -49.08 3.81 180.21
N ILE LB 5 -49.85 3.23 179.30
CA ILE LB 5 -50.49 3.96 178.21
C ILE LB 5 -51.76 4.63 178.72
N VAL LB 6 -52.04 5.86 178.28
CA VAL LB 6 -53.30 6.49 178.69
C VAL LB 6 -54.19 6.96 177.54
N ALA LB 7 -53.63 7.33 176.39
CA ALA LB 7 -54.45 8.05 175.40
C ALA LB 7 -53.93 7.81 173.98
N VAL LB 8 -54.58 6.91 173.24
CA VAL LB 8 -54.17 6.55 171.88
C VAL LB 8 -55.10 7.27 170.91
N ILE LB 9 -54.71 8.45 170.44
CA ILE LB 9 -55.57 9.24 169.56
C ILE LB 9 -54.87 9.36 168.22
N GLY LB 10 -55.19 8.45 167.31
CA GLY LB 10 -54.54 8.40 166.01
C GLY LB 10 -53.31 7.51 166.05
N ALA LB 11 -52.16 8.07 165.67
CA ALA LB 11 -50.87 7.41 165.84
C ALA LB 11 -49.99 8.14 166.85
N VAL LB 12 -50.59 8.71 167.90
CA VAL LB 12 -49.88 9.50 168.91
C VAL LB 12 -50.30 8.95 170.28
N VAL LB 13 -49.46 8.13 170.86
CA VAL LB 13 -49.72 7.48 172.14
C VAL LB 13 -49.03 8.26 173.25
N ASP LB 14 -49.72 8.47 174.37
CA ASP LB 14 -49.15 9.13 175.54
C ASP LB 14 -48.99 8.11 176.66
N VAL LB 15 -47.81 8.12 177.31
CA VAL LB 15 -47.44 7.13 178.31
C VAL LB 15 -47.23 7.88 179.63
N GLN LB 16 -47.36 7.17 180.76
CA GLN LB 16 -47.19 7.79 182.08
C GLN LB 16 -46.25 6.96 182.94
N PHE LB 17 -45.16 7.56 183.41
CA PHE LB 17 -44.07 6.84 184.08
C PHE LB 17 -44.13 7.02 185.58
N ASP LB 18 -43.98 5.91 186.31
CA ASP LB 18 -43.99 5.98 187.77
C ASP LB 18 -42.66 6.47 188.33
N GLU LB 19 -41.54 5.96 187.83
CA GLU LB 19 -40.25 6.21 188.46
C GLU LB 19 -39.35 7.12 187.63
N GLY LB 20 -39.03 6.74 186.39
CA GLY LB 20 -37.99 7.44 185.68
C GLY LB 20 -38.39 8.01 184.32
N LEU LB 21 -38.38 9.31 184.23
CA LEU LB 21 -38.75 9.96 182.99
C LEU LB 21 -37.62 9.83 181.98
N PRO LB 22 -37.90 9.40 180.75
CA PRO LB 22 -36.85 9.34 179.74
C PRO LB 22 -36.73 10.65 178.98
N PRO LB 23 -35.57 10.95 178.42
CA PRO LB 23 -35.40 12.20 177.69
C PRO LB 23 -36.16 12.26 176.38
N ILE LB 24 -36.09 13.39 175.69
CA ILE LB 24 -36.62 13.49 174.35
C ILE LB 24 -35.75 12.63 173.43
N LEU LB 25 -36.38 12.07 172.39
CA LEU LB 25 -35.74 11.20 171.39
C LEU LB 25 -35.17 9.95 172.05
N ASN LB 26 -36.08 9.10 172.49
CA ASN LB 26 -35.72 7.75 172.93
C ASN LB 26 -36.53 6.70 172.21
N ALA LB 27 -36.51 5.47 172.70
CA ALA LB 27 -37.32 4.41 172.12
C ALA LB 27 -38.01 3.66 173.25
N LEU LB 28 -39.26 3.27 173.02
CA LEU LB 28 -40.08 2.59 174.01
C LEU LB 28 -40.68 1.34 173.40
N GLU LB 29 -40.84 0.30 174.21
CA GLU LB 29 -41.19 -1.03 173.75
C GLU LB 29 -42.50 -1.47 174.37
N VAL LB 30 -43.57 -1.47 173.58
CA VAL LB 30 -44.89 -1.85 174.07
C VAL LB 30 -44.95 -3.37 174.24
N GLN LB 31 -45.31 -3.81 175.44
CA GLN LB 31 -45.29 -5.23 175.75
C GLN LB 31 -46.51 -5.95 175.17
N GLY LB 32 -46.45 -7.28 175.24
CA GLY LB 32 -47.63 -8.10 175.00
C GLY LB 32 -48.12 -8.16 173.57
N ARG LB 33 -47.31 -7.76 172.60
CA ARG LB 33 -47.68 -7.83 171.19
C ARG LB 33 -46.74 -8.80 170.48
N GLU LB 34 -47.29 -9.53 169.52
CA GLU LB 34 -46.49 -10.50 168.79
C GLU LB 34 -45.56 -9.84 167.78
N THR LB 35 -45.79 -8.59 167.44
CA THR LB 35 -44.89 -7.82 166.59
C THR LB 35 -44.19 -6.77 167.44
N ARG LB 36 -43.16 -6.15 166.89
CA ARG LB 36 -42.34 -5.20 167.64
C ARG LB 36 -42.81 -3.79 167.28
N LEU LB 37 -43.43 -3.12 168.24
CA LEU LB 37 -43.91 -1.76 168.09
C LEU LB 37 -43.04 -0.86 168.93
N VAL LB 38 -42.46 0.17 168.31
CA VAL LB 38 -41.47 1.04 168.92
C VAL LB 38 -42.03 2.45 168.92
N LEU LB 39 -41.99 3.10 170.08
CA LEU LB 39 -42.51 4.45 170.25
C LEU LB 39 -41.37 5.37 170.64
N GLU LB 40 -41.30 6.55 170.02
CA GLU LB 40 -40.20 7.47 170.27
C GLU LB 40 -40.70 8.73 170.98
N VAL LB 41 -40.03 9.08 172.08
CA VAL LB 41 -40.48 10.17 172.95
C VAL LB 41 -40.28 11.51 172.25
N ALA LB 42 -41.24 12.41 172.39
CA ALA LB 42 -41.16 13.68 171.71
C ALA LB 42 -41.47 14.89 172.57
N GLN LB 43 -42.19 14.76 173.68
CA GLN LB 43 -42.55 15.89 174.51
C GLN LB 43 -42.71 15.43 175.95
N HIS LB 44 -42.59 16.38 176.88
CA HIS LB 44 -42.76 16.14 178.30
C HIS LB 44 -43.89 17.04 178.78
N LEU LB 45 -44.92 16.45 179.37
CA LEU LB 45 -46.17 17.17 179.55
C LEU LB 45 -46.42 17.66 180.97
N GLY LB 46 -45.84 17.04 181.97
CA GLY LB 46 -46.19 17.36 183.34
C GLY LB 46 -46.91 16.18 183.97
N GLU LB 47 -46.66 15.99 185.27
CA GLU LB 47 -47.11 14.84 186.06
C GLU LB 47 -46.65 13.53 185.40
N SER LB 48 -45.40 13.55 184.91
CA SER LB 48 -44.66 12.38 184.46
C SER LB 48 -45.31 11.66 183.28
N THR LB 49 -45.97 12.40 182.40
CA THR LB 49 -46.50 11.83 181.17
C THR LB 49 -45.76 12.42 179.98
N VAL LB 50 -45.40 11.55 179.03
CA VAL LB 50 -44.72 11.93 177.82
C VAL LB 50 -45.67 11.74 176.64
N ARG LB 51 -45.31 12.29 175.49
CA ARG LB 51 -46.10 12.18 174.28
C ARG LB 51 -45.24 11.57 173.19
N THR LB 52 -45.51 10.33 172.83
CA THR LB 52 -44.69 9.57 171.91
C THR LB 52 -45.32 9.55 170.52
N ILE LB 53 -44.73 8.76 169.62
CA ILE LB 53 -45.23 8.51 168.27
C ILE LB 53 -44.94 7.05 167.94
N ALA LB 54 -45.96 6.29 167.53
CA ALA LB 54 -45.77 4.90 167.20
C ALA LB 54 -45.02 4.75 165.88
N MET LB 55 -44.42 3.57 165.68
CA MET LB 55 -43.78 3.23 164.41
C MET LB 55 -44.51 2.12 163.67
N ASP LB 56 -45.71 1.76 164.09
CA ASP LB 56 -46.46 0.68 163.47
C ASP LB 56 -47.94 0.98 163.64
N GLY LB 57 -48.77 -0.07 163.54
CA GLY LB 57 -50.20 0.10 163.70
C GLY LB 57 -50.62 0.15 165.16
N THR LB 58 -51.55 1.07 165.43
CA THR LB 58 -52.06 1.34 166.76
C THR LB 58 -53.35 0.58 167.09
N GLU LB 59 -53.72 -0.39 166.28
CA GLU LB 59 -54.81 -1.28 166.64
C GLU LB 59 -54.44 -2.15 167.83
N GLY LB 60 -55.43 -2.46 168.66
CA GLY LB 60 -55.22 -3.37 169.76
C GLY LB 60 -54.48 -2.81 170.94
N LEU LB 61 -54.45 -1.49 171.09
CA LEU LB 61 -53.77 -0.82 172.20
C LEU LB 61 -54.79 -0.51 173.28
N VAL LB 62 -54.84 -1.36 174.31
CA VAL LB 62 -55.70 -1.16 175.46
C VAL LB 62 -54.98 -0.29 176.49
N ARG LB 63 -55.68 0.71 177.02
CA ARG LB 63 -55.13 1.60 178.04
C ARG LB 63 -54.68 0.82 179.28
N GLY LB 64 -53.66 1.33 179.95
CA GLY LB 64 -53.10 0.63 181.08
C GLY LB 64 -52.11 -0.44 180.71
N GLN LB 65 -51.42 -0.30 179.59
CA GLN LB 65 -50.50 -1.30 179.08
C GLN LB 65 -49.07 -0.86 179.33
N LYS LB 66 -48.24 -1.81 179.78
CA LYS LB 66 -46.88 -1.50 180.20
C LYS LB 66 -46.00 -1.12 179.02
N VAL LB 67 -44.99 -0.30 179.31
CA VAL LB 67 -44.07 0.26 178.31
C VAL LB 67 -42.68 0.25 178.92
N LEU LB 68 -41.74 -0.47 178.30
CA LEU LB 68 -40.39 -0.54 178.83
C LEU LB 68 -39.56 0.63 178.30
N ASP LB 69 -38.26 0.62 178.58
CA ASP LB 69 -37.38 1.66 178.07
C ASP LB 69 -35.98 1.12 177.89
N SER LB 70 -35.34 1.50 176.78
CA SER LB 70 -34.05 0.96 176.39
C SER LB 70 -32.87 1.80 176.84
N GLY LB 71 -33.03 3.11 176.92
CA GLY LB 71 -31.98 3.97 177.41
C GLY LB 71 -31.24 4.75 176.35
N ALA LB 72 -31.73 4.77 175.13
CA ALA LB 72 -31.03 5.39 174.01
C ALA LB 72 -32.03 5.56 172.88
N PRO LB 73 -31.68 6.31 171.83
CA PRO LB 73 -32.49 6.28 170.61
C PRO LB 73 -32.45 4.94 169.89
N ILE LB 74 -33.05 4.87 168.70
CA ILE LB 74 -33.18 3.58 168.00
C ILE LB 74 -31.82 3.13 167.49
N LYS LB 75 -31.47 1.87 167.79
CA LYS LB 75 -30.15 1.32 167.50
C LYS LB 75 -30.27 0.28 166.38
N ILE LB 76 -29.78 0.65 165.20
CA ILE LB 76 -29.84 -0.16 163.99
C ILE LB 76 -28.57 -0.99 163.87
N PRO LB 77 -28.51 -2.02 163.01
CA PRO LB 77 -27.21 -2.59 162.65
C PRO LB 77 -26.52 -1.72 161.61
N VAL LB 78 -25.19 -1.85 161.57
CA VAL LB 78 -24.36 -1.11 160.64
C VAL LB 78 -23.06 -1.90 160.46
N GLY LB 79 -22.31 -1.58 159.41
CA GLY LB 79 -21.03 -2.20 159.19
C GLY LB 79 -20.80 -2.58 157.74
N PRO LB 80 -19.93 -3.56 157.50
CA PRO LB 80 -19.74 -4.05 156.14
C PRO LB 80 -20.70 -5.16 155.75
N GLU LB 81 -21.27 -5.86 156.74
CA GLU LB 81 -22.14 -6.99 156.46
C GLU LB 81 -23.57 -6.59 156.17
N THR LB 82 -23.85 -5.32 155.97
CA THR LB 82 -25.17 -4.85 155.63
C THR LB 82 -25.34 -4.63 154.14
N LEU LB 83 -24.49 -5.24 153.32
CA LEU LB 83 -24.50 -5.03 151.88
C LEU LB 83 -25.29 -6.12 151.18
N GLY LB 84 -26.05 -5.73 150.16
CA GLY LB 84 -26.94 -6.65 149.49
C GLY LB 84 -28.10 -7.09 150.35
N ARG LB 85 -28.59 -6.20 151.21
CA ARG LB 85 -29.68 -6.47 152.13
C ARG LB 85 -30.73 -5.39 151.99
N ILE LB 86 -31.94 -5.71 152.45
CA ILE LB 86 -33.02 -4.75 152.59
C ILE LB 86 -33.36 -4.63 154.06
N MET LB 87 -33.52 -3.40 154.54
CA MET LB 87 -33.70 -3.22 155.98
C MET LB 87 -34.85 -2.28 156.29
N ASN LB 88 -35.43 -2.51 157.47
CA ASN LB 88 -36.55 -1.81 158.07
C ASN LB 88 -36.11 -0.48 158.67
N VAL LB 89 -37.07 0.29 159.19
CA VAL LB 89 -36.75 1.58 159.82
C VAL LB 89 -36.02 1.39 161.15
N ILE LB 90 -36.36 0.34 161.89
CA ILE LB 90 -35.75 0.10 163.20
C ILE LB 90 -34.64 -0.92 163.03
N GLY LB 91 -34.18 -1.09 161.79
CA GLY LB 91 -33.07 -1.99 161.52
C GLY LB 91 -33.40 -3.46 161.66
N GLU LB 92 -34.22 -3.99 160.78
CA GLU LB 92 -34.60 -5.40 160.76
C GLU LB 92 -34.58 -5.90 159.32
N PRO LB 93 -34.43 -7.21 159.09
CA PRO LB 93 -34.55 -7.73 157.72
C PRO LB 93 -35.99 -7.78 157.23
N ILE LB 94 -36.24 -7.37 155.98
CA ILE LB 94 -37.55 -7.54 155.36
C ILE LB 94 -37.49 -8.35 154.07
N ASP LB 95 -36.41 -9.09 153.82
CA ASP LB 95 -36.27 -9.82 152.56
C ASP LB 95 -36.27 -11.33 152.75
N GLU LB 96 -36.43 -11.80 153.99
CA GLU LB 96 -36.53 -13.22 154.34
C GLU LB 96 -35.26 -14.00 153.93
N ARG LB 97 -34.11 -13.47 154.33
CA ARG LB 97 -32.82 -14.14 154.14
C ARG LB 97 -32.18 -14.51 155.46
N GLY LB 98 -32.81 -14.18 156.58
CA GLY LB 98 -32.21 -14.35 157.88
C GLY LB 98 -31.80 -13.03 158.50
N PRO LB 99 -31.11 -13.08 159.65
CA PRO LB 99 -30.79 -11.86 160.36
C PRO LB 99 -29.52 -11.19 159.85
N ILE LB 100 -29.32 -9.96 160.30
CA ILE LB 100 -28.10 -9.20 160.01
C ILE LB 100 -27.13 -9.41 161.15
N LYS LB 101 -26.00 -10.07 160.88
CA LYS LB 101 -25.01 -10.40 161.88
C LYS LB 101 -23.87 -9.39 161.82
N THR LB 102 -24.02 -8.30 162.57
CA THR LB 102 -22.99 -7.28 162.64
C THR LB 102 -22.54 -7.12 164.09
N LYS LB 103 -21.40 -6.45 164.26
CA LYS LB 103 -20.81 -6.26 165.58
C LYS LB 103 -20.78 -4.80 166.00
N GLN LB 104 -21.56 -3.94 165.34
CA GLN LB 104 -21.53 -2.53 165.62
C GLN LB 104 -22.90 -1.94 165.35
N PHE LB 105 -23.44 -1.19 166.31
CA PHE LB 105 -24.73 -0.54 166.16
C PHE LB 105 -24.54 0.96 166.22
N ALA LB 106 -25.40 1.68 165.52
CA ALA LB 106 -25.32 3.13 165.47
C ALA LB 106 -26.69 3.71 165.76
N ALA LB 107 -26.80 4.50 166.83
CA ALA LB 107 -28.04 5.17 167.14
C ALA LB 107 -28.29 6.31 166.16
N ILE LB 108 -29.52 6.39 165.64
CA ILE LB 108 -29.77 7.16 164.43
C ILE LB 108 -29.81 8.67 164.64
N HIS LB 109 -29.56 9.15 165.85
CA HIS LB 109 -29.62 10.57 166.15
C HIS LB 109 -28.21 11.05 166.47
N ALA LB 110 -27.58 11.72 165.51
CA ALA LB 110 -26.27 12.31 165.66
C ALA LB 110 -26.33 13.77 165.21
N GLU LB 111 -25.23 14.46 165.40
CA GLU LB 111 -25.15 15.90 165.17
C GLU LB 111 -24.32 16.20 163.94
N ALA LB 112 -24.56 17.37 163.38
CA ALA LB 112 -23.89 17.77 162.14
C ALA LB 112 -22.44 18.08 162.42
N PRO LB 113 -21.50 17.62 161.58
CA PRO LB 113 -20.08 17.87 161.84
C PRO LB 113 -19.74 19.34 161.68
N GLU LB 114 -18.71 19.77 162.37
CA GLU LB 114 -18.54 21.19 162.66
C GLU LB 114 -18.00 21.95 161.44
N PHE LB 115 -17.65 23.21 161.66
CA PHE LB 115 -17.15 24.04 160.57
C PHE LB 115 -15.73 23.66 160.19
N MET LB 116 -14.95 23.17 161.14
CA MET LB 116 -13.55 22.85 160.91
C MET LB 116 -13.34 21.43 160.42
N GLU LB 117 -14.38 20.80 159.91
CA GLU LB 117 -14.32 19.48 159.29
C GLU LB 117 -14.99 19.54 157.94
N MET LB 118 -14.65 20.51 157.12
CA MET LB 118 -15.32 20.74 155.85
C MET LB 118 -14.31 20.70 154.72
N SER LB 119 -14.32 19.63 153.94
CA SER LB 119 -13.55 19.58 152.70
C SER LB 119 -14.11 20.58 151.70
N VAL LB 120 -13.21 21.28 151.02
CA VAL LB 120 -13.57 22.46 150.23
C VAL LB 120 -13.45 22.19 148.73
N GLU LB 121 -12.79 21.12 148.31
CA GLU LB 121 -12.42 20.93 146.93
C GLU LB 121 -13.61 20.54 146.06
N GLN LB 122 -13.59 21.01 144.82
CA GLN LB 122 -14.55 20.62 143.79
C GLN LB 122 -13.83 19.84 142.71
N GLU LB 123 -14.60 19.05 141.96
CA GLU LB 123 -14.10 18.14 140.94
C GLU LB 123 -15.06 18.24 139.76
N ILE LB 124 -15.07 17.22 138.90
CA ILE LB 124 -16.17 17.00 137.99
C ILE LB 124 -16.53 15.52 138.04
N LEU LB 125 -17.73 15.19 137.56
CA LEU LB 125 -18.22 13.83 137.49
C LEU LB 125 -18.94 13.65 136.18
N VAL LB 126 -18.58 12.61 135.43
CA VAL LB 126 -19.19 12.34 134.12
C VAL LB 126 -20.07 11.11 134.23
N THR LB 127 -21.34 11.30 133.91
CA THR LB 127 -22.36 10.26 133.98
C THR LB 127 -22.72 9.68 132.63
N GLY LB 128 -22.60 10.48 131.57
CA GLY LB 128 -22.85 10.02 130.20
C GLY LB 128 -24.00 10.71 129.51
N ILE LB 129 -24.69 11.65 130.13
CA ILE LB 129 -25.91 12.24 129.60
C ILE LB 129 -25.59 13.62 129.08
N LYS LB 130 -26.17 13.99 127.95
CA LYS LB 130 -25.79 15.22 127.29
C LYS LB 130 -26.43 16.47 127.88
N VAL LB 131 -27.31 16.34 128.87
CA VAL LB 131 -27.85 17.50 129.57
C VAL LB 131 -27.24 17.66 130.95
N VAL LB 132 -26.98 16.55 131.64
CA VAL LB 132 -26.24 16.58 132.89
C VAL LB 132 -24.81 17.04 132.64
N ASP LB 133 -24.08 16.35 131.77
CA ASP LB 133 -22.67 16.66 131.59
C ASP LB 133 -22.42 17.95 130.84
N LEU LB 134 -23.39 18.46 130.10
CA LEU LB 134 -23.12 19.72 129.43
C LEU LB 134 -23.59 20.91 130.24
N LEU LB 135 -24.77 20.85 130.86
CA LEU LB 135 -25.44 22.04 131.35
C LEU LB 135 -25.52 22.17 132.86
N ALA LB 136 -25.45 21.06 133.60
CA ALA LB 136 -25.54 21.09 135.06
C ALA LB 136 -24.64 20.02 135.64
N PRO LB 137 -23.33 20.16 135.49
CA PRO LB 137 -22.43 19.03 135.74
C PRO LB 137 -22.31 18.71 137.20
N TYR LB 138 -22.08 17.44 137.49
CA TYR LB 138 -22.08 16.95 138.86
C TYR LB 138 -20.72 17.25 139.49
N ALA LB 139 -20.47 16.72 140.68
CA ALA LB 139 -19.19 16.92 141.34
C ALA LB 139 -18.95 15.74 142.26
N LYS LB 140 -17.69 15.33 142.35
CA LYS LB 140 -17.34 14.17 143.17
C LYS LB 140 -17.42 14.55 144.63
N GLY LB 141 -18.52 14.19 145.28
CA GLY LB 141 -18.76 14.58 146.65
C GLY LB 141 -19.85 15.61 146.83
N GLY LB 142 -20.41 16.14 145.74
CA GLY LB 142 -21.43 17.16 145.83
C GLY LB 142 -22.76 16.59 146.26
N LYS LB 143 -23.79 17.43 146.15
CA LYS LB 143 -25.16 17.03 146.47
C LYS LB 143 -26.07 17.39 145.31
N ILE LB 144 -26.92 16.44 144.92
CA ILE LB 144 -27.64 16.44 143.65
C ILE LB 144 -29.11 16.16 143.90
N GLY LB 145 -29.98 17.03 143.43
CA GLY LB 145 -31.42 16.87 143.61
C GLY LB 145 -32.17 16.88 142.29
N LEU LB 146 -33.12 15.95 142.17
CA LEU LB 146 -33.90 15.69 140.95
C LEU LB 146 -35.33 16.12 141.17
N PHE LB 147 -35.71 17.27 140.62
CA PHE LB 147 -37.02 17.84 140.89
C PHE LB 147 -38.03 17.35 139.87
N GLY LB 148 -39.20 17.99 139.82
CA GLY LB 148 -40.18 17.69 138.81
C GLY LB 148 -41.39 16.96 139.39
N GLY LB 149 -42.50 17.03 138.65
CA GLY LB 149 -43.79 16.58 139.13
C GLY LB 149 -43.99 15.09 139.16
N ALA LB 150 -45.19 14.61 138.85
CA ALA LB 150 -45.49 13.18 138.89
C ALA LB 150 -45.62 12.65 137.47
N GLY LB 151 -44.85 11.61 137.16
CA GLY LB 151 -44.87 11.02 135.84
C GLY LB 151 -43.97 11.67 134.82
N VAL LB 152 -42.90 12.35 135.23
CA VAL LB 152 -42.01 13.03 134.30
C VAL LB 152 -40.69 12.32 134.11
N GLY LB 153 -40.39 11.28 134.88
CA GLY LB 153 -39.16 10.58 134.63
C GLY LB 153 -38.11 10.56 135.72
N LYS LB 154 -38.53 10.52 136.99
CA LYS LB 154 -37.58 10.57 138.09
C LYS LB 154 -37.16 9.20 138.59
N THR LB 155 -37.96 8.17 138.43
CA THR LB 155 -37.50 6.84 138.82
C THR LB 155 -36.68 6.21 137.70
N VAL LB 156 -36.79 6.73 136.48
CA VAL LB 156 -35.97 6.28 135.36
C VAL LB 156 -34.61 6.95 135.37
N LEU LB 157 -34.58 8.28 135.51
CA LEU LB 157 -33.34 9.03 135.59
C LEU LB 157 -32.52 8.68 136.83
N ILE LB 158 -33.15 8.16 137.88
CA ILE LB 158 -32.38 7.75 139.04
C ILE LB 158 -31.98 6.29 138.97
N MET LB 159 -32.64 5.47 138.14
CA MET LB 159 -32.22 4.10 137.94
C MET LB 159 -31.30 3.93 136.75
N GLU LB 160 -31.14 4.98 135.96
CA GLU LB 160 -30.14 5.00 134.91
C GLU LB 160 -28.79 5.42 135.44
N LEU LB 161 -28.76 6.38 136.37
CA LEU LB 161 -27.52 6.76 137.04
C LEU LB 161 -27.01 5.66 137.96
N ILE LB 162 -27.89 4.80 138.47
CA ILE LB 162 -27.44 3.62 139.19
C ILE LB 162 -26.72 2.67 138.24
N ASN LB 163 -27.17 2.62 136.98
CA ASN LB 163 -26.48 1.79 136.00
C ASN LB 163 -25.16 2.42 135.59
N ASN LB 164 -25.18 3.71 135.26
CA ASN LB 164 -24.00 4.39 134.73
C ASN LB 164 -22.88 4.47 135.76
N VAL LB 165 -23.15 5.11 136.89
CA VAL LB 165 -22.10 5.42 137.85
C VAL LB 165 -21.87 4.27 138.82
N ALA LB 166 -22.94 3.71 139.39
CA ALA LB 166 -22.80 2.81 140.53
C ALA LB 166 -22.48 1.37 140.15
N LYS LB 167 -21.96 1.13 138.95
CA LYS LB 167 -21.33 -0.14 138.59
C LYS LB 167 -19.85 0.03 138.26
N ALA LB 168 -19.48 1.18 137.68
CA ALA LB 168 -18.11 1.53 137.37
C ALA LB 168 -17.45 2.29 138.51
N HIS LB 169 -17.84 2.02 139.74
CA HIS LB 169 -17.41 2.76 140.92
C HIS LB 169 -16.71 1.82 141.89
N GLY LB 170 -15.69 2.33 142.56
CA GLY LB 170 -14.97 1.52 143.52
C GLY LB 170 -15.61 1.52 144.90
N GLY LB 171 -16.27 2.62 145.24
CA GLY LB 171 -16.93 2.76 146.52
C GLY LB 171 -18.36 2.23 146.50
N TYR LB 172 -19.03 2.42 147.63
CA TYR LB 172 -20.28 1.73 147.88
C TYR LB 172 -21.47 2.67 147.70
N SER LB 173 -22.67 2.10 147.76
CA SER LB 173 -23.89 2.82 147.50
C SER LB 173 -24.98 2.33 148.43
N VAL LB 174 -25.94 3.22 148.71
CA VAL LB 174 -27.09 2.92 149.57
C VAL LB 174 -28.33 3.51 148.91
N PHE LB 175 -29.37 2.69 148.77
CA PHE LB 175 -30.68 3.15 148.30
C PHE LB 175 -31.67 3.11 149.46
N ALA LB 176 -32.15 4.29 149.85
CA ALA LB 176 -33.14 4.44 150.92
C ALA LB 176 -34.47 4.81 150.31
N GLY LB 177 -35.46 3.94 150.47
CA GLY LB 177 -36.78 4.19 149.93
C GLY LB 177 -37.72 4.77 150.96
N VAL LB 178 -37.94 6.08 150.89
CA VAL LB 178 -38.74 6.81 151.87
C VAL LB 178 -40.12 6.96 151.26
N GLY LB 179 -40.97 5.97 151.47
CA GLY LB 179 -42.36 6.09 151.09
C GLY LB 179 -42.68 6.16 149.61
N GLU LB 180 -42.53 5.07 148.87
CA GLU LB 180 -42.89 5.06 147.45
C GLU LB 180 -43.60 3.74 147.14
N ARG LB 181 -43.86 3.46 145.87
CA ARG LB 181 -44.69 2.32 145.50
C ARG LB 181 -43.96 1.01 145.72
N THR LB 182 -44.62 0.05 146.36
CA THR LB 182 -43.95 -1.21 146.68
C THR LB 182 -43.73 -2.05 145.43
N ARG LB 183 -44.45 -1.75 144.35
CA ARG LB 183 -44.15 -2.31 143.04
C ARG LB 183 -42.76 -1.91 142.58
N GLU LB 184 -42.44 -0.61 142.63
CA GLU LB 184 -41.15 -0.09 142.18
C GLU LB 184 -40.00 -0.49 143.10
N GLY LB 185 -40.30 -1.00 144.28
CA GLY LB 185 -39.29 -1.55 145.15
C GLY LB 185 -39.10 -3.03 144.96
N ASN LB 186 -39.75 -3.62 143.96
CA ASN LB 186 -39.49 -4.99 143.55
C ASN LB 186 -38.73 -5.08 142.25
N ASP LB 187 -38.77 -4.05 141.41
CA ASP LB 187 -37.96 -4.03 140.21
C ASP LB 187 -36.49 -3.89 140.55
N LEU LB 188 -36.14 -2.83 141.30
CA LEU LB 188 -34.75 -2.54 141.63
C LEU LB 188 -34.13 -3.58 142.53
N TYR LB 189 -34.92 -4.38 143.24
CA TYR LB 189 -34.33 -5.56 143.87
C TYR LB 189 -34.00 -6.63 142.85
N HIS LB 190 -34.71 -6.69 141.73
CA HIS LB 190 -34.48 -7.72 140.74
C HIS LB 190 -33.76 -7.20 139.51
N GLU LB 191 -33.76 -5.89 139.29
CA GLU LB 191 -32.96 -5.30 138.24
C GLU LB 191 -31.47 -5.36 138.56
N MET LB 192 -31.11 -5.58 139.82
CA MET LB 192 -29.72 -5.60 140.25
C MET LB 192 -29.31 -6.94 140.80
N ILE LB 193 -30.14 -7.97 140.72
CA ILE LB 193 -29.63 -9.31 140.97
C ILE LB 193 -29.02 -9.89 139.70
N GLU LB 194 -29.68 -9.68 138.56
CA GLU LB 194 -29.13 -10.12 137.28
C GLU LB 194 -27.98 -9.26 136.80
N SER LB 195 -27.84 -8.04 137.31
CA SER LB 195 -26.78 -7.14 136.88
C SER LB 195 -25.57 -7.15 137.80
N GLY LB 196 -25.46 -8.13 138.70
CA GLY LB 196 -24.26 -8.35 139.48
C GLY LB 196 -24.04 -7.43 140.67
N VAL LB 197 -24.86 -6.40 140.87
CA VAL LB 197 -24.65 -5.50 141.99
C VAL LB 197 -25.09 -6.15 143.30
N ILE LB 198 -26.00 -7.13 143.26
CA ILE LB 198 -26.34 -7.92 144.43
C ILE LB 198 -26.04 -9.38 144.10
N ASN LB 199 -25.32 -10.05 144.99
CA ASN LB 199 -24.96 -11.45 144.81
C ASN LB 199 -25.46 -12.21 146.02
N LEU LB 200 -26.31 -13.21 145.78
CA LEU LB 200 -27.04 -13.83 146.86
C LEU LB 200 -26.33 -15.03 147.48
N LYS LB 201 -25.07 -15.29 147.12
CA LYS LB 201 -24.37 -16.47 147.64
C LYS LB 201 -23.01 -16.16 148.24
N ASP LB 202 -22.34 -15.14 147.72
CA ASP LB 202 -21.03 -14.70 148.19
C ASP LB 202 -21.13 -13.27 148.69
N ALA LB 203 -19.98 -12.73 149.11
CA ALA LB 203 -19.91 -11.49 149.86
C ALA LB 203 -19.30 -10.34 149.05
N THR LB 204 -19.70 -10.22 147.79
CA THR LB 204 -19.17 -9.18 146.92
C THR LB 204 -20.27 -8.30 146.35
N SER LB 205 -21.30 -8.03 147.14
CA SER LB 205 -22.33 -7.08 146.75
C SER LB 205 -21.87 -5.66 147.04
N LYS LB 206 -22.44 -4.69 146.33
CA LYS LB 206 -21.97 -3.34 146.49
C LYS LB 206 -23.11 -2.35 146.72
N VAL LB 207 -24.20 -2.78 147.35
CA VAL LB 207 -25.31 -1.86 147.62
C VAL LB 207 -26.05 -2.34 148.87
N ALA LB 208 -26.72 -1.41 149.53
CA ALA LB 208 -27.56 -1.67 150.70
C ALA LB 208 -28.87 -0.94 150.55
N LEU LB 209 -29.97 -1.58 150.94
CA LEU LB 209 -31.31 -1.07 150.67
C LEU LB 209 -32.06 -0.81 151.98
N VAL LB 210 -32.78 0.32 152.03
CA VAL LB 210 -33.61 0.70 153.17
C VAL LB 210 -34.99 1.04 152.65
N TYR LB 211 -36.00 0.27 153.05
CA TYR LB 211 -37.32 0.37 152.41
C TYR LB 211 -38.46 0.47 153.41
N GLY LB 212 -39.00 1.68 153.56
CA GLY LB 212 -40.26 1.90 154.24
C GLY LB 212 -41.20 2.67 153.33
N GLN LB 213 -42.28 2.05 152.88
CA GLN LB 213 -43.00 2.50 151.70
C GLN LB 213 -44.30 3.20 152.08
N MET LB 214 -45.13 3.53 151.09
CA MET LB 214 -46.30 4.37 151.36
C MET LB 214 -47.50 3.58 151.84
N ASN LB 215 -47.33 2.32 152.25
CA ASN LB 215 -48.34 1.61 153.02
C ASN LB 215 -48.00 1.56 154.50
N GLU LB 216 -47.34 2.59 155.02
CA GLU LB 216 -46.80 2.60 156.37
C GLU LB 216 -47.28 3.83 157.13
N PRO LB 217 -47.50 3.71 158.44
CA PRO LB 217 -48.06 4.82 159.21
C PRO LB 217 -47.10 6.00 159.23
N PRO LB 218 -47.62 7.23 159.27
CA PRO LB 218 -46.81 8.39 158.91
C PRO LB 218 -45.80 8.82 159.96
N GLY LB 219 -45.59 8.02 161.00
CA GLY LB 219 -44.49 8.23 161.92
C GLY LB 219 -43.28 7.40 161.55
N ALA LB 220 -43.51 6.32 160.81
CA ALA LB 220 -42.41 5.50 160.29
C ALA LB 220 -41.96 5.93 158.91
N ARG LB 221 -42.70 6.81 158.25
CA ARG LB 221 -42.25 7.44 157.02
C ARG LB 221 -41.58 8.77 157.27
N ALA LB 222 -41.04 8.97 158.47
CA ALA LB 222 -40.24 10.15 158.75
C ALA LB 222 -38.87 9.78 159.28
N ARG LB 223 -38.57 8.50 159.43
CA ARG LB 223 -37.33 8.03 160.03
C ARG LB 223 -36.62 6.98 159.19
N VAL LB 224 -37.10 6.69 157.97
CA VAL LB 224 -36.27 5.97 157.01
C VAL LB 224 -35.38 6.91 156.23
N ALA LB 225 -35.59 8.21 156.32
CA ALA LB 225 -34.61 9.13 155.79
C ALA LB 225 -33.37 9.17 156.66
N LEU LB 226 -33.48 8.81 157.94
CA LEU LB 226 -32.36 8.82 158.87
C LEU LB 226 -31.73 7.47 159.07
N THR LB 227 -32.43 6.38 158.78
CA THR LB 227 -31.78 5.08 158.77
C THR LB 227 -30.89 4.94 157.55
N GLY LB 228 -31.15 5.73 156.52
CA GLY LB 228 -30.32 5.74 155.33
C GLY LB 228 -28.95 6.31 155.58
N LEU LB 229 -28.87 7.55 156.03
CA LEU LB 229 -27.60 8.24 156.19
C LEU LB 229 -26.94 7.96 157.53
N THR LB 230 -27.27 6.85 158.15
CA THR LB 230 -26.51 6.26 159.25
C THR LB 230 -25.74 5.03 158.81
N VAL LB 231 -26.26 4.31 157.80
CA VAL LB 231 -25.47 3.30 157.12
C VAL LB 231 -24.54 3.97 156.13
N ALA LB 232 -24.97 5.08 155.53
CA ALA LB 232 -24.16 5.83 154.59
C ALA LB 232 -23.25 6.83 155.24
N GLU LB 233 -22.90 6.63 156.51
CA GLU LB 233 -21.97 7.50 157.22
C GLU LB 233 -20.90 6.65 157.88
N TYR LB 234 -21.23 5.40 158.19
CA TYR LB 234 -20.21 4.47 158.64
C TYR LB 234 -19.23 4.14 157.54
N PHE LB 235 -19.67 4.23 156.29
CA PHE LB 235 -18.77 4.01 155.17
C PHE LB 235 -17.92 5.22 154.86
N ARG LB 236 -18.31 6.40 155.34
CA ARG LB 236 -17.53 7.61 155.12
C ARG LB 236 -16.62 7.93 156.31
N ASP LB 237 -17.14 7.86 157.52
CA ASP LB 237 -16.37 8.24 158.69
C ASP LB 237 -15.46 7.11 159.14
N GLN LB 238 -16.03 5.97 159.52
CA GLN LB 238 -15.27 4.90 160.16
C GLN LB 238 -14.28 4.27 159.19
N GLU LB 239 -14.78 3.64 158.13
CA GLU LB 239 -13.89 3.36 157.02
C GLU LB 239 -13.68 4.66 156.24
N GLY LB 240 -12.48 4.82 155.68
CA GLY LB 240 -12.15 6.07 155.01
C GLY LB 240 -12.55 6.10 153.54
N GLN LB 241 -13.65 5.43 153.22
CA GLN LB 241 -14.03 5.13 151.85
C GLN LB 241 -14.72 6.28 151.16
N ASP LB 242 -15.38 5.97 150.04
CA ASP LB 242 -16.19 6.91 149.29
C ASP LB 242 -17.55 6.27 149.07
N VAL LB 243 -18.63 7.05 149.27
CA VAL LB 243 -19.96 6.48 149.24
C VAL LB 243 -20.79 7.24 148.19
N LEU LB 244 -21.89 6.61 147.77
CA LEU LB 244 -22.93 7.24 146.98
C LEU LB 244 -24.27 7.10 147.71
N LEU LB 245 -25.08 8.15 147.70
CA LEU LB 245 -26.34 8.15 148.46
C LEU LB 245 -27.50 8.37 147.51
N PHE LB 246 -28.37 7.37 147.41
CA PHE LB 246 -29.57 7.42 146.58
C PHE LB 246 -30.80 7.35 147.49
N ILE LB 247 -31.66 8.37 147.40
CA ILE LB 247 -32.86 8.47 148.23
C ILE LB 247 -34.04 8.83 147.34
N ASP LB 248 -35.11 8.04 147.43
CA ASP LB 248 -36.32 8.27 146.64
C ASP LB 248 -37.48 7.76 147.47
N ASN LB 249 -38.33 8.65 148.01
CA ASN LB 249 -38.37 10.08 147.73
C ASN LB 249 -38.27 10.88 149.02
N ILE LB 250 -37.60 12.03 148.99
CA ILE LB 250 -37.29 12.77 150.22
C ILE LB 250 -38.38 13.79 150.57
N PHE LB 251 -39.34 14.03 149.68
CA PHE LB 251 -40.50 14.84 150.04
C PHE LB 251 -41.40 14.10 151.02
N ARG LB 252 -41.37 12.78 151.04
CA ARG LB 252 -42.18 12.05 151.99
C ARG LB 252 -41.64 12.08 153.41
N PHE LB 253 -40.47 12.68 153.64
CA PHE LB 253 -39.99 12.92 154.99
C PHE LB 253 -40.65 14.15 155.58
N THR LB 254 -40.70 15.23 154.81
CA THR LB 254 -41.37 16.45 155.23
C THR LB 254 -42.87 16.21 155.38
N GLN LB 255 -43.48 15.65 154.35
CA GLN LB 255 -44.92 15.52 154.25
C GLN LB 255 -45.50 14.56 155.28
N ALA LB 256 -44.71 13.63 155.79
CA ALA LB 256 -45.15 12.78 156.88
C ALA LB 256 -44.87 13.38 158.24
N GLY LB 257 -44.49 14.64 158.29
CA GLY LB 257 -44.35 15.37 159.53
C GLY LB 257 -45.51 16.30 159.71
N SER LB 258 -46.20 16.59 158.61
CA SER LB 258 -47.44 17.37 158.62
C SER LB 258 -48.66 16.53 158.93
N GLU LB 259 -48.51 15.21 158.98
CA GLU LB 259 -49.61 14.31 159.27
C GLU LB 259 -49.79 14.06 160.76
N VAL LB 260 -48.84 14.49 161.59
CA VAL LB 260 -48.98 14.35 163.03
C VAL LB 260 -48.64 15.66 163.73
N SER LB 261 -48.77 16.79 163.06
CA SER LB 261 -48.39 18.04 163.71
C SER LB 261 -49.45 18.47 164.72
N ALA LB 262 -50.70 18.60 164.28
CA ALA LB 262 -51.78 19.08 165.14
C ALA LB 262 -52.21 18.04 166.18
N LEU LB 263 -52.04 16.75 165.90
CA LEU LB 263 -52.29 15.75 166.93
C LEU LB 263 -51.24 15.78 168.03
N LEU LB 264 -50.07 16.35 167.76
CA LEU LB 264 -49.08 16.55 168.82
C LEU LB 264 -49.44 17.74 169.68
N GLY LB 265 -50.01 18.79 169.11
CA GLY LB 265 -50.44 19.92 169.88
C GLY LB 265 -49.89 21.25 169.42
N ARG LB 266 -49.54 21.37 168.15
CA ARG LB 266 -49.01 22.62 167.60
C ARG LB 266 -50.07 23.34 166.78
N ILE LB 267 -49.90 24.65 166.67
CA ILE LB 267 -50.72 25.43 165.74
C ILE LB 267 -50.12 25.31 164.35
N PRO LB 268 -50.88 24.90 163.34
CA PRO LB 268 -50.30 24.74 162.01
C PRO LB 268 -49.96 26.08 161.37
N SER LB 269 -48.86 26.07 160.61
CA SER LB 269 -48.26 27.22 159.94
C SER LB 269 -49.00 27.54 158.65
N ALA LB 270 -48.32 28.17 157.70
CA ALA LB 270 -48.81 28.33 156.34
C ALA LB 270 -48.99 26.97 155.67
N VAL LB 271 -49.34 26.92 154.38
CA VAL LB 271 -50.41 26.11 153.77
C VAL LB 271 -50.83 24.76 154.37
N GLY LB 272 -50.19 24.27 155.42
CA GLY LB 272 -50.73 23.14 156.14
C GLY LB 272 -49.61 22.35 156.75
N TYR LB 273 -48.41 22.83 156.51
CA TYR LB 273 -47.20 22.20 157.00
C TYR LB 273 -47.04 22.47 158.49
N GLN LB 274 -46.14 21.72 159.10
CA GLN LB 274 -45.84 21.89 160.51
C GLN LB 274 -45.03 23.17 160.68
N PRO LB 275 -45.01 23.77 161.89
CA PRO LB 275 -44.24 25.00 162.06
C PRO LB 275 -42.74 24.80 162.20
N THR LB 276 -42.26 23.56 162.13
CA THR LB 276 -40.84 23.24 162.22
C THR LB 276 -40.33 22.68 160.91
N LEU LB 277 -40.65 23.34 159.80
CA LEU LB 277 -40.29 22.81 158.49
C LEU LB 277 -38.79 22.88 158.25
N ALA LB 278 -38.24 24.10 158.24
CA ALA LB 278 -36.84 24.36 157.92
C ALA LB 278 -35.89 24.08 159.06
N THR LB 279 -36.33 23.38 160.09
CA THR LB 279 -35.51 23.03 161.22
C THR LB 279 -35.30 21.54 161.34
N ASP LB 280 -36.36 20.75 161.18
CA ASP LB 280 -36.23 19.30 161.11
C ASP LB 280 -35.63 18.86 159.79
N MET LB 281 -35.78 19.67 158.74
CA MET LB 281 -35.15 19.37 157.47
C MET LB 281 -33.65 19.61 157.54
N GLY LB 282 -33.25 20.82 157.95
CA GLY LB 282 -31.85 21.14 158.09
C GLY LB 282 -31.12 20.43 159.21
N THR LB 283 -31.83 19.77 160.10
CA THR LB 283 -31.15 18.88 161.03
C THR LB 283 -30.64 17.64 160.31
N MET LB 284 -31.35 17.20 159.27
CA MET LB 284 -31.00 16.03 158.49
C MET LB 284 -30.07 16.33 157.32
N GLN LB 285 -30.33 17.40 156.59
CA GLN LB 285 -29.54 17.74 155.40
C GLN LB 285 -28.20 18.41 155.71
N GLU LB 286 -27.74 18.37 156.95
CA GLU LB 286 -26.37 18.73 157.27
C GLU LB 286 -25.54 17.54 157.67
N ARG LB 287 -26.16 16.40 157.94
CA ARG LB 287 -25.39 15.18 158.12
C ARG LB 287 -24.98 14.55 156.80
N ILE LB 288 -25.56 14.99 155.68
CA ILE LB 288 -25.12 14.55 154.36
C ILE LB 288 -24.13 15.59 153.84
N THR LB 289 -22.88 15.46 154.27
CA THR LB 289 -21.79 16.31 153.81
C THR LB 289 -20.53 15.49 153.67
N THR LB 290 -19.57 16.04 152.95
CA THR LB 290 -18.25 15.46 152.81
C THR LB 290 -17.30 16.18 153.78
N THR LB 291 -16.83 15.44 154.77
CA THR LB 291 -15.86 15.97 155.74
C THR LB 291 -14.47 15.66 155.23
N LYS LB 292 -13.47 15.82 156.10
CA LYS LB 292 -12.10 15.50 155.75
C LYS LB 292 -11.70 14.09 156.17
N LYS LB 293 -12.68 13.23 156.42
CA LYS LB 293 -12.41 11.81 156.62
C LYS LB 293 -12.94 10.94 155.50
N GLY LB 294 -13.78 11.47 154.62
CA GLY LB 294 -14.33 10.68 153.54
C GLY LB 294 -15.16 11.57 152.64
N SER LB 295 -15.97 10.96 151.80
CA SER LB 295 -16.81 11.73 150.90
C SER LB 295 -18.14 11.03 150.70
N ILE LB 296 -19.14 11.81 150.30
CA ILE LB 296 -20.49 11.32 150.00
C ILE LB 296 -20.98 12.04 148.76
N THR LB 297 -21.44 11.29 147.77
CA THR LB 297 -22.08 11.87 146.60
C THR LB 297 -23.54 11.48 146.64
N SER LB 298 -24.41 12.44 146.93
CA SER LB 298 -25.80 12.16 147.25
C SER LB 298 -26.70 12.55 146.10
N VAL LB 299 -27.55 11.61 145.67
CA VAL LB 299 -28.56 11.86 144.64
C VAL LB 299 -29.93 11.59 145.27
N GLN LB 300 -30.76 12.63 145.36
CA GLN LB 300 -32.07 12.54 146.01
C GLN LB 300 -33.16 12.98 145.04
N ALA LB 301 -34.20 12.17 144.94
CA ALA LB 301 -35.37 12.54 144.15
C ALA LB 301 -36.29 13.39 145.00
N ILE LB 302 -36.83 14.45 144.43
CA ILE LB 302 -37.61 15.43 145.17
C ILE LB 302 -38.93 15.62 144.43
N TYR LB 303 -40.01 15.06 144.97
CA TYR LB 303 -41.34 15.28 144.41
C TYR LB 303 -41.77 16.72 144.62
N VAL LB 304 -42.20 17.37 143.55
CA VAL LB 304 -42.82 18.68 143.58
C VAL LB 304 -44.32 18.47 143.51
N PRO LB 305 -45.09 18.83 144.54
CA PRO LB 305 -46.54 18.54 144.51
C PRO LB 305 -47.28 19.46 143.57
N ALA LB 306 -48.04 18.85 142.66
CA ALA LB 306 -48.90 19.52 141.66
C ALA LB 306 -48.13 20.48 140.77
N ASP LB 307 -46.87 20.11 140.46
CA ASP LB 307 -45.94 20.87 139.60
C ASP LB 307 -45.72 22.29 140.10
N ASP LB 308 -45.87 22.52 141.40
CA ASP LB 308 -45.82 23.84 141.99
C ASP LB 308 -44.48 23.96 142.67
N LEU LB 309 -43.53 24.63 142.01
CA LEU LB 309 -42.17 24.71 142.52
C LEU LB 309 -42.03 25.66 143.69
N THR LB 310 -42.92 26.66 143.81
CA THR LB 310 -42.93 27.62 144.89
C THR LB 310 -43.63 27.11 146.15
N ASP LB 311 -43.95 25.83 146.19
CA ASP LB 311 -44.45 25.18 147.38
C ASP LB 311 -43.37 25.20 148.46
N PRO LB 312 -43.72 25.29 149.74
CA PRO LB 312 -42.69 25.38 150.78
C PRO LB 312 -41.92 24.09 151.03
N ALA LB 313 -42.40 22.94 150.60
CA ALA LB 313 -41.59 21.74 150.82
C ALA LB 313 -40.45 21.59 149.79
N PRO LB 314 -40.63 21.93 148.47
CA PRO LB 314 -39.43 21.98 147.63
C PRO LB 314 -38.59 23.23 147.75
N ALA LB 315 -39.19 24.40 147.97
CA ALA LB 315 -38.43 25.65 147.91
C ALA LB 315 -37.53 25.87 149.10
N THR LB 316 -37.63 25.06 150.14
CA THR LB 316 -36.66 25.06 151.21
C THR LB 316 -35.63 23.96 151.06
N THR LB 317 -35.66 23.23 149.94
CA THR LB 317 -34.67 22.20 149.68
C THR LB 317 -33.65 22.66 148.65
N PHE LB 318 -33.91 23.78 147.98
CA PHE LB 318 -33.00 24.33 146.97
C PHE LB 318 -31.72 24.91 147.56
N ALA LB 319 -31.51 24.86 148.87
CA ALA LB 319 -30.31 25.39 149.47
C ALA LB 319 -29.42 24.33 150.07
N HIS LB 320 -29.90 23.09 150.18
CA HIS LB 320 -29.11 22.00 150.71
C HIS LB 320 -28.42 21.21 149.62
N LEU LB 321 -28.30 21.78 148.42
CA LEU LB 321 -27.91 21.02 147.24
C LEU LB 321 -26.91 21.82 146.42
N ASP LB 322 -25.97 21.10 145.79
CA ASP LB 322 -25.04 21.72 144.86
C ASP LB 322 -25.60 21.78 143.46
N ALA LB 323 -26.31 20.73 143.04
CA ALA LB 323 -26.73 20.56 141.65
C ALA LB 323 -28.21 20.23 141.58
N THR LB 324 -28.93 20.97 140.74
CA THR LB 324 -30.36 20.78 140.54
C THR LB 324 -30.61 20.38 139.09
N THR LB 325 -31.31 19.27 138.89
CA THR LB 325 -31.81 18.86 137.57
C THR LB 325 -33.32 18.86 137.63
N VAL LB 326 -33.96 19.85 137.00
CA VAL LB 326 -35.39 20.07 137.12
C VAL LB 326 -36.07 19.54 135.86
N LEU LB 327 -36.84 18.47 136.00
CA LEU LB 327 -37.59 17.89 134.91
C LEU LB 327 -38.92 18.61 134.78
N SER LB 328 -39.27 19.02 133.57
CA SER LB 328 -40.55 19.67 133.33
C SER LB 328 -41.48 18.68 132.67
N ARG LB 329 -42.74 19.08 132.48
CA ARG LB 329 -43.72 18.20 131.87
C ARG LB 329 -44.11 18.69 130.49
N ALA LB 330 -43.99 19.99 130.24
CA ALA LB 330 -44.29 20.53 128.93
C ALA LB 330 -43.22 20.16 127.90
N ILE LB 331 -42.11 19.59 128.35
CA ILE LB 331 -41.05 19.11 127.46
C ILE LB 331 -41.23 17.63 127.18
N ALA LB 332 -41.59 16.84 128.20
CA ALA LB 332 -41.77 15.41 128.00
C ALA LB 332 -43.07 15.10 127.27
N GLU LB 333 -43.92 16.11 127.06
CA GLU LB 333 -45.09 15.91 126.23
C GLU LB 333 -44.73 16.01 124.75
N LEU LB 334 -43.57 16.59 124.44
CA LEU LB 334 -43.07 16.62 123.08
C LEU LB 334 -42.25 15.40 122.72
N GLY LB 335 -42.23 14.38 123.56
CA GLY LB 335 -41.46 13.19 123.29
C GLY LB 335 -40.00 13.25 123.65
N ILE LB 336 -39.50 14.42 124.04
CA ILE LB 336 -38.10 14.62 124.41
C ILE LB 336 -37.83 13.88 125.71
N TYR LB 337 -36.84 13.00 125.71
CA TYR LB 337 -36.51 12.22 126.90
C TYR LB 337 -35.00 12.03 126.99
N PRO LB 338 -34.35 12.41 128.12
CA PRO LB 338 -34.75 12.95 129.40
C PRO LB 338 -35.39 14.33 129.34
N ALA LB 339 -36.39 14.53 130.20
CA ALA LB 339 -37.26 15.69 130.17
C ALA LB 339 -36.60 16.97 130.64
N VAL LB 340 -35.30 16.92 130.98
CA VAL LB 340 -34.61 17.95 131.77
C VAL LB 340 -34.75 19.32 131.14
N ASP LB 341 -35.19 20.27 131.93
CA ASP LB 341 -35.33 21.64 131.49
C ASP LB 341 -33.94 22.23 131.27
N PRO LB 342 -33.64 22.79 130.10
CA PRO LB 342 -32.31 23.39 129.91
C PRO LB 342 -32.16 24.74 130.60
N LEU LB 343 -33.25 25.49 130.75
CA LEU LB 343 -33.12 26.83 131.29
C LEU LB 343 -33.46 26.88 132.78
N ASP LB 344 -33.45 25.75 133.46
CA ASP LB 344 -33.81 25.78 134.87
C ASP LB 344 -32.88 24.90 135.69
N SER LB 345 -32.12 24.04 135.05
CA SER LB 345 -31.07 23.34 135.76
C SER LB 345 -29.88 24.25 135.95
N THR LB 346 -29.07 23.98 136.97
CA THR LB 346 -28.00 24.87 137.40
C THR LB 346 -27.06 24.09 138.30
N SER LB 347 -25.76 24.29 138.12
CA SER LB 347 -24.76 23.75 139.03
C SER LB 347 -23.85 24.85 139.53
N ARG LB 348 -23.05 24.51 140.54
CA ARG LB 348 -22.12 25.49 141.12
C ARG LB 348 -20.82 25.54 140.34
N ILE LB 349 -20.41 24.42 139.77
CA ILE LB 349 -19.09 24.29 139.14
C ILE LB 349 -19.13 24.68 137.68
N MET LB 350 -20.27 25.17 137.20
CA MET LB 350 -20.28 25.80 135.90
C MET LB 350 -19.53 27.11 136.03
N ASP LB 351 -18.27 27.05 135.67
CA ASP LB 351 -17.22 27.94 136.12
C ASP LB 351 -16.07 27.85 135.14
N PRO LB 352 -15.57 28.94 134.59
CA PRO LB 352 -14.47 28.83 133.62
C PRO LB 352 -13.11 28.50 134.20
N ASN LB 353 -13.05 28.03 135.45
CA ASN LB 353 -11.81 27.65 136.09
C ASN LB 353 -11.81 26.20 136.58
N ILE LB 354 -12.90 25.46 136.38
CA ILE LB 354 -12.96 24.05 136.74
C ILE LB 354 -13.27 23.16 135.54
N VAL LB 355 -14.28 23.54 134.75
CA VAL LB 355 -14.66 22.76 133.59
C VAL LB 355 -13.95 23.20 132.32
N GLY LB 356 -13.26 24.33 132.33
CA GLY LB 356 -12.51 24.79 131.19
C GLY LB 356 -13.30 25.81 130.38
N SER LB 357 -12.56 26.63 129.64
CA SER LB 357 -13.17 27.73 128.89
C SER LB 357 -13.58 27.34 127.48
N GLU LB 358 -13.76 26.04 127.23
CA GLU LB 358 -14.42 25.55 126.03
C GLU LB 358 -15.74 24.87 126.35
N HIS LB 359 -15.77 24.09 127.44
CA HIS LB 359 -17.03 23.60 128.02
C HIS LB 359 -17.94 24.75 128.41
N TYR LB 360 -17.37 25.86 128.88
CA TYR LB 360 -18.19 26.95 129.36
C TYR LB 360 -18.79 27.77 128.22
N ASP LB 361 -18.04 27.95 127.13
CA ASP LB 361 -18.56 28.78 126.05
C ASP LB 361 -19.62 28.05 125.25
N VAL LB 362 -19.66 26.72 125.34
CA VAL LB 362 -20.67 25.95 124.63
C VAL LB 362 -21.99 26.01 125.38
N ALA LB 363 -21.96 25.67 126.67
CA ALA LB 363 -23.18 25.54 127.45
C ALA LB 363 -23.78 26.90 127.80
N ARG LB 364 -23.08 27.98 127.50
CA ARG LB 364 -23.69 29.29 127.59
C ARG LB 364 -24.03 29.82 126.20
N GLY LB 365 -24.11 28.93 125.22
CA GLY LB 365 -24.66 29.31 123.93
C GLY LB 365 -25.82 28.41 123.54
N VAL LB 366 -25.85 27.21 124.12
CA VAL LB 366 -27.04 26.37 124.07
C VAL LB 366 -28.18 27.02 124.82
N GLN LB 367 -27.91 27.50 126.05
CA GLN LB 367 -28.94 28.14 126.84
C GLN LB 367 -29.31 29.51 126.30
N LYS LB 368 -28.45 30.11 125.50
CA LYS LB 368 -28.75 31.44 124.99
C LYS LB 368 -29.57 31.37 123.71
N ILE LB 369 -29.49 30.25 122.99
CA ILE LB 369 -30.28 30.10 121.78
C ILE LB 369 -31.64 29.49 122.10
N LEU LB 370 -31.79 28.90 123.27
CA LEU LB 370 -33.09 28.37 123.66
C LEU LB 370 -33.96 29.45 124.30
N GLN LB 371 -33.34 30.47 124.89
CA GLN LB 371 -34.13 31.61 125.36
C GLN LB 371 -34.40 32.57 124.21
N ASP LB 372 -33.67 32.42 123.10
CA ASP LB 372 -33.97 33.21 121.92
C ASP LB 372 -35.13 32.60 121.15
N TYR LB 373 -35.37 31.31 121.36
CA TYR LB 373 -36.48 30.61 120.71
C TYR LB 373 -37.82 31.13 121.20
N LYS LB 374 -37.96 31.31 122.52
CA LYS LB 374 -39.26 31.59 123.12
C LYS LB 374 -39.76 32.99 122.77
N SER LB 375 -38.86 33.89 122.41
CA SER LB 375 -39.33 35.20 121.98
C SER LB 375 -39.84 35.15 120.54
N LEU LB 376 -39.52 34.08 119.82
CA LEU LB 376 -40.03 33.92 118.46
C LEU LB 376 -41.33 33.14 118.45
N GLN LB 377 -41.55 32.29 119.46
CA GLN LB 377 -42.76 31.49 119.52
C GLN LB 377 -44.01 32.33 119.79
N ASP LB 378 -43.85 33.53 120.29
CA ASP LB 378 -45.00 34.40 120.46
C ASP LB 378 -45.31 35.15 119.17
N ILE LB 379 -44.34 35.19 118.26
CA ILE LB 379 -44.57 35.83 116.97
C ILE LB 379 -45.20 34.84 115.99
N ILE LB 380 -44.84 33.56 116.12
CA ILE LB 380 -45.30 32.53 115.20
C ILE LB 380 -46.80 32.30 115.38
N ALA LB 381 -47.28 32.45 116.61
CA ALA LB 381 -48.69 32.25 116.94
C ALA LB 381 -49.62 33.29 116.32
N ILE LB 382 -49.07 34.34 115.72
CA ILE LB 382 -49.89 35.37 115.08
C ILE LB 382 -49.46 35.53 113.63
N LEU LB 383 -48.17 35.75 113.40
CA LEU LB 383 -47.67 35.99 112.04
C LEU LB 383 -47.54 34.73 111.22
N GLY LB 384 -47.49 33.56 111.84
CA GLY LB 384 -47.25 32.36 111.09
C GLY LB 384 -45.79 32.19 110.71
N MET LB 385 -45.44 30.99 110.26
CA MET LB 385 -44.03 30.66 110.08
C MET LB 385 -43.44 31.30 108.83
N ASP LB 386 -44.23 31.43 107.77
CA ASP LB 386 -43.71 31.94 106.51
C ASP LB 386 -43.85 33.46 106.38
N GLU LB 387 -43.82 34.18 107.50
CA GLU LB 387 -43.70 35.64 107.50
C GLU LB 387 -42.35 36.11 108.03
N LEU LB 388 -41.68 35.28 108.84
CA LEU LB 388 -40.41 35.61 109.48
C LEU LB 388 -39.32 35.93 108.45
N SER LB 389 -38.27 36.59 108.92
CA SER LB 389 -37.14 36.89 108.06
C SER LB 389 -36.24 35.66 107.94
N GLU LB 390 -35.20 35.78 107.12
CA GLU LB 390 -34.35 34.62 106.84
C GLU LB 390 -33.31 34.38 107.91
N GLU LB 391 -33.05 35.34 108.79
CA GLU LB 391 -32.15 35.07 109.90
C GLU LB 391 -32.88 34.37 111.04
N ASP LB 392 -34.13 34.75 111.29
CA ASP LB 392 -34.89 34.19 112.40
C ASP LB 392 -35.38 32.79 112.08
N LYS LB 393 -35.46 32.46 110.80
CA LYS LB 393 -35.77 31.09 110.41
C LYS LB 393 -34.60 30.17 110.69
N LEU LB 394 -33.39 30.72 110.62
CA LEU LB 394 -32.19 29.94 110.90
C LEU LB 394 -32.08 29.63 112.38
N THR LB 395 -32.61 30.53 113.22
CA THR LB 395 -32.59 30.31 114.66
C THR LB 395 -33.48 29.15 115.07
N VAL LB 396 -34.72 29.13 114.56
CA VAL LB 396 -35.72 28.13 114.95
C VAL LB 396 -35.29 26.74 114.50
N SER LB 397 -34.58 26.66 113.37
CA SER LB 397 -34.19 25.36 112.83
C SER LB 397 -33.05 24.75 113.63
N ARG LB 398 -32.06 25.57 114.01
CA ARG LB 398 -30.98 25.09 114.87
C ARG LB 398 -31.48 24.80 116.27
N ALA LB 399 -32.35 25.66 116.80
CA ALA LB 399 -32.88 25.47 118.15
C ALA LB 399 -33.72 24.21 118.23
N ARG LB 400 -34.44 23.87 117.17
CA ARG LB 400 -35.15 22.59 117.14
C ARG LB 400 -34.20 21.44 116.86
N LYS LB 401 -33.05 21.71 116.26
CA LYS LB 401 -32.03 20.68 116.11
C LYS LB 401 -31.32 20.44 117.43
N ILE LB 402 -31.10 21.51 118.20
CA ILE LB 402 -30.46 21.38 119.51
C ILE LB 402 -31.40 20.71 120.52
N GLN LB 403 -32.68 21.09 120.50
CA GLN LB 403 -33.67 20.50 121.39
C GLN LB 403 -33.84 19.02 121.16
N ARG LB 404 -33.77 18.58 119.90
CA ARG LB 404 -33.89 17.17 119.61
C ARG LB 404 -32.57 16.45 119.92
N PHE LB 405 -31.45 17.17 119.91
CA PHE LB 405 -30.17 16.53 120.16
C PHE LB 405 -29.90 16.40 121.65
N LEU LB 406 -30.60 17.16 122.49
CA LEU LB 406 -30.47 17.00 123.93
C LEU LB 406 -31.12 15.70 124.40
N SER LB 407 -32.05 15.18 123.62
CA SER LB 407 -32.67 13.90 123.93
C SER LB 407 -31.72 12.76 123.65
N GLN LB 408 -31.83 11.70 124.44
CA GLN LB 408 -30.91 10.59 124.30
C GLN LB 408 -31.58 9.32 124.79
N PRO LB 409 -31.45 8.24 124.05
CA PRO LB 409 -32.06 6.97 124.48
C PRO LB 409 -31.31 6.32 125.63
N PHE LB 410 -31.93 6.23 126.80
CA PHE LB 410 -31.29 5.56 127.91
C PHE LB 410 -31.33 4.05 127.72
N GLN LB 411 -30.54 3.36 128.53
CA GLN LB 411 -30.48 1.91 128.42
C GLN LB 411 -31.69 1.27 129.10
N VAL LB 412 -32.36 2.01 129.97
CA VAL LB 412 -33.51 1.45 130.68
C VAL LB 412 -34.80 1.72 129.92
N ALA LB 413 -34.72 2.45 128.82
CA ALA LB 413 -35.81 2.54 127.85
C ALA LB 413 -35.69 1.50 126.75
N GLU LB 414 -35.07 0.35 127.05
CA GLU LB 414 -35.03 -0.74 126.09
C GLU LB 414 -36.22 -1.68 126.28
N VAL LB 415 -37.11 -1.34 127.21
CA VAL LB 415 -38.35 -2.09 127.34
C VAL LB 415 -39.54 -1.17 127.06
N PHE LB 416 -39.29 0.13 126.95
CA PHE LB 416 -40.39 1.06 126.72
C PHE LB 416 -40.46 1.49 125.25
N THR LB 417 -39.32 1.84 124.66
CA THR LB 417 -39.31 2.37 123.30
C THR LB 417 -38.77 1.37 122.27
N GLY LB 418 -37.92 0.44 122.68
CA GLY LB 418 -37.39 -0.53 121.74
C GLY LB 418 -36.15 -0.09 121.01
N HIS LB 419 -35.68 1.14 121.24
CA HIS LB 419 -34.41 1.64 120.76
C HIS LB 419 -33.24 0.94 121.46
N LEU LB 420 -32.03 1.35 121.13
CA LEU LB 420 -30.83 0.84 121.79
C LEU LB 420 -30.16 1.98 122.53
N GLY LB 421 -29.44 1.66 123.60
CA GLY LB 421 -29.00 2.69 124.52
C GLY LB 421 -27.66 3.28 124.13
N LYS LB 422 -27.44 4.53 124.54
CA LYS LB 422 -26.20 5.24 124.30
C LYS LB 422 -25.51 5.51 125.63
N LEU LB 423 -24.22 5.89 125.57
CA LEU LB 423 -23.51 6.44 126.72
C LEU LB 423 -22.41 7.36 126.18
N VAL LB 424 -22.70 8.65 126.07
CA VAL LB 424 -21.81 9.53 125.30
C VAL LB 424 -20.67 10.02 126.18
N PRO LB 425 -19.42 9.93 125.75
CA PRO LB 425 -18.32 10.56 126.50
C PRO LB 425 -18.39 12.07 126.43
N LEU LB 426 -17.62 12.71 127.31
CA LEU LB 426 -17.71 14.16 127.46
C LEU LB 426 -17.05 14.88 126.30
N LYS LB 427 -15.96 14.32 125.75
CA LYS LB 427 -15.22 15.01 124.70
C LYS LB 427 -16.02 15.06 123.40
N GLU LB 428 -16.94 14.12 123.21
CA GLU LB 428 -17.79 14.13 122.02
C GLU LB 428 -19.00 15.02 122.21
N THR LB 429 -19.49 15.12 123.45
CA THR LB 429 -20.63 15.96 123.79
C THR LB 429 -20.34 17.42 123.48
N ILE LB 430 -19.15 17.89 123.84
CA ILE LB 430 -18.78 19.27 123.60
C ILE LB 430 -18.58 19.52 122.11
N LYS LB 431 -18.03 18.54 121.41
CA LYS LB 431 -17.71 18.71 119.99
C LYS LB 431 -18.97 18.68 119.13
N GLY LB 432 -19.95 17.84 119.49
CA GLY LB 432 -21.17 17.75 118.71
C GLY LB 432 -21.99 19.02 118.78
N PHE LB 433 -22.17 19.56 119.98
CA PHE LB 433 -22.97 20.77 120.14
C PHE LB 433 -22.26 22.00 119.61
N GLN LB 434 -20.93 21.94 119.52
CA GLN LB 434 -20.17 23.07 119.01
C GLN LB 434 -20.41 23.26 117.52
N GLN LB 435 -20.78 22.18 116.83
CA GLN LB 435 -20.87 22.23 115.37
C GLN LB 435 -22.28 22.62 114.91
N ILE LB 436 -23.31 22.28 115.69
CA ILE LB 436 -24.67 22.69 115.32
C ILE LB 436 -24.83 24.20 115.46
N LEU LB 437 -24.11 24.80 116.41
CA LEU LB 437 -24.14 26.25 116.54
C LEU LB 437 -23.35 26.92 115.43
N ALA LB 438 -22.36 26.22 114.89
CA ALA LB 438 -21.52 26.80 113.84
C ALA LB 438 -22.26 26.83 112.51
N GLY LB 439 -22.86 25.72 112.11
CA GLY LB 439 -23.60 25.66 110.88
C GLY LB 439 -23.24 24.45 110.05
N GLU LB 440 -22.46 23.54 110.62
CA GLU LB 440 -21.95 22.41 109.87
C GLU LB 440 -22.90 21.24 109.81
N TYR LB 441 -24.16 21.43 110.19
CA TYR LB 441 -25.18 20.42 109.93
C TYR LB 441 -26.50 21.06 109.54
N ASP LB 442 -26.44 22.26 108.96
CA ASP LB 442 -27.61 23.01 108.49
C ASP LB 442 -28.35 22.36 107.35
N HIS LB 443 -27.86 21.25 106.80
CA HIS LB 443 -28.36 20.67 105.57
C HIS LB 443 -29.03 19.33 105.80
N LEU LB 444 -29.50 19.07 107.00
CA LEU LB 444 -30.08 17.77 107.36
C LEU LB 444 -31.52 17.96 107.80
N PRO LB 445 -32.32 16.89 107.80
CA PRO LB 445 -33.62 16.95 108.45
C PRO LB 445 -33.49 16.76 109.97
N GLU LB 446 -34.47 17.32 110.67
CA GLU LB 446 -34.51 17.26 112.13
C GLU LB 446 -34.70 15.85 112.67
N GLN LB 447 -35.29 14.95 111.89
CA GLN LB 447 -35.58 13.62 112.41
C GLN LB 447 -34.34 12.74 112.48
N ALA LB 448 -33.21 13.19 111.93
CA ALA LB 448 -31.95 12.51 112.15
C ALA LB 448 -31.51 12.64 113.60
N PHE LB 449 -31.63 13.84 114.17
CA PHE LB 449 -31.08 14.17 115.47
C PHE LB 449 -31.86 13.56 116.63
N TYR LB 450 -33.11 13.18 116.42
CA TYR LB 450 -33.92 12.61 117.49
C TYR LB 450 -33.40 11.24 117.87
N MET LB 451 -33.01 11.11 119.13
CA MET LB 451 -32.66 9.85 119.79
C MET LB 451 -31.46 9.17 119.16
N VAL LB 452 -30.32 9.86 119.23
CA VAL LB 452 -29.04 9.31 118.79
C VAL LB 452 -28.05 9.45 119.93
N GLY LB 453 -26.80 9.07 119.69
CA GLY LB 453 -25.75 9.36 120.62
C GLY LB 453 -24.85 10.46 120.08
N PRO LB 454 -23.66 10.10 119.65
CA PRO LB 454 -22.74 11.09 119.07
C PRO LB 454 -23.26 11.61 117.75
N ILE LB 455 -22.69 12.75 117.34
CA ILE LB 455 -23.09 13.48 116.14
C ILE LB 455 -22.79 12.68 114.87
N GLU LB 456 -21.93 11.67 114.94
CA GLU LB 456 -21.64 10.85 113.77
C GLU LB 456 -22.74 9.81 113.55
N GLU LB 457 -23.61 9.61 114.54
CA GLU LB 457 -24.79 8.77 114.32
C GLU LB 457 -25.94 9.57 113.77
N ALA LB 458 -25.82 10.89 113.78
CA ALA LB 458 -26.91 11.74 113.32
C ALA LB 458 -26.73 12.11 111.86
N VAL LB 459 -25.72 11.54 111.22
CA VAL LB 459 -25.60 11.62 109.77
C VAL LB 459 -25.73 10.24 109.16
N ALA LB 460 -25.58 9.19 109.98
CA ALA LB 460 -25.86 7.83 109.53
C ALA LB 460 -27.35 7.54 109.52
N LYS LB 461 -28.16 8.47 110.01
CA LYS LB 461 -29.62 8.34 109.91
C LYS LB 461 -30.15 9.14 108.75
N ALA LB 462 -29.51 10.26 108.41
CA ALA LB 462 -29.98 11.09 107.31
C ALA LB 462 -29.64 10.47 105.96
N ASP LB 463 -28.83 9.40 105.95
CA ASP LB 463 -28.59 8.66 104.72
C ASP LB 463 -29.58 7.52 104.56
N LYS LB 464 -30.02 6.94 105.68
CA LYS LB 464 -31.00 5.86 105.60
C LYS LB 464 -32.38 6.42 105.28
N LEU LB 465 -32.67 7.65 105.71
CA LEU LB 465 -33.94 8.29 105.36
C LEU LB 465 -33.99 8.65 103.89
N ALA LB 466 -32.83 8.91 103.27
CA ALA LB 466 -32.81 9.34 101.88
C ALA LB 466 -32.76 8.14 100.93
N GLU LB 467 -32.29 6.99 101.42
CA GLU LB 467 -32.30 5.77 100.62
C GLU LB 467 -33.68 5.12 100.59
N GLU LB 468 -34.43 5.20 101.69
CA GLU LB 468 -35.76 4.61 101.78
C GLU LB 468 -36.85 5.60 101.38
N HIS LB 469 -36.52 6.56 100.53
CA HIS LB 469 -37.44 7.65 100.20
C HIS LB 469 -38.36 7.29 99.03
N THR MB 2 -52.38 52.18 193.59
CA THR MB 2 -51.16 51.53 193.12
C THR MB 2 -51.37 50.03 192.99
N GLY MB 3 -50.71 49.44 192.00
CA GLY MB 3 -50.92 48.04 191.69
C GLY MB 3 -49.67 47.41 191.11
N ARG MB 4 -49.65 46.09 191.12
CA ARG MB 4 -48.47 45.34 190.75
C ARG MB 4 -48.44 45.07 189.26
N ILE MB 5 -47.53 44.19 188.84
CA ILE MB 5 -47.44 43.68 187.48
C ILE MB 5 -47.38 42.17 187.59
N VAL MB 6 -48.23 41.47 186.84
CA VAL MB 6 -48.37 40.02 186.99
C VAL MB 6 -48.13 39.25 185.71
N ALA MB 7 -48.01 39.89 184.56
CA ALA MB 7 -47.66 39.19 183.33
C ALA MB 7 -47.11 40.14 182.29
N VAL MB 8 -46.08 39.68 181.58
CA VAL MB 8 -45.44 40.41 180.48
C VAL MB 8 -45.31 39.44 179.32
N ILE MB 9 -46.04 39.68 178.23
CA ILE MB 9 -45.97 38.84 177.03
C ILE MB 9 -45.88 39.73 175.80
N GLY MB 10 -44.69 39.95 175.28
CA GLY MB 10 -44.57 40.76 174.08
C GLY MB 10 -44.72 42.22 174.42
N ALA MB 11 -45.53 42.93 173.63
CA ALA MB 11 -45.85 44.32 173.90
C ALA MB 11 -47.13 44.48 174.72
N VAL MB 12 -47.43 43.52 175.59
CA VAL MB 12 -48.69 43.47 176.32
C VAL MB 12 -48.36 43.24 177.79
N VAL MB 13 -48.75 44.19 178.63
CA VAL MB 13 -48.48 44.16 180.06
C VAL MB 13 -49.83 43.94 180.76
N ASP MB 14 -49.79 43.37 181.97
CA ASP MB 14 -50.98 42.90 182.68
C ASP MB 14 -50.83 43.35 184.12
N VAL MB 15 -51.70 44.26 184.56
CA VAL MB 15 -51.54 45.03 185.80
C VAL MB 15 -52.70 44.73 186.75
N GLN MB 16 -52.39 44.25 187.94
CA GLN MB 16 -53.42 43.88 188.91
C GLN MB 16 -53.51 44.92 190.02
N PHE MB 17 -54.52 45.78 189.94
CA PHE MB 17 -54.74 46.82 190.93
C PHE MB 17 -55.36 46.22 192.19
N ASP MB 18 -55.57 47.08 193.19
CA ASP MB 18 -56.22 46.66 194.42
C ASP MB 18 -57.53 47.40 194.71
N GLU MB 19 -57.51 48.73 194.73
CA GLU MB 19 -58.75 49.47 194.92
C GLU MB 19 -59.09 50.34 193.72
N GLY MB 20 -58.20 51.24 193.32
CA GLY MB 20 -58.51 52.22 192.30
C GLY MB 20 -58.44 51.66 190.91
N LEU MB 21 -59.41 50.86 190.54
CA LEU MB 21 -59.43 50.22 189.22
C LEU MB 21 -59.68 51.28 188.17
N PRO MB 22 -58.74 51.51 187.24
CA PRO MB 22 -58.91 52.59 186.29
C PRO MB 22 -59.91 52.25 185.22
N PRO MB 23 -60.55 53.23 184.61
CA PRO MB 23 -61.34 52.97 183.41
C PRO MB 23 -60.47 52.59 182.23
N ILE MB 24 -61.13 52.12 181.18
CA ILE MB 24 -60.46 51.86 179.92
C ILE MB 24 -60.00 53.20 179.32
N LEU MB 25 -58.86 53.15 178.60
CA LEU MB 25 -58.16 54.28 177.98
C LEU MB 25 -57.52 55.19 179.03
N ASN MB 26 -57.04 54.62 180.13
CA ASN MB 26 -56.35 55.34 181.17
C ASN MB 26 -54.87 55.02 181.09
N ALA MB 27 -54.01 56.04 181.18
CA ALA MB 27 -52.58 55.86 181.01
C ALA MB 27 -51.92 55.55 182.34
N LEU MB 28 -51.19 54.45 182.40
CA LEU MB 28 -50.41 54.07 183.57
C LEU MB 28 -48.96 54.50 183.40
N GLU MB 29 -48.18 54.40 184.48
CA GLU MB 29 -46.78 54.83 184.46
C GLU MB 29 -45.99 53.89 185.35
N VAL MB 30 -45.03 53.19 184.78
CA VAL MB 30 -44.28 52.18 185.53
C VAL MB 30 -43.19 52.88 186.34
N GLN MB 31 -43.04 52.47 187.60
CA GLN MB 31 -42.09 53.07 188.51
C GLN MB 31 -40.92 52.12 188.76
N GLY MB 32 -39.74 52.69 188.91
CA GLY MB 32 -38.53 51.89 189.05
C GLY MB 32 -37.77 51.70 187.77
N ARG MB 33 -37.83 52.66 186.84
CA ARG MB 33 -37.21 52.51 185.55
C ARG MB 33 -36.46 53.79 185.19
N GLU MB 34 -35.87 53.78 184.00
CA GLU MB 34 -34.94 54.82 183.58
C GLU MB 34 -35.65 56.00 182.92
N THR MB 35 -36.38 55.73 181.84
CA THR MB 35 -37.22 56.73 181.21
C THR MB 35 -38.66 56.24 181.26
N ARG MB 36 -39.60 57.11 180.91
CA ARG MB 36 -41.02 56.83 181.13
C ARG MB 36 -41.50 55.70 180.24
N LEU MB 37 -42.09 54.69 180.86
CA LEU MB 37 -42.79 53.61 180.16
C LEU MB 37 -44.26 53.72 180.53
N VAL MB 38 -45.09 54.10 179.56
CA VAL MB 38 -46.52 54.22 179.81
C VAL MB 38 -47.23 53.00 179.27
N LEU MB 39 -48.44 52.81 179.75
CA LEU MB 39 -49.29 51.68 179.43
C LEU MB 39 -50.72 52.22 179.37
N GLU MB 40 -51.46 51.89 178.32
CA GLU MB 40 -52.80 52.41 178.11
C GLU MB 40 -53.82 51.27 178.23
N VAL MB 41 -54.78 51.41 179.15
CA VAL MB 41 -55.66 50.30 179.52
C VAL MB 41 -56.70 50.07 178.44
N ALA MB 42 -56.85 48.80 178.03
CA ALA MB 42 -57.66 48.45 176.86
C ALA MB 42 -58.79 47.47 177.14
N GLN MB 43 -58.71 46.69 178.21
CA GLN MB 43 -59.76 45.74 178.58
C GLN MB 43 -59.93 45.79 180.09
N HIS MB 44 -60.87 44.99 180.59
CA HIS MB 44 -60.91 44.56 181.97
C HIS MB 44 -61.13 43.06 181.93
N LEU MB 45 -60.58 42.34 182.87
CA LEU MB 45 -60.64 40.89 182.79
C LEU MB 45 -61.32 40.26 183.98
N GLY MB 46 -61.81 41.06 184.92
CA GLY MB 46 -62.26 40.55 186.19
C GLY MB 46 -61.09 40.37 187.13
N GLU MB 47 -61.44 40.14 188.41
CA GLU MB 47 -60.51 39.83 189.49
C GLU MB 47 -59.49 40.96 189.68
N SER MB 48 -59.97 42.19 189.48
CA SER MB 48 -59.20 43.45 189.59
C SER MB 48 -57.94 43.44 188.73
N THR MB 49 -58.11 42.99 187.49
CA THR MB 49 -57.01 42.84 186.54
C THR MB 49 -57.37 43.62 185.28
N VAL MB 50 -56.44 44.44 184.79
CA VAL MB 50 -56.67 45.06 183.50
C VAL MB 50 -55.66 44.49 182.52
N ARG MB 51 -55.75 44.89 181.25
CA ARG MB 51 -54.72 44.54 180.28
C ARG MB 51 -54.48 45.74 179.39
N THR MB 52 -53.21 45.95 179.03
CA THR MB 52 -52.79 47.21 178.44
C THR MB 52 -51.73 47.00 177.37
N ILE MB 53 -51.63 47.99 176.48
CA ILE MB 53 -50.68 47.94 175.37
C ILE MB 53 -49.53 48.90 175.65
N ALA MB 54 -48.32 48.34 175.78
CA ALA MB 54 -47.14 49.12 176.13
C ALA MB 54 -46.75 50.06 175.01
N MET MB 55 -46.04 51.12 175.37
CA MET MB 55 -45.65 52.13 174.38
C MET MB 55 -44.16 52.43 174.37
N ASP MB 56 -43.33 51.54 174.89
CA ASP MB 56 -41.90 51.53 174.63
C ASP MB 56 -41.46 50.07 174.72
N GLY MB 57 -40.17 49.83 174.82
CA GLY MB 57 -39.67 48.48 174.91
C GLY MB 57 -40.05 47.83 176.22
N THR MB 58 -40.39 46.56 176.15
CA THR MB 58 -40.92 45.82 177.29
C THR MB 58 -39.84 44.92 177.89
N GLU MB 59 -38.61 45.41 177.95
CA GLU MB 59 -37.50 44.67 178.52
C GLU MB 59 -37.14 45.21 179.89
N GLY MB 60 -36.63 44.32 180.73
CA GLY MB 60 -36.30 44.70 182.09
C GLY MB 60 -37.47 44.92 183.00
N LEU MB 61 -38.64 44.38 182.67
CA LEU MB 61 -39.82 44.48 183.53
C LEU MB 61 -39.92 43.23 184.40
N VAL MB 62 -39.95 43.43 185.69
CA VAL MB 62 -39.97 42.32 186.63
C VAL MB 62 -41.41 42.09 187.06
N ARG MB 63 -41.76 40.83 187.35
CA ARG MB 63 -43.10 40.48 187.78
C ARG MB 63 -43.32 40.90 189.23
N GLY MB 64 -43.83 42.11 189.44
CA GLY MB 64 -44.03 42.59 190.78
C GLY MB 64 -43.75 44.07 190.93
N GLN MB 65 -43.38 44.72 189.83
CA GLN MB 65 -43.11 46.15 189.85
C GLN MB 65 -44.39 46.92 190.14
N LYS MB 66 -44.22 48.08 190.78
CA LYS MB 66 -45.35 48.90 191.19
C LYS MB 66 -45.58 50.00 190.15
N VAL MB 67 -46.78 50.04 189.61
CA VAL MB 67 -47.14 50.96 188.54
C VAL MB 67 -48.32 51.80 189.01
N LEU MB 68 -48.23 53.11 188.83
CA LEU MB 68 -49.20 54.05 189.34
C LEU MB 68 -50.34 54.23 188.36
N ASP MB 69 -51.15 55.26 188.57
CA ASP MB 69 -52.26 55.59 187.68
C ASP MB 69 -52.41 57.09 187.61
N SER MB 70 -52.41 57.64 186.39
CA SER MB 70 -52.51 59.08 186.23
C SER MB 70 -53.91 59.62 186.48
N GLY MB 71 -54.93 58.78 186.47
CA GLY MB 71 -56.28 59.27 186.68
C GLY MB 71 -56.87 60.00 185.49
N ALA MB 72 -56.30 59.81 184.31
CA ALA MB 72 -56.67 60.48 183.09
C ALA MB 72 -56.05 59.71 181.94
N PRO MB 73 -56.39 59.97 180.68
CA PRO MB 73 -55.62 59.37 179.58
C PRO MB 73 -54.23 59.99 179.40
N ILE MB 74 -53.57 59.66 178.31
CA ILE MB 74 -52.28 60.25 177.98
C ILE MB 74 -52.48 61.75 177.79
N LYS MB 75 -51.90 62.53 178.68
CA LYS MB 75 -52.02 63.99 178.63
C LYS MB 75 -50.78 64.57 177.99
N ILE MB 76 -50.97 65.52 177.08
CA ILE MB 76 -49.85 66.02 176.29
C ILE MB 76 -49.74 67.53 176.40
N PRO MB 77 -48.56 68.09 176.26
CA PRO MB 77 -48.42 69.55 176.22
C PRO MB 77 -49.12 70.20 175.04
N VAL MB 78 -50.18 70.94 175.32
CA VAL MB 78 -51.00 71.58 174.32
C VAL MB 78 -50.90 73.08 174.53
N GLY MB 79 -50.35 73.79 173.56
CA GLY MB 79 -50.19 75.22 173.71
C GLY MB 79 -49.77 75.97 172.46
N PRO MB 80 -49.49 77.25 172.61
CA PRO MB 80 -48.93 78.02 171.49
C PRO MB 80 -47.42 77.92 171.45
N GLU MB 81 -46.81 77.48 172.55
CA GLU MB 81 -45.37 77.29 172.62
C GLU MB 81 -44.96 75.87 172.30
N THR MB 82 -45.77 75.15 171.54
CA THR MB 82 -45.40 73.82 171.08
C THR MB 82 -45.07 73.80 169.60
N LEU MB 83 -45.26 74.92 168.89
CA LEU MB 83 -44.87 74.99 167.49
C LEU MB 83 -43.36 75.17 167.37
N GLY MB 84 -42.79 74.57 166.34
CA GLY MB 84 -41.36 74.52 166.21
C GLY MB 84 -40.69 73.48 167.06
N ARG MB 85 -41.44 72.54 167.63
CA ARG MB 85 -40.86 71.52 168.48
C ARG MB 85 -41.25 70.14 167.95
N ILE MB 86 -40.66 69.13 168.54
CA ILE MB 86 -40.90 67.74 168.16
C ILE MB 86 -41.19 66.99 169.43
N MET MB 87 -42.21 66.13 169.39
CA MET MB 87 -42.51 65.28 170.54
C MET MB 87 -43.01 63.93 170.05
N ASN MB 88 -42.86 62.93 170.89
CA ASN MB 88 -43.36 61.61 170.57
C ASN MB 88 -44.77 61.46 171.14
N VAL MB 89 -45.26 60.21 171.23
CA VAL MB 89 -46.68 59.95 171.46
C VAL MB 89 -47.12 60.39 172.85
N ILE MB 90 -46.19 60.49 173.79
CA ILE MB 90 -46.55 60.83 175.17
C ILE MB 90 -45.91 62.15 175.62
N GLY MB 91 -45.77 63.08 174.69
CA GLY MB 91 -45.51 64.46 175.01
C GLY MB 91 -44.06 64.84 175.28
N GLU MB 92 -43.16 63.88 175.45
CA GLU MB 92 -41.77 64.20 175.76
C GLU MB 92 -41.08 64.83 174.56
N PRO MB 93 -40.31 65.89 174.75
CA PRO MB 93 -39.57 66.48 173.63
C PRO MB 93 -38.39 65.59 173.24
N ILE MB 94 -38.13 65.48 171.93
CA ILE MB 94 -37.03 64.65 171.46
C ILE MB 94 -36.10 65.39 170.52
N ASP MB 95 -36.27 66.69 170.35
CA ASP MB 95 -35.25 67.48 169.68
C ASP MB 95 -34.24 68.05 170.65
N GLU MB 96 -34.47 67.86 171.95
CA GLU MB 96 -33.53 68.19 173.04
C GLU MB 96 -33.14 69.66 173.03
N ARG MB 97 -34.12 70.52 172.77
CA ARG MB 97 -33.95 71.96 172.74
C ARG MB 97 -34.38 72.62 174.04
N GLY MB 98 -34.73 71.83 175.06
CA GLY MB 98 -35.31 72.35 176.27
C GLY MB 98 -36.73 71.83 176.45
N PRO MB 99 -37.21 71.79 177.69
CA PRO MB 99 -38.54 71.21 177.94
C PRO MB 99 -39.65 72.15 177.51
N ILE MB 100 -40.78 71.58 177.10
CA ILE MB 100 -41.90 72.37 176.64
C ILE MB 100 -42.65 72.91 177.85
N LYS MB 101 -42.55 74.22 178.06
CA LYS MB 101 -43.08 74.87 179.25
C LYS MB 101 -44.49 75.34 178.93
N THR MB 102 -45.48 74.58 179.38
CA THR MB 102 -46.87 74.83 179.02
C THR MB 102 -47.72 74.79 180.28
N LYS MB 103 -48.96 75.27 180.15
CA LYS MB 103 -49.79 75.54 181.33
C LYS MB 103 -50.80 74.43 181.57
N GLN MB 104 -51.59 74.08 180.56
CA GLN MB 104 -52.62 73.08 180.73
C GLN MB 104 -52.38 71.93 179.76
N PHE MB 105 -52.89 70.76 180.12
CA PHE MB 105 -52.72 69.56 179.35
C PHE MB 105 -54.07 69.13 178.79
N ALA MB 106 -54.05 68.19 177.85
CA ALA MB 106 -55.25 67.65 177.26
C ALA MB 106 -55.07 66.17 177.01
N ALA MB 107 -56.12 65.39 177.22
CA ALA MB 107 -56.06 63.97 176.92
C ALA MB 107 -56.32 63.73 175.44
N ILE MB 108 -55.83 62.59 174.95
CA ILE MB 108 -55.87 62.34 173.51
C ILE MB 108 -57.15 61.64 173.06
N HIS MB 109 -57.90 61.04 173.98
CA HIS MB 109 -59.14 60.35 173.66
C HIS MB 109 -60.33 61.23 174.00
N ALA MB 110 -61.09 61.62 172.99
CA ALA MB 110 -62.32 62.36 173.20
C ALA MB 110 -63.42 61.71 172.38
N GLU MB 111 -64.57 62.34 172.31
CA GLU MB 111 -65.65 61.90 171.45
C GLU MB 111 -65.84 62.89 170.31
N ALA MB 112 -66.73 62.54 169.39
CA ALA MB 112 -66.92 63.32 168.19
C ALA MB 112 -67.66 64.62 168.50
N PRO MB 113 -67.63 65.58 167.59
CA PRO MB 113 -68.51 66.75 167.72
C PRO MB 113 -69.99 66.36 167.73
N GLU MB 114 -70.80 67.21 168.35
CA GLU MB 114 -72.19 66.88 168.57
C GLU MB 114 -73.00 67.14 167.31
N PHE MB 115 -74.22 66.61 167.31
CA PHE MB 115 -75.11 66.70 166.14
C PHE MB 115 -75.52 68.14 165.87
N MET MB 116 -75.60 68.97 166.90
CA MET MB 116 -76.00 70.37 166.74
C MET MB 116 -74.84 71.33 166.90
N GLU MB 117 -73.62 70.87 166.61
CA GLU MB 117 -72.44 71.73 166.55
C GLU MB 117 -71.89 71.89 165.14
N MET MB 118 -72.47 71.20 164.17
CA MET MB 118 -71.89 71.12 162.83
C MET MB 118 -72.09 72.42 162.06
N SER MB 119 -71.61 72.43 160.83
CA SER MB 119 -71.89 73.50 159.88
C SER MB 119 -72.59 72.89 158.68
N VAL MB 120 -73.54 73.64 158.11
CA VAL MB 120 -74.47 73.10 157.13
C VAL MB 120 -74.34 73.76 155.76
N GLU MB 121 -73.39 74.67 155.58
CA GLU MB 121 -73.15 75.32 154.29
C GLU MB 121 -71.71 75.06 153.90
N GLN MB 122 -71.53 74.30 152.81
CA GLN MB 122 -70.19 73.86 152.41
C GLN MB 122 -69.39 75.00 151.82
N GLU MB 123 -68.15 75.15 152.29
CA GLU MB 123 -67.29 76.21 151.83
C GLU MB 123 -65.99 75.61 151.31
N ILE MB 124 -65.26 76.44 150.56
CA ILE MB 124 -64.11 75.99 149.79
C ILE MB 124 -62.86 76.67 150.35
N LEU MB 125 -61.94 75.86 150.89
CA LEU MB 125 -60.69 76.36 151.44
C LEU MB 125 -59.72 76.60 150.30
N VAL MB 126 -59.52 77.87 149.96
CA VAL MB 126 -58.49 78.19 148.98
C VAL MB 126 -57.13 78.00 149.63
N THR MB 127 -56.20 77.40 148.87
CA THR MB 127 -54.81 77.34 149.27
C THR MB 127 -54.00 78.41 148.55
N GLY MB 128 -54.02 78.38 147.23
CA GLY MB 128 -53.36 79.39 146.43
C GLY MB 128 -52.70 78.77 145.23
N ILE MB 129 -52.59 77.45 145.25
CA ILE MB 129 -52.00 76.70 144.15
C ILE MB 129 -52.98 76.68 142.98
N LYS MB 130 -52.44 76.75 141.75
CA LYS MB 130 -53.29 76.96 140.58
C LYS MB 130 -54.06 75.72 140.21
N VAL MB 131 -53.43 74.56 140.24
CA VAL MB 131 -54.13 73.36 139.81
C VAL MB 131 -55.10 72.90 140.90
N VAL MB 132 -54.75 73.12 142.16
CA VAL MB 132 -55.53 72.53 143.24
C VAL MB 132 -56.80 73.34 143.49
N ASP MB 133 -56.73 74.65 143.33
CA ASP MB 133 -57.88 75.52 143.54
C ASP MB 133 -58.97 75.28 142.52
N LEU MB 134 -58.59 74.95 141.28
CA LEU MB 134 -59.53 74.92 140.17
C LEU MB 134 -60.03 73.51 139.86
N LEU MB 135 -59.13 72.61 139.52
CA LEU MB 135 -59.52 71.34 138.93
C LEU MB 135 -59.85 70.28 139.96
N ALA MB 136 -59.54 70.51 141.22
CA ALA MB 136 -59.87 69.59 142.30
C ALA MB 136 -59.89 70.34 143.62
N PRO MB 137 -60.90 71.17 143.89
CA PRO MB 137 -60.81 72.10 145.01
C PRO MB 137 -61.00 71.44 146.36
N TYR MB 138 -60.33 72.00 147.35
CA TYR MB 138 -60.41 71.51 148.71
C TYR MB 138 -61.67 72.03 149.38
N ALA MB 139 -62.26 71.23 150.24
CA ALA MB 139 -63.35 71.69 151.08
C ALA MB 139 -62.76 72.32 152.33
N LYS MB 140 -63.59 72.70 153.29
CA LYS MB 140 -63.11 73.07 154.61
C LYS MB 140 -63.69 72.08 155.60
N GLY MB 141 -62.84 71.47 156.39
CA GLY MB 141 -63.23 70.31 157.13
C GLY MB 141 -63.10 69.03 156.36
N GLY MB 142 -62.83 69.10 155.08
CA GLY MB 142 -62.77 67.93 154.23
C GLY MB 142 -61.51 67.13 154.44
N LYS MB 143 -61.46 65.99 153.75
CA LYS MB 143 -60.33 65.08 153.81
C LYS MB 143 -59.79 64.90 152.40
N ILE MB 144 -58.47 64.79 152.27
CA ILE MB 144 -57.79 64.75 150.99
C ILE MB 144 -56.98 63.47 150.91
N GLY MB 145 -56.78 62.98 149.70
CA GLY MB 145 -55.83 61.90 149.45
C GLY MB 145 -54.72 62.41 148.55
N LEU MB 146 -53.50 62.00 148.87
CA LEU MB 146 -52.31 62.44 148.14
C LEU MB 146 -51.57 61.20 147.64
N PHE MB 147 -51.57 61.01 146.33
CA PHE MB 147 -50.96 59.85 145.71
C PHE MB 147 -49.67 60.24 144.99
N GLY MB 148 -48.64 59.42 145.14
CA GLY MB 148 -47.35 59.70 144.56
C GLY MB 148 -46.26 59.62 145.60
N GLY MB 149 -45.27 58.77 145.37
CA GLY MB 149 -44.30 58.49 146.40
C GLY MB 149 -43.14 59.48 146.43
N ALA MB 150 -41.92 58.96 146.40
CA ALA MB 150 -40.73 59.80 146.42
C ALA MB 150 -40.17 59.94 145.01
N GLY MB 151 -39.71 61.14 144.69
CA GLY MB 151 -39.19 61.44 143.38
C GLY MB 151 -40.13 62.21 142.48
N VAL MB 152 -41.14 62.88 143.04
CA VAL MB 152 -42.19 63.50 142.26
C VAL MB 152 -42.35 64.99 142.54
N GLY MB 153 -41.76 65.51 143.62
CA GLY MB 153 -42.01 66.89 144.00
C GLY MB 153 -43.06 67.00 145.08
N LYS MB 154 -42.90 66.22 146.14
CA LYS MB 154 -43.94 65.93 147.14
C LYS MB 154 -43.77 66.75 148.42
N THR MB 155 -42.60 66.68 149.04
CA THR MB 155 -42.35 67.43 150.27
C THR MB 155 -42.32 68.93 149.99
N VAL MB 156 -41.95 69.34 148.79
CA VAL MB 156 -42.04 70.75 148.43
C VAL MB 156 -43.50 71.19 148.32
N LEU MB 157 -44.42 70.26 148.06
CA LEU MB 157 -45.83 70.62 148.09
C LEU MB 157 -46.35 70.76 149.52
N ILE MB 158 -45.85 69.94 150.44
CA ILE MB 158 -46.33 69.99 151.82
C ILE MB 158 -45.93 71.30 152.48
N MET MB 159 -44.68 71.72 152.29
CA MET MB 159 -44.23 72.97 152.91
C MET MB 159 -44.83 74.19 152.24
N GLU MB 160 -45.21 74.10 150.97
CA GLU MB 160 -45.86 75.23 150.32
C GLU MB 160 -47.31 75.40 150.78
N LEU MB 161 -47.95 74.30 151.18
CA LEU MB 161 -49.26 74.38 151.82
C LEU MB 161 -49.16 75.14 153.14
N ILE MB 162 -48.14 74.85 153.94
CA ILE MB 162 -48.01 75.47 155.24
C ILE MB 162 -47.57 76.92 155.12
N ASN MB 163 -46.84 77.27 154.07
CA ASN MB 163 -46.52 78.68 153.84
C ASN MB 163 -47.56 79.37 152.95
N ASN MB 164 -48.79 78.88 152.93
CA ASN MB 164 -49.88 79.59 152.30
C ASN MB 164 -51.06 79.68 153.25
N VAL MB 165 -51.18 78.69 154.14
CA VAL MB 165 -52.25 78.71 155.13
C VAL MB 165 -51.97 79.75 156.21
N ALA MB 166 -50.73 80.19 156.37
CA ALA MB 166 -50.39 81.15 157.39
C ALA MB 166 -50.15 82.53 156.83
N LYS MB 167 -50.35 82.72 155.53
CA LYS MB 167 -50.20 84.03 154.91
C LYS MB 167 -51.53 84.66 154.53
N ALA MB 168 -52.63 83.92 154.58
CA ALA MB 168 -53.94 84.52 154.37
C ALA MB 168 -55.00 84.02 155.34
N HIS MB 169 -54.77 82.92 156.06
CA HIS MB 169 -55.81 82.31 156.88
C HIS MB 169 -55.50 82.31 158.38
N GLY MB 170 -54.24 82.17 158.76
CA GLY MB 170 -53.86 82.35 160.15
C GLY MB 170 -53.96 81.13 161.03
N GLY MB 171 -54.21 79.95 160.48
CA GLY MB 171 -54.29 78.74 161.25
C GLY MB 171 -53.01 77.95 161.11
N TYR MB 172 -52.47 77.52 162.25
CA TYR MB 172 -51.26 76.73 162.24
C TYR MB 172 -51.59 75.29 161.86
N SER MB 173 -50.58 74.44 161.84
CA SER MB 173 -50.73 73.09 161.33
C SER MB 173 -50.13 72.11 162.31
N VAL MB 174 -50.20 70.83 161.97
CA VAL MB 174 -49.51 69.76 162.65
C VAL MB 174 -48.99 68.84 161.57
N PHE MB 175 -47.78 68.32 161.75
CA PHE MB 175 -47.31 67.14 161.03
C PHE MB 175 -47.39 65.95 161.97
N ALA MB 176 -47.89 64.82 161.47
CA ALA MB 176 -47.97 63.61 162.29
C ALA MB 176 -47.47 62.42 161.48
N GLY MB 177 -46.17 62.17 161.51
CA GLY MB 177 -45.62 61.03 160.81
C GLY MB 177 -45.93 59.76 161.56
N VAL MB 178 -46.67 58.85 160.95
CA VAL MB 178 -47.07 57.62 161.60
C VAL MB 178 -46.16 56.50 161.11
N GLY MB 179 -45.31 56.01 162.00
CA GLY MB 179 -44.42 54.92 161.64
C GLY MB 179 -43.37 55.29 160.61
N GLU MB 180 -42.85 56.50 160.68
CA GLU MB 180 -42.02 57.03 159.60
C GLU MB 180 -40.58 56.57 159.77
N ARG MB 181 -39.77 56.78 158.73
CA ARG MB 181 -38.36 56.44 158.76
C ARG MB 181 -37.56 57.47 159.55
N THR MB 182 -36.66 56.98 160.40
CA THR MB 182 -35.83 57.87 161.21
C THR MB 182 -34.81 58.60 160.37
N ARG MB 183 -34.38 57.98 159.27
CA ARG MB 183 -33.44 58.63 158.35
C ARG MB 183 -34.09 59.79 157.61
N GLU MB 184 -35.38 59.70 157.34
CA GLU MB 184 -36.10 60.72 156.59
C GLU MB 184 -36.87 61.68 157.46
N GLY MB 185 -36.96 61.40 158.76
CA GLY MB 185 -37.44 62.41 159.68
C GLY MB 185 -36.46 63.53 159.90
N ASN MB 186 -35.18 63.29 159.63
CA ASN MB 186 -34.15 64.30 159.81
C ASN MB 186 -33.94 65.15 158.57
N ASP MB 187 -34.08 64.59 157.37
CA ASP MB 187 -34.05 65.42 156.17
C ASP MB 187 -35.33 66.22 156.01
N LEU MB 188 -36.39 65.86 156.73
CA LEU MB 188 -37.59 66.66 156.76
C LEU MB 188 -37.43 67.82 157.73
N TYR MB 189 -36.89 67.53 158.92
CA TYR MB 189 -36.55 68.57 159.89
C TYR MB 189 -35.55 69.55 159.31
N HIS MB 190 -34.47 69.06 158.72
CA HIS MB 190 -33.41 69.96 158.30
C HIS MB 190 -33.71 70.71 157.02
N GLU MB 191 -34.72 70.28 156.26
CA GLU MB 191 -35.21 71.07 155.14
C GLU MB 191 -36.21 72.10 155.59
N MET MB 192 -36.97 71.78 156.63
CA MET MB 192 -37.94 72.72 157.16
C MET MB 192 -37.26 73.89 157.85
N ILE MB 193 -36.05 73.68 158.40
CA ILE MB 193 -35.32 74.76 159.05
C ILE MB 193 -34.83 75.76 158.02
N GLU MB 194 -34.24 75.29 156.94
CA GLU MB 194 -33.67 76.16 155.93
C GLU MB 194 -34.70 76.72 154.97
N SER MB 195 -35.97 76.34 155.11
CA SER MB 195 -37.02 76.87 154.26
C SER MB 195 -37.87 77.92 154.95
N GLY MB 196 -37.90 77.94 156.27
CA GLY MB 196 -38.51 79.04 157.00
C GLY MB 196 -39.75 78.69 157.79
N VAL MB 197 -40.17 77.43 157.85
CA VAL MB 197 -41.40 77.14 158.58
C VAL MB 197 -41.12 76.84 160.05
N ILE MB 198 -40.00 76.20 160.39
CA ILE MB 198 -39.59 76.04 161.77
C ILE MB 198 -38.35 76.90 161.97
N ASN MB 199 -38.32 77.62 163.09
CA ASN MB 199 -37.26 78.59 163.34
C ASN MB 199 -36.80 78.41 164.77
N LEU MB 200 -35.50 78.12 164.94
CA LEU MB 200 -34.92 77.71 166.21
C LEU MB 200 -34.47 78.88 167.07
N LYS MB 201 -35.06 80.07 166.89
CA LYS MB 201 -34.59 81.24 167.61
C LYS MB 201 -35.72 81.97 168.34
N ASP MB 202 -36.94 81.91 167.83
CA ASP MB 202 -37.94 82.89 168.23
C ASP MB 202 -39.32 82.23 168.23
N ALA MB 203 -40.36 83.07 168.21
CA ALA MB 203 -41.76 82.64 168.20
C ALA MB 203 -42.37 82.75 166.80
N THR MB 204 -41.64 82.36 165.78
CA THR MB 204 -42.06 82.52 164.39
C THR MB 204 -42.02 81.17 163.68
N SER MB 205 -42.66 80.18 164.28
CA SER MB 205 -42.82 78.86 163.67
C SER MB 205 -44.25 78.65 163.22
N LYS MB 206 -44.45 77.60 162.42
CA LYS MB 206 -45.78 77.31 161.87
C LYS MB 206 -46.19 75.86 162.05
N VAL MB 207 -45.24 74.94 162.13
CA VAL MB 207 -45.54 73.52 162.14
C VAL MB 207 -45.21 72.97 163.51
N ALA MB 208 -45.90 71.92 163.92
CA ALA MB 208 -45.64 71.26 165.19
C ALA MB 208 -45.47 69.78 164.91
N LEU MB 209 -44.22 69.35 164.77
CA LEU MB 209 -43.92 67.98 164.39
C LEU MB 209 -44.22 67.03 165.55
N VAL MB 210 -44.88 65.91 165.24
CA VAL MB 210 -45.15 64.85 166.23
C VAL MB 210 -44.69 63.55 165.58
N TYR MB 211 -43.49 63.08 165.91
CA TYR MB 211 -42.89 61.95 165.22
C TYR MB 211 -43.01 60.69 166.04
N GLY MB 212 -43.90 59.79 165.64
CA GLY MB 212 -43.86 58.41 166.06
C GLY MB 212 -43.19 57.64 164.93
N GLN MB 213 -42.10 56.96 165.27
CA GLN MB 213 -41.23 56.43 164.23
C GLN MB 213 -41.26 54.91 164.21
N MET MB 214 -40.59 54.36 163.19
CA MET MB 214 -40.85 53.00 162.74
C MET MB 214 -40.34 51.93 163.69
N ASN MB 215 -39.45 52.27 164.61
CA ASN MB 215 -38.89 51.27 165.50
C ASN MB 215 -39.53 51.27 166.88
N GLU MB 216 -40.67 51.94 167.04
CA GLU MB 216 -41.51 52.11 168.21
C GLU MB 216 -42.71 51.18 168.14
N PRO MB 217 -43.07 50.54 169.26
CA PRO MB 217 -43.92 49.33 169.26
C PRO MB 217 -45.31 49.59 168.70
N PRO MB 218 -46.05 48.55 168.26
CA PRO MB 218 -47.30 48.80 167.54
C PRO MB 218 -48.38 49.47 168.36
N GLY MB 219 -48.35 49.32 169.68
CA GLY MB 219 -49.27 50.06 170.52
C GLY MB 219 -49.03 51.56 170.49
N ALA MB 220 -47.80 51.97 170.21
CA ALA MB 220 -47.45 53.37 170.14
C ALA MB 220 -47.36 53.89 168.72
N ARG MB 221 -47.81 53.11 167.74
CA ARG MB 221 -47.85 53.58 166.36
C ARG MB 221 -49.26 53.93 165.92
N ALA MB 222 -50.27 53.32 166.52
CA ALA MB 222 -51.65 53.68 166.18
C ALA MB 222 -52.02 55.02 166.79
N ARG MB 223 -51.53 55.31 168.00
CA ARG MB 223 -51.89 56.50 168.77
C ARG MB 223 -51.15 57.75 168.36
N VAL MB 224 -50.54 57.79 167.19
CA VAL MB 224 -49.78 58.97 166.83
C VAL MB 224 -50.65 59.96 166.06
N ALA MB 225 -51.70 59.49 165.42
CA ALA MB 225 -52.61 60.40 164.73
C ALA MB 225 -53.62 61.02 165.68
N LEU MB 226 -53.76 60.46 166.89
CA LEU MB 226 -54.61 61.08 167.89
C LEU MB 226 -53.88 62.19 168.63
N THR MB 227 -52.58 62.00 168.84
CA THR MB 227 -51.75 63.00 169.51
C THR MB 227 -51.45 64.18 168.60
N GLY MB 228 -51.44 63.96 167.31
CA GLY MB 228 -51.36 65.03 166.35
C GLY MB 228 -52.68 65.61 165.98
N LEU MB 229 -53.77 65.02 166.47
CA LEU MB 229 -55.10 65.61 166.36
C LEU MB 229 -55.43 66.42 167.59
N THR MB 230 -54.99 65.95 168.76
CA THR MB 230 -55.22 66.64 170.02
C THR MB 230 -54.53 67.99 170.06
N VAL MB 231 -53.35 68.10 169.44
CA VAL MB 231 -52.67 69.38 169.32
C VAL MB 231 -53.42 70.28 168.36
N ALA MB 232 -54.05 69.69 167.35
CA ALA MB 232 -54.68 70.44 166.28
C ALA MB 232 -56.02 71.04 166.67
N GLU MB 233 -56.51 70.81 167.87
CA GLU MB 233 -57.80 71.31 168.28
C GLU MB 233 -57.74 72.56 169.15
N TYR MB 234 -56.60 72.82 169.79
CA TYR MB 234 -56.42 74.08 170.49
C TYR MB 234 -56.48 75.26 169.53
N PHE MB 235 -56.04 75.08 168.30
CA PHE MB 235 -56.16 76.10 167.29
C PHE MB 235 -57.47 76.01 166.53
N ARG MB 236 -58.39 75.16 167.00
CA ARG MB 236 -59.79 75.18 166.60
C ARG MB 236 -60.69 75.56 167.76
N ASP MB 237 -60.60 74.83 168.88
CA ASP MB 237 -61.46 75.10 170.02
C ASP MB 237 -61.01 76.36 170.75
N GLN MB 238 -59.80 76.36 171.27
CA GLN MB 238 -59.35 77.41 172.17
C GLN MB 238 -58.85 78.65 171.46
N GLU MB 239 -58.77 78.65 170.14
CA GLU MB 239 -58.34 79.87 169.45
C GLU MB 239 -59.23 80.23 168.27
N GLY MB 240 -59.86 79.24 167.66
CA GLY MB 240 -60.68 79.51 166.49
C GLY MB 240 -59.92 79.89 165.24
N GLN MB 241 -59.20 78.93 164.65
CA GLN MB 241 -58.49 79.13 163.40
C GLN MB 241 -58.76 77.94 162.48
N ASP MB 242 -58.16 77.97 161.30
CA ASP MB 242 -58.35 76.96 160.25
C ASP MB 242 -57.14 76.03 160.20
N VAL MB 243 -57.16 74.98 161.01
CA VAL MB 243 -56.03 74.09 161.17
C VAL MB 243 -55.86 73.22 159.93
N LEU MB 244 -54.62 72.84 159.64
CA LEU MB 244 -54.26 71.75 158.74
C LEU MB 244 -53.65 70.62 159.53
N LEU MB 245 -53.54 69.45 158.90
CA LEU MB 245 -53.02 68.28 159.60
C LEU MB 245 -52.58 67.28 158.55
N PHE MB 246 -51.30 66.89 158.57
CA PHE MB 246 -50.73 65.96 157.61
C PHE MB 246 -50.43 64.65 158.30
N ILE MB 247 -50.86 63.55 157.71
CA ILE MB 247 -50.60 62.21 158.21
C ILE MB 247 -49.86 61.45 157.14
N ASP MB 248 -48.71 60.88 157.48
CA ASP MB 248 -47.84 60.20 156.51
C ASP MB 248 -47.48 58.82 157.04
N ASN MB 249 -48.22 57.79 156.64
CA ASN MB 249 -49.36 57.91 155.76
C ASN MB 249 -50.52 57.10 156.33
N ILE MB 250 -51.67 57.17 155.66
CA ILE MB 250 -52.91 56.63 156.22
C ILE MB 250 -52.97 55.11 156.16
N PHE MB 251 -52.01 54.46 155.51
CA PHE MB 251 -51.95 53.00 155.52
C PHE MB 251 -51.23 52.46 156.75
N ARG MB 252 -50.21 53.18 157.23
CA ARG MB 252 -49.49 52.72 158.41
C ARG MB 252 -50.25 52.97 159.70
N PHE MB 253 -51.25 53.86 159.66
CA PHE MB 253 -52.22 53.93 160.76
C PHE MB 253 -53.06 52.66 160.81
N THR MB 254 -53.50 52.21 159.64
CA THR MB 254 -54.37 51.04 159.50
C THR MB 254 -53.62 49.75 159.78
N GLN MB 255 -52.39 49.64 159.28
CA GLN MB 255 -51.59 48.43 159.47
C GLN MB 255 -51.20 48.24 160.92
N ALA MB 256 -51.00 49.33 161.66
CA ALA MB 256 -50.65 49.22 163.06
C ALA MB 256 -51.85 48.86 163.94
N GLY MB 257 -53.07 49.20 163.53
CA GLY MB 257 -54.24 48.76 164.25
C GLY MB 257 -54.45 47.27 164.16
N SER MB 258 -54.04 46.66 163.05
CA SER MB 258 -54.16 45.23 162.88
C SER MB 258 -53.12 44.46 163.67
N GLU MB 259 -52.05 45.12 164.10
CA GLU MB 259 -51.04 44.47 164.92
C GLU MB 259 -51.41 44.48 166.39
N VAL MB 260 -52.00 45.58 166.86
CA VAL MB 260 -52.53 45.64 168.22
C VAL MB 260 -53.65 44.62 168.39
N SER MB 261 -54.57 44.58 167.42
CA SER MB 261 -55.75 43.73 167.51
C SER MB 261 -55.42 42.25 167.41
N ALA MB 262 -54.26 41.91 166.87
CA ALA MB 262 -53.84 40.52 166.78
C ALA MB 262 -52.91 40.13 167.90
N LEU MB 263 -52.39 41.08 168.67
CA LEU MB 263 -51.64 40.73 169.86
C LEU MB 263 -52.56 40.46 171.04
N LEU MB 264 -53.79 41.00 171.00
CA LEU MB 264 -54.77 40.72 172.03
C LEU MB 264 -55.44 39.36 171.82
N GLY MB 265 -55.83 39.06 170.59
CA GLY MB 265 -56.36 37.75 170.28
C GLY MB 265 -57.58 37.74 169.38
N ARG MB 266 -57.99 38.90 168.90
CA ARG MB 266 -59.21 38.99 168.10
C ARG MB 266 -59.03 38.36 166.73
N ILE MB 267 -60.05 37.61 166.32
CA ILE MB 267 -60.05 36.86 165.05
C ILE MB 267 -60.15 37.83 163.88
N PRO MB 268 -59.31 37.73 162.86
CA PRO MB 268 -59.27 38.76 161.82
C PRO MB 268 -60.41 38.66 160.82
N SER MB 269 -60.61 39.77 160.14
CA SER MB 269 -61.66 40.07 159.15
C SER MB 269 -61.34 39.46 157.80
N ALA MB 270 -61.86 40.07 156.73
CA ALA MB 270 -61.34 39.89 155.37
C ALA MB 270 -59.90 40.35 155.29
N VAL MB 271 -59.27 40.35 154.12
CA VAL MB 271 -57.96 39.74 153.82
C VAL MB 271 -56.90 39.58 154.92
N GLY MB 272 -57.10 40.08 156.13
CA GLY MB 272 -56.20 39.87 157.22
C GLY MB 272 -56.24 40.99 158.23
N TYR MB 273 -57.01 42.03 157.93
CA TYR MB 273 -57.16 43.17 158.82
C TYR MB 273 -57.99 42.81 160.04
N GLN MB 274 -58.22 43.78 160.85
CA GLN MB 274 -58.87 43.65 162.14
C GLN MB 274 -60.38 43.81 161.99
N PRO MB 275 -61.19 43.24 162.90
CA PRO MB 275 -62.64 43.33 162.72
C PRO MB 275 -63.18 44.72 162.86
N THR MB 276 -62.53 45.57 163.65
CA THR MB 276 -62.99 46.90 163.99
C THR MB 276 -62.42 47.94 163.05
N LEU MB 277 -62.27 47.58 161.78
CA LEU MB 277 -61.49 48.37 160.84
C LEU MB 277 -62.20 49.67 160.46
N ALA MB 278 -63.52 49.66 160.35
CA ALA MB 278 -64.22 50.85 159.95
C ALA MB 278 -64.58 51.76 161.12
N THR MB 279 -64.79 51.19 162.30
CA THR MB 279 -65.04 52.01 163.48
C THR MB 279 -63.76 52.69 163.96
N ASP MB 280 -62.63 51.99 163.92
CA ASP MB 280 -61.35 52.58 164.31
C ASP MB 280 -60.97 53.72 163.38
N MET MB 281 -61.26 53.59 162.09
CA MET MB 281 -61.08 54.72 161.20
C MET MB 281 -62.18 55.75 161.44
N GLY MB 282 -63.34 55.30 161.91
CA GLY MB 282 -64.43 56.24 162.16
C GLY MB 282 -64.14 57.20 163.28
N THR MB 283 -63.71 56.67 164.44
CA THR MB 283 -63.47 57.50 165.61
C THR MB 283 -62.27 58.42 165.46
N MET MB 284 -61.39 58.16 164.49
CA MET MB 284 -60.35 59.12 164.19
C MET MB 284 -60.80 60.14 163.15
N GLN MB 285 -61.51 59.69 162.12
CA GLN MB 285 -61.83 60.60 161.02
C GLN MB 285 -63.05 61.45 161.30
N GLU MB 286 -63.82 61.14 162.33
CA GLU MB 286 -64.97 61.96 162.64
C GLU MB 286 -64.64 63.16 163.50
N ARG MB 287 -63.46 63.18 164.12
CA ARG MB 287 -63.06 64.33 164.91
C ARG MB 287 -62.48 65.46 164.07
N ILE MB 288 -62.49 65.32 162.74
CA ILE MB 288 -62.02 66.36 161.85
C ILE MB 288 -63.24 66.95 161.14
N THR MB 289 -63.87 67.95 161.74
CA THR MB 289 -65.03 68.58 161.13
C THR MB 289 -64.91 70.09 161.17
N THR MB 290 -65.99 70.78 160.83
CA THR MB 290 -66.06 72.23 160.86
C THR MB 290 -67.12 72.60 161.90
N THR MB 291 -66.68 72.81 163.14
CA THR MB 291 -67.62 73.20 164.18
C THR MB 291 -67.90 74.70 164.07
N LYS MB 292 -68.62 75.25 165.05
CA LYS MB 292 -69.01 76.65 164.97
C LYS MB 292 -67.86 77.59 165.34
N LYS MB 293 -66.92 77.13 166.16
CA LYS MB 293 -65.77 77.95 166.52
C LYS MB 293 -64.78 78.04 165.36
N GLY MB 294 -64.23 76.91 164.96
CA GLY MB 294 -63.30 76.85 163.85
C GLY MB 294 -63.48 75.59 163.02
N SER MB 295 -62.38 74.93 162.67
CA SER MB 295 -62.42 73.72 161.86
C SER MB 295 -61.08 73.01 161.96
N ILE MB 296 -61.05 71.76 161.54
CA ILE MB 296 -59.81 71.06 161.21
C ILE MB 296 -59.92 70.59 159.78
N THR MB 297 -58.93 70.88 158.97
CA THR MB 297 -58.81 70.26 157.66
C THR MB 297 -57.80 69.13 157.79
N SER MB 298 -57.78 68.21 156.83
CA SER MB 298 -56.80 67.13 156.86
C SER MB 298 -56.28 66.88 155.46
N VAL MB 299 -55.04 66.38 155.37
CA VAL MB 299 -54.39 66.00 154.11
C VAL MB 299 -53.60 64.73 154.40
N GLN MB 300 -53.96 63.64 153.73
CA GLN MB 300 -53.45 62.33 154.10
C GLN MB 300 -52.91 61.64 152.85
N ALA MB 301 -51.72 61.08 152.94
CA ALA MB 301 -51.15 60.31 151.85
C ALA MB 301 -51.63 58.87 151.94
N ILE MB 302 -51.86 58.23 150.78
CA ILE MB 302 -52.43 56.90 150.73
C ILE MB 302 -51.53 55.99 149.92
N TYR MB 303 -51.29 54.78 150.43
CA TYR MB 303 -50.55 53.74 149.73
C TYR MB 303 -51.51 52.61 149.36
N VAL MB 304 -51.58 52.28 148.07
CA VAL MB 304 -52.51 51.30 147.54
C VAL MB 304 -51.76 49.99 147.35
N PRO MB 305 -52.02 48.95 148.15
CA PRO MB 305 -51.21 47.74 148.11
C PRO MB 305 -51.56 46.85 146.93
N ALA MB 306 -50.53 46.40 146.21
CA ALA MB 306 -50.62 45.44 145.10
C ALA MB 306 -51.49 45.95 143.95
N ASP MB 307 -51.52 47.28 143.78
CA ASP MB 307 -52.31 47.97 142.75
C ASP MB 307 -53.80 47.65 142.83
N ASP MB 308 -54.29 47.34 144.01
CA ASP MB 308 -55.64 46.82 144.23
C ASP MB 308 -56.48 47.92 144.85
N LEU MB 309 -57.22 48.64 144.01
CA LEU MB 309 -58.06 49.72 144.54
C LEU MB 309 -59.29 49.23 145.27
N THR MB 310 -59.54 47.92 145.32
CA THR MB 310 -60.65 47.38 146.09
C THR MB 310 -60.16 46.56 147.28
N ASP MB 311 -58.92 46.79 147.69
CA ASP MB 311 -58.38 46.17 148.89
C ASP MB 311 -59.10 46.74 150.10
N PRO MB 312 -59.28 45.94 151.17
CA PRO MB 312 -60.07 46.42 152.33
C PRO MB 312 -59.57 47.67 153.01
N ALA MB 313 -58.27 47.97 152.98
CA ALA MB 313 -57.81 49.20 153.61
C ALA MB 313 -57.99 50.46 152.76
N PRO MB 314 -57.71 50.49 151.44
CA PRO MB 314 -58.07 51.70 150.69
C PRO MB 314 -59.52 51.79 150.31
N ALA MB 315 -60.29 50.71 150.39
CA ALA MB 315 -61.74 50.82 150.24
C ALA MB 315 -62.33 51.62 151.38
N THR MB 316 -61.94 51.29 152.62
CA THR MB 316 -62.48 51.95 153.81
C THR MB 316 -62.03 53.39 153.91
N THR MB 317 -60.83 53.71 153.41
CA THR MB 317 -60.34 55.08 153.48
C THR MB 317 -61.01 55.95 152.43
N PHE MB 318 -61.36 55.37 151.26
CA PHE MB 318 -62.02 56.14 150.22
C PHE MB 318 -63.44 56.51 150.57
N ALA MB 319 -64.05 55.82 151.54
CA ALA MB 319 -65.39 56.16 151.99
C ALA MB 319 -65.45 57.49 152.73
N HIS MB 320 -64.31 58.01 153.19
CA HIS MB 320 -64.25 59.25 153.93
C HIS MB 320 -63.71 60.41 153.11
N LEU MB 321 -63.17 60.17 151.92
CA LEU MB 321 -62.46 61.22 151.23
C LEU MB 321 -63.38 62.19 150.51
N ASP MB 322 -62.94 63.44 150.42
CA ASP MB 322 -63.63 64.46 149.66
C ASP MB 322 -62.84 64.96 148.47
N ALA MB 323 -61.64 64.43 148.23
CA ALA MB 323 -60.80 64.81 147.12
C ALA MB 323 -59.77 63.72 146.89
N THR MB 324 -58.99 63.88 145.83
CA THR MB 324 -57.77 63.13 145.62
C THR MB 324 -56.75 64.05 144.98
N THR MB 325 -55.47 63.76 145.18
CA THR MB 325 -54.40 64.39 144.44
C THR MB 325 -53.42 63.32 144.00
N VAL MB 326 -53.05 63.33 142.73
CA VAL MB 326 -52.17 62.32 142.17
C VAL MB 326 -50.90 62.99 141.63
N LEU MB 327 -49.77 62.55 142.14
CA LEU MB 327 -48.46 62.96 141.65
C LEU MB 327 -47.91 61.82 140.82
N SER MB 328 -47.62 62.10 139.56
CA SER MB 328 -47.19 61.06 138.62
C SER MB 328 -45.81 61.42 138.07
N ARG MB 329 -45.13 60.40 137.55
CA ARG MB 329 -43.74 60.54 137.17
C ARG MB 329 -43.61 61.29 135.84
N ALA MB 330 -44.66 61.26 135.02
CA ALA MB 330 -44.53 61.73 133.64
C ALA MB 330 -44.62 63.25 133.56
N ILE MB 331 -45.42 63.89 134.42
CA ILE MB 331 -45.63 65.33 134.32
C ILE MB 331 -44.39 66.09 134.81
N ALA MB 332 -43.56 65.43 135.60
CA ALA MB 332 -42.29 66.05 136.00
C ALA MB 332 -41.33 66.14 134.82
N GLU MB 333 -41.45 65.20 133.87
CA GLU MB 333 -40.54 65.18 132.72
C GLU MB 333 -40.83 66.33 131.78
N LEU MB 334 -42.07 66.81 131.76
CA LEU MB 334 -42.42 67.92 130.90
C LEU MB 334 -41.85 69.23 131.44
N GLY MB 335 -41.49 69.26 132.72
CA GLY MB 335 -40.96 70.46 133.35
C GLY MB 335 -41.97 71.23 134.17
N ILE MB 336 -43.08 70.60 134.56
CA ILE MB 336 -44.22 71.31 135.13
C ILE MB 336 -44.27 71.04 136.62
N TYR MB 337 -44.39 72.10 137.41
CA TYR MB 337 -44.29 72.02 138.86
C TYR MB 337 -45.44 72.75 139.53
N PRO MB 338 -46.16 72.10 140.46
CA PRO MB 338 -46.03 70.74 141.01
C PRO MB 338 -46.55 69.67 140.07
N ALA MB 339 -46.08 68.46 140.24
CA ALA MB 339 -46.38 67.38 139.31
C ALA MB 339 -47.79 66.86 139.58
N VAL MB 340 -48.80 67.56 139.06
CA VAL MB 340 -50.20 67.21 139.33
C VAL MB 340 -50.84 66.76 138.03
N ASP MB 341 -51.50 65.60 138.07
CA ASP MB 341 -52.17 65.02 136.92
C ASP MB 341 -53.60 65.52 136.87
N PRO MB 342 -53.95 66.45 135.98
CA PRO MB 342 -55.27 67.08 136.08
C PRO MB 342 -56.40 66.25 135.53
N LEU MB 343 -56.14 65.03 135.06
CA LEU MB 343 -57.22 64.18 134.56
C LEU MB 343 -57.57 63.08 135.56
N ASP MB 344 -56.66 62.75 136.46
CA ASP MB 344 -56.88 61.68 137.43
C ASP MB 344 -56.99 62.19 138.86
N SER MB 345 -57.05 63.49 139.07
CA SER MB 345 -57.25 64.10 140.38
C SER MB 345 -58.67 64.63 140.45
N THR MB 346 -59.41 64.20 141.46
CA THR MB 346 -60.85 64.42 141.55
C THR MB 346 -61.17 65.34 142.71
N SER MB 347 -62.46 65.67 142.85
CA SER MB 347 -62.98 66.35 144.03
C SER MB 347 -64.48 66.12 144.08
N ARG MB 348 -64.98 65.69 145.26
CA ARG MB 348 -66.38 65.31 145.37
C ARG MB 348 -67.29 66.52 145.34
N ILE MB 349 -66.77 67.69 145.67
CA ILE MB 349 -67.63 68.88 145.72
C ILE MB 349 -67.63 69.58 144.37
N MET MB 350 -67.10 68.93 143.34
CA MET MB 350 -67.20 69.48 142.00
C MET MB 350 -68.63 69.37 141.51
N ASP MB 351 -69.42 70.43 141.74
CA ASP MB 351 -70.85 70.44 141.51
C ASP MB 351 -71.30 71.89 141.56
N PRO MB 352 -72.21 72.33 140.68
CA PRO MB 352 -72.52 73.77 140.61
C PRO MB 352 -73.28 74.32 141.80
N ASN MB 353 -73.90 73.47 142.61
CA ASN MB 353 -74.58 73.96 143.80
C ASN MB 353 -73.60 74.31 144.91
N ILE MB 354 -72.40 73.73 144.89
CA ILE MB 354 -71.40 73.95 145.94
C ILE MB 354 -70.37 74.99 145.53
N VAL MB 355 -69.84 74.87 144.31
CA VAL MB 355 -68.79 75.79 143.86
C VAL MB 355 -69.32 76.94 143.02
N GLY MB 356 -70.58 76.91 142.60
CA GLY MB 356 -71.14 77.99 141.82
C GLY MB 356 -71.27 77.64 140.35
N SER MB 357 -71.76 78.62 139.59
CA SER MB 357 -71.93 78.41 138.16
C SER MB 357 -70.71 78.80 137.36
N GLU MB 358 -69.98 79.85 137.76
CA GLU MB 358 -68.83 80.26 136.99
C GLU MB 358 -67.67 79.28 137.15
N HIS MB 359 -67.47 78.76 138.37
CA HIS MB 359 -66.36 77.85 138.60
C HIS MB 359 -66.60 76.47 138.00
N TYR MB 360 -67.85 76.07 137.78
CA TYR MB 360 -68.08 74.73 137.23
C TYR MB 360 -67.88 74.71 135.71
N ASP MB 361 -68.38 75.74 135.01
CA ASP MB 361 -68.27 75.79 133.56
C ASP MB 361 -66.91 76.28 133.06
N VAL MB 362 -65.89 76.31 133.91
CA VAL MB 362 -64.51 76.48 133.49
C VAL MB 362 -63.70 75.22 133.78
N ALA MB 363 -63.86 74.63 134.95
CA ALA MB 363 -63.19 73.39 135.29
C ALA MB 363 -63.83 72.17 134.66
N ARG MB 364 -64.91 72.36 133.90
CA ARG MB 364 -65.42 71.35 132.98
C ARG MB 364 -65.02 71.65 131.54
N GLY MB 365 -64.72 72.91 131.23
CA GLY MB 365 -64.19 73.26 129.93
C GLY MB 365 -62.72 72.95 129.78
N VAL MB 366 -61.89 73.38 130.74
CA VAL MB 366 -60.46 73.05 130.70
C VAL MB 366 -60.19 71.59 131.04
N GLN MB 367 -61.17 70.88 131.59
CA GLN MB 367 -61.06 69.44 131.73
C GLN MB 367 -61.34 68.74 130.42
N LYS MB 368 -62.04 69.39 129.50
CA LYS MB 368 -62.43 68.81 128.22
C LYS MB 368 -61.34 68.96 127.16
N ILE MB 369 -60.70 70.13 127.11
CA ILE MB 369 -59.70 70.43 126.10
C ILE MB 369 -58.43 69.57 126.27
N LEU MB 370 -58.22 68.98 127.43
CA LEU MB 370 -57.06 68.12 127.64
C LEU MB 370 -57.38 66.65 127.47
N GLN MB 371 -58.62 66.30 127.14
CA GLN MB 371 -58.98 64.90 126.93
C GLN MB 371 -58.81 64.47 125.48
N ASP MB 372 -59.12 65.34 124.52
CA ASP MB 372 -58.98 65.00 123.12
C ASP MB 372 -57.53 65.09 122.66
N TYR MB 373 -56.72 65.90 123.32
CA TYR MB 373 -55.30 65.96 123.01
C TYR MB 373 -54.60 64.67 123.38
N LYS MB 374 -55.07 63.98 124.42
CA LYS MB 374 -54.55 62.65 124.71
C LYS MB 374 -55.00 61.63 123.67
N SER MB 375 -56.13 61.88 123.01
CA SER MB 375 -56.59 60.99 121.94
C SER MB 375 -55.76 61.16 120.67
N LEU MB 376 -55.65 62.40 120.19
CA LEU MB 376 -54.87 62.69 118.99
C LEU MB 376 -53.39 62.94 119.29
N GLN MB 377 -52.89 62.41 120.39
CA GLN MB 377 -51.47 62.23 120.62
C GLN MB 377 -50.98 60.94 119.97
N ASP MB 378 -51.84 60.26 119.23
CA ASP MB 378 -51.52 59.09 118.43
C ASP MB 378 -51.61 59.35 116.93
N ILE MB 379 -52.64 60.09 116.50
CA ILE MB 379 -52.82 60.44 115.09
C ILE MB 379 -51.67 61.31 114.60
N ILE MB 380 -51.30 62.32 115.41
CA ILE MB 380 -50.12 63.12 115.10
C ILE MB 380 -48.83 62.35 115.31
N ALA MB 381 -48.88 61.20 115.98
CA ALA MB 381 -47.69 60.39 116.21
C ALA MB 381 -47.49 59.30 115.16
N ILE MB 382 -48.45 59.11 114.26
CA ILE MB 382 -48.31 58.13 113.19
C ILE MB 382 -48.51 58.79 111.83
N LEU MB 383 -49.62 59.49 111.65
CA LEU MB 383 -49.97 60.02 110.34
C LEU MB 383 -49.13 61.25 109.99
N GLY MB 384 -49.09 62.24 110.86
CA GLY MB 384 -48.26 63.40 110.62
C GLY MB 384 -48.81 64.63 111.28
N MET MB 385 -48.26 65.78 110.86
CA MET MB 385 -48.55 67.05 111.51
C MET MB 385 -49.55 67.92 110.75
N ASP MB 386 -49.28 68.22 109.48
CA ASP MB 386 -50.14 69.12 108.72
C ASP MB 386 -51.44 68.45 108.26
N GLU MB 387 -51.59 67.14 108.50
CA GLU MB 387 -52.73 66.37 108.02
C GLU MB 387 -53.92 66.43 108.96
N LEU MB 388 -53.75 66.98 110.16
CA LEU MB 388 -54.91 67.29 110.99
C LEU MB 388 -55.55 68.57 110.47
N SER MB 389 -56.82 68.77 110.82
CA SER MB 389 -57.59 69.86 110.25
C SER MB 389 -57.14 71.21 110.79
N GLU MB 390 -57.69 72.28 110.20
CA GLU MB 390 -57.40 73.63 110.67
C GLU MB 390 -58.09 73.92 111.98
N GLU MB 391 -59.19 73.24 112.28
CA GLU MB 391 -59.78 73.29 113.60
C GLU MB 391 -59.11 72.33 114.57
N ASP MB 392 -58.14 71.56 114.10
CA ASP MB 392 -57.28 70.76 114.94
C ASP MB 392 -55.90 71.39 115.11
N LYS MB 393 -55.67 72.54 114.47
CA LYS MB 393 -54.52 73.37 114.80
C LYS MB 393 -54.84 74.36 115.91
N LEU MB 394 -56.02 74.27 116.50
CA LEU MB 394 -56.38 75.03 117.68
C LEU MB 394 -56.51 74.17 118.93
N THR MB 395 -56.77 72.87 118.78
CA THR MB 395 -56.66 71.94 119.91
C THR MB 395 -55.22 71.50 120.13
N VAL MB 396 -54.30 71.90 119.26
CA VAL MB 396 -52.88 71.76 119.55
C VAL MB 396 -52.39 72.96 120.35
N SER MB 397 -52.88 74.15 120.02
CA SER MB 397 -52.50 75.36 120.73
C SER MB 397 -53.10 75.40 122.14
N ARG MB 398 -54.42 75.34 122.23
CA ARG MB 398 -55.12 75.56 123.49
C ARG MB 398 -55.16 74.32 124.39
N ALA MB 399 -54.46 73.24 124.05
CA ALA MB 399 -54.11 72.19 124.99
C ALA MB 399 -52.61 72.15 125.25
N ARG MB 400 -51.89 73.16 124.75
CA ARG MB 400 -50.49 73.40 125.10
C ARG MB 400 -50.31 74.66 125.91
N LYS MB 401 -51.09 75.70 125.62
CA LYS MB 401 -51.03 76.93 126.40
C LYS MB 401 -51.61 76.75 127.80
N ILE MB 402 -52.50 75.79 128.00
CA ILE MB 402 -53.14 75.57 129.29
C ILE MB 402 -52.30 74.71 130.22
N GLN MB 403 -51.74 73.59 129.74
CA GLN MB 403 -51.05 72.68 130.67
C GLN MB 403 -49.66 73.15 131.04
N ARG MB 404 -49.25 74.34 130.61
CA ARG MB 404 -48.11 75.04 131.18
C ARG MB 404 -48.51 76.08 132.20
N PHE MB 405 -49.71 76.65 132.07
CA PHE MB 405 -50.27 77.54 133.09
C PHE MB 405 -50.80 76.78 134.30
N LEU MB 406 -50.67 75.45 134.34
CA LEU MB 406 -50.80 74.70 135.58
C LEU MB 406 -49.48 74.56 136.34
N SER MB 407 -48.53 75.46 136.10
CA SER MB 407 -47.24 75.46 136.78
C SER MB 407 -47.08 76.77 137.54
N GLN MB 408 -46.28 76.74 138.61
CA GLN MB 408 -46.28 77.80 139.59
C GLN MB 408 -44.96 77.82 140.35
N PRO MB 409 -44.32 78.98 140.46
CA PRO MB 409 -43.09 79.06 141.25
C PRO MB 409 -43.38 79.09 142.73
N PHE MB 410 -42.95 78.06 143.46
CA PHE MB 410 -43.25 77.98 144.89
C PHE MB 410 -42.43 78.98 145.69
N GLN MB 411 -42.78 79.13 146.96
CA GLN MB 411 -42.11 80.12 147.79
C GLN MB 411 -41.13 79.47 148.75
N VAL MB 412 -41.37 78.21 149.12
CA VAL MB 412 -40.51 77.55 150.10
C VAL MB 412 -39.21 77.09 149.45
N ALA MB 413 -39.21 76.89 148.14
CA ALA MB 413 -37.99 76.67 147.38
C ALA MB 413 -37.59 77.99 146.72
N GLU MB 414 -37.14 78.92 147.55
CA GLU MB 414 -36.87 80.27 147.09
C GLU MB 414 -35.48 80.40 146.49
N VAL MB 415 -34.50 79.73 147.10
CA VAL MB 415 -33.11 79.90 146.68
C VAL MB 415 -32.79 79.03 145.46
N PHE MB 416 -33.55 77.95 145.26
CA PHE MB 416 -33.24 77.03 144.18
C PHE MB 416 -33.64 77.60 142.83
N THR MB 417 -34.91 77.98 142.69
CA THR MB 417 -35.36 78.56 141.43
C THR MB 417 -34.84 79.97 141.23
N GLY MB 418 -34.51 80.66 142.33
CA GLY MB 418 -34.13 82.07 142.25
C GLY MB 418 -35.27 83.04 141.98
N HIS MB 419 -36.47 82.54 141.69
CA HIS MB 419 -37.61 83.38 141.38
C HIS MB 419 -38.44 83.57 142.63
N LEU MB 420 -39.14 84.70 142.69
CA LEU MB 420 -39.98 85.00 143.84
C LEU MB 420 -41.22 84.13 143.84
N GLY MB 421 -41.59 83.62 145.01
CA GLY MB 421 -42.76 82.76 145.11
C GLY MB 421 -44.05 83.56 145.02
N LYS MB 422 -44.91 83.16 144.08
CA LYS MB 422 -46.11 83.91 143.75
C LYS MB 422 -47.33 83.20 144.33
N LEU MB 423 -48.32 83.99 144.74
CA LEU MB 423 -49.62 83.50 145.19
C LEU MB 423 -50.70 84.10 144.30
N VAL MB 424 -51.73 83.32 144.03
CA VAL MB 424 -52.87 83.77 143.23
C VAL MB 424 -54.15 83.42 143.97
N PRO MB 425 -55.05 84.38 144.18
CA PRO MB 425 -56.35 84.06 144.78
C PRO MB 425 -57.26 83.34 143.80
N LEU MB 426 -58.47 83.01 144.30
CA LEU MB 426 -59.31 82.07 143.59
C LEU MB 426 -60.04 82.71 142.42
N LYS MB 427 -60.19 84.03 142.44
CA LYS MB 427 -60.79 84.69 141.28
C LYS MB 427 -59.73 85.02 140.24
N GLU MB 428 -58.46 84.80 140.58
CA GLU MB 428 -57.39 85.00 139.60
C GLU MB 428 -57.04 83.69 138.91
N THR MB 429 -57.45 82.57 139.49
CA THR MB 429 -57.38 81.30 138.77
C THR MB 429 -58.44 81.26 137.67
N ILE MB 430 -59.64 81.76 137.96
CA ILE MB 430 -60.76 81.66 137.02
C ILE MB 430 -60.64 82.68 135.91
N LYS MB 431 -60.12 83.87 136.21
CA LYS MB 431 -59.99 84.91 135.19
C LYS MB 431 -58.93 84.56 134.14
N GLY MB 432 -58.00 83.68 134.47
CA GLY MB 432 -56.95 83.34 133.54
C GLY MB 432 -57.24 82.12 132.69
N PHE MB 433 -57.97 81.14 133.22
CA PHE MB 433 -58.23 79.93 132.45
C PHE MB 433 -59.32 80.13 131.41
N GLN MB 434 -60.24 81.07 131.65
CA GLN MB 434 -61.32 81.30 130.68
C GLN MB 434 -60.82 81.94 129.40
N GLN MB 435 -59.73 82.69 129.46
CA GLN MB 435 -59.28 83.43 128.29
C GLN MB 435 -58.38 82.62 127.37
N ILE MB 436 -58.06 81.38 127.75
CA ILE MB 436 -57.32 80.53 126.84
C ILE MB 436 -58.25 79.65 126.01
N LEU MB 437 -59.37 79.19 126.60
CA LEU MB 437 -60.38 78.52 125.79
C LEU MB 437 -61.13 79.50 124.91
N ALA MB 438 -61.28 80.76 125.36
CA ALA MB 438 -61.81 81.80 124.49
C ALA MB 438 -60.80 82.24 123.43
N GLY MB 439 -59.52 81.94 123.63
CA GLY MB 439 -58.50 82.25 122.65
C GLY MB 439 -58.23 83.73 122.47
N GLU MB 440 -58.40 84.53 123.53
CA GLU MB 440 -58.04 85.94 123.45
C GLU MB 440 -56.53 86.13 123.40
N TYR MB 441 -55.78 85.19 123.96
CA TYR MB 441 -54.33 85.20 123.97
C TYR MB 441 -53.78 84.12 123.04
N ASP MB 442 -54.41 83.94 121.87
CA ASP MB 442 -53.97 82.98 120.88
C ASP MB 442 -52.65 83.35 120.23
N HIS MB 443 -52.20 84.58 120.38
CA HIS MB 443 -50.94 85.05 119.79
C HIS MB 443 -49.79 85.02 120.78
N LEU MB 444 -49.76 84.02 121.68
CA LEU MB 444 -48.71 83.94 122.67
C LEU MB 444 -47.97 82.63 122.52
N PRO MB 445 -46.63 82.63 122.59
CA PRO MB 445 -45.88 81.37 122.48
C PRO MB 445 -46.05 80.52 123.72
N GLU MB 446 -45.92 79.20 123.51
CA GLU MB 446 -46.20 78.21 124.54
C GLU MB 446 -45.15 78.14 125.62
N GLN MB 447 -44.06 78.91 125.51
CA GLN MB 447 -43.06 78.96 126.55
C GLN MB 447 -43.29 80.11 127.52
N ALA MB 448 -44.02 81.15 127.11
CA ALA MB 448 -44.26 82.28 127.99
C ALA MB 448 -45.32 82.00 129.04
N PHE MB 449 -45.93 80.82 129.02
CA PHE MB 449 -46.93 80.41 129.99
C PHE MB 449 -46.31 79.59 131.10
N TYR MB 450 -45.07 79.90 131.49
CA TYR MB 450 -44.27 79.02 132.35
C TYR MB 450 -43.85 79.77 133.60
N MET MB 451 -44.31 79.27 134.77
CA MET MB 451 -43.88 79.71 136.09
C MET MB 451 -44.17 81.19 136.36
N VAL MB 452 -45.42 81.58 136.12
CA VAL MB 452 -45.85 82.95 136.37
C VAL MB 452 -46.93 82.94 137.45
N GLY MB 453 -47.44 84.11 137.80
CA GLY MB 453 -48.47 84.23 138.80
C GLY MB 453 -49.85 84.47 138.19
N PRO MB 454 -50.27 85.74 138.15
CA PRO MB 454 -51.57 86.05 137.52
C PRO MB 454 -51.54 85.97 136.00
N ILE MB 455 -52.65 86.38 135.39
CA ILE MB 455 -52.72 86.44 133.93
C ILE MB 455 -51.89 87.62 133.41
N GLU MB 456 -51.72 88.65 134.25
CA GLU MB 456 -51.00 89.84 133.82
C GLU MB 456 -49.49 89.62 133.80
N GLU MB 457 -49.02 88.48 134.30
CA GLU MB 457 -47.59 88.23 134.30
C GLU MB 457 -47.15 87.45 133.06
N ALA MB 458 -47.98 86.50 132.61
CA ALA MB 458 -47.63 85.73 131.42
C ALA MB 458 -47.77 86.57 130.16
N VAL MB 459 -48.56 87.65 130.23
CA VAL MB 459 -48.54 88.63 129.15
C VAL MB 459 -47.33 89.55 129.30
N ALA MB 460 -46.85 89.74 130.53
CA ALA MB 460 -45.67 90.59 130.71
C ALA MB 460 -44.39 89.79 130.60
N LYS MB 461 -44.50 88.46 130.56
CA LYS MB 461 -43.32 87.63 130.31
C LYS MB 461 -42.96 87.62 128.83
N ALA MB 462 -43.96 87.61 127.96
CA ALA MB 462 -43.70 87.58 126.52
C ALA MB 462 -43.43 88.97 125.98
N ASP MB 463 -43.82 90.01 126.73
CA ASP MB 463 -43.51 91.37 126.31
C ASP MB 463 -42.02 91.68 126.44
N LYS MB 464 -41.32 90.94 127.30
CA LYS MB 464 -39.90 91.20 127.53
C LYS MB 464 -39.07 90.18 126.77
N LEU MB 465 -39.70 89.10 126.33
CA LEU MB 465 -39.01 88.06 125.55
C LEU MB 465 -38.55 88.58 124.21
N ALA MB 466 -37.46 88.00 123.69
CA ALA MB 466 -36.81 88.35 122.42
C ALA MB 466 -36.46 89.84 122.33
N ALA NB 1 -91.88 14.72 184.16
CA ALA NB 1 -91.75 15.07 182.77
C ALA NB 1 -91.71 16.58 182.57
N THR NB 2 -91.04 17.28 183.48
CA THR NB 2 -90.97 18.74 183.45
C THR NB 2 -89.53 19.19 183.61
N GLY NB 3 -89.27 20.43 183.18
CA GLY NB 3 -87.93 20.98 183.26
C GLY NB 3 -87.94 22.46 183.03
N ARG NB 4 -86.80 23.09 183.33
CA ARG NB 4 -86.67 24.54 183.37
C ARG NB 4 -85.60 25.03 182.41
N ILE NB 5 -85.81 26.21 181.87
CA ILE NB 5 -84.84 26.80 180.95
C ILE NB 5 -83.60 27.21 181.72
N VAL NB 6 -82.43 26.83 181.20
CA VAL NB 6 -81.15 27.15 181.82
C VAL NB 6 -80.37 28.18 181.02
N ALA NB 7 -80.36 28.07 179.70
CA ALA NB 7 -79.59 28.98 178.90
C ALA NB 7 -80.32 29.24 177.59
N VAL NB 8 -80.12 30.42 177.03
CA VAL NB 8 -80.80 30.84 175.81
C VAL NB 8 -79.76 31.57 174.96
N ILE NB 9 -79.44 31.01 173.81
CA ILE NB 9 -78.58 31.68 172.83
C ILE NB 9 -79.35 31.67 171.53
N GLY NB 10 -79.96 32.79 171.16
CA GLY NB 10 -80.66 32.90 169.89
C GLY NB 10 -81.82 31.95 169.75
N ALA NB 11 -81.66 30.93 168.91
CA ALA NB 11 -82.67 29.90 168.72
C ALA NB 11 -82.22 28.54 169.22
N VAL NB 12 -81.29 28.50 170.16
CA VAL NB 12 -80.81 27.26 170.74
C VAL NB 12 -81.03 27.38 172.25
N VAL NB 13 -82.19 26.96 172.70
CA VAL NB 13 -82.55 27.01 174.10
C VAL NB 13 -82.04 25.76 174.79
N ASP NB 14 -81.35 25.95 175.90
CA ASP NB 14 -80.96 24.85 176.77
C ASP NB 14 -82.01 24.66 177.85
N VAL NB 15 -82.21 23.43 178.27
CA VAL NB 15 -83.31 23.04 179.15
C VAL NB 15 -82.84 21.87 180.00
N GLN NB 16 -83.00 21.95 181.32
CA GLN NB 16 -82.60 20.85 182.19
C GLN NB 16 -83.81 20.12 182.74
N PHE NB 17 -83.83 18.81 182.59
CA PHE NB 17 -84.86 17.97 183.19
C PHE NB 17 -84.34 17.36 184.49
N ASP NB 18 -85.25 16.70 185.20
CA ASP NB 18 -84.90 16.10 186.48
C ASP NB 18 -85.06 14.60 186.50
N GLU NB 19 -86.12 14.07 185.92
CA GLU NB 19 -86.19 12.66 185.58
C GLU NB 19 -87.05 12.54 184.33
N GLY NB 20 -86.80 11.49 183.55
CA GLY NB 20 -87.47 11.37 182.28
C GLY NB 20 -86.88 12.24 181.20
N LEU NB 21 -85.64 11.94 180.81
CA LEU NB 21 -85.03 12.64 179.70
C LEU NB 21 -85.76 12.32 178.40
N PRO NB 22 -86.11 13.31 177.58
CA PRO NB 22 -86.74 13.02 176.31
C PRO NB 22 -85.75 12.45 175.32
N PRO NB 23 -86.12 11.45 174.53
CA PRO NB 23 -85.26 11.00 173.44
C PRO NB 23 -85.14 12.05 172.35
N ILE NB 24 -84.14 11.86 171.49
CA ILE NB 24 -83.76 12.88 170.53
C ILE NB 24 -84.86 13.04 169.49
N LEU NB 25 -85.13 14.29 169.12
CA LEU NB 25 -86.23 14.71 168.23
C LEU NB 25 -87.59 14.32 168.79
N ASN NB 26 -87.80 14.61 170.07
CA ASN NB 26 -89.15 14.71 170.61
C ASN NB 26 -89.62 16.14 170.45
N ALA NB 27 -90.74 16.48 171.05
CA ALA NB 27 -91.20 17.85 171.11
C ALA NB 27 -91.42 18.23 172.57
N LEU NB 28 -91.11 19.48 172.90
CA LEU NB 28 -91.29 20.02 174.23
C LEU NB 28 -92.18 21.25 174.15
N GLU NB 29 -93.07 21.42 175.13
CA GLU NB 29 -94.04 22.50 175.10
C GLU NB 29 -93.73 23.52 176.18
N VAL NB 30 -93.42 24.73 175.77
CA VAL NB 30 -93.06 25.81 176.70
C VAL NB 30 -94.33 26.41 177.27
N GLN NB 31 -94.52 26.28 178.59
CA GLN NB 31 -95.69 26.79 179.27
C GLN NB 31 -95.51 28.26 179.63
N GLY NB 32 -96.56 29.04 179.43
CA GLY NB 32 -96.53 30.43 179.84
C GLY NB 32 -96.25 31.37 178.70
N ARG NB 33 -96.80 31.09 177.53
CA ARG NB 33 -96.68 31.96 176.37
C ARG NB 33 -98.05 32.15 175.74
N GLU NB 34 -98.17 33.20 174.94
CA GLU NB 34 -99.44 33.47 174.29
C GLU NB 34 -99.69 32.55 173.10
N THR NB 35 -98.63 32.16 172.39
CA THR NB 35 -98.71 31.35 171.19
C THR NB 35 -98.25 29.93 171.60
N ARG NB 36 -98.06 29.04 170.63
CA ARG NB 36 -97.46 27.74 170.88
C ARG NB 36 -95.97 27.82 170.62
N LEU NB 37 -95.16 27.37 171.58
CA LEU NB 37 -93.71 27.32 171.41
C LEU NB 37 -93.28 25.88 171.63
N VAL NB 38 -92.78 25.24 170.57
CA VAL NB 38 -92.40 23.84 170.61
C VAL NB 38 -90.89 23.72 170.43
N LEU NB 39 -90.25 23.03 171.37
CA LEU NB 39 -88.81 22.81 171.35
C LEU NB 39 -88.57 21.36 170.96
N GLU NB 40 -87.63 21.13 170.04
CA GLU NB 40 -87.30 19.80 169.57
C GLU NB 40 -85.88 19.43 169.99
N VAL NB 41 -85.76 18.33 170.73
CA VAL NB 41 -84.49 17.93 171.33
C VAL NB 41 -83.48 17.57 170.26
N ALA NB 42 -82.28 18.14 170.35
CA ALA NB 42 -81.18 17.86 169.44
C ALA NB 42 -80.06 17.04 170.04
N GLN NB 43 -79.65 17.31 171.28
CA GLN NB 43 -78.47 16.71 171.86
C GLN NB 43 -78.81 16.14 173.23
N HIS NB 44 -77.78 15.71 173.94
CA HIS NB 44 -77.86 15.23 175.33
C HIS NB 44 -76.54 15.63 175.99
N LEU NB 45 -76.49 16.77 176.65
CA LEU NB 45 -75.22 17.35 177.06
C LEU NB 45 -74.69 16.80 178.38
N GLY NB 46 -75.20 15.71 178.90
CA GLY NB 46 -74.63 15.18 180.12
C GLY NB 46 -75.32 15.64 181.38
N GLU NB 47 -75.48 14.71 182.33
CA GLU NB 47 -76.11 14.87 183.66
C GLU NB 47 -77.44 15.62 183.59
N SER NB 48 -78.40 14.98 182.93
CA SER NB 48 -79.82 15.37 182.82
C SER NB 48 -79.97 16.79 182.27
N THR NB 49 -79.55 16.97 181.03
CA THR NB 49 -79.60 18.27 180.38
C THR NB 49 -79.63 18.04 178.89
N VAL NB 50 -80.61 18.61 178.21
CA VAL NB 50 -80.69 18.49 176.76
C VAL NB 50 -80.45 19.85 176.15
N ARG NB 51 -80.21 19.85 174.86
CA ARG NB 51 -80.06 21.09 174.11
C ARG NB 51 -81.02 21.03 172.94
N THR NB 52 -81.88 22.03 172.81
CA THR NB 52 -83.00 21.97 171.90
C THR NB 52 -82.88 23.05 170.84
N ILE NB 53 -83.68 22.92 169.79
CA ILE NB 53 -83.81 23.94 168.74
C ILE NB 53 -85.27 24.31 168.64
N ALA NB 54 -85.57 25.60 168.68
CA ALA NB 54 -86.92 26.10 168.81
C ALA NB 54 -87.52 26.45 167.45
N MET NB 55 -88.84 26.23 167.32
CA MET NB 55 -89.53 26.43 166.07
C MET NB 55 -90.03 27.85 165.88
N ASP NB 56 -90.39 28.56 166.95
CA ASP NB 56 -90.75 29.97 166.87
C ASP NB 56 -89.78 30.79 167.71
N GLY NB 57 -90.08 32.08 167.84
CA GLY NB 57 -89.16 33.00 168.48
C GLY NB 57 -89.01 32.75 169.97
N THR NB 58 -87.82 33.06 170.48
CA THR NB 58 -87.46 32.76 171.86
C THR NB 58 -87.36 34.00 172.73
N GLU NB 59 -87.64 35.19 172.19
CA GLU NB 59 -87.60 36.41 172.98
C GLU NB 59 -88.66 36.40 174.07
N GLY NB 60 -88.28 36.87 175.25
CA GLY NB 60 -89.19 36.88 176.39
C GLY NB 60 -89.08 35.68 177.30
N LEU NB 61 -88.20 34.74 177.02
CA LEU NB 61 -88.00 33.60 177.90
C LEU NB 61 -87.07 33.98 179.04
N VAL NB 62 -87.38 33.48 180.24
CA VAL NB 62 -86.53 33.69 181.40
C VAL NB 62 -86.05 32.33 181.84
N ARG NB 63 -84.99 32.32 182.64
CA ARG NB 63 -84.51 31.06 183.19
C ARG NB 63 -85.45 30.58 184.27
N GLY NB 64 -85.57 29.27 184.38
CA GLY NB 64 -86.52 28.66 185.30
C GLY NB 64 -87.91 28.47 184.74
N GLN NB 65 -88.21 29.06 183.58
CA GLN NB 65 -89.52 28.95 182.95
C GLN NB 65 -89.80 27.50 182.55
N LYS NB 66 -90.96 26.99 182.93
CA LYS NB 66 -91.25 25.57 182.82
C LYS NB 66 -91.38 25.12 181.39
N VAL NB 67 -91.09 23.84 181.16
CA VAL NB 67 -91.11 23.20 179.84
C VAL NB 67 -91.65 21.80 180.01
N LEU NB 68 -92.64 21.42 179.19
CA LEU NB 68 -93.38 20.18 179.34
C LEU NB 68 -93.13 19.27 178.14
N ASP NB 69 -93.11 17.96 178.39
CA ASP NB 69 -92.72 16.95 177.41
C ASP NB 69 -93.95 16.36 176.73
N SER NB 70 -93.96 16.41 175.39
CA SER NB 70 -95.10 15.88 174.63
C SER NB 70 -95.15 14.36 174.66
N GLY NB 71 -94.14 13.71 174.11
CA GLY NB 71 -94.09 12.27 174.06
C GLY NB 71 -93.82 11.75 172.66
N ALA NB 72 -93.84 12.66 171.69
CA ALA NB 72 -93.80 12.27 170.29
C ALA NB 72 -93.16 13.40 169.50
N PRO NB 73 -92.67 13.12 168.26
CA PRO NB 73 -92.19 14.20 167.40
C PRO NB 73 -93.26 15.16 166.94
N ILE NB 74 -92.88 16.13 166.11
CA ILE NB 74 -93.87 17.02 165.51
C ILE NB 74 -94.75 16.20 164.58
N LYS NB 75 -96.04 16.12 164.89
CA LYS NB 75 -97.02 15.43 164.06
C LYS NB 75 -97.93 16.45 163.41
N ILE NB 76 -98.39 16.14 162.21
CA ILE NB 76 -99.26 17.03 161.45
C ILE NB 76 -100.49 16.23 161.04
N PRO NB 77 -101.63 16.88 160.84
CA PRO NB 77 -102.81 16.16 160.35
C PRO NB 77 -102.70 15.91 158.86
N VAL NB 78 -102.75 14.64 158.46
CA VAL NB 78 -102.62 14.29 157.05
C VAL NB 78 -103.86 13.52 156.63
N GLY NB 79 -104.20 13.62 155.35
CA GLY NB 79 -105.39 13.02 154.81
C GLY NB 79 -105.88 13.76 153.59
N PRO NB 80 -107.07 13.38 153.09
CA PRO NB 80 -107.61 14.04 151.90
C PRO NB 80 -108.24 15.40 152.16
N GLU NB 81 -108.40 15.80 153.42
CA GLU NB 81 -108.92 17.12 153.74
C GLU NB 81 -107.84 18.19 153.79
N THR NB 82 -106.58 17.80 153.58
CA THR NB 82 -105.46 18.72 153.54
C THR NB 82 -105.37 19.49 152.23
N LEU NB 83 -106.19 19.15 151.25
CA LEU NB 83 -106.11 19.76 149.94
C LEU NB 83 -106.82 21.09 149.95
N GLY NB 84 -106.18 22.13 149.44
CA GLY NB 84 -106.74 23.45 149.51
C GLY NB 84 -106.48 24.18 150.81
N ARG NB 85 -105.64 23.63 151.68
CA ARG NB 85 -105.31 24.24 152.95
C ARG NB 85 -103.82 24.56 153.00
N ILE NB 86 -103.49 25.63 153.70
CA ILE NB 86 -102.11 26.06 153.90
C ILE NB 86 -101.72 25.75 155.34
N MET NB 87 -100.49 25.28 155.55
CA MET NB 87 -100.03 24.86 156.86
C MET NB 87 -98.72 25.54 157.17
N ASN NB 88 -98.27 25.38 158.41
CA ASN NB 88 -96.93 25.76 158.81
C ASN NB 88 -96.21 24.54 159.37
N VAL NB 89 -95.04 24.78 160.00
CA VAL NB 89 -94.07 23.74 160.33
C VAL NB 89 -94.64 22.73 161.32
N ILE NB 90 -95.63 23.14 162.11
CA ILE NB 90 -96.20 22.25 163.12
C ILE NB 90 -97.62 21.87 162.74
N GLY NB 91 -98.05 22.28 161.55
CA GLY NB 91 -99.32 21.80 161.04
C GLY NB 91 -100.54 22.44 161.64
N GLU NB 92 -100.63 23.75 161.58
CA GLU NB 92 -101.78 24.49 162.05
C GLU NB 92 -102.31 25.31 160.90
N PRO NB 93 -103.62 25.46 160.76
CA PRO NB 93 -104.17 26.14 159.60
C PRO NB 93 -103.89 27.63 159.63
N ILE NB 94 -103.15 28.11 158.65
CA ILE NB 94 -102.86 29.53 158.53
C ILE NB 94 -103.61 30.16 157.37
N ASP NB 95 -104.72 29.55 156.96
CA ASP NB 95 -105.65 30.11 155.97
C ASP NB 95 -106.85 30.79 156.61
N GLU NB 96 -106.90 30.81 157.96
CA GLU NB 96 -108.00 31.35 158.79
C GLU NB 96 -109.39 30.81 158.40
N ARG NB 97 -109.45 29.60 157.83
CA ARG NB 97 -110.71 28.97 157.49
C ARG NB 97 -111.06 27.84 158.45
N GLY NB 98 -110.41 27.77 159.60
CA GLY NB 98 -110.79 26.82 160.62
C GLY NB 98 -109.91 25.61 160.62
N PRO NB 99 -110.19 24.67 161.54
CA PRO NB 99 -109.27 23.55 161.76
C PRO NB 99 -109.29 22.55 160.63
N ILE NB 100 -108.30 21.67 160.62
CA ILE NB 100 -108.21 20.56 159.68
C ILE NB 100 -108.55 19.29 160.43
N LYS NB 101 -109.65 18.64 160.04
CA LYS NB 101 -110.20 17.51 160.78
C LYS NB 101 -109.97 16.22 160.00
N THR NB 102 -108.89 15.52 160.31
CA THR NB 102 -108.61 14.25 159.67
C THR NB 102 -108.68 13.13 160.70
N LYS NB 103 -108.59 11.89 160.23
CA LYS NB 103 -108.74 10.76 161.13
C LYS NB 103 -107.39 10.31 161.68
N GLN NB 104 -106.30 10.73 161.04
CA GLN NB 104 -104.98 10.22 161.36
C GLN NB 104 -103.97 11.36 161.37
N PHE NB 105 -102.82 11.10 161.97
CA PHE NB 105 -101.74 12.08 162.10
C PHE NB 105 -100.42 11.43 161.69
N ALA NB 106 -99.54 12.21 161.05
CA ALA NB 106 -98.29 11.71 160.52
C ALA NB 106 -97.12 12.48 161.10
N ALA NB 107 -96.14 11.75 161.65
CA ALA NB 107 -94.94 12.35 162.19
C ALA NB 107 -94.07 12.97 161.09
N ILE NB 108 -93.26 13.94 161.48
CA ILE NB 108 -92.40 14.63 160.51
C ILE NB 108 -91.21 13.77 160.15
N HIS NB 109 -90.71 13.00 161.10
CA HIS NB 109 -89.48 12.24 160.92
C HIS NB 109 -89.79 10.77 160.70
N ALA NB 110 -89.48 10.27 159.51
CA ALA NB 110 -89.57 8.85 159.20
C ALA NB 110 -88.38 8.47 158.36
N GLU NB 111 -88.20 7.16 158.20
CA GLU NB 111 -86.98 6.64 157.58
C GLU NB 111 -87.07 6.67 156.06
N ALA NB 112 -86.12 5.98 155.43
CA ALA NB 112 -86.04 5.94 153.99
C ALA NB 112 -86.57 4.61 153.47
N PRO NB 113 -86.97 4.53 152.19
CA PRO NB 113 -87.36 3.22 151.64
C PRO NB 113 -86.16 2.31 151.47
N GLU NB 114 -86.44 1.01 151.43
CA GLU NB 114 -85.36 0.03 151.40
C GLU NB 114 -84.80 -0.10 149.98
N PHE NB 115 -83.95 -1.10 149.78
CA PHE NB 115 -83.43 -1.35 148.45
C PHE NB 115 -84.50 -2.01 147.58
N MET NB 116 -85.21 -2.98 148.12
CA MET NB 116 -86.15 -3.81 147.36
C MET NB 116 -87.54 -3.21 147.28
N GLU NB 117 -87.65 -1.90 147.41
CA GLU NB 117 -88.89 -1.19 147.18
C GLU NB 117 -88.69 -0.11 146.13
N MET NB 118 -87.70 -0.26 145.27
CA MET NB 118 -87.42 0.72 144.25
C MET NB 118 -88.04 0.29 142.93
N SER NB 119 -88.44 1.27 142.13
CA SER NB 119 -88.97 1.04 140.80
C SER NB 119 -88.05 1.68 139.77
N VAL NB 120 -87.65 0.89 138.77
CA VAL NB 120 -86.63 1.29 137.82
C VAL NB 120 -87.20 1.80 136.51
N GLU NB 121 -88.51 1.70 136.31
CA GLU NB 121 -89.11 1.96 135.00
C GLU NB 121 -89.04 3.43 134.64
N GLN NB 122 -88.53 3.71 133.45
CA GLN NB 122 -88.34 5.07 132.96
C GLN NB 122 -89.21 5.31 131.75
N GLU NB 123 -89.70 6.53 131.63
CA GLU NB 123 -90.47 6.98 130.49
C GLU NB 123 -90.04 8.40 130.17
N ILE NB 124 -90.81 9.09 129.35
CA ILE NB 124 -90.54 10.48 129.02
C ILE NB 124 -91.78 11.29 129.31
N LEU NB 125 -91.61 12.39 130.04
CA LEU NB 125 -92.69 13.33 130.30
C LEU NB 125 -92.46 14.51 129.36
N VAL NB 126 -93.23 14.56 128.28
CA VAL NB 126 -93.10 15.67 127.36
C VAL NB 126 -93.72 16.91 127.98
N THR NB 127 -92.96 18.00 127.99
CA THR NB 127 -93.37 19.22 128.67
C THR NB 127 -93.94 20.24 127.70
N GLY NB 128 -93.17 20.62 126.70
CA GLY NB 128 -93.62 21.66 125.79
C GLY NB 128 -92.57 22.74 125.69
N ILE NB 129 -91.38 22.45 126.19
CA ILE NB 129 -90.26 23.36 126.12
C ILE NB 129 -89.19 22.72 125.27
N LYS NB 130 -88.66 23.47 124.31
CA LYS NB 130 -87.77 22.91 123.29
C LYS NB 130 -86.43 22.50 123.88
N VAL NB 131 -85.89 23.30 124.80
CA VAL NB 131 -84.58 23.01 125.39
C VAL NB 131 -84.63 21.75 126.23
N VAL NB 132 -85.78 21.42 126.80
CA VAL NB 132 -85.89 20.27 127.66
C VAL NB 132 -86.33 19.04 126.88
N ASP NB 133 -87.18 19.21 125.88
CA ASP NB 133 -87.63 18.05 125.11
C ASP NB 133 -86.51 17.46 124.29
N LEU NB 134 -85.70 18.33 123.66
CA LEU NB 134 -84.69 17.85 122.74
C LEU NB 134 -83.45 17.32 123.47
N LEU NB 135 -82.77 18.19 124.21
CA LEU NB 135 -81.44 17.94 124.73
C LEU NB 135 -81.42 17.18 126.05
N ALA NB 136 -82.46 17.29 126.87
CA ALA NB 136 -82.42 16.78 128.25
C ALA NB 136 -83.82 16.40 128.70
N PRO NB 137 -84.34 15.28 128.23
CA PRO NB 137 -85.75 14.96 128.47
C PRO NB 137 -86.05 14.49 129.89
N TYR NB 138 -87.12 15.04 130.46
CA TYR NB 138 -87.56 14.68 131.79
C TYR NB 138 -88.20 13.30 131.78
N ALA NB 139 -88.31 12.69 132.93
CA ALA NB 139 -88.92 11.38 133.04
C ALA NB 139 -90.27 11.47 133.75
N LYS NB 140 -90.91 10.33 133.93
CA LYS NB 140 -92.18 10.24 134.62
C LYS NB 140 -91.91 9.44 135.88
N GLY NB 141 -91.49 10.12 136.93
CA GLY NB 141 -91.17 9.47 138.17
C GLY NB 141 -89.76 9.69 138.66
N GLY NB 142 -89.08 10.77 138.25
CA GLY NB 142 -87.70 10.99 138.62
C GLY NB 142 -87.45 12.42 139.06
N LYS NB 143 -86.38 12.62 139.81
CA LYS NB 143 -86.05 13.91 140.39
C LYS NB 143 -85.48 14.83 139.33
N ILE NB 144 -85.76 16.12 139.46
CA ILE NB 144 -85.34 17.14 138.50
C ILE NB 144 -84.80 18.32 139.30
N GLY NB 145 -83.71 18.91 138.85
CA GLY NB 145 -83.18 20.10 139.48
C GLY NB 145 -83.09 21.26 138.52
N LEU NB 146 -83.24 22.46 139.05
CA LEU NB 146 -83.13 23.68 138.25
C LEU NB 146 -82.14 24.63 138.91
N PHE NB 147 -80.86 24.45 138.58
CA PHE NB 147 -79.78 25.23 139.20
C PHE NB 147 -79.71 26.60 138.58
N GLY NB 148 -79.46 27.60 139.40
CA GLY NB 148 -79.46 28.97 138.91
C GLY NB 148 -79.07 29.92 140.00
N GLY NB 149 -78.60 31.08 139.58
CA GLY NB 149 -78.12 32.10 140.50
C GLY NB 149 -79.25 32.88 141.13
N ALA NB 150 -79.08 34.19 141.15
CA ALA NB 150 -80.11 35.08 141.66
C ALA NB 150 -80.54 36.01 140.54
N GLY NB 151 -81.72 35.74 139.97
CA GLY NB 151 -82.26 36.58 138.93
C GLY NB 151 -82.17 35.99 137.55
N VAL NB 152 -82.16 34.66 137.45
CA VAL NB 152 -82.03 33.99 136.17
C VAL NB 152 -83.35 33.37 135.69
N GLY NB 153 -84.21 32.91 136.58
CA GLY NB 153 -85.44 32.28 136.13
C GLY NB 153 -85.77 30.90 136.67
N LYS NB 154 -85.34 30.57 137.89
CA LYS NB 154 -85.64 29.26 138.46
C LYS NB 154 -87.07 29.10 138.93
N THR NB 155 -87.89 30.13 138.89
CA THR NB 155 -89.26 29.95 139.35
C THR NB 155 -90.27 30.31 138.29
N VAL NB 156 -89.94 31.19 137.36
CA VAL NB 156 -90.72 31.29 136.13
C VAL NB 156 -90.68 29.97 135.38
N LEU NB 157 -89.56 29.27 135.45
CA LEU NB 157 -89.47 27.93 134.90
C LEU NB 157 -90.27 26.93 135.71
N ILE NB 158 -90.43 27.14 137.02
CA ILE NB 158 -91.24 26.20 137.79
C ILE NB 158 -92.72 26.53 137.75
N MET NB 159 -93.08 27.75 137.34
CA MET NB 159 -94.47 28.12 137.13
C MET NB 159 -94.99 27.65 135.77
N GLU NB 160 -94.10 27.19 134.89
CA GLU NB 160 -94.47 26.56 133.63
C GLU NB 160 -94.74 25.09 133.80
N LEU NB 161 -93.88 24.37 134.50
CA LEU NB 161 -94.09 22.96 134.76
C LEU NB 161 -95.25 22.69 135.72
N ILE NB 162 -95.90 23.71 136.26
CA ILE NB 162 -97.24 23.57 136.82
C ILE NB 162 -98.29 23.82 135.76
N ASN NB 163 -98.11 24.89 134.99
CA ASN NB 163 -99.04 25.32 133.96
C ASN NB 163 -99.13 24.34 132.79
N ASN NB 164 -98.18 23.42 132.65
CA ASN NB 164 -98.21 22.44 131.60
C ASN NB 164 -98.41 21.02 132.09
N VAL NB 165 -98.07 20.71 133.34
CA VAL NB 165 -98.12 19.36 133.84
C VAL NB 165 -99.20 19.18 134.90
N ALA NB 166 -99.42 20.18 135.74
CA ALA NB 166 -100.42 20.04 136.80
C ALA NB 166 -101.84 20.29 136.31
N LYS NB 167 -102.01 20.77 135.07
CA LYS NB 167 -103.35 20.84 134.49
C LYS NB 167 -103.76 19.49 133.93
N ALA NB 168 -102.90 18.89 133.11
CA ALA NB 168 -103.13 17.59 132.51
C ALA NB 168 -102.77 16.44 133.42
N HIS NB 169 -102.63 16.66 134.72
CA HIS NB 169 -102.41 15.56 135.64
C HIS NB 169 -103.73 15.02 136.13
N GLY NB 170 -103.73 13.76 136.53
CA GLY NB 170 -104.94 13.12 136.97
C GLY NB 170 -105.00 12.95 138.47
N GLY NB 171 -103.85 12.70 139.08
CA GLY NB 171 -103.77 12.57 140.52
C GLY NB 171 -103.67 13.92 141.21
N TYR NB 172 -103.08 13.89 142.40
CA TYR NB 172 -103.05 15.05 143.28
C TYR NB 172 -101.80 15.88 143.01
N SER NB 173 -101.51 16.83 143.89
CA SER NB 173 -100.35 17.70 143.76
C SER NB 173 -100.01 18.27 145.12
N VAL NB 174 -98.72 18.54 145.36
CA VAL NB 174 -98.24 19.13 146.60
C VAL NB 174 -97.20 20.19 146.27
N PHE NB 175 -97.35 21.38 146.83
CA PHE NB 175 -96.37 22.44 146.70
C PHE NB 175 -95.77 22.72 148.07
N ALA NB 176 -94.49 23.10 148.09
CA ALA NB 176 -93.83 23.49 149.33
C ALA NB 176 -93.01 24.74 149.09
N GLY NB 177 -93.05 25.66 150.03
CA GLY NB 177 -92.22 26.85 149.96
C GLY NB 177 -91.26 26.85 151.12
N VAL NB 178 -89.97 26.78 150.85
CA VAL NB 178 -88.94 26.70 151.89
C VAL NB 178 -88.07 27.93 151.73
N GLY NB 179 -88.32 28.96 152.52
CA GLY NB 179 -87.39 30.06 152.61
C GLY NB 179 -87.39 31.02 151.44
N GLU NB 180 -88.48 31.11 150.70
CA GLU NB 180 -88.58 32.15 149.69
C GLU NB 180 -89.75 33.08 150.03
N ARG NB 181 -89.85 34.17 149.28
CA ARG NB 181 -90.56 35.36 149.76
C ARG NB 181 -92.07 35.15 149.75
N THR NB 182 -92.76 35.98 150.52
CA THR NB 182 -94.14 35.70 150.92
C THR NB 182 -95.17 36.30 149.99
N ARG NB 183 -94.84 37.33 149.23
CA ARG NB 183 -95.81 37.79 148.24
C ARG NB 183 -95.93 36.82 147.08
N GLU NB 184 -94.88 36.08 146.76
CA GLU NB 184 -94.98 35.01 145.78
C GLU NB 184 -95.76 33.82 146.30
N GLY NB 185 -95.80 33.64 147.61
CA GLY NB 185 -96.65 32.62 148.20
C GLY NB 185 -98.07 33.03 148.42
N ASN NB 186 -98.39 34.28 148.10
CA ASN NB 186 -99.75 34.78 148.11
C ASN NB 186 -100.35 34.76 146.71
N ASP NB 187 -99.54 34.99 145.68
CA ASP NB 187 -99.99 34.92 144.30
C ASP NB 187 -100.08 33.50 143.76
N LEU NB 188 -99.83 32.49 144.58
CA LEU NB 188 -100.15 31.13 144.21
C LEU NB 188 -101.47 30.69 144.79
N TYR NB 189 -101.98 31.41 145.79
CA TYR NB 189 -103.33 31.22 146.32
C TYR NB 189 -104.37 31.96 145.49
N HIS NB 190 -104.06 33.17 145.05
CA HIS NB 190 -104.98 33.92 144.20
C HIS NB 190 -104.72 33.70 142.72
N GLU NB 191 -104.15 32.55 142.36
CA GLU NB 191 -104.09 32.09 141.00
C GLU NB 191 -104.48 30.62 140.86
N MET NB 192 -104.71 29.93 141.97
CA MET NB 192 -105.24 28.58 141.99
C MET NB 192 -106.66 28.53 142.52
N ILE NB 193 -107.16 29.64 143.08
CA ILE NB 193 -108.57 29.79 143.36
C ILE NB 193 -109.32 30.21 142.11
N GLU NB 194 -108.74 31.14 141.35
CA GLU NB 194 -109.36 31.65 140.14
C GLU NB 194 -109.42 30.56 139.06
N SER NB 195 -108.42 29.70 139.00
CA SER NB 195 -108.36 28.68 137.97
C SER NB 195 -108.75 27.29 138.47
N GLY NB 196 -109.67 27.20 139.41
CA GLY NB 196 -110.35 25.95 139.70
C GLY NB 196 -109.55 24.86 140.37
N VAL NB 197 -108.29 25.10 140.72
CA VAL NB 197 -107.52 24.06 141.39
C VAL NB 197 -107.82 24.04 142.89
N ILE NB 198 -108.02 25.21 143.50
CA ILE NB 198 -108.53 25.32 144.87
C ILE NB 198 -110.04 25.53 144.81
N ASN NB 199 -110.79 24.68 145.49
CA ASN NB 199 -112.24 24.81 145.58
C ASN NB 199 -112.60 25.09 147.03
N LEU NB 200 -113.06 26.31 147.30
CA LEU NB 200 -113.35 26.74 148.67
C LEU NB 200 -114.66 26.16 149.21
N LYS NB 201 -115.49 25.56 148.37
CA LYS NB 201 -116.86 25.25 148.76
C LYS NB 201 -117.17 23.77 148.91
N ASP NB 202 -116.39 22.88 148.31
CA ASP NB 202 -116.59 21.45 148.50
C ASP NB 202 -115.24 20.76 148.38
N ALA NB 203 -115.26 19.45 148.18
CA ALA NB 203 -114.07 18.60 148.26
C ALA NB 203 -113.52 18.22 146.89
N THR NB 204 -113.47 19.15 145.94
CA THR NB 204 -112.99 18.87 144.61
C THR NB 204 -111.71 19.63 144.30
N SER NB 205 -110.78 19.67 145.26
CA SER NB 205 -109.52 20.37 145.09
C SER NB 205 -108.38 19.38 144.96
N LYS NB 206 -107.35 19.80 144.22
CA LYS NB 206 -106.29 18.91 143.78
C LYS NB 206 -104.97 19.13 144.50
N VAL NB 207 -104.63 20.36 144.86
CA VAL NB 207 -103.31 20.70 145.38
C VAL NB 207 -103.37 20.91 146.88
N ALA NB 208 -102.30 20.51 147.56
CA ALA NB 208 -102.02 20.88 148.94
C ALA NB 208 -100.94 21.95 148.97
N LEU NB 209 -100.86 22.69 150.07
CA LEU NB 209 -99.86 23.73 150.23
C LEU NB 209 -99.25 23.65 151.62
N VAL NB 210 -97.95 23.95 151.71
CA VAL NB 210 -97.19 23.96 152.96
C VAL NB 210 -96.20 25.12 152.87
N TYR NB 211 -96.08 25.92 153.92
CA TYR NB 211 -95.33 27.17 153.80
C TYR NB 211 -94.49 27.47 155.03
N GLY NB 212 -93.18 27.65 154.85
CA GLY NB 212 -92.33 28.37 155.79
C GLY NB 212 -91.37 29.28 155.05
N GLN NB 213 -91.49 30.58 155.24
CA GLN NB 213 -90.87 31.56 154.36
C GLN NB 213 -89.62 32.16 154.98
N MET NB 214 -89.15 33.27 154.40
CA MET NB 214 -87.90 33.90 154.83
C MET NB 214 -88.09 34.94 155.92
N ASN NB 215 -89.08 34.76 156.79
CA ASN NB 215 -89.16 35.55 158.00
C ASN NB 215 -89.02 34.71 159.25
N GLU NB 216 -88.98 33.40 159.13
CA GLU NB 216 -89.04 32.52 160.28
C GLU NB 216 -87.70 32.47 161.00
N PRO NB 217 -87.67 31.98 162.24
CA PRO NB 217 -86.42 31.58 162.84
C PRO NB 217 -85.85 30.37 162.13
N PRO NB 218 -84.53 30.18 162.15
CA PRO NB 218 -83.92 29.08 161.41
C PRO NB 218 -84.06 27.70 162.04
N GLY NB 219 -84.94 27.51 163.02
CA GLY NB 219 -85.33 26.15 163.35
C GLY NB 219 -86.58 25.71 162.65
N ALA NB 220 -87.22 26.64 161.94
CA ALA NB 220 -88.42 26.38 161.16
C ALA NB 220 -88.13 26.15 159.69
N ARG NB 221 -87.25 26.96 159.09
CA ARG NB 221 -86.83 26.72 157.71
C ARG NB 221 -86.06 25.41 157.57
N ALA NB 222 -85.37 24.97 158.61
CA ALA NB 222 -84.70 23.68 158.58
C ALA NB 222 -85.65 22.50 158.71
N ARG NB 223 -86.93 22.72 158.98
CA ARG NB 223 -87.88 21.63 159.15
C ARG NB 223 -89.18 21.82 158.39
N VAL NB 224 -89.33 22.88 157.61
CA VAL NB 224 -90.56 22.99 156.83
C VAL NB 224 -90.51 22.09 155.61
N ALA NB 225 -89.32 21.72 155.14
CA ALA NB 225 -89.21 20.86 153.98
C ALA NB 225 -89.53 19.42 154.29
N LEU NB 226 -89.41 19.00 155.53
CA LEU NB 226 -89.87 17.68 155.94
C LEU NB 226 -91.36 17.64 156.23
N THR NB 227 -92.07 18.75 156.05
CA THR NB 227 -93.50 18.78 156.30
C THR NB 227 -94.30 18.53 155.04
N GLY NB 228 -94.05 19.31 153.98
CA GLY NB 228 -94.62 19.01 152.68
C GLY NB 228 -94.19 17.67 152.12
N LEU NB 229 -93.03 17.18 152.55
CA LEU NB 229 -92.59 15.85 152.21
C LEU NB 229 -93.41 14.77 152.90
N THR NB 230 -94.19 15.10 153.93
CA THR NB 230 -95.00 14.09 154.59
C THR NB 230 -96.42 14.06 154.09
N VAL NB 231 -96.96 15.21 153.66
CA VAL NB 231 -98.27 15.21 153.04
C VAL NB 231 -98.23 14.62 151.64
N ALA NB 232 -97.05 14.54 151.01
CA ALA NB 232 -96.85 13.92 149.72
C ALA NB 232 -96.33 12.50 149.83
N GLU NB 233 -96.47 11.88 150.99
CA GLU NB 233 -96.25 10.45 151.16
C GLU NB 233 -97.50 9.70 151.54
N TYR NB 234 -98.46 10.36 152.20
CA TYR NB 234 -99.76 9.74 152.43
C TYR NB 234 -100.48 9.54 151.12
N PHE NB 235 -100.36 10.49 150.21
CA PHE NB 235 -100.91 10.40 148.87
C PHE NB 235 -100.10 9.49 147.96
N ARG NB 236 -99.11 8.78 148.48
CA ARG NB 236 -98.32 7.79 147.75
C ARG NB 236 -98.48 6.41 148.33
N ASP NB 237 -98.28 6.25 149.63
CA ASP NB 237 -98.28 4.92 150.25
C ASP NB 237 -99.65 4.44 150.69
N GLN NB 238 -100.51 5.34 151.19
CA GLN NB 238 -101.78 4.89 151.74
C GLN NB 238 -102.97 5.17 150.84
N GLU NB 239 -102.89 6.14 149.93
CA GLU NB 239 -103.92 6.30 148.93
C GLU NB 239 -103.55 5.75 147.56
N GLY NB 240 -102.26 5.68 147.25
CA GLY NB 240 -101.82 5.14 145.97
C GLY NB 240 -102.19 6.01 144.79
N GLN NB 241 -101.60 7.19 144.72
CA GLN NB 241 -101.85 8.09 143.60
C GLN NB 241 -100.53 8.33 142.89
N ASP NB 242 -100.56 9.26 141.95
CA ASP NB 242 -99.38 9.71 141.23
C ASP NB 242 -99.25 11.20 141.49
N VAL NB 243 -98.43 11.56 142.46
CA VAL NB 243 -98.35 12.92 142.97
C VAL NB 243 -97.20 13.68 142.37
N LEU NB 244 -97.44 14.95 142.09
CA LEU NB 244 -96.34 15.86 141.83
C LEU NB 244 -95.80 16.40 143.15
N LEU NB 245 -94.69 17.14 143.06
CA LEU NB 245 -94.07 17.77 144.23
C LEU NB 245 -93.16 18.87 143.72
N PHE NB 246 -93.45 20.10 144.06
CA PHE NB 246 -92.67 21.25 143.62
C PHE NB 246 -92.06 21.91 144.85
N ILE NB 247 -90.74 22.02 144.88
CA ILE NB 247 -90.01 22.58 146.01
C ILE NB 247 -89.23 23.79 145.54
N ASP NB 248 -89.42 24.92 146.22
CA ASP NB 248 -88.70 26.14 145.91
C ASP NB 248 -88.69 26.97 147.19
N ASN NB 249 -87.54 27.08 147.86
CA ASN NB 249 -86.21 26.70 147.37
C ASN NB 249 -85.57 25.72 148.35
N ILE NB 250 -84.82 24.73 147.85
CA ILE NB 250 -84.31 23.67 148.70
C ILE NB 250 -82.90 23.98 149.21
N PHE NB 251 -82.28 25.07 148.75
CA PHE NB 251 -81.01 25.49 149.32
C PHE NB 251 -81.16 25.94 150.75
N ARG NB 252 -82.28 26.60 151.09
CA ARG NB 252 -82.48 27.13 152.43
C ARG NB 252 -82.73 26.05 153.47
N PHE NB 253 -82.85 24.79 153.08
CA PHE NB 253 -82.76 23.70 154.05
C PHE NB 253 -81.36 23.58 154.63
N THR NB 254 -80.36 24.02 153.89
CA THR NB 254 -78.95 23.90 154.20
C THR NB 254 -78.33 25.23 154.64
N GLN NB 255 -78.70 26.34 154.00
CA GLN NB 255 -78.29 27.66 154.46
C GLN NB 255 -78.73 27.94 155.88
N ALA NB 256 -79.94 27.53 156.23
CA ALA NB 256 -80.44 27.69 157.59
C ALA NB 256 -80.21 26.46 158.43
N GLY NB 257 -79.13 25.73 158.18
CA GLY NB 257 -78.74 24.62 159.00
C GLY NB 257 -77.31 24.81 159.45
N SER NB 258 -76.63 25.75 158.78
CA SER NB 258 -75.32 26.24 159.19
C SER NB 258 -75.43 27.53 159.95
N GLU NB 259 -76.63 27.90 160.37
CA GLU NB 259 -76.83 29.02 161.26
C GLU NB 259 -77.16 28.57 162.67
N VAL NB 260 -77.53 27.31 162.85
CA VAL NB 260 -77.72 26.72 164.16
C VAL NB 260 -76.70 25.66 164.47
N SER NB 261 -75.74 25.43 163.58
CA SER NB 261 -74.70 24.44 163.80
C SER NB 261 -73.48 25.03 164.47
N ALA NB 262 -73.32 26.35 164.41
CA ALA NB 262 -72.22 26.99 165.13
C ALA NB 262 -72.46 26.96 166.63
N LEU NB 263 -73.72 27.11 167.04
CA LEU NB 263 -74.10 27.24 168.43
C LEU NB 263 -74.37 25.91 169.12
N LEU NB 264 -74.34 24.81 168.38
CA LEU NB 264 -74.38 23.50 168.99
C LEU NB 264 -73.00 22.99 169.42
N GLY NB 265 -71.94 23.73 169.09
CA GLY NB 265 -70.61 23.36 169.52
C GLY NB 265 -69.83 22.47 168.56
N ARG NB 266 -69.71 22.90 167.30
CA ARG NB 266 -69.11 22.07 166.26
C ARG NB 266 -68.02 22.86 165.54
N ILE NB 267 -66.89 22.20 165.29
CA ILE NB 267 -65.83 22.81 164.49
C ILE NB 267 -66.30 22.91 163.04
N PRO NB 268 -66.13 24.04 162.37
CA PRO NB 268 -66.63 24.14 160.99
C PRO NB 268 -65.72 23.50 159.96
N SER NB 269 -66.35 22.96 158.93
CA SER NB 269 -65.70 22.43 157.72
C SER NB 269 -65.34 23.56 156.78
N ALA NB 270 -65.21 23.26 155.47
CA ALA NB 270 -64.81 24.23 154.45
C ALA NB 270 -65.86 25.33 154.30
N VAL NB 271 -65.77 26.20 153.30
CA VAL NB 271 -65.97 27.66 153.33
C VAL NB 271 -66.89 28.30 154.40
N GLY NB 272 -67.54 27.51 155.25
CA GLY NB 272 -68.20 28.02 156.43
C GLY NB 272 -69.35 27.13 156.84
N TYR NB 273 -69.56 26.07 156.07
CA TYR NB 273 -70.71 25.20 156.24
C TYR NB 273 -70.52 24.29 157.44
N GLN NB 274 -71.60 23.59 157.78
CA GLN NB 274 -71.62 22.69 158.90
C GLN NB 274 -70.76 21.46 158.61
N PRO NB 275 -70.32 20.74 159.64
CA PRO NB 275 -69.59 19.50 159.38
C PRO NB 275 -70.42 18.42 158.75
N THR NB 276 -71.72 18.36 159.05
CA THR NB 276 -72.63 17.39 158.44
C THR NB 276 -73.45 18.02 157.31
N LEU NB 277 -72.77 18.46 156.25
CA LEU NB 277 -73.50 19.09 155.14
C LEU NB 277 -74.21 18.04 154.30
N ALA NB 278 -73.58 16.89 154.09
CA ALA NB 278 -74.02 15.95 153.08
C ALA NB 278 -74.50 14.63 153.67
N THR NB 279 -74.88 14.62 154.94
CA THR NB 279 -75.64 13.52 155.48
C THR NB 279 -77.08 13.90 155.80
N ASP NB 280 -77.32 15.16 156.18
CA ASP NB 280 -78.69 15.59 156.36
C ASP NB 280 -79.39 15.80 155.03
N MET NB 281 -78.64 16.13 153.97
CA MET NB 281 -79.23 16.23 152.64
C MET NB 281 -79.55 14.86 152.07
N GLY NB 282 -78.72 13.87 152.33
CA GLY NB 282 -79.03 12.53 151.88
C GLY NB 282 -80.00 11.78 152.75
N THR NB 283 -80.57 12.43 153.75
CA THR NB 283 -81.67 11.86 154.52
C THR NB 283 -82.99 12.54 154.21
N MET NB 284 -82.95 13.77 153.68
CA MET NB 284 -84.16 14.41 153.20
C MET NB 284 -84.48 13.97 151.77
N GLN NB 285 -83.46 13.88 150.92
CA GLN NB 285 -83.62 13.52 149.52
C GLN NB 285 -83.81 12.03 149.29
N GLU NB 286 -83.53 11.19 150.27
CA GLU NB 286 -83.68 9.76 150.06
C GLU NB 286 -85.09 9.28 150.35
N ARG NB 287 -86.00 10.19 150.69
CA ARG NB 287 -87.40 9.86 150.88
C ARG NB 287 -88.27 10.36 149.74
N ILE NB 288 -87.73 11.21 148.87
CA ILE NB 288 -88.49 11.73 147.72
C ILE NB 288 -88.23 10.75 146.58
N THR NB 289 -88.95 9.64 146.59
CA THR NB 289 -88.69 8.61 145.60
C THR NB 289 -89.99 8.11 144.97
N THR NB 290 -89.88 7.69 143.72
CA THR NB 290 -90.82 6.75 143.14
C THR NB 290 -90.55 5.39 143.72
N THR NB 291 -91.60 4.66 144.06
CA THR NB 291 -91.42 3.34 144.66
C THR NB 291 -92.39 2.38 143.99
N LYS NB 292 -92.56 1.20 144.56
CA LYS NB 292 -93.52 0.22 144.06
C LYS NB 292 -94.95 0.50 144.51
N LYS NB 293 -95.19 1.56 145.29
CA LYS NB 293 -96.51 1.88 145.81
C LYS NB 293 -97.07 3.18 145.27
N GLY NB 294 -96.28 3.98 144.59
CA GLY NB 294 -96.79 5.20 144.00
C GLY NB 294 -95.73 5.81 143.14
N SER NB 295 -95.79 7.12 142.88
CA SER NB 295 -94.75 7.75 142.06
C SER NB 295 -94.77 9.23 142.35
N ILE NB 296 -93.66 9.78 142.81
CA ILE NB 296 -93.51 11.21 143.05
C ILE NB 296 -92.61 11.78 141.96
N THR NB 297 -93.08 12.82 141.30
CA THR NB 297 -92.32 13.45 140.23
C THR NB 297 -91.82 14.80 140.74
N SER NB 298 -90.61 14.79 141.28
CA SER NB 298 -90.06 15.94 141.97
C SER NB 298 -89.61 16.99 140.97
N VAL NB 299 -89.78 18.25 141.32
CA VAL NB 299 -89.12 19.35 140.63
C VAL NB 299 -88.62 20.28 141.72
N GLN NB 300 -87.31 20.37 141.89
CA GLN NB 300 -86.72 21.18 142.93
C GLN NB 300 -85.93 22.31 142.31
N ALA NB 301 -86.13 23.51 142.81
CA ALA NB 301 -85.29 24.63 142.43
C ALA NB 301 -84.16 24.74 143.44
N ILE NB 302 -82.94 24.93 142.94
CA ILE NB 302 -81.72 24.94 143.75
C ILE NB 302 -80.98 26.24 143.49
N TYR NB 303 -80.44 26.84 144.52
CA TYR NB 303 -79.72 28.10 144.44
C TYR NB 303 -78.22 27.83 144.50
N VAL NB 304 -77.45 28.57 143.70
CA VAL NB 304 -75.99 28.51 143.73
C VAL NB 304 -75.46 29.80 144.32
N PRO NB 305 -74.60 29.75 145.34
CA PRO NB 305 -74.25 30.97 146.05
C PRO NB 305 -73.19 31.77 145.31
N ALA NB 306 -73.49 33.05 145.08
CA ALA NB 306 -72.64 34.03 144.40
C ALA NB 306 -72.24 33.60 142.99
N ASP NB 307 -73.11 32.83 142.32
CA ASP NB 307 -72.90 32.25 140.99
C ASP NB 307 -71.63 31.38 140.96
N ASP NB 308 -71.69 30.29 141.72
CA ASP NB 308 -70.56 29.37 141.82
C ASP NB 308 -71.12 27.97 141.91
N LEU NB 309 -70.73 27.10 140.97
CA LEU NB 309 -71.23 25.74 140.93
C LEU NB 309 -70.33 24.76 141.65
N THR NB 310 -69.17 25.19 142.14
CA THR NB 310 -68.27 24.34 142.90
C THR NB 310 -68.41 24.54 144.40
N ASP NB 311 -69.31 25.41 144.83
CA ASP NB 311 -69.66 25.61 146.23
C ASP NB 311 -70.21 24.32 146.81
N PRO NB 312 -69.94 24.01 148.07
CA PRO NB 312 -70.31 22.67 148.58
C PRO NB 312 -71.79 22.40 148.72
N ALA NB 313 -72.63 23.42 148.81
CA ALA NB 313 -74.06 23.17 148.93
C ALA NB 313 -74.75 22.84 147.60
N PRO NB 314 -74.48 23.51 146.47
CA PRO NB 314 -75.05 22.98 145.22
C PRO NB 314 -74.38 21.71 144.75
N ALA NB 315 -73.07 21.62 144.83
CA ALA NB 315 -72.32 20.55 144.18
C ALA NB 315 -72.40 19.23 144.90
N THR NB 316 -73.18 19.09 145.97
CA THR NB 316 -73.46 17.78 146.53
C THR NB 316 -74.90 17.36 146.28
N THR NB 317 -75.71 18.22 145.68
CA THR NB 317 -77.07 17.88 145.28
C THR NB 317 -77.10 17.06 144.00
N PHE NB 318 -76.02 17.10 143.21
CA PHE NB 318 -76.01 16.55 141.86
C PHE NB 318 -76.14 15.04 141.84
N ALA NB 319 -75.73 14.37 142.91
CA ALA NB 319 -75.79 12.92 142.93
C ALA NB 319 -77.17 12.39 143.25
N HIS NB 320 -78.14 13.26 143.45
CA HIS NB 320 -79.47 12.90 143.88
C HIS NB 320 -80.51 13.14 142.81
N LEU NB 321 -80.10 13.52 141.62
CA LEU NB 321 -81.01 13.90 140.56
C LEU NB 321 -81.09 12.81 139.51
N ASP NB 322 -81.99 13.01 138.56
CA ASP NB 322 -82.00 12.30 137.30
C ASP NB 322 -81.81 13.24 136.14
N ALA NB 323 -82.61 14.29 136.04
CA ALA NB 323 -82.39 15.32 135.06
C ALA NB 323 -81.68 16.46 135.73
N THR NB 324 -81.31 17.47 134.96
CA THR NB 324 -80.52 18.59 135.43
C THR NB 324 -80.71 19.70 134.43
N THR NB 325 -80.99 20.90 134.90
CA THR NB 325 -81.15 22.04 134.02
C THR NB 325 -80.33 23.18 134.60
N VAL NB 326 -79.03 23.20 134.31
CA VAL NB 326 -78.19 24.28 134.78
C VAL NB 326 -78.49 25.52 133.98
N LEU NB 327 -79.00 26.53 134.65
CA LEU NB 327 -79.22 27.82 134.03
C LEU NB 327 -77.94 28.64 134.12
N SER NB 328 -77.94 29.82 133.50
CA SER NB 328 -76.72 30.61 133.41
C SER NB 328 -77.02 32.10 133.39
N ARG NB 329 -76.03 32.90 133.75
CA ARG NB 329 -76.23 34.35 133.77
C ARG NB 329 -75.85 34.99 132.46
N ALA NB 330 -74.71 34.58 131.89
CA ALA NB 330 -74.20 35.23 130.69
C ALA NB 330 -75.02 34.89 129.47
N ILE NB 331 -75.70 33.73 129.48
CA ILE NB 331 -76.70 33.42 128.45
C ILE NB 331 -77.82 34.45 128.48
N ALA NB 332 -78.38 34.67 129.67
CA ALA NB 332 -79.48 35.60 129.87
C ALA NB 332 -79.09 37.06 129.71
N GLU NB 333 -77.82 37.37 129.52
CA GLU NB 333 -77.44 38.73 129.15
C GLU NB 333 -77.63 38.97 127.67
N LEU NB 334 -77.67 37.88 126.89
CA LEU NB 334 -77.95 37.97 125.47
C LEU NB 334 -79.45 38.09 125.20
N GLY NB 335 -80.25 37.43 126.01
CA GLY NB 335 -81.69 37.44 125.83
C GLY NB 335 -82.30 36.08 125.65
N ILE NB 336 -81.50 35.03 125.67
CA ILE NB 336 -82.00 33.67 125.47
C ILE NB 336 -82.72 33.25 126.72
N TYR NB 337 -84.05 33.23 126.68
CA TYR NB 337 -84.87 32.82 127.80
C TYR NB 337 -85.77 31.68 127.39
N PRO NB 338 -85.80 30.54 128.11
CA PRO NB 338 -85.14 30.09 129.34
C PRO NB 338 -83.64 29.94 129.19
N ALA NB 339 -82.88 30.62 130.04
CA ALA NB 339 -81.42 30.64 129.89
C ALA NB 339 -80.85 29.33 130.37
N VAL NB 340 -81.07 28.27 129.61
CA VAL NB 340 -80.59 26.94 129.94
C VAL NB 340 -79.23 26.77 129.26
N ASP NB 341 -78.29 26.17 129.97
CA ASP NB 341 -77.00 25.86 129.40
C ASP NB 341 -77.11 24.54 128.65
N PRO NB 342 -77.01 24.51 127.32
CA PRO NB 342 -77.25 23.25 126.60
C PRO NB 342 -76.13 22.27 126.76
N LEU NB 343 -74.98 22.74 127.24
CA LEU NB 343 -73.80 21.91 127.37
C LEU NB 343 -73.69 21.32 128.76
N ASP NB 344 -74.41 21.88 129.73
CA ASP NB 344 -74.28 21.46 131.12
C ASP NB 344 -75.48 20.66 131.61
N SER NB 345 -76.49 20.44 130.78
CA SER NB 345 -77.73 19.82 131.19
C SER NB 345 -77.77 18.37 130.72
N THR NB 346 -78.13 17.46 131.60
CA THR NB 346 -78.05 16.03 131.29
C THR NB 346 -79.41 15.37 131.41
N SER NB 347 -79.40 14.05 131.27
CA SER NB 347 -80.49 13.15 131.63
C SER NB 347 -79.94 11.74 131.72
N ARG NB 348 -80.78 10.83 132.17
CA ARG NB 348 -80.42 9.42 132.14
C ARG NB 348 -81.23 8.64 131.11
N ILE NB 349 -82.19 9.28 130.47
CA ILE NB 349 -83.01 8.63 129.45
C ILE NB 349 -82.67 9.07 128.05
N MET NB 350 -81.81 10.06 127.87
CA MET NB 350 -81.28 10.37 126.55
C MET NB 350 -80.39 9.23 126.11
N ASP NB 351 -80.90 8.42 125.20
CA ASP NB 351 -80.45 7.08 124.87
C ASP NB 351 -81.16 6.70 123.57
N PRO NB 352 -80.51 6.05 122.62
CA PRO NB 352 -81.16 5.81 121.31
C PRO NB 352 -82.27 4.79 121.38
N ASN NB 353 -82.30 3.92 122.38
CA ASN NB 353 -83.36 2.94 122.51
C ASN NB 353 -84.57 3.47 123.25
N ILE NB 354 -84.40 4.51 124.06
CA ILE NB 354 -85.50 5.08 124.82
C ILE NB 354 -86.09 6.29 124.11
N VAL NB 355 -85.26 7.29 123.79
CA VAL NB 355 -85.82 8.49 123.19
C VAL NB 355 -86.00 8.34 121.69
N GLY NB 356 -85.67 7.17 121.14
CA GLY NB 356 -85.84 6.93 119.73
C GLY NB 356 -84.62 7.34 118.94
N SER NB 357 -84.14 6.45 118.07
CA SER NB 357 -82.87 6.62 117.39
C SER NB 357 -82.84 7.77 116.40
N GLU NB 358 -83.99 8.27 115.97
CA GLU NB 358 -83.98 9.48 115.16
C GLU NB 358 -83.76 10.71 116.02
N HIS NB 359 -84.38 10.73 117.21
CA HIS NB 359 -84.24 11.87 118.12
C HIS NB 359 -82.84 11.94 118.71
N TYR NB 360 -82.27 10.78 119.04
CA TYR NB 360 -80.96 10.72 119.66
C TYR NB 360 -79.85 11.24 118.76
N ASP NB 361 -80.05 11.26 117.45
CA ASP NB 361 -79.05 11.75 116.52
C ASP NB 361 -79.19 13.24 116.23
N VAL NB 362 -80.36 13.81 116.43
CA VAL NB 362 -80.48 15.26 116.41
C VAL NB 362 -79.99 15.82 117.74
N ALA NB 363 -80.00 15.00 118.79
CA ALA NB 363 -79.53 15.45 120.09
C ALA NB 363 -78.01 15.57 120.09
N ARG NB 364 -77.30 14.47 119.88
CA ARG NB 364 -75.85 14.49 119.89
C ARG NB 364 -75.26 15.27 118.72
N GLY NB 365 -76.00 15.44 117.65
CA GLY NB 365 -75.50 16.19 116.53
C GLY NB 365 -75.64 17.68 116.64
N VAL NB 366 -76.41 18.15 117.61
CA VAL NB 366 -76.55 19.58 117.84
C VAL NB 366 -75.69 20.02 119.01
N GLN NB 367 -75.21 19.10 119.83
CA GLN NB 367 -74.14 19.43 120.76
C GLN NB 367 -72.80 19.53 120.05
N LYS NB 368 -72.59 18.73 119.01
CA LYS NB 368 -71.34 18.76 118.26
C LYS NB 368 -71.13 20.09 117.56
N ILE NB 369 -72.19 20.68 117.03
CA ILE NB 369 -72.06 21.96 116.36
C ILE NB 369 -71.99 23.11 117.35
N LEU NB 370 -72.39 22.88 118.60
CA LEU NB 370 -72.40 23.91 119.63
C LEU NB 370 -71.06 24.00 120.34
N GLN NB 371 -70.43 22.85 120.57
CA GLN NB 371 -69.08 22.82 121.11
C GLN NB 371 -68.08 23.49 120.18
N ASP NB 372 -68.19 23.26 118.88
CA ASP NB 372 -67.26 23.80 117.90
C ASP NB 372 -67.41 25.31 117.72
N TYR NB 373 -68.50 25.91 118.19
CA TYR NB 373 -68.58 27.37 118.23
C TYR NB 373 -67.88 27.90 119.47
N LYS NB 374 -67.90 27.13 120.55
CA LYS NB 374 -67.21 27.54 121.77
C LYS NB 374 -65.70 27.43 121.62
N SER NB 375 -65.22 26.42 120.91
CA SER NB 375 -63.79 26.16 120.79
C SER NB 375 -63.06 27.10 119.85
N LEU NB 376 -63.71 28.12 119.31
CA LEU NB 376 -63.03 29.12 118.49
C LEU NB 376 -63.21 30.53 119.04
N GLN NB 377 -63.71 30.68 120.25
CA GLN NB 377 -63.99 32.01 120.77
C GLN NB 377 -62.74 32.74 121.20
N ASP NB 378 -61.63 32.03 121.38
CA ASP NB 378 -60.35 32.68 121.61
C ASP NB 378 -59.91 33.44 120.38
N ILE NB 379 -60.06 32.83 119.21
CA ILE NB 379 -59.52 33.36 117.98
C ILE NB 379 -60.43 34.43 117.40
N ILE NB 380 -61.75 34.27 117.53
CA ILE NB 380 -62.70 35.24 116.99
C ILE NB 380 -62.64 36.54 117.77
N ALA NB 381 -62.39 36.46 119.08
CA ALA NB 381 -62.38 37.66 119.91
C ALA NB 381 -61.13 38.50 119.67
N ILE NB 382 -59.98 37.86 119.49
CA ILE NB 382 -58.75 38.60 119.23
C ILE NB 382 -58.70 38.97 117.75
N LEU NB 383 -58.62 37.95 116.89
CA LEU NB 383 -58.23 38.16 115.50
C LEU NB 383 -59.38 38.70 114.66
N GLY NB 384 -60.44 37.94 114.53
CA GLY NB 384 -61.60 38.37 113.78
C GLY NB 384 -62.34 37.18 113.20
N MET NB 385 -63.52 37.46 112.68
CA MET NB 385 -64.27 36.44 111.95
C MET NB 385 -63.60 36.15 110.62
N ASP NB 386 -63.10 37.17 109.96
CA ASP NB 386 -62.51 37.21 108.63
C ASP NB 386 -61.19 36.50 108.51
N GLU NB 387 -60.62 35.83 109.51
CA GLU NB 387 -59.44 34.99 109.33
C GLU NB 387 -59.76 33.52 109.57
N LEU NB 388 -60.93 33.09 109.09
CA LEU NB 388 -61.37 31.72 109.23
C LEU NB 388 -61.47 31.07 107.87
N SER NB 389 -61.64 29.75 107.87
CA SER NB 389 -61.79 28.97 106.64
C SER NB 389 -63.22 29.13 106.12
N GLU NB 390 -63.60 28.31 105.15
CA GLU NB 390 -64.97 28.36 104.67
C GLU NB 390 -65.84 27.28 105.28
N GLU NB 391 -65.26 26.21 105.79
CA GLU NB 391 -66.03 25.24 106.54
C GLU NB 391 -66.33 25.73 107.95
N ASP NB 392 -65.46 26.53 108.55
CA ASP NB 392 -65.65 27.06 109.89
C ASP NB 392 -66.15 28.49 109.87
N LYS NB 393 -66.72 28.94 108.77
CA LYS NB 393 -67.73 29.99 108.77
C LYS NB 393 -69.11 29.41 108.54
N LEU NB 394 -69.24 28.10 108.72
CA LEU NB 394 -70.48 27.38 108.51
C LEU NB 394 -70.74 26.42 109.66
N THR NB 395 -69.88 26.41 110.68
CA THR NB 395 -70.32 26.01 112.00
C THR NB 395 -70.48 27.20 112.93
N VAL NB 396 -70.17 28.40 112.45
CA VAL NB 396 -70.43 29.62 113.20
C VAL NB 396 -71.79 30.19 112.86
N SER NB 397 -72.13 30.24 111.57
CA SER NB 397 -73.43 30.77 111.16
C SER NB 397 -74.56 29.79 111.39
N ARG NB 398 -74.27 28.50 111.49
CA ARG NB 398 -75.31 27.54 111.78
C ARG NB 398 -75.54 27.33 113.26
N ALA NB 399 -74.57 27.67 114.11
CA ALA NB 399 -74.73 27.53 115.55
C ALA NB 399 -75.15 28.83 116.22
N ARG NB 400 -75.37 29.89 115.45
CA ARG NB 400 -76.07 31.08 115.91
C ARG NB 400 -77.53 31.09 115.49
N LYS NB 401 -77.91 30.25 114.52
CA LYS NB 401 -79.30 29.97 114.24
C LYS NB 401 -79.86 28.93 115.20
N ILE NB 402 -79.01 28.18 115.88
CA ILE NB 402 -79.48 27.13 116.76
C ILE NB 402 -79.66 27.63 118.19
N GLN NB 403 -78.78 28.53 118.64
CA GLN NB 403 -78.92 29.17 119.94
C GLN NB 403 -80.19 29.98 120.02
N ARG NB 404 -80.49 30.75 118.98
CA ARG NB 404 -81.70 31.57 118.95
C ARG NB 404 -82.95 30.70 118.85
N PHE NB 405 -82.85 29.52 118.27
CA PHE NB 405 -84.00 28.64 118.15
C PHE NB 405 -84.08 27.71 119.36
N LEU NB 406 -83.67 28.19 120.52
CA LEU NB 406 -83.95 27.46 121.75
C LEU NB 406 -84.72 28.33 122.73
N SER NB 407 -84.93 29.59 122.37
CA SER NB 407 -85.71 30.51 123.18
C SER NB 407 -87.18 30.51 122.77
N GLN NB 408 -88.06 30.31 123.74
CA GLN NB 408 -89.49 30.10 123.59
C GLN NB 408 -90.25 31.06 124.48
N PRO NB 409 -91.36 31.64 123.99
CA PRO NB 409 -92.19 32.47 124.87
C PRO NB 409 -93.04 31.62 125.77
N PHE NB 410 -93.01 31.90 127.07
CA PHE NB 410 -93.72 31.08 128.05
C PHE NB 410 -95.13 31.61 128.27
N GLN NB 411 -95.97 30.76 128.86
CA GLN NB 411 -97.35 31.15 129.16
C GLN NB 411 -97.40 32.11 130.34
N VAL NB 412 -96.54 31.92 131.33
CA VAL NB 412 -96.60 32.75 132.53
C VAL NB 412 -95.97 34.11 132.29
N ALA NB 413 -95.26 34.27 131.18
CA ALA NB 413 -94.55 35.50 130.90
C ALA NB 413 -95.27 36.40 129.91
N GLU NB 414 -96.56 36.15 129.66
CA GLU NB 414 -97.32 37.04 128.79
C GLU NB 414 -97.52 38.40 129.42
N VAL NB 415 -97.61 38.45 130.75
CA VAL NB 415 -97.91 39.69 131.45
C VAL NB 415 -96.70 40.61 131.48
N PHE NB 416 -95.50 40.05 131.31
CA PHE NB 416 -94.31 40.89 131.29
C PHE NB 416 -94.19 41.64 129.97
N THR NB 417 -94.05 40.91 128.87
CA THR NB 417 -93.65 41.46 127.59
C THR NB 417 -94.79 41.57 126.58
N GLY NB 418 -95.94 40.96 126.84
CA GLY NB 418 -97.06 41.05 125.91
C GLY NB 418 -96.88 40.20 124.67
N HIS NB 419 -96.39 38.97 124.83
CA HIS NB 419 -96.18 38.05 123.72
C HIS NB 419 -96.82 36.72 124.09
N LEU NB 420 -97.48 36.10 123.11
CA LEU NB 420 -98.28 34.91 123.37
C LEU NB 420 -97.40 33.72 123.73
N GLY NB 421 -97.77 33.04 124.81
CA GLY NB 421 -97.04 31.85 125.20
C GLY NB 421 -97.30 30.70 124.25
N LYS NB 422 -96.23 30.06 123.81
CA LYS NB 422 -96.29 29.01 122.80
C LYS NB 422 -95.93 27.68 123.42
N LEU NB 423 -96.71 26.65 123.11
CA LEU NB 423 -96.37 25.28 123.43
C LEU NB 423 -96.13 24.55 122.12
N VAL NB 424 -94.99 23.90 121.99
CA VAL NB 424 -94.66 23.08 120.83
C VAL NB 424 -94.85 21.63 121.24
N PRO NB 425 -95.17 20.73 120.32
CA PRO NB 425 -95.13 19.31 120.66
C PRO NB 425 -93.73 18.77 120.45
N LEU NB 426 -93.56 17.48 120.75
CA LEU NB 426 -92.24 16.87 120.63
C LEU NB 426 -91.83 16.70 119.17
N LYS NB 427 -92.76 16.24 118.33
CA LYS NB 427 -92.38 15.81 116.98
C LYS NB 427 -92.14 16.99 116.05
N GLU NB 428 -92.45 18.19 116.49
CA GLU NB 428 -92.25 19.36 115.65
C GLU NB 428 -91.00 20.14 116.05
N THR NB 429 -90.22 19.63 117.01
CA THR NB 429 -88.89 20.14 117.30
C THR NB 429 -87.78 19.32 116.65
N ILE NB 430 -87.92 17.99 116.65
CA ILE NB 430 -86.98 17.13 115.93
C ILE NB 430 -87.01 17.43 114.44
N LYS NB 431 -88.22 17.59 113.90
CA LYS NB 431 -88.38 17.96 112.51
C LYS NB 431 -87.85 19.36 112.22
N GLY NB 432 -87.86 20.24 113.22
CA GLY NB 432 -87.47 21.62 113.02
C GLY NB 432 -86.02 21.92 113.25
N PHE NB 433 -85.26 20.97 113.78
CA PHE NB 433 -83.82 21.12 113.93
C PHE NB 433 -83.04 20.39 112.85
N GLN NB 434 -83.62 19.33 112.29
CA GLN NB 434 -83.05 18.67 111.12
C GLN NB 434 -83.03 19.57 109.90
N GLN NB 435 -83.88 20.59 109.86
CA GLN NB 435 -83.87 21.57 108.81
C GLN NB 435 -83.02 22.79 109.14
N ILE NB 436 -82.13 22.67 110.13
CA ILE NB 436 -81.11 23.69 110.34
C ILE NB 436 -79.78 22.96 110.29
N LEU NB 437 -79.79 21.66 110.60
CA LEU NB 437 -78.56 20.88 110.53
C LEU NB 437 -78.26 20.45 109.11
N ALA NB 438 -79.29 20.11 108.33
CA ALA NB 438 -79.07 19.74 106.94
C ALA NB 438 -78.77 20.96 106.09
N GLY NB 439 -79.29 22.12 106.46
CA GLY NB 439 -78.88 23.34 105.80
C GLY NB 439 -79.92 23.88 104.83
N GLU NB 440 -81.19 23.78 105.19
CA GLU NB 440 -82.26 24.25 104.31
C GLU NB 440 -82.58 25.71 104.50
N TYR NB 441 -82.24 26.28 105.65
CA TYR NB 441 -82.64 27.65 105.99
C TYR NB 441 -81.45 28.60 106.02
N ASP NB 442 -80.42 28.29 105.25
CA ASP NB 442 -79.16 29.02 105.34
C ASP NB 442 -79.21 30.38 104.67
N HIS NB 443 -80.36 30.75 104.11
CA HIS NB 443 -80.55 32.08 103.54
C HIS NB 443 -81.35 33.00 104.45
N LEU NB 444 -82.17 32.44 105.34
CA LEU NB 444 -82.92 33.25 106.29
C LEU NB 444 -81.96 33.85 107.32
N PRO NB 445 -82.21 35.08 107.77
CA PRO NB 445 -81.35 35.67 108.80
C PRO NB 445 -81.54 35.02 110.17
N GLU NB 446 -80.80 35.52 111.17
CA GLU NB 446 -80.84 34.94 112.51
C GLU NB 446 -81.80 35.64 113.44
N GLN NB 447 -82.28 36.83 113.08
CA GLN NB 447 -83.34 37.51 113.80
C GLN NB 447 -84.70 36.89 113.58
N ALA NB 448 -84.82 35.88 112.72
CA ALA NB 448 -86.07 35.21 112.47
C ALA NB 448 -86.25 33.93 113.29
N PHE NB 449 -85.18 33.39 113.84
CA PHE NB 449 -85.25 32.18 114.64
C PHE NB 449 -85.49 32.47 116.12
N TYR NB 450 -85.76 33.71 116.47
CA TYR NB 450 -85.68 34.22 117.84
C TYR NB 450 -87.08 34.42 118.40
N MET NB 451 -87.34 33.79 119.57
CA MET NB 451 -88.58 33.93 120.33
C MET NB 451 -89.81 33.55 119.51
N VAL NB 452 -89.73 32.39 118.87
CA VAL NB 452 -90.84 31.83 118.11
C VAL NB 452 -91.10 30.42 118.62
N GLY NB 453 -92.23 29.86 118.23
CA GLY NB 453 -92.67 28.61 118.76
C GLY NB 453 -92.24 27.46 117.88
N PRO NB 454 -93.17 26.93 117.08
CA PRO NB 454 -92.80 25.93 116.09
C PRO NB 454 -92.11 26.60 114.90
N ILE NB 455 -91.51 25.77 114.05
CA ILE NB 455 -90.53 26.22 113.07
C ILE NB 455 -91.17 27.06 111.96
N GLU NB 456 -92.48 26.92 111.75
CA GLU NB 456 -93.16 27.66 110.69
C GLU NB 456 -93.31 29.14 111.03
N GLU NB 457 -93.13 29.49 112.30
CA GLU NB 457 -93.14 30.90 112.67
C GLU NB 457 -91.80 31.55 112.34
N ALA NB 458 -90.74 30.75 112.23
CA ALA NB 458 -89.43 31.29 111.89
C ALA NB 458 -89.39 31.76 110.44
N VAL NB 459 -90.01 31.00 109.54
CA VAL NB 459 -90.07 31.44 108.15
C VAL NB 459 -91.12 32.53 107.98
N ALA NB 460 -92.08 32.60 108.92
CA ALA NB 460 -93.08 33.66 108.86
C ALA NB 460 -92.52 34.98 109.37
N LYS NB 461 -91.69 34.91 110.42
CA LYS NB 461 -90.99 36.10 110.90
C LYS NB 461 -89.96 36.57 109.88
N ALA NB 462 -89.39 35.63 109.13
CA ALA NB 462 -88.48 35.99 108.04
C ALA NB 462 -89.25 36.56 106.86
N ASP NB 463 -90.53 36.19 106.73
CA ASP NB 463 -91.36 36.73 105.67
C ASP NB 463 -91.72 38.18 105.95
N LYS NB 464 -91.85 38.53 107.23
CA LYS NB 464 -92.23 39.89 107.61
C LYS NB 464 -91.14 40.89 107.25
N LEU NB 465 -89.93 40.69 107.75
CA LEU NB 465 -88.84 41.56 107.36
C LEU NB 465 -88.36 41.20 105.96
N ALA NB 466 -88.33 42.20 105.09
CA ALA NB 466 -87.96 41.97 103.72
C ALA NB 466 -87.20 43.16 103.17
N SER OB 1 -52.39 47.92 135.40
CA SER OB 1 -51.66 47.72 136.64
C SER OB 1 -50.28 47.14 136.37
N SER OB 2 -49.56 47.73 135.41
CA SER OB 2 -48.27 47.22 134.97
C SER OB 2 -47.11 48.18 135.21
N ASP OB 3 -47.38 49.44 135.54
CA ASP OB 3 -46.30 50.41 135.74
C ASP OB 3 -45.87 50.49 137.20
N THR OB 4 -45.61 49.32 137.81
CA THR OB 4 -45.27 49.22 139.22
C THR OB 4 -44.69 47.83 139.40
N PRO OB 5 -43.62 47.67 140.21
CA PRO OB 5 -43.15 46.30 140.53
C PRO OB 5 -44.17 45.47 141.30
N GLU OB 6 -45.07 46.12 142.05
CA GLU OB 6 -46.11 45.39 142.77
C GLU OB 6 -47.18 44.86 141.82
N GLY OB 7 -47.54 45.64 140.82
CA GLY OB 7 -48.45 45.15 139.80
C GLY OB 7 -47.77 44.09 138.94
N VAL OB 8 -48.51 43.00 138.68
CA VAL OB 8 -47.91 41.82 138.06
C VAL OB 8 -47.62 42.07 136.59
N ARG OB 9 -46.65 41.30 136.08
CA ARG OB 9 -46.22 41.38 134.69
C ARG OB 9 -46.11 39.97 134.13
N SER OB 10 -45.68 39.89 132.87
CA SER OB 10 -45.64 38.64 132.13
C SER OB 10 -44.21 38.28 131.76
N GLY OB 11 -44.03 37.02 131.38
CA GLY OB 11 -42.74 36.53 130.94
C GLY OB 11 -42.63 36.56 129.42
N ALA OB 12 -41.51 36.02 128.94
CA ALA OB 12 -41.28 35.83 127.52
C ALA OB 12 -41.56 34.38 127.18
N GLY OB 13 -42.36 34.17 126.13
CA GLY OB 13 -42.80 32.84 125.79
C GLY OB 13 -43.76 32.31 126.83
N ALA OB 14 -44.88 33.01 127.00
CA ALA OB 14 -45.95 32.59 127.88
C ALA OB 14 -47.20 32.17 127.12
N VAL OB 15 -47.29 32.48 125.82
CA VAL OB 15 -48.43 32.10 125.00
C VAL OB 15 -48.53 30.58 124.91
N ARG OB 16 -47.41 29.92 124.71
CA ARG OB 16 -47.40 28.47 124.68
C ARG OB 16 -47.28 27.89 126.08
N ASP OB 17 -47.16 28.73 127.10
CA ASP OB 17 -47.18 28.24 128.47
C ASP OB 17 -48.60 28.00 128.98
N ALA OB 18 -49.58 28.74 128.46
CA ALA OB 18 -50.97 28.54 128.86
C ALA OB 18 -51.51 27.20 128.37
N GLY OB 19 -51.58 27.02 127.05
CA GLY OB 19 -52.16 25.82 126.47
C GLY OB 19 -53.54 26.05 125.90
N GLY OB 20 -53.73 27.21 125.28
CA GLY OB 20 -55.04 27.62 124.87
C GLY OB 20 -55.44 27.15 123.48
N ALA OB 21 -55.86 28.10 122.65
CA ALA OB 21 -56.07 27.86 121.23
C ALA OB 21 -55.20 28.79 120.40
N PHE OB 22 -54.23 29.44 121.01
CA PHE OB 22 -53.10 30.05 120.32
C PHE OB 22 -51.82 29.25 120.55
N GLY OB 23 -51.78 28.48 121.63
CA GLY OB 23 -50.62 27.63 121.85
C GLY OB 23 -50.67 26.39 120.99
N LYS OB 24 -51.85 26.03 120.50
CA LYS OB 24 -51.96 24.89 119.60
C LYS OB 24 -52.15 25.36 118.15
N LYS OB 25 -52.43 26.64 117.95
CA LYS OB 25 -52.36 27.22 116.62
C LYS OB 25 -50.92 27.50 116.22
N GLU OB 26 -49.99 27.41 117.19
CA GLU OB 26 -48.58 27.67 116.91
C GLU OB 26 -47.77 26.38 116.96
N GLN OB 27 -48.16 25.43 117.79
CA GLN OB 27 -47.46 24.15 117.83
C GLN OB 27 -47.69 23.35 116.56
N ALA OB 28 -48.84 23.55 115.93
CA ALA OB 28 -49.13 22.82 114.69
C ALA OB 28 -48.61 23.58 113.47
N ASP OB 29 -48.58 24.91 113.54
CA ASP OB 29 -48.07 25.71 112.43
C ASP OB 29 -46.58 25.45 112.18
N GLU OB 30 -45.84 25.11 113.23
CA GLU OB 30 -44.42 24.82 113.06
C GLU OB 30 -44.20 23.44 112.44
N GLU OB 31 -45.13 22.51 112.65
CA GLU OB 31 -44.97 21.21 112.02
C GLU OB 31 -45.42 21.22 110.57
N ARG OB 32 -46.26 22.19 110.19
CA ARG OB 32 -46.69 22.27 108.80
C ARG OB 32 -45.68 23.02 107.95
N TYR OB 33 -44.63 23.55 108.58
CA TYR OB 33 -43.51 24.11 107.82
C TYR OB 33 -42.33 23.15 107.82
N PHE OB 34 -41.94 22.68 109.00
CA PHE OB 34 -40.72 21.89 109.11
C PHE OB 34 -40.97 20.41 108.84
N ARG OB 35 -42.08 20.08 108.18
CA ARG OB 35 -42.24 18.75 107.64
C ARG OB 35 -42.00 18.76 106.13
N ALA OB 36 -42.17 19.92 105.52
CA ALA OB 36 -42.03 20.02 104.07
C ALA OB 36 -40.64 20.50 103.68
N ARG OB 37 -39.91 21.14 104.61
CA ARG OB 37 -38.49 21.35 104.40
C ARG OB 37 -37.73 20.07 104.65
N ALA OB 38 -38.36 19.08 105.29
CA ALA OB 38 -37.69 17.84 105.61
C ALA OB 38 -37.68 16.89 104.42
N ARG OB 39 -38.27 17.30 103.30
CA ARG OB 39 -38.15 16.52 102.08
C ARG OB 39 -37.69 17.38 100.90
N GLU OB 40 -37.43 18.66 101.13
CA GLU OB 40 -36.53 19.37 100.24
C GLU OB 40 -35.09 18.98 100.52
N GLN OB 41 -34.79 18.65 101.78
CA GLN OB 41 -33.42 18.35 102.17
C GLN OB 41 -33.17 16.87 102.20
N LEU OB 42 -34.23 16.07 102.14
CA LEU OB 42 -34.02 14.62 102.07
C LEU OB 42 -33.86 14.18 100.63
N ALA OB 43 -34.30 15.01 99.68
CA ALA OB 43 -34.13 14.72 98.27
C ALA OB 43 -32.75 15.15 97.78
N ALA OB 44 -32.26 16.29 98.28
CA ALA OB 44 -30.96 16.79 97.83
C ALA OB 44 -29.81 16.11 98.56
N LEU OB 45 -30.09 15.09 99.36
CA LEU OB 45 -29.03 14.30 99.98
C LEU OB 45 -28.55 13.20 99.04
N LYS OB 46 -29.20 13.06 97.88
CA LYS OB 46 -28.64 12.20 96.84
C LYS OB 46 -27.49 12.89 96.13
N LYS OB 47 -27.62 14.19 95.86
CA LYS OB 47 -26.63 14.91 95.08
C LYS OB 47 -25.37 15.21 95.89
N HIS OB 48 -25.51 15.92 97.01
CA HIS OB 48 -24.34 16.46 97.71
C HIS OB 48 -23.58 15.37 98.46
N HIS OB 49 -24.21 14.23 98.70
CA HIS OB 49 -23.48 13.09 99.24
C HIS OB 49 -22.62 12.44 98.16
N GLU OB 50 -22.99 12.64 96.89
CA GLU OB 50 -22.11 12.25 95.79
C GLU OB 50 -21.08 13.35 95.50
N ASN OB 51 -21.43 14.60 95.82
CA ASN OB 51 -20.52 15.71 95.58
C ASN OB 51 -19.35 15.69 96.55
N GLU OB 52 -19.55 15.18 97.77
CA GLU OB 52 -18.44 15.13 98.73
C GLU OB 52 -17.42 14.07 98.34
N ILE OB 53 -17.83 13.08 97.54
CA ILE OB 53 -16.87 12.18 96.91
C ILE OB 53 -16.26 12.86 95.69
N SER OB 54 -17.04 13.70 95.01
CA SER OB 54 -16.58 14.42 93.83
C SER OB 54 -15.53 15.48 94.20
N HIS OB 55 -15.73 16.14 95.34
CA HIS OB 55 -14.74 17.09 95.83
C HIS OB 55 -13.48 16.35 96.24
N HIS OB 56 -13.66 15.24 96.94
CA HIS OB 56 -12.53 14.44 97.41
C HIS OB 56 -11.78 13.92 96.22
N VAL OB 57 -12.53 13.42 95.25
CA VAL OB 57 -11.90 12.92 94.05
C VAL OB 57 -11.21 14.09 93.36
N LYS OB 58 -11.92 15.20 93.18
CA LYS OB 58 -11.21 16.33 92.62
C LYS OB 58 -9.80 16.41 93.25
N GLU OB 59 -9.74 16.35 94.57
CA GLU OB 59 -8.47 16.38 95.31
C GLU OB 59 -7.54 15.26 94.83
N ILE OB 60 -8.08 14.07 94.71
CA ILE OB 60 -7.28 12.94 94.27
C ILE OB 60 -6.61 13.25 92.93
N GLU OB 61 -7.37 13.78 91.97
CA GLU OB 61 -6.82 14.11 90.65
C GLU OB 61 -5.71 15.15 90.76
N ARG OB 62 -5.92 16.10 91.65
CA ARG OB 62 -4.95 17.15 91.88
C ARG OB 62 -3.64 16.53 92.43
N LEU OB 63 -3.77 15.69 93.46
CA LEU OB 63 -2.61 15.05 94.06
C LEU OB 63 -1.92 14.14 93.05
N GLN OB 64 -2.67 13.51 92.16
CA GLN OB 64 -1.99 12.65 91.21
C GLN OB 64 -1.21 13.50 90.22
N LYS OB 65 -1.65 14.72 89.96
CA LYS OB 65 -0.90 15.56 89.04
C LYS OB 65 0.43 15.97 89.68
N GLU OB 66 0.42 16.22 90.99
CA GLU OB 66 1.64 16.58 91.68
C GLU OB 66 2.60 15.39 91.61
N ILE OB 67 2.08 14.20 91.88
CA ILE OB 67 2.90 13.00 91.80
C ILE OB 67 3.53 12.91 90.44
N GLU OB 68 2.74 13.20 89.42
CA GLU OB 68 3.23 13.14 88.05
C GLU OB 68 4.40 14.09 87.90
N ARG OB 69 4.27 15.30 88.42
CA ARG OB 69 5.36 16.26 88.32
C ARG OB 69 6.61 15.67 88.98
N HIS OB 70 6.47 15.17 90.20
CA HIS OB 70 7.62 14.60 90.87
C HIS OB 70 8.22 13.45 90.09
N LYS OB 71 7.37 12.60 89.50
CA LYS OB 71 7.86 11.47 88.74
C LYS OB 71 8.67 11.93 87.52
N GLN OB 72 8.26 13.05 86.93
CA GLN OB 72 8.99 13.55 85.78
C GLN OB 72 10.29 14.19 86.26
N SER OB 73 10.28 14.85 87.42
CA SER OB 73 11.51 15.42 87.96
C SER OB 73 12.56 14.31 88.14
N ILE OB 74 12.14 13.21 88.76
CA ILE OB 74 13.02 12.08 88.98
C ILE OB 74 13.60 11.60 87.66
N LYS OB 75 12.73 11.37 86.68
CA LYS OB 75 13.16 10.89 85.37
C LYS OB 75 14.29 11.78 84.82
N ALA PB 1 -60.08 28.43 136.68
CA ALA PB 1 -60.97 28.60 137.82
C ALA PB 1 -60.19 28.88 139.10
N THR PB 2 -58.94 28.42 139.12
CA THR PB 2 -58.05 28.63 140.25
C THR PB 2 -57.07 29.77 139.98
N LEU PB 3 -56.15 29.98 140.93
CA LEU PB 3 -55.29 31.15 140.84
C LEU PB 3 -54.18 30.97 139.81
N LYS PB 4 -53.75 29.73 139.57
CA LYS PB 4 -52.72 29.50 138.57
C LYS PB 4 -53.30 29.70 137.17
N ASP PB 5 -54.50 29.18 136.93
CA ASP PB 5 -55.09 29.19 135.60
C ASP PB 5 -55.45 30.59 135.14
N ILE PB 6 -55.88 31.44 136.07
CA ILE PB 6 -56.20 32.82 135.73
C ILE PB 6 -54.93 33.58 135.39
N THR PB 7 -53.84 33.27 136.08
CA THR PB 7 -52.58 33.99 135.86
C THR PB 7 -51.99 33.66 134.50
N ARG PB 8 -51.94 32.38 134.14
CA ARG PB 8 -51.31 31.95 132.89
C ARG PB 8 -52.11 32.39 131.69
N ARG PB 9 -53.44 32.47 131.82
CA ARG PB 9 -54.24 33.02 130.75
C ARG PB 9 -54.06 34.53 130.66
N LEU PB 10 -54.01 35.21 131.80
CA LEU PB 10 -53.83 36.66 131.77
C LEU PB 10 -52.43 37.04 131.30
N LYS PB 11 -51.44 36.21 131.59
CA LYS PB 11 -50.08 36.47 131.12
C LYS PB 11 -49.96 36.32 129.62
N SER PB 12 -50.79 35.44 129.04
CA SER PB 12 -50.75 35.21 127.60
C SER PB 12 -51.25 36.41 126.82
N ILE PB 13 -52.33 37.02 127.27
CA ILE PB 13 -52.95 38.11 126.52
C ILE PB 13 -52.18 39.40 126.75
N LYS PB 14 -51.29 39.42 127.73
CA LYS PB 14 -50.40 40.57 127.88
C LYS PB 14 -49.27 40.51 126.85
N ASN PB 15 -48.90 39.29 126.43
CA ASN PB 15 -47.97 39.13 125.32
C ASN PB 15 -48.61 39.56 124.00
N ILE PB 16 -49.81 39.06 123.73
CA ILE PB 16 -50.52 39.31 122.48
C ILE PB 16 -50.88 40.78 122.34
N GLN PB 17 -50.96 41.50 123.45
CA GLN PB 17 -51.21 42.93 123.38
C GLN PB 17 -49.99 43.69 122.88
N LYS PB 18 -48.79 43.22 123.21
CA LYS PB 18 -47.58 43.91 122.76
C LYS PB 18 -47.32 43.67 121.28
N ILE PB 19 -47.45 42.40 120.86
CA ILE PB 19 -47.09 41.96 119.52
C ILE PB 19 -47.96 42.63 118.47
N THR PB 20 -49.25 42.78 118.76
CA THR PB 20 -50.13 43.40 117.78
C THR PB 20 -50.01 44.92 117.81
N LYS PB 21 -49.45 45.48 118.88
CA LYS PB 21 -49.26 46.92 118.91
C LYS PB 21 -47.93 47.32 118.29
N SER PB 22 -46.97 46.40 118.27
CA SER PB 22 -45.77 46.61 117.47
C SER PB 22 -46.08 46.43 116.00
N MET PB 23 -46.85 45.37 115.68
CA MET PB 23 -47.20 45.02 114.31
C MET PB 23 -48.05 46.07 113.63
N LYS PB 24 -48.73 46.92 114.41
CA LYS PB 24 -49.39 48.06 113.81
C LYS PB 24 -48.38 49.14 113.46
N MET PB 25 -47.31 49.27 114.25
CA MET PB 25 -46.31 50.31 113.97
C MET PB 25 -45.42 49.92 112.81
N VAL PB 26 -45.27 48.62 112.54
CA VAL PB 26 -44.57 48.18 111.34
C VAL PB 26 -45.38 48.49 110.11
N ALA PB 27 -46.68 48.17 110.15
CA ALA PB 27 -47.52 48.30 108.97
C ALA PB 27 -48.06 49.72 108.81
N ALA PB 28 -47.76 50.59 109.77
CA ALA PB 28 -48.09 52.00 109.58
C ALA PB 28 -47.05 52.69 108.71
N ALA PB 29 -45.84 52.12 108.64
CA ALA PB 29 -44.81 52.69 107.79
C ALA PB 29 -44.90 52.15 106.38
N LYS PB 30 -45.27 50.88 106.24
CA LYS PB 30 -45.41 50.27 104.92
C LYS PB 30 -46.55 50.91 104.15
N TYR PB 31 -47.66 51.22 104.82
CA TYR PB 31 -48.72 51.96 104.16
C TYR PB 31 -48.27 53.38 103.82
N ALA PB 32 -47.42 53.97 104.65
CA ALA PB 32 -47.04 55.36 104.45
C ALA PB 32 -46.09 55.53 103.27
N ARG PB 33 -45.38 54.45 102.90
CA ARG PB 33 -44.63 54.47 101.65
C ARG PB 33 -45.53 54.08 100.49
N ALA PB 34 -46.41 53.10 100.71
CA ALA PB 34 -47.25 52.61 99.63
C ALA PB 34 -48.40 53.56 99.33
N GLU PB 35 -48.57 54.59 100.15
CA GLU PB 35 -49.40 55.71 99.75
C GLU PB 35 -48.65 56.63 98.80
N ARG PB 36 -47.33 56.74 98.99
CA ARG PB 36 -46.53 57.66 98.19
C ARG PB 36 -46.35 57.16 96.76
N ASP PB 37 -46.12 55.86 96.58
CA ASP PB 37 -45.73 55.36 95.26
C ASP PB 37 -46.90 55.30 94.29
N LEU PB 38 -48.13 55.26 94.81
CA LEU PB 38 -49.27 55.00 93.94
C LEU PB 38 -49.61 56.21 93.09
N LYS PB 39 -49.42 57.42 93.62
CA LYS PB 39 -49.78 58.62 92.85
C LYS PB 39 -48.89 58.90 91.64
N PRO PB 40 -47.60 58.52 91.59
CA PRO PB 40 -46.93 58.45 90.28
C PRO PB 40 -47.58 57.49 89.32
N ALA PB 41 -47.86 56.26 89.75
CA ALA PB 41 -48.47 55.27 88.85
C ALA PB 41 -49.96 55.50 88.67
N ARG PB 42 -50.52 56.53 89.30
CA ARG PB 42 -51.89 56.93 89.01
C ARG PB 42 -51.99 57.53 87.62
N VAL PB 43 -50.95 58.24 87.18
CA VAL PB 43 -51.01 58.88 85.86
C VAL PB 43 -50.58 57.92 84.77
N TYR PB 44 -50.02 56.77 85.16
CA TYR PB 44 -49.71 55.74 84.17
C TYR PB 44 -50.99 55.05 83.71
N GLY PB 45 -51.93 54.78 84.63
CA GLY PB 45 -53.21 54.21 84.25
C GLY PB 45 -54.21 55.25 83.82
N ILE PB 46 -53.82 56.52 83.83
CA ILE PB 46 -54.60 57.56 83.17
C ILE PB 46 -54.55 57.39 81.66
N GLY PB 47 -53.40 57.00 81.13
CA GLY PB 47 -53.22 56.95 79.70
C GLY PB 47 -53.98 55.82 79.03
N SER PB 48 -54.01 54.66 79.68
CA SER PB 48 -54.66 53.50 79.05
C SER PB 48 -56.18 53.58 79.15
N LEU PB 49 -56.69 54.29 80.15
CA LEU PB 49 -58.12 54.58 80.17
C LEU PB 49 -58.49 55.61 79.12
N ALA PB 50 -57.58 56.56 78.84
CA ALA PB 50 -57.88 57.64 77.91
C ALA PB 50 -57.91 57.13 76.48
N LEU PB 51 -57.31 55.96 76.23
CA LEU PB 51 -57.47 55.30 74.95
C LEU PB 51 -58.93 54.95 74.68
N TYR PB 52 -59.66 54.50 75.71
CA TYR PB 52 -60.98 53.93 75.47
C TYR PB 52 -62.09 54.95 75.55
N GLU PB 53 -61.78 56.19 75.98
CA GLU PB 53 -62.81 57.23 75.97
C GLU PB 53 -63.03 57.75 74.55
N LYS PB 54 -61.95 57.98 73.81
CA LYS PB 54 -62.09 58.54 72.48
C LYS PB 54 -62.47 57.47 71.47
N ALA PB 55 -62.12 56.21 71.77
CA ALA PB 55 -62.48 55.06 70.95
C ALA PB 55 -63.19 54.05 71.84
N ASP PB 56 -64.52 54.01 71.73
CA ASP PB 56 -65.37 53.23 72.63
C ASP PB 56 -65.48 51.80 72.09
N ILE PB 57 -64.68 50.89 72.62
CA ILE PB 57 -64.65 49.51 72.16
C ILE PB 57 -65.31 48.61 73.19
N LYS PB 58 -66.07 47.62 72.71
CA LYS PB 58 -66.77 46.66 73.56
C LYS PB 58 -66.53 45.25 73.04
N VAL PB 59 -66.84 44.27 73.88
CA VAL PB 59 -66.84 42.86 73.46
C VAL PB 59 -68.18 42.55 72.78
N PRO PB 60 -68.17 42.37 71.44
CA PRO PB 60 -69.41 42.47 70.66
C PRO PB 60 -70.47 41.41 70.91
N GLU PB 61 -70.19 40.13 70.68
CA GLU PB 61 -71.27 39.16 70.83
C GLU PB 61 -70.91 37.89 71.63
N ASP PB 62 -69.70 37.34 71.42
CA ASP PB 62 -69.36 35.99 71.85
C ASP PB 62 -67.91 35.68 71.52
N LYS PB 63 -67.24 34.89 72.36
CA LYS PB 63 -65.86 34.47 72.16
C LYS PB 63 -65.76 32.95 72.31
N LYS PB 64 -64.65 32.40 71.80
CA LYS PB 64 -64.41 30.97 71.91
C LYS PB 64 -63.65 30.61 73.18
N LYS PB 65 -62.79 31.51 73.66
CA LYS PB 65 -61.95 31.30 74.83
C LYS PB 65 -62.06 32.54 75.73
N HIS PB 66 -61.47 32.46 76.92
CA HIS PB 66 -61.58 33.57 77.87
C HIS PB 66 -60.46 33.47 78.91
N LEU PB 67 -60.23 34.59 79.61
CA LEU PB 67 -59.32 34.66 80.76
C LEU PB 67 -59.95 35.37 81.94
N ILE PB 68 -59.54 34.97 83.13
CA ILE PB 68 -59.84 35.70 84.36
C ILE PB 68 -58.56 35.79 85.18
N ILE PB 69 -58.15 37.01 85.51
CA ILE PB 69 -56.93 37.24 86.28
C ILE PB 69 -57.31 37.89 87.60
N GLY PB 70 -56.74 37.39 88.70
CA GLY PB 70 -57.01 37.98 89.99
C GLY PB 70 -55.77 38.16 90.84
N VAL PB 71 -55.51 39.39 91.30
CA VAL PB 71 -54.29 39.71 92.03
C VAL PB 71 -54.56 39.64 93.53
N SER PB 72 -53.51 39.39 94.29
CA SER PB 72 -53.50 39.42 95.76
C SER PB 72 -52.05 39.38 96.21
N SER PB 73 -51.86 39.31 97.52
CA SER PB 73 -50.57 39.01 98.11
C SER PB 73 -50.54 37.53 98.48
N ASP PB 74 -49.47 37.12 99.16
CA ASP PB 74 -49.42 35.81 99.79
C ASP PB 74 -49.69 35.87 101.28
N ARG PB 75 -49.78 37.07 101.86
CA ARG PB 75 -49.84 37.25 103.29
C ARG PB 75 -51.27 37.36 103.78
N GLY PB 76 -51.55 36.76 104.92
CA GLY PB 76 -52.85 36.85 105.56
C GLY PB 76 -52.98 38.07 106.44
N LEU PB 77 -53.95 37.99 107.36
CA LEU PB 77 -54.23 39.01 108.38
C LEU PB 77 -54.52 40.38 107.78
N CYS PB 78 -55.37 40.41 106.77
CA CYS PB 78 -55.76 41.66 106.15
C CYS PB 78 -57.27 41.86 106.09
N GLY PB 79 -58.06 40.93 106.63
CA GLY PB 79 -59.49 41.15 106.73
C GLY PB 79 -60.32 40.61 105.59
N ALA PB 80 -60.76 41.50 104.71
CA ALA PB 80 -61.63 41.10 103.60
C ALA PB 80 -61.06 41.57 102.28
N ILE PB 81 -59.79 41.29 102.03
CA ILE PB 81 -59.17 41.60 100.74
C ILE PB 81 -59.23 40.41 99.81
N HIS PB 82 -58.89 39.22 100.30
CA HIS PB 82 -58.81 38.06 99.42
C HIS PB 82 -60.18 37.48 99.11
N SER PB 83 -61.11 37.50 100.07
CA SER PB 83 -62.44 36.98 99.79
C SER PB 83 -63.34 38.01 99.14
N SER PB 84 -62.87 39.24 98.96
CA SER PB 84 -63.55 40.22 98.14
C SER PB 84 -63.16 40.11 96.68
N VAL PB 85 -62.29 39.17 96.34
CA VAL PB 85 -61.83 38.96 94.97
C VAL PB 85 -62.19 37.57 94.48
N ALA PB 86 -62.04 36.54 95.32
CA ALA PB 86 -62.41 35.18 94.94
C ALA PB 86 -63.92 35.04 94.78
N LYS PB 87 -64.70 35.64 95.67
CA LYS PB 87 -66.15 35.58 95.55
C LYS PB 87 -66.67 36.46 94.42
N GLN PB 88 -65.89 37.44 93.98
CA GLN PB 88 -66.22 38.16 92.76
C GLN PB 88 -65.94 37.28 91.53
N ILE PB 89 -64.91 36.44 91.61
CA ILE PB 89 -64.52 35.61 90.48
C ILE PB 89 -65.53 34.48 90.27
N LYS PB 90 -66.00 33.86 91.35
CA LYS PB 90 -67.05 32.86 91.21
C LYS PB 90 -68.42 33.46 90.86
N SER PB 91 -68.56 34.78 90.92
CA SER PB 91 -69.77 35.46 90.49
C SER PB 91 -69.78 35.78 89.00
N GLU PB 92 -68.80 35.29 88.25
CA GLU PB 92 -68.75 35.58 86.82
C GLU PB 92 -68.62 34.32 85.98
N VAL PB 93 -67.88 33.33 86.47
CA VAL PB 93 -67.82 32.06 85.78
C VAL PB 93 -69.12 31.28 85.92
N ALA PB 94 -69.93 31.56 86.94
CA ALA PB 94 -71.31 31.10 86.95
C ALA PB 94 -72.14 31.89 85.97
N ASN PB 95 -71.89 33.21 85.88
CA ASN PB 95 -72.56 34.04 84.90
C ASN PB 95 -72.12 33.69 83.48
N LEU PB 96 -70.86 33.29 83.31
CA LEU PB 96 -70.39 32.73 82.05
C LEU PB 96 -70.58 31.22 82.12
N THR PB 97 -69.94 30.48 81.20
CA THR PB 97 -70.15 29.04 80.93
C THR PB 97 -71.61 28.67 80.71
N ALA PB 98 -72.42 29.62 80.26
CA ALA PB 98 -73.76 29.38 79.76
C ALA PB 98 -73.97 29.98 78.38
N ALA PB 99 -73.21 31.02 78.04
CA ALA PB 99 -73.11 31.52 76.68
C ALA PB 99 -72.14 30.70 75.83
N GLY PB 100 -71.50 29.68 76.41
CA GLY PB 100 -70.77 28.69 75.65
C GLY PB 100 -69.28 28.90 75.58
N LYS PB 101 -68.76 30.03 76.07
CA LYS PB 101 -67.33 30.31 75.96
C LYS PB 101 -66.54 29.51 76.99
N GLU PB 102 -65.32 29.16 76.61
CA GLU PB 102 -64.44 28.44 77.50
C GLU PB 102 -63.63 29.42 78.34
N VAL PB 103 -63.61 29.20 79.66
CA VAL PB 103 -62.92 30.09 80.58
C VAL PB 103 -61.74 29.35 81.20
N LYS PB 104 -60.65 30.06 81.39
CA LYS PB 104 -59.47 29.53 82.08
C LYS PB 104 -58.89 30.67 82.90
N ILE PB 105 -58.71 30.45 84.20
CA ILE PB 105 -58.32 31.51 85.11
C ILE PB 105 -56.83 31.39 85.42
N VAL PB 106 -56.22 32.51 85.79
CA VAL PB 106 -54.88 32.53 86.32
C VAL PB 106 -54.86 33.41 87.58
N GLY PB 107 -54.28 32.89 88.66
CA GLY PB 107 -54.22 33.64 89.89
C GLY PB 107 -52.81 33.98 90.30
N VAL PB 108 -52.46 35.25 90.20
CA VAL PB 108 -51.15 35.73 90.64
C VAL PB 108 -51.17 35.93 92.15
N GLY PB 109 -50.21 35.32 92.82
CA GLY PB 109 -50.24 35.27 94.26
C GLY PB 109 -50.78 33.94 94.76
N ASP PB 110 -50.39 33.57 95.97
CA ASP PB 110 -50.77 32.27 96.50
C ASP PB 110 -52.19 32.24 97.05
N LYS PB 111 -52.68 33.35 97.60
CA LYS PB 111 -53.91 33.31 98.38
C LYS PB 111 -55.17 33.19 97.53
N ILE PB 112 -55.12 33.55 96.25
CA ILE PB 112 -56.25 33.29 95.38
C ILE PB 112 -56.36 31.81 95.07
N ARG PB 113 -55.24 31.19 94.74
CA ARG PB 113 -55.19 29.77 94.41
C ARG PB 113 -55.54 28.89 95.61
N GLY PB 114 -55.36 29.39 96.84
CA GLY PB 114 -55.76 28.61 97.99
C GLY PB 114 -57.27 28.51 98.12
N ILE PB 115 -57.98 29.59 97.80
CA ILE PB 115 -59.44 29.59 97.91
C ILE PB 115 -60.05 28.75 96.79
N LEU PB 116 -59.53 28.88 95.57
CA LEU PB 116 -60.16 28.33 94.37
C LEU PB 116 -59.46 27.08 93.86
N HIS PB 117 -59.03 26.18 94.75
CA HIS PB 117 -58.47 24.91 94.32
C HIS PB 117 -59.35 23.73 94.68
N ARG PB 118 -60.50 23.95 95.31
CA ARG PB 118 -61.42 22.87 95.63
C ARG PB 118 -62.63 22.82 94.70
N THR PB 119 -62.98 23.92 94.05
CA THR PB 119 -64.05 23.95 93.06
C THR PB 119 -63.56 24.26 91.66
N HIS PB 120 -62.60 25.17 91.51
CA HIS PB 120 -62.15 25.62 90.20
C HIS PB 120 -60.74 25.13 89.92
N SER PB 121 -60.45 23.88 90.31
CA SER PB 121 -59.12 23.30 90.19
C SER PB 121 -58.73 22.94 88.75
N ASP PB 122 -59.61 23.15 87.77
CA ASP PB 122 -59.36 22.69 86.41
C ASP PB 122 -59.08 23.80 85.42
N GLN PB 123 -59.46 25.04 85.71
CA GLN PB 123 -59.34 26.14 84.76
C GLN PB 123 -58.09 26.98 85.04
N PHE PB 124 -57.00 26.33 85.45
CA PHE PB 124 -55.77 27.00 85.84
C PHE PB 124 -54.72 26.86 84.73
N LEU PB 125 -54.37 27.98 84.11
CA LEU PB 125 -53.24 27.95 83.18
C LEU PB 125 -51.93 27.80 83.94
N VAL PB 126 -51.58 28.79 84.74
CA VAL PB 126 -50.36 28.82 85.54
C VAL PB 126 -50.71 29.45 86.89
N THR PB 127 -49.78 29.34 87.83
CA THR PB 127 -49.87 30.03 89.10
C THR PB 127 -48.55 30.76 89.37
N PHE PB 128 -48.60 31.78 90.19
CA PHE PB 128 -47.39 32.49 90.59
C PHE PB 128 -47.21 32.37 92.09
N LYS PB 129 -46.13 32.96 92.59
CA LYS PB 129 -45.87 33.03 94.02
C LYS PB 129 -45.00 34.26 94.28
N GLU PB 130 -44.75 34.50 95.58
CA GLU PB 130 -43.79 35.50 96.07
C GLU PB 130 -44.15 36.91 95.63
N VAL PB 131 -45.40 37.30 95.88
CA VAL PB 131 -45.91 38.61 95.49
C VAL PB 131 -46.07 39.46 96.75
N GLY PB 132 -45.56 40.68 96.72
CA GLY PB 132 -45.85 41.64 97.76
C GLY PB 132 -45.02 41.54 99.02
N ARG PB 133 -44.12 40.55 99.12
CA ARG PB 133 -43.23 40.50 100.28
C ARG PB 133 -42.18 41.59 100.20
N LYS PB 134 -41.52 41.71 99.06
CA LYS PB 134 -40.83 42.92 98.66
C LYS PB 134 -41.87 43.81 97.99
N PRO PB 135 -41.64 45.11 97.88
CA PRO PB 135 -42.59 45.97 97.18
C PRO PB 135 -42.70 45.60 95.72
N PRO PB 136 -43.91 45.63 95.16
CA PRO PB 136 -44.08 45.27 93.75
C PRO PB 136 -43.60 46.40 92.84
N THR PB 137 -43.21 46.00 91.63
CA THR PB 137 -42.52 46.89 90.70
C THR PB 137 -43.07 46.74 89.29
N PHE PB 138 -42.35 47.29 88.30
CA PHE PB 138 -42.77 47.11 86.91
C PHE PB 138 -42.15 45.90 86.26
N GLY PB 139 -40.92 45.55 86.65
CA GLY PB 139 -40.32 44.32 86.18
C GLY PB 139 -41.02 43.08 86.68
N ASP PB 140 -41.79 43.20 87.76
CA ASP PB 140 -42.63 42.12 88.24
C ASP PB 140 -43.83 41.89 87.33
N ALA PB 141 -44.33 42.96 86.70
CA ALA PB 141 -45.44 42.84 85.77
C ALA PB 141 -44.99 42.35 84.40
N SER PB 142 -43.70 42.35 84.13
CA SER PB 142 -43.15 41.81 82.90
C SER PB 142 -42.71 40.36 83.02
N VAL PB 143 -42.85 39.76 84.20
CA VAL PB 143 -42.72 38.31 84.31
C VAL PB 143 -44.09 37.65 84.22
N ILE PB 144 -45.14 38.32 84.72
CA ILE PB 144 -46.50 37.82 84.56
C ILE PB 144 -46.91 37.88 83.09
N ALA PB 145 -46.60 38.97 82.41
CA ALA PB 145 -47.02 39.14 81.03
C ALA PB 145 -46.16 38.37 80.03
N LEU PB 146 -44.97 37.91 80.43
CA LEU PB 146 -44.13 37.14 79.53
C LEU PB 146 -44.41 35.65 79.61
N GLU PB 147 -44.60 35.11 80.81
CA GLU PB 147 -44.98 33.72 80.94
C GLU PB 147 -46.43 33.48 80.51
N LEU PB 148 -47.23 34.54 80.40
CA LEU PB 148 -48.58 34.41 79.87
C LEU PB 148 -48.61 34.20 78.37
N LEU PB 149 -47.49 34.42 77.67
CA LEU PB 149 -47.38 34.15 76.25
C LEU PB 149 -46.70 32.83 75.94
N ASN PB 150 -45.88 32.32 76.85
CA ASN PB 150 -45.26 31.00 76.70
C ASN PB 150 -46.22 29.92 77.22
N SER PB 151 -47.45 29.95 76.74
CA SER PB 151 -48.50 29.08 77.24
C SER PB 151 -49.32 28.43 76.14
N GLY PB 152 -49.33 28.98 74.93
CA GLY PB 152 -50.08 28.43 73.82
C GLY PB 152 -51.53 28.83 73.78
N TYR PB 153 -52.13 29.20 74.92
CA TYR PB 153 -53.54 29.55 75.00
C TYR PB 153 -53.78 30.86 74.26
N GLU PB 154 -54.39 30.76 73.09
CA GLU PB 154 -54.92 31.94 72.42
C GLU PB 154 -56.11 32.44 73.23
N PHE PB 155 -56.04 33.68 73.69
CA PHE PB 155 -57.15 34.26 74.42
C PHE PB 155 -57.64 35.50 73.69
N ASP PB 156 -58.97 35.60 73.58
CA ASP PB 156 -59.61 36.68 72.84
C ASP PB 156 -60.45 37.63 73.69
N GLU PB 157 -60.71 37.32 74.96
CA GLU PB 157 -61.35 38.25 75.87
C GLU PB 157 -60.99 37.89 77.31
N GLY PB 158 -60.63 38.89 78.11
CA GLY PB 158 -60.30 38.64 79.50
C GLY PB 158 -60.60 39.84 80.35
N SER PB 159 -60.29 39.71 81.64
CA SER PB 159 -60.40 40.82 82.58
C SER PB 159 -59.53 40.54 83.79
N ILE PB 160 -59.26 41.61 84.54
CA ILE PB 160 -58.48 41.54 85.77
C ILE PB 160 -59.30 42.18 86.88
N ILE PB 161 -59.17 41.65 88.08
CA ILE PB 161 -59.93 42.11 89.24
C ILE PB 161 -58.97 42.46 90.37
N PHE PB 162 -59.07 43.70 90.86
CA PHE PB 162 -58.19 44.23 91.88
C PHE PB 162 -58.97 45.18 92.77
N ASN PB 163 -58.43 45.44 93.96
CA ASN PB 163 -59.06 46.35 94.92
C ASN PB 163 -58.60 47.79 94.69
N ARG PB 164 -59.51 48.64 94.22
CA ARG PB 164 -59.18 50.05 94.02
C ARG PB 164 -59.17 50.73 95.37
N PHE PB 165 -57.99 51.16 95.79
CA PHE PB 165 -57.79 51.83 97.07
C PHE PB 165 -58.53 53.16 97.12
N ARG PB 166 -59.48 53.26 98.05
CA ARG PB 166 -60.23 54.49 98.24
C ARG PB 166 -59.70 55.31 99.42
N SER PB 167 -59.72 54.74 100.62
CA SER PB 167 -59.29 55.44 101.81
C SER PB 167 -58.60 54.46 102.74
N VAL PB 168 -58.33 54.91 103.97
CA VAL PB 168 -57.61 54.06 104.92
C VAL PB 168 -58.54 52.98 105.45
N ILE PB 169 -59.83 53.27 105.51
CA ILE PB 169 -60.79 52.29 106.01
C ILE PB 169 -61.39 51.50 104.85
N SER PB 170 -61.59 52.16 103.70
CA SER PB 170 -62.43 51.63 102.62
C SER PB 170 -61.61 51.29 101.39
N TYR PB 171 -61.88 50.12 100.83
CA TYR PB 171 -61.41 49.73 99.51
C TYR PB 171 -62.58 49.20 98.71
N LYS PB 172 -62.49 49.30 97.38
CA LYS PB 172 -63.55 48.84 96.50
C LYS PB 172 -62.98 47.89 95.45
N THR PB 173 -63.48 46.66 95.46
CA THR PB 173 -63.12 45.72 94.42
C THR PB 173 -63.78 46.10 93.11
N GLU PB 174 -62.96 46.36 92.09
CA GLU PB 174 -63.48 46.71 90.78
C GLU PB 174 -62.97 45.73 89.74
N GLU PB 175 -63.50 45.89 88.52
CA GLU PB 175 -63.10 45.09 87.37
C GLU PB 175 -62.79 46.01 86.21
N LYS PB 176 -61.95 45.55 85.29
CA LYS PB 176 -61.60 46.30 84.11
C LYS PB 176 -61.45 45.35 82.93
N PRO PB 177 -61.93 45.71 81.74
CA PRO PB 177 -61.95 44.76 80.63
C PRO PB 177 -60.67 44.78 79.81
N ILE PB 178 -60.40 43.65 79.16
CA ILE PB 178 -59.18 43.45 78.38
C ILE PB 178 -59.57 42.96 76.98
N PHE PB 179 -59.18 43.73 75.97
CA PHE PB 179 -59.40 43.35 74.57
C PHE PB 179 -58.08 42.84 74.00
N SER PB 180 -58.04 41.57 73.62
CA SER PB 180 -56.79 40.90 73.33
C SER PB 180 -56.68 40.29 71.94
N LEU PB 181 -57.77 39.90 71.31
CA LEU PB 181 -57.66 39.53 69.91
C LEU PB 181 -57.60 40.80 69.06
N ASP PB 182 -56.96 40.67 67.90
CA ASP PB 182 -56.88 41.80 66.98
C ASP PB 182 -58.19 42.08 66.29
N THR PB 183 -59.12 41.12 66.30
CA THR PB 183 -60.42 41.30 65.66
C THR PB 183 -61.25 42.35 66.39
N VAL PB 184 -61.39 42.19 67.70
CA VAL PB 184 -62.17 43.15 68.50
C VAL PB 184 -61.38 44.45 68.66
N ALA PB 185 -60.06 44.40 68.56
CA ALA PB 185 -59.23 45.59 68.68
C ALA PB 185 -59.23 46.43 67.42
N SER PB 186 -59.74 45.91 66.30
CA SER PB 186 -59.83 46.65 65.04
C SER PB 186 -61.31 46.69 64.64
N ALA PB 187 -61.97 47.78 65.00
CA ALA PB 187 -63.41 47.93 64.85
C ALA PB 187 -63.68 49.34 64.34
N GLU PB 188 -64.94 49.79 64.44
CA GLU PB 188 -65.39 50.99 63.74
C GLU PB 188 -64.74 52.25 64.27
N SER PB 189 -64.45 52.31 65.57
CA SER PB 189 -63.74 53.47 66.12
C SER PB 189 -62.29 53.54 65.63
N MET PB 190 -61.71 52.40 65.26
CA MET PB 190 -60.35 52.33 64.76
C MET PB 190 -60.25 52.59 63.26
N SER PB 191 -61.31 53.11 62.64
CA SER PB 191 -61.28 53.42 61.21
C SER PB 191 -60.46 54.67 60.92
N ILE PB 192 -60.50 55.67 61.81
CA ILE PB 192 -59.70 56.87 61.64
C ILE PB 192 -58.23 56.57 61.90
N TYR PB 193 -57.95 55.56 62.72
CA TYR PB 193 -56.61 55.34 63.24
C TYR PB 193 -55.67 54.79 62.17
N ASP PB 194 -54.51 55.44 62.07
CA ASP PB 194 -53.56 55.39 60.98
C ASP PB 194 -52.56 54.26 61.13
N ASP PB 195 -51.33 54.49 60.67
CA ASP PB 195 -50.30 53.57 60.18
C ASP PB 195 -50.15 52.20 60.84
N ILE PB 196 -50.70 51.99 62.03
CA ILE PB 196 -50.59 50.69 62.69
C ILE PB 196 -51.25 49.61 61.85
N ASP PB 197 -50.58 48.48 61.72
CA ASP PB 197 -51.02 47.37 60.91
C ASP PB 197 -51.71 46.36 61.82
N ALA PB 198 -52.03 45.18 61.29
CA ALA PB 198 -52.39 44.07 62.15
C ALA PB 198 -51.18 43.56 62.92
N ASP PB 199 -49.98 43.72 62.34
CA ASP PB 199 -48.78 43.26 63.02
C ASP PB 199 -48.29 44.28 64.03
N VAL PB 200 -48.71 45.54 63.89
CA VAL PB 200 -48.35 46.54 64.89
C VAL PB 200 -49.34 46.51 66.05
N LEU PB 201 -50.61 46.25 65.75
CA LEU PB 201 -51.60 46.03 66.79
C LEU PB 201 -51.35 44.73 67.53
N ARG PB 202 -50.58 43.83 66.92
CA ARG PB 202 -50.03 42.70 67.66
C ARG PB 202 -49.02 43.19 68.70
N ASN PB 203 -48.27 44.24 68.37
CA ASN PB 203 -47.24 44.73 69.29
C ASN PB 203 -47.82 45.62 70.37
N TYR PB 204 -48.77 46.48 70.02
CA TYR PB 204 -49.23 47.53 70.94
C TYR PB 204 -50.09 46.97 72.06
N GLN PB 205 -50.95 46.00 71.75
CA GLN PB 205 -51.83 45.46 72.76
C GLN PB 205 -51.07 44.60 73.77
N GLU PB 206 -49.90 44.10 73.39
CA GLU PB 206 -49.15 43.25 74.30
C GLU PB 206 -48.45 44.06 75.38
N TYR PB 207 -48.03 45.28 75.05
CA TYR PB 207 -47.46 46.16 76.07
C TYR PB 207 -48.52 46.63 77.04
N SER PB 208 -49.79 46.64 76.59
CA SER PB 208 -50.88 47.00 77.48
C SER PB 208 -51.15 45.92 78.51
N LEU PB 209 -50.78 44.67 78.19
CA LEU PB 209 -50.96 43.59 79.15
C LEU PB 209 -49.97 43.70 80.29
N ALA PB 210 -48.72 44.06 79.99
CA ALA PB 210 -47.78 44.33 81.06
C ALA PB 210 -48.11 45.63 81.78
N ASN PB 211 -48.73 46.57 81.07
CA ASN PB 211 -49.18 47.82 81.68
C ASN PB 211 -50.32 47.59 82.66
N ILE PB 212 -51.36 46.85 82.25
CA ILE PB 212 -52.59 46.82 83.04
C ILE PB 212 -52.46 45.84 84.20
N ILE PB 213 -51.40 45.03 84.19
CA ILE PB 213 -51.08 44.28 85.40
C ILE PB 213 -50.29 45.16 86.36
N TYR PB 214 -49.54 46.12 85.83
CA TYR PB 214 -48.78 47.02 86.70
C TYR PB 214 -49.68 48.03 87.39
N TYR PB 215 -50.79 48.41 86.76
CA TYR PB 215 -51.73 49.32 87.42
C TYR PB 215 -52.44 48.62 88.57
N SER PB 216 -52.54 47.30 88.50
CA SER PB 216 -53.20 46.53 89.55
C SER PB 216 -52.20 45.90 90.51
N LEU PB 217 -50.90 46.15 90.31
CA LEU PB 217 -49.95 45.79 91.35
C LEU PB 217 -49.70 46.97 92.27
N LYS PB 218 -50.22 48.15 91.92
CA LYS PB 218 -50.05 49.31 92.77
C LYS PB 218 -51.31 49.64 93.54
N GLU PB 219 -52.43 49.01 93.19
CA GLU PB 219 -53.67 49.26 93.92
C GLU PB 219 -53.88 48.25 95.03
N SER PB 220 -53.66 46.98 94.75
CA SER PB 220 -53.98 45.93 95.71
C SER PB 220 -52.89 45.75 96.76
N THR PB 221 -51.82 46.53 96.68
CA THR PB 221 -50.76 46.42 97.67
C THR PB 221 -50.91 47.49 98.75
N THR PB 222 -51.37 48.67 98.36
CA THR PB 222 -51.71 49.69 99.35
C THR PB 222 -52.91 49.26 100.20
N SER PB 223 -53.94 48.71 99.55
CA SER PB 223 -55.15 48.29 100.27
C SER PB 223 -54.90 47.04 101.10
N GLU PB 224 -53.86 46.29 100.79
CA GLU PB 224 -53.56 45.13 101.62
C GLU PB 224 -52.76 45.54 102.83
N GLN PB 225 -52.11 46.70 102.77
CA GLN PB 225 -51.33 47.18 103.91
C GLN PB 225 -52.19 48.01 104.85
N SER PB 226 -53.08 48.84 104.32
CA SER PB 226 -53.90 49.71 105.16
C SER PB 226 -55.08 48.96 105.76
N ALA PB 227 -55.29 47.71 105.36
CA ALA PB 227 -56.20 46.84 106.09
C ALA PB 227 -55.42 45.88 106.97
N ARG PB 228 -54.09 45.95 106.92
CA ARG PB 228 -53.28 45.24 107.90
C ARG PB 228 -52.94 46.17 109.05
N MET PB 229 -53.25 47.46 108.90
CA MET PB 229 -53.12 48.38 110.03
C MET PB 229 -54.42 48.45 110.82
N THR PB 230 -55.56 48.56 110.13
CA THR PB 230 -56.83 48.78 110.79
C THR PB 230 -57.32 47.51 111.50
N ALA PB 231 -56.97 46.34 110.96
CA ALA PB 231 -57.38 45.10 111.58
C ALA PB 231 -56.41 44.68 112.67
N MET PB 232 -55.36 45.45 112.88
CA MET PB 232 -54.45 45.19 114.01
C MET PB 232 -54.70 46.16 115.15
N ASP PB 233 -55.26 47.32 114.86
CA ASP PB 233 -55.79 48.18 115.91
C ASP PB 233 -56.96 47.50 116.63
N ASN PB 234 -57.75 46.72 115.89
CA ASN PB 234 -58.94 46.10 116.48
C ASN PB 234 -58.61 44.75 117.08
N ALA PB 235 -57.37 44.29 116.94
CA ALA PB 235 -56.93 43.17 117.76
C ALA PB 235 -56.23 43.66 119.00
N SER PB 236 -55.91 44.96 119.02
CA SER PB 236 -55.25 45.57 120.17
C SER PB 236 -56.26 46.24 121.09
N LYS PB 237 -57.36 46.75 120.54
CA LYS PB 237 -58.44 47.22 121.38
C LYS PB 237 -59.17 46.05 122.03
N ASN PB 238 -59.27 44.93 121.31
CA ASN PB 238 -60.00 43.78 121.82
C ASN PB 238 -59.15 42.97 122.78
N ALA PB 239 -57.91 43.37 123.00
CA ALA PB 239 -57.09 42.71 124.00
C ALA PB 239 -57.01 43.53 125.28
N SER PB 240 -57.23 44.84 125.16
CA SER PB 240 -57.28 45.68 126.35
C SER PB 240 -58.55 45.41 127.15
N GLU PB 241 -59.62 45.02 126.48
CA GLU PB 241 -60.88 44.74 127.17
C GLU PB 241 -60.89 43.34 127.76
N MET PB 242 -59.88 42.53 127.48
CA MET PB 242 -59.91 41.15 127.95
C MET PB 242 -58.98 40.96 129.12
N ILE PB 243 -58.04 41.88 129.32
CA ILE PB 243 -57.15 41.78 130.46
C ILE PB 243 -57.68 42.63 131.62
N ASP PB 244 -58.42 43.70 131.31
CA ASP PB 244 -59.02 44.49 132.36
C ASP PB 244 -60.22 43.77 132.98
N LYS PB 245 -60.81 42.85 132.24
CA LYS PB 245 -61.83 41.98 132.81
C LYS PB 245 -61.17 40.77 133.47
N LEU PB 246 -59.88 40.56 133.21
CA LEU PB 246 -59.18 39.44 133.82
C LEU PB 246 -58.27 39.90 134.94
N THR PB 247 -58.01 41.20 135.05
CA THR PB 247 -57.34 41.69 136.24
C THR PB 247 -58.30 41.65 137.41
N LEU PB 248 -59.57 42.02 137.18
CA LEU PB 248 -60.57 42.07 138.23
C LEU PB 248 -60.88 40.68 138.78
N THR PB 249 -61.03 39.70 137.89
CA THR PB 249 -61.20 38.32 138.31
C THR PB 249 -59.96 37.82 139.05
N PHE PB 250 -58.79 38.32 138.67
CA PHE PB 250 -57.56 37.91 139.35
C PHE PB 250 -57.48 38.54 140.73
N ASN PB 251 -57.91 39.79 140.86
CA ASN PB 251 -57.84 40.49 142.13
C ASN PB 251 -58.77 39.87 143.17
N ARG PB 252 -60.02 39.58 142.79
CA ARG PB 252 -60.93 38.88 143.70
C ARG PB 252 -60.45 37.47 144.03
N THR PB 253 -59.81 36.80 143.07
CA THR PB 253 -59.34 35.44 143.34
C THR PB 253 -58.06 35.47 144.15
N ARG PB 254 -57.33 36.57 144.11
CA ARG PB 254 -56.16 36.68 144.97
C ARG PB 254 -56.58 36.90 146.42
N GLN PB 255 -57.56 37.79 146.63
CA GLN PB 255 -58.02 38.12 147.97
C GLN PB 255 -58.74 36.95 148.63
N ALA PB 256 -59.35 36.06 147.84
CA ALA PB 256 -60.19 35.02 148.42
C ALA PB 256 -59.37 33.79 148.79
N VAL PB 257 -58.07 33.80 148.53
CA VAL PB 257 -57.20 32.70 148.94
C VAL PB 257 -56.36 33.11 150.14
N ILE PB 258 -56.15 34.42 150.31
CA ILE PB 258 -55.60 34.92 151.57
C ILE PB 258 -56.58 34.64 152.70
N THR PB 259 -57.87 34.89 152.45
CA THR PB 259 -58.89 34.67 153.47
C THR PB 259 -59.11 33.19 153.71
N LYS PB 260 -59.02 32.38 152.65
CA LYS PB 260 -59.28 30.96 152.77
C LYS PB 260 -58.22 30.26 153.61
N GLU PB 261 -56.94 30.60 153.40
CA GLU PB 261 -55.89 29.93 154.14
C GLU PB 261 -55.80 30.45 155.57
N LEU PB 262 -56.31 31.65 155.81
CA LEU PB 262 -56.20 32.24 157.13
C LEU PB 262 -57.24 31.68 158.09
N ILE PB 263 -58.44 31.39 157.57
CA ILE PB 263 -59.48 30.74 158.38
C ILE PB 263 -59.10 29.30 158.68
N GLU PB 264 -58.24 28.71 157.85
CA GLU PB 264 -57.72 27.38 158.13
C GLU PB 264 -56.77 27.38 159.32
N ILE PB 265 -56.19 28.54 159.65
CA ILE PB 265 -55.23 28.64 160.75
C ILE PB 265 -55.96 29.08 162.02
N ILE PB 266 -56.83 30.07 161.90
CA ILE PB 266 -57.66 30.55 163.00
C ILE PB 266 -58.49 29.42 163.59
N SER PB 267 -59.01 28.55 162.72
CA SER PB 267 -59.79 27.41 163.19
C SER PB 267 -58.87 26.25 163.58
N GLY PB 268 -57.60 26.32 163.20
CA GLY PB 268 -56.67 25.27 163.59
C GLY PB 268 -56.08 25.51 164.96
N ALA PB 269 -55.95 26.78 165.35
CA ALA PB 269 -55.51 27.11 166.70
C ALA PB 269 -56.63 26.90 167.70
N ALA PB 270 -57.84 27.38 167.38
CA ALA PB 270 -58.92 27.41 168.35
C ALA PB 270 -59.56 26.04 168.54
N ALA PB 271 -59.15 25.04 167.75
CA ALA PB 271 -59.68 23.70 167.91
C ALA PB 271 -58.81 22.85 168.82
N LEU PB 272 -57.70 23.41 169.28
CA LEU PB 272 -56.77 22.68 170.13
C LEU PB 272 -57.31 22.52 171.53
N GLY QB 1 -50.38 73.28 69.63
CA GLY QB 1 -51.65 73.91 69.98
C GLY QB 1 -52.64 72.94 70.60
N GLN QB 2 -53.07 73.26 71.83
CA GLN QB 2 -54.08 72.53 72.59
C GLN QB 2 -53.71 71.05 72.75
N MET QB 3 -52.44 70.78 73.03
CA MET QB 3 -51.92 69.42 73.04
C MET QB 3 -51.39 69.12 74.45
N SER QB 4 -52.06 68.21 75.14
CA SER QB 4 -51.63 67.76 76.46
C SER QB 4 -50.54 66.71 76.27
N PHE QB 5 -49.30 67.12 76.42
CA PHE QB 5 -48.16 66.22 76.29
C PHE QB 5 -48.02 65.43 77.59
N THR QB 6 -48.50 64.19 77.57
CA THR QB 6 -48.35 63.29 78.70
C THR QB 6 -47.13 62.43 78.43
N PHE QB 7 -46.37 62.15 79.47
CA PHE QB 7 -45.11 61.41 79.38
C PHE QB 7 -44.75 61.03 80.81
N ALA QB 8 -44.46 59.75 81.03
CA ALA QB 8 -44.18 59.26 82.37
C ALA QB 8 -43.32 58.03 82.32
N SER QB 9 -43.27 57.33 83.45
CA SER QB 9 -42.48 56.14 83.70
C SER QB 9 -43.00 55.52 84.99
N PRO QB 10 -42.67 54.25 85.27
CA PRO QB 10 -43.11 53.70 86.56
C PRO QB 10 -42.41 54.30 87.76
N THR QB 11 -41.18 54.79 87.61
CA THR QB 11 -40.48 55.35 88.76
C THR QB 11 -40.90 56.78 89.04
N GLN QB 12 -40.62 57.68 88.11
CA GLN QB 12 -40.88 59.10 88.34
C GLN QB 12 -41.56 59.68 87.11
N VAL QB 13 -42.58 60.48 87.36
CA VAL QB 13 -43.38 61.10 86.31
C VAL QB 13 -42.60 62.26 85.73
N PHE QB 14 -42.41 62.24 84.41
CA PHE QB 14 -41.75 63.29 83.67
C PHE QB 14 -42.79 64.30 83.19
N PHE QB 15 -42.45 65.09 82.15
CA PHE QB 15 -43.32 66.13 81.59
C PHE QB 15 -44.74 65.63 81.36
N ASN QB 16 -45.67 66.16 82.14
CA ASN QB 16 -46.98 65.53 82.28
C ASN QB 16 -48.08 66.57 82.13
N GLY QB 17 -48.95 66.34 81.15
CA GLY QB 17 -50.18 67.12 81.04
C GLY QB 17 -49.98 68.56 80.65
N ALA QB 18 -48.80 68.90 80.14
CA ALA QB 18 -48.42 70.26 79.86
C ALA QB 18 -48.47 70.52 78.37
N ASN QB 19 -48.84 71.74 77.99
CA ASN QB 19 -48.93 72.12 76.59
C ASN QB 19 -47.53 72.38 76.07
N VAL QB 20 -46.92 71.36 75.46
CA VAL QB 20 -45.57 71.43 74.91
C VAL QB 20 -45.70 71.31 73.40
N ARG QB 21 -44.77 71.92 72.66
CA ARG QB 21 -45.00 72.09 71.22
C ARG QB 21 -44.71 70.81 70.45
N GLN QB 22 -43.44 70.38 70.42
CA GLN QB 22 -43.01 69.35 69.49
C GLN QB 22 -42.24 68.27 70.22
N VAL QB 23 -42.54 67.01 69.88
CA VAL QB 23 -41.96 65.85 70.56
C VAL QB 23 -41.27 65.00 69.50
N ASP QB 24 -40.11 64.46 69.84
CA ASP QB 24 -39.41 63.51 68.98
C ASP QB 24 -39.71 62.11 69.51
N VAL QB 25 -40.08 61.20 68.63
CA VAL QB 25 -40.43 59.83 69.00
C VAL QB 25 -39.47 58.87 68.31
N PRO QB 26 -38.66 58.12 69.06
CA PRO QB 26 -37.75 57.16 68.43
C PRO QB 26 -38.40 55.82 68.13
N THR QB 27 -38.61 55.51 66.86
CA THR QB 27 -39.55 54.46 66.53
C THR QB 27 -39.01 53.63 65.37
N GLN QB 28 -39.23 52.31 65.38
CA GLN QB 28 -39.03 51.50 64.18
C GLN QB 28 -40.04 51.96 63.15
N THR QB 29 -39.56 52.14 61.90
CA THR QB 29 -40.02 53.08 60.88
C THR QB 29 -39.81 54.52 61.34
N GLY QB 30 -38.59 54.82 61.81
CA GLY QB 30 -38.06 56.17 61.92
C GLY QB 30 -38.73 57.09 62.92
N ALA QB 31 -38.24 58.33 62.95
CA ALA QB 31 -38.71 59.37 63.86
C ALA QB 31 -39.58 60.34 63.09
N PHE QB 32 -40.65 60.79 63.71
CA PHE QB 32 -41.64 61.66 63.06
C PHE QB 32 -42.11 62.73 64.02
N GLY QB 33 -42.12 63.98 63.55
CA GLY QB 33 -42.49 65.08 64.40
C GLY QB 33 -43.98 65.17 64.61
N ILE QB 34 -44.37 65.55 65.83
CA ILE QB 34 -45.76 65.69 66.23
C ILE QB 34 -46.13 67.16 66.02
N LEU QB 35 -46.93 67.44 65.00
CA LEU QB 35 -47.21 68.82 64.63
C LEU QB 35 -48.70 69.10 64.76
N ALA QB 36 -49.16 69.29 65.99
CA ALA QB 36 -50.32 70.10 66.37
C ALA QB 36 -51.68 69.67 65.83
N SER QB 37 -51.73 68.80 64.82
CA SER QB 37 -52.93 68.07 64.44
C SER QB 37 -52.47 66.73 63.86
N HIS QB 38 -51.51 66.10 64.55
CA HIS QB 38 -50.88 64.89 64.05
C HIS QB 38 -51.88 63.73 63.99
N VAL QB 39 -51.71 62.88 62.98
CA VAL QB 39 -52.71 61.84 62.70
C VAL QB 39 -52.57 60.72 63.72
N PRO QB 40 -53.67 60.26 64.33
CA PRO QB 40 -53.58 59.29 65.43
C PRO QB 40 -53.03 57.93 64.99
N THR QB 41 -52.04 57.45 65.74
CA THR QB 41 -51.28 56.24 65.43
C THR QB 41 -50.80 55.65 66.74
N LEU QB 42 -51.04 54.35 66.92
CA LEU QB 42 -50.74 53.66 68.16
C LEU QB 42 -49.40 52.94 68.15
N GLN QB 43 -48.39 53.51 67.49
CA GLN QB 43 -47.14 52.78 67.28
C GLN QB 43 -46.29 52.75 68.54
N VAL QB 44 -45.63 51.61 68.77
CA VAL QB 44 -44.69 51.41 69.87
C VAL QB 44 -43.29 51.83 69.41
N LEU QB 45 -42.35 51.90 70.36
CA LEU QB 45 -41.10 52.63 70.15
C LEU QB 45 -39.87 51.71 70.06
N ARG QB 46 -38.77 52.26 69.53
CA ARG QB 46 -37.44 51.67 69.61
C ARG QB 46 -36.57 52.52 70.55
N PRO QB 47 -35.40 52.01 70.97
CA PRO QB 47 -34.45 52.82 71.75
C PRO QB 47 -33.98 54.07 71.02
N GLY QB 48 -33.98 55.19 71.74
CA GLY QB 48 -33.52 56.44 71.19
C GLY QB 48 -33.89 57.60 72.09
N LEU QB 49 -33.62 58.80 71.58
CA LEU QB 49 -33.85 60.02 72.36
C LEU QB 49 -35.25 60.57 72.15
N VAL QB 50 -35.69 61.39 73.09
CA VAL QB 50 -36.81 62.30 72.89
C VAL QB 50 -36.34 63.71 73.21
N VAL QB 51 -36.26 64.55 72.19
CA VAL QB 51 -35.89 65.95 72.35
C VAL QB 51 -37.16 66.78 72.20
N VAL QB 52 -37.69 67.25 73.32
CA VAL QB 52 -39.04 67.78 73.38
C VAL QB 52 -38.95 69.31 73.43
N HIS QB 53 -39.77 69.97 72.60
CA HIS QB 53 -39.60 71.38 72.28
C HIS QB 53 -40.68 72.20 72.96
N ALA QB 54 -40.27 73.14 73.81
CA ALA QB 54 -41.20 74.04 74.49
C ALA QB 54 -40.76 75.48 74.32
N GLU QB 55 -41.60 76.40 74.82
CA GLU QB 55 -41.31 77.83 74.70
C GLU QB 55 -40.41 78.32 75.85
N ASP QB 56 -39.92 77.39 76.68
CA ASP QB 56 -39.14 77.77 77.86
C ASP QB 56 -37.64 77.90 77.57
N GLY QB 57 -37.29 78.66 76.56
CA GLY QB 57 -35.89 78.92 76.27
C GLY QB 57 -35.23 77.89 75.38
N THR QB 58 -35.04 76.68 75.90
CA THR QB 58 -34.35 75.65 75.12
C THR QB 58 -34.98 74.29 75.44
N THR QB 59 -34.64 73.31 74.60
CA THR QB 59 -35.24 72.00 74.69
C THR QB 59 -34.55 71.15 75.76
N SER QB 60 -35.25 70.11 76.20
CA SER QB 60 -34.72 69.16 77.16
C SER QB 60 -34.25 67.92 76.39
N LYS QB 61 -33.47 67.08 77.03
CA LYS QB 61 -32.99 65.84 76.43
C LYS QB 61 -33.26 64.69 77.39
N TYR QB 62 -33.80 63.59 76.84
CA TYR QB 62 -34.07 62.38 77.60
C TYR QB 62 -33.63 61.19 76.77
N PHE QB 63 -34.04 59.99 77.21
CA PHE QB 63 -33.72 58.75 76.53
C PHE QB 63 -34.69 57.67 76.95
N VAL QB 64 -35.42 57.12 75.98
CA VAL QB 64 -36.45 56.12 76.24
C VAL QB 64 -35.90 54.74 75.89
N SER QB 65 -36.05 53.79 76.80
CA SER QB 65 -35.62 52.43 76.51
C SER QB 65 -36.56 51.74 75.53
N SER QB 66 -37.82 51.60 75.88
CA SER QB 66 -38.81 50.97 75.02
C SER QB 66 -40.20 51.52 75.36
N GLY QB 67 -40.68 52.42 74.52
CA GLY QB 67 -41.89 53.14 74.84
C GLY QB 67 -43.07 52.79 73.96
N SER QB 68 -44.14 53.57 74.05
CA SER QB 68 -45.35 53.40 73.25
C SER QB 68 -46.04 54.75 73.11
N VAL QB 69 -46.53 55.03 71.90
CA VAL QB 69 -47.37 56.20 71.66
C VAL QB 69 -48.82 55.74 71.64
N THR QB 70 -49.72 56.55 72.18
CA THR QB 70 -51.13 56.50 71.84
C THR QB 70 -51.62 57.92 71.69
N VAL QB 71 -51.50 58.47 70.49
CA VAL QB 71 -52.04 59.79 70.16
C VAL QB 71 -53.49 59.59 69.75
N ASN QB 72 -54.39 60.34 70.37
CA ASN QB 72 -55.81 60.04 70.29
C ASN QB 72 -56.48 60.83 69.16
N ALA QB 73 -57.82 60.81 69.20
CA ALA QB 73 -58.60 61.47 68.16
C ALA QB 73 -58.49 62.99 68.25
N ASP QB 74 -58.60 63.54 69.46
CA ASP QB 74 -58.33 64.94 69.67
C ASP QB 74 -56.83 65.17 69.80
N SER QB 75 -56.45 66.41 70.10
CA SER QB 75 -55.04 66.76 70.24
C SER QB 75 -54.56 66.38 71.65
N SER QB 76 -54.27 65.10 71.82
CA SER QB 76 -53.77 64.56 73.09
C SER QB 76 -52.90 63.35 72.81
N VAL QB 77 -51.58 63.53 72.87
CA VAL QB 77 -50.64 62.44 72.74
C VAL QB 77 -50.20 62.02 74.14
N GLN QB 78 -50.21 60.72 74.40
CA GLN QB 78 -49.71 60.15 75.63
C GLN QB 78 -48.52 59.28 75.30
N LEU QB 79 -47.38 59.59 75.90
CA LEU QB 79 -46.17 58.80 75.71
C LEU QB 79 -45.89 58.05 77.01
N LEU QB 80 -45.43 56.82 76.89
CA LEU QB 80 -45.04 56.00 78.03
C LEU QB 80 -43.59 55.60 77.84
N ALA QB 81 -42.99 55.04 78.88
CA ALA QB 81 -41.59 54.65 78.87
C ALA QB 81 -41.31 53.73 80.05
N GLU QB 82 -40.65 52.61 79.78
CA GLU QB 82 -40.18 51.80 80.90
C GLU QB 82 -39.02 52.48 81.61
N GLU QB 83 -38.00 52.90 80.85
CA GLU QB 83 -36.84 53.58 81.42
C GLU QB 83 -36.62 54.88 80.64
N ALA QB 84 -37.25 55.96 81.11
CA ALA QB 84 -37.01 57.29 80.55
C ALA QB 84 -35.81 57.89 81.28
N VAL QB 85 -34.63 57.38 80.94
CA VAL QB 85 -33.43 57.68 81.69
C VAL QB 85 -32.90 59.04 81.26
N THR QB 86 -32.24 59.73 82.18
CA THR QB 86 -31.48 60.92 81.83
C THR QB 86 -30.10 60.50 81.32
N LEU QB 87 -29.53 61.33 80.44
CA LEU QB 87 -28.34 60.90 79.71
C LEU QB 87 -27.09 60.99 80.56
N ASP QB 88 -27.00 62.01 81.43
CA ASP QB 88 -25.74 62.37 82.08
C ASP QB 88 -25.29 61.34 83.11
N MET QB 89 -26.16 60.43 83.53
CA MET QB 89 -25.81 59.38 84.46
C MET QB 89 -25.28 58.13 83.77
N LEU QB 90 -24.81 58.25 82.53
CA LEU QB 90 -24.30 57.13 81.75
C LEU QB 90 -22.77 57.21 81.68
N ASP QB 91 -22.14 56.04 81.72
CA ASP QB 91 -20.68 55.95 81.73
C ASP QB 91 -20.20 55.45 80.38
N PRO QB 92 -19.42 56.25 79.64
CA PRO QB 92 -18.99 55.82 78.31
C PRO QB 92 -17.96 54.70 78.31
N GLY QB 93 -17.21 54.53 79.40
CA GLY QB 93 -16.07 53.63 79.38
C GLY QB 93 -16.45 52.16 79.32
N VAL QB 94 -17.42 51.75 80.14
CA VAL QB 94 -17.90 50.37 80.07
C VAL QB 94 -18.86 50.18 78.89
N ALA QB 95 -19.37 51.26 78.33
CA ALA QB 95 -20.44 51.16 77.34
C ALA QB 95 -19.91 50.78 75.97
N LYS QB 96 -18.64 51.10 75.68
CA LYS QB 96 -18.11 50.80 74.36
C LYS QB 96 -17.78 49.33 74.23
N ALA QB 97 -17.25 48.73 75.31
CA ALA QB 97 -16.74 47.36 75.24
C ALA QB 97 -17.86 46.34 75.09
N ASN QB 98 -19.10 46.74 75.39
CA ASN QB 98 -20.25 45.87 75.18
C ASN QB 98 -20.51 45.65 73.70
N LEU QB 99 -20.29 46.69 72.88
CA LEU QB 99 -20.60 46.61 71.46
C LEU QB 99 -19.67 45.63 70.74
N GLU QB 100 -18.38 45.66 71.08
CA GLU QB 100 -17.45 44.70 70.49
C GLU QB 100 -17.58 43.33 71.14
N LYS QB 101 -18.18 43.27 72.33
CA LYS QB 101 -18.35 41.99 73.03
C LYS QB 101 -19.36 41.10 72.30
N ALA QB 102 -20.54 41.64 72.01
CA ALA QB 102 -21.63 40.81 71.49
C ALA QB 102 -21.37 40.38 70.05
N GLN QB 103 -20.69 41.22 69.27
CA GLN QB 103 -20.33 40.84 67.91
C GLN QB 103 -19.28 39.74 67.91
N SER QB 104 -18.48 39.68 68.98
CA SER QB 104 -17.52 38.59 69.13
C SER QB 104 -18.22 37.30 69.54
N GLU QB 105 -19.42 37.39 70.07
CA GLU QB 105 -20.19 36.22 70.47
C GLU QB 105 -21.30 35.87 69.48
N LEU QB 106 -21.25 36.40 68.25
CA LEU QB 106 -22.31 36.14 67.28
C LEU QB 106 -22.29 34.70 66.81
N LEU QB 107 -21.11 34.17 66.52
CA LEU QB 107 -21.01 32.83 65.94
C LEU QB 107 -20.93 31.73 67.00
N GLY QB 108 -21.11 32.05 68.27
CA GLY QB 108 -21.25 31.05 69.30
C GLY QB 108 -22.69 30.66 69.56
N ALA QB 109 -23.62 31.06 68.68
CA ALA QB 109 -25.04 30.80 68.84
C ALA QB 109 -25.42 29.63 67.95
N ALA QB 110 -25.64 28.46 68.57
CA ALA QB 110 -25.99 27.25 67.83
C ALA QB 110 -27.47 27.13 67.55
N ASP QB 111 -28.30 28.04 68.05
CA ASP QB 111 -29.72 28.07 67.77
C ASP QB 111 -30.07 29.29 66.92
N GLU QB 112 -31.34 29.40 66.56
CA GLU QB 112 -31.81 30.48 65.70
C GLU QB 112 -32.54 31.57 66.46
N ALA QB 113 -32.92 31.32 67.72
CA ALA QB 113 -33.62 32.33 68.50
C ALA QB 113 -32.63 33.33 69.10
N SER QB 114 -31.52 32.84 69.64
CA SER QB 114 -30.56 33.74 70.29
C SER QB 114 -29.76 34.52 69.25
N ARG QB 115 -29.68 34.01 68.02
CA ARG QB 115 -28.93 34.71 66.98
C ARG QB 115 -29.62 36.00 66.57
N ALA QB 116 -30.95 36.06 66.69
CA ALA QB 116 -31.64 37.33 66.57
C ALA QB 116 -31.43 38.17 67.82
N GLU QB 117 -31.26 37.53 68.96
CA GLU QB 117 -31.19 38.25 70.24
C GLU QB 117 -29.88 39.03 70.35
N ILE QB 118 -28.78 38.48 69.84
CA ILE QB 118 -27.53 39.23 69.85
C ILE QB 118 -27.59 40.34 68.82
N GLN QB 119 -28.38 40.16 67.77
CA GLN QB 119 -28.65 41.25 66.84
C GLN QB 119 -29.50 42.33 67.49
N ILE QB 120 -30.34 41.96 68.45
CA ILE QB 120 -31.06 42.95 69.24
C ILE QB 120 -30.09 43.70 70.15
N ARG QB 121 -29.12 42.98 70.72
CA ARG QB 121 -28.24 43.57 71.73
C ARG QB 121 -27.29 44.60 71.11
N ILE QB 122 -26.79 44.33 69.89
CA ILE QB 122 -25.90 45.29 69.28
C ILE QB 122 -26.69 46.50 68.78
N GLU QB 123 -27.97 46.30 68.44
CA GLU QB 123 -28.80 47.41 67.99
C GLU QB 123 -29.14 48.34 69.16
N ALA QB 124 -29.38 47.76 70.33
CA ALA QB 124 -29.56 48.57 71.53
C ALA QB 124 -28.25 49.24 71.94
N ASN QB 125 -27.13 48.57 71.71
CA ASN QB 125 -25.85 49.14 72.08
C ASN QB 125 -25.34 50.11 71.01
N GLU QB 126 -25.78 49.94 69.76
CA GLU QB 126 -25.46 50.95 68.75
C GLU QB 126 -26.33 52.19 68.95
N ALA QB 127 -27.48 52.02 69.59
CA ALA QB 127 -28.39 53.14 69.79
C ALA QB 127 -27.81 54.18 70.74
N LEU QB 128 -27.00 53.75 71.70
CA LEU QB 128 -26.47 54.69 72.69
C LEU QB 128 -25.19 55.35 72.20
N VAL QB 129 -24.43 54.67 71.33
CA VAL QB 129 -23.09 55.18 71.01
C VAL QB 129 -23.17 56.31 69.97
N LYS QB 130 -24.20 56.30 69.12
CA LYS QB 130 -24.47 57.49 68.32
C LYS QB 130 -25.02 58.61 69.18
N ALA QB 131 -25.71 58.24 70.26
CA ALA QB 131 -26.33 59.22 71.14
C ALA QB 131 -25.28 59.94 71.97
N LEU QB 132 -24.20 59.25 72.32
CA LEU QB 132 -23.25 59.79 73.27
C LEU QB 132 -21.96 60.21 72.58
N VAL RB 1 -42.51 44.62 60.92
CA VAL RB 1 -41.80 43.34 60.89
C VAL RB 1 -40.31 43.61 60.82
N ALA RB 2 -39.54 42.88 61.61
CA ALA RB 2 -38.08 43.03 61.60
C ALA RB 2 -37.46 41.67 61.87
N TYR RB 3 -36.18 41.67 62.21
CA TYR RB 3 -35.43 40.42 62.32
C TYR RB 3 -35.79 39.65 63.59
N TRP RB 4 -36.31 40.33 64.61
CA TRP RB 4 -36.83 39.62 65.77
C TRP RB 4 -38.08 38.84 65.42
N ARG RB 5 -38.90 39.39 64.52
CA ARG RB 5 -39.94 38.58 63.91
C ARG RB 5 -39.32 37.60 62.93
N GLN RB 6 -40.08 36.52 62.65
CA GLN RB 6 -39.60 35.31 61.95
C GLN RB 6 -38.38 34.70 62.63
N ALA RB 7 -38.29 34.86 63.96
CA ALA RB 7 -37.23 34.28 64.75
C ALA RB 7 -37.70 33.68 66.06
N GLY RB 8 -38.92 33.98 66.50
CA GLY RB 8 -39.46 33.41 67.72
C GLY RB 8 -39.52 34.33 68.91
N LEU RB 9 -39.23 35.63 68.73
CA LEU RB 9 -39.23 36.60 69.82
C LEU RB 9 -40.38 37.59 69.64
N SER RB 10 -40.55 38.46 70.63
CA SER RB 10 -41.72 39.32 70.72
C SER RB 10 -41.27 40.70 71.19
N TYR RB 11 -42.24 41.50 71.65
CA TYR RB 11 -41.94 42.88 72.04
C TYR RB 11 -41.60 42.96 73.51
N ILE RB 12 -42.22 42.13 74.33
CA ILE RB 12 -41.91 42.14 75.75
C ILE RB 12 -40.52 41.56 75.98
N ARG RB 13 -40.11 40.61 75.15
CA ARG RB 13 -38.74 40.14 75.17
C ARG RB 13 -37.78 41.23 74.67
N TYR RB 14 -38.24 42.05 73.73
CA TYR RB 14 -37.45 43.16 73.25
C TYR RB 14 -37.30 44.24 74.31
N SER RB 15 -38.32 44.40 75.15
CA SER RB 15 -38.32 45.50 76.11
C SER RB 15 -37.52 45.14 77.35
N GLN RB 16 -37.37 43.85 77.65
CA GLN RB 16 -36.58 43.46 78.82
C GLN RB 16 -35.09 43.66 78.56
N ILE RB 17 -34.66 43.50 77.31
CA ILE RB 17 -33.23 43.56 77.01
C ILE RB 17 -32.76 45.00 76.86
N CYS RB 18 -33.50 45.81 76.08
CA CYS RB 18 -33.05 47.18 75.86
C CYS RB 18 -33.38 48.08 77.05
N ALA RB 19 -34.06 47.53 78.06
CA ALA RB 19 -34.06 48.18 79.37
C ALA RB 19 -32.77 47.89 80.10
N LYS RB 20 -32.37 46.61 80.17
CA LYS RB 20 -31.17 46.21 80.89
C LYS RB 20 -29.91 46.73 80.20
N ALA RB 21 -29.93 46.77 78.86
CA ALA RB 21 -28.79 47.28 78.11
C ALA RB 21 -28.59 48.78 78.36
N VAL RB 22 -29.67 49.51 78.59
CA VAL RB 22 -29.53 50.88 79.06
C VAL RB 22 -29.12 50.89 80.52
N ARG RB 23 -29.75 50.03 81.35
CA ARG RB 23 -29.58 50.12 82.79
C ARG RB 23 -28.24 49.59 83.26
N ASP RB 24 -27.55 48.81 82.42
CA ASP RB 24 -26.20 48.40 82.78
C ASP RB 24 -25.17 49.42 82.32
N ALA RB 25 -25.59 50.39 81.50
CA ALA RB 25 -24.65 51.36 80.96
C ALA RB 25 -24.47 52.55 81.89
N LEU RB 26 -25.23 52.60 82.98
CA LEU RB 26 -25.17 53.70 83.93
C LEU RB 26 -23.83 53.80 84.64
N LYS RB 27 -23.56 54.97 85.22
CA LYS RB 27 -22.41 55.16 86.10
C LYS RB 27 -22.58 54.35 87.39
N ALA RB 28 -21.48 54.21 88.13
CA ALA RB 28 -21.55 53.52 89.41
C ALA RB 28 -21.88 54.48 90.55
N GLU RB 29 -22.92 55.29 90.35
CA GLU RB 29 -23.44 56.15 91.40
C GLU RB 29 -24.94 55.91 91.49
N PHE RB 30 -25.56 55.65 90.34
CA PHE RB 30 -26.99 55.33 90.26
C PHE RB 30 -27.24 53.85 90.03
N LYS RB 31 -26.44 52.98 90.66
CA LYS RB 31 -26.62 51.54 90.45
C LYS RB 31 -27.87 51.03 91.16
N ALA RB 32 -28.23 51.66 92.28
CA ALA RB 32 -29.37 51.18 93.07
C ALA RB 32 -30.69 51.40 92.36
N ASN RB 33 -30.73 52.35 91.41
CA ASN RB 33 -31.95 52.56 90.65
C ASN RB 33 -32.15 51.47 89.61
N ALA RB 34 -31.07 50.80 89.21
CA ALA RB 34 -31.22 49.57 88.44
C ALA RB 34 -31.72 48.43 89.34
N GLU RB 35 -31.49 48.55 90.65
CA GLU RB 35 -32.02 47.59 91.60
C GLU RB 35 -33.42 48.01 92.06
N LYS RB 36 -33.82 49.26 91.74
CA LYS RB 36 -35.18 49.70 92.03
C LYS RB 36 -36.19 48.92 91.21
N THR RB 37 -35.85 48.60 89.96
CA THR RB 37 -36.76 47.78 89.15
C THR RB 37 -36.81 46.35 89.66
N SER RB 38 -35.70 45.62 89.55
CA SER RB 38 -35.48 44.27 90.11
C SER RB 38 -36.63 43.32 89.79
N GLY RB 39 -36.76 42.98 88.51
CA GLY RB 39 -37.88 42.16 88.07
C GLY RB 39 -37.87 40.76 88.64
N SER RB 40 -36.69 40.29 89.07
CA SER RB 40 -36.54 38.98 89.69
C SER RB 40 -37.04 39.04 91.14
N ASN RB 41 -38.35 39.22 91.28
CA ASN RB 41 -39.06 38.96 92.52
C ASN RB 41 -40.17 37.94 92.36
N VAL RB 42 -40.95 37.99 91.27
CA VAL RB 42 -42.05 37.06 91.08
C VAL RB 42 -41.50 35.69 90.67
N LYS RB 43 -42.06 34.65 91.26
CA LYS RB 43 -41.70 33.27 90.94
C LYS RB 43 -42.82 32.64 90.13
N ILE RB 44 -42.51 31.50 89.52
CA ILE RB 44 -43.46 30.76 88.71
C ILE RB 44 -43.45 29.31 89.13
N VAL RB 45 -44.62 28.80 89.52
CA VAL RB 45 -44.82 27.38 89.78
C VAL RB 45 -45.96 26.91 88.87
N LYS RB 46 -45.77 25.76 88.25
CA LYS RB 46 -46.74 25.22 87.29
C LYS RB 46 -47.62 24.19 87.96
N VAL RB 47 -48.76 23.90 87.32
CA VAL RB 47 -49.68 22.92 87.88
C VAL RB 47 -49.12 21.52 87.73
N LYS RB 48 -48.31 21.30 86.70
CA LYS RB 48 -47.78 19.97 86.40
C LYS RB 48 -46.29 20.04 86.09
N PHE SB 1 -38.88 17.73 191.43
CA PHE SB 1 -40.16 17.30 191.98
C PHE SB 1 -40.03 15.91 192.61
N ALA SB 2 -41.08 15.43 193.25
CA ALA SB 2 -41.07 14.14 193.91
C ALA SB 2 -42.22 13.28 193.41
N LYS SB 3 -42.13 11.98 193.70
CA LYS SB 3 -43.18 11.04 193.34
C LYS SB 3 -44.19 10.93 194.47
N LEU SB 4 -45.42 10.58 194.10
CA LEU SB 4 -46.53 10.64 195.03
C LEU SB 4 -47.31 9.32 194.99
N VAL SB 5 -48.08 9.09 196.05
CA VAL SB 5 -48.83 7.85 196.18
C VAL SB 5 -50.00 7.85 195.21
N ARG SB 6 -50.22 6.71 194.56
CA ARG SB 6 -51.26 6.63 193.53
C ARG SB 6 -52.63 6.44 194.17
N PRO SB 7 -53.56 7.37 193.98
CA PRO SB 7 -54.93 7.15 194.45
C PRO SB 7 -55.62 6.08 193.64
N PRO SB 8 -56.42 5.22 194.28
CA PRO SB 8 -57.00 4.07 193.56
C PRO SB 8 -58.22 4.40 192.71
N VAL SB 9 -58.57 5.67 192.51
CA VAL SB 9 -59.63 6.06 191.59
C VAL SB 9 -59.07 6.77 190.36
N GLN SB 10 -58.26 7.80 190.58
CA GLN SB 10 -57.65 8.64 189.54
C GLN SB 10 -58.71 9.30 188.66
N ILE SB 11 -59.52 10.16 189.30
CA ILE SB 11 -60.44 11.00 188.55
C ILE SB 11 -59.68 12.15 187.91
N TYR SB 12 -60.36 12.90 187.06
CA TYR SB 12 -59.77 13.97 186.28
C TYR SB 12 -60.63 15.21 186.44
N GLY SB 13 -60.19 16.31 185.87
CA GLY SB 13 -60.89 17.57 185.98
C GLY SB 13 -60.32 18.44 187.08
N ILE SB 14 -61.04 19.53 187.37
CA ILE SB 14 -60.57 20.47 188.38
C ILE SB 14 -60.76 19.91 189.78
N GLU SB 15 -61.55 18.86 189.94
CA GLU SB 15 -61.66 18.20 191.22
C GLU SB 15 -60.41 17.38 191.51
N GLY SB 16 -60.09 16.44 190.63
CA GLY SB 16 -59.04 15.45 190.86
C GLY SB 16 -57.63 15.99 190.83
N ARG SB 17 -57.43 17.23 190.38
CA ARG SB 17 -56.16 17.89 190.65
C ARG SB 17 -55.99 18.12 192.14
N TYR SB 18 -56.94 18.85 192.74
CA TYR SB 18 -56.85 19.16 194.15
C TYR SB 18 -57.21 17.98 195.02
N ALA SB 19 -58.01 17.05 194.53
CA ALA SB 19 -58.41 15.91 195.35
C ALA SB 19 -57.41 14.78 195.33
N THR SB 20 -56.32 14.92 194.60
CA THR SB 20 -55.17 14.02 194.68
C THR SB 20 -53.99 14.65 195.38
N ALA SB 21 -53.87 15.98 195.29
CA ALA SB 21 -52.90 16.70 196.08
C ALA SB 21 -53.22 16.63 197.56
N LEU SB 22 -54.49 16.43 197.91
CA LEU SB 22 -54.86 16.21 199.29
C LEU SB 22 -54.67 14.76 199.70
N TYR SB 23 -54.91 13.81 198.79
CA TYR SB 23 -54.74 12.40 199.12
C TYR SB 23 -53.26 12.06 199.28
N SER SB 24 -52.41 12.65 198.46
CA SER SB 24 -50.98 12.39 198.55
C SER SB 24 -50.36 13.06 199.77
N ALA SB 25 -50.84 14.25 200.11
CA ALA SB 25 -50.27 14.97 201.25
C ALA SB 25 -50.70 14.36 202.57
N ALA SB 26 -51.92 13.84 202.65
CA ALA SB 26 -52.39 13.26 203.90
C ALA SB 26 -51.99 11.79 204.05
N SER SB 27 -51.66 11.10 202.97
CA SER SB 27 -51.15 9.74 203.09
C SER SB 27 -49.74 9.74 203.65
N LYS SB 28 -49.00 10.82 203.41
CA LYS SB 28 -47.81 11.08 204.20
C LYS SB 28 -48.23 11.40 205.63
N GLN SB 29 -47.42 10.96 206.59
CA GLN SB 29 -47.64 11.00 208.04
C GLN SB 29 -48.83 10.15 208.50
N ASN SB 30 -49.41 9.35 207.61
CA ASN SB 30 -50.55 8.46 207.87
C ASN SB 30 -51.73 9.20 208.48
N LYS SB 31 -52.12 10.29 207.83
CA LYS SB 31 -53.21 11.16 208.25
C LYS SB 31 -54.45 10.91 207.40
N LEU SB 32 -54.73 9.65 207.06
CA LEU SB 32 -55.75 9.35 206.05
C LEU SB 32 -57.13 9.14 206.66
N GLU SB 33 -57.26 8.18 207.59
CA GLU SB 33 -58.55 7.90 208.19
C GLU SB 33 -59.01 9.02 209.11
N GLN SB 34 -58.09 9.87 209.56
CA GLN SB 34 -58.45 11.02 210.39
C GLN SB 34 -59.07 12.13 209.57
N VAL SB 35 -58.48 12.46 208.43
CA VAL SB 35 -58.80 13.68 207.70
C VAL SB 35 -60.21 13.65 207.10
N GLU SB 36 -60.79 12.46 206.90
CA GLU SB 36 -62.15 12.40 206.41
C GLU SB 36 -63.15 12.83 207.47
N LYS SB 37 -62.81 12.65 208.75
CA LYS SB 37 -63.64 13.14 209.83
C LYS SB 37 -63.61 14.66 209.91
N GLU SB 38 -62.48 15.28 209.54
CA GLU SB 38 -62.39 16.74 209.52
C GLU SB 38 -62.97 17.34 208.25
N LEU SB 39 -62.95 16.61 207.15
CA LEU SB 39 -63.52 17.14 205.92
C LEU SB 39 -65.03 17.08 205.92
N LEU SB 40 -65.62 16.27 206.81
CA LEU SB 40 -67.06 16.21 206.94
C LEU SB 40 -67.60 17.25 207.92
N ARG SB 41 -66.73 17.97 208.61
CA ARG SB 41 -67.17 19.06 209.46
C ARG SB 41 -67.08 20.42 208.79
N VAL SB 42 -66.16 20.58 207.83
CA VAL SB 42 -66.23 21.71 206.92
C VAL SB 42 -67.33 21.47 205.88
N ALA SB 43 -67.73 20.21 205.69
CA ALA SB 43 -68.85 19.88 204.81
C ALA SB 43 -70.21 20.24 205.38
N GLN SB 44 -70.27 20.77 206.59
CA GLN SB 44 -71.50 21.32 207.15
C GLN SB 44 -71.45 22.82 207.33
N ILE SB 45 -70.28 23.39 207.61
CA ILE SB 45 -70.19 24.84 207.83
C ILE SB 45 -70.11 25.62 206.51
N LEU SB 46 -69.96 24.93 205.38
CA LEU SB 46 -69.99 25.61 204.10
C LEU SB 46 -71.40 26.07 203.75
N LYS SB 47 -72.41 25.29 204.14
CA LYS SB 47 -73.80 25.60 203.83
C LYS SB 47 -74.37 26.43 204.97
N GLU SB 48 -74.16 27.75 204.86
CA GLU SB 48 -74.59 28.69 205.88
C GLU SB 48 -74.88 30.00 205.18
N PRO SB 49 -76.04 30.63 205.43
CA PRO SB 49 -76.39 31.88 204.75
C PRO SB 49 -75.53 33.09 205.13
N LYS SB 50 -74.53 32.95 205.99
CA LYS SB 50 -73.48 33.95 206.12
C LYS SB 50 -72.14 33.47 205.58
N VAL SB 51 -71.85 32.18 205.65
CA VAL SB 51 -70.60 31.65 205.12
C VAL SB 51 -70.68 31.49 203.61
N ALA SB 52 -71.74 30.87 203.11
CA ALA SB 52 -71.93 30.75 201.66
C ALA SB 52 -72.37 32.06 201.03
N ALA SB 53 -72.71 33.08 201.82
CA ALA SB 53 -72.99 34.40 201.28
C ALA SB 53 -71.73 35.05 200.75
N SER SB 54 -70.59 34.83 201.41
CA SER SB 54 -69.29 35.15 200.83
C SER SB 54 -68.39 33.93 200.97
N ILE SB 55 -68.61 32.95 200.10
CA ILE SB 55 -67.63 31.94 199.72
C ILE SB 55 -67.74 31.83 198.22
N MET SB 56 -68.83 32.38 197.67
CA MET SB 56 -69.10 32.40 196.25
C MET SB 56 -69.45 33.80 195.77
N ASN SB 57 -69.28 34.80 196.62
CA ASN SB 57 -69.47 36.17 196.21
C ASN SB 57 -68.24 36.64 195.46
N PRO SB 58 -68.38 37.15 194.24
CA PRO SB 58 -67.23 37.74 193.57
C PRO SB 58 -66.80 39.05 194.18
N TYR SB 59 -67.76 39.91 194.52
CA TYR SB 59 -67.46 41.29 194.91
C TYR SB 59 -67.47 41.43 196.42
N VAL SB 60 -66.44 40.91 197.06
CA VAL SB 60 -66.15 41.27 198.44
C VAL SB 60 -64.77 41.89 198.53
N LYS SB 61 -63.72 41.09 198.27
CA LYS SB 61 -62.33 41.46 198.02
C LYS SB 61 -61.58 40.19 197.71
N ARG SB 62 -60.47 40.30 196.97
CA ARG SB 62 -59.63 39.14 196.72
C ARG SB 62 -58.94 38.66 197.99
N SER SB 63 -58.68 39.57 198.93
CA SER SB 63 -57.88 39.29 200.10
C SER SB 63 -58.70 38.91 201.32
N VAL SB 64 -59.86 39.52 201.53
CA VAL SB 64 -60.60 39.33 202.78
C VAL SB 64 -61.35 38.01 202.84
N LYS SB 65 -61.44 37.28 201.73
CA LYS SB 65 -61.92 35.90 201.78
C LYS SB 65 -60.84 34.92 202.17
N VAL SB 66 -59.61 35.40 202.38
CA VAL SB 66 -58.53 34.53 202.82
C VAL SB 66 -58.36 34.60 204.33
N LYS SB 67 -58.46 35.80 204.91
CA LYS SB 67 -58.35 35.93 206.35
C LYS SB 67 -59.62 35.49 207.07
N SER SB 68 -60.77 35.60 206.40
CA SER SB 68 -62.03 35.26 207.05
C SER SB 68 -62.23 33.76 207.18
N LEU SB 69 -61.69 32.98 206.25
CA LEU SB 69 -61.78 31.53 206.40
C LEU SB 69 -60.63 30.95 207.20
N SER SB 70 -59.46 31.61 207.18
CA SER SB 70 -58.33 31.09 207.96
C SER SB 70 -58.56 31.28 209.45
N ASP SB 71 -59.20 32.40 209.84
CA ASP SB 71 -59.65 32.55 211.21
C ASP SB 71 -60.74 31.55 211.54
N MET SB 72 -61.55 31.20 210.55
CA MET SB 72 -62.66 30.28 210.77
C MET SB 72 -62.20 28.83 210.84
N THR SB 73 -61.18 28.45 210.06
CA THR SB 73 -60.84 27.04 209.96
C THR SB 73 -59.98 26.55 211.12
N ALA SB 74 -59.42 27.45 211.92
CA ALA SB 74 -58.44 27.07 212.93
C ALA SB 74 -59.02 27.03 214.33
N LYS SB 75 -59.95 27.93 214.63
CA LYS SB 75 -60.31 28.16 216.03
C LYS SB 75 -61.23 27.08 216.58
N GLU SB 76 -62.07 26.46 215.74
CA GLU SB 76 -63.18 25.72 216.31
C GLU SB 76 -62.81 24.29 216.67
N LYS SB 77 -62.17 23.54 215.75
CA LYS SB 77 -61.77 22.19 216.11
C LYS SB 77 -60.35 21.80 215.72
N PHE SB 78 -59.92 22.19 214.53
CA PHE SB 78 -58.82 21.49 213.88
C PHE SB 78 -57.77 22.45 213.35
N SER SB 79 -56.50 22.05 213.43
CA SER SB 79 -55.42 22.69 212.69
C SER SB 79 -54.51 21.69 211.95
N PRO SB 80 -55.07 20.82 211.09
CA PRO SB 80 -54.21 19.92 210.31
C PRO SB 80 -53.78 20.58 209.01
N LEU SB 81 -53.25 19.79 208.09
CA LEU SB 81 -52.95 20.23 206.72
C LEU SB 81 -54.17 20.66 205.90
N THR SB 82 -55.41 20.47 206.39
CA THR SB 82 -56.56 21.02 205.68
C THR SB 82 -56.65 22.53 205.82
N SER SB 83 -56.09 23.08 206.90
CA SER SB 83 -56.10 24.52 207.09
C SER SB 83 -55.26 25.24 206.05
N ASN SB 84 -54.23 24.57 205.53
CA ASN SB 84 -53.46 25.06 204.39
C ASN SB 84 -54.22 24.89 203.09
N LEU SB 85 -55.00 23.81 202.98
CA LEU SB 85 -55.75 23.52 201.75
C LEU SB 85 -56.86 24.52 201.51
N ILE SB 86 -57.63 24.86 202.55
CA ILE SB 86 -58.65 25.88 202.43
C ILE SB 86 -58.01 27.23 202.13
N ASN SB 87 -56.81 27.46 202.68
CA ASN SB 87 -56.03 28.64 202.31
C ASN SB 87 -55.44 28.53 200.90
N LEU SB 88 -55.31 27.31 200.37
CA LEU SB 88 -54.76 27.13 199.03
C LEU SB 88 -55.83 27.37 197.96
N LEU SB 89 -57.02 26.82 198.17
CA LEU SB 89 -58.13 27.03 197.24
C LEU SB 89 -58.55 28.48 197.19
N ALA SB 90 -58.54 29.15 198.35
CA ALA SB 90 -59.00 30.53 198.41
C ALA SB 90 -57.97 31.49 197.81
N GLU SB 91 -56.70 31.12 197.86
CA GLU SB 91 -55.67 31.96 197.27
C GLU SB 91 -55.66 31.89 195.74
N ASN SB 92 -56.27 30.85 195.16
CA ASN SB 92 -56.24 30.64 193.71
C ASN SB 92 -57.49 31.12 193.01
N GLY SB 93 -58.65 31.01 193.64
CA GLY SB 93 -59.88 31.44 193.00
C GLY SB 93 -60.86 30.30 192.79
N ARG SB 94 -60.57 29.15 193.39
CA ARG SB 94 -61.38 27.95 193.22
C ARG SB 94 -62.31 27.72 194.40
N LEU SB 95 -62.82 28.79 195.02
CA LEU SB 95 -63.74 28.61 196.13
C LEU SB 95 -65.10 28.08 195.69
N SER SB 96 -65.48 28.32 194.43
CA SER SB 96 -66.76 27.84 193.93
C SER SB 96 -66.80 26.32 193.86
N SER SB 97 -65.68 25.69 193.51
CA SER SB 97 -65.61 24.25 193.35
C SER SB 97 -65.25 23.53 194.65
N THR SB 98 -65.38 24.20 195.79
CA THR SB 98 -65.08 23.57 197.08
C THR SB 98 -65.99 22.39 197.45
N PRO SB 99 -67.31 22.39 197.21
CA PRO SB 99 -68.07 21.15 197.45
C PRO SB 99 -67.73 20.04 196.46
N GLY SB 100 -67.18 20.37 195.30
CA GLY SB 100 -66.80 19.35 194.35
C GLY SB 100 -65.63 18.51 194.82
N VAL SB 101 -64.67 19.13 195.52
CA VAL SB 101 -63.45 18.44 195.92
C VAL SB 101 -63.73 17.42 197.01
N ILE SB 102 -64.61 17.75 197.95
CA ILE SB 102 -64.90 16.84 199.04
C ILE SB 102 -65.79 15.71 198.58
N SER SB 103 -66.63 15.93 197.57
CA SER SB 103 -67.34 14.83 196.94
C SER SB 103 -66.41 14.00 196.08
N ALA SB 104 -65.30 14.57 195.66
CA ALA SB 104 -64.26 13.87 194.93
C ALA SB 104 -63.27 13.18 195.85
N PHE SB 105 -63.02 13.76 197.03
CA PHE SB 105 -62.16 13.09 197.99
C PHE SB 105 -62.89 11.94 198.67
N SER SB 106 -64.22 12.02 198.75
CA SER SB 106 -64.98 10.96 199.38
C SER SB 106 -65.02 9.70 198.53
N THR SB 107 -65.24 9.87 197.22
CA THR SB 107 -65.20 8.72 196.33
C THR SB 107 -63.80 8.17 196.15
N MET SB 108 -62.77 8.99 196.40
CA MET SB 108 -61.40 8.51 196.34
C MET SB 108 -61.01 7.75 197.59
N MET SB 109 -61.54 8.17 198.75
CA MET SB 109 -61.26 7.50 200.00
C MET SB 109 -62.15 6.31 200.24
N SER SB 110 -63.28 6.20 199.53
CA SER SB 110 -64.20 5.10 199.78
C SER SB 110 -63.65 3.78 199.24
N VAL SB 111 -62.92 3.83 198.14
CA VAL SB 111 -62.45 2.63 197.45
C VAL SB 111 -61.28 2.00 198.16
N HIS SB 112 -60.77 2.66 199.20
CA HIS SB 112 -59.70 2.09 200.00
C HIS SB 112 -60.19 0.91 200.81
N ARG SB 113 -61.51 0.80 201.01
CA ARG SB 113 -62.13 -0.39 201.57
C ARG SB 113 -63.47 -0.75 200.93
N GLY SB 114 -63.93 -0.03 199.91
CA GLY SB 114 -65.29 -0.13 199.44
C GLY SB 114 -65.43 -0.93 198.16
N GLU SB 115 -66.60 -0.79 197.52
CA GLU SB 115 -67.04 -1.73 196.49
C GLU SB 115 -67.57 -1.12 195.21
N VAL SB 116 -67.94 0.16 195.19
CA VAL SB 116 -68.68 0.83 194.12
C VAL SB 116 -69.95 0.04 193.81
N PRO SB 117 -71.00 0.22 194.61
CA PRO SB 117 -72.09 -0.76 194.73
C PRO SB 117 -72.82 -1.13 193.45
N CYS SB 118 -73.51 -2.27 193.52
CA CYS SB 118 -74.34 -2.80 192.47
C CYS SB 118 -75.71 -2.15 192.50
N SER SB 119 -76.51 -2.40 191.46
CA SER SB 119 -77.83 -1.76 191.30
C SER SB 119 -78.84 -2.78 190.80
N VAL SB 120 -79.52 -3.47 191.71
CA VAL SB 120 -80.58 -4.40 191.34
C VAL SB 120 -81.80 -3.59 190.92
N THR SB 121 -82.31 -3.86 189.72
CA THR SB 121 -83.39 -3.08 189.11
C THR SB 121 -84.45 -4.04 188.60
N THR SB 122 -85.38 -4.46 189.47
CA THR SB 122 -86.33 -5.48 189.04
C THR SB 122 -87.79 -5.06 189.08
N ALA SB 123 -88.36 -4.78 190.25
CA ALA SB 123 -89.81 -4.73 190.44
C ALA SB 123 -90.09 -4.22 191.86
N SER SB 124 -91.35 -4.33 192.28
CA SER SB 124 -91.73 -4.12 193.66
C SER SB 124 -90.95 -5.08 194.57
N PRO SB 125 -90.59 -4.67 195.78
CA PRO SB 125 -89.57 -5.38 196.55
C PRO SB 125 -89.99 -6.76 197.03
N LEU SB 126 -89.01 -7.47 197.56
CA LEU SB 126 -89.05 -8.90 197.80
C LEU SB 126 -88.91 -9.21 199.29
N ASP SB 127 -88.91 -10.49 199.61
CA ASP SB 127 -88.92 -10.96 200.99
C ASP SB 127 -87.48 -11.11 201.48
N GLU SB 128 -87.33 -11.75 202.64
CA GLU SB 128 -86.00 -11.88 203.23
C GLU SB 128 -85.27 -13.12 202.72
N ALA SB 129 -86.01 -14.16 202.32
CA ALA SB 129 -85.36 -15.42 201.96
C ALA SB 129 -84.76 -15.39 200.57
N THR SB 130 -85.21 -14.47 199.72
CA THR SB 130 -84.64 -14.31 198.40
C THR SB 130 -83.71 -13.10 198.29
N LEU SB 131 -83.65 -12.25 199.32
CA LEU SB 131 -82.75 -11.10 199.27
C LEU SB 131 -81.44 -11.38 200.02
N THR SB 132 -81.49 -12.13 201.13
CA THR SB 132 -80.26 -12.38 201.87
C THR SB 132 -79.34 -13.35 201.13
N GLU SB 133 -79.87 -14.10 200.16
CA GLU SB 133 -79.02 -14.83 199.25
C GLU SB 133 -78.29 -13.87 198.31
N LEU SB 134 -79.01 -12.94 197.68
CA LEU SB 134 -78.38 -12.00 196.77
C LEU SB 134 -77.53 -10.96 197.49
N LYS SB 135 -77.66 -10.82 198.80
CA LYS SB 135 -76.69 -10.08 199.58
C LYS SB 135 -75.56 -10.96 200.08
N THR SB 136 -75.54 -12.23 199.69
CA THR SB 136 -74.45 -13.14 200.02
C THR SB 136 -73.86 -13.83 198.81
N VAL SB 137 -74.68 -14.17 197.81
CA VAL SB 137 -74.12 -14.71 196.57
C VAL SB 137 -73.48 -13.62 195.72
N LEU SB 138 -73.75 -12.35 196.00
CA LEU SB 138 -73.01 -11.26 195.38
C LEU SB 138 -71.71 -10.96 196.10
N LYS SB 139 -71.50 -11.55 197.28
CA LYS SB 139 -70.21 -11.51 197.96
C LYS SB 139 -69.30 -12.65 197.51
N SER SB 140 -69.86 -13.72 196.94
CA SER SB 140 -69.03 -14.82 196.47
C SER SB 140 -68.22 -14.47 195.23
N PHE SB 141 -68.59 -13.40 194.53
CA PHE SB 141 -67.86 -13.01 193.33
C PHE SB 141 -66.53 -12.36 193.67
N LEU SB 142 -66.55 -11.38 194.58
CA LEU SB 142 -65.44 -10.45 194.70
C LEU SB 142 -64.22 -11.10 195.35
N SER SB 143 -64.39 -11.54 196.61
CA SER SB 143 -63.40 -12.32 197.37
C SER SB 143 -62.08 -11.58 197.56
N LYS SB 144 -62.17 -10.43 198.23
CA LYS SB 144 -60.94 -9.69 198.53
C LYS SB 144 -60.96 -9.03 199.90
N GLY SB 145 -61.69 -9.60 200.86
CA GLY SB 145 -61.74 -9.06 202.21
C GLY SB 145 -62.48 -7.74 202.29
N GLN SB 146 -63.77 -7.74 201.98
CA GLN SB 146 -64.52 -6.50 201.77
C GLN SB 146 -65.94 -6.64 202.31
N ILE SB 147 -66.59 -5.50 202.53
CA ILE SB 147 -67.93 -5.45 203.13
C ILE SB 147 -68.84 -4.67 202.18
N LEU SB 148 -69.70 -5.40 201.46
CA LEU SB 148 -70.40 -4.92 200.27
C LEU SB 148 -71.51 -3.91 200.60
N LYS SB 149 -71.87 -3.12 199.60
CA LYS SB 149 -72.98 -2.17 199.67
C LYS SB 149 -73.77 -2.24 198.36
N LEU SB 150 -74.93 -1.59 198.32
CA LEU SB 150 -75.92 -1.88 197.28
C LEU SB 150 -76.90 -0.72 197.14
N GLU SB 151 -77.52 -0.61 195.96
CA GLU SB 151 -78.64 0.29 195.69
C GLU SB 151 -79.77 -0.49 195.04
N VAL SB 152 -81.01 0.00 195.19
CA VAL SB 152 -82.21 -0.62 194.60
C VAL SB 152 -83.04 0.47 193.96
N LYS SB 153 -83.50 0.24 192.72
CA LYS SB 153 -84.38 1.16 192.03
C LYS SB 153 -85.42 0.37 191.22
N VAL SB 154 -86.68 0.73 191.36
CA VAL SB 154 -87.80 -0.06 190.83
C VAL SB 154 -88.17 0.46 189.44
N ASP SB 155 -88.24 -0.46 188.46
CA ASP SB 155 -88.62 -0.10 187.10
C ASP SB 155 -89.52 -1.17 186.49
N PRO SB 156 -90.69 -0.81 185.96
CA PRO SB 156 -91.61 -1.82 185.43
C PRO SB 156 -91.52 -2.05 183.93
N SER SB 157 -90.75 -1.24 183.20
CA SER SB 157 -90.63 -1.44 181.76
C SER SB 157 -89.83 -2.69 181.43
N ILE SB 158 -88.85 -3.02 182.27
CA ILE SB 158 -88.37 -4.39 182.36
C ILE SB 158 -89.53 -5.23 182.89
N MET SB 159 -90.05 -6.13 182.06
CA MET SB 159 -91.29 -6.79 182.44
C MET SB 159 -91.07 -7.93 183.42
N GLY SB 160 -90.03 -8.74 183.21
CA GLY SB 160 -89.95 -9.99 183.95
C GLY SB 160 -88.59 -10.45 184.44
N GLY SB 161 -87.67 -9.52 184.73
CA GLY SB 161 -86.34 -9.90 185.14
C GLY SB 161 -85.71 -8.89 186.10
N MET SB 162 -84.41 -9.04 186.26
CA MET SB 162 -83.58 -8.13 187.06
C MET SB 162 -82.28 -7.88 186.33
N ILE SB 163 -81.81 -6.64 186.33
CA ILE SB 163 -80.47 -6.32 185.86
C ILE SB 163 -79.65 -5.92 187.09
N VAL SB 164 -78.35 -6.21 187.04
CA VAL SB 164 -77.43 -5.93 188.13
C VAL SB 164 -76.09 -5.51 187.54
N ARG SB 165 -75.38 -4.63 188.24
CA ARG SB 165 -74.13 -4.05 187.72
C ARG SB 165 -73.05 -4.08 188.80
N ILE SB 166 -72.32 -5.18 188.89
CA ILE SB 166 -71.19 -5.23 189.82
C ILE SB 166 -70.04 -4.47 189.18
N GLY SB 167 -69.91 -3.19 189.52
CA GLY SB 167 -68.90 -2.36 188.90
C GLY SB 167 -69.34 -1.92 187.52
N GLU SB 168 -68.75 -2.52 186.48
CA GLU SB 168 -69.10 -2.29 185.09
C GLU SB 168 -69.34 -3.62 184.39
N LYS SB 169 -70.17 -4.48 184.99
CA LYS SB 169 -70.34 -5.86 184.56
C LYS SB 169 -71.62 -6.11 183.75
N TYR SB 170 -72.79 -5.75 184.29
CA TYR SB 170 -74.08 -5.75 183.59
C TYR SB 170 -74.46 -7.12 183.05
N VAL SB 171 -74.78 -8.04 183.95
CA VAL SB 171 -75.43 -9.27 183.54
C VAL SB 171 -76.94 -9.08 183.45
N ASP SB 172 -77.45 -9.01 182.22
CA ASP SB 172 -78.80 -8.58 181.91
C ASP SB 172 -79.68 -9.80 181.64
N MET SB 173 -80.72 -9.94 182.44
CA MET SB 173 -81.72 -10.99 182.25
C MET SB 173 -83.09 -10.37 182.52
N SER SB 174 -83.83 -10.10 181.46
CA SER SB 174 -84.99 -9.22 181.50
C SER SB 174 -85.89 -9.53 180.32
N ALA SB 175 -86.81 -8.61 180.01
CA ALA SB 175 -87.65 -8.70 178.82
C ALA SB 175 -87.09 -7.91 177.65
N LYS SB 176 -85.76 -7.80 177.54
CA LYS SB 176 -85.10 -7.46 176.28
C LYS SB 176 -85.24 -8.60 175.29
N THR SB 177 -85.41 -9.82 175.78
CA THR SB 177 -85.45 -11.04 174.98
C THR SB 177 -86.67 -11.15 174.07
N LYS SB 178 -87.55 -10.17 174.06
CA LYS SB 178 -88.55 -10.03 173.00
C LYS SB 178 -87.96 -9.38 171.76
N ILE SB 179 -87.04 -8.45 171.92
CA ILE SB 179 -86.35 -7.84 170.79
C ILE SB 179 -85.36 -8.82 170.17
N GLN SB 180 -84.84 -9.76 170.95
CA GLN SB 180 -83.95 -10.79 170.42
C GLN SB 180 -84.68 -11.82 169.57
N LYS SB 181 -86.01 -11.79 169.54
CA LYS SB 181 -86.79 -12.61 168.62
C LYS SB 181 -87.03 -11.89 167.29
N LEU SB 182 -86.15 -10.95 166.93
CA LEU SB 182 -86.10 -10.42 165.58
C LEU SB 182 -85.57 -11.44 164.59
N SER SB 183 -84.77 -12.40 165.06
CA SER SB 183 -84.18 -13.41 164.20
C SER SB 183 -85.23 -14.35 163.61
N ARG SB 184 -86.41 -14.43 164.21
CA ARG SB 184 -87.52 -15.13 163.59
C ARG SB 184 -88.02 -14.38 162.36
N ALA SB 185 -88.02 -13.05 162.42
CA ALA SB 185 -88.44 -12.21 161.30
C ALA SB 185 -87.28 -11.80 160.39
N MET SB 186 -86.07 -12.33 160.63
CA MET SB 186 -84.88 -11.89 159.92
C MET SB 186 -84.33 -12.96 158.98
N ARG SB 187 -85.21 -13.71 158.30
CA ARG SB 187 -84.85 -14.69 157.27
C ARG SB 187 -83.86 -15.79 157.70
N PRO TB 1 -14.59 46.63 45.39
CA PRO TB 1 -14.05 45.99 44.20
C PRO TB 1 -12.82 45.14 44.51
N PRO TB 2 -12.06 45.55 45.52
CA PRO TB 2 -10.86 44.81 45.92
C PRO TB 2 -11.24 43.40 46.40
N LEU TB 3 -12.33 43.30 47.15
CA LEU TB 3 -12.78 42.01 47.64
C LEU TB 3 -13.17 41.11 46.47
N PRO TB 4 -13.85 41.70 45.49
CA PRO TB 4 -14.25 40.95 44.29
C PRO TB 4 -13.02 40.45 43.54
N GLU TB 5 -12.00 41.30 43.45
CA GLU TB 5 -10.76 40.93 42.78
C GLU TB 5 -10.10 39.76 43.51
N HIS TB 6 -10.07 39.78 44.84
CA HIS TB 6 -9.41 38.68 45.55
C HIS TB 6 -10.10 37.32 45.30
N GLY TB 7 -11.43 37.35 45.33
CA GLY TB 7 -12.22 36.15 45.12
C GLY TB 7 -11.99 35.57 43.74
N GLY TB 8 -11.90 36.45 42.75
CA GLY TB 8 -11.67 36.01 41.40
C GLY TB 8 -10.33 35.31 41.28
N LYS TB 9 -9.30 35.86 41.94
CA LYS TB 9 -7.98 35.26 41.89
C LYS TB 9 -8.03 33.87 42.52
N VAL TB 10 -8.73 33.75 43.64
CA VAL TB 10 -8.83 32.46 44.31
C VAL TB 10 -9.52 31.44 43.41
N ARG TB 11 -10.59 31.89 42.74
CA ARG TB 11 -11.34 31.03 41.84
C ARG TB 11 -10.46 30.58 40.68
N LEU TB 12 -9.65 31.49 40.16
CA LEU TB 12 -8.75 31.19 39.05
C LEU TB 12 -7.77 30.11 39.48
N GLY TB 13 -7.19 30.18 40.67
CA GLY TB 13 -6.24 29.14 41.05
C GLY TB 13 -6.82 27.72 41.15
N LEU TB 14 -7.99 27.64 41.76
CA LEU TB 14 -8.68 26.36 41.98
C LEU TB 14 -9.02 25.69 40.65
N ILE TB 15 -9.45 26.49 39.68
CA ILE TB 15 -9.80 25.96 38.38
C ILE TB 15 -8.57 25.35 37.72
N PRO TB 16 -7.43 26.01 37.84
CA PRO TB 16 -6.19 25.48 37.27
C PRO TB 16 -5.84 24.16 37.92
N GLU TB 17 -6.00 24.08 39.24
CA GLU TB 17 -5.69 22.83 39.92
C GLU TB 17 -6.60 21.70 39.42
N GLU TB 18 -7.89 22.02 39.26
CA GLU TB 18 -8.86 21.04 38.78
C GLU TB 18 -8.49 20.57 37.38
N PHE TB 19 -8.07 21.50 36.54
CA PHE TB 19 -7.68 21.18 35.17
C PHE TB 19 -6.50 20.24 35.18
N PHE TB 20 -5.53 20.48 36.06
CA PHE TB 20 -4.36 19.61 36.14
C PHE TB 20 -4.79 18.19 36.54
N GLN TB 21 -5.70 18.12 37.51
CA GLN TB 21 -6.18 16.81 37.95
C GLN TB 21 -6.87 16.07 36.81
N PHE TB 22 -7.68 16.80 36.05
CA PHE TB 22 -8.40 16.22 34.92
C PHE TB 22 -7.42 15.70 33.87
N LEU TB 23 -6.37 16.48 33.63
CA LEU TB 23 -5.36 16.09 32.65
C LEU TB 23 -4.68 14.80 33.07
N TYR TB 24 -4.38 14.67 34.37
CA TYR TB 24 -3.73 13.44 34.84
C TYR TB 24 -4.65 12.23 34.61
N PRO TB 25 -5.93 12.42 34.90
CA PRO TB 25 -6.90 11.34 34.72
C PRO TB 25 -6.97 10.95 33.24
N LYS TB 26 -6.96 11.94 32.36
CA LYS TB 26 -7.02 11.70 30.92
C LYS TB 26 -5.79 10.92 30.46
N THR TB 27 -4.64 11.29 31.01
CA THR TB 27 -3.38 10.64 30.69
C THR TB 27 -3.38 9.17 31.09
N GLY TB 28 -3.97 8.83 32.24
CA GLY TB 28 -3.97 7.44 32.66
C GLY TB 28 -4.70 6.44 31.78
N VAL TB 29 -5.86 6.87 31.28
CA VAL TB 29 -6.78 6.12 30.43
C VAL TB 29 -6.35 6.05 28.96
N THR TB 30 -5.11 6.42 28.66
CA THR TB 30 -4.65 6.39 27.26
C THR TB 30 -4.72 5.03 26.52
N GLY TB 31 -4.34 3.91 27.16
CA GLY TB 31 -4.39 2.63 26.52
C GLY TB 31 -5.78 2.08 26.26
N PRO TB 32 -6.70 2.15 27.23
CA PRO TB 32 -7.88 1.28 27.20
C PRO TB 32 -9.12 1.85 26.54
N TYR TB 33 -9.03 2.97 25.82
CA TYR TB 33 -10.21 3.63 25.26
C TYR TB 33 -10.42 3.29 23.78
N VAL TB 34 -11.54 2.66 23.46
CA VAL TB 34 -11.82 2.23 22.09
C VAL TB 34 -13.20 2.68 21.66
N LEU TB 35 -13.77 3.66 22.37
CA LEU TB 35 -15.15 4.11 22.12
C LEU TB 35 -15.20 5.37 21.26
N GLY TB 36 -14.56 6.45 21.70
CA GLY TB 36 -14.74 7.74 21.05
C GLY TB 36 -14.10 7.79 19.67
N THR TB 37 -12.97 7.11 19.49
CA THR TB 37 -12.23 7.22 18.23
C THR TB 37 -12.89 6.42 17.11
N GLY TB 38 -13.93 5.65 17.44
CA GLY TB 38 -14.76 5.09 16.39
C GLY TB 38 -15.76 6.10 15.84
N LEU TB 39 -16.21 7.03 16.68
CA LEU TB 39 -17.29 7.93 16.27
C LEU TB 39 -16.81 9.38 16.16
N ILE TB 40 -15.53 9.63 16.41
CA ILE TB 40 -15.04 11.00 16.30
C ILE TB 40 -14.79 11.38 14.85
N LEU TB 41 -14.96 10.42 13.94
CA LEU TB 41 -14.72 10.71 12.53
C LEU TB 41 -15.98 11.23 11.84
N TYR TB 42 -17.14 10.68 12.19
CA TYR TB 42 -18.38 11.13 11.58
C TYR TB 42 -18.71 12.56 11.99
N LEU TB 43 -18.28 12.96 13.19
CA LEU TB 43 -18.36 14.36 13.57
C LEU TB 43 -17.17 15.15 13.04
N LEU TB 44 -16.22 14.48 12.39
CA LEU TB 44 -15.15 15.20 11.71
C LEU TB 44 -15.38 15.21 10.20
N SER TB 45 -16.16 14.26 9.69
CA SER TB 45 -16.44 14.24 8.26
C SER TB 45 -17.66 15.09 7.93
N LYS TB 46 -18.72 14.99 8.74
CA LYS TB 46 -19.91 15.81 8.50
C LYS TB 46 -19.63 17.26 8.81
N GLU TB 47 -18.70 17.52 9.74
CA GLU TB 47 -18.26 18.90 9.97
C GLU TB 47 -17.40 19.40 8.83
N ILE TB 48 -16.91 18.47 7.99
CA ILE TB 48 -16.28 18.87 6.75
C ILE TB 48 -17.31 18.95 5.62
N TYR TB 49 -18.60 18.66 5.91
CA TYR TB 49 -19.59 18.80 4.85
C TYR TB 49 -20.36 20.11 4.94
N VAL TB 50 -21.24 20.26 5.94
CA VAL TB 50 -22.24 21.32 5.83
C VAL TB 50 -22.60 22.09 7.10
N ILE TB 51 -22.08 21.68 8.26
CA ILE TB 51 -22.81 21.94 9.50
C ILE TB 51 -22.50 23.32 10.07
N THR TB 52 -21.78 24.17 9.32
CA THR TB 52 -21.49 25.51 9.83
C THR TB 52 -22.49 26.52 9.30
N ALA TB 53 -23.05 27.32 10.21
CA ALA TB 53 -24.05 28.33 9.89
C ALA TB 53 -24.09 29.35 11.02
N GLU TB 54 -25.18 30.12 11.08
CA GLU TB 54 -25.48 30.97 12.23
C GLU TB 54 -26.20 30.17 13.32
N THR TB 55 -25.44 29.24 13.90
CA THR TB 55 -25.94 28.39 14.96
C THR TB 55 -24.87 28.21 16.02
N PHE TB 56 -24.24 29.31 16.45
CA PHE TB 56 -23.55 29.30 17.73
C PHE TB 56 -24.53 29.48 18.88
N SER TB 57 -25.79 29.81 18.56
CA SER TB 57 -26.86 29.77 19.54
C SER TB 57 -27.46 28.38 19.65
N ALA TB 58 -26.85 27.42 18.96
CA ALA TB 58 -27.20 26.03 19.19
C ALA TB 58 -26.57 25.51 20.47
N ILE TB 59 -25.35 25.98 20.76
CA ILE TB 59 -24.64 25.51 21.94
C ILE TB 59 -25.19 26.16 23.20
N SER TB 60 -25.58 27.43 23.11
CA SER TB 60 -26.01 28.17 24.28
C SER TB 60 -27.41 27.78 24.73
N THR TB 61 -28.19 27.19 23.83
CA THR TB 61 -29.46 26.59 24.23
C THR TB 61 -29.25 25.16 24.66
N ILE TB 62 -28.04 24.64 24.46
CA ILE TB 62 -27.68 23.33 25.00
C ILE TB 62 -26.76 23.50 26.21
N GLY TB 63 -26.16 24.69 26.35
CA GLY TB 63 -25.38 24.96 27.56
C GLY TB 63 -26.23 25.28 28.77
N VAL TB 64 -27.33 26.00 28.56
CA VAL TB 64 -28.25 26.30 29.66
C VAL TB 64 -28.97 25.04 30.11
N LEU TB 65 -29.20 24.11 29.18
CA LEU TB 65 -29.83 22.85 29.59
C LEU TB 65 -28.85 21.91 30.30
N VAL TB 66 -27.59 22.29 30.43
CA VAL TB 66 -26.68 21.52 31.28
C VAL TB 66 -26.77 21.99 32.73
N TYR TB 67 -26.94 23.31 32.94
CA TYR TB 67 -27.07 23.84 34.30
C TYR TB 67 -28.33 23.37 35.02
N ILE TB 68 -29.33 22.90 34.27
CA ILE TB 68 -30.56 22.46 34.91
C ILE TB 68 -30.42 20.99 35.31
N VAL TB 69 -29.41 20.31 34.78
CA VAL TB 69 -29.12 18.95 35.23
C VAL TB 69 -28.54 18.97 36.65
N LYS TB 70 -27.88 20.07 37.03
CA LYS TB 70 -27.46 20.32 38.41
C LYS TB 70 -28.64 20.29 39.38
N LYS TB 71 -29.67 21.09 39.10
CA LYS TB 71 -30.83 21.14 39.98
C LYS TB 71 -31.73 19.93 39.77
N TYR TB 72 -31.47 19.13 38.73
CA TYR TB 72 -32.27 17.93 38.51
C TYR TB 72 -31.95 16.86 39.54
N GLY TB 73 -30.73 16.90 40.09
CA GLY TB 73 -30.41 16.01 41.19
C GLY TB 73 -31.06 16.42 42.49
N ALA TB 74 -31.67 17.62 42.51
CA ALA TB 74 -32.57 17.97 43.61
C ALA TB 74 -34.02 17.81 43.18
N SER TB 75 -34.27 17.64 41.89
CA SER TB 75 -35.63 17.42 41.42
C SER TB 75 -36.07 16.00 41.69
N ILE TB 76 -35.05 15.13 41.81
CA ILE TB 76 -35.23 13.72 42.11
C ILE TB 76 -35.78 13.57 43.52
N GLY TB 77 -35.22 14.34 44.44
CA GLY TB 77 -35.67 14.28 45.82
C GLY TB 77 -37.11 14.72 45.86
N ALA TB 78 -37.41 15.78 45.12
CA ALA TB 78 -38.77 16.29 45.05
C ALA TB 78 -39.67 15.24 44.41
N PHE TB 79 -39.16 14.61 43.36
CA PHE TB 79 -39.90 13.56 42.67
C PHE TB 79 -40.12 12.39 43.62
N ALA TB 80 -39.08 12.02 44.36
CA ALA TB 80 -39.19 10.93 45.32
C ALA TB 80 -40.19 11.31 46.40
N ASP TB 81 -40.09 12.55 46.86
CA ASP TB 81 -41.00 13.07 47.87
C ASP TB 81 -42.42 13.12 47.33
N LYS TB 82 -42.56 13.51 46.07
CA LYS TB 82 -43.89 13.58 45.47
C LYS TB 82 -44.46 12.17 45.49
N LEU TB 83 -45.71 12.11 45.98
CA LEU TB 83 -46.56 10.91 46.14
C LEU TB 83 -46.23 10.04 47.36
N ASN TB 84 -45.21 10.42 48.11
CA ASN TB 84 -44.86 9.70 49.33
C ASN TB 84 -46.04 9.95 50.22
N GLU TB 85 -46.53 11.19 50.17
CA GLU TB 85 -47.70 11.58 50.95
C GLU TB 85 -48.90 10.87 50.35
N GLN TB 86 -48.96 10.82 49.02
CA GLN TB 86 -50.08 10.16 48.33
C GLN TB 86 -50.11 8.68 48.64
N LYS TB 87 -48.96 8.01 48.60
CA LYS TB 87 -48.96 6.58 48.94
C LYS TB 87 -49.29 6.45 50.42
N ILE TB 88 -48.72 7.32 51.24
CA ILE TB 88 -49.05 7.32 52.66
C ILE TB 88 -50.52 7.72 52.70
N ALA TB 89 -50.90 8.69 51.88
CA ALA TB 89 -52.31 9.05 51.87
C ALA TB 89 -53.19 7.82 51.68
N GLN TB 90 -52.64 6.76 51.07
CA GLN TB 90 -53.41 5.55 50.88
C GLN TB 90 -53.20 4.57 52.05
N LEU TB 91 -52.09 4.73 52.77
CA LEU TB 91 -51.81 3.82 53.88
C LEU TB 91 -52.69 4.13 55.07
N GLU TB 92 -53.23 5.35 55.14
CA GLU TB 92 -54.05 5.73 56.29
C GLU TB 92 -55.43 5.07 56.21
N GLU TB 93 -55.92 4.81 55.00
CA GLU TB 93 -57.27 4.26 54.86
C GLU TB 93 -57.28 2.76 55.08
N VAL TB 94 -56.20 2.07 54.69
CA VAL TB 94 -56.12 0.63 54.91
C VAL TB 94 -55.84 0.34 56.38
N LYS TB 95 -55.27 1.32 57.09
CA LYS TB 95 -54.99 1.10 58.51
C LYS TB 95 -56.20 1.46 59.37
N GLN TB 96 -56.96 2.47 58.98
CA GLN TB 96 -58.04 2.93 59.84
C GLN TB 96 -59.22 1.97 59.79
N ALA TB 97 -59.46 1.34 58.63
CA ALA TB 97 -60.72 0.62 58.43
C ALA TB 97 -60.72 -0.71 59.16
N SER TB 98 -59.54 -1.34 59.25
CA SER TB 98 -59.44 -2.63 59.93
C SER TB 98 -59.57 -2.47 61.44
N ILE TB 99 -58.80 -1.53 62.01
CA ILE TB 99 -58.68 -1.44 63.47
C ILE TB 99 -59.95 -0.86 64.08
N LYS TB 100 -60.66 -0.01 63.33
CA LYS TB 100 -61.89 0.57 63.84
C LYS TB 100 -63.03 -0.45 63.85
N GLN TB 101 -62.88 -1.54 63.09
CA GLN TB 101 -63.95 -2.52 62.98
C GLN TB 101 -63.71 -3.73 63.87
N ILE TB 102 -62.45 -4.18 63.97
CA ILE TB 102 -62.15 -5.45 64.62
C ILE TB 102 -62.38 -5.35 66.13
N GLN TB 103 -62.23 -4.15 66.69
CA GLN TB 103 -62.54 -3.98 68.11
C GLN TB 103 -64.05 -3.88 68.30
N ASP TB 104 -64.75 -3.31 67.31
CA ASP TB 104 -66.20 -3.19 67.37
C ASP TB 104 -66.88 -4.55 67.32
N ALA TB 105 -66.25 -5.51 66.65
CA ALA TB 105 -66.79 -6.87 66.62
C ALA TB 105 -66.54 -7.59 67.93
N ILE TB 106 -65.58 -7.09 68.72
CA ILE TB 106 -65.22 -7.78 69.96
C ILE TB 106 -66.01 -7.20 71.13
N ASP TB 107 -66.20 -5.87 71.17
CA ASP TB 107 -66.93 -5.29 72.29
C ASP TB 107 -68.43 -5.54 72.19
N LEU TB 108 -68.99 -5.50 70.97
CA LEU TB 108 -70.42 -5.71 70.82
C LEU TB 108 -70.78 -7.18 71.02
N GLU TB 109 -69.83 -8.09 70.82
CA GLU TB 109 -70.05 -9.47 71.24
C GLU TB 109 -69.97 -9.60 72.75
N LYS TB 110 -68.95 -8.98 73.36
CA LYS TB 110 -68.76 -9.12 74.80
C LYS TB 110 -69.70 -8.22 75.58
N SER TB 111 -70.39 -7.30 74.91
CA SER TB 111 -71.42 -6.52 75.61
C SER TB 111 -72.65 -7.37 75.88
N GLN TB 112 -72.98 -8.29 74.98
CA GLN TB 112 -74.09 -9.20 75.21
C GLN TB 112 -73.64 -10.41 76.02
N GLN TB 113 -72.34 -10.72 75.96
CA GLN TB 113 -71.80 -11.82 76.75
C GLN TB 113 -71.84 -11.52 78.25
N ALA TB 114 -71.30 -10.38 78.66
CA ALA TB 114 -71.27 -10.05 80.08
C ALA TB 114 -72.61 -9.54 80.57
N LEU TB 115 -73.54 -9.22 79.65
CA LEU TB 115 -74.87 -8.79 80.07
C LEU TB 115 -75.68 -9.94 80.63
N VAL TB 116 -75.59 -11.12 80.01
CA VAL TB 116 -76.43 -12.24 80.43
C VAL TB 116 -75.89 -12.87 81.69
N GLN TB 117 -74.63 -12.57 82.03
CA GLN TB 117 -74.14 -12.88 83.37
C GLN TB 117 -74.59 -11.84 84.38
N LYS TB 118 -75.04 -10.66 83.92
CA LYS TB 118 -75.62 -9.69 84.82
C LYS TB 118 -77.13 -9.90 84.96
N ARG TB 119 -77.74 -10.59 83.99
CA ARG TB 119 -79.17 -10.86 84.08
C ARG TB 119 -79.46 -11.97 85.09
N HIS TB 120 -78.51 -12.88 85.29
CA HIS TB 120 -78.76 -14.01 86.18
C HIS TB 120 -78.41 -13.66 87.62
N TYR TB 121 -77.67 -12.57 87.84
CA TYR TB 121 -77.37 -12.14 89.19
C TYR TB 121 -78.61 -11.64 89.91
N LEU TB 122 -79.53 -11.00 89.18
CA LEU TB 122 -80.71 -10.41 89.84
C LEU TB 122 -81.74 -11.48 90.18
N PHE TB 123 -81.56 -12.70 89.66
CA PHE TB 123 -82.49 -13.78 89.98
C PHE TB 123 -81.95 -14.66 91.11
N ASP TB 124 -80.65 -14.65 91.35
CA ASP TB 124 -80.13 -15.24 92.58
C ASP TB 124 -80.48 -14.37 93.78
N VAL TB 125 -80.49 -13.05 93.59
CA VAL TB 125 -80.76 -12.13 94.70
C VAL TB 125 -82.26 -12.12 95.02
N GLN TB 126 -83.11 -12.25 94.00
CA GLN TB 126 -84.54 -12.27 94.26
C GLN TB 126 -84.98 -13.57 94.93
N ARG TB 127 -84.30 -14.68 94.60
CA ARG TB 127 -84.77 -15.99 95.08
C ARG TB 127 -84.43 -16.21 96.54
N ASN TB 128 -83.39 -15.55 97.05
CA ASN TB 128 -83.04 -15.75 98.45
C ASN TB 128 -83.66 -14.67 99.33
N ASN TB 129 -83.98 -13.51 98.76
CA ASN TB 129 -84.58 -12.43 99.53
C ASN TB 129 -86.01 -12.76 99.93
N ILE TB 130 -86.80 -13.28 99.00
CA ILE TB 130 -88.18 -13.62 99.33
C ILE TB 130 -88.24 -14.92 100.13
N ALA TB 131 -87.24 -15.79 99.96
CA ALA TB 131 -87.18 -17.00 100.77
C ALA TB 131 -86.82 -16.68 102.22
N MET TB 132 -86.05 -15.61 102.43
CA MET TB 132 -85.66 -15.25 103.79
C MET TB 132 -86.69 -14.33 104.45
N ALA TB 133 -87.29 -13.42 103.68
CA ALA TB 133 -88.26 -12.49 104.24
C ALA TB 133 -89.56 -13.20 104.63
N LEU TB 134 -89.86 -14.31 103.96
CA LEU TB 134 -90.94 -15.18 104.42
C LEU TB 134 -90.52 -15.94 105.68
N GLU TB 135 -89.23 -16.25 105.78
CA GLU TB 135 -88.76 -17.07 106.88
C GLU TB 135 -88.57 -16.25 108.16
N VAL TB 136 -88.40 -14.94 108.02
CA VAL TB 136 -88.21 -14.10 109.22
C VAL TB 136 -89.53 -13.94 109.97
N THR TB 137 -90.65 -14.14 109.29
CA THR TB 137 -91.95 -14.01 109.95
C THR TB 137 -92.33 -15.35 110.58
N TYR TB 138 -91.59 -16.41 110.26
CA TYR TB 138 -91.94 -17.75 110.73
C TYR TB 138 -91.75 -17.90 112.24
N ARG TB 139 -90.53 -17.72 112.74
CA ARG TB 139 -90.32 -17.87 114.18
C ARG TB 139 -90.85 -16.66 114.93
N GLU TB 140 -91.00 -15.53 114.24
CA GLU TB 140 -91.59 -14.35 114.87
C GLU TB 140 -93.07 -14.57 115.14
N ARG TB 141 -93.72 -15.39 114.30
CA ARG TB 141 -95.04 -15.93 114.67
C ARG TB 141 -94.93 -16.86 115.88
N LEU TB 142 -93.85 -17.66 115.94
CA LEU TB 142 -93.66 -18.56 117.08
C LEU TB 142 -93.21 -17.81 118.32
N HIS TB 143 -92.46 -16.71 118.14
CA HIS TB 143 -91.95 -15.92 119.27
C HIS TB 143 -93.08 -15.32 120.09
N ARG TB 144 -94.11 -14.80 119.43
CA ARG TB 144 -95.17 -14.09 120.13
C ARG TB 144 -96.04 -15.06 120.93
N VAL TB 145 -96.23 -16.28 120.41
CA VAL TB 145 -96.93 -17.31 121.17
C VAL TB 145 -96.04 -17.81 122.31
N TYR TB 146 -94.72 -17.91 122.05
CA TYR TB 146 -93.76 -18.18 123.11
C TYR TB 146 -93.73 -17.07 124.14
N LYS TB 147 -93.96 -15.83 123.69
CA LYS TB 147 -94.05 -14.70 124.61
C LYS TB 147 -95.31 -14.79 125.46
N GLU TB 148 -96.44 -15.17 124.85
CA GLU TB 148 -97.72 -15.04 125.53
C GLU TB 148 -97.94 -16.17 126.53
N ILE TB 149 -97.31 -17.33 126.31
CA ILE TB 149 -97.52 -18.46 127.19
C ILE TB 149 -96.73 -18.30 128.49
N LYS TB 150 -95.75 -17.39 128.50
CA LYS TB 150 -95.05 -17.09 129.75
C LYS TB 150 -95.78 -16.02 130.54
N ASN TB 151 -96.39 -15.06 129.84
CA ASN TB 151 -96.96 -13.88 130.49
C ASN TB 151 -98.21 -14.24 131.28
N ARG TB 152 -98.94 -15.27 130.85
CA ARG TB 152 -100.06 -15.76 131.64
C ARG TB 152 -99.57 -16.61 132.80
N LEU TB 153 -98.40 -17.23 132.64
CA LEU TB 153 -97.76 -17.88 133.78
C LEU TB 153 -97.13 -16.84 134.70
N ASP TB 154 -96.57 -15.77 134.14
CA ASP TB 154 -95.88 -14.76 134.94
C ASP TB 154 -96.86 -13.96 135.80
N TYR TB 155 -98.08 -13.76 135.30
CA TYR TB 155 -99.09 -13.05 136.09
C TYR TB 155 -99.53 -13.85 137.31
N HIS TB 156 -99.54 -15.18 137.19
CA HIS TB 156 -100.05 -15.98 138.30
C HIS TB 156 -98.99 -16.19 139.37
N ILE TB 157 -97.71 -16.24 138.99
CA ILE TB 157 -96.66 -16.45 139.98
C ILE TB 157 -96.28 -15.12 140.64
N SER TB 158 -96.62 -14.00 139.99
CA SER TB 158 -96.39 -12.70 140.61
C SER TB 158 -97.54 -12.32 141.53
N VAL TB 159 -98.65 -13.04 141.44
CA VAL TB 159 -99.74 -12.86 142.40
C VAL TB 159 -99.58 -13.81 143.58
N GLN TB 160 -99.04 -15.01 143.30
CA GLN TB 160 -98.78 -15.99 144.36
C GLN TB 160 -97.74 -15.49 145.36
N ASN TB 161 -96.76 -14.72 144.89
CA ASN TB 161 -95.67 -14.30 145.76
C ASN TB 161 -96.04 -13.07 146.56
N MET TB 162 -96.85 -12.18 145.97
CA MET TB 162 -97.18 -10.92 146.65
C MET TB 162 -98.19 -11.15 147.77
N MET TB 163 -99.07 -12.14 147.62
CA MET TB 163 -100.04 -12.44 148.65
C MET TB 163 -99.42 -13.25 149.78
N ARG TB 164 -98.27 -13.89 149.51
CA ARG TB 164 -97.52 -14.51 150.60
C ARG TB 164 -96.81 -13.46 151.44
N GLN TB 165 -96.34 -12.39 150.80
CA GLN TB 165 -95.58 -11.36 151.51
C GLN TB 165 -96.47 -10.52 152.40
N LYS TB 166 -97.67 -10.19 151.91
CA LYS TB 166 -98.63 -9.44 152.72
C LYS TB 166 -99.15 -10.29 153.87
N GLU TB 167 -99.20 -11.61 153.69
CA GLU TB 167 -99.67 -12.49 154.77
C GLU TB 167 -98.57 -12.72 155.80
N GLN TB 168 -97.30 -12.71 155.36
CA GLN TB 168 -96.20 -13.06 156.24
C GLN TB 168 -95.99 -12.03 157.35
N GLU TB 169 -96.06 -10.75 157.00
CA GLU TB 169 -95.82 -9.70 158.00
C GLU TB 169 -96.95 -9.63 159.03
N HIS TB 170 -98.18 -9.91 158.61
CA HIS TB 170 -99.30 -9.90 159.55
C HIS TB 170 -99.23 -11.07 160.52
N MET TB 171 -98.72 -12.22 160.05
CA MET TB 171 -98.60 -13.40 160.89
C MET TB 171 -97.55 -13.21 161.98
N ILE TB 172 -96.51 -12.42 161.67
CA ILE TB 172 -95.45 -12.15 162.64
C ILE TB 172 -95.97 -11.23 163.75
N ARG TB 173 -96.67 -10.16 163.38
CA ARG TB 173 -97.09 -9.17 164.36
C ARG TB 173 -98.20 -9.70 165.26
N TRP TB 174 -98.95 -10.71 164.80
CA TRP TB 174 -99.99 -11.27 165.65
C TRP TB 174 -99.39 -12.06 166.81
N VAL TB 175 -98.33 -12.83 166.54
CA VAL TB 175 -97.64 -13.54 167.61
C VAL TB 175 -96.89 -12.57 168.50
N GLU TB 176 -96.43 -11.46 167.92
CA GLU TB 176 -95.59 -10.53 168.68
C GLU TB 176 -96.43 -9.63 169.57
N LYS TB 177 -97.56 -9.12 169.07
CA LYS TB 177 -98.34 -8.18 169.86
C LYS TB 177 -99.21 -8.89 170.88
N HIS TB 178 -99.35 -10.21 170.76
CA HIS TB 178 -100.16 -10.94 171.72
C HIS TB 178 -99.33 -11.40 172.91
N VAL TB 179 -98.01 -11.46 172.76
CA VAL TB 179 -97.17 -11.99 173.82
C VAL TB 179 -96.86 -10.90 174.85
N VAL TB 180 -97.18 -9.64 174.52
CA VAL TB 180 -96.90 -8.53 175.42
C VAL TB 180 -97.84 -8.58 176.62
N GLN TB 181 -99.10 -8.97 176.40
CA GLN TB 181 -100.05 -9.02 177.51
C GLN TB 181 -99.94 -10.34 178.25
N SER TB 182 -99.51 -11.40 177.57
CA SER TB 182 -99.41 -12.71 178.21
C SER TB 182 -98.26 -12.75 179.19
N ILE TB 183 -97.19 -12.01 178.92
CA ILE TB 183 -96.05 -11.99 179.84
C ILE TB 183 -96.32 -11.01 180.97
N SER TB 184 -97.27 -10.09 180.77
CA SER TB 184 -97.50 -9.05 181.76
C SER TB 184 -98.45 -9.53 182.86
N ALA TB 185 -99.27 -10.53 182.57
CA ALA TB 185 -100.36 -10.89 183.47
C ALA TB 185 -99.89 -11.80 184.60
N GLN TB 186 -98.78 -12.51 184.39
CA GLN TB 186 -98.38 -13.57 185.32
C GLN TB 186 -97.83 -12.99 186.61
N GLN TB 187 -98.18 -13.63 187.73
CA GLN TB 187 -97.74 -13.18 189.04
C GLN TB 187 -97.21 -14.29 189.93
N GLU TB 188 -97.50 -15.56 189.63
CA GLU TB 188 -96.95 -16.66 190.41
C GLU TB 188 -95.65 -17.18 189.81
N LYS TB 189 -95.57 -17.24 188.47
CA LYS TB 189 -94.40 -17.80 187.82
C LYS TB 189 -93.20 -16.84 187.88
N GLU TB 190 -93.44 -15.57 188.21
CA GLU TB 190 -92.32 -14.63 188.35
C GLU TB 190 -91.46 -14.99 189.55
N THR TB 191 -92.07 -15.51 190.62
CA THR TB 191 -91.29 -15.97 191.76
C THR TB 191 -90.52 -17.23 191.41
N ILE TB 192 -91.08 -18.06 190.52
CA ILE TB 192 -90.30 -19.15 189.93
C ILE TB 192 -89.19 -18.60 189.05
N ALA TB 193 -89.45 -17.48 188.37
CA ALA TB 193 -88.46 -16.92 187.45
C ALA TB 193 -87.31 -16.27 188.20
N LYS TB 194 -87.53 -15.87 189.45
CA LYS TB 194 -86.47 -15.19 190.18
C LYS TB 194 -85.46 -16.17 190.75
N CYS TB 195 -85.92 -17.33 191.21
CA CYS TB 195 -85.02 -18.28 191.85
C CYS TB 195 -84.09 -18.94 190.84
N ILE TB 196 -84.56 -19.10 189.60
CA ILE TB 196 -83.66 -19.59 188.56
C ILE TB 196 -82.70 -18.48 188.12
N ALA TB 197 -83.15 -17.22 188.19
CA ALA TB 197 -82.27 -16.08 187.93
C ALA TB 197 -81.19 -15.96 189.00
N ASP TB 198 -81.51 -16.36 190.24
CA ASP TB 198 -80.46 -16.50 191.25
C ASP TB 198 -79.55 -17.68 190.94
N LEU TB 199 -80.13 -18.79 190.48
CA LEU TB 199 -79.34 -19.99 190.26
C LEU TB 199 -78.46 -19.86 189.03
N LYS TB 200 -78.90 -19.07 188.04
CA LYS TB 200 -78.03 -18.78 186.90
C LYS TB 200 -76.85 -17.92 187.33
N LEU TB 201 -77.08 -16.94 188.21
CA LEU TB 201 -75.99 -16.11 188.71
C LEU TB 201 -75.11 -16.89 189.67
N LEU TB 202 -75.71 -17.80 190.45
CA LEU TB 202 -74.93 -18.72 191.26
C LEU TB 202 -74.09 -19.64 190.38
N ALA TB 203 -74.64 -20.06 189.24
CA ALA TB 203 -73.85 -20.83 188.28
C ALA TB 203 -72.83 -19.96 187.56
N LYS TB 204 -73.14 -18.66 187.41
CA LYS TB 204 -72.29 -17.81 186.58
C LYS TB 204 -70.97 -17.48 187.26
N LYS TB 205 -71.00 -17.17 188.55
CA LYS TB 205 -69.77 -16.80 189.23
C LYS TB 205 -68.91 -18.03 189.52
N ALA TB 206 -69.51 -19.22 189.45
CA ALA TB 206 -68.77 -20.44 189.76
C ALA TB 206 -67.78 -20.79 188.66
N GLN TB 207 -68.12 -20.49 187.41
CA GLN TB 207 -67.22 -20.85 186.32
C GLN TB 207 -66.13 -19.80 186.14
N ALA TB 208 -66.33 -18.60 186.70
CA ALA TB 208 -65.28 -17.58 186.62
C ALA TB 208 -64.13 -17.91 187.57
N GLN TB 209 -64.45 -18.13 188.84
CA GLN TB 209 -63.45 -18.50 189.84
C GLN TB 209 -63.74 -19.89 190.41
N VAL UB 1 -83.79 -18.04 178.10
CA VAL UB 1 -85.19 -17.75 178.35
C VAL UB 1 -86.10 -18.79 177.68
N GLN UB 2 -85.97 -20.04 178.11
CA GLN UB 2 -86.78 -21.11 177.52
C GLN UB 2 -88.24 -21.00 177.96
N LYS UB 3 -88.50 -20.24 179.02
CA LYS UB 3 -89.89 -19.91 179.35
C LYS UB 3 -90.46 -18.90 178.36
N LEU UB 4 -89.60 -18.18 177.65
CA LEU UB 4 -90.08 -17.34 176.56
C LEU UB 4 -90.08 -18.13 175.25
N PHE UB 5 -89.27 -19.19 175.19
CA PHE UB 5 -89.26 -20.07 174.03
C PHE UB 5 -90.60 -20.80 173.87
N VAL UB 6 -91.20 -21.20 174.99
CA VAL UB 6 -92.49 -21.88 174.90
C VAL UB 6 -93.60 -20.88 174.64
N ASP UB 7 -93.40 -19.61 175.01
CA ASP UB 7 -94.52 -18.67 175.02
C ASP UB 7 -94.69 -17.95 173.68
N LYS UB 8 -93.74 -18.12 172.77
CA LYS UB 8 -93.92 -17.57 171.43
C LYS UB 8 -94.26 -18.66 170.42
N ILE UB 9 -94.05 -19.92 170.79
CA ILE UB 9 -94.56 -21.03 169.98
C ILE UB 9 -96.04 -21.25 170.27
N ARG UB 10 -96.43 -21.15 171.54
CA ARG UB 10 -97.82 -21.44 171.91
C ARG UB 10 -98.77 -20.36 171.45
N GLU UB 11 -98.29 -19.13 171.28
CA GLU UB 11 -99.11 -18.11 170.61
C GLU UB 11 -98.76 -17.99 169.14
N TYR UB 12 -97.99 -18.94 168.61
CA TYR UB 12 -97.96 -19.12 167.16
C TYR UB 12 -98.99 -20.15 166.73
N ARG UB 13 -99.23 -21.16 167.58
CA ARG UB 13 -100.24 -22.18 167.28
C ARG UB 13 -101.64 -21.59 167.24
N THR UB 14 -101.88 -20.53 168.02
CA THR UB 14 -103.18 -19.86 167.99
C THR UB 14 -103.40 -19.17 166.64
N LYS UB 15 -102.32 -18.71 166.01
CA LYS UB 15 -102.42 -18.14 164.66
C LYS UB 15 -102.70 -19.23 163.63
N ARG UB 16 -102.38 -20.48 163.94
CA ARG UB 16 -102.65 -21.56 162.99
C ARG UB 16 -104.11 -21.99 163.02
N GLN UB 17 -104.94 -21.34 163.85
CA GLN UB 17 -106.38 -21.49 163.74
C GLN UB 17 -106.97 -20.33 162.96
N THR UB 18 -107.13 -20.52 161.66
CA THR UB 18 -107.49 -19.44 160.76
C THR UB 18 -108.65 -19.90 159.90
N SER UB 19 -109.57 -18.97 159.60
CA SER UB 19 -110.73 -19.22 158.77
C SER UB 19 -110.65 -18.53 157.41
N GLY UB 20 -110.45 -17.22 157.39
CA GLY UB 20 -110.55 -16.49 156.14
C GLY UB 20 -109.44 -15.52 155.79
N GLY UB 21 -108.19 -15.85 156.11
CA GLY UB 21 -107.08 -14.97 155.83
C GLY UB 21 -106.57 -14.23 157.05
N PRO UB 22 -106.95 -12.97 157.20
CA PRO UB 22 -106.56 -12.21 158.39
C PRO UB 22 -107.52 -12.38 159.56
N VAL UB 23 -106.96 -12.25 160.76
CA VAL UB 23 -107.78 -12.31 161.96
C VAL UB 23 -108.33 -10.94 162.33
N ASP UB 24 -107.53 -9.89 162.24
CA ASP UB 24 -107.98 -8.55 162.59
C ASP UB 24 -107.77 -7.58 161.45
N ALA UB 25 -108.12 -8.00 160.23
CA ALA UB 25 -107.96 -7.12 159.08
C ALA UB 25 -108.96 -5.96 159.12
N GLY UB 26 -110.25 -6.27 159.09
CA GLY UB 26 -111.27 -5.25 159.05
C GLY UB 26 -111.26 -4.48 157.75
N PRO UB 27 -111.06 -3.17 157.82
CA PRO UB 27 -110.93 -2.37 156.60
C PRO UB 27 -109.47 -2.16 156.21
N GLU UB 28 -108.57 -2.68 157.04
CA GLU UB 28 -107.14 -2.46 156.81
C GLU UB 28 -106.58 -3.44 155.78
N TYR UB 29 -106.68 -4.74 156.06
CA TYR UB 29 -106.06 -5.73 155.19
C TYR UB 29 -106.87 -5.91 153.92
N GLN UB 30 -108.17 -5.61 153.97
CA GLN UB 30 -109.01 -5.75 152.79
C GLN UB 30 -108.70 -4.66 151.76
N GLN UB 31 -108.35 -3.47 152.22
CA GLN UB 31 -108.02 -2.39 151.30
C GLN UB 31 -106.60 -2.51 150.78
N ASP UB 32 -105.67 -2.94 151.64
CA ASP UB 32 -104.26 -2.98 151.26
C ASP UB 32 -103.96 -4.11 150.29
N LEU UB 33 -104.58 -5.29 150.51
CA LEU UB 33 -104.34 -6.41 149.61
C LEU UB 33 -105.09 -6.23 148.29
N ASP UB 34 -106.07 -5.32 148.27
CA ASP UB 34 -106.74 -4.98 147.01
C ASP UB 34 -106.05 -3.82 146.31
N ARG UB 35 -105.40 -2.94 147.08
CA ARG UB 35 -104.61 -1.88 146.46
C ARG UB 35 -103.35 -2.45 145.82
N GLU UB 36 -102.77 -3.48 146.44
CA GLU UB 36 -101.55 -4.07 145.91
C GLU UB 36 -101.85 -5.02 144.76
N LEU UB 37 -103.03 -5.64 144.76
CA LEU UB 37 -103.38 -6.56 143.69
C LEU UB 37 -103.65 -5.82 142.38
N PHE UB 38 -104.06 -4.57 142.46
CA PHE UB 38 -104.20 -3.75 141.26
C PHE UB 38 -102.84 -3.37 140.71
N LYS UB 39 -101.88 -3.06 141.58
CA LYS UB 39 -100.60 -2.52 141.14
C LYS UB 39 -99.73 -3.59 140.49
N LEU UB 40 -100.00 -4.87 140.79
CA LEU UB 40 -99.33 -5.95 140.07
C LEU UB 40 -100.00 -6.21 138.71
N LYS UB 41 -101.08 -5.50 138.43
CA LYS UB 41 -101.77 -5.59 137.15
C LYS UB 41 -101.93 -4.25 136.44
N GLN UB 42 -101.70 -3.13 137.14
CA GLN UB 42 -102.01 -1.82 136.57
C GLN UB 42 -101.02 -1.43 135.48
N MET UB 43 -99.74 -1.27 135.85
CA MET UB 43 -98.71 -0.97 134.88
C MET UB 43 -98.15 -2.24 134.23
N TYR UB 44 -98.69 -3.41 134.57
CA TYR UB 44 -98.22 -4.66 133.97
C TYR UB 44 -99.02 -5.02 132.73
N GLY UB 45 -100.33 -5.10 132.84
CA GLY UB 45 -101.16 -5.40 131.70
C GLY UB 45 -102.47 -6.04 132.11
N LYS UB 46 -103.36 -6.17 131.13
CA LYS UB 46 -104.67 -6.80 131.30
C LYS UB 46 -104.55 -8.23 130.76
N ALA UB 47 -104.54 -9.20 131.67
CA ALA UB 47 -104.32 -10.59 131.30
C ALA UB 47 -105.33 -11.48 132.01
N ASP UB 48 -105.95 -12.37 131.24
CA ASP UB 48 -106.89 -13.35 131.77
C ASP UB 48 -106.14 -14.56 132.31
N MET UB 49 -106.85 -15.64 132.59
CA MET UB 49 -106.25 -16.77 133.28
C MET UB 49 -105.60 -17.79 132.34
N ASN UB 50 -106.26 -18.12 131.22
CA ASN UB 50 -105.83 -19.24 130.41
C ASN UB 50 -105.88 -18.97 128.91
N THR UB 51 -106.15 -17.74 128.48
CA THR UB 51 -106.36 -17.45 127.06
C THR UB 51 -105.04 -17.54 126.31
N PHE UB 52 -105.02 -18.31 125.23
CA PHE UB 52 -103.84 -18.57 124.43
C PHE UB 52 -103.52 -17.38 123.55
N PRO UB 53 -102.45 -17.45 122.75
CA PRO UB 53 -102.13 -16.35 121.84
C PRO UB 53 -102.97 -16.42 120.57
N ASN UB 54 -103.73 -15.37 120.29
CA ASN UB 54 -104.63 -15.31 119.15
C ASN UB 54 -104.28 -14.09 118.29
N PHE UB 55 -103.63 -14.34 117.16
CA PHE UB 55 -103.22 -13.28 116.24
C PHE UB 55 -102.99 -13.89 114.87
N THR UB 56 -102.44 -13.09 113.95
CA THR UB 56 -102.17 -13.50 112.58
C THR UB 56 -101.21 -12.50 111.95
N PHE UB 57 -100.23 -13.02 111.21
CA PHE UB 57 -99.18 -12.21 110.62
C PHE UB 57 -99.22 -12.30 109.10
N GLU UB 58 -98.92 -11.19 108.44
CA GLU UB 58 -98.83 -11.13 106.99
C GLU UB 58 -97.41 -10.74 106.57
N ASP UB 59 -96.87 -11.46 105.59
CA ASP UB 59 -95.49 -11.28 105.18
C ASP UB 59 -95.37 -10.20 104.10
N PRO UB 60 -94.15 -9.91 103.64
CA PRO UB 60 -93.98 -8.86 102.62
C PRO UB 60 -94.36 -9.38 101.24
N LYS UB 61 -95.19 -8.60 100.55
CA LYS UB 61 -95.65 -8.99 99.22
C LYS UB 61 -94.50 -8.87 98.22
N PHE UB 62 -94.28 -9.94 97.46
CA PHE UB 62 -93.14 -10.04 96.55
C PHE UB 62 -93.49 -9.40 95.22
N GLU UB 63 -93.13 -8.13 95.07
CA GLU UB 63 -93.31 -7.44 93.81
C GLU UB 63 -92.30 -7.93 92.77
N ALA UB 64 -92.59 -7.62 91.52
CA ALA UB 64 -91.72 -7.99 90.41
C ALA UB 64 -91.01 -6.75 89.88
N VAL UB 65 -90.00 -6.98 89.04
CA VAL UB 65 -89.22 -5.91 88.44
C VAL UB 65 -89.37 -6.01 86.92
N GLU UB 66 -89.81 -4.92 86.30
CA GLU UB 66 -89.95 -4.85 84.86
C GLU UB 66 -88.63 -4.44 84.23
N LYS UB 67 -88.24 -5.14 83.16
CA LYS UB 67 -86.93 -4.92 82.59
C LYS UB 67 -86.85 -5.29 81.11
N PRO UB 68 -87.05 -4.34 80.20
CA PRO UB 68 -86.61 -4.56 78.82
C PRO UB 68 -85.10 -4.55 78.75
N GLN UB 69 -84.54 -5.55 78.09
CA GLN UB 69 -83.12 -5.84 78.23
C GLN UB 69 -82.53 -6.06 76.85
N SER UB 70 -81.30 -6.60 76.82
CA SER UB 70 -80.46 -6.75 75.63
C SER UB 70 -80.27 -5.42 74.90
N ARG VB 1 -83.40 -27.09 110.98
CA ARG VB 1 -82.92 -25.75 110.70
C ARG VB 1 -83.08 -25.38 109.23
N LYS VB 2 -84.28 -24.92 108.87
CA LYS VB 2 -84.59 -24.60 107.49
C LYS VB 2 -83.96 -23.27 107.11
N LEU VB 3 -82.84 -23.32 106.41
CA LEU VB 3 -82.12 -22.11 106.03
C LEU VB 3 -81.42 -22.34 104.71
N ALA VB 4 -81.42 -21.33 103.85
CA ALA VB 4 -80.80 -21.45 102.55
C ALA VB 4 -79.52 -20.63 102.48
N LEU VB 5 -78.58 -21.11 101.68
CA LEU VB 5 -77.37 -20.37 101.35
C LEU VB 5 -77.60 -19.59 100.05
N LYS VB 6 -76.52 -19.05 99.48
CA LYS VB 6 -76.59 -18.24 98.28
C LYS VB 6 -75.20 -18.25 97.64
N ALA VB 7 -74.99 -17.33 96.70
CA ALA VB 7 -73.69 -17.09 96.10
C ALA VB 7 -73.22 -15.69 96.46
N ILE VB 8 -71.96 -15.41 96.17
CA ILE VB 8 -71.38 -14.08 96.38
C ILE VB 8 -71.88 -13.19 95.25
N ASP VB 9 -72.87 -12.35 95.54
CA ASP VB 9 -73.53 -11.54 94.54
C ASP VB 9 -73.66 -10.08 94.97
N TRP VB 10 -72.56 -9.42 95.35
CA TRP VB 10 -72.66 -8.05 95.84
C TRP VB 10 -71.98 -7.07 94.89
N VAL VB 11 -71.06 -7.56 94.05
CA VAL VB 11 -70.21 -6.65 93.27
C VAL VB 11 -70.96 -6.05 92.09
N ALA VB 12 -71.45 -6.89 91.17
CA ALA VB 12 -72.07 -6.37 89.95
C ALA VB 12 -73.59 -6.39 90.04
N PHE VB 13 -74.13 -6.76 91.21
CA PHE VB 13 -75.59 -6.85 91.34
C PHE VB 13 -76.23 -5.46 91.41
N GLY VB 14 -75.45 -4.46 91.83
CA GLY VB 14 -75.92 -3.09 91.72
C GLY VB 14 -75.70 -2.52 90.34
N GLU VB 15 -74.98 -3.26 89.49
CA GLU VB 15 -74.73 -2.89 88.11
C GLU VB 15 -75.69 -3.57 87.14
N ILE VB 16 -76.96 -3.77 87.54
CA ILE VB 16 -77.98 -4.44 86.75
C ILE VB 16 -78.23 -3.73 85.43
N ILE VB 17 -78.07 -2.40 85.45
CA ILE VB 17 -78.17 -1.49 84.30
C ILE VB 17 -79.55 -1.57 83.66
N PRO VB 18 -80.59 -1.09 84.36
CA PRO VB 18 -81.88 -0.89 83.69
C PRO VB 18 -81.92 0.45 82.97
N ARG VB 19 -83.09 0.85 82.47
CA ARG VB 19 -83.26 2.15 81.82
C ARG VB 19 -83.23 3.23 82.92
N ASN VB 20 -81.99 3.61 83.30
CA ASN VB 20 -81.69 4.52 84.42
C ASN VB 20 -82.28 4.04 85.74
N GLN VB 21 -82.44 2.72 85.91
CA GLN VB 21 -83.09 2.18 87.10
C GLN VB 21 -82.06 1.81 88.15
N LYS VB 22 -81.30 2.82 88.57
CA LYS VB 22 -80.27 2.61 89.58
C LYS VB 22 -80.88 2.36 90.95
N ALA VB 23 -82.05 2.93 91.22
CA ALA VB 23 -82.69 2.75 92.51
C ALA VB 23 -83.29 1.36 92.65
N ILE VB 24 -83.47 0.66 91.53
CA ILE VB 24 -84.05 -0.68 91.55
C ILE VB 24 -83.09 -1.67 92.20
N ALA VB 25 -81.79 -1.49 91.97
CA ALA VB 25 -80.80 -2.38 92.59
C ALA VB 25 -80.25 -1.78 93.88
N ASN VB 26 -80.17 -0.45 93.97
CA ASN VB 26 -79.61 0.20 95.16
C ASN VB 26 -80.56 0.06 96.35
N SER VB 27 -81.85 -0.15 96.09
CA SER VB 27 -82.75 -0.54 97.16
C SER VB 27 -82.76 -2.05 97.35
N LEU VB 28 -82.33 -2.80 96.33
CA LEU VB 28 -82.44 -4.25 96.37
C LEU VB 28 -81.41 -4.87 97.31
N LYS VB 29 -80.16 -4.39 97.26
CA LYS VB 29 -79.16 -4.89 98.17
C LYS VB 29 -79.38 -4.37 99.58
N SER VB 30 -80.06 -3.22 99.70
CA SER VB 30 -80.34 -2.63 101.01
C SER VB 30 -81.36 -3.45 101.78
N TRP VB 31 -82.32 -4.05 101.08
CA TRP VB 31 -83.19 -5.03 101.72
C TRP VB 31 -82.46 -6.33 101.99
N ASN VB 32 -81.41 -6.61 101.20
CA ASN VB 32 -80.75 -7.91 101.27
C ASN VB 32 -79.88 -8.04 102.51
N GLU VB 33 -79.32 -6.94 103.00
CA GLU VB 33 -78.40 -7.00 104.13
C GLU VB 33 -79.15 -7.25 105.43
N THR VB 34 -80.21 -6.48 105.67
CA THR VB 34 -80.94 -6.56 106.94
C THR VB 34 -81.73 -7.86 107.04
N LEU VB 35 -82.17 -8.40 105.90
CA LEU VB 35 -83.02 -9.58 105.93
C LEU VB 35 -82.20 -10.84 106.18
N SER VB 36 -80.88 -10.76 106.01
CA SER VB 36 -80.06 -11.96 106.04
C SER VB 36 -79.87 -12.48 107.47
N THR VB 37 -79.27 -11.66 108.35
CA THR VB 37 -78.99 -12.11 109.70
C THR VB 37 -80.26 -12.17 110.55
N ARG VB 38 -81.27 -11.39 110.18
CA ARG VB 38 -82.50 -11.36 110.96
C ARG VB 38 -83.32 -12.62 110.75
N LEU VB 39 -83.30 -13.17 109.53
CA LEU VB 39 -84.04 -14.40 109.27
C LEU VB 39 -83.21 -15.62 109.67
N ALA VB 40 -81.91 -15.44 109.86
CA ALA VB 40 -81.09 -16.52 110.39
C ALA VB 40 -81.44 -16.80 111.85
N ALA VB 41 -81.74 -15.76 112.62
CA ALA VB 41 -82.14 -15.95 114.01
C ALA VB 41 -83.59 -16.39 114.13
N LEU VB 42 -84.33 -16.39 113.01
CA LEU VB 42 -85.60 -17.10 112.95
C LEU VB 42 -85.49 -18.57 112.60
N PRO VB 43 -84.57 -18.99 111.72
CA PRO VB 43 -84.83 -20.19 110.89
C PRO VB 43 -84.75 -21.53 111.61
N GLU VB 44 -84.01 -21.65 112.72
CA GLU VB 44 -83.68 -22.99 113.21
C GLU VB 44 -84.80 -23.62 114.03
N LYS VB 45 -85.09 -23.08 115.22
CA LYS VB 45 -85.98 -23.73 116.19
C LYS VB 45 -86.37 -22.81 117.33
N PRO VB 46 -87.49 -23.07 118.01
CA PRO VB 46 -87.85 -22.27 119.18
C PRO VB 46 -87.20 -22.84 120.44
N PRO VB 47 -87.08 -22.04 121.49
CA PRO VB 47 -86.38 -22.49 122.69
C PRO VB 47 -87.25 -23.40 123.54
N ALA VB 48 -86.71 -23.76 124.70
CA ALA VB 48 -87.34 -24.74 125.58
C ALA VB 48 -88.61 -24.16 126.19
N ILE VB 49 -89.58 -25.04 126.47
CA ILE VB 49 -90.86 -24.60 127.02
C ILE VB 49 -90.68 -24.22 128.48
N ASP VB 50 -90.69 -22.91 128.75
CA ASP VB 50 -90.63 -22.46 130.14
C ASP VB 50 -92.02 -22.21 130.70
N TRP VB 51 -93.05 -22.62 129.96
CA TRP VB 51 -94.42 -22.58 130.50
C TRP VB 51 -94.67 -23.76 131.43
N ALA VB 52 -94.04 -24.90 131.16
CA ALA VB 52 -94.27 -26.10 131.98
C ALA VB 52 -93.43 -26.06 133.24
N TYR VB 53 -92.45 -25.16 133.31
CA TYR VB 53 -91.50 -25.18 134.42
C TYR VB 53 -92.10 -24.61 135.69
N TYR VB 54 -92.64 -23.39 135.62
CA TYR VB 54 -93.07 -22.69 136.83
C TYR VB 54 -94.53 -22.96 137.14
N LYS VB 55 -95.26 -23.59 136.21
CA LYS VB 55 -96.64 -23.96 136.49
C LYS VB 55 -96.70 -25.23 137.34
N ALA VB 56 -95.64 -26.04 137.31
CA ALA VB 56 -95.59 -27.22 138.15
C ALA VB 56 -95.34 -26.86 139.60
N THR VB 57 -94.49 -25.85 139.84
CA THR VB 57 -94.24 -25.38 141.20
C THR VB 57 -95.39 -24.50 141.69
N VAL VB 58 -96.18 -23.95 140.76
CA VAL VB 58 -97.39 -23.25 141.15
C VAL VB 58 -98.46 -24.28 141.48
N ALA VB 59 -99.20 -24.05 142.56
CA ALA VB 59 -100.21 -24.99 143.01
C ALA VB 59 -101.59 -24.72 142.41
N LYS VB 60 -101.86 -23.48 142.01
CA LYS VB 60 -103.17 -23.10 141.50
C LYS VB 60 -103.32 -23.64 140.08
N ALA VB 61 -103.77 -24.89 139.98
CA ALA VB 61 -103.98 -25.57 138.71
C ALA VB 61 -105.41 -25.34 138.25
N GLY VB 62 -105.87 -26.12 137.28
CA GLY VB 62 -107.17 -25.92 136.66
C GLY VB 62 -107.09 -25.09 135.40
N LEU VB 63 -106.60 -23.86 135.52
CA LEU VB 63 -106.34 -23.01 134.36
C LEU VB 63 -104.86 -22.84 134.08
N VAL VB 64 -104.01 -23.63 134.72
CA VAL VB 64 -102.56 -23.47 134.59
C VAL VB 64 -101.97 -24.62 133.80
N ASP VB 65 -102.10 -25.83 134.32
CA ASP VB 65 -101.55 -27.00 133.63
C ASP VB 65 -102.44 -27.40 132.46
N ASP VB 66 -103.71 -26.97 132.48
CA ASP VB 66 -104.61 -27.29 131.37
C ASP VB 66 -104.44 -26.32 130.21
N PHE VB 67 -104.09 -25.06 130.50
CA PHE VB 67 -103.86 -24.09 129.44
C PHE VB 67 -102.58 -24.42 128.69
N GLU VB 68 -101.56 -24.90 129.39
CA GLU VB 68 -100.34 -25.34 128.72
C GLU VB 68 -100.56 -26.68 128.02
N LYS VB 69 -101.58 -27.42 128.43
CA LYS VB 69 -101.90 -28.68 127.77
C LYS VB 69 -102.72 -28.46 126.50
N LYS VB 70 -103.55 -27.42 126.50
CA LYS VB 70 -104.42 -27.17 125.35
C LYS VB 70 -103.71 -26.34 124.29
N PHE VB 71 -103.06 -25.25 124.69
CA PHE VB 71 -102.46 -24.32 123.76
C PHE VB 71 -101.14 -24.81 123.16
N ASN VB 72 -100.57 -25.89 123.70
CA ASN VB 72 -99.35 -26.47 123.16
C ASN VB 72 -99.58 -27.82 122.52
N ALA VB 73 -100.73 -28.03 121.89
CA ALA VB 73 -101.02 -29.31 121.25
C ALA VB 73 -101.50 -29.12 119.81
N LEU VB 74 -101.09 -28.02 119.17
CA LEU VB 74 -101.53 -27.71 117.81
C LEU VB 74 -100.31 -27.44 116.92
N LYS VB 75 -100.58 -27.14 115.66
CA LYS VB 75 -99.55 -26.95 114.64
C LYS VB 75 -99.16 -25.48 114.52
N VAL VB 76 -97.95 -25.26 114.03
CA VAL VB 76 -97.40 -23.91 113.84
C VAL VB 76 -98.04 -23.29 112.61
N PRO VB 77 -98.64 -22.09 112.72
CA PRO VB 77 -99.19 -21.43 111.52
C PRO VB 77 -98.08 -20.87 110.65
N VAL VB 78 -97.82 -21.53 109.53
CA VAL VB 78 -96.69 -21.17 108.66
C VAL VB 78 -97.16 -20.13 107.65
N PRO VB 79 -96.27 -19.63 106.81
CA PRO VB 79 -96.67 -18.56 105.89
C PRO VB 79 -97.18 -19.09 104.56
N GLU VB 80 -97.63 -18.19 103.69
CA GLU VB 80 -98.16 -18.56 102.38
C GLU VB 80 -97.10 -18.36 101.30
N ASP VB 81 -97.14 -19.22 100.29
CA ASP VB 81 -96.16 -19.19 99.20
C ASP VB 81 -96.78 -18.49 98.00
N LYS VB 82 -96.71 -17.16 98.02
CA LYS VB 82 -97.30 -16.34 96.97
C LYS VB 82 -96.30 -15.90 95.91
N TYR VB 83 -95.02 -16.22 96.08
CA TYR VB 83 -93.97 -15.76 95.17
C TYR VB 83 -93.56 -16.90 94.25
N THR VB 84 -94.35 -17.09 93.19
CA THR VB 84 -94.03 -18.05 92.15
C THR VB 84 -94.20 -17.52 90.73
N ALA VB 85 -94.99 -16.46 90.51
CA ALA VB 85 -95.30 -16.02 89.16
C ALA VB 85 -94.11 -15.32 88.52
N LEU VB 86 -93.46 -14.41 89.27
CA LEU VB 86 -92.32 -13.68 88.73
C LEU VB 86 -91.05 -14.51 88.75
N VAL VB 87 -91.12 -15.73 89.28
CA VAL VB 87 -89.94 -16.60 89.33
C VAL VB 87 -89.62 -17.12 87.93
N ASP VB 88 -90.65 -17.53 87.18
CA ASP VB 88 -90.42 -18.14 85.87
C ASP VB 88 -90.64 -17.12 84.75
N ALA VB 89 -91.61 -16.23 84.91
CA ALA VB 89 -92.01 -15.34 83.82
C ALA VB 89 -91.00 -14.21 83.61
N GLU VB 90 -90.28 -13.84 84.67
CA GLU VB 90 -89.28 -12.78 84.52
C GLU VB 90 -87.94 -13.36 84.06
N GLU VB 91 -87.70 -14.64 84.34
CA GLU VB 91 -86.39 -15.22 84.08
C GLU VB 91 -86.16 -15.50 82.61
N GLN VB 92 -87.11 -16.18 81.96
CA GLN VB 92 -86.87 -16.71 80.61
C GLN VB 92 -86.90 -15.59 79.57
N GLU VB 93 -87.52 -14.46 79.88
CA GLU VB 93 -87.59 -13.36 78.92
C GLU VB 93 -86.24 -12.67 78.76
N ASP VB 94 -85.36 -12.82 79.75
CA ASP VB 94 -83.99 -12.34 79.59
C ASP VB 94 -83.11 -13.39 78.94
N VAL VB 95 -83.46 -14.67 79.10
CA VAL VB 95 -82.71 -15.73 78.44
C VAL VB 95 -83.14 -15.86 76.98
N LYS VB 96 -84.40 -15.54 76.69
CA LYS VB 96 -84.85 -15.51 75.29
C LYS VB 96 -84.26 -14.30 74.57
N ARG VB 97 -83.99 -13.22 75.32
CA ARG VB 97 -83.33 -12.06 74.73
C ARG VB 97 -81.84 -12.33 74.57
N CYS VB 98 -81.32 -13.36 75.24
CA CYS VB 98 -79.93 -13.75 75.04
C CYS VB 98 -79.73 -14.43 73.69
N ALA VB 99 -80.79 -15.05 73.16
CA ALA VB 99 -80.66 -15.82 71.93
C ALA VB 99 -80.52 -14.91 70.72
N GLU VB 100 -81.31 -13.84 70.65
CA GLU VB 100 -81.27 -12.97 69.49
C GLU VB 100 -80.07 -12.03 69.56
N PHE VB 101 -79.71 -11.56 70.75
CA PHE VB 101 -78.68 -10.54 70.87
C PHE VB 101 -77.28 -11.14 70.73
N LEU VB 102 -77.14 -12.44 70.97
CA LEU VB 102 -75.85 -13.09 70.74
C LEU VB 102 -75.66 -13.44 69.28
N SER VB 103 -76.75 -13.43 68.49
CA SER VB 103 -76.64 -13.72 67.07
C SER VB 103 -76.68 -12.44 66.24
N LEU VB 104 -77.38 -11.41 66.73
CA LEU VB 104 -77.35 -10.12 66.06
C LEU VB 104 -76.01 -9.41 66.24
N SER VB 105 -75.29 -9.76 67.31
CA SER VB 105 -73.91 -9.32 67.44
C SER VB 105 -72.97 -10.24 66.67
N LYS VB 106 -73.42 -11.46 66.39
CA LYS VB 106 -72.57 -12.42 65.69
C LYS VB 106 -72.48 -12.07 64.20
N ALA VB 107 -73.59 -11.62 63.62
CA ALA VB 107 -73.55 -11.11 62.24
C ALA VB 107 -72.77 -9.83 62.16
N ARG VB 108 -72.87 -8.98 63.20
CA ARG VB 108 -72.03 -7.79 63.29
C ARG VB 108 -70.58 -8.15 63.53
N ILE VB 109 -70.32 -9.35 64.06
CA ILE VB 109 -68.96 -9.88 64.09
C ILE VB 109 -68.62 -10.53 62.76
N GLU VB 110 -69.62 -11.11 62.09
CA GLU VB 110 -69.36 -11.80 60.82
C GLU VB 110 -69.19 -10.81 59.68
N ALA VB 111 -69.96 -9.72 59.68
CA ALA VB 111 -69.78 -8.70 58.65
C ALA VB 111 -68.50 -7.92 58.88
N TYR VB 112 -68.08 -7.78 60.13
CA TYR VB 112 -66.80 -7.15 60.42
C TYR VB 112 -65.63 -8.09 60.13
N GLU VB 113 -65.89 -9.39 60.13
CA GLU VB 113 -64.88 -10.35 59.70
C GLU VB 113 -64.77 -10.38 58.18
N LYS VB 114 -65.82 -9.99 57.48
CA LYS VB 114 -65.77 -9.91 56.02
C LYS VB 114 -65.27 -8.55 55.56
N GLU VB 115 -65.40 -7.52 56.41
CA GLU VB 115 -65.00 -6.17 56.02
C GLU VB 115 -63.50 -6.02 56.01
N LEU VB 116 -62.80 -6.76 56.87
CA LEU VB 116 -61.34 -6.67 56.90
C LEU VB 116 -60.71 -7.59 55.86
N GLU VB 117 -61.35 -8.73 55.58
CA GLU VB 117 -60.80 -9.68 54.62
C GLU VB 117 -60.94 -9.16 53.19
N LYS VB 118 -61.91 -8.27 52.96
CA LYS VB 118 -61.99 -7.60 51.66
C LYS VB 118 -60.95 -6.48 51.56
N MET VB 119 -60.48 -5.98 52.71
CA MET VB 119 -59.44 -4.96 52.70
C MET VB 119 -58.07 -5.57 52.41
N LYS VB 120 -57.91 -6.87 52.66
CA LYS VB 120 -56.69 -7.56 52.27
C LYS VB 120 -56.74 -7.97 50.80
N ASN VB 121 -57.93 -7.94 50.21
CA ASN VB 121 -58.07 -8.33 48.80
C ASN VB 121 -57.57 -7.24 47.87
N ILE VB 122 -57.77 -5.98 48.28
CA ILE VB 122 -57.46 -4.83 47.43
C ILE VB 122 -56.02 -4.64 46.99
N ILE VB 123 -55.05 -4.81 47.90
CA ILE VB 123 -53.67 -4.62 47.49
C ILE VB 123 -52.74 -5.79 47.77
N PRO VB 124 -52.14 -6.32 46.71
CA PRO VB 124 -51.16 -7.39 46.85
C PRO VB 124 -49.73 -6.83 46.89
N PHE VB 125 -49.58 -5.56 46.51
CA PHE VB 125 -48.30 -4.88 46.48
C PHE VB 125 -48.50 -3.36 46.58
N ASP VB 126 -47.44 -2.64 46.89
CA ASP VB 126 -47.52 -1.20 47.01
C ASP VB 126 -47.93 -0.59 45.66
N GLN VB 127 -47.35 -1.12 44.58
CA GLN VB 127 -47.65 -0.66 43.24
C GLN VB 127 -48.75 -1.47 42.58
N MET VB 128 -49.80 -1.83 43.32
CA MET VB 128 -50.64 -2.96 42.92
C MET VB 128 -51.57 -2.63 41.76
N THR VB 129 -52.54 -1.74 41.97
CA THR VB 129 -53.64 -1.68 41.01
C THR VB 129 -54.34 -0.33 41.12
N ILE VB 130 -54.99 0.06 40.03
CA ILE VB 130 -55.70 1.34 40.02
C ILE VB 130 -57.20 1.12 40.14
N GLU VB 131 -57.63 -0.14 40.17
CA GLU VB 131 -59.04 -0.44 40.34
C GLU VB 131 -59.30 -1.17 41.65
N ASP VB 132 -58.32 -1.94 42.12
CA ASP VB 132 -58.48 -2.61 43.41
C ASP VB 132 -58.38 -1.62 44.56
N LEU VB 133 -57.68 -0.50 44.34
CA LEU VB 133 -57.70 0.59 45.30
C LEU VB 133 -58.93 1.45 45.10
N ASN VB 134 -59.74 1.14 44.08
CA ASN VB 134 -60.95 1.90 43.84
C ASN VB 134 -62.17 1.24 44.48
N GLU VB 135 -61.97 0.53 45.60
CA GLU VB 135 -63.11 0.06 46.37
C GLU VB 135 -63.27 0.86 47.67
N VAL VB 136 -62.19 0.99 48.43
CA VAL VB 136 -62.25 1.71 49.70
C VAL VB 136 -62.37 3.21 49.46
N PHE VB 137 -61.34 3.81 48.88
CA PHE VB 137 -61.39 5.19 48.45
C PHE VB 137 -62.37 5.33 47.29
N PRO VB 138 -63.21 6.33 47.32
CA PRO VB 138 -64.40 6.29 46.47
C PRO VB 138 -64.24 6.98 45.12
N GLU VB 139 -65.18 6.68 44.23
CA GLU VB 139 -65.42 7.46 43.03
C GLU VB 139 -66.92 7.67 42.92
N THR VB 140 -67.33 8.61 42.07
CA THR VB 140 -68.74 8.99 42.04
C THR VB 140 -69.12 9.36 40.61
N LYS VB 141 -70.25 10.03 40.45
CA LYS VB 141 -70.71 10.52 39.16
C LYS VB 141 -70.12 11.89 38.88
N LEU VB 142 -70.59 12.55 37.82
CA LEU VB 142 -70.07 13.83 37.37
C LEU VB 142 -70.37 14.89 38.42
N ASP VB 143 -69.36 15.71 38.71
CA ASP VB 143 -69.43 16.87 39.59
C ASP VB 143 -69.84 16.50 41.02
N LYS VB 144 -69.03 15.63 41.62
CA LYS VB 144 -69.21 15.37 43.04
C LYS VB 144 -68.14 16.06 43.88
N LYS VB 145 -66.86 15.83 43.58
CA LYS VB 145 -65.76 16.40 44.34
C LYS VB 145 -65.68 17.89 44.04
N LYS VB 146 -66.12 18.70 45.00
CA LYS VB 146 -66.13 20.15 44.81
C LYS VB 146 -64.72 20.70 44.77
N TYR VB 147 -63.94 20.47 45.81
CA TYR VB 147 -62.57 20.93 45.84
C TYR VB 147 -61.69 20.04 44.99
N UNK WB 1 -21.03 -11.63 2.52
CA UNK WB 1 -19.66 -11.72 3.01
C UNK WB 1 -19.63 -11.49 4.52
N UNK WB 2 -19.92 -10.27 4.93
CA UNK WB 2 -19.95 -9.91 6.36
C UNK WB 2 -18.68 -10.28 7.13
N UNK WB 3 -17.52 -9.98 6.56
CA UNK WB 3 -16.23 -10.30 7.19
C UNK WB 3 -15.53 -9.05 7.73
N UNK WB 4 -15.05 -9.11 8.97
CA UNK WB 4 -14.39 -7.97 9.64
C UNK WB 4 -12.86 -7.99 9.76
N UNK WB 5 -12.18 -8.90 9.07
CA UNK WB 5 -10.73 -8.96 9.19
C UNK WB 5 -10.05 -7.67 8.75
N UNK WB 6 -10.55 -7.10 7.66
CA UNK WB 6 -10.01 -5.85 7.11
C UNK WB 6 -9.88 -4.77 8.16
N UNK WB 7 -10.69 -4.85 9.21
CA UNK WB 7 -10.58 -3.84 10.26
C UNK WB 7 -9.30 -3.00 10.17
N UNK WB 8 -8.16 -3.60 10.50
CA UNK WB 8 -6.94 -2.86 10.29
C UNK WB 8 -6.81 -2.46 8.85
N UNK WB 9 -7.24 -3.32 7.91
CA UNK WB 9 -7.24 -3.11 6.47
C UNK WB 9 -8.17 -1.97 6.17
N UNK WB 10 -9.31 -1.91 6.86
CA UNK WB 10 -10.20 -0.76 6.66
C UNK WB 10 -9.43 0.50 7.09
N UNK WB 11 -8.78 0.42 8.25
CA UNK WB 11 -7.97 1.53 8.76
C UNK WB 11 -6.80 1.88 7.82
N UNK WB 12 -6.21 0.86 7.20
CA UNK WB 12 -5.07 0.91 6.27
C UNK WB 12 -5.46 1.66 5.03
N UNK WB 13 -6.70 1.39 4.60
CA UNK WB 13 -7.34 2.05 3.47
C UNK WB 13 -7.51 3.52 3.81
N UNK WB 14 -7.84 3.79 5.06
CA UNK WB 14 -8.00 5.14 5.50
C UNK WB 14 -6.82 6.14 5.36
N UNK WB 15 -5.50 5.94 5.63
CA UNK WB 15 -4.98 7.24 5.33
C UNK WB 15 -4.75 7.31 3.83
N UNK WB 16 -4.18 6.28 3.18
CA UNK WB 16 -3.95 6.37 1.76
C UNK WB 16 -5.21 6.59 0.94
N UNK WB 17 -6.27 5.84 1.18
CA UNK WB 17 -7.48 6.03 0.39
C UNK WB 17 -8.02 7.43 0.61
N UNK WB 18 -8.06 7.82 1.88
CA UNK WB 18 -8.62 9.12 2.19
C UNK WB 18 -7.79 10.22 1.55
N UNK WB 19 -6.47 10.08 1.64
CA UNK WB 19 -5.54 11.06 1.11
C UNK WB 19 -5.65 11.16 -0.37
N UNK WB 20 -5.83 10.03 -1.04
CA UNK WB 20 -5.92 10.07 -2.49
C UNK WB 20 -7.13 10.89 -2.85
N UNK WB 21 -8.25 10.60 -2.19
CA UNK WB 21 -9.44 11.36 -2.50
C UNK WB 21 -9.25 12.83 -2.18
N UNK WB 22 -8.64 13.11 -1.03
CA UNK WB 22 -8.44 14.48 -0.58
C UNK WB 22 -7.57 15.23 -1.52
N UNK WB 23 -6.47 14.58 -1.85
CA UNK WB 23 -5.49 15.11 -2.73
C UNK WB 23 -6.13 15.27 -4.07
N UNK WB 24 -6.94 14.30 -4.49
CA UNK WB 24 -7.61 14.43 -5.78
C UNK WB 24 -8.56 15.60 -5.69
N UNK WB 25 -9.30 15.60 -4.59
CA UNK WB 25 -10.23 16.66 -4.31
C UNK WB 25 -9.46 17.95 -4.13
N UNK WB 26 -8.33 17.91 -3.44
CA UNK WB 26 -7.58 19.12 -3.23
C UNK WB 26 -7.13 19.73 -4.56
N UNK WB 27 -6.66 18.90 -5.47
CA UNK WB 27 -6.17 19.33 -6.75
C UNK WB 27 -7.28 19.95 -7.53
N UNK WB 28 -8.42 19.28 -7.50
CA UNK WB 28 -9.57 19.77 -8.21
C UNK WB 28 -10.00 21.11 -7.65
N UNK WB 29 -9.99 21.21 -6.33
CA UNK WB 29 -10.36 22.39 -5.61
C UNK WB 29 -9.46 23.52 -5.98
N UNK WB 30 -8.17 23.25 -6.05
CA UNK WB 30 -7.23 24.29 -6.39
C UNK WB 30 -7.53 24.79 -7.79
N UNK WB 31 -7.77 23.85 -8.71
CA UNK WB 31 -8.02 24.22 -10.08
C UNK WB 31 -9.25 25.08 -10.15
N UNK WB 32 -10.29 24.64 -9.47
CA UNK WB 32 -11.55 25.32 -9.45
C UNK WB 32 -11.44 26.69 -8.83
N UNK WB 33 -10.65 26.79 -7.77
CA UNK WB 33 -10.46 28.01 -7.04
C UNK WB 33 -9.85 29.05 -7.92
N UNK WB 34 -8.84 28.62 -8.66
CA UNK WB 34 -8.23 29.56 -9.54
C UNK WB 34 -9.26 29.96 -10.58
N UNK WB 35 -9.89 28.95 -11.15
CA UNK WB 35 -10.89 29.14 -12.18
C UNK WB 35 -11.98 29.90 -11.53
N UNK WB 36 -12.36 29.47 -10.32
CA UNK WB 36 -13.41 30.23 -9.70
C UNK WB 36 -12.96 31.64 -9.37
N UNK WB 37 -11.73 31.72 -8.90
CA UNK WB 37 -11.08 32.97 -8.53
C UNK WB 37 -11.05 33.87 -9.73
N UNK WB 38 -10.71 33.31 -10.90
CA UNK WB 38 -10.79 34.08 -12.10
C UNK WB 38 -12.27 34.45 -12.17
N UNK WB 39 -13.17 33.49 -11.96
CA UNK WB 39 -14.53 33.96 -11.95
C UNK WB 39 -14.67 35.18 -11.08
N UNK WB 40 -14.04 35.13 -9.92
CA UNK WB 40 -14.13 36.19 -8.94
C UNK WB 40 -13.57 37.44 -9.51
N UNK WB 41 -12.42 37.29 -10.14
CA UNK WB 41 -11.74 38.42 -10.68
C UNK WB 41 -12.59 39.04 -11.76
N UNK WB 42 -13.16 38.21 -12.63
CA UNK WB 42 -13.95 38.73 -13.72
C UNK WB 42 -15.14 39.50 -13.21
N UNK WB 43 -15.81 38.91 -12.24
CA UNK WB 43 -17.01 39.53 -11.74
C UNK WB 43 -16.70 40.86 -11.09
N UNK WB 44 -15.64 40.86 -10.31
CA UNK WB 44 -15.28 42.05 -9.58
C UNK WB 44 -14.94 43.15 -10.54
N UNK WB 45 -14.12 42.77 -11.52
CA UNK WB 45 -13.74 43.66 -12.56
C UNK WB 45 -15.09 43.81 -13.17
N UNK WB 46 -15.77 42.69 -13.30
CA UNK WB 46 -17.08 42.90 -13.88
C UNK WB 46 -17.94 43.77 -12.96
N UNK WB 47 -17.86 43.49 -11.66
CA UNK WB 47 -18.62 44.24 -10.67
C UNK WB 47 -18.19 45.70 -10.67
N UNK WB 48 -16.88 45.93 -10.77
CA UNK WB 48 -16.34 47.28 -10.80
C UNK WB 48 -16.86 48.01 -12.03
N UNK WB 49 -16.87 47.30 -13.16
CA UNK WB 49 -17.37 47.88 -14.40
C UNK WB 49 -18.84 48.21 -14.24
N UNK WB 50 -19.56 47.32 -13.57
CA UNK WB 50 -20.99 47.51 -13.35
C UNK WB 50 -21.22 48.68 -12.41
N UNK WB 51 -20.40 48.79 -11.38
CA UNK WB 51 -20.49 49.86 -10.41
C UNK WB 51 -20.23 51.20 -11.09
N UNK WB 52 -19.24 51.22 -11.98
CA UNK WB 52 -18.91 52.43 -12.72
C UNK WB 52 -20.09 52.83 -13.60
N UNK WB 53 -20.72 51.85 -14.23
CA UNK WB 53 -21.88 52.11 -15.08
C UNK WB 53 -23.02 52.69 -14.24
N UNK WB 54 -23.21 52.13 -13.05
CA UNK WB 54 -24.25 52.59 -12.14
C UNK WB 54 -23.99 54.03 -11.74
N UNK WB 55 -22.73 54.34 -11.47
CA UNK WB 55 -22.33 55.69 -11.09
C UNK WB 55 -22.61 56.66 -12.22
N UNK WB 56 -22.33 56.21 -13.46
CA UNK WB 56 -22.59 57.03 -14.63
C UNK WB 56 -24.09 57.29 -14.77
N UNK WB 57 -24.89 56.26 -14.50
CA UNK WB 57 -26.34 56.38 -14.56
C UNK WB 57 -26.83 57.37 -13.52
N UNK WB 58 -26.23 57.32 -12.33
CA UNK WB 58 -26.59 58.22 -11.25
C UNK WB 58 -26.27 59.66 -11.65
N UNK WB 59 -25.12 59.85 -12.30
CA UNK WB 59 -24.71 61.17 -12.76
C UNK WB 59 -25.71 61.67 -13.80
N UNK WB 60 -26.11 60.77 -14.69
CA UNK WB 60 -27.07 61.09 -15.73
C UNK WB 60 -28.39 61.44 -15.06
N UNK WB 61 -28.74 60.70 -14.02
CA UNK WB 61 -29.98 60.96 -13.30
C UNK WB 61 -29.91 62.33 -12.63
N UNK WB 62 -28.75 62.63 -12.04
CA UNK WB 62 -28.54 63.91 -11.38
C UNK WB 62 -28.65 65.05 -12.38
N UNK WB 63 -28.09 64.85 -13.57
CA UNK WB 63 -28.13 65.87 -14.62
C UNK WB 63 -29.55 66.06 -15.15
N ALA XB 1 -49.03 -1.29 8.47
CA ALA XB 1 -47.84 -0.58 8.94
C ALA XB 1 -48.16 0.20 10.20
N SER XB 2 -49.43 0.16 10.62
CA SER XB 2 -49.82 0.87 11.84
C SER XB 2 -49.37 0.12 13.08
N VAL XB 3 -49.41 -1.21 13.04
CA VAL XB 3 -48.91 -2.00 14.17
C VAL XB 3 -47.39 -2.04 14.16
N VAL XB 4 -46.77 -1.61 13.06
CA VAL XB 4 -45.32 -1.47 13.03
C VAL XB 4 -44.89 -0.20 13.74
N PRO XB 5 -45.45 0.97 13.45
CA PRO XB 5 -45.00 2.17 14.15
C PRO XB 5 -45.52 2.25 15.57
N LEU XB 6 -46.64 1.59 15.88
CA LEU XB 6 -47.14 1.60 17.25
C LEU XB 6 -46.28 0.74 18.15
N LYS XB 7 -45.63 -0.28 17.59
CA LYS XB 7 -44.75 -1.13 18.40
C LYS XB 7 -43.34 -0.57 18.43
N ASP XB 8 -43.13 0.62 17.87
CA ASP XB 8 -41.85 1.31 18.06
C ASP XB 8 -41.88 2.15 19.32
N ARG XB 9 -42.96 2.90 19.55
CA ARG XB 9 -43.04 3.75 20.72
C ARG XB 9 -43.23 2.92 21.99
N ARG XB 10 -44.10 1.91 21.92
CA ARG XB 10 -44.35 1.12 23.12
C ARG XB 10 -43.12 0.36 23.59
N LEU XB 11 -42.41 -0.27 22.66
CA LEU XB 11 -41.21 -1.01 23.02
C LEU XB 11 -40.11 -0.08 23.52
N LEU XB 12 -39.93 1.02 22.81
CA LEU XB 12 -38.90 2.00 23.16
C LEU XB 12 -39.12 2.69 24.50
N GLU XB 13 -40.35 3.07 24.78
CA GLU XB 13 -40.65 3.76 26.02
C GLU XB 13 -40.37 2.92 27.26
N VAL XB 14 -40.78 1.66 27.22
CA VAL XB 14 -40.55 0.77 28.36
C VAL XB 14 -39.05 0.57 28.57
N LYS XB 15 -38.34 0.31 27.48
CA LYS XB 15 -36.90 0.10 27.52
C LYS XB 15 -36.08 1.32 27.95
N LEU XB 16 -36.44 2.49 27.42
CA LEU XB 16 -35.70 3.70 27.71
C LEU XB 16 -35.72 4.17 29.17
N GLY XB 17 -36.88 4.15 29.80
CA GLY XB 17 -36.96 4.59 31.18
C GLY XB 17 -37.82 3.79 32.14
N GLU XB 18 -39.13 3.94 32.03
CA GLU XB 18 -40.00 3.23 32.97
C GLU XB 18 -41.28 2.63 32.40
N LEU XB 19 -41.68 1.50 32.99
CA LEU XB 19 -42.90 0.79 32.62
C LEU XB 19 -44.11 1.49 33.22
N ASP XB 27 -44.29 -6.18 38.40
CA ASP XB 27 -43.02 -6.87 38.19
C ASP XB 27 -42.36 -6.20 37.01
N PHE XB 28 -43.11 -5.30 36.39
CA PHE XB 28 -42.68 -4.55 35.22
C PHE XB 28 -42.55 -3.06 35.56
N THR XB 29 -43.35 -2.59 36.52
CA THR XB 29 -43.17 -1.24 37.00
C THR XB 29 -41.85 -1.07 37.74
N PRO XB 30 -41.45 -1.99 38.61
CA PRO XB 30 -40.15 -1.83 39.27
C PRO XB 30 -38.98 -2.12 38.35
N SER XB 31 -39.25 -2.67 37.17
CA SER XB 31 -38.19 -2.82 36.18
C SER XB 31 -37.71 -1.47 35.68
N GLY XB 32 -38.59 -0.47 35.71
CA GLY XB 32 -38.15 0.87 35.44
C GLY XB 32 -37.64 1.59 36.69
N ILE XB 33 -37.78 0.95 37.86
CA ILE XB 33 -37.32 1.60 39.09
C ILE XB 33 -35.80 1.58 39.15
N ALA XB 34 -35.19 0.45 38.79
CA ALA XB 34 -33.77 0.50 38.46
C ALA XB 34 -33.55 1.31 37.20
N GLY XB 35 -34.41 1.09 36.21
CA GLY XB 35 -34.36 1.83 34.96
C GLY XB 35 -33.28 1.35 34.01
N ALA XB 36 -33.49 1.59 32.71
CA ALA XB 36 -32.43 1.45 31.72
C ALA XB 36 -31.71 2.77 31.51
N PHE XB 37 -31.83 3.69 32.48
CA PHE XB 37 -31.12 4.97 32.40
C PHE XB 37 -29.63 4.77 32.51
N GLN XB 38 -29.19 3.73 33.22
CA GLN XB 38 -27.79 3.35 33.24
C GLN XB 38 -27.33 2.91 31.86
N ARG XB 39 -28.24 2.32 31.08
CA ARG XB 39 -27.93 2.02 29.69
C ARG XB 39 -27.96 3.28 28.85
N GLY XB 40 -28.84 4.22 29.17
CA GLY XB 40 -28.95 5.42 28.35
C GLY XB 40 -27.89 6.44 28.67
N TYR XB 41 -27.08 6.18 29.69
CA TYR XB 41 -26.26 7.24 30.28
C TYR XB 41 -25.06 7.58 29.42
N TYR XB 42 -24.46 6.58 28.78
CA TYR XB 42 -23.06 6.69 28.39
C TYR XB 42 -22.87 7.54 27.14
N ARG XB 43 -23.96 8.09 26.60
CA ARG XB 43 -23.84 8.76 25.30
C ARG XB 43 -23.29 10.18 25.45
N TYR XB 44 -23.61 10.88 26.54
CA TYR XB 44 -23.27 12.30 26.49
C TYR XB 44 -21.80 12.53 26.86
N TYR XB 45 -21.48 12.61 28.16
CA TYR XB 45 -20.20 12.14 28.65
C TYR XB 45 -20.38 11.37 29.96
N ASN XB 46 -20.78 12.10 31.01
CA ASN XB 46 -21.30 11.57 32.26
C ASN XB 46 -22.35 12.51 32.85
N LYS XB 47 -22.32 13.78 32.41
CA LYS XB 47 -22.76 14.94 33.19
C LYS XB 47 -24.25 15.02 33.52
N TYR XB 48 -25.13 14.55 32.64
CA TYR XB 48 -26.55 14.56 32.94
C TYR XB 48 -26.89 13.43 33.90
N VAL XB 49 -26.54 13.59 35.16
CA VAL XB 49 -26.58 12.52 36.14
C VAL XB 49 -27.91 12.52 36.88
N ASN XB 50 -28.71 13.56 36.66
CA ASN XB 50 -29.91 13.79 37.45
C ASN XB 50 -31.11 12.98 36.97
N VAL XB 51 -30.88 11.95 36.15
CA VAL XB 51 -31.97 11.26 35.48
C VAL XB 51 -32.71 10.27 36.38
N LYS XB 52 -32.43 10.29 37.69
CA LYS XB 52 -32.89 9.24 38.61
C LYS XB 52 -34.40 9.20 38.73
N LYS XB 53 -35.02 10.33 39.07
CA LYS XB 53 -36.46 10.41 39.07
C LYS XB 53 -37.01 11.53 38.20
N GLY XB 54 -36.20 12.52 37.85
CA GLY XB 54 -36.51 13.32 36.68
C GLY XB 54 -35.58 12.91 35.57
N SER XB 55 -36.03 12.04 34.65
CA SER XB 55 -35.14 11.31 33.75
C SER XB 55 -34.81 12.08 32.47
N VAL XB 56 -33.56 12.52 32.36
CA VAL XB 56 -33.16 13.34 31.22
C VAL XB 56 -33.02 12.50 29.97
N ALA XB 57 -32.33 11.35 30.08
CA ALA XB 57 -32.02 10.57 28.89
C ALA XB 57 -33.27 9.87 28.34
N GLY XB 58 -34.32 9.77 29.15
CA GLY XB 58 -35.59 9.35 28.62
C GLY XB 58 -36.21 10.39 27.70
N LEU XB 59 -36.09 11.66 28.07
CA LEU XB 59 -36.74 12.70 27.29
C LEU XB 59 -35.81 13.28 26.25
N SER XB 60 -34.53 13.45 26.57
CA SER XB 60 -33.65 14.25 25.72
C SER XB 60 -33.20 13.49 24.47
N MET XB 61 -33.74 12.29 24.25
CA MET XB 61 -33.46 11.58 23.00
C MET XB 61 -34.49 11.93 21.93
N VAL XB 62 -35.77 12.07 22.33
CA VAL XB 62 -36.81 12.48 21.39
C VAL XB 62 -36.52 13.89 20.89
N LEU XB 63 -36.15 14.80 21.79
CA LEU XB 63 -35.87 16.17 21.39
C LEU XB 63 -34.56 16.28 20.63
N ALA XB 64 -33.67 15.29 20.76
CA ALA XB 64 -32.51 15.26 19.89
C ALA XB 64 -32.86 14.62 18.56
N ALA XB 65 -33.94 13.85 18.51
CA ALA XB 65 -34.38 13.30 17.24
C ALA XB 65 -35.19 14.32 16.44
N TYR XB 66 -35.92 15.20 17.14
CA TYR XB 66 -36.76 16.18 16.47
C TYR XB 66 -35.93 17.34 15.93
N VAL XB 67 -34.70 17.50 16.41
CA VAL XB 67 -33.83 18.53 15.84
C VAL XB 67 -33.23 18.06 14.53
N VAL XB 68 -32.67 16.86 14.50
CA VAL XB 68 -31.98 16.38 13.30
C VAL XB 68 -32.99 15.99 12.23
N PHE XB 69 -34.25 15.78 12.61
CA PHE XB 69 -35.30 15.60 11.63
C PHE XB 69 -35.67 16.93 10.98
N ASN XB 70 -35.55 18.02 11.72
CA ASN XB 70 -35.84 19.33 11.13
C ASN XB 70 -34.60 19.97 10.55
N TYR XB 71 -33.44 19.31 10.67
CA TYR XB 71 -32.28 19.83 9.96
C TYR XB 71 -32.33 19.46 8.49
N CYS XB 72 -33.14 18.46 8.14
CA CYS XB 72 -33.20 18.01 6.76
C CYS XB 72 -33.97 18.98 5.87
N ARG XB 73 -35.08 19.54 6.38
CA ARG XB 73 -35.88 20.45 5.57
C ARG XB 73 -35.16 21.75 5.34
N SER XB 74 -34.38 22.19 6.33
CA SER XB 74 -33.71 23.48 6.21
C SER XB 74 -32.49 23.39 5.31
N TYR XB 75 -32.07 22.17 4.95
CA TYR XB 75 -30.78 22.00 4.29
C TYR XB 75 -30.79 22.54 2.87
N LYS XB 76 -31.95 22.48 2.22
CA LYS XB 76 -32.06 22.93 0.83
C LYS XB 76 -31.92 24.45 0.75
N GLU XB 77 -32.33 25.16 1.78
CA GLU XB 77 -32.39 26.61 1.70
C GLU XB 77 -31.06 27.27 2.03
N LEU XB 78 -30.37 26.77 3.06
CA LEU XB 78 -29.16 27.41 3.56
C LEU XB 78 -27.88 26.72 3.10
N LYS XB 79 -27.82 26.37 1.81
CA LYS XB 79 -26.75 25.64 1.16
C LYS XB 79 -25.31 26.08 1.49
N HIS XB 80 -24.88 27.29 1.06
CA HIS XB 80 -23.70 28.03 1.49
C HIS XB 80 -22.35 27.34 1.22
N GLU XB 81 -22.37 26.10 0.73
CA GLU XB 81 -21.15 25.32 0.64
C GLU XB 81 -20.43 25.59 -0.67
N ARG XB 82 -19.12 25.76 -0.59
CA ARG XB 82 -18.31 26.02 -1.77
C ARG XB 82 -17.98 24.71 -2.47
N LEU XB 83 -16.99 24.77 -3.37
CA LEU XB 83 -16.53 23.60 -4.10
C LEU XB 83 -15.42 22.89 -3.32
N ARG XB 84 -15.70 22.67 -2.05
CA ARG XB 84 -14.72 22.15 -1.09
C ARG XB 84 -15.44 21.68 0.15
N LYS XB 85 -14.66 21.47 1.19
CA LYS XB 85 -15.15 21.17 2.53
C LYS XB 85 -14.74 22.28 3.48
N TYR XB 86 -15.33 22.27 4.67
CA TYR XB 86 -14.98 23.27 5.66
C TYR XB 86 -13.72 22.87 6.43
N HIS XB 87 -13.38 23.68 7.43
CA HIS XB 87 -12.24 23.40 8.30
C HIS XB 87 -12.44 22.12 9.09
N UNK YB 1 10.03 -0.11 19.79
CA UNK YB 1 11.32 -0.04 19.10
C UNK YB 1 11.16 -0.25 17.61
N UNK YB 2 12.24 -0.03 16.86
CA UNK YB 2 12.21 -0.20 15.42
C UNK YB 2 11.94 -1.65 15.07
N UNK YB 3 12.61 -2.55 15.80
CA UNK YB 3 12.43 -3.98 15.60
C UNK YB 3 10.99 -4.35 15.97
N UNK YB 4 10.53 -3.76 17.07
CA UNK YB 4 9.17 -3.96 17.55
C UNK YB 4 8.18 -3.46 16.51
N UNK YB 5 8.49 -2.31 15.92
CA UNK YB 5 7.61 -1.75 14.91
C UNK YB 5 7.54 -2.71 13.71
N UNK YB 6 8.68 -3.25 13.31
CA UNK YB 6 8.71 -4.17 12.20
C UNK YB 6 7.87 -5.40 12.51
N UNK YB 7 8.00 -5.92 13.72
CA UNK YB 7 7.26 -7.10 14.12
C UNK YB 7 5.76 -6.83 14.08
N UNK YB 8 5.37 -5.65 14.56
CA UNK YB 8 3.98 -5.25 14.59
C UNK YB 8 3.43 -5.16 13.17
N UNK YB 9 4.25 -4.61 12.28
CA UNK YB 9 3.88 -4.46 10.88
C UNK YB 9 3.66 -5.82 10.26
N UNK YB 10 4.54 -6.76 10.58
CA UNK YB 10 4.42 -8.10 10.06
C UNK YB 10 3.11 -8.73 10.54
N UNK YB 11 2.79 -8.52 11.81
CA UNK YB 11 1.55 -9.07 12.35
C UNK YB 11 0.35 -8.48 11.63
N UNK YB 12 0.39 -7.18 11.37
CA UNK YB 12 -0.70 -6.51 10.69
C UNK YB 12 -0.86 -7.07 9.29
N UNK YB 13 0.25 -7.30 8.61
CA UNK YB 13 0.21 -7.84 7.25
C UNK YB 13 -0.40 -9.22 7.31
N UNK YB 14 0.05 -10.00 8.28
CA UNK YB 14 -0.47 -11.30 8.53
C UNK YB 14 -1.90 -11.00 8.86
N UNK YB 15 -2.13 -9.96 9.68
CA UNK YB 15 -3.54 -9.68 9.93
C UNK YB 15 -4.21 -9.23 8.64
N UNK YB 16 -3.49 -8.41 7.88
CA UNK YB 16 -3.93 -7.87 6.61
C UNK YB 16 -4.12 -9.03 5.64
N UNK YB 17 -3.19 -9.96 5.65
CA UNK YB 17 -3.24 -11.12 4.79
C UNK YB 17 -4.46 -11.94 5.14
N UNK YB 18 -4.75 -12.10 6.42
CA UNK YB 18 -5.91 -12.87 6.81
C UNK YB 18 -7.16 -12.19 6.29
N UNK YB 19 -7.23 -10.88 6.46
CA UNK YB 19 -8.41 -10.15 6.01
C UNK YB 19 -8.55 -10.24 4.49
N UNK YB 20 -7.43 -10.14 3.81
CA UNK YB 20 -7.36 -10.18 2.37
C UNK YB 20 -7.82 -11.53 1.88
N UNK YB 21 -7.40 -12.58 2.57
CA UNK YB 21 -7.76 -13.94 2.23
C UNK YB 21 -9.25 -14.11 2.38
N UNK YB 22 -9.79 -13.55 3.46
CA UNK YB 22 -11.22 -13.65 3.70
C UNK YB 22 -11.95 -12.94 2.56
N UNK YB 23 -11.47 -11.76 2.18
CA UNK YB 23 -12.08 -11.00 1.11
C UNK YB 23 -12.01 -11.78 -0.19
N UNK YB 24 -10.83 -12.34 -0.41
CA UNK YB 24 -10.55 -13.17 -1.55
C UNK YB 24 -11.49 -14.27 -1.22
N UNK YB 25 -11.54 -14.66 0.06
CA UNK YB 25 -12.55 -15.66 0.31
C UNK YB 25 -13.92 -15.02 0.21
N UNK YB 26 -14.07 -13.85 0.82
CA UNK YB 26 -15.34 -13.14 0.77
C UNK YB 26 -15.70 -12.77 -0.66
N UNK YB 27 -14.70 -12.34 -1.42
CA UNK YB 27 -14.91 -11.95 -2.81
C UNK YB 27 -15.40 -13.13 -3.63
N UNK YB 28 -14.81 -14.29 -3.40
CA UNK YB 28 -15.24 -15.49 -4.09
C UNK YB 28 -16.64 -15.64 -3.59
N UNK YB 29 -16.77 -15.38 -2.30
CA UNK YB 29 -18.05 -15.41 -1.61
C UNK YB 29 -19.10 -14.68 -2.42
N UNK YB 30 -18.65 -13.65 -3.14
CA UNK YB 30 -19.50 -12.96 -4.08
C UNK YB 30 -19.59 -13.77 -5.37
N UNK YB 31 -18.48 -14.37 -5.78
CA UNK YB 31 -18.37 -15.02 -7.09
C UNK YB 31 -19.22 -16.27 -7.22
N UNK YB 32 -19.16 -17.14 -6.22
CA UNK YB 32 -19.91 -18.39 -6.26
C UNK YB 32 -21.41 -18.13 -6.08
N UNK YB 33 -21.74 -17.04 -5.39
CA UNK YB 33 -23.12 -16.68 -5.16
C UNK YB 33 -23.73 -16.06 -6.42
N UNK YB 34 -23.04 -15.07 -6.98
CA UNK YB 34 -23.57 -14.30 -8.10
C UNK YB 34 -23.08 -14.78 -9.46
N UNK YB 35 -22.87 -16.07 -9.60
CA UNK YB 35 -22.47 -16.64 -10.89
C UNK YB 35 -23.71 -17.02 -11.69
N UNK YB 36 -24.84 -17.12 -11.02
CA UNK YB 36 -26.10 -17.49 -11.66
C UNK YB 36 -26.77 -16.30 -12.31
N UNK YB 37 -28.03 -16.48 -12.69
CA UNK YB 37 -28.85 -15.44 -13.33
C UNK YB 37 -29.08 -14.22 -12.40
N UNK YB 38 -29.22 -14.56 -11.11
CA UNK YB 38 -29.43 -13.84 -9.80
C UNK YB 38 -30.56 -14.47 -9.01
N UNK YB 39 -30.17 -15.41 -8.17
CA UNK YB 39 -31.07 -16.09 -7.26
C UNK YB 39 -30.58 -15.68 -5.89
N UNK YB 40 -29.41 -15.06 -5.87
CA UNK YB 40 -28.78 -14.58 -4.64
C UNK YB 40 -28.67 -15.60 -3.51
N UNK YB 41 -28.09 -15.15 -2.41
CA UNK YB 41 -27.95 -15.95 -1.20
C UNK YB 41 -28.21 -15.06 0.02
N UNK YB 42 -29.35 -14.40 0.02
CA UNK YB 42 -29.71 -13.43 1.05
C UNK YB 42 -30.08 -14.10 2.36
N UNK YB 43 -30.27 -13.29 3.40
CA UNK YB 43 -30.71 -13.78 4.69
C UNK YB 43 -32.23 -13.85 4.72
N UNK YB 44 -32.78 -14.76 3.90
CA UNK YB 44 -34.23 -14.97 3.69
C UNK YB 44 -34.97 -13.68 3.29
N UNK YB 45 -34.67 -13.17 2.10
CA UNK YB 45 -35.27 -11.90 1.65
C UNK YB 45 -36.72 -12.08 1.24
N UNK YB 46 -37.62 -11.49 2.01
CA UNK YB 46 -39.04 -11.58 1.74
C UNK YB 46 -39.74 -10.35 2.32
N UNK YB 47 -39.00 -9.65 3.17
CA UNK YB 47 -39.40 -8.40 3.81
C UNK YB 47 -40.72 -8.50 4.57
N UNK YB 48 -40.68 -9.04 5.80
CA UNK YB 48 -41.80 -9.10 6.75
C UNK YB 48 -43.09 -9.72 6.19
N UNK YB 49 -43.04 -10.98 5.78
CA UNK YB 49 -44.19 -11.64 5.16
C UNK YB 49 -44.93 -12.56 6.13
N UNK YB 50 -44.52 -13.82 6.19
CA UNK YB 50 -45.19 -14.81 7.02
C UNK YB 50 -44.29 -15.33 8.14
N UNK YB 51 -42.99 -15.32 7.91
CA UNK YB 51 -42.03 -15.70 8.93
C UNK YB 51 -41.83 -14.52 9.88
N UNK YB 52 -41.83 -14.80 11.18
CA UNK YB 52 -41.62 -13.78 12.18
C UNK YB 52 -40.14 -13.61 12.52
N UNK YB 53 -39.30 -14.34 11.80
CA UNK YB 53 -37.86 -14.26 11.99
C UNK YB 53 -37.23 -13.23 11.06
N UNK YB 54 -38.04 -12.27 10.61
CA UNK YB 54 -37.57 -11.16 9.80
C UNK YB 54 -37.38 -9.92 10.66
N UNK YB 55 -37.28 -10.15 11.96
CA UNK YB 55 -36.89 -9.11 12.90
C UNK YB 55 -35.53 -9.48 13.40
N UNK YB 56 -35.36 -10.78 13.65
CA UNK YB 56 -34.08 -11.34 14.04
C UNK YB 56 -33.10 -11.25 12.87
N UNK YB 57 -33.61 -11.48 11.67
CA UNK YB 57 -32.82 -11.30 10.45
C UNK YB 57 -32.66 -9.81 10.17
N UNK YB 58 -33.55 -8.99 10.74
CA UNK YB 58 -33.42 -7.54 10.67
C UNK YB 58 -32.46 -7.06 11.75
N UNK YB 59 -32.01 -7.99 12.59
CA UNK YB 59 -30.91 -7.73 13.49
C UNK YB 59 -29.71 -8.57 13.08
N UNK YB 60 -29.89 -9.43 12.08
CA UNK YB 60 -28.78 -10.25 11.58
C UNK YB 60 -28.22 -9.67 10.30
N UNK YB 61 -28.99 -8.82 9.65
CA UNK YB 61 -28.54 -8.15 8.44
C UNK YB 61 -27.52 -7.09 8.81
N UNK YB 62 -27.92 -6.18 9.68
CA UNK YB 62 -27.08 -5.05 10.07
C UNK YB 62 -25.95 -5.46 11.02
N UNK YB 63 -26.02 -6.68 11.57
CA UNK YB 63 -24.92 -7.20 12.35
C UNK YB 63 -23.97 -7.93 11.41
N UNK YB 64 -24.49 -8.33 10.26
CA UNK YB 64 -23.62 -8.80 9.20
C UNK YB 64 -23.07 -7.57 8.51
N UNK YB 65 -23.82 -6.48 8.60
CA UNK YB 65 -23.37 -5.19 8.08
C UNK YB 65 -22.77 -4.35 9.20
N UNK YB 66 -22.39 -5.02 10.28
CA UNK YB 66 -21.69 -4.36 11.37
C UNK YB 66 -20.24 -4.16 10.97
N UNK YB 67 -19.79 -4.96 10.01
CA UNK YB 67 -18.50 -4.75 9.38
C UNK YB 67 -18.61 -3.50 8.47
N UNK YB 68 -19.77 -3.40 7.82
CA UNK YB 68 -20.09 -2.35 6.86
C UNK YB 68 -20.06 -0.98 7.47
N UNK YB 69 -20.53 -0.89 8.72
CA UNK YB 69 -20.52 0.39 9.41
C UNK YB 69 -19.07 0.86 9.59
N UNK YB 70 -18.19 -0.07 9.93
CA UNK YB 70 -16.77 0.22 10.09
C UNK YB 70 -16.19 0.67 8.76
N UNK YB 71 -16.59 0.02 7.67
CA UNK YB 71 -16.11 0.42 6.36
C UNK YB 71 -16.53 1.86 6.02
N UNK YB 72 -17.78 2.20 6.36
CA UNK YB 72 -18.31 3.53 6.13
C UNK YB 72 -17.53 4.57 6.93
N UNK YB 73 -17.30 4.22 8.19
CA UNK YB 73 -16.58 5.07 9.11
C UNK YB 73 -15.27 5.40 8.46
N UNK YB 74 -14.41 4.40 8.33
CA UNK YB 74 -13.11 4.58 7.69
C UNK YB 74 -13.33 4.98 6.24
N UNK YB 75 -14.29 4.32 5.58
CA UNK YB 75 -14.64 4.62 4.20
C UNK YB 75 -15.17 6.04 4.14
N UNK YB 76 -16.01 6.39 5.11
CA UNK YB 76 -16.54 7.74 5.19
C UNK YB 76 -15.41 8.73 5.47
N UNK YB 77 -14.46 8.33 6.31
CA UNK YB 77 -13.36 9.18 6.73
C UNK YB 77 -12.49 9.72 5.61
N UNK YB 78 -12.15 10.99 5.75
CA UNK YB 78 -11.32 11.72 4.82
C UNK YB 78 -10.63 12.88 5.55
N UNK YB 79 -9.59 13.42 4.94
CA UNK YB 79 -8.87 14.54 5.53
C UNK YB 79 -9.79 15.71 5.86
N GLN ZB 1 -65.17 5.24 16.80
CA GLN ZB 1 -64.10 4.72 17.66
C GLN ZB 1 -64.36 5.07 19.12
N PHE ZB 2 -63.58 4.50 20.02
CA PHE ZB 2 -63.72 4.71 21.45
C PHE ZB 2 -63.02 5.99 21.89
N GLN ZB 3 -62.81 6.91 20.95
CA GLN ZB 3 -62.43 8.28 21.26
C GLN ZB 3 -63.67 9.14 21.40
N PHE ZB 4 -64.83 8.49 21.56
CA PHE ZB 4 -66.11 9.17 21.74
C PHE ZB 4 -66.70 8.92 23.12
N THR ZB 5 -66.95 7.66 23.50
CA THR ZB 5 -67.79 7.40 24.67
C THR ZB 5 -67.03 7.60 25.96
N GLY ZB 6 -65.72 7.82 25.89
CA GLY ZB 6 -65.00 8.27 27.05
C GLY ZB 6 -65.31 9.72 27.38
N ILE ZB 7 -65.54 10.53 26.34
CA ILE ZB 7 -65.81 11.95 26.50
C ILE ZB 7 -67.15 12.36 25.88
N LYS ZB 8 -68.11 11.45 25.82
CA LYS ZB 8 -69.39 11.82 25.22
C LYS ZB 8 -70.31 12.45 26.24
N LYS ZB 9 -70.12 12.14 27.51
CA LYS ZB 9 -70.87 12.82 28.55
C LYS ZB 9 -70.42 14.27 28.69
N TYR ZB 10 -69.19 14.56 28.27
CA TYR ZB 10 -68.66 15.91 28.36
C TYR ZB 10 -69.18 16.78 27.23
N PHE ZB 11 -69.43 16.18 26.06
CA PHE ZB 11 -69.65 16.98 24.86
C PHE ZB 11 -70.97 17.72 24.91
N ASN ZB 12 -72.08 17.00 25.00
CA ASN ZB 12 -73.41 17.64 24.98
C ASN ZB 12 -73.68 18.45 26.25
N SER ZB 13 -72.80 18.36 27.24
CA SER ZB 13 -72.81 19.32 28.34
C SER ZB 13 -72.38 20.72 27.87
N TYR ZB 14 -71.16 20.85 27.34
CA TYR ZB 14 -70.62 22.17 27.08
C TYR ZB 14 -70.51 22.52 25.59
N THR ZB 15 -70.77 21.58 24.67
CA THR ZB 15 -70.70 21.95 23.25
C THR ZB 15 -71.96 22.72 22.84
N LEU ZB 16 -72.92 22.85 23.74
CA LEU ZB 16 -74.07 23.71 23.50
C LEU ZB 16 -73.62 25.15 23.32
N THR ZB 17 -72.55 25.56 23.99
CA THR ZB 17 -72.01 26.89 23.78
C THR ZB 17 -70.61 26.81 23.19
N GLY ZB 18 -69.91 25.71 23.44
CA GLY ZB 18 -68.51 25.62 23.05
C GLY ZB 18 -68.33 25.29 21.59
N ARG ZB 19 -69.31 24.60 20.99
CA ARG ZB 19 -69.23 24.22 19.59
C ARG ZB 19 -69.95 25.23 18.72
N MET ZB 20 -69.49 26.46 18.82
CA MET ZB 20 -69.95 27.57 18.00
C MET ZB 20 -68.83 28.04 17.09
N ASN ZB 21 -68.16 27.10 16.43
CA ASN ZB 21 -67.07 27.45 15.51
C ASN ZB 21 -67.60 28.06 14.21
N CYS ZB 22 -68.92 28.26 14.15
CA CYS ZB 22 -69.55 28.82 12.98
C CYS ZB 22 -68.99 30.21 12.74
N VAL ZB 23 -68.84 30.97 13.82
CA VAL ZB 23 -68.26 32.31 13.71
C VAL ZB 23 -66.82 32.19 13.24
N LEU ZB 24 -66.09 31.23 13.80
CA LEU ZB 24 -64.72 31.00 13.41
C LEU ZB 24 -64.65 30.57 11.96
N ALA ZB 25 -65.57 29.68 11.58
CA ALA ZB 25 -65.63 29.19 10.21
C ALA ZB 25 -65.97 30.30 9.23
N THR ZB 26 -66.91 31.16 9.61
CA THR ZB 26 -67.32 32.26 8.75
C THR ZB 26 -66.17 33.21 8.50
N TYR ZB 27 -65.41 33.51 9.56
CA TYR ZB 27 -64.27 34.39 9.46
C TYR ZB 27 -63.20 33.82 8.55
N GLY ZB 28 -62.96 32.52 8.67
CA GLY ZB 28 -61.96 31.85 7.87
C GLY ZB 28 -62.27 31.88 6.38
N GLY ZB 29 -63.52 31.67 6.03
CA GLY ZB 29 -63.92 31.67 4.63
C GLY ZB 29 -63.72 33.04 4.03
N ILE ZB 30 -64.08 34.08 4.78
CA ILE ZB 30 -63.92 35.46 4.32
C ILE ZB 30 -62.45 35.80 4.14
N ALA ZB 31 -61.63 35.32 5.07
CA ALA ZB 31 -60.19 35.59 5.02
C ALA ZB 31 -59.56 34.99 3.76
N LEU ZB 32 -59.98 33.78 3.39
CA LEU ZB 32 -59.44 33.16 2.19
C LEU ZB 32 -59.82 33.98 0.97
N LEU ZB 33 -61.06 34.47 0.94
CA LEU ZB 33 -61.55 35.25 -0.20
C LEU ZB 33 -60.81 36.57 -0.41
N VAL ZB 34 -60.54 37.31 0.66
CA VAL ZB 34 -59.85 38.59 0.49
C VAL ZB 34 -58.44 38.40 -0.07
N LEU ZB 35 -57.76 37.35 0.38
CA LEU ZB 35 -56.41 37.07 -0.09
C LEU ZB 35 -56.45 36.77 -1.59
N TYR ZB 36 -57.44 35.99 -2.00
CA TYR ZB 36 -57.62 35.64 -3.41
C TYR ZB 36 -57.95 36.90 -4.22
N PHE ZB 37 -58.76 37.78 -3.63
CA PHE ZB 37 -59.17 39.01 -4.28
C PHE ZB 37 -57.99 39.94 -4.57
N LYS ZB 38 -57.06 40.04 -3.64
CA LYS ZB 38 -55.91 40.92 -3.84
C LYS ZB 38 -54.92 40.30 -4.81
N LEU ZB 39 -54.86 38.97 -4.87
CA LEU ZB 39 -53.99 38.32 -5.84
C LEU ZB 39 -54.65 38.27 -7.21
N ARG ZB 40 -55.98 38.42 -7.25
CA ARG ZB 40 -56.67 38.56 -8.52
C ARG ZB 40 -56.38 39.91 -9.16
N SER ZB 41 -56.32 40.96 -8.35
CA SER ZB 41 -55.96 42.27 -8.87
C SER ZB 41 -54.45 42.50 -8.83
N LYS ZB 42 -53.71 41.53 -8.27
CA LYS ZB 42 -52.25 41.53 -8.17
C LYS ZB 42 -51.67 42.76 -7.49
N UNK AC 1 -80.67 64.74 36.51
CA UNK AC 1 -81.45 63.53 36.55
C UNK AC 1 -80.59 62.30 36.84
N UNK AC 2 -79.82 62.34 37.91
CA UNK AC 2 -79.10 61.17 38.38
C UNK AC 2 -80.12 60.24 39.01
N UNK AC 3 -80.01 58.94 38.73
CA UNK AC 3 -80.93 57.89 39.18
C UNK AC 3 -82.40 58.14 38.81
N UNK AC 4 -82.63 58.83 37.69
CA UNK AC 4 -83.97 58.98 37.13
C UNK AC 4 -84.22 57.77 36.24
N UNK AC 5 -83.39 57.64 35.21
CA UNK AC 5 -83.15 56.34 34.56
C UNK AC 5 -82.07 55.70 35.37
N UNK AC 6 -82.49 54.97 36.40
CA UNK AC 6 -81.62 54.60 37.51
C UNK AC 6 -80.60 53.51 37.17
N UNK AC 7 -80.00 52.94 38.23
CA UNK AC 7 -79.01 51.89 38.08
C UNK AC 7 -79.68 50.59 37.63
N UNK AC 8 -79.85 49.65 38.58
CA UNK AC 8 -80.59 48.38 38.38
C UNK AC 8 -80.20 47.52 37.17
N UNK AC 9 -78.97 47.73 36.65
CA UNK AC 9 -78.43 47.07 35.46
C UNK AC 9 -79.26 47.26 34.19
N UNK AC 10 -78.76 46.69 33.09
CA UNK AC 10 -79.42 46.62 31.78
C UNK AC 10 -79.94 47.93 31.20
N UNK AC 11 -80.95 48.50 31.86
CA UNK AC 11 -81.67 49.68 31.40
C UNK AC 11 -80.83 50.94 31.23
N UNK AC 12 -79.63 50.96 31.79
CA UNK AC 12 -78.74 52.09 31.60
C UNK AC 12 -78.13 52.06 30.20
N UNK AC 13 -77.64 50.89 29.80
CA UNK AC 13 -76.87 50.76 28.56
C UNK AC 13 -77.68 50.28 27.38
N UNK AC 14 -78.84 49.68 27.61
CA UNK AC 14 -79.68 49.28 26.48
C UNK AC 14 -80.07 50.58 25.75
N UNK AC 15 -80.35 51.61 26.55
CA UNK AC 15 -80.71 52.94 26.06
C UNK AC 15 -79.56 53.54 25.26
N UNK AC 16 -78.33 53.33 25.71
CA UNK AC 16 -77.16 53.84 25.00
C UNK AC 16 -77.09 53.22 23.60
N UNK AC 17 -77.36 51.92 23.52
CA UNK AC 17 -77.36 51.21 22.24
C UNK AC 17 -78.47 51.76 21.35
N UNK AC 18 -79.62 52.04 21.95
CA UNK AC 18 -80.75 52.60 21.22
C UNK AC 18 -80.38 53.99 20.66
N UNK AC 19 -79.66 54.77 21.45
CA UNK AC 19 -79.20 56.09 21.06
C UNK AC 19 -78.24 55.98 19.89
N UNK AC 20 -77.37 54.96 19.93
CA UNK AC 20 -76.43 54.72 18.84
C UNK AC 20 -77.20 54.39 17.57
N UNK AC 21 -78.24 53.57 17.71
CA UNK AC 21 -79.08 53.21 16.57
C UNK AC 21 -79.75 54.45 15.99
N UNK AC 22 -80.23 55.34 16.87
CA UNK AC 22 -80.88 56.58 16.46
C UNK AC 22 -79.90 57.45 15.68
N UNK AC 23 -78.65 57.50 16.16
CA UNK AC 23 -77.61 58.27 15.51
C UNK AC 23 -77.34 57.71 14.11
N UNK AC 24 -77.34 56.38 14.01
CA UNK AC 24 -77.13 55.72 12.73
C UNK AC 24 -78.27 56.06 11.77
N UNK AC 25 -79.49 56.08 12.30
CA UNK AC 25 -80.67 56.41 11.49
C UNK AC 25 -80.55 57.84 10.97
N UNK AC 26 -80.08 58.74 11.83
CA UNK AC 26 -79.90 60.14 11.46
C UNK AC 26 -78.90 60.24 10.32
N UNK AC 27 -77.83 59.44 10.40
CA UNK AC 27 -76.81 59.43 9.36
C UNK AC 27 -77.41 58.96 8.05
N UNK AC 28 -78.26 57.95 8.12
CA UNK AC 28 -78.93 57.42 6.93
C UNK AC 28 -79.83 58.48 6.31
N UNK AC 29 -80.52 59.24 7.17
CA UNK AC 29 -81.42 60.29 6.73
C UNK AC 29 -82.40 59.83 5.65
N ASP BC 5 -43.44 34.45 5.91
CA ASP BC 5 -43.18 35.39 6.98
C ASP BC 5 -44.50 36.06 7.32
N THR BC 6 -44.76 37.20 6.67
CA THR BC 6 -46.06 37.85 6.73
C THR BC 6 -47.00 36.99 5.89
N SER BC 7 -47.51 35.92 6.53
CA SER BC 7 -47.48 34.61 5.90
C SER BC 7 -48.29 34.44 4.61
N THR BC 8 -49.59 34.09 4.70
CA THR BC 8 -50.80 34.48 3.94
C THR BC 8 -51.88 33.42 4.15
N TRP BC 9 -53.12 33.75 3.76
CA TRP BC 9 -54.04 32.82 3.12
C TRP BC 9 -54.68 31.71 3.97
N PHE BC 10 -54.08 31.36 5.11
CA PHE BC 10 -54.73 30.78 6.30
C PHE BC 10 -55.51 29.46 6.21
N ILE BC 11 -55.58 28.77 5.05
CA ILE BC 11 -56.42 27.57 4.93
C ILE BC 11 -55.83 26.41 5.70
N THR BC 12 -54.56 26.54 6.06
CA THR BC 12 -53.73 25.64 6.84
C THR BC 12 -54.15 25.70 8.30
N ILE BC 13 -53.16 25.65 9.20
CA ILE BC 13 -53.11 25.06 10.53
C ILE BC 13 -54.40 24.89 11.31
N THR BC 14 -55.39 25.78 11.15
CA THR BC 14 -56.49 25.89 12.12
C THR BC 14 -57.41 24.67 12.07
N SER BC 15 -57.38 23.90 11.00
CA SER BC 15 -58.15 22.66 10.98
C SER BC 15 -57.35 21.54 11.62
N MET BC 16 -56.06 21.78 11.84
CA MET BC 16 -55.23 20.77 12.48
C MET BC 16 -54.99 21.10 13.95
N ILE BC 17 -55.77 22.06 14.48
CA ILE BC 17 -55.66 22.38 15.91
C ILE BC 17 -56.78 21.70 16.69
N MET BC 18 -57.92 21.43 16.05
CA MET BC 18 -59.04 20.91 16.81
C MET BC 18 -58.99 19.40 16.84
N THR BC 19 -58.22 18.81 15.94
CA THR BC 19 -57.89 17.40 16.11
C THR BC 19 -56.98 17.21 17.31
N LEU BC 20 -56.20 18.24 17.66
CA LEU BC 20 -55.32 18.11 18.82
C LEU BC 20 -56.12 18.16 20.11
N PHE BC 21 -57.26 18.84 20.10
CA PHE BC 21 -58.05 18.90 21.33
C PHE BC 21 -59.03 17.74 21.39
N ILE BC 22 -58.75 16.67 20.63
CA ILE BC 22 -59.27 15.36 20.97
C ILE BC 22 -58.18 14.55 21.67
N LEU BC 23 -56.92 14.90 21.45
CA LEU BC 23 -55.84 14.22 22.16
C LEU BC 23 -55.75 14.67 23.60
N PHE BC 24 -55.67 15.99 23.82
CA PHE BC 24 -55.38 16.50 25.15
C PHE BC 24 -56.54 16.30 26.10
N GLN BC 25 -57.74 16.13 25.58
CA GLN BC 25 -58.86 15.80 26.44
C GLN BC 25 -58.95 14.29 26.64
N LEU BC 26 -58.02 13.54 26.06
CA LEU BC 26 -57.99 12.11 26.31
C LEU BC 26 -56.95 11.77 27.37
N LYS BC 27 -55.80 12.42 27.31
CA LYS BC 27 -54.73 12.12 28.27
C LYS BC 27 -55.07 12.67 29.64
N ILE BC 28 -55.42 13.95 29.71
CA ILE BC 28 -55.49 14.70 30.95
C ILE BC 28 -56.78 14.33 31.68
N SER BC 29 -57.69 13.67 30.96
CA SER BC 29 -58.94 13.22 31.57
C SER BC 29 -58.71 12.07 32.53
N ASN BC 30 -57.65 11.30 32.32
CA ASN BC 30 -57.33 10.19 33.21
C ASN BC 30 -56.26 10.63 34.19
N TYR BC 31 -56.60 11.56 35.08
CA TYR BC 31 -55.63 12.03 36.05
C TYR BC 31 -56.08 11.76 37.48
N SER BC 32 -55.23 11.07 38.24
CA SER BC 32 -55.54 10.80 39.63
C SER BC 32 -55.40 12.12 40.38
N TYR BC 33 -56.34 12.41 41.27
CA TYR BC 33 -56.28 13.64 42.03
C TYR BC 33 -56.25 13.34 43.51
N PRO BC 34 -55.34 13.97 44.24
CA PRO BC 34 -55.25 13.77 45.68
C PRO BC 34 -56.51 14.24 46.37
N ALA BC 35 -57.05 15.38 45.91
CA ALA BC 35 -58.27 15.94 46.49
C ALA BC 35 -59.46 15.00 46.28
N SER BC 36 -59.56 14.43 45.08
CA SER BC 36 -60.65 13.51 44.77
C SER BC 36 -60.57 12.29 45.67
N PRO BC 37 -59.35 11.78 45.86
CA PRO BC 37 -59.09 10.62 46.71
C PRO BC 37 -59.45 10.93 48.16
N GLU BC 38 -59.14 12.16 48.57
CA GLU BC 38 -59.45 12.60 49.93
C GLU BC 38 -60.96 12.56 50.13
N SER BC 39 -61.71 12.95 49.10
CA SER BC 39 -63.16 12.96 49.20
C SER BC 39 -63.75 11.56 49.28
N ILE BC 40 -62.96 10.51 49.05
CA ILE BC 40 -63.44 9.15 49.26
C ILE BC 40 -62.93 8.58 50.58
N GLU BC 41 -62.45 9.45 51.47
CA GLU BC 41 -61.84 9.02 52.72
C GLU BC 41 -62.84 8.84 53.85
N LEU BC 42 -63.98 9.54 53.82
CA LEU BC 42 -64.92 9.44 54.93
C LEU BC 42 -66.15 8.61 54.59
N LYS BC 43 -66.25 8.11 53.35
CA LYS BC 43 -67.42 7.36 52.92
C LYS BC 43 -67.52 5.97 53.53
N THR BC 44 -66.42 5.44 54.07
CA THR BC 44 -66.45 4.09 54.63
C THR BC 44 -66.76 4.05 56.12
N GLN BC 45 -66.55 5.16 56.83
CA GLN BC 45 -66.61 5.15 58.28
C GLN BC 45 -68.05 5.13 58.80
N LYS BC 46 -68.86 6.12 58.43
CA LYS BC 46 -70.14 6.35 59.10
C LYS BC 46 -71.25 5.42 58.66
N HIS BC 47 -71.02 4.59 57.65
CA HIS BC 47 -71.95 3.50 57.38
C HIS BC 47 -71.78 2.38 58.41
N SER BC 48 -70.53 2.07 58.77
CA SER BC 48 -70.26 1.09 59.82
C SER BC 48 -70.53 1.65 61.21
N THR BC 49 -70.50 2.97 61.37
CA THR BC 49 -70.78 3.58 62.66
C THR BC 49 -72.24 3.43 63.05
N PRO BC 50 -73.16 3.66 62.13
CA PRO BC 50 -74.57 3.39 62.41
C PRO BC 50 -74.87 1.90 62.38
N TRP BC 51 -74.01 1.11 61.72
CA TRP BC 51 -74.14 -0.35 61.78
C TRP BC 51 -73.83 -0.87 63.16
N GLU BC 52 -73.01 -0.16 63.94
CA GLU BC 52 -72.87 -0.46 65.36
C GLU BC 52 -74.16 -0.19 66.11
N MET BC 53 -74.92 0.81 65.68
CA MET BC 53 -76.24 1.06 66.26
C MET BC 53 -77.31 0.17 65.64
N LYS BC 54 -76.98 -0.52 64.55
CA LYS BC 54 -77.92 -1.49 63.99
C LYS BC 54 -78.02 -2.74 64.85
N TRP BC 55 -76.95 -3.07 65.58
CA TRP BC 55 -77.03 -4.14 66.56
C TRP BC 55 -77.41 -3.62 67.94
N THR BC 56 -77.32 -2.30 68.14
CA THR BC 56 -77.76 -1.73 69.41
C THR BC 56 -79.28 -1.62 69.48
N LYS BC 57 -79.94 -1.52 68.32
CA LYS BC 57 -81.39 -1.57 68.30
C LYS BC 57 -81.90 -2.98 68.14
N ILE BC 58 -81.11 -3.85 67.49
CA ILE BC 58 -81.49 -5.26 67.35
C ILE BC 58 -81.44 -6.01 68.67
N TYR BC 59 -80.64 -5.52 69.62
CA TYR BC 59 -80.68 -6.07 70.97
C TYR BC 59 -81.66 -5.32 71.86
N LEU BC 60 -81.47 -4.03 72.05
CA LEU BC 60 -82.31 -3.23 72.93
C LEU BC 60 -83.62 -2.85 72.26
N ASN CC 2 -12.35 54.11 17.77
CA ASN CC 2 -12.54 53.20 16.65
C ASN CC 2 -11.87 51.86 16.92
N GLU CC 3 -12.27 51.21 18.02
CA GLU CC 3 -11.64 49.96 18.45
C GLU CC 3 -12.43 48.75 17.99
N ASN CC 4 -13.68 48.67 18.44
CA ASN CC 4 -14.52 47.49 18.27
C ASN CC 4 -15.64 47.82 17.30
N LEU CC 5 -15.46 47.42 16.05
CA LEU CC 5 -16.45 47.64 15.00
C LEU CC 5 -17.35 46.42 14.93
N PHE CC 6 -18.62 46.60 15.30
CA PHE CC 6 -19.62 45.57 15.07
C PHE CC 6 -19.82 45.35 13.59
N ALA CC 7 -20.31 44.17 13.24
CA ALA CC 7 -20.69 43.88 11.86
C ALA CC 7 -22.17 43.49 11.84
N SER CC 8 -22.72 43.34 10.64
CA SER CC 8 -24.05 42.79 10.46
C SER CC 8 -24.05 41.94 9.20
N PHE CC 9 -25.02 41.03 9.12
CA PHE CC 9 -25.25 40.26 7.92
C PHE CC 9 -26.68 40.49 7.48
N ILE CC 10 -26.89 40.70 6.18
CA ILE CC 10 -28.20 40.93 5.61
C ILE CC 10 -28.70 39.62 5.03
N ALA CC 11 -29.72 39.05 5.65
CA ALA CC 11 -30.26 37.77 5.21
C ALA CC 11 -31.73 37.72 5.57
N PRO CC 12 -32.57 37.14 4.72
CA PRO CC 12 -34.00 37.08 5.03
C PRO CC 12 -34.30 36.12 6.16
N THR CC 13 -35.16 36.56 7.06
CA THR CC 13 -35.55 35.80 8.25
C THR CC 13 -36.89 35.11 7.96
N MET CC 14 -36.86 33.80 7.84
CA MET CC 14 -37.91 33.05 7.17
C MET CC 14 -38.76 32.25 8.14
N MET CC 15 -40.00 32.69 8.32
CA MET CC 15 -41.02 31.88 8.96
C MET CC 15 -41.76 31.11 7.89
N GLY CC 16 -41.12 30.08 7.35
CA GLY CC 16 -41.75 29.27 6.32
C GLY CC 16 -42.89 28.43 6.82
N LEU CC 17 -43.54 27.67 5.95
CA LEU CC 17 -44.64 26.87 6.45
C LEU CC 17 -44.50 25.43 5.97
N PRO CC 18 -43.68 24.61 6.62
CA PRO CC 18 -43.65 23.18 6.30
C PRO CC 18 -44.85 22.46 6.87
N ILE CC 19 -44.82 21.12 6.75
CA ILE CC 19 -45.97 20.26 7.02
C ILE CC 19 -46.33 20.30 8.49
N VAL CC 20 -47.43 20.96 8.81
CA VAL CC 20 -47.74 21.35 10.18
C VAL CC 20 -48.45 20.27 10.99
N THR CC 21 -49.28 19.44 10.35
CA THR CC 21 -50.16 18.57 11.13
C THR CC 21 -49.41 17.40 11.74
N LEU CC 22 -48.14 17.23 11.40
CA LEU CC 22 -47.26 16.38 12.19
C LEU CC 22 -46.72 17.14 13.39
N ILE CC 23 -46.40 18.41 13.20
CA ILE CC 23 -45.71 19.16 14.23
C ILE CC 23 -46.65 19.51 15.36
N ILE CC 24 -47.94 19.60 15.07
CA ILE CC 24 -48.92 19.87 16.11
C ILE CC 24 -49.11 18.65 16.99
N MET CC 25 -49.15 17.46 16.39
CA MET CC 25 -49.44 16.25 17.15
C MET CC 25 -48.27 15.83 18.03
N PHE CC 26 -47.08 16.34 17.74
CA PHE CC 26 -45.88 15.80 18.38
C PHE CC 26 -45.74 16.16 19.86
N PRO CC 27 -46.07 17.37 20.34
CA PRO CC 27 -46.09 17.54 21.81
C PRO CC 27 -47.30 16.98 22.50
N SER CC 28 -48.02 16.03 21.90
CA SER CC 28 -48.93 15.22 22.69
C SER CC 28 -48.24 13.96 23.19
N LEU CC 29 -47.36 13.41 22.39
CA LEU CC 29 -46.73 12.14 22.74
C LEU CC 29 -45.53 12.33 23.66
N LEU CC 30 -45.23 13.56 24.06
CA LEU CC 30 -44.25 13.77 25.11
C LEU CC 30 -44.83 13.48 26.48
N PHE CC 31 -46.16 13.52 26.59
CA PHE CC 31 -46.80 13.27 27.87
C PHE CC 31 -47.53 11.94 27.81
N PRO CC 32 -47.13 10.96 28.60
CA PRO CC 32 -47.87 9.70 28.66
C PRO CC 32 -48.88 9.71 29.80
N THR CC 33 -49.71 8.69 29.83
CA THR CC 33 -50.70 8.53 30.90
C THR CC 33 -50.74 7.10 31.42
N PRO CC 34 -50.52 6.90 32.71
CA PRO CC 34 -50.40 5.53 33.21
C PRO CC 34 -51.70 5.01 33.80
N LYS CC 35 -51.96 3.73 33.55
CA LYS CC 35 -53.07 3.01 34.16
C LYS CC 35 -52.61 2.20 35.36
N ARG CC 36 -51.94 2.83 36.31
CA ARG CC 36 -51.37 2.14 37.45
C ARG CC 36 -51.48 3.03 38.68
N LEU CC 37 -51.32 2.45 39.86
CA LEU CC 37 -51.46 3.26 41.06
C LEU CC 37 -50.18 4.04 41.32
N ILE CC 38 -49.09 3.35 41.59
CA ILE CC 38 -47.80 4.02 41.65
C ILE CC 38 -47.27 4.15 40.23
N ASN CC 39 -46.71 5.30 39.90
CA ASN CC 39 -46.19 5.51 38.57
C ASN CC 39 -44.67 5.52 38.57
N ASN CC 40 -44.08 5.96 37.47
CA ASN CC 40 -42.73 5.58 37.11
C ASN CC 40 -41.80 6.78 37.06
N ARG CC 41 -41.93 7.70 38.00
CA ARG CC 41 -41.00 8.77 38.36
C ARG CC 41 -40.57 9.67 37.18
N THR CC 42 -41.28 9.63 36.06
CA THR CC 42 -41.19 10.68 35.04
C THR CC 42 -42.57 11.18 34.63
N ILE CC 43 -43.61 10.39 34.80
CA ILE CC 43 -44.95 10.94 34.78
C ILE CC 43 -45.26 11.55 36.12
N SER CC 44 -44.62 11.07 37.19
CA SER CC 44 -45.00 11.49 38.54
C SER CC 44 -44.61 12.93 38.84
N ILE CC 45 -43.69 13.50 38.06
CA ILE CC 45 -43.45 14.93 38.22
C ILE CC 45 -44.20 15.73 37.16
N GLN CC 46 -44.84 15.04 36.22
CA GLN CC 46 -45.84 15.73 35.39
C GLN CC 46 -47.17 15.76 36.12
N GLN CC 47 -47.50 14.69 36.85
CA GLN CC 47 -48.77 14.59 37.55
C GLN CC 47 -48.82 15.53 38.74
N TRP CC 48 -47.67 15.86 39.32
CA TRP CC 48 -47.64 16.80 40.42
C TRP CC 48 -47.76 18.22 39.91
N LEU CC 49 -47.25 18.48 38.71
CA LEU CC 49 -47.19 19.85 38.19
C LEU CC 49 -48.57 20.34 37.81
N ILE CC 50 -49.49 19.42 37.53
CA ILE CC 50 -50.86 19.80 37.24
C ILE CC 50 -51.61 20.09 38.53
N GLN CC 51 -51.32 19.31 39.56
CA GLN CC 51 -52.04 19.44 40.81
C GLN CC 51 -51.85 20.86 41.31
N LEU CC 52 -50.64 21.39 41.17
CA LEU CC 52 -50.46 22.78 41.59
C LEU CC 52 -51.43 23.70 40.87
N THR CC 53 -51.29 23.83 39.56
CA THR CC 53 -51.99 24.90 38.85
C THR CC 53 -53.39 24.50 38.46
N SER CC 54 -53.88 23.37 38.96
CA SER CC 54 -55.32 23.16 39.00
C SER CC 54 -55.90 23.72 40.27
N LYS CC 55 -55.06 24.09 41.24
CA LYS CC 55 -55.57 24.67 42.46
C LYS CC 55 -55.44 26.18 42.46
N GLN CC 56 -55.31 26.80 41.29
CA GLN CC 56 -55.33 28.25 41.23
C GLN CC 56 -56.34 28.75 40.20
N MET CC 57 -56.67 27.94 39.21
CA MET CC 57 -57.81 28.23 38.36
C MET CC 57 -59.06 27.57 38.88
N MET CC 58 -59.00 27.01 40.09
CA MET CC 58 -60.21 26.50 40.73
C MET CC 58 -60.69 27.44 41.81
N ALA CC 59 -59.75 28.12 42.48
CA ALA CC 59 -60.07 28.78 43.74
C ALA CC 59 -60.90 30.04 43.52
N ILE CC 60 -60.68 30.74 42.42
CA ILE CC 60 -61.37 32.00 42.18
C ILE CC 60 -62.84 31.77 41.89
N HIS CC 61 -63.14 30.77 41.07
CA HIS CC 61 -64.47 30.67 40.49
C HIS CC 61 -65.50 30.23 41.51
N ASN CC 62 -65.35 29.01 42.04
CA ASN CC 62 -66.13 28.48 43.18
C ASN CC 62 -67.64 28.53 42.92
N GLN CC 63 -68.05 27.91 41.83
CA GLN CC 63 -69.41 27.99 41.36
C GLN CC 63 -69.83 26.63 40.83
N LYS CC 64 -70.90 26.64 40.06
CA LYS CC 64 -71.12 25.55 39.13
C LYS CC 64 -70.62 25.93 37.74
N GLY CC 65 -69.65 26.84 37.68
CA GLY CC 65 -68.84 27.08 36.51
C GLY CC 65 -67.49 26.43 36.67
N GLN CC 66 -67.40 25.50 37.61
CA GLN CC 66 -66.16 24.74 37.81
C GLN CC 66 -66.05 23.62 36.80
N THR CC 67 -67.14 23.32 36.09
CA THR CC 67 -67.12 22.27 35.08
C THR CC 67 -66.23 22.69 33.92
N TRP CC 68 -66.15 23.99 33.66
CA TRP CC 68 -65.38 24.51 32.56
C TRP CC 68 -63.87 24.39 32.81
N SER CC 69 -63.47 24.23 34.07
CA SER CC 69 -62.06 24.43 34.43
C SER CC 69 -61.21 23.20 34.15
N LEU CC 70 -61.84 22.07 33.89
CA LEU CC 70 -61.07 20.88 33.55
C LEU CC 70 -60.55 20.95 32.12
N MET CC 71 -61.10 21.85 31.31
CA MET CC 71 -60.57 22.09 29.98
C MET CC 71 -59.42 23.08 30.01
N LEU CC 72 -59.48 24.07 30.90
CA LEU CC 72 -58.54 25.19 30.88
C LEU CC 72 -57.15 24.75 31.28
N MET CC 73 -57.00 23.57 31.88
CA MET CC 73 -55.68 23.04 32.15
C MET CC 73 -55.16 22.22 30.98
N SER CC 74 -55.99 21.95 29.98
CA SER CC 74 -55.46 21.37 28.76
C SER CC 74 -54.96 22.47 27.85
N LEU CC 75 -55.54 23.65 27.98
CA LEU CC 75 -55.15 24.79 27.17
C LEU CC 75 -53.79 25.31 27.61
N ILE CC 76 -53.39 25.03 28.84
CA ILE CC 76 -52.13 25.57 29.35
C ILE CC 76 -50.97 24.63 29.02
N MET CC 77 -51.27 23.34 28.81
CA MET CC 77 -50.20 22.39 28.52
C MET CC 77 -49.84 22.39 27.04
N PHE CC 78 -50.77 22.78 26.18
CA PHE CC 78 -50.48 22.78 24.76
C PHE CC 78 -49.57 23.94 24.38
N ILE CC 79 -49.96 25.17 24.73
CA ILE CC 79 -49.09 26.30 24.41
C ILE CC 79 -48.03 26.49 25.47
N GLY CC 80 -48.10 25.71 26.55
CA GLY CC 80 -46.94 25.60 27.41
C GLY CC 80 -45.86 24.73 26.81
N SER CC 81 -46.26 23.73 26.03
CA SER CC 81 -45.27 22.86 25.40
C SER CC 81 -44.84 23.42 24.05
N THR CC 82 -45.78 23.86 23.23
CA THR CC 82 -45.43 24.27 21.86
C THR CC 82 -44.78 25.64 21.83
N ASN CC 83 -44.58 26.27 22.99
CA ASN CC 83 -43.71 27.42 23.04
C ASN CC 83 -42.35 27.05 23.61
N ILE CC 84 -42.24 25.88 24.24
CA ILE CC 84 -40.99 25.48 24.89
C ILE CC 84 -40.20 24.54 24.00
N LEU CC 85 -40.87 23.88 23.04
CA LEU CC 85 -40.16 23.00 22.13
C LEU CC 85 -39.29 23.80 21.18
N GLY CC 86 -39.76 24.96 20.77
CA GLY CC 86 -39.11 25.70 19.70
C GLY CC 86 -37.80 26.37 20.03
N LEU CC 87 -37.35 26.27 21.27
CA LEU CC 87 -36.08 26.88 21.65
C LEU CC 87 -34.90 26.05 21.14
N LEU CC 88 -35.17 24.82 20.73
CA LEU CC 88 -34.19 23.91 20.16
C LEU CC 88 -33.56 24.48 18.89
N PRO CC 89 -32.40 23.91 18.41
CA PRO CC 89 -31.72 24.45 17.22
C PRO CC 89 -32.53 24.74 15.96
N HIS CC 90 -33.24 23.76 15.40
CA HIS CC 90 -33.95 24.02 14.15
C HIS CC 90 -35.40 23.55 14.24
N SER CC 91 -36.09 23.85 15.33
CA SER CC 91 -37.47 23.42 15.44
C SER CC 91 -38.43 24.52 15.01
N PHE CC 92 -39.69 24.14 14.88
CA PHE CC 92 -40.74 25.00 14.34
C PHE CC 92 -41.94 24.97 15.27
N THR CC 93 -42.39 26.17 15.74
CA THR CC 93 -43.50 26.42 16.65
C THR CC 93 -44.78 26.73 15.86
N PRO CC 94 -45.87 26.03 16.11
CA PRO CC 94 -47.12 26.41 15.46
C PRO CC 94 -47.74 27.69 15.99
N THR CC 95 -47.45 28.12 17.23
CA THR CC 95 -47.96 29.40 17.71
C THR CC 95 -47.14 30.58 17.23
N THR CC 96 -46.26 30.40 16.27
CA THR CC 96 -45.64 31.52 15.60
C THR CC 96 -46.59 32.16 14.61
N GLN CC 97 -47.29 31.34 13.84
CA GLN CC 97 -48.17 31.85 12.81
C GLN CC 97 -49.43 32.42 13.44
N LEU CC 98 -49.98 33.47 12.83
CA LEU CC 98 -51.09 34.18 13.45
C LEU CC 98 -52.42 33.50 13.15
N SER CC 99 -52.39 32.38 12.43
CA SER CC 99 -53.62 31.77 11.95
C SER CC 99 -54.36 31.05 13.06
N MET CC 100 -53.67 30.17 13.77
CA MET CC 100 -54.38 29.34 14.74
C MET CC 100 -54.74 30.11 15.98
N ASN CC 101 -54.01 31.20 16.27
CA ASN CC 101 -54.32 31.97 17.47
C ASN CC 101 -55.60 32.77 17.31
N LEU CC 102 -55.98 33.07 16.07
CA LEU CC 102 -57.31 33.63 15.81
C LEU CC 102 -58.35 32.52 15.78
N GLY CC 103 -57.93 31.27 15.90
CA GLY CC 103 -58.87 30.19 16.14
C GLY CC 103 -58.77 29.66 17.56
N MET CC 104 -57.88 30.24 18.36
CA MET CC 104 -57.86 29.91 19.79
C MET CC 104 -58.58 30.96 20.60
N ALA CC 105 -58.59 32.20 20.12
CA ALA CC 105 -59.29 33.26 20.84
C ALA CC 105 -60.79 33.16 20.62
N ILE CC 106 -61.22 33.22 19.36
CA ILE CC 106 -62.62 33.47 19.07
C ILE CC 106 -63.56 32.32 19.42
N PRO CC 107 -63.19 31.03 19.23
CA PRO CC 107 -64.07 29.99 19.77
C PRO CC 107 -64.03 29.84 21.27
N LEU CC 108 -63.14 30.55 21.95
CA LEU CC 108 -63.15 30.50 23.40
C LEU CC 108 -63.75 31.75 23.99
N TRP CC 109 -63.45 32.90 23.39
CA TRP CC 109 -63.95 34.17 23.89
C TRP CC 109 -65.47 34.27 23.71
N SER CC 110 -65.98 33.82 22.56
CA SER CC 110 -67.41 33.88 22.32
C SER CC 110 -68.11 32.69 22.96
N ALA CC 111 -67.35 31.78 23.56
CA ALA CC 111 -67.98 30.77 24.40
C ALA CC 111 -68.27 31.33 25.78
N THR CC 112 -67.80 32.53 26.07
CA THR CC 112 -68.03 33.12 27.38
C THR CC 112 -69.24 34.04 27.38
N VAL CC 113 -69.39 34.86 26.34
CA VAL CC 113 -70.50 35.80 26.32
C VAL CC 113 -71.81 35.09 26.03
N PHE CC 114 -71.73 33.86 25.49
CA PHE CC 114 -72.94 33.08 25.30
C PHE CC 114 -73.18 32.13 26.45
N THR CC 115 -72.39 32.25 27.51
CA THR CC 115 -72.62 31.39 28.67
C THR CC 115 -73.66 32.00 29.59
N GLY CC 116 -73.56 33.31 29.83
CA GLY CC 116 -74.55 33.98 30.66
C GLY CC 116 -75.81 34.33 29.89
N PHE CC 117 -75.70 34.45 28.58
CA PHE CC 117 -76.87 34.78 27.77
C PHE CC 117 -77.80 33.61 27.59
N ARG CC 118 -77.40 32.40 27.98
CA ARG CC 118 -78.28 31.25 28.01
C ARG CC 118 -78.82 30.98 29.40
N TYR CC 119 -78.41 31.75 30.39
CA TYR CC 119 -78.95 31.53 31.74
C TYR CC 119 -79.46 32.81 32.39
N LYS CC 120 -78.72 33.91 32.23
CA LYS CC 120 -79.07 35.15 32.90
C LYS CC 120 -79.98 36.00 32.03
N THR CC 121 -79.55 36.26 30.79
CA THR CC 121 -80.26 36.86 29.65
C THR CC 121 -80.51 38.35 29.83
N LYS CC 122 -80.31 38.88 31.03
CA LYS CC 122 -80.41 40.33 31.17
C LYS CC 122 -79.20 40.94 31.83
N THR CC 123 -78.72 40.34 32.91
CA THR CC 123 -77.73 41.03 33.72
C THR CC 123 -76.31 40.67 33.35
N SER CC 124 -76.13 39.85 32.32
CA SER CC 124 -74.77 39.58 31.86
C SER CC 124 -74.16 40.81 31.21
N LEU CC 125 -74.88 41.46 30.29
CA LEU CC 125 -74.44 42.71 29.70
C LEU CC 125 -75.18 43.90 30.28
N ALA CC 126 -75.92 43.69 31.37
CA ALA CC 126 -76.18 44.80 32.27
C ALA CC 126 -75.06 44.98 33.28
N HIS CC 127 -73.97 44.21 33.15
CA HIS CC 127 -72.70 44.55 33.76
C HIS CC 127 -72.09 45.79 33.13
N PHE CC 128 -72.63 46.24 31.98
CA PHE CC 128 -72.31 47.57 31.47
C PHE CC 128 -72.79 48.67 32.41
N LEU CC 129 -73.64 48.39 33.38
CA LEU CC 129 -74.02 49.43 34.33
C LEU CC 129 -73.16 49.31 35.59
N PRO CC 130 -72.18 50.20 35.79
CA PRO CC 130 -71.22 50.00 36.87
C PRO CC 130 -71.71 50.40 38.25
N GLN CC 131 -72.51 51.46 38.35
CA GLN CC 131 -72.72 52.08 39.66
C GLN CC 131 -74.01 52.89 39.66
N GLY CC 132 -74.16 53.71 40.70
CA GLY CC 132 -75.35 54.49 40.99
C GLY CC 132 -75.41 55.74 40.13
N THR CC 133 -75.86 55.56 38.90
CA THR CC 133 -75.69 56.35 37.67
C THR CC 133 -75.75 57.87 37.84
N PRO CC 134 -74.64 58.57 37.61
CA PRO CC 134 -74.69 60.02 37.48
C PRO CC 134 -75.22 60.41 36.10
N ALA CC 135 -75.63 61.65 35.99
CA ALA CC 135 -76.19 62.11 34.73
C ALA CC 135 -75.23 62.49 33.59
N LEU CC 136 -74.05 63.16 33.78
CA LEU CC 136 -73.43 63.77 32.59
C LEU CC 136 -72.63 62.79 31.74
N LEU CC 137 -72.49 61.54 32.20
CA LEU CC 137 -71.63 60.57 31.53
C LEU CC 137 -72.30 59.20 31.38
N ILE CC 138 -73.52 59.14 30.87
CA ILE CC 138 -74.03 57.88 30.33
C ILE CC 138 -73.56 57.62 28.90
N PRO CC 139 -73.68 58.57 27.93
CA PRO CC 139 -73.19 58.22 26.58
C PRO CC 139 -71.67 58.16 26.47
N MET CC 140 -70.94 58.79 27.39
CA MET CC 140 -69.49 58.67 27.32
C MET CC 140 -69.03 57.35 27.90
N LEU CC 141 -69.92 56.62 28.57
CA LEU CC 141 -69.51 55.37 29.20
C LEU CC 141 -69.80 54.17 28.32
N VAL CC 142 -71.02 54.08 27.80
CA VAL CC 142 -71.44 52.85 27.14
C VAL CC 142 -71.03 52.87 25.66
N ILE CC 143 -70.27 53.87 25.24
CA ILE CC 143 -69.52 53.73 23.99
C ILE CC 143 -68.06 53.38 24.29
N ILE CC 144 -67.67 53.44 25.56
CA ILE CC 144 -66.29 53.10 25.93
C ILE CC 144 -66.22 51.66 26.39
N GLU CC 145 -67.13 51.25 27.27
CA GLU CC 145 -67.06 49.92 27.86
C GLU CC 145 -67.57 48.86 26.88
N THR CC 146 -68.05 49.27 25.70
CA THR CC 146 -68.35 48.27 24.68
C THR CC 146 -67.27 48.23 23.62
N ILE CC 147 -66.49 49.30 23.48
CA ILE CC 147 -65.38 49.25 22.55
C ILE CC 147 -64.19 48.57 23.20
N SER CC 148 -64.21 48.45 24.53
CA SER CC 148 -63.20 47.64 25.19
C SER CC 148 -63.73 46.25 25.51
N LEU CC 149 -64.84 45.87 24.88
CA LEU CC 149 -65.26 44.46 24.93
C LEU CC 149 -64.84 43.74 23.66
N PHE CC 150 -65.06 44.37 22.51
CA PHE CC 150 -64.79 43.69 21.25
C PHE CC 150 -63.30 43.71 20.94
N ILE CC 151 -62.54 44.52 21.66
CA ILE CC 151 -61.09 44.47 21.55
C ILE CC 151 -60.56 43.16 22.11
N GLN CC 152 -61.26 42.59 23.09
CA GLN CC 152 -60.75 41.44 23.85
C GLN CC 152 -60.37 40.20 23.03
N PRO CC 153 -61.09 39.76 21.95
CA PRO CC 153 -60.55 38.65 21.16
C PRO CC 153 -59.29 39.00 20.41
N VAL CC 154 -59.22 40.22 19.90
CA VAL CC 154 -58.00 40.68 19.26
C VAL CC 154 -56.94 40.97 20.31
N ALA CC 155 -57.36 41.39 21.50
CA ALA CC 155 -56.40 41.64 22.56
C ALA CC 155 -55.83 40.34 23.10
N LEU CC 156 -56.53 39.23 22.89
CA LEU CC 156 -56.10 37.97 23.50
C LEU CC 156 -55.17 37.21 22.57
N ALA CC 157 -55.43 37.28 21.27
CA ALA CC 157 -54.62 36.51 20.33
C ALA CC 157 -53.36 37.25 19.92
N VAL CC 158 -53.46 38.55 19.67
CA VAL CC 158 -52.33 39.28 19.09
C VAL CC 158 -51.23 39.48 20.12
N ARG CC 159 -51.56 39.43 21.41
CA ARG CC 159 -50.51 39.54 22.41
C ARG CC 159 -49.67 38.27 22.49
N LEU CC 160 -50.17 37.16 21.95
CA LEU CC 160 -49.42 35.91 22.01
C LEU CC 160 -48.51 35.75 20.82
N THR CC 161 -49.00 36.08 19.62
CA THR CC 161 -48.20 35.86 18.43
C THR CC 161 -47.10 36.89 18.30
N ALA CC 162 -47.28 38.06 18.89
CA ALA CC 162 -46.38 39.16 18.55
C ALA CC 162 -45.09 39.11 19.35
N ASN CC 163 -45.13 38.53 20.55
CA ASN CC 163 -43.92 38.50 21.38
C ASN CC 163 -43.22 37.15 21.32
N ILE CC 164 -43.94 36.09 20.93
CA ILE CC 164 -43.31 34.80 20.73
C ILE CC 164 -42.34 34.87 19.56
N THR CC 165 -42.79 35.45 18.44
CA THR CC 165 -41.90 35.59 17.29
C THR CC 165 -40.84 36.65 17.55
N ALA CC 166 -41.13 37.60 18.44
CA ALA CC 166 -40.13 38.60 18.77
C ALA CC 166 -38.99 38.01 19.57
N GLY CC 167 -39.23 36.88 20.24
CA GLY CC 167 -38.12 36.17 20.86
C GLY CC 167 -37.23 35.49 19.83
N HIS CC 168 -37.80 35.09 18.70
CA HIS CC 168 -37.04 34.27 17.77
C HIS CC 168 -36.10 35.11 16.93
N LEU CC 169 -36.42 36.40 16.74
CA LEU CC 169 -35.57 37.24 15.90
C LEU CC 169 -34.32 37.66 16.62
N LEU CC 170 -34.41 37.92 17.92
CA LEU CC 170 -33.22 38.28 18.69
C LEU CC 170 -32.34 37.06 18.93
N ILE CC 171 -32.94 35.87 18.84
CA ILE CC 171 -32.15 34.64 18.82
C ILE CC 171 -31.30 34.58 17.56
N HIS CC 172 -31.88 34.94 16.42
CA HIS CC 172 -31.15 34.89 15.17
C HIS CC 172 -30.14 36.03 15.06
N LEU CC 173 -30.59 37.26 15.32
CA LEU CC 173 -29.80 38.43 14.96
C LEU CC 173 -28.61 38.63 15.88
N ILE CC 174 -28.79 38.42 17.18
CA ILE CC 174 -27.66 38.40 18.08
C ILE CC 174 -26.80 37.16 17.81
N GLY CC 175 -27.45 36.07 17.40
CA GLY CC 175 -26.69 34.87 17.06
C GLY CC 175 -25.97 34.98 15.74
N GLY CC 176 -26.60 35.62 14.76
CA GLY CC 176 -25.97 35.73 13.45
C GLY CC 176 -24.84 36.73 13.43
N ALA CC 177 -24.80 37.64 14.41
CA ALA CC 177 -23.71 38.59 14.47
C ALA CC 177 -22.45 37.95 15.07
N THR CC 178 -22.60 36.78 15.71
CA THR CC 178 -21.43 36.01 16.12
C THR CC 178 -20.72 35.43 14.90
N LEU CC 179 -21.50 34.85 13.99
CA LEU CC 179 -20.94 34.18 12.82
C LEU CC 179 -20.22 35.16 11.92
N ALA CC 180 -20.72 36.38 11.82
CA ALA CC 180 -20.13 37.38 10.95
C ALA CC 180 -19.21 38.29 11.74
N LEU CC 181 -18.54 37.74 12.75
CA LEU CC 181 -17.66 38.57 13.57
C LEU CC 181 -16.22 38.09 13.42
N LEU CC 182 -15.79 37.96 12.17
CA LEU CC 182 -14.40 37.65 11.84
C LEU CC 182 -13.47 38.85 11.99
N ASN CC 183 -13.96 39.98 12.52
CA ASN CC 183 -13.13 41.02 13.13
C ASN CC 183 -12.78 40.59 14.55
N ILE CC 184 -12.31 41.54 15.36
CA ILE CC 184 -11.65 41.35 16.65
C ILE CC 184 -12.40 40.39 17.58
N ASN CC 185 -11.68 39.37 18.08
CA ASN CC 185 -12.27 38.16 18.66
C ASN CC 185 -12.64 38.29 20.12
N THR CC 186 -12.35 39.43 20.76
CA THR CC 186 -12.69 39.61 22.15
C THR CC 186 -14.19 39.83 22.32
N MET CC 187 -14.80 40.55 21.39
CA MET CC 187 -16.20 40.89 21.51
C MET CC 187 -17.12 39.74 21.10
N THR CC 188 -16.56 38.67 20.53
CA THR CC 188 -17.38 37.51 20.16
C THR CC 188 -17.97 36.82 21.38
N ALA CC 189 -17.21 36.77 22.47
CA ALA CC 189 -17.68 36.08 23.67
C ALA CC 189 -18.80 36.85 24.33
N PHE CC 190 -18.73 38.19 24.30
CA PHE CC 190 -19.71 39.00 24.99
C PHE CC 190 -21.07 38.92 24.30
N ILE CC 191 -21.06 38.78 22.97
CA ILE CC 191 -22.30 38.55 22.25
C ILE CC 191 -22.80 37.13 22.51
N THR CC 192 -21.89 36.18 22.69
CA THR CC 192 -22.29 34.83 23.06
C THR CC 192 -22.85 34.81 24.47
N PHE CC 193 -22.25 35.59 25.37
CA PHE CC 193 -22.75 35.62 26.74
C PHE CC 193 -24.07 36.36 26.83
N THR CC 194 -24.32 37.27 25.90
CA THR CC 194 -25.64 37.90 25.80
C THR CC 194 -26.69 36.88 25.35
N ILE CC 195 -26.30 35.93 24.50
CA ILE CC 195 -27.23 34.92 24.01
C ILE CC 195 -27.67 34.01 25.15
N LEU CC 196 -26.72 33.52 25.94
CA LEU CC 196 -27.08 32.54 26.93
C LEU CC 196 -27.74 33.15 28.14
N ILE CC 197 -27.76 34.49 28.22
CA ILE CC 197 -28.70 35.14 29.13
C ILE CC 197 -30.07 35.26 28.47
N LEU CC 198 -30.10 35.55 27.16
CA LEU CC 198 -31.35 35.79 26.48
C LEU CC 198 -32.17 34.52 26.34
N LEU CC 199 -31.50 33.38 26.32
CA LEU CC 199 -32.21 32.10 26.25
C LEU CC 199 -32.83 31.76 27.60
N THR CC 200 -32.28 32.32 28.68
CA THR CC 200 -32.93 32.17 29.97
C THR CC 200 -34.18 33.03 30.04
N ILE CC 201 -34.13 34.23 29.42
CA ILE CC 201 -35.31 35.09 29.39
C ILE CC 201 -36.36 34.49 28.48
N LEU CC 202 -35.95 33.69 27.49
CA LEU CC 202 -36.92 33.08 26.60
C LEU CC 202 -37.45 31.77 27.17
N GLU CC 203 -37.22 31.51 28.45
CA GLU CC 203 -38.13 30.62 29.16
C GLU CC 203 -39.17 31.41 29.93
N PHE CC 204 -39.45 32.64 29.50
CA PHE CC 204 -40.72 33.29 29.81
C PHE CC 204 -41.79 32.91 28.81
N ALA CC 205 -41.52 31.94 27.94
CA ALA CC 205 -42.57 31.37 27.10
C ALA CC 205 -43.45 30.43 27.91
N VAL CC 206 -43.04 30.07 29.12
CA VAL CC 206 -43.97 29.46 30.05
C VAL CC 206 -44.74 30.55 30.78
N ALA CC 207 -44.09 31.70 31.03
CA ALA CC 207 -44.73 32.78 31.79
C ALA CC 207 -45.84 33.44 31.00
N LEU CC 208 -45.83 33.25 29.68
CA LEU CC 208 -46.83 33.89 28.84
C LEU CC 208 -48.00 32.94 28.58
N ILE CC 209 -48.11 31.89 29.37
CA ILE CC 209 -49.29 31.03 29.25
C ILE CC 209 -50.16 31.16 30.48
N GLN CC 210 -49.55 31.56 31.59
CA GLN CC 210 -50.34 32.12 32.68
C GLN CC 210 -51.13 33.34 32.21
N ALA CC 211 -50.52 34.23 31.43
CA ALA CC 211 -51.25 35.39 30.94
C ALA CC 211 -52.05 35.06 29.68
N TYR CC 212 -52.45 33.81 29.51
CA TYR CC 212 -53.45 33.48 28.51
C TYR CC 212 -54.59 32.67 29.10
N VAL CC 213 -54.28 31.76 30.03
CA VAL CC 213 -55.38 31.07 30.67
C VAL CC 213 -56.04 31.97 31.71
N PHE CC 214 -55.25 32.84 32.35
CA PHE CC 214 -55.79 33.62 33.47
C PHE CC 214 -56.71 34.74 33.00
N THR CC 215 -56.31 35.48 31.97
CA THR CC 215 -57.22 36.49 31.44
C THR CC 215 -58.30 35.87 30.57
N LEU CC 216 -58.29 34.54 30.45
CA LEU CC 216 -59.48 33.84 30.03
C LEU CC 216 -60.38 33.51 31.22
N LEU CC 217 -59.80 33.32 32.41
CA LEU CC 217 -60.65 33.11 33.57
C LEU CC 217 -61.34 34.39 33.99
N VAL CC 218 -60.59 35.48 34.05
CA VAL CC 218 -61.17 36.78 34.40
C VAL CC 218 -62.19 37.17 33.35
N SER CC 219 -61.94 36.82 32.08
CA SER CC 219 -62.98 37.00 31.08
C SER CC 219 -64.02 35.89 31.13
N LEU CC 220 -63.90 34.96 32.07
CA LEU CC 220 -65.01 34.04 32.33
C LEU CC 220 -65.66 34.34 33.67
N TYR CC 221 -64.85 34.65 34.68
CA TYR CC 221 -65.37 34.93 36.02
C TYR CC 221 -66.22 36.19 36.04
N LEU CC 222 -65.84 37.19 35.25
CA LEU CC 222 -66.56 38.45 35.22
C LEU CC 222 -67.92 38.28 34.55
N HIS CC 223 -67.97 37.57 33.44
CA HIS CC 223 -69.25 37.33 32.80
C HIS CC 223 -70.06 36.32 33.58
N ASP CC 224 -69.42 35.38 34.25
CA ASP CC 224 -70.15 34.37 34.97
C ASP CC 224 -69.45 34.01 36.27
N ILE DC 1 -47.43 73.57 -0.48
CA ILE DC 1 -46.14 73.59 0.22
C ILE DC 1 -46.27 74.38 1.52
N ASP DC 2 -47.01 75.50 1.48
CA ASP DC 2 -47.29 76.24 2.70
C ASP DC 2 -48.22 75.45 3.60
N THR DC 3 -49.13 74.68 2.99
CA THR DC 3 -50.02 73.83 3.77
C THR DC 3 -49.30 72.60 4.28
N ALA DC 4 -48.14 72.28 3.70
CA ALA DC 4 -47.38 71.11 4.15
C ALA DC 4 -46.79 71.34 5.53
N ALA DC 5 -46.23 72.52 5.76
CA ALA DC 5 -45.62 72.79 7.07
C ALA DC 5 -46.67 73.17 8.10
N LYS DC 6 -47.82 73.65 7.66
CA LYS DC 6 -48.87 74.04 8.61
C LYS DC 6 -49.52 72.82 9.23
N PHE DC 7 -49.72 71.78 8.44
CA PHE DC 7 -50.55 70.69 8.90
C PHE DC 7 -49.74 69.70 9.73
N ILE DC 8 -48.41 69.80 9.68
CA ILE DC 8 -47.60 68.95 10.56
C ILE DC 8 -47.45 69.59 11.93
N GLY DC 9 -47.20 70.90 11.97
CA GLY DC 9 -46.86 71.54 13.23
C GLY DC 9 -48.05 71.70 14.14
N ALA DC 10 -49.25 71.73 13.56
CA ALA DC 10 -50.47 71.73 14.38
C ALA DC 10 -50.65 70.40 15.06
N GLY DC 11 -50.26 69.31 14.41
CA GLY DC 11 -50.22 68.03 15.08
C GLY DC 11 -48.99 67.86 15.94
N ALA DC 12 -47.90 68.54 15.56
CA ALA DC 12 -46.68 68.44 16.34
C ALA DC 12 -46.76 69.25 17.61
N ALA DC 13 -47.69 70.21 17.68
CA ALA DC 13 -47.81 70.98 18.90
C ALA DC 13 -48.71 70.29 19.91
N THR DC 14 -49.71 69.55 19.45
CA THR DC 14 -50.73 69.03 20.36
C THR DC 14 -50.29 67.73 21.03
N VAL DC 15 -49.03 67.38 20.88
CA VAL DC 15 -48.44 66.34 21.72
C VAL DC 15 -48.03 67.00 23.03
N GLY DC 16 -48.04 68.34 23.06
CA GLY DC 16 -47.75 69.05 24.29
C GLY DC 16 -48.83 68.93 25.34
N VAL DC 17 -50.02 68.48 24.93
CA VAL DC 17 -51.12 68.37 25.89
C VAL DC 17 -51.10 66.98 26.52
N ALA DC 18 -50.24 66.09 26.00
CA ALA DC 18 -50.07 64.78 26.57
C ALA DC 18 -49.41 64.86 27.93
N GLY DC 19 -48.43 65.75 28.07
CA GLY DC 19 -47.76 65.92 29.36
C GLY DC 19 -48.66 66.52 30.43
N SER DC 20 -49.65 67.31 30.01
CA SER DC 20 -50.66 67.75 30.95
C SER DC 20 -51.57 66.61 31.33
N GLY DC 21 -51.74 65.62 30.45
CA GLY DC 21 -52.56 64.48 30.78
C GLY DC 21 -51.89 63.57 31.79
N ALA DC 22 -50.57 63.66 31.91
CA ALA DC 22 -49.87 62.88 32.91
C ALA DC 22 -49.95 63.55 34.28
N GLY DC 23 -49.67 64.85 34.33
CA GLY DC 23 -49.60 65.53 35.60
C GLY DC 23 -50.97 65.73 36.24
N ILE DC 24 -52.03 65.59 35.45
CA ILE DC 24 -53.37 65.72 35.99
C ILE DC 24 -53.80 64.40 36.64
N GLY DC 25 -53.08 63.33 36.38
CA GLY DC 25 -53.47 62.05 36.95
C GLY DC 25 -53.05 61.91 38.39
N THR DC 26 -51.92 62.49 38.75
CA THR DC 26 -51.42 62.38 40.12
C THR DC 26 -52.25 63.21 41.07
N VAL DC 27 -52.77 64.34 40.59
CA VAL DC 27 -53.49 65.29 41.45
C VAL DC 27 -54.82 64.72 41.91
N PHE DC 28 -55.45 63.89 41.09
CA PHE DC 28 -56.59 63.16 41.60
C PHE DC 28 -56.18 61.78 42.07
N GLY DC 29 -54.87 61.51 42.05
CA GLY DC 29 -54.39 60.24 42.55
C GLY DC 29 -53.80 60.35 43.94
N SER DC 30 -53.05 61.41 44.20
CA SER DC 30 -52.47 61.57 45.54
C SER DC 30 -53.51 62.04 46.53
N MET DC 31 -54.53 62.75 46.06
CA MET DC 31 -55.64 63.13 46.92
C MET DC 31 -56.44 61.92 47.35
N ILE DC 32 -56.37 60.82 46.60
CA ILE DC 32 -56.98 59.58 47.04
C ILE DC 32 -56.24 59.03 48.25
N ILE DC 33 -54.92 58.96 48.19
CA ILE DC 33 -54.17 58.48 49.36
C ILE DC 33 -53.93 59.61 50.35
N GLY DC 34 -54.28 60.83 49.98
CA GLY DC 34 -54.21 61.91 50.95
C GLY DC 34 -55.43 61.97 51.83
N TYR DC 35 -56.59 61.74 51.25
CA TYR DC 35 -57.81 61.79 52.04
C TYR DC 35 -58.05 60.48 52.77
N ALA DC 36 -57.41 59.40 52.30
CA ALA DC 36 -57.68 58.08 52.87
C ALA DC 36 -57.22 57.97 54.31
N ARG DC 37 -56.13 58.64 54.66
CA ARG DC 37 -55.71 58.68 56.05
C ARG DC 37 -56.61 59.58 56.87
N ASN DC 38 -56.90 60.77 56.36
CA ASN DC 38 -57.36 61.90 57.15
C ASN DC 38 -58.67 62.43 56.62
N PRO DC 39 -59.81 61.99 57.13
CA PRO DC 39 -61.09 62.52 56.62
C PRO DC 39 -61.45 63.90 57.16
N SER DC 40 -60.73 64.90 56.68
CA SER DC 40 -61.03 66.30 56.89
C SER DC 40 -61.31 66.97 55.54
N LEU DC 41 -62.21 66.36 54.77
CA LEU DC 41 -62.27 66.58 53.33
C LEU DC 41 -62.80 67.96 52.97
N LYS DC 42 -63.87 68.42 53.64
CA LYS DC 42 -64.53 69.67 53.28
C LYS DC 42 -63.63 70.88 53.52
N GLN DC 43 -62.59 70.72 54.33
CA GLN DC 43 -61.52 71.69 54.48
C GLN DC 43 -60.54 71.59 53.32
N GLN DC 44 -59.33 72.10 53.52
CA GLN DC 44 -58.48 72.52 52.42
C GLN DC 44 -57.87 71.36 51.64
N LEU DC 45 -58.36 70.12 51.79
CA LEU DC 45 -57.99 69.08 50.84
C LEU DC 45 -58.49 69.42 49.45
N PHE DC 46 -59.81 69.53 49.30
CA PHE DC 46 -60.42 69.73 48.00
C PHE DC 46 -60.08 71.08 47.42
N SER DC 47 -59.86 72.08 48.29
CA SER DC 47 -59.43 73.39 47.82
C SER DC 47 -58.00 73.34 47.32
N TYR DC 48 -57.21 72.40 47.83
CA TYR DC 48 -55.89 72.20 47.24
C TYR DC 48 -55.96 71.21 46.08
N ALA DC 49 -57.11 70.53 45.93
CA ALA DC 49 -57.28 69.65 44.78
C ALA DC 49 -57.66 70.44 43.54
N ILE DC 50 -58.55 71.42 43.67
CA ILE DC 50 -59.04 72.16 42.52
C ILE DC 50 -57.98 73.12 42.02
N LEU DC 51 -57.18 73.69 42.93
CA LEU DC 51 -56.07 74.53 42.51
C LEU DC 51 -55.02 73.71 41.77
N GLY DC 52 -54.79 72.47 42.21
CA GLY DC 52 -53.82 71.64 41.53
C GLY DC 52 -54.31 71.19 40.16
N PHE DC 53 -55.62 71.01 40.02
CA PHE DC 53 -56.18 70.62 38.72
C PHE DC 53 -56.09 71.77 37.73
N ALA DC 54 -56.47 72.97 38.13
CA ALA DC 54 -56.58 74.07 37.17
C ALA DC 54 -55.25 74.75 36.95
N LEU DC 55 -54.17 74.21 37.51
CA LEU DC 55 -52.85 74.76 37.26
C LEU DC 55 -52.07 73.91 36.28
N SER DC 56 -52.30 72.59 36.30
CA SER DC 56 -51.71 71.72 35.29
C SER DC 56 -52.39 71.90 33.94
N GLU DC 57 -53.67 72.29 33.97
CA GLU DC 57 -54.40 72.61 32.75
C GLU DC 57 -53.76 73.80 32.04
N ALA DC 58 -53.27 74.77 32.81
CA ALA DC 58 -52.76 76.00 32.23
C ALA DC 58 -51.34 75.82 31.69
N MET DC 59 -50.74 74.65 31.90
CA MET DC 59 -49.56 74.31 31.12
C MET DC 59 -49.93 73.42 29.94
N GLY DC 60 -51.16 72.89 29.92
CA GLY DC 60 -51.64 72.20 28.73
C GLY DC 60 -52.41 73.10 27.80
N LEU DC 61 -53.21 74.01 28.37
CA LEU DC 61 -54.02 74.90 27.54
C LEU DC 61 -53.16 75.97 26.89
N PHE DC 62 -52.02 76.31 27.50
CA PHE DC 62 -51.21 77.42 26.99
C PHE DC 62 -50.51 77.04 25.70
N CYS DC 63 -50.19 75.76 25.53
CA CYS DC 63 -49.68 75.30 24.25
C CYS DC 63 -50.79 75.25 23.20
N LEU DC 64 -52.03 74.98 23.63
CA LEU DC 64 -53.14 74.83 22.70
C LEU DC 64 -53.52 76.16 22.05
N MET DC 65 -53.44 77.26 22.81
CA MET DC 65 -53.58 78.58 22.21
C MET DC 65 -52.45 78.85 21.24
N VAL DC 66 -51.24 78.41 21.57
CA VAL DC 66 -50.12 78.52 20.65
C VAL DC 66 -50.30 77.52 19.51
N ALA DC 67 -51.00 76.42 19.75
CA ALA DC 67 -51.26 75.44 18.70
C ALA DC 67 -52.22 76.00 17.64
N PHE DC 68 -53.23 76.77 18.06
CA PHE DC 68 -54.11 77.39 17.08
C PHE DC 68 -53.47 78.62 16.46
N LEU DC 69 -52.45 79.17 17.12
CA LEU DC 69 -51.72 80.32 16.57
C LEU DC 69 -50.93 79.93 15.33
N ILE DC 70 -50.47 78.67 15.26
CA ILE DC 70 -49.73 78.20 14.10
C ILE DC 70 -50.63 78.16 12.87
N LEU DC 71 -51.88 77.73 13.05
CA LEU DC 71 -52.80 77.61 11.92
C LEU DC 71 -53.22 78.99 11.41
N PHE DC 72 -53.29 79.98 12.29
CA PHE DC 72 -53.67 81.33 11.91
C PHE DC 72 -52.65 82.34 12.39
N ILE EC 1 -50.30 66.46 -2.86
CA ILE EC 1 -49.35 66.78 -1.79
C ILE EC 1 -50.10 67.47 -0.65
N ASP EC 2 -51.29 68.00 -0.94
CA ASP EC 2 -52.11 68.60 0.10
C ASP EC 2 -52.69 67.54 1.01
N THR EC 3 -53.07 66.39 0.45
CA THR EC 3 -53.55 65.30 1.28
C THR EC 3 -52.38 64.61 1.97
N ALA EC 4 -51.16 64.80 1.46
CA ALA EC 4 -49.98 64.21 2.06
C ALA EC 4 -49.68 64.80 3.43
N ALA EC 5 -50.03 66.08 3.64
CA ALA EC 5 -49.88 66.67 4.96
C ALA EC 5 -51.10 66.39 5.82
N LYS EC 6 -52.22 66.03 5.18
CA LYS EC 6 -53.42 65.66 5.93
C LYS EC 6 -53.23 64.33 6.66
N PHE EC 7 -52.30 63.50 6.19
CA PHE EC 7 -52.13 62.18 6.77
C PHE EC 7 -51.06 62.18 7.85
N ILE EC 8 -49.97 62.92 7.64
CA ILE EC 8 -48.87 62.91 8.60
C ILE EC 8 -49.16 63.86 9.76
N GLY EC 9 -50.17 64.72 9.60
CA GLY EC 9 -50.54 65.62 10.67
C GLY EC 9 -51.32 64.92 11.77
N ALA EC 10 -52.22 64.01 11.38
CA ALA EC 10 -52.92 63.20 12.37
C ALA EC 10 -52.05 62.04 12.84
N GLY EC 11 -50.87 61.89 12.24
CA GLY EC 11 -49.95 60.87 12.70
C GLY EC 11 -49.33 61.18 14.05
N ALA EC 12 -49.02 62.45 14.30
CA ALA EC 12 -48.46 62.81 15.60
C ALA EC 12 -49.53 63.40 16.52
N ALA EC 13 -50.70 63.74 15.96
CA ALA EC 13 -51.72 64.38 16.78
C ALA EC 13 -52.43 63.37 17.67
N THR EC 14 -52.30 62.08 17.38
CA THR EC 14 -52.91 61.08 18.24
C THR EC 14 -51.91 60.51 19.23
N VAL EC 15 -50.74 61.15 19.34
CA VAL EC 15 -49.78 60.82 20.38
C VAL EC 15 -50.22 61.50 21.67
N GLY EC 16 -51.07 62.52 21.52
CA GLY EC 16 -51.59 63.20 22.70
C GLY EC 16 -52.59 62.38 23.50
N VAL EC 17 -53.03 61.25 22.95
CA VAL EC 17 -53.89 60.37 23.74
C VAL EC 17 -53.06 59.43 24.59
N ALA EC 18 -51.75 59.33 24.30
CA ALA EC 18 -50.87 58.51 25.12
C ALA EC 18 -50.62 59.17 26.46
N GLY EC 19 -50.78 60.50 26.52
CA GLY EC 19 -50.69 61.19 27.79
C GLY EC 19 -51.83 60.86 28.71
N SER EC 20 -52.99 60.49 28.15
CA SER EC 20 -54.07 59.95 28.98
C SER EC 20 -53.90 58.46 29.18
N GLY EC 21 -52.83 57.89 28.63
CA GLY EC 21 -52.53 56.50 28.92
C GLY EC 21 -51.77 56.35 30.23
N ALA EC 22 -50.61 56.99 30.34
CA ALA EC 22 -49.80 56.82 31.53
C ALA EC 22 -50.33 57.66 32.68
N GLY EC 23 -51.16 58.66 32.38
CA GLY EC 23 -51.73 59.46 33.44
C GLY EC 23 -52.91 58.79 34.10
N ILE EC 24 -53.47 57.77 33.46
CA ILE EC 24 -54.56 57.03 34.07
C ILE EC 24 -54.04 55.80 34.76
N GLY EC 25 -52.77 55.45 34.53
CA GLY EC 25 -52.21 54.29 35.17
C GLY EC 25 -51.88 54.54 36.63
N THR EC 26 -51.80 55.81 37.01
CA THR EC 26 -51.55 56.15 38.40
C THR EC 26 -52.85 56.21 39.19
N VAL EC 27 -53.85 56.90 38.64
CA VAL EC 27 -55.03 57.24 39.42
C VAL EC 27 -55.94 56.02 39.57
N PHE EC 28 -55.67 54.96 38.83
CA PHE EC 28 -56.34 53.70 39.12
C PHE EC 28 -55.47 52.82 39.99
N GLY EC 29 -54.17 53.12 40.04
CA GLY EC 29 -53.30 52.39 40.95
C GLY EC 29 -53.28 53.00 42.34
N SER EC 30 -53.67 54.27 42.44
CA SER EC 30 -53.71 54.93 43.74
C SER EC 30 -54.99 54.60 44.48
N MET EC 31 -55.97 54.02 43.81
CA MET EC 31 -57.14 53.50 44.51
C MET EC 31 -56.89 52.05 44.95
N ILE EC 32 -55.70 51.54 44.68
CA ILE EC 32 -55.32 50.27 45.30
C ILE EC 32 -54.65 50.52 46.64
N ILE EC 33 -53.60 51.35 46.64
CA ILE EC 33 -52.76 51.55 47.82
C ILE EC 33 -53.52 52.33 48.88
N GLY EC 34 -54.53 53.09 48.47
CA GLY EC 34 -55.27 53.89 49.43
C GLY EC 34 -56.66 53.35 49.70
N TYR EC 35 -56.89 52.07 49.39
CA TYR EC 35 -58.17 51.46 49.74
C TYR EC 35 -58.02 50.59 50.97
N ALA EC 36 -56.91 49.87 51.07
CA ALA EC 36 -56.73 48.90 52.15
C ALA EC 36 -56.56 49.58 53.50
N ARG EC 37 -55.97 50.77 53.49
CA ARG EC 37 -55.72 51.51 54.72
C ARG EC 37 -57.01 52.04 55.32
N ASN EC 38 -58.06 52.15 54.50
CA ASN EC 38 -59.31 52.74 54.94
C ASN EC 38 -60.45 52.22 54.08
N PRO EC 39 -61.15 51.18 54.49
CA PRO EC 39 -62.31 50.69 53.72
C PRO EC 39 -63.57 51.55 53.88
N SER EC 40 -63.65 52.61 53.07
CA SER EC 40 -64.84 53.46 52.94
C SER EC 40 -65.11 53.81 51.48
N LEU EC 41 -65.22 52.81 50.61
CA LEU EC 41 -65.19 53.07 49.17
C LEU EC 41 -66.51 53.65 48.67
N LYS EC 42 -67.63 53.26 49.27
CA LYS EC 42 -68.95 53.71 48.80
C LYS EC 42 -69.21 55.16 49.13
N GLN EC 43 -68.38 55.75 49.99
CA GLN EC 43 -68.28 57.19 50.22
C GLN EC 43 -67.41 57.78 49.13
N GLN EC 44 -66.87 58.98 49.32
CA GLN EC 44 -66.32 59.74 48.21
C GLN EC 44 -64.97 59.22 47.73
N LEU EC 45 -64.56 58.03 48.15
CA LEU EC 45 -63.29 57.48 47.69
C LEU EC 45 -63.39 57.00 46.26
N PHE EC 46 -64.44 56.24 45.94
CA PHE EC 46 -64.61 55.80 44.56
C PHE EC 46 -65.07 56.94 43.68
N SER EC 47 -65.79 57.89 44.28
CA SER EC 47 -66.33 59.01 43.51
C SER EC 47 -65.24 59.99 43.12
N TYR EC 48 -64.12 60.01 43.85
CA TYR EC 48 -63.03 60.90 43.47
C TYR EC 48 -62.05 60.21 42.56
N ALA EC 49 -62.33 58.95 42.20
CA ALA EC 49 -61.60 58.32 41.12
C ALA EC 49 -62.34 58.47 39.79
N ILE EC 50 -63.68 58.46 39.83
CA ILE EC 50 -64.47 58.63 38.63
C ILE EC 50 -64.36 60.04 38.09
N LEU EC 51 -64.36 61.02 38.99
CA LEU EC 51 -63.93 62.36 38.60
C LEU EC 51 -62.48 62.33 38.13
N GLY EC 52 -61.65 61.52 38.77
CA GLY EC 52 -60.26 61.45 38.36
C GLY EC 52 -60.05 60.64 37.10
N PHE EC 53 -61.00 59.78 36.76
CA PHE EC 53 -60.93 59.06 35.50
C PHE EC 53 -61.48 59.89 34.35
N ALA EC 54 -62.66 60.48 34.53
CA ALA EC 54 -63.36 61.13 33.43
C ALA EC 54 -62.68 62.42 33.01
N LEU EC 55 -62.29 63.24 33.98
CA LEU EC 55 -61.68 64.52 33.65
C LEU EC 55 -60.23 64.32 33.23
N SER EC 56 -59.66 63.15 33.51
CA SER EC 56 -58.41 62.79 32.86
C SER EC 56 -58.66 62.18 31.49
N GLU EC 57 -59.87 61.67 31.28
CA GLU EC 57 -60.22 61.12 29.98
C GLU EC 57 -60.57 62.23 28.99
N ALA EC 58 -61.04 63.36 29.50
CA ALA EC 58 -61.51 64.43 28.64
C ALA EC 58 -60.36 65.09 27.88
N MET EC 59 -59.14 64.96 28.39
CA MET EC 59 -58.00 65.44 27.63
C MET EC 59 -57.44 64.31 26.76
N GLY EC 60 -58.03 63.13 26.87
CA GLY EC 60 -57.66 62.06 25.94
C GLY EC 60 -58.43 62.14 24.64
N LEU EC 61 -59.76 62.22 24.73
CA LEU EC 61 -60.57 62.23 23.51
C LEU EC 61 -60.56 63.59 22.83
N PHE EC 62 -60.10 64.63 23.53
CA PHE EC 62 -59.97 65.92 22.88
C PHE EC 62 -58.80 65.91 21.90
N CYS EC 63 -57.73 65.21 22.22
CA CYS EC 63 -56.60 65.12 21.30
C CYS EC 63 -56.82 64.00 20.28
N LEU EC 64 -57.94 63.30 20.40
CA LEU EC 64 -58.41 62.43 19.31
C LEU EC 64 -59.20 63.24 18.29
N MET EC 65 -59.98 64.21 18.77
CA MET EC 65 -60.88 64.95 17.88
C MET EC 65 -60.12 65.98 17.07
N VAL EC 66 -58.87 66.25 17.44
CA VAL EC 66 -58.02 67.05 16.57
C VAL EC 66 -57.67 66.28 15.32
N ALA EC 67 -57.42 64.98 15.46
CA ALA EC 67 -56.99 64.17 14.30
C ALA EC 67 -58.12 63.96 13.31
N PHE EC 68 -59.38 63.97 13.76
CA PHE EC 68 -60.49 64.01 12.82
C PHE EC 68 -60.58 65.37 12.14
N LEU EC 69 -60.52 66.45 12.93
CA LEU EC 69 -60.82 67.77 12.38
C LEU EC 69 -59.63 68.36 11.64
N ILE EC 70 -58.44 67.76 11.78
CA ILE EC 70 -57.35 68.19 10.90
C ILE EC 70 -57.51 67.55 9.53
N LEU EC 71 -58.11 66.35 9.47
CA LEU EC 71 -58.13 65.59 8.23
C LEU EC 71 -59.29 66.01 7.34
N PHE EC 72 -60.49 66.10 7.90
CA PHE EC 72 -61.65 66.55 7.15
C PHE EC 72 -61.70 68.07 7.05
N ILE FC 1 -46.75 59.39 -3.91
CA ILE FC 1 -46.58 60.35 -2.82
C ILE FC 1 -47.71 60.12 -1.81
N ASP FC 2 -48.81 59.53 -2.28
CA ASP FC 2 -49.87 59.10 -1.38
C ASP FC 2 -49.39 57.92 -0.54
N THR FC 3 -48.59 57.03 -1.14
CA THR FC 3 -48.12 55.86 -0.43
C THR FC 3 -47.06 56.22 0.60
N ALA FC 4 -46.15 57.14 0.25
CA ALA FC 4 -44.98 57.41 1.07
C ALA FC 4 -45.35 58.16 2.35
N ALA FC 5 -46.29 59.10 2.26
CA ALA FC 5 -46.70 59.84 3.45
C ALA FC 5 -47.54 58.97 4.37
N LYS FC 6 -48.18 57.93 3.82
CA LYS FC 6 -48.82 56.93 4.67
C LYS FC 6 -47.79 56.15 5.46
N PHE FC 7 -46.62 55.93 4.88
CA PHE FC 7 -45.59 55.10 5.52
C PHE FC 7 -45.02 55.78 6.76
N ILE FC 8 -44.86 57.09 6.71
CA ILE FC 8 -44.45 57.85 7.89
C ILE FC 8 -45.68 58.28 8.69
N GLY FC 9 -46.86 58.22 8.06
CA GLY FC 9 -48.08 58.59 8.75
C GLY FC 9 -48.46 57.62 9.86
N ALA FC 10 -48.22 56.34 9.64
CA ALA FC 10 -48.49 55.36 10.68
C ALA FC 10 -47.29 55.19 11.61
N GLY FC 11 -46.13 55.69 11.21
CA GLY FC 11 -44.95 55.57 12.05
C GLY FC 11 -44.99 56.47 13.27
N ALA FC 12 -45.54 57.68 13.11
CA ALA FC 12 -45.69 58.58 14.25
C ALA FC 12 -46.80 58.12 15.17
N ALA FC 13 -47.83 57.47 14.62
CA ALA FC 13 -48.99 57.09 15.43
C ALA FC 13 -48.79 55.73 16.08
N THR FC 14 -47.61 55.15 15.94
CA THR FC 14 -47.33 53.88 16.60
C THR FC 14 -47.18 54.08 18.10
N VAL FC 15 -46.67 55.25 18.49
CA VAL FC 15 -46.19 55.49 19.84
C VAL FC 15 -47.33 55.91 20.77
N GLY FC 16 -48.57 55.79 20.31
CA GLY FC 16 -49.69 56.04 21.18
C GLY FC 16 -49.86 54.96 22.22
N VAL FC 17 -49.26 53.80 22.01
CA VAL FC 17 -49.36 52.74 23.00
C VAL FC 17 -48.35 52.98 24.13
N ALA FC 18 -47.35 53.84 23.89
CA ALA FC 18 -46.26 54.10 24.83
C ALA FC 18 -46.73 54.74 26.13
N GLY FC 19 -47.92 55.35 26.10
CA GLY FC 19 -48.56 55.76 27.33
C GLY FC 19 -49.18 54.58 28.07
N SER FC 20 -49.85 53.70 27.34
CA SER FC 20 -50.41 52.52 28.00
C SER FC 20 -49.34 51.47 28.22
N GLY FC 21 -48.21 51.59 27.54
CA GLY FC 21 -47.15 50.61 27.69
C GLY FC 21 -46.42 50.72 29.01
N ALA FC 22 -46.60 51.84 29.70
CA ALA FC 22 -46.02 51.98 31.04
C ALA FC 22 -47.08 52.37 32.06
N GLY FC 23 -48.25 52.78 31.59
CA GLY FC 23 -49.35 52.99 32.51
C GLY FC 23 -49.90 51.69 33.05
N ILE FC 24 -49.59 50.58 32.39
CA ILE FC 24 -49.97 49.29 32.94
C ILE FC 24 -48.89 48.78 33.88
N GLY FC 25 -47.73 49.43 33.88
CA GLY FC 25 -46.69 49.05 34.83
C GLY FC 25 -46.94 49.63 36.21
N THR FC 26 -47.60 50.79 36.27
CA THR FC 26 -47.84 51.43 37.56
C THR FC 26 -48.92 50.71 38.34
N VAL FC 27 -50.05 50.43 37.71
CA VAL FC 27 -51.19 49.86 38.42
C VAL FC 27 -50.93 48.41 38.78
N PHE FC 28 -50.08 47.74 38.01
CA PHE FC 28 -49.66 46.42 38.47
C PHE FC 28 -48.39 46.49 39.29
N GLY FC 29 -47.88 47.70 39.50
CA GLY FC 29 -46.89 47.90 40.54
C GLY FC 29 -47.49 48.55 41.77
N SER FC 30 -48.81 48.66 41.83
CA SER FC 30 -49.45 49.24 43.01
C SER FC 30 -50.40 48.24 43.64
N MET FC 31 -50.40 47.01 43.14
CA MET FC 31 -51.09 45.94 43.85
C MET FC 31 -50.09 44.96 44.42
N ILE FC 32 -48.83 45.07 44.02
CA ILE FC 32 -47.76 44.42 44.77
C ILE FC 32 -47.65 45.04 46.16
N ILE FC 33 -47.99 46.32 46.30
CA ILE FC 33 -47.78 46.99 47.57
C ILE FC 33 -49.08 47.14 48.34
N GLY FC 34 -50.21 46.95 47.68
CA GLY FC 34 -51.48 47.01 48.39
C GLY FC 34 -51.93 45.65 48.86
N TYR FC 35 -51.31 44.59 48.33
CA TYR FC 35 -51.51 43.26 48.89
C TYR FC 35 -50.48 42.98 49.99
N ALA FC 36 -49.32 43.64 49.91
CA ALA FC 36 -48.29 43.46 50.94
C ALA FC 36 -48.74 44.01 52.29
N ARG FC 37 -49.40 45.16 52.30
CA ARG FC 37 -49.82 45.79 53.55
C ARG FC 37 -50.99 45.05 54.16
N ASN FC 38 -52.02 44.79 53.38
CA ASN FC 38 -53.22 44.18 53.90
C ASN FC 38 -53.58 43.02 53.00
N PRO FC 39 -53.32 41.81 53.39
CA PRO FC 39 -53.77 40.66 52.58
C PRO FC 39 -55.28 40.47 52.60
N SER FC 40 -55.96 41.22 51.74
CA SER FC 40 -57.36 41.02 51.38
C SER FC 40 -57.56 41.18 49.87
N LEU FC 41 -56.77 40.47 49.06
CA LEU FC 41 -56.79 40.72 47.62
C LEU FC 41 -58.05 40.14 46.96
N LYS FC 42 -58.62 39.09 47.55
CA LYS FC 42 -59.68 38.30 46.92
C LYS FC 42 -60.98 39.07 46.78
N GLN FC 43 -61.15 40.13 47.58
CA GLN FC 43 -62.19 41.12 47.44
C GLN FC 43 -61.76 42.12 46.38
N GLN FC 44 -62.26 43.35 46.48
CA GLN FC 44 -62.03 44.44 45.53
C GLN FC 44 -60.56 44.63 45.12
N LEU FC 45 -59.61 44.16 45.92
CA LEU FC 45 -58.22 44.61 45.77
C LEU FC 45 -57.50 43.93 44.60
N PHE FC 46 -58.14 42.99 43.91
CA PHE FC 46 -57.59 42.52 42.64
C PHE FC 46 -58.45 42.97 41.47
N SER FC 47 -59.77 43.04 41.68
CA SER FC 47 -60.67 43.44 40.62
C SER FC 47 -60.62 44.94 40.39
N TYR FC 48 -59.84 45.67 41.19
CA TYR FC 48 -59.64 47.08 40.94
C TYR FC 48 -58.35 47.30 40.15
N ALA FC 49 -57.63 46.22 39.83
CA ALA FC 49 -56.45 46.37 38.97
C ALA FC 49 -56.74 45.92 37.55
N ILE FC 50 -57.58 44.89 37.39
CA ILE FC 50 -58.03 44.46 36.07
C ILE FC 50 -59.00 45.48 35.49
N LEU FC 51 -59.91 45.99 36.32
CA LEU FC 51 -60.72 47.15 35.93
C LEU FC 51 -59.84 48.37 35.72
N GLY FC 52 -58.70 48.43 36.39
CA GLY FC 52 -57.70 49.42 36.05
C GLY FC 52 -57.00 49.10 34.75
N PHE FC 53 -56.92 47.81 34.42
CA PHE FC 53 -56.21 47.40 33.20
C PHE FC 53 -57.11 47.47 31.98
N ALA FC 54 -58.40 47.17 32.15
CA ALA FC 54 -59.33 47.28 31.04
C ALA FC 54 -59.49 48.73 30.59
N LEU FC 55 -59.59 49.65 31.54
CA LEU FC 55 -59.81 51.04 31.17
C LEU FC 55 -58.50 51.77 30.93
N SER FC 56 -57.38 51.02 30.85
CA SER FC 56 -56.14 51.64 30.44
C SER FC 56 -55.52 50.94 29.25
N GLU FC 57 -55.90 49.67 29.01
CA GLU FC 57 -55.53 49.05 27.74
C GLU FC 57 -56.66 49.18 26.73
N ALA FC 58 -57.69 49.93 27.09
CA ALA FC 58 -58.61 50.43 26.07
C ALA FC 58 -57.94 51.49 25.21
N MET FC 59 -56.85 52.10 25.70
CA MET FC 59 -56.27 53.25 25.02
C MET FC 59 -54.93 52.90 24.38
N GLY FC 60 -54.47 51.66 24.55
CA GLY FC 60 -53.26 51.26 23.87
C GLY FC 60 -53.53 50.87 22.43
N LEU FC 61 -54.51 49.99 22.21
CA LEU FC 61 -54.85 49.57 20.86
C LEU FC 61 -55.83 50.55 20.21
N PHE FC 62 -56.22 51.59 20.95
CA PHE FC 62 -57.14 52.59 20.44
C PHE FC 62 -56.44 53.44 19.38
N CYS FC 63 -55.15 53.66 19.59
CA CYS FC 63 -54.41 54.53 18.68
C CYS FC 63 -53.83 53.75 17.50
N LEU FC 64 -53.49 52.47 17.71
CA LEU FC 64 -53.00 51.65 16.60
C LEU FC 64 -54.12 51.30 15.63
N MET FC 65 -55.37 51.41 16.07
CA MET FC 65 -56.49 51.30 15.15
C MET FC 65 -56.52 52.48 14.19
N VAL FC 66 -56.07 53.65 14.65
CA VAL FC 66 -55.99 54.82 13.77
C VAL FC 66 -54.80 54.69 12.82
N ALA FC 67 -53.69 54.12 13.32
CA ALA FC 67 -52.52 53.93 12.47
C ALA FC 67 -52.75 52.86 11.41
N PHE FC 68 -53.74 51.99 11.62
CA PHE FC 68 -54.19 51.11 10.55
C PHE FC 68 -55.11 51.84 9.59
N LEU FC 69 -56.03 52.65 10.11
CA LEU FC 69 -57.02 53.30 9.24
C LEU FC 69 -56.41 54.46 8.47
N ILE FC 70 -55.17 54.84 8.78
CA ILE FC 70 -54.44 55.77 7.93
C ILE FC 70 -53.60 55.02 6.91
N LEU FC 71 -53.40 53.71 7.13
CA LEU FC 71 -52.57 52.95 6.21
C LEU FC 71 -53.40 52.38 5.06
N PHE FC 72 -54.52 51.74 5.38
CA PHE FC 72 -55.35 51.15 4.34
C PHE FC 72 -56.77 51.72 4.36
N ILE GC 1 -37.95 57.03 -3.16
CA ILE GC 1 -38.73 58.10 -2.55
C ILE GC 1 -39.37 57.64 -1.26
N ASP GC 2 -40.08 56.51 -1.31
CA ASP GC 2 -40.66 55.95 -0.08
C ASP GC 2 -39.66 55.06 0.63
N THR GC 3 -38.46 54.91 0.06
CA THR GC 3 -37.39 54.12 0.67
C THR GC 3 -36.95 54.73 1.99
N ALA GC 4 -36.89 56.06 2.05
CA ALA GC 4 -36.74 56.72 3.35
C ALA GC 4 -38.02 56.62 4.17
N ALA GC 5 -39.18 56.66 3.51
CA ALA GC 5 -40.45 56.55 4.23
C ALA GC 5 -40.68 55.14 4.76
N LYS GC 6 -40.03 54.15 4.13
CA LYS GC 6 -39.90 52.85 4.76
C LYS GC 6 -39.12 52.95 6.06
N PHE GC 7 -38.16 53.88 6.14
CA PHE GC 7 -37.26 53.88 7.28
C PHE GC 7 -37.83 54.62 8.46
N ILE GC 8 -38.28 55.87 8.26
CA ILE GC 8 -38.65 56.70 9.41
C ILE GC 8 -39.99 56.24 9.99
N GLY GC 9 -40.88 55.73 9.15
CA GLY GC 9 -42.09 55.11 9.67
C GLY GC 9 -41.79 53.88 10.50
N ALA GC 10 -40.69 53.19 10.18
CA ALA GC 10 -40.14 52.20 11.09
C ALA GC 10 -39.28 52.88 12.16
N GLY GC 11 -38.61 53.98 11.82
CA GLY GC 11 -37.74 54.62 12.78
C GLY GC 11 -38.48 55.38 13.85
N ALA GC 12 -39.74 55.74 13.58
CA ALA GC 12 -40.55 56.37 14.61
C ALA GC 12 -41.36 55.34 15.37
N ALA GC 13 -41.56 54.16 14.78
CA ALA GC 13 -42.41 53.16 15.40
C ALA GC 13 -41.73 52.52 16.60
N THR GC 14 -40.41 52.63 16.66
CA THR GC 14 -39.67 51.89 17.68
C THR GC 14 -39.68 52.60 19.02
N VAL GC 15 -39.98 53.89 19.05
CA VAL GC 15 -39.85 54.65 20.29
C VAL GC 15 -41.14 54.56 21.09
N GLY GC 16 -42.13 53.85 20.55
CA GLY GC 16 -43.30 53.55 21.35
C GLY GC 16 -43.08 52.43 22.35
N VAL GC 17 -41.90 51.80 22.30
CA VAL GC 17 -41.59 50.80 23.31
C VAL GC 17 -41.05 51.48 24.56
N ALA GC 18 -40.70 52.76 24.44
CA ALA GC 18 -39.97 53.46 25.48
C ALA GC 18 -40.81 53.71 26.72
N GLY GC 19 -42.13 53.57 26.59
CA GLY GC 19 -42.95 53.40 27.78
C GLY GC 19 -42.55 52.16 28.56
N SER GC 20 -42.65 50.99 27.93
CA SER GC 20 -42.52 49.74 28.67
C SER GC 20 -41.08 49.45 29.07
N GLY GC 21 -40.13 50.22 28.55
CA GLY GC 21 -38.81 50.20 29.13
C GLY GC 21 -38.77 50.79 30.52
N ALA GC 22 -39.72 51.68 30.82
CA ALA GC 22 -39.83 52.22 32.17
C ALA GC 22 -40.95 51.57 32.94
N GLY GC 23 -41.94 51.02 32.24
CA GLY GC 23 -43.10 50.46 32.92
C GLY GC 23 -42.78 49.20 33.71
N ILE GC 24 -41.77 48.45 33.28
CA ILE GC 24 -41.31 47.34 34.11
C ILE GC 24 -40.32 47.84 35.14
N GLY GC 25 -39.81 49.06 34.98
CA GLY GC 25 -38.96 49.63 36.00
C GLY GC 25 -39.75 50.01 37.24
N THR GC 26 -41.03 50.34 37.06
CA THR GC 26 -41.90 50.55 38.19
C THR GC 26 -42.10 49.26 38.96
N VAL GC 27 -42.46 48.18 38.25
CA VAL GC 27 -43.03 47.02 38.90
C VAL GC 27 -41.94 46.19 39.58
N PHE GC 28 -40.67 46.46 39.28
CA PHE GC 28 -39.60 45.80 40.03
C PHE GC 28 -39.07 46.70 41.14
N GLY GC 29 -39.08 48.01 40.94
CA GLY GC 29 -38.81 48.90 42.05
C GLY GC 29 -39.94 48.91 43.06
N SER GC 30 -41.17 48.64 42.61
CA SER GC 30 -42.29 48.67 43.53
C SER GC 30 -42.50 47.34 44.20
N MET GC 31 -41.63 46.37 43.92
CA MET GC 31 -41.81 45.08 44.56
C MET GC 31 -40.93 44.97 45.79
N ILE GC 32 -39.74 45.55 45.74
CA ILE GC 32 -38.81 45.48 46.87
C ILE GC 32 -39.34 46.29 48.06
N ILE GC 33 -40.07 47.37 47.81
CA ILE GC 33 -40.73 48.07 48.92
C ILE GC 33 -42.07 47.43 49.26
N GLY GC 34 -42.50 46.46 48.46
CA GLY GC 34 -43.59 45.61 48.92
C GLY GC 34 -43.05 44.38 49.63
N TYR GC 35 -41.74 44.19 49.57
CA TYR GC 35 -41.14 42.98 50.12
C TYR GC 35 -40.45 43.27 51.44
N ALA GC 36 -39.80 44.43 51.55
CA ALA GC 36 -39.08 44.78 52.77
C ALA GC 36 -40.04 45.05 53.92
N ARG GC 37 -41.28 45.42 53.60
CA ARG GC 37 -42.30 45.51 54.63
C ARG GC 37 -42.71 44.13 55.11
N ASN GC 38 -42.87 43.18 54.20
CA ASN GC 38 -43.52 41.92 54.53
C ASN GC 38 -42.77 40.78 53.86
N PRO GC 39 -41.80 40.14 54.54
CA PRO GC 39 -41.01 39.05 53.90
C PRO GC 39 -41.76 37.73 53.76
N SER GC 40 -42.69 37.69 52.82
CA SER GC 40 -43.41 36.48 52.43
C SER GC 40 -43.35 36.29 50.91
N LEU GC 41 -42.13 36.30 50.37
CA LEU GC 41 -41.92 36.41 48.92
C LEU GC 41 -42.44 35.19 48.15
N LYS GC 42 -42.48 34.02 48.81
CA LYS GC 42 -42.87 32.81 48.10
C LYS GC 42 -44.37 32.74 47.89
N GLN GC 43 -45.10 33.64 48.54
CA GLN GC 43 -46.52 33.81 48.32
C GLN GC 43 -46.78 34.63 47.06
N GLN GC 44 -48.00 35.13 46.94
CA GLN GC 44 -48.48 35.68 45.68
C GLN GC 44 -47.89 37.05 45.36
N LEU GC 45 -46.99 37.56 46.19
CA LEU GC 45 -46.37 38.85 45.89
C LEU GC 45 -45.39 38.74 44.72
N PHE GC 46 -44.62 37.66 44.66
CA PHE GC 46 -43.72 37.49 43.52
C PHE GC 46 -44.49 37.06 42.28
N SER GC 47 -45.63 36.40 42.46
CA SER GC 47 -46.44 35.99 41.32
C SER GC 47 -47.13 37.19 40.67
N TYR GC 48 -47.22 38.32 41.39
CA TYR GC 48 -47.74 39.52 40.76
C TYR GC 48 -46.63 40.38 40.20
N ALA GC 49 -45.39 39.91 40.32
CA ALA GC 49 -44.30 40.61 39.65
C ALA GC 49 -44.19 40.16 38.20
N ILE GC 50 -44.46 38.89 37.94
CA ILE GC 50 -44.25 38.32 36.60
C ILE GC 50 -45.46 38.58 35.73
N LEU GC 51 -46.67 38.43 36.28
CA LEU GC 51 -47.87 38.75 35.51
C LEU GC 51 -47.94 40.24 35.20
N GLY GC 52 -47.44 41.07 36.11
CA GLY GC 52 -47.27 42.48 35.78
C GLY GC 52 -46.15 42.70 34.78
N PHE GC 53 -45.13 41.85 34.80
CA PHE GC 53 -44.07 41.93 33.80
C PHE GC 53 -44.57 41.46 32.44
N ALA GC 54 -45.31 40.34 32.42
CA ALA GC 54 -45.74 39.76 31.16
C ALA GC 54 -46.81 40.59 30.49
N LEU GC 55 -47.70 41.19 31.28
CA LEU GC 55 -48.75 42.04 30.72
C LEU GC 55 -48.17 43.37 30.25
N SER GC 56 -47.00 43.73 30.76
CA SER GC 56 -46.34 44.94 30.28
C SER GC 56 -45.49 44.66 29.06
N GLU GC 57 -44.88 43.47 28.99
CA GLU GC 57 -44.13 43.11 27.79
C GLU GC 57 -45.05 42.68 26.67
N ALA GC 58 -46.28 42.30 27.01
CA ALA GC 58 -47.30 42.06 25.98
C ALA GC 58 -47.64 43.36 25.26
N MET GC 59 -47.71 44.47 26.00
CA MET GC 59 -47.82 45.77 25.36
C MET GC 59 -46.46 46.34 25.02
N GLY GC 60 -45.39 45.57 25.25
CA GLY GC 60 -44.07 46.05 24.91
C GLY GC 60 -43.65 45.66 23.50
N LEU GC 61 -43.71 44.36 23.19
CA LEU GC 61 -43.06 43.86 21.98
C LEU GC 61 -43.90 44.14 20.74
N PHE GC 62 -45.22 44.21 20.90
CA PHE GC 62 -46.08 44.32 19.72
C PHE GC 62 -46.13 45.75 19.21
N CYS GC 63 -45.43 46.66 19.88
CA CYS GC 63 -45.13 47.94 19.24
C CYS GC 63 -44.00 47.77 18.23
N LEU GC 64 -43.15 46.76 18.41
CA LEU GC 64 -42.14 46.47 17.39
C LEU GC 64 -42.73 45.61 16.28
N MET GC 65 -43.96 45.11 16.47
CA MET GC 65 -44.65 44.41 15.39
C MET GC 65 -44.97 45.33 14.23
N VAL GC 66 -45.34 46.57 14.53
CA VAL GC 66 -45.67 47.52 13.47
C VAL GC 66 -44.40 48.07 12.85
N ALA GC 67 -43.26 47.86 13.52
CA ALA GC 67 -41.98 48.31 12.97
C ALA GC 67 -41.56 47.48 11.76
N PHE GC 68 -41.66 46.16 11.87
CA PHE GC 68 -41.19 45.29 10.78
C PHE GC 68 -42.14 45.32 9.60
N LEU GC 69 -43.45 45.47 9.85
CA LEU GC 69 -44.43 45.45 8.77
C LEU GC 69 -44.25 46.66 7.86
N ILE GC 70 -43.83 47.79 8.42
CA ILE GC 70 -43.50 48.94 7.60
C ILE GC 70 -42.23 48.67 6.82
N LEU GC 71 -41.28 47.96 7.42
CA LEU GC 71 -40.11 47.52 6.66
C LEU GC 71 -40.48 46.45 5.65
N PHE GC 72 -40.92 45.29 6.11
CA PHE GC 72 -41.17 44.16 5.23
C PHE GC 72 -42.64 44.07 4.85
N ILE HC 1 -29.17 60.29 -0.90
CA ILE HC 1 -30.48 59.79 -0.53
C ILE HC 1 -30.32 58.47 0.24
N ASP HC 2 -29.22 57.76 -0.02
CA ASP HC 2 -28.99 56.50 0.69
C ASP HC 2 -28.52 56.76 2.12
N THR HC 3 -27.47 57.57 2.27
CA THR HC 3 -26.96 57.89 3.60
C THR HC 3 -27.86 58.90 4.29
N ALA HC 4 -28.71 59.59 3.51
CA ALA HC 4 -29.73 60.44 4.09
C ALA HC 4 -30.81 59.63 4.79
N ALA HC 5 -31.22 58.52 4.17
CA ALA HC 5 -32.34 57.76 4.73
C ALA HC 5 -31.91 56.92 5.92
N LYS HC 6 -30.66 56.46 5.92
CA LYS HC 6 -30.20 55.50 6.92
C LYS HC 6 -30.07 56.15 8.29
N PHE HC 7 -29.52 57.36 8.35
CA PHE HC 7 -29.08 57.89 9.63
C PHE HC 7 -30.24 58.43 10.46
N ILE HC 8 -31.30 58.93 9.81
CA ILE HC 8 -32.40 59.49 10.59
C ILE HC 8 -33.43 58.42 10.91
N GLY HC 9 -33.17 57.19 10.46
CA GLY HC 9 -33.85 56.05 11.04
C GLY HC 9 -33.05 55.47 12.20
N ALA HC 10 -31.77 55.82 12.28
CA ALA HC 10 -30.91 55.27 13.33
C ALA HC 10 -30.94 56.13 14.58
N GLY HC 11 -30.92 57.45 14.42
CA GLY HC 11 -30.98 58.33 15.57
C GLY HC 11 -32.34 58.33 16.23
N ALA HC 12 -33.40 58.16 15.43
CA ALA HC 12 -34.75 58.18 15.97
C ALA HC 12 -35.12 56.85 16.60
N ALA HC 13 -34.22 55.87 16.54
CA ALA HC 13 -34.45 54.61 17.23
C ALA HC 13 -33.75 54.59 18.57
N THR HC 14 -32.71 55.41 18.73
CA THR HC 14 -31.89 55.38 19.95
C THR HC 14 -32.54 56.22 21.04
N VAL HC 15 -33.69 56.82 20.75
CA VAL HC 15 -34.47 57.55 21.75
C VAL HC 15 -35.11 56.54 22.68
N GLY HC 16 -35.45 55.37 22.14
CA GLY HC 16 -36.15 54.36 22.94
C GLY HC 16 -35.25 53.66 23.94
N VAL HC 17 -33.93 53.78 23.79
CA VAL HC 17 -33.02 53.05 24.67
C VAL HC 17 -32.67 53.90 25.90
N ALA HC 18 -33.01 55.17 25.87
CA ALA HC 18 -32.99 55.95 27.09
C ALA HC 18 -34.41 56.08 27.62
N GLY HC 19 -35.35 55.38 26.96
CA GLY HC 19 -36.68 55.25 27.50
C GLY HC 19 -36.77 54.22 28.61
N SER HC 20 -35.70 53.45 28.81
CA SER HC 20 -35.66 52.52 29.93
C SER HC 20 -34.71 53.01 31.02
N GLY HC 21 -34.10 54.19 30.83
CA GLY HC 21 -33.37 54.79 31.93
C GLY HC 21 -34.29 55.29 33.02
N ALA HC 22 -35.49 55.70 32.65
CA ALA HC 22 -36.45 56.21 33.63
C ALA HC 22 -37.04 55.09 34.47
N GLY HC 23 -36.84 53.84 34.06
CA GLY HC 23 -37.26 52.73 34.89
C GLY HC 23 -36.25 52.37 35.96
N ILE HC 24 -34.96 52.40 35.62
CA ILE HC 24 -33.94 52.06 36.60
C ILE HC 24 -33.69 53.22 37.54
N GLY HC 25 -34.22 54.40 37.23
CA GLY HC 25 -34.38 55.40 38.25
C GLY HC 25 -35.28 54.91 39.36
N THR HC 26 -36.35 54.22 39.00
CA THR HC 26 -37.23 53.68 40.01
C THR HC 26 -36.67 52.41 40.62
N VAL HC 27 -35.99 51.58 39.81
CA VAL HC 27 -35.47 50.31 40.32
C VAL HC 27 -34.34 50.55 41.31
N PHE HC 28 -33.35 51.35 40.93
CA PHE HC 28 -32.24 51.61 41.84
C PHE HC 28 -32.63 52.60 42.91
N GLY HC 29 -33.67 53.40 42.65
CA GLY HC 29 -34.08 54.41 43.60
C GLY HC 29 -35.01 53.88 44.67
N SER HC 30 -35.89 52.94 44.32
CA SER HC 30 -36.82 52.44 45.32
C SER HC 30 -36.19 51.35 46.17
N MET HC 31 -34.90 51.10 45.99
CA MET HC 31 -34.19 50.27 46.95
C MET HC 31 -33.95 51.05 48.23
N ILE HC 32 -33.91 52.38 48.13
CA ILE HC 32 -33.60 53.25 49.26
C ILE HC 32 -34.70 53.17 50.31
N ILE HC 33 -35.95 53.26 49.87
CA ILE HC 33 -37.07 53.31 50.80
C ILE HC 33 -37.36 51.93 51.35
N GLY HC 34 -36.85 50.89 50.69
CA GLY HC 34 -37.00 49.55 51.26
C GLY HC 34 -35.92 49.24 52.27
N TYR HC 35 -34.71 49.74 52.03
CA TYR HC 35 -33.57 49.41 52.87
C TYR HC 35 -33.66 50.07 54.22
N ALA HC 36 -34.35 51.22 54.30
CA ALA HC 36 -34.43 51.97 55.55
C ALA HC 36 -35.48 51.39 56.49
N ARG HC 37 -36.51 50.72 55.96
CA ARG HC 37 -37.45 50.08 56.85
C ARG HC 37 -36.83 48.84 57.46
N ASN HC 38 -36.08 48.08 56.67
CA ASN HC 38 -35.56 46.79 57.13
C ASN HC 38 -34.13 46.62 56.61
N PRO HC 39 -33.15 46.48 57.48
CA PRO HC 39 -31.79 46.14 57.00
C PRO HC 39 -31.49 44.65 56.97
N SER HC 40 -32.19 43.91 56.12
CA SER HC 40 -31.80 42.57 55.74
C SER HC 40 -31.14 42.60 54.37
N LEU HC 41 -29.87 43.03 54.34
CA LEU HC 41 -29.29 43.63 53.15
C LEU HC 41 -28.86 42.60 52.11
N LYS HC 42 -28.02 41.64 52.51
CA LYS HC 42 -27.53 40.65 51.56
C LYS HC 42 -28.51 39.51 51.32
N GLN HC 43 -29.79 39.72 51.65
CA GLN HC 43 -30.89 38.82 51.38
C GLN HC 43 -31.29 39.05 49.92
N GLN HC 44 -32.48 38.61 49.52
CA GLN HC 44 -32.96 38.81 48.16
C GLN HC 44 -33.24 40.28 47.85
N LEU HC 45 -33.13 41.17 48.84
CA LEU HC 45 -33.40 42.59 48.69
C LEU HC 45 -32.51 43.24 47.64
N PHE HC 46 -31.19 43.14 47.79
CA PHE HC 46 -30.29 43.68 46.76
C PHE HC 46 -30.33 42.81 45.51
N SER HC 47 -30.66 41.53 45.66
CA SER HC 47 -30.66 40.65 44.51
C SER HC 47 -31.94 40.80 43.69
N TYR HC 48 -33.04 41.23 44.32
CA TYR HC 48 -34.22 41.57 43.53
C TYR HC 48 -33.99 42.82 42.70
N ALA HC 49 -33.05 43.66 43.13
CA ALA HC 49 -32.67 44.83 42.34
C ALA HC 49 -31.97 44.41 41.06
N ILE HC 50 -31.14 43.37 41.12
CA ILE HC 50 -30.46 42.87 39.93
C ILE HC 50 -31.47 42.23 38.98
N LEU HC 51 -32.52 41.60 39.51
CA LEU HC 51 -33.61 41.16 38.66
C LEU HC 51 -34.40 42.34 38.09
N GLY HC 52 -34.32 43.50 38.75
CA GLY HC 52 -34.87 44.70 38.16
C GLY HC 52 -33.88 45.41 37.25
N PHE HC 53 -32.62 45.48 37.67
CA PHE HC 53 -31.62 46.31 36.98
C PHE HC 53 -31.27 45.75 35.60
N ALA HC 54 -31.19 44.43 35.48
CA ALA HC 54 -30.74 43.84 34.21
C ALA HC 54 -31.91 43.39 33.35
N LEU HC 55 -33.14 43.41 33.90
CA LEU HC 55 -34.30 43.16 33.06
C LEU HC 55 -34.81 44.46 32.46
N SER HC 56 -34.66 45.58 33.18
CA SER HC 56 -35.05 46.87 32.62
C SER HC 56 -34.01 47.37 31.63
N GLU HC 57 -32.74 47.02 31.85
CA GLU HC 57 -31.73 47.26 30.83
C GLU HC 57 -31.92 46.33 29.64
N ALA HC 58 -32.62 45.20 29.85
CA ALA HC 58 -32.87 44.27 28.75
C ALA HC 58 -33.92 44.80 27.78
N MET HC 59 -34.66 45.83 28.18
CA MET HC 59 -35.43 46.57 27.20
C MET HC 59 -34.64 47.79 26.72
N GLY HC 60 -33.59 48.15 27.44
CA GLY HC 60 -32.71 49.22 26.98
C GLY HC 60 -31.81 48.77 25.86
N LEU HC 61 -31.14 47.62 26.04
CA LEU HC 61 -30.30 47.08 24.97
C LEU HC 61 -31.13 46.24 23.98
N PHE HC 62 -32.44 46.27 24.11
CA PHE HC 62 -33.31 45.69 23.10
C PHE HC 62 -33.21 46.46 21.78
N CYS HC 63 -33.54 47.75 21.80
CA CYS HC 63 -33.73 48.49 20.56
C CYS HC 63 -32.39 48.86 19.94
N LEU HC 64 -31.30 48.75 20.70
CA LEU HC 64 -30.01 49.24 20.22
C LEU HC 64 -29.45 48.35 19.10
N MET HC 65 -29.82 47.07 19.09
CA MET HC 65 -29.50 46.23 17.94
C MET HC 65 -30.39 46.59 16.75
N VAL HC 66 -31.64 46.98 17.02
CA VAL HC 66 -32.58 47.33 15.96
C VAL HC 66 -32.18 48.63 15.27
N ALA HC 67 -31.53 49.52 16.01
CA ALA HC 67 -30.92 50.69 15.38
C ALA HC 67 -29.77 50.29 14.49
N PHE HC 68 -28.91 49.38 14.96
CA PHE HC 68 -27.82 48.91 14.12
C PHE HC 68 -28.29 47.88 13.11
N LEU HC 69 -29.55 47.43 13.22
CA LEU HC 69 -30.15 46.61 12.18
C LEU HC 69 -30.50 47.46 10.97
N ILE HC 70 -30.68 48.76 11.18
CA ILE HC 70 -31.04 49.68 10.09
C ILE HC 70 -29.89 50.66 9.85
N LEU HC 71 -28.77 50.47 10.53
CA LEU HC 71 -27.55 51.12 10.06
C LEU HC 71 -27.10 50.50 8.74
N PHE HC 72 -27.22 49.18 8.61
CA PHE HC 72 -26.73 48.48 7.44
C PHE HC 72 -27.86 48.10 6.49
N ILE IC 1 -27.72 66.87 0.46
CA ILE IC 1 -28.73 66.00 1.04
C ILE IC 1 -28.11 65.25 2.22
N ASP IC 2 -26.77 65.21 2.24
CA ASP IC 2 -26.09 64.64 3.40
C ASP IC 2 -26.18 65.58 4.59
N THR IC 3 -26.17 66.89 4.34
CA THR IC 3 -26.23 67.86 5.41
C THR IC 3 -27.62 67.91 6.05
N ALA IC 4 -28.65 67.59 5.26
CA ALA IC 4 -30.01 67.65 5.76
C ALA IC 4 -30.34 66.45 6.64
N ALA IC 5 -29.45 65.46 6.67
CA ALA IC 5 -29.71 64.28 7.48
C ALA IC 5 -28.89 64.29 8.77
N LYS IC 6 -27.70 64.88 8.73
CA LYS IC 6 -26.82 64.84 9.90
C LYS IC 6 -27.37 65.70 11.04
N PHE IC 7 -28.13 66.75 10.71
CA PHE IC 7 -28.53 67.72 11.72
C PHE IC 7 -29.87 67.35 12.35
N ILE IC 8 -30.73 66.69 11.59
CA ILE IC 8 -31.96 66.16 12.16
C ILE IC 8 -31.68 64.90 12.96
N GLY IC 9 -30.61 64.18 12.59
CA GLY IC 9 -30.32 62.92 13.26
C GLY IC 9 -29.87 63.10 14.70
N ALA IC 10 -28.90 63.98 14.93
CA ALA IC 10 -28.38 64.18 16.28
C ALA IC 10 -29.40 64.86 17.18
N GLY IC 11 -30.20 65.77 16.63
CA GLY IC 11 -31.23 66.43 17.41
C GLY IC 11 -32.36 65.48 17.76
N ALA IC 12 -32.61 64.49 16.91
CA ALA IC 12 -33.49 63.42 17.30
C ALA IC 12 -32.84 62.55 18.37
N ALA IC 13 -31.52 62.39 18.31
CA ALA IC 13 -30.85 61.47 19.23
C ALA IC 13 -30.64 62.09 20.61
N THR IC 14 -31.01 63.36 20.77
CA THR IC 14 -30.80 64.04 22.04
C THR IC 14 -32.02 63.89 22.95
N VAL IC 15 -33.15 63.51 22.36
CA VAL IC 15 -34.47 63.46 22.99
C VAL IC 15 -34.48 62.52 24.18
N GLY IC 16 -33.70 61.45 24.11
CA GLY IC 16 -33.82 60.39 25.10
C GLY IC 16 -33.30 60.77 26.47
N VAL IC 17 -32.38 61.74 26.53
CA VAL IC 17 -31.70 62.08 27.79
C VAL IC 17 -32.70 62.74 28.76
N ALA IC 18 -33.79 63.28 28.22
CA ALA IC 18 -34.96 63.66 29.01
C ALA IC 18 -35.52 62.51 29.82
N GLY IC 19 -35.41 61.29 29.30
CA GLY IC 19 -35.76 60.13 30.11
C GLY IC 19 -34.84 59.93 31.29
N SER IC 20 -33.58 60.34 31.15
CA SER IC 20 -32.61 60.10 32.21
C SER IC 20 -32.82 61.03 33.40
N GLY IC 21 -33.06 62.31 33.13
CA GLY IC 21 -33.29 63.25 34.21
C GLY IC 21 -34.60 62.99 34.94
N ALA IC 22 -35.56 62.39 34.24
CA ALA IC 22 -36.87 62.17 34.84
C ALA IC 22 -36.87 60.94 35.74
N GLY IC 23 -35.78 60.17 35.72
CA GLY IC 23 -35.61 59.15 36.72
C GLY IC 23 -34.59 59.55 37.77
N ILE IC 24 -33.67 60.45 37.40
CA ILE IC 24 -32.57 60.79 38.30
C ILE IC 24 -33.04 61.76 39.36
N GLY IC 25 -34.21 62.36 39.17
CA GLY IC 25 -34.83 63.10 40.25
C GLY IC 25 -35.45 62.19 41.27
N THR IC 26 -35.78 60.96 40.87
CA THR IC 26 -36.37 60.03 41.81
C THR IC 26 -35.32 59.45 42.74
N VAL IC 27 -34.08 59.32 42.26
CA VAL IC 27 -33.06 58.63 43.05
C VAL IC 27 -32.50 59.55 44.11
N PHE IC 28 -32.80 60.85 44.05
CA PHE IC 28 -32.55 61.68 45.22
C PHE IC 28 -33.85 62.01 45.92
N GLY IC 29 -34.97 61.83 45.22
CA GLY IC 29 -36.26 62.03 45.84
C GLY IC 29 -36.72 60.82 46.61
N SER IC 30 -35.93 59.76 46.56
CA SER IC 30 -36.15 58.65 47.47
C SER IC 30 -35.16 58.70 48.63
N MET IC 31 -34.08 59.47 48.48
CA MET IC 31 -33.10 59.55 49.56
C MET IC 31 -33.48 60.67 50.54
N ILE IC 32 -34.24 61.66 50.07
CA ILE IC 32 -34.85 62.64 50.98
C ILE IC 32 -35.81 61.96 51.93
N ILE IC 33 -36.71 61.12 51.41
CA ILE IC 33 -37.61 60.36 52.25
C ILE IC 33 -36.88 59.19 52.90
N GLY IC 34 -35.69 58.86 52.41
CA GLY IC 34 -34.94 57.78 53.03
C GLY IC 34 -34.31 58.20 54.34
N TYR IC 35 -33.56 59.29 54.32
CA TYR IC 35 -32.86 59.76 55.52
C TYR IC 35 -33.83 60.37 56.53
N ALA IC 36 -34.99 60.83 56.06
CA ALA IC 36 -35.94 61.47 56.97
C ALA IC 36 -36.77 60.44 57.72
N ARG IC 37 -36.57 59.16 57.44
CA ARG IC 37 -37.22 58.14 58.25
C ARG IC 37 -36.25 57.56 59.28
N ASN IC 38 -34.99 57.37 58.88
CA ASN IC 38 -34.00 56.68 59.66
C ASN IC 38 -32.67 57.33 59.35
N PRO IC 39 -32.11 58.12 60.25
CA PRO IC 39 -30.82 58.81 59.96
C PRO IC 39 -29.63 57.86 59.85
N SER IC 40 -29.54 57.20 58.69
CA SER IC 40 -28.48 56.29 58.32
C SER IC 40 -27.73 56.82 57.10
N LEU IC 41 -27.36 58.10 57.18
CA LEU IC 41 -26.78 58.82 56.05
C LEU IC 41 -25.35 58.35 55.74
N LYS IC 42 -24.46 58.39 56.73
CA LYS IC 42 -23.04 58.15 56.50
C LYS IC 42 -22.75 56.70 56.15
N GLN IC 43 -23.66 55.79 56.49
CA GLN IC 43 -23.62 54.41 56.04
C GLN IC 43 -24.23 54.28 54.66
N GLN IC 44 -24.59 53.05 54.27
CA GLN IC 44 -24.67 52.64 52.87
C GLN IC 44 -25.73 53.38 52.05
N LEU IC 45 -26.58 54.20 52.68
CA LEU IC 45 -27.70 54.79 51.96
C LEU IC 45 -27.26 55.86 50.97
N PHE IC 46 -26.38 56.77 51.42
CA PHE IC 46 -25.97 57.87 50.56
C PHE IC 46 -25.09 57.38 49.43
N SER IC 47 -24.35 56.31 49.65
CA SER IC 47 -23.46 55.78 48.62
C SER IC 47 -24.26 55.14 47.49
N TYR IC 48 -25.48 54.68 47.79
CA TYR IC 48 -26.36 54.16 46.76
C TYR IC 48 -26.83 55.27 45.82
N ALA IC 49 -27.02 56.47 46.35
CA ALA IC 49 -27.38 57.60 45.50
C ALA IC 49 -26.19 58.03 44.67
N ILE IC 50 -24.99 57.80 45.16
CA ILE IC 50 -23.79 58.04 44.36
C ILE IC 50 -23.71 57.01 43.24
N LEU IC 51 -24.08 55.77 43.54
CA LEU IC 51 -24.22 54.78 42.47
C LEU IC 51 -25.44 55.09 41.61
N GLY IC 52 -26.50 55.63 42.24
CA GLY IC 52 -27.74 55.86 41.51
C GLY IC 52 -27.65 56.98 40.51
N PHE IC 53 -26.87 58.02 40.82
CA PHE IC 53 -26.60 59.06 39.83
C PHE IC 53 -25.65 58.54 38.76
N ALA IC 54 -24.68 57.70 39.16
CA ALA IC 54 -23.67 57.24 38.21
C ALA IC 54 -24.24 56.23 37.22
N LEU IC 55 -25.23 55.44 37.66
CA LEU IC 55 -25.74 54.39 36.78
C LEU IC 55 -26.66 54.95 35.71
N SER IC 56 -27.71 55.67 36.12
CA SER IC 56 -28.73 56.07 35.17
C SER IC 56 -28.25 57.16 34.22
N GLU IC 57 -27.19 57.87 34.61
CA GLU IC 57 -26.60 58.83 33.69
C GLU IC 57 -25.79 58.12 32.61
N ALA IC 58 -25.32 56.90 32.91
CA ALA IC 58 -24.63 56.11 31.90
C ALA IC 58 -25.61 55.57 30.87
N MET IC 59 -26.87 55.37 31.26
CA MET IC 59 -27.91 55.14 30.26
C MET IC 59 -28.19 56.42 29.49
N GLY IC 60 -27.92 57.57 30.09
CA GLY IC 60 -28.23 58.83 29.44
C GLY IC 60 -27.10 59.35 28.57
N LEU IC 61 -25.87 59.36 29.11
CA LEU IC 61 -24.79 60.07 28.43
C LEU IC 61 -24.27 59.33 27.22
N PHE IC 62 -24.54 58.01 27.13
CA PHE IC 62 -24.20 57.27 25.93
C PHE IC 62 -25.06 57.70 24.75
N CYS IC 63 -26.31 58.12 25.02
CA CYS IC 63 -27.21 58.54 23.96
C CYS IC 63 -26.74 59.84 23.34
N LEU IC 64 -26.05 60.66 24.12
CA LEU IC 64 -25.42 61.86 23.57
C LEU IC 64 -24.26 61.49 22.65
N MET IC 65 -23.53 60.42 22.99
CA MET IC 65 -22.43 59.97 22.14
C MET IC 65 -22.95 59.39 20.83
N VAL IC 66 -24.19 58.88 20.84
CA VAL IC 66 -24.86 58.48 19.61
C VAL IC 66 -25.10 59.69 18.71
N ALA IC 67 -25.38 60.85 19.30
CA ALA IC 67 -25.64 62.03 18.50
C ALA IC 67 -24.37 62.55 17.83
N PHE IC 68 -23.20 62.27 18.41
CA PHE IC 68 -21.96 62.82 17.90
C PHE IC 68 -21.53 62.13 16.61
N LEU IC 69 -21.72 60.80 16.53
CA LEU IC 69 -21.28 60.07 15.35
C LEU IC 69 -22.21 60.33 14.17
N ILE IC 70 -23.45 60.71 14.45
CA ILE IC 70 -24.32 61.21 13.38
C ILE IC 70 -23.82 62.57 12.92
N LEU IC 71 -23.41 63.43 13.87
CA LEU IC 71 -22.85 64.72 13.51
C LEU IC 71 -21.46 64.56 12.89
N PHE IC 72 -20.67 63.61 13.39
CA PHE IC 72 -19.37 63.32 12.81
C PHE IC 72 -19.31 61.91 12.20
N ILE JC 1 -32.25 75.45 1.68
CA ILE JC 1 -32.26 74.05 2.04
C ILE JC 1 -31.10 73.73 2.98
N ASP JC 2 -29.96 74.40 2.76
CA ASP JC 2 -28.83 74.25 3.65
C ASP JC 2 -29.10 74.94 4.99
N THR JC 3 -29.85 76.04 4.97
CA THR JC 3 -30.27 76.69 6.21
C THR JC 3 -31.41 75.95 6.88
N ALA JC 4 -32.12 75.11 6.12
CA ALA JC 4 -33.27 74.41 6.67
C ALA JC 4 -32.85 73.32 7.64
N ALA JC 5 -31.68 72.72 7.42
CA ALA JC 5 -31.19 71.68 8.31
C ALA JC 5 -30.79 72.23 9.67
N LYS JC 6 -30.43 73.51 9.72
CA LYS JC 6 -30.18 74.19 10.99
C LYS JC 6 -31.45 74.25 11.82
N PHE JC 7 -32.59 74.49 11.17
CA PHE JC 7 -33.82 74.79 11.91
C PHE JC 7 -34.47 73.53 12.44
N ILE JC 8 -34.32 72.42 11.72
CA ILE JC 8 -35.08 71.22 12.02
C ILE JC 8 -34.49 70.50 13.23
N GLY JC 9 -33.22 70.73 13.52
CA GLY JC 9 -32.53 69.92 14.50
C GLY JC 9 -32.74 70.41 15.92
N ALA JC 10 -32.71 71.73 16.12
CA ALA JC 10 -32.74 72.28 17.47
C ALA JC 10 -34.12 72.16 18.09
N GLY JC 11 -35.18 72.26 17.27
CA GLY JC 11 -36.52 72.05 17.78
C GLY JC 11 -36.76 70.61 18.17
N ALA JC 12 -36.02 69.69 17.56
CA ALA JC 12 -36.06 68.30 17.99
C ALA JC 12 -35.25 68.10 19.26
N ALA JC 13 -34.06 68.72 19.35
CA ALA JC 13 -33.23 68.56 20.52
C ALA JC 13 -33.70 69.44 21.68
N THR JC 14 -34.70 70.27 21.42
CA THR JC 14 -35.31 71.10 22.46
C THR JC 14 -35.99 70.24 23.52
N VAL JC 15 -36.54 69.10 23.10
CA VAL JC 15 -37.49 68.36 23.91
C VAL JC 15 -36.74 67.48 24.91
N GLY JC 16 -35.40 67.46 24.81
CA GLY JC 16 -34.63 66.70 25.78
C GLY JC 16 -34.55 67.36 27.15
N VAL JC 17 -35.18 68.53 27.29
CA VAL JC 17 -35.24 69.20 28.59
C VAL JC 17 -36.65 69.06 29.18
N ALA JC 18 -37.57 68.45 28.44
CA ALA JC 18 -38.93 68.24 28.92
C ALA JC 18 -38.97 67.27 30.08
N GLY JC 19 -38.23 66.17 29.98
CA GLY JC 19 -38.17 65.23 31.07
C GLY JC 19 -37.34 65.75 32.22
N SER JC 20 -36.26 66.47 31.92
CA SER JC 20 -35.48 67.11 32.97
C SER JC 20 -36.25 68.26 33.60
N GLY JC 21 -37.26 68.78 32.91
CA GLY JC 21 -38.21 69.67 33.55
C GLY JC 21 -39.05 68.97 34.61
N ALA JC 22 -39.54 67.78 34.30
CA ALA JC 22 -40.27 67.02 35.32
C ALA JC 22 -39.32 66.30 36.26
N GLY JC 23 -38.04 66.25 35.90
CA GLY JC 23 -37.07 65.58 36.75
C GLY JC 23 -36.66 66.41 37.95
N ILE JC 24 -37.09 67.68 37.98
CA ILE JC 24 -36.89 68.52 39.16
C ILE JC 24 -38.22 68.73 39.86
N GLY JC 25 -39.32 68.32 39.25
CA GLY JC 25 -40.60 68.49 39.88
C GLY JC 25 -40.87 67.46 40.94
N THR JC 26 -40.14 66.35 40.91
CA THR JC 26 -40.39 65.30 41.87
C THR JC 26 -39.45 65.40 43.07
N VAL JC 27 -38.31 66.03 42.88
CA VAL JC 27 -37.37 66.21 43.98
C VAL JC 27 -37.90 67.26 44.96
N PHE JC 28 -38.86 68.08 44.51
CA PHE JC 28 -39.57 68.95 45.43
C PHE JC 28 -40.87 68.30 45.90
N GLY JC 29 -41.31 67.27 45.20
CA GLY JC 29 -42.46 66.51 45.66
C GLY JC 29 -42.10 65.53 46.74
N SER JC 30 -40.80 65.35 46.98
CA SER JC 30 -40.35 64.53 48.10
C SER JC 30 -40.26 65.36 49.37
N MET JC 31 -39.72 66.57 49.26
CA MET JC 31 -39.34 67.32 50.45
C MET JC 31 -40.56 67.89 51.14
N ILE JC 32 -41.68 67.95 50.43
CA ILE JC 32 -42.96 68.16 51.08
C ILE JC 32 -43.28 66.98 51.98
N ILE JC 33 -43.28 65.77 51.42
CA ILE JC 33 -43.69 64.60 52.16
C ILE JC 33 -42.52 64.05 52.98
N GLY JC 34 -41.32 64.60 52.78
CA GLY JC 34 -40.20 64.21 53.62
C GLY JC 34 -40.14 65.00 54.90
N TYR JC 35 -40.27 66.33 54.81
CA TYR JC 35 -40.19 67.19 55.99
C TYR JC 35 -41.38 66.99 56.90
N ALA JC 36 -42.53 66.61 56.35
CA ALA JC 36 -43.76 66.55 57.14
C ALA JC 36 -43.77 65.37 58.10
N ARG JC 37 -42.75 64.52 58.06
CA ARG JC 37 -42.54 63.57 59.16
C ARG JC 37 -41.56 64.13 60.19
N ASN JC 38 -40.39 64.57 59.74
CA ASN JC 38 -39.25 64.80 60.61
C ASN JC 38 -38.79 66.24 60.47
N PRO JC 39 -39.25 67.15 61.31
CA PRO JC 39 -38.79 68.56 61.24
C PRO JC 39 -37.34 68.72 61.67
N SER JC 40 -36.45 68.41 60.74
CA SER JC 40 -35.01 68.63 60.82
C SER JC 40 -34.57 69.44 59.61
N LEU JC 41 -35.27 70.54 59.39
CA LEU JC 41 -35.36 71.18 58.08
C LEU JC 41 -34.05 71.83 57.65
N LYS JC 42 -33.54 72.79 58.44
CA LYS JC 42 -32.36 73.59 58.08
C LYS JC 42 -31.09 72.76 57.96
N GLN JC 43 -31.09 71.56 58.51
CA GLN JC 43 -30.02 70.59 58.34
C GLN JC 43 -30.17 69.88 56.99
N GLN JC 44 -29.51 68.74 56.84
CA GLN JC 44 -29.19 68.21 55.50
C GLN JC 44 -30.42 67.66 54.75
N LEU JC 45 -31.63 67.89 55.24
CA LEU JC 45 -32.81 67.64 54.42
C LEU JC 45 -32.89 68.62 53.26
N PHE JC 46 -32.80 69.92 53.54
CA PHE JC 46 -32.92 70.91 52.47
C PHE JC 46 -31.63 71.01 51.67
N SER JC 47 -30.49 70.75 52.32
CA SER JC 47 -29.20 70.93 51.65
C SER JC 47 -28.98 69.87 50.59
N TYR JC 48 -29.66 68.72 50.71
CA TYR JC 48 -29.56 67.71 49.67
C TYR JC 48 -30.49 68.01 48.50
N ALA JC 49 -31.64 68.63 48.76
CA ALA JC 49 -32.57 68.93 47.68
C ALA JC 49 -32.06 70.08 46.83
N ILE JC 50 -31.12 70.87 47.34
CA ILE JC 50 -30.44 71.86 46.53
C ILE JC 50 -29.55 71.18 45.50
N LEU JC 51 -28.82 70.14 45.94
CA LEU JC 51 -27.86 69.48 45.07
C LEU JC 51 -28.56 68.70 43.97
N GLY JC 52 -29.71 68.11 44.27
CA GLY JC 52 -30.43 67.34 43.26
C GLY JC 52 -31.00 68.21 42.16
N PHE JC 53 -31.28 69.48 42.47
CA PHE JC 53 -31.82 70.38 41.47
C PHE JC 53 -30.74 70.82 40.49
N ALA JC 54 -29.65 71.36 41.01
CA ALA JC 54 -28.63 71.98 40.17
C ALA JC 54 -27.88 70.95 39.34
N LEU JC 55 -27.86 69.70 39.79
CA LEU JC 55 -27.27 68.64 38.98
C LEU JC 55 -28.19 68.26 37.83
N SER JC 56 -29.49 68.15 38.09
CA SER JC 56 -30.41 67.65 37.08
C SER JC 56 -30.73 68.72 36.03
N GLU JC 57 -30.84 69.98 36.45
CA GLU JC 57 -31.13 71.03 35.48
C GLU JC 57 -29.90 71.34 34.63
N ALA JC 58 -28.71 71.04 35.14
CA ALA JC 58 -27.51 71.20 34.33
C ALA JC 58 -27.49 70.19 33.19
N MET JC 59 -28.00 68.98 33.44
CA MET JC 59 -28.07 67.99 32.37
C MET JC 59 -29.21 68.32 31.42
N GLY JC 60 -30.18 69.11 31.89
CA GLY JC 60 -31.12 69.71 30.96
C GLY JC 60 -30.53 70.89 30.23
N LEU JC 61 -29.65 71.65 30.91
CA LEU JC 61 -29.08 72.84 30.30
C LEU JC 61 -28.03 72.49 29.25
N PHE JC 62 -27.33 71.37 29.44
CA PHE JC 62 -26.41 70.91 28.40
C PHE JC 62 -27.16 70.41 27.19
N CYS JC 63 -28.40 69.95 27.38
CA CYS JC 63 -29.22 69.60 26.24
C CYS JC 63 -29.66 70.84 25.47
N LEU JC 64 -29.70 71.99 26.13
CA LEU JC 64 -29.95 73.23 25.42
C LEU JC 64 -28.67 73.78 24.81
N MET JC 65 -27.51 73.36 25.32
CA MET JC 65 -26.25 73.83 24.74
C MET JC 65 -26.02 73.21 23.38
N VAL JC 66 -26.43 71.96 23.19
CA VAL JC 66 -26.28 71.34 21.88
C VAL JC 66 -27.31 71.90 20.91
N ALA JC 67 -28.40 72.49 21.43
CA ALA JC 67 -29.38 73.13 20.57
C ALA JC 67 -28.81 74.37 19.91
N PHE JC 68 -27.83 75.00 20.55
CA PHE JC 68 -27.21 76.20 19.96
C PHE JC 68 -26.20 75.82 18.88
N LEU JC 69 -25.50 74.70 19.07
CA LEU JC 69 -24.51 74.30 18.08
C LEU JC 69 -25.17 73.77 16.81
N ILE JC 70 -26.33 73.13 16.96
CA ILE JC 70 -27.15 72.84 15.79
C ILE JC 70 -27.69 74.12 15.19
N LEU JC 71 -27.99 75.11 16.03
CA LEU JC 71 -28.41 76.40 15.51
C LEU JC 71 -27.24 77.16 14.91
N PHE JC 72 -26.06 77.04 15.51
CA PHE JC 72 -24.89 77.74 15.00
C PHE JC 72 -23.74 76.78 14.76
N ILE KC 1 -39.97 76.68 0.54
CA ILE KC 1 -39.01 75.80 1.21
C ILE KC 1 -38.41 76.56 2.39
N ASP KC 2 -38.35 77.88 2.26
CA ASP KC 2 -37.81 78.69 3.34
C ASP KC 2 -38.83 78.86 4.46
N THR KC 3 -40.11 78.66 4.15
CA THR KC 3 -41.14 78.78 5.18
C THR KC 3 -41.30 77.48 5.95
N ALA KC 4 -40.91 76.34 5.35
CA ALA KC 4 -41.23 75.05 5.94
C ALA KC 4 -40.34 74.73 7.13
N ALA KC 5 -39.12 75.28 7.15
CA ALA KC 5 -38.24 75.05 8.27
C ALA KC 5 -38.61 75.92 9.46
N LYS KC 6 -39.47 76.91 9.24
CA LYS KC 6 -39.95 77.73 10.34
C LYS KC 6 -40.93 76.97 11.23
N PHE KC 7 -41.70 76.06 10.63
CA PHE KC 7 -42.84 75.51 11.36
C PHE KC 7 -42.49 74.19 12.03
N ILE KC 8 -41.54 73.45 11.47
CA ILE KC 8 -41.02 72.29 12.19
C ILE KC 8 -40.30 72.74 13.46
N GLY KC 9 -39.53 73.82 13.37
CA GLY KC 9 -38.94 74.39 14.57
C GLY KC 9 -39.97 75.04 15.47
N ALA KC 10 -41.14 75.36 14.92
CA ALA KC 10 -42.25 75.84 15.75
C ALA KC 10 -42.97 74.66 16.40
N GLY KC 11 -43.20 73.60 15.63
CA GLY KC 11 -43.98 72.49 16.16
C GLY KC 11 -43.20 71.62 17.12
N ALA KC 12 -41.93 71.35 16.80
CA ALA KC 12 -41.17 70.39 17.59
C ALA KC 12 -40.64 71.00 18.87
N ALA KC 13 -40.46 72.32 18.91
CA ALA KC 13 -39.94 72.94 20.12
C ALA KC 13 -41.02 73.12 21.16
N THR KC 14 -42.27 73.19 20.73
CA THR KC 14 -43.36 73.48 21.66
C THR KC 14 -43.71 72.22 22.45
N VAL KC 15 -43.27 71.06 21.95
CA VAL KC 15 -43.48 69.74 22.55
C VAL KC 15 -42.95 69.68 23.98
N GLY KC 16 -41.84 70.36 24.23
CA GLY KC 16 -41.15 70.18 25.49
C GLY KC 16 -41.81 70.87 26.66
N VAL KC 17 -42.87 71.64 26.39
CA VAL KC 17 -43.60 72.31 27.46
C VAL KC 17 -44.55 71.32 28.12
N ALA KC 18 -44.69 70.12 27.54
CA ALA KC 18 -45.51 69.07 28.12
C ALA KC 18 -44.87 68.50 29.37
N GLY KC 19 -43.54 68.44 29.38
CA GLY KC 19 -42.85 67.78 30.48
C GLY KC 19 -42.97 68.51 31.80
N SER KC 20 -42.83 69.84 31.77
CA SER KC 20 -42.91 70.61 33.01
C SER KC 20 -44.36 70.75 33.47
N GLY KC 21 -45.30 70.56 32.56
CA GLY KC 21 -46.69 70.49 32.98
C GLY KC 21 -46.98 69.20 33.72
N ALA KC 22 -46.18 68.17 33.50
CA ALA KC 22 -46.33 66.94 34.27
C ALA KC 22 -45.69 67.07 35.63
N GLY KC 23 -44.74 67.99 35.78
CA GLY KC 23 -44.02 68.10 37.03
C GLY KC 23 -44.81 68.81 38.12
N ILE KC 24 -45.64 69.78 37.73
CA ILE KC 24 -46.36 70.56 38.73
C ILE KC 24 -47.62 69.82 39.16
N GLY KC 25 -47.90 68.68 38.54
CA GLY KC 25 -48.90 67.79 39.10
C GLY KC 25 -48.36 66.99 40.24
N THR KC 26 -47.04 66.75 40.23
CA THR KC 26 -46.41 66.03 41.32
C THR KC 26 -46.36 66.89 42.58
N VAL KC 27 -45.89 68.13 42.46
CA VAL KC 27 -45.64 68.95 43.64
C VAL KC 27 -46.93 69.41 44.27
N PHE KC 28 -47.99 69.55 43.46
CA PHE KC 28 -49.27 69.89 44.04
C PHE KC 28 -50.02 68.62 44.44
N GLY KC 29 -49.57 67.49 43.93
CA GLY KC 29 -50.08 66.24 44.46
C GLY KC 29 -49.44 65.91 45.79
N SER KC 30 -48.20 66.35 45.99
CA SER KC 30 -47.46 65.95 47.17
C SER KC 30 -47.80 66.84 48.36
N MET KC 31 -48.29 68.04 48.09
CA MET KC 31 -48.71 68.94 49.16
C MET KC 31 -50.01 68.47 49.78
N ILE KC 32 -50.78 67.66 49.06
CA ILE KC 32 -52.02 67.14 49.63
C ILE KC 32 -51.72 66.04 50.62
N ILE KC 33 -50.67 65.27 50.36
CA ILE KC 33 -50.37 64.13 51.22
C ILE KC 33 -49.46 64.55 52.36
N GLY KC 34 -48.65 65.58 52.15
CA GLY KC 34 -47.82 66.08 53.24
C GLY KC 34 -48.64 66.78 54.32
N TYR KC 35 -49.72 67.44 53.91
CA TYR KC 35 -50.56 68.13 54.88
C TYR KC 35 -51.35 67.13 55.73
N ALA KC 36 -51.65 65.96 55.19
CA ALA KC 36 -52.53 65.04 55.91
C ALA KC 36 -51.81 64.33 57.04
N ARG KC 37 -50.48 64.45 57.11
CA ARG KC 37 -49.77 64.05 58.32
C ARG KC 37 -49.87 65.11 59.40
N ASN KC 38 -49.34 66.29 59.11
CA ASN KC 38 -48.92 67.25 60.10
C ASN KC 38 -49.50 68.61 59.73
N PRO KC 39 -50.68 68.97 60.22
CA PRO KC 39 -51.27 70.28 59.89
C PRO KC 39 -50.49 71.45 60.50
N SER KC 40 -49.34 71.72 59.90
CA SER KC 40 -48.54 72.91 60.08
C SER KC 40 -48.45 73.62 58.73
N LEU KC 41 -49.60 73.76 58.10
CA LEU KC 41 -49.66 73.93 56.66
C LEU KC 41 -49.28 75.33 56.22
N LYS KC 42 -49.72 76.35 56.94
CA LYS KC 42 -49.49 77.72 56.50
C LYS KC 42 -48.04 78.15 56.71
N GLN KC 43 -47.26 77.34 57.40
CA GLN KC 43 -45.81 77.45 57.48
C GLN KC 43 -45.18 76.85 56.24
N GLN KC 44 -43.89 76.53 56.31
CA GLN KC 44 -43.10 76.20 55.12
C GLN KC 44 -43.52 74.91 54.42
N LEU KC 45 -44.59 74.24 54.87
CA LEU KC 45 -45.17 73.14 54.10
C LEU KC 45 -45.73 73.63 52.78
N PHE KC 46 -46.66 74.59 52.83
CA PHE KC 46 -47.25 75.12 51.60
C PHE KC 46 -46.26 76.01 50.86
N SER KC 47 -45.36 76.65 51.60
CA SER KC 47 -44.44 77.60 50.97
C SER KC 47 -43.40 76.88 50.14
N TYR KC 48 -43.12 75.61 50.44
CA TYR KC 48 -42.20 74.84 49.63
C TYR KC 48 -42.83 74.42 48.32
N ALA KC 49 -44.17 74.35 48.28
CA ALA KC 49 -44.84 74.08 47.02
C ALA KC 49 -44.69 75.24 46.05
N ILE KC 50 -44.88 76.47 46.54
CA ILE KC 50 -44.74 77.65 45.69
C ILE KC 50 -43.26 77.94 45.42
N LEU KC 51 -42.38 77.41 46.26
CA LEU KC 51 -40.99 77.28 45.88
C LEU KC 51 -40.83 76.37 44.66
N GLY KC 52 -41.45 75.20 44.71
CA GLY KC 52 -41.18 74.20 43.69
C GLY KC 52 -41.92 74.46 42.41
N PHE KC 53 -43.15 74.95 42.52
CA PHE KC 53 -43.96 75.26 41.35
C PHE KC 53 -43.34 76.35 40.49
N ALA KC 54 -42.73 77.36 41.10
CA ALA KC 54 -42.11 78.41 40.31
C ALA KC 54 -40.83 77.92 39.67
N LEU KC 55 -40.22 76.87 40.23
CA LEU KC 55 -38.91 76.46 39.73
C LEU KC 55 -39.06 75.47 38.59
N SER KC 56 -40.16 74.71 38.58
CA SER KC 56 -40.37 73.78 37.48
C SER KC 56 -40.92 74.49 36.25
N GLU KC 57 -41.82 75.45 36.47
CA GLU KC 57 -42.38 76.23 35.37
C GLU KC 57 -41.33 77.12 34.72
N ALA KC 58 -40.30 77.48 35.48
CA ALA KC 58 -39.20 78.27 34.92
C ALA KC 58 -38.41 77.45 33.92
N MET KC 59 -38.35 76.14 34.11
CA MET KC 59 -37.72 75.29 33.11
C MET KC 59 -38.60 75.15 31.88
N GLY KC 60 -39.91 75.02 32.09
CA GLY KC 60 -40.80 74.82 30.96
C GLY KC 60 -40.96 76.06 30.12
N LEU KC 61 -40.93 77.23 30.74
CA LEU KC 61 -40.91 78.47 29.99
C LEU KC 61 -39.56 78.64 29.28
N PHE KC 62 -38.49 78.12 29.88
CA PHE KC 62 -37.18 78.17 29.24
C PHE KC 62 -37.16 77.28 28.00
N CYS KC 63 -37.97 76.23 28.00
CA CYS KC 63 -38.19 75.45 26.80
C CYS KC 63 -38.99 76.25 25.77
N LEU KC 64 -40.00 76.97 26.23
CA LEU KC 64 -40.90 77.65 25.32
C LEU KC 64 -40.27 78.92 24.75
N MET KC 65 -39.18 79.39 25.39
CA MET KC 65 -38.57 80.64 24.95
C MET KC 65 -37.80 80.46 23.65
N VAL KC 66 -37.33 79.25 23.35
CA VAL KC 66 -36.63 79.05 22.10
C VAL KC 66 -37.60 78.96 20.94
N ALA KC 67 -38.89 78.72 21.24
CA ALA KC 67 -39.90 78.67 20.19
C ALA KC 67 -40.13 80.06 19.59
N PHE KC 68 -39.88 81.10 20.38
CA PHE KC 68 -40.05 82.45 19.85
C PHE KC 68 -38.75 82.99 19.26
N LEU KC 69 -37.62 82.38 19.63
CA LEU KC 69 -36.36 82.79 19.01
C LEU KC 69 -36.19 82.12 17.65
N ILE KC 70 -36.44 80.82 17.58
CA ILE KC 70 -36.10 80.07 16.36
C ILE KC 70 -37.16 80.30 15.29
N LEU KC 71 -38.37 80.70 15.69
CA LEU KC 71 -39.37 81.06 14.69
C LEU KC 71 -39.07 82.43 14.11
N PHE KC 72 -38.46 83.29 14.91
CA PHE KC 72 -38.20 84.65 14.49
C PHE KC 72 -36.72 84.99 14.58
N UNK LC 1 -47.63 58.89 45.58
CA UNK LC 1 -46.80 60.03 45.20
C UNK LC 1 -45.33 59.63 45.10
N UNK LC 2 -44.98 58.49 45.68
CA UNK LC 2 -43.62 58.01 45.63
C UNK LC 2 -43.35 57.43 44.25
N UNK LC 3 -44.39 56.84 43.67
CA UNK LC 3 -44.26 56.14 42.40
C UNK LC 3 -44.75 57.02 41.24
N UNK LC 4 -45.04 58.27 41.55
CA UNK LC 4 -45.60 59.17 40.56
C UNK LC 4 -44.52 59.86 39.75
N UNK LC 5 -43.35 60.04 40.36
CA UNK LC 5 -42.30 60.84 39.77
C UNK LC 5 -41.70 60.10 38.58
N UNK LC 6 -41.62 58.78 38.69
CA UNK LC 6 -41.20 57.95 37.59
C UNK LC 6 -42.31 57.95 36.56
N UNK LC 7 -43.56 58.00 37.03
CA UNK LC 7 -44.72 58.07 36.14
C UNK LC 7 -44.78 59.45 35.50
N UNK LC 8 -44.28 60.45 36.22
CA UNK LC 8 -44.14 61.79 35.67
C UNK LC 8 -43.00 61.76 34.65
N UNK LC 9 -42.00 60.95 34.94
CA UNK LC 9 -40.84 60.75 34.06
C UNK LC 9 -41.16 59.73 32.99
N UNK LC 10 -42.33 59.13 33.10
CA UNK LC 10 -42.84 58.23 32.08
C UNK LC 10 -43.57 59.02 31.01
N UNK LC 11 -44.18 60.12 31.40
CA UNK LC 11 -44.71 61.09 30.44
C UNK LC 11 -43.85 62.35 30.47
N UNK LC 12 -42.56 62.16 30.74
CA UNK LC 12 -41.51 63.11 30.41
C UNK LC 12 -40.60 62.44 29.38
N UNK LC 13 -40.63 61.11 29.37
CA UNK LC 13 -39.96 60.29 28.37
C UNK LC 13 -40.89 60.03 27.20
N UNK LC 14 -42.18 60.24 27.43
CA UNK LC 14 -43.19 60.15 26.38
C UNK LC 14 -43.44 61.51 25.79
N UNK LC 15 -43.35 62.53 26.65
CA UNK LC 15 -43.49 63.92 26.23
C UNK LC 15 -42.39 64.29 25.25
N UNK LC 16 -41.16 63.98 25.64
CA UNK LC 16 -39.98 64.28 24.84
C UNK LC 16 -39.85 63.42 23.58
N UNK LC 17 -40.59 62.33 23.52
CA UNK LC 17 -40.43 61.31 22.50
C UNK LC 17 -40.78 61.76 21.10
N UNK LC 18 -41.91 62.43 20.95
CA UNK LC 18 -42.45 62.75 19.63
C UNK LC 18 -41.71 63.86 18.90
N UNK LC 19 -40.80 64.54 19.60
CA UNK LC 19 -40.05 65.67 19.05
C UNK LC 19 -39.04 65.23 18.00
N UNK LC 20 -38.35 64.13 18.28
CA UNK LC 20 -37.38 63.57 17.34
C UNK LC 20 -38.11 62.97 16.14
N UNK LC 21 -39.35 62.54 16.36
CA UNK LC 21 -40.24 62.14 15.28
C UNK LC 21 -40.77 63.38 14.56
N UNK LC 22 -41.03 64.44 15.33
CA UNK LC 22 -41.42 65.72 14.75
C UNK LC 22 -40.26 66.32 13.98
N UNK LC 23 -39.05 66.01 14.44
CA UNK LC 23 -37.85 66.28 13.68
C UNK LC 23 -37.85 65.39 12.43
N UNK LC 24 -38.16 64.11 12.62
CA UNK LC 24 -38.14 63.16 11.53
C UNK LC 24 -39.26 63.38 10.51
N UNK LC 25 -40.45 63.73 10.97
CA UNK LC 25 -41.59 63.85 10.05
C UNK LC 25 -41.47 65.14 9.25
N UNK LC 26 -40.63 66.06 9.70
CA UNK LC 26 -40.31 67.24 8.92
C UNK LC 26 -39.06 67.01 8.08
N UNK LC 27 -38.26 66.02 8.47
CA UNK LC 27 -36.98 65.76 7.82
C UNK LC 27 -37.16 65.32 6.39
N UNK LC 28 -38.03 64.33 6.22
CA UNK LC 28 -38.41 63.86 4.90
C UNK LC 28 -39.27 64.92 4.22
N UNK LC 29 -40.00 65.71 5.02
CA UNK LC 29 -40.77 66.83 4.47
C UNK LC 29 -39.81 67.91 3.99
N UNK LC 30 -38.72 68.13 4.71
CA UNK LC 30 -37.69 69.07 4.26
C UNK LC 30 -36.95 68.49 3.07
N UNK LC 31 -36.82 67.17 3.04
CA UNK LC 31 -36.15 66.50 1.95
C UNK LC 31 -37.00 66.54 0.68
N UNK LC 32 -38.31 66.29 0.82
CA UNK LC 32 -39.21 66.26 -0.33
C UNK LC 32 -39.48 67.67 -0.84
N UNK LC 33 -39.29 68.66 0.01
CA UNK LC 33 -39.31 70.05 -0.40
C UNK LC 33 -38.09 70.30 -1.30
N UNK LC 34 -36.96 69.70 -0.93
CA UNK LC 34 -35.74 69.80 -1.71
C UNK LC 34 -35.73 68.79 -2.85
N UNK LC 35 -36.64 67.82 -2.79
CA UNK LC 35 -36.80 66.85 -3.86
C UNK LC 35 -37.93 67.27 -4.78
N UNK LC 36 -38.28 68.54 -4.75
CA UNK LC 36 -39.34 69.07 -5.59
C UNK LC 36 -38.78 70.00 -6.67
N UNK LC 37 -37.62 70.60 -6.42
CA UNK LC 37 -37.02 71.55 -7.35
C UNK LC 37 -35.49 71.48 -7.36
N UNK LC 38 -34.89 71.39 -6.18
CA UNK LC 38 -33.43 71.35 -6.06
C UNK LC 38 -32.84 70.04 -6.57
N UNK LC 39 -33.64 68.98 -6.53
CA UNK LC 39 -33.19 67.66 -6.97
C UNK LC 39 -33.35 67.48 -8.48
N UNK LC 40 -34.58 67.27 -8.92
CA UNK LC 40 -34.96 67.00 -10.31
C UNK LC 40 -34.19 65.82 -10.92
N UNK LC 41 -34.60 64.61 -10.56
CA UNK LC 41 -33.94 63.42 -11.05
C UNK LC 41 -34.86 62.59 -11.94
N UNK LC 42 -34.29 61.94 -12.95
CA UNK LC 42 -35.03 61.09 -13.87
C UNK LC 42 -34.13 60.04 -14.52
N LYS MC 1 67.12 -71.89 -166.47
CA LYS MC 1 65.87 -72.06 -167.20
C LYS MC 1 65.68 -73.51 -167.61
N THR MC 2 64.53 -74.07 -167.26
CA THR MC 2 64.18 -75.43 -167.63
C THR MC 2 62.83 -75.53 -168.32
N GLY MC 3 61.87 -74.68 -167.96
CA GLY MC 3 60.55 -74.77 -168.54
C GLY MC 3 59.67 -75.71 -167.75
N THR MC 4 58.40 -75.36 -167.59
CA THR MC 4 57.54 -76.10 -166.67
C THR MC 4 57.13 -77.45 -167.23
N ALA MC 5 56.78 -77.52 -168.51
CA ALA MC 5 56.32 -78.74 -169.14
C ALA MC 5 57.44 -79.53 -169.78
N GLU MC 6 58.65 -79.44 -169.25
CA GLU MC 6 59.80 -80.20 -169.74
C GLU MC 6 60.11 -81.39 -168.84
N VAL MC 7 59.09 -81.96 -168.23
CA VAL MC 7 59.29 -83.05 -167.29
C VAL MC 7 59.61 -84.33 -168.05
N SER MC 8 60.01 -85.36 -167.30
CA SER MC 8 60.55 -86.56 -167.93
C SER MC 8 59.46 -87.46 -168.50
N SER MC 9 58.19 -87.09 -168.33
CA SER MC 9 57.11 -87.91 -168.88
C SER MC 9 56.50 -87.27 -170.12
N ILE MC 10 56.68 -85.96 -170.28
CA ILE MC 10 56.18 -85.27 -171.48
C ILE MC 10 57.10 -85.57 -172.66
N LEU MC 11 58.40 -85.50 -172.44
CA LEU MC 11 59.38 -85.76 -173.50
C LEU MC 11 59.39 -87.23 -173.88
N GLU MC 12 58.99 -88.10 -172.95
CA GLU MC 12 59.18 -89.53 -173.13
C GLU MC 12 58.25 -90.10 -174.20
N GLU MC 13 57.05 -89.52 -174.34
CA GLU MC 13 56.15 -90.02 -175.37
C GLU MC 13 56.53 -89.50 -176.76
N ARG MC 14 57.11 -88.30 -176.82
CA ARG MC 14 57.44 -87.73 -178.12
C ARG MC 14 58.61 -88.44 -178.78
N ILE MC 15 59.43 -89.14 -178.00
CA ILE MC 15 60.44 -90.00 -178.60
C ILE MC 15 59.81 -91.27 -179.18
N LEU MC 16 58.75 -91.80 -178.56
CA LEU MC 16 58.03 -92.94 -179.12
C LEU MC 16 57.42 -92.61 -180.47
N GLY MC 17 56.45 -91.69 -180.49
CA GLY MC 17 55.79 -91.36 -181.73
C GLY MC 17 54.99 -90.07 -181.71
N ALA MC 18 54.02 -89.97 -182.62
CA ALA MC 18 53.13 -88.83 -182.64
C ALA MC 18 52.03 -89.00 -181.59
N ASP MC 19 51.51 -87.87 -181.13
CA ASP MC 19 50.50 -87.86 -180.06
C ASP MC 19 49.11 -87.89 -180.69
N THR MC 20 48.71 -89.08 -181.12
CA THR MC 20 47.38 -89.33 -181.63
C THR MC 20 46.43 -89.82 -180.56
N SER MC 21 46.96 -90.42 -179.50
CA SER MC 21 46.12 -91.04 -178.47
C SER MC 21 45.39 -89.99 -177.65
N VAL MC 22 46.06 -88.89 -177.31
CA VAL MC 22 45.42 -87.71 -176.74
C VAL MC 22 45.47 -86.62 -177.80
N ASP MC 23 44.45 -85.78 -177.83
CA ASP MC 23 44.33 -84.82 -178.93
C ASP MC 23 44.96 -83.48 -178.62
N LEU MC 24 44.86 -83.02 -177.36
CA LEU MC 24 45.47 -81.81 -176.82
C LEU MC 24 44.90 -80.52 -177.39
N GLU MC 25 44.02 -80.61 -178.38
CA GLU MC 25 43.35 -79.42 -178.86
C GLU MC 25 42.19 -79.04 -177.95
N GLU MC 26 41.65 -80.03 -177.24
CA GLU MC 26 40.48 -79.86 -176.39
C GLU MC 26 40.66 -80.34 -174.96
N THR MC 27 41.44 -81.40 -174.72
CA THR MC 27 41.66 -81.92 -173.38
C THR MC 27 43.15 -81.92 -173.05
N GLY MC 28 43.50 -81.53 -171.84
CA GLY MC 28 44.89 -81.53 -171.41
C GLY MC 28 45.12 -82.06 -170.02
N ARG MC 29 46.14 -82.90 -169.84
CA ARG MC 29 46.42 -83.49 -168.55
C ARG MC 29 47.10 -82.50 -167.62
N VAL MC 30 47.08 -82.81 -166.32
CA VAL MC 30 47.54 -81.90 -165.27
C VAL MC 30 48.98 -82.27 -164.93
N LEU MC 31 49.86 -81.26 -164.86
CA LEU MC 31 51.26 -81.49 -164.53
C LEU MC 31 51.50 -81.49 -163.03
N SER MC 32 50.95 -80.51 -162.31
CA SER MC 32 51.30 -80.27 -160.92
C SER MC 32 50.26 -79.41 -160.26
N ILE MC 33 49.71 -79.92 -159.14
CA ILE MC 33 48.70 -79.20 -158.35
C ILE MC 33 49.31 -78.79 -157.02
N GLY MC 34 49.01 -77.58 -156.57
CA GLY MC 34 49.38 -77.18 -155.22
C GLY MC 34 48.78 -75.86 -154.78
N ASP MC 35 48.11 -75.90 -153.62
CA ASP MC 35 47.49 -74.75 -152.96
C ASP MC 35 46.51 -74.02 -153.87
N GLY MC 36 45.66 -74.77 -154.54
CA GLY MC 36 44.60 -74.20 -155.35
C GLY MC 36 45.02 -73.65 -156.69
N ILE MC 37 46.20 -74.01 -157.17
CA ILE MC 37 46.70 -73.59 -158.47
C ILE MC 37 47.15 -74.83 -159.20
N ALA MC 38 46.65 -75.02 -160.42
CA ALA MC 38 46.97 -76.19 -161.21
C ALA MC 38 47.85 -75.80 -162.38
N ARG MC 39 48.54 -76.78 -162.94
CA ARG MC 39 49.32 -76.64 -164.17
C ARG MC 39 48.92 -77.75 -165.12
N VAL MC 40 48.50 -77.38 -166.33
CA VAL MC 40 47.86 -78.31 -167.26
C VAL MC 40 48.65 -78.35 -168.57
N HIS MC 41 49.05 -79.56 -168.98
CA HIS MC 41 49.75 -79.79 -170.24
C HIS MC 41 48.75 -80.06 -171.34
N GLY MC 42 48.63 -79.14 -172.27
CA GLY MC 42 47.70 -79.27 -173.35
C GLY MC 42 46.82 -78.05 -173.45
N LEU MC 43 45.57 -78.30 -173.89
CA LEU MC 43 44.50 -77.31 -174.00
C LEU MC 43 44.90 -76.15 -174.89
N ARG MC 44 45.23 -76.43 -176.15
CA ARG MC 44 45.81 -75.40 -177.01
C ARG MC 44 44.81 -74.31 -177.39
N ASN MC 45 43.51 -74.59 -177.33
CA ASN MC 45 42.49 -73.68 -177.85
C ASN MC 45 41.74 -72.92 -176.75
N VAL MC 46 42.29 -72.90 -175.54
CA VAL MC 46 41.60 -72.30 -174.40
C VAL MC 46 41.69 -70.78 -174.49
N GLN MC 47 40.56 -70.10 -174.39
CA GLN MC 47 40.61 -68.65 -174.38
C GLN MC 47 41.02 -68.16 -173.00
N ALA MC 48 41.52 -66.94 -172.95
CA ALA MC 48 41.84 -66.34 -171.66
C ALA MC 48 40.56 -65.96 -170.94
N GLU MC 49 40.54 -66.24 -169.63
CA GLU MC 49 39.37 -66.11 -168.74
C GLU MC 49 38.22 -67.02 -169.18
N GLU MC 50 38.54 -68.30 -169.33
CA GLU MC 50 37.58 -69.33 -169.71
C GLU MC 50 37.48 -70.37 -168.61
N MET MC 51 36.26 -70.76 -168.25
CA MET MC 51 36.06 -71.84 -167.30
C MET MC 51 36.47 -73.18 -167.90
N VAL MC 52 37.22 -73.96 -167.12
CA VAL MC 52 37.49 -75.34 -167.44
C VAL MC 52 36.78 -76.17 -166.38
N GLU MC 53 36.85 -77.48 -166.50
CA GLU MC 53 36.05 -78.38 -165.69
C GLU MC 53 36.83 -79.66 -165.45
N PHE MC 54 37.29 -79.84 -164.22
CA PHE MC 54 38.27 -80.88 -163.93
C PHE MC 54 37.62 -82.25 -163.93
N SER MC 55 38.43 -83.26 -163.65
CA SER MC 55 37.97 -84.64 -163.78
C SER MC 55 37.13 -85.06 -162.58
N SER MC 56 37.39 -84.47 -161.41
CA SER MC 56 36.68 -84.85 -160.19
C SER MC 56 35.40 -84.08 -159.98
N GLY MC 57 34.93 -83.30 -160.97
CA GLY MC 57 33.68 -82.59 -160.85
C GLY MC 57 33.79 -81.13 -160.53
N LEU MC 58 34.96 -80.64 -160.13
CA LEU MC 58 35.11 -79.24 -159.78
C LEU MC 58 35.16 -78.38 -161.03
N LYS MC 59 35.34 -77.09 -160.83
CA LYS MC 59 35.45 -76.16 -161.94
C LYS MC 59 36.80 -75.46 -161.90
N GLY MC 60 37.00 -74.48 -162.79
CA GLY MC 60 38.24 -73.75 -162.85
C GLY MC 60 38.03 -72.40 -163.49
N MET MC 61 39.15 -71.71 -163.73
CA MET MC 61 39.18 -70.44 -164.44
C MET MC 61 40.60 -70.21 -164.94
N SER MC 62 40.74 -69.96 -166.24
CA SER MC 62 42.04 -69.86 -166.87
C SER MC 62 42.57 -68.44 -166.77
N LEU MC 63 43.77 -68.29 -166.20
CA LEU MC 63 44.34 -66.97 -165.93
C LEU MC 63 45.72 -66.77 -166.53
N ASN MC 64 46.55 -67.81 -166.58
CA ASN MC 64 47.89 -67.74 -167.15
C ASN MC 64 47.96 -68.61 -168.39
N LEU MC 65 48.06 -67.99 -169.56
CA LEU MC 65 48.32 -68.69 -170.81
C LEU MC 65 49.82 -68.57 -171.09
N GLU MC 66 50.52 -69.69 -171.01
CA GLU MC 66 51.98 -69.74 -171.07
C GLU MC 66 52.39 -70.65 -172.23
N PRO MC 67 53.61 -70.49 -172.76
CA PRO MC 67 53.98 -71.20 -174.00
C PRO MC 67 54.11 -72.71 -173.88
N ASP MC 68 54.02 -73.30 -172.69
CA ASP MC 68 54.02 -74.75 -172.61
C ASP MC 68 52.96 -75.33 -171.71
N ASN MC 69 52.31 -74.52 -170.86
CA ASN MC 69 51.24 -75.02 -170.02
C ASN MC 69 50.25 -73.88 -169.77
N VAL MC 70 49.18 -74.20 -169.04
CA VAL MC 70 48.21 -73.20 -168.63
C VAL MC 70 47.98 -73.36 -167.13
N GLY MC 71 47.95 -72.23 -166.42
CA GLY MC 71 47.74 -72.21 -165.00
C GLY MC 71 46.33 -71.75 -164.66
N VAL MC 72 45.58 -72.61 -164.00
CA VAL MC 72 44.14 -72.45 -163.78
C VAL MC 72 43.87 -72.53 -162.28
N VAL MC 73 43.14 -71.53 -161.76
CA VAL MC 73 42.74 -71.52 -160.35
C VAL MC 73 41.58 -72.49 -160.15
N VAL MC 74 41.51 -73.11 -158.97
CA VAL MC 74 40.54 -74.16 -158.71
C VAL MC 74 39.50 -73.62 -157.74
N PHE MC 75 38.22 -73.87 -158.03
CA PHE MC 75 37.13 -73.61 -157.11
C PHE MC 75 36.97 -74.85 -156.22
N GLY MC 76 37.03 -74.65 -154.92
CA GLY MC 76 36.78 -75.74 -154.01
C GLY MC 76 38.06 -76.28 -153.40
N ASN MC 77 37.92 -77.45 -152.80
CA ASN MC 77 39.04 -78.10 -152.14
C ASN MC 77 40.05 -78.58 -153.17
N ASP MC 78 41.28 -78.82 -152.72
CA ASP MC 78 42.31 -79.31 -153.62
C ASP MC 78 42.66 -80.76 -153.38
N LYS MC 79 41.95 -81.45 -152.50
CA LYS MC 79 42.26 -82.85 -152.25
C LYS MC 79 41.52 -83.76 -153.23
N LEU MC 80 40.92 -83.19 -154.26
CA LEU MC 80 40.23 -83.98 -155.27
C LEU MC 80 41.02 -84.00 -156.59
N ILE MC 81 41.82 -82.96 -156.83
CA ILE MC 81 42.66 -82.88 -158.02
C ILE MC 81 43.96 -83.62 -157.76
N LYS MC 82 44.53 -84.21 -158.81
CA LYS MC 82 45.80 -84.91 -158.69
C LYS MC 82 46.63 -84.71 -159.95
N GLU MC 83 47.67 -85.51 -160.07
CA GLU MC 83 48.56 -85.40 -161.23
C GLU MC 83 48.28 -86.51 -162.22
N GLY MC 84 47.78 -86.11 -163.40
CA GLY MC 84 47.31 -87.05 -164.38
C GLY MC 84 45.82 -87.03 -164.60
N ASP MC 85 45.14 -85.94 -164.26
CA ASP MC 85 43.69 -85.85 -164.36
C ASP MC 85 43.29 -85.02 -165.56
N ILE MC 86 42.48 -85.61 -166.45
CA ILE MC 86 42.08 -84.95 -167.69
C ILE MC 86 41.20 -83.74 -167.38
N VAL MC 87 41.47 -82.65 -168.07
CA VAL MC 87 40.72 -81.41 -167.96
C VAL MC 87 40.00 -81.22 -169.28
N LYS MC 88 38.81 -80.64 -169.25
CA LYS MC 88 38.08 -80.37 -170.47
C LYS MC 88 37.68 -78.92 -170.52
N ARG MC 89 36.97 -78.55 -171.58
CA ARG MC 89 36.57 -77.18 -171.83
C ARG MC 89 35.07 -77.07 -171.73
N THR MC 90 34.59 -75.87 -171.39
CA THR MC 90 33.18 -75.57 -171.58
C THR MC 90 32.96 -74.76 -172.85
N GLY MC 91 33.81 -73.77 -173.09
CA GLY MC 91 33.75 -73.00 -174.30
C GLY MC 91 33.28 -71.57 -174.13
N ALA MC 92 33.28 -71.04 -172.90
CA ALA MC 92 32.78 -69.70 -172.68
C ALA MC 92 33.39 -69.09 -171.43
N ILE MC 93 33.36 -67.77 -171.36
CA ILE MC 93 33.58 -67.06 -170.11
C ILE MC 93 32.43 -67.37 -169.17
N VAL MC 94 32.70 -67.33 -167.85
CA VAL MC 94 31.75 -67.74 -166.84
C VAL MC 94 30.50 -66.86 -166.85
N ASP MC 95 29.36 -67.49 -166.62
CA ASP MC 95 28.06 -66.85 -166.67
C ASP MC 95 27.25 -67.24 -165.45
N VAL MC 96 26.27 -66.41 -165.09
CA VAL MC 96 25.51 -66.56 -163.86
C VAL MC 96 24.03 -66.37 -164.17
N PRO MC 97 23.13 -67.11 -163.52
CA PRO MC 97 21.68 -66.85 -163.65
C PRO MC 97 21.32 -65.45 -163.20
N VAL MC 98 20.34 -64.88 -163.89
CA VAL MC 98 19.90 -63.50 -163.70
C VAL MC 98 18.43 -63.43 -164.07
N GLY MC 99 17.63 -62.77 -163.24
CA GLY MC 99 16.25 -62.49 -163.61
C GLY MC 99 15.57 -61.66 -162.56
N GLU MC 100 14.29 -61.98 -162.34
CA GLU MC 100 13.59 -61.62 -161.12
C GLU MC 100 13.16 -62.84 -160.33
N GLU MC 101 13.69 -64.02 -160.69
CA GLU MC 101 13.46 -65.22 -159.90
C GLU MC 101 14.51 -65.33 -158.80
N LEU MC 102 15.31 -64.29 -158.63
CA LEU MC 102 16.31 -64.25 -157.57
C LEU MC 102 15.77 -63.56 -156.32
N LEU MC 103 14.76 -62.71 -156.49
CA LEU MC 103 14.28 -61.87 -155.40
C LEU MC 103 13.69 -62.71 -154.28
N GLY MC 104 14.21 -62.49 -153.07
CA GLY MC 104 13.79 -63.26 -151.94
C GLY MC 104 14.58 -64.53 -151.74
N ARG MC 105 15.49 -64.83 -152.65
CA ARG MC 105 16.32 -66.01 -152.55
C ARG MC 105 17.71 -65.62 -152.10
N VAL MC 106 18.47 -66.63 -151.66
CA VAL MC 106 19.85 -66.46 -151.21
C VAL MC 106 20.72 -67.33 -152.10
N VAL MC 107 21.67 -66.70 -152.79
CA VAL MC 107 22.48 -67.35 -153.79
C VAL MC 107 23.94 -67.20 -153.42
N ASP MC 108 24.78 -68.12 -153.90
CA ASP MC 108 26.22 -67.93 -153.74
C ASP MC 108 26.77 -67.22 -154.97
N ALA MC 109 28.09 -67.24 -155.15
CA ALA MC 109 28.71 -66.40 -156.16
C ALA MC 109 28.67 -67.03 -157.55
N LEU MC 110 28.17 -68.26 -157.65
CA LEU MC 110 27.97 -68.90 -158.95
C LEU MC 110 26.51 -69.01 -159.34
N GLY MC 111 25.61 -68.36 -158.59
CA GLY MC 111 24.20 -68.39 -158.89
C GLY MC 111 23.43 -69.57 -158.36
N ASN MC 112 24.07 -70.48 -157.63
CA ASN MC 112 23.35 -71.63 -157.11
C ASN MC 112 22.49 -71.24 -155.92
N ALA MC 113 21.81 -72.23 -155.36
CA ALA MC 113 20.84 -72.00 -154.29
C ALA MC 113 21.37 -72.59 -152.99
N ILE MC 114 21.27 -71.83 -151.90
CA ILE MC 114 21.73 -72.32 -150.61
C ILE MC 114 20.67 -72.26 -149.52
N ASP MC 115 19.57 -71.53 -149.72
CA ASP MC 115 18.60 -71.38 -148.64
C ASP MC 115 17.66 -72.58 -148.56
N GLY MC 116 17.76 -73.50 -149.50
CA GLY MC 116 17.03 -74.74 -149.41
C GLY MC 116 15.58 -74.68 -149.81
N LYS MC 117 15.12 -73.55 -150.36
CA LYS MC 117 13.78 -73.50 -150.93
C LYS MC 117 13.68 -74.38 -152.17
N GLY MC 118 14.43 -74.05 -153.21
CA GLY MC 118 14.42 -74.81 -154.43
C GLY MC 118 15.27 -74.15 -155.49
N PRO MC 119 15.40 -74.80 -156.65
CA PRO MC 119 16.24 -74.26 -157.72
C PRO MC 119 15.67 -72.98 -158.31
N ILE MC 120 16.56 -72.13 -158.81
CA ILE MC 120 16.15 -70.86 -159.39
C ILE MC 120 15.44 -71.12 -160.71
N GLY MC 121 14.40 -70.34 -160.98
CA GLY MC 121 13.61 -70.52 -162.17
C GLY MC 121 13.82 -69.52 -163.28
N SER MC 122 15.02 -68.95 -163.40
CA SER MC 122 15.22 -67.90 -164.39
C SER MC 122 15.51 -68.49 -165.76
N LYS MC 123 15.17 -67.73 -166.80
CA LYS MC 123 15.37 -68.13 -168.19
C LYS MC 123 16.36 -67.26 -168.93
N THR MC 124 17.28 -66.61 -168.21
CA THR MC 124 18.25 -65.69 -168.80
C THR MC 124 19.62 -65.98 -168.19
N ARG MC 125 20.67 -65.51 -168.87
CA ARG MC 125 22.03 -65.57 -168.37
C ARG MC 125 22.73 -64.26 -168.66
N ARG MC 126 23.96 -64.15 -168.16
CA ARG MC 126 24.79 -62.97 -168.36
C ARG MC 126 26.23 -63.32 -168.00
N ARG MC 127 27.17 -62.77 -168.76
CA ARG MC 127 28.59 -62.94 -168.51
C ARG MC 127 29.00 -61.97 -167.41
N VAL MC 128 29.89 -62.41 -166.52
CA VAL MC 128 30.24 -61.57 -165.37
C VAL MC 128 31.22 -60.47 -165.78
N GLY MC 129 31.92 -60.65 -166.89
CA GLY MC 129 33.04 -59.78 -167.21
C GLY MC 129 32.78 -58.70 -168.24
N LEU MC 130 31.58 -58.17 -168.32
CA LEU MC 130 31.27 -57.17 -169.34
C LEU MC 130 31.77 -55.78 -168.97
N LYS MC 131 31.47 -54.79 -169.78
CA LYS MC 131 32.05 -53.46 -169.67
C LYS MC 131 31.04 -52.47 -169.14
N ALA MC 132 31.53 -51.29 -168.82
CA ALA MC 132 30.70 -50.19 -168.41
C ALA MC 132 30.01 -49.59 -169.63
N PRO MC 133 29.01 -48.74 -169.42
CA PRO MC 133 28.60 -47.84 -170.49
C PRO MC 133 29.67 -46.78 -170.75
N GLY MC 134 29.51 -46.11 -171.87
CA GLY MC 134 30.48 -45.13 -172.32
C GLY MC 134 30.21 -43.75 -171.77
N ILE MC 135 30.78 -42.75 -172.43
CA ILE MC 135 30.55 -41.36 -172.05
C ILE MC 135 29.12 -40.96 -172.37
N ILE MC 136 28.60 -41.45 -173.49
CA ILE MC 136 27.31 -41.02 -174.05
C ILE MC 136 26.08 -41.64 -173.38
N PRO MC 137 25.99 -42.98 -173.09
CA PRO MC 137 24.69 -43.50 -172.61
C PRO MC 137 24.31 -43.16 -171.19
N ARG MC 138 24.94 -42.19 -170.54
CA ARG MC 138 24.62 -41.80 -169.17
C ARG MC 138 24.02 -40.40 -169.15
N ILE MC 139 23.61 -39.98 -167.96
CA ILE MC 139 23.19 -38.60 -167.70
C ILE MC 139 23.48 -38.30 -166.24
N SER MC 140 23.55 -37.02 -165.90
CA SER MC 140 23.88 -36.59 -164.55
C SER MC 140 22.79 -36.98 -163.58
N VAL MC 141 23.19 -37.35 -162.36
CA VAL MC 141 22.26 -37.96 -161.41
C VAL MC 141 21.37 -36.89 -160.78
N ARG MC 142 20.09 -37.21 -160.63
CA ARG MC 142 19.10 -36.26 -160.12
C ARG MC 142 18.13 -36.92 -159.14
N GLU MC 143 18.24 -38.24 -158.92
CA GLU MC 143 17.24 -38.96 -158.13
C GLU MC 143 17.69 -39.10 -156.69
N PRO MC 144 16.84 -38.73 -155.73
CA PRO MC 144 17.13 -39.03 -154.33
C PRO MC 144 17.11 -40.52 -154.08
N MET MC 145 18.01 -40.96 -153.22
CA MET MC 145 17.99 -42.29 -152.66
C MET MC 145 18.06 -42.12 -151.16
N GLN MC 146 17.01 -42.57 -150.47
CA GLN MC 146 16.82 -42.23 -149.07
C GLN MC 146 17.22 -43.40 -148.18
N THR MC 147 17.93 -43.09 -147.10
CA THR MC 147 18.42 -44.07 -146.14
C THR MC 147 17.59 -44.11 -144.87
N GLY MC 148 17.00 -43.00 -144.46
CA GLY MC 148 16.26 -42.92 -143.23
C GLY MC 148 17.05 -42.47 -142.05
N ILE MC 149 18.32 -42.13 -142.24
CA ILE MC 149 19.21 -41.65 -141.20
C ILE MC 149 19.28 -40.14 -141.32
N LYS MC 150 19.11 -39.42 -140.21
CA LYS MC 150 19.06 -37.96 -140.28
C LYS MC 150 20.42 -37.36 -140.63
N ALA MC 151 21.49 -38.12 -140.45
CA ALA MC 151 22.81 -37.62 -140.76
C ALA MC 151 23.15 -37.86 -142.22
N VAL MC 152 22.86 -39.06 -142.73
CA VAL MC 152 23.23 -39.45 -144.07
C VAL MC 152 22.36 -38.74 -145.10
N ASP MC 153 21.12 -38.43 -144.74
CA ASP MC 153 20.23 -37.80 -145.71
C ASP MC 153 20.33 -36.28 -145.67
N SER MC 154 20.99 -35.72 -144.65
CA SER MC 154 20.97 -34.26 -144.53
C SER MC 154 22.36 -33.67 -144.59
N LEU MC 155 23.39 -34.47 -144.34
CA LEU MC 155 24.74 -33.94 -144.35
C LEU MC 155 25.60 -34.50 -145.46
N VAL MC 156 25.55 -35.80 -145.72
CA VAL MC 156 26.28 -36.42 -146.82
C VAL MC 156 25.34 -37.25 -147.70
N PRO MC 157 24.58 -36.61 -148.58
CA PRO MC 157 23.52 -37.35 -149.28
C PRO MC 157 24.03 -38.18 -150.45
N ILE MC 158 23.28 -39.24 -150.75
CA ILE MC 158 23.56 -40.16 -151.85
C ILE MC 158 22.50 -39.91 -152.92
N GLY MC 159 22.86 -40.10 -154.19
CA GLY MC 159 21.88 -40.14 -155.25
C GLY MC 159 21.83 -41.51 -155.91
N ARG MC 160 21.01 -41.61 -156.95
CA ARG MC 160 20.92 -42.87 -157.68
C ARG MC 160 21.88 -42.85 -158.86
N GLY MC 161 22.77 -43.85 -158.91
CA GLY MC 161 23.87 -43.81 -159.85
C GLY MC 161 25.11 -43.14 -159.32
N GLN MC 162 25.54 -43.48 -158.12
CA GLN MC 162 26.65 -42.86 -157.43
C GLN MC 162 27.35 -43.92 -156.60
N ARG MC 163 28.66 -43.80 -156.44
CA ARG MC 163 29.38 -44.64 -155.49
C ARG MC 163 29.57 -43.86 -154.20
N GLU MC 164 29.43 -44.54 -153.06
CA GLU MC 164 29.64 -43.91 -151.78
C GLU MC 164 30.29 -44.90 -150.83
N LEU MC 165 31.45 -44.53 -150.32
CA LEU MC 165 32.33 -45.44 -149.61
C LEU MC 165 32.04 -45.40 -148.12
N ILE MC 166 31.70 -46.55 -147.53
CA ILE MC 166 31.51 -46.64 -146.09
C ILE MC 166 32.85 -47.08 -145.52
N ILE MC 167 33.59 -46.14 -144.94
CA ILE MC 167 34.94 -46.38 -144.49
C ILE MC 167 35.02 -46.07 -143.01
N GLY MC 168 35.78 -46.87 -142.29
CA GLY MC 168 35.89 -46.72 -140.86
C GLY MC 168 36.49 -47.94 -140.23
N ASP MC 169 36.82 -47.81 -138.96
CA ASP MC 169 37.61 -48.79 -138.23
C ASP MC 169 36.74 -49.99 -137.88
N ARG MC 170 37.26 -50.94 -137.11
CA ARG MC 170 36.45 -52.08 -136.72
C ARG MC 170 35.46 -51.68 -135.63
N GLN MC 171 34.34 -52.41 -135.57
CA GLN MC 171 33.34 -52.34 -134.50
C GLN MC 171 32.72 -50.95 -134.38
N THR MC 172 32.32 -50.37 -135.51
CA THR MC 172 31.98 -48.97 -135.55
C THR MC 172 30.55 -48.69 -136.01
N GLY MC 173 29.90 -49.63 -136.68
CA GLY MC 173 28.56 -49.39 -137.18
C GLY MC 173 28.51 -49.33 -138.69
N LYS MC 174 29.35 -50.14 -139.34
CA LYS MC 174 29.47 -50.12 -140.79
C LYS MC 174 28.36 -50.92 -141.46
N THR MC 175 28.23 -52.18 -141.07
CA THR MC 175 27.18 -53.09 -141.52
C THR MC 175 25.77 -52.62 -141.17
N SER MC 176 25.62 -51.61 -140.32
CA SER MC 176 24.31 -51.15 -139.89
C SER MC 176 23.89 -49.84 -140.52
N ILE MC 177 24.78 -49.09 -141.17
CA ILE MC 177 24.31 -48.01 -142.04
C ILE MC 177 23.64 -48.61 -143.26
N ALA MC 178 24.14 -49.76 -143.70
CA ALA MC 178 23.69 -50.43 -144.91
C ALA MC 178 22.72 -51.55 -144.65
N ILE MC 179 21.93 -51.45 -143.58
CA ILE MC 179 20.95 -52.50 -143.33
C ILE MC 179 19.61 -51.85 -143.00
N ASP MC 180 19.64 -50.55 -142.70
CA ASP MC 180 18.43 -49.75 -142.75
C ASP MC 180 18.42 -48.82 -143.94
N THR MC 181 19.45 -48.85 -144.77
CA THR MC 181 19.28 -48.41 -146.14
C THR MC 181 18.35 -49.34 -146.89
N ILE MC 182 18.40 -50.63 -146.54
CA ILE MC 182 17.56 -51.62 -147.18
C ILE MC 182 16.13 -51.54 -146.64
N ILE MC 183 16.00 -51.49 -145.32
CA ILE MC 183 14.70 -51.58 -144.65
C ILE MC 183 13.86 -50.33 -144.91
N ASN MC 184 14.50 -49.20 -145.19
CA ASN MC 184 13.79 -47.96 -145.48
C ASN MC 184 13.01 -48.01 -146.77
N GLN MC 185 13.35 -48.91 -147.70
CA GLN MC 185 12.72 -48.88 -149.02
C GLN MC 185 11.35 -49.51 -149.05
N LYS MC 186 10.91 -50.16 -147.97
CA LYS MC 186 9.60 -50.80 -147.90
C LYS MC 186 8.46 -49.81 -147.95
N ARG MC 187 8.71 -48.54 -147.66
CA ARG MC 187 7.72 -47.48 -147.83
C ARG MC 187 7.24 -47.38 -149.26
N PHE MC 188 8.17 -47.46 -150.21
CA PHE MC 188 7.90 -47.23 -151.62
C PHE MC 188 7.67 -48.51 -152.40
N ASN MC 189 8.18 -49.62 -151.90
CA ASN MC 189 8.23 -50.87 -152.63
C ASN MC 189 7.00 -51.72 -152.45
N ASP MC 190 5.98 -51.21 -151.75
CA ASP MC 190 4.69 -51.86 -151.66
C ASP MC 190 3.57 -51.03 -152.25
N GLY MC 191 3.81 -49.74 -152.52
CA GLY MC 191 2.82 -48.87 -153.12
C GLY MC 191 2.59 -49.12 -154.59
N THR MC 192 2.16 -48.09 -155.32
CA THR MC 192 1.74 -48.25 -156.70
C THR MC 192 2.66 -47.58 -157.71
N ASP MC 193 3.44 -46.59 -157.30
CA ASP MC 193 4.40 -45.94 -158.18
C ASP MC 193 5.52 -46.89 -158.59
N GLU MC 194 6.07 -46.66 -159.77
CA GLU MC 194 7.06 -47.54 -160.37
C GLU MC 194 8.45 -46.92 -160.47
N LYS MC 195 8.54 -45.60 -160.62
CA LYS MC 195 9.83 -44.93 -160.69
C LYS MC 195 10.31 -44.46 -159.32
N LYS MC 196 9.79 -45.04 -158.25
CA LYS MC 196 10.31 -44.83 -156.91
C LYS MC 196 10.65 -46.14 -156.22
N LYS MC 197 10.45 -47.27 -156.88
CA LYS MC 197 10.78 -48.54 -156.27
C LYS MC 197 12.30 -48.71 -156.23
N LEU MC 198 12.74 -49.77 -155.56
CA LEU MC 198 14.15 -50.10 -155.52
C LEU MC 198 14.27 -51.57 -155.18
N TYR MC 199 15.33 -52.21 -155.66
CA TYR MC 199 15.53 -53.64 -155.49
C TYR MC 199 16.96 -53.84 -155.04
N CYS MC 200 17.17 -54.26 -153.80
CA CYS MC 200 18.48 -54.20 -153.19
C CYS MC 200 19.19 -55.54 -153.30
N ILE MC 201 20.52 -55.48 -153.34
CA ILE MC 201 21.39 -56.67 -153.33
C ILE MC 201 22.42 -56.48 -152.24
N TYR MC 202 22.70 -57.54 -151.49
CA TYR MC 202 23.71 -57.54 -150.45
C TYR MC 202 24.74 -58.60 -150.77
N VAL MC 203 26.01 -58.21 -150.85
CA VAL MC 203 27.11 -59.11 -151.15
C VAL MC 203 27.95 -59.25 -149.89
N ALA MC 204 28.15 -60.48 -149.43
CA ALA MC 204 28.96 -60.76 -148.24
C ALA MC 204 30.21 -61.50 -148.65
N ILE MC 205 31.37 -60.88 -148.46
CA ILE MC 205 32.65 -61.40 -148.92
C ILE MC 205 33.50 -61.72 -147.70
N GLY MC 206 33.66 -63.00 -147.40
CA GLY MC 206 34.59 -63.44 -146.39
C GLY MC 206 34.10 -63.38 -144.96
N GLN MC 207 32.85 -62.97 -144.72
CA GLN MC 207 32.29 -63.00 -143.37
C GLN MC 207 32.05 -64.44 -142.94
N LYS MC 208 31.79 -64.65 -141.66
CA LYS MC 208 31.45 -66.00 -141.25
C LYS MC 208 29.97 -66.23 -141.51
N ARG MC 209 29.60 -67.51 -141.64
CA ARG MC 209 28.29 -67.87 -142.17
C ARG MC 209 27.16 -67.43 -141.25
N SER MC 210 27.36 -67.54 -139.95
CA SER MC 210 26.34 -67.20 -138.97
C SER MC 210 26.31 -65.72 -138.64
N THR MC 211 26.88 -64.85 -139.46
CA THR MC 211 26.52 -63.45 -139.47
C THR MC 211 25.59 -63.14 -140.64
N VAL MC 212 25.68 -63.95 -141.70
CA VAL MC 212 24.68 -63.91 -142.75
C VAL MC 212 23.36 -64.48 -142.25
N ALA MC 213 23.43 -65.54 -141.43
CA ALA MC 213 22.21 -66.18 -140.94
C ALA MC 213 21.47 -65.28 -139.95
N GLN MC 214 22.19 -64.41 -139.27
CA GLN MC 214 21.61 -63.36 -138.44
C GLN MC 214 21.20 -62.15 -139.25
N LEU MC 215 21.36 -62.20 -140.57
CA LEU MC 215 20.93 -61.11 -141.43
C LEU MC 215 19.74 -61.46 -142.31
N VAL MC 216 19.56 -62.73 -142.66
CA VAL MC 216 18.32 -63.11 -143.31
C VAL MC 216 17.17 -63.13 -142.31
N LYS MC 217 17.46 -63.23 -141.00
CA LYS MC 217 16.43 -63.15 -139.97
C LYS MC 217 16.21 -61.73 -139.48
N ARG MC 218 17.17 -60.83 -139.66
CA ARG MC 218 16.87 -59.45 -139.37
C ARG MC 218 15.95 -58.86 -140.43
N LEU MC 219 16.08 -59.32 -141.67
CA LEU MC 219 15.38 -58.72 -142.80
C LEU MC 219 14.05 -59.37 -143.07
N THR MC 220 13.89 -60.65 -142.73
CA THR MC 220 12.59 -61.29 -142.83
C THR MC 220 11.60 -60.68 -141.83
N ASP MC 221 12.04 -60.49 -140.59
CA ASP MC 221 11.16 -59.98 -139.55
C ASP MC 221 10.80 -58.52 -139.77
N ALA MC 222 11.67 -57.76 -140.42
CA ALA MC 222 11.34 -56.39 -140.82
C ALA MC 222 10.72 -56.33 -142.20
N ASP MC 223 10.48 -57.50 -142.82
CA ASP MC 223 9.73 -57.68 -144.05
C ASP MC 223 10.39 -56.96 -145.23
N ALA MC 224 11.65 -57.33 -145.50
CA ALA MC 224 12.36 -56.77 -146.64
C ALA MC 224 13.21 -57.82 -147.34
N MET MC 225 12.77 -59.07 -147.32
CA MET MC 225 13.36 -60.13 -148.14
C MET MC 225 12.38 -60.63 -149.18
N LYS MC 226 11.59 -59.72 -149.74
CA LYS MC 226 10.84 -59.98 -150.96
C LYS MC 226 11.34 -59.12 -152.10
N TYR MC 227 12.36 -58.29 -151.84
CA TYR MC 227 13.05 -57.57 -152.90
C TYR MC 227 14.56 -57.49 -152.64
N THR MC 228 15.12 -58.46 -151.93
CA THR MC 228 16.54 -58.43 -151.61
C THR MC 228 17.17 -59.76 -151.97
N ILE MC 229 18.19 -59.71 -152.84
CA ILE MC 229 19.04 -60.85 -153.15
C ILE MC 229 20.23 -60.83 -152.20
N VAL MC 230 20.65 -62.00 -151.74
CA VAL MC 230 21.81 -62.10 -150.87
C VAL MC 230 22.81 -63.00 -151.57
N VAL MC 231 23.99 -62.45 -151.88
CA VAL MC 231 25.08 -63.16 -152.52
C VAL MC 231 26.15 -63.38 -151.47
N SER MC 232 26.59 -64.62 -151.30
CA SER MC 232 27.39 -64.94 -150.11
C SER MC 232 28.53 -65.89 -150.46
N ALA MC 233 29.70 -65.32 -150.75
CA ALA MC 233 30.97 -66.04 -150.71
C ALA MC 233 31.56 -65.83 -149.32
N THR MC 234 31.41 -66.82 -148.45
CA THR MC 234 31.82 -66.68 -147.07
C THR MC 234 33.25 -67.18 -146.91
N ALA MC 235 33.70 -67.32 -145.66
CA ALA MC 235 35.12 -67.44 -145.40
C ALA MC 235 35.66 -68.83 -145.64
N SER MC 236 34.83 -69.86 -145.51
CA SER MC 236 35.33 -71.23 -145.61
C SER MC 236 35.56 -71.70 -147.04
N ASP MC 237 35.34 -70.85 -148.03
CA ASP MC 237 35.35 -71.21 -149.43
C ASP MC 237 36.76 -71.31 -149.99
N ALA MC 238 36.85 -71.31 -151.30
CA ALA MC 238 38.12 -71.07 -151.97
C ALA MC 238 38.24 -69.58 -152.30
N ALA MC 239 39.46 -69.17 -152.52
CA ALA MC 239 39.79 -67.78 -152.85
C ALA MC 239 39.28 -67.19 -154.17
N PRO MC 240 39.05 -67.93 -155.28
CA PRO MC 240 38.48 -67.26 -156.45
C PRO MC 240 36.99 -67.04 -156.36
N LEU MC 241 36.27 -67.82 -155.55
CA LEU MC 241 34.84 -67.61 -155.36
C LEU MC 241 34.57 -66.29 -154.67
N GLN MC 242 35.48 -65.84 -153.84
CA GLN MC 242 35.40 -64.51 -153.22
C GLN MC 242 35.95 -63.44 -154.14
N TYR MC 243 36.62 -63.83 -155.23
CA TYR MC 243 37.08 -62.86 -156.21
C TYR MC 243 35.99 -62.52 -157.21
N LEU MC 244 35.16 -63.50 -157.59
CA LEU MC 244 34.09 -63.26 -158.55
C LEU MC 244 32.88 -62.58 -157.93
N ALA MC 245 32.65 -62.79 -156.65
CA ALA MC 245 31.44 -62.46 -155.91
C ALA MC 245 30.96 -61.01 -155.98
N PRO MC 246 31.80 -60.00 -156.24
CA PRO MC 246 31.20 -58.70 -156.59
C PRO MC 246 30.95 -58.51 -158.08
N TYR MC 247 31.56 -59.32 -158.94
CA TYR MC 247 31.19 -59.26 -160.35
C TYR MC 247 29.92 -60.04 -160.59
N SER MC 248 29.80 -61.18 -159.90
CA SER MC 248 28.59 -61.97 -159.90
C SER MC 248 27.38 -61.22 -159.36
N GLY MC 249 27.58 -60.23 -158.50
CA GLY MC 249 26.47 -59.47 -157.99
C GLY MC 249 26.25 -58.18 -158.73
N CYS MC 250 27.23 -57.75 -159.54
CA CYS MC 250 27.05 -56.54 -160.34
C CYS MC 250 26.50 -56.84 -161.73
N SER MC 251 26.40 -58.11 -162.09
CA SER MC 251 25.66 -58.52 -163.27
C SER MC 251 24.22 -58.88 -162.93
N MET MC 252 23.98 -59.33 -161.71
CA MET MC 252 22.62 -59.52 -161.23
C MET MC 252 21.89 -58.19 -161.08
N GLY MC 253 22.62 -57.10 -160.88
CA GLY MC 253 21.99 -55.81 -160.74
C GLY MC 253 22.15 -54.93 -161.94
N GLU MC 254 22.48 -55.51 -163.09
CA GLU MC 254 22.49 -54.74 -164.34
C GLU MC 254 21.30 -55.03 -165.22
N TYR MC 255 20.65 -56.19 -165.02
CA TYR MC 255 19.36 -56.45 -165.66
C TYR MC 255 18.30 -55.49 -165.19
N PHE MC 256 18.36 -55.09 -163.92
CA PHE MC 256 17.49 -54.06 -163.41
C PHE MC 256 17.90 -52.67 -163.87
N ARG MC 257 19.09 -52.52 -164.47
CA ARG MC 257 19.53 -51.25 -165.03
C ARG MC 257 19.20 -51.11 -166.50
N ASP MC 258 19.19 -52.20 -167.25
CA ASP MC 258 18.91 -52.15 -168.67
C ASP MC 258 17.43 -52.09 -168.99
N ASN MC 259 16.56 -52.10 -167.98
CA ASN MC 259 15.13 -52.27 -168.20
C ASN MC 259 14.30 -51.20 -167.50
N GLY MC 260 14.86 -50.03 -167.23
CA GLY MC 260 14.08 -48.96 -166.67
C GLY MC 260 13.71 -49.09 -165.22
N LYS MC 261 14.28 -50.07 -164.52
CA LYS MC 261 14.11 -50.23 -163.08
C LYS MC 261 15.33 -49.65 -162.36
N HIS MC 262 15.39 -49.82 -161.05
CA HIS MC 262 16.48 -49.27 -160.26
C HIS MC 262 16.98 -50.34 -159.31
N ALA MC 263 18.20 -50.17 -158.83
CA ALA MC 263 18.76 -51.14 -157.89
C ALA MC 263 19.77 -50.44 -157.00
N LEU MC 264 20.38 -51.24 -156.12
CA LEU MC 264 21.34 -50.76 -155.13
C LEU MC 264 22.11 -51.95 -154.60
N ILE MC 265 23.43 -51.89 -154.68
CA ILE MC 265 24.27 -53.01 -154.31
C ILE MC 265 25.25 -52.58 -153.23
N ILE MC 266 25.56 -53.50 -152.31
CA ILE MC 266 26.34 -53.22 -151.11
C ILE MC 266 27.43 -54.27 -151.04
N TYR MC 267 28.66 -53.90 -151.41
CA TYR MC 267 29.80 -54.80 -151.27
C TYR MC 267 30.31 -54.72 -149.84
N ASP MC 268 30.40 -55.87 -149.18
CA ASP MC 268 30.67 -55.94 -147.75
C ASP MC 268 31.59 -57.12 -147.48
N ASP MC 269 32.90 -56.88 -147.48
CA ASP MC 269 33.53 -55.58 -147.74
C ASP MC 269 34.56 -55.71 -148.85
N LEU MC 270 34.93 -54.60 -149.47
CA LEU MC 270 35.85 -54.68 -150.60
C LEU MC 270 37.31 -54.82 -150.19
N SER MC 271 37.61 -54.88 -148.89
CA SER MC 271 38.95 -55.14 -148.40
C SER MC 271 39.20 -56.60 -148.15
N LYS MC 272 38.33 -57.48 -148.62
CA LYS MC 272 38.58 -58.91 -148.58
C LYS MC 272 38.54 -59.55 -149.95
N GLN MC 273 38.03 -58.84 -150.96
CA GLN MC 273 38.28 -59.23 -152.33
C GLN MC 273 39.74 -59.01 -152.69
N ALA MC 274 40.27 -57.84 -152.32
CA ALA MC 274 41.63 -57.44 -152.64
C ALA MC 274 42.67 -58.31 -151.97
N VAL MC 275 42.35 -58.94 -150.84
CA VAL MC 275 43.23 -59.93 -150.24
C VAL MC 275 43.04 -61.30 -150.87
N ALA MC 276 41.85 -61.57 -151.42
CA ALA MC 276 41.61 -62.83 -152.11
C ALA MC 276 42.25 -62.86 -153.48
N TYR MC 277 42.38 -61.69 -154.12
CA TYR MC 277 43.13 -61.62 -155.36
C TYR MC 277 44.62 -61.79 -155.12
N ARG MC 278 45.13 -61.18 -154.05
CA ARG MC 278 46.56 -61.18 -153.75
C ARG MC 278 47.06 -62.58 -153.43
N GLN MC 279 46.24 -63.41 -152.79
CA GLN MC 279 46.62 -64.79 -152.59
C GLN MC 279 46.77 -65.53 -153.91
N MET MC 280 45.91 -65.20 -154.88
CA MET MC 280 45.92 -65.87 -156.18
C MET MC 280 47.07 -65.42 -157.06
N SER MC 281 47.46 -64.15 -156.97
CA SER MC 281 48.56 -63.67 -157.81
C SER MC 281 49.89 -64.25 -157.36
N LEU MC 282 50.20 -64.17 -156.07
CA LEU MC 282 51.52 -64.55 -155.59
C LEU MC 282 51.73 -66.06 -155.50
N LEU MC 283 50.75 -66.86 -155.89
CA LEU MC 283 50.98 -68.28 -156.12
C LEU MC 283 51.09 -68.60 -157.61
N LEU MC 284 50.61 -67.70 -158.46
CA LEU MC 284 50.85 -67.70 -159.89
C LEU MC 284 52.15 -66.99 -160.24
N ARG MC 285 52.90 -66.55 -159.22
CA ARG MC 285 54.22 -65.94 -159.33
C ARG MC 285 54.19 -64.66 -160.15
N ARG MC 286 53.08 -63.96 -160.14
CA ARG MC 286 53.07 -62.63 -160.71
C ARG MC 286 53.84 -61.70 -159.78
N PRO MC 287 54.61 -60.76 -160.34
CA PRO MC 287 55.53 -59.94 -159.54
C PRO MC 287 54.80 -59.02 -158.58
N PRO MC 288 55.29 -58.87 -157.35
CA PRO MC 288 54.61 -58.09 -156.34
C PRO MC 288 54.81 -56.59 -156.53
N GLY MC 289 54.28 -55.84 -155.60
CA GLY MC 289 54.49 -54.41 -155.55
C GLY MC 289 54.50 -53.97 -154.12
N ARG MC 290 53.90 -52.81 -153.84
CA ARG MC 290 53.83 -52.32 -152.46
C ARG MC 290 52.82 -53.14 -151.66
N GLU MC 291 53.24 -53.59 -150.48
CA GLU MC 291 52.47 -54.46 -149.57
C GLU MC 291 52.10 -55.78 -150.22
N ALA MC 292 52.96 -56.27 -151.12
CA ALA MC 292 52.83 -57.53 -151.84
C ALA MC 292 51.53 -57.64 -152.64
N TYR MC 293 50.92 -56.53 -152.98
CA TYR MC 293 49.81 -56.57 -153.92
C TYR MC 293 50.36 -56.54 -155.33
N PRO MC 294 49.72 -57.23 -156.28
CA PRO MC 294 50.15 -57.13 -157.67
C PRO MC 294 49.91 -55.76 -158.25
N GLY MC 295 50.38 -55.58 -159.47
CA GLY MC 295 50.31 -54.26 -160.10
C GLY MC 295 48.92 -53.89 -160.56
N ASP MC 296 48.11 -54.89 -160.91
CA ASP MC 296 46.80 -54.67 -161.50
C ASP MC 296 45.68 -54.64 -160.47
N VAL MC 297 45.94 -54.17 -159.24
CA VAL MC 297 44.93 -54.21 -158.20
C VAL MC 297 44.15 -52.90 -158.13
N PHE MC 298 44.65 -51.82 -158.71
CA PHE MC 298 43.76 -50.72 -159.04
C PHE MC 298 42.84 -51.09 -160.18
N TYR MC 299 43.26 -52.01 -161.04
CA TYR MC 299 42.42 -52.48 -162.13
C TYR MC 299 41.34 -53.43 -161.67
N LEU MC 300 41.39 -53.91 -160.42
CA LEU MC 300 40.30 -54.70 -159.88
C LEU MC 300 39.11 -53.84 -159.52
N HIS MC 301 39.35 -52.78 -158.78
CA HIS MC 301 38.29 -51.97 -158.22
C HIS MC 301 37.95 -50.78 -159.09
N SER MC 302 38.52 -50.69 -160.28
CA SER MC 302 38.13 -49.61 -161.20
C SER MC 302 37.18 -50.10 -162.27
N ARG MC 303 37.40 -51.31 -162.79
CA ARG MC 303 36.45 -51.84 -163.76
C ARG MC 303 35.19 -52.37 -163.11
N LEU MC 304 35.19 -52.62 -161.79
CA LEU MC 304 33.98 -53.03 -161.08
C LEU MC 304 33.13 -51.86 -160.67
N LEU MC 305 33.71 -50.84 -160.07
CA LEU MC 305 32.96 -49.74 -159.51
C LEU MC 305 32.67 -48.65 -160.54
N GLU MC 306 32.78 -48.95 -161.83
CA GLU MC 306 32.37 -48.02 -162.87
C GLU MC 306 31.22 -48.58 -163.68
N ARG MC 307 30.74 -49.77 -163.35
CA ARG MC 307 29.54 -50.32 -163.91
C ARG MC 307 28.28 -49.77 -163.27
N ALA MC 308 28.42 -49.04 -162.16
CA ALA MC 308 27.28 -48.38 -161.55
C ALA MC 308 27.03 -47.08 -162.31
N ALA MC 309 25.91 -47.01 -163.03
CA ALA MC 309 25.65 -45.88 -163.90
C ALA MC 309 24.22 -45.42 -163.77
N LYS MC 310 23.95 -44.24 -164.29
CA LYS MC 310 22.59 -43.71 -164.45
C LYS MC 310 22.36 -43.52 -165.94
N MET MC 311 21.65 -44.47 -166.56
CA MET MC 311 21.43 -44.41 -167.99
C MET MC 311 20.36 -43.38 -168.33
N ASN MC 312 20.06 -43.23 -169.62
CA ASN MC 312 19.22 -42.12 -170.04
C ASN MC 312 17.95 -42.63 -170.70
N ASP MC 313 17.20 -41.69 -171.30
CA ASP MC 313 15.85 -41.98 -171.76
C ASP MC 313 15.84 -42.86 -173.00
N ALA MC 314 16.88 -42.80 -173.82
CA ALA MC 314 16.96 -43.60 -175.03
C ALA MC 314 17.49 -45.01 -174.78
N PHE MC 315 17.87 -45.34 -173.55
CA PHE MC 315 18.35 -46.67 -173.21
C PHE MC 315 17.49 -47.37 -172.18
N GLY MC 316 16.51 -46.69 -171.60
CA GLY MC 316 15.59 -47.31 -170.67
C GLY MC 316 15.31 -46.49 -169.44
N GLY MC 317 16.31 -45.76 -168.95
CA GLY MC 317 16.14 -44.98 -167.74
C GLY MC 317 16.49 -45.72 -166.47
N GLY MC 318 17.38 -46.69 -166.52
CA GLY MC 318 17.73 -47.48 -165.36
C GLY MC 318 18.62 -46.75 -164.38
N SER MC 319 19.20 -47.52 -163.47
CA SER MC 319 20.15 -47.01 -162.47
C SER MC 319 20.83 -48.18 -161.79
N LEU MC 320 21.93 -47.86 -161.13
CA LEU MC 320 22.61 -48.78 -160.21
C LEU MC 320 23.43 -47.92 -159.28
N THR MC 321 23.22 -48.10 -157.98
CA THR MC 321 23.97 -47.39 -156.95
C THR MC 321 24.79 -48.43 -156.19
N ALA MC 322 26.02 -48.07 -155.84
CA ALA MC 322 26.91 -48.98 -155.14
C ALA MC 322 27.42 -48.34 -153.87
N LEU MC 323 27.31 -49.05 -152.76
CA LEU MC 323 27.92 -48.67 -151.49
C LEU MC 323 28.99 -49.69 -151.16
N PRO MC 324 30.26 -49.43 -151.44
CA PRO MC 324 31.30 -50.36 -151.01
C PRO MC 324 31.78 -50.07 -149.60
N VAL MC 325 32.12 -51.13 -148.88
CA VAL MC 325 32.54 -51.06 -147.49
C VAL MC 325 34.03 -51.37 -147.44
N ILE MC 326 34.80 -50.56 -146.70
CA ILE MC 326 36.24 -50.70 -146.54
C ILE MC 326 36.60 -50.47 -145.07
N GLU MC 327 37.37 -51.40 -144.51
CA GLU MC 327 37.80 -51.31 -143.11
C GLU MC 327 39.26 -50.86 -143.04
N THR MC 328 39.50 -49.72 -142.39
CA THR MC 328 40.86 -49.27 -142.16
C THR MC 328 41.43 -49.93 -140.92
N GLN MC 329 42.68 -49.63 -140.59
CA GLN MC 329 43.35 -50.17 -139.41
C GLN MC 329 43.92 -48.99 -138.63
N ALA MC 330 43.21 -48.60 -137.57
CA ALA MC 330 43.56 -47.50 -136.68
C ALA MC 330 43.69 -46.18 -137.44
N GLY MC 331 42.62 -45.81 -138.12
CA GLY MC 331 42.51 -44.51 -138.74
C GLY MC 331 43.46 -44.23 -139.87
N ASP MC 332 44.09 -45.27 -140.42
CA ASP MC 332 45.13 -45.13 -141.42
C ASP MC 332 44.46 -45.22 -142.78
N VAL MC 333 44.09 -44.07 -143.34
CA VAL MC 333 43.41 -43.99 -144.62
C VAL MC 333 44.45 -43.71 -145.70
N SER MC 334 45.70 -44.04 -145.41
CA SER MC 334 46.81 -43.81 -146.31
C SER MC 334 47.57 -45.10 -146.60
N ALA MC 335 46.95 -46.25 -146.39
CA ALA MC 335 47.52 -47.51 -146.83
C ALA MC 335 47.19 -47.70 -148.30
N TYR MC 336 47.52 -48.88 -148.84
CA TYR MC 336 47.50 -49.04 -150.28
C TYR MC 336 46.08 -49.20 -150.82
N ILE MC 337 45.35 -50.22 -150.36
CA ILE MC 337 43.95 -50.39 -150.80
C ILE MC 337 43.02 -49.28 -150.35
N PRO MC 338 43.10 -48.73 -149.12
CA PRO MC 338 42.23 -47.58 -148.81
C PRO MC 338 42.54 -46.29 -149.56
N THR MC 339 43.59 -46.24 -150.39
CA THR MC 339 43.87 -45.07 -151.21
C THR MC 339 43.58 -45.25 -152.68
N ASN MC 340 43.52 -46.49 -153.17
CA ASN MC 340 42.87 -46.75 -154.44
C ASN MC 340 41.41 -46.34 -154.39
N VAL MC 341 40.64 -46.94 -153.47
CA VAL MC 341 39.18 -46.86 -153.46
C VAL MC 341 38.67 -45.51 -152.99
N ILE MC 342 39.50 -44.68 -152.37
CA ILE MC 342 39.06 -43.32 -152.11
C ILE MC 342 39.15 -42.50 -153.40
N SER MC 343 40.11 -42.83 -154.27
CA SER MC 343 40.27 -42.09 -155.51
C SER MC 343 39.22 -42.43 -156.54
N ILE MC 344 38.70 -43.67 -156.50
CA ILE MC 344 37.72 -44.11 -157.49
C ILE MC 344 36.34 -43.51 -157.20
N THR MC 345 35.84 -43.70 -155.98
CA THR MC 345 34.43 -43.46 -155.66
C THR MC 345 34.14 -41.96 -155.55
N ASP MC 346 32.88 -41.65 -155.22
CA ASP MC 346 32.36 -40.29 -155.26
C ASP MC 346 32.12 -39.71 -153.87
N GLY MC 347 32.86 -40.14 -152.86
CA GLY MC 347 32.68 -39.65 -151.51
C GLY MC 347 32.83 -40.76 -150.50
N GLN MC 348 33.03 -40.37 -149.24
CA GLN MC 348 33.11 -41.37 -148.19
C GLN MC 348 32.33 -40.90 -146.97
N ILE MC 349 31.89 -41.88 -146.18
CA ILE MC 349 31.21 -41.68 -144.90
C ILE MC 349 32.08 -42.31 -143.83
N PHE MC 350 32.56 -41.49 -142.88
CA PHE MC 350 33.68 -41.86 -142.03
C PHE MC 350 33.22 -41.99 -140.58
N LEU MC 351 33.27 -43.21 -140.05
CA LEU MC 351 32.77 -43.55 -138.73
C LEU MC 351 33.93 -43.82 -137.77
N GLU MC 352 33.92 -43.18 -136.61
CA GLU MC 352 34.99 -43.29 -135.61
C GLU MC 352 34.50 -43.97 -134.35
N THR MC 353 35.42 -44.59 -133.62
CA THR MC 353 35.05 -45.27 -132.38
C THR MC 353 35.25 -44.40 -131.15
N GLU MC 354 35.75 -43.18 -131.34
CA GLU MC 354 35.75 -42.22 -130.24
C GLU MC 354 34.35 -41.63 -130.06
N LEU MC 355 33.66 -41.34 -131.16
CA LEU MC 355 32.33 -40.78 -131.07
C LEU MC 355 31.30 -41.83 -130.65
N PHE MC 356 31.64 -43.09 -130.80
CA PHE MC 356 30.72 -44.18 -130.50
C PHE MC 356 30.54 -44.33 -128.99
N TYR MC 357 31.53 -43.92 -128.21
CA TYR MC 357 31.50 -44.06 -126.76
C TYR MC 357 31.18 -42.76 -126.04
N LYS MC 358 31.30 -41.62 -126.71
CA LYS MC 358 30.88 -40.35 -126.17
C LYS MC 358 29.39 -40.11 -126.28
N GLY MC 359 28.63 -41.10 -126.74
CA GLY MC 359 27.19 -41.02 -126.77
C GLY MC 359 26.57 -40.61 -128.08
N ILE MC 360 27.34 -40.56 -129.17
CA ILE MC 360 26.83 -40.21 -130.48
C ILE MC 360 26.77 -41.47 -131.30
N ARG MC 361 25.56 -41.99 -131.51
CA ARG MC 361 25.35 -43.19 -132.32
C ARG MC 361 24.17 -42.92 -133.24
N PRO MC 362 24.31 -43.06 -134.58
CA PRO MC 362 25.37 -43.60 -135.43
C PRO MC 362 26.64 -42.74 -135.46
N ALA MC 363 27.79 -43.40 -135.41
CA ALA MC 363 29.03 -42.76 -134.95
C ALA MC 363 29.73 -42.04 -136.10
N ILE MC 364 29.00 -41.16 -136.77
CA ILE MC 364 29.44 -40.52 -138.00
C ILE MC 364 30.28 -39.32 -137.64
N ASN MC 365 31.47 -39.23 -138.22
CA ASN MC 365 32.21 -37.98 -138.26
C ASN MC 365 31.65 -37.16 -139.42
N VAL MC 366 31.34 -35.89 -139.14
CA VAL MC 366 30.79 -35.05 -140.19
C VAL MC 366 31.91 -34.28 -140.87
N GLY MC 367 33.00 -34.02 -140.13
CA GLY MC 367 34.08 -33.23 -140.70
C GLY MC 367 34.89 -34.00 -141.73
N LEU MC 368 35.16 -35.28 -141.48
CA LEU MC 368 35.92 -36.10 -142.38
C LEU MC 368 35.06 -36.92 -143.33
N SER MC 369 33.87 -36.45 -143.69
CA SER MC 369 33.01 -37.13 -144.63
C SER MC 369 32.57 -36.15 -145.71
N VAL MC 370 32.37 -36.66 -146.92
CA VAL MC 370 31.98 -35.84 -148.04
C VAL MC 370 31.18 -36.70 -149.01
N SER MC 371 30.31 -36.05 -149.78
CA SER MC 371 29.73 -36.61 -150.99
C SER MC 371 29.99 -35.60 -152.09
N ARG MC 372 30.46 -36.07 -153.24
CA ARG MC 372 30.91 -35.15 -154.27
C ARG MC 372 29.75 -34.54 -155.03
N VAL MC 373 28.66 -35.28 -155.19
CA VAL MC 373 27.48 -34.73 -155.85
C VAL MC 373 26.71 -33.82 -154.90
N GLY MC 374 26.17 -34.38 -153.83
CA GLY MC 374 25.67 -33.54 -152.75
C GLY MC 374 24.29 -32.98 -152.98
N SER MC 375 24.24 -31.66 -153.16
CA SER MC 375 22.98 -30.94 -153.00
C SER MC 375 22.04 -31.13 -154.20
N ALA MC 376 22.54 -31.72 -155.29
CA ALA MC 376 21.65 -32.03 -156.40
C ALA MC 376 20.92 -33.35 -156.17
N ALA MC 377 21.45 -34.19 -155.29
CA ALA MC 377 20.85 -35.50 -155.03
C ALA MC 377 19.94 -35.47 -153.80
N GLN MC 378 19.30 -34.34 -153.56
CA GLN MC 378 18.39 -34.16 -152.43
C GLN MC 378 17.05 -33.68 -152.92
N THR MC 379 16.02 -33.92 -152.11
CA THR MC 379 14.71 -33.36 -152.36
C THR MC 379 14.74 -31.85 -152.09
N ARG MC 380 13.77 -31.13 -152.65
CA ARG MC 380 13.76 -29.67 -152.53
C ARG MC 380 13.45 -29.16 -151.14
N ALA MC 381 13.01 -30.01 -150.21
CA ALA MC 381 12.74 -29.60 -148.84
C ALA MC 381 13.91 -29.90 -147.90
N MET MC 382 14.55 -31.05 -148.08
CA MET MC 382 15.75 -31.36 -147.30
C MET MC 382 16.90 -30.43 -147.68
N LYS MC 383 16.89 -29.93 -148.91
CA LYS MC 383 17.85 -28.91 -149.33
C LYS MC 383 17.61 -27.59 -148.60
N GLN MC 384 16.36 -27.35 -148.19
CA GLN MC 384 16.00 -26.06 -147.64
C GLN MC 384 16.49 -25.92 -146.19
N VAL MC 385 16.46 -27.01 -145.43
CA VAL MC 385 16.76 -26.89 -144.00
C VAL MC 385 18.21 -27.25 -143.70
N ALA MC 386 18.83 -28.07 -144.55
CA ALA MC 386 20.20 -28.52 -144.26
C ALA MC 386 21.23 -27.49 -144.69
N GLY MC 387 20.82 -26.52 -145.51
CA GLY MC 387 21.74 -25.46 -145.86
C GLY MC 387 21.96 -24.48 -144.73
N THR MC 388 21.02 -24.44 -143.80
CA THR MC 388 21.23 -23.70 -142.57
C THR MC 388 21.82 -24.59 -141.48
N MET MC 389 21.77 -25.91 -141.68
CA MET MC 389 22.18 -26.83 -140.63
C MET MC 389 23.63 -27.26 -140.77
N LYS MC 390 24.07 -27.53 -142.00
CA LYS MC 390 25.45 -27.95 -142.22
C LYS MC 390 26.41 -26.81 -141.93
N LEU MC 391 25.96 -25.58 -142.16
CA LEU MC 391 26.79 -24.41 -141.86
C LEU MC 391 26.93 -24.21 -140.36
N GLU MC 392 25.85 -24.40 -139.61
CA GLU MC 392 25.87 -24.06 -138.19
C GLU MC 392 26.47 -25.18 -137.34
N LEU MC 393 26.48 -26.41 -137.86
CA LEU MC 393 27.23 -27.46 -137.18
C LEU MC 393 28.69 -27.41 -137.60
N ALA MC 394 29.04 -26.51 -138.52
CA ALA MC 394 30.44 -26.33 -138.89
C ALA MC 394 31.07 -25.20 -138.09
N GLN MC 395 30.27 -24.24 -137.65
CA GLN MC 395 30.78 -23.18 -136.79
C GLN MC 395 30.99 -23.68 -135.37
N TYR MC 396 30.31 -24.77 -135.00
CA TYR MC 396 30.50 -25.34 -133.67
C TYR MC 396 31.84 -26.06 -133.57
N ARG MC 397 32.36 -26.54 -134.70
CA ARG MC 397 33.59 -27.32 -134.67
C ARG MC 397 34.82 -26.46 -134.43
N GLU MC 398 34.75 -25.18 -134.81
CA GLU MC 398 35.89 -24.30 -134.58
C GLU MC 398 35.96 -23.85 -133.13
N VAL MC 399 34.81 -23.72 -132.48
CA VAL MC 399 34.80 -23.29 -131.08
C VAL MC 399 34.63 -24.48 -130.15
N ALA MC 400 34.88 -25.69 -130.64
CA ALA MC 400 34.62 -26.89 -129.85
C ALA MC 400 35.69 -27.14 -128.80
N ALA MC 401 36.78 -26.37 -128.81
CA ALA MC 401 37.79 -26.53 -127.76
C ALA MC 401 37.44 -25.72 -126.53
N PHE MC 402 36.79 -24.58 -126.71
CA PHE MC 402 36.47 -23.66 -125.62
C PHE MC 402 35.46 -24.22 -124.63
N ALA MC 403 34.74 -25.27 -124.99
CA ALA MC 403 33.58 -25.69 -124.20
C ALA MC 403 33.95 -26.41 -122.92
N GLN MC 404 35.19 -26.91 -122.80
CA GLN MC 404 35.56 -27.72 -121.65
C GLN MC 404 35.65 -26.89 -120.38
N PHE MC 405 36.48 -25.86 -120.39
CA PHE MC 405 36.56 -24.92 -119.28
C PHE MC 405 36.19 -23.56 -119.86
N GLY MC 406 34.89 -23.28 -119.87
CA GLY MC 406 34.43 -22.00 -120.31
C GLY MC 406 33.16 -21.50 -119.65
N SER MC 407 33.26 -20.35 -118.99
CA SER MC 407 32.11 -19.49 -118.73
C SER MC 407 32.45 -18.02 -118.92
N ASP MC 408 33.73 -17.66 -118.97
CA ASP MC 408 34.18 -16.27 -119.13
C ASP MC 408 34.45 -15.95 -120.60
N LEU MC 409 33.51 -16.22 -121.48
CA LEU MC 409 33.67 -15.99 -122.91
C LEU MC 409 32.65 -14.96 -123.37
N ASP MC 410 32.64 -14.68 -124.66
CA ASP MC 410 31.69 -13.73 -125.22
C ASP MC 410 30.34 -14.42 -125.44
N ALA MC 411 29.26 -13.61 -125.43
CA ALA MC 411 27.91 -14.14 -125.57
C ALA MC 411 27.67 -14.74 -126.96
N ALA MC 412 28.46 -14.34 -127.96
CA ALA MC 412 28.37 -14.99 -129.26
C ALA MC 412 29.02 -16.37 -129.24
N THR MC 413 30.16 -16.50 -128.57
CA THR MC 413 30.81 -17.80 -128.48
C THR MC 413 30.02 -18.72 -127.54
N GLN MC 414 29.33 -18.15 -126.56
CA GLN MC 414 28.48 -18.96 -125.70
C GLN MC 414 27.19 -19.34 -126.40
N GLN MC 415 26.93 -18.75 -127.57
CA GLN MC 415 25.75 -19.14 -128.35
C GLN MC 415 26.05 -20.35 -129.23
N LEU MC 416 27.24 -20.38 -129.84
CA LEU MC 416 27.60 -21.48 -130.71
C LEU MC 416 27.82 -22.76 -129.92
N LEU MC 417 28.17 -22.63 -128.64
CA LEU MC 417 28.22 -23.79 -127.77
C LEU MC 417 26.82 -24.23 -127.38
N SER MC 418 25.84 -23.33 -127.49
CA SER MC 418 24.47 -23.67 -127.14
C SER MC 418 23.76 -24.33 -128.32
N ARG MC 419 23.67 -23.64 -129.46
CA ARG MC 419 22.90 -24.14 -130.60
C ARG MC 419 23.54 -25.39 -131.20
N GLY MC 420 24.86 -25.50 -131.14
CA GLY MC 420 25.53 -26.62 -131.76
C GLY MC 420 25.37 -27.92 -130.99
N VAL MC 421 24.95 -27.85 -129.74
CA VAL MC 421 24.83 -29.07 -128.96
C VAL MC 421 23.38 -29.54 -128.93
N ARG MC 422 22.46 -28.70 -129.40
CA ARG MC 422 21.11 -29.17 -129.63
C ARG MC 422 21.00 -29.94 -130.94
N LEU MC 423 21.68 -29.45 -131.99
CA LEU MC 423 21.63 -30.10 -133.29
C LEU MC 423 22.38 -31.44 -133.28
N THR MC 424 23.35 -31.58 -132.39
CA THR MC 424 24.03 -32.86 -132.23
C THR MC 424 23.10 -33.86 -131.55
N GLU MC 425 22.18 -33.38 -130.72
CA GLU MC 425 21.29 -34.29 -130.01
C GLU MC 425 20.13 -34.74 -130.89
N LEU MC 426 19.79 -33.95 -131.90
CA LEU MC 426 18.78 -34.36 -132.86
C LEU MC 426 19.26 -35.56 -133.68
N LEU MC 427 20.53 -35.56 -134.07
CA LEU MC 427 21.03 -36.54 -135.02
C LEU MC 427 21.26 -37.91 -134.41
N LYS MC 428 21.00 -38.08 -133.12
CA LYS MC 428 21.05 -39.41 -132.56
C LYS MC 428 19.85 -40.20 -133.03
N GLN MC 429 20.00 -41.52 -133.12
CA GLN MC 429 19.01 -42.36 -133.77
C GLN MC 429 19.22 -43.82 -133.41
N GLY MC 430 18.16 -44.48 -133.00
CA GLY MC 430 18.26 -45.85 -132.58
C GLY MC 430 18.39 -46.82 -133.72
N GLN MC 431 18.93 -47.99 -133.41
CA GLN MC 431 19.18 -49.02 -134.39
C GLN MC 431 17.87 -49.59 -134.93
N TYR MC 432 17.87 -49.89 -136.23
CA TYR MC 432 16.74 -50.51 -136.95
C TYR MC 432 15.48 -49.66 -136.93
N ALA MC 433 15.62 -48.34 -136.95
CA ALA MC 433 14.48 -47.43 -137.07
C ALA MC 433 14.72 -46.41 -138.18
N PRO MC 434 14.53 -46.80 -139.44
CA PRO MC 434 14.54 -45.80 -140.50
C PRO MC 434 13.32 -44.90 -140.45
N MET MC 435 13.49 -43.67 -140.91
CA MET MC 435 12.43 -42.68 -140.89
C MET MC 435 11.99 -42.32 -142.30
N ALA MC 436 10.74 -41.90 -142.43
CA ALA MC 436 10.29 -41.33 -143.69
C ALA MC 436 10.94 -39.96 -143.86
N ILE MC 437 10.99 -39.50 -145.11
CA ILE MC 437 11.74 -38.30 -145.43
C ILE MC 437 11.06 -37.05 -144.89
N GLU MC 438 9.73 -36.93 -145.06
CA GLU MC 438 9.04 -35.71 -144.65
C GLU MC 438 8.87 -35.65 -143.14
N GLU MC 439 9.09 -36.77 -142.45
CA GLU MC 439 9.13 -36.74 -140.99
C GLU MC 439 10.43 -36.14 -140.49
N GLN MC 440 11.54 -36.43 -141.17
CA GLN MC 440 12.82 -35.84 -140.81
C GLN MC 440 12.83 -34.34 -141.08
N VAL MC 441 12.02 -33.89 -142.03
CA VAL MC 441 11.91 -32.46 -142.28
C VAL MC 441 11.06 -31.79 -141.20
N ALA MC 442 10.33 -32.59 -140.40
CA ALA MC 442 9.66 -32.01 -139.24
C ALA MC 442 10.61 -31.79 -138.09
N VAL MC 443 11.40 -32.83 -137.74
CA VAL MC 443 12.29 -32.80 -136.58
C VAL MC 443 13.39 -31.76 -136.76
N ILE MC 444 14.01 -31.74 -137.94
CA ILE MC 444 15.11 -30.82 -138.21
C ILE MC 444 14.58 -29.38 -138.31
N TYR MC 445 13.31 -29.22 -138.64
CA TYR MC 445 12.73 -27.87 -138.66
C TYR MC 445 12.58 -27.30 -137.26
N ALA MC 446 12.46 -28.16 -136.25
CA ALA MC 446 12.31 -27.68 -134.89
C ALA MC 446 13.64 -27.14 -134.34
N GLY MC 447 14.74 -27.85 -134.60
CA GLY MC 447 16.01 -27.47 -134.01
C GLY MC 447 16.63 -26.24 -134.65
N VAL MC 448 16.63 -26.18 -135.97
CA VAL MC 448 17.42 -25.16 -136.66
C VAL MC 448 16.70 -23.83 -136.72
N ARG MC 449 15.43 -23.80 -136.31
CA ARG MC 449 14.66 -22.57 -136.44
C ARG MC 449 14.63 -21.78 -135.13
N GLY MC 450 14.83 -22.46 -134.00
CA GLY MC 450 14.96 -21.81 -132.72
C GLY MC 450 14.04 -22.34 -131.65
N TYR MC 451 13.39 -23.47 -131.88
CA TYR MC 451 12.39 -23.95 -130.96
C TYR MC 451 12.96 -25.05 -130.06
N LEU MC 452 14.23 -24.98 -129.75
CA LEU MC 452 14.82 -25.92 -128.80
C LEU MC 452 15.86 -25.30 -127.89
N ASP MC 453 16.06 -23.98 -127.93
CA ASP MC 453 17.13 -23.40 -127.13
C ASP MC 453 16.77 -23.30 -125.65
N LYS MC 454 15.49 -23.21 -125.33
CA LYS MC 454 15.05 -23.06 -123.94
C LYS MC 454 14.87 -24.39 -123.23
N LEU MC 455 15.56 -25.45 -123.64
CA LEU MC 455 15.39 -26.77 -123.06
C LEU MC 455 16.74 -27.29 -122.59
N GLU MC 456 16.71 -28.34 -121.86
CA GLU MC 456 17.81 -29.07 -121.25
C GLU MC 456 18.30 -30.18 -122.18
N PRO MC 457 19.61 -30.42 -122.28
CA PRO MC 457 20.11 -31.31 -123.34
C PRO MC 457 19.80 -32.79 -123.15
N SER MC 458 19.38 -33.22 -121.96
CA SER MC 458 18.86 -34.59 -121.86
C SER MC 458 17.36 -34.61 -122.11
N LYS MC 459 16.76 -33.45 -122.35
CA LYS MC 459 15.35 -33.39 -122.68
C LYS MC 459 15.15 -33.14 -124.18
N ILE MC 460 16.24 -33.15 -124.96
CA ILE MC 460 16.11 -33.02 -126.40
C ILE MC 460 15.74 -34.36 -127.02
N THR MC 461 16.38 -35.43 -126.55
CA THR MC 461 16.13 -36.75 -127.11
C THR MC 461 14.84 -37.37 -126.55
N LYS MC 462 14.16 -36.66 -125.67
CA LYS MC 462 12.80 -37.03 -125.28
C LYS MC 462 11.78 -36.24 -126.08
N PHE MC 463 12.07 -34.95 -126.33
CA PHE MC 463 11.15 -34.05 -127.01
C PHE MC 463 10.92 -34.46 -128.44
N GLU MC 464 11.97 -34.95 -129.10
CA GLU MC 464 11.85 -35.39 -130.49
C GLU MC 464 10.91 -36.57 -130.62
N ASN MC 465 10.99 -37.52 -129.69
CA ASN MC 465 10.12 -38.70 -129.74
C ASN MC 465 8.68 -38.35 -129.39
N ALA MC 466 8.47 -37.28 -128.62
CA ALA MC 466 7.11 -36.88 -128.28
C ALA MC 466 6.54 -35.92 -129.32
N PHE MC 467 7.42 -35.30 -130.11
CA PHE MC 467 6.94 -34.41 -131.17
C PHE MC 467 6.54 -35.22 -132.39
N LEU MC 468 7.12 -36.40 -132.57
CA LEU MC 468 6.85 -37.19 -133.75
C LEU MC 468 5.53 -37.95 -133.61
N SER MC 469 5.27 -38.50 -132.42
CA SER MC 469 4.07 -39.30 -132.23
C SER MC 469 2.83 -38.42 -132.18
N HIS MC 470 3.00 -37.13 -131.90
CA HIS MC 470 1.88 -36.19 -131.97
C HIS MC 470 1.59 -35.80 -133.42
N VAL MC 471 2.60 -35.81 -134.29
CA VAL MC 471 2.40 -35.27 -135.62
C VAL MC 471 2.08 -36.38 -136.62
N ILE MC 472 2.43 -37.63 -136.28
CA ILE MC 472 2.00 -38.76 -137.11
C ILE MC 472 0.49 -38.95 -137.00
N SER MC 473 -0.02 -39.00 -135.77
CA SER MC 473 -1.42 -39.36 -135.58
C SER MC 473 -2.34 -38.17 -135.83
N GLN MC 474 -2.09 -37.06 -135.16
CA GLN MC 474 -3.00 -35.92 -135.23
C GLN MC 474 -2.69 -34.96 -136.37
N HIS MC 475 -1.70 -35.26 -137.21
CA HIS MC 475 -1.44 -34.38 -138.35
C HIS MC 475 -1.02 -35.13 -139.60
N GLN MC 476 -1.54 -36.34 -139.83
CA GLN MC 476 -1.16 -37.20 -140.95
C GLN MC 476 -1.48 -36.57 -142.30
N ALA MC 477 -2.41 -35.63 -142.33
CA ALA MC 477 -2.73 -34.94 -143.57
C ALA MC 477 -1.67 -33.95 -144.00
N LEU MC 478 -0.74 -33.59 -143.11
CA LEU MC 478 0.31 -32.64 -143.46
C LEU MC 478 1.66 -33.32 -143.67
N LEU MC 479 1.78 -34.61 -143.33
CA LEU MC 479 2.90 -35.43 -143.75
C LEU MC 479 2.61 -36.21 -145.01
N GLY MC 480 1.73 -35.69 -145.85
CA GLY MC 480 1.51 -36.22 -147.18
C GLY MC 480 1.39 -35.07 -148.13
N LYS MC 481 1.41 -33.86 -147.58
CA LYS MC 481 1.48 -32.65 -148.37
C LYS MC 481 2.91 -32.21 -148.62
N ILE MC 482 3.88 -32.83 -147.95
CA ILE MC 482 5.29 -32.70 -148.30
C ILE MC 482 5.75 -33.89 -149.12
N ARG MC 483 5.20 -35.07 -148.85
CA ARG MC 483 5.54 -36.26 -149.63
C ARG MC 483 4.98 -36.22 -151.04
N ALA MC 484 4.08 -35.29 -151.35
CA ALA MC 484 3.57 -35.13 -152.70
C ALA MC 484 4.12 -33.88 -153.37
N ASP MC 485 3.98 -32.72 -152.72
CA ASP MC 485 4.43 -31.46 -153.31
C ASP MC 485 5.96 -31.43 -153.41
N GLY MC 486 6.63 -31.93 -152.38
CA GLY MC 486 8.08 -31.93 -152.38
C GLY MC 486 8.67 -30.72 -151.70
N LYS MC 487 8.27 -29.51 -152.10
CA LYS MC 487 8.83 -28.29 -151.54
C LYS MC 487 7.93 -27.73 -150.47
N ILE MC 488 8.54 -27.24 -149.38
CA ILE MC 488 7.81 -26.57 -148.32
C ILE MC 488 7.41 -25.19 -148.83
N SER MC 489 6.13 -25.03 -149.14
CA SER MC 489 5.61 -23.72 -149.50
C SER MC 489 5.45 -22.87 -148.25
N GLU MC 490 5.16 -21.58 -148.46
CA GLU MC 490 4.91 -20.71 -147.34
C GLU MC 490 3.59 -21.03 -146.63
N GLU MC 491 2.67 -21.69 -147.32
CA GLU MC 491 1.41 -22.10 -146.70
C GLU MC 491 1.61 -23.29 -145.77
N THR MC 492 2.74 -23.99 -145.88
CA THR MC 492 3.15 -25.00 -144.91
C THR MC 492 4.22 -24.47 -143.96
N ASP MC 493 5.00 -23.49 -144.38
CA ASP MC 493 5.98 -22.87 -143.50
C ASP MC 493 5.33 -22.04 -142.41
N ALA MC 494 4.09 -21.60 -142.61
CA ALA MC 494 3.35 -20.90 -141.58
C ALA MC 494 2.49 -21.82 -140.74
N LYS MC 495 2.29 -23.07 -141.19
CA LYS MC 495 1.47 -24.01 -140.44
C LYS MC 495 2.28 -24.83 -139.45
N LEU MC 496 3.55 -25.12 -139.75
CA LEU MC 496 4.39 -25.79 -138.78
C LEU MC 496 4.85 -24.86 -137.67
N LYS MC 497 4.74 -23.55 -137.87
CA LYS MC 497 4.99 -22.62 -136.77
C LYS MC 497 3.89 -22.72 -135.72
N GLU MC 498 2.68 -23.07 -136.13
CA GLU MC 498 1.56 -23.21 -135.21
C GLU MC 498 1.42 -24.62 -134.66
N ILE MC 499 2.36 -25.51 -134.96
CA ILE MC 499 2.39 -26.83 -134.37
C ILE MC 499 3.47 -26.94 -133.31
N VAL MC 500 4.67 -26.43 -133.59
CA VAL MC 500 5.79 -26.62 -132.68
C VAL MC 500 5.63 -25.72 -131.46
N THR MC 501 5.22 -24.48 -131.66
CA THR MC 501 5.03 -23.58 -130.53
C THR MC 501 3.78 -23.95 -129.73
N ASN MC 502 2.76 -24.51 -130.38
CA ASN MC 502 1.58 -25.02 -129.68
C ASN MC 502 1.75 -26.45 -129.20
N PHE MC 503 2.97 -26.97 -129.22
CA PHE MC 503 3.34 -28.20 -128.54
C PHE MC 503 4.43 -27.98 -127.52
N LEU MC 504 5.28 -26.97 -127.72
CA LEU MC 504 6.32 -26.62 -126.77
C LEU MC 504 5.77 -26.06 -125.47
N ALA MC 505 4.53 -25.55 -125.49
CA ALA MC 505 3.89 -25.14 -124.25
C ALA MC 505 3.50 -26.35 -123.42
N GLY MC 506 2.65 -27.20 -123.96
CA GLY MC 506 2.18 -28.35 -123.22
C GLY MC 506 3.05 -29.57 -123.36
N PHE MC 507 4.34 -29.42 -123.11
CA PHE MC 507 5.25 -30.57 -123.10
C PHE MC 507 5.86 -30.82 -121.74
N GLU MC 508 6.45 -29.79 -121.12
CA GLU MC 508 7.31 -29.96 -119.95
C GLU MC 508 6.46 -30.27 -118.72
N ALA MC 509 6.06 -31.55 -118.63
CA ALA MC 509 5.29 -32.03 -117.49
C ALA MC 509 5.55 -33.52 -117.30
N SER NC 21 81.37 -67.75 -193.48
CA SER NC 21 82.21 -66.62 -193.88
C SER NC 21 82.09 -65.46 -192.90
N VAL NC 22 81.74 -65.77 -191.65
CA VAL NC 22 81.54 -64.77 -190.61
C VAL NC 22 82.82 -64.60 -189.82
N ASP NC 23 83.00 -63.40 -189.27
CA ASP NC 23 84.23 -63.07 -188.54
C ASP NC 23 84.23 -63.72 -187.16
N LEU NC 24 83.27 -63.32 -186.31
CA LEU NC 24 83.04 -63.82 -184.95
C LEU NC 24 84.25 -63.60 -184.02
N GLU NC 25 85.12 -62.64 -184.34
CA GLU NC 25 86.23 -62.28 -183.47
C GLU NC 25 86.30 -60.77 -183.36
N GLU NC 26 85.76 -60.07 -184.35
CA GLU NC 26 85.76 -58.62 -184.36
C GLU NC 26 84.37 -58.04 -184.54
N THR NC 27 83.38 -58.87 -184.84
CA THR NC 27 82.00 -58.42 -185.02
C THR NC 27 81.08 -59.41 -184.31
N GLY NC 28 79.84 -58.98 -184.07
CA GLY NC 28 78.88 -59.84 -183.42
C GLY NC 28 77.46 -59.45 -183.76
N ARG NC 29 76.50 -60.17 -183.17
CA ARG NC 29 75.08 -59.97 -183.43
C ARG NC 29 74.30 -59.75 -182.13
N VAL NC 30 73.47 -58.71 -182.11
CA VAL NC 30 72.69 -58.37 -180.93
C VAL NC 30 71.61 -59.41 -180.69
N LEU NC 31 71.51 -59.89 -179.45
CA LEU NC 31 70.50 -60.89 -179.09
C LEU NC 31 69.21 -60.33 -178.52
N SER NC 32 69.29 -59.35 -177.62
CA SER NC 32 68.13 -58.88 -176.88
C SER NC 32 68.31 -57.40 -176.61
N ILE NC 33 67.23 -56.74 -176.26
CA ILE NC 33 67.25 -55.29 -176.16
C ILE NC 33 66.02 -54.88 -175.36
N GLY NC 34 66.04 -53.67 -174.79
CA GLY NC 34 64.87 -53.08 -174.20
C GLY NC 34 64.94 -52.94 -172.70
N ASP NC 35 65.80 -53.71 -172.04
CA ASP NC 35 65.92 -53.69 -170.59
C ASP NC 35 67.19 -52.98 -170.13
N GLY NC 36 67.59 -51.90 -170.81
CA GLY NC 36 68.87 -51.28 -170.52
C GLY NC 36 70.00 -51.78 -171.39
N ILE NC 37 70.68 -52.80 -170.86
CA ILE NC 37 71.71 -53.54 -171.57
C ILE NC 37 71.23 -54.12 -172.89
N ALA NC 38 72.18 -54.45 -173.75
CA ALA NC 38 71.95 -55.10 -175.02
C ALA NC 38 72.87 -56.31 -175.11
N ARG NC 39 72.37 -57.48 -174.74
CA ARG NC 39 73.18 -58.69 -174.79
C ARG NC 39 73.55 -59.03 -176.23
N VAL NC 40 74.85 -59.22 -176.46
CA VAL NC 40 75.45 -59.28 -177.79
C VAL NC 40 76.23 -60.59 -177.92
N HIS NC 41 76.02 -61.30 -179.03
CA HIS NC 41 76.67 -62.59 -179.26
C HIS NC 41 77.72 -62.45 -180.34
N GLY NC 42 78.89 -63.06 -180.10
CA GLY NC 42 80.06 -62.85 -180.93
C GLY NC 42 81.19 -62.23 -180.14
N LEU NC 43 81.92 -61.31 -180.80
CA LEU NC 43 82.80 -60.32 -180.16
C LEU NC 43 83.85 -60.94 -179.26
N ARG NC 44 84.61 -61.88 -179.80
CA ARG NC 44 85.48 -62.71 -178.97
C ARG NC 44 86.73 -61.94 -178.51
N ASN NC 45 87.11 -60.90 -179.24
CA ASN NC 45 88.31 -60.15 -178.91
C ASN NC 45 88.03 -58.70 -178.53
N VAL NC 46 87.01 -58.44 -177.73
CA VAL NC 46 86.76 -57.10 -177.24
C VAL NC 46 87.33 -56.98 -175.82
N GLN NC 47 87.90 -55.82 -175.50
CA GLN NC 47 88.44 -55.59 -174.16
C GLN NC 47 87.35 -55.14 -173.22
N ALA NC 48 87.62 -55.23 -171.92
CA ALA NC 48 86.70 -54.70 -170.94
C ALA NC 48 86.69 -53.18 -170.99
N GLU NC 49 85.55 -52.59 -170.65
CA GLU NC 49 85.32 -51.14 -170.62
C GLU NC 49 85.55 -50.46 -171.97
N GLU NC 50 85.50 -51.23 -173.05
CA GLU NC 50 85.88 -50.76 -174.39
C GLU NC 50 84.63 -50.37 -175.17
N MET NC 51 84.68 -49.21 -175.83
CA MET NC 51 83.59 -48.78 -176.68
C MET NC 51 83.49 -49.64 -177.92
N VAL NC 52 82.26 -49.97 -178.33
CA VAL NC 52 81.95 -50.71 -179.56
C VAL NC 52 80.99 -49.87 -180.39
N GLU NC 53 80.87 -50.22 -181.67
CA GLU NC 53 80.00 -49.52 -182.61
C GLU NC 53 78.91 -50.45 -183.12
N PHE NC 54 77.68 -49.94 -183.17
CA PHE NC 54 76.52 -50.74 -183.55
C PHE NC 54 76.21 -50.59 -185.03
N SER NC 55 75.09 -51.18 -185.44
CA SER NC 55 74.72 -51.18 -186.86
C SER NC 55 74.21 -49.81 -187.29
N SER NC 56 73.57 -49.08 -186.39
CA SER NC 56 72.96 -47.81 -186.72
C SER NC 56 73.76 -46.60 -186.27
N GLY NC 57 75.01 -46.80 -185.86
CA GLY NC 57 75.85 -45.68 -185.47
C GLY NC 57 75.89 -45.39 -183.99
N LEU NC 58 75.07 -46.05 -183.19
CA LEU NC 58 75.15 -45.88 -181.75
C LEU NC 58 76.40 -46.56 -181.21
N LYS NC 59 76.98 -45.96 -180.18
CA LYS NC 59 78.15 -46.52 -179.52
C LYS NC 59 77.69 -47.41 -178.37
N GLY NC 60 78.61 -47.81 -177.50
CA GLY NC 60 78.23 -48.61 -176.35
C GLY NC 60 79.40 -49.28 -175.67
N MET NC 61 79.40 -49.32 -174.34
CA MET NC 61 80.56 -49.75 -173.57
C MET NC 61 80.46 -51.20 -173.18
N SER NC 62 81.53 -51.96 -173.41
CA SER NC 62 81.54 -53.39 -173.13
C SER NC 62 81.64 -53.59 -171.62
N LEU NC 63 80.49 -53.56 -170.95
CA LEU NC 63 80.48 -53.47 -169.49
C LEU NC 63 80.84 -54.79 -168.84
N ASN NC 64 80.40 -55.90 -169.41
CA ASN NC 64 80.24 -57.10 -168.60
C ASN NC 64 80.48 -58.30 -169.52
N LEU NC 65 81.69 -58.82 -169.47
CA LEU NC 65 82.08 -59.92 -170.35
C LEU NC 65 81.64 -61.23 -169.72
N GLU NC 66 80.57 -61.82 -170.22
CA GLU NC 66 80.15 -63.12 -169.72
C GLU NC 66 80.78 -64.23 -170.55
N PRO NC 67 80.81 -65.48 -170.06
CA PRO NC 67 81.38 -66.57 -170.87
C PRO NC 67 80.54 -67.00 -172.06
N ASP NC 68 79.43 -66.33 -172.36
CA ASP NC 68 78.59 -66.68 -173.49
C ASP NC 68 78.29 -65.46 -174.35
N ASN NC 69 78.22 -64.28 -173.73
CA ASN NC 69 77.86 -63.07 -174.45
C ASN NC 69 78.62 -61.89 -173.86
N VAL NC 70 78.29 -60.70 -174.37
CA VAL NC 70 78.81 -59.41 -173.90
C VAL NC 70 77.61 -58.56 -173.54
N GLY NC 71 77.72 -57.78 -172.47
CA GLY NC 71 76.62 -56.91 -172.12
C GLY NC 71 76.95 -55.46 -172.37
N VAL NC 72 76.35 -54.88 -173.39
CA VAL NC 72 76.74 -53.57 -173.89
C VAL NC 72 75.76 -52.54 -173.37
N VAL NC 73 76.18 -51.76 -172.39
CA VAL NC 73 75.46 -50.57 -171.99
C VAL NC 73 75.41 -49.60 -173.15
N VAL NC 74 74.20 -49.15 -173.50
CA VAL NC 74 73.98 -48.40 -174.73
C VAL NC 74 73.89 -46.92 -174.42
N PHE NC 75 74.76 -46.13 -175.05
CA PHE NC 75 74.74 -44.67 -174.87
C PHE NC 75 73.73 -44.06 -175.83
N GLY NC 76 72.46 -44.32 -175.56
CA GLY NC 76 71.39 -43.79 -176.38
C GLY NC 76 70.14 -44.61 -176.20
N ASN NC 77 69.09 -44.20 -176.93
CA ASN NC 77 67.80 -44.86 -176.86
C ASN NC 77 67.89 -46.26 -177.44
N ASP NC 78 67.52 -47.26 -176.66
CA ASP NC 78 67.59 -48.65 -177.11
C ASP NC 78 66.33 -49.09 -177.86
N LYS NC 79 65.53 -48.14 -178.35
CA LYS NC 79 64.56 -48.43 -179.40
C LYS NC 79 65.27 -48.76 -180.70
N LEU NC 80 66.34 -48.03 -181.02
CA LEU NC 80 66.98 -48.07 -182.33
C LEU NC 80 67.82 -49.31 -182.55
N ILE NC 81 67.86 -50.24 -181.61
CA ILE NC 81 68.61 -51.48 -181.72
C ILE NC 81 67.60 -52.62 -181.78
N LYS NC 82 67.50 -53.27 -182.92
CA LYS NC 82 66.64 -54.44 -183.03
C LYS NC 82 67.43 -55.67 -182.61
N GLU NC 83 66.91 -56.85 -182.88
CA GLU NC 83 67.64 -58.08 -182.67
C GLU NC 83 68.13 -58.57 -184.02
N GLY NC 84 69.41 -58.92 -184.11
CA GLY NC 84 70.01 -59.31 -185.35
C GLY NC 84 70.91 -58.26 -185.98
N ASP NC 85 71.00 -57.07 -185.39
CA ASP NC 85 71.94 -56.05 -185.86
C ASP NC 85 73.38 -56.54 -185.70
N ILE NC 86 74.29 -55.95 -186.47
CA ILE NC 86 75.69 -56.33 -186.45
C ILE NC 86 76.48 -55.20 -185.78
N VAL NC 87 77.27 -55.56 -184.77
CA VAL NC 87 77.99 -54.62 -183.93
C VAL NC 87 79.49 -54.76 -184.19
N LYS NC 88 80.15 -53.63 -184.43
CA LYS NC 88 81.56 -53.61 -184.81
C LYS NC 88 82.40 -53.18 -183.62
N ARG NC 89 83.56 -53.81 -183.48
CA ARG NC 89 84.45 -53.55 -182.35
C ARG NC 89 85.40 -52.41 -182.69
N THR NC 90 85.53 -51.43 -181.79
CA THR NC 90 86.38 -50.26 -182.08
C THR NC 90 87.84 -50.52 -181.71
N GLY NC 91 88.10 -50.97 -180.50
CA GLY NC 91 89.47 -51.13 -180.05
C GLY NC 91 89.96 -50.05 -179.11
N ALA NC 92 89.08 -49.14 -178.70
CA ALA NC 92 89.44 -48.01 -177.86
C ALA NC 92 88.61 -48.03 -176.60
N ILE NC 93 89.29 -48.05 -175.45
CA ILE NC 93 88.65 -47.80 -174.17
C ILE NC 93 88.05 -46.40 -174.19
N VAL NC 94 86.97 -46.19 -173.43
CA VAL NC 94 86.04 -45.10 -173.71
C VAL NC 94 86.71 -43.76 -173.50
N ASP NC 95 87.04 -43.11 -174.61
CA ASP NC 95 87.90 -41.95 -174.60
C ASP NC 95 87.17 -40.74 -175.17
N VAL NC 96 87.66 -39.56 -174.84
CA VAL NC 96 86.99 -38.30 -175.15
C VAL NC 96 87.98 -37.43 -175.90
N PRO NC 97 87.57 -36.75 -176.98
CA PRO NC 97 88.44 -35.74 -177.60
C PRO NC 97 88.74 -34.61 -176.63
N VAL NC 98 90.01 -34.27 -176.52
CA VAL NC 98 90.46 -33.35 -175.48
C VAL NC 98 91.56 -32.46 -176.06
N GLY NC 99 91.49 -31.17 -175.77
CA GLY NC 99 92.50 -30.27 -176.28
C GLY NC 99 92.20 -28.82 -175.96
N GLU NC 100 92.91 -27.94 -176.65
CA GLU NC 100 92.72 -26.51 -176.46
C GLU NC 100 91.57 -25.99 -177.32
N GLU NC 101 91.19 -26.76 -178.35
CA GLU NC 101 90.17 -26.30 -179.28
C GLU NC 101 88.77 -26.64 -178.82
N LEU NC 102 88.62 -27.18 -177.60
CA LEU NC 102 87.30 -27.44 -177.04
C LEU NC 102 86.74 -26.21 -176.34
N LEU NC 103 87.48 -25.11 -176.32
CA LEU NC 103 86.99 -23.89 -175.69
C LEU NC 103 85.95 -23.23 -176.58
N GLY NC 104 84.75 -23.02 -176.04
CA GLY NC 104 83.70 -22.37 -176.77
C GLY NC 104 82.71 -23.30 -177.43
N ARG NC 105 82.86 -24.61 -177.26
CA ARG NC 105 82.04 -25.59 -177.95
C ARG NC 105 81.24 -26.41 -176.97
N VAL NC 106 79.92 -26.37 -177.10
CA VAL NC 106 79.04 -27.24 -176.34
C VAL NC 106 79.09 -28.64 -176.95
N VAL NC 107 79.46 -29.63 -176.15
CA VAL NC 107 79.46 -31.00 -176.59
C VAL NC 107 78.47 -31.79 -175.76
N ASP NC 108 78.27 -33.05 -176.12
CA ASP NC 108 77.55 -34.00 -175.29
C ASP NC 108 78.56 -34.95 -174.65
N ALA NC 109 78.05 -36.04 -174.07
CA ALA NC 109 78.84 -36.85 -173.15
C ALA NC 109 79.79 -37.80 -173.87
N LEU NC 110 79.93 -37.69 -175.18
CA LEU NC 110 80.87 -38.53 -175.90
C LEU NC 110 81.79 -37.74 -176.83
N GLY NC 111 81.75 -36.43 -176.77
CA GLY NC 111 82.61 -35.60 -177.60
C GLY NC 111 82.03 -35.23 -178.94
N ASN NC 112 80.72 -35.11 -179.06
CA ASN NC 112 80.09 -34.76 -180.33
C ASN NC 112 79.45 -33.39 -180.18
N ALA NC 113 79.81 -32.46 -181.05
CA ALA NC 113 79.35 -31.08 -180.91
C ALA NC 113 77.90 -30.95 -181.31
N ILE NC 114 77.12 -30.28 -180.46
CA ILE NC 114 75.68 -30.13 -180.67
C ILE NC 114 75.27 -28.68 -180.74
N ASP NC 115 76.23 -27.77 -180.90
CA ASP NC 115 75.90 -26.36 -181.11
C ASP NC 115 75.84 -25.98 -182.58
N GLY NC 116 76.06 -26.95 -183.48
CA GLY NC 116 75.94 -26.70 -184.91
C GLY NC 116 76.97 -25.75 -185.47
N LYS NC 117 78.26 -26.03 -185.25
CA LYS NC 117 79.35 -25.22 -185.77
C LYS NC 117 80.50 -26.07 -186.28
N GLY NC 118 80.20 -27.13 -187.02
CA GLY NC 118 81.23 -27.96 -187.59
C GLY NC 118 81.82 -28.91 -186.58
N PRO NC 119 82.66 -29.83 -187.04
CA PRO NC 119 83.34 -30.73 -186.11
C PRO NC 119 84.42 -30.01 -185.34
N ILE NC 120 84.83 -30.62 -184.23
CA ILE NC 120 85.80 -29.97 -183.35
C ILE NC 120 87.21 -30.07 -183.93
N GLY NC 121 87.58 -31.23 -184.47
CA GLY NC 121 88.85 -31.38 -185.13
C GLY NC 121 90.04 -31.33 -184.20
N SER NC 122 90.02 -32.11 -183.11
CA SER NC 122 91.16 -32.13 -182.21
C SER NC 122 92.01 -33.37 -182.43
N LYS NC 123 93.07 -33.49 -181.63
CA LYS NC 123 94.19 -34.35 -181.96
C LYS NC 123 94.57 -35.35 -180.88
N THR NC 124 94.05 -35.20 -179.65
CA THR NC 124 94.49 -36.02 -178.54
C THR NC 124 93.30 -36.67 -177.86
N ARG NC 125 93.50 -37.87 -177.32
CA ARG NC 125 92.44 -38.67 -176.73
C ARG NC 125 92.83 -39.16 -175.34
N ARG NC 126 92.09 -38.71 -174.34
CA ARG NC 126 92.27 -39.14 -172.95
C ARG NC 126 91.20 -40.15 -172.61
N ARG NC 127 91.56 -41.14 -171.78
CA ARG NC 127 90.55 -42.04 -171.25
C ARG NC 127 89.71 -41.34 -170.20
N VAL NC 128 88.57 -41.95 -169.85
CA VAL NC 128 87.71 -41.42 -168.80
C VAL NC 128 87.90 -42.14 -167.47
N GLY NC 129 88.47 -43.34 -167.48
CA GLY NC 129 88.77 -44.07 -166.26
C GLY NC 129 90.19 -43.89 -165.76
N LEU NC 130 90.79 -42.71 -165.96
CA LEU NC 130 92.14 -42.48 -165.49
C LEU NC 130 92.15 -42.17 -164.01
N LYS NC 131 93.04 -42.84 -163.28
CA LYS NC 131 93.12 -42.73 -161.83
C LYS NC 131 93.67 -41.37 -161.42
N ALA NC 132 93.40 -41.01 -160.18
CA ALA NC 132 93.84 -39.77 -159.57
C ALA NC 132 95.34 -39.85 -159.22
N PRO NC 133 96.02 -38.72 -159.11
CA PRO NC 133 97.41 -38.74 -158.65
C PRO NC 133 97.56 -39.22 -157.22
N GLY NC 134 98.78 -39.61 -156.87
CA GLY NC 134 99.06 -40.24 -155.59
C GLY NC 134 99.31 -39.27 -154.47
N ILE NC 135 100.17 -39.67 -153.54
CA ILE NC 135 100.53 -38.83 -152.39
C ILE NC 135 101.68 -37.90 -152.72
N ILE NC 136 102.66 -38.41 -153.47
CA ILE NC 136 103.88 -37.63 -153.74
C ILE NC 136 103.65 -36.42 -154.65
N PRO NC 137 102.95 -36.54 -155.81
CA PRO NC 137 102.89 -35.36 -156.68
C PRO NC 137 101.94 -34.26 -156.26
N ARG NC 138 101.47 -34.23 -155.02
CA ARG NC 138 100.61 -33.14 -154.59
C ARG NC 138 101.39 -32.14 -153.73
N ILE NC 139 100.74 -31.02 -153.41
CA ILE NC 139 101.29 -30.00 -152.54
C ILE NC 139 100.13 -29.23 -151.92
N SER NC 140 100.41 -28.51 -150.83
CA SER NC 140 99.36 -27.78 -150.14
C SER NC 140 98.94 -26.56 -150.94
N VAL NC 141 97.66 -26.19 -150.83
CA VAL NC 141 97.10 -25.18 -151.72
C VAL NC 141 97.60 -23.81 -151.30
N ARG NC 142 97.88 -22.96 -152.29
CA ARG NC 142 98.57 -21.71 -152.02
C ARG NC 142 98.11 -20.51 -152.82
N GLU NC 143 97.14 -20.67 -153.72
CA GLU NC 143 96.76 -19.55 -154.55
C GLU NC 143 95.29 -19.22 -154.35
N PRO NC 144 94.94 -17.94 -154.24
CA PRO NC 144 93.54 -17.59 -153.97
C PRO NC 144 92.68 -17.63 -155.22
N MET NC 145 91.57 -18.36 -155.13
CA MET NC 145 90.56 -18.44 -156.17
C MET NC 145 89.46 -17.43 -155.85
N GLN NC 146 89.39 -16.37 -156.63
CA GLN NC 146 88.45 -15.30 -156.38
C GLN NC 146 87.10 -15.72 -156.95
N THR NC 147 86.21 -16.16 -156.06
CA THR NC 147 84.83 -16.43 -156.44
C THR NC 147 84.14 -15.15 -156.88
N GLY NC 148 84.18 -14.12 -156.06
CA GLY NC 148 83.67 -12.82 -156.46
C GLY NC 148 82.54 -12.29 -155.62
N ILE NC 149 81.91 -13.12 -154.80
CA ILE NC 149 80.87 -12.68 -153.88
C ILE NC 149 81.49 -12.58 -152.49
N LYS NC 150 80.97 -11.67 -151.68
CA LYS NC 150 81.66 -11.28 -150.46
C LYS NC 150 81.56 -12.36 -149.40
N ALA NC 151 80.52 -13.18 -149.45
CA ALA NC 151 80.27 -14.11 -148.37
C ALA NC 151 81.10 -15.38 -148.52
N VAL NC 152 81.78 -15.54 -149.65
CA VAL NC 152 82.64 -16.71 -149.82
C VAL NC 152 84.10 -16.28 -149.81
N ASP NC 153 84.39 -15.05 -150.21
CA ASP NC 153 85.79 -14.62 -150.18
C ASP NC 153 86.21 -14.26 -148.76
N SER NC 154 85.30 -13.68 -147.98
CA SER NC 154 85.65 -13.27 -146.63
C SER NC 154 85.71 -14.45 -145.67
N LEU NC 155 84.60 -15.15 -145.51
CA LEU NC 155 84.40 -16.03 -144.37
C LEU NC 155 84.54 -17.52 -144.71
N VAL NC 156 84.49 -17.90 -145.97
CA VAL NC 156 84.67 -19.31 -146.33
C VAL NC 156 85.50 -19.40 -147.62
N PRO NC 157 86.79 -19.07 -147.57
CA PRO NC 157 87.55 -18.95 -148.82
C PRO NC 157 88.00 -20.28 -149.41
N ILE NC 158 88.26 -20.26 -150.73
CA ILE NC 158 88.59 -21.44 -151.53
C ILE NC 158 89.97 -21.19 -152.14
N GLY NC 159 90.72 -22.25 -152.40
CA GLY NC 159 92.00 -22.13 -153.09
C GLY NC 159 92.15 -23.16 -154.17
N ARG NC 160 93.15 -23.02 -155.05
CA ARG NC 160 93.22 -23.87 -156.23
C ARG NC 160 93.72 -25.26 -155.89
N GLY NC 161 92.97 -26.26 -156.31
CA GLY NC 161 93.27 -27.65 -155.99
C GLY NC 161 92.43 -28.22 -154.88
N GLN NC 162 91.28 -27.63 -154.61
CA GLN NC 162 90.49 -27.94 -153.43
C GLN NC 162 89.07 -28.30 -153.82
N ARG NC 163 88.60 -29.43 -153.30
CA ARG NC 163 87.21 -29.82 -153.46
C ARG NC 163 86.35 -29.02 -152.50
N GLU NC 164 85.20 -28.57 -152.96
CA GLU NC 164 84.33 -27.75 -152.14
C GLU NC 164 82.89 -27.95 -152.56
N LEU NC 165 82.02 -28.23 -151.60
CA LEU NC 165 80.66 -28.64 -151.86
C LEU NC 165 79.73 -27.44 -151.73
N ILE NC 166 78.69 -27.40 -152.56
CA ILE NC 166 77.57 -26.48 -152.41
C ILE NC 166 76.33 -27.32 -152.16
N ILE NC 167 75.49 -26.90 -151.21
CA ILE NC 167 74.37 -27.70 -150.78
C ILE NC 167 73.24 -26.78 -150.34
N GLY NC 168 72.02 -27.17 -150.68
CA GLY NC 168 70.87 -26.34 -150.36
C GLY NC 168 69.60 -27.03 -150.81
N ASP NC 169 68.49 -26.36 -150.58
CA ASP NC 169 67.23 -26.82 -151.13
C ASP NC 169 67.03 -26.17 -152.48
N ARG NC 170 66.01 -26.62 -153.21
CA ARG NC 170 65.82 -26.12 -154.56
C ARG NC 170 65.29 -24.71 -154.56
N GLN NC 171 65.67 -23.96 -155.58
CA GLN NC 171 65.45 -22.53 -155.72
C GLN NC 171 65.96 -21.76 -154.51
N THR NC 172 67.27 -21.91 -154.27
CA THR NC 172 67.98 -21.18 -153.25
C THR NC 172 69.18 -20.40 -153.77
N GLY NC 173 69.68 -20.71 -154.95
CA GLY NC 173 70.86 -20.05 -155.44
C GLY NC 173 72.09 -20.92 -155.40
N LYS NC 174 71.99 -22.18 -155.81
CA LYS NC 174 73.20 -23.00 -155.91
C LYS NC 174 73.81 -22.97 -157.30
N THR NC 175 73.06 -22.57 -158.31
CA THR NC 175 73.59 -22.42 -159.67
C THR NC 175 73.81 -20.96 -160.02
N SER NC 176 73.04 -20.05 -159.48
CA SER NC 176 73.36 -18.63 -159.67
C SER NC 176 74.59 -18.15 -158.85
N ILE NC 177 75.34 -19.04 -158.22
CA ILE NC 177 76.64 -18.73 -157.64
C ILE NC 177 77.77 -19.27 -158.50
N ALA NC 178 77.65 -20.52 -158.96
CA ALA NC 178 78.63 -21.16 -159.83
C ALA NC 178 78.74 -20.51 -161.20
N ILE NC 179 77.84 -19.61 -161.56
CA ILE NC 179 77.97 -18.83 -162.78
C ILE NC 179 78.79 -17.56 -162.54
N ASP NC 180 78.61 -16.90 -161.40
CA ASP NC 180 79.45 -15.75 -161.07
C ASP NC 180 80.85 -16.15 -160.62
N THR NC 181 81.08 -17.43 -160.35
CA THR NC 181 82.44 -17.92 -160.29
C THR NC 181 83.11 -17.74 -161.66
N ILE NC 182 82.40 -18.10 -162.73
CA ILE NC 182 82.98 -18.11 -164.06
C ILE NC 182 82.96 -16.71 -164.68
N ILE NC 183 82.01 -15.87 -164.32
CA ILE NC 183 81.99 -14.52 -164.88
C ILE NC 183 83.13 -13.66 -164.32
N ASN NC 184 83.60 -13.98 -163.12
CA ASN NC 184 84.71 -13.25 -162.53
C ASN NC 184 86.03 -13.55 -163.23
N GLN NC 185 86.18 -14.72 -163.85
CA GLN NC 185 87.46 -15.14 -164.43
C GLN NC 185 87.78 -14.45 -165.74
N LYS NC 186 86.92 -13.54 -166.20
CA LYS NC 186 87.16 -12.81 -167.45
C LYS NC 186 88.33 -11.86 -167.33
N ARG NC 187 88.51 -11.25 -166.16
CA ARG NC 187 89.54 -10.25 -165.93
C ARG NC 187 90.93 -10.84 -165.74
N PHE NC 188 91.04 -12.13 -165.47
CA PHE NC 188 92.35 -12.74 -165.29
C PHE NC 188 92.93 -13.18 -166.62
N ASN NC 189 92.13 -13.82 -167.47
CA ASN NC 189 92.58 -14.32 -168.76
C ASN NC 189 92.81 -13.21 -169.79
N ASP NC 190 92.34 -11.99 -169.52
CA ASP NC 190 92.45 -10.88 -170.45
C ASP NC 190 93.72 -10.07 -170.30
N GLY NC 191 94.55 -10.36 -169.29
CA GLY NC 191 95.80 -9.67 -169.11
C GLY NC 191 96.96 -10.39 -169.78
N THR NC 192 98.09 -10.50 -169.09
CA THR NC 192 99.22 -11.24 -169.63
C THR NC 192 99.88 -12.20 -168.66
N ASP NC 193 99.57 -12.15 -167.37
CA ASP NC 193 100.17 -13.06 -166.41
C ASP NC 193 99.63 -14.46 -166.69
N GLU NC 194 100.51 -15.34 -167.15
CA GLU NC 194 100.12 -16.65 -167.65
C GLU NC 194 99.69 -17.60 -166.54
N LYS NC 195 99.97 -17.29 -165.28
CA LYS NC 195 99.73 -18.24 -164.20
C LYS NC 195 98.59 -17.86 -163.26
N LYS NC 196 97.79 -16.85 -163.60
CA LYS NC 196 96.52 -16.67 -162.93
C LYS NC 196 95.35 -16.82 -163.90
N LYS NC 197 95.61 -17.36 -165.08
CA LYS NC 197 94.56 -17.71 -166.00
C LYS NC 197 93.85 -18.97 -165.52
N LEU NC 198 92.52 -18.95 -165.56
CA LEU NC 198 91.68 -20.10 -165.27
C LEU NC 198 90.84 -20.39 -166.49
N TYR NC 199 90.68 -21.67 -166.79
CA TYR NC 199 89.77 -22.14 -167.82
C TYR NC 199 88.70 -22.99 -167.14
N CYS NC 200 87.44 -22.57 -167.25
CA CYS NC 200 86.33 -23.20 -166.55
C CYS NC 200 85.69 -24.31 -167.39
N ILE NC 201 84.94 -25.18 -166.71
CA ILE NC 201 84.19 -26.27 -167.33
C ILE NC 201 82.89 -26.42 -166.54
N TYR NC 202 81.75 -26.28 -167.20
CA TYR NC 202 80.46 -26.34 -166.51
C TYR NC 202 79.69 -27.56 -167.02
N VAL NC 203 79.69 -28.63 -166.24
CA VAL NC 203 78.97 -29.84 -166.60
C VAL NC 203 77.51 -29.65 -166.22
N ALA NC 204 76.59 -30.31 -166.94
CA ALA NC 204 75.15 -30.14 -166.73
C ALA NC 204 74.44 -31.48 -166.81
N ILE NC 205 74.23 -32.11 -165.66
CA ILE NC 205 73.50 -33.37 -165.58
C ILE NC 205 72.08 -33.08 -165.14
N GLY NC 206 71.11 -33.75 -165.77
CA GLY NC 206 69.76 -33.82 -165.27
C GLY NC 206 68.85 -32.67 -165.64
N GLN NC 207 69.39 -31.53 -166.05
CA GLN NC 207 68.58 -30.32 -166.16
C GLN NC 207 67.71 -30.35 -167.41
N LYS NC 208 66.86 -29.33 -167.51
CA LYS NC 208 66.07 -29.14 -168.71
C LYS NC 208 66.96 -28.71 -169.86
N ARG NC 209 66.54 -29.05 -171.09
CA ARG NC 209 67.29 -28.61 -172.25
C ARG NC 209 67.08 -27.14 -172.56
N SER NC 210 66.12 -26.50 -171.91
CA SER NC 210 65.90 -25.08 -172.13
C SER NC 210 66.44 -24.21 -171.01
N THR NC 211 66.85 -24.80 -169.88
CA THR NC 211 67.61 -24.03 -168.91
C THR NC 211 69.09 -24.13 -169.17
N VAL NC 212 69.56 -25.25 -169.71
CA VAL NC 212 70.92 -25.35 -170.22
C VAL NC 212 71.13 -24.34 -171.35
N ALA NC 213 70.20 -24.31 -172.30
CA ALA NC 213 70.35 -23.45 -173.47
C ALA NC 213 69.80 -22.05 -173.29
N GLN NC 214 69.30 -21.70 -172.11
CA GLN NC 214 69.16 -20.30 -171.72
C GLN NC 214 70.37 -19.81 -170.96
N LEU NC 215 71.15 -20.73 -170.38
CA LEU NC 215 72.35 -20.38 -169.65
C LEU NC 215 73.47 -19.96 -170.57
N VAL NC 216 73.65 -20.67 -171.67
CA VAL NC 216 74.73 -20.36 -172.59
C VAL NC 216 74.48 -19.04 -173.31
N LYS NC 217 73.25 -18.54 -173.32
CA LYS NC 217 73.05 -17.16 -173.77
C LYS NC 217 73.59 -16.17 -172.74
N ARG NC 218 73.55 -16.51 -171.46
CA ARG NC 218 74.15 -15.63 -170.46
C ARG NC 218 75.67 -15.72 -170.47
N LEU NC 219 76.22 -16.87 -170.87
CA LEU NC 219 77.67 -17.03 -171.00
C LEU NC 219 78.22 -16.43 -172.29
N THR NC 220 77.36 -15.91 -173.17
CA THR NC 220 77.80 -15.32 -174.42
C THR NC 220 77.74 -13.82 -174.40
N ASP NC 221 76.72 -13.23 -173.74
CA ASP NC 221 76.64 -11.79 -173.63
C ASP NC 221 77.70 -11.19 -172.73
N ALA NC 222 78.32 -12.00 -171.85
CA ALA NC 222 79.33 -11.53 -170.92
C ALA NC 222 80.73 -11.95 -171.34
N ASP NC 223 80.90 -12.36 -172.59
CA ASP NC 223 82.19 -12.69 -173.21
C ASP NC 223 82.89 -13.86 -172.52
N ALA NC 224 82.12 -14.71 -171.85
CA ALA NC 224 82.71 -15.76 -171.04
C ALA NC 224 82.75 -17.10 -171.74
N MET NC 225 82.76 -17.11 -173.07
CA MET NC 225 82.70 -18.35 -173.81
C MET NC 225 84.03 -18.83 -174.37
N LYS NC 226 85.01 -17.95 -174.51
CA LYS NC 226 86.26 -18.35 -175.14
C LYS NC 226 87.14 -19.23 -174.25
N TYR NC 227 86.70 -19.58 -173.03
CA TYR NC 227 87.45 -20.50 -172.18
C TYR NC 227 86.54 -21.47 -171.45
N THR NC 228 85.32 -21.70 -171.94
CA THR NC 228 84.30 -22.40 -171.18
C THR NC 228 83.77 -23.58 -171.97
N ILE NC 229 84.27 -24.79 -171.67
CA ILE NC 229 83.58 -25.98 -172.12
C ILE NC 229 82.25 -26.09 -171.40
N VAL NC 230 81.20 -26.50 -172.11
CA VAL NC 230 79.90 -26.79 -171.52
C VAL NC 230 79.50 -28.18 -171.97
N VAL NC 231 79.73 -29.18 -171.12
CA VAL NC 231 79.21 -30.50 -171.41
C VAL NC 231 77.72 -30.50 -171.09
N SER NC 232 76.95 -31.37 -171.74
CA SER NC 232 75.52 -31.39 -171.54
C SER NC 232 74.98 -32.80 -171.68
N ALA NC 233 74.19 -33.22 -170.70
CA ALA NC 233 73.39 -34.45 -170.77
C ALA NC 233 72.08 -34.14 -170.05
N THR NC 234 71.07 -33.73 -170.81
CA THR NC 234 69.88 -33.13 -170.23
C THR NC 234 68.84 -34.20 -169.93
N ALA NC 235 67.61 -33.76 -169.62
CA ALA NC 235 66.64 -34.61 -168.94
C ALA NC 235 66.07 -35.69 -169.85
N SER NC 236 65.91 -35.40 -171.13
CA SER NC 236 65.35 -36.37 -172.07
C SER NC 236 66.36 -37.39 -172.55
N ASP NC 237 67.62 -37.29 -172.14
CA ASP NC 237 68.62 -38.23 -172.59
C ASP NC 237 68.48 -39.54 -171.81
N ALA NC 238 69.30 -40.51 -172.18
CA ALA NC 238 69.16 -41.84 -171.61
C ALA NC 238 69.75 -41.86 -170.21
N ALA NC 239 69.79 -43.04 -169.61
CA ALA NC 239 70.52 -43.16 -168.34
C ALA NC 239 72.03 -43.00 -168.54
N PRO NC 240 72.73 -43.82 -169.39
CA PRO NC 240 74.19 -43.81 -169.33
C PRO NC 240 74.87 -42.59 -169.91
N LEU NC 241 74.10 -41.59 -170.31
CA LEU NC 241 74.66 -40.29 -170.63
C LEU NC 241 74.64 -39.35 -169.43
N GLN NC 242 73.70 -39.56 -168.52
CA GLN NC 242 73.71 -38.82 -167.28
C GLN NC 242 74.64 -39.42 -166.24
N TYR NC 243 75.13 -40.63 -166.47
CA TYR NC 243 76.14 -41.24 -165.64
C TYR NC 243 77.55 -41.00 -166.15
N LEU NC 244 77.70 -40.58 -167.42
CA LEU NC 244 79.01 -40.45 -168.05
C LEU NC 244 79.49 -39.02 -168.14
N ALA NC 245 78.60 -38.06 -168.22
CA ALA NC 245 78.94 -36.64 -168.32
C ALA NC 245 79.81 -36.07 -167.21
N PRO NC 246 79.86 -36.63 -166.00
CA PRO NC 246 80.96 -36.26 -165.10
C PRO NC 246 82.33 -36.68 -165.58
N TYR NC 247 82.51 -37.93 -166.03
CA TYR NC 247 83.81 -38.43 -166.45
C TYR NC 247 84.25 -37.93 -167.81
N SER NC 248 83.44 -37.11 -168.48
CA SER NC 248 83.85 -36.47 -169.73
C SER NC 248 84.26 -35.03 -169.52
N GLY NC 249 83.49 -34.27 -168.75
CA GLY NC 249 83.92 -32.93 -168.37
C GLY NC 249 85.10 -32.90 -167.43
N CYS NC 250 85.47 -34.03 -166.84
CA CYS NC 250 86.62 -34.10 -165.95
C CYS NC 250 87.91 -34.27 -166.73
N SER NC 251 87.95 -35.25 -167.65
CA SER NC 251 89.16 -35.52 -168.40
C SER NC 251 89.51 -34.40 -169.37
N MET NC 252 88.56 -33.52 -169.69
CA MET NC 252 88.90 -32.30 -170.39
C MET NC 252 89.69 -31.35 -169.49
N GLY NC 253 89.42 -31.37 -168.18
CA GLY NC 253 90.07 -30.48 -167.24
C GLY NC 253 91.36 -31.04 -166.67
N GLU NC 254 91.54 -32.36 -166.75
CA GLU NC 254 92.80 -32.96 -166.35
C GLU NC 254 93.92 -32.69 -167.36
N TYR NC 255 93.59 -32.26 -168.57
CA TYR NC 255 94.60 -31.95 -169.55
C TYR NC 255 95.26 -30.63 -169.26
N PHE NC 256 94.48 -29.63 -168.85
CA PHE NC 256 95.04 -28.37 -168.40
C PHE NC 256 95.84 -28.54 -167.12
N ARG NC 257 95.56 -29.57 -166.33
CA ARG NC 257 96.33 -29.84 -165.13
C ARG NC 257 97.74 -30.28 -165.48
N ASP NC 258 97.88 -31.28 -166.32
CA ASP NC 258 99.19 -31.89 -166.55
C ASP NC 258 100.07 -31.11 -167.50
N ASN NC 259 99.69 -29.91 -167.92
CA ASN NC 259 100.54 -29.08 -168.76
C ASN NC 259 100.82 -27.74 -168.11
N GLY NC 260 100.74 -27.68 -166.78
CA GLY NC 260 101.08 -26.46 -166.08
C GLY NC 260 100.07 -25.34 -166.17
N LYS NC 261 98.82 -25.63 -166.46
CA LYS NC 261 97.78 -24.62 -166.52
C LYS NC 261 96.79 -24.84 -165.39
N HIS NC 262 95.90 -23.87 -165.19
CA HIS NC 262 94.99 -23.88 -164.06
C HIS NC 262 93.56 -23.98 -164.54
N ALA NC 263 92.84 -25.00 -164.07
CA ALA NC 263 91.51 -25.37 -164.53
C ALA NC 263 90.47 -25.18 -163.42
N LEU NC 264 89.21 -25.43 -163.78
CA LEU NC 264 88.08 -25.38 -162.85
C LEU NC 264 86.93 -26.16 -163.47
N ILE NC 265 86.30 -27.03 -162.68
CA ILE NC 265 85.17 -27.81 -163.15
C ILE NC 265 84.02 -27.64 -162.14
N ILE NC 266 82.79 -27.61 -162.64
CA ILE NC 266 81.59 -27.42 -161.83
C ILE NC 266 80.55 -28.44 -162.28
N TYR NC 267 80.10 -29.28 -161.37
CA TYR NC 267 79.05 -30.24 -161.67
C TYR NC 267 77.71 -29.70 -161.21
N ASP NC 268 76.66 -30.01 -161.97
CA ASP NC 268 75.33 -29.52 -161.60
C ASP NC 268 74.29 -30.51 -162.13
N ASP NC 269 73.91 -31.49 -161.30
CA ASP NC 269 74.37 -31.73 -159.95
C ASP NC 269 74.60 -33.22 -159.72
N LEU NC 270 75.25 -33.58 -158.63
CA LEU NC 270 75.68 -34.97 -158.47
C LEU NC 270 74.62 -35.84 -157.83
N SER NC 271 73.47 -35.29 -157.44
CA SER NC 271 72.38 -36.12 -156.95
C SER NC 271 71.55 -36.70 -158.07
N LYS NC 272 71.66 -36.16 -159.28
CA LYS NC 272 70.96 -36.67 -160.44
C LYS NC 272 71.79 -37.64 -161.25
N GLN NC 273 73.11 -37.63 -161.08
CA GLN NC 273 73.93 -38.73 -161.52
C GLN NC 273 73.70 -39.98 -160.67
N ALA NC 274 73.24 -39.81 -159.43
CA ALA NC 274 73.02 -40.95 -158.56
C ALA NC 274 71.62 -41.53 -158.68
N VAL NC 275 70.64 -40.77 -159.17
CA VAL NC 275 69.34 -41.37 -159.47
C VAL NC 275 69.34 -42.01 -160.84
N ALA NC 276 70.29 -41.64 -161.71
CA ALA NC 276 70.47 -42.22 -163.02
C ALA NC 276 71.50 -43.34 -163.02
N TYR NC 277 72.15 -43.57 -161.90
CA TYR NC 277 72.95 -44.76 -161.69
C TYR NC 277 72.19 -45.81 -160.87
N ARG NC 278 71.26 -45.37 -160.03
CA ARG NC 278 70.36 -46.29 -159.35
C ARG NC 278 69.47 -47.03 -160.35
N GLN NC 279 68.95 -46.29 -161.33
CA GLN NC 279 68.16 -46.89 -162.41
C GLN NC 279 68.97 -47.90 -163.20
N MET NC 280 70.23 -47.56 -163.52
CA MET NC 280 71.10 -48.46 -164.27
C MET NC 280 71.49 -49.69 -163.49
N SER NC 281 71.29 -49.71 -162.17
CA SER NC 281 71.69 -50.83 -161.35
C SER NC 281 70.51 -51.61 -160.80
N LEU NC 282 69.33 -50.98 -160.73
CA LEU NC 282 68.11 -51.73 -160.43
C LEU NC 282 67.72 -52.60 -161.62
N LEU NC 283 67.85 -52.07 -162.84
CA LEU NC 283 67.40 -52.75 -164.05
C LEU NC 283 68.26 -53.95 -164.40
N LEU NC 284 69.47 -54.05 -163.87
CA LEU NC 284 70.29 -55.24 -164.01
C LEU NC 284 70.24 -56.10 -162.76
N ARG NC 285 69.34 -55.76 -161.83
CA ARG NC 285 69.00 -56.55 -160.66
C ARG NC 285 70.21 -56.79 -159.74
N ARG NC 286 70.71 -55.69 -159.23
CA ARG NC 286 71.73 -55.59 -158.21
C ARG NC 286 71.09 -55.16 -156.90
N PRO NC 287 71.53 -55.71 -155.76
CA PRO NC 287 70.81 -55.49 -154.49
C PRO NC 287 70.86 -54.05 -154.04
N PRO NC 288 69.72 -53.48 -153.64
CA PRO NC 288 69.68 -52.07 -153.22
C PRO NC 288 70.04 -51.88 -151.76
N GLY NC 289 69.97 -50.64 -151.27
CA GLY NC 289 70.34 -50.32 -149.90
C GLY NC 289 69.45 -49.29 -149.23
N ARG NC 290 70.04 -48.33 -148.54
CA ARG NC 290 69.27 -47.23 -148.00
C ARG NC 290 68.71 -46.39 -149.14
N GLU NC 291 67.40 -46.14 -149.11
CA GLU NC 291 66.65 -45.43 -150.15
C GLU NC 291 66.80 -46.09 -151.53
N ALA NC 292 66.97 -47.41 -151.53
CA ALA NC 292 67.12 -48.26 -152.72
C ALA NC 292 68.31 -47.85 -153.59
N TYR NC 293 69.33 -47.27 -152.97
CA TYR NC 293 70.57 -46.93 -153.63
C TYR NC 293 71.48 -48.16 -153.67
N PRO NC 294 72.28 -48.31 -154.72
CA PRO NC 294 73.16 -49.48 -154.78
C PRO NC 294 74.27 -49.40 -153.75
N GLY NC 295 75.00 -50.51 -153.61
CA GLY NC 295 76.03 -50.61 -152.58
C GLY NC 295 77.21 -49.69 -152.78
N ASP NC 296 77.41 -49.16 -153.97
CA ASP NC 296 78.59 -48.38 -154.32
C ASP NC 296 78.22 -47.02 -154.88
N VAL NC 297 77.34 -46.29 -154.18
CA VAL NC 297 77.08 -44.90 -154.55
C VAL NC 297 78.07 -43.96 -153.90
N PHE NC 298 79.03 -44.49 -153.15
CA PHE NC 298 80.14 -43.71 -152.62
C PHE NC 298 81.30 -43.68 -153.58
N TYR NC 299 81.71 -44.85 -154.06
CA TYR NC 299 82.81 -44.99 -155.00
C TYR NC 299 82.51 -44.34 -156.34
N LEU NC 300 81.23 -44.14 -156.66
CA LEU NC 300 80.86 -43.33 -157.79
C LEU NC 300 81.38 -41.92 -157.67
N HIS NC 301 81.25 -41.31 -156.49
CA HIS NC 301 81.57 -39.92 -156.30
C HIS NC 301 82.96 -39.67 -155.72
N SER NC 302 83.57 -40.69 -155.11
CA SER NC 302 84.91 -40.52 -154.57
C SER NC 302 85.95 -40.55 -155.66
N ARG NC 303 85.86 -41.51 -156.58
CA ARG NC 303 86.83 -41.60 -157.66
C ARG NC 303 86.64 -40.48 -158.68
N LEU NC 304 85.50 -39.79 -158.67
CA LEU NC 304 85.37 -38.62 -159.51
C LEU NC 304 85.99 -37.39 -158.85
N LEU NC 305 85.82 -37.22 -157.55
CA LEU NC 305 86.29 -36.03 -156.85
C LEU NC 305 87.70 -36.17 -156.29
N GLU NC 306 88.33 -37.32 -156.45
CA GLU NC 306 89.73 -37.48 -156.10
C GLU NC 306 90.67 -36.88 -157.13
N ARG NC 307 90.15 -36.49 -158.28
CA ARG NC 307 90.95 -36.06 -159.41
C ARG NC 307 91.20 -34.56 -159.42
N ALA NC 308 90.67 -33.83 -158.45
CA ALA NC 308 90.93 -32.41 -158.33
C ALA NC 308 92.10 -32.25 -157.38
N ALA NC 309 93.27 -31.92 -157.92
CA ALA NC 309 94.51 -31.91 -157.17
C ALA NC 309 95.30 -30.66 -157.54
N LYS NC 310 96.29 -30.36 -156.73
CA LYS NC 310 97.30 -29.37 -157.11
C LYS NC 310 98.63 -30.09 -157.22
N MET NC 311 99.27 -29.96 -158.37
CA MET NC 311 100.53 -30.63 -158.61
C MET NC 311 101.69 -29.72 -158.24
N ASN NC 312 102.79 -30.33 -157.80
CA ASN NC 312 103.94 -29.58 -157.32
C ASN NC 312 104.76 -29.08 -158.52
N ASP NC 313 105.92 -28.52 -158.25
CA ASP NC 313 106.67 -27.84 -159.29
C ASP NC 313 107.48 -28.77 -160.17
N ALA NC 314 107.63 -30.03 -159.80
CA ALA NC 314 108.20 -30.99 -160.75
C ALA NC 314 107.21 -31.32 -161.84
N PHE NC 315 105.95 -31.52 -161.48
CA PHE NC 315 104.91 -31.98 -162.38
C PHE NC 315 104.17 -30.84 -163.07
N GLY NC 316 104.70 -29.62 -163.01
CA GLY NC 316 104.13 -28.53 -163.76
C GLY NC 316 103.62 -27.39 -162.91
N GLY NC 317 103.00 -27.71 -161.79
CA GLY NC 317 102.46 -26.68 -160.94
C GLY NC 317 101.08 -26.23 -161.33
N GLY NC 318 100.30 -27.08 -162.01
CA GLY NC 318 98.95 -26.75 -162.41
C GLY NC 318 97.92 -27.32 -161.45
N SER NC 319 96.70 -26.80 -161.56
CA SER NC 319 95.69 -27.08 -160.57
C SER NC 319 94.34 -27.32 -161.25
N LEU NC 320 93.49 -28.07 -160.56
CA LEU NC 320 92.13 -28.35 -161.01
C LEU NC 320 91.22 -28.28 -159.79
N THR NC 321 90.23 -27.40 -159.85
CA THR NC 321 89.32 -27.17 -158.74
C THR NC 321 87.93 -27.69 -159.07
N ALA NC 322 87.33 -28.40 -158.13
CA ALA NC 322 86.03 -29.02 -158.33
C ALA NC 322 85.01 -28.46 -157.35
N LEU NC 323 83.85 -28.05 -157.86
CA LEU NC 323 82.74 -27.61 -157.02
C LEU NC 323 81.49 -28.43 -157.30
N PRO NC 324 81.32 -29.55 -156.60
CA PRO NC 324 80.09 -30.33 -156.77
C PRO NC 324 78.88 -29.62 -156.17
N VAL NC 325 77.70 -30.13 -156.52
CA VAL NC 325 76.41 -29.58 -156.10
C VAL NC 325 75.50 -30.75 -155.72
N ILE NC 326 74.84 -30.66 -154.57
CA ILE NC 326 73.86 -31.64 -154.12
C ILE NC 326 72.56 -30.89 -153.82
N GLU NC 327 71.43 -31.55 -154.02
CA GLU NC 327 70.12 -31.06 -153.61
C GLU NC 327 69.58 -31.90 -152.46
N THR NC 328 69.03 -31.23 -151.46
CA THR NC 328 68.48 -31.87 -150.27
C THR NC 328 66.96 -31.76 -150.26
N GLN NC 329 66.33 -32.60 -149.42
CA GLN NC 329 64.87 -32.70 -149.36
C GLN NC 329 64.39 -32.04 -148.06
N ALA NC 330 63.94 -30.79 -148.19
CA ALA NC 330 63.41 -29.93 -147.12
C ALA NC 330 64.43 -29.64 -146.02
N GLY NC 331 65.71 -29.79 -146.29
CA GLY NC 331 66.74 -29.43 -145.35
C GLY NC 331 67.44 -30.54 -144.60
N ASP NC 332 67.32 -31.79 -145.05
CA ASP NC 332 67.95 -32.91 -144.37
C ASP NC 332 69.41 -32.99 -144.81
N VAL NC 333 70.33 -32.75 -143.89
CA VAL NC 333 71.75 -32.82 -144.19
C VAL NC 333 72.23 -34.09 -143.48
N SER NC 334 71.29 -34.99 -143.19
CA SER NC 334 71.69 -36.30 -142.70
C SER NC 334 71.12 -37.41 -143.57
N ALA NC 335 70.80 -37.11 -144.82
CA ALA NC 335 70.35 -38.13 -145.75
C ALA NC 335 71.54 -38.96 -146.22
N TYR NC 336 71.27 -39.91 -147.10
CA TYR NC 336 72.28 -40.87 -147.49
C TYR NC 336 73.33 -40.24 -148.39
N ILE NC 337 72.89 -39.49 -149.39
CA ILE NC 337 73.81 -38.90 -150.37
C ILE NC 337 74.51 -37.64 -149.82
N PRO NC 338 73.86 -36.67 -149.15
CA PRO NC 338 74.64 -35.53 -148.63
C PRO NC 338 75.63 -35.87 -147.51
N THR NC 339 75.66 -37.08 -147.00
CA THR NC 339 76.75 -37.50 -146.12
C THR NC 339 77.68 -38.47 -146.79
N ASN NC 340 77.60 -38.59 -148.12
CA ASN NC 340 78.66 -39.22 -148.89
C ASN NC 340 79.55 -38.20 -149.58
N VAL NC 341 79.11 -36.94 -149.64
CA VAL NC 341 79.88 -35.89 -150.27
C VAL NC 341 80.47 -34.92 -149.25
N ILE NC 342 79.76 -34.66 -148.15
CA ILE NC 342 80.31 -33.91 -147.01
C ILE NC 342 81.54 -34.61 -146.45
N SER NC 343 81.56 -35.93 -146.44
CA SER NC 343 82.73 -36.66 -145.99
C SER NC 343 83.74 -36.92 -147.10
N ILE NC 344 83.67 -36.14 -148.19
CA ILE NC 344 84.69 -36.14 -149.25
C ILE NC 344 85.29 -34.75 -149.45
N THR NC 345 84.44 -33.74 -149.63
CA THR NC 345 84.94 -32.42 -149.94
C THR NC 345 85.62 -31.78 -148.72
N ASP NC 346 86.37 -30.72 -148.99
CA ASP NC 346 87.11 -29.98 -147.96
C ASP NC 346 86.34 -28.74 -147.51
N GLY NC 347 85.12 -28.93 -147.04
CA GLY NC 347 84.28 -27.81 -146.68
C GLY NC 347 82.90 -27.92 -147.30
N GLN NC 348 82.05 -26.97 -146.90
CA GLN NC 348 80.68 -26.89 -147.38
C GLN NC 348 80.29 -25.42 -147.51
N ILE NC 349 79.28 -25.14 -148.33
CA ILE NC 349 78.66 -23.82 -148.35
C ILE NC 349 77.16 -24.00 -148.20
N PHE NC 350 76.64 -23.92 -146.99
CA PHE NC 350 75.23 -24.20 -146.76
C PHE NC 350 74.37 -23.02 -147.18
N LEU NC 351 73.30 -23.33 -147.88
CA LEU NC 351 72.30 -22.34 -148.24
C LEU NC 351 70.98 -22.73 -147.60
N GLU NC 352 70.31 -21.76 -147.00
CA GLU NC 352 69.09 -22.02 -146.23
C GLU NC 352 67.89 -21.57 -147.02
N THR NC 353 66.82 -22.36 -146.96
CA THR NC 353 65.59 -21.98 -147.62
C THR NC 353 64.80 -20.97 -146.79
N GLU NC 354 65.17 -20.80 -145.52
CA GLU NC 354 64.51 -19.79 -144.70
C GLU NC 354 65.10 -18.41 -144.94
N LEU NC 355 66.41 -18.34 -145.17
CA LEU NC 355 67.07 -17.06 -145.34
C LEU NC 355 66.78 -16.48 -146.72
N PHE NC 356 66.46 -17.34 -147.69
CA PHE NC 356 66.22 -16.87 -149.05
C PHE NC 356 64.85 -16.23 -149.17
N TYR NC 357 63.87 -16.71 -148.42
CA TYR NC 357 62.53 -16.13 -148.49
C TYR NC 357 62.43 -14.86 -147.66
N LYS NC 358 63.23 -14.76 -146.60
CA LYS NC 358 63.21 -13.55 -145.78
C LYS NC 358 63.84 -12.36 -146.50
N GLY NC 359 64.82 -12.60 -147.35
CA GLY NC 359 65.44 -11.53 -148.13
C GLY NC 359 66.95 -11.59 -148.25
N ILE NC 360 67.68 -12.22 -147.32
CA ILE NC 360 69.13 -12.25 -147.36
C ILE NC 360 69.55 -13.19 -148.48
N ARG NC 361 69.98 -12.62 -149.61
CA ARG NC 361 70.44 -13.36 -150.77
C ARG NC 361 71.80 -12.83 -151.19
N PRO NC 362 72.84 -13.68 -151.37
CA PRO NC 362 72.96 -15.14 -151.32
C PRO NC 362 72.84 -15.73 -149.93
N ALA NC 363 71.84 -16.57 -149.74
CA ALA NC 363 71.42 -17.02 -148.41
C ALA NC 363 72.42 -18.02 -147.86
N ILE NC 364 73.63 -17.57 -147.57
CA ILE NC 364 74.70 -18.43 -147.12
C ILE NC 364 74.70 -18.46 -145.61
N ASN NC 365 74.61 -19.65 -145.04
CA ASN NC 365 74.64 -19.84 -143.60
C ASN NC 365 76.10 -19.79 -143.16
N VAL NC 366 76.49 -18.75 -142.43
CA VAL NC 366 77.89 -18.54 -142.12
C VAL NC 366 78.32 -19.38 -140.93
N GLY NC 367 77.35 -19.92 -140.19
CA GLY NC 367 77.70 -20.70 -139.01
C GLY NC 367 78.02 -22.15 -139.33
N LEU NC 368 77.60 -22.63 -140.50
CA LEU NC 368 77.82 -24.02 -140.86
C LEU NC 368 78.64 -24.20 -142.13
N SER NC 369 79.20 -23.13 -142.68
CA SER NC 369 80.05 -23.22 -143.86
C SER NC 369 81.51 -23.05 -143.45
N VAL NC 370 82.34 -24.04 -143.77
CA VAL NC 370 83.74 -24.05 -143.37
C VAL NC 370 84.63 -24.29 -144.58
N SER NC 371 85.95 -24.18 -144.37
CA SER NC 371 86.97 -24.59 -145.32
C SER NC 371 88.13 -25.19 -144.54
N ARG NC 372 88.39 -26.47 -144.74
CA ARG NC 372 89.42 -27.14 -143.95
C ARG NC 372 90.82 -26.71 -144.36
N VAL NC 373 91.02 -26.44 -145.65
CA VAL NC 373 92.35 -26.13 -146.14
C VAL NC 373 92.45 -24.71 -146.73
N GLY NC 374 91.35 -24.16 -147.24
CA GLY NC 374 91.40 -22.84 -147.84
C GLY NC 374 91.57 -21.65 -146.91
N SER NC 375 91.88 -21.89 -145.64
CA SER NC 375 92.20 -20.78 -144.75
C SER NC 375 93.62 -20.29 -144.96
N ALA NC 376 94.55 -21.22 -145.17
CA ALA NC 376 95.97 -20.92 -145.31
C ALA NC 376 96.33 -20.34 -146.67
N ALA NC 377 95.37 -20.17 -147.58
CA ALA NC 377 95.63 -19.63 -148.91
C ALA NC 377 94.57 -18.58 -149.22
N GLN NC 378 94.81 -17.35 -148.77
CA GLN NC 378 94.11 -16.20 -149.31
C GLN NC 378 95.01 -14.98 -149.12
N THR NC 379 94.56 -13.86 -149.65
CA THR NC 379 95.40 -12.68 -149.76
C THR NC 379 95.58 -12.04 -148.39
N ARG NC 380 96.78 -11.49 -148.18
CA ARG NC 380 97.11 -10.85 -146.91
C ARG NC 380 96.31 -9.57 -146.69
N ALA NC 381 95.82 -8.95 -147.76
CA ALA NC 381 95.00 -7.76 -147.61
C ALA NC 381 93.64 -8.08 -147.01
N MET NC 382 93.19 -9.32 -147.11
CA MET NC 382 91.86 -9.70 -146.64
C MET NC 382 91.89 -10.44 -145.31
N LYS NC 383 93.01 -11.13 -145.00
CA LYS NC 383 93.12 -11.88 -143.75
C LYS NC 383 93.14 -10.96 -142.52
N GLN NC 384 93.55 -9.71 -142.69
CA GLN NC 384 93.56 -8.77 -141.58
C GLN NC 384 92.21 -8.12 -141.36
N VAL NC 385 91.34 -8.12 -142.36
CA VAL NC 385 90.03 -7.50 -142.26
C VAL NC 385 88.92 -8.54 -142.12
N ALA NC 386 89.13 -9.73 -142.68
CA ALA NC 386 88.15 -10.79 -142.48
C ALA NC 386 88.52 -11.67 -141.30
N GLY NC 387 89.49 -11.26 -140.49
CA GLY NC 387 89.69 -11.89 -139.20
C GLY NC 387 88.86 -11.24 -138.12
N THR NC 388 88.42 -10.00 -138.37
CA THR NC 388 87.64 -9.27 -137.38
C THR NC 388 86.15 -9.47 -137.59
N MET NC 389 85.72 -9.58 -138.86
CA MET NC 389 84.31 -9.83 -139.13
C MET NC 389 83.92 -11.26 -138.77
N LYS NC 390 84.89 -12.18 -138.76
CA LYS NC 390 84.61 -13.52 -138.31
C LYS NC 390 84.27 -13.54 -136.81
N LEU NC 391 85.00 -12.77 -136.01
CA LEU NC 391 84.76 -12.78 -134.56
C LEU NC 391 83.60 -11.87 -134.17
N GLU NC 392 83.41 -10.75 -134.90
CA GLU NC 392 82.29 -9.86 -134.59
C GLU NC 392 80.96 -10.51 -134.96
N LEU NC 393 80.94 -11.37 -135.97
CA LEU NC 393 79.75 -12.16 -136.28
C LEU NC 393 79.53 -13.25 -135.24
N ALA NC 394 80.61 -13.73 -134.64
CA ALA NC 394 80.53 -14.90 -133.76
C ALA NC 394 79.90 -14.54 -132.41
N GLN NC 395 79.94 -13.26 -132.04
CA GLN NC 395 79.23 -12.83 -130.84
C GLN NC 395 77.77 -12.52 -131.18
N TYR NC 396 77.47 -12.29 -132.45
CA TYR NC 396 76.12 -11.92 -132.86
C TYR NC 396 75.17 -13.10 -132.81
N ARG NC 397 75.71 -14.32 -132.85
CA ARG NC 397 74.86 -15.50 -132.90
C ARG NC 397 74.48 -15.97 -131.50
N GLU NC 398 75.25 -15.54 -130.49
CA GLU NC 398 74.95 -15.95 -129.12
C GLU NC 398 73.95 -15.00 -128.46
N VAL NC 399 74.10 -13.70 -128.70
CA VAL NC 399 73.25 -12.73 -128.02
C VAL NC 399 71.94 -12.53 -128.76
N ALA NC 400 71.74 -13.24 -129.87
CA ALA NC 400 70.46 -13.17 -130.56
C ALA NC 400 69.56 -14.34 -130.16
N LEU NC 409 67.65 -3.14 -124.22
CA LEU NC 409 67.53 -2.35 -122.99
C LEU NC 409 68.77 -2.53 -122.11
N ASP NC 410 69.75 -3.27 -122.63
CA ASP NC 410 70.93 -3.66 -121.86
C ASP NC 410 72.13 -2.82 -122.29
N ALA NC 411 73.28 -3.08 -121.68
CA ALA NC 411 74.45 -2.23 -121.91
C ALA NC 411 75.35 -2.78 -123.00
N ALA NC 412 75.88 -3.99 -122.81
CA ALA NC 412 76.80 -4.57 -123.78
C ALA NC 412 76.05 -5.34 -124.87
N THR NC 413 74.92 -5.94 -124.51
CA THR NC 413 74.20 -6.79 -125.46
C THR NC 413 73.48 -5.93 -126.50
N GLN NC 414 73.25 -4.65 -126.18
CA GLN NC 414 72.70 -3.73 -127.18
C GLN NC 414 73.79 -3.29 -128.15
N GLN NC 415 75.06 -3.46 -127.78
CA GLN NC 415 76.14 -3.14 -128.70
C GLN NC 415 76.37 -4.27 -129.69
N LEU NC 416 76.38 -5.51 -129.21
CA LEU NC 416 76.71 -6.63 -130.09
C LEU NC 416 75.54 -7.03 -130.97
N LEU NC 417 74.34 -6.56 -130.63
CA LEU NC 417 73.18 -6.82 -131.48
C LEU NC 417 73.07 -5.79 -132.59
N SER NC 418 73.75 -4.67 -132.44
CA SER NC 418 73.53 -3.54 -133.35
C SER NC 418 74.63 -3.44 -134.40
N ARG NC 419 75.80 -3.99 -134.11
CA ARG NC 419 76.87 -3.99 -135.09
C ARG NC 419 76.73 -5.15 -136.07
N GLY NC 420 76.30 -6.31 -135.57
CA GLY NC 420 76.19 -7.47 -136.43
C GLY NC 420 74.99 -7.42 -137.36
N VAL NC 421 74.08 -6.47 -137.15
CA VAL NC 421 72.95 -6.31 -138.06
C VAL NC 421 73.34 -5.42 -139.23
N ARG NC 422 74.51 -4.79 -139.15
CA ARG NC 422 75.06 -4.16 -140.34
C ARG NC 422 75.81 -5.18 -141.18
N LEU NC 423 76.58 -6.06 -140.54
CA LEU NC 423 77.46 -6.94 -141.29
C LEU NC 423 76.71 -8.12 -141.90
N THR NC 424 75.44 -8.32 -141.52
CA THR NC 424 74.63 -9.32 -142.19
C THR NC 424 73.93 -8.71 -143.41
N GLU NC 425 73.59 -7.42 -143.32
CA GLU NC 425 73.06 -6.73 -144.50
C GLU NC 425 74.17 -6.21 -145.39
N LEU NC 426 75.42 -6.47 -145.02
CA LEU NC 426 76.53 -6.03 -145.86
C LEU NC 426 76.87 -7.08 -146.90
N LEU NC 427 76.79 -8.36 -146.52
CA LEU NC 427 77.24 -9.46 -147.39
C LEU NC 427 76.10 -9.93 -148.30
N LYS NC 428 75.50 -8.97 -149.00
CA LYS NC 428 74.45 -9.23 -149.96
C LYS NC 428 74.85 -8.62 -151.29
N GLN NC 429 74.71 -9.41 -152.35
CA GLN NC 429 75.15 -8.96 -153.66
C GLN NC 429 74.12 -9.33 -154.71
N GLY NC 430 73.84 -8.40 -155.63
CA GLY NC 430 72.91 -8.63 -156.71
C GLY NC 430 73.42 -9.65 -157.72
N GLN NC 431 72.56 -9.99 -158.66
CA GLN NC 431 72.85 -11.10 -159.56
C GLN NC 431 73.71 -10.63 -160.73
N TYR NC 432 74.75 -11.42 -161.03
CA TYR NC 432 75.59 -11.30 -162.24
C TYR NC 432 76.37 -10.00 -162.30
N ALA NC 433 77.09 -9.69 -161.21
CA ALA NC 433 78.08 -8.61 -161.18
C ALA NC 433 79.09 -8.80 -160.05
N PRO NC 434 80.00 -9.77 -160.13
CA PRO NC 434 80.97 -9.94 -159.05
C PRO NC 434 82.10 -8.93 -159.15
N MET NC 435 82.74 -8.67 -158.00
CA MET NC 435 83.69 -7.60 -157.84
C MET NC 435 85.10 -8.12 -157.62
N ALA NC 436 86.06 -7.21 -157.69
CA ALA NC 436 87.47 -7.54 -157.54
C ALA NC 436 87.88 -7.46 -156.08
N ILE NC 437 89.03 -8.07 -155.77
CA ILE NC 437 89.39 -8.38 -154.38
C ILE NC 437 89.76 -7.12 -153.61
N GLU NC 438 90.10 -6.04 -154.31
CA GLU NC 438 90.40 -4.79 -153.61
C GLU NC 438 89.14 -3.95 -153.45
N GLU NC 439 88.13 -4.21 -154.26
CA GLU NC 439 86.85 -3.55 -154.06
C GLU NC 439 86.07 -4.23 -152.96
N GLN NC 440 86.40 -5.49 -152.67
CA GLN NC 440 85.73 -6.20 -151.60
C GLN NC 440 86.23 -5.73 -150.24
N VAL NC 441 87.53 -5.50 -150.11
CA VAL NC 441 88.10 -5.18 -148.81
C VAL NC 441 87.95 -3.69 -148.52
N ALA NC 442 87.55 -2.91 -149.52
CA ALA NC 442 87.27 -1.50 -149.29
C ALA NC 442 85.96 -1.32 -148.54
N VAL NC 443 85.06 -2.29 -148.66
CA VAL NC 443 83.72 -2.12 -148.08
C VAL NC 443 83.58 -2.92 -146.80
N ILE NC 444 84.51 -3.84 -146.54
CA ILE NC 444 84.54 -4.53 -145.25
C ILE NC 444 85.34 -3.73 -144.24
N TYR NC 445 86.33 -2.95 -144.73
CA TYR NC 445 87.07 -2.03 -143.87
C TYR NC 445 86.17 -0.92 -143.35
N ALA NC 446 85.08 -0.64 -144.04
CA ALA NC 446 84.06 0.25 -143.48
C ALA NC 446 83.28 -0.47 -142.39
N GLY NC 447 83.27 -1.80 -142.40
CA GLY NC 447 82.43 -2.53 -141.47
C GLY NC 447 83.07 -2.77 -140.13
N VAL NC 448 84.24 -3.42 -140.11
CA VAL NC 448 84.82 -3.87 -138.86
C VAL NC 448 85.40 -2.72 -138.07
N ARG NC 449 85.80 -1.64 -138.75
CA ARG NC 449 86.23 -0.45 -138.04
C ARG NC 449 85.02 0.31 -137.48
N GLY NC 450 83.83 0.01 -137.99
CA GLY NC 450 82.61 0.58 -137.46
C GLY NC 450 82.30 1.98 -137.92
N TYR NC 451 82.49 2.28 -139.19
CA TYR NC 451 82.28 3.64 -139.68
C TYR NC 451 80.82 3.98 -139.85
N LEU NC 452 79.98 2.98 -140.15
CA LEU NC 452 78.57 3.21 -140.44
C LEU NC 452 77.64 2.72 -139.34
N ASP NC 453 78.11 2.74 -138.09
CA ASP NC 453 77.25 2.34 -136.97
C ASP NC 453 76.17 3.35 -136.66
N LYS NC 454 76.27 4.57 -137.18
CA LYS NC 454 75.22 5.57 -137.03
C LYS NC 454 74.32 5.65 -138.25
N LEU NC 455 74.24 4.57 -139.03
CA LEU NC 455 73.38 4.51 -140.22
C LEU NC 455 72.34 3.44 -140.02
N GLU NC 456 71.08 3.76 -140.31
CA GLU NC 456 69.99 2.82 -140.13
C GLU NC 456 70.13 1.67 -141.14
N PRO NC 457 69.71 0.45 -140.78
CA PRO NC 457 69.87 -0.67 -141.72
C PRO NC 457 68.91 -0.65 -142.90
N SER NC 458 68.03 0.35 -143.02
CA SER NC 458 67.22 0.48 -144.21
C SER NC 458 67.99 1.01 -145.40
N LYS NC 459 69.09 1.71 -145.17
CA LYS NC 459 69.84 2.37 -146.23
C LYS NC 459 71.31 2.01 -146.25
N ILE NC 460 71.71 0.93 -145.58
CA ILE NC 460 73.11 0.54 -145.51
C ILE NC 460 73.63 0.12 -146.90
N THR NC 461 72.78 -0.54 -147.67
CA THR NC 461 73.21 -1.04 -148.98
C THR NC 461 73.28 0.11 -149.99
N LYS NC 462 72.45 1.13 -149.82
CA LYS NC 462 72.50 2.31 -150.67
C LYS NC 462 73.81 3.08 -150.48
N PHE NC 463 74.35 3.06 -149.26
CA PHE NC 463 75.66 3.64 -149.00
C PHE NC 463 76.76 2.83 -149.70
N GLU NC 464 76.57 1.51 -149.80
CA GLU NC 464 77.64 0.65 -150.30
C GLU NC 464 77.83 0.81 -151.82
N ASN NC 465 76.73 0.90 -152.57
CA ASN NC 465 76.86 1.08 -154.01
C ASN NC 465 77.16 2.53 -154.36
N ALA NC 466 76.92 3.45 -153.42
CA ALA NC 466 77.39 4.81 -153.58
C ALA NC 466 78.86 4.93 -153.20
N PHE NC 467 79.37 3.92 -152.48
CA PHE NC 467 80.79 3.93 -152.12
C PHE NC 467 81.65 3.38 -153.26
N LEU NC 468 81.23 2.26 -153.85
CA LEU NC 468 82.06 1.62 -154.87
C LEU NC 468 82.03 2.36 -156.19
N SER NC 469 81.03 3.21 -156.40
CA SER NC 469 81.06 4.11 -157.54
C SER NC 469 82.04 5.24 -157.31
N HIS NC 470 82.09 5.75 -156.08
CA HIS NC 470 82.89 6.94 -155.79
C HIS NC 470 84.37 6.59 -155.64
N VAL NC 471 84.67 5.36 -155.27
CA VAL NC 471 86.06 5.00 -154.98
C VAL NC 471 86.76 4.58 -156.27
N ILE NC 472 86.01 4.09 -157.26
CA ILE NC 472 86.62 3.65 -158.50
C ILE NC 472 86.90 4.85 -159.40
N SER NC 473 85.92 5.75 -159.53
CA SER NC 473 86.05 6.83 -160.51
C SER NC 473 87.05 7.89 -160.07
N GLN NC 474 87.16 8.15 -158.76
CA GLN NC 474 87.96 9.26 -158.29
C GLN NC 474 89.29 8.86 -157.64
N HIS NC 475 89.42 7.64 -157.13
CA HIS NC 475 90.62 7.27 -156.38
C HIS NC 475 91.12 5.89 -156.78
N GLN NC 476 91.27 5.65 -158.08
CA GLN NC 476 91.53 4.29 -158.56
C GLN NC 476 93.00 3.91 -158.42
N ALA NC 477 93.91 4.87 -158.62
CA ALA NC 477 95.34 4.54 -158.67
C ALA NC 477 95.86 4.14 -157.30
N LEU NC 478 95.34 4.76 -156.25
CA LEU NC 478 95.70 4.36 -154.90
C LEU NC 478 94.84 3.20 -154.40
N LEU NC 479 93.77 2.87 -155.13
CA LEU NC 479 93.06 1.63 -154.91
C LEU NC 479 93.74 0.45 -155.59
N GLY NC 480 94.67 0.73 -156.51
CA GLY NC 480 95.44 -0.31 -157.15
C GLY NC 480 96.68 -0.74 -156.40
N LYS NC 481 97.04 -0.02 -155.33
CA LYS NC 481 98.16 -0.44 -154.50
C LYS NC 481 97.85 -1.72 -153.74
N ILE NC 482 96.58 -1.92 -153.37
CA ILE NC 482 96.19 -3.09 -152.60
C ILE NC 482 96.31 -4.35 -153.44
N ARG NC 483 95.94 -4.26 -154.71
CA ARG NC 483 96.14 -5.37 -155.64
C ARG NC 483 97.62 -5.57 -155.93
N ALA NC 484 98.38 -4.47 -155.99
CA ALA NC 484 99.79 -4.57 -156.33
C ALA NC 484 100.61 -5.14 -155.18
N ASP NC 485 100.48 -4.55 -153.99
CA ASP NC 485 101.27 -5.00 -152.85
C ASP NC 485 100.77 -6.32 -152.29
N GLY NC 486 99.44 -6.49 -152.23
CA GLY NC 486 98.86 -7.68 -151.66
C GLY NC 486 98.58 -7.60 -150.17
N LYS NC 487 98.80 -6.44 -149.55
CA LYS NC 487 98.50 -6.24 -148.14
C LYS NC 487 98.23 -4.77 -147.91
N ILE NC 488 97.60 -4.48 -146.76
CA ILE NC 488 97.28 -3.10 -146.38
C ILE NC 488 98.44 -2.61 -145.55
N SER NC 489 99.41 -1.96 -146.20
CA SER NC 489 100.56 -1.45 -145.50
C SER NC 489 100.21 -0.19 -144.73
N GLU NC 490 101.14 0.24 -143.89
CA GLU NC 490 100.83 1.23 -142.86
C GLU NC 490 100.64 2.62 -143.46
N GLU NC 491 101.28 2.89 -144.59
CA GLU NC 491 100.97 4.13 -145.31
C GLU NC 491 99.64 4.00 -146.04
N THR NC 492 99.33 2.82 -146.56
CA THR NC 492 98.07 2.61 -147.25
C THR NC 492 96.91 2.59 -146.26
N ASP NC 493 97.11 1.93 -145.11
CA ASP NC 493 96.09 1.87 -144.06
C ASP NC 493 95.79 3.25 -143.52
N ALA NC 494 96.77 4.14 -143.52
CA ALA NC 494 96.58 5.49 -143.02
C ALA NC 494 95.66 6.30 -143.93
N LYS NC 495 95.70 6.02 -145.24
CA LYS NC 495 94.83 6.76 -146.16
C LYS NC 495 93.55 6.01 -146.44
N LEU NC 496 93.54 4.69 -146.24
CA LEU NC 496 92.29 3.94 -146.34
C LEU NC 496 91.31 4.35 -145.24
N LYS NC 497 91.85 4.79 -144.09
CA LYS NC 497 91.02 5.42 -143.07
C LYS NC 497 90.52 6.78 -143.52
N GLU NC 498 91.25 7.44 -144.42
CA GLU NC 498 90.89 8.81 -144.79
C GLU NC 498 89.72 8.84 -145.75
N ILE NC 499 89.68 7.92 -146.72
CA ILE NC 499 88.68 8.01 -147.78
C ILE NC 499 87.31 7.56 -147.30
N VAL NC 500 87.26 6.92 -146.13
CA VAL NC 500 85.97 6.53 -145.56
C VAL NC 500 85.44 7.63 -144.64
N THR NC 501 86.34 8.33 -143.93
CA THR NC 501 85.88 9.29 -142.94
C THR NC 501 85.40 10.59 -143.58
N ASN NC 502 85.87 10.89 -144.79
CA ASN NC 502 85.40 12.12 -145.43
C ASN NC 502 84.21 11.84 -146.34
N PHE NC 503 84.06 10.59 -146.77
CA PHE NC 503 82.92 10.25 -147.62
C PHE NC 503 81.63 10.23 -146.81
N LEU NC 504 81.69 9.79 -145.56
CA LEU NC 504 80.50 9.80 -144.71
C LEU NC 504 80.14 11.22 -144.32
N ALA NC 505 81.10 12.12 -144.32
CA ALA NC 505 80.78 13.54 -144.23
C ALA NC 505 80.22 14.05 -145.56
N GLY NC 506 80.67 13.45 -146.67
CA GLY NC 506 80.18 13.87 -147.97
C GLY NC 506 78.88 13.20 -148.36
N PHE NC 507 78.61 12.02 -147.81
CA PHE NC 507 77.38 11.31 -148.14
C PHE NC 507 76.23 11.81 -147.28
N GLU NC 508 75.12 12.13 -147.94
CA GLU NC 508 73.92 12.61 -147.28
C GLU NC 508 72.82 11.57 -147.47
N ALA NC 509 72.06 11.35 -146.40
CA ALA NC 509 71.08 10.27 -146.31
C ALA NC 509 69.96 10.37 -147.34
N SER OC 8 112.67 -86.13 -123.18
CA SER OC 8 111.58 -85.92 -122.24
C SER OC 8 110.62 -87.11 -122.38
N SER OC 9 110.08 -87.57 -121.24
CA SER OC 9 109.31 -88.82 -121.26
C SER OC 9 107.87 -88.60 -121.71
N ILE OC 10 107.44 -87.34 -121.78
CA ILE OC 10 106.02 -87.07 -122.01
C ILE OC 10 105.69 -87.19 -123.49
N LEU OC 11 106.60 -86.78 -124.37
CA LEU OC 11 106.31 -86.83 -125.80
C LEU OC 11 106.35 -88.26 -126.31
N GLU OC 12 107.22 -89.09 -125.74
CA GLU OC 12 107.36 -90.47 -126.21
C GLU OC 12 106.21 -91.34 -125.74
N GLU OC 13 105.63 -91.01 -124.58
CA GLU OC 13 104.52 -91.81 -124.09
C GLU OC 13 103.21 -91.41 -124.76
N ARG OC 14 103.17 -90.22 -125.36
CA ARG OC 14 102.00 -89.80 -126.12
C ARG OC 14 101.96 -90.48 -127.49
N ILE OC 15 103.11 -90.97 -127.96
CA ILE OC 15 103.20 -91.47 -129.33
C ILE OC 15 103.06 -92.99 -129.36
N LEU OC 16 103.24 -93.65 -128.21
CA LEU OC 16 103.02 -95.09 -128.17
C LEU OC 16 101.58 -95.42 -127.82
N GLY OC 17 100.85 -94.43 -127.29
CA GLY OC 17 99.44 -94.64 -127.00
C GLY OC 17 98.55 -94.35 -128.19
N ALA OC 18 99.12 -93.78 -129.25
CA ALA OC 18 98.37 -93.45 -130.45
C ALA OC 18 97.97 -94.71 -131.21
N ASP OC 19 96.71 -94.75 -131.64
CA ASP OC 19 96.17 -95.89 -132.37
C ASP OC 19 96.07 -95.51 -133.85
N THR OC 20 96.75 -96.29 -134.70
CA THR OC 20 96.67 -96.11 -136.14
C THR OC 20 95.73 -97.17 -136.74
N SER OC 21 94.44 -96.96 -136.51
CA SER OC 21 93.41 -97.82 -137.08
C SER OC 21 93.01 -97.31 -138.45
N VAL OC 22 92.81 -98.23 -139.39
CA VAL OC 22 92.46 -97.91 -140.76
C VAL OC 22 91.22 -98.72 -141.15
N ASP OC 23 90.29 -98.08 -141.85
CA ASP OC 23 89.09 -98.73 -142.33
C ASP OC 23 88.59 -98.02 -143.58
N LEU OC 24 87.66 -98.66 -144.27
CA LEU OC 24 86.98 -98.02 -145.38
C LEU OC 24 86.08 -96.90 -144.88
N GLU OC 25 86.22 -95.72 -145.45
CA GLU OC 25 85.37 -94.60 -145.11
C GLU OC 25 84.17 -94.60 -146.05
N GLU OC 26 83.39 -93.53 -145.97
CA GLU OC 26 82.37 -93.24 -146.95
C GLU OC 26 82.51 -91.77 -147.29
N THR OC 27 82.62 -91.47 -148.57
CA THR OC 27 83.47 -90.38 -149.01
C THR OC 27 82.81 -89.58 -150.12
N GLY OC 28 82.84 -88.26 -149.98
CA GLY OC 28 82.23 -87.43 -150.98
C GLY OC 28 83.12 -86.32 -151.48
N ARG OC 29 83.38 -86.32 -152.79
CA ARG OC 29 84.22 -85.31 -153.43
C ARG OC 29 83.58 -83.94 -153.32
N VAL OC 30 84.40 -82.91 -153.20
CA VAL OC 30 83.93 -81.55 -153.00
C VAL OC 30 83.70 -80.93 -154.38
N LEU OC 31 82.66 -80.10 -154.51
CA LEU OC 31 82.39 -79.47 -155.78
C LEU OC 31 82.60 -77.97 -155.73
N SER OC 32 82.51 -77.38 -154.54
CA SER OC 32 82.70 -75.95 -154.39
C SER OC 32 83.13 -75.70 -152.96
N ILE OC 33 83.83 -74.59 -152.75
CA ILE OC 33 84.05 -74.11 -151.40
C ILE OC 33 84.14 -72.59 -151.40
N GLY OC 34 83.17 -71.94 -150.79
CA GLY OC 34 83.19 -70.51 -150.68
C GLY OC 34 82.43 -70.05 -149.46
N ASP OC 35 83.08 -69.23 -148.63
CA ASP OC 35 82.48 -68.56 -147.46
C ASP OC 35 81.96 -69.55 -146.41
N GLY OC 36 82.49 -70.77 -146.39
CA GLY OC 36 82.13 -71.73 -145.39
C GLY OC 36 81.25 -72.88 -145.84
N ILE OC 37 80.66 -72.82 -147.03
CA ILE OC 37 79.70 -73.82 -147.48
C ILE OC 37 80.38 -74.71 -148.51
N ALA OC 38 80.31 -76.01 -148.30
CA ALA OC 38 80.99 -76.97 -149.19
C ALA OC 38 79.98 -77.94 -149.78
N ARG OC 39 79.47 -77.63 -150.97
CA ARG OC 39 78.54 -78.51 -151.65
C ARG OC 39 79.26 -79.77 -152.11
N VAL OC 40 78.89 -80.90 -151.54
CA VAL OC 40 79.65 -82.14 -151.71
C VAL OC 40 78.89 -83.09 -152.64
N HIS OC 41 79.52 -83.46 -153.75
CA HIS OC 41 79.03 -84.57 -154.55
C HIS OC 41 79.32 -85.88 -153.83
N GLY OC 42 78.41 -86.82 -153.95
CA GLY OC 42 78.60 -88.09 -153.27
C GLY OC 42 77.86 -88.08 -151.95
N LEU OC 43 78.39 -88.80 -150.95
CA LEU OC 43 77.82 -88.88 -149.60
C LEU OC 43 76.39 -89.41 -149.66
N ARG OC 44 76.26 -90.68 -150.03
CA ARG OC 44 74.95 -91.25 -150.28
C ARG OC 44 74.16 -91.42 -148.98
N ASN OC 45 74.68 -92.20 -148.05
CA ASN OC 45 73.91 -92.58 -146.87
C ASN OC 45 74.04 -91.59 -145.72
N VAL OC 46 74.29 -90.32 -146.00
CA VAL OC 46 74.54 -89.37 -144.93
C VAL OC 46 73.21 -89.03 -144.27
N GLN OC 47 73.25 -88.77 -142.96
CA GLN OC 47 72.09 -88.30 -142.24
C GLN OC 47 72.02 -86.78 -142.31
N ALA OC 48 70.89 -86.24 -141.90
CA ALA OC 48 70.86 -84.81 -141.64
C ALA OC 48 71.41 -84.57 -140.25
N GLU OC 49 72.00 -83.39 -140.06
CA GLU OC 49 72.75 -82.98 -138.85
C GLU OC 49 73.89 -83.94 -138.48
N GLU OC 50 74.41 -84.71 -139.43
CA GLU OC 50 75.54 -85.57 -139.15
C GLU OC 50 76.81 -84.74 -139.17
N MET OC 51 77.80 -85.18 -138.41
CA MET OC 51 79.12 -84.56 -138.38
C MET OC 51 80.03 -85.22 -139.41
N VAL OC 52 80.49 -84.42 -140.38
CA VAL OC 52 81.40 -84.89 -141.42
C VAL OC 52 82.76 -84.26 -141.18
N GLU OC 53 83.82 -84.93 -141.64
CA GLU OC 53 85.18 -84.61 -141.28
C GLU OC 53 86.04 -84.47 -142.52
N PHE OC 54 86.55 -83.26 -142.76
CA PHE OC 54 87.38 -82.99 -143.93
C PHE OC 54 88.75 -83.66 -143.80
N SER OC 55 89.56 -83.52 -144.85
CA SER OC 55 90.80 -84.29 -144.90
C SER OC 55 91.87 -83.69 -143.99
N SER OC 56 91.91 -82.36 -143.86
CA SER OC 56 93.00 -81.70 -143.16
C SER OC 56 92.89 -81.76 -141.65
N GLY OC 57 91.78 -82.24 -141.10
CA GLY OC 57 91.53 -82.17 -139.67
C GLY OC 57 90.35 -81.31 -139.30
N LEU OC 58 89.76 -80.60 -140.24
CA LEU OC 58 88.56 -79.81 -139.98
C LEU OC 58 87.37 -80.71 -139.72
N LYS OC 59 86.27 -80.09 -139.29
CA LYS OC 59 85.04 -80.80 -138.94
C LYS OC 59 83.85 -79.97 -139.39
N GLY OC 60 82.76 -80.64 -139.75
CA GLY OC 60 81.60 -79.96 -140.28
C GLY OC 60 80.32 -80.76 -140.13
N MET OC 61 79.19 -80.10 -140.39
CA MET OC 61 77.86 -80.65 -140.13
C MET OC 61 76.95 -80.49 -141.34
N SER OC 62 76.49 -81.60 -141.91
CA SER OC 62 75.76 -81.59 -143.17
C SER OC 62 74.30 -81.21 -142.93
N LEU OC 63 73.93 -79.99 -143.30
CA LEU OC 63 72.58 -79.54 -142.96
C LEU OC 63 71.57 -79.91 -144.02
N ASN OC 64 71.73 -79.38 -145.23
CA ASN OC 64 70.81 -79.67 -146.30
C ASN OC 64 71.09 -81.03 -146.87
N LEU OC 65 70.05 -81.76 -147.19
CA LEU OC 65 70.13 -82.87 -148.10
C LEU OC 65 69.41 -82.45 -149.37
N GLU OC 66 69.89 -82.94 -150.49
CA GLU OC 66 69.39 -82.56 -151.81
C GLU OC 66 69.72 -83.70 -152.74
N PRO OC 67 69.06 -83.80 -153.91
CA PRO OC 67 69.33 -84.96 -154.76
C PRO OC 67 70.68 -84.90 -155.45
N ASP OC 68 71.15 -83.72 -155.84
CA ASP OC 68 72.46 -83.60 -156.48
C ASP OC 68 73.59 -83.40 -155.47
N ASN OC 69 73.54 -82.31 -154.70
CA ASN OC 69 74.60 -81.95 -153.77
C ASN OC 69 74.14 -82.16 -152.33
N VAL OC 70 75.05 -81.90 -151.38
CA VAL OC 70 74.81 -82.03 -149.95
C VAL OC 70 75.46 -80.83 -149.28
N GLY OC 71 74.66 -79.92 -148.73
CA GLY OC 71 75.22 -78.72 -148.12
C GLY OC 71 75.87 -79.01 -146.79
N VAL OC 72 77.07 -78.45 -146.57
CA VAL OC 72 77.89 -78.71 -145.38
C VAL OC 72 78.46 -77.38 -144.90
N VAL OC 73 78.41 -77.13 -143.60
CA VAL OC 73 79.00 -75.94 -142.99
C VAL OC 73 80.17 -76.39 -142.10
N VAL OC 74 81.17 -75.53 -141.94
CA VAL OC 74 82.48 -75.90 -141.41
C VAL OC 74 82.66 -75.34 -140.01
N PHE OC 75 83.23 -76.16 -139.13
CA PHE OC 75 83.60 -75.73 -137.78
C PHE OC 75 85.07 -75.36 -137.80
N GLY OC 76 85.36 -74.17 -138.30
CA GLY OC 76 86.74 -73.76 -138.44
C GLY OC 76 86.98 -72.78 -139.55
N ASN OC 77 87.88 -73.10 -140.47
CA ASN OC 77 88.32 -72.16 -141.48
C ASN OC 77 88.36 -72.85 -142.84
N ASP OC 78 87.95 -72.11 -143.88
CA ASP OC 78 87.69 -72.69 -145.19
C ASP OC 78 88.81 -72.44 -146.21
N LYS OC 79 90.04 -72.23 -145.75
CA LYS OC 79 91.12 -71.93 -146.67
C LYS OC 79 92.05 -73.11 -146.89
N LEU OC 80 91.97 -74.12 -146.04
CA LEU OC 80 92.70 -75.36 -146.26
C LEU OC 80 91.94 -76.32 -147.17
N ILE OC 81 90.77 -75.92 -147.66
CA ILE OC 81 89.86 -76.81 -148.38
C ILE OC 81 89.83 -76.38 -149.83
N LYS OC 82 90.21 -77.29 -150.73
CA LYS OC 82 90.21 -77.00 -152.15
C LYS OC 82 89.26 -77.95 -152.87
N GLU OC 83 88.64 -77.44 -153.93
CA GLU OC 83 87.73 -78.19 -154.80
C GLU OC 83 88.38 -79.44 -155.35
N GLY OC 84 87.80 -80.59 -155.04
CA GLY OC 84 88.44 -81.85 -155.29
C GLY OC 84 88.91 -82.57 -154.04
N ASP OC 85 88.57 -82.08 -152.86
CA ASP OC 85 89.01 -82.68 -151.60
C ASP OC 85 88.20 -83.92 -151.28
N ILE OC 86 88.33 -84.38 -150.04
CA ILE OC 86 87.71 -85.62 -149.57
C ILE OC 86 86.99 -85.30 -148.29
N VAL OC 87 85.69 -85.61 -148.23
CA VAL OC 87 84.89 -85.45 -147.02
C VAL OC 87 84.53 -86.84 -146.52
N LYS OC 88 84.76 -87.10 -145.24
CA LYS OC 88 84.55 -88.42 -144.68
C LYS OC 88 83.27 -88.46 -143.85
N ARG OC 89 82.95 -89.67 -143.39
CA ARG OC 89 81.78 -89.91 -142.58
C ARG OC 89 82.21 -90.41 -141.21
N THR OC 90 81.75 -89.71 -140.18
CA THR OC 90 81.92 -90.19 -138.81
C THR OC 90 80.87 -91.23 -138.47
N GLY OC 91 79.60 -90.86 -138.55
CA GLY OC 91 78.52 -91.77 -138.24
C GLY OC 91 77.82 -91.41 -136.96
N ALA OC 92 77.68 -90.11 -136.69
CA ALA OC 92 77.12 -89.66 -135.41
C ALA OC 92 76.56 -88.26 -135.56
N ILE OC 93 75.32 -88.07 -135.11
CA ILE OC 93 74.76 -86.74 -134.99
C ILE OC 93 75.52 -86.01 -133.89
N VAL OC 94 75.67 -84.69 -134.05
CA VAL OC 94 76.74 -83.92 -133.40
C VAL OC 94 76.59 -83.88 -131.88
N ASP OC 95 77.64 -84.31 -131.17
CA ASP OC 95 77.62 -84.55 -129.74
C ASP OC 95 78.88 -84.00 -129.07
N VAL OC 96 78.73 -83.58 -127.81
CA VAL OC 96 79.78 -82.92 -127.05
C VAL OC 96 80.02 -83.72 -125.77
N PRO OC 97 81.21 -83.68 -125.14
CA PRO OC 97 81.39 -84.46 -123.92
C PRO OC 97 80.68 -83.79 -122.78
N VAL OC 98 80.46 -84.53 -121.71
CA VAL OC 98 79.65 -84.04 -120.61
C VAL OC 98 80.18 -84.65 -119.32
N GLY OC 99 79.86 -84.02 -118.20
CA GLY OC 99 80.28 -84.56 -116.92
C GLY OC 99 80.57 -83.44 -115.95
N GLU OC 100 80.95 -83.84 -114.75
CA GLU OC 100 81.50 -82.95 -113.74
C GLU OC 100 82.99 -82.72 -113.90
N GLU OC 101 83.63 -83.48 -114.79
CA GLU OC 101 85.07 -83.40 -114.97
C GLU OC 101 85.48 -82.15 -115.73
N LEU OC 102 84.51 -81.45 -116.32
CA LEU OC 102 84.76 -80.19 -116.99
C LEU OC 102 84.72 -79.01 -116.03
N LEU OC 103 84.67 -79.24 -114.73
CA LEU OC 103 84.41 -78.14 -113.81
C LEU OC 103 85.69 -77.38 -113.50
N GLY OC 104 85.65 -76.07 -113.67
CA GLY OC 104 86.84 -75.28 -113.47
C GLY OC 104 87.71 -75.12 -114.70
N ARG OC 105 87.12 -75.11 -115.89
CA ARG OC 105 87.85 -75.05 -117.13
C ARG OC 105 87.27 -73.96 -118.01
N VAL OC 106 88.00 -73.61 -119.07
CA VAL OC 106 87.46 -72.84 -120.18
C VAL OC 106 87.57 -73.69 -121.43
N VAL OC 107 86.46 -73.90 -122.11
CA VAL OC 107 86.38 -74.84 -123.21
C VAL OC 107 85.78 -74.13 -124.42
N ASP OC 108 86.06 -74.69 -125.60
CA ASP OC 108 85.45 -74.16 -126.82
C ASP OC 108 84.12 -74.87 -127.08
N ALA OC 109 83.50 -74.55 -128.22
CA ALA OC 109 82.12 -74.94 -128.44
C ALA OC 109 81.97 -76.41 -128.80
N LEU OC 110 83.08 -77.16 -128.87
CA LEU OC 110 82.97 -78.60 -129.05
C LEU OC 110 83.68 -79.40 -127.95
N GLY OC 111 84.03 -78.76 -126.85
CA GLY OC 111 84.56 -79.48 -125.70
C GLY OC 111 86.05 -79.76 -125.72
N ASN OC 112 86.85 -78.93 -126.37
CA ASN OC 112 88.30 -79.02 -126.32
C ASN OC 112 88.81 -77.85 -125.48
N ALA OC 113 89.77 -78.13 -124.62
CA ALA OC 113 90.19 -77.11 -123.65
C ALA OC 113 91.04 -76.04 -124.30
N ILE OC 114 90.70 -74.78 -124.05
CA ILE OC 114 91.55 -73.66 -124.46
C ILE OC 114 92.22 -72.99 -123.27
N ASP OC 115 92.37 -73.69 -122.14
CA ASP OC 115 93.11 -73.15 -121.00
C ASP OC 115 94.52 -73.74 -120.93
N GLY OC 116 94.71 -74.92 -121.47
CA GLY OC 116 96.03 -75.53 -121.47
C GLY OC 116 96.37 -76.33 -120.23
N LYS OC 117 95.39 -76.68 -119.40
CA LYS OC 117 95.68 -77.57 -118.27
C LYS OC 117 95.67 -79.02 -118.71
N GLY OC 118 95.28 -79.30 -119.94
CA GLY OC 118 95.49 -80.61 -120.51
C GLY OC 118 94.27 -81.17 -121.21
N PRO OC 119 94.26 -82.48 -121.40
CA PRO OC 119 93.03 -83.14 -121.84
C PRO OC 119 92.06 -83.32 -120.69
N ILE OC 120 90.80 -82.94 -120.89
CA ILE OC 120 89.76 -83.25 -119.93
C ILE OC 120 89.44 -84.74 -120.01
N GLY OC 121 89.45 -85.41 -118.86
CA GLY OC 121 89.07 -86.80 -118.84
C GLY OC 121 87.57 -86.94 -118.66
N SER OC 122 86.86 -87.14 -119.76
CA SER OC 122 85.40 -87.22 -119.75
C SER OC 122 85.00 -88.58 -120.29
N LYS OC 123 83.85 -89.08 -119.84
CA LYS OC 123 83.47 -90.47 -120.08
C LYS OC 123 82.16 -90.61 -120.85
N THR OC 124 81.25 -89.65 -120.76
CA THR OC 124 79.94 -89.76 -121.36
C THR OC 124 79.69 -88.59 -122.30
N ARG OC 125 78.99 -88.86 -123.39
CA ARG OC 125 78.76 -87.89 -124.46
C ARG OC 125 77.27 -87.69 -124.65
N ARG OC 126 76.86 -86.46 -124.85
CA ARG OC 126 75.45 -86.10 -124.89
C ARG OC 126 75.23 -85.13 -126.03
N ARG OC 127 74.15 -85.34 -126.77
CA ARG OC 127 73.86 -84.57 -127.98
C ARG OC 127 73.59 -83.12 -127.65
N VAL OC 128 73.69 -82.26 -128.66
CA VAL OC 128 73.30 -80.87 -128.50
C VAL OC 128 71.91 -80.62 -129.04
N GLY OC 129 71.23 -81.65 -129.50
CA GLY OC 129 69.91 -81.46 -130.04
C GLY OC 129 68.82 -82.24 -129.35
N LEU OC 130 68.99 -82.52 -128.06
CA LEU OC 130 68.00 -83.33 -127.35
C LEU OC 130 66.78 -82.51 -126.99
N LYS OC 131 65.79 -83.22 -126.43
CA LYS OC 131 64.42 -82.78 -126.31
C LYS OC 131 64.07 -82.37 -124.88
N ALA OC 132 63.25 -81.33 -124.76
CA ALA OC 132 62.80 -80.86 -123.46
C ALA OC 132 61.79 -81.84 -122.87
N PRO OC 133 61.76 -81.99 -121.54
CA PRO OC 133 60.80 -82.93 -120.93
C PRO OC 133 59.43 -82.30 -120.80
N GLY OC 134 58.42 -83.17 -120.79
CA GLY OC 134 57.06 -82.74 -120.99
C GLY OC 134 56.32 -82.30 -119.75
N ILE OC 135 55.14 -82.87 -119.52
CA ILE OC 135 54.20 -82.38 -118.53
C ILE OC 135 54.21 -83.22 -117.25
N ILE OC 136 54.34 -84.53 -117.38
CA ILE OC 136 54.44 -85.42 -116.22
C ILE OC 136 55.71 -85.23 -115.39
N PRO OC 137 56.97 -85.20 -115.96
CA PRO OC 137 58.13 -85.21 -115.07
C PRO OC 137 58.55 -83.86 -114.52
N ARG OC 138 57.72 -82.84 -114.52
CA ARG OC 138 58.04 -81.61 -113.84
C ARG OC 138 57.33 -81.55 -112.48
N ILE OC 139 57.55 -80.44 -111.77
CA ILE OC 139 56.87 -80.08 -110.51
C ILE OC 139 56.93 -78.56 -110.44
N SER OC 140 56.25 -77.95 -109.49
CA SER OC 140 56.31 -76.50 -109.37
C SER OC 140 57.57 -76.07 -108.64
N VAL OC 141 57.78 -74.75 -108.57
CA VAL OC 141 59.04 -74.18 -108.10
C VAL OC 141 58.96 -73.95 -106.60
N ARG OC 142 59.69 -74.77 -105.83
CA ARG OC 142 59.67 -74.75 -104.37
C ARG OC 142 60.77 -73.91 -103.74
N GLU OC 143 61.94 -73.80 -104.36
CA GLU OC 143 63.15 -73.36 -103.69
C GLU OC 143 63.48 -71.91 -104.04
N PRO OC 144 64.35 -71.25 -103.27
CA PRO OC 144 64.89 -69.95 -103.73
C PRO OC 144 66.25 -70.03 -104.39
N MET OC 145 66.56 -69.04 -105.22
CA MET OC 145 67.91 -68.84 -105.75
C MET OC 145 68.35 -67.42 -105.38
N GLN OC 146 69.34 -67.33 -104.49
CA GLN OC 146 69.77 -66.06 -103.90
C GLN OC 146 70.81 -65.42 -104.80
N THR OC 147 70.61 -64.16 -105.16
CA THR OC 147 71.62 -63.50 -105.97
C THR OC 147 72.54 -62.64 -105.13
N GLY OC 148 72.09 -62.20 -103.97
CA GLY OC 148 72.86 -61.28 -103.18
C GLY OC 148 72.67 -59.83 -103.54
N ILE OC 149 72.05 -59.54 -104.67
CA ILE OC 149 71.60 -58.19 -104.95
C ILE OC 149 70.41 -57.93 -104.04
N LYS OC 150 70.24 -56.68 -103.62
CA LYS OC 150 69.17 -56.39 -102.67
C LYS OC 150 67.91 -55.91 -103.38
N ALA OC 151 68.05 -55.42 -104.61
CA ALA OC 151 66.86 -55.06 -105.37
C ALA OC 151 66.28 -56.29 -106.06
N VAL OC 152 67.07 -57.34 -106.19
CA VAL OC 152 66.58 -58.57 -106.80
C VAL OC 152 65.93 -59.45 -105.75
N ASP OC 153 66.61 -59.68 -104.62
CA ASP OC 153 66.14 -60.69 -103.68
C ASP OC 153 64.87 -60.25 -102.95
N SER OC 154 64.68 -58.95 -102.79
CA SER OC 154 63.53 -58.47 -102.04
C SER OC 154 62.33 -58.23 -102.95
N LEU OC 155 62.54 -57.54 -104.06
CA LEU OC 155 61.45 -57.06 -104.89
C LEU OC 155 61.13 -57.95 -106.09
N VAL OC 156 62.12 -58.50 -106.77
CA VAL OC 156 61.88 -59.34 -107.96
C VAL OC 156 62.52 -60.70 -107.72
N PRO OC 157 62.00 -61.55 -106.82
CA PRO OC 157 62.70 -62.80 -106.51
C PRO OC 157 62.65 -63.79 -107.67
N ILE OC 158 63.59 -64.73 -107.65
CA ILE OC 158 63.79 -65.69 -108.71
C ILE OC 158 63.87 -67.07 -108.09
N GLY OC 159 62.95 -67.95 -108.47
CA GLY OC 159 62.97 -69.29 -107.95
C GLY OC 159 63.99 -70.14 -108.64
N ARG OC 160 64.07 -71.40 -108.25
CA ARG OC 160 65.00 -72.31 -108.88
C ARG OC 160 64.28 -73.16 -109.90
N GLY OC 161 64.64 -72.99 -111.17
CA GLY OC 161 63.95 -73.62 -112.28
C GLY OC 161 63.12 -72.70 -113.12
N GLN OC 162 63.35 -71.39 -113.02
CA GLN OC 162 62.54 -70.39 -113.67
C GLN OC 162 63.41 -69.61 -114.65
N ARG OC 163 62.95 -69.46 -115.88
CA ARG OC 163 63.70 -68.71 -116.86
C ARG OC 163 63.47 -67.24 -116.64
N GLU OC 164 64.50 -66.50 -116.30
CA GLU OC 164 64.40 -65.07 -116.04
C GLU OC 164 65.26 -64.31 -117.04
N LEU OC 165 64.70 -63.30 -117.67
CA LEU OC 165 65.37 -62.57 -118.75
C LEU OC 165 65.93 -61.27 -118.24
N ILE OC 166 67.25 -61.12 -118.32
CA ILE OC 166 67.92 -59.84 -118.07
C ILE OC 166 68.00 -59.11 -119.40
N ILE OC 167 67.29 -58.00 -119.54
CA ILE OC 167 67.24 -57.31 -120.80
C ILE OC 167 67.64 -55.86 -120.56
N GLY OC 168 68.25 -55.27 -121.56
CA GLY OC 168 68.63 -53.87 -121.50
C GLY OC 168 69.59 -53.53 -122.62
N ASP OC 169 70.24 -52.39 -122.49
CA ASP OC 169 71.12 -51.85 -123.51
C ASP OC 169 72.54 -52.38 -123.34
N ARG OC 170 73.50 -51.73 -123.99
CA ARG OC 170 74.91 -51.99 -123.80
C ARG OC 170 75.45 -51.09 -122.70
N GLN OC 171 76.34 -51.66 -121.87
CA GLN OC 171 77.00 -50.98 -120.76
C GLN OC 171 75.98 -50.40 -119.76
N THR OC 172 75.14 -51.30 -119.23
CA THR OC 172 74.23 -50.96 -118.14
C THR OC 172 74.30 -51.89 -116.95
N GLY OC 173 74.86 -53.08 -117.09
CA GLY OC 173 75.00 -53.91 -115.92
C GLY OC 173 74.57 -55.34 -116.13
N LYS OC 174 74.36 -55.74 -117.38
CA LYS OC 174 73.80 -57.06 -117.65
C LYS OC 174 74.79 -58.17 -117.36
N THR OC 175 76.08 -57.93 -117.54
CA THR OC 175 77.07 -58.97 -117.24
C THR OC 175 77.42 -58.99 -115.76
N SER OC 176 77.47 -57.80 -115.14
CA SER OC 176 77.82 -57.71 -113.74
C SER OC 176 76.75 -58.30 -112.84
N ILE OC 177 75.47 -58.13 -113.21
CA ILE OC 177 74.34 -58.74 -112.48
C ILE OC 177 74.49 -60.26 -112.46
N ALA OC 178 74.91 -60.83 -113.58
CA ALA OC 178 75.05 -62.27 -113.68
C ALA OC 178 76.43 -62.75 -113.30
N ILE OC 179 77.29 -61.88 -112.76
CA ILE OC 179 78.55 -62.34 -112.18
C ILE OC 179 78.61 -62.12 -110.67
N ASP OC 180 77.82 -61.20 -110.11
CA ASP OC 180 77.61 -61.21 -108.67
C ASP OC 180 76.86 -62.46 -108.27
N THR OC 181 75.99 -62.96 -109.13
CA THR OC 181 75.31 -64.21 -108.89
C THR OC 181 76.26 -65.41 -108.89
N ILE OC 182 77.31 -65.38 -109.71
CA ILE OC 182 78.28 -66.48 -109.71
C ILE OC 182 79.10 -66.46 -108.43
N ILE OC 183 79.46 -65.27 -107.97
CA ILE OC 183 80.31 -65.11 -106.80
C ILE OC 183 79.55 -65.48 -105.52
N ASN OC 184 78.30 -65.02 -105.42
CA ASN OC 184 77.50 -65.11 -104.21
C ASN OC 184 77.19 -66.52 -103.78
N GLN OC 185 77.21 -67.50 -104.68
CA GLN OC 185 77.04 -68.87 -104.25
C GLN OC 185 78.31 -69.49 -103.72
N LYS OC 186 79.30 -68.71 -103.31
CA LYS OC 186 80.49 -69.29 -102.73
C LYS OC 186 80.22 -69.86 -101.35
N ARG OC 187 79.28 -69.24 -100.63
CA ARG OC 187 79.05 -69.60 -99.23
C ARG OC 187 78.30 -70.91 -99.09
N PHE OC 188 77.52 -71.30 -100.09
CA PHE OC 188 76.82 -72.57 -100.02
C PHE OC 188 77.68 -73.72 -100.49
N ASN OC 189 78.67 -73.45 -101.34
CA ASN OC 189 79.43 -74.52 -101.99
C ASN OC 189 80.54 -75.07 -101.12
N ASP OC 190 80.94 -74.36 -100.08
CA ASP OC 190 81.84 -74.90 -99.07
C ASP OC 190 81.10 -75.33 -97.81
N GLY OC 191 79.78 -75.25 -97.81
CA GLY OC 191 78.96 -75.72 -96.71
C GLY OC 191 78.84 -77.23 -96.71
N THR OC 192 77.82 -77.72 -96.01
CA THR OC 192 77.73 -79.14 -95.72
C THR OC 192 76.62 -79.88 -96.45
N ASP OC 193 75.47 -79.24 -96.67
CA ASP OC 193 74.36 -79.93 -97.32
C ASP OC 193 74.50 -79.86 -98.84
N GLU OC 194 74.12 -80.95 -99.50
CA GLU OC 194 74.27 -81.09 -100.94
C GLU OC 194 73.08 -80.53 -101.72
N LYS OC 195 72.12 -79.91 -101.05
CA LYS OC 195 70.91 -79.42 -101.68
C LYS OC 195 70.76 -77.92 -101.56
N LYS OC 196 71.80 -77.22 -101.11
CA LYS OC 196 71.81 -75.76 -101.17
C LYS OC 196 72.86 -75.23 -102.12
N LYS OC 197 73.64 -76.09 -102.74
CA LYS OC 197 74.66 -75.67 -103.69
C LYS OC 197 74.01 -75.21 -104.99
N LEU OC 198 74.83 -74.60 -105.85
CA LEU OC 198 74.37 -74.16 -107.15
C LEU OC 198 75.59 -74.09 -108.08
N TYR OC 199 75.74 -75.10 -108.93
CA TYR OC 199 76.83 -75.16 -109.87
C TYR OC 199 76.51 -74.31 -111.10
N CYS OC 200 77.48 -73.53 -111.58
CA CYS OC 200 77.19 -72.50 -112.56
C CYS OC 200 77.92 -72.75 -113.87
N ILE OC 201 77.47 -72.07 -114.93
CA ILE OC 201 77.91 -72.23 -116.32
C ILE OC 201 77.77 -70.88 -117.02
N TYR OC 202 78.81 -70.45 -117.73
CA TYR OC 202 78.77 -69.19 -118.47
C TYR OC 202 79.10 -69.46 -119.93
N VAL OC 203 78.25 -68.96 -120.83
CA VAL OC 203 78.40 -69.17 -122.27
C VAL OC 203 78.66 -67.82 -122.93
N ALA OC 204 79.84 -67.67 -123.52
CA ALA OC 204 80.31 -66.42 -124.09
C ALA OC 204 80.20 -66.48 -125.60
N ILE OC 205 79.24 -65.76 -126.18
CA ILE OC 205 78.98 -65.80 -127.62
C ILE OC 205 79.28 -64.43 -128.20
N GLY OC 206 80.17 -64.39 -129.19
CA GLY OC 206 80.44 -63.14 -129.87
C GLY OC 206 81.23 -62.13 -129.07
N GLN OC 207 82.04 -62.59 -128.13
CA GLN OC 207 82.82 -61.73 -127.25
C GLN OC 207 84.30 -61.87 -127.58
N LYS OC 208 85.04 -60.78 -127.51
CA LYS OC 208 86.46 -60.84 -127.79
C LYS OC 208 87.20 -61.49 -126.62
N ARG OC 209 88.36 -62.09 -126.92
CA ARG OC 209 89.09 -62.85 -125.91
C ARG OC 209 89.72 -61.98 -124.84
N SER OC 210 89.74 -60.66 -125.00
CA SER OC 210 90.22 -59.76 -123.98
C SER OC 210 89.09 -59.25 -123.11
N THR OC 211 88.03 -60.02 -122.98
CA THR OC 211 86.96 -59.91 -122.00
C THR OC 211 86.72 -61.23 -121.32
N VAL OC 212 86.86 -62.34 -122.03
CA VAL OC 212 86.65 -63.65 -121.42
C VAL OC 212 87.90 -64.12 -120.68
N ALA OC 213 89.09 -63.70 -121.09
CA ALA OC 213 90.28 -63.99 -120.30
C ALA OC 213 90.44 -63.05 -119.12
N GLN OC 214 89.64 -61.99 -119.07
CA GLN OC 214 89.63 -61.06 -117.96
C GLN OC 214 88.54 -61.38 -116.94
N LEU OC 215 87.48 -62.05 -117.37
CA LEU OC 215 86.43 -62.50 -116.47
C LEU OC 215 86.83 -63.77 -115.73
N VAL OC 216 87.73 -64.58 -116.29
CA VAL OC 216 88.30 -65.68 -115.53
C VAL OC 216 89.25 -65.18 -114.44
N LYS OC 217 89.78 -63.96 -114.58
CA LYS OC 217 90.58 -63.39 -113.51
C LYS OC 217 89.71 -62.96 -112.33
N ARG OC 218 88.61 -62.24 -112.62
CA ARG OC 218 87.68 -61.80 -111.58
C ARG OC 218 87.02 -62.98 -110.87
N LEU OC 219 86.89 -64.11 -111.56
CA LEU OC 219 86.33 -65.32 -110.99
C LEU OC 219 87.36 -66.26 -110.41
N THR OC 220 88.61 -65.83 -110.26
CA THR OC 220 89.60 -66.70 -109.65
C THR OC 220 90.31 -66.10 -108.47
N ASP OC 221 90.22 -64.80 -108.23
CA ASP OC 221 90.71 -64.28 -106.96
C ASP OC 221 89.75 -64.64 -105.83
N ALA OC 222 88.45 -64.51 -106.10
CA ALA OC 222 87.38 -64.90 -105.21
C ALA OC 222 87.13 -66.39 -105.21
N ASP OC 223 87.96 -67.16 -105.93
CA ASP OC 223 87.93 -68.62 -105.99
C ASP OC 223 86.59 -69.14 -106.51
N ALA OC 224 85.95 -68.33 -107.35
CA ALA OC 224 84.68 -68.68 -107.95
C ALA OC 224 84.84 -69.73 -109.04
N MET OC 225 86.01 -69.84 -109.63
CA MET OC 225 86.16 -70.74 -110.78
C MET OC 225 86.23 -72.20 -110.39
N LYS OC 226 86.22 -72.56 -109.12
CA LYS OC 226 86.33 -73.96 -108.79
C LYS OC 226 84.99 -74.69 -108.93
N TYR OC 227 83.90 -73.98 -109.20
CA TYR OC 227 82.61 -74.62 -109.38
C TYR OC 227 81.89 -74.21 -110.66
N THR OC 228 82.56 -73.57 -111.63
CA THR OC 228 81.91 -73.23 -112.89
C THR OC 228 82.62 -73.86 -114.09
N ILE OC 229 81.97 -73.71 -115.26
CA ILE OC 229 82.50 -74.06 -116.58
C ILE OC 229 82.29 -72.83 -117.46
N VAL OC 230 83.21 -72.60 -118.39
CA VAL OC 230 83.08 -71.49 -119.34
C VAL OC 230 83.16 -72.06 -120.75
N VAL OC 231 82.02 -72.15 -121.42
CA VAL OC 231 81.95 -72.53 -122.83
C VAL OC 231 82.07 -71.24 -123.64
N SER OC 232 83.03 -71.21 -124.55
CA SER OC 232 83.48 -69.96 -125.16
C SER OC 232 83.50 -70.10 -126.67
N ALA OC 233 82.73 -69.26 -127.35
CA ALA OC 233 82.79 -69.12 -128.80
C ALA OC 233 82.94 -67.63 -129.06
N THR OC 234 84.16 -67.22 -129.35
CA THR OC 234 84.53 -65.83 -129.48
C THR OC 234 84.09 -65.28 -130.83
N ALA OC 235 84.26 -63.97 -131.03
CA ALA OC 235 83.84 -63.33 -132.28
C ALA OC 235 84.72 -63.73 -133.45
N SER OC 236 85.90 -64.29 -133.22
CA SER OC 236 86.75 -64.78 -134.27
C SER OC 236 86.34 -66.14 -134.81
N ASP OC 237 85.40 -66.81 -134.17
CA ASP OC 237 85.10 -68.18 -134.53
C ASP OC 237 84.24 -68.21 -135.79
N ALA OC 238 84.14 -69.41 -136.37
CA ALA OC 238 83.26 -69.64 -137.51
C ALA OC 238 81.81 -69.42 -137.07
N ALA OC 239 81.00 -68.86 -137.95
CA ALA OC 239 79.58 -68.66 -137.69
C ALA OC 239 78.78 -69.93 -137.37
N PRO OC 240 79.15 -71.13 -137.79
CA PRO OC 240 78.53 -72.32 -137.19
C PRO OC 240 79.07 -72.71 -135.82
N LEU OC 241 80.02 -71.98 -135.25
CA LEU OC 241 80.45 -72.24 -133.89
C LEU OC 241 79.80 -71.31 -132.89
N GLN OC 242 79.34 -70.14 -133.31
CA GLN OC 242 78.52 -69.32 -132.43
C GLN OC 242 77.08 -69.79 -132.40
N TYR OC 243 76.62 -70.54 -133.40
CA TYR OC 243 75.29 -71.11 -133.40
C TYR OC 243 75.19 -72.33 -132.50
N LEU OC 244 76.25 -73.14 -132.45
CA LEU OC 244 76.25 -74.38 -131.69
C LEU OC 244 76.53 -74.20 -130.21
N ALA OC 245 76.94 -73.00 -129.79
CA ALA OC 245 77.44 -72.84 -128.43
C ALA OC 245 76.36 -72.95 -127.35
N PRO OC 246 75.19 -72.27 -127.43
CA PRO OC 246 74.21 -72.45 -126.36
C PRO OC 246 73.56 -73.82 -126.36
N TYR OC 247 73.56 -74.54 -127.48
CA TYR OC 247 73.02 -75.88 -127.46
C TYR OC 247 74.01 -76.86 -126.89
N SER OC 248 75.28 -76.49 -126.81
CA SER OC 248 76.29 -77.31 -126.15
C SER OC 248 76.42 -76.98 -124.68
N GLY OC 249 76.34 -75.69 -124.34
CA GLY OC 249 76.39 -75.30 -122.94
C GLY OC 249 75.18 -75.77 -122.15
N CYS OC 250 74.01 -75.75 -122.78
CA CYS OC 250 72.79 -76.24 -122.14
C CYS OC 250 72.82 -77.74 -121.96
N SER OC 251 73.66 -78.46 -122.70
CA SER OC 251 73.69 -79.89 -122.58
C SER OC 251 74.70 -80.38 -121.55
N MET OC 252 75.57 -79.50 -121.05
CA MET OC 252 76.35 -79.78 -119.85
C MET OC 252 75.57 -79.43 -118.60
N GLY OC 253 74.63 -78.49 -118.71
CA GLY OC 253 73.70 -78.23 -117.64
C GLY OC 253 72.82 -79.42 -117.32
N GLU OC 254 72.44 -80.17 -118.34
CA GLU OC 254 71.61 -81.33 -118.10
C GLU OC 254 72.39 -82.57 -117.80
N TYR OC 255 73.63 -82.47 -117.34
CA TYR OC 255 74.19 -83.57 -116.57
C TYR OC 255 73.75 -83.45 -115.12
N PHE OC 256 73.76 -82.22 -114.62
CA PHE OC 256 73.34 -81.93 -113.26
C PHE OC 256 71.86 -82.22 -113.06
N ARG OC 257 71.01 -81.59 -113.87
CA ARG OC 257 69.57 -81.64 -113.68
C ARG OC 257 69.00 -83.05 -113.85
N ASP OC 258 69.57 -83.83 -114.76
CA ASP OC 258 69.13 -85.21 -114.93
C ASP OC 258 69.85 -86.18 -114.01
N ASN OC 259 70.57 -85.69 -112.99
CA ASN OC 259 71.15 -86.57 -111.98
C ASN OC 259 70.93 -86.12 -110.55
N GLY OC 260 70.36 -84.95 -110.32
CA GLY OC 260 69.93 -84.60 -108.98
C GLY OC 260 70.22 -83.19 -108.57
N LYS OC 261 71.28 -82.60 -109.10
CA LYS OC 261 71.78 -81.34 -108.56
C LYS OC 261 71.10 -80.18 -109.24
N HIS OC 262 71.61 -79.00 -109.01
CA HIS OC 262 70.98 -77.76 -109.45
C HIS OC 262 72.00 -76.95 -110.19
N ALA OC 263 71.62 -76.49 -111.38
CA ALA OC 263 72.54 -75.82 -112.28
C ALA OC 263 72.01 -74.43 -112.57
N LEU OC 264 72.81 -73.66 -113.29
CA LEU OC 264 72.46 -72.30 -113.62
C LEU OC 264 73.25 -71.99 -114.88
N ILE OC 265 72.66 -71.23 -115.79
CA ILE OC 265 73.28 -71.07 -117.10
C ILE OC 265 72.98 -69.66 -117.59
N ILE OC 266 74.01 -68.98 -118.08
CA ILE OC 266 73.89 -67.62 -118.56
C ILE OC 266 74.30 -67.63 -120.02
N TYR OC 267 73.46 -67.07 -120.86
CA TYR OC 267 73.73 -66.92 -122.28
C TYR OC 267 74.05 -65.45 -122.52
N ASP OC 268 75.31 -65.15 -122.81
CA ASP OC 268 75.78 -63.77 -122.93
C ASP OC 268 76.42 -63.53 -124.30
N ASP OC 269 75.63 -63.13 -125.29
CA ASP OC 269 74.17 -63.05 -125.20
C ASP OC 269 73.50 -63.77 -126.35
N LEU OC 270 72.19 -63.65 -126.41
CA LEU OC 270 71.37 -64.39 -127.35
C LEU OC 270 70.94 -63.55 -128.54
N SER OC 271 71.36 -62.30 -128.62
CA SER OC 271 71.30 -61.54 -129.85
C SER OC 271 72.51 -61.77 -130.75
N LYS OC 272 73.42 -62.66 -130.37
CA LYS OC 272 74.57 -63.00 -131.18
C LYS OC 272 74.57 -64.47 -131.56
N GLN OC 273 73.55 -65.20 -131.16
CA GLN OC 273 73.26 -66.53 -131.64
C GLN OC 273 72.22 -66.51 -132.73
N ALA OC 274 71.69 -65.33 -133.01
CA ALA OC 274 70.74 -65.10 -134.09
C ALA OC 274 71.41 -64.62 -135.36
N VAL OC 275 72.37 -63.69 -135.28
CA VAL OC 275 73.09 -63.26 -136.47
C VAL OC 275 74.13 -64.26 -136.92
N ALA OC 276 74.39 -65.29 -136.14
CA ALA OC 276 75.16 -66.44 -136.61
C ALA OC 276 74.28 -67.48 -137.27
N TYR OC 277 72.97 -67.38 -137.11
CA TYR OC 277 72.01 -68.21 -137.84
C TYR OC 277 71.52 -67.53 -139.10
N ARG OC 278 71.49 -66.20 -139.11
CA ARG OC 278 71.10 -65.46 -140.31
C ARG OC 278 72.15 -65.57 -141.40
N GLN OC 279 73.43 -65.57 -141.04
CA GLN OC 279 74.49 -65.65 -142.03
C GLN OC 279 74.70 -67.07 -142.49
N MET OC 280 74.76 -68.01 -141.55
CA MET OC 280 74.99 -69.42 -141.86
C MET OC 280 73.91 -70.00 -142.77
N SER OC 281 72.70 -69.47 -142.68
CA SER OC 281 71.57 -69.99 -143.44
C SER OC 281 71.09 -69.02 -144.50
N LEU OC 282 71.92 -68.08 -144.92
CA LEU OC 282 71.72 -67.34 -146.16
C LEU OC 282 72.64 -67.85 -147.24
N LEU OC 283 73.80 -68.35 -146.87
CA LEU OC 283 74.77 -68.92 -147.78
C LEU OC 283 74.45 -70.37 -148.13
N LEU OC 284 73.41 -70.94 -147.51
CA LEU OC 284 72.85 -72.22 -147.91
C LEU OC 284 71.67 -72.03 -148.83
N ARG OC 285 71.46 -70.80 -149.30
CA ARG OC 285 70.37 -70.39 -150.20
C ARG OC 285 69.01 -70.74 -149.62
N ARG OC 286 68.74 -70.19 -148.46
CA ARG OC 286 67.44 -70.26 -147.85
C ARG OC 286 66.81 -68.88 -147.85
N PRO OC 287 65.53 -68.76 -148.20
CA PRO OC 287 64.98 -67.45 -148.47
C PRO OC 287 64.74 -66.66 -147.20
N PRO OC 288 65.06 -65.37 -147.20
CA PRO OC 288 65.00 -64.59 -145.98
C PRO OC 288 63.57 -64.24 -145.56
N GLY OC 289 63.39 -64.06 -144.26
CA GLY OC 289 62.13 -63.60 -143.72
C GLY OC 289 62.19 -62.13 -143.37
N ARG OC 290 61.83 -61.77 -142.14
CA ARG OC 290 61.89 -60.37 -141.72
C ARG OC 290 63.28 -60.03 -141.23
N GLU OC 291 63.79 -58.86 -141.65
CA GLU OC 291 65.15 -58.39 -141.40
C GLU OC 291 66.20 -59.41 -141.84
N ALA OC 292 65.89 -60.16 -142.88
CA ALA OC 292 66.63 -61.32 -143.38
C ALA OC 292 66.88 -62.40 -142.35
N TYR OC 293 66.08 -62.46 -141.31
CA TYR OC 293 66.17 -63.59 -140.40
C TYR OC 293 65.42 -64.76 -141.00
N PRO OC 294 65.78 -65.98 -140.65
CA PRO OC 294 65.06 -67.13 -141.21
C PRO OC 294 63.64 -67.29 -140.68
N GLY OC 295 62.95 -68.36 -141.10
CA GLY OC 295 61.59 -68.54 -140.65
C GLY OC 295 61.50 -68.94 -139.20
N ASP OC 296 62.48 -69.68 -138.72
CA ASP OC 296 62.36 -70.30 -137.42
C ASP OC 296 63.37 -69.77 -136.41
N VAL OC 297 63.52 -68.44 -136.32
CA VAL OC 297 64.22 -67.89 -135.17
C VAL OC 297 63.41 -68.04 -133.89
N PHE OC 298 62.08 -68.08 -133.96
CA PHE OC 298 61.32 -68.40 -132.77
C PHE OC 298 61.52 -69.85 -132.39
N TYR OC 299 61.62 -70.73 -133.36
CA TYR OC 299 61.89 -72.13 -133.04
C TYR OC 299 63.34 -72.32 -132.62
N LEU OC 300 64.21 -71.38 -132.94
CA LEU OC 300 65.61 -71.48 -132.54
C LEU OC 300 65.76 -71.26 -131.03
N HIS OC 301 65.11 -70.23 -130.51
CA HIS OC 301 65.22 -69.91 -129.09
C HIS OC 301 64.28 -70.75 -128.24
N SER OC 302 63.14 -71.18 -128.77
CA SER OC 302 62.17 -71.91 -127.96
C SER OC 302 62.61 -73.33 -127.68
N ARG OC 303 63.30 -73.98 -128.60
CA ARG OC 303 63.70 -75.35 -128.30
C ARG OC 303 64.89 -75.43 -127.36
N LEU OC 304 65.44 -74.28 -126.97
CA LEU OC 304 66.54 -74.07 -126.06
C LEU OC 304 66.03 -73.82 -124.65
N LEU OC 305 65.16 -72.83 -124.51
CA LEU OC 305 64.65 -72.33 -123.25
C LEU OC 305 63.53 -73.16 -122.66
N GLU OC 306 63.30 -74.38 -123.12
CA GLU OC 306 62.31 -75.24 -122.50
C GLU OC 306 62.94 -76.44 -121.83
N ARG OC 307 64.27 -76.61 -121.95
CA ARG OC 307 64.96 -77.62 -121.17
C ARG OC 307 65.20 -77.18 -119.74
N ALA OC 308 65.03 -75.90 -119.46
CA ALA OC 308 65.22 -75.36 -118.12
C ALA OC 308 64.03 -75.78 -117.27
N ALA OC 309 64.10 -77.00 -116.77
CA ALA OC 309 63.00 -77.66 -116.09
C ALA OC 309 63.12 -77.52 -114.59
N LYS OC 310 62.24 -78.23 -113.88
CA LYS OC 310 62.30 -78.46 -112.44
C LYS OC 310 61.66 -79.82 -112.24
N MET OC 311 62.47 -80.85 -112.15
CA MET OC 311 61.91 -82.19 -112.16
C MET OC 311 61.23 -82.52 -110.82
N ASN OC 312 60.33 -83.49 -110.89
CA ASN OC 312 59.63 -84.00 -109.71
C ASN OC 312 60.59 -84.79 -108.85
N ASP OC 313 60.13 -85.19 -107.69
CA ASP OC 313 61.05 -85.81 -106.76
C ASP OC 313 61.19 -87.32 -106.94
N ALA OC 314 60.46 -87.93 -107.88
CA ALA OC 314 60.63 -89.33 -108.21
C ALA OC 314 61.55 -89.54 -109.39
N PHE OC 315 62.20 -88.47 -109.85
CA PHE OC 315 63.25 -88.51 -110.86
C PHE OC 315 64.59 -88.04 -110.32
N GLY OC 316 64.60 -87.25 -109.25
CA GLY OC 316 65.79 -86.66 -108.71
C GLY OC 316 65.57 -85.28 -108.17
N GLY OC 317 64.58 -84.57 -108.68
CA GLY OC 317 64.24 -83.29 -108.11
C GLY OC 317 65.15 -82.15 -108.48
N GLY OC 318 66.05 -82.37 -109.41
CA GLY OC 318 66.99 -81.33 -109.78
C GLY OC 318 66.37 -80.25 -110.61
N SER OC 319 67.07 -79.14 -110.68
CA SER OC 319 66.57 -77.94 -111.30
C SER OC 319 67.62 -77.44 -112.27
N LEU OC 320 67.20 -76.53 -113.15
CA LEU OC 320 68.11 -75.90 -114.10
C LEU OC 320 67.56 -74.52 -114.39
N THR OC 321 68.11 -73.51 -113.70
CA THR OC 321 67.69 -72.15 -113.93
C THR OC 321 68.30 -71.69 -115.26
N ALA OC 322 67.81 -70.59 -115.79
CA ALA OC 322 68.47 -70.02 -116.96
C ALA OC 322 68.34 -68.51 -116.89
N LEU OC 323 69.38 -67.82 -117.29
CA LEU OC 323 69.41 -66.36 -117.28
C LEU OC 323 69.90 -65.85 -118.62
N PRO OC 324 69.02 -65.78 -119.63
CA PRO OC 324 69.43 -65.25 -120.93
C PRO OC 324 69.58 -63.73 -120.91
N VAL OC 325 70.68 -63.26 -121.46
CA VAL OC 325 70.92 -61.83 -121.62
C VAL OC 325 70.50 -61.44 -123.03
N ILE OC 326 69.94 -60.25 -123.20
CA ILE OC 326 69.53 -59.75 -124.50
C ILE OC 326 69.91 -58.29 -124.59
N GLU OC 327 70.69 -57.93 -125.60
CA GLU OC 327 71.01 -56.53 -125.86
C GLU OC 327 70.01 -55.98 -126.85
N THR OC 328 69.46 -54.80 -126.54
CA THR OC 328 68.51 -54.17 -127.44
C THR OC 328 69.06 -52.84 -127.90
N GLN OC 329 68.56 -52.38 -129.05
CA GLN OC 329 69.02 -51.14 -129.65
C GLN OC 329 68.16 -49.97 -129.20
N ALA OC 330 68.80 -48.95 -128.64
CA ALA OC 330 68.17 -47.69 -128.20
C ALA OC 330 67.06 -47.90 -127.18
N GLY OC 331 67.14 -48.98 -126.41
CA GLY OC 331 66.15 -49.26 -125.39
C GLY OC 331 64.76 -49.57 -125.89
N ASP OC 332 64.62 -50.01 -127.14
CA ASP OC 332 63.33 -50.36 -127.71
C ASP OC 332 63.10 -51.85 -127.55
N VAL OC 333 62.00 -52.21 -126.91
CA VAL OC 333 61.75 -53.58 -126.52
C VAL OC 333 60.79 -54.26 -127.50
N SER OC 334 60.23 -53.51 -128.45
CA SER OC 334 59.29 -54.02 -129.44
C SER OC 334 59.96 -54.48 -130.73
N ALA OC 335 61.22 -54.93 -130.66
CA ALA OC 335 61.93 -55.35 -131.86
C ALA OC 335 61.54 -56.77 -132.20
N TYR OC 336 62.24 -57.40 -133.14
CA TYR OC 336 61.81 -58.73 -133.57
C TYR OC 336 62.30 -59.81 -132.62
N ILE OC 337 63.59 -59.85 -132.34
CA ILE OC 337 64.20 -60.86 -131.46
C ILE OC 337 63.94 -60.62 -129.97
N PRO OC 338 63.85 -59.37 -129.45
CA PRO OC 338 63.31 -59.21 -128.07
C PRO OC 338 61.93 -59.80 -127.81
N THR OC 339 60.90 -59.44 -128.59
CA THR OC 339 59.55 -59.88 -128.27
C THR OC 339 59.36 -61.37 -128.45
N ASN OC 340 60.16 -62.02 -129.28
CA ASN OC 340 60.11 -63.47 -129.42
C ASN OC 340 60.66 -64.19 -128.20
N VAL OC 341 61.41 -63.51 -127.33
CA VAL OC 341 62.02 -64.15 -126.18
C VAL OC 341 61.52 -63.57 -124.86
N ILE OC 342 60.83 -62.43 -124.88
CA ILE OC 342 60.03 -62.01 -123.74
C ILE OC 342 58.93 -63.03 -123.44
N SER OC 343 58.31 -63.57 -124.49
CA SER OC 343 57.19 -64.46 -124.31
C SER OC 343 57.59 -65.92 -124.27
N ILE OC 344 58.81 -66.23 -123.86
CA ILE OC 344 59.19 -67.57 -123.46
C ILE OC 344 59.56 -67.65 -121.98
N THR OC 345 59.93 -66.54 -121.36
CA THR OC 345 60.48 -66.52 -120.02
C THR OC 345 59.40 -66.13 -119.03
N ASP OC 346 59.52 -66.62 -117.79
CA ASP OC 346 58.52 -66.36 -116.77
C ASP OC 346 58.51 -64.91 -116.32
N GLY OC 347 59.69 -64.33 -116.14
CA GLY OC 347 59.77 -62.96 -115.70
C GLY OC 347 61.00 -62.29 -116.26
N GLN OC 348 61.08 -60.98 -116.04
CA GLN OC 348 62.12 -60.17 -116.63
C GLN OC 348 62.74 -59.27 -115.58
N ILE OC 349 63.89 -58.68 -115.94
CA ILE OC 349 64.56 -57.65 -115.15
C ILE OC 349 64.94 -56.53 -116.11
N PHE OC 350 64.21 -55.43 -116.09
CA PHE OC 350 64.42 -54.39 -117.08
C PHE OC 350 65.48 -53.41 -116.59
N LEU OC 351 66.68 -53.52 -117.16
CA LEU OC 351 67.79 -52.61 -116.87
C LEU OC 351 67.73 -51.42 -117.81
N GLU OC 352 67.89 -50.23 -117.27
CA GLU OC 352 67.75 -49.00 -118.04
C GLU OC 352 69.03 -48.21 -118.05
N THR OC 353 68.98 -47.00 -118.60
CA THR OC 353 70.17 -46.16 -118.65
C THR OC 353 69.99 -44.94 -117.76
N GLU OC 354 68.79 -44.39 -117.70
CA GLU OC 354 68.60 -43.19 -116.88
C GLU OC 354 68.56 -43.54 -115.40
N LEU OC 355 68.38 -44.83 -115.08
CA LEU OC 355 68.57 -45.25 -113.70
C LEU OC 355 70.04 -45.35 -113.36
N PHE OC 356 70.85 -45.82 -114.31
CA PHE OC 356 72.28 -45.99 -114.10
C PHE OC 356 72.98 -44.65 -113.90
N TYR OC 357 72.45 -43.60 -114.51
CA TYR OC 357 73.18 -42.35 -114.55
C TYR OC 357 72.71 -41.39 -113.47
N LYS OC 358 71.43 -41.45 -113.12
CA LYS OC 358 70.92 -40.73 -111.98
C LYS OC 358 71.50 -41.25 -110.69
N GLY OC 359 71.85 -42.53 -110.63
CA GLY OC 359 72.54 -43.07 -109.48
C GLY OC 359 72.07 -44.43 -109.03
N ILE OC 360 70.93 -44.93 -109.49
CA ILE OC 360 70.46 -46.23 -109.07
C ILE OC 360 71.30 -47.28 -109.76
N ARG OC 361 72.27 -47.84 -109.06
CA ARG OC 361 73.07 -48.90 -109.64
C ARG OC 361 73.14 -50.06 -108.66
N PRO OC 362 72.64 -51.26 -109.01
CA PRO OC 362 72.14 -51.83 -110.26
C PRO OC 362 70.86 -51.23 -110.80
N ALA OC 363 70.88 -50.84 -112.07
CA ALA OC 363 69.86 -49.99 -112.63
C ALA OC 363 68.64 -50.81 -113.00
N ILE OC 364 67.91 -51.30 -112.01
CA ILE OC 364 66.76 -52.16 -112.23
C ILE OC 364 65.50 -51.32 -112.13
N ASN OC 365 64.67 -51.34 -113.17
CA ASN OC 365 63.34 -50.73 -113.14
C ASN OC 365 62.45 -51.62 -112.30
N VAL OC 366 62.29 -51.30 -111.02
CA VAL OC 366 61.53 -52.17 -110.11
C VAL OC 366 60.04 -52.01 -110.33
N GLY OC 367 59.63 -50.98 -111.08
CA GLY OC 367 58.25 -50.87 -111.48
C GLY OC 367 57.85 -51.88 -112.53
N LEU OC 368 58.68 -52.05 -113.56
CA LEU OC 368 58.38 -52.90 -114.69
C LEU OC 368 58.93 -54.30 -114.57
N SER OC 369 59.85 -54.56 -113.64
CA SER OC 369 60.50 -55.87 -113.54
C SER OC 369 59.54 -56.90 -112.94
N VAL OC 370 58.57 -57.28 -113.75
CA VAL OC 370 57.53 -58.20 -113.31
C VAL OC 370 58.14 -59.59 -113.20
N SER OC 371 57.51 -60.45 -112.42
CA SER OC 371 57.96 -61.82 -112.26
C SER OC 371 56.80 -62.69 -111.76
N ARG OC 372 56.48 -63.73 -112.52
CA ARG OC 372 55.68 -64.81 -111.98
C ARG OC 372 56.49 -65.43 -110.86
N VAL OC 373 56.03 -65.23 -109.62
CA VAL OC 373 56.89 -65.22 -108.44
C VAL OC 373 57.50 -66.59 -108.12
N GLY OC 374 57.06 -67.65 -108.80
CA GLY OC 374 57.72 -68.93 -108.64
C GLY OC 374 57.23 -69.64 -107.41
N SER OC 375 55.89 -69.66 -107.23
CA SER OC 375 55.20 -70.11 -106.02
C SER OC 375 55.64 -69.35 -104.76
N ALA OC 376 56.11 -68.12 -104.97
CA ALA OC 376 56.49 -67.17 -103.92
C ALA OC 376 57.47 -67.78 -102.92
N ALA OC 377 58.54 -68.36 -103.45
CA ALA OC 377 59.59 -68.94 -102.61
C ALA OC 377 60.66 -67.89 -102.33
N GLN OC 378 60.21 -66.74 -101.80
CA GLN OC 378 61.14 -65.67 -101.47
C GLN OC 378 62.04 -66.11 -100.32
N THR OC 379 61.50 -66.08 -99.10
CA THR OC 379 61.82 -66.84 -97.89
C THR OC 379 60.93 -66.24 -96.81
N ARG OC 380 60.90 -66.87 -95.63
CA ARG OC 380 59.90 -66.51 -94.63
C ARG OC 380 60.17 -65.16 -93.98
N ALA OC 381 61.44 -64.86 -93.67
CA ALA OC 381 61.74 -63.59 -92.99
C ALA OC 381 61.72 -62.41 -93.95
N MET OC 382 62.20 -62.62 -95.18
CA MET OC 382 62.17 -61.56 -96.18
C MET OC 382 60.76 -61.20 -96.59
N LYS OC 383 59.81 -62.15 -96.46
CA LYS OC 383 58.40 -61.86 -96.73
C LYS OC 383 57.86 -60.82 -95.76
N GLN OC 384 58.36 -60.80 -94.54
CA GLN OC 384 57.89 -59.84 -93.54
C GLN OC 384 58.36 -58.43 -93.88
N VAL OC 385 59.64 -58.28 -94.21
CA VAL OC 385 60.21 -56.94 -94.32
C VAL OC 385 60.12 -56.43 -95.76
N ALA OC 386 60.08 -57.33 -96.74
CA ALA OC 386 59.99 -56.88 -98.13
C ALA OC 386 58.58 -57.01 -98.66
N GLY OC 387 57.69 -57.64 -97.90
CA GLY OC 387 56.27 -57.51 -98.18
C GLY OC 387 55.80 -56.09 -97.96
N THR OC 388 56.15 -55.50 -96.82
CA THR OC 388 55.78 -54.12 -96.55
C THR OC 388 56.63 -53.15 -97.38
N MET OC 389 57.84 -53.55 -97.76
CA MET OC 389 58.70 -52.69 -98.56
C MET OC 389 58.15 -52.53 -99.97
N LYS OC 390 57.63 -53.62 -100.53
CA LYS OC 390 57.06 -53.63 -101.88
C LYS OC 390 55.90 -52.65 -101.99
N LEU OC 391 55.08 -52.58 -100.94
CA LEU OC 391 53.94 -51.66 -100.96
C LEU OC 391 54.36 -50.24 -100.62
N GLU OC 392 55.37 -50.07 -99.77
CA GLU OC 392 55.79 -48.72 -99.42
C GLU OC 392 56.55 -48.07 -100.56
N LEU OC 393 57.20 -48.88 -101.39
CA LEU OC 393 57.85 -48.33 -102.58
C LEU OC 393 56.84 -48.09 -103.70
N ALA OC 394 55.82 -48.95 -103.81
CA ALA OC 394 54.76 -48.75 -104.80
C ALA OC 394 53.94 -47.53 -104.48
N GLN OC 395 53.70 -47.28 -103.18
CA GLN OC 395 53.05 -46.05 -102.75
C GLN OC 395 53.88 -44.83 -103.10
N TYR OC 396 55.20 -44.98 -103.08
CA TYR OC 396 56.10 -43.87 -103.38
C TYR OC 396 56.01 -43.47 -104.84
N ARG OC 397 56.01 -44.45 -105.75
CA ARG OC 397 56.23 -44.18 -107.17
C ARG OC 397 55.04 -43.50 -107.81
N GLU OC 398 53.86 -43.59 -107.18
CA GLU OC 398 52.68 -42.98 -107.76
C GLU OC 398 52.69 -41.48 -107.57
N VAL OC 399 53.48 -40.98 -106.62
CA VAL OC 399 53.21 -39.66 -106.06
C VAL OC 399 54.48 -38.80 -106.04
N ALA OC 400 55.59 -39.34 -106.56
CA ALA OC 400 56.89 -38.75 -106.31
C ALA OC 400 57.58 -38.39 -107.62
N ALA OC 401 56.88 -37.67 -108.50
CA ALA OC 401 57.44 -37.33 -109.79
C ALA OC 401 57.10 -35.91 -110.18
N PHE OC 402 57.23 -34.95 -109.27
CA PHE OC 402 56.89 -33.58 -109.63
C PHE OC 402 58.11 -32.78 -110.11
N ALA OC 403 59.15 -32.69 -109.28
CA ALA OC 403 60.34 -31.84 -109.37
C ALA OC 403 60.03 -30.33 -109.31
N GLN OC 404 58.77 -29.94 -109.11
CA GLN OC 404 58.35 -28.55 -109.02
C GLN OC 404 57.28 -28.48 -107.95
N PHE OC 405 57.59 -27.91 -106.79
CA PHE OC 405 56.67 -27.87 -105.68
C PHE OC 405 56.11 -26.47 -105.48
N GLY OC 406 54.83 -26.38 -105.15
CA GLY OC 406 54.20 -25.12 -104.83
C GLY OC 406 53.50 -25.09 -103.49
N SER OC 407 53.07 -26.26 -103.01
CA SER OC 407 52.31 -26.36 -101.77
C SER OC 407 52.99 -27.33 -100.82
N ASP OC 408 52.56 -27.31 -99.55
CA ASP OC 408 53.31 -27.89 -98.44
C ASP OC 408 52.38 -28.72 -97.57
N LEU OC 409 52.59 -30.04 -97.55
CA LEU OC 409 51.71 -30.97 -96.86
C LEU OC 409 52.49 -31.99 -96.05
N ASP OC 410 53.41 -31.53 -95.18
CA ASP OC 410 54.35 -32.40 -94.47
C ASP OC 410 53.67 -33.45 -93.60
N ALA OC 411 52.50 -33.15 -93.06
CA ALA OC 411 51.76 -34.20 -92.38
C ALA OC 411 51.11 -35.17 -93.34
N ALA OC 412 50.95 -34.79 -94.60
CA ALA OC 412 50.09 -35.54 -95.50
C ALA OC 412 50.95 -36.30 -96.49
N THR OC 413 51.81 -35.65 -97.27
CA THR OC 413 52.52 -36.37 -98.32
C THR OC 413 53.99 -36.55 -97.97
N GLN OC 414 54.61 -35.56 -97.32
CA GLN OC 414 56.07 -35.51 -97.24
C GLN OC 414 56.62 -36.54 -96.26
N GLN OC 415 55.74 -37.19 -95.51
CA GLN OC 415 56.15 -38.30 -94.65
C GLN OC 415 56.35 -39.58 -95.47
N LEU OC 416 55.49 -39.80 -96.46
CA LEU OC 416 55.59 -41.03 -97.25
C LEU OC 416 56.76 -40.99 -98.21
N LEU OC 417 57.00 -39.85 -98.85
CA LEU OC 417 58.11 -39.78 -99.79
C LEU OC 417 59.46 -39.73 -99.08
N SER OC 418 59.45 -39.48 -97.76
CA SER OC 418 60.69 -39.59 -96.99
C SER OC 418 60.98 -41.04 -96.64
N ARG OC 419 60.00 -41.93 -96.79
CA ARG OC 419 60.25 -43.35 -96.54
C ARG OC 419 60.82 -44.02 -97.79
N GLY OC 420 60.62 -43.41 -98.95
CA GLY OC 420 61.11 -44.02 -100.18
C GLY OC 420 62.58 -43.75 -100.43
N VAL OC 421 63.02 -42.50 -100.24
CA VAL OC 421 64.41 -42.13 -100.50
C VAL OC 421 65.34 -42.80 -99.49
N ARG OC 422 64.81 -43.15 -98.32
CA ARG OC 422 65.57 -43.94 -97.37
C ARG OC 422 65.61 -45.41 -97.79
N LEU OC 423 64.63 -45.84 -98.59
CA LEU OC 423 64.59 -47.22 -99.06
C LEU OC 423 65.12 -47.33 -100.49
N THR OC 424 65.14 -46.22 -101.24
CA THR OC 424 65.81 -46.19 -102.53
C THR OC 424 67.32 -46.23 -102.37
N GLU OC 425 67.86 -45.33 -101.56
CA GLU OC 425 69.30 -45.26 -101.32
C GLU OC 425 69.79 -46.44 -100.49
N LEU OC 426 68.89 -47.20 -99.89
CA LEU OC 426 69.29 -48.46 -99.27
C LEU OC 426 69.50 -49.52 -100.34
N LEU OC 427 68.81 -49.41 -101.47
CA LEU OC 427 68.79 -50.51 -102.44
C LEU OC 427 70.04 -50.52 -103.32
N LYS OC 428 70.82 -49.43 -103.31
CA LYS OC 428 72.03 -49.34 -104.11
C LYS OC 428 73.08 -50.30 -103.58
N GLN OC 429 73.98 -50.72 -104.46
CA GLN OC 429 75.00 -51.68 -104.05
C GLN OC 429 76.30 -51.36 -104.78
N GLY OC 430 77.33 -52.12 -104.46
CA GLY OC 430 78.65 -51.92 -105.02
C GLY OC 430 78.89 -52.78 -106.23
N GLN OC 431 79.91 -53.63 -106.17
CA GLN OC 431 80.28 -54.49 -107.28
C GLN OC 431 81.20 -55.57 -106.77
N TYR OC 432 80.89 -56.82 -107.11
CA TYR OC 432 81.66 -58.01 -106.73
C TYR OC 432 81.80 -58.13 -105.21
N ALA OC 433 80.78 -57.69 -104.48
CA ALA OC 433 80.69 -57.90 -103.04
C ALA OC 433 79.22 -58.14 -102.70
N PRO OC 434 78.73 -59.36 -102.87
CA PRO OC 434 77.32 -59.65 -102.62
C PRO OC 434 77.05 -60.12 -101.20
N MET OC 435 75.91 -59.68 -100.67
CA MET OC 435 75.56 -59.85 -99.26
C MET OC 435 75.06 -61.27 -99.00
N ALA OC 436 74.47 -61.47 -97.83
CA ALA OC 436 73.78 -62.70 -97.47
C ALA OC 436 72.33 -62.35 -97.20
N ILE OC 437 71.55 -63.33 -96.77
CA ILE OC 437 70.11 -63.05 -96.66
C ILE OC 437 69.77 -62.54 -95.27
N GLU OC 438 70.51 -62.96 -94.25
CA GLU OC 438 70.24 -62.49 -92.90
C GLU OC 438 70.95 -61.17 -92.65
N GLU OC 439 72.05 -60.91 -93.36
CA GLU OC 439 72.61 -59.57 -93.40
C GLU OC 439 71.71 -58.64 -94.21
N GLN OC 440 70.81 -59.19 -95.00
CA GLN OC 440 69.84 -58.38 -95.72
C GLN OC 440 68.61 -58.09 -94.86
N VAL OC 441 68.18 -59.05 -94.05
CA VAL OC 441 67.01 -58.87 -93.20
C VAL OC 441 67.29 -57.79 -92.14
N ALA OC 442 68.53 -57.73 -91.65
CA ALA OC 442 68.88 -56.74 -90.64
C ALA OC 442 68.85 -55.31 -91.19
N VAL OC 443 69.46 -55.10 -92.36
CA VAL OC 443 69.57 -53.74 -92.91
C VAL OC 443 68.22 -53.28 -93.46
N ILE OC 444 67.34 -54.22 -93.80
CA ILE OC 444 66.03 -53.85 -94.34
C ILE OC 444 65.06 -53.58 -93.20
N TYR OC 445 65.26 -54.28 -92.07
CA TYR OC 445 64.52 -54.02 -90.83
C TYR OC 445 64.65 -52.55 -90.40
N ALA OC 446 65.85 -52.01 -90.49
CA ALA OC 446 66.11 -50.67 -89.96
C ALA OC 446 65.56 -49.58 -90.88
N GLY OC 447 65.12 -49.95 -92.08
CA GLY OC 447 64.67 -48.93 -93.00
C GLY OC 447 63.18 -48.72 -92.95
N VAL OC 448 62.42 -49.82 -92.83
CA VAL OC 448 60.96 -49.76 -92.89
C VAL OC 448 60.34 -49.45 -91.54
N ARG OC 449 61.05 -49.72 -90.45
CA ARG OC 449 60.55 -49.50 -89.10
C ARG OC 449 60.81 -48.09 -88.60
N GLY OC 450 60.96 -47.12 -89.51
CA GLY OC 450 61.08 -45.74 -89.14
C GLY OC 450 62.40 -45.34 -88.50
N TYR OC 451 63.37 -46.23 -88.39
CA TYR OC 451 64.60 -45.97 -87.67
C TYR OC 451 65.64 -45.24 -88.50
N LEU OC 452 65.24 -44.56 -89.56
CA LEU OC 452 66.18 -43.83 -90.40
C LEU OC 452 65.67 -42.48 -90.86
N ASP OC 453 64.49 -42.05 -90.42
CA ASP OC 453 63.92 -40.79 -90.88
C ASP OC 453 64.55 -39.57 -90.27
N LYS OC 454 65.44 -39.74 -89.28
CA LYS OC 454 66.16 -38.64 -88.65
C LYS OC 454 67.60 -38.54 -89.13
N LEU OC 455 67.98 -39.34 -90.11
CA LEU OC 455 69.27 -39.21 -90.77
C LEU OC 455 69.17 -38.15 -91.86
N GLU OC 456 70.18 -38.11 -92.69
CA GLU OC 456 70.17 -37.42 -93.96
C GLU OC 456 70.38 -38.45 -95.06
N PRO OC 457 69.75 -38.28 -96.24
CA PRO OC 457 69.88 -39.31 -97.27
C PRO OC 457 71.26 -39.40 -97.88
N SER OC 458 72.09 -38.37 -97.73
CA SER OC 458 73.47 -38.42 -98.17
C SER OC 458 74.40 -39.12 -97.19
N LYS OC 459 73.84 -39.80 -96.18
CA LYS OC 459 74.63 -40.51 -95.18
C LYS OC 459 74.19 -41.95 -94.98
N ILE OC 460 73.25 -42.45 -95.77
CA ILE OC 460 72.70 -43.78 -95.53
C ILE OC 460 73.63 -44.84 -96.11
N THR OC 461 74.28 -44.53 -97.23
CA THR OC 461 75.31 -45.41 -97.77
C THR OC 461 76.51 -45.49 -96.84
N LYS OC 462 76.75 -44.43 -96.07
CA LYS OC 462 77.78 -44.47 -95.03
C LYS OC 462 77.26 -45.17 -93.78
N PHE OC 463 75.96 -45.05 -93.53
CA PHE OC 463 75.33 -45.70 -92.37
C PHE OC 463 75.33 -47.21 -92.51
N GLU OC 464 75.33 -47.72 -93.75
CA GLU OC 464 75.12 -49.14 -93.99
C GLU OC 464 76.34 -49.96 -93.61
N ASN OC 465 77.53 -49.51 -94.02
CA ASN OC 465 78.72 -50.33 -93.82
C ASN OC 465 79.19 -50.28 -92.38
N ALA OC 466 78.94 -49.16 -91.70
CA ALA OC 466 79.22 -49.09 -90.27
C ALA OC 466 78.25 -49.94 -89.48
N PHE OC 467 76.99 -50.00 -89.92
CA PHE OC 467 76.02 -50.91 -89.32
C PHE OC 467 76.41 -52.36 -89.58
N LEU OC 468 76.80 -52.67 -90.82
CA LEU OC 468 76.97 -54.06 -91.19
C LEU OC 468 78.22 -54.64 -90.54
N SER OC 469 79.25 -53.82 -90.36
CA SER OC 469 80.47 -54.28 -89.69
C SER OC 469 80.23 -54.49 -88.21
N HIS OC 470 79.27 -53.75 -87.63
CA HIS OC 470 78.99 -53.88 -86.21
C HIS OC 470 78.24 -55.17 -85.91
N VAL OC 471 77.39 -55.63 -86.83
CA VAL OC 471 76.55 -56.78 -86.54
C VAL OC 471 77.30 -58.09 -86.80
N ILE OC 472 78.16 -58.12 -87.83
CA ILE OC 472 78.95 -59.32 -88.07
C ILE OC 472 79.98 -59.51 -86.97
N SER OC 473 80.51 -58.40 -86.44
CA SER OC 473 81.53 -58.50 -85.40
C SER OC 473 80.92 -58.79 -84.04
N GLN OC 474 80.01 -57.94 -83.57
CA GLN OC 474 79.47 -58.05 -82.21
C GLN OC 474 78.21 -58.89 -82.07
N HIS OC 475 77.52 -59.23 -83.16
CA HIS OC 475 76.21 -59.85 -83.05
C HIS OC 475 76.11 -61.09 -83.91
N GLN OC 476 77.09 -61.99 -83.83
CA GLN OC 476 77.12 -63.12 -84.75
C GLN OC 476 76.09 -64.17 -84.36
N ALA OC 477 75.75 -64.26 -83.08
CA ALA OC 477 74.79 -65.28 -82.66
C ALA OC 477 73.36 -64.78 -82.86
N LEU OC 478 73.20 -63.50 -83.15
CA LEU OC 478 71.90 -62.97 -83.52
C LEU OC 478 71.49 -63.43 -84.91
N LEU OC 479 72.36 -63.21 -85.89
CA LEU OC 479 72.06 -63.50 -87.29
C LEU OC 479 71.97 -64.99 -87.55
N GLY OC 480 72.52 -65.79 -86.66
CA GLY OC 480 72.46 -67.24 -86.85
C GLY OC 480 71.12 -67.83 -86.43
N LYS OC 481 70.29 -67.02 -85.77
CA LYS OC 481 68.95 -67.48 -85.43
C LYS OC 481 67.94 -67.05 -86.48
N ILE OC 482 68.32 -66.14 -87.37
CA ILE OC 482 67.46 -65.81 -88.50
C ILE OC 482 67.68 -66.82 -89.63
N ARG OC 483 68.93 -67.20 -89.86
CA ARG OC 483 69.25 -68.14 -90.92
C ARG OC 483 68.81 -69.56 -90.57
N ALA OC 484 68.86 -69.92 -89.29
CA ALA OC 484 68.48 -71.27 -88.91
C ALA OC 484 66.97 -71.41 -88.77
N ASP OC 485 66.34 -70.52 -88.00
CA ASP OC 485 64.91 -70.63 -87.76
C ASP OC 485 64.06 -70.12 -88.92
N GLY OC 486 64.68 -69.57 -89.94
CA GLY OC 486 63.91 -69.05 -91.06
C GLY OC 486 63.27 -67.71 -90.80
N LYS OC 487 62.35 -67.65 -89.85
CA LYS OC 487 61.55 -66.46 -89.60
C LYS OC 487 62.24 -65.52 -88.62
N ILE OC 488 61.74 -64.30 -88.58
CA ILE OC 488 62.11 -63.33 -87.56
C ILE OC 488 61.05 -63.41 -86.48
N SER OC 489 61.39 -64.08 -85.38
CA SER OC 489 60.43 -64.38 -84.33
C SER OC 489 60.17 -63.13 -83.50
N GLU OC 490 59.19 -63.21 -82.60
CA GLU OC 490 58.79 -62.06 -81.80
C GLU OC 490 59.83 -61.72 -80.73
N GLU OC 491 60.50 -62.71 -80.19
CA GLU OC 491 61.64 -62.43 -79.31
C GLU OC 491 62.85 -62.01 -80.13
N THR OC 492 62.93 -62.46 -81.39
CA THR OC 492 63.98 -61.97 -82.29
C THR OC 492 63.65 -60.57 -82.76
N ASP OC 493 62.36 -60.24 -82.83
CA ASP OC 493 61.96 -58.85 -83.05
C ASP OC 493 62.35 -57.99 -81.86
N ALA OC 494 62.39 -58.57 -80.66
CA ALA OC 494 62.72 -57.81 -79.47
C ALA OC 494 64.19 -57.42 -79.44
N LYS OC 495 65.09 -58.37 -79.73
CA LYS OC 495 66.53 -58.11 -79.62
C LYS OC 495 67.01 -57.09 -80.64
N LEU OC 496 66.40 -57.09 -81.84
CA LEU OC 496 66.81 -56.15 -82.88
C LEU OC 496 66.34 -54.74 -82.58
N LYS OC 497 65.36 -54.60 -81.69
CA LYS OC 497 64.78 -53.29 -81.43
C LYS OC 497 65.77 -52.39 -80.69
N GLU OC 498 66.65 -52.98 -79.90
CA GLU OC 498 67.64 -52.19 -79.18
C GLU OC 498 68.84 -51.88 -80.06
N ILE OC 499 69.29 -52.87 -80.85
CA ILE OC 499 70.57 -52.82 -81.56
C ILE OC 499 70.60 -51.68 -82.56
N VAL OC 500 69.49 -51.46 -83.26
CA VAL OC 500 69.40 -50.34 -84.19
C VAL OC 500 69.37 -49.02 -83.44
N THR OC 501 68.69 -48.99 -82.29
CA THR OC 501 68.57 -47.75 -81.52
C THR OC 501 69.81 -47.48 -80.68
N ASN OC 502 70.47 -48.54 -80.21
CA ASN OC 502 71.76 -48.35 -79.53
C ASN OC 502 72.82 -47.85 -80.49
N PHE OC 503 72.79 -48.33 -81.73
CA PHE OC 503 73.75 -47.87 -82.73
C PHE OC 503 73.37 -46.48 -83.22
N LEU OC 504 72.08 -46.17 -83.31
CA LEU OC 504 71.66 -44.85 -83.74
C LEU OC 504 71.95 -43.81 -82.67
N ALA OC 505 72.02 -44.24 -81.40
CA ALA OC 505 72.38 -43.33 -80.32
C ALA OC 505 73.84 -42.90 -80.45
N GLY OC 506 74.70 -43.78 -80.95
CA GLY OC 506 76.09 -43.43 -81.12
C GLY OC 506 76.64 -43.62 -82.52
N PHE OC 507 75.84 -43.33 -83.55
CA PHE OC 507 76.36 -43.46 -84.91
C PHE OC 507 77.20 -42.25 -85.29
N GLU OC 508 76.57 -41.08 -85.36
CA GLU OC 508 77.27 -39.85 -85.69
C GLU OC 508 77.57 -39.12 -84.39
N ALA OC 509 78.85 -38.98 -84.07
CA ALA OC 509 79.26 -38.32 -82.85
C ALA OC 509 80.62 -37.65 -83.04
N ALA PC 1 51.40 -97.67 -151.40
CA ALA PC 1 52.37 -97.34 -152.43
C ALA PC 1 53.58 -96.67 -151.82
N THR PC 2 54.69 -97.41 -151.76
CA THR PC 2 55.85 -96.96 -150.99
C THR PC 2 56.69 -95.99 -151.80
N GLY PC 3 56.87 -94.79 -151.25
CA GLY PC 3 57.76 -93.80 -151.85
C GLY PC 3 59.17 -93.88 -151.29
N ARG PC 4 59.95 -92.84 -151.59
CA ARG PC 4 61.33 -92.73 -151.12
C ARG PC 4 61.65 -91.26 -150.91
N ILE PC 5 62.47 -90.97 -149.90
CA ILE PC 5 62.81 -89.60 -149.51
C ILE PC 5 63.90 -89.06 -150.43
N VAL PC 6 63.82 -87.79 -150.83
CA VAL PC 6 64.91 -87.23 -151.64
C VAL PC 6 65.55 -85.96 -151.07
N ALA PC 7 64.83 -85.14 -150.31
CA ALA PC 7 65.34 -83.81 -150.01
C ALA PC 7 64.78 -83.28 -148.69
N VAL PC 8 65.57 -83.36 -147.62
CA VAL PC 8 65.17 -82.94 -146.28
C VAL PC 8 65.78 -81.57 -146.01
N ILE PC 9 65.07 -80.49 -146.30
CA ILE PC 9 65.64 -79.14 -146.14
C ILE PC 9 64.81 -78.43 -145.06
N GLY PC 10 65.27 -78.53 -143.83
CA GLY PC 10 64.55 -77.96 -142.70
C GLY PC 10 63.58 -78.97 -142.11
N ALA PC 11 62.31 -78.61 -142.04
CA ALA PC 11 61.24 -79.53 -141.67
C ALA PC 11 60.30 -79.80 -142.84
N VAL PC 12 60.82 -79.84 -144.06
CA VAL PC 12 60.03 -80.01 -145.28
C VAL PC 12 60.68 -81.13 -146.09
N VAL PC 13 60.13 -82.33 -146.00
CA VAL PC 13 60.65 -83.52 -146.67
C VAL PC 13 59.88 -83.74 -147.96
N ASP PC 14 60.59 -84.08 -149.03
CA ASP PC 14 59.98 -84.40 -150.32
C ASP PC 14 60.17 -85.88 -150.60
N VAL PC 15 59.10 -86.56 -151.02
CA VAL PC 15 59.07 -88.00 -151.21
C VAL PC 15 58.79 -88.27 -152.70
N GLN PC 16 59.19 -89.44 -153.20
CA GLN PC 16 58.98 -89.80 -154.60
C GLN PC 16 58.37 -91.19 -154.72
N PHE PC 17 57.20 -91.27 -155.36
CA PHE PC 17 56.39 -92.49 -155.38
C PHE PC 17 56.54 -93.24 -156.69
N ASP PC 18 56.73 -94.56 -156.61
CA ASP PC 18 56.85 -95.35 -157.82
C ASP PC 18 55.50 -95.65 -158.45
N GLU PC 19 54.50 -96.03 -157.65
CA GLU PC 19 53.24 -96.54 -158.19
C GLU PC 19 52.07 -95.58 -157.99
N GLY PC 20 51.76 -95.22 -156.75
CA GLY PC 20 50.52 -94.52 -156.50
C GLY PC 20 50.65 -93.20 -155.78
N LEU PC 21 50.29 -92.14 -156.47
CA LEU PC 21 50.38 -90.82 -155.90
C LEU PC 21 49.23 -90.60 -154.92
N PRO PC 22 49.51 -90.14 -153.70
CA PRO PC 22 48.43 -89.85 -152.76
C PRO PC 22 47.92 -88.42 -152.92
N PRO PC 23 46.67 -88.16 -152.55
CA PRO PC 23 46.13 -86.81 -152.69
C PRO PC 23 46.73 -85.80 -151.74
N ILE PC 24 46.32 -84.55 -151.86
CA ILE PC 24 46.70 -83.55 -150.88
C ILE PC 24 46.00 -83.88 -149.56
N LEU PC 25 46.65 -83.52 -148.45
CA LEU PC 25 46.18 -83.76 -147.07
C LEU PC 25 46.00 -85.26 -146.82
N ASN PC 26 47.13 -85.94 -146.74
CA ASN PC 26 47.16 -87.33 -146.28
C ASN PC 26 48.15 -87.49 -145.14
N ALA PC 27 48.49 -88.73 -144.80
CA ALA PC 27 49.49 -88.99 -143.79
C ALA PC 27 50.44 -90.06 -144.30
N LEU PC 28 51.72 -89.90 -143.99
CA LEU PC 28 52.77 -90.80 -144.46
C LEU PC 28 53.61 -91.25 -143.27
N GLU PC 29 54.10 -92.49 -143.33
CA GLU PC 29 54.73 -93.14 -142.19
C GLU PC 29 56.16 -93.50 -142.55
N VAL PC 30 57.12 -92.77 -142.00
CA VAL PC 30 58.53 -93.02 -142.28
C VAL PC 30 58.99 -94.25 -141.52
N GLN PC 31 59.55 -95.22 -142.25
CA GLN PC 31 59.92 -96.50 -141.66
C GLN PC 31 61.23 -96.40 -140.88
N GLY PC 32 61.53 -97.46 -140.14
CA GLY PC 32 62.83 -97.65 -139.56
C GLY PC 32 63.20 -96.74 -138.42
N ARG PC 33 62.24 -96.05 -137.82
CA ARG PC 33 62.49 -95.18 -136.67
C ARG PC 33 61.79 -95.74 -135.45
N GLU PC 34 62.41 -95.58 -134.29
CA GLU PC 34 61.82 -96.10 -133.07
C GLU PC 34 60.67 -95.24 -132.56
N THR PC 35 60.54 -94.01 -133.06
CA THR PC 35 59.41 -93.16 -132.75
C THR PC 35 58.54 -93.03 -133.99
N ARG PC 36 57.35 -92.50 -133.83
CA ARG PC 36 56.38 -92.42 -134.93
C ARG PC 36 56.45 -91.02 -135.51
N LEU PC 37 56.96 -90.92 -136.73
CA LEU PC 37 57.06 -89.65 -137.45
C LEU PC 37 56.06 -89.68 -138.60
N VAL PC 38 55.19 -88.68 -138.65
CA VAL PC 38 54.07 -88.63 -139.57
C VAL PC 38 54.25 -87.41 -140.45
N LEU PC 39 54.14 -87.60 -141.76
CA LEU PC 39 54.33 -86.54 -142.74
C LEU PC 39 53.01 -86.35 -143.50
N GLU PC 40 52.61 -85.11 -143.70
CA GLU PC 40 51.33 -84.83 -144.36
C GLU PC 40 51.55 -84.16 -145.71
N VAL PC 41 50.90 -84.70 -146.74
CA VAL PC 41 51.14 -84.28 -148.12
C VAL PC 41 50.54 -82.89 -148.34
N ALA PC 42 51.26 -82.04 -149.06
CA ALA PC 42 50.80 -80.67 -149.26
C ALA PC 42 50.86 -80.18 -150.69
N GLN PC 43 51.69 -80.77 -151.57
CA GLN PC 43 51.82 -80.29 -152.94
C GLN PC 43 52.20 -81.46 -153.83
N HIS PC 44 51.93 -81.32 -155.12
CA HIS PC 44 52.28 -82.30 -156.14
C HIS PC 44 53.18 -81.60 -157.15
N LEU PC 45 54.38 -82.14 -157.37
CA LEU PC 45 55.41 -81.38 -158.04
C LEU PC 45 55.64 -81.78 -159.49
N GLY PC 46 55.33 -83.00 -159.87
CA GLY PC 46 55.70 -83.47 -161.19
C GLY PC 46 56.74 -84.56 -161.06
N GLU PC 47 56.66 -85.54 -161.97
CA GLU PC 47 57.46 -86.78 -161.96
C GLU PC 47 57.28 -87.51 -160.61
N SER PC 48 56.04 -87.51 -160.13
CA SER PC 48 55.58 -88.34 -159.00
C SER PC 48 56.29 -88.02 -157.69
N THR PC 49 56.67 -86.77 -157.49
CA THR PC 49 57.22 -86.34 -156.21
C THR PC 49 56.25 -85.38 -155.54
N VAL PC 50 56.04 -85.58 -154.24
CA VAL PC 50 55.19 -84.73 -153.43
C VAL PC 50 56.06 -83.94 -152.45
N ARG PC 51 55.46 -82.93 -151.83
CA ARG PC 51 56.16 -82.10 -150.85
C ARG PC 51 55.38 -82.14 -149.54
N THR PC 52 55.93 -82.82 -148.55
CA THR PC 52 55.26 -83.05 -147.28
C THR PC 52 55.75 -82.09 -146.21
N ILE PC 53 55.30 -82.30 -144.98
CA ILE PC 53 55.74 -81.57 -143.79
C ILE PC 53 55.80 -82.57 -142.64
N ALA PC 54 56.94 -82.64 -141.96
CA ALA PC 54 57.08 -83.57 -140.84
C ALA PC 54 56.29 -83.09 -139.63
N MET PC 55 55.99 -84.02 -138.73
CA MET PC 55 55.35 -83.70 -137.46
C MET PC 55 56.27 -83.92 -136.26
N ASP PC 56 57.56 -84.14 -136.48
CA ASP PC 56 58.50 -84.41 -135.41
C ASP PC 56 59.87 -83.91 -135.85
N GLY PC 57 60.92 -84.43 -135.23
CA GLY PC 57 62.27 -84.04 -135.57
C GLY PC 57 62.79 -84.75 -136.81
N THR PC 58 63.48 -83.98 -137.65
CA THR PC 58 64.01 -84.43 -138.92
C THR PC 58 65.47 -84.88 -138.84
N GLU PC 59 66.00 -85.05 -137.65
CA GLU PC 59 67.32 -85.66 -137.50
C GLU PC 59 67.28 -87.13 -137.91
N GLY PC 60 68.39 -87.60 -138.48
CA GLY PC 60 68.51 -89.01 -138.80
C GLY PC 60 67.74 -89.47 -140.02
N LEU PC 61 67.40 -88.55 -140.92
CA LEU PC 61 66.67 -88.86 -142.14
C LEU PC 61 67.66 -89.01 -143.29
N VAL PC 62 68.01 -90.25 -143.61
CA VAL PC 62 68.90 -90.57 -144.72
C VAL PC 62 68.07 -90.69 -146.00
N ARG PC 63 68.53 -90.06 -147.08
CA ARG PC 63 67.86 -90.13 -148.38
C ARG PC 63 67.73 -91.56 -148.87
N GLY PC 64 66.68 -91.83 -149.63
CA GLY PC 64 66.41 -93.18 -150.07
C GLY PC 64 65.69 -94.04 -149.05
N GLN PC 65 64.90 -93.43 -148.18
CA GLN PC 65 64.22 -94.14 -147.10
C GLN PC 65 62.75 -94.32 -147.44
N LYS PC 66 62.23 -95.51 -147.17
CA LYS PC 66 60.88 -95.87 -147.57
C LYS PC 66 59.84 -95.09 -146.78
N VAL PC 67 58.68 -94.91 -147.40
CA VAL PC 67 57.58 -94.13 -146.86
C VAL PC 67 56.28 -94.84 -147.22
N LEU PC 68 55.51 -95.25 -146.23
CA LEU PC 68 54.27 -95.98 -146.48
C LEU PC 68 53.13 -94.98 -146.68
N ASP PC 69 51.90 -95.48 -146.79
CA ASP PC 69 50.75 -94.60 -146.93
C ASP PC 69 49.52 -95.27 -146.34
N SER PC 70 48.72 -94.48 -145.63
CA SER PC 70 47.58 -95.00 -144.88
C SER PC 70 46.26 -94.92 -145.64
N GLY PC 71 46.08 -93.92 -146.50
CA GLY PC 71 44.89 -93.81 -147.30
C GLY PC 71 43.91 -92.77 -146.86
N ALA PC 72 44.27 -91.91 -145.93
CA ALA PC 72 43.35 -90.96 -145.34
C ALA PC 72 44.16 -89.91 -144.62
N PRO PC 73 43.54 -88.80 -144.19
CA PRO PC 73 44.24 -87.90 -143.27
C PRO PC 73 44.47 -88.51 -141.88
N ILE PC 74 44.96 -87.71 -140.94
CA ILE PC 74 45.36 -88.23 -139.63
C ILE PC 74 44.12 -88.64 -138.84
N LYS PC 75 44.12 -89.85 -138.30
CA LYS PC 75 42.97 -90.44 -137.64
C LYS PC 75 43.25 -90.54 -136.14
N ILE PC 76 42.58 -89.68 -135.37
CA ILE PC 76 42.75 -89.57 -133.92
C ILE PC 76 41.72 -90.47 -133.22
N PRO PC 77 41.86 -90.75 -131.93
CA PRO PC 77 40.72 -91.31 -131.19
C PRO PC 77 39.74 -90.21 -130.80
N VAL PC 78 38.50 -90.62 -130.59
CA VAL PC 78 37.42 -89.71 -130.20
C VAL PC 78 36.36 -90.54 -129.49
N GLY PC 79 35.46 -89.86 -128.77
CA GLY PC 79 34.36 -90.53 -128.12
C GLY PC 79 34.11 -90.03 -126.71
N PRO PC 80 33.50 -90.86 -125.87
CA PRO PC 80 33.33 -90.47 -124.46
C PRO PC 80 34.52 -90.85 -123.60
N GLU PC 81 35.31 -91.83 -124.00
CA GLU PC 81 36.42 -92.31 -123.18
C GLU PC 81 37.67 -91.47 -123.31
N THR PC 82 37.59 -90.29 -123.93
CA THR PC 82 38.72 -89.40 -124.05
C THR PC 82 38.71 -88.32 -122.99
N LEU PC 83 37.97 -88.52 -121.91
CA LEU PC 83 37.80 -87.50 -120.88
C LEU PC 83 38.78 -87.71 -119.73
N GLY PC 84 39.33 -86.61 -119.22
CA GLY PC 84 40.36 -86.71 -118.21
C GLY PC 84 41.66 -87.25 -118.74
N ARG PC 85 41.98 -86.96 -120.00
CA ARG PC 85 43.18 -87.44 -120.67
C ARG PC 85 43.91 -86.25 -121.28
N ILE PC 86 45.19 -86.47 -121.57
CA ILE PC 86 46.00 -85.53 -122.34
C ILE PC 86 46.42 -86.22 -123.61
N MET PC 87 46.31 -85.53 -124.74
CA MET PC 87 46.55 -86.19 -126.03
C MET PC 87 47.45 -85.37 -126.93
N ASN PC 88 48.17 -86.10 -127.79
CA ASN PC 88 49.12 -85.63 -128.77
C ASN PC 88 48.41 -85.08 -130.01
N VAL PC 89 49.19 -84.56 -130.96
CA VAL PC 89 48.61 -84.03 -132.19
C VAL PC 89 48.07 -85.14 -133.09
N ILE PC 90 48.72 -86.30 -133.09
CA ILE PC 90 48.31 -87.41 -133.94
C ILE PC 90 47.48 -88.37 -133.11
N GLY PC 91 46.97 -87.90 -131.98
CA GLY PC 91 46.12 -88.70 -131.13
C GLY PC 91 46.82 -89.83 -130.41
N GLU PC 92 47.67 -89.49 -129.45
CA GLU PC 92 48.38 -90.46 -128.64
C GLU PC 92 48.37 -89.99 -127.18
N PRO PC 93 48.54 -90.90 -126.22
CA PRO PC 93 48.67 -90.46 -124.82
C PRO PC 93 50.03 -89.84 -124.51
N ILE PC 94 50.06 -88.73 -123.78
CA ILE PC 94 51.31 -88.16 -123.29
C ILE PC 94 51.35 -88.04 -121.77
N ASP PC 95 50.47 -88.73 -121.04
CA ASP PC 95 50.42 -88.58 -119.60
C ASP PC 95 50.82 -89.84 -118.85
N GLU PC 96 51.19 -90.90 -119.57
CA GLU PC 96 51.68 -92.17 -119.02
C GLU PC 96 50.62 -92.83 -118.13
N ARG PC 97 49.41 -92.96 -118.66
CA ARG PC 97 48.33 -93.68 -118.01
C ARG PC 97 47.92 -94.91 -118.80
N GLY PC 98 48.54 -95.17 -119.94
CA GLY PC 98 48.11 -96.22 -120.83
C GLY PC 98 47.43 -95.69 -122.08
N PRO PC 99 46.88 -96.57 -122.90
CA PRO PC 99 46.32 -96.14 -124.18
C PRO PC 99 44.89 -95.65 -124.05
N ILE PC 100 44.41 -95.02 -125.12
CA ILE PC 100 43.03 -94.58 -125.23
C ILE PC 100 42.25 -95.67 -125.94
N LYS PC 101 41.30 -96.29 -125.24
CA LYS PC 101 40.51 -97.39 -125.75
C LYS PC 101 39.15 -96.87 -126.21
N THR PC 102 39.08 -96.45 -127.47
CA THR PC 102 37.83 -95.96 -128.05
C THR PC 102 37.49 -96.81 -129.26
N LYS PC 103 36.24 -96.70 -129.70
CA LYS PC 103 35.73 -97.48 -130.81
C LYS PC 103 35.37 -96.61 -132.01
N GLN PC 104 35.84 -95.38 -132.06
CA GLN PC 104 35.47 -94.47 -133.13
C GLN PC 104 36.62 -93.51 -133.37
N PHE PC 105 37.03 -93.37 -134.62
CA PHE PC 105 38.10 -92.46 -135.00
C PHE PC 105 37.54 -91.38 -135.92
N ALA PC 106 38.13 -90.20 -135.86
CA ALA PC 106 37.68 -89.08 -136.68
C ALA PC 106 38.88 -88.46 -137.36
N ALA PC 107 38.87 -88.47 -138.69
CA ALA PC 107 39.93 -87.82 -139.45
C ALA PC 107 39.79 -86.31 -139.36
N ILE PC 108 40.91 -85.62 -139.10
CA ILE PC 108 40.85 -84.25 -138.61
C ILE PC 108 40.54 -83.22 -139.66
N HIS PC 109 40.27 -83.63 -140.89
CA HIS PC 109 39.99 -82.70 -141.98
C HIS PC 109 38.53 -82.89 -142.41
N ALA PC 110 37.68 -81.95 -141.98
CA ALA PC 110 36.29 -81.93 -142.33
C ALA PC 110 35.93 -80.54 -142.85
N GLU PC 111 34.71 -80.39 -143.31
CA GLU PC 111 34.25 -79.18 -143.96
C GLU PC 111 33.26 -78.42 -143.10
N ALA PC 112 33.16 -77.13 -143.35
CA ALA PC 112 32.32 -76.28 -142.54
C ALA PC 112 30.84 -76.57 -142.83
N PRO PC 113 29.99 -76.67 -141.81
CA PRO PC 113 28.58 -77.00 -142.04
C PRO PC 113 27.88 -75.86 -142.75
N GLU PC 114 26.82 -76.19 -143.48
CA GLU PC 114 26.32 -75.31 -144.53
C GLU PC 114 25.51 -74.17 -143.96
N PHE PC 115 24.87 -73.41 -144.84
CA PHE PC 115 24.08 -72.26 -144.42
C PHE PC 115 22.78 -72.67 -143.77
N MET PC 116 22.23 -73.83 -144.18
CA MET PC 116 20.94 -74.29 -143.69
C MET PC 116 21.06 -75.14 -142.44
N GLU PC 117 22.18 -75.06 -141.74
CA GLU PC 117 22.40 -75.71 -140.46
C GLU PC 117 22.93 -74.70 -139.46
N MET PC 118 22.28 -73.55 -139.36
CA MET PC 118 22.76 -72.46 -138.52
C MET PC 118 21.69 -72.07 -137.52
N SER PC 119 21.92 -72.43 -136.25
CA SER PC 119 21.08 -71.93 -135.17
C SER PC 119 21.28 -70.43 -135.01
N VAL PC 120 20.18 -69.72 -134.79
CA VAL PC 120 20.16 -68.27 -134.89
C VAL PC 120 19.98 -67.60 -133.52
N GLU PC 121 19.59 -68.36 -132.50
CA GLU PC 121 19.16 -67.77 -131.23
C GLU PC 121 20.33 -67.25 -130.41
N GLN PC 122 20.08 -66.16 -129.70
CA GLN PC 122 21.01 -65.60 -128.73
C GLN PC 122 20.42 -65.74 -127.32
N GLU PC 123 21.31 -65.72 -126.34
CA GLU PC 123 20.97 -65.93 -124.93
C GLU PC 123 21.77 -64.92 -124.13
N ILE PC 124 21.96 -65.18 -122.84
CA ILE PC 124 23.01 -64.54 -122.07
C ILE PC 124 23.73 -65.61 -121.27
N LEU PC 125 24.92 -65.27 -120.78
CA LEU PC 125 25.74 -66.16 -119.97
C LEU PC 125 26.37 -65.33 -118.88
N VAL PC 126 26.22 -65.76 -117.62
CA VAL PC 126 26.76 -65.04 -116.48
C VAL PC 126 27.93 -65.83 -115.91
N THR PC 127 29.09 -65.17 -115.87
CA THR PC 127 30.34 -65.74 -115.40
C THR PC 127 30.71 -65.29 -114.00
N GLY PC 128 30.31 -64.09 -113.61
CA GLY PC 128 30.55 -63.58 -112.27
C GLY PC 128 31.42 -62.34 -112.21
N ILE PC 129 31.89 -61.82 -113.33
CA ILE PC 129 32.88 -60.75 -113.36
C ILE PC 129 32.18 -59.46 -113.74
N LYS PC 130 32.55 -58.37 -113.08
CA LYS PC 130 31.81 -57.13 -113.26
C LYS PC 130 32.16 -56.36 -114.53
N VAL PC 131 33.13 -56.81 -115.32
CA VAL PC 131 33.42 -56.20 -116.61
C VAL PC 131 32.91 -57.05 -117.77
N VAL PC 132 33.00 -58.38 -117.63
CA VAL PC 132 32.39 -59.29 -118.59
C VAL PC 132 30.87 -59.14 -118.55
N ASP PC 133 30.26 -59.34 -117.37
CA ASP PC 133 28.80 -59.36 -117.28
C ASP PC 133 28.18 -57.99 -117.43
N LEU PC 134 28.92 -56.92 -117.22
CA LEU PC 134 28.28 -55.63 -117.40
C LEU PC 134 28.49 -55.07 -118.81
N LEU PC 135 29.71 -55.20 -119.37
CA LEU PC 135 30.08 -54.40 -120.52
C LEU PC 135 30.26 -55.18 -121.81
N ALA PC 136 30.54 -56.47 -121.75
CA ALA PC 136 30.74 -57.29 -122.94
C ALA PC 136 30.20 -58.69 -122.70
N PRO PC 137 28.88 -58.82 -122.53
CA PRO PC 137 28.33 -60.06 -121.99
C PRO PC 137 28.42 -61.20 -122.98
N TYR PC 138 28.54 -62.40 -122.44
CA TYR PC 138 28.78 -63.58 -123.24
C TYR PC 138 27.46 -64.08 -123.81
N ALA PC 139 27.45 -65.24 -124.43
CA ALA PC 139 26.22 -65.81 -124.96
C ALA PC 139 26.36 -67.31 -124.99
N LYS PC 140 25.27 -68.01 -124.70
CA LYS PC 140 25.28 -69.47 -124.64
C LYS PC 140 25.39 -70.01 -126.06
N GLY PC 141 26.60 -70.41 -126.45
CA GLY PC 141 26.85 -70.86 -127.80
C GLY PC 141 27.65 -69.89 -128.65
N GLY PC 142 27.97 -68.71 -128.14
CA GLY PC 142 28.70 -67.71 -128.90
C GLY PC 142 30.16 -68.07 -129.03
N LYS PC 143 30.93 -67.10 -129.51
CA LYS PC 143 32.38 -67.24 -129.66
C LYS PC 143 33.07 -66.06 -129.01
N ILE PC 144 34.10 -66.34 -128.20
CA ILE PC 144 34.68 -65.39 -127.25
C ILE PC 144 36.19 -65.39 -127.41
N GLY PC 145 36.77 -64.22 -127.62
CA GLY PC 145 38.21 -64.08 -127.79
C GLY PC 145 38.82 -63.12 -126.80
N LEU PC 146 39.96 -63.51 -126.24
CA LEU PC 146 40.66 -62.79 -125.16
C LEU PC 146 41.96 -62.22 -125.73
N PHE PC 147 41.99 -60.92 -125.99
CA PHE PC 147 43.13 -60.32 -126.66
C PHE PC 147 44.15 -59.83 -125.64
N GLY PC 148 45.09 -59.01 -126.08
CA GLY PC 148 46.04 -58.40 -125.19
C GLY PC 148 47.43 -58.98 -125.31
N GLY PC 149 48.42 -58.21 -124.86
CA GLY PC 149 49.82 -58.51 -125.08
C GLY PC 149 50.39 -59.62 -124.24
N ALA PC 150 51.65 -59.50 -123.81
CA ALA PC 150 52.30 -60.54 -123.03
C ALA PC 150 52.43 -60.08 -121.59
N GLY PC 151 51.94 -60.88 -120.65
CA GLY PC 151 51.99 -60.55 -119.25
C GLY PC 151 50.87 -59.67 -118.74
N VAL PC 152 49.71 -59.67 -119.38
CA VAL PC 152 48.60 -58.83 -118.96
C VAL PC 152 47.48 -59.61 -118.27
N GLY PC 153 47.53 -60.93 -118.26
CA GLY PC 153 46.48 -61.62 -117.53
C GLY PC 153 45.58 -62.56 -118.31
N LYS PC 154 46.10 -63.22 -119.34
CA LYS PC 154 45.27 -64.08 -120.16
C LYS PC 154 45.25 -65.53 -119.73
N THR PC 155 46.28 -66.01 -119.05
CA THR PC 155 46.21 -67.37 -118.54
C THR PC 155 45.48 -67.41 -117.19
N VAL PC 156 45.35 -66.27 -116.53
CA VAL PC 156 44.58 -66.16 -115.30
C VAL PC 156 43.10 -65.98 -115.59
N LEU PC 157 42.75 -65.06 -116.49
CA LEU PC 157 41.36 -64.85 -116.88
C LEU PC 157 40.77 -66.05 -117.60
N ILE PC 158 41.60 -66.92 -118.19
CA ILE PC 158 41.06 -68.11 -118.81
C ILE PC 158 41.03 -69.29 -117.86
N MET PC 159 41.81 -69.26 -116.77
CA MET PC 159 41.74 -70.30 -115.76
C MET PC 159 40.79 -69.95 -114.64
N GLU PC 160 40.30 -68.73 -114.61
CA GLU PC 160 39.25 -68.34 -113.68
C GLU PC 160 37.88 -68.69 -114.25
N LEU PC 161 37.70 -68.51 -115.55
CA LEU PC 161 36.45 -68.93 -116.20
C LEU PC 161 36.32 -70.45 -116.25
N ILE PC 162 37.43 -71.18 -116.24
CA ILE PC 162 37.36 -72.62 -116.08
C ILE PC 162 36.83 -72.98 -114.68
N ASN PC 163 37.17 -72.16 -113.69
CA ASN PC 163 36.63 -72.37 -112.36
C ASN PC 163 35.16 -71.99 -112.27
N ASN PC 164 34.82 -70.81 -112.79
CA ASN PC 164 33.48 -70.26 -112.66
C ASN PC 164 32.46 -71.09 -113.44
N VAL PC 165 32.65 -71.21 -114.75
CA VAL PC 165 31.64 -71.81 -115.61
C VAL PC 165 31.80 -73.32 -115.68
N ALA PC 166 33.02 -73.82 -115.91
CA ALA PC 166 33.22 -75.21 -116.27
C ALA PC 166 33.22 -76.17 -115.08
N LYS PC 167 32.70 -75.78 -113.94
CA LYS PC 167 32.37 -76.70 -112.85
C LYS PC 167 30.88 -76.75 -112.56
N ALA PC 168 30.18 -75.62 -112.74
CA ALA PC 168 28.75 -75.51 -112.58
C ALA PC 168 28.00 -75.77 -113.89
N HIS PC 169 28.56 -76.62 -114.76
CA HIS PC 169 28.06 -76.84 -116.10
C HIS PC 169 27.71 -78.32 -116.25
N GLY PC 170 26.65 -78.58 -117.02
CA GLY PC 170 26.25 -79.96 -117.25
C GLY PC 170 26.98 -80.61 -118.40
N GLY PC 171 27.37 -79.80 -119.38
CA GLY PC 171 28.08 -80.29 -120.55
C GLY PC 171 29.58 -80.32 -120.35
N TYR PC 172 30.28 -80.68 -121.42
CA TYR PC 172 31.68 -81.03 -121.32
C TYR PC 172 32.57 -79.90 -121.82
N SER PC 173 33.87 -80.07 -121.63
CA SER PC 173 34.85 -79.05 -121.96
C SER PC 173 36.11 -79.70 -122.52
N VAL PC 174 36.83 -78.94 -123.34
CA VAL PC 174 38.08 -79.38 -123.95
C VAL PC 174 39.08 -78.23 -123.87
N PHE PC 175 40.28 -78.51 -123.37
CA PHE PC 175 41.38 -77.55 -123.37
C PHE PC 175 42.44 -78.01 -124.37
N ALA PC 176 42.64 -77.22 -125.41
CA ALA PC 176 43.65 -77.49 -126.44
C ALA PC 176 44.78 -76.50 -126.29
N GLY PC 177 45.97 -77.02 -125.99
CA GLY PC 177 47.13 -76.16 -125.82
C GLY PC 177 47.98 -76.09 -127.06
N VAL PC 178 47.85 -75.00 -127.80
CA VAL PC 178 48.52 -74.82 -129.08
C VAL PC 178 49.76 -73.99 -128.80
N GLY PC 179 50.85 -74.66 -128.46
CA GLY PC 179 52.13 -73.98 -128.34
C GLY PC 179 52.29 -72.97 -127.23
N GLU PC 180 52.35 -73.40 -125.97
CA GLU PC 180 52.59 -72.48 -124.86
C GLU PC 180 53.58 -73.14 -123.90
N ARG PC 181 53.79 -72.53 -122.73
CA ARG PC 181 54.85 -72.96 -121.83
C ARG PC 181 54.49 -74.28 -121.17
N THR PC 182 55.43 -75.23 -121.17
CA THR PC 182 55.14 -76.55 -120.62
C THR PC 182 55.03 -76.52 -119.10
N ARG PC 183 55.55 -75.46 -118.48
CA ARG PC 183 55.30 -75.19 -117.07
C ARG PC 183 53.81 -74.98 -116.82
N GLU PC 184 53.18 -74.08 -117.60
CA GLU PC 184 51.77 -73.75 -117.44
C GLU PC 184 50.85 -74.89 -117.84
N GLY PC 185 51.35 -75.90 -118.52
CA GLY PC 185 50.60 -77.09 -118.81
C GLY PC 185 50.78 -78.17 -117.76
N ASN PC 186 51.47 -77.86 -116.66
CA ASN PC 186 51.53 -78.74 -115.50
C ASN PC 186 50.69 -78.23 -114.34
N ASP PC 187 50.41 -76.93 -114.28
CA ASP PC 187 49.53 -76.41 -113.26
C ASP PC 187 48.10 -76.87 -113.49
N LEU PC 188 47.56 -76.61 -114.68
CA LEU PC 188 46.17 -76.91 -115.00
C LEU PC 188 45.92 -78.42 -115.06
N TYR PC 189 46.95 -79.24 -115.22
CA TYR PC 189 46.73 -80.66 -114.98
C TYR PC 189 46.60 -80.97 -113.50
N HIS PC 190 47.20 -80.16 -112.63
CA HIS PC 190 47.16 -80.44 -111.20
C HIS PC 190 46.23 -79.49 -110.46
N GLU PC 191 45.88 -78.36 -111.06
CA GLU PC 191 44.86 -77.48 -110.51
C GLU PC 191 43.47 -78.09 -110.60
N MET PC 192 43.29 -79.10 -111.45
CA MET PC 192 41.99 -79.71 -111.66
C MET PC 192 41.97 -81.17 -111.28
N ILE PC 193 43.03 -81.71 -110.68
CA ILE PC 193 42.91 -83.01 -110.03
C ILE PC 193 42.36 -82.86 -108.62
N GLU PC 194 42.84 -81.85 -107.89
CA GLU PC 194 42.31 -81.59 -106.56
C GLU PC 194 40.95 -80.92 -106.58
N SER PC 195 40.54 -80.33 -107.70
CA SER PC 195 39.25 -79.65 -107.80
C SER PC 195 38.17 -80.52 -108.44
N GLY PC 196 38.40 -81.82 -108.57
CA GLY PC 196 37.36 -82.75 -108.95
C GLY PC 196 37.01 -82.82 -110.43
N VAL PC 197 37.56 -81.93 -111.26
CA VAL PC 197 37.23 -81.97 -112.69
C VAL PC 197 37.93 -83.14 -113.39
N ILE PC 198 39.04 -83.62 -112.86
CA ILE PC 198 39.67 -84.84 -113.35
C ILE PC 198 39.73 -85.83 -112.20
N ASN PC 199 39.29 -87.05 -112.45
CA ASN PC 199 39.28 -88.10 -111.45
C ASN PC 199 40.06 -89.28 -112.00
N LEU PC 200 41.10 -89.69 -111.31
CA LEU PC 200 42.06 -90.62 -111.86
C LEU PC 200 41.73 -92.07 -111.59
N LYS PC 201 40.55 -92.39 -111.04
CA LYS PC 201 40.23 -93.77 -110.70
C LYS PC 201 38.88 -94.24 -111.25
N ASP PC 202 37.93 -93.32 -111.38
CA ASP PC 202 36.61 -93.60 -111.90
C ASP PC 202 36.37 -92.76 -113.15
N ALA PC 203 35.17 -92.89 -113.71
CA ALA PC 203 34.84 -92.41 -115.05
C ALA PC 203 33.91 -91.20 -115.02
N THR PC 204 34.15 -90.26 -114.13
CA THR PC 204 33.30 -89.09 -113.99
C THR PC 204 34.09 -87.79 -114.15
N SER PC 205 35.07 -87.79 -115.04
CA SER PC 205 35.80 -86.58 -115.37
C SER PC 205 35.02 -85.79 -116.40
N LYS PC 206 35.27 -84.48 -116.45
CA LYS PC 206 34.47 -83.65 -117.35
C LYS PC 206 35.34 -82.75 -118.22
N VAL PC 207 36.56 -83.17 -118.56
CA VAL PC 207 37.42 -82.35 -119.41
C VAL PC 207 38.36 -83.27 -120.19
N ALA PC 208 38.83 -82.76 -121.34
CA ALA PC 208 39.79 -83.45 -122.19
C ALA PC 208 40.86 -82.46 -122.60
N LEU PC 209 42.12 -82.92 -122.63
CA LEU PC 209 43.26 -82.03 -122.83
C LEU PC 209 44.03 -82.40 -124.09
N VAL PC 210 44.44 -81.39 -124.86
CA VAL PC 210 45.24 -81.56 -126.08
C VAL PC 210 46.44 -80.64 -125.97
N TYR PC 211 47.64 -81.21 -125.93
CA TYR PC 211 48.83 -80.43 -125.58
C TYR PC 211 49.99 -80.65 -126.54
N GLY PC 212 50.22 -79.68 -127.43
CA GLY PC 212 51.44 -79.59 -128.20
C GLY PC 212 52.07 -78.21 -128.02
N GLN PC 213 53.23 -78.16 -127.37
CA GLN PC 213 53.71 -76.93 -126.76
C GLN PC 213 54.81 -76.29 -127.60
N MET PC 214 55.44 -75.24 -127.06
CA MET PC 214 56.38 -74.47 -127.87
C MET PC 214 57.78 -75.05 -127.89
N ASN PC 215 57.97 -76.29 -127.47
CA ASN PC 215 59.19 -77.04 -127.75
C ASN PC 215 58.99 -78.04 -128.88
N GLU PC 216 58.14 -77.72 -129.85
CA GLU PC 216 57.74 -78.65 -130.89
C GLU PC 216 57.96 -78.04 -132.26
N PRO PC 217 58.30 -78.85 -133.26
CA PRO PC 217 58.63 -78.31 -134.58
C PRO PC 217 57.41 -77.67 -135.22
N PRO PC 218 57.60 -76.62 -136.02
CA PRO PC 218 56.49 -75.72 -136.35
C PRO PC 218 55.50 -76.28 -137.36
N GLY PC 219 55.58 -77.55 -137.72
CA GLY PC 219 54.55 -78.21 -138.47
C GLY PC 219 53.57 -78.94 -137.58
N ALA PC 220 54.00 -79.27 -136.36
CA ALA PC 220 53.11 -79.86 -135.37
C ALA PC 220 52.44 -78.83 -134.48
N ARG PC 221 52.88 -77.58 -134.53
CA ARG PC 221 52.18 -76.48 -133.89
C ARG PC 221 51.22 -75.79 -134.82
N ALA PC 222 50.75 -76.47 -135.85
CA ALA PC 222 49.70 -75.95 -136.71
C ALA PC 222 48.52 -76.89 -136.80
N ARG PC 223 48.57 -78.04 -136.13
CA ARG PC 223 47.55 -79.06 -136.23
C ARG PC 223 47.06 -79.55 -134.87
N VAL PC 224 47.48 -78.93 -133.77
CA VAL PC 224 46.78 -79.14 -132.51
C VAL PC 224 45.62 -78.17 -132.35
N ALA PC 225 45.51 -77.18 -133.22
CA ALA PC 225 44.28 -76.40 -133.25
C ALA PC 225 43.15 -77.20 -133.87
N LEU PC 226 43.46 -78.20 -134.68
CA LEU PC 226 42.46 -79.03 -135.34
C LEU PC 226 42.22 -80.35 -134.65
N THR PC 227 43.14 -80.83 -133.83
CA THR PC 227 42.83 -81.99 -133.01
C THR PC 227 41.91 -81.60 -131.86
N GLY PC 228 41.88 -80.31 -131.52
CA GLY PC 228 40.98 -79.81 -130.51
C GLY PC 228 39.53 -79.89 -130.93
N LEU PC 229 39.18 -79.22 -132.02
CA LEU PC 229 37.79 -79.10 -132.45
C LEU PC 229 37.34 -80.27 -133.30
N THR PC 230 37.99 -81.42 -133.17
CA THR PC 230 37.51 -82.71 -133.64
C THR PC 230 37.04 -83.59 -132.48
N VAL PC 231 37.63 -83.41 -131.31
CA VAL PC 231 37.07 -83.97 -130.09
C VAL PC 231 35.92 -83.10 -129.62
N ALA PC 232 36.00 -81.80 -129.83
CA ALA PC 232 34.96 -80.87 -129.44
C ALA PC 232 33.88 -80.72 -130.49
N GLU PC 233 33.70 -81.72 -131.35
CA GLU PC 233 32.64 -81.71 -132.35
C GLU PC 233 31.89 -83.02 -132.29
N TYR PC 234 32.55 -84.07 -131.83
CA TYR PC 234 31.84 -85.31 -131.56
C TYR PC 234 30.88 -85.15 -130.39
N PHE PC 235 31.17 -84.24 -129.48
CA PHE PC 235 30.27 -83.98 -128.38
C PHE PC 235 29.11 -83.09 -128.78
N ARG PC 236 29.23 -82.36 -129.89
CA ARG PC 236 28.15 -81.51 -130.37
C ARG PC 236 27.30 -82.19 -131.42
N ASP PC 237 27.92 -82.83 -132.41
CA ASP PC 237 27.18 -83.44 -133.50
C ASP PC 237 26.63 -84.80 -133.11
N GLN PC 238 27.50 -85.75 -132.78
CA GLN PC 238 27.10 -87.14 -132.60
C GLN PC 238 26.22 -87.30 -131.37
N GLU PC 239 26.76 -87.02 -130.20
CA GLU PC 239 25.89 -86.80 -129.06
C GLU PC 239 25.30 -85.40 -129.18
N GLY PC 240 24.05 -85.25 -128.74
CA GLY PC 240 23.36 -83.99 -128.90
C GLY PC 240 23.60 -83.00 -127.78
N GLN PC 241 24.81 -83.04 -127.21
CA GLN PC 241 25.13 -82.37 -125.97
C GLN PC 241 25.46 -80.90 -126.17
N ASP PC 242 26.06 -80.30 -125.14
CA ASP PC 242 26.54 -78.92 -125.16
C ASP PC 242 28.00 -78.95 -124.72
N VAL PC 243 28.86 -78.20 -125.42
CA VAL PC 243 30.29 -78.28 -125.18
C VAL PC 243 30.80 -76.87 -124.86
N LEU PC 244 31.99 -76.82 -124.24
CA LEU PC 244 32.77 -75.60 -124.08
C LEU PC 244 34.15 -75.80 -124.70
N LEU PC 245 34.67 -74.79 -125.39
CA LEU PC 245 35.94 -74.91 -126.09
C LEU PC 245 36.92 -73.89 -125.56
N PHE PC 246 38.01 -74.38 -124.96
CA PHE PC 246 39.08 -73.54 -124.42
C PHE PC 246 40.35 -73.82 -125.22
N ILE PC 247 40.92 -72.78 -125.83
CA ILE PC 247 42.12 -72.89 -126.65
C ILE PC 247 43.09 -71.78 -126.25
N ASP PC 248 44.33 -72.16 -125.95
CA ASP PC 248 45.37 -71.21 -125.55
C ASP PC 248 46.69 -71.81 -126.02
N ASN PC 249 47.33 -71.24 -127.04
CA ASN PC 249 46.98 -69.95 -127.67
C ASN PC 249 46.79 -70.13 -129.17
N ILE PC 250 45.84 -69.41 -129.77
CA ILE PC 250 45.47 -69.64 -131.17
C ILE PC 250 46.29 -68.79 -132.14
N PHE PC 251 47.08 -67.84 -131.65
CA PHE PC 251 48.02 -67.14 -132.53
C PHE PC 251 49.16 -68.05 -132.95
N ARG PC 252 49.47 -69.08 -132.17
CA ARG PC 252 50.52 -70.00 -132.57
C ARG PC 252 50.11 -70.95 -133.69
N PHE PC 253 48.85 -70.92 -134.12
CA PHE PC 253 48.44 -71.67 -135.31
C PHE PC 253 48.81 -70.92 -136.57
N THR PC 254 48.52 -69.61 -136.59
CA THR PC 254 48.90 -68.76 -137.71
C THR PC 254 50.40 -68.65 -137.83
N GLN PC 255 51.06 -68.32 -136.71
CA GLN PC 255 52.47 -67.98 -136.67
C GLN PC 255 53.35 -69.17 -136.98
N ALA PC 256 52.88 -70.40 -136.77
CA ALA PC 256 53.61 -71.59 -137.18
C ALA PC 256 53.30 -71.99 -138.60
N GLY PC 257 52.62 -71.15 -139.35
CA GLY PC 257 52.40 -71.38 -140.77
C GLY PC 257 53.30 -70.46 -141.56
N SER PC 258 53.80 -69.42 -140.91
CA SER PC 258 54.79 -68.52 -141.48
C SER PC 258 56.21 -69.04 -141.34
N GLU PC 259 56.41 -70.10 -140.59
CA GLU PC 259 57.72 -70.69 -140.38
C GLU PC 259 58.08 -71.71 -141.44
N VAL PC 260 57.13 -72.12 -142.28
CA VAL PC 260 57.42 -73.05 -143.36
C VAL PC 260 56.82 -72.55 -144.67
N SER PC 261 56.60 -71.25 -144.81
CA SER PC 261 55.98 -70.78 -146.05
C SER PC 261 56.97 -70.77 -147.20
N ALA PC 262 58.11 -70.09 -147.03
CA ALA PC 262 59.10 -69.98 -148.09
C ALA PC 262 59.87 -71.26 -148.35
N LEU PC 263 60.00 -72.13 -147.35
CA LEU PC 263 60.59 -73.44 -147.60
C LEU PC 263 59.67 -74.34 -148.42
N LEU PC 264 58.37 -74.05 -148.43
CA LEU PC 264 57.46 -74.76 -149.32
C LEU PC 264 57.56 -74.27 -150.75
N GLY PC 265 57.81 -72.98 -150.95
CA GLY PC 265 57.99 -72.47 -152.28
C GLY PC 265 57.09 -71.31 -152.65
N ARG PC 266 56.62 -70.55 -151.67
CA ARG PC 266 55.74 -69.42 -151.92
C ARG PC 266 56.50 -68.11 -151.78
N ILE PC 267 56.00 -67.08 -152.45
CA ILE PC 267 56.52 -65.73 -152.25
C ILE PC 267 55.85 -65.15 -151.01
N PRO PC 268 56.60 -64.67 -150.02
CA PRO PC 268 55.97 -64.15 -148.81
C PRO PC 268 55.25 -62.84 -149.05
N SER PC 269 54.13 -62.68 -148.35
CA SER PC 269 53.20 -61.55 -148.44
C SER PC 269 53.72 -60.37 -147.66
N ALA PC 270 52.82 -59.48 -147.22
CA ALA PC 270 53.14 -58.44 -146.25
C ALA PC 270 53.61 -59.03 -144.93
N VAL PC 271 53.85 -58.21 -143.90
CA VAL PC 271 55.02 -58.21 -143.02
C VAL PC 271 55.82 -59.50 -142.73
N GLY PC 272 55.43 -60.64 -143.24
CA GLY PC 272 56.29 -61.80 -143.20
C GLY PC 272 55.47 -63.06 -143.13
N TYR PC 273 54.16 -62.84 -143.11
CA TYR PC 273 53.21 -63.92 -143.02
C TYR PC 273 53.10 -64.64 -144.37
N GLN PC 274 52.48 -65.80 -144.34
CA GLN PC 274 52.27 -66.58 -145.53
C GLN PC 274 51.19 -65.91 -146.37
N PRO PC 275 51.11 -66.17 -147.68
CA PRO PC 275 50.06 -65.52 -148.48
C PRO PC 275 48.69 -66.14 -148.36
N THR PC 276 48.53 -67.17 -147.52
CA THR PC 276 47.25 -67.85 -147.29
C THR PC 276 46.79 -67.62 -145.85
N LEU PC 277 46.85 -66.37 -145.39
CA LEU PC 277 46.52 -66.10 -143.99
C LEU PC 277 45.03 -66.29 -143.72
N ALA PC 278 44.19 -65.49 -144.38
CA ALA PC 278 42.75 -65.45 -144.16
C ALA PC 278 42.01 -66.58 -144.83
N THR PC 279 42.69 -67.60 -145.27
CA THR PC 279 42.08 -68.76 -145.92
C THR PC 279 42.28 -70.02 -145.10
N ASP PC 280 43.49 -70.26 -144.60
CA ASP PC 280 43.72 -71.36 -143.67
C ASP PC 280 43.14 -71.07 -142.30
N MET PC 281 42.98 -69.79 -141.96
CA MET PC 281 42.35 -69.43 -140.70
C MET PC 281 40.85 -69.66 -140.78
N GLY PC 282 40.19 -69.09 -141.78
CA GLY PC 282 38.77 -69.27 -141.97
C GLY PC 282 38.35 -70.67 -142.39
N THR PC 283 39.28 -71.52 -142.78
CA THR PC 283 38.92 -72.93 -142.93
C THR PC 283 38.68 -73.57 -141.58
N MET PC 284 39.38 -73.11 -140.55
CA MET PC 284 39.28 -73.65 -139.20
C MET PC 284 38.22 -72.96 -138.35
N GLN PC 285 38.13 -71.63 -138.41
CA GLN PC 285 37.18 -70.88 -137.61
C GLN PC 285 35.75 -70.88 -138.14
N GLU PC 286 35.42 -71.77 -139.06
CA GLU PC 286 34.03 -72.03 -139.42
C GLU PC 286 33.58 -73.39 -138.96
N ARG PC 287 34.48 -74.26 -138.56
CA ARG PC 287 34.06 -75.49 -137.92
C ARG PC 287 33.72 -75.30 -136.45
N ILE PC 288 34.06 -74.16 -135.87
CA ILE PC 288 33.64 -73.83 -134.50
C ILE PC 288 32.38 -72.98 -134.63
N THR PC 289 31.24 -73.65 -134.78
CA THR PC 289 29.94 -72.99 -134.83
C THR PC 289 28.92 -73.86 -134.12
N THR PC 290 27.80 -73.25 -133.78
CA THR PC 290 26.66 -73.96 -133.22
C THR PC 290 25.65 -74.22 -134.34
N THR PC 291 25.46 -75.49 -134.67
CA THR PC 291 24.49 -75.89 -135.66
C THR PC 291 23.17 -76.19 -134.96
N LYS PC 292 22.25 -76.84 -135.65
CA LYS PC 292 20.97 -77.23 -135.08
C LYS PC 292 20.99 -78.65 -134.54
N LYS PC 293 22.16 -79.21 -134.31
CA LYS PC 293 22.30 -80.49 -133.62
C LYS PC 293 22.92 -80.35 -132.24
N GLY PC 294 23.52 -79.21 -131.93
CA GLY PC 294 24.16 -79.03 -130.65
C GLY PC 294 24.65 -77.61 -130.53
N SER PC 295 25.53 -77.38 -129.55
CA SER PC 295 26.06 -76.05 -129.35
C SER PC 295 27.50 -76.12 -128.90
N ILE PC 296 28.23 -75.03 -129.12
CA ILE PC 296 29.63 -74.89 -128.71
C ILE PC 296 29.81 -73.48 -128.18
N THR PC 297 30.36 -73.36 -126.98
CA THR PC 297 30.73 -72.04 -126.44
C THR PC 297 32.24 -72.01 -126.37
N SER PC 298 32.86 -71.22 -127.25
CA SER PC 298 34.30 -71.27 -127.45
C SER PC 298 34.97 -70.05 -126.83
N VAL PC 299 35.98 -70.31 -126.00
CA VAL PC 299 36.82 -69.26 -125.42
C VAL PC 299 38.25 -69.49 -125.88
N GLN PC 300 38.80 -68.53 -126.63
CA GLN PC 300 40.13 -68.65 -127.21
C GLN PC 300 41.00 -67.47 -126.80
N ALA PC 301 42.19 -67.77 -126.31
CA ALA PC 301 43.16 -66.72 -126.00
C ALA PC 301 43.91 -66.34 -127.27
N ILE PC 302 44.11 -65.04 -127.48
CA ILE PC 302 44.67 -64.54 -128.72
C ILE PC 302 45.83 -63.62 -128.36
N TYR PC 303 47.06 -64.10 -128.55
CA TYR PC 303 48.24 -63.26 -128.35
C TYR PC 303 48.30 -62.17 -129.41
N VAL PC 304 48.46 -60.94 -128.95
CA VAL PC 304 48.73 -59.79 -129.82
C VAL PC 304 50.23 -59.53 -129.76
N PRO PC 305 50.96 -59.67 -130.85
CA PRO PC 305 52.43 -59.51 -130.80
C PRO PC 305 52.82 -58.05 -130.64
N ALA PC 306 53.64 -57.79 -129.61
CA ALA PC 306 54.20 -56.48 -129.28
C ALA PC 306 53.14 -55.40 -129.07
N ASP PC 307 52.00 -55.82 -128.51
CA ASP PC 307 50.85 -54.96 -128.18
C ASP PC 307 50.31 -54.22 -129.40
N ASP PC 308 50.51 -54.79 -130.58
CA ASP PC 308 50.18 -54.14 -131.85
C ASP PC 308 48.90 -54.79 -132.35
N LEU PC 309 47.77 -54.12 -132.13
CA LEU PC 309 46.48 -54.72 -132.47
C LEU PC 309 46.21 -54.71 -133.96
N THR PC 310 46.83 -53.80 -134.72
CA THR PC 310 46.68 -53.70 -136.17
C THR PC 310 47.60 -54.65 -136.93
N ASP PC 311 48.23 -55.57 -136.23
CA ASP PC 311 48.97 -56.65 -136.85
C ASP PC 311 48.02 -57.55 -137.62
N PRO PC 312 48.45 -58.14 -138.74
CA PRO PC 312 47.52 -58.96 -139.53
C PRO PC 312 47.12 -60.29 -138.92
N ALA PC 313 47.84 -60.79 -137.93
CA ALA PC 313 47.39 -62.04 -137.32
C ALA PC 313 46.24 -61.84 -136.31
N PRO PC 314 46.21 -60.76 -135.48
CA PRO PC 314 44.97 -60.51 -134.72
C PRO PC 314 43.85 -59.84 -135.48
N ALA PC 315 44.15 -58.93 -136.41
CA ALA PC 315 43.11 -58.14 -137.03
C ALA PC 315 42.28 -58.89 -138.04
N THR PC 316 42.67 -60.11 -138.40
CA THR PC 316 41.83 -60.99 -139.19
C THR PC 316 41.11 -62.01 -138.31
N THR PC 317 41.22 -61.89 -137.00
CA THR PC 317 40.50 -62.77 -136.09
C THR PC 317 39.32 -62.07 -135.45
N PHE PC 318 39.22 -60.75 -135.59
CA PHE PC 318 38.12 -59.98 -135.05
C PHE PC 318 36.79 -60.19 -135.75
N ALA PC 319 36.72 -61.07 -136.75
CA ALA PC 319 35.47 -61.31 -137.45
C ALA PC 319 34.94 -62.71 -137.21
N HIS PC 320 35.72 -63.60 -136.63
CA HIS PC 320 35.28 -64.94 -136.32
C HIS PC 320 34.73 -65.07 -134.92
N LEU PC 321 34.36 -63.97 -134.30
CA LEU PC 321 34.08 -63.96 -132.87
C LEU PC 321 32.85 -63.11 -132.58
N ASP PC 322 32.07 -63.53 -131.57
CA ASP PC 322 30.93 -62.73 -131.13
C ASP PC 322 31.34 -61.71 -130.08
N ALA PC 323 32.26 -62.09 -129.18
CA ALA PC 323 32.58 -61.30 -128.01
C ALA PC 323 34.09 -61.13 -127.89
N THR PC 324 34.52 -59.89 -127.71
CA THR PC 324 35.94 -59.56 -127.55
C THR PC 324 36.16 -58.94 -126.18
N THR PC 325 37.10 -59.49 -125.42
CA THR PC 325 37.56 -58.89 -124.17
C THR PC 325 39.03 -58.54 -124.34
N VAL PC 326 39.34 -57.26 -124.48
CA VAL PC 326 40.67 -56.80 -124.82
C VAL PC 326 41.34 -56.28 -123.56
N LEU PC 327 42.38 -56.98 -123.11
CA LEU PC 327 43.16 -56.59 -121.95
C LEU PC 327 44.23 -55.62 -122.39
N SER PC 328 44.36 -54.51 -121.69
CA SER PC 328 45.41 -53.54 -121.99
C SER PC 328 46.51 -53.67 -120.95
N ARG PC 329 47.60 -52.93 -121.15
CA ARG PC 329 48.73 -53.01 -120.22
C ARG PC 329 48.86 -51.71 -119.43
N ALA PC 330 48.39 -50.59 -120.00
CA ALA PC 330 48.43 -49.33 -119.28
C ALA PC 330 47.40 -49.27 -118.15
N ILE PC 331 46.51 -50.27 -118.07
CA ILE PC 331 45.55 -50.37 -117.00
C ILE PC 331 46.07 -51.30 -115.90
N ALA PC 332 46.70 -52.40 -116.29
CA ALA PC 332 47.23 -53.34 -115.29
C ALA PC 332 48.49 -52.82 -114.64
N GLU PC 333 49.04 -51.71 -115.15
CA GLU PC 333 50.15 -51.06 -114.46
C GLU PC 333 49.64 -50.20 -113.30
N LEU PC 334 48.34 -49.88 -113.30
CA LEU PC 334 47.76 -49.17 -112.17
C LEU PC 334 47.23 -50.11 -111.10
N GLY PC 335 47.54 -51.38 -111.17
CA GLY PC 335 47.09 -52.33 -110.18
C GLY PC 335 45.70 -52.87 -110.39
N ILE PC 336 44.95 -52.33 -111.35
CA ILE PC 336 43.58 -52.76 -111.64
C ILE PC 336 43.62 -54.15 -112.22
N TYR PC 337 42.88 -55.08 -111.62
CA TYR PC 337 42.87 -56.46 -112.08
C TYR PC 337 41.48 -57.05 -111.92
N PRO PC 338 40.84 -57.59 -112.98
CA PRO PC 338 41.21 -57.83 -114.38
C PRO PC 338 41.47 -56.59 -115.19
N ALA PC 339 42.45 -56.68 -116.08
CA ALA PC 339 42.99 -55.56 -116.82
C ALA PC 339 42.06 -55.03 -117.90
N VAL PC 340 40.85 -55.59 -118.04
CA VAL PC 340 40.00 -55.44 -119.21
C VAL PC 340 39.73 -53.98 -119.54
N ASP PC 341 39.97 -53.62 -120.77
CA ASP PC 341 39.72 -52.27 -121.23
C ASP PC 341 38.22 -52.04 -121.30
N PRO PC 342 37.70 -51.01 -120.65
CA PRO PC 342 36.25 -50.76 -120.75
C PRO PC 342 35.82 -50.18 -122.08
N LEU PC 343 36.69 -49.43 -122.74
CA LEU PC 343 36.27 -48.75 -123.96
C LEU PC 343 36.71 -49.49 -125.21
N ASP PC 344 37.05 -50.78 -125.08
CA ASP PC 344 37.51 -51.49 -126.26
C ASP PC 344 36.90 -52.89 -126.33
N SER PC 345 36.34 -53.36 -125.23
CA SER PC 345 35.56 -54.58 -125.29
C SER PC 345 34.19 -54.29 -125.89
N THR PC 346 33.58 -55.32 -126.47
CA THR PC 346 32.36 -55.16 -127.26
C THR PC 346 31.73 -56.53 -127.43
N SER PC 347 30.40 -56.60 -127.31
CA SER PC 347 29.66 -57.81 -127.62
C SER PC 347 28.55 -57.49 -128.60
N ARG PC 348 27.94 -58.55 -129.15
CA ARG PC 348 26.85 -58.38 -130.10
C ARG PC 348 25.52 -58.21 -129.41
N ILE PC 349 25.34 -58.84 -128.25
CA ILE PC 349 24.07 -58.89 -127.56
C ILE PC 349 23.89 -57.72 -126.61
N MET PC 350 24.81 -56.77 -126.63
CA MET PC 350 24.56 -55.51 -125.95
C MET PC 350 23.51 -54.79 -126.77
N ASP PC 351 22.28 -54.94 -126.34
CA ASP PC 351 21.07 -54.80 -127.14
C ASP PC 351 19.91 -54.57 -126.19
N PRO PC 352 19.10 -53.53 -126.35
CA PRO PC 352 18.00 -53.33 -125.41
C PRO PC 352 16.81 -54.28 -125.58
N ASN PC 353 16.99 -55.39 -126.29
CA ASN PC 353 15.94 -56.38 -126.48
C ASN PC 353 16.35 -57.76 -126.03
N ILE PC 354 17.57 -57.95 -125.51
CA ILE PC 354 18.01 -59.22 -124.96
C ILE PC 354 18.44 -59.10 -123.51
N VAL PC 355 19.24 -58.10 -123.18
CA VAL PC 355 19.72 -57.91 -121.82
C VAL PC 355 18.81 -56.99 -121.00
N GLY PC 356 17.85 -56.33 -121.62
CA GLY PC 356 16.92 -55.47 -120.93
C GLY PC 356 17.35 -54.02 -120.94
N SER PC 357 16.38 -53.13 -120.77
CA SER PC 357 16.61 -51.71 -120.87
C SER PC 357 16.99 -51.07 -119.55
N GLU PC 358 17.47 -51.86 -118.59
CA GLU PC 358 18.13 -51.37 -117.39
C GLU PC 358 19.60 -51.74 -117.36
N HIS PC 359 19.92 -52.97 -117.77
CA HIS PC 359 21.30 -53.36 -118.04
C HIS PC 359 21.93 -52.48 -119.12
N TYR PC 360 21.13 -52.06 -120.11
CA TYR PC 360 21.69 -51.30 -121.22
C TYR PC 360 21.96 -49.85 -120.83
N ASP PC 361 21.11 -49.26 -120.01
CA ASP PC 361 21.30 -47.85 -119.67
C ASP PC 361 22.45 -47.67 -118.68
N VAL PC 362 22.82 -48.73 -117.98
CA VAL PC 362 23.93 -48.63 -117.03
C VAL PC 362 25.25 -48.70 -117.80
N ALA PC 363 25.42 -49.74 -118.62
CA ALA PC 363 26.70 -49.98 -119.27
C ALA PC 363 26.96 -48.99 -120.41
N ARG PC 364 25.97 -48.17 -120.75
CA ARG PC 364 26.23 -47.06 -121.65
C ARG PC 364 26.32 -45.76 -120.88
N GLY PC 365 26.54 -45.83 -119.57
CA GLY PC 365 26.86 -44.64 -118.80
C GLY PC 365 28.17 -44.81 -118.06
N VAL PC 366 28.56 -46.06 -117.81
CA VAL PC 366 29.91 -46.37 -117.37
C VAL PC 366 30.91 -46.02 -118.47
N GLN PC 367 30.63 -46.46 -119.70
CA GLN PC 367 31.54 -46.18 -120.81
C GLN PC 367 31.50 -44.71 -121.22
N LYS PC 368 30.44 -43.99 -120.86
CA LYS PC 368 30.36 -42.59 -121.27
C LYS PC 368 31.06 -41.69 -120.26
N ILE PC 369 31.20 -42.14 -119.02
CA ILE PC 369 31.89 -41.33 -118.02
C ILE PC 369 33.38 -41.64 -118.03
N LEU PC 370 33.78 -42.76 -118.64
CA LEU PC 370 35.20 -43.06 -118.76
C LEU PC 370 35.81 -42.40 -119.97
N GLN PC 371 35.01 -42.11 -120.99
CA GLN PC 371 35.53 -41.32 -122.11
C GLN PC 371 35.43 -39.84 -121.79
N ASP PC 372 34.68 -39.49 -120.74
CA ASP PC 372 34.67 -38.10 -120.29
C ASP PC 372 35.87 -37.82 -119.40
N TYR PC 373 36.45 -38.87 -118.83
CA TYR PC 373 37.64 -38.75 -118.00
C TYR PC 373 38.85 -38.30 -118.82
N LYS PC 374 39.05 -38.91 -120.00
CA LYS PC 374 40.29 -38.71 -120.75
C LYS PC 374 40.38 -37.31 -121.33
N SER PC 375 39.25 -36.63 -121.51
CA SER PC 375 39.33 -35.25 -121.97
C SER PC 375 39.72 -34.31 -120.84
N LEU PC 376 39.63 -34.79 -119.59
CA LEU PC 376 40.04 -33.98 -118.45
C LEU PC 376 41.49 -34.23 -118.09
N GLN PC 377 42.00 -35.42 -118.42
CA GLN PC 377 43.37 -35.76 -118.09
C GLN PC 377 44.39 -34.97 -118.90
N ASP PC 378 43.96 -34.39 -120.02
CA ASP PC 378 44.88 -33.53 -120.76
C ASP PC 378 44.86 -32.12 -120.20
N ILE PC 379 43.84 -31.78 -119.41
CA ILE PC 379 43.79 -30.47 -118.77
C ILE PC 379 44.56 -30.50 -117.46
N ILE PC 380 44.55 -31.64 -116.78
CA ILE PC 380 45.19 -31.77 -115.47
C ILE PC 380 46.70 -31.68 -115.59
N ALA PC 381 47.24 -32.16 -116.71
CA ALA PC 381 48.67 -32.15 -116.98
C ALA PC 381 49.25 -30.75 -117.19
N ILE PC 382 48.40 -29.73 -117.27
CA ILE PC 382 48.88 -28.36 -117.45
C ILE PC 382 48.30 -27.49 -116.34
N LEU PC 383 46.98 -27.51 -116.17
CA LEU PC 383 46.32 -26.67 -115.18
C LEU PC 383 46.45 -27.16 -113.77
N GLY PC 384 46.74 -28.44 -113.57
CA GLY PC 384 46.75 -28.97 -112.23
C GLY PC 384 45.35 -29.25 -111.71
N MET PC 385 45.28 -29.99 -110.61
CA MET PC 385 44.00 -30.50 -110.14
C MET PC 385 43.17 -29.42 -109.47
N ASP PC 386 43.80 -28.50 -108.76
CA ASP PC 386 43.06 -27.48 -108.02
C ASP PC 386 42.80 -26.21 -108.83
N GLU PC 387 42.68 -26.32 -110.14
CA GLU PC 387 42.20 -25.25 -111.00
C GLU PC 387 40.83 -25.54 -111.59
N LEU PC 388 40.46 -26.82 -111.69
CA LEU PC 388 39.20 -27.27 -112.29
C LEU PC 388 37.98 -26.70 -111.56
N SER PC 389 36.84 -26.75 -112.24
CA SER PC 389 35.61 -26.29 -111.63
C SER PC 389 35.05 -27.38 -110.72
N GLU PC 390 33.95 -27.07 -110.04
CA GLU PC 390 33.40 -28.00 -109.07
C GLU PC 390 32.54 -29.10 -109.69
N GLU PC 391 32.13 -28.95 -110.95
CA GLU PC 391 31.42 -30.04 -111.61
C GLU PC 391 32.40 -31.06 -112.16
N ASP PC 392 33.52 -30.59 -112.69
CA ASP PC 392 34.50 -31.49 -113.32
C ASP PC 392 35.29 -32.24 -112.27
N LYS PC 393 35.35 -31.71 -111.05
CA LYS PC 393 35.97 -32.45 -109.96
C LYS PC 393 35.10 -33.63 -109.54
N LEU PC 394 33.78 -33.48 -109.71
CA LEU PC 394 32.84 -34.54 -109.36
C LEU PC 394 32.94 -35.68 -110.37
N THR PC 395 33.30 -35.36 -111.62
CA THR PC 395 33.45 -36.39 -112.64
C THR PC 395 34.64 -37.28 -112.36
N VAL PC 396 35.80 -36.68 -112.04
CA VAL PC 396 37.04 -37.42 -111.85
C VAL PC 396 36.96 -38.33 -110.63
N SER PC 397 36.20 -37.90 -109.61
CA SER PC 397 36.09 -38.67 -108.38
C SER PC 397 35.23 -39.90 -108.56
N ARG PC 398 34.10 -39.76 -109.27
CA ARG PC 398 33.25 -40.91 -109.58
C ARG PC 398 33.92 -41.84 -110.57
N ALA PC 399 34.59 -41.26 -111.58
CA ALA PC 399 35.27 -42.07 -112.60
C ALA PC 399 36.40 -42.87 -111.99
N ARG PC 400 37.09 -42.32 -110.99
CA ARG PC 400 38.09 -43.10 -110.27
C ARG PC 400 37.45 -44.06 -109.29
N LYS PC 401 36.21 -43.78 -108.87
CA LYS PC 401 35.48 -44.74 -108.06
C LYS PC 401 34.97 -45.89 -108.92
N ILE PC 402 34.56 -45.60 -110.15
CA ILE PC 402 34.08 -46.62 -111.07
C ILE PC 402 35.24 -47.49 -111.54
N GLN PC 403 36.37 -46.86 -111.87
CA GLN PC 403 37.57 -47.59 -112.32
C GLN PC 403 38.09 -48.54 -111.28
N ARG PC 404 38.02 -48.15 -110.00
CA ARG PC 404 38.46 -49.04 -108.94
C ARG PC 404 37.41 -50.10 -108.65
N PHE PC 405 36.15 -49.82 -108.99
CA PHE PC 405 35.09 -50.79 -108.69
C PHE PC 405 34.99 -51.84 -109.79
N LEU PC 406 35.55 -51.57 -110.97
CA LEU PC 406 35.59 -52.58 -112.02
C LEU PC 406 36.57 -53.69 -111.68
N SER PC 407 37.55 -53.40 -110.81
CA SER PC 407 38.50 -54.40 -110.37
C SER PC 407 37.85 -55.35 -109.38
N GLN PC 408 38.29 -56.60 -109.40
CA GLN PC 408 37.67 -57.60 -108.57
C GLN PC 408 38.68 -58.69 -108.26
N PRO PC 409 38.77 -59.12 -107.01
CA PRO PC 409 39.71 -60.19 -106.66
C PRO PC 409 39.25 -61.55 -107.12
N PHE PC 410 39.97 -62.16 -108.06
CA PHE PC 410 39.61 -63.49 -108.50
C PHE PC 410 40.01 -64.51 -107.47
N GLN PC 411 39.50 -65.72 -107.63
CA GLN PC 411 39.81 -66.78 -106.69
C GLN PC 411 41.20 -67.36 -106.95
N VAL PC 412 41.73 -67.15 -108.15
CA VAL PC 412 43.04 -67.70 -108.48
C VAL PC 412 44.14 -66.73 -108.14
N ALA PC 413 43.79 -65.53 -107.68
CA ALA PC 413 44.73 -64.61 -107.06
C ALA PC 413 44.79 -64.79 -105.54
N GLU PC 414 44.51 -65.99 -105.05
CA GLU PC 414 44.67 -66.28 -103.63
C GLU PC 414 46.05 -66.80 -103.33
N VAL PC 415 46.90 -66.88 -104.35
CA VAL PC 415 48.30 -67.20 -104.13
C VAL PC 415 49.19 -66.04 -104.53
N PHE PC 416 48.62 -65.04 -105.21
CA PHE PC 416 49.42 -63.90 -105.66
C PHE PC 416 49.26 -62.71 -104.75
N THR PC 417 48.03 -62.37 -104.38
CA THR PC 417 47.75 -61.17 -103.60
C THR PC 417 47.41 -61.45 -102.15
N GLY PC 418 46.87 -62.62 -101.84
CA GLY PC 418 46.52 -62.95 -100.47
C GLY PC 418 45.15 -62.49 -100.05
N HIS PC 419 44.41 -61.81 -100.91
CA HIS PC 419 43.00 -61.46 -100.72
C HIS PC 419 42.13 -62.71 -100.78
N LEU PC 420 40.82 -62.50 -100.65
CA LEU PC 420 39.86 -63.59 -100.77
C LEU PC 420 38.98 -63.32 -101.99
N GLY PC 421 38.45 -64.39 -102.58
CA GLY PC 421 37.85 -64.25 -103.90
C GLY PC 421 36.37 -63.92 -103.82
N LYS PC 422 35.89 -63.25 -104.87
CA LYS PC 422 34.49 -62.88 -104.99
C LYS PC 422 33.86 -63.64 -106.16
N LEU PC 423 32.53 -63.65 -106.23
CA LEU PC 423 31.79 -64.08 -107.42
C LEU PC 423 30.45 -63.34 -107.43
N VAL PC 424 30.40 -62.21 -108.13
CA VAL PC 424 29.26 -61.31 -107.96
C VAL PC 424 28.11 -61.74 -108.86
N PRO PC 425 26.88 -61.87 -108.36
CA PRO PC 425 25.74 -62.12 -109.22
C PRO PC 425 25.41 -60.90 -110.08
N LEU PC 426 24.57 -61.13 -111.10
CA LEU PC 426 24.31 -60.09 -112.08
C LEU PC 426 23.39 -59.01 -111.52
N LYS PC 427 22.44 -59.39 -110.67
CA LYS PC 427 21.47 -58.43 -110.16
C LYS PC 427 22.10 -57.42 -109.22
N GLU PC 428 23.21 -57.79 -108.58
CA GLU PC 428 23.93 -56.88 -107.70
C GLU PC 428 24.89 -56.00 -108.49
N THR PC 429 25.44 -56.54 -109.59
CA THR PC 429 26.36 -55.79 -110.45
C THR PC 429 25.68 -54.57 -111.05
N ILE PC 430 24.44 -54.73 -111.50
CA ILE PC 430 23.72 -53.61 -112.10
C ILE PC 430 23.34 -52.59 -111.03
N LYS PC 431 22.99 -53.07 -109.84
CA LYS PC 431 22.53 -52.18 -108.79
C LYS PC 431 23.67 -51.37 -108.19
N GLY PC 432 24.85 -51.99 -108.06
CA GLY PC 432 25.98 -51.29 -107.49
C GLY PC 432 26.47 -50.15 -108.35
N PHE PC 433 26.61 -50.39 -109.66
CA PHE PC 433 27.09 -49.36 -110.57
C PHE PC 433 26.03 -48.29 -110.81
N GLN PC 434 24.76 -48.62 -110.58
CA GLN PC 434 23.71 -47.65 -110.78
C GLN PC 434 23.75 -46.56 -109.73
N GLN PC 435 24.32 -46.88 -108.56
CA GLN PC 435 24.28 -45.95 -107.44
C GLN PC 435 25.49 -45.03 -107.42
N ILE PC 436 26.64 -45.48 -107.93
CA ILE PC 436 27.81 -44.61 -107.98
C ILE PC 436 27.59 -43.50 -109.00
N LEU PC 437 26.84 -43.78 -110.06
CA LEU PC 437 26.52 -42.74 -111.02
C LEU PC 437 25.48 -41.78 -110.46
N ALA PC 438 24.65 -42.25 -109.53
CA ALA PC 438 23.62 -41.40 -108.96
C ALA PC 438 24.20 -40.39 -107.98
N GLY PC 439 25.03 -40.86 -107.05
CA GLY PC 439 25.66 -39.98 -106.09
C GLY PC 439 25.55 -40.51 -104.67
N GLU PC 440 25.08 -41.74 -104.54
CA GLU PC 440 24.80 -42.29 -103.22
C GLU PC 440 26.02 -42.90 -102.56
N TYR PC 441 27.21 -42.68 -103.09
CA TYR PC 441 28.43 -43.03 -102.37
C TYR PC 441 29.50 -41.98 -102.55
N ASP PC 442 29.09 -40.72 -102.78
CA ASP PC 442 29.98 -39.59 -102.95
C ASP PC 442 30.77 -39.20 -101.71
N HIS PC 443 30.52 -39.87 -100.58
CA HIS PC 443 31.05 -39.45 -99.29
C HIS PC 443 32.07 -40.45 -98.73
N LEU PC 444 32.68 -41.24 -99.58
CA LEU PC 444 33.59 -42.29 -99.16
C LEU PC 444 34.98 -42.05 -99.75
N PRO PC 445 36.02 -42.65 -99.17
CA PRO PC 445 37.31 -42.67 -99.85
C PRO PC 445 37.36 -43.73 -100.93
N GLU PC 446 38.23 -43.48 -101.92
CA GLU PC 446 38.40 -44.38 -103.06
C GLU PC 446 39.00 -45.72 -102.66
N GLN PC 447 39.72 -45.81 -101.55
CA GLN PC 447 40.38 -47.05 -101.20
C GLN PC 447 39.42 -48.09 -100.64
N ALA PC 448 38.17 -47.70 -100.38
CA ALA PC 448 37.14 -48.67 -100.05
C ALA PC 448 36.81 -49.55 -101.24
N PHE PC 449 36.68 -48.93 -102.41
CA PHE PC 449 36.17 -49.59 -103.62
C PHE PC 449 37.17 -50.54 -104.24
N TYR PC 450 38.45 -50.40 -103.96
CA TYR PC 450 39.47 -51.25 -104.55
C TYR PC 450 39.35 -52.66 -104.00
N MET PC 451 39.11 -53.62 -104.90
CA MET PC 451 39.16 -55.05 -104.66
C MET PC 451 38.12 -55.50 -103.65
N VAL PC 452 36.86 -55.30 -104.01
CA VAL PC 452 35.73 -55.79 -103.23
C VAL PC 452 34.83 -56.61 -104.14
N GLY PC 453 33.70 -57.07 -103.61
CA GLY PC 453 32.68 -57.66 -104.44
C GLY PC 453 31.51 -56.73 -104.58
N PRO PC 454 30.40 -57.06 -103.92
CA PRO PC 454 29.23 -56.19 -103.96
C PRO PC 454 29.47 -54.87 -103.25
N ILE PC 455 28.60 -53.92 -103.55
CA ILE PC 455 28.70 -52.55 -103.06
C ILE PC 455 28.50 -52.47 -101.54
N GLU PC 456 27.93 -53.51 -100.93
CA GLU PC 456 27.78 -53.53 -99.49
C GLU PC 456 29.08 -53.90 -98.79
N GLU PC 457 30.06 -54.42 -99.53
CA GLU PC 457 31.37 -54.65 -98.96
C GLU PC 457 32.24 -53.40 -99.10
N ALA PC 458 31.79 -52.43 -99.87
CA ALA PC 458 32.59 -51.24 -100.09
C ALA PC 458 32.20 -50.14 -99.12
N VAL PC 459 31.31 -50.45 -98.18
CA VAL PC 459 31.05 -49.55 -97.06
C VAL PC 459 31.47 -50.22 -95.76
N ALA PC 460 31.66 -51.54 -95.80
CA ALA PC 460 32.23 -52.25 -94.66
C ALA PC 460 33.75 -52.10 -94.60
N LYS PC 461 34.34 -51.46 -95.62
CA LYS PC 461 35.77 -51.14 -95.58
C LYS PC 461 35.99 -49.69 -95.16
N ALA PC 462 35.05 -48.81 -95.50
CA ALA PC 462 35.20 -47.40 -95.14
C ALA PC 462 34.90 -47.16 -93.67
N ASP PC 463 34.40 -48.17 -92.97
CA ASP PC 463 34.25 -48.07 -91.51
C ASP PC 463 35.48 -48.61 -90.80
N LYS PC 464 36.15 -49.60 -91.38
CA LYS PC 464 37.36 -50.12 -90.78
C LYS PC 464 38.53 -49.15 -90.96
N LEU PC 465 38.52 -48.41 -92.07
CA LEU PC 465 39.56 -47.39 -92.27
C LEU PC 465 39.38 -46.22 -91.31
N ALA PC 466 38.15 -45.95 -90.87
CA ALA PC 466 37.90 -44.81 -90.00
C ALA PC 466 38.08 -45.18 -88.53
N GLU PC 467 37.95 -46.46 -88.20
CA GLU PC 467 38.22 -46.92 -86.84
C GLU PC 467 39.70 -47.05 -86.56
N GLU PC 468 40.50 -47.46 -87.54
CA GLU PC 468 41.93 -47.61 -87.38
C GLU PC 468 42.70 -46.34 -87.73
N HIS PC 469 42.07 -45.19 -87.59
CA HIS PC 469 42.64 -43.93 -88.05
C HIS PC 469 43.52 -43.28 -86.98
N THR QC 2 53.70 -61.32 -190.53
CA THR QC 2 52.65 -61.85 -189.68
C THR QC 2 53.22 -62.88 -188.69
N GLY QC 3 52.65 -62.91 -187.49
CA GLY QC 3 53.18 -63.74 -186.44
C GLY QC 3 52.09 -64.18 -185.50
N ARG QC 4 52.40 -65.21 -184.72
CA ARG QC 4 51.42 -65.88 -183.88
C ARG QC 4 51.34 -65.20 -182.52
N ILE QC 5 50.64 -65.85 -181.59
CA ILE QC 5 50.59 -65.46 -180.19
C ILE QC 5 50.91 -66.70 -179.38
N VAL QC 6 51.84 -66.58 -178.43
CA VAL QC 6 52.36 -67.73 -177.71
C VAL QC 6 52.21 -67.64 -176.21
N ALA QC 7 51.83 -66.48 -175.65
CA ALA QC 7 51.58 -66.39 -174.21
C ALA QC 7 50.71 -65.18 -173.91
N VAL QC 8 49.78 -65.37 -172.98
CA VAL QC 8 48.88 -64.32 -172.47
C VAL QC 8 48.90 -64.43 -170.95
N ILE QC 9 49.45 -63.40 -170.29
CA ILE QC 9 49.50 -63.36 -168.82
C ILE QC 9 49.08 -61.97 -168.36
N GLY QC 10 47.84 -61.80 -167.97
CA GLY QC 10 47.42 -60.50 -167.47
C GLY QC 10 47.22 -59.54 -168.62
N ALA QC 11 47.75 -58.32 -168.48
CA ALA QC 11 47.72 -57.35 -169.55
C ALA QC 11 48.99 -57.38 -170.40
N VAL QC 12 49.60 -58.54 -170.56
CA VAL QC 12 50.88 -58.71 -171.23
C VAL QC 12 50.75 -59.83 -172.24
N VAL QC 13 50.95 -59.51 -173.52
CA VAL QC 13 50.83 -60.44 -174.62
C VAL QC 13 52.25 -60.68 -175.16
N ASP QC 14 52.45 -61.84 -175.79
CA ASP QC 14 53.77 -62.32 -176.18
C ASP QC 14 53.63 -62.87 -177.60
N VAL QC 15 54.29 -62.22 -178.55
CA VAL QC 15 54.04 -62.40 -179.99
C VAL QC 15 55.31 -62.89 -180.67
N GLN QC 16 55.24 -64.04 -181.31
CA GLN QC 16 56.41 -64.63 -181.96
C GLN QC 16 56.34 -64.48 -183.48
N PHE QC 17 57.07 -63.51 -184.01
CA PHE QC 17 57.10 -63.25 -185.44
C PHE QC 17 57.96 -64.29 -186.15
N ASP QC 18 58.04 -64.18 -187.47
CA ASP QC 18 58.88 -65.06 -188.26
C ASP QC 18 59.96 -64.33 -189.04
N GLU QC 19 59.62 -63.33 -189.85
CA GLU QC 19 60.64 -62.56 -190.55
C GLU QC 19 60.64 -61.10 -190.12
N GLY QC 20 59.52 -60.40 -190.26
CA GLY QC 20 59.50 -58.97 -190.05
C GLY QC 20 59.44 -58.60 -188.59
N LEU QC 21 60.55 -58.74 -187.90
CA LEU QC 21 60.61 -58.44 -186.48
C LEU QC 21 60.50 -56.94 -186.28
N PRO QC 22 59.47 -56.46 -185.60
CA PRO QC 22 59.26 -55.03 -185.49
C PRO QC 22 60.23 -54.41 -184.51
N PRO QC 23 60.53 -53.13 -184.65
CA PRO QC 23 61.28 -52.42 -183.60
C PRO QC 23 60.42 -52.23 -182.37
N ILE QC 24 61.09 -51.80 -181.29
CA ILE QC 24 60.40 -51.42 -180.07
C ILE QC 24 59.57 -50.16 -180.35
N LEU QC 25 58.42 -50.07 -179.64
CA LEU QC 25 57.40 -49.01 -179.76
C LEU QC 25 56.64 -49.09 -181.09
N ASN QC 26 56.42 -50.30 -181.58
CA ASN QC 26 55.66 -50.54 -182.79
C ASN QC 26 54.31 -51.12 -182.41
N ALA QC 27 53.25 -50.61 -183.01
CA ALA QC 27 51.89 -51.00 -182.64
C ALA QC 27 51.45 -52.20 -183.48
N LEU QC 28 51.02 -53.27 -182.81
CA LEU QC 28 50.48 -54.45 -183.45
C LEU QC 28 48.95 -54.39 -183.45
N GLU QC 29 48.31 -55.29 -184.19
CA GLU QC 29 46.85 -55.31 -184.32
C GLU QC 29 46.41 -56.76 -184.40
N VAL QC 30 45.61 -57.21 -183.44
CA VAL QC 30 45.20 -58.61 -183.38
C VAL QC 30 44.05 -58.83 -184.35
N GLN QC 31 44.12 -59.92 -185.11
CA GLN QC 31 43.12 -60.25 -186.11
C GLN QC 31 42.26 -61.42 -185.65
N GLY QC 32 40.98 -61.38 -186.02
CA GLY QC 32 40.04 -62.37 -185.55
C GLY QC 32 39.24 -61.96 -184.35
N ARG QC 33 38.99 -60.66 -184.17
CA ARG QC 33 38.31 -60.15 -183.00
C ARG QC 33 37.24 -59.15 -183.40
N GLU QC 34 36.56 -58.61 -182.40
CA GLU QC 34 35.37 -57.80 -182.59
C GLU QC 34 35.70 -56.34 -182.83
N THR QC 35 36.38 -55.72 -181.87
CA THR QC 35 36.88 -54.36 -182.02
C THR QC 35 38.40 -54.41 -181.88
N ARG QC 36 39.06 -53.29 -182.20
CA ARG QC 36 40.51 -53.27 -182.34
C ARG QC 36 41.18 -53.50 -181.00
N LEU QC 37 42.08 -54.48 -180.95
CA LEU QC 37 42.95 -54.72 -179.81
C LEU QC 37 44.37 -54.48 -180.29
N VAL QC 38 44.99 -53.41 -179.81
CA VAL QC 38 46.36 -53.09 -180.20
C VAL QC 38 47.31 -53.53 -179.10
N LEU QC 39 48.56 -53.66 -179.49
CA LEU QC 39 49.65 -54.11 -178.63
C LEU QC 39 50.88 -53.29 -179.01
N GLU QC 40 51.58 -52.74 -178.04
CA GLU QC 40 52.74 -51.87 -178.30
C GLU QC 40 54.01 -52.57 -177.81
N VAL QC 41 54.97 -52.75 -178.70
CA VAL QC 41 56.14 -53.61 -178.43
C VAL QC 41 57.12 -52.87 -177.51
N ALA QC 42 57.54 -53.56 -176.44
CA ALA QC 42 58.31 -52.94 -175.36
C ALA QC 42 59.67 -53.56 -175.10
N GLN QC 43 59.88 -54.82 -175.49
CA GLN QC 43 61.17 -55.49 -175.32
C GLN QC 43 61.45 -56.31 -176.57
N HIS QC 44 62.59 -56.97 -176.58
CA HIS QC 44 62.86 -58.12 -177.43
C HIS QC 44 63.45 -59.18 -176.54
N LEU QC 45 63.18 -60.43 -176.82
CA LEU QC 45 63.60 -61.47 -175.90
C LEU QC 45 64.51 -62.49 -176.54
N GLY QC 46 64.87 -62.30 -177.81
CA GLY QC 46 65.54 -63.33 -178.56
C GLY QC 46 64.55 -64.33 -179.11
N GLU QC 47 65.05 -65.16 -180.03
CA GLU QC 47 64.32 -66.28 -180.63
C GLU QC 47 63.07 -65.78 -181.36
N SER QC 48 63.20 -64.60 -181.98
CA SER QC 48 62.15 -63.90 -182.74
C SER QC 48 60.86 -63.73 -181.94
N THR QC 49 61.03 -63.30 -180.70
CA THR QC 49 59.93 -63.12 -179.75
C THR QC 49 59.97 -61.69 -179.24
N VAL QC 50 58.83 -61.01 -179.24
CA VAL QC 50 58.78 -59.71 -178.61
C VAL QC 50 57.87 -59.82 -177.39
N ARG QC 51 57.74 -58.74 -176.62
CA ARG QC 51 56.76 -58.70 -175.55
C ARG QC 51 56.14 -57.32 -175.52
N THR QC 52 54.84 -57.25 -175.25
CA THR QC 52 54.07 -56.05 -175.49
C THR QC 52 53.01 -55.84 -174.42
N ILE QC 53 52.58 -54.59 -174.27
CA ILE QC 53 51.58 -54.21 -173.27
C ILE QC 53 50.25 -53.94 -173.98
N ALA QC 54 49.24 -54.74 -173.64
CA ALA QC 54 47.95 -54.66 -174.28
C ALA QC 54 47.23 -53.37 -173.91
N MET QC 55 46.31 -52.95 -174.76
CA MET QC 55 45.59 -51.70 -174.53
C MET QC 55 44.08 -51.84 -174.57
N ASP QC 56 43.54 -53.04 -174.41
CA ASP QC 56 42.15 -53.26 -174.06
C ASP QC 56 42.12 -54.53 -173.23
N GLY QC 57 40.93 -55.12 -173.07
CA GLY QC 57 40.80 -56.33 -172.29
C GLY QC 57 41.45 -57.50 -172.99
N THR QC 58 42.09 -58.36 -172.22
CA THR QC 58 42.89 -59.46 -172.73
C THR QC 58 42.13 -60.77 -172.58
N GLU QC 59 40.82 -60.74 -172.83
CA GLU QC 59 39.98 -61.92 -172.74
C GLU QC 59 39.63 -62.42 -174.14
N GLY QC 60 39.42 -63.73 -174.24
CA GLY QC 60 39.12 -64.33 -175.52
C GLY QC 60 40.29 -64.40 -176.48
N LEU QC 61 41.52 -64.32 -176.00
CA LEU QC 61 42.69 -64.44 -176.85
C LEU QC 61 43.18 -65.88 -176.81
N VAL QC 62 43.27 -66.50 -177.97
CA VAL QC 62 43.66 -67.90 -178.08
C VAL QC 62 45.15 -67.96 -178.40
N ARG QC 63 45.81 -69.00 -177.91
CA ARG QC 63 47.24 -69.19 -178.17
C ARG QC 63 47.47 -69.67 -179.60
N GLY QC 64 47.68 -68.75 -180.52
CA GLY QC 64 47.84 -69.11 -181.90
C GLY QC 64 47.22 -68.14 -182.87
N GLN QC 65 46.60 -67.09 -182.34
CA GLN QC 65 45.99 -66.08 -183.18
C GLN QC 65 47.04 -65.33 -183.98
N LYS QC 66 46.64 -64.86 -185.16
CA LYS QC 66 47.55 -64.19 -186.08
C LYS QC 66 47.40 -62.68 -185.91
N VAL QC 67 48.51 -62.02 -185.60
CA VAL QC 67 48.54 -60.59 -185.33
C VAL QC 67 49.50 -59.94 -186.30
N LEU QC 68 49.05 -58.85 -186.92
CA LEU QC 68 49.80 -58.19 -187.97
C LEU QC 68 50.77 -57.17 -187.38
N ASP QC 69 51.31 -56.30 -188.23
CA ASP QC 69 52.22 -55.25 -187.80
C ASP QC 69 51.97 -54.02 -188.65
N SER QC 70 51.73 -52.89 -188.00
CA SER QC 70 51.44 -51.66 -188.73
C SER QC 70 52.67 -51.03 -189.38
N GLY QC 71 53.87 -51.40 -188.95
CA GLY QC 71 55.07 -50.81 -189.52
C GLY QC 71 55.35 -49.42 -189.05
N ALA QC 72 54.75 -49.00 -187.94
CA ALA QC 72 54.83 -47.66 -187.39
C ALA QC 72 54.33 -47.74 -185.96
N PRO QC 73 54.48 -46.70 -185.14
CA PRO QC 73 53.80 -46.70 -183.83
C PRO QC 73 52.29 -46.48 -183.95
N ILE QC 74 51.64 -46.25 -182.81
CA ILE QC 74 50.22 -45.93 -182.79
C ILE QC 74 50.03 -44.62 -183.54
N LYS QC 75 49.34 -44.70 -184.67
CA LYS QC 75 49.08 -43.53 -185.50
C LYS QC 75 47.68 -43.02 -185.22
N ILE QC 76 47.54 -41.71 -185.08
CA ILE QC 76 46.28 -41.14 -184.63
C ILE QC 76 45.80 -40.08 -185.61
N PRO QC 77 44.50 -39.86 -185.74
CA PRO QC 77 44.00 -38.76 -186.56
C PRO QC 77 44.41 -37.39 -186.05
N VAL QC 78 45.26 -36.72 -186.80
CA VAL QC 78 45.80 -35.42 -186.45
C VAL QC 78 45.35 -34.42 -187.50
N GLY QC 79 44.55 -33.44 -187.09
CA GLY QC 79 44.05 -32.48 -188.05
C GLY QC 79 43.35 -31.29 -187.45
N PRO QC 80 42.77 -30.45 -188.31
CA PRO QC 80 41.93 -29.35 -187.82
C PRO QC 80 40.50 -29.78 -187.60
N GLU QC 81 40.12 -30.92 -188.16
CA GLU QC 81 38.79 -31.47 -187.98
C GLU QC 81 38.72 -32.49 -186.86
N THR QC 82 39.62 -32.38 -185.88
CA THR QC 82 39.56 -33.21 -184.70
C THR QC 82 39.13 -32.43 -183.47
N LEU QC 83 38.97 -31.12 -183.58
CA LEU QC 83 38.45 -30.32 -182.47
C LEU QC 83 36.95 -30.50 -182.36
N GLY QC 84 36.45 -30.50 -181.12
CA GLY QC 84 35.08 -30.82 -180.86
C GLY QC 84 34.77 -32.30 -180.89
N ARG QC 85 35.78 -33.15 -180.84
CA ARG QC 85 35.56 -34.58 -180.86
C ARG QC 85 36.23 -35.22 -179.66
N ILE QC 86 35.98 -36.51 -179.48
CA ILE QC 86 36.51 -37.28 -178.38
C ILE QC 86 37.11 -38.54 -178.97
N MET QC 87 38.30 -38.92 -178.52
CA MET QC 87 38.90 -40.16 -178.97
C MET QC 87 39.68 -40.78 -177.83
N ASN QC 88 39.86 -42.08 -177.89
CA ASN QC 88 40.65 -42.78 -176.89
C ASN QC 88 42.10 -42.87 -177.38
N VAL QC 89 42.90 -43.75 -176.75
CA VAL QC 89 44.35 -43.73 -176.90
C VAL QC 89 44.78 -44.10 -178.33
N ILE QC 90 43.94 -44.82 -179.07
CA ILE QC 90 44.32 -45.29 -180.38
C ILE QC 90 43.41 -44.71 -181.47
N GLY QC 91 42.96 -43.47 -181.27
CA GLY QC 91 42.38 -42.69 -182.33
C GLY QC 91 40.91 -42.90 -182.64
N GLU QC 92 40.30 -43.99 -182.14
CA GLU QC 92 38.91 -44.28 -182.45
C GLU QC 92 37.99 -43.25 -181.80
N PRO QC 93 36.99 -42.75 -182.53
CA PRO QC 93 36.03 -41.83 -181.91
C PRO QC 93 35.09 -42.56 -180.96
N ILE QC 94 34.74 -41.94 -179.83
CA ILE QC 94 33.86 -42.59 -178.87
C ILE QC 94 32.69 -41.70 -178.47
N ASP QC 95 32.52 -40.56 -179.12
CA ASP QC 95 31.28 -39.81 -178.96
C ASP QC 95 30.23 -40.21 -180.00
N GLU QC 96 30.62 -41.07 -180.95
CA GLU QC 96 29.74 -41.70 -181.93
C GLU QC 96 28.97 -40.66 -182.76
N ARG QC 97 29.68 -39.61 -183.15
CA ARG QC 97 29.15 -38.52 -183.96
C ARG QC 97 29.51 -38.69 -185.43
N GLY QC 98 30.13 -39.80 -185.80
CA GLY QC 98 30.66 -39.98 -187.14
C GLY QC 98 32.17 -40.12 -187.09
N PRO QC 99 32.75 -40.77 -188.10
CA PRO QC 99 34.20 -41.01 -188.07
C PRO QC 99 34.99 -39.75 -188.38
N ILE QC 100 36.20 -39.67 -187.80
CA ILE QC 100 37.03 -38.50 -188.00
C ILE QC 100 37.71 -38.61 -189.36
N LYS QC 101 37.31 -37.77 -190.29
CA LYS QC 101 37.76 -37.84 -191.68
C LYS QC 101 38.97 -36.93 -191.83
N THR QC 102 40.16 -37.53 -191.81
CA THR QC 102 41.40 -36.78 -191.79
C THR QC 102 42.35 -37.32 -192.85
N LYS QC 103 43.40 -36.56 -193.13
CA LYS QC 103 44.23 -36.84 -194.31
C LYS QC 103 45.51 -37.58 -193.93
N GLN QC 104 46.27 -37.05 -192.98
CA GLN QC 104 47.54 -37.66 -192.61
C GLN QC 104 47.51 -38.02 -191.13
N PHE QC 105 48.33 -39.00 -190.78
CA PHE QC 105 48.41 -39.50 -189.43
C PHE QC 105 49.77 -39.16 -188.84
N ALA QC 106 49.90 -39.32 -187.53
CA ALA QC 106 51.16 -39.08 -186.84
C ALA QC 106 51.33 -40.13 -185.74
N ALA QC 107 52.56 -40.57 -185.54
CA ALA QC 107 52.83 -41.50 -184.46
C ALA QC 107 53.02 -40.75 -183.16
N ILE QC 108 52.79 -41.45 -182.04
CA ILE QC 108 52.78 -40.79 -180.74
C ILE QC 108 54.14 -40.73 -180.08
N HIS QC 109 55.10 -41.53 -180.54
CA HIS QC 109 56.44 -41.55 -179.97
C HIS QC 109 57.39 -40.78 -180.87
N ALA QC 110 57.94 -39.70 -180.35
CA ALA QC 110 58.96 -38.95 -181.05
C ALA QC 110 60.12 -38.68 -180.11
N GLU QC 111 61.06 -37.85 -180.53
CA GLU QC 111 62.14 -37.42 -179.67
C GLU QC 111 61.96 -35.93 -179.35
N ALA QC 112 62.84 -35.43 -178.49
CA ALA QC 112 62.72 -34.08 -178.00
C ALA QC 112 63.13 -33.09 -179.08
N PRO QC 113 62.78 -31.81 -178.92
CA PRO QC 113 63.34 -30.77 -179.79
C PRO QC 113 64.86 -30.70 -179.69
N GLU QC 114 65.47 -30.21 -180.76
CA GLU QC 114 66.92 -30.23 -180.86
C GLU QC 114 67.53 -29.09 -180.07
N PHE QC 115 68.84 -29.19 -179.86
CA PHE QC 115 69.57 -28.20 -179.06
C PHE QC 115 69.58 -26.83 -179.73
N MET QC 116 69.53 -26.78 -181.05
CA MET QC 116 69.56 -25.52 -181.78
C MET QC 116 68.21 -25.17 -182.38
N GLU QC 117 67.12 -25.66 -181.77
CA GLU QC 117 65.76 -25.27 -182.13
C GLU QC 117 65.07 -24.46 -181.05
N MET QC 118 65.71 -24.26 -179.91
CA MET QC 118 65.06 -23.68 -178.75
C MET QC 118 64.86 -22.17 -178.91
N SER QC 119 64.30 -21.56 -177.89
CA SER QC 119 64.21 -20.12 -177.78
C SER QC 119 64.95 -19.69 -176.52
N VAL QC 120 65.62 -18.54 -176.59
CA VAL QC 120 66.57 -18.13 -175.56
C VAL QC 120 66.16 -16.85 -174.84
N GLU QC 121 64.99 -16.28 -175.15
CA GLU QC 121 64.49 -15.09 -174.49
C GLU QC 121 63.13 -15.42 -173.89
N GLN QC 122 63.05 -15.41 -172.56
CA GLN QC 122 61.85 -15.85 -171.87
C GLN QC 122 60.74 -14.83 -172.00
N GLU QC 123 59.55 -15.30 -172.36
CA GLU QC 123 58.41 -14.44 -172.55
C GLU QC 123 57.27 -14.91 -171.66
N ILE QC 124 56.28 -14.03 -171.49
CA ILE QC 124 55.23 -14.20 -170.51
C ILE QC 124 53.90 -14.34 -171.26
N LEU QC 125 53.27 -15.50 -171.13
CA LEU QC 125 51.98 -15.77 -171.76
C LEU QC 125 50.89 -15.15 -170.91
N VAL QC 126 50.33 -14.03 -171.36
CA VAL QC 126 49.18 -13.47 -170.69
C VAL QC 126 47.97 -14.35 -170.97
N THR QC 127 47.16 -14.59 -169.94
CA THR QC 127 45.87 -15.23 -170.10
C THR QC 127 44.77 -14.19 -170.09
N GLY QC 128 44.69 -13.42 -169.02
CA GLY QC 128 43.72 -12.35 -168.91
C GLY QC 128 43.14 -12.28 -167.52
N ILE QC 129 43.37 -13.34 -166.75
CA ILE QC 129 42.89 -13.39 -165.38
C ILE QC 129 43.74 -12.47 -164.51
N LYS QC 130 43.11 -11.84 -163.52
CA LYS QC 130 43.77 -10.76 -162.78
C LYS QC 130 44.80 -11.30 -161.81
N VAL QC 131 44.48 -12.37 -161.09
CA VAL QC 131 45.43 -12.85 -160.11
C VAL QC 131 46.57 -13.60 -160.79
N VAL QC 132 46.29 -14.27 -161.91
CA VAL QC 132 47.29 -15.15 -162.48
C VAL QC 132 48.32 -14.38 -163.27
N ASP QC 133 47.90 -13.28 -163.92
CA ASP QC 133 48.81 -12.45 -164.70
C ASP QC 133 49.83 -11.76 -163.82
N LEU QC 134 49.45 -11.38 -162.61
CA LEU QC 134 50.26 -10.50 -161.78
C LEU QC 134 51.07 -11.27 -160.74
N LEU QC 135 50.40 -12.00 -159.85
CA LEU QC 135 51.07 -12.50 -158.67
C LEU QC 135 51.74 -13.85 -158.90
N ALA QC 136 51.47 -14.49 -160.01
CA ALA QC 136 52.12 -15.75 -160.35
C ALA QC 136 52.07 -15.95 -161.86
N PRO QC 137 52.86 -15.22 -162.65
CA PRO QC 137 52.62 -15.19 -164.09
C PRO QC 137 53.09 -16.45 -164.80
N TYR QC 138 52.38 -16.77 -165.87
CA TYR QC 138 52.70 -17.94 -166.67
C TYR QC 138 53.84 -17.61 -167.62
N ALA QC 139 54.69 -18.60 -167.89
CA ALA QC 139 55.70 -18.45 -168.94
C ALA QC 139 55.07 -18.86 -170.26
N LYS QC 140 55.86 -18.92 -171.32
CA LYS QC 140 55.41 -19.55 -172.56
C LYS QC 140 56.31 -20.74 -172.83
N GLY QC 141 55.71 -21.89 -173.02
CA GLY QC 141 56.44 -23.13 -172.96
C GLY QC 141 56.58 -23.69 -171.57
N GLY QC 142 56.19 -22.93 -170.56
CA GLY QC 142 56.36 -23.34 -169.19
C GLY QC 142 55.36 -24.39 -168.77
N LYS QC 143 55.55 -24.87 -167.55
CA LYS QC 143 54.70 -25.89 -166.95
C LYS QC 143 54.10 -25.34 -165.67
N ILE QC 144 52.85 -25.69 -165.39
CA ILE QC 144 52.10 -25.11 -164.28
C ILE QC 144 51.63 -26.26 -163.39
N GLY QC 145 51.46 -25.97 -162.11
CA GLY QC 145 50.80 -26.89 -161.19
C GLY QC 145 49.52 -26.26 -160.69
N LEU QC 146 48.47 -27.07 -160.58
CA LEU QC 146 47.15 -26.60 -160.16
C LEU QC 146 46.71 -27.43 -158.98
N PHE QC 147 46.64 -26.80 -157.80
CA PHE QC 147 46.30 -27.48 -156.56
C PHE QC 147 44.91 -27.08 -156.11
N GLY QC 148 44.14 -28.06 -155.66
CA GLY QC 148 42.77 -27.83 -155.25
C GLY QC 148 41.83 -28.78 -155.95
N GLY QC 149 41.07 -29.55 -155.17
CA GLY QC 149 40.28 -30.63 -155.76
C GLY QC 149 38.93 -30.19 -156.27
N ALA QC 150 37.88 -30.86 -155.83
CA ALA QC 150 36.53 -30.53 -156.24
C ALA QC 150 35.83 -29.73 -155.15
N GLY QC 151 35.05 -28.74 -155.56
CA GLY QC 151 34.36 -27.87 -154.64
C GLY QC 151 35.00 -26.52 -154.46
N VAL QC 152 35.85 -26.09 -155.39
CA VAL QC 152 36.64 -24.87 -155.23
C VAL QC 152 36.43 -23.87 -156.35
N GLY QC 153 35.82 -24.24 -157.46
CA GLY QC 153 35.74 -23.36 -158.61
C GLY QC 153 36.83 -23.64 -159.62
N LYS QC 154 36.97 -24.92 -160.00
CA LYS QC 154 38.12 -25.45 -160.72
C LYS QC 154 37.87 -25.64 -162.21
N THR QC 155 36.81 -26.34 -162.57
CA THR QC 155 36.47 -26.57 -163.97
C THR QC 155 36.05 -25.27 -164.65
N VAL QC 156 35.47 -24.33 -163.89
CA VAL QC 156 35.17 -23.01 -164.44
C VAL QC 156 36.46 -22.23 -164.73
N LEU QC 157 37.57 -22.57 -164.07
CA LEU QC 157 38.84 -21.96 -164.42
C LEU QC 157 39.42 -22.56 -165.68
N ILE QC 158 39.23 -23.86 -165.91
CA ILE QC 158 39.79 -24.51 -167.08
C ILE QC 158 39.13 -24.00 -168.34
N MET QC 159 37.81 -23.89 -168.33
CA MET QC 159 37.10 -23.42 -169.52
C MET QC 159 37.31 -21.93 -169.76
N GLU QC 160 37.59 -21.15 -168.72
CA GLU QC 160 37.88 -19.73 -168.93
C GLU QC 160 39.26 -19.52 -169.52
N LEU QC 161 40.21 -20.43 -169.25
CA LEU QC 161 41.49 -20.41 -169.92
C LEU QC 161 41.33 -20.64 -171.42
N ILE QC 162 40.49 -21.59 -171.80
CA ILE QC 162 40.32 -21.91 -173.20
C ILE QC 162 39.51 -20.84 -173.93
N ASN QC 163 38.63 -20.15 -173.23
CA ASN QC 163 37.95 -19.02 -173.85
C ASN QC 163 38.68 -17.71 -173.64
N ASN QC 164 40.00 -17.76 -173.44
CA ASN QC 164 40.81 -16.55 -173.43
C ASN QC 164 42.00 -16.75 -174.36
N VAL QC 165 42.45 -18.00 -174.50
CA VAL QC 165 43.56 -18.30 -175.40
C VAL QC 165 43.12 -18.22 -176.85
N ALA QC 166 41.83 -18.29 -177.13
CA ALA QC 166 41.35 -18.24 -178.49
C ALA QC 166 40.71 -16.91 -178.83
N LYS QC 167 40.75 -15.95 -177.92
CA LYS QC 167 40.22 -14.62 -178.19
C LYS QC 167 41.30 -13.57 -178.38
N ALA QC 168 42.55 -13.89 -178.07
CA ALA QC 168 43.65 -12.99 -178.37
C ALA QC 168 44.89 -13.67 -178.92
N HIS QC 169 45.00 -14.98 -178.84
CA HIS QC 169 46.23 -15.67 -179.23
C HIS QC 169 46.05 -16.64 -180.39
N GLY QC 170 44.91 -17.30 -180.51
CA GLY QC 170 44.62 -18.07 -181.70
C GLY QC 170 45.10 -19.50 -181.71
N GLY QC 171 45.59 -20.01 -180.58
CA GLY QC 171 46.04 -21.38 -180.49
C GLY QC 171 45.00 -22.24 -179.80
N TYR QC 172 44.69 -23.36 -180.43
CA TYR QC 172 43.72 -24.27 -179.83
C TYR QC 172 44.37 -25.06 -178.72
N SER QC 173 43.62 -25.95 -178.10
CA SER QC 173 44.05 -26.65 -176.91
C SER QC 173 43.81 -28.13 -177.06
N VAL QC 174 44.17 -28.88 -176.04
CA VAL QC 174 43.84 -30.29 -175.90
C VAL QC 174 43.48 -30.49 -174.43
N PHE QC 175 42.45 -31.29 -174.16
CA PHE QC 175 42.25 -31.89 -172.85
C PHE QC 175 42.70 -33.34 -172.91
N ALA QC 176 43.43 -33.79 -171.88
CA ALA QC 176 43.88 -35.17 -171.83
C ALA QC 176 43.64 -35.73 -170.44
N GLY QC 177 42.45 -36.27 -170.21
CA GLY QC 177 42.14 -36.87 -168.92
C GLY QC 177 42.83 -38.20 -168.81
N VAL QC 178 43.72 -38.35 -167.83
CA VAL QC 178 44.48 -39.58 -167.65
C VAL QC 178 43.84 -40.37 -166.53
N GLY QC 179 43.23 -41.49 -166.87
CA GLY QC 179 42.61 -42.35 -165.88
C GLY QC 179 41.42 -41.72 -165.18
N GLU QC 180 40.61 -40.96 -165.90
CA GLU QC 180 39.59 -40.13 -165.28
C GLU QC 180 38.34 -40.95 -165.01
N ARG QC 181 37.41 -40.37 -164.24
CA ARG QC 181 36.13 -41.01 -163.95
C ARG QC 181 35.18 -40.89 -165.13
N THR QC 182 34.51 -42.00 -165.44
CA THR QC 182 33.55 -42.01 -166.54
C THR QC 182 32.31 -41.21 -166.21
N ARG QC 183 31.95 -41.14 -164.92
CA ARG QC 183 30.81 -40.35 -164.49
C ARG QC 183 31.08 -38.86 -164.63
N GLU QC 184 32.32 -38.42 -164.48
CA GLU QC 184 32.69 -37.03 -164.53
C GLU QC 184 33.27 -36.62 -165.88
N GLY QC 185 33.53 -37.57 -166.77
CA GLY QC 185 33.82 -37.22 -168.14
C GLY QC 185 32.61 -36.75 -168.90
N ASN QC 186 31.42 -37.10 -168.42
CA ASN QC 186 30.18 -36.69 -169.08
C ASN QC 186 29.66 -35.35 -168.56
N ASP QC 187 29.84 -35.04 -167.28
CA ASP QC 187 29.49 -33.70 -166.82
C ASP QC 187 30.51 -32.67 -167.26
N LEU QC 188 31.68 -33.11 -167.71
CA LEU QC 188 32.64 -32.20 -168.32
C LEU QC 188 32.27 -31.92 -169.77
N TYR QC 189 31.93 -32.99 -170.51
CA TYR QC 189 31.42 -32.87 -171.87
C TYR QC 189 30.15 -32.02 -171.91
N HIS QC 190 29.19 -32.31 -171.04
CA HIS QC 190 27.90 -31.66 -171.16
C HIS QC 190 27.89 -30.25 -170.59
N GLU QC 191 28.91 -29.87 -169.82
CA GLU QC 191 29.09 -28.48 -169.44
C GLU QC 191 29.82 -27.70 -170.50
N MET QC 192 30.73 -28.37 -171.20
CA MET QC 192 31.47 -27.71 -172.27
C MET QC 192 30.57 -27.40 -173.46
N ILE QC 193 29.51 -28.20 -173.66
CA ILE QC 193 28.59 -27.94 -174.76
C ILE QC 193 27.77 -26.68 -174.49
N GLU QC 194 27.22 -26.57 -173.28
CA GLU QC 194 26.37 -25.44 -172.95
C GLU QC 194 27.15 -24.19 -172.60
N SER QC 195 28.47 -24.23 -172.60
CA SER QC 195 29.28 -23.06 -172.31
C SER QC 195 29.90 -22.45 -173.55
N GLY QC 196 30.03 -23.21 -174.64
CA GLY QC 196 30.41 -22.65 -175.91
C GLY QC 196 31.75 -23.06 -176.46
N VAL QC 197 32.48 -23.96 -175.79
CA VAL QC 197 33.80 -24.30 -176.31
C VAL QC 197 33.74 -25.47 -177.28
N ILE QC 198 32.85 -26.44 -177.07
CA ILE QC 198 32.60 -27.49 -178.06
C ILE QC 198 31.21 -27.25 -178.63
N ASN QC 199 31.09 -27.37 -179.95
CA ASN QC 199 29.85 -27.05 -180.64
C ASN QC 199 29.57 -28.16 -181.63
N LEU QC 200 28.41 -28.81 -181.49
CA LEU QC 200 28.07 -30.02 -182.21
C LEU QC 200 27.40 -29.74 -183.56
N LYS QC 201 27.66 -28.58 -184.15
CA LYS QC 201 26.97 -28.23 -185.40
C LYS QC 201 27.94 -27.81 -186.50
N ASP QC 202 29.08 -27.24 -186.16
CA ASP QC 202 29.84 -26.49 -187.15
C ASP QC 202 31.33 -26.64 -186.87
N ALA QC 203 32.12 -25.73 -187.45
CA ALA QC 203 33.58 -25.69 -187.30
C ALA QC 203 34.02 -24.62 -186.31
N THR QC 204 33.32 -24.50 -185.18
CA THR QC 204 33.57 -23.45 -184.21
C THR QC 204 33.81 -24.07 -182.83
N SER QC 205 34.73 -25.03 -182.78
CA SER QC 205 35.17 -25.63 -181.53
C SER QC 205 36.57 -25.16 -181.16
N LYS QC 206 36.95 -25.45 -179.92
CA LYS QC 206 38.26 -25.00 -179.42
C LYS QC 206 39.04 -26.11 -178.74
N VAL QC 207 38.37 -27.09 -178.17
CA VAL QC 207 39.02 -28.11 -177.36
C VAL QC 207 38.94 -29.43 -178.11
N ALA QC 208 39.92 -30.31 -177.88
CA ALA QC 208 39.95 -31.63 -178.49
C ALA QC 208 40.13 -32.65 -177.38
N LEU QC 209 39.02 -33.20 -176.90
CA LEU QC 209 39.05 -34.10 -175.76
C LEU QC 209 39.68 -35.43 -176.15
N VAL QC 210 40.57 -35.95 -175.30
CA VAL QC 210 41.18 -37.27 -175.48
C VAL QC 210 41.02 -38.00 -174.15
N TYR QC 211 40.01 -38.85 -174.04
CA TYR QC 211 39.66 -39.46 -172.76
C TYR QC 211 40.15 -40.90 -172.68
N GLY QC 212 41.22 -41.11 -171.91
CA GLY QC 212 41.56 -42.43 -171.42
C GLY QC 212 41.02 -42.53 -170.02
N GLN QC 213 40.17 -43.51 -169.78
CA GLN QC 213 39.38 -43.53 -168.56
C GLN QC 213 39.79 -44.67 -167.65
N MET QC 214 39.20 -44.65 -166.45
CA MET QC 214 39.76 -45.36 -165.31
C MET QC 214 39.61 -46.87 -165.41
N ASN QC 215 38.74 -47.39 -166.27
CA ASN QC 215 38.54 -48.83 -166.33
C ASN QC 215 39.27 -49.47 -167.50
N GLU QC 216 40.22 -48.76 -168.12
CA GLU QC 216 41.08 -49.11 -169.23
C GLU QC 216 42.47 -49.48 -168.72
N PRO QC 217 43.07 -50.54 -169.28
CA PRO QC 217 44.20 -51.25 -168.62
C PRO QC 217 45.42 -50.37 -168.44
N PRO QC 218 46.37 -50.73 -167.54
CA PRO QC 218 47.45 -49.78 -167.22
C PRO QC 218 48.38 -49.48 -168.37
N GLY QC 219 48.51 -50.38 -169.34
CA GLY QC 219 49.27 -50.07 -170.52
C GLY QC 219 48.66 -48.98 -171.36
N ALA QC 220 47.35 -48.81 -171.28
CA ALA QC 220 46.65 -47.78 -172.03
C ALA QC 220 46.31 -46.57 -171.18
N ARG QC 221 46.85 -46.48 -169.97
CA ARG QC 221 46.66 -45.28 -169.15
C ARG QC 221 47.89 -44.40 -169.12
N ALA QC 222 49.07 -44.97 -169.34
CA ALA QC 222 50.28 -44.15 -169.39
C ALA QC 222 50.35 -43.38 -170.70
N ARG QC 223 49.91 -43.99 -171.80
CA ARG QC 223 50.03 -43.46 -173.16
C ARG QC 223 48.96 -42.44 -173.50
N VAL QC 224 48.26 -41.87 -172.53
CA VAL QC 224 47.19 -40.94 -172.88
C VAL QC 224 47.71 -39.51 -172.93
N ALA QC 225 48.79 -39.24 -172.22
CA ALA QC 225 49.38 -37.91 -172.28
C ALA QC 225 50.27 -37.73 -173.49
N LEU QC 226 50.66 -38.83 -174.15
CA LEU QC 226 51.40 -38.73 -175.39
C LEU QC 226 50.47 -38.52 -176.58
N THR QC 227 49.29 -39.11 -176.54
CA THR QC 227 48.29 -38.95 -177.58
C THR QC 227 47.63 -37.59 -177.53
N GLY QC 228 47.57 -37.00 -176.35
CA GLY QC 228 47.13 -35.63 -176.21
C GLY QC 228 48.23 -34.63 -176.38
N LEU QC 229 49.46 -35.10 -176.52
CA LEU QC 229 50.59 -34.25 -176.89
C LEU QC 229 50.81 -34.27 -178.39
N THR QC 230 50.60 -35.43 -179.00
CA THR QC 230 50.75 -35.59 -180.44
C THR QC 230 49.75 -34.75 -181.21
N VAL QC 231 48.54 -34.62 -180.68
CA VAL QC 231 47.54 -33.72 -181.28
C VAL QC 231 47.96 -32.28 -181.11
N ALA QC 232 48.63 -31.97 -180.00
CA ALA QC 232 48.95 -30.60 -179.64
C ALA QC 232 50.13 -30.03 -180.42
N GLU QC 233 50.76 -30.80 -181.30
CA GLU QC 233 51.91 -30.32 -182.03
C GLU QC 233 51.60 -29.90 -183.45
N TYR QC 234 50.50 -30.37 -184.03
CA TYR QC 234 50.06 -29.86 -185.32
C TYR QC 234 49.74 -28.37 -185.25
N PHE QC 235 49.26 -27.90 -184.12
CA PHE QC 235 49.02 -26.49 -183.93
C PHE QC 235 50.25 -25.78 -183.38
N ARG QC 236 51.39 -26.47 -183.33
CA ARG QC 236 52.70 -25.87 -183.14
C ARG QC 236 53.57 -26.04 -184.37
N ASP QC 237 53.75 -27.28 -184.82
CA ASP QC 237 54.61 -27.54 -185.98
C ASP QC 237 53.94 -27.11 -187.27
N GLN QC 238 52.81 -27.72 -187.58
CA GLN QC 238 52.19 -27.58 -188.88
C GLN QC 238 51.33 -26.33 -189.01
N GLU QC 239 51.14 -25.56 -187.94
CA GLU QC 239 50.36 -24.34 -188.08
C GLU QC 239 51.02 -23.15 -187.42
N GLY QC 240 51.84 -23.38 -186.39
CA GLY QC 240 52.46 -22.28 -185.69
C GLY QC 240 51.52 -21.42 -184.84
N GLN QC 241 51.01 -21.99 -183.74
CA GLN QC 241 50.18 -21.28 -182.80
C GLN QC 241 50.66 -21.58 -181.39
N ASP QC 242 49.97 -21.01 -180.40
CA ASP QC 242 50.33 -21.11 -178.98
C ASP QC 242 49.39 -22.10 -178.28
N VAL QC 243 49.75 -23.38 -178.33
CA VAL QC 243 48.88 -24.44 -177.83
C VAL QC 243 48.84 -24.42 -176.30
N LEU QC 244 47.71 -24.85 -175.74
CA LEU QC 244 47.58 -25.24 -174.34
C LEU QC 244 47.34 -26.74 -174.25
N LEU QC 245 47.48 -27.28 -173.04
CA LEU QC 245 47.34 -28.72 -172.87
C LEU QC 245 47.07 -28.99 -171.39
N PHE QC 246 45.94 -29.62 -171.08
CA PHE QC 246 45.55 -29.91 -169.70
C PHE QC 246 45.65 -31.41 -169.45
N ILE QC 247 46.30 -31.78 -168.37
CA ILE QC 247 46.42 -33.17 -167.97
C ILE QC 247 45.81 -33.29 -166.58
N ASP QC 248 44.88 -34.23 -166.42
CA ASP QC 248 44.13 -34.40 -165.18
C ASP QC 248 44.18 -35.85 -164.75
N ASN QC 249 45.12 -36.22 -163.88
CA ASN QC 249 46.12 -35.32 -163.34
C ASN QC 249 47.48 -35.97 -163.42
N ILE QC 250 48.52 -35.23 -163.02
CA ILE QC 250 49.89 -35.67 -163.25
C ILE QC 250 50.34 -36.79 -162.31
N PHE QC 251 49.52 -37.15 -161.32
CA PHE QC 251 49.83 -38.29 -160.46
C PHE QC 251 49.37 -39.60 -161.07
N ARG QC 252 48.26 -39.60 -161.80
CA ARG QC 252 47.77 -40.82 -162.41
C ARG QC 252 48.56 -41.20 -163.65
N PHE QC 253 49.30 -40.26 -164.24
CA PHE QC 253 50.30 -40.59 -165.23
C PHE QC 253 51.44 -41.38 -164.60
N THR QC 254 51.89 -40.92 -163.43
CA THR QC 254 53.00 -41.52 -162.71
C THR QC 254 52.64 -42.87 -162.10
N GLN QC 255 51.44 -42.96 -161.52
CA GLN QC 255 50.99 -44.19 -160.89
C GLN QC 255 50.77 -45.30 -161.91
N ALA QC 256 50.38 -44.96 -163.13
CA ALA QC 256 50.19 -45.97 -164.16
C ALA QC 256 51.51 -46.45 -164.76
N GLY QC 257 52.56 -45.64 -164.73
CA GLY QC 257 53.86 -46.10 -165.15
C GLY QC 257 54.43 -47.14 -164.21
N SER QC 258 54.09 -47.05 -162.93
CA SER QC 258 54.56 -48.01 -161.95
C SER QC 258 53.83 -49.33 -162.05
N GLU QC 259 52.67 -49.36 -162.69
CA GLU QC 259 51.93 -50.60 -162.87
C GLU QC 259 52.40 -51.36 -164.09
N VAL QC 260 52.73 -50.65 -165.17
CA VAL QC 260 53.35 -51.27 -166.34
C VAL QC 260 54.69 -51.87 -165.97
N SER QC 261 55.51 -51.10 -165.25
CA SER QC 261 56.87 -51.50 -164.91
C SER QC 261 56.91 -52.65 -163.93
N ALA QC 262 55.84 -52.89 -163.20
CA ALA QC 262 55.78 -54.00 -162.27
C ALA QC 262 55.08 -55.21 -162.85
N LEU QC 263 54.41 -55.06 -163.99
CA LEU QC 263 53.88 -56.22 -164.68
C LEU QC 263 54.93 -56.90 -165.54
N LEU QC 264 55.98 -56.16 -165.93
CA LEU QC 264 57.08 -56.73 -166.68
C LEU QC 264 58.04 -57.47 -165.76
N GLY QC 265 58.40 -56.87 -164.63
CA GLY QC 265 59.21 -57.56 -163.65
C GLY QC 265 60.32 -56.72 -163.03
N ARG QC 266 60.37 -55.44 -163.36
CA ARG QC 266 61.45 -54.60 -162.88
C ARG QC 266 61.32 -54.31 -161.39
N ILE QC 267 62.46 -54.38 -160.70
CA ILE QC 267 62.55 -54.21 -159.25
C ILE QC 267 62.30 -52.74 -158.89
N PRO QC 268 61.42 -52.43 -157.95
CA PRO QC 268 61.03 -51.05 -157.71
C PRO QC 268 62.08 -50.24 -156.95
N SER QC 269 61.93 -48.93 -157.08
CA SER QC 269 62.78 -47.86 -156.55
C SER QC 269 62.51 -47.60 -155.08
N ALA QC 270 62.77 -46.37 -154.63
CA ALA QC 270 62.20 -45.83 -153.39
C ALA QC 270 60.68 -45.79 -153.47
N VAL QC 271 59.99 -45.27 -152.47
CA VAL QC 271 58.85 -45.89 -151.77
C VAL QC 271 57.95 -46.93 -152.46
N GLY QC 272 58.13 -47.21 -153.75
CA GLY QC 272 57.40 -48.26 -154.41
C GLY QC 272 57.23 -47.98 -155.89
N TYR QC 273 57.69 -46.81 -156.34
CA TYR QC 273 57.63 -46.43 -157.73
C TYR QC 273 58.62 -47.21 -158.57
N GLN QC 274 58.66 -46.89 -159.82
CA GLN QC 274 59.44 -47.59 -160.83
C GLN QC 274 60.84 -46.99 -160.94
N PRO QC 275 61.85 -47.77 -161.40
CA PRO QC 275 63.21 -47.22 -161.42
C PRO QC 275 63.38 -46.10 -162.41
N THR QC 276 62.61 -46.08 -163.48
CA THR QC 276 62.74 -45.15 -164.58
C THR QC 276 61.85 -43.94 -164.40
N LEU QC 277 61.68 -43.51 -163.15
CA LEU QC 277 60.66 -42.54 -162.80
C LEU QC 277 60.97 -41.15 -163.31
N ALA QC 278 62.24 -40.77 -163.34
CA ALA QC 278 62.58 -39.42 -163.79
C ALA QC 278 62.80 -39.33 -165.30
N THR QC 279 63.24 -40.43 -165.93
CA THR QC 279 63.38 -40.42 -167.37
C THR QC 279 62.02 -40.51 -168.06
N ASP QC 280 61.10 -41.30 -167.50
CA ASP QC 280 59.74 -41.41 -168.06
C ASP QC 280 59.01 -40.09 -167.97
N MET QC 281 59.21 -39.36 -166.87
CA MET QC 281 58.68 -38.01 -166.81
C MET QC 281 59.50 -37.09 -167.70
N GLY QC 282 60.77 -37.40 -167.92
CA GLY QC 282 61.60 -36.56 -168.76
C GLY QC 282 61.17 -36.56 -170.22
N THR QC 283 60.99 -37.76 -170.79
CA THR QC 283 60.65 -37.88 -172.20
C THR QC 283 59.25 -37.40 -172.51
N MET QC 284 58.39 -37.23 -171.51
CA MET QC 284 57.10 -36.59 -171.74
C MET QC 284 57.20 -35.09 -171.56
N GLN QC 285 57.91 -34.64 -170.53
CA GLN QC 285 57.90 -33.22 -170.21
C GLN QC 285 58.87 -32.42 -171.04
N GLU QC 286 59.78 -33.07 -171.75
CA GLU QC 286 60.71 -32.32 -172.59
C GLU QC 286 60.16 -32.01 -173.95
N ARG QC 287 59.06 -32.65 -174.36
CA ARG QC 287 58.46 -32.34 -175.64
C ARG QC 287 57.55 -31.13 -175.58
N ILE QC 288 57.48 -30.45 -174.44
CA ILE QC 288 56.69 -29.24 -174.30
C ILE QC 288 57.64 -28.06 -174.18
N THR QC 289 58.05 -27.49 -175.32
CA THR QC 289 58.97 -26.35 -175.30
C THR QC 289 58.47 -25.25 -176.20
N THR QC 290 59.30 -24.25 -176.43
CA THR QC 290 59.01 -23.14 -177.33
C THR QC 290 60.02 -23.20 -178.47
N THR QC 291 59.65 -23.89 -179.55
CA THR QC 291 60.54 -23.96 -180.69
C THR QC 291 60.43 -22.68 -181.51
N LYS QC 292 61.05 -22.65 -182.68
CA LYS QC 292 61.06 -21.44 -183.48
C LYS QC 292 59.76 -21.23 -184.24
N LYS QC 293 59.04 -22.32 -184.54
CA LYS QC 293 57.75 -22.19 -185.22
C LYS QC 293 56.68 -21.68 -184.26
N GLY QC 294 56.40 -22.46 -183.22
CA GLY QC 294 55.43 -22.07 -182.22
C GLY QC 294 55.85 -22.50 -180.83
N SER QC 295 54.93 -23.08 -180.06
CA SER QC 295 55.20 -23.52 -178.69
C SER QC 295 54.10 -24.45 -178.25
N ILE QC 296 54.35 -25.17 -177.16
CA ILE QC 296 53.31 -25.83 -176.39
C ILE QC 296 53.41 -25.31 -174.96
N THR QC 297 52.30 -24.86 -174.41
CA THR QC 297 52.25 -24.60 -172.98
C THR QC 297 51.57 -25.80 -172.33
N SER QC 298 51.70 -25.94 -171.01
CA SER QC 298 51.04 -27.03 -170.31
C SER QC 298 50.47 -26.52 -168.99
N VAL QC 299 49.40 -27.16 -168.53
CA VAL QC 299 48.76 -26.89 -167.24
C VAL QC 299 48.35 -28.22 -166.64
N GLN QC 300 48.92 -28.57 -165.51
CA GLN QC 300 48.79 -29.91 -164.97
C GLN QC 300 48.35 -29.84 -163.52
N ALA QC 301 47.34 -30.64 -163.15
CA ALA QC 301 46.90 -30.72 -161.78
C ALA QC 301 47.72 -31.76 -161.04
N ILE QC 302 48.02 -31.49 -159.77
CA ILE QC 302 48.90 -32.34 -158.97
C ILE QC 302 48.18 -32.79 -157.70
N TYR QC 303 48.31 -34.06 -157.38
CA TYR QC 303 47.81 -34.64 -156.14
C TYR QC 303 48.99 -35.03 -155.26
N VAL QC 304 49.02 -34.52 -154.04
CA VAL QC 304 50.13 -34.71 -153.11
C VAL QC 304 49.72 -35.80 -152.11
N PRO QC 305 50.30 -37.00 -152.18
CA PRO QC 305 49.81 -38.11 -151.35
C PRO QC 305 50.29 -37.99 -149.91
N ALA QC 306 49.35 -38.18 -148.98
CA ALA QC 306 49.59 -38.23 -147.53
C ALA QC 306 50.19 -36.94 -146.99
N ASP QC 307 49.88 -35.82 -147.63
CA ASP QC 307 50.37 -34.48 -147.29
C ASP QC 307 51.89 -34.39 -147.28
N ASP QC 308 52.54 -35.21 -148.10
CA ASP QC 308 53.99 -35.38 -148.06
C ASP QC 308 54.58 -34.70 -149.29
N LEU QC 309 55.04 -33.47 -149.12
CA LEU QC 309 55.61 -32.74 -150.24
C LEU QC 309 56.99 -33.24 -150.64
N THR QC 310 57.57 -34.20 -149.93
CA THR QC 310 58.84 -34.79 -150.32
C THR QC 310 58.67 -36.24 -150.75
N ASP QC 311 57.46 -36.63 -151.11
CA ASP QC 311 57.20 -37.95 -151.66
C ASP QC 311 57.86 -38.04 -153.02
N PRO QC 312 58.31 -39.24 -153.43
CA PRO QC 312 59.06 -39.36 -154.70
C PRO QC 312 58.31 -38.93 -155.95
N ALA QC 313 56.99 -39.01 -155.99
CA ALA QC 313 56.28 -38.57 -157.18
C ALA QC 313 56.07 -37.06 -157.26
N PRO QC 314 55.68 -36.32 -156.20
CA PRO QC 314 55.64 -34.86 -156.35
C PRO QC 314 57.00 -34.19 -156.21
N ALA QC 315 58.02 -34.87 -155.70
CA ALA QC 315 59.37 -34.33 -155.78
C ALA QC 315 59.84 -34.25 -157.22
N THR QC 316 59.65 -35.34 -157.98
CA THR QC 316 60.10 -35.39 -159.37
C THR QC 316 59.30 -34.46 -160.26
N THR QC 317 58.03 -34.23 -159.95
CA THR QC 317 57.22 -33.34 -160.77
C THR QC 317 57.55 -31.89 -160.50
N PHE QC 318 57.94 -31.56 -159.26
CA PHE QC 318 58.29 -30.18 -158.93
C PHE QC 318 59.60 -29.74 -159.55
N ALA QC 319 60.43 -30.69 -159.97
CA ALA QC 319 61.69 -30.35 -160.64
C ALA QC 319 61.46 -29.76 -162.02
N HIS QC 320 60.28 -29.93 -162.61
CA HIS QC 320 59.96 -29.43 -163.94
C HIS QC 320 59.08 -28.19 -163.92
N LEU QC 321 58.52 -27.81 -162.78
CA LEU QC 321 57.50 -26.77 -162.78
C LEU QC 321 58.09 -25.39 -162.87
N ASP QC 322 57.33 -24.48 -163.49
CA ASP QC 322 57.68 -23.07 -163.54
C ASP QC 322 56.69 -22.19 -162.81
N ALA QC 323 55.66 -22.77 -162.21
CA ALA QC 323 54.65 -22.02 -161.47
C ALA QC 323 53.90 -22.99 -160.56
N THR QC 324 53.03 -22.42 -159.74
CA THR QC 324 52.02 -23.19 -159.01
C THR QC 324 50.75 -22.37 -158.96
N THR QC 325 49.62 -23.04 -158.84
CA THR QC 325 48.35 -22.38 -158.53
C THR QC 325 47.66 -23.20 -157.46
N VAL QC 326 47.19 -22.53 -156.41
CA VAL QC 326 46.54 -23.19 -155.29
C VAL QC 326 45.11 -22.68 -155.16
N LEU QC 327 44.16 -23.61 -155.21
CA LEU QC 327 42.76 -23.34 -154.95
C LEU QC 327 42.44 -23.86 -153.56
N SER QC 328 41.99 -22.97 -152.68
CA SER QC 328 41.76 -23.31 -151.29
C SER QC 328 40.30 -23.07 -150.94
N ARG QC 329 39.86 -23.71 -149.86
CA ARG QC 329 38.45 -23.73 -149.52
C ARG QC 329 38.01 -22.41 -148.89
N ALA QC 330 38.96 -21.68 -148.29
CA ALA QC 330 38.60 -20.54 -147.47
C ALA QC 330 38.29 -19.30 -148.30
N ILE QC 331 38.97 -19.13 -149.43
CA ILE QC 331 38.80 -17.91 -150.23
C ILE QC 331 37.47 -17.92 -150.96
N ALA QC 332 36.89 -19.11 -151.14
CA ALA QC 332 35.55 -19.18 -151.72
C ALA QC 332 34.50 -18.68 -150.74
N GLU QC 333 34.77 -18.80 -149.44
CA GLU QC 333 33.81 -18.36 -148.43
C GLU QC 333 33.72 -16.85 -148.37
N LEU QC 334 34.79 -16.16 -148.75
CA LEU QC 334 34.76 -14.71 -148.75
C LEU QC 334 33.94 -14.17 -149.90
N GLY QC 335 33.68 -15.00 -150.92
CA GLY QC 335 32.93 -14.60 -152.08
C GLY QC 335 33.77 -14.23 -153.28
N ILE QC 336 35.03 -14.66 -153.32
CA ILE QC 336 36.00 -14.17 -154.29
C ILE QC 336 36.25 -15.24 -155.34
N TYR QC 337 36.16 -14.86 -156.62
CA TYR QC 337 36.21 -15.81 -157.71
C TYR QC 337 37.19 -15.36 -158.79
N PRO QC 338 38.13 -16.23 -159.21
CA PRO QC 338 38.39 -17.62 -158.83
C PRO QC 338 39.08 -17.75 -157.48
N ALA QC 339 38.96 -18.91 -156.86
CA ALA QC 339 39.45 -19.10 -155.50
C ALA QC 339 40.95 -19.29 -155.53
N VAL QC 340 41.70 -18.20 -155.61
CA VAL QC 340 43.15 -18.27 -155.75
C VAL QC 340 43.79 -17.68 -154.50
N ASP QC 341 44.71 -18.42 -153.89
CA ASP QC 341 45.41 -18.02 -152.67
C ASP QC 341 46.66 -17.25 -153.05
N PRO QC 342 46.68 -15.92 -152.93
CA PRO QC 342 47.80 -15.16 -153.51
C PRO QC 342 49.06 -15.17 -152.66
N LEU QC 343 49.08 -15.90 -151.54
CA LEU QC 343 50.29 -15.99 -150.73
C LEU QC 343 50.99 -17.33 -150.90
N ASP QC 344 50.27 -18.35 -151.35
CA ASP QC 344 50.84 -19.68 -151.52
C ASP QC 344 50.94 -20.11 -152.98
N SER QC 345 50.68 -19.22 -153.93
CA SER QC 345 50.83 -19.49 -155.34
C SER QC 345 52.08 -18.75 -155.84
N THR QC 346 52.98 -19.49 -156.47
CA THR QC 346 54.32 -19.01 -156.77
C THR QC 346 54.50 -18.92 -158.28
N SER QC 347 55.65 -18.41 -158.70
CA SER QC 347 56.10 -18.47 -160.09
C SER QC 347 57.61 -18.30 -160.12
N ARG QC 348 58.29 -19.18 -160.85
CA ARG QC 348 59.74 -19.19 -160.84
C ARG QC 348 60.31 -18.01 -161.61
N ILE QC 349 59.55 -17.44 -162.52
CA ILE QC 349 60.08 -16.36 -163.33
C ILE QC 349 59.79 -15.01 -162.68
N MET QC 350 59.34 -15.03 -161.42
CA MET QC 350 59.18 -13.79 -160.67
C MET QC 350 60.55 -13.23 -160.34
N ASP QC 351 61.06 -12.35 -161.22
CA ASP QC 351 62.42 -11.84 -161.16
C ASP QC 351 62.50 -10.65 -162.10
N PRO QC 352 63.19 -9.56 -161.73
CA PRO QC 352 63.11 -8.34 -162.55
C PRO QC 352 63.80 -8.43 -163.89
N ASN QC 353 64.68 -9.41 -164.10
CA ASN QC 353 65.32 -9.56 -165.40
C ASN QC 353 64.38 -10.19 -166.41
N ILE QC 354 63.37 -10.93 -165.95
CA ILE QC 354 62.44 -11.64 -166.83
C ILE QC 354 61.15 -10.87 -167.03
N VAL QC 355 60.56 -10.36 -165.95
CA VAL QC 355 59.28 -9.66 -166.03
C VAL QC 355 59.43 -8.14 -166.09
N GLY QC 356 60.61 -7.61 -165.84
CA GLY QC 356 60.81 -6.17 -165.90
C GLY QC 356 60.89 -5.54 -164.54
N SER QC 357 61.06 -4.22 -164.54
CA SER QC 357 61.16 -3.49 -163.29
C SER QC 357 59.81 -3.03 -162.76
N GLU QC 358 58.89 -2.66 -163.65
CA GLU QC 358 57.59 -2.17 -163.18
C GLU QC 358 56.75 -3.31 -162.64
N HIS QC 359 56.79 -4.48 -163.28
CA HIS QC 359 55.97 -5.60 -162.83
C HIS QC 359 56.50 -6.24 -161.55
N TYR QC 360 57.79 -6.09 -161.25
CA TYR QC 360 58.30 -6.72 -160.03
C TYR QC 360 57.98 -5.90 -158.79
N ASP QC 361 58.14 -4.58 -158.87
CA ASP QC 361 57.90 -3.70 -157.72
C ASP QC 361 56.42 -3.37 -157.51
N VAL QC 362 55.52 -4.11 -158.12
CA VAL QC 362 54.11 -4.09 -157.76
C VAL QC 362 53.66 -5.42 -157.18
N ALA QC 363 54.07 -6.53 -157.79
CA ALA QC 363 53.76 -7.86 -157.27
C ALA QC 363 54.64 -8.24 -156.09
N ARG QC 364 55.57 -7.39 -155.68
CA ARG QC 364 56.23 -7.49 -154.40
C ARG QC 364 55.65 -6.50 -153.38
N GLY QC 365 55.02 -5.42 -153.85
CA GLY QC 365 54.30 -4.52 -152.98
C GLY QC 365 52.95 -5.05 -152.55
N VAL QC 366 52.12 -5.51 -153.51
CA VAL QC 366 50.83 -6.09 -153.15
C VAL QC 366 50.97 -7.47 -152.54
N GLN QC 367 52.14 -8.09 -152.64
CA GLN QC 367 52.41 -9.30 -151.89
C GLN QC 367 52.75 -9.00 -150.45
N LYS QC 368 53.19 -7.77 -150.17
CA LYS QC 368 53.59 -7.37 -148.82
C LYS QC 368 52.42 -6.91 -147.98
N ILE QC 369 51.50 -6.14 -148.57
CA ILE QC 369 50.36 -5.57 -147.85
C ILE QC 369 49.39 -6.64 -147.37
N LEU QC 370 49.42 -7.84 -147.93
CA LEU QC 370 48.54 -8.91 -147.50
C LEU QC 370 49.21 -9.87 -146.52
N GLN QC 371 50.47 -9.62 -146.15
CA GLN QC 371 51.15 -10.46 -145.18
C GLN QC 371 50.97 -9.99 -143.75
N ASP QC 372 50.96 -8.67 -143.53
CA ASP QC 372 50.80 -8.14 -142.19
C ASP QC 372 49.35 -8.17 -141.74
N TYR QC 373 48.41 -8.15 -142.70
CA TYR QC 373 47.00 -8.28 -142.36
C TYR QC 373 46.68 -9.67 -141.83
N LYS QC 374 47.40 -10.69 -142.29
CA LYS QC 374 47.26 -12.01 -141.69
C LYS QC 374 47.88 -12.06 -140.30
N SER QC 375 48.84 -11.19 -140.01
CA SER QC 375 49.42 -11.13 -138.67
C SER QC 375 48.47 -10.44 -137.69
N LEU QC 376 48.00 -9.24 -138.02
CA LEU QC 376 47.07 -8.51 -137.16
C LEU QC 376 45.61 -8.87 -137.42
N GLN QC 377 45.36 -10.05 -137.96
CA GLN QC 377 44.05 -10.68 -137.91
C GLN QC 377 43.85 -11.42 -136.59
N ASP QC 378 44.79 -11.27 -135.66
CA ASP QC 378 44.72 -11.77 -134.29
C ASP QC 378 44.61 -10.66 -133.27
N ILE QC 379 45.38 -9.59 -133.43
CA ILE QC 379 45.34 -8.45 -132.52
C ILE QC 379 43.97 -7.77 -132.56
N ILE QC 380 43.42 -7.58 -133.76
CA ILE QC 380 42.07 -7.08 -133.91
C ILE QC 380 41.03 -8.12 -133.49
N ALA QC 381 41.42 -9.39 -133.37
CA ALA QC 381 40.50 -10.45 -132.96
C ALA QC 381 40.50 -10.71 -131.47
N ILE QC 382 41.40 -10.09 -130.70
CA ILE QC 382 41.43 -10.23 -129.26
C ILE QC 382 41.33 -8.87 -128.57
N LEU QC 383 42.20 -7.94 -128.95
CA LEU QC 383 42.29 -6.67 -128.23
C LEU QC 383 41.14 -5.75 -128.61
N GLY QC 384 40.93 -5.51 -129.89
CA GLY QC 384 39.81 -4.70 -130.30
C GLY QC 384 40.09 -3.99 -131.61
N MET QC 385 39.23 -3.01 -131.91
CA MET QC 385 39.25 -2.35 -133.21
C MET QC 385 39.92 -0.99 -133.20
N ASP QC 386 39.47 -0.07 -132.34
CA ASP QC 386 40.02 1.29 -132.34
C ASP QC 386 41.40 1.38 -131.68
N GLU QC 387 41.90 0.28 -131.11
CA GLU QC 387 43.14 0.26 -130.37
C GLU QC 387 44.36 0.05 -131.27
N LEU QC 388 44.16 -0.28 -132.53
CA LEU QC 388 45.26 -0.24 -133.48
C LEU QC 388 45.51 1.21 -133.87
N SER QC 389 46.72 1.47 -134.38
CA SER QC 389 47.13 2.84 -134.63
C SER QC 389 46.40 3.45 -135.82
N GLU QC 390 46.61 4.75 -136.03
CA GLU QC 390 46.03 5.43 -137.18
C GLU QC 390 46.73 5.05 -138.47
N GLU QC 391 47.99 4.63 -138.39
CA GLU QC 391 48.66 4.04 -139.54
C GLU QC 391 48.34 2.56 -139.68
N ASP QC 392 47.55 2.01 -138.76
CA ASP QC 392 47.00 0.67 -138.90
C ASP QC 392 45.53 0.71 -139.29
N LYS QC 393 44.95 1.91 -139.44
CA LYS QC 393 43.66 2.06 -140.10
C LYS QC 393 43.81 2.23 -141.60
N LEU QC 394 45.03 2.12 -142.11
CA LEU QC 394 45.29 2.09 -143.54
C LEU QC 394 45.73 0.73 -144.05
N THR QC 395 46.31 -0.11 -143.19
CA THR QC 395 46.53 -1.51 -143.52
C THR QC 395 45.28 -2.36 -143.32
N VAL QC 396 44.21 -1.77 -142.79
CA VAL QC 396 42.90 -2.40 -142.81
C VAL QC 396 42.19 -2.08 -144.12
N SER QC 397 42.34 -0.85 -144.60
CA SER QC 397 41.72 -0.45 -145.86
C SER QC 397 42.41 -1.09 -147.05
N ARG QC 398 43.71 -0.86 -147.21
CA ARG QC 398 44.43 -1.27 -148.41
C ARG QC 398 44.87 -2.73 -148.41
N ALA QC 399 44.42 -3.53 -147.43
CA ALA QC 399 44.44 -4.98 -147.54
C ALA QC 399 43.03 -5.54 -147.59
N ARG QC 400 42.04 -4.67 -147.73
CA ARG QC 400 40.66 -5.03 -148.02
C ARG QC 400 40.24 -4.60 -149.41
N LYS QC 401 40.70 -3.43 -149.86
CA LYS QC 401 40.39 -2.97 -151.21
C LYS QC 401 41.11 -3.79 -152.27
N ILE QC 402 42.24 -4.42 -151.94
CA ILE QC 402 43.01 -5.18 -152.90
C ILE QC 402 42.51 -6.60 -153.05
N GLN QC 403 42.22 -7.32 -151.96
CA GLN QC 403 41.86 -8.73 -152.11
C GLN QC 403 40.42 -8.95 -152.56
N ARG QC 404 39.70 -7.89 -152.90
CA ARG QC 404 38.46 -8.00 -153.67
C ARG QC 404 38.67 -7.69 -155.14
N PHE QC 405 39.68 -6.88 -155.48
CA PHE QC 405 40.08 -6.65 -156.86
C PHE QC 405 40.88 -7.83 -157.43
N LEU QC 406 41.10 -8.89 -156.67
CA LEU QC 406 41.52 -10.18 -157.22
C LEU QC 406 40.34 -11.05 -157.63
N SER QC 407 39.18 -10.46 -157.91
CA SER QC 407 38.01 -11.21 -158.34
C SER QC 407 37.58 -10.68 -159.70
N GLN QC 408 36.91 -11.54 -160.47
CA GLN QC 408 36.71 -11.31 -161.89
C GLN QC 408 35.50 -12.09 -162.40
N PRO QC 409 34.60 -11.43 -163.11
CA PRO QC 409 33.47 -12.15 -163.69
C PRO QC 409 33.86 -12.92 -164.93
N PHE QC 410 33.77 -14.25 -164.87
CA PHE QC 410 34.21 -15.08 -165.98
C PHE QC 410 33.23 -14.99 -167.14
N GLN QC 411 33.64 -15.54 -168.29
CA GLN QC 411 32.81 -15.44 -169.48
C GLN QC 411 32.11 -16.77 -169.78
N VAL QC 412 32.69 -17.89 -169.35
CA VAL QC 412 32.11 -19.19 -169.68
C VAL QC 412 30.93 -19.50 -168.77
N ALA QC 413 30.87 -18.87 -167.59
CA ALA QC 413 29.67 -18.90 -166.76
C ALA QC 413 28.91 -17.59 -166.97
N GLU QC 414 28.31 -17.49 -168.16
CA GLU QC 414 27.67 -16.25 -168.57
C GLU QC 414 26.24 -16.16 -168.04
N VAL QC 415 25.52 -17.28 -168.05
CA VAL QC 415 24.10 -17.26 -167.69
C VAL QC 415 23.91 -17.28 -166.18
N PHE QC 416 24.90 -17.78 -165.44
CA PHE QC 416 24.73 -17.94 -164.00
C PHE QC 416 24.86 -16.59 -163.30
N THR QC 417 25.98 -15.89 -163.52
CA THR QC 417 26.17 -14.60 -162.87
C THR QC 417 25.28 -13.53 -163.52
N GLY QC 418 24.88 -13.73 -164.78
CA GLY QC 418 24.16 -12.72 -165.52
C GLY QC 418 24.98 -11.53 -165.97
N HIS QC 419 26.24 -11.42 -165.55
CA HIS QC 419 27.10 -10.31 -165.88
C HIS QC 419 27.96 -10.69 -167.08
N LEU QC 420 28.36 -9.68 -167.85
CA LEU QC 420 29.18 -9.91 -169.02
C LEU QC 420 30.61 -10.27 -168.60
N GLY QC 421 31.18 -11.25 -169.28
CA GLY QC 421 32.53 -11.68 -168.95
C GLY QC 421 33.57 -10.68 -169.46
N LYS QC 422 34.41 -10.21 -168.54
CA LYS QC 422 35.36 -9.15 -168.83
C LYS QC 422 36.77 -9.72 -168.97
N LEU QC 423 37.56 -9.10 -169.85
CA LEU QC 423 38.96 -9.42 -170.03
C LEU QC 423 39.78 -8.16 -169.77
N VAL QC 424 40.95 -8.33 -169.17
CA VAL QC 424 41.87 -7.23 -168.89
C VAL QC 424 43.25 -7.61 -169.40
N PRO QC 425 43.90 -6.77 -170.21
CA PRO QC 425 45.28 -7.04 -170.62
C PRO QC 425 46.25 -6.78 -169.48
N LEU QC 426 47.53 -7.02 -169.78
CA LEU QC 426 48.54 -7.11 -168.72
C LEU QC 426 48.96 -5.74 -168.23
N LYS QC 427 48.79 -4.70 -169.05
CA LYS QC 427 49.09 -3.36 -168.55
C LYS QC 427 47.89 -2.77 -167.83
N GLU QC 428 46.75 -3.45 -167.85
CA GLU QC 428 45.59 -2.99 -167.11
C GLU QC 428 45.53 -3.67 -165.74
N THR QC 429 46.26 -4.78 -165.58
CA THR QC 429 46.46 -5.33 -164.24
C THR QC 429 47.39 -4.45 -163.42
N ILE QC 430 48.45 -3.94 -164.06
CA ILE QC 430 49.47 -3.18 -163.35
C ILE QC 430 49.01 -1.75 -163.06
N LYS QC 431 48.22 -1.15 -163.95
CA LYS QC 431 47.75 0.20 -163.73
C LYS QC 431 46.74 0.29 -162.60
N GLY QC 432 46.09 -0.81 -162.26
CA GLY QC 432 45.08 -0.79 -161.22
C GLY QC 432 45.60 -1.14 -159.84
N PHE QC 433 46.59 -2.03 -159.76
CA PHE QC 433 47.08 -2.42 -158.44
C PHE QC 433 48.00 -1.38 -157.82
N GLN QC 434 48.66 -0.56 -158.64
CA GLN QC 434 49.57 0.45 -158.11
C GLN QC 434 48.81 1.57 -157.40
N GLN QC 435 47.57 1.84 -157.79
CA GLN QC 435 46.84 2.97 -157.27
C GLN QC 435 46.11 2.67 -155.98
N ILE QC 436 46.15 1.42 -155.51
CA ILE QC 436 45.57 1.11 -154.22
C ILE QC 436 46.62 1.17 -153.11
N LEU QC 437 47.86 0.77 -153.40
CA LEU QC 437 48.95 0.98 -152.46
C LEU QC 437 49.35 2.45 -152.39
N ALA QC 438 49.21 3.17 -153.50
CA ALA QC 438 49.38 4.62 -153.47
C ALA QC 438 48.20 5.32 -152.79
N GLY QC 439 47.06 4.65 -152.67
CA GLY QC 439 45.92 5.22 -151.98
C GLY QC 439 45.27 6.38 -152.69
N GLU QC 440 45.32 6.42 -154.03
CA GLU QC 440 44.61 7.45 -154.76
C GLU QC 440 43.10 7.24 -154.70
N TYR QC 441 42.68 6.00 -154.53
CA TYR QC 441 41.27 5.64 -154.42
C TYR QC 441 40.93 5.22 -152.99
N ASP QC 442 41.49 5.94 -152.01
CA ASP QC 442 41.23 5.67 -150.60
C ASP QC 442 39.80 6.00 -150.18
N HIS QC 443 39.06 6.75 -151.00
CA HIS QC 443 37.68 7.14 -150.70
C HIS QC 443 36.66 6.23 -151.38
N LEU QC 444 36.96 4.93 -151.51
CA LEU QC 444 36.06 4.02 -152.18
C LEU QC 444 35.66 2.91 -151.20
N PRO QC 445 34.38 2.53 -151.14
CA PRO QC 445 33.97 1.45 -150.24
C PRO QC 445 34.46 0.09 -150.75
N GLU QC 446 34.64 -0.82 -149.79
CA GLU QC 446 35.25 -2.12 -150.05
C GLU QC 446 34.34 -3.08 -150.80
N GLN QC 447 33.10 -2.69 -151.06
CA GLN QC 447 32.20 -3.53 -151.85
C GLN QC 447 32.22 -3.17 -153.33
N ALA QC 448 32.62 -1.94 -153.67
CA ALA QC 448 32.65 -1.53 -155.07
C ALA QC 448 33.83 -2.11 -155.83
N PHE QC 449 34.71 -2.84 -155.17
CA PHE QC 449 35.87 -3.48 -155.79
C PHE QC 449 35.57 -4.92 -156.14
N TYR QC 450 34.34 -5.22 -156.53
CA TYR QC 450 33.86 -6.60 -156.63
C TYR QC 450 33.36 -6.88 -158.05
N MET QC 451 34.03 -7.83 -158.72
CA MET QC 451 33.62 -8.40 -160.01
C MET QC 451 33.55 -7.35 -161.11
N VAL QC 452 34.63 -6.59 -161.27
CA VAL QC 452 34.72 -5.58 -162.32
C VAL QC 452 35.86 -5.96 -163.27
N GLY QC 453 36.08 -5.13 -164.29
CA GLY QC 453 37.14 -5.37 -165.26
C GLY QC 453 38.34 -4.48 -165.02
N PRO QC 454 38.44 -3.38 -165.76
CA PRO QC 454 39.54 -2.44 -165.55
C PRO QC 454 39.40 -1.60 -164.29
N ILE QC 455 40.33 -0.65 -164.13
CA ILE QC 455 40.24 0.28 -163.01
C ILE QC 455 39.10 1.27 -163.23
N GLU QC 456 38.74 1.53 -164.49
CA GLU QC 456 37.71 2.50 -164.79
C GLU QC 456 36.31 1.97 -164.51
N GLU QC 457 36.20 0.68 -164.20
CA GLU QC 457 34.88 0.12 -163.92
C GLU QC 457 34.56 0.16 -162.44
N ALA QC 458 35.56 -0.09 -161.58
CA ALA QC 458 35.30 -0.07 -160.14
C ALA QC 458 35.13 1.35 -159.65
N VAL QC 459 35.62 2.34 -160.41
CA VAL QC 459 35.25 3.72 -160.11
C VAL QC 459 33.87 4.03 -160.68
N ALA QC 460 33.46 3.32 -161.73
CA ALA QC 460 32.14 3.56 -162.29
C ALA QC 460 31.10 2.69 -161.61
N LYS QC 461 31.53 1.73 -160.80
CA LYS QC 461 30.58 0.95 -160.02
C LYS QC 461 30.11 1.72 -158.80
N ALA QC 462 31.01 2.49 -158.18
CA ALA QC 462 30.63 3.24 -156.98
C ALA QC 462 29.97 4.57 -157.35
N ASP QC 463 30.16 5.02 -158.59
CA ASP QC 463 29.47 6.23 -159.04
C ASP QC 463 27.98 6.00 -159.21
N LYS QC 464 27.55 4.76 -159.39
CA LYS QC 464 26.15 4.46 -159.61
C LYS QC 464 25.53 3.91 -158.32
N LEU QC 465 26.37 3.50 -157.38
CA LEU QC 465 25.91 2.99 -156.09
C LEU QC 465 25.22 4.08 -155.28
N ALA QC 466 24.28 3.65 -154.43
CA ALA QC 466 23.45 4.51 -153.57
C ALA QC 466 22.73 5.61 -154.33
N ALA RC 1 100.46 -74.38 -164.17
CA ALA RC 1 100.13 -73.32 -163.24
C ALA RC 1 99.68 -72.05 -163.98
N THR RC 2 98.95 -72.23 -165.07
CA THR RC 2 98.51 -71.11 -165.90
C THR RC 2 97.01 -71.23 -166.18
N GLY RC 3 96.42 -70.09 -166.53
CA GLY RC 3 94.99 -70.06 -166.81
C GLY RC 3 94.60 -68.78 -167.51
N ARG RC 4 93.38 -68.77 -168.02
CA ARG RC 4 92.89 -67.72 -168.90
C ARG RC 4 91.65 -67.05 -168.32
N ILE RC 5 91.50 -65.77 -168.61
CA ILE RC 5 90.35 -65.02 -168.13
C ILE RC 5 89.11 -65.47 -168.89
N VAL RC 6 88.03 -65.75 -168.16
CA VAL RC 6 86.77 -66.20 -168.74
C VAL RC 6 85.69 -65.14 -168.64
N ALA RC 7 85.59 -64.45 -167.52
CA ALA RC 7 84.55 -63.47 -167.35
C ALA RC 7 85.08 -62.31 -166.51
N VAL RC 8 84.54 -61.13 -166.75
CA VAL RC 8 84.98 -59.91 -166.07
C VAL RC 8 83.73 -59.12 -165.74
N ILE RC 9 83.45 -58.94 -164.45
CA ILE RC 9 82.38 -58.07 -163.99
C ILE RC 9 83.01 -57.11 -162.99
N GLY RC 10 83.29 -55.88 -163.42
CA GLY RC 10 83.82 -54.87 -162.53
C GLY RC 10 85.18 -55.22 -161.95
N ALA RC 11 85.20 -55.55 -160.67
CA ALA RC 11 86.43 -55.96 -159.99
C ALA RC 11 86.37 -57.41 -159.55
N VAL RC 12 85.56 -58.24 -160.20
CA VAL RC 12 85.47 -59.66 -159.89
C VAL RC 12 85.78 -60.39 -161.18
N VAL RC 13 87.04 -60.69 -161.40
CA VAL RC 13 87.49 -61.39 -162.59
C VAL RC 13 87.38 -62.88 -162.36
N ASP RC 14 86.76 -63.57 -163.30
CA ASP RC 14 86.74 -65.03 -163.31
C ASP RC 14 87.90 -65.54 -164.15
N VAL RC 15 88.43 -66.69 -163.78
CA VAL RC 15 89.67 -67.23 -164.35
C VAL RC 15 89.58 -68.74 -164.29
N GLN RC 16 89.83 -69.42 -165.40
CA GLN RC 16 89.80 -70.87 -165.43
C GLN RC 16 91.19 -71.45 -165.54
N PHE RC 17 91.53 -72.36 -164.64
CA PHE RC 17 92.79 -73.10 -164.71
C PHE RC 17 92.56 -74.47 -165.35
N ASP RC 18 93.66 -75.16 -165.61
CA ASP RC 18 93.58 -76.46 -166.26
C ASP RC 18 94.12 -77.59 -165.40
N GLU RC 19 95.23 -77.38 -164.70
CA GLU RC 19 95.63 -78.24 -163.60
C GLU RC 19 96.38 -77.37 -162.60
N GLY RC 20 96.33 -77.78 -161.34
CA GLY RC 20 96.91 -76.95 -160.30
C GLY RC 20 96.02 -75.79 -159.91
N LEU RC 21 94.88 -76.10 -159.31
CA LEU RC 21 94.00 -75.07 -158.78
C LEU RC 21 94.69 -74.35 -157.62
N PRO RC 22 94.70 -73.03 -157.57
CA PRO RC 22 95.27 -72.33 -156.44
C PRO RC 22 94.37 -72.44 -155.22
N PRO RC 23 94.92 -72.64 -154.03
CA PRO RC 23 94.11 -72.56 -152.82
C PRO RC 23 93.64 -71.14 -152.54
N ILE RC 24 92.65 -71.03 -151.66
CA ILE RC 24 91.95 -69.77 -151.46
C ILE RC 24 92.88 -68.76 -150.81
N LEU RC 25 92.79 -67.51 -151.28
CA LEU RC 25 93.66 -66.39 -150.91
C LEU RC 25 95.12 -66.68 -151.25
N ASN RC 26 95.35 -67.15 -152.47
CA ASN RC 26 96.67 -67.06 -153.07
C ASN RC 26 96.76 -65.75 -153.83
N ALA RC 27 97.80 -65.56 -154.61
CA ALA RC 27 97.90 -64.43 -155.50
C ALA RC 27 98.15 -64.95 -156.91
N LEU RC 28 97.55 -64.26 -157.89
CA LEU RC 28 97.70 -64.60 -159.30
C LEU RC 28 98.24 -63.38 -160.04
N GLU RC 29 99.14 -63.60 -160.99
CA GLU RC 29 99.80 -62.51 -161.68
C GLU RC 29 99.33 -62.45 -163.13
N VAL RC 30 98.69 -61.36 -163.50
CA VAL RC 30 98.15 -61.17 -164.84
C VAL RC 30 99.28 -60.73 -165.78
N GLN RC 31 99.60 -61.56 -166.77
CA GLN RC 31 100.66 -61.28 -167.73
C GLN RC 31 100.14 -60.41 -168.85
N GLY RC 32 100.93 -59.42 -169.25
CA GLY RC 32 100.59 -58.62 -170.39
C GLY RC 32 99.98 -57.29 -170.02
N ARG RC 33 100.49 -56.68 -168.95
CA ARG RC 33 100.05 -55.36 -168.53
C ARG RC 33 101.26 -54.50 -168.26
N GLU RC 34 101.04 -53.18 -168.25
CA GLU RC 34 102.15 -52.27 -168.00
C GLU RC 34 102.52 -52.21 -166.51
N THR RC 35 101.54 -52.35 -165.62
CA THR RC 35 101.72 -52.25 -164.19
C THR RC 35 101.66 -53.68 -163.63
N ARG RC 36 101.63 -53.85 -162.32
CA ARG RC 36 101.40 -55.14 -161.70
C ARG RC 36 99.91 -55.30 -161.41
N LEU RC 37 99.34 -56.41 -161.84
CA LEU RC 37 97.94 -56.73 -161.56
C LEU RC 37 97.91 -58.07 -160.84
N VAL RC 38 97.50 -58.06 -159.58
CA VAL RC 38 97.50 -59.24 -158.74
C VAL RC 38 96.05 -59.62 -158.41
N LEU RC 39 95.69 -60.86 -158.69
CA LEU RC 39 94.37 -61.39 -158.42
C LEU RC 39 94.47 -62.33 -157.24
N GLU RC 40 93.54 -62.19 -156.29
CA GLU RC 40 93.51 -63.02 -155.09
C GLU RC 40 92.28 -63.91 -155.09
N VAL RC 41 92.50 -65.22 -155.02
CA VAL RC 41 91.44 -66.20 -155.15
C VAL RC 41 90.46 -66.11 -154.00
N ALA RC 42 89.17 -66.02 -154.31
CA ALA RC 42 88.10 -65.97 -153.31
C ALA RC 42 87.29 -67.25 -153.22
N GLN RC 43 86.93 -67.88 -154.34
CA GLN RC 43 85.99 -69.00 -154.35
C GLN RC 43 86.58 -70.14 -155.14
N HIS RC 44 85.75 -71.15 -155.37
CA HIS RC 44 86.08 -72.32 -156.20
C HIS RC 44 84.76 -72.73 -156.84
N LEU RC 45 84.48 -72.27 -158.06
CA LEU RC 45 83.13 -72.39 -158.62
C LEU RC 45 82.87 -73.72 -159.31
N GLY RC 46 83.69 -74.74 -159.13
CA GLY RC 46 83.37 -76.01 -159.74
C GLY RC 46 84.03 -76.23 -161.07
N GLU RC 47 84.51 -77.46 -161.30
CA GLU RC 47 85.19 -77.97 -162.51
C GLU RC 47 86.28 -77.01 -163.03
N SER RC 48 87.31 -76.87 -162.19
CA SER RC 48 88.56 -76.14 -162.45
C SER RC 48 88.30 -74.70 -162.86
N THR RC 49 87.74 -73.94 -161.93
CA THR RC 49 87.41 -72.54 -162.20
C THR RC 49 87.37 -71.82 -160.87
N VAL RC 50 88.11 -70.74 -160.74
CA VAL RC 50 88.10 -69.96 -159.52
C VAL RC 50 87.47 -68.61 -159.81
N ARG RC 51 87.12 -67.91 -158.76
CA ARG RC 51 86.60 -66.55 -158.88
C ARG RC 51 87.44 -65.66 -157.98
N THR RC 52 88.01 -64.61 -158.55
CA THR RC 52 89.02 -63.83 -157.88
C THR RC 52 88.54 -62.40 -157.66
N ILE RC 53 89.25 -61.67 -156.80
CA ILE RC 53 89.03 -60.25 -156.58
C ILE RC 53 90.34 -59.53 -156.84
N ALA RC 54 90.30 -58.49 -157.66
CA ALA RC 54 91.49 -57.84 -158.17
C ALA RC 54 91.86 -56.62 -157.34
N MET RC 55 93.17 -56.38 -157.22
CA MET RC 55 93.69 -55.29 -156.40
C MET RC 55 93.79 -53.98 -157.12
N ASP RC 56 94.04 -53.99 -158.43
CA ASP RC 56 94.03 -52.76 -159.23
C ASP RC 56 92.95 -52.88 -160.31
N GLY RC 57 92.93 -51.89 -161.20
CA GLY RC 57 91.85 -51.80 -162.18
C GLY RC 57 91.91 -52.91 -163.21
N THR RC 58 90.73 -53.28 -163.70
CA THR RC 58 90.57 -54.41 -164.60
C THR RC 58 90.23 -54.01 -166.03
N GLU RC 59 90.16 -52.71 -166.33
CA GLU RC 59 89.88 -52.26 -167.68
C GLU RC 59 90.99 -52.64 -168.64
N GLY RC 60 90.62 -53.07 -169.82
CA GLY RC 60 91.58 -53.50 -170.82
C GLY RC 60 91.86 -54.99 -170.84
N LEU RC 61 91.23 -55.77 -169.98
CA LEU RC 61 91.40 -57.21 -170.00
C LEU RC 61 90.51 -57.83 -171.06
N VAL RC 62 91.03 -58.84 -171.75
CA VAL RC 62 90.26 -59.58 -172.72
C VAL RC 62 90.18 -61.02 -172.23
N ARG RC 63 89.23 -61.76 -172.78
CA ARG RC 63 89.13 -63.16 -172.43
C ARG RC 63 90.26 -63.94 -173.09
N GLY RC 64 90.71 -64.97 -172.42
CA GLY RC 64 91.85 -65.74 -172.87
C GLY RC 64 93.20 -65.21 -172.43
N GLN RC 65 93.24 -63.99 -171.87
CA GLN RC 65 94.47 -63.38 -171.42
C GLN RC 65 95.07 -64.17 -170.27
N LYS RC 66 96.37 -64.49 -170.37
CA LYS RC 66 96.99 -65.45 -169.46
C LYS RC 66 97.11 -64.90 -168.05
N VAL RC 67 97.14 -65.82 -167.09
CA VAL RC 67 97.20 -65.52 -165.66
C VAL RC 67 98.10 -66.56 -165.02
N LEU RC 68 99.07 -66.12 -164.22
CA LEU RC 68 100.11 -66.97 -163.66
C LEU RC 68 100.00 -67.02 -162.14
N ASP RC 69 100.33 -68.17 -161.57
CA ASP RC 69 100.13 -68.46 -160.15
C ASP RC 69 101.41 -68.20 -159.35
N SER RC 70 101.29 -67.37 -158.31
CA SER RC 70 102.46 -67.03 -157.49
C SER RC 70 102.89 -68.20 -156.63
N GLY RC 71 102.04 -68.63 -155.71
CA GLY RC 71 102.36 -69.71 -154.81
C GLY RC 71 102.10 -69.35 -153.36
N ALA RC 72 101.81 -68.07 -153.11
CA ALA RC 72 101.76 -67.55 -151.76
C ALA RC 72 100.79 -66.39 -151.73
N PRO RC 73 100.28 -66.00 -150.54
CA PRO RC 73 99.46 -64.78 -150.45
C PRO RC 73 100.22 -63.50 -150.75
N ILE RC 74 99.53 -62.36 -150.62
CA ILE RC 74 100.20 -61.07 -150.74
C ILE RC 74 101.18 -60.93 -149.59
N LYS RC 75 102.47 -60.85 -149.90
CA LYS RC 75 103.51 -60.64 -148.91
C LYS RC 75 104.08 -59.24 -149.07
N ILE RC 76 104.50 -58.65 -147.96
CA ILE RC 76 105.06 -57.30 -147.95
C ILE RC 76 106.41 -57.35 -147.27
N PRO RC 77 107.32 -56.43 -147.58
CA PRO RC 77 108.59 -56.41 -146.86
C PRO RC 77 108.42 -55.75 -145.50
N VAL RC 78 108.77 -56.47 -144.44
CA VAL RC 78 108.61 -55.94 -143.10
C VAL RC 78 109.97 -55.96 -142.41
N GLY RC 79 110.15 -55.03 -141.48
CA GLY RC 79 111.41 -54.89 -140.79
C GLY RC 79 111.60 -53.47 -140.29
N PRO RC 80 112.79 -53.16 -139.76
CA PRO RC 80 113.04 -51.80 -139.24
C PRO RC 80 113.32 -50.77 -140.31
N GLU RC 81 113.49 -51.17 -141.57
CA GLU RC 81 113.68 -50.22 -142.66
C GLU RC 81 112.38 -49.69 -143.22
N THR RC 82 111.24 -50.19 -142.73
CA THR RC 82 109.92 -49.75 -143.15
C THR RC 82 109.53 -48.41 -142.54
N LEU RC 83 110.32 -47.87 -141.62
CA LEU RC 83 109.97 -46.65 -140.92
C LEU RC 83 110.33 -45.46 -141.78
N GLY RC 84 109.39 -44.53 -141.93
CA GLY RC 84 109.62 -43.43 -142.82
C GLY RC 84 109.29 -43.70 -144.27
N ARG RC 85 108.70 -44.85 -144.57
CA ARG RC 85 108.33 -45.22 -145.92
C ARG RC 85 106.82 -45.38 -146.02
N ILE RC 86 106.27 -45.06 -147.19
CA ILE RC 86 104.86 -45.20 -147.50
C ILE RC 86 104.69 -46.39 -148.43
N MET RC 87 103.65 -47.18 -148.21
CA MET RC 87 103.42 -48.39 -148.98
C MET RC 87 102.01 -48.40 -149.52
N ASN RC 88 101.72 -49.36 -150.38
CA ASN RC 88 100.36 -49.64 -150.81
C ASN RC 88 100.03 -51.10 -150.48
N VAL RC 89 98.90 -51.58 -151.02
CA VAL RC 89 98.25 -52.82 -150.59
C VAL RC 89 99.13 -54.04 -150.83
N ILE RC 90 100.06 -53.94 -151.79
CA ILE RC 90 100.92 -55.07 -152.13
C ILE RC 90 102.36 -54.78 -151.72
N GLY RC 91 102.56 -53.65 -151.05
CA GLY RC 91 103.86 -53.39 -150.45
C GLY RC 91 104.93 -52.95 -151.42
N GLU RC 92 104.67 -51.89 -152.16
CA GLU RC 92 105.64 -51.30 -153.06
C GLU RC 92 105.85 -49.86 -152.67
N PRO RC 93 107.06 -49.33 -152.77
CA PRO RC 93 107.31 -47.98 -152.28
C PRO RC 93 106.66 -46.94 -153.17
N ILE RC 94 105.75 -46.17 -152.59
CA ILE RC 94 105.10 -45.09 -153.31
C ILE RC 94 105.57 -43.73 -152.82
N ASP RC 95 106.76 -43.67 -152.23
CA ASP RC 95 107.41 -42.42 -151.85
C ASP RC 95 108.46 -41.98 -152.87
N GLU RC 96 108.63 -42.74 -153.96
CA GLU RC 96 109.62 -42.55 -155.04
C GLU RC 96 111.06 -42.37 -154.52
N ARG RC 97 111.37 -42.94 -153.37
CA ARG RC 97 112.72 -42.92 -152.83
C ARG RC 97 113.43 -44.25 -152.96
N GLY RC 98 112.91 -45.15 -153.77
CA GLY RC 98 113.61 -46.38 -154.07
C GLY RC 98 113.06 -47.54 -153.28
N PRO RC 99 113.64 -48.73 -153.48
CA PRO RC 99 113.07 -49.94 -152.92
C PRO RC 99 113.25 -50.04 -151.41
N ILE RC 100 112.51 -50.97 -150.81
CA ILE RC 100 112.63 -51.27 -149.39
C ILE RC 100 113.34 -52.61 -149.27
N LYS RC 101 114.53 -52.60 -148.66
CA LYS RC 101 115.41 -53.76 -148.63
C LYS RC 101 115.45 -54.34 -147.23
N THR RC 102 114.62 -55.34 -146.97
CA THR RC 102 114.62 -56.00 -145.67
C THR RC 102 115.05 -57.44 -145.85
N LYS RC 103 115.24 -58.14 -144.73
CA LYS RC 103 115.75 -59.50 -144.81
C LYS RC 103 114.60 -60.52 -144.85
N GLN RC 104 113.40 -60.09 -144.50
CA GLN RC 104 112.27 -61.00 -144.33
C GLN RC 104 111.02 -60.38 -144.94
N PHE RC 105 110.03 -61.24 -145.17
CA PHE RC 105 108.74 -60.84 -145.75
C PHE RC 105 107.61 -61.43 -144.93
N ALA RC 106 106.52 -60.68 -144.81
CA ALA RC 106 105.39 -61.06 -143.99
C ALA RC 106 104.11 -61.12 -144.81
N ALA RC 107 103.41 -62.24 -144.72
CA ALA RC 107 102.14 -62.41 -145.42
C ALA RC 107 101.05 -61.51 -144.83
N ILE RC 108 100.06 -61.20 -145.64
CA ILE RC 108 98.98 -60.31 -145.20
C ILE RC 108 98.01 -61.06 -144.29
N HIS RC 109 97.79 -62.35 -144.56
CA HIS RC 109 96.79 -63.13 -143.86
C HIS RC 109 97.45 -64.04 -142.84
N ALA RC 110 97.18 -63.81 -141.57
CA ALA RC 110 97.60 -64.68 -140.49
C ALA RC 110 96.47 -64.79 -139.49
N GLU RC 111 96.62 -65.73 -138.57
CA GLU RC 111 95.52 -66.08 -137.67
C GLU RC 111 95.48 -65.13 -136.47
N ALA RC 112 94.69 -65.53 -135.47
CA ALA RC 112 94.49 -64.72 -134.29
C ALA RC 112 95.30 -65.30 -133.13
N PRO RC 113 95.59 -64.51 -132.10
CA PRO RC 113 96.26 -65.08 -130.91
C PRO RC 113 95.32 -65.98 -130.14
N GLU RC 114 95.90 -66.87 -129.36
CA GLU RC 114 95.12 -67.89 -128.66
C GLU RC 114 94.49 -67.29 -127.40
N PHE RC 115 93.91 -68.15 -126.58
CA PHE RC 115 93.36 -67.68 -125.30
C PHE RC 115 94.48 -67.40 -124.31
N MET RC 116 95.47 -68.29 -124.23
CA MET RC 116 96.50 -68.23 -123.21
C MET RC 116 97.68 -67.37 -123.63
N GLU RC 117 97.47 -66.42 -124.51
CA GLU RC 117 98.46 -65.43 -124.85
C GLU RC 117 97.91 -64.03 -124.64
N MET RC 118 96.93 -63.89 -123.77
CA MET RC 118 96.32 -62.60 -123.51
C MET RC 118 96.91 -61.99 -122.25
N SER RC 119 96.98 -60.67 -122.22
CA SER RC 119 97.44 -59.93 -121.06
C SER RC 119 96.30 -59.07 -120.54
N VAL RC 120 96.03 -59.18 -119.24
CA VAL RC 120 94.86 -58.57 -118.63
C VAL RC 120 95.17 -57.25 -117.93
N GLU RC 121 96.44 -56.87 -117.81
CA GLU RC 121 96.85 -55.76 -116.97
C GLU RC 121 96.38 -54.43 -117.55
N GLN RC 122 95.70 -53.64 -116.72
CA GLN RC 122 95.14 -52.37 -117.12
C GLN RC 122 95.81 -51.24 -116.36
N GLU RC 123 95.96 -50.11 -117.04
CA GLU RC 123 96.50 -48.90 -116.43
C GLU RC 123 95.70 -47.73 -116.99
N ILE RC 124 96.19 -46.52 -116.80
CA ILE RC 124 95.55 -45.33 -117.33
C ILE RC 124 96.58 -44.57 -118.16
N LEU RC 125 96.19 -44.20 -119.37
CA LEU RC 125 97.00 -43.37 -120.24
C LEU RC 125 96.40 -41.97 -120.16
N VAL RC 126 97.04 -41.09 -119.39
CA VAL RC 126 96.56 -39.73 -119.30
C VAL RC 126 96.90 -38.99 -120.59
N THR RC 127 95.89 -38.36 -121.17
CA THR RC 127 96.02 -37.72 -122.47
C THR RC 127 96.24 -36.22 -122.35
N GLY RC 128 95.32 -35.53 -121.70
CA GLY RC 128 95.40 -34.09 -121.62
C GLY RC 128 94.12 -33.46 -122.11
N ILE RC 129 93.09 -34.29 -122.23
CA ILE RC 129 91.76 -33.84 -122.62
C ILE RC 129 90.82 -34.10 -121.46
N LYS RC 130 90.04 -33.08 -121.09
CA LYS RC 130 89.24 -33.14 -119.87
C LYS RC 130 88.11 -34.14 -119.98
N VAL RC 131 87.45 -34.21 -121.15
CA VAL RC 131 86.33 -35.12 -121.34
C VAL RC 131 86.76 -36.56 -121.27
N VAL RC 132 87.99 -36.86 -121.63
CA VAL RC 132 88.46 -38.22 -121.65
C VAL RC 132 89.14 -38.59 -120.34
N ASP RC 133 89.84 -37.65 -119.71
CA ASP RC 133 90.50 -37.97 -118.44
C ASP RC 133 89.48 -38.21 -117.34
N LEU RC 134 88.43 -37.39 -117.28
CA LEU RC 134 87.50 -37.47 -116.17
C LEU RC 134 86.52 -38.62 -116.34
N LEU RC 135 85.71 -38.56 -117.39
CA LEU RC 135 84.53 -39.41 -117.54
C LEU RC 135 84.80 -40.77 -118.15
N ALA RC 136 85.85 -40.90 -118.97
CA ALA RC 136 86.06 -42.12 -119.76
C ALA RC 136 87.55 -42.32 -120.02
N PRO RC 137 88.30 -42.77 -119.02
CA PRO RC 137 89.76 -42.79 -119.14
C PRO RC 137 90.27 -43.92 -120.03
N TYR RC 138 91.22 -43.57 -120.89
CA TYR RC 138 91.85 -44.52 -121.79
C TYR RC 138 92.82 -45.40 -121.03
N ALA RC 139 93.17 -46.52 -121.60
CA ALA RC 139 94.11 -47.43 -120.95
C ALA RC 139 95.43 -47.45 -121.70
N LYS RC 140 96.35 -48.26 -121.22
CA LYS RC 140 97.66 -48.41 -121.83
C LYS RC 140 97.73 -49.84 -122.34
N GLY RC 141 97.22 -50.05 -123.55
CA GLY RC 141 97.18 -51.35 -124.13
C GLY RC 141 95.81 -51.84 -124.54
N GLY RC 142 94.86 -50.95 -124.79
CA GLY RC 142 93.51 -51.34 -125.10
C GLY RC 142 92.94 -50.57 -126.28
N LYS RC 143 91.91 -51.14 -126.90
CA LYS RC 143 91.31 -50.58 -128.10
C LYS RC 143 90.44 -49.39 -127.75
N ILE RC 144 90.39 -48.41 -128.64
CA ILE RC 144 89.66 -47.17 -128.44
C ILE RC 144 88.90 -46.87 -129.72
N GLY RC 145 87.66 -46.43 -129.63
CA GLY RC 145 86.91 -46.03 -130.79
C GLY RC 145 86.44 -44.60 -130.70
N LEU RC 146 86.33 -43.95 -131.85
CA LEU RC 146 85.85 -42.57 -131.93
C LEU RC 146 84.70 -42.49 -132.93
N PHE RC 147 83.49 -42.76 -132.45
CA PHE RC 147 82.31 -42.80 -133.32
C PHE RC 147 81.84 -41.41 -133.62
N GLY RC 148 81.41 -41.19 -134.85
CA GLY RC 148 81.03 -39.85 -135.27
C GLY RC 148 80.49 -39.87 -136.68
N GLY RC 149 79.71 -38.85 -136.99
CA GLY RC 149 79.07 -38.74 -138.28
C GLY RC 149 80.01 -38.22 -139.33
N ALA RC 150 79.51 -37.28 -140.12
CA ALA RC 150 80.34 -36.64 -141.15
C ALA RC 150 80.43 -35.15 -140.83
N GLY RC 151 81.58 -34.73 -140.32
CA GLY RC 151 81.80 -33.32 -140.03
C GLY RC 151 81.73 -32.99 -138.56
N VAL RC 152 82.05 -33.95 -137.69
CA VAL RC 152 82.00 -33.74 -136.26
C VAL RC 152 83.38 -33.59 -135.62
N GLY RC 153 84.41 -34.25 -136.14
CA GLY RC 153 85.70 -34.16 -135.51
C GLY RC 153 86.42 -35.45 -135.15
N LYS RC 154 86.20 -36.54 -135.89
CA LYS RC 154 86.87 -37.79 -135.60
C LYS RC 154 88.32 -37.83 -136.01
N THR RC 155 88.84 -36.81 -136.66
CA THR RC 155 90.25 -36.88 -137.04
C THR RC 155 91.05 -35.71 -136.49
N VAL RC 156 90.43 -34.57 -136.22
CA VAL RC 156 91.05 -33.56 -135.37
C VAL RC 156 91.27 -34.15 -133.98
N LEU RC 157 90.37 -35.01 -133.53
CA LEU RC 157 90.59 -35.73 -132.29
C LEU RC 157 91.69 -36.78 -132.42
N ILE RC 158 91.91 -37.35 -133.60
CA ILE RC 158 92.97 -38.32 -133.73
C ILE RC 158 94.32 -37.66 -134.02
N MET RC 159 94.32 -36.40 -134.45
CA MET RC 159 95.56 -35.64 -134.61
C MET RC 159 96.06 -35.06 -133.30
N GLU RC 160 95.24 -35.12 -132.24
CA GLU RC 160 95.64 -34.76 -130.89
C GLU RC 160 96.30 -35.92 -130.16
N LEU RC 161 95.70 -37.10 -130.24
CA LEU RC 161 96.30 -38.28 -129.63
C LEU RC 161 97.55 -38.76 -130.34
N ILE RC 162 97.98 -38.13 -131.43
CA ILE RC 162 99.35 -38.24 -131.92
C ILE RC 162 100.21 -37.15 -131.30
N ASN RC 163 99.69 -35.92 -131.30
CA ASN RC 163 100.39 -34.75 -130.81
C ASN RC 163 100.63 -34.78 -129.31
N ASN RC 164 99.94 -35.64 -128.56
CA ASN RC 164 100.13 -35.76 -127.13
C ASN RC 164 100.72 -37.09 -126.70
N VAL RC 165 100.57 -38.14 -127.50
CA VAL RC 165 101.00 -39.47 -127.11
C VAL RC 165 102.19 -39.95 -127.94
N ALA RC 166 102.21 -39.64 -129.23
CA ALA RC 166 103.30 -40.11 -130.06
C ALA RC 166 104.56 -39.27 -129.95
N LYS RC 167 104.51 -38.13 -129.25
CA LYS RC 167 105.72 -37.40 -128.95
C LYS RC 167 106.42 -37.99 -127.74
N ALA RC 168 105.68 -38.18 -126.65
CA ALA RC 168 106.18 -38.76 -125.42
C ALA RC 168 106.20 -40.28 -125.44
N HIS RC 169 106.12 -40.91 -126.60
CA HIS RC 169 106.26 -42.34 -126.66
C HIS RC 169 107.72 -42.71 -126.85
N GLY RC 170 108.06 -43.92 -126.41
CA GLY RC 170 109.44 -44.36 -126.50
C GLY RC 170 109.65 -45.37 -127.60
N GLY RC 171 108.67 -46.21 -127.85
CA GLY RC 171 108.74 -47.18 -128.93
C GLY RC 171 108.36 -46.58 -130.26
N TYR RC 172 107.90 -47.45 -131.15
CA TYR RC 172 107.66 -47.09 -132.54
C TYR RC 172 106.22 -46.63 -132.71
N SER RC 173 105.78 -46.49 -133.95
CA SER RC 173 104.42 -46.04 -134.26
C SER RC 173 104.06 -46.50 -135.67
N VAL RC 174 102.77 -46.75 -135.90
CA VAL RC 174 102.27 -47.17 -137.21
C VAL RC 174 100.97 -46.42 -137.48
N PHE RC 175 100.86 -45.80 -138.65
CA PHE RC 175 99.64 -45.16 -139.08
C PHE RC 175 99.11 -45.91 -140.30
N ALA RC 176 97.78 -45.96 -140.44
CA ALA RC 176 97.14 -46.57 -141.60
C ALA RC 176 96.02 -45.66 -142.08
N GLY RC 177 95.91 -45.51 -143.39
CA GLY RC 177 94.80 -44.78 -143.95
C GLY RC 177 93.98 -45.70 -144.81
N VAL RC 178 92.73 -45.93 -144.44
CA VAL RC 178 91.84 -46.86 -145.13
C VAL RC 178 90.68 -46.05 -145.67
N GLY RC 179 90.73 -45.67 -146.93
CA GLY RC 179 89.55 -45.11 -147.56
C GLY RC 179 89.21 -43.69 -147.20
N GLU RC 180 90.17 -42.90 -146.75
CA GLU RC 180 89.93 -41.48 -146.57
C GLU RC 180 90.84 -40.67 -147.48
N ARG RC 181 90.60 -39.37 -147.54
CA ARG RC 181 91.02 -38.56 -148.68
C ARG RC 181 92.53 -38.33 -148.69
N THR RC 182 93.05 -37.98 -149.86
CA THR RC 182 94.48 -38.08 -150.13
C THR RC 182 95.25 -36.81 -149.82
N ARG RC 183 94.61 -35.65 -149.80
CA ARG RC 183 95.34 -34.47 -149.36
C ARG RC 183 95.60 -34.50 -147.86
N GLU RC 184 94.74 -35.14 -147.08
CA GLU RC 184 95.02 -35.36 -145.67
C GLU RC 184 96.13 -36.38 -145.45
N GLY RC 185 96.33 -37.28 -146.40
CA GLY RC 185 97.44 -38.19 -146.33
C GLY RC 185 98.73 -37.65 -146.88
N ASN RC 186 98.70 -36.42 -147.38
CA ASN RC 186 99.89 -35.69 -147.80
C ASN RC 186 100.35 -34.73 -146.73
N ASP RC 187 99.42 -34.15 -145.96
CA ASP RC 187 99.75 -33.27 -144.85
C ASP RC 187 100.14 -34.02 -143.59
N LEU RC 188 100.23 -35.33 -143.63
CA LEU RC 188 100.86 -36.07 -142.56
C LEU RC 188 102.30 -36.43 -142.88
N TYR RC 189 102.70 -36.34 -144.14
CA TYR RC 189 104.08 -36.45 -144.56
C TYR RC 189 104.82 -35.14 -144.42
N HIS RC 190 104.19 -34.02 -144.76
CA HIS RC 190 104.80 -32.72 -144.61
C HIS RC 190 104.48 -32.07 -143.27
N GLU RC 191 104.20 -32.89 -142.26
CA GLU RC 191 104.15 -32.45 -140.87
C GLU RC 191 104.88 -33.39 -139.94
N MET RC 192 105.36 -34.52 -140.44
CA MET RC 192 106.23 -35.42 -139.71
C MET RC 192 107.65 -35.42 -140.22
N ILE RC 193 107.89 -34.77 -141.36
CA ILE RC 193 109.25 -34.47 -141.79
C ILE RC 193 109.75 -33.22 -141.10
N GLU RC 194 108.88 -32.20 -141.00
CA GLU RC 194 109.26 -30.94 -140.37
C GLU RC 194 109.51 -31.12 -138.88
N SER RC 195 108.76 -31.99 -138.24
CA SER RC 195 108.86 -32.18 -136.79
C SER RC 195 109.63 -33.43 -136.41
N GLY RC 196 110.62 -33.84 -137.19
CA GLY RC 196 111.62 -34.78 -136.75
C GLY RC 196 111.19 -36.22 -136.57
N VAL RC 197 109.95 -36.57 -136.88
CA VAL RC 197 109.52 -37.95 -136.75
C VAL RC 197 109.94 -38.78 -137.96
N ILE RC 198 109.89 -38.20 -139.16
CA ILE RC 198 110.47 -38.80 -140.36
C ILE RC 198 111.86 -38.21 -140.55
N ASN RC 199 112.86 -39.08 -140.67
CA ASN RC 199 114.23 -38.66 -140.95
C ASN RC 199 114.63 -39.21 -142.31
N LEU RC 200 114.78 -38.32 -143.28
CA LEU RC 200 115.08 -38.73 -144.65
C LEU RC 200 116.52 -39.16 -144.86
N LYS RC 201 117.42 -38.91 -143.90
CA LYS RC 201 118.85 -39.03 -144.15
C LYS RC 201 119.53 -40.18 -143.42
N ASP RC 202 118.95 -40.69 -142.34
CA ASP RC 202 119.52 -41.86 -141.67
C ASP RC 202 118.38 -42.65 -141.04
N ALA RC 203 118.72 -43.54 -140.10
CA ALA RC 203 117.81 -44.53 -139.57
C ALA RC 203 117.24 -44.15 -138.20
N THR RC 204 116.89 -42.89 -137.99
CA THR RC 204 116.37 -42.44 -136.70
C THR RC 204 114.92 -41.99 -136.81
N SER RC 205 114.10 -42.76 -137.52
CA SER RC 205 112.69 -42.46 -137.69
C SER RC 205 111.83 -43.43 -136.91
N LYS RC 206 110.69 -42.93 -136.46
CA LYS RC 206 109.84 -43.62 -135.49
C LYS RC 206 108.57 -44.22 -136.09
N VAL RC 207 107.97 -43.57 -137.08
CA VAL RC 207 106.65 -43.95 -137.58
C VAL RC 207 106.79 -44.67 -138.93
N ALA RC 208 105.91 -45.63 -139.15
CA ALA RC 208 105.66 -46.25 -140.44
C ALA RC 208 104.36 -45.72 -141.00
N LEU RC 209 104.20 -45.82 -142.31
CA LEU RC 209 102.98 -45.38 -142.97
C LEU RC 209 102.52 -46.41 -143.99
N VAL RC 210 101.21 -46.57 -144.13
CA VAL RC 210 100.57 -47.50 -145.08
C VAL RC 210 99.31 -46.81 -145.60
N TYR RC 211 99.09 -46.83 -146.91
CA TYR RC 211 98.03 -46.01 -147.49
C TYR RC 211 97.26 -46.72 -148.59
N GLY RC 212 95.94 -46.80 -148.43
CA GLY RC 212 95.01 -47.03 -149.54
C GLY RC 212 93.79 -46.14 -149.41
N GLN RC 213 93.59 -45.23 -150.34
CA GLN RC 213 92.67 -44.12 -150.16
C GLN RC 213 91.37 -44.34 -150.91
N MET RC 214 90.58 -43.27 -151.06
CA MET RC 214 89.26 -43.35 -151.65
C MET RC 214 89.28 -43.15 -153.16
N ASN RC 215 90.35 -43.56 -153.85
CA ASN RC 215 90.32 -43.65 -155.30
C ASN RC 215 90.51 -45.07 -155.79
N GLU RC 216 90.80 -46.00 -154.91
CA GLU RC 216 91.17 -47.35 -155.31
C GLU RC 216 89.95 -48.15 -155.75
N PRO RC 217 90.17 -49.27 -156.44
CA PRO RC 217 89.10 -50.25 -156.59
C PRO RC 217 88.80 -50.90 -155.26
N PRO RC 218 87.58 -51.39 -155.05
CA PRO RC 218 87.21 -51.95 -153.76
C PRO RC 218 87.75 -53.34 -153.45
N GLY RC 219 88.72 -53.84 -154.19
CA GLY RC 219 89.48 -54.97 -153.69
C GLY RC 219 90.74 -54.58 -152.98
N ALA RC 220 91.06 -53.29 -153.01
CA ALA RC 220 92.21 -52.72 -152.34
C ALA RC 220 91.86 -52.10 -150.99
N ARG RC 221 90.76 -51.35 -150.92
CA ARG RC 221 90.29 -50.83 -149.63
C ARG RC 221 89.88 -51.94 -148.68
N ALA RC 222 89.42 -53.07 -149.20
CA ALA RC 222 89.09 -54.21 -148.36
C ALA RC 222 90.31 -54.94 -147.85
N ARG RC 223 91.52 -54.61 -148.30
CA ARG RC 223 92.71 -55.31 -147.87
C ARG RC 223 93.86 -54.39 -147.48
N VAL RC 224 93.68 -53.07 -147.50
CA VAL RC 224 94.76 -52.22 -147.05
C VAL RC 224 94.84 -52.20 -145.53
N ALA RC 225 93.75 -52.50 -144.83
CA ALA RC 225 93.76 -52.49 -143.38
C ALA RC 225 94.46 -53.70 -142.80
N LEU RC 226 94.56 -54.79 -143.55
CA LEU RC 226 95.37 -55.93 -143.13
C LEU RC 226 96.84 -55.75 -143.46
N THR RC 227 97.23 -54.61 -144.03
CA THR RC 227 98.62 -54.37 -144.38
C THR RC 227 99.35 -53.61 -143.28
N GLY RC 228 98.82 -52.46 -142.87
CA GLY RC 228 99.34 -51.77 -141.71
C GLY RC 228 99.21 -52.57 -140.43
N LEU RC 229 98.26 -53.49 -140.37
CA LEU RC 229 98.14 -54.43 -139.29
C LEU RC 229 99.26 -55.46 -139.27
N THR RC 230 100.00 -55.62 -140.35
CA THR RC 230 101.10 -56.57 -140.35
C THR RC 230 102.45 -55.92 -140.05
N VAL RC 231 102.63 -54.66 -140.44
CA VAL RC 231 103.85 -53.95 -140.05
C VAL RC 231 103.83 -53.60 -138.58
N ALA RC 232 102.66 -53.59 -137.93
CA ALA RC 232 102.52 -53.35 -136.50
C ALA RC 232 102.39 -54.63 -135.71
N GLU RC 233 102.78 -55.76 -136.28
CA GLU RC 233 102.95 -57.00 -135.56
C GLU RC 233 104.37 -57.49 -135.53
N TYR RC 234 105.18 -57.12 -136.52
CA TYR RC 234 106.61 -57.41 -136.45
C TYR RC 234 107.25 -56.61 -135.34
N PHE RC 235 106.81 -55.36 -135.18
CA PHE RC 235 107.25 -54.51 -134.09
C PHE RC 235 106.63 -54.87 -132.76
N ARG RC 236 105.89 -55.98 -132.67
CA ARG RC 236 105.33 -56.50 -131.43
C ARG RC 236 105.89 -57.86 -131.09
N ASP RC 237 105.84 -58.80 -132.01
CA ASP RC 237 106.22 -60.18 -131.72
C ASP RC 237 107.71 -60.45 -131.92
N GLN RC 238 108.35 -59.85 -132.91
CA GLN RC 238 109.73 -60.20 -133.21
C GLN RC 238 110.74 -59.16 -132.75
N GLU RC 239 110.34 -57.89 -132.59
CA GLU RC 239 111.21 -56.91 -131.96
C GLU RC 239 110.86 -56.62 -130.52
N GLY RC 240 109.61 -56.81 -130.11
CA GLY RC 240 109.22 -56.59 -128.73
C GLY RC 240 109.25 -55.12 -128.34
N GLN RC 241 108.37 -54.34 -128.91
CA GLN RC 241 108.30 -52.93 -128.58
C GLN RC 241 106.90 -52.65 -128.04
N ASP RC 242 106.61 -51.37 -127.85
CA ASP RC 242 105.30 -50.90 -127.42
C ASP RC 242 104.82 -49.95 -128.50
N VAL RC 243 104.01 -50.46 -129.43
CA VAL RC 243 103.65 -49.74 -130.64
C VAL RC 243 102.29 -49.09 -130.51
N LEU RC 244 102.17 -47.90 -131.06
CA LEU RC 244 100.86 -47.32 -131.28
C LEU RC 244 100.33 -47.83 -132.62
N LEU RC 245 99.06 -47.49 -132.90
CA LEU RC 245 98.39 -47.86 -134.15
C LEU RC 245 97.20 -46.95 -134.30
N PHE RC 246 97.19 -46.13 -135.34
CA PHE RC 246 96.12 -45.19 -135.60
C PHE RC 246 95.46 -45.57 -136.93
N ILE RC 247 94.15 -45.84 -136.90
CA ILE RC 247 93.41 -46.26 -138.08
C ILE RC 247 92.31 -45.26 -138.36
N ASP RC 248 92.27 -44.75 -139.58
CA ASP RC 248 91.23 -43.80 -140.00
C ASP RC 248 91.12 -43.94 -141.51
N ASN RC 249 90.05 -44.54 -142.00
CA ASN RC 249 88.83 -44.88 -141.29
C ASN RC 249 88.54 -46.37 -141.43
N ILE RC 250 88.03 -47.02 -140.38
CA ILE RC 250 87.87 -48.48 -140.39
C ILE RC 250 86.48 -48.89 -140.87
N PHE RC 251 85.57 -47.94 -141.09
CA PHE RC 251 84.28 -48.29 -141.69
C PHE RC 251 84.44 -48.74 -143.12
N ARG RC 252 85.37 -48.16 -143.86
CA ARG RC 252 85.55 -48.50 -145.27
C ARG RC 252 86.16 -49.87 -145.49
N PHE RC 253 86.55 -50.58 -144.45
CA PHE RC 253 86.83 -52.00 -144.56
C PHE RC 253 85.57 -52.79 -144.85
N THR RC 254 84.42 -52.27 -144.42
CA THR RC 254 83.12 -52.90 -144.49
C THR RC 254 82.23 -52.31 -145.57
N GLN RC 255 82.25 -50.98 -145.75
CA GLN RC 255 81.54 -50.35 -146.86
C GLN RC 255 82.03 -50.87 -148.20
N ALA RC 256 83.33 -51.08 -148.34
CA ALA RC 256 83.89 -51.63 -149.57
C ALA RC 256 84.04 -53.13 -149.49
N GLY RC 257 83.17 -53.81 -148.78
CA GLY RC 257 83.15 -55.25 -148.74
C GLY RC 257 81.76 -55.73 -149.08
N SER RC 258 80.81 -54.79 -149.06
CA SER RC 258 79.46 -55.00 -149.56
C SER RC 258 79.30 -54.43 -150.94
N GLU RC 259 80.39 -54.08 -151.60
CA GLU RC 259 80.39 -53.70 -153.00
C GLU RC 259 80.94 -54.80 -153.88
N VAL RC 260 81.62 -55.78 -153.31
CA VAL RC 260 82.07 -56.96 -154.03
C VAL RC 260 81.38 -58.21 -153.57
N SER RC 261 80.44 -58.10 -152.64
CA SER RC 261 79.70 -59.25 -152.14
C SER RC 261 78.44 -59.51 -152.92
N ALA RC 262 77.94 -58.50 -153.64
CA ALA RC 262 76.79 -58.72 -154.51
C ALA RC 262 77.15 -59.57 -155.71
N LEU RC 263 78.36 -59.39 -156.23
CA LEU RC 263 78.82 -60.00 -157.46
C LEU RC 263 79.47 -61.36 -157.25
N LEU RC 264 79.65 -61.77 -156.00
CA LEU RC 264 80.08 -63.14 -155.71
C LEU RC 264 78.92 -64.11 -155.64
N GLY RC 265 77.68 -63.63 -155.72
CA GLY RC 265 76.53 -64.51 -155.73
C GLY RC 265 75.93 -64.81 -154.37
N ARG RC 266 75.59 -63.78 -153.61
CA ARG RC 266 75.13 -63.94 -152.23
C ARG RC 266 73.83 -63.18 -152.02
N ILE RC 267 72.88 -63.83 -151.35
CA ILE RC 267 71.63 -63.16 -150.97
C ILE RC 267 71.94 -62.11 -149.91
N PRO RC 268 71.44 -60.89 -150.02
CA PRO RC 268 71.77 -59.87 -149.03
C PRO RC 268 70.97 -59.98 -147.75
N SER RC 269 71.63 -59.62 -146.65
CA SER RC 269 71.02 -59.48 -145.31
C SER RC 269 70.31 -58.15 -145.20
N ALA RC 270 70.15 -57.64 -143.96
CA ALA RC 270 69.44 -56.39 -143.68
C ALA RC 270 70.15 -55.19 -144.30
N VAL RC 271 69.76 -53.96 -144.00
CA VAL RC 271 69.59 -52.81 -144.91
C VAL RC 271 70.40 -52.72 -146.23
N GLY RC 272 71.31 -53.66 -146.50
CA GLY RC 272 71.91 -53.80 -147.80
C GLY RC 272 73.28 -54.44 -147.70
N TYR RC 273 73.69 -54.73 -146.47
CA TYR RC 273 75.02 -55.21 -146.19
C TYR RC 273 75.18 -56.68 -146.59
N GLN RC 274 76.42 -57.12 -146.55
CA GLN RC 274 76.77 -58.47 -146.91
C GLN RC 274 76.22 -59.46 -145.88
N PRO RC 275 76.08 -60.73 -146.24
CA PRO RC 275 75.66 -61.71 -145.24
C PRO RC 275 76.69 -61.96 -144.16
N THR RC 276 77.97 -61.85 -144.48
CA THR RC 276 79.05 -62.00 -143.49
C THR RC 276 79.58 -60.64 -143.04
N LEU RC 277 78.73 -59.85 -142.39
CA LEU RC 277 79.17 -58.53 -141.93
C LEU RC 277 80.05 -58.65 -140.70
N ALA RC 278 79.72 -59.57 -139.79
CA ALA RC 278 80.30 -59.58 -138.46
C ALA RC 278 81.13 -60.82 -138.19
N THR RC 279 81.62 -61.48 -139.24
CA THR RC 279 82.68 -62.45 -139.09
C THR RC 279 83.98 -61.98 -139.69
N ASP RC 280 83.94 -61.19 -140.76
CA ASP RC 280 85.17 -60.61 -141.27
C ASP RC 280 85.67 -59.48 -140.39
N MET RC 281 84.78 -58.79 -139.68
CA MET RC 281 85.21 -57.78 -138.72
C MET RC 281 85.82 -58.41 -137.48
N GLY RC 282 85.29 -59.53 -137.03
CA GLY RC 282 85.89 -60.22 -135.90
C GLY RC 282 87.08 -61.05 -136.23
N THR RC 283 87.56 -61.00 -137.47
CA THR RC 283 88.83 -61.62 -137.85
C THR RC 283 89.90 -60.57 -138.11
N MET RC 284 89.50 -59.34 -138.41
CA MET RC 284 90.46 -58.25 -138.50
C MET RC 284 90.76 -57.66 -137.13
N GLN RC 285 89.74 -57.48 -136.31
CA GLN RC 285 89.86 -56.89 -134.99
C GLN RC 285 90.40 -57.85 -133.93
N GLU RC 286 90.42 -59.15 -134.20
CA GLU RC 286 90.91 -60.07 -133.20
C GLU RC 286 92.42 -60.26 -133.26
N ARG RC 287 93.09 -59.54 -134.16
CA ARG RC 287 94.55 -59.53 -134.23
C ARG RC 287 95.16 -58.26 -133.69
N ILE RC 288 94.35 -57.23 -133.45
CA ILE RC 288 94.85 -55.97 -132.90
C ILE RC 288 94.75 -56.10 -131.39
N THR RC 289 95.72 -56.77 -130.80
CA THR RC 289 95.66 -57.04 -129.36
C THR RC 289 96.98 -56.73 -128.69
N THR RC 290 96.88 -56.34 -127.42
CA THR RC 290 97.98 -56.47 -126.48
C THR RC 290 98.10 -57.93 -126.12
N THR RC 291 99.33 -58.42 -126.04
CA THR RC 291 99.54 -59.82 -125.72
C THR RC 291 100.66 -59.92 -124.69
N LYS RC 292 101.17 -61.12 -124.48
CA LYS RC 292 102.31 -61.33 -123.59
C LYS RC 292 103.66 -61.01 -124.23
N LYS RC 293 103.69 -60.60 -125.50
CA LYS RC 293 104.92 -60.33 -126.22
C LYS RC 293 105.09 -58.88 -126.61
N GLY RC 294 104.05 -58.06 -126.46
CA GLY RC 294 104.19 -56.65 -126.76
C GLY RC 294 102.94 -55.93 -126.33
N SER RC 295 102.63 -54.78 -126.91
CA SER RC 295 101.41 -54.07 -126.54
C SER RC 295 101.07 -53.10 -127.65
N ILE RC 296 99.90 -53.24 -128.25
CA ILE RC 296 99.42 -52.31 -129.27
C ILE RC 296 98.31 -51.47 -128.67
N THR RC 297 98.44 -50.17 -128.79
CA THR RC 297 97.47 -49.23 -128.23
C THR RC 297 96.68 -48.64 -129.39
N SER RC 298 95.56 -49.27 -129.72
CA SER RC 298 94.80 -48.94 -130.91
C SER RC 298 94.02 -47.66 -130.70
N VAL RC 299 93.90 -46.86 -131.74
CA VAL RC 299 92.92 -45.78 -131.78
C VAL RC 299 92.29 -45.84 -133.15
N GLN RC 300 91.03 -46.19 -133.23
CA GLN RC 300 90.33 -46.35 -134.50
C GLN RC 300 89.23 -45.32 -134.60
N ALA RC 301 89.16 -44.64 -135.74
CA ALA RC 301 88.04 -43.77 -136.02
C ALA RC 301 87.02 -44.57 -136.79
N ILE RC 302 85.75 -44.44 -136.41
CA ILE RC 302 84.64 -45.22 -136.96
C ILE RC 302 83.58 -44.25 -137.45
N TYR RC 303 82.99 -44.55 -138.60
CA TYR RC 303 81.97 -43.72 -139.21
C TYR RC 303 80.60 -44.34 -138.97
N VAL RC 304 79.60 -43.50 -138.71
CA VAL RC 304 78.21 -43.94 -138.56
C VAL RC 304 77.42 -43.43 -139.76
N PRO RC 305 76.70 -44.29 -140.47
CA PRO RC 305 76.09 -43.87 -141.75
C PRO RC 305 74.81 -43.09 -141.52
N ALA RC 306 74.76 -41.89 -142.12
CA ALA RC 306 73.63 -40.96 -142.08
C ALA RC 306 73.23 -40.56 -140.66
N ASP RC 307 74.21 -40.53 -139.75
CA ASP RC 307 74.04 -40.24 -138.32
C ASP RC 307 73.04 -41.21 -137.67
N ASP RC 308 73.44 -42.48 -137.63
CA ASP RC 308 72.59 -43.53 -137.08
C ASP RC 308 73.50 -44.51 -136.37
N LEU RC 309 73.27 -44.72 -135.08
CA LEU RC 309 74.08 -45.61 -134.28
C LEU RC 309 73.54 -47.02 -134.20
N THR RC 310 72.35 -47.26 -134.75
CA THR RC 310 71.76 -48.59 -134.78
C THR RC 310 71.97 -49.30 -136.11
N ASP RC 311 72.66 -48.65 -137.05
CA ASP RC 311 73.05 -49.24 -138.31
C ASP RC 311 73.97 -50.43 -138.06
N PRO RC 312 73.90 -51.49 -138.87
CA PRO RC 312 74.62 -52.72 -138.51
C PRO RC 312 76.14 -52.62 -138.59
N ALA RC 313 76.70 -51.69 -139.33
CA ALA RC 313 78.15 -51.59 -139.41
C ALA RC 313 78.78 -50.88 -138.21
N PRO RC 314 78.26 -49.77 -137.67
CA PRO RC 314 78.83 -49.29 -136.40
C PRO RC 314 78.47 -50.15 -135.22
N ALA RC 315 77.23 -50.60 -135.12
CA ALA RC 315 76.74 -51.22 -133.91
C ALA RC 315 77.21 -52.64 -133.71
N THR RC 316 78.08 -53.18 -134.55
CA THR RC 316 78.73 -54.45 -134.25
C THR RC 316 80.20 -54.26 -133.92
N THR RC 317 80.72 -53.03 -134.02
CA THR RC 317 82.08 -52.72 -133.61
C THR RC 317 82.21 -52.58 -132.10
N PHE RC 318 81.10 -52.35 -131.40
CA PHE RC 318 81.11 -51.97 -129.99
C PHE RC 318 81.60 -53.09 -129.09
N ALA RC 319 81.48 -54.34 -129.52
CA ALA RC 319 81.90 -55.45 -128.68
C ALA RC 319 83.40 -55.69 -128.74
N HIS RC 320 84.12 -54.88 -129.50
CA HIS RC 320 85.54 -55.09 -129.75
C HIS RC 320 86.39 -54.00 -129.12
N LEU RC 321 85.79 -53.12 -128.35
CA LEU RC 321 86.48 -51.97 -127.81
C LEU RC 321 86.75 -52.16 -126.33
N ASP RC 322 87.48 -51.21 -125.77
CA ASP RC 322 87.57 -51.01 -124.32
C ASP RC 322 87.04 -49.65 -123.94
N ALA RC 323 87.53 -48.59 -124.55
CA ALA RC 323 86.99 -47.27 -124.36
C ALA RC 323 86.06 -46.98 -125.51
N THR RC 324 85.39 -45.85 -125.45
CA THR RC 324 84.39 -45.46 -126.42
C THR RC 324 84.20 -43.97 -126.30
N THR RC 325 84.21 -43.26 -127.41
CA THR RC 325 83.99 -41.83 -127.39
C THR RC 325 82.96 -41.51 -128.46
N VAL RC 326 81.69 -41.65 -128.12
CA VAL RC 326 80.64 -41.33 -129.08
C VAL RC 326 80.55 -39.82 -129.20
N LEU RC 327 80.85 -39.31 -130.37
CA LEU RC 327 80.67 -37.90 -130.66
C LEU RC 327 79.24 -37.65 -131.11
N SER RC 328 78.87 -36.39 -131.31
CA SER RC 328 77.50 -36.03 -131.60
C SER RC 328 77.42 -34.81 -132.49
N ARG RC 329 76.28 -34.66 -133.17
CA ARG RC 329 76.12 -33.52 -134.06
C ARG RC 329 75.47 -32.36 -133.34
N ALA RC 330 74.42 -32.61 -132.56
CA ALA RC 330 73.67 -31.53 -131.93
C ALA RC 330 74.45 -30.86 -130.83
N ILE RC 331 75.39 -31.58 -130.21
CA ILE RC 331 76.34 -30.96 -129.28
C ILE RC 331 77.16 -29.91 -130.01
N ALA RC 332 77.75 -30.30 -131.15
CA ALA RC 332 78.60 -29.42 -131.94
C ALA RC 332 77.84 -28.31 -132.65
N GLU RC 333 76.50 -28.28 -132.57
CA GLU RC 333 75.76 -27.13 -133.05
C GLU RC 333 75.77 -26.01 -132.02
N LEU RC 334 76.02 -26.37 -130.76
CA LEU RC 334 76.14 -25.39 -129.69
C LEU RC 334 77.52 -24.76 -129.67
N GLY RC 335 78.55 -25.54 -129.99
CA GLY RC 335 79.90 -25.07 -129.99
C GLY RC 335 80.83 -25.85 -129.09
N ILE RC 336 80.33 -26.86 -128.41
CA ILE RC 336 81.14 -27.66 -127.49
C ILE RC 336 82.05 -28.54 -128.32
N TYR RC 337 83.33 -28.19 -128.38
CA TYR RC 337 84.31 -28.96 -129.11
C TYR RC 337 85.44 -29.36 -128.17
N PRO RC 338 85.81 -30.65 -128.08
CA PRO RC 338 85.39 -31.89 -128.74
C PRO RC 338 83.98 -32.30 -128.41
N ALA RC 339 83.14 -32.47 -129.42
CA ALA RC 339 81.72 -32.74 -129.20
C ALA RC 339 81.54 -34.17 -128.75
N VAL RC 340 81.95 -34.48 -127.54
CA VAL RC 340 81.86 -35.81 -126.97
C VAL RC 340 80.54 -35.89 -126.21
N ASP RC 341 79.85 -37.00 -126.35
CA ASP RC 341 78.63 -37.22 -125.59
C ASP RC 341 79.01 -37.77 -124.22
N PRO RC 342 78.81 -37.03 -123.13
CA PRO RC 342 79.30 -37.50 -121.83
C PRO RC 342 78.47 -38.64 -121.28
N LEU RC 343 77.30 -38.85 -121.85
CA LEU RC 343 76.38 -39.86 -121.36
C LEU RC 343 76.55 -41.17 -122.12
N ASP RC 344 77.18 -41.13 -123.29
CA ASP RC 344 77.28 -42.30 -124.14
C ASP RC 344 78.68 -42.90 -124.17
N SER RC 345 79.64 -42.32 -123.46
CA SER RC 345 81.02 -42.73 -123.52
C SER RC 345 81.38 -43.54 -122.29
N THR RC 346 82.04 -44.67 -122.48
CA THR RC 346 82.30 -45.60 -121.39
C THR RC 346 83.79 -45.84 -121.21
N SER RC 347 84.10 -46.77 -120.31
CA SER RC 347 85.41 -47.39 -120.16
C SER RC 347 85.24 -48.66 -119.36
N ARG RC 348 86.32 -49.41 -119.23
CA ARG RC 348 86.34 -50.56 -118.35
C ARG RC 348 87.22 -50.34 -117.13
N ILE RC 349 87.94 -49.22 -117.08
CA ILE RC 349 88.81 -48.92 -115.95
C ILE RC 349 88.24 -47.84 -115.06
N MET RC 350 87.14 -47.19 -115.43
CA MET RC 350 86.44 -46.31 -114.51
C MET RC 350 85.84 -47.15 -113.40
N ASP RC 351 86.46 -47.10 -112.24
CA ASP RC 351 86.35 -48.03 -111.14
C ASP RC 351 87.01 -47.38 -109.94
N PRO RC 352 86.46 -47.48 -108.72
CA PRO RC 352 87.05 -46.73 -107.61
C PRO RC 352 88.39 -47.26 -107.14
N ASN RC 353 88.70 -48.51 -107.43
CA ASN RC 353 89.99 -49.08 -107.06
C ASN RC 353 91.08 -48.80 -108.07
N ILE RC 354 90.73 -48.53 -109.32
CA ILE RC 354 91.71 -48.26 -110.36
C ILE RC 354 91.91 -46.77 -110.55
N VAL RC 355 90.84 -46.03 -110.81
CA VAL RC 355 91.01 -44.60 -111.10
C VAL RC 355 91.10 -43.79 -109.82
N GLY RC 356 91.02 -44.44 -108.66
CA GLY RC 356 91.13 -43.75 -107.39
C GLY RC 356 89.78 -43.28 -106.90
N SER RC 357 89.47 -43.57 -105.64
CA SER RC 357 88.14 -43.36 -105.09
C SER RC 357 87.74 -41.90 -104.97
N GLU RC 358 88.69 -40.96 -105.01
CA GLU RC 358 88.30 -39.56 -105.08
C GLU RC 358 87.85 -39.19 -106.49
N HIS RC 359 88.54 -39.72 -107.50
CA HIS RC 359 88.19 -39.42 -108.89
C HIS RC 359 86.89 -40.07 -109.28
N TYR RC 360 86.65 -41.30 -108.82
CA TYR RC 360 85.46 -42.06 -109.16
C TYR RC 360 84.18 -41.39 -108.66
N ASP RC 361 84.27 -40.56 -107.63
CA ASP RC 361 83.09 -39.88 -107.09
C ASP RC 361 82.82 -38.54 -107.75
N VAL RC 362 83.83 -37.92 -108.35
CA VAL RC 362 83.57 -36.77 -109.21
C VAL RC 362 83.07 -37.25 -110.57
N ALA RC 363 83.38 -38.50 -110.92
CA ALA RC 363 82.91 -39.04 -112.19
C ALA RC 363 81.42 -39.33 -112.13
N ARG RC 364 81.01 -40.23 -111.25
CA ARG RC 364 79.59 -40.59 -111.14
C ARG RC 364 78.74 -39.46 -110.62
N GLY RC 365 79.31 -38.50 -109.92
CA GLY RC 365 78.54 -37.39 -109.43
C GLY RC 365 78.31 -36.29 -110.41
N VAL RC 366 79.02 -36.31 -111.53
CA VAL RC 366 78.82 -35.31 -112.57
C VAL RC 366 77.96 -35.88 -113.69
N GLN RC 367 77.80 -37.20 -113.77
CA GLN RC 367 76.77 -37.76 -114.63
C GLN RC 367 75.40 -37.60 -114.00
N LYS RC 368 75.31 -37.66 -112.67
CA LYS RC 368 74.03 -37.51 -111.99
C LYS RC 368 73.43 -36.13 -112.19
N ILE RC 369 74.26 -35.10 -112.21
CA ILE RC 369 73.75 -33.75 -112.41
C ILE RC 369 73.47 -33.48 -113.89
N LEU RC 370 74.03 -34.29 -114.78
CA LEU RC 370 73.87 -34.11 -116.22
C LEU RC 370 72.61 -34.80 -116.73
N GLN RC 371 72.31 -35.97 -116.18
CA GLN RC 371 71.07 -36.67 -116.48
C GLN RC 371 69.86 -35.85 -116.06
N ASP RC 372 69.90 -35.23 -114.87
CA ASP RC 372 68.79 -34.47 -114.34
C ASP RC 372 68.54 -33.17 -115.09
N TYR RC 373 69.48 -32.72 -115.92
CA TYR RC 373 69.19 -31.61 -116.82
C TYR RC 373 68.48 -32.10 -118.07
N LYS RC 374 68.78 -33.33 -118.49
CA LYS RC 374 68.12 -33.92 -119.64
C LYS RC 374 66.68 -34.29 -119.32
N SER RC 375 66.42 -34.77 -118.11
CA SER RC 375 65.10 -35.26 -117.75
C SER RC 375 64.08 -34.17 -117.49
N LEU RC 376 64.39 -32.90 -117.72
CA LEU RC 376 63.42 -31.83 -117.59
C LEU RC 376 63.27 -31.02 -118.87
N GLN RC 377 63.83 -31.50 -119.98
CA GLN RC 377 63.80 -30.72 -121.20
C GLN RC 377 62.45 -30.74 -121.88
N ASP RC 378 61.57 -31.67 -121.51
CA ASP RC 378 60.20 -31.62 -121.98
C ASP RC 378 59.47 -30.42 -121.39
N ILE RC 379 59.67 -30.18 -120.10
CA ILE RC 379 58.91 -29.16 -119.39
C ILE RC 379 59.47 -27.77 -119.64
N ILE RC 380 60.79 -27.64 -119.76
CA ILE RC 380 61.41 -26.35 -119.98
C ILE RC 380 61.09 -25.82 -121.38
N ALA RC 381 61.00 -26.72 -122.36
CA ALA RC 381 60.74 -26.30 -123.73
C ALA RC 381 59.30 -25.82 -123.92
N ILE RC 382 58.34 -26.50 -123.30
CA ILE RC 382 56.95 -26.09 -123.43
C ILE RC 382 56.68 -24.95 -122.47
N LEU RC 383 56.79 -25.24 -121.16
CA LEU RC 383 56.25 -24.37 -120.13
C LEU RC 383 57.13 -23.16 -119.89
N GLY RC 384 58.35 -23.39 -119.42
CA GLY RC 384 59.29 -22.32 -119.17
C GLY RC 384 60.25 -22.71 -118.07
N MET RC 385 61.28 -21.88 -117.91
CA MET RC 385 62.19 -22.04 -116.79
C MET RC 385 61.50 -21.65 -115.49
N ASP RC 386 60.71 -20.60 -115.52
CA ASP RC 386 60.03 -19.93 -114.43
C ASP RC 386 58.93 -20.75 -113.80
N GLU RC 387 58.62 -21.99 -114.16
CA GLU RC 387 57.68 -22.83 -113.42
C GLU RC 387 58.39 -24.00 -112.76
N LEU RC 388 59.58 -23.76 -112.23
CA LEU RC 388 60.37 -24.79 -111.56
C LEU RC 388 60.52 -24.44 -110.09
N SER RC 389 61.02 -25.41 -109.33
CA SER RC 389 61.25 -25.24 -107.91
C SER RC 389 62.54 -24.46 -107.69
N GLU RC 390 63.03 -24.41 -106.46
CA GLU RC 390 64.30 -23.74 -106.23
C GLU RC 390 65.47 -24.70 -106.16
N GLU RC 391 65.22 -25.98 -105.88
CA GLU RC 391 66.28 -26.96 -105.97
C GLU RC 391 66.57 -27.34 -107.42
N ASP RC 392 65.56 -27.31 -108.29
CA ASP RC 392 65.74 -27.65 -109.70
C ASP RC 392 65.85 -26.41 -110.58
N LYS RC 393 66.19 -25.27 -110.00
CA LYS RC 393 66.90 -24.21 -110.71
C LYS RC 393 68.36 -24.17 -110.30
N LEU RC 394 68.82 -25.25 -109.68
CA LEU RC 394 70.18 -25.36 -109.20
C LEU RC 394 70.78 -26.71 -109.57
N THR RC 395 70.05 -27.55 -110.31
CA THR RC 395 70.68 -28.52 -111.18
C THR RC 395 70.60 -28.11 -112.64
N VAL RC 396 69.96 -26.99 -112.93
CA VAL RC 396 69.97 -26.44 -114.28
C VAL RC 396 71.11 -25.46 -114.46
N SER RC 397 71.30 -24.56 -113.49
CA SER RC 397 72.39 -23.59 -113.58
C SER RC 397 73.75 -24.18 -113.27
N ARG RC 398 73.80 -25.30 -112.57
CA ARG RC 398 75.08 -25.94 -112.33
C ARG RC 398 75.48 -26.92 -113.40
N ALA RC 399 74.53 -27.41 -114.20
CA ALA RC 399 74.84 -28.33 -115.29
C ALA RC 399 74.98 -27.63 -116.63
N ARG RC 400 74.85 -26.31 -116.66
CA ARG RC 400 75.26 -25.49 -117.79
C ARG RC 400 76.63 -24.86 -117.58
N LYS RC 401 77.12 -24.83 -116.35
CA LYS RC 401 78.51 -24.53 -116.07
C LYS RC 401 79.40 -25.75 -116.27
N ILE RC 402 78.83 -26.94 -116.30
CA ILE RC 402 79.63 -28.15 -116.42
C ILE RC 402 79.80 -28.56 -117.89
N GLN RC 403 78.75 -28.37 -118.69
CA GLN RC 403 78.83 -28.61 -120.13
C GLN RC 403 79.87 -27.72 -120.79
N ARG RC 404 79.87 -26.44 -120.43
CA ARG RC 404 80.83 -25.49 -121.01
C ARG RC 404 82.24 -25.77 -120.51
N PHE RC 405 82.38 -26.36 -119.33
CA PHE RC 405 83.71 -26.67 -118.82
C PHE RC 405 84.14 -28.07 -119.24
N LEU RC 406 83.71 -28.50 -120.43
CA LEU RC 406 84.27 -29.72 -121.00
C LEU RC 406 84.88 -29.43 -122.37
N SER RC 407 84.74 -28.20 -122.84
CA SER RC 407 85.31 -27.78 -124.11
C SER RC 407 86.69 -27.16 -123.90
N GLN RC 408 87.67 -27.67 -124.63
CA GLN RC 408 89.09 -27.38 -124.51
C GLN RC 408 89.66 -26.97 -125.85
N PRO RC 409 90.54 -25.96 -125.90
CA PRO RC 409 91.20 -25.64 -127.17
C PRO RC 409 92.32 -26.61 -127.46
N PHE RC 410 92.34 -27.17 -128.66
CA PHE RC 410 93.31 -28.18 -129.02
C PHE RC 410 94.55 -27.56 -129.63
N GLN RC 411 95.62 -28.34 -129.67
CA GLN RC 411 96.87 -27.87 -130.26
C GLN RC 411 96.78 -27.82 -131.78
N VAL RC 412 96.09 -28.77 -132.40
CA VAL RC 412 96.04 -28.83 -133.85
C VAL RC 412 95.07 -27.81 -134.41
N ALA RC 413 94.24 -27.21 -133.56
CA ALA RC 413 93.22 -26.28 -133.99
C ALA RC 413 93.61 -24.83 -133.80
N GLU RC 414 94.89 -24.54 -133.56
CA GLU RC 414 95.33 -23.15 -133.44
C GLU RC 414 95.22 -22.44 -134.78
N VAL RC 415 95.42 -23.16 -135.88
CA VAL RC 415 95.44 -22.55 -137.20
C VAL RC 415 94.04 -22.17 -137.67
N PHE RC 416 93.02 -22.81 -137.10
CA PHE RC 416 91.65 -22.45 -137.48
C PHE RC 416 91.24 -21.13 -136.85
N THR RC 417 91.20 -21.07 -135.53
CA THR RC 417 90.57 -19.99 -134.79
C THR RC 417 91.55 -19.03 -134.14
N GLY RC 418 92.83 -19.36 -134.09
CA GLY RC 418 93.80 -18.45 -133.49
C GLY RC 418 93.74 -18.41 -131.98
N HIS RC 419 93.59 -19.57 -131.33
CA HIS RC 419 93.54 -19.68 -129.89
C HIS RC 419 94.52 -20.74 -129.45
N LEU RC 420 95.22 -20.48 -128.36
CA LEU RC 420 96.32 -21.33 -127.92
C LEU RC 420 95.81 -22.68 -127.43
N GLY RC 421 96.42 -23.75 -127.93
CA GLY RC 421 96.06 -25.08 -127.48
C GLY RC 421 96.53 -25.32 -126.06
N LYS RC 422 95.61 -25.82 -125.23
CA LYS RC 422 95.86 -26.01 -123.81
C LYS RC 422 95.90 -27.50 -123.48
N LEU RC 423 96.88 -27.90 -122.70
CA LEU RC 423 96.93 -29.22 -122.11
C LEU RC 423 96.78 -29.06 -120.62
N VAL RC 424 95.82 -29.77 -120.02
CA VAL RC 424 95.62 -29.79 -118.59
C VAL RC 424 96.21 -31.10 -118.07
N PRO RC 425 96.66 -31.17 -116.83
CA PRO RC 425 97.02 -32.47 -116.24
C PRO RC 425 95.80 -33.11 -115.65
N LEU RC 426 95.98 -34.32 -115.11
CA LEU RC 426 94.84 -35.05 -114.55
C LEU RC 426 94.37 -34.42 -113.24
N LYS RC 427 95.31 -34.04 -112.37
CA LYS RC 427 94.95 -33.67 -111.01
C LYS RC 427 94.33 -32.27 -110.93
N GLU RC 428 94.36 -31.54 -112.02
CA GLU RC 428 93.80 -30.19 -112.03
C GLU RC 428 92.44 -30.16 -112.70
N THR RC 429 91.90 -31.31 -113.10
CA THR RC 429 90.50 -31.43 -113.52
C THR RC 429 89.60 -31.95 -112.42
N ILE RC 430 90.06 -32.94 -111.65
CA ILE RC 430 89.32 -33.41 -110.48
C ILE RC 430 89.15 -32.29 -109.47
N LYS RC 431 90.22 -31.54 -109.23
CA LYS RC 431 90.16 -30.39 -108.35
C LYS RC 431 89.27 -29.28 -108.90
N GLY RC 432 89.15 -29.19 -110.23
CA GLY RC 432 88.40 -28.12 -110.85
C GLY RC 432 86.94 -28.39 -111.08
N PHE RC 433 86.51 -29.64 -110.89
CA PHE RC 433 85.08 -29.97 -110.97
C PHE RC 433 84.43 -30.09 -109.61
N GLN RC 434 85.21 -30.42 -108.57
CA GLN RC 434 84.72 -30.38 -107.20
C GLN RC 434 84.39 -28.97 -106.76
N GLN RC 435 84.93 -27.96 -107.40
CA GLN RC 435 84.59 -26.58 -107.14
C GLN RC 435 83.50 -26.07 -108.05
N ILE RC 436 82.75 -26.96 -108.70
CA ILE RC 436 81.52 -26.57 -109.38
C ILE RC 436 80.41 -27.44 -108.80
N LEU RC 437 80.78 -28.61 -108.28
CA LEU RC 437 79.79 -29.48 -107.65
C LEU RC 437 79.49 -29.04 -106.23
N ALA RC 438 80.50 -28.58 -105.50
CA ALA RC 438 80.26 -28.09 -104.15
C ALA RC 438 79.59 -26.74 -104.16
N GLY RC 439 79.83 -25.94 -105.19
CA GLY RC 439 79.09 -24.72 -105.34
C GLY RC 439 79.85 -23.47 -104.97
N GLU RC 440 81.14 -23.43 -105.32
CA GLU RC 440 81.97 -22.28 -104.97
C GLU RC 440 81.93 -21.19 -106.02
N TYR RC 441 81.55 -21.52 -107.25
CA TYR RC 441 81.62 -20.57 -108.37
C TYR RC 441 80.23 -20.17 -108.85
N ASP RC 442 79.25 -20.22 -107.97
CA ASP RC 442 77.86 -20.03 -108.36
C ASP RC 442 77.51 -18.57 -108.64
N HIS RC 443 78.47 -17.66 -108.50
CA HIS RC 443 78.28 -16.27 -108.85
C HIS RC 443 78.88 -15.90 -110.20
N LEU RC 444 79.90 -16.65 -110.64
CA LEU RC 444 80.49 -16.40 -111.95
C LEU RC 444 79.51 -16.79 -113.04
N PRO RC 445 79.47 -16.05 -114.15
CA PRO RC 445 78.58 -16.43 -115.26
C PRO RC 445 79.04 -17.69 -115.99
N GLU RC 446 78.29 -18.09 -117.01
CA GLU RC 446 78.58 -19.31 -117.75
C GLU RC 446 79.42 -19.08 -119.00
N GLN RC 447 79.54 -17.84 -119.45
CA GLN RC 447 80.45 -17.47 -120.53
C GLN RC 447 81.91 -17.47 -120.10
N ALA RC 448 82.20 -17.70 -118.82
CA ALA RC 448 83.56 -17.76 -118.33
C ALA RC 448 84.12 -19.16 -118.25
N PHE RC 449 83.27 -20.19 -118.27
CA PHE RC 449 83.72 -21.57 -118.20
C PHE RC 449 84.00 -22.16 -119.58
N TYR RC 450 83.98 -21.34 -120.62
CA TYR RC 450 83.89 -21.79 -122.01
C TYR RC 450 85.23 -21.61 -122.70
N MET RC 451 85.74 -22.71 -123.28
CA MET RC 451 86.98 -22.74 -124.09
C MET RC 451 88.18 -22.24 -123.31
N VAL RC 452 88.35 -22.77 -122.10
CA VAL RC 452 89.49 -22.47 -121.26
C VAL RC 452 90.14 -23.78 -120.86
N GLY RC 453 91.33 -23.68 -120.30
CA GLY RC 453 92.13 -24.86 -120.03
C GLY RC 453 91.94 -25.32 -118.60
N PRO RC 454 92.89 -25.02 -117.73
CA PRO RC 454 92.70 -25.28 -116.30
C PRO RC 454 91.77 -24.24 -115.70
N ILE RC 455 91.33 -24.54 -114.47
CA ILE RC 455 90.19 -23.86 -113.86
C ILE RC 455 90.49 -22.39 -113.53
N GLU RC 456 91.78 -22.05 -113.39
CA GLU RC 456 92.16 -20.68 -113.04
C GLU RC 456 91.95 -19.71 -114.20
N GLU RC 457 91.80 -20.24 -115.41
CA GLU RC 457 91.48 -19.38 -116.54
C GLU RC 457 90.00 -19.03 -116.55
N ALA RC 458 89.17 -19.84 -115.89
CA ALA RC 458 87.75 -19.56 -115.83
C ALA RC 458 87.46 -18.35 -114.94
N VAL RC 459 88.17 -18.24 -113.82
CA VAL RC 459 88.00 -17.07 -112.97
C VAL RC 459 88.72 -15.87 -113.57
N ALA RC 460 89.70 -16.12 -114.45
CA ALA RC 460 90.39 -15.03 -115.11
C ALA RC 460 89.56 -14.47 -116.25
N LYS RC 461 88.87 -15.34 -116.99
CA LYS RC 461 87.94 -14.89 -118.02
C LYS RC 461 86.74 -14.20 -117.39
N ALA RC 462 86.37 -14.61 -116.18
CA ALA RC 462 85.31 -13.92 -115.45
C ALA RC 462 85.80 -12.60 -114.90
N ASP RC 463 87.12 -12.47 -114.69
CA ASP RC 463 87.68 -11.22 -114.22
C ASP RC 463 87.69 -10.19 -115.34
N LYS RC 464 87.84 -10.64 -116.58
CA LYS RC 464 87.89 -9.74 -117.72
C LYS RC 464 86.56 -9.03 -117.93
N LEU RC 465 85.48 -9.79 -118.12
CA LEU RC 465 84.18 -9.17 -118.23
C LEU RC 465 83.69 -8.74 -116.85
N ALA RC 466 83.33 -7.47 -116.74
CA ALA RC 466 82.91 -6.92 -115.47
C ALA RC 466 81.83 -5.87 -115.68
N SER SC 1 49.83 -30.14 -141.37
CA SER SC 1 49.29 -31.22 -142.19
C SER SC 1 48.08 -31.86 -141.50
N SER SC 2 47.16 -31.02 -141.02
CA SER SC 2 46.01 -31.48 -140.26
C SER SC 2 44.67 -31.18 -140.92
N ASP SC 3 44.63 -30.34 -141.96
CA ASP SC 3 43.37 -29.99 -142.59
C ASP SC 3 43.05 -30.90 -143.77
N THR SC 4 43.14 -32.22 -143.56
CA THR SC 4 42.97 -33.22 -144.59
C THR SC 4 42.78 -34.55 -143.87
N PRO SC 5 41.86 -35.42 -144.32
CA PRO SC 5 41.79 -36.76 -143.74
C PRO SC 5 43.04 -37.59 -143.95
N GLU SC 6 43.81 -37.32 -145.01
CA GLU SC 6 45.05 -38.04 -145.26
C GLU SC 6 46.14 -37.62 -144.27
N GLY SC 7 46.20 -36.33 -143.95
CA GLY SC 7 47.12 -35.87 -142.92
C GLY SC 7 46.66 -36.35 -141.55
N VAL SC 8 47.63 -36.83 -140.75
CA VAL SC 8 47.30 -37.54 -139.51
C VAL SC 8 46.82 -36.55 -138.45
N ARG SC 9 46.05 -37.06 -137.50
CA ARG SC 9 45.49 -36.29 -136.40
C ARG SC 9 45.68 -37.07 -135.11
N SER SC 10 45.19 -36.50 -134.02
CA SER SC 10 45.41 -37.03 -132.68
C SER SC 10 44.09 -37.45 -132.06
N GLY SC 11 44.20 -38.23 -130.98
CA GLY SC 11 43.04 -38.66 -130.23
C GLY SC 11 42.79 -37.78 -129.03
N ALA SC 12 41.82 -38.19 -128.23
CA ALA SC 12 41.53 -37.55 -126.95
C ALA SC 12 42.14 -38.39 -125.84
N GLY SC 13 42.86 -37.73 -124.96
CA GLY SC 13 43.60 -38.44 -123.94
C GLY SC 13 44.75 -39.21 -124.53
N ALA SC 14 45.66 -38.49 -125.18
CA ALA SC 14 46.88 -39.06 -125.72
C ALA SC 14 48.12 -38.62 -124.97
N VAL SC 15 48.01 -37.59 -124.12
CA VAL SC 15 49.14 -37.11 -123.34
C VAL SC 15 49.62 -38.18 -122.36
N ARG SC 16 48.69 -38.85 -121.72
CA ARG SC 16 49.04 -39.94 -120.84
C ARG SC 16 49.20 -41.26 -121.60
N ASP SC 17 48.96 -41.25 -122.91
CA ASP SC 17 49.23 -42.44 -123.72
C ASP SC 17 50.69 -42.55 -124.11
N ALA SC 18 51.41 -41.43 -124.21
CA ALA SC 18 52.83 -41.47 -124.53
C ALA SC 18 53.65 -42.07 -123.39
N GLY SC 19 53.65 -41.40 -122.24
CA GLY SC 19 54.46 -41.84 -121.11
C GLY SC 19 55.68 -40.96 -120.91
N GLY SC 20 55.51 -39.66 -121.12
CA GLY SC 20 56.65 -38.77 -121.14
C GLY SC 20 57.02 -38.21 -119.78
N ALA SC 21 57.11 -36.90 -119.71
CA ALA SC 21 57.26 -36.18 -118.46
C ALA SC 21 56.12 -35.19 -118.26
N PHE SC 22 55.06 -35.31 -119.06
CA PHE SC 22 53.77 -34.73 -118.77
C PHE SC 22 52.76 -35.79 -118.38
N GLY SC 23 52.99 -37.04 -118.78
CA GLY SC 23 52.13 -38.11 -118.36
C GLY SC 23 52.40 -38.53 -116.92
N LYS SC 24 53.61 -38.21 -116.42
CA LYS SC 24 53.92 -38.52 -115.03
C LYS SC 24 53.86 -37.27 -114.17
N LYS SC 25 53.79 -36.10 -114.80
CA LYS SC 25 53.46 -34.88 -114.06
C LYS SC 25 51.96 -34.81 -113.79
N GLU SC 26 51.17 -35.67 -114.43
CA GLU SC 26 49.73 -35.67 -114.23
C GLU SC 26 49.27 -36.89 -113.44
N GLN SC 27 49.98 -38.02 -113.58
CA GLN SC 27 49.62 -39.20 -112.81
C GLN SC 27 49.94 -39.00 -111.33
N ALA SC 28 50.94 -38.18 -111.03
CA ALA SC 28 51.30 -37.92 -109.64
C ALA SC 28 50.51 -36.76 -109.06
N ASP SC 29 50.14 -35.79 -109.91
CA ASP SC 29 49.35 -34.66 -109.45
C ASP SC 29 47.96 -35.08 -108.97
N GLU SC 30 47.43 -36.15 -109.53
CA GLU SC 30 46.12 -36.63 -109.10
C GLU SC 30 46.21 -37.37 -107.78
N GLU SC 31 47.35 -37.97 -107.47
CA GLU SC 31 47.48 -38.64 -106.19
C GLU SC 31 47.77 -37.65 -105.07
N ARG SC 32 48.31 -36.48 -105.40
CA ARG SC 32 48.58 -35.48 -104.38
C ARG SC 32 47.34 -34.66 -104.06
N TYR SC 33 46.25 -34.89 -104.78
CA TYR SC 33 44.98 -34.31 -104.41
C TYR SC 33 44.08 -35.34 -103.74
N PHE SC 34 43.92 -36.49 -104.38
CA PHE SC 34 42.95 -37.47 -103.90
C PHE SC 34 43.55 -38.38 -102.83
N ARG SC 35 44.64 -37.96 -102.20
CA ARG SC 35 45.09 -38.63 -100.98
C ARG SC 35 44.72 -37.78 -99.77
N ALA SC 36 44.55 -36.48 -99.98
CA ALA SC 36 44.27 -35.60 -98.86
C ALA SC 36 42.78 -35.34 -98.72
N ARG SC 37 41.99 -35.58 -99.78
CA ARG SC 37 40.54 -35.67 -99.61
C ARG SC 37 40.15 -37.00 -98.99
N ALA SC 38 41.06 -37.96 -98.98
CA ALA SC 38 40.76 -39.27 -98.44
C ALA SC 38 40.89 -39.30 -96.93
N ARG SC 39 41.28 -38.16 -96.32
CA ARG SC 39 41.25 -38.07 -94.86
C ARG SC 39 40.47 -36.85 -94.39
N GLU SC 40 39.93 -36.05 -95.31
CA GLU SC 40 38.80 -35.21 -94.93
C GLU SC 40 37.53 -36.05 -94.82
N GLN SC 41 37.43 -37.12 -95.61
CA GLN SC 41 36.22 -37.92 -95.63
C GLN SC 41 36.37 -39.15 -94.75
N LEU SC 42 37.59 -39.45 -94.31
CA LEU SC 42 37.74 -40.57 -93.39
C LEU SC 42 37.58 -40.09 -91.95
N ALA SC 43 37.71 -38.79 -91.73
CA ALA SC 43 37.50 -38.23 -90.41
C ALA SC 43 36.02 -37.95 -90.16
N ALA SC 44 35.30 -37.50 -91.18
CA ALA SC 44 33.89 -37.18 -91.01
C ALA SC 44 33.01 -38.42 -91.08
N LEU SC 45 33.61 -39.60 -91.17
CA LEU SC 45 32.84 -40.84 -91.09
C LEU SC 45 32.58 -41.25 -89.66
N LYS SC 46 33.14 -40.51 -88.69
CA LYS SC 46 32.73 -40.69 -87.30
C LYS SC 46 31.38 -40.04 -87.04
N LYS SC 47 31.17 -38.85 -87.61
CA LYS SC 47 29.95 -38.09 -87.31
C LYS SC 47 28.74 -38.66 -88.04
N HIS SC 48 28.79 -38.75 -89.37
CA HIS SC 48 27.58 -39.03 -90.14
C HIS SC 48 27.18 -40.50 -90.04
N HIS SC 49 28.12 -41.36 -89.61
CA HIS SC 49 27.74 -42.74 -89.31
C HIS SC 49 26.99 -42.81 -87.99
N GLU SC 50 27.17 -41.83 -87.12
CA GLU SC 50 26.33 -41.70 -85.93
C GLU SC 50 25.04 -40.94 -86.27
N ASN SC 51 25.09 -40.09 -87.29
CA ASN SC 51 23.90 -39.32 -87.69
C ASN SC 51 22.86 -40.22 -88.35
N GLU SC 52 23.29 -41.28 -89.04
CA GLU SC 52 22.31 -42.16 -89.68
C GLU SC 52 21.57 -43.00 -88.65
N ILE SC 53 22.16 -43.17 -87.47
CA ILE SC 53 21.40 -43.74 -86.35
C ILE SC 53 20.54 -42.66 -85.72
N SER SC 54 21.02 -41.41 -85.74
CA SER SC 54 20.29 -40.27 -85.19
C SER SC 54 19.05 -39.95 -86.02
N HIS SC 55 19.14 -40.11 -87.33
CA HIS SC 55 17.97 -39.96 -88.17
C HIS SC 55 16.99 -41.11 -87.90
N HIS SC 56 17.54 -42.32 -87.80
CA HIS SC 56 16.74 -43.50 -87.55
C HIS SC 56 16.13 -43.28 -86.20
N VAL SC 57 16.94 -42.74 -85.31
CA VAL SC 57 16.47 -42.45 -83.96
C VAL SC 57 15.32 -41.46 -84.03
N LYS SC 58 15.48 -40.44 -84.85
CA LYS SC 58 14.46 -39.42 -85.01
C LYS SC 58 13.14 -40.11 -85.43
N GLU SC 59 13.21 -40.95 -86.46
CA GLU SC 59 12.04 -41.68 -86.96
C GLU SC 59 11.39 -42.49 -85.84
N ILE SC 60 12.20 -43.20 -85.07
CA ILE SC 60 11.69 -44.00 -83.99
C ILE SC 60 10.84 -43.14 -83.05
N GLU SC 61 11.35 -41.98 -82.66
CA GLU SC 61 10.63 -41.08 -81.74
C GLU SC 61 9.31 -40.63 -82.35
N ARG SC 62 9.34 -40.39 -83.65
CA ARG SC 62 8.15 -39.97 -84.37
C ARG SC 62 7.11 -41.09 -84.34
N LEU SC 63 7.54 -42.31 -84.68
CA LEU SC 63 6.63 -43.46 -84.68
C LEU SC 63 6.11 -43.73 -83.28
N GLN SC 64 6.90 -43.49 -82.25
CA GLN SC 64 6.40 -43.76 -80.92
C GLN SC 64 5.34 -42.72 -80.56
N LYS SC 65 5.43 -41.53 -81.13
CA LYS SC 65 4.41 -40.53 -80.81
C LYS SC 65 3.08 -40.93 -81.46
N GLU SC 66 3.15 -41.50 -82.66
CA GLU SC 66 1.94 -41.96 -83.32
C GLU SC 66 1.32 -43.06 -82.48
N ILE SC 67 2.14 -44.00 -82.03
CA ILE SC 67 1.65 -45.09 -81.20
C ILE SC 67 0.94 -44.52 -79.99
N GLU SC 68 1.54 -43.48 -79.42
CA GLU SC 68 0.97 -42.85 -78.24
C GLU SC 68 -0.42 -42.33 -78.59
N ARG SC 69 -0.55 -41.68 -79.74
CA ARG SC 69 -1.86 -41.16 -80.14
C ARG SC 69 -2.85 -42.31 -80.21
N HIS SC 70 -2.48 -43.38 -80.89
CA HIS SC 70 -3.40 -44.51 -81.01
C HIS SC 70 -3.75 -45.09 -79.63
N LYS SC 71 -2.77 -45.17 -78.75
CA LYS SC 71 -3.01 -45.70 -77.42
C LYS SC 71 -4.02 -44.84 -76.65
N GLN SC 72 -3.96 -43.53 -76.88
CA GLN SC 72 -4.88 -42.65 -76.19
C GLN SC 72 -6.26 -42.77 -76.84
N SER SC 73 -6.31 -42.96 -78.16
CA SER SC 73 -7.60 -43.15 -78.82
C SER SC 73 -8.31 -44.37 -78.24
N ILE SC 74 -7.57 -45.48 -78.10
CA ILE SC 74 -8.12 -46.70 -77.55
C ILE SC 74 -8.67 -46.42 -76.16
N LYS SC 75 -7.85 -45.82 -75.31
CA LYS SC 75 -8.27 -45.50 -73.94
C LYS SC 75 -9.62 -44.78 -73.92
N ALA TC 1 61.85 -43.54 -131.32
CA ALA TC 1 62.66 -43.72 -132.51
C ALA TC 1 61.87 -44.39 -133.63
N THR TC 2 61.40 -45.60 -133.37
CA THR TC 2 60.60 -46.34 -134.32
C THR TC 2 59.34 -45.56 -134.70
N LEU TC 3 58.48 -46.19 -135.51
CA LEU TC 3 57.35 -45.46 -136.06
C LEU TC 3 56.24 -45.26 -135.02
N LYS TC 4 56.12 -46.18 -134.07
CA LYS TC 4 55.10 -46.03 -133.04
C LYS TC 4 55.48 -44.90 -132.07
N ASP TC 5 56.76 -44.86 -131.69
CA ASP TC 5 57.21 -43.91 -130.67
C ASP TC 5 57.15 -42.47 -131.17
N ILE TC 6 57.44 -42.27 -132.45
CA ILE TC 6 57.36 -40.93 -133.02
C ILE TC 6 55.92 -40.46 -133.08
N THR TC 7 55.00 -41.39 -133.36
CA THR TC 7 53.59 -41.03 -133.51
C THR TC 7 52.99 -40.62 -132.17
N ARG TC 8 53.24 -41.41 -131.12
CA ARG TC 8 52.63 -41.15 -129.82
C ARG TC 8 53.19 -39.90 -129.18
N ARG TC 9 54.45 -39.59 -129.44
CA ARG TC 9 55.00 -38.33 -128.98
C ARG TC 9 54.44 -37.16 -129.78
N LEU TC 10 54.30 -37.34 -131.10
CA LEU TC 10 53.77 -36.25 -131.92
C LEU TC 10 52.29 -36.03 -131.65
N LYS TC 11 51.56 -37.10 -131.30
CA LYS TC 11 50.14 -36.96 -130.97
C LYS TC 11 49.95 -36.21 -129.66
N SER TC 12 50.92 -36.33 -128.75
CA SER TC 12 50.81 -35.68 -127.45
C SER TC 12 50.93 -34.16 -127.58
N ILE TC 13 51.86 -33.69 -128.40
CA ILE TC 13 52.10 -32.25 -128.49
C ILE TC 13 51.05 -31.59 -129.37
N LYS TC 14 50.27 -32.39 -130.10
CA LYS TC 14 49.14 -31.83 -130.82
C LYS TC 14 47.98 -31.55 -129.86
N ASN TC 15 47.90 -32.33 -128.78
CA ASN TC 15 46.94 -32.02 -127.71
C ASN TC 15 47.33 -30.76 -126.97
N ILE TC 16 48.61 -30.68 -126.55
CA ILE TC 16 49.11 -29.56 -125.75
C ILE TC 16 49.08 -28.26 -126.54
N GLN TC 17 49.07 -28.35 -127.87
CA GLN TC 17 48.94 -27.16 -128.69
C GLN TC 17 47.53 -26.59 -128.64
N LYS TC 18 46.51 -27.44 -128.50
CA LYS TC 18 45.13 -26.95 -128.45
C LYS TC 18 44.83 -26.33 -127.10
N ILE TC 19 45.23 -27.02 -126.03
CA ILE TC 19 44.88 -26.66 -124.66
C ILE TC 19 45.46 -25.31 -124.29
N THR TC 20 46.69 -25.03 -124.71
CA THR TC 20 47.30 -23.75 -124.37
C THR TC 20 46.80 -22.64 -125.29
N LYS TC 21 46.21 -22.99 -126.43
CA LYS TC 21 45.66 -21.94 -127.29
C LYS TC 21 44.24 -21.61 -126.92
N SER TC 22 43.54 -22.55 -126.29
CA SER TC 22 42.26 -22.23 -125.66
C SER TC 22 42.49 -21.42 -124.39
N MET TC 23 43.46 -21.84 -123.58
CA MET TC 23 43.77 -21.20 -122.30
C MET TC 23 44.27 -19.78 -122.47
N LYS TC 24 44.76 -19.42 -123.64
CA LYS TC 24 45.06 -18.03 -123.89
C LYS TC 24 43.78 -17.25 -124.17
N MET TC 25 42.79 -17.90 -124.78
CA MET TC 25 41.55 -17.18 -125.08
C MET TC 25 40.68 -17.01 -123.84
N VAL TC 26 40.84 -17.89 -122.86
CA VAL TC 26 40.18 -17.71 -121.57
C VAL TC 26 40.79 -16.52 -120.84
N ALA TC 27 42.12 -16.46 -120.79
CA ALA TC 27 42.79 -15.45 -119.99
C ALA TC 27 42.94 -14.15 -120.75
N ALA TC 28 42.51 -14.11 -122.01
CA ALA TC 28 42.45 -12.83 -122.71
C ALA TC 28 41.20 -12.07 -122.34
N ALA TC 29 40.19 -12.76 -121.84
CA ALA TC 29 38.96 -12.08 -121.42
C ALA TC 29 39.06 -11.64 -119.97
N LYS TC 30 39.73 -12.44 -119.14
CA LYS TC 30 39.92 -12.09 -117.74
C LYS TC 30 40.78 -10.85 -117.59
N TYR TC 31 41.83 -10.73 -118.41
CA TYR TC 31 42.61 -9.50 -118.39
C TYR TC 31 41.79 -8.33 -118.92
N ALA TC 32 40.89 -8.59 -119.87
CA ALA TC 32 40.16 -7.50 -120.50
C ALA TC 32 39.10 -6.92 -119.58
N ARG TC 33 38.64 -7.70 -118.59
CA ARG TC 33 37.82 -7.14 -117.52
C ARG TC 33 38.69 -6.53 -116.44
N ALA TC 34 39.80 -7.17 -116.11
CA ALA TC 34 40.64 -6.70 -115.02
C ALA TC 34 41.48 -5.50 -115.45
N GLU TC 35 41.45 -5.16 -116.74
CA GLU TC 35 41.94 -3.84 -117.14
C GLU TC 35 40.90 -2.78 -116.86
N ARG TC 36 39.62 -3.15 -116.96
CA ARG TC 36 38.54 -2.17 -116.81
C ARG TC 36 38.37 -1.74 -115.35
N ASP TC 37 38.47 -2.69 -114.41
CA ASP TC 37 38.10 -2.40 -113.03
C ASP TC 37 39.17 -1.57 -112.32
N LEU TC 38 40.40 -1.59 -112.81
CA LEU TC 38 41.51 -0.99 -112.07
C LEU TC 38 41.45 0.52 -112.12
N LYS TC 39 41.00 1.09 -113.23
CA LYS TC 39 40.98 2.55 -113.36
C LYS TC 39 39.95 3.25 -112.48
N PRO TC 40 38.80 2.66 -112.11
CA PRO TC 40 38.05 3.22 -110.96
C PRO TC 40 38.85 3.22 -109.67
N ALA TC 41 39.47 2.09 -109.33
CA ALA TC 41 40.22 2.02 -108.07
C ALA TC 41 41.58 2.68 -108.19
N ARG TC 42 41.91 3.24 -109.36
CA ARG TC 42 43.11 4.06 -109.47
C ARG TC 42 42.93 5.38 -108.72
N VAL TC 43 41.72 5.92 -108.69
CA VAL TC 43 41.49 7.20 -108.02
C VAL TC 43 41.23 6.99 -106.54
N TYR TC 44 41.02 5.75 -106.13
CA TYR TC 44 40.90 5.47 -104.70
C TYR TC 44 42.28 5.54 -104.03
N GLY TC 45 43.32 5.03 -104.69
CA GLY TC 45 44.66 5.14 -104.15
C GLY TC 45 45.33 6.44 -104.51
N ILE TC 46 44.62 7.31 -105.24
CA ILE TC 46 45.06 8.69 -105.40
C ILE TC 46 44.94 9.45 -104.08
N GLY TC 47 43.88 9.16 -103.33
CA GLY TC 47 43.60 9.93 -102.12
C GLY TC 47 44.56 9.65 -100.99
N SER TC 48 44.94 8.38 -100.82
CA SER TC 48 45.79 8.04 -99.69
C SER TC 48 47.24 8.43 -99.95
N LEU TC 49 47.65 8.51 -101.21
CA LEU TC 49 48.96 9.07 -101.52
C LEU TC 49 48.97 10.59 -101.33
N ALA TC 50 47.82 11.23 -101.58
CA ALA TC 50 47.74 12.70 -101.50
C ALA TC 50 47.79 13.17 -100.06
N LEU TC 51 47.50 12.27 -99.11
CA LEU TC 51 47.71 12.55 -97.70
C LEU TC 51 49.19 12.82 -97.40
N TYR TC 52 50.08 12.05 -98.04
CA TYR TC 52 51.47 12.08 -97.60
C TYR TC 52 52.30 13.11 -98.38
N GLU TC 53 51.72 13.72 -99.43
CA GLU TC 53 52.44 14.78 -100.11
C GLU TC 53 52.41 16.08 -99.31
N LYS TC 54 51.25 16.42 -98.76
CA LYS TC 54 51.12 17.67 -98.04
C LYS TC 54 51.67 17.54 -96.62
N ALA TC 55 51.68 16.32 -96.09
CA ALA TC 55 52.24 16.01 -94.78
C ALA TC 55 53.27 14.90 -94.95
N ASP TC 56 54.55 15.26 -94.95
CA ASP TC 56 55.64 14.35 -95.29
C ASP TC 56 56.07 13.61 -94.02
N ILE TC 57 55.57 12.39 -93.85
CA ILE TC 57 55.85 11.60 -92.64
C ILE TC 57 56.81 10.47 -93.00
N LYS TC 58 57.75 10.19 -92.10
CA LYS TC 58 58.73 9.12 -92.27
C LYS TC 58 58.82 8.29 -91.00
N VAL TC 59 59.45 7.13 -91.12
CA VAL TC 59 59.77 6.30 -89.96
C VAL TC 59 61.07 6.80 -89.34
N PRO TC 60 61.00 7.45 -88.16
CA PRO TC 60 62.10 8.31 -87.70
C PRO TC 60 63.42 7.62 -87.35
N GLU TC 61 63.44 6.70 -86.38
CA GLU TC 61 64.75 6.15 -86.04
C GLU TC 61 64.78 4.61 -85.89
N ASP TC 62 63.74 4.01 -85.28
CA ASP TC 62 63.80 2.63 -84.80
C ASP TC 62 62.44 2.23 -84.23
N LYS TC 63 62.08 0.94 -84.37
CA LYS TC 63 60.84 0.40 -83.85
C LYS TC 63 61.13 -0.88 -83.06
N LYS TC 64 60.17 -1.28 -82.24
CA LYS TC 64 60.31 -2.50 -81.46
C LYS TC 64 59.77 -3.72 -82.20
N LYS TC 65 58.76 -3.53 -83.04
CA LYS TC 65 58.10 -4.60 -83.79
C LYS TC 65 57.98 -4.15 -85.25
N HIS TC 66 57.52 -5.07 -86.11
CA HIS TC 66 57.42 -4.76 -87.54
C HIS TC 66 56.47 -5.73 -88.22
N LEU TC 67 56.02 -5.35 -89.42
CA LEU TC 67 55.22 -6.20 -90.31
C LEU TC 67 55.75 -6.20 -91.73
N ILE TC 68 55.56 -7.32 -92.42
CA ILE TC 68 55.76 -7.41 -93.86
C ILE TC 68 54.57 -8.15 -94.44
N ILE TC 69 53.90 -7.52 -95.41
CA ILE TC 69 52.73 -8.10 -96.06
C ILE TC 69 53.04 -8.29 -97.54
N GLY TC 70 52.72 -9.47 -98.06
CA GLY TC 70 52.94 -9.72 -99.48
C GLY TC 70 51.77 -10.41 -100.16
N VAL TC 71 51.24 -9.80 -101.22
CA VAL TC 71 50.05 -10.28 -101.91
C VAL TC 71 50.46 -11.15 -103.08
N SER TC 72 49.57 -12.06 -103.46
CA SER TC 72 49.68 -12.92 -104.65
C SER TC 72 48.33 -13.58 -104.88
N SER TC 73 48.28 -14.46 -105.86
CA SER TC 73 47.16 -15.36 -106.05
C SER TC 73 47.54 -16.72 -105.46
N ASP TC 74 46.67 -17.72 -105.68
CA ASP TC 74 47.02 -19.09 -105.39
C ASP TC 74 47.38 -19.87 -106.65
N ARG TC 75 47.21 -19.26 -107.83
CA ARG TC 75 47.35 -19.96 -109.10
C ARG TC 75 48.75 -19.80 -109.67
N GLY TC 76 49.26 -20.87 -110.27
CA GLY TC 76 50.54 -20.85 -110.94
C GLY TC 76 50.44 -20.40 -112.38
N LEU TC 77 51.47 -20.75 -113.15
CA LEU TC 77 51.56 -20.51 -114.60
C LEU TC 77 51.44 -19.04 -114.94
N CYS TC 78 52.17 -18.19 -114.23
CA CYS TC 78 52.18 -16.77 -114.50
C CYS TC 78 53.58 -16.20 -114.70
N GLY TC 79 54.62 -17.03 -114.65
CA GLY TC 79 55.95 -16.57 -114.98
C GLY TC 79 56.80 -16.10 -113.83
N ALA TC 80 56.91 -14.77 -113.67
CA ALA TC 80 57.75 -14.21 -112.63
C ALA TC 80 56.98 -13.21 -111.79
N ILE TC 81 55.80 -13.59 -111.33
CA ILE TC 81 55.02 -12.75 -110.43
C ILE TC 81 55.30 -13.10 -108.97
N HIS TC 82 55.32 -14.39 -108.63
CA HIS TC 82 55.46 -14.77 -107.23
C HIS TC 82 56.90 -14.68 -106.76
N SER TC 83 57.86 -15.00 -107.62
CA SER TC 83 59.26 -14.90 -107.20
C SER TC 83 59.81 -13.50 -107.36
N SER TC 84 59.03 -12.58 -107.91
CA SER TC 84 59.36 -11.16 -107.89
C SER TC 84 58.90 -10.47 -106.62
N VAL TC 85 58.27 -11.22 -105.71
CA VAL TC 85 57.76 -10.69 -104.45
C VAL TC 85 58.42 -11.37 -103.26
N ALA TC 86 58.61 -12.69 -103.33
CA ALA TC 86 59.28 -13.41 -102.24
C ALA TC 86 60.75 -13.05 -102.15
N LYS TC 87 61.42 -12.91 -103.29
CA LYS TC 87 62.83 -12.52 -103.30
C LYS TC 87 63.01 -11.04 -102.94
N GLN TC 88 61.97 -10.23 -103.11
CA GLN TC 88 62.00 -8.87 -102.58
C GLN TC 88 61.85 -8.90 -101.06
N ILE TC 89 61.07 -9.85 -100.54
CA ILE TC 89 60.81 -9.92 -99.11
C ILE TC 89 62.06 -10.39 -98.36
N LYS TC 90 62.77 -11.38 -98.89
CA LYS TC 90 64.02 -11.80 -98.27
C LYS TC 90 65.15 -10.79 -98.47
N SER TC 91 64.96 -9.78 -99.31
CA SER TC 91 65.92 -8.70 -99.48
C SER TC 91 65.72 -7.58 -98.46
N GLU TC 92 64.83 -7.75 -97.49
CA GLU TC 92 64.59 -6.69 -96.51
C GLU TC 92 64.71 -7.20 -95.09
N VAL TC 93 64.29 -8.43 -94.84
CA VAL TC 93 64.50 -9.01 -93.51
C VAL TC 93 65.96 -9.36 -93.27
N ALA TC 94 66.75 -9.55 -94.34
CA ALA TC 94 68.20 -9.55 -94.18
C ALA TC 94 68.71 -8.15 -93.94
N ASN TC 95 68.13 -7.16 -94.62
CA ASN TC 95 68.49 -5.77 -94.38
C ASN TC 95 68.03 -5.31 -93.01
N LEU TC 96 66.90 -5.83 -92.52
CA LEU TC 96 66.48 -5.64 -91.15
C LEU TC 96 67.05 -6.79 -90.32
N THR TC 97 66.55 -6.96 -89.09
CA THR TC 97 67.09 -7.86 -88.04
C THR TC 97 68.58 -7.64 -87.77
N ALA TC 98 69.08 -6.44 -88.03
CA ALA TC 98 70.39 -5.98 -87.61
C ALA TC 98 70.32 -4.66 -86.87
N ALA TC 99 69.30 -3.86 -87.15
CA ALA TC 99 68.95 -2.69 -86.35
C ALA TC 99 68.16 -3.07 -85.10
N GLY TC 100 67.85 -4.34 -84.91
CA GLY TC 100 67.33 -4.84 -83.65
C GLY TC 100 65.84 -5.03 -83.60
N LYS TC 101 65.10 -4.57 -84.60
CA LYS TC 101 63.64 -4.66 -84.57
C LYS TC 101 63.17 -6.08 -84.86
N GLU TC 102 62.04 -6.44 -84.24
CA GLU TC 102 61.45 -7.74 -84.46
C GLU TC 102 60.50 -7.69 -85.64
N VAL TC 103 60.64 -8.64 -86.56
CA VAL TC 103 59.84 -8.68 -87.78
C VAL TC 103 58.94 -9.91 -87.72
N LYS TC 104 57.71 -9.76 -88.20
CA LYS TC 104 56.78 -10.87 -88.34
C LYS TC 104 56.00 -10.63 -89.63
N ILE TC 105 56.00 -11.61 -90.52
CA ILE TC 105 55.43 -11.44 -91.86
C ILE TC 105 54.05 -12.11 -91.89
N VAL TC 106 53.21 -11.61 -92.81
CA VAL TC 106 51.94 -12.25 -93.13
C VAL TC 106 51.82 -12.32 -94.65
N GLY TC 107 51.49 -13.51 -95.16
CA GLY TC 107 51.34 -13.68 -96.58
C GLY TC 107 49.94 -14.03 -97.00
N VAL TC 108 49.26 -13.08 -97.65
CA VAL TC 108 47.92 -13.30 -98.16
C VAL TC 108 48.01 -14.03 -99.49
N GLY TC 109 47.30 -15.15 -99.60
CA GLY TC 109 47.47 -16.04 -100.73
C GLY TC 109 48.37 -17.21 -100.38
N ASP TC 110 48.18 -18.31 -101.10
CA ASP TC 110 48.93 -19.53 -100.78
C ASP TC 110 50.35 -19.51 -101.32
N LYS TC 111 50.59 -18.85 -102.47
CA LYS TC 111 51.85 -19.04 -103.16
C LYS TC 111 53.02 -18.30 -102.54
N ILE TC 112 52.77 -17.29 -101.71
CA ILE TC 112 53.86 -16.67 -100.95
C ILE TC 112 54.31 -17.60 -99.84
N ARG TC 113 53.35 -18.16 -99.11
CA ARG TC 113 53.64 -19.07 -98.01
C ARG TC 113 54.30 -20.37 -98.48
N GLY TC 114 54.11 -20.75 -99.74
CA GLY TC 114 54.80 -21.93 -100.24
C GLY TC 114 56.28 -21.70 -100.42
N ILE TC 115 56.67 -20.51 -100.86
CA ILE TC 115 58.08 -20.20 -101.06
C ILE TC 115 58.79 -20.02 -99.72
N LEU TC 116 58.15 -19.34 -98.78
CA LEU TC 116 58.80 -18.89 -97.55
C LEU TC 116 58.41 -19.72 -96.35
N HIS TC 117 58.28 -21.04 -96.49
CA HIS TC 117 58.03 -21.91 -95.34
C HIS TC 117 59.21 -22.80 -95.00
N ARG TC 118 60.31 -22.71 -95.75
CA ARG TC 118 61.51 -23.48 -95.43
C ARG TC 118 62.60 -22.67 -94.75
N THR TC 119 62.60 -21.36 -94.92
CA THR TC 119 63.54 -20.48 -94.23
C THR TC 119 62.88 -19.53 -93.25
N HIS TC 120 61.71 -19.00 -93.59
CA HIS TC 120 61.04 -17.99 -92.76
C HIS TC 120 59.79 -18.56 -92.13
N SER TC 121 59.86 -19.81 -91.68
CA SER TC 121 58.71 -20.53 -91.13
C SER TC 121 58.31 -20.05 -89.73
N ASP TC 122 59.02 -19.09 -89.15
CA ASP TC 122 58.78 -18.70 -87.77
C ASP TC 122 58.15 -17.34 -87.59
N GLN TC 123 58.22 -16.46 -88.59
CA GLN TC 123 57.74 -15.10 -88.48
C GLN TC 123 56.35 -14.92 -89.08
N PHE TC 124 55.50 -15.94 -88.93
CA PHE TC 124 54.18 -15.96 -89.54
C PHE TC 124 53.11 -15.69 -88.48
N LEU TC 125 52.43 -14.56 -88.61
CA LEU TC 125 51.27 -14.32 -87.77
C LEU TC 125 50.12 -15.20 -88.17
N VAL TC 126 49.59 -15.02 -89.38
CA VAL TC 126 48.48 -15.77 -89.93
C VAL TC 126 48.77 -16.00 -91.40
N THR TC 127 47.98 -16.88 -92.02
CA THR TC 127 48.00 -17.09 -93.45
C THR TC 127 46.57 -17.02 -93.98
N PHE TC 128 46.42 -16.70 -95.25
CA PHE TC 128 45.12 -16.70 -95.89
C PHE TC 128 45.10 -17.73 -97.00
N LYS TC 129 43.95 -17.85 -97.66
CA LYS TC 129 43.80 -18.71 -98.82
C LYS TC 129 42.69 -18.16 -99.69
N GLU TC 130 42.49 -18.79 -100.85
CA GLU TC 130 41.35 -18.57 -101.75
C GLU TC 130 41.30 -17.13 -102.27
N VAL TC 131 42.42 -16.66 -102.81
CA VAL TC 131 42.55 -15.30 -103.32
C VAL TC 131 42.61 -15.37 -104.83
N GLY TC 132 41.80 -14.53 -105.49
CA GLY TC 132 41.92 -14.33 -106.92
C GLY TC 132 41.25 -15.37 -107.80
N ARG TC 133 40.64 -16.42 -107.22
CA ARG TC 133 39.91 -17.37 -108.05
C ARG TC 133 38.60 -16.75 -108.54
N LYS TC 134 37.84 -16.15 -107.64
CA LYS TC 134 36.84 -15.17 -107.97
C LYS TC 134 37.55 -13.84 -108.05
N PRO TC 135 36.99 -12.83 -108.71
CA PRO TC 135 37.62 -11.52 -108.74
C PRO TC 135 37.70 -10.90 -107.35
N PRO TC 136 38.81 -10.25 -107.03
CA PRO TC 136 38.94 -9.64 -105.71
C PRO TC 136 38.13 -8.37 -105.60
N THR TC 137 37.74 -8.05 -104.36
CA THR TC 137 36.78 -6.99 -104.09
C THR TC 137 37.22 -6.13 -102.91
N PHE TC 138 36.32 -5.30 -102.38
CA PHE TC 138 36.64 -4.51 -101.20
C PHE TC 138 36.28 -5.22 -99.91
N GLY TC 139 35.23 -6.04 -99.91
CA GLY TC 139 34.93 -6.85 -98.75
C GLY TC 139 35.96 -7.92 -98.47
N ASP TC 140 36.76 -8.26 -99.49
CA ASP TC 140 37.88 -9.17 -99.30
C ASP TC 140 39.02 -8.49 -98.54
N ALA TC 141 39.18 -7.18 -98.71
CA ALA TC 141 40.20 -6.43 -97.98
C ALA TC 141 39.77 -6.12 -96.55
N SER TC 142 38.50 -6.29 -96.22
CA SER TC 142 38.00 -6.10 -94.87
C SER TC 142 37.96 -7.39 -94.08
N VAL TC 143 38.35 -8.52 -94.68
CA VAL TC 143 38.60 -9.72 -93.90
C VAL TC 143 40.08 -9.83 -93.55
N ILE TC 144 40.96 -9.35 -94.44
CA ILE TC 144 42.39 -9.29 -94.13
C ILE TC 144 42.66 -8.28 -93.02
N ALA TC 145 42.01 -7.12 -93.10
CA ALA TC 145 42.26 -6.06 -92.13
C ALA TC 145 41.53 -6.27 -90.81
N LEU TC 146 40.54 -7.16 -90.75
CA LEU TC 146 39.84 -7.44 -89.49
C LEU TC 146 40.51 -8.56 -88.70
N GLU TC 147 40.93 -9.62 -89.36
CA GLU TC 147 41.67 -10.68 -88.67
C GLU TC 147 43.08 -10.23 -88.31
N LEU TC 148 43.57 -9.16 -88.92
CA LEU TC 148 44.86 -8.59 -88.53
C LEU TC 148 44.80 -7.86 -87.20
N LEU TC 149 43.61 -7.56 -86.69
CA LEU TC 149 43.46 -6.96 -85.38
C LEU TC 149 43.12 -7.95 -84.29
N ASN TC 150 42.52 -9.09 -84.64
CA ASN TC 150 42.26 -10.17 -83.70
C ASN TC 150 43.50 -11.06 -83.54
N SER TC 151 44.64 -10.45 -83.29
CA SER TC 151 45.92 -11.14 -83.26
C SER TC 151 46.77 -10.78 -82.07
N GLY TC 152 46.54 -9.63 -81.42
CA GLY TC 152 47.31 -9.22 -80.28
C GLY TC 152 48.60 -8.51 -80.60
N TYR TC 153 49.18 -8.76 -81.77
CA TYR TC 153 50.45 -8.18 -82.18
C TYR TC 153 50.30 -6.67 -82.38
N GLU TC 154 50.80 -5.90 -81.43
CA GLU TC 154 50.95 -4.46 -81.64
C GLU TC 154 52.05 -4.26 -82.68
N PHE TC 155 51.71 -3.61 -83.79
CA PHE TC 155 52.69 -3.31 -84.82
C PHE TC 155 52.79 -1.80 -85.00
N ASP TC 156 54.03 -1.33 -85.09
CA ASP TC 156 54.31 0.10 -85.18
C ASP TC 156 54.96 0.53 -86.48
N GLU TC 157 55.39 -0.39 -87.36
CA GLU TC 157 55.85 -0.05 -88.70
C GLU TC 157 55.71 -1.26 -89.59
N GLY TC 158 55.18 -1.06 -90.80
CA GLY TC 158 55.05 -2.16 -91.73
C GLY TC 158 55.11 -1.67 -93.16
N SER TC 159 54.94 -2.61 -94.08
CA SER TC 159 54.86 -2.29 -95.50
C SER TC 159 54.19 -3.44 -96.24
N ILE TC 160 53.72 -3.14 -97.44
CA ILE TC 160 53.09 -4.12 -98.31
C ILE TC 160 53.81 -4.07 -99.66
N ILE TC 161 53.92 -5.23 -100.31
CA ILE TC 161 54.64 -5.37 -101.57
C ILE TC 161 53.72 -6.01 -102.60
N PHE TC 162 53.55 -5.32 -103.73
CA PHE TC 162 52.65 -5.76 -104.79
C PHE TC 162 53.23 -5.36 -106.14
N ASN TC 163 52.75 -5.99 -107.19
CA ASN TC 163 53.21 -5.70 -108.55
C ASN TC 163 52.38 -4.58 -109.18
N ARG TC 164 53.00 -3.43 -109.39
CA ARG TC 164 52.31 -2.31 -110.03
C ARG TC 164 52.24 -2.59 -111.51
N PHE TC 165 51.03 -2.81 -112.01
CA PHE TC 165 50.77 -3.11 -113.41
C PHE TC 165 51.16 -1.94 -114.30
N ARG TC 166 52.13 -2.16 -115.18
CA ARG TC 166 52.55 -1.14 -116.14
C ARG TC 166 51.94 -1.34 -117.51
N SER TC 167 52.20 -2.49 -118.14
CA SER TC 167 51.72 -2.77 -119.49
C SER TC 167 51.37 -4.25 -119.59
N VAL TC 168 51.10 -4.70 -120.81
CA VAL TC 168 50.71 -6.09 -121.02
C VAL TC 168 51.92 -7.00 -120.87
N ILE TC 169 53.11 -6.49 -121.21
CA ILE TC 169 54.31 -7.28 -121.10
C ILE TC 169 54.99 -7.05 -119.76
N SER TC 170 54.92 -5.81 -119.24
CA SER TC 170 55.77 -5.37 -118.15
C SER TC 170 54.97 -5.10 -116.88
N TYR TC 171 55.48 -5.60 -115.76
CA TYR TC 171 55.00 -5.25 -114.42
C TYR TC 171 56.20 -4.87 -113.57
N LYS TC 172 55.97 -4.04 -112.56
CA LYS TC 172 57.04 -3.59 -111.68
C LYS TC 172 56.64 -3.84 -110.23
N THR TC 173 57.43 -4.66 -109.54
CA THR TC 173 57.23 -4.87 -108.12
C THR TC 173 57.67 -3.63 -107.36
N GLU TC 174 56.72 -3.03 -106.63
CA GLU TC 174 57.03 -1.85 -105.82
C GLU TC 174 56.70 -2.11 -104.36
N GLU TC 175 57.06 -1.14 -103.53
CA GLU TC 175 56.78 -1.18 -102.10
C GLU TC 175 56.14 0.14 -101.69
N LYS TC 176 55.38 0.12 -100.61
CA LYS TC 176 54.75 1.30 -100.07
C LYS TC 176 54.74 1.24 -98.55
N PRO TC 177 55.02 2.34 -97.85
CA PRO TC 177 55.18 2.28 -96.40
C PRO TC 177 53.88 2.45 -95.65
N ILE TC 178 53.85 1.90 -94.43
CA ILE TC 178 52.66 1.89 -93.58
C ILE TC 178 53.04 2.44 -92.22
N PHE TC 179 52.38 3.53 -91.81
CA PHE TC 179 52.56 4.12 -90.49
C PHE TC 179 51.38 3.74 -89.62
N SER TC 180 51.63 2.99 -88.56
CA SER TC 180 50.56 2.32 -87.83
C SER TC 180 50.49 2.65 -86.35
N LEU TC 181 51.59 3.00 -85.70
CA LEU TC 181 51.46 3.52 -84.36
C LEU TC 181 51.01 4.97 -84.41
N ASP TC 182 50.32 5.41 -83.35
CA ASP TC 182 49.87 6.79 -83.28
C ASP TC 182 51.02 7.76 -83.00
N THR TC 183 52.16 7.25 -82.52
CA THR TC 183 53.31 8.09 -82.22
C THR TC 183 53.91 8.67 -83.50
N VAL TC 184 54.19 7.81 -84.48
CA VAL TC 184 54.76 8.27 -85.74
C VAL TC 184 53.70 8.98 -86.57
N ALA TC 185 52.42 8.64 -86.35
CA ALA TC 185 51.33 9.28 -87.08
C ALA TC 185 51.01 10.67 -86.58
N SER TC 186 51.53 11.06 -85.42
CA SER TC 186 51.34 12.40 -84.84
C SER TC 186 52.71 13.05 -84.67
N ALA TC 187 53.10 13.84 -85.66
CA ALA TC 187 54.44 14.41 -85.75
C ALA TC 187 54.30 15.85 -86.20
N GLU TC 188 55.40 16.45 -86.65
CA GLU TC 188 55.48 17.90 -86.84
C GLU TC 188 54.57 18.39 -87.96
N SER TC 189 54.39 17.59 -89.02
CA SER TC 189 53.46 17.98 -90.07
C SER TC 189 52.01 17.95 -89.60
N MET TC 190 51.71 17.15 -88.58
CA MET TC 190 50.36 17.05 -88.03
C MET TC 190 50.08 18.10 -86.97
N SER TC 191 50.91 19.14 -86.88
CA SER TC 191 50.68 20.21 -85.91
C SER TC 191 49.55 21.13 -86.34
N ILE TC 192 49.42 21.38 -87.64
CA ILE TC 192 48.33 22.20 -88.16
C ILE TC 192 47.01 21.44 -88.07
N TYR TC 193 47.06 20.11 -88.09
CA TYR TC 193 45.86 19.30 -88.27
C TYR TC 193 45.01 19.27 -87.01
N ASP TC 194 43.72 19.52 -87.22
CA ASP TC 194 42.73 19.90 -86.23
C ASP TC 194 42.06 18.69 -85.60
N ASP TC 195 40.77 18.83 -85.26
CA ASP TC 195 39.98 18.16 -84.23
C ASP TC 195 40.24 16.68 -83.93
N ILE TC 196 40.92 15.94 -84.81
CA ILE TC 196 41.19 14.53 -84.56
C ILE TC 196 42.05 14.38 -83.31
N ASP TC 197 41.67 13.42 -82.49
CA ASP TC 197 42.30 13.16 -81.20
C ASP TC 197 43.31 12.02 -81.41
N ALA TC 198 43.86 11.52 -80.30
CA ALA TC 198 44.57 10.24 -80.37
C ALA TC 198 43.59 9.09 -80.58
N ASP TC 199 42.36 9.26 -80.11
CA ASP TC 199 41.36 8.20 -80.27
C ASP TC 199 40.73 8.26 -81.65
N VAL TC 200 40.80 9.41 -82.32
CA VAL TC 200 40.27 9.48 -83.68
C VAL TC 200 41.34 9.04 -84.68
N LEU TC 201 42.60 9.34 -84.39
CA LEU TC 201 43.71 8.80 -85.18
C LEU TC 201 43.86 7.30 -84.98
N ARG TC 202 43.30 6.77 -83.89
CA ARG TC 202 43.11 5.33 -83.78
C ARG TC 202 42.10 4.84 -84.81
N ASN TC 203 41.09 5.65 -85.11
CA ASN TC 203 40.04 5.21 -86.04
C ASN TC 203 40.47 5.40 -87.49
N TYR TC 204 41.14 6.52 -87.80
CA TYR TC 204 41.39 6.89 -89.18
C TYR TC 204 42.46 6.01 -89.84
N GLN TC 205 43.50 5.68 -89.09
CA GLN TC 205 44.59 4.88 -89.65
C GLN TC 205 44.15 3.45 -89.89
N GLU TC 206 43.11 2.99 -89.18
CA GLU TC 206 42.69 1.61 -89.34
C GLU TC 206 41.90 1.42 -90.64
N TYR TC 207 41.15 2.43 -91.06
CA TYR TC 207 40.47 2.35 -92.34
C TYR TC 207 41.46 2.42 -93.49
N SER TC 208 42.64 3.01 -93.25
CA SER TC 208 43.68 3.04 -94.27
C SER TC 208 44.31 1.67 -94.47
N LEU TC 209 44.23 0.81 -93.45
CA LEU TC 209 44.76 -0.54 -93.59
C LEU TC 209 43.87 -1.39 -94.49
N ALA TC 210 42.56 -1.25 -94.35
CA ALA TC 210 41.66 -1.91 -95.29
C ALA TC 210 41.73 -1.26 -96.66
N ASN TC 211 42.03 0.04 -96.70
CA ASN TC 211 42.19 0.73 -97.97
C ASN TC 211 43.43 0.27 -98.72
N ILE TC 212 44.58 0.22 -98.05
CA ILE TC 212 45.84 0.04 -98.77
C ILE TC 212 46.06 -1.43 -99.09
N ILE TC 213 45.25 -2.31 -98.53
CA ILE TC 213 45.24 -3.68 -99.02
C ILE TC 213 44.33 -3.79 -100.24
N TYR TC 214 43.32 -2.91 -100.32
CA TYR TC 214 42.43 -2.94 -101.48
C TYR TC 214 43.11 -2.35 -102.71
N TYR TC 215 44.03 -1.40 -102.53
CA TYR TC 215 44.75 -0.85 -103.68
C TYR TC 215 45.71 -1.89 -104.25
N SER TC 216 46.13 -2.84 -103.42
CA SER TC 216 47.06 -3.88 -103.87
C SER TC 216 46.34 -5.18 -104.17
N LEU TC 217 45.01 -5.20 -104.05
CA LEU TC 217 44.27 -6.33 -104.58
C LEU TC 217 43.81 -6.04 -106.01
N LYS TC 218 43.98 -4.80 -106.45
CA LYS TC 218 43.59 -4.45 -107.82
C LYS TC 218 44.79 -4.33 -108.73
N GLU TC 219 46.00 -4.33 -108.17
CA GLU TC 219 47.19 -4.25 -109.01
C GLU TC 219 47.75 -5.63 -109.33
N SER TC 220 47.83 -6.50 -108.32
CA SER TC 220 48.49 -7.78 -108.51
C SER TC 220 47.57 -8.82 -109.14
N THR TC 221 46.33 -8.44 -109.46
CA THR TC 221 45.43 -9.38 -110.09
C THR TC 221 45.40 -9.17 -111.60
N THR TC 222 45.50 -7.91 -112.04
CA THR TC 222 45.66 -7.63 -113.46
C THR TC 222 46.99 -8.16 -113.98
N SER TC 223 48.08 -7.93 -113.23
CA SER TC 223 49.41 -8.37 -113.65
C SER TC 223 49.55 -9.89 -113.57
N GLU TC 224 48.71 -10.55 -112.79
CA GLU TC 224 48.79 -11.99 -112.73
C GLU TC 224 48.01 -12.61 -113.88
N GLN TC 225 47.09 -11.84 -114.47
CA GLN TC 225 46.32 -12.35 -115.59
C GLN TC 225 47.02 -12.06 -116.91
N SER TC 226 47.61 -10.87 -117.05
CA SER TC 226 48.25 -10.50 -118.31
C SER TC 226 49.64 -11.14 -118.45
N ALA TC 227 50.12 -11.79 -117.40
CA ALA TC 227 51.28 -12.67 -117.55
C ALA TC 227 50.85 -14.13 -117.63
N ARG TC 228 49.54 -14.37 -117.51
CA ARG TC 228 49.02 -15.70 -117.81
C ARG TC 228 48.56 -15.76 -119.26
N MET TC 229 48.53 -14.61 -119.93
CA MET TC 229 48.26 -14.59 -121.37
C MET TC 229 49.55 -14.68 -122.16
N THR TC 230 50.57 -13.91 -121.75
CA THR TC 230 51.80 -13.81 -122.52
C THR TC 230 52.65 -15.07 -122.38
N ALA TC 231 52.57 -15.73 -121.23
CA ALA TC 231 53.34 -16.96 -121.04
C ALA TC 231 52.60 -18.16 -121.58
N MET TC 232 51.39 -17.96 -122.12
CA MET TC 232 50.68 -19.05 -122.77
C MET TC 232 50.78 -18.93 -124.28
N ASP TC 233 51.00 -17.72 -124.79
CA ASP TC 233 51.38 -17.56 -126.18
C ASP TC 233 52.74 -18.20 -126.46
N ASN TC 234 53.65 -18.16 -125.49
CA ASN TC 234 54.99 -18.68 -125.68
C ASN TC 234 55.07 -20.15 -125.34
N ALA TC 235 53.99 -20.74 -124.85
CA ALA TC 235 53.91 -22.19 -124.79
C ALA TC 235 53.22 -22.72 -126.03
N SER TC 236 52.58 -21.82 -126.78
CA SER TC 236 51.88 -22.21 -128.01
C SER TC 236 52.77 -21.99 -129.23
N LYS TC 237 53.65 -20.98 -129.18
CA LYS TC 237 54.65 -20.85 -130.24
C LYS TC 237 55.71 -21.94 -130.12
N ASN TC 238 56.01 -22.35 -128.89
CA ASN TC 238 57.06 -23.35 -128.69
C ASN TC 238 56.54 -24.76 -128.89
N ALA TC 239 55.25 -24.89 -129.21
CA ALA TC 239 54.72 -26.21 -129.54
C ALA TC 239 54.53 -26.34 -131.05
N SER TC 240 54.40 -25.23 -131.75
CA SER TC 240 54.35 -25.26 -133.20
C SER TC 240 55.70 -25.62 -133.80
N GLU TC 241 56.78 -25.25 -133.11
CA GLU TC 241 58.12 -25.55 -133.61
C GLU TC 241 58.54 -26.97 -133.26
N MET TC 242 57.75 -27.68 -132.47
CA MET TC 242 58.16 -29.00 -132.03
C MET TC 242 57.42 -30.09 -132.78
N ILE TC 243 56.29 -29.73 -133.40
CA ILE TC 243 55.55 -30.71 -134.19
C ILE TC 243 55.95 -30.62 -135.65
N ASP TC 244 56.36 -29.43 -136.11
CA ASP TC 244 56.84 -29.29 -137.48
C ASP TC 244 58.22 -29.90 -137.64
N LYS TC 245 58.96 -30.02 -136.55
CA LYS TC 245 60.21 -30.77 -136.57
C LYS TC 245 59.95 -32.25 -136.33
N LEU TC 246 58.74 -32.58 -135.89
CA LEU TC 246 58.40 -33.98 -135.66
C LEU TC 246 57.50 -34.53 -136.75
N THR TC 247 56.92 -33.65 -137.58
CA THR TC 247 56.26 -34.15 -138.78
C THR TC 247 57.29 -34.64 -139.78
N LEU TC 248 58.39 -33.89 -139.91
CA LEU TC 248 59.44 -34.23 -140.88
C LEU TC 248 60.13 -35.53 -140.52
N THR TC 249 60.45 -35.71 -139.24
CA THR TC 249 61.00 -36.98 -138.78
C THR TC 249 60.00 -38.11 -138.95
N PHE TC 250 58.71 -37.80 -138.85
CA PHE TC 250 57.69 -38.83 -139.06
C PHE TC 250 57.58 -39.20 -140.52
N ASN TC 251 57.69 -38.20 -141.40
CA ASN TC 251 57.55 -38.43 -142.83
C ASN TC 251 58.69 -39.28 -143.38
N ARG TC 252 59.93 -38.98 -143.00
CA ARG TC 252 61.06 -39.81 -143.40
C ARG TC 252 60.98 -41.20 -142.78
N THR TC 253 60.46 -41.31 -141.57
CA THR TC 253 60.38 -42.63 -140.94
C THR TC 253 59.21 -43.42 -141.50
N ARG TC 254 58.21 -42.73 -142.06
CA ARG TC 254 57.14 -43.46 -142.72
C ARG TC 254 57.61 -44.03 -144.04
N GLN TC 255 58.34 -43.24 -144.81
CA GLN TC 255 58.82 -43.66 -146.12
C GLN TC 255 59.87 -44.76 -146.03
N ALA TC 256 60.60 -44.81 -144.92
CA ALA TC 256 61.72 -45.74 -144.83
C ALA TC 256 61.29 -47.11 -144.33
N VAL TC 257 60.00 -47.28 -144.01
CA VAL TC 257 59.49 -48.58 -143.63
C VAL TC 257 58.67 -49.19 -144.76
N ILE TC 258 58.15 -48.35 -145.65
CA ILE TC 258 57.61 -48.86 -146.91
C ILE TC 258 58.72 -49.48 -147.74
N THR TC 259 59.87 -48.81 -147.80
CA THR TC 259 61.00 -49.32 -148.57
C THR TC 259 61.61 -50.54 -147.90
N LYS TC 260 61.64 -50.56 -146.57
CA LYS TC 260 62.26 -51.65 -145.84
C LYS TC 260 61.48 -52.95 -146.01
N GLU TC 261 60.15 -52.89 -145.94
CA GLU TC 261 59.37 -54.12 -146.04
C GLU TC 261 59.28 -54.59 -147.48
N LEU TC 262 59.48 -53.68 -148.44
CA LEU TC 262 59.33 -54.03 -149.84
C LEU TC 262 60.57 -54.76 -150.35
N ILE TC 263 61.75 -54.39 -149.88
CA ILE TC 263 62.98 -55.08 -150.23
C ILE TC 263 63.01 -56.46 -149.59
N GLU TC 264 62.26 -56.64 -148.50
CA GLU TC 264 62.12 -57.97 -147.89
C GLU TC 264 61.30 -58.90 -148.76
N ILE TC 265 60.48 -58.35 -149.66
CA ILE TC 265 59.63 -59.19 -150.52
C ILE TC 265 60.31 -59.42 -151.86
N ILE TC 266 60.90 -58.36 -152.43
CA ILE TC 266 61.67 -58.44 -153.66
C ILE TC 266 62.81 -59.44 -153.53
N SER TC 267 63.46 -59.45 -152.37
CA SER TC 267 64.53 -60.41 -152.14
C SER TC 267 63.98 -61.75 -151.69
N GLY TC 268 62.71 -61.80 -151.32
CA GLY TC 268 62.11 -63.07 -150.93
C GLY TC 268 61.59 -63.85 -152.12
N ALA TC 269 61.18 -63.14 -153.17
CA ALA TC 269 60.79 -63.79 -154.41
C ALA TC 269 62.01 -64.26 -155.19
N ALA TC 270 63.02 -63.40 -155.31
CA ALA TC 270 64.14 -63.68 -156.20
C ALA TC 270 65.12 -64.69 -155.60
N ALA TC 271 64.91 -65.07 -154.34
CA ALA TC 271 65.78 -66.06 -153.72
C ALA TC 271 65.23 -67.47 -153.87
N LEU TC 272 64.06 -67.59 -154.48
CA LEU TC 272 63.42 -68.89 -154.64
C LEU TC 272 64.10 -69.71 -155.72
N GLY UC 1 35.86 27.65 -103.48
CA GLY UC 1 36.94 28.25 -104.23
C GLY UC 1 38.20 27.40 -104.24
N GLN UC 2 38.64 27.03 -105.45
CA GLN UC 2 39.87 26.27 -105.71
C GLN UC 2 39.90 24.95 -104.94
N MET UC 3 38.76 24.27 -104.89
CA MET UC 3 38.61 23.08 -104.07
C MET UC 3 38.30 21.89 -104.96
N SER UC 4 39.24 20.94 -105.03
CA SER UC 4 39.05 19.72 -105.79
C SER UC 4 38.24 18.75 -104.93
N PHE UC 5 36.95 18.66 -105.18
CA PHE UC 5 36.08 17.75 -104.46
C PHE UC 5 36.25 16.35 -105.01
N THR UC 6 37.03 15.53 -104.30
CA THR UC 6 37.21 14.14 -104.66
C THR UC 6 36.23 13.34 -103.83
N PHE UC 7 35.66 12.29 -104.44
CA PHE UC 7 34.62 11.47 -103.83
C PHE UC 7 34.50 10.24 -104.71
N ALA UC 8 34.56 9.05 -104.10
CA ALA UC 8 34.53 7.82 -104.88
C ALA UC 8 34.01 6.68 -104.02
N SER UC 9 34.24 5.47 -104.52
CA SER UC 9 33.80 4.21 -103.94
C SER UC 9 34.57 3.12 -104.65
N PRO UC 10 34.59 1.90 -104.10
CA PRO UC 10 35.26 0.81 -104.83
C PRO UC 10 34.54 0.39 -106.11
N THR UC 11 33.22 0.54 -106.17
CA THR UC 11 32.49 0.11 -107.36
C THR UC 11 32.56 1.14 -108.47
N GLN UC 12 31.98 2.32 -108.23
CA GLN UC 12 31.90 3.33 -109.27
C GLN UC 12 32.30 4.67 -108.70
N VAL UC 13 33.10 5.39 -109.46
CA VAL UC 13 33.62 6.69 -109.05
C VAL UC 13 32.53 7.73 -109.21
N PHE UC 14 32.24 8.45 -108.13
CA PHE UC 14 31.27 9.52 -108.09
C PHE UC 14 31.97 10.84 -108.40
N PHE UC 15 31.36 11.96 -108.00
CA PHE UC 15 31.88 13.32 -108.24
C PHE UC 15 33.36 13.44 -107.87
N ASN UC 16 34.19 13.61 -108.90
CA ASN UC 16 35.63 13.39 -108.75
C ASN UC 16 36.41 14.55 -109.32
N GLY UC 17 37.22 15.17 -108.49
CA GLY UC 17 38.20 16.15 -108.96
C GLY UC 17 37.61 17.43 -109.48
N ALA UC 18 36.35 17.68 -109.17
CA ALA UC 18 35.61 18.80 -109.73
C ALA UC 18 35.46 19.89 -108.69
N ASN UC 19 35.48 21.14 -109.13
CA ASN UC 19 35.35 22.28 -108.23
C ASN UC 19 33.88 22.43 -107.86
N VAL UC 20 33.51 21.87 -106.72
CA VAL UC 20 32.15 21.90 -106.21
C VAL UC 20 32.16 22.74 -104.93
N ARG UC 21 31.06 23.41 -104.62
CA ARG UC 21 31.11 24.44 -103.59
C ARG UC 21 31.08 23.84 -102.19
N GLN UC 22 29.98 23.22 -101.81
CA GLN UC 22 29.74 22.87 -100.42
C GLN UC 22 29.34 21.41 -100.29
N VAL UC 23 29.91 20.72 -99.31
CA VAL UC 23 29.71 19.29 -99.11
C VAL UC 23 29.18 19.09 -97.70
N ASP UC 24 28.22 18.18 -97.55
CA ASP UC 24 27.72 17.77 -96.24
C ASP UC 24 28.40 16.47 -95.87
N VAL UC 25 28.91 16.39 -94.65
CA VAL UC 25 29.63 15.22 -94.17
C VAL UC 25 28.88 14.64 -92.96
N PRO UC 26 28.36 13.42 -93.05
CA PRO UC 26 27.66 12.84 -91.90
C PRO UC 26 28.62 12.15 -90.93
N THR UC 27 28.78 12.72 -89.74
CA THR UC 27 29.94 12.35 -88.93
C THR UC 27 29.53 12.26 -87.47
N GLN UC 28 30.06 11.30 -86.71
CA GLN UC 28 29.98 11.34 -85.26
C GLN UC 28 30.75 12.56 -84.79
N THR UC 29 30.14 13.31 -83.85
CA THR UC 29 30.26 14.76 -83.62
C THR UC 29 29.73 15.53 -84.83
N GLY UC 30 28.52 15.16 -85.29
CA GLY UC 30 27.67 16.01 -86.13
C GLY UC 30 28.17 16.29 -87.53
N ALA UC 31 27.38 17.09 -88.24
CA ALA UC 31 27.65 17.46 -89.62
C ALA UC 31 28.18 18.89 -89.65
N PHE UC 32 29.16 19.15 -90.52
CA PHE UC 32 29.82 20.43 -90.59
C PHE UC 32 30.08 20.81 -92.03
N GLY UC 33 29.74 22.04 -92.39
CA GLY UC 33 29.88 22.48 -93.76
C GLY UC 33 31.32 22.81 -94.11
N ILE UC 34 31.70 22.47 -95.34
CA ILE UC 34 33.03 22.70 -95.87
C ILE UC 34 33.00 24.03 -96.59
N LEU UC 35 33.62 25.06 -96.01
CA LEU UC 35 33.51 26.41 -96.56
C LEU UC 35 34.89 26.92 -96.95
N ALA UC 36 35.39 26.45 -98.10
CA ALA UC 36 36.33 27.13 -98.98
C ALA UC 36 37.70 27.48 -98.41
N SER UC 37 37.88 27.43 -97.08
CA SER UC 37 39.18 27.39 -96.45
C SER UC 37 39.04 26.58 -95.15
N HIS UC 38 38.33 25.46 -95.24
CA HIS UC 38 37.99 24.66 -94.08
C HIS UC 38 39.24 24.06 -93.43
N VAL UC 39 39.21 23.97 -92.11
CA VAL UC 39 40.41 23.60 -91.35
C VAL UC 39 40.65 22.11 -91.50
N PRO UC 40 41.87 21.67 -91.80
CA PRO UC 40 42.12 20.25 -92.10
C PRO UC 40 41.91 19.34 -90.90
N THR UC 41 41.14 18.28 -91.13
CA THR UC 41 40.69 17.34 -90.11
C THR UC 41 40.49 15.98 -90.76
N LEU UC 42 41.06 14.95 -90.16
CA LEU UC 42 41.05 13.61 -90.73
C LEU UC 42 39.95 12.73 -90.17
N GLN UC 43 38.77 13.29 -89.89
CA GLN UC 43 37.74 12.55 -89.18
C GLN UC 43 37.02 11.56 -90.11
N VAL UC 44 36.70 10.38 -89.56
CA VAL UC 44 35.94 9.34 -90.25
C VAL UC 44 34.45 9.57 -90.01
N LEU UC 45 33.61 8.83 -90.74
CA LEU UC 45 32.20 9.20 -90.88
C LEU UC 45 31.24 8.24 -90.17
N ARG UC 46 30.00 8.69 -89.98
CA ARG UC 46 28.87 7.86 -89.58
C ARG UC 46 27.89 7.73 -90.76
N PRO UC 47 26.94 6.78 -90.69
CA PRO UC 47 25.88 6.71 -91.71
C PRO UC 47 25.05 7.98 -91.83
N GLY UC 48 24.83 8.40 -93.07
CA GLY UC 48 24.02 9.57 -93.33
C GLY UC 48 24.16 10.03 -94.76
N LEU UC 49 23.55 11.18 -95.06
CA LEU UC 49 23.52 11.71 -96.42
C LEU UC 49 24.72 12.60 -96.69
N VAL UC 50 25.01 12.79 -97.97
CA VAL UC 50 25.84 13.88 -98.44
C VAL UC 50 25.06 14.65 -99.49
N VAL UC 51 24.68 15.88 -99.16
CA VAL UC 51 23.99 16.77 -100.10
C VAL UC 51 24.99 17.82 -100.57
N VAL UC 52 25.47 17.64 -101.79
CA VAL UC 52 26.64 18.36 -102.25
C VAL UC 52 26.18 19.47 -103.20
N HIS UC 53 26.72 20.67 -102.99
CA HIS UC 53 26.18 21.89 -103.56
C HIS UC 53 27.07 22.41 -104.69
N ALA UC 54 26.50 22.52 -105.89
CA ALA UC 54 27.23 23.04 -107.04
C ALA UC 54 26.42 24.12 -107.72
N GLU UC 55 27.05 24.74 -108.73
CA GLU UC 55 26.39 25.83 -109.47
C GLU UC 55 25.51 25.30 -110.59
N ASP UC 56 25.33 23.98 -110.68
CA ASP UC 56 24.59 23.38 -111.78
C ASP UC 56 23.09 23.27 -111.49
N GLY UC 57 22.46 24.37 -111.09
CA GLY UC 57 21.03 24.37 -110.91
C GLY UC 57 20.59 23.94 -109.53
N THR UC 58 20.74 22.65 -109.21
CA THR UC 58 20.29 22.15 -107.92
C THR UC 58 21.26 21.09 -107.43
N THR UC 59 21.10 20.75 -106.15
CA THR UC 59 22.02 19.84 -105.49
C THR UC 59 21.67 18.38 -105.77
N SER UC 60 22.64 17.51 -105.59
CA SER UC 60 22.45 16.08 -105.74
C SER UC 60 22.25 15.47 -104.36
N LYS UC 61 21.76 14.24 -104.31
CA LYS UC 61 21.57 13.52 -103.05
C LYS UC 61 22.20 12.14 -103.15
N TYR UC 62 22.96 11.77 -102.12
CA TYR UC 62 23.59 10.46 -102.03
C TYR UC 62 23.40 9.93 -100.62
N PHE UC 63 24.13 8.86 -100.30
CA PHE UC 63 24.07 8.23 -98.99
C PHE UC 63 25.33 7.41 -98.77
N VAL UC 64 26.09 7.74 -97.74
CA VAL UC 64 27.36 7.09 -97.43
C VAL UC 64 27.14 6.11 -96.29
N SER UC 65 27.61 4.87 -96.47
CA SER UC 65 27.52 3.89 -95.41
C SER UC 65 28.50 4.17 -94.28
N SER UC 66 29.79 4.19 -94.60
CA SER UC 66 30.83 4.46 -93.62
C SER UC 66 32.05 5.04 -94.34
N GLY UC 67 32.22 6.34 -94.23
CA GLY UC 67 33.24 7.01 -95.01
C GLY UC 67 34.39 7.57 -94.19
N SER UC 68 35.23 8.39 -94.83
CA SER UC 68 36.37 9.03 -94.19
C SER UC 68 36.67 10.32 -94.92
N VAL UC 69 36.98 11.38 -94.18
CA VAL UC 69 37.46 12.63 -94.75
C VAL UC 69 38.98 12.66 -94.58
N THR UC 70 39.68 13.18 -95.58
CA THR UC 70 41.02 13.70 -95.38
C THR UC 70 41.12 15.01 -96.15
N VAL UC 71 40.76 16.11 -95.50
CA VAL UC 71 40.93 17.44 -96.06
C VAL UC 71 42.33 17.91 -95.73
N ASN UC 72 43.07 18.33 -96.75
CA ASN UC 72 44.50 18.52 -96.64
C ASN UC 72 44.85 19.96 -96.26
N ALA UC 73 46.15 20.27 -96.39
CA ALA UC 73 46.65 21.59 -96.01
C ALA UC 73 46.17 22.66 -96.97
N ASP UC 74 46.24 22.40 -98.27
CA ASP UC 74 45.64 23.28 -99.25
C ASP UC 74 44.13 23.00 -99.36
N SER UC 75 43.49 23.66 -100.31
CA SER UC 75 42.05 23.49 -100.51
C SER UC 75 41.81 22.25 -101.38
N SER UC 76 41.86 21.10 -100.72
CA SER UC 76 41.62 19.81 -101.37
C SER UC 76 41.07 18.82 -100.36
N VAL UC 77 39.77 18.59 -100.41
CA VAL UC 77 39.12 17.58 -99.58
C VAL UC 77 38.92 16.32 -100.42
N GLN UC 78 39.29 15.18 -99.85
CA GLN UC 78 39.06 13.89 -100.46
C GLN UC 78 38.10 13.12 -99.58
N LEU UC 79 36.96 12.72 -100.14
CA LEU UC 79 35.99 11.91 -99.43
C LEU UC 79 36.03 10.50 -100.00
N LEU UC 80 35.88 9.51 -99.13
CA LEU UC 80 35.81 8.12 -99.53
C LEU UC 80 34.51 7.55 -99.01
N ALA UC 81 34.16 6.36 -99.47
CA ALA UC 81 32.90 5.71 -99.12
C ALA UC 81 32.97 4.24 -99.48
N GLU UC 82 32.60 3.36 -98.56
CA GLU UC 82 32.44 1.97 -98.93
C GLU UC 82 31.21 1.77 -99.80
N GLU UC 83 30.06 2.29 -99.37
CA GLU UC 83 28.81 2.18 -100.12
C GLU UC 83 28.20 3.58 -100.25
N ALA UC 84 28.58 4.29 -101.31
CA ALA UC 84 27.96 5.57 -101.64
C ALA UC 84 26.71 5.29 -102.47
N VAL UC 85 25.68 4.80 -101.80
CA VAL UC 85 24.51 4.28 -102.48
C VAL UC 85 23.62 5.44 -102.89
N THR UC 86 22.88 5.26 -103.98
CA THR UC 86 21.82 6.18 -104.34
C THR UC 86 20.56 5.82 -103.57
N LEU UC 87 19.72 6.83 -103.30
CA LEU UC 87 18.63 6.63 -102.36
C LEU UC 87 17.46 5.87 -102.99
N ASP UC 88 17.20 6.12 -104.28
CA ASP UC 88 15.95 5.69 -104.90
C ASP UC 88 15.86 4.18 -105.09
N MET UC 89 16.97 3.46 -104.96
CA MET UC 89 16.98 2.00 -105.05
C MET UC 89 16.72 1.33 -103.72
N LEU UC 90 16.13 2.04 -102.76
CA LEU UC 90 15.86 1.51 -101.43
C LEU UC 90 14.36 1.22 -101.28
N ASP UC 91 14.05 0.14 -100.57
CA ASP UC 91 12.67 -0.30 -100.40
C ASP UC 91 12.22 -0.01 -98.98
N PRO UC 92 11.21 0.85 -98.79
CA PRO UC 92 10.78 1.20 -97.43
C PRO UC 92 10.07 0.08 -96.69
N GLY UC 93 9.49 -0.89 -97.40
CA GLY UC 93 8.62 -1.86 -96.75
C GLY UC 93 9.35 -2.86 -95.87
N VAL UC 94 10.46 -3.40 -96.36
CA VAL UC 94 11.26 -4.30 -95.53
C VAL UC 94 12.14 -3.51 -94.55
N ALA UC 95 12.32 -2.20 -94.79
CA ALA UC 95 13.29 -1.43 -94.03
C ALA UC 95 12.75 -1.04 -92.66
N LYS UC 96 11.42 -0.95 -92.51
CA LYS UC 96 10.87 -0.53 -91.23
C LYS UC 96 10.91 -1.67 -90.22
N ALA UC 97 10.65 -2.89 -90.69
CA ALA UC 97 10.50 -4.04 -89.78
C ALA UC 97 11.83 -4.43 -89.15
N ASN UC 98 12.94 -3.99 -89.74
CA ASN UC 98 14.25 -4.24 -89.15
C ASN UC 98 14.43 -3.46 -87.85
N LEU UC 99 13.89 -2.24 -87.79
CA LEU UC 99 14.09 -1.39 -86.63
C LEU UC 99 13.38 -1.94 -85.40
N GLU UC 100 12.16 -2.45 -85.57
CA GLU UC 100 11.45 -3.08 -84.46
C GLU UC 100 11.99 -4.48 -84.17
N LYS UC 101 12.68 -5.07 -85.14
CA LYS UC 101 13.23 -6.42 -84.97
C LYS UC 101 14.36 -6.41 -83.95
N ALA UC 102 15.34 -5.53 -84.13
CA ALA UC 102 16.55 -5.58 -83.32
C ALA UC 102 16.29 -5.12 -81.88
N GLN UC 103 15.36 -4.19 -81.70
CA GLN UC 103 14.99 -3.76 -80.35
C GLN UC 103 14.26 -4.88 -79.61
N SER UC 104 13.60 -5.76 -80.35
CA SER UC 104 12.96 -6.93 -79.76
C SER UC 104 13.99 -7.99 -79.38
N GLU UC 105 15.18 -7.92 -79.97
CA GLU UC 105 16.25 -8.86 -79.64
C GLU UC 105 17.32 -8.26 -78.74
N LEU UC 106 17.02 -7.15 -78.07
CA LEU UC 106 18.03 -6.49 -77.24
C LEU UC 106 18.35 -7.32 -76.00
N LEU UC 107 17.32 -7.85 -75.34
CA LEU UC 107 17.51 -8.56 -74.09
C LEU UC 107 17.79 -10.05 -74.28
N GLY UC 108 17.99 -10.51 -75.50
CA GLY UC 108 18.48 -11.85 -75.76
C GLY UC 108 19.99 -11.94 -75.85
N ALA UC 109 20.70 -10.88 -75.46
CA ALA UC 109 22.16 -10.81 -75.56
C ALA UC 109 22.75 -11.08 -74.18
N ALA UC 110 23.30 -12.28 -74.01
CA ALA UC 110 23.88 -12.68 -72.73
C ALA UC 110 25.32 -12.22 -72.55
N ASP UC 111 25.93 -11.62 -73.57
CA ASP UC 111 27.27 -11.07 -73.48
C ASP UC 111 27.22 -9.55 -73.54
N GLU UC 112 28.39 -8.94 -73.43
CA GLU UC 112 28.49 -7.47 -73.42
C GLU UC 112 28.99 -6.91 -74.74
N ALA UC 113 29.52 -7.75 -75.63
CA ALA UC 113 30.00 -7.27 -76.92
C ALA UC 113 28.85 -7.09 -77.90
N SER UC 114 27.95 -8.07 -77.96
CA SER UC 114 26.84 -8.02 -78.91
C SER UC 114 25.79 -7.00 -78.48
N ARG UC 115 25.74 -6.69 -77.20
CA ARG UC 115 24.74 -5.74 -76.70
C ARG UC 115 25.05 -4.32 -77.19
N ALA UC 116 26.32 -4.02 -77.44
CA ALA UC 116 26.67 -2.80 -78.16
C ALA UC 116 26.35 -2.94 -79.64
N GLU UC 117 26.45 -4.16 -80.16
CA GLU UC 117 26.30 -4.38 -81.60
C GLU UC 117 24.85 -4.18 -82.05
N ILE UC 118 23.90 -4.58 -81.22
CA ILE UC 118 22.50 -4.34 -81.56
C ILE UC 118 22.19 -2.85 -81.41
N GLN UC 119 22.91 -2.16 -80.52
CA GLN UC 119 22.80 -0.71 -80.44
C GLN UC 119 23.41 -0.05 -81.68
N ILE UC 120 24.40 -0.70 -82.29
CA ILE UC 120 24.90 -0.22 -83.58
C ILE UC 120 23.86 -0.42 -84.67
N ARG UC 121 23.15 -1.56 -84.62
CA ARG UC 121 22.24 -1.93 -85.70
C ARG UC 121 21.02 -1.03 -85.73
N ILE UC 122 20.50 -0.64 -84.55
CA ILE UC 122 19.35 0.24 -84.55
C ILE UC 122 19.76 1.65 -84.94
N GLU UC 123 21.02 2.03 -84.66
CA GLU UC 123 21.49 3.36 -85.03
C GLU UC 123 21.68 3.46 -86.54
N ALA UC 124 22.16 2.38 -87.16
CA ALA UC 124 22.23 2.34 -88.61
C ALA UC 124 20.84 2.28 -89.23
N ASN UC 125 19.91 1.62 -88.54
CA ASN UC 125 18.56 1.52 -89.08
C ASN UC 125 17.73 2.76 -88.75
N GLU UC 126 18.09 3.47 -87.68
CA GLU UC 126 17.44 4.76 -87.44
C GLU UC 126 17.97 5.81 -88.40
N ALA UC 127 19.19 5.60 -88.92
CA ALA UC 127 19.80 6.58 -89.83
C ALA UC 127 19.05 6.66 -91.15
N LEU UC 128 18.46 5.56 -91.60
CA LEU UC 128 17.80 5.55 -92.89
C LEU UC 128 16.35 6.03 -92.78
N VAL UC 129 15.71 5.83 -91.62
CA VAL UC 129 14.28 6.07 -91.56
C VAL UC 129 13.98 7.57 -91.40
N LYS UC 130 14.90 8.32 -90.80
CA LYS UC 130 14.79 9.77 -90.87
C LYS UC 130 15.11 10.26 -92.28
N ALA UC 131 15.96 9.52 -92.99
CA ALA UC 131 16.38 9.91 -94.33
C ALA UC 131 15.26 9.70 -95.33
N LEU UC 132 14.42 8.68 -95.11
CA LEU UC 132 13.45 8.30 -96.11
C LEU UC 132 12.05 8.70 -95.70
N VAL VC 1 34.81 8.88 -78.87
CA VAL VC 1 34.45 7.74 -78.02
C VAL VC 1 32.94 7.62 -78.01
N ALA VC 2 32.43 6.39 -78.14
CA ALA VC 2 31.01 6.15 -78.09
C ALA VC 2 30.78 4.79 -77.46
N TYR VC 3 29.56 4.26 -77.62
CA TYR VC 3 29.18 3.05 -76.91
C TYR VC 3 29.82 1.80 -77.50
N TRP VC 4 30.24 1.85 -78.76
CA TRP VC 4 31.00 0.75 -79.32
C TRP VC 4 32.39 0.68 -78.67
N ARG VC 5 32.97 1.83 -78.35
CA ARG VC 5 34.12 1.84 -77.48
C ARG VC 5 33.69 1.52 -76.05
N GLN VC 6 34.67 1.05 -75.25
CA GLN VC 6 34.45 0.42 -73.93
C GLN VC 6 33.49 -0.77 -74.02
N ALA VC 7 33.48 -1.45 -75.17
CA ALA VC 7 32.66 -2.64 -75.37
C ALA VC 7 33.39 -3.75 -76.10
N GLY VC 8 34.52 -3.47 -76.74
CA GLY VC 8 35.29 -4.49 -77.43
C GLY VC 8 35.20 -4.47 -78.93
N LEU VC 9 34.60 -3.45 -79.53
CA LEU VC 9 34.44 -3.35 -80.98
C LEU VC 9 35.27 -2.19 -81.51
N SER VC 10 35.31 -2.07 -82.84
CA SER VC 10 36.22 -1.17 -83.53
C SER VC 10 35.48 -0.50 -84.68
N TYR VC 11 36.26 0.09 -85.60
CA TYR VC 11 35.65 0.83 -86.69
C TYR VC 11 35.43 -0.06 -87.90
N ILE VC 12 36.31 -1.02 -88.12
CA ILE VC 12 36.12 -1.95 -89.24
C ILE VC 12 34.95 -2.87 -88.97
N ARG VC 13 34.72 -3.21 -87.70
CA ARG VC 13 33.51 -3.93 -87.32
C ARG VC 13 32.28 -3.05 -87.49
N TYR VC 14 32.44 -1.75 -87.25
CA TYR VC 14 31.34 -0.80 -87.46
C TYR VC 14 31.03 -0.65 -88.93
N SER VC 15 32.03 -0.76 -89.79
CA SER VC 15 31.84 -0.50 -91.20
C SER VC 15 31.26 -1.70 -91.93
N GLN VC 16 31.47 -2.90 -91.39
CA GLN VC 16 30.91 -4.09 -92.03
C GLN VC 16 29.40 -4.18 -91.81
N ILE VC 17 28.92 -3.66 -90.68
CA ILE VC 17 27.51 -3.79 -90.35
C ILE VC 17 26.68 -2.72 -91.05
N CYS VC 18 27.11 -1.46 -90.96
CA CYS VC 18 26.31 -0.40 -91.55
C CYS VC 18 26.51 -0.33 -93.06
N ALA VC 19 27.39 -1.17 -93.61
CA ALA VC 19 27.33 -1.46 -95.05
C ALA VC 19 26.22 -2.44 -95.35
N LYS VC 20 26.17 -3.55 -94.62
CA LYS VC 20 25.18 -4.59 -94.86
C LYS VC 20 23.77 -4.10 -94.49
N ALA VC 21 23.67 -3.27 -93.45
CA ALA VC 21 22.38 -2.72 -93.06
C ALA VC 21 21.82 -1.79 -94.12
N VAL VC 22 22.69 -1.08 -94.84
CA VAL VC 22 22.26 -0.35 -96.01
C VAL VC 22 21.99 -1.32 -97.15
N ARG VC 23 22.88 -2.29 -97.35
CA ARG VC 23 22.82 -3.13 -98.55
C ARG VC 23 21.70 -4.15 -98.50
N ASP VC 24 21.16 -4.42 -97.32
CA ASP VC 24 20.00 -5.30 -97.25
C ASP VC 24 18.70 -4.50 -97.39
N ALA VC 25 18.80 -3.18 -97.35
CA ALA VC 25 17.59 -2.36 -97.40
C ALA VC 25 17.20 -2.02 -98.83
N LEU VC 26 18.01 -2.45 -99.81
CA LEU VC 26 17.76 -2.17 -101.21
C LEU VC 26 16.50 -2.87 -101.73
N LYS VC 27 15.99 -2.38 -102.86
CA LYS VC 27 14.90 -3.06 -103.57
C LYS VC 27 15.38 -4.38 -104.15
N ALA VC 28 14.43 -5.21 -104.57
CA ALA VC 28 14.78 -6.49 -105.19
C ALA VC 28 14.95 -6.34 -106.70
N GLU VC 29 15.73 -5.35 -107.11
CA GLU VC 29 16.10 -5.17 -108.51
C GLU VC 29 17.61 -5.03 -108.56
N PHE VC 30 18.19 -4.39 -107.54
CA PHE VC 30 19.63 -4.22 -107.41
C PHE VC 30 20.23 -5.15 -106.37
N LYS VC 31 19.73 -6.39 -106.28
CA LYS VC 31 20.25 -7.32 -105.29
C LYS VC 31 21.65 -7.81 -105.65
N ALA VC 32 21.93 -7.91 -106.96
CA ALA VC 32 23.22 -8.46 -107.41
C ALA VC 32 24.37 -7.52 -107.08
N ASN VC 33 24.09 -6.24 -106.88
CA ASN VC 33 25.15 -5.31 -106.50
C ASN VC 33 25.53 -5.47 -105.04
N ALA VC 34 24.63 -6.03 -104.23
CA ALA VC 34 25.02 -6.48 -102.90
C ALA VC 34 25.86 -7.75 -102.99
N GLU VC 35 25.72 -8.48 -104.08
CA GLU VC 35 26.55 -9.65 -104.33
C GLU VC 35 27.83 -9.25 -105.07
N LYS VC 36 27.88 -8.02 -105.58
CA LYS VC 36 29.10 -7.50 -106.19
C LYS VC 36 30.21 -7.35 -105.15
N THR VC 37 29.86 -6.94 -103.93
CA THR VC 37 30.86 -6.86 -102.88
C THR VC 37 31.32 -8.24 -102.45
N SER VC 38 30.42 -9.02 -101.83
CA SER VC 38 30.61 -10.43 -101.46
C SER VC 38 31.93 -10.69 -100.74
N GLY VC 39 32.03 -10.16 -99.52
CA GLY VC 39 33.28 -10.23 -98.78
C GLY VC 39 33.67 -11.65 -98.41
N SER VC 40 32.70 -12.56 -98.37
CA SER VC 40 32.93 -13.98 -98.09
C SER VC 40 33.53 -14.66 -99.33
N ASN VC 41 34.75 -14.27 -99.65
CA ASN VC 41 35.62 -15.02 -100.55
C ASN VC 41 36.93 -15.42 -99.91
N VAL VC 42 37.57 -14.53 -99.14
CA VAL VC 42 38.84 -14.86 -98.52
C VAL VC 42 38.63 -15.80 -97.35
N LYS VC 43 39.49 -16.81 -97.25
CA LYS VC 43 39.46 -17.76 -96.15
C LYS VC 43 40.64 -17.49 -95.23
N ILE VC 44 40.57 -18.07 -94.03
CA ILE VC 44 41.61 -17.91 -93.02
C ILE VC 44 42.00 -19.29 -92.49
N VAL VC 45 43.29 -19.61 -92.61
CA VAL VC 45 43.87 -20.79 -91.99
C VAL VC 45 45.00 -20.33 -91.09
N LYS VC 46 45.07 -20.88 -89.89
CA LYS VC 46 46.03 -20.48 -88.89
C LYS VC 46 47.21 -21.44 -88.89
N VAL VC 47 48.33 -21.00 -88.31
CA VAL VC 47 49.52 -21.85 -88.25
C VAL VC 47 49.32 -22.97 -87.25
N LYS VC 48 48.51 -22.75 -86.22
CA LYS VC 48 48.31 -23.71 -85.16
C LYS VC 48 46.83 -23.86 -84.81
N PHE WC 1 49.26 -89.83 -167.27
CA PHE WC 1 50.65 -90.15 -167.57
C PHE WC 1 50.91 -91.62 -167.24
N ALA WC 2 52.11 -92.10 -167.56
CA ALA WC 2 52.48 -93.49 -167.32
C ALA WC 2 53.77 -93.57 -166.51
N LYS WC 3 54.03 -94.75 -165.97
CA LYS WC 3 55.25 -94.98 -165.21
C LYS WC 3 56.35 -95.48 -166.14
N LEU WC 4 57.59 -95.22 -165.74
CA LEU WC 4 58.74 -95.45 -166.61
C LEU WC 4 59.80 -96.23 -165.86
N VAL WC 5 60.71 -96.84 -166.65
CA VAL WC 5 61.75 -97.68 -166.08
C VAL WC 5 62.80 -96.80 -165.40
N ARG WC 6 63.25 -97.23 -164.23
CA ARG WC 6 64.18 -96.43 -163.44
C ARG WC 6 65.59 -96.60 -163.96
N PRO WC 7 66.24 -95.55 -164.44
CA PRO WC 7 67.66 -95.64 -164.81
C PRO WC 7 68.53 -95.81 -163.57
N PRO WC 8 69.56 -96.63 -163.64
CA PRO WC 8 70.35 -96.94 -162.44
C PRO WC 8 71.37 -95.87 -162.05
N VAL WC 9 71.37 -94.70 -162.68
CA VAL WC 9 72.22 -93.59 -162.26
C VAL WC 9 71.41 -92.46 -161.64
N GLN WC 10 70.37 -92.00 -162.37
CA GLN WC 10 69.49 -90.91 -161.97
C GLN WC 10 70.27 -89.61 -161.75
N ILE WC 11 70.87 -89.12 -162.83
CA ILE WC 11 71.49 -87.80 -162.82
C ILE WC 11 70.41 -86.73 -162.91
N TYR WC 12 70.81 -85.48 -162.73
CA TYR WC 12 69.89 -84.36 -162.70
C TYR WC 12 70.43 -83.29 -163.63
N GLY WC 13 69.67 -82.21 -163.78
CA GLY WC 13 70.03 -81.14 -164.68
C GLY WC 13 69.35 -81.26 -166.03
N ILE WC 14 69.80 -80.43 -166.96
CA ILE WC 14 69.20 -80.42 -168.30
C ILE WC 14 69.63 -81.63 -169.11
N GLU WC 15 70.69 -82.32 -168.68
CA GLU WC 15 71.06 -83.57 -169.32
C GLU WC 15 70.08 -84.67 -168.96
N GLY WC 16 69.94 -84.96 -167.67
CA GLY WC 16 69.22 -86.11 -167.18
C GLY WC 16 67.72 -86.04 -167.35
N ARG WC 17 67.17 -84.89 -167.71
CA ARG WC 17 65.80 -84.86 -168.21
C ARG WC 17 65.70 -85.60 -169.53
N TYR WC 18 66.48 -85.16 -170.52
CA TYR WC 18 66.44 -85.78 -171.83
C TYR WC 18 67.15 -87.11 -171.86
N ALA WC 19 68.13 -87.33 -170.99
CA ALA WC 19 68.87 -88.58 -171.01
C ALA WC 19 68.18 -89.69 -170.23
N THR WC 20 67.03 -89.42 -169.62
CA THR WC 20 66.17 -90.46 -169.06
C THR WC 20 64.93 -90.68 -169.91
N ALA WC 21 64.47 -89.64 -170.61
CA ALA WC 21 63.41 -89.80 -171.58
C ALA WC 21 63.87 -90.65 -172.76
N LEU WC 22 65.17 -90.69 -173.03
CA LEU WC 22 65.71 -91.59 -174.03
C LEU WC 22 65.94 -93.00 -173.49
N TYR WC 23 66.32 -93.11 -172.22
CA TYR WC 23 66.53 -94.44 -171.64
C TYR WC 23 65.22 -95.17 -171.43
N SER WC 24 64.18 -94.43 -171.06
CA SER WC 24 62.88 -95.06 -170.85
C SER WC 24 62.21 -95.43 -172.16
N ALA WC 25 62.40 -94.60 -173.19
CA ALA WC 25 61.77 -94.85 -174.48
C ALA WC 25 62.44 -96.00 -175.21
N ALA WC 26 63.75 -96.14 -175.07
CA ALA WC 26 64.46 -97.21 -175.77
C ALA WC 26 64.47 -98.51 -175.00
N SER WC 27 64.24 -98.48 -173.68
CA SER WC 27 64.09 -99.73 -172.94
C SER WC 27 62.78 -100.41 -173.27
N LYS WC 28 61.77 -99.64 -173.65
CA LYS WC 28 60.63 -100.20 -174.34
C LYS WC 28 61.08 -100.69 -175.71
N GLN WC 29 60.50 -101.81 -176.15
CA GLN WC 29 60.81 -102.59 -177.35
C GLN WC 29 62.22 -103.20 -177.32
N ASN WC 30 62.90 -103.13 -176.18
CA ASN WC 30 64.25 -103.69 -175.96
C ASN WC 30 65.25 -103.18 -177.00
N LYS WC 31 65.28 -101.86 -177.15
CA LYS WC 31 66.17 -101.18 -178.08
C LYS WC 31 67.35 -100.55 -177.36
N LEU WC 32 67.91 -101.24 -176.37
CA LEU WC 32 68.88 -100.61 -175.47
C LEU WC 32 70.32 -100.78 -175.95
N GLU WC 33 70.76 -102.02 -176.13
CA GLU WC 33 72.13 -102.27 -176.57
C GLU WC 33 72.37 -101.84 -178.01
N GLN WC 34 71.30 -101.69 -178.79
CA GLN WC 34 71.42 -101.21 -180.17
C GLN WC 34 71.68 -99.72 -180.23
N VAL WC 35 70.91 -98.94 -179.45
CA VAL WC 35 70.86 -97.49 -179.62
C VAL WC 35 72.17 -96.81 -179.23
N GLU WC 36 73.01 -97.45 -178.42
CA GLU WC 36 74.31 -96.87 -178.10
C GLU WC 36 75.24 -96.90 -179.30
N LYS WC 37 75.07 -97.90 -180.18
CA LYS WC 37 75.84 -97.94 -181.42
C LYS WC 37 75.42 -96.83 -182.38
N GLU WC 38 74.16 -96.43 -182.35
CA GLU WC 38 73.70 -95.32 -183.18
C GLU WC 38 74.00 -93.96 -182.57
N LEU WC 39 74.06 -93.87 -181.25
CA LEU WC 39 74.38 -92.59 -180.64
C LEU WC 39 75.86 -92.26 -180.72
N LEU WC 40 76.69 -93.26 -181.01
CA LEU WC 40 78.12 -93.02 -181.20
C LEU WC 40 78.46 -92.66 -182.64
N ARG WC 41 77.50 -92.74 -183.55
CA ARG WC 41 77.70 -92.30 -184.92
C ARG WC 41 77.21 -90.88 -185.18
N VAL WC 42 76.21 -90.43 -184.43
CA VAL WC 42 75.92 -89.00 -184.38
C VAL WC 42 76.95 -88.29 -183.50
N ALA WC 43 77.64 -89.04 -182.62
CA ALA WC 43 78.72 -88.49 -181.81
C ALA WC 43 79.99 -88.21 -182.60
N GLN WC 44 80.01 -88.50 -183.90
CA GLN WC 44 81.10 -88.11 -184.77
C GLN WC 44 80.69 -87.07 -185.80
N ILE WC 45 79.45 -87.10 -186.27
CA ILE WC 45 79.01 -86.14 -187.28
C ILE WC 45 78.63 -84.80 -186.69
N LEU WC 46 78.56 -84.70 -185.36
CA LEU WC 46 78.31 -83.40 -184.74
C LEU WC 46 79.52 -82.48 -184.85
N LYS WC 47 80.72 -83.05 -184.78
CA LYS WC 47 81.95 -82.28 -184.84
C LYS WC 47 82.38 -82.17 -186.30
N GLU WC 48 81.84 -81.16 -186.97
CA GLU WC 48 82.10 -80.93 -188.37
C GLU WC 48 81.99 -79.43 -188.61
N PRO WC 49 82.97 -78.81 -189.29
CA PRO WC 49 82.94 -77.36 -189.52
C PRO WC 49 81.84 -76.88 -190.46
N LYS WC 50 80.98 -77.75 -190.98
CA LYS WC 50 79.72 -77.32 -191.59
C LYS WC 50 78.51 -77.71 -190.76
N VAL WC 51 78.57 -78.83 -190.02
CA VAL WC 51 77.45 -79.23 -189.18
C VAL WC 51 77.43 -78.44 -187.89
N ALA WC 52 78.57 -78.34 -187.20
CA ALA WC 52 78.66 -77.53 -185.99
C ALA WC 52 78.70 -76.04 -186.29
N ALA WC 53 78.84 -75.64 -187.57
CA ALA WC 53 78.73 -74.24 -187.92
C ALA WC 53 77.30 -73.74 -187.78
N SER WC 54 76.32 -74.60 -188.09
CA SER WC 54 74.93 -74.34 -187.70
C SER WC 54 74.39 -75.59 -187.02
N ILE WC 55 74.77 -75.76 -185.76
CA ILE WC 55 74.05 -76.56 -184.77
C ILE WC 55 74.05 -75.73 -183.51
N MET WC 56 74.91 -74.71 -183.49
CA MET WC 56 75.05 -73.78 -182.38
C MET WC 56 74.99 -72.34 -182.86
N ASN WC 57 74.66 -72.13 -184.11
CA ASN WC 57 74.45 -70.78 -184.62
C ASN WC 57 73.08 -70.29 -184.19
N PRO WC 58 72.99 -69.14 -183.53
CA PRO WC 58 71.67 -68.58 -183.23
C PRO WC 58 70.97 -68.05 -184.47
N TYR WC 59 71.71 -67.36 -185.33
CA TYR WC 59 71.11 -66.60 -186.43
C TYR WC 59 71.22 -67.39 -187.74
N VAL WC 60 70.40 -68.43 -187.85
CA VAL WC 60 70.16 -69.03 -189.14
C VAL WC 60 68.67 -68.97 -189.46
N LYS WC 61 67.85 -69.69 -188.69
CA LYS WC 61 66.39 -69.62 -188.60
C LYS WC 61 65.95 -70.60 -187.52
N ARG WC 62 64.80 -70.35 -186.91
CA ARG WC 62 64.26 -71.31 -185.95
C ARG WC 62 63.83 -72.60 -186.62
N SER WC 63 63.43 -72.52 -187.88
CA SER WC 63 62.81 -73.63 -188.60
C SER WC 63 63.81 -74.45 -189.41
N VAL WC 64 64.80 -73.81 -190.04
CA VAL WC 64 65.66 -74.50 -190.99
C VAL WC 64 66.72 -75.35 -190.33
N LYS WC 65 66.90 -75.24 -189.01
CA LYS WC 65 67.72 -76.20 -188.29
C LYS WC 65 66.95 -77.45 -187.92
N VAL WC 66 65.68 -77.52 -188.27
CA VAL WC 66 64.89 -78.72 -188.02
C VAL WC 66 64.83 -79.61 -189.25
N LYS WC 67 64.67 -79.00 -190.44
CA LYS WC 67 64.67 -79.80 -191.66
C LYS WC 67 66.06 -80.23 -192.07
N SER WC 68 67.09 -79.45 -191.70
CA SER WC 68 68.44 -79.78 -192.13
C SER WC 68 69.02 -80.95 -191.37
N LEU WC 69 68.62 -81.15 -190.11
CA LEU WC 69 69.09 -82.31 -189.39
C LEU WC 69 68.19 -83.52 -189.59
N SER WC 70 66.91 -83.30 -189.86
CA SER WC 70 66.01 -84.44 -190.09
C SER WC 70 66.31 -85.12 -191.41
N ASP WC 71 66.67 -84.34 -192.43
CA ASP WC 71 67.19 -84.92 -193.66
C ASP WC 71 68.53 -85.60 -193.43
N MET WC 72 69.31 -85.08 -192.50
CA MET WC 72 70.63 -85.64 -192.23
C MET WC 72 70.56 -86.90 -191.38
N THR WC 73 69.61 -86.98 -190.45
CA THR WC 73 69.62 -88.10 -189.50
C THR WC 73 69.02 -89.38 -190.05
N ALA WC 74 68.33 -89.30 -191.20
CA ALA WC 74 67.57 -90.43 -191.69
C ALA WC 74 68.24 -91.14 -192.84
N LYS WC 75 68.95 -90.41 -193.71
CA LYS WC 75 69.36 -90.96 -194.98
C LYS WC 75 70.56 -91.88 -194.86
N GLU WC 76 71.45 -91.64 -193.90
CA GLU WC 76 72.76 -92.26 -194.01
C GLU WC 76 72.80 -93.67 -193.41
N LYS WC 77 72.28 -93.87 -192.19
CA LYS WC 77 72.29 -95.22 -191.64
C LYS WC 77 70.98 -95.63 -190.98
N PHE WC 78 70.35 -94.74 -190.22
CA PHE WC 78 69.42 -95.17 -189.19
C PHE WC 78 68.12 -94.39 -189.25
N SER WC 79 67.02 -95.07 -188.96
CA SER WC 79 65.74 -94.41 -188.66
C SER WC 79 65.06 -94.97 -187.40
N PRO WC 80 65.75 -94.99 -186.23
CA PRO WC 80 65.07 -95.43 -185.02
C PRO WC 80 64.38 -94.26 -184.32
N LEU WC 81 63.99 -94.46 -183.06
CA LEU WC 81 63.47 -93.39 -182.21
C LEU WC 81 64.48 -92.28 -181.91
N THR WC 82 65.76 -92.39 -182.30
CA THR WC 82 66.66 -91.26 -182.14
C THR WC 82 66.38 -90.16 -183.16
N SER WC 83 65.79 -90.52 -184.30
CA SER WC 83 65.46 -89.52 -185.32
C SER WC 83 64.36 -88.58 -184.82
N ASN WC 84 63.50 -89.05 -183.92
CA ASN WC 84 62.55 -88.18 -183.24
C ASN WC 84 63.20 -87.35 -182.16
N LEU WC 85 64.23 -87.91 -181.51
CA LEU WC 85 64.91 -87.23 -180.41
C LEU WC 85 65.72 -86.04 -180.90
N ILE WC 86 66.45 -86.20 -182.00
CA ILE WC 86 67.17 -85.08 -182.60
C ILE WC 86 66.18 -84.04 -183.10
N ASN WC 87 65.01 -84.49 -183.57
CA ASN WC 87 63.94 -83.56 -183.90
C ASN WC 87 63.28 -82.97 -182.67
N LEU WC 88 63.41 -83.61 -181.50
CA LEU WC 88 62.81 -83.10 -180.28
C LEU WC 88 63.69 -82.02 -179.64
N LEU WC 89 65.00 -82.25 -179.60
CA LEU WC 89 65.94 -81.26 -179.07
C LEU WC 89 65.96 -80.01 -179.93
N ALA WC 90 65.89 -80.20 -181.25
CA ALA WC 90 65.98 -79.06 -182.15
C ALA WC 90 64.71 -78.24 -182.15
N GLU WC 91 63.56 -78.86 -181.87
CA GLU WC 91 62.31 -78.13 -181.79
C GLU WC 91 62.19 -77.29 -180.53
N ASN WC 92 62.99 -77.57 -179.51
CA ASN WC 92 62.90 -76.89 -178.22
C ASN WC 92 63.92 -75.79 -178.04
N GLY WC 93 65.13 -75.96 -178.58
CA GLY WC 93 66.15 -74.94 -178.43
C GLY WC 93 67.35 -75.44 -177.66
N ARG WC 94 67.41 -76.75 -177.44
CA ARG WC 94 68.48 -77.36 -176.67
C ARG WC 94 69.54 -77.99 -177.56
N LEU WC 95 69.81 -77.41 -178.73
CA LEU WC 95 70.84 -77.98 -179.59
C LEU WC 95 72.24 -77.77 -179.05
N SER WC 96 72.45 -76.75 -178.21
CA SER WC 96 73.77 -76.49 -177.63
C SER WC 96 74.19 -77.60 -176.68
N SER WC 97 73.23 -78.16 -175.93
CA SER WC 97 73.51 -79.19 -174.94
C SER WC 97 73.46 -80.60 -175.53
N THR WC 98 73.51 -80.73 -176.85
CA THR WC 98 73.50 -82.05 -177.48
C THR WC 98 74.70 -82.94 -177.16
N PRO WC 99 75.96 -82.47 -177.09
CA PRO WC 99 77.02 -83.37 -176.59
C PRO WC 99 76.90 -83.72 -175.13
N GLY WC 100 76.18 -82.91 -174.35
CA GLY WC 100 75.99 -83.22 -172.95
C GLY WC 100 75.12 -84.45 -172.72
N VAL WC 101 74.11 -84.63 -173.57
CA VAL WC 101 73.12 -85.70 -173.38
C VAL WC 101 73.75 -87.06 -173.67
N ILE WC 102 74.59 -87.13 -174.69
CA ILE WC 102 75.20 -88.40 -175.07
C ILE WC 102 76.31 -88.78 -174.10
N SER WC 103 76.97 -87.79 -173.49
CA SER WC 103 77.89 -88.09 -172.40
C SER WC 103 77.13 -88.46 -171.13
N ALA WC 104 75.86 -88.04 -171.03
CA ALA WC 104 74.98 -88.41 -169.95
C ALA WC 104 74.29 -89.73 -170.20
N PHE WC 105 73.99 -90.05 -171.45
CA PHE WC 105 73.42 -91.35 -171.77
C PHE WC 105 74.46 -92.44 -171.69
N SER WC 106 75.74 -92.10 -171.90
CA SER WC 106 76.80 -93.09 -171.86
C SER WC 106 77.08 -93.53 -170.43
N THR WC 107 77.13 -92.58 -169.50
CA THR WC 107 77.32 -92.94 -168.11
C THR WC 107 76.08 -93.61 -167.52
N MET WC 108 74.92 -93.39 -168.11
CA MET WC 108 73.71 -94.07 -167.67
C MET WC 108 73.64 -95.49 -168.20
N MET WC 109 74.13 -95.71 -169.40
CA MET WC 109 74.14 -97.04 -170.00
C MET WC 109 75.33 -97.88 -169.55
N SER WC 110 76.37 -97.25 -169.02
CA SER WC 110 77.56 -98.00 -168.64
C SER WC 110 77.33 -98.83 -167.39
N VAL WC 111 76.50 -98.33 -166.47
CA VAL WC 111 76.31 -98.95 -165.17
C VAL WC 111 75.39 -100.16 -165.26
N HIS WC 112 74.82 -100.39 -166.45
CA HIS WC 112 74.01 -101.57 -166.66
C HIS WC 112 74.86 -102.84 -166.65
N ARG WC 113 76.18 -102.70 -166.87
CA ARG WC 113 77.12 -103.80 -166.66
C ARG WC 113 78.44 -103.36 -166.04
N GLY WC 114 78.61 -102.08 -165.69
CA GLY WC 114 79.91 -101.52 -165.36
C GLY WC 114 80.14 -101.34 -163.87
N GLU WC 115 81.18 -100.57 -163.56
CA GLU WC 115 81.76 -100.56 -162.21
C GLU WC 115 82.01 -99.20 -161.59
N VAL WC 116 82.03 -98.12 -162.37
CA VAL WC 116 82.48 -96.78 -161.95
C VAL WC 116 83.87 -96.89 -161.35
N PRO WC 117 84.92 -96.95 -162.20
CA PRO WC 117 86.22 -97.50 -161.80
C PRO WC 117 86.91 -96.84 -160.61
N CYS WC 118 87.87 -97.58 -160.06
CA CYS WC 118 88.72 -97.15 -158.97
C CYS WC 118 89.89 -96.31 -159.50
N SER WC 119 90.62 -95.69 -158.58
CA SER WC 119 91.71 -94.78 -158.95
C SER WC 119 92.91 -95.00 -158.02
N VAL WC 120 93.81 -95.90 -158.42
CA VAL WC 120 95.04 -96.12 -157.65
C VAL WC 120 95.98 -94.94 -157.89
N THR WC 121 96.43 -94.30 -156.81
CA THR WC 121 97.21 -93.08 -156.89
C THR WC 121 98.45 -93.24 -155.99
N THR WC 122 99.51 -93.85 -156.52
CA THR WC 122 100.65 -94.13 -155.66
C THR WC 122 101.97 -93.46 -156.07
N ALA WC 123 102.53 -93.80 -157.22
CA ALA WC 123 103.94 -93.50 -157.52
C ALA WC 123 104.20 -93.87 -158.98
N SER WC 124 105.48 -93.89 -159.35
CA SER WC 124 105.91 -94.45 -160.62
C SER WC 124 105.48 -95.92 -160.71
N PRO WC 125 105.13 -96.41 -161.91
CA PRO WC 125 104.39 -97.67 -162.01
C PRO WC 125 105.19 -98.90 -161.61
N LEU WC 126 104.47 -100.01 -161.54
CA LEU WC 126 104.89 -101.23 -160.88
C LEU WC 126 104.95 -102.39 -161.89
N ASP WC 127 105.33 -103.56 -161.38
CA ASP WC 127 105.56 -104.72 -162.21
C ASP WC 127 104.26 -105.50 -162.40
N GLU WC 128 104.36 -106.72 -162.93
CA GLU WC 128 103.18 -107.51 -163.21
C GLU WC 128 102.74 -108.34 -162.01
N ALA WC 129 103.68 -108.71 -161.13
CA ALA WC 129 103.36 -109.63 -160.05
C ALA WC 129 102.64 -108.93 -158.91
N THR WC 130 102.77 -107.61 -158.81
CA THR WC 130 102.06 -106.86 -157.78
C THR WC 130 100.86 -106.10 -158.34
N LEU WC 131 100.67 -106.07 -159.66
CA LEU WC 131 99.51 -105.40 -160.23
C LEU WC 131 98.39 -106.38 -160.55
N THR WC 132 98.71 -107.60 -161.00
CA THR WC 132 97.65 -108.54 -161.34
C THR WC 132 96.95 -109.07 -160.10
N GLU WC 133 97.58 -108.94 -158.93
CA GLU WC 133 96.86 -109.18 -157.69
C GLU WC 133 95.83 -108.08 -157.43
N LEU WC 134 96.24 -106.81 -157.54
CA LEU WC 134 95.31 -105.70 -157.32
C LEU WC 134 94.29 -105.56 -158.44
N LYS WC 135 94.50 -106.19 -159.59
CA LYS WC 135 93.43 -106.33 -160.56
C LYS WC 135 92.62 -107.59 -160.35
N THR WC 136 92.88 -108.33 -159.28
CA THR WC 136 92.09 -109.50 -158.92
C THR WC 136 91.59 -109.46 -157.48
N VAL WC 137 92.39 -108.92 -156.55
CA VAL WC 137 91.88 -108.74 -155.20
C VAL WC 137 90.91 -107.58 -155.10
N LEU WC 138 90.88 -106.69 -156.10
CA LEU WC 138 89.83 -105.68 -156.19
C LEU WC 138 88.56 -106.22 -156.82
N LYS WC 139 88.61 -107.41 -157.42
CA LYS WC 139 87.42 -108.12 -157.86
C LYS WC 139 86.80 -108.94 -156.76
N SER WC 140 87.55 -109.28 -155.71
CA SER WC 140 87.00 -110.06 -154.62
C SER WC 140 86.02 -109.27 -153.77
N PHE WC 141 86.05 -107.93 -153.86
CA PHE WC 141 85.14 -107.11 -153.07
C PHE WC 141 83.73 -107.17 -153.62
N LEU WC 142 83.57 -106.94 -154.93
CA LEU WC 142 82.27 -106.58 -155.48
C LEU WC 142 81.33 -107.77 -155.52
N SER WC 143 81.71 -108.82 -156.28
CA SER WC 143 81.02 -110.12 -156.33
C SER WC 143 79.57 -109.99 -156.81
N LYS WC 144 79.41 -109.49 -158.04
CA LYS WC 144 78.08 -109.40 -158.61
C LYS WC 144 78.05 -109.71 -160.11
N GLY WC 145 78.97 -110.53 -160.61
CA GLY WC 145 79.00 -110.90 -162.01
C GLY WC 145 79.38 -109.75 -162.92
N GLN WC 146 80.60 -109.23 -162.77
CA GLN WC 146 80.98 -107.98 -163.41
C GLN WC 146 82.43 -108.04 -163.88
N ILE WC 147 82.79 -107.13 -164.79
CA ILE WC 147 84.12 -107.11 -165.41
C ILE WC 147 84.72 -105.72 -165.18
N LEU WC 148 85.67 -105.64 -164.25
CA LEU WC 148 86.13 -104.38 -163.63
C LEU WC 148 86.97 -103.53 -164.60
N LYS WC 149 87.03 -102.24 -164.29
CA LYS WC 149 87.86 -101.27 -165.00
C LYS WC 149 88.52 -100.35 -163.98
N LEU WC 150 89.48 -99.54 -164.44
CA LEU WC 150 90.41 -98.89 -163.51
C LEU WC 150 91.06 -97.67 -164.17
N GLU WC 151 91.51 -96.73 -163.34
CA GLU WC 151 92.35 -95.60 -163.75
C GLU WC 151 93.59 -95.52 -162.86
N VAL WC 152 94.66 -94.92 -163.37
CA VAL WC 152 95.93 -94.75 -162.65
C VAL WC 152 96.40 -93.32 -162.84
N LYS WC 153 96.79 -92.65 -161.75
CA LYS WC 153 97.35 -91.30 -161.81
C LYS WC 153 98.47 -91.17 -160.79
N VAL WC 154 99.63 -90.66 -161.23
CA VAL WC 154 100.84 -90.67 -160.43
C VAL WC 154 100.95 -89.36 -159.65
N ASP WC 155 101.17 -89.46 -158.33
CA ASP WC 155 101.33 -88.28 -157.48
C ASP WC 155 102.43 -88.52 -156.44
N PRO WC 156 103.41 -87.62 -156.33
CA PRO WC 156 104.51 -87.85 -155.38
C PRO WC 156 104.35 -87.18 -154.03
N SER WC 157 103.34 -86.30 -153.87
CA SER WC 157 103.15 -85.64 -152.57
C SER WC 157 102.68 -86.60 -151.51
N ILE WC 158 101.88 -87.60 -151.90
CA ILE WC 158 101.79 -88.83 -151.12
C ILE WC 158 103.15 -89.49 -151.15
N MET WC 159 103.81 -89.55 -150.00
CA MET WC 159 105.21 -89.96 -150.01
C MET WC 159 105.37 -91.47 -150.10
N GLY WC 160 104.57 -92.24 -149.37
CA GLY WC 160 104.85 -93.65 -149.22
C GLY WC 160 103.70 -94.63 -149.22
N GLY WC 161 102.62 -94.33 -149.92
CA GLY WC 161 101.46 -95.20 -149.92
C GLY WC 161 100.69 -95.15 -151.23
N MET WC 162 99.47 -95.70 -151.17
CA MET WC 162 98.52 -95.68 -152.27
C MET WC 162 97.13 -95.39 -151.72
N ILE WC 163 96.37 -94.56 -152.41
CA ILE WC 163 94.96 -94.38 -152.12
C ILE WC 163 94.16 -95.01 -153.26
N VAL WC 164 92.98 -95.53 -152.95
CA VAL WC 164 92.11 -96.20 -153.91
C VAL WC 164 90.68 -95.86 -153.56
N ARG WC 165 89.82 -95.79 -154.59
CA ARG WC 165 88.43 -95.35 -154.41
C ARG WC 165 87.49 -96.28 -155.17
N ILE WC 166 87.07 -97.37 -154.53
CA ILE WC 166 86.08 -98.24 -155.14
C ILE WC 166 84.72 -97.58 -154.98
N GLY WC 167 84.29 -96.83 -155.99
CA GLY WC 167 83.06 -96.08 -155.91
C GLY WC 167 83.25 -94.83 -155.10
N GLU WC 168 82.74 -94.81 -153.86
CA GLU WC 168 82.92 -93.72 -152.91
C GLU WC 168 83.43 -94.27 -151.59
N LYS WC 169 84.49 -95.07 -151.63
CA LYS WC 169 84.96 -95.82 -150.48
C LYS WC 169 86.19 -95.21 -149.80
N TYR WC 170 87.28 -94.97 -150.54
CA TYR WC 170 88.46 -94.22 -150.09
C TYR WC 170 89.13 -94.85 -148.86
N VAL WC 171 89.74 -96.01 -149.08
CA VAL WC 171 90.65 -96.55 -148.07
C VAL WC 171 92.04 -95.95 -148.26
N ASP WC 172 92.42 -95.05 -147.35
CA ASP WC 172 93.58 -94.19 -147.46
C ASP WC 172 94.71 -94.75 -146.61
N MET WC 173 95.83 -95.06 -147.25
CA MET WC 173 97.04 -95.49 -146.56
C MET WC 173 98.22 -94.83 -147.26
N SER WC 174 98.78 -93.81 -146.63
CA SER WC 174 99.68 -92.86 -147.30
C SER WC 174 100.52 -92.18 -146.24
N ALA WC 175 101.14 -91.05 -146.60
CA ALA WC 175 101.87 -90.21 -145.67
C ALA WC 175 101.03 -89.05 -145.14
N LYS WC 176 99.71 -89.25 -145.02
CA LYS WC 176 98.89 -88.41 -144.16
C LYS WC 176 99.22 -88.66 -142.70
N THR WC 177 99.74 -89.84 -142.38
CA THR WC 177 100.02 -90.28 -141.02
C THR WC 177 101.15 -89.53 -140.33
N LYS WC 178 101.75 -88.54 -140.97
CA LYS WC 178 102.58 -87.55 -140.30
C LYS WC 178 101.75 -86.47 -139.63
N ILE WC 179 100.63 -86.09 -140.24
CA ILE WC 179 99.73 -85.13 -139.63
C ILE WC 179 98.97 -85.77 -138.47
N GLN WC 180 98.76 -87.08 -138.50
CA GLN WC 180 98.12 -87.78 -137.39
C GLN WC 180 99.02 -87.88 -136.16
N LYS WC 181 100.29 -87.50 -136.26
CA LYS WC 181 101.17 -87.37 -135.11
C LYS WC 181 101.11 -85.99 -134.49
N LEU WC 182 99.99 -85.28 -134.68
CA LEU WC 182 99.69 -84.08 -133.91
C LEU WC 182 99.36 -84.41 -132.46
N SER WC 183 98.86 -85.63 -132.21
CA SER WC 183 98.48 -86.05 -130.87
C SER WC 183 99.68 -86.14 -129.92
N ARG WC 184 100.89 -86.27 -130.46
CA ARG WC 184 102.09 -86.15 -129.65
C ARG WC 184 102.27 -84.72 -129.15
N ALA WC 185 101.94 -83.73 -129.98
CA ALA WC 185 102.03 -82.33 -129.61
C ALA WC 185 100.74 -81.78 -129.03
N MET WC 186 99.73 -82.62 -128.81
CA MET WC 186 98.40 -82.17 -128.40
C MET WC 186 98.06 -82.57 -126.96
N ARG WC 187 99.04 -82.52 -126.06
CA ARG WC 187 98.87 -82.76 -124.61
C ARG WC 187 98.22 -84.09 -124.23
N PRO XC 1 6.07 12.51 -65.24
CA PRO XC 1 5.60 12.60 -63.85
C PRO XC 1 4.67 11.45 -63.50
N PRO XC 2 3.92 10.98 -64.49
CA PRO XC 2 2.99 9.87 -64.27
C PRO XC 2 3.74 8.61 -63.84
N LEU XC 3 4.88 8.36 -64.48
CA LEU XC 3 5.70 7.20 -64.16
C LEU XC 3 6.20 7.31 -62.73
N PRO XC 4 6.61 8.51 -62.33
CA PRO XC 4 7.09 8.74 -60.96
C PRO XC 4 5.97 8.49 -59.97
N GLU XC 5 4.76 8.94 -60.31
CA GLU XC 5 3.61 8.73 -59.44
C GLU XC 5 3.32 7.24 -59.29
N HIS XC 6 3.40 6.47 -60.35
CA HIS XC 6 3.11 5.02 -60.22
C HIS XC 6 4.10 4.32 -59.27
N GLY XC 7 5.38 4.66 -59.43
CA GLY XC 7 6.43 4.06 -58.63
C GLY XC 7 6.23 4.38 -57.15
N GLY XC 8 5.85 5.61 -56.86
CA GLY XC 8 5.61 6.03 -55.50
C GLY XC 8 4.49 5.21 -54.89
N LYS XC 9 3.42 4.99 -55.65
CA LYS XC 9 2.30 4.21 -55.14
C LYS XC 9 2.74 2.79 -54.82
N VAL XC 10 3.55 2.22 -55.71
CA VAL XC 10 4.03 0.85 -55.49
C VAL XC 10 4.87 0.79 -54.22
N ARG XC 11 5.72 1.80 -54.04
CA ARG XC 11 6.59 1.87 -52.88
C ARG XC 11 5.76 1.99 -51.61
N LEU XC 12 4.70 2.79 -51.66
CA LEU XC 12 3.83 2.97 -50.52
C LEU XC 12 3.18 1.65 -50.14
N GLY XC 13 2.71 0.85 -51.09
CA GLY XC 13 2.10 -0.41 -50.69
C GLY XC 13 3.02 -1.41 -49.99
N LEU XC 14 4.23 -1.54 -50.53
CA LEU XC 14 5.22 -2.47 -50.00
C LEU XC 14 5.61 -2.10 -48.57
N ILE XC 15 5.74 -0.81 -48.30
CA ILE XC 15 6.11 -0.35 -46.98
C ILE XC 15 5.03 -0.74 -45.98
N PRO XC 16 3.76 -0.60 -46.37
CA PRO XC 16 2.66 -0.98 -45.50
C PRO XC 16 2.70 -2.47 -45.20
N GLU XC 17 2.99 -3.27 -46.23
CA GLU XC 17 3.07 -4.72 -46.01
C GLU XC 17 4.20 -5.05 -45.02
N GLU XC 18 5.33 -4.38 -45.18
CA GLU XC 18 6.47 -4.60 -44.31
C GLU XC 18 6.13 -4.23 -42.87
N PHE XC 19 5.41 -3.12 -42.72
CA PHE XC 19 5.01 -2.65 -41.40
C PHE XC 19 4.10 -3.69 -40.74
N PHE XC 20 3.19 -4.26 -41.51
CA PHE XC 20 2.29 -5.28 -40.96
C PHE XC 20 3.09 -6.48 -40.48
N GLN XC 21 4.08 -6.89 -41.29
CA GLN XC 21 4.90 -8.02 -40.91
C GLN XC 21 5.66 -7.75 -39.61
N PHE XC 22 6.19 -6.53 -39.50
CA PHE XC 22 6.93 -6.12 -38.32
C PHE XC 22 6.03 -6.15 -37.10
N LEU XC 23 4.81 -5.68 -37.26
CA LEU XC 23 3.84 -5.64 -36.18
C LEU XC 23 3.55 -7.06 -35.69
N TYR XC 24 3.40 -8.00 -36.63
CA TYR XC 24 3.13 -9.38 -36.22
C TYR XC 24 4.30 -9.94 -35.40
N PRO XC 25 5.52 -9.63 -35.85
CA PRO XC 25 6.71 -10.11 -35.14
C PRO XC 25 6.75 -9.52 -33.73
N LYS XC 26 6.42 -8.24 -33.62
CA LYS XC 26 6.41 -7.56 -32.32
C LYS XC 26 5.38 -8.19 -31.39
N THR XC 27 4.23 -8.53 -31.95
CA THR XC 27 3.15 -9.16 -31.20
C THR XC 27 3.56 -10.53 -30.65
N GLY XC 28 4.30 -11.31 -31.43
CA GLY XC 28 4.69 -12.63 -30.95
C GLY XC 28 5.58 -12.68 -29.70
N VAL XC 29 6.54 -11.77 -29.65
CA VAL XC 29 7.55 -11.60 -28.61
C VAL XC 29 7.03 -10.90 -27.35
N THR XC 30 5.72 -10.76 -27.22
CA THR XC 30 5.17 -10.06 -26.05
C THR XC 30 5.51 -10.65 -24.65
N GLY XC 31 5.48 -11.97 -24.48
CA GLY XC 31 5.81 -12.56 -23.20
C GLY XC 31 7.27 -12.49 -22.79
N PRO XC 32 8.21 -12.76 -23.69
CA PRO XC 32 9.57 -13.11 -23.25
C PRO XC 32 10.57 -11.97 -23.16
N TYR XC 33 10.13 -10.71 -23.23
CA TYR XC 33 11.06 -9.58 -23.28
C TYR XC 33 11.20 -8.90 -21.91
N VAL XC 34 12.42 -8.92 -21.37
CA VAL XC 34 12.68 -8.36 -20.05
C VAL XC 34 13.87 -7.41 -20.10
N LEU XC 35 14.23 -6.94 -21.30
CA LEU XC 35 15.41 -6.09 -21.46
C LEU XC 35 15.08 -4.61 -21.53
N GLY XC 36 14.22 -4.21 -22.47
CA GLY XC 36 14.01 -2.80 -22.71
C GLY XC 36 13.26 -2.10 -21.59
N THR XC 37 12.34 -2.80 -20.95
CA THR XC 37 11.49 -2.16 -19.94
C THR XC 37 12.24 -1.95 -18.63
N GLY XC 38 13.46 -2.46 -18.52
CA GLY XC 38 14.31 -2.06 -17.42
C GLY XC 38 14.96 -0.70 -17.66
N LEU XC 39 15.24 -0.38 -18.92
CA LEU XC 39 16.01 0.82 -19.22
C LEU XC 39 15.18 1.88 -19.94
N ILE XC 40 13.90 1.60 -20.19
CA ILE XC 40 13.06 2.59 -20.88
C ILE XC 40 12.61 3.68 -19.91
N LEU XC 41 12.93 3.53 -18.63
CA LEU XC 41 12.52 4.51 -17.65
C LEU XC 41 13.53 5.64 -17.51
N TYR XC 42 14.83 5.30 -17.57
CA TYR XC 42 15.86 6.33 -17.45
C TYR XC 42 15.84 7.27 -18.65
N LEU XC 43 15.42 6.76 -19.81
CA LEU XC 43 15.19 7.62 -20.95
C LEU XC 43 13.80 8.23 -20.89
N LEU XC 44 12.99 7.87 -19.89
CA LEU XC 44 11.72 8.55 -19.68
C LEU XC 44 11.80 9.51 -18.50
N SER XC 45 12.76 9.28 -17.59
CA SER XC 45 12.91 10.18 -16.46
C SER XC 45 13.84 11.34 -16.80
N LYS XC 46 14.96 11.05 -17.48
CA LYS XC 46 15.89 12.11 -17.88
C LYS XC 46 15.26 12.98 -18.96
N GLU XC 47 14.38 12.40 -19.78
CA GLU XC 47 13.63 13.19 -20.74
C GLU XC 47 12.57 14.03 -20.04
N ILE XC 48 12.26 13.69 -18.79
CA ILE XC 48 11.46 14.57 -17.97
C ILE XC 48 12.33 15.56 -17.21
N TYR XC 49 13.67 15.50 -17.38
CA TYR XC 49 14.50 16.48 -16.69
C TYR XC 49 14.92 17.64 -17.62
N VAL XC 50 15.81 17.38 -18.57
CA VAL XC 50 16.49 18.50 -19.20
C VAL XC 50 16.76 18.43 -20.70
N ILE XC 51 16.46 17.30 -21.34
CA ILE XC 51 17.20 16.96 -22.55
C ILE XC 51 16.60 17.60 -23.80
N THR XC 52 15.63 18.50 -23.64
CA THR XC 52 15.05 19.15 -24.81
C THR XC 52 15.72 20.49 -25.07
N ALA XC 53 16.13 20.70 -26.32
CA ALA XC 53 16.80 21.92 -26.76
C ALA XC 53 16.68 22.05 -28.26
N GLU XC 54 17.54 22.88 -28.86
CA GLU XC 54 17.71 22.94 -30.31
C GLU XC 54 18.70 21.86 -30.77
N THR XC 55 18.26 20.61 -30.62
CA THR XC 55 19.04 19.46 -31.01
C THR XC 55 18.14 18.42 -31.67
N PHE XC 56 17.30 18.85 -32.61
CA PHE XC 56 16.74 17.91 -33.57
C PHE XC 56 17.75 17.61 -34.68
N SER XC 57 18.84 18.37 -34.73
CA SER XC 57 19.97 18.04 -35.58
C SER XC 57 20.91 17.05 -34.89
N ALA XC 58 20.51 16.58 -33.72
CA ALA XC 58 21.22 15.46 -33.11
C ALA XC 58 20.84 14.16 -33.78
N ILE XC 59 19.58 14.03 -34.19
CA ILE XC 59 19.11 12.79 -34.79
C ILE XC 59 19.59 12.68 -36.24
N SER XC 60 19.63 13.82 -36.95
CA SER XC 60 19.95 13.79 -38.37
C SER XC 60 21.44 13.58 -38.61
N THR XC 61 22.27 13.87 -37.60
CA THR XC 61 23.68 13.49 -37.68
C THR XC 61 23.89 12.08 -37.16
N ILE XC 62 22.83 11.49 -36.58
CA ILE XC 62 22.85 10.09 -36.21
C ILE XC 62 22.03 9.27 -37.21
N GLY XC 63 21.16 9.93 -37.98
CA GLY XC 63 20.44 9.24 -39.03
C GLY XC 63 21.28 8.98 -40.26
N VAL XC 64 22.16 9.93 -40.61
CA VAL XC 64 23.05 9.75 -41.75
C VAL XC 64 24.10 8.70 -41.43
N LEU XC 65 24.49 8.58 -40.16
CA LEU XC 65 25.44 7.54 -39.79
C LEU XC 65 24.81 6.16 -39.72
N VAL XC 66 23.50 6.05 -39.95
CA VAL XC 66 22.90 4.72 -40.09
C VAL XC 66 22.98 4.25 -41.54
N TYR XC 67 22.84 5.17 -42.51
CA TYR XC 67 22.94 4.82 -43.93
C TYR XC 67 24.33 4.35 -44.31
N ILE XC 68 25.34 4.69 -43.53
CA ILE XC 68 26.71 4.28 -43.88
C ILE XC 68 26.98 2.89 -43.33
N VAL XC 69 26.12 2.43 -42.42
CA VAL XC 69 26.24 1.05 -41.95
C VAL XC 69 25.78 0.07 -43.05
N LYS XC 70 24.90 0.53 -43.95
CA LYS XC 70 24.56 -0.22 -45.17
C LYS XC 70 25.79 -0.50 -46.03
N LYS XC 71 26.55 0.53 -46.36
CA LYS XC 71 27.74 0.34 -47.19
C LYS XC 71 28.89 -0.24 -46.38
N TYR XC 72 28.75 -0.29 -45.06
CA TYR XC 72 29.80 -0.88 -44.24
C TYR XC 72 29.86 -2.39 -44.40
N GLY XC 73 28.72 -3.00 -44.76
CA GLY XC 73 28.72 -4.41 -45.09
C GLY XC 73 29.37 -4.69 -46.44
N ALA XC 74 29.65 -3.64 -47.21
CA ALA XC 74 30.52 -3.78 -48.38
C ALA XC 74 31.92 -3.29 -48.06
N SER XC 75 32.09 -2.59 -46.94
CA SER XC 75 33.41 -2.14 -46.56
C SER XC 75 34.22 -3.27 -45.97
N ILE XC 76 33.48 -4.26 -45.46
CA ILE XC 76 34.03 -5.48 -44.89
C ILE XC 76 34.72 -6.29 -45.97
N GLY XC 77 34.07 -6.39 -47.12
CA GLY XC 77 34.62 -7.13 -48.23
C GLY XC 77 35.90 -6.45 -48.65
N ALA XC 78 35.86 -5.12 -48.71
CA ALA XC 78 37.05 -4.35 -49.07
C ALA XC 78 38.12 -4.55 -48.01
N PHE XC 79 37.70 -4.54 -46.74
CA PHE XC 79 38.63 -4.74 -45.64
C PHE XC 79 39.21 -6.14 -45.71
N ALA XC 80 38.37 -7.13 -46.01
CA ALA XC 80 38.83 -8.50 -46.14
C ALA XC 80 39.79 -8.60 -47.32
N ASP XC 81 39.41 -7.94 -48.41
CA ASP XC 81 40.25 -7.91 -49.61
C ASP XC 81 41.55 -7.20 -49.33
N LYS XC 82 41.48 -6.11 -48.55
CA LYS XC 82 42.69 -5.38 -48.24
C LYS XC 82 43.61 -6.32 -47.46
N LEU XC 83 44.87 -6.34 -47.92
CA LEU XC 83 46.01 -7.13 -47.42
C LEU XC 83 46.02 -8.60 -47.86
N ASN XC 84 45.00 -9.02 -48.60
CA ASN XC 84 44.94 -10.37 -49.12
C ASN XC 84 46.10 -10.41 -50.07
N GLU XC 85 46.25 -9.31 -50.81
CA GLU XC 85 47.34 -9.17 -51.76
C GLU XC 85 48.64 -9.06 -50.97
N GLN XC 86 48.59 -8.29 -49.88
CA GLN XC 86 49.76 -8.11 -49.04
C GLN XC 86 50.20 -9.42 -48.41
N LYS XC 87 49.26 -10.20 -47.88
CA LYS XC 87 49.64 -11.49 -47.30
C LYS XC 87 50.14 -12.39 -48.43
N ILE XC 88 49.44 -12.36 -49.57
CA ILE XC 88 49.88 -13.10 -50.73
C ILE XC 88 51.19 -12.45 -51.13
N ALA XC 89 51.24 -11.12 -51.07
CA ALA XC 89 52.51 -10.49 -51.40
C ALA XC 89 53.65 -11.08 -50.59
N GLN XC 90 53.33 -11.68 -49.44
CA GLN XC 90 54.37 -12.30 -48.63
C GLN XC 90 54.52 -13.79 -48.96
N LEU XC 91 53.47 -14.38 -49.54
CA LEU XC 91 53.52 -15.80 -49.87
C LEU XC 91 54.40 -16.05 -51.09
N GLU XC 92 54.60 -15.02 -51.91
CA GLU XC 92 55.40 -15.19 -53.12
C GLU XC 92 56.88 -15.31 -52.79
N GLU XC 93 57.33 -14.66 -51.70
CA GLU XC 93 58.74 -14.66 -51.38
C GLU XC 93 59.16 -15.95 -50.67
N VAL XC 94 58.26 -16.51 -49.86
CA VAL XC 94 58.58 -17.76 -49.18
C VAL XC 94 58.50 -18.93 -50.16
N LYS XC 95 57.77 -18.74 -51.27
CA LYS XC 95 57.67 -19.82 -52.24
C LYS XC 95 58.81 -19.75 -53.25
N GLN XC 96 59.25 -18.55 -53.60
CA GLN XC 96 60.26 -18.42 -54.65
C GLN XC 96 61.64 -18.85 -54.15
N ALA XC 97 61.93 -18.58 -52.87
CA ALA XC 97 63.30 -18.69 -52.38
C ALA XC 97 63.70 -20.14 -52.18
N SER XC 98 62.74 -20.97 -51.78
CA SER XC 98 63.03 -22.38 -51.55
C SER XC 98 63.24 -23.12 -52.88
N ILE XC 99 62.31 -22.94 -53.82
CA ILE XC 99 62.30 -23.76 -55.03
C ILE XC 99 63.42 -23.36 -55.98
N LYS XC 100 63.82 -22.08 -55.93
CA LYS XC 100 64.91 -21.63 -56.80
C LYS XC 100 66.26 -22.12 -56.29
N GLN XC 101 66.33 -22.54 -55.02
CA GLN XC 101 67.61 -22.95 -54.45
C GLN XC 101 67.75 -24.47 -54.44
N ILE XC 102 66.66 -25.19 -54.12
CA ILE XC 102 66.76 -26.63 -53.88
C ILE XC 102 67.06 -27.39 -55.16
N GLN XC 103 66.67 -26.84 -56.31
CA GLN XC 103 67.06 -27.46 -57.57
C GLN XC 103 68.49 -27.12 -57.92
N ASP XC 104 68.94 -25.92 -57.52
CA ASP XC 104 70.32 -25.50 -57.78
C ASP XC 104 71.31 -26.34 -56.98
N ALA XC 105 70.89 -26.83 -55.81
CA ALA XC 105 71.74 -27.71 -55.03
C ALA XC 105 71.80 -29.10 -55.64
N ILE XC 106 70.82 -29.44 -56.48
CA ILE XC 106 70.75 -30.79 -57.05
C ILE XC 106 71.48 -30.84 -58.39
N ASP XC 107 71.32 -29.80 -59.22
CA ASP XC 107 71.97 -29.83 -60.53
C ASP XC 107 73.47 -29.58 -60.42
N LEU XC 108 73.89 -28.69 -59.52
CA LEU XC 108 75.31 -28.40 -59.39
C LEU XC 108 76.06 -29.54 -58.71
N GLU XC 109 75.35 -30.36 -57.94
CA GLU XC 109 75.95 -31.61 -57.47
C GLU XC 109 76.03 -32.63 -58.60
N LYS XC 110 74.95 -32.78 -59.37
CA LYS XC 110 74.92 -33.78 -60.43
C LYS XC 110 75.66 -33.32 -61.68
N SER XC 111 76.03 -32.04 -61.73
CA SER XC 111 76.88 -31.58 -62.84
C SER XC 111 78.31 -32.10 -62.67
N GLN XC 112 78.78 -32.18 -61.42
CA GLN XC 112 80.11 -32.73 -61.16
C GLN XC 112 80.05 -34.25 -61.07
N GLN XC 113 78.88 -34.78 -60.72
CA GLN XC 113 78.69 -36.23 -60.65
C GLN XC 113 78.79 -36.87 -62.03
N ALA XC 114 78.01 -36.38 -62.99
CA ALA XC 114 78.03 -36.98 -64.32
C ALA XC 114 79.23 -36.54 -65.13
N LEU XC 115 79.96 -35.51 -64.67
CA LEU XC 115 81.18 -35.09 -65.37
C LEU XC 115 82.30 -36.10 -65.20
N VAL XC 116 82.45 -36.66 -64.00
CA VAL XC 116 83.58 -37.55 -63.74
C VAL XC 116 83.33 -38.92 -64.33
N GLN XC 117 82.07 -39.21 -64.69
CA GLN XC 117 81.78 -40.36 -65.53
C GLN XC 117 82.05 -40.05 -67.00
N LYS XC 118 82.14 -38.76 -67.36
CA LYS XC 118 82.53 -38.39 -68.71
C LYS XC 118 84.05 -38.26 -68.81
N ARG XC 119 84.73 -38.05 -67.69
CA ARG XC 119 86.19 -37.96 -67.72
C ARG XC 119 86.83 -39.33 -67.90
N HIS XC 120 86.16 -40.39 -67.44
CA HIS XC 120 86.77 -41.72 -67.51
C HIS XC 120 86.47 -42.39 -68.84
N TYR XC 121 85.49 -41.87 -69.59
CA TYR XC 121 85.21 -42.42 -70.91
C TYR XC 121 86.35 -42.15 -71.89
N LEU XC 122 87.00 -41.00 -71.76
CA LEU XC 122 88.04 -40.63 -72.73
C LEU XC 122 89.33 -41.40 -72.46
N PHE XC 123 89.42 -42.06 -71.31
CA PHE XC 123 90.62 -42.84 -71.01
C PHE XC 123 90.44 -44.32 -71.34
N ASP XC 124 89.19 -44.79 -71.43
CA ASP XC 124 88.95 -46.10 -72.03
C ASP XC 124 89.16 -46.04 -73.54
N VAL XC 125 88.81 -44.92 -74.17
CA VAL XC 125 88.94 -44.81 -75.62
C VAL XC 125 90.41 -44.62 -76.01
N GLN XC 126 91.17 -43.90 -75.19
CA GLN XC 126 92.58 -43.70 -75.51
C GLN XC 126 93.39 -44.98 -75.30
N ARG XC 127 92.99 -45.81 -74.33
CA ARG XC 127 93.82 -46.96 -73.97
C ARG XC 127 93.67 -48.09 -74.99
N ASN XC 128 92.55 -48.15 -75.70
CA ASN XC 128 92.38 -49.22 -76.68
C ASN XC 128 92.77 -48.76 -78.08
N ASN XC 129 92.74 -47.45 -78.33
CA ASN XC 129 93.10 -46.93 -79.64
C ASN XC 129 94.60 -47.06 -79.89
N ILE XC 130 95.42 -46.70 -78.90
CA ILE XC 130 96.87 -46.81 -79.08
C ILE XC 130 97.32 -48.26 -78.96
N ALA XC 131 96.56 -49.08 -78.22
CA ALA XC 131 96.88 -50.50 -78.15
C ALA XC 131 96.57 -51.20 -79.46
N MET XC 132 95.59 -50.71 -80.21
CA MET XC 132 95.22 -51.33 -81.48
C MET XC 132 96.04 -50.76 -82.63
N ALA XC 133 96.33 -49.46 -82.61
CA ALA XC 133 97.07 -48.83 -83.70
C ALA XC 133 98.54 -49.27 -83.69
N LEU XC 134 99.05 -49.65 -82.53
CA LEU XC 134 100.35 -50.31 -82.48
C LEU XC 134 100.25 -51.75 -82.99
N GLU XC 135 99.10 -52.37 -82.79
CA GLU XC 135 98.94 -53.77 -83.14
C GLU XC 135 98.66 -53.95 -84.63
N VAL XC 136 98.16 -52.90 -85.29
CA VAL XC 136 97.86 -53.02 -86.72
C VAL XC 136 99.16 -53.01 -87.53
N THR XC 137 100.23 -52.47 -86.96
CA THR XC 137 101.50 -52.43 -87.68
C THR XC 137 102.26 -53.74 -87.43
N TYR XC 138 101.79 -54.55 -86.48
CA TYR XC 138 102.50 -55.76 -86.09
C TYR XC 138 102.49 -56.82 -87.20
N ARG XC 139 101.31 -57.29 -87.59
CA ARG XC 139 101.27 -58.31 -88.65
C ARG XC 139 101.54 -57.68 -90.02
N GLU XC 140 101.33 -56.37 -90.14
CA GLU XC 140 101.65 -55.70 -91.40
C GLU XC 140 103.16 -55.65 -91.61
N ARG XC 141 103.94 -55.62 -90.51
CA ARG XC 141 105.36 -55.91 -90.59
C ARG XC 141 105.59 -57.37 -91.00
N LEU XC 142 104.77 -58.29 -90.49
CA LEU XC 142 104.91 -59.70 -90.85
C LEU XC 142 104.39 -59.97 -92.26
N HIS XC 143 103.37 -59.22 -92.70
CA HIS XC 143 102.78 -59.41 -94.02
C HIS XC 143 103.78 -59.15 -95.13
N ARG XC 144 104.59 -58.09 -94.99
CA ARG XC 144 105.49 -57.71 -96.07
C ARG XC 144 106.64 -58.70 -96.21
N VAL XC 145 107.09 -59.27 -95.09
CA VAL XC 145 108.08 -60.34 -95.15
C VAL XC 145 107.45 -61.62 -95.69
N TYR XC 146 106.19 -61.87 -95.31
CA TYR XC 146 105.42 -62.95 -95.91
C TYR XC 146 105.21 -62.71 -97.40
N LYS XC 147 105.07 -61.44 -97.79
CA LYS XC 147 104.94 -61.09 -99.21
C LYS XC 147 106.25 -61.36 -99.95
N GLU XC 148 107.38 -61.01 -99.33
CA GLU XC 148 108.65 -60.97 -100.06
C GLU XC 148 109.23 -62.37 -100.21
N ILE XC 149 108.90 -63.28 -99.29
CA ILE XC 149 109.46 -64.63 -99.34
C ILE XC 149 108.78 -65.46 -100.41
N LYS XC 150 107.60 -65.03 -100.88
CA LYS XC 150 106.97 -65.72 -101.99
C LYS XC 150 107.45 -65.18 -103.33
N ASN XC 151 107.73 -63.87 -103.39
CA ASN XC 151 108.04 -63.22 -104.65
C ASN XC 151 109.41 -63.65 -105.18
N ARG XC 152 110.33 -63.98 -104.28
CA ARG XC 152 111.61 -64.54 -104.72
C ARG XC 152 111.45 -66.01 -105.11
N LEU XC 153 110.47 -66.69 -104.52
CA LEU XC 153 110.10 -68.02 -104.99
C LEU XC 153 109.31 -67.93 -106.30
N ASP XC 154 108.46 -66.91 -106.43
CA ASP XC 154 107.61 -66.79 -107.62
C ASP XC 154 108.42 -66.44 -108.85
N TYR XC 155 109.51 -65.69 -108.68
CA TYR XC 155 110.36 -65.34 -109.81
C TYR XC 155 111.09 -66.57 -110.34
N HIS XC 156 111.43 -67.52 -109.48
CA HIS XC 156 112.22 -68.65 -109.93
C HIS XC 156 111.34 -69.72 -110.59
N ILE XC 157 110.10 -69.86 -110.13
CA ILE XC 157 109.22 -70.87 -110.72
C ILE XC 157 108.57 -70.34 -111.99
N SER XC 158 108.56 -69.02 -112.17
CA SER XC 158 108.05 -68.44 -113.42
C SER XC 158 109.15 -68.41 -114.47
N VAL XC 159 110.40 -68.62 -114.07
CA VAL XC 159 111.48 -68.77 -115.03
C VAL XC 159 111.66 -70.24 -115.40
N GLN XC 160 111.41 -71.13 -114.44
CA GLN XC 160 111.51 -72.57 -114.68
C GLN XC 160 110.47 -73.05 -115.68
N ASN XC 161 109.29 -72.42 -115.69
CA ASN XC 161 108.21 -72.90 -116.53
C ASN XC 161 108.32 -72.34 -117.94
N MET XC 162 108.82 -71.10 -118.07
CA MET XC 162 108.88 -70.46 -119.38
C MET XC 162 110.01 -71.04 -120.23
N MET XC 163 111.09 -71.48 -119.58
CA MET XC 163 112.20 -72.08 -120.33
C MET XC 163 111.90 -73.53 -120.70
N ARG XC 164 110.93 -74.15 -120.01
CA ARG XC 164 110.46 -75.46 -120.45
C ARG XC 164 109.57 -75.33 -121.68
N GLN XC 165 108.79 -74.25 -121.76
CA GLN XC 165 107.86 -74.08 -122.88
C GLN XC 165 108.59 -73.72 -124.16
N LYS XC 166 109.62 -72.88 -124.08
CA LYS XC 166 110.42 -72.54 -125.24
C LYS XC 166 111.24 -73.74 -125.71
N GLU XC 167 111.61 -74.64 -124.79
CA GLU XC 167 112.36 -75.82 -125.16
C GLU XC 167 111.45 -76.89 -125.76
N GLN XC 168 110.19 -76.94 -125.32
CA GLN XC 168 109.30 -78.02 -125.71
C GLN XC 168 108.93 -77.94 -127.19
N GLU XC 169 108.65 -76.74 -127.69
CA GLU XC 169 108.23 -76.58 -129.08
C GLU XC 169 109.38 -76.85 -130.04
N HIS XC 170 110.61 -76.51 -129.65
CA HIS XC 170 111.77 -76.76 -130.50
C HIS XC 170 112.07 -78.26 -130.57
N MET XC 171 111.84 -78.99 -129.48
CA MET XC 171 112.09 -80.42 -129.45
C MET XC 171 111.12 -81.18 -130.35
N ILE XC 172 109.90 -80.67 -130.48
CA ILE XC 172 108.90 -81.30 -131.33
C ILE XC 172 109.25 -81.12 -132.80
N ARG XC 173 109.62 -79.90 -133.19
CA ARG XC 173 109.86 -79.62 -134.61
C ARG XC 173 111.15 -80.27 -135.10
N TRP XC 174 112.08 -80.58 -134.20
CA TRP XC 174 113.29 -81.26 -134.64
C TRP XC 174 113.02 -82.70 -135.05
N VAL XC 175 112.16 -83.40 -134.29
CA VAL XC 175 111.78 -84.75 -134.67
C VAL XC 175 110.88 -84.72 -135.89
N GLU XC 176 110.11 -83.64 -136.05
CA GLU XC 176 109.13 -83.59 -137.13
C GLU XC 176 109.78 -83.22 -138.46
N LYS XC 177 110.70 -82.24 -138.44
CA LYS XC 177 111.28 -81.79 -139.71
C LYS XC 177 112.38 -82.73 -140.17
N HIS XC 178 112.84 -83.63 -139.31
CA HIS XC 178 113.89 -84.55 -139.71
C HIS XC 178 113.32 -85.82 -140.33
N VAL XC 179 112.04 -86.10 -140.05
CA VAL XC 179 111.46 -87.36 -140.53
C VAL XC 179 110.97 -87.20 -141.96
N VAL XC 180 110.93 -85.96 -142.47
CA VAL XC 180 110.47 -85.72 -143.83
C VAL XC 180 111.48 -86.23 -144.84
N GLN XC 181 112.77 -86.08 -144.55
CA GLN XC 181 113.80 -86.53 -145.48
C GLN XC 181 114.09 -88.01 -145.29
N SER XC 182 113.88 -88.53 -144.08
CA SER XC 182 114.17 -89.93 -143.80
C SER XC 182 113.16 -90.84 -144.47
N ILE XC 183 111.92 -90.38 -144.59
CA ILE XC 183 110.89 -91.19 -145.25
C ILE XC 183 111.00 -91.04 -146.76
N SER XC 184 111.66 -89.99 -147.23
CA SER XC 184 111.72 -89.71 -148.66
C SER XC 184 112.83 -90.49 -149.33
N ALA XC 185 113.86 -90.88 -148.58
CA ALA XC 185 115.06 -91.40 -149.20
C ALA XC 185 114.94 -92.90 -149.50
N GLN XC 186 114.04 -93.60 -148.83
CA GLN XC 186 114.01 -95.06 -148.91
C GLN XC 186 113.44 -95.52 -150.24
N GLN XC 187 114.03 -96.57 -150.79
CA GLN XC 187 113.61 -97.12 -152.06
C GLN XC 187 113.46 -98.63 -152.08
N GLU XC 188 114.03 -99.35 -151.11
CA GLU XC 188 113.84 -100.80 -151.05
C GLU XC 188 112.67 -101.16 -150.14
N LYS XC 189 112.51 -100.45 -149.04
CA LYS XC 189 111.45 -100.79 -148.08
C LYS XC 189 110.07 -100.39 -148.59
N GLU XC 190 110.00 -99.55 -149.63
CA GLU XC 190 108.70 -99.20 -150.19
C GLU XC 190 108.06 -100.40 -150.88
N THR XC 191 108.87 -101.27 -151.47
CA THR XC 191 108.34 -102.50 -152.06
C THR XC 191 107.88 -103.46 -150.95
N ILE XC 192 108.55 -103.42 -149.80
CA ILE XC 192 108.04 -104.11 -148.62
C ILE XC 192 106.74 -103.44 -148.14
N ALA XC 193 106.66 -102.12 -148.28
CA ALA XC 193 105.49 -101.40 -147.80
C ALA XC 193 104.26 -101.64 -148.68
N LYS XC 194 104.48 -102.02 -149.94
CA LYS XC 194 103.35 -102.19 -150.83
C LYS XC 194 102.68 -103.53 -150.62
N CYS XC 195 103.46 -104.59 -150.36
CA CYS XC 195 102.88 -105.92 -150.22
C CYS XC 195 102.08 -106.05 -148.94
N ILE XC 196 102.45 -105.33 -147.90
CA ILE XC 196 101.63 -105.31 -146.69
C ILE XC 196 100.39 -104.45 -146.93
N ALA XC 197 100.50 -103.42 -147.77
CA ALA XC 197 99.34 -102.61 -148.15
C ALA XC 197 98.36 -103.43 -148.98
N ASP XC 198 98.87 -104.39 -149.77
CA ASP XC 198 97.99 -105.35 -150.41
C ASP XC 198 97.39 -106.30 -149.38
N LEU XC 199 98.19 -106.74 -148.42
CA LEU XC 199 97.72 -107.73 -147.46
C LEU XC 199 96.73 -107.12 -146.47
N LYS XC 200 96.86 -105.82 -146.19
CA LYS XC 200 95.86 -105.15 -145.37
C LYS XC 200 94.53 -105.04 -146.12
N LEU XC 201 94.59 -104.75 -147.42
CA LEU XC 201 93.38 -104.69 -148.22
C LEU XC 201 92.80 -106.07 -148.46
N LEU XC 202 93.68 -107.08 -148.60
CA LEU XC 202 93.23 -108.47 -148.62
C LEU XC 202 92.57 -108.86 -147.30
N ALA XC 203 93.11 -108.37 -146.19
CA ALA XC 203 92.46 -108.60 -144.91
C ALA XC 203 91.21 -107.76 -144.76
N LYS XC 204 91.15 -106.59 -145.42
CA LYS XC 204 90.05 -105.66 -145.19
C LYS XC 204 88.76 -106.15 -145.82
N LYS XC 205 88.81 -106.67 -147.04
CA LYS XC 205 87.59 -107.12 -147.71
C LYS XC 205 87.11 -108.44 -147.14
N ALA XC 206 87.98 -109.15 -146.42
CA ALA XC 206 87.61 -110.47 -145.90
C ALA XC 206 86.64 -110.34 -144.72
N GLN XC 207 86.78 -109.27 -143.92
CA GLN XC 207 85.91 -109.13 -142.76
C GLN XC 207 84.58 -108.50 -143.14
N ALA XC 208 84.51 -107.86 -144.31
CA ALA XC 208 83.24 -107.30 -144.77
C ALA XC 208 82.31 -108.40 -145.24
N GLN XC 209 82.77 -109.25 -146.14
CA GLN XC 209 82.00 -110.37 -146.65
C GLN XC 209 82.66 -111.69 -146.30
N VAL YC 1 100.48 -97.91 -139.24
CA VAL YC 1 101.77 -97.48 -139.74
C VAL YC 1 102.85 -97.65 -138.64
N GLN YC 2 103.08 -98.90 -138.24
CA GLN YC 2 104.09 -99.15 -137.21
C GLN YC 2 105.49 -98.96 -137.75
N LYS YC 3 105.64 -98.95 -139.08
CA LYS YC 3 106.92 -98.53 -139.66
C LYS YC 3 107.13 -97.03 -139.50
N LEU YC 4 106.06 -96.28 -139.30
CA LEU YC 4 106.22 -94.87 -138.95
C LEU YC 4 106.30 -94.69 -137.44
N PHE YC 5 105.79 -95.67 -136.69
CA PHE YC 5 105.91 -95.66 -135.24
C PHE YC 5 107.36 -95.79 -134.80
N VAL YC 6 108.14 -96.61 -135.51
CA VAL YC 6 109.54 -96.75 -135.14
C VAL YC 6 110.34 -95.54 -135.63
N ASP YC 7 109.86 -94.84 -136.65
CA ASP YC 7 110.71 -93.84 -137.31
C ASP YC 7 110.57 -92.46 -136.68
N LYS YC 8 109.62 -92.29 -135.76
CA LYS YC 8 109.53 -91.03 -135.03
C LYS YC 8 110.05 -91.18 -133.61
N ILE YC 9 110.21 -92.42 -133.14
CA ILE YC 9 110.91 -92.66 -131.88
C ILE YC 9 112.42 -92.62 -132.11
N ARG YC 10 112.88 -93.20 -133.21
CA ARG YC 10 114.32 -93.29 -133.46
C ARG YC 10 114.92 -91.95 -133.80
N GLU YC 11 114.13 -91.02 -134.36
CA GLU YC 11 114.61 -89.65 -134.49
C GLU YC 11 114.11 -88.77 -133.36
N TYR YC 12 113.57 -89.37 -132.30
CA TYR YC 12 113.46 -88.67 -131.04
C TYR YC 12 114.68 -88.94 -130.16
N ARG YC 13 115.24 -90.15 -130.27
CA ARG YC 13 116.45 -90.50 -129.51
C ARG YC 13 117.64 -89.66 -129.96
N THR YC 14 117.67 -89.25 -131.22
CA THR YC 14 118.74 -88.39 -131.71
C THR YC 14 118.67 -87.02 -131.05
N LYS YC 15 117.46 -86.56 -130.72
CA LYS YC 15 117.29 -85.30 -129.99
C LYS YC 15 117.75 -85.44 -128.54
N ARG YC 16 117.79 -86.68 -128.02
CA ARG YC 16 118.25 -86.87 -126.65
C ARG YC 16 119.76 -86.85 -126.54
N GLN YC 17 120.46 -86.63 -127.66
CA GLN YC 17 121.88 -86.33 -127.61
C GLN YC 17 122.09 -84.82 -127.71
N THR YC 18 122.17 -84.16 -126.56
CA THR YC 18 122.18 -82.70 -126.52
C THR YC 18 123.34 -82.25 -125.66
N SER YC 19 123.96 -81.12 -126.06
CA SER YC 19 125.07 -80.53 -125.33
C SER YC 19 124.71 -79.22 -124.64
N GLY YC 20 124.18 -78.26 -125.38
CA GLY YC 20 123.99 -76.93 -124.83
C GLY YC 20 122.64 -76.26 -125.03
N GLY YC 21 121.55 -77.03 -124.98
CA GLY YC 21 120.23 -76.47 -125.18
C GLY YC 21 119.64 -76.75 -126.54
N PRO YC 22 119.72 -75.78 -127.45
CA PRO YC 22 119.24 -76.01 -128.82
C PRO YC 22 120.31 -76.59 -129.73
N VAL YC 23 119.85 -77.34 -130.73
CA VAL YC 23 120.76 -77.88 -131.73
C VAL YC 23 120.97 -76.91 -132.88
N ASP YC 24 119.92 -76.27 -133.37
CA ASP YC 24 120.04 -75.34 -134.49
C ASP YC 24 119.50 -73.96 -134.12
N ALA YC 25 119.83 -73.47 -132.93
CA ALA YC 25 119.37 -72.16 -132.50
C ALA YC 25 120.03 -71.05 -133.32
N GLY YC 26 121.35 -70.94 -133.22
CA GLY YC 26 122.07 -69.88 -133.87
C GLY YC 26 121.75 -68.52 -133.27
N PRO YC 27 121.24 -67.62 -134.10
CA PRO YC 27 120.81 -66.31 -133.58
C PRO YC 27 119.32 -66.29 -133.28
N GLU YC 28 118.64 -67.41 -133.55
CA GLU YC 28 117.19 -67.45 -133.37
C GLU YC 28 116.82 -67.73 -131.92
N TYR YC 29 117.26 -68.88 -131.39
CA TYR YC 29 116.85 -69.28 -130.05
C TYR YC 29 117.56 -68.46 -128.98
N GLN YC 30 118.75 -67.92 -129.32
CA GLN YC 30 119.49 -67.11 -128.36
C GLN YC 30 118.83 -65.77 -128.16
N GLN YC 31 118.23 -65.22 -129.21
CA GLN YC 31 117.56 -63.92 -129.08
C GLN YC 31 116.17 -64.06 -128.48
N ASP YC 32 115.47 -65.14 -128.82
CA ASP YC 32 114.08 -65.31 -128.37
C ASP YC 32 114.00 -65.68 -126.90
N LEU YC 33 114.90 -66.54 -126.43
CA LEU YC 33 114.89 -66.93 -125.02
C LEU YC 33 115.45 -65.83 -124.14
N ASP YC 34 116.15 -64.86 -124.75
CA ASP YC 34 116.61 -63.70 -124.00
C ASP YC 34 115.59 -62.57 -124.06
N ARG YC 35 114.81 -62.51 -125.14
CA ARG YC 35 113.72 -61.54 -125.20
C ARG YC 35 112.61 -61.91 -124.24
N GLU YC 36 112.36 -63.21 -124.08
CA GLU YC 36 111.29 -63.67 -123.21
C GLU YC 36 111.71 -63.64 -121.75
N LEU YC 37 113.01 -63.80 -121.49
CA LEU YC 37 113.50 -63.79 -120.10
C LEU YC 37 113.45 -62.39 -119.52
N PHE YC 38 113.54 -61.36 -120.37
CA PHE YC 38 113.37 -60.01 -119.90
C PHE YC 38 111.91 -59.73 -119.55
N LYS YC 39 110.98 -60.25 -120.36
CA LYS YC 39 109.57 -59.90 -120.22
C LYS YC 39 108.95 -60.56 -118.99
N LEU YC 40 109.56 -61.64 -118.49
CA LEU YC 40 109.12 -62.21 -117.22
C LEU YC 40 109.72 -61.43 -116.05
N LYS YC 41 110.57 -60.45 -116.33
CA LYS YC 41 111.14 -59.59 -115.30
C LYS YC 41 110.89 -58.10 -115.55
N GLN YC 42 110.44 -57.72 -116.75
CA GLN YC 42 110.36 -56.29 -117.09
C GLN YC 42 109.22 -55.61 -116.37
N MET YC 43 107.99 -56.03 -116.64
CA MET YC 43 106.82 -55.50 -115.96
C MET YC 43 106.55 -56.21 -114.65
N TYR YC 44 107.40 -57.17 -114.25
CA TYR YC 44 107.22 -57.90 -113.01
C TYR YC 44 107.97 -57.24 -111.87
N GLY YC 45 109.27 -57.03 -112.03
CA GLY YC 45 110.04 -56.37 -110.99
C GLY YC 45 111.49 -56.78 -111.06
N LYS YC 46 112.30 -56.07 -110.27
CA LYS YC 46 113.74 -56.32 -110.14
C LYS YC 46 113.95 -57.12 -108.86
N ALA YC 47 114.25 -58.41 -109.00
CA ALA YC 47 114.37 -59.30 -107.87
C ALA YC 47 115.63 -60.15 -108.00
N ASP YC 48 116.38 -60.22 -106.90
CA ASP YC 48 117.59 -61.04 -106.84
C ASP YC 48 117.20 -62.48 -106.50
N MET YC 49 118.19 -63.30 -106.12
CA MET YC 49 117.96 -64.72 -105.96
C MET YC 49 117.53 -65.10 -104.55
N ASN YC 50 118.13 -64.53 -103.52
CA ASN YC 50 117.94 -65.02 -102.16
C ASN YC 50 117.79 -63.91 -101.12
N THR YC 51 117.70 -62.65 -101.54
CA THR YC 51 117.71 -61.53 -100.60
C THR YC 51 116.40 -61.50 -99.83
N PHE YC 52 116.49 -61.45 -98.51
CA PHE YC 52 115.35 -61.48 -97.61
C PHE YC 52 114.66 -60.12 -97.57
N PRO YC 53 113.57 -59.97 -96.81
CA PRO YC 53 112.92 -58.66 -96.70
C PRO YC 53 113.63 -57.76 -95.69
N ASN YC 54 114.07 -56.60 -96.17
CA ASN YC 54 114.83 -55.65 -95.36
C ASN YC 54 114.12 -54.31 -95.37
N PHE YC 55 113.45 -53.98 -94.27
CA PHE YC 55 112.71 -52.73 -94.12
C PHE YC 55 112.52 -52.45 -92.64
N THR YC 56 111.71 -51.43 -92.33
CA THR YC 56 111.45 -51.00 -90.96
C THR YC 56 110.20 -50.11 -90.97
N PHE YC 57 109.33 -50.31 -89.98
CA PHE YC 57 108.06 -49.61 -89.91
C PHE YC 57 108.00 -48.77 -88.64
N GLU YC 58 107.36 -47.61 -88.74
CA GLU YC 58 107.14 -46.73 -87.59
C GLU YC 58 105.65 -46.54 -87.37
N ASP YC 59 105.22 -46.65 -86.12
CA ASP YC 59 103.80 -46.62 -85.78
C ASP YC 59 103.33 -45.19 -85.54
N PRO YC 60 102.05 -45.00 -85.23
CA PRO YC 60 101.52 -43.64 -85.02
C PRO YC 60 101.91 -43.13 -83.65
N LYS YC 61 102.45 -41.91 -83.62
CA LYS YC 61 102.87 -41.30 -82.37
C LYS YC 61 101.65 -40.91 -81.54
N PHE YC 62 101.65 -41.34 -80.27
CA PHE YC 62 100.49 -41.17 -79.39
C PHE YC 62 100.56 -39.80 -78.73
N GLU YC 63 99.87 -38.83 -79.33
CA GLU YC 63 99.77 -37.51 -78.75
C GLU YC 63 98.84 -37.53 -77.54
N ALA YC 64 98.92 -36.48 -76.73
CA ALA YC 64 98.09 -36.31 -75.56
C ALA YC 64 97.04 -35.24 -75.81
N VAL YC 65 96.06 -35.18 -74.92
CA VAL YC 65 94.99 -34.19 -74.99
C VAL YC 65 95.03 -33.34 -73.74
N GLU YC 66 95.12 -32.03 -73.92
CA GLU YC 66 95.12 -31.08 -72.81
C GLU YC 66 93.68 -30.74 -72.44
N LYS YC 67 93.39 -30.74 -71.14
CA LYS YC 67 92.01 -30.56 -70.70
C LYS YC 67 91.91 -29.99 -69.29
N PRO YC 68 91.79 -28.67 -69.14
CA PRO YC 68 91.31 -28.14 -67.86
C PRO YC 68 89.84 -28.47 -67.68
N GLN YC 69 89.50 -28.99 -66.51
CA GLN YC 69 88.22 -29.66 -66.34
C GLN YC 69 87.58 -29.16 -65.05
N SER YC 70 86.53 -29.86 -64.60
CA SER YC 70 85.66 -29.49 -63.49
C SER YC 70 85.09 -28.09 -63.68
N ARG ZC 1 96.67 -65.23 -80.04
CA ARG ZC 1 95.84 -64.15 -80.57
C ARG ZC 1 95.79 -62.95 -79.62
N LYS ZC 2 96.79 -62.09 -79.71
CA LYS ZC 2 96.90 -60.94 -78.81
C LYS ZC 2 95.92 -59.86 -79.24
N LEU ZC 3 94.78 -59.78 -78.57
CA LEU ZC 3 93.75 -58.81 -78.92
C LEU ZC 3 93.02 -58.39 -77.66
N ALA ZC 4 92.69 -57.10 -77.57
CA ALA ZC 4 92.01 -56.57 -76.40
C ALA ZC 4 90.56 -56.23 -76.72
N LEU ZC 5 89.71 -56.36 -75.72
CA LEU ZC 5 88.34 -55.90 -75.78
C LEU ZC 5 88.25 -54.49 -75.23
N LYS ZC 6 87.03 -54.01 -75.01
CA LYS ZC 6 86.78 -52.66 -74.52
C LYS ZC 6 85.40 -52.65 -73.88
N ALA ZC 7 84.87 -51.44 -73.65
CA ALA ZC 7 83.51 -51.23 -73.20
C ALA ZC 7 82.73 -50.49 -74.28
N ILE ZC 8 81.42 -50.42 -74.11
CA ILE ZC 8 80.54 -49.68 -75.01
C ILE ZC 8 80.70 -48.20 -74.67
N ASP ZC 9 81.47 -47.48 -75.49
CA ASP ZC 9 81.81 -46.10 -75.22
C ASP ZC 9 81.60 -45.21 -76.45
N TRP ZC 10 80.41 -45.21 -77.05
CA TRP ZC 10 80.19 -44.42 -78.26
C TRP ZC 10 79.22 -43.28 -78.02
N VAL ZC 11 78.38 -43.39 -76.98
CA VAL ZC 11 77.26 -42.45 -76.82
C VAL ZC 11 77.74 -41.10 -76.30
N ALA ZC 12 78.34 -41.08 -75.10
CA ALA ZC 12 78.70 -39.81 -74.49
C ALA ZC 12 80.17 -39.48 -74.67
N PHE ZC 13 80.89 -40.32 -75.43
CA PHE ZC 13 82.33 -40.10 -75.61
C PHE ZC 13 82.60 -38.91 -76.54
N GLY ZC 14 81.64 -38.59 -77.41
CA GLY ZC 14 81.73 -37.36 -78.17
C GLY ZC 14 81.25 -36.16 -77.38
N GLU ZC 15 80.67 -36.41 -76.20
CA GLU ZC 15 80.23 -35.37 -75.29
C GLU ZC 15 81.24 -35.07 -74.19
N ILE ZC 16 82.54 -35.15 -74.51
CA ILE ZC 16 83.64 -34.93 -73.56
C ILE ZC 16 83.58 -33.53 -72.95
N ILE ZC 17 83.09 -32.58 -73.73
CA ILE ZC 17 82.86 -31.17 -73.35
C ILE ZC 17 84.16 -30.51 -72.92
N PRO ZC 18 85.09 -30.29 -73.84
CA PRO ZC 18 86.23 -29.41 -73.54
C PRO ZC 18 85.87 -27.95 -73.77
N ARG ZC 19 86.85 -27.05 -73.69
CA ARG ZC 19 86.62 -25.63 -73.97
C ARG ZC 19 86.42 -25.46 -75.47
N ASN ZC 20 85.16 -25.71 -75.89
CA ASN ZC 20 84.73 -25.76 -77.30
C ASN ZC 20 85.54 -26.75 -78.13
N GLN ZC 21 86.04 -27.81 -77.51
CA GLN ZC 21 86.91 -28.77 -78.19
C GLN ZC 21 86.09 -29.94 -78.73
N LYS ZC 22 85.14 -29.61 -79.60
CA LYS ZC 22 84.28 -30.63 -80.19
C LYS ZC 22 85.06 -31.48 -81.20
N ALA ZC 23 86.07 -30.90 -81.85
CA ALA ZC 23 86.84 -31.64 -82.83
C ALA ZC 23 87.78 -32.63 -82.17
N ILE ZC 24 88.04 -32.46 -80.88
CA ILE ZC 24 88.93 -33.35 -80.15
C ILE ZC 24 88.33 -34.73 -80.00
N ALA ZC 25 87.00 -34.80 -79.81
CA ALA ZC 25 86.33 -36.09 -79.70
C ALA ZC 25 85.75 -36.54 -81.05
N ASN ZC 26 85.35 -35.59 -81.90
CA ASN ZC 26 84.75 -35.94 -83.18
C ASN ZC 26 85.79 -36.51 -84.14
N SER ZC 27 87.06 -36.19 -83.91
CA SER ZC 27 88.12 -36.90 -84.62
C SER ZC 27 88.53 -38.15 -83.88
N LEU ZC 28 88.22 -38.23 -82.58
CA LEU ZC 28 88.70 -39.35 -81.76
C LEU ZC 28 87.95 -40.64 -82.06
N LYS ZC 29 86.62 -40.56 -82.19
CA LYS ZC 29 85.85 -41.73 -82.55
C LYS ZC 29 86.06 -42.11 -84.01
N SER ZC 30 86.43 -41.13 -84.84
CA SER ZC 30 86.66 -41.38 -86.26
C SER ZC 30 87.91 -42.21 -86.48
N TRP ZC 31 88.93 -42.01 -85.64
CA TRP ZC 31 90.08 -42.91 -85.65
C TRP ZC 31 89.72 -44.26 -85.04
N ASN ZC 32 88.72 -44.28 -84.15
CA ASN ZC 32 88.42 -45.48 -83.38
C ASN ZC 32 87.72 -46.53 -84.22
N GLU ZC 33 86.95 -46.11 -85.22
CA GLU ZC 33 86.17 -47.06 -86.01
C GLU ZC 33 87.06 -47.83 -86.97
N THR ZC 34 87.91 -47.12 -87.71
CA THR ZC 34 88.74 -47.75 -88.74
C THR ZC 34 89.84 -48.60 -88.12
N LEU ZC 35 90.32 -48.21 -86.93
CA LEU ZC 35 91.43 -48.93 -86.32
C LEU ZC 35 90.98 -50.25 -85.71
N SER ZC 36 89.67 -50.43 -85.50
CA SER ZC 36 89.19 -51.57 -84.75
C SER ZC 36 89.26 -52.86 -85.58
N THR ZC 37 88.55 -52.91 -86.71
CA THR ZC 37 88.51 -54.13 -87.51
C THR ZC 37 89.81 -54.35 -88.26
N ARG ZC 38 90.56 -53.28 -88.52
CA ARG ZC 38 91.81 -53.40 -89.27
C ARG ZC 38 92.90 -54.03 -88.41
N LEU ZC 39 92.93 -53.73 -87.11
CA LEU ZC 39 93.91 -54.34 -86.23
C LEU ZC 39 93.47 -55.71 -85.76
N ALA ZC 40 92.18 -56.01 -85.92
CA ALA ZC 40 91.70 -57.37 -85.63
C ALA ZC 40 92.24 -58.36 -86.65
N ALA ZC 41 92.33 -57.94 -87.92
CA ALA ZC 41 92.88 -58.82 -88.96
C ALA ZC 41 94.40 -58.85 -88.90
N LEU ZC 42 95.02 -57.99 -88.08
CA LEU ZC 42 96.43 -58.18 -87.73
C LEU ZC 42 96.65 -59.13 -86.56
N PRO ZC 43 95.80 -59.16 -85.52
CA PRO ZC 43 96.29 -59.52 -84.17
C PRO ZC 43 96.61 -61.00 -83.96
N GLU ZC 44 96.03 -61.93 -84.71
CA GLU ZC 44 96.09 -63.33 -84.28
C GLU ZC 44 97.40 -64.02 -84.66
N LYS ZC 45 97.64 -64.24 -85.96
CA LYS ZC 45 98.75 -65.07 -86.42
C LYS ZC 45 98.99 -64.95 -87.93
N PRO ZC 46 100.19 -65.27 -88.41
CA PRO ZC 46 100.43 -65.26 -89.85
C PRO ZC 46 100.06 -66.59 -90.47
N PRO ZC 47 99.83 -66.63 -91.78
CA PRO ZC 47 99.37 -67.88 -92.41
C PRO ZC 47 100.52 -68.85 -92.63
N ALA ZC 48 100.19 -69.95 -93.30
CA ALA ZC 48 101.11 -71.06 -93.47
C ALA ZC 48 102.25 -70.66 -94.42
N ILE ZC 49 103.42 -71.24 -94.21
CA ILE ZC 49 104.59 -70.92 -95.01
C ILE ZC 49 104.44 -71.53 -96.39
N ASP ZC 50 104.15 -70.69 -97.39
CA ASP ZC 50 104.08 -71.18 -98.75
C ASP ZC 50 105.42 -70.97 -99.47
N TRP ZC 51 106.46 -70.58 -98.72
CA TRP ZC 51 107.80 -70.53 -99.30
C TRP ZC 51 108.42 -71.92 -99.37
N ALA ZC 52 108.09 -72.79 -98.41
CA ALA ZC 52 108.68 -74.12 -98.39
C ALA ZC 52 107.97 -75.06 -99.36
N TYR ZC 53 106.80 -74.66 -99.85
CA TYR ZC 53 105.99 -75.57 -100.65
C TYR ZC 53 106.52 -75.73 -102.07
N TYR ZC 54 106.73 -74.61 -102.77
CA TYR ZC 54 107.07 -74.70 -104.19
C TYR ZC 54 108.58 -74.72 -104.41
N LYS ZC 55 109.35 -74.45 -103.36
CA LYS ZC 55 110.81 -74.56 -103.48
C LYS ZC 55 111.26 -76.01 -103.40
N ALA ZC 56 110.44 -76.88 -102.80
CA ALA ZC 56 110.77 -78.30 -102.78
C ALA ZC 56 110.55 -78.94 -104.15
N THR ZC 57 109.50 -78.53 -104.85
CA THR ZC 57 109.26 -79.04 -106.20
C THR ZC 57 110.18 -78.36 -107.22
N VAL ZC 58 110.73 -77.20 -106.87
CA VAL ZC 58 111.75 -76.58 -107.70
C VAL ZC 58 113.07 -77.30 -107.43
N ALA ZC 59 113.82 -77.57 -108.51
CA ALA ZC 59 115.07 -78.30 -108.38
C ALA ZC 59 116.27 -77.39 -108.18
N LYS ZC 60 116.19 -76.13 -108.63
CA LYS ZC 60 117.31 -75.20 -108.55
C LYS ZC 60 117.47 -74.73 -107.10
N ALA ZC 61 118.20 -75.53 -106.33
CA ALA ZC 61 118.46 -75.23 -104.93
C ALA ZC 61 119.76 -74.43 -104.81
N GLY ZC 62 120.31 -74.33 -103.60
CA GLY ZC 62 121.46 -73.49 -103.35
C GLY ZC 62 121.07 -72.13 -102.81
N LEU ZC 63 120.30 -71.37 -103.60
CA LEU ZC 63 119.74 -70.11 -103.14
C LEU ZC 63 118.23 -70.19 -102.90
N VAL ZC 64 117.66 -71.39 -102.87
CA VAL ZC 64 116.22 -71.56 -102.74
C VAL ZC 64 115.87 -72.12 -101.38
N ASP ZC 65 116.35 -73.32 -101.08
CA ASP ZC 65 116.06 -73.94 -99.80
C ASP ZC 65 116.92 -73.33 -98.69
N ASP ZC 66 118.03 -72.69 -99.07
CA ASP ZC 66 118.89 -72.06 -98.08
C ASP ZC 66 118.38 -70.67 -97.70
N PHE ZC 67 117.76 -69.96 -98.65
CA PHE ZC 67 117.19 -68.66 -98.36
C PHE ZC 67 115.97 -68.77 -97.45
N GLU ZC 68 115.17 -69.83 -97.64
CA GLU ZC 68 114.05 -70.08 -96.74
C GLU ZC 68 114.54 -70.63 -95.40
N LYS ZC 69 115.76 -71.19 -95.38
CA LYS ZC 69 116.33 -71.68 -94.13
C LYS ZC 69 116.95 -70.55 -93.32
N LYS ZC 70 117.50 -69.54 -94.00
CA LYS ZC 70 118.16 -68.44 -93.30
C LYS ZC 70 117.18 -67.37 -92.88
N PHE ZC 71 116.31 -66.94 -93.79
CA PHE ZC 71 115.41 -65.81 -93.54
C PHE ZC 71 114.23 -66.18 -92.66
N ASN ZC 72 113.99 -67.47 -92.41
CA ASN ZC 72 112.92 -67.89 -91.54
C ASN ZC 72 113.43 -68.50 -90.23
N ALA ZC 73 114.54 -67.99 -89.70
CA ALA ZC 73 115.08 -68.51 -88.47
C ALA ZC 73 115.37 -67.40 -87.46
N LEU ZC 74 114.64 -66.29 -87.56
CA LEU ZC 74 114.87 -65.14 -86.70
C LEU ZC 74 113.56 -64.71 -86.04
N LYS ZC 75 113.63 -63.66 -85.22
CA LYS ZC 75 112.50 -63.19 -84.44
C LYS ZC 75 111.74 -62.09 -85.18
N VAL ZC 76 110.48 -61.93 -84.81
CA VAL ZC 76 109.60 -60.93 -85.41
C VAL ZC 76 109.95 -59.56 -84.85
N PRO ZC 77 110.23 -58.56 -85.69
CA PRO ZC 77 110.49 -57.21 -85.17
C PRO ZC 77 109.21 -56.54 -84.71
N VAL ZC 78 109.02 -56.45 -83.40
CA VAL ZC 78 107.78 -55.95 -82.82
C VAL ZC 78 107.88 -54.44 -82.67
N PRO ZC 79 106.83 -53.77 -82.21
CA PRO ZC 79 106.85 -52.32 -82.14
C PRO ZC 79 107.37 -51.81 -80.80
N GLU ZC 80 107.50 -50.49 -80.67
CA GLU ZC 80 108.00 -49.86 -79.45
C GLU ZC 80 106.83 -49.32 -78.62
N ASP ZC 81 107.00 -49.38 -77.30
CA ASP ZC 81 105.96 -48.97 -76.36
C ASP ZC 81 106.27 -47.56 -75.85
N LYS ZC 82 105.87 -46.58 -76.66
CA LYS ZC 82 106.14 -45.18 -76.35
C LYS ZC 82 104.97 -44.47 -75.68
N TYR ZC 83 103.83 -45.14 -75.52
CA TYR ZC 83 102.63 -44.50 -74.97
C TYR ZC 83 102.45 -44.94 -73.52
N THR ZC 84 103.16 -44.26 -72.63
CA THR ZC 84 103.01 -44.46 -71.19
C THR ZC 84 102.92 -43.18 -70.39
N ALA ZC 85 103.40 -42.04 -70.91
CA ALA ZC 85 103.46 -40.81 -70.11
C ALA ZC 85 102.08 -40.21 -69.91
N LEU ZC 86 101.29 -40.12 -70.99
CA LEU ZC 86 99.97 -39.52 -70.89
C LEU ZC 86 98.95 -40.50 -70.32
N VAL ZC 87 99.37 -41.73 -70.02
CA VAL ZC 87 98.47 -42.72 -69.45
C VAL ZC 87 98.17 -42.38 -67.99
N ASP ZC 88 99.20 -41.98 -67.24
CA ASP ZC 88 99.02 -41.72 -65.81
C ASP ZC 88 98.88 -40.23 -65.53
N ALA ZC 89 99.60 -39.40 -66.27
CA ALA ZC 89 99.67 -37.97 -65.95
C ALA ZC 89 98.39 -37.24 -66.37
N GLU ZC 90 97.69 -37.76 -67.38
CA GLU ZC 90 96.44 -37.13 -67.79
C GLU ZC 90 95.27 -37.63 -66.97
N GLU ZC 91 95.38 -38.84 -66.42
CA GLU ZC 91 94.24 -39.47 -65.76
C GLU ZC 91 93.97 -38.86 -64.39
N GLN ZC 92 95.00 -38.76 -63.55
CA GLN ZC 92 94.79 -38.42 -62.14
C GLN ZC 92 94.45 -36.95 -61.96
N GLU ZC 93 94.79 -36.11 -62.94
CA GLU ZC 93 94.49 -34.68 -62.82
C GLU ZC 93 93.00 -34.41 -62.99
N ASP ZC 94 92.27 -35.33 -63.62
CA ASP ZC 94 90.81 -35.21 -63.66
C ASP ZC 94 90.18 -35.85 -62.44
N VAL ZC 95 90.86 -36.84 -61.84
CA VAL ZC 95 90.35 -37.45 -60.61
C VAL ZC 95 90.67 -36.57 -59.41
N LYS ZC 96 91.79 -35.83 -59.47
CA LYS ZC 96 92.08 -34.88 -58.41
C LYS ZC 96 91.14 -33.68 -58.49
N ARG ZC 97 90.68 -33.35 -59.71
CA ARG ZC 97 89.70 -32.29 -59.88
C ARG ZC 97 88.32 -32.78 -59.46
N CYS ZC 98 88.14 -34.09 -59.34
CA CYS ZC 98 86.87 -34.63 -58.83
C CYS ZC 98 86.75 -34.41 -57.33
N ALA ZC 99 87.87 -34.30 -56.63
CA ALA ZC 99 87.84 -34.19 -55.18
C ALA ZC 99 87.37 -32.81 -54.73
N GLU ZC 100 87.86 -31.75 -55.38
CA GLU ZC 100 87.49 -30.41 -54.97
C GLU ZC 100 86.11 -30.03 -55.46
N PHE ZC 101 85.75 -30.47 -56.67
CA PHE ZC 101 84.50 -30.02 -57.28
C PHE ZC 101 83.30 -30.75 -56.69
N LEU ZC 102 83.51 -31.93 -56.10
CA LEU ZC 102 82.42 -32.61 -55.43
C LEU ZC 102 82.19 -32.06 -54.03
N SER ZC 103 83.17 -31.32 -53.50
CA SER ZC 103 83.02 -30.73 -52.18
C SER ZC 103 82.65 -29.24 -52.27
N LEU ZC 104 83.11 -28.57 -53.33
CA LEU ZC 104 82.70 -27.19 -53.55
C LEU ZC 104 81.25 -27.10 -54.01
N SER ZC 105 80.73 -28.18 -54.59
CA SER ZC 105 79.31 -28.27 -54.85
C SER ZC 105 78.57 -28.76 -53.61
N LYS ZC 106 79.28 -29.42 -52.70
CA LYS ZC 106 78.65 -29.94 -51.49
C LYS ZC 106 78.35 -28.82 -50.50
N ALA ZC 107 79.25 -27.84 -50.40
CA ALA ZC 107 78.98 -26.66 -49.59
C ALA ZC 107 77.88 -25.83 -50.21
N ARG ZC 108 77.85 -25.77 -51.55
CA ARG ZC 108 76.76 -25.12 -52.26
C ARG ZC 108 75.46 -25.91 -52.12
N ILE ZC 109 75.56 -27.21 -51.81
CA ILE ZC 109 74.39 -27.97 -51.40
C ILE ZC 109 74.12 -27.77 -49.93
N GLU ZC 110 75.17 -27.56 -49.13
CA GLU ZC 110 74.99 -27.41 -47.69
C GLU ZC 110 74.47 -26.02 -47.34
N ALA ZC 111 74.94 -24.99 -48.05
CA ALA ZC 111 74.42 -23.64 -47.81
C ALA ZC 111 73.00 -23.51 -48.35
N TYR ZC 112 72.67 -24.25 -49.41
CA TYR ZC 112 71.29 -24.26 -49.91
C TYR ZC 112 70.39 -25.10 -49.01
N GLU ZC 113 70.98 -26.03 -48.26
CA GLU ZC 113 70.20 -26.77 -47.27
C GLU ZC 113 69.97 -25.93 -46.02
N LYS ZC 114 70.84 -24.94 -45.78
CA LYS ZC 114 70.64 -24.04 -44.66
C LYS ZC 114 69.77 -22.85 -45.04
N GLU ZC 115 69.71 -22.53 -46.35
CA GLU ZC 115 68.96 -21.36 -46.79
C GLU ZC 115 67.46 -21.63 -46.75
N LEU ZC 116 67.04 -22.88 -46.94
CA LEU ZC 116 65.62 -23.20 -46.89
C LEU ZC 116 65.16 -23.45 -45.46
N GLU ZC 117 66.04 -23.99 -44.62
CA GLU ZC 117 65.68 -24.30 -43.24
C GLU ZC 117 65.56 -23.02 -42.42
N LYS ZC 118 66.24 -21.95 -42.83
CA LYS ZC 118 66.04 -20.65 -42.21
C LYS ZC 118 64.75 -20.00 -42.69
N MET ZC 119 64.26 -20.41 -43.87
CA MET ZC 119 62.99 -19.89 -44.38
C MET ZC 119 61.82 -20.53 -43.67
N LYS ZC 120 62.02 -21.71 -43.08
CA LYS ZC 120 60.98 -22.32 -42.26
C LYS ZC 120 61.00 -21.75 -40.85
N ASN ZC 121 62.10 -21.08 -40.49
CA ASN ZC 121 62.21 -20.50 -39.15
C ASN ZC 121 61.37 -19.24 -39.00
N ILE ZC 122 61.28 -18.47 -40.09
CA ILE ZC 122 60.61 -17.18 -40.06
C ILE ZC 122 59.14 -17.13 -39.70
N ILE ZC 123 58.33 -18.04 -40.24
CA ILE ZC 123 56.91 -18.01 -39.92
C ILE ZC 123 56.33 -19.31 -39.38
N PRO ZC 124 55.81 -19.24 -38.16
CA PRO ZC 124 55.14 -20.40 -37.55
C PRO ZC 124 53.63 -20.34 -37.78
N PHE ZC 125 53.13 -19.19 -38.23
CA PHE ZC 125 51.71 -18.97 -38.49
C PHE ZC 125 51.54 -17.82 -39.49
N ASP ZC 126 50.35 -17.72 -40.08
CA ASP ZC 126 50.07 -16.66 -41.03
C ASP ZC 126 50.19 -15.30 -40.35
N GLN ZC 127 49.69 -15.22 -39.12
CA GLN ZC 127 49.75 -13.99 -38.35
C GLN ZC 127 50.95 -13.95 -37.42
N MET ZC 128 52.12 -14.39 -37.89
CA MET ZC 128 53.18 -14.80 -36.98
C MET ZC 128 53.90 -13.63 -36.32
N THR ZC 129 54.63 -12.83 -37.09
CA THR ZC 129 55.59 -11.93 -36.46
C THR ZC 129 55.93 -10.78 -37.40
N ILE ZC 130 56.36 -9.68 -36.82
CA ILE ZC 130 56.71 -8.51 -37.63
C ILE ZC 130 58.22 -8.37 -37.72
N GLU ZC 131 58.96 -9.25 -37.04
CA GLU ZC 131 60.41 -9.22 -37.12
C GLU ZC 131 60.97 -10.48 -37.75
N ASP ZC 132 60.26 -11.60 -37.60
CA ASP ZC 132 60.69 -12.84 -38.25
C ASP ZC 132 60.44 -12.79 -39.75
N LEU ZC 133 59.46 -11.98 -40.16
CA LEU ZC 133 59.28 -11.70 -41.58
C LEU ZC 133 60.23 -10.61 -42.03
N ASN ZC 134 61.01 -10.04 -41.11
CA ASN ZC 134 61.97 -9.01 -41.46
C ASN ZC 134 63.36 -9.59 -41.69
N GLU ZC 135 63.43 -10.84 -42.15
CA GLU ZC 135 64.72 -11.37 -42.59
C GLU ZC 135 64.78 -11.48 -44.11
N VAL ZC 136 63.78 -12.12 -44.72
CA VAL ZC 136 63.77 -12.30 -46.17
C VAL ZC 136 63.48 -10.98 -46.86
N PHE ZC 137 62.29 -10.43 -46.67
CA PHE ZC 137 61.95 -9.11 -47.14
C PHE ZC 137 62.75 -8.07 -46.38
N PRO ZC 138 63.31 -7.11 -47.07
CA PRO ZC 138 64.39 -6.33 -46.45
C PRO ZC 138 63.96 -5.05 -45.77
N GLU ZC 139 64.86 -4.51 -44.97
CA GLU ZC 139 64.79 -3.15 -44.48
C GLU ZC 139 66.17 -2.54 -44.66
N THR ZC 140 66.25 -1.22 -44.56
CA THR ZC 140 67.50 -0.55 -44.88
C THR ZC 140 67.66 0.68 -43.98
N LYS ZC 141 68.58 1.57 -44.36
CA LYS ZC 141 68.78 2.83 -43.64
C LYS ZC 141 67.84 3.90 -44.18
N LEU ZC 142 68.03 5.14 -43.75
CA LEU ZC 142 67.16 6.26 -44.12
C LEU ZC 142 67.27 6.52 -45.61
N ASP ZC 143 66.11 6.72 -46.24
CA ASP ZC 143 65.96 7.11 -47.64
C ASP ZC 143 66.58 6.08 -48.59
N LYS ZC 144 66.07 4.86 -48.50
CA LYS ZC 144 66.43 3.86 -49.50
C LYS ZC 144 65.30 3.62 -50.49
N LYS ZC 145 64.10 3.30 -50.00
CA LYS ZC 145 62.95 3.00 -50.86
C LYS ZC 145 62.48 4.30 -51.49
N LYS ZC 146 62.78 4.47 -52.78
CA LYS ZC 146 62.41 5.69 -53.48
C LYS ZC 146 60.89 5.79 -53.66
N TYR ZC 147 60.30 4.79 -54.29
CA TYR ZC 147 58.85 4.78 -54.47
C TYR ZC 147 58.16 4.38 -53.17
N UNK AD 1 24.03 -6.17 1.31
CA UNK AD 1 22.66 -6.51 1.71
C UNK AD 1 21.81 -6.85 0.48
N UNK AD 2 20.54 -6.44 0.51
CA UNK AD 2 19.63 -6.65 -0.61
C UNK AD 2 18.83 -7.97 -0.60
N UNK AD 3 17.63 -7.92 -1.18
CA UNK AD 3 16.75 -9.09 -1.34
C UNK AD 3 16.11 -9.07 -2.73
N UNK AD 4 16.28 -10.14 -3.51
CA UNK AD 4 15.74 -10.14 -4.88
C UNK AD 4 14.22 -10.03 -4.98
N UNK AD 5 13.50 -10.80 -4.18
CA UNK AD 5 12.05 -10.74 -4.22
C UNK AD 5 11.60 -9.37 -3.77
N UNK AD 6 12.22 -8.90 -2.70
CA UNK AD 6 11.91 -7.60 -2.16
C UNK AD 6 12.24 -6.51 -3.16
N UNK AD 7 13.37 -6.65 -3.85
CA UNK AD 7 13.76 -5.62 -4.81
C UNK AD 7 12.72 -5.50 -5.91
N UNK AD 8 12.25 -6.64 -6.40
CA UNK AD 8 11.25 -6.60 -7.45
C UNK AD 8 10.01 -5.94 -6.90
N UNK AD 9 9.61 -6.35 -5.70
CA UNK AD 9 8.43 -5.79 -5.08
C UNK AD 9 8.58 -4.31 -4.78
N UNK AD 10 9.72 -3.93 -4.22
CA UNK AD 10 9.94 -2.55 -3.86
C UNK AD 10 9.93 -1.74 -5.14
N UNK AD 11 10.60 -2.29 -6.14
CA UNK AD 11 10.68 -1.65 -7.44
C UNK AD 11 9.29 -1.42 -7.99
N UNK AD 12 8.43 -2.42 -7.87
CA UNK AD 12 7.06 -2.28 -8.31
C UNK AD 12 6.13 -1.29 -7.54
N UNK AD 13 6.17 -1.27 -6.21
CA UNK AD 13 5.20 -0.45 -5.42
C UNK AD 13 5.24 1.07 -5.60
N UNK AD 14 6.46 1.54 -5.53
CA UNK AD 14 6.90 2.93 -5.76
C UNK AD 14 5.99 3.59 -6.81
N UNK AD 15 5.69 2.82 -7.86
CA UNK AD 15 4.79 3.19 -8.94
C UNK AD 15 3.30 3.50 -8.60
N UNK AD 16 2.65 2.81 -7.61
CA UNK AD 16 1.21 3.03 -7.25
C UNK AD 16 1.30 4.47 -6.87
N UNK AD 17 2.42 4.57 -6.23
CA UNK AD 17 3.21 5.74 -5.89
C UNK AD 17 3.11 6.76 -6.99
N UNK AD 18 3.09 6.41 -8.26
CA UNK AD 18 3.33 7.52 -9.20
C UNK AD 18 2.61 8.77 -8.71
N UNK AD 19 1.49 8.57 -8.06
CA UNK AD 19 0.72 9.67 -7.55
C UNK AD 19 1.45 10.55 -6.55
N UNK AD 20 2.28 10.01 -5.66
CA UNK AD 20 2.93 10.89 -4.67
C UNK AD 20 3.79 11.93 -5.37
N UNK AD 21 4.58 11.45 -6.32
CA UNK AD 21 5.45 12.33 -7.08
C UNK AD 21 4.62 13.31 -7.88
N UNK AD 22 3.56 12.79 -8.50
CA UNK AD 22 2.72 13.63 -9.31
C UNK AD 22 2.09 14.74 -8.48
N UNK AD 23 1.63 14.40 -7.29
CA UNK AD 23 0.98 15.31 -6.39
C UNK AD 23 1.93 16.38 -5.97
N UNK AD 24 3.17 16.00 -5.66
CA UNK AD 24 4.12 17.01 -5.26
C UNK AD 24 4.34 17.98 -6.41
N UNK AD 25 4.50 17.42 -7.60
CA UNK AD 25 4.71 18.23 -8.78
C UNK AD 25 3.52 19.13 -9.04
N UNK AD 26 2.32 18.61 -8.87
CA UNK AD 26 1.09 19.31 -9.11
C UNK AD 26 0.95 20.47 -8.16
N UNK AD 27 1.33 20.22 -6.91
CA UNK AD 27 1.27 21.22 -5.87
C UNK AD 27 2.19 22.33 -6.25
N UNK AD 28 3.39 21.96 -6.68
CA UNK AD 28 4.37 22.92 -7.11
C UNK AD 28 3.86 23.68 -8.33
N UNK AD 29 3.21 23.01 -9.25
CA UNK AD 29 2.72 23.63 -10.46
C UNK AD 29 1.72 24.68 -10.10
N UNK AD 30 0.82 24.33 -9.20
CA UNK AD 30 -0.18 25.27 -8.82
C UNK AD 30 0.50 26.44 -8.16
N UNK AD 31 1.38 26.12 -7.23
CA UNK AD 31 2.12 27.09 -6.50
C UNK AD 31 2.93 27.72 -7.58
N UNK AD 32 3.47 26.85 -8.45
CA UNK AD 32 4.26 27.43 -9.49
C UNK AD 32 3.38 28.19 -10.46
N UNK AD 33 2.26 27.61 -10.84
CA UNK AD 33 1.39 28.18 -11.83
C UNK AD 33 0.85 29.47 -11.36
N UNK AD 34 0.44 29.47 -10.10
CA UNK AD 34 -0.14 30.64 -9.54
C UNK AD 34 0.86 31.74 -9.58
N UNK AD 35 2.07 31.45 -9.11
CA UNK AD 35 3.08 32.48 -9.06
C UNK AD 35 3.42 32.98 -10.45
N UNK AD 36 3.54 32.06 -11.38
CA UNK AD 36 3.92 32.42 -12.71
C UNK AD 36 2.92 33.32 -13.36
N UNK AD 37 1.66 32.93 -13.25
CA UNK AD 37 0.64 33.70 -13.92
C UNK AD 37 0.60 35.05 -13.28
N UNK AD 38 0.57 35.04 -11.95
CA UNK AD 38 0.56 36.25 -11.22
C UNK AD 38 1.87 36.83 -11.51
N UNK AD 39 2.91 35.98 -11.46
CA UNK AD 39 4.13 36.73 -11.67
C UNK AD 39 4.21 37.28 -13.08
N UNK AD 40 3.85 36.43 -14.03
CA UNK AD 40 3.90 36.74 -15.43
C UNK AD 40 2.99 37.87 -15.75
N UNK AD 41 1.81 37.81 -15.19
CA UNK AD 41 0.81 38.80 -15.43
C UNK AD 41 1.32 40.11 -14.90
N UNK AD 42 1.89 40.11 -13.71
CA UNK AD 42 2.36 41.35 -13.13
C UNK AD 42 3.40 41.97 -14.02
N UNK AD 43 4.35 41.16 -14.46
CA UNK AD 43 5.41 41.71 -15.28
C UNK AD 43 4.88 42.26 -16.58
N UNK AD 44 4.00 41.49 -17.20
CA UNK AD 44 3.47 41.85 -18.49
C UNK AD 44 2.72 43.14 -18.39
N UNK AD 45 1.89 43.21 -17.35
CA UNK AD 45 1.13 44.37 -17.04
C UNK AD 45 2.31 45.17 -16.68
N UNK AD 46 3.20 44.53 -15.96
CA UNK AD 46 4.37 45.38 -15.73
C UNK AD 46 5.05 45.70 -17.05
N UNK AD 47 5.16 44.71 -17.92
CA UNK AD 47 5.78 44.89 -19.23
C UNK AD 47 5.00 45.89 -20.06
N UNK AD 48 3.68 45.80 -19.99
CA UNK AD 48 2.81 46.71 -20.73
C UNK AD 48 3.01 48.13 -20.21
N UNK AD 49 3.11 48.26 -18.89
CA UNK AD 49 3.32 49.56 -18.28
C UNK AD 49 4.69 50.10 -18.73
N UNK AD 50 5.66 49.20 -18.80
CA UNK AD 50 7.01 49.57 -19.20
C UNK AD 50 7.02 49.98 -20.67
N UNK AD 51 6.28 49.23 -21.50
CA UNK AD 51 6.18 49.51 -22.92
C UNK AD 51 5.53 50.86 -23.13
N UNK AD 52 4.50 51.16 -22.35
CA UNK AD 52 3.81 52.44 -22.44
C UNK AD 52 4.77 53.56 -22.09
N UNK AD 53 5.57 53.35 -21.05
CA UNK AD 53 6.54 54.34 -20.61
C UNK AD 53 7.58 54.58 -21.72
N UNK AD 54 8.00 53.50 -22.37
CA UNK AD 54 8.97 53.57 -23.45
C UNK AD 54 8.39 54.36 -24.62
N UNK AD 55 7.10 54.14 -24.91
CA UNK AD 55 6.42 54.84 -25.98
C UNK AD 55 6.35 56.32 -25.66
N UNK AD 56 6.09 56.64 -24.39
CA UNK AD 56 6.02 58.03 -23.94
C UNK AD 56 7.39 58.68 -24.12
N UNK AD 57 8.45 57.94 -23.79
CA UNK AD 57 9.82 58.45 -23.94
C UNK AD 57 10.11 58.71 -25.41
N UNK AD 58 9.66 57.81 -26.28
CA UNK AD 58 9.86 57.95 -27.70
C UNK AD 58 9.15 59.20 -28.20
N UNK AD 59 7.95 59.44 -27.70
CA UNK AD 59 7.18 60.62 -28.09
C UNK AD 59 7.92 61.87 -27.64
N UNK AD 60 8.46 61.82 -26.41
CA UNK AD 60 9.22 62.91 -25.85
C UNK AD 60 10.46 63.14 -26.71
N UNK AD 61 11.06 62.04 -27.13
CA UNK AD 61 12.25 62.12 -27.97
C UNK AD 61 11.90 62.74 -29.32
N UNK AD 62 10.76 62.35 -29.86
CA UNK AD 62 10.28 62.87 -31.13
C UNK AD 62 10.01 64.37 -31.02
N UNK AD 63 9.43 64.78 -29.90
CA UNK AD 63 9.12 66.18 -29.67
C UNK AD 63 10.40 67.00 -29.47
N ALA BD 1 48.27 6.44 -10.21
CA ALA BD 1 46.98 6.41 -10.90
C ALA BD 1 47.20 6.33 -12.40
N SER BD 2 48.47 6.39 -12.82
CA SER BD 2 48.77 6.31 -14.26
C SER BD 2 48.63 4.89 -14.77
N VAL BD 3 49.00 3.89 -13.95
CA VAL BD 3 48.82 2.50 -14.34
C VAL BD 3 47.36 2.09 -14.19
N VAL BD 4 46.56 2.92 -13.50
CA VAL BD 4 45.13 2.66 -13.44
C VAL BD 4 44.45 3.11 -14.73
N PRO BD 5 44.67 4.32 -15.23
CA PRO BD 5 44.00 4.71 -16.48
C PRO BD 5 44.59 4.06 -17.71
N LEU BD 6 45.86 3.66 -17.65
CA LEU BD 6 46.46 2.99 -18.80
C LEU BD 6 45.93 1.58 -18.94
N LYS BD 7 45.52 0.96 -17.83
CA LYS BD 7 44.96 -0.39 -17.90
C LYS BD 7 43.45 -0.34 -18.14
N ASP BD 8 42.90 0.85 -18.38
CA ASP BD 8 41.53 0.94 -18.82
C ASP BD 8 41.43 0.83 -20.34
N ARG BD 9 42.30 1.55 -21.04
CA ARG BD 9 42.26 1.54 -22.51
C ARG BD 9 42.77 0.20 -23.05
N ARG BD 10 43.85 -0.31 -22.47
CA ARG BD 10 44.40 -1.56 -22.98
C ARG BD 10 43.45 -2.74 -22.81
N LEU BD 11 42.85 -2.86 -21.63
CA LEU BD 11 41.91 -3.93 -21.38
C LEU BD 11 40.65 -3.80 -22.23
N LEU BD 12 40.14 -2.58 -22.30
CA LEU BD 12 38.93 -2.30 -23.07
C LEU BD 12 39.07 -2.51 -24.57
N GLU BD 13 40.20 -2.07 -25.13
CA GLU BD 13 40.41 -2.20 -26.56
C GLU BD 13 40.46 -3.65 -27.03
N VAL BD 14 41.17 -4.49 -26.29
CA VAL BD 14 41.26 -5.90 -26.66
C VAL BD 14 39.91 -6.56 -26.57
N LYS BD 15 39.18 -6.28 -25.49
CA LYS BD 15 37.85 -6.85 -25.28
C LYS BD 15 36.79 -6.37 -26.27
N LEU BD 16 36.80 -5.07 -26.56
CA LEU BD 16 35.79 -4.50 -27.46
C LEU BD 16 35.82 -5.00 -28.90
N GLY BD 17 37.00 -5.11 -29.49
CA GLY BD 17 37.08 -5.56 -30.87
C GLY BD 17 38.19 -6.51 -31.24
N GLU BD 18 39.42 -6.01 -31.35
CA GLU BD 18 40.51 -6.89 -31.76
C GLU BD 18 41.85 -6.68 -31.05
N LEU BD 19 42.57 -7.79 -30.88
CA LEU BD 19 43.89 -7.81 -30.27
C LEU BD 19 44.94 -7.33 -31.28
N ASP BD 27 47.50 -16.21 -30.90
CA ASP BD 27 46.44 -16.93 -30.22
C ASP BD 27 45.52 -15.89 -29.61
N PHE BD 28 45.96 -14.65 -29.72
CA PHE BD 28 45.25 -13.49 -29.19
C PHE BD 28 44.79 -12.58 -30.33
N THR BD 29 45.51 -12.58 -31.44
CA THR BD 29 45.04 -11.89 -32.62
C THR BD 29 43.79 -12.52 -33.19
N PRO BD 30 43.71 -13.85 -33.31
CA PRO BD 30 42.47 -14.44 -33.83
C PRO BD 30 41.34 -14.41 -32.82
N SER BD 31 41.64 -14.08 -31.56
CA SER BD 31 40.58 -13.87 -30.59
C SER BD 31 39.73 -12.67 -30.96
N GLY BD 32 40.33 -11.71 -31.64
CA GLY BD 32 39.54 -10.62 -32.19
C GLY BD 32 38.98 -10.94 -33.55
N ILE BD 33 39.37 -12.08 -34.13
CA ILE BD 33 38.86 -12.43 -35.46
C ILE BD 33 37.41 -12.88 -35.38
N ALA BD 34 37.07 -13.67 -34.37
CA ALA BD 34 35.67 -13.80 -34.02
C ALA BD 34 35.15 -12.50 -33.47
N GLY BD 35 35.94 -11.85 -32.62
CA GLY BD 35 35.59 -10.56 -32.04
C GLY BD 35 34.61 -10.64 -30.91
N ALA BD 36 34.63 -9.64 -30.03
CA ALA BD 36 33.56 -9.43 -29.06
C ALA BD 36 32.51 -8.48 -29.61
N PHE BD 37 32.47 -8.31 -30.94
CA PHE BD 37 31.47 -7.47 -31.57
C PHE BD 37 30.08 -8.07 -31.42
N GLN BD 38 30.00 -9.40 -31.33
CA GLN BD 38 28.73 -10.05 -31.01
C GLN BD 38 28.29 -9.68 -29.60
N ARG BD 39 29.25 -9.45 -28.70
CA ARG BD 39 28.91 -8.94 -27.39
C ARG BD 39 28.54 -7.46 -27.46
N GLY BD 40 29.19 -6.71 -28.35
CA GLY BD 40 28.92 -5.29 -28.41
C GLY BD 40 27.66 -4.96 -29.18
N TYR BD 41 27.03 -5.96 -29.77
CA TYR BD 41 26.03 -5.71 -30.81
C TYR BD 41 24.71 -5.25 -30.22
N TYR BD 42 24.33 -5.79 -29.06
CA TYR BD 42 22.92 -5.82 -28.69
C TYR BD 42 22.42 -4.49 -28.18
N ARG BD 43 23.28 -3.46 -28.15
CA ARG BD 43 22.88 -2.23 -27.51
C ARG BD 43 22.00 -1.37 -28.42
N TYR BD 44 22.24 -1.38 -29.73
CA TYR BD 44 21.53 -0.37 -30.50
C TYR BD 44 20.10 -0.77 -30.82
N TYR BD 45 19.87 -1.56 -31.88
CA TYR BD 45 18.80 -2.54 -31.88
C TYR BD 45 19.28 -3.85 -32.49
N ASN BD 46 19.57 -3.81 -33.80
CA ASN BD 46 20.31 -4.82 -34.53
C ASN BD 46 21.14 -4.18 -35.65
N LYS BD 47 20.75 -2.97 -36.05
CA LYS BD 47 20.95 -2.42 -37.40
C LYS BD 47 22.39 -2.19 -37.83
N TYR BD 48 23.28 -1.81 -36.92
CA TYR BD 48 24.68 -1.61 -37.29
C TYR BD 48 25.38 -2.95 -37.42
N VAL BD 49 25.09 -3.66 -38.50
CA VAL BD 49 25.49 -5.06 -38.65
C VAL BD 49 26.84 -5.15 -39.36
N ASN BD 50 27.32 -4.03 -39.87
CA ASN BD 50 28.49 -4.02 -40.74
C ASN BD 50 29.81 -4.04 -39.97
N VAL BD 51 29.78 -4.41 -38.70
CA VAL BD 51 30.95 -4.27 -37.84
C VAL BD 51 31.99 -5.37 -38.03
N LYS BD 52 31.83 -6.20 -39.08
CA LYS BD 52 32.61 -7.43 -39.23
C LYS BD 52 34.10 -7.14 -39.44
N LYS BD 53 34.42 -6.33 -40.42
CA LYS BD 53 35.80 -5.90 -40.60
C LYS BD 53 35.97 -4.39 -40.61
N GLY BD 54 34.90 -3.62 -40.84
CA GLY BD 54 34.90 -2.24 -40.41
C GLY BD 54 34.01 -2.13 -39.18
N SER BD 55 34.60 -2.15 -37.98
CA SER BD 55 33.85 -2.39 -36.75
C SER BD 55 33.22 -1.15 -36.15
N VAL BD 56 31.89 -1.05 -36.21
CA VAL BD 56 31.21 0.16 -35.76
C VAL BD 56 31.18 0.21 -34.25
N ALA BD 57 30.82 -0.90 -33.59
CA ALA BD 57 30.61 -0.89 -32.15
C ALA BD 57 31.94 -0.77 -31.40
N GLY BD 58 33.05 -1.06 -32.08
CA GLY BD 58 34.34 -0.74 -31.52
C GLY BD 58 34.59 0.75 -31.45
N LEU BD 59 34.19 1.48 -32.49
CA LEU BD 59 34.49 2.90 -32.53
C LEU BD 59 33.35 3.73 -31.95
N SER BD 60 32.10 3.34 -32.21
CA SER BD 60 30.97 4.22 -31.92
C SER BD 60 30.64 4.28 -30.43
N MET BD 61 31.43 3.62 -29.59
CA MET BD 61 31.24 3.75 -28.15
C MET BD 61 32.06 4.90 -27.59
N VAL BD 62 33.28 5.11 -28.10
CA VAL BD 62 34.10 6.24 -27.68
C VAL BD 62 33.43 7.54 -28.08
N LEU BD 63 32.91 7.61 -29.32
CA LEU BD 63 32.25 8.82 -29.79
C LEU BD 63 30.91 9.02 -29.11
N ALA BD 64 30.32 7.96 -28.57
CA ALA BD 64 29.13 8.15 -27.75
C ALA BD 64 29.51 8.55 -26.34
N ALA BD 65 30.74 8.27 -25.93
CA ALA BD 65 31.21 8.71 -24.63
C ALA BD 65 31.65 10.16 -24.67
N TYR BD 66 32.19 10.61 -25.80
CA TYR BD 66 32.70 11.97 -25.91
C TYR BD 66 31.55 12.96 -26.10
N VAL BD 67 30.37 12.49 -26.48
CA VAL BD 67 29.22 13.39 -26.55
C VAL BD 67 28.65 13.66 -25.18
N VAL BD 68 28.41 12.60 -24.39
CA VAL BD 68 27.76 12.78 -23.09
C VAL BD 68 28.75 13.38 -22.08
N PHE BD 69 30.04 13.31 -22.38
CA PHE BD 69 31.03 14.02 -21.57
C PHE BD 69 30.98 15.51 -21.87
N ASN BD 70 30.66 15.88 -23.10
CA ASN BD 70 30.56 17.29 -23.41
C ASN BD 70 29.15 17.82 -23.23
N TYR BD 71 28.21 16.96 -22.84
CA TYR BD 71 26.91 17.47 -22.49
C TYR BD 71 26.93 18.07 -21.09
N CYS BD 72 27.92 17.72 -20.28
CA CYS BD 72 27.97 18.21 -18.91
C CYS BD 72 28.39 19.67 -18.84
N ARG BD 73 29.36 20.07 -19.67
CA ARG BD 73 29.84 21.45 -19.63
C ARG BD 73 28.79 22.41 -20.16
N SER BD 74 28.01 21.97 -21.14
CA SER BD 74 27.03 22.85 -21.75
C SER BD 74 25.80 23.01 -20.87
N TYR BD 75 25.67 22.18 -19.83
CA TYR BD 75 24.42 22.10 -19.08
C TYR BD 75 24.18 23.37 -18.27
N LYS BD 76 25.25 24.00 -17.81
CA LYS BD 76 25.13 25.19 -16.98
C LYS BD 76 24.59 26.37 -17.79
N GLU BD 77 24.90 26.40 -19.08
CA GLU BD 77 24.58 27.58 -19.88
C GLU BD 77 23.16 27.55 -20.41
N LEU BD 78 22.70 26.39 -20.89
CA LEU BD 78 21.42 26.27 -21.58
C LEU BD 78 20.33 25.69 -20.68
N LYS BD 79 20.25 26.16 -19.44
CA LYS BD 79 19.34 25.72 -18.39
C LYS BD 79 17.88 25.50 -18.80
N HIS BD 80 17.12 26.56 -19.12
CA HIS BD 80 15.83 26.57 -19.81
C HIS BD 80 14.68 25.87 -19.06
N GLU BD 81 14.97 25.22 -17.95
CA GLU BD 81 13.99 24.36 -17.31
C GLU BD 81 13.11 25.17 -16.35
N ARG BD 82 11.81 24.92 -16.41
CA ARG BD 82 10.86 25.60 -15.56
C ARG BD 82 10.83 24.94 -14.18
N LEU BD 83 9.78 25.27 -13.41
CA LEU BD 83 9.57 24.68 -12.09
C LEU BD 83 8.74 23.39 -12.20
N ARG BD 84 9.18 22.53 -13.13
CA ARG BD 84 8.45 21.33 -13.49
C ARG BD 84 9.37 20.42 -14.28
N LYS BD 85 8.75 19.43 -14.92
CA LYS BD 85 9.42 18.55 -15.85
C LYS BD 85 8.82 18.72 -17.24
N TYR BD 86 9.58 18.22 -18.22
CA TYR BD 86 9.28 18.29 -19.65
C TYR BD 86 7.84 18.19 -20.11
N HIS BD 87 7.70 18.11 -21.43
CA HIS BD 87 6.42 18.01 -22.09
C HIS BD 87 5.57 16.91 -21.48
N UNK CD 1 -10.64 -10.27 -13.17
CA UNK CD 1 -11.63 -11.20 -12.64
C UNK CD 1 -11.65 -11.14 -11.12
N UNK CD 2 -12.66 -11.77 -10.52
CA UNK CD 2 -12.74 -11.89 -9.07
C UNK CD 2 -11.70 -12.89 -8.60
N UNK CD 3 -11.45 -13.89 -9.44
CA UNK CD 3 -10.38 -14.85 -9.21
C UNK CD 3 -9.02 -14.21 -9.49
N UNK CD 4 -9.07 -13.45 -10.58
CA UNK CD 4 -7.86 -12.84 -11.14
C UNK CD 4 -7.28 -11.99 -10.05
N UNK CD 5 -8.14 -11.28 -9.34
CA UNK CD 5 -7.71 -10.53 -8.20
C UNK CD 5 -7.20 -11.55 -7.18
N UNK CD 6 -7.91 -12.65 -6.95
CA UNK CD 6 -7.45 -13.62 -5.98
C UNK CD 6 -6.10 -14.23 -6.35
N UNK CD 7 -5.92 -14.62 -7.60
CA UNK CD 7 -4.65 -15.21 -8.01
C UNK CD 7 -3.51 -14.21 -7.85
N UNK CD 8 -3.81 -12.97 -8.28
CA UNK CD 8 -2.83 -11.90 -8.21
C UNK CD 8 -2.47 -11.63 -6.76
N UNK CD 9 -3.48 -11.64 -5.90
CA UNK CD 9 -3.33 -11.38 -4.50
C UNK CD 9 -2.45 -12.45 -3.91
N UNK CD 10 -2.65 -13.70 -4.28
CA UNK CD 10 -1.83 -14.76 -3.72
C UNK CD 10 -0.37 -14.52 -4.10
N UNK CD 11 -0.13 -14.21 -5.37
CA UNK CD 11 1.26 -13.99 -5.77
C UNK CD 11 1.88 -12.80 -5.03
N UNK CD 12 1.08 -11.75 -4.94
CA UNK CD 12 1.49 -10.51 -4.31
C UNK CD 12 1.76 -10.72 -2.85
N UNK CD 13 0.93 -11.51 -2.20
CA UNK CD 13 1.04 -11.81 -0.79
C UNK CD 13 2.32 -12.53 -0.55
N UNK CD 14 2.62 -13.49 -1.43
CA UNK CD 14 3.85 -14.22 -1.27
C UNK CD 14 5.01 -13.24 -1.40
N UNK CD 15 4.97 -12.39 -2.41
CA UNK CD 15 6.04 -11.45 -2.61
C UNK CD 15 6.17 -10.51 -1.43
N UNK CD 16 5.05 -10.03 -0.92
CA UNK CD 16 5.02 -9.09 0.17
C UNK CD 16 5.60 -9.68 1.43
N UNK CD 17 5.23 -10.92 1.71
CA UNK CD 17 5.75 -11.59 2.90
C UNK CD 17 7.23 -11.75 2.74
N UNK CD 18 7.59 -12.22 1.54
CA UNK CD 18 8.95 -12.38 1.20
C UNK CD 18 9.47 -10.97 1.21
N UNK CD 19 8.64 -10.00 0.79
CA UNK CD 19 9.35 -8.74 0.67
C UNK CD 19 9.71 -8.20 2.05
N UNK CD 20 8.77 -8.30 2.97
CA UNK CD 20 8.92 -7.83 4.32
C UNK CD 20 10.01 -8.58 5.04
N UNK CD 21 10.09 -9.88 4.80
CA UNK CD 21 11.08 -10.74 5.40
C UNK CD 21 12.45 -10.30 4.92
N UNK CD 22 12.55 -10.01 3.63
CA UNK CD 22 13.81 -9.52 3.09
C UNK CD 22 14.16 -8.18 3.74
N UNK CD 23 13.16 -7.33 3.89
CA UNK CD 23 13.31 -6.02 4.49
C UNK CD 23 13.78 -6.15 5.94
N UNK CD 24 13.20 -7.10 6.64
CA UNK CD 24 13.51 -7.36 8.03
C UNK CD 24 14.94 -7.81 8.14
N UNK CD 25 15.36 -8.67 7.22
CA UNK CD 25 16.71 -9.15 7.23
C UNK CD 25 17.64 -7.96 7.04
N UNK CD 26 17.33 -7.08 6.08
CA UNK CD 26 18.17 -5.91 5.85
C UNK CD 26 18.22 -4.98 7.06
N UNK CD 27 17.08 -4.81 7.72
CA UNK CD 27 16.96 -3.94 8.87
C UNK CD 27 17.85 -4.46 9.99
N UNK CD 28 17.82 -5.79 10.17
CA UNK CD 28 18.63 -6.43 11.19
C UNK CD 28 20.09 -6.22 10.82
N UNK CD 29 20.36 -6.42 9.54
CA UNK CD 29 21.67 -6.26 9.00
C UNK CD 29 22.05 -4.82 9.21
N UNK CD 30 21.15 -3.86 8.99
CA UNK CD 30 21.71 -2.55 9.27
C UNK CD 30 21.90 -2.38 10.77
N UNK CD 31 20.94 -2.89 11.55
CA UNK CD 31 20.88 -2.64 12.99
C UNK CD 31 22.02 -3.30 13.76
N UNK CD 32 22.27 -4.57 13.48
CA UNK CD 32 23.30 -5.31 14.19
C UNK CD 32 24.69 -4.85 13.77
N UNK CD 33 24.78 -4.33 12.55
CA UNK CD 33 26.05 -3.84 12.02
C UNK CD 33 26.37 -2.47 12.62
N UNK CD 34 25.41 -1.56 12.54
CA UNK CD 34 25.63 -0.16 12.93
C UNK CD 34 25.16 0.15 14.35
N UNK CD 35 25.28 -0.82 15.25
CA UNK CD 35 24.93 -0.59 16.65
C UNK CD 35 26.15 -0.10 17.42
N UNK CD 36 27.33 -0.27 16.84
CA UNK CD 36 28.57 0.14 17.46
C UNK CD 36 28.86 1.61 17.22
N UNK CD 37 30.09 2.02 17.53
CA UNK CD 37 30.57 3.40 17.35
C UNK CD 37 30.56 3.84 15.87
N UNK CD 38 30.88 2.84 15.01
CA UNK CD 38 31.01 2.67 13.53
C UNK CD 38 32.33 2.02 13.17
N UNK CD 39 32.26 0.69 13.09
CA UNK CD 39 33.38 -0.13 12.69
C UNK CD 39 32.93 -0.76 11.38
N UNK CD 40 31.64 -0.58 11.11
CA UNK CD 40 31.01 -1.10 9.89
C UNK CD 40 31.27 -2.59 9.60
N UNK CD 41 30.68 -3.04 8.49
CA UNK CD 41 30.85 -4.40 8.01
C UNK CD 41 30.98 -4.39 6.49
N UNK CD 42 31.92 -3.58 6.00
CA UNK CD 42 32.10 -3.36 4.56
C UNK CD 42 32.75 -4.56 3.89
N UNK CD 43 32.81 -4.50 2.55
CA UNK CD 43 33.47 -5.53 1.77
C UNK CD 43 34.95 -5.21 1.66
N UNK CD 44 35.65 -5.28 2.81
CA UNK CD 44 37.07 -4.94 2.98
C UNK CD 44 37.42 -3.54 2.47
N UNK CD 45 36.91 -2.52 3.14
CA UNK CD 45 37.12 -1.13 2.70
C UNK CD 45 38.53 -0.65 3.02
N UNK CD 46 39.32 -0.43 1.97
CA UNK CD 46 40.69 0.03 2.12
C UNK CD 46 41.10 0.79 0.87
N UNK CD 47 40.27 0.64 -0.17
CA UNK CD 47 40.40 1.32 -1.45
C UNK CD 47 41.76 1.13 -2.11
N UNK CD 48 41.96 -0.03 -2.77
CA UNK CD 48 43.14 -0.34 -3.59
C UNK CD 48 44.49 -0.16 -2.89
N UNK CD 49 44.73 -0.89 -1.82
CA UNK CD 49 45.95 -0.74 -1.03
C UNK CD 49 46.98 -1.83 -1.32
N UNK CD 50 46.91 -2.94 -0.59
CA UNK CD 50 47.88 -4.01 -0.73
C UNK CD 50 47.25 -5.31 -1.23
N UNK CD 51 45.96 -5.49 -0.94
CA UNK CD 51 45.23 -6.63 -1.46
C UNK CD 51 44.81 -6.34 -2.90
N UNK CD 52 44.99 -7.32 -3.77
CA UNK CD 52 44.62 -7.19 -5.17
C UNK CD 52 43.19 -7.63 -5.42
N UNK CD 53 42.49 -7.97 -4.33
CA UNK CD 53 41.10 -8.40 -4.40
C UNK CD 53 40.16 -7.21 -4.22
N UNK CD 54 40.65 -6.02 -4.49
CA UNK CD 54 39.84 -4.80 -4.46
C UNK CD 54 39.43 -4.41 -5.87
N UNK CD 55 39.50 -5.38 -6.77
CA UNK CD 55 38.95 -5.24 -8.10
C UNK CD 55 37.76 -6.17 -8.17
N UNK CD 56 37.95 -7.35 -7.58
CA UNK CD 56 36.89 -8.34 -7.45
C UNK CD 56 35.83 -7.82 -6.50
N UNK CD 57 36.28 -7.16 -5.42
CA UNK CD 57 35.37 -6.50 -4.50
C UNK CD 57 34.80 -5.23 -5.14
N UNK CD 58 35.50 -4.73 -6.15
CA UNK CD 58 35.00 -3.61 -6.95
C UNK CD 58 34.05 -4.12 -8.01
N UNK CD 59 33.92 -5.44 -8.10
CA UNK CD 59 32.88 -6.05 -8.88
C UNK CD 59 31.89 -6.75 -7.95
N UNK CD 60 32.20 -6.78 -6.66
CA UNK CD 60 31.31 -7.40 -5.68
C UNK CD 60 30.51 -6.33 -4.94
N UNK CD 61 30.99 -5.10 -5.00
CA UNK CD 61 30.27 -3.98 -4.39
C UNK CD 61 29.05 -3.66 -5.21
N UNK CD 62 29.27 -3.36 -6.49
CA UNK CD 62 28.22 -2.95 -7.41
C UNK CD 62 27.31 -4.11 -7.82
N UNK CD 63 27.73 -5.34 -7.55
CA UNK CD 63 26.87 -6.49 -7.77
C UNK CD 63 26.07 -6.74 -6.50
N UNK CD 64 26.57 -6.24 -5.39
CA UNK CD 64 25.75 -6.18 -4.19
C UNK CD 64 24.86 -4.97 -4.32
N UNK CD 65 25.32 -4.00 -5.10
CA UNK CD 65 24.51 -2.82 -5.41
C UNK CD 65 23.82 -3.00 -6.75
N UNK CD 66 23.71 -4.24 -7.19
CA UNK CD 66 22.95 -4.57 -8.39
C UNK CD 66 21.48 -4.53 -8.07
N UNK CD 67 21.19 -4.68 -6.78
CA UNK CD 67 19.85 -4.49 -6.28
C UNK CD 67 19.46 -3.03 -6.43
N UNK CD 68 20.43 -2.14 -6.23
CA UNK CD 68 20.18 -0.71 -6.22
C UNK CD 68 19.79 -0.20 -7.59
N UNK CD 69 20.25 -0.84 -8.64
CA UNK CD 69 19.95 -0.35 -9.97
C UNK CD 69 18.44 -0.29 -10.09
N UNK CD 70 17.75 -1.28 -9.54
CA UNK CD 70 16.30 -1.32 -9.58
C UNK CD 70 15.69 -0.12 -8.84
N UNK CD 71 16.30 0.27 -7.73
CA UNK CD 71 15.81 1.37 -6.94
C UNK CD 71 15.83 2.70 -7.71
N UNK CD 72 16.96 2.97 -8.35
CA UNK CD 72 17.11 4.20 -9.09
C UNK CD 72 16.07 4.21 -10.18
N UNK CD 73 15.91 3.06 -10.82
CA UNK CD 73 14.92 2.91 -11.87
C UNK CD 73 13.54 3.11 -11.29
N UNK CD 74 13.28 2.53 -10.12
CA UNK CD 74 11.97 2.67 -9.50
C UNK CD 74 11.68 4.13 -9.17
N UNK CD 75 12.69 4.82 -8.66
CA UNK CD 75 12.56 6.23 -8.30
C UNK CD 75 12.26 7.04 -9.53
N UNK CD 76 12.98 6.71 -10.60
CA UNK CD 76 12.82 7.38 -11.86
C UNK CD 76 11.42 7.14 -12.40
N UNK CD 77 10.90 5.93 -12.27
CA UNK CD 77 9.57 5.59 -12.74
C UNK CD 77 8.54 6.41 -12.00
N UNK CD 78 8.73 6.55 -10.69
CA UNK CD 78 7.77 7.34 -9.91
C UNK CD 78 7.80 8.79 -10.38
N UNK CD 79 9.01 9.30 -10.61
CA UNK CD 79 9.19 10.66 -11.07
C UNK CD 79 8.58 10.89 -12.46
N UNK CD 80 8.61 9.84 -13.28
CA UNK CD 80 7.95 9.95 -14.58
C UNK CD 80 6.78 10.94 -14.52
N GLN DD 1 63.36 10.24 -21.94
CA GLN DD 1 62.27 9.35 -22.38
C GLN DD 1 62.59 8.73 -23.73
N PHE DD 2 61.81 7.74 -24.13
CA PHE DD 2 62.00 7.08 -25.42
C PHE DD 2 61.05 7.63 -26.46
N GLN DD 3 60.53 8.84 -26.23
CA GLN DD 3 59.84 9.60 -27.26
C GLN DD 3 60.84 10.49 -28.00
N PHE DD 4 62.12 10.20 -27.83
CA PHE DD 4 63.20 10.93 -28.49
C PHE DD 4 63.97 10.08 -29.50
N THR DD 5 64.55 8.97 -29.08
CA THR DD 5 65.52 8.28 -29.93
C THR DD 5 64.85 7.47 -31.03
N GLY DD 6 63.53 7.34 -30.97
CA GLY DD 6 62.82 6.82 -32.13
C GLY DD 6 62.77 7.82 -33.26
N ILE DD 7 62.69 9.11 -32.93
CA ILE DD 7 62.62 10.17 -33.94
C ILE DD 7 63.74 11.19 -33.79
N LYS DD 8 64.90 10.77 -33.28
CA LYS DD 8 65.99 11.73 -33.12
C LYS DD 8 66.80 11.85 -34.40
N LYS DD 9 66.80 10.81 -35.21
CA LYS DD 9 67.45 10.90 -36.52
C LYS DD 9 66.66 11.82 -37.44
N TYR DD 10 65.36 11.98 -37.17
CA TYR DD 10 64.51 12.82 -38.00
C TYR DD 10 64.70 14.29 -37.66
N PHE DD 11 64.99 14.58 -36.39
CA PHE DD 11 64.90 15.97 -35.91
C PHE DD 11 65.99 16.84 -36.50
N ASN DD 12 67.26 16.51 -36.24
CA ASN DD 12 68.36 17.35 -36.72
C ASN DD 12 68.52 17.29 -38.24
N SER DD 13 67.78 16.41 -38.91
CA SER DD 13 67.64 16.50 -40.36
C SER DD 13 66.84 17.74 -40.76
N TYR DD 14 65.58 17.84 -40.32
CA TYR DD 14 64.71 18.87 -40.84
C TYR DD 14 64.38 19.99 -39.84
N THR DD 15 64.79 19.88 -38.57
CA THR DD 15 64.51 20.99 -37.66
C THR DD 15 65.49 22.14 -37.88
N LEU DD 16 66.46 21.95 -38.77
CA LEU DD 16 67.33 23.04 -39.19
C LEU DD 16 66.52 24.14 -39.84
N THR DD 17 65.44 23.78 -40.53
CA THR DD 17 64.57 24.79 -41.11
C THR DD 17 63.18 24.71 -40.48
N GLY DD 18 62.82 23.55 -39.96
CA GLY DD 18 61.45 23.36 -39.47
C GLY DD 18 61.24 23.92 -38.10
N ARG DD 19 62.30 23.99 -37.29
CA ARG DD 19 62.21 24.51 -35.94
C ARG DD 19 62.57 25.98 -35.89
N MET DD 20 61.82 26.75 -36.67
CA MET DD 20 61.91 28.20 -36.71
C MET DD 20 60.63 28.82 -36.16
N ASN DD 21 60.17 28.32 -35.01
CA ASN DD 21 58.96 28.85 -34.39
C ASN DD 21 59.20 30.22 -33.76
N CYS DD 22 60.42 30.74 -33.94
CA CYS DD 22 60.78 32.03 -33.38
C CYS DD 22 59.87 33.09 -33.97
N VAL DD 23 59.61 32.99 -35.27
CA VAL DD 23 58.72 33.93 -35.93
C VAL DD 23 57.32 33.77 -35.35
N LEU DD 24 56.91 32.51 -35.17
CA LEU DD 24 55.61 32.21 -34.61
C LEU DD 24 55.54 32.73 -33.18
N ALA DD 25 56.61 32.50 -32.43
CA ALA DD 25 56.68 32.96 -31.04
C ALA DD 25 56.63 34.47 -30.95
N THR DD 26 57.35 35.14 -31.84
CA THR DD 26 57.40 36.59 -31.84
C THR DD 26 56.03 37.18 -32.11
N TYR DD 27 55.32 36.59 -33.06
CA TYR DD 27 53.98 37.03 -33.42
C TYR DD 27 53.02 36.86 -32.25
N GLY DD 28 53.13 35.73 -31.56
CA GLY DD 28 52.27 35.45 -30.43
C GLY DD 28 52.42 36.42 -29.29
N GLY DD 29 53.66 36.78 -28.98
CA GLY DD 29 53.92 37.72 -27.91
C GLY DD 29 53.33 39.07 -28.21
N ILE DD 30 53.49 39.51 -29.45
CA ILE DD 30 52.94 40.80 -29.90
C ILE DD 30 51.42 40.79 -29.83
N ALA DD 31 50.82 39.67 -30.22
CA ALA DD 31 49.37 39.54 -30.22
C ALA DD 31 48.80 39.67 -28.80
N LEU DD 32 49.49 39.07 -27.83
CA LEU DD 32 49.02 39.16 -26.45
C LEU DD 32 49.07 40.62 -25.98
N LEU DD 33 50.14 41.32 -26.36
CA LEU DD 33 50.32 42.71 -25.95
C LEU DD 33 49.26 43.66 -26.50
N VAL DD 34 48.89 43.53 -27.77
CA VAL DD 34 47.89 44.43 -28.33
C VAL DD 34 46.54 44.25 -27.65
N LEU DD 35 46.18 43.01 -27.34
CA LEU DD 35 44.92 42.74 -26.66
C LEU DD 35 44.90 43.41 -25.30
N TYR DD 36 46.02 43.30 -24.59
CA TYR DD 36 46.17 43.92 -23.28
C TYR DD 36 46.09 45.44 -23.40
N PHE DD 37 46.70 45.97 -24.45
CA PHE DD 37 46.73 47.41 -24.70
C PHE DD 37 45.34 47.99 -24.91
N LYS DD 38 44.48 47.28 -25.65
CA LYS DD 38 43.13 47.77 -25.90
C LYS DD 38 42.25 47.62 -24.67
N LEU DD 39 42.54 46.63 -23.83
CA LEU DD 39 41.78 46.47 -22.59
C LEU DD 39 42.32 47.42 -21.52
N ARG DD 40 43.55 47.90 -21.70
CA ARG DD 40 44.07 48.93 -20.81
C ARG DD 40 43.39 50.27 -21.08
N SER DD 41 43.14 50.57 -22.34
CA SER DD 41 42.41 51.80 -22.66
C SER DD 41 40.91 51.57 -22.71
N LYS DD 42 40.49 50.30 -22.53
CA LYS DD 42 39.08 49.87 -22.48
C LYS DD 42 38.27 50.27 -23.71
N UNK ED 1 64.38 48.41 -74.45
CA UNK ED 1 65.45 47.66 -73.83
C UNK ED 1 64.96 46.33 -73.26
N UNK ED 2 64.29 45.53 -74.08
CA UNK ED 2 63.94 44.18 -73.69
C UNK ED 2 65.21 43.35 -73.75
N UNK ED 3 65.41 42.49 -72.74
CA UNK ED 3 66.60 41.66 -72.56
C UNK ED 3 67.92 42.44 -72.54
N UNK ED 4 67.87 43.69 -72.07
CA UNK ED 4 69.07 44.48 -71.81
C UNK ED 4 69.56 44.14 -70.40
N UNK ED 5 68.70 44.44 -69.43
CA UNK ED 5 68.74 43.78 -68.12
C UNK ED 5 67.93 42.52 -68.31
N UNK ED 6 68.61 41.46 -68.74
CA UNK ED 6 67.96 40.30 -69.33
C UNK ED 6 67.22 39.41 -68.33
N UNK ED 7 66.89 38.20 -68.78
CA UNK ED 7 66.18 37.23 -67.96
C UNK ED 7 67.12 36.67 -66.90
N UNK ED 8 67.60 35.44 -67.10
CA UNK ED 8 68.61 34.77 -66.26
C UNK ED 8 68.35 34.72 -64.76
N UNK ED 9 67.09 34.88 -64.36
CA UNK ED 9 66.62 34.94 -62.96
C UNK ED 9 67.26 36.06 -62.13
N UNK ED 10 66.84 36.14 -60.86
CA UNK ED 10 67.38 37.04 -59.82
C UNK ED 10 67.50 38.51 -60.17
N UNK ED 11 68.38 38.80 -61.13
CA UNK ED 11 68.74 40.17 -61.52
C UNK ED 11 67.59 41.02 -62.06
N UNK ED 12 66.47 40.40 -62.42
CA UNK ED 12 65.32 41.15 -62.86
C UNK ED 12 64.61 41.80 -61.68
N UNK ED 13 64.41 41.02 -60.61
CA UNK ED 13 63.59 41.45 -59.48
C UNK ED 13 64.40 41.99 -58.31
N UNK ED 14 65.69 41.69 -58.24
CA UNK ED 14 66.50 42.27 -57.17
C UNK ED 14 66.48 43.79 -57.40
N UNK ED 15 66.56 44.18 -58.67
CA UNK ED 15 66.53 45.58 -59.09
C UNK ED 15 65.20 46.22 -58.71
N UNK ED 16 64.11 45.48 -58.83
CA UNK ED 16 62.79 46.00 -58.46
C UNK ED 16 62.76 46.33 -56.98
N UNK ED 17 63.34 45.45 -56.17
CA UNK ED 17 63.42 45.66 -54.72
C UNK ED 17 64.27 46.89 -54.43
N UNK ED 18 65.35 47.04 -55.18
CA UNK ED 18 66.24 48.20 -55.02
C UNK ED 18 65.49 49.48 -55.34
N UNK ED 19 64.66 49.44 -56.40
CA UNK ED 19 63.85 50.56 -56.83
C UNK ED 19 62.85 50.93 -55.72
N UNK ED 20 62.27 49.90 -55.09
CA UNK ED 20 61.34 50.13 -54.00
C UNK ED 20 62.06 50.82 -52.85
N UNK ED 21 63.28 50.38 -52.56
CA UNK ED 21 64.08 50.98 -51.51
C UNK ED 21 64.37 52.45 -51.83
N UNK ED 22 64.67 52.73 -53.09
CA UNK ED 22 64.95 54.08 -53.55
C UNK ED 22 63.72 54.96 -53.37
N UNK ED 23 62.55 54.40 -53.68
CA UNK ED 23 61.29 55.12 -53.52
C UNK ED 23 61.06 55.44 -52.05
N UNK ED 24 61.37 54.48 -51.18
CA UNK ED 24 61.24 54.68 -49.75
C UNK ED 24 62.17 55.80 -49.28
N UNK ED 25 63.39 55.82 -49.81
CA UNK ED 25 64.36 56.84 -49.45
C UNK ED 25 63.85 58.21 -49.87
N UNK ED 26 63.24 58.27 -51.05
CA UNK ED 26 62.67 59.52 -51.58
C UNK ED 26 61.59 60.02 -50.64
N UNK ED 27 60.77 59.09 -50.14
CA UNK ED 27 59.69 59.43 -49.22
C UNK ED 27 60.29 60.00 -47.93
N UNK ED 28 61.38 59.40 -47.46
CA UNK ED 28 62.05 59.87 -46.26
C UNK ED 28 62.60 61.28 -46.46
N UNK ED 29 63.14 61.53 -47.65
CA UNK ED 29 63.70 62.82 -48.01
C UNK ED 29 64.67 63.36 -46.94
N ASP FD 5 33.59 33.88 -28.82
CA ASP FD 5 33.20 33.91 -30.23
C ASP FD 5 34.33 34.56 -31.01
N THR FD 6 34.23 35.87 -31.18
CA THR FD 6 35.32 36.67 -31.72
C THR FD 6 36.38 36.75 -30.62
N SER FD 7 37.19 35.69 -30.54
CA SER FD 7 37.45 35.05 -29.26
C SER FD 7 38.16 35.88 -28.20
N THR FD 8 39.51 35.89 -28.17
CA THR FD 8 40.51 36.95 -27.89
C THR FD 8 41.84 36.29 -27.53
N TRP FD 9 42.91 37.08 -27.51
CA TRP FD 9 43.99 36.98 -26.52
C TRP FD 9 44.96 35.79 -26.61
N PHE FD 10 44.57 34.70 -27.27
CA PHE FD 10 45.44 33.71 -27.93
C PHE FD 10 46.52 32.96 -27.14
N ILE FD 11 46.66 33.13 -25.81
CA ILE FD 11 47.77 32.50 -25.08
C ILE FD 11 47.56 31.00 -24.96
N THR FD 12 46.33 30.57 -25.22
CA THR FD 12 45.83 29.21 -25.24
C THR FD 12 46.33 28.50 -26.48
N ILE FD 13 45.48 27.68 -27.09
CA ILE FD 13 45.69 26.43 -27.80
C ILE FD 13 47.04 26.16 -28.44
N THR FD 14 47.75 27.19 -28.92
CA THR FD 14 48.87 26.98 -29.84
C THR FD 14 50.07 26.31 -29.17
N SER FD 15 50.14 26.35 -27.84
CA SER FD 15 51.19 25.60 -27.17
C SER FD 15 50.76 24.16 -26.95
N MET FD 16 49.48 23.89 -27.16
CA MET FD 16 48.99 22.53 -27.01
C MET FD 16 48.80 21.86 -28.35
N ILE FD 17 49.35 22.46 -29.42
CA ILE FD 17 49.29 21.84 -30.74
C ILE FD 17 50.61 21.14 -31.07
N MET FD 18 51.72 21.61 -30.48
CA MET FD 18 52.99 21.04 -30.88
C MET FD 18 53.33 19.85 -30.01
N THR FD 19 52.66 19.73 -28.87
CA THR FD 19 52.72 18.48 -28.14
C THR FD 19 51.99 17.39 -28.92
N LEU FD 20 51.01 17.77 -29.74
CA LEU FD 20 50.29 16.77 -30.52
C LEU FD 20 51.15 16.24 -31.65
N PHE FD 21 52.08 17.05 -32.15
CA PHE FD 21 52.93 16.58 -33.23
C PHE FD 21 54.18 15.89 -32.68
N ILE FD 22 54.11 15.46 -31.42
CA ILE FD 22 54.98 14.39 -30.95
C ILE FD 22 54.19 13.08 -30.95
N LEU FD 23 52.87 13.16 -30.87
CA LEU FD 23 52.06 11.94 -30.94
C LEU FD 23 51.98 11.41 -32.36
N PHE FD 24 51.59 12.28 -33.30
CA PHE FD 24 51.29 11.80 -34.65
C PHE FD 24 52.54 11.38 -35.39
N GLN FD 25 53.69 11.87 -34.98
CA GLN FD 25 54.93 11.38 -35.56
C GLN FD 25 55.42 10.14 -34.84
N LEU FD 26 54.66 9.67 -33.84
CA LEU FD 26 55.02 8.42 -33.21
C LEU FD 26 54.20 7.27 -33.77
N LYS FD 27 52.91 7.50 -34.00
CA LYS FD 27 52.05 6.44 -34.50
C LYS FD 27 52.35 6.13 -35.95
N ILE FD 28 52.37 7.16 -36.79
CA ILE FD 28 52.35 7.02 -38.25
C ILE FD 28 53.75 6.63 -38.71
N SER FD 29 54.73 6.78 -37.83
CA SER FD 29 56.10 6.40 -38.16
C SER FD 29 56.25 4.89 -38.23
N ASN FD 30 55.41 4.15 -37.51
CA ASN FD 30 55.47 2.70 -37.55
C ASN FD 30 54.41 2.19 -38.50
N TYR FD 31 54.57 2.46 -39.78
CA TYR FD 31 53.60 2.00 -40.76
C TYR FD 31 54.22 1.06 -41.78
N SER FD 32 53.65 -0.13 -41.92
CA SER FD 32 54.14 -1.08 -42.90
C SER FD 32 53.72 -0.56 -44.26
N TYR FD 33 54.63 -0.62 -45.22
CA TYR FD 33 54.33 -0.14 -46.57
C TYR FD 33 54.51 -1.26 -47.58
N PRO FD 34 53.52 -1.43 -48.44
CA PRO FD 34 53.61 -2.47 -49.48
C PRO FD 34 54.77 -2.19 -50.42
N ALA FD 35 54.96 -0.92 -50.78
CA ALA FD 35 56.04 -0.52 -51.66
C ALA FD 35 57.40 -0.81 -51.05
N SER FD 36 57.54 -0.52 -49.76
CA SER FD 36 58.81 -0.76 -49.05
C SER FD 36 59.12 -2.25 -49.04
N PRO FD 37 58.09 -3.05 -48.80
CA PRO FD 37 58.19 -4.51 -48.77
C PRO FD 37 58.59 -5.04 -50.14
N GLU FD 38 58.02 -4.43 -51.18
CA GLU FD 38 58.31 -4.81 -52.55
C GLU FD 38 59.79 -4.57 -52.81
N SER FD 39 60.33 -3.47 -52.28
CA SER FD 39 61.74 -3.17 -52.49
C SER FD 39 62.68 -4.13 -51.77
N ILE FD 40 62.16 -5.00 -50.91
CA ILE FD 40 62.98 -6.04 -50.32
C ILE FD 40 62.74 -7.39 -50.99
N GLU FD 41 62.14 -7.37 -52.18
CA GLU FD 41 61.77 -8.59 -52.87
C GLU FD 41 62.88 -9.15 -53.76
N LEU FD 42 63.79 -8.31 -54.24
CA LEU FD 42 64.82 -8.79 -55.15
C LEU FD 42 66.18 -8.92 -54.49
N LYS FD 43 66.29 -8.54 -53.21
CA LYS FD 43 67.59 -8.56 -52.52
C LYS FD 43 68.08 -9.96 -52.20
N THR FD 44 67.21 -10.97 -52.22
CA THR FD 44 67.63 -12.32 -51.87
C THR FD 44 68.06 -13.16 -53.08
N GLN FD 45 67.63 -12.78 -54.28
CA GLN FD 45 67.82 -13.64 -55.45
C GLN FD 45 69.26 -13.59 -55.98
N LYS FD 46 69.76 -12.41 -56.33
CA LYS FD 46 70.98 -12.30 -57.12
C LYS FD 46 72.25 -12.48 -56.31
N HIS FD 47 72.15 -12.57 -54.98
CA HIS FD 47 73.30 -13.02 -54.21
C HIS FD 47 73.52 -14.52 -54.36
N SER FD 48 72.42 -15.28 -54.34
CA SER FD 48 72.49 -16.73 -54.58
C SER FD 48 72.74 -17.05 -56.05
N THR FD 49 72.38 -16.14 -56.96
CA THR FD 49 72.60 -16.37 -58.38
C THR FD 49 74.08 -16.35 -58.74
N PRO FD 50 74.84 -15.39 -58.20
CA PRO FD 50 76.28 -15.41 -58.39
C PRO FD 50 76.96 -16.45 -57.50
N TRP FD 51 76.27 -16.88 -56.44
CA TRP FD 51 76.76 -18.00 -55.63
C TRP FD 51 76.72 -19.30 -56.42
N GLU FD 52 75.81 -19.42 -57.38
CA GLU FD 52 75.87 -20.52 -58.33
C GLU FD 52 77.12 -20.43 -59.20
N MET FD 53 77.56 -19.22 -59.51
CA MET FD 53 78.81 -19.04 -60.25
C MET FD 53 80.01 -19.08 -59.31
N LYS FD 54 79.78 -19.05 -57.99
CA LYS FD 54 80.88 -19.21 -57.05
C LYS FD 54 81.37 -20.65 -57.02
N TRP FD 55 80.48 -21.61 -57.31
CA TRP FD 55 80.91 -23.00 -57.47
C TRP FD 55 81.28 -23.31 -58.92
N THR FD 56 80.87 -22.45 -59.85
CA THR FD 56 81.25 -22.65 -61.24
C THR FD 56 82.69 -22.23 -61.49
N LYS FD 57 83.21 -21.29 -60.68
CA LYS FD 57 84.62 -20.94 -60.76
C LYS FD 57 85.46 -21.81 -59.83
N ILE FD 58 84.86 -22.29 -58.73
CA ILE FD 58 85.56 -23.18 -57.82
C ILE FD 58 85.82 -24.55 -58.43
N TYR FD 59 85.01 -24.95 -59.42
CA TYR FD 59 85.31 -26.16 -60.17
C TYR FD 59 86.14 -25.86 -61.41
N LEU FD 60 85.63 -25.02 -62.32
CA LEU FD 60 86.33 -24.73 -63.57
C LEU FD 60 87.43 -23.71 -63.36
N ASN GD 2 -0.34 34.01 -47.33
CA ASN GD 2 -0.02 34.03 -45.91
C ASN GD 2 -0.30 32.67 -45.27
N GLU GD 3 0.34 31.63 -45.80
CA GLU GD 3 0.09 30.26 -45.35
C GLU GD 3 1.12 29.81 -44.34
N ASN GD 4 2.39 29.79 -44.76
CA ASN GD 4 3.47 29.22 -43.99
C ASN GD 4 4.39 30.33 -43.51
N LEU GD 5 4.21 30.71 -42.25
CA LEU GD 5 5.02 31.75 -41.64
C LEU GD 5 6.19 31.08 -40.93
N PHE GD 6 7.39 31.33 -41.44
CA PHE GD 6 8.61 30.92 -40.74
C PHE GD 6 8.72 31.69 -39.43
N ALA GD 7 9.47 31.13 -38.49
CA ALA GD 7 9.80 31.80 -37.24
C ALA GD 7 11.31 31.90 -37.13
N SER GD 8 11.77 32.63 -36.13
CA SER GD 8 13.18 32.65 -35.77
C SER GD 8 13.29 32.75 -34.26
N PHE GD 9 14.45 32.35 -33.73
CA PHE GD 9 14.77 32.53 -32.33
C PHE GD 9 16.05 33.33 -32.24
N ILE GD 10 16.08 34.30 -31.34
CA ILE GD 10 17.25 35.16 -31.13
C ILE GD 10 18.01 34.62 -29.94
N ALA GD 11 19.19 34.08 -30.18
CA ALA GD 11 19.99 33.50 -29.12
C ALA GD 11 21.45 33.63 -29.50
N PRO GD 12 22.34 33.89 -28.54
CA PRO GD 12 23.76 34.03 -28.87
C PRO GD 12 24.39 32.70 -29.24
N THR GD 13 25.18 32.71 -30.29
CA THR GD 13 25.85 31.54 -30.83
C THR GD 13 27.29 31.52 -30.31
N MET GD 14 27.59 30.57 -29.43
CA MET GD 14 28.73 30.67 -28.54
C MET GD 14 29.83 29.70 -28.92
N MET GD 15 30.93 30.24 -29.43
CA MET GD 15 32.18 29.51 -29.55
C MET GD 15 33.00 29.74 -28.29
N GLY GD 16 32.59 29.11 -27.20
CA GLY GD 16 33.32 29.25 -25.95
C GLY GD 16 34.68 28.60 -25.95
N LEU GD 17 35.40 28.70 -24.86
CA LEU GD 17 36.72 28.08 -24.88
C LEU GD 17 36.91 27.22 -23.63
N PRO GD 18 36.39 26.00 -23.60
CA PRO GD 18 36.69 25.09 -22.49
C PRO GD 18 38.09 24.51 -22.62
N ILE GD 19 38.38 23.55 -21.74
CA ILE GD 19 39.73 23.02 -21.54
C ILE GD 19 40.20 22.26 -22.77
N VAL GD 20 41.11 22.86 -23.51
CA VAL GD 20 41.43 22.42 -24.87
C VAL GD 20 42.46 21.32 -24.93
N THR GD 21 43.41 21.26 -24.00
CA THR GD 21 44.55 20.36 -24.19
C THR GD 21 44.17 18.91 -23.92
N LEU GD 22 42.96 18.66 -23.44
CA LEU GD 22 42.40 17.32 -23.50
C LEU GD 22 41.79 17.04 -24.85
N ILE GD 23 41.14 18.05 -25.43
CA ILE GD 23 40.37 17.84 -26.64
C ILE GD 23 41.28 17.68 -27.84
N ILE GD 24 42.48 18.25 -27.77
CA ILE GD 24 43.45 18.08 -28.84
C ILE GD 24 44.01 16.67 -28.85
N MET GD 25 44.30 16.14 -27.67
CA MET GD 25 44.95 14.84 -27.58
C MET GD 25 44.01 13.70 -27.94
N PHE GD 26 42.70 13.95 -27.91
CA PHE GD 26 41.74 12.86 -28.00
C PHE GD 26 41.65 12.23 -29.38
N PRO GD 27 41.69 12.95 -30.51
CA PRO GD 27 41.79 12.21 -31.79
C PRO GD 27 43.17 11.68 -32.11
N SER GD 28 44.04 11.49 -31.14
CA SER GD 28 45.20 10.64 -31.37
C SER GD 28 44.89 9.21 -30.97
N LEU GD 29 44.12 9.03 -29.92
CA LEU GD 29 43.87 7.69 -29.40
C LEU GD 29 42.74 6.98 -30.14
N LEU GD 30 42.17 7.62 -31.17
CA LEU GD 30 41.25 6.91 -32.05
C LEU GD 30 42.02 6.03 -33.03
N PHE GD 31 43.28 6.32 -33.25
CA PHE GD 31 44.08 5.54 -34.20
C PHE GD 31 45.12 4.75 -33.42
N PRO GD 32 45.05 3.43 -33.44
CA PRO GD 32 46.09 2.62 -32.80
C PRO GD 32 47.15 2.21 -33.81
N THR GD 33 48.21 1.61 -33.30
CA THR GD 33 49.29 1.12 -34.14
C THR GD 33 49.74 -0.28 -33.72
N PRO GD 34 49.69 -1.25 -34.62
CA PRO GD 34 49.97 -2.63 -34.19
C PRO GD 34 51.39 -3.05 -34.47
N LYS GD 35 51.95 -3.80 -33.54
CA LYS GD 35 53.26 -4.44 -33.69
C LYS GD 35 53.13 -5.89 -34.13
N ARG GD 36 52.39 -6.13 -35.21
CA ARG GD 36 52.12 -7.49 -35.67
C ARG GD 36 52.12 -7.50 -37.19
N LEU GD 37 52.21 -8.69 -37.78
CA LEU GD 37 52.23 -8.75 -39.23
C LEU GD 37 50.82 -8.62 -39.80
N ILE GD 38 49.97 -9.58 -39.51
CA ILE GD 38 48.57 -9.43 -39.85
C ILE GD 38 47.90 -8.64 -38.74
N ASN GD 39 47.04 -7.70 -39.11
CA ASN GD 39 46.37 -6.89 -38.12
C ASN GD 39 44.91 -7.26 -38.01
N ASN GD 40 44.13 -6.42 -37.33
CA ASN GD 40 42.90 -6.85 -36.70
C ASN GD 40 41.70 -6.13 -37.28
N ARG GD 41 41.67 -5.95 -38.61
CA ARG GD 41 40.52 -5.57 -39.44
C ARG GD 41 39.79 -4.30 -38.99
N THR GD 42 40.39 -3.48 -38.14
CA THR GD 42 39.94 -2.11 -37.93
C THR GD 42 41.10 -1.14 -38.01
N ILE GD 43 42.33 -1.58 -37.77
CA ILE GD 43 43.48 -0.80 -38.19
C ILE GD 43 43.73 -1.04 -39.66
N SER GD 44 43.34 -2.21 -40.17
CA SER GD 44 43.70 -2.60 -41.53
C SER GD 44 42.99 -1.77 -42.58
N ILE GD 45 41.90 -1.10 -42.23
CA ILE GD 45 41.31 -0.16 -43.18
C ILE GD 45 41.74 1.27 -42.86
N GLN GD 46 42.46 1.46 -41.77
CA GLN GD 46 43.16 2.73 -41.59
C GLN GD 46 44.51 2.66 -42.31
N GLN GD 47 45.15 1.49 -42.28
CA GLN GD 47 46.46 1.32 -42.89
C GLN GD 47 46.37 1.35 -44.41
N TRP GD 48 45.23 0.97 -44.96
CA TRP GD 48 45.06 1.04 -46.40
C TRP GD 48 44.78 2.45 -46.85
N LEU GD 49 44.12 3.23 -46.00
CA LEU GD 49 43.66 4.57 -46.39
C LEU GD 49 44.83 5.52 -46.49
N ILE GD 50 45.93 5.22 -45.80
CA ILE GD 50 47.14 6.03 -45.90
C ILE GD 50 47.89 5.68 -47.18
N GLN GD 51 47.89 4.39 -47.52
CA GLN GD 51 48.65 3.94 -48.66
C GLN GD 51 48.16 4.69 -49.87
N LEU GD 52 46.86 4.86 -49.99
CA LEU GD 52 46.37 5.64 -51.12
C LEU GD 52 47.01 7.01 -51.18
N THR GD 53 46.72 7.85 -50.18
CA THR GD 53 47.06 9.26 -50.32
C THR GD 53 48.49 9.54 -49.89
N SER GD 54 49.28 8.49 -49.66
CA SER GD 54 50.72 8.69 -49.69
C SER GD 54 51.26 8.51 -51.09
N LYS GD 55 50.43 8.01 -52.00
CA LYS GD 55 50.88 7.85 -53.38
C LYS GD 55 50.37 8.98 -54.26
N GLN GD 56 49.98 10.11 -53.67
CA GLN GD 56 49.63 11.27 -54.49
C GLN GD 56 50.39 12.52 -54.04
N MET GD 57 50.83 12.55 -52.79
CA MET GD 57 51.78 13.58 -52.38
C MET GD 57 53.20 13.08 -52.51
N MET GD 58 53.40 11.93 -53.15
CA MET GD 58 54.74 11.45 -53.46
C MET GD 58 55.05 11.66 -54.93
N ALA GD 59 54.03 11.55 -55.78
CA ALA GD 59 54.27 11.40 -57.21
C ALA GD 59 54.75 12.70 -57.85
N ILE GD 60 54.25 13.83 -57.36
CA ILE GD 60 54.58 15.11 -57.99
C ILE GD 60 56.03 15.47 -57.74
N HIS GD 61 56.52 15.27 -56.51
CA HIS GD 61 57.77 15.88 -56.10
C HIS GD 61 58.97 15.20 -56.74
N ASN GD 62 59.17 13.91 -56.45
CA ASN GD 62 60.15 13.03 -57.10
C ASN GD 62 61.56 13.61 -57.05
N GLN GD 63 62.02 13.88 -55.85
CA GLN GD 63 63.29 14.56 -55.64
C GLN GD 63 63.98 13.94 -54.45
N LYS GD 64 64.94 14.68 -53.91
CA LYS GD 64 65.35 14.46 -52.54
C LYS GD 64 64.66 15.43 -51.62
N GLY GD 65 63.49 15.92 -52.02
CA GLY GD 65 62.55 16.60 -51.15
C GLY GD 65 61.42 15.66 -50.79
N GLN GD 66 61.65 14.37 -50.97
CA GLN GD 66 60.68 13.35 -50.59
C GLN GD 66 60.77 13.07 -49.11
N THR GD 67 61.83 13.53 -48.45
CA THR GD 67 61.99 13.32 -47.02
C THR GD 67 60.92 14.11 -46.25
N TRP GD 68 60.50 15.23 -46.83
CA TRP GD 68 59.52 16.08 -46.18
C TRP GD 68 58.12 15.47 -46.18
N SER GD 69 57.88 14.50 -47.07
CA SER GD 69 56.51 14.08 -47.35
C SER GD 69 55.99 13.09 -46.32
N LEU GD 70 56.86 12.53 -45.49
CA LEU GD 70 56.38 11.63 -44.46
C LEU GD 70 55.74 12.39 -43.30
N MET GD 71 55.97 13.70 -43.24
CA MET GD 71 55.29 14.54 -42.26
C MET GD 71 53.93 14.99 -42.78
N LEU GD 72 53.81 15.23 -44.08
CA LEU GD 72 52.62 15.86 -44.65
C LEU GD 72 51.42 14.94 -44.59
N MET GD 73 51.64 13.64 -44.36
CA MET GD 73 50.52 12.74 -44.15
C MET GD 73 50.12 12.67 -42.68
N SER GD 74 50.91 13.27 -41.80
CA SER GD 74 50.44 13.42 -40.43
C SER GD 74 49.61 14.67 -40.31
N LEU GD 75 49.89 15.65 -41.16
CA LEU GD 75 49.14 16.89 -41.16
C LEU GD 75 47.73 16.69 -41.70
N ILE GD 76 47.53 15.63 -42.48
CA ILE GD 76 46.22 15.44 -43.10
C ILE GD 76 45.32 14.62 -42.17
N MET GD 77 45.91 13.83 -41.28
CA MET GD 77 45.10 13.00 -40.39
C MET GD 77 44.62 13.78 -39.18
N PHE GD 78 45.35 14.83 -38.80
CA PHE GD 78 44.95 15.60 -37.62
C PHE GD 78 43.74 16.48 -37.94
N ILE GD 79 43.83 17.30 -38.98
CA ILE GD 79 42.68 18.14 -39.32
C ILE GD 79 41.70 17.39 -40.20
N GLY GD 80 42.06 16.18 -40.60
CA GLY GD 80 41.06 15.28 -41.13
C GLY GD 80 40.18 14.70 -40.04
N SER GD 81 40.74 14.50 -38.86
CA SER GD 81 39.97 13.96 -37.76
C SER GD 81 39.29 15.06 -36.96
N THR GD 82 40.01 16.13 -36.65
CA THR GD 82 39.47 17.17 -35.77
C THR GD 82 38.48 18.07 -36.50
N ASN GD 83 38.22 17.82 -37.77
CA ASN GD 83 37.09 18.45 -38.43
C ASN GD 83 35.92 17.47 -38.54
N ILE GD 84 36.19 16.18 -38.36
CA ILE GD 84 35.14 15.18 -38.53
C ILE GD 84 34.54 14.78 -37.19
N LEU GD 85 35.27 15.02 -36.10
CA LEU GD 85 34.72 14.70 -34.78
C LEU GD 85 33.60 15.65 -34.42
N GLY GD 86 33.72 16.90 -34.82
CA GLY GD 86 32.82 17.94 -34.34
C GLY GD 86 31.41 17.92 -34.88
N LEU GD 87 31.11 16.99 -35.79
CA LEU GD 87 29.77 16.92 -36.34
C LEU GD 87 28.80 16.29 -35.35
N LEU GD 88 29.33 15.66 -34.31
CA LEU GD 88 28.57 15.04 -33.23
C LEU GD 88 27.71 16.07 -32.49
N PRO GD 89 26.70 15.62 -31.69
CA PRO GD 89 25.80 16.56 -30.98
C PRO GD 89 26.40 17.75 -30.22
N HIS GD 90 27.28 17.50 -29.25
CA HIS GD 90 27.80 18.61 -28.45
C HIS GD 90 29.32 18.58 -28.38
N SER GD 91 30.00 18.34 -29.49
CA SER GD 91 31.45 18.30 -29.44
C SER GD 91 32.07 19.64 -29.83
N PHE GD 92 33.36 19.74 -29.60
CA PHE GD 92 34.11 20.99 -29.76
C PHE GD 92 35.36 20.71 -30.59
N THR GD 93 35.52 21.47 -31.71
CA THR GD 93 36.61 21.41 -32.69
C THR GD 93 37.69 22.43 -32.35
N PRO GD 94 38.94 22.03 -32.23
CA PRO GD 94 40.00 23.02 -32.04
C PRO GD 94 40.32 23.85 -33.28
N THR GD 95 40.02 23.37 -34.50
CA THR GD 95 40.24 24.19 -35.69
C THR GD 95 39.11 25.17 -35.93
N THR GD 96 38.22 25.37 -34.97
CA THR GD 96 37.28 26.47 -35.05
C THR GD 96 37.96 27.79 -34.72
N GLN GD 97 38.78 27.80 -33.67
CA GLN GD 97 39.41 29.02 -33.21
C GLN GD 97 40.52 29.40 -34.17
N LEU GD 98 40.73 30.70 -34.35
CA LEU GD 98 41.67 31.17 -35.37
C LEU GD 98 43.11 31.16 -34.83
N SER GD 99 43.29 30.72 -33.59
CA SER GD 99 44.60 30.85 -32.95
C SER GD 99 45.59 29.83 -33.48
N MET GD 100 45.22 28.56 -33.47
CA MET GD 100 46.18 27.53 -33.82
C MET GD 100 46.44 27.48 -35.30
N ASN GD 101 45.49 27.96 -36.11
CA ASN GD 101 45.69 27.91 -37.56
C ASN GD 101 46.72 28.94 -38.00
N LEU GD 102 46.89 30.00 -37.22
CA LEU GD 102 48.01 30.92 -37.46
C LEU GD 102 49.29 30.36 -36.87
N GLY GD 103 49.21 29.22 -36.18
CA GLY GD 103 50.41 28.49 -35.82
C GLY GD 103 50.57 27.22 -36.64
N MET GD 104 49.63 26.96 -37.55
CA MET GD 104 49.82 25.86 -38.49
C MET GD 104 50.32 26.37 -39.83
N ALA GD 105 49.97 27.60 -40.18
CA ALA GD 105 50.44 28.16 -41.44
C ALA GD 105 51.89 28.60 -41.34
N ILE GD 106 52.18 29.49 -40.40
CA ILE GD 106 53.45 30.23 -40.43
C ILE GD 106 54.68 29.38 -40.10
N PRO GD 107 54.62 28.40 -39.17
CA PRO GD 107 55.79 27.52 -39.05
C PRO GD 107 55.93 26.50 -40.16
N LEU GD 108 54.95 26.41 -41.05
CA LEU GD 108 55.08 25.52 -42.19
C LEU GD 108 55.39 26.28 -43.45
N TRP GD 109 54.76 27.44 -43.62
CA TRP GD 109 54.96 28.24 -44.81
C TRP GD 109 56.38 28.81 -44.86
N SER GD 110 56.89 29.28 -43.72
CA SER GD 110 58.24 29.83 -43.69
C SER GD 110 59.26 28.72 -43.56
N ALA GD 111 58.81 27.47 -43.43
CA ALA GD 111 59.75 26.36 -43.56
C ALA GD 111 60.00 26.04 -45.02
N THR GD 112 59.27 26.68 -45.93
CA THR GD 112 59.45 26.41 -47.35
C THR GD 112 60.38 27.42 -48.00
N VAL GD 113 60.24 28.71 -47.65
CA VAL GD 113 61.07 29.72 -48.29
C VAL GD 113 62.48 29.67 -47.74
N PHE GD 114 62.67 29.03 -46.59
CA PHE GD 114 64.02 28.87 -46.07
C PHE GD 114 64.59 27.51 -46.45
N THR GD 115 63.89 26.78 -47.30
CA THR GD 115 64.43 25.49 -47.74
C THR GD 115 65.34 25.67 -48.93
N GLY GD 116 64.95 26.51 -49.89
CA GLY GD 116 65.81 26.78 -51.03
C GLY GD 116 66.86 27.82 -50.74
N PHE GD 117 66.61 28.67 -49.74
CA PHE GD 117 67.58 29.69 -49.39
C PHE GD 117 68.76 29.14 -48.62
N ARG GD 118 68.71 27.88 -48.20
CA ARG GD 118 69.86 27.21 -47.62
C ARG GD 118 70.57 26.32 -48.61
N TYR GD 119 70.06 26.22 -49.84
CA TYR GD 119 70.75 25.39 -50.82
C TYR GD 119 70.97 26.12 -52.14
N LYS GD 120 69.96 26.86 -52.60
CA LYS GD 120 70.05 27.50 -53.91
C LYS GD 120 70.64 28.90 -53.79
N THR GD 121 70.05 29.72 -52.91
CA THR GD 121 70.49 31.04 -52.41
C THR GD 121 70.36 32.13 -53.47
N LYS GD 122 70.14 31.79 -54.72
CA LYS GD 122 69.88 32.83 -55.69
C LYS GD 122 68.61 32.59 -56.49
N THR GD 123 68.39 31.38 -56.96
CA THR GD 123 67.34 31.17 -57.94
C THR GD 123 66.03 30.75 -57.31
N SER GD 124 65.97 30.69 -55.97
CA SER GD 124 64.69 30.42 -55.32
C SER GD 124 63.73 31.59 -55.49
N LEU GD 125 64.19 32.81 -55.19
CA LEU GD 125 63.40 34.00 -55.42
C LEU GD 125 63.86 34.76 -56.66
N ALA GD 126 64.71 34.14 -57.47
CA ALA GD 126 64.76 34.52 -58.87
C ALA GD 126 63.72 33.78 -59.69
N HIS GD 127 62.87 32.99 -59.03
CA HIS GD 127 61.60 32.57 -59.62
C HIS GD 127 60.64 33.74 -59.79
N PHE GD 128 60.94 34.90 -59.19
CA PHE GD 128 60.27 36.13 -59.54
C PHE GD 128 60.51 36.54 -60.99
N LEU GD 129 61.49 35.96 -61.67
CA LEU GD 129 61.68 36.30 -63.08
C LEU GD 129 60.99 35.25 -63.94
N PRO GD 130 59.84 35.56 -64.54
CA PRO GD 130 59.05 34.52 -65.20
C PRO GD 130 59.54 34.14 -66.59
N GLN GD 131 60.05 35.09 -67.37
CA GLN GD 131 60.21 34.85 -68.80
C GLN GD 131 61.25 35.79 -69.40
N GLY GD 132 61.27 35.84 -70.73
CA GLY GD 132 62.24 36.57 -71.52
C GLY GD 132 61.90 38.04 -71.58
N THR GD 133 62.29 38.76 -70.51
CA THR GD 133 61.82 40.04 -70.00
C THR GD 133 61.50 41.12 -71.03
N PRO GD 134 60.23 41.51 -71.17
CA PRO GD 134 59.92 42.71 -71.92
C PRO GD 134 60.20 43.95 -71.10
N ALA GD 135 60.27 45.08 -71.78
CA ALA GD 135 60.58 46.32 -71.08
C ALA GD 135 59.47 47.04 -70.32
N LEU GD 136 58.18 47.14 -70.77
CA LEU GD 136 57.33 48.14 -70.12
C LEU GD 136 56.73 47.70 -68.79
N LEU GD 137 56.95 46.44 -68.40
CA LEU GD 137 56.31 45.88 -67.21
C LEU GD 137 57.28 45.08 -66.35
N ILE GD 138 58.44 45.65 -66.00
CA ILE GD 138 59.20 45.13 -64.87
C ILE GD 138 58.70 45.67 -63.52
N PRO GD 139 58.49 47.00 -63.32
CA PRO GD 139 57.98 47.40 -61.99
C PRO GD 139 56.53 47.03 -61.75
N MET GD 140 55.74 46.79 -62.78
CA MET GD 140 54.36 46.37 -62.54
C MET GD 140 54.31 44.89 -62.19
N LEU GD 141 55.41 44.17 -62.36
CA LEU GD 141 55.38 42.73 -62.10
C LEU GD 141 55.90 42.41 -60.71
N VAL GD 142 57.05 42.96 -60.33
CA VAL GD 142 57.71 42.52 -59.11
C VAL GD 142 57.19 43.31 -57.90
N ILE GD 143 56.16 44.12 -58.09
CA ILE GD 143 55.37 44.56 -56.95
C ILE GD 143 54.08 43.75 -56.85
N ILE GD 144 53.79 42.94 -57.88
CA ILE GD 144 52.59 42.12 -57.85
C ILE GD 144 52.92 40.72 -57.37
N GLU GD 145 53.98 40.11 -57.91
CA GLU GD 145 54.30 38.74 -57.58
C GLU GD 145 54.98 38.63 -56.22
N THR GD 146 55.23 39.76 -55.56
CA THR GD 146 55.69 39.68 -54.18
C THR GD 146 54.56 40.01 -53.21
N ILE GD 147 53.53 40.71 -53.67
CA ILE GD 147 52.39 40.94 -52.79
C ILE GD 147 51.47 39.73 -52.81
N SER GD 148 51.64 38.86 -53.79
CA SER GD 148 50.92 37.59 -53.77
C SER GD 148 51.82 36.47 -53.24
N LEU GD 149 52.93 36.82 -52.61
CA LEU GD 149 53.70 35.83 -51.86
C LEU GD 149 53.37 35.93 -50.38
N PHE GD 150 53.32 37.15 -49.84
CA PHE GD 150 53.13 37.30 -48.41
C PHE GD 150 51.66 37.13 -48.05
N ILE GD 151 50.78 37.12 -49.04
CA ILE GD 151 49.39 36.78 -48.80
C ILE GD 151 49.26 35.31 -48.43
N GLN GD 152 50.16 34.47 -48.94
CA GLN GD 152 50.04 33.02 -48.81
C GLN GD 152 49.90 32.45 -47.40
N PRO GD 153 50.62 32.94 -46.33
CA PRO GD 153 50.32 32.42 -45.00
C PRO GD 153 48.94 32.82 -44.49
N VAL GD 154 48.53 34.04 -44.80
CA VAL GD 154 47.18 34.46 -44.46
C VAL GD 154 46.18 33.79 -45.37
N ALA GD 155 46.57 33.51 -46.62
CA ALA GD 155 45.67 32.83 -47.54
C ALA GD 155 45.51 31.37 -47.16
N LEU GD 156 46.44 30.82 -46.38
CA LEU GD 156 46.40 29.39 -46.09
C LEU GD 156 45.62 29.12 -44.81
N ALA GD 157 45.74 30.01 -43.83
CA ALA GD 157 45.07 29.77 -42.56
C ALA GD 157 43.63 30.26 -42.56
N VAL GD 158 43.39 31.43 -43.14
CA VAL GD 158 42.06 32.05 -43.01
C VAL GD 158 41.03 31.31 -43.86
N ARG GD 159 41.48 30.59 -44.89
CA ARG GD 159 40.52 29.82 -45.67
C ARG GD 159 40.04 28.59 -44.91
N LEU GD 160 40.76 28.18 -43.87
CA LEU GD 160 40.36 27.00 -43.12
C LEU GD 160 39.42 27.35 -41.98
N THR GD 161 39.70 28.43 -41.26
CA THR GD 161 38.89 28.77 -40.10
C THR GD 161 37.56 29.34 -40.51
N ALA GD 162 37.48 29.95 -41.70
CA ALA GD 162 36.31 30.76 -42.00
C ALA GD 162 35.16 29.93 -42.51
N ASN GD 163 35.43 28.78 -43.13
CA ASN GD 163 34.35 27.96 -43.67
C ASN GD 163 34.01 26.78 -42.77
N ILE GD 164 34.94 26.39 -41.89
CA ILE GD 164 34.64 25.35 -40.91
C ILE GD 164 33.59 25.85 -39.92
N THR GD 165 33.78 27.07 -39.41
CA THR GD 165 32.79 27.64 -38.50
C THR GD 165 31.53 28.02 -39.24
N ALA GD 166 31.64 28.29 -40.54
CA ALA GD 166 30.45 28.62 -41.32
C ALA GD 166 29.57 27.39 -41.51
N GLY GD 167 30.14 26.19 -41.39
CA GLY GD 167 29.31 25.02 -41.37
C GLY GD 167 28.53 24.88 -40.09
N HIS GD 168 29.09 25.38 -38.98
CA HIS GD 168 28.48 25.11 -37.69
C HIS GD 168 27.29 26.02 -37.43
N LEU GD 169 27.26 27.18 -38.06
CA LEU GD 169 26.16 28.12 -37.82
C LEU GD 169 24.90 27.69 -38.54
N LEU GD 170 25.04 27.14 -39.74
CA LEU GD 170 23.86 26.66 -40.47
C LEU GD 170 23.36 25.37 -39.87
N ILE GD 171 24.22 24.66 -39.14
CA ILE GD 171 23.77 23.53 -38.34
C ILE GD 171 22.86 24.01 -37.22
N HIS GD 172 23.23 25.11 -36.57
CA HIS GD 172 22.43 25.62 -35.47
C HIS GD 172 21.16 26.30 -35.97
N LEU GD 173 21.30 27.20 -36.94
CA LEU GD 173 20.21 28.12 -37.28
C LEU GD 173 19.09 27.42 -38.04
N ILE GD 174 19.43 26.54 -38.97
CA ILE GD 174 18.42 25.69 -39.58
C ILE GD 174 17.89 24.70 -38.56
N GLY GD 175 18.76 24.26 -37.64
CA GLY GD 175 18.30 23.35 -36.59
C GLY GD 175 17.46 24.03 -35.54
N GLY GD 176 17.82 25.28 -35.19
CA GLY GD 176 17.08 25.98 -34.15
C GLY GD 176 15.74 26.46 -34.62
N ALA GD 177 15.55 26.57 -35.94
CA ALA GD 177 14.26 26.97 -36.48
C ALA GD 177 13.27 25.82 -36.45
N THR GD 178 13.76 24.59 -36.30
CA THR GD 178 12.86 23.46 -36.07
C THR GD 178 12.23 23.55 -34.70
N LEU GD 179 13.04 23.85 -33.68
CA LEU GD 179 12.57 23.88 -32.30
C LEU GD 179 11.55 24.98 -32.09
N ALA GD 180 11.72 26.10 -32.78
CA ALA GD 180 10.83 27.23 -32.62
C ALA GD 180 9.77 27.22 -33.71
N LEU GD 181 9.35 26.04 -34.14
CA LEU GD 181 8.37 25.95 -35.22
C LEU GD 181 7.08 25.32 -34.69
N LEU GD 182 6.59 25.85 -33.57
CA LEU GD 182 5.31 25.47 -33.01
C LEU GD 182 4.12 26.04 -33.77
N ASN GD 183 4.35 26.72 -34.89
CA ASN GD 183 3.34 26.95 -35.92
C ASN GD 183 3.23 25.69 -36.78
N ILE GD 184 2.61 25.83 -37.95
CA ILE GD 184 2.13 24.73 -38.82
C ILE GD 184 3.17 23.64 -39.07
N ASN GD 185 2.78 22.39 -38.80
CA ASN GD 185 3.71 21.28 -38.59
C ASN GD 185 4.15 20.59 -39.87
N THR GD 186 3.64 21.01 -41.03
CA THR GD 186 4.05 20.42 -42.30
C THR GD 186 5.44 20.87 -42.68
N MET GD 187 5.77 22.12 -42.41
CA MET GD 187 7.06 22.68 -42.83
C MET GD 187 8.19 22.27 -41.90
N THR GD 188 7.88 21.64 -40.76
CA THR GD 188 8.93 21.19 -39.85
C THR GD 188 9.77 20.08 -40.47
N ALA GD 189 9.14 19.21 -41.25
CA ALA GD 189 9.87 18.09 -41.83
C ALA GD 189 10.82 18.57 -42.92
N PHE GD 190 10.40 19.59 -43.68
CA PHE GD 190 11.20 20.06 -44.81
C PHE GD 190 12.47 20.76 -44.32
N ILE GD 191 12.40 21.43 -43.17
CA ILE GD 191 13.58 21.99 -42.56
C ILE GD 191 14.45 20.88 -41.97
N THR GD 192 13.82 19.82 -41.47
CA THR GD 192 14.59 18.67 -41.01
C THR GD 192 15.25 17.95 -42.17
N PHE GD 193 14.56 17.87 -43.31
CA PHE GD 193 15.15 17.21 -44.46
C PHE GD 193 16.24 18.05 -45.09
N THR GD 194 16.17 19.37 -44.90
CA THR GD 194 17.27 20.23 -45.30
C THR GD 194 18.49 19.99 -44.44
N ILE GD 195 18.29 19.67 -43.15
CA ILE GD 195 19.41 19.43 -42.25
C ILE GD 195 20.15 18.17 -42.66
N LEU GD 196 19.42 17.09 -42.91
CA LEU GD 196 20.11 15.83 -43.16
C LEU GD 196 20.70 15.76 -44.55
N ILE GD 197 20.39 16.73 -45.40
CA ILE GD 197 21.19 16.95 -46.60
C ILE GD 197 22.42 17.76 -46.25
N LEU GD 198 22.27 18.76 -45.38
CA LEU GD 198 23.37 19.68 -45.09
C LEU GD 198 24.45 18.99 -44.28
N LEU GD 199 24.10 17.95 -43.54
CA LEU GD 199 25.10 17.21 -42.80
C LEU GD 199 25.90 16.30 -43.72
N THR GD 200 25.32 15.95 -44.87
CA THR GD 200 26.11 15.25 -45.87
C THR GD 200 27.08 16.18 -46.55
N ILE GD 201 26.69 17.45 -46.76
CA ILE GD 201 27.60 18.43 -47.35
C ILE GD 201 28.70 18.77 -46.35
N LEU GD 202 28.40 18.64 -45.05
CA LEU GD 202 29.42 18.93 -44.05
C LEU GD 202 30.33 17.74 -43.77
N GLU GD 203 30.28 16.73 -44.63
CA GLU GD 203 31.43 15.86 -44.75
C GLU GD 203 32.30 16.27 -45.92
N PHE GD 204 32.22 17.54 -46.33
CA PHE GD 204 33.31 18.16 -47.07
C PHE GD 204 34.35 18.75 -46.13
N ALA GD 205 34.26 18.43 -44.84
CA ALA GD 205 35.34 18.76 -43.92
C ALA GD 205 36.51 17.81 -44.09
N VAL GD 206 36.30 16.70 -44.81
CA VAL GD 206 37.43 15.92 -45.28
C VAL GD 206 37.96 16.52 -46.57
N ALA GD 207 37.06 17.08 -47.39
CA ALA GD 207 37.47 17.62 -48.69
C ALA GD 207 38.30 18.88 -48.55
N LEU GD 208 38.23 19.52 -47.38
CA LEU GD 208 38.97 20.76 -47.17
C LEU GD 208 40.30 20.48 -46.50
N ILE GD 209 40.75 19.23 -46.52
CA ILE GD 209 42.08 18.95 -46.02
C ILE GD 209 42.99 18.54 -47.15
N GLN GD 210 42.40 18.03 -48.23
CA GLN GD 210 43.11 18.02 -49.50
C GLN GD 210 43.53 19.43 -49.91
N ALA GD 211 42.64 20.42 -49.76
CA ALA GD 211 43.01 21.79 -50.11
C ALA GD 211 43.76 22.48 -48.97
N TYR GD 212 44.46 21.72 -48.13
CA TYR GD 212 45.41 22.32 -47.22
C TYR GD 212 46.76 21.64 -47.32
N VAL GD 213 46.77 20.31 -47.49
CA VAL GD 213 48.07 19.69 -47.70
C VAL GD 213 48.55 19.93 -49.12
N PHE GD 214 47.63 20.02 -50.08
CA PHE GD 214 48.06 20.09 -51.48
C PHE GD 214 48.61 21.45 -51.85
N THR GD 215 47.95 22.53 -51.42
CA THR GD 215 48.53 23.85 -51.68
C THR GD 215 49.65 24.15 -50.70
N LEU GD 216 49.97 23.21 -49.82
CA LEU GD 216 51.27 23.23 -49.17
C LEU GD 216 52.31 22.50 -50.00
N LEU GD 217 51.90 21.50 -50.79
CA LEU GD 217 52.88 20.87 -51.67
C LEU GD 217 53.26 21.78 -52.82
N VAL GD 218 52.25 22.38 -53.46
CA VAL GD 218 52.51 23.32 -54.54
C VAL GD 218 53.31 24.50 -54.03
N SER GD 219 53.05 24.91 -52.79
CA SER GD 219 53.92 25.91 -52.18
C SER GD 219 55.20 25.30 -51.64
N LEU GD 220 55.41 23.99 -51.84
CA LEU GD 220 56.73 23.42 -51.60
C LEU GD 220 57.40 23.03 -52.91
N TYR GD 221 56.63 22.45 -53.84
CA TYR GD 221 57.17 22.01 -55.12
C TYR GD 221 57.67 23.18 -55.94
N LEU GD 222 56.98 24.32 -55.87
CA LEU GD 222 57.35 25.48 -56.66
C LEU GD 222 58.65 26.08 -56.14
N HIS GD 223 58.78 26.21 -54.83
CA HIS GD 223 60.02 26.74 -54.27
C HIS GD 223 61.13 25.71 -54.37
N ASP GD 224 60.80 24.43 -54.30
CA ASP GD 224 61.82 23.41 -54.35
C ASP GD 224 61.35 22.19 -55.12
N ILE HD 1 26.96 68.61 -47.19
CA ILE HD 1 25.78 67.90 -47.66
C ILE HD 1 25.81 67.76 -49.18
N ASP HD 2 26.24 68.83 -49.87
CA ASP HD 2 26.42 68.74 -51.31
C ASP HD 2 27.60 67.84 -51.64
N THR HD 3 28.62 67.84 -50.78
CA THR HD 3 29.76 66.96 -50.97
C THR HD 3 29.42 65.52 -50.59
N ALA HD 4 28.34 65.33 -49.84
CA ALA HD 4 27.94 63.99 -49.45
C ALA HD 4 27.43 63.20 -50.64
N ALA HD 5 26.61 63.82 -51.48
CA ALA HD 5 26.06 63.10 -52.63
C ALA HD 5 27.07 63.03 -53.77
N LYS HD 6 28.02 63.96 -53.81
CA LYS HD 6 29.01 63.97 -54.88
C LYS HD 6 30.00 62.83 -54.71
N PHE HD 7 30.38 62.55 -53.48
CA PHE HD 7 31.50 61.65 -53.27
C PHE HD 7 31.04 60.20 -53.29
N ILE HD 8 29.74 59.96 -53.18
CA ILE HD 8 29.25 58.60 -53.33
C ILE HD 8 29.05 58.24 -54.79
N GLY HD 9 28.48 59.15 -55.58
CA GLY HD 9 28.10 58.81 -56.94
C GLY HD 9 29.29 58.68 -57.86
N ALA HD 10 30.38 59.37 -57.52
CA ALA HD 10 31.62 59.20 -58.27
C ALA HD 10 32.20 57.81 -58.05
N GLY HD 11 32.04 57.26 -56.85
CA GLY HD 11 32.40 55.88 -56.62
C GLY HD 11 31.31 54.93 -57.12
N ALA HD 12 30.07 55.39 -57.12
CA ALA HD 12 28.98 54.55 -57.58
C ALA HD 12 28.96 54.44 -59.10
N ALA HD 13 29.62 55.36 -59.78
CA ALA HD 13 29.64 55.27 -61.24
C ALA HD 13 30.77 54.37 -61.71
N THR HD 14 31.89 54.33 -60.98
CA THR HD 14 33.07 53.65 -61.49
C THR HD 14 33.03 52.15 -61.22
N VAL HD 15 31.90 51.64 -60.79
CA VAL HD 15 31.66 50.20 -60.80
C VAL HD 15 31.21 49.83 -62.22
N GLY HD 16 30.89 50.83 -63.02
CA GLY HD 16 30.53 50.58 -64.41
C GLY HD 16 31.69 50.14 -65.27
N VAL HD 17 32.92 50.35 -64.78
CA VAL HD 17 34.09 49.96 -65.57
C VAL HD 17 34.47 48.53 -65.25
N ALA HD 18 33.84 47.95 -64.24
CA ALA HD 18 34.05 46.55 -63.90
C ALA HD 18 33.50 45.64 -64.99
N GLY HD 19 32.34 45.99 -65.54
CA GLY HD 19 31.76 45.19 -66.62
C GLY HD 19 32.58 45.25 -67.90
N SER HD 20 33.29 46.35 -68.12
CA SER HD 20 34.23 46.38 -69.22
C SER HD 20 35.44 45.51 -68.93
N GLY HD 21 35.77 45.33 -67.65
CA GLY HD 21 36.88 44.47 -67.31
C GLY HD 21 36.55 43.01 -67.53
N ALA HD 22 35.26 42.67 -67.56
CA ALA HD 22 34.87 41.30 -67.85
C ALA HD 22 34.90 41.03 -69.33
N GLY HD 23 34.30 41.91 -70.12
CA GLY HD 23 34.18 41.66 -71.54
C GLY HD 23 35.49 41.78 -72.29
N ILE HD 24 36.48 42.41 -71.66
CA ILE HD 24 37.79 42.53 -72.29
C ILE HD 24 38.60 41.26 -72.08
N GLY HD 25 38.14 40.40 -71.16
CA GLY HD 25 38.89 39.19 -70.89
C GLY HD 25 38.65 38.13 -71.94
N THR HD 26 37.44 38.07 -72.47
CA THR HD 26 37.11 37.05 -73.45
C THR HD 26 37.78 37.33 -74.79
N VAL HD 27 37.96 38.61 -75.12
CA VAL HD 27 38.47 39.01 -76.43
C VAL HD 27 39.94 38.65 -76.57
N PHE HD 28 40.69 38.64 -75.47
CA PHE HD 28 42.03 38.08 -75.55
C PHE HD 28 42.01 36.64 -75.07
N GLY HD 29 40.82 36.11 -74.78
CA GLY HD 29 40.72 34.73 -74.39
C GLY HD 29 40.25 33.83 -75.52
N SER HD 30 39.28 34.30 -76.30
CA SER HD 30 38.79 33.48 -77.41
C SER HD 30 39.77 33.52 -78.57
N MET HD 31 40.52 34.61 -78.69
CA MET HD 31 41.56 34.67 -79.71
C MET HD 31 42.68 33.68 -79.41
N ILE HD 32 42.82 33.28 -78.16
CA ILE HD 32 43.77 32.23 -77.83
C ILE HD 32 43.31 30.89 -78.40
N ILE HD 33 42.04 30.53 -78.21
CA ILE HD 33 41.55 29.29 -78.80
C ILE HD 33 41.11 29.50 -80.24
N GLY HD 34 41.09 30.75 -80.69
CA GLY HD 34 40.83 30.99 -82.10
C GLY HD 34 42.08 30.82 -82.95
N TYR HD 35 43.21 31.28 -82.45
CA TYR HD 35 44.44 31.17 -83.21
C TYR HD 35 45.06 29.79 -83.04
N ALA HD 36 44.67 29.08 -81.98
CA ALA HD 36 45.31 27.80 -81.66
C ALA HD 36 45.03 26.75 -82.72
N ARG HD 37 43.84 26.78 -83.31
CA ARG HD 37 43.54 25.88 -84.41
C ARG HD 37 44.25 26.31 -85.68
N ASN HD 38 44.19 27.60 -86.00
CA ASN HD 38 44.40 28.11 -87.33
C ASN HD 38 45.50 29.16 -87.33
N PRO HD 39 46.74 28.81 -87.58
CA PRO HD 39 47.81 29.83 -87.59
C PRO HD 39 47.84 30.67 -88.87
N SER HD 40 46.85 31.54 -89.01
CA SER HD 40 46.81 32.56 -90.04
C SER HD 40 46.78 33.93 -89.38
N LEU HD 41 47.73 34.16 -88.48
CA LEU HD 41 47.62 35.20 -87.46
C LEU HD 41 47.76 36.61 -88.03
N LYS HD 42 48.74 36.82 -88.92
CA LYS HD 42 49.01 38.17 -89.44
C LYS HD 42 47.86 38.72 -90.27
N GLN HD 43 46.97 37.85 -90.74
CA GLN HD 43 45.70 38.24 -91.34
C GLN HD 43 44.69 38.60 -90.27
N GLN HD 44 43.41 38.56 -90.63
CA GLN HD 44 42.39 39.31 -89.92
C GLN HD 44 42.02 38.74 -88.55
N LEU HD 45 42.82 37.83 -87.99
CA LEU HD 45 42.66 37.50 -86.58
C LEU HD 45 42.93 38.70 -85.70
N PHE HD 46 44.16 39.21 -85.76
CA PHE HD 46 44.59 40.28 -84.89
C PHE HD 46 43.86 41.58 -85.20
N SER HD 47 43.48 41.77 -86.46
CA SER HD 47 42.70 42.95 -86.83
C SER HD 47 41.29 42.84 -86.28
N TYR HD 48 40.79 41.62 -86.06
CA TYR HD 48 39.53 41.48 -85.36
C TYR HD 48 39.76 41.42 -83.85
N ALA HD 49 41.02 41.28 -83.42
CA ALA HD 49 41.31 41.33 -81.99
C ALA HD 49 41.36 42.77 -81.50
N ILE HD 50 41.99 43.66 -82.26
CA ILE HD 50 42.18 45.04 -81.82
C ILE HD 50 40.86 45.80 -81.89
N LEU HD 51 40.04 45.50 -82.89
CA LEU HD 51 38.71 46.11 -82.96
C LEU HD 51 37.84 45.65 -81.79
N GLY HD 52 37.98 44.39 -81.39
CA GLY HD 52 37.20 43.91 -80.27
C GLY HD 52 37.65 44.50 -78.95
N PHE HD 53 38.95 44.78 -78.84
CA PHE HD 53 39.48 45.39 -77.62
C PHE HD 53 39.02 46.82 -77.49
N ALA HD 54 39.12 47.61 -78.56
CA ALA HD 54 38.87 49.04 -78.46
C ALA HD 54 37.38 49.36 -78.56
N LEU HD 55 36.53 48.34 -78.60
CA LEU HD 55 35.10 48.58 -78.61
C LEU HD 55 34.48 48.31 -77.25
N SER HD 56 35.04 47.34 -76.52
CA SER HD 56 34.60 47.12 -75.14
C SER HD 56 35.10 48.23 -74.22
N GLU HD 57 36.24 48.83 -74.58
CA GLU HD 57 36.75 49.99 -73.86
C GLU HD 57 35.78 51.15 -73.94
N ALA HD 58 35.12 51.32 -75.09
CA ALA HD 58 34.27 52.47 -75.31
C ALA HD 58 32.91 52.30 -74.64
N MET HD 59 32.64 51.12 -74.07
CA MET HD 59 31.52 51.02 -73.14
C MET HD 59 32.01 51.13 -71.70
N GLY HD 60 33.32 51.05 -71.48
CA GLY HD 60 33.86 51.34 -70.16
C GLY HD 60 34.30 52.79 -70.02
N LEU HD 61 34.88 53.35 -71.08
CA LEU HD 61 35.36 54.73 -71.00
C LEU HD 61 34.21 55.71 -71.04
N PHE HD 62 33.07 55.32 -71.63
CA PHE HD 62 31.99 56.26 -71.81
C PHE HD 62 31.28 56.56 -70.50
N CYS HD 63 31.29 55.59 -69.57
CA CYS HD 63 30.81 55.88 -68.23
C CYS HD 63 31.79 56.74 -67.46
N LEU HD 64 33.10 56.60 -67.74
CA LEU HD 64 34.13 57.32 -67.01
C LEU HD 64 34.09 58.81 -67.31
N MET HD 65 33.80 59.18 -68.56
CA MET HD 65 33.56 60.58 -68.87
C MET HD 65 32.31 61.08 -68.15
N VAL HD 66 31.29 60.24 -68.06
CA VAL HD 66 30.09 60.57 -67.29
C VAL HD 66 30.43 60.55 -65.80
N ALA HD 67 31.41 59.72 -65.40
CA ALA HD 67 31.82 59.68 -64.00
C ALA HD 67 32.50 60.96 -63.57
N PHE HD 68 33.31 61.56 -64.45
CA PHE HD 68 33.93 62.84 -64.10
C PHE HD 68 32.95 63.99 -64.28
N LEU HD 69 31.88 63.77 -65.04
CA LEU HD 69 30.84 64.78 -65.22
C LEU HD 69 30.07 65.02 -63.93
N ILE HD 70 29.95 63.98 -63.09
CA ILE HD 70 29.25 64.12 -61.81
C ILE HD 70 30.02 65.03 -60.88
N LEU HD 71 31.35 64.93 -60.88
CA LEU HD 71 32.17 65.73 -59.99
C LEU HD 71 32.18 67.20 -60.43
N PHE HD 72 32.07 67.45 -61.72
CA PHE HD 72 32.06 68.81 -62.25
C PHE HD 72 30.87 69.04 -63.15
N ILE ID 1 31.33 65.31 -41.32
CA ILE ID 1 30.43 64.69 -42.29
C ILE ID 1 31.08 64.73 -43.69
N ASP ID 2 32.06 65.60 -43.85
CA ASP ID 2 32.79 65.66 -45.11
C ASP ID 2 33.70 64.46 -45.27
N THR ID 3 34.31 64.00 -44.17
CA THR ID 3 35.12 62.80 -44.23
C THR ID 3 34.21 61.57 -44.28
N ALA ID 4 32.95 61.71 -43.88
CA ALA ID 4 32.01 60.59 -43.91
C ALA ID 4 31.70 60.16 -45.33
N ALA ID 5 31.72 61.10 -46.27
CA ALA ID 5 31.54 60.73 -47.68
C ALA ID 5 32.86 60.33 -48.31
N LYS ID 6 33.98 60.71 -47.68
CA LYS ID 6 35.29 60.29 -48.16
C LYS ID 6 35.51 58.80 -47.95
N PHE ID 7 34.78 58.20 -46.99
CA PHE ID 7 35.00 56.80 -46.66
C PHE ID 7 34.07 55.90 -47.45
N ILE ID 8 32.81 56.31 -47.61
CA ILE ID 8 31.84 55.45 -48.29
C ILE ID 8 31.97 55.57 -49.80
N GLY ID 9 32.71 56.58 -50.27
CA GLY ID 9 32.93 56.72 -51.69
C GLY ID 9 33.95 55.74 -52.23
N ALA ID 10 35.02 55.50 -51.45
CA ALA ID 10 35.99 54.47 -51.82
C ALA ID 10 35.48 53.09 -51.45
N GLY ID 11 34.33 53.03 -50.78
CA GLY ID 11 33.74 51.73 -50.45
C GLY ID 11 33.18 51.02 -51.67
N ALA ID 12 32.58 51.77 -52.60
CA ALA ID 12 32.06 51.13 -53.80
C ALA ID 12 33.02 51.31 -54.98
N ALA ID 13 34.02 52.19 -54.83
CA ALA ID 13 34.91 52.47 -55.94
C ALA ID 13 35.92 51.35 -56.13
N THR ID 14 36.10 50.49 -55.13
CA THR ID 14 37.01 49.37 -55.28
C THR ID 14 36.28 48.10 -55.64
N VAL ID 15 35.00 48.22 -56.01
CA VAL ID 15 34.24 47.11 -56.56
C VAL ID 15 34.61 46.99 -58.05
N GLY ID 16 35.16 48.07 -58.60
CA GLY ID 16 35.58 48.02 -60.00
C GLY ID 16 36.82 47.17 -60.23
N VAL ID 17 37.48 46.74 -59.16
CA VAL ID 17 38.61 45.83 -59.36
C VAL ID 17 38.11 44.38 -59.40
N ALA ID 18 36.85 44.15 -59.00
CA ALA ID 18 36.28 42.81 -59.09
C ALA ID 18 35.99 42.47 -60.54
N GLY ID 19 35.81 43.49 -61.38
CA GLY ID 19 35.66 43.25 -62.81
C GLY ID 19 36.92 42.73 -63.44
N SER ID 20 38.08 43.08 -62.88
CA SER ID 20 39.33 42.46 -63.32
C SER ID 20 39.56 41.15 -62.57
N GLY ID 21 38.63 40.77 -61.70
CA GLY ID 21 38.72 39.45 -61.10
C GLY ID 21 38.13 38.37 -61.99
N ALA ID 22 36.87 38.51 -62.36
CA ALA ID 22 36.23 37.47 -63.15
C ALA ID 22 36.63 37.56 -64.61
N GLY ID 23 37.14 38.70 -65.03
CA GLY ID 23 37.58 38.85 -66.40
C GLY ID 23 38.94 38.24 -66.64
N ILE ID 24 39.69 37.98 -65.57
CA ILE ID 24 40.98 37.34 -65.70
C ILE ID 24 40.85 35.83 -65.49
N GLY ID 25 39.70 35.40 -64.99
CA GLY ID 25 39.50 33.99 -64.77
C GLY ID 25 39.25 33.23 -66.06
N THR ID 26 38.87 33.96 -67.11
CA THR ID 26 38.66 33.33 -68.41
C THR ID 26 39.98 33.24 -69.17
N VAL ID 27 40.72 34.34 -69.24
CA VAL ID 27 41.83 34.44 -70.16
C VAL ID 27 43.03 33.65 -69.64
N PHE ID 28 42.97 33.21 -68.39
CA PHE ID 28 43.97 32.25 -67.93
C PHE ID 28 43.43 30.84 -68.03
N GLY ID 29 42.11 30.70 -68.15
CA GLY ID 29 41.53 29.39 -68.38
C GLY ID 29 41.47 29.03 -69.84
N SER ID 30 41.53 30.03 -70.71
CA SER ID 30 41.52 29.78 -72.15
C SER ID 30 42.90 29.42 -72.66
N MET ID 31 43.93 29.61 -71.85
CA MET ID 31 45.24 29.11 -72.21
C MET ID 31 45.41 27.68 -71.68
N ILE ID 32 44.38 27.13 -71.06
CA ILE ID 32 44.38 25.70 -70.77
C ILE ID 32 43.79 24.93 -71.94
N ILE ID 33 42.56 25.30 -72.34
CA ILE ID 33 41.80 24.55 -73.34
C ILE ID 33 42.43 24.71 -74.71
N GLY ID 34 43.17 25.79 -74.92
CA GLY ID 34 43.77 26.02 -76.23
C GLY ID 34 45.27 25.80 -76.24
N TYR ID 35 45.79 25.06 -75.26
CA TYR ID 35 47.20 24.71 -75.29
C TYR ID 35 47.39 23.28 -75.75
N ALA ID 36 46.50 22.38 -75.30
CA ALA ID 36 46.68 20.97 -75.57
C ALA ID 36 46.46 20.64 -77.04
N ARG ID 37 45.57 21.41 -77.69
CA ARG ID 37 45.25 21.18 -79.10
C ARG ID 37 46.42 21.57 -80.00
N ASN ID 38 47.33 22.39 -79.50
CA ASN ID 38 48.43 22.90 -80.30
C ASN ID 38 49.59 23.31 -79.40
N PRO ID 39 50.55 22.43 -79.18
CA PRO ID 39 51.73 22.82 -78.37
C PRO ID 39 52.74 23.70 -79.11
N SER ID 40 52.48 25.01 -79.10
CA SER ID 40 53.39 26.04 -79.61
C SER ID 40 53.45 27.24 -78.66
N LEU ID 41 53.72 27.02 -77.37
CA LEU ID 41 53.51 28.07 -76.37
C LEU ID 41 54.59 29.14 -76.42
N LYS ID 42 55.83 28.77 -76.77
CA LYS ID 42 56.93 29.72 -76.78
C LYS ID 42 56.84 30.71 -77.92
N GLN ID 43 55.97 30.44 -78.89
CA GLN ID 43 55.53 31.37 -79.92
C GLN ID 43 54.45 32.25 -79.32
N GLN ID 44 53.64 32.92 -80.14
CA GLN ID 44 52.82 34.02 -79.66
C GLN ID 44 51.61 33.56 -78.85
N LEU ID 45 51.56 32.30 -78.44
CA LEU ID 45 50.43 31.83 -77.64
C LEU ID 45 50.52 32.33 -76.21
N PHE ID 46 51.70 32.21 -75.59
CA PHE ID 46 51.87 32.73 -74.25
C PHE ID 46 51.96 34.24 -74.26
N SER ID 47 52.45 34.80 -75.35
CA SER ID 47 52.62 36.25 -75.44
C SER ID 47 51.28 36.95 -75.63
N TYR ID 48 50.26 36.25 -76.13
CA TYR ID 48 48.96 36.88 -76.26
C TYR ID 48 48.11 36.64 -75.02
N ALA ID 49 48.67 35.96 -74.02
CA ALA ID 49 48.03 35.93 -72.72
C ALA ID 49 48.60 37.02 -71.82
N ILE ID 50 49.89 37.33 -71.96
CA ILE ID 50 50.51 38.36 -71.14
C ILE ID 50 50.01 39.74 -71.55
N LEU ID 51 49.83 39.96 -72.85
CA LEU ID 51 49.04 41.10 -73.29
C LEU ID 51 47.62 41.00 -72.78
N GLY ID 52 47.07 39.78 -72.74
CA GLY ID 52 45.72 39.62 -72.25
C GLY ID 52 45.61 39.70 -70.74
N PHE ID 53 46.73 39.47 -70.05
CA PHE ID 53 46.72 39.65 -68.60
C PHE ID 53 46.94 41.11 -68.22
N ALA ID 54 47.94 41.75 -68.82
CA ALA ID 54 48.37 43.08 -68.37
C ALA ID 54 47.35 44.14 -68.75
N LEU ID 55 46.84 44.09 -69.97
CA LEU ID 55 45.91 45.12 -70.40
C LEU ID 55 44.51 44.85 -69.83
N SER ID 56 44.29 43.64 -69.31
CA SER ID 56 43.12 43.43 -68.47
C SER ID 56 43.40 43.83 -67.04
N GLU ID 57 44.68 43.88 -66.68
CA GLU ID 57 45.05 44.32 -65.33
C GLU ID 57 45.02 45.83 -65.22
N ALA ID 58 45.23 46.52 -66.34
CA ALA ID 58 45.33 47.97 -66.33
C ALA ID 58 44.00 48.62 -66.01
N MET ID 59 42.89 47.92 -66.23
CA MET ID 59 41.61 48.45 -65.82
C MET ID 59 41.28 47.95 -64.40
N GLY ID 60 42.16 47.14 -63.83
CA GLY ID 60 41.99 46.77 -62.44
C GLY ID 60 42.60 47.80 -61.50
N LEU ID 61 43.87 48.15 -61.73
CA LEU ID 61 44.55 49.08 -60.83
C LEU ID 61 44.14 50.52 -61.09
N PHE ID 62 43.49 50.78 -62.23
CA PHE ID 62 42.98 52.12 -62.46
C PHE ID 62 41.77 52.41 -61.57
N CYS ID 63 40.94 51.40 -61.32
CA CYS ID 63 39.80 51.59 -60.43
C CYS ID 63 40.21 51.39 -58.97
N LEU ID 64 41.48 51.07 -58.74
CA LEU ID 64 42.05 51.17 -57.40
C LEU ID 64 42.52 52.60 -57.13
N MET ID 65 43.08 53.25 -58.14
CA MET ID 65 43.68 54.57 -57.96
C MET ID 65 42.61 55.65 -57.85
N VAL ID 66 41.38 55.32 -58.19
CA VAL ID 66 40.27 56.23 -57.90
C VAL ID 66 40.02 56.29 -56.41
N ALA ID 67 40.13 55.15 -55.73
CA ALA ID 67 39.83 55.10 -54.30
C ALA ID 67 40.88 55.82 -53.47
N PHE ID 68 42.13 55.88 -53.95
CA PHE ID 68 43.11 56.74 -53.31
C PHE ID 68 42.80 58.20 -53.58
N LEU ID 69 42.54 58.56 -54.83
CA LEU ID 69 42.43 59.97 -55.20
C LEU ID 69 41.07 60.55 -54.86
N ILE ID 70 40.09 59.71 -54.52
CA ILE ID 70 38.86 60.28 -53.97
C ILE ID 70 39.06 60.64 -52.51
N LEU ID 71 39.94 59.92 -51.81
CA LEU ID 71 40.04 60.07 -50.36
C LEU ID 71 40.98 61.22 -50.00
N PHE ID 72 42.16 61.26 -50.60
CA PHE ID 72 43.09 62.35 -50.36
C PHE ID 72 42.75 63.57 -51.19
N ILE JD 1 29.62 59.63 -36.00
CA ILE JD 1 29.31 59.66 -37.42
C ILE JD 1 30.54 59.18 -38.20
N ASP JD 2 31.71 59.29 -37.56
CA ASP JD 2 32.92 58.70 -38.12
C ASP JD 2 32.82 57.17 -38.05
N THR JD 3 32.22 56.65 -36.98
CA THR JD 3 32.13 55.21 -36.82
C THR JD 3 31.10 54.60 -37.77
N ALA JD 4 29.97 55.29 -37.95
CA ALA JD 4 28.84 54.71 -38.68
C ALA JD 4 29.12 54.61 -40.17
N ALA JD 5 29.77 55.63 -40.73
CA ALA JD 5 30.09 55.59 -42.16
C ALA JD 5 31.19 54.60 -42.45
N LYS JD 6 32.03 54.30 -41.46
CA LYS JD 6 32.97 53.20 -41.60
C LYS JD 6 32.25 51.86 -41.68
N PHE JD 7 31.11 51.74 -40.98
CA PHE JD 7 30.39 50.47 -40.92
C PHE JD 7 29.77 50.11 -42.26
N ILE JD 8 29.28 51.10 -42.99
CA ILE JD 8 28.80 50.88 -44.35
C ILE JD 8 29.95 51.05 -45.35
N GLY JD 9 31.04 51.67 -44.91
CA GLY JD 9 32.18 51.86 -45.79
C GLY JD 9 32.88 50.56 -46.13
N ALA JD 10 32.96 49.64 -45.18
CA ALA JD 10 33.56 48.34 -45.46
C ALA JD 10 32.53 47.36 -46.00
N GLY JD 11 31.24 47.69 -45.87
CA GLY JD 11 30.22 46.80 -46.38
C GLY JD 11 30.13 46.78 -47.89
N ALA JD 12 30.34 47.94 -48.53
CA ALA JD 12 30.35 47.98 -49.98
C ALA JD 12 31.62 47.37 -50.55
N ALA JD 13 32.73 47.46 -49.81
CA ALA JD 13 34.00 46.99 -50.33
C ALA JD 13 34.22 45.51 -50.03
N THR JD 14 33.21 44.85 -49.47
CA THR JD 14 33.32 43.42 -49.23
C THR JD 14 33.25 42.65 -50.54
N VAL JD 15 32.50 43.18 -51.50
CA VAL JD 15 32.09 42.45 -52.68
C VAL JD 15 33.16 42.51 -53.77
N GLY JD 16 34.34 43.01 -53.44
CA GLY JD 16 35.43 42.96 -54.38
C GLY JD 16 35.97 41.56 -54.59
N VAL JD 17 35.66 40.64 -53.68
CA VAL JD 17 36.11 39.27 -53.85
C VAL JD 17 35.18 38.53 -54.82
N ALA JD 18 33.97 39.08 -55.05
CA ALA JD 18 32.94 38.45 -55.86
C ALA JD 18 33.33 38.29 -57.32
N GLY JD 19 34.32 39.07 -57.76
CA GLY JD 19 34.95 38.82 -59.05
C GLY JD 19 35.90 37.64 -58.99
N SER JD 20 36.71 37.56 -57.94
CA SER JD 20 37.60 36.42 -57.82
C SER JD 20 36.86 35.20 -57.29
N GLY JD 21 35.68 35.42 -56.71
CA GLY JD 21 34.92 34.31 -56.16
C GLY JD 21 34.31 33.43 -57.23
N ALA JD 22 34.25 33.92 -58.46
CA ALA JD 22 33.77 33.09 -59.57
C ALA JD 22 34.78 33.05 -60.70
N GLY JD 23 35.77 33.93 -60.68
CA GLY JD 23 36.85 33.84 -61.63
C GLY JD 23 37.76 32.66 -61.34
N ILE JD 24 37.69 32.12 -60.12
CA ILE JD 24 38.43 30.91 -59.84
C ILE JD 24 37.59 29.68 -60.19
N GLY JD 25 36.31 29.89 -60.46
CA GLY JD 25 35.49 28.78 -60.93
C GLY JD 25 35.70 28.47 -62.40
N THR JD 26 36.04 29.49 -63.19
CA THR JD 26 36.22 29.28 -64.62
C THR JD 26 37.51 28.53 -64.92
N VAL JD 27 38.62 28.98 -64.33
CA VAL JD 27 39.92 28.42 -64.67
C VAL JD 27 40.07 27.03 -64.08
N PHE JD 28 39.35 26.74 -62.99
CA PHE JD 28 39.34 25.36 -62.53
C PHE JD 28 38.15 24.61 -63.14
N GLY JD 29 37.37 25.28 -63.98
CA GLY JD 29 36.46 24.57 -64.84
C GLY JD 29 36.97 24.48 -66.26
N SER JD 30 38.22 24.87 -66.49
CA SER JD 30 38.79 24.78 -67.83
C SER JD 30 40.01 23.88 -67.82
N MET JD 31 40.29 23.24 -66.69
CA MET JD 31 41.28 22.18 -66.70
C MET JD 31 40.62 20.82 -66.48
N ILE JD 32 39.33 20.83 -66.12
CA ILE JD 32 38.55 19.62 -66.25
C ILE JD 32 38.39 19.25 -67.72
N ILE JD 33 38.40 20.23 -68.62
CA ILE JD 33 38.14 19.94 -70.02
C ILE JD 33 39.43 19.92 -70.84
N GLY JD 34 40.51 20.46 -70.28
CA GLY JD 34 41.77 20.41 -71.00
C GLY JD 34 42.60 19.21 -70.60
N TYR JD 35 42.21 18.55 -69.50
CA TYR JD 35 42.79 17.25 -69.19
C TYR JD 35 41.97 16.13 -69.80
N ALA JD 36 40.68 16.38 -70.04
CA ALA JD 36 39.82 15.38 -70.67
C ALA JD 36 40.23 15.10 -72.12
N ARG JD 37 40.57 16.15 -72.86
CA ARG JD 37 40.93 15.99 -74.27
C ARG JD 37 42.30 15.36 -74.42
N ASN JD 38 43.29 15.89 -73.73
CA ASN JD 38 44.64 15.42 -73.90
C ASN JD 38 45.21 15.16 -72.51
N PRO JD 39 45.29 13.94 -72.08
CA PRO JD 39 45.95 13.65 -70.80
C PRO JD 39 47.46 13.87 -70.83
N SER JD 40 47.85 15.14 -70.64
CA SER JD 40 49.22 15.55 -70.35
C SER JD 40 49.25 16.61 -69.26
N LEU JD 41 48.59 16.36 -68.11
CA LEU JD 41 48.42 17.40 -67.10
C LEU JD 41 49.73 17.66 -66.35
N LYS JD 42 50.59 16.65 -66.25
CA LYS JD 42 51.75 16.70 -65.37
C LYS JD 42 52.80 17.70 -65.82
N GLN JD 43 52.76 18.07 -67.10
CA GLN JD 43 53.52 19.19 -67.66
C GLN JD 43 52.75 20.46 -67.36
N GLN JD 44 52.93 21.48 -68.21
CA GLN JD 44 52.34 22.81 -68.08
C GLN JD 44 50.85 22.83 -67.75
N LEU JD 45 50.11 21.75 -68.03
CA LEU JD 45 48.66 21.84 -68.05
C LEU JD 45 48.04 21.82 -66.66
N PHE JD 46 48.84 21.68 -65.59
CA PHE JD 46 48.31 21.93 -64.25
C PHE JD 46 48.93 23.18 -63.65
N SER JD 47 50.19 23.44 -63.98
CA SER JD 47 50.87 24.60 -63.44
C SER JD 47 50.43 25.88 -64.15
N TYR JD 48 49.56 25.76 -65.15
CA TYR JD 48 48.98 26.94 -65.75
C TYR JD 48 47.62 27.25 -65.15
N ALA JD 49 47.17 26.43 -64.19
CA ALA JD 49 45.93 26.75 -63.50
C ALA JD 49 46.20 27.32 -62.12
N ILE JD 50 47.25 26.84 -61.45
CA ILE JD 50 47.68 27.41 -60.17
C ILE JD 50 48.31 28.78 -60.40
N LEU JD 51 49.13 28.91 -61.44
CA LEU JD 51 49.57 30.22 -61.88
C LEU JD 51 48.40 31.06 -62.36
N GLY JD 52 47.34 30.42 -62.84
CA GLY JD 52 46.10 31.14 -63.06
C GLY JD 52 45.40 31.47 -61.77
N PHE JD 53 45.62 30.67 -60.73
CA PHE JD 53 44.94 30.90 -59.46
C PHE JD 53 45.68 31.90 -58.59
N ALA JD 54 47.02 31.90 -58.67
CA ALA JD 54 47.79 32.88 -57.92
C ALA JD 54 47.54 34.29 -58.42
N LEU JD 55 47.48 34.46 -59.74
CA LEU JD 55 47.31 35.79 -60.29
C LEU JD 55 45.84 36.16 -60.42
N SER JD 56 44.95 35.36 -59.82
CA SER JD 56 43.55 35.75 -59.75
C SER JD 56 43.04 35.76 -58.32
N GLU JD 57 43.70 35.03 -57.42
CA GLU JD 57 43.40 35.20 -56.00
C GLU JD 57 44.37 36.19 -55.36
N ALA JD 58 45.21 36.83 -56.17
CA ALA JD 58 45.87 38.04 -55.72
C ALA JD 58 44.89 39.19 -55.61
N MET JD 59 43.73 39.09 -56.28
CA MET JD 59 42.81 40.22 -56.36
C MET JD 59 41.55 40.00 -55.53
N GLY JD 60 41.44 38.83 -54.90
CA GLY JD 60 40.33 38.62 -54.01
C GLY JD 60 40.56 39.25 -52.65
N LEU JD 61 41.70 38.95 -52.03
CA LEU JD 61 42.03 39.51 -50.73
C LEU JD 61 42.67 40.89 -50.87
N PHE JD 62 42.84 41.35 -52.11
CA PHE JD 62 43.42 42.66 -52.38
C PHE JD 62 42.45 43.75 -51.97
N CYS JD 63 41.16 43.47 -52.16
CA CYS JD 63 40.16 44.47 -51.88
C CYS JD 63 39.70 44.43 -50.42
N LEU JD 64 39.71 43.24 -49.80
CA LEU JD 64 39.36 43.14 -48.39
C LEU JD 64 40.43 43.74 -47.50
N MET JD 65 41.65 43.87 -48.02
CA MET JD 65 42.68 44.63 -47.31
C MET JD 65 42.32 46.11 -47.25
N VAL JD 66 41.64 46.62 -48.27
CA VAL JD 66 41.19 48.01 -48.25
C VAL JD 66 39.99 48.17 -47.31
N ALA JD 67 39.11 47.16 -47.28
CA ALA JD 67 37.96 47.22 -46.39
C ALA JD 67 38.36 47.09 -44.93
N PHE JD 68 39.56 46.55 -44.67
CA PHE JD 68 40.12 46.61 -43.32
C PHE JD 68 40.74 47.98 -43.06
N LEU JD 69 41.46 48.53 -44.04
CA LEU JD 69 42.18 49.79 -43.81
C LEU JD 69 41.23 50.98 -43.82
N ILE JD 70 39.97 50.77 -44.19
CA ILE JD 70 38.95 51.80 -44.00
C ILE JD 70 38.24 51.62 -42.67
N LEU JD 71 38.41 50.44 -42.05
CA LEU JD 71 37.72 50.19 -40.79
C LEU JD 71 38.56 50.64 -39.60
N PHE JD 72 39.84 50.25 -39.57
CA PHE JD 72 40.70 50.62 -38.46
C PHE JD 72 41.92 51.40 -38.94
N ILE KD 1 21.80 55.13 -34.46
CA ILE KD 1 22.34 55.80 -35.65
C ILE KD 1 23.18 54.83 -36.46
N ASP KD 2 24.15 54.19 -35.81
CA ASP KD 2 24.95 53.18 -36.51
C ASP KD 2 24.28 51.82 -36.46
N THR KD 3 23.10 51.74 -35.81
CA THR KD 3 22.33 50.51 -35.75
C THR KD 3 21.86 50.08 -37.14
N ALA KD 4 21.48 51.05 -37.97
CA ALA KD 4 21.27 50.75 -39.38
C ALA KD 4 22.60 50.50 -40.09
N ALA KD 5 23.65 51.22 -39.68
CA ALA KD 5 24.96 51.04 -40.31
C ALA KD 5 25.58 49.71 -39.92
N LYS KD 6 25.16 49.16 -38.78
CA LYS KD 6 25.42 47.75 -38.50
C LYS KD 6 24.75 46.86 -39.54
N PHE KD 7 23.59 47.28 -40.06
CA PHE KD 7 22.81 46.38 -40.89
C PHE KD 7 23.29 46.39 -42.34
N ILE KD 8 23.39 47.58 -42.95
CA ILE KD 8 23.64 47.63 -44.39
C ILE KD 8 25.09 47.26 -44.70
N GLY KD 9 26.00 47.60 -43.80
CA GLY KD 9 27.38 47.12 -43.95
C GLY KD 9 27.46 45.61 -43.86
N ALA KD 10 26.55 45.01 -43.11
CA ALA KD 10 26.35 43.57 -43.21
C ALA KD 10 25.45 43.23 -44.38
N GLY KD 11 24.49 44.11 -44.71
CA GLY KD 11 23.57 43.81 -45.78
C GLY KD 11 24.18 43.95 -47.16
N ALA KD 12 25.28 44.70 -47.26
CA ALA KD 12 25.99 44.78 -48.53
C ALA KD 12 27.10 43.75 -48.60
N ALA KD 13 27.54 43.25 -47.44
CA ALA KD 13 28.66 42.33 -47.42
C ALA KD 13 28.27 40.96 -47.95
N THR KD 14 26.98 40.66 -47.95
CA THR KD 14 26.53 39.31 -48.26
C THR KD 14 26.48 39.06 -49.76
N VAL KD 15 26.45 40.12 -50.57
CA VAL KD 15 26.23 39.93 -52.00
C VAL KD 15 27.58 39.71 -52.70
N GLY KD 16 28.66 39.74 -51.93
CA GLY KD 16 29.93 39.33 -52.50
C GLY KD 16 30.08 37.84 -52.62
N VAL KD 17 29.11 37.08 -52.11
CA VAL KD 17 29.14 35.64 -52.30
C VAL KD 17 28.56 35.28 -53.65
N ALA KD 18 27.89 36.24 -54.29
CA ALA KD 18 27.09 35.98 -55.48
C ALA KD 18 27.95 35.64 -56.68
N GLY KD 19 29.24 35.95 -56.61
CA GLY KD 19 30.18 35.33 -57.53
C GLY KD 19 30.17 33.82 -57.39
N SER KD 20 30.52 33.32 -56.21
CA SER KD 20 30.77 31.89 -56.04
C SER KD 20 29.49 31.07 -56.07
N GLY KD 21 28.33 31.72 -56.04
CA GLY KD 21 27.11 31.02 -56.37
C GLY KD 21 27.05 30.65 -57.84
N ALA KD 22 27.76 31.39 -58.67
CA ALA KD 22 27.84 31.04 -60.09
C ALA KD 22 29.16 30.36 -60.43
N GLY KD 23 30.20 30.61 -59.62
CA GLY KD 23 31.51 30.07 -59.93
C GLY KD 23 31.59 28.56 -59.79
N ILE KD 24 30.76 27.99 -58.92
CA ILE KD 24 30.68 26.53 -58.89
C ILE KD 24 29.68 26.04 -59.92
N GLY KD 25 28.87 26.95 -60.47
CA GLY KD 25 27.99 26.57 -61.56
C GLY KD 25 28.76 26.32 -62.84
N THR KD 26 29.89 27.01 -62.99
CA THR KD 26 30.77 26.72 -64.10
C THR KD 26 31.36 25.33 -63.97
N VAL KD 27 31.92 25.01 -62.80
CA VAL KD 27 32.82 23.87 -62.68
C VAL KD 27 32.04 22.56 -62.64
N PHE KD 28 30.72 22.62 -62.45
CA PHE KD 28 29.92 21.41 -62.58
C PHE KD 28 29.27 21.30 -63.95
N GLY KD 29 28.93 22.43 -64.56
CA GLY KD 29 28.54 22.38 -65.96
C GLY KD 29 29.71 22.09 -66.87
N SER KD 30 30.93 22.45 -66.45
CA SER KD 30 32.08 22.23 -67.30
C SER KD 30 32.68 20.86 -67.07
N MET KD 31 32.07 20.06 -66.20
CA MET KD 31 32.61 18.74 -65.97
C MET KD 31 31.90 17.70 -66.81
N ILE KD 32 30.60 17.87 -67.01
CA ILE KD 32 29.83 16.92 -67.80
C ILE KD 32 30.23 16.97 -69.27
N ILE KD 33 30.65 18.14 -69.78
CA ILE KD 33 31.19 18.17 -71.14
C ILE KD 33 32.67 17.83 -71.14
N GLY KD 34 33.27 17.66 -69.97
CA GLY KD 34 34.56 17.02 -69.93
C GLY KD 34 34.42 15.53 -69.72
N TYR KD 35 33.20 15.08 -69.45
CA TYR KD 35 32.99 13.68 -69.13
C TYR KD 35 32.36 12.94 -70.30
N ALA KD 36 31.43 13.60 -71.01
CA ALA KD 36 30.77 12.95 -72.14
C ALA KD 36 31.73 12.73 -73.30
N ARG KD 37 32.79 13.51 -73.36
CA ARG KD 37 33.85 13.24 -74.33
C ARG KD 37 34.63 11.99 -73.94
N ASN KD 38 34.95 11.86 -72.66
CA ASN KD 38 35.91 10.86 -72.23
C ASN KD 38 35.43 10.19 -70.95
N PRO KD 39 34.71 9.06 -71.04
CA PRO KD 39 34.18 8.40 -69.82
C PRO KD 39 35.22 7.66 -68.99
N SER KD 40 36.05 8.42 -68.28
CA SER KD 40 37.02 7.91 -67.32
C SER KD 40 36.88 8.65 -65.99
N LEU KD 41 35.65 8.66 -65.44
CA LEU KD 41 35.31 9.56 -64.34
C LEU KD 41 36.04 9.20 -63.05
N LYS KD 42 36.44 7.94 -62.88
CA LYS KD 42 37.05 7.51 -61.63
C LYS KD 42 38.50 7.97 -61.55
N GLN KD 43 39.04 8.47 -62.66
CA GLN KD 43 40.34 9.09 -62.71
C GLN KD 43 40.27 10.53 -62.21
N GLN KD 44 41.31 11.29 -62.51
CA GLN KD 44 41.53 12.58 -61.86
C GLN KD 44 40.59 13.66 -62.37
N LEU KD 45 39.65 13.34 -63.26
CA LEU KD 45 38.70 14.35 -63.73
C LEU KD 45 37.69 14.70 -62.65
N PHE KD 46 37.22 13.71 -61.89
CA PHE KD 46 36.31 14.03 -60.80
C PHE KD 46 37.05 14.63 -59.62
N SER KD 47 38.33 14.31 -59.47
CA SER KD 47 39.12 14.88 -58.38
C SER KD 47 39.41 16.35 -58.63
N TYR KD 48 39.27 16.82 -59.87
CA TYR KD 48 39.42 18.23 -60.13
C TYR KD 48 38.09 18.94 -60.09
N ALA KD 49 37.01 18.21 -59.81
CA ALA KD 49 35.74 18.87 -59.59
C ALA KD 49 35.61 19.35 -58.15
N ILE KD 50 36.19 18.59 -57.21
CA ILE KD 50 36.01 18.90 -55.80
C ILE KD 50 37.03 19.92 -55.35
N LEU KD 51 38.28 19.79 -55.79
CA LEU KD 51 39.29 20.80 -55.48
C LEU KD 51 38.96 22.13 -56.12
N GLY KD 52 38.34 22.10 -57.30
CA GLY KD 52 37.79 23.33 -57.85
C GLY KD 52 36.58 23.80 -57.09
N PHE KD 53 35.81 22.88 -56.51
CA PHE KD 53 34.68 23.26 -55.67
C PHE KD 53 35.18 23.84 -54.35
N ALA KD 54 36.16 23.19 -53.73
CA ALA KD 54 36.62 23.59 -52.40
C ALA KD 54 37.39 24.90 -52.46
N LEU KD 55 38.16 25.12 -53.53
CA LEU KD 55 38.89 26.36 -53.66
C LEU KD 55 37.96 27.51 -54.03
N SER KD 56 36.78 27.19 -54.54
CA SER KD 56 35.80 28.24 -54.82
C SER KD 56 34.95 28.52 -53.60
N GLU KD 57 34.65 27.50 -52.79
CA GLU KD 57 33.92 27.75 -51.55
C GLU KD 57 34.82 28.31 -50.48
N ALA KD 58 36.14 28.13 -50.63
CA ALA KD 58 37.09 28.82 -49.75
C ALA KD 58 37.03 30.32 -49.97
N MET KD 59 36.87 30.74 -51.22
CA MET KD 59 36.60 32.16 -51.49
C MET KD 59 35.11 32.45 -51.45
N GLY KD 60 34.30 31.45 -51.08
CA GLY KD 60 32.87 31.69 -50.98
C GLY KD 60 32.45 32.11 -49.59
N LEU KD 61 32.81 31.31 -48.57
CA LEU KD 61 32.21 31.49 -47.25
C LEU KD 61 32.84 32.63 -46.49
N PHE KD 62 34.11 32.94 -46.77
CA PHE KD 62 34.82 33.93 -45.96
C PHE KD 62 34.46 35.35 -46.40
N CYS KD 63 33.60 35.47 -47.42
CA CYS KD 63 32.94 36.74 -47.64
C CYS KD 63 31.80 36.94 -46.64
N LEU KD 64 31.25 35.84 -46.11
CA LEU KD 64 30.27 35.97 -45.03
C LEU KD 64 30.96 36.11 -43.69
N MET KD 65 32.28 35.93 -43.65
CA MET KD 65 33.06 36.20 -42.43
C MET KD 65 33.02 37.68 -42.06
N VAL KD 66 33.09 38.55 -43.08
CA VAL KD 66 33.07 39.99 -42.81
C VAL KD 66 31.64 40.45 -42.54
N ALA KD 67 30.67 39.61 -42.85
CA ALA KD 67 29.27 39.95 -42.56
C ALA KD 67 28.98 39.92 -41.07
N PHE KD 68 29.42 38.86 -40.38
CA PHE KD 68 29.09 38.72 -38.97
C PHE KD 68 29.90 39.68 -38.10
N LEU KD 69 31.15 39.99 -38.50
CA LEU KD 69 32.00 40.87 -37.71
C LEU KD 69 31.45 42.28 -37.68
N ILE KD 70 30.80 42.70 -38.77
CA ILE KD 70 30.12 44.00 -38.76
C ILE KD 70 28.90 43.93 -37.87
N LEU KD 71 28.21 42.78 -37.84
CA LEU KD 71 27.13 42.60 -36.88
C LEU KD 71 27.68 42.47 -35.47
N PHE KD 72 28.43 41.43 -35.19
CA PHE KD 72 28.89 41.15 -33.85
C PHE KD 72 30.30 41.68 -33.59
N ILE LD 1 12.70 54.07 -37.44
CA ILE LD 1 14.13 53.79 -37.56
C ILE LD 1 14.37 52.30 -37.38
N ASP LD 2 13.48 51.61 -36.66
CA ASP LD 2 13.63 50.18 -36.47
C ASP LD 2 13.22 49.41 -37.72
N THR LD 3 12.03 49.67 -38.24
CA THR LD 3 11.57 49.00 -39.44
C THR LD 3 12.24 49.60 -40.68
N ALA LD 4 12.81 50.80 -40.53
CA ALA LD 4 13.63 51.37 -41.58
C ALA LD 4 14.94 50.60 -41.76
N ALA LD 5 15.56 50.22 -40.65
CA ALA LD 5 16.88 49.60 -40.73
C ALA LD 5 16.78 48.15 -41.15
N LYS LD 6 15.69 47.48 -40.78
CA LYS LD 6 15.59 46.04 -40.97
C LYS LD 6 15.41 45.68 -42.44
N PHE LD 7 14.57 46.43 -43.15
CA PHE LD 7 14.13 45.98 -44.46
C PHE LD 7 15.18 46.20 -45.55
N ILE LD 8 16.02 47.23 -45.41
CA ILE LD 8 17.01 47.48 -46.46
C ILE LD 8 18.29 46.72 -46.16
N GLY LD 9 18.32 45.99 -45.06
CA GLY LD 9 19.31 44.94 -44.91
C GLY LD 9 18.79 43.61 -45.43
N ALA LD 10 17.47 43.50 -45.60
CA ALA LD 10 16.88 42.25 -46.03
C ALA LD 10 16.79 42.18 -47.56
N GLY LD 11 16.42 43.28 -48.20
CA GLY LD 11 16.35 43.28 -49.64
C GLY LD 11 17.72 43.24 -50.29
N ALA LD 12 18.72 43.85 -49.64
CA ALA LD 12 20.06 43.89 -50.20
C ALA LD 12 20.81 42.59 -49.95
N ALA LD 13 20.19 41.65 -49.24
CA ALA LD 13 20.78 40.34 -49.07
C ALA LD 13 20.23 39.34 -50.08
N THR LD 14 19.03 39.60 -50.60
CA THR LD 14 18.36 38.66 -51.48
C THR LD 14 18.86 38.83 -52.92
N VAL LD 15 19.79 39.75 -53.13
CA VAL LD 15 20.44 39.92 -54.43
C VAL LD 15 21.39 38.75 -54.64
N GLY LD 16 21.97 38.26 -53.54
CA GLY LD 16 22.96 37.20 -53.64
C GLY LD 16 22.37 35.83 -53.95
N VAL LD 17 21.05 35.68 -53.79
CA VAL LD 17 20.43 34.37 -53.99
C VAL LD 17 19.99 34.20 -55.44
N ALA LD 18 19.99 35.29 -56.21
CA ALA LD 18 19.87 35.16 -57.65
C ALA LD 18 21.26 35.29 -58.26
N GLY LD 19 22.28 35.39 -57.40
CA GLY LD 19 23.65 35.32 -57.87
C GLY LD 19 24.09 33.89 -58.16
N SER LD 20 23.27 32.92 -57.77
CA SER LD 20 23.55 31.53 -58.12
C SER LD 20 22.61 31.02 -59.20
N GLY LD 21 21.72 31.88 -59.70
CA GLY LD 21 20.94 31.50 -60.86
C GLY LD 21 21.79 31.47 -62.12
N ALA LD 22 22.83 32.31 -62.17
CA ALA LD 22 23.70 32.37 -63.34
C ALA LD 22 24.62 31.16 -63.39
N GLY LD 23 24.71 30.40 -62.31
CA GLY LD 23 25.48 29.16 -62.36
C GLY LD 23 24.69 28.00 -62.92
N ILE LD 24 23.40 27.89 -62.55
CA ILE LD 24 22.60 26.78 -63.05
C ILE LD 24 22.13 27.06 -64.46
N GLY LD 25 22.32 28.28 -64.95
CA GLY LD 25 22.30 28.48 -66.38
C GLY LD 25 23.39 27.68 -67.06
N THR LD 26 24.57 27.64 -66.45
CA THR LD 26 25.65 26.85 -67.02
C THR LD 26 25.46 25.38 -66.70
N VAL LD 27 24.96 25.05 -65.51
CA VAL LD 27 24.82 23.64 -65.12
C VAL LD 27 23.76 22.95 -65.97
N PHE LD 28 22.57 23.54 -66.05
CA PHE LD 28 21.51 22.92 -66.82
C PHE LD 28 21.72 23.15 -68.31
N GLY LD 29 22.50 24.18 -68.65
CA GLY LD 29 22.72 24.49 -70.06
C GLY LD 29 23.84 23.69 -70.68
N SER LD 30 24.91 23.40 -69.92
CA SER LD 30 26.02 22.65 -70.51
C SER LD 30 25.75 21.17 -70.48
N MET LD 31 24.56 20.75 -70.09
CA MET LD 31 24.16 19.37 -70.31
C MET LD 31 23.84 19.14 -71.77
N ILE LD 32 23.45 20.21 -72.47
CA ILE LD 32 23.04 20.13 -73.87
C ILE LD 32 24.21 19.73 -74.75
N ILE LD 33 25.36 20.38 -74.57
CA ILE LD 33 26.50 20.15 -75.43
C ILE LD 33 27.18 18.83 -75.08
N GLY LD 34 26.90 18.30 -73.90
CA GLY LD 34 27.42 16.98 -73.57
C GLY LD 34 26.55 15.87 -74.11
N TYR LD 35 25.23 16.09 -74.10
CA TYR LD 35 24.28 15.05 -74.49
C TYR LD 35 24.33 14.78 -75.98
N ALA LD 36 24.70 15.78 -76.77
CA ALA LD 36 24.71 15.64 -78.23
C ALA LD 36 25.94 14.90 -78.72
N ARG LD 37 27.04 14.97 -77.99
CA ARG LD 37 28.20 14.19 -78.41
C ARG LD 37 27.97 12.71 -78.11
N ASN LD 38 27.37 12.40 -76.96
CA ASN LD 38 27.24 11.03 -76.52
C ASN LD 38 25.86 10.84 -75.89
N PRO LD 39 25.02 9.96 -76.41
CA PRO LD 39 23.76 9.65 -75.72
C PRO LD 39 23.83 8.44 -74.78
N SER LD 40 24.63 8.57 -73.73
CA SER LD 40 24.56 7.66 -72.59
C SER LD 40 23.80 8.33 -71.45
N LEU LD 41 22.47 8.36 -71.58
CA LEU LD 41 21.66 9.38 -70.93
C LEU LD 41 21.42 9.09 -69.46
N LYS LD 42 20.89 7.91 -69.14
CA LYS LD 42 20.57 7.59 -67.74
C LYS LD 42 21.80 7.11 -66.96
N GLN LD 43 23.00 7.39 -67.46
CA GLN LD 43 24.28 7.15 -66.80
C GLN LD 43 24.46 8.28 -65.79
N GLN LD 44 25.70 8.48 -65.31
CA GLN LD 44 25.99 9.56 -64.39
C GLN LD 44 25.86 10.95 -65.03
N LEU LD 45 25.61 11.00 -66.35
CA LEU LD 45 25.50 12.26 -67.09
C LEU LD 45 24.38 13.15 -66.55
N PHE LD 46 23.15 12.65 -66.50
CA PHE LD 46 22.07 13.45 -65.92
C PHE LD 46 22.22 13.53 -64.40
N SER LD 47 22.87 12.54 -63.80
CA SER LD 47 23.00 12.54 -62.35
C SER LD 47 24.13 13.47 -61.89
N TYR LD 48 25.13 13.71 -62.75
CA TYR LD 48 26.12 14.73 -62.42
C TYR LD 48 25.51 16.13 -62.47
N ALA LD 49 24.42 16.28 -63.24
CA ALA LD 49 23.70 17.55 -63.25
C ALA LD 49 23.02 17.80 -61.92
N ILE LD 50 22.48 16.75 -61.29
CA ILE LD 50 21.86 16.91 -59.98
C ILE LD 50 22.90 17.25 -58.92
N LEU LD 51 24.11 16.71 -59.07
CA LEU LD 51 25.21 17.15 -58.22
C LEU LD 51 25.62 18.60 -58.53
N GLY LD 52 25.30 19.07 -59.74
CA GLY LD 52 25.48 20.48 -60.02
C GLY LD 52 24.27 21.30 -59.62
N PHE LD 53 23.07 20.79 -59.88
CA PHE LD 53 21.85 21.58 -59.74
C PHE LD 53 21.53 21.88 -58.28
N ALA LD 54 21.78 20.92 -57.39
CA ALA LD 54 21.39 21.10 -56.00
C ALA LD 54 22.56 21.57 -55.14
N LEU LD 55 23.77 21.57 -55.70
CA LEU LD 55 24.89 22.17 -54.98
C LEU LD 55 25.01 23.65 -55.31
N SER LD 56 24.64 24.04 -56.53
CA SER LD 56 24.64 25.45 -56.87
C SER LD 56 23.42 26.16 -56.29
N GLU LD 57 22.31 25.44 -56.16
CA GLU LD 57 21.18 25.97 -55.40
C GLU LD 57 21.50 26.02 -53.90
N ALA LD 58 22.47 25.21 -53.46
CA ALA LD 58 22.86 25.20 -52.05
C ALA LD 58 23.66 26.44 -51.68
N MET LD 59 24.14 27.19 -52.68
CA MET LD 59 24.61 28.54 -52.39
C MET LD 59 23.50 29.55 -52.65
N GLY LD 60 22.46 29.13 -53.36
CA GLY LD 60 21.31 30.00 -53.55
C GLY LD 60 20.45 30.08 -52.30
N LEU LD 61 20.12 28.94 -51.71
CA LEU LD 61 19.35 28.94 -50.46
C LEU LD 61 20.28 29.08 -49.24
N PHE LD 62 21.56 29.38 -49.48
CA PHE LD 62 22.45 29.75 -48.40
C PHE LD 62 22.04 31.08 -47.79
N CYS LD 63 22.04 32.14 -48.59
CA CYS LD 63 21.92 33.50 -48.05
C CYS LD 63 20.48 33.82 -47.66
N LEU LD 64 19.52 33.00 -48.12
CA LEU LD 64 18.12 33.33 -47.91
C LEU LD 64 17.71 33.17 -46.44
N MET LD 65 18.39 32.29 -45.70
CA MET LD 65 18.21 32.25 -44.26
C MET LD 65 18.86 33.46 -43.60
N VAL LD 66 19.99 33.91 -44.15
CA VAL LD 66 20.72 35.05 -43.58
C VAL LD 66 19.94 36.34 -43.77
N ALA LD 67 19.15 36.42 -44.84
CA ALA LD 67 18.22 37.53 -44.98
C ALA LD 67 17.13 37.45 -43.91
N PHE LD 68 16.58 36.26 -43.68
CA PHE LD 68 15.57 36.13 -42.64
C PHE LD 68 16.20 36.06 -41.26
N LEU LD 69 17.54 35.97 -41.19
CA LEU LD 69 18.24 36.10 -39.92
C LEU LD 69 18.25 37.56 -39.48
N ILE LD 70 18.12 38.49 -40.43
CA ILE LD 70 18.14 39.92 -40.14
C ILE LD 70 16.76 40.52 -40.43
N LEU LD 71 15.79 39.68 -40.77
CA LEU LD 71 14.40 40.16 -40.67
C LEU LD 71 14.02 40.35 -39.21
N PHE LD 72 14.45 39.45 -38.34
CA PHE LD 72 14.07 39.47 -36.93
C PHE LD 72 15.17 40.02 -36.04
N ILE MD 1 9.76 57.92 -42.30
CA ILE MD 1 11.01 57.18 -42.34
C ILE MD 1 10.69 55.75 -42.79
N ASP MD 2 9.42 55.37 -42.67
CA ASP MD 2 9.00 54.07 -43.21
C ASP MD 2 8.95 54.10 -44.72
N THR MD 3 8.59 55.25 -45.29
CA THR MD 3 8.50 55.38 -46.74
C THR MD 3 9.87 55.39 -47.39
N ALA MD 4 10.88 55.87 -46.66
CA ALA MD 4 12.22 55.97 -47.21
C ALA MD 4 12.91 54.62 -47.24
N ALA MD 5 12.31 53.62 -46.60
CA ALA MD 5 12.93 52.30 -46.58
C ALA MD 5 12.25 51.34 -47.54
N LYS MD 6 10.95 51.51 -47.76
CA LYS MD 6 10.21 50.57 -48.60
C LYS MD 6 10.62 50.69 -50.06
N PHE MD 7 11.06 51.87 -50.48
CA PHE MD 7 11.28 52.12 -51.90
C PHE MD 7 12.72 51.80 -52.30
N ILE MD 8 13.65 51.96 -51.37
CA ILE MD 8 15.01 51.54 -51.63
C ILE MD 8 15.13 50.03 -51.50
N GLY MD 9 14.26 49.42 -50.69
CA GLY MD 9 14.36 47.99 -50.45
C GLY MD 9 14.00 47.16 -51.67
N ALA MD 10 12.86 47.45 -52.30
CA ALA MD 10 12.42 46.67 -53.46
C ALA MD 10 13.31 46.92 -54.67
N GLY MD 11 13.80 48.16 -54.83
CA GLY MD 11 14.70 48.45 -55.93
C GLY MD 11 16.05 47.81 -55.75
N ALA MD 12 16.47 47.61 -54.51
CA ALA MD 12 17.63 46.78 -54.25
C ALA MD 12 17.32 45.32 -54.54
N ALA MD 13 16.08 44.91 -54.29
CA ALA MD 13 15.74 43.49 -54.42
C ALA MD 13 15.50 43.10 -55.88
N THR MD 14 15.54 44.06 -56.80
CA THR MD 14 15.28 43.78 -58.20
C THR MD 14 16.57 43.44 -58.93
N VAL MD 15 17.70 43.78 -58.34
CA VAL MD 15 19.04 43.71 -58.92
C VAL MD 15 19.40 42.28 -59.32
N GLY MD 16 18.91 41.30 -58.57
CA GLY MD 16 19.37 39.94 -58.74
C GLY MD 16 18.90 39.29 -60.03
N VAL MD 17 17.77 39.76 -60.57
CA VAL MD 17 17.15 39.10 -61.72
C VAL MD 17 18.01 39.29 -62.97
N ALA MD 18 18.89 40.29 -62.95
CA ALA MD 18 19.98 40.42 -63.91
C ALA MD 18 20.88 39.20 -63.92
N GLY MD 19 21.04 38.54 -62.78
CA GLY MD 19 21.74 37.28 -62.78
C GLY MD 19 21.00 36.18 -63.53
N SER MD 20 19.67 36.26 -63.55
CA SER MD 20 18.89 35.20 -64.17
C SER MD 20 18.96 35.26 -65.69
N GLY MD 21 18.84 36.47 -66.25
CA GLY MD 21 18.92 36.60 -67.70
C GLY MD 21 20.30 36.31 -68.24
N ALA MD 22 21.33 36.50 -67.40
CA ALA MD 22 22.69 36.31 -67.87
C ALA MD 22 23.08 34.84 -67.86
N GLY MD 23 22.23 33.99 -67.29
CA GLY MD 23 22.41 32.57 -67.48
C GLY MD 23 21.41 32.00 -68.47
N ILE MD 24 20.26 32.67 -68.62
CA ILE MD 24 19.19 32.13 -69.46
C ILE MD 24 19.50 32.35 -70.93
N GLY MD 25 20.45 33.23 -71.22
CA GLY MD 25 20.95 33.31 -72.58
C GLY MD 25 21.86 32.16 -72.91
N THR MD 26 22.46 31.55 -71.89
CA THR MD 26 23.35 30.43 -72.13
C THR MD 26 22.57 29.17 -72.46
N VAL MD 27 21.36 29.04 -71.89
CA VAL MD 27 20.62 27.79 -72.03
C VAL MD 27 19.94 27.72 -73.38
N PHE MD 28 19.90 28.81 -74.12
CA PHE MD 28 19.54 28.70 -75.53
C PHE MD 28 20.78 28.86 -76.40
N GLY MD 29 21.83 29.42 -75.82
CA GLY MD 29 23.09 29.55 -76.55
C GLY MD 29 23.89 28.27 -76.49
N SER MD 30 23.41 27.29 -75.75
CA SER MD 30 23.97 25.97 -75.85
C SER MD 30 23.10 25.07 -76.72
N MET MD 31 21.85 25.47 -76.97
CA MET MD 31 20.99 24.65 -77.80
C MET MD 31 21.14 25.02 -79.27
N ILE MD 32 21.59 26.24 -79.55
CA ILE MD 32 22.00 26.62 -80.90
C ILE MD 32 23.19 25.78 -81.35
N ILE MD 33 24.21 25.67 -80.51
CA ILE MD 33 25.35 24.82 -80.82
C ILE MD 33 25.00 23.35 -80.59
N GLY MD 34 23.89 23.09 -79.89
CA GLY MD 34 23.49 21.70 -79.69
C GLY MD 34 22.89 21.08 -80.93
N TYR MD 35 21.89 21.75 -81.51
CA TYR MD 35 21.20 21.22 -82.68
C TYR MD 35 22.08 21.34 -83.93
N ALA MD 36 23.03 22.26 -83.93
CA ALA MD 36 23.86 22.44 -85.11
C ALA MD 36 24.99 21.43 -85.18
N ARG MD 37 25.10 20.56 -84.18
CA ARG MD 37 26.05 19.46 -84.28
C ARG MD 37 25.35 18.16 -84.67
N ASN MD 38 24.16 17.94 -84.14
CA ASN MD 38 23.45 16.69 -84.27
C ASN MD 38 21.96 17.04 -84.29
N PRO MD 39 21.29 16.97 -85.44
CA PRO MD 39 19.86 17.34 -85.50
C PRO MD 39 18.95 16.38 -84.74
N SER MD 40 18.93 16.55 -83.42
CA SER MD 40 18.11 15.80 -82.49
C SER MD 40 17.14 16.73 -81.77
N LEU MD 41 16.47 17.56 -82.56
CA LEU MD 41 15.63 18.63 -82.02
C LEU MD 41 14.35 18.11 -81.39
N LYS MD 42 13.56 17.32 -82.12
CA LYS MD 42 12.24 16.92 -81.68
C LYS MD 42 12.29 15.93 -80.51
N GLN MD 43 13.42 15.27 -80.34
CA GLN MD 43 13.71 14.46 -79.15
C GLN MD 43 14.21 15.34 -78.01
N GLN MD 44 14.84 14.72 -77.01
CA GLN MD 44 14.90 15.26 -75.64
C GLN MD 44 15.65 16.58 -75.51
N LEU MD 45 16.32 17.05 -76.57
CA LEU MD 45 17.19 18.21 -76.45
C LEU MD 45 16.41 19.50 -76.25
N PHE MD 46 15.38 19.71 -77.07
CA PHE MD 46 14.62 20.96 -77.00
C PHE MD 46 13.80 21.03 -75.72
N SER MD 47 13.38 19.88 -75.20
CA SER MD 47 12.57 19.86 -73.99
C SER MD 47 13.41 20.25 -72.78
N TYR MD 48 14.72 20.02 -72.85
CA TYR MD 48 15.62 20.46 -71.79
C TYR MD 48 15.70 21.98 -71.73
N ALA MD 49 15.64 22.64 -72.90
CA ALA MD 49 15.63 24.09 -72.90
C ALA MD 49 14.30 24.63 -72.39
N ILE MD 50 13.23 23.84 -72.55
CA ILE MD 50 11.96 24.21 -71.94
C ILE MD 50 12.04 24.05 -70.44
N LEU MD 51 12.73 23.01 -69.96
CA LEU MD 51 13.04 22.94 -68.53
C LEU MD 51 14.07 23.99 -68.13
N GLY MD 52 14.99 24.31 -69.04
CA GLY MD 52 16.07 25.23 -68.70
C GLY MD 52 15.60 26.66 -68.55
N PHE MD 53 14.63 27.07 -69.35
CA PHE MD 53 14.01 28.37 -69.15
C PHE MD 53 13.13 28.37 -67.91
N ALA MD 54 12.45 27.25 -67.65
CA ALA MD 54 11.52 27.19 -66.53
C ALA MD 54 12.24 27.15 -65.19
N LEU MD 55 13.42 26.53 -65.15
CA LEU MD 55 14.11 26.38 -63.87
C LEU MD 55 14.76 27.68 -63.43
N SER MD 56 15.62 28.25 -64.27
CA SER MD 56 16.44 29.39 -63.83
C SER MD 56 15.60 30.65 -63.67
N GLU MD 57 14.44 30.70 -64.31
CA GLU MD 57 13.54 31.83 -64.09
C GLU MD 57 12.86 31.72 -62.74
N ALA MD 58 12.73 30.49 -62.22
CA ALA MD 58 12.18 30.31 -60.88
C ALA MD 58 13.18 30.75 -59.82
N MET MD 59 14.48 30.69 -60.13
CA MET MD 59 15.46 31.37 -59.28
C MET MD 59 15.34 32.88 -59.44
N GLY MD 60 14.83 33.33 -60.57
CA GLY MD 60 14.76 34.76 -60.82
C GLY MD 60 13.47 35.38 -60.34
N LEU MD 61 12.32 34.76 -60.68
CA LEU MD 61 11.04 35.44 -60.47
C LEU MD 61 10.63 35.44 -59.00
N PHE MD 62 11.22 34.57 -58.19
CA PHE MD 62 10.98 34.62 -56.74
C PHE MD 62 11.59 35.87 -56.13
N CYS MD 63 12.71 36.33 -56.69
CA CYS MD 63 13.38 37.52 -56.17
C CYS MD 63 12.55 38.77 -56.41
N LEU MD 64 11.73 38.76 -57.46
CA LEU MD 64 10.78 39.84 -57.67
C LEU MD 64 9.67 39.81 -56.62
N MET MD 65 9.28 38.61 -56.20
CA MET MD 65 8.26 38.47 -55.15
C MET MD 65 8.80 38.93 -53.80
N VAL MD 66 10.12 38.86 -53.63
CA VAL MD 66 10.76 39.46 -52.45
C VAL MD 66 10.61 40.96 -52.46
N ALA MD 67 10.63 41.57 -53.64
CA ALA MD 67 10.51 43.02 -53.73
C ALA MD 67 9.10 43.50 -53.40
N PHE MD 68 8.10 42.64 -53.60
CA PHE MD 68 6.72 43.06 -53.40
C PHE MD 68 6.37 43.17 -51.92
N LEU MD 69 6.88 42.26 -51.10
CA LEU MD 69 6.55 42.28 -49.67
C LEU MD 69 7.28 43.41 -48.95
N ILE MD 70 8.40 43.85 -49.51
CA ILE MD 70 9.02 45.09 -49.04
C ILE MD 70 8.15 46.28 -49.43
N LEU MD 71 7.62 46.26 -50.65
CA LEU MD 71 6.72 47.32 -51.08
C LEU MD 71 5.36 47.21 -50.38
N PHE MD 72 4.90 46.00 -50.15
CA PHE MD 72 3.66 45.79 -49.40
C PHE MD 72 3.91 45.06 -48.08
N ILE ND 1 12.04 64.93 -48.75
CA ILE ND 1 12.44 63.63 -48.21
C ILE ND 1 11.47 62.54 -48.68
N ASP ND 2 10.20 62.90 -48.79
CA ASP ND 2 9.22 61.97 -49.34
C ASP ND 2 9.42 61.77 -50.83
N THR ND 3 9.87 62.82 -51.53
CA THR ND 3 10.21 62.69 -52.95
C THR ND 3 11.56 62.01 -53.14
N ALA ND 4 12.39 62.00 -52.10
CA ALA ND 4 13.73 61.43 -52.22
C ALA ND 4 13.67 59.92 -52.32
N ALA ND 5 12.68 59.30 -51.69
CA ALA ND 5 12.55 57.85 -51.74
C ALA ND 5 12.14 57.36 -53.12
N LYS ND 6 11.46 58.22 -53.88
CA LYS ND 6 11.17 57.93 -55.29
C LYS ND 6 12.44 57.79 -56.11
N PHE ND 7 13.43 58.65 -55.82
CA PHE ND 7 14.60 58.77 -56.70
C PHE ND 7 15.60 57.65 -56.42
N ILE ND 8 15.67 57.19 -55.18
CA ILE ND 8 16.73 56.29 -54.78
C ILE ND 8 16.45 54.87 -55.27
N GLY ND 9 15.19 54.56 -55.53
CA GLY ND 9 14.82 53.18 -55.78
C GLY ND 9 15.02 52.76 -57.23
N ALA ND 10 14.67 53.65 -58.16
CA ALA ND 10 14.67 53.28 -59.57
C ALA ND 10 16.08 53.16 -60.11
N GLY ND 11 17.00 53.99 -59.61
CA GLY ND 11 18.39 53.88 -60.01
C GLY ND 11 19.02 52.60 -59.50
N ALA ND 12 18.50 52.08 -58.39
CA ALA ND 12 18.92 50.77 -57.92
C ALA ND 12 18.30 49.66 -58.75
N ALA ND 13 17.01 49.79 -59.09
CA ALA ND 13 16.34 48.75 -59.87
C ALA ND 13 16.67 48.86 -61.35
N THR ND 14 17.40 49.91 -61.72
CA THR ND 14 17.87 50.08 -63.09
C THR ND 14 18.83 48.97 -63.49
N VAL ND 15 19.61 48.48 -62.52
CA VAL ND 15 20.79 47.68 -62.81
C VAL ND 15 20.37 46.22 -63.03
N GLY ND 16 19.09 45.92 -62.83
CA GLY ND 16 18.61 44.57 -63.09
C GLY ND 16 18.48 44.25 -64.58
N VAL ND 17 18.80 45.22 -65.43
CA VAL ND 17 18.81 44.98 -66.88
C VAL ND 17 20.25 44.87 -67.38
N ALA ND 18 21.24 45.08 -66.51
CA ALA ND 18 22.63 44.98 -66.88
C ALA ND 18 23.02 43.56 -67.25
N GLY ND 19 22.57 42.60 -66.45
CA GLY ND 19 22.85 41.22 -66.77
C GLY ND 19 22.02 40.72 -67.92
N SER ND 20 20.77 41.18 -68.01
CA SER ND 20 19.94 40.85 -69.17
C SER ND 20 20.45 41.55 -70.43
N GLY ND 21 21.24 42.61 -70.26
CA GLY ND 21 21.98 43.16 -71.37
C GLY ND 21 23.04 42.21 -71.89
N ALA ND 22 23.80 41.59 -70.98
CA ALA ND 22 24.78 40.61 -71.41
C ALA ND 22 24.13 39.26 -71.66
N GLY ND 23 22.87 39.10 -71.22
CA GLY ND 23 22.18 37.84 -71.43
C GLY ND 23 21.69 37.67 -72.85
N ILE ND 24 21.78 38.73 -73.66
CA ILE ND 24 21.47 38.62 -75.08
C ILE ND 24 22.75 38.71 -75.90
N GLY ND 25 23.86 39.03 -75.24
CA GLY ND 25 25.11 39.12 -75.96
C GLY ND 25 25.74 37.77 -76.22
N THR ND 26 25.30 36.75 -75.48
CA THR ND 26 25.90 35.43 -75.65
C THR ND 26 25.07 34.57 -76.59
N VAL ND 27 23.78 34.88 -76.71
CA VAL ND 27 22.92 34.13 -77.63
C VAL ND 27 23.25 34.49 -79.08
N PHE ND 28 23.93 35.62 -79.28
CA PHE ND 28 24.49 35.92 -80.60
C PHE ND 28 25.93 35.48 -80.70
N GLY ND 29 26.56 35.22 -79.56
CA GLY ND 29 27.90 34.66 -79.58
C GLY ND 29 27.89 33.17 -79.84
N SER ND 30 26.70 32.57 -79.81
CA SER ND 30 26.58 31.17 -80.19
C SER ND 30 26.38 31.02 -81.69
N MET ND 31 25.54 31.86 -82.27
CA MET ND 31 25.09 31.65 -83.64
C MET ND 31 26.19 31.98 -84.63
N ILE ND 32 27.19 32.74 -84.19
CA ILE ND 32 28.43 32.83 -84.94
C ILE ND 32 29.12 31.48 -85.00
N ILE ND 33 29.37 30.89 -83.83
CA ILE ND 33 30.12 29.65 -83.77
C ILE ND 33 29.21 28.46 -84.00
N GLY ND 34 27.90 28.69 -84.07
CA GLY ND 34 26.98 27.62 -84.41
C GLY ND 34 26.83 27.44 -85.90
N TYR ND 35 26.62 28.55 -86.62
CA TYR ND 35 26.43 28.48 -88.06
C TYR ND 35 27.70 28.09 -88.79
N ALA ND 36 28.85 28.41 -88.22
CA ALA ND 36 30.11 28.22 -88.92
C ALA ND 36 30.52 26.75 -88.99
N ARG ND 37 29.74 25.87 -88.37
CA ARG ND 37 29.87 24.44 -88.67
C ARG ND 37 28.88 24.01 -89.75
N ASN ND 38 27.60 24.31 -89.55
CA ASN ND 38 26.51 23.68 -90.29
C ASN ND 38 25.70 24.76 -90.99
N PRO ND 39 25.98 25.07 -92.24
CA PRO ND 39 25.16 26.06 -92.97
C PRO ND 39 23.76 25.57 -93.29
N SER ND 40 22.91 25.66 -92.28
CA SER ND 40 21.48 25.41 -92.36
C SER ND 40 20.75 26.63 -91.83
N LEU ND 41 21.12 27.79 -92.36
CA LEU ND 41 20.92 29.08 -91.70
C LEU ND 41 19.46 29.49 -91.63
N LYS ND 42 18.80 29.64 -92.78
CA LYS ND 42 17.44 30.16 -92.87
C LYS ND 42 16.41 29.27 -92.17
N GLN ND 43 16.75 28.02 -91.90
CA GLN ND 43 15.95 27.12 -91.10
C GLN ND 43 16.17 27.41 -89.62
N GLN ND 44 15.81 26.46 -88.76
CA GLN ND 44 15.53 26.76 -87.35
C GLN ND 44 16.78 27.09 -86.53
N LEU ND 45 17.94 27.30 -87.16
CA LEU ND 45 19.06 27.89 -86.45
C LEU ND 45 18.78 29.34 -86.11
N PHE ND 46 18.39 30.15 -87.10
CA PHE ND 46 18.17 31.57 -86.83
C PHE ND 46 16.84 31.78 -86.14
N SER ND 47 15.85 30.92 -86.41
CA SER ND 47 14.52 31.12 -85.88
C SER ND 47 14.48 30.89 -84.38
N TYR ND 48 15.44 30.11 -83.85
CA TYR ND 48 15.52 29.93 -82.42
C TYR ND 48 16.23 31.09 -81.73
N ALA ND 49 17.20 31.69 -82.40
CA ALA ND 49 17.93 32.80 -81.79
C ALA ND 49 17.07 34.06 -81.74
N ILE ND 50 16.01 34.11 -82.54
CA ILE ND 50 15.03 35.18 -82.42
C ILE ND 50 14.27 35.03 -81.13
N LEU ND 51 13.86 33.81 -80.79
CA LEU ND 51 13.04 33.56 -79.62
C LEU ND 51 13.80 33.79 -78.33
N GLY ND 52 15.10 33.46 -78.33
CA GLY ND 52 15.89 33.66 -77.13
C GLY ND 52 16.13 35.12 -76.81
N PHE ND 53 16.11 35.97 -77.83
CA PHE ND 53 16.32 37.39 -77.61
C PHE ND 53 15.08 38.03 -77.00
N ALA ND 54 13.92 37.86 -77.64
CA ALA ND 54 12.71 38.58 -77.24
C ALA ND 54 12.19 38.08 -75.90
N LEU ND 55 12.53 36.86 -75.53
CA LEU ND 55 12.16 36.38 -74.21
C LEU ND 55 13.04 37.01 -73.13
N SER ND 56 14.35 37.09 -73.38
CA SER ND 56 15.28 37.54 -72.35
C SER ND 56 15.22 39.05 -72.17
N GLU ND 57 15.03 39.81 -73.26
CA GLU ND 57 14.97 41.26 -73.13
C GLU ND 57 13.65 41.69 -72.53
N ALA ND 58 12.61 40.86 -72.66
CA ALA ND 58 11.34 41.14 -72.00
C ALA ND 58 11.49 41.04 -70.49
N MET ND 59 12.30 40.09 -70.02
CA MET ND 59 12.53 40.00 -68.58
C MET ND 59 13.47 41.10 -68.11
N GLY ND 60 14.24 41.68 -69.04
CA GLY ND 60 14.91 42.91 -68.72
C GLY ND 60 13.98 44.11 -68.79
N LEU ND 61 13.00 44.06 -69.70
CA LEU ND 61 12.10 45.19 -69.87
C LEU ND 61 11.08 45.27 -68.75
N PHE ND 62 10.71 44.12 -68.16
CA PHE ND 62 9.85 44.15 -66.99
C PHE ND 62 10.60 44.67 -65.78
N CYS ND 63 11.92 44.54 -65.77
CA CYS ND 63 12.71 45.15 -64.72
C CYS ND 63 12.74 46.66 -64.87
N LEU ND 64 12.55 47.16 -66.09
CA LEU ND 64 12.41 48.59 -66.27
C LEU ND 64 10.99 49.06 -65.99
N MET ND 65 10.03 48.13 -66.05
CA MET ND 65 8.64 48.50 -65.77
C MET ND 65 8.46 48.78 -64.28
N VAL ND 66 9.16 48.05 -63.43
CA VAL ND 66 9.06 48.32 -62.00
C VAL ND 66 9.84 49.57 -61.64
N ALA ND 67 10.76 49.99 -62.51
CA ALA ND 67 11.48 51.23 -62.27
C ALA ND 67 10.56 52.43 -62.43
N PHE ND 68 9.50 52.30 -63.24
CA PHE ND 68 8.56 53.40 -63.42
C PHE ND 68 7.59 53.50 -62.24
N LEU ND 69 7.21 52.36 -61.67
CA LEU ND 69 6.28 52.37 -60.55
C LEU ND 69 6.94 52.89 -59.28
N ILE ND 70 8.23 52.61 -59.12
CA ILE ND 70 9.00 53.28 -58.07
C ILE ND 70 9.13 54.76 -58.40
N LEU ND 71 9.25 55.09 -59.69
CA LEU ND 71 9.29 56.50 -60.07
C LEU ND 71 7.91 57.14 -59.94
N PHE ND 72 6.86 56.39 -60.25
CA PHE ND 72 5.50 56.93 -60.16
C PHE ND 72 4.62 56.03 -59.30
N ILE OD 1 19.07 68.50 -49.21
CA ILE OD 1 18.43 67.19 -49.15
C ILE OD 1 17.77 66.91 -50.49
N ASP OD 2 17.35 67.99 -51.17
CA ASP OD 2 16.73 67.83 -52.47
C ASP OD 2 17.77 67.55 -53.55
N THR OD 3 19.02 67.92 -53.30
CA THR OD 3 20.06 67.66 -54.28
C THR OD 3 20.62 66.24 -54.13
N ALA OD 4 20.48 65.63 -52.96
CA ALA OD 4 21.17 64.38 -52.68
C ALA OD 4 20.49 63.20 -53.39
N ALA OD 5 19.18 63.29 -53.61
CA ALA OD 5 18.48 62.23 -54.30
C ALA OD 5 18.72 62.29 -55.80
N LYS OD 6 19.28 63.40 -56.28
CA LYS OD 6 19.62 63.49 -57.70
C LYS OD 6 20.84 62.64 -58.03
N PHE OD 7 21.76 62.49 -57.08
CA PHE OD 7 23.05 61.93 -57.43
C PHE OD 7 23.12 60.44 -57.17
N ILE OD 8 22.34 59.95 -56.20
CA ILE OD 8 22.19 58.51 -56.05
C ILE OD 8 21.49 57.93 -57.27
N GLY OD 9 20.46 58.60 -57.76
CA GLY OD 9 19.86 58.19 -59.03
C GLY OD 9 20.77 58.40 -60.21
N ALA OD 10 21.77 59.29 -60.06
CA ALA OD 10 22.78 59.43 -61.10
C ALA OD 10 23.83 58.33 -61.00
N GLY OD 11 24.26 58.03 -59.78
CA GLY OD 11 25.34 57.07 -59.60
C GLY OD 11 24.89 55.63 -59.79
N ALA OD 12 23.70 55.30 -59.27
CA ALA OD 12 23.28 53.91 -59.27
C ALA OD 12 22.72 53.47 -60.61
N ALA OD 13 22.22 54.42 -61.41
CA ALA OD 13 21.66 54.04 -62.69
C ALA OD 13 22.74 53.84 -63.73
N THR OD 14 23.90 54.46 -63.53
CA THR OD 14 24.95 54.41 -64.54
C THR OD 14 25.68 53.07 -64.46
N VAL OD 15 25.51 52.37 -63.34
CA VAL OD 15 26.09 51.06 -63.05
C VAL OD 15 25.72 50.02 -64.11
N GLY OD 16 24.50 50.12 -64.63
CA GLY OD 16 23.98 49.05 -65.47
C GLY OD 16 24.55 49.06 -66.87
N VAL OD 17 25.35 50.08 -67.21
CA VAL OD 17 25.98 50.14 -68.51
C VAL OD 17 27.21 49.23 -68.54
N ALA OD 18 27.58 48.71 -67.38
CA ALA OD 18 28.69 47.77 -67.29
C ALA OD 18 28.33 46.42 -67.91
N GLY OD 19 27.06 46.03 -67.77
CA GLY OD 19 26.67 44.70 -68.20
C GLY OD 19 26.71 44.52 -69.70
N SER OD 20 26.23 45.51 -70.45
CA SER OD 20 26.22 45.38 -71.90
C SER OD 20 27.61 45.59 -72.48
N GLY OD 21 28.49 46.22 -71.72
CA GLY OD 21 29.89 46.27 -72.12
C GLY OD 21 30.56 44.93 -71.99
N ALA OD 22 30.02 44.07 -71.13
CA ALA OD 22 30.55 42.70 -71.03
C ALA OD 22 30.02 41.84 -72.15
N GLY OD 23 28.88 42.21 -72.73
CA GLY OD 23 28.26 41.37 -73.74
C GLY OD 23 28.93 41.47 -75.10
N ILE OD 24 29.46 42.66 -75.43
CA ILE OD 24 30.04 42.84 -76.75
C ILE OD 24 31.48 42.34 -76.77
N GLY OD 25 31.98 41.90 -75.62
CA GLY OD 25 33.23 41.15 -75.63
C GLY OD 25 33.00 39.71 -76.02
N THR OD 26 31.80 39.21 -75.76
CA THR OD 26 31.45 37.85 -76.16
C THR OD 26 31.31 37.75 -77.67
N VAL OD 27 30.52 38.66 -78.27
CA VAL OD 27 30.17 38.51 -79.68
C VAL OD 27 31.36 38.83 -80.57
N PHE OD 28 32.27 39.67 -80.09
CA PHE OD 28 33.48 39.93 -80.86
C PHE OD 28 34.54 38.91 -80.50
N GLY OD 29 34.35 38.23 -79.38
CA GLY OD 29 35.21 37.09 -79.11
C GLY OD 29 34.79 35.89 -79.93
N SER OD 30 33.49 35.79 -80.24
CA SER OD 30 32.99 34.59 -80.88
C SER OD 30 33.18 34.66 -82.40
N MET OD 31 33.34 35.87 -82.94
CA MET OD 31 33.61 36.03 -84.36
C MET OD 31 35.04 35.63 -84.69
N ILE OD 32 35.92 35.63 -83.70
CA ILE OD 32 37.30 35.21 -83.95
C ILE OD 32 37.36 33.70 -84.07
N ILE OD 33 36.52 33.01 -83.31
CA ILE OD 33 36.61 31.56 -83.30
C ILE OD 33 35.71 30.96 -84.39
N GLY OD 34 34.66 31.68 -84.77
CA GLY OD 34 33.83 31.19 -85.86
C GLY OD 34 34.52 31.31 -87.20
N TYR OD 35 35.36 32.32 -87.37
CA TYR OD 35 36.08 32.49 -88.62
C TYR OD 35 37.16 31.43 -88.78
N ALA OD 36 37.71 30.93 -87.68
CA ALA OD 36 38.86 30.02 -87.79
C ALA OD 36 38.44 28.63 -88.22
N ARG OD 37 37.13 28.34 -88.23
CA ARG OD 37 36.65 27.14 -88.89
C ARG OD 37 36.58 27.34 -90.39
N ASN OD 38 35.72 28.27 -90.82
CA ASN OD 38 35.17 28.32 -92.15
C ASN OD 38 35.35 29.73 -92.69
N PRO OD 39 36.45 30.01 -93.40
CA PRO OD 39 36.63 31.36 -93.97
C PRO OD 39 35.65 31.68 -95.09
N SER OD 40 34.42 31.95 -94.67
CA SER OD 40 33.36 32.56 -95.45
C SER OD 40 32.98 33.88 -94.78
N LEU OD 41 34.01 34.66 -94.46
CA LEU OD 41 33.89 35.65 -93.40
C LEU OD 41 33.13 36.88 -93.84
N LYS OD 42 33.37 37.35 -95.06
CA LYS OD 42 32.75 38.61 -95.50
C LYS OD 42 31.27 38.44 -95.81
N GLN OD 43 30.78 37.20 -95.81
CA GLN OD 43 29.37 36.89 -95.82
C GLN OD 43 28.79 37.00 -94.42
N GLN OD 44 27.64 36.37 -94.17
CA GLN OD 44 26.86 36.63 -92.96
C GLN OD 44 27.54 36.16 -91.67
N LEU OD 45 28.77 35.66 -91.72
CA LEU OD 45 29.54 35.43 -90.50
C LEU OD 45 29.86 36.72 -89.79
N PHE OD 46 30.51 37.67 -90.46
CA PHE OD 46 30.83 38.93 -89.84
C PHE OD 46 29.59 39.81 -89.70
N SER OD 47 28.62 39.64 -90.59
CA SER OD 47 27.45 40.49 -90.57
C SER OD 47 26.55 40.17 -89.39
N TYR OD 48 26.63 38.95 -88.86
CA TYR OD 48 25.87 38.61 -87.67
C TYR OD 48 26.49 39.22 -86.42
N ALA OD 49 27.78 39.53 -86.46
CA ALA OD 49 28.40 40.24 -85.35
C ALA OD 49 27.87 41.67 -85.25
N ILE OD 50 27.77 42.36 -86.39
CA ILE OD 50 27.27 43.74 -86.39
C ILE OD 50 25.76 43.74 -86.22
N LEU OD 51 25.11 42.61 -86.51
CA LEU OD 51 23.76 42.39 -86.01
C LEU OD 51 23.75 42.37 -84.48
N GLY OD 52 24.65 41.61 -83.88
CA GLY OD 52 24.55 41.37 -82.44
C GLY OD 52 25.09 42.53 -81.64
N PHE OD 53 26.16 43.14 -82.12
CA PHE OD 53 26.77 44.28 -81.44
C PHE OD 53 25.81 45.47 -81.34
N ALA OD 54 25.02 45.71 -82.37
CA ALA OD 54 24.09 46.82 -82.30
C ALA OD 54 22.92 46.50 -81.39
N LEU OD 55 22.65 45.23 -81.17
CA LEU OD 55 21.45 44.87 -80.42
C LEU OD 55 21.74 44.82 -78.92
N SER OD 56 23.00 44.52 -78.56
CA SER OD 56 23.35 44.52 -77.15
C SER OD 56 23.59 45.94 -76.63
N GLU OD 57 24.23 46.77 -77.45
CA GLU OD 57 24.48 48.16 -77.08
C GLU OD 57 23.18 48.96 -77.00
N ALA OD 58 22.16 48.52 -77.73
CA ALA OD 58 20.86 49.17 -77.66
C ALA OD 58 20.22 48.95 -76.30
N MET OD 59 20.51 47.82 -75.67
CA MET OD 59 20.03 47.60 -74.32
C MET OD 59 20.81 48.44 -73.32
N GLY OD 60 22.13 48.55 -73.52
CA GLY OD 60 22.95 49.28 -72.57
C GLY OD 60 22.70 50.78 -72.64
N LEU OD 61 22.44 51.29 -73.83
CA LEU OD 61 22.03 52.68 -73.96
C LEU OD 61 20.64 52.89 -73.39
N PHE OD 62 19.78 51.87 -73.47
CA PHE OD 62 18.46 51.94 -72.87
C PHE OD 62 18.56 52.00 -71.35
N CYS OD 63 19.60 51.40 -70.79
CA CYS OD 63 19.91 51.57 -69.39
C CYS OD 63 20.39 52.98 -69.10
N LEU OD 64 21.22 53.53 -69.99
CA LEU OD 64 21.84 54.82 -69.73
C LEU OD 64 20.86 55.95 -69.97
N MET OD 65 19.75 55.67 -70.67
CA MET OD 65 18.80 56.74 -71.01
C MET OD 65 17.99 57.17 -69.80
N VAL OD 66 17.83 56.30 -68.80
CA VAL OD 66 17.09 56.70 -67.61
C VAL OD 66 17.96 57.57 -66.72
N ALA OD 67 19.28 57.54 -66.94
CA ALA OD 67 20.18 58.38 -66.14
C ALA OD 67 19.99 59.84 -66.51
N PHE OD 68 19.56 60.13 -67.73
CA PHE OD 68 19.33 61.51 -68.13
C PHE OD 68 17.90 61.93 -67.86
N LEU OD 69 16.98 60.97 -67.70
CA LEU OD 69 15.62 61.32 -67.32
C LEU OD 69 15.51 61.58 -65.83
N ILE OD 70 16.07 60.68 -65.02
CA ILE OD 70 15.84 60.76 -63.58
C ILE OD 70 16.71 61.82 -62.94
N LEU OD 71 17.80 62.21 -63.61
CA LEU OD 71 18.59 63.32 -63.10
C LEU OD 71 17.91 64.63 -63.42
N PHE OD 72 17.17 64.67 -64.52
CA PHE OD 72 16.53 65.89 -64.97
C PHE OD 72 15.03 65.73 -65.12
N UNK PD 1 34.81 30.18 -75.44
CA UNK PD 1 33.69 31.07 -75.75
C UNK PD 1 32.37 30.45 -75.31
N UNK PD 2 32.38 29.14 -75.07
CA UNK PD 2 31.17 28.46 -74.62
C UNK PD 2 30.94 28.77 -73.15
N UNK PD 3 32.04 28.92 -72.43
CA UNK PD 3 31.99 29.11 -70.99
C UNK PD 3 32.14 30.59 -70.62
N UNK PD 4 32.12 31.44 -71.63
CA UNK PD 4 32.35 32.85 -71.42
C UNK PD 4 31.06 33.58 -71.09
N UNK PD 5 29.95 33.07 -71.59
CA UNK PD 5 28.68 33.76 -71.49
C UNK PD 5 28.20 33.74 -70.05
N UNK PD 6 28.47 32.65 -69.36
CA UNK PD 6 28.17 32.56 -67.94
C UNK PD 6 29.16 33.45 -67.20
N UNK PD 7 30.38 33.53 -67.72
CA UNK PD 7 31.41 34.40 -67.14
C UNK PD 7 31.06 35.86 -67.45
N UNK PD 8 30.38 36.06 -68.58
CA UNK PD 8 29.86 37.37 -68.92
C UNK PD 8 28.69 37.68 -67.99
N UNK PD 9 27.95 36.62 -67.66
CA UNK PD 9 26.81 36.70 -66.74
C UNK PD 9 27.29 36.63 -65.30
N UNK PD 10 28.59 36.40 -65.14
CA UNK PD 10 29.21 36.45 -63.84
C UNK PD 10 29.62 37.87 -63.50
N UNK PD 11 29.96 38.64 -64.52
CA UNK PD 11 30.15 40.07 -64.36
C UNK PD 11 29.00 40.81 -65.06
N UNK PD 12 27.83 40.17 -65.05
CA UNK PD 12 26.55 40.84 -65.27
C UNK PD 12 25.75 40.70 -63.97
N UNK PD 13 26.12 39.69 -63.18
CA UNK PD 13 25.60 39.49 -61.83
C UNK PD 13 26.46 40.22 -60.81
N UNK PD 14 27.67 40.57 -61.23
CA UNK PD 14 28.58 41.38 -60.42
C UNK PD 14 28.42 42.83 -60.78
N UNK PD 15 28.15 43.08 -62.06
CA UNK PD 15 27.89 44.43 -62.56
C UNK PD 15 26.66 45.01 -61.90
N UNK PD 16 25.58 44.23 -61.93
CA UNK PD 16 24.30 44.63 -61.36
C UNK PD 16 24.28 44.70 -59.83
N UNK PD 17 25.28 44.08 -59.21
CA UNK PD 17 25.30 43.85 -57.77
C UNK PD 17 25.39 45.12 -56.94
N UNK PD 18 26.30 46.01 -57.32
CA UNK PD 18 26.63 47.17 -56.49
C UNK PD 18 25.57 48.27 -56.50
N UNK PD 19 24.58 48.15 -57.38
CA UNK PD 19 23.53 49.14 -57.55
C UNK PD 19 22.58 49.17 -56.36
N UNK PD 20 22.22 47.99 -55.87
CA UNK PD 20 21.34 47.87 -54.71
C UNK PD 20 22.09 48.31 -53.46
N UNK PD 21 23.41 48.16 -53.48
CA UNK PD 21 24.28 48.72 -52.46
C UNK PD 21 24.41 50.23 -52.66
N UNK PD 22 24.46 50.65 -53.92
CA UNK PD 22 24.46 52.07 -54.25
C UNK PD 22 23.13 52.69 -53.88
N UNK PD 23 22.08 51.87 -53.96
CA UNK PD 23 20.80 52.22 -53.41
C UNK PD 23 20.92 52.29 -51.89
N UNK PD 24 21.54 51.28 -51.31
CA UNK PD 24 21.68 51.18 -49.87
C UNK PD 24 22.61 52.24 -49.28
N UNK PD 25 23.72 52.53 -49.96
CA UNK PD 25 24.70 53.47 -49.40
C UNK PD 25 24.19 54.90 -49.49
N UNK PD 26 23.19 55.12 -50.33
CA UNK PD 26 22.51 56.40 -50.37
C UNK PD 26 21.30 56.41 -49.46
N UNK PD 27 20.81 55.22 -49.12
CA UNK PD 27 19.58 55.08 -48.34
C UNK PD 27 19.75 55.62 -46.94
N UNK PD 28 20.83 55.20 -46.30
CA UNK PD 28 21.20 55.72 -45.00
C UNK PD 28 21.71 57.14 -45.15
N UNK PD 29 22.28 57.46 -46.32
CA UNK PD 29 22.67 58.83 -46.60
C UNK PD 29 21.44 59.71 -46.79
N UNK PD 30 20.39 59.17 -47.41
CA UNK PD 30 19.13 59.90 -47.50
C UNK PD 30 18.46 59.96 -46.14
N UNK PD 31 18.67 58.94 -45.33
CA UNK PD 31 18.11 58.90 -43.99
C UNK PD 31 18.80 59.90 -43.07
N UNK PD 32 20.13 59.96 -43.16
CA UNK PD 32 20.92 60.85 -42.29
C UNK PD 32 20.78 62.30 -42.73
N UNK PD 33 20.41 62.50 -44.00
CA UNK PD 33 20.03 63.81 -44.48
C UNK PD 33 18.73 64.23 -43.82
N UNK PD 34 17.83 63.26 -43.65
CA UNK PD 34 16.55 63.49 -42.99
C UNK PD 34 16.71 63.40 -41.47
N UNK PD 35 17.84 62.84 -41.03
CA UNK PD 35 18.13 62.78 -39.61
C UNK PD 35 19.04 63.92 -39.20
N UNK PD 36 19.05 64.98 -40.02
CA UNK PD 36 19.88 66.15 -39.74
C UNK PD 36 19.02 67.36 -39.38
N UNK PD 37 17.76 67.36 -39.85
CA UNK PD 37 16.86 68.49 -39.61
C UNK PD 37 15.42 68.05 -39.42
N UNK PD 38 14.95 67.13 -40.26
CA UNK PD 38 13.57 66.67 -40.22
C UNK PD 38 13.29 65.82 -38.98
N UNK PD 39 14.34 65.17 -38.45
CA UNK PD 39 14.19 64.32 -37.28
C UNK PD 39 14.26 65.11 -35.99
N UNK PD 40 15.47 65.52 -35.62
CA UNK PD 40 15.79 66.24 -34.36
C UNK PD 40 15.28 65.50 -33.12
N UNK PD 41 16.01 64.48 -32.72
CA UNK PD 41 15.64 63.67 -31.56
C UNK PD 41 16.66 63.81 -30.44
N UNK PD 42 16.19 63.76 -29.19
CA UNK PD 42 17.05 63.85 -28.02
C UNK PD 42 16.40 63.19 -26.80
#